data_9H8B
#
_entry.id   9H8B
#
_cell.length_a   1.00
_cell.length_b   1.00
_cell.length_c   1.00
_cell.angle_alpha   90.00
_cell.angle_beta   90.00
_cell.angle_gamma   90.00
#
_symmetry.space_group_name_H-M   'P 1'
#
loop_
_entity.id
_entity.type
_entity.pdbx_description
1 polymer CanX
2 non-polymer 'CALCIUM ION'
3 non-polymer 2-acetamido-2-deoxy-beta-D-glucopyranose
#
_entity_poly.entity_id   1
_entity_poly.type   'polypeptide(L)'
_entity_poly.pdbx_seq_one_letter_code
;MRYTTLAIAGIIASAAALALLAGFATTQSPLNSFYATGTAQAVQEPIDVESHLDNTIAPAAGAQGYKDMGYVKIINYTDV
NVVKLKVTLANAAQLRPYFKYLQLVLTSNASSTVEETKAVLSLKKPSAVIILDNDDYSSTNKIQLKVEAYYEAKEGMLFD
SLPVILNFQVLSVS
;
_entity_poly.pdbx_strand_id   Au,Av,Aw,Ax,Ay,Az,A1,A2,A3,A4,A5,A6,A7,A8,A9,A0,BA,BB,BC,BD,BE,BF,BG,BH,BI,BJ,BK,BL,BM,BN,BO,BP,BQ,BR,BS,BT,BU,BV,BW,BX,BY,BZ,Ba,Bb,Bc,Bd,Be,Bf,Bg,Bh,Bi,Bj,Bk,Bl,Bm,Bn,Bo,Bp,Bq,Br,Bs,Bt,Bu,Bv,Bw,Bx,By,Bz,B1,C9,DA,DC,DE,DG,DI,DK,DM,DO,DQ,DS,DU,DW,DY,Da,Dc,De,Dg,Di,Dk,Dm,Do,Dq,Ds,Du,Dw,Dy,D1,D3,D5,D7,D9,EA,EC,EE,EG,EI,EK,EM,EO,EQ,ES,EU,EW,EY,Ea,Ec,Ee,Eg,Ei,Ek,Em,Eo,Eq,Es,Eu,Ew,Ey,E1,E3,E5,E7,E9,FA,FC,FE,FG,FI,FK,FM,FO,FQ,FS,FU,FW,FY,Fa,Fc,Fe,Fg,Fi,Fk,Fm,Fo,Fq
#
# COMPACT_ATOMS: atom_id res chain seq x y z
N THR A 26 -115.54 61.40 -56.88
CA THR A 26 -114.13 61.73 -56.70
C THR A 26 -113.31 60.46 -56.58
N THR A 27 -112.86 59.94 -57.71
CA THR A 27 -112.09 58.70 -57.77
C THR A 27 -110.73 58.97 -58.42
N GLN A 28 -109.67 58.45 -57.81
CA GLN A 28 -108.31 58.60 -58.31
C GLN A 28 -107.89 57.30 -58.99
N SER A 29 -107.47 57.38 -60.25
CA SER A 29 -107.14 56.18 -60.99
C SER A 29 -105.62 56.04 -61.16
N PRO A 30 -105.10 54.81 -61.12
CA PRO A 30 -103.66 54.61 -61.34
C PRO A 30 -103.26 54.58 -62.80
N LEU A 31 -104.21 54.35 -63.72
CA LEU A 31 -103.98 54.43 -65.16
C LEU A 31 -102.94 53.39 -65.63
N ASN A 32 -103.11 52.14 -65.18
CA ASN A 32 -102.21 51.07 -65.60
C ASN A 32 -102.97 49.77 -65.87
N SER A 33 -104.26 49.85 -66.13
CA SER A 33 -105.09 48.66 -66.34
C SER A 33 -105.25 48.37 -67.84
N PHE A 34 -104.13 48.07 -68.50
CA PHE A 34 -104.12 47.74 -69.91
C PHE A 34 -103.15 46.59 -70.15
N TYR A 35 -103.59 45.61 -70.94
CA TYR A 35 -102.78 44.40 -71.17
C TYR A 35 -102.99 43.89 -72.59
N ALA A 36 -102.02 43.11 -73.04
CA ALA A 36 -102.10 42.40 -74.32
C ALA A 36 -101.33 41.09 -74.17
N THR A 37 -101.83 40.03 -74.82
CA THR A 37 -101.34 38.68 -74.57
C THR A 37 -101.05 37.95 -75.88
N GLY A 38 -99.96 37.20 -75.90
CA GLY A 38 -99.64 36.30 -76.99
C GLY A 38 -99.30 34.90 -76.49
N THR A 39 -98.84 34.02 -77.38
CA THR A 39 -98.53 32.65 -77.00
C THR A 39 -97.33 32.16 -77.79
N ALA A 40 -96.71 31.09 -77.29
CA ALA A 40 -95.58 30.45 -77.95
C ALA A 40 -95.54 28.98 -77.55
N GLN A 41 -94.86 28.17 -78.36
CA GLN A 41 -94.78 26.73 -78.10
C GLN A 41 -93.61 26.13 -78.86
N ALA A 42 -93.24 24.93 -78.46
CA ALA A 42 -92.22 24.13 -79.16
C ALA A 42 -92.45 22.67 -78.78
N VAL A 43 -92.94 21.86 -79.72
CA VAL A 43 -93.43 20.53 -79.39
C VAL A 43 -92.79 19.45 -80.28
N GLN A 44 -91.58 19.67 -80.79
CA GLN A 44 -90.92 18.63 -81.57
C GLN A 44 -89.41 18.82 -81.52
N GLU A 45 -88.70 17.69 -81.72
CA GLU A 45 -87.24 17.68 -81.73
C GLU A 45 -86.72 18.15 -83.09
N PRO A 46 -85.50 18.71 -83.12
CA PRO A 46 -85.00 19.30 -84.37
C PRO A 46 -84.93 18.35 -85.55
N ILE A 47 -84.55 17.09 -85.33
CA ILE A 47 -84.28 16.17 -86.43
C ILE A 47 -85.02 14.86 -86.20
N ASP A 48 -85.19 14.12 -87.29
CA ASP A 48 -85.72 12.76 -87.27
C ASP A 48 -84.81 11.89 -88.12
N VAL A 49 -84.55 10.66 -87.67
CA VAL A 49 -83.57 9.79 -88.30
C VAL A 49 -84.23 8.46 -88.64
N GLU A 50 -84.02 8.00 -89.88
CA GLU A 50 -84.56 6.73 -90.35
C GLU A 50 -83.44 5.94 -91.02
N SER A 51 -83.43 4.63 -90.82
CA SER A 51 -82.34 3.76 -91.25
C SER A 51 -82.77 2.85 -92.38
N HIS A 52 -81.86 2.62 -93.33
CA HIS A 52 -82.08 1.70 -94.44
C HIS A 52 -80.84 0.86 -94.71
N LEU A 53 -80.20 0.35 -93.66
CA LEU A 53 -79.02 -0.48 -93.80
C LEU A 53 -79.47 -1.93 -93.99
N ASP A 54 -79.58 -2.35 -95.24
CA ASP A 54 -80.11 -3.66 -95.59
C ASP A 54 -79.11 -4.47 -96.42
N ASN A 55 -77.84 -4.46 -96.03
CA ASN A 55 -76.84 -5.32 -96.63
C ASN A 55 -76.02 -5.98 -95.53
N THR A 56 -75.52 -7.18 -95.81
CA THR A 56 -74.82 -8.00 -94.83
C THR A 56 -73.37 -8.19 -95.24
N ILE A 57 -72.45 -7.95 -94.30
CA ILE A 57 -71.05 -8.27 -94.50
C ILE A 57 -70.89 -9.77 -94.31
N ALA A 58 -70.75 -10.50 -95.42
CA ALA A 58 -70.70 -11.97 -95.40
C ALA A 58 -69.47 -12.46 -96.15
N PRO A 59 -68.30 -12.34 -95.55
CA PRO A 59 -67.09 -12.94 -96.14
C PRO A 59 -66.83 -14.34 -95.58
N ALA A 60 -65.83 -14.99 -96.15
CA ALA A 60 -65.35 -16.24 -95.58
C ALA A 60 -64.47 -15.97 -94.37
N ALA A 61 -64.17 -17.03 -93.62
CA ALA A 61 -63.37 -16.88 -92.41
C ALA A 61 -61.95 -16.48 -92.76
N GLY A 62 -61.48 -15.37 -92.17
CA GLY A 62 -60.12 -14.91 -92.37
C GLY A 62 -59.88 -14.15 -93.65
N ALA A 63 -60.93 -13.78 -94.38
CA ALA A 63 -60.77 -13.12 -95.67
C ALA A 63 -60.72 -11.60 -95.50
N GLN A 64 -60.13 -10.95 -96.50
CA GLN A 64 -60.06 -9.49 -96.58
C GLN A 64 -61.02 -9.03 -97.67
N GLY A 65 -61.88 -8.07 -97.33
CA GLY A 65 -62.97 -7.75 -98.24
C GLY A 65 -63.27 -6.27 -98.46
N TYR A 66 -64.41 -6.02 -99.10
CA TYR A 66 -64.83 -4.69 -99.53
C TYR A 66 -66.34 -4.70 -99.79
N LYS A 67 -67.09 -3.92 -99.03
CA LYS A 67 -68.55 -4.05 -99.06
C LYS A 67 -69.20 -2.71 -98.76
N ASP A 68 -70.39 -2.52 -99.33
CA ASP A 68 -71.25 -1.38 -99.00
C ASP A 68 -72.49 -1.89 -98.27
N MET A 69 -73.16 -1.00 -97.54
CA MET A 69 -74.20 -1.40 -96.60
C MET A 69 -75.58 -0.84 -96.94
N GLY A 70 -75.68 0.46 -97.14
CA GLY A 70 -76.98 1.10 -97.33
C GLY A 70 -76.86 2.60 -97.11
N TYR A 71 -77.97 3.22 -96.75
CA TYR A 71 -77.98 4.66 -96.52
C TYR A 71 -78.95 5.00 -95.39
N VAL A 72 -78.75 6.20 -94.83
CA VAL A 72 -79.53 6.68 -93.69
C VAL A 72 -80.12 8.04 -94.04
N LYS A 73 -81.38 8.26 -93.65
CA LYS A 73 -82.09 9.49 -93.94
C LYS A 73 -82.23 10.35 -92.69
N ILE A 74 -82.01 11.65 -92.84
CA ILE A 74 -82.13 12.63 -91.76
C ILE A 74 -83.13 13.69 -92.22
N ILE A 75 -84.06 14.04 -91.33
CA ILE A 75 -85.11 15.01 -91.63
C ILE A 75 -84.99 16.19 -90.68
N ASN A 76 -85.03 17.40 -91.24
CA ASN A 76 -84.85 18.64 -90.50
C ASN A 76 -86.11 19.50 -90.56
N TYR A 77 -86.42 20.16 -89.45
CA TYR A 77 -87.72 20.75 -89.17
C TYR A 77 -87.63 22.27 -89.07
N THR A 78 -88.74 22.87 -88.63
CA THR A 78 -88.97 24.31 -88.76
C THR A 78 -87.85 25.13 -88.13
N ASP A 79 -87.40 26.16 -88.86
CA ASP A 79 -86.42 27.15 -88.41
C ASP A 79 -85.07 26.52 -88.10
N VAL A 80 -84.74 25.42 -88.76
CA VAL A 80 -83.45 24.74 -88.61
C VAL A 80 -82.65 24.95 -89.87
N ASN A 81 -81.40 25.37 -89.73
CA ASN A 81 -80.52 25.59 -90.88
C ASN A 81 -79.22 24.82 -90.80
N VAL A 82 -78.61 24.70 -89.63
CA VAL A 82 -77.33 24.03 -89.46
C VAL A 82 -77.42 23.10 -88.27
N VAL A 83 -76.92 21.87 -88.43
CA VAL A 83 -76.97 20.86 -87.39
C VAL A 83 -75.56 20.31 -87.17
N LYS A 84 -75.17 20.19 -85.90
CA LYS A 84 -73.92 19.57 -85.50
C LYS A 84 -74.22 18.21 -84.87
N LEU A 85 -73.55 17.17 -85.36
CA LEU A 85 -73.85 15.81 -84.96
C LEU A 85 -72.60 15.08 -84.51
N LYS A 86 -72.80 14.08 -83.66
CA LYS A 86 -71.74 13.18 -83.21
C LYS A 86 -72.18 11.75 -83.46
N VAL A 87 -71.34 10.98 -84.15
CA VAL A 87 -71.64 9.61 -84.52
C VAL A 87 -70.60 8.69 -83.90
N THR A 88 -71.06 7.61 -83.29
CA THR A 88 -70.19 6.67 -82.60
C THR A 88 -70.66 5.24 -82.84
N LEU A 89 -69.75 4.30 -82.60
CA LEU A 89 -70.05 2.87 -82.66
C LEU A 89 -70.43 2.40 -81.27
N ALA A 90 -71.69 2.00 -81.10
CA ALA A 90 -72.20 1.67 -79.76
C ALA A 90 -71.66 0.35 -79.24
N ASN A 91 -71.50 -0.64 -80.11
CA ASN A 91 -71.12 -1.98 -79.68
C ASN A 91 -69.75 -2.38 -80.22
N ALA A 92 -68.78 -1.45 -80.15
CA ALA A 92 -67.44 -1.75 -80.63
C ALA A 92 -66.77 -2.83 -79.80
N ALA A 93 -67.04 -2.86 -78.49
CA ALA A 93 -66.42 -3.86 -77.62
C ALA A 93 -66.85 -5.27 -78.00
N GLN A 94 -68.12 -5.45 -78.36
CA GLN A 94 -68.60 -6.78 -78.74
C GLN A 94 -67.98 -7.25 -80.04
N LEU A 95 -67.71 -6.33 -80.98
CA LEU A 95 -67.18 -6.69 -82.28
C LEU A 95 -65.68 -6.93 -82.29
N ARG A 96 -64.97 -6.59 -81.21
CA ARG A 96 -63.53 -6.76 -81.18
C ARG A 96 -63.07 -8.21 -81.37
N PRO A 97 -63.61 -9.22 -80.68
CA PRO A 97 -63.10 -10.59 -80.87
C PRO A 97 -63.34 -11.16 -82.26
N TYR A 98 -64.17 -10.53 -83.08
CA TYR A 98 -64.53 -11.08 -84.38
C TYR A 98 -63.77 -10.47 -85.55
N PHE A 99 -63.05 -9.36 -85.33
CA PHE A 99 -62.40 -8.65 -86.42
C PHE A 99 -61.01 -8.21 -86.02
N LYS A 100 -60.08 -8.27 -86.96
CA LYS A 100 -58.79 -7.62 -86.78
C LYS A 100 -58.91 -6.11 -86.97
N TYR A 101 -59.68 -5.67 -87.95
CA TYR A 101 -59.96 -4.25 -88.15
C TYR A 101 -61.27 -4.10 -88.90
N LEU A 102 -61.90 -2.95 -88.73
CA LEU A 102 -63.16 -2.64 -89.39
C LEU A 102 -63.31 -1.13 -89.47
N GLN A 103 -63.47 -0.61 -90.68
CA GLN A 103 -63.56 0.83 -90.90
C GLN A 103 -64.84 1.17 -91.66
N LEU A 104 -65.50 2.24 -91.23
CA LEU A 104 -66.73 2.71 -91.84
C LEU A 104 -66.51 4.10 -92.40
N VAL A 105 -66.95 4.32 -93.64
CA VAL A 105 -66.79 5.59 -94.35
C VAL A 105 -68.17 6.16 -94.62
N LEU A 106 -68.38 7.40 -94.21
CA LEU A 106 -69.65 8.10 -94.39
C LEU A 106 -69.46 9.24 -95.38
N THR A 107 -70.34 9.30 -96.39
CA THR A 107 -70.27 10.33 -97.42
C THR A 107 -71.63 10.98 -97.59
N SER A 108 -71.64 12.30 -97.76
CA SER A 108 -72.86 13.04 -98.06
C SER A 108 -73.00 13.15 -99.57
N ASN A 109 -74.20 12.83 -100.07
CA ASN A 109 -74.45 12.68 -101.50
C ASN A 109 -75.75 13.38 -101.90
N ALA A 110 -76.59 13.76 -100.91
CA ALA A 110 -77.94 14.23 -101.20
C ALA A 110 -77.95 15.38 -102.21
N SER A 111 -76.88 16.15 -102.27
CA SER A 111 -76.67 17.11 -103.37
C SER A 111 -75.95 16.41 -104.51
N SER A 112 -76.60 16.37 -105.67
CA SER A 112 -76.00 15.69 -106.82
C SER A 112 -74.75 16.37 -107.32
N THR A 113 -74.52 17.63 -106.94
CA THR A 113 -73.33 18.36 -107.35
C THR A 113 -72.18 18.25 -106.37
N VAL A 114 -72.47 18.09 -105.08
CA VAL A 114 -71.45 18.08 -104.03
C VAL A 114 -71.51 16.74 -103.30
N GLU A 115 -70.61 15.83 -103.64
CA GLU A 115 -70.38 14.61 -102.89
C GLU A 115 -69.19 14.84 -101.95
N GLU A 116 -69.39 14.54 -100.67
CA GLU A 116 -68.33 14.72 -99.68
C GLU A 116 -68.33 13.59 -98.67
N THR A 117 -67.13 13.06 -98.40
CA THR A 117 -66.92 12.15 -97.28
C THR A 117 -66.70 12.97 -96.01
N LYS A 118 -67.46 12.65 -94.95
CA LYS A 118 -67.46 13.46 -93.74
C LYS A 118 -66.67 12.85 -92.59
N ALA A 119 -66.72 11.54 -92.40
CA ALA A 119 -66.03 10.94 -91.27
C ALA A 119 -65.65 9.50 -91.60
N VAL A 120 -64.64 9.00 -90.88
CA VAL A 120 -64.21 7.61 -90.95
C VAL A 120 -64.21 7.06 -89.53
N LEU A 121 -64.91 5.96 -89.32
CA LEU A 121 -65.00 5.32 -88.01
C LEU A 121 -64.25 4.00 -88.01
N SER A 122 -63.70 3.64 -86.86
CA SER A 122 -62.93 2.41 -86.72
C SER A 122 -63.12 1.88 -85.31
N LEU A 123 -62.64 0.65 -85.09
CA LEU A 123 -62.75 0.03 -83.78
C LEU A 123 -61.83 0.66 -82.75
N LYS A 124 -60.78 1.36 -83.19
CA LYS A 124 -59.87 2.03 -82.27
C LYS A 124 -60.28 3.46 -81.99
N LYS A 125 -60.91 4.13 -82.95
CA LYS A 125 -61.42 5.50 -82.78
C LYS A 125 -62.87 5.50 -83.22
N PRO A 126 -63.80 5.15 -82.32
CA PRO A 126 -65.19 4.91 -82.73
C PRO A 126 -66.02 6.17 -82.95
N SER A 127 -65.57 7.33 -82.49
CA SER A 127 -66.40 8.54 -82.49
C SER A 127 -65.86 9.57 -83.46
N ALA A 128 -66.77 10.38 -84.00
CA ALA A 128 -66.42 11.47 -84.91
C ALA A 128 -67.50 12.54 -84.84
N VAL A 129 -67.14 13.74 -85.26
CA VAL A 129 -68.03 14.89 -85.28
C VAL A 129 -68.09 15.44 -86.70
N ILE A 130 -69.30 15.64 -87.21
CA ILE A 130 -69.51 16.11 -88.57
C ILE A 130 -70.40 17.35 -88.56
N ILE A 131 -70.37 18.07 -89.69
CA ILE A 131 -71.13 19.31 -89.85
C ILE A 131 -71.98 19.19 -91.11
N LEU A 132 -73.26 19.53 -90.99
CA LEU A 132 -74.18 19.60 -92.12
C LEU A 132 -74.64 21.04 -92.27
N ASP A 133 -74.54 21.56 -93.49
CA ASP A 133 -74.84 22.96 -93.75
C ASP A 133 -75.82 23.16 -94.92
N ASN A 134 -75.97 24.40 -95.38
CA ASN A 134 -76.95 24.72 -96.41
C ASN A 134 -76.73 23.91 -97.68
N ASP A 135 -75.47 23.60 -98.03
CA ASP A 135 -75.21 22.86 -99.25
C ASP A 135 -75.69 21.41 -99.15
N ASP A 136 -75.63 20.81 -97.97
CA ASP A 136 -76.00 19.41 -97.83
C ASP A 136 -77.51 19.21 -97.95
N TYR A 137 -78.29 20.16 -97.41
CA TYR A 137 -79.74 20.02 -97.35
C TYR A 137 -80.39 20.18 -98.72
N SER A 138 -80.17 19.21 -99.60
CA SER A 138 -80.86 19.19 -100.88
C SER A 138 -82.31 18.75 -100.69
N SER A 139 -83.17 19.18 -101.62
CA SER A 139 -84.62 19.09 -101.49
C SER A 139 -85.14 19.84 -100.27
N THR A 140 -84.26 20.59 -99.60
CA THR A 140 -84.57 21.49 -98.48
C THR A 140 -85.05 20.76 -97.23
N ASN A 141 -85.15 19.41 -97.28
CA ASN A 141 -85.78 18.69 -96.18
C ASN A 141 -85.05 17.43 -95.72
N LYS A 142 -84.03 16.93 -96.42
CA LYS A 142 -83.47 15.65 -96.02
C LYS A 142 -82.01 15.53 -96.40
N ILE A 143 -81.31 14.69 -95.64
CA ILE A 143 -79.92 14.31 -95.86
C ILE A 143 -79.85 12.82 -96.16
N GLN A 144 -79.04 12.44 -97.13
CA GLN A 144 -78.80 11.04 -97.48
C GLN A 144 -77.33 10.74 -97.28
N LEU A 145 -77.04 9.70 -96.48
CA LEU A 145 -75.68 9.28 -96.16
C LEU A 145 -75.57 7.77 -96.28
N LYS A 146 -74.77 7.30 -97.23
CA LYS A 146 -74.47 5.88 -97.32
C LYS A 146 -73.22 5.52 -96.52
N VAL A 147 -73.10 4.23 -96.20
CA VAL A 147 -72.05 3.71 -95.34
C VAL A 147 -71.14 2.83 -96.18
N GLU A 148 -69.82 3.01 -96.01
CA GLU A 148 -68.85 2.21 -96.73
C GLU A 148 -67.99 1.48 -95.71
N ALA A 149 -67.80 0.18 -95.91
CA ALA A 149 -67.14 -0.69 -94.94
C ALA A 149 -65.91 -1.34 -95.55
N TYR A 150 -64.83 -1.39 -94.76
CA TYR A 150 -63.63 -2.16 -95.06
C TYR A 150 -63.33 -3.03 -93.85
N TYR A 151 -62.94 -4.27 -94.10
CA TYR A 151 -62.87 -5.24 -93.00
C TYR A 151 -61.87 -6.33 -93.31
N GLU A 152 -61.43 -7.02 -92.25
CA GLU A 152 -60.71 -8.27 -92.33
C GLU A 152 -61.17 -9.15 -91.18
N ALA A 153 -61.63 -10.36 -91.51
CA ALA A 153 -62.21 -11.26 -90.51
C ALA A 153 -61.11 -12.04 -89.80
N LYS A 154 -61.41 -12.46 -88.57
CA LYS A 154 -60.48 -13.27 -87.81
C LYS A 154 -60.33 -14.66 -88.43
N GLU A 155 -59.17 -15.27 -88.20
CA GLU A 155 -58.84 -16.56 -88.80
C GLU A 155 -59.59 -17.67 -88.09
N GLY A 156 -60.37 -18.44 -88.84
CA GLY A 156 -61.03 -19.62 -88.30
C GLY A 156 -62.20 -19.36 -87.38
N MET A 157 -62.83 -18.19 -87.47
CA MET A 157 -63.96 -17.85 -86.62
C MET A 157 -65.25 -17.91 -87.43
N LEU A 158 -66.23 -18.65 -86.94
CA LEU A 158 -67.51 -18.82 -87.61
C LEU A 158 -68.63 -18.31 -86.70
N PHE A 159 -69.58 -17.59 -87.30
CA PHE A 159 -70.66 -16.98 -86.53
C PHE A 159 -71.76 -16.56 -87.50
N ASP A 160 -72.89 -16.16 -86.93
CA ASP A 160 -74.02 -15.67 -87.71
C ASP A 160 -74.91 -14.82 -86.82
N SER A 161 -75.70 -13.95 -87.47
CA SER A 161 -76.66 -13.09 -86.78
C SER A 161 -75.97 -12.19 -85.75
N LEU A 162 -75.02 -11.39 -86.23
CA LEU A 162 -74.29 -10.45 -85.38
C LEU A 162 -74.64 -9.02 -85.79
N PRO A 163 -75.21 -8.21 -84.90
CA PRO A 163 -75.63 -6.87 -85.29
C PRO A 163 -74.54 -5.82 -85.13
N VAL A 164 -74.64 -4.78 -85.96
CA VAL A 164 -73.77 -3.60 -85.88
C VAL A 164 -74.66 -2.40 -85.65
N ILE A 165 -74.32 -1.61 -84.63
CA ILE A 165 -75.19 -0.53 -84.14
C ILE A 165 -74.44 0.79 -84.22
N LEU A 166 -75.12 1.82 -84.71
CA LEU A 166 -74.60 3.18 -84.74
C LEU A 166 -75.57 4.10 -83.97
N ASN A 167 -75.01 5.12 -83.33
CA ASN A 167 -75.78 6.03 -82.50
C ASN A 167 -75.54 7.47 -82.94
N PHE A 168 -76.56 8.31 -82.79
CA PHE A 168 -76.51 9.72 -83.17
C PHE A 168 -76.89 10.58 -81.97
N GLN A 169 -76.18 11.70 -81.81
CA GLN A 169 -76.47 12.66 -80.75
C GLN A 169 -76.28 14.07 -81.29
N VAL A 170 -77.22 14.95 -80.96
CA VAL A 170 -77.22 16.34 -81.42
C VAL A 170 -76.47 17.18 -80.40
N LEU A 171 -75.49 17.95 -80.86
CA LEU A 171 -74.73 18.83 -79.99
C LEU A 171 -75.17 20.29 -80.07
N SER A 172 -75.54 20.77 -81.25
CA SER A 172 -75.98 22.14 -81.42
C SER A 172 -76.74 22.27 -82.73
N VAL A 173 -77.79 23.08 -82.73
CA VAL A 173 -78.59 23.35 -83.92
C VAL A 173 -78.85 24.84 -84.00
N SER A 174 -78.94 25.35 -85.23
CA SER A 174 -79.21 26.76 -85.45
C SER A 174 -79.96 26.97 -86.76
N THR B 26 -128.56 53.77 -39.07
CA THR B 26 -127.16 54.18 -39.19
C THR B 26 -126.24 52.95 -39.11
N THR B 27 -125.99 52.34 -40.26
CA THR B 27 -125.17 51.14 -40.35
C THR B 27 -123.97 51.40 -41.25
N GLN B 28 -122.79 50.98 -40.81
CA GLN B 28 -121.56 51.13 -41.56
C GLN B 28 -121.19 49.80 -42.18
N SER B 29 -121.00 49.78 -43.50
CA SER B 29 -120.74 48.52 -44.18
C SER B 29 -119.29 48.42 -44.63
N PRO B 30 -118.69 47.22 -44.57
CA PRO B 30 -117.31 47.06 -45.04
C PRO B 30 -117.17 46.89 -46.53
N LEU B 31 -118.26 46.54 -47.24
CA LEU B 31 -118.29 46.49 -48.70
C LEU B 31 -117.29 45.47 -49.26
N ASN B 32 -117.31 44.26 -48.68
CA ASN B 32 -116.45 43.18 -49.16
C ASN B 32 -117.16 41.83 -49.17
N SER B 33 -118.49 41.83 -49.19
CA SER B 33 -119.28 40.60 -49.15
C SER B 33 -119.69 40.15 -50.55
N PHE B 34 -118.68 39.85 -51.38
CA PHE B 34 -118.90 39.38 -52.73
C PHE B 34 -117.94 38.24 -53.04
N TYR B 35 -118.45 37.17 -53.65
CA TYR B 35 -117.64 35.99 -53.92
C TYR B 35 -118.07 35.34 -55.23
N ALA B 36 -117.15 34.54 -55.79
CA ALA B 36 -117.41 33.72 -56.96
C ALA B 36 -116.56 32.46 -56.84
N THR B 37 -117.11 31.33 -57.29
CA THR B 37 -116.50 30.03 -57.01
C THR B 37 -116.42 29.19 -58.28
N GLY B 38 -115.31 28.48 -58.44
CA GLY B 38 -115.14 27.49 -59.49
C GLY B 38 -114.63 26.17 -58.94
N THR B 39 -114.29 25.22 -59.81
CA THR B 39 -113.84 23.91 -59.38
C THR B 39 -112.77 23.39 -60.34
N ALA B 40 -112.01 22.39 -59.86
CA ALA B 40 -110.99 21.74 -60.66
C ALA B 40 -110.80 20.32 -60.14
N GLN B 41 -110.23 19.46 -60.99
CA GLN B 41 -110.03 18.06 -60.62
C GLN B 41 -108.98 17.44 -61.54
N ALA B 42 -108.46 16.28 -61.10
CA ALA B 42 -107.55 15.47 -61.90
C ALA B 42 -107.62 14.05 -61.36
N VAL B 43 -108.23 13.14 -62.12
CA VAL B 43 -108.58 11.82 -61.60
C VAL B 43 -108.05 10.68 -62.48
N GLN B 44 -106.97 10.90 -63.22
CA GLN B 44 -106.40 9.82 -64.03
C GLN B 44 -104.92 10.07 -64.27
N GLU B 45 -104.20 8.96 -64.49
CA GLU B 45 -102.77 9.01 -64.78
C GLU B 45 -102.52 9.37 -66.24
N PRO B 46 -101.36 9.96 -66.54
CA PRO B 46 -101.13 10.45 -67.91
C PRO B 46 -101.22 9.39 -69.00
N ILE B 47 -100.72 8.18 -68.74
CA ILE B 47 -100.61 7.17 -69.79
C ILE B 47 -101.22 5.86 -69.31
N ASP B 48 -101.54 5.00 -70.29
CA ASP B 48 -101.98 3.63 -70.04
C ASP B 48 -101.20 2.72 -70.97
N VAL B 49 -100.78 1.56 -70.46
CA VAL B 49 -99.89 0.66 -71.19
C VAL B 49 -100.52 -0.72 -71.29
N GLU B 50 -100.52 -1.29 -72.50
CA GLU B 50 -101.06 -2.61 -72.74
C GLU B 50 -100.04 -3.42 -73.54
N SER B 51 -99.92 -4.71 -73.22
CA SER B 51 -98.87 -5.56 -73.76
C SER B 51 -99.46 -6.60 -74.72
N HIS B 52 -98.71 -6.89 -75.79
CA HIS B 52 -99.08 -7.92 -76.77
C HIS B 52 -97.85 -8.72 -77.19
N LEU B 53 -97.02 -9.10 -76.22
CA LEU B 53 -95.83 -9.91 -76.51
C LEU B 53 -96.22 -11.37 -76.48
N ASP B 54 -96.53 -11.92 -77.66
CA ASP B 54 -97.05 -13.28 -77.78
C ASP B 54 -96.18 -14.13 -78.71
N ASN B 55 -94.85 -14.03 -78.55
CA ASN B 55 -93.92 -14.90 -79.25
C ASN B 55 -92.88 -15.42 -78.27
N THR B 56 -92.37 -16.62 -78.53
CA THR B 56 -91.47 -17.31 -77.62
C THR B 56 -90.11 -17.48 -78.28
N ILE B 57 -89.06 -17.12 -77.55
CA ILE B 57 -87.69 -17.40 -77.98
C ILE B 57 -87.42 -18.87 -77.69
N ALA B 58 -87.43 -19.70 -78.73
CA ALA B 58 -87.31 -21.15 -78.60
C ALA B 58 -86.20 -21.66 -79.51
N PRO B 59 -84.94 -21.45 -79.16
CA PRO B 59 -83.84 -22.04 -79.90
C PRO B 59 -83.40 -23.37 -79.27
N ALA B 60 -82.48 -24.04 -79.95
CA ALA B 60 -81.83 -25.20 -79.38
C ALA B 60 -80.77 -24.78 -78.39
N ALA B 61 -80.28 -25.75 -77.61
CA ALA B 61 -79.29 -25.47 -76.59
C ALA B 61 -77.97 -25.04 -77.23
N GLY B 62 -77.48 -23.86 -76.84
CA GLY B 62 -76.21 -23.38 -77.32
C GLY B 62 -76.24 -22.72 -78.69
N ALA B 63 -77.42 -22.47 -79.24
CA ALA B 63 -77.55 -21.93 -80.59
C ALA B 63 -77.54 -20.40 -80.56
N GLN B 64 -77.17 -19.82 -81.71
CA GLN B 64 -77.21 -18.39 -81.93
C GLN B 64 -78.37 -18.06 -82.86
N GLY B 65 -79.21 -17.11 -82.46
CA GLY B 65 -80.46 -16.92 -83.17
C GLY B 65 -80.88 -15.49 -83.47
N TYR B 66 -82.13 -15.35 -83.90
CA TYR B 66 -82.69 -14.09 -84.36
C TYR B 66 -84.21 -14.18 -84.33
N LYS B 67 -84.87 -13.35 -83.52
CA LYS B 67 -86.29 -13.55 -83.27
C LYS B 67 -86.95 -12.21 -82.98
N ASP B 68 -88.23 -12.12 -83.32
CA ASP B 68 -89.09 -10.99 -82.95
C ASP B 68 -90.15 -11.48 -81.97
N MET B 69 -90.72 -10.54 -81.20
CA MET B 69 -91.56 -10.90 -80.05
C MET B 69 -93.01 -10.43 -80.18
N GLY B 70 -93.22 -9.15 -80.47
CA GLY B 70 -94.55 -8.59 -80.48
C GLY B 70 -94.47 -7.08 -80.42
N TYR B 71 -95.54 -6.46 -79.92
CA TYR B 71 -95.59 -5.00 -79.82
C TYR B 71 -96.35 -4.60 -78.56
N VAL B 72 -96.14 -3.35 -78.15
CA VAL B 72 -96.72 -2.79 -76.94
C VAL B 72 -97.44 -1.49 -77.29
N LYS B 73 -98.61 -1.29 -76.69
CA LYS B 73 -99.44 -0.12 -76.95
C LYS B 73 -99.39 0.85 -75.77
N ILE B 74 -99.28 2.14 -76.09
CA ILE B 74 -99.27 3.21 -75.10
C ILE B 74 -100.39 4.18 -75.44
N ILE B 75 -101.16 4.59 -74.43
CA ILE B 75 -102.30 5.48 -74.62
C ILE B 75 -102.06 6.75 -73.82
N ASN B 76 -102.28 7.90 -74.46
CA ASN B 76 -102.04 9.21 -73.88
C ASN B 76 -103.34 10.00 -73.78
N TYR B 77 -103.48 10.76 -72.70
CA TYR B 77 -104.74 11.32 -72.24
C TYR B 77 -104.73 12.85 -72.29
N THR B 78 -105.76 13.44 -71.70
CA THR B 78 -106.09 14.85 -71.92
C THR B 78 -104.93 15.77 -71.58
N ASP B 79 -104.68 16.74 -72.47
CA ASP B 79 -103.69 17.81 -72.29
C ASP B 79 -102.27 17.27 -72.19
N VAL B 80 -101.99 16.12 -72.79
CA VAL B 80 -100.67 15.51 -72.82
C VAL B 80 -100.13 15.62 -74.23
N ASN B 81 -98.89 16.11 -74.36
CA ASN B 81 -98.26 16.25 -75.66
C ASN B 81 -96.92 15.53 -75.76
N VAL B 82 -96.10 15.57 -74.71
CA VAL B 82 -94.77 14.96 -74.72
C VAL B 82 -94.59 14.15 -73.46
N VAL B 83 -94.07 12.93 -73.60
CA VAL B 83 -93.86 12.01 -72.48
C VAL B 83 -92.41 11.55 -72.48
N LYS B 84 -91.80 11.57 -71.30
CA LYS B 84 -90.46 11.05 -71.08
C LYS B 84 -90.56 9.75 -70.29
N LEU B 85 -89.94 8.69 -70.80
CA LEU B 85 -90.09 7.36 -70.24
C LEU B 85 -88.72 6.73 -69.96
N LYS B 86 -88.72 5.80 -69.00
CA LYS B 86 -87.55 5.00 -68.68
C LYS B 86 -87.94 3.53 -68.72
N VAL B 87 -87.20 2.74 -69.48
CA VAL B 87 -87.49 1.32 -69.67
C VAL B 87 -86.30 0.51 -69.17
N THR B 88 -86.59 -0.53 -68.39
CA THR B 88 -85.55 -1.36 -67.80
C THR B 88 -85.97 -2.82 -67.82
N LEU B 89 -84.99 -3.70 -67.66
CA LEU B 89 -85.21 -5.13 -67.55
C LEU B 89 -85.31 -5.48 -66.07
N ALA B 90 -86.48 -5.92 -65.64
CA ALA B 90 -86.73 -6.13 -64.22
C ALA B 90 -86.04 -7.37 -63.68
N ASN B 91 -85.98 -8.44 -64.48
CA ASN B 91 -85.45 -9.71 -64.00
C ASN B 91 -84.18 -10.11 -64.75
N ALA B 92 -83.27 -9.14 -64.94
CA ALA B 92 -82.02 -9.43 -65.63
C ALA B 92 -81.15 -10.41 -64.85
N ALA B 93 -81.19 -10.32 -63.52
CA ALA B 93 -80.36 -11.19 -62.70
C ALA B 93 -80.77 -12.65 -62.86
N GLN B 94 -82.07 -12.92 -62.97
CA GLN B 94 -82.54 -14.29 -63.13
C GLN B 94 -82.13 -14.87 -64.48
N LEU B 95 -82.09 -14.03 -65.52
CA LEU B 95 -81.79 -14.49 -66.87
C LEU B 95 -80.30 -14.68 -67.13
N ARG B 96 -79.43 -14.20 -66.22
CA ARG B 96 -77.99 -14.32 -66.46
C ARG B 96 -77.49 -15.76 -66.60
N PRO B 97 -77.85 -16.71 -65.73
CA PRO B 97 -77.30 -18.07 -65.89
C PRO B 97 -77.75 -18.79 -67.16
N TYR B 98 -78.76 -18.27 -67.86
CA TYR B 98 -79.31 -18.96 -69.02
C TYR B 98 -78.81 -18.43 -70.36
N PHE B 99 -78.13 -17.28 -70.38
CA PHE B 99 -77.73 -16.66 -71.62
C PHE B 99 -76.31 -16.12 -71.52
N LYS B 100 -75.56 -16.24 -72.62
CA LYS B 100 -74.30 -15.52 -72.73
C LYS B 100 -74.54 -14.04 -73.03
N TYR B 101 -75.50 -13.73 -73.89
CA TYR B 101 -75.88 -12.35 -74.15
C TYR B 101 -77.31 -12.32 -74.66
N LEU B 102 -77.97 -11.19 -74.47
CA LEU B 102 -79.35 -11.00 -74.92
C LEU B 102 -79.59 -9.51 -75.10
N GLN B 103 -80.00 -9.11 -76.30
CA GLN B 103 -80.20 -7.71 -76.63
C GLN B 103 -81.61 -7.50 -77.17
N LEU B 104 -82.24 -6.42 -76.72
CA LEU B 104 -83.58 -6.06 -77.13
C LEU B 104 -83.56 -4.72 -77.85
N VAL B 105 -84.22 -4.64 -79.00
CA VAL B 105 -84.26 -3.45 -79.82
C VAL B 105 -85.70 -2.95 -79.90
N LEU B 106 -85.90 -1.68 -79.56
CA LEU B 106 -87.22 -1.06 -79.56
C LEU B 106 -87.28 -0.01 -80.66
N THR B 107 -88.32 -0.09 -81.50
CA THR B 107 -88.50 0.84 -82.61
C THR B 107 -89.91 1.42 -82.59
N SER B 108 -90.02 2.72 -82.86
CA SER B 108 -91.31 3.37 -82.99
C SER B 108 -91.72 3.33 -84.46
N ASN B 109 -92.97 2.92 -84.71
CA ASN B 109 -93.47 2.63 -86.04
C ASN B 109 -94.86 3.24 -86.25
N ALA B 110 -95.52 3.67 -85.17
CA ALA B 110 -96.93 4.06 -85.24
C ALA B 110 -97.20 5.10 -86.33
N SER B 111 -96.20 5.91 -86.66
CA SER B 111 -96.24 6.76 -87.85
C SER B 111 -95.69 5.98 -89.03
N SER B 112 -96.53 5.81 -90.06
CA SER B 112 -96.13 5.04 -91.23
C SER B 112 -95.01 5.72 -92.00
N THR B 113 -94.79 7.02 -91.79
CA THR B 113 -93.74 7.75 -92.48
C THR B 113 -92.43 7.78 -91.71
N VAL B 114 -92.47 7.72 -90.39
CA VAL B 114 -91.28 7.87 -89.55
C VAL B 114 -91.13 6.61 -88.70
N GLU B 115 -90.26 5.71 -89.14
CA GLU B 115 -89.83 4.57 -88.32
C GLU B 115 -88.51 4.93 -87.64
N GLU B 116 -88.44 4.75 -86.33
CA GLU B 116 -87.25 5.07 -85.57
C GLU B 116 -86.99 4.04 -84.48
N THR B 117 -85.75 3.59 -84.39
CA THR B 117 -85.29 2.80 -83.24
C THR B 117 -84.89 3.75 -82.12
N LYS B 118 -85.42 3.50 -80.93
CA LYS B 118 -85.26 4.42 -79.80
C LYS B 118 -84.24 3.96 -78.78
N ALA B 119 -84.18 2.67 -78.45
CA ALA B 119 -83.26 2.21 -77.43
C ALA B 119 -82.86 0.77 -77.69
N VAL B 120 -81.72 0.38 -77.13
CA VAL B 120 -81.24 -0.99 -77.16
C VAL B 120 -80.94 -1.41 -75.72
N LEU B 121 -81.53 -2.52 -75.29
CA LEU B 121 -81.35 -3.02 -73.93
C LEU B 121 -80.55 -4.31 -73.95
N SER B 122 -79.78 -4.53 -72.89
CA SER B 122 -78.93 -5.70 -72.79
C SER B 122 -78.82 -6.10 -71.33
N LEU B 123 -78.25 -7.29 -71.10
CA LEU B 123 -78.08 -7.78 -69.74
C LEU B 123 -77.03 -7.01 -68.96
N LYS B 124 -76.12 -6.34 -69.64
CA LYS B 124 -75.09 -5.54 -68.97
C LYS B 124 -75.52 -4.10 -68.74
N LYS B 125 -76.35 -3.55 -69.63
CA LYS B 125 -76.90 -2.19 -69.48
C LYS B 125 -78.41 -2.29 -69.65
N PRO B 126 -79.14 -2.59 -68.56
CA PRO B 126 -80.56 -2.92 -68.69
C PRO B 126 -81.49 -1.72 -68.86
N SER B 127 -81.04 -0.50 -68.61
CA SER B 127 -81.91 0.65 -68.55
C SER B 127 -81.61 1.62 -69.68
N ALA B 128 -82.65 2.33 -70.12
CA ALA B 128 -82.52 3.34 -71.17
C ALA B 128 -83.64 4.36 -71.01
N VAL B 129 -83.43 5.54 -71.59
CA VAL B 129 -84.38 6.64 -71.53
C VAL B 129 -84.72 7.05 -72.97
N ILE B 130 -86.01 7.16 -73.27
CA ILE B 130 -86.49 7.48 -74.60
C ILE B 130 -87.42 8.68 -74.53
N ILE B 131 -87.65 9.28 -75.70
CA ILE B 131 -88.49 10.47 -75.83
C ILE B 131 -89.54 10.21 -76.90
N LEU B 132 -90.80 10.50 -76.57
CA LEU B 132 -91.91 10.43 -77.51
C LEU B 132 -92.48 11.82 -77.71
N ASP B 133 -92.63 12.23 -78.98
CA ASP B 133 -93.05 13.59 -79.30
C ASP B 133 -94.22 13.62 -80.27
N ASN B 134 -94.51 14.81 -80.80
CA ASN B 134 -95.68 14.99 -81.66
C ASN B 134 -95.66 14.07 -82.88
N ASP B 135 -94.47 13.78 -83.41
CA ASP B 135 -94.39 12.93 -84.59
C ASP B 135 -94.76 11.49 -84.29
N ASP B 136 -94.44 11.01 -83.08
CA ASP B 136 -94.72 9.61 -82.76
C ASP B 136 -96.21 9.35 -82.58
N TYR B 137 -96.92 10.31 -82.00
CA TYR B 137 -98.33 10.12 -81.65
C TYR B 137 -99.23 10.12 -82.89
N SER B 138 -99.12 9.08 -83.70
CA SER B 138 -100.02 8.90 -84.83
C SER B 138 -101.38 8.43 -84.34
N SER B 139 -102.41 8.73 -85.13
CA SER B 139 -103.81 8.60 -84.73
C SER B 139 -104.15 9.44 -83.50
N THR B 140 -103.21 10.29 -83.06
CA THR B 140 -103.37 11.28 -82.00
C THR B 140 -103.57 10.64 -80.63
N ASN B 141 -103.60 9.31 -80.54
CA ASN B 141 -103.97 8.68 -79.29
C ASN B 141 -103.11 7.49 -78.85
N LYS B 142 -102.21 6.97 -79.68
CA LYS B 142 -101.52 5.75 -79.28
C LYS B 142 -100.13 5.66 -79.90
N ILE B 143 -99.26 4.91 -79.22
CA ILE B 143 -97.91 4.57 -79.66
C ILE B 143 -97.82 3.06 -79.83
N GLN B 144 -97.18 2.63 -80.91
CA GLN B 144 -96.93 1.21 -81.16
C GLN B 144 -95.43 0.99 -81.21
N LEU B 145 -94.94 0.04 -80.40
CA LEU B 145 -93.53 -0.28 -80.29
C LEU B 145 -93.36 -1.80 -80.30
N LYS B 146 -92.71 -2.33 -81.33
CA LYS B 146 -92.35 -3.74 -81.35
C LYS B 146 -90.97 -3.96 -80.77
N VAL B 147 -90.72 -5.21 -80.36
CA VAL B 147 -89.50 -5.60 -79.66
C VAL B 147 -88.70 -6.52 -80.58
N GLU B 148 -87.39 -6.28 -80.67
CA GLU B 148 -86.52 -7.11 -81.48
C GLU B 148 -85.45 -7.71 -80.58
N ALA B 149 -85.23 -9.02 -80.70
CA ALA B 149 -84.36 -9.75 -79.79
C ALA B 149 -83.22 -10.41 -80.56
N TYR B 150 -82.02 -10.33 -79.98
CA TYR B 150 -80.85 -11.08 -80.42
C TYR B 150 -80.29 -11.82 -79.22
N TYR B 151 -79.88 -13.08 -79.42
CA TYR B 151 -79.56 -13.92 -78.27
C TYR B 151 -78.57 -15.01 -78.67
N GLU B 152 -77.92 -15.56 -77.64
CA GLU B 152 -77.15 -16.79 -77.76
C GLU B 152 -77.34 -17.58 -76.47
N ALA B 153 -77.79 -18.82 -76.59
CA ALA B 153 -78.12 -19.63 -75.44
C ALA B 153 -76.87 -20.30 -74.87
N LYS B 154 -76.93 -20.62 -73.58
CA LYS B 154 -75.83 -21.31 -72.93
C LYS B 154 -75.72 -22.74 -73.45
N GLU B 155 -74.50 -23.28 -73.38
CA GLU B 155 -74.21 -24.61 -73.91
C GLU B 155 -74.75 -25.68 -72.98
N GLY B 156 -75.62 -26.55 -73.51
CA GLY B 156 -76.09 -27.69 -72.75
C GLY B 156 -77.09 -27.40 -71.66
N MET B 157 -77.80 -26.27 -71.73
CA MET B 157 -78.77 -25.89 -70.72
C MET B 157 -80.17 -26.08 -71.29
N LEU B 158 -81.01 -26.82 -70.55
CA LEU B 158 -82.38 -27.08 -70.96
C LEU B 158 -83.34 -26.54 -69.91
N PHE B 159 -84.42 -25.91 -70.37
CA PHE B 159 -85.38 -25.27 -69.48
C PHE B 159 -86.66 -25.00 -70.27
N ASP B 160 -87.70 -24.59 -69.53
CA ASP B 160 -88.97 -24.22 -70.14
C ASP B 160 -89.73 -23.31 -69.18
N SER B 161 -90.67 -22.56 -69.73
CA SER B 161 -91.54 -21.67 -68.96
C SER B 161 -90.73 -20.65 -68.16
N LEU B 162 -89.93 -19.86 -68.88
CA LEU B 162 -89.12 -18.82 -68.26
C LEU B 162 -89.61 -17.46 -68.72
N PRO B 163 -90.06 -16.59 -67.82
CA PRO B 163 -90.61 -15.29 -68.24
C PRO B 163 -89.57 -14.20 -68.37
N VAL B 164 -89.87 -13.24 -69.26
CA VAL B 164 -89.08 -12.04 -69.46
C VAL B 164 -89.98 -10.85 -69.16
N ILE B 165 -89.51 -9.95 -68.29
CA ILE B 165 -90.33 -8.87 -67.75
C ILE B 165 -89.68 -7.53 -68.09
N LEU B 166 -90.51 -6.58 -68.53
CA LEU B 166 -90.08 -5.21 -68.77
C LEU B 166 -90.93 -4.26 -67.93
N ASN B 167 -90.33 -3.16 -67.49
CA ASN B 167 -90.98 -2.20 -66.61
C ASN B 167 -90.91 -0.81 -67.21
N PHE B 168 -91.94 -0.01 -66.96
CA PHE B 168 -92.03 1.37 -67.45
C PHE B 168 -92.24 2.33 -66.29
N GLN B 169 -91.57 3.48 -66.36
CA GLN B 169 -91.73 4.53 -65.36
C GLN B 169 -91.72 5.88 -66.05
N VAL B 170 -92.63 6.76 -65.63
CA VAL B 170 -92.78 8.09 -66.20
C VAL B 170 -91.92 9.06 -65.40
N LEU B 171 -91.08 9.82 -66.11
CA LEU B 171 -90.22 10.82 -65.47
C LEU B 171 -90.76 12.24 -65.60
N SER B 172 -91.35 12.58 -66.73
CA SER B 172 -91.90 13.91 -66.94
C SER B 172 -92.89 13.87 -68.09
N VAL B 173 -93.96 14.66 -67.97
CA VAL B 173 -94.97 14.76 -69.00
C VAL B 173 -95.34 16.23 -69.16
N SER B 174 -95.67 16.62 -70.40
CA SER B 174 -96.05 17.99 -70.69
C SER B 174 -97.04 18.05 -71.86
N THR C 26 -137.71 47.40 -18.58
CA THR C 26 -136.38 47.85 -18.98
C THR C 26 -135.40 46.66 -18.96
N THR C 27 -135.31 45.96 -20.08
CA THR C 27 -134.46 44.79 -20.22
C THR C 27 -133.47 45.00 -21.35
N GLN C 28 -132.20 44.68 -21.08
CA GLN C 28 -131.13 44.80 -22.07
C GLN C 28 -130.80 43.42 -22.63
N SER C 29 -130.86 43.29 -23.95
CA SER C 29 -130.65 41.98 -24.56
C SER C 29 -129.29 41.90 -25.25
N PRO C 30 -128.64 40.74 -25.20
CA PRO C 30 -127.35 40.58 -25.89
C PRO C 30 -127.48 40.29 -27.38
N LEU C 31 -128.65 39.82 -27.84
CA LEU C 31 -128.94 39.63 -29.26
C LEU C 31 -128.01 38.59 -29.89
N ASN C 32 -127.86 37.44 -29.22
CA ASN C 32 -127.04 36.37 -29.76
C ASN C 32 -127.66 35.00 -29.52
N SER C 33 -128.97 34.94 -29.28
CA SER C 33 -129.66 33.67 -28.99
C SER C 33 -130.29 33.09 -30.26
N PHE C 34 -129.43 32.75 -31.22
CA PHE C 34 -129.87 32.13 -32.46
C PHE C 34 -128.91 31.02 -32.85
N TYR C 35 -129.46 29.88 -33.26
CA TYR C 35 -128.65 28.71 -33.56
C TYR C 35 -129.27 27.91 -34.70
N ALA C 36 -128.42 27.10 -35.35
CA ALA C 36 -128.84 26.16 -36.38
C ALA C 36 -127.92 24.95 -36.31
N THR C 37 -128.47 23.77 -36.55
CA THR C 37 -127.76 22.53 -36.28
C THR C 37 -127.86 21.57 -37.46
N GLY C 38 -126.74 20.89 -37.75
CA GLY C 38 -126.71 19.81 -38.73
C GLY C 38 -126.05 18.57 -38.16
N THR C 39 -125.81 17.57 -39.01
CA THR C 39 -125.22 16.30 -38.55
C THR C 39 -124.31 15.74 -39.63
N ALA C 40 -123.43 14.83 -39.21
CA ALA C 40 -122.53 14.14 -40.12
C ALA C 40 -122.17 12.79 -39.53
N GLN C 41 -121.71 11.88 -40.39
CA GLN C 41 -121.37 10.53 -39.95
C GLN C 41 -120.48 9.86 -40.98
N ALA C 42 -119.83 8.77 -40.55
CA ALA C 42 -119.03 7.93 -41.43
C ALA C 42 -118.92 6.56 -40.76
N VAL C 43 -119.59 5.56 -41.31
CA VAL C 43 -119.77 4.28 -40.62
C VAL C 43 -119.35 3.09 -41.48
N GLN C 44 -118.43 3.28 -42.43
CA GLN C 44 -117.96 2.14 -43.22
C GLN C 44 -116.56 2.42 -43.76
N GLU C 45 -115.83 1.34 -44.01
CA GLU C 45 -114.47 1.40 -44.56
C GLU C 45 -114.52 1.64 -46.07
N PRO C 46 -113.46 2.24 -46.63
CA PRO C 46 -113.51 2.61 -48.06
C PRO C 46 -113.74 1.44 -49.00
N ILE C 47 -113.14 0.28 -48.74
CA ILE C 47 -113.16 -0.82 -49.70
C ILE C 47 -113.59 -2.11 -49.00
N ASP C 48 -114.03 -3.07 -49.82
CA ASP C 48 -114.35 -4.41 -49.38
C ASP C 48 -113.69 -5.37 -50.35
N VAL C 49 -113.13 -6.48 -49.83
CA VAL C 49 -112.32 -7.40 -50.63
C VAL C 49 -112.89 -8.81 -50.49
N GLU C 50 -113.08 -9.49 -51.62
CA GLU C 50 -113.57 -10.86 -51.64
C GLU C 50 -112.67 -11.69 -52.54
N SER C 51 -112.42 -12.93 -52.15
CA SER C 51 -111.44 -13.80 -52.79
C SER C 51 -112.12 -14.95 -53.53
N HIS C 52 -111.57 -15.31 -54.69
CA HIS C 52 -112.05 -16.44 -55.48
C HIS C 52 -110.88 -17.23 -56.05
N LEU C 53 -109.86 -17.49 -55.23
CA LEU C 53 -108.69 -18.26 -55.65
C LEU C 53 -109.00 -19.74 -55.42
N ASP C 54 -109.48 -20.41 -56.47
CA ASP C 54 -109.94 -21.79 -56.39
C ASP C 54 -109.20 -22.68 -57.37
N ASN C 55 -107.88 -22.53 -57.48
CA ASN C 55 -107.04 -23.43 -58.25
C ASN C 55 -105.81 -23.80 -57.43
N THR C 56 -105.29 -25.00 -57.69
CA THR C 56 -104.21 -25.57 -56.90
C THR C 56 -102.97 -25.74 -57.78
N ILE C 57 -101.83 -25.27 -57.29
CA ILE C 57 -100.55 -25.53 -57.94
C ILE C 57 -100.15 -26.97 -57.57
N ALA C 58 -100.30 -27.89 -58.52
CA ALA C 58 -100.07 -29.31 -58.28
C ALA C 58 -99.12 -29.88 -59.34
N PRO C 59 -97.84 -29.57 -59.23
CA PRO C 59 -96.85 -30.20 -60.12
C PRO C 59 -96.24 -31.43 -59.47
N ALA C 60 -95.42 -32.12 -60.25
CA ALA C 60 -94.62 -33.21 -59.70
C ALA C 60 -93.41 -32.64 -58.96
N ALA C 61 -92.74 -33.51 -58.21
CA ALA C 61 -91.59 -33.10 -57.41
C ALA C 61 -90.44 -32.67 -58.32
N GLY C 62 -89.95 -31.46 -58.13
CA GLY C 62 -88.81 -30.96 -58.88
C GLY C 62 -89.13 -30.45 -60.27
N ALA C 63 -90.40 -30.30 -60.62
CA ALA C 63 -90.80 -29.90 -61.96
C ALA C 63 -90.88 -28.37 -62.08
N GLN C 64 -90.76 -27.89 -63.31
CA GLN C 64 -90.90 -26.49 -63.64
C GLN C 64 -92.24 -26.30 -64.36
N GLY C 65 -93.05 -25.35 -63.91
CA GLY C 65 -94.40 -25.28 -64.39
C GLY C 65 -94.95 -23.90 -64.73
N TYR C 66 -96.27 -23.86 -64.94
CA TYR C 66 -96.97 -22.66 -65.41
C TYR C 66 -98.46 -22.82 -65.08
N LYS C 67 -99.00 -21.93 -64.24
CA LYS C 67 -100.34 -22.17 -63.71
C LYS C 67 -101.02 -20.84 -63.42
N ASP C 68 -102.34 -20.82 -63.54
CA ASP C 68 -103.17 -19.71 -63.11
C ASP C 68 -104.01 -20.13 -61.90
N MET C 69 -104.49 -19.14 -61.14
CA MET C 69 -105.08 -19.43 -59.83
C MET C 69 -106.56 -19.02 -59.72
N GLY C 70 -106.89 -17.79 -60.08
CA GLY C 70 -108.24 -17.28 -59.89
C GLY C 70 -108.23 -15.77 -59.98
N TYR C 71 -109.22 -15.15 -59.34
CA TYR C 71 -109.34 -13.71 -59.37
C TYR C 71 -109.88 -13.20 -58.03
N VAL C 72 -109.67 -11.91 -57.79
CA VAL C 72 -110.05 -11.26 -56.54
C VAL C 72 -110.90 -10.03 -56.86
N LYS C 73 -111.96 -9.82 -56.08
CA LYS C 73 -112.88 -8.71 -56.29
C LYS C 73 -112.67 -7.64 -55.23
N ILE C 74 -112.70 -6.39 -55.67
CA ILE C 74 -112.56 -5.22 -54.79
C ILE C 74 -113.78 -4.33 -55.01
N ILE C 75 -114.38 -3.86 -53.92
CA ILE C 75 -115.59 -3.04 -53.96
C ILE C 75 -115.28 -1.69 -53.34
N ASN C 76 -115.68 -0.61 -54.03
CA ASN C 76 -115.41 0.76 -53.62
C ASN C 76 -116.72 1.50 -53.36
N TYR C 77 -116.70 2.36 -52.34
CA TYR C 77 -117.89 2.90 -51.70
C TYR C 77 -117.96 4.42 -51.89
N THR C 78 -118.92 5.03 -51.17
CA THR C 78 -119.36 6.40 -51.45
C THR C 78 -118.20 7.40 -51.42
N ASP C 79 -118.17 8.28 -52.42
CA ASP C 79 -117.24 9.39 -52.52
C ASP C 79 -115.79 8.92 -52.63
N VAL C 80 -115.57 7.73 -53.17
CA VAL C 80 -114.23 7.18 -53.38
C VAL C 80 -113.95 7.18 -54.88
N ASN C 81 -112.79 7.69 -55.27
CA ASN C 81 -112.40 7.73 -56.67
C ASN C 81 -111.07 7.07 -56.96
N VAL C 82 -110.08 7.24 -56.09
CA VAL C 82 -108.75 6.69 -56.29
C VAL C 82 -108.30 6.00 -55.01
N VAL C 83 -107.73 4.80 -55.14
CA VAL C 83 -107.29 4.00 -54.00
C VAL C 83 -105.83 3.60 -54.22
N LYS C 84 -105.02 3.76 -53.19
CA LYS C 84 -103.64 3.31 -53.17
C LYS C 84 -103.52 2.09 -52.27
N LEU C 85 -102.94 1.01 -52.79
CA LEU C 85 -102.91 -0.27 -52.09
C LEU C 85 -101.49 -0.80 -52.01
N LYS C 86 -101.26 -1.63 -51.00
CA LYS C 86 -100.01 -2.36 -50.82
C LYS C 86 -100.32 -3.83 -50.67
N VAL C 87 -99.68 -4.68 -51.48
CA VAL C 87 -99.92 -6.11 -51.49
C VAL C 87 -98.61 -6.82 -51.14
N THR C 88 -98.69 -7.79 -50.25
CA THR C 88 -97.53 -8.51 -49.77
C THR C 88 -97.86 -9.99 -49.59
N LEU C 89 -96.82 -10.81 -49.55
CA LEU C 89 -96.93 -12.24 -49.26
C LEU C 89 -96.74 -12.44 -47.76
N ALA C 90 -97.80 -12.89 -47.09
CA ALA C 90 -97.78 -12.96 -45.63
C ALA C 90 -96.93 -14.12 -45.13
N ASN C 91 -96.95 -15.26 -45.83
CA ASN C 91 -96.27 -16.46 -45.35
C ASN C 91 -95.13 -16.87 -46.27
N ALA C 92 -94.34 -15.90 -46.72
CA ALA C 92 -93.22 -16.20 -47.60
C ALA C 92 -92.16 -17.05 -46.91
N ALA C 93 -91.96 -16.83 -45.60
CA ALA C 93 -90.96 -17.60 -44.86
C ALA C 93 -91.30 -19.09 -44.83
N GLN C 94 -92.58 -19.41 -44.67
CA GLN C 94 -93.00 -20.81 -44.63
C GLN C 94 -92.81 -21.50 -45.97
N LEU C 95 -93.00 -20.76 -47.07
CA LEU C 95 -92.92 -21.35 -48.40
C LEU C 95 -91.49 -21.49 -48.92
N ARG C 96 -90.51 -20.91 -48.24
CA ARG C 96 -89.13 -20.98 -48.71
C ARG C 96 -88.59 -22.41 -48.82
N PRO C 97 -88.72 -23.29 -47.83
CA PRO C 97 -88.14 -24.63 -47.96
C PRO C 97 -88.77 -25.48 -49.05
N TYR C 98 -89.92 -25.07 -49.60
CA TYR C 98 -90.62 -25.89 -50.57
C TYR C 98 -90.39 -25.47 -52.02
N PHE C 99 -89.80 -24.31 -52.27
CA PHE C 99 -89.67 -23.79 -53.61
C PHE C 99 -88.28 -23.19 -53.82
N LYS C 100 -87.74 -23.39 -55.03
CA LYS C 100 -86.57 -22.63 -55.43
C LYS C 100 -86.93 -21.20 -55.80
N TYR C 101 -88.05 -21.01 -56.50
CA TYR C 101 -88.55 -19.69 -56.81
C TYR C 101 -90.05 -19.77 -57.05
N LEU C 102 -90.73 -18.64 -56.84
CA LEU C 102 -92.17 -18.54 -57.04
C LEU C 102 -92.52 -17.09 -57.30
N GLN C 103 -93.16 -16.83 -58.44
CA GLN C 103 -93.50 -15.48 -58.84
C GLN C 103 -94.98 -15.37 -59.12
N LEU C 104 -95.60 -14.28 -58.67
CA LEU C 104 -97.01 -14.01 -58.87
C LEU C 104 -97.18 -12.74 -59.69
N VAL C 105 -98.05 -12.81 -60.69
CA VAL C 105 -98.30 -11.70 -61.61
C VAL C 105 -99.76 -11.27 -61.45
N LEU C 106 -99.96 -9.98 -61.19
CA LEU C 106 -101.30 -9.42 -61.00
C LEU C 106 -101.61 -8.49 -62.17
N THR C 107 -102.78 -8.69 -62.79
CA THR C 107 -103.20 -7.88 -63.92
C THR C 107 -104.61 -7.36 -63.70
N SER C 108 -104.85 -6.09 -64.06
CA SER C 108 -106.18 -5.50 -64.01
C SER C 108 -106.85 -5.71 -65.36
N ASN C 109 -108.09 -6.19 -65.34
CA ASN C 109 -108.80 -6.62 -66.53
C ASN C 109 -110.25 -6.10 -66.52
N ALA C 110 -110.72 -5.59 -65.39
CA ALA C 110 -112.14 -5.26 -65.23
C ALA C 110 -112.65 -4.35 -66.34
N SER C 111 -111.78 -3.53 -66.91
CA SER C 111 -112.08 -2.80 -68.15
C SER C 111 -111.71 -3.67 -69.34
N SER C 112 -112.71 -3.98 -70.17
CA SER C 112 -112.48 -4.84 -71.32
C SER C 112 -111.56 -4.18 -72.35
N THR C 113 -111.39 -2.87 -72.29
CA THR C 113 -110.51 -2.17 -73.23
C THR C 113 -109.09 -2.02 -72.72
N VAL C 114 -108.89 -1.93 -71.41
CA VAL C 114 -107.58 -1.67 -70.82
C VAL C 114 -107.22 -2.84 -69.91
N GLU C 115 -106.38 -3.75 -70.41
CA GLU C 115 -105.74 -4.78 -69.60
C GLU C 115 -104.35 -4.30 -69.21
N GLU C 116 -104.04 -4.35 -67.91
CA GLU C 116 -102.74 -3.90 -67.43
C GLU C 116 -102.25 -4.82 -66.31
N THR C 117 -100.98 -5.22 -66.41
CA THR C 117 -100.28 -5.86 -65.31
C THR C 117 -99.75 -4.80 -64.37
N LYS C 118 -100.03 -4.95 -63.07
CA LYS C 118 -99.72 -3.92 -62.09
C LYS C 118 -98.51 -4.24 -61.22
N ALA C 119 -98.31 -5.49 -60.82
CA ALA C 119 -97.21 -5.81 -59.93
C ALA C 119 -96.79 -7.25 -60.14
N VAL C 120 -95.54 -7.54 -59.76
CA VAL C 120 -94.99 -8.89 -59.76
C VAL C 120 -94.42 -9.14 -58.37
N LEU C 121 -94.85 -10.23 -57.75
CA LEU C 121 -94.41 -10.59 -56.41
C LEU C 121 -93.55 -11.85 -56.46
N SER C 122 -92.59 -11.93 -55.55
CA SER C 122 -91.68 -13.06 -55.50
C SER C 122 -91.28 -13.31 -54.05
N LEU C 123 -90.61 -14.44 -53.82
CA LEU C 123 -90.18 -14.80 -52.48
C LEU C 123 -89.04 -13.92 -51.98
N LYS C 124 -88.30 -13.27 -52.87
CA LYS C 124 -87.23 -12.37 -52.48
C LYS C 124 -87.69 -10.93 -52.30
N LYS C 125 -88.70 -10.51 -53.06
CA LYS C 125 -89.29 -9.18 -52.95
C LYS C 125 -90.79 -9.34 -52.82
N PRO C 126 -91.29 -9.56 -51.60
CA PRO C 126 -92.70 -9.96 -51.43
C PRO C 126 -93.71 -8.82 -51.52
N SER C 127 -93.29 -7.56 -51.47
CA SER C 127 -94.20 -6.44 -51.36
C SER C 127 -94.16 -5.58 -52.61
N ALA C 128 -95.30 -4.96 -52.91
CA ALA C 128 -95.43 -4.06 -54.05
C ALA C 128 -96.54 -3.06 -53.77
N VAL C 129 -96.51 -1.94 -54.49
CA VAL C 129 -97.50 -0.88 -54.35
C VAL C 129 -98.11 -0.62 -55.72
N ILE C 130 -99.45 -0.60 -55.79
CA ILE C 130 -100.18 -0.42 -57.04
C ILE C 130 -101.14 0.74 -56.90
N ILE C 131 -101.60 1.23 -58.05
CA ILE C 131 -102.52 2.36 -58.14
C ILE C 131 -103.73 1.95 -58.95
N LEU C 132 -104.93 2.22 -58.44
CA LEU C 132 -106.18 2.02 -59.15
C LEU C 132 -106.85 3.36 -59.37
N ASP C 133 -107.24 3.64 -60.61
CA ASP C 133 -107.80 4.94 -60.96
C ASP C 133 -109.12 4.83 -61.70
N ASN C 134 -109.58 5.95 -62.27
CA ASN C 134 -110.89 6.01 -62.91
C ASN C 134 -111.03 4.97 -64.02
N ASP C 135 -109.94 4.68 -64.74
CA ASP C 135 -110.02 3.73 -65.84
C ASP C 135 -110.26 2.30 -65.35
N ASP C 136 -109.70 1.95 -64.19
CA ASP C 136 -109.83 0.58 -63.69
C ASP C 136 -111.25 0.29 -63.22
N TYR C 137 -111.90 1.27 -62.60
CA TYR C 137 -113.21 1.06 -61.99
C TYR C 137 -114.32 0.90 -63.03
N SER C 138 -114.29 -0.21 -63.76
CA SER C 138 -115.38 -0.53 -64.68
C SER C 138 -116.59 -1.00 -63.91
N SER C 139 -117.76 -0.82 -64.51
CA SER C 139 -119.07 -0.97 -63.87
C SER C 139 -119.22 -0.03 -62.68
N THR C 140 -118.27 0.90 -62.49
CA THR C 140 -118.28 1.97 -61.51
C THR C 140 -118.20 1.47 -60.07
N ASN C 141 -118.14 0.15 -59.86
CA ASN C 141 -118.24 -0.38 -58.50
C ASN C 141 -117.26 -1.47 -58.14
N LYS C 142 -116.49 -2.04 -59.07
CA LYS C 142 -115.67 -3.18 -58.69
C LYS C 142 -114.41 -3.28 -59.55
N ILE C 143 -113.40 -3.93 -58.98
CA ILE C 143 -112.13 -4.25 -59.63
C ILE C 143 -111.98 -5.76 -59.68
N GLN C 144 -111.52 -6.28 -60.82
CA GLN C 144 -111.25 -7.70 -60.99
C GLN C 144 -109.77 -7.88 -61.29
N LEU C 145 -109.09 -8.71 -60.50
CA LEU C 145 -107.67 -8.97 -60.63
C LEU C 145 -107.42 -10.47 -60.54
N LYS C 146 -106.94 -11.07 -61.62
CA LYS C 146 -106.50 -12.46 -61.58
C LYS C 146 -105.03 -12.57 -61.23
N VAL C 147 -104.64 -13.77 -60.77
CA VAL C 147 -103.30 -14.04 -60.29
C VAL C 147 -102.62 -15.01 -61.25
N GLU C 148 -101.37 -14.72 -61.60
CA GLU C 148 -100.61 -15.60 -62.48
C GLU C 148 -99.36 -16.06 -61.75
N ALA C 149 -99.09 -17.36 -61.80
CA ALA C 149 -98.04 -17.98 -61.00
C ALA C 149 -97.01 -18.66 -61.90
N TYR C 150 -95.74 -18.48 -61.56
CA TYR C 150 -94.63 -19.22 -62.15
C TYR C 150 -93.82 -19.82 -61.01
N TYR C 151 -93.38 -21.07 -61.17
CA TYR C 151 -92.81 -21.78 -60.03
C TYR C 151 -91.85 -22.87 -60.50
N GLU C 152 -91.00 -23.29 -59.57
CA GLU C 152 -90.19 -24.49 -59.72
C GLU C 152 -90.11 -25.16 -58.35
N ALA C 153 -90.50 -26.42 -58.28
CA ALA C 153 -90.57 -27.15 -57.02
C ALA C 153 -89.20 -27.71 -56.63
N LYS C 154 -89.00 -27.89 -55.34
CA LYS C 154 -87.77 -28.48 -54.83
C LYS C 154 -87.67 -29.95 -55.24
N GLU C 155 -86.44 -30.42 -55.35
CA GLU C 155 -86.17 -31.78 -55.81
C GLU C 155 -86.48 -32.78 -54.70
N GLY C 156 -87.38 -33.73 -54.98
CA GLY C 156 -87.64 -34.82 -54.05
C GLY C 156 -88.44 -34.45 -52.83
N MET C 157 -89.21 -33.37 -52.86
CA MET C 157 -90.01 -32.94 -51.72
C MET C 157 -91.47 -33.23 -52.00
N LEU C 158 -92.13 -33.92 -51.07
CA LEU C 158 -93.54 -34.28 -51.19
C LEU C 158 -94.32 -33.68 -50.03
N PHE C 159 -95.50 -33.14 -50.34
CA PHE C 159 -96.32 -32.45 -49.35
C PHE C 159 -97.73 -32.31 -49.91
N ASP C 160 -98.64 -31.87 -49.04
CA ASP C 160 -100.02 -31.61 -49.42
C ASP C 160 -100.63 -30.66 -48.43
N SER C 161 -101.70 -29.99 -48.86
CA SER C 161 -102.47 -29.06 -48.02
C SER C 161 -101.59 -27.94 -47.48
N LEU C 162 -100.98 -27.19 -48.39
CA LEU C 162 -100.13 -26.06 -48.03
C LEU C 162 -100.77 -24.77 -48.51
N PRO C 163 -101.10 -23.84 -47.63
CA PRO C 163 -101.80 -22.62 -48.05
C PRO C 163 -100.85 -21.50 -48.47
N VAL C 164 -101.37 -20.65 -49.36
CA VAL C 164 -100.69 -19.44 -49.81
C VAL C 164 -101.58 -18.26 -49.46
N ILE C 165 -101.01 -17.26 -48.78
CA ILE C 165 -101.78 -16.17 -48.19
C ILE C 165 -101.29 -14.85 -48.75
N LEU C 166 -102.22 -13.97 -49.12
CA LEU C 166 -101.93 -12.61 -49.55
C LEU C 166 -102.67 -11.63 -48.66
N ASN C 167 -102.06 -10.46 -48.43
CA ASN C 167 -102.60 -9.45 -47.54
C ASN C 167 -102.72 -8.12 -48.27
N PHE C 168 -103.72 -7.34 -47.89
CA PHE C 168 -103.98 -6.03 -48.48
C PHE C 168 -104.02 -4.97 -47.39
N GLN C 169 -103.46 -3.80 -47.69
CA GLN C 169 -103.49 -2.67 -46.77
C GLN C 169 -103.67 -1.39 -47.56
N VAL C 170 -104.54 -0.51 -47.05
CA VAL C 170 -104.87 0.75 -47.70
C VAL C 170 -103.94 1.83 -47.17
N LEU C 171 -103.29 2.55 -48.08
CA LEU C 171 -102.39 3.63 -47.71
C LEU C 171 -103.00 5.01 -47.86
N SER C 172 -103.82 5.22 -48.88
CA SER C 172 -104.46 6.51 -49.10
C SER C 172 -105.65 6.32 -50.05
N VAL C 173 -106.72 7.06 -49.79
CA VAL C 173 -107.91 7.03 -50.64
C VAL C 173 -108.37 8.46 -50.86
N SER C 174 -108.94 8.71 -52.03
CA SER C 174 -109.44 10.04 -52.37
C SER C 174 -110.63 9.94 -53.33
N THR D 26 -142.65 42.67 3.72
CA THR D 26 -141.45 43.12 3.06
C THR D 26 -140.41 42.00 3.00
N THR D 27 -140.49 41.19 1.94
CA THR D 27 -139.60 40.05 1.76
C THR D 27 -138.85 40.20 0.45
N GLN D 28 -137.54 39.95 0.50
CA GLN D 28 -136.67 40.02 -0.67
C GLN D 28 -136.38 38.60 -1.16
N SER D 29 -136.67 38.34 -2.43
CA SER D 29 -136.50 36.99 -2.95
C SER D 29 -135.28 36.89 -3.86
N PRO D 30 -134.57 35.77 -3.83
CA PRO D 30 -133.41 35.60 -4.73
C PRO D 30 -133.80 35.15 -6.14
N LEU D 31 -134.99 34.61 -6.33
CA LEU D 31 -135.52 34.26 -7.65
C LEU D 31 -134.66 33.21 -8.36
N ASN D 32 -134.33 32.14 -7.63
CA ASN D 32 -133.56 31.04 -8.20
C ASN D 32 -134.05 29.67 -7.73
N SER D 33 -135.29 29.59 -7.27
CA SER D 33 -135.84 28.34 -6.74
C SER D 33 -136.66 27.61 -7.80
N PHE D 34 -135.97 27.22 -8.88
CA PHE D 34 -136.60 26.46 -9.96
C PHE D 34 -135.66 25.35 -10.42
N TYR D 35 -136.21 24.16 -10.62
CA TYR D 35 -135.40 23.00 -10.96
C TYR D 35 -136.16 22.08 -11.89
N ALA D 36 -135.41 21.24 -12.61
CA ALA D 36 -135.95 20.19 -13.46
C ALA D 36 -134.96 19.03 -13.45
N THR D 37 -135.48 17.80 -13.48
CA THR D 37 -134.65 16.62 -13.24
C THR D 37 -134.92 15.55 -14.29
N GLY D 38 -133.83 14.89 -14.73
CA GLY D 38 -133.92 13.72 -15.59
C GLY D 38 -133.09 12.58 -15.06
N THR D 39 -132.96 11.49 -15.83
CA THR D 39 -132.23 10.32 -15.38
C THR D 39 -131.49 9.68 -16.56
N ALA D 40 -130.51 8.86 -16.23
CA ALA D 40 -129.74 8.11 -17.23
C ALA D 40 -129.21 6.84 -16.60
N GLN D 41 -128.86 5.87 -17.44
CA GLN D 41 -128.37 4.59 -16.96
C GLN D 41 -127.63 3.85 -18.07
N ALA D 42 -126.86 2.85 -17.68
CA ALA D 42 -126.19 1.95 -18.61
C ALA D 42 -125.88 0.66 -17.85
N VAL D 43 -126.58 -0.42 -18.19
CA VAL D 43 -126.57 -1.62 -17.36
C VAL D 43 -126.24 -2.88 -18.18
N GLN D 44 -125.52 -2.75 -19.29
CA GLN D 44 -125.13 -3.93 -20.05
C GLN D 44 -123.87 -3.66 -20.85
N GLU D 45 -123.13 -4.73 -21.15
CA GLU D 45 -121.91 -4.67 -21.93
C GLU D 45 -122.24 -4.58 -23.42
N PRO D 46 -121.34 -3.99 -24.23
CA PRO D 46 -121.66 -3.76 -25.64
C PRO D 46 -121.99 -5.02 -26.43
N ILE D 47 -121.29 -6.14 -26.18
CA ILE D 47 -121.41 -7.32 -27.01
C ILE D 47 -121.64 -8.55 -26.14
N ASP D 48 -122.17 -9.60 -26.77
CA ASP D 48 -122.32 -10.91 -26.17
C ASP D 48 -121.79 -11.94 -27.16
N VAL D 49 -121.09 -12.95 -26.66
CA VAL D 49 -120.40 -13.92 -27.50
C VAL D 49 -120.85 -15.32 -27.14
N GLU D 50 -121.19 -16.12 -28.15
CA GLU D 50 -121.60 -17.51 -27.96
C GLU D 50 -120.83 -18.39 -28.94
N SER D 51 -120.44 -19.58 -28.48
CA SER D 51 -119.55 -20.46 -29.22
C SER D 51 -120.29 -21.70 -29.71
N HIS D 52 -119.94 -22.15 -30.93
CA HIS D 52 -120.48 -23.37 -31.51
C HIS D 52 -119.40 -24.16 -32.21
N LEU D 53 -118.24 -24.30 -31.58
CA LEU D 53 -117.12 -25.07 -32.14
C LEU D 53 -117.29 -26.53 -31.72
N ASP D 54 -117.92 -27.30 -32.60
CA ASP D 54 -118.27 -28.69 -32.31
C ASP D 54 -117.67 -29.66 -33.34
N ASN D 55 -116.41 -29.45 -33.70
CA ASN D 55 -115.67 -30.39 -34.53
C ASN D 55 -114.31 -30.63 -33.92
N THR D 56 -113.77 -31.83 -34.16
CA THR D 56 -112.53 -32.27 -33.55
C THR D 56 -111.47 -32.49 -34.61
N ILE D 57 -110.28 -31.92 -34.39
CA ILE D 57 -109.11 -32.20 -35.23
C ILE D 57 -108.58 -33.57 -34.83
N ALA D 58 -108.85 -34.58 -35.64
CA ALA D 58 -108.50 -35.97 -35.33
C ALA D 58 -107.73 -36.59 -36.49
N PRO D 59 -106.46 -36.23 -36.65
CA PRO D 59 -105.61 -36.90 -37.64
C PRO D 59 -104.83 -38.04 -37.01
N ALA D 60 -104.12 -38.78 -37.86
CA ALA D 60 -103.18 -39.77 -37.38
C ALA D 60 -101.89 -39.09 -36.93
N ALA D 61 -101.05 -39.86 -36.23
CA ALA D 61 -99.81 -39.31 -35.70
C ALA D 61 -98.86 -38.94 -36.84
N GLY D 62 -98.40 -37.69 -36.85
CA GLY D 62 -97.47 -37.23 -37.84
C GLY D 62 -98.05 -36.86 -39.18
N ALA D 63 -99.37 -36.80 -39.30
CA ALA D 63 -100.02 -36.53 -40.58
C ALA D 63 -100.21 -35.04 -40.82
N GLN D 64 -100.33 -34.67 -42.09
CA GLN D 64 -100.62 -33.31 -42.51
C GLN D 64 -102.07 -33.25 -43.00
N GLY D 65 -102.83 -32.30 -42.48
CA GLY D 65 -104.26 -32.32 -42.71
C GLY D 65 -104.94 -31.02 -43.06
N TYR D 66 -106.27 -31.04 -43.02
CA TYR D 66 -107.10 -29.92 -43.45
C TYR D 66 -108.50 -30.10 -42.85
N LYS D 67 -108.94 -29.17 -42.00
CA LYS D 67 -110.14 -29.40 -41.21
C LYS D 67 -110.83 -28.07 -40.93
N ASP D 68 -112.15 -28.12 -40.79
CA ASP D 68 -112.96 -27.01 -40.32
C ASP D 68 -113.54 -27.34 -38.95
N MET D 69 -113.92 -26.32 -38.20
CA MET D 69 -114.26 -26.49 -36.79
C MET D 69 -115.71 -26.14 -36.45
N GLY D 70 -116.16 -24.96 -36.86
CA GLY D 70 -117.49 -24.49 -36.46
C GLY D 70 -117.59 -22.99 -36.68
N TYR D 71 -118.49 -22.35 -35.92
CA TYR D 71 -118.67 -20.92 -36.05
C TYR D 71 -119.00 -20.31 -34.69
N VAL D 72 -118.82 -18.99 -34.60
CA VAL D 72 -119.00 -18.24 -33.37
C VAL D 72 -119.96 -17.08 -33.64
N LYS D 73 -120.87 -16.85 -32.70
CA LYS D 73 -121.88 -15.80 -32.82
C LYS D 73 -121.55 -14.62 -31.92
N ILE D 74 -121.72 -13.41 -32.47
CA ILE D 74 -121.50 -12.17 -31.73
C ILE D 74 -122.78 -11.35 -31.80
N ILE D 75 -123.20 -10.80 -30.66
CA ILE D 75 -124.44 -10.04 -30.56
C ILE D 75 -124.11 -8.62 -30.11
N ASN D 76 -124.68 -7.64 -30.81
CA ASN D 76 -124.43 -6.22 -30.57
C ASN D 76 -125.70 -5.50 -30.15
N TYR D 77 -125.54 -4.55 -29.22
CA TYR D 77 -126.63 -3.99 -28.44
C TYR D 77 -126.83 -2.51 -28.73
N THR D 78 -127.67 -1.87 -27.92
CA THR D 78 -128.22 -0.56 -28.22
C THR D 78 -127.14 0.49 -28.49
N ASP D 79 -127.34 1.27 -29.55
CA ASP D 79 -126.49 2.40 -29.93
C ASP D 79 -125.07 1.99 -30.25
N VAL D 80 -124.88 0.76 -30.73
CA VAL D 80 -123.58 0.23 -31.13
C VAL D 80 -123.57 0.11 -32.65
N ASN D 81 -122.53 0.62 -33.29
CA ASN D 81 -122.41 0.54 -34.74
C ASN D 81 -121.12 -0.09 -35.21
N VAL D 82 -120.00 0.20 -34.55
CA VAL D 82 -118.69 -0.32 -34.95
C VAL D 82 -117.98 -0.86 -33.71
N VAL D 83 -117.38 -2.04 -33.83
CA VAL D 83 -116.69 -2.70 -32.74
C VAL D 83 -115.28 -3.07 -33.18
N LYS D 84 -114.31 -2.79 -32.33
CA LYS D 84 -112.92 -3.18 -32.54
C LYS D 84 -112.57 -4.30 -31.57
N LEU D 85 -112.03 -5.39 -32.09
CA LEU D 85 -111.82 -6.60 -31.30
C LEU D 85 -110.38 -7.06 -31.44
N LYS D 86 -109.92 -7.79 -30.41
CA LYS D 86 -108.62 -8.44 -30.41
C LYS D 86 -108.81 -9.91 -30.06
N VAL D 87 -108.28 -10.79 -30.91
CA VAL D 87 -108.43 -12.24 -30.74
C VAL D 87 -107.05 -12.86 -30.58
N THR D 88 -106.91 -13.74 -29.60
CA THR D 88 -105.64 -14.36 -29.29
C THR D 88 -105.86 -15.82 -28.92
N LEU D 89 -104.77 -16.60 -28.99
CA LEU D 89 -104.76 -17.99 -28.58
C LEU D 89 -104.29 -18.04 -27.13
N ALA D 90 -105.19 -18.46 -26.23
CA ALA D 90 -104.89 -18.40 -24.80
C ALA D 90 -103.91 -19.47 -24.36
N ASN D 91 -103.99 -20.67 -24.95
CA ASN D 91 -103.16 -21.78 -24.49
C ASN D 91 -102.20 -22.24 -25.57
N ALA D 92 -101.55 -21.29 -26.24
CA ALA D 92 -100.59 -21.63 -27.29
C ALA D 92 -99.37 -22.36 -26.72
N ALA D 93 -98.96 -22.01 -25.49
CA ALA D 93 -97.80 -22.67 -24.90
C ALA D 93 -98.05 -24.15 -24.66
N GLN D 94 -99.26 -24.51 -24.25
CA GLN D 94 -99.58 -25.91 -24.01
C GLN D 94 -99.60 -26.72 -25.30
N LEU D 95 -100.03 -26.11 -26.40
CA LEU D 95 -100.16 -26.81 -27.68
C LEU D 95 -98.83 -26.95 -28.42
N ARG D 96 -97.77 -26.26 -27.99
CA ARG D 96 -96.51 -26.33 -28.71
C ARG D 96 -95.91 -27.73 -28.79
N PRO D 97 -95.82 -28.52 -27.71
CA PRO D 97 -95.19 -29.85 -27.83
C PRO D 97 -95.96 -30.82 -28.71
N TYR D 98 -97.20 -30.52 -29.07
CA TYR D 98 -98.04 -31.45 -29.82
C TYR D 98 -98.09 -31.17 -31.32
N PHE D 99 -97.62 -30.01 -31.77
CA PHE D 99 -97.76 -29.61 -33.16
C PHE D 99 -96.47 -28.99 -33.67
N LYS D 100 -96.14 -29.28 -34.93
CA LYS D 100 -95.10 -28.52 -35.61
C LYS D 100 -95.60 -27.14 -36.03
N TYR D 101 -96.84 -27.07 -36.52
CA TYR D 101 -97.46 -25.80 -36.85
C TYR D 101 -98.97 -25.96 -36.81
N LEU D 102 -99.67 -24.85 -36.58
CA LEU D 102 -101.12 -24.84 -36.52
C LEU D 102 -101.60 -23.43 -36.83
N GLN D 103 -102.44 -23.30 -37.85
CA GLN D 103 -102.93 -22.00 -38.30
C GLN D 103 -104.45 -21.99 -38.31
N LEU D 104 -105.02 -20.88 -37.85
CA LEU D 104 -106.46 -20.69 -37.80
C LEU D 104 -106.85 -19.51 -38.69
N VAL D 105 -107.87 -19.71 -39.51
CA VAL D 105 -108.35 -18.71 -40.45
C VAL D 105 -109.78 -18.32 -40.07
N LEU D 106 -110.01 -17.02 -39.89
CA LEU D 106 -111.32 -16.49 -39.52
C LEU D 106 -111.89 -15.69 -40.68
N THR D 107 -113.13 -16.00 -41.05
CA THR D 107 -113.80 -15.32 -42.15
C THR D 107 -115.17 -14.84 -41.73
N SER D 108 -115.54 -13.63 -42.14
CA SER D 108 -116.87 -13.08 -41.90
C SER D 108 -117.76 -13.44 -43.09
N ASN D 109 -118.95 -13.98 -42.79
CA ASN D 109 -119.84 -14.55 -43.78
C ASN D 109 -121.28 -14.09 -43.56
N ALA D 110 -121.57 -13.48 -42.41
CA ALA D 110 -122.96 -13.19 -42.02
C ALA D 110 -123.71 -12.42 -43.09
N SER D 111 -123.00 -11.62 -43.89
CA SER D 111 -123.56 -11.03 -45.10
C SER D 111 -123.36 -11.99 -46.26
N SER D 112 -124.48 -12.42 -46.87
CA SER D 112 -124.40 -13.38 -47.96
C SER D 112 -123.73 -12.79 -49.19
N THR D 113 -123.62 -11.47 -49.28
CA THR D 113 -122.97 -10.83 -50.42
C THR D 113 -121.49 -10.57 -50.20
N VAL D 114 -121.06 -10.36 -48.96
CA VAL D 114 -119.69 -9.99 -48.65
C VAL D 114 -119.10 -11.05 -47.72
N GLU D 115 -118.32 -11.97 -48.28
CA GLU D 115 -117.49 -12.89 -47.52
C GLU D 115 -116.08 -12.32 -47.43
N GLU D 116 -115.54 -12.23 -46.22
CA GLU D 116 -114.19 -11.69 -46.02
C GLU D 116 -113.45 -12.46 -44.94
N THR D 117 -112.21 -12.83 -45.23
CA THR D 117 -111.29 -13.34 -44.24
C THR D 117 -110.65 -12.16 -43.49
N LYS D 118 -110.70 -12.20 -42.17
CA LYS D 118 -110.27 -11.07 -41.35
C LYS D 118 -108.91 -11.25 -40.70
N ALA D 119 -108.58 -12.45 -40.23
CA ALA D 119 -107.30 -12.64 -39.53
C ALA D 119 -106.85 -14.09 -39.69
N VAL D 120 -105.55 -14.28 -39.53
CA VAL D 120 -104.92 -15.60 -39.51
C VAL D 120 -104.10 -15.70 -38.23
N LEU D 121 -104.36 -16.74 -37.44
CA LEU D 121 -103.66 -16.96 -36.18
C LEU D 121 -102.75 -18.17 -36.28
N SER D 122 -101.64 -18.12 -35.55
CA SER D 122 -100.66 -19.20 -35.57
C SER D 122 -100.01 -19.30 -34.20
N LEU D 123 -99.24 -20.37 -34.01
CA LEU D 123 -98.56 -20.59 -32.75
C LEU D 123 -97.41 -19.61 -32.54
N LYS D 124 -96.88 -19.03 -33.61
CA LYS D 124 -95.80 -18.06 -33.50
C LYS D 124 -96.31 -16.63 -33.36
N LYS D 125 -97.45 -16.31 -33.96
CA LYS D 125 -98.09 -15.00 -33.86
C LYS D 125 -99.53 -15.21 -33.44
N PRO D 126 -99.79 -15.34 -32.14
CA PRO D 126 -101.13 -15.77 -31.68
C PRO D 126 -102.19 -14.70 -31.69
N SER D 127 -101.83 -13.42 -31.82
CA SER D 127 -102.78 -12.32 -31.64
C SER D 127 -103.01 -11.58 -32.94
N ALA D 128 -104.22 -11.04 -33.08
CA ALA D 128 -104.60 -10.26 -34.25
C ALA D 128 -105.71 -9.29 -33.86
N VAL D 129 -105.86 -8.24 -34.67
CA VAL D 129 -106.87 -7.21 -34.46
C VAL D 129 -107.73 -7.11 -35.71
N ILE D 130 -109.05 -7.15 -35.53
CA ILE D 130 -110.00 -7.13 -36.63
C ILE D 130 -110.99 -5.99 -36.42
N ILE D 131 -111.69 -5.63 -37.50
CA ILE D 131 -112.67 -4.56 -37.52
C ILE D 131 -113.98 -5.09 -38.07
N LEU D 132 -115.08 -4.81 -37.35
CA LEU D 132 -116.41 -5.14 -37.81
C LEU D 132 -117.19 -3.85 -38.01
N ASP D 133 -117.82 -3.71 -39.18
CA ASP D 133 -118.50 -2.46 -39.53
C ASP D 133 -119.93 -2.70 -40.01
N ASN D 134 -120.54 -1.66 -40.58
CA ASN D 134 -121.95 -1.73 -40.97
C ASN D 134 -122.22 -2.87 -41.94
N ASP D 135 -121.27 -3.17 -42.82
CA ASP D 135 -121.49 -4.24 -43.80
C ASP D 135 -121.56 -5.62 -43.15
N ASP D 136 -120.78 -5.83 -42.09
CA ASP D 136 -120.74 -7.15 -41.45
C ASP D 136 -122.03 -7.45 -40.70
N TYR D 137 -122.62 -6.44 -40.06
CA TYR D 137 -123.78 -6.64 -39.21
C TYR D 137 -125.04 -6.95 -40.01
N SER D 138 -125.09 -8.12 -40.63
CA SER D 138 -126.30 -8.57 -41.31
C SER D 138 -127.34 -9.01 -40.27
N SER D 139 -128.60 -8.94 -40.67
CA SER D 139 -129.76 -9.06 -39.78
C SER D 139 -129.75 -8.03 -38.67
N THR D 140 -128.83 -7.06 -38.76
CA THR D 140 -128.73 -5.89 -37.88
C THR D 140 -128.36 -6.24 -36.44
N ASN D 141 -128.18 -7.53 -36.13
CA ASN D 141 -128.02 -7.93 -34.74
C ASN D 141 -126.92 -8.95 -34.46
N LYS D 142 -126.31 -9.57 -35.47
CA LYS D 142 -125.37 -10.65 -35.16
C LYS D 142 -124.28 -10.77 -36.22
N ILE D 143 -123.14 -11.31 -35.79
CA ILE D 143 -121.99 -11.65 -36.63
C ILE D 143 -121.78 -13.16 -36.56
N GLN D 144 -121.50 -13.76 -37.72
CA GLN D 144 -121.18 -15.18 -37.82
C GLN D 144 -119.77 -15.32 -38.37
N LEU D 145 -118.92 -16.05 -37.65
CA LEU D 145 -117.52 -16.27 -38.01
C LEU D 145 -117.18 -17.74 -37.83
N LYS D 146 -116.87 -18.43 -38.93
CA LYS D 146 -116.37 -19.78 -38.84
C LYS D 146 -114.84 -19.81 -38.78
N VAL D 147 -114.32 -20.93 -38.30
CA VAL D 147 -112.89 -21.11 -38.04
C VAL D 147 -112.35 -22.13 -39.02
N GLU D 148 -111.20 -21.83 -39.62
CA GLU D 148 -110.56 -22.76 -40.54
C GLU D 148 -109.17 -23.10 -40.01
N ALA D 149 -108.85 -24.39 -40.00
CA ALA D 149 -107.63 -24.88 -39.36
C ALA D 149 -106.74 -25.61 -40.37
N TYR D 150 -105.44 -25.35 -40.29
CA TYR D 150 -104.42 -26.09 -41.00
C TYR D 150 -103.38 -26.55 -39.98
N TYR D 151 -102.91 -27.78 -40.11
CA TYR D 151 -102.11 -28.36 -39.04
C TYR D 151 -101.19 -29.44 -39.58
N GLU D 152 -100.16 -29.75 -38.79
CA GLU D 152 -99.33 -30.93 -38.97
C GLU D 152 -98.96 -31.45 -37.59
N ALA D 153 -99.26 -32.72 -37.34
CA ALA D 153 -99.06 -33.32 -36.03
C ALA D 153 -97.62 -33.79 -35.86
N LYS D 154 -97.18 -33.83 -34.60
CA LYS D 154 -95.84 -34.32 -34.29
C LYS D 154 -95.74 -35.82 -34.58
N GLU D 155 -94.51 -36.26 -34.86
CA GLU D 155 -94.27 -37.64 -35.24
C GLU D 155 -94.31 -38.54 -34.01
N GLY D 156 -95.18 -39.54 -34.04
CA GLY D 156 -95.22 -40.55 -32.99
C GLY D 156 -95.81 -40.10 -31.68
N MET D 157 -96.63 -39.05 -31.66
CA MET D 157 -97.24 -38.54 -30.44
C MET D 157 -98.71 -38.91 -30.41
N LEU D 158 -99.14 -39.54 -29.32
CA LEU D 158 -100.52 -39.96 -29.15
C LEU D 158 -101.13 -39.29 -27.93
N PHE D 159 -102.36 -38.82 -28.06
CA PHE D 159 -103.03 -38.09 -27.00
C PHE D 159 -104.53 -38.05 -27.30
N ASP D 160 -105.28 -37.57 -26.31
CA ASP D 160 -106.72 -37.40 -26.46
C ASP D 160 -107.21 -36.38 -25.46
N SER D 161 -108.37 -35.80 -25.74
CA SER D 161 -109.03 -34.83 -24.86
C SER D 161 -108.13 -33.62 -24.59
N LEU D 162 -107.73 -32.95 -25.66
CA LEU D 162 -106.90 -31.75 -25.57
C LEU D 162 -107.69 -30.54 -26.04
N PRO D 163 -107.91 -29.53 -25.19
CA PRO D 163 -108.73 -28.39 -25.58
C PRO D 163 -107.95 -27.28 -26.26
N VAL D 164 -108.66 -26.54 -27.11
CA VAL D 164 -108.14 -25.36 -27.78
C VAL D 164 -109.03 -24.18 -27.38
N ILE D 165 -108.40 -23.10 -26.91
CA ILE D 165 -109.11 -21.99 -26.28
C ILE D 165 -108.80 -20.71 -27.04
N LEU D 166 -109.83 -19.91 -27.31
CA LEU D 166 -109.70 -18.59 -27.90
C LEU D 166 -110.32 -17.56 -26.98
N ASN D 167 -109.74 -16.36 -26.97
CA ASN D 167 -110.17 -15.28 -26.08
C ASN D 167 -110.49 -14.03 -26.90
N PHE D 168 -111.46 -13.25 -26.42
CA PHE D 168 -111.88 -12.02 -27.06
C PHE D 168 -111.80 -10.86 -26.08
N GLN D 169 -111.36 -9.71 -26.56
CA GLN D 169 -111.28 -8.50 -25.77
C GLN D 169 -111.69 -7.30 -26.62
N VAL D 170 -112.50 -6.43 -26.04
CA VAL D 170 -113.01 -5.23 -26.73
C VAL D 170 -112.05 -4.08 -26.48
N LEU D 171 -111.62 -3.42 -27.55
CA LEU D 171 -110.73 -2.28 -27.44
C LEU D 171 -111.44 -0.94 -27.60
N SER D 172 -112.44 -0.87 -28.47
CA SER D 172 -113.18 0.37 -28.68
C SER D 172 -114.50 0.05 -29.37
N VAL D 173 -115.55 0.76 -28.99
CA VAL D 173 -116.87 0.60 -29.58
C VAL D 173 -117.45 1.99 -29.85
N SER D 174 -118.23 2.10 -30.92
CA SER D 174 -118.87 3.36 -31.28
C SER D 174 -120.19 3.13 -31.98
N THR E 26 -143.24 39.94 26.90
CA THR E 26 -142.19 40.38 25.98
C THR E 26 -141.13 39.29 25.83
N THR E 27 -141.35 38.38 24.88
CA THR E 27 -140.45 37.26 24.63
C THR E 27 -139.95 37.30 23.20
N GLN E 28 -138.64 37.11 23.03
CA GLN E 28 -138.00 37.11 21.72
C GLN E 28 -137.73 35.67 21.31
N SER E 29 -138.21 35.27 20.14
CA SER E 29 -138.07 33.88 19.73
C SER E 29 -137.04 33.74 18.62
N PRO E 30 -136.26 32.65 18.61
CA PRO E 30 -135.29 32.45 17.53
C PRO E 30 -135.89 31.86 16.27
N LEU E 31 -137.06 31.24 16.35
CA LEU E 31 -137.80 30.76 15.18
C LEU E 31 -137.02 29.67 14.43
N ASN E 32 -136.50 28.69 15.17
CA ASN E 32 -135.79 27.58 14.56
C ASN E 32 -136.11 26.25 15.23
N SER E 33 -137.25 26.16 15.92
CA SER E 33 -137.62 24.95 16.65
C SER E 33 -138.58 24.08 15.82
N PHE E 34 -138.07 23.60 14.69
CA PHE E 34 -138.84 22.73 13.80
C PHE E 34 -137.93 21.62 13.28
N TYR E 35 -138.44 20.40 13.29
CA TYR E 35 -137.63 19.23 12.90
C TYR E 35 -138.51 18.20 12.22
N ALA E 36 -137.85 17.33 11.44
CA ALA E 36 -138.47 16.18 10.81
C ALA E 36 -137.43 15.07 10.73
N THR E 37 -137.87 13.82 10.91
CA THR E 37 -136.96 12.70 11.10
C THR E 37 -137.34 11.52 10.21
N GLY E 38 -136.33 10.87 9.65
CA GLY E 38 -136.50 9.63 8.92
C GLY E 38 -135.53 8.57 9.39
N THR E 39 -135.47 7.42 8.70
CA THR E 39 -134.61 6.32 9.11
C THR E 39 -134.06 5.61 7.88
N ALA E 40 -132.99 4.86 8.08
CA ALA E 40 -132.38 4.05 7.03
C ALA E 40 -131.67 2.86 7.66
N GLN E 41 -131.42 1.83 6.86
CA GLN E 41 -130.78 0.63 7.36
C GLN E 41 -130.21 -0.18 6.19
N ALA E 42 -129.32 -1.11 6.54
CA ALA E 42 -128.78 -2.08 5.57
C ALA E 42 -128.28 -3.26 6.37
N VAL E 43 -128.96 -4.41 6.27
CA VAL E 43 -128.73 -5.53 7.17
C VAL E 43 -128.48 -6.84 6.43
N GLN E 44 -127.98 -6.79 5.20
CA GLN E 44 -127.67 -8.03 4.48
C GLN E 44 -126.60 -7.77 3.44
N GLU E 45 -125.86 -8.84 3.11
CA GLU E 45 -124.81 -8.81 2.11
C GLU E 45 -125.40 -8.88 0.71
N PRO E 46 -124.70 -8.33 -0.30
CA PRO E 46 -125.28 -8.25 -1.64
C PRO E 46 -125.67 -9.60 -2.25
N ILE E 47 -124.87 -10.65 -2.03
CA ILE E 47 -125.08 -11.91 -2.72
C ILE E 47 -125.09 -13.07 -1.72
N ASP E 48 -125.66 -14.19 -2.14
CA ASP E 48 -125.62 -15.44 -1.41
C ASP E 48 -125.22 -16.54 -2.39
N VAL E 49 -124.39 -17.47 -1.93
CA VAL E 49 -123.80 -18.48 -2.80
C VAL E 49 -124.10 -19.87 -2.24
N GLU E 50 -124.57 -20.77 -3.09
CA GLU E 50 -124.87 -22.15 -2.72
C GLU E 50 -124.24 -23.09 -3.74
N SER E 51 -123.71 -24.21 -3.26
CA SER E 51 -122.91 -25.13 -4.07
C SER E 51 -123.65 -26.43 -4.31
N HIS E 52 -123.50 -26.98 -5.52
CA HIS E 52 -124.08 -28.27 -5.88
C HIS E 52 -123.08 -29.09 -6.70
N LEU E 53 -121.82 -29.12 -6.27
CA LEU E 53 -120.79 -29.89 -6.96
C LEU E 53 -120.80 -31.31 -6.40
N ASP E 54 -121.53 -32.20 -7.07
CA ASP E 54 -121.74 -33.56 -6.61
C ASP E 54 -121.29 -34.60 -7.64
N ASN E 55 -120.12 -34.37 -8.24
CA ASN E 55 -119.49 -35.36 -9.11
C ASN E 55 -118.02 -35.49 -8.74
N THR E 56 -117.48 -36.68 -8.97
CA THR E 56 -116.12 -37.01 -8.56
C THR E 56 -115.26 -37.30 -9.78
N ILE E 57 -114.08 -36.66 -9.83
CA ILE E 57 -113.08 -36.97 -10.84
C ILE E 57 -112.40 -38.27 -10.42
N ALA E 58 -112.76 -39.37 -11.08
CA ALA E 58 -112.27 -40.71 -10.71
C ALA E 58 -111.69 -41.40 -11.94
N PRO E 59 -110.50 -41.01 -12.37
CA PRO E 59 -109.81 -41.74 -13.43
C PRO E 59 -108.86 -42.79 -12.86
N ALA E 60 -108.27 -43.56 -13.76
CA ALA E 60 -107.21 -44.47 -13.38
C ALA E 60 -105.90 -43.70 -13.23
N ALA E 61 -104.90 -44.36 -12.64
CA ALA E 61 -103.62 -43.72 -12.39
C ALA E 61 -102.92 -43.42 -13.71
N GLY E 62 -102.55 -42.16 -13.92
CA GLY E 62 -101.82 -41.76 -15.10
C GLY E 62 -102.65 -41.55 -16.35
N ALA E 63 -103.98 -41.55 -16.23
CA ALA E 63 -104.86 -41.44 -17.37
C ALA E 63 -105.17 -39.99 -17.70
N GLN E 64 -105.54 -39.75 -18.95
CA GLN E 64 -105.99 -38.45 -19.44
C GLN E 64 -107.49 -38.50 -19.65
N GLY E 65 -108.20 -37.52 -19.08
CA GLY E 65 -109.65 -37.63 -19.04
C GLY E 65 -110.45 -36.39 -19.37
N TYR E 66 -111.75 -36.45 -19.09
CA TYR E 66 -112.72 -35.42 -19.46
C TYR E 66 -113.96 -35.60 -18.60
N LYS E 67 -114.28 -34.61 -17.77
CA LYS E 67 -115.32 -34.80 -16.76
C LYS E 67 -116.02 -33.48 -16.47
N ASP E 68 -117.29 -33.58 -16.09
CA ASP E 68 -118.06 -32.45 -15.58
C ASP E 68 -118.36 -32.68 -14.10
N MET E 69 -118.67 -31.59 -13.38
CA MET E 69 -118.73 -31.64 -11.92
C MET E 69 -120.11 -31.31 -11.36
N GLY E 70 -120.70 -30.20 -11.76
CA GLY E 70 -121.96 -29.75 -11.18
C GLY E 70 -122.18 -28.28 -11.51
N TYR E 71 -122.96 -27.62 -10.66
CA TYR E 71 -123.25 -26.20 -10.88
C TYR E 71 -123.36 -25.48 -9.54
N VAL E 72 -123.23 -24.16 -9.60
CA VAL E 72 -123.24 -23.30 -8.43
C VAL E 72 -124.29 -22.21 -8.61
N LYS E 73 -125.04 -21.92 -7.55
CA LYS E 73 -126.11 -20.93 -7.58
C LYS E 73 -125.69 -19.65 -6.86
N ILE E 74 -126.02 -18.51 -7.46
CA ILE E 74 -125.74 -17.19 -6.90
C ILE E 74 -127.06 -16.44 -6.79
N ILE E 75 -127.30 -15.80 -5.65
CA ILE E 75 -128.54 -15.08 -5.39
C ILE E 75 -128.21 -13.61 -5.14
N ASN E 76 -128.95 -12.73 -5.81
CA ASN E 76 -128.74 -11.29 -5.75
C ASN E 76 -129.96 -10.58 -5.16
N TYR E 77 -129.69 -9.54 -4.36
CA TYR E 77 -130.65 -8.95 -3.44
C TYR E 77 -130.98 -7.50 -3.83
N THR E 78 -131.69 -6.82 -2.93
CA THR E 78 -132.36 -5.57 -3.25
C THR E 78 -131.41 -4.53 -3.80
N ASP E 79 -131.85 -3.85 -4.87
CA ASP E 79 -131.14 -2.73 -5.48
C ASP E 79 -129.78 -3.11 -6.03
N VAL E 80 -129.62 -4.38 -6.43
CA VAL E 80 -128.38 -4.88 -7.02
C VAL E 80 -128.64 -5.16 -8.48
N ASN E 81 -127.76 -4.67 -9.35
CA ASN E 81 -127.90 -4.88 -10.79
C ASN E 81 -126.67 -5.50 -11.42
N VAL E 82 -125.47 -5.12 -11.01
CA VAL E 82 -124.22 -5.61 -11.60
C VAL E 82 -123.28 -6.00 -10.47
N VAL E 83 -122.65 -7.17 -10.60
CA VAL E 83 -121.74 -7.69 -9.60
C VAL E 83 -120.41 -8.04 -10.26
N LYS E 84 -119.31 -7.64 -9.64
CA LYS E 84 -117.96 -7.99 -10.06
C LYS E 84 -117.39 -9.00 -9.07
N LEU E 85 -116.89 -10.12 -9.58
CA LEU E 85 -116.47 -11.23 -8.74
C LEU E 85 -115.05 -11.66 -9.10
N LYS E 86 -114.37 -12.26 -8.12
CA LYS E 86 -113.06 -12.85 -8.30
C LYS E 86 -113.10 -14.29 -7.80
N VAL E 87 -112.68 -15.22 -8.64
CA VAL E 87 -112.73 -16.65 -8.33
C VAL E 87 -111.31 -17.20 -8.37
N THR E 88 -110.95 -17.98 -7.36
CA THR E 88 -109.60 -18.52 -7.23
C THR E 88 -109.67 -19.94 -6.70
N LEU E 89 -108.57 -20.68 -6.91
CA LEU E 89 -108.41 -22.02 -6.37
C LEU E 89 -107.68 -21.92 -5.04
N ALA E 90 -108.37 -22.28 -3.96
CA ALA E 90 -107.83 -22.07 -2.62
C ALA E 90 -106.73 -23.05 -2.27
N ASN E 91 -106.84 -24.30 -2.72
CA ASN E 91 -105.89 -25.34 -2.34
C ASN E 91 -105.11 -25.86 -3.54
N ALA E 92 -104.64 -24.95 -4.39
CA ALA E 92 -103.87 -25.35 -5.57
C ALA E 92 -102.54 -25.98 -5.17
N ALA E 93 -101.93 -25.51 -4.08
CA ALA E 93 -100.65 -26.04 -3.65
C ALA E 93 -100.76 -27.51 -3.25
N GLN E 94 -101.86 -27.87 -2.57
CA GLN E 94 -102.05 -29.25 -2.16
C GLN E 94 -102.26 -30.18 -3.35
N LEU E 95 -102.91 -29.71 -4.41
CA LEU E 95 -103.22 -30.52 -5.57
C LEU E 95 -102.05 -30.68 -6.53
N ARG E 96 -100.97 -29.91 -6.36
CA ARG E 96 -99.85 -30.00 -7.29
C ARG E 96 -99.20 -31.38 -7.35
N PRO E 97 -98.87 -32.06 -6.24
CA PRO E 97 -98.20 -33.37 -6.36
C PRO E 97 -99.06 -34.45 -6.99
N TYR E 98 -100.36 -34.23 -7.15
CA TYR E 98 -101.26 -35.27 -7.65
C TYR E 98 -101.60 -35.13 -9.13
N PHE E 99 -101.28 -34.00 -9.76
CA PHE E 99 -101.69 -33.75 -11.14
C PHE E 99 -100.55 -33.13 -11.92
N LYS E 100 -100.44 -33.53 -13.19
CA LYS E 100 -99.59 -32.79 -14.12
C LYS E 100 -100.23 -31.49 -14.57
N TYR E 101 -101.54 -31.51 -14.81
CA TYR E 101 -102.28 -30.30 -15.14
C TYR E 101 -103.75 -30.52 -14.80
N LEU E 102 -104.45 -29.42 -14.54
CA LEU E 102 -105.87 -29.45 -14.22
C LEU E 102 -106.48 -28.11 -14.57
N GLN E 103 -107.50 -28.11 -15.42
CA GLN E 103 -108.13 -26.88 -15.89
C GLN E 103 -109.62 -26.92 -15.62
N LEU E 104 -110.16 -25.80 -15.15
CA LEU E 104 -111.58 -25.67 -14.85
C LEU E 104 -112.18 -24.60 -15.76
N VAL E 105 -113.33 -24.91 -16.36
CA VAL E 105 -114.03 -24.02 -17.28
C VAL E 105 -115.38 -23.67 -16.68
N LEU E 106 -115.65 -22.36 -16.57
CA LEU E 106 -116.90 -21.85 -16.01
C LEU E 106 -117.71 -21.19 -17.11
N THR E 107 -118.98 -21.57 -17.22
CA THR E 107 -119.87 -21.03 -18.24
C THR E 107 -121.17 -20.57 -17.60
N SER E 108 -121.67 -19.43 -18.05
CA SER E 108 -122.97 -18.91 -17.62
C SER E 108 -124.04 -19.41 -18.59
N ASN E 109 -125.12 -19.96 -18.03
CA ASN E 109 -126.14 -20.66 -18.79
C ASN E 109 -127.54 -20.24 -18.36
N ALA E 110 -127.66 -19.54 -17.22
CA ALA E 110 -128.96 -19.28 -16.60
C ALA E 110 -129.94 -18.63 -17.58
N SER E 111 -129.44 -17.88 -18.57
CA SER E 111 -130.23 -17.43 -19.70
C SER E 111 -130.20 -18.50 -20.79
N SER E 112 -131.37 -19.03 -21.14
CA SER E 112 -131.45 -20.08 -22.15
C SER E 112 -131.03 -19.59 -23.52
N THR E 113 -131.02 -18.28 -23.75
CA THR E 113 -130.62 -17.73 -25.03
C THR E 113 -129.14 -17.39 -25.12
N VAL E 114 -128.51 -17.04 -24.00
CA VAL E 114 -127.13 -16.59 -23.98
C VAL E 114 -126.32 -17.53 -23.09
N GLU E 115 -125.60 -18.47 -23.70
CA GLU E 115 -124.60 -19.28 -23.03
C GLU E 115 -123.23 -18.65 -23.26
N GLU E 116 -122.49 -18.42 -22.17
CA GLU E 116 -121.16 -17.81 -22.27
C GLU E 116 -120.20 -18.45 -21.28
N THR E 117 -119.00 -18.79 -21.77
CA THR E 117 -117.89 -19.16 -20.91
C THR E 117 -117.20 -17.91 -20.41
N LYS E 118 -117.00 -17.81 -19.10
CA LYS E 118 -116.51 -16.59 -18.47
C LYS E 118 -115.04 -16.65 -18.07
N ALA E 119 -114.56 -17.79 -17.56
CA ALA E 119 -113.18 -17.86 -17.11
C ALA E 119 -112.68 -19.30 -17.22
N VAL E 120 -111.35 -19.43 -17.28
CA VAL E 120 -110.66 -20.71 -17.26
C VAL E 120 -109.62 -20.65 -16.15
N LEU E 121 -109.67 -21.61 -15.23
CA LEU E 121 -108.75 -21.68 -14.11
C LEU E 121 -107.81 -22.87 -14.28
N SER E 122 -106.59 -22.71 -13.77
CA SER E 122 -105.57 -23.75 -13.88
C SER E 122 -104.68 -23.69 -12.65
N LEU E 123 -103.83 -24.70 -12.51
CA LEU E 123 -102.92 -24.77 -11.37
C LEU E 123 -101.80 -23.74 -11.47
N LYS E 124 -101.51 -23.23 -12.67
CA LYS E 124 -100.48 -22.21 -12.84
C LYS E 124 -101.04 -20.80 -12.74
N LYS E 125 -102.29 -20.59 -13.14
CA LYS E 125 -102.97 -19.30 -13.05
C LYS E 125 -104.30 -19.53 -12.35
N PRO E 126 -104.31 -19.53 -11.01
CA PRO E 126 -105.51 -19.97 -10.27
C PRO E 126 -106.62 -18.94 -10.19
N SER E 127 -106.37 -17.67 -10.49
CA SER E 127 -107.33 -16.60 -10.23
C SER E 127 -107.84 -16.00 -11.54
N ALA E 128 -109.08 -15.52 -11.50
CA ALA E 128 -109.70 -14.87 -12.64
C ALA E 128 -110.77 -13.91 -12.14
N VAL E 129 -111.13 -12.96 -12.99
CA VAL E 129 -112.14 -11.95 -12.69
C VAL E 129 -113.22 -12.01 -13.76
N ILE E 130 -114.48 -12.08 -13.34
CA ILE E 130 -115.61 -12.20 -14.25
C ILE E 130 -116.62 -11.10 -13.96
N ILE E 131 -117.51 -10.88 -14.93
CA ILE E 131 -118.53 -9.84 -14.85
C ILE E 131 -119.89 -10.48 -15.09
N LEU E 132 -120.85 -10.18 -14.23
CA LEU E 132 -122.24 -10.60 -14.40
C LEU E 132 -123.11 -9.36 -14.57
N ASP E 133 -123.94 -9.36 -15.61
CA ASP E 133 -124.74 -8.19 -15.94
C ASP E 133 -126.22 -8.52 -16.11
N ASN E 134 -126.98 -7.56 -16.66
CA ASN E 134 -128.43 -7.72 -16.78
C ASN E 134 -128.81 -8.96 -17.58
N ASP E 135 -128.01 -9.32 -18.59
CA ASP E 135 -128.35 -10.48 -19.41
C ASP E 135 -128.21 -11.78 -18.64
N ASP E 136 -127.25 -11.86 -17.72
CA ASP E 136 -127.02 -13.11 -17.00
C ASP E 136 -128.14 -13.39 -16.00
N TYR E 137 -128.66 -12.35 -15.35
CA TYR E 137 -129.64 -12.51 -14.28
C TYR E 137 -131.00 -12.94 -14.81
N SER E 138 -131.10 -14.17 -15.30
CA SER E 138 -132.38 -14.73 -15.70
C SER E 138 -133.18 -15.12 -14.47
N SER E 139 -134.51 -15.13 -14.63
CA SER E 139 -135.47 -15.22 -13.53
C SER E 139 -135.32 -14.07 -12.54
N THR E 140 -134.50 -13.08 -12.87
CA THR E 140 -134.30 -11.83 -12.13
C THR E 140 -133.66 -12.03 -10.77
N ASN E 141 -133.36 -13.27 -10.38
CA ASN E 141 -132.93 -13.53 -9.01
C ASN E 141 -131.74 -14.48 -8.86
N LYS E 142 -131.28 -15.16 -9.90
CA LYS E 142 -130.24 -16.16 -9.68
C LYS E 142 -129.36 -16.35 -10.90
N ILE E 143 -128.14 -16.80 -10.64
CA ILE E 143 -127.14 -17.17 -11.64
C ILE E 143 -126.83 -18.66 -11.49
N GLN E 144 -126.73 -19.36 -12.62
CA GLN E 144 -126.35 -20.77 -12.65
C GLN E 144 -125.06 -20.91 -13.44
N LEU E 145 -124.05 -21.53 -12.82
CA LEU E 145 -122.73 -21.73 -13.41
C LEU E 145 -122.29 -23.15 -13.17
N LYS E 146 -122.13 -23.93 -14.24
CA LYS E 146 -121.55 -25.25 -14.14
C LYS E 146 -120.04 -25.21 -14.35
N VAL E 147 -119.37 -26.26 -13.87
CA VAL E 147 -117.91 -26.36 -13.87
C VAL E 147 -117.50 -27.45 -14.83
N GLU E 148 -116.50 -27.16 -15.66
CA GLU E 148 -115.98 -28.15 -16.60
C GLU E 148 -114.51 -28.38 -16.31
N ALA E 149 -114.11 -29.65 -16.24
CA ALA E 149 -112.77 -30.03 -15.80
C ALA E 149 -112.05 -30.82 -16.88
N TYR E 150 -110.76 -30.49 -17.07
CA TYR E 150 -109.84 -31.27 -17.89
C TYR E 150 -108.62 -31.58 -17.04
N TYR E 151 -108.11 -32.80 -17.14
CA TYR E 151 -107.10 -33.25 -16.19
C TYR E 151 -106.23 -34.34 -16.81
N GLU E 152 -105.05 -34.52 -16.19
CA GLU E 152 -104.20 -35.68 -16.41
C GLU E 152 -103.57 -36.05 -15.09
N ALA E 153 -103.75 -37.30 -14.67
CA ALA E 153 -103.28 -37.76 -13.38
C ALA E 153 -101.81 -38.15 -13.43
N LYS E 154 -101.15 -38.06 -12.28
CA LYS E 154 -99.75 -38.46 -12.18
C LYS E 154 -99.61 -39.97 -12.34
N GLU E 155 -98.44 -40.40 -12.81
CA GLU E 155 -98.18 -41.80 -13.11
C GLU E 155 -97.96 -42.57 -11.81
N GLY E 156 -98.77 -43.61 -11.59
CA GLY E 156 -98.56 -44.50 -10.48
C GLY E 156 -98.93 -43.95 -9.12
N MET E 157 -99.79 -42.95 -9.04
CA MET E 157 -100.19 -42.34 -7.78
C MET E 157 -101.62 -42.77 -7.45
N LEU E 158 -101.81 -43.30 -6.25
CA LEU E 158 -103.11 -43.77 -5.79
C LEU E 158 -103.52 -43.00 -4.54
N PHE E 159 -104.79 -42.60 -4.48
CA PHE E 159 -105.29 -41.79 -3.39
C PHE E 159 -106.81 -41.83 -3.40
N ASP E 160 -107.41 -41.29 -2.34
CA ASP E 160 -108.86 -41.20 -2.25
C ASP E 160 -109.21 -40.10 -1.25
N SER E 161 -110.44 -39.60 -1.37
CA SER E 161 -110.98 -38.58 -0.48
C SER E 161 -110.12 -37.32 -0.48
N LEU E 162 -109.95 -36.73 -1.67
CA LEU E 162 -109.19 -35.50 -1.84
C LEU E 162 -110.12 -34.37 -2.24
N PRO E 163 -110.24 -33.30 -1.47
CA PRO E 163 -111.18 -32.23 -1.80
C PRO E 163 -110.59 -31.17 -2.71
N VAL E 164 -111.49 -30.55 -3.48
CA VAL E 164 -111.17 -29.40 -4.33
C VAL E 164 -112.03 -28.23 -3.88
N ILE E 165 -111.40 -27.09 -3.62
CA ILE E 165 -112.04 -25.95 -2.98
C ILE E 165 -111.95 -24.74 -3.89
N LEU E 166 -113.05 -24.01 -4.03
CA LEU E 166 -113.10 -22.75 -4.76
C LEU E 166 -113.60 -21.66 -3.82
N ASN E 167 -113.10 -20.44 -4.04
CA ASN E 167 -113.43 -19.30 -3.18
C ASN E 167 -113.95 -18.14 -4.02
N PHE E 168 -114.87 -17.37 -3.45
CA PHE E 168 -115.47 -16.22 -4.10
C PHE E 168 -115.27 -14.97 -3.25
N GLN E 169 -114.99 -13.85 -3.92
CA GLN E 169 -114.84 -12.56 -3.26
C GLN E 169 -115.46 -11.47 -4.13
N VAL E 170 -116.20 -10.58 -3.49
CA VAL E 170 -116.90 -9.49 -4.17
C VAL E 170 -115.98 -8.28 -4.20
N LEU E 171 -115.78 -7.71 -5.39
CA LEU E 171 -114.95 -6.52 -5.55
C LEU E 171 -115.76 -5.24 -5.69
N SER E 172 -116.90 -5.28 -6.36
CA SER E 172 -117.73 -4.10 -6.54
C SER E 172 -119.13 -4.55 -6.94
N VAL E 173 -120.14 -3.84 -6.44
CA VAL E 173 -121.53 -4.10 -6.77
C VAL E 173 -122.23 -2.77 -7.04
N SER E 174 -123.19 -2.80 -7.95
CA SER E 174 -123.94 -1.60 -8.30
C SER E 174 -125.36 -1.96 -8.73
N THR F 26 -139.49 39.44 49.92
CA THR F 26 -138.66 39.82 48.80
C THR F 26 -137.58 38.77 48.54
N THR F 27 -137.91 37.76 47.74
CA THR F 27 -137.01 36.66 47.44
C THR F 27 -136.78 36.59 45.93
N GLN F 28 -135.52 36.44 45.54
CA GLN F 28 -135.13 36.33 44.14
C GLN F 28 -134.84 34.87 43.82
N SER F 29 -135.51 34.34 42.80
CA SER F 29 -135.37 32.93 42.49
C SER F 29 -134.54 32.72 41.22
N PRO F 30 -133.72 31.67 41.17
CA PRO F 30 -132.94 31.40 39.95
C PRO F 30 -133.73 30.67 38.87
N LEU F 31 -134.83 30.01 39.23
CA LEU F 31 -135.74 29.39 38.27
C LEU F 31 -135.05 28.26 37.48
N ASN F 32 -134.36 27.38 38.20
CA ASN F 32 -133.71 26.24 37.56
C ASN F 32 -133.82 24.97 38.40
N SER F 33 -134.80 24.91 39.30
CA SER F 33 -134.98 23.76 40.18
C SER F 33 -136.01 22.77 39.62
N PHE F 34 -135.69 22.22 38.45
CA PHE F 34 -136.55 21.23 37.80
C PHE F 34 -135.70 20.11 37.23
N TYR F 35 -136.12 18.86 37.44
CA TYR F 35 -135.34 17.71 37.01
C TYR F 35 -136.26 16.58 36.59
N ALA F 36 -135.71 15.67 35.79
CA ALA F 36 -136.36 14.44 35.39
C ALA F 36 -135.29 13.37 35.22
N THR F 37 -135.63 12.13 35.58
CA THR F 37 -134.63 11.07 35.70
C THR F 37 -135.10 9.80 35.00
N GLY F 38 -134.17 9.13 34.32
CA GLY F 38 -134.40 7.82 33.75
C GLY F 38 -133.30 6.84 34.12
N THR F 39 -133.30 5.65 33.54
CA THR F 39 -132.31 4.63 33.88
C THR F 39 -131.97 3.82 32.64
N ALA F 40 -130.82 3.13 32.70
CA ALA F 40 -130.37 2.26 31.63
C ALA F 40 -129.49 1.17 32.22
N GLN F 41 -129.34 0.07 31.48
CA GLN F 41 -128.55 -1.07 31.96
C GLN F 41 -128.16 -1.95 30.78
N ALA F 42 -127.17 -2.82 31.04
CA ALA F 42 -126.76 -3.84 30.08
C ALA F 42 -126.05 -4.93 30.87
N VAL F 43 -126.69 -6.10 31.00
CA VAL F 43 -126.23 -7.12 31.94
C VAL F 43 -126.05 -8.48 31.28
N GLN F 44 -125.77 -8.53 29.98
CA GLN F 44 -125.53 -9.82 29.34
C GLN F 44 -124.68 -9.62 28.09
N GLU F 45 -123.96 -10.69 27.73
CA GLU F 45 -123.10 -10.71 26.55
C GLU F 45 -123.93 -10.95 25.28
N PRO F 46 -123.45 -10.47 24.13
CA PRO F 46 -124.27 -10.55 22.91
C PRO F 46 -124.68 -11.95 22.51
N ILE F 47 -123.80 -12.95 22.67
CA ILE F 47 -124.06 -14.28 22.14
C ILE F 47 -123.82 -15.33 23.23
N ASP F 48 -124.40 -16.51 23.01
CA ASP F 48 -124.15 -17.68 23.83
C ASP F 48 -123.88 -18.85 22.90
N VAL F 49 -122.92 -19.71 23.27
CA VAL F 49 -122.44 -20.77 22.41
C VAL F 49 -122.57 -22.11 23.13
N GLU F 50 -123.13 -23.11 22.46
CA GLU F 50 -123.27 -24.45 23.01
C GLU F 50 -122.78 -25.45 21.97
N SER F 51 -122.11 -26.51 22.45
CA SER F 51 -121.42 -27.46 21.58
C SER F 51 -122.13 -28.82 21.60
N HIS F 52 -122.16 -29.47 20.44
CA HIS F 52 -122.72 -30.81 20.30
C HIS F 52 -121.85 -31.67 19.38
N LEU F 53 -120.53 -31.61 19.57
CA LEU F 53 -119.59 -32.40 18.78
C LEU F 53 -119.42 -33.76 19.46
N ASP F 54 -120.21 -34.74 19.01
CA ASP F 54 -120.26 -36.06 19.63
C ASP F 54 -119.94 -37.16 18.62
N ASN F 55 -118.91 -36.95 17.80
CA ASN F 55 -118.40 -37.99 16.92
C ASN F 55 -116.88 -38.03 17.02
N THR F 56 -116.32 -39.21 16.80
CA THR F 56 -114.89 -39.45 16.98
C THR F 56 -114.25 -39.82 15.65
N ILE F 57 -113.14 -39.15 15.33
CA ILE F 57 -112.32 -39.51 14.19
C ILE F 57 -111.51 -40.74 14.59
N ALA F 58 -111.91 -41.91 14.10
CA ALA F 58 -111.29 -43.18 14.48
C ALA F 58 -110.91 -43.97 13.25
N PRO F 59 -109.84 -43.57 12.57
CA PRO F 59 -109.31 -44.37 11.46
C PRO F 59 -108.21 -45.33 11.94
N ALA F 60 -107.75 -46.16 11.02
CA ALA F 60 -106.58 -46.98 11.28
C ALA F 60 -105.31 -46.15 11.12
N ALA F 61 -104.20 -46.72 11.57
CA ALA F 61 -102.93 -46.00 11.51
C ALA F 61 -102.49 -45.81 10.07
N GLY F 62 -102.24 -44.56 9.69
CA GLY F 62 -101.76 -44.25 8.36
C GLY F 62 -102.82 -44.20 7.28
N ALA F 63 -104.09 -44.23 7.64
CA ALA F 63 -105.17 -44.27 6.67
C ALA F 63 -105.61 -42.86 6.28
N GLN F 64 -106.22 -42.77 5.10
CA GLN F 64 -106.80 -41.54 4.59
C GLN F 64 -108.33 -41.66 4.67
N GLY F 65 -108.98 -40.66 5.27
CA GLY F 65 -110.38 -40.82 5.58
C GLY F 65 -111.30 -39.65 5.29
N TYR F 66 -112.52 -39.74 5.81
CA TYR F 66 -113.60 -38.79 5.54
C TYR F 66 -114.66 -38.93 6.63
N LYS F 67 -114.89 -37.88 7.41
CA LYS F 67 -115.70 -38.02 8.61
C LYS F 67 -116.42 -36.70 8.90
N ASP F 68 -117.59 -36.81 9.52
CA ASP F 68 -118.32 -35.67 10.07
C ASP F 68 -118.34 -35.76 11.59
N MET F 69 -118.57 -34.63 12.26
CA MET F 69 -118.37 -34.54 13.70
C MET F 69 -119.64 -34.21 14.48
N GLY F 70 -120.35 -33.17 14.09
CA GLY F 70 -121.51 -32.71 14.86
C GLY F 70 -121.86 -31.30 14.44
N TYR F 71 -122.51 -30.58 15.35
CA TYR F 71 -122.93 -29.21 15.08
C TYR F 71 -122.82 -28.37 16.33
N VAL F 72 -122.80 -27.05 16.14
CA VAL F 72 -122.64 -26.08 17.22
C VAL F 72 -123.77 -25.06 17.13
N LYS F 73 -124.32 -24.69 18.29
CA LYS F 73 -125.43 -23.75 18.37
C LYS F 73 -124.97 -22.40 18.88
N ILE F 74 -125.47 -21.34 18.25
CA ILE F 74 -125.16 -19.96 18.64
C ILE F 74 -126.48 -19.25 18.91
N ILE F 75 -126.55 -18.51 20.02
CA ILE F 75 -127.76 -17.82 20.44
C ILE F 75 -127.48 -16.32 20.49
N ASN F 76 -128.37 -15.54 19.91
CA ASN F 76 -128.24 -14.09 19.79
C ASN F 76 -129.36 -13.39 20.54
N TYR F 77 -129.02 -12.26 21.17
CA TYR F 77 -129.82 -11.63 22.20
C TYR F 77 -130.30 -10.24 21.75
N THR F 78 -130.87 -9.50 22.70
CA THR F 78 -131.67 -8.31 22.41
C THR F 78 -130.89 -7.29 21.60
N ASP F 79 -131.54 -6.74 20.58
CA ASP F 79 -131.03 -5.65 19.75
C ASP F 79 -129.76 -6.04 18.99
N VAL F 80 -129.60 -7.32 18.68
CA VAL F 80 -128.47 -7.83 17.92
C VAL F 80 -128.97 -8.27 16.56
N ASN F 81 -128.30 -7.82 15.51
CA ASN F 81 -128.67 -8.17 14.15
C ASN F 81 -127.54 -8.82 13.35
N VAL F 82 -126.32 -8.34 13.50
CA VAL F 82 -125.17 -8.84 12.74
C VAL F 82 -124.01 -9.08 13.70
N VAL F 83 -123.35 -10.23 13.56
CA VAL F 83 -122.25 -10.62 14.42
C VAL F 83 -121.04 -10.98 13.56
N LYS F 84 -119.87 -10.47 13.94
CA LYS F 84 -118.61 -10.81 13.31
C LYS F 84 -117.81 -11.69 14.25
N LEU F 85 -117.35 -12.84 13.76
CA LEU F 85 -116.72 -13.84 14.60
C LEU F 85 -115.37 -14.25 14.02
N LYS F 86 -114.50 -14.72 14.91
CA LYS F 86 -113.20 -15.28 14.55
C LYS F 86 -113.08 -16.66 15.17
N VAL F 87 -112.76 -17.66 14.35
CA VAL F 87 -112.67 -19.05 14.80
C VAL F 87 -111.25 -19.54 14.53
N THR F 88 -110.67 -20.20 15.54
CA THR F 88 -109.29 -20.68 15.46
C THR F 88 -109.18 -22.05 16.11
N LEU F 89 -108.11 -22.75 15.77
CA LEU F 89 -107.77 -24.03 16.38
C LEU F 89 -106.82 -23.76 17.54
N ALA F 90 -107.29 -24.06 18.77
CA ALA F 90 -106.53 -23.69 19.96
C ALA F 90 -105.32 -24.59 20.17
N ASN F 91 -105.45 -25.88 19.87
CA ASN F 91 -104.39 -26.83 20.16
C ASN F 91 -103.81 -27.44 18.90
N ALA F 92 -103.56 -26.60 17.89
CA ALA F 92 -102.98 -27.08 16.63
C ALA F 92 -101.57 -27.61 16.83
N ALA F 93 -100.80 -27.01 17.74
CA ALA F 93 -99.43 -27.46 17.98
C ALA F 93 -99.40 -28.88 18.52
N GLN F 94 -100.33 -29.22 19.41
CA GLN F 94 -100.37 -30.57 19.97
C GLN F 94 -100.73 -31.61 18.93
N LEU F 95 -101.58 -31.26 17.97
CA LEU F 95 -102.05 -32.20 16.96
C LEU F 95 -101.07 -32.42 15.82
N ARG F 96 -100.03 -31.58 15.72
CA ARG F 96 -99.08 -31.72 14.61
C ARG F 96 -98.37 -33.07 14.55
N PRO F 97 -97.82 -33.62 15.63
CA PRO F 97 -97.11 -34.91 15.51
C PRO F 97 -98.00 -36.08 15.14
N TYR F 98 -99.32 -35.93 15.22
CA TYR F 98 -100.24 -37.05 14.98
C TYR F 98 -100.84 -37.07 13.58
N PHE F 99 -100.71 -35.99 12.81
CA PHE F 99 -101.37 -35.89 11.52
C PHE F 99 -100.43 -35.30 10.48
N LYS F 100 -100.53 -35.82 9.26
CA LYS F 100 -99.89 -35.15 8.12
C LYS F 100 -100.69 -33.92 7.69
N TYR F 101 -102.01 -34.01 7.69
CA TYR F 101 -102.86 -32.86 7.41
C TYR F 101 -104.24 -33.11 8.03
N LEU F 102 -104.94 -32.02 8.31
CA LEU F 102 -106.27 -32.08 8.89
C LEU F 102 -107.00 -30.79 8.55
N GLN F 103 -108.16 -30.92 7.90
CA GLN F 103 -108.93 -29.77 7.45
C GLN F 103 -110.35 -29.85 7.99
N LEU F 104 -110.86 -28.70 8.45
CA LEU F 104 -112.21 -28.59 8.99
C LEU F 104 -113.02 -27.65 8.12
N VAL F 105 -114.24 -28.06 7.77
CA VAL F 105 -115.14 -27.29 6.92
C VAL F 105 -116.38 -26.93 7.73
N LEU F 106 -116.69 -25.64 7.76
CA LEU F 106 -117.84 -25.13 8.50
C LEU F 106 -118.88 -24.61 7.51
N THR F 107 -120.12 -25.05 7.67
CA THR F 107 -121.22 -24.64 6.79
C THR F 107 -122.41 -24.17 7.61
N SER F 108 -123.05 -23.10 7.16
CA SER F 108 -124.26 -22.60 7.78
C SER F 108 -125.46 -23.24 7.08
N ASN F 109 -126.39 -23.76 7.87
CA ASN F 109 -127.50 -24.58 7.38
C ASN F 109 -128.82 -24.17 8.02
N ALA F 110 -128.77 -23.37 9.09
CA ALA F 110 -129.95 -23.09 9.91
C ALA F 110 -131.13 -22.59 9.08
N SER F 111 -130.84 -21.93 7.95
CA SER F 111 -131.85 -21.62 6.95
C SER F 111 -131.96 -22.78 5.97
N SER F 112 -133.15 -23.38 5.89
CA SER F 112 -133.34 -24.53 5.02
C SER F 112 -133.21 -24.17 3.54
N THR F 113 -133.31 -22.88 3.21
CA THR F 113 -133.19 -22.44 1.82
C THR F 113 -131.76 -22.05 1.44
N VAL F 114 -130.96 -21.57 2.40
CA VAL F 114 -129.62 -21.07 2.12
C VAL F 114 -128.62 -21.88 2.93
N GLU F 115 -127.97 -22.84 2.27
CA GLU F 115 -126.82 -23.55 2.83
C GLU F 115 -125.55 -22.89 2.29
N GLU F 116 -124.63 -22.54 3.20
CA GLU F 116 -123.39 -21.88 2.81
C GLU F 116 -122.23 -22.38 3.65
N THR F 117 -121.13 -22.72 2.98
CA THR F 117 -119.87 -22.97 3.65
C THR F 117 -119.16 -21.64 3.90
N LYS F 118 -118.74 -21.42 5.14
CA LYS F 118 -118.20 -20.12 5.54
C LYS F 118 -116.69 -20.08 5.68
N ALA F 119 -116.06 -21.14 6.19
CA ALA F 119 -114.62 -21.12 6.39
C ALA F 119 -114.07 -22.53 6.32
N VAL F 120 -112.76 -22.61 6.02
CA VAL F 120 -112.02 -23.86 6.03
C VAL F 120 -110.80 -23.66 6.92
N LEU F 121 -110.63 -24.53 7.91
CA LEU F 121 -109.52 -24.45 8.84
C LEU F 121 -108.56 -25.61 8.61
N SER F 122 -107.28 -25.36 8.87
CA SER F 122 -106.24 -26.36 8.67
C SER F 122 -105.14 -26.14 9.69
N LEU F 123 -104.23 -27.11 9.77
CA LEU F 123 -103.12 -27.02 10.72
C LEU F 123 -102.11 -25.97 10.33
N LYS F 124 -102.06 -25.58 9.06
CA LYS F 124 -101.14 -24.53 8.62
C LYS F 124 -101.75 -23.14 8.69
N LYS F 125 -103.07 -23.02 8.50
CA LYS F 125 -103.78 -21.75 8.61
C LYS F 125 -104.95 -21.97 9.56
N PRO F 126 -104.73 -21.84 10.88
CA PRO F 126 -105.75 -22.26 11.85
C PRO F 126 -106.88 -21.26 12.06
N SER F 127 -106.76 -20.02 11.59
CA SER F 127 -107.71 -18.98 11.92
C SER F 127 -108.47 -18.52 10.69
N ALA F 128 -109.72 -18.10 10.91
CA ALA F 128 -110.58 -17.57 9.86
C ALA F 128 -111.59 -16.61 10.46
N VAL F 129 -112.15 -15.76 9.61
CA VAL F 129 -113.15 -14.77 10.00
C VAL F 129 -114.38 -14.98 9.15
N ILE F 130 -115.55 -15.05 9.81
CA ILE F 130 -116.82 -15.31 9.14
C ILE F 130 -117.81 -14.22 9.50
N ILE F 131 -118.88 -14.13 8.70
CA ILE F 131 -119.92 -13.13 8.88
C ILE F 131 -121.27 -13.84 8.94
N LEU F 132 -122.07 -13.50 9.95
CA LEU F 132 -123.44 -13.99 10.07
C LEU F 132 -124.39 -12.80 9.96
N ASP F 133 -125.40 -12.94 9.09
CA ASP F 133 -126.31 -11.84 8.81
C ASP F 133 -127.78 -12.24 8.94
N ASN F 134 -128.68 -11.37 8.46
CA ASN F 134 -130.11 -11.60 8.63
C ASN F 134 -130.56 -12.92 8.03
N ASP F 135 -129.93 -13.35 6.93
CA ASP F 135 -130.35 -14.59 6.28
C ASP F 135 -130.01 -15.81 7.13
N ASP F 136 -128.90 -15.77 7.86
CA ASP F 136 -128.47 -16.93 8.64
C ASP F 136 -129.36 -17.16 9.84
N TYR F 137 -129.82 -16.08 10.48
CA TYR F 137 -130.58 -16.17 11.72
C TYR F 137 -131.99 -16.70 11.49
N SER F 138 -132.10 -17.98 11.13
CA SER F 138 -133.40 -18.62 11.03
C SER F 138 -133.95 -18.92 12.42
N SER F 139 -135.28 -18.99 12.51
CA SER F 139 -136.02 -19.02 13.77
C SER F 139 -135.76 -17.78 14.61
N THR F 140 -135.06 -16.79 14.04
CA THR F 140 -134.81 -15.47 14.62
C THR F 140 -133.92 -15.51 15.85
N ASN F 141 -133.49 -16.70 16.29
CA ASN F 141 -132.80 -16.80 17.57
C ASN F 141 -131.55 -17.68 17.58
N LYS F 142 -131.25 -18.45 16.54
CA LYS F 142 -130.13 -19.38 16.66
C LYS F 142 -129.48 -19.65 15.31
N ILE F 143 -128.20 -20.03 15.39
CA ILE F 143 -127.39 -20.46 14.25
C ILE F 143 -126.97 -21.91 14.47
N GLN F 144 -127.04 -22.70 13.41
CA GLN F 144 -126.59 -24.09 13.43
C GLN F 144 -125.46 -24.26 12.44
N LEU F 145 -124.33 -24.78 12.91
CA LEU F 145 -123.12 -24.98 12.10
C LEU F 145 -122.56 -26.37 12.38
N LYS F 146 -122.56 -27.23 11.37
CA LYS F 146 -121.89 -28.52 11.48
C LYS F 146 -120.45 -28.43 11.00
N VAL F 147 -119.65 -29.41 11.43
CA VAL F 147 -118.21 -29.44 11.17
C VAL F 147 -117.91 -30.61 10.25
N GLU F 148 -117.09 -30.37 9.23
CA GLU F 148 -116.71 -31.41 8.30
C GLU F 148 -115.19 -31.56 8.33
N ALA F 149 -114.72 -32.79 8.45
CA ALA F 149 -113.31 -33.07 8.66
C ALA F 149 -112.74 -33.93 7.54
N TYR F 150 -111.53 -33.58 7.10
CA TYR F 150 -110.73 -34.40 6.19
C TYR F 150 -109.36 -34.57 6.82
N TYR F 151 -108.81 -35.79 6.73
CA TYR F 151 -107.62 -36.09 7.51
C TYR F 151 -106.81 -37.21 6.85
N GLU F 152 -105.54 -37.28 7.25
CA GLU F 152 -104.68 -38.42 6.98
C GLU F 152 -103.80 -38.64 8.20
N ALA F 153 -103.82 -39.85 8.74
CA ALA F 153 -103.11 -40.16 9.97
C ALA F 153 -101.65 -40.49 9.68
N LYS F 154 -100.80 -40.27 10.68
CA LYS F 154 -99.39 -40.60 10.56
C LYS F 154 -99.20 -42.12 10.50
N GLU F 155 -98.11 -42.53 9.86
CA GLU F 155 -97.83 -43.95 9.65
C GLU F 155 -97.33 -44.59 10.94
N GLY F 156 -98.02 -45.62 11.39
CA GLY F 156 -97.57 -46.39 12.53
C GLY F 156 -97.72 -45.73 13.88
N MET F 157 -98.61 -44.75 14.02
CA MET F 157 -98.81 -44.05 15.28
C MET F 157 -100.12 -44.50 15.90
N LEU F 158 -100.07 -44.92 17.16
CA LEU F 158 -101.24 -45.39 17.89
C LEU F 158 -101.46 -44.51 19.12
N PHE F 159 -102.71 -44.17 19.38
CA PHE F 159 -103.06 -43.27 20.47
C PHE F 159 -104.55 -43.39 20.74
N ASP F 160 -104.98 -42.77 21.84
CA ASP F 160 -106.39 -42.72 22.20
C ASP F 160 -106.63 -41.55 23.14
N SER F 161 -107.88 -41.11 23.20
CA SER F 161 -108.31 -40.02 24.08
C SER F 161 -107.53 -38.74 23.81
N LEU F 162 -107.62 -38.26 22.57
CA LEU F 162 -106.96 -37.03 22.16
C LEU F 162 -108.01 -35.98 21.83
N PRO F 163 -108.05 -34.84 22.52
CA PRO F 163 -109.10 -33.86 22.27
C PRO F 163 -108.74 -32.85 21.17
N VAL F 164 -109.79 -32.35 20.53
CA VAL F 164 -109.69 -31.28 19.53
C VAL F 164 -110.52 -30.11 20.04
N ILE F 165 -109.92 -28.93 20.07
CA ILE F 165 -110.51 -27.76 20.72
C ILE F 165 -110.64 -26.63 19.70
N LEU F 166 -111.80 -25.97 19.71
CA LEU F 166 -112.05 -24.79 18.90
C LEU F 166 -112.44 -23.62 19.80
N ASN F 167 -112.05 -22.41 19.41
CA ASN F 167 -112.28 -21.22 20.19
C ASN F 167 -113.01 -20.17 19.37
N PHE F 168 -113.85 -19.37 20.03
CA PHE F 168 -114.63 -18.32 19.40
C PHE F 168 -114.35 -16.98 20.08
N GLN F 169 -114.26 -15.93 19.28
CA GLN F 169 -114.07 -14.58 19.79
C GLN F 169 -114.89 -13.60 18.96
N VAL F 170 -115.56 -12.68 19.64
CA VAL F 170 -116.42 -11.69 19.00
C VAL F 170 -115.59 -10.44 18.70
N LEU F 171 -115.64 -9.99 17.45
CA LEU F 171 -114.92 -8.79 17.03
C LEU F 171 -115.80 -7.55 16.94
N SER F 172 -117.05 -7.71 16.49
CA SER F 172 -117.97 -6.59 16.37
C SER F 172 -119.39 -7.13 16.26
N VAL F 173 -120.32 -6.41 16.89
CA VAL F 173 -121.75 -6.76 16.84
C VAL F 173 -122.54 -5.50 16.58
N SER F 174 -123.65 -5.65 15.87
CA SER F 174 -124.53 -4.52 15.57
C SER F 174 -125.98 -4.97 15.44
N THR G 26 -131.65 41.31 71.82
CA THR G 26 -131.06 41.62 70.53
C THR G 26 -129.98 40.59 70.18
N THR G 27 -130.40 39.50 69.54
CA THR G 27 -129.51 38.41 69.17
C THR G 27 -129.54 38.20 67.67
N GLN G 28 -128.36 38.06 67.07
CA GLN G 28 -128.23 37.84 65.63
C GLN G 28 -127.92 36.37 65.39
N SER G 29 -128.73 35.71 64.56
CA SER G 29 -128.56 34.27 64.35
C SER G 29 -127.97 33.99 62.98
N PRO G 30 -127.11 32.97 62.87
CA PRO G 30 -126.55 32.61 61.55
C PRO G 30 -127.47 31.74 60.71
N LEU G 31 -128.47 31.09 61.32
CA LEU G 31 -129.50 30.33 60.60
C LEU G 31 -128.90 29.17 59.80
N ASN G 32 -128.04 28.39 60.45
CA ASN G 32 -127.44 27.23 59.81
C ASN G 32 -127.33 26.04 60.77
N SER G 33 -128.13 26.02 61.83
CA SER G 33 -128.08 24.96 62.83
C SER G 33 -129.14 23.88 62.55
N PHE G 34 -129.01 23.22 61.40
CA PHE G 34 -129.92 22.15 61.01
C PHE G 34 -129.11 21.02 60.39
N TYR G 35 -129.42 19.78 60.78
CA TYR G 35 -128.66 18.63 60.32
C TYR G 35 -129.58 17.41 60.18
N ALA G 36 -129.13 16.45 59.38
CA ALA G 36 -129.77 15.17 59.21
C ALA G 36 -128.70 14.12 58.95
N THR G 37 -128.90 12.92 59.47
CA THR G 37 -127.83 11.92 59.50
C THR G 37 -128.35 10.57 59.00
N GLY G 38 -127.51 9.87 58.23
CA GLY G 38 -127.77 8.50 57.82
C GLY G 38 -126.57 7.61 58.07
N THR G 39 -126.61 6.36 57.61
CA THR G 39 -125.52 5.42 57.85
C THR G 39 -125.35 4.51 56.64
N ALA G 40 -124.18 3.88 56.56
CA ALA G 40 -123.88 2.93 55.50
C ALA G 40 -122.85 1.93 56.02
N GLN G 41 -122.77 0.77 55.36
CA GLN G 41 -121.85 -0.27 55.77
C GLN G 41 -121.63 -1.26 54.63
N ALA G 42 -120.56 -2.05 54.77
CA ALA G 42 -120.27 -3.14 53.86
C ALA G 42 -119.37 -4.13 54.59
N VAL G 43 -119.90 -5.30 54.94
CA VAL G 43 -119.23 -6.20 55.86
C VAL G 43 -119.09 -7.62 55.31
N GLN G 44 -119.05 -7.78 53.98
CA GLN G 44 -118.87 -9.12 53.42
C GLN G 44 -118.27 -9.01 52.03
N GLU G 45 -117.55 -10.08 51.64
CA GLU G 45 -116.92 -10.17 50.33
C GLU G 45 -117.95 -10.56 49.26
N PRO G 46 -117.71 -10.19 48.00
CA PRO G 46 -118.74 -10.42 46.96
C PRO G 46 -119.13 -11.87 46.78
N ILE G 47 -118.19 -12.80 46.85
CA ILE G 47 -118.45 -14.19 46.50
C ILE G 47 -117.97 -15.11 47.61
N ASP G 48 -118.50 -16.34 47.61
CA ASP G 48 -118.05 -17.41 48.48
C ASP G 48 -117.88 -18.65 47.61
N VAL G 49 -116.83 -19.43 47.88
CA VAL G 49 -116.46 -20.56 47.03
C VAL G 49 -116.36 -21.82 47.88
N GLU G 50 -116.98 -22.90 47.41
CA GLU G 50 -116.96 -24.19 48.10
C GLU G 50 -116.61 -25.27 47.08
N SER G 51 -115.80 -26.24 47.51
CA SER G 51 -115.23 -27.25 46.63
C SER G 51 -115.84 -28.62 46.89
N HIS G 52 -116.04 -29.39 45.82
CA HIS G 52 -116.54 -30.77 45.91
C HIS G 52 -115.80 -31.66 44.92
N LEU G 53 -114.47 -31.53 44.86
CA LEU G 53 -113.65 -32.36 43.98
C LEU G 53 -113.29 -33.63 44.73
N ASP G 54 -114.09 -34.69 44.52
CA ASP G 54 -113.95 -35.94 45.25
C ASP G 54 -113.75 -37.12 44.31
N ASN G 55 -112.90 -36.97 43.30
CA ASN G 55 -112.49 -38.06 42.43
C ASN G 55 -110.99 -38.02 42.25
N THR G 56 -110.41 -39.21 42.04
CA THR G 56 -108.95 -39.36 41.98
C THR G 56 -108.55 -39.83 40.59
N ILE G 57 -107.56 -39.15 40.01
CA ILE G 57 -106.93 -39.59 38.77
C ILE G 57 -105.99 -40.74 39.11
N ALA G 58 -106.41 -41.97 38.81
CA ALA G 58 -105.67 -43.17 39.20
C ALA G 58 -105.46 -44.07 37.98
N PRO G 59 -104.55 -43.70 37.09
CA PRO G 59 -104.19 -44.58 35.98
C PRO G 59 -102.98 -45.43 36.33
N ALA G 60 -102.64 -46.33 35.42
CA ALA G 60 -101.41 -47.08 35.52
C ALA G 60 -100.24 -46.21 35.06
N ALA G 61 -99.02 -46.69 35.34
CA ALA G 61 -97.82 -45.94 34.99
C ALA G 61 -97.67 -45.87 33.48
N GLY G 62 -97.55 -44.64 32.95
CA GLY G 62 -97.34 -44.45 31.53
C GLY G 62 -98.57 -44.54 30.67
N ALA G 63 -99.76 -44.59 31.26
CA ALA G 63 -100.99 -44.77 30.51
C ALA G 63 -101.58 -43.42 30.09
N GLN G 64 -102.39 -43.47 29.04
CA GLN G 64 -103.13 -42.31 28.54
C GLN G 64 -104.60 -42.49 28.90
N GLY G 65 -105.19 -41.46 29.52
CA GLY G 65 -106.50 -41.65 30.11
C GLY G 65 -107.52 -40.54 29.88
N TYR G 66 -108.64 -40.63 30.63
CA TYR G 66 -109.78 -39.76 30.48
C TYR G 66 -110.62 -39.83 31.75
N LYS G 67 -110.77 -38.72 32.47
CA LYS G 67 -111.34 -38.78 33.80
C LYS G 67 -112.06 -37.47 34.10
N ASP G 68 -113.10 -37.56 34.94
CA ASP G 68 -113.79 -36.40 35.50
C ASP G 68 -113.52 -36.35 37.00
N MET G 69 -113.70 -35.17 37.60
CA MET G 69 -113.24 -34.93 38.97
C MET G 69 -114.37 -34.58 39.94
N GLY G 70 -115.20 -33.61 39.60
CA GLY G 70 -116.22 -33.13 40.52
C GLY G 70 -116.73 -31.77 40.05
N TYR G 71 -117.23 -30.99 41.01
CA TYR G 71 -117.77 -29.68 40.68
C TYR G 71 -117.50 -28.72 41.83
N VAL G 72 -117.58 -27.42 41.52
CA VAL G 72 -117.28 -26.34 42.46
C VAL G 72 -118.46 -25.38 42.49
N LYS G 73 -118.82 -24.92 43.69
CA LYS G 73 -119.95 -24.03 43.89
C LYS G 73 -119.47 -22.62 44.19
N ILE G 74 -120.13 -21.63 43.58
CA ILE G 74 -119.85 -20.22 43.78
C ILE G 74 -121.13 -19.53 44.22
N ILE G 75 -121.04 -18.70 45.26
CA ILE G 75 -122.19 -18.02 45.84
C ILE G 75 -122.00 -16.53 45.70
N ASN G 76 -123.03 -15.83 45.22
CA ASN G 76 -122.99 -14.39 44.96
C ASN G 76 -124.00 -13.66 45.83
N TYR G 77 -123.61 -12.47 46.28
CA TYR G 77 -124.26 -11.77 47.39
C TYR G 77 -124.88 -10.45 46.91
N THR G 78 -125.32 -9.66 47.89
CA THR G 78 -126.21 -8.52 47.65
C THR G 78 -125.65 -7.55 46.61
N ASP G 79 -126.52 -7.14 45.68
CA ASP G 79 -126.22 -6.11 44.69
C ASP G 79 -125.09 -6.52 43.74
N VAL G 80 -124.91 -7.83 43.53
CA VAL G 80 -123.90 -8.36 42.62
C VAL G 80 -124.62 -8.94 41.41
N ASN G 81 -124.17 -8.57 40.22
CA ASN G 81 -124.76 -9.07 38.99
C ASN G 81 -123.76 -9.74 38.06
N VAL G 82 -122.56 -9.20 37.93
CA VAL G 82 -121.54 -9.73 37.03
C VAL G 82 -120.23 -9.83 37.77
N VAL G 83 -119.54 -10.96 37.62
CA VAL G 83 -118.27 -11.22 38.29
C VAL G 83 -117.23 -11.62 37.26
N LYS G 84 -116.04 -11.02 37.37
CA LYS G 84 -114.89 -11.38 36.55
C LYS G 84 -113.89 -12.13 37.40
N LEU G 85 -113.46 -13.30 36.94
CA LEU G 85 -112.62 -14.20 37.72
C LEU G 85 -111.38 -14.60 36.95
N LYS G 86 -110.34 -14.95 37.71
CA LYS G 86 -109.10 -15.49 37.16
C LYS G 86 -108.79 -16.79 37.87
N VAL G 87 -108.57 -17.86 37.10
CA VAL G 87 -108.32 -19.19 37.63
C VAL G 87 -106.95 -19.65 37.16
N THR G 88 -106.16 -20.20 38.09
CA THR G 88 -104.80 -20.61 37.80
C THR G 88 -104.49 -21.91 38.54
N LEU G 89 -103.45 -22.60 38.08
CA LEU G 89 -102.95 -23.80 38.72
C LEU G 89 -101.82 -23.39 39.66
N ALA G 90 -102.04 -23.57 40.96
CA ALA G 90 -101.11 -23.07 41.97
C ALA G 90 -99.83 -23.90 42.03
N ASN G 91 -99.94 -25.21 41.87
CA ASN G 91 -98.79 -26.09 42.04
C ASN G 91 -98.41 -26.80 40.74
N ALA G 92 -98.39 -26.04 39.64
CA ALA G 92 -98.03 -26.62 38.35
C ALA G 92 -96.57 -27.09 38.34
N ALA G 93 -95.69 -26.36 39.03
CA ALA G 93 -94.27 -26.73 39.04
C ALA G 93 -94.05 -28.09 39.69
N GLN G 94 -94.80 -28.39 40.77
CA GLN G 94 -94.66 -29.67 41.45
C GLN G 94 -95.14 -30.82 40.58
N LEU G 95 -96.17 -30.59 39.78
CA LEU G 95 -96.76 -31.65 38.96
C LEU G 95 -96.00 -31.93 37.67
N ARG G 96 -95.03 -31.08 37.30
CA ARG G 96 -94.30 -31.28 36.06
C ARG G 96 -93.54 -32.60 35.98
N PRO G 97 -92.77 -33.02 37.00
CA PRO G 97 -92.01 -34.28 36.86
C PRO G 97 -92.89 -35.52 36.77
N TYR G 98 -94.19 -35.42 37.07
CA TYR G 98 -95.07 -36.59 37.11
C TYR G 98 -95.90 -36.76 35.86
N PHE G 99 -95.98 -35.77 34.97
CA PHE G 99 -96.86 -35.82 33.82
C PHE G 99 -96.16 -35.29 32.58
N LYS G 100 -96.45 -35.93 31.45
CA LYS G 100 -96.06 -35.34 30.16
C LYS G 100 -96.99 -34.20 29.79
N TYR G 101 -98.29 -34.34 30.03
CA TYR G 101 -99.24 -33.26 29.81
C TYR G 101 -100.46 -33.50 30.69
N LEU G 102 -101.16 -32.41 31.00
CA LEU G 102 -102.36 -32.47 31.81
C LEU G 102 -103.21 -31.25 31.51
N GLN G 103 -104.46 -31.49 31.09
CA GLN G 103 -105.37 -30.43 30.69
C GLN G 103 -106.65 -30.50 31.49
N LEU G 104 -107.14 -29.34 31.92
CA LEU G 104 -108.37 -29.24 32.70
C LEU G 104 -109.38 -28.41 31.91
N VAL G 105 -110.61 -28.91 31.83
CA VAL G 105 -111.69 -28.26 31.10
C VAL G 105 -112.78 -27.86 32.09
N LEU G 106 -113.17 -26.59 32.07
CA LEU G 106 -114.19 -26.05 32.95
C LEU G 106 -115.42 -25.67 32.13
N THR G 107 -116.59 -26.15 32.56
CA THR G 107 -117.84 -25.87 31.86
C THR G 107 -118.89 -25.36 32.84
N SER G 108 -119.66 -24.37 32.43
CA SER G 108 -120.77 -23.86 33.21
C SER G 108 -122.03 -24.61 32.79
N ASN G 109 -122.78 -25.09 33.80
CA ASN G 109 -123.90 -25.99 33.58
C ASN G 109 -125.11 -25.58 34.43
N ALA G 110 -124.91 -24.68 35.40
CA ALA G 110 -125.95 -24.37 36.39
C ALA G 110 -127.27 -24.00 35.74
N SER G 111 -127.24 -23.43 34.54
CA SER G 111 -128.43 -23.27 33.71
C SER G 111 -128.64 -24.53 32.87
N SER G 112 -129.78 -25.18 33.07
CA SER G 112 -130.06 -26.41 32.35
C SER G 112 -130.23 -26.18 30.86
N THR G 113 -130.45 -24.94 30.43
CA THR G 113 -130.61 -24.63 29.01
C THR G 113 -129.30 -24.23 28.34
N VAL G 114 -128.37 -23.63 29.08
CA VAL G 114 -127.13 -23.10 28.52
C VAL G 114 -125.96 -23.79 29.19
N GLU G 115 -125.38 -24.79 28.52
CA GLU G 115 -124.12 -25.38 28.92
C GLU G 115 -123.01 -24.73 28.10
N GLU G 116 -121.97 -24.26 28.79
CA GLU G 116 -120.85 -23.60 28.12
C GLU G 116 -119.53 -23.97 28.78
N THR G 117 -118.54 -24.32 27.94
CA THR G 117 -117.17 -24.45 28.39
C THR G 117 -116.51 -23.08 28.39
N LYS G 118 -115.88 -22.71 29.50
CA LYS G 118 -115.35 -21.37 29.69
C LYS G 118 -113.85 -21.27 29.53
N ALA G 119 -113.08 -22.24 30.01
CA ALA G 119 -111.63 -22.14 29.95
C ALA G 119 -111.02 -23.53 29.89
N VAL G 120 -109.79 -23.59 29.37
CA VAL G 120 -108.98 -24.80 29.36
C VAL G 120 -107.64 -24.47 29.98
N LEU G 121 -107.24 -25.24 30.99
CA LEU G 121 -105.99 -25.02 31.69
C LEU G 121 -105.02 -26.15 31.40
N SER G 122 -103.73 -25.83 31.39
CA SER G 122 -102.70 -26.80 31.09
C SER G 122 -101.44 -26.44 31.88
N LEU G 123 -100.48 -27.37 31.87
CA LEU G 123 -99.23 -27.14 32.59
C LEU G 123 -98.35 -26.09 31.93
N LYS G 124 -98.56 -25.82 30.64
CA LYS G 124 -97.80 -24.79 29.94
C LYS G 124 -98.46 -23.42 30.00
N LYS G 125 -99.79 -23.38 30.05
CA LYS G 125 -100.55 -22.13 30.18
C LYS G 125 -101.52 -22.30 31.34
N PRO G 126 -101.06 -22.03 32.57
CA PRO G 126 -101.87 -22.39 33.75
C PRO G 126 -103.00 -21.43 34.08
N SER G 127 -103.04 -20.24 33.49
CA SER G 127 -103.97 -19.21 33.90
C SER G 127 -104.97 -18.90 32.80
N ALA G 128 -106.18 -18.51 33.21
CA ALA G 128 -107.23 -18.13 32.29
C ALA G 128 -108.18 -17.15 32.97
N VAL G 129 -108.93 -16.40 32.16
CA VAL G 129 -109.89 -15.43 32.65
C VAL G 129 -111.25 -15.76 32.06
N ILE G 130 -112.27 -15.82 32.92
CA ILE G 130 -113.62 -16.18 32.53
C ILE G 130 -114.60 -15.10 32.98
N ILE G 131 -115.79 -15.13 32.38
CA ILE G 131 -116.84 -14.16 32.66
C ILE G 131 -118.11 -14.92 33.03
N LEU G 132 -118.74 -14.51 34.13
CA LEU G 132 -120.04 -15.04 34.55
C LEU G 132 -121.06 -13.92 34.50
N ASP G 133 -122.19 -14.18 33.86
CA ASP G 133 -123.20 -13.14 33.65
C ASP G 133 -124.59 -13.59 34.08
N ASN G 134 -125.61 -12.81 33.71
CA ASN G 134 -126.98 -13.07 34.16
C ASN G 134 -127.46 -14.46 33.76
N ASP G 135 -127.02 -14.97 32.60
CA ASP G 135 -127.47 -16.28 32.16
C ASP G 135 -126.91 -17.40 33.03
N ASP G 136 -125.69 -17.25 33.54
CA ASP G 136 -125.06 -18.30 34.33
C ASP G 136 -125.72 -18.45 35.69
N TYR G 137 -126.11 -17.34 36.30
CA TYR G 137 -126.63 -17.34 37.67
C TYR G 137 -128.02 -17.94 37.75
N SER G 138 -128.12 -19.25 37.53
CA SER G 138 -129.38 -19.95 37.73
C SER G 138 -129.65 -20.13 39.21
N SER G 139 -130.94 -20.26 39.55
CA SER G 139 -131.44 -20.18 40.92
C SER G 139 -131.10 -18.85 41.59
N THR G 140 -130.57 -17.90 40.82
CA THR G 140 -130.29 -16.53 41.22
C THR G 140 -129.20 -16.41 42.27
N ASN G 141 -128.64 -17.53 42.72
CA ASN G 141 -127.72 -17.48 43.86
C ASN G 141 -126.44 -18.31 43.72
N LYS G 142 -126.29 -19.16 42.71
CA LYS G 142 -125.12 -20.03 42.70
C LYS G 142 -124.71 -20.40 41.29
N ILE G 143 -123.41 -20.73 41.16
CA ILE G 143 -122.79 -21.23 39.94
C ILE G 143 -122.27 -22.63 40.20
N GLN G 144 -122.47 -23.53 39.24
CA GLN G 144 -121.95 -24.89 39.30
C GLN G 144 -121.00 -25.11 38.13
N LEU G 145 -119.78 -25.54 38.43
CA LEU G 145 -118.74 -25.76 37.44
C LEU G 145 -118.05 -27.09 37.73
N LYS G 146 -118.19 -28.05 36.83
CA LYS G 146 -117.43 -29.29 36.92
C LYS G 146 -116.12 -29.20 36.17
N VAL G 147 -115.19 -30.09 36.54
CA VAL G 147 -113.83 -30.09 36.02
C VAL G 147 -113.64 -31.34 35.16
N GLU G 148 -113.03 -31.16 33.99
CA GLU G 148 -112.76 -32.27 33.10
C GLU G 148 -111.25 -32.36 32.87
N ALA G 149 -110.69 -33.56 33.00
CA ALA G 149 -109.26 -33.76 32.97
C ALA G 149 -108.85 -34.71 31.84
N TYR G 150 -107.77 -34.35 31.16
CA TYR G 150 -107.10 -35.21 30.20
C TYR G 150 -105.62 -35.28 30.58
N TYR G 151 -105.03 -36.47 30.50
CA TYR G 151 -103.71 -36.65 31.07
C TYR G 151 -102.97 -37.79 30.38
N GLU G 152 -101.65 -37.77 30.53
CA GLU G 152 -100.78 -38.90 30.21
C GLU G 152 -99.68 -38.97 31.25
N ALA G 153 -99.55 -40.12 31.91
CA ALA G 153 -98.61 -40.28 33.01
C ALA G 153 -97.21 -40.58 32.48
N LYS G 154 -96.21 -40.23 33.28
CA LYS G 154 -94.82 -40.52 32.93
C LYS G 154 -94.56 -42.02 32.97
N GLU G 155 -93.59 -42.45 32.18
CA GLU G 155 -93.27 -43.87 32.05
C GLU G 155 -92.51 -44.36 33.27
N GLY G 156 -93.05 -45.37 33.94
CA GLY G 156 -92.36 -46.01 35.03
C GLY G 156 -92.29 -45.24 36.32
N MET G 157 -93.20 -44.28 36.54
CA MET G 157 -93.21 -43.47 37.74
C MET G 157 -94.36 -43.91 38.64
N LEU G 158 -94.06 -44.21 39.90
CA LEU G 158 -95.06 -44.64 40.87
C LEU G 158 -95.10 -43.67 42.04
N PHE G 159 -96.31 -43.34 42.49
CA PHE G 159 -96.50 -42.36 43.54
C PHE G 159 -97.91 -42.50 44.10
N ASP G 160 -98.17 -41.80 45.20
CA ASP G 160 -99.49 -41.78 45.80
C ASP G 160 -99.61 -40.52 46.66
N SER G 161 -100.86 -40.13 46.91
CA SER G 161 -101.18 -38.98 47.77
C SER G 161 -100.54 -37.70 47.24
N LEU G 162 -100.88 -37.35 45.99
CA LEU G 162 -100.38 -36.14 45.37
C LEU G 162 -101.53 -35.17 45.14
N PRO G 163 -101.51 -33.98 45.73
CA PRO G 163 -102.63 -33.05 45.59
C PRO G 163 -102.54 -32.16 44.37
N VAL G 164 -103.72 -31.75 43.89
CA VAL G 164 -103.86 -30.79 42.81
C VAL G 164 -104.65 -29.60 43.34
N ILE G 165 -104.12 -28.40 43.16
CA ILE G 165 -104.64 -27.20 43.80
C ILE G 165 -105.02 -26.18 42.72
N LEU G 166 -106.19 -25.56 42.89
CA LEU G 166 -106.65 -24.48 42.03
C LEU G 166 -106.93 -23.25 42.89
N ASN G 167 -106.70 -22.07 42.32
CA ASN G 167 -106.85 -20.81 43.03
C ASN G 167 -107.77 -19.88 42.26
N PHE G 168 -108.52 -19.06 43.01
CA PHE G 168 -109.46 -18.11 42.43
C PHE G 168 -109.13 -16.70 42.93
N GLN G 169 -109.25 -15.72 42.03
CA GLN G 169 -109.05 -14.31 42.38
C GLN G 169 -110.06 -13.47 41.64
N VAL G 170 -110.65 -12.50 42.34
CA VAL G 170 -111.65 -11.61 41.79
C VAL G 170 -110.97 -10.37 41.24
N LEU G 171 -111.27 -10.04 39.98
CA LEU G 171 -110.71 -8.86 39.34
C LEU G 171 -111.66 -7.69 39.30
N SER G 172 -112.96 -7.94 39.10
CA SER G 172 -113.95 -6.87 39.05
C SER G 172 -115.33 -7.46 39.26
N VAL G 173 -116.18 -6.72 39.97
CA VAL G 173 -117.55 -7.14 40.23
C VAL G 173 -118.46 -5.93 40.02
N SER G 174 -119.67 -6.19 39.53
CA SER G 174 -120.65 -5.14 39.29
C SER G 174 -122.07 -5.66 39.47
N THR H 26 -120.12 45.61 91.65
CA THR H 26 -119.79 45.81 90.25
C THR H 26 -118.74 44.79 89.80
N THR H 27 -119.20 43.63 89.34
CA THR H 27 -118.33 42.54 88.92
C THR H 27 -118.62 42.19 87.46
N GLN H 28 -117.56 42.04 86.67
CA GLN H 28 -117.67 41.68 85.26
C GLN H 28 -117.32 40.20 85.10
N SER H 29 -118.25 39.44 84.49
CA SER H 29 -118.03 38.00 84.39
C SER H 29 -117.69 37.61 82.96
N PRO H 30 -116.81 36.62 82.78
CA PRO H 30 -116.47 36.15 81.42
C PRO H 30 -117.47 35.18 80.84
N LEU H 31 -118.31 34.55 81.68
CA LEU H 31 -119.40 33.68 81.23
C LEU H 31 -118.89 32.48 80.44
N ASN H 32 -117.88 31.80 80.99
CA ASN H 32 -117.35 30.60 80.35
C ASN H 32 -117.01 29.50 81.37
N SER H 33 -117.60 29.56 82.56
CA SER H 33 -117.31 28.60 83.62
C SER H 33 -118.33 27.47 83.65
N PHE H 34 -118.37 26.71 82.55
CA PHE H 34 -119.27 25.56 82.44
C PHE H 34 -118.53 24.41 81.77
N TYR H 35 -118.70 23.21 82.33
CA TYR H 35 -117.98 22.05 81.84
C TYR H 35 -118.83 20.80 81.97
N ALA H 36 -118.48 19.78 81.18
CA ALA H 36 -119.07 18.45 81.26
C ALA H 36 -118.00 17.43 80.89
N THR H 37 -118.03 16.28 81.55
CA THR H 37 -116.93 15.32 81.46
C THR H 37 -117.45 13.92 81.19
N GLY H 38 -116.74 13.18 80.34
CA GLY H 38 -116.97 11.77 80.12
C GLY H 38 -115.70 10.96 80.21
N THR H 39 -115.75 9.67 79.88
CA THR H 39 -114.58 8.80 79.99
C THR H 39 -114.59 7.78 78.86
N ALA H 40 -113.42 7.19 78.62
CA ALA H 40 -113.26 6.14 77.61
C ALA H 40 -112.10 5.26 78.01
N GLN H 41 -112.08 4.04 77.46
CA GLN H 41 -111.04 3.08 77.79
C GLN H 41 -110.97 2.00 76.72
N ALA H 42 -109.85 1.26 76.73
CA ALA H 42 -109.66 0.10 75.87
C ALA H 42 -108.60 -0.77 76.51
N VAL H 43 -108.99 -1.93 77.05
CA VAL H 43 -108.11 -2.70 77.91
C VAL H 43 -108.00 -4.16 77.47
N GLN H 44 -108.19 -4.45 76.18
CA GLN H 44 -108.02 -5.82 75.71
C GLN H 44 -107.68 -5.83 74.22
N GLU H 45 -107.00 -6.90 73.81
CA GLU H 45 -106.61 -7.11 72.42
C GLU H 45 -107.79 -7.63 71.61
N PRO H 46 -107.80 -7.37 70.29
CA PRO H 46 -108.99 -7.74 69.49
C PRO H 46 -109.33 -9.21 69.50
N ILE H 47 -108.32 -10.10 69.48
CA ILE H 47 -108.58 -11.53 69.32
C ILE H 47 -107.85 -12.33 70.39
N ASP H 48 -108.30 -13.55 70.59
CA ASP H 48 -107.65 -14.52 71.45
C ASP H 48 -107.56 -15.84 70.69
N VAL H 49 -106.44 -16.54 70.82
CA VAL H 49 -106.16 -17.73 70.02
C VAL H 49 -105.85 -18.90 70.95
N GLU H 50 -106.48 -20.04 70.69
CA GLU H 50 -106.25 -21.26 71.47
C GLU H 50 -106.03 -22.42 70.51
N SER H 51 -105.11 -23.31 70.87
CA SER H 51 -104.66 -24.38 69.99
C SER H 51 -105.13 -25.74 70.48
N HIS H 52 -105.47 -26.61 69.53
CA HIS H 52 -105.87 -27.99 69.83
C HIS H 52 -105.27 -28.95 68.81
N LEU H 53 -103.99 -28.78 68.49
CA LEU H 53 -103.29 -29.65 67.55
C LEU H 53 -102.73 -30.84 68.33
N ASP H 54 -103.49 -31.92 68.36
CA ASP H 54 -103.16 -33.09 69.16
C ASP H 54 -103.06 -34.36 68.31
N ASN H 55 -102.42 -34.27 67.15
CA ASN H 55 -102.11 -35.42 66.33
C ASN H 55 -100.67 -35.34 65.87
N THR H 56 -100.07 -36.51 65.65
CA THR H 56 -98.65 -36.62 65.34
C THR H 56 -98.46 -37.20 63.94
N ILE H 57 -97.63 -36.54 63.14
CA ILE H 57 -97.22 -37.09 61.85
C ILE H 57 -96.17 -38.16 62.12
N ALA H 58 -96.57 -39.42 62.01
CA ALA H 58 -95.70 -40.55 62.34
C ALA H 58 -95.67 -41.55 61.20
N PRO H 59 -94.95 -41.23 60.12
CA PRO H 59 -94.74 -42.20 59.05
C PRO H 59 -93.45 -42.96 59.25
N ALA H 60 -93.23 -43.94 58.37
CA ALA H 60 -91.95 -44.62 58.31
C ALA H 60 -90.94 -43.76 57.57
N ALA H 61 -89.67 -44.15 57.66
CA ALA H 61 -88.60 -43.40 57.04
C ALA H 61 -88.72 -43.46 55.52
N GLY H 62 -88.76 -42.30 54.87
CA GLY H 62 -88.83 -42.23 53.42
C GLY H 62 -90.19 -42.45 52.81
N ALA H 63 -91.24 -42.50 53.62
CA ALA H 63 -92.58 -42.79 53.12
C ALA H 63 -93.31 -41.52 52.70
N GLN H 64 -94.29 -41.69 51.83
CA GLN H 64 -95.17 -40.62 51.37
C GLN H 64 -96.54 -40.82 52.02
N GLY H 65 -97.06 -39.77 52.64
CA GLY H 65 -98.25 -39.95 53.47
C GLY H 65 -99.34 -38.92 53.35
N TYR H 66 -100.29 -38.98 54.28
CA TYR H 66 -101.50 -38.16 54.27
C TYR H 66 -102.09 -38.15 55.68
N LYS H 67 -102.16 -36.97 56.31
CA LYS H 67 -102.50 -36.92 57.73
C LYS H 67 -103.22 -35.62 58.04
N ASP H 68 -104.07 -35.67 59.06
CA ASP H 68 -104.71 -34.50 59.64
C ASP H 68 -104.19 -34.28 61.05
N MET H 69 -104.32 -33.07 61.56
CA MET H 69 -103.64 -32.68 62.80
C MET H 69 -104.59 -32.28 63.92
N GLY H 70 -105.53 -31.38 63.65
CA GLY H 70 -106.40 -30.85 64.71
C GLY H 70 -107.05 -29.56 64.22
N TYR H 71 -107.42 -28.72 65.18
CA TYR H 71 -108.08 -27.47 64.85
C TYR H 71 -107.66 -26.39 65.84
N VAL H 72 -107.86 -25.12 65.44
CA VAL H 72 -107.47 -23.96 66.21
C VAL H 72 -108.68 -23.04 66.37
N LYS H 73 -108.83 -22.49 67.57
CA LYS H 73 -109.96 -21.63 67.89
C LYS H 73 -109.52 -20.17 67.98
N ILE H 74 -110.33 -19.28 67.41
CA ILE H 74 -110.09 -17.84 67.42
C ILE H 74 -111.31 -17.17 68.04
N ILE H 75 -111.09 -16.24 68.96
CA ILE H 75 -112.15 -15.55 69.68
C ILE H 75 -112.07 -14.06 69.38
N ASN H 76 -113.21 -13.47 69.04
CA ASN H 76 -113.31 -12.06 68.65
C ASN H 76 -114.18 -11.28 69.62
N TYR H 77 -113.78 -10.04 69.89
CA TYR H 77 -114.25 -9.26 71.03
C TYR H 77 -115.03 -8.02 70.57
N THR H 78 -115.32 -7.15 71.54
CA THR H 78 -116.32 -6.09 71.37
C THR H 78 -116.00 -5.19 70.17
N ASP H 79 -117.04 -4.90 69.37
CA ASP H 79 -116.99 -3.98 68.25
C ASP H 79 -116.03 -4.43 67.16
N VAL H 80 -115.81 -5.74 67.03
CA VAL H 80 -114.96 -6.31 66.01
C VAL H 80 -115.85 -7.04 65.00
N ASN H 81 -115.63 -6.78 63.71
CA ASN H 81 -116.42 -7.42 62.66
C ASN H 81 -115.57 -8.13 61.63
N VAL H 82 -114.43 -7.55 61.24
CA VAL H 82 -113.57 -8.13 60.21
C VAL H 82 -112.13 -8.10 60.71
N VAL H 83 -111.43 -9.22 60.52
CA VAL H 83 -110.04 -9.36 60.98
C VAL H 83 -109.18 -9.81 59.81
N LYS H 84 -108.02 -9.17 59.64
CA LYS H 84 -107.02 -9.55 58.66
C LYS H 84 -105.84 -10.17 59.38
N LEU H 85 -105.43 -11.37 58.94
CA LEU H 85 -104.44 -12.15 59.64
C LEU H 85 -103.32 -12.57 58.70
N LYS H 86 -102.15 -12.81 59.27
CA LYS H 86 -101.01 -13.35 58.56
C LYS H 86 -100.49 -14.57 59.31
N VAL H 87 -100.36 -15.70 58.60
CA VAL H 87 -99.94 -16.96 59.20
C VAL H 87 -98.64 -17.41 58.52
N THR H 88 -97.68 -17.82 59.33
CA THR H 88 -96.37 -18.22 58.84
C THR H 88 -95.87 -19.42 59.62
N LEU H 89 -94.89 -20.11 59.03
CA LEU H 89 -94.20 -21.23 59.68
C LEU H 89 -92.96 -20.68 60.37
N ALA H 90 -92.93 -20.75 61.70
CA ALA H 90 -91.86 -20.11 62.45
C ALA H 90 -90.55 -20.88 62.35
N ASN H 91 -90.60 -22.21 62.33
CA ASN H 91 -89.39 -23.02 62.37
C ASN H 91 -89.21 -23.83 61.09
N ALA H 92 -89.43 -23.19 59.94
CA ALA H 92 -89.28 -23.88 58.66
C ALA H 92 -87.83 -24.28 58.41
N ALA H 93 -86.88 -23.46 58.88
CA ALA H 93 -85.47 -23.77 58.66
C ALA H 93 -85.06 -25.05 59.38
N GLN H 94 -85.57 -25.26 60.59
CA GLN H 94 -85.24 -26.46 61.34
C GLN H 94 -85.81 -27.72 60.68
N LEU H 95 -86.99 -27.61 60.06
CA LEU H 95 -87.65 -28.77 59.46
C LEU H 95 -87.11 -29.14 58.08
N ARG H 96 -86.27 -28.29 57.48
CA ARG H 96 -85.77 -28.57 56.14
C ARG H 96 -84.96 -29.87 56.05
N PRO H 97 -83.99 -30.16 56.93
CA PRO H 97 -83.22 -31.40 56.77
C PRO H 97 -84.02 -32.67 56.96
N TYR H 98 -85.25 -32.59 57.48
CA TYR H 98 -86.03 -33.78 57.78
C TYR H 98 -87.08 -34.11 56.71
N PHE H 99 -87.36 -33.22 55.78
CA PHE H 99 -88.44 -33.41 54.82
C PHE H 99 -88.00 -32.98 53.43
N LYS H 100 -88.45 -33.74 52.42
CA LYS H 100 -88.33 -33.26 51.05
C LYS H 100 -89.38 -32.19 50.75
N TYR H 101 -90.60 -32.36 51.24
CA TYR H 101 -91.63 -31.35 51.11
C TYR H 101 -92.66 -31.56 52.21
N LEU H 102 -93.35 -30.47 52.55
CA LEU H 102 -94.38 -30.50 53.58
C LEU H 102 -95.35 -29.34 53.33
N GLN H 103 -96.63 -29.67 53.17
CA GLN H 103 -97.65 -28.68 52.85
C GLN H 103 -98.77 -28.73 53.88
N LEU H 104 -99.23 -27.56 54.30
CA LEU H 104 -100.31 -27.43 55.26
C LEU H 104 -101.49 -26.72 54.61
N VAL H 105 -102.68 -27.27 54.80
CA VAL H 105 -103.91 -26.74 54.22
C VAL H 105 -104.83 -26.29 55.35
N LEU H 106 -105.28 -25.04 55.29
CA LEU H 106 -106.16 -24.46 56.31
C LEU H 106 -107.53 -24.21 55.69
N THR H 107 -108.58 -24.69 56.37
CA THR H 107 -109.95 -24.54 55.89
C THR H 107 -110.83 -23.98 57.00
N SER H 108 -111.72 -23.05 56.64
CA SER H 108 -112.70 -22.51 57.58
C SER H 108 -113.97 -23.35 57.47
N ASN H 109 -114.50 -23.77 58.63
CA ASN H 109 -115.59 -24.73 58.70
C ASN H 109 -116.64 -24.28 59.71
N ALA H 110 -116.32 -23.28 60.55
CA ALA H 110 -117.18 -22.92 61.69
C ALA H 110 -118.62 -22.67 61.26
N SER H 111 -118.84 -22.22 60.02
CA SER H 111 -120.17 -22.18 59.42
C SER H 111 -120.45 -23.52 58.75
N SER H 112 -121.50 -24.20 59.21
CA SER H 112 -121.84 -25.50 58.66
C SER H 112 -122.28 -25.43 57.21
N THR H 113 -122.65 -24.24 56.73
CA THR H 113 -123.07 -24.08 55.34
C THR H 113 -121.93 -23.69 54.40
N VAL H 114 -120.91 -22.99 54.91
CA VAL H 114 -119.84 -22.46 54.08
C VAL H 114 -118.52 -23.05 54.60
N GLU H 115 -118.02 -24.08 53.91
CA GLU H 115 -116.67 -24.59 54.11
C GLU H 115 -115.75 -23.97 53.06
N GLU H 116 -114.64 -23.38 53.50
CA GLU H 116 -113.70 -22.76 52.58
C GLU H 116 -112.26 -23.00 53.01
N THR H 117 -111.43 -23.40 52.05
CA THR H 117 -109.99 -23.43 52.25
C THR H 117 -109.42 -22.03 52.00
N LYS H 118 -108.63 -21.54 52.94
CA LYS H 118 -108.15 -20.17 52.92
C LYS H 118 -106.70 -20.02 52.48
N ALA H 119 -105.81 -20.92 52.88
CA ALA H 119 -104.40 -20.77 52.54
C ALA H 119 -103.74 -22.13 52.50
N VAL H 120 -102.62 -22.19 51.77
CA VAL H 120 -101.76 -23.37 51.71
C VAL H 120 -100.35 -22.92 52.05
N LEU H 121 -99.73 -23.56 53.03
CA LEU H 121 -98.39 -23.24 53.47
C LEU H 121 -97.43 -24.36 53.10
N SER H 122 -96.18 -23.98 52.82
CA SER H 122 -95.16 -24.94 52.44
C SER H 122 -93.81 -24.45 52.93
N LEU H 123 -92.81 -25.33 52.83
CA LEU H 123 -91.47 -24.99 53.28
C LEU H 123 -90.79 -23.97 52.38
N LYS H 124 -91.24 -23.84 51.14
CA LYS H 124 -90.68 -22.86 50.22
C LYS H 124 -91.39 -21.51 50.28
N LYS H 125 -92.69 -21.51 50.58
CA LYS H 125 -93.47 -20.29 50.73
C LYS H 125 -94.21 -20.38 52.06
N PRO H 126 -93.57 -19.99 53.16
CA PRO H 126 -94.12 -20.26 54.49
C PRO H 126 -95.23 -19.32 54.94
N SER H 127 -95.43 -18.19 54.27
CA SER H 127 -96.34 -17.16 54.75
C SER H 127 -97.54 -17.00 53.82
N ALA H 128 -98.67 -16.62 54.41
CA ALA H 128 -99.89 -16.37 53.67
C ALA H 128 -100.75 -15.37 54.44
N VAL H 129 -101.67 -14.74 53.72
CA VAL H 129 -102.59 -13.75 54.28
C VAL H 129 -104.01 -14.19 53.99
N ILE H 130 -104.85 -14.21 55.02
CA ILE H 130 -106.23 -14.68 54.92
C ILE H 130 -107.17 -13.59 55.44
N ILE H 131 -108.44 -13.72 55.08
CA ILE H 131 -109.49 -12.77 55.46
C ILE H 131 -110.63 -13.54 56.13
N LEU H 132 -111.07 -13.05 57.28
CA LEU H 132 -112.23 -13.59 57.97
C LEU H 132 -113.30 -12.51 58.02
N ASP H 133 -114.52 -12.88 57.61
CA ASP H 133 -115.61 -11.91 57.51
C ASP H 133 -116.87 -12.37 58.23
N ASN H 134 -117.98 -11.66 57.97
CA ASN H 134 -119.23 -11.94 58.69
C ASN H 134 -119.69 -13.38 58.52
N ASP H 135 -119.44 -13.98 57.35
CA ASP H 135 -119.89 -15.35 57.11
C ASP H 135 -119.12 -16.35 57.96
N ASP H 136 -117.84 -16.10 58.22
CA ASP H 136 -117.03 -17.06 58.96
C ASP H 136 -117.42 -17.09 60.44
N TYR H 137 -117.75 -15.94 61.01
CA TYR H 137 -118.01 -15.84 62.44
C TYR H 137 -119.34 -16.48 62.83
N SER H 138 -119.40 -17.81 62.75
CA SER H 138 -120.56 -18.53 63.24
C SER H 138 -120.56 -18.58 64.76
N SER H 139 -121.75 -18.73 65.34
CA SER H 139 -122.00 -18.54 66.76
C SER H 139 -121.62 -17.15 67.24
N THR H 140 -121.30 -16.24 66.30
CA THR H 140 -121.03 -14.83 66.52
C THR H 140 -119.78 -14.57 67.34
N ASN H 141 -119.06 -15.62 67.77
CA ASN H 141 -117.97 -15.43 68.71
C ASN H 141 -116.69 -16.20 68.42
N LYS H 142 -116.67 -17.14 67.47
CA LYS H 142 -115.48 -17.96 67.33
C LYS H 142 -115.30 -18.46 65.90
N ILE H 143 -114.04 -18.73 65.56
CA ILE H 143 -113.63 -19.33 64.29
C ILE H 143 -112.98 -20.68 64.58
N GLN H 144 -113.31 -21.68 63.76
CA GLN H 144 -112.71 -23.00 63.85
C GLN H 144 -111.98 -23.30 62.54
N LEU H 145 -110.69 -23.64 62.66
CA LEU H 145 -109.84 -23.92 61.51
C LEU H 145 -109.03 -25.19 61.79
N LYS H 146 -109.28 -26.23 61.00
CA LYS H 146 -108.45 -27.43 61.07
C LYS H 146 -107.29 -27.36 60.08
N VAL H 147 -106.27 -28.17 60.35
CA VAL H 147 -105.03 -28.17 59.60
C VAL H 147 -104.92 -29.49 58.83
N GLU H 148 -104.55 -29.40 57.55
CA GLU H 148 -104.37 -30.59 56.72
C GLU H 148 -102.93 -30.63 56.24
N ALA H 149 -102.29 -31.79 56.37
CA ALA H 149 -100.87 -31.94 56.09
C ALA H 149 -100.63 -32.97 55.00
N TYR H 150 -99.71 -32.64 54.09
CA TYR H 150 -99.17 -33.56 53.10
C TYR H 150 -97.66 -33.53 53.20
N TYR H 151 -97.02 -34.70 53.13
CA TYR H 151 -95.60 -34.77 53.46
C TYR H 151 -94.94 -35.94 52.75
N GLU H 152 -93.62 -35.86 52.66
CA GLU H 152 -92.76 -36.98 52.28
C GLU H 152 -91.49 -36.90 53.10
N ALA H 153 -91.18 -37.98 53.82
CA ALA H 153 -90.04 -37.99 54.73
C ALA H 153 -88.75 -38.30 53.99
N LYS H 154 -87.64 -37.83 54.56
CA LYS H 154 -86.33 -38.09 53.98
C LYS H 154 -85.97 -39.57 54.11
N GLU H 155 -85.14 -40.03 53.19
CA GLU H 155 -84.77 -41.44 53.13
C GLU H 155 -83.77 -41.78 54.23
N GLY H 156 -84.13 -42.75 55.07
CA GLY H 156 -83.22 -43.26 56.08
C GLY H 156 -82.97 -42.35 57.25
N MET H 157 -83.87 -41.43 57.55
CA MET H 157 -83.71 -40.50 58.66
C MET H 157 -84.66 -40.89 59.79
N LEU H 158 -84.12 -41.05 60.99
CA LEU H 158 -84.89 -41.43 62.17
C LEU H 158 -84.77 -40.35 63.23
N PHE H 159 -85.91 -40.03 63.86
CA PHE H 159 -85.96 -38.96 64.85
C PHE H 159 -87.24 -39.11 65.66
N ASP H 160 -87.34 -38.31 66.72
CA ASP H 160 -88.52 -38.28 67.56
C ASP H 160 -88.57 -36.96 68.30
N SER H 161 -89.77 -36.59 68.75
CA SER H 161 -89.99 -35.39 69.54
C SER H 161 -89.53 -34.13 68.80
N LEU H 162 -90.10 -33.92 67.61
CA LEU H 162 -89.80 -32.75 66.80
C LEU H 162 -91.02 -31.86 66.70
N PRO H 163 -90.96 -30.61 67.17
CA PRO H 163 -92.14 -29.75 67.16
C PRO H 163 -92.33 -28.97 65.86
N VAL H 164 -93.59 -28.66 65.58
CA VAL H 164 -93.97 -27.81 64.46
C VAL H 164 -94.72 -26.61 65.02
N ILE H 165 -94.30 -25.41 64.65
CA ILE H 165 -94.77 -24.18 65.26
C ILE H 165 -95.39 -23.29 64.19
N LEU H 166 -96.54 -22.70 64.51
CA LEU H 166 -97.22 -21.73 63.67
C LEU H 166 -97.40 -20.44 64.45
N ASN H 167 -97.35 -19.30 63.74
CA ASN H 167 -97.43 -17.98 64.36
C ASN H 167 -98.54 -17.17 63.70
N PHE H 168 -99.18 -16.31 64.48
CA PHE H 168 -100.25 -15.45 64.01
C PHE H 168 -99.93 -14.00 64.31
N GLN H 169 -100.26 -13.11 63.38
CA GLN H 169 -100.07 -11.69 63.56
C GLN H 169 -101.25 -10.94 62.93
N VAL H 170 -101.75 -9.94 63.66
CA VAL H 170 -102.90 -9.15 63.22
C VAL H 170 -102.40 -7.94 62.44
N LEU H 171 -102.93 -7.75 61.24
CA LEU H 171 -102.55 -6.62 60.40
C LEU H 171 -103.58 -5.49 60.43
N SER H 172 -104.86 -5.80 60.50
CA SER H 172 -105.90 -4.78 60.54
C SER H 172 -107.19 -5.41 61.05
N VAL H 173 -107.94 -4.64 61.85
CA VAL H 173 -109.22 -5.09 62.38
C VAL H 173 -110.22 -3.94 62.24
N SER H 174 -111.48 -4.30 62.01
CA SER H 174 -112.54 -3.31 61.86
C SER H 174 -113.88 -3.85 62.34
N THR I 26 -105.47 52.24 108.56
CA THR I 26 -105.41 52.32 107.10
C THR I 26 -104.40 51.31 106.56
N THR I 27 -104.87 50.09 106.31
CA THR I 27 -104.03 49.00 105.82
C THR I 27 -104.56 48.51 104.49
N GLN I 28 -103.66 48.32 103.53
CA GLN I 28 -103.99 47.82 102.20
C GLN I 28 -103.60 46.35 102.11
N SER I 29 -104.57 45.50 101.76
CA SER I 29 -104.30 44.06 101.74
C SER I 29 -104.18 43.54 100.31
N PRO I 30 -103.30 42.57 100.06
CA PRO I 30 -103.20 42.00 98.72
C PRO I 30 -104.23 40.93 98.41
N LEU I 31 -104.86 40.34 99.44
CA LEU I 31 -105.97 39.41 99.27
C LEU I 31 -105.55 38.15 98.51
N ASN I 32 -104.41 37.57 98.93
CA ASN I 32 -103.93 36.33 98.31
C ASN I 32 -103.35 35.36 99.34
N SER I 33 -103.72 35.51 100.61
CA SER I 33 -103.19 34.67 101.68
C SER I 33 -104.14 33.51 101.99
N PHE I 34 -104.33 32.64 100.99
CA PHE I 34 -105.17 31.46 101.14
C PHE I 34 -104.50 30.27 100.46
N TYR I 35 -104.50 29.12 101.14
CA TYR I 35 -103.81 27.95 100.63
C TYR I 35 -104.55 26.69 101.03
N ALA I 36 -104.28 25.61 100.28
CA ALA I 36 -104.79 24.28 100.58
C ALA I 36 -103.74 23.27 100.11
N THR I 37 -103.58 22.18 100.86
CA THR I 37 -102.46 21.27 100.66
C THR I 37 -102.94 19.82 100.62
N GLY I 38 -102.35 19.04 99.71
CA GLY I 38 -102.55 17.60 99.66
C GLY I 38 -101.24 16.86 99.59
N THR I 39 -101.27 15.53 99.39
CA THR I 39 -100.06 14.73 99.36
C THR I 39 -100.21 13.61 98.35
N ALA I 40 -99.07 13.04 97.95
CA ALA I 40 -99.04 11.91 97.02
C ALA I 40 -97.77 11.11 97.28
N GLN I 41 -97.78 9.86 96.84
CA GLN I 41 -96.65 8.97 97.05
C GLN I 41 -96.71 7.79 96.08
N ALA I 42 -95.57 7.11 95.96
CA ALA I 42 -95.48 5.87 95.19
C ALA I 42 -94.26 5.11 95.69
N VAL I 43 -94.48 4.00 96.39
CA VAL I 43 -93.42 3.35 97.14
C VAL I 43 -93.31 1.86 96.81
N GLN I 44 -93.72 1.44 95.62
CA GLN I 44 -93.56 0.03 95.25
C GLN I 44 -93.50 -0.11 93.73
N GLU I 45 -92.84 -1.19 93.29
CA GLU I 45 -92.70 -1.51 91.88
C GLU I 45 -93.97 -2.15 91.34
N PRO I 46 -94.23 -2.02 90.03
CA PRO I 46 -95.51 -2.51 89.50
C PRO I 46 -95.76 -3.99 89.70
N ILE I 47 -94.73 -4.84 89.58
CA ILE I 47 -94.94 -6.28 89.59
C ILE I 47 -93.98 -6.94 90.57
N ASP I 48 -94.33 -8.17 90.96
CA ASP I 48 -93.47 -9.01 91.78
C ASP I 48 -93.45 -10.40 91.12
N VAL I 49 -92.28 -11.04 91.11
CA VAL I 49 -92.08 -12.28 90.38
C VAL I 49 -91.54 -13.35 91.33
N GLU I 50 -92.15 -14.53 91.31
CA GLU I 50 -91.71 -15.66 92.13
C GLU I 50 -91.60 -16.90 91.24
N SER I 51 -90.58 -17.72 91.50
CA SER I 51 -90.24 -18.84 90.65
C SER I 51 -90.53 -20.17 91.35
N HIS I 52 -90.99 -21.14 90.56
CA HIS I 52 -91.25 -22.50 91.04
C HIS I 52 -90.79 -23.54 90.02
N LEU I 53 -89.60 -23.34 89.45
CA LEU I 53 -89.03 -24.27 88.48
C LEU I 53 -88.27 -25.35 89.24
N ASP I 54 -88.96 -26.46 89.51
CA ASP I 54 -88.41 -27.54 90.34
C ASP I 54 -88.41 -28.87 89.60
N ASN I 55 -87.99 -28.86 88.34
CA ASN I 55 -87.78 -30.08 87.58
C ASN I 55 -86.44 -29.99 86.84
N THR I 56 -85.82 -31.15 86.64
CA THR I 56 -84.48 -31.23 86.08
C THR I 56 -84.52 -31.93 84.73
N ILE I 57 -83.88 -31.33 83.73
CA ILE I 57 -83.68 -31.97 82.44
C ILE I 57 -82.54 -32.97 82.59
N ALA I 58 -82.87 -34.25 82.68
CA ALA I 58 -81.90 -35.31 82.95
C ALA I 58 -82.02 -36.41 81.90
N PRO I 59 -81.53 -36.17 80.70
CA PRO I 59 -81.47 -37.23 79.68
C PRO I 59 -80.10 -37.92 79.70
N ALA I 60 -80.00 -38.97 78.89
CA ALA I 60 -78.71 -39.61 78.67
C ALA I 60 -77.90 -38.79 77.67
N ALA I 61 -76.61 -39.12 77.57
CA ALA I 61 -75.71 -38.38 76.69
C ALA I 61 -76.11 -38.60 75.24
N GLY I 62 -76.33 -37.50 74.50
CA GLY I 62 -76.65 -37.57 73.09
C GLY I 62 -78.09 -37.91 72.77
N ALA I 63 -78.99 -37.92 73.75
CA ALA I 63 -80.36 -38.31 73.54
C ALA I 63 -81.23 -37.11 73.15
N GLN I 64 -82.35 -37.41 72.49
CA GLN I 64 -83.35 -36.43 72.11
C GLN I 64 -84.56 -36.62 73.01
N GLY I 65 -85.03 -35.54 73.63
CA GLY I 65 -86.03 -35.67 74.67
C GLY I 65 -87.18 -34.70 74.66
N TYR I 66 -87.94 -34.70 75.76
CA TYR I 66 -89.18 -33.94 75.90
C TYR I 66 -89.51 -33.82 77.39
N LYS I 67 -89.54 -32.59 77.92
CA LYS I 67 -89.60 -32.42 79.36
C LYS I 67 -90.33 -31.12 79.68
N ASP I 68 -90.99 -31.11 80.84
CA ASP I 68 -91.58 -29.91 81.42
C ASP I 68 -90.82 -29.54 82.69
N MET I 69 -90.92 -28.28 83.10
CA MET I 69 -90.06 -27.75 84.16
C MET I 69 -90.82 -27.29 85.40
N GLY I 70 -91.84 -26.46 85.23
CA GLY I 70 -92.52 -25.86 86.37
C GLY I 70 -93.33 -24.65 85.91
N TYR I 71 -93.57 -23.73 86.85
CA TYR I 71 -94.35 -22.54 86.52
C TYR I 71 -93.81 -21.35 87.33
N VAL I 72 -94.16 -20.16 86.85
CA VAL I 72 -93.70 -18.91 87.43
C VAL I 72 -94.90 -18.03 87.73
N LYS I 73 -94.88 -17.37 88.90
CA LYS I 73 -95.97 -16.52 89.34
C LYS I 73 -95.61 -15.04 89.21
N ILE I 74 -96.56 -14.25 88.73
CA ILE I 74 -96.40 -12.80 88.57
C ILE I 74 -97.53 -12.13 89.34
N ILE I 75 -97.19 -11.10 90.12
CA ILE I 75 -98.15 -10.39 90.96
C ILE I 75 -98.20 -8.93 90.52
N ASN I 76 -99.42 -8.42 90.34
CA ASN I 76 -99.65 -7.06 89.86
C ASN I 76 -100.39 -6.23 90.90
N TYR I 77 -100.02 -4.95 90.98
CA TYR I 77 -100.33 -4.08 92.12
C TYR I 77 -101.24 -2.92 91.69
N THR I 78 -101.41 -1.98 92.62
CA THR I 78 -102.47 -0.99 92.54
C THR I 78 -102.43 -0.19 91.24
N ASP I 79 -103.60 -0.02 90.62
CA ASP I 79 -103.80 0.79 89.43
C ASP I 79 -103.04 0.28 88.22
N VAL I 80 -102.77 -1.03 88.18
CA VAL I 80 -102.09 -1.68 87.07
C VAL I 80 -103.10 -2.52 86.31
N ASN I 81 -103.13 -2.37 84.99
CA ASN I 81 -104.05 -3.14 84.16
C ASN I 81 -103.37 -3.92 83.05
N VAL I 82 -102.35 -3.35 82.41
CA VAL I 82 -101.65 -3.98 81.30
C VAL I 82 -100.16 -3.84 81.51
N VAL I 83 -99.44 -4.94 81.30
CA VAL I 83 -97.99 -4.99 81.51
C VAL I 83 -97.33 -5.52 80.24
N LYS I 84 -96.26 -4.85 79.81
CA LYS I 84 -95.43 -5.29 78.69
C LYS I 84 -94.10 -5.79 79.24
N LEU I 85 -93.72 -7.00 78.84
CA LEU I 85 -92.56 -7.67 79.42
C LEU I 85 -91.62 -8.15 78.32
N LYS I 86 -90.35 -8.28 78.69
CA LYS I 86 -89.32 -8.84 77.82
C LYS I 86 -88.61 -9.96 78.57
N VAL I 87 -88.55 -11.14 77.95
CA VAL I 87 -87.96 -12.32 78.57
C VAL I 87 -86.78 -12.78 77.71
N THR I 88 -85.66 -13.08 78.37
CA THR I 88 -84.45 -13.46 77.68
C THR I 88 -83.74 -14.57 78.45
N LEU I 89 -82.85 -15.28 77.76
CA LEU I 89 -82.00 -16.30 78.36
C LEU I 89 -80.68 -15.64 78.75
N ALA I 90 -80.41 -15.57 80.06
CA ALA I 90 -79.26 -14.82 80.54
C ALA I 90 -77.94 -15.54 80.28
N ASN I 91 -77.93 -16.87 80.38
CA ASN I 91 -76.69 -17.63 80.27
C ASN I 91 -76.70 -18.55 79.05
N ALA I 92 -77.15 -18.03 77.91
CA ALA I 92 -77.19 -18.83 76.69
C ALA I 92 -75.79 -19.20 76.22
N ALA I 93 -74.83 -18.30 76.42
CA ALA I 93 -73.46 -18.57 75.97
C ALA I 93 -72.86 -19.76 76.72
N GLN I 94 -73.13 -19.88 78.02
CA GLN I 94 -72.61 -20.99 78.80
C GLN I 94 -73.21 -22.32 78.37
N LEU I 95 -74.48 -22.33 77.96
CA LEU I 95 -75.17 -23.56 77.61
C LEU I 95 -74.87 -24.03 76.19
N ARG I 96 -74.20 -23.21 75.37
CA ARG I 96 -73.94 -23.61 73.99
C ARG I 96 -73.09 -24.87 73.86
N PRO I 97 -71.96 -25.05 74.58
CA PRO I 97 -71.15 -26.26 74.38
C PRO I 97 -71.84 -27.54 74.82
N TYR I 98 -72.95 -27.46 75.54
CA TYR I 98 -73.61 -28.64 76.10
C TYR I 98 -74.80 -29.13 75.28
N PHE I 99 -75.30 -28.32 74.34
CA PHE I 99 -76.52 -28.65 73.62
C PHE I 99 -76.36 -28.34 72.13
N LYS I 100 -76.94 -29.20 71.30
CA LYS I 100 -77.11 -28.87 69.89
C LYS I 100 -78.24 -27.87 69.69
N TYR I 101 -79.34 -28.05 70.41
CA TYR I 101 -80.45 -27.09 70.38
C TYR I 101 -81.24 -27.23 71.68
N LEU I 102 -81.93 -26.14 72.04
CA LEU I 102 -82.75 -26.11 73.23
C LEU I 102 -83.81 -25.03 73.06
N GLN I 103 -85.08 -25.42 73.18
CA GLN I 103 -86.19 -24.50 72.97
C GLN I 103 -87.10 -24.50 74.19
N LEU I 104 -87.55 -23.31 74.57
CA LEU I 104 -88.44 -23.13 75.71
C LEU I 104 -89.76 -22.53 75.23
N VAL I 105 -90.87 -23.11 75.69
CA VAL I 105 -92.21 -22.68 75.29
C VAL I 105 -92.93 -22.17 76.53
N LEU I 106 -93.46 -20.95 76.45
CA LEU I 106 -94.17 -20.31 77.55
C LEU I 106 -95.64 -20.18 77.18
N THR I 107 -96.51 -20.62 78.07
CA THR I 107 -97.96 -20.57 77.85
C THR I 107 -98.65 -19.95 79.04
N SER I 108 -99.64 -19.10 78.78
CA SER I 108 -100.47 -18.51 79.82
C SER I 108 -101.69 -19.40 80.03
N ASN I 109 -101.97 -19.72 81.29
CA ASN I 109 -102.98 -20.71 81.65
C ASN I 109 -103.86 -20.21 82.80
N ALA I 110 -103.45 -19.12 83.46
CA ALA I 110 -104.11 -18.70 84.70
C ALA I 110 -105.62 -18.53 84.53
N SER I 111 -106.07 -18.21 83.32
CA SER I 111 -107.49 -18.29 82.98
C SER I 111 -107.82 -19.70 82.49
N SER I 112 -108.72 -20.37 83.19
CA SER I 112 -109.08 -21.73 82.84
C SER I 112 -109.78 -21.81 81.49
N THR I 113 -110.30 -20.70 80.97
CA THR I 113 -110.97 -20.69 79.68
C THR I 113 -110.04 -20.34 78.52
N VAL I 114 -108.99 -19.56 78.76
CA VAL I 114 -108.10 -19.07 77.72
C VAL I 114 -106.69 -19.55 78.02
N GLU I 115 -106.26 -20.62 77.36
CA GLU I 115 -104.87 -21.05 77.35
C GLU I 115 -104.20 -20.51 76.10
N GLU I 116 -103.06 -19.84 76.27
CA GLU I 116 -102.34 -19.27 75.14
C GLU I 116 -100.84 -19.42 75.31
N THR I 117 -100.17 -19.87 74.25
CA THR I 117 -98.71 -19.83 74.18
C THR I 117 -98.28 -18.45 73.71
N LYS I 118 -97.36 -17.83 74.45
CA LYS I 118 -96.98 -16.44 74.21
C LYS I 118 -95.63 -16.28 73.50
N ALA I 119 -94.64 -17.10 73.83
CA ALA I 119 -93.32 -16.93 73.22
C ALA I 119 -92.59 -18.26 73.17
N VAL I 120 -91.63 -18.34 72.26
CA VAL I 120 -90.73 -19.49 72.14
C VAL I 120 -89.31 -18.95 72.17
N LEU I 121 -88.49 -19.48 73.08
CA LEU I 121 -87.11 -19.06 73.24
C LEU I 121 -86.17 -20.17 72.79
N SER I 122 -85.02 -19.77 72.26
CA SER I 122 -84.03 -20.73 71.76
C SER I 122 -82.64 -20.15 71.97
N LEU I 123 -81.63 -20.99 71.76
CA LEU I 123 -80.25 -20.56 71.93
C LEU I 123 -79.80 -19.60 70.84
N LYS I 124 -80.47 -19.60 69.68
CA LYS I 124 -80.14 -18.69 68.60
C LYS I 124 -80.91 -17.38 68.68
N LYS I 125 -82.13 -17.39 69.20
CA LYS I 125 -82.95 -16.20 69.38
C LYS I 125 -83.42 -16.19 70.83
N PRO I 126 -82.60 -15.67 71.75
CA PRO I 126 -82.90 -15.83 73.18
C PRO I 126 -83.96 -14.90 73.74
N SER I 127 -84.35 -13.85 73.02
CA SER I 127 -85.21 -12.81 73.58
C SER I 127 -86.56 -12.79 72.88
N ALA I 128 -87.59 -12.39 73.62
CA ALA I 128 -88.94 -12.27 73.10
C ALA I 128 -89.70 -11.24 73.92
N VAL I 129 -90.77 -10.71 73.32
CA VAL I 129 -91.62 -9.71 73.96
C VAL I 129 -93.05 -10.23 73.98
N ILE I 130 -93.69 -10.18 75.15
CA ILE I 130 -95.04 -10.71 75.33
C ILE I 130 -95.92 -9.62 75.92
N ILE I 131 -97.23 -9.83 75.82
CA ILE I 131 -98.24 -8.90 76.29
C ILE I 131 -99.20 -9.64 77.22
N LEU I 132 -99.45 -9.06 78.40
CA LEU I 132 -100.44 -9.57 79.33
C LEU I 132 -101.55 -8.54 79.49
N ASP I 133 -102.79 -8.99 79.35
CA ASP I 133 -103.93 -8.07 79.37
C ASP I 133 -105.03 -8.51 80.34
N ASN I 134 -106.20 -7.89 80.24
CA ASN I 134 -107.28 -8.14 81.19
C ASN I 134 -107.68 -9.61 81.23
N ASP I 135 -107.61 -10.31 80.09
CA ASP I 135 -108.01 -11.71 80.06
C ASP I 135 -107.06 -12.60 80.84
N ASP I 136 -105.76 -12.26 80.83
CA ASP I 136 -104.77 -13.11 81.50
C ASP I 136 -104.89 -13.02 83.02
N TYR I 137 -105.19 -11.83 83.54
CA TYR I 137 -105.19 -11.60 84.98
C TYR I 137 -106.39 -12.26 85.66
N SER I 138 -106.38 -13.59 85.71
CA SER I 138 -107.40 -14.31 86.46
C SER I 138 -107.12 -14.22 87.95
N SER I 139 -108.17 -14.34 88.75
CA SER I 139 -108.17 -14.04 90.17
C SER I 139 -107.80 -12.58 90.45
N THR I 140 -107.69 -11.77 89.40
CA THR I 140 -107.48 -10.32 89.44
C THR I 140 -106.11 -9.93 89.99
N ASN I 141 -105.28 -10.92 90.38
CA ASN I 141 -104.04 -10.59 91.08
C ASN I 141 -102.80 -11.33 90.62
N LYS I 142 -102.90 -12.36 89.77
CA LYS I 142 -101.70 -13.15 89.49
C LYS I 142 -101.76 -13.77 88.09
N ILE I 143 -100.57 -14.03 87.56
CA ILE I 143 -100.35 -14.72 86.29
C ILE I 143 -99.59 -16.01 86.57
N GLN I 144 -100.00 -17.10 85.92
CA GLN I 144 -99.32 -18.39 86.01
C GLN I 144 -98.82 -18.77 84.63
N LEU I 145 -97.52 -19.06 84.53
CA LEU I 145 -96.87 -19.42 83.27
C LEU I 145 -95.96 -20.61 83.50
N LYS I 146 -96.28 -21.75 82.87
CA LYS I 146 -95.39 -22.89 82.90
C LYS I 146 -94.43 -22.87 81.70
N VAL I 147 -93.34 -23.61 81.84
CA VAL I 147 -92.25 -23.64 80.88
C VAL I 147 -92.21 -25.01 80.23
N GLU I 148 -92.07 -25.03 78.91
CA GLU I 148 -91.99 -26.29 78.17
C GLU I 148 -90.66 -26.32 77.43
N ALA I 149 -89.94 -27.43 77.53
CA ALA I 149 -88.59 -27.56 77.02
C ALA I 149 -88.49 -28.68 75.99
N TYR I 150 -87.76 -28.40 74.91
CA TYR I 150 -87.37 -29.39 73.92
C TYR I 150 -85.86 -29.29 73.74
N TYR I 151 -85.18 -30.43 73.65
CA TYR I 151 -83.73 -30.42 73.72
C TYR I 151 -83.14 -31.62 73.00
N GLU I 152 -81.85 -31.50 72.66
CA GLU I 152 -81.02 -32.62 72.24
C GLU I 152 -79.63 -32.41 72.80
N ALA I 153 -79.13 -33.40 73.54
CA ALA I 153 -77.85 -33.28 74.23
C ALA I 153 -76.70 -33.60 73.28
N LYS I 154 -75.54 -33.04 73.59
CA LYS I 154 -74.34 -33.31 72.82
C LYS I 154 -73.89 -34.75 73.01
N GLU I 155 -73.20 -35.28 72.00
CA GLU I 155 -72.77 -36.67 71.99
C GLU I 155 -71.58 -36.85 72.92
N GLY I 156 -71.72 -37.74 73.89
CA GLY I 156 -70.62 -38.12 74.74
C GLY I 156 -70.21 -37.10 75.78
N MET I 157 -71.09 -36.18 76.15
CA MET I 157 -70.79 -35.14 77.13
C MET I 157 -71.50 -35.47 78.44
N LEU I 158 -70.74 -35.49 79.53
CA LEU I 158 -71.27 -35.78 80.86
C LEU I 158 -71.02 -34.60 81.78
N PHE I 159 -72.04 -34.27 82.58
CA PHE I 159 -71.97 -33.11 83.46
C PHE I 159 -73.08 -33.22 84.50
N ASP I 160 -73.02 -32.34 85.49
CA ASP I 160 -74.05 -32.28 86.52
C ASP I 160 -74.02 -30.89 87.15
N SER I 161 -75.15 -30.53 87.78
CA SER I 161 -75.29 -29.25 88.49
C SER I 161 -75.04 -28.06 87.57
N LEU I 162 -75.83 -27.99 86.49
CA LEU I 162 -75.74 -26.89 85.54
C LEU I 162 -77.01 -26.06 85.59
N PRO I 163 -76.94 -24.77 85.92
CA PRO I 163 -78.15 -23.96 86.06
C PRO I 163 -78.60 -23.33 84.75
N VAL I 164 -79.91 -23.10 84.68
CA VAL I 164 -80.54 -22.37 83.58
C VAL I 164 -81.24 -21.15 84.16
N ILE I 165 -80.97 -19.98 83.61
CA ILE I 165 -81.38 -18.70 84.19
C ILE I 165 -82.24 -17.95 83.18
N LEU I 166 -83.35 -17.38 83.65
CA LEU I 166 -84.22 -16.52 82.86
C LEU I 166 -84.33 -15.17 83.55
N ASN I 167 -84.46 -14.11 82.75
CA ASN I 167 -84.51 -12.75 83.26
C ASN I 167 -85.76 -12.04 82.74
N PHE I 168 -86.29 -11.13 83.55
CA PHE I 168 -87.49 -10.37 83.21
C PHE I 168 -87.19 -8.88 83.32
N GLN I 169 -87.74 -8.11 82.38
CA GLN I 169 -87.61 -6.66 82.40
C GLN I 169 -88.92 -6.03 81.95
N VAL I 170 -89.33 -4.99 82.65
CA VAL I 170 -90.59 -4.28 82.37
C VAL I 170 -90.29 -3.14 81.41
N LEU I 171 -91.05 -3.08 80.31
CA LEU I 171 -90.90 -2.03 79.32
C LEU I 171 -91.96 -0.93 79.44
N SER I 172 -93.19 -1.29 79.78
CA SER I 172 -94.27 -0.32 79.92
C SER I 172 -95.40 -0.94 80.71
N VAL I 173 -96.03 -0.14 81.56
CA VAL I 173 -97.18 -0.57 82.36
C VAL I 173 -98.24 0.52 82.29
N SER I 174 -99.50 0.09 82.33
CA SER I 174 -100.62 1.02 82.30
C SER I 174 -101.82 0.47 83.07
N THR J 26 -88.42 61.05 121.83
CA THR J 26 -88.63 60.99 120.39
C THR J 26 -87.68 59.98 119.77
N THR J 27 -88.12 58.73 119.70
CA THR J 27 -87.32 57.62 119.17
C THR J 27 -88.05 56.98 118.00
N GLN J 28 -87.32 56.73 116.92
CA GLN J 28 -87.86 56.10 115.73
C GLN J 28 -87.42 54.64 115.70
N SER J 29 -88.38 53.72 115.60
CA SER J 29 -88.04 52.31 115.66
C SER J 29 -88.16 51.65 114.28
N PRO J 30 -87.27 50.70 113.96
CA PRO J 30 -87.38 50.01 112.67
C PRO J 30 -88.39 48.87 112.67
N LEU J 31 -88.79 48.37 113.83
CA LEU J 31 -89.86 47.37 113.96
C LEU J 31 -89.50 46.06 113.24
N ASN J 32 -88.28 45.57 113.50
CA ASN J 32 -87.86 44.30 112.91
C ASN J 32 -87.05 43.46 113.90
N SER J 33 -87.20 43.71 115.20
CA SER J 33 -86.43 43.00 116.22
C SER J 33 -87.24 41.84 116.81
N PHE J 34 -87.56 40.87 115.94
CA PHE J 34 -88.29 39.68 116.35
C PHE J 34 -87.68 38.46 115.66
N TYR J 35 -87.49 37.39 116.43
CA TYR J 35 -86.84 36.19 115.90
C TYR J 35 -87.43 34.95 116.54
N ALA J 36 -87.24 33.82 115.85
CA ALA J 36 -87.60 32.50 116.35
C ALA J 36 -86.61 31.49 115.79
N THR J 37 -86.25 30.49 116.59
CA THR J 37 -85.14 29.60 116.27
C THR J 37 -85.53 28.14 116.44
N GLY J 38 -85.08 27.30 115.51
CA GLY J 38 -85.20 25.86 115.64
C GLY J 38 -83.87 25.16 115.39
N THR J 39 -83.88 23.83 115.30
CA THR J 39 -82.65 23.07 115.13
C THR J 39 -82.91 21.85 114.26
N ALA J 40 -81.84 21.30 113.71
CA ALA J 40 -81.90 20.09 112.89
C ALA J 40 -80.56 19.36 112.99
N GLN J 41 -80.58 18.07 112.66
CA GLN J 41 -79.38 17.25 112.75
C GLN J 41 -79.55 15.98 111.92
N ALA J 42 -78.42 15.34 111.64
CA ALA J 42 -78.40 14.03 110.98
C ALA J 42 -77.06 13.38 111.32
N VAL J 43 -77.10 12.33 112.14
CA VAL J 43 -75.88 11.79 112.74
C VAL J 43 -75.74 10.28 112.52
N GLN J 44 -76.34 9.73 111.46
CA GLN J 44 -76.17 8.31 111.20
C GLN J 44 -76.37 8.03 109.72
N GLU J 45 -75.75 6.94 109.25
CA GLU J 45 -75.84 6.49 107.88
C GLU J 45 -77.16 5.74 107.64
N PRO J 46 -77.66 5.74 106.40
CA PRO J 46 -78.98 5.15 106.14
C PRO J 46 -79.10 3.68 106.52
N ILE J 47 -78.07 2.88 106.30
CA ILE J 47 -78.18 1.43 106.47
C ILE J 47 -77.03 0.91 107.31
N ASP J 48 -77.23 -0.28 107.86
CA ASP J 48 -76.20 -1.03 108.57
C ASP J 48 -76.22 -2.45 108.05
N VAL J 49 -75.04 -3.04 107.89
CA VAL J 49 -74.90 -4.35 107.24
C VAL J 49 -74.14 -5.29 108.17
N GLU J 50 -74.67 -6.50 108.36
CA GLU J 50 -74.04 -7.52 109.18
C GLU J 50 -74.01 -8.83 108.40
N SER J 51 -72.92 -9.58 108.55
CA SER J 51 -72.67 -10.77 107.74
C SER J 51 -72.76 -12.04 108.59
N HIS J 52 -73.30 -13.10 108.00
CA HIS J 52 -73.40 -14.41 108.63
C HIS J 52 -73.06 -15.52 107.63
N LEU J 53 -72.01 -15.33 106.85
CA LEU J 53 -71.57 -16.33 105.87
C LEU J 53 -70.63 -17.30 106.58
N ASP J 54 -71.19 -18.40 107.06
CA ASP J 54 -70.45 -19.38 107.86
C ASP J 54 -70.50 -20.78 107.26
N ASN J 55 -70.32 -20.87 105.94
CA ASN J 55 -70.18 -22.15 105.26
C ASN J 55 -69.00 -22.08 104.30
N THR J 56 -68.36 -23.22 104.08
CA THR J 56 -67.14 -23.31 103.29
C THR J 56 -67.38 -24.14 102.03
N ILE J 57 -66.97 -23.61 100.89
CA ILE J 57 -66.96 -24.36 99.65
C ILE J 57 -65.76 -25.30 99.68
N ALA J 58 -66.01 -26.58 99.94
CA ALA J 58 -64.94 -27.57 100.11
C ALA J 58 -65.18 -28.77 99.21
N PRO J 59 -64.93 -28.62 97.91
CA PRO J 59 -64.99 -29.77 97.00
C PRO J 59 -63.61 -30.41 96.84
N ALA J 60 -63.59 -31.52 96.11
CA ALA J 60 -62.33 -32.13 95.70
C ALA J 60 -61.76 -31.37 94.51
N ALA J 61 -60.50 -31.66 94.21
CA ALA J 61 -59.82 -30.98 93.12
C ALA J 61 -60.44 -31.36 91.78
N GLY J 62 -60.86 -30.34 91.02
CA GLY J 62 -61.43 -30.56 89.70
C GLY J 62 -62.88 -30.99 89.67
N ALA J 63 -63.58 -30.93 90.80
CA ALA J 63 -64.95 -31.39 90.89
C ALA J 63 -65.94 -30.29 90.56
N GLN J 64 -67.14 -30.69 90.14
CA GLN J 64 -68.25 -29.78 89.87
C GLN J 64 -69.27 -29.93 91.00
N GLY J 65 -69.68 -28.81 91.58
CA GLY J 65 -70.46 -28.89 92.80
C GLY J 65 -71.66 -27.97 92.92
N TYR J 66 -72.20 -27.90 94.14
CA TYR J 66 -73.44 -27.17 94.44
C TYR J 66 -73.50 -26.92 95.94
N LYS J 67 -73.49 -25.66 96.35
CA LYS J 67 -73.32 -25.34 97.77
C LYS J 67 -74.04 -24.05 98.11
N ASP J 68 -74.49 -23.95 99.35
CA ASP J 68 -75.03 -22.72 99.92
C ASP J 68 -74.08 -22.21 101.00
N MET J 69 -74.17 -20.91 101.31
CA MET J 69 -73.16 -20.25 102.14
C MET J 69 -73.71 -19.70 103.45
N GLY J 70 -74.79 -18.93 103.40
CA GLY J 70 -75.29 -18.26 104.59
C GLY J 70 -76.24 -17.13 104.18
N TYR J 71 -76.35 -16.14 105.05
CA TYR J 71 -77.24 -15.01 104.79
C TYR J 71 -76.65 -13.73 105.36
N VAL J 72 -77.14 -12.61 104.87
CA VAL J 72 -76.64 -11.28 105.24
C VAL J 72 -77.83 -10.43 105.68
N LYS J 73 -77.63 -9.65 106.74
CA LYS J 73 -78.67 -8.81 107.31
C LYS J 73 -78.42 -7.34 106.98
N ILE J 74 -79.49 -6.64 106.62
CA ILE J 74 -79.44 -5.21 106.31
C ILE J 74 -80.45 -4.50 107.22
N ILE J 75 -80.03 -3.39 107.83
CA ILE J 75 -80.87 -2.65 108.76
C ILE J 75 -81.08 -1.24 108.21
N ASN J 76 -82.33 -0.79 108.21
CA ASN J 76 -82.73 0.50 107.67
C ASN J 76 -83.31 1.39 108.75
N TYR J 77 -83.00 2.69 108.65
CA TYR J 77 -83.15 3.65 109.74
C TYR J 77 -84.18 4.72 109.39
N THR J 78 -84.24 5.74 110.25
CA THR J 78 -85.35 6.69 110.27
C THR J 78 -85.59 7.34 108.92
N ASP J 79 -86.86 7.41 108.52
CA ASP J 79 -87.33 8.10 107.32
C ASP J 79 -86.75 7.50 106.04
N VAL J 80 -86.43 6.22 106.07
CA VAL J 80 -85.92 5.49 104.90
C VAL J 80 -87.00 4.54 104.43
N ASN J 81 -87.29 4.55 103.13
CA ASN J 81 -88.30 3.67 102.55
C ASN J 81 -87.78 2.82 101.41
N VAL J 82 -86.92 3.36 100.55
CA VAL J 82 -86.41 2.65 99.39
C VAL J 82 -84.91 2.87 99.31
N VAL J 83 -84.17 1.79 99.06
CA VAL J 83 -82.71 1.82 99.00
C VAL J 83 -82.26 1.20 97.69
N LYS J 84 -81.32 1.86 97.01
CA LYS J 84 -80.69 1.35 95.81
C LYS J 84 -79.26 0.95 96.14
N LEU J 85 -78.88 -0.28 95.78
CA LEU J 85 -77.60 -0.84 96.20
C LEU J 85 -76.85 -1.38 94.98
N LYS J 86 -75.53 -1.43 95.12
CA LYS J 86 -74.64 -2.03 94.13
C LYS J 86 -73.75 -3.04 94.84
N VAL J 87 -73.73 -4.27 94.33
CA VAL J 87 -72.97 -5.36 94.92
C VAL J 87 -71.95 -5.86 93.91
N THR J 88 -70.71 -6.04 94.37
CA THR J 88 -69.62 -6.46 93.50
C THR J 88 -68.73 -7.44 94.23
N LEU J 89 -67.94 -8.18 93.45
CA LEU J 89 -66.93 -9.10 93.97
C LEU J 89 -65.61 -8.36 94.05
N ALA J 90 -65.11 -8.15 95.27
CA ALA J 90 -63.94 -7.32 95.47
C ALA J 90 -62.65 -8.01 95.04
N ASN J 91 -62.55 -9.32 95.24
CA ASN J 91 -61.30 -10.03 94.98
C ASN J 91 -61.47 -11.06 93.87
N ALA J 92 -62.16 -10.68 92.79
CA ALA J 92 -62.38 -11.60 91.67
C ALA J 92 -61.06 -11.95 90.98
N ALA J 93 -60.11 -11.00 90.93
CA ALA J 93 -58.84 -11.27 90.26
C ALA J 93 -58.05 -12.35 90.98
N GLN J 94 -58.09 -12.35 92.32
CA GLN J 94 -57.36 -13.35 93.08
C GLN J 94 -57.96 -14.75 92.89
N LEU J 95 -59.28 -14.84 92.73
CA LEU J 95 -59.95 -16.12 92.61
C LEU J 95 -59.89 -16.72 91.21
N ARG J 96 -59.43 -15.96 90.21
CA ARG J 96 -59.39 -16.48 88.85
C ARG J 96 -58.50 -17.71 88.68
N PRO J 97 -57.26 -17.77 89.18
CA PRO J 97 -56.43 -18.97 88.95
C PRO J 97 -56.96 -20.23 89.62
N TYR J 98 -57.93 -20.12 90.54
CA TYR J 98 -58.40 -21.28 91.29
C TYR J 98 -59.70 -21.87 90.76
N PHE J 99 -60.40 -21.18 89.86
CA PHE J 99 -61.71 -21.64 89.40
C PHE J 99 -61.84 -21.47 87.90
N LYS J 100 -62.51 -22.43 87.26
CA LYS J 100 -62.94 -22.24 85.88
C LYS J 100 -64.15 -21.31 85.80
N TYR J 101 -65.09 -21.45 86.73
CA TYR J 101 -66.23 -20.55 86.83
C TYR J 101 -66.78 -20.59 88.25
N LEU J 102 -67.44 -19.50 88.63
CA LEU J 102 -68.04 -19.39 89.96
C LEU J 102 -69.17 -18.37 89.88
N GLN J 103 -70.37 -18.80 90.27
CA GLN J 103 -71.56 -17.95 90.18
C GLN J 103 -72.23 -17.86 91.54
N LEU J 104 -72.67 -16.66 91.90
CA LEU J 104 -73.36 -16.41 93.15
C LEU J 104 -74.76 -15.92 92.88
N VAL J 105 -75.74 -16.48 93.57
CA VAL J 105 -77.15 -16.15 93.40
C VAL J 105 -77.67 -15.56 94.70
N LEU J 106 -78.27 -14.36 94.61
CA LEU J 106 -78.80 -13.66 95.76
C LEU J 106 -80.32 -13.62 95.66
N THR J 107 -81.00 -14.01 96.74
CA THR J 107 -82.45 -14.03 96.78
C THR J 107 -82.96 -13.32 98.02
N SER J 108 -84.02 -12.54 97.87
CA SER J 108 -84.69 -11.89 99.00
C SER J 108 -85.80 -12.80 99.49
N ASN J 109 -85.83 -13.01 100.81
CA ASN J 109 -86.70 -14.01 101.44
C ASN J 109 -87.38 -13.43 102.68
N ALA J 110 -86.93 -12.27 103.16
CA ALA J 110 -87.37 -11.75 104.46
C ALA J 110 -88.89 -11.66 104.55
N SER J 111 -89.57 -11.49 103.42
CA SER J 111 -91.03 -11.64 103.35
C SER J 111 -91.36 -13.10 103.06
N SER J 112 -92.09 -13.74 103.98
CA SER J 112 -92.42 -15.14 103.82
C SER J 112 -93.34 -15.39 102.63
N THR J 113 -94.00 -14.35 102.12
CA THR J 113 -94.91 -14.48 100.99
C THR J 113 -94.22 -14.22 99.65
N VAL J 114 -93.19 -13.37 99.63
CA VAL J 114 -92.54 -12.96 98.40
C VAL J 114 -91.06 -13.34 98.47
N GLU J 115 -90.70 -14.46 97.83
CA GLU J 115 -89.31 -14.83 97.61
C GLU J 115 -88.91 -14.39 96.21
N GLU J 116 -87.79 -13.66 96.11
CA GLU J 116 -87.32 -13.17 94.82
C GLU J 116 -85.81 -13.24 94.73
N THR J 117 -85.32 -13.77 93.61
CA THR J 117 -83.90 -13.68 93.27
C THR J 117 -83.63 -12.33 92.60
N LYS J 118 -82.63 -11.61 93.11
CA LYS J 118 -82.38 -10.24 92.68
C LYS J 118 -81.20 -10.09 91.73
N ALA J 119 -80.12 -10.84 91.93
CA ALA J 119 -78.94 -10.68 91.07
C ALA J 119 -78.16 -11.98 91.01
N VAL J 120 -77.37 -12.11 89.95
CA VAL J 120 -76.45 -13.23 89.77
C VAL J 120 -75.07 -12.64 89.49
N LEU J 121 -74.08 -13.03 90.27
CA LEU J 121 -72.71 -12.54 90.13
C LEU J 121 -71.81 -13.66 89.62
N SER J 122 -70.79 -13.27 88.86
CA SER J 122 -69.87 -14.23 88.28
C SER J 122 -68.50 -13.57 88.17
N LEU J 123 -67.49 -14.40 87.86
CA LEU J 123 -66.13 -13.89 87.73
C LEU J 123 -65.94 -13.03 86.48
N LYS J 124 -66.81 -13.17 85.49
CA LYS J 124 -66.73 -12.36 84.28
C LYS J 124 -67.55 -11.07 84.38
N LYS J 125 -68.65 -11.10 85.12
CA LYS J 125 -69.48 -9.91 85.35
C LYS J 125 -69.69 -9.79 86.85
N PRO J 126 -68.76 -9.14 87.56
CA PRO J 126 -68.78 -9.18 89.03
C PRO J 126 -69.77 -8.24 89.69
N SER J 127 -70.34 -7.27 88.96
CA SER J 127 -71.14 -6.22 89.56
C SER J 127 -72.60 -6.33 89.13
N ALA J 128 -73.49 -5.90 90.02
CA ALA J 128 -74.92 -5.88 89.75
C ALA J 128 -75.58 -4.80 90.60
N VAL J 129 -76.76 -4.38 90.17
CA VAL J 129 -77.54 -3.35 90.85
C VAL J 129 -78.92 -3.93 91.18
N ILE J 130 -79.34 -3.79 92.44
CA ILE J 130 -80.60 -4.35 92.92
C ILE J 130 -81.42 -3.25 93.56
N ILE J 131 -82.71 -3.53 93.72
CA ILE J 131 -83.67 -2.59 94.29
C ILE J 131 -84.40 -3.27 95.44
N LEU J 132 -84.48 -2.60 96.58
CA LEU J 132 -85.25 -3.05 97.73
C LEU J 132 -86.37 -2.05 97.99
N ASP J 133 -87.59 -2.56 98.12
CA ASP J 133 -88.76 -1.70 98.27
C ASP J 133 -89.63 -2.08 99.46
N ASN J 134 -90.84 -1.51 99.53
CA ASN J 134 -91.71 -1.71 100.68
C ASN J 134 -92.02 -3.19 100.92
N ASP J 135 -92.12 -3.99 99.85
CA ASP J 135 -92.44 -5.40 100.02
C ASP J 135 -91.30 -6.17 100.68
N ASP J 136 -90.05 -5.79 100.41
CA ASP J 136 -88.92 -6.53 100.95
C ASP J 136 -88.77 -6.31 102.45
N TYR J 137 -89.03 -5.08 102.92
CA TYR J 137 -88.79 -4.71 104.30
C TYR J 137 -89.80 -5.34 105.25
N SER J 138 -89.72 -6.66 105.42
CA SER J 138 -90.53 -7.34 106.40
C SER J 138 -89.99 -7.09 107.81
N SER J 139 -90.88 -7.18 108.79
CA SER J 139 -90.65 -6.74 110.16
C SER J 139 -90.30 -5.25 110.23
N THR J 140 -90.44 -4.55 109.11
CA THR J 140 -90.31 -3.09 108.98
C THR J 140 -88.88 -2.60 109.24
N ASN J 141 -87.95 -3.51 109.55
CA ASN J 141 -86.62 -3.06 109.97
C ASN J 141 -85.44 -3.81 109.36
N LYS J 142 -85.63 -4.92 108.65
CA LYS J 142 -84.46 -5.68 108.22
C LYS J 142 -84.74 -6.43 106.91
N ILE J 143 -83.65 -6.69 106.19
CA ILE J 143 -83.62 -7.49 104.98
C ILE J 143 -82.75 -8.72 105.22
N GLN J 144 -83.21 -9.88 104.75
CA GLN J 144 -82.46 -11.13 104.83
C GLN J 144 -82.19 -11.62 103.42
N LEU J 145 -80.92 -11.86 103.10
CA LEU J 145 -80.47 -12.31 101.79
C LEU J 145 -79.48 -13.46 101.95
N LYS J 146 -79.85 -14.65 101.49
CA LYS J 146 -78.90 -15.75 101.45
C LYS J 146 -78.17 -15.81 100.11
N VAL J 147 -77.02 -16.49 100.12
CA VAL J 147 -76.13 -16.57 98.97
C VAL J 147 -76.13 -18.00 98.44
N GLU J 148 -76.24 -18.13 97.12
CA GLU J 148 -76.21 -19.45 96.50
C GLU J 148 -75.05 -19.50 95.53
N ALA J 149 -74.26 -20.57 95.60
CA ALA J 149 -73.01 -20.69 94.86
C ALA J 149 -73.04 -21.90 93.94
N TYR J 150 -72.53 -21.70 92.71
CA TYR J 150 -72.26 -22.77 91.76
C TYR J 150 -70.82 -22.62 91.30
N TYR J 151 -70.12 -23.75 91.18
CA TYR J 151 -68.67 -23.67 90.99
C TYR J 151 -68.15 -24.91 90.28
N GLU J 152 -66.96 -24.77 89.70
CA GLU J 152 -66.15 -25.89 89.23
C GLU J 152 -64.70 -25.57 89.51
N ALA J 153 -64.02 -26.46 90.23
CA ALA J 153 -62.65 -26.23 90.65
C ALA J 153 -61.66 -26.59 89.54
N LYS J 154 -60.50 -25.96 89.59
CA LYS J 154 -59.45 -26.26 88.63
C LYS J 154 -58.89 -27.66 88.86
N GLU J 155 -58.37 -28.25 87.78
CA GLU J 155 -57.86 -29.61 87.82
C GLU J 155 -56.52 -29.66 88.53
N GLY J 156 -56.43 -30.47 89.58
CA GLY J 156 -55.17 -30.71 90.25
C GLY J 156 -54.64 -29.57 91.09
N MET J 157 -55.50 -28.66 91.54
CA MET J 157 -55.09 -27.52 92.36
C MET J 157 -55.53 -27.75 93.79
N LEU J 158 -54.58 -27.63 94.73
CA LEU J 158 -54.84 -27.82 96.15
C LEU J 158 -54.51 -26.54 96.90
N PHE J 159 -55.38 -26.18 97.85
CA PHE J 159 -55.22 -24.94 98.59
C PHE J 159 -56.12 -24.99 99.83
N ASP J 160 -55.93 -24.01 100.71
CA ASP J 160 -56.76 -23.89 101.90
C ASP J 160 -56.70 -22.45 102.39
N SER J 161 -57.71 -22.07 103.18
CA SER J 161 -57.80 -20.75 103.78
C SER J 161 -57.78 -19.64 102.73
N LEU J 162 -58.76 -19.70 101.82
CA LEU J 162 -58.90 -18.70 100.77
C LEU J 162 -60.19 -17.92 100.99
N PRO J 163 -60.13 -16.60 101.18
CA PRO J 163 -61.34 -15.83 101.47
C PRO J 163 -62.06 -15.35 100.22
N VAL J 164 -63.37 -15.17 100.37
CA VAL J 164 -64.22 -14.58 99.34
C VAL J 164 -64.88 -13.34 99.94
N ILE J 165 -64.77 -12.21 99.25
CA ILE J 165 -65.15 -10.91 99.77
C ILE J 165 -66.21 -10.29 98.87
N LEU J 166 -67.24 -9.73 99.50
CA LEU J 166 -68.29 -8.99 98.80
C LEU J 166 -68.36 -7.57 99.38
N ASN J 167 -68.68 -6.60 98.52
CA ASN J 167 -68.71 -5.20 98.91
C ASN J 167 -70.08 -4.60 98.57
N PHE J 168 -70.52 -3.64 99.39
CA PHE J 168 -71.79 -2.96 99.21
C PHE J 168 -71.57 -1.45 99.13
N GLN J 169 -72.32 -0.79 98.24
CA GLN J 169 -72.26 0.65 98.11
C GLN J 169 -73.66 1.18 97.85
N VAL J 170 -74.00 2.27 98.52
CA VAL J 170 -75.32 2.90 98.42
C VAL J 170 -75.27 3.95 97.32
N LEU J 171 -76.22 3.87 96.38
CA LEU J 171 -76.30 4.84 95.29
C LEU J 171 -77.38 5.89 95.52
N SER J 172 -78.52 5.52 96.10
CA SER J 172 -79.60 6.46 96.35
C SER J 172 -80.54 5.87 97.39
N VAL J 173 -81.05 6.73 98.26
CA VAL J 173 -82.01 6.32 99.29
C VAL J 173 -83.13 7.36 99.33
N SER J 174 -84.33 6.89 99.65
CA SER J 174 -85.49 7.76 99.73
C SER J 174 -86.50 7.23 100.76
N THR K 26 -69.80 71.77 130.92
CA THR K 26 -70.25 71.57 129.54
C THR K 26 -69.38 70.52 128.84
N THR K 27 -69.75 69.25 128.98
CA THR K 27 -68.99 68.15 128.41
C THR K 27 -69.88 67.36 127.46
N GLN K 28 -69.35 67.04 126.28
CA GLN K 28 -70.07 66.28 125.27
C GLN K 28 -69.54 64.84 125.29
N SER K 29 -70.45 63.88 125.44
CA SER K 29 -70.03 62.50 125.57
C SER K 29 -70.36 61.71 124.30
N PRO K 30 -69.49 60.76 123.91
CA PRO K 30 -69.79 59.95 122.72
C PRO K 30 -70.72 58.78 123.01
N LEU K 31 -70.88 58.37 124.27
CA LEU K 31 -71.84 57.35 124.68
C LEU K 31 -71.55 55.99 124.03
N ASN K 32 -70.28 55.57 124.09
CA ASN K 32 -69.89 54.27 123.56
C ASN K 32 -68.88 53.56 124.44
N SER K 33 -68.81 53.93 125.72
CA SER K 33 -67.82 53.36 126.65
C SER K 33 -68.44 52.22 127.46
N PHE K 34 -68.86 51.17 126.76
CA PHE K 34 -69.44 49.99 127.40
C PHE K 34 -68.90 48.74 126.73
N TYR K 35 -68.52 47.74 127.52
CA TYR K 35 -67.90 46.54 127.00
C TYR K 35 -68.29 45.33 127.84
N ALA K 36 -68.17 44.15 127.23
CA ALA K 36 -68.36 42.87 127.91
C ALA K 36 -67.43 41.87 127.26
N THR K 37 -66.88 40.95 128.07
CA THR K 37 -65.80 40.09 127.63
C THR K 37 -66.07 38.63 128.00
N GLY K 38 -65.74 37.73 127.08
CA GLY K 38 -65.76 36.30 127.34
C GLY K 38 -64.46 35.63 126.92
N THR K 39 -64.40 34.30 126.96
CA THR K 39 -63.18 33.58 126.62
C THR K 39 -63.53 32.27 125.93
N ALA K 40 -62.54 31.70 125.24
CA ALA K 40 -62.68 30.42 124.57
C ALA K 40 -61.32 29.76 124.48
N GLN K 41 -61.32 28.44 124.27
CA GLN K 41 -60.07 27.69 124.21
C GLN K 41 -60.32 26.35 123.54
N ALA K 42 -59.22 25.71 123.11
CA ALA K 42 -59.25 24.36 122.57
C ALA K 42 -57.84 23.79 122.72
N VAL K 43 -57.67 22.83 123.63
CA VAL K 43 -56.33 22.40 124.03
C VAL K 43 -56.15 20.88 123.93
N GLN K 44 -56.89 20.21 123.05
CA GLN K 44 -56.69 18.77 122.88
C GLN K 44 -57.15 18.34 121.49
N GLU K 45 -56.55 17.24 121.02
CA GLU K 45 -56.87 16.66 119.72
C GLU K 45 -58.15 15.84 119.80
N PRO K 46 -58.87 15.70 118.68
CA PRO K 46 -60.19 15.03 118.73
C PRO K 46 -60.15 13.61 119.26
N ILE K 47 -59.14 12.82 118.91
CA ILE K 47 -59.14 11.39 119.22
C ILE K 47 -57.82 11.01 119.88
N ASP K 48 -57.86 9.87 120.57
CA ASP K 48 -56.67 9.24 121.14
C ASP K 48 -56.70 7.77 120.76
N VAL K 49 -55.53 7.20 120.43
CA VAL K 49 -55.45 5.84 119.89
C VAL K 49 -54.49 5.04 120.74
N GLU K 50 -54.90 3.83 121.12
CA GLU K 50 -54.08 2.92 121.90
C GLU K 50 -54.11 1.54 121.26
N SER K 51 -52.97 0.85 121.26
CA SER K 51 -52.80 -0.40 120.52
C SER K 51 -52.67 -1.58 121.49
N HIS K 52 -53.25 -2.71 121.10
CA HIS K 52 -53.15 -3.96 121.85
C HIS K 52 -52.94 -5.15 120.92
N LEU K 53 -52.05 -4.99 119.94
CA LEU K 53 -51.75 -6.07 118.99
C LEU K 53 -50.64 -6.92 119.58
N ASP K 54 -51.04 -8.01 120.26
CA ASP K 54 -50.12 -8.86 121.00
C ASP K 54 -50.20 -10.31 120.53
N ASN K 55 -50.25 -10.52 119.22
CA ASN K 55 -50.16 -11.86 118.65
C ASN K 55 -49.17 -11.83 117.48
N THR K 56 -48.53 -12.97 117.24
CA THR K 56 -47.46 -13.09 116.26
C THR K 56 -47.88 -14.04 115.15
N ILE K 57 -47.71 -13.60 113.90
CA ILE K 57 -47.89 -14.48 112.75
C ILE K 57 -46.65 -15.35 112.64
N ALA K 58 -46.77 -16.61 113.05
CA ALA K 58 -45.64 -17.54 113.12
C ALA K 58 -45.97 -18.83 112.38
N PRO K 59 -45.96 -18.81 111.05
CA PRO K 59 -46.13 -20.04 110.28
C PRO K 59 -44.76 -20.63 109.91
N ALA K 60 -44.81 -21.81 109.30
CA ALA K 60 -43.61 -22.39 108.72
C ALA K 60 -43.30 -21.73 107.39
N ALA K 61 -42.10 -22.01 106.87
CA ALA K 61 -41.67 -21.41 105.62
C ALA K 61 -42.51 -21.93 104.46
N GLY K 62 -43.11 -21.02 103.71
CA GLY K 62 -43.89 -21.39 102.54
C GLY K 62 -45.29 -21.87 102.82
N ALA K 63 -45.79 -21.74 104.04
CA ALA K 63 -47.09 -22.25 104.42
C ALA K 63 -48.18 -21.20 104.18
N GLN K 64 -49.41 -21.69 104.03
CA GLN K 64 -50.60 -20.87 103.89
C GLN K 64 -51.39 -20.94 105.19
N GLY K 65 -51.75 -19.79 105.75
CA GLY K 65 -52.30 -19.78 107.09
C GLY K 65 -53.50 -18.89 107.35
N TYR K 66 -53.82 -18.73 108.63
CA TYR K 66 -55.02 -18.03 109.08
C TYR K 66 -54.83 -17.63 110.54
N LYS K 67 -54.83 -16.34 110.84
CA LYS K 67 -54.41 -15.89 112.16
C LYS K 67 -55.14 -14.59 112.52
N ASP K 68 -55.35 -14.39 113.81
CA ASP K 68 -55.85 -13.13 114.36
C ASP K 68 -54.75 -12.48 115.19
N MET K 69 -54.86 -11.17 115.41
CA MET K 69 -53.76 -10.39 115.97
C MET K 69 -54.10 -9.74 117.31
N GLY K 70 -55.20 -9.01 117.39
CA GLY K 70 -55.52 -8.25 118.58
C GLY K 70 -56.59 -7.22 118.25
N TYR K 71 -56.61 -6.15 119.05
CA TYR K 71 -57.58 -5.08 118.86
C TYR K 71 -56.96 -3.74 119.19
N VAL K 72 -57.60 -2.68 118.69
CA VAL K 72 -57.13 -1.30 118.86
C VAL K 72 -58.26 -0.46 119.43
N LYS K 73 -57.91 0.42 120.37
CA LYS K 73 -58.89 1.27 121.04
C LYS K 73 -58.78 2.71 120.54
N ILE K 74 -59.93 3.34 120.32
CA ILE K 74 -60.03 4.72 119.90
C ILE K 74 -60.89 5.48 120.89
N ILE K 75 -60.44 6.65 121.32
CA ILE K 75 -61.13 7.45 122.32
C ILE K 75 -61.52 8.78 121.69
N ASN K 76 -62.78 9.19 121.89
CA ASN K 76 -63.34 10.40 121.31
C ASN K 76 -63.75 11.38 122.40
N TYR K 77 -63.54 12.67 122.14
CA TYR K 77 -63.55 13.71 123.15
C TYR K 77 -64.69 14.71 122.91
N THR K 78 -64.65 15.81 123.65
CA THR K 78 -65.79 16.71 123.81
C THR K 78 -66.30 17.22 122.47
N ASP K 79 -67.62 17.20 122.31
CA ASP K 79 -68.34 17.76 121.15
C ASP K 79 -67.97 17.05 119.86
N VAL K 80 -67.57 15.78 119.93
CA VAL K 80 -67.24 14.98 118.76
C VAL K 80 -68.34 13.93 118.58
N ASN K 81 -68.85 13.82 117.36
CA ASN K 81 -69.90 12.85 117.06
C ASN K 81 -69.54 11.90 115.91
N VAL K 82 -68.89 12.40 114.86
CA VAL K 82 -68.56 11.60 113.70
C VAL K 82 -67.10 11.86 113.32
N VAL K 83 -66.36 10.79 113.05
CA VAL K 83 -64.94 10.87 112.72
C VAL K 83 -64.70 10.15 111.39
N LYS K 84 -63.95 10.78 110.51
CA LYS K 84 -63.50 10.19 109.25
C LYS K 84 -62.02 9.88 109.35
N LEU K 85 -61.64 8.64 109.05
CA LEU K 85 -60.29 8.17 109.26
C LEU K 85 -59.73 7.54 107.98
N LYS K 86 -58.40 7.56 107.88
CA LYS K 86 -57.68 6.90 106.81
C LYS K 86 -56.62 6.00 107.41
N VAL K 87 -56.62 4.73 107.02
CA VAL K 87 -55.71 3.73 107.56
C VAL K 87 -54.86 3.17 106.42
N THR K 88 -53.56 3.08 106.66
CA THR K 88 -52.61 2.63 105.65
C THR K 88 -51.54 1.76 106.28
N LEU K 89 -50.86 0.98 105.44
CA LEU K 89 -49.74 0.15 105.85
C LEU K 89 -48.46 0.96 105.61
N ALA K 90 -47.77 1.29 106.70
CA ALA K 90 -46.63 2.19 106.61
C ALA K 90 -45.40 1.51 106.00
N ASN K 91 -45.18 0.24 106.31
CA ASN K 91 -43.98 -0.45 105.87
C ASN K 91 -44.29 -1.59 104.91
N ALA K 92 -45.17 -1.34 103.95
CA ALA K 92 -45.53 -2.37 102.98
C ALA K 92 -44.34 -2.74 102.09
N ALA K 93 -43.48 -1.76 101.78
CA ALA K 93 -42.34 -2.04 100.91
C ALA K 93 -41.37 -3.01 101.57
N GLN K 94 -41.17 -2.88 102.89
CA GLN K 94 -40.25 -3.79 103.59
C GLN K 94 -40.81 -5.21 103.63
N LEU K 95 -42.11 -5.37 103.73
CA LEU K 95 -42.74 -6.68 103.84
C LEU K 95 -42.88 -7.42 102.51
N ARG K 96 -42.66 -6.74 101.39
CA ARG K 96 -42.83 -7.39 100.09
C ARG K 96 -41.92 -8.60 99.87
N PRO K 97 -40.61 -8.55 100.14
CA PRO K 97 -39.77 -9.73 99.86
C PRO K 97 -40.09 -10.94 100.73
N TYR K 98 -40.89 -10.78 101.79
CA TYR K 98 -41.15 -11.88 102.72
C TYR K 98 -42.49 -12.57 102.49
N PHE K 99 -43.38 -12.00 101.68
CA PHE K 99 -44.72 -12.55 101.51
C PHE K 99 -45.13 -12.53 100.05
N LYS K 100 -45.85 -13.57 99.63
CA LYS K 100 -46.53 -13.53 98.34
C LYS K 100 -47.78 -12.66 98.41
N TYR K 101 -48.54 -12.76 99.50
CA TYR K 101 -49.69 -11.89 99.73
C TYR K 101 -49.97 -11.82 101.22
N LEU K 102 -50.61 -10.73 101.63
CA LEU K 102 -50.97 -10.51 103.03
C LEU K 102 -52.15 -9.55 103.07
N GLN K 103 -53.24 -9.98 103.70
CA GLN K 103 -54.45 -9.20 103.76
C GLN K 103 -54.88 -9.01 105.21
N LEU K 104 -55.32 -7.80 105.53
CA LEU K 104 -55.78 -7.44 106.87
C LEU K 104 -57.24 -7.03 106.81
N VAL K 105 -58.05 -7.57 107.73
CA VAL K 105 -59.47 -7.32 107.79
C VAL K 105 -59.78 -6.62 109.11
N LEU K 106 -60.45 -5.47 109.02
CA LEU K 106 -60.81 -4.67 110.18
C LEU K 106 -62.33 -4.70 110.36
N THR K 107 -62.78 -5.02 111.57
CA THR K 107 -64.20 -5.08 111.89
C THR K 107 -64.52 -4.28 113.13
N SER K 108 -65.63 -3.56 113.11
CA SER K 108 -66.11 -2.84 114.28
C SER K 108 -67.06 -3.74 115.05
N ASN K 109 -66.85 -3.82 116.37
CA ASN K 109 -67.53 -4.78 117.23
C ASN K 109 -68.01 -4.11 118.52
N ALA K 110 -67.54 -2.90 118.81
CA ALA K 110 -67.78 -2.27 120.11
C ALA K 110 -69.26 -2.23 120.48
N SER K 111 -70.14 -2.20 119.49
CA SER K 111 -71.56 -2.42 119.69
C SER K 111 -71.87 -3.91 119.59
N SER K 112 -72.38 -4.48 120.68
CA SER K 112 -72.66 -5.90 120.71
C SER K 112 -73.76 -6.30 119.74
N THR K 113 -74.56 -5.34 119.27
CA THR K 113 -75.64 -5.63 118.33
C THR K 113 -75.23 -5.46 116.88
N VAL K 114 -74.26 -4.59 116.59
CA VAL K 114 -73.87 -4.27 115.23
C VAL K 114 -72.38 -4.58 115.06
N GLU K 115 -72.08 -5.73 114.47
CA GLU K 115 -70.74 -6.07 114.03
C GLU K 115 -70.62 -5.75 112.55
N GLU K 116 -69.59 -5.00 112.17
CA GLU K 116 -69.38 -4.61 110.78
C GLU K 116 -67.90 -4.64 110.43
N THR K 117 -67.60 -5.25 109.29
CA THR K 117 -66.27 -5.13 108.68
C THR K 117 -66.20 -3.84 107.87
N LYS K 118 -65.16 -3.05 108.11
CA LYS K 118 -65.07 -1.71 107.52
C LYS K 118 -64.10 -1.61 106.36
N ALA K 119 -62.95 -2.29 106.42
CA ALA K 119 -61.97 -2.17 105.36
C ALA K 119 -61.13 -3.43 105.27
N VAL K 120 -60.54 -3.64 104.09
CA VAL K 120 -59.60 -4.72 103.85
C VAL K 120 -58.34 -4.11 103.27
N LEU K 121 -57.20 -4.40 103.89
CA LEU K 121 -55.92 -3.87 103.46
C LEU K 121 -55.05 -4.99 102.89
N SER K 122 -54.21 -4.64 101.92
CA SER K 122 -53.35 -5.60 101.26
C SER K 122 -52.07 -4.91 100.85
N LEU K 123 -51.08 -5.72 100.43
CA LEU K 123 -49.80 -5.18 100.00
C LEU K 123 -49.89 -4.44 98.68
N LYS K 124 -50.91 -4.71 97.88
CA LYS K 124 -51.10 -4.01 96.61
C LYS K 124 -51.95 -2.76 96.74
N LYS K 125 -52.90 -2.75 97.67
CA LYS K 125 -53.74 -1.58 97.95
C LYS K 125 -53.69 -1.33 99.45
N PRO K 126 -52.68 -0.58 99.91
CA PRO K 126 -52.43 -0.47 101.35
C PRO K 126 -53.34 0.49 102.10
N SER K 127 -54.09 1.35 101.41
CA SER K 127 -54.82 2.42 102.06
C SER K 127 -56.32 2.22 101.91
N ALA K 128 -57.06 2.70 102.91
CA ALA K 128 -58.53 2.64 102.90
C ALA K 128 -59.08 3.76 103.75
N VAL K 129 -60.35 4.10 103.52
CA VAL K 129 -61.05 5.15 104.25
C VAL K 129 -62.29 4.55 104.87
N ILE K 130 -62.49 4.80 106.17
CA ILE K 130 -63.61 4.24 106.92
C ILE K 130 -64.37 5.37 107.60
N ILE K 131 -65.59 5.05 108.02
CA ILE K 131 -66.49 6.00 108.67
C ILE K 131 -66.96 5.41 109.99
N LEU K 132 -66.87 6.19 111.06
CA LEU K 132 -67.39 5.82 112.37
C LEU K 132 -68.50 6.79 112.75
N ASP K 133 -69.65 6.25 113.15
CA ASP K 133 -70.82 7.07 113.42
C ASP K 133 -71.44 6.78 114.78
N ASN K 134 -72.64 7.29 115.02
CA ASN K 134 -73.29 7.17 116.33
C ASN K 134 -73.46 5.72 116.75
N ASP K 135 -73.69 4.82 115.79
CA ASP K 135 -73.91 3.42 116.14
C ASP K 135 -72.64 2.76 116.65
N ASP K 136 -71.47 3.16 116.11
CA ASP K 136 -70.22 2.52 116.51
C ASP K 136 -69.82 2.90 117.92
N TYR K 137 -70.06 4.15 118.31
CA TYR K 137 -69.59 4.67 119.60
C TYR K 137 -70.38 4.08 120.77
N SER K 138 -70.20 2.79 121.03
CA SER K 138 -70.78 2.18 122.21
C SER K 138 -70.02 2.58 123.45
N SER K 139 -70.71 2.55 124.60
CA SER K 139 -70.25 3.13 125.86
C SER K 139 -70.00 4.63 125.73
N THR K 140 -70.37 5.23 124.59
CA THR K 140 -70.33 6.66 124.32
C THR K 140 -68.92 7.22 124.26
N ASN K 141 -67.89 6.40 124.47
CA ASN K 141 -66.54 6.93 124.61
C ASN K 141 -65.45 6.18 123.85
N LYS K 142 -65.70 5.00 123.28
CA LYS K 142 -64.59 4.25 122.71
C LYS K 142 -65.05 3.37 121.56
N ILE K 143 -64.09 3.07 120.67
CA ILE K 143 -64.24 2.15 119.55
C ILE K 143 -63.27 0.99 119.74
N GLN K 144 -63.75 -0.22 119.47
CA GLN K 144 -62.92 -1.42 119.51
C GLN K 144 -62.88 -2.04 118.12
N LEU K 145 -61.68 -2.26 117.60
CA LEU K 145 -61.46 -2.82 116.28
C LEU K 145 -60.38 -3.90 116.36
N LYS K 146 -60.75 -5.14 116.07
CA LYS K 146 -59.77 -6.21 115.95
C LYS K 146 -59.29 -6.36 114.51
N VAL K 147 -58.13 -7.00 114.37
CA VAL K 147 -57.45 -7.15 113.09
C VAL K 147 -57.47 -8.62 112.70
N GLU K 148 -57.80 -8.89 111.44
CA GLU K 148 -57.81 -10.26 110.94
C GLU K 148 -56.83 -10.36 109.77
N ALA K 149 -55.99 -11.38 109.80
CA ALA K 149 -54.89 -11.52 108.86
C ALA K 149 -55.02 -12.81 108.06
N TYR K 150 -54.76 -12.72 106.75
CA TYR K 150 -54.59 -13.86 105.87
C TYR K 150 -53.27 -13.70 105.14
N TYR K 151 -52.53 -14.81 104.99
CA TYR K 151 -51.15 -14.69 104.52
C TYR K 151 -50.71 -15.98 103.85
N GLU K 152 -49.65 -15.85 103.05
CA GLU K 152 -48.89 -16.97 102.53
C GLU K 152 -47.41 -16.56 102.51
N ALA K 153 -46.57 -17.37 103.17
CA ALA K 153 -45.16 -17.03 103.31
C ALA K 153 -44.38 -17.46 102.08
N LYS K 154 -43.26 -16.78 101.85
CA LYS K 154 -42.38 -17.12 100.75
C LYS K 154 -41.71 -18.47 100.99
N GLU K 155 -41.36 -19.14 99.89
CA GLU K 155 -40.79 -20.48 99.95
C GLU K 155 -39.33 -20.42 100.41
N GLY K 156 -39.00 -21.10 101.50
CA GLY K 156 -37.63 -21.23 101.94
C GLY K 156 -37.03 -19.99 102.57
N MET K 157 -37.84 -19.08 103.09
CA MET K 157 -37.35 -17.85 103.70
C MET K 157 -37.52 -17.95 105.21
N LEU K 158 -36.43 -17.71 105.94
CA LEU K 158 -36.42 -17.77 107.40
C LEU K 158 -36.03 -16.41 107.96
N PHE K 159 -36.74 -16.00 109.01
CA PHE K 159 -36.51 -14.69 109.61
C PHE K 159 -37.16 -14.66 110.98
N ASP K 160 -36.89 -13.59 111.73
CA ASP K 160 -37.48 -13.38 113.03
C ASP K 160 -37.43 -11.90 113.37
N SER K 161 -38.30 -11.49 114.30
CA SER K 161 -38.34 -10.11 114.80
C SER K 161 -38.59 -9.12 113.66
N LEU K 162 -39.70 -9.31 112.96
CA LEU K 162 -40.09 -8.42 111.86
C LEU K 162 -41.36 -7.67 112.25
N PRO K 163 -41.33 -6.34 112.31
CA PRO K 163 -42.51 -5.60 112.74
C PRO K 163 -43.47 -5.25 111.62
N VAL K 164 -44.74 -5.12 111.98
CA VAL K 164 -45.81 -4.68 111.09
C VAL K 164 -46.41 -3.41 111.68
N ILE K 165 -46.49 -2.35 110.88
CA ILE K 165 -46.83 -1.02 111.35
C ILE K 165 -48.08 -0.52 110.62
N LEU K 166 -49.01 0.05 111.37
CA LEU K 166 -50.20 0.69 110.81
C LEU K 166 -50.25 2.14 111.27
N ASN K 167 -50.78 3.01 110.41
CA ASN K 167 -50.82 4.44 110.67
C ASN K 167 -52.25 4.95 110.53
N PHE K 168 -52.58 5.97 111.33
CA PHE K 168 -53.91 6.58 111.33
C PHE K 168 -53.80 8.08 111.08
N GLN K 169 -54.72 8.61 110.28
CA GLN K 169 -54.78 10.05 110.02
C GLN K 169 -56.23 10.49 109.97
N VAL K 170 -56.50 11.63 110.61
CA VAL K 170 -57.85 12.18 110.69
C VAL K 170 -58.06 13.13 109.52
N LEU K 171 -59.15 12.92 108.78
CA LEU K 171 -59.49 13.77 107.64
C LEU K 171 -60.57 14.80 107.96
N SER K 172 -61.56 14.44 108.77
CA SER K 172 -62.63 15.36 109.14
C SER K 172 -63.33 14.83 110.38
N VAL K 173 -63.73 15.76 111.26
CA VAL K 173 -64.46 15.42 112.47
C VAL K 173 -65.61 16.40 112.63
N SER K 174 -66.71 15.92 113.20
CA SER K 174 -67.88 16.75 113.42
C SER K 174 -68.65 16.29 114.65
N THR L 26 -50.47 84.05 135.44
CA THR L 26 -51.15 83.69 134.20
C THR L 26 -50.35 82.63 133.44
N THR L 27 -50.62 81.36 133.75
CA THR L 27 -49.92 80.24 133.15
C THR L 27 -50.92 79.33 132.45
N GLN L 28 -50.60 78.91 131.23
CA GLN L 28 -51.44 78.02 130.44
C GLN L 28 -50.85 76.62 130.48
N SER L 29 -51.66 75.64 130.89
CA SER L 29 -51.14 74.29 131.05
C SER L 29 -51.64 73.38 129.94
N PRO L 30 -50.81 72.43 129.48
CA PRO L 30 -51.27 71.48 128.45
C PRO L 30 -52.07 70.31 129.00
N LEU L 31 -51.97 70.03 130.30
CA LEU L 31 -52.79 69.01 130.97
C LEU L 31 -52.54 67.62 130.40
N ASN L 32 -51.26 67.25 130.27
CA ASN L 32 -50.90 65.93 129.78
C ASN L 32 -49.71 65.35 130.53
N SER L 33 -49.43 65.84 131.73
CA SER L 33 -48.27 65.39 132.51
C SER L 33 -48.67 64.32 133.52
N PHE L 34 -49.14 63.19 133.01
CA PHE L 34 -49.53 62.06 133.84
C PHE L 34 -49.05 60.77 133.18
N TYR L 35 -48.46 59.87 133.99
CA TYR L 35 -47.89 58.64 133.47
C TYR L 35 -48.06 57.51 134.47
N ALA L 36 -47.97 56.28 133.96
CA ALA L 36 -47.97 55.07 134.77
C ALA L 36 -47.11 54.04 134.05
N THR L 37 -46.39 53.23 134.82
CA THR L 37 -45.35 52.37 134.26
C THR L 37 -45.47 50.95 134.80
N GLY L 38 -45.25 49.97 133.92
CA GLY L 38 -45.15 48.57 134.31
C GLY L 38 -43.91 47.93 133.72
N THR L 39 -43.77 46.61 133.86
CA THR L 39 -42.59 45.90 133.37
C THR L 39 -42.99 44.52 132.87
N ALA L 40 -42.10 43.94 132.06
CA ALA L 40 -42.30 42.59 131.54
C ALA L 40 -40.94 41.98 131.25
N GLN L 41 -40.90 40.65 131.17
CA GLN L 41 -39.64 39.94 130.94
C GLN L 41 -39.93 38.53 130.45
N ALA L 42 -38.88 37.90 129.89
CA ALA L 42 -38.94 36.50 129.49
C ALA L 42 -37.50 36.00 129.42
N VAL L 43 -37.11 35.15 130.37
CA VAL L 43 -35.70 34.81 130.55
C VAL L 43 -35.46 33.29 130.56
N GLN L 44 -36.30 32.51 129.89
CA GLN L 44 -36.06 31.08 129.81
C GLN L 44 -36.73 30.50 128.58
N GLU L 45 -36.17 29.37 128.10
CA GLU L 45 -36.68 28.66 126.94
C GLU L 45 -37.88 27.80 127.33
N PRO L 46 -38.77 27.52 126.37
CA PRO L 46 -40.02 26.82 126.72
C PRO L 46 -39.82 25.45 127.36
N ILE L 47 -38.84 24.67 126.90
CA ILE L 47 -38.70 23.29 127.32
C ILE L 47 -37.26 23.02 127.77
N ASP L 48 -37.11 21.94 128.54
CA ASP L 48 -35.81 21.42 128.94
C ASP L 48 -35.83 19.92 128.71
N VAL L 49 -34.71 19.38 128.21
CA VAL L 49 -34.64 17.98 127.79
C VAL L 49 -33.49 17.29 128.52
N GLU L 50 -33.77 16.11 129.07
CA GLU L 50 -32.76 15.31 129.76
C GLU L 50 -32.85 13.88 129.27
N SER L 51 -31.68 13.24 129.12
CA SER L 51 -31.58 11.93 128.47
C SER L 51 -31.21 10.86 129.49
N HIS L 52 -31.78 9.67 129.32
CA HIS L 52 -31.48 8.50 130.15
C HIS L 52 -31.38 7.24 129.30
N LEU L 53 -30.70 7.34 128.17
CA LEU L 53 -30.50 6.19 127.27
C LEU L 53 -29.26 5.44 127.73
N ASP L 54 -29.46 4.41 128.57
CA ASP L 54 -28.38 3.67 129.19
C ASP L 54 -28.46 2.18 128.87
N ASN L 55 -28.73 1.83 127.62
CA ASN L 55 -28.67 0.45 127.15
C ASN L 55 -27.92 0.41 125.83
N THR L 56 -27.26 -0.72 125.58
CA THR L 56 -26.40 -0.89 124.43
C THR L 56 -26.94 -1.96 123.51
N ILE L 57 -27.02 -1.64 122.21
CA ILE L 57 -27.36 -2.62 121.20
C ILE L 57 -26.11 -3.46 120.94
N ALA L 58 -26.08 -4.68 121.47
CA ALA L 58 -24.90 -5.54 121.41
C ALA L 58 -25.29 -6.92 120.86
N PRO L 59 -25.53 -7.02 119.55
CA PRO L 59 -25.75 -8.33 118.94
C PRO L 59 -24.45 -8.89 118.38
N ALA L 60 -24.54 -10.13 117.90
CA ALA L 60 -23.44 -10.72 117.17
C ALA L 60 -23.41 -10.18 115.74
N ALA L 61 -22.31 -10.45 115.04
CA ALA L 61 -22.14 -9.96 113.67
C ALA L 61 -23.14 -10.63 112.75
N GLY L 62 -23.93 -9.81 112.03
CA GLY L 62 -24.88 -10.33 111.07
C GLY L 62 -26.18 -10.83 111.65
N ALA L 63 -26.45 -10.60 112.92
CA ALA L 63 -27.64 -11.12 113.58
C ALA L 63 -28.81 -10.15 113.46
N GLN L 64 -30.02 -10.71 113.58
CA GLN L 64 -31.25 -9.94 113.58
C GLN L 64 -31.79 -9.92 115.00
N GLY L 65 -32.11 -8.73 115.51
CA GLY L 65 -32.40 -8.62 116.93
C GLY L 65 -33.59 -7.76 117.33
N TYR L 66 -33.69 -7.48 118.63
CA TYR L 66 -34.81 -6.80 119.23
C TYR L 66 -34.39 -6.25 120.59
N LYS L 67 -34.41 -4.93 120.76
CA LYS L 67 -33.79 -4.34 121.94
C LYS L 67 -34.51 -3.05 122.31
N ASP L 68 -34.50 -2.73 123.60
CA ASP L 68 -34.96 -1.45 124.12
C ASP L 68 -33.77 -0.68 124.68
N MET L 69 -33.92 0.65 124.79
CA MET L 69 -32.78 1.52 125.07
C MET L 69 -32.90 2.29 126.38
N GLY L 70 -34.01 2.97 126.60
CA GLY L 70 -34.16 3.83 127.76
C GLY L 70 -35.32 4.79 127.55
N TYR L 71 -35.25 5.93 128.24
CA TYR L 71 -36.31 6.92 128.12
C TYR L 71 -35.71 8.32 128.23
N VAL L 72 -36.49 9.30 127.77
CA VAL L 72 -36.08 10.70 127.71
C VAL L 72 -37.13 11.55 128.41
N LYS L 73 -36.67 12.54 129.19
CA LYS L 73 -37.56 13.40 129.95
C LYS L 73 -37.62 14.78 129.32
N ILE L 74 -38.83 15.35 129.26
CA ILE L 74 -39.08 16.69 128.74
C ILE L 74 -39.79 17.49 129.81
N ILE L 75 -39.34 18.72 130.04
CA ILE L 75 -39.88 19.60 131.07
C ILE L 75 -40.44 20.84 130.42
N ASN L 76 -41.67 21.21 130.81
CA ASN L 76 -42.39 22.34 130.24
C ASN L 76 -42.66 23.40 131.30
N TYR L 77 -42.58 24.66 130.89
CA TYR L 77 -42.46 25.80 131.79
C TYR L 77 -43.68 26.73 131.66
N THR L 78 -43.57 27.89 132.30
CA THR L 78 -44.72 28.76 132.58
C THR L 78 -45.49 29.11 131.31
N ASP L 79 -46.81 29.03 131.41
CA ASP L 79 -47.75 29.44 130.36
C ASP L 79 -47.58 28.63 129.07
N VAL L 80 -47.11 27.39 129.18
CA VAL L 80 -46.95 26.49 128.06
C VAL L 80 -47.99 25.39 128.17
N ASN L 81 -48.71 25.14 127.08
CA ASN L 81 -49.74 24.10 127.06
C ASN L 81 -49.54 23.06 125.97
N VAL L 82 -49.12 23.49 124.77
CA VAL L 82 -48.95 22.59 123.64
C VAL L 82 -47.61 22.87 122.99
N VAL L 83 -46.87 21.81 122.67
CA VAL L 83 -45.54 21.91 122.07
C VAL L 83 -45.50 21.07 120.81
N LYS L 84 -44.95 21.65 119.74
CA LYS L 84 -44.71 20.95 118.48
C LYS L 84 -43.22 20.71 118.33
N LEU L 85 -42.83 19.47 118.08
CA LEU L 85 -41.43 19.06 118.06
C LEU L 85 -41.09 18.34 116.78
N LYS L 86 -39.81 18.41 116.43
CA LYS L 86 -39.25 17.68 115.30
C LYS L 86 -38.04 16.88 115.78
N VAL L 87 -38.04 15.58 115.51
CA VAL L 87 -36.99 14.67 115.96
C VAL L 87 -36.34 14.05 114.74
N THR L 88 -35.00 14.02 114.73
CA THR L 88 -34.24 13.52 113.60
C THR L 88 -33.02 12.75 114.11
N LEU L 89 -32.47 11.92 113.23
CA LEU L 89 -31.24 11.19 113.49
C LEU L 89 -30.07 12.01 112.96
N ALA L 90 -29.21 12.48 113.86
CA ALA L 90 -28.15 13.41 113.49
C ALA L 90 -27.03 12.72 112.73
N ASN L 91 -26.69 11.49 113.10
CA ASN L 91 -25.54 10.81 112.52
C ASN L 91 -25.95 9.57 111.73
N ALA L 92 -27.01 9.70 110.92
CA ALA L 92 -27.48 8.57 110.13
C ALA L 92 -26.45 8.16 109.07
N ALA L 93 -25.72 9.13 108.53
CA ALA L 93 -24.73 8.83 107.50
C ALA L 93 -23.61 7.95 108.04
N GLN L 94 -23.18 8.21 109.28
CA GLN L 94 -22.12 7.42 109.88
C GLN L 94 -22.55 5.98 110.15
N LEU L 95 -23.83 5.79 110.49
CA LEU L 95 -24.33 4.47 110.85
C LEU L 95 -24.67 3.60 109.63
N ARG L 96 -24.69 4.18 108.43
CA ARG L 96 -25.06 3.40 107.24
C ARG L 96 -24.14 2.21 106.97
N PRO L 97 -22.81 2.34 106.99
CA PRO L 97 -21.97 1.17 106.67
C PRO L 97 -22.06 0.04 107.68
N TYR L 98 -22.66 0.27 108.86
CA TYR L 98 -22.70 -0.74 109.91
C TYR L 98 -24.01 -1.51 109.99
N PHE L 99 -25.05 -1.06 109.31
CA PHE L 99 -26.37 -1.67 109.44
C PHE L 99 -27.04 -1.81 108.07
N LYS L 100 -27.76 -2.92 107.89
CA LYS L 100 -28.66 -3.02 106.76
C LYS L 100 -29.93 -2.20 106.98
N TYR L 101 -30.47 -2.22 108.20
CA TYR L 101 -31.61 -1.38 108.55
C TYR L 101 -31.62 -1.17 110.06
N LEU L 102 -32.25 -0.08 110.48
CA LEU L 102 -32.35 0.27 111.88
C LEU L 102 -33.56 1.17 112.07
N GLN L 103 -34.49 0.77 112.92
CA GLN L 103 -35.72 1.50 113.14
C GLN L 103 -35.89 1.81 114.62
N LEU L 104 -36.33 3.03 114.91
CA LEU L 104 -36.56 3.49 116.28
C LEU L 104 -38.03 3.83 116.45
N VAL L 105 -38.62 3.35 117.55
CA VAL L 105 -40.03 3.55 117.85
C VAL L 105 -40.14 4.38 119.13
N LEU L 106 -40.88 5.48 119.07
CA LEU L 106 -41.07 6.37 120.21
C LEU L 106 -42.52 6.30 120.66
N THR L 107 -42.73 6.08 121.95
CA THR L 107 -44.06 5.98 122.53
C THR L 107 -44.19 6.90 123.74
N SER L 108 -45.33 7.57 123.86
CA SER L 108 -45.64 8.38 125.02
C SER L 108 -46.38 7.52 126.03
N ASN L 109 -45.93 7.58 127.29
CA ASN L 109 -46.39 6.68 128.35
C ASN L 109 -46.67 7.45 129.64
N ALA L 110 -46.23 8.70 129.72
CA ALA L 110 -46.26 9.45 130.99
C ALA L 110 -47.65 9.45 131.62
N SER L 111 -48.70 9.36 130.80
CA SER L 111 -50.05 9.11 131.29
C SER L 111 -50.26 7.60 131.38
N SER L 112 -50.55 7.11 132.59
CA SER L 112 -50.74 5.69 132.79
C SER L 112 -51.98 5.17 132.08
N THR L 113 -52.90 6.04 131.69
CA THR L 113 -54.11 5.62 131.00
C THR L 113 -53.97 5.66 129.47
N VAL L 114 -53.13 6.55 128.94
CA VAL L 114 -53.00 6.75 127.51
C VAL L 114 -51.55 6.47 127.10
N GLU L 115 -51.30 5.28 126.57
CA GLU L 115 -50.04 4.96 125.92
C GLU L 115 -50.21 5.14 124.42
N GLU L 116 -49.30 5.89 123.80
CA GLU L 116 -49.37 6.15 122.37
C GLU L 116 -47.98 6.15 121.74
N THR L 117 -47.85 5.44 120.62
CA THR L 117 -46.67 5.55 119.78
C THR L 117 -46.83 6.76 118.85
N LYS L 118 -45.81 7.61 118.83
CA LYS L 118 -45.89 8.88 118.12
C LYS L 118 -45.15 8.91 116.79
N ALA L 119 -43.98 8.30 116.70
CA ALA L 119 -43.21 8.35 115.47
C ALA L 119 -42.34 7.11 115.35
N VAL L 120 -41.95 6.82 114.10
CA VAL L 120 -41.02 5.75 113.78
C VAL L 120 -39.91 6.36 112.92
N LEU L 121 -38.66 6.17 113.35
CA LEU L 121 -37.51 6.71 112.65
C LEU L 121 -36.70 5.58 112.04
N SER L 122 -36.07 5.86 110.89
CA SER L 122 -35.28 4.87 110.18
C SER L 122 -34.13 5.57 109.47
N LEU L 123 -33.20 4.77 108.95
CA LEU L 123 -32.05 5.32 108.25
C LEU L 123 -32.42 5.92 106.91
N LYS L 124 -33.55 5.53 106.33
CA LYS L 124 -34.00 6.10 105.06
C LYS L 124 -34.88 7.32 105.24
N LYS L 125 -35.65 7.38 106.33
CA LYS L 125 -36.49 8.53 106.64
C LYS L 125 -36.18 8.94 108.09
N PRO L 126 -35.15 9.77 108.28
CA PRO L 126 -34.65 10.02 109.65
C PRO L 126 -35.48 11.01 110.46
N SER L 127 -36.38 11.78 109.84
CA SER L 127 -37.04 12.88 110.51
C SER L 127 -38.53 12.60 110.67
N ALA L 128 -39.11 13.14 111.73
CA ALA L 128 -40.54 13.02 112.00
C ALA L 128 -40.99 14.20 112.85
N VAL L 129 -42.30 14.46 112.82
CA VAL L 129 -42.90 15.55 113.57
C VAL L 129 -44.00 14.97 114.46
N ILE L 130 -43.97 15.32 115.75
CA ILE L 130 -44.91 14.81 116.74
C ILE L 130 -45.58 15.97 117.45
N ILE L 131 -46.70 15.64 118.11
CA ILE L 131 -47.52 16.62 118.82
C ILE L 131 -47.70 16.13 120.26
N LEU L 132 -47.46 17.02 121.22
CA LEU L 132 -47.72 16.75 122.63
C LEU L 132 -48.79 17.71 123.12
N ASP L 133 -49.83 17.16 123.76
CA ASP L 133 -50.97 17.97 124.18
C ASP L 133 -51.32 17.78 125.66
N ASN L 134 -52.49 18.27 126.06
CA ASN L 134 -52.88 18.26 127.47
C ASN L 134 -52.89 16.84 128.04
N ASP L 135 -53.25 15.84 127.23
CA ASP L 135 -53.31 14.48 127.74
C ASP L 135 -51.93 13.92 128.06
N ASP L 136 -50.91 14.30 127.29
CA ASP L 136 -49.58 13.76 127.49
C ASP L 136 -48.94 14.29 128.77
N TYR L 137 -49.17 15.56 129.09
CA TYR L 137 -48.52 16.22 130.21
C TYR L 137 -49.05 15.72 131.55
N SER L 138 -48.75 14.47 131.90
CA SER L 138 -49.08 13.95 133.21
C SER L 138 -48.13 14.51 134.25
N SER L 139 -48.59 14.55 135.49
CA SER L 139 -47.95 15.28 136.60
C SER L 139 -47.81 16.77 136.29
N THR L 140 -48.42 17.23 135.19
CA THR L 140 -48.51 18.62 134.79
C THR L 140 -47.16 19.24 134.43
N ASN L 141 -46.07 18.48 134.52
CA ASN L 141 -44.75 19.08 134.36
C ASN L 141 -43.76 18.30 133.49
N LYS L 142 -44.05 17.06 133.08
CA LYS L 142 -43.03 16.31 132.38
C LYS L 142 -43.63 15.30 131.41
N ILE L 143 -42.83 14.96 130.39
CA ILE L 143 -43.13 13.93 129.40
C ILE L 143 -42.08 12.83 129.51
N GLN L 144 -42.52 11.58 129.44
CA GLN L 144 -41.64 10.43 129.43
C GLN L 144 -41.81 9.67 128.12
N LEU L 145 -40.71 9.45 127.41
CA LEU L 145 -40.71 8.77 126.12
C LEU L 145 -39.58 7.75 126.10
N LYS L 146 -39.93 6.48 126.00
CA LYS L 146 -38.92 5.44 125.79
C LYS L 146 -38.70 5.17 124.31
N VAL L 147 -37.55 4.56 124.01
CA VAL L 147 -37.10 4.32 122.65
C VAL L 147 -37.11 2.82 122.40
N GLU L 148 -37.64 2.41 121.25
CA GLU L 148 -37.67 1.01 120.88
C GLU L 148 -36.91 0.83 119.57
N ALA L 149 -36.02 -0.16 119.53
CA ALA L 149 -35.11 -0.34 118.41
C ALA L 149 -35.29 -1.71 117.76
N TYR L 150 -35.28 -1.72 116.43
CA TYR L 150 -35.21 -2.94 115.64
C TYR L 150 -34.06 -2.81 114.66
N TYR L 151 -33.29 -3.89 114.48
CA TYR L 151 -32.03 -3.76 113.76
C TYR L 151 -31.64 -5.09 113.13
N GLU L 152 -30.75 -4.99 112.14
CA GLU L 152 -30.02 -6.13 111.59
C GLU L 152 -28.61 -5.68 111.27
N ALA L 153 -27.63 -6.37 111.82
CA ALA L 153 -26.24 -5.97 111.67
C ALA L 153 -25.66 -6.49 110.36
N LYS L 154 -24.64 -5.79 109.87
CA LYS L 154 -23.95 -6.21 108.66
C LYS L 154 -23.18 -7.50 108.89
N GLU L 155 -22.99 -8.25 107.82
CA GLU L 155 -22.34 -9.56 107.89
C GLU L 155 -20.84 -9.39 108.05
N GLY L 156 -20.28 -9.95 109.13
CA GLY L 156 -18.85 -9.98 109.31
C GLY L 156 -18.21 -8.67 109.71
N MET L 157 -18.97 -7.74 110.29
CA MET L 157 -18.44 -6.45 110.69
C MET L 157 -18.33 -6.41 112.22
N LEU L 158 -17.14 -6.06 112.70
CA LEU L 158 -16.87 -5.97 114.14
C LEU L 158 -16.46 -4.56 114.50
N PHE L 159 -16.98 -4.06 115.61
CA PHE L 159 -16.74 -2.69 116.04
C PHE L 159 -17.13 -2.55 117.50
N ASP L 160 -16.79 -1.41 118.09
CA ASP L 160 -17.15 -1.10 119.46
C ASP L 160 -17.11 0.41 119.65
N SER L 161 -17.83 0.87 120.68
CA SER L 161 -17.87 2.29 121.06
C SER L 161 -18.35 3.16 119.91
N LEU L 162 -19.57 2.86 119.44
CA LEU L 162 -20.19 3.63 118.36
C LEU L 162 -21.41 4.35 118.90
N PRO L 163 -21.46 5.68 118.84
CA PRO L 163 -22.58 6.42 119.42
C PRO L 163 -23.74 6.61 118.46
N VAL L 164 -24.94 6.73 119.05
CA VAL L 164 -26.16 7.05 118.32
C VAL L 164 -26.72 8.34 118.90
N ILE L 165 -27.00 9.31 118.04
CA ILE L 165 -27.34 10.67 118.45
C ILE L 165 -28.71 11.03 117.92
N LEU L 166 -29.53 11.64 118.78
CA LEU L 166 -30.84 12.18 118.39
C LEU L 166 -30.88 13.67 118.71
N ASN L 167 -31.60 14.43 117.89
CA ASN L 167 -31.69 15.87 118.03
C ASN L 167 -33.14 16.31 118.12
N PHE L 168 -33.38 17.38 118.87
CA PHE L 168 -34.71 17.93 119.06
C PHE L 168 -34.72 19.41 118.66
N GLN L 169 -35.81 19.83 118.01
CA GLN L 169 -36.00 21.23 117.64
C GLN L 169 -37.45 21.61 117.82
N VAL L 170 -37.68 22.79 118.39
CA VAL L 170 -39.01 23.30 118.67
C VAL L 170 -39.49 24.12 117.48
N LEU L 171 -40.68 23.80 116.98
CA LEU L 171 -41.27 24.52 115.85
C LEU L 171 -42.32 25.52 116.27
N SER L 172 -43.12 25.21 117.28
CA SER L 172 -44.16 26.11 117.75
C SER L 172 -44.60 25.69 119.14
N VAL L 173 -44.89 26.67 120.00
CA VAL L 173 -45.36 26.42 121.34
C VAL L 173 -46.52 27.37 121.63
N SER L 174 -47.48 26.91 122.43
CA SER L 174 -48.63 27.71 122.79
C SER L 174 -49.14 27.34 124.18
N THR M 26 -31.37 97.45 135.23
CA THR M 26 -32.25 96.95 134.17
C THR M 26 -31.54 95.85 133.37
N THR M 27 -31.67 94.61 133.84
CA THR M 27 -31.03 93.46 133.22
C THR M 27 -32.09 92.45 132.80
N GLN M 28 -31.96 91.94 131.58
CA GLN M 28 -32.88 90.93 131.04
C GLN M 28 -32.21 89.57 131.10
N SER M 29 -32.88 88.61 131.73
CA SER M 29 -32.27 87.29 131.91
C SER M 29 -32.91 86.26 131.00
N PRO M 30 -32.13 85.31 130.48
CA PRO M 30 -32.71 84.25 129.64
C PRO M 30 -33.32 83.11 130.43
N LEU M 31 -32.98 82.96 131.71
CA LEU M 31 -33.60 81.98 132.59
C LEU M 31 -33.38 80.55 132.12
N ASN M 32 -32.13 80.22 131.78
CA ASN M 32 -31.79 78.87 131.36
C ASN M 32 -30.44 78.41 131.91
N SER M 33 -29.98 79.03 133.00
CA SER M 33 -28.68 78.70 133.59
C SER M 33 -28.83 77.72 134.75
N PHE M 34 -29.33 76.52 134.43
CA PHE M 34 -29.49 75.46 135.42
C PHE M 34 -29.06 74.13 134.80
N TYR M 35 -28.30 73.35 135.57
CA TYR M 35 -27.76 72.10 135.05
C TYR M 35 -27.68 71.06 136.17
N ALA M 36 -27.62 69.80 135.76
CA ALA M 36 -27.40 68.67 136.65
C ALA M 36 -26.63 67.60 135.88
N THR M 37 -25.73 66.91 136.58
CA THR M 37 -24.76 66.03 135.91
C THR M 37 -24.71 64.68 136.59
N GLY M 38 -24.60 63.62 135.77
CA GLY M 38 -24.34 62.27 136.26
C GLY M 38 -23.20 61.62 135.51
N THR M 39 -22.97 60.33 135.74
CA THR M 39 -21.85 59.63 135.10
C THR M 39 -22.26 58.19 134.81
N ALA M 40 -21.50 57.56 133.91
CA ALA M 40 -21.70 56.16 133.55
C ALA M 40 -20.39 55.58 133.07
N GLN M 41 -20.29 54.25 133.10
CA GLN M 41 -19.05 53.58 132.71
C GLN M 41 -19.35 52.12 132.40
N ALA M 42 -18.39 51.48 131.72
CA ALA M 42 -18.43 50.05 131.45
C ALA M 42 -17.00 49.60 131.16
N VAL M 43 -16.40 48.85 132.09
CA VAL M 43 -14.97 48.59 132.05
C VAL M 43 -14.65 47.10 132.14
N GLN M 44 -15.55 46.22 131.71
CA GLN M 44 -15.25 44.79 131.72
C GLN M 44 -16.09 44.07 130.67
N GLU M 45 -15.56 42.93 130.21
CA GLU M 45 -16.23 42.08 129.23
C GLU M 45 -17.29 41.23 129.91
N PRO M 46 -18.33 40.82 129.16
CA PRO M 46 -19.45 40.10 129.79
C PRO M 46 -19.06 38.82 130.50
N ILE M 47 -18.13 38.03 129.94
CA ILE M 47 -17.84 36.70 130.45
C ILE M 47 -16.34 36.53 130.65
N ASP M 48 -15.99 35.55 131.47
CA ASP M 48 -14.61 35.12 131.67
C ASP M 48 -14.58 33.61 131.57
N VAL M 49 -13.54 33.06 130.93
CA VAL M 49 -13.48 31.63 130.63
C VAL M 49 -12.18 31.06 131.18
N GLU M 50 -12.28 29.93 131.89
CA GLU M 50 -11.13 29.24 132.45
C GLU M 50 -11.22 27.76 132.10
N SER M 51 -10.07 27.16 131.79
CA SER M 51 -10.00 25.80 131.27
C SER M 51 -9.39 24.84 132.29
N HIS M 52 -9.92 23.62 132.33
CA HIS M 52 -9.41 22.56 133.19
C HIS M 52 -9.39 21.23 132.45
N LEU M 53 -8.93 21.23 131.20
CA LEU M 53 -8.84 20.01 130.40
C LEU M 53 -7.49 19.35 130.69
N ASP M 54 -7.48 18.42 131.63
CA ASP M 54 -6.27 17.78 132.10
C ASP M 54 -6.32 16.27 131.94
N ASN M 55 -6.80 15.79 130.79
CA ASN M 55 -6.74 14.38 130.45
C ASN M 55 -6.23 14.24 129.01
N THR M 56 -5.57 13.11 128.75
CA THR M 56 -4.91 12.87 127.48
C THR M 56 -5.56 11.69 126.77
N ILE M 57 -5.90 11.88 125.49
CA ILE M 57 -6.35 10.78 124.64
C ILE M 57 -5.12 9.98 124.24
N ALA M 58 -4.93 8.82 124.86
CA ALA M 58 -3.74 8.00 124.65
C ALA M 58 -4.13 6.57 124.31
N PRO M 59 -4.60 6.33 123.08
CA PRO M 59 -4.85 4.96 122.63
C PRO M 59 -3.64 4.40 121.90
N ALA M 60 -3.74 3.12 121.56
CA ALA M 60 -2.77 2.50 120.68
C ALA M 60 -3.02 2.90 119.23
N ALA M 61 -2.05 2.61 118.38
CA ALA M 61 -2.16 2.97 116.96
C ALA M 61 -3.28 2.18 116.30
N GLY M 62 -4.21 2.88 115.67
CA GLY M 62 -5.29 2.25 114.95
C GLY M 62 -6.45 1.75 115.79
N ALA M 63 -6.49 2.09 117.08
CA ALA M 63 -7.51 1.59 117.98
C ALA M 63 -8.74 2.50 117.99
N GLN M 64 -9.87 1.91 118.38
CA GLN M 64 -11.13 2.62 118.55
C GLN M 64 -11.40 2.76 120.04
N GLY M 65 -11.69 3.98 120.49
CA GLY M 65 -11.73 4.21 121.92
C GLY M 65 -12.87 5.05 122.45
N TYR M 66 -12.75 5.45 123.72
CA TYR M 66 -13.79 6.15 124.46
C TYR M 66 -13.15 6.84 125.66
N LYS M 67 -13.21 8.18 125.72
CA LYS M 67 -12.43 8.90 126.71
C LYS M 67 -13.14 10.19 127.09
N ASP M 68 -12.92 10.63 128.32
CA ASP M 68 -13.35 11.93 128.80
C ASP M 68 -12.12 12.81 129.06
N MET M 69 -12.32 14.12 129.08
CA MET M 69 -11.20 15.07 129.07
C MET M 69 -11.13 15.95 130.31
N GLY M 70 -12.22 16.61 130.67
CA GLY M 70 -12.21 17.58 131.76
C GLY M 70 -13.44 18.46 131.67
N TYR M 71 -13.31 19.67 132.24
CA TYR M 71 -14.42 20.60 132.24
C TYR M 71 -13.91 22.02 132.11
N VAL M 72 -14.82 22.93 131.71
CA VAL M 72 -14.48 24.32 131.45
C VAL M 72 -15.45 25.20 132.26
N LYS M 73 -14.91 26.26 132.85
CA LYS M 73 -15.70 27.17 133.69
C LYS M 73 -15.94 28.49 132.96
N ILE M 74 -17.18 28.98 133.07
CA ILE M 74 -17.58 30.25 132.49
C ILE M 74 -18.13 31.13 133.60
N ILE M 75 -17.72 32.40 133.63
CA ILE M 75 -18.11 33.34 134.67
C ILE M 75 -18.86 34.50 134.02
N ASN M 76 -20.01 34.85 134.59
CA ASN M 76 -20.89 35.90 134.07
C ASN M 76 -21.03 37.04 135.07
N TYR M 77 -21.09 38.26 134.53
CA TYR M 77 -20.88 39.49 135.29
C TYR M 77 -22.14 40.35 135.32
N THR M 78 -21.98 41.58 135.82
CA THR M 78 -23.11 42.42 136.22
C THR M 78 -24.12 42.62 135.09
N ASP M 79 -25.40 42.49 135.44
CA ASP M 79 -26.53 42.75 134.55
C ASP M 79 -26.55 41.84 133.34
N VAL M 80 -26.00 40.63 133.47
CA VAL M 80 -26.00 39.63 132.41
C VAL M 80 -26.94 38.51 132.81
N ASN M 81 -27.82 38.12 131.89
CA ASN M 81 -28.78 37.04 132.15
C ASN M 81 -28.72 35.92 131.14
N VAL M 82 -28.55 36.25 129.86
CA VAL M 82 -28.53 35.24 128.79
C VAL M 82 -27.35 35.52 127.88
N VAL M 83 -26.62 34.46 127.53
CA VAL M 83 -25.43 34.56 126.69
C VAL M 83 -25.57 33.60 125.52
N LYS M 84 -25.25 34.09 124.32
CA LYS M 84 -25.20 33.28 123.11
C LYS M 84 -23.75 33.10 122.71
N LEU M 85 -23.35 31.84 122.49
CA LEU M 85 -21.95 31.50 122.27
C LEU M 85 -21.81 30.67 121.00
N LYS M 86 -20.61 30.76 120.42
CA LYS M 86 -20.22 29.94 119.27
C LYS M 86 -18.91 29.24 119.60
N VAL M 87 -18.88 27.92 119.44
CA VAL M 87 -17.73 27.10 119.76
C VAL M 87 -17.26 26.38 118.51
N THR M 88 -15.95 26.42 118.26
CA THR M 88 -15.37 25.84 117.06
C THR M 88 -14.05 25.17 117.39
N LEU M 89 -13.62 24.29 116.50
CA LEU M 89 -12.32 23.62 116.60
C LEU M 89 -11.32 24.44 115.80
N ALA M 90 -10.34 25.03 116.48
CA ALA M 90 -9.42 25.96 115.83
C ALA M 90 -8.40 25.25 114.94
N ASN M 91 -7.93 24.07 115.34
CA ASN M 91 -6.87 23.38 114.62
C ASN M 91 -7.35 22.06 114.04
N ALA M 92 -8.54 22.06 113.44
CA ALA M 92 -9.09 20.84 112.85
C ALA M 92 -8.24 20.38 111.66
N ALA M 93 -7.68 21.32 110.91
CA ALA M 93 -6.87 20.95 109.74
C ALA M 93 -5.62 20.18 110.15
N GLN M 94 -4.99 20.58 111.25
CA GLN M 94 -3.79 19.89 111.71
C GLN M 94 -4.10 18.47 112.18
N LEU M 95 -5.27 18.26 112.77
CA LEU M 95 -5.63 16.95 113.33
C LEU M 95 -6.14 15.97 112.28
N ARG M 96 -6.41 16.42 111.05
CA ARG M 96 -6.94 15.52 110.04
C ARG M 96 -6.02 14.35 109.70
N PRO M 97 -4.71 14.52 109.46
CA PRO M 97 -3.88 13.37 109.10
C PRO M 97 -3.72 12.34 110.21
N TYR M 98 -4.11 12.66 111.44
CA TYR M 98 -3.90 11.75 112.57
C TYR M 98 -5.13 10.95 112.95
N PHE M 99 -6.30 11.28 112.44
CA PHE M 99 -7.54 10.65 112.87
C PHE M 99 -8.43 10.35 111.66
N LYS M 100 -9.12 9.19 111.72
CA LYS M 100 -10.20 8.95 110.78
C LYS M 100 -11.45 9.73 111.16
N TYR M 101 -11.76 9.81 112.46
CA TYR M 101 -12.86 10.63 112.94
C TYR M 101 -12.61 10.98 114.39
N LEU M 102 -13.22 12.09 114.82
CA LEU M 102 -13.08 12.57 116.19
C LEU M 102 -14.29 13.44 116.51
N GLN M 103 -15.02 13.08 117.56
CA GLN M 103 -16.24 13.78 117.94
C GLN M 103 -16.16 14.22 119.39
N LEU M 104 -16.60 15.45 119.65
CA LEU M 104 -16.61 16.03 120.98
C LEU M 104 -18.04 16.33 121.39
N VAL M 105 -18.40 15.93 122.61
CA VAL M 105 -19.74 16.11 123.15
C VAL M 105 -19.66 17.05 124.36
N LEU M 106 -20.46 18.11 124.33
CA LEU M 106 -20.49 19.10 125.41
C LEU M 106 -21.84 19.01 126.12
N THR M 107 -21.79 18.92 127.45
CA THR M 107 -23.00 18.82 128.26
C THR M 107 -22.95 19.83 129.39
N SER M 108 -24.09 20.48 129.66
CA SER M 108 -24.23 21.39 130.78
C SER M 108 -24.73 20.60 131.99
N ASN M 109 -24.06 20.78 133.14
CA ASN M 109 -24.27 19.99 134.32
C ASN M 109 -24.36 20.85 135.58
N ALA M 110 -23.98 22.14 135.47
CA ALA M 110 -23.82 23.00 136.64
C ALA M 110 -25.08 23.01 137.52
N SER M 111 -26.25 22.80 136.92
CA SER M 111 -27.47 22.54 137.67
C SER M 111 -27.59 21.04 137.93
N SER M 112 -27.62 20.66 139.21
CA SER M 112 -27.70 19.25 139.57
C SER M 112 -29.01 18.62 139.14
N THR M 113 -30.04 19.42 138.85
CA THR M 113 -31.32 18.89 138.43
C THR M 113 -31.46 18.78 136.92
N VAL M 114 -30.78 19.65 136.16
CA VAL M 114 -30.93 19.71 134.72
C VAL M 114 -29.56 19.45 134.08
N GLU M 115 -29.34 18.22 133.62
CA GLU M 115 -28.20 17.88 132.77
C GLU M 115 -28.65 17.91 131.31
N GLU M 116 -27.91 18.64 130.49
CA GLU M 116 -28.25 18.75 129.07
C GLU M 116 -27.00 18.75 128.21
N THR M 117 -27.03 17.94 127.15
CA THR M 117 -26.02 18.03 126.09
C THR M 117 -26.41 19.13 125.11
N LYS M 118 -25.46 20.02 124.82
CA LYS M 118 -25.75 21.21 124.03
C LYS M 118 -25.26 21.13 122.59
N ALA M 119 -24.09 20.55 122.34
CA ALA M 119 -23.56 20.52 120.99
C ALA M 119 -22.66 19.32 120.81
N VAL M 120 -22.48 18.92 119.56
CA VAL M 120 -21.56 17.86 119.16
C VAL M 120 -20.66 18.42 118.07
N LEU M 121 -19.35 18.34 118.27
CA LEU M 121 -18.37 18.84 117.32
C LEU M 121 -17.63 17.69 116.66
N SER M 122 -17.24 17.89 115.41
CA SER M 122 -16.54 16.87 114.65
C SER M 122 -15.57 17.54 113.70
N LEU M 123 -14.70 16.72 113.08
CA LEU M 123 -13.73 17.25 112.14
C LEU M 123 -14.37 17.71 110.83
N LYS M 124 -15.56 17.22 110.52
CA LYS M 124 -16.25 17.64 109.30
C LYS M 124 -17.16 18.84 109.53
N LYS M 125 -17.72 18.98 110.73
CA LYS M 125 -18.56 20.12 111.11
C LYS M 125 -18.02 20.68 112.42
N PRO M 126 -17.02 21.56 112.34
CA PRO M 126 -16.30 21.96 113.56
C PRO M 126 -17.02 22.99 114.43
N SER M 127 -18.05 23.65 113.92
CA SER M 127 -18.65 24.79 114.61
C SER M 127 -20.07 24.47 115.05
N ALA M 128 -20.48 25.09 116.16
CA ALA M 128 -21.82 24.94 116.69
C ALA M 128 -22.18 26.18 117.50
N VAL M 129 -23.49 26.38 117.69
CA VAL M 129 -24.01 27.51 118.44
C VAL M 129 -24.89 26.98 119.57
N ILE M 130 -24.65 27.46 120.79
CA ILE M 130 -25.36 26.99 121.97
C ILE M 130 -25.97 28.20 122.69
N ILE M 131 -26.92 27.90 123.58
CA ILE M 131 -27.65 28.91 124.34
C ILE M 131 -27.56 28.55 125.82
N LEU M 132 -27.20 29.53 126.64
CA LEU M 132 -27.18 29.39 128.09
C LEU M 132 -28.20 30.35 128.68
N ASP M 133 -29.06 29.83 129.55
CA ASP M 133 -30.16 30.63 130.10
C ASP M 133 -30.22 30.57 131.62
N ASN M 134 -31.33 31.05 132.20
CA ASN M 134 -31.46 31.14 133.65
C ASN M 134 -31.29 29.80 134.33
N ASP M 135 -31.73 28.72 133.69
CA ASP M 135 -31.62 27.40 134.32
C ASP M 135 -30.17 26.94 134.43
N ASP M 136 -29.34 27.29 133.45
CA ASP M 136 -27.95 26.82 133.45
C ASP M 136 -27.13 27.49 134.55
N TYR M 137 -27.38 28.78 134.79
CA TYR M 137 -26.57 29.56 135.71
C TYR M 137 -26.83 29.18 137.16
N SER M 138 -26.39 27.98 137.55
CA SER M 138 -26.46 27.58 138.95
C SER M 138 -25.36 28.27 139.75
N SER M 139 -25.60 28.42 141.04
CA SER M 139 -24.82 29.27 141.94
C SER M 139 -24.81 30.72 141.48
N THR M 140 -25.63 31.06 140.48
CA THR M 140 -25.87 32.41 139.98
C THR M 140 -24.65 33.03 139.32
N ASN M 141 -23.51 32.32 139.27
CA ASN M 141 -22.28 32.95 138.82
C ASN M 141 -21.43 32.14 137.86
N LYS M 142 -21.72 30.86 137.62
CA LYS M 142 -20.79 30.08 136.81
C LYS M 142 -21.50 28.95 136.06
N ILE M 143 -20.88 28.55 134.95
CA ILE M 143 -21.30 27.42 134.12
C ILE M 143 -20.18 26.39 134.13
N GLN M 144 -20.56 25.11 134.25
CA GLN M 144 -19.63 24.00 134.19
C GLN M 144 -19.99 23.11 133.00
N LEU M 145 -19.02 22.87 132.12
CA LEU M 145 -19.21 22.08 130.91
C LEU M 145 -18.05 21.10 130.78
N LYS M 146 -18.33 19.81 130.85
CA LYS M 146 -17.32 18.80 130.56
C LYS M 146 -17.36 18.39 129.10
N VAL M 147 -16.26 17.81 128.64
CA VAL M 147 -16.04 17.45 127.24
C VAL M 147 -16.01 15.93 127.13
N GLU M 148 -16.72 15.40 126.15
CA GLU M 148 -16.73 13.96 125.90
C GLU M 148 -16.22 13.69 124.50
N ALA M 149 -15.28 12.74 124.39
CA ALA M 149 -14.58 12.48 123.13
C ALA M 149 -14.80 11.05 122.67
N TYR M 150 -15.02 10.91 121.36
CA TYR M 150 -15.05 9.62 120.68
C TYR M 150 -14.09 9.70 119.50
N TYR M 151 -13.31 8.65 119.27
CA TYR M 151 -12.21 8.75 118.33
C TYR M 151 -11.86 7.39 117.75
N GLU M 152 -11.17 7.43 116.62
CA GLU M 152 -10.50 6.26 116.04
C GLU M 152 -9.19 6.74 115.42
N ALA M 153 -8.08 6.14 115.85
CA ALA M 153 -6.76 6.57 115.41
C ALA M 153 -6.40 5.96 114.06
N LYS M 154 -5.53 6.65 113.33
CA LYS M 154 -5.04 6.15 112.06
C LYS M 154 -4.17 4.91 112.26
N GLU M 155 -4.14 4.07 111.24
CA GLU M 155 -3.42 2.81 111.31
C GLU M 155 -1.92 3.05 111.17
N GLY M 156 -1.15 2.61 112.17
CA GLY M 156 0.30 2.65 112.08
C GLY M 156 0.92 4.02 112.25
N MET M 157 0.23 4.97 112.87
CA MET M 157 0.74 6.32 113.06
C MET M 157 1.12 6.51 114.51
N LEU M 158 2.36 6.96 114.74
CA LEU M 158 2.88 7.19 116.09
C LEU M 158 3.27 8.65 116.24
N PHE M 159 2.92 9.23 117.39
CA PHE M 159 3.16 10.65 117.65
C PHE M 159 3.04 10.91 119.14
N ASP M 160 3.41 12.12 119.55
CA ASP M 160 3.28 12.54 120.93
C ASP M 160 3.27 14.06 120.97
N SER M 161 2.73 14.58 122.07
CA SER M 161 2.68 16.03 122.33
C SER M 161 1.93 16.77 121.21
N LEU M 162 0.68 16.38 120.99
CA LEU M 162 -0.17 17.01 119.99
C LEU M 162 -1.32 17.74 120.68
N PRO M 163 -1.44 19.05 120.52
CA PRO M 163 -2.48 19.80 121.23
C PRO M 163 -3.81 19.85 120.49
N VAL M 164 -4.88 19.98 121.27
CA VAL M 164 -6.23 20.18 120.76
C VAL M 164 -6.74 21.50 121.32
N ILE M 165 -7.23 22.37 120.44
CA ILE M 165 -7.56 23.75 120.78
C ILE M 165 -9.03 24.00 120.48
N LEU M 166 -9.72 24.66 121.41
CA LEU M 166 -11.10 25.10 121.24
C LEU M 166 -11.16 26.61 121.43
N ASN M 167 -12.07 27.26 120.69
CA ASN M 167 -12.20 28.71 120.72
C ASN M 167 -13.64 29.10 121.03
N PHE M 168 -13.80 30.23 121.71
CA PHE M 168 -15.12 30.74 122.09
C PHE M 168 -15.28 32.16 121.58
N GLN M 169 -16.49 32.48 121.11
CA GLN M 169 -16.81 33.82 120.65
C GLN M 169 -18.23 34.16 121.07
N VAL M 170 -18.42 35.39 121.56
CA VAL M 170 -19.71 35.87 122.03
C VAL M 170 -20.44 36.55 120.88
N LEU M 171 -21.68 36.14 120.64
CA LEU M 171 -22.49 36.71 119.58
C LEU M 171 -23.51 37.72 120.10
N SER M 172 -24.10 37.47 121.27
CA SER M 172 -25.09 38.37 121.83
C SER M 172 -25.24 38.07 123.32
N VAL M 173 -25.42 39.12 124.12
CA VAL M 173 -25.64 38.98 125.55
C VAL M 173 -26.78 39.91 125.95
N SER M 174 -27.54 39.48 126.96
CA SER M 174 -28.66 40.27 127.46
C SER M 174 -28.89 40.02 128.94
N THR N 26 -13.40 111.51 130.32
CA THR N 26 -14.42 110.88 129.49
C THR N 26 -13.82 109.74 128.68
N THR N 27 -13.80 108.54 129.27
CA THR N 27 -13.20 107.36 128.65
C THR N 27 -14.26 106.28 128.52
N GLN N 28 -14.33 105.65 127.35
CA GLN N 28 -15.27 104.57 127.07
C GLN N 28 -14.53 103.24 127.13
N SER N 29 -15.02 102.32 127.96
CA SER N 29 -14.31 101.06 128.13
C SER N 29 -15.04 99.91 127.45
N PRO N 30 -14.31 98.96 126.88
CA PRO N 30 -14.97 97.80 126.26
C PRO N 30 -15.38 96.71 127.24
N LEU N 31 -14.80 96.70 128.44
CA LEU N 31 -15.20 95.79 129.52
C LEU N 31 -14.99 94.32 129.13
N ASN N 32 -13.80 94.02 128.61
CA ASN N 32 -13.47 92.64 128.25
C ASN N 32 -12.02 92.29 128.59
N SER N 33 -11.40 93.03 129.51
CA SER N 33 -10.00 92.82 129.87
C SER N 33 -9.89 91.94 131.13
N PHE N 34 -10.37 90.71 131.01
CA PHE N 34 -10.29 89.73 132.10
C PHE N 34 -9.90 88.37 131.53
N TYR N 35 -8.97 87.70 132.20
CA TYR N 35 -8.47 86.43 131.72
C TYR N 35 -8.12 85.51 132.88
N ALA N 36 -8.07 84.21 132.58
CA ALA N 36 -7.64 83.18 133.52
C ALA N 36 -6.96 82.08 132.72
N THR N 37 -5.91 81.49 133.28
CA THR N 37 -5.03 80.60 132.53
C THR N 37 -4.77 79.31 133.31
N GLY N 38 -4.75 78.19 132.59
CA GLY N 38 -4.33 76.91 133.13
C GLY N 38 -3.32 76.23 132.24
N THR N 39 -2.97 74.97 132.54
CA THR N 39 -1.95 74.26 131.78
C THR N 39 -2.31 72.79 131.68
N ALA N 40 -1.70 72.11 130.72
CA ALA N 40 -1.88 70.67 130.53
C ALA N 40 -0.64 70.10 129.87
N GLN N 41 -0.47 68.79 130.00
CA GLN N 41 0.71 68.13 129.44
C GLN N 41 0.45 66.62 129.32
N ALA N 42 1.30 65.97 128.54
CA ALA N 42 1.30 64.52 128.41
C ALA N 42 2.67 64.10 127.91
N VAL N 43 3.47 63.46 128.77
CA VAL N 43 4.88 63.26 128.49
C VAL N 43 5.30 61.80 128.64
N GLN N 44 4.38 60.85 128.47
CA GLN N 44 4.77 59.44 128.55
C GLN N 44 3.79 58.58 127.75
N GLU N 45 4.30 57.43 127.29
CA GLU N 45 3.51 56.47 126.53
C GLU N 45 2.63 55.64 127.47
N PRO N 46 1.50 55.12 126.96
CA PRO N 46 0.56 54.43 127.85
C PRO N 46 1.14 53.23 128.58
N ILE N 47 2.00 52.43 127.93
CA ILE N 47 2.45 51.17 128.50
C ILE N 47 3.97 51.08 128.42
N ASP N 48 4.52 50.19 129.26
CA ASP N 48 5.93 49.85 129.22
C ASP N 48 6.02 48.32 129.26
N VAL N 49 6.96 47.76 128.50
CA VAL N 49 7.05 46.31 128.31
C VAL N 49 8.46 45.85 128.66
N GLU N 50 8.55 44.80 129.47
CA GLU N 50 9.82 44.21 129.87
C GLU N 50 9.76 42.70 129.67
N SER N 51 10.86 42.11 129.21
CA SER N 51 10.91 40.72 128.81
C SER N 51 11.75 39.89 129.77
N HIS N 52 11.30 38.65 130.02
CA HIS N 52 12.01 37.70 130.87
C HIS N 52 11.98 36.31 130.26
N LEU N 53 12.21 36.21 128.94
CA LEU N 53 12.22 34.92 128.25
C LEU N 53 13.63 34.35 128.34
N ASP N 54 13.85 33.51 129.34
CA ASP N 54 15.17 32.97 129.64
C ASP N 54 15.19 31.44 129.62
N ASN N 55 14.53 30.84 128.63
CA ASN N 55 14.61 29.40 128.40
C ASN N 55 14.86 29.14 126.93
N THR N 56 15.52 28.03 126.64
CA THR N 56 15.96 27.69 125.30
C THR N 56 15.25 26.42 124.82
N ILE N 57 14.69 26.48 123.62
CA ILE N 57 14.15 25.28 122.97
C ILE N 57 15.33 24.49 122.41
N ALA N 58 15.70 23.41 123.09
CA ALA N 58 16.87 22.62 122.75
C ALA N 58 16.51 21.15 122.60
N PRO N 59 15.84 20.77 121.51
CA PRO N 59 15.59 19.36 121.23
C PRO N 59 16.68 18.77 120.35
N ALA N 60 16.58 17.46 120.13
CA ALA N 60 17.43 16.81 119.16
C ALA N 60 16.89 17.05 117.75
N ALA N 61 17.71 16.71 116.76
CA ALA N 61 17.33 16.94 115.37
C ALA N 61 16.16 16.04 114.99
N GLY N 62 15.08 16.64 114.49
CA GLY N 62 13.93 15.90 114.04
C GLY N 62 12.98 15.44 115.12
N ALA N 63 13.15 15.90 116.35
CA ALA N 63 12.34 15.45 117.46
C ALA N 63 11.08 16.30 117.62
N GLN N 64 10.07 15.72 118.27
CA GLN N 64 8.83 16.39 118.60
C GLN N 64 8.81 16.66 120.10
N GLY N 65 8.55 17.90 120.49
CA GLY N 65 8.75 18.28 121.87
C GLY N 65 7.68 19.12 122.52
N TYR N 66 8.01 19.64 123.72
CA TYR N 66 7.07 20.37 124.57
C TYR N 66 7.88 21.20 125.56
N LYS N 67 7.75 22.53 125.52
CA LYS N 67 8.65 23.37 126.27
C LYS N 67 7.95 24.66 126.66
N ASP N 68 8.37 25.23 127.80
CA ASP N 68 7.96 26.56 128.23
C ASP N 68 9.15 27.50 128.18
N MET N 69 8.89 28.80 128.12
CA MET N 69 9.94 29.78 127.81
C MET N 69 10.18 30.78 128.93
N GLY N 70 9.14 31.42 129.44
CA GLY N 70 9.30 32.49 130.41
C GLY N 70 8.03 33.32 130.49
N TYR N 71 8.17 34.58 130.91
CA TYR N 71 7.03 35.46 131.03
C TYR N 71 7.43 36.89 130.68
N VAL N 72 6.42 37.71 130.38
CA VAL N 72 6.62 39.09 129.94
C VAL N 72 5.77 40.00 130.83
N LYS N 73 6.34 41.13 131.23
CA LYS N 73 5.68 42.09 132.10
C LYS N 73 5.22 43.32 131.32
N ILE N 74 4.01 43.77 131.61
CA ILE N 74 3.43 44.96 131.00
C ILE N 74 3.04 45.93 132.12
N ILE N 75 3.39 47.20 131.96
CA ILE N 75 3.13 48.22 132.96
C ILE N 75 2.21 49.29 132.37
N ASN N 76 1.16 49.64 133.10
CA ASN N 76 0.15 50.59 132.66
C ASN N 76 0.13 51.83 133.57
N TYR N 77 -0.10 52.98 132.95
CA TYR N 77 0.18 54.29 133.54
C TYR N 77 -1.11 55.10 133.73
N THR N 78 -0.93 56.37 134.08
CA THR N 78 -2.01 57.20 134.61
C THR N 78 -3.21 57.26 133.67
N ASP N 79 -4.41 57.11 134.26
CA ASP N 79 -5.69 57.24 133.57
C ASP N 79 -5.88 56.21 132.47
N VAL N 80 -5.25 55.05 132.60
CA VAL N 80 -5.37 53.94 131.65
C VAL N 80 -6.16 52.84 132.32
N ASN N 81 -7.17 52.32 131.62
CA ASN N 81 -8.00 51.25 132.15
C ASN N 81 -8.08 50.03 131.24
N VAL N 82 -8.15 50.23 129.93
CA VAL N 82 -8.27 49.13 128.97
C VAL N 82 -7.28 49.37 127.83
N VAL N 83 -6.58 48.31 127.45
CA VAL N 83 -5.56 48.38 126.40
C VAL N 83 -5.85 47.31 125.36
N LYS N 84 -5.79 47.69 124.09
CA LYS N 84 -5.91 46.77 122.96
C LYS N 84 -4.54 46.60 122.32
N LEU N 85 -4.12 45.35 122.14
CA LEU N 85 -2.77 45.04 121.70
C LEU N 85 -2.80 44.10 120.50
N LYS N 86 -1.73 44.17 119.70
CA LYS N 86 -1.52 43.26 118.58
C LYS N 86 -0.13 42.65 118.71
N VAL N 87 -0.06 41.32 118.68
CA VAL N 87 1.18 40.59 118.86
C VAL N 87 1.46 39.78 117.60
N THR N 88 2.69 39.84 117.12
CA THR N 88 3.08 39.17 115.89
C THR N 88 4.47 38.59 116.03
N LEU N 89 4.80 37.64 115.15
CA LEU N 89 6.12 37.04 115.07
C LEU N 89 6.91 37.81 114.01
N ALA N 90 7.96 38.50 114.46
CA ALA N 90 8.70 39.40 113.57
C ALA N 90 9.57 38.65 112.58
N ASN N 91 10.17 37.53 113.00
CA ASN N 91 11.13 36.82 112.15
C ASN N 91 10.62 35.43 111.78
N ALA N 92 9.35 35.33 111.41
CA ALA N 92 8.79 34.04 111.04
C ALA N 92 9.42 33.50 109.77
N ALA N 93 9.79 34.39 108.83
CA ALA N 93 10.39 33.94 107.58
C ALA N 93 11.73 33.26 107.82
N GLN N 94 12.53 33.78 108.75
CA GLN N 94 13.83 33.19 109.04
C GLN N 94 13.69 31.81 109.68
N LEU N 95 12.65 31.62 110.50
CA LEU N 95 12.47 30.35 111.22
C LEU N 95 11.85 29.26 110.37
N ARG N 96 11.34 29.58 109.18
CA ARG N 96 10.68 28.56 108.36
C ARG N 96 11.59 27.40 107.97
N PRO N 97 12.83 27.60 107.48
CA PRO N 97 13.64 26.44 107.06
C PRO N 97 14.05 25.54 108.22
N TYR N 98 13.87 25.95 109.46
CA TYR N 98 14.33 25.18 110.61
C TYR N 98 13.24 24.36 111.29
N PHE N 99 11.97 24.60 110.98
CA PHE N 99 10.87 23.96 111.68
C PHE N 99 9.80 23.51 110.69
N LYS N 100 9.21 22.35 110.97
CA LYS N 100 7.98 21.97 110.27
C LYS N 100 6.78 22.74 110.80
N TYR N 101 6.70 22.92 112.12
CA TYR N 101 5.66 23.74 112.72
C TYR N 101 6.15 24.24 114.07
N LEU N 102 5.57 25.37 114.50
CA LEU N 102 5.92 25.97 115.78
C LEU N 102 4.75 26.82 116.24
N GLN N 103 4.23 26.53 117.43
CA GLN N 103 3.07 27.23 117.96
C GLN N 103 3.38 27.81 119.33
N LEU N 104 2.93 29.04 119.56
CA LEU N 104 3.12 29.74 120.81
C LEU N 104 1.77 30.03 121.45
N VAL N 105 1.66 29.74 122.75
CA VAL N 105 0.43 29.91 123.51
C VAL N 105 0.67 30.96 124.59
N LEU N 106 -0.18 31.98 124.62
CA LEU N 106 -0.07 33.07 125.59
C LEU N 106 -1.26 33.00 126.55
N THR N 107 -0.97 33.04 127.84
CA THR N 107 -2.00 32.97 128.87
C THR N 107 -1.81 34.09 129.88
N SER N 108 -2.92 34.70 130.30
CA SER N 108 -2.91 35.72 131.34
C SER N 108 -3.13 35.03 132.68
N ASN N 109 -2.28 35.36 133.66
CA ASN N 109 -2.23 34.66 134.95
C ASN N 109 -2.14 35.65 136.10
N ALA N 110 -1.86 36.93 135.82
CA ALA N 110 -1.54 37.89 136.86
C ALA N 110 -2.62 37.95 137.95
N SER N 111 -3.87 37.64 137.60
CA SER N 111 -4.92 37.40 138.58
C SER N 111 -4.90 35.93 138.99
N SER N 112 -4.68 35.68 140.28
CA SER N 112 -4.60 34.31 140.77
C SER N 112 -5.94 33.59 140.65
N THR N 113 -7.04 34.31 140.49
CA THR N 113 -8.35 33.70 140.36
C THR N 113 -8.76 33.43 138.91
N VAL N 114 -8.27 34.25 137.97
CA VAL N 114 -8.68 34.17 136.57
C VAL N 114 -7.44 33.90 135.72
N GLU N 115 -7.24 32.65 135.33
CA GLU N 115 -6.25 32.27 134.33
C GLU N 115 -6.95 32.14 132.98
N GLU N 116 -6.42 32.82 131.97
CA GLU N 116 -7.01 32.78 130.63
C GLU N 116 -5.94 32.74 129.56
N THR N 117 -6.11 31.83 128.60
CA THR N 117 -5.32 31.84 127.37
C THR N 117 -5.93 32.83 126.39
N LYS N 118 -5.11 33.73 125.85
CA LYS N 118 -5.60 34.83 125.02
C LYS N 118 -5.36 34.64 123.54
N ALA N 119 -4.23 34.08 123.13
CA ALA N 119 -3.96 33.93 121.71
C ALA N 119 -3.03 32.75 121.47
N VAL N 120 -3.07 32.25 120.24
CA VAL N 120 -2.17 31.19 119.78
C VAL N 120 -1.52 31.69 118.49
N LEU N 121 -0.19 31.67 118.46
CA LEU N 121 0.57 32.11 117.30
C LEU N 121 1.25 30.93 116.63
N SER N 122 1.41 31.03 115.31
CA SER N 122 2.01 29.97 114.53
C SER N 122 2.75 30.57 113.36
N LEU N 123 3.53 29.75 112.67
CA LEU N 123 4.30 30.21 111.52
C LEU N 123 3.41 30.52 110.32
N LYS N 124 2.21 29.96 110.26
CA LYS N 124 1.28 30.23 109.17
C LYS N 124 0.36 31.41 109.46
N LYS N 125 0.02 31.64 110.73
CA LYS N 125 -0.80 32.78 111.15
C LYS N 125 -0.07 33.48 112.28
N PRO N 126 0.87 34.39 111.95
CA PRO N 126 1.76 34.94 112.98
C PRO N 126 1.16 36.02 113.85
N SER N 127 0.01 36.58 113.50
CA SER N 127 -0.52 37.76 114.18
C SER N 127 -1.82 37.43 114.90
N ALA N 128 -2.05 38.14 116.01
CA ALA N 128 -3.27 37.98 116.79
C ALA N 128 -3.55 39.28 117.53
N VAL N 129 -4.80 39.44 117.95
CA VAL N 129 -5.25 40.63 118.68
C VAL N 129 -5.88 40.17 119.99
N ILE N 130 -5.45 40.78 121.10
CA ILE N 130 -5.91 40.40 122.43
C ILE N 130 -6.45 41.63 123.14
N ILE N 131 -7.21 41.39 124.21
CA ILE N 131 -7.84 42.43 125.00
C ILE N 131 -7.46 42.23 126.46
N LEU N 132 -7.02 43.30 127.12
CA LEU N 132 -6.74 43.30 128.54
C LEU N 132 -7.69 44.27 129.23
N ASP N 133 -8.35 43.81 130.29
CA ASP N 133 -9.37 44.61 130.95
C ASP N 133 -9.16 44.69 132.46
N ASN N 134 -10.17 45.19 133.18
CA ASN N 134 -10.04 45.42 134.62
C ASN N 134 -9.67 44.15 135.38
N ASP N 135 -10.16 42.99 134.93
CA ASP N 135 -9.86 41.75 135.64
C ASP N 135 -8.40 41.35 135.52
N ASP N 136 -7.77 41.64 134.38
CA ASP N 136 -6.38 41.23 134.16
C ASP N 136 -5.42 42.04 135.02
N TYR N 137 -5.69 43.33 135.20
CA TYR N 137 -4.77 44.23 135.88
C TYR N 137 -4.74 43.98 137.38
N SER N 138 -4.19 42.84 137.79
CA SER N 138 -3.97 42.57 139.20
C SER N 138 -2.79 43.38 139.71
N SER N 139 -2.80 43.65 141.02
CA SER N 139 -1.92 44.61 141.68
C SER N 139 -2.08 46.01 141.10
N THR N 140 -3.08 46.21 140.24
CA THR N 140 -3.48 47.50 139.68
C THR N 140 -2.44 48.12 138.75
N ASN N 141 -1.29 47.45 138.56
CA ASN N 141 -0.20 48.07 137.83
C ASN N 141 0.51 47.21 136.81
N LYS N 142 0.25 45.90 136.74
CA LYS N 142 1.07 45.08 135.84
C LYS N 142 0.30 43.86 135.35
N ILE N 143 0.73 43.38 134.18
CA ILE N 143 0.24 42.16 133.54
C ILE N 143 1.39 41.17 133.44
N GLN N 144 1.11 39.90 133.73
CA GLN N 144 2.08 38.82 133.59
C GLN N 144 1.56 37.82 132.58
N LEU N 145 2.37 37.53 131.56
CA LEU N 145 2.01 36.61 130.48
C LEU N 145 3.18 35.68 130.22
N LYS N 146 2.99 34.38 130.46
CA LYS N 146 3.98 33.39 130.08
C LYS N 146 3.71 32.84 128.68
N VAL N 147 4.75 32.27 128.09
CA VAL N 147 4.72 31.78 126.71
C VAL N 147 4.82 30.26 126.74
N GLU N 148 3.98 29.61 125.94
CA GLU N 148 4.01 28.15 125.85
C GLU N 148 4.28 27.77 124.40
N ALA N 149 5.22 26.85 124.20
CA ALA N 149 5.70 26.50 122.87
C ALA N 149 5.47 25.03 122.56
N TYR N 150 5.03 24.75 121.34
CA TYR N 150 4.97 23.41 120.79
C TYR N 150 5.69 23.41 119.45
N TYR N 151 6.47 22.37 119.19
CA TYR N 151 7.38 22.43 118.04
C TYR N 151 7.69 21.03 117.53
N GLU N 152 8.17 20.97 116.29
CA GLU N 152 8.79 19.80 115.71
C GLU N 152 9.93 20.26 114.83
N ALA N 153 11.13 19.75 115.08
CA ALA N 153 12.33 20.19 114.37
C ALA N 153 12.48 19.46 113.05
N LYS N 154 13.16 20.11 112.11
CA LYS N 154 13.43 19.51 110.81
C LYS N 154 14.39 18.33 110.96
N GLU N 155 14.29 17.39 110.02
CA GLU N 155 15.09 16.17 110.07
C GLU N 155 16.52 16.47 109.64
N GLY N 156 17.47 16.16 110.52
CA GLY N 156 18.88 16.24 110.17
C GLY N 156 19.45 17.65 110.09
N MET N 157 18.82 18.62 110.74
CA MET N 157 19.29 20.01 110.71
C MET N 157 19.92 20.35 112.05
N LEU N 158 21.14 20.87 112.02
CA LEU N 158 21.87 21.25 113.22
C LEU N 158 22.21 22.73 113.16
N PHE N 159 22.04 23.41 114.30
CA PHE N 159 22.25 24.84 114.38
C PHE N 159 22.37 25.24 115.85
N ASP N 160 22.74 26.49 116.06
CA ASP N 160 22.84 27.05 117.41
C ASP N 160 22.75 28.56 117.32
N SER N 161 22.39 29.18 118.45
CA SER N 161 22.31 30.63 118.58
C SER N 161 21.33 31.23 117.56
N LEU N 162 20.09 30.77 117.62
CA LEU N 162 19.03 31.27 116.74
C LEU N 162 18.00 32.02 117.56
N PRO N 163 17.77 33.30 117.31
CA PRO N 163 16.83 34.07 118.12
C PRO N 163 15.39 34.00 117.64
N VAL N 164 14.48 34.15 118.58
CA VAL N 164 13.04 34.26 118.32
C VAL N 164 12.56 35.60 118.85
N ILE N 165 11.87 36.36 118.00
CA ILE N 165 11.54 37.75 118.28
C ILE N 165 10.02 37.92 118.23
N LEU N 166 9.48 38.64 119.21
CA LEU N 166 8.07 39.01 119.25
C LEU N 166 7.96 40.52 119.32
N ASN N 167 6.90 41.06 118.71
CA ASN N 167 6.69 42.50 118.63
C ASN N 167 5.31 42.86 119.17
N PHE N 168 5.21 44.04 119.77
CA PHE N 168 3.96 44.54 120.33
C PHE N 168 3.63 45.90 119.74
N GLN N 169 2.34 46.12 119.47
CA GLN N 169 1.86 47.40 118.96
C GLN N 169 0.52 47.72 119.61
N VAL N 170 0.36 48.97 120.02
CA VAL N 170 -0.85 49.45 120.67
C VAL N 170 -1.80 49.98 119.62
N LEU N 171 -3.05 49.51 119.64
CA LEU N 171 -4.06 49.95 118.71
C LEU N 171 -5.04 50.96 119.31
N SER N 172 -5.40 50.80 120.58
CA SER N 172 -6.31 51.71 121.25
C SER N 172 -6.18 51.55 122.75
N VAL N 173 -6.28 52.65 123.48
CA VAL N 173 -6.22 52.66 124.93
C VAL N 173 -7.31 53.58 125.46
N SER N 174 -7.86 53.21 126.62
CA SER N 174 -8.92 54.01 127.24
C SER N 174 -8.87 53.89 128.77
N THR O 26 2.56 125.73 120.97
CA THR O 26 1.45 124.98 120.40
C THR O 26 1.97 123.80 119.60
N THR O 27 2.16 122.67 120.28
CA THR O 27 2.69 121.45 119.66
C THR O 27 1.69 120.32 119.83
N GLN O 28 1.45 119.57 118.75
CA GLN O 28 0.54 118.44 118.75
C GLN O 28 1.36 117.16 118.78
N SER O 29 1.08 116.30 119.76
CA SER O 29 1.87 115.09 119.92
C SER O 29 1.09 113.85 119.49
N PRO O 30 1.76 112.87 118.88
CA PRO O 30 1.07 111.64 118.49
C PRO O 30 0.91 110.64 119.63
N LEU O 31 1.70 110.76 120.69
CA LEU O 31 1.54 109.94 121.91
C LEU O 31 1.77 108.45 121.62
N ASN O 32 2.85 108.15 120.91
CA ASN O 32 3.19 106.76 120.62
C ASN O 32 4.70 106.51 120.72
N SER O 33 5.43 107.35 121.43
CA SER O 33 6.88 107.23 121.55
C SER O 33 7.27 106.49 122.83
N PHE O 34 6.85 105.22 122.91
CA PHE O 34 7.17 104.37 124.05
C PHE O 34 7.53 102.98 123.55
N TYR O 35 8.59 102.41 124.10
CA TYR O 35 9.08 101.11 123.63
C TYR O 35 9.68 100.33 124.80
N ALA O 36 9.75 99.01 124.60
CA ALA O 36 10.40 98.10 125.53
C ALA O 36 10.99 96.95 124.72
N THR O 37 12.16 96.45 125.14
CA THR O 37 12.93 95.53 124.32
C THR O 37 13.40 94.33 125.14
N GLY O 38 13.35 93.16 124.52
CA GLY O 38 13.92 91.95 125.09
C GLY O 38 14.80 91.23 124.10
N THR O 39 15.28 90.02 124.44
CA THR O 39 16.18 89.28 123.56
C THR O 39 15.88 87.79 123.67
N ALA O 40 16.36 87.05 122.67
CA ALA O 40 16.22 85.59 122.65
C ALA O 40 17.36 85.00 121.82
N GLN O 41 17.62 83.71 122.03
CA GLN O 41 18.71 83.05 121.34
C GLN O 41 18.53 81.54 121.40
N ALA O 42 19.26 80.85 120.52
CA ALA O 42 19.31 79.38 120.53
C ALA O 42 20.59 78.98 119.82
N VAL O 43 21.57 78.46 120.57
CA VAL O 43 22.92 78.28 120.05
C VAL O 43 23.44 76.86 120.26
N GLN O 44 22.56 75.86 120.34
CA GLN O 44 23.03 74.49 120.47
C GLN O 44 21.98 73.53 119.94
N GLU O 45 22.45 72.35 119.50
CA GLU O 45 21.60 71.29 118.98
C GLU O 45 20.96 70.51 120.14
N PRO O 46 19.78 69.91 119.89
CA PRO O 46 19.05 69.27 121.01
C PRO O 46 19.83 68.17 121.71
N ILE O 47 20.59 67.35 120.99
CA ILE O 47 21.21 66.18 121.57
C ILE O 47 22.69 66.13 121.23
N ASP O 48 23.43 65.35 122.02
CA ASP O 48 24.83 65.05 121.76
C ASP O 48 25.02 63.55 121.92
N VAL O 49 25.83 62.96 121.05
CA VAL O 49 25.97 61.50 120.97
C VAL O 49 27.44 61.13 121.10
N GLU O 50 27.73 60.17 121.96
CA GLU O 50 29.09 59.67 122.17
C GLU O 50 29.07 58.14 122.12
N SER O 51 30.12 57.57 121.52
CA SER O 51 30.16 56.13 121.24
C SER O 51 31.20 55.44 122.11
N HIS O 52 30.88 54.22 122.54
CA HIS O 52 31.79 53.38 123.32
C HIS O 52 31.73 51.93 122.85
N LEU O 53 31.71 51.72 121.53
CA LEU O 53 31.68 50.37 120.95
C LEU O 53 33.11 49.87 120.84
N ASP O 54 33.56 49.13 121.85
CA ASP O 54 34.94 48.67 121.95
C ASP O 54 35.03 47.15 122.06
N ASN O 55 34.25 46.44 121.26
CA ASN O 55 34.36 44.99 121.15
C ASN O 55 34.35 44.59 119.68
N THR O 56 35.02 43.49 119.39
CA THR O 56 35.22 43.04 118.01
C THR O 56 34.53 41.70 117.79
N ILE O 57 33.75 41.61 116.71
CA ILE O 57 33.17 40.35 116.28
C ILE O 57 34.27 39.56 115.59
N ALA O 58 34.81 38.56 116.28
CA ALA O 58 35.96 37.78 115.79
C ALA O 58 35.65 36.29 115.85
N PRO O 59 34.82 35.79 114.94
CA PRO O 59 34.60 34.35 114.84
C PRO O 59 35.55 33.72 113.82
N ALA O 60 35.49 32.39 113.75
CA ALA O 60 36.18 31.67 112.69
C ALA O 60 35.39 31.76 111.39
N ALA O 61 36.03 31.36 110.30
CA ALA O 61 35.39 31.44 108.99
C ALA O 61 34.22 30.47 108.91
N GLY O 62 33.04 30.97 108.57
CA GLY O 62 31.87 30.14 108.40
C GLY O 62 31.16 29.75 109.68
N ALA O 63 31.52 30.35 110.81
CA ALA O 63 30.95 29.97 112.09
C ALA O 63 29.70 30.78 112.40
N GLN O 64 28.86 30.21 113.27
CA GLN O 64 27.66 30.88 113.77
C GLN O 64 27.90 31.28 115.21
N GLY O 65 27.64 32.55 115.53
CA GLY O 65 28.06 33.06 116.82
C GLY O 65 27.08 33.92 117.59
N TYR O 66 27.58 34.57 118.63
CA TYR O 66 26.78 35.34 119.58
C TYR O 66 27.70 36.29 120.34
N LYS O 67 27.50 37.59 120.19
CA LYS O 67 28.48 38.56 120.70
C LYS O 67 27.77 39.84 121.10
N ASP O 68 28.36 40.53 122.07
CA ASP O 68 27.95 41.88 122.46
C ASP O 68 29.07 42.85 122.11
N MET O 69 28.73 44.14 121.98
CA MET O 69 29.65 45.13 121.40
C MET O 69 30.03 46.24 122.37
N GLY O 70 29.06 46.88 123.00
CA GLY O 70 29.33 48.05 123.83
C GLY O 70 28.05 48.83 124.06
N TYR O 71 28.20 50.12 124.33
CA TYR O 71 27.05 50.97 124.59
C TYR O 71 27.30 52.38 124.04
N VAL O 72 26.21 53.11 123.86
CA VAL O 72 26.25 54.46 123.29
C VAL O 72 25.52 55.41 124.23
N LYS O 73 26.09 56.60 124.41
CA LYS O 73 25.54 57.61 125.31
C LYS O 73 24.89 58.74 124.52
N ILE O 74 23.72 59.18 124.99
CA ILE O 74 22.97 60.28 124.39
C ILE O 74 22.73 61.33 125.47
N ILE O 75 22.97 62.59 125.14
CA ILE O 75 22.85 63.70 126.08
C ILE O 75 21.78 64.66 125.57
N ASN O 76 20.86 65.05 126.46
CA ASN O 76 19.73 65.91 126.13
C ASN O 76 19.80 67.21 126.91
N TYR O 77 19.41 68.31 126.25
CA TYR O 77 19.71 69.67 126.66
C TYR O 77 18.43 70.44 127.01
N THR O 78 18.60 71.75 127.21
CA THR O 78 17.59 72.58 127.86
C THR O 78 16.23 72.49 127.15
N ASP O 79 15.17 72.36 127.96
CA ASP O 79 13.79 72.38 127.51
C ASP O 79 13.46 71.24 126.56
N VAL O 80 14.17 70.12 126.67
CA VAL O 80 13.94 68.93 125.86
C VAL O 80 13.34 67.86 126.75
N ASN O 81 12.25 67.24 126.30
CA ASN O 81 11.59 66.19 127.07
C ASN O 81 11.43 64.89 126.30
N VAL O 82 11.11 64.95 125.00
CA VAL O 82 10.88 63.77 124.18
C VAL O 82 11.63 63.93 122.88
N VAL O 83 12.32 62.87 122.46
CA VAL O 83 13.12 62.87 121.24
C VAL O 83 12.71 61.70 120.37
N LYS O 84 12.53 61.96 119.08
CA LYS O 84 12.25 60.93 118.08
C LYS O 84 13.49 60.75 117.21
N LEU O 85 13.95 59.51 117.08
CA LEU O 85 15.20 59.21 116.42
C LEU O 85 15.02 58.16 115.33
N LYS O 86 15.91 58.19 114.35
CA LYS O 86 15.98 57.19 113.29
C LYS O 86 17.40 56.65 113.23
N VAL O 87 17.54 55.33 113.29
CA VAL O 87 18.83 54.66 113.30
C VAL O 87 18.91 53.74 112.09
N THR O 88 20.04 53.81 111.39
CA THR O 88 20.24 53.03 110.16
C THR O 88 21.67 52.53 110.10
N LEU O 89 21.88 51.51 109.26
CA LEU O 89 23.19 50.96 108.99
C LEU O 89 23.74 51.66 107.75
N ALA O 90 24.82 52.43 107.93
CA ALA O 90 25.33 53.27 106.85
C ALA O 90 26.05 52.46 105.78
N ASN O 91 26.78 51.41 106.17
CA ASN O 91 27.60 50.66 105.23
C ASN O 91 27.13 49.22 105.09
N ALA O 92 25.80 49.03 104.97
CA ALA O 92 25.25 47.69 104.82
C ALA O 92 25.69 47.06 103.51
N ALA O 93 25.83 47.86 102.45
CA ALA O 93 26.21 47.32 101.15
C ALA O 93 27.62 46.72 101.19
N GLN O 94 28.54 47.37 101.91
CA GLN O 94 29.90 46.86 102.01
C GLN O 94 29.96 45.54 102.79
N LEU O 95 29.10 45.37 103.79
CA LEU O 95 29.12 44.19 104.64
C LEU O 95 28.41 42.99 104.03
N ARG O 96 27.68 43.18 102.92
CA ARG O 96 26.95 42.06 102.33
C ARG O 96 27.84 40.91 101.87
N PRO O 97 28.95 41.11 101.16
CA PRO O 97 29.75 39.95 100.71
C PRO O 97 30.40 39.16 101.84
N TYR O 98 30.43 39.70 103.06
CA TYR O 98 31.13 39.06 104.16
C TYR O 98 30.23 38.27 105.09
N PHE O 99 28.91 38.43 105.00
CA PHE O 99 27.99 37.81 105.94
C PHE O 99 26.79 37.23 105.21
N LYS O 100 26.32 36.08 105.70
CA LYS O 100 25.01 35.58 105.28
C LYS O 100 23.89 36.34 105.95
N TYR O 101 24.04 36.66 107.24
CA TYR O 101 23.08 37.49 107.95
C TYR O 101 23.77 38.14 109.13
N LEU O 102 23.22 39.27 109.56
CA LEU O 102 23.76 40.01 110.70
C LEU O 102 22.63 40.86 111.29
N GLN O 103 22.36 40.67 112.58
CA GLN O 103 21.27 41.37 113.25
C GLN O 103 21.79 42.09 114.48
N LEU O 104 21.32 43.32 114.68
CA LEU O 104 21.70 44.14 115.81
C LEU O 104 20.47 44.43 116.66
N VAL O 105 20.61 44.27 117.98
CA VAL O 105 19.53 44.47 118.93
C VAL O 105 19.90 45.62 119.85
N LEU O 106 19.01 46.61 119.95
CA LEU O 106 19.23 47.79 120.79
C LEU O 106 18.24 47.77 121.94
N THR O 107 18.75 47.94 123.16
CA THR O 107 17.93 47.93 124.36
C THR O 107 18.23 49.15 125.21
N SER O 108 17.19 49.75 125.77
CA SER O 108 17.33 50.87 126.70
C SER O 108 17.39 50.31 128.12
N ASN O 109 18.38 50.75 128.89
CA ASN O 109 18.70 50.18 130.19
C ASN O 109 18.94 51.29 131.23
N ALA O 110 19.10 52.54 130.79
CA ALA O 110 19.54 53.62 131.67
C ALA O 110 18.67 53.74 132.92
N SER O 111 17.41 53.35 132.84
CA SER O 111 16.56 53.16 134.01
C SER O 111 16.73 51.74 134.54
N SER O 112 17.20 51.62 135.78
CA SER O 112 17.44 50.31 136.37
C SER O 112 16.16 49.52 136.56
N THR O 113 14.99 50.19 136.54
CA THR O 113 13.71 49.51 136.71
C THR O 113 13.08 49.10 135.39
N VAL O 114 13.33 49.83 134.31
CA VAL O 114 12.69 49.60 133.02
C VAL O 114 13.76 49.30 131.98
N GLU O 115 13.97 48.03 131.67
CA GLU O 115 14.78 47.59 130.55
C GLU O 115 13.85 47.31 129.37
N GLU O 116 14.16 47.91 128.21
CA GLU O 116 13.34 47.71 127.02
C GLU O 116 14.20 47.61 125.78
N THR O 117 13.91 46.61 124.95
CA THR O 117 14.46 46.53 123.60
C THR O 117 13.63 47.40 122.66
N LYS O 118 14.29 48.28 121.91
CA LYS O 118 13.61 49.27 121.09
C LYS O 118 13.57 48.94 119.62
N ALA O 119 14.64 48.39 119.05
CA ALA O 119 14.67 48.12 117.61
C ALA O 119 15.60 46.95 117.33
N VAL O 120 15.38 46.32 116.17
CA VAL O 120 16.23 45.27 115.64
C VAL O 120 16.61 45.66 114.22
N LEU O 121 17.91 45.70 113.95
CA LEU O 121 18.43 46.06 112.63
C LEU O 121 19.04 44.85 111.96
N SER O 122 18.95 44.82 110.62
CA SER O 122 19.47 43.71 109.84
C SER O 122 19.95 44.23 108.50
N LEU O 123 20.64 43.38 107.76
CA LEU O 123 21.16 43.75 106.45
C LEU O 123 20.05 43.91 105.41
N LYS O 124 18.89 43.30 105.63
CA LYS O 124 17.77 43.43 104.71
C LYS O 124 16.85 44.60 105.06
N LYS O 125 16.73 44.93 106.34
CA LYS O 125 15.94 46.07 106.79
C LYS O 125 16.83 46.90 107.71
N PRO O 126 17.63 47.82 107.14
CA PRO O 126 18.66 48.50 107.94
C PRO O 126 18.16 49.63 108.81
N SER O 127 16.93 50.12 108.62
CA SER O 127 16.48 51.33 109.29
C SER O 127 15.35 51.02 110.27
N ALA O 128 15.28 51.83 111.32
CA ALA O 128 14.23 51.70 112.32
C ALA O 128 14.02 53.05 113.00
N VAL O 129 12.85 53.20 113.62
CA VAL O 129 12.47 54.43 114.31
C VAL O 129 12.12 54.08 115.75
N ILE O 130 12.71 54.81 116.70
CA ILE O 130 12.51 54.54 118.11
C ILE O 130 12.05 55.82 118.81
N ILE O 131 11.50 55.64 120.02
CA ILE O 131 10.97 56.74 120.82
C ILE O 131 11.61 56.69 122.19
N LEU O 132 12.11 57.83 122.65
CA LEU O 132 12.64 57.99 124.00
C LEU O 132 11.78 58.99 124.76
N ASP O 133 11.34 58.60 125.96
CA ASP O 133 10.41 59.41 126.73
C ASP O 133 10.89 59.66 128.16
N ASN O 134 9.99 60.17 129.01
CA ASN O 134 10.37 60.55 130.37
C ASN O 134 10.93 59.37 131.16
N ASP O 135 10.45 58.15 130.91
CA ASP O 135 10.93 57.00 131.66
C ASP O 135 12.36 56.65 131.30
N ASP O 136 12.76 56.86 130.05
CA ASP O 136 14.11 56.48 129.63
C ASP O 136 15.16 57.41 130.21
N TYR O 137 14.85 58.70 130.32
CA TYR O 137 15.83 59.70 130.74
C TYR O 137 16.15 59.60 132.23
N SER O 138 16.83 58.52 132.62
CA SER O 138 17.31 58.39 133.99
C SER O 138 18.52 59.30 134.20
N SER O 139 18.72 59.69 135.46
CA SER O 139 19.65 60.74 135.85
C SER O 139 19.32 62.08 135.20
N THR O 140 18.17 62.16 134.52
CA THR O 140 17.60 63.37 133.94
C THR O 140 18.42 63.93 132.78
N ASN O 141 19.55 63.29 132.44
CA ASN O 141 20.46 63.89 131.48
C ASN O 141 21.03 62.95 130.41
N LYS O 142 20.83 61.64 130.50
CA LYS O 142 21.52 60.76 129.55
C LYS O 142 20.74 59.48 129.32
N ILE O 143 20.98 58.91 128.13
CA ILE O 143 20.45 57.61 127.70
C ILE O 143 21.62 56.66 127.48
N GLN O 144 21.47 55.42 127.94
CA GLN O 144 22.46 54.36 127.72
C GLN O 144 21.82 53.25 126.91
N LEU O 145 22.45 52.90 125.79
CA LEU O 145 21.96 51.86 124.88
C LEU O 145 23.10 50.96 124.49
N LYS O 146 23.04 49.69 124.87
CA LYS O 146 24.00 48.71 124.41
C LYS O 146 23.51 48.01 123.13
N VAL O 147 24.46 47.42 122.42
CA VAL O 147 24.22 46.80 121.12
C VAL O 147 24.40 45.31 121.25
N GLU O 148 23.46 44.54 120.68
CA GLU O 148 23.56 43.09 120.71
C GLU O 148 23.59 42.58 119.28
N ALA O 149 24.52 41.68 118.98
CA ALA O 149 24.78 41.22 117.63
C ALA O 149 24.59 39.72 117.51
N TYR O 150 23.95 39.30 116.41
CA TYR O 150 23.87 37.90 116.01
C TYR O 150 24.33 37.82 114.56
N TYR O 151 25.11 36.78 114.25
CA TYR O 151 25.79 36.77 112.96
C TYR O 151 26.08 35.34 112.53
N GLU O 152 26.33 35.18 111.22
CA GLU O 152 26.91 33.98 110.65
C GLU O 152 27.84 34.40 109.53
N ALA O 153 29.10 33.97 109.61
CA ALA O 153 30.12 34.38 108.65
C ALA O 153 30.07 33.54 107.39
N LYS O 154 30.53 34.12 106.29
CA LYS O 154 30.60 33.41 105.02
C LYS O 154 31.64 32.29 105.09
N GLU O 155 31.42 31.25 104.28
CA GLU O 155 32.28 30.08 104.29
C GLU O 155 33.59 30.39 103.58
N GLY O 156 34.71 30.19 104.28
CA GLY O 156 36.02 30.31 103.67
C GLY O 156 36.48 31.72 103.38
N MET O 157 35.93 32.73 104.04
CA MET O 157 36.30 34.12 103.80
C MET O 157 37.14 34.62 104.97
N LEU O 158 38.31 35.18 104.66
CA LEU O 158 39.23 35.69 105.66
C LEU O 158 39.46 37.18 105.43
N PHE O 159 39.46 37.95 106.51
CA PHE O 159 39.60 39.40 106.42
C PHE O 159 39.96 39.94 107.80
N ASP O 160 40.30 41.23 107.83
CA ASP O 160 40.61 41.91 109.08
C ASP O 160 40.42 43.41 108.88
N SER O 161 40.23 44.11 110.00
CA SER O 161 40.09 45.56 110.01
C SER O 161 38.92 46.02 109.14
N LEU O 162 37.72 45.53 109.46
CA LEU O 162 36.51 45.89 108.75
C LEU O 162 35.59 46.68 109.68
N PRO O 163 35.25 47.92 109.36
CA PRO O 163 34.43 48.73 110.27
C PRO O 163 32.93 48.55 110.06
N VAL O 164 32.20 48.76 111.15
CA VAL O 164 30.73 48.78 111.15
C VAL O 164 30.28 50.15 111.64
N ILE O 165 29.41 50.80 110.86
CA ILE O 165 29.05 52.20 111.07
C ILE O 165 27.55 52.30 111.29
N LEU O 166 27.16 53.08 112.28
CA LEU O 166 25.76 53.41 112.56
C LEU O 166 25.56 54.91 112.51
N ASN O 167 24.39 55.34 112.06
CA ASN O 167 24.08 56.76 111.89
C ASN O 167 22.81 57.12 112.65
N PHE O 168 22.75 58.35 113.15
CA PHE O 168 21.60 58.85 113.89
C PHE O 168 21.09 60.13 113.24
N GLN O 169 19.77 60.28 113.20
CA GLN O 169 19.13 61.47 112.68
C GLN O 169 17.91 61.81 113.53
N VAL O 170 17.75 63.08 113.85
CA VAL O 170 16.66 63.57 114.68
C VAL O 170 15.50 63.96 113.77
N LEU O 171 14.31 63.44 114.06
CA LEU O 171 13.12 63.76 113.30
C LEU O 171 12.22 64.78 113.99
N SER O 172 12.10 64.73 115.30
CA SER O 172 11.27 65.67 116.05
C SER O 172 11.68 65.65 117.51
N VAL O 173 11.65 66.82 118.14
CA VAL O 173 11.97 66.96 119.55
C VAL O 173 10.93 67.88 120.19
N SER O 174 10.63 67.62 121.45
CA SER O 174 9.67 68.42 122.19
C SER O 174 9.99 68.44 123.67
N THR P 26 15.77 139.60 107.63
CA THR P 26 14.62 138.76 107.35
C THR P 26 15.05 137.51 106.57
N THR P 27 15.42 136.46 107.30
CA THR P 27 15.89 135.22 106.71
C THR P 27 15.01 134.06 107.15
N GLN P 28 14.62 133.22 106.21
CA GLN P 28 13.79 132.06 106.48
C GLN P 28 14.66 130.81 106.47
N SER P 29 14.62 130.04 107.56
CA SER P 29 15.50 128.89 107.67
C SER P 29 14.72 127.59 107.50
N PRO P 30 15.32 126.57 106.86
CA PRO P 30 14.64 125.28 106.73
C PRO P 30 14.75 124.39 107.95
N LEU P 31 15.71 124.65 108.84
CA LEU P 31 15.82 123.95 110.12
C LEU P 31 16.07 122.45 109.93
N ASN P 32 17.03 122.12 109.06
CA ASN P 32 17.39 120.72 108.84
C ASN P 32 18.90 120.54 108.68
N SER P 33 19.69 121.48 109.18
CA SER P 33 21.15 121.43 109.03
C SER P 33 21.81 120.82 110.28
N PHE P 34 21.48 119.56 110.55
CA PHE P 34 22.05 118.84 111.67
C PHE P 34 22.38 117.41 111.24
N TYR P 35 23.57 116.95 111.63
CA TYR P 35 24.04 115.63 111.21
C TYR P 35 24.87 114.98 112.30
N ALA P 36 24.98 113.66 112.22
CA ALA P 36 25.85 112.86 113.08
C ALA P 36 26.34 111.67 112.28
N THR P 37 27.59 111.27 112.52
CA THR P 37 28.25 110.30 111.66
C THR P 37 28.93 109.20 112.48
N GLY P 38 28.84 107.97 111.99
CA GLY P 38 29.57 106.85 112.55
C GLY P 38 30.30 106.07 111.46
N THR P 39 30.89 104.92 111.82
CA THR P 39 31.65 104.13 110.86
C THR P 39 31.47 102.65 111.16
N ALA P 40 31.80 101.82 110.16
CA ALA P 40 31.74 100.38 110.28
C ALA P 40 32.74 99.76 109.32
N GLN P 41 33.12 98.51 109.59
CA GLN P 41 34.10 97.82 108.77
C GLN P 41 34.01 96.32 108.99
N ALA P 42 34.61 95.57 108.06
CA ALA P 42 34.75 94.12 108.19
C ALA P 42 35.91 93.70 107.29
N VAL P 43 37.02 93.30 107.89
CA VAL P 43 38.27 93.12 107.15
C VAL P 43 38.90 91.75 107.38
N GLN P 44 38.10 90.73 107.71
CA GLN P 44 38.66 89.39 107.87
C GLN P 44 37.59 88.35 107.63
N GLU P 45 38.05 87.15 107.23
CA GLU P 45 37.17 86.02 106.97
C GLU P 45 36.79 85.33 108.28
N PRO P 46 35.63 84.66 108.31
CA PRO P 46 35.15 84.10 109.59
C PRO P 46 36.10 83.10 110.24
N ILE P 47 36.76 82.25 109.47
CA ILE P 47 37.55 81.15 110.02
C ILE P 47 38.94 81.14 109.42
N ASP P 48 39.85 80.48 110.12
CA ASP P 48 41.20 80.20 109.64
C ASP P 48 41.50 78.74 109.88
N VAL P 49 42.17 78.08 108.93
CA VAL P 49 42.37 76.64 108.97
C VAL P 49 43.86 76.35 108.86
N GLU P 50 44.36 75.47 109.73
CA GLU P 50 45.75 75.06 109.74
C GLU P 50 45.82 73.54 109.82
N SER P 51 46.77 72.95 109.09
CA SER P 51 46.85 71.50 108.92
C SER P 51 48.05 70.93 109.65
N HIS P 52 47.88 69.74 110.24
CA HIS P 52 48.97 69.02 110.91
C HIS P 52 48.90 67.53 110.58
N LEU P 53 48.67 67.19 109.31
CA LEU P 53 48.60 65.79 108.88
C LEU P 53 50.02 65.34 108.54
N ASP P 54 50.69 64.72 109.52
CA ASP P 54 52.09 64.33 109.39
C ASP P 54 52.28 62.84 109.63
N ASN P 55 51.40 62.02 109.05
CA ASN P 55 51.58 60.57 109.05
C ASN P 55 51.33 60.03 107.65
N THR P 56 51.99 58.93 107.33
CA THR P 56 51.98 58.36 105.99
C THR P 56 51.32 56.98 106.02
N ILE P 57 50.37 56.76 105.12
CA ILE P 57 49.79 55.44 104.90
C ILE P 57 50.80 54.63 104.09
N ALA P 58 51.51 53.72 104.76
CA ALA P 58 52.59 52.95 104.14
C ALA P 58 52.38 51.46 104.39
N PRO P 59 51.43 50.84 103.69
CA PRO P 59 51.28 49.39 103.76
C PRO P 59 52.07 48.70 102.64
N ALA P 60 52.07 47.37 102.70
CA ALA P 60 52.60 46.58 101.60
C ALA P 60 51.58 46.51 100.47
N ALA P 61 52.04 46.04 99.31
CA ALA P 61 51.17 45.96 98.14
C ALA P 61 50.07 44.93 98.36
N GLY P 62 48.82 45.36 98.21
CA GLY P 62 47.68 44.48 98.33
C GLY P 62 47.24 44.18 99.74
N ALA P 63 47.76 44.89 100.73
CA ALA P 63 47.45 44.61 102.13
C ALA P 63 46.23 45.41 102.59
N GLN P 64 45.59 44.90 103.64
CA GLN P 64 44.46 45.56 104.29
C GLN P 64 44.94 46.10 105.63
N GLY P 65 44.66 47.38 105.88
CA GLY P 65 45.29 48.04 107.01
C GLY P 65 44.41 48.93 107.87
N TYR P 66 45.05 49.69 108.76
CA TYR P 66 44.39 50.52 109.76
C TYR P 66 45.38 51.58 110.24
N LYS P 67 45.08 52.85 110.03
CA LYS P 67 46.08 53.89 110.25
C LYS P 67 45.39 55.19 110.66
N ASP P 68 46.10 55.99 111.44
CA ASP P 68 45.70 57.35 111.78
C ASP P 68 46.68 58.33 111.15
N MET P 69 46.24 59.58 110.97
CA MET P 69 46.98 60.54 110.15
C MET P 69 47.48 61.76 110.93
N GLY P 70 46.60 62.42 111.67
CA GLY P 70 46.95 63.67 112.33
C GLY P 70 45.68 64.41 112.72
N TYR P 71 45.81 65.74 112.85
CA TYR P 71 44.67 66.56 113.24
C TYR P 71 44.75 67.91 112.53
N VAL P 72 43.61 68.60 112.48
CA VAL P 72 43.45 69.87 111.80
C VAL P 72 42.87 70.88 112.77
N LYS P 73 43.38 72.11 112.74
CA LYS P 73 42.95 73.18 113.63
C LYS P 73 42.10 74.20 112.88
N ILE P 74 41.01 74.63 113.52
CA ILE P 74 40.11 75.64 112.97
C ILE P 74 40.01 76.77 113.98
N ILE P 75 40.11 78.01 113.50
CA ILE P 75 40.10 79.20 114.36
C ILE P 75 38.90 80.06 113.97
N ASN P 76 38.14 80.50 114.96
CA ASN P 76 36.93 81.28 114.78
C ASN P 76 37.06 82.66 115.41
N TYR P 77 36.49 83.66 114.74
CA TYR P 77 36.79 85.07 114.97
C TYR P 77 35.56 85.81 115.48
N THR P 78 35.68 87.14 115.53
CA THR P 78 34.76 88.00 116.27
C THR P 78 33.31 87.79 115.84
N ASP P 79 32.42 87.69 116.84
CA ASP P 79 30.97 87.61 116.65
C ASP P 79 30.54 86.37 115.88
N VAL P 80 31.32 85.30 115.96
CA VAL P 80 31.02 84.03 115.31
C VAL P 80 30.66 83.02 116.40
N ASN P 81 29.54 82.33 116.21
CA ASN P 81 29.09 81.33 117.17
C ASN P 81 28.86 79.96 116.55
N VAL P 82 28.31 79.88 115.35
CA VAL P 82 28.00 78.62 114.70
C VAL P 82 28.50 78.67 113.26
N VAL P 83 29.16 77.60 112.81
CA VAL P 83 29.73 77.52 111.48
C VAL P 83 29.23 76.26 110.80
N LYS P 84 28.80 76.38 109.55
CA LYS P 84 28.42 75.25 108.72
C LYS P 84 29.49 75.04 107.65
N LEU P 85 29.98 73.81 107.55
CA LEU P 85 31.11 73.50 106.69
C LEU P 85 30.79 72.34 105.75
N LYS P 86 31.49 72.32 104.63
CA LYS P 86 31.43 71.22 103.67
C LYS P 86 32.84 70.73 103.39
N VAL P 87 33.05 69.43 103.55
CA VAL P 87 34.37 68.82 103.37
C VAL P 87 34.29 67.79 102.25
N THR P 88 35.27 67.84 101.35
CA THR P 88 35.28 66.95 100.19
C THR P 88 36.70 66.50 99.90
N LEU P 89 36.81 65.41 99.14
CA LEU P 89 38.09 64.90 98.67
C LEU P 89 38.37 65.49 97.30
N ALA P 90 39.41 66.31 97.20
CA ALA P 90 39.67 67.06 95.98
C ALA P 90 40.24 66.18 94.87
N ASN P 91 41.08 65.21 95.22
CA ASN P 91 41.76 64.41 94.21
C ASN P 91 41.34 62.94 94.29
N ALA P 92 40.04 62.69 94.43
CA ALA P 92 39.55 61.32 94.51
C ALA P 92 39.77 60.58 93.19
N ALA P 93 39.68 61.28 92.06
CA ALA P 93 39.86 60.63 90.76
C ALA P 93 41.27 60.10 90.61
N GLN P 94 42.27 60.85 91.08
CA GLN P 94 43.65 60.39 90.97
C GLN P 94 43.93 59.17 91.83
N LEU P 95 43.27 59.07 92.99
CA LEU P 95 43.51 57.98 93.92
C LEU P 95 42.78 56.69 93.55
N ARG P 96 41.84 56.74 92.60
CA ARG P 96 41.09 55.54 92.25
C ARG P 96 41.94 54.38 91.74
N PRO P 97 42.89 54.56 90.81
CA PRO P 97 43.65 53.40 90.32
C PRO P 97 44.55 52.76 91.38
N TYR P 98 44.77 53.41 92.53
CA TYR P 98 45.69 52.90 93.53
C TYR P 98 45.01 52.17 94.68
N PHE P 99 43.69 52.27 94.82
CA PHE P 99 42.99 51.70 95.96
C PHE P 99 41.71 51.01 95.52
N LYS P 100 41.40 49.90 96.18
CA LYS P 100 40.08 49.30 96.06
C LYS P 100 39.04 50.09 96.86
N TYR P 101 39.41 50.53 98.06
CA TYR P 101 38.55 51.39 98.86
C TYR P 101 39.40 52.18 99.84
N LEU P 102 38.88 53.32 100.26
CA LEU P 102 39.56 54.19 101.21
C LEU P 102 38.52 55.05 101.92
N GLN P 103 38.49 54.97 103.24
CA GLN P 103 37.51 55.68 104.04
C GLN P 103 38.20 56.55 105.08
N LEU P 104 37.70 57.77 105.26
CA LEU P 104 38.22 58.71 106.22
C LEU P 104 37.16 59.03 107.26
N VAL P 105 37.55 59.01 108.53
CA VAL P 105 36.64 59.25 109.65
C VAL P 105 37.11 60.50 110.39
N LEU P 106 36.20 61.45 110.56
CA LEU P 106 36.49 62.72 111.22
C LEU P 106 35.74 62.77 112.54
N THR P 107 36.45 63.07 113.63
CA THR P 107 35.85 63.16 114.96
C THR P 107 36.23 64.46 115.63
N SER P 108 35.27 65.08 116.32
CA SER P 108 35.52 66.28 117.10
C SER P 108 35.87 65.85 118.53
N ASN P 109 36.95 66.42 119.06
CA ASN P 109 37.54 65.99 120.33
C ASN P 109 37.89 67.20 121.20
N ALA P 110 37.90 68.40 120.63
CA ALA P 110 38.42 69.58 121.31
C ALA P 110 37.80 69.79 122.69
N SER P 111 36.55 69.33 122.88
CA SER P 111 35.95 69.23 124.20
C SER P 111 36.29 67.88 124.81
N SER P 112 36.98 67.91 125.95
CA SER P 112 37.39 66.67 126.59
C SER P 112 36.21 65.85 127.09
N THR P 113 35.04 66.46 127.22
CA THR P 113 33.84 65.76 127.68
C THR P 113 33.00 65.19 126.54
N VAL P 114 33.02 65.83 125.38
CA VAL P 114 32.17 65.44 124.25
C VAL P 114 33.06 65.10 123.07
N GLU P 115 33.27 63.80 122.84
CA GLU P 115 33.89 63.30 121.62
C GLU P 115 32.78 62.86 120.66
N GLU P 116 32.85 63.35 119.42
CA GLU P 116 31.83 63.02 118.43
C GLU P 116 32.46 62.83 117.06
N THR P 117 32.09 61.75 116.39
CA THR P 117 32.39 61.56 114.97
C THR P 117 31.36 62.29 114.13
N LYS P 118 31.82 63.11 113.19
CA LYS P 118 30.94 63.99 112.44
C LYS P 118 30.66 63.53 111.02
N ALA P 119 31.64 62.97 110.32
CA ALA P 119 31.42 62.57 108.94
C ALA P 119 32.36 61.42 108.58
N VAL P 120 31.96 60.67 107.55
CA VAL P 120 32.77 59.61 106.97
C VAL P 120 32.87 59.87 105.48
N LEU P 121 34.09 59.93 104.96
CA LEU P 121 34.34 60.18 103.56
C LEU P 121 34.89 58.94 102.88
N SER P 122 34.56 58.77 101.60
CA SER P 122 34.99 57.62 100.84
C SER P 122 35.19 58.03 99.39
N LEU P 123 35.78 57.12 98.60
CA LEU P 123 36.04 57.40 97.20
C LEU P 123 34.76 57.41 96.37
N LYS P 124 33.69 56.78 96.86
CA LYS P 124 32.42 56.78 96.14
C LYS P 124 31.52 57.93 96.55
N LYS P 125 31.61 58.38 97.80
CA LYS P 125 30.85 59.53 98.30
C LYS P 125 31.83 60.48 98.95
N PRO P 126 32.46 61.36 98.17
CA PRO P 126 33.59 62.16 98.69
C PRO P 126 33.19 63.35 99.54
N SER P 127 31.93 63.78 99.54
CA SER P 127 31.53 65.02 100.17
C SER P 127 30.61 64.76 101.35
N ALA P 128 30.69 65.66 102.34
CA ALA P 128 29.84 65.59 103.53
C ALA P 128 29.68 67.00 104.10
N VAL P 129 28.63 67.16 104.91
CA VAL P 129 28.32 68.44 105.55
C VAL P 129 28.26 68.20 107.05
N ILE P 130 28.96 69.05 107.81
CA ILE P 130 29.04 68.92 109.27
C ILE P 130 28.62 70.23 109.91
N ILE P 131 28.32 70.15 111.21
CA ILE P 131 27.88 71.30 111.99
C ILE P 131 28.77 71.41 113.23
N LEU P 132 29.27 72.61 113.49
CA LEU P 132 30.03 72.92 114.70
C LEU P 132 29.25 73.95 115.51
N ASP P 133 29.07 73.66 116.80
CA ASP P 133 28.24 74.51 117.66
C ASP P 133 28.96 74.91 118.94
N ASN P 134 28.20 75.47 119.90
CA ASN P 134 28.79 75.99 121.13
C ASN P 134 29.56 74.92 121.89
N ASP P 135 29.10 73.67 121.85
CA ASP P 135 29.78 72.61 122.60
C ASP P 135 31.15 72.29 122.02
N ASP P 136 31.30 72.39 120.69
CA ASP P 136 32.56 72.02 120.06
C ASP P 136 33.66 73.04 120.36
N TYR P 137 33.29 74.32 120.42
CA TYR P 137 34.27 75.40 120.56
C TYR P 137 34.86 75.45 121.96
N SER P 138 35.66 74.45 122.32
CA SER P 138 36.38 74.47 123.58
C SER P 138 37.56 75.44 123.49
N SER P 139 37.97 75.96 124.65
CA SER P 139 38.89 77.08 124.77
C SER P 139 38.37 78.33 124.07
N THR P 140 37.11 78.30 123.61
CA THR P 140 36.37 79.42 123.04
C THR P 140 36.94 79.90 121.70
N ASN P 141 38.03 79.28 121.23
CA ASN P 141 38.71 79.82 120.05
C ASN P 141 39.13 78.80 118.99
N LYS P 142 39.04 77.49 119.24
CA LYS P 142 39.59 76.57 118.25
C LYS P 142 38.85 75.23 118.28
N ILE P 143 38.91 74.55 117.12
CA ILE P 143 38.39 73.21 116.92
C ILE P 143 39.55 72.28 116.56
N GLN P 144 39.55 71.09 117.15
CA GLN P 144 40.55 70.06 116.85
C GLN P 144 39.83 68.85 116.27
N LEU P 145 40.27 68.41 115.09
CA LEU P 145 39.68 67.28 114.38
C LEU P 145 40.79 66.38 113.86
N LYS P 146 40.86 65.15 114.37
CA LYS P 146 41.78 64.16 113.81
C LYS P 146 41.11 63.34 112.73
N VAL P 147 41.94 62.71 111.89
CA VAL P 147 41.51 61.97 110.72
C VAL P 147 41.79 60.49 110.95
N GLU P 148 40.82 59.64 110.63
CA GLU P 148 40.99 58.21 110.77
C GLU P 148 40.80 57.56 109.41
N ALA P 149 41.72 56.68 109.03
CA ALA P 149 41.75 56.10 107.70
C ALA P 149 41.63 54.59 107.75
N TYR P 150 40.82 54.04 106.83
CA TYR P 150 40.74 52.61 106.56
C TYR P 150 40.95 52.40 105.08
N TYR P 151 41.72 51.37 104.71
CA TYR P 151 42.16 51.26 103.33
C TYR P 151 42.45 49.80 102.97
N GLU P 152 42.46 49.54 101.67
CA GLU P 152 42.99 48.31 101.11
C GLU P 152 43.69 48.66 99.80
N ALA P 153 44.96 48.28 99.68
CA ALA P 153 45.76 48.64 98.53
C ALA P 153 45.53 47.68 97.37
N LYS P 154 45.76 48.17 96.16
CA LYS P 154 45.64 47.34 94.97
C LYS P 154 46.73 46.28 94.94
N GLU P 155 46.44 45.16 94.28
CA GLU P 155 47.35 44.03 94.23
C GLU P 155 48.49 44.32 93.26
N GLY P 156 49.73 44.24 93.77
CA GLY P 156 50.90 44.35 92.93
C GLY P 156 51.21 45.74 92.42
N MET P 157 50.74 46.78 93.09
CA MET P 157 50.98 48.16 92.66
C MET P 157 51.98 48.80 93.61
N LEU P 158 53.04 49.37 93.04
CA LEU P 158 54.10 50.02 93.80
C LEU P 158 54.20 51.49 93.40
N PHE P 159 54.36 52.35 94.40
CA PHE P 159 54.39 53.79 94.15
C PHE P 159 54.97 54.47 95.39
N ASP P 160 55.23 55.77 95.24
CA ASP P 160 55.72 56.58 96.35
C ASP P 160 55.41 58.05 96.06
N SER P 161 55.38 58.85 97.13
CA SER P 161 55.17 60.29 97.04
C SER P 161 53.84 60.61 96.36
N LEU P 162 52.76 60.11 96.95
CA LEU P 162 51.41 60.35 96.44
C LEU P 162 50.63 61.19 97.45
N PRO P 163 50.17 62.38 97.09
CA PRO P 163 49.48 63.23 98.05
C PRO P 163 47.99 62.98 98.15
N VAL P 164 47.44 63.27 99.32
CA VAL P 164 46.01 63.23 99.59
C VAL P 164 45.58 64.62 100.02
N ILE P 165 44.54 65.15 99.38
CA ILE P 165 44.15 66.55 99.52
C ILE P 165 42.71 66.62 100.01
N LEU P 166 42.46 67.48 100.99
CA LEU P 166 41.11 67.76 101.48
C LEU P 166 40.83 69.26 101.34
N ASN P 167 39.57 69.60 101.07
CA ASN P 167 39.17 70.97 100.84
C ASN P 167 38.03 71.34 101.79
N PHE P 168 37.98 72.62 102.18
CA PHE P 168 36.96 73.15 103.07
C PHE P 168 36.27 74.34 102.42
N GLN P 169 34.95 74.43 102.61
CA GLN P 169 34.17 75.55 102.11
C GLN P 169 33.10 75.91 103.14
N VAL P 170 32.94 77.21 103.37
CA VAL P 170 31.98 77.73 104.34
C VAL P 170 30.66 77.98 103.63
N LEU P 171 29.58 77.44 104.18
CA LEU P 171 28.24 77.63 103.63
C LEU P 171 27.42 78.68 104.37
N SER P 172 27.56 78.76 105.69
CA SER P 172 26.82 79.73 106.49
C SER P 172 27.49 79.86 107.84
N VAL P 173 27.51 81.09 108.36
CA VAL P 173 28.06 81.39 109.68
C VAL P 173 27.11 82.31 110.40
N SER P 174 27.04 82.16 111.73
CA SER P 174 26.19 83.00 112.55
C SER P 174 26.78 83.18 113.94
N THR Q 26 25.55 152.62 90.93
CA THR Q 26 24.42 151.71 90.93
C THR Q 26 24.78 150.42 90.20
N THR Q 27 25.33 149.45 90.94
CA THR Q 27 25.76 148.19 90.38
C THR Q 27 25.04 147.05 91.08
N GLN Q 28 24.54 146.10 90.30
CA GLN Q 28 23.83 144.94 90.81
C GLN Q 28 24.76 143.73 90.76
N SER Q 29 24.95 143.07 91.90
CA SER Q 29 25.90 141.97 91.96
C SER Q 29 25.18 140.62 92.04
N PRO Q 30 25.72 139.58 91.40
CA PRO Q 30 25.09 138.26 91.50
C PRO Q 30 25.47 137.48 92.76
N LEU Q 31 26.56 137.87 93.43
CA LEU Q 31 26.94 137.30 94.72
C LEU Q 31 27.24 135.80 94.62
N ASN Q 32 28.04 135.43 93.63
CA ASN Q 32 28.43 134.03 93.47
C ASN Q 32 29.89 133.89 93.05
N SER Q 33 30.71 134.91 93.30
CA SER Q 33 32.12 134.90 92.90
C SER Q 33 33.02 134.44 94.05
N PHE Q 34 32.82 133.20 94.48
CA PHE Q 34 33.62 132.61 95.55
C PHE Q 34 33.95 131.17 95.20
N TYR Q 35 35.22 130.78 95.40
CA TYR Q 35 35.67 129.46 95.01
C TYR Q 35 36.72 128.95 95.99
N ALA Q 36 36.89 127.62 96.00
CA ALA Q 36 37.94 126.95 96.75
C ALA Q 36 38.35 125.71 95.99
N THR Q 37 39.64 125.38 96.02
CA THR Q 37 40.19 124.36 95.15
C THR Q 37 41.06 123.38 95.91
N GLY Q 38 40.96 122.10 95.57
CA GLY Q 38 41.83 121.07 96.07
C GLY Q 38 42.41 120.22 94.95
N THR Q 39 43.11 119.14 95.29
CA THR Q 39 43.74 118.29 94.28
C THR Q 39 43.69 116.84 94.73
N ALA Q 40 43.88 115.93 93.76
CA ALA Q 40 43.93 114.50 94.03
C ALA Q 40 44.77 113.83 92.95
N GLN Q 41 45.26 112.63 93.26
CA GLN Q 41 46.12 111.91 92.33
C GLN Q 41 46.15 110.43 92.70
N ALA Q 42 46.62 109.62 91.75
CA ALA Q 42 46.85 108.19 91.97
C ALA Q 42 47.86 107.73 90.92
N VAL Q 43 49.09 107.44 91.34
CA VAL Q 43 50.19 107.24 90.39
C VAL Q 43 50.92 105.92 90.63
N GLN Q 44 50.26 104.91 91.19
CA GLN Q 44 50.92 103.62 91.36
C GLN Q 44 49.88 102.51 91.41
N GLU Q 45 50.32 101.30 91.03
CA GLU Q 45 49.48 100.11 91.05
C GLU Q 45 49.38 99.54 92.46
N PRO Q 46 48.28 98.82 92.77
CA PRO Q 46 48.07 98.37 94.15
C PRO Q 46 49.17 97.49 94.70
N ILE Q 47 49.73 96.59 93.89
CA ILE Q 47 50.67 95.59 94.39
C ILE Q 47 51.92 95.57 93.54
N ASP Q 48 52.99 95.00 94.13
CA ASP Q 48 54.24 94.75 93.43
C ASP Q 48 54.66 93.32 93.74
N VAL Q 49 55.18 92.61 92.74
CA VAL Q 49 55.47 91.18 92.86
C VAL Q 49 56.93 90.93 92.51
N GLU Q 50 57.63 90.18 93.35
CA GLU Q 50 59.02 89.82 93.13
C GLU Q 50 59.18 88.32 93.34
N SER Q 51 60.01 87.69 92.50
CA SER Q 51 60.15 86.24 92.45
C SER Q 51 61.51 85.80 92.99
N HIS Q 52 61.51 84.67 93.70
CA HIS Q 52 62.73 84.05 94.21
C HIS Q 52 62.68 82.54 94.04
N LEU Q 53 62.25 82.07 92.88
CA LEU Q 53 62.19 80.63 92.58
C LEU Q 53 63.54 80.21 92.04
N ASP Q 54 64.41 79.71 92.92
CA ASP Q 54 65.78 79.37 92.57
C ASP Q 54 66.10 77.91 92.90
N ASN Q 55 65.18 77.01 92.56
CA ASN Q 55 65.43 75.57 92.67
C ASN Q 55 64.97 74.89 91.39
N THR Q 56 65.63 73.79 91.04
CA THR Q 56 65.40 73.09 89.79
C THR Q 56 64.84 71.70 90.05
N ILE Q 57 63.75 71.36 89.36
CA ILE Q 57 63.22 70.00 89.39
C ILE Q 57 64.12 69.15 88.48
N ALA Q 58 64.98 68.33 89.08
CA ALA Q 58 65.97 67.55 88.34
C ALA Q 58 65.90 66.10 88.75
N PRO Q 59 64.88 65.37 88.30
CA PRO Q 59 64.82 63.93 88.52
C PRO Q 59 65.43 63.17 87.35
N ALA Q 60 65.52 61.85 87.51
CA ALA Q 60 65.88 60.98 86.42
C ALA Q 60 64.68 60.76 85.50
N ALA Q 61 64.96 60.20 84.32
CA ALA Q 61 63.90 59.96 83.34
C ALA Q 61 62.92 58.93 83.86
N GLY Q 62 61.63 59.29 83.88
CA GLY Q 62 60.59 58.37 84.30
C GLY Q 62 60.42 58.20 85.79
N ALA Q 63 61.08 59.02 86.60
CA ALA Q 63 61.04 58.88 88.05
C ALA Q 63 59.87 59.66 88.66
N GLN Q 64 59.46 59.23 89.85
CA GLN Q 64 58.44 59.89 90.64
C GLN Q 64 59.12 60.60 91.80
N GLY Q 65 58.82 61.88 91.99
CA GLY Q 65 59.59 62.66 92.93
C GLY Q 65 58.84 63.60 93.85
N TYR Q 66 59.59 64.48 94.52
CA TYR Q 66 59.07 65.36 95.56
C TYR Q 66 60.07 66.50 95.77
N LYS Q 67 59.66 67.73 95.49
CA LYS Q 67 60.63 68.83 95.44
C LYS Q 67 59.95 70.13 95.85
N ASP Q 68 60.74 71.03 96.42
CA ASP Q 68 60.33 72.41 96.71
C ASP Q 68 61.12 73.36 95.81
N MET Q 69 60.60 74.57 95.62
CA MET Q 69 61.12 75.47 94.60
C MET Q 69 61.68 76.78 95.16
N GLY Q 70 60.91 77.48 95.98
CA GLY Q 70 61.30 78.79 96.46
C GLY Q 70 60.09 79.52 97.00
N TYR Q 71 60.17 80.85 96.99
CA TYR Q 71 59.07 81.67 97.51
C TYR Q 71 58.94 82.94 96.69
N VAL Q 72 57.77 83.57 96.79
CA VAL Q 72 57.43 84.77 96.04
C VAL Q 72 56.97 85.85 97.00
N LYS Q 73 57.39 87.08 96.77
CA LYS Q 73 57.07 88.22 97.63
C LYS Q 73 56.04 89.12 96.96
N ILE Q 74 55.07 89.58 97.75
CA ILE Q 74 54.03 90.49 97.30
C ILE Q 74 54.04 91.71 98.20
N ILE Q 75 53.99 92.90 97.61
CA ILE Q 75 54.06 94.16 98.34
C ILE Q 75 52.77 94.93 98.10
N ASN Q 76 52.18 95.44 99.18
CA ASN Q 76 50.91 96.15 99.15
C ASN Q 76 51.08 97.58 99.62
N TYR Q 77 50.33 98.49 98.98
CA TYR Q 77 50.59 99.92 99.03
C TYR Q 77 49.43 100.67 99.68
N THR Q 78 49.49 102.00 99.60
CA THR Q 78 48.66 102.89 100.42
C THR Q 78 47.18 102.58 100.28
N ASP Q 79 46.49 102.54 101.43
CA ASP Q 79 45.04 102.39 101.53
C ASP Q 79 44.55 101.06 100.96
N VAL Q 80 45.39 100.03 100.99
CA VAL Q 80 45.05 98.70 100.53
C VAL Q 80 44.94 97.79 101.73
N ASN Q 81 43.85 97.04 101.81
CA ASN Q 81 43.63 96.12 102.93
C ASN Q 81 43.39 94.68 102.49
N VAL Q 82 42.63 94.47 101.42
CA VAL Q 82 42.27 93.14 100.95
C VAL Q 82 42.50 93.07 99.44
N VAL Q 83 43.14 92.00 98.98
CA VAL Q 83 43.46 91.81 97.57
C VAL Q 83 42.92 90.46 97.12
N LYS Q 84 42.26 90.45 95.96
CA LYS Q 84 41.80 89.23 95.31
C LYS Q 84 42.67 88.96 94.10
N LEU Q 85 43.20 87.74 94.01
CA LEU Q 85 44.18 87.40 92.98
C LEU Q 85 43.76 86.14 92.24
N LYS Q 86 44.25 86.04 91.00
CA LYS Q 86 44.08 84.85 90.17
C LYS Q 86 45.44 84.39 89.68
N VAL Q 87 45.75 83.13 89.90
CA VAL Q 87 47.04 82.55 89.55
C VAL Q 87 46.82 81.42 88.55
N THR Q 88 47.61 81.41 87.49
CA THR Q 88 47.48 80.42 86.43
C THR Q 88 48.85 80.00 85.92
N LEU Q 89 48.88 78.85 85.26
CA LEU Q 89 50.08 78.34 84.61
C LEU Q 89 50.07 78.81 83.16
N ALA Q 90 51.04 79.66 82.81
CA ALA Q 90 51.03 80.30 81.49
C ALA Q 90 51.43 79.33 80.38
N ASN Q 91 52.38 78.44 80.65
CA ASN Q 91 52.91 77.57 79.60
C ASN Q 91 52.60 76.09 79.89
N ALA Q 92 51.35 75.82 80.29
CA ALA Q 92 50.96 74.44 80.57
C ALA Q 92 50.99 73.58 79.31
N ALA Q 93 50.65 74.17 78.16
CA ALA Q 93 50.64 73.40 76.92
C ALA Q 93 52.02 72.92 76.54
N GLN Q 94 53.05 73.74 76.76
CA GLN Q 94 54.41 73.34 76.44
C GLN Q 94 54.91 72.21 77.33
N LEU Q 95 54.47 72.20 78.60
CA LEU Q 95 54.94 71.21 79.56
C LEU Q 95 54.23 69.87 79.46
N ARG Q 96 53.13 69.79 78.69
CA ARG Q 96 52.39 68.53 78.59
C ARG Q 96 53.21 67.37 78.03
N PRO Q 97 53.96 67.49 76.94
CA PRO Q 97 54.69 66.32 76.42
C PRO Q 97 55.80 65.82 77.34
N TYR Q 98 56.17 66.58 78.37
CA TYR Q 98 57.29 66.21 79.22
C TYR Q 98 56.88 65.57 80.55
N PHE Q 99 55.60 65.63 80.91
CA PHE Q 99 55.15 65.15 82.21
C PHE Q 99 53.86 64.37 82.08
N LYS Q 100 53.73 63.31 82.89
CA LYS Q 100 52.44 62.66 83.05
C LYS Q 100 51.53 63.48 83.96
N TYR Q 101 52.08 64.05 85.03
CA TYR Q 101 51.32 64.95 85.89
C TYR Q 101 52.29 65.86 86.63
N LEU Q 102 51.79 67.02 87.04
CA LEU Q 102 52.59 68.00 87.76
C LEU Q 102 51.64 68.88 88.57
N GLN Q 103 51.86 68.93 89.88
CA GLN Q 103 50.99 69.67 90.78
C GLN Q 103 51.81 70.65 91.60
N LEU Q 104 51.28 71.86 91.75
CA LEU Q 104 51.92 72.92 92.52
C LEU Q 104 51.04 73.30 93.70
N VAL Q 105 51.65 73.41 94.87
CA VAL Q 105 50.95 73.73 96.12
C VAL Q 105 51.47 75.06 96.64
N LEU Q 106 50.55 75.99 96.89
CA LEU Q 106 50.89 77.33 97.38
C LEU Q 106 50.38 77.47 98.80
N THR Q 107 51.26 77.91 99.71
CA THR Q 107 50.91 78.09 101.11
C THR Q 107 51.33 79.48 101.59
N SER Q 108 50.47 80.12 102.38
CA SER Q 108 50.79 81.39 103.00
C SER Q 108 51.41 81.13 104.37
N ASN Q 109 52.53 81.79 104.64
CA ASN Q 109 53.36 81.50 105.81
C ASN Q 109 53.79 82.80 106.50
N ALA Q 110 53.64 83.95 105.83
CA ALA Q 110 54.21 85.21 106.30
C ALA Q 110 53.83 85.52 107.75
N SER Q 111 52.68 85.03 108.20
CA SER Q 111 52.32 85.04 109.61
C SER Q 111 52.85 83.76 110.26
N SER Q 112 53.71 83.93 111.26
CA SER Q 112 54.30 82.77 111.92
C SER Q 112 53.28 81.96 112.69
N THR Q 113 52.11 82.53 112.98
CA THR Q 113 51.08 81.83 113.71
C THR Q 113 50.07 81.13 112.80
N VAL Q 114 49.84 81.64 111.60
CA VAL Q 114 48.83 81.13 110.69
C VAL Q 114 49.50 80.70 109.40
N GLU Q 115 49.75 79.40 109.25
CA GLU Q 115 50.17 78.81 107.98
C GLU Q 115 48.94 78.24 107.29
N GLU Q 116 48.74 78.60 106.02
CA GLU Q 116 47.59 78.14 105.26
C GLU Q 116 47.97 77.83 103.83
N THR Q 117 47.54 76.68 103.33
CA THR Q 117 47.60 76.37 101.92
C THR Q 117 46.39 76.98 101.22
N LYS Q 118 46.64 77.72 100.14
CA LYS Q 118 45.58 78.49 99.48
C LYS Q 118 45.08 77.88 98.18
N ALA Q 119 45.95 77.30 97.37
CA ALA Q 119 45.52 76.76 96.09
C ALA Q 119 46.42 75.61 95.67
N VAL Q 120 45.89 74.75 94.80
CA VAL Q 120 46.64 73.67 94.18
C VAL Q 120 46.46 73.80 92.67
N LEU Q 121 47.56 73.85 91.93
CA LEU Q 121 47.53 73.98 90.49
C LEU Q 121 48.03 72.70 89.84
N SER Q 122 47.48 72.40 88.66
CA SER Q 122 47.83 71.19 87.93
C SER Q 122 47.75 71.47 86.44
N LEU Q 123 48.25 70.51 85.65
CA LEU Q 123 48.22 70.66 84.20
C LEU Q 123 46.81 70.54 83.62
N LYS Q 124 45.89 69.92 84.35
CA LYS Q 124 44.51 69.79 83.89
C LYS Q 124 43.64 70.95 84.35
N LYS Q 125 43.92 71.52 85.52
CA LYS Q 125 43.20 72.69 86.04
C LYS Q 125 44.24 73.74 86.42
N PRO Q 126 44.66 74.56 85.46
CA PRO Q 126 45.81 75.44 85.69
C PRO Q 126 45.51 76.70 86.50
N SER Q 127 44.25 77.07 86.69
CA SER Q 127 43.89 78.35 87.27
C SER Q 127 43.23 78.17 88.62
N ALA Q 128 43.42 79.16 89.50
CA ALA Q 128 42.82 79.17 90.82
C ALA Q 128 42.68 80.61 91.29
N VAL Q 129 41.79 80.83 92.26
CA VAL Q 129 41.52 82.14 92.83
C VAL Q 129 41.74 82.05 94.34
N ILE Q 130 42.52 82.99 94.88
CA ILE Q 130 42.87 83.01 96.29
C ILE Q 130 42.51 84.36 96.89
N ILE Q 131 42.44 84.39 98.22
CA ILE Q 131 42.09 85.59 98.97
C ILE Q 131 43.17 85.86 100.01
N LEU Q 132 43.64 87.10 100.05
CA LEU Q 132 44.58 87.55 101.08
C LEU Q 132 43.91 88.62 101.93
N ASP Q 133 43.98 88.46 103.25
CA ASP Q 133 43.28 89.35 104.16
C ASP Q 133 44.19 89.89 105.25
N ASN Q 134 43.59 90.51 106.28
CA ASN Q 134 44.36 91.18 107.33
C ASN Q 134 45.31 90.22 108.03
N ASP Q 135 44.92 88.95 108.18
CA ASP Q 135 45.78 88.00 108.88
C ASP Q 135 47.03 87.67 108.08
N ASP Q 136 46.94 87.64 106.75
CA ASP Q 136 48.09 87.28 105.94
C ASP Q 136 49.16 88.36 105.94
N TYR Q 137 48.75 89.63 105.94
CA TYR Q 137 49.67 90.75 105.81
C TYR Q 137 50.49 90.96 107.08
N SER Q 138 51.40 90.03 107.37
CA SER Q 138 52.34 90.21 108.46
C SER Q 138 53.42 91.20 108.08
N SER Q 139 54.00 91.84 109.08
CA SER Q 139 54.87 93.01 108.94
C SER Q 139 54.16 94.17 108.24
N THR Q 140 52.84 94.04 108.03
CA THR Q 140 51.95 95.08 107.50
C THR Q 140 52.25 95.44 106.05
N ASN Q 141 53.26 94.82 105.43
CA ASN Q 141 53.69 95.27 104.12
C ASN Q 141 53.96 94.17 103.09
N LYS Q 142 54.00 92.90 103.46
CA LYS Q 142 54.41 91.90 102.47
C LYS Q 142 53.76 90.54 102.75
N ILE Q 143 53.65 89.76 101.67
CA ILE Q 143 53.18 88.38 101.68
C ILE Q 143 54.31 87.47 101.21
N GLN Q 144 54.48 86.34 101.88
CA GLN Q 144 55.46 85.33 101.50
C GLN Q 144 54.73 84.04 101.16
N LEU Q 145 54.97 83.50 99.97
CA LEU Q 145 54.33 82.29 99.49
C LEU Q 145 55.38 81.39 98.85
N LYS Q 146 55.61 80.22 99.44
CA LYS Q 146 56.47 79.22 98.81
C LYS Q 146 55.66 78.27 97.94
N VAL Q 147 56.36 77.60 97.03
CA VAL Q 147 55.76 76.73 96.03
C VAL Q 147 56.18 75.30 96.33
N GLU Q 148 55.21 74.38 96.27
CA GLU Q 148 55.48 72.97 96.51
C GLU Q 148 55.08 72.19 95.26
N ALA Q 149 55.97 71.31 94.80
CA ALA Q 149 55.79 70.61 93.54
C ALA Q 149 55.77 69.10 93.74
N TYR Q 150 54.84 68.45 93.05
CA TYR Q 150 54.79 66.99 92.93
C TYR Q 150 54.74 66.64 91.45
N TYR Q 151 55.49 65.62 91.04
CA TYR Q 151 55.68 65.39 89.61
C TYR Q 151 55.99 63.92 89.34
N GLU Q 152 55.77 63.53 88.09
CA GLU Q 152 56.26 62.28 87.54
C GLU Q 152 56.69 62.52 86.11
N ALA Q 153 57.95 62.19 85.79
CA ALA Q 153 58.51 62.47 84.48
C ALA Q 153 58.12 61.39 83.48
N LYS Q 154 58.10 61.77 82.20
CA LYS Q 154 57.82 60.81 81.13
C LYS Q 154 58.95 59.81 81.00
N GLU Q 155 58.60 58.62 80.50
CA GLU Q 155 59.55 57.52 80.38
C GLU Q 155 60.49 57.76 79.20
N GLY Q 156 61.79 57.78 79.48
CA GLY Q 156 62.78 57.86 78.43
C GLY Q 156 62.92 59.19 77.75
N MET Q 157 62.52 60.29 78.39
CA MET Q 157 62.60 61.62 77.82
C MET Q 157 63.72 62.38 78.50
N LEU Q 158 64.63 62.94 77.70
CA LEU Q 158 65.76 63.70 78.20
C LEU Q 158 65.71 65.12 77.65
N PHE Q 159 66.00 66.10 78.53
CA PHE Q 159 65.90 67.50 78.16
C PHE Q 159 66.65 68.32 79.20
N ASP Q 160 66.81 69.62 78.89
CA ASP Q 160 67.44 70.55 79.81
C ASP Q 160 67.01 71.96 79.46
N SER Q 161 67.13 72.86 80.44
CA SER Q 161 66.82 74.28 80.26
C SER Q 161 65.37 74.48 79.82
N LEU Q 162 64.44 73.99 80.63
CA LEU Q 162 63.01 74.13 80.37
C LEU Q 162 62.39 75.02 81.42
N PRO Q 163 61.80 76.16 81.05
CA PRO Q 163 61.26 77.08 82.06
C PRO Q 163 59.81 76.78 82.43
N VAL Q 164 59.47 77.15 83.67
CA VAL Q 164 58.12 77.08 84.19
C VAL Q 164 57.69 78.49 84.58
N ILE Q 165 56.53 78.92 84.09
CA ILE Q 165 56.09 80.31 84.18
C ILE Q 165 54.75 80.36 84.91
N LEU Q 166 54.63 81.30 85.84
CA LEU Q 166 53.39 81.58 86.54
C LEU Q 166 53.00 83.04 86.33
N ASN Q 167 51.70 83.31 86.28
CA ASN Q 167 51.18 84.63 86.00
C ASN Q 167 50.21 85.05 87.10
N PHE Q 168 50.17 86.35 87.37
CA PHE Q 168 49.29 86.93 88.40
C PHE Q 168 48.43 88.03 87.79
N GLN Q 169 47.17 88.07 88.20
CA GLN Q 169 46.24 89.11 87.76
C GLN Q 169 45.37 89.52 88.93
N VAL Q 170 45.17 90.84 89.07
CA VAL Q 170 44.38 91.41 90.15
C VAL Q 170 42.93 91.54 89.68
N LEU Q 171 42.00 91.01 90.46
CA LEU Q 171 40.58 91.10 90.15
C LEU Q 171 39.85 92.19 90.93
N SER Q 172 40.22 92.38 92.20
CA SER Q 172 39.57 93.39 93.02
C SER Q 172 40.47 93.70 94.22
N VAL Q 173 40.52 94.97 94.62
CA VAL Q 173 41.28 95.40 95.77
C VAL Q 173 40.42 96.36 96.59
N SER Q 174 40.60 96.34 97.91
CA SER Q 174 39.86 97.21 98.80
C SER Q 174 40.68 97.56 100.03
N THR R 26 31.43 164.35 71.63
CA THR R 26 30.37 163.40 71.92
C THR R 26 30.66 162.05 71.25
N THR R 27 31.39 161.19 71.95
CA THR R 27 31.79 159.89 71.45
C THR R 27 31.26 158.79 72.36
N GLN R 28 30.68 157.75 71.77
CA GLN R 28 30.15 156.61 72.51
C GLN R 28 31.12 155.45 72.38
N SER R 29 31.55 154.91 73.53
CA SER R 29 32.56 153.85 73.50
C SER R 29 31.94 152.51 73.84
N PRO R 30 32.41 151.43 73.20
CA PRO R 30 31.89 150.09 73.53
C PRO R 30 32.53 149.46 74.76
N LEU R 31 33.70 149.96 75.18
CA LEU R 31 34.34 149.53 76.44
C LEU R 31 34.69 148.04 76.42
N ASN R 32 35.33 147.60 75.33
CA ASN R 32 35.76 146.21 75.22
C ASN R 32 37.13 146.09 74.55
N SER R 33 37.92 147.16 74.56
CA SER R 33 39.24 147.16 73.90
C SER R 33 40.35 146.86 74.91
N PHE R 34 40.30 145.66 75.48
CA PHE R 34 41.32 145.20 76.43
C PHE R 34 41.66 143.75 76.13
N TYR R 35 42.95 143.43 76.14
CA TYR R 35 43.41 142.10 75.79
C TYR R 35 44.65 141.73 76.60
N ALA R 36 44.88 140.42 76.70
CA ALA R 36 46.08 139.87 77.31
C ALA R 36 46.42 138.57 76.59
N THR R 37 47.71 138.30 76.41
CA THR R 37 48.16 137.22 75.54
C THR R 37 49.21 136.36 76.22
N GLY R 38 49.11 135.04 76.01
CA GLY R 38 50.13 134.10 76.44
C GLY R 38 50.53 133.17 75.31
N THR R 39 51.34 132.16 75.60
CA THR R 39 51.83 131.23 74.58
C THR R 39 51.95 129.83 75.15
N ALA R 40 52.01 128.85 74.25
CA ALA R 40 52.19 127.46 74.63
C ALA R 40 52.85 126.72 73.48
N GLN R 41 53.46 125.57 73.79
CA GLN R 41 54.18 124.80 72.79
C GLN R 41 54.36 123.37 73.28
N ALA R 42 54.69 122.49 72.33
CA ALA R 42 55.05 121.10 72.63
C ALA R 42 55.86 120.58 71.45
N VAL R 43 57.16 120.38 71.66
CA VAL R 43 58.08 120.13 70.56
C VAL R 43 58.93 118.87 70.76
N GLN R 44 58.43 117.89 71.52
CA GLN R 44 59.18 116.65 71.68
C GLN R 44 58.23 115.52 72.02
N GLU R 45 58.66 114.29 71.68
CA GLU R 45 57.91 113.08 71.95
C GLU R 45 58.09 112.64 73.40
N PRO R 46 57.12 111.92 73.96
CA PRO R 46 57.18 111.59 75.41
C PRO R 46 58.41 110.81 75.82
N ILE R 47 58.87 109.86 75.00
CA ILE R 47 59.93 108.94 75.41
C ILE R 47 61.02 108.89 74.34
N ASP R 48 62.20 108.43 74.77
CA ASP R 48 63.31 108.16 73.87
C ASP R 48 63.86 106.79 74.24
N VAL R 49 64.24 106.00 73.22
CA VAL R 49 64.63 104.61 73.40
C VAL R 49 66.01 104.38 72.81
N GLU R 50 66.89 103.74 73.58
CA GLU R 50 68.24 103.41 73.13
C GLU R 50 68.52 101.96 73.44
N SER R 51 69.22 101.28 72.53
CA SER R 51 69.42 99.84 72.59
C SER R 51 70.87 99.50 72.89
N HIS R 52 71.07 98.45 73.69
CA HIS R 52 72.40 97.93 74.02
C HIS R 52 72.41 96.41 74.00
N LEU R 53 71.80 95.82 72.98
CA LEU R 53 71.77 94.35 72.83
C LEU R 53 73.02 93.92 72.08
N ASP R 54 74.06 93.56 72.83
CA ASP R 54 75.37 93.24 72.27
C ASP R 54 75.82 91.83 72.66
N ASN R 55 74.91 90.86 72.57
CA ASN R 55 75.26 89.45 72.75
C ASN R 55 74.61 88.64 71.65
N THR R 56 75.25 87.53 71.29
CA THR R 56 74.84 86.71 70.16
C THR R 56 74.42 85.33 70.65
N ILE R 57 73.25 84.88 70.20
CA ILE R 57 72.81 83.51 70.44
C ILE R 57 73.57 82.61 69.47
N ALA R 58 74.57 81.89 69.96
CA ALA R 58 75.46 81.09 69.13
C ALA R 58 75.55 79.66 69.67
N PRO R 59 74.50 78.86 69.47
CA PRO R 59 74.57 77.44 69.83
C PRO R 59 74.99 76.60 68.63
N ALA R 60 75.18 75.32 68.90
CA ALA R 60 75.40 74.36 67.83
C ALA R 60 74.06 74.01 67.18
N ALA R 61 74.15 73.34 66.03
CA ALA R 61 72.95 72.97 65.28
C ALA R 61 72.13 71.95 66.06
N GLY R 62 70.86 72.26 66.29
CA GLY R 62 69.96 71.35 66.96
C GLY R 62 70.07 71.32 68.48
N ALA R 63 70.82 72.24 69.07
CA ALA R 63 71.05 72.23 70.51
C ALA R 63 69.97 73.02 71.25
N GLN R 64 69.80 72.69 72.53
CA GLN R 64 68.90 73.39 73.43
C GLN R 64 69.74 74.23 74.39
N GLY R 65 69.41 75.52 74.52
CA GLY R 65 70.29 76.41 75.22
C GLY R 65 69.66 77.41 76.18
N TYR R 66 70.47 78.36 76.62
CA TYR R 66 70.11 79.33 77.65
C TYR R 66 71.06 80.51 77.57
N LYS R 67 70.53 81.71 77.28
CA LYS R 67 71.41 82.83 76.94
C LYS R 67 70.75 84.14 77.35
N ASP R 68 71.58 85.12 77.69
CA ASP R 68 71.14 86.49 77.92
C ASP R 68 71.71 87.39 76.82
N MET R 69 71.09 88.56 76.62
CA MET R 69 71.37 89.37 75.44
C MET R 69 71.94 90.75 75.78
N GLY R 70 71.29 91.49 76.67
CA GLY R 70 71.69 92.86 76.95
C GLY R 70 70.56 93.59 77.63
N TYR R 71 70.55 94.92 77.50
CA TYR R 71 69.53 95.73 78.13
C TYR R 71 69.18 96.92 77.24
N VAL R 72 68.01 97.51 77.51
CA VAL R 72 67.47 98.62 76.72
C VAL R 72 67.13 99.76 77.66
N LYS R 73 67.45 100.99 77.24
CA LYS R 73 67.22 102.18 78.04
C LYS R 73 66.05 102.97 77.49
N ILE R 74 65.20 103.46 78.40
CA ILE R 74 64.04 104.28 78.07
C ILE R 74 64.16 105.58 78.85
N ILE R 75 63.93 106.72 78.17
CA ILE R 75 64.06 108.04 78.77
C ILE R 75 62.71 108.74 78.71
N ASN R 76 62.28 109.32 79.83
CA ASN R 76 60.99 109.97 79.97
C ASN R 76 61.16 111.45 80.27
N TYR R 77 60.26 112.27 79.70
CA TYR R 77 60.45 113.71 79.58
C TYR R 77 59.38 114.47 80.37
N THR R 78 59.35 115.78 80.16
CA THR R 78 58.63 116.71 81.04
C THR R 78 57.17 116.34 81.21
N ASP R 79 56.70 116.38 82.46
CA ASP R 79 55.30 116.18 82.83
C ASP R 79 54.80 114.79 82.47
N VAL R 80 55.68 113.80 82.44
CA VAL R 80 55.34 112.41 82.17
C VAL R 80 55.50 111.62 83.45
N ASN R 81 54.49 110.83 83.80
CA ASN R 81 54.53 110.01 85.00
C ASN R 81 54.28 108.54 84.75
N VAL R 82 53.36 108.20 83.86
CA VAL R 82 53.00 106.81 83.58
C VAL R 82 52.97 106.62 82.07
N VAL R 83 53.56 105.52 81.59
CA VAL R 83 53.63 105.21 80.18
C VAL R 83 53.11 103.80 79.95
N LYS R 84 52.25 103.66 78.93
CA LYS R 84 51.75 102.37 78.49
C LYS R 84 52.40 102.01 77.17
N LEU R 85 52.97 100.82 77.09
CA LEU R 85 53.77 100.41 75.94
C LEU R 85 53.30 99.08 75.39
N LYS R 86 53.56 98.87 74.11
CA LYS R 86 53.30 97.60 73.43
C LYS R 86 54.57 97.15 72.73
N VAL R 87 55.00 95.91 73.01
CA VAL R 87 56.24 95.37 72.48
C VAL R 87 55.91 94.14 71.64
N THR R 88 56.50 94.05 70.46
CA THR R 88 56.22 92.97 69.53
C THR R 88 57.51 92.55 68.82
N LEU R 89 57.48 91.35 68.26
CA LEU R 89 58.57 90.82 67.45
C LEU R 89 58.27 91.15 65.99
N ALA R 90 59.11 92.00 65.39
CA ALA R 90 58.83 92.51 64.06
C ALA R 90 59.08 91.46 62.98
N ASN R 91 60.11 90.62 63.14
CA ASN R 91 60.49 89.68 62.10
C ASN R 91 60.32 88.23 62.56
N ALA R 92 59.20 87.94 63.21
CA ALA R 92 58.93 86.59 63.67
C ALA R 92 58.78 85.61 62.52
N ALA R 93 58.21 86.07 61.40
CA ALA R 93 58.00 85.19 60.25
C ALA R 93 59.34 84.72 59.67
N GLN R 94 60.34 85.60 59.63
CA GLN R 94 61.64 85.23 59.09
C GLN R 94 62.35 84.22 59.98
N LEU R 95 62.15 84.31 61.30
CA LEU R 95 62.84 83.44 62.25
C LEU R 95 62.19 82.06 62.38
N ARG R 96 60.99 81.87 61.83
CA ARG R 96 60.31 80.58 61.99
C ARG R 96 61.08 79.40 61.40
N PRO R 97 61.62 79.44 60.18
CA PRO R 97 62.31 78.26 59.65
C PRO R 97 63.58 77.89 60.38
N TYR R 98 64.10 78.77 61.25
CA TYR R 98 65.37 78.53 61.92
C TYR R 98 65.23 78.00 63.34
N PHE R 99 64.05 78.04 63.93
CA PHE R 99 63.86 77.68 65.33
C PHE R 99 62.61 76.84 65.50
N LYS R 100 62.70 75.85 66.40
CA LYS R 100 61.49 75.17 66.87
C LYS R 100 60.71 76.04 67.85
N TYR R 101 61.41 76.73 68.75
CA TYR R 101 60.77 77.67 69.65
C TYR R 101 61.81 78.69 70.11
N LEU R 102 61.32 79.86 70.51
CA LEU R 102 62.18 80.95 70.98
C LEU R 102 61.35 81.86 71.87
N GLN R 103 61.80 82.05 73.11
CA GLN R 103 61.06 82.83 74.09
C GLN R 103 61.96 83.93 74.65
N LEU R 104 61.40 85.12 74.79
CA LEU R 104 62.11 86.27 75.33
C LEU R 104 61.43 86.73 76.62
N VAL R 105 62.24 86.97 77.65
CA VAL R 105 61.75 87.38 78.96
C VAL R 105 62.28 88.78 79.26
N LEU R 106 61.38 89.70 79.59
CA LEU R 106 61.72 91.08 79.90
C LEU R 106 61.46 91.35 81.37
N THR R 107 62.46 91.90 82.06
CA THR R 107 62.36 92.21 83.47
C THR R 107 62.79 93.64 83.74
N SER R 108 62.05 94.32 84.62
CA SER R 108 62.40 95.67 85.05
C SER R 108 63.26 95.56 86.31
N ASN R 109 64.39 96.29 86.31
CA ASN R 109 65.42 96.15 87.33
C ASN R 109 65.90 97.53 87.80
N ALA R 110 65.55 98.59 87.08
CA ALA R 110 66.13 99.91 87.32
C ALA R 110 66.01 100.34 88.78
N SER R 111 64.98 99.87 89.48
CA SER R 111 64.89 99.99 90.92
C SER R 111 65.59 98.81 91.58
N SER R 112 66.61 99.09 92.37
CA SER R 112 67.38 98.04 93.01
C SER R 112 66.56 97.27 94.03
N THR R 113 65.43 97.82 94.48
CA THR R 113 64.58 97.15 95.46
C THR R 113 63.48 96.32 94.81
N VAL R 114 63.00 96.71 93.62
CA VAL R 114 61.87 96.07 92.97
C VAL R 114 62.33 95.54 91.61
N GLU R 115 62.62 94.24 91.54
CA GLU R 115 62.83 93.54 90.28
C GLU R 115 61.53 92.86 89.88
N GLU R 116 61.09 93.10 88.64
CA GLU R 116 59.84 92.52 88.15
C GLU R 116 59.98 92.10 86.69
N THR R 117 59.53 90.88 86.39
CA THR R 117 59.36 90.45 85.01
C THR R 117 58.01 90.94 84.51
N LYS R 118 58.02 91.58 83.34
CA LYS R 118 56.82 92.24 82.82
C LYS R 118 56.13 91.48 81.70
N ALA R 119 56.87 90.85 80.79
CA ALA R 119 56.23 90.18 79.67
C ALA R 119 57.12 89.04 79.19
N VAL R 120 56.49 88.08 78.51
CA VAL R 120 57.18 86.96 77.86
C VAL R 120 56.72 86.94 76.41
N LEU R 121 57.67 86.97 75.48
CA LEU R 121 57.37 86.96 74.07
C LEU R 121 57.81 85.63 73.44
N SER R 122 57.08 85.20 72.42
CA SER R 122 57.36 83.95 71.75
C SER R 122 57.00 84.08 70.28
N LEU R 123 57.39 83.07 69.50
CA LEU R 123 57.10 83.08 68.07
C LEU R 123 55.63 82.84 67.77
N LYS R 124 54.88 82.25 68.71
CA LYS R 124 53.45 82.04 68.53
C LYS R 124 52.61 83.19 69.04
N LYS R 125 53.07 83.89 70.07
CA LYS R 125 52.39 85.06 70.62
C LYS R 125 53.41 86.19 70.71
N PRO R 126 53.61 86.94 69.62
CA PRO R 126 54.74 87.88 69.55
C PRO R 126 54.51 89.19 70.29
N SER R 127 53.28 89.53 70.68
CA SER R 127 52.97 90.85 71.19
C SER R 127 52.57 90.78 72.66
N ALA R 128 52.86 91.85 73.38
CA ALA R 128 52.50 91.97 74.79
C ALA R 128 52.37 93.44 75.15
N VAL R 129 51.66 93.70 76.24
CA VAL R 129 51.43 95.05 76.74
C VAL R 129 51.91 95.13 78.18
N ILE R 130 52.73 96.14 78.49
CA ILE R 130 53.32 96.31 79.81
C ILE R 130 53.00 97.70 80.34
N ILE R 131 53.17 97.86 81.64
CA ILE R 131 52.89 99.11 82.35
C ILE R 131 54.13 99.52 83.14
N LEU R 132 54.53 100.78 82.99
CA LEU R 132 55.62 101.36 83.78
C LEU R 132 55.05 102.47 84.64
N ASP R 133 55.36 102.44 85.93
CA ASP R 133 54.78 103.39 86.88
C ASP R 133 55.85 104.08 87.74
N ASN R 134 55.40 104.77 88.79
CA ASN R 134 56.31 105.57 89.61
C ASN R 134 57.42 104.72 90.21
N ASP R 135 57.13 103.45 90.54
CA ASP R 135 58.16 102.61 91.16
C ASP R 135 59.27 102.26 90.17
N ASP R 136 58.95 102.10 88.89
CA ASP R 136 59.95 101.69 87.91
C ASP R 136 60.94 102.82 87.62
N TYR R 137 60.46 104.06 87.59
CA TYR R 137 61.28 105.20 87.19
C TYR R 137 62.30 105.57 88.26
N SER R 138 63.29 104.71 88.45
CA SER R 138 64.40 105.02 89.34
C SER R 138 65.35 106.02 88.68
N SER R 139 66.06 106.78 89.50
CA SER R 139 66.81 107.95 89.09
C SER R 139 65.93 109.00 88.44
N THR R 140 64.60 108.82 88.49
CA THR R 140 63.58 109.75 88.04
C THR R 140 63.58 109.99 86.53
N ASN R 141 64.50 109.36 85.80
CA ASN R 141 64.67 109.69 84.39
C ASN R 141 64.81 108.51 83.44
N LYS R 142 64.98 107.28 83.90
CA LYS R 142 65.26 106.21 82.96
C LYS R 142 64.76 104.86 83.46
N ILE R 143 64.50 103.97 82.49
CA ILE R 143 64.12 102.58 82.71
C ILE R 143 65.19 101.68 82.12
N GLN R 144 65.55 100.62 82.85
CA GLN R 144 66.50 99.62 82.38
C GLN R 144 65.80 98.28 82.30
N LEU R 145 65.84 97.64 81.13
CA LEU R 145 65.19 96.36 80.88
C LEU R 145 66.16 95.45 80.15
N LYS R 146 66.56 94.35 80.78
CA LYS R 146 67.34 93.33 80.10
C LYS R 146 66.45 92.27 79.49
N VAL R 147 67.01 91.54 78.52
CA VAL R 147 66.29 90.55 77.73
C VAL R 147 66.84 89.17 78.07
N GLU R 148 65.92 88.21 78.28
CA GLU R 148 66.32 86.84 78.58
C GLU R 148 65.74 85.93 77.50
N ALA R 149 66.58 85.05 76.97
CA ALA R 149 66.22 84.22 75.81
C ALA R 149 66.32 82.74 76.15
N TYR R 150 65.32 81.99 75.70
CA TYR R 150 65.34 80.53 75.72
C TYR R 150 65.04 80.04 74.31
N TYR R 151 65.76 79.01 73.87
CA TYR R 151 65.70 78.65 72.45
C TYR R 151 66.03 77.17 72.26
N GLU R 152 65.62 76.66 71.10
CA GLU R 152 66.08 75.37 70.59
C GLU R 152 66.23 75.50 69.08
N ALA R 153 67.41 75.18 68.58
CA ALA R 153 67.71 75.36 67.16
C ALA R 153 67.22 74.17 66.35
N LYS R 154 66.95 74.42 65.07
CA LYS R 154 66.54 73.37 64.16
C LYS R 154 67.68 72.39 63.91
N GLU R 155 67.31 71.15 63.59
CA GLU R 155 68.28 70.09 63.40
C GLU R 155 68.98 70.24 62.05
N GLY R 156 70.30 70.34 62.08
CA GLY R 156 71.09 70.36 60.86
C GLY R 156 71.04 71.63 60.05
N MET R 157 70.69 72.75 60.67
CA MET R 157 70.59 74.03 59.97
C MET R 157 71.78 74.90 60.36
N LEU R 158 72.49 75.42 59.36
CA LEU R 158 73.65 76.27 59.57
C LEU R 158 73.42 77.62 58.93
N PHE R 159 73.79 78.69 59.64
CA PHE R 159 73.56 80.05 59.18
C PHE R 159 74.43 80.99 59.99
N ASP R 160 74.47 82.25 59.55
CA ASP R 160 75.20 83.30 60.25
C ASP R 160 74.63 84.64 59.85
N SER R 161 74.88 85.64 60.71
CA SER R 161 74.45 87.02 60.48
C SER R 161 72.95 87.13 60.29
N LEU R 162 72.20 86.68 61.30
CA LEU R 162 70.74 86.74 61.28
C LEU R 162 70.27 87.70 62.36
N PRO R 163 69.56 88.77 62.00
CA PRO R 163 69.15 89.76 63.01
C PRO R 163 67.82 89.44 63.67
N VAL R 164 67.69 89.93 64.91
CA VAL R 164 66.46 89.85 65.67
C VAL R 164 66.03 91.27 66.01
N ILE R 165 64.78 91.60 65.70
CA ILE R 165 64.29 92.98 65.75
C ILE R 165 63.10 93.04 66.71
N LEU R 166 63.09 94.07 67.56
CA LEU R 166 61.98 94.37 68.45
C LEU R 166 61.49 95.78 68.19
N ASN R 167 60.18 95.99 68.35
CA ASN R 167 59.55 97.27 68.06
C ASN R 167 58.76 97.75 69.28
N PHE R 168 58.70 99.07 69.44
CA PHE R 168 58.00 99.69 70.54
C PHE R 168 56.98 100.69 70.01
N GLN R 169 55.81 100.74 70.65
CA GLN R 169 54.77 101.69 70.30
C GLN R 169 54.09 102.18 71.56
N VAL R 170 53.84 103.49 71.62
CA VAL R 170 53.22 104.13 72.77
C VAL R 170 51.72 104.16 72.57
N LEU R 171 50.98 103.68 73.56
CA LEU R 171 49.51 103.68 73.50
C LEU R 171 48.89 104.79 74.31
N SER R 172 49.46 105.14 75.47
CA SER R 172 48.92 106.20 76.30
C SER R 172 50.00 106.65 77.28
N VAL R 173 50.03 107.96 77.55
CA VAL R 173 50.97 108.53 78.50
C VAL R 173 50.22 109.53 79.38
N SER R 174 50.64 109.64 80.63
CA SER R 174 50.02 110.57 81.56
C SER R 174 51.03 111.06 82.60
N THR S 26 33.07 174.36 50.61
CA THR S 26 32.14 173.41 51.19
C THR S 26 32.37 172.02 50.60
N THR S 27 33.27 171.26 51.22
CA THR S 27 33.65 169.93 50.76
C THR S 27 33.36 168.92 51.86
N GLN S 28 32.73 167.80 51.48
CA GLN S 28 32.41 166.71 52.40
C GLN S 28 33.41 165.58 52.20
N SER S 29 34.06 165.18 53.29
CA SER S 29 35.11 164.16 53.17
C SER S 29 34.64 162.83 53.73
N PRO S 30 35.05 161.71 53.11
CA PRO S 30 34.68 160.39 53.65
C PRO S 30 35.56 159.92 54.80
N LEU S 31 36.75 160.49 54.95
CA LEU S 31 37.63 160.21 56.09
C LEU S 31 38.06 158.75 56.14
N ASN S 32 38.51 158.23 54.99
CA ASN S 32 38.99 156.86 54.93
C ASN S 32 40.23 156.72 54.03
N SER S 33 40.95 157.81 53.80
CA SER S 33 42.12 157.81 52.92
C SER S 33 43.40 157.65 53.73
N PHE S 34 43.53 156.51 54.40
CA PHE S 34 44.72 156.19 55.18
C PHE S 34 45.09 154.72 54.96
N TYR S 35 46.38 154.47 54.75
CA TYR S 35 46.84 153.12 54.44
C TYR S 35 48.22 152.88 55.04
N ALA S 36 48.55 151.60 55.21
CA ALA S 36 49.87 151.15 55.63
C ALA S 36 50.14 149.81 54.97
N THR S 37 51.39 149.57 54.60
CA THR S 37 51.73 148.43 53.74
C THR S 37 52.94 147.68 54.30
N GLY S 38 52.88 146.35 54.23
CA GLY S 38 54.01 145.49 54.54
C GLY S 38 54.25 144.47 53.44
N THR S 39 55.16 143.52 53.68
CA THR S 39 55.50 142.53 52.66
C THR S 39 55.81 141.20 53.32
N ALA S 40 55.75 140.13 52.52
CA ALA S 40 56.08 138.79 52.98
C ALA S 40 56.57 137.97 51.78
N GLN S 41 57.28 136.89 52.10
CA GLN S 41 57.85 136.05 51.04
C GLN S 41 58.20 134.67 51.61
N ALA S 42 58.41 133.72 50.70
CA ALA S 42 58.89 132.39 51.05
C ALA S 42 59.50 131.79 49.80
N VAL S 43 60.84 131.65 49.77
CA VAL S 43 61.55 131.35 48.55
C VAL S 43 62.49 130.15 48.70
N GLN S 44 62.20 129.23 49.62
CA GLN S 44 63.02 128.03 49.75
C GLN S 44 62.22 126.89 50.37
N GLU S 45 62.64 125.67 50.05
CA GLU S 45 62.03 124.45 50.56
C GLU S 45 62.50 124.17 51.99
N PRO S 46 61.67 123.46 52.78
CA PRO S 46 62.01 123.28 54.21
C PRO S 46 63.34 122.59 54.46
N ILE S 47 63.70 121.58 53.66
CA ILE S 47 64.86 120.76 53.93
C ILE S 47 65.75 120.65 52.70
N ASP S 48 67.00 120.28 52.93
CA ASP S 48 67.96 119.97 51.89
C ASP S 48 68.64 118.65 52.25
N VAL S 49 68.87 117.79 51.26
CA VAL S 49 69.36 116.44 51.50
C VAL S 49 70.63 116.21 50.68
N GLU S 50 71.66 115.68 51.33
CA GLU S 50 72.93 115.37 50.67
C GLU S 50 73.35 113.95 51.05
N SER S 51 73.91 113.22 50.08
CA SER S 51 74.19 111.80 50.23
C SER S 51 75.70 111.55 50.30
N HIS S 52 76.09 110.59 51.13
CA HIS S 52 77.48 110.16 51.26
C HIS S 52 77.58 108.65 51.36
N LEU S 53 76.83 107.93 50.53
CA LEU S 53 76.85 106.47 50.51
C LEU S 53 77.97 106.02 49.59
N ASP S 54 79.14 105.76 50.17
CA ASP S 54 80.35 105.45 49.41
C ASP S 54 80.94 104.09 49.83
N ASN S 55 80.09 103.09 50.00
CA ASN S 55 80.54 101.72 50.24
C ASN S 55 79.75 100.78 49.34
N THR S 56 80.38 99.67 48.97
CA THR S 56 79.82 98.73 48.01
C THR S 56 79.57 97.38 48.69
N ILE S 57 78.37 96.85 48.50
CA ILE S 57 78.06 95.48 48.93
C ILE S 57 78.67 94.53 47.92
N ALA S 58 79.79 93.91 48.29
CA ALA S 58 80.56 93.06 47.38
C ALA S 58 80.82 91.70 48.02
N PRO S 59 79.81 90.84 48.10
CA PRO S 59 80.02 89.47 48.56
C PRO S 59 80.26 88.53 47.38
N ALA S 60 80.57 87.29 47.72
CA ALA S 60 80.64 86.24 46.71
C ALA S 60 79.23 85.77 46.35
N ALA S 61 79.15 85.00 45.27
CA ALA S 61 77.86 84.52 44.79
C ALA S 61 77.25 83.54 45.79
N GLY S 62 76.03 83.82 46.23
CA GLY S 62 75.32 82.95 47.13
C GLY S 62 75.70 83.07 48.59
N ALA S 63 76.49 84.07 48.97
CA ALA S 63 76.97 84.21 50.32
C ALA S 63 76.00 85.03 51.18
N GLN S 64 76.09 84.82 52.49
CA GLN S 64 75.32 85.56 53.48
C GLN S 64 76.27 86.53 54.19
N GLY S 65 75.89 87.80 54.26
CA GLY S 65 76.84 88.80 54.71
C GLY S 65 76.34 89.84 55.68
N TYR S 66 77.16 90.88 55.88
CA TYR S 66 76.93 91.92 56.87
C TYR S 66 77.79 93.13 56.51
N LYS S 67 77.15 94.27 56.20
CA LYS S 67 77.88 95.38 55.63
C LYS S 67 77.24 96.70 56.04
N ASP S 68 78.06 97.75 56.13
CA ASP S 68 77.60 99.12 56.31
C ASP S 68 77.90 99.92 55.05
N MET S 69 77.19 101.03 54.86
CA MET S 69 77.21 101.74 53.59
C MET S 69 77.76 103.17 53.69
N GLY S 70 77.23 103.96 54.61
CA GLY S 70 77.60 105.37 54.69
C GLY S 70 76.57 106.13 55.51
N TYR S 71 76.47 107.43 55.26
CA TYR S 71 75.53 108.26 56.00
C TYR S 71 74.96 109.34 55.09
N VAL S 72 73.83 109.91 55.51
CA VAL S 72 73.10 110.90 54.74
C VAL S 72 72.86 112.13 55.62
N LYS S 73 73.03 113.31 55.04
CA LYS S 73 72.88 114.57 55.77
C LYS S 73 71.58 115.26 55.38
N ILE S 74 70.89 115.80 56.38
CA ILE S 74 69.65 116.54 56.20
C ILE S 74 69.83 117.92 56.83
N ILE S 75 69.41 118.96 56.10
CA ILE S 75 69.58 120.35 56.55
C ILE S 75 68.19 120.98 56.67
N ASN S 76 67.95 121.64 57.80
CA ASN S 76 66.66 122.26 58.13
C ASN S 76 66.81 123.78 58.26
N TYR S 77 65.78 124.49 57.79
CA TYR S 77 65.85 125.92 57.51
C TYR S 77 64.91 126.71 58.41
N THR S 78 64.75 127.99 58.10
CA THR S 78 64.16 128.98 59.00
C THR S 78 62.78 128.57 59.48
N ASP S 79 62.53 128.71 60.78
CA ASP S 79 61.25 128.49 61.42
C ASP S 79 60.76 127.05 61.29
N VAL S 80 61.69 126.10 61.18
CA VAL S 80 61.38 124.67 61.10
C VAL S 80 61.81 124.02 62.40
N ASN S 81 60.92 123.23 63.00
CA ASN S 81 61.23 122.54 64.24
C ASN S 81 61.03 121.04 64.17
N VAL S 82 59.97 120.58 63.49
CA VAL S 82 59.65 119.15 63.40
C VAL S 82 59.35 118.81 61.95
N VAL S 83 59.91 117.70 61.47
CA VAL S 83 59.75 117.26 60.10
C VAL S 83 59.27 115.82 60.09
N LYS S 84 58.26 115.54 59.26
CA LYS S 84 57.76 114.19 59.05
C LYS S 84 58.18 113.74 57.66
N LEU S 85 58.79 112.55 57.58
CA LEU S 85 59.40 112.08 56.35
C LEU S 85 58.91 110.68 56.01
N LYS S 86 58.95 110.36 54.72
CA LYS S 86 58.64 109.03 54.22
C LYS S 86 59.79 108.56 53.34
N VAL S 87 60.33 107.38 53.64
CA VAL S 87 61.48 106.83 52.95
C VAL S 87 61.08 105.51 52.30
N THR S 88 61.45 105.34 51.03
CA THR S 88 61.07 104.16 50.27
C THR S 88 62.22 103.72 49.38
N LEU S 89 62.16 102.47 48.94
CA LEU S 89 63.12 101.91 47.99
C LEU S 89 62.55 102.09 46.59
N ALA S 90 63.22 102.91 45.78
CA ALA S 90 62.67 103.27 44.47
C ALA S 90 62.78 102.13 43.46
N ASN S 91 63.87 101.36 43.50
CA ASN S 91 64.12 100.33 42.50
C ASN S 91 64.11 98.94 43.11
N ALA S 92 63.13 98.66 43.97
CA ALA S 92 63.04 97.35 44.61
C ALA S 92 62.74 96.26 43.58
N ALA S 93 61.95 96.59 42.55
CA ALA S 93 61.59 95.60 41.54
C ALA S 93 62.82 95.12 40.78
N GLN S 94 63.75 96.04 40.47
CA GLN S 94 64.95 95.67 39.74
C GLN S 94 65.86 94.77 40.57
N LEU S 95 65.90 94.99 41.89
CA LEU S 95 66.80 94.23 42.76
C LEU S 95 66.26 92.86 43.14
N ARG S 96 65.00 92.56 42.84
CA ARG S 96 64.43 91.27 43.23
C ARG S 96 65.15 90.07 42.62
N PRO S 97 65.45 90.01 41.31
CA PRO S 97 66.10 88.81 40.77
C PRO S 97 67.51 88.57 41.29
N TYR S 98 68.11 89.55 41.96
CA TYR S 98 69.50 89.42 42.41
C TYR S 98 69.66 89.02 43.86
N PHE S 99 68.59 89.08 44.66
CA PHE S 99 68.68 88.85 46.10
C PHE S 99 67.53 87.98 46.57
N LYS S 100 67.83 87.08 47.53
CA LYS S 100 66.76 86.41 48.26
C LYS S 100 66.13 87.34 49.29
N TYR S 101 66.93 88.14 49.98
CA TYR S 101 66.42 89.14 50.89
C TYR S 101 67.46 90.23 51.07
N LEU S 102 66.99 91.42 51.44
CA LEU S 102 67.86 92.57 51.66
C LEU S 102 67.15 93.54 52.59
N GLN S 103 67.80 93.86 53.71
CA GLN S 103 67.21 94.71 54.73
C GLN S 103 68.13 95.89 55.02
N LEU S 104 67.54 97.07 55.16
CA LEU S 104 68.27 98.29 55.46
C LEU S 104 67.81 98.85 56.79
N VAL S 105 68.77 99.21 57.64
CA VAL S 105 68.50 99.73 58.98
C VAL S 105 69.00 101.17 59.05
N LEU S 106 68.12 102.08 59.46
CA LEU S 106 68.44 103.50 59.58
C LEU S 106 68.43 103.90 61.04
N THR S 107 69.51 104.56 61.48
CA THR S 107 69.65 104.99 62.86
C THR S 107 70.03 106.46 62.92
N SER S 108 69.43 107.19 63.85
CA SER S 108 69.78 108.59 64.10
C SER S 108 70.86 108.63 65.17
N ASN S 109 71.92 109.39 64.90
CA ASN S 109 73.13 109.41 65.72
C ASN S 109 73.60 110.83 65.97
N ALA S 110 73.07 111.81 65.24
CA ALA S 110 73.61 113.18 65.25
C ALA S 110 73.72 113.74 66.67
N SER S 111 72.86 113.29 67.58
CA SER S 111 73.02 113.55 69.00
C SER S 111 73.89 112.46 69.61
N SER S 112 75.04 112.87 70.18
CA SER S 112 75.96 111.91 70.76
C SER S 112 75.38 111.21 71.98
N THR S 113 74.32 111.76 72.58
CA THR S 113 73.70 111.15 73.74
C THR S 113 72.55 110.22 73.39
N VAL S 114 71.85 110.48 72.28
CA VAL S 114 70.65 109.73 71.91
C VAL S 114 70.89 109.09 70.54
N GLU S 115 71.23 107.80 70.53
CA GLU S 115 71.26 107.00 69.32
C GLU S 115 69.95 106.23 69.22
N GLU S 116 69.28 106.33 68.07
CA GLU S 116 68.00 105.65 67.87
C GLU S 116 67.89 105.10 66.45
N THR S 117 67.47 103.84 66.35
CA THR S 117 67.07 103.26 65.08
C THR S 117 65.62 103.65 64.78
N LYS S 118 65.39 104.18 63.58
CA LYS S 118 64.08 104.74 63.24
C LYS S 118 63.24 103.85 62.34
N ALA S 119 63.85 103.17 61.37
CA ALA S 119 63.07 102.36 60.44
C ALA S 119 63.91 101.21 59.91
N VAL S 120 63.22 100.17 59.45
CA VAL S 120 63.84 99.03 58.77
C VAL S 120 63.13 98.85 57.45
N LEU S 121 63.89 98.82 56.36
CA LEU S 121 63.36 98.66 55.02
C LEU S 121 63.75 97.30 54.46
N SER S 122 62.87 96.75 53.63
CA SER S 122 63.10 95.44 53.03
C SER S 122 62.47 95.42 51.65
N LEU S 123 62.77 94.36 50.89
CA LEU S 123 62.22 94.21 49.55
C LEU S 123 60.74 93.90 49.55
N LYS S 124 60.21 93.37 50.66
CA LYS S 124 58.79 93.07 50.76
C LYS S 124 57.98 94.24 51.31
N LYS S 125 58.59 95.06 52.18
CA LYS S 125 57.94 96.25 52.74
C LYS S 125 58.90 97.42 52.54
N PRO S 126 58.86 98.05 51.37
CA PRO S 126 59.90 99.04 51.02
C PRO S 126 59.74 100.41 51.66
N SER S 127 58.58 100.72 52.23
CA SER S 127 58.29 102.08 52.69
C SER S 127 58.17 102.14 54.20
N ALA S 128 58.52 103.29 54.76
CA ALA S 128 58.42 103.52 56.20
C ALA S 128 58.27 105.02 56.44
N VAL S 129 57.75 105.36 57.62
CA VAL S 129 57.54 106.74 58.03
C VAL S 129 58.27 106.97 59.34
N ILE S 130 59.07 108.04 59.41
CA ILE S 130 59.88 108.35 60.57
C ILE S 130 59.58 109.78 61.03
N ILE S 131 59.97 110.07 62.27
CA ILE S 131 59.75 111.38 62.89
C ILE S 131 61.09 111.90 63.40
N LEU S 132 61.38 113.16 63.08
CA LEU S 132 62.56 113.85 63.60
C LEU S 132 62.09 115.03 64.44
N ASP S 133 62.63 115.13 65.65
CA ASP S 133 62.19 116.15 66.60
C ASP S 133 63.35 116.95 67.19
N ASN S 134 63.06 117.73 68.24
CA ASN S 134 64.06 118.62 68.81
C ASN S 134 65.31 117.88 69.27
N ASP S 135 65.16 116.65 69.75
CA ASP S 135 66.32 115.91 70.24
C ASP S 135 67.25 115.50 69.10
N ASP S 136 66.70 115.21 67.92
CA ASP S 136 67.54 114.76 66.82
C ASP S 136 68.40 115.89 66.25
N TYR S 137 67.85 117.10 66.20
CA TYR S 137 68.52 118.22 65.56
C TYR S 137 69.70 118.73 66.38
N SER S 138 70.75 117.93 66.46
CA SER S 138 71.99 118.37 67.10
C SER S 138 72.73 119.35 66.19
N SER S 139 73.53 120.20 66.80
CA SER S 139 74.14 121.37 66.16
C SER S 139 73.09 122.32 65.59
N THR S 140 71.81 122.07 65.89
CA THR S 140 70.67 122.93 65.56
C THR S 140 70.39 123.02 64.07
N ASN S 141 71.21 122.35 63.24
CA ASN S 141 71.09 122.55 61.80
C ASN S 141 71.12 121.30 60.94
N LYS S 142 71.44 120.12 61.47
CA LYS S 142 71.62 118.98 60.59
C LYS S 142 71.29 117.66 61.29
N ILE S 143 70.91 116.68 60.47
CA ILE S 143 70.65 115.30 60.88
C ILE S 143 71.65 114.39 60.18
N GLN S 144 72.19 113.42 60.92
CA GLN S 144 73.09 112.43 60.37
C GLN S 144 72.46 111.05 60.55
N LEU S 145 72.34 110.30 59.45
CA LEU S 145 71.72 108.98 59.44
C LEU S 145 72.59 108.04 58.62
N LYS S 146 73.16 107.03 59.27
CA LYS S 146 73.87 105.98 58.55
C LYS S 146 72.94 104.81 58.20
N VAL S 147 73.36 104.03 57.21
CA VAL S 147 72.56 102.94 56.65
C VAL S 147 73.24 101.62 57.01
N GLU S 148 72.44 100.66 57.47
CA GLU S 148 72.95 99.34 57.81
C GLU S 148 72.25 98.31 56.94
N ALA S 149 73.02 97.40 56.34
CA ALA S 149 72.51 96.46 55.35
C ALA S 149 72.75 95.03 55.80
N TYR S 150 71.73 94.18 55.60
CA TYR S 150 71.83 92.74 55.74
C TYR S 150 71.31 92.10 54.46
N TYR S 151 71.99 91.07 53.99
CA TYR S 151 71.70 90.57 52.66
C TYR S 151 72.08 89.10 52.53
N GLU S 152 71.51 88.46 51.52
CA GLU S 152 71.93 87.14 51.04
C GLU S 152 71.80 87.13 49.52
N ALA S 153 72.89 86.82 48.84
CA ALA S 153 72.92 86.86 47.39
C ALA S 153 72.36 85.58 46.79
N LYS S 154 71.85 85.70 45.57
CA LYS S 154 71.34 84.55 44.84
C LYS S 154 72.47 83.60 44.47
N GLU S 155 72.12 82.33 44.34
CA GLU S 155 73.09 81.28 44.06
C GLU S 155 73.53 81.33 42.60
N GLY S 156 74.84 81.49 42.37
CA GLY S 156 75.39 81.41 41.03
C GLY S 156 75.11 82.60 40.14
N MET S 157 74.82 83.76 40.71
CA MET S 157 74.53 84.96 39.93
C MET S 157 75.72 85.92 40.02
N LEU S 158 76.21 86.36 38.86
CA LEU S 158 77.33 87.27 38.78
C LEU S 158 76.92 88.55 38.08
N PHE S 159 77.36 89.69 38.61
CA PHE S 159 76.97 90.99 38.08
C PHE S 159 77.92 92.04 38.62
N ASP S 160 77.79 93.25 38.08
CA ASP S 160 78.58 94.38 38.54
C ASP S 160 77.88 95.67 38.14
N SER S 161 78.22 96.75 38.84
CA SER S 161 77.68 98.08 38.57
C SER S 161 76.16 98.11 38.66
N LEU S 162 75.64 97.72 39.82
CA LEU S 162 74.20 97.74 40.07
C LEU S 162 73.87 98.78 41.13
N PRO S 163 73.05 99.78 40.82
CA PRO S 163 72.78 100.85 41.78
C PRO S 163 71.61 100.54 42.71
N VAL S 164 71.67 101.14 43.90
CA VAL S 164 70.60 101.08 44.89
C VAL S 164 70.17 102.52 45.16
N ILE S 165 68.86 102.77 45.06
CA ILE S 165 68.31 104.12 45.09
C ILE S 165 67.32 104.23 46.24
N LEU S 166 67.40 105.34 46.99
CA LEU S 166 66.46 105.67 48.03
C LEU S 166 65.84 107.03 47.74
N ASN S 167 64.57 107.20 48.12
CA ASN S 167 63.82 108.42 47.84
C ASN S 167 63.25 108.99 49.13
N PHE S 168 63.14 110.31 49.19
CA PHE S 168 62.62 111.02 50.35
C PHE S 168 61.46 111.91 49.92
N GLN S 169 60.43 111.98 50.76
CA GLN S 169 59.28 112.84 50.52
C GLN S 169 58.82 113.43 51.85
N VAL S 170 58.51 114.73 51.83
CA VAL S 170 58.08 115.45 53.02
C VAL S 170 56.55 115.41 53.09
N LEU S 171 56.03 114.99 54.24
CA LEU S 171 54.59 114.92 54.45
C LEU S 171 54.06 116.09 55.26
N SER S 172 54.80 116.56 56.26
CA SER S 172 54.37 117.68 57.09
C SER S 172 55.57 118.27 57.80
N VAL S 173 55.58 119.59 57.94
CA VAL S 173 56.64 120.29 58.65
C VAL S 173 56.01 121.34 59.56
N SER S 174 56.64 121.58 60.69
CA SER S 174 56.14 122.58 61.65
C SER S 174 57.30 123.21 62.43
N THR T 26 30.35 182.37 28.87
CA THR T 26 29.58 181.43 29.68
C THR T 26 29.79 180.01 29.18
N THR T 27 30.83 179.35 29.70
CA THR T 27 31.19 177.99 29.30
C THR T 27 31.16 177.08 30.51
N GLN T 28 30.54 175.91 30.36
CA GLN T 28 30.45 174.91 31.41
C GLN T 28 31.46 173.80 31.13
N SER T 29 32.32 173.53 32.10
CA SER T 29 33.38 172.55 31.88
C SER T 29 33.10 171.25 32.64
N PRO T 30 33.45 170.10 32.06
CA PRO T 30 33.25 168.83 32.77
C PRO T 30 34.35 168.50 33.77
N LEU T 31 35.52 169.13 33.65
CA LEU T 31 36.60 169.00 34.64
C LEU T 31 37.12 167.57 34.73
N ASN T 32 37.38 166.96 33.57
CA ASN T 32 37.93 165.60 33.53
C ASN T 32 38.98 165.43 32.44
N SER T 33 39.59 166.53 31.99
CA SER T 33 40.58 166.48 30.91
C SER T 33 42.00 166.45 31.48
N PHE T 34 42.30 165.39 32.22
CA PHE T 34 43.64 165.19 32.79
C PHE T 34 44.04 163.73 32.63
N TYR T 35 45.28 163.50 32.22
CA TYR T 35 45.75 162.15 31.95
C TYR T 35 47.22 162.03 32.29
N ALA T 36 47.65 160.78 32.51
CA ALA T 36 49.05 160.43 32.73
C ALA T 36 49.27 159.04 32.15
N THR T 37 50.46 158.81 31.57
CA THR T 37 50.70 157.61 30.78
C THR T 37 52.03 156.97 31.16
N GLY T 38 52.02 155.63 31.22
CA GLY T 38 53.24 154.85 31.40
C GLY T 38 53.34 153.75 30.36
N THR T 39 54.33 152.86 30.50
CA THR T 39 54.54 151.79 29.53
C THR T 39 55.03 150.54 30.25
N ALA T 40 54.89 149.41 29.56
CA ALA T 40 55.37 148.12 30.06
C ALA T 40 55.69 147.21 28.89
N GLN T 41 56.49 146.19 29.15
CA GLN T 41 56.91 145.28 28.09
C GLN T 41 57.45 143.98 28.70
N ALA T 42 57.53 142.96 27.85
CA ALA T 42 58.14 141.68 28.23
C ALA T 42 58.56 140.99 26.93
N VAL T 43 59.87 140.90 26.68
CA VAL T 43 60.37 140.51 25.38
C VAL T 43 61.38 139.37 25.47
N GLN T 44 61.31 138.53 26.50
CA GLN T 44 62.22 137.39 26.58
C GLN T 44 61.61 136.28 27.43
N GLU T 45 62.04 135.04 27.15
CA GLU T 45 61.59 133.86 27.87
C GLU T 45 62.32 133.74 29.20
N PRO T 46 61.69 133.09 30.19
CA PRO T 46 62.30 133.06 31.54
C PRO T 46 63.68 132.44 31.60
N ILE T 47 63.95 131.38 30.84
CA ILE T 47 65.18 130.63 30.97
C ILE T 47 65.84 130.43 29.61
N ASP T 48 67.14 130.14 29.65
CA ASP T 48 67.90 129.76 28.46
C ASP T 48 68.71 128.52 28.82
N VAL T 49 68.81 127.58 27.88
CA VAL T 49 69.41 126.27 28.14
C VAL T 49 70.52 126.02 27.13
N GLU T 50 71.68 125.60 27.61
CA GLU T 50 72.83 125.27 26.76
C GLU T 50 73.37 123.91 27.18
N SER T 51 73.80 123.11 26.19
CA SER T 51 74.19 121.74 26.42
C SER T 51 75.69 121.55 26.22
N HIS T 52 76.28 120.68 27.05
CA HIS T 52 77.69 120.33 26.96
C HIS T 52 77.89 118.83 27.18
N LEU T 53 77.05 118.01 26.56
CA LEU T 53 77.15 116.56 26.67
C LEU T 53 78.11 116.06 25.60
N ASP T 54 79.38 115.92 25.97
CA ASP T 54 80.44 115.56 25.03
C ASP T 54 81.18 114.29 25.45
N ASN T 55 80.43 113.28 25.87
CA ASN T 55 80.99 111.96 26.13
C ASN T 55 80.10 110.90 25.48
N THR T 56 80.72 109.79 25.10
CA THR T 56 80.05 108.73 24.36
C THR T 56 80.00 107.45 25.19
N ILE T 57 78.83 106.85 25.27
CA ILE T 57 78.67 105.53 25.87
C ILE T 57 79.15 104.51 24.85
N ALA T 58 80.35 103.97 25.05
CA ALA T 58 80.98 103.07 24.10
C ALA T 58 81.43 101.79 24.79
N PRO T 59 80.49 100.90 25.13
CA PRO T 59 80.86 99.59 25.66
C PRO T 59 80.95 98.55 24.55
N ALA T 60 81.39 97.35 24.94
CA ALA T 60 81.33 96.21 24.03
C ALA T 60 79.92 95.66 23.97
N ALA T 61 79.68 94.78 23.00
CA ALA T 61 78.35 94.22 22.81
C ALA T 61 77.99 93.32 23.99
N GLY T 62 76.85 93.59 24.61
CA GLY T 62 76.36 92.78 25.71
C GLY T 62 76.99 93.06 27.06
N ALA T 63 77.78 94.12 27.19
CA ALA T 63 78.49 94.41 28.42
C ALA T 63 77.64 95.27 29.36
N GLN T 64 77.98 95.18 30.64
CA GLN T 64 77.36 96.00 31.69
C GLN T 64 78.37 97.05 32.13
N GLY T 65 77.94 98.31 32.16
CA GLY T 65 78.89 99.39 32.33
C GLY T 65 78.52 100.50 33.28
N TYR T 66 79.30 101.58 33.24
CA TYR T 66 79.19 102.71 34.15
C TYR T 66 79.89 103.91 33.54
N LYS T 67 79.16 104.98 33.26
CA LYS T 67 79.71 106.07 32.46
C LYS T 67 79.07 107.39 32.86
N ASP T 68 79.84 108.48 32.71
CA ASP T 68 79.34 109.83 32.85
C ASP T 68 79.36 110.53 31.50
N MET T 69 78.57 111.58 31.34
CA MET T 69 78.32 112.17 30.03
C MET T 69 78.80 113.62 29.90
N GLY T 70 78.41 114.48 30.83
CA GLY T 70 78.70 115.90 30.72
C GLY T 70 77.79 116.69 31.65
N TYR T 71 77.57 117.96 31.30
CA TYR T 71 76.74 118.82 32.13
C TYR T 71 75.95 119.78 31.24
N VAL T 72 74.89 120.34 31.82
CA VAL T 72 73.97 121.23 31.11
C VAL T 72 73.84 122.52 31.91
N LYS T 73 73.83 123.65 31.21
CA LYS T 73 73.74 124.96 31.84
C LYS T 73 72.35 125.57 31.64
N ILE T 74 71.82 126.17 32.70
CA ILE T 74 70.53 126.84 32.68
C ILE T 74 70.74 128.28 33.13
N ILE T 75 70.15 129.23 32.42
CA ILE T 75 70.30 130.65 32.70
C ILE T 75 68.93 131.24 33.02
N ASN T 76 68.86 132.01 34.11
CA ASN T 76 67.62 132.59 34.60
C ASN T 76 67.71 134.13 34.58
N TYR T 77 66.57 134.74 34.25
CA TYR T 77 66.50 136.15 33.83
C TYR T 77 65.69 136.98 34.83
N THR T 78 65.42 138.22 34.43
CA THR T 78 64.95 139.25 35.35
C THR T 78 63.69 138.84 36.09
N ASP T 79 63.68 139.11 37.40
CA ASP T 79 62.55 138.90 38.29
C ASP T 79 62.13 137.44 38.38
N VAL T 80 63.07 136.52 38.18
CA VAL T 80 62.83 135.08 38.29
C VAL T 80 63.52 134.57 39.53
N ASN T 81 62.80 133.81 40.35
CA ASN T 81 63.37 133.25 41.57
C ASN T 81 63.24 131.75 41.67
N VAL T 82 62.11 131.17 41.24
CA VAL T 82 61.87 129.74 41.34
C VAL T 82 61.32 129.25 40.00
N VAL T 83 61.85 128.13 39.53
CA VAL T 83 61.47 127.55 38.25
C VAL T 83 61.07 126.09 38.46
N LYS T 84 59.95 125.69 37.87
CA LYS T 84 59.49 124.31 37.86
C LYS T 84 59.68 123.73 36.46
N LEU T 85 60.35 122.59 36.38
CA LEU T 85 60.74 122.02 35.10
C LEU T 85 60.27 120.56 34.99
N LYS T 86 60.11 120.13 33.75
CA LYS T 86 59.79 118.74 33.43
C LYS T 86 60.79 118.24 32.40
N VAL T 87 61.44 117.11 32.70
CA VAL T 87 62.48 116.54 31.84
C VAL T 87 62.03 115.15 31.41
N THR T 88 62.17 114.88 30.11
CA THR T 88 61.74 113.62 29.54
C THR T 88 62.74 113.15 28.49
N LEU T 89 62.67 111.84 28.18
CA LEU T 89 63.48 111.24 27.13
C LEU T 89 62.65 111.25 25.85
N ALA T 90 63.11 112.02 24.86
CA ALA T 90 62.32 112.23 23.65
C ALA T 90 62.31 111.01 22.75
N ASN T 91 63.43 110.29 22.65
CA ASN T 91 63.55 109.18 21.71
C ASN T 91 63.73 107.85 22.43
N ALA T 92 62.94 107.62 23.48
CA ALA T 92 63.04 106.37 24.22
C ALA T 92 62.61 105.18 23.38
N ALA T 93 61.65 105.37 22.49
CA ALA T 93 61.17 104.28 21.65
C ALA T 93 62.26 103.78 20.72
N GLN T 94 63.06 104.70 20.17
CA GLN T 94 64.14 104.31 19.26
C GLN T 94 65.24 103.53 19.99
N LEU T 95 65.50 103.87 21.24
CA LEU T 95 66.57 103.24 22.01
C LEU T 95 66.19 101.89 22.60
N ARG T 96 64.91 101.52 22.56
CA ARG T 96 64.50 100.25 23.16
C ARG T 96 65.16 99.02 22.54
N PRO T 97 65.23 98.86 21.21
CA PRO T 97 65.84 97.63 20.66
C PRO T 97 67.32 97.50 20.94
N TYR T 98 68.00 98.55 21.40
CA TYR T 98 69.44 98.53 21.59
C TYR T 98 69.87 98.28 23.02
N PHE T 99 68.96 98.37 24.00
CA PHE T 99 69.32 98.28 25.40
C PHE T 99 68.33 97.42 26.16
N LYS T 100 68.85 96.64 27.12
CA LYS T 100 67.97 96.00 28.08
C LYS T 100 67.48 96.99 29.13
N TYR T 101 68.36 97.88 29.58
CA TYR T 101 67.95 98.94 30.50
C TYR T 101 68.94 100.09 30.37
N LEU T 102 68.49 101.29 30.72
CA LEU T 102 69.31 102.49 30.67
C LEU T 102 68.73 103.51 31.63
N GLN T 103 69.55 103.96 32.57
CA GLN T 103 69.11 104.89 33.61
C GLN T 103 70.00 106.13 33.61
N LEU T 104 69.37 107.29 33.76
CA LEU T 104 70.07 108.57 33.81
C LEU T 104 69.83 109.22 35.15
N VAL T 105 70.90 109.72 35.77
CA VAL T 105 70.86 110.35 37.09
C VAL T 105 71.27 111.81 36.94
N LEU T 106 70.43 112.72 37.42
CA LEU T 106 70.68 114.15 37.35
C LEU T 106 70.93 114.69 38.76
N THR T 107 72.02 115.43 38.92
CA THR T 107 72.37 116.00 40.21
C THR T 107 72.68 117.48 40.07
N SER T 108 72.22 118.27 41.03
CA SER T 108 72.52 119.70 41.09
C SER T 108 73.77 119.89 41.94
N ASN T 109 74.72 120.66 41.41
CA ASN T 109 76.06 120.81 41.99
C ASN T 109 76.49 122.26 42.02
N ALA T 110 75.78 123.15 41.31
CA ALA T 110 76.24 124.52 41.10
C ALA T 110 76.57 125.22 42.42
N SER T 111 75.91 124.83 43.51
CA SER T 111 76.31 125.24 44.86
C SER T 111 77.34 124.25 45.39
N SER T 112 78.54 124.75 45.70
CA SER T 112 79.61 123.89 46.18
C SER T 112 79.29 123.29 47.54
N THR T 113 78.34 123.86 48.28
CA THR T 113 77.96 123.33 49.58
C THR T 113 76.82 122.33 49.53
N VAL T 114 75.92 122.45 48.55
CA VAL T 114 74.72 121.63 48.47
C VAL T 114 74.75 120.87 47.15
N GLU T 115 75.15 119.60 47.19
CA GLU T 115 75.00 118.68 46.06
C GLU T 115 73.74 117.86 46.28
N GLU T 116 72.87 117.82 45.26
CA GLU T 116 71.63 117.07 45.37
C GLU T 116 71.30 116.39 44.05
N THR T 117 70.93 115.11 44.14
CA THR T 117 70.35 114.39 43.01
C THR T 117 68.85 114.68 42.95
N LYS T 118 68.37 115.09 41.79
CA LYS T 118 66.99 115.57 41.64
C LYS T 118 66.06 114.56 40.98
N ALA T 119 66.52 113.81 39.98
CA ALA T 119 65.63 112.89 39.29
C ALA T 119 66.43 111.73 38.72
N VAL T 120 65.73 110.63 38.48
CA VAL T 120 66.27 109.45 37.81
C VAL T 120 65.35 109.11 36.66
N LEU T 121 65.91 109.01 35.45
CA LEU T 121 65.14 108.69 34.26
C LEU T 121 65.50 107.30 33.75
N SER T 122 64.53 106.64 33.15
CA SER T 122 64.72 105.29 32.63
C SER T 122 63.85 105.10 31.40
N LEU T 123 64.07 103.99 30.70
CA LEU T 123 63.31 103.69 29.49
C LEU T 123 61.86 103.33 29.80
N LYS T 124 61.57 102.89 31.03
CA LYS T 124 60.21 102.55 31.41
C LYS T 124 59.45 103.74 32.01
N LYS T 125 60.15 104.65 32.67
CA LYS T 125 59.56 105.87 33.23
C LYS T 125 60.40 107.05 32.75
N PRO T 126 60.11 107.56 31.55
CA PRO T 126 61.01 108.55 30.94
C PRO T 126 60.89 109.96 31.47
N SER T 127 59.84 110.29 32.22
CA SER T 127 59.56 111.68 32.60
C SER T 127 59.70 111.87 34.10
N ALA T 128 60.09 113.08 34.48
CA ALA T 128 60.23 113.45 35.89
C ALA T 128 60.04 114.96 36.02
N VAL T 129 59.74 115.39 37.24
CA VAL T 129 59.52 116.80 37.56
C VAL T 129 60.46 117.18 38.70
N ILE T 130 61.19 118.28 38.51
CA ILE T 130 62.18 118.74 39.47
C ILE T 130 61.89 120.18 39.85
N ILE T 131 62.48 120.62 40.97
CA ILE T 131 62.31 121.95 41.50
C ILE T 131 63.68 122.59 41.71
N LEU T 132 63.84 123.82 41.22
CA LEU T 132 65.04 124.60 41.45
C LEU T 132 64.68 125.84 42.27
N ASP T 133 65.41 126.07 43.35
CA ASP T 133 65.09 127.15 44.28
C ASP T 133 66.29 128.06 44.56
N ASN T 134 66.15 128.92 45.57
CA ASN T 134 67.18 129.91 45.87
C ASN T 134 68.54 129.27 46.16
N ASP T 135 68.55 128.08 46.77
CA ASP T 135 69.82 127.44 47.09
C ASP T 135 70.56 126.96 45.85
N ASP T 136 69.82 126.54 44.81
CA ASP T 136 70.47 126.01 43.61
C ASP T 136 71.14 127.11 42.81
N TYR T 137 70.53 128.30 42.75
CA TYR T 137 71.01 129.37 41.90
C TYR T 137 72.28 130.00 42.44
N SER T 138 73.38 129.26 42.40
CA SER T 138 74.68 129.81 42.76
C SER T 138 75.19 130.71 41.65
N SER T 139 76.05 131.67 42.02
CA SER T 139 76.46 132.78 41.17
C SER T 139 75.28 133.63 40.73
N THR T 140 74.09 133.37 41.28
CA THR T 140 72.86 134.14 41.09
C THR T 140 72.31 134.07 39.68
N ASN T 141 73.00 133.36 38.77
CA ASN T 141 72.61 133.42 37.36
C ASN T 141 72.56 132.09 36.62
N LYS T 142 73.05 130.99 37.20
CA LYS T 142 73.12 129.76 36.40
C LYS T 142 73.00 128.52 37.26
N ILE T 143 72.52 127.44 36.62
CA ILE T 143 72.43 126.10 37.19
C ILE T 143 73.33 125.17 36.40
N GLN T 144 74.05 124.30 37.10
CA GLN T 144 74.90 123.28 36.49
C GLN T 144 74.38 121.91 36.90
N LEU T 145 74.11 121.06 35.92
CA LEU T 145 73.58 119.71 36.13
C LEU T 145 74.34 118.74 35.25
N LYS T 146 75.07 117.81 35.87
CA LYS T 146 75.70 116.73 35.13
C LYS T 146 74.79 115.50 35.06
N VAL T 147 75.06 114.64 34.09
CA VAL T 147 74.25 113.47 33.78
C VAL T 147 75.04 112.23 34.13
N GLU T 148 74.39 111.28 34.81
CA GLU T 148 75.04 110.02 35.16
C GLU T 148 74.24 108.88 34.53
N ALA T 149 74.94 107.96 33.88
CA ALA T 149 74.32 106.90 33.09
C ALA T 149 74.72 105.53 33.61
N TYR T 150 73.73 104.63 33.67
CA TYR T 150 73.93 103.21 33.92
C TYR T 150 73.23 102.44 32.82
N TYR T 151 73.88 101.39 32.32
CA TYR T 151 73.37 100.75 31.11
C TYR T 151 73.81 99.29 31.05
N GLU T 152 73.10 98.53 30.22
CA GLU T 152 73.50 97.20 29.79
C GLU T 152 73.10 97.03 28.33
N ALA T 153 74.07 96.70 27.49
CA ALA T 153 73.84 96.60 26.06
C ALA T 153 73.25 95.25 25.69
N LYS T 154 72.52 95.23 24.57
CA LYS T 154 71.95 93.99 24.06
C LYS T 154 73.05 93.05 23.58
N GLU T 155 72.76 91.75 23.61
CA GLU T 155 73.73 90.73 23.26
C GLU T 155 73.89 90.67 21.75
N GLY T 156 75.12 90.85 21.27
CA GLY T 156 75.42 90.66 19.87
C GLY T 156 74.92 91.75 18.93
N MET T 157 74.67 92.95 19.44
CA MET T 157 74.18 94.06 18.62
C MET T 157 75.31 95.06 18.42
N LEU T 158 75.56 95.40 17.16
CA LEU T 158 76.60 96.35 16.79
C LEU T 158 75.99 97.54 16.05
N PHE T 159 76.45 98.73 16.39
CA PHE T 159 75.91 99.96 15.84
C PHE T 159 76.87 101.10 16.10
N ASP T 160 76.59 102.24 15.48
CA ASP T 160 77.39 103.45 15.69
C ASP T 160 76.54 104.66 15.32
N SER T 161 76.94 105.82 15.85
CA SER T 161 76.30 107.10 15.57
C SER T 161 74.82 107.07 15.93
N LEU T 162 74.54 106.78 17.20
CA LEU T 162 73.17 106.76 17.71
C LEU T 162 72.97 107.89 18.71
N PRO T 163 72.06 108.82 18.47
CA PRO T 163 71.90 109.97 19.37
C PRO T 163 70.94 109.70 20.51
N VAL T 164 71.18 110.41 21.62
CA VAL T 164 70.30 110.41 22.79
C VAL T 164 69.84 111.84 23.01
N ILE T 165 68.53 112.04 23.14
CA ILE T 165 67.92 113.36 23.15
C ILE T 165 67.14 113.55 24.44
N LEU T 166 67.30 114.72 25.06
CA LEU T 166 66.54 115.12 26.23
C LEU T 166 65.81 116.41 25.93
N ASN T 167 64.62 116.57 26.53
CA ASN T 167 63.77 117.73 26.28
C ASN T 167 63.40 118.39 27.60
N PHE T 168 63.23 119.71 27.56
CA PHE T 168 62.88 120.51 28.73
C PHE T 168 61.63 121.31 28.45
N GLN T 169 60.75 121.41 29.45
CA GLN T 169 59.54 122.20 29.36
C GLN T 169 59.28 122.90 30.68
N VAL T 170 58.92 124.17 30.62
CA VAL T 170 58.66 125.00 31.79
C VAL T 170 57.18 124.89 32.14
N LEU T 171 56.90 124.57 33.41
CA LEU T 171 55.52 124.47 33.88
C LEU T 171 55.07 125.69 34.67
N SER T 172 55.96 126.29 35.47
CA SER T 172 55.61 127.46 36.26
C SER T 172 56.90 128.16 36.69
N VAL T 173 56.86 129.48 36.71
CA VAL T 173 57.99 130.30 37.14
C VAL T 173 57.46 131.40 38.05
N SER T 174 58.28 131.78 39.03
CA SER T 174 57.91 132.84 39.97
C SER T 174 59.14 133.59 40.46
N THR U 26 23.32 188.12 7.38
CA THR U 26 22.76 187.24 8.39
C THR U 26 22.95 185.78 7.99
N THR U 27 24.10 185.22 8.37
CA THR U 27 24.45 183.84 8.02
C THR U 27 24.71 183.04 9.30
N GLN U 28 24.13 181.84 9.36
CA GLN U 28 24.29 180.95 10.50
C GLN U 28 25.29 179.86 10.14
N SER U 29 26.33 179.71 10.96
CA SER U 29 27.38 178.76 10.63
C SER U 29 27.32 177.54 11.54
N PRO U 30 27.63 176.35 11.01
CA PRO U 30 27.63 175.15 11.86
C PRO U 30 28.90 174.96 12.66
N LEU U 31 30.00 175.62 12.27
CA LEU U 31 31.24 175.63 13.04
C LEU U 31 31.85 174.22 13.16
N ASN U 32 31.93 173.52 12.03
CA ASN U 32 32.53 172.19 12.02
C ASN U 32 33.38 171.96 10.78
N SER U 33 33.84 173.03 10.13
CA SER U 33 34.62 172.92 8.89
C SER U 33 36.11 173.00 9.18
N PHE U 34 36.62 172.02 9.94
CA PHE U 34 38.03 171.94 10.27
C PHE U 34 38.48 170.48 10.18
N TYR U 35 39.64 170.27 9.56
CA TYR U 35 40.14 168.91 9.33
C TYR U 35 41.65 168.89 9.41
N ALA U 36 42.17 167.68 9.65
CA ALA U 36 43.61 167.41 9.63
C ALA U 36 43.80 165.98 9.15
N THR U 37 44.87 165.74 8.38
CA THR U 37 45.04 164.49 7.67
C THR U 37 46.44 163.93 7.86
N GLY U 38 46.53 162.61 8.03
CA GLY U 38 47.80 161.90 8.05
C GLY U 38 47.78 160.70 7.12
N THR U 39 48.82 159.87 7.15
CA THR U 39 48.91 158.73 6.26
C THR U 39 49.59 157.57 6.98
N ALA U 40 49.39 156.37 6.43
CA ALA U 40 50.03 155.16 6.95
C ALA U 40 50.18 154.15 5.81
N GLN U 41 51.08 153.19 6.02
CA GLN U 41 51.36 152.19 4.98
C GLN U 41 52.05 150.99 5.60
N ALA U 42 52.04 149.89 4.84
CA ALA U 42 52.79 148.68 5.20
C ALA U 42 53.01 147.88 3.92
N VAL U 43 54.25 147.83 3.45
CA VAL U 43 54.53 147.33 2.11
C VAL U 43 55.60 146.23 2.11
N GLN U 44 55.77 145.50 3.21
CA GLN U 44 56.74 144.41 3.21
C GLN U 44 56.35 143.37 4.26
N GLU U 45 56.80 142.13 4.02
CA GLU U 45 56.54 141.01 4.90
C GLU U 45 57.51 141.04 6.09
N PRO U 46 57.11 140.47 7.23
CA PRO U 46 57.95 140.59 8.44
C PRO U 46 59.36 140.04 8.30
N ILE U 47 59.54 138.92 7.60
CA ILE U 47 60.83 138.23 7.57
C ILE U 47 61.23 137.94 6.13
N ASP U 48 62.53 137.70 5.95
CA ASP U 48 63.09 137.24 4.69
C ASP U 48 64.01 136.07 4.99
N VAL U 49 63.99 135.05 4.14
CA VAL U 49 64.71 133.80 4.40
C VAL U 49 65.62 133.49 3.22
N GLU U 50 66.88 133.16 3.52
CA GLU U 50 67.87 132.80 2.52
C GLU U 50 68.57 131.51 2.94
N SER U 51 68.84 130.64 1.96
CA SER U 51 69.35 129.30 2.23
C SER U 51 70.80 129.16 1.78
N HIS U 52 71.58 128.41 2.56
CA HIS U 52 72.97 128.10 2.23
C HIS U 52 73.28 126.64 2.55
N LEU U 53 72.39 125.73 2.17
CA LEU U 53 72.59 124.30 2.39
C LEU U 53 73.37 123.74 1.20
N ASP U 54 74.69 123.68 1.35
CA ASP U 54 75.58 123.28 0.26
C ASP U 54 76.45 122.09 0.65
N ASN U 55 75.85 121.09 1.29
CA ASN U 55 76.52 119.82 1.56
C ASN U 55 75.60 118.67 1.18
N THR U 56 76.19 117.55 0.79
CA THR U 56 75.47 116.40 0.28
C THR U 56 75.65 115.21 1.21
N ILE U 57 74.53 114.57 1.56
CA ILE U 57 74.56 113.31 2.30
C ILE U 57 74.90 112.22 1.29
N ALA U 58 76.15 111.75 1.32
CA ALA U 58 76.66 110.78 0.34
C ALA U 58 77.29 109.60 1.06
N PRO U 59 76.48 108.71 1.64
CA PRO U 59 77.02 107.47 2.21
C PRO U 59 76.96 106.33 1.19
N ALA U 60 77.52 105.20 1.59
CA ALA U 60 77.37 103.98 0.82
C ALA U 60 76.00 103.36 1.08
N ALA U 61 75.65 102.39 0.24
CA ALA U 61 74.34 101.76 0.35
C ALA U 61 74.25 100.95 1.65
N GLY U 62 73.22 101.25 2.45
CA GLY U 62 72.99 100.53 3.68
C GLY U 62 73.83 100.95 4.86
N ALA U 63 74.56 102.06 4.75
CA ALA U 63 75.47 102.49 5.80
C ALA U 63 74.77 103.39 6.81
N GLN U 64 75.33 103.46 8.01
CA GLN U 64 74.86 104.34 9.07
C GLN U 64 75.87 105.47 9.22
N GLY U 65 75.38 106.71 9.21
CA GLY U 65 76.29 107.83 9.11
C GLY U 65 76.02 109.03 10.01
N TYR U 66 76.73 110.13 9.74
CA TYR U 66 76.72 111.33 10.55
C TYR U 66 77.24 112.50 9.72
N LYS U 67 76.40 113.50 9.48
CA LYS U 67 76.73 114.53 8.50
C LYS U 67 76.11 115.86 8.91
N ASP U 68 76.77 116.94 8.52
CA ASP U 68 76.24 118.30 8.63
C ASP U 68 75.98 118.85 7.24
N MET U 69 75.11 119.86 7.14
CA MET U 69 74.60 120.31 5.85
C MET U 69 74.95 121.75 5.51
N GLY U 70 74.69 122.68 6.42
CA GLY U 70 74.88 124.10 6.13
C GLY U 70 74.11 124.94 7.13
N TYR U 71 73.76 126.15 6.72
CA TYR U 71 73.03 127.05 7.61
C TYR U 71 72.05 127.90 6.80
N VAL U 72 71.08 128.47 7.51
CA VAL U 72 70.00 129.25 6.91
C VAL U 72 69.94 130.60 7.60
N LYS U 73 69.74 131.66 6.82
CA LYS U 73 69.69 133.02 7.34
C LYS U 73 68.26 133.55 7.34
N ILE U 74 67.90 134.23 8.43
CA ILE U 74 66.59 134.85 8.59
C ILE U 74 66.79 136.33 8.87
N ILE U 75 66.03 137.18 8.19
CA ILE U 75 66.16 138.63 8.30
C ILE U 75 64.83 139.20 8.83
N ASN U 76 64.92 140.06 9.84
CA ASN U 76 63.76 140.64 10.50
C ASN U 76 63.75 142.16 10.33
N TYR U 77 62.54 142.71 10.16
CA TYR U 77 62.32 144.05 9.64
C TYR U 77 61.66 144.94 10.68
N THR U 78 61.24 146.13 10.24
CA THR U 78 60.89 147.23 11.13
C THR U 78 59.82 146.84 12.13
N ASP U 79 60.03 147.22 13.39
CA ASP U 79 59.08 147.06 14.49
C ASP U 79 58.76 145.60 14.78
N VAL U 80 59.71 144.71 14.50
CA VAL U 80 59.57 143.28 14.77
C VAL U 80 60.50 142.92 15.91
N ASN U 81 59.99 142.21 16.90
CA ASN U 81 60.79 141.80 18.05
C ASN U 81 60.77 140.31 18.29
N VAL U 82 59.61 139.65 18.14
CA VAL U 82 59.47 138.23 18.41
C VAL U 82 58.73 137.59 17.24
N VAL U 83 59.23 136.45 16.78
CA VAL U 83 58.66 135.73 15.65
C VAL U 83 58.39 134.29 16.06
N LYS U 84 57.20 133.79 15.72
CA LYS U 84 56.83 132.39 15.91
C LYS U 84 56.79 131.70 14.56
N LEU U 85 57.49 130.57 14.46
CA LEU U 85 57.68 129.90 13.18
C LEU U 85 57.29 128.42 13.29
N LYS U 86 56.92 127.86 12.14
CA LYS U 86 56.63 126.44 12.01
C LYS U 86 57.46 125.88 10.86
N VAL U 87 58.21 124.82 11.13
CA VAL U 87 59.11 124.21 10.16
C VAL U 87 58.68 122.77 9.93
N THR U 88 58.60 122.37 8.66
CA THR U 88 58.13 121.03 8.29
C THR U 88 58.95 120.51 7.13
N LEU U 89 58.91 119.19 6.95
CA LEU U 89 59.55 118.52 5.82
C LEU U 89 58.50 118.37 4.71
N ALA U 90 58.73 119.06 3.60
CA ALA U 90 57.73 119.12 2.54
C ALA U 90 57.63 117.81 1.76
N ASN U 91 58.74 117.13 1.53
CA ASN U 91 58.76 115.95 0.69
C ASN U 91 59.14 114.70 1.47
N ALA U 92 58.57 114.55 2.67
CA ALA U 92 58.87 113.38 3.49
C ALA U 92 58.36 112.09 2.84
N ALA U 93 57.24 112.16 2.13
CA ALA U 93 56.69 110.97 1.50
C ALA U 93 57.62 110.43 0.42
N GLN U 94 58.25 111.32 -0.34
CA GLN U 94 59.17 110.89 -1.39
C GLN U 94 60.42 110.23 -0.82
N LEU U 95 60.89 110.69 0.34
CA LEU U 95 62.12 110.19 0.94
C LEU U 95 61.92 108.89 1.70
N ARG U 96 60.68 108.46 1.94
CA ARG U 96 60.46 107.25 2.71
C ARG U 96 61.06 105.99 2.10
N PRO U 97 60.90 105.70 0.79
CA PRO U 97 61.47 104.44 0.25
C PRO U 97 62.99 104.40 0.26
N TYR U 98 63.67 105.52 0.50
CA TYR U 98 65.12 105.56 0.41
C TYR U 98 65.82 105.48 1.77
N PHE U 99 65.09 105.63 2.87
CA PHE U 99 65.71 105.69 4.19
C PHE U 99 64.92 104.86 5.19
N LYS U 100 65.64 104.20 6.10
CA LYS U 100 65.00 103.62 7.27
C LYS U 100 64.64 104.69 8.29
N TYR U 101 65.53 105.66 8.50
CA TYR U 101 65.24 106.79 9.37
C TYR U 101 66.13 107.96 8.97
N LEU U 102 65.67 109.16 9.29
CA LEU U 102 66.40 110.39 8.98
C LEU U 102 65.95 111.47 9.94
N GLN U 103 66.90 112.05 10.67
CA GLN U 103 66.60 113.04 11.69
C GLN U 103 67.40 114.31 11.42
N LEU U 104 66.75 115.46 11.58
CA LEU U 104 67.37 116.76 11.39
C LEU U 104 67.34 117.53 12.69
N VAL U 105 68.47 118.13 13.05
CA VAL U 105 68.63 118.88 14.29
C VAL U 105 68.93 120.33 13.94
N LEU U 106 68.14 121.25 14.49
CA LEU U 106 68.29 122.67 14.25
C LEU U 106 68.75 123.35 15.52
N THR U 107 69.82 124.16 15.43
CA THR U 107 70.37 124.86 16.58
C THR U 107 70.55 126.33 16.25
N SER U 108 70.23 127.20 17.20
CA SER U 108 70.46 128.64 17.08
C SER U 108 71.82 128.96 17.66
N ASN U 109 72.62 129.71 16.90
CA ASN U 109 74.03 129.95 17.21
C ASN U 109 74.39 131.44 17.04
N ALA U 110 73.50 132.21 16.39
CA ALA U 110 73.84 133.58 15.98
C ALA U 110 74.36 134.42 17.16
N SER U 111 73.94 134.10 18.38
CA SER U 111 74.55 134.66 19.58
C SER U 111 75.71 133.77 20.01
N SER U 112 76.91 134.34 20.04
CA SER U 112 78.09 133.57 20.39
C SER U 112 78.06 133.09 21.83
N THR U 113 77.23 133.68 22.68
CA THR U 113 77.13 133.28 24.08
C THR U 113 76.04 132.24 24.32
N VAL U 114 74.98 132.23 23.52
CA VAL U 114 73.84 131.35 23.73
C VAL U 114 73.66 130.47 22.50
N GLU U 115 74.14 129.23 22.58
CA GLU U 115 73.85 128.20 21.59
C GLU U 115 72.69 127.35 22.09
N GLU U 116 71.66 127.18 21.27
CA GLU U 116 70.50 126.40 21.66
C GLU U 116 69.98 125.58 20.50
N THR U 117 69.70 124.30 20.76
CA THR U 117 68.96 123.46 19.83
C THR U 117 67.47 123.68 20.02
N LYS U 118 66.76 123.96 18.93
CA LYS U 118 65.36 124.36 19.00
C LYS U 118 64.38 123.26 18.61
N ALA U 119 64.69 122.43 17.62
CA ALA U 119 63.75 121.41 17.19
C ALA U 119 64.50 120.24 16.58
N VAL U 120 63.83 119.08 16.57
CA VAL U 120 64.31 117.88 15.92
C VAL U 120 63.21 117.38 14.99
N LEU U 121 63.55 117.19 13.72
CA LEU U 121 62.61 116.74 12.71
C LEU U 121 62.95 115.32 12.28
N SER U 122 61.91 114.56 11.92
CA SER U 122 62.09 113.18 11.50
C SER U 122 61.02 112.84 10.47
N LEU U 123 61.19 111.67 9.84
CA LEU U 123 60.23 111.24 8.83
C LEU U 123 58.89 110.83 9.43
N LYS U 124 58.84 110.51 10.72
CA LYS U 124 57.60 110.16 11.38
C LYS U 124 56.89 111.36 11.99
N LYS U 125 57.64 112.36 12.44
CA LYS U 125 57.10 113.61 12.99
C LYS U 125 57.77 114.76 12.27
N PRO U 126 57.24 115.16 11.10
CA PRO U 126 57.96 116.10 10.24
C PRO U 126 57.86 117.57 10.66
N SER U 127 56.95 117.92 11.57
CA SER U 127 56.66 119.32 11.87
C SER U 127 57.06 119.67 13.29
N ALA U 128 57.44 120.93 13.48
CA ALA U 128 57.81 121.44 14.80
C ALA U 128 57.57 122.94 14.84
N VAL U 129 57.46 123.48 16.05
CA VAL U 129 57.22 124.90 16.27
C VAL U 129 58.32 125.43 17.17
N ILE U 130 58.95 126.53 16.77
CA ILE U 130 60.07 127.12 17.49
C ILE U 130 59.77 128.58 17.79
N ILE U 131 60.53 129.13 18.72
CA ILE U 131 60.38 130.52 19.17
C ILE U 131 61.72 131.22 19.07
N LEU U 132 61.73 132.39 18.45
CA LEU U 132 62.91 133.25 18.39
C LEU U 132 62.62 134.54 19.14
N ASP U 133 63.53 134.91 20.05
CA ASP U 133 63.32 136.07 20.91
C ASP U 133 64.49 137.04 20.89
N ASN U 134 64.49 138.00 21.83
CA ASN U 134 65.50 139.04 21.85
C ASN U 134 66.91 138.48 21.93
N ASP U 135 67.10 137.36 22.63
CA ASP U 135 68.44 136.80 22.78
C ASP U 135 68.97 136.24 21.46
N ASP U 136 68.09 135.69 20.62
CA ASP U 136 68.54 135.07 19.38
C ASP U 136 68.99 136.11 18.36
N TYR U 137 68.31 137.26 18.32
CA TYR U 137 68.57 138.27 17.30
C TYR U 137 69.89 139.00 17.55
N SER U 138 71.01 138.31 17.37
CA SER U 138 72.31 138.94 17.43
C SER U 138 72.56 139.75 16.16
N SER U 139 73.41 140.76 16.29
CA SER U 139 73.61 141.81 15.29
C SER U 139 72.31 142.56 14.99
N THR U 140 71.27 142.31 15.78
CA THR U 140 69.98 143.01 15.76
C THR U 140 69.19 142.79 14.47
N ASN U 141 69.74 142.02 13.52
CA ASN U 141 69.11 141.93 12.21
C ASN U 141 69.01 140.52 11.61
N LYS U 142 69.64 139.49 12.18
CA LYS U 142 69.63 138.21 11.49
C LYS U 142 69.74 137.05 12.47
N ILE U 143 69.23 135.91 12.02
CA ILE U 143 69.31 134.62 12.72
C ILE U 143 70.10 133.65 11.86
N GLN U 144 70.98 132.89 12.49
CA GLN U 144 71.76 131.85 11.82
C GLN U 144 71.41 130.50 12.44
N LEU U 145 71.00 129.55 11.60
CA LEU U 145 70.60 128.21 12.03
C LEU U 145 71.25 127.17 11.12
N LYS U 146 72.14 126.35 11.66
CA LYS U 146 72.67 125.23 10.92
C LYS U 146 71.84 123.97 11.13
N VAL U 147 71.98 123.02 10.20
CA VAL U 147 71.19 121.80 10.15
C VAL U 147 72.11 120.62 10.46
N GLU U 148 71.64 119.73 11.33
CA GLU U 148 72.41 118.53 11.66
C GLU U 148 71.58 117.31 11.30
N ALA U 149 72.20 116.36 10.61
CA ALA U 149 71.51 115.21 10.04
C ALA U 149 72.07 113.90 10.60
N TYR U 150 71.16 112.98 10.92
CA TYR U 150 71.49 111.60 11.25
C TYR U 150 70.64 110.70 10.37
N TYR U 151 71.24 109.63 9.86
CA TYR U 151 70.58 108.86 8.82
C TYR U 151 71.07 107.42 8.81
N GLU U 152 70.27 106.55 8.19
CA GLU U 152 70.66 105.20 7.82
C GLU U 152 70.02 104.88 6.49
N ALA U 153 70.83 104.50 5.51
CA ALA U 153 70.35 104.26 4.15
C ALA U 153 69.79 102.86 4.02
N LYS U 154 68.87 102.70 3.06
CA LYS U 154 68.29 101.40 2.77
C LYS U 154 69.33 100.46 2.18
N GLU U 155 69.13 99.17 2.38
CA GLU U 155 70.07 98.15 1.94
C GLU U 155 69.96 97.94 0.44
N GLY U 156 71.08 98.12 -0.27
CA GLY U 156 71.13 97.82 -1.68
C GLY U 156 70.42 98.79 -2.60
N MET U 157 70.19 100.03 -2.16
CA MET U 157 69.50 101.02 -2.96
C MET U 157 70.51 102.05 -3.47
N LEU U 158 70.51 102.28 -4.78
CA LEU U 158 71.42 103.22 -5.41
C LEU U 158 70.62 104.31 -6.12
N PHE U 159 71.07 105.55 -5.97
CA PHE U 159 70.35 106.69 -6.53
C PHE U 159 71.29 107.90 -6.55
N ASP U 160 70.84 108.96 -7.21
CA ASP U 160 71.59 110.21 -7.25
C ASP U 160 70.63 111.35 -7.57
N SER U 161 71.06 112.57 -7.22
CA SER U 161 70.29 113.78 -7.49
C SER U 161 68.90 113.73 -6.87
N LEU U 162 68.87 113.56 -5.54
CA LEU U 162 67.62 113.53 -4.80
C LEU U 162 67.54 114.74 -3.88
N PRO U 163 66.55 115.61 -4.03
CA PRO U 163 66.49 116.83 -3.21
C PRO U 163 65.77 116.63 -1.89
N VAL U 164 66.17 117.46 -0.92
CA VAL U 164 65.52 117.54 0.39
C VAL U 164 65.02 118.97 0.57
N ILE U 165 63.75 119.12 0.91
CA ILE U 165 63.07 120.41 0.91
C ILE U 165 62.53 120.69 2.31
N LEU U 166 62.73 121.92 2.78
CA LEU U 166 62.17 122.40 4.04
C LEU U 166 61.33 123.64 3.77
N ASN U 167 60.26 123.80 4.55
CA ASN U 167 59.31 124.89 4.36
C ASN U 167 59.16 125.68 5.67
N PHE U 168 58.91 126.98 5.55
CA PHE U 168 58.73 127.86 6.69
C PHE U 168 57.40 128.59 6.57
N GLN U 169 56.72 128.75 7.70
CA GLN U 169 55.46 129.48 7.77
C GLN U 169 55.41 130.29 9.05
N VAL U 170 54.96 131.53 8.94
CA VAL U 170 54.87 132.46 10.07
C VAL U 170 53.50 132.33 10.69
N LEU U 171 53.46 132.12 12.00
CA LEU U 171 52.20 132.02 12.73
C LEU U 171 51.83 133.29 13.49
N SER U 172 52.81 133.99 14.06
CA SER U 172 52.55 135.22 14.78
C SER U 172 53.85 136.01 14.90
N VAL U 173 53.74 137.33 14.81
CA VAL U 173 54.88 138.22 14.96
C VAL U 173 54.47 139.39 15.86
N SER U 174 55.42 139.89 16.63
CA SER U 174 55.17 141.01 17.52
C SER U 174 56.43 141.85 17.71
N THR V 26 12.22 191.49 -12.87
CA THR V 26 11.91 190.68 -11.70
C THR V 26 12.11 189.19 -12.00
N THR V 27 13.33 188.71 -11.80
CA THR V 27 13.69 187.34 -12.07
C THR V 27 14.21 186.67 -10.80
N GLN V 28 13.73 185.46 -10.53
CA GLN V 28 14.14 184.69 -9.37
C GLN V 28 15.12 183.61 -9.81
N SER V 29 16.30 183.59 -9.18
CA SER V 29 17.32 182.65 -9.61
C SER V 29 17.49 181.52 -8.61
N PRO V 30 17.77 180.30 -9.08
CA PRO V 30 17.98 179.18 -8.15
C PRO V 30 19.40 179.13 -7.58
N LEU V 31 20.37 179.79 -8.22
CA LEU V 31 21.73 179.91 -7.69
C LEU V 31 22.42 178.56 -7.56
N ASN V 32 22.34 177.75 -8.62
CA ASN V 32 23.00 176.45 -8.62
C ASN V 32 23.63 176.14 -9.98
N SER V 33 23.89 177.15 -10.80
CA SER V 33 24.45 176.96 -12.14
C SER V 33 25.97 177.12 -12.14
N PHE V 34 26.64 176.24 -11.40
CA PHE V 34 28.10 176.25 -11.33
C PHE V 34 28.61 174.81 -11.37
N TYR V 35 29.65 174.58 -12.17
CA TYR V 35 30.17 173.23 -12.37
C TYR V 35 31.68 173.27 -12.57
N ALA V 36 32.31 172.11 -12.32
CA ALA V 36 33.72 171.90 -12.58
C ALA V 36 33.90 170.44 -12.96
N THR V 37 34.83 170.18 -13.89
CA THR V 37 34.94 168.86 -14.50
C THR V 37 36.39 168.38 -14.53
N GLY V 38 36.58 167.09 -14.26
CA GLY V 38 37.86 166.44 -14.42
C GLY V 38 37.74 165.15 -15.22
N THR V 39 38.82 164.37 -15.31
CA THR V 39 38.82 163.15 -16.10
C THR V 39 39.68 162.10 -15.41
N ALA V 40 39.45 160.83 -15.82
CA ALA V 40 40.23 159.71 -15.31
C ALA V 40 40.24 158.61 -16.37
N GLN V 41 41.21 157.71 -16.26
CA GLN V 41 41.36 156.63 -17.23
C GLN V 41 42.22 155.52 -16.65
N ALA V 42 42.14 154.35 -17.29
CA ALA V 42 43.00 153.21 -16.96
C ALA V 42 43.03 152.30 -18.19
N VAL V 43 44.16 152.25 -18.87
CA VAL V 43 44.22 151.63 -20.19
C VAL V 43 45.35 150.59 -20.29
N GLN V 44 45.75 149.97 -19.19
CA GLN V 44 46.76 148.93 -19.27
C GLN V 44 46.62 147.98 -18.08
N GLU V 45 47.09 146.74 -18.28
CA GLU V 45 47.06 145.70 -17.27
C GLU V 45 48.23 145.89 -16.29
N PRO V 46 48.07 145.41 -15.05
CA PRO V 46 49.11 145.68 -14.03
C PRO V 46 50.49 145.18 -14.39
N ILE V 47 50.61 144.00 -15.01
CA ILE V 47 51.91 143.37 -15.21
C ILE V 47 52.06 142.95 -16.67
N ASP V 48 53.31 142.75 -17.06
CA ASP V 48 53.67 142.19 -18.36
C ASP V 48 54.70 141.09 -18.13
N VAL V 49 54.58 139.99 -18.87
CA VAL V 49 55.39 138.80 -18.63
C VAL V 49 56.11 138.42 -19.93
N GLU V 50 57.41 138.16 -19.84
CA GLU V 50 58.22 137.75 -20.98
C GLU V 50 59.05 136.54 -20.58
N SER V 51 59.21 135.60 -21.50
CA SER V 51 59.82 134.30 -21.23
C SER V 51 61.17 134.18 -21.92
N HIS V 52 62.11 133.53 -21.23
CA HIS V 52 63.44 133.25 -21.77
C HIS V 52 63.89 131.84 -21.40
N LEU V 53 63.00 130.87 -21.52
CA LEU V 53 63.32 129.47 -21.23
C LEU V 53 63.90 128.83 -22.48
N ASP V 54 65.23 128.83 -22.58
CA ASP V 54 65.93 128.38 -23.77
C ASP V 54 66.92 127.26 -23.44
N ASN V 55 66.50 126.30 -22.62
CA ASN V 55 67.28 125.10 -22.37
C ASN V 55 66.37 123.88 -22.46
N THR V 56 66.95 122.75 -22.86
CA THR V 56 66.21 121.53 -23.13
C THR V 56 66.61 120.44 -22.15
N ILE V 57 65.62 119.79 -21.54
CA ILE V 57 65.85 118.62 -20.72
C ILE V 57 66.07 117.44 -21.66
N ALA V 58 67.33 117.03 -21.82
CA ALA V 58 67.70 115.99 -22.78
C ALA V 58 68.53 114.91 -22.09
N PRO V 59 67.88 114.04 -21.30
CA PRO V 59 68.57 112.89 -20.73
C PRO V 59 68.40 111.66 -21.62
N ALA V 60 69.09 110.59 -21.23
CA ALA V 60 68.87 109.30 -21.85
C ALA V 60 67.60 108.66 -21.30
N ALA V 61 67.16 107.60 -21.96
CA ALA V 61 65.93 106.91 -21.57
C ALA V 61 66.13 106.25 -20.20
N GLY V 62 65.25 106.58 -19.25
CA GLY V 62 65.28 105.96 -17.94
C GLY V 62 66.30 106.54 -16.98
N ALA V 63 66.93 107.65 -17.32
CA ALA V 63 67.98 108.22 -16.50
C ALA V 63 67.42 109.19 -15.46
N GLN V 64 68.19 109.39 -14.40
CA GLN V 64 67.87 110.35 -13.35
C GLN V 64 68.83 111.54 -13.48
N GLY V 65 68.27 112.75 -13.51
CA GLY V 65 69.09 113.89 -13.88
C GLY V 65 68.91 115.15 -13.04
N TYR V 66 69.49 116.25 -13.55
CA TYR V 66 69.57 117.52 -12.85
C TYR V 66 69.86 118.63 -13.87
N LYS V 67 68.94 119.57 -14.03
CA LYS V 67 69.04 120.51 -15.14
C LYS V 67 68.42 121.85 -14.75
N ASP V 68 68.94 122.91 -15.35
CA ASP V 68 68.35 124.25 -15.26
C ASP V 68 67.82 124.65 -16.62
N MET V 69 66.89 125.62 -16.65
CA MET V 69 66.13 125.92 -17.86
C MET V 69 66.34 127.33 -18.38
N GLY V 70 66.19 128.34 -17.53
CA GLY V 70 66.23 129.72 -17.97
C GLY V 70 65.63 130.62 -16.91
N TYR V 71 65.14 131.78 -17.36
CA TYR V 71 64.54 132.74 -16.44
C TYR V 71 63.38 133.45 -17.12
N VAL V 72 62.52 134.05 -16.30
CA VAL V 72 61.31 134.73 -16.76
C VAL V 72 61.29 136.14 -16.18
N LYS V 73 60.90 137.11 -17.00
CA LYS V 73 60.87 138.52 -16.62
C LYS V 73 59.44 138.99 -16.39
N ILE V 74 59.24 139.75 -15.32
CA ILE V 74 57.94 140.33 -14.98
C ILE V 74 58.11 141.84 -14.86
N ILE V 75 57.18 142.59 -15.47
CA ILE V 75 57.25 144.05 -15.50
C ILE V 75 56.02 144.60 -14.80
N ASN V 76 56.23 145.56 -13.90
CA ASN V 76 55.18 146.16 -13.09
C ASN V 76 55.05 147.65 -13.40
N TYR V 77 53.80 148.13 -13.38
CA TYR V 77 53.42 149.41 -13.97
C TYR V 77 52.90 150.37 -12.90
N THR V 78 52.35 151.49 -13.36
CA THR V 78 52.10 152.66 -12.52
C THR V 78 51.24 152.33 -11.31
N ASP V 79 51.67 152.84 -10.15
CA ASP V 79 50.93 152.75 -8.89
C ASP V 79 50.76 151.31 -8.42
N VAL V 80 51.68 150.42 -8.79
CA VAL V 80 51.67 149.03 -8.37
C VAL V 80 52.83 148.82 -7.40
N ASN V 81 52.53 148.19 -6.26
CA ASN V 81 53.55 147.93 -5.26
C ASN V 81 53.66 146.46 -4.88
N VAL V 82 52.53 145.75 -4.77
CA VAL V 82 52.52 144.36 -4.35
C VAL V 82 51.62 143.57 -5.30
N VAL V 83 52.09 142.41 -5.74
CA VAL V 83 51.37 141.56 -6.68
C VAL V 83 51.26 140.16 -6.10
N LYS V 84 50.06 139.59 -6.18
CA LYS V 84 49.81 138.21 -5.79
C LYS V 84 49.57 137.39 -7.05
N LEU V 85 50.29 136.28 -7.18
CA LEU V 85 50.30 135.50 -8.41
C LEU V 85 50.01 134.03 -8.10
N LYS V 86 49.47 133.34 -9.10
CA LYS V 86 49.25 131.90 -9.06
C LYS V 86 49.89 131.27 -10.28
N VAL V 87 50.73 130.27 -10.06
CA VAL V 87 51.47 129.60 -11.13
C VAL V 87 51.08 128.13 -11.14
N THR V 88 50.81 127.61 -12.34
CA THR V 88 50.37 126.23 -12.50
C THR V 88 50.99 125.62 -13.74
N LEU V 89 50.98 124.29 -13.79
CA LEU V 89 51.44 123.54 -14.95
C LEU V 89 50.23 123.25 -15.82
N ALA V 90 50.22 123.82 -17.03
CA ALA V 90 49.04 123.75 -17.88
C ALA V 90 48.87 122.37 -18.51
N ASN V 91 49.97 121.72 -18.89
CA ASN V 91 49.89 120.46 -19.61
C ASN V 91 50.48 119.31 -18.80
N ALA V 92 50.14 119.25 -17.51
CA ALA V 92 50.66 118.18 -16.66
C ALA V 92 50.12 116.81 -17.09
N ALA V 93 48.87 116.77 -17.58
CA ALA V 93 48.29 115.50 -17.99
C ALA V 93 49.04 114.90 -19.17
N GLN V 94 49.48 115.74 -20.12
CA GLN V 94 50.21 115.23 -21.28
C GLN V 94 51.57 114.69 -20.88
N LEU V 95 52.22 115.28 -19.88
CA LEU V 95 53.56 114.89 -19.48
C LEU V 95 53.59 113.65 -18.57
N ARG V 96 52.43 113.21 -18.08
CA ARG V 96 52.42 112.06 -17.18
C ARG V 96 52.97 110.77 -17.79
N PRO V 97 52.59 110.35 -18.99
CA PRO V 97 53.13 109.08 -19.52
C PRO V 97 54.62 109.09 -19.79
N TYR V 98 55.27 110.26 -19.79
CA TYR V 98 56.68 110.35 -20.13
C TYR V 98 57.61 110.43 -18.94
N PHE V 99 57.09 110.65 -17.73
CA PHE V 99 57.93 110.87 -16.56
C PHE V 99 57.38 110.11 -15.36
N LYS V 100 58.29 109.57 -14.55
CA LYS V 100 57.90 109.07 -13.23
C LYS V 100 57.68 110.22 -12.25
N TYR V 101 58.53 111.25 -12.30
CA TYR V 101 58.33 112.44 -11.50
C TYR V 101 59.07 113.60 -12.16
N LEU V 102 58.61 114.81 -11.87
CA LEU V 102 59.20 116.03 -12.41
C LEU V 102 58.87 117.18 -11.48
N GLN V 103 59.91 117.86 -10.98
CA GLN V 103 59.73 118.94 -10.03
C GLN V 103 60.41 120.20 -10.54
N LEU V 104 59.73 121.33 -10.38
CA LEU V 104 60.23 122.64 -10.79
C LEU V 104 60.39 123.53 -9.58
N VAL V 105 61.54 124.20 -9.48
CA VAL V 105 61.87 125.07 -8.37
C VAL V 105 62.02 126.50 -8.90
N LEU V 106 61.29 127.43 -8.29
CA LEU V 106 61.32 128.84 -8.68
C LEU V 106 61.96 129.65 -7.57
N THR V 107 62.94 130.48 -7.93
CA THR V 107 63.65 131.32 -6.97
C THR V 107 63.69 132.76 -7.46
N SER V 108 63.49 133.69 -6.54
CA SER V 108 63.62 135.11 -6.83
C SER V 108 65.05 135.54 -6.54
N ASN V 109 65.65 136.26 -7.50
CA ASN V 109 67.08 136.59 -7.47
C ASN V 109 67.31 138.06 -7.84
N ALA V 110 66.28 138.72 -8.38
CA ALA V 110 66.47 140.06 -8.95
C ALA V 110 67.14 141.04 -7.98
N SER V 111 66.96 140.82 -6.68
CA SER V 111 67.74 141.50 -5.66
C SER V 111 69.01 140.71 -5.39
N SER V 112 70.16 141.34 -5.62
CA SER V 112 71.43 140.65 -5.43
C SER V 112 71.69 140.31 -3.97
N THR V 113 70.98 140.95 -3.04
CA THR V 113 71.16 140.67 -1.62
C THR V 113 70.20 139.62 -1.09
N VAL V 114 69.01 139.50 -1.68
CA VAL V 114 67.98 138.59 -1.18
C VAL V 114 67.63 137.60 -2.28
N GLU V 115 68.18 136.39 -2.18
CA GLU V 115 67.77 135.26 -3.01
C GLU V 115 66.78 134.42 -2.21
N GLU V 116 65.64 134.12 -2.82
CA GLU V 116 64.60 133.34 -2.15
C GLU V 116 63.92 132.39 -3.12
N THR V 117 63.78 131.13 -2.70
CA THR V 117 62.94 130.18 -3.41
C THR V 117 61.49 130.37 -2.96
N LYS V 118 60.58 130.49 -3.93
CA LYS V 118 59.19 130.84 -3.65
C LYS V 118 58.23 129.68 -3.73
N ALA V 119 58.40 128.78 -4.70
CA ALA V 119 57.45 127.69 -4.85
C ALA V 119 58.14 126.49 -5.49
N VAL V 120 57.55 125.31 -5.27
CA VAL V 120 57.98 124.07 -5.89
C VAL V 120 56.76 123.44 -6.55
N LEU V 121 56.88 123.14 -7.84
CA LEU V 121 55.80 122.56 -8.61
C LEU V 121 56.13 121.12 -8.98
N SER V 122 55.09 120.28 -9.07
CA SER V 122 55.26 118.88 -9.40
C SER V 122 54.05 118.40 -10.17
N LEU V 123 54.16 117.18 -10.71
CA LEU V 123 53.06 116.61 -11.50
C LEU V 123 51.88 116.22 -10.63
N LYS V 124 52.09 116.02 -9.32
CA LYS V 124 51.00 115.69 -8.42
C LYS V 124 50.35 116.91 -7.80
N LYS V 125 51.12 117.98 -7.58
CA LYS V 125 50.61 119.25 -7.05
C LYS V 125 51.07 120.36 -7.99
N PRO V 126 50.32 120.62 -9.07
CA PRO V 126 50.82 121.51 -10.12
C PRO V 126 50.71 123.00 -9.82
N SER V 127 49.95 123.40 -8.80
CA SER V 127 49.65 124.80 -8.59
C SER V 127 50.28 125.30 -7.28
N ALA V 128 50.62 126.59 -7.28
CA ALA V 128 51.19 127.24 -6.10
C ALA V 128 50.87 128.72 -6.15
N VAL V 129 50.95 129.38 -4.99
CA VAL V 129 50.68 130.80 -4.85
C VAL V 129 51.90 131.45 -4.22
N ILE V 130 52.37 132.55 -4.83
CA ILE V 130 53.57 133.24 -4.38
C ILE V 130 53.25 134.71 -4.17
N ILE V 131 54.13 135.38 -3.43
CA ILE V 131 53.98 136.79 -3.09
C ILE V 131 55.24 137.53 -3.51
N LEU V 132 55.08 138.65 -4.21
CA LEU V 132 56.17 139.54 -4.57
C LEU V 132 55.95 140.88 -3.89
N ASP V 133 56.99 141.38 -3.20
CA ASP V 133 56.87 142.60 -2.42
C ASP V 133 57.97 143.62 -2.74
N ASN V 134 58.09 144.64 -1.90
CA ASN V 134 59.02 145.74 -2.16
C ASN V 134 60.46 145.25 -2.29
N ASP V 135 60.83 144.20 -1.55
CA ASP V 135 62.20 143.72 -1.60
C ASP V 135 62.51 143.05 -2.94
N ASP V 136 61.52 142.39 -3.55
CA ASP V 136 61.78 141.67 -4.80
C ASP V 136 61.99 142.62 -5.95
N TYR V 137 61.24 143.73 -5.98
CA TYR V 137 61.26 144.65 -7.11
C TYR V 137 62.55 145.45 -7.18
N SER V 138 63.66 144.79 -7.50
CA SER V 138 64.91 145.47 -7.73
C SER V 138 64.89 146.16 -9.09
N SER V 139 65.69 147.22 -9.21
CA SER V 139 65.64 148.17 -10.32
C SER V 139 64.28 148.85 -10.44
N THR V 140 63.41 148.63 -9.45
CA THR V 140 62.10 149.27 -9.30
C THR V 140 61.11 148.88 -10.40
N ASN V 141 61.51 148.05 -11.36
CA ASN V 141 60.66 147.81 -12.51
C ASN V 141 60.54 146.36 -12.96
N LYS V 142 61.32 145.42 -12.43
CA LYS V 142 61.26 144.07 -12.99
C LYS V 142 61.60 143.01 -11.95
N ILE V 143 61.09 141.81 -12.19
CA ILE V 143 61.36 140.60 -11.42
C ILE V 143 62.04 139.58 -12.32
N GLN V 144 63.07 138.93 -11.79
CA GLN V 144 63.77 137.85 -12.50
C GLN V 144 63.61 136.57 -11.71
N LEU V 145 63.11 135.52 -12.38
CA LEU V 145 62.88 134.21 -11.77
C LEU V 145 63.41 133.12 -12.68
N LYS V 146 64.42 132.39 -12.25
CA LYS V 146 64.88 131.22 -12.97
C LYS V 146 64.16 129.96 -12.50
N VAL V 147 64.19 128.93 -13.36
CA VAL V 147 63.48 127.69 -13.14
C VAL V 147 64.49 126.57 -12.92
N GLU V 148 64.25 125.74 -11.90
CA GLU V 148 65.12 124.62 -11.61
C GLU V 148 64.32 123.33 -11.71
N ALA V 149 64.86 122.35 -12.41
CA ALA V 149 64.13 121.13 -12.74
C ALA V 149 64.86 119.91 -12.18
N TYR V 150 64.08 118.98 -11.61
CA TYR V 150 64.54 117.65 -11.23
C TYR V 150 63.60 116.64 -11.85
N TYR V 151 64.16 115.54 -12.38
CA TYR V 151 63.36 114.65 -13.20
C TYR V 151 63.93 113.24 -13.18
N GLU V 152 63.07 112.29 -13.55
CA GLU V 152 63.47 110.93 -13.87
C GLU V 152 62.61 110.45 -15.03
N ALA V 153 63.27 110.01 -16.11
CA ALA V 153 62.57 109.63 -17.32
C ALA V 153 62.06 108.20 -17.24
N LYS V 154 61.00 107.91 -17.99
CA LYS V 154 60.44 106.56 -18.04
C LYS V 154 61.42 105.62 -18.74
N GLU V 155 61.32 104.34 -18.38
CA GLU V 155 62.24 103.32 -18.89
C GLU V 155 61.87 102.96 -20.33
N GLY V 156 62.83 103.12 -21.24
CA GLY V 156 62.64 102.68 -22.61
C GLY V 156 61.72 103.54 -23.46
N MET V 157 61.51 104.80 -23.11
CA MET V 157 60.63 105.69 -23.85
C MET V 157 61.47 106.70 -24.62
N LEU V 158 61.22 106.80 -25.92
CA LEU V 158 61.95 107.71 -26.79
C LEU V 158 60.97 108.69 -27.43
N PHE V 159 61.37 109.96 -27.49
CA PHE V 159 60.51 111.01 -28.00
C PHE V 159 61.36 112.24 -28.29
N ASP V 160 60.73 113.22 -28.95
CA ASP V 160 61.39 114.48 -29.24
C ASP V 160 60.33 115.55 -29.47
N SER V 161 60.74 116.81 -29.31
CA SER V 161 59.87 117.97 -29.55
C SER V 161 58.63 117.92 -28.67
N LEU V 162 58.84 117.88 -27.36
CA LEU V 162 57.75 117.87 -26.40
C LEU V 162 57.77 119.16 -25.59
N PRO V 163 56.72 119.97 -25.63
CA PRO V 163 56.74 121.25 -24.93
C PRO V 163 56.27 121.17 -23.48
N VAL V 164 56.80 122.09 -22.68
CA VAL V 164 56.39 122.27 -21.29
C VAL V 164 55.86 123.69 -21.14
N ILE V 165 54.66 123.82 -20.59
CA ILE V 165 53.92 125.08 -20.57
C ILE V 165 53.62 125.48 -19.13
N LEU V 166 53.84 126.75 -18.81
CA LEU V 166 53.49 127.33 -17.53
C LEU V 166 52.53 128.50 -17.74
N ASN V 167 51.62 128.70 -16.79
CA ASN V 167 50.60 129.73 -16.89
C ASN V 167 50.63 130.62 -15.65
N PHE V 168 50.30 131.89 -15.85
CA PHE V 168 50.27 132.89 -14.78
C PHE V 168 48.90 133.54 -14.70
N GLN V 169 48.43 133.78 -13.48
CA GLN V 169 47.16 134.47 -13.27
C GLN V 169 47.31 135.39 -12.06
N VAL V 170 46.77 136.61 -12.20
CA VAL V 170 46.84 137.62 -11.16
C VAL V 170 45.60 137.51 -10.28
N LEU V 171 45.81 137.42 -8.97
CA LEU V 171 44.72 137.34 -8.01
C LEU V 171 44.41 138.67 -7.33
N SER V 172 45.44 139.45 -7.02
CA SER V 172 45.24 140.74 -6.36
C SER V 172 46.50 141.58 -6.55
N VAL V 173 46.30 142.89 -6.74
CA VAL V 173 47.40 143.84 -6.87
C VAL V 173 47.09 145.06 -6.04
N SER V 174 48.13 145.68 -5.49
CA SER V 174 47.98 146.87 -4.67
C SER V 174 49.20 147.78 -4.79
N THR W 26 -2.51 192.44 -30.95
CA THR W 26 -2.56 191.74 -29.67
C THR W 26 -2.33 190.24 -29.88
N THR W 27 -1.06 189.83 -29.85
CA THR W 27 -0.68 188.45 -30.07
C THR W 27 0.09 187.93 -28.87
N GLN W 28 -0.26 186.73 -28.41
CA GLN W 28 0.39 186.10 -27.27
C GLN W 28 1.34 185.02 -27.79
N SER W 29 2.61 185.10 -27.40
CA SER W 29 3.60 184.16 -27.92
C SER W 29 4.00 183.14 -26.86
N PRO W 30 4.26 181.90 -27.27
CA PRO W 30 4.71 180.88 -26.31
C PRO W 30 6.19 180.93 -26.01
N LEU W 31 6.99 181.58 -26.86
CA LEU W 31 8.42 181.81 -26.61
C LEU W 31 9.20 180.50 -26.49
N ASN W 32 8.97 179.59 -27.44
CA ASN W 32 9.70 178.32 -27.46
C ASN W 32 10.08 177.90 -28.87
N SER W 33 10.14 178.84 -29.80
CA SER W 33 10.46 178.54 -31.21
C SER W 33 11.94 178.76 -31.49
N PHE W 34 12.78 177.99 -30.82
CA PHE W 34 14.23 178.06 -31.02
C PHE W 34 14.80 176.65 -31.03
N TYR W 35 15.69 176.37 -32.00
CA TYR W 35 16.24 175.04 -32.16
C TYR W 35 17.68 175.11 -32.63
N ALA W 36 18.41 174.02 -32.41
CA ALA W 36 19.77 173.83 -32.90
C ALA W 36 19.97 172.35 -33.18
N THR W 37 20.71 172.04 -34.23
CA THR W 37 20.79 170.68 -34.75
C THR W 37 22.23 170.25 -34.99
N GLY W 38 22.54 169.00 -34.65
CA GLY W 38 23.81 168.38 -34.98
C GLY W 38 23.62 167.02 -35.63
N THR W 39 24.70 166.28 -35.85
CA THR W 39 24.63 164.98 -36.52
C THR W 39 25.67 164.04 -35.91
N ALA W 40 25.45 162.74 -36.16
CA ALA W 40 26.36 161.70 -35.70
C ALA W 40 26.24 160.51 -36.63
N GLN W 41 27.27 159.66 -36.63
CA GLN W 41 27.29 158.50 -37.52
C GLN W 41 28.31 157.49 -37.01
N ALA W 42 28.18 156.26 -37.52
CA ALA W 42 29.14 155.19 -37.25
C ALA W 42 29.00 154.17 -38.38
N VAL W 43 30.00 154.10 -39.26
CA VAL W 43 29.86 153.36 -40.51
C VAL W 43 31.00 152.36 -40.73
N GLN W 44 31.62 151.86 -39.65
CA GLN W 44 32.67 150.86 -39.83
C GLN W 44 32.80 150.02 -38.56
N GLU W 45 33.28 148.79 -38.74
CA GLU W 45 33.51 147.86 -37.65
C GLU W 45 34.81 148.17 -36.92
N PRO W 46 34.91 147.81 -35.64
CA PRO W 46 36.09 148.22 -34.85
C PRO W 46 37.42 147.74 -35.41
N ILE W 47 37.49 146.52 -35.94
CA ILE W 47 38.76 145.92 -36.32
C ILE W 47 38.67 145.37 -37.74
N ASP W 48 39.85 145.17 -38.33
CA ASP W 48 39.99 144.51 -39.62
C ASP W 48 41.10 143.48 -39.49
N VAL W 49 40.92 142.31 -40.10
CA VAL W 49 41.83 141.18 -39.92
C VAL W 49 42.32 140.70 -41.28
N GLU W 50 43.63 140.51 -41.40
CA GLU W 50 44.25 140.02 -42.63
C GLU W 50 45.20 138.89 -42.30
N SER W 51 45.24 137.87 -43.14
CA SER W 51 45.96 136.63 -42.87
C SER W 51 47.17 136.49 -43.78
N HIS W 52 48.26 135.96 -43.23
CA HIS W 52 49.48 135.67 -43.98
C HIS W 52 50.07 134.33 -43.57
N LEU W 53 49.22 133.31 -43.44
CA LEU W 53 49.68 131.96 -43.08
C LEU W 53 50.05 131.23 -44.36
N ASP W 54 51.34 131.27 -44.70
CA ASP W 54 51.85 130.73 -45.95
C ASP W 54 52.94 129.70 -45.73
N ASN W 55 52.73 128.80 -44.76
CA ASN W 55 53.61 127.65 -44.56
C ASN W 55 52.76 126.40 -44.37
N THR W 56 53.33 125.26 -44.76
CA THR W 56 52.61 123.99 -44.78
C THR W 56 53.25 123.02 -43.80
N ILE W 57 52.42 122.41 -42.97
CA ILE W 57 52.87 121.32 -42.10
C ILE W 57 52.98 120.06 -42.97
N ALA W 58 54.21 119.68 -43.32
CA ALA W 58 54.46 118.58 -44.23
C ALA W 58 55.45 117.59 -43.62
N PRO W 59 55.02 116.80 -42.65
CA PRO W 59 55.86 115.73 -42.12
C PRO W 59 55.60 114.42 -42.84
N ALA W 60 56.41 113.42 -42.49
CA ALA W 60 56.15 112.06 -42.96
C ALA W 60 55.04 111.43 -42.12
N ALA W 61 54.55 110.29 -42.60
CA ALA W 61 53.46 109.60 -41.91
C ALA W 61 53.92 109.08 -40.56
N GLY W 62 53.21 109.46 -39.50
CA GLY W 62 53.52 108.98 -38.17
C GLY W 62 54.65 109.69 -37.47
N ALA W 63 55.15 110.79 -38.02
CA ALA W 63 56.31 111.48 -37.46
C ALA W 63 55.88 112.52 -36.42
N GLN W 64 56.81 112.85 -35.54
CA GLN W 64 56.64 113.89 -34.53
C GLN W 64 57.48 115.09 -34.94
N GLY W 65 56.86 116.28 -34.97
CA GLY W 65 57.54 117.41 -35.58
C GLY W 65 57.45 118.74 -34.86
N TYR W 66 57.86 119.80 -35.54
CA TYR W 66 57.99 121.14 -34.99
C TYR W 66 58.03 122.15 -36.14
N LYS W 67 57.04 123.04 -36.21
CA LYS W 67 56.89 123.86 -37.39
C LYS W 67 56.28 125.20 -37.02
N ASP W 68 56.62 126.24 -37.79
CA ASP W 68 55.99 127.55 -37.71
C ASP W 68 55.19 127.80 -38.99
N MET W 69 54.22 128.72 -38.93
CA MET W 69 53.24 128.87 -40.00
C MET W 69 53.27 130.24 -40.67
N GLY W 70 53.22 131.31 -39.90
CA GLY W 70 53.12 132.65 -40.46
C GLY W 70 52.65 133.61 -39.39
N TYR W 71 52.03 134.71 -39.85
CA TYR W 71 51.55 135.72 -38.91
C TYR W 71 50.25 136.33 -39.43
N VAL W 72 49.51 136.97 -38.52
CA VAL W 72 48.20 137.55 -38.80
C VAL W 72 48.21 139.01 -38.37
N LYS W 73 47.62 139.88 -39.18
CA LYS W 73 47.58 141.31 -38.92
C LYS W 73 46.19 141.73 -38.48
N ILE W 74 46.14 142.60 -37.46
CA ILE W 74 44.90 143.16 -36.93
C ILE W 74 45.00 144.68 -36.99
N ILE W 75 43.95 145.33 -37.47
CA ILE W 75 43.92 146.78 -37.65
C ILE W 75 42.81 147.35 -36.78
N ASN W 76 43.12 148.40 -36.03
CA ASN W 76 42.19 149.03 -35.09
C ASN W 76 41.94 150.48 -35.49
N TYR W 77 40.68 150.91 -35.30
CA TYR W 77 40.13 152.11 -35.92
C TYR W 77 39.76 153.15 -34.86
N THR W 78 39.07 154.19 -35.31
CA THR W 78 38.91 155.43 -34.55
C THR W 78 38.31 155.18 -33.16
N ASP W 79 38.89 155.82 -32.15
CA ASP W 79 38.41 155.82 -30.78
C ASP W 79 38.41 154.42 -30.15
N VAL W 80 39.30 153.55 -30.61
CA VAL W 80 39.45 152.20 -30.08
C VAL W 80 40.76 152.13 -29.32
N ASN W 81 40.71 151.61 -28.10
CA ASN W 81 41.91 151.48 -27.28
C ASN W 81 42.17 150.06 -26.80
N VAL W 82 41.12 149.32 -26.42
CA VAL W 82 41.26 147.98 -25.89
C VAL W 82 40.25 147.07 -26.58
N VAL W 83 40.70 145.89 -27.00
CA VAL W 83 39.87 144.93 -27.71
C VAL W 83 39.94 143.58 -27.00
N LYS W 84 38.78 142.96 -26.80
CA LYS W 84 38.68 141.61 -26.25
C LYS W 84 38.27 140.66 -27.37
N LEU W 85 39.02 139.58 -27.54
CA LEU W 85 38.85 138.67 -28.66
C LEU W 85 38.70 137.24 -28.18
N LYS W 86 38.03 136.44 -29.01
CA LYS W 86 37.90 135.00 -28.80
C LYS W 86 38.35 134.28 -30.06
N VAL W 87 39.27 133.34 -29.91
CA VAL W 87 39.85 132.60 -31.03
C VAL W 87 39.55 131.12 -30.84
N THR W 88 39.09 130.47 -31.92
CA THR W 88 38.70 129.07 -31.87
C THR W 88 39.13 128.37 -33.15
N LEU W 89 39.19 127.05 -33.08
CA LEU W 89 39.47 126.21 -34.24
C LEU W 89 38.14 125.78 -34.84
N ALA W 90 37.87 126.24 -36.08
CA ALA W 90 36.57 126.04 -36.69
C ALA W 90 36.37 124.60 -37.15
N ASN W 91 37.43 123.96 -37.65
CA ASN W 91 37.29 122.63 -38.24
C ASN W 91 38.08 121.58 -37.46
N ALA W 92 37.98 121.64 -36.12
CA ALA W 92 38.69 120.68 -35.29
C ALA W 92 38.17 119.26 -35.50
N ALA W 93 36.86 119.12 -35.75
CA ALA W 93 36.28 117.79 -35.93
C ALA W 93 36.85 117.10 -37.17
N GLN W 94 37.05 117.86 -38.25
CA GLN W 94 37.59 117.28 -39.47
C GLN W 94 39.04 116.83 -39.30
N LEU W 95 39.82 117.55 -38.48
CA LEU W 95 41.23 117.25 -38.30
C LEU W 95 41.48 116.11 -37.31
N ARG W 96 40.47 115.66 -36.57
CA ARG W 96 40.68 114.61 -35.58
C ARG W 96 41.19 113.29 -36.17
N PRO W 97 40.62 112.75 -37.25
CA PRO W 97 41.11 111.45 -37.76
C PRO W 97 42.54 111.50 -38.30
N TYR W 98 43.11 112.68 -38.50
CA TYR W 98 44.42 112.80 -39.12
C TYR W 98 45.55 113.03 -38.12
N PHE W 99 45.25 113.34 -36.87
CA PHE W 99 46.27 113.70 -35.89
C PHE W 99 45.98 113.04 -34.55
N LYS W 100 47.06 112.62 -33.88
CA LYS W 100 46.93 112.24 -32.47
C LYS W 100 46.83 113.47 -31.57
N TYR W 101 47.60 114.51 -31.87
CA TYR W 101 47.49 115.78 -31.15
C TYR W 101 48.02 116.89 -32.03
N LEU W 102 47.55 118.11 -31.78
CA LEU W 102 47.97 119.29 -32.52
C LEU W 102 47.75 120.51 -31.65
N GLN W 103 48.81 121.28 -31.42
CA GLN W 103 48.75 122.43 -30.54
C GLN W 103 49.26 123.67 -31.28
N LEU W 104 48.55 124.78 -31.09
CA LEU W 104 48.89 126.05 -31.71
C LEU W 104 49.22 127.07 -30.63
N VAL W 105 50.33 127.79 -30.81
CA VAL W 105 50.81 128.78 -29.85
C VAL W 105 50.78 130.15 -30.52
N LEU W 106 50.12 131.11 -29.88
CA LEU W 106 49.99 132.47 -30.39
C LEU W 106 50.79 133.42 -29.49
N THR W 107 51.63 134.23 -30.09
CA THR W 107 52.46 135.19 -29.36
C THR W 107 52.33 136.58 -29.96
N SER W 108 52.25 137.59 -29.11
CA SER W 108 52.23 138.98 -29.54
C SER W 108 53.67 139.49 -29.57
N ASN W 109 54.05 140.14 -30.67
CA ASN W 109 55.43 140.52 -30.94
C ASN W 109 55.51 141.95 -31.48
N ALA W 110 54.37 142.53 -31.87
CA ALA W 110 54.37 143.81 -32.59
C ALA W 110 55.15 144.90 -31.84
N SER W 111 55.22 144.80 -30.52
CA SER W 111 56.14 145.62 -29.72
C SER W 111 57.48 144.89 -29.61
N SER W 112 58.53 145.54 -30.11
CA SER W 112 59.86 144.93 -30.10
C SER W 112 60.39 144.74 -28.68
N THR W 113 59.82 145.44 -27.71
CA THR W 113 60.27 145.31 -26.32
C THR W 113 59.48 144.27 -25.54
N VAL W 114 58.22 144.04 -25.87
CA VAL W 114 57.33 143.15 -25.12
C VAL W 114 56.86 142.05 -26.04
N GLU W 115 57.49 140.87 -25.96
CA GLU W 115 57.00 139.66 -26.58
C GLU W 115 56.21 138.86 -25.55
N GLU W 116 54.99 138.46 -25.91
CA GLU W 116 54.14 137.71 -24.99
C GLU W 116 53.36 136.63 -25.74
N THR W 117 53.36 135.42 -25.19
CA THR W 117 52.45 134.38 -25.63
C THR W 117 51.11 134.55 -24.95
N LYS W 118 50.04 134.55 -25.74
CA LYS W 118 48.70 134.87 -25.24
C LYS W 118 47.81 133.66 -25.04
N ALA W 119 47.85 132.68 -25.94
CA ALA W 119 46.95 131.54 -25.82
C ALA W 119 47.58 130.32 -26.46
N VAL W 120 47.11 129.15 -26.04
CA VAL W 120 47.49 127.86 -26.61
C VAL W 120 46.21 127.13 -26.99
N LEU W 121 46.11 126.71 -28.24
CA LEU W 121 44.94 126.01 -28.75
C LEU W 121 45.28 124.56 -29.04
N SER W 122 44.30 123.68 -28.87
CA SER W 122 44.49 122.26 -29.09
C SER W 122 43.18 121.66 -29.59
N LEU W 123 43.26 120.40 -30.03
CA LEU W 123 42.08 119.72 -30.54
C LEU W 123 41.09 119.36 -29.44
N LYS W 124 41.55 119.30 -28.18
CA LYS W 124 40.65 119.01 -27.07
C LYS W 124 40.06 120.26 -26.45
N LYS W 125 40.79 121.38 -26.48
CA LYS W 125 40.32 122.67 -25.98
C LYS W 125 40.53 123.70 -27.07
N PRO W 126 39.59 123.83 -28.02
CA PRO W 126 39.84 124.63 -29.22
C PRO W 126 39.71 126.13 -29.03
N SER W 127 39.12 126.60 -27.93
CA SER W 127 38.79 128.01 -27.78
C SER W 127 39.61 128.66 -26.67
N ALA W 128 39.87 129.95 -26.84
CA ALA W 128 40.61 130.73 -25.86
C ALA W 128 40.20 132.19 -25.98
N VAL W 129 40.45 132.95 -24.91
CA VAL W 129 40.13 134.37 -24.84
C VAL W 129 41.41 135.13 -24.51
N ILE W 130 41.70 136.17 -25.30
CA ILE W 130 42.91 136.96 -25.13
C ILE W 130 42.55 138.43 -25.00
N ILE W 131 43.51 139.20 -24.49
CA ILE W 131 43.35 140.64 -24.26
C ILE W 131 44.47 141.38 -24.96
N LEU W 132 44.13 142.42 -25.72
CA LEU W 132 45.09 143.31 -26.35
C LEU W 132 44.92 144.69 -25.76
N ASP W 133 46.03 145.29 -25.33
CA ASP W 133 45.98 146.58 -24.64
C ASP W 133 46.94 147.60 -25.25
N ASN W 134 47.15 148.72 -24.54
CA ASN W 134 47.95 149.82 -25.06
C ASN W 134 49.37 149.37 -25.41
N ASP W 135 49.93 148.42 -24.66
CA ASP W 135 51.30 147.99 -24.92
C ASP W 135 51.40 147.21 -26.23
N ASP W 136 50.37 146.44 -26.58
CA ASP W 136 50.43 145.63 -27.79
C ASP W 136 50.36 146.47 -29.06
N TYR W 137 49.57 147.54 -29.04
CA TYR W 137 49.33 148.35 -30.22
C TYR W 137 50.54 149.19 -30.60
N SER W 138 51.61 148.54 -31.06
CA SER W 138 52.76 149.25 -31.58
C SER W 138 52.46 149.81 -32.96
N SER W 139 53.17 150.87 -33.32
CA SER W 139 52.87 151.71 -34.48
C SER W 139 51.47 152.32 -34.40
N THR W 140 50.79 152.16 -33.26
CA THR W 140 49.50 152.76 -32.93
C THR W 140 48.35 152.24 -33.78
N ASN W 141 48.62 151.33 -34.73
CA ASN W 141 47.60 150.95 -35.68
C ASN W 141 47.47 149.45 -35.97
N LYS W 142 48.38 148.59 -35.51
CA LYS W 142 48.31 147.21 -35.93
C LYS W 142 48.90 146.27 -34.88
N ILE W 143 48.41 145.02 -34.92
CA ILE W 143 48.89 143.91 -34.10
C ILE W 143 49.45 142.83 -35.02
N GLN W 144 50.59 142.26 -34.64
CA GLN W 144 51.21 141.17 -35.37
C GLN W 144 51.28 139.95 -34.45
N LEU W 145 50.73 138.82 -34.91
CA LEU W 145 50.67 137.58 -34.16
C LEU W 145 51.09 136.43 -35.06
N LYS W 146 52.20 135.78 -34.75
CA LYS W 146 52.59 134.56 -35.44
C LYS W 146 52.04 133.33 -34.74
N VAL W 147 51.98 132.23 -35.50
CA VAL W 147 51.38 130.98 -35.05
C VAL W 147 52.49 129.94 -34.91
N GLU W 148 52.47 129.20 -33.80
CA GLU W 148 53.44 128.15 -33.58
C GLU W 148 52.71 126.82 -33.42
N ALA W 149 53.17 125.79 -34.12
CA ALA W 149 52.48 124.52 -34.19
C ALA W 149 53.36 123.38 -33.68
N TYR W 150 52.74 122.50 -32.90
CA TYR W 150 53.34 121.23 -32.48
C TYR W 150 52.36 120.11 -32.84
N TYR W 151 52.88 119.00 -33.36
CA TYR W 151 51.99 118.00 -33.94
C TYR W 151 52.63 116.62 -33.90
N GLU W 152 51.78 115.61 -34.02
CA GLU W 152 52.19 114.24 -34.29
C GLU W 152 51.17 113.62 -35.23
N ALA W 153 51.64 113.11 -36.36
CA ALA W 153 50.75 112.58 -37.39
C ALA W 153 50.35 111.14 -37.08
N LYS W 154 49.19 110.75 -37.60
CA LYS W 154 48.72 109.38 -37.44
C LYS W 154 49.61 108.40 -38.21
N GLU W 155 49.65 107.17 -37.73
CA GLU W 155 50.50 106.14 -38.31
C GLU W 155 49.91 105.63 -39.61
N GLY W 156 50.67 105.74 -40.70
CA GLY W 156 50.27 105.17 -41.97
C GLY W 156 49.17 105.89 -42.70
N MET W 157 48.95 107.18 -42.42
CA MET W 157 47.91 107.95 -43.07
C MET W 157 48.53 108.91 -44.07
N LEU W 158 48.05 108.87 -45.30
CA LEU W 158 48.56 109.73 -46.37
C LEU W 158 47.43 110.60 -46.91
N PHE W 159 47.74 111.88 -47.14
CA PHE W 159 46.73 112.84 -47.58
C PHE W 159 47.45 114.07 -48.13
N ASP W 160 46.67 114.96 -48.74
CA ASP W 160 47.18 116.21 -49.26
C ASP W 160 46.04 117.20 -49.38
N SER W 161 46.40 118.49 -49.42
CA SER W 161 45.44 119.58 -49.60
C SER W 161 44.38 119.58 -48.50
N LEU W 162 44.82 119.67 -47.25
CA LEU W 162 43.94 119.71 -46.10
C LEU W 162 44.02 121.06 -45.43
N PRO W 163 42.94 121.83 -45.35
CA PRO W 163 43.01 123.18 -44.78
C PRO W 163 42.82 123.21 -43.27
N VAL W 164 43.42 124.23 -42.66
CA VAL W 164 43.27 124.53 -41.24
C VAL W 164 42.68 125.93 -41.13
N ILE W 165 41.60 126.07 -40.37
CA ILE W 165 40.82 127.30 -40.33
C ILE W 165 40.76 127.81 -38.90
N LEU W 166 40.95 129.12 -38.74
CA LEU W 166 40.81 129.81 -37.47
C LEU W 166 39.76 130.91 -37.60
N ASN W 167 39.02 131.17 -36.53
CA ASN W 167 37.94 132.14 -36.52
C ASN W 167 38.16 133.15 -35.40
N PHE W 168 37.72 134.38 -35.64
CA PHE W 168 37.83 135.46 -34.67
C PHE W 168 36.46 136.07 -34.41
N GLN W 169 36.19 136.41 -33.14
CA GLN W 169 34.96 137.07 -32.75
C GLN W 169 35.26 138.11 -31.69
N VAL W 170 34.64 139.29 -31.84
CA VAL W 170 34.84 140.40 -30.92
C VAL W 170 33.78 140.32 -29.82
N LEU W 171 34.23 140.37 -28.57
CA LEU W 171 33.33 140.34 -27.42
C LEU W 171 33.09 141.70 -26.81
N SER W 172 34.10 142.56 -26.77
CA SER W 172 33.96 143.90 -26.20
C SER W 172 35.11 144.77 -26.69
N VAL W 173 34.81 146.04 -26.94
CA VAL W 173 35.81 147.01 -27.37
C VAL W 173 35.58 148.30 -26.59
N SER W 174 36.68 149.01 -26.31
CA SER W 174 36.60 150.27 -25.58
C SER W 174 37.73 151.20 -26.00
N THR X 26 -20.28 191.05 -46.02
CA THR X 26 -20.06 190.48 -44.70
C THR X 26 -19.78 188.98 -44.80
N THR X 27 -18.51 188.63 -44.99
CA THR X 27 -18.10 187.24 -45.15
C THR X 27 -17.09 186.88 -44.06
N GLN X 28 -17.29 185.72 -43.44
CA GLN X 28 -16.41 185.21 -42.40
C GLN X 28 -15.51 184.13 -42.99
N SER X 29 -14.19 184.30 -42.83
CA SER X 29 -13.27 183.36 -43.46
C SER X 29 -12.62 182.47 -42.40
N PRO X 30 -12.38 181.19 -42.74
CA PRO X 30 -11.70 180.30 -41.79
C PRO X 30 -10.19 180.44 -41.77
N LEU X 31 -9.59 181.02 -42.81
CA LEU X 31 -8.16 181.33 -42.85
C LEU X 31 -7.30 180.08 -42.76
N ASN X 32 -7.65 179.07 -43.57
CA ASN X 32 -6.86 177.84 -43.60
C ASN X 32 -6.71 177.29 -45.03
N SER X 33 -6.87 178.14 -46.04
CA SER X 33 -6.80 177.72 -47.43
C SER X 33 -5.41 177.97 -48.01
N PHE X 34 -4.41 177.30 -47.45
CA PHE X 34 -3.04 177.40 -47.91
C PHE X 34 -2.39 176.02 -47.90
N TYR X 35 -1.68 175.70 -48.98
CA TYR X 35 -1.10 174.37 -49.13
C TYR X 35 0.23 174.46 -49.86
N ALA X 36 1.05 173.42 -49.68
CA ALA X 36 2.30 173.24 -50.41
C ALA X 36 2.53 171.75 -50.58
N THR X 37 3.10 171.37 -51.72
CA THR X 37 3.15 169.95 -52.11
C THR X 37 4.54 169.57 -52.58
N GLY X 38 4.98 168.37 -52.20
CA GLY X 38 6.21 167.78 -52.70
C GLY X 38 5.98 166.36 -53.19
N THR X 39 7.05 165.65 -53.53
CA THR X 39 6.93 164.29 -54.06
C THR X 39 8.10 163.44 -53.57
N ALA X 40 7.92 162.12 -53.65
CA ALA X 40 8.96 161.16 -53.29
C ALA X 40 8.74 159.88 -54.07
N GLN X 41 9.80 159.08 -54.19
CA GLN X 41 9.73 157.84 -54.95
C GLN X 41 10.87 156.92 -54.55
N ALA X 42 10.72 155.64 -54.92
CA ALA X 42 11.78 154.65 -54.74
C ALA X 42 11.50 153.52 -55.74
N VAL X 43 12.32 153.39 -56.77
CA VAL X 43 12.00 152.54 -57.91
C VAL X 43 13.14 151.57 -58.24
N GLN X 44 13.97 151.20 -57.26
CA GLN X 44 15.03 150.23 -57.53
C GLN X 44 15.43 149.52 -56.24
N GLU X 45 15.94 148.30 -56.41
CA GLU X 45 16.41 147.48 -55.30
C GLU X 45 17.81 147.93 -54.85
N PRO X 46 18.15 147.69 -53.58
CA PRO X 46 19.42 148.22 -53.06
C PRO X 46 20.66 147.74 -53.81
N ILE X 47 20.70 146.47 -54.23
CA ILE X 47 21.91 145.90 -54.79
C ILE X 47 21.61 145.20 -56.11
N ASP X 48 22.67 145.00 -56.90
CA ASP X 48 22.61 144.22 -58.12
C ASP X 48 23.79 143.27 -58.11
N VAL X 49 23.56 142.03 -58.57
CA VAL X 49 24.55 140.96 -58.46
C VAL X 49 24.82 140.37 -59.84
N GLU X 50 26.09 140.22 -60.20
CA GLU X 50 26.50 139.64 -61.46
C GLU X 50 27.57 138.58 -61.20
N SER X 51 27.50 137.48 -61.95
CA SER X 51 28.33 136.31 -61.70
C SER X 51 29.37 136.13 -62.81
N HIS X 52 30.57 135.69 -62.42
CA HIS X 52 31.65 135.39 -63.36
C HIS X 52 32.37 134.12 -62.95
N LEU X 53 31.63 133.08 -62.58
CA LEU X 53 32.21 131.79 -62.19
C LEU X 53 32.39 130.95 -63.45
N ASP X 54 33.59 131.02 -64.03
CA ASP X 54 33.89 130.38 -65.30
C ASP X 54 35.06 129.41 -65.18
N ASN X 55 35.08 128.60 -64.12
CA ASN X 55 36.05 127.52 -63.98
C ASN X 55 35.33 126.27 -63.53
N THR X 56 35.87 125.11 -63.92
CA THR X 56 35.24 123.83 -63.70
C THR X 56 36.10 122.98 -62.77
N ILE X 57 35.46 122.41 -61.74
CA ILE X 57 36.13 121.42 -60.88
C ILE X 57 36.14 120.10 -61.64
N ALA X 58 37.31 119.74 -62.17
CA ALA X 58 37.45 118.56 -63.03
C ALA X 58 38.60 117.68 -62.52
N PRO X 59 38.38 116.97 -61.42
CA PRO X 59 39.37 115.99 -60.97
C PRO X 59 39.05 114.60 -61.51
N ALA X 60 39.97 113.67 -61.22
CA ALA X 60 39.71 112.27 -61.51
C ALA X 60 38.81 111.68 -60.44
N ALA X 61 38.30 110.48 -60.71
CA ALA X 61 37.39 109.82 -59.78
C ALA X 61 38.12 109.45 -58.50
N GLY X 62 37.59 109.89 -57.36
CA GLY X 62 38.15 109.57 -56.08
C GLY X 62 39.36 110.38 -55.65
N ALA X 63 39.69 111.44 -56.38
CA ALA X 63 40.88 112.22 -56.10
C ALA X 63 40.59 113.35 -55.11
N GLN X 64 41.65 113.80 -54.43
CA GLN X 64 41.60 114.92 -53.52
C GLN X 64 42.28 116.11 -54.18
N GLY X 65 41.61 117.26 -54.21
CA GLY X 65 42.09 118.36 -55.02
C GLY X 65 42.07 119.74 -54.41
N TYR X 66 42.30 120.75 -55.26
CA TYR X 66 42.44 122.14 -54.84
C TYR X 66 42.22 123.03 -56.06
N LYS X 67 41.18 123.88 -56.03
CA LYS X 67 40.77 124.57 -57.24
C LYS X 67 40.16 125.92 -56.88
N ASP X 68 40.30 126.88 -57.79
CA ASP X 68 39.62 128.17 -57.71
C ASP X 68 38.59 128.26 -58.84
N MET X 69 37.60 129.14 -58.67
CA MET X 69 36.44 129.15 -59.55
C MET X 69 36.28 130.45 -60.34
N GLY X 70 36.30 131.59 -59.67
CA GLY X 70 36.02 132.87 -60.32
C GLY X 70 35.69 133.91 -59.27
N TYR X 71 34.94 134.93 -59.70
CA TYR X 71 34.58 136.01 -58.78
C TYR X 71 33.18 136.51 -59.10
N VAL X 72 32.58 137.21 -58.13
CA VAL X 72 31.22 137.70 -58.23
C VAL X 72 31.23 139.20 -57.92
N LYS X 73 30.45 139.96 -58.70
CA LYS X 73 30.38 141.41 -58.55
C LYS X 73 29.06 141.82 -57.90
N ILE X 74 29.15 142.77 -56.98
CA ILE X 74 27.99 143.33 -56.28
C ILE X 74 27.99 144.83 -56.49
N ILE X 75 26.84 145.40 -56.82
CA ILE X 75 26.70 146.83 -57.11
C ILE X 75 25.73 147.43 -56.11
N ASN X 76 26.11 148.56 -55.52
CA ASN X 76 25.34 149.25 -54.50
C ASN X 76 24.93 150.64 -54.96
N TYR X 77 23.71 151.03 -54.58
CA TYR X 77 22.99 152.15 -55.19
C TYR X 77 22.76 153.27 -54.18
N THR X 78 21.94 154.24 -54.59
CA THR X 78 21.84 155.54 -53.91
C THR X 78 21.52 155.40 -52.43
N ASP X 79 22.24 156.15 -51.60
CA ASP X 79 22.02 156.26 -50.17
C ASP X 79 22.21 154.94 -49.43
N VAL X 80 23.04 154.06 -49.97
CA VAL X 80 23.36 152.78 -49.36
C VAL X 80 24.79 152.83 -48.86
N ASN X 81 25.00 152.42 -47.60
CA ASN X 81 26.32 152.42 -47.01
C ASN X 81 26.74 151.07 -46.46
N VAL X 82 25.82 150.34 -45.83
CA VAL X 82 26.13 149.04 -45.22
C VAL X 82 25.07 148.05 -45.63
N VAL X 83 25.50 146.85 -46.02
CA VAL X 83 24.61 145.79 -46.47
C VAL X 83 24.89 144.52 -45.68
N LYS X 84 23.82 143.87 -45.22
CA LYS X 84 23.90 142.58 -44.54
C LYS X 84 23.34 141.52 -45.48
N LEU X 85 24.11 140.45 -45.68
CA LEU X 85 23.79 139.44 -46.67
C LEU X 85 23.81 138.05 -46.06
N LYS X 86 23.05 137.15 -46.66
CA LYS X 86 23.04 135.74 -46.31
C LYS X 86 23.29 134.91 -47.56
N VAL X 87 24.28 134.02 -47.50
CA VAL X 87 24.68 133.21 -48.64
C VAL X 87 24.51 131.74 -48.28
N THR X 88 23.90 130.97 -49.18
CA THR X 88 23.61 129.58 -48.94
C THR X 88 23.84 128.77 -50.22
N LEU X 89 23.98 127.46 -50.04
CA LEU X 89 24.10 126.51 -51.15
C LEU X 89 22.70 125.99 -51.46
N ALA X 90 22.20 126.32 -52.65
CA ALA X 90 20.82 126.00 -53.00
C ALA X 90 20.62 124.52 -53.28
N ASN X 91 21.60 123.87 -53.92
CA ASN X 91 21.44 122.49 -54.36
C ASN X 91 22.41 121.56 -53.64
N ALA X 92 22.56 121.73 -52.32
CA ALA X 92 23.46 120.88 -51.55
C ALA X 92 22.98 119.44 -51.53
N ALA X 93 21.66 119.22 -51.52
CA ALA X 93 21.14 117.86 -51.48
C ALA X 93 21.51 117.08 -52.73
N GLN X 94 21.48 117.74 -53.90
CA GLN X 94 21.82 117.07 -55.15
C GLN X 94 23.30 116.69 -55.19
N LEU X 95 24.17 117.52 -54.60
CA LEU X 95 25.61 117.28 -54.65
C LEU X 95 26.10 116.26 -53.64
N ARG X 96 25.25 115.85 -52.69
CA ARG X 96 25.69 114.90 -51.67
C ARG X 96 26.16 113.56 -52.22
N PRO X 97 25.44 112.88 -53.13
CA PRO X 97 25.91 111.57 -53.59
C PRO X 97 27.21 111.62 -54.39
N TYR X 98 27.66 112.80 -54.81
CA TYR X 98 28.85 112.91 -55.66
C TYR X 98 30.12 113.28 -54.91
N PHE X 99 30.03 113.70 -53.65
CA PHE X 99 31.18 114.19 -52.92
C PHE X 99 31.18 113.66 -51.50
N LYS X 100 32.38 113.34 -50.99
CA LYS X 100 32.54 113.10 -49.56
C LYS X 100 32.52 114.40 -48.77
N TYR X 101 33.17 115.45 -49.30
CA TYR X 101 33.11 116.76 -48.69
C TYR X 101 33.42 117.80 -49.75
N LEU X 102 32.93 119.02 -49.51
CA LEU X 102 33.16 120.14 -50.43
C LEU X 102 33.01 121.44 -49.64
N GLN X 103 34.06 122.26 -49.67
CA GLN X 103 34.09 123.50 -48.90
C GLN X 103 34.38 124.67 -49.83
N LEU X 104 33.67 125.77 -49.61
CA LEU X 104 33.82 126.98 -50.39
C LEU X 104 34.27 128.12 -49.49
N VAL X 105 35.29 128.85 -49.93
CA VAL X 105 35.88 129.95 -49.17
C VAL X 105 35.66 131.25 -49.93
N LEU X 106 35.07 132.24 -49.26
CA LEU X 106 34.77 133.53 -49.86
C LEU X 106 35.66 134.60 -49.21
N THR X 107 36.34 135.39 -50.04
CA THR X 107 37.22 136.44 -49.56
C THR X 107 36.91 137.75 -50.25
N SER X 108 36.92 138.85 -49.48
CA SER X 108 36.75 140.18 -50.03
C SER X 108 38.13 140.75 -50.35
N ASN X 109 38.28 141.29 -51.57
CA ASN X 109 39.56 141.71 -52.12
C ASN X 109 39.46 143.07 -52.78
N ALA X 110 38.24 143.57 -53.01
CA ALA X 110 38.04 144.78 -53.82
C ALA X 110 38.88 145.95 -53.34
N SER X 111 39.18 146.00 -52.04
CA SER X 111 40.19 146.92 -51.50
C SER X 111 41.56 146.26 -51.58
N SER X 112 42.47 146.90 -52.32
CA SER X 112 43.81 146.34 -52.50
C SER X 112 44.59 146.32 -51.20
N THR X 113 44.18 147.09 -50.19
CA THR X 113 44.86 147.11 -48.91
C THR X 113 44.30 146.12 -47.91
N VAL X 114 43.00 145.81 -47.98
CA VAL X 114 42.33 144.97 -47.01
C VAL X 114 41.75 143.75 -47.73
N GLU X 115 42.45 142.62 -47.64
CA GLU X 115 41.93 141.32 -48.06
C GLU X 115 41.39 140.60 -46.84
N GLU X 116 40.15 140.13 -46.93
CA GLU X 116 39.52 139.43 -45.81
C GLU X 116 38.68 138.27 -46.30
N THR X 117 38.85 137.11 -45.66
CA THR X 117 37.94 135.99 -45.84
C THR X 117 36.72 136.18 -44.93
N LYS X 118 35.53 136.06 -45.51
CA LYS X 118 34.30 136.37 -44.80
C LYS X 118 33.52 135.15 -44.34
N ALA X 119 33.46 134.09 -45.14
CA ALA X 119 32.66 132.93 -44.76
C ALA X 119 33.23 131.68 -45.40
N VAL X 120 32.91 130.54 -44.78
CA VAL X 120 33.25 129.22 -45.31
C VAL X 120 31.97 128.41 -45.38
N LEU X 121 31.67 127.86 -46.55
CA LEU X 121 30.47 127.07 -46.76
C LEU X 121 30.84 125.61 -46.98
N SER X 122 29.94 124.72 -46.56
CA SER X 122 30.17 123.29 -46.68
C SER X 122 28.83 122.59 -46.88
N LEU X 123 28.90 121.30 -47.21
CA LEU X 123 27.69 120.53 -47.44
C LEU X 123 26.94 120.25 -46.15
N LYS X 124 27.62 120.32 -45.00
CA LYS X 124 26.95 120.10 -43.72
C LYS X 124 26.41 121.39 -43.11
N LYS X 125 27.06 122.52 -43.37
CA LYS X 125 26.61 123.83 -42.90
C LYS X 125 26.57 124.76 -44.11
N PRO X 126 25.47 124.76 -44.87
CA PRO X 126 25.45 125.45 -46.16
C PRO X 126 25.27 126.96 -46.09
N SER X 127 24.87 127.51 -44.95
CA SER X 127 24.48 128.91 -44.86
C SER X 127 25.45 129.69 -43.99
N ALA X 128 25.61 130.97 -44.31
CA ALA X 128 26.47 131.88 -43.54
C ALA X 128 25.96 133.30 -43.73
N VAL X 129 26.35 134.16 -42.79
CA VAL X 129 25.97 135.57 -42.79
C VAL X 129 27.24 136.41 -42.76
N ILE X 130 27.33 137.38 -43.68
CA ILE X 130 28.52 138.23 -43.81
C ILE X 130 28.09 139.70 -43.74
N ILE X 131 29.08 140.55 -43.50
CA ILE X 131 28.89 141.99 -43.37
C ILE X 131 29.83 142.71 -44.32
N LEU X 132 29.28 143.65 -45.09
CA LEU X 132 30.07 144.51 -45.96
C LEU X 132 29.92 145.94 -45.48
N ASP X 133 31.06 146.63 -45.32
CA ASP X 133 31.07 147.98 -44.74
C ASP X 133 31.85 148.97 -45.61
N ASN X 134 32.11 150.15 -45.05
CA ASN X 134 32.75 151.22 -45.81
C ASN X 134 34.11 150.80 -46.37
N ASP X 135 34.84 149.96 -45.64
CA ASP X 135 36.17 149.54 -46.12
C ASP X 135 36.07 148.66 -47.35
N ASP X 136 35.03 147.82 -47.44
CA ASP X 136 34.93 146.88 -48.56
C ASP X 136 34.59 147.61 -49.85
N TYR X 137 33.75 148.64 -49.79
CA TYR X 137 33.25 149.32 -50.98
C TYR X 137 34.33 150.17 -51.65
N SER X 138 35.33 149.52 -52.23
CA SER X 138 36.33 150.22 -53.02
C SER X 138 35.75 150.63 -54.37
N SER X 139 36.32 151.68 -54.94
CA SER X 139 35.77 152.39 -56.09
C SER X 139 34.37 152.94 -55.82
N THR X 140 33.93 152.87 -54.56
CA THR X 140 32.69 153.45 -54.05
C THR X 140 31.43 152.80 -54.63
N ASN X 141 31.59 151.83 -55.52
CA ASN X 141 30.43 151.30 -56.24
C ASN X 141 30.33 149.79 -56.35
N LYS X 142 31.37 149.02 -56.00
CA LYS X 142 31.29 147.59 -56.28
C LYS X 142 32.11 146.77 -55.27
N ILE X 143 31.69 145.52 -55.12
CA ILE X 143 32.37 144.51 -54.30
C ILE X 143 32.82 143.38 -55.22
N GLN X 144 34.04 142.89 -55.00
CA GLN X 144 34.58 141.76 -55.73
C GLN X 144 34.88 140.63 -54.74
N LEU X 145 34.32 139.45 -55.00
CA LEU X 145 34.47 138.28 -54.14
C LEU X 145 34.78 137.07 -54.99
N LYS X 146 35.97 136.50 -54.83
CA LYS X 146 36.29 135.23 -55.48
C LYS X 146 35.95 134.05 -54.58
N VAL X 147 35.81 132.88 -55.21
CA VAL X 147 35.38 131.66 -54.55
C VAL X 147 36.55 130.68 -54.53
N GLU X 148 36.77 130.05 -53.38
CA GLU X 148 37.84 129.06 -53.25
C GLU X 148 37.22 127.74 -52.84
N ALA X 149 37.60 126.66 -53.52
CA ALA X 149 36.98 125.36 -53.35
C ALA X 149 37.99 124.32 -52.91
N TYR X 150 37.58 123.48 -51.96
CA TYR X 150 38.32 122.29 -51.55
C TYR X 150 37.36 121.11 -51.62
N TYR X 151 37.83 119.97 -52.12
CA TYR X 151 36.91 118.89 -52.44
C TYR X 151 37.63 117.55 -52.39
N GLU X 152 36.82 116.49 -52.27
CA GLU X 152 37.26 115.11 -52.49
C GLU X 152 36.12 114.37 -53.17
N ALA X 153 36.40 113.77 -54.31
CA ALA X 153 35.38 113.10 -55.11
C ALA X 153 35.12 111.69 -54.61
N LYS X 154 33.92 111.20 -54.86
CA LYS X 154 33.55 109.84 -54.50
C LYS X 154 34.34 108.83 -55.33
N GLU X 155 34.54 107.65 -54.76
CA GLU X 155 35.33 106.61 -55.41
C GLU X 155 34.54 105.95 -56.53
N GLY X 156 35.09 105.98 -57.74
CA GLY X 156 34.51 105.27 -58.85
C GLY X 156 33.25 105.88 -59.43
N MET X 157 33.01 107.17 -59.24
CA MET X 157 31.83 107.84 -59.75
C MET X 157 32.21 108.73 -60.92
N LEU X 158 31.51 108.55 -62.04
CA LEU X 158 31.77 109.32 -63.25
C LEU X 158 30.52 110.09 -63.64
N PHE X 159 30.71 111.35 -64.04
CA PHE X 159 29.59 112.23 -64.38
C PHE X 159 30.12 113.42 -65.15
N ASP X 160 29.19 114.22 -65.68
CA ASP X 160 29.54 115.44 -66.40
C ASP X 160 28.34 116.36 -66.40
N SER X 161 28.62 117.65 -66.61
CA SER X 161 27.58 118.68 -66.70
C SER X 161 26.72 118.74 -65.43
N LEU X 162 27.39 118.97 -64.30
CA LEU X 162 26.71 119.09 -63.02
C LEU X 162 26.85 120.51 -62.49
N PRO X 163 25.75 121.23 -62.28
CA PRO X 163 25.85 122.63 -61.86
C PRO X 163 25.94 122.81 -60.34
N VAL X 164 26.57 123.90 -59.95
CA VAL X 164 26.66 124.33 -58.55
C VAL X 164 26.04 125.71 -58.46
N ILE X 165 25.10 125.88 -57.54
CA ILE X 165 24.25 127.07 -57.46
C ILE X 165 24.44 127.72 -56.09
N LEU X 166 24.57 129.04 -56.08
CA LEU X 166 24.63 129.85 -54.87
C LEU X 166 23.52 130.89 -54.92
N ASN X 167 22.97 131.22 -53.75
CA ASN X 167 21.85 132.14 -53.63
C ASN X 167 22.20 133.26 -52.66
N PHE X 168 21.66 134.45 -52.91
CA PHE X 168 21.88 135.62 -52.08
C PHE X 168 20.55 136.20 -51.63
N GLN X 169 20.50 136.65 -50.38
CA GLN X 169 19.32 137.28 -49.82
C GLN X 169 19.74 138.44 -48.92
N VAL X 170 19.05 139.57 -49.05
CA VAL X 170 19.34 140.78 -48.29
C VAL X 170 18.51 140.77 -47.02
N LEU X 171 19.17 140.95 -45.88
CA LEU X 171 18.51 140.99 -44.59
C LEU X 171 18.29 142.40 -44.07
N SER X 172 19.25 143.30 -44.28
CA SER X 172 19.14 144.68 -43.82
C SER X 172 20.13 145.54 -44.58
N VAL X 173 19.71 146.77 -44.90
CA VAL X 173 20.56 147.73 -45.58
C VAL X 173 20.40 149.08 -44.89
N SER X 174 21.49 149.85 -44.88
CA SER X 174 21.48 151.18 -44.27
C SER X 174 22.46 152.11 -44.96
N THR Y 26 -40.34 187.52 -57.38
CA THR Y 26 -39.86 187.09 -56.08
C THR Y 26 -39.52 185.60 -56.09
N THR Y 27 -38.29 185.28 -56.48
CA THR Y 27 -37.83 183.90 -56.60
C THR Y 27 -36.64 183.68 -55.68
N GLN Y 28 -36.65 182.58 -54.93
CA GLN Y 28 -35.57 182.22 -54.04
C GLN Y 28 -34.73 181.12 -54.67
N SER Y 29 -33.43 181.36 -54.79
CA SER Y 29 -32.57 180.40 -55.48
C SER Y 29 -31.70 179.62 -54.49
N PRO Y 30 -31.45 178.33 -54.76
CA PRO Y 30 -30.56 177.57 -53.87
C PRO Y 30 -29.09 177.77 -54.14
N LEU Y 31 -28.72 178.27 -55.32
CA LEU Y 31 -27.34 178.64 -55.65
C LEU Y 31 -26.41 177.43 -55.61
N ASN Y 32 -26.83 176.34 -56.26
CA ASN Y 32 -26.00 175.13 -56.33
C ASN Y 32 -26.08 174.46 -57.70
N SER Y 33 -26.46 175.21 -58.73
CA SER Y 33 -26.62 174.65 -60.08
C SER Y 33 -25.38 174.90 -60.92
N PHE Y 34 -24.25 174.33 -60.48
CA PHE Y 34 -22.99 174.44 -61.20
C PHE Y 34 -22.28 173.09 -61.20
N TYR Y 35 -21.75 172.70 -62.35
CA TYR Y 35 -21.13 171.39 -62.48
C TYR Y 35 -19.97 171.45 -63.46
N ALA Y 36 -19.07 170.47 -63.34
CA ALA Y 36 -17.96 170.28 -64.26
C ALA Y 36 -17.68 168.78 -64.34
N THR Y 37 -17.31 168.30 -65.53
CA THR Y 37 -17.25 166.87 -65.80
C THR Y 37 -15.95 166.50 -66.49
N GLY Y 38 -15.37 165.36 -66.08
CA GLY Y 38 -14.23 164.77 -66.75
C GLY Y 38 -14.46 163.31 -67.06
N THR Y 39 -13.42 162.60 -67.53
CA THR Y 39 -13.56 161.20 -67.90
C THR Y 39 -12.28 160.45 -67.57
N ALA Y 40 -12.41 159.12 -67.50
CA ALA Y 40 -11.26 158.25 -67.26
C ALA Y 40 -11.54 156.88 -67.87
N GLN Y 41 -10.49 156.12 -68.10
CA GLN Y 41 -10.62 154.81 -68.73
C GLN Y 41 -9.37 153.97 -68.47
N ALA Y 42 -9.51 152.67 -68.69
CA ALA Y 42 -8.39 151.73 -68.62
C ALA Y 42 -8.78 150.51 -69.44
N VAL Y 43 -8.14 150.32 -70.60
CA VAL Y 43 -8.62 149.34 -71.57
C VAL Y 43 -7.51 148.39 -72.02
N GLN Y 44 -6.49 148.16 -71.19
CA GLN Y 44 -5.46 147.20 -71.56
C GLN Y 44 -4.79 146.63 -70.31
N GLU Y 45 -4.24 145.42 -70.46
CA GLU Y 45 -3.53 144.74 -69.39
C GLU Y 45 -2.11 145.28 -69.24
N PRO Y 46 -1.53 145.18 -68.05
CA PRO Y 46 -0.21 145.81 -67.82
C PRO Y 46 0.89 145.31 -68.74
N ILE Y 47 0.93 144.01 -69.05
CA ILE Y 47 2.06 143.43 -69.77
C ILE Y 47 1.55 142.60 -70.94
N ASP Y 48 2.46 142.36 -71.89
CA ASP Y 48 2.23 141.47 -73.01
C ASP Y 48 3.45 140.55 -73.13
N VAL Y 49 3.21 139.28 -73.43
CA VAL Y 49 4.27 138.27 -73.41
C VAL Y 49 4.31 137.56 -74.76
N GLU Y 50 5.50 137.43 -75.33
CA GLU Y 50 5.71 136.74 -76.59
C GLU Y 50 6.87 135.75 -76.44
N SER Y 51 6.73 134.58 -77.06
CA SER Y 51 7.65 133.48 -76.87
C SER Y 51 8.48 133.23 -78.14
N HIS Y 52 9.75 132.88 -77.94
CA HIS Y 52 10.66 132.53 -79.02
C HIS Y 52 11.53 131.34 -78.64
N LEU Y 53 10.91 130.31 -78.06
CA LEU Y 53 11.62 129.09 -77.67
C LEU Y 53 11.63 128.14 -78.86
N ASP Y 54 12.70 128.20 -79.65
CA ASP Y 54 12.80 127.45 -80.89
C ASP Y 54 14.03 126.53 -80.91
N ASN Y 55 14.29 125.84 -79.81
CA ASN Y 55 15.32 124.82 -79.75
C ASN Y 55 14.76 123.58 -79.06
N THR Y 56 15.29 122.42 -79.45
CA THR Y 56 14.78 121.14 -79.00
C THR Y 56 15.84 120.42 -78.18
N ILE Y 57 15.44 119.93 -77.00
CA ILE Y 57 16.29 119.06 -76.20
C ILE Y 57 16.25 117.67 -76.83
N ALA Y 58 17.32 117.30 -77.53
CA ALA Y 58 17.38 116.06 -78.28
C ALA Y 58 18.64 115.28 -77.92
N PRO Y 59 18.67 114.66 -76.75
CA PRO Y 59 19.77 113.77 -76.40
C PRO Y 59 19.45 112.33 -76.75
N ALA Y 60 20.44 111.46 -76.57
CA ALA Y 60 20.22 110.04 -76.66
C ALA Y 60 19.56 109.51 -75.39
N ALA Y 61 19.08 108.27 -75.46
CA ALA Y 61 18.39 107.68 -74.33
C ALA Y 61 19.36 107.46 -73.17
N GLY Y 62 19.02 107.99 -72.00
CA GLY Y 62 19.82 107.81 -70.82
C GLY Y 62 21.04 108.71 -70.70
N ALA Y 63 21.17 109.70 -71.56
CA ALA Y 63 22.34 110.56 -71.58
C ALA Y 63 22.17 111.76 -70.65
N GLN Y 64 23.30 112.31 -70.23
CA GLN Y 64 23.36 113.52 -69.42
C GLN Y 64 23.85 114.67 -70.31
N GLY Y 65 23.11 115.77 -70.31
CA GLY Y 65 23.38 116.81 -71.29
C GLY Y 65 23.39 118.24 -70.81
N TYR Y 66 23.40 119.17 -71.76
CA TYR Y 66 23.54 120.60 -71.51
C TYR Y 66 23.05 121.36 -72.75
N LYS Y 67 21.99 122.16 -72.60
CA LYS Y 67 21.33 122.72 -73.77
C LYS Y 67 20.72 124.07 -73.41
N ASP Y 68 20.63 124.95 -74.42
CA ASP Y 68 19.92 126.21 -74.32
C ASP Y 68 18.70 126.16 -75.25
N MET Y 69 17.71 127.00 -74.98
CA MET Y 69 16.40 126.88 -75.64
C MET Y 69 16.03 128.09 -76.48
N GLY Y 70 16.11 129.29 -75.94
CA GLY Y 70 15.65 130.48 -76.64
C GLY Y 70 15.46 131.62 -75.64
N TYR Y 71 14.59 132.56 -76.00
CA TYR Y 71 14.33 133.71 -75.14
C TYR Y 71 12.87 134.12 -75.24
N VAL Y 72 12.42 134.88 -74.23
CA VAL Y 72 11.04 135.31 -74.12
C VAL Y 72 11.01 136.83 -73.96
N LYS Y 73 10.07 137.48 -74.64
CA LYS Y 73 9.95 138.93 -74.61
C LYS Y 73 8.75 139.35 -73.77
N ILE Y 74 8.95 140.39 -72.96
CA ILE Y 74 7.90 140.97 -72.12
C ILE Y 74 7.78 142.45 -72.45
N ILE Y 75 6.55 142.92 -72.61
CA ILE Y 75 6.29 144.31 -73.00
C ILE Y 75 5.47 144.97 -71.90
N ASN Y 76 5.90 146.17 -71.49
CA ASN Y 76 5.28 146.92 -70.41
C ASN Y 76 4.71 148.24 -70.90
N TYR Y 77 3.56 148.62 -70.35
CA TYR Y 77 2.69 149.65 -70.90
C TYR Y 77 2.58 150.85 -69.96
N THR Y 78 1.64 151.75 -70.30
CA THR Y 78 1.61 153.09 -69.75
C THR Y 78 1.55 153.09 -68.21
N ASP Y 79 2.37 153.95 -67.61
CA ASP Y 79 2.39 154.18 -66.17
C ASP Y 79 2.79 152.95 -65.37
N VAL Y 80 3.57 152.06 -65.97
CA VAL Y 80 4.06 150.84 -65.32
C VAL Y 80 5.55 151.01 -65.09
N ASN Y 81 6.00 150.73 -63.87
CA ASN Y 81 7.42 150.84 -63.54
C ASN Y 81 8.00 149.57 -62.95
N VAL Y 82 7.26 148.86 -62.10
CA VAL Y 82 7.74 147.65 -61.44
C VAL Y 82 6.67 146.57 -61.57
N VAL Y 83 7.09 145.36 -61.92
CA VAL Y 83 6.19 144.23 -62.11
C VAL Y 83 6.68 143.06 -61.27
N LYS Y 84 5.76 142.41 -60.56
CA LYS Y 84 6.02 141.20 -59.81
C LYS Y 84 5.37 140.02 -60.53
N LEU Y 85 6.16 138.98 -60.78
CA LEU Y 85 5.72 137.86 -61.60
C LEU Y 85 5.93 136.54 -60.87
N LYS Y 86 5.13 135.55 -61.26
CA LYS Y 86 5.26 134.18 -60.78
C LYS Y 86 5.32 133.25 -61.98
N VAL Y 87 6.36 132.41 -62.02
CA VAL Y 87 6.60 131.51 -63.14
C VAL Y 87 6.57 130.08 -62.62
N THR Y 88 5.85 129.21 -63.33
CA THR Y 88 5.69 127.83 -62.91
C THR Y 88 5.73 126.91 -64.14
N LEU Y 89 5.98 125.63 -63.88
CA LEU Y 89 5.95 124.59 -64.90
C LEU Y 89 4.55 123.98 -64.91
N ALA Y 90 3.82 124.17 -66.01
CA ALA Y 90 2.42 123.76 -66.06
C ALA Y 90 2.26 122.26 -66.17
N ASN Y 91 3.15 121.59 -66.93
CA ASN Y 91 2.99 120.17 -67.19
C ASN Y 91 4.12 119.35 -66.59
N ALA Y 92 4.49 119.66 -65.34
CA ALA Y 92 5.56 118.92 -64.68
C ALA Y 92 5.18 117.47 -64.45
N ALA Y 93 3.89 117.21 -64.17
CA ALA Y 93 3.46 115.84 -63.92
C ALA Y 93 3.64 114.95 -65.14
N GLN Y 94 3.37 115.49 -66.34
CA GLN Y 94 3.52 114.72 -67.56
C GLN Y 94 4.98 114.39 -67.85
N LEU Y 95 5.89 115.31 -67.50
CA LEU Y 95 7.32 115.13 -67.80
C LEU Y 95 8.03 114.23 -66.81
N ARG Y 96 7.41 113.88 -65.68
CA ARG Y 96 8.08 113.06 -64.68
C ARG Y 96 8.51 111.68 -65.19
N PRO Y 97 7.68 110.89 -65.89
CA PRO Y 97 8.13 109.55 -66.31
C PRO Y 97 9.26 109.59 -67.34
N TYR Y 98 9.57 110.73 -67.93
CA TYR Y 98 10.56 110.81 -68.99
C TYR Y 98 11.93 111.29 -68.53
N PHE Y 99 12.04 111.84 -67.32
CA PHE Y 99 13.28 112.45 -66.85
C PHE Y 99 13.56 112.05 -65.42
N LYS Y 100 14.85 111.83 -65.12
CA LYS Y 100 15.27 111.73 -63.73
C LYS Y 100 15.32 113.10 -63.06
N TYR Y 101 15.81 114.11 -63.79
CA TYR Y 101 15.79 115.48 -63.29
C TYR Y 101 15.85 116.43 -64.48
N LEU Y 102 15.34 117.65 -64.26
CA LEU Y 102 15.33 118.67 -65.29
C LEU Y 102 15.27 120.03 -64.61
N GLN Y 103 16.24 120.88 -64.91
CA GLN Y 103 16.34 122.20 -64.28
C GLN Y 103 16.38 123.28 -65.34
N LEU Y 104 15.66 124.37 -65.09
CA LEU Y 104 15.60 125.51 -65.99
C LEU Y 104 16.15 126.74 -65.29
N VAL Y 105 17.03 127.47 -65.97
CA VAL Y 105 17.67 128.66 -65.43
C VAL Y 105 17.25 129.87 -66.25
N LEU Y 106 16.73 130.90 -65.58
CA LEU Y 106 16.27 132.12 -66.23
C LEU Y 106 17.19 133.27 -65.84
N THR Y 107 17.66 134.01 -66.85
CA THR Y 107 18.56 135.13 -66.63
C THR Y 107 18.06 136.35 -67.36
N SER Y 108 18.15 137.51 -66.71
CA SER Y 108 17.81 138.79 -67.33
C SER Y 108 19.07 139.38 -67.96
N ASN Y 109 18.96 139.80 -69.22
CA ASN Y 109 20.09 140.21 -70.04
C ASN Y 109 19.80 141.51 -70.78
N ALA Y 110 18.54 141.93 -70.83
CA ALA Y 110 18.12 143.03 -71.69
C ALA Y 110 18.97 144.29 -71.47
N SER Y 111 19.51 144.48 -70.26
CA SER Y 111 20.54 145.48 -70.00
C SER Y 111 21.91 144.88 -70.28
N SER Y 112 22.63 145.47 -71.23
CA SER Y 112 23.94 144.96 -71.59
C SER Y 112 24.94 145.09 -70.46
N THR Y 113 24.68 145.93 -69.47
CA THR Y 113 25.58 146.11 -68.34
C THR Y 113 25.26 145.20 -67.16
N VAL Y 114 24.00 144.83 -66.98
CA VAL Y 114 23.55 144.06 -65.82
C VAL Y 114 22.93 142.75 -66.31
N GLU Y 115 23.70 141.67 -66.26
CA GLU Y 115 23.18 140.32 -66.46
C GLU Y 115 22.91 139.70 -65.11
N GLU Y 116 21.70 139.17 -64.92
CA GLU Y 116 21.32 138.55 -63.65
C GLU Y 116 20.47 137.32 -63.87
N THR Y 117 20.82 136.24 -63.18
CA THR Y 117 19.96 135.07 -63.08
C THR Y 117 18.92 135.29 -61.99
N LYS Y 118 17.65 135.08 -62.33
CA LYS Y 118 16.55 135.41 -61.43
C LYS Y 118 15.93 134.21 -60.73
N ALA Y 119 15.79 133.07 -61.41
CA ALA Y 119 15.14 131.92 -60.78
C ALA Y 119 15.67 130.64 -61.40
N VAL Y 120 15.51 129.55 -60.64
CA VAL Y 120 15.83 128.20 -61.11
C VAL Y 120 14.60 127.34 -60.86
N LEU Y 121 14.13 126.68 -61.91
CA LEU Y 121 12.96 125.82 -61.82
C LEU Y 121 13.36 124.36 -61.99
N SER Y 122 12.61 123.48 -61.33
CA SER Y 122 12.90 122.05 -61.37
C SER Y 122 11.59 121.29 -61.25
N LEU Y 123 11.67 119.98 -61.48
CA LEU Y 123 10.48 119.13 -61.41
C LEU Y 123 9.98 118.95 -59.97
N LYS Y 124 10.85 119.16 -58.98
CA LYS Y 124 10.45 119.04 -57.59
C LYS Y 124 9.95 120.36 -57.00
N LYS Y 125 10.48 121.49 -57.48
CA LYS Y 125 10.04 122.82 -57.06
C LYS Y 125 9.74 123.63 -58.31
N PRO Y 126 8.52 123.50 -58.85
CA PRO Y 126 8.23 124.07 -60.17
C PRO Y 126 7.99 125.56 -60.20
N SER Y 127 7.77 126.21 -59.06
CA SER Y 127 7.31 127.60 -59.03
C SER Y 127 8.38 128.50 -58.42
N ALA Y 128 8.41 129.75 -58.88
CA ALA Y 128 9.33 130.75 -58.37
C ALA Y 128 8.73 132.13 -58.57
N VAL Y 129 9.23 133.09 -57.81
CA VAL Y 129 8.78 134.48 -57.86
C VAL Y 129 9.98 135.37 -58.14
N ILE Y 130 9.85 136.25 -59.13
CA ILE Y 130 10.94 137.12 -59.56
C ILE Y 130 10.46 138.56 -59.55
N ILE Y 131 11.43 139.49 -59.56
CA ILE Y 131 11.18 140.92 -59.52
C ILE Y 131 11.88 141.57 -60.70
N LEU Y 132 11.15 142.42 -61.43
CA LEU Y 132 11.72 143.22 -62.50
C LEU Y 132 11.59 144.69 -62.13
N ASP Y 133 12.69 145.43 -62.24
CA ASP Y 133 12.73 146.83 -61.80
C ASP Y 133 13.29 147.76 -62.87
N ASN Y 134 13.58 149.00 -62.48
CA ASN Y 134 14.01 150.02 -63.44
C ASN Y 134 15.27 149.60 -64.19
N ASP Y 135 16.16 148.86 -63.55
CA ASP Y 135 17.40 148.45 -64.22
C ASP Y 135 17.14 147.44 -65.34
N ASP Y 136 16.14 146.56 -65.16
CA ASP Y 136 15.90 145.53 -66.15
C ASP Y 136 15.30 146.11 -67.42
N TYR Y 137 14.42 147.10 -67.29
CA TYR Y 137 13.69 147.64 -68.43
C TYR Y 137 14.58 148.46 -69.35
N SER Y 138 15.49 147.80 -70.05
CA SER Y 138 16.29 148.46 -71.06
C SER Y 138 15.46 148.71 -72.32
N SER Y 139 15.85 149.73 -73.07
CA SER Y 139 15.06 150.31 -74.17
C SER Y 139 13.71 150.82 -73.68
N THR Y 140 13.50 150.85 -72.37
CA THR Y 140 12.35 151.44 -71.69
C THR Y 140 11.04 150.69 -71.96
N ASN Y 141 11.09 149.62 -72.78
CA ASN Y 141 9.86 149.00 -73.22
C ASN Y 141 9.82 147.48 -73.19
N LYS Y 142 10.95 146.79 -72.96
CA LYS Y 142 10.91 145.33 -73.10
C LYS Y 142 11.93 144.65 -72.19
N ILE Y 143 11.62 143.41 -71.85
CA ILE Y 143 12.49 142.50 -71.09
C ILE Y 143 12.83 141.31 -71.97
N GLN Y 144 14.10 140.90 -71.93
CA GLN Y 144 14.57 139.71 -72.66
C GLN Y 144 15.09 138.71 -71.64
N LEU Y 145 14.56 137.48 -71.68
CA LEU Y 145 14.93 136.41 -70.77
C LEU Y 145 15.15 135.13 -71.56
N LYS Y 146 16.38 134.62 -71.57
CA LYS Y 146 16.65 133.32 -72.15
C LYS Y 146 16.55 132.21 -71.11
N VAL Y 147 16.37 130.99 -71.59
CA VAL Y 147 16.13 129.81 -70.77
C VAL Y 147 17.33 128.89 -70.87
N GLU Y 148 17.79 128.39 -69.73
CA GLU Y 148 18.91 127.46 -69.71
C GLU Y 148 18.46 126.16 -69.08
N ALA Y 149 18.77 125.04 -69.72
CA ALA Y 149 18.26 123.73 -69.32
C ALA Y 149 19.40 122.78 -68.99
N TYR Y 150 19.21 122.02 -67.91
CA TYR Y 150 20.07 120.91 -67.54
C TYR Y 150 19.18 119.69 -67.33
N TYR Y 151 19.63 118.53 -67.80
CA TYR Y 151 18.73 117.38 -67.85
C TYR Y 151 19.51 116.08 -67.82
N GLU Y 152 18.81 115.01 -67.46
CA GLU Y 152 19.27 113.64 -67.64
C GLU Y 152 18.07 112.79 -68.02
N ALA Y 153 18.18 112.09 -69.15
CA ALA Y 153 17.07 111.31 -69.68
C ALA Y 153 16.99 109.94 -69.01
N LYS Y 154 15.78 109.38 -69.00
CA LYS Y 154 15.57 108.05 -68.46
C LYS Y 154 16.24 107.00 -69.33
N GLU Y 155 16.61 105.88 -68.70
CA GLU Y 155 17.34 104.82 -69.39
C GLU Y 155 16.39 104.03 -70.29
N GLY Y 156 16.71 103.97 -71.57
CA GLY Y 156 15.98 103.12 -72.49
C GLY Y 156 14.61 103.63 -72.88
N MET Y 157 14.34 104.92 -72.76
CA MET Y 157 13.04 105.49 -73.10
C MET Y 157 13.16 106.27 -74.40
N LEU Y 158 12.28 105.96 -75.35
CA LEU Y 158 12.27 106.63 -76.66
C LEU Y 158 10.93 107.30 -76.87
N PHE Y 159 10.98 108.51 -77.41
CA PHE Y 159 9.77 109.31 -77.60
C PHE Y 159 10.09 110.45 -78.56
N ASP Y 160 9.03 111.14 -78.99
CA ASP Y 160 9.18 112.30 -79.86
C ASP Y 160 7.94 113.18 -79.72
N SER Y 161 8.10 114.45 -80.09
CA SER Y 161 7.01 115.43 -80.09
C SER Y 161 6.40 115.58 -78.68
N LEU Y 162 7.24 115.94 -77.71
CA LEU Y 162 6.80 116.16 -76.35
C LEU Y 162 6.95 117.63 -75.99
N PRO Y 163 5.87 118.32 -75.64
CA PRO Y 163 5.96 119.76 -75.37
C PRO Y 163 6.31 120.08 -73.92
N VAL Y 164 6.95 121.23 -73.74
CA VAL Y 164 7.26 121.80 -72.43
C VAL Y 164 6.57 123.16 -72.35
N ILE Y 165 5.82 123.38 -71.28
CA ILE Y 165 4.94 124.54 -71.16
C ILE Y 165 5.32 125.32 -69.91
N LEU Y 166 5.38 126.65 -70.04
CA LEU Y 166 5.60 127.56 -68.93
C LEU Y 166 4.46 128.55 -68.86
N ASN Y 167 4.11 128.96 -67.64
CA ASN Y 167 2.98 129.86 -67.41
C ASN Y 167 3.43 131.08 -66.62
N PHE Y 168 2.79 132.21 -66.88
CA PHE Y 168 3.09 133.47 -66.21
C PHE Y 168 1.83 134.03 -65.56
N GLN Y 169 1.98 134.60 -64.37
CA GLN Y 169 0.88 135.24 -63.67
C GLN Y 169 1.40 136.50 -62.97
N VAL Y 170 0.63 137.57 -63.07
CA VAL Y 170 0.99 138.86 -62.48
C VAL Y 170 0.40 138.94 -61.08
N LEU Y 171 1.24 139.26 -60.10
CA LEU Y 171 0.81 139.39 -58.72
C LEU Y 171 0.62 140.84 -58.29
N SER Y 172 1.47 141.76 -58.76
CA SER Y 172 1.36 143.16 -58.40
C SER Y 172 2.15 143.99 -59.41
N VAL Y 173 1.62 145.16 -59.75
CA VAL Y 173 2.28 146.09 -60.66
C VAL Y 173 2.17 147.49 -60.08
N SER Y 174 3.20 148.30 -60.33
CA SER Y 174 3.22 149.68 -59.85
C SER Y 174 4.00 150.58 -60.79
N THR Z 26 -61.91 182.11 -64.49
CA THR Z 26 -61.17 181.83 -63.26
C THR Z 26 -60.76 180.37 -63.21
N THR Z 27 -59.60 180.06 -63.79
CA THR Z 27 -59.10 178.69 -63.87
C THR Z 27 -57.74 178.61 -63.17
N GLN Z 28 -57.56 177.58 -62.35
CA GLN Z 28 -56.31 177.36 -61.63
C GLN Z 28 -55.55 176.23 -62.31
N SER Z 29 -54.30 176.51 -62.69
CA SER Z 29 -53.53 175.52 -63.43
C SER Z 29 -52.45 174.89 -62.56
N PRO Z 30 -52.17 173.59 -62.75
CA PRO Z 30 -51.11 172.95 -61.98
C PRO Z 30 -49.71 173.18 -62.54
N LEU Z 31 -49.60 173.57 -63.81
CA LEU Z 31 -48.32 173.97 -64.42
C LEU Z 31 -47.32 172.80 -64.44
N ASN Z 32 -47.79 171.63 -64.90
CA ASN Z 32 -46.93 170.47 -65.02
C ASN Z 32 -47.21 169.67 -66.29
N SER Z 33 -47.82 170.29 -67.29
CA SER Z 33 -48.19 169.60 -68.53
C SER Z 33 -47.13 169.82 -69.61
N PHE Z 34 -45.91 169.33 -69.33
CA PHE Z 34 -44.81 169.42 -70.28
C PHE Z 34 -44.04 168.11 -70.29
N TYR Z 35 -43.70 167.63 -71.48
CA TYR Z 35 -43.04 166.33 -71.61
C TYR Z 35 -42.08 166.36 -72.79
N ALA Z 36 -41.12 165.42 -72.75
CA ALA Z 36 -40.18 165.19 -73.84
C ALA Z 36 -39.84 163.70 -73.84
N THR Z 37 -39.66 163.13 -75.03
CA THR Z 37 -39.57 161.68 -75.18
C THR Z 37 -38.39 161.29 -76.06
N GLY Z 38 -37.69 160.23 -75.66
CA GLY Z 38 -36.65 159.62 -76.48
C GLY Z 38 -36.85 158.12 -76.61
N THR Z 39 -35.88 157.41 -77.19
CA THR Z 39 -36.01 155.98 -77.41
C THR Z 39 -34.64 155.32 -77.26
N ALA Z 40 -34.67 154.00 -77.05
CA ALA Z 40 -33.46 153.20 -76.95
C ALA Z 40 -33.77 151.77 -77.38
N GLN Z 41 -32.73 151.02 -77.73
CA GLN Z 41 -32.91 149.66 -78.20
C GLN Z 41 -31.58 148.90 -78.10
N ALA Z 42 -31.69 147.58 -78.18
CA ALA Z 42 -30.52 146.69 -78.25
C ALA Z 42 -30.97 145.38 -78.86
N VAL Z 43 -30.56 145.11 -80.09
CA VAL Z 43 -31.14 144.02 -80.88
C VAL Z 43 -30.08 143.07 -81.44
N GLN Z 44 -28.92 142.96 -80.79
CA GLN Z 44 -27.91 142.02 -81.26
C GLN Z 44 -27.00 141.61 -80.11
N GLU Z 45 -26.42 140.41 -80.24
CA GLU Z 45 -25.50 139.86 -79.27
C GLU Z 45 -24.10 140.46 -79.44
N PRO Z 46 -23.31 140.51 -78.36
CA PRO Z 46 -22.01 141.21 -78.44
C PRO Z 46 -21.06 140.66 -79.49
N ILE Z 47 -21.01 139.34 -79.69
CA ILE Z 47 -20.01 138.74 -80.55
C ILE Z 47 -20.66 137.78 -81.54
N ASP Z 48 -19.93 137.49 -82.62
CA ASP Z 48 -20.30 136.48 -83.60
C ASP Z 48 -19.07 135.61 -83.85
N VAL Z 49 -19.29 134.31 -83.99
CA VAL Z 49 -18.20 133.34 -84.07
C VAL Z 49 -18.36 132.51 -85.34
N GLU Z 50 -17.27 132.37 -86.10
CA GLU Z 50 -17.26 131.57 -87.32
C GLU Z 50 -16.04 130.65 -87.29
N SER Z 51 -16.22 129.42 -87.78
CA SER Z 51 -15.21 128.37 -87.67
C SER Z 51 -14.62 128.05 -89.03
N HIS Z 52 -13.31 127.76 -89.04
CA HIS Z 52 -12.60 127.35 -90.24
C HIS Z 52 -11.62 126.22 -89.93
N LEU Z 53 -12.05 125.24 -89.15
CA LEU Z 53 -11.21 124.10 -88.79
C LEU Z 53 -11.37 123.04 -89.88
N ASP Z 54 -10.47 123.06 -90.85
CA ASP Z 54 -10.54 122.19 -92.03
C ASP Z 54 -9.28 121.34 -92.18
N ASN Z 55 -8.80 120.76 -91.08
CA ASN Z 55 -7.72 119.79 -91.13
C ASN Z 55 -8.07 118.60 -90.26
N THR Z 56 -7.56 117.44 -90.62
CA THR Z 56 -7.91 116.18 -89.97
C THR Z 56 -6.68 115.58 -89.30
N ILE Z 57 -6.83 115.19 -88.04
CA ILE Z 57 -5.80 114.44 -87.33
C ILE Z 57 -5.87 113.01 -87.82
N ALA Z 58 -4.93 112.61 -88.67
CA ALA Z 58 -4.94 111.29 -89.31
C ALA Z 58 -3.60 110.61 -89.12
N PRO Z 59 -3.32 110.11 -87.91
CA PRO Z 59 -2.12 109.30 -87.70
C PRO Z 59 -2.41 107.81 -87.86
N ALA Z 60 -1.36 107.02 -87.79
CA ALA Z 60 -1.52 105.57 -87.73
C ALA Z 60 -1.91 105.15 -86.31
N ALA Z 61 -2.32 103.89 -86.18
CA ALA Z 61 -2.77 103.39 -84.89
C ALA Z 61 -1.59 103.31 -83.92
N GLY Z 62 -1.75 103.95 -82.76
CA GLY Z 62 -0.74 103.92 -81.72
C GLY Z 62 0.43 104.86 -81.91
N ALA Z 63 0.34 105.78 -82.87
CA ALA Z 63 1.45 106.68 -83.19
C ALA Z 63 1.39 107.95 -82.35
N GLN Z 64 2.54 108.58 -82.19
CA GLN Z 64 2.66 109.87 -81.51
C GLN Z 64 2.92 110.94 -82.57
N GLY Z 65 2.15 112.02 -82.52
CA GLY Z 65 2.18 112.96 -83.63
C GLY Z 65 2.18 114.43 -83.29
N TYR Z 66 1.97 115.26 -84.31
CA TYR Z 66 2.07 116.72 -84.21
C TYR Z 66 1.33 117.33 -85.40
N LYS Z 67 0.28 118.10 -85.13
CA LYS Z 67 -0.62 118.53 -86.20
C LYS Z 67 -1.23 119.88 -85.86
N ASP Z 68 -1.54 120.64 -86.90
CA ASP Z 68 -2.31 121.88 -86.79
C ASP Z 68 -3.66 121.68 -87.47
N MET Z 69 -4.64 122.52 -87.10
CA MET Z 69 -6.03 122.28 -87.49
C MET Z 69 -6.62 123.39 -88.36
N GLY Z 70 -6.51 124.64 -87.94
CA GLY Z 70 -7.15 125.74 -88.64
C GLY Z 70 -7.22 126.96 -87.73
N TYR Z 71 -8.20 127.82 -88.00
CA TYR Z 71 -8.36 129.03 -87.21
C TYR Z 71 -9.84 129.38 -87.08
N VAL Z 72 -10.15 130.21 -86.09
CA VAL Z 72 -11.51 130.60 -85.76
C VAL Z 72 -11.59 132.12 -85.72
N LYS Z 73 -12.67 132.67 -86.27
CA LYS Z 73 -12.88 134.11 -86.35
C LYS Z 73 -13.92 134.57 -85.35
N ILE Z 74 -13.64 135.69 -84.68
CA ILE Z 74 -14.54 136.30 -83.71
C ILE Z 74 -14.80 137.73 -84.15
N ILE Z 75 -16.07 138.14 -84.13
CA ILE Z 75 -16.48 139.47 -84.57
C ILE Z 75 -17.12 140.21 -83.40
N ASN Z 76 -16.70 141.45 -83.19
CA ASN Z 76 -17.14 142.28 -82.08
C ASN Z 76 -17.87 143.52 -82.58
N TYR Z 77 -18.91 143.91 -81.85
CA TYR Z 77 -19.94 144.84 -82.33
C TYR Z 77 -19.94 146.13 -81.50
N THR Z 78 -20.98 146.95 -81.73
CA THR Z 78 -20.99 148.33 -81.30
C THR Z 78 -20.76 148.47 -79.79
N ASP Z 79 -19.90 149.42 -79.42
CA ASP Z 79 -19.63 149.80 -78.04
C ASP Z 79 -19.03 148.66 -77.22
N VAL Z 80 -18.32 147.75 -77.88
CA VAL Z 80 -17.66 146.63 -77.23
C VAL Z 80 -16.15 146.87 -77.29
N ASN Z 81 -15.48 146.73 -76.15
CA ASN Z 81 -14.04 146.93 -76.09
C ASN Z 81 -13.29 145.74 -75.51
N VAL Z 82 -13.83 145.08 -74.49
CA VAL Z 82 -13.17 143.96 -73.83
C VAL Z 82 -14.17 142.85 -73.66
N VAL Z 83 -13.76 141.62 -73.97
CA VAL Z 83 -14.61 140.44 -73.89
C VAL Z 83 -13.91 139.38 -73.05
N LYS Z 84 -14.66 138.77 -72.14
CA LYS Z 84 -14.19 137.64 -71.34
C LYS Z 84 -14.89 136.38 -71.82
N LEU Z 85 -14.11 135.34 -72.12
CA LEU Z 85 -14.63 134.14 -72.74
C LEU Z 85 -14.21 132.90 -71.96
N LYS Z 86 -15.02 131.85 -72.09
CA LYS Z 86 -14.71 130.54 -71.53
C LYS Z 86 -14.82 129.50 -72.63
N VAL Z 87 -13.76 128.71 -72.80
CA VAL Z 87 -13.68 127.70 -73.85
C VAL Z 87 -13.53 126.33 -73.21
N THR Z 88 -14.31 125.37 -73.70
CA THR Z 88 -14.32 124.02 -73.15
C THR Z 88 -14.46 123.01 -74.26
N LEU Z 89 -14.09 121.76 -73.95
CA LEU Z 89 -14.25 120.63 -74.85
C LEU Z 89 -15.57 119.97 -74.54
N ALA Z 90 -16.50 120.02 -75.51
CA ALA Z 90 -17.87 119.56 -75.26
C ALA Z 90 -17.96 118.04 -75.21
N ASN Z 91 -17.19 117.34 -76.05
CA ASN Z 91 -17.32 115.89 -76.17
C ASN Z 91 -16.04 115.19 -75.71
N ALA Z 92 -15.48 115.62 -74.58
CA ALA Z 92 -14.27 115.00 -74.07
C ALA Z 92 -14.51 113.56 -73.64
N ALA Z 93 -15.71 113.27 -73.12
CA ALA Z 93 -16.01 111.92 -72.66
C ALA Z 93 -16.00 110.93 -73.82
N GLN Z 94 -16.52 111.34 -74.98
CA GLN Z 94 -16.55 110.46 -76.14
C GLN Z 94 -15.14 110.17 -76.66
N LEU Z 95 -14.24 111.13 -76.57
CA LEU Z 95 -12.89 110.99 -77.11
C LEU Z 95 -11.96 110.22 -76.19
N ARG Z 96 -12.36 109.96 -74.94
CA ARG Z 96 -11.46 109.27 -74.02
C ARG Z 96 -11.05 107.87 -74.48
N PRO Z 97 -11.95 106.98 -74.94
CA PRO Z 97 -11.50 105.63 -75.32
C PRO Z 97 -10.57 105.60 -76.53
N TYR Z 98 -10.45 106.70 -77.27
CA TYR Z 98 -9.67 106.70 -78.50
C TYR Z 98 -8.27 107.29 -78.33
N PHE Z 99 -7.97 107.95 -77.22
CA PHE Z 99 -6.71 108.64 -77.05
C PHE Z 99 -6.14 108.40 -75.65
N LYS Z 100 -4.82 108.27 -75.58
CA LYS Z 100 -4.15 108.31 -74.29
C LYS Z 100 -4.06 109.75 -73.77
N TYR Z 101 -3.76 110.70 -74.66
CA TYR Z 101 -3.77 112.11 -74.29
C TYR Z 101 -3.98 112.95 -75.55
N LEU Z 102 -4.51 114.15 -75.36
CA LEU Z 102 -4.77 115.08 -76.45
C LEU Z 102 -4.79 116.49 -75.89
N GLN Z 103 -3.93 117.35 -76.44
CA GLN Z 103 -3.80 118.72 -75.95
C GLN Z 103 -4.00 119.70 -77.09
N LEU Z 104 -4.73 120.78 -76.81
CA LEU Z 104 -5.01 121.82 -77.78
C LEU Z 104 -4.41 123.13 -77.29
N VAL Z 105 -3.72 123.83 -78.20
CA VAL Z 105 -3.04 125.09 -77.88
C VAL Z 105 -3.68 126.19 -78.72
N LEU Z 106 -4.13 127.26 -78.06
CA LEU Z 106 -4.77 128.40 -78.71
C LEU Z 106 -3.86 129.62 -78.61
N THR Z 107 -3.62 130.26 -79.74
CA THR Z 107 -2.76 131.44 -79.79
C THR Z 107 -3.46 132.57 -80.53
N SER Z 108 -3.31 133.79 -80.01
CA SER Z 108 -3.84 134.98 -80.66
C SER Z 108 -2.74 135.55 -81.56
N ASN Z 109 -3.10 135.85 -82.81
CA ASN Z 109 -2.14 136.22 -83.85
C ASN Z 109 -2.64 137.43 -84.64
N ALA Z 110 -3.92 137.80 -84.49
CA ALA Z 110 -4.55 138.80 -85.36
C ALA Z 110 -3.75 140.10 -85.41
N SER Z 111 -3.01 140.43 -84.35
CA SER Z 111 -2.01 141.49 -84.37
C SER Z 111 -0.69 140.92 -84.83
N SER Z 112 -0.17 141.45 -85.95
CA SER Z 112 1.08 140.95 -86.51
C SER Z 112 2.27 141.22 -85.59
N THR Z 113 2.13 142.15 -84.64
CA THR Z 113 3.21 142.47 -83.72
C THR Z 113 3.15 141.66 -82.42
N VAL Z 114 1.96 141.27 -81.99
CA VAL Z 114 1.78 140.60 -80.71
C VAL Z 114 1.15 139.23 -80.96
N GLU Z 115 1.98 138.18 -80.95
CA GLU Z 115 1.51 136.80 -80.94
C GLU Z 115 1.53 136.30 -79.50
N GLU Z 116 0.40 135.75 -79.05
CA GLU Z 116 0.30 135.25 -77.68
C GLU Z 116 -0.51 133.96 -77.63
N THR Z 117 0.02 132.97 -76.92
CA THR Z 117 -0.75 131.78 -76.57
C THR Z 117 -1.58 132.06 -75.33
N LYS Z 118 -2.88 131.77 -75.40
CA LYS Z 118 -3.82 132.14 -74.35
C LYS Z 118 -4.24 130.99 -73.45
N ALA Z 119 -4.43 129.79 -73.98
CA ALA Z 119 -4.89 128.69 -73.16
C ALA Z 119 -4.41 127.37 -73.74
N VAL Z 120 -4.36 126.35 -72.88
CA VAL Z 120 -4.06 124.98 -73.27
C VAL Z 120 -5.17 124.09 -72.73
N LEU Z 121 -5.79 123.31 -73.61
CA LEU Z 121 -6.88 122.42 -73.24
C LEU Z 121 -6.43 120.97 -73.35
N SER Z 122 -6.99 120.13 -72.48
CA SER Z 122 -6.64 118.72 -72.45
C SER Z 122 -7.86 117.92 -72.02
N LEU Z 123 -7.75 116.59 -72.16
CA LEU Z 123 -8.86 115.71 -71.79
C LEU Z 123 -9.07 115.65 -70.28
N LYS Z 124 -8.06 116.00 -69.48
CA LYS Z 124 -8.20 115.99 -68.03
C LYS Z 124 -8.65 117.35 -67.48
N LYS Z 125 -8.29 118.43 -68.15
CA LYS Z 125 -8.71 119.79 -67.77
C LYS Z 125 -9.28 120.45 -69.02
N PRO Z 126 -10.56 120.23 -69.30
CA PRO Z 126 -11.12 120.66 -70.60
C PRO Z 126 -11.45 122.13 -70.71
N SER Z 127 -11.50 122.88 -69.61
CA SER Z 127 -12.01 124.24 -69.61
C SER Z 127 -10.91 125.24 -69.30
N ALA Z 128 -11.03 126.44 -69.86
CA ALA Z 128 -10.09 127.52 -69.61
C ALA Z 128 -10.80 128.85 -69.82
N VAL Z 129 -10.22 129.90 -69.26
CA VAL Z 129 -10.76 131.26 -69.35
C VAL Z 129 -9.68 132.17 -69.92
N ILE Z 130 -10.03 132.94 -70.95
CA ILE Z 130 -9.09 133.80 -71.64
C ILE Z 130 -9.64 135.22 -71.66
N ILE Z 131 -8.74 136.17 -71.94
CA ILE Z 131 -9.06 137.59 -71.98
C ILE Z 131 -8.61 138.16 -73.32
N LEU Z 132 -9.51 138.89 -73.98
CA LEU Z 132 -9.19 139.62 -75.20
C LEU Z 132 -9.34 141.11 -74.95
N ASP Z 133 -8.31 141.88 -75.32
CA ASP Z 133 -8.28 143.30 -75.02
C ASP Z 133 -7.98 144.16 -76.24
N ASN Z 134 -7.69 145.44 -76.03
CA ASN Z 134 -7.49 146.38 -77.13
C ASN Z 134 -6.38 145.93 -78.07
N ASP Z 135 -5.34 145.29 -77.55
CA ASP Z 135 -4.22 144.88 -78.39
C ASP Z 135 -4.61 143.76 -79.34
N ASP Z 136 -5.51 142.86 -78.91
CA ASP Z 136 -5.88 141.72 -79.75
C ASP Z 136 -6.73 142.15 -80.93
N TYR Z 137 -7.62 143.13 -80.73
CA TYR Z 137 -8.58 143.52 -81.76
C TYR Z 137 -7.92 144.28 -82.89
N SER Z 138 -7.10 143.59 -83.69
CA SER Z 138 -6.54 144.18 -84.89
C SER Z 138 -7.60 144.28 -85.98
N SER Z 139 -7.40 145.24 -86.89
CA SER Z 139 -8.41 145.66 -87.86
C SER Z 139 -9.67 146.18 -87.18
N THR Z 140 -9.64 146.33 -85.86
CA THR Z 140 -10.69 146.92 -85.03
C THR Z 140 -11.98 146.10 -85.00
N ASN Z 141 -12.02 144.97 -85.71
CA ASN Z 141 -13.28 144.25 -85.86
C ASN Z 141 -13.21 142.74 -85.69
N LYS Z 142 -12.04 142.12 -85.62
CA LYS Z 142 -12.01 140.66 -85.61
C LYS Z 142 -10.81 140.12 -84.86
N ILE Z 143 -10.98 138.90 -84.35
CA ILE Z 143 -9.94 138.11 -83.69
C ILE Z 143 -9.69 136.85 -84.51
N GLN Z 144 -8.43 136.49 -84.67
CA GLN Z 144 -8.03 135.26 -85.36
C GLN Z 144 -7.27 134.38 -84.37
N LEU Z 145 -7.72 133.14 -84.21
CA LEU Z 145 -7.13 132.17 -83.29
C LEU Z 145 -7.00 130.84 -83.99
N LYS Z 146 -5.77 130.37 -84.19
CA LYS Z 146 -5.53 129.03 -84.69
C LYS Z 146 -5.38 128.03 -83.56
N VAL Z 147 -5.58 126.76 -83.88
CA VAL Z 147 -5.60 125.66 -82.93
C VAL Z 147 -4.38 124.78 -83.17
N GLU Z 148 -3.69 124.41 -82.10
CA GLU Z 148 -2.53 123.53 -82.20
C GLU Z 148 -2.80 122.28 -81.38
N ALA Z 149 -2.54 121.11 -81.97
CA ALA Z 149 -2.90 119.83 -81.37
C ALA Z 149 -1.66 118.97 -81.17
N TYR Z 150 -1.61 118.31 -80.01
CA TYR Z 150 -0.63 117.26 -79.71
C TYR Z 150 -1.40 116.04 -79.22
N TYR Z 151 -0.99 114.86 -79.69
CA TYR Z 151 -1.81 113.68 -79.46
C TYR Z 151 -0.97 112.42 -79.46
N GLU Z 152 -1.53 111.36 -78.89
CA GLU Z 152 -1.03 110.00 -79.02
C GLU Z 152 -2.23 109.07 -79.11
N ALA Z 153 -2.29 108.27 -80.17
CA ALA Z 153 -3.43 107.40 -80.41
C ALA Z 153 -3.31 106.10 -79.63
N LYS Z 154 -4.46 105.50 -79.34
CA LYS Z 154 -4.50 104.22 -78.65
C LYS Z 154 -3.94 103.11 -79.54
N GLU Z 155 -3.40 102.08 -78.89
CA GLU Z 155 -2.75 100.98 -79.60
C GLU Z 155 -3.79 100.08 -80.24
N GLY Z 156 -3.71 99.89 -81.55
CA GLY Z 156 -4.55 98.94 -82.25
C GLY Z 156 -5.99 99.35 -82.41
N MET Z 157 -6.30 100.64 -82.36
CA MET Z 157 -7.68 101.12 -82.50
C MET Z 157 -7.83 101.78 -83.86
N LEU Z 158 -8.85 101.35 -84.61
CA LEU Z 158 -9.13 101.87 -85.94
C LEU Z 158 -10.53 102.47 -85.96
N PHE Z 159 -10.65 103.63 -86.61
CA PHE Z 159 -11.91 104.36 -86.65
C PHE Z 159 -11.84 105.41 -87.75
N ASP Z 160 -12.99 106.02 -88.02
CA ASP Z 160 -13.06 107.09 -89.01
C ASP Z 160 -14.30 107.93 -88.72
N SER Z 161 -14.29 109.17 -89.23
CA SER Z 161 -15.41 110.10 -89.10
C SER Z 161 -15.77 110.35 -87.64
N LEU Z 162 -14.79 110.84 -86.87
CA LEU Z 162 -14.98 111.17 -85.47
C LEU Z 162 -14.86 112.67 -85.27
N PRO Z 163 -15.89 113.36 -84.79
CA PRO Z 163 -15.84 114.82 -84.67
C PRO Z 163 -15.26 115.28 -83.35
N VAL Z 164 -14.66 116.47 -83.40
CA VAL Z 164 -14.16 117.18 -82.21
C VAL Z 164 -14.88 118.51 -82.13
N ILE Z 165 -15.45 118.80 -80.96
CA ILE Z 165 -16.36 119.93 -80.78
C ILE Z 165 -15.80 120.85 -79.70
N LEU Z 166 -15.83 122.15 -79.97
CA LEU Z 166 -15.47 123.18 -79.00
C LEU Z 166 -16.65 124.13 -78.80
N ASN Z 167 -16.79 124.64 -77.58
CA ASN Z 167 -17.91 125.50 -77.23
C ASN Z 167 -17.39 126.82 -76.64
N PHE Z 168 -18.13 127.90 -76.87
CA PHE Z 168 -17.79 129.22 -76.38
C PHE Z 168 -18.94 129.79 -75.58
N GLN Z 169 -18.61 130.48 -74.49
CA GLN Z 169 -19.60 131.14 -73.65
C GLN Z 169 -19.04 132.47 -73.17
N VAL Z 170 -19.87 133.51 -73.22
CA VAL Z 170 -19.49 134.86 -72.82
C VAL Z 170 -19.81 135.05 -71.35
N LEU Z 171 -18.82 135.50 -70.57
CA LEU Z 171 -19.02 135.75 -69.16
C LEU Z 171 -19.21 137.22 -68.83
N SER Z 172 -18.51 138.12 -69.52
CA SER Z 172 -18.63 139.55 -69.28
C SER Z 172 -18.08 140.31 -70.48
N VAL Z 173 -18.72 141.41 -70.82
CA VAL Z 173 -18.29 142.28 -71.91
C VAL Z 173 -18.38 143.72 -71.44
N SER Z 174 -17.46 144.54 -71.95
CA SER Z 174 -17.43 145.95 -71.60
C SER Z 174 -16.87 146.79 -72.76
N THR AA 26 -84.06 175.21 -67.02
CA THR AA 26 -83.09 175.07 -65.92
C THR AA 26 -82.60 173.63 -65.83
N THR AA 27 -81.54 173.31 -66.57
CA THR AA 27 -80.99 171.97 -66.62
C THR AA 27 -79.52 172.01 -66.18
N GLN AA 28 -79.14 171.08 -65.31
CA GLN AA 28 -77.78 170.97 -64.82
C GLN AA 28 -77.08 169.82 -65.53
N SER AA 29 -75.94 170.10 -66.15
CA SER AA 29 -75.26 169.09 -66.94
C SER AA 29 -74.01 168.58 -66.24
N PRO AA 30 -73.71 167.28 -66.35
CA PRO AA 30 -72.48 166.76 -65.73
C PRO AA 30 -71.23 166.99 -66.56
N LEU AA 31 -71.36 167.26 -67.86
CA LEU AA 31 -70.23 167.64 -68.73
C LEU AA 31 -69.20 166.52 -68.83
N ASN AA 32 -69.68 165.30 -69.09
CA ASN AA 32 -68.78 164.16 -69.26
C ASN AA 32 -69.24 163.23 -70.38
N SER AA 33 -70.05 163.73 -71.30
CA SER AA 33 -70.59 162.91 -72.39
C SER AA 33 -69.76 163.06 -73.66
N PHE AA 34 -68.49 162.66 -73.57
CA PHE AA 34 -67.59 162.70 -74.71
C PHE AA 34 -66.75 161.43 -74.75
N TYR AA 35 -66.61 160.84 -75.93
CA TYR AA 35 -65.91 159.57 -76.07
C TYR AA 35 -65.17 159.51 -77.40
N ALA AA 36 -64.18 158.62 -77.45
CA ALA AA 36 -63.44 158.31 -78.67
C ALA AA 36 -63.03 156.86 -78.60
N THR AA 37 -63.03 156.18 -79.75
CA THR AA 37 -62.88 154.73 -79.79
C THR AA 37 -61.86 154.31 -80.84
N GLY AA 38 -61.05 153.31 -80.48
CA GLY AA 38 -60.14 152.67 -81.41
C GLY AA 38 -60.27 151.15 -81.37
N THR AA 39 -59.39 150.44 -82.07
CA THR AA 39 -59.47 148.98 -82.13
C THR AA 39 -58.07 148.39 -82.17
N ALA AA 40 -57.98 147.10 -81.84
CA ALA AA 40 -56.72 146.36 -81.90
C ALA AA 40 -57.03 144.89 -82.14
N GLN AA 41 -56.02 144.15 -82.61
CA GLN AA 41 -56.20 142.74 -82.93
C GLN AA 41 -54.85 142.05 -83.00
N ALA AA 42 -54.89 140.72 -82.94
CA ALA AA 42 -53.70 139.89 -83.14
C ALA AA 42 -54.19 138.50 -83.55
N VAL AA 43 -53.98 138.13 -84.81
CA VAL AA 43 -54.63 136.95 -85.37
C VAL AA 43 -53.63 136.00 -86.03
N GLN AA 44 -52.37 135.99 -85.60
CA GLN AA 44 -51.41 135.05 -86.16
C GLN AA 44 -50.29 134.79 -85.17
N GLU AA 45 -49.68 133.60 -85.30
CA GLU AA 45 -48.57 133.19 -84.46
C GLU AA 45 -47.26 133.83 -84.95
N PRO AA 46 -46.29 134.01 -84.04
CA PRO AA 46 -45.07 134.74 -84.42
C PRO AA 46 -44.30 134.14 -85.58
N ILE AA 47 -44.20 132.81 -85.66
CA ILE AA 47 -43.33 132.16 -86.64
C ILE AA 47 -44.10 131.10 -87.40
N ASP AA 48 -43.56 130.73 -88.55
CA ASP AA 48 -44.05 129.61 -89.36
C ASP AA 48 -42.85 128.77 -89.76
N VAL AA 49 -43.00 127.45 -89.75
CA VAL AA 49 -41.89 126.53 -89.95
C VAL AA 49 -42.23 125.58 -91.08
N GLU AA 50 -41.29 125.40 -92.01
CA GLU AA 50 -41.46 124.49 -93.14
C GLU AA 50 -40.21 123.63 -93.26
N SER AA 51 -40.40 122.35 -93.59
CA SER AA 51 -39.34 121.36 -93.58
C SER AA 51 -38.97 120.92 -94.99
N HIS AA 52 -37.68 120.69 -95.21
CA HIS AA 52 -37.17 120.19 -96.48
C HIS AA 52 -36.08 119.14 -96.26
N LEU AA 53 -36.31 118.22 -95.32
CA LEU AA 53 -35.36 117.14 -95.04
C LEU AA 53 -35.65 115.99 -95.97
N ASP AA 54 -34.94 115.94 -97.10
CA ASP AA 54 -35.18 114.97 -98.16
C ASP AA 54 -33.93 114.16 -98.47
N ASN AA 55 -33.22 113.72 -97.44
CA ASN AA 55 -32.11 112.79 -97.59
C ASN AA 55 -32.23 111.67 -96.56
N THR AA 56 -31.73 110.50 -96.92
CA THR AA 56 -31.88 109.29 -96.11
C THR AA 56 -30.52 108.81 -95.62
N ILE AA 57 -30.42 108.54 -94.32
CA ILE AA 57 -29.24 107.91 -93.75
C ILE AA 57 -29.32 106.43 -94.09
N ALA AA 58 -28.52 105.99 -95.06
CA ALA AA 58 -28.57 104.62 -95.58
C ALA AA 58 -27.18 104.01 -95.57
N PRO AA 59 -26.67 103.64 -94.40
CA PRO AA 59 -25.40 102.91 -94.35
C PRO AA 59 -25.64 101.40 -94.31
N ALA AA 60 -24.54 100.65 -94.36
CA ALA AA 60 -24.60 99.22 -94.15
C ALA AA 60 -24.71 98.92 -92.65
N ALA AA 61 -25.02 97.66 -92.33
CA ALA AA 61 -25.20 97.26 -90.95
C ALA AA 61 -23.87 97.33 -90.21
N GLY AA 62 -23.85 98.08 -89.11
CA GLY AA 62 -22.66 98.17 -88.28
C GLY AA 62 -21.61 99.14 -88.75
N ALA AA 63 -21.90 99.96 -89.76
CA ALA AA 63 -20.93 100.86 -90.34
C ALA AA 63 -20.92 102.21 -89.63
N GLN AA 64 -19.79 102.90 -89.74
CA GLN AA 64 -19.62 104.25 -89.21
C GLN AA 64 -19.62 105.22 -90.39
N GLY AA 65 -20.43 106.27 -90.30
CA GLY AA 65 -20.65 107.10 -91.47
C GLY AA 65 -20.67 108.60 -91.26
N TYR AA 66 -21.11 109.32 -92.30
CA TYR AA 66 -21.08 110.78 -92.35
C TYR AA 66 -22.05 111.25 -93.42
N LYS AA 67 -23.09 111.99 -93.04
CA LYS AA 67 -24.17 112.27 -93.97
C LYS AA 67 -24.80 113.63 -93.64
N ASP AA 68 -25.32 114.28 -94.66
CA ASP AA 68 -26.13 115.49 -94.52
C ASP AA 68 -27.58 115.18 -94.92
N MET AA 69 -28.52 116.01 -94.45
CA MET AA 69 -29.94 115.68 -94.56
C MET AA 69 -30.73 116.67 -95.39
N GLY AA 70 -30.62 117.96 -95.11
CA GLY AA 70 -31.45 118.96 -95.78
C GLY AA 70 -31.42 120.25 -94.99
N TYR AA 71 -32.48 121.05 -95.15
CA TYR AA 71 -32.56 122.33 -94.46
C TYR AA 71 -34.01 122.61 -94.08
N VAL AA 72 -34.17 123.54 -93.12
CA VAL AA 72 -35.48 123.90 -92.59
C VAL AA 72 -35.63 125.41 -92.67
N LYS AA 73 -36.82 125.87 -93.05
CA LYS AA 73 -37.12 127.28 -93.23
C LYS AA 73 -37.99 127.80 -92.09
N ILE AA 74 -37.66 128.98 -91.58
CA ILE AA 74 -38.41 129.65 -90.52
C ILE AA 74 -38.83 131.02 -91.03
N ILE AA 75 -40.09 131.38 -90.81
CA ILE AA 75 -40.65 132.64 -91.29
C ILE AA 75 -41.10 133.47 -90.09
N ASN AA 76 -40.72 134.74 -90.06
CA ASN AA 76 -41.01 135.65 -88.97
C ASN AA 76 -41.87 136.81 -89.44
N TYR AA 77 -42.80 137.22 -88.56
CA TYR AA 77 -43.94 138.05 -88.92
C TYR AA 77 -43.87 139.42 -88.22
N THR AA 78 -44.96 140.17 -88.34
CA THR AA 78 -44.97 141.60 -88.02
C THR AA 78 -44.50 141.89 -86.61
N ASP AA 79 -43.64 142.90 -86.49
CA ASP AA 79 -43.14 143.43 -85.22
C ASP AA 79 -42.34 142.39 -84.43
N VAL AA 80 -41.72 141.45 -85.12
CA VAL AA 80 -40.88 140.43 -84.51
C VAL AA 80 -39.43 140.71 -84.86
N ASN AA 81 -38.56 140.72 -83.86
CA ASN AA 81 -37.14 140.98 -84.08
C ASN AA 81 -36.23 139.87 -83.55
N VAL AA 82 -36.55 139.30 -82.40
CA VAL AA 82 -35.71 138.29 -81.77
C VAL AA 82 -36.61 137.14 -81.32
N VAL AA 83 -36.18 135.91 -81.60
CA VAL AA 83 -36.93 134.71 -81.26
C VAL AA 83 -36.04 133.76 -80.48
N LYS AA 84 -36.58 133.22 -79.39
CA LYS AA 84 -35.91 132.20 -78.59
C LYS AA 84 -36.61 130.87 -78.82
N LEU AA 85 -35.85 129.84 -79.17
CA LEU AA 85 -36.40 128.56 -79.58
C LEU AA 85 -35.78 127.42 -78.78
N LYS AA 86 -36.53 126.33 -78.67
CA LYS AA 86 -36.06 125.09 -78.06
C LYS AA 86 -36.30 123.95 -79.04
N VAL AA 87 -35.26 123.18 -79.32
CA VAL AA 87 -35.31 122.09 -80.28
C VAL AA 87 -34.97 120.79 -79.56
N THR AA 88 -35.77 119.76 -79.81
CA THR AA 88 -35.60 118.47 -79.14
C THR AA 88 -35.87 117.34 -80.12
N LEU AA 89 -35.39 116.15 -79.77
CA LEU AA 89 -35.64 114.94 -80.53
C LEU AA 89 -36.86 114.25 -79.92
N ALA AA 90 -37.94 114.17 -80.70
CA ALA AA 90 -39.21 113.68 -80.16
C ALA AA 90 -39.21 112.17 -79.97
N ASN AA 91 -38.57 111.43 -80.86
CA ASN AA 91 -38.63 109.97 -80.83
C ASN AA 91 -37.26 109.36 -80.55
N ALA AA 92 -36.52 109.94 -79.59
CA ALA AA 92 -35.20 109.41 -79.26
C ALA AA 92 -35.29 108.00 -78.67
N ALA AA 93 -36.35 107.72 -77.91
CA ALA AA 93 -36.49 106.41 -77.29
C ALA AA 93 -36.64 105.32 -78.34
N GLN AA 94 -37.37 105.60 -79.42
CA GLN AA 94 -37.55 104.60 -80.47
C GLN AA 94 -36.26 104.32 -81.21
N LEU AA 95 -35.40 105.33 -81.38
CA LEU AA 95 -34.17 105.19 -82.14
C LEU AA 95 -33.04 104.53 -81.35
N ARG AA 96 -33.19 104.39 -80.03
CA ARG AA 96 -32.11 103.82 -79.22
C ARG AA 96 -31.71 102.40 -79.63
N PRO AA 97 -32.63 101.44 -79.83
CA PRO AA 97 -32.19 100.08 -80.17
C PRO AA 97 -31.50 99.96 -81.52
N TYR AA 98 -31.57 100.99 -82.37
CA TYR AA 98 -31.02 100.91 -83.72
C TYR AA 98 -29.65 101.57 -83.87
N PHE AA 99 -29.19 102.34 -82.88
CA PHE AA 99 -27.95 103.10 -83.01
C PHE AA 99 -27.14 103.01 -81.73
N LYS AA 100 -25.82 102.94 -81.89
CA LYS AA 100 -24.93 103.14 -80.75
C LYS AA 100 -24.82 104.62 -80.39
N TYR AA 101 -24.76 105.49 -81.39
CA TYR AA 101 -24.77 106.93 -81.16
C TYR AA 101 -25.26 107.62 -82.42
N LEU AA 102 -25.80 108.82 -82.24
CA LEU AA 102 -26.31 109.63 -83.34
C LEU AA 102 -26.30 111.08 -82.91
N GLN AA 103 -25.61 111.93 -83.68
CA GLN AA 103 -25.47 113.33 -83.36
C GLN AA 103 -25.92 114.19 -84.52
N LEU AA 104 -26.65 115.26 -84.21
CA LEU AA 104 -27.16 116.20 -85.19
C LEU AA 104 -26.56 117.57 -84.95
N VAL AA 105 -26.08 118.21 -86.02
CA VAL AA 105 -25.44 119.52 -85.95
C VAL AA 105 -26.28 120.50 -86.75
N LEU AA 106 -26.65 121.61 -86.12
CA LEU AA 106 -27.46 122.65 -86.73
C LEU AA 106 -26.62 123.91 -86.90
N THR AA 107 -26.62 124.46 -88.11
CA THR AA 107 -25.86 125.66 -88.43
C THR AA 107 -26.74 126.69 -89.11
N SER AA 108 -26.57 127.95 -88.74
CA SER AA 108 -27.27 129.05 -89.40
C SER AA 108 -26.39 129.57 -90.53
N ASN AA 109 -26.99 129.74 -91.71
CA ASN AA 109 -26.25 130.05 -92.94
C ASN AA 109 -26.95 131.15 -93.73
N ALA AA 110 -28.20 131.48 -93.37
CA ALA AA 110 -29.03 132.37 -94.20
C ALA AA 110 -28.32 133.69 -94.50
N SER AA 111 -27.43 134.14 -93.63
CA SER AA 111 -26.51 135.23 -93.93
C SER AA 111 -25.26 134.68 -94.58
N SER AA 112 -24.99 135.12 -95.81
CA SER AA 112 -23.83 134.62 -96.54
C SER AA 112 -22.51 135.02 -95.89
N THR AA 113 -22.53 136.03 -95.02
CA THR AA 113 -21.33 136.49 -94.35
C THR AA 113 -21.10 135.81 -93.00
N VAL AA 114 -22.17 135.41 -92.31
CA VAL AA 114 -22.07 134.85 -90.97
C VAL AA 114 -22.66 133.45 -90.97
N GLU AA 115 -21.79 132.44 -91.03
CA GLU AA 115 -22.17 131.05 -90.80
C GLU AA 115 -21.87 130.69 -89.36
N GLU AA 116 -22.86 130.13 -88.66
CA GLU AA 116 -22.69 129.77 -87.26
C GLU AA 116 -23.40 128.46 -86.95
N THR AA 117 -22.70 127.57 -86.26
CA THR AA 117 -23.32 126.39 -85.68
C THR AA 117 -23.93 126.76 -84.33
N LYS AA 118 -25.20 126.40 -84.14
CA LYS AA 118 -25.96 126.84 -82.97
C LYS AA 118 -26.14 125.77 -81.91
N ALA AA 119 -26.36 124.52 -82.29
CA ALA AA 119 -26.60 123.48 -81.30
C ALA AA 119 -26.16 122.13 -81.84
N VAL AA 120 -25.90 121.20 -80.93
CA VAL AA 120 -25.60 119.81 -81.24
C VAL AA 120 -26.54 118.94 -80.43
N LEU AA 121 -27.26 118.06 -81.11
CA LEU AA 121 -28.22 117.16 -80.46
C LEU AA 121 -27.71 115.73 -80.52
N SER AA 122 -28.06 114.95 -79.50
CA SER AA 122 -27.63 113.56 -79.40
C SER AA 122 -28.71 112.76 -78.69
N LEU AA 123 -28.55 111.43 -78.72
CA LEU AA 123 -29.52 110.55 -78.08
C LEU AA 123 -29.45 110.63 -76.57
N LYS AA 124 -28.34 111.08 -76.00
CA LYS AA 124 -28.21 111.22 -74.56
C LYS AA 124 -28.64 112.59 -74.06
N LYS AA 125 -28.45 113.63 -74.87
CA LYS AA 125 -28.88 115.00 -74.53
C LYS AA 125 -29.70 115.51 -75.71
N PRO AA 126 -31.01 115.22 -75.74
CA PRO AA 126 -31.81 115.48 -76.94
C PRO AA 126 -32.24 116.93 -77.12
N SER AA 127 -32.13 117.78 -76.09
CA SER AA 127 -32.71 119.11 -76.13
C SER AA 127 -31.62 120.18 -76.11
N ALA AA 128 -31.91 121.31 -76.74
CA ALA AA 128 -31.01 122.46 -76.77
C ALA AA 128 -31.82 123.72 -76.97
N VAL AA 129 -31.21 124.86 -76.60
CA VAL AA 129 -31.83 126.17 -76.71
C VAL AA 129 -30.92 127.05 -77.56
N ILE AA 130 -31.49 127.72 -78.56
CA ILE AA 130 -30.75 128.55 -79.50
C ILE AA 130 -31.36 129.94 -79.54
N ILE AA 131 -30.59 130.88 -80.06
CA ILE AA 131 -30.99 132.29 -80.16
C ILE AA 131 -30.82 132.74 -81.60
N LEU AA 132 -31.85 133.37 -82.15
CA LEU AA 132 -31.81 133.99 -83.47
C LEU AA 132 -31.99 135.49 -83.32
N ASP AA 133 -31.09 136.26 -83.94
CA ASP AA 133 -31.09 137.70 -83.78
C ASP AA 133 -31.07 138.44 -85.11
N ASN AA 134 -30.81 139.75 -85.07
CA ASN AA 134 -30.87 140.59 -86.27
C ASN AA 134 -29.92 140.10 -87.36
N ASP AA 135 -28.76 139.55 -86.97
CA ASP AA 135 -27.79 139.11 -87.97
C ASP AA 135 -28.29 137.88 -88.73
N ASP AA 136 -29.04 137.00 -88.06
CA ASP AA 136 -29.49 135.77 -88.71
C ASP AA 136 -30.57 136.04 -89.75
N TYR AA 137 -31.45 136.99 -89.48
CA TYR AA 137 -32.61 137.25 -90.34
C TYR AA 137 -32.20 137.93 -91.64
N SER AA 138 -31.51 137.20 -92.51
CA SER AA 138 -31.20 137.69 -93.84
C SER AA 138 -32.44 137.64 -94.72
N SER AA 139 -32.48 138.51 -95.73
CA SER AA 139 -33.65 138.81 -96.54
C SER AA 139 -34.81 139.33 -95.69
N THR AA 140 -34.54 139.61 -94.40
CA THR AA 140 -35.46 140.24 -93.46
C THR AA 140 -36.67 139.37 -93.12
N ASN AA 141 -36.78 138.18 -93.71
CA ASN AA 141 -38.00 137.40 -93.56
C ASN AA 141 -37.82 135.91 -93.27
N LYS AA 142 -36.61 135.35 -93.36
CA LYS AA 142 -36.52 133.90 -93.22
C LYS AA 142 -35.16 133.48 -92.66
N ILE AA 143 -35.17 132.30 -92.04
CA ILE AA 143 -33.98 131.63 -91.51
C ILE AA 143 -33.82 130.30 -92.25
N GLN AA 144 -32.58 129.99 -92.61
CA GLN AA 144 -32.24 128.71 -93.24
C GLN AA 144 -31.28 127.96 -92.33
N LEU AA 145 -31.62 126.73 -91.99
CA LEU AA 145 -30.82 125.88 -91.11
C LEU AA 145 -30.73 124.48 -91.71
N LYS AA 146 -29.54 124.05 -92.08
CA LYS AA 146 -29.32 122.68 -92.50
C LYS AA 146 -28.91 121.80 -91.32
N VAL AA 147 -29.09 120.49 -91.51
CA VAL AA 147 -28.88 119.49 -90.47
C VAL AA 147 -27.67 118.64 -90.85
N GLU AA 148 -26.78 118.40 -89.89
CA GLU AA 148 -25.62 117.57 -90.13
C GLU AA 148 -25.66 116.39 -89.17
N ALA AA 149 -25.45 115.19 -89.69
CA ALA AA 149 -25.62 113.96 -88.93
C ALA AA 149 -24.33 113.16 -88.88
N TYR AA 150 -24.02 112.63 -87.70
CA TYR AA 150 -22.95 111.65 -87.50
C TYR AA 150 -23.56 110.45 -86.77
N TYR AA 151 -23.16 109.24 -87.19
CA TYR AA 151 -23.87 108.06 -86.72
C TYR AA 151 -22.96 106.84 -86.77
N GLU AA 152 -23.36 105.82 -86.00
CA GLU AA 152 -22.81 104.48 -86.10
C GLU AA 152 -23.96 103.50 -85.89
N ALA AA 153 -24.15 102.59 -86.84
CA ALA AA 153 -25.27 101.67 -86.80
C ALA AA 153 -24.94 100.46 -85.93
N LYS AA 154 -25.99 99.84 -85.39
CA LYS AA 154 -25.82 98.63 -84.60
C LYS AA 154 -25.37 97.47 -85.48
N GLU AA 155 -24.67 96.52 -84.85
CA GLU AA 155 -24.09 95.39 -85.57
C GLU AA 155 -25.18 94.38 -85.92
N GLY AA 156 -25.32 94.08 -87.21
CA GLY AA 156 -26.22 93.03 -87.64
C GLY AA 156 -27.70 93.36 -87.58
N MET AA 157 -28.07 94.64 -87.58
CA MET AA 157 -29.46 95.05 -87.51
C MET AA 157 -29.90 95.57 -88.87
N LEU AA 158 -31.00 95.03 -89.38
CA LEU AA 158 -31.55 95.40 -90.67
C LEU AA 158 -32.96 95.95 -90.50
N PHE AA 159 -33.26 97.04 -91.21
CA PHE AA 159 -34.54 97.71 -91.07
C PHE AA 159 -34.73 98.64 -92.26
N ASP AA 160 -35.95 99.18 -92.37
CA ASP AA 160 -36.26 100.15 -93.41
C ASP AA 160 -37.48 100.96 -92.98
N SER AA 161 -37.62 102.14 -93.58
CA SER AA 161 -38.75 103.04 -93.34
C SER AA 161 -38.85 103.41 -91.86
N LEU AA 162 -37.78 104.02 -91.34
CA LEU AA 162 -37.74 104.47 -89.95
C LEU AA 162 -37.66 105.99 -89.92
N PRO AA 163 -38.64 106.68 -89.32
CA PRO AA 163 -38.63 108.13 -89.34
C PRO AA 163 -37.86 108.75 -88.19
N VAL AA 164 -37.35 109.96 -88.45
CA VAL AA 164 -36.68 110.78 -87.45
C VAL AA 164 -37.45 112.09 -87.35
N ILE AA 165 -37.82 112.47 -86.13
CA ILE AA 165 -38.73 113.58 -85.89
C ILE AA 165 -38.05 114.62 -85.00
N LEU AA 166 -38.20 115.89 -85.37
CA LEU AA 166 -37.73 117.02 -84.58
C LEU AA 166 -38.90 117.94 -84.26
N ASN AA 167 -38.85 118.56 -83.09
CA ASN AA 167 -39.93 119.41 -82.60
C ASN AA 167 -39.40 120.78 -82.24
N PHE AA 168 -40.23 121.80 -82.43
CA PHE AA 168 -39.88 123.19 -82.13
C PHE AA 168 -40.89 123.80 -81.18
N GLN AA 169 -40.41 124.59 -80.23
CA GLN AA 169 -41.27 125.30 -79.29
C GLN AA 169 -40.71 126.68 -79.04
N VAL AA 170 -41.60 127.68 -79.02
CA VAL AA 170 -41.22 129.07 -78.83
C VAL AA 170 -41.29 129.39 -77.34
N LEU AA 171 -40.20 129.95 -76.80
CA LEU AA 171 -40.15 130.33 -75.39
C LEU AA 171 -40.37 131.82 -75.17
N SER AA 172 -39.85 132.68 -76.06
CA SER AA 172 -40.01 134.12 -75.93
C SER AA 172 -39.73 134.76 -77.27
N VAL AA 173 -40.49 135.82 -77.58
CA VAL AA 173 -40.31 136.59 -78.80
C VAL AA 173 -40.38 138.06 -78.46
N SER AA 174 -39.63 138.87 -79.20
CA SER AA 174 -39.61 140.31 -78.99
C SER AA 174 -39.32 141.05 -80.29
N THR BA 26 -105.87 167.22 -64.79
CA THR BA 26 -104.72 167.23 -63.89
C THR BA 26 -104.14 165.82 -63.75
N THR BA 27 -103.22 165.48 -64.66
CA THR BA 27 -102.60 164.16 -64.69
C THR BA 27 -101.09 164.30 -64.54
N GLN BA 28 -100.51 163.47 -63.67
CA GLN BA 28 -99.07 163.46 -63.43
C GLN BA 28 -98.46 162.28 -64.16
N SER BA 29 -97.46 162.55 -65.00
CA SER BA 29 -96.87 161.48 -65.81
C SER BA 29 -95.49 161.10 -65.30
N PRO BA 30 -95.14 159.81 -65.36
CA PRO BA 30 -93.79 159.39 -64.94
C PRO BA 30 -92.72 159.59 -65.99
N LEU BA 31 -93.10 159.74 -67.26
CA LEU BA 31 -92.17 160.07 -68.35
C LEU BA 31 -91.12 158.99 -68.55
N ASN BA 32 -91.56 157.73 -68.60
CA ASN BA 32 -90.64 156.62 -68.83
C ASN BA 32 -91.25 155.57 -69.76
N SER BA 33 -92.24 155.94 -70.56
CA SER BA 33 -92.92 155.01 -71.45
C SER BA 33 -92.34 155.06 -72.86
N PHE BA 34 -91.06 154.71 -72.97
CA PHE BA 34 -90.37 154.68 -74.27
C PHE BA 34 -89.49 153.45 -74.34
N TYR BA 35 -89.53 152.75 -75.48
CA TYR BA 35 -88.80 151.50 -75.63
C TYR BA 35 -88.30 151.35 -77.06
N ALA BA 36 -87.29 150.50 -77.21
CA ALA BA 36 -86.77 150.10 -78.52
C ALA BA 36 -86.26 148.67 -78.40
N THR BA 37 -86.44 147.89 -79.46
CA THR BA 37 -86.22 146.46 -79.40
C THR BA 37 -85.37 145.97 -80.58
N GLY BA 38 -84.46 145.04 -80.29
CA GLY BA 38 -83.70 144.35 -81.32
C GLY BA 38 -83.74 142.85 -81.12
N THR BA 39 -82.96 142.10 -81.90
CA THR BA 39 -82.96 140.64 -81.82
C THR BA 39 -81.56 140.10 -82.06
N ALA BA 40 -81.34 138.86 -81.64
CA ALA BA 40 -80.08 138.17 -81.86
C ALA BA 40 -80.34 136.67 -81.91
N GLN BA 41 -79.39 135.93 -82.50
CA GLN BA 41 -79.55 134.49 -82.65
C GLN BA 41 -78.19 133.86 -82.91
N ALA BA 42 -78.14 132.53 -82.73
CA ALA BA 42 -76.97 131.73 -83.07
C ALA BA 42 -77.44 130.29 -83.25
N VAL BA 43 -77.44 129.81 -84.49
CA VAL BA 43 -78.11 128.56 -84.82
C VAL BA 43 -77.20 127.58 -85.57
N GLN BA 44 -75.88 127.67 -85.38
CA GLN BA 44 -74.98 126.72 -86.02
C GLN BA 44 -73.69 126.60 -85.23
N GLU BA 45 -73.05 125.43 -85.38
CA GLU BA 45 -71.78 125.14 -84.73
C GLU BA 45 -70.62 125.78 -85.49
N PRO BA 46 -69.52 126.08 -84.80
CA PRO BA 46 -68.43 126.83 -85.45
C PRO BA 46 -67.84 126.15 -86.68
N ILE BA 47 -67.70 124.82 -86.66
CA ILE BA 47 -66.98 124.12 -87.72
C ILE BA 47 -67.81 122.95 -88.23
N ASP BA 48 -67.46 122.49 -89.43
CA ASP BA 48 -68.02 121.30 -90.03
C ASP BA 48 -66.87 120.46 -90.56
N VAL BA 49 -66.94 119.14 -90.41
CA VAL BA 49 -65.83 118.25 -90.73
C VAL BA 49 -66.31 117.17 -91.69
N GLU BA 50 -65.56 116.95 -92.77
CA GLU BA 50 -65.86 115.93 -93.76
C GLU BA 50 -64.62 115.11 -94.03
N SER BA 51 -64.79 113.80 -94.20
CA SER BA 51 -63.69 112.86 -94.30
C SER BA 51 -63.55 112.31 -95.71
N HIS BA 52 -62.32 112.10 -96.15
CA HIS BA 52 -62.01 111.50 -97.45
C HIS BA 52 -60.84 110.53 -97.34
N LEU BA 53 -60.85 109.69 -96.29
CA LEU BA 53 -59.80 108.69 -96.09
C LEU BA 53 -60.20 107.43 -96.85
N ASP BA 54 -59.69 107.31 -98.08
CA ASP BA 54 -60.07 106.23 -98.99
C ASP BA 54 -58.85 105.44 -99.45
N ASN BA 55 -57.94 105.12 -98.53
CA ASN BA 55 -56.82 104.22 -98.81
C ASN BA 55 -56.70 103.21 -97.68
N THR BA 56 -56.20 102.03 -98.02
CA THR BA 56 -56.13 100.91 -97.10
C THR BA 56 -54.69 100.53 -96.82
N ILE BA 57 -54.34 100.40 -95.55
CA ILE BA 57 -53.05 99.87 -95.15
C ILE BA 57 -53.09 98.35 -95.33
N ALA BA 58 -52.47 97.85 -96.40
CA ALA BA 58 -52.53 96.44 -96.76
C ALA BA 58 -51.12 95.89 -96.97
N PRO BA 59 -50.39 95.65 -95.89
CA PRO BA 59 -49.10 94.97 -96.00
C PRO BA 59 -49.24 93.48 -95.79
N ALA BA 60 -48.13 92.77 -95.98
CA ALA BA 60 -48.08 91.36 -95.63
C ALA BA 60 -47.89 91.21 -94.12
N ALA BA 61 -48.07 89.98 -93.64
CA ALA BA 61 -47.97 89.70 -92.22
C ALA BA 61 -46.53 89.90 -91.74
N GLY BA 62 -46.35 90.74 -90.73
CA GLY BA 62 -45.05 90.97 -90.15
C GLY BA 62 -44.16 91.93 -90.89
N ALA BA 63 -44.68 92.63 -91.90
CA ALA BA 63 -43.87 93.51 -92.73
C ALA BA 63 -43.81 94.92 -92.14
N GLN BA 64 -42.76 95.65 -92.52
CA GLN BA 64 -42.57 97.04 -92.16
C GLN BA 64 -42.84 97.90 -93.40
N GLY BA 65 -43.68 98.92 -93.25
CA GLY BA 65 -44.16 99.62 -94.43
C GLY BA 65 -44.22 101.14 -94.35
N TYR BA 66 -44.88 101.73 -95.34
CA TYR BA 66 -44.93 103.17 -95.53
C TYR BA 66 -46.12 103.50 -96.45
N LYS BA 67 -47.10 104.24 -95.95
CA LYS BA 67 -48.36 104.38 -96.67
C LYS BA 67 -48.98 105.74 -96.35
N ASP BA 68 -49.73 106.27 -97.33
CA ASP BA 68 -50.56 107.45 -97.14
C ASP BA 68 -52.03 107.05 -97.23
N MET BA 69 -52.91 107.88 -96.68
CA MET BA 69 -54.31 107.49 -96.49
C MET BA 69 -55.30 108.36 -97.25
N GLY BA 70 -55.21 109.67 -97.11
CA GLY BA 70 -56.20 110.57 -97.69
C GLY BA 70 -56.10 111.93 -97.04
N TYR BA 71 -57.21 112.67 -97.08
CA TYR BA 71 -57.24 114.00 -96.50
C TYR BA 71 -58.61 114.27 -95.89
N VAL BA 72 -58.66 115.27 -95.00
CA VAL BA 72 -59.86 115.64 -94.26
C VAL BA 72 -60.12 117.13 -94.46
N LYS BA 73 -61.38 117.49 -94.65
CA LYS BA 73 -61.78 118.87 -94.89
C LYS BA 73 -62.46 119.45 -93.65
N ILE BA 74 -62.12 120.70 -93.33
CA ILE BA 74 -62.69 121.44 -92.20
C ILE BA 74 -63.27 122.74 -92.75
N ILE BA 75 -64.49 123.07 -92.33
CA ILE BA 75 -65.20 124.25 -92.81
C ILE BA 75 -65.47 125.16 -91.62
N ASN BA 76 -65.17 126.45 -91.78
CA ASN BA 76 -65.31 127.45 -90.73
C ASN BA 76 -66.31 128.52 -91.13
N TYR BA 77 -67.08 128.99 -90.16
CA TYR BA 77 -68.31 129.74 -90.36
C TYR BA 77 -68.19 131.16 -89.81
N THR BA 78 -69.33 131.85 -89.79
CA THR BA 78 -69.38 133.30 -89.61
C THR BA 78 -68.66 133.75 -88.33
N ASP BA 79 -67.86 134.80 -88.46
CA ASP BA 79 -67.16 135.47 -87.35
C ASP BA 79 -66.19 134.54 -86.64
N VAL BA 80 -65.64 133.56 -87.35
CA VAL BA 80 -64.65 132.64 -86.80
C VAL BA 80 -63.30 132.95 -87.46
N ASN BA 81 -62.27 133.08 -86.64
CA ASN BA 81 -60.93 133.38 -87.13
C ASN BA 81 -59.88 132.37 -86.69
N VAL BA 82 -59.94 131.90 -85.45
CA VAL BA 82 -58.96 130.98 -84.90
C VAL BA 82 -59.69 129.85 -84.19
N VAL BA 83 -59.26 128.61 -84.44
CA VAL BA 83 -59.87 127.42 -83.86
C VAL BA 83 -58.80 126.58 -83.17
N LYS BA 84 -59.10 126.14 -81.96
CA LYS BA 84 -58.24 125.22 -81.21
C LYS BA 84 -58.90 123.85 -81.19
N LEU BA 85 -58.15 122.82 -81.58
CA LEU BA 85 -58.68 121.48 -81.77
C LEU BA 85 -57.87 120.46 -81.00
N LYS BA 86 -58.53 119.35 -80.66
CA LYS BA 86 -57.90 118.20 -80.04
C LYS BA 86 -58.24 116.96 -80.85
N VAL BA 87 -57.22 116.21 -81.25
CA VAL BA 87 -57.38 115.03 -82.09
C VAL BA 87 -56.84 113.82 -81.33
N THR BA 88 -57.61 112.73 -81.33
CA THR BA 88 -57.26 111.53 -80.60
C THR BA 88 -57.64 110.30 -81.41
N LEU BA 89 -57.03 109.17 -81.05
CA LEU BA 89 -57.35 107.88 -81.63
C LEU BA 89 -58.40 107.21 -80.76
N ALA BA 90 -59.60 107.01 -81.32
CA ALA BA 90 -60.72 106.53 -80.52
C ALA BA 90 -60.60 105.04 -80.19
N ASN BA 91 -60.08 104.25 -81.12
CA ASN BA 91 -60.06 102.80 -80.95
C ASN BA 91 -58.62 102.27 -80.88
N ALA BA 92 -57.77 102.96 -80.13
CA ALA BA 92 -56.38 102.52 -80.00
C ALA BA 92 -56.27 101.18 -79.28
N ALA BA 93 -57.17 100.93 -78.31
CA ALA BA 93 -57.12 99.68 -77.57
C ALA BA 93 -57.39 98.48 -78.47
N GLN BA 94 -58.32 98.62 -79.42
CA GLN BA 94 -58.64 97.53 -80.33
C GLN BA 94 -57.48 97.22 -81.27
N LEU BA 95 -56.73 98.25 -81.67
CA LEU BA 95 -55.65 98.08 -82.63
C LEU BA 95 -54.35 97.56 -82.01
N ARG BA 96 -54.27 97.52 -80.68
CA ARG BA 96 -53.03 97.08 -80.04
C ARG BA 96 -52.62 95.65 -80.38
N PRO BA 97 -53.51 94.64 -80.33
CA PRO BA 97 -53.06 93.27 -80.62
C PRO BA 97 -52.61 93.06 -82.06
N TYR BA 98 -52.89 94.00 -82.98
CA TYR BA 98 -52.59 93.81 -84.38
C TYR BA 98 -51.31 94.50 -84.84
N PHE BA 99 -50.73 95.37 -84.03
CA PHE BA 99 -49.59 96.17 -84.45
C PHE BA 99 -48.55 96.24 -83.34
N LYS BA 100 -47.27 96.20 -83.73
CA LYS BA 100 -46.20 96.55 -82.80
C LYS BA 100 -46.12 98.06 -82.60
N TYR BA 101 -46.28 98.83 -83.66
CA TYR BA 101 -46.33 100.29 -83.56
C TYR BA 101 -47.08 100.84 -84.77
N LEU BA 102 -47.65 102.02 -84.59
CA LEU BA 102 -48.40 102.70 -85.65
C LEU BA 102 -48.39 104.19 -85.36
N GLN BA 103 -47.90 104.98 -86.31
CA GLN BA 103 -47.77 106.41 -86.14
C GLN BA 103 -48.48 107.14 -87.28
N LEU BA 104 -49.20 108.20 -86.93
CA LEU BA 104 -49.93 109.01 -87.88
C LEU BA 104 -49.37 110.43 -87.87
N VAL BA 105 -49.13 110.97 -89.07
CA VAL BA 105 -48.57 112.31 -89.24
C VAL BA 105 -49.59 113.18 -89.95
N LEU BA 106 -49.90 114.33 -89.36
CA LEU BA 106 -50.87 115.27 -89.90
C LEU BA 106 -50.15 116.54 -90.34
N THR BA 107 -50.39 116.97 -91.57
CA THR BA 107 -49.77 118.16 -92.12
C THR BA 107 -50.81 119.09 -92.72
N SER BA 108 -50.66 120.39 -92.50
CA SER BA 108 -51.52 121.39 -93.11
C SER BA 108 -50.88 121.84 -94.42
N ASN BA 109 -51.70 121.87 -95.49
CA ASN BA 109 -51.21 122.08 -96.84
C ASN BA 109 -52.10 123.08 -97.59
N ALA BA 110 -53.28 123.39 -97.05
CA ALA BA 110 -54.29 124.16 -97.78
C ALA BA 110 -53.73 125.46 -98.33
N SER BA 111 -52.72 126.03 -97.67
CA SER BA 111 -51.94 127.13 -98.23
C SER BA 111 -50.79 126.55 -99.04
N SER BA 112 -50.77 126.88 -100.34
CA SER BA 112 -49.73 126.36 -101.22
C SER BA 112 -48.36 126.89 -100.86
N THR BA 113 -48.27 127.98 -100.10
CA THR BA 113 -46.99 128.53 -99.70
C THR BA 113 -46.48 128.00 -98.37
N VAL BA 114 -47.38 127.62 -97.46
CA VAL BA 114 -47.02 127.21 -96.11
C VAL BA 114 -47.52 125.79 -95.88
N GLU BA 115 -46.62 124.81 -96.02
CA GLU BA 115 -46.87 123.44 -95.60
C GLU BA 115 -46.31 123.24 -94.21
N GLU BA 116 -47.11 122.72 -93.30
CA GLU BA 116 -46.68 122.49 -91.91
C GLU BA 116 -47.25 121.19 -91.37
N THR BA 117 -46.38 120.39 -90.75
CA THR BA 117 -46.82 119.26 -89.96
C THR BA 117 -47.20 119.73 -88.56
N LYS BA 118 -48.39 119.34 -88.11
CA LYS BA 118 -48.95 119.86 -86.86
C LYS BA 118 -48.87 118.89 -85.69
N ALA BA 119 -49.10 117.60 -85.91
CA ALA BA 119 -49.09 116.66 -84.81
C ALA BA 119 -48.69 115.28 -85.31
N VAL BA 120 -48.21 114.46 -84.37
CA VAL BA 120 -47.88 113.06 -84.62
C VAL BA 120 -48.62 112.23 -83.57
N LEU BA 121 -49.40 111.25 -84.03
CA LEU BA 121 -50.17 110.39 -83.14
C LEU BA 121 -49.61 108.98 -83.17
N SER BA 122 -49.72 108.29 -82.04
CA SER BA 122 -49.20 106.94 -81.90
C SER BA 122 -50.10 106.17 -80.93
N LEU BA 123 -49.87 104.85 -80.88
CA LEU BA 123 -50.65 104.00 -79.99
C LEU BA 123 -50.33 104.22 -78.52
N LYS BA 124 -49.15 104.77 -78.22
CA LYS BA 124 -48.78 105.06 -76.84
C LYS BA 124 -49.18 106.45 -76.40
N LYS BA 125 -49.21 107.41 -77.31
CA LYS BA 125 -49.64 108.78 -77.03
C LYS BA 125 -50.69 109.15 -78.07
N PRO BA 126 -51.96 108.81 -77.84
CA PRO BA 126 -52.97 108.93 -78.89
C PRO BA 126 -53.51 110.34 -79.11
N SER BA 127 -53.27 111.28 -78.20
CA SER BA 127 -53.92 112.57 -78.25
C SER BA 127 -52.90 113.68 -78.52
N ALA BA 128 -53.37 114.73 -79.18
CA ALA BA 128 -52.55 115.90 -79.48
C ALA BA 128 -53.45 117.11 -79.64
N VAL BA 129 -52.85 118.29 -79.49
CA VAL BA 129 -53.55 119.57 -79.60
C VAL BA 129 -52.86 120.40 -80.67
N ILE BA 130 -53.65 120.93 -81.61
CA ILE BA 130 -53.12 121.71 -82.72
C ILE BA 130 -53.82 123.06 -82.78
N ILE BA 131 -53.20 123.99 -83.52
CA ILE BA 131 -53.70 125.35 -83.66
C ILE BA 131 -53.81 125.67 -85.15
N LEU BA 132 -54.96 126.21 -85.55
CA LEU BA 132 -55.19 126.69 -86.90
C LEU BA 132 -55.42 128.19 -86.86
N ASP BA 133 -54.69 128.93 -87.70
CA ASP BA 133 -54.75 130.39 -87.67
C ASP BA 133 -55.01 130.99 -89.05
N ASN BA 134 -54.82 132.31 -89.16
CA ASN BA 134 -55.15 133.02 -90.40
C ASN BA 134 -54.38 132.47 -91.59
N ASP BA 135 -53.14 132.01 -91.37
CA ASP BA 135 -52.35 131.51 -92.49
C ASP BA 135 -52.91 130.19 -93.04
N ASP BA 136 -53.47 129.34 -92.17
CA ASP BA 136 -53.96 128.05 -92.62
C ASP BA 136 -55.21 128.18 -93.47
N TYR BA 137 -56.09 129.11 -93.11
CA TYR BA 137 -57.39 129.25 -93.77
C TYR BA 137 -57.27 129.81 -95.18
N SER BA 138 -56.70 129.02 -96.09
CA SER BA 138 -56.67 129.40 -97.49
C SER BA 138 -58.04 129.21 -98.12
N SER BA 139 -58.30 129.97 -99.18
CA SER BA 139 -59.62 130.15 -99.78
C SER BA 139 -60.63 130.71 -98.78
N THR BA 140 -60.16 131.12 -97.59
CA THR BA 140 -60.92 131.80 -96.56
C THR BA 140 -62.00 130.92 -95.93
N ASN BA 141 -62.15 129.68 -96.37
CA ASN BA 141 -63.28 128.87 -95.94
C ASN BA 141 -62.96 127.42 -95.56
N LYS BA 142 -61.77 126.90 -95.82
CA LYS BA 142 -61.56 125.48 -95.58
C LYS BA 142 -60.11 125.17 -95.24
N ILE BA 143 -59.94 124.06 -94.52
CA ILE BA 143 -58.64 123.48 -94.16
C ILE BA 143 -58.53 122.10 -94.80
N GLN BA 144 -57.36 121.79 -95.36
CA GLN BA 144 -57.07 120.49 -95.93
C GLN BA 144 -55.92 119.86 -95.15
N LEU BA 145 -56.13 118.65 -94.64
CA LEU BA 145 -55.14 117.93 -93.85
C LEU BA 145 -55.08 116.48 -94.33
N LYS BA 146 -53.94 116.08 -94.88
CA LYS BA 146 -53.73 114.67 -95.21
C LYS BA 146 -53.07 113.93 -94.05
N VAL BA 147 -53.20 112.60 -94.08
CA VAL BA 147 -52.76 111.72 -93.02
C VAL BA 147 -51.59 110.88 -93.54
N GLU BA 148 -50.53 110.77 -92.75
CA GLU BA 148 -49.38 109.97 -93.13
C GLU BA 148 -49.18 108.88 -92.07
N ALA BA 149 -49.00 107.64 -92.51
CA ALA BA 149 -48.97 106.49 -91.63
C ALA BA 149 -47.63 105.75 -91.75
N TYR BA 150 -47.10 105.35 -90.60
CA TYR BA 150 -45.96 104.44 -90.51
C TYR BA 150 -46.34 103.29 -89.59
N TYR BA 151 -45.97 102.07 -89.96
CA TYR BA 151 -46.52 100.90 -89.27
C TYR BA 151 -45.56 99.72 -89.37
N GLU BA 152 -45.75 98.77 -88.46
CA GLU BA 152 -45.16 97.44 -88.55
C GLU BA 152 -46.19 96.44 -88.04
N ALA BA 153 -46.51 95.44 -88.85
CA ALA BA 153 -47.55 94.49 -88.53
C ALA BA 153 -47.00 93.37 -87.63
N LYS BA 154 -47.90 92.77 -86.85
CA LYS BA 154 -47.52 91.64 -86.00
C LYS BA 154 -47.17 90.42 -86.84
N GLU BA 155 -46.31 89.58 -86.28
CA GLU BA 155 -45.81 88.41 -86.99
C GLU BA 155 -46.88 87.32 -87.04
N GLY BA 156 -47.24 86.90 -88.25
CA GLY BA 156 -48.15 85.78 -88.42
C GLY BA 156 -49.60 86.05 -88.11
N MET BA 157 -50.04 87.31 -88.16
CA MET BA 157 -51.41 87.66 -87.87
C MET BA 157 -52.12 88.03 -89.17
N LEU BA 158 -53.26 87.40 -89.42
CA LEU BA 158 -54.05 87.63 -90.61
C LEU BA 158 -55.44 88.13 -90.24
N PHE BA 159 -55.92 89.14 -90.96
CA PHE BA 159 -57.20 89.77 -90.65
C PHE BA 159 -57.65 90.57 -91.87
N ASP BA 160 -58.89 91.06 -91.80
CA ASP BA 160 -59.44 91.90 -92.85
C ASP BA 160 -60.60 92.70 -92.27
N SER BA 161 -60.92 93.82 -92.94
CA SER BA 161 -62.04 94.68 -92.56
C SER BA 161 -61.89 95.20 -91.13
N LEU BA 162 -60.78 95.89 -90.87
CA LEU BA 162 -60.52 96.47 -89.56
C LEU BA 162 -60.52 97.99 -89.68
N PRO BA 163 -61.40 98.69 -88.97
CA PRO BA 163 -61.50 100.14 -89.12
C PRO BA 163 -60.56 100.90 -88.18
N VAL BA 164 -60.17 102.10 -88.64
CA VAL BA 164 -59.38 103.04 -87.86
C VAL BA 164 -60.20 104.32 -87.74
N ILE BA 165 -60.36 104.80 -86.51
CA ILE BA 165 -61.28 105.89 -86.20
C ILE BA 165 -60.50 107.03 -85.55
N LEU BA 166 -60.80 108.26 -86.00
CA LEU BA 166 -60.25 109.47 -85.42
C LEU BA 166 -61.40 110.37 -84.96
N ASN BA 167 -61.18 111.11 -83.87
CA ASN BA 167 -62.19 111.96 -83.27
C ASN BA 167 -61.68 113.38 -83.15
N PHE BA 168 -62.58 114.35 -83.27
CA PHE BA 168 -62.27 115.76 -83.16
C PHE BA 168 -63.12 116.41 -82.09
N GLN BA 169 -62.53 117.32 -81.32
CA GLN BA 169 -63.24 118.08 -80.30
C GLN BA 169 -62.72 119.51 -80.28
N VAL BA 170 -63.65 120.46 -80.19
CA VAL BA 170 -63.32 121.88 -80.19
C VAL BA 170 -63.14 122.34 -78.75
N LEU BA 171 -62.01 122.99 -78.47
CA LEU BA 171 -61.73 123.51 -77.14
C LEU BA 171 -61.98 125.00 -77.02
N SER BA 172 -61.69 125.78 -78.06
CA SER BA 172 -61.89 127.22 -78.02
C SER BA 172 -61.90 127.75 -79.44
N VAL BA 173 -62.76 128.74 -79.69
CA VAL BA 173 -62.85 129.39 -81.00
C VAL BA 173 -62.94 130.89 -80.78
N SER BA 174 -62.37 131.66 -81.71
CA SER BA 174 -62.40 133.11 -81.63
C SER BA 174 -62.40 133.73 -83.03
N THR CA 26 -126.44 158.64 -57.90
CA THR CA 26 -125.15 158.78 -57.23
C THR CA 26 -124.48 157.41 -57.08
N THR CA 27 -123.72 157.02 -58.10
CA THR CA 27 -123.03 155.72 -58.13
C THR CA 27 -121.54 155.94 -58.27
N GLN CA 28 -120.77 155.22 -57.47
CA GLN CA 28 -119.31 155.29 -57.49
C GLN CA 28 -118.76 154.07 -58.21
N SER CA 29 -117.95 154.30 -59.24
CA SER CA 29 -117.46 153.18 -60.04
C SER CA 29 -116.00 152.91 -59.77
N PRO CA 30 -115.59 151.63 -59.78
CA PRO CA 30 -114.17 151.31 -59.58
C PRO CA 30 -113.32 151.44 -60.83
N LEU CA 31 -113.93 151.46 -62.02
CA LEU CA 31 -113.23 151.72 -63.27
C LEU CA 31 -112.16 150.67 -63.57
N ASN CA 32 -112.54 149.39 -63.43
CA ASN CA 32 -111.62 148.30 -63.73
C ASN CA 32 -112.32 147.13 -64.44
N SER CA 33 -113.46 147.39 -65.07
CA SER CA 33 -114.23 146.34 -65.74
C SER CA 33 -113.92 146.30 -67.23
N PHE CA 34 -112.67 145.99 -67.54
CA PHE CA 34 -112.21 145.86 -68.92
C PHE CA 34 -111.29 144.65 -69.05
N TYR CA 35 -111.50 143.86 -70.10
CA TYR CA 35 -110.74 142.63 -70.27
C TYR CA 35 -110.51 142.35 -71.75
N ALA CA 36 -109.48 141.53 -72.01
CA ALA CA 36 -109.18 141.04 -73.35
C ALA CA 36 -108.58 139.64 -73.20
N THR CA 37 -108.90 138.76 -74.14
CA THR CA 37 -108.60 137.34 -74.00
C THR CA 37 -107.95 136.79 -75.26
N GLY CA 38 -106.95 135.92 -75.07
CA GLY CA 38 -106.35 135.16 -76.16
C GLY CA 38 -106.27 133.69 -75.82
N THR CA 39 -105.59 132.90 -76.65
CA THR CA 39 -105.50 131.46 -76.45
C THR CA 39 -104.14 130.95 -76.91
N ALA CA 40 -103.78 129.76 -76.42
CA ALA CA 40 -102.53 129.10 -76.80
C ALA CA 40 -102.71 127.59 -76.67
N GLN CA 41 -101.86 126.85 -77.35
CA GLN CA 41 -101.95 125.39 -77.34
C GLN CA 41 -100.63 124.78 -77.81
N ALA CA 42 -100.48 123.49 -77.52
CA ALA CA 42 -99.34 122.71 -78.00
C ALA CA 42 -99.76 121.24 -77.96
N VAL CA 43 -99.96 120.63 -79.14
CA VAL CA 43 -100.61 119.34 -79.22
C VAL CA 43 -99.78 118.33 -80.03
N GLN CA 44 -98.46 118.49 -80.10
CA GLN CA 44 -97.64 117.51 -80.81
C GLN CA 44 -96.22 117.51 -80.26
N GLU CA 45 -95.55 116.38 -80.42
CA GLU CA 45 -94.16 116.19 -79.99
C GLU CA 45 -93.21 116.81 -81.01
N PRO CA 46 -92.02 117.22 -80.57
CA PRO CA 46 -91.11 117.94 -81.48
C PRO CA 46 -90.71 117.17 -82.73
N ILE CA 47 -90.48 115.85 -82.62
CA ILE CA 47 -89.94 115.08 -83.72
C ILE CA 47 -90.78 113.83 -83.96
N ASP CA 48 -90.63 113.28 -85.17
CA ASP CA 48 -91.22 112.01 -85.54
C ASP CA 48 -90.13 111.17 -86.21
N VAL CA 49 -90.10 109.88 -85.92
CA VAL CA 49 -89.02 109.00 -86.36
C VAL CA 49 -89.61 107.82 -87.12
N GLU CA 50 -89.05 107.52 -88.30
CA GLU CA 50 -89.47 106.40 -89.12
C GLU CA 50 -88.24 105.60 -89.54
N SER CA 51 -88.37 104.28 -89.57
CA SER CA 51 -87.25 103.38 -89.78
C SER CA 51 -87.35 102.69 -91.14
N HIS CA 52 -86.19 102.49 -91.78
CA HIS CA 52 -86.09 101.78 -93.05
C HIS CA 52 -84.88 100.87 -93.06
N LEU CA 53 -84.65 100.14 -91.98
CA LEU CA 53 -83.53 99.21 -91.88
C LEU CA 53 -83.98 97.86 -92.45
N ASP CA 54 -83.70 97.65 -93.73
CA ASP CA 54 -84.17 96.47 -94.45
C ASP CA 54 -83.00 95.69 -95.07
N ASN CA 55 -81.93 95.49 -94.30
CA ASN CA 55 -80.84 94.62 -94.69
C ASN CA 55 -80.46 93.74 -93.53
N THR CA 56 -79.95 92.54 -93.84
CA THR CA 56 -79.66 91.52 -92.86
C THR CA 56 -78.18 91.23 -92.82
N ILE CA 57 -77.60 91.23 -91.62
CA ILE CA 57 -76.22 90.79 -91.43
C ILE CA 57 -76.21 89.26 -91.47
N ALA CA 58 -75.77 88.69 -92.58
CA ALA CA 58 -75.82 87.25 -92.81
C ALA CA 58 -74.44 86.73 -93.22
N PRO CA 59 -73.50 86.63 -92.27
CA PRO CA 59 -72.22 86.00 -92.56
C PRO CA 59 -72.24 84.53 -92.19
N ALA CA 60 -71.14 83.86 -92.52
CA ALA CA 60 -70.95 82.49 -92.06
C ALA CA 60 -70.49 82.49 -90.61
N ALA CA 61 -70.51 81.30 -90.01
CA ALA CA 61 -70.14 81.17 -88.59
C ALA CA 61 -68.66 81.47 -88.42
N GLY CA 62 -68.34 82.41 -87.53
CA GLY CA 62 -66.97 82.75 -87.22
C GLY CA 62 -66.29 83.66 -88.21
N ALA CA 63 -67.01 84.24 -89.14
CA ALA CA 63 -66.42 85.07 -90.19
C ALA CA 63 -66.34 86.53 -89.75
N GLN CA 64 -65.41 87.26 -90.38
CA GLN CA 64 -65.24 88.69 -90.18
C GLN CA 64 -65.77 89.41 -91.41
N GLY CA 65 -66.64 90.40 -91.21
CA GLY CA 65 -67.35 90.97 -92.33
C GLY CA 65 -67.48 92.47 -92.39
N TYR CA 66 -68.34 92.94 -93.29
CA TYR CA 66 -68.51 94.36 -93.59
C TYR CA 66 -69.85 94.55 -94.30
N LYS CA 67 -70.77 95.30 -93.69
CA LYS CA 67 -72.14 95.33 -94.18
C LYS CA 67 -72.77 96.68 -93.87
N ASP CA 68 -73.71 97.08 -94.73
CA ASP CA 68 -74.56 98.24 -94.51
C ASP CA 68 -76.00 97.78 -94.29
N MET CA 69 -76.82 98.61 -93.66
CA MET CA 69 -78.13 98.19 -93.18
C MET CA 69 -79.29 98.94 -93.81
N GLY CA 70 -79.25 100.27 -93.82
CA GLY CA 70 -80.38 101.07 -94.28
C GLY CA 70 -80.24 102.49 -93.78
N TYR CA 71 -81.38 103.18 -93.68
CA TYR CA 71 -81.38 104.55 -93.22
C TYR CA 71 -82.64 104.83 -92.40
N VAL CA 72 -82.58 105.91 -91.61
CA VAL CA 72 -83.64 106.29 -90.69
C VAL CA 72 -84.02 107.75 -90.96
N LYS CA 73 -85.31 108.03 -90.95
CA LYS CA 73 -85.82 109.37 -91.23
C LYS CA 73 -86.31 110.04 -89.95
N ILE CA 74 -85.97 111.33 -89.81
CA ILE CA 74 -86.38 112.14 -88.67
C ILE CA 74 -87.12 113.36 -89.20
N ILE CA 75 -88.26 113.68 -88.61
CA ILE CA 75 -89.11 114.79 -89.05
C ILE CA 75 -89.22 115.80 -87.92
N ASN CA 76 -89.02 117.07 -88.24
CA ASN CA 76 -89.02 118.17 -87.27
C ASN CA 76 -90.15 119.16 -87.58
N TYR CA 77 -90.75 119.68 -86.52
CA TYR CA 77 -92.04 120.36 -86.56
C TYR CA 77 -91.90 121.84 -86.16
N THR CA 78 -93.05 122.48 -85.99
CA THR CA 78 -93.15 123.94 -85.93
C THR CA 78 -92.25 124.53 -84.86
N ASP CA 79 -91.53 125.60 -85.23
CA ASP CA 79 -90.70 126.38 -84.32
C ASP CA 79 -89.55 125.59 -83.73
N VAL CA 80 -89.08 124.56 -84.43
CA VAL CA 80 -87.97 123.73 -84.00
C VAL CA 80 -86.78 124.04 -84.91
N ASN CA 81 -85.62 124.28 -84.31
CA ASN CA 81 -84.41 124.58 -85.08
C ASN CA 81 -83.25 123.66 -84.74
N VAL CA 82 -83.06 123.32 -83.47
CA VAL CA 82 -81.93 122.49 -83.04
C VAL CA 82 -82.47 121.41 -82.11
N VAL CA 83 -82.01 120.17 -82.32
CA VAL CA 83 -82.45 119.02 -81.54
C VAL CA 83 -81.23 118.30 -81.00
N LYS CA 84 -81.28 117.95 -79.71
CA LYS CA 84 -80.25 117.14 -79.05
C LYS CA 84 -80.82 115.76 -78.80
N LEU CA 85 -80.09 114.73 -79.22
CA LEU CA 85 -80.58 113.36 -79.19
C LEU CA 85 -79.59 112.45 -78.49
N LYS CA 86 -80.11 111.35 -77.95
CA LYS CA 86 -79.31 110.30 -77.35
C LYS CA 86 -79.72 108.97 -77.97
N VAL CA 87 -78.74 108.23 -78.50
CA VAL CA 87 -78.99 106.97 -79.17
C VAL CA 87 -78.25 105.85 -78.43
N THR CA 88 -78.95 104.74 -78.19
CA THR CA 88 -78.40 103.64 -77.44
C THR CA 88 -78.85 102.32 -78.05
N LEU CA 89 -78.13 101.26 -77.71
CA LEU CA 89 -78.47 99.89 -78.12
C LEU CA 89 -79.31 99.28 -77.00
N ALA CA 90 -80.58 98.98 -77.31
CA ALA CA 90 -81.51 98.53 -76.28
C ALA CA 90 -81.24 97.09 -75.86
N ASN CA 91 -80.87 96.22 -76.80
CA ASN CA 91 -80.71 94.80 -76.50
C ASN CA 91 -79.28 94.34 -76.65
N ALA CA 92 -78.33 95.13 -76.12
CA ALA CA 92 -76.92 94.76 -76.21
C ALA CA 92 -76.62 93.50 -75.41
N ALA CA 93 -77.31 93.32 -74.29
CA ALA CA 93 -77.06 92.15 -73.45
C ALA CA 93 -77.42 90.85 -74.18
N GLN CA 94 -78.51 90.87 -74.95
CA GLN CA 94 -78.92 89.68 -75.68
C GLN CA 94 -77.93 89.33 -76.79
N LEU CA 95 -77.33 90.34 -77.41
CA LEU CA 95 -76.42 90.12 -78.54
C LEU CA 95 -75.02 89.72 -78.12
N ARG CA 96 -74.68 89.82 -76.84
CA ARG CA 96 -73.33 89.49 -76.39
C ARG CA 96 -72.92 88.04 -76.68
N PRO CA 97 -73.72 87.01 -76.37
CA PRO CA 97 -73.25 85.64 -76.63
C PRO CA 97 -73.07 85.30 -78.10
N TYR CA 98 -73.55 86.14 -79.02
CA TYR CA 98 -73.50 85.82 -80.44
C TYR CA 98 -72.36 86.51 -81.18
N PHE CA 99 -71.70 87.49 -80.57
CA PHE CA 99 -70.70 88.28 -81.27
C PHE CA 99 -69.48 88.50 -80.38
N LYS CA 100 -68.30 88.47 -80.99
CA LYS CA 100 -67.10 88.96 -80.30
C LYS CA 100 -67.06 90.48 -80.25
N TYR CA 101 -67.46 91.14 -81.34
CA TYR CA 101 -67.58 92.58 -81.35
C TYR CA 101 -68.55 92.99 -82.44
N LEU CA 102 -69.15 94.17 -82.28
CA LEU CA 102 -70.10 94.70 -83.24
C LEU CA 102 -70.13 96.22 -83.08
N GLN CA 103 -69.87 96.93 -84.18
CA GLN CA 103 -69.80 98.38 -84.16
C GLN CA 103 -70.74 98.96 -85.20
N LEU CA 104 -71.44 100.03 -84.82
CA LEU CA 104 -72.37 100.72 -85.70
C LEU CA 104 -71.91 102.15 -85.91
N VAL CA 105 -71.91 102.58 -87.17
CA VAL CA 105 -71.46 103.92 -87.56
C VAL CA 105 -72.64 104.68 -88.14
N LEU CA 106 -72.91 105.86 -87.60
CA LEU CA 106 -74.01 106.71 -88.04
C LEU CA 106 -73.45 107.96 -88.71
N THR CA 107 -73.94 108.25 -89.91
CA THR CA 107 -73.49 109.41 -90.68
C THR CA 107 -74.68 110.22 -91.16
N SER CA 108 -74.56 111.55 -91.07
CA SER CA 108 -75.56 112.46 -91.61
C SER CA 108 -75.21 112.80 -93.04
N ASN CA 109 -76.19 112.69 -93.94
CA ASN CA 109 -75.98 112.79 -95.38
C ASN CA 109 -77.04 113.67 -96.03
N ALA CA 110 -78.12 113.99 -95.31
CA ALA CA 110 -79.29 114.65 -95.90
C ALA CA 110 -78.91 115.92 -96.66
N SER CA 111 -77.83 116.59 -96.25
CA SER CA 111 -77.22 117.66 -97.04
C SER CA 111 -76.21 117.05 -98.01
N SER CA 112 -76.44 117.25 -99.30
CA SER CA 112 -75.56 116.69 -100.31
C SER CA 112 -74.17 117.30 -100.26
N THR CA 113 -74.01 118.46 -99.62
CA THR CA 113 -72.70 119.10 -99.52
C THR CA 113 -71.94 118.72 -98.25
N VAL CA 114 -72.64 118.40 -97.17
CA VAL CA 114 -72.02 118.13 -95.88
C VAL CA 114 -72.39 116.72 -95.45
N GLU CA 115 -71.47 115.77 -95.65
CA GLU CA 115 -71.57 114.43 -95.08
C GLU CA 115 -70.74 114.39 -93.80
N GLU CA 116 -71.36 113.93 -92.71
CA GLU CA 116 -70.67 113.85 -91.43
C GLU CA 116 -71.05 112.59 -90.68
N THR CA 117 -70.05 111.89 -90.15
CA THR CA 117 -70.27 110.81 -89.20
C THR CA 117 -70.42 111.42 -87.80
N LYS CA 118 -71.49 111.02 -87.10
CA LYS CA 118 -71.84 111.64 -85.83
C LYS CA 118 -71.50 110.79 -84.61
N ALA CA 119 -71.68 109.47 -84.68
CA ALA CA 119 -71.43 108.64 -83.51
C ALA CA 119 -71.04 107.24 -83.95
N VAL CA 120 -70.36 106.53 -83.06
CA VAL CA 120 -70.01 105.13 -83.23
C VAL CA 120 -70.49 104.38 -82.00
N LEU CA 121 -71.28 103.34 -82.21
CA LEU CA 121 -71.83 102.53 -81.13
C LEU CA 121 -71.20 101.14 -81.13
N SER CA 122 -71.08 100.57 -79.94
CA SER CA 122 -70.47 99.26 -79.78
C SER CA 122 -71.12 98.55 -78.61
N LEU CA 123 -70.81 97.26 -78.48
CA LEU CA 123 -71.39 96.46 -77.40
C LEU CA 123 -70.80 96.84 -76.04
N LYS CA 124 -69.63 97.46 -76.00
CA LYS CA 124 -69.02 97.88 -74.75
C LYS CA 124 -69.43 99.30 -74.35
N LYS CA 125 -69.68 100.17 -75.34
CA LYS CA 125 -70.12 101.54 -75.10
C LYS CA 125 -71.36 101.77 -75.96
N PRO CA 126 -72.54 101.39 -75.46
CA PRO CA 126 -73.74 101.38 -76.32
C PRO CA 126 -74.39 102.74 -76.56
N SER CA 127 -74.03 103.77 -75.80
CA SER CA 127 -74.76 105.03 -75.84
C SER CA 127 -73.87 106.14 -76.39
N ALA CA 128 -74.51 107.11 -77.04
CA ALA CA 128 -73.82 108.27 -77.59
C ALA CA 128 -74.80 109.43 -77.68
N VAL CA 129 -74.26 110.64 -77.75
CA VAL CA 129 -75.03 111.87 -77.85
C VAL CA 129 -74.60 112.63 -79.09
N ILE CA 130 -75.57 113.03 -79.91
CA ILE CA 130 -75.30 113.71 -81.18
C ILE CA 130 -76.06 115.02 -81.21
N ILE CA 131 -75.65 115.90 -82.13
CA ILE CA 131 -76.23 117.23 -82.30
C ILE CA 131 -76.64 117.39 -83.76
N LEU CA 132 -77.87 117.84 -83.99
CA LEU CA 132 -78.35 118.18 -85.31
C LEU CA 132 -78.66 119.67 -85.36
N ASP CA 133 -78.14 120.35 -86.38
CA ASP CA 133 -78.27 121.80 -86.47
C ASP CA 133 -78.80 122.26 -87.82
N ASN CA 134 -78.72 123.57 -88.08
CA ASN CA 134 -79.29 124.14 -89.30
C ASN CA 134 -78.72 123.51 -90.56
N ASP CA 135 -77.45 123.12 -90.54
CA ASP CA 135 -76.83 122.54 -91.74
C ASP CA 135 -77.41 121.16 -92.05
N ASP CA 136 -77.76 120.38 -91.03
CA ASP CA 136 -78.24 119.02 -91.26
C ASP CA 136 -79.64 119.03 -91.86
N TYR CA 137 -80.49 119.96 -91.45
CA TYR CA 137 -81.89 119.97 -91.86
C TYR CA 137 -82.06 120.40 -93.31
N SER CA 138 -81.63 119.55 -94.24
CA SER CA 138 -81.87 119.79 -95.65
C SER CA 138 -83.32 119.50 -96.00
N SER CA 139 -83.80 120.14 -97.05
CA SER CA 139 -85.22 120.20 -97.41
C SER CA 139 -86.06 120.81 -96.30
N THR CA 140 -85.41 121.36 -95.26
CA THR CA 140 -86.01 122.10 -94.16
C THR CA 140 -86.91 121.25 -93.27
N ASN CA 141 -87.06 119.95 -93.58
CA ASN CA 141 -88.05 119.15 -92.87
C ASN CA 141 -87.59 117.77 -92.42
N LYS CA 142 -86.43 117.27 -92.86
CA LYS CA 142 -86.10 115.89 -92.53
C LYS CA 142 -84.60 115.67 -92.45
N ILE CA 143 -84.24 114.64 -91.67
CA ILE CA 143 -82.87 114.15 -91.51
C ILE CA 143 -82.80 112.72 -92.03
N GLN CA 144 -81.73 112.41 -92.76
CA GLN CA 144 -81.48 111.07 -93.25
C GLN CA 144 -80.17 110.56 -92.66
N LEU CA 145 -80.21 109.40 -92.01
CA LEU CA 145 -79.06 108.80 -91.36
C LEU CA 145 -79.01 107.32 -91.71
N LYS CA 146 -77.97 106.90 -92.42
CA LYS CA 146 -77.73 105.49 -92.66
C LYS CA 146 -76.83 104.88 -91.59
N VAL CA 147 -76.91 103.55 -91.48
CA VAL CA 147 -76.22 102.80 -90.44
C VAL CA 147 -75.13 101.96 -91.09
N GLU CA 148 -73.94 101.97 -90.50
CA GLU CA 148 -72.83 101.17 -91.01
C GLU CA 148 -72.39 100.21 -89.92
N ALA CA 149 -72.22 98.94 -90.28
CA ALA CA 149 -71.95 97.87 -89.32
C ALA CA 149 -70.63 97.18 -89.61
N TYR CA 150 -69.87 96.91 -88.56
CA TYR CA 150 -68.69 96.07 -88.59
C TYR CA 150 -68.84 94.99 -87.52
N TYR CA 151 -68.47 93.76 -87.85
CA TYR CA 151 -68.81 92.66 -86.97
C TYR CA 151 -67.82 91.50 -87.14
N GLU CA 152 -67.80 90.64 -86.12
CA GLU CA 152 -67.16 89.33 -86.20
C GLU CA 152 -68.02 88.34 -85.42
N ALA CA 153 -68.42 87.26 -86.09
CA ALA CA 153 -69.32 86.29 -85.49
C ALA CA 153 -68.56 85.30 -84.62
N LYS CA 154 -69.27 84.74 -83.63
CA LYS CA 154 -68.69 83.72 -82.78
C LYS CA 154 -68.42 82.44 -83.55
N GLU CA 155 -67.44 81.68 -83.08
CA GLU CA 155 -67.00 80.47 -83.77
C GLU CA 155 -68.01 79.34 -83.52
N GLY CA 156 -68.55 78.79 -84.60
CA GLY CA 156 -69.40 77.62 -84.51
C GLY CA 156 -70.79 77.87 -83.97
N MET CA 157 -71.29 79.09 -84.04
CA MET CA 157 -72.62 79.43 -83.53
C MET CA 157 -73.57 79.63 -84.71
N LEU CA 158 -74.71 78.94 -84.68
CA LEU CA 158 -75.71 79.03 -85.73
C LEU CA 158 -77.02 79.51 -85.14
N PHE CA 159 -77.70 80.41 -85.86
CA PHE CA 159 -78.93 81.02 -85.38
C PHE CA 159 -79.63 81.69 -86.55
N ASP CA 160 -80.87 82.12 -86.30
CA ASP CA 160 -81.64 82.85 -87.30
C ASP CA 160 -82.71 83.65 -86.59
N SER CA 161 -83.21 84.67 -87.28
CA SER CA 161 -84.29 85.52 -86.78
C SER CA 161 -83.92 86.19 -85.45
N LEU CA 162 -82.82 86.94 -85.47
CA LEU CA 162 -82.36 87.66 -84.28
C LEU CA 162 -82.47 89.16 -84.53
N PRO CA 163 -83.25 89.89 -83.74
CA PRO CA 163 -83.45 91.32 -83.99
C PRO CA 163 -82.40 92.20 -83.32
N VAL CA 164 -82.18 93.36 -83.95
CA VAL CA 164 -81.31 94.41 -83.41
C VAL CA 164 -82.16 95.66 -83.25
N ILE CA 165 -82.13 96.25 -82.05
CA ILE CA 165 -83.04 97.32 -81.68
C ILE CA 165 -82.23 98.56 -81.30
N LEU CA 166 -82.66 99.72 -81.78
CA LEU CA 166 -82.09 101.01 -81.42
C LEU CA 166 -83.18 101.89 -80.84
N ASN CA 167 -82.81 102.74 -79.88
CA ASN CA 167 -83.76 103.61 -79.18
C ASN CA 167 -83.30 105.06 -79.27
N PHE CA 168 -84.27 105.97 -79.31
CA PHE CA 168 -84.02 107.40 -79.40
C PHE CA 168 -84.71 108.12 -78.24
N GLN CA 169 -84.03 109.11 -77.67
CA GLN CA 169 -84.59 109.93 -76.62
C GLN CA 169 -84.16 111.38 -76.82
N VAL CA 170 -85.11 112.30 -76.64
CA VAL CA 170 -84.88 113.73 -76.83
C VAL CA 170 -84.46 114.33 -75.48
N LEU CA 171 -83.34 115.05 -75.49
CA LEU CA 171 -82.84 115.70 -74.28
C LEU CA 171 -83.15 117.19 -74.24
N SER CA 172 -83.09 117.88 -75.38
CA SER CA 172 -83.37 119.30 -75.43
C SER CA 172 -83.67 119.70 -76.87
N VAL CA 173 -84.61 120.62 -77.05
CA VAL CA 173 -84.97 121.13 -78.36
C VAL CA 173 -85.11 122.65 -78.27
N SER CA 174 -84.76 123.33 -79.35
CA SER CA 174 -84.86 124.79 -79.40
C SER CA 174 -85.14 125.28 -80.82
N THR DA 26 -144.92 149.94 -46.61
CA THR DA 26 -143.55 150.20 -46.21
C THR DA 26 -142.78 148.89 -46.06
N THR DA 27 -142.19 148.43 -47.17
CA THR DA 27 -141.46 147.17 -47.21
C THR DA 27 -140.02 147.43 -47.64
N GLN DA 28 -139.08 146.82 -46.93
CA GLN DA 28 -137.66 146.95 -47.23
C GLN DA 28 -137.19 145.67 -47.92
N SER DA 29 -136.59 145.84 -49.10
CA SER DA 29 -136.19 144.67 -49.88
C SER DA 29 -134.68 144.47 -49.86
N PRO DA 30 -134.20 143.22 -49.83
CA PRO DA 30 -132.76 142.98 -49.86
C PRO DA 30 -132.15 143.04 -51.26
N LEU DA 31 -132.97 142.90 -52.31
CA LEU DA 31 -132.53 143.07 -53.69
C LEU DA 31 -131.47 142.04 -54.09
N ASN DA 32 -131.74 140.77 -53.77
CA ASN DA 32 -130.83 139.68 -54.14
C ASN DA 32 -131.58 138.44 -54.61
N SER DA 33 -132.83 138.58 -55.03
CA SER DA 33 -133.65 137.45 -55.45
C SER DA 33 -133.61 137.27 -56.96
N PHE DA 34 -132.41 136.98 -57.48
CA PHE DA 34 -132.22 136.73 -58.90
C PHE DA 34 -131.26 135.56 -59.09
N TYR DA 35 -131.61 134.66 -60.00
CA TYR DA 35 -130.82 133.45 -60.20
C TYR DA 35 -130.84 133.05 -61.67
N ALA DA 36 -129.85 132.25 -62.05
CA ALA DA 36 -129.76 131.63 -63.36
C ALA DA 36 -129.07 130.29 -63.21
N THR DA 37 -129.50 129.30 -64.00
CA THR DA 37 -129.09 127.91 -63.78
C THR DA 37 -128.66 127.27 -65.09
N GLY DA 38 -127.59 126.47 -65.01
CA GLY DA 38 -127.15 125.63 -66.12
C GLY DA 38 -126.92 124.20 -65.68
N THR DA 39 -126.37 123.36 -66.55
CA THR DA 39 -126.16 121.95 -66.24
C THR DA 39 -124.87 121.46 -66.89
N ALA DA 40 -124.37 120.34 -66.38
CA ALA DA 40 -123.18 119.69 -66.93
C ALA DA 40 -123.25 118.20 -66.63
N GLN DA 41 -122.48 117.43 -67.39
CA GLN DA 41 -122.49 115.98 -67.24
C GLN DA 41 -121.24 115.38 -67.88
N ALA DA 42 -120.97 114.12 -67.51
CA ALA DA 42 -119.89 113.34 -68.11
C ALA DA 42 -120.21 111.88 -67.88
N VAL DA 43 -120.58 111.15 -68.94
CA VAL DA 43 -121.16 109.81 -68.79
C VAL DA 43 -120.45 108.78 -69.65
N GLN DA 44 -119.18 108.98 -69.97
CA GLN DA 44 -118.45 107.97 -70.73
C GLN DA 44 -116.95 108.09 -70.46
N GLU DA 45 -116.25 106.95 -70.64
CA GLU DA 45 -114.81 106.87 -70.45
C GLU DA 45 -114.08 107.43 -71.68
N PRO DA 46 -112.85 107.93 -71.50
CA PRO DA 46 -112.16 108.59 -72.62
C PRO DA 46 -111.96 107.71 -73.84
N ILE DA 47 -111.64 106.43 -73.67
CA ILE DA 47 -111.26 105.58 -74.78
C ILE DA 47 -112.06 104.28 -74.76
N ASP DA 48 -112.10 103.62 -75.91
CA ASP DA 48 -112.67 102.30 -76.06
C ASP DA 48 -111.68 101.44 -76.84
N VAL DA 49 -111.53 100.18 -76.45
CA VAL DA 49 -110.50 99.30 -77.00
C VAL DA 49 -111.14 98.03 -77.53
N GLU DA 50 -110.78 97.65 -78.75
CA GLU DA 50 -111.28 96.44 -79.39
C GLU DA 50 -110.10 95.65 -79.96
N SER DA 51 -110.16 94.33 -79.85
CA SER DA 51 -109.04 93.45 -80.18
C SER DA 51 -109.35 92.63 -81.43
N HIS DA 52 -108.31 92.43 -82.26
CA HIS DA 52 -108.41 91.60 -83.46
C HIS DA 52 -107.16 90.74 -83.62
N LEU DA 53 -106.71 90.13 -82.53
CA LEU DA 53 -105.53 89.25 -82.55
C LEU DA 53 -106.00 87.85 -82.92
N ASP DA 54 -105.94 87.52 -84.20
CA ASP DA 54 -106.46 86.26 -84.72
C ASP DA 54 -105.40 85.46 -85.46
N ASN DA 55 -104.20 85.39 -84.89
CA ASN DA 55 -103.14 84.53 -85.41
C ASN DA 55 -102.50 83.76 -84.25
N THR DA 56 -102.00 82.58 -84.55
CA THR DA 56 -101.49 81.66 -83.55
C THR DA 56 -100.00 81.44 -83.77
N ILE DA 57 -99.21 81.57 -82.70
CA ILE DA 57 -97.80 81.21 -82.72
C ILE DA 57 -97.73 79.69 -82.62
N ALA DA 58 -97.44 79.03 -83.75
CA ALA DA 58 -97.45 77.57 -83.83
C ALA DA 58 -96.15 77.07 -84.43
N PRO DA 59 -95.06 77.10 -83.68
CA PRO DA 59 -93.80 76.50 -84.13
C PRO DA 59 -93.68 75.07 -83.65
N ALA DA 60 -92.62 74.40 -84.12
CA ALA DA 60 -92.26 73.10 -83.59
C ALA DA 60 -91.56 73.25 -82.24
N ALA DA 61 -91.39 72.13 -81.54
CA ALA DA 61 -90.78 72.16 -80.22
C ALA DA 61 -89.31 72.53 -80.35
N GLY DA 62 -88.89 73.56 -79.61
CA GLY DA 62 -87.51 73.99 -79.60
C GLY DA 62 -87.06 74.83 -80.76
N ALA DA 63 -87.98 75.29 -81.61
CA ALA DA 63 -87.63 76.03 -82.81
C ALA DA 63 -87.55 77.53 -82.53
N GLN DA 64 -86.79 78.22 -83.38
CA GLN DA 64 -86.68 79.67 -83.34
C GLN DA 64 -87.46 80.24 -84.51
N GLY DA 65 -88.33 81.22 -84.23
CA GLY DA 65 -89.26 81.66 -85.26
C GLY DA 65 -89.49 83.14 -85.42
N TYR DA 66 -90.52 83.49 -86.18
CA TYR DA 66 -90.83 84.86 -86.57
C TYR DA 66 -92.28 84.92 -87.02
N LYS DA 67 -93.12 85.69 -86.33
CA LYS DA 67 -94.55 85.62 -86.57
C LYS DA 67 -95.19 86.97 -86.26
N ASP DA 68 -96.29 87.25 -86.97
CA ASP DA 68 -97.15 88.39 -86.69
C ASP DA 68 -98.50 87.89 -86.17
N MET DA 69 -99.23 88.75 -85.48
CA MET DA 69 -100.41 88.33 -84.73
C MET DA 69 -101.71 88.97 -85.22
N GLY DA 70 -101.74 90.29 -85.33
CA GLY DA 70 -102.97 90.99 -85.66
C GLY DA 70 -102.83 92.46 -85.30
N TYR DA 71 -103.97 93.11 -85.06
CA TYR DA 71 -103.96 94.53 -84.73
C TYR DA 71 -105.07 94.83 -83.72
N VAL DA 72 -104.92 95.97 -83.06
CA VAL DA 72 -105.83 96.41 -82.00
C VAL DA 72 -106.33 97.81 -82.32
N LYS DA 73 -107.62 98.05 -82.09
CA LYS DA 73 -108.24 99.33 -82.39
C LYS DA 73 -108.53 100.11 -81.11
N ILE DA 74 -108.24 101.41 -81.14
CA ILE DA 74 -108.49 102.32 -80.03
C ILE DA 74 -109.38 103.44 -80.52
N ILE DA 75 -110.42 103.78 -79.75
CA ILE DA 75 -111.39 104.80 -80.13
C ILE DA 75 -111.35 105.91 -79.08
N ASN DA 76 -111.28 107.16 -79.55
CA ASN DA 76 -111.17 108.33 -78.70
C ASN DA 76 -112.38 109.25 -78.88
N TYR DA 77 -112.82 109.85 -77.76
CA TYR DA 77 -114.13 110.47 -77.64
C TYR DA 77 -114.01 111.98 -77.40
N THR DA 78 -115.15 112.59 -77.08
CA THR DA 78 -115.30 114.04 -77.14
C THR DA 78 -114.26 114.77 -76.30
N ASP DA 79 -113.69 115.83 -76.89
CA ASP DA 79 -112.75 116.73 -76.23
C ASP DA 79 -111.47 116.04 -75.78
N VAL DA 80 -111.09 114.96 -76.46
CA VAL DA 80 -109.86 114.22 -76.19
C VAL DA 80 -108.88 114.49 -77.32
N ASN DA 81 -107.64 114.84 -76.97
CA ASN DA 81 -106.61 115.11 -77.97
C ASN DA 81 -105.36 114.27 -77.77
N VAL DA 82 -104.92 114.06 -76.54
CA VAL DA 82 -103.70 113.32 -76.24
C VAL DA 82 -103.99 112.32 -75.14
N VAL DA 83 -103.51 111.09 -75.32
CA VAL DA 83 -103.74 110.00 -74.37
C VAL DA 83 -102.39 109.38 -74.00
N LYS DA 84 -102.19 109.16 -72.71
CA LYS DA 84 -101.03 108.46 -72.19
C LYS DA 84 -101.45 107.08 -71.70
N LEU DA 85 -100.75 106.05 -72.16
CA LEU DA 85 -101.16 104.67 -71.92
C LEU DA 85 -100.00 103.87 -71.35
N LYS DA 86 -100.35 102.81 -70.62
CA LYS DA 86 -99.40 101.85 -70.09
C LYS DA 86 -99.84 100.45 -70.50
N VAL DA 87 -98.94 99.70 -71.13
CA VAL DA 87 -99.22 98.37 -71.64
C VAL DA 87 -98.31 97.37 -70.94
N THR DA 88 -98.90 96.26 -70.49
CA THR DA 88 -98.16 95.26 -69.75
C THR DA 88 -98.64 93.86 -70.16
N LEU DA 89 -97.80 92.87 -69.86
CA LEU DA 89 -98.13 91.46 -70.08
C LEU DA 89 -98.72 90.92 -68.78
N ALA DA 90 -100.00 90.55 -68.82
CA ALA DA 90 -100.71 90.16 -67.60
C ALA DA 90 -100.29 88.79 -67.10
N ASN DA 91 -100.04 87.85 -68.01
CA ASN DA 91 -99.76 86.47 -67.62
C ASN DA 91 -98.35 86.05 -68.00
N ALA DA 92 -97.37 86.93 -67.74
CA ALA DA 92 -95.98 86.61 -68.05
C ALA DA 92 -95.47 85.45 -67.21
N ALA DA 93 -95.93 85.33 -65.96
CA ALA DA 93 -95.47 84.27 -65.09
C ALA DA 93 -95.88 82.90 -65.62
N GLN DA 94 -97.09 82.80 -66.17
CA GLN DA 94 -97.56 81.52 -66.71
C GLN DA 94 -96.78 81.11 -67.94
N LEU DA 95 -96.35 82.07 -68.76
CA LEU DA 95 -95.65 81.79 -70.01
C LEU DA 95 -94.17 81.48 -69.82
N ARG DA 96 -93.62 81.72 -68.63
CA ARG DA 96 -92.19 81.48 -68.41
C ARG DA 96 -91.76 80.04 -68.65
N PRO DA 97 -92.43 79.01 -68.11
CA PRO DA 97 -91.93 77.63 -68.33
C PRO DA 97 -92.00 77.16 -69.78
N TYR DA 98 -92.69 77.89 -70.66
CA TYR DA 98 -92.88 77.45 -72.03
C TYR DA 98 -91.93 78.10 -73.03
N PHE DA 99 -91.22 79.16 -72.64
CA PHE DA 99 -90.41 79.92 -73.56
C PHE DA 99 -89.07 80.27 -72.94
N LYS DA 100 -88.01 80.23 -73.76
CA LYS DA 100 -86.74 80.83 -73.35
C LYS DA 100 -86.78 82.35 -73.43
N TYR DA 101 -87.40 82.88 -74.49
CA TYR DA 101 -87.60 84.31 -74.61
C TYR DA 101 -88.78 84.57 -75.53
N LEU DA 102 -89.40 85.73 -75.36
CA LEU DA 102 -90.54 86.14 -76.17
C LEU DA 102 -90.63 87.65 -76.15
N GLN DA 103 -90.60 88.27 -77.33
CA GLN DA 103 -90.61 89.72 -77.46
C GLN DA 103 -91.76 90.16 -78.36
N LEU DA 104 -92.44 91.23 -77.94
CA LEU DA 104 -93.55 91.79 -78.69
C LEU DA 104 -93.21 93.21 -79.11
N VAL DA 105 -93.47 93.52 -80.38
CA VAL DA 105 -93.17 94.83 -80.96
C VAL DA 105 -94.48 95.48 -81.38
N LEU DA 106 -94.71 96.71 -80.91
CA LEU DA 106 -95.92 97.46 -81.21
C LEU DA 106 -95.55 98.66 -82.08
N THR DA 107 -96.27 98.82 -83.19
CA THR DA 107 -96.03 99.91 -84.12
C THR DA 107 -97.33 100.63 -84.45
N SER DA 108 -97.28 101.95 -84.51
CA SER DA 108 -98.41 102.77 -84.92
C SER DA 108 -98.34 102.99 -86.42
N ASN DA 109 -99.45 102.75 -87.11
CA ASN DA 109 -99.52 102.72 -88.56
C ASN DA 109 -100.72 103.49 -89.09
N ALA DA 110 -101.68 103.84 -88.21
CA ALA DA 110 -102.96 104.38 -88.64
C ALA DA 110 -102.80 105.59 -89.56
N SER DA 111 -101.71 106.34 -89.41
CA SER DA 111 -101.31 107.35 -90.39
C SER DA 111 -100.45 106.70 -91.46
N SER DA 112 -100.93 106.76 -92.71
CA SER DA 112 -100.20 106.14 -93.81
C SER DA 112 -98.86 106.81 -94.08
N THR DA 113 -98.66 108.02 -93.57
CA THR DA 113 -97.40 108.73 -93.77
C THR DA 113 -96.40 108.50 -92.64
N VAL DA 114 -96.87 108.26 -91.42
CA VAL DA 114 -96.02 108.14 -90.26
C VAL DA 114 -96.22 106.76 -89.63
N GLU DA 115 -95.31 105.84 -89.92
CA GLU DA 115 -95.22 104.56 -89.23
C GLU DA 115 -94.18 104.67 -88.13
N GLU DA 116 -94.56 104.29 -86.90
CA GLU DA 116 -93.64 104.37 -85.77
C GLU DA 116 -93.82 103.17 -84.85
N THR DA 117 -92.70 102.57 -84.46
CA THR DA 117 -92.68 101.58 -83.39
C THR DA 117 -92.61 102.30 -82.05
N LYS DA 118 -93.52 101.95 -81.14
CA LYS DA 118 -93.67 102.66 -79.88
C LYS DA 118 -93.07 101.95 -78.68
N ALA DA 119 -93.18 100.62 -78.59
CA ALA DA 119 -92.68 99.92 -77.42
C ALA DA 119 -92.30 98.49 -77.80
N VAL DA 120 -91.43 97.91 -76.99
CA VAL DA 120 -91.04 96.51 -77.10
C VAL DA 120 -91.25 95.87 -75.73
N LEU DA 121 -92.00 94.78 -75.71
CA LEU DA 121 -92.31 94.06 -74.48
C LEU DA 121 -91.60 92.71 -74.47
N SER DA 122 -91.24 92.26 -73.28
CA SER DA 122 -90.54 90.98 -73.13
C SER DA 122 -90.92 90.36 -71.79
N LEU DA 123 -90.53 89.11 -71.61
CA LEU DA 123 -90.85 88.39 -70.37
C LEU DA 123 -90.06 88.93 -69.18
N LYS DA 124 -88.93 89.60 -69.42
CA LYS DA 124 -88.14 90.17 -68.34
C LYS DA 124 -88.55 91.60 -68.00
N LYS DA 125 -89.01 92.36 -69.00
CA LYS DA 125 -89.49 93.73 -68.80
C LYS DA 125 -90.87 93.83 -69.44
N PRO DA 126 -91.92 93.45 -68.70
CA PRO DA 126 -93.25 93.30 -69.32
C PRO DA 126 -94.00 94.59 -69.55
N SER DA 127 -93.58 95.71 -68.96
CA SER DA 127 -94.37 96.94 -68.98
C SER DA 127 -93.66 98.03 -69.78
N ALA DA 128 -94.46 98.90 -70.39
CA ALA DA 128 -93.95 100.03 -71.15
C ALA DA 128 -94.99 101.14 -71.16
N VAL DA 129 -94.53 102.36 -71.44
CA VAL DA 129 -95.38 103.54 -71.49
C VAL DA 129 -95.23 104.19 -72.86
N ILE DA 130 -96.35 104.47 -73.52
CA ILE DA 130 -96.35 105.03 -74.87
C ILE DA 130 -97.18 106.31 -74.88
N ILE DA 131 -96.98 107.11 -75.93
CA ILE DA 131 -97.66 108.38 -76.11
C ILE DA 131 -98.33 108.39 -77.48
N LEU DA 132 -99.61 108.77 -77.51
CA LEU DA 132 -100.34 108.96 -78.76
C LEU DA 132 -100.74 110.42 -78.87
N ASP DA 133 -100.45 111.02 -80.02
CA ASP DA 133 -100.67 112.45 -80.22
C ASP DA 133 -101.46 112.76 -81.48
N ASN DA 134 -101.50 114.04 -81.87
CA ASN DA 134 -102.32 114.46 -83.00
C ASN DA 134 -101.95 113.73 -84.28
N ASP DA 135 -100.67 113.40 -84.47
CA ASP DA 135 -100.26 112.73 -85.69
C ASP DA 135 -100.79 111.30 -85.78
N ASP DA 136 -100.91 110.62 -84.65
CA ASP DA 136 -101.35 109.23 -84.66
C ASP DA 136 -102.83 109.12 -85.00
N TYR DA 137 -103.65 110.05 -84.51
CA TYR DA 137 -105.10 109.97 -84.66
C TYR DA 137 -105.54 110.25 -86.09
N SER DA 138 -105.23 109.33 -87.00
CA SER DA 138 -105.73 109.42 -88.36
C SER DA 138 -107.21 109.03 -88.41
N SER DA 139 -107.92 109.56 -89.41
CA SER DA 139 -109.36 109.53 -89.50
C SER DA 139 -110.03 110.21 -88.31
N THR DA 140 -109.24 110.88 -87.47
CA THR DA 140 -109.67 111.70 -86.34
C THR DA 140 -110.35 110.91 -85.23
N ASN DA 141 -110.48 109.58 -85.39
CA ASN DA 141 -111.27 108.82 -84.45
C ASN DA 141 -110.67 107.50 -83.97
N LYS DA 142 -109.58 107.01 -84.57
CA LYS DA 142 -109.12 105.67 -84.19
C LYS DA 142 -107.61 105.52 -84.36
N ILE DA 143 -107.07 104.60 -83.58
CA ILE DA 143 -105.67 104.18 -83.62
C ILE DA 143 -105.61 102.71 -84.03
N GLN DA 144 -104.67 102.37 -84.91
CA GLN DA 144 -104.43 100.99 -85.32
C GLN DA 144 -103.01 100.60 -84.94
N LEU DA 145 -102.88 99.51 -84.19
CA LEU DA 145 -101.59 99.01 -83.72
C LEU DA 145 -101.52 97.51 -83.93
N LYS DA 146 -100.60 97.07 -84.79
CA LYS DA 146 -100.34 95.65 -84.94
C LYS DA 146 -99.23 95.18 -84.00
N VAL DA 147 -99.21 93.88 -83.76
CA VAL DA 147 -98.30 93.24 -82.81
C VAL DA 147 -97.30 92.40 -83.57
N GLU DA 148 -96.02 92.51 -83.21
CA GLU DA 148 -94.98 91.71 -83.84
C GLU DA 148 -94.29 90.88 -82.77
N ALA DA 149 -94.13 89.58 -83.05
CA ALA DA 149 -93.63 88.63 -82.07
C ALA DA 149 -92.35 87.97 -82.53
N TYR DA 150 -91.40 87.83 -81.61
CA TYR DA 150 -90.20 87.03 -81.80
C TYR DA 150 -90.09 86.07 -80.62
N TYR DA 151 -89.71 84.82 -80.91
CA TYR DA 151 -89.83 83.79 -79.88
C TYR DA 151 -88.82 82.67 -80.13
N GLU DA 152 -88.57 81.90 -79.07
CA GLU DA 152 -87.88 80.62 -79.14
C GLU DA 152 -88.53 79.68 -78.14
N ALA DA 153 -88.98 78.53 -78.61
CA ALA DA 153 -89.71 77.58 -77.78
C ALA DA 153 -88.75 76.71 -76.98
N LYS DA 154 -89.23 76.22 -75.84
CA LYS DA 154 -88.45 75.31 -75.01
C LYS DA 154 -88.26 73.97 -75.71
N GLU DA 155 -87.16 73.30 -75.37
CA GLU DA 155 -86.79 72.05 -76.01
C GLU DA 155 -87.67 70.92 -75.48
N GLY DA 156 -88.37 70.24 -76.39
CA GLY DA 156 -89.12 69.05 -76.04
C GLY DA 156 -90.41 69.29 -75.28
N MET DA 157 -90.98 70.49 -75.36
CA MET DA 157 -92.21 70.81 -74.65
C MET DA 157 -93.36 70.87 -75.64
N LEU DA 158 -94.43 70.14 -75.35
CA LEU DA 158 -95.61 70.07 -76.20
C LEU DA 158 -96.83 70.57 -75.43
N PHE DA 159 -97.66 71.37 -76.08
CA PHE DA 159 -98.81 71.97 -75.44
C PHE DA 159 -99.76 72.50 -76.51
N ASP DA 160 -100.95 72.90 -76.08
CA ASP DA 160 -101.93 73.49 -76.97
C ASP DA 160 -102.91 74.32 -76.15
N SER DA 161 -103.58 75.25 -76.83
CA SER DA 161 -104.60 76.11 -76.23
C SER DA 161 -104.03 76.90 -75.05
N LEU DA 162 -102.99 77.70 -75.33
CA LEU DA 162 -102.38 78.55 -74.33
C LEU DA 162 -102.62 80.01 -74.68
N PRO DA 163 -103.28 80.78 -73.81
CA PRO DA 163 -103.60 82.17 -74.15
C PRO DA 163 -102.50 83.15 -73.77
N VAL DA 164 -102.45 84.25 -74.52
CA VAL DA 164 -101.57 85.38 -74.25
C VAL DA 164 -102.45 86.61 -74.05
N ILE DA 165 -102.23 87.32 -72.94
CA ILE DA 165 -103.11 88.39 -72.49
C ILE DA 165 -102.32 89.68 -72.37
N LEU DA 166 -102.90 90.77 -72.88
CA LEU DA 166 -102.34 92.11 -72.74
C LEU DA 166 -103.36 93.01 -72.05
N ASN DA 167 -102.87 93.95 -71.25
CA ASN DA 167 -103.73 94.84 -70.47
C ASN DA 167 -103.38 96.30 -70.77
N PHE DA 168 -104.38 97.16 -70.70
CA PHE DA 168 -104.23 98.59 -70.96
C PHE DA 168 -104.74 99.38 -69.77
N GLN DA 169 -104.03 100.46 -69.43
CA GLN DA 169 -104.45 101.35 -68.36
C GLN DA 169 -104.14 102.79 -68.77
N VAL DA 170 -105.08 103.68 -68.50
CA VAL DA 170 -104.97 105.10 -68.85
C VAL DA 170 -104.35 105.84 -67.67
N LEU DA 171 -103.29 106.59 -67.93
CA LEU DA 171 -102.63 107.38 -66.90
C LEU DA 171 -103.01 108.86 -66.94
N SER DA 172 -103.20 109.43 -68.12
CA SER DA 172 -103.56 110.84 -68.25
C SER DA 172 -104.13 111.08 -69.64
N VAL DA 173 -105.14 111.93 -69.72
CA VAL DA 173 -105.76 112.31 -70.99
C VAL DA 173 -105.96 113.82 -71.00
N SER DA 174 -105.86 114.41 -72.18
CA SER DA 174 -106.04 115.85 -72.34
C SER DA 174 -106.59 116.19 -73.72
N THR EA 26 -160.56 141.67 -31.39
CA THR EA 26 -159.15 142.02 -31.27
C THR EA 26 -158.29 140.75 -31.16
N THR EA 27 -157.89 140.22 -32.30
CA THR EA 27 -157.11 138.99 -32.37
C THR EA 27 -155.79 139.26 -33.09
N GLN EA 28 -154.70 138.76 -32.50
CA GLN EA 28 -153.36 138.92 -33.07
C GLN EA 28 -152.95 137.60 -33.73
N SER EA 29 -152.58 137.67 -35.01
CA SER EA 29 -152.27 136.45 -35.74
C SER EA 29 -150.77 136.32 -35.98
N PRO EA 30 -150.23 135.09 -35.93
CA PRO EA 30 -148.80 134.91 -36.20
C PRO EA 30 -148.46 134.85 -37.68
N LEU EA 31 -149.44 134.59 -38.56
CA LEU EA 31 -149.27 134.64 -40.00
C LEU EA 31 -148.24 133.61 -40.49
N ASN EA 32 -148.38 132.36 -40.02
CA ASN EA 32 -147.49 131.29 -40.45
C ASN EA 32 -148.24 129.98 -40.66
N SER EA 33 -149.55 130.04 -40.87
CA SER EA 33 -150.37 128.83 -41.02
C SER EA 33 -150.59 128.51 -42.50
N PHE EA 34 -149.50 128.21 -43.20
CA PHE EA 34 -149.54 127.85 -44.61
C PHE EA 34 -148.58 126.70 -44.85
N TYR EA 35 -149.02 125.70 -45.61
CA TYR EA 35 -148.22 124.50 -45.85
C TYR EA 35 -148.49 123.95 -47.24
N ALA EA 36 -147.53 123.17 -47.73
CA ALA EA 36 -147.64 122.44 -48.98
C ALA EA 36 -146.86 121.14 -48.84
N THR EA 37 -147.37 120.06 -49.44
CA THR EA 37 -146.85 118.72 -49.18
C THR EA 37 -146.62 117.97 -50.49
N GLY EA 38 -145.52 117.22 -50.53
CA GLY EA 38 -145.23 116.31 -51.62
C GLY EA 38 -144.85 114.93 -51.11
N THR EA 39 -144.42 114.03 -51.99
CA THR EA 39 -144.08 112.67 -51.60
C THR EA 39 -142.91 112.17 -52.44
N ALA EA 40 -142.25 111.13 -51.93
CA ALA EA 40 -141.16 110.47 -52.63
C ALA EA 40 -141.08 109.01 -52.19
N GLN EA 41 -140.42 108.20 -53.02
CA GLN EA 41 -140.32 106.77 -52.73
C GLN EA 41 -139.18 106.16 -53.54
N ALA EA 42 -138.77 104.97 -53.12
CA ALA EA 42 -137.77 104.17 -53.84
C ALA EA 42 -137.97 102.72 -53.41
N VAL EA 43 -138.48 101.89 -54.32
CA VAL EA 43 -138.94 100.55 -53.95
C VAL EA 43 -138.33 99.46 -54.83
N GLN EA 44 -137.15 99.68 -55.41
CA GLN EA 44 -136.52 98.63 -56.19
C GLN EA 44 -135.01 98.84 -56.22
N GLU EA 45 -134.29 97.72 -56.41
CA GLU EA 45 -132.83 97.72 -56.49
C GLU EA 45 -132.38 98.17 -57.88
N PRO EA 46 -131.17 98.74 -57.97
CA PRO EA 46 -130.72 99.31 -59.25
C PRO EA 46 -130.70 98.33 -60.41
N ILE EA 47 -130.28 97.08 -60.18
CA ILE EA 47 -130.05 96.14 -61.27
C ILE EA 47 -130.77 94.83 -60.99
N ASP EA 48 -130.98 94.06 -62.05
CA ASP EA 48 -131.48 92.69 -61.97
C ASP EA 48 -130.60 91.82 -62.85
N VAL EA 49 -130.31 90.60 -62.38
CA VAL EA 49 -129.35 89.73 -63.04
C VAL EA 49 -130.01 88.38 -63.33
N GLU EA 50 -129.85 87.90 -64.56
CA GLU EA 50 -130.39 86.61 -64.97
C GLU EA 50 -129.29 85.82 -65.68
N SER EA 51 -129.26 84.51 -65.45
CA SER EA 51 -128.17 83.65 -65.90
C SER EA 51 -128.65 82.71 -67.00
N HIS EA 52 -127.77 82.47 -67.97
CA HIS EA 52 -128.03 81.53 -69.06
C HIS EA 52 -126.79 80.69 -69.37
N LEU EA 53 -126.10 80.21 -68.33
CA LEU EA 53 -124.91 79.39 -68.50
C LEU EA 53 -125.35 77.93 -68.64
N ASP EA 54 -125.52 77.49 -69.89
CA ASP EA 54 -126.05 76.16 -70.19
C ASP EA 54 -125.08 75.34 -71.03
N ASN EA 55 -123.79 75.38 -70.70
CA ASN EA 55 -122.80 74.51 -71.32
C ASN EA 55 -121.93 73.89 -70.24
N THR EA 56 -121.43 72.69 -70.52
CA THR EA 56 -120.68 71.89 -69.55
C THR EA 56 -119.24 71.71 -70.02
N ILE EA 57 -118.30 71.98 -69.13
CA ILE EA 57 -116.89 71.68 -69.38
C ILE EA 57 -116.72 70.18 -69.16
N ALA EA 58 -116.60 69.43 -70.26
CA ALA EA 58 -116.54 67.96 -70.22
C ALA EA 58 -115.35 67.46 -71.00
N PRO EA 59 -114.14 67.61 -70.46
CA PRO EA 59 -112.96 67.01 -71.09
C PRO EA 59 -112.66 65.63 -70.51
N ALA EA 60 -111.67 64.97 -71.10
CA ALA EA 60 -111.16 63.74 -70.54
C ALA EA 60 -110.22 64.05 -69.36
N ALA EA 61 -109.88 63.02 -68.61
CA ALA EA 61 -109.04 63.19 -67.44
C ALA EA 61 -107.63 63.60 -67.86
N GLY EA 62 -107.15 64.72 -67.31
CA GLY EA 62 -105.81 65.20 -67.58
C GLY EA 62 -105.63 65.94 -68.88
N ALA EA 63 -106.71 66.28 -69.57
CA ALA EA 63 -106.63 66.91 -70.88
C ALA EA 63 -106.58 68.43 -70.75
N GLN EA 64 -106.04 69.07 -71.79
CA GLN EA 64 -105.99 70.53 -71.90
C GLN EA 64 -107.00 70.95 -72.95
N GLY EA 65 -107.86 71.91 -72.61
CA GLY EA 65 -108.99 72.20 -73.48
C GLY EA 65 -109.32 73.66 -73.72
N TYR EA 66 -110.50 73.89 -74.31
CA TYR EA 66 -110.94 75.21 -74.75
C TYR EA 66 -112.45 75.17 -74.94
N LYS EA 67 -113.19 75.97 -74.17
CA LYS EA 67 -114.64 75.82 -74.13
C LYS EA 67 -115.29 77.16 -73.84
N ASP EA 68 -116.51 77.33 -74.35
CA ASP EA 68 -117.37 78.46 -74.02
C ASP EA 68 -118.57 77.95 -73.23
N MET EA 69 -119.22 78.86 -72.49
CA MET EA 69 -120.21 78.46 -71.49
C MET EA 69 -121.61 79.00 -71.78
N GLY EA 70 -121.74 80.29 -72.00
CA GLY EA 70 -123.05 80.92 -72.16
C GLY EA 70 -122.93 82.42 -71.97
N TYR EA 71 -124.04 83.04 -71.57
CA TYR EA 71 -124.06 84.48 -71.39
C TYR EA 71 -124.97 84.84 -70.21
N VAL EA 72 -124.78 86.04 -69.69
CA VAL EA 72 -125.51 86.54 -68.52
C VAL EA 72 -126.13 87.89 -68.88
N LYS EA 73 -127.37 88.10 -68.45
CA LYS EA 73 -128.11 89.32 -68.73
C LYS EA 73 -128.20 90.20 -67.49
N ILE EA 74 -128.01 91.50 -67.68
CA ILE EA 74 -128.10 92.51 -66.63
C ILE EA 74 -129.13 93.54 -67.04
N ILE EA 75 -130.02 93.91 -66.13
CA ILE EA 75 -131.10 94.85 -66.41
C ILE EA 75 -130.94 96.07 -65.49
N ASN EA 76 -131.02 97.26 -66.07
CA ASN EA 76 -130.83 98.52 -65.37
C ASN EA 76 -132.10 99.35 -65.39
N TYR EA 77 -132.36 100.05 -64.28
CA TYR EA 77 -133.67 100.63 -63.97
C TYR EA 77 -133.59 102.14 -63.90
N THR EA 78 -134.68 102.74 -63.42
CA THR EA 78 -134.93 104.18 -63.57
C THR EA 78 -133.79 105.02 -63.02
N ASP EA 79 -133.39 106.04 -63.79
CA ASP EA 79 -132.41 107.05 -63.40
C ASP EA 79 -131.03 106.44 -63.13
N VAL EA 80 -130.72 105.33 -63.78
CA VAL EA 80 -129.42 104.67 -63.67
C VAL EA 80 -128.68 104.86 -64.98
N ASN EA 81 -127.42 105.29 -64.89
CA ASN EA 81 -126.60 105.50 -66.08
C ASN EA 81 -125.29 104.74 -66.05
N VAL EA 82 -124.63 104.66 -64.90
CA VAL EA 82 -123.33 104.01 -64.77
C VAL EA 82 -123.36 103.10 -63.54
N VAL EA 83 -122.85 101.88 -63.71
CA VAL EA 83 -122.84 100.88 -62.65
C VAL EA 83 -121.42 100.36 -62.48
N LYS EA 84 -120.98 100.27 -61.22
CA LYS EA 84 -119.70 99.67 -60.87
C LYS EA 84 -119.96 98.33 -60.20
N LEU EA 85 -119.29 97.29 -60.69
CA LEU EA 85 -119.58 95.92 -60.25
C LEU EA 85 -118.28 95.22 -59.83
N LYS EA 86 -118.45 94.23 -58.95
CA LYS EA 86 -117.36 93.36 -58.53
C LYS EA 86 -117.79 91.91 -58.74
N VAL EA 87 -116.97 91.15 -59.45
CA VAL EA 87 -117.27 89.76 -59.78
C VAL EA 87 -116.19 88.87 -59.18
N THR EA 88 -116.62 87.79 -58.52
CA THR EA 88 -115.70 86.88 -57.85
C THR EA 88 -116.17 85.45 -58.04
N LEU EA 89 -115.24 84.51 -57.81
CA LEU EA 89 -115.52 83.08 -57.84
C LEU EA 89 -115.84 82.64 -56.42
N ALA EA 90 -117.08 82.22 -56.19
CA ALA EA 90 -117.53 81.93 -54.83
C ALA EA 90 -116.96 80.62 -54.30
N ASN EA 91 -116.82 79.61 -55.16
CA ASN EA 91 -116.40 78.29 -54.71
C ASN EA 91 -115.06 77.89 -55.29
N ALA EA 92 -114.10 78.83 -55.29
CA ALA EA 92 -112.77 78.54 -55.83
C ALA EA 92 -112.05 77.48 -55.00
N ALA EA 93 -112.27 77.47 -53.68
CA ALA EA 93 -111.60 76.50 -52.81
C ALA EA 93 -112.03 75.09 -53.14
N GLN EA 94 -113.32 74.88 -53.45
CA GLN EA 94 -113.80 73.54 -53.78
C GLN EA 94 -113.22 73.05 -55.10
N LEU EA 95 -113.01 73.94 -56.06
CA LEU EA 95 -112.53 73.56 -57.38
C LEU EA 95 -111.02 73.34 -57.44
N ARG EA 96 -110.28 73.71 -56.40
CA ARG EA 96 -108.83 73.54 -56.43
C ARG EA 96 -108.36 72.11 -56.61
N PRO EA 97 -108.87 71.11 -55.88
CA PRO EA 97 -108.35 69.74 -56.05
C PRO EA 97 -108.63 69.13 -57.42
N TYR EA 98 -109.51 69.74 -58.22
CA TYR EA 98 -109.92 69.15 -59.49
C TYR EA 98 -109.21 69.75 -60.70
N PHE EA 99 -108.50 70.87 -60.54
CA PHE EA 99 -107.91 71.57 -61.67
C PHE EA 99 -106.50 72.03 -61.33
N LYS EA 100 -105.61 71.96 -62.32
CA LYS EA 100 -104.32 72.63 -62.21
C LYS EA 100 -104.47 74.13 -62.42
N TYR EA 101 -105.29 74.54 -63.38
CA TYR EA 101 -105.59 75.95 -63.59
C TYR EA 101 -106.94 76.07 -64.30
N LEU EA 102 -107.58 77.21 -64.12
CA LEU EA 102 -108.87 77.50 -64.74
C LEU EA 102 -109.03 79.00 -64.83
N GLN EA 103 -109.25 79.50 -66.05
CA GLN EA 103 -109.37 80.92 -66.30
C GLN EA 103 -110.68 81.24 -67.00
N LEU EA 104 -111.33 82.31 -66.57
CA LEU EA 104 -112.59 82.76 -67.15
C LEU EA 104 -112.41 84.14 -67.75
N VAL EA 105 -112.91 84.32 -68.97
CA VAL EA 105 -112.80 85.57 -69.71
C VAL EA 105 -114.19 86.13 -69.94
N LEU EA 106 -114.40 87.38 -69.54
CA LEU EA 106 -115.68 88.05 -69.67
C LEU EA 106 -115.56 89.17 -70.70
N THR EA 107 -116.47 89.20 -71.67
CA THR EA 107 -116.46 90.21 -72.72
C THR EA 107 -117.83 90.84 -72.87
N SER EA 108 -117.87 92.15 -73.05
CA SER EA 108 -119.10 92.88 -73.31
C SER EA 108 -119.32 92.95 -74.82
N ASN EA 109 -120.52 92.61 -75.26
CA ASN EA 109 -120.83 92.43 -76.68
C ASN EA 109 -122.16 93.11 -77.04
N ALA EA 110 -122.95 93.49 -76.02
CA ALA EA 110 -124.33 93.95 -76.26
C ALA EA 110 -124.40 95.07 -77.29
N SER EA 111 -123.34 95.86 -77.42
CA SER EA 111 -123.19 96.79 -78.54
C SER EA 111 -122.51 96.07 -79.69
N SER EA 112 -123.19 96.00 -80.83
CA SER EA 112 -122.65 95.30 -81.99
C SER EA 112 -121.42 95.98 -82.55
N THR EA 113 -121.20 97.25 -82.21
CA THR EA 113 -120.03 97.99 -82.69
C THR EA 113 -118.84 97.91 -81.75
N VAL EA 114 -119.07 97.77 -80.44
CA VAL EA 114 -118.01 97.80 -79.44
C VAL EA 114 -118.03 96.48 -78.69
N GLU EA 115 -117.13 95.57 -79.05
CA GLU EA 115 -116.85 94.37 -78.28
C GLU EA 115 -115.63 94.63 -77.40
N GLU EA 116 -115.76 94.36 -76.10
CA GLU EA 116 -114.66 94.58 -75.16
C GLU EA 116 -114.61 93.47 -74.12
N THR EA 117 -113.40 92.95 -73.90
CA THR EA 117 -113.13 92.07 -72.77
C THR EA 117 -112.86 92.92 -71.53
N LYS EA 118 -113.57 92.62 -70.44
CA LYS EA 118 -113.53 93.45 -69.24
C LYS EA 118 -112.69 92.88 -68.12
N ALA EA 119 -112.71 91.57 -67.89
CA ALA EA 119 -111.97 90.99 -66.78
C ALA EA 119 -111.58 89.56 -67.10
N VAL EA 120 -110.54 89.09 -66.41
CA VAL EA 120 -110.10 87.70 -66.47
C VAL EA 120 -110.02 87.18 -65.04
N LEU EA 121 -110.70 86.07 -64.77
CA LEU EA 121 -110.74 85.47 -63.46
C LEU EA 121 -109.98 84.15 -63.46
N SER EA 122 -109.37 83.83 -62.32
CA SER EA 122 -108.58 82.61 -62.18
C SER EA 122 -108.69 82.11 -60.75
N LEU EA 123 -108.20 80.89 -60.53
CA LEU EA 123 -108.24 80.29 -59.20
C LEU EA 123 -107.28 80.96 -58.23
N LYS EA 124 -106.26 81.66 -58.73
CA LYS EA 124 -105.32 82.35 -57.86
C LYS EA 124 -105.74 83.79 -57.59
N LYS EA 125 -106.42 84.43 -58.55
CA LYS EA 125 -106.94 85.80 -58.38
C LYS EA 125 -108.40 85.77 -58.76
N PRO EA 126 -109.28 85.44 -57.81
CA PRO EA 126 -110.69 85.17 -58.16
C PRO EA 126 -111.55 86.41 -58.37
N SER EA 127 -111.09 87.60 -57.96
CA SER EA 127 -111.93 88.78 -57.95
C SER EA 127 -111.44 89.81 -58.95
N ALA EA 128 -112.39 90.60 -59.48
CA ALA EA 128 -112.09 91.67 -60.42
C ALA EA 128 -113.18 92.73 -60.33
N VAL EA 129 -112.85 93.93 -60.80
CA VAL EA 129 -113.76 95.06 -60.79
C VAL EA 129 -113.88 95.59 -62.22
N ILE EA 130 -115.12 95.76 -62.68
CA ILE EA 130 -115.39 96.19 -64.06
C ILE EA 130 -116.28 97.42 -64.02
N ILE EA 131 -116.33 98.11 -65.16
CA ILE EA 131 -117.10 99.34 -65.32
C ILE EA 131 -118.00 99.19 -66.53
N LEU EA 132 -119.28 99.51 -66.37
CA LEU EA 132 -120.24 99.56 -67.46
C LEU EA 132 -120.73 100.98 -67.63
N ASP EA 133 -120.69 101.48 -68.87
CA ASP EA 133 -121.02 102.87 -69.14
C ASP EA 133 -122.05 103.03 -70.27
N ASN EA 134 -122.23 104.26 -70.75
CA ASN EA 134 -123.25 104.55 -71.75
C ASN EA 134 -123.08 103.71 -73.00
N ASP EA 135 -121.84 103.40 -73.39
CA ASP EA 135 -121.61 102.64 -74.62
C ASP EA 135 -122.08 101.19 -74.47
N ASP EA 136 -121.95 100.62 -73.27
CA ASP EA 136 -122.31 99.21 -73.08
C ASP EA 136 -123.82 99.00 -73.14
N TYR EA 137 -124.58 99.96 -72.59
CA TYR EA 137 -126.03 99.80 -72.46
C TYR EA 137 -126.74 99.92 -73.81
N SER EA 138 -126.55 98.93 -74.67
CA SER EA 138 -127.29 98.87 -75.92
C SER EA 138 -128.72 98.43 -75.66
N SER EA 139 -129.62 98.83 -76.56
CA SER EA 139 -131.07 98.73 -76.38
C SER EA 139 -131.54 99.50 -75.14
N THR EA 140 -130.65 100.27 -74.52
CA THR EA 140 -130.92 101.19 -73.42
C THR EA 140 -131.34 100.48 -72.14
N ASN EA 141 -131.42 99.14 -72.15
CA ASN EA 141 -131.99 98.44 -71.01
C ASN EA 141 -131.23 97.19 -70.55
N LYS EA 142 -130.24 96.69 -71.28
CA LYS EA 142 -129.65 95.42 -70.89
C LYS EA 142 -128.20 95.31 -71.31
N ILE EA 143 -127.46 94.49 -70.57
CA ILE EA 143 -126.07 94.12 -70.84
C ILE EA 143 -126.01 92.62 -71.10
N GLN EA 144 -125.23 92.24 -72.12
CA GLN EA 144 -125.00 90.83 -72.44
C GLN EA 144 -123.50 90.55 -72.29
N LEU EA 145 -123.18 89.53 -71.49
CA LEU EA 145 -121.80 89.13 -71.22
C LEU EA 145 -121.68 87.62 -71.31
N LYS EA 146 -120.91 87.13 -72.28
CA LYS EA 146 -120.60 85.72 -72.35
C LYS EA 146 -119.31 85.39 -71.60
N VAL EA 147 -119.16 84.11 -71.26
CA VAL EA 147 -118.08 83.62 -70.43
C VAL EA 147 -117.18 82.73 -71.29
N GLU EA 148 -115.87 82.93 -71.18
CA GLU EA 148 -114.92 82.12 -71.92
C GLU EA 148 -114.01 81.42 -70.93
N ALA EA 149 -113.81 80.12 -71.11
CA ALA EA 149 -113.09 79.29 -70.16
C ALA EA 149 -111.88 78.63 -70.80
N TYR EA 150 -110.77 78.62 -70.06
CA TYR EA 150 -109.58 77.85 -70.38
C TYR EA 150 -109.21 77.01 -69.18
N TYR EA 151 -108.82 75.76 -69.40
CA TYR EA 151 -108.70 74.82 -68.30
C TYR EA 151 -107.69 73.74 -68.62
N GLU EA 152 -107.21 73.08 -67.57
CA GLU EA 152 -106.47 71.83 -67.66
C GLU EA 152 -106.88 70.97 -66.47
N ALA EA 153 -107.34 69.74 -66.75
CA ALA EA 153 -107.85 68.87 -65.71
C ALA EA 153 -106.71 68.11 -65.03
N LYS EA 154 -106.96 67.72 -63.78
CA LYS EA 154 -105.99 66.93 -63.03
C LYS EA 154 -105.85 65.54 -63.64
N GLU EA 155 -104.67 64.94 -63.45
CA GLU EA 155 -104.35 63.65 -64.03
C GLU EA 155 -105.06 62.54 -63.26
N GLY EA 156 -105.87 61.74 -63.97
CA GLY EA 156 -106.48 60.57 -63.37
C GLY EA 156 -107.62 60.84 -62.41
N MET EA 157 -108.27 61.99 -62.49
CA MET EA 157 -109.37 62.34 -61.60
C MET EA 157 -110.68 62.25 -62.36
N LEU EA 158 -111.64 61.51 -61.82
CA LEU EA 158 -112.94 61.32 -62.43
C LEU EA 158 -114.02 61.84 -61.48
N PHE EA 159 -115.00 62.54 -62.05
CA PHE EA 159 -116.07 63.15 -61.25
C PHE EA 159 -117.21 63.54 -62.18
N ASP EA 160 -118.32 63.93 -61.57
CA ASP EA 160 -119.48 64.39 -62.32
C ASP EA 160 -120.34 65.26 -61.41
N SER EA 161 -121.18 66.09 -62.03
CA SER EA 161 -122.11 66.96 -61.32
C SER EA 161 -121.39 67.89 -60.34
N LEU EA 162 -120.47 68.69 -60.88
CA LEU EA 162 -119.73 69.66 -60.08
C LEU EA 162 -120.10 71.07 -60.51
N PRO EA 163 -120.65 71.90 -59.62
CA PRO EA 163 -121.10 73.23 -60.01
C PRO EA 163 -120.01 74.29 -59.93
N VAL EA 164 -120.16 75.31 -60.77
CA VAL EA 164 -119.31 76.50 -60.76
C VAL EA 164 -120.19 77.70 -60.51
N ILE EA 165 -119.82 78.51 -59.52
CA ILE EA 165 -120.68 79.59 -59.02
C ILE EA 165 -119.95 80.92 -59.16
N LEU EA 166 -120.67 81.93 -59.64
CA LEU EA 166 -120.17 83.30 -59.72
C LEU EA 166 -121.10 84.22 -58.94
N ASN EA 167 -120.53 85.26 -58.34
CA ASN EA 167 -121.28 86.18 -57.50
C ASN EA 167 -121.07 87.62 -57.98
N PHE EA 168 -122.10 88.45 -57.81
CA PHE EA 168 -122.07 89.84 -58.20
C PHE EA 168 -122.41 90.73 -57.02
N GLN EA 169 -121.71 91.86 -56.91
CA GLN EA 169 -121.98 92.84 -55.87
C GLN EA 169 -121.82 94.24 -56.45
N VAL EA 170 -122.76 95.11 -56.09
CA VAL EA 170 -122.79 96.49 -56.57
C VAL EA 170 -122.02 97.36 -55.60
N LEU EA 171 -121.06 98.14 -56.13
CA LEU EA 171 -120.27 99.05 -55.31
C LEU EA 171 -120.73 100.49 -55.40
N SER EA 172 -121.16 100.95 -56.58
CA SER EA 172 -121.62 102.32 -56.76
C SER EA 172 -122.44 102.40 -58.04
N VAL EA 173 -123.50 103.20 -58.00
CA VAL EA 173 -124.36 103.43 -59.16
C VAL EA 173 -124.64 104.91 -59.27
N SER EA 174 -124.78 105.39 -60.50
CA SER EA 174 -125.07 106.80 -60.74
C SER EA 174 -125.88 106.98 -62.02
N THR FA 26 -172.72 134.29 -12.89
CA THR FA 26 -171.32 134.71 -13.06
C THR FA 26 -170.39 133.49 -13.00
N THR FA 27 -170.17 132.86 -14.15
CA THR FA 27 -169.35 131.67 -14.24
C THR FA 27 -168.19 131.92 -15.20
N GLN FA 28 -167.00 131.52 -14.80
CA GLN FA 28 -165.80 131.67 -15.61
C GLN FA 28 -165.44 130.33 -16.22
N SER FA 29 -165.30 130.28 -17.54
CA SER FA 29 -165.06 129.01 -18.21
C SER FA 29 -163.62 128.92 -18.71
N PRO FA 30 -163.02 127.72 -18.65
CA PRO FA 30 -161.65 127.58 -19.17
C PRO FA 30 -161.57 127.38 -20.68
N LEU FA 31 -162.69 126.99 -21.32
CA LEU FA 31 -162.77 126.91 -22.78
C LEU FA 31 -161.79 125.89 -23.36
N ASN FA 32 -161.78 124.69 -22.76
CA ASN FA 32 -160.92 123.62 -23.25
C ASN FA 32 -161.62 122.26 -23.20
N SER FA 33 -162.95 122.24 -23.17
CA SER FA 33 -163.71 121.00 -23.06
C SER FA 33 -164.17 120.52 -24.44
N PHE FA 34 -163.21 120.21 -25.30
CA PHE FA 34 -163.48 119.71 -26.63
C PHE FA 34 -162.52 118.58 -26.96
N TYR FA 35 -163.03 117.49 -27.53
CA TYR FA 35 -162.22 116.31 -27.80
C TYR FA 35 -162.71 115.62 -29.08
N ALA FA 36 -161.81 114.82 -29.66
CA ALA FA 36 -162.10 113.97 -30.79
C ALA FA 36 -161.23 112.72 -30.69
N THR FA 37 -161.78 111.58 -31.09
CA THR FA 37 -161.15 110.30 -30.81
C THR FA 37 -161.12 109.42 -32.06
N GLY FA 38 -160.00 108.73 -32.25
CA GLY FA 38 -159.88 107.72 -33.29
C GLY FA 38 -159.32 106.41 -32.73
N THR FA 39 -159.01 105.45 -33.60
CA THR FA 39 -158.53 104.15 -33.16
C THR FA 39 -157.49 103.62 -34.15
N ALA FA 40 -156.70 102.65 -33.68
CA ALA FA 40 -155.71 101.99 -34.51
C ALA FA 40 -155.48 100.58 -33.97
N GLN FA 41 -154.93 99.71 -34.82
CA GLN FA 41 -154.71 98.32 -34.44
C GLN FA 41 -153.69 97.69 -35.38
N ALA FA 42 -153.14 96.55 -34.94
CA ALA FA 42 -152.26 95.73 -35.77
C ALA FA 42 -152.28 94.32 -35.18
N VAL FA 43 -152.91 93.38 -35.90
CA VAL FA 43 -153.22 92.07 -35.34
C VAL FA 43 -152.72 90.93 -36.22
N GLN FA 44 -151.67 91.13 -37.01
CA GLN FA 44 -151.13 90.04 -37.81
C GLN FA 44 -149.66 90.31 -38.13
N GLU FA 45 -148.93 89.20 -38.36
CA GLU FA 45 -147.52 89.25 -38.70
C GLU FA 45 -147.33 89.59 -40.18
N PRO FA 46 -146.20 90.18 -40.55
CA PRO FA 46 -146.03 90.65 -41.94
C PRO FA 46 -146.15 89.56 -42.99
N ILE FA 47 -145.64 88.36 -42.73
CA ILE FA 47 -145.56 87.33 -43.76
C ILE FA 47 -146.14 86.02 -43.23
N ASP FA 48 -146.48 85.14 -44.17
CA ASP FA 48 -146.89 83.78 -43.87
C ASP FA 48 -146.13 82.86 -44.81
N VAL FA 49 -145.70 81.70 -44.31
CA VAL FA 49 -144.82 80.80 -45.05
C VAL FA 49 -145.44 79.41 -45.09
N GLU FA 50 -145.48 78.82 -46.28
CA GLU FA 50 -146.01 77.48 -46.48
C GLU FA 50 -145.02 76.67 -47.31
N SER FA 51 -144.87 75.39 -46.97
CA SER FA 51 -143.83 74.53 -47.53
C SER FA 51 -144.45 73.47 -48.44
N HIS FA 52 -143.75 73.17 -49.54
CA HIS FA 52 -144.14 72.11 -50.47
C HIS FA 52 -142.93 71.31 -50.93
N LEU FA 53 -142.05 70.96 -49.99
CA LEU FA 53 -140.85 70.16 -50.31
C LEU FA 53 -141.24 68.70 -50.23
N ASP FA 54 -141.59 68.12 -51.38
CA ASP FA 54 -142.10 66.75 -51.47
C ASP FA 54 -141.25 65.90 -52.41
N ASN FA 55 -139.94 66.01 -52.31
CA ASN FA 55 -139.02 65.13 -53.02
C ASN FA 55 -137.93 64.65 -52.07
N THR FA 56 -137.42 63.44 -52.34
CA THR FA 56 -136.47 62.79 -51.46
C THR FA 56 -135.13 62.61 -52.17
N ILE FA 57 -134.06 63.00 -51.49
CA ILE FA 57 -132.71 62.73 -51.96
C ILE FA 57 -132.41 61.27 -51.66
N ALA FA 58 -132.45 60.41 -52.69
CA ALA FA 58 -132.30 58.97 -52.52
C ALA FA 58 -131.24 58.45 -53.48
N PRO FA 59 -129.96 58.68 -53.18
CA PRO FA 59 -128.89 58.09 -53.95
C PRO FA 59 -128.41 56.78 -53.32
N ALA FA 60 -127.51 56.11 -54.02
CA ALA FA 60 -126.83 54.95 -53.45
C ALA FA 60 -125.72 55.42 -52.52
N ALA FA 61 -125.19 54.47 -51.74
CA ALA FA 61 -124.16 54.78 -50.76
C ALA FA 61 -122.88 55.21 -51.47
N GLY FA 62 -122.38 56.40 -51.12
CA GLY FA 62 -121.14 56.89 -51.68
C GLY FA 62 -121.24 57.51 -53.06
N ALA FA 63 -122.44 57.74 -53.56
CA ALA FA 63 -122.62 58.26 -54.91
C ALA FA 63 -122.64 59.78 -54.93
N GLN FA 64 -122.33 60.34 -56.09
CA GLN FA 64 -122.39 61.77 -56.34
C GLN FA 64 -123.59 62.06 -57.22
N GLY FA 65 -124.43 63.01 -56.82
CA GLY FA 65 -125.71 63.17 -57.48
C GLY FA 65 -126.16 64.59 -57.78
N TYR FA 66 -127.43 64.71 -58.17
CA TYR FA 66 -128.02 65.96 -58.64
C TYR FA 66 -129.54 65.85 -58.53
N LYS FA 67 -130.17 66.68 -57.71
CA LYS FA 67 -131.58 66.47 -57.40
C LYS FA 67 -132.24 67.81 -57.10
N ASP FA 68 -133.54 67.89 -57.40
CA ASP FA 68 -134.39 69.01 -57.02
C ASP FA 68 -135.40 68.54 -55.97
N MET FA 69 -135.95 69.48 -55.20
CA MET FA 69 -136.74 69.14 -54.02
C MET FA 69 -138.19 69.60 -54.09
N GLY FA 70 -138.43 70.86 -54.41
CA GLY FA 70 -139.78 71.41 -54.37
C GLY FA 70 -139.71 72.92 -54.34
N TYR FA 71 -140.76 73.54 -53.80
CA TYR FA 71 -140.83 75.00 -53.73
C TYR FA 71 -141.53 75.42 -52.45
N VAL FA 72 -141.32 76.68 -52.08
CA VAL FA 72 -141.85 77.27 -50.86
C VAL FA 72 -142.61 78.54 -51.20
N LYS FA 73 -143.75 78.75 -50.56
CA LYS FA 73 -144.61 79.90 -50.82
C LYS FA 73 -144.52 80.90 -49.66
N ILE FA 74 -144.43 82.18 -50.00
CA ILE FA 74 -144.39 83.27 -49.04
C ILE FA 74 -145.54 84.23 -49.35
N ILE FA 75 -146.27 84.64 -48.33
CA ILE FA 75 -147.44 85.51 -48.48
C ILE FA 75 -147.17 86.80 -47.72
N ASN FA 76 -147.43 87.94 -48.38
CA ASN FA 76 -147.19 89.26 -47.83
C ASN FA 76 -148.49 90.04 -47.70
N TYR FA 77 -148.59 90.83 -46.62
CA TYR FA 77 -149.84 91.38 -46.12
C TYR FA 77 -149.84 92.91 -46.21
N THR FA 78 -150.87 93.50 -45.59
CA THR FA 78 -151.22 94.91 -45.82
C THR FA 78 -150.05 95.84 -45.56
N ASP FA 79 -149.85 96.80 -46.47
CA ASP FA 79 -148.87 97.87 -46.35
C ASP FA 79 -147.43 97.36 -46.30
N VAL FA 80 -147.17 96.19 -46.90
CA VAL FA 80 -145.84 95.61 -46.97
C VAL FA 80 -145.36 95.69 -48.40
N ASN FA 81 -144.14 96.18 -48.59
CA ASN FA 81 -143.56 96.31 -49.92
C ASN FA 81 -142.21 95.60 -50.07
N VAL FA 82 -141.36 95.66 -49.05
CA VAL FA 82 -140.03 95.08 -49.11
C VAL FA 82 -139.79 94.29 -47.83
N VAL FA 83 -139.24 93.08 -47.98
CA VAL FA 83 -138.99 92.19 -46.85
C VAL FA 83 -137.53 91.74 -46.89
N LYS FA 84 -136.87 91.79 -45.74
CA LYS FA 84 -135.51 91.29 -45.57
C LYS FA 84 -135.57 90.01 -44.75
N LEU FA 85 -134.95 88.95 -45.26
CA LEU FA 85 -135.07 87.62 -44.66
C LEU FA 85 -133.69 87.02 -44.44
N LYS FA 86 -133.63 86.11 -43.46
CA LYS FA 86 -132.43 85.33 -43.17
C LYS FA 86 -132.82 83.85 -43.16
N VAL FA 87 -132.10 83.05 -43.93
CA VAL FA 87 -132.37 81.63 -44.09
C VAL FA 87 -131.16 80.84 -43.62
N THR FA 88 -131.40 79.81 -42.80
CA THR FA 88 -130.32 79.01 -42.23
C THR FA 88 -130.73 77.54 -42.21
N LEU FA 89 -129.73 76.68 -42.08
CA LEU FA 89 -129.93 75.25 -41.93
C LEU FA 89 -129.96 74.93 -40.43
N ALA FA 90 -131.12 74.48 -39.94
CA ALA FA 90 -131.31 74.31 -38.51
C ALA FA 90 -130.57 73.08 -37.98
N ASN FA 91 -130.53 72.00 -38.75
CA ASN FA 91 -129.97 70.74 -38.27
C ASN FA 91 -128.72 70.34 -39.06
N ALA FA 92 -127.83 71.32 -39.31
CA ALA FA 92 -126.61 71.03 -40.06
C ALA FA 92 -125.70 70.08 -39.28
N ALA FA 93 -125.68 70.20 -37.96
CA ALA FA 93 -124.81 69.34 -37.15
C ALA FA 93 -125.21 67.88 -37.26
N GLN FA 94 -126.51 67.59 -37.31
CA GLN FA 94 -126.96 66.22 -37.42
C GLN FA 94 -126.62 65.61 -38.78
N LEU FA 95 -126.62 66.43 -39.84
CA LEU FA 95 -126.37 65.94 -41.19
C LEU FA 95 -124.89 65.76 -41.51
N ARG FA 96 -124.00 66.27 -40.66
CA ARG FA 96 -122.56 66.16 -40.95
C ARG FA 96 -122.05 64.73 -41.08
N PRO FA 97 -122.37 63.79 -40.17
CA PRO FA 97 -121.81 62.43 -40.32
C PRO FA 97 -122.30 61.69 -41.55
N TYR FA 98 -123.35 62.18 -42.23
CA TYR FA 98 -123.94 61.46 -43.35
C TYR FA 98 -123.49 61.96 -44.71
N PHE FA 99 -122.84 63.12 -44.78
CA PHE FA 99 -122.50 63.72 -46.06
C PHE FA 99 -121.07 64.27 -46.03
N LYS FA 100 -120.38 64.14 -47.16
CA LYS FA 100 -119.13 64.87 -47.35
C LYS FA 100 -119.39 66.33 -47.66
N TYR FA 101 -120.41 66.62 -48.49
CA TYR FA 101 -120.81 67.99 -48.76
C TYR FA 101 -122.26 67.98 -49.21
N LEU FA 102 -122.93 69.12 -49.02
CA LEU FA 102 -124.32 69.29 -49.41
C LEU FA 102 -124.58 70.77 -49.61
N GLN FA 103 -125.05 71.14 -50.80
CA GLN FA 103 -125.28 72.53 -51.15
C GLN FA 103 -126.71 72.71 -51.62
N LEU FA 104 -127.34 73.79 -51.17
CA LEU FA 104 -128.71 74.13 -51.55
C LEU FA 104 -128.72 75.46 -52.29
N VAL FA 105 -129.44 75.50 -53.41
CA VAL FA 105 -129.52 76.68 -54.26
C VAL FA 105 -130.97 77.15 -54.28
N LEU FA 106 -131.17 78.43 -53.96
CA LEU FA 106 -132.50 79.04 -53.92
C LEU FA 106 -132.62 80.06 -55.05
N THR FA 107 -133.69 79.95 -55.83
CA THR FA 107 -133.92 80.85 -56.95
C THR FA 107 -135.34 81.42 -56.89
N SER FA 108 -135.48 82.71 -57.18
CA SER FA 108 -136.78 83.35 -57.27
C SER FA 108 -137.26 83.27 -58.72
N ASN FA 109 -138.51 82.84 -58.90
CA ASN FA 109 -139.07 82.51 -60.21
C ASN FA 109 -140.47 83.10 -60.37
N ALA FA 110 -141.09 83.54 -59.28
CA ALA FA 110 -142.50 83.92 -59.28
C ALA FA 110 -142.82 84.94 -60.39
N SER FA 111 -141.85 85.75 -60.78
CA SER FA 111 -141.95 86.57 -61.98
C SER FA 111 -141.44 85.77 -63.17
N SER FA 112 -142.33 85.57 -64.15
CA SER FA 112 -141.96 84.78 -65.32
C SER FA 112 -140.88 85.46 -66.16
N THR FA 113 -140.68 86.76 -65.98
CA THR FA 113 -139.66 87.48 -66.73
C THR FA 113 -138.32 87.55 -66.02
N VAL FA 114 -138.30 87.52 -64.70
CA VAL FA 114 -137.09 87.69 -63.92
C VAL FA 114 -136.89 86.46 -63.05
N GLU FA 115 -136.02 85.56 -63.50
CA GLU FA 115 -135.54 84.44 -62.68
C GLU FA 115 -134.21 84.83 -62.07
N GLU FA 116 -134.08 84.68 -60.75
CA GLU FA 116 -132.85 85.03 -60.05
C GLU FA 116 -132.54 84.03 -58.95
N THR FA 117 -131.28 83.59 -58.91
CA THR FA 117 -130.77 82.84 -57.77
C THR FA 117 -130.34 83.81 -56.68
N LYS FA 118 -130.81 83.58 -55.46
CA LYS FA 118 -130.60 84.53 -54.37
C LYS FA 118 -129.55 84.10 -53.37
N ALA FA 119 -129.45 82.83 -53.03
CA ALA FA 119 -128.49 82.39 -52.03
C ALA FA 119 -128.09 80.95 -52.28
N VAL FA 120 -126.92 80.59 -51.76
CA VAL FA 120 -126.42 79.22 -51.78
C VAL FA 120 -126.05 78.84 -50.34
N LEU FA 121 -126.61 77.73 -49.86
CA LEU FA 121 -126.37 77.26 -48.51
C LEU FA 121 -125.56 75.98 -48.53
N SER FA 122 -124.73 75.80 -47.51
CA SER FA 122 -123.87 74.63 -47.41
C SER FA 122 -123.70 74.26 -45.95
N LEU FA 123 -123.10 73.09 -45.72
CA LEU FA 123 -122.88 72.62 -44.36
C LEU FA 123 -121.79 73.42 -43.63
N LYS FA 124 -120.91 74.10 -44.38
CA LYS FA 124 -119.88 74.92 -43.76
C LYS FA 124 -120.32 76.36 -43.55
N LYS FA 125 -121.19 76.88 -44.41
CA LYS FA 125 -121.75 78.23 -44.28
C LYS FA 125 -123.26 78.11 -44.38
N PRO FA 126 -123.93 77.83 -43.25
CA PRO FA 126 -125.36 77.48 -43.31
C PRO FA 126 -126.31 78.66 -43.46
N SER FA 127 -125.86 79.90 -43.25
CA SER FA 127 -126.74 81.04 -43.19
C SER FA 127 -126.50 81.99 -44.35
N ALA FA 128 -127.58 82.67 -44.77
CA ALA FA 128 -127.50 83.66 -45.83
C ALA FA 128 -128.62 84.68 -45.64
N VAL FA 129 -128.45 85.85 -46.26
CA VAL FA 129 -129.41 86.94 -46.19
C VAL FA 129 -129.81 87.31 -47.61
N ILE FA 130 -131.13 87.40 -47.86
CA ILE FA 130 -131.66 87.69 -49.18
C ILE FA 130 -132.60 88.88 -49.10
N ILE FA 131 -132.89 89.45 -50.26
CA ILE FA 131 -133.74 90.63 -50.39
C ILE FA 131 -134.84 90.33 -51.40
N LEU FA 132 -136.08 90.61 -51.02
CA LEU FA 132 -137.23 90.51 -51.93
C LEU FA 132 -137.82 91.90 -52.13
N ASP FA 133 -138.02 92.28 -53.39
CA ASP FA 133 -138.48 93.62 -53.72
C ASP FA 133 -139.70 93.62 -54.64
N ASN FA 134 -140.02 94.79 -55.19
CA ASN FA 134 -141.23 94.94 -55.99
C ASN FA 134 -141.24 94.00 -57.19
N ASP FA 135 -140.08 93.70 -57.77
CA ASP FA 135 -140.03 92.84 -58.94
C ASP FA 135 -140.38 91.39 -58.59
N ASP FA 136 -140.01 90.94 -57.39
CA ASP FA 136 -140.25 89.55 -57.01
C ASP FA 136 -141.72 89.28 -56.77
N TYR FA 137 -142.43 90.24 -56.18
CA TYR FA 137 -143.82 90.05 -55.77
C TYR FA 137 -144.77 90.01 -56.96
N SER FA 138 -144.68 88.95 -57.77
CA SER FA 138 -145.63 88.74 -58.85
C SER FA 138 -146.96 88.26 -58.29
N SER FA 139 -148.03 88.53 -59.03
CA SER FA 139 -149.40 88.40 -58.58
C SER FA 139 -149.70 89.27 -57.36
N THR FA 140 -148.75 90.13 -56.99
CA THR FA 140 -148.88 91.14 -55.93
C THR FA 140 -149.01 90.53 -54.54
N ASN FA 141 -149.02 89.20 -54.41
CA ASN FA 141 -149.34 88.59 -53.14
C ASN FA 141 -148.44 87.43 -52.71
N LYS FA 142 -147.57 86.90 -53.57
CA LYS FA 142 -146.85 85.70 -53.18
C LYS FA 142 -145.49 85.61 -53.85
N ILE FA 143 -144.58 84.88 -53.19
CA ILE FA 143 -143.25 84.55 -53.68
C ILE FA 143 -143.14 83.03 -53.82
N GLN FA 144 -142.55 82.59 -54.92
CA GLN FA 144 -142.29 81.17 -55.15
C GLN FA 144 -140.79 80.95 -55.25
N LEU FA 145 -140.26 80.03 -54.45
CA LEU FA 145 -138.84 79.72 -54.40
C LEU FA 145 -138.66 78.21 -54.38
N LYS FA 146 -138.04 77.67 -55.43
CA LYS FA 146 -137.67 76.26 -55.43
C LYS FA 146 -136.26 76.06 -54.89
N VAL FA 147 -135.98 74.83 -54.48
CA VAL FA 147 -134.73 74.46 -53.82
C VAL FA 147 -133.96 73.53 -54.76
N GLU FA 148 -132.66 73.79 -54.91
CA GLU FA 148 -131.81 72.96 -55.74
C GLU FA 148 -130.69 72.39 -54.88
N ALA FA 149 -130.46 71.08 -54.97
CA ALA FA 149 -129.55 70.38 -54.09
C ALA FA 149 -128.43 69.71 -54.88
N TYR FA 150 -127.21 69.81 -54.36
CA TYR FA 150 -126.05 69.06 -54.84
C TYR FA 150 -125.43 68.35 -53.65
N TYR FA 151 -125.02 67.10 -53.84
CA TYR FA 151 -124.64 66.29 -52.70
C TYR FA 151 -123.65 65.21 -53.10
N GLU FA 152 -122.95 64.68 -52.10
CA GLU FA 152 -122.18 63.46 -52.21
C GLU FA 152 -122.30 62.70 -50.91
N ALA FA 153 -122.74 61.45 -50.98
CA ALA FA 153 -123.02 60.65 -49.80
C ALA FA 153 -121.73 60.01 -49.27
N LYS FA 154 -121.73 59.73 -47.96
CA LYS FA 154 -120.60 59.05 -47.34
C LYS FA 154 -120.49 57.61 -47.84
N GLU FA 155 -119.26 57.09 -47.82
CA GLU FA 155 -118.98 55.76 -48.33
C GLU FA 155 -119.47 54.70 -47.35
N GLY FA 156 -120.35 53.81 -47.82
CA GLY FA 156 -120.78 52.68 -47.02
C GLY FA 156 -121.73 52.99 -45.90
N MET FA 157 -122.46 54.11 -45.96
CA MET FA 157 -123.39 54.50 -44.92
C MET FA 157 -124.81 54.28 -45.42
N LEU FA 158 -125.61 53.55 -44.64
CA LEU FA 158 -126.99 53.26 -44.98
C LEU FA 158 -127.92 53.81 -43.90
N PHE FA 159 -129.02 54.43 -44.33
CA PHE FA 159 -129.95 55.07 -43.42
C PHE FA 159 -131.26 55.31 -44.15
N ASP FA 160 -132.28 55.73 -43.38
CA ASP FA 160 -133.57 56.07 -43.93
C ASP FA 160 -134.30 56.98 -42.96
N SER FA 161 -135.28 57.72 -43.49
CA SER FA 161 -136.12 58.62 -42.70
C SER FA 161 -135.29 59.66 -41.97
N LEU FA 162 -134.53 60.45 -42.72
CA LEU FA 162 -133.71 61.51 -42.17
C LEU FA 162 -134.23 62.86 -42.64
N PRO FA 163 -134.65 63.74 -41.74
CA PRO FA 163 -135.25 65.01 -42.16
C PRO FA 163 -134.21 66.12 -42.37
N VAL FA 164 -134.57 67.05 -43.26
CA VAL FA 164 -133.80 68.26 -43.51
C VAL FA 164 -134.69 69.45 -43.20
N ILE FA 165 -134.20 70.37 -42.38
CA ILE FA 165 -135.01 71.45 -41.83
C ILE FA 165 -134.39 72.79 -42.22
N LEU FA 166 -135.24 73.72 -42.64
CA LEU FA 166 -134.84 75.10 -42.93
C LEU FA 166 -135.67 76.05 -42.08
N ASN FA 167 -135.06 77.17 -41.68
CA ASN FA 167 -135.69 78.14 -40.80
C ASN FA 167 -135.66 79.52 -41.44
N PHE FA 168 -136.69 80.31 -41.16
CA PHE FA 168 -136.82 81.67 -41.67
C PHE FA 168 -136.98 82.66 -40.52
N GLN FA 169 -136.33 83.82 -40.65
CA GLN FA 169 -136.46 84.88 -39.66
C GLN FA 169 -136.50 86.22 -40.39
N VAL FA 170 -137.40 87.10 -39.94
CA VAL FA 170 -137.59 88.41 -40.53
C VAL FA 170 -136.71 89.41 -39.79
N LEU FA 171 -135.91 90.17 -40.55
CA LEU FA 171 -135.04 91.18 -39.98
C LEU FA 171 -135.59 92.60 -40.11
N SER FA 172 -136.25 92.90 -41.22
CA SER FA 172 -136.80 94.23 -41.43
C SER FA 172 -137.84 94.16 -42.54
N VAL FA 173 -138.93 94.92 -42.38
CA VAL FA 173 -139.98 95.00 -43.38
C VAL FA 173 -140.37 96.46 -43.55
N SER FA 174 -140.76 96.82 -44.78
CA SER FA 174 -141.16 98.18 -45.09
C SER FA 174 -142.20 98.20 -46.20
N THR GA 26 35.22 96.95 98.57
CA THR GA 26 34.07 96.12 98.24
C THR GA 26 34.51 94.88 97.46
N THR GA 27 34.87 93.82 98.19
CA THR GA 27 35.34 92.58 97.59
C THR GA 27 34.44 91.43 98.01
N GLN GA 28 34.07 90.59 97.04
CA GLN GA 28 33.23 89.43 97.28
C GLN GA 28 34.10 88.18 97.28
N SER GA 29 34.02 87.40 98.36
CA SER GA 29 34.90 86.25 98.47
C SER GA 29 34.12 84.95 98.28
N PRO GA 30 34.73 83.94 97.64
CA PRO GA 30 34.04 82.66 97.47
C PRO GA 30 34.12 81.75 98.69
N LEU GA 31 35.06 81.99 99.60
CA LEU GA 31 35.14 81.28 100.88
C LEU GA 31 35.38 79.77 100.68
N ASN GA 32 36.36 79.45 99.83
CA ASN GA 32 36.71 78.05 99.60
C ASN GA 32 38.22 77.86 99.47
N SER GA 33 39.02 78.79 99.99
CA SER GA 33 40.48 78.73 99.88
C SER GA 33 41.10 78.11 101.14
N PHE GA 34 40.76 76.85 101.38
CA PHE GA 34 41.30 76.11 102.52
C PHE GA 34 41.64 74.69 102.07
N TYR GA 35 42.81 74.21 102.48
CA TYR GA 35 43.28 72.89 102.05
C TYR GA 35 44.09 72.23 103.16
N ALA GA 36 44.19 70.91 103.06
CA ALA GA 36 45.03 70.09 103.94
C ALA GA 36 45.54 68.91 103.13
N THR GA 37 46.78 68.50 103.38
CA THR GA 37 47.45 67.53 102.53
C THR GA 37 48.11 66.43 103.36
N GLY GA 38 48.02 65.20 102.86
CA GLY GA 38 48.74 64.07 103.41
C GLY GA 38 49.48 63.29 102.34
N THR GA 39 50.05 62.14 102.70
CA THR GA 39 50.84 61.36 101.75
C THR GA 39 50.64 59.87 102.02
N ALA GA 40 50.98 59.06 101.01
CA ALA GA 40 50.92 57.61 101.13
C ALA GA 40 51.93 57.00 100.17
N GLN GA 41 52.30 55.74 100.45
CA GLN GA 41 53.30 55.06 99.63
C GLN GA 41 53.19 53.55 99.84
N ALA GA 42 53.81 52.81 98.92
CA ALA GA 42 53.94 51.36 99.03
C ALA GA 42 55.11 50.94 98.16
N VAL GA 43 56.21 50.53 98.77
CA VAL GA 43 57.47 50.35 98.06
C VAL GA 43 58.09 48.97 98.28
N GLN GA 44 57.29 47.96 98.59
CA GLN GA 44 57.83 46.61 98.75
C GLN GA 44 56.76 45.57 98.48
N GLU GA 45 57.21 44.38 98.06
CA GLU GA 45 56.34 43.26 97.77
C GLU GA 45 55.93 42.56 99.07
N PRO GA 46 54.76 41.90 99.07
CA PRO GA 46 54.25 41.31 100.34
C PRO GA 46 55.18 40.31 100.99
N ILE GA 47 55.85 39.46 100.22
CA ILE GA 47 56.62 38.36 100.78
C ILE GA 47 58.03 38.35 100.21
N ASP GA 48 58.93 37.67 100.93
CA ASP GA 48 60.28 37.40 100.46
C ASP GA 48 60.56 35.92 100.70
N VAL GA 49 61.25 35.27 99.75
CA VAL GA 49 61.45 33.83 99.78
C VAL GA 49 62.93 33.53 99.70
N GLU GA 50 63.41 32.64 100.58
CA GLU GA 50 64.80 32.22 100.60
C GLU GA 50 64.85 30.70 100.67
N SER GA 51 65.81 30.11 99.96
CA SER GA 51 65.89 28.66 99.78
C SER GA 51 67.09 28.08 100.52
N HIS GA 52 66.89 26.89 101.09
CA HIS GA 52 67.96 26.15 101.78
C HIS GA 52 67.88 24.66 101.44
N LEU GA 53 67.68 24.34 100.16
CA LEU GA 53 67.62 22.95 99.70
C LEU GA 53 69.04 22.49 99.39
N ASP GA 54 69.68 21.85 100.38
CA ASP GA 54 71.08 21.46 100.28
C ASP GA 54 71.26 19.96 100.50
N ASN GA 55 70.40 19.15 99.90
CA ASN GA 55 70.56 17.71 99.89
C ASN GA 55 70.34 17.18 98.47
N THR GA 56 71.00 16.08 98.16
CA THR GA 56 71.00 15.52 96.81
C THR GA 56 70.34 14.15 96.81
N ILE GA 57 69.42 13.94 95.88
CA ILE GA 57 68.83 12.63 95.65
C ILE GA 57 69.85 11.82 94.85
N ALA GA 58 70.54 10.90 95.52
CA ALA GA 58 71.63 10.13 94.91
C ALA GA 58 71.41 8.64 95.15
N PRO GA 59 70.48 8.04 94.42
CA PRO GA 59 70.32 6.58 94.47
C PRO GA 59 71.12 5.90 93.36
N ALA GA 60 71.12 4.57 93.41
CA ALA GA 60 71.66 3.79 92.31
C ALA GA 60 70.66 3.74 91.15
N ALA GA 61 71.14 3.27 90.01
CA ALA GA 61 70.30 3.22 88.81
C ALA GA 61 69.19 2.19 89.00
N GLY GA 62 67.95 2.63 88.82
CA GLY GA 62 66.80 1.75 88.91
C GLY GA 62 66.33 1.44 90.31
N ALA GA 63 66.83 2.13 91.32
CA ALA GA 63 66.49 1.85 92.70
C ALA GA 63 65.27 2.64 93.15
N GLN GA 64 64.60 2.13 94.17
CA GLN GA 64 63.46 2.79 94.81
C GLN GA 64 63.92 3.32 96.16
N GLY GA 65 63.64 4.59 96.43
CA GLY GA 65 64.25 5.23 97.58
C GLY GA 65 63.35 6.12 98.43
N TYR GA 66 63.99 6.87 99.33
CA TYR GA 66 63.31 7.69 100.33
C TYR GA 66 64.29 8.74 100.85
N LYS GA 67 64.00 10.01 100.64
CA LYS GA 67 65.00 11.04 100.89
C LYS GA 67 64.31 12.34 101.30
N ASP GA 68 65.01 13.13 102.11
CA ASP GA 68 64.60 14.49 102.46
C ASP GA 68 65.60 15.47 101.85
N MET GA 69 65.17 16.73 101.68
CA MET GA 69 65.95 17.69 100.89
C MET GA 69 66.42 18.90 101.69
N GLY GA 70 65.53 19.56 102.41
CA GLY GA 70 65.87 20.80 103.10
C GLY GA 70 64.61 21.55 103.47
N TYR GA 71 64.74 22.86 103.61
CA TYR GA 71 63.60 23.70 103.99
C TYR GA 71 63.70 25.04 103.30
N VAL GA 72 62.56 25.74 103.24
CA VAL GA 72 62.44 27.03 102.56
C VAL GA 72 61.83 28.03 103.53
N LYS GA 73 62.35 29.25 103.53
CA LYS GA 73 61.91 30.31 104.42
C LYS GA 73 61.08 31.35 103.66
N ILE GA 74 59.98 31.78 104.28
CA ILE GA 74 59.09 32.80 103.73
C ILE GA 74 58.98 33.93 104.74
N ILE GA 75 59.09 35.16 104.28
CA ILE GA 75 59.07 36.34 105.14
C ILE GA 75 57.89 37.22 104.75
N ASN GA 76 57.11 37.65 105.73
CA ASN GA 76 55.90 38.44 105.52
C ASN GA 76 56.04 39.81 106.18
N TYR GA 77 55.48 40.82 105.51
CA TYR GA 77 55.78 42.23 105.75
C TYR GA 77 54.54 42.97 106.25
N THR GA 78 54.67 44.30 106.31
CA THR GA 78 53.74 45.15 107.04
C THR GA 78 52.29 44.95 106.58
N ASP GA 79 51.39 44.85 107.56
CA ASP GA 79 49.94 44.78 107.35
C ASP GA 79 49.53 43.55 106.55
N VAL GA 80 50.30 42.48 106.64
CA VAL GA 80 50.00 41.21 105.96
C VAL GA 80 49.61 40.19 107.03
N ASN GA 81 48.49 39.51 106.81
CA ASN GA 81 48.01 38.50 107.74
C ASN GA 81 47.80 37.13 107.11
N VAL GA 82 47.27 37.08 105.90
CA VAL GA 82 46.96 35.82 105.23
C VAL GA 82 47.50 35.90 103.79
N VAL GA 83 48.16 34.83 103.36
CA VAL GA 83 48.76 34.76 102.03
C VAL GA 83 48.27 33.50 101.33
N LYS GA 84 47.87 33.64 100.07
CA LYS GA 84 47.49 32.52 99.22
C LYS GA 84 48.58 32.31 98.17
N LEU GA 85 49.06 31.08 98.06
CA LEU GA 85 50.22 30.78 97.23
C LEU GA 85 49.91 29.63 96.27
N LYS GA 86 50.64 29.61 95.16
CA LYS GA 86 50.58 28.53 94.19
C LYS GA 86 52.00 28.03 93.94
N VAL GA 87 52.20 26.73 94.08
CA VAL GA 87 53.52 26.11 93.93
C VAL GA 87 53.45 25.10 92.80
N THR GA 88 54.45 25.15 91.92
CA THR GA 88 54.49 24.28 90.75
C THR GA 88 55.91 23.82 90.49
N LEU GA 89 56.04 22.74 89.72
CA LEU GA 89 57.32 22.22 89.27
C LEU GA 89 57.64 22.83 87.91
N ALA GA 90 58.68 23.64 87.85
CA ALA GA 90 58.97 24.40 86.64
C ALA GA 90 59.55 23.53 85.53
N ASN GA 91 60.38 22.56 85.88
CA ASN GA 91 61.09 21.76 84.89
C ASN GA 91 60.66 20.30 84.93
N ALA GA 92 59.35 20.05 85.04
CA ALA GA 92 58.85 18.68 85.10
C ALA GA 92 59.10 17.96 83.77
N ALA GA 93 59.03 18.67 82.65
CA ALA GA 93 59.23 18.03 81.35
C ALA GA 93 60.65 17.49 81.22
N GLN GA 94 61.64 18.23 81.72
CA GLN GA 94 63.03 17.77 81.63
C GLN GA 94 63.26 16.54 82.49
N LEU GA 95 62.59 16.43 83.63
CA LEU GA 95 62.80 15.32 84.56
C LEU GA 95 62.07 14.04 84.16
N ARG GA 96 61.16 14.11 83.19
CA ARG GA 96 60.41 12.92 82.81
C ARG GA 96 61.26 11.76 82.30
N PRO GA 97 62.23 11.95 81.40
CA PRO GA 97 63.00 10.78 80.92
C PRO GA 97 63.87 10.12 81.98
N TYR GA 98 64.06 10.76 83.14
CA TYR GA 98 64.96 10.23 84.16
C TYR GA 98 64.25 9.49 85.29
N PHE GA 99 62.93 9.60 85.40
CA PHE GA 99 62.21 9.03 86.52
C PHE GA 99 60.94 8.35 86.05
N LYS GA 100 60.60 7.23 86.69
CA LYS GA 100 59.28 6.64 86.53
C LYS GA 100 58.24 7.43 87.32
N TYR GA 101 58.58 7.86 88.53
CA TYR GA 101 57.69 8.71 89.32
C TYR GA 101 58.54 9.49 90.32
N LEU GA 102 58.01 10.63 90.74
CA LEU GA 102 58.68 11.48 91.72
C LEU GA 102 57.63 12.33 92.41
N GLN GA 103 57.57 12.24 93.74
CA GLN GA 103 56.57 12.95 94.53
C GLN GA 103 57.24 13.80 95.59
N LEU GA 104 56.74 15.02 95.76
CA LEU GA 104 57.26 15.96 96.76
C LEU GA 104 56.18 16.27 97.77
N VAL GA 105 56.53 16.23 99.05
CA VAL GA 105 55.60 16.47 100.15
C VAL GA 105 56.07 17.70 100.90
N LEU GA 106 55.17 18.66 101.07
CA LEU GA 106 55.45 19.92 101.76
C LEU GA 106 54.66 19.96 103.06
N THR GA 107 55.36 20.25 104.17
CA THR GA 107 54.72 20.32 105.48
C THR GA 107 55.10 21.62 106.18
N SER GA 108 54.13 22.23 106.84
CA SER GA 108 54.36 23.41 107.65
C SER GA 108 54.68 22.98 109.08
N ASN GA 109 55.76 23.54 109.65
CA ASN GA 109 56.31 23.09 110.92
C ASN GA 109 56.65 24.28 111.82
N ALA GA 110 56.67 25.49 111.25
CA ALA GA 110 57.19 26.66 111.96
C ALA GA 110 56.54 26.86 113.33
N SER GA 111 55.29 26.40 113.48
CA SER GA 111 54.66 26.29 114.78
C SER GA 111 54.98 24.94 115.39
N SER GA 112 55.64 24.94 116.55
CA SER GA 112 56.03 23.69 117.18
C SER GA 112 54.83 22.87 117.65
N THR GA 113 53.66 23.49 117.77
CA THR GA 113 52.45 22.79 118.19
C THR GA 113 51.64 22.25 117.02
N VAL GA 114 51.68 22.90 115.86
CA VAL GA 114 50.86 22.53 114.72
C VAL GA 114 51.76 22.19 113.55
N GLU GA 115 51.98 20.90 113.31
CA GLU GA 115 52.61 20.40 112.10
C GLU GA 115 51.54 19.98 111.12
N GLU GA 116 51.63 20.48 109.88
CA GLU GA 116 50.63 20.17 108.86
C GLU GA 116 51.29 19.99 107.51
N THR GA 117 50.92 18.91 106.82
CA THR GA 117 51.26 18.74 105.41
C THR GA 117 50.24 19.49 104.55
N LYS GA 118 50.74 20.32 103.63
CA LYS GA 118 49.88 21.21 102.87
C LYS GA 118 49.62 20.77 101.44
N ALA GA 119 50.61 20.20 100.76
CA ALA GA 119 50.43 19.82 99.36
C ALA GA 119 51.35 18.67 99.01
N VAL GA 120 50.98 17.94 97.97
CA VAL GA 120 51.79 16.87 97.39
C VAL GA 120 51.93 17.15 95.91
N LEU GA 121 53.16 17.21 95.41
CA LEU GA 121 53.44 17.48 94.02
C LEU GA 121 54.00 16.24 93.34
N SER GA 122 53.69 16.09 92.05
CA SER GA 122 54.14 14.94 91.28
C SER GA 122 54.36 15.36 89.84
N LEU GA 123 54.97 14.46 89.07
CA LEU GA 123 55.26 14.75 87.67
C LEU GA 123 54.00 14.78 86.82
N LYS GA 124 52.92 14.15 87.27
CA LYS GA 124 51.66 14.16 86.53
C LYS GA 124 50.75 15.31 86.93
N LYS GA 125 50.83 15.75 88.19
CA LYS GA 125 50.06 16.91 88.68
C LYS GA 125 51.04 17.84 89.37
N PRO GA 126 51.68 18.73 88.61
CA PRO GA 126 52.81 19.51 89.16
C PRO GA 126 52.39 20.70 90.02
N SER GA 127 51.13 21.12 89.99
CA SER GA 127 50.73 22.37 90.62
C SER GA 127 49.78 22.10 91.79
N ALA GA 128 49.85 22.99 92.78
CA ALA GA 128 48.98 22.92 93.95
C ALA GA 128 48.81 24.31 94.54
N VAL GA 129 47.75 24.48 95.33
CA VAL GA 129 47.42 25.74 95.97
C VAL GA 129 47.32 25.49 97.48
N ILE GA 130 48.02 26.33 98.26
CA ILE GA 130 48.07 26.18 99.71
C ILE GA 130 47.65 27.49 100.36
N ILE GA 131 47.32 27.40 101.65
CA ILE GA 131 46.86 28.54 102.44
C ILE GA 131 47.72 28.63 103.70
N LEU GA 132 48.23 29.83 103.98
CA LEU GA 132 48.96 30.11 105.21
C LEU GA 132 48.18 31.14 106.01
N ASP GA 133 47.96 30.84 107.30
CA ASP GA 133 47.13 31.69 108.14
C ASP GA 133 47.81 32.07 109.45
N ASN GA 134 47.04 32.62 110.39
CA ASN GA 134 47.60 33.12 111.64
C ASN GA 134 48.35 32.04 112.41
N ASP GA 135 47.89 30.79 112.34
CA ASP GA 135 48.54 29.72 113.10
C ASP GA 135 49.91 29.40 112.53
N ASP GA 136 50.10 29.51 111.22
CA ASP GA 136 51.38 29.15 110.61
C ASP GA 136 52.47 30.15 110.95
N TYR GA 137 52.11 31.45 111.00
CA TYR GA 137 53.10 32.51 111.18
C TYR GA 137 53.65 32.54 112.60
N SER GA 138 54.43 31.53 112.96
CA SER GA 138 55.13 31.54 114.23
C SER GA 138 56.32 32.50 114.18
N SER GA 139 56.70 33.00 115.35
CA SER GA 139 57.62 34.11 115.51
C SER GA 139 57.13 35.38 114.81
N THR GA 140 55.88 35.36 114.32
CA THR GA 140 55.17 36.50 113.75
C THR GA 140 55.76 36.98 112.44
N ASN GA 141 56.85 36.36 111.97
CA ASN GA 141 57.56 36.91 110.82
C ASN GA 141 58.00 35.90 109.76
N LYS GA 142 57.90 34.59 109.99
CA LYS GA 142 58.46 33.67 109.01
C LYS GA 142 57.71 32.34 108.99
N ILE GA 143 57.80 31.67 107.84
CA ILE GA 143 57.27 30.34 107.60
C ILE GA 143 58.43 29.40 107.26
N GLN GA 144 58.42 28.21 107.84
CA GLN GA 144 59.41 27.18 107.55
C GLN GA 144 58.71 25.98 106.94
N LEU GA 145 59.16 25.55 105.76
CA LEU GA 145 58.58 24.42 105.03
C LEU GA 145 59.71 23.53 104.52
N LYS GA 146 59.76 22.29 105.02
CA LYS GA 146 60.68 21.30 104.48
C LYS GA 146 60.03 20.49 103.37
N VAL GA 147 60.88 19.87 102.54
CA VAL GA 147 60.46 19.15 101.36
C VAL GA 147 60.74 17.66 101.57
N GLU GA 148 59.77 16.82 101.23
CA GLU GA 148 59.93 15.39 101.35
C GLU GA 148 59.76 14.75 99.98
N ALA GA 149 60.68 13.87 99.61
CA ALA GA 149 60.73 13.31 98.27
C ALA GA 149 60.61 11.80 98.30
N TYR GA 150 59.83 11.27 97.36
CA TYR GA 150 59.74 9.84 97.08
C TYR GA 150 59.97 9.64 95.59
N TYR GA 151 60.74 8.61 95.24
CA TYR GA 151 61.21 8.50 93.86
C TYR GA 151 61.50 7.06 93.50
N GLU GA 152 61.54 6.81 92.20
CA GLU GA 152 62.08 5.59 91.62
C GLU GA 152 62.80 5.95 90.33
N ALA GA 153 64.08 5.56 90.24
CA ALA GA 153 64.90 5.93 89.11
C ALA GA 153 64.69 4.98 87.94
N LYS GA 154 64.95 5.48 86.73
CA LYS GA 154 64.85 4.67 85.53
C LYS GA 154 65.94 3.60 85.52
N GLU GA 155 65.65 2.49 84.84
CA GLU GA 155 66.56 1.35 84.79
C GLU GA 155 67.72 1.64 83.86
N GLY GA 156 68.95 1.55 84.39
CA GLY GA 156 70.14 1.67 83.57
C GLY GA 156 70.47 3.06 83.09
N MET GA 157 69.98 4.10 83.75
CA MET GA 157 70.24 5.48 83.35
C MET GA 157 71.23 6.10 84.32
N LEU GA 158 72.31 6.68 83.78
CA LEU GA 158 73.35 7.30 84.58
C LEU GA 158 73.46 8.77 84.20
N PHE GA 159 73.61 9.64 85.20
CA PHE GA 159 73.65 11.07 84.98
C PHE GA 159 74.21 11.74 86.22
N ASP GA 160 74.48 13.04 86.11
CA ASP GA 160 74.95 13.83 87.23
C ASP GA 160 74.65 15.30 86.95
N SER GA 161 74.62 16.09 88.03
CA SER GA 161 74.41 17.54 87.95
C SER GA 161 73.09 17.87 87.25
N LEU GA 162 71.98 17.36 87.80
CA LEU GA 162 70.66 17.62 87.27
C LEU GA 162 69.86 18.45 88.27
N PRO GA 163 69.41 19.65 87.92
CA PRO GA 163 68.72 20.50 88.88
C PRO GA 163 67.22 20.26 88.93
N VAL GA 164 66.65 20.54 90.10
CA VAL GA 164 65.21 20.50 90.34
C VAL GA 164 64.77 21.88 90.78
N ILE GA 165 63.76 22.43 90.12
CA ILE GA 165 63.37 23.82 90.28
C ILE GA 165 61.91 23.90 90.72
N LEU GA 166 61.65 24.75 91.71
CA LEU GA 166 60.29 25.04 92.17
C LEU GA 166 60.02 26.53 92.04
N ASN GA 167 58.77 26.88 91.75
CA ASN GA 167 58.38 28.27 91.53
C ASN GA 167 57.22 28.63 92.45
N PHE GA 168 57.18 29.91 92.85
CA PHE GA 168 56.14 30.43 93.73
C PHE GA 168 55.48 31.64 93.08
N GLN GA 169 54.15 31.73 93.24
CA GLN GA 169 53.39 32.86 92.74
C GLN GA 169 52.30 33.22 93.74
N VAL GA 170 52.14 34.51 93.99
CA VAL GA 170 51.16 35.03 94.94
C VAL GA 170 49.86 35.30 94.21
N LEU GA 171 48.76 34.75 94.73
CA LEU GA 171 47.44 34.96 94.15
C LEU GA 171 46.61 36.01 94.88
N SER GA 172 46.71 36.07 96.21
CA SER GA 172 45.96 37.03 97.00
C SER GA 172 46.61 37.15 98.37
N VAL GA 173 46.63 38.38 98.91
CA VAL GA 173 47.15 38.65 100.23
C VAL GA 173 46.19 39.57 100.95
N SER GA 174 46.10 39.41 102.27
CA SER GA 174 45.22 40.24 103.09
C SER GA 174 45.79 40.41 104.50
N THR HA 26 45.44 110.10 82.22
CA THR HA 26 44.30 109.19 82.18
C THR HA 26 44.66 107.90 81.44
N THR HA 27 45.20 106.93 82.19
CA THR HA 27 45.64 105.67 81.63
C THR HA 27 44.88 104.52 82.30
N GLN HA 28 44.40 103.59 81.49
CA GLN HA 28 43.67 102.42 81.99
C GLN HA 28 44.60 101.21 81.94
N SER HA 29 44.76 100.53 83.07
CA SER HA 29 45.70 99.43 83.13
C SER HA 29 44.97 98.09 83.19
N PRO HA 30 45.52 97.05 82.55
CA PRO HA 30 44.88 95.73 82.62
C PRO HA 30 45.23 94.94 83.88
N LEU HA 31 46.30 95.31 84.58
CA LEU HA 31 46.65 94.72 85.87
C LEU HA 31 46.94 93.23 85.76
N ASN HA 32 47.76 92.85 84.78
CA ASN HA 32 48.15 91.46 84.61
C ASN HA 32 49.63 91.32 84.22
N SER HA 33 50.45 92.33 84.51
CA SER HA 33 51.85 92.31 84.13
C SER HA 33 52.73 91.84 85.30
N PHE HA 34 52.52 90.60 85.72
CA PHE HA 34 53.29 89.99 86.79
C PHE HA 34 53.62 88.55 86.43
N TYR HA 35 54.88 88.15 86.65
CA TYR HA 35 55.34 86.83 86.26
C TYR HA 35 56.36 86.30 87.25
N ALA HA 36 56.53 84.98 87.25
CA ALA HA 36 57.55 84.30 88.02
C ALA HA 36 57.97 83.05 87.24
N THR HA 37 59.26 82.72 87.31
CA THR HA 37 59.82 81.71 86.43
C THR HA 37 60.68 80.72 87.22
N GLY HA 38 60.56 79.44 86.85
CA GLY HA 38 61.43 78.40 87.36
C GLY HA 38 62.02 77.55 86.24
N THR HA 39 62.71 76.46 86.59
CA THR HA 39 63.36 75.63 85.59
C THR HA 39 63.29 74.17 86.02
N ALA HA 40 63.49 73.27 85.04
CA ALA HA 40 63.53 71.84 85.29
C ALA HA 40 64.39 71.18 84.22
N GLN HA 41 64.87 69.97 84.53
CA GLN HA 41 65.74 69.25 83.61
C GLN HA 41 65.76 67.77 83.96
N ALA HA 42 66.24 66.96 83.02
CA ALA HA 42 66.47 65.54 83.23
C ALA HA 42 67.49 65.08 82.19
N VAL HA 43 68.70 64.77 82.63
CA VAL HA 43 69.82 64.58 81.72
C VAL HA 43 70.55 63.25 81.95
N GLN HA 44 69.87 62.24 82.48
CA GLN HA 44 70.51 60.94 82.65
C GLN HA 44 69.47 59.84 82.67
N GLU HA 45 69.90 58.63 82.29
CA GLU HA 45 69.06 57.45 82.27
C GLU HA 45 68.93 56.87 83.67
N PRO HA 46 67.83 56.15 83.95
CA PRO HA 46 67.58 55.69 85.33
C PRO HA 46 68.67 54.79 85.89
N ILE HA 47 69.24 53.90 85.09
CA ILE HA 47 70.16 52.88 85.59
C ILE HA 47 71.43 52.87 84.77
N ASP HA 48 72.48 52.29 85.36
CA ASP HA 48 73.74 52.03 84.70
C ASP HA 48 74.14 50.60 85.00
N VAL HA 49 74.69 49.90 84.01
CA VAL HA 49 74.97 48.46 84.12
C VAL HA 49 76.43 48.21 83.79
N GLU HA 50 77.11 47.45 84.64
CA GLU HA 50 78.50 47.09 84.45
C GLU HA 50 78.65 45.58 84.63
N SER HA 51 79.50 44.96 83.81
CA SER HA 51 79.62 43.51 83.75
C SER HA 51 80.96 43.05 84.31
N HIS HA 52 80.95 41.91 85.01
CA HIS HA 52 82.15 41.28 85.54
C HIS HA 52 82.11 39.77 85.36
N LEU HA 53 81.69 39.32 84.17
CA LEU HA 53 81.63 37.88 83.87
C LEU HA 53 82.99 37.46 83.35
N ASP HA 54 83.84 36.95 84.24
CA ASP HA 54 85.21 36.60 83.93
C ASP HA 54 85.52 35.14 84.24
N ASN HA 55 84.61 34.24 83.88
CA ASN HA 55 84.85 32.81 83.97
C ASN HA 55 84.40 32.14 82.66
N THR HA 56 85.07 31.04 82.33
CA THR HA 56 84.85 30.35 81.06
C THR HA 56 84.29 28.97 81.30
N ILE HA 57 83.21 28.63 80.59
CA ILE HA 57 82.68 27.28 80.58
C ILE HA 57 83.58 26.43 79.68
N ALA HA 58 84.44 25.61 80.29
CA ALA HA 58 85.43 24.83 79.56
C ALA HA 58 85.34 23.37 79.96
N PRO HA 59 84.33 22.65 79.47
CA PRO HA 59 84.26 21.21 79.68
C PRO HA 59 84.88 20.45 78.51
N ALA HA 60 84.96 19.14 78.67
CA ALA HA 60 85.35 18.28 77.56
C ALA HA 60 84.17 18.08 76.62
N ALA HA 61 84.46 17.52 75.45
CA ALA HA 61 83.43 17.31 74.43
C ALA HA 61 82.42 16.27 74.92
N GLY HA 62 81.14 16.64 74.93
CA GLY HA 62 80.09 15.72 75.31
C GLY HA 62 79.89 15.54 76.80
N ALA HA 63 80.52 16.34 77.63
CA ALA HA 63 80.45 16.18 79.07
C ALA HA 63 79.28 16.96 79.67
N GLN HA 64 78.84 16.52 80.84
CA GLN HA 64 77.80 17.19 81.61
C GLN HA 64 78.46 17.88 82.80
N GLY HA 65 78.17 19.16 83.00
CA GLY HA 65 78.93 19.92 83.97
C GLY HA 65 78.16 20.86 84.88
N TYR HA 66 78.90 21.72 85.58
CA TYR HA 66 78.37 22.59 86.61
C TYR HA 66 79.37 23.73 86.85
N LYS HA 67 78.97 24.97 86.58
CA LYS HA 67 79.94 26.05 86.56
C LYS HA 67 79.27 27.36 86.97
N ASP HA 68 80.05 28.25 87.57
CA ASP HA 68 79.64 29.63 87.86
C ASP HA 68 80.46 30.58 86.99
N MET HA 69 79.94 31.80 86.80
CA MET HA 69 80.49 32.71 85.80
C MET HA 69 81.04 34.00 86.39
N GLY HA 70 80.25 34.70 87.20
CA GLY HA 70 80.65 36.01 87.70
C GLY HA 70 79.43 36.74 88.23
N TYR HA 71 79.51 38.07 88.23
CA TYR HA 71 78.41 38.88 88.73
C TYR HA 71 78.31 40.16 87.93
N VAL HA 72 77.14 40.80 88.02
CA VAL HA 72 76.82 42.01 87.27
C VAL HA 72 76.34 43.08 88.24
N LYS HA 73 76.79 44.32 88.02
CA LYS HA 73 76.45 45.44 88.89
C LYS HA 73 75.44 46.36 88.20
N ILE HA 74 74.45 46.81 88.98
CA ILE HA 74 73.42 47.73 88.51
C ILE HA 74 73.43 48.95 89.43
N ILE HA 75 73.40 50.15 88.84
CA ILE HA 75 73.46 51.40 89.59
C ILE HA 75 72.18 52.17 89.33
N ASN HA 76 71.57 52.67 90.41
CA ASN HA 76 70.29 53.39 90.36
C ASN HA 76 70.46 54.82 90.85
N TYR HA 77 69.74 55.74 90.20
CA TYR HA 77 70.00 57.17 90.27
C TYR HA 77 68.83 57.91 90.92
N THR HA 78 68.90 59.25 90.84
CA THR HA 78 68.06 60.13 91.66
C THR HA 78 66.57 59.83 91.49
N ASP HA 79 65.87 59.79 92.62
CA ASP HA 79 64.41 59.64 92.68
C ASP HA 79 63.93 58.32 92.09
N VAL HA 80 64.77 57.29 92.12
CA VAL HA 80 64.42 55.96 91.63
C VAL HA 80 64.28 55.03 92.84
N ASN HA 81 63.19 54.29 92.88
CA ASN HA 81 62.94 53.36 93.98
C ASN HA 81 62.69 51.93 93.52
N VAL HA 82 61.96 51.74 92.43
CA VAL HA 82 61.61 50.42 91.94
C VAL HA 82 61.87 50.37 90.43
N VAL HA 83 62.50 49.29 89.97
CA VAL HA 83 62.86 49.11 88.58
C VAL HA 83 62.32 47.77 88.09
N LYS HA 84 61.69 47.78 86.92
CA LYS HA 84 61.24 46.57 86.25
C LYS HA 84 62.13 46.31 85.05
N LEU HA 85 62.65 45.09 84.96
CA LEU HA 85 63.66 44.75 83.96
C LEU HA 85 63.25 43.50 83.18
N LYS HA 86 63.76 43.41 81.96
CA LYS HA 86 63.60 42.23 81.11
C LYS HA 86 64.97 41.77 80.65
N VAL HA 87 65.27 40.50 80.87
CA VAL HA 87 66.57 39.92 80.53
C VAL HA 87 66.36 38.80 79.52
N THR HA 88 67.18 38.80 78.47
CA THR HA 88 67.05 37.82 77.39
C THR HA 88 68.43 37.40 76.92
N LEU HA 89 68.47 36.26 76.24
CA LEU HA 89 69.68 35.75 75.61
C LEU HA 89 69.71 36.23 74.16
N ALA HA 90 70.69 37.08 73.84
CA ALA HA 90 70.71 37.73 72.54
C ALA HA 90 71.13 36.78 71.42
N ASN HA 91 72.06 35.87 71.70
CA ASN HA 91 72.61 35.01 70.67
C ASN HA 91 72.29 33.54 70.92
N ALA HA 92 71.04 33.26 71.30
CA ALA HA 92 70.63 31.88 71.55
C ALA HA 92 70.68 31.03 70.28
N ALA HA 93 70.37 31.64 69.13
CA ALA HA 93 70.37 30.89 67.87
C ALA HA 93 71.77 30.40 67.52
N GLN HA 94 72.79 31.21 67.78
CA GLN HA 94 74.17 30.81 67.48
C GLN HA 94 74.63 29.67 68.38
N LEU HA 95 74.17 29.65 69.64
CA LEU HA 95 74.61 28.65 70.60
C LEU HA 95 73.89 27.31 70.45
N ARG HA 96 72.82 27.25 69.66
CA ARG HA 96 72.07 26.00 69.53
C ARG HA 96 72.89 24.82 68.99
N PRO HA 97 73.67 24.96 67.91
CA PRO HA 97 74.40 23.79 67.40
C PRO HA 97 75.48 23.27 68.33
N TYR HA 98 75.85 24.02 69.38
CA TYR HA 98 76.94 23.63 70.25
C TYR HA 98 76.49 22.98 71.55
N PHE HA 99 75.21 23.05 71.90
CA PHE HA 99 74.73 22.56 73.18
C PHE HA 99 73.43 21.78 73.01
N LYS HA 100 73.29 20.72 73.80
CA LYS HA 100 71.99 20.07 73.93
C LYS HA 100 71.06 20.88 74.83
N TYR HA 101 71.59 21.44 75.92
CA TYR HA 101 70.82 22.33 76.78
C TYR HA 101 71.78 23.23 77.54
N LEU HA 102 71.28 24.39 77.95
CA LEU HA 102 72.06 25.36 78.70
C LEU HA 102 71.11 26.23 79.50
N GLN HA 103 71.29 26.27 80.82
CA GLN HA 103 70.41 27.00 81.71
C GLN HA 103 71.22 27.98 82.55
N LEU HA 104 70.70 29.19 82.71
CA LEU HA 104 71.33 30.23 83.50
C LEU HA 104 70.42 30.60 84.67
N VAL HA 105 71.00 30.69 85.86
CA VAL HA 105 70.28 31.00 87.08
C VAL HA 105 70.79 32.33 87.63
N LEU HA 106 69.88 33.27 87.87
CA LEU HA 106 70.21 34.59 88.39
C LEU HA 106 69.67 34.72 89.80
N THR HA 107 70.54 35.15 90.72
CA THR HA 107 70.16 35.31 92.13
C THR HA 107 70.57 36.69 92.62
N SER HA 108 69.71 37.33 93.41
CA SER HA 108 70.01 38.59 94.05
C SER HA 108 70.60 38.31 95.43
N ASN HA 109 71.73 38.96 95.73
CA ASN HA 109 72.53 38.67 96.91
C ASN HA 109 72.96 39.95 97.62
N ALA HA 110 72.81 41.10 96.96
CA ALA HA 110 73.39 42.36 97.45
C ALA HA 110 72.97 42.65 98.90
N SER HA 111 71.81 42.17 99.31
CA SER HA 111 71.43 42.16 100.72
C SER HA 111 71.93 40.88 101.37
N SER HA 112 72.78 41.03 102.39
CA SER HA 112 73.35 39.86 103.05
C SER HA 112 72.30 39.04 103.79
N THR HA 113 71.14 39.63 104.06
CA THR HA 113 70.07 38.91 104.77
C THR HA 113 69.09 38.24 103.83
N VAL HA 114 68.89 38.76 102.63
CA VAL HA 114 67.89 38.26 101.69
C VAL HA 114 68.59 37.85 100.41
N GLU HA 115 68.83 36.54 100.25
CA GLU HA 115 69.27 35.96 98.99
C GLU HA 115 68.05 35.41 98.26
N GLU HA 116 67.89 35.78 96.99
CA GLU HA 116 66.75 35.33 96.21
C GLU HA 116 67.16 35.05 94.77
N THR HA 117 66.73 33.90 94.25
CA THR HA 117 66.82 33.61 92.84
C THR HA 117 65.63 34.23 92.12
N LYS HA 118 65.90 34.98 91.05
CA LYS HA 118 64.87 35.76 90.39
C LYS HA 118 64.39 35.16 89.07
N ALA HA 119 65.28 34.59 88.27
CA ALA HA 119 64.86 34.07 86.97
C ALA HA 119 65.78 32.92 86.56
N VAL HA 120 65.26 32.08 85.67
CA VAL HA 120 66.01 31.00 85.05
C VAL HA 120 65.86 31.13 83.55
N LEU HA 121 66.98 31.19 82.84
CA LEU HA 121 66.99 31.34 81.39
C LEU HA 121 67.48 30.06 80.74
N SER HA 122 66.97 29.78 79.54
CA SER HA 122 67.33 28.57 78.81
C SER HA 122 67.27 28.87 77.32
N LEU HA 123 67.78 27.92 76.53
CA LEU HA 123 67.79 28.09 75.08
C LEU HA 123 66.40 27.98 74.48
N LYS HA 124 65.45 27.35 75.17
CA LYS HA 124 64.09 27.24 74.68
C LYS HA 124 63.20 28.39 75.13
N LYS HA 125 63.47 28.96 76.31
CA LYS HA 125 62.74 30.12 76.84
C LYS HA 125 63.77 31.16 77.25
N PRO HA 126 64.22 31.99 76.31
CA PRO HA 126 65.37 32.86 76.58
C PRO HA 126 65.06 34.11 77.39
N SER HA 127 63.80 34.49 77.55
CA SER HA 127 63.44 35.76 78.14
C SER HA 127 62.74 35.57 79.48
N ALA HA 128 62.93 36.55 80.36
CA ALA HA 128 62.29 36.55 81.67
C ALA HA 128 62.16 37.99 82.15
N VAL HA 129 61.24 38.20 83.11
CA VAL HA 129 60.97 39.51 83.69
C VAL HA 129 61.15 39.40 85.19
N ILE HA 130 61.93 40.33 85.77
CA ILE HA 130 62.25 40.33 87.19
C ILE HA 130 61.88 41.68 87.79
N ILE HA 131 61.79 41.70 89.12
CA ILE HA 131 61.43 42.89 89.88
C ILE HA 131 62.49 43.14 90.93
N LEU HA 132 62.96 44.37 91.01
CA LEU HA 132 63.89 44.81 92.05
C LEU HA 132 63.20 45.88 92.91
N ASP HA 133 63.23 45.69 94.22
CA ASP HA 133 62.53 46.58 95.13
C ASP HA 133 63.42 47.11 96.25
N ASN HA 134 62.80 47.72 97.26
CA ASN HA 134 63.55 48.38 98.34
C ASN HA 134 64.47 47.40 99.05
N ASP HA 135 64.08 46.13 99.17
CA ASP HA 135 64.91 45.17 99.90
C ASP HA 135 66.19 44.85 99.12
N ASP HA 136 66.12 44.83 97.78
CA ASP HA 136 67.29 44.46 97.00
C ASP HA 136 68.36 45.54 97.03
N TYR HA 137 67.95 46.81 97.03
CA TYR HA 137 68.89 47.93 96.93
C TYR HA 137 69.68 48.12 98.22
N SER HA 138 70.58 47.18 98.52
CA SER HA 138 71.49 47.34 99.63
C SER HA 138 72.59 48.34 99.27
N SER HA 139 73.15 48.96 100.31
CA SER HA 139 74.03 50.13 100.19
C SER HA 139 73.34 51.30 99.50
N THR HA 140 72.03 51.18 99.25
CA THR HA 140 71.16 52.23 98.71
C THR HA 140 71.49 52.60 97.28
N ASN HA 141 72.51 51.99 96.67
CA ASN HA 141 72.97 52.45 95.37
C ASN HA 141 73.25 51.36 94.34
N LYS HA 142 73.28 50.08 94.70
CA LYS HA 142 73.71 49.09 93.72
C LYS HA 142 73.05 47.73 93.96
N ILE HA 143 72.95 46.96 92.88
CA ILE HA 143 72.47 45.58 92.85
C ILE HA 143 73.61 44.68 92.40
N GLN HA 144 73.76 43.53 93.06
CA GLN HA 144 74.75 42.53 92.68
C GLN HA 144 74.01 41.25 92.33
N LEU HA 145 74.27 40.72 91.13
CA LEU HA 145 73.63 39.51 90.62
C LEU HA 145 74.69 38.61 89.99
N LYS HA 146 74.91 37.44 90.58
CA LYS HA 146 75.77 36.44 89.96
C LYS HA 146 74.97 35.50 89.06
N VAL HA 147 75.69 34.83 88.16
CA VAL HA 147 75.11 33.98 87.14
C VAL HA 147 75.51 32.54 87.43
N GLU HA 148 74.54 31.63 87.35
CA GLU HA 148 74.80 30.22 87.56
C GLU HA 148 74.42 29.45 86.31
N ALA HA 149 75.31 28.57 85.85
CA ALA HA 149 75.16 27.89 84.57
C ALA HA 149 75.12 26.38 84.76
N TYR HA 150 74.21 25.73 84.04
CA TYR HA 150 74.16 24.28 83.90
C TYR HA 150 74.13 23.95 82.42
N TYR HA 151 74.88 22.92 82.02
CA TYR HA 151 75.10 22.71 80.59
C TYR HA 151 75.41 21.24 80.31
N GLU HA 152 75.22 20.87 79.05
CA GLU HA 152 75.71 19.62 78.50
C GLU HA 152 76.18 19.87 77.08
N ALA HA 153 77.43 19.54 76.78
CA ALA HA 153 78.02 19.83 75.49
C ALA HA 153 77.65 18.76 74.47
N LYS HA 154 77.66 19.16 73.19
CA LYS HA 154 77.40 18.22 72.11
C LYS HA 154 78.53 17.21 71.99
N GLU HA 155 78.18 16.03 71.47
CA GLU HA 155 79.12 14.92 71.37
C GLU HA 155 80.09 15.16 70.20
N GLY HA 156 81.38 15.18 70.51
CA GLY HA 156 82.39 15.26 69.48
C GLY HA 156 82.56 16.60 68.82
N MET HA 157 82.15 17.69 69.47
CA MET HA 157 82.25 19.03 68.91
C MET HA 157 83.37 19.78 69.62
N LEU HA 158 84.29 20.34 68.85
CA LEU HA 158 85.42 21.09 69.38
C LEU HA 158 85.38 22.51 68.85
N PHE HA 159 85.65 23.47 69.74
CA PHE HA 159 85.58 24.89 69.38
C PHE HA 159 86.30 25.69 70.44
N ASP HA 160 86.48 26.98 70.16
CA ASP HA 160 87.10 27.90 71.11
C ASP HA 160 86.68 29.32 70.76
N SER HA 161 86.78 30.21 71.75
CA SER HA 161 86.49 31.64 71.58
C SER HA 161 85.05 31.85 71.11
N LEU HA 162 84.09 31.35 71.90
CA LEU HA 162 82.68 31.51 71.60
C LEU HA 162 82.03 32.39 72.65
N PRO HA 163 81.46 33.53 72.29
CA PRO HA 163 80.90 34.45 73.28
C PRO HA 163 79.45 34.15 73.63
N VAL HA 164 79.08 34.52 74.85
CA VAL HA 164 77.72 34.44 75.35
C VAL HA 164 77.30 35.85 75.75
N ILE HA 165 76.15 36.29 75.23
CA ILE HA 165 75.71 37.68 75.33
C ILE HA 165 74.36 37.73 76.03
N LEU HA 166 74.22 38.67 76.97
CA LEU HA 166 72.97 38.95 77.66
C LEU HA 166 72.59 40.41 77.45
N ASN HA 167 71.29 40.69 77.36
CA ASN HA 167 70.79 42.02 77.10
C ASN HA 167 69.80 42.43 78.17
N PHE HA 168 69.76 43.73 78.47
CA PHE HA 168 68.86 44.30 79.48
C PHE HA 168 68.02 45.41 78.85
N GLN HA 169 66.76 45.46 79.24
CA GLN HA 169 65.84 46.51 78.79
C GLN HA 169 64.94 46.91 79.95
N VAL HA 170 64.75 48.22 80.10
CA VAL HA 170 63.94 48.78 81.17
C VAL HA 170 62.50 48.94 80.67
N LEU HA 171 61.55 48.40 81.44
CA LEU HA 171 60.14 48.50 81.09
C LEU HA 171 59.40 49.58 81.87
N SER HA 172 59.74 49.76 83.15
CA SER HA 172 59.09 50.77 83.97
C SER HA 172 59.95 51.05 85.18
N VAL HA 173 59.99 52.32 85.59
CA VAL HA 173 60.74 52.74 86.77
C VAL HA 173 59.87 53.69 87.58
N SER HA 174 60.02 53.66 88.90
CA SER HA 174 59.27 54.53 89.78
C SER HA 174 60.06 54.85 91.04
N THR IA 26 51.79 121.99 63.18
CA THR IA 26 50.71 121.05 63.44
C THR IA 26 51.01 119.70 62.76
N THR IA 27 51.73 118.83 63.47
CA THR IA 27 52.12 117.53 62.95
C THR IA 27 51.57 116.43 63.84
N GLN IA 28 51.00 115.41 63.23
CA GLN IA 28 50.45 114.26 63.95
C GLN IA 28 51.41 113.09 63.83
N SER IA 29 51.82 112.54 64.98
CA SER IA 29 52.82 111.48 64.95
C SER IA 29 52.19 110.13 65.27
N PRO IA 30 52.66 109.05 64.62
CA PRO IA 30 52.13 107.71 64.93
C PRO IA 30 52.74 107.07 66.16
N LEU IA 31 53.90 107.55 66.62
CA LEU IA 31 54.51 107.11 67.88
C LEU IA 31 54.85 105.62 67.85
N ASN IA 32 55.51 105.19 66.77
CA ASN IA 32 55.94 103.80 66.65
C ASN IA 32 57.32 103.68 66.01
N SER IA 33 58.12 104.74 66.06
CA SER IA 33 59.45 104.74 65.43
C SER IA 33 60.54 104.42 66.46
N PHE IA 34 60.47 103.22 67.01
CA PHE IA 34 61.47 102.74 67.97
C PHE IA 34 61.81 101.29 67.68
N TYR IA 35 63.10 100.97 67.70
CA TYR IA 35 63.54 99.63 67.35
C TYR IA 35 64.77 99.25 68.18
N ALA IA 36 65.00 97.94 68.26
CA ALA IA 36 66.19 97.37 68.90
C ALA IA 36 66.53 96.08 68.17
N THR IA 37 67.82 95.81 68.01
CA THR IA 37 68.27 94.73 67.14
C THR IA 37 69.32 93.86 67.84
N GLY IA 38 69.21 92.54 67.61
CA GLY IA 38 70.21 91.59 68.05
C GLY IA 38 70.63 90.67 66.92
N THR IA 39 71.43 89.65 67.22
CA THR IA 39 71.94 88.74 66.19
C THR IA 39 72.04 87.32 66.76
N ALA IA 40 72.10 86.35 65.85
CA ALA IA 40 72.27 84.96 66.21
C ALA IA 40 72.96 84.23 65.07
N GLN IA 41 73.55 83.07 65.38
CA GLN IA 41 74.29 82.30 64.39
C GLN IA 41 74.45 80.87 64.86
N ALA IA 42 74.79 79.99 63.91
CA ALA IA 42 75.14 78.60 64.21
C ALA IA 42 75.98 78.09 63.04
N VAL IA 43 77.27 77.88 63.28
CA VAL IA 43 78.21 77.64 62.20
C VAL IA 43 79.04 76.37 62.40
N GLN IA 44 78.53 75.39 63.13
CA GLN IA 44 79.27 74.14 63.30
C GLN IA 44 78.31 73.01 63.61
N GLU IA 45 78.73 71.78 63.26
CA GLU IA 45 77.97 70.57 63.51
C GLU IA 45 78.12 70.12 64.95
N PRO IA 46 77.13 69.39 65.48
CA PRO IA 46 77.16 69.06 66.92
C PRO IA 46 78.38 68.26 67.36
N ILE IA 47 78.85 67.32 66.53
CA ILE IA 47 79.90 66.39 66.95
C ILE IA 47 81.01 66.34 65.92
N ASP IA 48 82.17 65.87 66.36
CA ASP IA 48 83.31 65.60 65.49
C ASP IA 48 83.84 64.23 65.84
N VAL IA 49 84.24 63.45 64.83
CA VAL IA 49 84.61 62.05 65.01
C VAL IA 49 86.01 61.82 64.45
N GLU IA 50 86.86 61.16 65.22
CA GLU IA 50 88.22 60.83 64.81
C GLU IA 50 88.48 59.37 65.10
N SER IA 51 89.20 58.71 64.19
CA SER IA 51 89.40 57.26 64.24
C SER IA 51 90.84 56.92 64.57
N HIS IA 52 91.00 55.85 65.36
CA HIS IA 52 92.33 55.32 65.72
C HIS IA 52 92.33 53.80 65.68
N LEU IA 53 91.75 53.21 64.63
CA LEU IA 53 91.71 51.76 64.47
C LEU IA 53 92.98 51.33 63.74
N ASP IA 54 93.99 50.95 64.51
CA ASP IA 54 95.30 50.63 63.98
C ASP IA 54 95.74 49.22 64.36
N ASN IA 55 94.84 48.25 64.25
CA ASN IA 55 95.17 46.84 64.42
C ASN IA 55 94.53 46.04 63.29
N THR IA 56 95.18 44.94 62.94
CA THR IA 56 94.79 44.13 61.79
C THR IA 56 94.35 42.75 62.25
N ILE IA 57 93.19 42.30 61.78
CA ILE IA 57 92.73 40.94 61.98
C ILE IA 57 93.52 40.05 61.01
N ALA IA 58 94.51 39.32 61.53
CA ALA IA 58 95.40 38.52 60.70
C ALA IA 58 95.47 37.09 61.24
N PRO IA 59 94.42 36.29 61.01
CA PRO IA 59 94.48 34.87 61.35
C PRO IA 59 94.92 34.04 60.16
N ALA IA 60 95.10 32.75 60.42
CA ALA IA 60 95.33 31.80 59.34
C ALA IA 60 94.01 31.46 58.65
N ALA IA 61 94.12 30.81 57.50
CA ALA IA 61 92.94 30.46 56.72
C ALA IA 61 92.09 29.43 57.46
N GLY IA 62 90.82 29.74 57.68
CA GLY IA 62 89.90 28.83 58.32
C GLY IA 62 89.97 28.78 59.83
N ALA IA 63 90.71 29.69 60.46
CA ALA IA 63 90.91 29.67 61.90
C ALA IA 63 89.82 30.46 62.63
N GLN IA 64 89.63 30.12 63.89
CA GLN IA 64 88.71 30.81 64.78
C GLN IA 64 89.53 31.63 65.77
N GLY IA 65 89.20 32.92 65.90
CA GLY IA 65 90.08 33.81 66.64
C GLY IA 65 89.43 34.79 67.59
N TYR IA 66 90.24 35.73 68.07
CA TYR IA 66 89.86 36.70 69.09
C TYR IA 66 90.82 37.88 69.04
N LYS IA 67 90.31 39.08 68.75
CA LYS IA 67 91.19 40.19 68.46
C LYS IA 67 90.53 41.50 68.87
N ASP IA 68 91.36 42.48 69.23
CA ASP IA 68 90.93 43.85 69.47
C ASP IA 68 91.52 44.75 68.39
N MET IA 69 90.91 45.92 68.18
CA MET IA 69 91.22 46.76 67.03
C MET IA 69 91.79 48.12 67.39
N GLY IA 70 91.13 48.86 68.27
CA GLY IA 70 91.53 50.23 68.57
C GLY IA 70 90.39 50.96 69.25
N TYR IA 71 90.40 52.28 69.12
CA TYR IA 71 89.36 53.09 69.73
C TYR IA 71 89.04 54.29 68.85
N VAL IA 72 87.87 54.89 69.10
CA VAL IA 72 87.35 56.01 68.31
C VAL IA 72 86.99 57.14 69.26
N LYS IA 73 87.33 58.37 68.87
CA LYS IA 73 87.09 59.56 69.68
C LYS IA 73 85.93 60.36 69.11
N ILE IA 74 85.07 60.84 70.00
CA ILE IA 74 83.93 61.68 69.66
C ILE IA 74 84.03 62.97 70.45
N ILE IA 75 83.81 64.11 69.78
CA ILE IA 75 83.94 65.43 70.39
C ILE IA 75 82.60 66.13 70.31
N ASN IA 76 82.16 66.71 71.43
CA ASN IA 76 80.86 67.37 71.55
C ASN IA 76 81.04 68.84 71.87
N TYR IA 77 80.16 69.67 71.29
CA TYR IA 77 80.35 71.11 71.19
C TYR IA 77 79.27 71.86 71.97
N THR IA 78 79.24 73.18 71.77
CA THR IA 78 78.52 74.10 72.64
C THR IA 78 77.05 73.74 72.77
N ASP IA 79 76.56 73.77 74.01
CA ASP IA 79 75.15 73.57 74.35
C ASP IA 79 74.64 72.18 73.98
N VAL IA 80 75.53 71.19 73.94
CA VAL IA 80 75.18 69.81 73.65
C VAL IA 80 75.31 69.00 74.94
N ASN IA 81 74.28 68.21 75.25
CA ASN IA 81 74.30 67.39 76.45
C ASN IA 81 74.05 65.92 76.18
N VAL IA 82 73.14 65.59 75.26
CA VAL IA 82 72.78 64.21 74.95
C VAL IA 82 72.77 64.03 73.44
N VAL IA 83 73.38 62.94 72.97
CA VAL IA 83 73.48 62.64 71.55
C VAL IA 83 72.95 61.24 71.29
N LYS IA 84 72.11 61.11 70.26
CA LYS IA 84 71.61 59.83 69.80
C LYS IA 84 72.29 59.48 68.47
N LEU IA 85 72.86 58.28 68.40
CA LEU IA 85 73.68 57.88 67.26
C LEU IA 85 73.21 56.56 66.69
N LYS IA 86 73.50 56.37 65.41
CA LYS IA 86 73.25 55.11 64.71
C LYS IA 86 74.54 54.66 64.04
N VAL IA 87 74.95 53.42 64.31
CA VAL IA 87 76.19 52.87 63.80
C VAL IA 87 75.87 51.65 62.95
N THR IA 88 76.49 51.57 61.76
CA THR IA 88 76.23 50.50 60.82
C THR IA 88 77.52 50.08 60.15
N LEU IA 89 77.50 48.89 59.56
CA LEU IA 89 78.62 48.36 58.78
C LEU IA 89 78.34 48.71 57.31
N ALA IA 90 79.20 49.56 56.74
CA ALA IA 90 78.95 50.09 55.40
C ALA IA 90 79.22 49.04 54.32
N ASN IA 91 80.23 48.20 54.49
CA ASN IA 91 80.64 47.27 53.45
C ASN IA 91 80.45 45.82 53.89
N ALA IA 92 79.30 45.52 54.51
CA ALA IA 92 79.03 44.17 54.96
C ALA IA 92 78.89 43.20 53.79
N ALA IA 93 78.35 43.68 52.67
CA ALA IA 93 78.17 42.81 51.51
C ALA IA 93 79.51 42.34 50.94
N GLN IA 94 80.51 43.22 50.93
CA GLN IA 94 81.82 42.85 50.42
C GLN IA 94 82.50 41.82 51.32
N LEU IA 95 82.29 41.90 52.63
CA LEU IA 95 82.95 41.02 53.58
C LEU IA 95 82.29 39.64 53.69
N ARG IA 96 81.10 39.46 53.12
CA ARG IA 96 80.41 38.17 53.24
C ARG IA 96 81.18 36.99 52.66
N PRO IA 97 81.75 37.04 51.44
CA PRO IA 97 82.44 35.87 50.92
C PRO IA 97 83.70 35.49 51.68
N TYR IA 98 84.20 36.35 52.57
CA TYR IA 98 85.46 36.09 53.26
C TYR IA 98 85.28 35.55 54.67
N PHE IA 99 84.08 35.59 55.23
CA PHE IA 99 83.87 35.21 56.63
C PHE IA 99 82.61 34.38 56.77
N LYS IA 100 82.67 33.38 57.65
CA LYS IA 100 81.45 32.70 58.09
C LYS IA 100 80.66 33.57 59.06
N TYR IA 101 81.34 34.24 59.98
CA TYR IA 101 80.69 35.18 60.88
C TYR IA 101 81.72 36.18 61.38
N LEU IA 102 81.23 37.36 61.77
CA LEU IA 102 82.09 38.43 62.28
C LEU IA 102 81.24 39.34 63.16
N GLN IA 103 81.66 39.51 64.40
CA GLN IA 103 80.91 40.29 65.38
C GLN IA 103 81.80 41.37 65.97
N LEU IA 104 81.24 42.57 66.11
CA LEU IA 104 81.95 43.71 66.68
C LEU IA 104 81.25 44.16 67.96
N VAL IA 105 82.04 44.38 69.01
CA VAL IA 105 81.52 44.78 70.32
C VAL IA 105 82.05 46.17 70.63
N LEU IA 106 81.15 47.09 70.96
CA LEU IA 106 81.49 48.47 71.29
C LEU IA 106 81.21 48.72 72.76
N THR IA 107 82.19 49.27 73.47
CA THR IA 107 82.06 49.55 74.89
C THR IA 107 82.49 50.98 75.18
N SER IA 108 81.74 51.66 76.06
CA SER IA 108 82.09 53.00 76.51
C SER IA 108 82.92 52.87 77.78
N ASN IA 109 84.05 53.58 77.81
CA ASN IA 109 85.06 53.44 78.85
C ASN IA 109 85.54 54.80 79.35
N ALA IA 110 85.22 55.88 78.63
CA ALA IA 110 85.80 57.20 78.90
C ALA IA 110 85.64 57.61 80.36
N SER IA 111 84.59 57.13 81.03
CA SER IA 111 84.46 57.24 82.48
C SER IA 111 85.15 56.05 83.13
N SER IA 112 86.17 56.32 83.95
CA SER IA 112 86.91 55.25 84.60
C SER IA 112 86.05 54.47 85.59
N THR IA 113 84.92 55.03 86.03
CA THR IA 113 84.05 54.35 86.97
C THR IA 113 82.95 53.53 86.29
N VAL IA 114 82.51 53.95 85.10
CA VAL IA 114 81.39 53.32 84.42
C VAL IA 114 81.87 52.80 83.06
N GLU IA 115 82.15 51.50 82.98
CA GLU IA 115 82.40 50.82 81.72
C GLU IA 115 81.10 50.15 81.27
N GLU IA 116 80.69 50.40 80.04
CA GLU IA 116 79.45 49.83 79.51
C GLU IA 116 79.61 49.42 78.05
N THR IA 117 79.16 48.21 77.73
CA THR IA 117 79.02 47.79 76.35
C THR IA 117 77.67 48.29 75.81
N LYS IA 118 77.71 48.95 74.66
CA LYS IA 118 76.54 49.62 74.12
C LYS IA 118 75.86 48.88 72.98
N ALA IA 119 76.62 48.26 72.07
CA ALA IA 119 76.01 47.60 70.94
C ALA IA 119 76.89 46.46 70.47
N VAL IA 120 76.27 45.51 69.76
CA VAL IA 120 76.97 44.40 69.11
C VAL IA 120 76.54 44.40 67.65
N LEU IA 121 77.51 44.43 66.74
CA LEU IA 121 77.25 44.44 65.32
C LEU IA 121 77.69 43.11 64.70
N SER IA 122 76.99 42.70 63.65
CA SER IA 122 77.27 41.45 62.97
C SER IA 122 76.94 41.60 61.50
N LEU IA 123 77.34 40.59 60.71
CA LEU IA 123 77.09 40.62 59.28
C LEU IA 123 75.61 40.40 58.95
N LYS IA 124 74.85 39.81 59.86
CA LYS IA 124 73.42 39.60 59.65
C LYS IA 124 72.57 40.75 60.15
N LYS IA 125 73.01 41.43 61.20
CA LYS IA 125 72.33 42.61 61.74
C LYS IA 125 73.35 43.73 61.87
N PRO IA 126 73.58 44.48 60.79
CA PRO IA 126 74.71 45.42 60.77
C PRO IA 126 74.48 46.73 61.51
N SER IA 127 73.24 47.07 61.87
CA SER IA 127 72.93 48.38 62.39
C SER IA 127 72.50 48.30 63.85
N ALA IA 128 72.78 49.36 64.60
CA ALA IA 128 72.39 49.47 65.99
C ALA IA 128 72.26 50.94 66.37
N VAL IA 129 71.53 51.19 67.45
CA VAL IA 129 71.29 52.54 67.96
C VAL IA 129 71.74 52.59 69.41
N ILE IA 130 72.56 53.60 69.74
CA ILE IA 130 73.12 53.75 71.07
C ILE IA 130 72.80 55.14 71.61
N ILE IA 131 72.94 55.28 72.93
CA ILE IA 131 72.66 56.53 73.63
C ILE IA 131 73.87 56.92 74.45
N LEU IA 132 74.29 58.18 74.33
CA LEU IA 132 75.36 58.74 75.15
C LEU IA 132 74.79 59.85 76.01
N ASP IA 133 75.06 59.80 77.30
CA ASP IA 133 74.47 60.75 78.25
C ASP IA 133 75.52 61.42 79.13
N ASN IA 134 75.06 62.10 80.19
CA ASN IA 134 75.95 62.88 81.05
C ASN IA 134 77.05 62.02 81.66
N ASP IA 135 76.76 60.75 81.97
CA ASP IA 135 77.76 59.90 82.59
C ASP IA 135 78.89 59.55 81.63
N ASP IA 136 78.59 59.40 80.34
CA ASP IA 136 79.61 59.00 79.38
C ASP IA 136 80.61 60.13 79.13
N TYR IA 137 80.14 61.37 79.09
CA TYR IA 137 80.96 62.51 78.73
C TYR IA 137 81.97 62.86 79.82
N SER IA 138 82.96 61.99 80.02
CA SER IA 138 84.05 62.29 80.94
C SER IA 138 85.00 63.29 80.31
N SER IA 139 85.71 64.03 81.16
CA SER IA 139 86.48 65.22 80.77
C SER IA 139 85.61 66.28 80.11
N THR IA 140 84.29 66.09 80.13
CA THR IA 140 83.28 67.04 79.67
C THR IA 140 83.32 67.30 78.17
N ASN IA 141 84.25 66.67 77.45
CA ASN IA 141 84.45 67.01 76.05
C ASN IA 141 84.61 65.85 75.08
N LYS IA 142 84.75 64.60 75.54
CA LYS IA 142 85.05 63.54 74.59
C LYS IA 142 84.53 62.20 75.06
N ILE IA 143 84.28 61.31 74.08
CA ILE IA 143 83.90 59.93 74.28
C ILE IA 143 84.97 59.02 73.70
N GLN IA 144 85.31 57.96 74.43
CA GLN IA 144 86.26 56.96 73.96
C GLN IA 144 85.55 55.61 73.86
N LEU IA 145 85.62 54.99 72.68
CA LEU IA 145 84.96 53.72 72.40
C LEU IA 145 85.95 52.81 71.67
N LYS IA 146 86.33 51.70 72.32
CA LYS IA 146 87.12 50.68 71.64
C LYS IA 146 86.24 49.63 70.99
N VAL IA 147 86.82 48.91 70.03
CA VAL IA 147 86.11 47.94 69.21
C VAL IA 147 86.63 46.55 69.55
N GLU IA 148 85.71 45.60 69.73
CA GLU IA 148 86.10 44.22 70.02
C GLU IA 148 85.54 43.33 68.93
N ALA IA 149 86.37 42.44 68.39
CA ALA IA 149 86.04 41.63 67.23
C ALA IA 149 86.12 40.14 67.56
N TYR IA 150 85.13 39.41 67.07
CA TYR IA 150 85.14 37.94 67.08
C TYR IA 150 84.86 37.46 65.66
N TYR IA 151 85.59 36.44 65.22
CA TYR IA 151 85.56 36.09 63.80
C TYR IA 151 85.88 34.62 63.60
N GLU IA 152 85.50 34.12 62.43
CA GLU IA 152 85.96 32.83 61.90
C GLU IA 152 86.15 32.98 60.40
N ALA IA 153 87.34 32.66 59.92
CA ALA IA 153 87.67 32.86 58.51
C ALA IA 153 87.19 31.68 57.68
N LYS IA 154 86.95 31.94 56.40
CA LYS IA 154 86.54 30.90 55.47
C LYS IA 154 87.69 29.92 55.23
N GLU IA 155 87.32 28.69 54.89
CA GLU IA 155 88.28 27.62 54.70
C GLU IA 155 89.01 27.78 53.38
N GLY IA 156 90.34 27.88 53.43
CA GLY IA 156 91.15 27.90 52.23
C GLY IA 156 91.12 29.18 51.43
N MET IA 157 90.76 30.30 52.05
CA MET IA 157 90.69 31.58 51.37
C MET IA 157 91.87 32.45 51.79
N LEU IA 158 92.61 32.96 50.82
CA LEU IA 158 93.77 33.81 51.06
C LEU IA 158 93.56 35.17 50.42
N PHE IA 159 93.93 36.23 51.16
CA PHE IA 159 93.71 37.60 50.70
C PHE IA 159 94.57 38.52 51.54
N ASP IA 160 94.62 39.79 51.11
CA ASP IA 160 95.34 40.82 51.85
C ASP IA 160 94.79 42.17 51.45
N SER IA 161 95.03 43.16 52.33
CA SER IA 161 94.62 44.55 52.10
C SER IA 161 93.11 44.66 51.88
N LEU IA 162 92.34 44.21 52.87
CA LEU IA 162 90.89 44.28 52.83
C LEU IA 162 90.39 45.23 53.90
N PRO IA 163 89.70 46.31 53.54
CA PRO IA 163 89.28 47.29 54.54
C PRO IA 163 87.93 46.97 55.17
N VAL IA 164 87.77 47.44 56.41
CA VAL IA 164 86.53 47.36 57.15
C VAL IA 164 86.10 48.79 57.49
N ILE IA 165 84.85 49.13 57.17
CA ILE IA 165 84.37 50.50 57.23
C ILE IA 165 83.16 50.57 58.16
N LEU IA 166 83.15 51.59 59.02
CA LEU IA 166 82.02 51.88 59.89
C LEU IA 166 81.53 53.29 59.62
N ASN IA 167 80.23 53.51 59.76
CA ASN IA 167 79.61 54.79 59.48
C ASN IA 167 78.80 55.27 60.67
N PHE IA 168 78.74 56.58 60.86
CA PHE IA 168 78.02 57.21 61.96
C PHE IA 168 77.02 58.21 61.41
N GLN IA 169 75.83 58.26 62.02
CA GLN IA 169 74.80 59.23 61.65
C GLN IA 169 74.10 59.70 62.91
N VAL IA 170 73.86 61.01 62.98
CA VAL IA 170 73.22 61.64 64.13
C VAL IA 170 71.72 61.69 63.89
N LEU IA 171 70.95 61.20 64.86
CA LEU IA 171 69.49 61.20 64.77
C LEU IA 171 68.86 62.32 65.58
N SER IA 172 69.40 62.64 66.75
CA SER IA 172 68.85 63.70 67.59
C SER IA 172 69.91 64.13 68.59
N VAL IA 173 69.95 65.44 68.87
CA VAL IA 173 70.87 65.99 69.85
C VAL IA 173 70.11 66.99 70.72
N SER IA 174 70.50 67.09 71.98
CA SER IA 174 69.86 68.00 72.92
C SER IA 174 70.85 68.48 73.98
N THR JA 26 53.94 132.23 42.32
CA THR JA 26 52.98 131.28 42.85
C THR JA 26 53.23 129.89 42.25
N THR JA 27 54.10 129.12 42.89
CA THR JA 27 54.48 127.79 42.42
C THR JA 27 54.17 126.77 43.50
N GLN JA 28 53.55 125.66 43.10
CA GLN JA 28 53.19 124.57 44.00
C GLN JA 28 54.19 123.42 43.81
N SER JA 29 54.82 123.01 44.91
CA SER JA 29 55.86 121.98 44.80
C SER JA 29 55.37 120.65 45.34
N PRO JA 30 55.79 119.54 44.72
CA PRO JA 30 55.40 118.22 45.23
C PRO JA 30 56.25 117.72 46.39
N LEU JA 31 57.44 118.29 46.58
CA LEU JA 31 58.30 117.99 47.73
C LEU JA 31 58.71 116.52 47.77
N ASN JA 32 59.18 116.02 46.62
CA ASN JA 32 59.66 114.64 46.56
C ASN JA 32 60.91 114.50 45.69
N SER JA 33 61.65 115.60 45.49
CA SER JA 33 62.84 115.59 44.63
C SER JA 33 64.10 115.42 45.46
N PHE JA 34 64.21 114.27 46.13
CA PHE JA 34 65.38 113.93 46.92
C PHE JA 34 65.75 112.47 46.69
N TYR JA 35 67.04 112.21 46.52
CA TYR JA 35 67.49 110.86 46.21
C TYR JA 35 68.86 110.61 46.82
N ALA JA 36 69.18 109.32 46.98
CA ALA JA 36 70.49 108.87 47.43
C ALA JA 36 70.77 107.53 46.77
N THR JA 37 72.03 107.29 46.41
CA THR JA 37 72.38 106.15 45.56
C THR JA 37 73.56 105.39 46.13
N GLY JA 38 73.50 104.06 46.04
CA GLY JA 38 74.62 103.19 46.37
C GLY JA 38 74.89 102.19 45.27
N THR JA 39 75.78 101.23 45.50
CA THR JA 39 76.15 100.25 44.48
C THR JA 39 76.42 98.90 45.14
N ALA JA 40 76.38 97.85 44.33
CA ALA JA 40 76.68 96.49 44.77
C ALA JA 40 77.21 95.69 43.59
N GLN JA 41 77.90 94.60 43.90
CA GLN JA 41 78.49 93.77 42.85
C GLN JA 41 78.82 92.38 43.41
N ALA JA 42 79.03 91.44 42.49
CA ALA JA 42 79.50 90.10 42.84
C ALA JA 42 80.14 89.51 41.59
N VAL JA 43 81.47 89.37 41.60
CA VAL JA 43 82.21 89.07 40.38
C VAL JA 43 83.14 87.86 40.54
N GLN JA 44 82.82 86.94 41.44
CA GLN JA 44 83.64 85.74 41.58
C GLN JA 44 82.82 84.60 42.16
N GLU JA 45 83.25 83.37 41.84
CA GLU JA 45 82.61 82.15 42.33
C GLU JA 45 83.05 81.86 43.77
N PRO JA 46 82.20 81.14 44.54
CA PRO JA 46 82.51 80.95 45.96
C PRO JA 46 83.83 80.24 46.23
N ILE JA 47 84.20 79.24 45.43
CA ILE JA 47 85.35 78.41 45.73
C ILE JA 47 86.26 78.31 44.51
N ASP JA 48 87.51 77.92 44.77
CA ASP JA 48 88.49 77.62 43.73
C ASP JA 48 89.15 76.29 44.11
N VAL JA 49 89.40 75.45 43.11
CA VAL JA 49 89.88 74.09 43.34
C VAL JA 49 91.16 73.86 42.54
N GLU JA 50 92.18 73.32 43.20
CA GLU JA 50 93.46 73.01 42.58
C GLU JA 50 93.85 71.58 42.95
N SER JA 51 94.44 70.86 41.98
CA SER JA 51 94.71 69.44 42.12
C SER JA 51 96.21 69.18 42.22
N HIS JA 52 96.58 68.20 43.04
CA HIS JA 52 97.97 67.77 43.20
C HIS JA 52 98.05 66.26 43.29
N LEU JA 53 97.32 65.55 42.43
CA LEU JA 53 97.32 64.08 42.40
C LEU JA 53 98.47 63.63 41.50
N ASP JA 54 99.63 63.37 42.10
CA ASP JA 54 100.84 63.05 41.36
C ASP JA 54 101.42 61.70 41.78
N ASN JA 55 100.56 60.69 41.93
CA ASN JA 55 101.00 59.32 42.15
C ASN JA 55 100.22 58.40 41.23
N THR JA 56 100.86 57.29 40.86
CA THR JA 56 100.30 56.35 39.88
C THR JA 56 100.03 55.01 40.54
N ILE JA 57 98.84 54.48 40.33
CA ILE JA 57 98.51 53.11 40.73
C ILE JA 57 99.15 52.17 39.72
N ALA JA 58 100.25 51.54 40.10
CA ALA JA 58 101.03 50.69 39.20
C ALA JA 58 101.27 49.33 39.83
N PRO JA 59 100.25 48.47 39.88
CA PRO JA 59 100.44 47.09 40.33
C PRO JA 59 100.71 46.17 39.15
N ALA JA 60 101.01 44.92 39.48
CA ALA JA 60 101.09 43.88 38.46
C ALA JA 60 99.69 43.42 38.07
N ALA JA 61 99.62 42.66 36.98
CA ALA JA 61 98.34 42.20 36.46
C ALA JA 61 97.71 41.21 37.43
N GLY JA 62 96.48 41.49 37.86
CA GLY JA 62 95.74 40.61 38.74
C GLY JA 62 96.09 40.71 40.21
N ALA JA 63 96.87 41.71 40.60
CA ALA JA 63 97.33 41.83 41.98
C ALA JA 63 96.35 42.64 42.82
N GLN JA 64 96.40 42.42 44.12
CA GLN JA 64 95.63 43.16 45.10
C GLN JA 64 96.56 44.11 45.85
N GLY JA 65 96.20 45.39 45.92
CA GLY JA 65 97.14 46.37 46.40
C GLY JA 65 96.63 47.41 47.38
N TYR JA 66 97.45 48.44 47.60
CA TYR JA 66 97.19 49.47 48.60
C TYR JA 66 98.07 50.68 48.27
N LYS JA 67 97.45 51.83 47.97
CA LYS JA 67 98.19 52.94 47.42
C LYS JA 67 97.54 54.25 47.82
N ASP JA 68 98.37 55.30 47.95
CA ASP JA 68 97.92 56.67 48.13
C ASP JA 68 98.25 57.48 46.90
N MET JA 69 97.55 58.60 46.70
CA MET JA 69 97.60 59.33 45.43
C MET JA 69 98.15 60.74 45.56
N GLY JA 70 97.61 61.53 46.48
CA GLY JA 70 97.98 62.94 46.59
C GLY JA 70 96.94 63.69 47.40
N TYR JA 71 96.85 65.00 47.15
CA TYR JA 71 95.90 65.82 47.88
C TYR JA 71 95.36 66.92 46.96
N VAL JA 72 94.22 67.49 47.37
CA VAL JA 72 93.51 68.50 46.59
C VAL JA 72 93.26 69.72 47.49
N LYS JA 73 93.45 70.90 46.93
CA LYS JA 73 93.29 72.15 47.66
C LYS JA 73 92.01 72.86 47.26
N ILE JA 74 91.30 73.39 48.25
CA ILE JA 74 90.06 74.14 48.04
C ILE JA 74 90.24 75.51 48.69
N ILE JA 75 89.85 76.56 47.97
CA ILE JA 75 90.00 77.94 48.43
C ILE JA 75 88.62 78.58 48.53
N ASN JA 76 88.36 79.23 49.66
CA ASN JA 76 87.07 79.86 49.97
C ASN JA 76 87.22 81.37 50.12
N TYR JA 77 86.21 82.09 49.64
CA TYR JA 77 86.29 83.53 49.37
C TYR JA 77 85.33 84.31 50.27
N THR JA 78 85.20 85.60 49.96
CA THR JA 78 84.59 86.57 50.87
C THR JA 78 83.19 86.17 51.30
N ASP JA 79 82.93 86.30 52.61
CA ASP JA 79 81.62 86.08 53.21
C ASP JA 79 81.13 84.64 53.06
N VAL JA 80 82.05 83.69 52.95
CA VAL JA 80 81.73 82.26 52.85
C VAL JA 80 82.14 81.60 54.16
N ASN JA 81 81.24 80.81 54.72
CA ASN JA 81 81.51 80.10 55.96
C ASN JA 81 81.30 78.60 55.87
N VAL JA 82 80.26 78.16 55.16
CA VAL JA 82 79.94 76.73 55.05
C VAL JA 82 79.66 76.41 53.60
N VAL JA 83 80.23 75.30 53.12
CA VAL JA 83 80.09 74.87 51.74
C VAL JA 83 79.60 73.43 51.71
N LYS JA 84 78.60 73.16 50.86
CA LYS JA 84 78.10 71.82 50.61
C LYS JA 84 78.54 71.39 49.22
N LEU JA 85 79.16 70.20 49.14
CA LEU JA 85 79.79 69.73 47.92
C LEU JA 85 79.29 68.35 47.56
N LYS JA 86 79.36 68.03 46.27
CA LYS JA 86 79.05 66.71 45.75
C LYS JA 86 80.23 66.25 44.89
N VAL JA 87 80.76 65.06 45.19
CA VAL JA 87 81.91 64.51 44.51
C VAL JA 87 81.52 63.20 43.84
N THR JA 88 81.91 63.04 42.58
CA THR JA 88 81.54 61.87 41.80
C THR JA 88 82.71 61.44 40.93
N LEU JA 89 82.65 60.19 40.47
CA LEU JA 89 83.64 59.64 39.53
C LEU JA 89 83.09 59.83 38.12
N ALA JA 90 83.78 60.65 37.33
CA ALA JA 90 83.27 61.04 36.03
C ALA JA 90 83.39 59.91 35.01
N ASN JA 91 84.48 59.13 35.06
CA ASN JA 91 84.74 58.11 34.05
C ASN JA 91 84.71 56.71 34.65
N ALA JA 92 83.71 56.43 35.49
CA ALA JA 92 83.60 55.11 36.10
C ALA JA 92 83.31 54.04 35.06
N ALA JA 93 82.55 54.38 34.02
CA ALA JA 93 82.21 53.40 32.99
C ALA JA 93 83.45 52.92 32.24
N GLN JA 94 84.39 53.84 31.97
CA GLN JA 94 85.61 53.47 31.25
C GLN JA 94 86.49 52.56 32.10
N LEU JA 95 86.51 52.76 33.41
CA LEU JA 95 87.38 51.99 34.30
C LEU JA 95 86.83 50.62 34.66
N ARG JA 96 85.57 50.33 34.33
CA ARG JA 96 84.98 49.04 34.69
C ARG JA 96 85.71 47.84 34.08
N PRO JA 97 86.04 47.80 32.78
CA PRO JA 97 86.69 46.60 32.24
C PRO JA 97 88.08 46.34 32.79
N TYR JA 98 88.69 47.31 33.49
CA TYR JA 98 90.06 47.17 33.95
C TYR JA 98 90.18 46.75 35.41
N PHE JA 99 89.10 46.80 36.18
CA PHE JA 99 89.16 46.56 37.62
C PHE JA 99 87.99 45.69 38.07
N LYS JA 100 88.27 44.79 39.02
CA LYS JA 100 87.19 44.11 39.72
C LYS JA 100 86.54 45.03 40.74
N TYR JA 101 87.33 45.82 41.46
CA TYR JA 101 86.80 46.81 42.38
C TYR JA 101 87.85 47.90 42.58
N LEU JA 102 87.38 49.09 42.95
CA LEU JA 102 88.25 50.23 43.20
C LEU JA 102 87.52 51.19 44.14
N GLN JA 103 88.14 51.50 45.27
CA GLN JA 103 87.54 52.34 46.29
C GLN JA 103 88.46 53.51 46.60
N LEU JA 104 87.87 54.69 46.75
CA LEU JA 104 88.60 55.91 47.07
C LEU JA 104 88.11 56.45 48.41
N VAL JA 105 89.06 56.80 49.28
CA VAL JA 105 88.77 57.31 50.62
C VAL JA 105 89.27 58.75 50.71
N LEU JA 106 88.38 59.65 51.11
CA LEU JA 106 88.71 61.07 51.25
C LEU JA 106 88.68 61.45 52.72
N THR JA 107 89.75 62.10 53.18
CA THR JA 107 89.85 62.51 54.58
C THR JA 107 90.25 63.98 54.65
N SER JA 108 89.63 64.70 55.59
CA SER JA 108 89.98 66.10 55.85
C SER JA 108 91.03 66.13 56.95
N ASN JA 109 92.10 66.88 56.71
CA ASN JA 109 93.30 66.89 57.56
C ASN JA 109 93.78 68.30 57.84
N ALA JA 110 93.26 69.29 57.10
CA ALA JA 110 93.81 70.65 57.14
C ALA JA 110 93.90 71.20 58.56
N SER JA 111 93.01 70.75 59.46
CA SER JA 111 93.15 70.99 60.89
C SER JA 111 94.00 69.89 61.51
N SER JA 112 95.13 70.28 62.10
CA SER JA 112 96.04 69.31 62.69
C SER JA 112 95.43 68.60 63.88
N THR JA 113 94.36 69.15 64.47
CA THR JA 113 93.71 68.53 65.61
C THR JA 113 92.55 67.61 65.22
N VAL JA 114 91.89 67.89 64.11
CA VAL JA 114 90.69 67.15 63.69
C VAL JA 114 90.95 66.53 62.32
N GLU JA 115 91.29 65.24 62.31
CA GLU JA 115 91.34 64.44 61.09
C GLU JA 115 90.03 63.69 60.95
N GLU JA 116 89.38 63.80 59.80
CA GLU JA 116 88.11 63.13 59.56
C GLU JA 116 88.03 62.60 58.13
N THR JA 117 87.60 61.34 58.01
CA THR JA 117 87.23 60.78 56.72
C THR JA 117 85.78 61.18 56.40
N LYS JA 118 85.58 61.72 55.20
CA LYS JA 118 84.29 62.29 54.84
C LYS JA 118 83.46 61.42 53.90
N ALA JA 119 84.08 60.75 52.93
CA ALA JA 119 83.31 59.95 51.99
C ALA JA 119 84.16 58.80 51.46
N VAL JA 120 83.48 57.77 50.97
CA VAL JA 120 84.11 56.64 50.30
C VAL JA 120 83.42 56.47 48.96
N LEU JA 121 84.21 56.45 47.90
CA LEU JA 121 83.70 56.30 46.54
C LEU JA 121 84.10 54.95 45.97
N SER JA 122 83.23 54.41 45.11
CA SER JA 122 83.46 53.11 44.50
C SER JA 122 82.85 53.10 43.11
N LEU JA 123 83.18 52.05 42.35
CA LEU JA 123 82.66 51.93 40.99
C LEU JA 123 81.17 51.62 40.96
N LYS JA 124 80.63 51.09 42.05
CA LYS JA 124 79.20 50.80 42.12
C LYS JA 124 78.38 51.96 42.67
N LYS JA 125 78.97 52.76 43.56
CA LYS JA 125 78.33 53.95 44.12
C LYS JA 125 79.29 55.12 43.95
N PRO JA 126 79.29 55.77 42.78
CA PRO JA 126 80.33 56.75 42.46
C PRO JA 126 80.16 58.12 43.12
N SER JA 127 79.00 58.43 43.67
CA SER JA 127 78.71 59.78 44.13
C SER JA 127 78.55 59.82 45.64
N ALA JA 128 78.90 60.97 46.23
CA ALA JA 128 78.77 61.19 47.66
C ALA JA 128 78.62 62.68 47.92
N VAL JA 129 78.08 63.01 49.08
CA VAL JA 129 77.86 64.39 49.51
C VAL JA 129 78.57 64.60 50.84
N ILE JA 130 79.37 65.67 50.92
CA ILE JA 130 80.16 65.96 52.12
C ILE JA 130 79.86 67.38 52.58
N ILE JA 131 80.23 67.66 53.83
CA ILE JA 131 79.99 68.96 54.46
C ILE JA 131 81.32 69.47 55.01
N LEU JA 132 81.64 70.73 54.71
CA LEU JA 132 82.80 71.41 55.25
C LEU JA 132 82.33 72.58 56.10
N ASP JA 133 82.84 72.67 57.33
CA ASP JA 133 82.38 73.68 58.28
C ASP JA 133 83.53 74.47 58.89
N ASN JA 134 83.22 75.23 59.95
CA ASN JA 134 84.22 76.12 60.55
C ASN JA 134 85.45 75.37 61.03
N ASP JA 135 85.28 74.13 61.50
CA ASP JA 135 86.43 73.37 62.00
C ASP JA 135 87.38 72.97 60.88
N ASP JA 136 86.86 72.70 59.68
CA ASP JA 136 87.72 72.25 58.59
C ASP JA 136 88.59 73.38 58.06
N TYR JA 137 88.05 74.60 58.01
CA TYR JA 137 88.75 75.72 57.39
C TYR JA 137 89.90 76.21 58.25
N SER JA 138 90.96 75.41 58.35
CA SER JA 138 92.18 75.84 59.01
C SER JA 138 92.94 76.82 58.13
N SER JA 139 93.75 77.67 58.77
CA SER JA 139 94.37 78.84 58.15
C SER JA 139 93.34 79.79 57.57
N THR JA 140 92.06 79.56 57.83
CA THR JA 140 90.92 80.42 57.50
C THR JA 140 90.68 80.53 56.00
N ASN JA 141 91.50 79.86 55.17
CA ASN JA 141 91.42 80.08 53.73
C ASN JA 141 91.46 78.84 52.86
N LYS JA 142 91.77 77.65 53.40
CA LYS JA 142 91.95 76.52 52.51
C LYS JA 142 91.60 75.19 53.18
N ILE JA 143 91.23 74.23 52.34
CA ILE JA 143 90.96 72.84 52.74
C ILE JA 143 91.97 71.94 52.04
N GLN JA 144 92.49 70.96 52.78
CA GLN JA 144 93.39 69.96 52.24
C GLN JA 144 92.75 68.58 52.39
N LEU JA 145 92.64 67.85 51.28
CA LEU JA 145 92.03 66.53 51.24
C LEU JA 145 92.91 65.59 50.43
N LYS JA 146 93.46 64.57 51.08
CA LYS JA 146 94.17 63.52 50.36
C LYS JA 146 93.25 62.37 49.98
N VAL JA 147 93.68 61.59 49.00
CA VAL JA 147 92.90 60.52 48.41
C VAL JA 147 93.55 59.19 48.77
N GLU JA 148 92.74 58.23 49.20
CA GLU JA 148 93.24 56.90 49.53
C GLU JA 148 92.55 55.88 48.64
N ALA JA 149 93.33 54.99 48.04
CA ALA JA 149 92.83 54.05 47.04
C ALA JA 149 93.05 52.61 47.48
N TYR JA 150 92.04 51.78 47.24
CA TYR JA 150 92.13 50.34 47.38
C TYR JA 150 91.63 49.71 46.08
N TYR JA 151 92.32 48.68 45.61
CA TYR JA 151 92.06 48.20 44.26
C TYR JA 151 92.43 46.72 44.13
N GLU JA 152 91.86 46.10 43.10
CA GLU JA 152 92.29 44.78 42.61
C GLU JA 152 92.19 44.79 41.10
N ALA JA 153 93.30 44.48 40.44
CA ALA JA 153 93.37 44.54 38.98
C ALA JA 153 92.81 43.27 38.36
N LYS JA 154 92.33 43.40 37.12
CA LYS JA 154 91.82 42.26 36.38
C LYS JA 154 92.95 41.31 36.02
N GLU JA 155 92.60 40.04 35.86
CA GLU JA 155 93.58 38.99 35.60
C GLU JA 155 94.05 39.06 34.15
N GLY JA 156 95.35 39.21 33.95
CA GLY JA 156 95.93 39.14 32.63
C GLY JA 156 95.69 40.34 31.74
N MET JA 157 95.39 41.50 32.31
CA MET JA 157 95.12 42.71 31.54
C MET JA 157 96.30 43.66 31.66
N LEU JA 158 96.82 44.10 30.53
CA LEU JA 158 97.96 45.02 30.48
C LEU JA 158 97.56 46.30 29.77
N PHE JA 159 98.00 47.44 30.33
CA PHE JA 159 97.62 48.74 29.80
C PHE JA 159 98.57 49.79 30.38
N ASP JA 160 98.46 51.00 29.85
CA ASP JA 160 99.25 52.12 30.34
C ASP JA 160 98.57 53.41 29.93
N SER JA 161 98.89 54.48 30.67
CA SER JA 161 98.38 55.82 30.40
C SER JA 161 96.84 55.86 30.44
N LEU JA 162 96.30 55.47 31.60
CA LEU JA 162 94.85 55.48 31.81
C LEU JA 162 94.51 56.52 32.87
N PRO JA 163 93.71 57.53 32.55
CA PRO JA 163 93.41 58.58 33.53
C PRO JA 163 92.22 58.27 34.43
N VAL JA 164 92.27 58.86 35.62
CA VAL JA 164 91.17 58.80 36.59
C VAL JA 164 90.73 60.23 36.87
N ILE JA 165 89.44 60.49 36.75
CA ILE JA 165 88.90 61.84 36.77
C ILE JA 165 87.88 61.95 37.90
N LEU JA 166 87.96 63.05 38.66
CA LEU JA 166 86.99 63.38 39.69
C LEU JA 166 86.39 64.74 39.40
N ASN JA 167 85.11 64.91 39.76
CA ASN JA 167 84.38 66.14 39.48
C ASN JA 167 83.78 66.70 40.77
N PHE JA 168 83.68 68.02 40.83
CA PHE JA 168 83.13 68.72 41.99
C PHE JA 168 81.99 69.62 41.54
N GLN JA 169 80.93 69.68 42.36
CA GLN JA 169 79.81 70.56 42.11
C GLN JA 169 79.31 71.14 43.43
N VAL JA 170 79.01 72.44 43.42
CA VAL JA 170 78.56 73.15 44.61
C VAL JA 170 77.04 73.12 44.64
N LEU JA 171 76.48 72.69 45.78
CA LEU JA 171 75.04 72.62 45.96
C LEU JA 171 74.49 73.79 46.77
N SER JA 172 75.22 74.25 47.79
CA SER JA 172 74.78 75.36 48.62
C SER JA 172 75.97 75.93 49.36
N VAL JA 173 75.98 77.25 49.52
CA VAL JA 173 77.03 77.93 50.26
C VAL JA 173 76.38 78.98 51.16
N SER JA 174 76.99 79.21 52.32
CA SER JA 174 76.48 80.19 53.27
C SER JA 174 77.62 80.81 54.08
N THR KA 26 51.72 140.48 20.60
CA THR KA 26 50.94 139.54 21.39
C THR KA 26 51.15 138.12 20.88
N THR KA 27 52.17 137.45 21.41
CA THR KA 27 52.53 136.10 21.00
C THR KA 27 52.46 135.17 22.20
N GLN KA 28 51.85 134.01 22.02
CA GLN KA 28 51.73 132.99 23.06
C GLN KA 28 52.73 131.88 22.79
N SER KA 29 53.58 131.60 23.79
CA SER KA 29 54.63 130.61 23.58
C SER KA 29 54.33 129.31 24.31
N PRO KA 30 54.69 128.16 23.72
CA PRO KA 30 54.46 126.88 24.42
C PRO KA 30 55.54 126.54 25.43
N LEU KA 31 56.72 127.16 25.35
CA LEU KA 31 57.78 127.02 26.35
C LEU KA 31 58.28 125.58 26.44
N ASN KA 32 58.56 124.98 25.28
CA ASN KA 32 59.11 123.62 25.24
C ASN KA 32 60.18 123.45 24.18
N SER KA 33 60.80 124.55 23.74
CA SER KA 33 61.81 124.51 22.69
C SER KA 33 63.22 124.47 23.29
N PHE KA 34 63.51 123.40 24.02
CA PHE KA 34 64.82 123.18 24.61
C PHE KA 34 65.22 121.73 24.45
N TYR KA 35 66.47 121.49 24.05
CA TYR KA 35 66.94 120.15 23.79
C TYR KA 35 68.41 120.01 24.16
N ALA KA 36 68.82 118.76 24.37
CA ALA KA 36 70.22 118.40 24.62
C ALA KA 36 70.44 117.01 24.03
N THR KA 37 71.63 116.78 23.46
CA THR KA 37 71.89 115.59 22.67
C THR KA 37 73.20 114.94 23.08
N GLY KA 38 73.19 113.60 23.12
CA GLY KA 38 74.40 112.81 23.32
C GLY KA 38 74.52 111.72 22.28
N THR KA 39 75.49 110.81 22.42
CA THR KA 39 75.72 109.76 21.45
C THR KA 39 76.19 108.49 22.16
N ALA KA 40 76.06 107.37 21.46
CA ALA KA 40 76.51 106.07 21.96
C ALA KA 40 76.86 105.18 20.77
N GLN KA 41 77.66 104.16 21.05
CA GLN KA 41 78.09 103.25 19.98
C GLN KA 41 78.60 101.94 20.59
N ALA KA 42 78.70 100.93 19.74
CA ALA KA 42 79.29 99.64 20.11
C ALA KA 42 79.74 98.96 18.82
N VAL KA 43 81.05 98.87 18.60
CA VAL KA 43 81.58 98.49 17.29
C VAL KA 43 82.58 97.34 17.39
N GLN KA 44 82.48 96.49 18.42
CA GLN KA 44 83.39 95.35 18.50
C GLN KA 44 82.75 94.23 19.32
N GLU KA 45 83.18 92.99 19.04
CA GLU KA 45 82.71 91.81 19.74
C GLU KA 45 83.40 91.67 21.09
N PRO KA 46 82.76 91.01 22.05
CA PRO KA 46 83.33 90.96 23.42
C PRO KA 46 84.72 90.34 23.50
N ILE KA 47 84.99 89.28 22.73
CA ILE KA 47 86.23 88.53 22.89
C ILE KA 47 86.90 88.34 21.53
N ASP KA 48 88.19 88.04 21.59
CA ASP KA 48 88.99 87.67 20.42
C ASP KA 48 89.78 86.42 20.78
N VAL KA 49 89.89 85.49 19.84
CA VAL KA 49 90.48 84.18 20.10
C VAL KA 49 91.61 83.93 19.10
N GLU KA 50 92.76 83.49 19.61
CA GLU KA 50 93.92 83.17 18.78
C GLU KA 50 94.46 81.80 19.19
N SER KA 51 94.89 81.01 18.21
CA SER KA 51 95.27 79.63 18.41
C SER KA 51 96.77 79.43 18.26
N HIS KA 52 97.34 78.56 19.08
CA HIS KA 52 98.75 78.19 19.03
C HIS KA 52 98.94 76.69 19.23
N LEU KA 53 98.10 75.88 18.59
CA LEU KA 53 98.20 74.43 18.69
C LEU KA 53 99.18 73.94 17.62
N ASP KA 54 100.43 73.78 18.02
CA ASP KA 54 101.52 73.44 17.10
C ASP KA 54 102.23 72.15 17.52
N ASN KA 55 101.47 71.14 17.91
CA ASN KA 55 102.02 69.81 18.18
C ASN KA 55 101.14 68.76 17.51
N THR KA 56 101.77 67.66 17.12
CA THR KA 56 101.10 66.62 16.35
C THR KA 56 101.03 65.33 17.16
N ILE KA 57 99.85 64.73 17.22
CA ILE KA 57 99.68 63.40 17.80
C ILE KA 57 100.17 62.39 16.77
N ALA KA 58 101.36 61.84 17.00
CA ALA KA 58 102.01 60.95 16.04
C ALA KA 58 102.44 59.66 16.74
N PRO KA 59 101.49 58.77 17.04
CA PRO KA 59 101.83 57.45 17.57
C PRO KA 59 101.93 56.43 16.45
N ALA KA 60 102.36 55.22 16.83
CA ALA KA 60 102.32 54.09 15.91
C ALA KA 60 100.90 53.55 15.81
N ALA KA 61 100.69 52.68 14.83
CA ALA KA 61 99.36 52.13 14.61
C ALA KA 61 98.97 51.22 15.76
N GLY KA 62 97.82 51.49 16.37
CA GLY KA 62 97.31 50.67 17.45
C GLY KA 62 97.90 50.93 18.81
N ALA KA 63 98.69 51.99 18.97
CA ALA KA 63 99.38 52.26 20.22
C ALA KA 63 98.51 53.11 21.16
N GLN KA 64 98.83 53.01 22.44
CA GLN KA 64 98.18 53.81 23.48
C GLN KA 64 99.19 54.85 23.95
N GLY KA 65 98.77 56.12 23.98
CA GLY KA 65 99.72 57.19 24.20
C GLY KA 65 99.33 58.30 25.15
N TYR KA 66 100.12 59.37 25.13
CA TYR KA 66 100.00 60.49 26.06
C TYR KA 66 100.73 61.70 25.47
N LYS KA 67 100.00 62.77 25.19
CA LYS KA 67 100.57 63.87 24.42
C LYS KA 67 99.94 65.19 24.82
N ASP KA 68 100.71 66.27 24.70
CA ASP KA 68 100.21 67.63 24.84
C ASP KA 68 100.28 68.34 23.48
N MET KA 69 99.50 69.40 23.33
CA MET KA 69 99.27 70.00 22.02
C MET KA 69 99.76 71.45 21.92
N GLY KA 70 99.35 72.30 22.84
CA GLY KA 70 99.66 73.72 22.75
C GLY KA 70 98.74 74.51 23.68
N TYR KA 71 98.52 75.78 23.34
CA TYR KA 71 97.68 76.63 24.16
C TYR KA 71 96.92 77.61 23.26
N VAL KA 72 95.85 78.17 23.82
CA VAL KA 72 94.95 79.07 23.10
C VAL KA 72 94.80 80.35 23.91
N LYS KA 73 94.82 81.50 23.22
CA LYS KA 73 94.72 82.80 23.86
C LYS KA 73 93.34 83.41 23.65
N ILE KA 74 92.80 84.01 24.70
CA ILE KA 74 91.51 84.69 24.67
C ILE KA 74 91.71 86.12 25.14
N ILE KA 75 91.14 87.08 24.42
CA ILE KA 75 91.30 88.50 24.72
C ILE KA 75 89.93 89.10 25.02
N ASN KA 76 89.84 89.84 26.11
CA ASN KA 76 88.59 90.43 26.59
C ASN KA 76 88.68 91.97 26.58
N TYR KA 77 87.56 92.60 26.23
CA TYR KA 77 87.52 94.00 25.83
C TYR KA 77 86.68 94.83 26.82
N THR KA 78 86.42 96.08 26.43
CA THR KA 78 85.94 97.10 27.34
C THR KA 78 84.66 96.69 28.06
N ASP KA 79 84.63 96.94 29.38
CA ASP KA 79 83.47 96.73 30.23
C ASP KA 79 83.04 95.27 30.30
N VAL KA 80 83.97 94.34 30.11
CA VAL KA 80 83.73 92.91 30.19
C VAL KA 80 84.40 92.38 31.45
N ASN KA 81 83.66 91.61 32.24
CA ASN KA 81 84.18 91.04 33.47
C ASN KA 81 84.05 89.53 33.55
N VAL KA 82 82.93 88.97 33.09
CA VAL KA 82 82.67 87.54 33.17
C VAL KA 82 82.16 87.07 31.82
N VAL KA 83 82.69 85.95 31.34
CA VAL KA 83 82.33 85.38 30.05
C VAL KA 83 81.92 83.93 30.24
N LYS KA 84 80.81 83.54 29.61
CA LYS KA 84 80.35 82.16 29.58
C LYS KA 84 80.56 81.60 28.18
N LEU KA 85 81.22 80.45 28.09
CA LEU KA 85 81.64 79.89 26.82
C LEU KA 85 81.18 78.45 26.68
N LYS KA 86 81.02 78.02 25.43
CA LYS KA 86 80.71 76.64 25.09
C LYS KA 86 81.73 76.14 24.08
N VAL KA 87 82.36 75.01 24.38
CA VAL KA 87 83.41 74.44 23.55
C VAL KA 87 82.97 73.06 23.08
N THR KA 88 83.14 72.80 21.78
CA THR KA 88 82.70 71.55 21.19
C THR KA 88 83.73 71.08 20.16
N LEU KA 89 83.67 69.79 19.84
CA LEU KA 89 84.48 69.18 18.79
C LEU KA 89 83.69 69.22 17.49
N ALA KA 90 84.17 70.00 16.52
CA ALA KA 90 83.41 70.22 15.30
C ALA KA 90 83.41 69.01 14.38
N ASN KA 91 84.53 68.28 14.31
CA ASN KA 91 84.67 67.19 13.36
C ASN KA 91 84.82 65.85 14.06
N ALA KA 92 84.01 65.61 15.10
CA ALA KA 92 84.09 64.35 15.83
C ALA KA 92 83.68 63.18 14.96
N ALA KA 93 82.72 63.38 14.05
CA ALA KA 93 82.25 62.30 13.19
C ALA KA 93 83.37 61.80 12.28
N GLN KA 94 84.18 62.72 11.75
CA GLN KA 94 85.27 62.33 10.86
C GLN KA 94 86.35 61.55 11.61
N LEU KA 95 86.59 61.86 12.88
CA LEU KA 95 87.65 61.23 13.65
C LEU KA 95 87.25 59.87 14.22
N ARG KA 96 85.97 59.51 14.15
CA ARG KA 96 85.54 58.24 14.73
C ARG KA 96 86.20 57.01 14.10
N PRO KA 97 86.30 56.86 12.77
CA PRO KA 97 86.91 55.63 12.23
C PRO KA 97 88.39 55.49 12.53
N TYR KA 98 89.06 56.53 13.02
CA TYR KA 98 90.49 56.50 13.24
C TYR KA 98 90.90 56.23 14.69
N PHE KA 99 89.97 56.32 15.63
CA PHE KA 99 90.30 56.22 17.04
C PHE KA 99 89.28 55.35 17.77
N LYS KA 100 89.78 54.56 18.73
CA LYS KA 100 88.88 53.91 19.67
C LYS KA 100 88.37 54.89 20.72
N TYR KA 101 89.24 55.77 21.20
CA TYR KA 101 88.82 56.83 22.11
C TYR KA 101 89.83 57.98 22.02
N LEU KA 102 89.36 59.17 22.37
CA LEU KA 102 90.19 60.37 22.36
C LEU KA 102 89.60 61.37 23.32
N GLN KA 103 90.40 61.82 24.28
CA GLN KA 103 89.94 62.74 25.32
C GLN KA 103 90.84 63.97 25.36
N LEU KA 104 90.22 65.13 25.51
CA LEU KA 104 90.92 66.40 25.58
C LEU KA 104 90.66 67.04 26.94
N VAL KA 105 91.72 67.53 27.57
CA VAL KA 105 91.65 68.15 28.89
C VAL KA 105 92.07 69.60 28.77
N LEU KA 106 91.23 70.51 29.25
CA LEU KA 106 91.48 71.95 29.19
C LEU KA 106 91.71 72.47 30.61
N THR KA 107 92.80 73.20 30.81
CA THR KA 107 93.13 73.75 32.12
C THR KA 107 93.45 75.23 32.00
N SER KA 108 92.96 76.01 32.96
CA SER KA 108 93.27 77.44 33.03
C SER KA 108 94.51 77.62 33.91
N ASN KA 109 95.48 78.39 33.41
CA ASN KA 109 96.80 78.52 34.02
C ASN KA 109 97.24 79.97 34.08
N ALA KA 110 96.55 80.87 33.36
CA ALA KA 110 97.02 82.24 33.18
C ALA KA 110 97.32 82.93 34.51
N SER KA 111 96.64 82.53 35.58
CA SER KA 111 97.02 82.92 36.94
C SER KA 111 98.03 81.92 37.49
N SER KA 112 99.23 82.41 37.82
CA SER KA 112 100.27 81.54 38.32
C SER KA 112 99.93 80.92 39.67
N THR KA 113 98.95 81.48 40.39
CA THR KA 113 98.56 80.95 41.68
C THR KA 113 97.40 79.95 41.59
N VAL KA 114 96.53 80.10 40.60
CA VAL KA 114 95.33 79.28 40.47
C VAL KA 114 95.38 78.54 39.15
N GLU KA 115 95.78 77.26 39.19
CA GLU KA 115 95.65 76.36 38.05
C GLU KA 115 94.38 75.54 38.22
N GLU KA 116 93.52 75.52 37.20
CA GLU KA 116 92.27 74.77 37.26
C GLU KA 116 91.97 74.10 35.94
N THR KA 117 91.60 72.83 36.00
CA THR KA 117 91.03 72.13 34.85
C THR KA 117 89.54 72.43 34.77
N LYS KA 118 89.09 72.86 33.59
CA LYS KA 118 87.72 73.34 33.42
C LYS KA 118 86.80 72.35 32.73
N ALA KA 119 87.26 71.60 31.73
CA ALA KA 119 86.38 70.69 31.01
C ALA KA 119 87.19 69.54 30.44
N VAL KA 120 86.49 68.44 30.18
CA VAL KA 120 87.05 67.26 29.52
C VAL KA 120 86.14 66.94 28.33
N LEU KA 121 86.72 66.85 27.15
CA LEU KA 121 85.98 66.55 25.92
C LEU KA 121 86.36 65.17 25.41
N SER KA 122 85.38 64.52 24.78
CA SER KA 122 85.58 63.17 24.25
C SER KA 122 84.73 63.00 23.00
N LEU KA 123 84.97 61.90 22.29
CA LEU KA 123 84.23 61.62 21.07
C LEU KA 123 82.77 61.25 21.35
N LYS KA 124 82.45 60.81 22.56
CA LYS KA 124 81.08 60.47 22.91
C LYS KA 124 80.31 61.65 23.50
N LYS KA 125 81.01 62.56 24.20
CA LYS KA 125 80.41 63.77 24.75
C LYS KA 125 81.26 64.95 24.31
N PRO KA 126 81.01 65.48 23.10
CA PRO KA 126 81.93 66.47 22.52
C PRO KA 126 81.80 67.88 23.06
N SER KA 127 80.74 68.21 23.80
CA SER KA 127 80.46 69.59 24.18
C SER KA 127 80.57 69.76 25.70
N ALA KA 128 80.96 70.97 26.09
CA ALA KA 128 81.07 71.33 27.50
C ALA KA 128 80.89 72.83 27.65
N VAL KA 129 80.55 73.25 28.86
CA VAL KA 129 80.33 74.65 29.20
C VAL KA 129 81.25 75.02 30.35
N ILE KA 130 82.00 76.12 30.19
CA ILE KA 130 82.97 76.56 31.19
C ILE KA 130 82.68 78.00 31.58
N ILE KA 131 83.25 78.42 32.70
CA ILE KA 131 83.07 79.75 33.26
C ILE KA 131 84.43 80.37 33.50
N LEU KA 132 84.62 81.61 33.03
CA LEU KA 132 85.83 82.38 33.30
C LEU KA 132 85.45 83.61 34.12
N ASP KA 133 86.16 83.83 35.22
CA ASP KA 133 85.83 84.91 36.14
C ASP KA 133 87.01 85.80 36.46
N ASN KA 134 86.87 86.66 37.48
CA ASN KA 134 87.90 87.63 37.82
C ASN KA 134 89.24 86.98 38.12
N ASP KA 135 89.24 85.78 38.71
CA ASP KA 135 90.48 85.13 39.06
C ASP KA 135 91.25 84.67 37.82
N ASP KA 136 90.54 84.26 36.78
CA ASP KA 136 91.20 83.74 35.58
C ASP KA 136 91.90 84.85 34.80
N TYR KA 137 91.29 86.03 34.75
CA TYR KA 137 91.80 87.12 33.91
C TYR KA 137 93.07 87.73 34.50
N SER KA 138 94.17 86.99 34.47
CA SER KA 138 95.46 87.53 34.86
C SER KA 138 96.00 88.43 33.76
N SER KA 139 96.85 89.38 34.17
CA SER KA 139 97.29 90.50 33.34
C SER KA 139 96.12 91.36 32.88
N THR KA 140 94.91 91.10 33.41
CA THR KA 140 93.69 91.88 33.21
C THR KA 140 93.18 91.84 31.77
N ASN KA 141 93.88 91.12 30.88
CA ASN KA 141 93.53 91.20 29.47
C ASN KA 141 93.48 89.88 28.71
N LYS KA 142 93.94 88.76 29.28
CA LYS KA 142 94.03 87.55 28.46
C LYS KA 142 93.88 86.29 29.31
N ILE KA 143 93.42 85.23 28.65
CA ILE KA 143 93.30 83.89 29.20
C ILE KA 143 94.22 82.96 28.41
N GLN KA 144 94.91 82.08 29.13
CA GLN KA 144 95.77 81.06 28.52
C GLN KA 144 95.24 79.69 28.90
N LEU KA 145 94.98 78.85 27.91
CA LEU KA 145 94.45 77.50 28.10
C LEU KA 145 95.22 76.53 27.23
N LYS KA 146 95.93 75.59 27.84
CA LYS KA 146 96.56 74.52 27.10
C LYS KA 146 95.65 73.30 27.00
N VAL KA 147 95.94 72.45 26.03
CA VAL KA 147 95.13 71.28 25.70
C VAL KA 147 95.91 70.03 26.04
N GLU KA 148 95.24 69.08 26.70
CA GLU KA 148 95.86 67.81 27.05
C GLU KA 148 95.08 66.69 26.40
N ALA KA 149 95.79 65.77 25.75
CA ALA KA 149 95.18 64.73 24.93
C ALA KA 149 95.55 63.34 25.44
N TYR KA 150 94.56 62.45 25.48
CA TYR KA 150 94.75 61.03 25.72
C TYR KA 150 94.07 60.26 24.60
N TYR KA 151 94.72 59.22 24.10
CA TYR KA 151 94.24 58.60 22.87
C TYR KA 151 94.67 57.14 22.80
N GLU KA 152 93.97 56.39 21.95
CA GLU KA 152 94.37 55.06 21.52
C GLU KA 152 94.00 54.91 20.05
N ALA KA 153 94.99 54.58 19.22
CA ALA KA 153 94.79 54.50 17.79
C ALA KA 153 94.20 53.15 17.38
N LYS KA 154 93.50 53.16 16.25
CA LYS KA 154 92.93 51.92 15.71
C LYS KA 154 94.03 50.99 15.25
N GLU KA 155 93.73 49.69 15.26
CA GLU KA 155 94.71 48.66 14.92
C GLU KA 155 94.90 48.61 13.41
N GLY KA 156 96.13 48.79 12.96
CA GLY KA 156 96.47 48.62 11.56
C GLY KA 156 96.00 49.72 10.63
N MET KA 157 95.75 50.92 11.14
CA MET KA 157 95.27 52.03 10.34
C MET KA 157 96.41 53.03 10.16
N LEU KA 158 96.69 53.39 8.91
CA LEU KA 158 97.75 54.34 8.57
C LEU KA 158 97.16 55.53 7.84
N PHE KA 159 97.62 56.72 8.21
CA PHE KA 159 97.09 57.96 7.64
C PHE KA 159 98.06 59.09 7.95
N ASP KA 160 97.80 60.24 7.33
CA ASP KA 160 98.60 61.44 7.57
C ASP KA 160 97.77 62.66 7.20
N SER KA 161 98.17 63.81 7.75
CA SER KA 161 97.53 65.09 7.46
C SER KA 161 96.04 65.07 7.79
N LEU KA 162 95.73 64.78 9.05
CA LEU KA 162 94.35 64.75 9.53
C LEU KA 162 94.14 65.87 10.54
N PRO KA 163 93.24 66.81 10.28
CA PRO KA 163 93.06 67.95 11.20
C PRO KA 163 92.08 67.67 12.32
N VAL KA 164 92.30 68.36 13.44
CA VAL KA 164 91.40 68.37 14.59
C VAL KA 164 90.94 69.80 14.82
N ILE KA 165 89.63 70.00 14.92
CA ILE KA 165 89.03 71.32 14.93
C ILE KA 165 88.22 71.50 16.21
N LEU KA 166 88.37 72.66 16.83
CA LEU KA 166 87.59 73.05 18.01
C LEU KA 166 86.87 74.36 17.70
N ASN KA 167 85.68 74.52 18.26
CA ASN KA 167 84.83 75.68 18.03
C ASN KA 167 84.44 76.34 19.34
N PHE KA 168 84.28 77.66 19.31
CA PHE KA 168 83.91 78.44 20.48
C PHE KA 168 82.66 79.25 20.18
N GLN KA 169 81.77 79.35 21.17
CA GLN KA 169 80.56 80.15 21.05
C GLN KA 169 80.28 80.83 22.39
N VAL KA 170 79.92 82.11 22.32
CA VAL KA 170 79.64 82.92 23.50
C VAL KA 170 78.16 82.82 23.82
N LEU KA 171 77.85 82.48 25.07
CA LEU KA 171 76.47 82.39 25.52
C LEU KA 171 76.00 83.60 26.31
N SER KA 172 76.88 84.19 27.14
CA SER KA 172 76.52 85.35 27.93
C SER KA 172 77.79 86.04 28.40
N VAL KA 173 77.77 87.37 28.43
CA VAL KA 173 78.89 88.16 28.90
C VAL KA 173 78.35 89.26 29.81
N SER KA 174 79.15 89.63 30.81
CA SER KA 174 78.76 90.68 31.75
C SER KA 174 79.99 91.41 32.28
N THR LA 26 45.18 146.50 -0.97
CA THR LA 26 44.59 145.61 0.02
C THR LA 26 44.79 144.16 -0.39
N THR LA 27 45.93 143.59 0.00
CA THR LA 27 46.29 142.21 -0.35
C THR LA 27 46.50 141.40 0.92
N GLN LA 28 45.92 140.20 0.95
CA GLN LA 28 46.04 139.29 2.09
C GLN LA 28 47.05 138.20 1.74
N SER LA 29 48.07 138.04 2.58
CA SER LA 29 49.12 137.09 2.27
C SER LA 29 49.04 135.85 3.16
N PRO LA 30 49.34 134.67 2.62
CA PRO LA 30 49.33 133.46 3.45
C PRO LA 30 50.58 133.25 4.28
N LEU LA 31 51.69 133.91 3.92
CA LEU LA 31 52.92 133.91 4.72
C LEU LA 31 53.52 132.50 4.85
N ASN LA 32 53.61 131.80 3.71
CA ASN LA 32 54.22 130.47 3.69
C ASN LA 32 55.09 130.25 2.47
N SER LA 33 55.56 131.32 1.83
CA SER LA 33 56.37 131.22 0.62
C SER LA 33 57.86 131.29 0.94
N PHE LA 34 58.34 130.30 1.70
CA PHE LA 34 59.74 130.21 2.06
C PHE LA 34 60.19 128.75 1.97
N TYR LA 35 61.36 128.53 1.37
CA TYR LA 35 61.85 127.18 1.13
C TYR LA 35 63.37 127.14 1.24
N ALA LA 36 63.87 125.94 1.48
CA ALA LA 36 65.31 125.66 1.49
C ALA LA 36 65.51 124.23 1.00
N THR LA 37 66.59 124.00 0.24
CA THR LA 37 66.76 122.74 -0.47
C THR LA 37 68.16 122.18 -0.26
N GLY LA 38 68.23 120.86 -0.09
CA GLY LA 38 69.50 120.14 -0.06
C GLY LA 38 69.49 118.94 -1.00
N THR LA 39 70.53 118.11 -0.96
CA THR LA 39 70.64 116.98 -1.86
C THR LA 39 71.29 115.80 -1.14
N ALA LA 40 71.10 114.62 -1.71
CA ALA LA 40 71.72 113.40 -1.18
C ALA LA 40 71.89 112.40 -2.33
N GLN LA 41 72.78 111.43 -2.12
CA GLN LA 41 73.08 110.45 -3.16
C GLN LA 41 73.75 109.23 -2.55
N ALA LA 42 73.75 108.15 -3.31
CA ALA LA 42 74.47 106.92 -2.95
C ALA LA 42 74.72 106.14 -4.23
N VAL LA 43 75.97 106.09 -4.68
CA VAL LA 43 76.27 105.59 -6.02
C VAL LA 43 77.35 104.50 -6.01
N GLN LA 44 77.48 103.75 -4.91
CA GLN LA 44 78.44 102.65 -4.89
C GLN LA 44 78.03 101.61 -3.87
N GLU LA 45 78.47 100.36 -4.12
CA GLU LA 45 78.20 99.24 -3.25
C GLU LA 45 79.14 99.25 -2.04
N PRO LA 46 78.71 98.67 -0.92
CA PRO LA 46 79.53 98.77 0.31
C PRO LA 46 80.93 98.21 0.19
N ILE LA 47 81.12 97.10 -0.51
CA ILE LA 47 82.40 96.40 -0.53
C ILE LA 47 82.83 96.12 -1.96
N ASP LA 48 84.13 95.88 -2.11
CA ASP LA 48 84.72 95.42 -3.37
C ASP LA 48 85.63 94.25 -3.06
N VAL LA 49 85.63 93.24 -3.92
CA VAL LA 49 86.32 91.98 -3.66
C VAL LA 49 87.27 91.68 -4.82
N GLU LA 50 88.51 91.34 -4.49
CA GLU LA 50 89.52 90.99 -5.49
C GLU LA 50 90.20 89.69 -5.07
N SER LA 51 90.50 88.83 -6.04
CA SER LA 51 90.99 87.48 -5.78
C SER LA 51 92.44 87.33 -6.20
N HIS LA 52 93.20 86.57 -5.41
CA HIS LA 52 94.60 86.26 -5.71
C HIS LA 52 94.90 84.79 -5.41
N LEU LA 53 94.01 83.89 -5.81
CA LEU LA 53 94.20 82.46 -5.60
C LEU LA 53 95.00 81.91 -6.78
N ASP LA 54 96.32 81.84 -6.61
CA ASP LA 54 97.23 81.45 -7.67
C ASP LA 54 98.09 80.24 -7.28
N ASN LA 55 97.47 79.24 -6.67
CA ASN LA 55 98.12 77.97 -6.40
C ASN LA 55 97.20 76.83 -6.81
N THR LA 56 97.81 75.71 -7.19
CA THR LA 56 97.08 74.57 -7.74
C THR LA 56 97.23 73.36 -6.82
N ILE LA 57 96.11 72.73 -6.50
CA ILE LA 57 96.11 71.46 -5.77
C ILE LA 57 96.47 70.38 -6.78
N ALA LA 58 97.72 69.90 -6.73
CA ALA LA 58 98.24 68.94 -7.70
C ALA LA 58 98.85 67.74 -6.99
N PRO LA 59 98.02 66.86 -6.44
CA PRO LA 59 98.53 65.61 -5.88
C PRO LA 59 98.50 64.48 -6.91
N ALA LA 60 99.04 63.34 -6.50
CA ALA LA 60 98.90 62.13 -7.29
C ALA LA 60 97.52 61.52 -7.08
N ALA LA 61 97.17 60.55 -7.93
CA ALA LA 61 95.87 59.93 -7.85
C ALA LA 61 95.74 59.11 -6.56
N GLY LA 62 94.70 59.40 -5.78
CA GLY LA 62 94.44 58.67 -4.56
C GLY LA 62 95.26 59.07 -3.36
N ALA LA 63 96.00 60.18 -3.44
CA ALA LA 63 96.88 60.61 -2.37
C ALA LA 63 96.16 61.50 -1.37
N GLN LA 64 96.70 61.54 -0.15
CA GLN LA 64 96.22 62.42 0.91
C GLN LA 64 97.22 63.54 1.09
N GLY LA 65 96.75 64.78 1.09
CA GLY LA 65 97.67 65.90 1.03
C GLY LA 65 97.39 67.09 1.93
N TYR LA 66 98.10 68.18 1.68
CA TYR LA 66 98.08 69.38 2.51
C TYR LA 66 98.62 70.55 1.70
N LYS LA 67 97.80 71.57 1.45
CA LYS LA 67 98.16 72.60 0.49
C LYS LA 67 97.53 73.93 0.89
N ASP LA 68 98.21 75.01 0.53
CA ASP LA 68 97.67 76.37 0.65
C ASP LA 68 97.46 76.94 -0.75
N MET LA 69 96.59 77.95 -0.85
CA MET LA 69 96.11 78.42 -2.15
C MET LA 69 96.48 79.86 -2.46
N GLY LA 70 96.20 80.79 -1.55
CA GLY LA 70 96.41 82.21 -1.83
C GLY LA 70 95.62 83.04 -0.82
N TYR LA 71 95.29 84.26 -1.23
CA TYR LA 71 94.55 85.16 -0.35
C TYR LA 71 93.59 86.02 -1.17
N VAL LA 72 92.60 86.58 -0.48
CA VAL LA 72 91.54 87.38 -1.09
C VAL LA 72 91.48 88.72 -0.37
N LYS LA 73 91.30 89.79 -1.16
CA LYS LA 73 91.25 91.15 -0.62
C LYS LA 73 89.82 91.68 -0.65
N ILE LA 74 89.43 92.35 0.44
CA ILE LA 74 88.12 92.98 0.59
C ILE LA 74 88.34 94.46 0.88
N ILE LA 75 87.58 95.32 0.19
CA ILE LA 75 87.72 96.76 0.34
C ILE LA 75 86.39 97.33 0.83
N ASN LA 76 86.46 98.18 1.85
CA ASN LA 76 85.29 98.76 2.49
C ASN LA 76 85.28 100.28 2.34
N TYR LA 77 84.09 100.84 2.14
CA TYR LA 77 83.89 102.20 1.64
C TYR LA 77 83.21 103.07 2.68
N THR LA 78 82.81 104.27 2.24
CA THR LA 78 82.44 105.36 3.14
C THR LA 78 81.34 104.96 4.11
N ASP LA 79 81.53 105.34 5.38
CA ASP LA 79 80.56 105.17 6.45
C ASP LA 79 80.23 103.70 6.72
N VAL LA 80 81.17 102.81 6.44
CA VAL LA 80 81.01 101.38 6.70
C VAL LA 80 81.93 101.00 7.86
N ASN LA 81 81.39 100.29 8.83
CA ASN LA 81 82.16 99.86 9.99
C ASN LA 81 82.13 98.36 10.23
N VAL LA 82 80.97 97.71 10.03
CA VAL LA 82 80.82 96.29 10.28
C VAL LA 82 80.10 95.67 9.10
N VAL LA 83 80.60 94.53 8.63
CA VAL LA 83 80.05 93.83 7.48
C VAL LA 83 79.76 92.38 7.87
N LYS LA 84 78.58 91.89 7.49
CA LYS LA 84 78.19 90.50 7.67
C LYS LA 84 78.18 89.82 6.31
N LEU LA 85 78.88 88.69 6.21
CA LEU LA 85 79.10 88.03 4.93
C LEU LA 85 78.69 86.56 5.01
N LYS LA 86 78.34 86.00 3.84
CA LYS LA 86 78.05 84.58 3.70
C LYS LA 86 78.90 84.04 2.55
N VAL LA 87 79.64 82.97 2.83
CA VAL LA 87 80.55 82.36 1.88
C VAL LA 87 80.12 80.92 1.63
N THR LA 88 80.06 80.54 0.35
CA THR LA 88 79.61 79.22 -0.05
C THR LA 88 80.45 78.70 -1.20
N LEU LA 89 80.40 77.38 -1.39
CA LEU LA 89 81.05 76.72 -2.51
C LEU LA 89 80.03 76.59 -3.64
N ALA LA 90 80.28 77.29 -4.75
CA ALA LA 90 79.31 77.36 -5.83
C ALA LA 90 79.22 76.06 -6.62
N ASN LA 91 80.34 75.38 -6.83
CA ASN LA 91 80.36 74.21 -7.69
C ASN LA 91 80.72 72.95 -6.91
N ALA LA 92 80.12 72.78 -5.73
CA ALA LA 92 80.40 71.61 -4.91
C ALA LA 92 79.90 70.33 -5.59
N ALA LA 93 78.79 70.41 -6.32
CA ALA LA 93 78.25 69.23 -6.98
C ALA LA 93 79.19 68.70 -8.04
N GLN LA 94 79.85 69.59 -8.79
CA GLN LA 94 80.78 69.16 -9.82
C GLN LA 94 82.02 68.49 -9.22
N LEU LA 95 82.47 68.94 -8.05
CA LEU LA 95 83.68 68.43 -7.43
C LEU LA 95 83.46 67.12 -6.68
N ARG LA 96 82.22 66.70 -6.47
CA ARG LA 96 81.96 65.47 -5.72
C ARG LA 96 82.58 64.22 -6.35
N PRO LA 97 82.44 63.94 -7.65
CA PRO LA 97 83.02 62.69 -8.19
C PRO LA 97 84.53 62.64 -8.16
N TYR LA 98 85.22 63.75 -7.89
CA TYR LA 98 86.67 63.79 -7.94
C TYR LA 98 87.34 63.69 -6.58
N PHE LA 99 86.59 63.83 -5.48
CA PHE LA 99 87.18 63.87 -4.15
C PHE LA 99 86.36 63.04 -3.18
N LYS LA 100 87.06 62.37 -2.27
CA LYS LA 100 86.39 61.77 -1.11
C LYS LA 100 86.02 62.83 -0.09
N TYR LA 101 86.91 63.80 0.15
CA TYR LA 101 86.61 64.92 1.03
C TYR LA 101 87.51 66.09 0.65
N LEU LA 102 87.05 67.29 0.97
CA LEU LA 102 87.79 68.51 0.70
C LEU LA 102 87.33 69.59 1.67
N GLN LA 103 88.27 70.15 2.42
CA GLN LA 103 87.95 71.14 3.44
C GLN LA 103 88.77 72.41 3.21
N LEU LA 104 88.11 73.56 3.36
CA LEU LA 104 88.75 74.86 3.19
C LEU LA 104 88.70 75.61 4.51
N VAL LA 105 89.83 76.20 4.90
CA VAL LA 105 89.96 76.94 6.15
C VAL LA 105 90.27 78.38 5.82
N LEU LA 106 89.48 79.30 6.36
CA LEU LA 106 89.64 80.73 6.14
C LEU LA 106 90.08 81.39 7.44
N THR LA 107 91.15 82.19 7.37
CA THR LA 107 91.68 82.88 8.54
C THR LA 107 91.88 84.36 8.23
N SER LA 108 91.54 85.21 9.19
CA SER LA 108 91.77 86.65 9.08
C SER LA 108 93.13 86.96 9.70
N ASN LA 109 93.95 87.71 8.97
CA ASN LA 109 95.35 87.94 9.31
C ASN LA 109 95.71 89.42 9.15
N ALA LA 110 94.86 90.22 8.50
CA ALA LA 110 95.21 91.58 8.11
C ALA LA 110 95.71 92.41 9.31
N SER LA 111 95.26 92.08 10.52
CA SER LA 111 95.85 92.62 11.74
C SER LA 111 96.99 91.72 12.17
N SER LA 112 98.20 92.29 12.25
CA SER LA 112 99.37 91.51 12.61
C SER LA 112 99.31 91.01 14.04
N THR LA 113 98.45 91.60 14.88
CA THR LA 113 98.32 91.19 16.27
C THR LA 113 97.23 90.14 16.48
N VAL LA 114 96.19 90.15 15.66
CA VAL LA 114 95.03 89.27 15.84
C VAL LA 114 94.88 88.41 14.59
N GLU LA 115 95.35 87.16 14.66
CA GLU LA 115 95.07 86.15 13.66
C GLU LA 115 93.90 85.30 14.14
N GLU LA 116 92.88 85.15 13.29
CA GLU LA 116 91.71 84.37 13.64
C GLU LA 116 91.21 83.56 12.46
N THR LA 117 90.92 82.28 12.71
CA THR LA 117 90.19 81.45 11.74
C THR LA 117 88.70 81.69 11.90
N LYS LA 118 88.01 81.97 10.81
CA LYS LA 118 86.62 82.38 10.84
C LYS LA 118 85.64 81.29 10.43
N ALA LA 119 85.97 80.48 9.43
CA ALA LA 119 85.03 79.47 8.97
C ALA LA 119 85.78 78.29 8.37
N VAL LA 120 85.11 77.14 8.33
CA VAL LA 120 85.60 75.94 7.68
C VAL LA 120 84.52 75.46 6.72
N LEU LA 121 84.88 75.29 5.45
CA LEU LA 121 83.95 74.84 4.42
C LEU LA 121 84.30 73.43 3.98
N SER LA 122 83.27 72.68 3.59
CA SER LA 122 83.45 71.30 3.17
C SER LA 122 82.39 70.98 2.10
N LEU LA 123 82.57 69.82 1.46
CA LEU LA 123 81.63 69.40 0.43
C LEU LA 123 80.28 69.00 0.99
N LYS LA 124 80.21 68.67 2.29
CA LYS LA 124 78.94 68.31 2.91
C LYS LA 124 78.23 69.50 3.52
N LYS LA 125 78.98 70.50 3.99
CA LYS LA 125 78.42 71.74 4.55
C LYS LA 125 79.12 72.90 3.85
N PRO LA 126 78.62 73.31 2.68
CA PRO LA 126 79.36 74.26 1.85
C PRO LA 126 79.26 75.72 2.28
N SER LA 127 78.33 76.08 3.17
CA SER LA 127 78.04 77.47 3.47
C SER LA 127 78.41 77.80 4.91
N ALA LA 128 78.79 79.06 5.13
CA ALA LA 128 79.14 79.55 6.45
C ALA LA 128 78.90 81.05 6.50
N VAL LA 129 78.77 81.58 7.72
CA VAL LA 129 78.53 82.99 7.96
C VAL LA 129 79.63 83.51 8.89
N ILE LA 130 80.26 84.61 8.50
CA ILE LA 130 81.38 85.19 9.26
C ILE LA 130 81.07 86.65 9.56
N ILE LA 131 81.82 87.19 10.52
CA ILE LA 131 81.67 88.57 10.98
C ILE LA 131 83.02 89.26 10.91
N LEU LA 132 83.04 90.44 10.31
CA LEU LA 132 84.23 91.29 10.28
C LEU LA 132 83.93 92.58 11.04
N ASP LA 133 84.82 92.93 11.97
CA ASP LA 133 84.60 94.08 12.84
C ASP LA 133 85.78 95.05 12.86
N ASN LA 134 85.76 95.99 13.81
CA ASN LA 134 86.77 97.03 13.86
C ASN LA 134 88.19 96.46 13.97
N ASP LA 135 88.35 95.33 14.66
CA ASP LA 135 89.69 94.77 14.83
C ASP LA 135 90.24 94.22 13.52
N ASP LA 136 89.37 93.68 12.65
CA ASP LA 136 89.85 93.07 11.41
C ASP LA 136 90.33 94.12 10.42
N TYR LA 137 89.65 95.28 10.36
CA TYR LA 137 89.94 96.30 9.37
C TYR LA 137 91.25 97.01 9.65
N SER LA 138 92.37 96.31 9.49
CA SER LA 138 93.68 96.94 9.58
C SER LA 138 93.96 97.76 8.33
N SER LA 139 94.82 98.77 8.49
CA SER LA 139 95.04 99.82 7.50
C SER LA 139 93.76 100.59 7.19
N THR LA 140 92.69 100.33 7.95
CA THR LA 140 91.40 101.04 7.91
C THR LA 140 90.65 100.84 6.60
N ASN LA 141 91.21 100.07 5.66
CA ASN LA 141 90.61 100.00 4.34
C ASN LA 141 90.50 98.60 3.71
N LYS LA 142 91.13 97.57 4.29
CA LYS LA 142 91.12 96.29 3.59
C LYS LA 142 91.20 95.12 4.56
N ILE LA 143 90.69 93.98 4.09
CA ILE LA 143 90.75 92.69 4.76
C ILE LA 143 91.56 91.73 3.91
N GLN LA 144 92.42 90.95 4.55
CA GLN LA 144 93.21 89.91 3.89
C GLN LA 144 92.84 88.56 4.48
N LEU LA 145 92.45 87.62 3.62
CA LEU LA 145 92.03 86.28 4.04
C LEU LA 145 92.69 85.25 3.12
N LYS LA 146 93.55 84.41 3.68
CA LYS LA 146 94.10 83.30 2.93
C LYS LA 146 93.26 82.04 3.11
N VAL LA 147 93.42 81.10 2.17
CA VAL LA 147 92.62 79.89 2.10
C VAL LA 147 93.53 78.70 2.41
N GLU LA 148 93.04 77.80 3.25
CA GLU LA 148 93.78 76.59 3.60
C GLU LA 148 92.96 75.38 3.21
N ALA LA 149 93.59 74.43 2.51
CA ALA LA 149 92.91 73.29 1.92
C ALA LA 149 93.44 71.98 2.48
N TYR LA 150 92.53 71.06 2.77
CA TYR LA 150 92.84 69.67 3.09
C TYR LA 150 92.01 68.78 2.19
N TYR LA 151 92.61 67.71 1.68
CA TYR LA 151 91.96 66.96 0.61
C TYR LA 151 92.45 65.52 0.60
N GLU LA 152 91.65 64.66 -0.04
CA GLU LA 152 92.05 63.32 -0.43
C GLU LA 152 91.43 63.01 -1.78
N ALA LA 153 92.26 62.64 -2.74
CA ALA LA 153 91.82 62.42 -4.11
C ALA LA 153 91.24 61.02 -4.27
N LYS LA 154 90.34 60.88 -5.25
CA LYS LA 154 89.76 59.58 -5.56
C LYS LA 154 90.82 58.65 -6.15
N GLU LA 155 90.60 57.35 -5.96
CA GLU LA 155 91.55 56.33 -6.39
C GLU LA 155 91.47 56.14 -7.89
N GLY LA 156 92.60 56.32 -8.58
CA GLY LA 156 92.68 56.03 -9.99
C GLY LA 156 91.99 57.02 -10.91
N MET LA 157 91.76 58.25 -10.47
CA MET LA 157 91.09 59.26 -11.27
C MET LA 157 92.12 60.29 -11.75
N LEU LA 158 92.15 60.53 -13.05
CA LEU LA 158 93.08 61.48 -13.66
C LEU LA 158 92.30 62.58 -14.37
N PHE LA 159 92.76 63.81 -14.20
CA PHE LA 159 92.06 64.97 -14.76
C PHE LA 159 93.00 66.16 -14.74
N ASP LA 160 92.57 67.24 -15.40
CA ASP LA 160 93.33 68.48 -15.41
C ASP LA 160 92.38 69.62 -15.74
N SER LA 161 92.81 70.84 -15.37
CA SER LA 161 92.06 72.07 -15.66
C SER LA 161 90.65 72.01 -15.05
N LEU LA 162 90.59 71.83 -13.73
CA LEU LA 162 89.33 71.79 -13.01
C LEU LA 162 89.24 73.00 -12.08
N PRO LA 163 88.25 73.88 -12.24
CA PRO LA 163 88.18 75.09 -11.41
C PRO LA 163 87.43 74.88 -10.11
N VAL LA 164 87.81 75.69 -9.12
CA VAL LA 164 87.13 75.77 -7.83
C VAL LA 164 86.64 77.20 -7.64
N ILE LA 165 85.36 77.35 -7.33
CA ILE LA 165 84.70 78.65 -7.33
C ILE LA 165 84.13 78.91 -5.93
N LEU LA 166 84.33 80.13 -5.45
CA LEU LA 166 83.74 80.60 -4.20
C LEU LA 166 82.91 81.85 -4.47
N ASN LA 167 81.82 82.01 -3.71
CA ASN LA 167 80.89 83.11 -3.91
C ASN LA 167 80.70 83.87 -2.59
N PHE LA 168 80.47 85.18 -2.72
CA PHE LA 168 80.26 86.05 -1.56
C PHE LA 168 78.94 86.79 -1.70
N GLN LA 169 78.24 86.95 -0.58
CA GLN LA 169 76.99 87.68 -0.54
C GLN LA 169 76.91 88.48 0.76
N VAL LA 170 76.48 89.73 0.64
CA VAL LA 170 76.37 90.64 1.78
C VAL LA 170 74.97 90.51 2.38
N LEU LA 171 74.91 90.28 3.69
CA LEU LA 171 73.64 90.18 4.39
C LEU LA 171 73.26 91.45 5.14
N SER LA 172 74.23 92.14 5.74
CA SER LA 172 73.96 93.36 6.48
C SER LA 172 75.26 94.14 6.63
N VAL LA 173 75.16 95.46 6.56
CA VAL LA 173 76.30 96.35 6.74
C VAL LA 173 75.88 97.51 7.64
N SER LA 174 76.82 97.99 8.44
CA SER LA 174 76.55 99.11 9.34
C SER LA 174 77.81 99.94 9.57
N THR MA 26 34.54 150.15 -21.42
CA THR MA 26 34.20 149.34 -20.25
C THR MA 26 34.40 147.85 -20.57
N THR MA 27 35.62 147.37 -20.34
CA THR MA 27 35.98 145.99 -20.63
C THR MA 27 36.46 145.31 -19.36
N GLN MA 28 35.97 144.10 -19.11
CA GLN MA 28 36.35 143.31 -17.94
C GLN MA 28 37.33 142.23 -18.38
N SER MA 29 38.50 142.19 -17.73
CA SER MA 29 39.52 141.26 -18.14
C SER MA 29 39.66 140.11 -17.15
N PRO MA 30 39.94 138.89 -17.63
CA PRO MA 30 40.14 137.77 -16.71
C PRO MA 30 41.54 137.70 -16.11
N LEU MA 31 42.53 138.36 -16.71
CA LEU MA 31 43.87 138.47 -16.16
C LEU MA 31 44.56 137.11 -16.02
N ASN MA 32 44.49 136.31 -17.10
CA ASN MA 32 45.15 135.02 -17.11
C ASN MA 32 45.80 134.71 -18.45
N SER MA 33 46.09 135.73 -19.25
CA SER MA 33 46.67 135.55 -20.57
C SER MA 33 48.20 135.70 -20.54
N PHE MA 34 48.85 134.81 -19.80
CA PHE MA 34 50.30 134.81 -19.70
C PHE MA 34 50.80 133.37 -19.75
N TYR MA 35 51.86 133.14 -20.53
CA TYR MA 35 52.38 131.79 -20.73
C TYR MA 35 53.89 131.82 -20.89
N ALA MA 36 54.50 130.66 -20.65
CA ALA MA 36 55.93 130.44 -20.88
C ALA MA 36 56.11 128.99 -21.27
N THR MA 37 57.04 128.72 -22.19
CA THR MA 37 57.16 127.42 -22.81
C THR MA 37 58.61 126.93 -22.82
N GLY MA 38 58.78 125.64 -22.55
CA GLY MA 38 60.07 124.98 -22.69
C GLY MA 38 59.96 123.70 -23.50
N THR MA 39 61.03 122.91 -23.58
CA THR MA 39 61.04 121.70 -24.38
C THR MA 39 61.88 120.63 -23.69
N ALA MA 40 61.66 119.38 -24.11
CA ALA MA 40 62.42 118.25 -23.61
C ALA MA 40 62.45 117.16 -24.67
N GLN MA 41 63.41 116.24 -24.55
CA GLN MA 41 63.57 115.18 -25.52
C GLN MA 41 64.41 114.05 -24.94
N ALA MA 42 64.34 112.89 -25.60
CA ALA MA 42 65.19 111.75 -25.27
C ALA MA 42 65.24 110.85 -26.49
N VAL MA 43 66.39 110.81 -27.16
CA VAL MA 43 66.48 110.20 -28.49
C VAL MA 43 67.59 109.15 -28.58
N GLN MA 44 67.96 108.52 -27.46
CA GLN MA 44 68.97 107.47 -27.53
C GLN MA 44 68.80 106.51 -26.36
N GLU MA 45 69.27 105.27 -26.58
CA GLU MA 45 69.22 104.22 -25.57
C GLU MA 45 70.36 104.39 -24.56
N PRO MA 46 70.18 103.90 -23.34
CA PRO MA 46 71.19 104.15 -22.28
C PRO MA 46 72.58 103.64 -22.62
N ILE MA 47 72.70 102.47 -23.25
CA ILE MA 47 74.00 101.83 -23.44
C ILE MA 47 74.18 101.44 -24.89
N ASP MA 48 75.44 101.22 -25.26
CA ASP MA 48 75.83 100.68 -26.55
C ASP MA 48 76.84 99.57 -26.32
N VAL MA 49 76.74 98.48 -27.07
CA VAL MA 49 77.54 97.29 -26.84
C VAL MA 49 78.27 96.92 -28.12
N GLU MA 50 79.58 96.65 -28.00
CA GLU MA 50 80.40 96.25 -29.12
C GLU MA 50 81.22 95.02 -28.72
N SER MA 51 81.39 94.09 -29.66
CA SER MA 51 81.98 92.78 -29.37
C SER MA 51 83.36 92.66 -30.03
N HIS MA 52 84.28 92.00 -29.34
CA HIS MA 52 85.61 91.72 -29.86
C HIS MA 52 86.05 90.31 -29.49
N LEU MA 53 85.15 89.34 -29.64
CA LEU MA 53 85.46 87.93 -29.35
C LEU MA 53 86.07 87.31 -30.59
N ASP MA 54 87.40 87.30 -30.67
CA ASP MA 54 88.13 86.85 -31.85
C ASP MA 54 89.10 85.73 -31.51
N ASN MA 55 88.66 84.76 -30.71
CA ASN MA 55 89.43 83.55 -30.46
C ASN MA 55 88.51 82.34 -30.59
N THR MA 56 89.09 81.22 -30.98
CA THR MA 56 88.35 80.00 -31.28
C THR MA 56 88.73 78.90 -30.30
N ILE MA 57 87.72 78.26 -29.72
CA ILE MA 57 87.93 77.06 -28.90
C ILE MA 57 88.16 75.90 -29.86
N ALA MA 58 89.42 75.48 -30.00
CA ALA MA 58 89.81 74.45 -30.96
C ALA MA 58 90.61 73.36 -30.27
N PRO MA 59 89.95 72.49 -29.51
CA PRO MA 59 90.62 71.33 -28.93
C PRO MA 59 90.46 70.10 -29.83
N ALA MA 60 91.14 69.03 -29.44
CA ALA MA 60 90.92 67.74 -30.08
C ALA MA 60 89.64 67.10 -29.56
N ALA MA 61 89.20 66.05 -30.24
CA ALA MA 61 87.96 65.37 -29.88
C ALA MA 61 88.11 64.69 -28.53
N GLY MA 62 87.22 65.01 -27.59
CA GLY MA 62 87.22 64.38 -26.28
C GLY MA 62 88.23 64.94 -25.30
N ALA MA 63 88.87 66.06 -25.61
CA ALA MA 63 89.91 66.61 -24.76
C ALA MA 63 89.33 67.58 -23.73
N GLN MA 64 90.07 67.76 -22.64
CA GLN MA 64 89.74 68.71 -21.59
C GLN MA 64 90.70 69.89 -21.69
N GLY MA 65 90.16 71.11 -21.71
CA GLY MA 65 90.99 72.25 -22.05
C GLY MA 65 90.81 73.50 -21.21
N TYR MA 66 91.40 74.60 -21.69
CA TYR MA 66 91.47 75.86 -20.97
C TYR MA 66 91.78 76.97 -21.97
N LYS MA 67 90.88 77.93 -22.15
CA LYS MA 67 91.01 78.88 -23.25
C LYS MA 67 90.38 80.22 -22.86
N ASP MA 68 90.91 81.28 -23.43
CA ASP MA 68 90.33 82.62 -23.34
C ASP MA 68 89.84 83.04 -24.71
N MET MA 69 88.91 84.01 -24.74
CA MET MA 69 88.18 84.33 -25.96
C MET MA 69 88.41 85.76 -26.47
N GLY MA 70 88.24 86.74 -25.61
CA GLY MA 70 88.31 88.14 -26.03
C GLY MA 70 87.69 89.03 -24.99
N TYR MA 71 87.21 90.19 -25.42
CA TYR MA 71 86.59 91.15 -24.51
C TYR MA 71 85.46 91.87 -25.20
N VAL MA 72 84.58 92.47 -24.40
CA VAL MA 72 83.38 93.16 -24.87
C VAL MA 72 83.37 94.57 -24.29
N LYS MA 73 83.00 95.55 -25.10
CA LYS MA 73 82.97 96.95 -24.70
C LYS MA 73 81.53 97.42 -24.50
N ILE MA 74 81.31 98.18 -23.42
CA ILE MA 74 80.01 98.76 -23.10
C ILE MA 74 80.18 100.27 -22.98
N ILE MA 75 79.29 101.03 -23.58
CA ILE MA 75 79.35 102.49 -23.60
C ILE MA 75 78.11 103.03 -22.92
N ASN MA 76 78.31 103.99 -22.00
CA ASN MA 76 77.24 104.58 -21.21
C ASN MA 76 77.13 106.08 -21.50
N TYR MA 77 75.89 106.57 -21.52
CA TYR MA 77 75.52 107.85 -22.09
C TYR MA 77 75.00 108.81 -21.02
N THR MA 78 74.46 109.94 -21.49
CA THR MA 78 74.19 111.10 -20.64
C THR MA 78 73.31 110.76 -19.45
N ASP MA 79 73.70 111.25 -18.28
CA ASP MA 79 72.94 111.15 -17.03
C ASP MA 79 72.76 109.71 -16.58
N VAL MA 80 73.68 108.82 -16.94
CA VAL MA 80 73.66 107.42 -16.54
C VAL MA 80 74.78 107.19 -15.54
N ASN MA 81 74.46 106.56 -14.43
CA ASN MA 81 75.46 106.28 -13.40
C ASN MA 81 75.55 104.80 -13.03
N VAL MA 82 74.42 104.10 -12.95
CA VAL MA 82 74.39 102.70 -12.55
C VAL MA 82 73.50 101.93 -13.53
N VAL MA 83 73.98 100.77 -13.97
CA VAL MA 83 73.27 99.94 -14.93
C VAL MA 83 73.14 98.53 -14.37
N LYS MA 84 71.93 97.97 -14.48
CA LYS MA 84 71.67 96.59 -14.12
C LYS MA 84 71.46 95.78 -15.39
N LEU MA 85 72.19 94.67 -15.51
CA LEU MA 85 72.20 93.90 -16.74
C LEU MA 85 71.90 92.43 -16.46
N LYS MA 86 71.38 91.75 -17.48
CA LYS MA 86 71.15 90.31 -17.46
C LYS MA 86 71.81 89.69 -18.68
N VAL MA 87 72.64 88.68 -18.45
CA VAL MA 87 73.41 88.03 -19.51
C VAL MA 87 73.01 86.55 -19.55
N THR MA 88 72.76 86.05 -20.76
CA THR MA 88 72.30 84.68 -20.94
C THR MA 88 72.95 84.07 -22.18
N LEU MA 89 72.95 82.75 -22.24
CA LEU MA 89 73.42 82.01 -23.40
C LEU MA 89 72.23 81.73 -24.30
N ALA MA 90 72.25 82.32 -25.50
CA ALA MA 90 71.08 82.26 -26.38
C ALA MA 90 70.92 80.89 -27.03
N ASN MA 91 72.02 80.24 -27.37
CA ASN MA 91 71.96 78.99 -28.12
C ASN MA 91 72.52 77.82 -27.31
N ALA MA 92 72.16 77.75 -26.04
CA ALA MA 92 72.64 76.66 -25.17
C ALA MA 92 72.11 75.31 -25.64
N ALA MA 93 70.88 75.28 -26.15
CA ALA MA 93 70.29 74.02 -26.60
C ALA MA 93 71.06 73.43 -27.77
N GLN MA 94 71.52 74.27 -28.69
CA GLN MA 94 72.28 73.77 -29.84
C GLN MA 94 73.64 73.22 -29.43
N LEU MA 95 74.26 73.80 -28.40
CA LEU MA 95 75.59 73.39 -27.97
C LEU MA 95 75.59 72.14 -27.09
N ARG MA 96 74.42 71.71 -26.62
CA ARG MA 96 74.38 70.54 -25.72
C ARG MA 96 74.94 69.26 -26.34
N PRO MA 97 74.59 68.86 -27.57
CA PRO MA 97 75.12 67.59 -28.10
C PRO MA 97 76.63 67.60 -28.33
N TYR MA 98 77.28 68.76 -28.29
CA TYR MA 98 78.70 68.85 -28.61
C TYR MA 98 79.60 68.91 -27.39
N PHE MA 99 79.06 69.12 -26.20
CA PHE MA 99 79.87 69.32 -25.01
C PHE MA 99 79.30 68.55 -23.83
N LYS MA 100 80.18 68.00 -23.00
CA LYS MA 100 79.76 67.49 -21.70
C LYS MA 100 79.52 68.63 -20.72
N TYR MA 101 80.39 69.65 -20.73
CA TYR MA 101 80.19 70.84 -19.92
C TYR MA 101 80.94 72.00 -20.55
N LEU MA 102 80.47 73.21 -20.26
CA LEU MA 102 81.08 74.42 -20.78
C LEU MA 102 80.74 75.57 -19.84
N GLN MA 103 81.77 76.24 -19.32
CA GLN MA 103 81.58 77.31 -18.35
C GLN MA 103 82.27 78.57 -18.84
N LEU MA 104 81.60 79.71 -18.68
CA LEU MA 104 82.11 81.02 -19.07
C LEU MA 104 82.26 81.89 -17.83
N VAL MA 105 83.40 82.56 -17.72
CA VAL MA 105 83.72 83.41 -16.58
C VAL MA 105 83.89 84.84 -17.09
N LEU MA 106 83.15 85.77 -16.49
CA LEU MA 106 83.19 87.18 -16.86
C LEU MA 106 83.82 87.98 -15.73
N THR MA 107 84.81 88.80 -16.06
CA THR MA 107 85.50 89.63 -15.08
C THR MA 107 85.56 91.07 -15.54
N SER MA 108 85.35 92.00 -14.62
CA SER MA 108 85.48 93.42 -14.89
C SER MA 108 86.92 93.84 -14.57
N ASN MA 109 87.54 94.57 -15.51
CA ASN MA 109 88.97 94.88 -15.45
C ASN MA 109 89.21 96.35 -15.79
N ALA MA 110 88.20 97.04 -16.34
CA ALA MA 110 88.40 98.38 -16.90
C ALA MA 110 89.06 99.34 -15.90
N SER MA 111 88.85 99.11 -14.61
CA SER MA 111 89.62 99.78 -13.57
C SER MA 111 90.87 98.97 -13.27
N SER MA 112 92.04 99.60 -13.48
CA SER MA 112 93.30 98.90 -13.27
C SER MA 112 93.52 98.54 -11.80
N THR MA 113 92.80 99.17 -10.88
CA THR MA 113 92.94 98.88 -9.46
C THR MA 113 91.97 97.83 -8.96
N VAL MA 114 90.79 97.72 -9.58
CA VAL MA 114 89.75 96.81 -9.11
C VAL MA 114 89.41 95.83 -10.24
N GLU MA 115 89.96 94.62 -10.13
CA GLU MA 115 89.56 93.50 -10.98
C GLU MA 115 88.54 92.66 -10.22
N GLU MA 116 87.41 92.38 -10.86
CA GLU MA 116 86.35 91.59 -10.22
C GLU MA 116 85.70 90.65 -11.22
N THR MA 117 85.54 89.40 -10.81
CA THR MA 117 84.70 88.46 -11.54
C THR MA 117 83.25 88.64 -11.12
N LYS MA 118 82.36 88.79 -12.11
CA LYS MA 118 80.98 89.15 -11.85
C LYS MA 118 80.00 87.99 -11.98
N ALA MA 119 80.18 87.10 -12.94
CA ALA MA 119 79.23 86.01 -13.13
C ALA MA 119 79.94 84.81 -13.76
N VAL MA 120 79.34 83.64 -13.56
CA VAL MA 120 79.77 82.40 -14.19
C VAL MA 120 78.57 81.79 -14.89
N LEU MA 121 78.71 81.50 -16.18
CA LEU MA 121 77.63 80.93 -16.98
C LEU MA 121 77.97 79.50 -17.36
N SER MA 122 76.93 78.67 -17.48
CA SER MA 122 77.10 77.27 -17.81
C SER MA 122 75.90 76.80 -18.62
N LEU MA 123 76.01 75.59 -19.18
CA LEU MA 123 74.94 75.04 -19.98
C LEU MA 123 73.73 74.64 -19.14
N LYS MA 124 73.91 74.42 -17.84
CA LYS MA 124 72.79 74.09 -16.95
C LYS MA 124 72.14 75.31 -16.34
N LYS MA 125 72.92 76.38 -16.10
CA LYS MA 125 72.39 77.64 -15.56
C LYS MA 125 72.88 78.75 -16.49
N PRO MA 126 72.16 79.03 -17.57
CA PRO MA 126 72.69 79.93 -18.60
C PRO MA 126 72.58 81.41 -18.29
N SER MA 127 71.81 81.81 -17.28
CA SER MA 127 71.51 83.21 -17.05
C SER MA 127 72.11 83.69 -15.74
N ALA MA 128 72.46 84.98 -15.71
CA ALA MA 128 73.00 85.62 -14.52
C ALA MA 128 72.69 87.10 -14.56
N VAL MA 129 72.74 87.74 -13.39
CA VAL MA 129 72.48 89.16 -13.23
C VAL MA 129 73.70 89.80 -12.57
N ILE MA 130 74.19 90.90 -13.17
CA ILE MA 130 75.38 91.58 -12.68
C ILE MA 130 75.05 93.05 -12.46
N ILE MA 131 75.93 93.71 -11.70
CA ILE MA 131 75.78 95.12 -11.34
C ILE MA 131 77.06 95.86 -11.72
N LEU MA 132 76.91 96.98 -12.42
CA LEU MA 132 78.02 97.87 -12.74
C LEU MA 132 77.80 99.21 -12.06
N ASP MA 133 78.82 99.69 -11.35
CA ASP MA 133 78.69 100.90 -10.55
C ASP MA 133 79.79 101.91 -10.83
N ASN MA 134 79.90 102.93 -9.98
CA ASN MA 134 80.84 104.02 -10.21
C ASN MA 134 82.28 103.52 -10.32
N ASP MA 135 82.63 102.47 -9.57
CA ASP MA 135 84.00 101.98 -9.60
C ASP MA 135 84.34 101.32 -10.93
N ASP MA 136 83.36 100.67 -11.58
CA ASP MA 136 83.64 99.97 -12.83
C ASP MA 136 83.88 100.93 -13.97
N TYR MA 137 83.14 102.04 -14.00
CA TYR MA 137 83.18 102.98 -15.12
C TYR MA 137 84.49 103.77 -15.15
N SER MA 138 85.59 103.10 -15.45
CA SER MA 138 86.86 103.79 -15.66
C SER MA 138 86.87 104.49 -17.01
N SER MA 139 87.68 105.55 -17.10
CA SER MA 139 87.66 106.51 -18.19
C SER MA 139 86.30 107.19 -18.34
N THR MA 140 85.40 106.97 -17.37
CA THR MA 140 84.10 107.62 -17.24
C THR MA 140 83.13 107.25 -18.36
N ASN MA 141 83.54 106.42 -19.32
CA ASN MA 141 82.73 106.20 -20.50
C ASN MA 141 82.59 104.75 -20.96
N LYS MA 142 83.36 103.80 -20.43
CA LYS MA 142 83.31 102.46 -21.00
C LYS MA 142 83.63 101.39 -19.97
N ILE MA 143 83.11 100.19 -20.24
CA ILE MA 143 83.35 98.97 -19.47
C ILE MA 143 84.06 97.96 -20.37
N GLN MA 144 85.06 97.29 -19.82
CA GLN MA 144 85.78 96.22 -20.52
C GLN MA 144 85.60 94.93 -19.75
N LEU MA 145 85.10 93.89 -20.45
CA LEU MA 145 84.85 92.58 -19.85
C LEU MA 145 85.39 91.50 -20.78
N LYS MA 146 86.38 90.75 -20.31
CA LYS MA 146 86.85 89.59 -21.05
C LYS MA 146 86.12 88.32 -20.61
N VAL MA 147 86.17 87.31 -21.47
CA VAL MA 147 85.44 86.06 -21.29
C VAL MA 147 86.45 84.95 -21.05
N GLU MA 148 86.18 84.11 -20.05
CA GLU MA 148 87.03 82.98 -19.75
C GLU MA 148 86.23 81.69 -19.88
N ALA MA 149 86.77 80.72 -20.59
CA ALA MA 149 86.05 79.50 -20.94
C ALA MA 149 86.76 78.27 -20.38
N TYR MA 150 85.96 77.34 -19.85
CA TYR MA 150 86.41 76.01 -19.46
C TYR MA 150 85.48 75.01 -20.12
N TYR MA 151 86.04 73.91 -20.64
CA TYR MA 151 85.26 73.03 -21.49
C TYR MA 151 85.81 71.61 -21.47
N GLU MA 152 84.96 70.68 -21.87
CA GLU MA 152 85.36 69.32 -22.20
C GLU MA 152 84.52 68.86 -23.39
N ALA MA 153 85.20 68.43 -24.46
CA ALA MA 153 84.51 68.06 -25.69
C ALA MA 153 84.00 66.63 -25.62
N LYS MA 154 82.95 66.36 -26.40
CA LYS MA 154 82.40 65.02 -26.48
C LYS MA 154 83.38 64.07 -27.17
N GLU MA 155 83.27 62.79 -26.83
CA GLU MA 155 84.19 61.77 -27.33
C GLU MA 155 83.85 61.43 -28.78
N GLY MA 156 84.83 61.59 -29.67
CA GLY MA 156 84.67 61.18 -31.05
C GLY MA 156 83.78 62.04 -31.90
N MET MA 157 83.56 63.30 -31.54
CA MET MA 157 82.70 64.20 -32.29
C MET MA 157 83.56 65.21 -33.03
N LEU MA 158 83.35 65.33 -34.34
CA LEU MA 158 84.09 66.24 -35.19
C LEU MA 158 83.13 67.24 -35.83
N PHE MA 159 83.55 68.51 -35.86
CA PHE MA 159 82.69 69.57 -36.39
C PHE MA 159 83.56 70.79 -36.65
N ASP MA 160 82.96 71.79 -37.30
CA ASP MA 160 83.63 73.05 -37.57
C ASP MA 160 82.57 74.12 -37.81
N SER MA 161 82.99 75.38 -37.63
CA SER MA 161 82.13 76.54 -37.88
C SER MA 161 80.86 76.49 -37.03
N LEU MA 162 81.05 76.44 -35.71
CA LEU MA 162 79.95 76.42 -34.77
C LEU MA 162 79.95 77.71 -33.95
N PRO MA 163 78.90 78.53 -34.00
CA PRO MA 163 78.92 79.80 -33.29
C PRO MA 163 78.42 79.70 -31.85
N VAL MA 164 78.93 80.62 -31.03
CA VAL MA 164 78.50 80.78 -29.64
C VAL MA 164 77.97 82.20 -29.49
N ILE MA 165 76.76 82.33 -28.95
CA ILE MA 165 76.04 83.60 -28.95
C ILE MA 165 75.71 83.98 -27.51
N LEU MA 166 75.92 85.25 -27.17
CA LEU MA 166 75.54 85.81 -25.89
C LEU MA 166 74.60 86.99 -26.11
N ASN MA 167 73.67 87.18 -25.18
CA ASN MA 167 72.65 88.22 -25.30
C ASN MA 167 72.67 89.10 -24.05
N PHE MA 168 72.35 90.38 -24.23
CA PHE MA 168 72.30 91.36 -23.14
C PHE MA 168 70.93 92.02 -23.10
N GLN MA 169 70.44 92.25 -21.89
CA GLN MA 169 69.17 92.94 -21.68
C GLN MA 169 69.29 93.85 -20.47
N VAL MA 170 68.76 95.07 -20.60
CA VAL MA 170 68.82 96.08 -19.55
C VAL MA 170 67.56 95.96 -18.71
N LEU MA 171 67.74 95.86 -17.39
CA LEU MA 171 66.63 95.77 -16.46
C LEU MA 171 66.32 97.09 -15.76
N SER MA 172 67.34 97.87 -15.43
CA SER MA 172 67.13 99.15 -14.75
C SER MA 172 68.40 99.99 -14.91
N VAL MA 173 68.21 101.30 -15.09
CA VAL MA 173 69.31 102.24 -15.19
C VAL MA 173 69.00 103.46 -14.34
N SER MA 174 70.04 104.06 -13.77
CA SER MA 174 69.87 105.25 -12.95
C SER MA 174 71.10 106.14 -13.02
N THR NA 26 20.21 151.38 -39.79
CA THR NA 26 20.12 150.67 -38.52
C THR NA 26 20.35 149.17 -38.74
N THR NA 27 21.62 148.76 -38.70
CA THR NA 27 21.99 147.37 -38.92
C THR NA 27 22.74 146.84 -37.71
N GLN NA 28 22.37 145.64 -37.27
CA GLN NA 28 22.99 144.99 -36.13
C GLN NA 28 23.94 143.91 -36.63
N SER NA 29 25.20 143.98 -36.21
CA SER NA 29 26.20 143.04 -36.73
C SER NA 29 26.57 142.01 -35.67
N PRO NA 30 26.83 140.76 -36.09
CA PRO NA 30 27.25 139.73 -35.12
C PRO NA 30 28.74 139.78 -34.79
N LEU NA 31 29.56 140.42 -35.62
CA LEU NA 31 30.98 140.64 -35.34
C LEU NA 31 31.75 139.33 -35.21
N ASN NA 32 31.54 138.43 -36.18
CA ASN NA 32 32.26 137.17 -36.20
C ASN NA 32 32.67 136.75 -37.61
N SER NA 33 32.75 137.71 -38.53
CA SER NA 33 33.10 137.42 -39.93
C SER NA 33 34.59 137.63 -40.18
N PHE NA 34 35.42 136.85 -39.50
CA PHE NA 34 36.86 136.91 -39.66
C PHE NA 34 37.43 135.50 -39.68
N TYR NA 35 38.34 135.23 -40.62
CA TYR NA 35 38.88 133.89 -40.79
C TYR NA 35 40.34 133.96 -41.24
N ALA NA 36 41.05 132.86 -41.01
CA ALA NA 36 42.42 132.67 -41.47
C ALA NA 36 42.61 131.19 -41.76
N THR NA 37 43.38 130.88 -42.80
CA THR NA 37 43.46 129.53 -43.33
C THR NA 37 44.90 129.10 -43.55
N GLY NA 38 45.20 127.85 -43.22
CA GLY NA 38 46.48 127.22 -43.53
C GLY NA 38 46.29 125.87 -44.20
N THR NA 39 47.38 125.13 -44.39
CA THR NA 39 47.31 123.84 -45.08
C THR NA 39 48.32 122.87 -44.47
N ALA NA 40 48.11 121.59 -44.72
CA ALA NA 40 49.00 120.54 -44.27
C ALA NA 40 48.89 119.35 -45.22
N GLN NA 41 49.92 118.50 -45.19
CA GLN NA 41 49.95 117.34 -46.09
C GLN NA 41 50.95 116.32 -45.57
N ALA NA 42 50.83 115.10 -46.10
CA ALA NA 42 51.78 114.02 -45.83
C ALA NA 42 51.65 113.01 -46.97
N VAL NA 43 52.67 112.95 -47.82
CA VAL NA 43 52.56 112.22 -49.08
C VAL NA 43 53.69 111.21 -49.28
N GLN NA 44 54.29 110.71 -48.21
CA GLN NA 44 55.34 109.70 -48.37
C GLN NA 44 55.43 108.85 -47.11
N GLU NA 45 55.92 107.62 -47.29
CA GLU NA 45 56.12 106.67 -46.21
C GLU NA 45 57.40 106.97 -45.45
N PRO NA 46 57.48 106.59 -44.17
CA PRO NA 46 58.64 106.99 -43.35
C PRO NA 46 59.98 106.51 -43.89
N ILE NA 47 60.05 105.29 -44.42
CA ILE NA 47 61.32 104.69 -44.79
C ILE NA 47 61.26 104.16 -46.21
N ASP NA 48 62.46 103.96 -46.79
CA ASP NA 48 62.62 103.31 -48.08
C ASP NA 48 63.73 102.28 -47.93
N VAL NA 49 63.55 101.11 -48.56
CA VAL NA 49 64.45 99.97 -48.37
C VAL NA 49 64.96 99.51 -49.73
N GLU NA 50 66.27 99.31 -49.83
CA GLU NA 50 66.91 98.83 -51.05
C GLU NA 50 67.85 97.69 -50.70
N SER NA 51 67.90 96.68 -51.56
CA SER NA 51 68.61 95.43 -51.28
C SER NA 51 69.84 95.30 -52.17
N HIS NA 52 70.91 94.75 -51.60
CA HIS NA 52 72.15 94.46 -52.33
C HIS NA 52 72.72 93.11 -51.92
N LEU NA 53 71.87 92.10 -51.83
CA LEU NA 53 72.31 90.74 -51.47
C LEU NA 53 72.70 90.03 -52.75
N ASP NA 54 74.00 90.06 -53.06
CA ASP NA 54 74.53 89.53 -54.31
C ASP NA 54 75.61 88.48 -54.07
N ASN NA 55 75.37 87.58 -53.11
CA ASN NA 55 76.25 86.43 -52.90
C ASN NA 55 75.38 85.18 -52.75
N THR NA 56 75.96 84.04 -53.15
CA THR NA 56 75.24 82.78 -53.19
C THR NA 56 75.85 81.79 -52.20
N ILE NA 57 75.00 81.17 -51.40
CA ILE NA 57 75.41 80.07 -50.53
C ILE NA 57 75.54 78.82 -51.41
N ALA NA 58 76.78 78.44 -51.74
CA ALA NA 58 77.04 77.34 -52.67
C ALA NA 58 78.01 76.35 -52.04
N PRO NA 59 77.55 75.54 -51.09
CA PRO NA 59 78.38 74.46 -50.55
C PRO NA 59 78.12 73.16 -51.29
N ALA NA 60 78.92 72.16 -50.94
CA ALA NA 60 78.67 70.81 -51.42
C ALA NA 60 77.54 70.17 -50.62
N ALA NA 61 77.05 69.04 -51.11
CA ALA NA 61 75.93 68.35 -50.46
C ALA NA 61 76.37 67.81 -49.11
N GLY NA 62 75.64 68.19 -48.05
CA GLY NA 62 75.91 67.69 -46.73
C GLY NA 62 77.04 68.38 -45.99
N ALA NA 63 77.56 69.48 -46.52
CA ALA NA 63 78.70 70.16 -45.92
C ALA NA 63 78.26 71.19 -44.89
N GLN NA 64 79.17 71.51 -43.98
CA GLN NA 64 78.98 72.54 -42.97
C GLN NA 64 79.84 73.75 -43.35
N GLY NA 65 79.23 74.93 -43.38
CA GLY NA 65 79.92 76.07 -43.96
C GLY NA 65 79.83 77.39 -43.22
N TYR NA 66 80.27 78.46 -43.89
CA TYR NA 66 80.38 79.78 -43.32
C TYR NA 66 80.46 80.81 -44.45
N LYS NA 67 79.48 81.71 -44.54
CA LYS NA 67 79.36 82.54 -45.72
C LYS NA 67 78.74 83.88 -45.34
N ASP NA 68 79.10 84.92 -46.09
CA ASP NA 68 78.47 86.24 -46.01
C ASP NA 68 77.71 86.50 -47.31
N MET NA 69 76.75 87.43 -47.25
CA MET NA 69 75.79 87.60 -48.34
C MET NA 69 75.84 88.97 -49.00
N GLY NA 70 75.78 90.04 -48.21
CA GLY NA 70 75.69 91.38 -48.77
C GLY NA 70 75.21 92.34 -47.70
N TYR NA 71 74.60 93.44 -48.15
CA TYR NA 71 74.11 94.44 -47.22
C TYR NA 71 72.82 95.06 -47.76
N VAL NA 72 72.07 95.70 -46.86
CA VAL NA 72 70.77 96.29 -47.16
C VAL NA 72 70.78 97.75 -46.70
N LYS NA 73 70.22 98.63 -47.53
CA LYS NA 73 70.17 100.06 -47.24
C LYS NA 73 68.78 100.48 -46.83
N ILE NA 74 68.71 101.34 -45.80
CA ILE NA 74 67.46 101.90 -45.29
C ILE NA 74 67.57 103.42 -45.34
N ILE NA 75 66.53 104.08 -45.84
CA ILE NA 75 66.52 105.53 -46.00
C ILE NA 75 65.39 106.09 -45.14
N ASN NA 76 65.69 107.14 -44.37
CA ASN NA 76 64.75 107.77 -43.46
C ASN NA 76 64.50 109.22 -43.85
N TYR NA 77 63.26 109.66 -43.67
CA TYR NA 77 62.72 110.86 -44.29
C TYR NA 77 62.34 111.90 -43.23
N THR NA 78 61.66 112.95 -43.68
CA THR NA 78 61.49 114.18 -42.91
C THR NA 78 60.86 113.92 -41.55
N ASP NA 79 61.43 114.55 -40.52
CA ASP NA 79 60.91 114.53 -39.14
C ASP NA 79 60.89 113.13 -38.54
N VAL NA 80 61.78 112.25 -38.99
CA VAL NA 80 61.91 110.90 -38.47
C VAL NA 80 63.21 110.81 -37.69
N ASN NA 81 63.14 110.28 -36.47
CA ASN NA 81 64.31 110.13 -35.62
C ASN NA 81 64.55 108.70 -35.15
N VAL NA 82 63.50 107.98 -34.80
CA VAL NA 82 63.61 106.62 -34.29
C VAL NA 82 62.62 105.73 -35.01
N VAL NA 83 63.06 104.55 -35.43
CA VAL NA 83 62.24 103.60 -36.17
C VAL NA 83 62.29 102.24 -35.47
N LYS NA 84 61.12 101.63 -35.31
CA LYS NA 84 61.01 100.28 -34.77
C LYS NA 84 60.62 99.34 -35.91
N LEU NA 85 61.36 98.26 -36.08
CA LEU NA 85 61.21 97.36 -37.22
C LEU NA 85 61.05 95.93 -36.76
N LYS NA 86 60.39 95.13 -37.60
CA LYS NA 86 60.25 93.70 -37.40
C LYS NA 86 60.72 92.99 -38.66
N VAL NA 87 61.63 92.04 -38.51
CA VAL NA 87 62.23 91.31 -39.62
C VAL NA 87 61.91 89.83 -39.46
N THR NA 88 61.48 89.20 -40.55
CA THR NA 88 61.07 87.80 -40.52
C THR NA 88 61.52 87.11 -41.81
N LEU NA 89 61.58 85.78 -41.74
CA LEU NA 89 61.88 84.95 -42.90
C LEU NA 89 60.56 84.54 -43.55
N ALA NA 90 60.33 85.01 -44.77
CA ALA NA 90 59.03 84.82 -45.41
C ALA NA 90 58.84 83.39 -45.90
N ASN NA 91 59.89 82.75 -46.39
CA ASN NA 91 59.77 81.43 -47.00
C ASN NA 91 60.54 80.37 -46.20
N ALA NA 92 60.40 80.41 -44.87
CA ALA NA 92 61.10 79.44 -44.03
C ALA NA 92 60.56 78.02 -44.27
N ALA NA 93 59.26 77.89 -44.54
CA ALA NA 93 58.68 76.57 -44.76
C ALA NA 93 59.27 75.89 -45.99
N GLN NA 94 59.51 76.66 -47.05
CA GLN NA 94 60.07 76.09 -48.27
C GLN NA 94 61.50 75.63 -48.07
N LEU NA 95 62.27 76.33 -47.23
CA LEU NA 95 63.67 76.02 -47.02
C LEU NA 95 63.90 74.87 -46.05
N ARG NA 96 62.87 74.43 -45.33
CA ARG NA 96 63.05 73.36 -44.35
C ARG NA 96 63.56 72.05 -44.94
N PRO NA 97 63.01 71.52 -46.04
CA PRO NA 97 63.52 70.22 -46.54
C PRO NA 97 64.96 70.27 -47.06
N TYR NA 98 65.53 71.45 -47.24
CA TYR NA 98 66.87 71.57 -47.83
C TYR NA 98 67.97 71.78 -46.80
N PHE NA 99 67.65 72.08 -45.56
CA PHE NA 99 68.64 72.43 -44.56
C PHE NA 99 68.33 71.76 -43.22
N LYS NA 100 69.39 71.32 -42.54
CA LYS NA 100 69.23 70.93 -41.13
C LYS NA 100 69.11 72.15 -40.23
N TYR NA 101 69.89 73.19 -40.49
CA TYR NA 101 69.77 74.44 -39.76
C TYR NA 101 70.33 75.56 -40.62
N LEU NA 102 69.87 76.78 -40.36
CA LEU NA 102 70.31 77.96 -41.08
C LEU NA 102 70.07 79.18 -40.20
N GLN NA 103 71.13 79.94 -39.94
CA GLN NA 103 71.07 81.09 -39.06
C GLN NA 103 71.59 82.32 -39.77
N LEU NA 104 70.89 83.44 -39.58
CA LEU NA 104 71.25 84.72 -40.18
C LEU NA 104 71.56 85.72 -39.08
N VAL NA 105 72.68 86.43 -39.23
CA VAL NA 105 73.14 87.41 -38.24
C VAL NA 105 73.13 88.79 -38.90
N LEU NA 106 72.46 89.74 -38.27
CA LEU NA 106 72.35 91.11 -38.76
C LEU NA 106 73.13 92.04 -37.83
N THR NA 107 74.00 92.86 -38.42
CA THR NA 107 74.81 93.80 -37.66
C THR NA 107 74.70 95.20 -38.25
N SER NA 108 74.61 96.21 -37.39
CA SER NA 108 74.62 97.60 -37.81
C SER NA 108 76.05 98.11 -37.79
N ASN NA 109 76.45 98.76 -38.88
CA ASN NA 109 77.85 99.14 -39.12
C ASN NA 109 77.94 100.58 -39.63
N ALA NA 110 76.82 101.16 -40.04
CA ALA NA 110 76.84 102.45 -40.74
C ALA NA 110 77.61 103.52 -39.97
N SER NA 111 77.65 103.42 -38.65
CA SER NA 111 78.56 104.22 -37.83
C SER NA 111 79.89 103.48 -37.70
N SER NA 112 80.96 104.13 -38.17
CA SER NA 112 82.28 103.51 -38.13
C SER NA 112 82.77 103.30 -36.71
N THR NA 113 82.19 103.99 -35.73
CA THR NA 113 82.61 103.85 -34.34
C THR NA 113 81.80 102.81 -33.58
N VAL NA 114 80.54 102.59 -33.96
CA VAL NA 114 79.64 101.70 -33.23
C VAL NA 114 79.17 100.60 -34.18
N GLU NA 115 79.80 99.42 -34.07
CA GLU NA 115 79.31 98.22 -34.73
C GLU NA 115 78.50 97.42 -33.73
N GLU NA 116 77.29 97.03 -34.12
CA GLU NA 116 76.41 96.27 -33.22
C GLU NA 116 75.65 95.21 -34.00
N THR NA 117 75.63 93.99 -33.47
CA THR NA 117 74.72 92.95 -33.94
C THR NA 117 73.37 93.13 -33.28
N LYS NA 118 72.31 93.14 -34.10
CA LYS NA 118 70.97 93.46 -33.62
C LYS NA 118 70.06 92.26 -33.46
N ALA NA 119 70.12 91.29 -34.36
CA ALA NA 119 69.21 90.15 -34.27
C ALA NA 119 69.85 88.93 -34.92
N VAL NA 120 69.36 87.76 -34.51
CA VAL NA 120 69.75 86.48 -35.10
C VAL NA 120 68.47 85.76 -35.51
N LEU NA 121 68.40 85.35 -36.77
CA LEU NA 121 67.23 84.67 -37.30
C LEU NA 121 67.57 83.22 -37.60
N SER NA 122 66.58 82.34 -37.46
CA SER NA 122 66.76 80.92 -37.69
C SER NA 122 65.47 80.33 -38.23
N LEU NA 123 65.55 79.08 -38.69
CA LEU NA 123 64.38 78.41 -39.23
C LEU NA 123 63.36 78.05 -38.15
N LYS NA 124 63.79 77.97 -36.89
CA LYS NA 124 62.87 77.67 -35.79
C LYS NA 124 62.27 78.92 -35.17
N LYS NA 125 63.00 80.03 -35.17
CA LYS NA 125 62.53 81.31 -34.67
C LYS NA 125 62.78 82.36 -35.75
N PRO NA 126 61.85 82.50 -36.70
CA PRO NA 126 62.14 83.31 -37.90
C PRO NA 126 62.00 84.82 -37.69
N SER NA 127 61.40 85.28 -36.60
CA SER NA 127 61.07 86.69 -36.45
C SER NA 127 61.87 87.32 -35.32
N ALA NA 128 62.15 88.61 -35.47
CA ALA NA 128 62.86 89.37 -34.45
C ALA NA 128 62.47 90.84 -34.57
N VAL NA 129 62.70 91.59 -33.48
CA VAL NA 129 62.38 93.00 -33.41
C VAL NA 129 63.66 93.76 -33.04
N ILE NA 130 63.97 94.80 -33.81
CA ILE NA 130 65.19 95.58 -33.61
C ILE NA 130 64.83 97.06 -33.46
N ILE NA 131 65.79 97.82 -32.94
CA ILE NA 131 65.62 99.25 -32.69
C ILE NA 131 66.77 99.99 -33.36
N LEU NA 132 66.44 101.04 -34.12
CA LEU NA 132 67.42 101.93 -34.71
C LEU NA 132 67.25 103.32 -34.12
N ASP NA 133 68.35 103.91 -33.66
CA ASP NA 133 68.30 105.19 -32.96
C ASP NA 133 69.27 106.20 -33.53
N ASN NA 134 69.47 107.31 -32.80
CA ASN NA 134 70.30 108.41 -33.29
C ASN NA 134 71.72 107.96 -33.62
N ASP NA 135 72.26 107.00 -32.86
CA ASP NA 135 73.63 106.56 -33.10
C ASP NA 135 73.75 105.80 -34.42
N ASP NA 136 72.72 105.04 -34.80
CA ASP NA 136 72.80 104.24 -36.01
C ASP NA 136 72.78 105.10 -37.27
N TYR NA 137 71.99 106.17 -37.26
CA TYR NA 137 71.78 106.99 -38.45
C TYR NA 137 73.00 107.83 -38.79
N SER NA 138 74.07 107.18 -39.23
CA SER NA 138 75.24 107.89 -39.71
C SER NA 138 74.97 108.46 -41.10
N SER NA 139 75.69 109.52 -41.43
CA SER NA 139 75.42 110.38 -42.58
C SER NA 139 74.02 110.99 -42.53
N THR NA 140 73.32 110.83 -41.41
CA THR NA 140 72.02 111.43 -41.10
C THR NA 140 70.89 110.92 -41.98
N ASN NA 141 71.18 110.03 -42.92
CA ASN NA 141 70.17 109.66 -43.90
C ASN NA 141 70.05 108.17 -44.21
N LYS NA 142 70.95 107.30 -43.74
CA LYS NA 142 70.87 105.91 -44.18
C LYS NA 142 71.43 104.96 -43.12
N ILE NA 143 70.94 103.72 -43.19
CA ILE NA 143 71.39 102.59 -42.38
C ILE NA 143 71.97 101.53 -43.30
N GLN NA 144 73.10 100.95 -42.89
CA GLN NA 144 73.73 99.86 -43.62
C GLN NA 144 73.76 98.62 -42.72
N LEU NA 145 73.22 97.51 -43.21
CA LEU NA 145 73.14 96.26 -42.47
C LEU NA 145 73.57 95.12 -43.38
N LYS NA 146 74.67 94.46 -43.04
CA LYS NA 146 75.07 93.25 -43.75
C LYS NA 146 74.50 92.01 -43.07
N VAL NA 147 74.45 90.91 -43.83
CA VAL NA 147 73.83 89.66 -43.41
C VAL NA 147 74.92 88.61 -43.26
N GLU NA 148 74.88 87.86 -42.17
CA GLU NA 148 75.85 86.81 -41.93
C GLU NA 148 75.11 85.48 -41.79
N ALA NA 149 75.58 84.46 -42.50
CA ALA NA 149 74.87 83.19 -42.60
C ALA NA 149 75.74 82.04 -42.08
N TYR NA 150 75.10 81.15 -41.32
CA TYR NA 150 75.68 79.88 -40.92
C TYR NA 150 74.70 78.77 -41.30
N TYR NA 151 75.23 77.66 -41.81
CA TYR NA 151 74.35 76.68 -42.43
C TYR NA 151 74.98 75.29 -42.38
N GLU NA 152 74.13 74.29 -42.54
CA GLU NA 152 74.54 72.91 -42.82
C GLU NA 152 73.53 72.31 -43.79
N ALA NA 153 74.02 71.80 -44.91
CA ALA NA 153 73.15 71.29 -45.96
C ALA NA 153 72.73 69.85 -45.68
N LYS NA 154 71.58 69.47 -46.22
CA LYS NA 154 71.10 68.10 -46.09
C LYS NA 154 72.00 67.13 -46.85
N GLU NA 155 72.02 65.89 -46.39
CA GLU NA 155 72.89 64.87 -46.96
C GLU NA 155 72.32 64.38 -48.28
N GLY NA 156 73.11 64.49 -49.35
CA GLY NA 156 72.73 63.93 -50.63
C GLY NA 156 71.65 64.67 -51.39
N MET NA 157 71.43 65.95 -51.09
CA MET NA 157 70.40 66.74 -51.76
C MET NA 157 71.06 67.71 -52.73
N LEU NA 158 70.61 67.69 -53.98
CA LEU NA 158 71.13 68.56 -55.02
C LEU NA 158 70.02 69.44 -55.57
N PHE NA 159 70.34 70.72 -55.79
CA PHE NA 159 69.36 71.69 -56.23
C PHE NA 159 70.09 72.92 -56.76
N ASP NA 160 69.32 73.82 -57.37
CA ASP NA 160 69.86 75.08 -57.87
C ASP NA 160 68.73 76.08 -58.01
N SER NA 161 69.09 77.36 -58.02
CA SER NA 161 68.14 78.46 -58.20
C SER NA 161 67.06 78.45 -57.14
N LEU NA 162 67.48 78.52 -55.87
CA LEU NA 162 66.56 78.56 -54.74
C LEU NA 162 66.65 79.91 -54.06
N PRO NA 163 65.57 80.67 -53.99
CA PRO NA 163 65.63 82.02 -53.41
C PRO NA 163 65.40 82.03 -51.90
N VAL NA 164 66.00 83.04 -51.26
CA VAL NA 164 65.82 83.33 -49.85
C VAL NA 164 65.24 84.73 -49.73
N ILE NA 165 64.14 84.87 -48.99
CA ILE NA 165 63.36 86.10 -48.96
C ILE NA 165 63.27 86.60 -47.53
N LEU NA 166 63.47 87.91 -47.35
CA LEU NA 166 63.30 88.58 -46.06
C LEU NA 166 62.27 89.69 -46.21
N ASN NA 167 61.51 89.94 -45.15
CA ASN NA 167 60.44 90.92 -45.16
C ASN NA 167 60.62 91.91 -44.02
N PHE NA 168 60.20 93.15 -44.26
CA PHE NA 168 60.30 94.22 -43.28
C PHE NA 168 58.93 94.83 -43.03
N GLN NA 169 58.64 95.16 -41.77
CA GLN NA 169 57.39 95.82 -41.40
C GLN NA 169 57.68 96.85 -40.32
N VAL NA 170 57.07 98.03 -40.46
CA VAL NA 170 57.25 99.13 -39.53
C VAL NA 170 56.18 99.05 -38.45
N LEU NA 171 56.60 99.08 -37.19
CA LEU NA 171 55.68 99.04 -36.07
C LEU NA 171 55.42 100.40 -35.45
N SER NA 172 56.45 101.26 -35.37
CA SER NA 172 56.30 102.58 -34.80
C SER NA 172 57.46 103.45 -35.25
N VAL NA 173 57.17 104.73 -35.50
CA VAL NA 173 58.19 105.70 -35.89
C VAL NA 173 57.95 106.98 -35.11
N SER NA 174 59.04 107.68 -34.79
CA SER NA 174 58.96 108.93 -34.05
C SER NA 174 60.10 109.87 -34.44
N THR OA 26 2.76 150.26 -55.25
CA THR OA 26 2.95 149.68 -53.94
C THR OA 26 3.22 148.18 -54.05
N THR OA 27 4.49 147.81 -54.21
CA THR OA 27 4.90 146.43 -54.37
C THR OA 27 5.88 146.05 -53.27
N GLN OA 28 5.66 144.88 -52.68
CA GLN OA 28 6.52 144.36 -51.62
C GLN OA 28 7.42 143.28 -52.19
N SER OA 29 8.73 143.45 -52.02
CA SER OA 29 9.67 142.50 -52.62
C SER OA 29 10.29 141.59 -51.57
N PRO OA 30 10.53 140.32 -51.91
CA PRO OA 30 11.18 139.41 -50.96
C PRO OA 30 12.70 139.54 -50.90
N LEU OA 31 13.32 140.14 -51.93
CA LEU OA 31 14.75 140.44 -51.93
C LEU OA 31 15.59 139.17 -51.83
N ASN OA 32 15.27 138.18 -52.66
CA ASN OA 32 16.05 136.95 -52.70
C ASN OA 32 16.23 136.41 -54.12
N SER OA 33 16.09 137.27 -55.12
CA SER OA 33 16.19 136.86 -56.52
C SER OA 33 17.59 137.12 -57.08
N PHE OA 34 18.57 136.44 -56.49
CA PHE OA 34 19.96 136.53 -56.92
C PHE OA 34 20.59 135.14 -56.92
N TYR OA 35 21.33 134.83 -57.98
CA TYR OA 35 21.91 133.50 -58.13
C TYR OA 35 23.26 133.59 -58.84
N ALA OA 36 24.06 132.55 -58.66
CA ALA OA 36 25.32 132.37 -59.35
C ALA OA 36 25.56 130.88 -59.53
N THR OA 37 26.13 130.50 -60.67
CA THR OA 37 26.20 129.10 -61.07
C THR OA 37 27.60 128.72 -61.52
N GLY OA 38 28.02 127.51 -61.14
CA GLY OA 38 29.25 126.91 -61.63
C GLY OA 38 29.02 125.50 -62.12
N THR OA 39 30.10 124.78 -62.45
CA THR OA 39 29.98 123.43 -63.00
C THR OA 39 31.14 122.57 -62.50
N ALA OA 40 30.95 121.25 -62.59
CA ALA OA 40 31.98 120.28 -62.23
C ALA OA 40 31.77 119.02 -63.03
N GLN OA 41 32.82 118.21 -63.12
CA GLN OA 41 32.76 116.98 -63.90
C GLN OA 41 33.89 116.05 -63.49
N ALA OA 42 33.74 114.77 -63.87
CA ALA OA 42 34.79 113.77 -63.69
C ALA OA 42 34.52 112.65 -64.70
N VAL OA 43 35.37 112.54 -65.72
CA VAL OA 43 35.07 111.70 -66.87
C VAL OA 43 36.21 110.72 -67.19
N GLN OA 44 37.02 110.34 -66.20
CA GLN OA 44 38.07 109.37 -66.45
C GLN OA 44 38.44 108.64 -65.17
N GLU OA 45 38.96 107.42 -65.33
CA GLU OA 45 39.40 106.58 -64.22
C GLU OA 45 40.78 107.02 -63.74
N PRO OA 46 41.10 106.77 -62.46
CA PRO OA 46 42.37 107.29 -61.91
C PRO OA 46 43.61 106.81 -62.64
N ILE OA 47 43.66 105.54 -63.07
CA ILE OA 47 44.88 104.96 -63.61
C ILE OA 47 44.59 104.29 -64.95
N ASP OA 48 45.67 104.09 -65.72
CA ASP OA 48 45.64 103.32 -66.95
C ASP OA 48 46.81 102.36 -66.92
N VAL OA 49 46.58 101.12 -67.40
CA VAL OA 49 47.57 100.05 -67.28
C VAL OA 49 47.86 99.48 -68.66
N GLU OA 50 49.14 99.32 -68.99
CA GLU OA 50 49.57 98.75 -70.25
C GLU OA 50 50.62 97.69 -69.98
N SER OA 51 50.57 96.60 -70.75
CA SER OA 51 51.39 95.41 -70.50
C SER OA 51 52.45 95.24 -71.58
N HIS OA 52 53.64 94.79 -71.17
CA HIS OA 52 54.73 94.49 -72.09
C HIS OA 52 55.45 93.21 -71.67
N LEU OA 53 54.68 92.17 -71.34
CA LEU OA 53 55.25 90.88 -70.95
C LEU OA 53 55.46 90.05 -72.21
N ASP OA 54 56.67 90.12 -72.76
CA ASP OA 54 56.99 89.49 -74.03
C ASP OA 54 58.16 88.51 -73.89
N ASN OA 55 58.15 87.69 -72.85
CA ASN OA 55 59.10 86.60 -72.69
C ASN OA 55 58.36 85.35 -72.28
N THR OA 56 58.91 84.20 -72.67
CA THR OA 56 58.27 82.91 -72.47
C THR OA 56 59.10 82.05 -71.53
N ILE OA 57 58.44 81.47 -70.52
CA ILE OA 57 59.08 80.47 -69.67
C ILE OA 57 59.11 79.16 -70.44
N ALA OA 58 60.28 78.80 -70.95
CA ALA OA 58 60.44 77.63 -71.81
C ALA OA 58 61.56 76.74 -71.29
N PRO OA 59 61.32 76.01 -70.20
CA PRO OA 59 62.30 75.02 -69.74
C PRO OA 59 61.99 73.64 -70.30
N ALA OA 60 62.89 72.71 -70.02
CA ALA OA 60 62.63 71.31 -70.32
C ALA OA 60 61.69 70.71 -69.27
N ALA OA 61 61.19 69.52 -69.56
CA ALA OA 61 60.26 68.85 -68.66
C ALA OA 61 60.95 68.46 -67.37
N GLY OA 62 60.41 68.90 -66.24
CA GLY OA 62 60.94 68.55 -64.95
C GLY OA 62 62.15 69.36 -64.49
N ALA OA 63 62.49 70.42 -65.20
CA ALA OA 63 63.69 71.20 -64.88
C ALA OA 63 63.38 72.31 -63.88
N GLN OA 64 64.42 72.75 -63.19
CA GLN OA 64 64.36 73.87 -62.26
C GLN OA 64 65.06 75.06 -62.90
N GLY OA 65 64.39 76.21 -62.92
CA GLY OA 65 64.91 77.31 -63.71
C GLY OA 65 64.88 78.69 -63.08
N TYR OA 66 65.12 79.70 -63.92
CA TYR OA 66 65.27 81.09 -63.49
C TYR OA 66 65.07 81.99 -64.70
N LYS OA 67 64.04 82.84 -64.68
CA LYS OA 67 63.67 83.56 -65.89
C LYS OA 67 63.05 84.90 -65.52
N ASP OA 68 63.22 85.88 -66.42
CA ASP OA 68 62.54 87.16 -66.35
C ASP OA 68 61.54 87.28 -67.49
N MET OA 69 60.56 88.16 -67.34
CA MET OA 69 59.41 88.18 -68.25
C MET OA 69 59.27 89.49 -69.02
N GLY OA 70 59.28 90.63 -68.34
CA GLY OA 70 59.02 91.91 -68.98
C GLY OA 70 58.69 92.95 -67.93
N TYR OA 71 57.95 93.98 -68.35
CA TYR OA 71 57.57 95.04 -67.44
C TYR OA 71 56.18 95.56 -67.79
N VAL OA 72 55.57 96.25 -66.83
CA VAL OA 72 54.21 96.75 -66.93
C VAL OA 72 54.21 98.25 -66.62
N LYS OA 73 53.46 99.01 -67.40
CA LYS OA 73 53.39 100.47 -67.24
C LYS OA 73 52.07 100.88 -66.61
N ILE OA 74 52.14 101.82 -65.67
CA ILE OA 74 50.97 102.37 -65.00
C ILE OA 74 50.99 103.88 -65.19
N ILE OA 75 49.84 104.45 -65.55
CA ILE OA 75 49.71 105.89 -65.82
C ILE OA 75 48.73 106.49 -64.84
N ASN OA 76 49.11 107.61 -64.22
CA ASN OA 76 48.31 108.29 -63.21
C ASN OA 76 47.91 109.68 -63.66
N TYR OA 77 46.70 110.08 -63.31
CA TYR OA 77 46.00 111.21 -63.92
C TYR OA 77 45.75 112.32 -62.90
N THR OA 78 44.94 113.30 -63.31
CA THR OA 78 44.84 114.59 -62.63
C THR OA 78 44.48 114.44 -61.16
N ASP OA 79 45.19 115.18 -60.31
CA ASP OA 79 44.94 115.28 -58.88
C ASP OA 79 45.10 113.95 -58.15
N VAL OA 80 45.94 113.06 -58.68
CA VAL OA 80 46.24 111.77 -58.08
C VAL OA 80 47.67 111.82 -57.54
N ASN OA 81 47.84 111.39 -56.29
CA ASN OA 81 49.16 111.38 -55.66
C ASN OA 81 49.56 110.02 -55.12
N VAL OA 82 48.62 109.28 -54.52
CA VAL OA 82 48.91 107.98 -53.92
C VAL OA 82 47.84 106.99 -54.37
N VAL OA 83 48.28 105.79 -54.75
CA VAL OA 83 47.39 104.75 -55.24
C VAL OA 83 47.65 103.47 -54.45
N LYS OA 84 46.57 102.82 -54.02
CA LYS OA 84 46.62 101.52 -53.37
C LYS OA 84 46.08 100.48 -54.32
N LEU OA 85 46.86 99.40 -54.52
CA LEU OA 85 46.54 98.40 -55.53
C LEU OA 85 46.54 97.01 -54.92
N LYS OA 86 45.79 96.12 -55.56
CA LYS OA 86 45.77 94.71 -55.22
C LYS OA 86 46.04 93.89 -56.47
N VAL OA 87 47.03 93.00 -56.41
CA VAL OA 87 47.45 92.19 -57.54
C VAL OA 87 47.26 90.72 -57.20
N THR OA 88 46.66 89.97 -58.12
CA THR OA 88 46.36 88.57 -57.90
C THR OA 88 46.60 87.77 -59.18
N LEU OA 89 46.74 86.46 -59.02
CA LEU OA 89 46.88 85.53 -60.13
C LEU OA 89 45.49 85.02 -60.49
N ALA OA 90 45.02 85.36 -61.68
CA ALA OA 90 43.63 85.06 -62.06
C ALA OA 90 43.43 83.57 -62.37
N ASN OA 91 44.42 82.93 -62.99
CA ASN OA 91 44.27 81.55 -63.44
C ASN OA 91 45.22 80.61 -62.71
N ALA OA 92 45.33 80.77 -61.39
CA ALA OA 92 46.21 79.90 -60.61
C ALA OA 92 45.73 78.46 -60.61
N ALA OA 93 44.41 78.26 -60.64
CA ALA OA 93 43.87 76.90 -60.63
C ALA OA 93 44.26 76.13 -61.88
N GLN OA 94 44.26 76.80 -63.03
CA GLN OA 94 44.63 76.14 -64.28
C GLN OA 94 46.11 75.76 -64.31
N LEU OA 95 46.97 76.57 -63.68
CA LEU OA 95 48.41 76.33 -63.71
C LEU OA 95 48.87 75.29 -62.70
N ARG OA 96 48.00 74.87 -61.77
CA ARG OA 96 48.42 73.92 -60.74
C ARG OA 96 48.89 72.58 -61.30
N PRO OA 97 48.19 71.91 -62.23
CA PRO OA 97 48.66 70.61 -62.71
C PRO OA 97 49.98 70.66 -63.47
N TYR OA 98 50.44 71.84 -63.87
CA TYR OA 98 51.65 71.95 -64.69
C TYR OA 98 52.90 72.30 -63.91
N PHE OA 99 52.79 72.71 -62.65
CA PHE OA 99 53.93 73.19 -61.89
C PHE OA 99 53.90 72.64 -60.47
N LYS OA 100 55.08 72.31 -59.95
CA LYS OA 100 55.20 72.05 -58.52
C LYS OA 100 55.18 73.35 -57.72
N TYR OA 101 55.84 74.39 -58.21
CA TYR OA 101 55.78 75.69 -57.59
C TYR OA 101 56.13 76.75 -58.64
N LEU OA 102 55.64 77.97 -58.39
CA LEU OA 102 55.87 79.10 -59.29
C LEU OA 102 55.73 80.39 -58.49
N GLN OA 103 56.78 81.20 -58.49
CA GLN OA 103 56.80 82.43 -57.71
C GLN OA 103 57.12 83.61 -58.62
N LEU OA 104 56.40 84.71 -58.41
CA LEU OA 104 56.59 85.94 -59.17
C LEU OA 104 57.02 87.05 -58.24
N VAL OA 105 58.05 87.79 -58.65
CA VAL OA 105 58.64 88.88 -57.87
C VAL OA 105 58.43 90.19 -58.63
N LEU OA 106 57.83 91.17 -57.96
CA LEU OA 106 57.56 92.48 -58.55
C LEU OA 106 58.43 93.52 -57.86
N THR OA 107 59.14 94.32 -58.67
CA THR OA 107 60.02 95.36 -58.15
C THR OA 107 59.73 96.68 -58.84
N SER OA 108 59.73 97.77 -58.06
CA SER OA 108 59.58 99.11 -58.60
C SER OA 108 60.97 99.68 -58.89
N ASN OA 109 61.14 100.23 -60.10
CA ASN OA 109 62.44 100.64 -60.61
C ASN OA 109 62.36 102.02 -61.26
N ALA OA 110 61.15 102.53 -61.50
CA ALA OA 110 60.96 103.74 -62.31
C ALA OA 110 61.81 104.91 -61.79
N SER OA 111 62.09 104.94 -60.50
CA SER OA 111 63.08 105.84 -59.92
C SER OA 111 64.45 105.19 -59.99
N SER OA 112 65.38 105.82 -60.70
CA SER OA 112 66.72 105.26 -60.85
C SER OA 112 67.48 105.22 -59.53
N THR OA 113 67.04 105.97 -58.53
CA THR OA 113 67.71 105.98 -57.23
C THR OA 113 67.11 104.98 -56.24
N VAL OA 114 65.82 104.68 -56.36
CA VAL OA 114 65.11 103.83 -55.41
C VAL OA 114 64.55 102.62 -56.15
N GLU OA 115 65.25 101.49 -56.07
CA GLU OA 115 64.72 100.20 -56.51
C GLU OA 115 64.15 99.47 -55.31
N GLU OA 116 62.90 99.00 -55.42
CA GLU OA 116 62.26 98.30 -54.33
C GLU OA 116 61.41 97.14 -54.85
N THR OA 117 61.56 95.98 -54.22
CA THR OA 117 60.65 94.87 -54.43
C THR OA 117 59.42 95.05 -53.55
N LYS OA 118 58.25 94.95 -54.15
CA LYS OA 118 56.99 95.26 -53.47
C LYS OA 118 56.20 94.04 -53.03
N ALA OA 119 56.14 92.98 -53.84
CA ALA OA 119 55.33 91.82 -53.50
C ALA OA 119 55.92 90.58 -54.13
N VAL OA 120 55.57 89.44 -53.54
CA VAL OA 120 55.92 88.12 -54.07
C VAL OA 120 54.63 87.32 -54.18
N LEU OA 121 54.36 86.79 -55.36
CA LEU OA 121 53.16 86.00 -55.61
C LEU OA 121 53.52 84.55 -55.85
N SER OA 122 52.61 83.66 -55.45
CA SER OA 122 52.83 82.22 -55.58
C SER OA 122 51.49 81.54 -55.81
N LEU OA 123 51.57 80.25 -56.17
CA LEU OA 123 50.35 79.48 -56.41
C LEU OA 123 49.57 79.19 -55.14
N LYS OA 124 50.22 79.25 -53.98
CA LYS OA 124 49.54 79.01 -52.72
C LYS OA 124 48.99 80.30 -52.11
N LYS OA 125 49.65 81.44 -52.34
CA LYS OA 125 49.19 82.74 -51.87
C LYS OA 125 49.19 83.69 -53.06
N PRO OA 126 48.10 83.70 -53.84
CA PRO OA 126 48.12 84.41 -55.14
C PRO OA 126 47.94 85.91 -55.04
N SER OA 127 47.52 86.45 -53.91
CA SER OA 127 47.14 87.86 -53.82
C SER OA 127 48.10 88.62 -52.91
N ALA OA 128 48.27 89.91 -53.22
CA ALA OA 128 49.11 90.79 -52.43
C ALA OA 128 48.62 92.23 -52.60
N VAL OA 129 48.99 93.08 -51.65
CA VAL OA 129 48.62 94.48 -51.64
C VAL OA 129 49.90 95.32 -51.58
N ILE OA 130 50.01 96.30 -52.48
CA ILE OA 130 51.20 97.14 -52.59
C ILE OA 130 50.78 98.61 -52.49
N ILE OA 131 51.78 99.45 -52.23
CA ILE OA 131 51.58 100.90 -52.09
C ILE OA 131 52.55 101.62 -53.02
N LEU OA 132 52.03 102.57 -53.78
CA LEU OA 132 52.83 103.43 -54.63
C LEU OA 132 52.69 104.86 -54.13
N ASP OA 133 53.82 105.54 -53.93
CA ASP OA 133 53.82 106.88 -53.35
C ASP OA 133 54.62 107.87 -54.18
N ASN OA 134 54.89 109.06 -53.61
CA ASN OA 134 55.56 110.13 -54.34
C ASN OA 134 56.91 109.70 -54.88
N ASP OA 135 57.63 108.85 -54.15
CA ASP OA 135 58.96 108.43 -54.60
C ASP OA 135 58.89 107.56 -55.84
N ASP OA 136 57.85 106.73 -55.96
CA ASP OA 136 57.76 105.81 -57.09
C ASP OA 136 57.46 106.55 -58.39
N TYR OA 137 56.61 107.58 -58.34
CA TYR OA 137 56.15 108.28 -59.53
C TYR OA 137 57.25 109.13 -60.15
N SER OA 138 58.26 108.48 -60.73
CA SER OA 138 59.27 109.18 -61.49
C SER OA 138 58.72 109.61 -62.84
N SER OA 139 59.32 110.66 -63.40
CA SER OA 139 58.79 111.39 -64.55
C SER OA 139 57.40 111.94 -64.30
N THR OA 140 56.92 111.87 -63.05
CA THR OA 140 55.67 112.44 -62.56
C THR OA 140 54.44 111.81 -63.17
N ASN OA 141 54.59 110.84 -64.07
CA ASN OA 141 53.45 110.33 -64.82
C ASN OA 141 53.35 108.82 -64.96
N LYS OA 142 54.37 108.04 -64.59
CA LYS OA 142 54.30 106.62 -64.88
C LYS OA 142 55.08 105.79 -63.87
N ILE OA 143 54.66 104.53 -63.73
CA ILE OA 143 55.31 103.51 -62.92
C ILE OA 143 55.78 102.38 -63.84
N GLN OA 144 56.99 101.89 -63.59
CA GLN OA 144 57.54 100.76 -64.32
C GLN OA 144 57.80 99.62 -63.34
N LEU OA 145 57.25 98.45 -63.62
CA LEU OA 145 57.38 97.27 -62.77
C LEU OA 145 57.69 96.06 -63.65
N LYS OA 146 58.88 95.48 -63.45
CA LYS OA 146 59.21 94.23 -64.11
C LYS OA 146 58.84 93.03 -63.24
N VAL OA 147 58.71 91.87 -63.88
CA VAL OA 147 58.26 90.65 -63.24
C VAL OA 147 59.42 89.66 -63.22
N GLU OA 148 59.62 89.02 -62.06
CA GLU OA 148 60.67 88.02 -61.91
C GLU OA 148 60.03 86.69 -61.53
N ALA OA 149 60.43 85.63 -62.21
CA ALA OA 149 59.80 84.32 -62.08
C ALA OA 149 60.79 83.27 -61.62
N TYR OA 150 60.36 82.42 -60.68
CA TYR OA 150 61.07 81.23 -60.28
C TYR OA 150 60.11 80.05 -60.38
N TYR OA 151 60.59 78.92 -60.89
CA TYR OA 151 59.68 77.85 -61.24
C TYR OA 151 60.39 76.50 -61.19
N GLU OA 152 59.57 75.45 -61.09
CA GLU OA 152 60.00 74.07 -61.32
C GLU OA 152 58.87 73.34 -62.04
N ALA OA 153 59.18 72.75 -63.18
CA ALA OA 153 58.17 72.10 -64.01
C ALA OA 153 57.89 70.68 -63.52
N LYS OA 154 56.69 70.20 -63.82
CA LYS OA 154 56.32 68.84 -63.47
C LYS OA 154 57.10 67.83 -64.29
N GLU OA 155 57.29 66.65 -63.74
CA GLU OA 155 58.10 65.61 -64.37
C GLU OA 155 57.31 64.96 -65.52
N GLY OA 156 57.90 65.01 -66.71
CA GLY OA 156 57.32 64.31 -67.85
C GLY OA 156 56.08 64.93 -68.45
N MET OA 157 55.86 66.22 -68.24
CA MET OA 157 54.68 66.90 -68.76
C MET OA 157 55.10 67.80 -69.93
N LEU OA 158 54.42 67.64 -71.06
CA LEU OA 158 54.71 68.43 -72.26
C LEU OA 158 53.47 69.21 -72.67
N PHE OA 159 53.68 70.47 -73.05
CA PHE OA 159 52.57 71.36 -73.40
C PHE OA 159 53.13 72.55 -74.15
N ASP OA 160 52.22 73.36 -74.69
CA ASP OA 160 52.58 74.58 -75.38
C ASP OA 160 51.39 75.52 -75.41
N SER OA 161 51.68 76.81 -75.59
CA SER OA 161 50.65 77.84 -75.69
C SER OA 161 49.77 77.90 -74.44
N LEU OA 162 50.41 78.10 -73.30
CA LEU OA 162 49.70 78.22 -72.02
C LEU OA 162 49.84 79.63 -71.49
N PRO OA 163 48.74 80.36 -71.28
CA PRO OA 163 48.84 81.75 -70.84
C PRO OA 163 48.89 81.91 -69.33
N VAL OA 164 49.53 83.00 -68.91
CA VAL OA 164 49.59 83.41 -67.51
C VAL OA 164 48.96 84.80 -67.42
N ILE OA 165 48.01 84.96 -66.51
CA ILE OA 165 47.17 86.15 -66.44
C ILE OA 165 47.32 86.79 -65.06
N LEU OA 166 47.47 88.11 -65.04
CA LEU OA 166 47.50 88.90 -63.81
C LEU OA 166 46.40 89.95 -63.87
N ASN OA 167 45.83 90.26 -62.70
CA ASN OA 167 44.72 91.20 -62.60
C ASN OA 167 45.05 92.30 -61.61
N PHE OA 168 44.52 93.50 -61.87
CA PHE OA 168 44.74 94.66 -61.02
C PHE OA 168 43.39 95.24 -60.59
N GLN OA 169 43.32 95.67 -59.33
CA GLN OA 169 42.13 96.31 -58.80
C GLN OA 169 42.54 97.45 -57.87
N VAL OA 170 41.86 98.59 -58.01
CA VAL OA 170 42.14 99.79 -57.23
C VAL OA 170 41.28 99.77 -55.97
N LEU OA 171 41.92 99.94 -54.82
CA LEU OA 171 41.22 99.96 -53.54
C LEU OA 171 41.01 101.37 -53.01
N SER OA 172 41.97 102.27 -53.19
CA SER OA 172 41.85 103.64 -52.72
C SER OA 172 42.87 104.50 -53.45
N VAL OA 173 42.46 105.74 -53.76
CA VAL OA 173 43.34 106.70 -54.41
C VAL OA 173 43.18 108.05 -53.71
N SER OA 174 44.26 108.81 -53.67
CA SER OA 174 44.25 110.13 -53.04
C SER OA 174 45.24 111.07 -53.71
N THR PA 26 -17.08 146.96 -67.08
CA THR PA 26 -16.62 146.52 -65.77
C THR PA 26 -16.31 145.03 -65.80
N THR PA 27 -15.06 144.70 -66.15
CA THR PA 27 -14.61 143.32 -66.27
C THR PA 27 -13.43 143.09 -65.34
N GLN PA 28 -13.47 141.98 -64.61
CA GLN PA 28 -12.41 141.60 -63.69
C GLN PA 28 -11.57 140.50 -64.33
N SER PA 29 -10.26 140.74 -64.41
CA SER PA 29 -9.39 139.78 -65.09
C SER PA 29 -8.54 138.99 -64.10
N PRO PA 30 -8.29 137.70 -64.36
CA PRO PA 30 -7.43 136.92 -63.46
C PRO PA 30 -5.94 137.12 -63.71
N LEU PA 31 -5.55 137.63 -64.88
CA LEU PA 31 -4.17 137.99 -65.17
C LEU PA 31 -3.24 136.78 -65.12
N ASN PA 32 -3.65 135.70 -65.78
CA ASN PA 32 -2.83 134.49 -65.85
C ASN PA 32 -2.88 133.83 -67.23
N SER PA 33 -3.24 134.59 -68.26
CA SER PA 33 -3.37 134.05 -69.62
C SER PA 33 -2.11 134.31 -70.43
N PHE PA 34 -1.01 133.72 -69.98
CA PHE PA 34 0.28 133.83 -70.67
C PHE PA 34 0.98 132.48 -70.66
N TYR PA 35 1.53 132.09 -71.81
CA TYR PA 35 2.15 130.78 -71.94
C TYR PA 35 3.34 130.85 -72.89
N ALA PA 36 4.22 129.86 -72.77
CA ALA PA 36 5.35 129.67 -73.67
C ALA PA 36 5.62 128.17 -73.76
N THR PA 37 6.02 127.71 -74.95
CA THR PA 37 6.08 126.28 -75.23
C THR PA 37 7.39 125.91 -75.89
N GLY PA 38 7.95 124.76 -75.49
CA GLY PA 38 9.11 124.17 -76.14
C GLY PA 38 8.87 122.71 -76.46
N THR PA 39 9.91 122.00 -76.92
CA THR PA 39 9.77 120.61 -77.32
C THR PA 39 11.04 119.85 -76.96
N ALA PA 40 10.91 118.52 -76.90
CA ALA PA 40 12.04 117.63 -76.65
C ALA PA 40 11.77 116.28 -77.29
N GLN PA 41 12.83 115.52 -77.50
CA GLN PA 41 12.70 114.21 -78.14
C GLN PA 41 13.94 113.36 -77.87
N ALA PA 42 13.80 112.06 -78.11
CA ALA PA 42 14.91 111.12 -78.03
C ALA PA 42 14.53 109.91 -78.86
N VAL PA 43 15.19 109.72 -80.02
CA VAL PA 43 14.73 108.76 -81.00
C VAL PA 43 15.85 107.81 -81.44
N GLN PA 44 16.84 107.56 -80.59
CA GLN PA 44 17.88 106.60 -80.95
C GLN PA 44 18.52 106.02 -79.69
N GLU PA 45 19.07 104.80 -79.84
CA GLU PA 45 19.74 104.10 -78.76
C GLU PA 45 21.17 104.64 -78.58
N PRO PA 46 21.73 104.53 -77.37
CA PRO PA 46 23.03 105.14 -77.11
C PRO PA 46 24.16 104.65 -78.01
N ILE PA 47 24.20 103.35 -78.33
CA ILE PA 47 25.33 102.77 -79.03
C ILE PA 47 24.85 101.95 -80.23
N ASP PA 48 25.77 101.73 -81.16
CA ASP PA 48 25.56 100.84 -82.30
C ASP PA 48 26.78 99.92 -82.40
N VAL PA 49 26.55 98.66 -82.72
CA VAL PA 49 27.59 97.63 -82.68
C VAL PA 49 27.66 96.94 -84.04
N GLU PA 50 28.86 96.81 -84.58
CA GLU PA 50 29.10 96.13 -85.86
C GLU PA 50 30.24 95.14 -85.69
N SER PA 51 30.12 93.98 -86.33
CA SER PA 51 31.03 92.87 -86.14
C SER PA 51 31.88 92.62 -87.37
N HIS PA 52 33.15 92.26 -87.15
CA HIS PA 52 34.07 91.92 -88.22
C HIS PA 52 34.92 90.72 -87.85
N LEU PA 53 34.29 89.69 -87.27
CA LEU PA 53 34.99 88.46 -86.88
C LEU PA 53 35.02 87.53 -88.09
N ASP PA 54 36.10 87.59 -88.86
CA ASP PA 54 36.22 86.85 -90.11
C ASP PA 54 37.45 85.93 -90.11
N ASN PA 55 37.67 85.22 -89.00
CA ASN PA 55 38.71 84.20 -88.93
C ASN PA 55 38.12 82.95 -88.28
N THR PA 56 38.66 81.80 -88.66
CA THR PA 56 38.13 80.51 -88.24
C THR PA 56 39.16 79.77 -87.40
N ILE PA 57 38.73 79.27 -86.24
CA ILE PA 57 39.57 78.39 -85.42
C ILE PA 57 39.53 77.01 -86.08
N ALA PA 58 40.62 76.64 -86.75
CA ALA PA 58 40.68 75.40 -87.53
C ALA PA 58 41.93 74.61 -87.15
N PRO PA 59 41.93 73.98 -85.97
CA PRO PA 59 43.02 73.08 -85.61
C PRO PA 59 42.70 71.64 -85.98
N ALA PA 60 43.69 70.77 -85.79
CA ALA PA 60 43.45 69.35 -85.91
C ALA PA 60 42.76 68.81 -84.66
N ALA PA 61 42.29 67.58 -84.75
CA ALA PA 61 41.56 66.97 -83.64
C ALA PA 61 42.50 66.74 -82.46
N GLY PA 62 42.14 67.26 -81.30
CA GLY PA 62 42.92 67.06 -80.09
C GLY PA 62 44.13 67.95 -79.95
N ALA PA 63 44.29 68.96 -80.79
CA ALA PA 63 45.47 69.81 -80.78
C ALA PA 63 45.29 71.00 -79.84
N GLN PA 64 46.41 71.54 -79.39
CA GLN PA 64 46.46 72.74 -78.57
C GLN PA 64 46.97 73.89 -79.42
N GLY PA 65 46.25 75.00 -79.43
CA GLY PA 65 46.54 76.05 -80.39
C GLY PA 65 46.55 77.48 -79.89
N TYR PA 66 46.58 78.41 -80.84
CA TYR PA 66 46.72 79.84 -80.57
C TYR PA 66 46.26 80.61 -81.80
N LYS PA 67 45.21 81.43 -81.67
CA LYS PA 67 44.57 82.00 -82.85
C LYS PA 67 43.97 83.35 -82.49
N ASP PA 68 43.91 84.24 -83.49
CA ASP PA 68 43.19 85.50 -83.40
C ASP PA 68 41.99 85.46 -84.35
N MET PA 69 41.00 86.31 -84.10
CA MET PA 69 39.71 86.20 -84.77
C MET PA 69 39.36 87.42 -85.62
N GLY PA 70 39.44 88.61 -85.05
CA GLY PA 70 39.00 89.82 -85.75
C GLY PA 70 38.79 90.95 -84.75
N TYR PA 71 37.93 91.90 -85.12
CA TYR PA 71 37.67 93.03 -84.25
C TYR PA 71 36.21 93.45 -84.37
N VAL PA 72 35.74 94.21 -83.38
CA VAL PA 72 34.36 94.65 -83.29
C VAL PA 72 34.33 96.17 -83.10
N LYS PA 73 33.41 96.83 -83.80
CA LYS PA 73 33.29 98.28 -83.76
C LYS PA 73 32.08 98.70 -82.94
N ILE PA 74 32.27 99.73 -82.11
CA ILE PA 74 31.21 100.30 -81.28
C ILE PA 74 31.11 101.78 -81.61
N ILE PA 75 29.88 102.27 -81.80
CA ILE PA 75 29.63 103.66 -82.17
C ILE PA 75 28.80 104.32 -81.07
N ASN PA 76 29.22 105.50 -80.65
CA ASN PA 76 28.59 106.25 -79.57
C ASN PA 76 28.04 107.58 -80.07
N TYR PA 77 26.88 107.96 -79.52
CA TYR PA 77 26.02 108.99 -80.08
C TYR PA 77 25.89 110.19 -79.15
N THR PA 78 24.97 111.09 -79.49
CA THR PA 78 24.94 112.43 -78.91
C THR PA 78 24.85 112.41 -77.39
N ASP PA 79 25.65 113.26 -76.75
CA ASP PA 79 25.66 113.49 -75.31
C ASP PA 79 26.02 112.24 -74.53
N VAL PA 80 26.80 111.34 -75.12
CA VAL PA 80 27.28 110.13 -74.47
C VAL PA 80 28.77 110.28 -74.20
N ASN PA 81 29.19 109.99 -72.98
CA ASN PA 81 30.60 110.09 -72.60
C ASN PA 81 31.16 108.80 -72.03
N VAL PA 82 30.39 108.08 -71.21
CA VAL PA 82 30.86 106.87 -70.55
C VAL PA 82 29.78 105.80 -70.71
N VAL PA 83 30.21 104.59 -71.06
CA VAL PA 83 29.31 103.46 -71.29
C VAL PA 83 29.77 102.28 -70.44
N LYS PA 84 28.83 101.64 -69.77
CA LYS PA 84 29.07 100.41 -69.02
C LYS PA 84 28.43 99.24 -69.76
N LEU PA 85 29.22 98.20 -70.02
CA LEU PA 85 28.78 97.09 -70.86
C LEU PA 85 28.98 95.76 -70.14
N LYS PA 86 28.17 94.78 -70.54
CA LYS PA 86 28.29 93.40 -70.07
C LYS PA 86 28.38 92.49 -71.29
N VAL PA 87 29.40 91.65 -71.32
CA VAL PA 87 29.66 90.75 -72.45
C VAL PA 87 29.62 89.32 -71.95
N THR PA 88 28.91 88.46 -72.68
CA THR PA 88 28.72 87.07 -72.28
C THR PA 88 28.79 86.17 -73.50
N LEU PA 89 29.03 84.88 -73.25
CA LEU PA 89 29.01 83.86 -74.29
C LEU PA 89 27.61 83.25 -74.34
N ALA PA 90 26.91 83.46 -75.45
CA ALA PA 90 25.51 83.06 -75.54
C ALA PA 90 25.34 81.56 -75.67
N ASN PA 91 26.24 80.90 -76.41
CA ASN PA 91 26.08 79.48 -76.70
C ASN PA 91 27.20 78.65 -76.08
N ALA PA 92 27.54 78.94 -74.82
CA ALA PA 92 28.59 78.19 -74.14
C ALA PA 92 28.20 76.74 -73.93
N ALA PA 93 26.91 76.48 -73.69
CA ALA PA 93 26.46 75.11 -73.46
C ALA PA 93 26.66 74.24 -74.70
N GLN PA 94 26.42 74.79 -75.88
CA GLN PA 94 26.59 74.03 -77.11
C GLN PA 94 28.06 73.70 -77.37
N LEU PA 95 28.96 74.60 -76.99
CA LEU PA 95 30.39 74.42 -77.26
C LEU PA 95 31.09 73.51 -76.26
N ARG PA 96 30.43 73.15 -75.16
CA ARG PA 96 31.07 72.31 -74.16
C ARG PA 96 31.51 70.94 -74.67
N PRO PA 97 30.69 70.16 -75.40
CA PRO PA 97 31.15 68.83 -75.83
C PRO PA 97 32.29 68.86 -76.82
N TYR PA 98 32.63 70.01 -77.40
CA TYR PA 98 33.64 70.10 -78.44
C TYR PA 98 35.00 70.56 -77.94
N PHE PA 99 35.08 71.09 -76.72
CA PHE PA 99 36.32 71.69 -76.23
C PHE PA 99 36.57 71.28 -74.78
N LYS PA 100 37.84 71.05 -74.46
CA LYS PA 100 38.24 70.93 -73.06
C LYS PA 100 38.28 72.30 -72.39
N TYR PA 101 38.79 73.31 -73.08
CA TYR PA 101 38.77 74.67 -72.57
C TYR PA 101 38.85 75.63 -73.75
N LEU PA 102 38.35 76.85 -73.53
CA LEU PA 102 38.36 77.89 -74.55
C LEU PA 102 38.29 79.24 -73.86
N GLN PA 103 39.28 80.10 -74.13
CA GLN PA 103 39.37 81.40 -73.47
C GLN PA 103 39.45 82.50 -74.53
N LEU PA 104 38.73 83.58 -74.28
CA LEU PA 104 38.70 84.74 -75.17
C LEU PA 104 39.24 85.96 -74.44
N VAL PA 105 40.13 86.69 -75.10
CA VAL PA 105 40.77 87.87 -74.53
C VAL PA 105 40.37 89.09 -75.35
N LEU PA 106 39.85 90.11 -74.68
CA LEU PA 106 39.40 91.34 -75.31
C LEU PA 106 40.32 92.48 -74.90
N THR PA 107 40.82 93.23 -75.89
CA THR PA 107 41.72 94.34 -75.63
C THR PA 107 41.24 95.58 -76.37
N SER PA 108 41.33 96.73 -75.71
CA SER PA 108 41.00 98.02 -76.32
C SER PA 108 42.28 98.60 -76.91
N ASN PA 109 42.20 99.04 -78.17
CA ASN PA 109 43.35 99.45 -78.95
C ASN PA 109 43.09 100.76 -79.69
N ALA PA 110 41.83 101.19 -79.75
CA ALA PA 110 41.44 102.31 -80.62
C ALA PA 110 42.28 103.56 -80.37
N SER PA 111 42.79 103.72 -79.15
CA SER PA 111 43.82 104.72 -78.85
C SER PA 111 45.19 104.11 -79.11
N SER PA 112 45.94 104.71 -80.03
CA SER PA 112 47.25 104.19 -80.37
C SER PA 112 48.24 104.30 -79.22
N THR PA 113 47.95 105.14 -78.22
CA THR PA 113 48.84 105.30 -77.07
C THR PA 113 48.48 104.37 -75.92
N VAL PA 114 47.22 104.01 -75.76
CA VAL PA 114 46.74 103.23 -74.62
C VAL PA 114 46.12 101.94 -75.15
N GLU PA 115 46.88 100.85 -75.09
CA GLU PA 115 46.36 99.50 -75.32
C GLU PA 115 46.05 98.87 -73.97
N GLU PA 116 44.84 98.35 -73.81
CA GLU PA 116 44.44 97.72 -72.57
C GLU PA 116 43.58 96.49 -72.81
N THR PA 117 43.91 95.40 -72.12
CA THR PA 117 43.04 94.23 -72.06
C THR PA 117 41.98 94.45 -70.99
N LYS PA 118 40.72 94.25 -71.35
CA LYS PA 118 39.60 94.58 -70.48
C LYS PA 118 38.96 93.37 -69.80
N ALA PA 119 38.82 92.24 -70.49
CA ALA PA 119 38.16 91.09 -69.90
C ALA PA 119 38.69 89.81 -70.53
N VAL PA 120 38.52 88.72 -69.78
CA VAL PA 120 38.84 87.37 -70.25
C VAL PA 120 37.60 86.52 -70.04
N LEU PA 121 37.14 85.86 -71.11
CA LEU PA 121 35.96 85.01 -71.06
C LEU PA 121 36.37 83.55 -71.22
N SER PA 122 35.60 82.67 -70.59
CA SER PA 122 35.87 81.24 -70.63
C SER PA 122 34.56 80.48 -70.56
N LEU PA 123 34.63 79.18 -70.80
CA LEU PA 123 33.45 78.33 -70.76
C LEU PA 123 32.92 78.14 -69.34
N LYS PA 124 33.76 78.34 -68.33
CA LYS PA 124 33.32 78.20 -66.95
C LYS PA 124 32.82 79.52 -66.36
N LYS PA 125 33.36 80.65 -66.81
CA LYS PA 125 32.93 81.98 -66.39
C LYS PA 125 32.66 82.80 -67.63
N PRO PA 126 31.45 82.69 -68.21
CA PRO PA 126 31.19 83.27 -69.52
C PRO PA 126 30.95 84.76 -69.54
N SER PA 127 30.71 85.40 -68.40
CA SER PA 127 30.27 86.79 -68.36
C SER PA 127 31.33 87.68 -67.72
N ALA PA 128 31.38 88.94 -68.16
CA ALA PA 128 32.29 89.93 -67.62
C ALA PA 128 31.70 91.31 -67.82
N VAL PA 129 32.19 92.27 -67.04
CA VAL PA 129 31.75 93.65 -67.08
C VAL PA 129 32.96 94.54 -67.33
N ILE PA 130 32.86 95.43 -68.32
CA ILE PA 130 33.96 96.30 -68.71
C ILE PA 130 33.49 97.75 -68.68
N ILE PA 131 34.46 98.66 -68.68
CA ILE PA 131 34.22 100.09 -68.62
C ILE PA 131 34.96 100.76 -69.78
N LEU PA 132 34.25 101.62 -70.51
CA LEU PA 132 34.84 102.43 -71.57
C LEU PA 132 34.70 103.89 -71.19
N ASP PA 133 35.82 104.63 -71.26
CA ASP PA 133 35.85 106.02 -70.81
C ASP PA 133 36.43 106.96 -71.85
N ASN PA 134 36.72 108.20 -71.44
CA ASN PA 134 37.19 109.22 -72.38
C ASN PA 134 38.45 108.80 -73.12
N ASP PA 135 39.33 108.05 -72.46
CA ASP PA 135 40.58 107.64 -73.11
C ASP PA 135 40.34 106.65 -74.24
N ASP PA 136 39.34 105.78 -74.09
CA ASP PA 136 39.10 104.75 -75.10
C ASP PA 136 38.53 105.34 -76.38
N TYR PA 137 37.66 106.35 -76.26
CA TYR PA 137 36.95 106.90 -77.41
C TYR PA 137 37.87 107.73 -78.30
N SER PA 138 38.79 107.06 -78.99
CA SER PA 138 39.62 107.73 -79.97
C SER PA 138 38.81 108.00 -81.24
N SER PA 139 39.23 109.03 -81.98
CA SER PA 139 38.46 109.62 -83.07
C SER PA 139 37.11 110.14 -82.62
N THR PA 140 36.87 110.16 -81.30
CA THR PA 140 35.70 110.74 -80.64
C THR PA 140 34.41 110.00 -80.96
N ASN PA 141 34.46 108.94 -81.79
CA ASN PA 141 33.23 108.33 -82.27
C ASN PA 141 33.19 106.81 -82.25
N LYS PA 142 34.30 106.11 -82.00
CA LYS PA 142 34.26 104.65 -82.15
C LYS PA 142 35.26 103.97 -81.24
N ILE PA 143 34.94 102.72 -80.91
CA ILE PA 143 35.79 101.80 -80.15
C ILE PA 143 36.14 100.61 -81.03
N GLN PA 144 37.41 100.19 -80.98
CA GLN PA 144 37.88 99.01 -81.69
C GLN PA 144 38.38 98.00 -80.68
N LEU PA 145 37.84 96.77 -80.75
CA LEU PA 145 38.19 95.69 -79.84
C LEU PA 145 38.42 94.42 -80.64
N LYS PA 146 39.64 93.90 -80.63
CA LYS PA 146 39.92 92.60 -81.22
C LYS PA 146 39.79 91.49 -80.19
N VAL PA 147 39.61 90.27 -80.69
CA VAL PA 147 39.35 89.08 -79.89
C VAL PA 147 40.54 88.16 -79.98
N GLU PA 148 40.98 87.64 -78.83
CA GLU PA 148 42.10 86.70 -78.79
C GLU PA 148 41.62 85.40 -78.18
N ALA PA 149 41.94 84.29 -78.84
CA ALA PA 149 41.42 82.98 -78.47
C ALA PA 149 42.54 82.01 -78.11
N TYR PA 150 42.33 81.25 -77.04
CA TYR PA 150 43.18 80.12 -76.67
C TYR PA 150 42.27 78.91 -76.49
N TYR PA 151 42.72 77.75 -76.97
CA TYR PA 151 41.81 76.61 -77.05
C TYR PA 151 42.60 75.30 -77.01
N GLU PA 152 41.87 74.23 -76.69
CA GLU PA 152 42.33 72.86 -76.86
C GLU PA 152 41.14 72.02 -77.28
N ALA PA 153 41.27 71.33 -78.41
CA ALA PA 153 40.17 70.57 -78.98
C ALA PA 153 40.06 69.19 -78.33
N LYS PA 154 38.85 68.64 -78.35
CA LYS PA 154 38.62 67.30 -77.82
C LYS PA 154 39.31 66.26 -78.69
N GLU PA 155 39.66 65.13 -78.07
CA GLU PA 155 40.39 64.07 -78.75
C GLU PA 155 39.46 63.30 -79.68
N GLY PA 156 39.81 63.25 -80.95
CA GLY PA 156 39.08 62.42 -81.91
C GLY PA 156 37.72 62.93 -82.32
N MET PA 157 37.46 64.23 -82.19
CA MET PA 157 36.17 64.80 -82.54
C MET PA 157 36.33 65.60 -83.84
N LEU PA 158 35.47 65.31 -84.81
CA LEU PA 158 35.49 65.98 -86.10
C LEU PA 158 34.16 66.67 -86.34
N PHE PA 159 34.22 67.89 -86.86
CA PHE PA 159 33.02 68.70 -87.07
C PHE PA 159 33.36 69.84 -88.02
N ASP PA 160 32.33 70.55 -88.45
CA ASP PA 160 32.49 71.71 -89.31
C ASP PA 160 31.26 72.60 -89.19
N SER PA 161 31.43 73.87 -89.54
CA SER PA 161 30.35 74.86 -89.55
C SER PA 161 29.71 74.99 -88.16
N LEU PA 162 30.54 75.34 -87.17
CA LEU PA 162 30.06 75.55 -85.81
C LEU PA 162 30.21 77.01 -85.43
N PRO PA 163 29.13 77.71 -85.10
CA PRO PA 163 29.23 79.14 -84.80
C PRO PA 163 29.54 79.44 -83.35
N VAL PA 164 30.19 80.59 -83.15
CA VAL PA 164 30.47 81.14 -81.82
C VAL PA 164 29.79 82.50 -81.74
N ILE PA 165 29.01 82.72 -80.68
CA ILE PA 165 28.14 83.88 -80.56
C ILE PA 165 28.49 84.65 -79.31
N LEU PA 166 28.57 85.98 -79.43
CA LEU PA 166 28.77 86.87 -78.30
C LEU PA 166 27.63 87.87 -78.24
N ASN PA 167 27.26 88.27 -77.03
CA ASN PA 167 26.13 89.17 -76.80
C ASN PA 167 26.57 90.38 -76.00
N PHE PA 168 25.94 91.52 -76.25
CA PHE PA 168 26.23 92.77 -75.56
C PHE PA 168 24.96 93.33 -74.94
N GLN PA 169 25.09 93.88 -73.74
CA GLN PA 169 23.98 94.52 -73.05
C GLN PA 169 24.49 95.77 -72.33
N VAL PA 170 23.73 96.85 -72.44
CA VAL PA 170 24.07 98.13 -71.82
C VAL PA 170 23.47 98.19 -70.43
N LEU PA 171 24.29 98.51 -69.43
CA LEU PA 171 23.83 98.63 -68.06
C LEU PA 171 23.64 100.07 -67.62
N SER PA 172 24.50 100.98 -68.06
CA SER PA 172 24.39 102.39 -67.69
C SER PA 172 25.21 103.22 -68.68
N VAL PA 173 24.69 104.39 -69.01
CA VAL PA 173 25.37 105.33 -69.90
C VAL PA 173 25.26 106.73 -69.31
N SER PA 174 26.30 107.53 -69.53
CA SER PA 174 26.32 108.91 -69.02
C SER PA 174 27.13 109.81 -69.94
N THR QA 26 -38.52 141.76 -74.70
CA THR QA 26 -37.80 141.46 -73.46
C THR QA 26 -37.41 139.99 -73.43
N THR QA 27 -36.24 139.68 -73.97
CA THR QA 27 -35.73 138.32 -74.06
C THR QA 27 -34.40 138.22 -73.34
N GLN QA 28 -34.23 137.19 -72.52
CA GLN QA 28 -33.02 136.94 -71.77
C GLN QA 28 -32.23 135.82 -72.46
N SER QA 29 -30.97 136.09 -72.80
CA SER QA 29 -30.20 135.11 -73.55
C SER QA 29 -29.14 134.46 -72.65
N PRO QA 30 -28.88 133.16 -72.85
CA PRO QA 30 -27.83 132.51 -72.07
C PRO QA 30 -26.42 132.74 -72.59
N LEU QA 31 -26.27 133.15 -73.85
CA LEU QA 31 -24.98 133.54 -74.43
C LEU QA 31 -23.99 132.36 -74.45
N ASN QA 32 -24.45 131.21 -74.93
CA ASN QA 32 -23.59 130.04 -75.04
C ASN QA 32 -23.85 129.25 -76.32
N SER QA 33 -24.44 129.89 -77.33
CA SER QA 33 -24.78 129.22 -78.58
C SER QA 33 -23.69 129.44 -79.64
N PHE QA 34 -22.49 128.94 -79.35
CA PHE QA 34 -21.37 129.04 -80.26
C PHE QA 34 -20.61 127.72 -80.27
N TYR QA 35 -20.24 127.25 -81.47
CA TYR QA 35 -19.59 125.95 -81.59
C TYR QA 35 -18.60 125.98 -82.74
N ALA QA 36 -17.65 125.05 -82.70
CA ALA QA 36 -16.69 124.81 -83.77
C ALA QA 36 -16.35 123.33 -83.77
N THR QA 37 -16.16 122.76 -84.97
CA THR QA 37 -16.07 121.32 -85.14
C THR QA 37 -14.87 120.93 -85.99
N GLY QA 38 -14.19 119.86 -85.59
CA GLY QA 38 -13.14 119.25 -86.39
C GLY QA 38 -13.34 117.75 -86.55
N THR QA 39 -12.36 117.05 -87.12
CA THR QA 39 -12.49 115.62 -87.36
C THR QA 39 -11.14 114.95 -87.18
N ALA QA 40 -11.17 113.63 -86.98
CA ALA QA 40 -9.98 112.81 -86.86
C ALA QA 40 -10.29 111.39 -87.31
N GLN QA 41 -9.23 110.65 -87.65
CA GLN QA 41 -9.40 109.30 -88.15
C GLN QA 41 -8.09 108.53 -88.03
N ALA QA 42 -8.21 107.20 -88.12
CA ALA QA 42 -7.04 106.31 -88.17
C ALA QA 42 -7.49 105.01 -88.81
N VAL QA 43 -7.05 104.75 -90.04
CA VAL QA 43 -7.62 103.67 -90.84
C VAL QA 43 -6.55 102.72 -91.39
N GLN QA 44 -5.40 102.60 -90.72
CA GLN QA 44 -4.38 101.65 -91.18
C GLN QA 44 -3.50 101.23 -90.02
N GLU QA 45 -2.93 100.03 -90.15
CA GLU QA 45 -2.02 99.46 -89.16
C GLU QA 45 -0.63 100.06 -89.30
N PRO QA 46 0.14 100.09 -88.20
CA PRO QA 46 1.45 100.79 -88.25
C PRO QA 46 2.41 100.24 -89.29
N ILE QA 47 2.47 98.93 -89.49
CA ILE QA 47 3.48 98.33 -90.34
C ILE QA 47 2.84 97.38 -91.35
N ASP QA 48 3.60 97.10 -92.41
CA ASP QA 48 3.24 96.10 -93.41
C ASP QA 48 4.46 95.23 -93.65
N VAL QA 49 4.24 93.92 -93.80
CA VAL QA 49 5.34 92.96 -93.88
C VAL QA 49 5.19 92.14 -95.16
N GLU QA 50 6.29 92.00 -95.90
CA GLU QA 50 6.33 91.22 -97.13
C GLU QA 50 7.54 90.29 -97.09
N SER QA 51 7.37 89.06 -97.58
CA SER QA 51 8.36 88.01 -97.47
C SER QA 51 8.99 87.69 -98.82
N HIS QA 52 10.29 87.40 -98.80
CA HIS QA 52 11.03 87.00 -100.00
C HIS QA 52 12.00 85.86 -99.67
N LEU QA 53 11.54 84.87 -98.91
CA LEU QA 53 12.36 83.72 -98.55
C LEU QA 53 12.22 82.67 -99.65
N ASP QA 54 13.15 82.70 -100.61
CA ASP QA 54 13.09 81.84 -101.79
C ASP QA 54 14.35 80.99 -101.93
N ASN QA 55 14.80 80.40 -100.83
CA ASN QA 55 15.88 79.42 -100.85
C ASN QA 55 15.50 78.22 -100.00
N THR QA 56 16.02 77.06 -100.38
CA THR QA 56 15.66 75.80 -99.75
C THR QA 56 16.87 75.19 -99.06
N ILE QA 57 16.68 74.78 -97.80
CA ILE QA 57 17.69 74.02 -97.07
C ILE QA 57 17.62 72.59 -97.58
N ALA QA 58 18.58 72.20 -98.42
CA ALA QA 58 18.58 70.88 -99.07
C ALA QA 58 19.92 70.20 -98.86
N PRO QA 59 20.16 69.68 -97.65
CA PRO QA 59 21.35 68.86 -97.42
C PRO QA 59 21.05 67.38 -97.60
N ALA QA 60 22.10 66.57 -97.52
CA ALA QA 60 21.94 65.13 -97.48
C ALA QA 60 21.51 64.70 -96.07
N ALA QA 61 21.09 63.44 -95.97
CA ALA QA 61 20.61 62.92 -94.69
C ALA QA 61 21.76 62.83 -93.70
N GLY QA 62 21.59 63.46 -92.53
CA GLY QA 62 22.58 63.41 -91.48
C GLY QA 62 23.75 64.34 -91.64
N ALA QA 63 23.69 65.28 -92.58
CA ALA QA 63 24.81 66.17 -92.86
C ALA QA 63 24.74 67.43 -92.01
N GLN QA 64 25.89 68.06 -91.83
CA GLN QA 64 26.01 69.34 -91.13
C GLN QA 64 26.30 70.42 -92.17
N GLY QA 65 25.52 71.50 -92.13
CA GLY QA 65 25.58 72.45 -93.23
C GLY QA 65 25.59 73.93 -92.86
N TYR QA 66 25.40 74.76 -93.88
CA TYR QA 66 25.51 76.22 -93.76
C TYR QA 66 24.79 76.85 -94.96
N LYS QA 67 23.73 77.62 -94.71
CA LYS QA 67 22.87 78.06 -95.79
C LYS QA 67 22.25 79.41 -95.45
N ASP QA 68 21.98 80.19 -96.49
CA ASP QA 68 21.21 81.43 -96.39
C ASP QA 68 19.87 81.25 -97.09
N MET QA 69 18.90 82.09 -96.74
CA MET QA 69 17.52 81.86 -97.15
C MET QA 69 16.94 82.98 -98.02
N GLY QA 70 17.06 84.22 -97.59
CA GLY QA 70 16.43 85.33 -98.29
C GLY QA 70 16.34 86.54 -97.37
N TYR QA 71 15.38 87.41 -97.66
CA TYR QA 71 15.21 88.62 -96.86
C TYR QA 71 13.73 88.97 -96.75
N VAL QA 72 13.42 89.80 -95.76
CA VAL QA 72 12.04 90.19 -95.45
C VAL QA 72 11.97 91.71 -95.40
N LYS QA 73 10.90 92.27 -95.97
CA LYS QA 73 10.71 93.72 -96.04
C LYS QA 73 9.65 94.17 -95.05
N ILE QA 74 9.91 95.28 -94.37
CA ILE QA 74 8.99 95.88 -93.41
C ILE QA 74 8.75 97.32 -93.84
N ILE QA 75 7.48 97.74 -93.83
CA ILE QA 75 7.09 99.08 -94.27
C ILE QA 75 6.43 99.81 -93.11
N ASN QA 76 6.86 101.04 -92.87
CA ASN QA 76 6.39 101.86 -91.77
C ASN QA 76 5.69 103.11 -92.27
N TYR QA 77 4.62 103.50 -91.56
CA TYR QA 77 3.61 104.44 -92.04
C TYR QA 77 3.60 105.72 -91.20
N THR QA 78 2.58 106.55 -91.45
CA THR QA 78 2.57 107.93 -91.00
C THR QA 78 2.76 108.05 -89.50
N ASP QA 79 3.62 108.99 -89.09
CA ASP QA 79 3.86 109.36 -87.70
C ASP QA 79 4.44 108.20 -86.88
N VAL QA 80 5.15 107.29 -87.53
CA VAL QA 80 5.80 106.16 -86.87
C VAL QA 80 7.30 106.40 -86.90
N ASN QA 81 7.95 106.24 -85.75
CA ASN QA 81 9.40 106.43 -85.65
C ASN QA 81 10.12 105.23 -85.09
N VAL QA 82 9.56 104.57 -84.08
CA VAL QA 82 10.21 103.44 -83.41
C VAL QA 82 9.19 102.32 -83.27
N VAL QA 83 9.61 101.10 -83.59
CA VAL QA 83 8.74 99.92 -83.55
C VAL QA 83 9.41 98.84 -82.71
N LYS QA 84 8.65 98.23 -81.81
CA LYS QA 84 9.09 97.09 -81.01
C LYS QA 84 8.40 95.84 -81.52
N LEU QA 85 9.18 94.80 -81.81
CA LEU QA 85 8.66 93.61 -82.47
C LEU QA 85 9.06 92.36 -81.68
N LYS QA 86 8.25 91.32 -81.85
CA LYS QA 86 8.53 89.99 -81.29
C LYS QA 86 8.45 88.97 -82.42
N VAL QA 87 9.50 88.17 -82.56
CA VAL QA 87 9.60 87.18 -83.63
C VAL QA 87 9.72 85.80 -83.01
N THR QA 88 8.95 84.85 -83.51
CA THR QA 88 8.92 83.49 -82.97
C THR QA 88 8.81 82.49 -84.10
N LEU QA 89 9.16 81.24 -83.79
CA LEU QA 89 9.02 80.12 -84.71
C LEU QA 89 7.67 79.46 -84.44
N ALA QA 90 6.77 79.53 -85.42
CA ALA QA 90 5.40 79.07 -85.22
C ALA QA 90 5.30 77.55 -85.19
N ASN QA 91 6.08 76.86 -86.01
CA ASN QA 91 5.95 75.42 -86.14
C ASN QA 91 7.20 74.69 -85.66
N ALA QA 92 7.75 75.12 -84.53
CA ALA QA 92 8.95 74.48 -83.99
C ALA QA 92 8.69 73.04 -83.58
N ALA QA 93 7.48 72.75 -83.09
CA ALA QA 93 7.15 71.39 -82.66
C ALA QA 93 7.18 70.42 -83.83
N GLN QA 94 6.70 70.85 -84.99
CA GLN QA 94 6.69 69.98 -86.16
C GLN QA 94 8.09 69.68 -86.66
N LEU QA 95 9.01 70.65 -86.54
CA LEU QA 95 10.37 70.50 -87.05
C LEU QA 95 11.28 69.72 -86.12
N ARG QA 96 10.86 69.44 -84.89
CA ARG QA 96 11.72 68.73 -83.94
C ARG QA 96 12.13 67.34 -84.41
N PRO QA 97 11.24 66.46 -84.90
CA PRO QA 97 11.69 65.11 -85.29
C PRO QA 97 12.64 65.08 -86.47
N TYR QA 98 12.78 66.19 -87.21
CA TYR QA 98 13.60 66.21 -88.42
C TYR QA 98 14.99 66.79 -88.22
N PHE QA 99 15.26 67.43 -87.08
CA PHE QA 99 16.53 68.11 -86.88
C PHE QA 99 17.06 67.85 -85.48
N LYS QA 100 18.38 67.71 -85.38
CA LYS QA 100 19.03 67.74 -84.08
C LYS QA 100 19.12 69.17 -83.54
N TYR QA 101 19.43 70.13 -84.41
CA TYR QA 101 19.43 71.54 -84.02
C TYR QA 101 19.24 72.38 -85.28
N LEU QA 102 18.72 73.59 -85.07
CA LEU QA 102 18.49 74.53 -86.17
C LEU QA 102 18.47 75.93 -85.59
N GLN QA 103 19.34 76.80 -86.12
CA GLN QA 103 19.48 78.16 -85.61
C GLN QA 103 19.30 79.16 -86.74
N LEU QA 104 18.57 80.23 -86.47
CA LEU QA 104 18.32 81.29 -87.43
C LEU QA 104 18.92 82.59 -86.92
N VAL QA 105 19.63 83.30 -87.79
CA VAL QA 105 20.30 84.55 -87.46
C VAL QA 105 19.69 85.66 -88.29
N LEU QA 106 19.23 86.73 -87.63
CA LEU QA 106 18.61 87.87 -88.28
C LEU QA 106 19.53 89.09 -88.15
N THR QA 107 19.80 89.75 -89.27
CA THR QA 107 20.66 90.92 -89.29
C THR QA 107 19.98 92.06 -90.03
N SER QA 108 20.13 93.27 -89.50
CA SER QA 108 19.62 94.48 -90.15
C SER QA 108 20.75 95.05 -91.01
N ASN QA 109 20.42 95.37 -92.27
CA ASN QA 109 21.39 95.74 -93.29
C ASN QA 109 20.92 96.96 -94.08
N ALA QA 110 19.64 97.33 -93.94
CA ALA QA 110 19.04 98.34 -94.81
C ALA QA 110 19.84 99.64 -94.83
N SER QA 111 20.56 99.95 -93.75
CA SER QA 111 21.56 101.01 -93.74
C SER QA 111 22.90 100.43 -94.19
N SER QA 112 23.44 100.97 -95.28
CA SER QA 112 24.70 100.47 -95.81
C SER QA 112 25.87 100.73 -94.88
N THR QA 113 25.71 101.65 -93.92
CA THR QA 113 26.78 101.96 -92.97
C THR QA 113 26.69 101.14 -91.69
N VAL QA 114 25.49 100.74 -91.27
CA VAL QA 114 25.28 100.06 -90.00
C VAL QA 114 24.65 98.70 -90.29
N GLU QA 115 25.46 97.65 -90.28
CA GLU QA 115 24.99 96.27 -90.29
C GLU QA 115 24.97 95.75 -88.85
N GLU QA 116 23.83 95.20 -88.44
CA GLU QA 116 23.69 94.68 -87.08
C GLU QA 116 22.88 93.40 -87.06
N THR QA 117 23.38 92.40 -86.35
CA THR QA 117 22.61 91.21 -86.03
C THR QA 117 21.75 91.49 -84.80
N LYS QA 118 20.45 91.20 -84.91
CA LYS QA 118 19.50 91.57 -83.87
C LYS QA 118 19.05 90.41 -82.99
N ALA QA 119 18.86 89.22 -83.54
CA ALA QA 119 18.38 88.10 -82.73
C ALA QA 119 18.86 86.79 -83.33
N VAL QA 120 18.89 85.76 -82.48
CA VAL QA 120 19.20 84.40 -82.87
C VAL QA 120 18.07 83.51 -82.37
N LEU QA 121 17.46 82.74 -83.27
CA LEU QA 121 16.36 81.85 -82.93
C LEU QA 121 16.80 80.40 -83.04
N SER QA 122 16.22 79.55 -82.19
CA SER QA 122 16.56 78.14 -82.17
C SER QA 122 15.32 77.34 -81.79
N LEU QA 123 15.43 76.02 -81.92
CA LEU QA 123 14.31 75.14 -81.59
C LEU QA 123 14.06 75.06 -80.09
N LYS QA 124 15.06 75.39 -79.26
CA LYS QA 124 14.89 75.38 -77.82
C LYS QA 124 14.43 76.73 -77.27
N LYS QA 125 14.82 77.82 -77.91
CA LYS QA 125 14.39 79.17 -77.53
C LYS QA 125 13.85 79.85 -78.77
N PRO QA 126 12.57 79.64 -79.09
CA PRO QA 126 12.05 80.09 -80.39
C PRO QA 126 11.73 81.56 -80.50
N SER QA 127 11.65 82.29 -79.39
CA SER QA 127 11.16 83.67 -79.39
C SER QA 127 12.27 84.65 -79.04
N ALA QA 128 12.15 85.86 -79.59
CA ALA QA 128 13.10 86.93 -79.32
C ALA QA 128 12.40 88.27 -79.53
N VAL QA 129 12.97 89.31 -78.94
CA VAL QA 129 12.44 90.67 -79.03
C VAL QA 129 13.54 91.57 -79.56
N ILE QA 130 13.22 92.36 -80.59
CA ILE QA 130 14.17 93.23 -81.25
C ILE QA 130 13.64 94.65 -81.27
N ILE QA 131 14.55 95.60 -81.52
CA ILE QA 131 14.24 97.02 -81.55
C ILE QA 131 14.71 97.60 -82.87
N LEU QA 132 13.84 98.35 -83.54
CA LEU QA 132 14.19 99.09 -84.76
C LEU QA 132 14.04 100.57 -84.48
N ASP QA 133 15.08 101.34 -84.82
CA ASP QA 133 15.12 102.76 -84.50
C ASP QA 133 15.43 103.62 -85.72
N ASN QA 134 15.73 104.91 -85.48
CA ASN QA 134 15.96 105.85 -86.57
C ASN QA 134 17.09 105.41 -87.49
N ASP QA 135 18.12 104.76 -86.95
CA ASP QA 135 19.25 104.35 -87.78
C ASP QA 135 18.86 103.23 -88.75
N ASP QA 136 17.96 102.35 -88.35
CA ASP QA 136 17.60 101.21 -89.20
C ASP QA 136 16.78 101.66 -90.39
N TYR QA 137 15.89 102.64 -90.20
CA TYR QA 137 14.96 103.05 -91.24
C TYR QA 137 15.64 103.82 -92.36
N SER QA 138 16.47 103.13 -93.15
CA SER QA 138 17.07 103.73 -94.33
C SER QA 138 16.03 103.85 -95.44
N SER QA 139 16.25 104.81 -96.33
CA SER QA 139 15.27 105.26 -97.32
C SER QA 139 13.99 105.77 -96.67
N THR QA 140 13.99 105.91 -95.34
CA THR QA 140 12.93 106.50 -94.53
C THR QA 140 11.64 105.69 -94.54
N ASN QA 141 11.61 104.56 -95.26
CA ASN QA 141 10.35 103.86 -95.44
C ASN QA 141 10.40 102.33 -95.29
N LYS QA 142 11.57 101.71 -95.20
CA LYS QA 142 11.58 100.25 -95.20
C LYS QA 142 12.77 99.70 -94.44
N ILE QA 143 12.59 98.47 -93.94
CA ILE QA 143 13.60 97.67 -93.27
C ILE QA 143 13.86 96.41 -94.09
N GLN QA 144 15.13 96.05 -94.24
CA GLN QA 144 15.54 94.82 -94.92
C GLN QA 144 16.27 93.93 -93.94
N LEU QA 145 15.80 92.69 -93.80
CA LEU QA 145 16.37 91.71 -92.87
C LEU QA 145 16.51 90.38 -93.59
N LYS QA 146 17.75 89.92 -93.76
CA LYS QA 146 17.99 88.58 -94.27
C LYS QA 146 18.11 87.56 -93.14
N VAL QA 147 17.91 86.30 -93.50
CA VAL QA 147 17.87 85.19 -92.55
C VAL QA 147 19.08 84.30 -92.77
N GLU QA 148 19.75 83.92 -91.69
CA GLU QA 148 20.90 83.03 -91.78
C GLU QA 148 20.61 81.78 -90.97
N ALA QA 149 20.88 80.62 -91.58
CA ALA QA 149 20.50 79.33 -91.01
C ALA QA 149 21.72 78.45 -90.78
N TYR QA 150 21.75 77.78 -89.63
CA TYR QA 150 22.71 76.73 -89.32
C TYR QA 150 21.93 75.51 -88.86
N TYR QA 151 22.34 74.33 -89.33
CA TYR QA 151 21.51 73.15 -89.13
C TYR QA 151 22.35 71.89 -89.13
N GLU QA 152 21.76 70.82 -88.57
CA GLU QA 152 22.26 69.46 -88.71
C GLU QA 152 21.05 68.54 -88.84
N ALA QA 153 21.02 67.75 -89.90
CA ALA QA 153 19.88 66.89 -90.19
C ALA QA 153 19.97 65.58 -89.41
N LYS QA 154 18.81 64.98 -89.16
CA LYS QA 154 18.75 63.69 -88.48
C LYS QA 154 19.33 62.60 -89.38
N GLU QA 155 19.85 61.55 -88.74
CA GLU QA 155 20.51 60.46 -89.44
C GLU QA 155 19.47 59.56 -90.10
N GLY QA 156 19.59 59.40 -91.42
CA GLY QA 156 18.75 58.46 -92.13
C GLY QA 156 17.31 58.88 -92.33
N MET QA 157 17.01 60.17 -92.27
CA MET QA 157 15.64 60.66 -92.43
C MET QA 157 15.51 61.33 -93.80
N LEU QA 158 14.52 60.92 -94.57
CA LEU QA 158 14.27 61.45 -95.90
C LEU QA 158 12.87 62.07 -95.94
N PHE QA 159 12.77 63.23 -96.58
CA PHE QA 159 11.52 63.97 -96.64
C PHE QA 159 11.61 65.03 -97.72
N ASP QA 160 10.48 65.65 -98.02
CA ASP QA 160 10.43 66.73 -98.99
C ASP QA 160 9.19 67.57 -98.72
N SER QA 161 9.22 68.81 -99.21
CA SER QA 161 8.10 69.75 -99.10
C SER QA 161 7.72 69.99 -97.64
N LEU QA 162 8.68 70.47 -96.86
CA LEU QA 162 8.45 70.77 -95.45
C LEU QA 162 8.58 72.28 -95.23
N PRO QA 163 7.54 72.97 -94.77
CA PRO QA 163 7.60 74.42 -94.63
C PRO QA 163 8.16 74.87 -93.29
N VAL QA 164 8.76 76.06 -93.31
CA VAL QA 164 9.24 76.75 -92.12
C VAL QA 164 8.52 78.09 -92.03
N ILE QA 165 7.93 78.37 -90.87
CA ILE QA 165 7.03 79.50 -90.69
C ILE QA 165 7.56 80.40 -89.59
N LEU QA 166 7.55 81.70 -89.84
CA LEU QA 166 7.90 82.71 -88.85
C LEU QA 166 6.72 83.67 -88.68
N ASN QA 167 6.55 84.18 -87.46
CA ASN QA 167 5.44 85.04 -87.11
C ASN QA 167 5.94 86.35 -86.50
N PHE QA 168 5.21 87.43 -86.74
CA PHE QA 168 5.56 88.75 -86.23
C PHE QA 168 4.38 89.32 -85.44
N GLN QA 169 4.70 89.99 -84.33
CA GLN QA 169 3.70 90.65 -83.51
C GLN QA 169 4.26 91.98 -83.01
N VAL QA 170 3.43 93.01 -83.06
CA VAL QA 170 3.81 94.36 -82.64
C VAL QA 170 3.46 94.53 -81.17
N LEU QA 171 4.43 94.97 -80.38
CA LEU QA 171 4.21 95.20 -78.96
C LEU QA 171 4.02 96.68 -78.61
N SER QA 172 4.74 97.58 -79.29
CA SER QA 172 4.63 99.01 -79.03
C SER QA 172 5.20 99.77 -80.21
N VAL QA 173 4.57 100.89 -80.55
CA VAL QA 173 5.02 101.76 -81.63
C VAL QA 173 4.95 103.20 -81.15
N SER QA 174 5.87 104.02 -81.62
CA SER QA 174 5.90 105.43 -81.26
C SER QA 174 6.49 106.27 -82.39
N THR RA 26 -60.64 135.01 -77.77
CA THR RA 26 -59.71 134.86 -76.66
C THR RA 26 -59.22 133.41 -76.57
N THR RA 27 -58.15 133.10 -77.30
CA THR RA 27 -57.60 131.75 -77.34
C THR RA 27 -56.15 131.78 -76.89
N GLN RA 28 -55.79 130.83 -76.02
CA GLN RA 28 -54.44 130.71 -75.49
C GLN RA 28 -53.74 129.57 -76.21
N SER RA 29 -52.57 129.85 -76.80
CA SER RA 29 -51.89 128.84 -77.59
C SER RA 29 -50.65 128.32 -76.85
N PRO RA 30 -50.35 127.01 -76.98
CA PRO RA 30 -49.14 126.48 -76.34
C PRO RA 30 -47.87 126.72 -77.13
N LEU RA 31 -47.97 127.01 -78.43
CA LEU RA 31 -46.84 127.39 -79.27
C LEU RA 31 -45.80 126.26 -79.36
N ASN RA 32 -46.28 125.04 -79.65
CA ASN RA 32 -45.38 123.90 -79.81
C ASN RA 32 -45.82 122.99 -80.95
N SER RA 33 -46.62 123.50 -81.88
CA SER RA 33 -47.14 122.70 -82.99
C SER RA 33 -46.27 122.86 -84.25
N PHE RA 34 -45.01 122.44 -84.14
CA PHE RA 34 -44.08 122.49 -85.26
C PHE RA 34 -43.25 121.22 -85.29
N TYR RA 35 -43.09 120.63 -86.47
CA TYR RA 35 -42.39 119.36 -86.61
C TYR RA 35 -41.63 119.31 -87.92
N ALA RA 36 -40.64 118.43 -87.97
CA ALA RA 36 -39.87 118.13 -89.17
C ALA RA 36 -39.47 116.67 -89.11
N THR RA 37 -39.46 116.00 -90.27
CA THR RA 37 -39.31 114.55 -90.32
C THR RA 37 -38.27 114.13 -91.35
N GLY RA 38 -37.47 113.13 -90.99
CA GLY RA 38 -36.55 112.49 -91.91
C GLY RA 38 -36.69 110.98 -91.88
N THR RA 39 -35.79 110.26 -92.56
CA THR RA 39 -35.88 108.81 -92.64
C THR RA 39 -34.48 108.21 -92.66
N ALA RA 40 -34.41 106.91 -92.36
CA ALA RA 40 -33.16 106.17 -92.38
C ALA RA 40 -33.47 104.70 -92.65
N GLN RA 41 -32.45 103.97 -93.11
CA GLN RA 41 -32.64 102.56 -93.44
C GLN RA 41 -31.28 101.87 -93.50
N ALA RA 42 -31.33 100.53 -93.45
CA ALA RA 42 -30.15 99.69 -93.63
C ALA RA 42 -30.63 98.31 -94.06
N VAL RA 43 -30.40 97.96 -95.33
CA VAL RA 43 -31.04 96.79 -95.91
C VAL RA 43 -30.03 95.83 -96.57
N GLN RA 44 -28.78 95.82 -96.10
CA GLN RA 44 -27.82 94.87 -96.65
C GLN RA 44 -26.72 94.60 -95.64
N GLU RA 45 -26.12 93.41 -95.78
CA GLU RA 45 -25.01 92.98 -94.92
C GLU RA 45 -23.70 93.62 -95.36
N PRO RA 46 -22.75 93.78 -94.44
CA PRO RA 46 -21.51 94.51 -94.78
C PRO RA 46 -20.72 93.92 -95.94
N ILE RA 47 -20.64 92.59 -96.03
CA ILE RA 47 -19.75 91.95 -97.00
C ILE RA 47 -20.51 90.89 -97.78
N ASP RA 48 -19.94 90.54 -98.93
CA ASP RA 48 -20.41 89.43 -99.75
C ASP RA 48 -19.21 88.59 -100.14
N VAL RA 49 -19.38 87.26 -100.15
CA VAL RA 49 -18.27 86.34 -100.33
C VAL RA 49 -18.59 85.40 -101.48
N GLU RA 50 -17.63 85.23 -102.40
CA GLU RA 50 -17.78 84.34 -103.54
C GLU RA 50 -16.53 83.46 -103.64
N SER RA 51 -16.72 82.19 -103.99
CA SER RA 51 -15.66 81.19 -103.97
C SER RA 51 -15.27 80.77 -105.37
N HIS RA 52 -13.97 80.54 -105.58
CA HIS RA 52 -13.44 80.05 -106.84
C HIS RA 52 -12.37 78.99 -106.60
N LEU RA 53 -12.62 78.06 -105.68
CA LEU RA 53 -11.68 76.98 -105.38
C LEU RA 53 -11.96 75.83 -106.34
N ASP RA 54 -11.22 75.80 -107.45
CA ASP RA 54 -11.44 74.83 -108.52
C ASP RA 54 -10.19 74.02 -108.82
N ASN RA 55 -9.51 73.56 -107.77
CA ASN RA 55 -8.39 72.63 -107.92
C ASN RA 55 -8.55 71.50 -106.90
N THR RA 56 -8.04 70.33 -107.25
CA THR RA 56 -8.22 69.11 -106.47
C THR RA 56 -6.87 68.62 -105.96
N ILE RA 57 -6.81 68.34 -104.66
CA ILE RA 57 -5.64 67.69 -104.07
C ILE RA 57 -5.72 66.21 -104.42
N ALA RA 58 -4.90 65.79 -105.38
CA ALA RA 58 -4.95 64.41 -105.91
C ALA RA 58 -3.56 63.80 -105.88
N PRO RA 59 -3.08 63.42 -104.72
CA PRO RA 59 -1.82 62.67 -104.63
C PRO RA 59 -2.06 61.16 -104.62
N ALA RA 60 -0.96 60.42 -104.66
CA ALA RA 60 -1.04 58.98 -104.46
C ALA RA 60 -1.18 58.67 -102.97
N ALA RA 61 -1.51 57.41 -102.68
CA ALA RA 61 -1.71 56.99 -101.30
C ALA RA 61 -0.40 57.05 -100.52
N GLY RA 62 -0.40 57.78 -99.41
CA GLY RA 62 0.77 57.86 -98.56
C GLY RA 62 1.83 58.83 -99.01
N ALA RA 63 1.56 59.66 -100.01
CA ALA RA 63 2.56 60.56 -100.56
C ALA RA 63 2.55 61.90 -99.83
N GLN RA 64 3.69 62.59 -99.91
CA GLN RA 64 3.86 63.93 -99.37
C GLN RA 64 3.90 64.92 -100.53
N GLY RA 65 3.08 65.97 -100.45
CA GLY RA 65 2.89 66.81 -101.61
C GLY RA 65 2.88 68.31 -101.39
N TYR RA 66 2.46 69.04 -102.43
CA TYR RA 66 2.51 70.50 -102.46
C TYR RA 66 1.55 70.98 -103.55
N LYS RA 67 0.52 71.73 -103.18
CA LYS RA 67 -0.54 72.03 -104.12
C LYS RA 67 -1.17 73.39 -103.79
N ASP RA 68 -1.68 74.05 -104.82
CA ASP RA 68 -2.48 75.26 -104.69
C ASP RA 68 -3.91 74.96 -105.12
N MET RA 69 -4.85 75.79 -104.67
CA MET RA 69 -6.27 75.47 -104.80
C MET RA 69 -7.06 76.48 -105.65
N GLY RA 70 -6.93 77.76 -105.35
CA GLY RA 70 -7.74 78.77 -106.02
C GLY RA 70 -7.73 80.05 -105.22
N TYR RA 71 -8.77 80.86 -105.39
CA TYR RA 71 -8.86 82.14 -104.69
C TYR RA 71 -10.31 82.43 -104.34
N VAL RA 72 -10.49 83.34 -103.38
CA VAL RA 72 -11.81 83.71 -102.86
C VAL RA 72 -11.95 85.22 -102.93
N LYS RA 73 -13.14 85.68 -103.33
CA LYS RA 73 -13.42 87.10 -103.49
C LYS RA 73 -14.32 87.61 -102.37
N ILE RA 74 -13.98 88.79 -101.85
CA ILE RA 74 -14.75 89.45 -100.80
C ILE RA 74 -15.15 90.83 -101.30
N ILE RA 75 -16.42 91.19 -101.10
CA ILE RA 75 -16.96 92.46 -101.58
C ILE RA 75 -17.43 93.28 -100.38
N ASN RA 76 -17.04 94.55 -100.34
CA ASN RA 76 -17.35 95.45 -99.23
C ASN RA 76 -18.21 96.61 -99.71
N TYR RA 77 -19.15 97.03 -98.85
CA TYR RA 77 -20.27 97.87 -99.23
C TYR RA 77 -20.21 99.22 -98.51
N THR RA 78 -21.30 99.98 -98.64
CA THR RA 78 -21.32 101.41 -98.32
C THR RA 78 -20.86 101.67 -96.89
N ASP RA 79 -20.00 102.68 -96.73
CA ASP RA 79 -19.53 103.20 -95.45
C ASP RA 79 -18.75 102.15 -94.66
N VAL RA 80 -18.12 101.21 -95.34
CA VAL RA 80 -17.30 100.17 -94.72
C VAL RA 80 -15.83 100.46 -95.04
N ASN RA 81 -14.98 100.45 -94.02
CA ASN RA 81 -13.56 100.70 -94.22
C ASN RA 81 -12.67 99.58 -93.68
N VAL RA 82 -13.01 99.01 -92.53
CA VAL RA 82 -12.19 97.97 -91.90
C VAL RA 82 -13.11 96.82 -91.47
N VAL RA 83 -12.68 95.60 -91.76
CA VAL RA 83 -13.45 94.39 -91.45
C VAL RA 83 -12.58 93.43 -90.66
N LYS RA 84 -13.14 92.89 -89.58
CA LYS RA 84 -12.50 91.85 -88.79
C LYS RA 84 -13.21 90.52 -89.05
N LEU RA 85 -12.43 89.50 -89.39
CA LEU RA 85 -12.99 88.23 -89.83
C LEU RA 85 -12.39 87.07 -89.02
N LYS RA 86 -13.15 85.99 -88.95
CA LYS RA 86 -12.70 84.74 -88.33
C LYS RA 86 -12.93 83.61 -89.33
N VAL RA 87 -11.88 82.85 -89.60
CA VAL RA 87 -11.91 81.76 -90.57
C VAL RA 87 -11.59 80.45 -89.86
N THR RA 88 -12.40 79.43 -90.14
CA THR RA 88 -12.25 78.13 -89.48
C THR RA 88 -12.51 77.01 -90.48
N LEU RA 89 -12.04 75.82 -90.12
CA LEU RA 89 -12.28 74.61 -90.91
C LEU RA 89 -13.51 73.93 -90.34
N ALA RA 90 -14.58 73.86 -91.14
CA ALA RA 90 -15.86 73.38 -90.64
C ALA RA 90 -15.88 71.86 -90.46
N ASN RA 91 -15.21 71.13 -91.35
CA ASN RA 91 -15.29 69.67 -91.32
C ASN RA 91 -13.93 69.05 -91.03
N ALA RA 92 -13.21 69.61 -90.05
CA ALA RA 92 -11.90 69.07 -89.69
C ALA RA 92 -12.00 67.66 -89.11
N ALA RA 93 -13.09 67.37 -88.38
CA ALA RA 93 -13.25 66.05 -87.78
C ALA RA 93 -13.38 64.97 -88.84
N GLN RA 94 -14.09 65.27 -89.93
CA GLN RA 94 -14.26 64.28 -91.01
C GLN RA 94 -12.94 64.01 -91.73
N LEU RA 95 -12.09 65.01 -91.86
CA LEU RA 95 -10.83 64.87 -92.59
C LEU RA 95 -9.72 64.21 -91.78
N ARG RA 96 -9.91 64.04 -90.47
CA ARG RA 96 -8.85 63.46 -89.65
C ARG RA 96 -8.44 62.04 -90.06
N PRO RA 97 -9.36 61.09 -90.29
CA PRO RA 97 -8.92 59.73 -90.65
C PRO RA 97 -8.20 59.63 -91.97
N TYR RA 98 -8.24 60.67 -92.81
CA TYR RA 98 -7.66 60.60 -94.15
C TYR RA 98 -6.30 61.24 -94.27
N PHE RA 99 -5.85 62.01 -93.26
CA PHE RA 99 -4.61 62.76 -93.36
C PHE RA 99 -3.83 62.65 -92.06
N LYS RA 100 -2.50 62.58 -92.19
CA LYS RA 100 -1.63 62.76 -91.03
C LYS RA 100 -1.53 64.23 -90.66
N TYR RA 101 -1.43 65.12 -91.64
CA TYR RA 101 -1.44 66.55 -91.39
C TYR RA 101 -1.90 67.26 -92.66
N LEU RA 102 -2.45 68.46 -92.48
CA LEU RA 102 -2.92 69.28 -93.58
C LEU RA 102 -2.92 70.73 -93.14
N GLN RA 103 -2.21 71.58 -93.89
CA GLN RA 103 -2.06 72.98 -93.53
C GLN RA 103 -2.48 73.85 -94.70
N LEU RA 104 -3.21 74.92 -94.40
CA LEU RA 104 -3.70 75.88 -95.38
C LEU RA 104 -3.10 77.24 -95.11
N VAL RA 105 -2.59 77.89 -96.16
CA VAL RA 105 -1.94 79.19 -96.06
C VAL RA 105 -2.76 80.19 -96.86
N LEU RA 106 -3.14 81.29 -96.22
CA LEU RA 106 -3.93 82.35 -96.85
C LEU RA 106 -3.08 83.60 -96.99
N THR RA 107 -3.05 84.16 -98.20
CA THR RA 107 -2.28 85.36 -98.48
C THR RA 107 -3.14 86.40 -99.18
N SER RA 108 -2.97 87.66 -98.79
CA SER RA 108 -3.65 88.77 -99.45
C SER RA 108 -2.74 89.30 -100.55
N ASN RA 109 -3.30 89.49 -101.74
CA ASN RA 109 -2.55 89.80 -102.95
C ASN RA 109 -3.22 90.92 -103.74
N ALA RA 110 -4.47 91.25 -103.42
CA ALA RA 110 -5.28 92.15 -104.24
C ALA RA 110 -4.57 93.48 -104.52
N SER RA 111 -3.69 93.90 -103.62
CA SER RA 111 -2.75 95.00 -103.88
C SER RA 111 -1.49 94.45 -104.52
N SER RA 112 -1.19 94.90 -105.74
CA SER RA 112 -0.03 94.40 -106.45
C SER RA 112 1.28 94.79 -105.77
N THR RA 113 1.25 95.79 -104.89
CA THR RA 113 2.44 96.23 -104.18
C THR RA 113 2.63 95.53 -102.84
N VAL RA 114 1.55 95.13 -102.18
CA VAL RA 114 1.62 94.56 -100.83
C VAL RA 114 1.02 93.16 -100.87
N GLU RA 115 1.89 92.15 -100.93
CA GLU RA 115 1.49 90.76 -100.72
C GLU RA 115 1.76 90.38 -99.27
N GLU RA 116 0.75 89.82 -98.60
CA GLU RA 116 0.89 89.44 -97.20
C GLU RA 116 0.17 88.14 -96.92
N THR RA 117 0.84 87.23 -96.23
CA THR RA 117 0.21 86.05 -95.67
C THR RA 117 -0.44 86.40 -94.33
N LYS RA 118 -1.70 86.05 -94.18
CA LYS RA 118 -2.49 86.48 -93.01
C LYS RA 118 -2.70 85.41 -91.97
N ALA RA 119 -2.91 84.16 -92.36
CA ALA RA 119 -3.18 83.11 -91.39
C ALA RA 119 -2.75 81.76 -91.95
N VAL RA 120 -2.50 80.83 -91.03
CA VAL RA 120 -2.20 79.44 -91.35
C VAL RA 120 -3.16 78.56 -90.57
N LEU RA 121 -3.88 77.69 -91.27
CA LEU RA 121 -4.85 76.80 -90.66
C LEU RA 121 -4.35 75.36 -90.72
N SER RA 122 -4.73 74.57 -89.72
CA SER RA 122 -4.30 73.18 -89.63
C SER RA 122 -5.40 72.38 -88.96
N LEU RA 123 -5.25 71.05 -88.99
CA LEU RA 123 -6.24 70.17 -88.38
C LEU RA 123 -6.21 70.22 -86.86
N LYS RA 124 -5.10 70.66 -86.27
CA LYS RA 124 -5.01 70.79 -84.82
C LYS RA 124 -5.44 72.16 -84.32
N LYS RA 125 -5.23 73.21 -85.11
CA LYS RA 125 -5.66 74.57 -84.78
C LYS RA 125 -6.45 75.10 -85.96
N PRO RA 126 -7.76 74.81 -86.02
CA PRO RA 126 -8.52 75.10 -87.24
C PRO RA 126 -8.94 76.56 -87.40
N SER RA 127 -8.86 77.39 -86.36
CA SER RA 127 -9.42 78.73 -86.41
C SER RA 127 -8.32 79.78 -86.35
N ALA RA 128 -8.60 80.93 -86.98
CA ALA RA 128 -7.70 82.06 -86.97
C ALA RA 128 -8.49 83.34 -87.17
N VAL RA 129 -7.88 84.46 -86.78
CA VAL RA 129 -8.49 85.78 -86.89
C VAL RA 129 -7.56 86.67 -87.70
N ILE RA 130 -8.11 87.35 -88.72
CA ILE RA 130 -7.34 88.18 -89.62
C ILE RA 130 -7.95 89.58 -89.66
N ILE RA 131 -7.15 90.53 -90.16
CA ILE RA 131 -7.55 91.93 -90.25
C ILE RA 131 -7.34 92.40 -91.69
N LEU RA 132 -8.36 93.04 -92.25
CA LEU RA 132 -8.28 93.67 -93.56
C LEU RA 132 -8.46 95.17 -93.40
N ASP RA 133 -7.55 95.94 -93.98
CA ASP RA 133 -7.54 97.39 -93.82
C ASP RA 133 -7.48 98.14 -95.14
N ASN RA 134 -7.22 99.44 -95.08
CA ASN RA 134 -7.25 100.29 -96.26
C ASN RA 134 -6.27 99.82 -97.33
N ASP RA 135 -5.14 99.25 -96.94
CA ASP RA 135 -4.15 98.81 -97.92
C ASP RA 135 -4.64 97.60 -98.70
N ASP RA 136 -5.41 96.71 -98.06
CA ASP RA 136 -5.85 95.49 -98.73
C ASP RA 136 -6.90 95.78 -99.79
N TYR RA 137 -7.78 96.74 -99.52
CA TYR RA 137 -8.91 97.02 -100.40
C TYR RA 137 -8.47 97.70 -101.69
N SER RA 138 -7.77 96.97 -102.56
CA SER RA 138 -7.44 97.48 -103.88
C SER RA 138 -8.65 97.45 -104.78
N SER RA 139 -8.66 98.33 -105.78
CA SER RA 139 -9.82 98.64 -106.61
C SER RA 139 -10.99 99.16 -105.77
N THR RA 140 -10.76 99.42 -104.49
CA THR RA 140 -11.69 100.05 -103.55
C THR RA 140 -12.91 99.18 -103.25
N ASN RA 141 -13.01 98.00 -103.85
CA ASN RA 141 -14.24 97.23 -103.74
C ASN RA 141 -14.07 95.73 -103.47
N LYS RA 142 -12.87 95.17 -103.54
CA LYS RA 142 -12.78 93.72 -103.42
C LYS RA 142 -11.44 93.28 -102.83
N ILE RA 143 -11.47 92.10 -102.22
CA ILE RA 143 -10.30 91.40 -101.67
C ILE RA 143 -10.12 90.09 -102.41
N GLN RA 144 -8.88 89.77 -102.76
CA GLN RA 144 -8.54 88.50 -103.40
C GLN RA 144 -7.59 87.74 -102.48
N LEU RA 145 -7.96 86.50 -102.16
CA LEU RA 145 -7.18 85.64 -101.27
C LEU RA 145 -7.09 84.24 -101.88
N LYS RA 146 -5.88 83.82 -102.23
CA LYS RA 146 -5.66 82.45 -102.65
C LYS RA 146 -5.29 81.55 -101.49
N VAL RA 147 -5.47 80.25 -101.68
CA VAL RA 147 -5.28 79.24 -100.65
C VAL RA 147 -4.08 78.38 -101.02
N GLU RA 148 -3.21 78.12 -100.04
CA GLU RA 148 -2.04 77.29 -100.27
C GLU RA 148 -2.10 76.10 -99.32
N ALA RA 149 -1.90 74.91 -99.86
CA ALA RA 149 -2.09 73.67 -99.11
C ALA RA 149 -0.80 72.86 -99.04
N TYR RA 150 -0.53 72.31 -97.86
CA TYR RA 150 0.53 71.33 -97.64
C TYR RA 150 -0.09 70.13 -96.94
N TYR RA 151 0.30 68.92 -97.37
CA TYR RA 151 -0.41 67.73 -96.92
C TYR RA 151 0.49 66.51 -96.96
N GLU RA 152 0.07 65.49 -96.21
CA GLU RA 152 0.60 64.14 -96.32
C GLU RA 152 -0.55 63.17 -96.14
N ALA RA 153 -0.72 62.27 -97.11
CA ALA RA 153 -1.85 61.35 -97.10
C ALA RA 153 -1.55 60.13 -96.25
N LYS RA 154 -2.61 59.51 -95.73
CA LYS RA 154 -2.47 58.29 -94.95
C LYS RA 154 -2.01 57.14 -95.83
N GLU RA 155 -1.32 56.18 -95.20
CA GLU RA 155 -0.73 55.05 -95.91
C GLU RA 155 -1.83 54.05 -96.30
N GLY RA 156 -1.94 53.77 -97.59
CA GLY RA 156 -2.83 52.73 -98.06
C GLY RA 156 -4.31 53.07 -98.03
N MET RA 157 -4.67 54.35 -98.02
CA MET RA 157 -6.07 54.77 -97.98
C MET RA 157 -6.48 55.30 -99.34
N LEU RA 158 -7.57 54.77 -99.87
CA LEU RA 158 -8.08 55.16 -101.18
C LEU RA 158 -9.50 55.72 -101.03
N PHE RA 159 -9.77 56.81 -101.73
CA PHE RA 159 -11.06 57.49 -101.62
C PHE RA 159 -11.21 58.44 -102.80
N ASP RA 160 -12.42 58.99 -102.93
CA ASP RA 160 -12.71 59.96 -103.96
C ASP RA 160 -13.93 60.78 -103.55
N SER RA 161 -14.05 61.97 -104.14
CA SER RA 161 -15.18 62.86 -103.90
C SER RA 161 -15.31 63.23 -102.43
N LEU RA 162 -14.25 63.82 -101.88
CA LEU RA 162 -14.23 64.26 -100.49
C LEU RA 162 -14.15 65.78 -100.43
N PRO RA 163 -15.14 66.46 -99.86
CA PRO RA 163 -15.12 67.92 -99.85
C PRO RA 163 -14.37 68.53 -98.68
N VAL RA 164 -13.85 69.73 -98.92
CA VAL RA 164 -13.20 70.54 -97.90
C VAL RA 164 -13.96 71.85 -97.80
N ILE RA 165 -14.35 72.22 -96.58
CA ILE RA 165 -15.27 73.32 -96.34
C ILE RA 165 -14.60 74.36 -95.44
N LEU RA 166 -14.74 75.63 -95.80
CA LEU RA 166 -14.28 76.75 -94.99
C LEU RA 166 -15.45 77.67 -94.68
N ASN RA 167 -15.42 78.28 -93.50
CA ASN RA 167 -16.51 79.13 -93.02
C ASN RA 167 -15.97 80.50 -92.63
N PHE RA 168 -16.79 81.53 -92.84
CA PHE RA 168 -16.44 82.91 -92.51
C PHE RA 168 -17.48 83.51 -91.57
N GLN RA 169 -17.01 84.28 -90.61
CA GLN RA 169 -17.88 84.99 -89.67
C GLN RA 169 -17.31 86.37 -89.40
N VAL RA 170 -18.19 87.37 -89.39
CA VAL RA 170 -17.82 88.76 -89.17
C VAL RA 170 -17.92 89.06 -87.68
N LEU RA 171 -16.85 89.61 -87.12
CA LEU RA 171 -16.82 89.98 -85.71
C LEU RA 171 -17.02 91.47 -85.47
N SER RA 172 -16.49 92.33 -86.34
CA SER RA 172 -16.64 93.77 -86.19
C SER RA 172 -16.33 94.43 -87.53
N VAL RA 173 -17.08 95.49 -87.83
CA VAL RA 173 -16.87 96.27 -89.04
C VAL RA 173 -16.94 97.74 -88.69
N SER RA 174 -16.16 98.55 -89.40
CA SER RA 174 -16.14 99.99 -89.17
C SER RA 174 -15.82 100.74 -90.46
N THR SA 26 -82.54 127.12 -76.10
CA THR SA 26 -81.41 127.12 -75.18
C THR SA 26 -80.85 125.70 -75.05
N THR SA 27 -79.91 125.36 -75.93
CA THR SA 27 -79.29 124.05 -75.96
C THR SA 27 -77.79 124.17 -75.78
N GLN SA 28 -77.22 123.33 -74.91
CA GLN SA 28 -75.80 123.31 -74.64
C GLN SA 28 -75.18 122.13 -75.36
N SER SA 29 -74.15 122.41 -76.18
CA SER SA 29 -73.56 121.34 -76.99
C SER SA 29 -72.19 120.95 -76.45
N PRO SA 30 -71.84 119.66 -76.52
CA PRO SA 30 -70.51 119.23 -76.07
C PRO SA 30 -69.42 119.43 -77.10
N LEU SA 31 -69.77 119.60 -78.38
CA LEU SA 31 -68.81 119.94 -79.45
C LEU SA 31 -67.75 118.85 -79.63
N ASN SA 32 -68.21 117.59 -79.71
CA ASN SA 32 -67.29 116.49 -79.94
C ASN SA 32 -67.88 115.45 -80.89
N SER SA 33 -68.85 115.84 -81.70
CA SER SA 33 -69.52 114.91 -82.62
C SER SA 33 -68.91 114.98 -84.02
N PHE SA 34 -67.63 114.62 -84.11
CA PHE SA 34 -66.91 114.60 -85.38
C PHE SA 34 -66.04 113.36 -85.45
N TYR SA 35 -66.06 112.68 -86.60
CA TYR SA 35 -65.33 111.43 -86.74
C TYR SA 35 -64.81 111.29 -88.17
N ALA SA 36 -63.79 110.43 -88.31
CA ALA SA 36 -63.24 110.05 -89.60
C ALA SA 36 -62.75 108.61 -89.49
N THR SA 37 -62.91 107.85 -90.57
CA THR SA 37 -62.70 106.41 -90.51
C THR SA 37 -61.84 105.93 -91.68
N GLY SA 38 -60.93 104.99 -91.38
CA GLY SA 38 -60.15 104.30 -92.41
C GLY SA 38 -60.20 102.80 -92.22
N THR SA 39 -59.40 102.06 -92.98
CA THR SA 39 -59.42 100.60 -92.92
C THR SA 39 -58.01 100.06 -93.15
N ALA SA 40 -57.82 98.80 -92.74
CA ALA SA 40 -56.55 98.12 -92.94
C ALA SA 40 -56.82 96.61 -93.01
N GLN SA 41 -55.86 95.88 -93.58
CA GLN SA 41 -56.02 94.44 -93.75
C GLN SA 41 -54.66 93.80 -93.99
N ALA SA 42 -54.63 92.47 -93.82
CA ALA SA 42 -53.45 91.67 -94.15
C ALA SA 42 -53.93 90.24 -94.36
N VAL SA 43 -53.91 89.77 -95.61
CA VAL SA 43 -54.58 88.52 -95.95
C VAL SA 43 -53.65 87.55 -96.69
N GLN SA 44 -52.34 87.63 -96.48
CA GLN SA 44 -51.44 86.68 -97.11
C GLN SA 44 -50.16 86.54 -96.30
N GLU SA 45 -49.52 85.37 -96.43
CA GLU SA 45 -48.26 85.07 -95.76
C GLU SA 45 -47.09 85.71 -96.49
N PRO SA 46 -45.99 86.00 -95.77
CA PRO SA 46 -44.89 86.75 -96.41
C PRO SA 46 -44.28 86.07 -97.63
N ILE SA 47 -44.15 84.75 -97.61
CA ILE SA 47 -43.40 84.05 -98.67
C ILE SA 47 -44.24 82.89 -99.21
N ASP SA 48 -43.86 82.45 -100.41
CA ASP SA 48 -44.42 81.26 -101.03
C ASP SA 48 -43.26 80.43 -101.55
N VAL SA 49 -43.34 79.10 -101.40
CA VAL SA 49 -42.24 78.20 -101.72
C VAL SA 49 -42.70 77.14 -102.71
N GLU SA 50 -41.92 76.93 -103.76
CA GLU SA 50 -42.21 75.92 -104.76
C GLU SA 50 -40.96 75.10 -105.02
N SER SA 51 -41.15 73.79 -105.22
CA SER SA 51 -40.03 72.85 -105.30
C SER SA 51 -39.88 72.30 -106.72
N HIS SA 52 -38.64 72.10 -107.13
CA HIS SA 52 -38.30 71.51 -108.43
C HIS SA 52 -37.14 70.53 -108.29
N LEU SA 53 -37.19 69.68 -107.26
CA LEU SA 53 -36.14 68.67 -107.05
C LEU SA 53 -36.53 67.42 -107.84
N ASP SA 54 -36.00 67.31 -109.06
CA ASP SA 54 -36.35 66.25 -109.98
C ASP SA 54 -35.13 65.45 -110.43
N ASN SA 55 -34.24 65.11 -109.49
CA ASN SA 55 -33.12 64.22 -109.75
C ASN SA 55 -33.04 63.20 -108.64
N THR SA 56 -32.53 62.01 -108.97
CA THR SA 56 -32.49 60.88 -108.06
C THR SA 56 -31.05 60.50 -107.76
N ILE SA 57 -30.74 60.34 -106.48
CA ILE SA 57 -29.46 59.80 -106.06
C ILE SA 57 -29.50 58.28 -106.26
N ALA SA 58 -28.86 57.79 -107.32
CA ALA SA 58 -28.92 56.39 -107.70
C ALA SA 58 -27.51 55.83 -107.89
N PRO SA 59 -26.81 55.57 -106.79
CA PRO SA 59 -25.51 54.89 -106.87
C PRO SA 59 -25.67 53.39 -106.68
N ALA SA 60 -24.56 52.69 -106.86
CA ALA SA 60 -24.52 51.28 -106.53
C ALA SA 60 -24.37 51.10 -105.01
N ALA SA 61 -24.56 49.87 -104.56
CA ALA SA 61 -24.50 49.58 -103.14
C ALA SA 61 -23.08 49.76 -102.63
N GLY SA 62 -22.91 50.59 -101.59
CA GLY SA 62 -21.62 50.81 -100.98
C GLY SA 62 -20.70 51.77 -101.71
N ALA SA 63 -21.20 52.48 -102.70
CA ALA SA 63 -20.38 53.37 -103.51
C ALA SA 63 -20.31 54.78 -102.92
N GLN SA 64 -19.25 55.49 -103.26
CA GLN SA 64 -19.06 56.88 -102.88
C GLN SA 64 -19.30 57.76 -104.11
N GLY SA 65 -20.14 58.78 -103.97
CA GLY SA 65 -20.59 59.50 -105.15
C GLY SA 65 -20.64 61.01 -105.06
N TYR SA 66 -21.28 61.62 -106.06
CA TYR SA 66 -21.32 63.06 -106.24
C TYR SA 66 -22.48 63.41 -107.17
N LYS SA 67 -23.47 64.15 -106.68
CA LYS SA 67 -24.71 64.31 -107.43
C LYS SA 67 -25.32 65.66 -107.12
N ASP SA 68 -26.05 66.21 -108.10
CA ASP SA 68 -26.89 67.39 -107.91
C ASP SA 68 -28.35 67.00 -108.05
N MET SA 69 -29.25 67.83 -107.50
CA MET SA 69 -30.65 67.44 -107.34
C MET SA 69 -31.62 68.33 -108.12
N GLY SA 70 -31.52 69.64 -107.96
CA GLY SA 70 -32.49 70.55 -108.56
C GLY SA 70 -32.40 71.90 -107.88
N TYR SA 71 -33.51 72.65 -107.94
CA TYR SA 71 -33.54 73.97 -107.34
C TYR SA 71 -34.92 74.24 -106.76
N VAL SA 72 -34.98 75.23 -105.87
CA VAL SA 72 -36.20 75.60 -105.15
C VAL SA 72 -36.44 77.10 -105.33
N LYS SA 73 -37.70 77.47 -105.55
CA LYS SA 73 -38.09 78.85 -105.77
C LYS SA 73 -38.79 79.42 -104.55
N ILE SA 74 -38.45 80.66 -104.21
CA ILE SA 74 -39.04 81.40 -103.10
C ILE SA 74 -39.60 82.70 -103.63
N ILE SA 75 -40.83 83.04 -103.24
CA ILE SA 75 -41.52 84.23 -103.72
C ILE SA 75 -41.81 85.13 -102.53
N ASN SA 76 -41.49 86.42 -102.67
CA ASN SA 76 -41.65 87.41 -101.61
C ASN SA 76 -42.64 88.49 -102.02
N TYR SA 77 -43.43 88.95 -101.05
CA TYR SA 77 -44.66 89.70 -101.28
C TYR SA 77 -44.54 91.12 -100.71
N THR SA 78 -45.67 91.82 -100.70
CA THR SA 78 -45.71 93.27 -100.50
C THR SA 78 -45.03 93.69 -99.21
N ASP SA 79 -44.20 94.75 -99.31
CA ASP SA 79 -43.54 95.40 -98.19
C ASP SA 79 -42.58 94.46 -97.46
N VAL SA 80 -42.02 93.48 -98.16
CA VAL SA 80 -41.05 92.55 -97.61
C VAL SA 80 -39.69 92.86 -98.23
N ASN SA 81 -38.67 92.98 -97.38
CA ASN SA 81 -37.33 93.27 -97.86
C ASN SA 81 -36.29 92.24 -97.40
N VAL SA 82 -36.38 91.77 -96.16
CA VAL SA 82 -35.41 90.83 -95.60
C VAL SA 82 -36.17 89.70 -94.92
N VAL SA 83 -35.73 88.46 -95.17
CA VAL SA 83 -36.36 87.27 -94.62
C VAL SA 83 -35.31 86.42 -93.92
N LYS SA 84 -35.64 85.96 -92.72
CA LYS SA 84 -34.81 85.04 -91.97
C LYS SA 84 -35.48 83.66 -91.97
N LEU SA 85 -34.72 82.64 -92.35
CA LEU SA 85 -35.26 81.30 -92.57
C LEU SA 85 -34.47 80.27 -91.79
N LYS SA 86 -35.14 79.16 -91.48
CA LYS SA 86 -34.52 78.00 -90.85
C LYS SA 86 -34.86 76.77 -91.68
N VAL SA 87 -33.83 76.02 -92.08
CA VAL SA 87 -33.98 74.85 -92.93
C VAL SA 87 -33.47 73.63 -92.18
N THR SA 88 -34.24 72.54 -92.21
CA THR SA 88 -33.91 71.33 -91.48
C THR SA 88 -34.28 70.11 -92.32
N LEU SA 89 -33.69 68.98 -91.95
CA LEU SA 89 -34.00 67.69 -92.56
C LEU SA 89 -35.08 67.02 -91.72
N ALA SA 90 -36.26 66.84 -92.30
CA ALA SA 90 -37.40 66.35 -91.53
C ALA SA 90 -37.30 64.86 -91.22
N ASN SA 91 -36.77 64.07 -92.14
CA ASN SA 91 -36.75 62.62 -91.98
C ASN SA 91 -35.32 62.08 -91.89
N ALA SA 92 -34.48 62.76 -91.11
CA ALA SA 92 -33.10 62.31 -90.96
C ALA SA 92 -33.01 60.96 -90.25
N ALA SA 93 -33.93 60.71 -89.31
CA ALA SA 93 -33.90 59.45 -88.57
C ALA SA 93 -34.17 58.26 -89.50
N GLN SA 94 -35.07 58.42 -90.46
CA GLN SA 94 -35.38 57.33 -91.39
C GLN SA 94 -34.20 57.03 -92.31
N LEU SA 95 -33.44 58.06 -92.69
CA LEU SA 95 -32.33 57.90 -93.62
C LEU SA 95 -31.06 57.36 -92.97
N ARG SA 96 -30.99 57.31 -91.65
CA ARG SA 96 -29.78 56.85 -90.98
C ARG SA 96 -29.37 55.42 -91.33
N PRO SA 97 -30.26 54.41 -91.31
CA PRO SA 97 -29.81 53.05 -91.61
C PRO SA 97 -29.34 52.85 -93.05
N TYR SA 98 -29.59 53.80 -93.95
CA TYR SA 98 -29.26 53.62 -95.35
C TYR SA 98 -27.97 54.31 -95.77
N PHE SA 99 -27.40 55.18 -94.95
CA PHE SA 99 -26.24 55.97 -95.33
C PHE SA 99 -25.23 56.02 -94.20
N LYS SA 100 -23.95 55.97 -94.57
CA LYS SA 100 -22.90 56.31 -93.60
C LYS SA 100 -22.81 57.82 -93.38
N TYR SA 101 -22.94 58.61 -94.44
CA TYR SA 101 -22.99 60.06 -94.33
C TYR SA 101 -23.71 60.62 -95.54
N LEU SA 102 -24.28 61.81 -95.37
CA LEU SA 102 -24.99 62.50 -96.44
C LEU SA 102 -24.99 63.99 -96.14
N GLN SA 103 -24.47 64.79 -97.06
CA GLN SA 103 -24.34 66.22 -96.87
C GLN SA 103 -25.02 66.96 -98.02
N LEU SA 104 -25.74 68.02 -97.67
CA LEU SA 104 -26.45 68.85 -98.63
C LEU SA 104 -25.88 70.27 -98.60
N VAL SA 105 -25.61 70.82 -99.78
CA VAL SA 105 -25.03 72.15 -99.92
C VAL SA 105 -26.03 73.04 -100.64
N LEU SA 106 -26.36 74.18 -100.04
CA LEU SA 106 -27.31 75.14 -100.60
C LEU SA 106 -26.57 76.40 -101.01
N THR SA 107 -26.79 76.85 -102.24
CA THR SA 107 -26.13 78.04 -102.77
C THR SA 107 -27.17 78.98 -103.38
N SER SA 108 -27.01 80.28 -103.13
CA SER SA 108 -27.85 81.29 -103.75
C SER SA 108 -27.18 81.75 -105.05
N ASN SA 109 -27.97 81.79 -106.13
CA ASN SA 109 -27.47 82.02 -107.48
C ASN SA 109 -28.33 83.03 -108.23
N ALA SA 110 -29.52 83.34 -107.70
CA ALA SA 110 -30.51 84.13 -108.45
C ALA SA 110 -29.93 85.43 -108.97
N SER SA 111 -28.93 85.99 -108.28
CA SER SA 111 -28.13 87.09 -108.82
C SER SA 111 -26.97 86.52 -109.61
N SER SA 112 -26.92 86.86 -110.91
CA SER SA 112 -25.87 86.34 -111.77
C SER SA 112 -24.49 86.86 -111.38
N THR SA 113 -24.42 87.93 -110.60
CA THR SA 113 -23.13 88.48 -110.17
C THR SA 113 -22.67 87.93 -108.83
N VAL SA 114 -23.59 87.55 -107.95
CA VAL SA 114 -23.26 87.12 -106.59
C VAL SA 114 -23.77 85.70 -106.39
N GLU SA 115 -22.87 84.72 -106.52
CA GLU SA 115 -23.14 83.35 -106.12
C GLU SA 115 -22.61 83.12 -104.72
N GLU SA 116 -23.44 82.59 -103.83
CA GLU SA 116 -23.03 82.35 -102.45
C GLU SA 116 -23.62 81.04 -101.93
N THR SA 117 -22.77 80.24 -101.30
CA THR SA 117 -23.23 79.10 -100.52
C THR SA 117 -23.64 79.56 -99.13
N LYS SA 118 -24.85 79.17 -98.71
CA LYS SA 118 -25.43 79.68 -97.48
C LYS SA 118 -25.38 78.70 -96.32
N ALA SA 119 -25.60 77.41 -96.55
CA ALA SA 119 -25.63 76.46 -95.46
C ALA SA 119 -25.22 75.08 -95.97
N VAL SA 120 -24.77 74.25 -95.03
CA VAL SA 120 -24.44 72.85 -95.28
C VAL SA 120 -25.21 72.01 -94.26
N LEU SA 121 -25.99 71.04 -94.74
CA LEU SA 121 -26.78 70.18 -93.88
C LEU SA 121 -26.22 68.77 -93.91
N SER SA 122 -26.37 68.06 -92.79
CA SER SA 122 -25.86 66.71 -92.65
C SER SA 122 -26.77 65.93 -91.72
N LEU SA 123 -26.55 64.62 -91.67
CA LEU SA 123 -27.37 63.75 -90.82
C LEU SA 123 -27.06 63.96 -89.34
N LYS SA 124 -25.89 64.50 -89.00
CA LYS SA 124 -25.55 64.77 -87.61
C LYS SA 124 -25.95 66.16 -87.15
N LYS SA 125 -25.95 67.14 -88.06
CA LYS SA 125 -26.39 68.50 -87.78
C LYS SA 125 -27.41 68.89 -88.84
N PRO SA 126 -28.69 68.55 -88.63
CA PRO SA 126 -29.68 68.68 -89.71
C PRO SA 126 -30.20 70.10 -89.91
N SER SA 127 -29.97 71.03 -89.00
CA SER SA 127 -30.61 72.33 -89.05
C SER SA 127 -29.59 73.43 -89.28
N ALA SA 128 -30.04 74.50 -89.95
CA ALA SA 128 -29.20 75.66 -90.21
C ALA SA 128 -30.09 76.88 -90.37
N VAL SA 129 -29.50 78.06 -90.20
CA VAL SA 129 -30.18 79.34 -90.32
C VAL SA 129 -29.46 80.18 -91.36
N ILE SA 130 -30.23 80.72 -92.31
CA ILE SA 130 -29.68 81.51 -93.41
C ILE SA 130 -30.36 82.87 -93.45
N ILE SA 131 -29.72 83.80 -94.17
CA ILE SA 131 -30.21 85.17 -94.31
C ILE SA 131 -30.30 85.50 -95.80
N LEU SA 132 -31.44 86.05 -96.22
CA LEU SA 132 -31.63 86.55 -97.57
C LEU SA 132 -31.85 88.04 -97.52
N ASP SA 133 -31.10 88.79 -98.33
CA ASP SA 133 -31.15 90.25 -98.28
C ASP SA 133 -31.37 90.87 -99.66
N ASN SA 134 -31.18 92.19 -99.75
CA ASN SA 134 -31.47 92.92 -100.98
C ASN SA 134 -30.68 92.37 -102.17
N ASP SA 135 -29.45 91.90 -101.95
CA ASP SA 135 -28.64 91.41 -103.05
C ASP SA 135 -29.19 90.10 -103.62
N ASP SA 136 -29.78 89.24 -102.77
CA ASP SA 136 -30.26 87.96 -103.24
C ASP SA 136 -31.50 88.10 -104.11
N TYR SA 137 -32.38 89.04 -103.77
CA TYR SA 137 -33.67 89.19 -104.45
C TYR SA 137 -33.51 89.77 -105.86
N SER SA 138 -32.93 88.99 -106.76
CA SER SA 138 -32.86 89.38 -108.16
C SER SA 138 -34.23 89.20 -108.82
N SER SA 139 -34.45 89.98 -109.88
CA SER SA 139 -35.76 90.16 -110.49
C SER SA 139 -36.79 90.72 -109.51
N THR SA 140 -36.34 91.12 -108.32
CA THR SA 140 -37.12 91.79 -107.29
C THR SA 140 -38.22 90.91 -106.69
N ASN SA 141 -38.36 89.67 -107.16
CA ASN SA 141 -39.50 88.87 -106.75
C ASN SA 141 -39.21 87.41 -106.38
N LYS SA 142 -38.01 86.89 -106.62
CA LYS SA 142 -37.82 85.46 -106.39
C LYS SA 142 -36.37 85.14 -106.03
N ILE SA 143 -36.21 84.02 -105.31
CA ILE SA 143 -34.94 83.43 -104.93
C ILE SA 143 -34.82 82.06 -105.58
N GLN SA 144 -33.64 81.75 -106.13
CA GLN SA 144 -33.35 80.45 -106.69
C GLN SA 144 -32.21 79.81 -105.91
N LEU SA 145 -32.44 78.59 -105.41
CA LEU SA 145 -31.48 77.86 -104.61
C LEU SA 145 -31.42 76.42 -105.10
N LYS SA 146 -30.27 76.01 -105.64
CA LYS SA 146 -30.05 74.61 -105.97
C LYS SA 146 -29.42 73.85 -104.81
N VAL SA 147 -29.57 72.52 -104.86
CA VAL SA 147 -29.14 71.63 -103.79
C VAL SA 147 -27.97 70.79 -104.30
N GLU SA 148 -26.93 70.66 -103.49
CA GLU SA 148 -25.78 69.86 -103.85
C GLU SA 148 -25.61 68.76 -102.80
N ALA SA 149 -25.42 67.52 -103.26
CA ALA SA 149 -25.42 66.36 -102.38
C ALA SA 149 -24.08 65.61 -102.48
N TYR SA 150 -23.58 65.20 -101.33
CA TYR SA 150 -22.44 64.28 -101.22
C TYR SA 150 -22.86 63.12 -100.32
N TYR SA 151 -22.48 61.91 -100.71
CA TYR SA 151 -23.05 60.74 -100.04
C TYR SA 151 -22.09 59.55 -100.13
N GLU SA 152 -22.32 58.59 -99.23
CA GLU SA 152 -21.73 57.26 -99.32
C GLU SA 152 -22.76 56.26 -98.84
N ALA SA 153 -23.08 55.27 -99.68
CA ALA SA 153 -24.12 54.32 -99.38
C ALA SA 153 -23.61 53.19 -98.49
N LYS SA 154 -24.53 52.59 -97.74
CA LYS SA 154 -24.17 51.45 -96.89
C LYS SA 154 -23.81 50.23 -97.74
N GLU SA 155 -22.97 49.38 -97.16
CA GLU SA 155 -22.46 48.21 -97.87
C GLU SA 155 -23.54 47.14 -97.96
N GLY SA 156 -23.87 46.72 -99.18
CA GLY SA 156 -24.78 45.61 -99.38
C GLY SA 156 -26.23 45.89 -99.11
N MET SA 157 -26.66 47.15 -99.15
CA MET SA 157 -28.05 47.51 -98.88
C MET SA 157 -28.72 47.89 -100.20
N LEU SA 158 -29.86 47.27 -100.47
CA LEU SA 158 -30.63 47.53 -101.69
C LEU SA 158 -32.02 48.03 -101.33
N PHE SA 159 -32.48 49.05 -102.06
CA PHE SA 159 -33.76 49.68 -101.77
C PHE SA 159 -34.18 50.50 -102.98
N ASP SA 160 -35.42 50.99 -102.93
CA ASP SA 160 -35.94 51.85 -103.98
C ASP SA 160 -37.11 52.65 -103.42
N SER SA 161 -37.41 53.77 -104.08
CA SER SA 161 -38.52 54.64 -103.72
C SER SA 161 -38.40 55.14 -102.28
N LEU SA 162 -37.30 55.82 -102.00
CA LEU SA 162 -37.06 56.39 -100.68
C LEU SA 162 -37.05 57.90 -100.77
N PRO SA 163 -37.95 58.60 -100.08
CA PRO SA 163 -38.03 60.06 -100.21
C PRO SA 163 -37.10 60.81 -99.25
N VAL SA 164 -36.70 62.00 -99.69
CA VAL SA 164 -35.93 62.93 -98.88
C VAL SA 164 -36.74 64.21 -98.76
N ILE SA 165 -36.91 64.69 -97.52
CA ILE SA 165 -37.84 65.77 -97.22
C ILE SA 165 -37.08 66.91 -96.55
N LEU SA 166 -37.35 68.14 -96.99
CA LEU SA 166 -36.81 69.34 -96.37
C LEU SA 166 -37.96 70.25 -95.93
N ASN SA 167 -37.76 70.97 -94.84
CA ASN SA 167 -38.79 71.81 -94.26
C ASN SA 167 -38.26 73.24 -94.09
N PHE SA 168 -39.17 74.21 -94.23
CA PHE SA 168 -38.84 75.62 -94.10
C PHE SA 168 -39.72 76.26 -93.04
N GLN SA 169 -39.13 77.16 -92.25
CA GLN SA 169 -39.87 77.91 -91.24
C GLN SA 169 -39.33 79.33 -91.19
N VAL SA 170 -40.26 80.30 -91.11
CA VAL SA 170 -39.93 81.71 -91.09
C VAL SA 170 -39.77 82.16 -89.63
N LEU SA 171 -38.65 82.80 -89.34
CA LEU SA 171 -38.38 83.30 -87.99
C LEU SA 171 -38.63 84.79 -87.85
N SER SA 172 -38.31 85.58 -88.87
CA SER SA 172 -38.51 87.02 -88.83
C SER SA 172 -38.48 87.57 -90.25
N VAL SA 173 -39.34 88.56 -90.51
CA VAL SA 173 -39.39 89.22 -91.81
C VAL SA 173 -39.48 90.73 -91.57
N SER SA 174 -38.89 91.49 -92.48
CA SER SA 174 -38.91 92.95 -92.38
C SER SA 174 -38.87 93.59 -93.77
N THR TA 26 -103.31 118.58 -69.74
CA THR TA 26 -102.03 118.71 -69.05
C THR TA 26 -101.37 117.34 -68.90
N THR TA 27 -100.59 116.95 -69.90
CA THR TA 27 -99.91 115.66 -69.94
C THR TA 27 -98.41 115.87 -70.05
N GLN TA 28 -97.66 115.14 -69.23
CA GLN TA 28 -96.20 115.20 -69.22
C GLN TA 28 -95.65 113.97 -69.95
N SER TA 29 -94.82 114.21 -70.96
CA SER TA 29 -94.32 113.10 -71.76
C SER TA 29 -92.85 112.82 -71.45
N PRO TA 30 -92.45 111.54 -71.47
CA PRO TA 30 -91.04 111.21 -71.24
C PRO TA 30 -90.16 111.35 -72.47
N LEU TA 31 -90.74 111.38 -73.67
CA LEU TA 31 -90.02 111.65 -74.91
C LEU TA 31 -88.95 110.60 -75.20
N ASN TA 32 -89.33 109.32 -75.08
CA ASN TA 32 -88.42 108.23 -75.37
C ASN TA 32 -89.10 107.07 -76.10
N SER TA 33 -90.23 107.34 -76.76
CA SER TA 33 -91.00 106.31 -77.45
C SER TA 33 -90.66 106.27 -78.94
N PHE TA 34 -89.39 105.96 -79.23
CA PHE TA 34 -88.92 105.84 -80.61
C PHE TA 34 -88.00 104.64 -80.73
N TYR TA 35 -88.19 103.85 -81.78
CA TYR TA 35 -87.43 102.62 -81.95
C TYR TA 35 -87.17 102.36 -83.43
N ALA TA 36 -86.15 101.54 -83.68
CA ALA TA 36 -85.82 101.05 -85.02
C ALA TA 36 -85.23 99.66 -84.88
N THR TA 37 -85.54 98.78 -85.83
CA THR TA 37 -85.24 97.36 -85.70
C THR TA 37 -84.57 96.81 -86.95
N GLY TA 38 -83.57 95.95 -86.75
CA GLY TA 38 -82.96 95.19 -87.83
C GLY TA 38 -82.89 93.71 -87.50
N THR TA 39 -82.20 92.93 -88.33
CA THR TA 39 -82.13 91.48 -88.14
C THR TA 39 -80.75 90.98 -88.57
N ALA TA 40 -80.42 89.78 -88.10
CA ALA TA 40 -79.17 89.12 -88.46
C ALA TA 40 -79.36 87.62 -88.35
N GLN TA 41 -78.48 86.87 -89.03
CA GLN TA 41 -78.59 85.42 -89.03
C GLN TA 41 -77.26 84.80 -89.47
N ALA TA 42 -77.12 83.50 -89.19
CA ALA TA 42 -75.97 82.72 -89.65
C ALA TA 42 -76.40 81.26 -89.64
N VAL TA 43 -76.57 80.67 -90.82
CA VAL TA 43 -77.23 79.37 -90.94
C VAL TA 43 -76.41 78.37 -91.75
N GLN TA 44 -75.08 78.52 -91.78
CA GLN TA 44 -74.26 77.55 -92.49
C GLN TA 44 -72.84 77.54 -91.91
N GLU TA 45 -72.18 76.39 -92.06
CA GLU TA 45 -70.80 76.20 -91.61
C GLU TA 45 -69.82 76.82 -92.59
N PRO TA 46 -68.63 77.22 -92.12
CA PRO TA 46 -67.69 77.95 -93.01
C PRO TA 46 -67.29 77.18 -94.25
N ILE TA 47 -67.07 75.86 -94.16
CA ILE TA 47 -66.50 75.10 -95.26
C ILE TA 47 -67.34 73.86 -95.53
N ASP TA 48 -67.17 73.32 -96.74
CA ASP TA 48 -67.76 72.06 -97.14
C ASP TA 48 -66.66 71.22 -97.79
N VAL TA 49 -66.65 69.92 -97.52
CA VAL TA 49 -65.56 69.04 -97.94
C VAL TA 49 -66.14 67.87 -98.73
N GLU TA 50 -65.55 67.59 -99.89
CA GLU TA 50 -65.96 66.47 -100.74
C GLU TA 50 -64.73 65.68 -101.14
N SER TA 51 -64.87 64.36 -101.18
CA SER TA 51 -63.75 63.45 -101.39
C SER TA 51 -63.82 62.77 -102.76
N HIS TA 52 -62.65 62.59 -103.38
CA HIS TA 52 -62.53 61.88 -104.65
C HIS TA 52 -61.32 60.97 -104.65
N LEU TA 53 -61.12 60.22 -103.56
CA LEU TA 53 -60.01 59.28 -103.45
C LEU TA 53 -60.45 57.94 -104.05
N ASP TA 54 -60.15 57.74 -105.32
CA ASP TA 54 -60.60 56.58 -106.07
C ASP TA 54 -59.43 55.80 -106.66
N ASN TA 55 -58.38 55.58 -105.87
CA ASN TA 55 -57.28 54.71 -106.26
C ASN TA 55 -56.93 53.81 -105.09
N THR TA 56 -56.43 52.62 -105.42
CA THR TA 56 -56.16 51.58 -104.43
C THR TA 56 -54.67 51.28 -104.36
N ILE TA 57 -54.13 51.26 -103.15
CA ILE TA 57 -52.75 50.81 -102.93
C ILE TA 57 -52.76 49.29 -102.99
N ALA TA 58 -52.28 48.73 -104.09
CA ALA TA 58 -52.34 47.29 -104.34
C ALA TA 58 -50.95 46.77 -104.73
N PRO TA 59 -50.05 46.65 -103.76
CA PRO TA 59 -48.75 46.02 -104.03
C PRO TA 59 -48.79 44.54 -103.68
N ALA TA 60 -47.70 43.86 -104.00
CA ALA TA 60 -47.50 42.50 -103.55
C ALA TA 60 -47.08 42.48 -102.09
N ALA TA 61 -47.12 41.28 -101.49
CA ALA TA 61 -46.78 41.13 -100.09
C ALA TA 61 -45.30 41.42 -99.86
N GLY TA 62 -45.01 42.35 -98.96
CA GLY TA 62 -43.63 42.68 -98.62
C GLY TA 62 -42.93 43.60 -99.57
N ALA TA 63 -43.64 44.19 -100.53
CA ALA TA 63 -43.01 45.03 -101.55
C ALA TA 63 -42.93 46.48 -101.09
N GLN TA 64 -41.99 47.21 -101.69
CA GLN TA 64 -41.82 48.64 -101.48
C GLN TA 64 -42.31 49.38 -102.71
N GLY TA 65 -43.18 50.37 -102.51
CA GLY TA 65 -43.87 50.96 -103.65
C GLY TA 65 -43.98 52.46 -103.69
N TYR TA 66 -44.82 52.95 -104.61
CA TYR TA 66 -44.98 54.37 -104.89
C TYR TA 66 -46.30 54.57 -105.62
N LYS TA 67 -47.24 55.32 -105.03
CA LYS TA 67 -48.60 55.36 -105.55
C LYS TA 67 -49.22 56.71 -105.24
N ASP TA 68 -50.14 57.13 -106.11
CA ASP TA 68 -50.99 58.29 -105.90
C ASP TA 68 -52.44 57.83 -105.71
N MET TA 69 -53.26 58.66 -105.09
CA MET TA 69 -54.58 58.24 -104.65
C MET TA 69 -55.73 59.01 -105.30
N GLY TA 70 -55.68 60.34 -105.28
CA GLY TA 70 -56.79 61.15 -105.77
C GLY TA 70 -56.66 62.57 -105.24
N TYR TA 71 -57.80 63.25 -105.15
CA TYR TA 71 -57.80 64.63 -104.68
C TYR TA 71 -59.06 64.91 -103.89
N VAL TA 72 -59.02 65.97 -103.08
CA VAL TA 72 -60.10 66.35 -102.19
C VAL TA 72 -60.46 67.81 -102.45
N LYS TA 73 -61.76 68.11 -102.46
CA LYS TA 73 -62.25 69.45 -102.74
C LYS TA 73 -62.76 70.11 -101.46
N ILE TA 74 -62.42 71.39 -101.29
CA ILE TA 74 -62.85 72.20 -100.16
C ILE TA 74 -63.57 73.42 -100.70
N ILE TA 75 -64.73 73.75 -100.12
CA ILE TA 75 -65.56 74.86 -100.56
C ILE TA 75 -65.69 75.86 -99.43
N ASN TA 76 -65.47 77.14 -99.73
CA ASN TA 76 -65.49 78.23 -98.76
C ASN TA 76 -66.60 79.22 -99.07
N TYR TA 77 -67.22 79.73 -98.01
CA TYR TA 77 -68.51 80.42 -98.08
C TYR TA 77 -68.37 81.89 -97.67
N THR TA 78 -69.52 82.55 -97.51
CA THR TA 78 -69.61 84.01 -97.45
C THR TA 78 -68.73 84.58 -96.34
N ASP TA 79 -68.00 85.64 -96.68
CA ASP TA 79 -67.18 86.42 -95.76
C ASP TA 79 -66.06 85.60 -95.14
N VAL TA 80 -65.57 84.58 -95.84
CA VAL TA 80 -64.47 83.75 -95.40
C VAL TA 80 -63.26 84.05 -96.29
N ASN TA 81 -62.12 84.28 -95.66
CA ASN TA 81 -60.90 84.58 -96.40
C ASN TA 81 -59.74 83.66 -96.05
N VAL TA 82 -59.58 83.30 -94.77
CA VAL TA 82 -58.48 82.45 -94.33
C VAL TA 82 -59.03 81.37 -93.42
N VAL TA 83 -58.58 80.13 -93.63
CA VAL TA 83 -59.04 78.98 -92.88
C VAL TA 83 -57.83 78.24 -92.31
N LYS TA 84 -57.91 77.88 -91.03
CA LYS TA 84 -56.90 77.06 -90.36
C LYS TA 84 -57.48 75.68 -90.13
N LEU TA 85 -56.74 74.65 -90.56
CA LEU TA 85 -57.25 73.28 -90.55
C LEU TA 85 -56.28 72.36 -89.84
N LYS TA 86 -56.81 71.26 -89.31
CA LYS TA 86 -56.03 70.19 -88.72
C LYS TA 86 -56.44 68.88 -89.36
N VAL TA 87 -55.46 68.12 -89.87
CA VAL TA 87 -55.69 66.88 -90.57
C VAL TA 87 -54.98 65.75 -89.82
N THR TA 88 -55.69 64.64 -89.61
CA THR TA 88 -55.17 63.52 -88.85
C THR TA 88 -55.61 62.21 -89.49
N LEU TA 89 -54.90 61.15 -89.15
CA LEU TA 89 -55.23 59.79 -89.57
C LEU TA 89 -56.10 59.17 -88.49
N ALA TA 90 -57.36 58.88 -88.82
CA ALA TA 90 -58.33 58.43 -87.82
C ALA TA 90 -58.07 56.98 -87.40
N ASN TA 91 -57.68 56.12 -88.34
CA ASN TA 91 -57.55 54.69 -88.06
C ASN TA 91 -56.10 54.22 -88.19
N ALA TA 92 -55.17 55.00 -87.64
CA ALA TA 92 -53.75 54.63 -87.70
C ALA TA 92 -53.47 53.36 -86.90
N ALA TA 93 -54.20 53.17 -85.79
CA ALA TA 93 -53.96 51.98 -84.96
C ALA TA 93 -54.32 50.70 -85.72
N GLN TA 94 -55.40 50.73 -86.51
CA GLN TA 94 -55.79 49.55 -87.26
C GLN TA 94 -54.79 49.21 -88.35
N LEU TA 95 -54.16 50.23 -88.95
CA LEU TA 95 -53.24 50.01 -90.07
C LEU TA 95 -51.84 49.60 -89.61
N ARG TA 96 -51.53 49.68 -88.32
CA ARG TA 96 -50.19 49.34 -87.85
C ARG TA 96 -49.78 47.89 -88.14
N PRO TA 97 -50.59 46.86 -87.87
CA PRO TA 97 -50.13 45.49 -88.13
C PRO TA 97 -49.91 45.17 -89.60
N TYR TA 98 -50.38 46.02 -90.52
CA TYR TA 98 -50.30 45.72 -91.94
C TYR TA 98 -49.14 46.40 -92.65
N PHE TA 99 -48.48 47.38 -92.03
CA PHE TA 99 -47.45 48.17 -92.69
C PHE TA 99 -46.27 48.37 -91.76
N LYS TA 100 -45.06 48.35 -92.36
CA LYS TA 100 -43.88 48.81 -91.64
C LYS TA 100 -43.84 50.33 -91.57
N TYR TA 101 -44.21 51.01 -92.66
CA TYR TA 101 -44.31 52.46 -92.66
C TYR TA 101 -45.26 52.88 -93.77
N LEU TA 102 -45.86 54.06 -93.59
CA LEU TA 102 -46.79 54.61 -94.57
C LEU TA 102 -46.82 56.12 -94.40
N GLN TA 103 -46.52 56.85 -95.49
CA GLN TA 103 -46.44 58.29 -95.45
C GLN TA 103 -47.36 58.89 -96.51
N LEU TA 104 -48.06 59.95 -96.13
CA LEU TA 104 -48.97 60.66 -97.01
C LEU TA 104 -48.49 62.09 -97.21
N VAL TA 105 -48.47 62.54 -98.45
CA VAL TA 105 -48.01 63.87 -98.82
C VAL TA 105 -49.17 64.65 -99.42
N LEU TA 106 -49.44 65.83 -98.87
CA LEU TA 106 -50.53 66.69 -99.33
C LEU TA 106 -49.95 67.94 -99.97
N THR TA 107 -50.41 68.25 -101.18
CA THR TA 107 -49.93 69.41 -101.92
C THR TA 107 -51.10 70.24 -102.41
N SER TA 108 -50.98 71.57 -102.32
CA SER TA 108 -51.98 72.48 -102.86
C SER TA 108 -51.58 72.84 -104.29
N ASN TA 109 -52.55 72.74 -105.21
CA ASN TA 109 -52.31 72.86 -106.64
C ASN TA 109 -53.35 73.75 -107.31
N ALA TA 110 -54.44 74.07 -106.60
CA ALA TA 110 -55.60 74.74 -107.22
C ALA TA 110 -55.19 76.01 -107.95
N SER TA 111 -54.11 76.68 -107.51
CA SER TA 111 -53.48 77.75 -108.27
C SER TA 111 -52.46 77.15 -109.22
N SER TA 112 -52.66 77.37 -110.52
CA SER TA 112 -51.75 76.81 -111.52
C SER TA 112 -50.36 77.41 -111.43
N THR TA 113 -50.21 78.56 -110.77
CA THR TA 113 -48.91 79.20 -110.64
C THR TA 113 -48.18 78.79 -109.37
N VAL TA 114 -48.90 78.47 -108.30
CA VAL TA 114 -48.30 78.19 -107.00
C VAL TA 114 -48.69 76.76 -106.58
N GLU TA 115 -47.77 75.82 -106.78
CA GLU TA 115 -47.90 74.47 -106.23
C GLU TA 115 -47.10 74.41 -104.93
N GLU TA 116 -47.73 73.94 -103.86
CA GLU TA 116 -47.07 73.84 -102.57
C GLU TA 116 -47.48 72.58 -101.83
N THR TA 117 -46.49 71.87 -101.29
CA THR TA 117 -46.73 70.78 -100.35
C THR TA 117 -46.92 71.37 -98.96
N LYS TA 118 -48.00 70.98 -98.29
CA LYS TA 118 -48.38 71.58 -97.02
C LYS TA 118 -48.07 70.72 -95.80
N ALA TA 119 -48.25 69.40 -95.89
CA ALA TA 119 -48.03 68.55 -94.72
C ALA TA 119 -47.65 67.16 -95.17
N VAL TA 120 -46.99 66.44 -94.27
CA VAL TA 120 -46.63 65.03 -94.45
C VAL TA 120 -47.15 64.27 -93.23
N LEU TA 121 -47.95 63.23 -93.48
CA LEU TA 121 -48.52 62.42 -92.41
C LEU TA 121 -47.90 61.03 -92.42
N SER TA 122 -47.80 60.44 -91.23
CA SER TA 122 -47.20 59.13 -91.08
C SER TA 122 -47.89 58.41 -89.93
N LEU TA 123 -47.59 57.12 -89.80
CA LEU TA 123 -48.19 56.31 -88.74
C LEU TA 123 -47.63 56.67 -87.36
N LYS TA 124 -46.45 57.28 -87.30
CA LYS TA 124 -45.88 57.69 -86.03
C LYS TA 124 -46.28 59.11 -85.63
N LYS TA 125 -46.50 59.99 -86.60
CA LYS TA 125 -46.95 61.36 -86.36
C LYS TA 125 -48.17 61.61 -87.25
N PRO TA 126 -49.36 61.22 -86.78
CA PRO TA 126 -50.54 61.23 -87.66
C PRO TA 126 -51.17 62.59 -87.90
N SER TA 127 -50.83 63.61 -87.12
CA SER TA 127 -51.54 64.88 -87.17
C SER TA 127 -50.64 65.99 -87.68
N ALA TA 128 -51.26 66.97 -88.34
CA ALA TA 128 -50.56 68.13 -88.86
C ALA TA 128 -51.53 69.30 -88.96
N VAL TA 129 -50.97 70.51 -89.00
CA VAL TA 129 -51.74 71.74 -89.11
C VAL TA 129 -51.28 72.51 -90.33
N ILE TA 130 -52.22 72.93 -91.17
CA ILE TA 130 -51.92 73.62 -92.41
C ILE TA 130 -52.68 74.94 -92.46
N ILE TA 131 -52.24 75.82 -93.35
CA ILE TA 131 -52.81 77.16 -93.53
C ILE TA 131 -53.19 77.34 -94.99
N LEU TA 132 -54.41 77.80 -95.24
CA LEU TA 132 -54.86 78.15 -96.57
C LEU TA 132 -55.17 79.64 -96.61
N ASP TA 133 -54.62 80.33 -97.61
CA ASP TA 133 -54.74 81.79 -97.68
C ASP TA 133 -55.23 82.26 -99.04
N ASN TA 134 -55.14 83.57 -99.29
CA ASN TA 134 -55.69 84.16 -100.50
C ASN TA 134 -55.09 83.53 -101.76
N ASP TA 135 -53.82 83.14 -101.72
CA ASP TA 135 -53.19 82.57 -102.92
C ASP TA 135 -53.76 81.20 -103.25
N ASP TA 136 -54.14 80.41 -102.24
CA ASP TA 136 -54.63 79.06 -102.50
C ASP TA 136 -56.01 79.08 -103.13
N TYR TA 137 -56.87 80.01 -102.72
CA TYR TA 137 -58.25 80.03 -103.16
C TYR TA 137 -58.39 80.48 -104.61
N SER TA 138 -57.94 79.63 -105.54
CA SER TA 138 -58.15 79.90 -106.96
C SER TA 138 -59.60 79.61 -107.33
N SER TA 139 -60.05 80.27 -108.40
CA SER TA 139 -61.46 80.34 -108.78
C SER TA 139 -62.32 80.94 -107.68
N THR TA 140 -61.70 81.48 -106.63
CA THR TA 140 -62.31 82.21 -105.53
C THR TA 140 -63.23 81.36 -104.67
N ASN TA 141 -63.38 80.06 -104.99
CA ASN TA 141 -64.39 79.26 -104.32
C ASN TA 141 -63.95 77.87 -103.88
N LYS TA 142 -62.79 77.37 -104.29
CA LYS TA 142 -62.47 75.98 -103.97
C LYS TA 142 -60.97 75.75 -103.85
N ILE TA 143 -60.63 74.72 -103.09
CA ILE TA 143 -59.27 74.22 -102.90
C ILE TA 143 -59.19 72.79 -103.44
N GLN TA 144 -58.12 72.48 -104.15
CA GLN TA 144 -57.86 71.14 -104.65
C GLN TA 144 -56.56 70.62 -104.03
N LEU TA 145 -56.64 69.45 -103.40
CA LEU TA 145 -55.50 68.84 -102.73
C LEU TA 145 -55.44 67.36 -103.09
N LYS TA 146 -54.39 66.95 -103.79
CA LYS TA 146 -54.16 65.53 -104.04
C LYS TA 146 -53.29 64.91 -102.96
N VAL TA 147 -53.37 63.59 -102.86
CA VAL TA 147 -52.70 62.82 -101.81
C VAL TA 147 -51.61 61.97 -102.45
N GLU TA 148 -50.43 61.97 -101.83
CA GLU TA 148 -49.32 61.17 -102.33
C GLU TA 148 -48.89 60.20 -101.24
N ALA TA 149 -48.72 58.93 -101.61
CA ALA TA 149 -48.50 57.85 -100.66
C ALA TA 149 -47.17 57.16 -100.93
N TYR TA 150 -46.44 56.87 -99.85
CA TYR TA 150 -45.25 56.02 -99.88
C TYR TA 150 -45.43 54.94 -98.83
N TYR TA 151 -45.06 53.70 -99.16
CA TYR TA 151 -45.43 52.59 -98.30
C TYR TA 151 -44.45 51.44 -98.46
N GLU TA 152 -44.45 50.56 -97.46
CA GLU TA 152 -43.81 49.25 -97.53
C GLU TA 152 -44.69 48.26 -96.78
N ALA TA 153 -45.09 47.19 -97.47
CA ALA TA 153 -46.01 46.21 -96.90
C ALA TA 153 -45.27 45.20 -96.02
N LYS TA 154 -46.00 44.64 -95.06
CA LYS TA 154 -45.44 43.61 -94.19
C LYS TA 154 -45.17 42.34 -94.98
N GLU TA 155 -44.20 41.57 -94.50
CA GLU TA 155 -43.76 40.36 -95.18
C GLU TA 155 -44.77 39.24 -94.98
N GLY TA 156 -45.29 38.70 -96.08
CA GLY TA 156 -46.16 37.53 -96.01
C GLY TA 156 -47.56 37.78 -95.50
N MET TA 157 -48.05 39.01 -95.57
CA MET TA 157 -49.39 39.35 -95.09
C MET TA 157 -50.31 39.57 -96.28
N LEU TA 158 -51.45 38.88 -96.29
CA LEU TA 158 -52.43 38.99 -97.35
C LEU TA 158 -53.75 39.47 -96.79
N PHE TA 159 -54.40 40.39 -97.51
CA PHE TA 159 -55.64 41.00 -97.05
C PHE TA 159 -56.32 41.68 -98.23
N ASP TA 160 -57.56 42.12 -98.00
CA ASP TA 160 -58.30 42.86 -99.01
C ASP TA 160 -59.39 43.66 -98.31
N SER TA 161 -59.86 44.70 -99.01
CA SER TA 161 -60.95 45.55 -98.52
C SER TA 161 -60.61 46.20 -97.17
N LEU TA 162 -59.50 46.94 -97.16
CA LEU TA 162 -59.07 47.65 -95.96
C LEU TA 162 -59.16 49.15 -96.19
N PRO TA 163 -59.95 49.88 -95.41
CA PRO TA 163 -60.13 51.31 -95.65
C PRO TA 163 -59.10 52.18 -94.94
N VAL TA 164 -58.85 53.34 -95.55
CA VAL TA 164 -58.00 54.38 -94.99
C VAL TA 164 -58.84 55.63 -94.83
N ILE TA 165 -58.83 56.21 -93.63
CA ILE TA 165 -59.74 57.29 -93.26
C ILE TA 165 -58.93 58.51 -92.84
N LEU TA 166 -59.35 59.68 -93.33
CA LEU TA 166 -58.78 60.96 -92.94
C LEU TA 166 -59.88 61.84 -92.38
N ASN TA 167 -59.52 62.68 -91.40
CA ASN TA 167 -60.47 63.54 -90.71
C ASN TA 167 -60.01 64.99 -90.78
N PHE TA 168 -60.98 65.91 -90.83
CA PHE TA 168 -60.71 67.34 -90.89
C PHE TA 168 -61.42 68.05 -89.74
N GLN TA 169 -60.76 69.04 -89.16
CA GLN TA 169 -61.33 69.85 -88.09
C GLN TA 169 -60.89 71.29 -88.27
N VAL TA 170 -61.84 72.22 -88.11
CA VAL TA 170 -61.59 73.65 -88.27
C VAL TA 170 -61.20 74.24 -86.92
N LEU TA 171 -60.08 74.95 -86.89
CA LEU TA 171 -59.60 75.58 -85.67
C LEU TA 171 -59.90 77.07 -85.62
N SER TA 172 -59.82 77.77 -86.75
CA SER TA 172 -60.09 79.20 -86.79
C SER TA 172 -60.35 79.61 -88.23
N VAL TA 173 -61.29 80.54 -88.41
CA VAL TA 173 -61.61 81.07 -89.73
C VAL TA 173 -61.74 82.58 -89.61
N SER TA 174 -61.37 83.27 -90.68
CA SER TA 174 -61.45 84.74 -90.72
C SER TA 174 -61.70 85.24 -92.14
N THR UA 26 -122.07 109.87 -58.95
CA THR UA 26 -120.70 110.12 -58.51
C THR UA 26 -119.95 108.81 -58.37
N THR UA 27 -119.34 108.35 -59.46
CA THR UA 27 -118.61 107.09 -59.51
C THR UA 27 -117.17 107.35 -59.90
N GLN UA 28 -116.24 106.73 -59.18
CA GLN UA 28 -114.81 106.84 -59.44
C GLN UA 28 -114.33 105.58 -60.15
N SER UA 29 -113.70 105.76 -61.31
CA SER UA 29 -113.30 104.59 -62.09
C SER UA 29 -111.79 104.38 -62.04
N PRO UA 30 -111.33 103.13 -62.02
CA PRO UA 30 -109.87 102.89 -62.02
C PRO UA 30 -109.25 102.94 -63.40
N LEU UA 31 -110.04 102.83 -64.47
CA LEU UA 31 -109.56 103.01 -65.85
C LEU UA 31 -108.50 101.98 -66.23
N ASN UA 32 -108.79 100.71 -65.93
CA ASN UA 32 -107.88 99.62 -66.29
C ASN UA 32 -108.62 98.38 -66.78
N SER UA 33 -109.86 98.54 -67.24
CA SER UA 33 -110.68 97.41 -67.68
C SER UA 33 -110.61 97.25 -69.19
N PHE UA 34 -109.40 96.95 -69.69
CA PHE UA 34 -109.18 96.73 -71.11
C PHE UA 34 -108.22 95.56 -71.29
N TYR UA 35 -108.56 94.66 -72.22
CA TYR UA 35 -107.78 93.45 -72.42
C TYR UA 35 -107.76 93.06 -73.89
N ALA UA 36 -106.76 92.26 -74.25
CA ALA UA 36 -106.65 91.66 -75.58
C ALA UA 36 -105.97 90.31 -75.42
N THR UA 37 -106.40 89.33 -76.23
CA THR UA 37 -105.99 87.95 -76.02
C THR UA 37 -105.54 87.31 -77.33
N GLY UA 38 -104.48 86.50 -77.24
CA GLY UA 38 -104.02 85.68 -78.34
C GLY UA 38 -103.81 84.24 -77.90
N THR UA 39 -103.24 83.40 -78.78
CA THR UA 39 -103.05 81.99 -78.48
C THR UA 39 -101.75 81.50 -79.10
N ALA UA 40 -101.27 80.37 -78.60
CA ALA UA 40 -100.07 79.72 -79.13
C ALA UA 40 -100.15 78.23 -78.85
N GLN UA 41 -99.38 77.46 -79.61
CA GLN UA 41 -99.39 76.01 -79.47
C GLN UA 41 -98.13 75.41 -80.08
N ALA UA 42 -97.87 74.15 -79.72
CA ALA UA 42 -96.79 73.37 -80.31
C ALA UA 42 -97.13 71.90 -80.10
N VAL UA 43 -97.47 71.19 -81.18
CA VAL UA 43 -98.06 69.86 -81.05
C VAL UA 43 -97.34 68.82 -81.91
N GLN UA 44 -96.06 69.02 -82.20
CA GLN UA 44 -95.32 68.02 -82.95
C GLN UA 44 -93.82 68.12 -82.66
N GLU UA 45 -93.12 66.99 -82.82
CA GLU UA 45 -91.69 66.90 -82.61
C GLU UA 45 -90.93 67.46 -83.82
N PRO UA 46 -89.70 67.95 -83.60
CA PRO UA 46 -88.99 68.62 -84.71
C PRO UA 46 -88.77 67.76 -85.94
N ILE UA 47 -88.46 66.47 -85.76
CA ILE UA 47 -88.06 65.63 -86.88
C ILE UA 47 -88.86 64.33 -86.88
N ASP UA 48 -88.88 63.68 -88.05
CA ASP UA 48 -89.46 62.36 -88.22
C ASP UA 48 -88.46 61.51 -88.99
N VAL UA 49 -88.32 60.25 -88.61
CA VAL UA 49 -87.28 59.37 -89.15
C VAL UA 49 -87.92 58.11 -89.71
N GLU UA 50 -87.53 57.74 -90.93
CA GLU UA 50 -88.02 56.54 -91.58
C GLU UA 50 -86.85 55.75 -92.14
N SER UA 51 -86.92 54.42 -92.04
CA SER UA 51 -85.80 53.54 -92.36
C SER UA 51 -86.08 52.74 -93.63
N HIS UA 52 -85.03 52.54 -94.44
CA HIS UA 52 -85.10 51.73 -95.65
C HIS UA 52 -83.85 50.86 -95.79
N LEU UA 53 -83.43 50.23 -94.70
CA LEU UA 53 -82.26 49.35 -94.71
C LEU UA 53 -82.72 47.95 -95.09
N ASP UA 54 -82.64 47.64 -96.38
CA ASP UA 54 -83.16 46.38 -96.92
C ASP UA 54 -82.07 45.59 -97.65
N ASN UA 55 -80.89 45.51 -97.05
CA ASN UA 55 -79.83 44.64 -97.55
C ASN UA 55 -79.23 43.86 -96.40
N THR UA 56 -78.73 42.67 -96.70
CA THR UA 56 -78.23 41.75 -95.70
C THR UA 56 -76.73 41.52 -95.88
N ILE UA 57 -75.98 41.63 -94.79
CA ILE UA 57 -74.57 41.26 -94.79
C ILE UA 57 -74.50 39.75 -94.71
N ALA UA 58 -74.20 39.10 -95.84
CA ALA UA 58 -74.22 37.64 -95.94
C ALA UA 58 -72.89 37.14 -96.52
N PRO UA 59 -71.83 37.16 -95.74
CA PRO UA 59 -70.57 36.55 -96.18
C PRO UA 59 -70.46 35.11 -95.70
N ALA UA 60 -69.39 34.45 -96.15
CA ALA UA 60 -69.05 33.13 -95.63
C ALA UA 60 -68.37 33.27 -94.27
N ALA UA 61 -68.24 32.14 -93.58
CA ALA UA 61 -67.65 32.15 -92.24
C ALA UA 61 -66.17 32.52 -92.33
N GLY UA 62 -65.77 33.54 -91.58
CA GLY UA 62 -64.38 33.95 -91.53
C GLY UA 62 -63.91 34.80 -92.68
N ALA UA 63 -64.80 35.28 -93.54
CA ALA UA 63 -64.43 36.03 -94.72
C ALA UA 63 -64.35 37.53 -94.42
N GLN UA 64 -63.57 38.22 -95.25
CA GLN UA 64 -63.44 39.68 -95.19
C GLN UA 64 -64.20 40.26 -96.38
N GLY UA 65 -65.06 41.24 -96.11
CA GLY UA 65 -65.98 41.69 -97.14
C GLY UA 65 -66.18 43.18 -97.29
N TYR UA 66 -67.20 43.54 -98.08
CA TYR UA 66 -67.49 44.92 -98.45
C TYR UA 66 -68.93 45.00 -98.94
N LYS UA 67 -69.78 45.77 -98.25
CA LYS UA 67 -71.21 45.70 -98.51
C LYS UA 67 -71.85 47.05 -98.22
N ASP UA 68 -72.93 47.34 -98.94
CA ASP UA 68 -73.79 48.48 -98.67
C ASP UA 68 -75.15 47.99 -98.19
N MET UA 69 -75.89 48.85 -97.51
CA MET UA 69 -77.09 48.42 -96.79
C MET UA 69 -78.37 49.08 -97.28
N GLY UA 70 -78.40 50.40 -97.39
CA GLY UA 70 -79.62 51.11 -97.73
C GLY UA 70 -79.48 52.58 -97.36
N TYR UA 71 -80.63 53.23 -97.13
CA TYR UA 71 -80.61 54.64 -96.79
C TYR UA 71 -81.73 54.94 -95.80
N VAL UA 72 -81.60 56.07 -95.12
CA VAL UA 72 -82.52 56.51 -94.08
C VAL UA 72 -83.01 57.91 -94.40
N LYS UA 73 -84.30 58.16 -94.19
CA LYS UA 73 -84.91 59.45 -94.49
C LYS UA 73 -85.22 60.21 -93.20
N ILE UA 74 -84.93 61.51 -93.22
CA ILE UA 74 -85.20 62.40 -92.09
C ILE UA 74 -86.07 63.55 -92.60
N ILE UA 75 -87.11 63.88 -91.85
CA ILE UA 75 -88.07 64.91 -92.23
C ILE UA 75 -88.05 66.01 -91.18
N ASN UA 76 -87.97 67.26 -91.63
CA ASN UA 76 -87.87 68.42 -90.77
C ASN UA 76 -89.07 69.35 -90.95
N TYR UA 77 -89.52 69.94 -89.85
CA TYR UA 77 -90.84 70.57 -89.74
C TYR UA 77 -90.72 72.07 -89.49
N THR UA 78 -91.85 72.69 -89.18
CA THR UA 78 -92.00 74.14 -89.23
C THR UA 78 -90.98 74.85 -88.37
N ASP UA 79 -90.39 75.91 -88.92
CA ASP UA 79 -89.45 76.80 -88.24
C ASP UA 79 -88.19 76.10 -87.77
N VAL UA 80 -87.79 75.03 -88.46
CA VAL UA 80 -86.58 74.28 -88.16
C VAL UA 80 -85.57 74.55 -89.26
N ASN UA 81 -84.35 74.89 -88.89
CA ASN UA 81 -83.29 75.16 -89.85
C ASN UA 81 -82.05 74.32 -89.65
N VAL UA 82 -81.64 74.08 -88.40
CA VAL UA 82 -80.42 73.34 -88.09
C VAL UA 82 -80.74 72.33 -87.01
N VAL UA 83 -80.27 71.10 -87.19
CA VAL UA 83 -80.52 70.00 -86.26
C VAL UA 83 -79.19 69.37 -85.86
N LYS UA 84 -79.01 69.13 -84.57
CA LYS UA 84 -77.87 68.42 -84.03
C LYS UA 84 -78.30 67.04 -83.57
N LEU UA 85 -77.61 66.01 -84.04
CA LEU UA 85 -78.02 64.63 -83.81
C LEU UA 85 -76.88 63.81 -83.22
N LYS UA 86 -77.26 62.75 -82.51
CA LYS UA 86 -76.32 61.78 -81.98
C LYS UA 86 -76.76 60.39 -82.42
N VAL UA 87 -75.85 59.64 -83.02
CA VAL UA 87 -76.13 58.31 -83.55
C VAL UA 87 -75.25 57.30 -82.86
N THR UA 88 -75.84 56.20 -82.43
CA THR UA 88 -75.13 55.17 -81.68
C THR UA 88 -75.60 53.79 -82.11
N LEU UA 89 -74.77 52.78 -81.81
CA LEU UA 89 -75.11 51.39 -82.05
C LEU UA 89 -75.73 50.83 -80.77
N ALA UA 90 -77.01 50.47 -80.84
CA ALA UA 90 -77.75 50.07 -79.64
C ALA UA 90 -77.35 48.69 -79.15
N ASN UA 91 -77.08 47.76 -80.07
CA ASN UA 91 -76.82 46.38 -79.70
C ASN UA 91 -75.40 45.95 -80.03
N ALA UA 92 -74.43 46.82 -79.73
CA ALA UA 92 -73.04 46.49 -80.03
C ALA UA 92 -72.54 45.33 -79.19
N ALA UA 93 -73.03 45.20 -77.95
CA ALA UA 93 -72.60 44.12 -77.08
C ALA UA 93 -73.00 42.76 -77.64
N GLN UA 94 -74.20 42.67 -78.21
CA GLN UA 94 -74.67 41.41 -78.78
C GLN UA 94 -73.86 41.00 -80.00
N LEU UA 95 -73.40 41.97 -80.80
CA LEU UA 95 -72.69 41.69 -82.03
C LEU UA 95 -71.21 41.38 -81.81
N ARG UA 96 -70.68 41.60 -80.61
CA ARG UA 96 -69.26 41.36 -80.37
C ARG UA 96 -68.83 39.91 -80.61
N PRO UA 97 -69.52 38.88 -80.10
CA PRO UA 97 -69.02 37.50 -80.32
C PRO UA 97 -69.06 37.05 -81.77
N TYR UA 98 -69.73 37.79 -82.66
CA TYR UA 98 -69.89 37.36 -84.04
C TYR UA 98 -68.92 38.02 -85.01
N PHE UA 99 -68.22 39.07 -84.60
CA PHE UA 99 -67.38 39.84 -85.50
C PHE UA 99 -66.05 40.18 -84.84
N LYS UA 100 -64.97 40.14 -85.63
CA LYS UA 100 -63.71 40.72 -85.19
C LYS UA 100 -63.74 42.24 -85.26
N TYR UA 101 -64.34 42.78 -86.32
CA TYR UA 101 -64.52 44.23 -86.43
C TYR UA 101 -65.68 44.50 -87.38
N LEU UA 102 -66.30 45.66 -87.21
CA LEU UA 102 -67.42 46.08 -88.04
C LEU UA 102 -67.51 47.60 -88.01
N GLN UA 103 -67.45 48.22 -89.17
CA GLN UA 103 -67.45 49.68 -89.28
C GLN UA 103 -68.57 50.13 -90.20
N LEU UA 104 -69.25 51.20 -89.80
CA LEU UA 104 -70.35 51.78 -90.56
C LEU UA 104 -69.99 53.20 -90.96
N VAL UA 105 -70.22 53.53 -92.23
CA VAL UA 105 -69.90 54.84 -92.79
C VAL UA 105 -71.19 55.51 -93.23
N LEU UA 106 -71.44 56.72 -92.75
CA LEU UA 106 -72.63 57.49 -93.07
C LEU UA 106 -72.24 58.70 -93.92
N THR UA 107 -72.94 58.87 -95.04
CA THR UA 107 -72.66 59.97 -95.95
C THR UA 107 -73.95 60.70 -96.29
N SER UA 108 -73.88 62.03 -96.34
CA SER UA 108 -75.01 62.86 -96.77
C SER UA 108 -74.90 63.09 -98.27
N ASN UA 109 -76.01 62.86 -98.98
CA ASN UA 109 -76.03 62.85 -100.44
C ASN UA 109 -77.23 63.64 -100.98
N ALA UA 110 -78.20 63.98 -100.11
CA ALA UA 110 -79.47 64.53 -100.56
C ALA UA 110 -79.28 65.75 -101.47
N SER UA 111 -78.19 66.49 -101.29
CA SER UA 111 -77.77 67.51 -102.25
C SER UA 111 -76.89 66.86 -103.31
N SER UA 112 -77.33 66.94 -104.57
CA SER UA 112 -76.59 66.33 -105.66
C SER UA 112 -75.25 66.99 -105.89
N THR UA 113 -75.04 68.20 -105.37
CA THR UA 113 -73.77 68.90 -105.53
C THR UA 113 -72.80 68.65 -104.39
N VAL UA 114 -73.30 68.40 -103.18
CA VAL UA 114 -72.48 68.27 -101.99
C VAL UA 114 -72.70 66.88 -101.39
N GLU UA 115 -71.78 65.96 -101.67
CA GLU UA 115 -71.73 64.67 -100.99
C GLU UA 115 -70.70 64.76 -99.86
N GLU UA 116 -71.11 64.38 -98.66
CA GLU UA 116 -70.22 64.43 -97.50
C GLU UA 116 -70.42 63.23 -96.60
N THR UA 117 -69.31 62.61 -96.19
CA THR UA 117 -69.32 61.61 -95.13
C THR UA 117 -69.28 62.32 -93.78
N LYS UA 118 -70.21 61.96 -92.90
CA LYS UA 118 -70.38 62.67 -91.63
C LYS UA 118 -69.81 61.94 -90.42
N ALA UA 119 -69.93 60.61 -90.35
CA ALA UA 119 -69.46 59.89 -89.19
C ALA UA 119 -69.08 58.47 -89.57
N VAL UA 120 -68.23 57.87 -88.74
CA VAL UA 120 -67.84 56.46 -88.87
C VAL UA 120 -68.09 55.81 -87.51
N LEU UA 121 -68.85 54.72 -87.51
CA LEU UA 121 -69.18 54.00 -86.30
C LEU UA 121 -68.49 52.64 -86.29
N SER UA 122 -68.15 52.17 -85.10
CA SER UA 122 -67.45 50.90 -84.94
C SER UA 122 -67.88 50.26 -83.62
N LEU UA 123 -67.49 49.01 -83.44
CA LEU UA 123 -67.83 48.28 -82.22
C LEU UA 123 -67.07 48.80 -81.01
N LYS UA 124 -65.94 49.46 -81.21
CA LYS UA 124 -65.16 50.01 -80.11
C LYS UA 124 -65.56 51.45 -79.77
N LYS UA 125 -66.01 52.22 -80.76
CA LYS UA 125 -66.49 53.59 -80.57
C LYS UA 125 -67.85 53.70 -81.23
N PRO UA 126 -68.92 53.32 -80.52
CA PRO UA 126 -70.24 53.19 -81.16
C PRO UA 126 -70.98 54.49 -81.40
N SER UA 127 -70.56 55.60 -80.79
CA SER UA 127 -71.34 56.83 -80.81
C SER UA 127 -70.61 57.92 -81.58
N ALA UA 128 -71.39 58.81 -82.20
CA ALA UA 128 -70.85 59.94 -82.94
C ALA UA 128 -71.90 61.05 -82.96
N VAL UA 129 -71.43 62.27 -83.21
CA VAL UA 129 -72.27 63.46 -83.28
C VAL UA 129 -72.07 64.12 -84.63
N ILE UA 130 -73.18 64.42 -85.31
CA ILE UA 130 -73.15 65.00 -86.65
C ILE UA 130 -73.97 66.28 -86.67
N ILE UA 131 -73.76 67.08 -87.71
CA ILE UA 131 -74.42 68.36 -87.88
C ILE UA 131 -75.06 68.39 -89.26
N LEU UA 132 -76.34 68.78 -89.33
CA LEU UA 132 -77.05 68.98 -90.58
C LEU UA 132 -77.43 70.45 -90.69
N ASP UA 133 -77.11 71.07 -91.83
CA ASP UA 133 -77.32 72.50 -92.00
C ASP UA 133 -78.08 72.82 -93.29
N ASN UA 134 -78.11 74.10 -93.66
CA ASN UA 134 -78.89 74.55 -94.81
C ASN UA 134 -78.50 73.83 -96.09
N ASP UA 135 -77.22 73.49 -96.25
CA ASP UA 135 -76.78 72.83 -97.48
C ASP UA 135 -77.33 71.41 -97.59
N ASP UA 136 -77.48 70.72 -96.46
CA ASP UA 136 -77.92 69.33 -96.51
C ASP UA 136 -79.40 69.23 -96.88
N TYR UA 137 -80.22 70.16 -96.39
CA TYR UA 137 -81.66 70.08 -96.57
C TYR UA 137 -82.07 70.38 -98.01
N SER UA 138 -81.75 69.47 -98.93
CA SER UA 138 -82.23 69.58 -100.30
C SER UA 138 -83.69 69.20 -100.37
N SER UA 139 -84.38 69.74 -101.38
CA SER UA 139 -85.83 69.72 -101.51
C SER UA 139 -86.51 70.40 -100.32
N THR UA 140 -85.73 71.05 -99.46
CA THR UA 140 -86.19 71.87 -98.33
C THR UA 140 -86.89 71.06 -97.24
N ASN UA 141 -87.03 69.74 -97.42
CA ASN UA 141 -87.85 68.97 -96.50
C ASN UA 141 -87.26 67.64 -96.03
N LYS UA 142 -86.16 67.15 -96.61
CA LYS UA 142 -85.71 65.81 -96.23
C LYS UA 142 -84.21 65.66 -96.37
N ILE UA 143 -83.68 64.72 -95.59
CA ILE UA 143 -82.28 64.29 -95.62
C ILE UA 143 -82.22 62.83 -96.02
N GLN UA 144 -81.27 62.49 -96.90
CA GLN UA 144 -81.04 61.11 -97.32
C GLN UA 144 -79.62 60.71 -96.91
N LEU UA 145 -79.52 59.61 -96.17
CA LEU UA 145 -78.23 59.10 -95.67
C LEU UA 145 -78.18 57.60 -95.90
N LYS UA 146 -77.24 57.16 -96.75
CA LYS UA 146 -76.98 55.74 -96.91
C LYS UA 146 -75.89 55.26 -95.96
N VAL UA 147 -75.88 53.95 -95.72
CA VAL UA 147 -74.99 53.31 -94.76
C VAL UA 147 -73.99 52.46 -95.51
N GLU UA 148 -72.72 52.57 -95.13
CA GLU UA 148 -71.66 51.76 -95.74
C GLU UA 148 -71.00 50.92 -94.67
N ALA UA 149 -70.83 49.63 -94.96
CA ALA UA 149 -70.37 48.66 -93.96
C ALA UA 149 -69.08 47.99 -94.42
N TYR UA 150 -68.15 47.83 -93.48
CA TYR UA 150 -66.95 47.04 -93.64
C TYR UA 150 -66.88 46.05 -92.48
N TYR UA 151 -66.50 44.81 -92.76
CA TYR UA 151 -66.65 43.77 -91.75
C TYR UA 151 -65.64 42.65 -91.99
N GLU UA 152 -65.42 41.86 -90.94
CA GLU UA 152 -64.73 40.59 -91.02
C GLU UA 152 -65.40 39.64 -90.03
N ALA UA 153 -65.85 38.49 -90.53
CA ALA UA 153 -66.60 37.54 -89.72
C ALA UA 153 -65.67 36.65 -88.91
N LYS UA 154 -66.17 36.16 -87.79
CA LYS UA 154 -65.41 35.24 -86.96
C LYS UA 154 -65.21 33.91 -87.66
N GLU UA 155 -64.13 33.22 -87.30
CA GLU UA 155 -63.76 31.97 -87.95
C GLU UA 155 -64.65 30.84 -87.45
N GLY UA 156 -65.33 30.18 -88.39
CA GLY UA 156 -66.10 28.99 -88.07
C GLY UA 156 -67.40 29.23 -87.33
N MET UA 157 -67.96 30.43 -87.41
CA MET UA 157 -69.21 30.76 -86.73
C MET UA 157 -70.34 30.83 -87.74
N LEU UA 158 -71.42 30.10 -87.47
CA LEU UA 158 -72.58 30.05 -88.35
C LEU UA 158 -73.81 30.54 -87.60
N PHE UA 159 -74.63 31.35 -88.27
CA PHE UA 159 -75.79 31.96 -87.64
C PHE UA 159 -76.70 32.50 -88.73
N ASP UA 160 -77.90 32.91 -88.31
CA ASP UA 160 -78.86 33.51 -89.23
C ASP UA 160 -79.85 34.34 -88.42
N SER UA 161 -80.50 35.28 -89.10
CA SER UA 161 -81.53 36.13 -88.50
C SER UA 161 -80.99 36.91 -87.30
N LEU UA 162 -79.94 37.71 -87.55
CA LEU UA 162 -79.33 38.55 -86.52
C LEU UA 162 -79.56 40.01 -86.87
N PRO UA 163 -80.24 40.78 -86.01
CA PRO UA 163 -80.54 42.17 -86.35
C PRO UA 163 -79.44 43.14 -85.92
N VAL UA 164 -79.37 44.25 -86.67
CA VAL UA 164 -78.49 45.37 -86.36
C VAL UA 164 -79.36 46.60 -86.16
N ILE UA 165 -79.16 47.30 -85.04
CA ILE UA 165 -80.06 48.37 -84.61
C ILE UA 165 -79.26 49.65 -84.46
N LEU UA 166 -79.82 50.75 -84.96
CA LEU UA 166 -79.26 52.09 -84.79
C LEU UA 166 -80.29 52.98 -84.11
N ASN UA 167 -79.81 53.92 -83.30
CA ASN UA 167 -80.68 54.80 -82.53
C ASN UA 167 -80.32 56.26 -82.80
N PHE UA 168 -81.32 57.13 -82.75
CA PHE UA 168 -81.16 58.55 -82.99
C PHE UA 168 -81.69 59.34 -81.80
N GLN UA 169 -80.98 60.41 -81.43
CA GLN UA 169 -81.40 61.30 -80.37
C GLN UA 169 -81.08 62.73 -80.74
N VAL UA 170 -82.03 63.63 -80.49
CA VAL UA 170 -81.90 65.04 -80.82
C VAL UA 170 -81.31 65.77 -79.62
N LEU UA 171 -80.23 66.53 -79.86
CA LEU UA 171 -79.59 67.30 -78.80
C LEU UA 171 -79.96 68.78 -78.83
N SER UA 172 -80.12 69.36 -80.01
CA SER UA 172 -80.47 70.77 -80.13
C SER UA 172 -81.01 71.03 -81.53
N VAL UA 173 -82.02 71.89 -81.62
CA VAL UA 173 -82.60 72.28 -82.89
C VAL UA 173 -82.80 73.80 -82.89
N SER UA 174 -82.66 74.40 -84.07
CA SER UA 174 -82.83 75.84 -84.21
C SER UA 174 -83.36 76.20 -85.60
N THR VA 26 -138.07 101.53 -44.16
CA THR VA 26 -136.66 101.87 -44.00
C THR VA 26 -135.82 100.60 -43.89
N THR VA 27 -135.40 100.07 -45.03
CA THR VA 27 -134.62 98.84 -45.09
C THR VA 27 -133.29 99.11 -45.78
N GLN VA 28 -132.21 98.60 -45.18
CA GLN VA 28 -130.86 98.75 -45.72
C GLN VA 28 -130.45 97.45 -46.38
N SER VA 29 -130.05 97.52 -47.65
CA SER VA 29 -129.72 96.31 -48.39
C SER VA 29 -128.22 96.17 -48.59
N PRO VA 30 -127.69 94.94 -48.54
CA PRO VA 30 -126.26 94.76 -48.80
C PRO VA 30 -125.89 94.71 -50.27
N LEU VA 31 -126.84 94.46 -51.16
CA LEU VA 31 -126.64 94.53 -52.61
C LEU VA 31 -125.60 93.50 -53.09
N ASN VA 32 -125.76 92.25 -52.64
CA ASN VA 32 -124.87 91.18 -53.05
C ASN VA 32 -125.63 89.87 -53.29
N SER VA 33 -126.93 89.94 -53.52
CA SER VA 33 -127.75 88.74 -53.70
C SER VA 33 -127.95 88.43 -55.19
N PHE VA 34 -126.83 88.14 -55.87
CA PHE VA 34 -126.85 87.79 -57.28
C PHE VA 34 -125.89 86.64 -57.52
N TYR VA 35 -126.33 85.65 -58.30
CA TYR VA 35 -125.53 84.45 -58.53
C TYR VA 35 -125.76 83.91 -59.94
N ALA VA 36 -124.80 83.13 -60.41
CA ALA VA 36 -124.89 82.42 -61.68
C ALA VA 36 -124.12 81.11 -61.53
N THR VA 37 -124.62 80.04 -62.15
CA THR VA 37 -124.11 78.70 -61.90
C THR VA 37 -123.86 77.95 -63.21
N GLY VA 38 -122.76 77.21 -63.24
CA GLY VA 38 -122.47 76.30 -64.33
C GLY VA 38 -122.09 74.91 -63.83
N THR VA 39 -121.65 74.02 -64.71
CA THR VA 39 -121.33 72.65 -64.33
C THR VA 39 -120.14 72.16 -65.14
N ALA VA 40 -119.50 71.10 -64.63
CA ALA VA 40 -118.39 70.46 -65.32
C ALA VA 40 -118.33 68.99 -64.89
N GLN VA 41 -117.66 68.18 -65.72
CA GLN VA 41 -117.57 66.75 -65.45
C GLN VA 41 -116.41 66.15 -66.22
N ALA VA 42 -116.03 64.95 -65.82
CA ALA VA 42 -115.02 64.14 -66.53
C ALA VA 42 -115.23 62.69 -66.12
N VAL VA 43 -115.73 61.87 -67.05
CA VAL VA 43 -116.21 60.53 -66.70
C VAL VA 43 -115.59 59.44 -67.58
N GLN VA 44 -114.40 59.66 -68.12
CA GLN VA 44 -113.74 58.62 -68.91
C GLN VA 44 -112.23 58.82 -68.90
N GLU VA 45 -111.52 57.71 -69.09
CA GLU VA 45 -110.07 57.69 -69.14
C GLU VA 45 -109.57 58.16 -70.51
N PRO VA 46 -108.35 58.72 -70.57
CA PRO VA 46 -107.88 59.30 -71.84
C PRO VA 46 -107.83 58.34 -73.01
N ILE VA 47 -107.43 57.09 -72.78
CA ILE VA 47 -107.19 56.15 -73.88
C ILE VA 47 -107.91 54.84 -73.62
N ASP VA 48 -108.10 54.09 -74.71
CA ASP VA 48 -108.63 52.72 -74.64
C ASP VA 48 -107.73 51.85 -75.51
N VAL VA 49 -107.45 50.63 -75.06
CA VAL VA 49 -106.48 49.75 -75.69
C VAL VA 49 -107.14 48.42 -76.01
N GLU VA 50 -106.96 47.95 -77.24
CA GLU VA 50 -107.50 46.66 -77.69
C GLU VA 50 -106.39 45.88 -78.38
N SER VA 51 -106.37 44.56 -78.16
CA SER VA 51 -105.27 43.70 -78.60
C SER VA 51 -105.74 42.77 -79.72
N HIS VA 52 -104.84 42.54 -80.68
CA HIS VA 52 -105.08 41.61 -81.78
C HIS VA 52 -103.83 40.78 -82.08
N LEU VA 53 -103.18 40.28 -81.03
CA LEU VA 53 -101.99 39.45 -81.18
C LEU VA 53 -102.43 38.00 -81.34
N ASP VA 54 -102.57 37.57 -82.59
CA ASP VA 54 -103.10 36.24 -82.92
C ASP VA 54 -102.12 35.43 -83.76
N ASN VA 55 -100.85 35.45 -83.39
CA ASN VA 55 -99.85 34.59 -84.01
C ASN VA 55 -98.99 33.95 -82.91
N THR VA 56 -98.50 32.75 -83.20
CA THR VA 56 -97.77 31.94 -82.22
C THR VA 56 -96.33 31.76 -82.66
N ILE VA 57 -95.40 32.01 -81.75
CA ILE VA 57 -93.99 31.70 -81.96
C ILE VA 57 -93.83 30.20 -81.77
N ALA VA 58 -93.69 29.46 -82.86
CA ALA VA 58 -93.64 27.99 -82.84
C ALA VA 58 -92.43 27.50 -83.61
N PRO VA 59 -91.24 27.63 -83.04
CA PRO VA 59 -90.05 27.03 -83.64
C PRO VA 59 -89.77 25.64 -83.07
N ALA VA 60 -88.77 24.99 -83.65
CA ALA VA 60 -88.28 23.74 -83.09
C ALA VA 60 -87.36 24.04 -81.90
N ALA VA 61 -87.05 22.99 -81.15
CA ALA VA 61 -86.22 23.15 -79.95
C ALA VA 61 -84.80 23.56 -80.33
N GLY VA 62 -84.34 24.67 -79.77
CA GLY VA 62 -82.99 25.14 -80.01
C GLY VA 62 -82.78 25.89 -81.30
N ALA VA 63 -83.84 26.25 -82.00
CA ALA VA 63 -83.72 26.89 -83.30
C ALA VA 63 -83.67 28.41 -83.16
N GLN VA 64 -83.10 29.06 -84.17
CA GLN VA 64 -83.05 30.52 -84.27
C GLN VA 64 -84.03 30.96 -85.34
N GLY VA 65 -84.89 31.92 -85.00
CA GLY VA 65 -86.00 32.23 -85.89
C GLY VA 65 -86.31 33.69 -86.12
N TYR VA 66 -87.48 33.93 -86.74
CA TYR VA 66 -87.90 35.26 -87.17
C TYR VA 66 -89.41 35.23 -87.39
N LYS VA 67 -90.16 36.02 -86.63
CA LYS VA 67 -91.62 35.88 -86.62
C LYS VA 67 -92.26 37.23 -86.33
N ASP VA 68 -93.47 37.40 -86.87
CA ASP VA 68 -94.33 38.54 -86.55
C ASP VA 68 -95.55 38.03 -85.78
N MET VA 69 -96.21 38.93 -85.04
CA MET VA 69 -97.24 38.52 -84.08
C MET VA 69 -98.62 39.08 -84.39
N GLY VA 70 -98.73 40.38 -84.61
CA GLY VA 70 -100.04 41.01 -84.78
C GLY VA 70 -99.92 42.51 -84.57
N TYR VA 71 -101.03 43.13 -84.20
CA TYR VA 71 -101.05 44.57 -83.98
C TYR VA 71 -101.98 44.92 -82.83
N VAL VA 72 -101.79 46.12 -82.29
CA VAL VA 72 -102.54 46.61 -81.14
C VAL VA 72 -103.15 47.96 -81.49
N LYS VA 73 -104.40 48.17 -81.08
CA LYS VA 73 -105.12 49.40 -81.36
C LYS VA 73 -105.23 50.27 -80.12
N ILE VA 74 -105.03 51.57 -80.29
CA ILE VA 74 -105.13 52.57 -79.23
C ILE VA 74 -106.15 53.61 -79.66
N ILE VA 75 -107.06 53.98 -78.76
CA ILE VA 75 -108.13 54.93 -79.05
C ILE VA 75 -107.98 56.13 -78.12
N ASN VA 76 -108.05 57.33 -78.69
CA ASN VA 76 -107.86 58.58 -77.96
C ASN VA 76 -109.13 59.42 -78.01
N TYR VA 77 -109.41 60.10 -76.89
CA TYR VA 77 -110.72 60.69 -76.60
C TYR VA 77 -110.63 62.20 -76.51
N THR VA 78 -111.73 62.80 -76.05
CA THR VA 78 -111.97 64.24 -76.20
C THR VA 78 -110.84 65.07 -75.60
N ASP VA 79 -110.42 66.09 -76.35
CA ASP VA 79 -109.44 67.09 -75.93
C ASP VA 79 -108.07 66.48 -75.65
N VAL VA 80 -107.75 65.37 -76.30
CA VAL VA 80 -106.45 64.70 -76.17
C VAL VA 80 -105.68 64.90 -77.46
N ASN VA 81 -104.43 65.33 -77.34
CA ASN VA 81 -103.58 65.54 -78.50
C ASN VA 81 -102.27 64.78 -78.46
N VAL VA 82 -101.63 64.68 -77.29
CA VAL VA 82 -100.35 64.02 -77.15
C VAL VA 82 -100.41 63.10 -75.93
N VAL VA 83 -99.91 61.87 -76.09
CA VAL VA 83 -99.92 60.87 -75.04
C VAL VA 83 -98.51 60.33 -74.85
N LYS VA 84 -98.09 60.23 -73.58
CA LYS VA 84 -96.82 59.62 -73.21
C LYS VA 84 -97.10 58.27 -72.56
N LEU VA 85 -96.44 57.23 -73.05
CA LEU VA 85 -96.73 55.87 -72.64
C LEU VA 85 -95.46 55.15 -72.20
N LYS VA 86 -95.64 54.15 -71.34
CA LYS VA 86 -94.57 53.27 -70.90
C LYS VA 86 -95.00 51.83 -71.12
N VAL VA 87 -94.18 51.06 -71.82
CA VAL VA 87 -94.47 49.68 -72.18
C VAL VA 87 -93.41 48.78 -71.57
N THR VA 88 -93.86 47.69 -70.93
CA THR VA 88 -92.97 46.77 -70.25
C THR VA 88 -93.43 45.34 -70.46
N LEU VA 89 -92.52 44.40 -70.23
CA LEU VA 89 -92.80 42.98 -70.28
C LEU VA 89 -93.16 42.52 -68.86
N ALA VA 90 -94.41 42.11 -68.67
CA ALA VA 90 -94.88 41.80 -67.32
C ALA VA 90 -94.33 40.48 -66.80
N ASN VA 91 -94.18 39.48 -67.66
CA ASN VA 91 -93.78 38.15 -67.21
C ASN VA 91 -92.42 37.75 -67.78
N ALA VA 92 -91.46 38.68 -67.75
CA ALA VA 92 -90.12 38.39 -68.26
C ALA VA 92 -89.43 37.32 -67.42
N ALA VA 93 -89.68 37.30 -66.11
CA ALA VA 93 -89.03 36.32 -65.25
C ALA VA 93 -89.46 34.90 -65.59
N GLN VA 94 -90.74 34.71 -65.93
CA GLN VA 94 -91.22 33.38 -66.29
C GLN VA 94 -90.62 32.90 -67.59
N LEU VA 95 -90.37 33.80 -68.54
CA LEU VA 95 -89.87 33.43 -69.86
C LEU VA 95 -88.37 33.20 -69.89
N ARG VA 96 -87.64 33.56 -68.82
CA ARG VA 96 -86.19 33.38 -68.83
C ARG VA 96 -85.73 31.95 -69.01
N PRO VA 97 -86.25 30.94 -68.30
CA PRO VA 97 -85.74 29.57 -68.49
C PRO VA 97 -86.01 28.98 -69.86
N TYR VA 98 -86.86 29.60 -70.67
CA TYR VA 98 -87.24 29.03 -71.97
C TYR VA 98 -86.50 29.64 -73.15
N PHE VA 99 -85.80 30.75 -72.96
CA PHE VA 99 -85.17 31.46 -74.07
C PHE VA 99 -83.77 31.91 -73.70
N LYS VA 100 -82.86 31.84 -74.67
CA LYS VA 100 -81.58 32.50 -74.52
C LYS VA 100 -81.71 34.01 -74.71
N TYR VA 101 -82.51 34.43 -75.69
CA TYR VA 101 -82.79 35.85 -75.89
C TYR VA 101 -84.11 35.98 -76.63
N LEU VA 102 -84.75 37.13 -76.45
CA LEU VA 102 -86.03 37.42 -77.09
C LEU VA 102 -86.20 38.93 -77.17
N GLN VA 103 -86.39 39.44 -78.39
CA GLN VA 103 -86.48 40.87 -78.63
C GLN VA 103 -87.77 41.20 -79.35
N LEU VA 104 -88.43 42.27 -78.92
CA LEU VA 104 -89.69 42.73 -79.52
C LEU VA 104 -89.48 44.12 -80.11
N VAL VA 105 -89.95 44.32 -81.33
CA VAL VA 105 -89.81 45.58 -82.05
C VAL VA 105 -91.20 46.14 -82.31
N LEU VA 106 -91.41 47.39 -81.90
CA LEU VA 106 -92.68 48.07 -82.06
C LEU VA 106 -92.53 49.20 -83.07
N THR VA 107 -93.43 49.25 -84.05
CA THR VA 107 -93.38 50.27 -85.10
C THR VA 107 -94.76 50.91 -85.26
N SER VA 108 -94.77 52.23 -85.44
CA SER VA 108 -96.00 52.96 -85.72
C SER VA 108 -96.18 53.05 -87.22
N ASN VA 109 -97.38 52.72 -87.70
CA ASN VA 109 -97.66 52.56 -89.12
C ASN VA 109 -98.98 53.24 -89.49
N ALA VA 110 -99.79 53.63 -88.50
CA ALA VA 110 -101.15 54.09 -88.75
C ALA VA 110 -101.20 55.22 -89.78
N SER VA 111 -100.13 56.01 -89.88
CA SER VA 111 -99.95 56.95 -90.98
C SER VA 111 -99.25 56.24 -92.13
N SER VA 112 -99.91 56.18 -93.28
CA SER VA 112 -99.35 55.49 -94.43
C SER VA 112 -98.10 56.18 -94.97
N THR VA 113 -97.88 57.44 -94.61
CA THR VA 113 -96.70 58.18 -95.06
C THR VA 113 -95.53 58.08 -94.10
N VAL VA 114 -95.79 57.93 -92.80
CA VAL VA 114 -94.75 57.94 -91.77
C VAL VA 114 -94.79 56.61 -91.03
N GLU VA 115 -93.88 55.70 -91.39
CA GLU VA 115 -93.63 54.49 -90.61
C GLU VA 115 -92.43 54.73 -89.71
N GLU VA 116 -92.59 54.45 -88.42
CA GLU VA 116 -91.51 54.65 -87.45
C GLU VA 116 -91.48 53.53 -86.43
N THR VA 117 -90.29 53.00 -86.18
CA THR VA 117 -90.05 52.11 -85.06
C THR VA 117 -89.80 52.94 -83.80
N LYS VA 118 -90.53 52.64 -82.73
CA LYS VA 118 -90.52 53.45 -81.52
C LYS VA 118 -89.70 52.87 -80.38
N ALA VA 119 -89.73 51.55 -80.18
CA ALA VA 119 -89.02 50.96 -79.05
C ALA VA 119 -88.63 49.53 -79.38
N VAL VA 120 -87.61 49.04 -78.67
CA VAL VA 120 -87.17 47.66 -78.74
C VAL VA 120 -87.13 47.12 -77.31
N LEU VA 121 -87.82 46.01 -77.08
CA LEU VA 121 -87.89 45.39 -75.76
C LEU VA 121 -87.14 44.07 -75.76
N SER VA 122 -86.56 43.73 -74.61
CA SER VA 122 -85.77 42.51 -74.48
C SER VA 122 -85.93 41.99 -73.05
N LEU VA 123 -85.44 40.76 -72.84
CA LEU VA 123 -85.52 40.16 -71.51
C LEU VA 123 -84.58 40.81 -70.52
N LYS VA 124 -83.54 41.50 -70.98
CA LYS VA 124 -82.61 42.19 -70.09
C LYS VA 124 -83.02 43.62 -69.81
N LYS VA 125 -83.68 44.28 -70.77
CA LYS VA 125 -84.19 45.65 -70.61
C LYS VA 125 -85.65 45.63 -71.02
N PRO VA 126 -86.56 45.29 -70.09
CA PRO VA 126 -87.95 45.04 -70.47
C PRO VA 126 -88.81 46.29 -70.68
N SER VA 127 -88.35 47.46 -70.25
CA SER VA 127 -89.18 48.66 -70.24
C SER VA 127 -88.67 49.69 -71.23
N ALA VA 128 -89.60 50.49 -71.77
CA ALA VA 128 -89.27 51.56 -72.68
C ALA VA 128 -90.35 52.63 -72.61
N VAL VA 129 -90.01 53.83 -73.05
CA VAL VA 129 -90.92 54.97 -73.06
C VAL VA 129 -91.00 55.51 -74.49
N ILE VA 130 -92.23 55.70 -74.98
CA ILE VA 130 -92.47 56.15 -76.35
C ILE VA 130 -93.36 57.38 -76.32
N ILE VA 131 -93.37 58.09 -77.45
CA ILE VA 131 -94.13 59.32 -77.62
C ILE VA 131 -95.01 59.19 -78.85
N LEU VA 132 -96.29 59.51 -78.71
CA LEU VA 132 -97.23 59.57 -79.82
C LEU VA 132 -97.70 61.01 -79.98
N ASP VA 133 -97.63 61.52 -81.22
CA ASP VA 133 -97.95 62.92 -81.48
C ASP VA 133 -98.95 63.09 -82.62
N ASN VA 134 -99.11 64.33 -83.09
CA ASN VA 134 -100.12 64.63 -84.11
C ASN VA 134 -99.93 63.81 -85.38
N ASP VA 135 -98.67 63.50 -85.74
CA ASP VA 135 -98.43 62.75 -86.96
C ASP VA 135 -98.90 61.30 -86.85
N ASP VA 136 -98.80 60.71 -85.65
CA ASP VA 136 -99.18 59.31 -85.49
C ASP VA 136 -100.68 59.11 -85.57
N TYR VA 137 -101.46 60.06 -85.03
CA TYR VA 137 -102.90 59.91 -84.94
C TYR VA 137 -103.58 60.05 -86.29
N SER VA 138 -103.38 59.07 -87.17
CA SER VA 138 -104.10 59.02 -88.43
C SER VA 138 -105.53 58.58 -88.21
N SER VA 139 -106.42 59.00 -89.12
CA SER VA 139 -107.87 58.90 -88.97
C SER VA 139 -108.36 59.67 -87.75
N THR VA 140 -107.48 60.42 -87.09
CA THR VA 140 -107.77 61.34 -85.98
C THR VA 140 -108.22 60.61 -84.72
N ASN VA 141 -108.30 59.28 -84.75
CA ASN VA 141 -108.90 58.56 -83.63
C ASN VA 141 -108.16 57.31 -83.16
N LYS VA 142 -107.16 56.81 -83.88
CA LYS VA 142 -106.58 55.53 -83.48
C LYS VA 142 -105.12 55.42 -83.88
N ILE VA 143 -104.40 54.59 -83.13
CA ILE VA 143 -103.01 54.21 -83.37
C ILE VA 143 -102.95 52.72 -83.66
N GLN VA 144 -102.16 52.34 -84.66
CA GLN VA 144 -101.92 50.94 -85.00
C GLN VA 144 -100.44 50.63 -84.82
N LEU VA 145 -100.13 49.62 -84.02
CA LEU VA 145 -98.76 49.21 -83.72
C LEU VA 145 -98.65 47.69 -83.83
N LYS VA 146 -97.86 47.21 -84.79
CA LYS VA 146 -97.56 45.80 -84.87
C LYS VA 146 -96.29 45.45 -84.08
N VAL VA 147 -96.16 44.17 -83.76
CA VAL VA 147 -95.08 43.66 -82.91
C VAL VA 147 -94.18 42.78 -83.76
N GLU VA 148 -92.87 42.97 -83.63
CA GLU VA 148 -91.90 42.16 -84.36
C GLU VA 148 -91.01 41.45 -83.35
N ALA VA 149 -90.82 40.15 -83.54
CA ALA VA 149 -90.14 39.30 -82.58
C ALA VA 149 -88.91 38.64 -83.20
N TYR VA 150 -87.82 38.62 -82.44
CA TYR VA 150 -86.63 37.84 -82.75
C TYR VA 150 -86.29 36.99 -81.54
N TYR VA 151 -85.90 35.74 -81.78
CA TYR VA 151 -85.80 34.79 -80.68
C TYR VA 151 -84.80 33.70 -81.00
N GLU VA 152 -84.34 33.03 -79.93
CA GLU VA 152 -83.61 31.78 -80.02
C GLU VA 152 -84.04 30.90 -78.85
N ALA VA 153 -84.50 29.69 -79.15
CA ALA VA 153 -85.05 28.80 -78.13
C ALA VA 153 -83.94 28.03 -77.44
N LYS VA 154 -84.21 27.62 -76.20
CA LYS VA 154 -83.26 26.82 -75.44
C LYS VA 154 -83.11 25.43 -76.06
N GLU VA 155 -81.94 24.84 -75.85
CA GLU VA 155 -81.61 23.54 -76.44
C GLU VA 155 -82.35 22.43 -75.70
N GLY VA 156 -83.14 21.65 -76.43
CA GLY VA 156 -83.77 20.47 -75.86
C GLY VA 156 -84.93 20.74 -74.92
N MET VA 157 -85.57 21.90 -75.00
CA MET VA 157 -86.68 22.24 -74.13
C MET VA 157 -87.98 22.17 -74.92
N LEU VA 158 -88.96 21.42 -74.40
CA LEU VA 158 -90.25 21.25 -75.05
C LEU VA 158 -91.35 21.76 -74.12
N PHE VA 159 -92.31 22.47 -74.69
CA PHE VA 159 -93.38 23.08 -73.92
C PHE VA 159 -94.50 23.49 -74.86
N ASP VA 160 -95.63 23.88 -74.27
CA ASP VA 160 -96.77 24.35 -75.04
C ASP VA 160 -97.65 25.22 -74.14
N SER VA 161 -98.46 26.06 -74.78
CA SER VA 161 -99.41 26.93 -74.07
C SER VA 161 -98.70 27.85 -73.08
N LEU VA 162 -97.77 28.65 -73.58
CA LEU VA 162 -97.03 29.60 -72.76
C LEU VA 162 -97.39 31.02 -73.17
N PRO VA 163 -97.95 31.84 -72.29
CA PRO VA 163 -98.39 33.17 -72.68
C PRO VA 163 -97.29 34.23 -72.56
N VAL VA 164 -97.42 35.26 -73.39
CA VAL VA 164 -96.56 36.44 -73.35
C VAL VA 164 -97.44 37.65 -73.10
N ILE VA 165 -97.09 38.45 -72.10
CA ILE VA 165 -97.96 39.53 -71.61
C ILE VA 165 -97.21 40.85 -71.71
N LEU VA 166 -97.91 41.87 -72.20
CA LEU VA 166 -97.41 43.23 -72.26
C LEU VA 166 -98.35 44.16 -71.48
N ASN VA 167 -97.79 45.18 -70.86
CA ASN VA 167 -98.55 46.10 -70.02
C ASN VA 167 -98.33 47.54 -70.48
N PHE VA 168 -99.36 48.37 -70.33
CA PHE VA 168 -99.31 49.77 -70.71
C PHE VA 168 -99.67 50.65 -69.52
N GLN VA 169 -98.97 51.78 -69.38
CA GLN VA 169 -99.24 52.75 -68.34
C GLN VA 169 -99.07 54.15 -68.90
N VAL VA 170 -100.01 55.03 -68.56
CA VAL VA 170 -100.02 56.41 -69.02
C VAL VA 170 -99.26 57.27 -68.02
N LEU VA 171 -98.29 58.04 -68.52
CA LEU VA 171 -97.52 58.94 -67.67
C LEU VA 171 -97.97 60.39 -67.75
N SER VA 172 -98.37 60.86 -68.94
CA SER VA 172 -98.82 62.23 -69.12
C SER VA 172 -99.62 62.33 -70.41
N VAL VA 173 -100.66 63.14 -70.39
CA VAL VA 173 -101.49 63.38 -71.56
C VAL VA 173 -101.76 64.87 -71.66
N SER VA 174 -101.88 65.37 -72.89
CA SER VA 174 -102.15 66.78 -73.12
C SER VA 174 -102.93 66.97 -74.42
N THR WA 26 -150.66 94.02 -26.00
CA THR WA 26 -149.27 94.43 -26.14
C THR WA 26 -148.34 93.21 -26.07
N THR WA 27 -148.11 92.59 -27.22
CA THR WA 27 -147.29 91.39 -27.31
C THR WA 27 -146.11 91.65 -28.25
N GLN WA 28 -144.92 91.24 -27.82
CA GLN WA 28 -143.70 91.40 -28.61
C GLN WA 28 -143.34 90.05 -29.22
N SER WA 29 -143.18 90.02 -30.54
CA SER WA 29 -142.93 88.76 -31.22
C SER WA 29 -141.48 88.66 -31.69
N PRO WA 30 -140.88 87.46 -31.63
CA PRO WA 30 -139.51 87.31 -32.12
C PRO WA 30 -139.40 87.13 -33.63
N LEU WA 31 -140.50 86.76 -34.30
CA LEU WA 31 -140.55 86.69 -35.76
C LEU WA 31 -139.57 85.67 -36.32
N ASN WA 32 -139.57 84.47 -35.74
CA ASN WA 32 -138.71 83.39 -36.23
C ASN WA 32 -139.42 82.04 -36.21
N SER WA 33 -140.74 82.03 -36.20
CA SER WA 33 -141.52 80.79 -36.13
C SER WA 33 -141.96 80.32 -37.52
N PHE WA 34 -140.98 80.02 -38.36
CA PHE WA 34 -141.23 79.53 -39.70
C PHE WA 34 -140.26 78.40 -40.02
N TYR WA 35 -140.76 77.32 -40.61
CA TYR WA 35 -139.95 76.14 -40.88
C TYR WA 35 -140.41 75.47 -42.17
N ALA WA 36 -139.50 74.68 -42.74
CA ALA WA 36 -139.78 73.84 -43.90
C ALA WA 36 -138.92 72.58 -43.79
N THR WA 37 -139.47 71.45 -44.21
CA THR WA 37 -138.86 70.15 -43.94
C THR WA 37 -138.80 69.30 -45.20
N GLY WA 38 -137.68 68.60 -45.37
CA GLY WA 38 -137.54 67.60 -46.41
C GLY WA 38 -137.00 66.28 -45.86
N THR WA 39 -136.67 65.33 -46.73
CA THR WA 39 -136.21 64.02 -46.29
C THR WA 39 -135.16 63.50 -47.26
N ALA WA 40 -134.39 62.51 -46.79
CA ALA WA 40 -133.37 61.85 -47.60
C ALA WA 40 -133.17 60.44 -47.07
N GLN WA 41 -132.61 59.58 -47.93
CA GLN WA 41 -132.39 58.18 -47.56
C GLN WA 41 -131.36 57.56 -48.48
N ALA WA 42 -130.83 56.41 -48.04
CA ALA WA 42 -129.93 55.59 -48.85
C ALA WA 42 -129.99 54.17 -48.29
N VAL WA 43 -130.59 53.26 -49.04
CA VAL WA 43 -130.93 51.94 -48.50
C VAL WA 43 -130.42 50.79 -49.37
N GLN WA 44 -129.35 51.01 -50.14
CA GLN WA 44 -128.79 49.92 -50.94
C GLN WA 44 -127.32 50.18 -51.22
N GLU WA 45 -126.59 49.08 -51.45
CA GLU WA 45 -125.17 49.12 -51.76
C GLU WA 45 -124.96 49.47 -53.23
N PRO WA 46 -123.80 50.06 -53.57
CA PRO WA 46 -123.60 50.55 -54.95
C PRO WA 46 -123.71 49.47 -56.02
N ILE WA 47 -123.21 48.27 -55.76
CA ILE WA 47 -123.11 47.24 -56.79
C ILE WA 47 -123.71 45.93 -56.29
N ASP WA 48 -124.03 45.06 -57.25
CA ASP WA 48 -124.46 43.70 -56.98
C ASP WA 48 -123.69 42.78 -57.91
N VAL WA 49 -123.27 41.62 -57.41
CA VAL WA 49 -122.38 40.72 -58.14
C VAL WA 49 -123.01 39.34 -58.21
N GLU WA 50 -123.03 38.76 -59.41
CA GLU WA 50 -123.56 37.43 -59.64
C GLU WA 50 -122.56 36.62 -60.45
N SER WA 51 -122.42 35.33 -60.11
CA SER WA 51 -121.38 34.48 -60.68
C SER WA 51 -121.98 33.43 -61.60
N HIS WA 52 -121.26 33.13 -62.69
CA HIS WA 52 -121.63 32.09 -63.65
C HIS WA 52 -120.41 31.29 -64.08
N LEU WA 53 -119.56 30.92 -63.13
CA LEU WA 53 -118.37 30.12 -63.43
C LEU WA 53 -118.76 28.65 -63.38
N ASP WA 54 -119.09 28.09 -64.55
CA ASP WA 54 -119.60 26.73 -64.65
C ASP WA 54 -118.75 25.87 -65.58
N ASN WA 55 -117.42 25.99 -65.46
CA ASN WA 55 -116.50 25.10 -66.16
C ASN WA 55 -115.44 24.61 -65.19
N THR WA 56 -114.92 23.41 -65.46
CA THR WA 56 -114.00 22.73 -64.56
C THR WA 56 -112.65 22.56 -65.25
N ILE WA 57 -111.59 22.93 -64.55
CA ILE WA 57 -110.23 22.66 -64.99
C ILE WA 57 -109.94 21.19 -64.69
N ALA WA 58 -109.97 20.35 -65.74
CA ALA WA 58 -109.83 18.90 -65.58
C ALA WA 58 -108.75 18.39 -66.52
N PRO WA 59 -107.48 18.61 -66.19
CA PRO WA 59 -106.39 18.01 -66.95
C PRO WA 59 -105.94 16.70 -66.32
N ALA WA 60 -105.02 16.03 -67.01
CA ALA WA 60 -104.36 14.87 -66.44
C ALA WA 60 -103.27 15.31 -65.47
N ALA WA 61 -102.76 14.35 -64.70
CA ALA WA 61 -101.75 14.65 -63.70
C ALA WA 61 -100.45 15.08 -64.37
N GLY WA 62 -99.95 16.26 -64.00
CA GLY WA 62 -98.69 16.75 -64.53
C GLY WA 62 -98.76 17.39 -65.89
N ALA WA 63 -99.95 17.63 -66.42
CA ALA WA 63 -100.11 18.16 -67.77
C ALA WA 63 -100.11 19.69 -67.77
N GLN WA 64 -99.77 20.25 -68.93
CA GLN WA 64 -99.82 21.69 -69.16
C GLN WA 64 -101.01 21.99 -70.07
N GLY WA 65 -101.85 22.94 -69.66
CA GLY WA 65 -103.10 23.12 -70.35
C GLY WA 65 -103.54 24.54 -70.65
N TYR WA 66 -104.81 24.68 -71.06
CA TYR WA 66 -105.38 25.93 -71.53
C TYR WA 66 -106.90 25.83 -71.46
N LYS WA 67 -107.54 26.66 -70.64
CA LYS WA 67 -108.95 26.46 -70.36
C LYS WA 67 -109.62 27.79 -70.07
N ASP WA 68 -110.92 27.88 -70.39
CA ASP WA 68 -111.76 29.00 -70.01
C ASP WA 68 -112.80 28.52 -68.99
N MET WA 69 -113.36 29.46 -68.23
CA MET WA 69 -114.17 29.12 -67.06
C MET WA 69 -115.62 29.58 -67.16
N GLY WA 70 -115.85 30.85 -67.46
CA GLY WA 70 -117.19 31.40 -67.45
C GLY WA 70 -117.12 32.91 -67.40
N TYR WA 71 -118.18 33.53 -66.88
CA TYR WA 71 -118.24 34.99 -66.80
C TYR WA 71 -118.97 35.40 -65.53
N VAL WA 72 -118.76 36.66 -65.14
CA VAL WA 72 -119.31 37.23 -63.92
C VAL WA 72 -120.04 38.52 -64.26
N LYS WA 73 -121.21 38.72 -63.65
CA LYS WA 73 -122.05 39.89 -63.91
C LYS WA 73 -121.98 40.87 -62.74
N ILE WA 74 -121.88 42.16 -63.07
CA ILE WA 74 -121.85 43.24 -62.09
C ILE WA 74 -122.99 44.20 -62.43
N ILE WA 75 -123.74 44.61 -61.40
CA ILE WA 75 -124.90 45.48 -61.57
C ILE WA 75 -124.65 46.77 -60.80
N ASN WA 76 -124.88 47.91 -61.44
CA ASN WA 76 -124.64 49.23 -60.88
C ASN WA 76 -125.94 50.02 -60.76
N TYR WA 77 -126.06 50.79 -59.69
CA TYR WA 77 -127.31 51.34 -59.21
C TYR WA 77 -127.31 52.87 -59.27
N THR WA 78 -128.34 53.47 -58.67
CA THR WA 78 -128.68 54.87 -58.89
C THR WA 78 -127.51 55.80 -58.60
N ASP WA 79 -127.29 56.76 -59.50
CA ASP WA 79 -126.30 57.83 -59.35
C ASP WA 79 -124.88 57.30 -59.27
N VAL WA 80 -124.61 56.15 -59.87
CA VAL WA 80 -123.28 55.55 -59.92
C VAL WA 80 -122.76 55.65 -61.35
N ASN WA 81 -121.54 56.14 -61.50
CA ASN WA 81 -120.93 56.28 -62.81
C ASN WA 81 -119.59 55.56 -62.94
N VAL WA 82 -118.75 55.61 -61.91
CA VAL WA 82 -117.42 55.02 -61.94
C VAL WA 82 -117.21 54.21 -60.67
N VAL WA 83 -116.68 53.00 -60.81
CA VAL WA 83 -116.45 52.10 -59.69
C VAL WA 83 -114.99 51.64 -59.71
N LYS WA 84 -114.36 51.68 -58.54
CA LYS WA 84 -113.01 51.16 -58.35
C LYS WA 84 -113.09 49.87 -57.55
N LEU WA 85 -112.46 48.81 -58.06
CA LEU WA 85 -112.60 47.49 -57.48
C LEU WA 85 -111.23 46.87 -57.22
N LYS WA 86 -111.20 45.95 -56.26
CA LYS WA 86 -110.02 45.16 -55.95
C LYS WA 86 -110.40 43.69 -55.96
N VAL WA 87 -109.67 42.89 -56.73
CA VAL WA 87 -109.95 41.47 -56.90
C VAL WA 87 -108.75 40.67 -56.42
N THR WA 88 -109.02 39.64 -55.62
CA THR WA 88 -107.96 38.82 -55.03
C THR WA 88 -108.37 37.36 -55.03
N LEU WA 89 -107.38 36.49 -54.89
CA LEU WA 89 -107.60 35.05 -54.76
C LEU WA 89 -107.66 34.72 -53.27
N ALA WA 90 -108.83 34.27 -52.81
CA ALA WA 90 -109.04 34.09 -51.38
C ALA WA 90 -108.33 32.85 -50.85
N ASN WA 91 -108.28 31.78 -51.64
CA ASN WA 91 -107.73 30.51 -51.16
C ASN WA 91 -106.47 30.11 -51.93
N ALA WA 92 -105.58 31.08 -52.14
CA ALA WA 92 -104.34 30.79 -52.87
C ALA WA 92 -103.44 29.83 -52.09
N ALA WA 93 -103.46 29.94 -50.76
CA ALA WA 93 -102.61 29.07 -49.94
C ALA WA 93 -103.01 27.61 -50.08
N GLN WA 94 -104.31 27.33 -50.16
CA GLN WA 94 -104.77 25.96 -50.30
C GLN WA 94 -104.40 25.36 -51.66
N LEU WA 95 -104.38 26.19 -52.70
CA LEU WA 95 -104.10 25.72 -54.05
C LEU WA 95 -102.61 25.54 -54.34
N ARG WA 96 -101.74 26.02 -53.46
CA ARG WA 96 -100.30 25.91 -53.72
C ARG WA 96 -99.79 24.48 -53.86
N PRO WA 97 -100.13 23.53 -52.98
CA PRO WA 97 -99.58 22.17 -53.12
C PRO WA 97 -100.05 21.44 -54.37
N TYR WA 98 -101.08 21.95 -55.07
CA TYR WA 98 -101.66 21.24 -56.21
C TYR WA 98 -101.18 21.76 -57.56
N PHE WA 99 -100.51 22.91 -57.60
CA PHE WA 99 -100.14 23.53 -58.87
C PHE WA 99 -98.71 24.07 -58.80
N LYS WA 100 -98.00 23.94 -59.91
CA LYS WA 100 -96.73 24.67 -60.07
C LYS WA 100 -96.98 26.14 -60.37
N TYR WA 101 -97.97 26.44 -61.21
CA TYR WA 101 -98.37 27.81 -61.47
C TYR WA 101 -99.81 27.82 -61.96
N LEU WA 102 -100.47 28.96 -61.77
CA LEU WA 102 -101.85 29.14 -62.19
C LEU WA 102 -102.11 30.62 -62.37
N GLN WA 103 -102.54 31.01 -63.57
CA GLN WA 103 -102.76 32.40 -63.91
C GLN WA 103 -104.18 32.60 -64.41
N LEU WA 104 -104.81 33.68 -63.97
CA LEU WA 104 -106.17 34.03 -64.36
C LEU WA 104 -106.16 35.37 -65.09
N VAL WA 105 -106.86 35.43 -66.23
CA VAL WA 105 -106.91 36.61 -67.07
C VAL WA 105 -108.36 37.10 -67.11
N LEU WA 106 -108.57 38.37 -66.79
CA LEU WA 106 -109.89 38.99 -66.77
C LEU WA 106 -109.97 40.02 -67.88
N THR WA 107 -111.03 39.92 -68.68
CA THR WA 107 -111.23 40.84 -69.80
C THR WA 107 -112.65 41.42 -69.76
N SER WA 108 -112.77 42.71 -70.05
CA SER WA 108 -114.07 43.35 -70.16
C SER WA 108 -114.51 43.29 -71.62
N ASN WA 109 -115.77 42.87 -71.83
CA ASN WA 109 -116.30 42.56 -73.16
C ASN WA 109 -117.69 43.16 -73.33
N ALA WA 110 -118.33 43.60 -72.25
CA ALA WA 110 -119.74 43.99 -72.29
C ALA WA 110 -120.04 45.01 -73.39
N SER WA 111 -119.05 45.83 -73.75
CA SER WA 111 -119.12 46.66 -74.95
C SER WA 111 -118.59 45.87 -76.13
N SER WA 112 -119.46 45.68 -77.13
CA SER WA 112 -119.07 44.91 -78.30
C SER WA 112 -117.97 45.58 -79.11
N THR WA 113 -117.76 46.88 -78.91
CA THR WA 113 -116.73 47.61 -79.64
C THR WA 113 -115.40 47.67 -78.90
N VAL WA 114 -115.41 47.62 -77.58
CA VAL WA 114 -114.21 47.77 -76.76
C VAL WA 114 -114.04 46.53 -75.90
N GLU WA 115 -113.17 45.62 -76.34
CA GLU WA 115 -112.71 44.50 -75.53
C GLU WA 115 -111.38 44.88 -74.89
N GLU WA 116 -111.29 44.70 -73.57
CA GLU WA 116 -110.07 45.05 -72.83
C GLU WA 116 -109.79 44.03 -71.74
N THR WA 117 -108.54 43.59 -71.67
CA THR WA 117 -108.06 42.82 -70.53
C THR WA 117 -107.64 43.77 -69.42
N LYS WA 118 -108.14 43.54 -68.22
CA LYS WA 118 -107.95 44.47 -67.11
C LYS WA 118 -106.91 44.03 -66.09
N ALA WA 119 -106.84 42.74 -65.77
CA ALA WA 119 -105.90 42.30 -64.75
C ALA WA 119 -105.50 40.85 -65.01
N VAL WA 120 -104.35 40.48 -64.47
CA VAL WA 120 -103.84 39.11 -64.49
C VAL WA 120 -103.52 38.71 -63.06
N LEU WA 121 -104.09 37.60 -62.60
CA LEU WA 121 -103.89 37.12 -61.25
C LEU WA 121 -103.07 35.83 -61.27
N SER WA 122 -102.28 35.63 -60.23
CA SER WA 122 -101.42 34.46 -60.13
C SER WA 122 -101.28 34.08 -58.65
N LEU WA 123 -100.69 32.90 -58.43
CA LEU WA 123 -100.50 32.42 -57.07
C LEU WA 123 -99.43 33.20 -56.31
N LYS WA 124 -98.53 33.87 -57.02
CA LYS WA 124 -97.51 34.69 -56.38
C LYS WA 124 -97.94 36.13 -56.16
N LYS WA 125 -98.79 36.66 -57.04
CA LYS WA 125 -99.34 38.02 -56.90
C LYS WA 125 -100.86 37.90 -57.03
N PRO WA 126 -101.56 37.61 -55.93
CA PRO WA 126 -102.98 37.28 -56.03
C PRO WA 126 -103.93 38.46 -56.18
N SER WA 127 -103.47 39.69 -55.95
CA SER WA 127 -104.35 40.84 -55.89
C SER WA 127 -104.08 41.80 -57.05
N ALA WA 128 -105.13 42.49 -57.47
CA ALA WA 128 -105.03 43.49 -58.53
C ALA WA 128 -106.15 44.51 -58.34
N VAL WA 129 -105.96 45.69 -58.95
CA VAL WA 129 -106.92 46.79 -58.89
C VAL WA 129 -107.28 47.18 -60.32
N ILE WA 130 -108.60 47.27 -60.58
CA ILE WA 130 -109.10 47.57 -61.91
C ILE WA 130 -110.03 48.77 -61.84
N ILE WA 131 -110.29 49.36 -63.00
CA ILE WA 131 -111.14 50.55 -63.13
C ILE WA 131 -112.21 50.26 -64.17
N LEU WA 132 -113.47 50.55 -63.82
CA LEU WA 132 -114.59 50.46 -64.75
C LEU WA 132 -115.17 51.86 -64.94
N ASP WA 133 -115.35 52.25 -66.21
CA ASP WA 133 -115.79 53.60 -66.53
C ASP WA 133 -116.98 53.61 -67.48
N ASN WA 134 -117.30 54.79 -68.02
CA ASN WA 134 -118.48 54.96 -68.86
C ASN WA 134 -118.48 54.03 -70.06
N ASP WA 135 -117.29 53.74 -70.61
CA ASP WA 135 -117.23 52.88 -71.80
C ASP WA 135 -117.59 51.44 -71.47
N ASP WA 136 -117.25 50.97 -70.26
CA ASP WA 136 -117.50 49.57 -69.91
C ASP WA 136 -118.99 49.31 -69.70
N TYR WA 137 -119.70 50.27 -69.11
CA TYR WA 137 -121.10 50.08 -68.74
C TYR WA 137 -122.02 50.06 -69.95
N SER WA 138 -121.92 49.01 -70.76
CA SER WA 138 -122.85 48.82 -71.86
C SER WA 138 -124.20 48.34 -71.34
N SER WA 139 -125.25 48.62 -72.11
CA SER WA 139 -126.64 48.49 -71.68
C SER WA 139 -126.95 49.35 -70.46
N THR WA 140 -126.01 50.20 -70.05
CA THR WA 140 -126.15 51.20 -68.99
C THR WA 140 -126.32 50.58 -67.61
N ASN WA 141 -126.34 49.25 -67.51
CA ASN WA 141 -126.68 48.63 -66.23
C ASN WA 141 -125.80 47.45 -65.80
N LYS WA 142 -124.91 46.93 -66.65
CA LYS WA 142 -124.21 45.72 -66.26
C LYS WA 142 -122.84 45.63 -66.90
N ILE WA 143 -121.95 44.89 -66.23
CA ILE WA 143 -120.60 44.55 -66.69
C ILE WA 143 -120.51 43.04 -66.85
N GLN WA 144 -119.89 42.60 -67.94
CA GLN WA 144 -119.64 41.18 -68.18
C GLN WA 144 -118.14 40.96 -68.26
N LEU WA 145 -117.63 40.03 -67.45
CA LEU WA 145 -116.21 39.71 -67.36
C LEU WA 145 -116.03 38.20 -67.36
N LYS WA 146 -115.41 37.66 -68.40
CA LYS WA 146 -115.04 36.26 -68.42
C LYS WA 146 -113.64 36.04 -67.86
N VAL WA 147 -113.38 34.80 -67.44
CA VAL WA 147 -112.14 34.42 -66.77
C VAL WA 147 -111.36 33.50 -67.70
N GLU WA 148 -110.05 33.75 -67.82
CA GLU WA 148 -109.20 32.92 -68.63
C GLU WA 148 -108.09 32.34 -67.76
N ALA WA 149 -107.87 31.03 -67.86
CA ALA WA 149 -106.98 30.31 -66.97
C ALA WA 149 -105.86 29.64 -67.75
N TYR WA 150 -104.64 29.74 -67.20
CA TYR WA 150 -103.48 28.98 -67.66
C TYR WA 150 -102.88 28.27 -66.46
N TYR WA 151 -102.47 27.01 -66.66
CA TYR WA 151 -102.12 26.18 -65.51
C TYR WA 151 -101.13 25.09 -65.91
N GLU WA 152 -100.46 24.56 -64.89
CA GLU WA 152 -99.68 23.33 -65.01
C GLU WA 152 -99.85 22.55 -63.71
N ALA WA 153 -100.29 21.31 -63.81
CA ALA WA 153 -100.59 20.50 -62.64
C ALA WA 153 -99.32 19.85 -62.09
N LYS WA 154 -99.35 19.55 -60.80
CA LYS WA 154 -98.24 18.86 -60.16
C LYS WA 154 -98.12 17.43 -60.66
N GLU WA 155 -96.90 16.90 -60.62
CA GLU WA 155 -96.62 15.57 -61.15
C GLU WA 155 -97.13 14.50 -60.18
N GLY WA 156 -98.01 13.63 -60.69
CA GLY WA 156 -98.46 12.49 -59.91
C GLY WA 156 -99.44 12.78 -58.80
N MET WA 157 -100.15 13.91 -58.87
CA MET WA 157 -101.11 14.30 -57.84
C MET WA 157 -102.52 14.09 -58.36
N LEU WA 158 -103.34 13.36 -57.61
CA LEU WA 158 -104.72 13.08 -57.98
C LEU WA 158 -105.65 13.63 -56.93
N PHE WA 159 -106.75 14.25 -57.37
CA PHE WA 159 -107.69 14.89 -56.47
C PHE WA 159 -108.99 15.15 -57.22
N ASP WA 160 -110.01 15.56 -56.48
CA ASP WA 160 -111.30 15.92 -57.06
C ASP WA 160 -112.04 16.83 -56.09
N SER WA 161 -113.00 17.57 -56.63
CA SER WA 161 -113.86 18.47 -55.85
C SER WA 161 -113.04 19.50 -55.08
N LEU WA 162 -112.26 20.29 -55.82
CA LEU WA 162 -111.44 21.34 -55.23
C LEU WA 162 -111.95 22.69 -55.70
N PRO WA 163 -112.38 23.57 -54.80
CA PRO WA 163 -112.96 24.85 -55.22
C PRO WA 163 -111.92 25.95 -55.40
N VAL WA 164 -112.25 26.89 -56.27
CA VAL WA 164 -111.46 28.10 -56.50
C VAL WA 164 -112.37 29.29 -56.20
N ILE WA 165 -111.88 30.20 -55.36
CA ILE WA 165 -112.69 31.28 -54.81
C ILE WA 165 -112.06 32.62 -55.18
N LEU WA 166 -112.90 33.56 -55.60
CA LEU WA 166 -112.49 34.94 -55.88
C LEU WA 166 -113.32 35.89 -55.02
N ASN WA 167 -112.72 36.99 -54.60
CA ASN WA 167 -113.37 37.96 -53.73
C ASN WA 167 -113.31 39.35 -54.35
N PHE WA 168 -114.34 40.15 -54.08
CA PHE WA 168 -114.45 41.52 -54.58
C PHE WA 168 -114.63 42.49 -53.43
N GLN WA 169 -113.98 43.64 -53.52
CA GLN WA 169 -114.12 44.70 -52.53
C GLN WA 169 -114.13 46.04 -53.24
N VAL WA 170 -115.04 46.92 -52.80
CA VAL WA 170 -115.21 48.24 -53.38
C VAL WA 170 -114.34 49.23 -52.62
N LEU WA 171 -113.52 49.99 -53.35
CA LEU WA 171 -112.65 51.00 -52.74
C LEU WA 171 -113.19 52.41 -52.87
N SER WA 172 -113.83 52.73 -54.00
CA SER WA 172 -114.38 54.07 -54.21
C SER WA 172 -115.40 54.01 -55.34
N VAL WA 173 -116.47 54.78 -55.20
CA VAL WA 173 -117.50 54.87 -56.21
C VAL WA 173 -117.88 56.34 -56.38
N SER WA 174 -118.24 56.71 -57.61
CA SER WA 174 -118.62 58.08 -57.91
C SER WA 174 -119.65 58.12 -59.06
N THR XA 26 -159.34 87.82 -5.24
CA THR XA 26 -158.02 88.27 -5.68
C THR XA 26 -157.03 87.10 -5.67
N THR XA 27 -156.96 86.38 -6.79
CA THR XA 27 -156.11 85.21 -6.92
C THR XA 27 -155.14 85.42 -8.08
N GLN XA 28 -153.87 85.11 -7.84
CA GLN XA 28 -152.82 85.23 -8.85
C GLN XA 28 -152.50 83.84 -9.40
N SER XA 29 -152.58 83.69 -10.72
CA SER XA 29 -152.38 82.37 -11.31
C SER XA 29 -151.04 82.30 -12.03
N PRO XA 30 -150.37 81.14 -11.98
CA PRO XA 30 -149.10 80.98 -12.71
C PRO XA 30 -149.26 80.67 -14.18
N LEU XA 31 -150.44 80.20 -14.61
CA LEU XA 31 -150.75 79.98 -16.02
C LEU XA 31 -149.83 78.95 -16.66
N ASN XA 32 -149.66 77.81 -15.99
CA ASN XA 32 -148.85 76.73 -16.52
C ASN XA 32 -149.45 75.36 -16.25
N SER XA 33 -150.76 75.30 -16.00
CA SER XA 33 -151.43 74.03 -15.68
C SER XA 33 -152.08 73.43 -16.92
N PHE XA 34 -151.26 73.08 -17.90
CA PHE XA 34 -151.72 72.45 -19.13
C PHE XA 34 -150.76 71.33 -19.52
N TYR XA 35 -151.31 70.18 -19.90
CA TYR XA 35 -150.49 69.02 -20.22
C TYR XA 35 -151.13 68.21 -21.33
N ALA XA 36 -150.30 67.40 -21.99
CA ALA XA 36 -150.73 66.44 -22.99
C ALA XA 36 -149.79 65.24 -22.93
N THR XA 37 -150.35 64.05 -23.14
CA THR XA 37 -149.62 62.81 -22.88
C THR XA 37 -149.75 61.84 -24.05
N GLY XA 38 -148.63 61.16 -24.37
CA GLY XA 38 -148.62 60.07 -25.32
C GLY XA 38 -147.93 58.85 -24.77
N THR XA 39 -147.71 57.83 -25.59
CA THR XA 39 -147.10 56.58 -25.13
C THR XA 39 -146.21 56.01 -26.23
N ALA XA 40 -145.31 55.11 -25.83
CA ALA XA 40 -144.43 54.41 -26.75
C ALA XA 40 -144.06 53.07 -26.15
N GLN XA 41 -143.60 52.16 -27.01
CA GLN XA 41 -143.25 50.81 -26.56
C GLN XA 41 -142.37 50.14 -27.60
N ALA XA 42 -141.70 49.06 -27.17
CA ALA XA 42 -140.92 48.21 -28.06
C ALA XA 42 -140.79 46.85 -27.38
N VAL XA 43 -141.47 45.84 -27.91
CA VAL XA 43 -141.63 44.57 -27.20
C VAL XA 43 -141.22 43.37 -28.06
N GLN XA 44 -140.32 43.55 -29.02
CA GLN XA 44 -139.86 42.41 -29.81
C GLN XA 44 -138.47 42.69 -30.38
N GLU XA 45 -137.74 41.61 -30.64
CA GLU XA 45 -136.40 41.67 -31.21
C GLU XA 45 -136.48 41.89 -32.72
N PRO XA 46 -135.44 42.49 -33.32
CA PRO XA 46 -135.52 42.85 -34.75
C PRO XA 46 -135.75 41.67 -35.67
N ILE XA 47 -135.15 40.52 -35.41
CA ILE XA 47 -135.18 39.40 -36.35
C ILE XA 47 -135.59 38.12 -35.64
N ASP XA 48 -136.04 37.16 -36.44
CA ASP XA 48 -136.34 35.81 -35.97
C ASP XA 48 -135.70 34.84 -36.95
N VAL XA 49 -135.13 33.75 -36.43
CA VAL XA 49 -134.33 32.82 -37.23
C VAL XA 49 -134.89 31.41 -37.07
N GLU XA 50 -135.09 30.72 -38.19
CA GLU XA 50 -135.57 29.34 -38.19
C GLU XA 50 -134.69 28.51 -39.09
N SER XA 51 -134.43 27.27 -38.69
CA SER XA 51 -133.45 26.40 -39.35
C SER XA 51 -134.14 25.24 -40.06
N HIS XA 52 -133.62 24.87 -41.22
CA HIS XA 52 -134.10 23.73 -42.00
C HIS XA 52 -132.95 22.94 -42.58
N LEU XA 53 -131.90 22.69 -41.78
CA LEU XA 53 -130.74 21.92 -42.22
C LEU XA 53 -131.04 20.44 -41.97
N ASP XA 54 -131.54 19.76 -42.99
CA ASP XA 54 -131.98 18.38 -42.89
C ASP XA 54 -131.26 17.48 -43.88
N ASN XA 55 -129.94 17.64 -44.02
CA ASN XA 55 -129.11 16.73 -44.79
C ASN XA 55 -127.87 16.38 -44.00
N THR XA 56 -127.35 15.18 -44.26
CA THR XA 56 -126.24 14.64 -43.49
C THR XA 56 -125.03 14.45 -44.39
N ILE XA 57 -123.88 14.94 -43.93
CA ILE XA 57 -122.60 14.67 -44.59
C ILE XA 57 -122.19 13.25 -44.23
N ALA XA 58 -122.36 12.31 -45.16
CA ALA XA 58 -122.12 10.89 -44.91
C ALA XA 58 -121.18 10.32 -45.98
N PRO XA 59 -119.90 10.64 -45.92
CA PRO XA 59 -118.93 10.00 -46.81
C PRO XA 59 -118.30 8.78 -46.16
N ALA XA 60 -117.49 8.09 -46.95
CA ALA XA 60 -116.67 7.01 -46.42
C ALA XA 60 -115.45 7.59 -45.69
N ALA XA 61 -114.76 6.73 -44.95
CA ALA XA 61 -113.60 7.17 -44.18
C ALA XA 61 -112.47 7.58 -45.12
N GLY XA 62 -111.98 8.80 -44.95
CA GLY XA 62 -110.86 9.30 -45.74
C GLY XA 62 -111.21 9.80 -47.12
N ALA XA 63 -112.49 9.93 -47.45
CA ALA XA 63 -112.92 10.32 -48.78
C ALA XA 63 -113.01 11.84 -48.91
N GLN XA 64 -112.92 12.31 -50.15
CA GLN XA 64 -113.09 13.71 -50.50
C GLN XA 64 -114.42 13.88 -51.19
N GLY XA 65 -115.23 14.83 -50.73
CA GLY XA 65 -116.61 14.89 -51.19
C GLY XA 65 -117.17 16.26 -51.53
N TYR XA 66 -118.49 16.30 -51.71
CA TYR XA 66 -119.21 17.48 -52.16
C TYR XA 66 -120.68 17.32 -51.82
N LYS XA 67 -121.22 18.21 -50.97
CA LYS XA 67 -122.54 17.98 -50.41
C LYS XA 67 -123.22 19.31 -50.13
N ASP XA 68 -124.55 19.31 -50.21
CA ASP XA 68 -125.38 20.42 -49.78
C ASP XA 68 -126.18 20.02 -48.55
N MET XA 69 -126.66 21.00 -47.78
CA MET XA 69 -127.22 20.73 -46.46
C MET XA 69 -128.69 21.13 -46.33
N GLY XA 70 -129.03 22.35 -46.70
CA GLY XA 70 -130.39 22.85 -46.48
C GLY XA 70 -130.39 24.37 -46.59
N TYR XA 71 -131.37 24.98 -45.93
CA TYR XA 71 -131.49 26.43 -45.97
C TYR XA 71 -132.01 26.95 -44.63
N VAL XA 72 -131.80 28.25 -44.40
CA VAL XA 72 -132.17 28.91 -43.15
C VAL XA 72 -133.02 30.13 -43.47
N LYS XA 73 -134.06 30.34 -42.66
CA LYS XA 73 -135.00 31.44 -42.87
C LYS XA 73 -134.77 32.53 -41.83
N ILE XA 74 -134.81 33.78 -42.28
CA ILE XA 74 -134.66 34.95 -41.42
C ILE XA 74 -135.89 35.83 -41.62
N ILE XA 75 -136.47 36.32 -40.51
CA ILE XA 75 -137.68 37.13 -40.55
C ILE XA 75 -137.38 38.48 -39.95
N ASN XA 76 -137.79 39.55 -40.64
CA ASN XA 76 -137.52 40.93 -40.24
C ASN XA 76 -138.83 41.67 -39.96
N TYR XA 77 -138.79 42.54 -38.96
CA TYR XA 77 -139.97 43.08 -38.30
C TYR XA 77 -140.06 44.60 -38.50
N THR XA 78 -141.00 45.21 -37.78
CA THR XA 78 -141.46 46.57 -38.06
C THR XA 78 -140.30 47.57 -38.06
N ASP XA 79 -140.30 48.45 -39.07
CA ASP XA 79 -139.37 49.56 -39.20
C ASP XA 79 -137.92 49.10 -39.34
N VAL XA 80 -137.71 47.90 -39.87
CA VAL XA 80 -136.38 47.36 -40.11
C VAL XA 80 -136.13 47.34 -41.61
N ASN XA 81 -134.97 47.85 -42.03
CA ASN XA 81 -134.62 47.89 -43.45
C ASN XA 81 -133.29 47.23 -43.75
N VAL XA 82 -132.29 47.40 -42.90
CA VAL XA 82 -130.96 46.86 -43.13
C VAL XA 82 -130.47 46.19 -41.84
N VAL XA 83 -129.91 45.00 -41.98
CA VAL XA 83 -129.43 44.21 -40.84
C VAL XA 83 -127.98 43.82 -41.09
N LYS XA 84 -127.14 43.99 -40.06
CA LYS XA 84 -125.75 43.54 -40.08
C LYS XA 84 -125.61 42.34 -39.17
N LEU XA 85 -125.03 41.26 -39.69
CA LEU XA 85 -124.99 39.98 -38.97
C LEU XA 85 -123.56 39.46 -38.93
N LYS XA 86 -123.31 38.64 -37.90
CA LYS XA 86 -122.05 37.93 -37.75
C LYS XA 86 -122.35 36.45 -37.57
N VAL XA 87 -121.72 35.60 -38.39
CA VAL XA 87 -121.95 34.17 -38.37
C VAL XA 87 -120.64 33.47 -38.06
N THR XA 88 -120.69 32.50 -37.14
CA THR XA 88 -119.50 31.80 -36.68
C THR XA 88 -119.83 30.32 -36.48
N LEU XA 89 -118.78 29.51 -36.44
CA LEU XA 89 -118.88 28.08 -36.16
C LEU XA 89 -118.66 27.90 -34.65
N ALA XA 90 -119.70 27.45 -33.94
CA ALA XA 90 -119.65 27.39 -32.49
C ALA XA 90 -118.78 26.24 -31.99
N ASN XA 91 -118.80 25.10 -32.68
CA ASN XA 91 -118.11 23.90 -32.20
C ASN XA 91 -117.00 23.49 -33.15
N ALA XA 92 -116.20 24.46 -33.62
CA ALA XA 92 -115.11 24.16 -34.52
C ALA XA 92 -114.04 23.32 -33.84
N ALA XA 93 -113.81 23.55 -32.54
CA ALA XA 93 -112.79 22.80 -31.82
C ALA XA 93 -113.12 21.31 -31.76
N GLN XA 94 -114.39 20.98 -31.57
CA GLN XA 94 -114.80 19.58 -31.50
C GLN XA 94 -114.65 18.88 -32.85
N LEU XA 95 -114.86 19.60 -33.95
CA LEU XA 95 -114.80 19.00 -35.27
C LEU XA 95 -113.39 18.86 -35.82
N ARG XA 96 -112.39 19.46 -35.17
CA ARG XA 96 -111.02 19.39 -35.67
C ARG XA 96 -110.47 17.97 -35.78
N PRO XA 97 -110.58 17.09 -34.76
CA PRO XA 97 -109.99 15.75 -34.89
C PRO XA 97 -110.65 14.88 -35.96
N TYR XA 98 -111.80 15.28 -36.49
CA TYR XA 98 -112.53 14.45 -37.45
C TYR XA 98 -112.33 14.85 -38.90
N PHE XA 99 -111.75 16.01 -39.17
CA PHE XA 99 -111.65 16.52 -40.53
C PHE XA 99 -110.27 17.12 -40.78
N LYS XA 100 -109.75 16.91 -41.98
CA LYS XA 100 -108.58 17.68 -42.42
C LYS XA 100 -108.97 19.10 -42.81
N TYR XA 101 -110.11 19.28 -43.47
CA TYR XA 101 -110.62 20.60 -43.79
C TYR XA 101 -112.12 20.50 -44.00
N LEU XA 102 -112.81 21.63 -43.79
CA LEU XA 102 -114.25 21.72 -43.96
C LEU XA 102 -114.62 23.17 -44.23
N GLN XA 103 -115.28 23.41 -45.35
CA GLN XA 103 -115.63 24.76 -45.76
C GLN XA 103 -117.13 24.85 -46.02
N LEU XA 104 -117.73 25.94 -45.56
CA LEU XA 104 -119.15 26.20 -45.72
C LEU XA 104 -119.35 27.46 -46.55
N VAL XA 105 -120.23 27.38 -47.54
CA VAL XA 105 -120.52 28.48 -48.47
C VAL XA 105 -121.97 28.90 -48.28
N LEU XA 106 -122.18 30.19 -48.03
CA LEU XA 106 -123.52 30.75 -47.82
C LEU XA 106 -123.86 31.66 -48.99
N THR XA 107 -125.04 31.45 -49.58
CA THR XA 107 -125.49 32.25 -50.72
C THR XA 107 -126.90 32.76 -50.47
N SER XA 108 -127.14 34.02 -50.83
CA SER XA 108 -128.47 34.61 -50.77
C SER XA 108 -129.18 34.38 -52.10
N ASN XA 109 -130.42 33.89 -52.04
CA ASN XA 109 -131.16 33.44 -53.22
C ASN XA 109 -132.60 33.96 -53.19
N ALA XA 110 -133.05 34.48 -52.04
CA ALA XA 110 -134.47 34.80 -51.85
C ALA XA 110 -135.00 35.70 -52.96
N SER XA 111 -134.15 36.52 -53.57
CA SER XA 111 -134.48 37.23 -54.80
C SER XA 111 -134.14 36.35 -56.00
N SER XA 112 -135.15 36.02 -56.80
CA SER XA 112 -134.94 35.15 -57.95
C SER XA 112 -134.05 35.80 -59.01
N THR XA 113 -133.87 37.12 -58.96
CA THR XA 113 -133.03 37.81 -59.93
C THR XA 113 -131.59 37.98 -59.45
N VAL XA 114 -131.37 38.07 -58.15
CA VAL XA 114 -130.05 38.35 -57.58
C VAL XA 114 -129.66 37.19 -56.67
N GLU XA 115 -128.82 36.29 -57.18
CA GLU XA 115 -128.17 35.27 -56.37
C GLU XA 115 -126.77 35.76 -56.02
N GLU XA 116 -126.44 35.72 -54.73
CA GLU XA 116 -125.13 36.18 -54.26
C GLU XA 116 -124.60 35.29 -53.16
N THR XA 117 -123.33 34.89 -53.28
CA THR XA 117 -122.61 34.27 -52.19
C THR XA 117 -122.06 35.34 -51.26
N LYS XA 118 -122.32 35.20 -49.97
CA LYS XA 118 -121.98 36.25 -49.00
C LYS XA 118 -120.76 35.94 -48.16
N ALA XA 119 -120.55 34.70 -47.74
CA ALA XA 119 -119.43 34.39 -46.88
C ALA XA 119 -118.99 32.95 -47.08
N VAL XA 120 -117.74 32.68 -46.73
CA VAL XA 120 -117.18 31.32 -46.72
C VAL XA 120 -116.59 31.09 -45.34
N LEU XA 121 -117.00 30.01 -44.69
CA LEU XA 121 -116.53 29.66 -43.36
C LEU XA 121 -115.65 28.41 -43.42
N SER XA 122 -114.68 28.34 -42.52
CA SER XA 122 -113.75 27.22 -42.49
C SER XA 122 -113.33 26.99 -41.04
N LEU XA 123 -112.64 25.86 -40.82
CA LEU XA 123 -112.19 25.52 -39.49
C LEU XA 123 -111.04 26.42 -39.01
N LYS XA 124 -110.33 27.05 -39.94
CA LYS XA 124 -109.25 27.97 -39.56
C LYS XA 124 -109.72 29.40 -39.39
N LYS XA 125 -110.74 29.82 -40.15
CA LYS XA 125 -111.33 31.14 -40.03
C LYS XA 125 -112.84 30.97 -39.86
N PRO XA 126 -113.31 30.76 -38.63
CA PRO XA 126 -114.71 30.36 -38.43
C PRO XA 126 -115.73 31.49 -38.51
N SER XA 127 -115.31 32.75 -38.49
CA SER XA 127 -116.23 33.86 -38.36
C SER XA 127 -116.22 34.72 -39.62
N ALA XA 128 -117.38 35.33 -39.91
CA ALA XA 128 -117.53 36.22 -41.05
C ALA XA 128 -118.65 37.21 -40.76
N VAL XA 129 -118.63 38.32 -41.49
CA VAL XA 129 -119.62 39.38 -41.35
C VAL XA 129 -120.26 39.62 -42.71
N ILE XA 130 -121.60 39.63 -42.74
CA ILE XA 130 -122.35 39.79 -43.98
C ILE XA 130 -123.33 40.96 -43.84
N ILE XA 131 -123.82 41.42 -44.98
CA ILE XA 131 -124.75 42.55 -45.05
C ILE XA 131 -125.97 42.12 -45.85
N LEU XA 132 -127.16 42.39 -45.30
CA LEU XA 132 -128.41 42.17 -45.99
C LEU XA 132 -129.10 43.51 -46.20
N ASP XA 133 -129.52 43.77 -47.44
CA ASP XA 133 -130.09 45.07 -47.79
C ASP XA 133 -131.43 44.95 -48.51
N ASN XA 134 -131.91 46.06 -49.08
CA ASN XA 134 -133.23 46.10 -49.69
C ASN XA 134 -133.39 45.05 -50.79
N ASP XA 135 -132.32 44.76 -51.53
CA ASP XA 135 -132.41 43.79 -52.61
C ASP XA 135 -132.63 42.37 -52.10
N ASP XA 136 -132.05 42.03 -50.95
CA ASP XA 136 -132.15 40.67 -50.44
C ASP XA 136 -133.56 40.37 -49.93
N TYR XA 137 -134.22 41.35 -49.31
CA TYR XA 137 -135.51 41.15 -48.67
C TYR XA 137 -136.63 40.98 -49.68
N SER XA 138 -136.62 39.86 -50.40
CA SER XA 138 -137.72 39.52 -51.29
C SER XA 138 -138.92 39.05 -50.49
N SER XA 139 -140.10 39.21 -51.07
CA SER XA 139 -141.39 39.07 -50.39
C SER XA 139 -141.52 40.02 -49.21
N THR XA 140 -140.58 40.95 -49.06
CA THR XA 140 -140.57 42.03 -48.08
C THR XA 140 -140.46 41.55 -46.64
N ASN XA 141 -140.38 40.24 -46.42
CA ASN XA 141 -140.45 39.72 -45.06
C ASN XA 141 -139.45 38.63 -44.70
N LYS XA 142 -138.71 38.06 -45.64
CA LYS XA 142 -137.87 36.93 -45.27
C LYS XA 142 -136.63 36.84 -46.16
N ILE XA 143 -135.60 36.20 -45.60
CA ILE XA 143 -134.34 35.87 -46.27
C ILE XA 143 -134.19 34.36 -46.31
N GLN XA 144 -133.75 33.83 -47.45
CA GLN XA 144 -133.48 32.41 -47.61
C GLN XA 144 -131.99 32.24 -47.94
N LEU XA 145 -131.30 31.41 -47.15
CA LEU XA 145 -129.87 31.17 -47.31
C LEU XA 145 -129.62 29.67 -47.21
N LYS XA 146 -129.15 29.06 -48.30
CA LYS XA 146 -128.72 27.67 -48.25
C LYS XA 146 -127.23 27.57 -47.94
N VAL XA 147 -126.83 26.38 -47.47
CA VAL XA 147 -125.48 26.12 -47.01
C VAL XA 147 -124.82 25.14 -47.98
N GLU XA 148 -123.57 25.44 -48.36
CA GLU XA 148 -122.82 24.55 -49.25
C GLU XA 148 -121.55 24.11 -48.54
N ALA XA 149 -121.29 22.80 -48.57
CA ALA XA 149 -120.20 22.21 -47.80
C ALA XA 149 -119.20 21.52 -48.71
N TYR XA 150 -117.92 21.72 -48.40
CA TYR XA 150 -116.82 20.97 -49.00
C TYR XA 150 -115.97 20.39 -47.87
N TYR XA 151 -115.53 19.14 -48.03
CA TYR XA 151 -114.94 18.44 -46.90
C TYR XA 151 -113.99 17.36 -47.38
N GLU XA 152 -113.11 16.95 -46.47
CA GLU XA 152 -112.29 15.75 -46.61
C GLU XA 152 -112.18 15.10 -45.24
N ALA XA 153 -112.57 13.83 -45.15
CA ALA XA 153 -112.59 13.12 -43.88
C ALA XA 153 -111.22 12.57 -43.52
N LYS XA 154 -110.99 12.41 -42.22
CA LYS XA 154 -109.75 11.83 -41.74
C LYS XA 154 -109.65 10.36 -42.13
N GLU XA 155 -108.41 9.89 -42.26
CA GLU XA 155 -108.15 8.53 -42.71
C GLU XA 155 -108.43 7.54 -41.58
N GLY XA 156 -109.33 6.58 -41.83
CA GLY XA 156 -109.56 5.50 -40.89
C GLY XA 156 -110.34 5.87 -39.65
N MET XA 157 -111.11 6.95 -39.69
CA MET XA 157 -111.90 7.39 -38.53
C MET XA 157 -113.36 7.09 -38.78
N LEU XA 158 -113.99 6.41 -37.82
CA LEU XA 158 -115.40 6.04 -37.91
C LEU XA 158 -116.16 6.65 -36.74
N PHE XA 159 -117.35 7.18 -37.03
CA PHE XA 159 -118.15 7.87 -36.03
C PHE XA 159 -119.58 8.00 -36.56
N ASP XA 160 -120.47 8.44 -35.67
CA ASP XA 160 -121.86 8.69 -36.03
C ASP XA 160 -122.46 9.65 -35.03
N SER XA 161 -123.54 10.31 -35.46
CA SER XA 161 -124.30 11.24 -34.61
C SER XA 161 -123.41 12.38 -34.10
N LEU XA 162 -122.82 13.12 -35.02
CA LEU XA 162 -121.98 14.25 -34.70
C LEU XA 162 -122.63 15.54 -35.18
N PRO XA 163 -122.95 16.47 -34.30
CA PRO XA 163 -123.66 17.69 -34.71
C PRO XA 163 -122.73 18.81 -35.18
N VAL XA 164 -123.27 19.65 -36.06
CA VAL XA 164 -122.60 20.85 -36.53
C VAL XA 164 -123.50 22.04 -36.18
N ILE XA 165 -122.93 23.04 -35.52
CA ILE XA 165 -123.69 24.13 -34.93
C ILE XA 165 -123.21 25.45 -35.51
N LEU XA 166 -124.16 26.32 -35.87
CA LEU XA 166 -123.88 27.67 -36.33
C LEU XA 166 -124.60 28.66 -35.43
N ASN XA 167 -124.00 29.83 -35.22
CA ASN XA 167 -124.53 30.85 -34.33
C ASN XA 167 -124.67 32.17 -35.07
N PHE XA 168 -125.67 32.96 -34.69
CA PHE XA 168 -125.95 34.25 -35.29
C PHE XA 168 -125.97 35.33 -34.20
N GLN XA 169 -125.42 36.50 -34.52
CA GLN XA 169 -125.44 37.64 -33.62
C GLN XA 169 -125.65 38.91 -34.42
N VAL XA 170 -126.51 39.79 -33.90
CA VAL XA 170 -126.86 41.04 -34.56
C VAL XA 170 -125.92 42.13 -34.05
N LEU XA 171 -125.29 42.85 -34.99
CA LEU XA 171 -124.39 43.94 -34.64
C LEU XA 171 -125.02 45.31 -34.80
N SER XA 172 -125.86 45.50 -35.81
CA SER XA 172 -126.52 46.78 -36.03
C SER XA 172 -127.71 46.58 -36.95
N VAL XA 173 -128.79 47.32 -36.67
CA VAL XA 173 -130.00 47.27 -37.49
C VAL XA 173 -130.48 48.70 -37.72
N SER XA 174 -131.07 48.93 -38.88
CA SER XA 174 -131.59 50.25 -39.23
C SER XA 174 -132.79 50.14 -40.16
N THR YA 26 -163.78 83.31 17.21
CA THR YA 26 -162.58 83.77 16.51
C THR YA 26 -161.55 82.65 16.45
N THR YA 27 -161.64 81.83 15.40
CA THR YA 27 -160.76 80.68 15.20
C THR YA 27 -160.03 80.82 13.88
N GLN YA 28 -158.72 80.58 13.91
CA GLN YA 28 -157.88 80.64 12.72
C GLN YA 28 -157.58 79.22 12.24
N SER YA 29 -157.89 78.95 10.98
CA SER YA 29 -157.73 77.59 10.47
C SER YA 29 -156.53 77.49 9.53
N PRO YA 30 -155.81 76.37 9.56
CA PRO YA 30 -154.68 76.20 8.63
C PRO YA 30 -155.09 75.74 7.24
N LEU YA 31 -156.29 75.18 7.09
CA LEU YA 31 -156.85 74.82 5.77
C LEU YA 31 -156.00 73.76 5.07
N ASN YA 32 -155.64 72.70 5.80
CA ASN YA 32 -154.87 71.60 5.22
C ASN YA 32 -155.34 70.24 5.71
N SER YA 33 -156.57 70.15 6.21
CA SER YA 33 -157.11 68.91 6.76
C SER YA 33 -157.94 68.16 5.72
N PHE YA 34 -157.28 67.76 4.63
CA PHE YA 34 -157.92 66.99 3.57
C PHE YA 34 -156.99 65.88 3.11
N TYR YA 35 -157.53 64.68 2.94
CA TYR YA 35 -156.72 63.52 2.58
C TYR YA 35 -157.51 62.58 1.68
N ALA YA 36 -156.76 61.74 0.96
CA ALA YA 36 -157.31 60.68 0.13
C ALA YA 36 -156.32 59.53 0.12
N THR YA 37 -156.82 58.29 0.12
CA THR YA 37 -155.99 57.12 0.36
C THR YA 37 -156.27 56.04 -0.68
N GLY YA 38 -155.20 55.38 -1.13
CA GLY YA 38 -155.29 54.21 -1.97
C GLY YA 38 -154.44 53.07 -1.44
N THR YA 39 -154.32 51.97 -2.21
CA THR YA 39 -153.57 50.81 -1.77
C THR YA 39 -152.87 50.17 -2.96
N ALA YA 40 -151.86 49.35 -2.64
CA ALA YA 40 -151.12 48.60 -3.65
C ALA YA 40 -150.56 47.33 -3.01
N GLN YA 41 -150.23 46.36 -3.85
CA GLN YA 41 -149.72 45.09 -3.36
C GLN YA 41 -149.00 44.34 -4.49
N ALA YA 42 -148.22 43.34 -4.09
CA ALA YA 42 -147.56 42.44 -5.03
C ALA YA 42 -147.23 41.16 -4.27
N VAL YA 43 -147.93 40.07 -4.57
CA VAL YA 43 -147.89 38.88 -3.73
C VAL YA 43 -147.58 37.62 -4.55
N GLN YA 44 -146.88 37.74 -5.67
CA GLN YA 44 -146.50 36.55 -6.43
C GLN YA 44 -145.26 36.82 -7.26
N GLU YA 45 -144.52 35.74 -7.56
CA GLU YA 45 -143.31 35.81 -8.37
C GLU YA 45 -143.67 35.88 -9.86
N PRO YA 46 -142.80 36.46 -10.69
CA PRO YA 46 -143.15 36.68 -12.10
C PRO YA 46 -143.48 35.41 -12.86
N ILE YA 47 -142.77 34.30 -12.62
CA ILE YA 47 -142.92 33.11 -13.43
C ILE YA 47 -143.12 31.88 -12.54
N ASP YA 48 -143.65 30.83 -13.16
CA ASP YA 48 -143.79 29.52 -12.53
C ASP YA 48 -143.27 28.48 -13.53
N VAL YA 49 -142.56 27.48 -13.02
CA VAL YA 49 -141.86 26.51 -13.87
C VAL YA 49 -142.30 25.10 -13.48
N GLU YA 50 -142.67 24.29 -14.48
CA GLU YA 50 -143.06 22.91 -14.27
C GLU YA 50 -142.31 22.02 -15.25
N SER YA 51 -141.90 20.84 -14.79
CA SER YA 51 -141.03 19.96 -15.54
C SER YA 51 -141.76 18.70 -16.01
N HIS YA 52 -141.43 18.24 -17.21
CA HIS YA 52 -141.99 17.01 -17.78
C HIS YA 52 -140.91 16.22 -18.50
N LEU YA 53 -139.73 16.09 -17.88
CA LEU YA 53 -138.63 15.33 -18.46
C LEU YA 53 -138.78 13.87 -18.02
N ASP YA 54 -139.43 13.08 -18.88
CA ASP YA 54 -139.76 11.70 -18.57
C ASP YA 54 -139.18 10.72 -19.60
N ASN YA 55 -137.92 10.93 -19.99
CA ASN YA 55 -137.20 9.98 -20.83
C ASN YA 55 -135.81 9.76 -20.24
N THR YA 56 -135.28 8.57 -20.48
CA THR YA 56 -134.02 8.14 -19.89
C THR YA 56 -132.99 7.91 -20.97
N ILE YA 57 -131.80 8.48 -20.78
CA ILE YA 57 -130.65 8.20 -21.65
C ILE YA 57 -130.09 6.85 -21.23
N ALA YA 58 -130.38 5.82 -22.03
CA ALA YA 58 -130.01 4.44 -21.71
C ALA YA 58 -129.26 3.81 -22.88
N PRO YA 59 -128.00 4.18 -23.08
CA PRO YA 59 -127.17 3.50 -24.08
C PRO YA 59 -126.37 2.37 -23.45
N ALA YA 60 -125.68 1.63 -24.32
CA ALA YA 60 -124.72 0.65 -23.84
C ALA YA 60 -123.42 1.34 -23.42
N ALA YA 61 -122.56 0.58 -22.74
CA ALA YA 61 -121.31 1.14 -22.23
C ALA YA 61 -120.40 1.51 -23.40
N GLY YA 62 -119.95 2.76 -23.43
CA GLY YA 62 -119.02 3.22 -24.46
C GLY YA 62 -119.64 3.57 -25.79
N ALA YA 63 -120.97 3.62 -25.88
CA ALA YA 63 -121.65 3.86 -27.14
C ALA YA 63 -121.84 5.36 -27.39
N GLN YA 64 -122.00 5.70 -28.66
CA GLN YA 64 -122.31 7.06 -29.09
C GLN YA 64 -123.76 7.11 -29.55
N GLY YA 65 -124.52 8.06 -29.03
CA GLY YA 65 -125.96 8.03 -29.22
C GLY YA 65 -126.64 9.33 -29.57
N TYR YA 66 -127.97 9.30 -29.51
CA TYR YA 66 -128.83 10.41 -29.93
C TYR YA 66 -130.21 10.22 -29.30
N LYS YA 67 -130.64 11.17 -28.45
CA LYS YA 67 -131.82 10.94 -27.64
C LYS YA 67 -132.51 12.26 -27.35
N ASP YA 68 -133.82 12.21 -27.18
CA ASP YA 68 -134.63 13.32 -26.71
C ASP YA 68 -135.18 13.00 -25.32
N MET YA 69 -135.55 14.03 -24.57
CA MET YA 69 -135.86 13.87 -23.15
C MET YA 69 -137.30 14.22 -22.79
N GLY YA 70 -137.77 15.38 -23.19
CA GLY YA 70 -139.09 15.86 -22.78
C GLY YA 70 -139.20 17.35 -23.01
N TYR YA 71 -140.08 18.00 -22.24
CA TYR YA 71 -140.29 19.42 -22.39
C TYR YA 71 -140.59 20.05 -21.03
N VAL YA 72 -140.41 21.37 -20.95
CA VAL YA 72 -140.57 22.13 -19.72
C VAL YA 72 -141.55 23.28 -19.98
N LYS YA 73 -142.43 23.52 -19.02
CA LYS YA 73 -143.45 24.56 -19.14
C LYS YA 73 -143.10 25.76 -18.26
N ILE YA 74 -143.29 26.96 -18.80
CA ILE YA 74 -143.07 28.21 -18.10
C ILE YA 74 -144.36 29.02 -18.15
N ILE YA 75 -144.76 29.58 -17.00
CA ILE YA 75 -146.00 30.33 -16.88
C ILE YA 75 -145.67 31.76 -16.47
N ASN YA 76 -146.26 32.73 -17.16
CA ASN YA 76 -146.00 34.15 -16.95
C ASN YA 76 -147.27 34.87 -16.50
N TYR YA 77 -147.10 35.82 -15.59
CA TYR YA 77 -148.18 36.39 -14.78
C TYR YA 77 -148.38 37.88 -15.09
N THR YA 78 -149.21 38.51 -14.26
CA THR YA 78 -149.78 39.82 -14.57
C THR YA 78 -148.71 40.86 -14.87
N ASP YA 79 -148.94 41.64 -15.93
CA ASP YA 79 -148.11 42.76 -16.34
C ASP YA 79 -146.69 42.36 -16.70
N VAL YA 80 -146.50 41.12 -17.16
CA VAL YA 80 -145.21 40.60 -17.59
C VAL YA 80 -145.24 40.46 -19.10
N ASN YA 81 -144.21 40.97 -19.77
CA ASN YA 81 -144.12 40.88 -21.22
C ASN YA 81 -142.83 40.25 -21.71
N VAL YA 82 -141.70 40.55 -21.07
CA VAL YA 82 -140.40 40.03 -21.50
C VAL YA 82 -139.66 39.52 -20.27
N VAL YA 83 -139.06 38.33 -20.40
CA VAL YA 83 -138.34 37.68 -19.30
C VAL YA 83 -136.94 37.32 -19.78
N LYS YA 84 -135.95 37.62 -18.95
CA LYS YA 84 -134.56 37.23 -19.19
C LYS YA 84 -134.19 36.13 -18.20
N LEU YA 85 -133.66 35.03 -18.72
CA LEU YA 85 -133.41 33.83 -17.93
C LEU YA 85 -131.97 33.38 -18.09
N LYS YA 86 -131.49 32.66 -17.07
CA LYS YA 86 -130.18 32.03 -17.09
C LYS YA 86 -130.36 30.55 -16.73
N VAL YA 87 -129.84 29.67 -17.57
CA VAL YA 87 -129.99 28.22 -17.39
C VAL YA 87 -128.60 27.61 -17.25
N THR YA 88 -128.44 26.74 -16.26
CA THR YA 88 -127.15 26.13 -15.97
C THR YA 88 -127.35 24.67 -15.58
N LEU YA 89 -126.26 23.90 -15.67
CA LEU YA 89 -126.23 22.51 -15.24
C LEU YA 89 -125.73 22.48 -13.80
N ALA YA 90 -126.60 22.07 -12.88
CA ALA YA 90 -126.28 22.14 -11.46
C ALA YA 90 -125.28 21.09 -11.03
N ASN YA 91 -125.36 19.88 -11.60
CA ASN YA 91 -124.53 18.77 -11.14
C ASN YA 91 -123.58 18.31 -12.24
N ALA YA 92 -122.95 19.26 -12.93
CA ALA YA 92 -122.01 18.91 -14.00
C ALA YA 92 -120.79 18.19 -13.45
N ALA YA 93 -120.35 18.55 -12.24
CA ALA YA 93 -119.17 17.92 -11.66
C ALA YA 93 -119.41 16.43 -11.41
N GLN YA 94 -120.60 16.07 -10.95
CA GLN YA 94 -120.92 14.67 -10.69
C GLN YA 94 -120.95 13.85 -11.97
N LEU YA 95 -121.41 14.45 -13.08
CA LEU YA 95 -121.56 13.73 -14.34
C LEU YA 95 -120.25 13.59 -15.11
N ARG YA 96 -119.19 14.29 -14.71
CA ARG YA 96 -117.94 14.22 -15.46
C ARG YA 96 -117.33 12.82 -15.53
N PRO YA 97 -117.21 12.04 -14.45
CA PRO YA 97 -116.57 10.71 -14.57
C PRO YA 97 -117.36 9.73 -15.41
N TYR YA 98 -118.61 10.02 -15.76
CA TYR YA 98 -119.45 9.08 -16.48
C TYR YA 98 -119.54 9.34 -17.98
N PHE YA 99 -119.09 10.50 -18.45
CA PHE YA 99 -119.26 10.88 -19.85
C PHE YA 99 -117.99 11.51 -20.39
N LYS YA 100 -117.69 11.20 -21.65
CA LYS YA 100 -116.67 11.96 -22.37
C LYS YA 100 -117.18 13.33 -22.79
N TYR YA 101 -118.43 13.38 -23.25
CA TYR YA 101 -119.07 14.66 -23.58
C TYR YA 101 -120.58 14.48 -23.50
N LEU YA 102 -121.27 15.60 -23.27
CA LEU YA 102 -122.73 15.60 -23.18
C LEU YA 102 -123.22 17.00 -23.50
N GLN YA 103 -124.08 17.11 -24.50
CA GLN YA 103 -124.59 18.40 -24.95
C GLN YA 103 -126.10 18.41 -24.93
N LEU YA 104 -126.68 19.52 -24.47
CA LEU YA 104 -128.11 19.70 -24.39
C LEU YA 104 -128.53 20.87 -25.29
N VAL YA 105 -129.57 20.65 -26.09
CA VAL YA 105 -130.07 21.65 -27.02
C VAL YA 105 -131.49 22.03 -26.61
N LEU YA 106 -131.73 23.33 -26.45
CA LEU YA 106 -133.03 23.85 -26.05
C LEU YA 106 -133.64 24.63 -27.21
N THR YA 107 -134.88 24.33 -27.55
CA THR YA 107 -135.57 24.99 -28.65
C THR YA 107 -136.94 25.46 -28.19
N SER YA 108 -137.32 26.66 -28.61
CA SER YA 108 -138.65 27.21 -28.35
C SER YA 108 -139.56 26.83 -29.51
N ASN YA 109 -140.74 26.30 -29.18
CA ASN YA 109 -141.66 25.71 -30.15
C ASN YA 109 -143.09 26.16 -29.92
N ALA YA 110 -143.37 26.77 -28.75
CA ALA YA 110 -144.74 27.06 -28.33
C ALA YA 110 -145.52 27.82 -29.40
N SER YA 111 -144.84 28.61 -30.22
CA SER YA 111 -145.43 29.19 -31.43
C SER YA 111 -145.25 28.21 -32.59
N SER YA 112 -146.37 27.77 -33.16
CA SER YA 112 -146.32 26.81 -34.25
C SER YA 112 -145.67 27.38 -35.49
N THR YA 113 -145.57 28.70 -35.60
CA THR YA 113 -144.95 29.34 -36.76
C THR YA 113 -143.46 29.60 -36.58
N VAL YA 114 -143.01 29.83 -35.35
CA VAL YA 114 -141.63 30.22 -35.07
C VAL YA 114 -141.01 29.17 -34.15
N GLU YA 115 -140.24 28.25 -34.71
CA GLU YA 115 -139.39 27.34 -33.95
C GLU YA 115 -137.98 27.91 -33.91
N GLU YA 116 -137.42 28.02 -32.70
CA GLU YA 116 -136.08 28.56 -32.53
C GLU YA 116 -135.31 27.81 -31.47
N THR YA 117 -134.07 27.45 -31.80
CA THR YA 117 -133.12 26.96 -30.80
C THR YA 117 -132.48 28.14 -30.08
N LYS YA 118 -132.49 28.12 -28.76
CA LYS YA 118 -132.05 29.27 -27.97
C LYS YA 118 -130.68 29.09 -27.34
N ALA YA 119 -130.33 27.90 -26.86
CA ALA YA 119 -129.04 27.72 -26.20
C ALA YA 119 -128.58 26.28 -26.35
N VAL YA 120 -127.28 26.10 -26.20
CA VAL YA 120 -126.64 24.78 -26.19
C VAL YA 120 -125.80 24.70 -24.92
N LEU YA 121 -126.03 23.67 -24.11
CA LEU YA 121 -125.30 23.47 -22.88
C LEU YA 121 -124.39 22.26 -22.98
N SER YA 122 -123.27 22.32 -22.28
CA SER YA 122 -122.28 21.25 -22.31
C SER YA 122 -121.60 21.17 -20.95
N LEU YA 123 -120.82 20.10 -20.77
CA LEU YA 123 -120.11 19.90 -19.51
C LEU YA 123 -118.96 20.89 -19.34
N LYS YA 124 -118.46 21.46 -20.43
CA LYS YA 124 -117.38 22.44 -20.35
C LYS YA 124 -117.90 23.87 -20.22
N LYS YA 125 -119.06 24.17 -20.80
CA LYS YA 125 -119.69 25.48 -20.69
C LYS YA 125 -121.12 25.26 -20.24
N PRO YA 126 -121.36 25.15 -18.93
CA PRO YA 126 -122.67 24.72 -18.44
C PRO YA 126 -123.75 25.78 -18.44
N SER YA 127 -123.41 27.06 -18.59
CA SER YA 127 -124.35 28.15 -18.40
C SER YA 127 -124.62 28.88 -19.71
N ALA YA 128 -125.84 29.41 -19.83
CA ALA YA 128 -126.24 30.18 -20.99
C ALA YA 128 -127.34 31.15 -20.59
N VAL YA 129 -127.52 32.19 -21.41
CA VAL YA 129 -128.53 33.22 -21.18
C VAL YA 129 -129.42 33.30 -22.42
N ILE YA 130 -130.74 33.25 -22.21
CA ILE YA 130 -131.70 33.26 -23.29
C ILE YA 130 -132.70 34.39 -23.07
N ILE YA 131 -133.42 34.73 -24.14
CA ILE YA 131 -134.40 35.80 -24.15
C ILE YA 131 -135.72 35.25 -24.66
N LEU YA 132 -136.81 35.53 -23.93
CA LEU YA 132 -138.16 35.19 -24.36
C LEU YA 132 -138.95 36.48 -24.55
N ASP YA 133 -139.60 36.60 -25.71
CA ASP YA 133 -140.29 37.84 -26.06
C ASP YA 133 -141.73 37.60 -26.50
N ASN YA 134 -142.36 38.63 -27.08
CA ASN YA 134 -143.77 38.55 -27.43
C ASN YA 134 -144.06 37.40 -28.39
N ASP YA 135 -143.13 37.08 -29.29
CA ASP YA 135 -143.37 36.00 -30.25
C ASP YA 135 -143.40 34.63 -29.58
N ASP YA 136 -142.61 34.44 -28.53
CA ASP YA 136 -142.54 33.12 -27.89
C ASP YA 136 -143.82 32.82 -27.10
N TYR YA 137 -144.40 33.84 -26.46
CA TYR YA 137 -145.55 33.63 -25.58
C TYR YA 137 -146.82 33.32 -26.35
N SER YA 138 -146.88 32.14 -26.96
CA SER YA 138 -148.09 31.68 -27.60
C SER YA 138 -149.11 31.24 -26.55
N SER YA 139 -150.39 31.30 -26.92
CA SER YA 139 -151.52 31.17 -26.00
C SER YA 139 -151.49 32.23 -24.90
N THR YA 140 -150.58 33.20 -25.02
CA THR YA 140 -150.47 34.38 -24.16
C THR YA 140 -150.07 34.04 -22.73
N ASN YA 141 -149.87 32.76 -22.41
CA ASN YA 141 -149.68 32.37 -21.01
C ASN YA 141 -148.57 31.37 -20.74
N LYS YA 142 -147.96 30.74 -21.76
CA LYS YA 142 -147.02 29.67 -21.46
C LYS YA 142 -145.95 29.54 -22.54
N ILE YA 143 -144.80 29.01 -22.13
CA ILE YA 143 -143.67 28.67 -22.98
C ILE YA 143 -143.45 27.16 -22.92
N GLN YA 144 -143.19 26.55 -24.07
CA GLN YA 144 -142.86 25.13 -24.16
C GLN YA 144 -141.46 24.99 -24.73
N LEU YA 145 -140.59 24.27 -24.02
CA LEU YA 145 -139.21 24.06 -24.41
C LEU YA 145 -138.86 22.59 -24.23
N LYS YA 146 -138.55 21.90 -25.33
CA LYS YA 146 -138.04 20.55 -25.24
C LYS YA 146 -136.52 20.52 -25.20
N VAL YA 147 -135.98 19.42 -24.72
CA VAL YA 147 -134.55 19.24 -24.49
C VAL YA 147 -134.02 18.21 -25.47
N GLU YA 148 -132.89 18.51 -26.10
CA GLU YA 148 -132.26 17.58 -27.02
C GLU YA 148 -130.86 17.26 -26.52
N ALA YA 149 -130.53 15.97 -26.50
CA ALA YA 149 -129.30 15.49 -25.89
C ALA YA 149 -128.43 14.75 -26.90
N TYR YA 150 -127.13 15.02 -26.85
CA TYR YA 150 -126.12 14.27 -27.58
C TYR YA 150 -125.05 13.84 -26.58
N TYR YA 151 -124.58 12.60 -26.70
CA TYR YA 151 -123.75 12.04 -25.64
C TYR YA 151 -122.84 10.95 -26.19
N GLU YA 152 -121.78 10.67 -25.42
CA GLU YA 152 -120.94 9.49 -25.60
C GLU YA 152 -120.55 8.98 -24.23
N ALA YA 153 -120.84 7.71 -23.95
CA ALA YA 153 -120.61 7.13 -22.64
C ALA YA 153 -119.16 6.68 -22.50
N LYS YA 154 -118.69 6.64 -21.25
CA LYS YA 154 -117.35 6.16 -20.96
C LYS YA 154 -117.24 4.67 -21.24
N GLU YA 155 -116.02 4.23 -21.55
CA GLU YA 155 -115.77 2.84 -21.92
C GLU YA 155 -115.79 1.96 -20.68
N GLY YA 156 -116.65 0.96 -20.67
CA GLY YA 156 -116.66 -0.04 -19.62
C GLY YA 156 -117.22 0.42 -18.28
N MET YA 157 -118.05 1.46 -18.27
CA MET YA 157 -118.63 1.98 -17.04
C MET YA 157 -120.10 1.60 -16.98
N LEU YA 158 -120.51 0.99 -15.88
CA LEU YA 158 -121.89 0.56 -15.67
C LEU YA 158 -122.46 1.24 -14.44
N PHE YA 159 -123.71 1.70 -14.55
CA PHE YA 159 -124.35 2.44 -13.48
C PHE YA 159 -125.85 2.47 -13.74
N ASP YA 160 -126.59 2.96 -12.76
CA ASP YA 160 -128.04 3.12 -12.88
C ASP YA 160 -128.51 4.14 -11.87
N SER YA 161 -129.68 4.72 -12.14
CA SER YA 161 -130.32 5.69 -11.25
C SER YA 161 -129.42 6.91 -11.01
N LEU YA 162 -129.05 7.57 -12.10
CA LEU YA 162 -128.23 8.78 -12.04
C LEU YA 162 -129.03 9.98 -12.50
N PRO YA 163 -129.24 10.99 -11.65
CA PRO YA 163 -130.08 12.13 -12.05
C PRO YA 163 -129.31 13.23 -12.76
N VAL YA 164 -130.05 13.96 -13.60
CA VAL YA 164 -129.55 15.14 -14.29
C VAL YA 164 -130.43 16.31 -13.88
N ILE YA 165 -129.81 17.40 -13.44
CA ILE YA 165 -130.51 18.51 -12.81
C ILE YA 165 -130.22 19.79 -13.59
N LEU YA 166 -131.27 20.58 -13.84
CA LEU YA 166 -131.16 21.89 -14.46
C LEU YA 166 -131.75 22.93 -13.53
N ASN YA 167 -131.18 24.14 -13.54
CA ASN YA 167 -131.61 25.22 -12.66
C ASN YA 167 -131.95 26.46 -13.47
N PHE YA 168 -132.92 27.23 -12.99
CA PHE YA 168 -133.36 28.46 -13.64
C PHE YA 168 -133.25 29.63 -12.67
N GLN YA 169 -132.83 30.78 -13.18
CA GLN YA 169 -132.75 32.00 -12.39
C GLN YA 169 -133.18 33.18 -13.25
N VAL YA 170 -133.98 34.06 -12.66
CA VAL YA 170 -134.51 35.24 -13.36
C VAL YA 170 -133.56 36.40 -13.13
N LEU YA 171 -133.15 37.06 -14.22
CA LEU YA 171 -132.26 38.20 -14.14
C LEU YA 171 -132.99 39.53 -14.30
N SER YA 172 -134.01 39.59 -15.15
CA SER YA 172 -134.77 40.82 -15.36
C SER YA 172 -136.09 40.48 -16.01
N VAL YA 173 -137.14 41.19 -15.61
CA VAL YA 173 -138.48 41.02 -16.19
C VAL YA 173 -139.06 42.41 -16.45
N SER YA 174 -139.87 42.49 -17.51
CA SER YA 174 -140.52 43.76 -17.87
C SER YA 174 -141.86 43.51 -18.54
N THR ZA 26 -163.85 80.83 40.42
CA THR ZA 26 -162.83 81.26 39.47
C THR ZA 26 -161.76 80.18 39.31
N THR ZA 27 -162.00 79.26 38.38
CA THR ZA 27 -161.10 78.14 38.13
C THR ZA 27 -160.62 78.17 36.68
N GLN ZA 28 -159.32 77.98 36.48
CA GLN ZA 28 -158.72 77.97 35.16
C GLN ZA 28 -158.43 76.53 34.76
N SER ZA 29 -158.94 76.11 33.61
CA SER ZA 29 -158.80 74.73 33.20
C SER ZA 29 -157.79 74.58 32.08
N PRO ZA 30 -157.01 73.49 32.06
CA PRO ZA 30 -156.05 73.29 30.97
C PRO ZA 30 -156.68 72.67 29.72
N LEU ZA 31 -157.85 72.05 29.83
CA LEU ZA 31 -158.62 71.55 28.69
C LEU ZA 31 -157.85 70.46 27.93
N ASN ZA 32 -157.31 69.49 28.67
CA ASN ZA 32 -156.60 68.37 28.06
C ASN ZA 32 -156.90 67.05 28.75
N SER ZA 33 -158.01 66.96 29.47
CA SER ZA 33 -158.37 65.76 30.21
C SER ZA 33 -159.33 64.88 29.42
N PHE ZA 34 -158.85 64.39 28.27
CA PHE ZA 34 -159.63 63.50 27.42
C PHE ZA 34 -158.73 62.40 26.89
N TYR ZA 35 -159.23 61.16 26.93
CA TYR ZA 35 -158.43 60.00 26.53
C TYR ZA 35 -159.31 58.96 25.87
N ALA ZA 36 -158.66 58.09 25.10
CA ALA ZA 36 -159.30 56.92 24.49
C ALA ZA 36 -158.25 55.82 24.41
N THR ZA 37 -158.68 54.57 24.60
CA THR ZA 37 -157.76 53.45 24.79
C THR ZA 37 -158.15 52.26 23.92
N GLY ZA 38 -157.15 51.61 23.33
CA GLY ZA 38 -157.33 50.36 22.63
C GLY ZA 38 -156.34 49.31 23.09
N THR ZA 39 -156.29 48.16 22.41
CA THR ZA 39 -155.40 47.07 22.82
C THR ZA 39 -154.89 46.35 21.58
N ALA ZA 40 -153.80 45.60 21.77
CA ALA ZA 40 -153.21 44.79 20.72
C ALA ZA 40 -152.48 43.61 21.35
N GLN ZA 41 -152.25 42.57 20.54
CA GLN ZA 41 -151.59 41.37 21.04
C GLN ZA 41 -151.04 40.56 19.88
N ALA ZA 42 -150.14 39.64 20.21
CA ALA ZA 42 -149.61 38.66 19.25
C ALA ZA 42 -149.08 37.49 20.04
N VAL ZA 43 -149.77 36.34 19.97
CA VAL ZA 43 -149.50 35.23 20.88
C VAL ZA 43 -149.27 33.91 20.14
N GLN ZA 44 -148.79 33.95 18.90
CA GLN ZA 44 -148.49 32.71 18.19
C GLN ZA 44 -147.44 32.96 17.13
N GLU ZA 45 -146.71 31.89 16.80
CA GLU ZA 45 -145.67 31.92 15.77
C GLU ZA 45 -146.29 31.82 14.37
N PRO ZA 46 -145.61 32.37 13.35
CA PRO ZA 46 -146.23 32.43 12.02
C PRO ZA 46 -146.62 31.07 11.44
N ILE ZA 47 -145.82 30.03 11.65
CA ILE ZA 47 -146.04 28.76 10.98
C ILE ZA 47 -146.01 27.62 12.00
N ASP ZA 48 -146.58 26.49 11.59
CA ASP ZA 48 -146.53 25.24 12.34
C ASP ZA 48 -146.14 24.13 11.37
N VAL ZA 49 -145.30 23.21 11.82
CA VAL ZA 49 -144.72 22.19 10.95
C VAL ZA 49 -145.00 20.82 11.53
N GLU ZA 50 -145.48 19.90 10.69
CA GLU ZA 50 -145.76 18.53 11.09
C GLU ZA 50 -145.14 17.58 10.07
N SER ZA 51 -144.60 16.46 10.54
CA SER ZA 51 -143.82 15.54 9.72
C SER ZA 51 -144.55 14.23 9.52
N HIS ZA 52 -144.43 13.67 8.32
CA HIS ZA 52 -145.01 12.37 7.98
C HIS ZA 52 -144.02 11.54 7.14
N LEU ZA 53 -142.75 11.53 7.54
CA LEU ZA 53 -141.73 10.76 6.84
C LEU ZA 53 -141.72 9.35 7.41
N ASP ZA 54 -142.46 8.45 6.77
CA ASP ZA 54 -142.65 7.08 7.26
C ASP ZA 54 -142.21 6.05 6.23
N ASN ZA 55 -141.06 6.27 5.60
CA ASN ZA 55 -140.45 5.27 4.73
C ASN ZA 55 -138.97 5.16 5.06
N THR ZA 56 -138.42 3.97 4.83
CA THR ZA 56 -137.06 3.65 5.22
C THR ZA 56 -136.21 3.36 3.99
N ILE ZA 57 -135.05 3.99 3.91
CA ILE ZA 57 -134.06 3.68 2.88
C ILE ZA 57 -133.37 2.39 3.30
N ALA ZA 58 -133.73 1.28 2.65
CA ALA ZA 58 -133.23 -0.05 3.02
C ALA ZA 58 -132.68 -0.76 1.80
N PRO ZA 59 -131.50 -0.36 1.34
CA PRO ZA 59 -130.83 -1.10 0.26
C PRO ZA 59 -129.85 -2.13 0.83
N ALA ZA 60 -129.29 -2.92 -0.07
CA ALA ZA 60 -128.20 -3.82 0.29
C ALA ZA 60 -126.89 -3.04 0.41
N ALA ZA 61 -125.88 -3.69 0.98
CA ALA ZA 61 -124.60 -3.04 1.20
C ALA ZA 61 -123.93 -2.75 -0.15
N GLY ZA 62 -123.56 -1.49 -0.36
CA GLY ZA 62 -122.87 -1.09 -1.57
C GLY ZA 62 -123.73 -0.91 -2.81
N ALA ZA 63 -125.06 -0.90 -2.65
CA ALA ZA 63 -125.96 -0.81 -3.79
C ALA ZA 63 -126.28 0.63 -4.12
N GLN ZA 64 -126.69 0.85 -5.36
CA GLN ZA 64 -127.14 2.15 -5.86
C GLN ZA 64 -128.65 2.09 -6.03
N GLY ZA 65 -129.36 3.07 -5.46
CA GLY ZA 65 -130.81 2.95 -5.40
C GLY ZA 65 -131.61 4.19 -5.72
N TYR ZA 66 -132.92 4.12 -5.41
CA TYR ZA 66 -133.89 5.14 -5.76
C TYR ZA 66 -135.12 4.97 -4.87
N LYS ZA 67 -135.43 5.96 -4.05
CA LYS ZA 67 -136.44 5.78 -3.02
C LYS ZA 67 -137.14 7.09 -2.72
N ASP ZA 68 -138.40 6.99 -2.32
CA ASP ZA 68 -139.18 8.12 -1.80
C ASP ZA 68 -139.44 7.91 -0.32
N MET ZA 69 -139.74 9.00 0.40
CA MET ZA 69 -139.77 8.96 1.86
C MET ZA 69 -141.13 9.29 2.45
N GLY ZA 70 -141.74 10.39 2.04
CA GLY ZA 70 -142.99 10.84 2.65
C GLY ZA 70 -143.23 12.31 2.31
N TYR ZA 71 -143.99 12.98 3.16
CA TYR ZA 71 -144.30 14.39 2.94
C TYR ZA 71 -144.38 15.13 4.27
N VAL ZA 72 -144.26 16.45 4.19
CA VAL ZA 72 -144.25 17.32 5.36
C VAL ZA 72 -145.31 18.40 5.19
N LYS ZA 73 -146.03 18.70 6.26
CA LYS ZA 73 -147.11 19.69 6.24
C LYS ZA 73 -146.68 20.97 6.94
N ILE ZA 74 -147.04 22.10 6.33
CA ILE ZA 74 -146.75 23.43 6.88
C ILE ZA 74 -148.07 24.18 6.99
N ILE ZA 75 -148.29 24.83 8.14
CA ILE ZA 75 -149.53 25.54 8.42
C ILE ZA 75 -149.21 27.02 8.64
N ASN ZA 76 -149.97 27.89 7.99
CA ASN ZA 76 -149.76 29.33 8.03
C ASN ZA 76 -150.97 30.03 8.63
N TYR ZA 77 -150.69 31.09 9.41
CA TYR ZA 77 -151.64 31.68 10.34
C TYR ZA 77 -151.98 33.12 9.95
N THR ZA 78 -152.68 33.81 10.85
CA THR ZA 78 -153.37 35.05 10.54
C THR ZA 78 -152.43 36.09 9.96
N ASP ZA 79 -152.89 36.76 8.89
CA ASP ZA 79 -152.21 37.88 8.25
C ASP ZA 79 -150.85 37.49 7.67
N VAL ZA 80 -150.68 36.23 7.29
CA VAL ZA 80 -149.46 35.72 6.68
C VAL ZA 80 -149.76 35.43 5.22
N ASN ZA 81 -148.89 35.91 4.33
CA ASN ZA 81 -149.05 35.69 2.90
C ASN ZA 81 -147.84 35.06 2.24
N VAL ZA 82 -146.64 35.46 2.63
CA VAL ZA 82 -145.40 34.96 2.02
C VAL ZA 82 -144.43 34.60 3.13
N VAL ZA 83 -143.80 33.43 2.99
CA VAL ZA 83 -142.86 32.92 3.99
C VAL ZA 83 -141.55 32.57 3.30
N LYS ZA 84 -140.44 32.99 3.90
CA LYS ZA 84 -139.10 32.63 3.46
C LYS ZA 84 -138.50 31.64 4.44
N LEU ZA 85 -138.00 30.52 3.93
CA LEU ZA 85 -137.55 29.42 4.76
C LEU ZA 85 -136.14 29.00 4.38
N LYS ZA 86 -135.44 28.41 5.36
CA LYS ZA 86 -134.13 27.82 5.15
C LYS ZA 86 -134.15 26.39 5.68
N VAL ZA 87 -133.75 25.45 4.83
CA VAL ZA 87 -133.77 24.03 5.16
C VAL ZA 87 -132.36 23.48 5.09
N THR ZA 88 -131.97 22.72 6.11
CA THR ZA 88 -130.61 22.19 6.21
C THR ZA 88 -130.66 20.77 6.75
N LEU ZA 89 -129.57 20.04 6.54
CA LEU ZA 89 -129.38 18.70 7.08
C LEU ZA 89 -128.63 18.83 8.40
N ALA ZA 90 -129.30 18.47 9.50
CA ALA ZA 90 -128.74 18.70 10.82
C ALA ZA 90 -127.61 17.73 11.15
N ASN ZA 91 -127.73 16.47 10.71
CA ASN ZA 91 -126.77 15.44 11.09
C ASN ZA 91 -126.01 14.92 9.89
N ALA ZA 92 -125.55 15.82 9.02
CA ALA ZA 92 -124.81 15.41 7.83
C ALA ZA 92 -123.47 14.79 8.20
N ALA ZA 93 -122.84 15.28 9.27
CA ALA ZA 93 -121.55 14.76 9.68
C ALA ZA 93 -121.65 13.29 10.10
N GLN ZA 94 -122.72 12.93 10.80
CA GLN ZA 94 -122.90 11.55 11.24
C GLN ZA 94 -123.13 10.61 10.06
N LEU ZA 95 -123.80 11.07 9.01
CA LEU ZA 95 -124.13 10.23 7.87
C LEU ZA 95 -122.98 10.08 6.88
N ARG ZA 96 -121.90 10.85 7.02
CA ARG ZA 96 -120.80 10.76 6.06
C ARG ZA 96 -120.15 9.39 6.00
N PRO ZA 97 -119.79 8.72 7.11
CA PRO ZA 97 -119.12 7.41 6.99
C PRO ZA 97 -119.98 6.32 6.39
N TYR ZA 98 -121.29 6.53 6.26
CA TYR ZA 98 -122.19 5.48 5.79
C TYR ZA 98 -122.56 5.60 4.33
N PHE ZA 99 -122.27 6.72 3.67
CA PHE ZA 99 -122.71 6.95 2.31
C PHE ZA 99 -121.58 7.58 1.48
N LYS ZA 100 -121.50 7.17 0.22
CA LYS ZA 100 -120.67 7.90 -0.74
C LYS ZA 100 -121.34 9.18 -1.18
N TYR ZA 101 -122.65 9.16 -1.41
CA TYR ZA 101 -123.40 10.36 -1.72
C TYR ZA 101 -124.86 10.14 -1.35
N LEU ZA 102 -125.56 11.24 -1.09
CA LEU ZA 102 -126.97 11.20 -0.74
C LEU ZA 102 -127.59 12.54 -1.08
N GLN ZA 103 -128.63 12.52 -1.91
CA GLN ZA 103 -129.28 13.74 -2.38
C GLN ZA 103 -130.77 13.69 -2.08
N LEU ZA 104 -131.30 14.82 -1.62
CA LEU ZA 104 -132.72 14.95 -1.30
C LEU ZA 104 -133.34 16.00 -2.20
N VAL ZA 105 -134.51 15.68 -2.77
CA VAL ZA 105 -135.22 16.55 -3.68
C VAL ZA 105 -136.56 16.91 -3.05
N LEU ZA 106 -136.84 18.21 -2.95
CA LEU ZA 106 -138.08 18.72 -2.38
C LEU ZA 106 -138.92 19.37 -3.47
N THR ZA 107 -140.19 18.97 -3.54
CA THR ZA 107 -141.11 19.50 -4.55
C THR ZA 107 -142.39 19.96 -3.89
N SER ZA 108 -142.91 21.10 -4.34
CA SER ZA 108 -144.20 21.61 -3.88
C SER ZA 108 -145.28 21.09 -4.82
N ASN ZA 109 -146.35 20.55 -4.24
CA ASN ZA 109 -147.39 19.83 -4.97
C ASN ZA 109 -148.78 20.25 -4.50
N ALA ZA 110 -148.88 20.96 -3.37
CA ALA ZA 110 -150.17 21.22 -2.74
C ALA ZA 110 -151.17 21.86 -3.70
N SER ZA 111 -150.69 22.59 -4.70
CA SER ZA 111 -151.52 23.02 -5.83
C SER ZA 111 -151.49 21.95 -6.91
N SER ZA 112 -152.67 21.41 -7.22
CA SER ZA 112 -152.76 20.34 -8.21
C SER ZA 112 -152.39 20.82 -9.60
N THR ZA 113 -152.38 22.13 -9.85
CA THR ZA 113 -152.02 22.67 -11.15
C THR ZA 113 -150.54 23.02 -11.27
N VAL ZA 114 -149.89 23.37 -10.17
CA VAL ZA 114 -148.50 23.84 -10.18
C VAL ZA 114 -147.68 22.91 -9.29
N GLU ZA 115 -146.96 21.97 -9.91
CA GLU ZA 115 -145.94 21.18 -9.24
C GLU ZA 115 -144.58 21.81 -9.51
N GLU ZA 116 -143.82 22.05 -8.45
CA GLU ZA 116 -142.50 22.66 -8.58
C GLU ZA 116 -141.51 22.05 -7.61
N THR ZA 117 -140.33 21.71 -8.12
CA THR ZA 117 -139.19 21.35 -7.28
C THR ZA 117 -138.50 22.62 -6.81
N LYS ZA 118 -138.28 22.73 -5.50
CA LYS ZA 118 -137.77 23.96 -4.90
C LYS ZA 118 -136.30 23.90 -4.53
N ALA ZA 119 -135.79 22.78 -4.02
CA ALA ZA 119 -134.41 22.72 -3.60
C ALA ZA 119 -133.89 21.29 -3.70
N VAL ZA 120 -132.57 21.16 -3.78
CA VAL ZA 120 -131.88 19.88 -3.77
C VAL ZA 120 -130.81 19.96 -2.68
N LEU ZA 121 -130.84 19.01 -1.75
CA LEU ZA 121 -129.89 18.95 -0.65
C LEU ZA 121 -128.95 17.77 -0.82
N SER ZA 122 -127.71 17.94 -0.35
CA SER ZA 122 -126.70 16.91 -0.47
C SER ZA 122 -125.77 16.99 0.74
N LEU ZA 123 -124.93 15.98 0.88
CA LEU ZA 123 -123.98 15.93 2.00
C LEU ZA 123 -122.88 16.97 1.86
N LYS ZA 124 -122.61 17.47 0.66
CA LYS ZA 124 -121.60 18.48 0.45
C LYS ZA 124 -122.16 19.90 0.55
N LYS ZA 125 -123.42 20.10 0.16
CA LYS ZA 125 -124.10 21.38 0.27
C LYS ZA 125 -125.42 21.15 1.00
N PRO ZA 126 -125.40 21.16 2.33
CA PRO ZA 126 -126.59 20.73 3.10
C PRO ZA 126 -127.70 21.75 3.20
N SER ZA 127 -127.46 23.02 2.87
CA SER ZA 127 -128.42 24.08 3.13
C SER ZA 127 -128.96 24.67 1.84
N ALA ZA 128 -130.20 25.14 1.90
CA ALA ZA 128 -130.86 25.77 0.77
C ALA ZA 128 -131.92 26.73 1.28
N VAL ZA 129 -132.30 27.68 0.42
CA VAL ZA 129 -133.31 28.68 0.74
C VAL ZA 129 -134.41 28.61 -0.31
N ILE ZA 130 -135.66 28.54 0.14
CA ILE ZA 130 -136.81 28.40 -0.75
C ILE ZA 130 -137.81 29.50 -0.45
N ILE ZA 131 -138.73 29.70 -1.40
CA ILE ZA 131 -139.75 30.74 -1.31
C ILE ZA 131 -141.11 30.09 -1.52
N LEU ZA 132 -142.06 30.39 -0.64
CA LEU ZA 132 -143.45 29.96 -0.77
C LEU ZA 132 -144.33 31.19 -0.93
N ASP ZA 133 -145.19 31.18 -1.96
CA ASP ZA 133 -146.00 32.34 -2.28
C ASP ZA 133 -147.47 32.01 -2.42
N ASN ZA 134 -148.26 32.95 -2.96
CA ASN ZA 134 -149.71 32.78 -3.05
C ASN ZA 134 -150.10 31.53 -3.83
N ASP ZA 135 -149.32 31.16 -4.85
CA ASP ZA 135 -149.67 29.99 -5.65
C ASP ZA 135 -149.51 28.69 -4.87
N ASP ZA 136 -148.52 28.63 -3.96
CA ASP ZA 136 -148.28 27.39 -3.24
C ASP ZA 136 -149.37 27.12 -2.20
N TYR ZA 137 -149.88 28.16 -1.56
CA TYR ZA 137 -150.83 28.01 -0.47
C TYR ZA 137 -152.21 27.56 -0.97
N SER ZA 138 -152.30 26.33 -1.45
CA SER ZA 138 -153.59 25.76 -1.80
C SER ZA 138 -154.37 25.38 -0.55
N SER ZA 139 -155.69 25.36 -0.68
CA SER ZA 139 -156.63 25.28 0.43
C SER ZA 139 -156.47 26.43 1.41
N THR ZA 140 -155.65 27.43 1.05
CA THR ZA 140 -155.45 28.69 1.76
C THR ZA 140 -154.79 28.51 3.12
N ASN ZA 141 -154.47 27.27 3.51
CA ASN ZA 141 -154.00 27.03 4.87
C ASN ZA 141 -152.80 26.09 5.01
N LYS ZA 142 -152.36 25.40 3.97
CA LYS ZA 142 -151.31 24.40 4.19
C LYS ZA 142 -150.46 24.21 2.95
N ILE ZA 143 -149.23 23.77 3.19
CA ILE ZA 143 -148.25 23.39 2.16
C ILE ZA 143 -147.93 21.91 2.32
N GLN ZA 144 -147.85 21.20 1.20
CA GLN ZA 144 -147.46 19.79 1.18
C GLN ZA 144 -146.19 19.65 0.36
N LEU ZA 145 -145.16 19.04 0.96
CA LEU ZA 145 -143.86 18.84 0.34
C LEU ZA 145 -143.40 17.42 0.59
N LYS ZA 146 -143.27 16.63 -0.48
CA LYS ZA 146 -142.67 15.31 -0.37
C LYS ZA 146 -141.16 15.36 -0.61
N VAL ZA 147 -140.48 14.32 -0.13
CA VAL ZA 147 -139.03 14.23 -0.16
C VAL ZA 147 -138.62 13.13 -1.12
N GLU ZA 148 -137.64 13.41 -1.98
CA GLU ZA 148 -137.14 12.42 -2.92
C GLU ZA 148 -135.67 12.20 -2.66
N ALA ZA 149 -135.25 10.94 -2.57
CA ALA ZA 149 -133.91 10.57 -2.17
C ALA ZA 149 -133.20 9.78 -3.26
N TYR ZA 150 -131.92 10.10 -3.47
CA TYR ZA 150 -131.02 9.31 -4.30
C TYR ZA 150 -129.77 9.03 -3.48
N TYR ZA 151 -129.26 7.80 -3.58
CA TYR ZA 151 -128.23 7.38 -2.64
C TYR ZA 151 -127.36 6.29 -3.26
N GLU ZA 152 -126.17 6.11 -2.68
CA GLU ZA 152 -125.32 4.96 -2.90
C GLU ZA 152 -124.65 4.60 -1.58
N ALA ZA 153 -124.82 3.36 -1.16
CA ALA ZA 153 -124.32 2.91 0.14
C ALA ZA 153 -122.85 2.53 0.06
N LYS ZA 154 -122.16 2.64 1.20
CA LYS ZA 154 -120.77 2.24 1.28
C LYS ZA 154 -120.62 0.73 1.12
N GLU ZA 155 -119.46 0.31 0.62
CA GLU ZA 155 -119.20 -1.09 0.34
C GLU ZA 155 -118.94 -1.84 1.64
N GLY ZA 156 -119.73 -2.89 1.89
CA GLY ZA 156 -119.50 -3.77 3.01
C GLY ZA 156 -119.84 -3.21 4.37
N MET ZA 157 -120.71 -2.20 4.45
CA MET ZA 157 -121.09 -1.59 5.71
C MET ZA 157 -122.50 -2.02 6.08
N LEU ZA 158 -122.67 -2.54 7.29
CA LEU ZA 158 -123.95 -3.01 7.79
C LEU ZA 158 -124.33 -2.22 9.03
N PHE ZA 159 -125.61 -1.84 9.11
CA PHE ZA 159 -126.09 -1.01 10.21
C PHE ZA 159 -127.62 -1.07 10.23
N ASP ZA 160 -128.19 -0.52 11.29
CA ASP ZA 160 -129.64 -0.44 11.42
C ASP ZA 160 -129.98 0.67 12.41
N SER ZA 161 -131.21 1.17 12.31
CA SER ZA 161 -131.73 2.20 13.21
C SER ZA 161 -130.88 3.46 13.17
N LEU ZA 162 -130.74 4.04 11.97
CA LEU ZA 162 -129.99 5.27 11.78
C LEU ZA 162 -130.93 6.39 11.38
N PRO ZA 163 -131.04 7.47 12.15
CA PRO ZA 163 -132.00 8.53 11.82
C PRO ZA 163 -131.44 9.58 10.88
N VAL ZA 164 -132.35 10.19 10.13
CA VAL ZA 164 -132.06 11.33 9.26
C VAL ZA 164 -132.92 12.50 9.72
N ILE ZA 165 -132.28 13.65 9.95
CA ILE ZA 165 -132.92 14.79 10.59
C ILE ZA 165 -132.85 16.00 9.67
N LEU ZA 166 -133.96 16.71 9.54
CA LEU ZA 166 -134.04 17.96 8.80
C LEU ZA 166 -134.52 19.07 9.73
N ASN ZA 167 -134.03 20.29 9.50
CA ASN ZA 167 -134.35 21.43 10.35
C ASN ZA 167 -134.91 22.57 9.51
N PHE ZA 168 -135.81 23.35 10.10
CA PHE ZA 168 -136.43 24.49 9.44
C PHE ZA 168 -136.22 25.75 10.26
N GLN ZA 169 -135.97 26.86 9.58
CA GLN ZA 169 -135.81 28.16 10.23
C GLN ZA 169 -136.45 29.24 9.36
N VAL ZA 170 -137.19 30.13 10.01
CA VAL ZA 170 -137.89 31.22 9.33
C VAL ZA 170 -136.99 32.43 9.27
N LEU ZA 171 -136.81 32.98 8.07
CA LEU ZA 171 -135.99 34.18 7.87
C LEU ZA 171 -136.81 35.45 7.75
N SER ZA 172 -137.96 35.40 7.09
CA SER ZA 172 -138.82 36.56 6.92
C SER ZA 172 -140.22 36.11 6.55
N VAL ZA 173 -141.22 36.82 7.07
CA VAL ZA 173 -142.62 36.54 6.77
C VAL ZA 173 -143.33 37.87 6.50
N SER ZA 174 -144.30 37.82 5.61
CA SER ZA 174 -145.07 39.01 5.26
C SER ZA 174 -146.50 38.64 4.87
N THR AB 26 -159.61 80.60 63.36
CA THR AB 26 -158.81 80.98 62.21
C THR AB 26 -157.73 79.92 61.95
N THR AB 27 -158.07 78.91 61.16
CA THR AB 27 -157.17 77.81 60.86
C THR AB 27 -156.97 77.72 59.35
N GLN AB 28 -155.71 77.57 58.93
CA GLN AB 28 -155.35 77.46 57.53
C GLN AB 28 -155.06 75.99 57.21
N SER AB 29 -155.75 75.45 56.21
CA SER AB 29 -155.61 74.03 55.91
C SER AB 29 -154.81 73.82 54.63
N PRO AB 30 -153.98 72.77 54.57
CA PRO AB 30 -153.24 72.49 53.34
C PRO AB 30 -154.03 71.74 52.29
N LEU AB 31 -155.13 71.08 52.67
CA LEU AB 31 -156.06 70.44 51.74
C LEU AB 31 -155.38 69.31 50.95
N ASN AB 32 -154.66 68.44 51.66
CA ASN AB 32 -154.01 67.30 51.02
C ASN AB 32 -154.11 66.04 51.88
N SER AB 33 -155.06 65.98 52.79
CA SER AB 33 -155.21 64.84 53.69
C SER AB 33 -156.25 63.84 53.17
N PHE AB 34 -155.96 63.27 52.00
CA PHE AB 34 -156.83 62.28 51.38
C PHE AB 34 -155.97 61.16 50.80
N TYR AB 35 -156.39 59.91 51.03
CA TYR AB 35 -155.61 58.76 50.60
C TYR AB 35 -156.53 57.61 50.21
N ALA AB 36 -155.99 56.70 49.41
CA ALA AB 36 -156.65 55.46 49.04
C ALA AB 36 -155.58 54.40 48.85
N THR AB 37 -155.90 53.16 49.24
CA THR AB 37 -154.90 52.11 49.34
C THR AB 37 -155.37 50.82 48.67
N GLY AB 38 -154.45 50.16 47.98
CA GLY AB 38 -154.68 48.84 47.42
C GLY AB 38 -153.57 47.87 47.79
N THR AB 39 -153.58 46.67 47.22
CA THR AB 39 -152.58 45.66 47.54
C THR AB 39 -152.25 44.84 46.30
N ALA AB 40 -151.11 44.15 46.35
CA ALA AB 40 -150.67 43.27 45.28
C ALA AB 40 -149.77 42.19 45.86
N GLN AB 41 -149.63 41.09 45.13
CA GLN AB 41 -148.82 39.96 45.60
C GLN AB 41 -148.46 39.06 44.44
N ALA AB 42 -147.46 38.21 44.67
CA ALA AB 42 -147.05 37.18 43.72
C ALA AB 42 -146.32 36.10 44.51
N VAL AB 43 -146.95 34.93 44.66
CA VAL AB 43 -146.46 33.93 45.60
C VAL AB 43 -146.29 32.55 44.96
N GLN AB 44 -146.05 32.49 43.65
CA GLN AB 44 -145.81 31.20 43.01
C GLN AB 44 -144.98 31.39 41.75
N GLU AB 45 -144.26 30.32 41.38
CA GLU AB 45 -143.44 30.29 40.19
C GLU AB 45 -144.29 30.04 38.94
N PRO AB 46 -143.83 30.51 37.78
CA PRO AB 46 -144.69 30.40 36.57
C PRO AB 46 -145.09 28.99 36.20
N ILE AB 47 -144.21 28.01 36.35
CA ILE AB 47 -144.46 26.66 35.84
C ILE AB 47 -144.20 25.63 36.94
N ASP AB 48 -144.77 24.45 36.74
CA ASP AB 48 -144.51 23.28 37.57
C ASP AB 48 -144.25 22.10 36.65
N VAL AB 49 -143.28 21.26 37.01
CA VAL AB 49 -142.81 20.19 36.14
C VAL AB 49 -142.91 18.86 36.88
N GLU AB 50 -143.48 17.85 36.23
CA GLU AB 50 -143.61 16.51 36.80
C GLU AB 50 -143.13 15.50 35.76
N SER AB 51 -142.45 14.45 36.24
CA SER AB 51 -141.77 13.49 35.36
C SER AB 51 -142.47 12.14 35.41
N HIS AB 52 -142.52 11.47 34.26
CA HIS AB 52 -143.08 10.12 34.14
C HIS AB 52 -142.21 9.26 33.23
N LEU AB 53 -140.89 9.33 33.38
CA LEU AB 53 -139.96 8.53 32.57
C LEU AB 53 -139.78 7.19 33.26
N ASP AB 54 -140.57 6.20 32.84
CA ASP AB 54 -140.60 4.89 33.47
C ASP AB 54 -140.29 3.77 32.48
N ASN AB 55 -139.28 3.98 31.63
CA ASN AB 55 -138.79 2.93 30.76
C ASN AB 55 -137.26 2.90 30.82
N THR AB 56 -136.70 1.72 30.60
CA THR AB 56 -135.27 1.49 30.76
C THR AB 56 -134.65 1.12 29.42
N ILE AB 57 -133.55 1.79 29.07
CA ILE AB 57 -132.75 1.42 27.91
C ILE AB 57 -131.93 0.20 28.30
N ALA AB 58 -132.33 -0.98 27.84
CA ALA AB 58 -131.70 -2.25 28.23
C ALA AB 58 -131.34 -3.05 26.98
N PRO AB 59 -130.28 -2.65 26.28
CA PRO AB 59 -129.77 -3.46 25.17
C PRO AB 59 -128.66 -4.40 25.64
N ALA AB 60 -128.22 -5.24 24.71
CA ALA AB 60 -127.04 -6.06 24.96
C ALA AB 60 -125.78 -5.22 24.77
N ALA AB 61 -124.65 -5.77 25.20
CA ALA AB 61 -123.39 -5.05 25.10
C ALA AB 61 -122.98 -4.88 23.65
N GLY AB 62 -122.74 -3.62 23.25
CA GLY AB 62 -122.29 -3.33 21.91
C GLY AB 62 -123.37 -3.29 20.85
N ALA AB 63 -124.64 -3.33 21.24
CA ALA AB 63 -125.74 -3.39 20.29
C ALA AB 63 -126.20 -1.98 19.89
N GLN AB 64 -126.83 -1.91 18.73
CA GLN AB 64 -127.44 -0.69 18.22
C GLN AB 64 -128.95 -0.81 18.33
N GLY AB 65 -129.60 0.19 18.93
CA GLY AB 65 -131.00 0.02 19.27
C GLY AB 65 -131.93 1.19 18.99
N TYR AB 66 -133.14 1.10 19.54
CA TYR AB 66 -134.22 2.04 19.28
C TYR AB 66 -135.26 1.90 20.40
N LYS AB 67 -135.48 2.96 21.17
CA LYS AB 67 -136.27 2.83 22.39
C LYS AB 67 -136.98 4.15 22.69
N ASP AB 68 -138.13 4.04 23.33
CA ASP AB 68 -138.87 5.18 23.88
C ASP AB 68 -138.85 5.10 25.40
N MET AB 69 -139.07 6.24 26.06
CA MET AB 69 -138.84 6.35 27.50
C MET AB 69 -140.09 6.68 28.30
N GLY AB 70 -140.82 7.71 27.91
CA GLY AB 70 -141.97 8.17 28.70
C GLY AB 70 -142.34 9.58 28.28
N TYR AB 71 -142.97 10.30 29.20
CA TYR AB 71 -143.40 11.67 28.91
C TYR AB 71 -143.28 12.52 30.16
N VAL AB 72 -143.26 13.84 29.96
CA VAL AB 72 -143.08 14.82 31.02
C VAL AB 72 -144.22 15.83 30.95
N LYS AB 73 -144.75 16.22 32.10
CA LYS AB 73 -145.87 17.14 32.20
C LYS AB 73 -145.40 18.51 32.69
N ILE AB 74 -145.91 19.56 32.06
CA ILE AB 74 -145.62 20.94 32.42
C ILE AB 74 -146.93 21.65 32.72
N ILE AB 75 -146.97 22.40 33.82
CA ILE AB 75 -148.18 23.09 34.26
C ILE AB 75 -147.91 24.59 34.29
N ASN AB 76 -148.82 25.36 33.71
CA ASN AB 76 -148.69 26.81 33.58
C ASN AB 76 -149.80 27.52 34.34
N TYR AB 77 -149.45 28.65 34.95
CA TYR AB 77 -150.24 29.29 35.99
C TYR AB 77 -150.74 30.67 35.54
N THR AB 78 -151.30 31.41 36.50
CA THR AB 78 -152.11 32.59 36.21
C THR AB 78 -151.35 33.62 35.37
N ASP AB 79 -152.03 34.15 34.36
CA ASP AB 79 -151.54 35.23 33.50
C ASP AB 79 -150.29 34.84 32.71
N VAL AB 80 -150.12 33.56 32.43
CA VAL AB 80 -149.00 33.04 31.65
C VAL AB 80 -149.53 32.59 30.30
N ASN AB 81 -148.87 33.03 29.23
CA ASN AB 81 -149.29 32.66 27.87
C ASN AB 81 -148.17 32.01 27.06
N VAL AB 82 -146.94 32.50 27.18
CA VAL AB 82 -145.81 32.00 26.40
C VAL AB 82 -144.63 31.77 27.34
N VAL AB 83 -143.97 30.63 27.20
CA VAL AB 83 -142.84 30.25 28.04
C VAL AB 83 -141.65 29.89 27.16
N LYS AB 84 -140.48 30.42 27.51
CA LYS AB 84 -139.23 30.07 26.85
C LYS AB 84 -138.41 29.20 27.80
N LEU AB 85 -137.95 28.06 27.30
CA LEU AB 85 -137.29 27.07 28.14
C LEU AB 85 -135.95 26.66 27.54
N LYS AB 86 -135.06 26.20 28.42
CA LYS AB 86 -133.77 25.65 28.03
C LYS AB 86 -133.62 24.27 28.67
N VAL AB 87 -133.32 23.27 27.85
CA VAL AB 87 -133.21 21.88 28.30
C VAL AB 87 -131.80 21.40 28.02
N THR AB 88 -131.19 20.75 29.01
CA THR AB 88 -129.82 20.28 28.90
C THR AB 88 -129.68 18.92 29.58
N LEU AB 89 -128.60 18.22 29.22
CA LEU AB 89 -128.25 16.94 29.84
C LEU AB 89 -127.28 17.23 30.97
N ALA AB 90 -127.71 16.95 32.21
CA ALA AB 90 -126.93 17.33 33.39
C ALA AB 90 -125.72 16.44 33.58
N ASN AB 91 -125.85 15.15 33.29
CA ASN AB 91 -124.78 14.20 33.57
C ASN AB 91 -124.21 13.59 32.29
N ALA AB 92 -123.99 14.42 31.28
CA ALA AB 92 -123.44 13.92 30.02
C ALA AB 92 -122.03 13.40 30.19
N ALA AB 93 -121.24 14.01 31.09
CA ALA AB 93 -119.86 13.58 31.29
C ALA AB 93 -119.80 12.17 31.85
N GLN AB 94 -120.72 11.83 32.76
CA GLN AB 94 -120.73 10.49 33.34
C GLN AB 94 -121.11 9.43 32.31
N LEU AB 95 -121.99 9.76 31.37
CA LEU AB 95 -122.47 8.81 30.39
C LEU AB 95 -121.51 8.59 29.22
N ARG AB 96 -120.48 9.43 29.09
CA ARG AB 96 -119.56 9.28 27.96
C ARG AB 96 -118.85 7.93 27.90
N PRO AB 97 -118.26 7.40 28.98
CA PRO AB 97 -117.55 6.11 28.86
C PRO AB 97 -118.44 4.93 28.52
N TYR AB 98 -119.76 5.08 28.62
CA TYR AB 98 -120.67 3.95 28.42
C TYR AB 98 -121.31 3.91 27.04
N PHE AB 99 -121.20 4.99 26.24
CA PHE AB 99 -121.89 5.06 24.97
C PHE AB 99 -120.97 5.65 23.90
N LYS AB 100 -121.09 5.13 22.68
CA LYS AB 100 -120.48 5.78 21.53
C LYS AB 100 -121.29 7.00 21.11
N TYR AB 101 -122.63 6.90 21.13
CA TYR AB 101 -123.49 8.04 20.86
C TYR AB 101 -124.84 7.79 21.51
N LEU AB 102 -125.54 8.88 21.79
CA LEU AB 102 -126.87 8.82 22.41
C LEU AB 102 -127.61 10.10 22.06
N GLN AB 103 -128.78 9.96 21.44
CA GLN AB 103 -129.56 11.10 20.99
C GLN AB 103 -130.97 11.02 21.57
N LEU AB 104 -131.48 12.17 22.02
CA LEU AB 104 -132.82 12.28 22.58
C LEU AB 104 -133.66 13.20 21.72
N VAL AB 105 -134.88 12.78 21.41
CA VAL AB 105 -135.80 13.54 20.57
C VAL AB 105 -137.02 13.90 21.40
N LEU AB 106 -137.35 15.19 21.43
CA LEU AB 106 -138.48 15.70 22.18
C LEU AB 106 -139.54 16.21 21.21
N THR AB 107 -140.78 15.76 21.40
CA THR AB 107 -141.89 16.16 20.54
C THR AB 107 -143.07 16.63 21.39
N SER AB 108 -143.73 17.69 20.93
CA SER AB 108 -144.93 18.19 21.57
C SER AB 108 -146.14 17.54 20.91
N ASN AB 109 -147.06 17.02 21.72
CA ASN AB 109 -148.16 16.19 21.26
C ASN AB 109 -149.47 16.60 21.93
N ALA AB 110 -149.40 17.41 23.00
CA ALA AB 110 -150.57 17.69 23.83
C ALA AB 110 -151.76 18.18 23.02
N SER AB 111 -151.51 18.83 21.88
CA SER AB 111 -152.54 19.12 20.90
C SER AB 111 -152.66 17.95 19.93
N SER AB 112 -153.85 17.34 19.89
CA SER AB 112 -154.06 16.18 19.03
C SER AB 112 -153.96 16.53 17.55
N THR AB 113 -154.06 17.81 17.20
CA THR AB 113 -153.98 18.24 15.81
C THR AB 113 -152.56 18.63 15.40
N VAL AB 114 -151.75 19.12 16.32
CA VAL AB 114 -150.41 19.63 16.01
C VAL AB 114 -149.39 18.83 16.81
N GLU AB 115 -148.75 17.87 16.15
CA GLU AB 115 -147.58 17.18 16.69
C GLU AB 115 -146.34 17.83 16.12
N GLU AB 116 -145.40 18.20 17.01
CA GLU AB 116 -144.17 18.86 16.57
C GLU AB 116 -142.99 18.38 17.40
N THR AB 117 -141.90 18.04 16.71
CA THR AB 117 -140.62 17.80 17.35
C THR AB 117 -139.91 19.14 17.58
N LYS AB 118 -139.46 19.38 18.80
CA LYS AB 118 -138.93 20.68 19.19
C LYS AB 118 -137.42 20.73 19.28
N ALA AB 119 -136.77 19.68 19.80
CA ALA AB 119 -135.33 19.71 19.96
C ALA AB 119 -134.76 18.30 19.89
N VAL AB 120 -133.47 18.22 19.57
CA VAL AB 120 -132.72 16.98 19.58
C VAL AB 120 -131.48 17.19 20.44
N LEU AB 121 -131.29 16.34 21.43
CA LEU AB 121 -130.16 16.43 22.34
C LEU AB 121 -129.20 15.28 22.10
N SER AB 122 -127.91 15.54 22.33
CA SER AB 122 -126.87 14.54 22.12
C SER AB 122 -125.75 14.77 23.12
N LEU AB 123 -124.83 13.81 23.18
CA LEU AB 123 -123.71 13.91 24.12
C LEU AB 123 -122.71 14.97 23.68
N LYS AB 124 -122.69 15.35 22.42
CA LYS AB 124 -121.78 16.40 21.94
C LYS AB 124 -122.40 17.78 22.00
N LYS AB 125 -123.72 17.89 21.85
CA LYS AB 125 -124.44 19.17 21.96
C LYS AB 125 -125.59 18.95 22.94
N PRO AB 126 -125.33 19.09 24.24
CA PRO AB 126 -126.33 18.68 25.24
C PRO AB 126 -127.47 19.67 25.46
N SER AB 127 -127.36 20.91 24.98
CA SER AB 127 -128.32 21.95 25.33
C SER AB 127 -129.11 22.38 24.11
N ALA AB 128 -130.34 22.81 24.35
CA ALA AB 128 -131.23 23.31 23.31
C ALA AB 128 -132.23 24.27 23.92
N VAL AB 129 -132.82 25.12 23.07
CA VAL AB 129 -133.81 26.11 23.48
C VAL AB 129 -135.07 25.88 22.65
N ILE AB 130 -136.22 25.81 23.34
CA ILE AB 130 -137.49 25.54 22.69
C ILE AB 130 -138.49 26.63 23.07
N ILE AB 131 -139.57 26.70 22.30
CA ILE AB 131 -140.62 27.70 22.48
C ILE AB 131 -141.96 26.98 22.58
N LEU AB 132 -142.75 27.32 23.59
CA LEU AB 132 -144.10 26.84 23.76
C LEU AB 132 -145.07 28.01 23.65
N ASP AB 133 -146.10 27.86 22.81
CA ASP AB 133 -147.02 28.95 22.53
C ASP AB 133 -148.48 28.54 22.70
N ASN AB 134 -149.40 29.40 22.23
CA ASN AB 134 -150.82 29.17 22.43
C ASN AB 134 -151.28 27.83 21.85
N ASP AB 135 -150.67 27.40 20.74
CA ASP AB 135 -151.10 26.15 20.12
C ASP AB 135 -150.72 24.94 20.97
N ASP AB 136 -149.59 25.00 21.68
CA ASP AB 136 -149.15 23.85 22.45
C ASP AB 136 -150.02 23.62 23.69
N TYR AB 137 -150.46 24.71 24.32
CA TYR AB 137 -151.20 24.62 25.58
C TYR AB 137 -152.61 24.09 25.39
N SER AB 138 -152.72 22.81 25.04
CA SER AB 138 -154.02 22.15 24.98
C SER AB 138 -154.54 21.87 26.38
N SER AB 139 -155.87 21.78 26.50
CA SER AB 139 -156.58 21.77 27.77
C SER AB 139 -156.31 23.02 28.59
N THR AB 140 -155.62 24.01 28.01
CA THR AB 140 -155.37 25.34 28.56
C THR AB 140 -154.45 25.31 29.78
N ASN AB 141 -154.01 24.13 30.21
CA ASN AB 141 -153.29 24.05 31.48
C ASN AB 141 -152.03 23.18 31.48
N LYS AB 142 -151.75 22.40 30.44
CA LYS AB 142 -150.63 21.47 30.55
C LYS AB 142 -150.00 21.19 29.19
N ILE AB 143 -148.72 20.82 29.23
CA ILE AB 143 -147.93 20.38 28.09
C ILE AB 143 -147.50 18.94 28.31
N GLN AB 144 -147.59 18.13 27.27
CA GLN AB 144 -147.13 16.75 27.29
C GLN AB 144 -146.01 16.58 26.28
N LEU AB 145 -144.87 16.07 26.73
CA LEU AB 145 -143.69 15.86 25.90
C LEU AB 145 -143.11 14.48 26.18
N LYS AB 146 -143.13 13.61 25.18
CA LYS AB 146 -142.44 12.33 25.29
C LYS AB 146 -141.01 12.42 24.77
N VAL AB 147 -140.19 11.45 25.21
CA VAL AB 147 -138.77 11.42 24.92
C VAL AB 147 -138.48 10.24 23.99
N GLU AB 148 -137.69 10.48 22.95
CA GLU AB 148 -137.31 9.43 22.03
C GLU AB 148 -135.79 9.29 22.03
N ALA AB 149 -135.32 8.06 22.15
CA ALA AB 149 -133.90 7.79 22.33
C ALA AB 149 -133.35 6.92 21.21
N TYR AB 150 -132.16 7.27 20.73
CA TYR AB 150 -131.37 6.45 19.82
C TYR AB 150 -129.99 6.29 20.42
N TYR AB 151 -129.42 5.07 20.34
CA TYR AB 151 -128.21 4.79 21.10
C TYR AB 151 -127.42 3.67 20.44
N GLU AB 152 -126.14 3.61 20.80
CA GLU AB 152 -125.28 2.48 20.52
C GLU AB 152 -124.37 2.28 21.72
N ALA AB 153 -124.38 1.06 22.29
CA ALA AB 153 -123.64 0.77 23.50
C ALA AB 153 -122.18 0.45 23.18
N LYS AB 154 -121.31 0.69 24.16
CA LYS AB 154 -119.90 0.36 24.01
C LYS AB 154 -119.71 -1.16 23.97
N GLU AB 155 -118.63 -1.57 23.30
CA GLU AB 155 -118.35 -2.99 23.10
C GLU AB 155 -117.81 -3.61 24.39
N GLY AB 156 -118.49 -4.65 24.87
CA GLY AB 156 -118.01 -5.40 26.01
C GLY AB 156 -118.13 -4.73 27.35
N MET AB 157 -119.02 -3.75 27.50
CA MET AB 157 -119.20 -3.04 28.76
C MET AB 157 -120.50 -3.49 29.41
N LEU AB 158 -120.42 -3.89 30.68
CA LEU AB 158 -121.56 -4.36 31.44
C LEU AB 158 -121.76 -3.47 32.66
N PHE AB 159 -123.02 -3.14 32.94
CA PHE AB 159 -123.34 -2.23 34.03
C PHE AB 159 -124.82 -2.34 34.33
N ASP AB 160 -125.24 -1.71 35.43
CA ASP AB 160 -126.64 -1.68 35.82
C ASP AB 160 -126.86 -0.49 36.75
N SER AB 161 -128.12 -0.06 36.83
CA SER AB 161 -128.53 1.04 37.72
C SER AB 161 -127.77 2.32 37.41
N LEU AB 162 -127.88 2.79 36.17
CA LEU AB 162 -127.24 4.02 35.73
C LEU AB 162 -128.31 5.06 35.41
N PRO AB 163 -128.34 6.20 36.10
CA PRO AB 163 -129.39 7.18 35.86
C PRO AB 163 -129.07 8.16 34.75
N VAL AB 164 -130.14 8.66 34.12
CA VAL AB 164 -130.07 9.71 33.11
C VAL AB 164 -130.89 10.89 33.62
N ILE AB 165 -130.29 12.08 33.62
CA ILE AB 165 -130.87 13.25 34.27
C ILE AB 165 -131.04 14.37 33.25
N LEU AB 166 -132.19 15.02 33.27
CA LEU AB 166 -132.47 16.19 32.45
C LEU AB 166 -132.84 17.37 33.35
N ASN AB 167 -132.47 18.57 32.93
CA ASN AB 167 -132.69 19.78 33.71
C ASN AB 167 -133.45 20.81 32.89
N PHE AB 168 -134.27 21.62 33.57
CA PHE AB 168 -135.08 22.65 32.94
C PHE AB 168 -134.79 24.00 33.60
N GLN AB 169 -134.72 25.04 32.78
CA GLN AB 169 -134.53 26.40 33.27
C GLN AB 169 -135.38 27.36 32.45
N VAL AB 170 -136.03 28.29 33.14
CA VAL AB 170 -136.91 29.27 32.51
C VAL AB 170 -136.10 30.51 32.17
N LEU AB 171 -136.17 30.95 30.92
CA LEU AB 171 -135.47 32.15 30.47
C LEU AB 171 -136.37 33.38 30.39
N SER AB 172 -137.63 33.21 29.96
CA SER AB 172 -138.55 34.33 29.85
C SER AB 172 -139.96 33.78 29.79
N VAL AB 173 -140.90 34.50 30.42
CA VAL AB 173 -142.31 34.14 30.41
C VAL AB 173 -143.13 35.39 30.16
N SER AB 174 -144.25 35.23 29.47
CA SER AB 174 -145.13 36.35 29.17
C SER AB 174 -146.58 35.89 29.07
N THR BB 26 -151.32 82.76 85.07
CA THR BB 26 -150.75 83.05 83.76
C THR BB 26 -149.68 82.02 83.40
N THR BB 27 -150.10 80.92 82.78
CA THR BB 27 -149.21 79.84 82.41
C THR BB 27 -149.28 79.61 80.90
N GLN BB 28 -148.12 79.47 80.28
CA GLN BB 28 -148.01 79.23 78.84
C GLN BB 28 -147.70 77.76 78.61
N SER BB 29 -148.52 77.09 77.81
CA SER BB 29 -148.35 75.65 77.61
C SER BB 29 -147.79 75.35 76.23
N PRO BB 30 -146.92 74.34 76.11
CA PRO BB 30 -146.39 73.97 74.79
C PRO BB 30 -147.32 73.09 73.98
N LEU BB 31 -148.30 72.43 74.62
CA LEU BB 31 -149.34 71.66 73.92
C LEU BB 31 -148.75 70.50 73.12
N ASN BB 32 -147.87 69.73 73.77
CA ASN BB 32 -147.29 68.56 73.13
C ASN BB 32 -147.15 67.39 74.08
N SER BB 33 -147.93 67.37 75.16
CA SER BB 33 -147.84 66.32 76.18
C SER BB 33 -148.90 65.24 75.94
N PHE BB 34 -148.80 64.57 74.79
CA PHE BB 34 -149.70 63.49 74.44
C PHE BB 34 -148.90 62.35 73.81
N TYR BB 35 -149.20 61.12 74.22
CA TYR BB 35 -148.45 59.96 73.76
C TYR BB 35 -149.36 58.75 73.64
N ALA BB 36 -148.92 57.77 72.85
CA ALA BB 36 -149.56 56.48 72.71
C ALA BB 36 -148.48 55.44 72.43
N THR BB 37 -148.65 54.25 72.97
CA THR BB 37 -147.60 53.25 72.98
C THR BB 37 -148.11 51.89 72.52
N GLY BB 38 -147.29 51.19 71.72
CA GLY BB 38 -147.54 49.81 71.35
C GLY BB 38 -146.33 48.94 71.58
N THR BB 39 -146.38 47.68 71.13
CA THR BB 39 -145.28 46.74 71.35
C THR BB 39 -145.14 45.82 70.15
N ALA BB 40 -143.97 45.20 70.05
CA ALA BB 40 -143.68 44.24 69.00
C ALA BB 40 -142.63 43.25 69.51
N GLN BB 41 -142.56 42.09 68.86
CA GLN BB 41 -141.62 41.05 69.27
C GLN BB 41 -141.42 40.06 68.13
N ALA BB 42 -140.34 39.27 68.26
CA ALA BB 42 -140.07 38.17 67.34
C ALA BB 42 -139.14 37.20 68.07
N VAL BB 43 -139.67 36.03 68.44
CA VAL BB 43 -138.96 35.14 69.36
C VAL BB 43 -138.83 33.72 68.81
N GLN BB 44 -138.82 33.54 67.50
CA GLN BB 44 -138.64 32.20 66.94
C GLN BB 44 -138.07 32.30 65.53
N GLU BB 45 -137.36 31.23 65.14
CA GLU BB 45 -136.76 31.12 63.82
C GLU BB 45 -137.80 30.71 62.78
N PRO BB 46 -137.59 31.07 61.51
CA PRO BB 46 -138.63 30.84 60.50
C PRO BB 46 -139.03 29.38 60.34
N ILE BB 47 -138.08 28.45 60.40
CA ILE BB 47 -138.34 27.05 60.08
C ILE BB 47 -137.83 26.15 61.18
N ASP BB 48 -138.35 24.92 61.20
CA ASP BB 48 -137.89 23.86 62.07
C ASP BB 48 -137.73 22.61 61.22
N VAL BB 49 -136.66 21.83 61.48
CA VAL BB 49 -136.30 20.70 60.63
C VAL BB 49 -136.18 19.45 61.49
N GLU BB 50 -136.81 18.36 61.05
CA GLU BB 50 -136.75 17.08 61.74
C GLU BB 50 -136.42 15.99 60.73
N SER BB 51 -135.60 15.03 61.15
CA SER BB 51 -135.04 14.01 60.27
C SER BB 51 -135.64 12.64 60.56
N HIS BB 52 -135.86 11.87 59.51
CA HIS BB 52 -136.34 10.48 59.61
C HIS BB 52 -135.62 9.58 58.63
N LEU BB 53 -134.30 9.72 58.53
CA LEU BB 53 -133.49 8.88 57.64
C LEU BB 53 -133.11 7.62 58.40
N ASP BB 54 -133.90 6.56 58.21
CA ASP BB 54 -133.75 5.32 58.95
C ASP BB 54 -133.56 4.12 58.02
N ASN BB 55 -132.73 4.28 56.99
CA ASN BB 55 -132.34 3.17 56.13
C ASN BB 55 -130.83 3.22 55.92
N THR BB 56 -130.25 2.04 55.70
CA THR BB 56 -128.81 1.88 55.61
C THR BB 56 -128.42 1.41 54.22
N ILE BB 57 -127.44 2.09 53.63
CA ILE BB 57 -126.85 1.64 52.36
C ILE BB 57 -125.89 0.49 52.71
N ALA BB 58 -126.31 -0.74 52.43
CA ALA BB 58 -125.55 -1.93 52.80
C ALA BB 58 -125.37 -2.84 51.59
N PRO BB 59 -124.48 -2.48 50.67
CA PRO BB 59 -124.13 -3.37 49.57
C PRO BB 59 -122.91 -4.21 49.91
N ALA BB 60 -122.59 -5.12 49.00
CA ALA BB 60 -121.34 -5.86 49.09
C ALA BB 60 -120.19 -4.99 48.59
N ALA BB 61 -118.97 -5.45 48.85
CA ALA BB 61 -117.78 -4.71 48.47
C ALA BB 61 -117.66 -4.65 46.95
N GLY BB 62 -117.56 -3.43 46.41
CA GLY BB 62 -117.37 -3.25 44.98
C GLY BB 62 -118.63 -3.36 44.15
N ALA BB 63 -119.81 -3.41 44.76
CA ALA BB 63 -121.05 -3.60 44.04
C ALA BB 63 -121.66 -2.26 43.62
N GLN BB 64 -122.49 -2.32 42.58
CA GLN BB 64 -123.24 -1.18 42.09
C GLN BB 64 -124.71 -1.36 42.49
N GLY BB 65 -125.29 -0.33 43.10
CA GLY BB 65 -126.59 -0.52 43.71
C GLY BB 65 -127.62 0.58 43.52
N TYR BB 66 -128.71 0.50 44.28
CA TYR BB 66 -129.87 1.36 44.14
C TYR BB 66 -130.68 1.30 45.44
N LYS BB 67 -130.82 2.41 46.14
CA LYS BB 67 -131.36 2.37 47.49
C LYS BB 67 -132.08 3.68 47.79
N ASP BB 68 -133.10 3.59 48.65
CA ASP BB 68 -133.78 4.74 49.21
C ASP BB 68 -133.49 4.82 50.71
N MET BB 69 -133.66 6.01 51.30
CA MET BB 69 -133.17 6.27 52.65
C MET BB 69 -134.28 6.62 53.64
N GLY BB 70 -135.13 7.58 53.31
CA GLY BB 70 -136.13 8.07 54.24
C GLY BB 70 -136.65 9.41 53.78
N TYR BB 71 -137.15 10.20 54.73
CA TYR BB 71 -137.69 11.50 54.41
C TYR BB 71 -137.41 12.48 55.54
N VAL BB 72 -137.50 13.78 55.21
CA VAL BB 72 -137.19 14.87 56.13
C VAL BB 72 -138.37 15.82 56.19
N LYS BB 73 -138.71 16.29 57.39
CA LYS BB 73 -139.84 17.18 57.60
C LYS BB 73 -139.36 18.59 57.87
N ILE BB 74 -140.04 19.57 57.27
CA ILE BB 74 -139.77 20.99 57.44
C ILE BB 74 -141.05 21.67 57.91
N ILE BB 75 -140.93 22.52 58.93
CA ILE BB 75 -142.08 23.19 59.53
C ILE BB 75 -141.89 24.69 59.37
N ASN BB 76 -142.93 25.38 58.90
CA ASN BB 76 -142.91 26.81 58.63
C ASN BB 76 -143.91 27.54 59.51
N TYR BB 77 -143.52 28.74 59.95
CA TYR BB 77 -144.15 29.45 61.06
C TYR BB 77 -144.79 30.76 60.58
N THR BB 78 -145.21 31.57 61.56
CA THR BB 78 -146.12 32.69 61.32
C THR BB 78 -145.57 33.65 60.27
N ASP BB 79 -146.46 34.06 59.35
CA ASP BB 79 -146.19 35.07 58.33
C ASP BB 79 -145.09 34.65 57.37
N VAL BB 80 -144.90 33.35 57.17
CA VAL BB 80 -143.91 32.81 56.24
C VAL BB 80 -144.65 32.21 55.06
N ASN BB 81 -144.23 32.57 53.85
CA ASN BB 81 -144.84 32.06 52.63
C ASN BB 81 -143.86 31.38 51.69
N VAL BB 82 -142.66 31.92 51.54
CA VAL BB 82 -141.66 31.40 50.61
C VAL BB 82 -140.32 31.31 51.34
N VAL BB 83 -139.64 30.18 51.18
CA VAL BB 83 -138.35 29.93 51.82
C VAL BB 83 -137.33 29.53 50.77
N LYS BB 84 -136.15 30.13 50.85
CA LYS BB 84 -135.01 29.78 50.01
C LYS BB 84 -133.98 29.04 50.85
N LEU BB 85 -133.56 27.87 50.39
CA LEU BB 85 -132.71 26.98 51.17
C LEU BB 85 -131.47 26.58 50.38
N LYS BB 86 -130.41 26.24 51.11
CA LYS BB 86 -129.19 25.71 50.54
C LYS BB 86 -128.85 24.41 51.27
N VAL BB 87 -128.65 23.34 50.50
CA VAL BB 87 -128.37 22.01 51.03
C VAL BB 87 -127.01 21.56 50.55
N THR BB 88 -126.20 21.03 51.46
CA THR BB 88 -124.84 20.61 51.15
C THR BB 88 -124.51 19.33 51.89
N LEU BB 89 -123.48 18.63 51.42
CA LEU BB 89 -122.95 17.44 52.07
C LEU BB 89 -121.81 17.88 52.98
N ALA BB 90 -122.00 17.70 54.29
CA ALA BB 90 -121.05 18.23 55.26
C ALA BB 90 -119.76 17.40 55.31
N ASN BB 91 -119.87 16.09 55.16
CA ASN BB 91 -118.72 15.21 55.32
C ASN BB 91 -118.35 14.49 54.02
N ALA BB 92 -118.36 15.24 52.92
CA ALA BB 92 -118.02 14.65 51.62
C ALA BB 92 -116.56 14.19 51.58
N ALA BB 93 -115.68 14.92 52.25
CA ALA BB 93 -114.26 14.57 52.23
C ALA BB 93 -114.02 13.21 52.90
N GLN BB 94 -114.73 12.93 53.99
CA GLN BB 94 -114.57 11.66 54.68
C GLN BB 94 -115.07 10.48 53.83
N LEU BB 95 -116.13 10.70 53.04
CA LEU BB 95 -116.72 9.64 52.25
C LEU BB 95 -115.97 9.34 50.95
N ARG BB 96 -115.03 10.19 50.57
CA ARG BB 96 -114.32 9.98 49.30
C ARG BB 96 -113.55 8.66 49.23
N PRO BB 97 -112.76 8.26 50.22
CA PRO BB 97 -112.00 7.00 50.08
C PRO BB 97 -112.88 5.76 50.03
N TYR BB 98 -114.17 5.86 50.35
CA TYR BB 98 -115.03 4.69 50.42
C TYR BB 98 -115.90 4.49 49.18
N PHE BB 99 -115.99 5.47 48.30
CA PHE BB 99 -116.91 5.41 47.16
C PHE BB 99 -116.23 5.93 45.91
N LYS BB 100 -116.54 5.27 44.78
CA LYS BB 100 -116.18 5.85 43.48
C LYS BB 100 -117.12 6.99 43.11
N TYR BB 101 -118.42 6.84 43.39
CA TYR BB 101 -119.38 7.91 43.18
C TYR BB 101 -120.58 7.67 44.09
N LEU BB 102 -121.28 8.76 44.40
CA LEU BB 102 -122.47 8.70 45.25
C LEU BB 102 -123.33 9.91 44.93
N GLN BB 103 -124.59 9.67 44.56
CA GLN BB 103 -125.50 10.72 44.16
C GLN BB 103 -126.78 10.64 44.99
N LEU BB 104 -127.26 11.80 45.42
CA LEU BB 104 -128.47 11.91 46.21
C LEU BB 104 -129.50 12.73 45.45
N VAL BB 105 -130.74 12.22 45.40
CA VAL BB 105 -131.83 12.86 44.67
C VAL BB 105 -132.90 13.26 45.69
N LEU BB 106 -133.29 14.53 45.66
CA LEU BB 106 -134.31 15.07 46.56
C LEU BB 106 -135.55 15.43 45.77
N THR BB 107 -136.71 14.96 46.22
CA THR BB 107 -137.98 15.21 45.55
C THR BB 107 -139.01 15.73 46.55
N SER BB 108 -139.79 16.72 46.14
CA SER BB 108 -140.89 17.23 46.94
C SER BB 108 -142.16 16.46 46.56
N ASN BB 109 -142.88 15.99 47.58
CA ASN BB 109 -144.00 15.08 47.40
C ASN BB 109 -145.19 15.50 48.27
N ALA BB 110 -144.98 16.41 49.22
CA ALA BB 110 -145.99 16.73 50.23
C ALA BB 110 -147.33 17.08 49.61
N SER BB 111 -147.33 17.63 48.39
CA SER BB 111 -148.54 17.78 47.60
C SER BB 111 -148.76 16.52 46.78
N SER BB 112 -149.90 15.86 47.00
CA SER BB 112 -150.19 14.61 46.30
C SER BB 112 -150.38 14.83 44.81
N THR BB 113 -150.62 16.06 44.38
CA THR BB 113 -150.81 16.35 42.96
C THR BB 113 -149.52 16.76 42.25
N VAL BB 114 -148.58 17.37 42.96
CA VAL BB 114 -147.35 17.90 42.38
C VAL BB 114 -146.16 17.23 43.04
N GLU BB 115 -145.59 16.22 42.36
CA GLU BB 115 -144.32 15.64 42.73
C GLU BB 115 -143.23 16.29 41.89
N GLU BB 116 -142.17 16.78 42.55
CA GLU BB 116 -141.08 17.44 41.85
C GLU BB 116 -139.74 17.07 42.47
N THR BB 117 -138.78 16.71 41.63
CA THR BB 117 -137.39 16.61 42.05
C THR BB 117 -136.73 17.98 42.02
N LYS BB 118 -136.09 18.36 43.11
CA LYS BB 118 -135.56 19.71 43.27
C LYS BB 118 -134.06 19.82 43.09
N ALA BB 119 -133.28 18.86 43.56
CA ALA BB 119 -131.83 18.96 43.46
C ALA BB 119 -131.21 17.57 43.41
N VAL BB 120 -129.99 17.51 42.87
CA VAL BB 120 -129.18 16.31 42.84
C VAL BB 120 -127.83 16.66 43.43
N LEU BB 121 -127.41 15.90 44.45
CA LEU BB 121 -126.14 16.14 45.12
C LEU BB 121 -125.17 15.00 44.81
N SER BB 122 -123.88 15.33 44.77
CA SER BB 122 -122.85 14.36 44.46
C SER BB 122 -121.58 14.74 45.22
N LEU BB 123 -120.61 13.82 45.20
CA LEU BB 123 -119.35 14.05 45.89
C LEU BB 123 -118.50 15.11 45.19
N LYS BB 124 -118.73 15.36 43.91
CA LYS BB 124 -117.99 16.39 43.19
C LYS BB 124 -118.66 17.75 43.24
N LYS BB 125 -119.99 17.79 43.32
CA LYS BB 125 -120.74 19.03 43.45
C LYS BB 125 -121.69 18.88 44.64
N PRO BB 126 -121.21 19.15 45.86
CA PRO BB 126 -121.99 18.80 47.06
C PRO BB 126 -123.12 19.76 47.40
N SER BB 127 -123.18 20.95 46.80
CA SER BB 127 -124.11 21.98 47.22
C SER BB 127 -125.13 22.27 46.13
N ALA BB 128 -126.32 22.66 46.57
CA ALA BB 128 -127.40 23.02 45.66
C ALA BB 128 -128.34 24.00 46.36
N VAL BB 129 -129.11 24.74 45.56
CA VAL BB 129 -130.06 25.72 46.05
C VAL BB 129 -131.45 25.37 45.50
N ILE BB 130 -132.44 25.31 46.39
CA ILE BB 130 -133.80 24.94 46.02
C ILE BB 130 -134.77 26.02 46.47
N ILE BB 131 -135.97 25.97 45.91
CA ILE BB 131 -137.03 26.94 46.20
C ILE BB 131 -138.29 26.18 46.60
N LEU BB 132 -138.89 26.60 47.71
CA LEU BB 132 -140.17 26.07 48.16
C LEU BB 132 -141.20 27.18 48.13
N ASP BB 133 -142.35 26.91 47.51
CA ASP BB 133 -143.37 27.94 47.31
C ASP BB 133 -144.75 27.49 47.78
N ASN BB 134 -145.78 28.26 47.42
CA ASN BB 134 -147.14 28.00 47.90
C ASN BB 134 -147.61 26.60 47.53
N ASP BB 135 -147.19 26.08 46.37
CA ASP BB 135 -147.65 24.76 45.95
C ASP BB 135 -147.07 23.65 46.82
N ASP BB 136 -145.83 23.82 47.30
CA ASP BB 136 -145.19 22.77 48.08
C ASP BB 136 -145.81 22.63 49.46
N TYR BB 137 -146.20 23.75 50.07
CA TYR BB 137 -146.68 23.77 51.45
C TYR BB 137 -148.08 23.16 51.57
N SER BB 138 -148.18 21.85 51.36
CA SER BB 138 -149.43 21.14 51.60
C SER BB 138 -149.67 20.97 53.09
N SER BB 139 -150.94 20.84 53.46
CA SER BB 139 -151.42 20.92 54.84
C SER BB 139 -151.07 22.27 55.48
N THR BB 140 -150.56 23.22 54.69
CA THR BB 140 -150.28 24.59 55.06
C THR BB 140 -149.17 24.73 56.10
N ASN BB 141 -148.59 23.61 56.55
CA ASN BB 141 -147.65 23.68 57.66
C ASN BB 141 -146.37 22.86 57.50
N LYS BB 142 -146.23 22.00 56.50
CA LYS BB 142 -145.06 21.14 56.48
C LYS BB 142 -144.67 20.75 55.06
N ILE BB 143 -143.38 20.43 54.90
CA ILE BB 143 -142.78 19.92 53.68
C ILE BB 143 -142.24 18.52 53.94
N GLN BB 144 -142.46 17.61 52.99
CA GLN BB 144 -141.94 16.26 53.06
C GLN BB 144 -141.01 16.03 51.88
N LEU BB 145 -139.78 15.61 52.16
CA LEU BB 145 -138.76 15.38 51.14
C LEU BB 145 -138.06 14.06 51.43
N LYS BB 146 -138.21 13.09 50.53
CA LYS BB 146 -137.44 11.85 50.63
C LYS BB 146 -136.13 11.95 49.86
N VAL BB 147 -135.21 11.06 50.20
CA VAL BB 147 -133.85 11.06 49.67
C VAL BB 147 -133.68 9.81 48.81
N GLU BB 148 -133.09 9.98 47.63
CA GLU BB 148 -132.83 8.86 46.75
C GLU BB 148 -131.33 8.78 46.48
N ALA BB 149 -130.76 7.58 46.62
CA ALA BB 149 -129.33 7.39 46.56
C ALA BB 149 -128.94 6.43 45.44
N TYR BB 150 -127.88 6.79 44.72
CA TYR BB 150 -127.22 5.92 43.76
C TYR BB 150 -125.74 5.86 44.10
N TYR BB 151 -125.14 4.67 44.03
CA TYR BB 151 -123.80 4.51 44.57
C TYR BB 151 -123.07 3.37 43.87
N GLU BB 152 -121.75 3.39 44.01
CA GLU BB 152 -120.89 2.26 43.67
C GLU BB 152 -119.77 2.21 44.70
N ALA BB 153 -119.61 1.07 45.35
CA ALA BB 153 -118.64 0.93 46.43
C ALA BB 153 -117.26 0.63 45.88
N LYS BB 154 -116.24 1.00 46.65
CA LYS BB 154 -114.86 0.70 46.28
C LYS BB 154 -114.59 -0.80 46.34
N GLU BB 155 -113.63 -1.23 45.53
CA GLU BB 155 -113.31 -2.64 45.40
C GLU BB 155 -112.51 -3.11 46.62
N GLY BB 156 -113.04 -4.12 47.31
CA GLY BB 156 -112.32 -4.75 48.40
C GLY BB 156 -112.23 -3.96 49.67
N MET BB 157 -113.14 -3.00 49.89
CA MET BB 157 -113.13 -2.18 51.09
C MET BB 157 -114.26 -2.62 52.01
N LEU BB 158 -113.93 -2.90 53.27
CA LEU BB 158 -114.89 -3.33 54.27
C LEU BB 158 -114.92 -2.34 55.43
N PHE BB 159 -116.12 -2.02 55.90
CA PHE BB 159 -116.29 -1.02 56.95
C PHE BB 159 -117.69 -1.17 57.53
N ASP BB 160 -117.94 -0.46 58.63
CA ASP BB 160 -119.24 -0.43 59.26
C ASP BB 160 -119.36 0.83 60.10
N SER BB 161 -120.61 1.22 60.38
CA SER BB 161 -120.91 2.37 61.23
C SER BB 161 -120.29 3.65 60.68
N LEU BB 162 -120.65 3.99 59.44
CA LEU BB 162 -120.17 5.20 58.79
C LEU BB 162 -121.33 6.15 58.57
N PRO BB 163 -121.30 7.35 59.15
CA PRO BB 163 -122.44 8.27 59.02
C PRO BB 163 -122.38 9.15 57.79
N VAL BB 164 -123.57 9.55 57.33
CA VAL BB 164 -123.74 10.50 56.24
C VAL BB 164 -124.53 11.68 56.78
N ILE BB 165 -124.01 12.89 56.58
CA ILE BB 165 -124.52 14.10 57.21
C ILE BB 165 -124.93 15.09 56.13
N LEU BB 166 -126.10 15.71 56.32
CA LEU BB 166 -126.58 16.78 55.46
C LEU BB 166 -126.86 18.02 56.31
N ASN BB 167 -126.64 19.19 55.73
CA ASN BB 167 -126.78 20.46 56.43
C ASN BB 167 -127.73 21.37 55.67
N PHE BB 168 -128.46 22.20 56.41
CA PHE BB 168 -129.41 23.15 55.85
C PHE BB 168 -129.09 24.55 56.33
N GLN BB 169 -129.23 25.52 55.42
CA GLN BB 169 -129.03 26.94 55.76
C GLN BB 169 -130.06 27.77 55.02
N VAL BB 170 -130.63 28.74 55.73
CA VAL BB 170 -131.66 29.62 55.19
C VAL BB 170 -131.00 30.86 54.61
N LEU BB 171 -131.33 31.17 53.35
CA LEU BB 171 -130.78 32.35 52.68
C LEU BB 171 -131.75 33.52 52.65
N SER BB 172 -133.05 33.26 52.48
CA SER BB 172 -134.04 34.32 52.45
C SER BB 172 -135.41 33.72 52.70
N VAL BB 173 -136.25 34.46 53.41
CA VAL BB 173 -137.62 34.04 53.69
C VAL BB 173 -138.54 35.24 53.49
N SER BB 174 -139.76 34.97 53.04
CA SER BB 174 -140.74 36.01 52.82
C SER BB 174 -142.16 35.49 53.03
N THR CB 26 -139.39 87.33 104.60
CA THR CB 26 -139.08 87.52 103.19
C THR CB 26 -138.04 86.50 102.73
N THR CB 27 -138.51 85.33 102.29
CA THR CB 27 -137.64 84.25 101.86
C THR CB 27 -137.96 83.88 100.42
N GLN CB 28 -136.91 83.72 99.61
CA GLN CB 28 -137.06 83.34 98.20
C GLN CB 28 -136.71 81.86 98.05
N SER CB 29 -137.63 81.10 97.47
CA SER CB 29 -137.41 79.66 97.38
C SER CB 29 -137.10 79.25 95.94
N PRO CB 30 -136.21 78.26 95.76
CA PRO CB 30 -135.90 77.79 94.40
C PRO CB 30 -136.92 76.79 93.85
N LEU CB 31 -137.72 76.17 94.71
CA LEU CB 31 -138.82 75.30 94.29
C LEU CB 31 -138.33 74.09 93.51
N ASN CB 32 -137.30 73.42 94.04
CA ASN CB 32 -136.78 72.21 93.41
C ASN CB 32 -136.40 71.13 94.43
N SER CB 33 -136.97 71.20 95.63
CA SER CB 33 -136.65 70.25 96.70
C SER CB 33 -137.67 69.12 96.75
N PHE CB 34 -137.73 68.34 95.67
CA PHE CB 34 -138.62 67.19 95.59
C PHE CB 34 -137.89 66.03 94.92
N TYR CB 35 -138.04 64.84 95.49
CA TYR CB 35 -137.32 63.67 94.99
C TYR CB 35 -138.17 62.42 95.17
N ALA CB 36 -137.82 61.40 94.38
CA ALA CB 36 -138.41 60.07 94.48
C ALA CB 36 -137.34 59.06 94.10
N THR CB 37 -137.35 57.90 94.77
CA THR CB 37 -136.24 56.95 94.67
C THR CB 37 -136.76 55.54 94.43
N GLY CB 38 -136.06 54.80 93.57
CA GLY CB 38 -136.30 53.38 93.36
C GLY CB 38 -135.02 52.58 93.45
N THR CB 39 -135.07 51.29 93.12
CA THR CB 39 -133.90 50.42 93.23
C THR CB 39 -133.92 49.40 92.10
N ALA CB 40 -132.75 48.81 91.84
CA ALA CB 40 -132.60 47.75 90.84
C ALA CB 40 -131.43 46.88 91.23
N GLN CB 41 -131.41 45.66 90.68
CA GLN CB 41 -130.36 44.70 91.01
C GLN CB 41 -130.31 43.62 89.94
N ALA CB 42 -129.18 42.89 89.94
CA ALA CB 42 -129.01 41.71 89.09
C ALA CB 42 -127.92 40.85 89.72
N VAL CB 43 -128.29 39.70 90.28
CA VAL CB 43 -127.40 38.94 91.13
C VAL CB 43 -127.28 37.48 90.70
N GLN CB 44 -127.51 37.17 89.42
CA GLN CB 44 -127.34 35.80 88.96
C GLN CB 44 -127.03 35.77 87.47
N GLU CB 45 -126.36 34.70 87.05
CA GLU CB 45 -125.99 34.48 85.65
C GLU CB 45 -127.19 33.95 84.87
N PRO CB 46 -127.22 34.19 83.55
CA PRO CB 46 -128.43 33.81 82.78
C PRO CB 46 -128.76 32.33 82.81
N ILE CB 47 -127.76 31.44 82.79
CA ILE CB 47 -128.00 30.02 82.63
C ILE CB 47 -127.24 29.24 83.70
N ASP CB 48 -127.69 28.01 83.92
CA ASP CB 48 -127.02 27.05 84.79
C ASP CB 48 -126.93 25.73 84.03
N VAL CB 49 -125.80 25.04 84.15
CA VAL CB 49 -125.54 23.84 83.36
C VAL CB 49 -125.20 22.68 84.29
N GLU CB 50 -125.83 21.53 84.07
CA GLU CB 50 -125.58 20.32 84.85
C GLU CB 50 -125.36 19.15 83.89
N SER CB 51 -124.43 18.28 84.25
CA SER CB 51 -123.99 17.20 83.36
C SER CB 51 -124.43 15.84 83.88
N HIS CB 52 -124.81 14.95 82.96
CA HIS CB 52 -125.19 13.58 83.27
C HIS CB 52 -124.60 12.61 82.26
N LEU CB 53 -123.33 12.78 81.90
CA LEU CB 53 -122.65 11.91 80.95
C LEU CB 53 -122.06 10.73 81.73
N ASP CB 54 -122.82 9.64 81.80
CA ASP CB 54 -122.46 8.48 82.60
C ASP CB 54 -122.38 7.21 81.77
N ASN CB 55 -121.75 7.30 80.59
CA ASN CB 55 -121.47 6.12 79.77
C ASN CB 55 -120.03 6.21 79.28
N THR CB 56 -119.43 5.04 79.07
CA THR CB 56 -118.02 4.94 78.72
C THR CB 56 -117.86 4.35 77.32
N ILE CB 57 -117.04 5.00 76.51
CA ILE CB 57 -116.65 4.45 75.21
C ILE CB 57 -115.60 3.38 75.46
N ALA CB 58 -115.98 2.12 75.37
CA ALA CB 58 -115.11 1.00 75.71
C ALA CB 58 -115.09 -0.02 74.57
N PRO CB 59 -114.40 0.30 73.48
CA PRO CB 59 -114.21 -0.68 72.40
C PRO CB 59 -112.90 -1.44 72.59
N ALA CB 60 -112.70 -2.42 71.72
CA ALA CB 60 -111.42 -3.10 71.64
C ALA CB 60 -110.43 -2.24 70.87
N ALA CB 61 -109.16 -2.63 70.93
CA ALA CB 61 -108.10 -1.87 70.27
C ALA CB 61 -108.25 -1.95 68.76
N GLY CB 62 -108.32 -0.80 68.11
CA GLY CB 62 -108.41 -0.75 66.66
C GLY CB 62 -109.79 -0.98 66.08
N ALA CB 63 -110.83 -1.02 66.90
CA ALA CB 63 -112.18 -1.33 66.44
C ALA CB 63 -112.91 -0.06 66.03
N GLN CB 64 -113.92 -0.26 65.17
CA GLN CB 64 -114.81 0.80 64.73
C GLN CB 64 -116.17 0.60 65.41
N GLY CB 65 -116.69 1.66 66.03
CA GLY CB 65 -117.84 1.48 66.88
C GLY CB 65 -118.95 2.51 66.77
N TYR CB 66 -119.88 2.45 67.73
CA TYR CB 66 -121.09 3.26 67.74
C TYR CB 66 -121.65 3.29 69.16
N LYS CB 67 -121.72 4.47 69.78
CA LYS CB 67 -122.02 4.53 71.20
C LYS CB 67 -122.74 5.83 71.51
N ASP CB 68 -123.58 5.79 72.55
CA ASP CB 68 -124.21 6.97 73.12
C ASP CB 68 -123.66 7.20 74.53
N MET CB 69 -123.78 8.42 75.02
CA MET CB 69 -123.08 8.83 76.25
C MET CB 69 -124.01 9.23 77.38
N GLY CB 70 -124.96 10.13 77.13
CA GLY CB 70 -125.80 10.67 78.19
C GLY CB 70 -126.48 11.93 77.71
N TYR CB 71 -126.84 12.79 78.66
CA TYR CB 71 -127.50 14.04 78.33
C TYR CB 71 -127.07 15.13 79.30
N VAL CB 72 -127.29 16.38 78.88
CA VAL CB 72 -126.88 17.56 79.64
C VAL CB 72 -128.09 18.47 79.82
N LYS CB 73 -128.23 19.03 81.02
CA LYS CB 73 -129.35 19.89 81.36
C LYS CB 73 -128.92 21.35 81.41
N ILE CB 74 -129.75 22.23 80.85
CA ILE CB 74 -129.52 23.67 80.85
C ILE CB 74 -130.73 24.34 81.49
N ILE CB 75 -130.49 25.29 82.39
CA ILE CB 75 -131.54 25.98 83.13
C ILE CB 75 -131.47 27.47 82.80
N ASN CB 76 -132.62 28.05 82.48
CA ASN CB 76 -132.73 29.46 82.09
C ASN CB 76 -133.59 30.24 83.06
N TYR CB 77 -133.19 31.48 83.31
CA TYR CB 77 -133.65 32.27 84.45
C TYR CB 77 -134.44 33.50 83.99
N THR CB 78 -134.73 34.38 84.95
CA THR CB 78 -135.72 35.44 84.79
C THR CB 78 -135.44 36.32 83.58
N ASP CB 79 -136.49 36.60 82.81
CA ASP CB 79 -136.47 37.51 81.67
C ASP CB 79 -135.54 37.05 80.56
N VAL CB 80 -135.31 35.74 80.45
CA VAL CB 80 -134.48 35.16 79.40
C VAL CB 80 -135.39 34.42 78.43
N ASN CB 81 -135.20 34.67 77.14
CA ASN CB 81 -136.00 34.02 76.11
C ASN CB 81 -135.17 33.30 75.06
N VAL CB 82 -134.05 33.87 74.65
CA VAL CB 82 -133.20 33.29 73.60
C VAL CB 82 -131.76 33.33 74.07
N VAL CB 83 -131.04 32.22 73.88
CA VAL CB 83 -129.65 32.09 74.31
C VAL CB 83 -128.82 31.63 73.12
N LYS CB 84 -127.67 32.27 72.93
CA LYS CB 84 -126.69 31.88 71.93
C LYS CB 84 -125.49 31.28 72.63
N LEU CB 85 -125.08 30.08 72.21
CA LEU CB 85 -124.06 29.31 72.89
C LEU CB 85 -122.97 28.88 71.92
N LYS CB 86 -121.78 28.65 72.47
CA LYS CB 86 -120.64 28.12 71.74
C LYS CB 86 -120.10 26.92 72.50
N VAL CB 87 -119.98 25.78 71.80
CA VAL CB 87 -119.55 24.53 72.39
C VAL CB 87 -118.27 24.07 71.70
N THR CB 88 -117.28 23.67 72.49
CA THR CB 88 -115.98 23.28 71.97
C THR CB 88 -115.44 22.09 72.76
N LEU CB 89 -114.49 21.40 72.16
CA LEU CB 89 -113.78 20.29 72.80
C LEU CB 89 -112.52 20.86 73.45
N ALA CB 90 -112.47 20.80 74.78
CA ALA CB 90 -111.38 21.46 75.51
C ALA CB 90 -110.06 20.70 75.39
N ASN CB 91 -110.12 19.36 75.38
CA ASN CB 91 -108.90 18.55 75.41
C ASN CB 91 -108.75 17.73 74.14
N ALA CB 92 -108.99 18.36 72.98
CA ALA CB 92 -108.86 17.66 71.71
C ALA CB 92 -107.41 17.27 71.44
N ALA CB 93 -106.46 18.10 71.87
CA ALA CB 93 -105.05 17.80 71.62
C ALA CB 93 -104.62 16.52 72.34
N GLN CB 94 -105.11 16.32 73.57
CA GLN CB 94 -104.76 15.12 74.33
C GLN CB 94 -105.33 13.86 73.69
N LEU CB 95 -106.51 13.96 73.10
CA LEU CB 95 -107.18 12.79 72.53
C LEU CB 95 -106.67 12.41 71.14
N ARG CB 96 -105.86 13.25 70.51
CA ARG CB 96 -105.38 12.95 69.16
C ARG CB 96 -104.56 11.66 69.07
N PRO CB 97 -103.57 11.39 69.93
CA PRO CB 97 -102.80 10.15 69.76
C PRO CB 97 -103.59 8.88 69.98
N TYR CB 98 -104.81 8.96 70.52
CA TYR CB 98 -105.58 7.77 70.85
C TYR CB 98 -106.65 7.41 69.83
N PHE CB 99 -106.95 8.30 68.89
CA PHE CB 99 -108.05 8.09 67.95
C PHE CB 99 -107.64 8.51 66.55
N LYS CB 100 -108.10 7.74 65.56
CA LYS CB 100 -108.03 8.20 64.17
C LYS CB 100 -109.08 9.26 63.89
N TYR CB 101 -110.30 9.08 64.41
CA TYR CB 101 -111.33 10.09 64.28
C TYR CB 101 -112.34 9.89 65.41
N LEU CB 102 -113.03 10.98 65.75
CA LEU CB 102 -114.04 10.96 66.80
C LEU CB 102 -115.02 12.10 66.55
N GLN CB 103 -116.30 11.77 66.44
CA GLN CB 103 -117.33 12.75 66.13
C GLN CB 103 -118.42 12.70 67.18
N LEU CB 104 -118.89 13.87 67.60
CA LEU CB 104 -119.95 14.01 68.58
C LEU CB 104 -121.14 14.71 67.94
N VAL CB 105 -122.33 14.15 68.17
CA VAL CB 105 -123.57 14.67 67.62
C VAL CB 105 -124.47 15.13 68.76
N LEU CB 106 -124.93 16.37 68.69
CA LEU CB 106 -125.79 16.96 69.72
C LEU CB 106 -127.17 17.19 69.13
N THR CB 107 -128.20 16.71 69.84
CA THR CB 107 -129.58 16.86 69.39
C THR CB 107 -130.44 17.42 70.51
N SER CB 108 -131.34 18.34 70.16
CA SER CB 108 -132.31 18.88 71.11
C SER CB 108 -133.57 18.04 71.04
N ASN CB 109 -134.07 17.63 72.21
CA ASN CB 109 -135.16 16.66 72.32
C ASN CB 109 -136.19 17.12 73.34
N ALA CB 110 -135.87 18.13 74.17
CA ALA CB 110 -136.69 18.50 75.32
C ALA CB 110 -138.15 18.74 74.92
N SER CB 111 -138.39 19.17 73.69
CA SER CB 111 -139.73 19.20 73.11
C SER CB 111 -140.03 17.85 72.46
N SER CB 112 -141.06 17.17 72.95
CA SER CB 112 -141.40 15.85 72.43
C SER CB 112 -141.88 15.91 70.98
N THR CB 113 -142.26 17.09 70.49
CA THR CB 113 -142.71 17.24 69.12
C THR CB 113 -141.60 17.62 68.16
N VAL CB 114 -140.58 18.33 68.62
CA VAL CB 114 -139.52 18.86 67.77
C VAL CB 114 -138.18 18.29 68.25
N GLU CB 115 -137.69 17.25 67.57
CA GLU CB 115 -136.33 16.76 67.76
C GLU CB 115 -135.45 17.36 66.67
N GLU CB 116 -134.33 17.96 67.09
CA GLU CB 116 -133.41 18.58 66.13
C GLU CB 116 -131.97 18.34 66.54
N THR CB 117 -131.15 17.94 65.57
CA THR CB 117 -129.71 17.92 65.73
C THR CB 117 -129.15 19.32 65.46
N LYS CB 118 -128.34 19.82 66.38
CA LYS CB 118 -127.87 21.20 66.33
C LYS CB 118 -126.43 21.35 65.85
N ALA CB 119 -125.53 20.47 66.25
CA ALA CB 119 -124.13 20.61 65.88
C ALA CB 119 -123.46 19.26 65.84
N VAL CB 120 -122.36 19.20 65.09
CA VAL CB 120 -121.49 18.02 65.02
C VAL CB 120 -120.07 18.49 65.32
N LEU CB 121 -119.44 17.85 66.30
CA LEU CB 121 -118.08 18.19 66.70
C LEU CB 121 -117.12 17.07 66.33
N SER CB 122 -115.88 17.46 66.02
CA SER CB 122 -114.87 16.50 65.62
C SER CB 122 -113.51 17.00 66.09
N LEU CB 123 -112.51 16.12 65.97
CA LEU CB 123 -111.16 16.47 66.39
C LEU CB 123 -110.51 17.49 65.46
N LYS CB 124 -110.98 17.61 64.22
CA LYS CB 124 -110.44 18.58 63.28
C LYS CB 124 -111.17 19.92 63.35
N LYS CB 125 -112.46 19.92 63.67
CA LYS CB 125 -113.25 21.13 63.83
C LYS CB 125 -113.96 21.05 65.18
N PRO CB 126 -113.28 21.47 66.26
CA PRO CB 126 -113.81 21.20 67.61
C PRO CB 126 -114.92 22.14 68.06
N SER CB 127 -115.14 23.26 67.38
CA SER CB 127 -116.04 24.30 67.88
C SER CB 127 -117.26 24.43 66.98
N ALA CB 128 -118.38 24.82 67.59
CA ALA CB 128 -119.62 25.05 66.86
C ALA CB 128 -120.47 26.05 67.63
N VAL CB 129 -121.41 26.67 66.93
CA VAL CB 129 -122.32 27.66 67.50
C VAL CB 129 -123.75 27.21 67.24
N ILE CB 130 -124.56 27.20 68.30
CA ILE CB 130 -125.94 26.73 68.23
C ILE CB 130 -126.87 27.82 68.76
N ILE CB 131 -128.16 27.67 68.43
CA ILE CB 131 -129.20 28.62 68.81
C ILE CB 131 -130.32 27.85 69.51
N LEU CB 132 -130.74 28.35 70.67
CA LEU CB 132 -131.88 27.81 71.39
C LEU CB 132 -132.96 28.88 71.46
N ASP CB 133 -134.18 28.51 71.08
CA ASP CB 133 -135.28 29.47 71.00
C ASP CB 133 -136.52 29.01 71.74
N ASN CB 134 -137.64 29.71 71.51
CA ASN CB 134 -138.87 29.43 72.25
C ASN CB 134 -139.33 27.98 72.10
N ASP CB 135 -139.10 27.38 70.93
CA ASP CB 135 -139.55 26.00 70.72
C ASP CB 135 -138.76 25.01 71.57
N ASP CB 136 -137.47 25.27 71.79
CA ASP CB 136 -136.63 24.33 72.53
C ASP CB 136 -137.00 24.31 74.01
N TYR CB 137 -137.32 25.47 74.58
CA TYR CB 137 -137.55 25.59 76.01
C TYR CB 137 -138.87 24.94 76.44
N SER CB 138 -138.93 23.60 76.38
CA SER CB 138 -140.08 22.89 76.89
C SER CB 138 -140.03 22.85 78.41
N SER CB 139 -141.21 22.71 79.02
CA SER CB 139 -141.43 22.91 80.45
C SER CB 139 -141.05 24.31 80.90
N THR CB 140 -140.75 25.20 79.95
CA THR CB 140 -140.49 26.62 80.15
C THR CB 140 -139.22 26.90 80.95
N ASN CB 141 -138.50 25.85 81.37
CA ASN CB 141 -137.38 26.06 82.28
C ASN CB 141 -136.10 25.29 81.97
N LYS CB 142 -136.11 24.34 81.03
CA LYS CB 142 -134.91 23.53 80.87
C LYS CB 142 -134.76 23.01 79.44
N ILE CB 143 -133.51 22.74 79.08
CA ILE CB 143 -133.10 22.14 77.81
C ILE CB 143 -132.45 20.79 78.10
N GLN CB 144 -132.79 19.79 77.29
CA GLN CB 144 -132.18 18.47 77.38
C GLN CB 144 -131.47 18.16 76.07
N LEU CB 145 -130.18 17.82 76.15
CA LEU CB 145 -129.36 17.53 75.00
C LEU CB 145 -128.54 16.27 75.27
N LYS CB 146 -128.79 15.22 74.50
CA LYS CB 146 -127.96 14.03 74.56
C LYS CB 146 -126.82 14.09 73.55
N VAL CB 147 -125.79 13.29 73.81
CA VAL CB 147 -124.56 13.29 73.03
C VAL CB 147 -124.46 11.97 72.27
N GLU CB 148 -124.11 12.05 70.99
CA GLU CB 148 -123.95 10.85 70.17
C GLU CB 148 -122.53 10.81 69.64
N ALA CB 149 -121.87 9.66 69.78
CA ALA CB 149 -120.46 9.51 69.47
C ALA CB 149 -120.23 8.47 68.39
N TYR CB 150 -119.33 8.79 67.46
CA TYR CB 150 -118.82 7.86 66.47
C TYR CB 150 -117.30 7.90 66.54
N TYR CB 151 -116.66 6.74 66.45
CA TYR CB 151 -115.23 6.68 66.76
C TYR CB 151 -114.58 5.50 66.04
N GLU CB 152 -113.26 5.60 65.92
CA GLU CB 152 -112.40 4.47 65.54
C GLU CB 152 -111.12 4.56 66.34
N ALA CB 153 -110.78 3.50 67.06
CA ALA CB 153 -109.62 3.50 67.94
C ALA CB 153 -108.35 3.20 67.17
N LYS CB 154 -107.23 3.68 67.71
CA LYS CB 154 -105.93 3.41 67.12
C LYS CB 154 -105.57 1.93 67.25
N GLU CB 155 -104.75 1.47 66.32
CA GLU CB 155 -104.38 0.06 66.27
C GLU CB 155 -103.35 -0.26 67.35
N GLY CB 156 -103.69 -1.22 68.22
CA GLY CB 156 -102.75 -1.72 69.20
C GLY CB 156 -102.47 -0.79 70.37
N MET CB 157 -103.37 0.13 70.67
CA MET CB 157 -103.20 1.07 71.77
C MET CB 157 -104.12 0.68 72.91
N LEU CB 158 -103.55 0.54 74.11
CA LEU CB 158 -104.30 0.17 75.31
C LEU CB 158 -104.17 1.26 76.35
N PHE CB 159 -105.28 1.58 77.01
CA PHE CB 159 -105.33 2.66 77.98
C PHE CB 159 -106.58 2.52 78.82
N ASP CB 160 -106.66 3.33 79.88
CA ASP CB 160 -107.84 3.36 80.73
C ASP CB 160 -107.87 4.68 81.47
N SER CB 161 -109.06 5.05 81.94
CA SER CB 161 -109.27 6.27 82.73
C SER CB 161 -108.84 7.52 81.96
N LEU CB 162 -109.44 7.71 80.79
CA LEU CB 162 -109.15 8.88 79.96
C LEU CB 162 -110.39 9.76 79.87
N PRO CB 163 -110.32 11.01 80.32
CA PRO CB 163 -111.51 11.87 80.33
C PRO CB 163 -111.73 12.63 79.03
N VAL CB 164 -113.00 12.93 78.77
CA VAL CB 164 -113.41 13.76 77.65
C VAL CB 164 -114.16 14.96 78.22
N ILE CB 165 -113.75 16.16 77.81
CA ILE CB 165 -114.21 17.41 78.42
C ILE CB 165 -114.86 18.28 77.36
N LEU CB 166 -116.01 18.86 77.70
CA LEU CB 166 -116.70 19.82 76.86
C LEU CB 166 -116.88 21.12 77.63
N ASN CB 167 -116.84 22.25 76.92
CA ASN CB 167 -116.92 23.57 77.52
C ASN CB 167 -118.05 24.37 76.87
N PHE CB 168 -118.68 25.24 77.65
CA PHE CB 168 -119.76 26.08 77.20
C PHE CB 168 -119.44 27.54 77.48
N GLN CB 169 -119.80 28.41 76.54
CA GLN CB 169 -119.62 29.84 76.70
C GLN CB 169 -120.82 30.57 76.10
N VAL CB 170 -121.31 31.59 76.82
CA VAL CB 170 -122.46 32.36 76.40
C VAL CB 170 -121.99 33.56 75.60
N LEU CB 171 -122.55 33.74 74.40
CA LEU CB 171 -122.20 34.86 73.54
C LEU CB 171 -123.22 35.99 73.59
N SER CB 172 -124.51 35.67 73.68
CA SER CB 172 -125.55 36.68 73.73
C SER CB 172 -126.83 36.05 74.29
N VAL CB 173 -127.56 36.83 75.08
CA VAL CB 173 -128.83 36.38 75.65
C VAL CB 173 -129.84 37.52 75.51
N SER CB 174 -131.10 37.15 75.31
CA SER CB 174 -132.17 38.14 75.18
C SER CB 174 -133.49 37.58 75.70
N THR DB 26 -124.42 94.22 121.12
CA THR DB 26 -124.39 94.29 119.66
C THR DB 26 -123.39 93.28 119.11
N THR DB 27 -123.86 92.06 118.87
CA THR DB 27 -123.02 90.96 118.38
C THR DB 27 -123.58 90.45 117.07
N GLN DB 28 -122.70 90.26 116.09
CA GLN DB 28 -123.06 89.74 114.77
C GLN DB 28 -122.66 88.27 114.70
N SER DB 29 -123.62 87.42 114.36
CA SER DB 29 -123.36 85.98 114.35
C SER DB 29 -123.26 85.45 112.93
N PRO DB 30 -122.38 84.48 112.67
CA PRO DB 30 -122.30 83.89 111.33
C PRO DB 30 -123.33 82.81 111.07
N LEU DB 31 -123.93 82.24 112.12
CA LEU DB 31 -125.05 81.29 111.98
C LEU DB 31 -124.63 80.03 111.23
N ASN DB 32 -123.49 79.46 111.63
CA ASN DB 32 -123.02 78.21 111.01
C ASN DB 32 -122.41 77.26 112.04
N SER DB 33 -122.75 77.42 113.31
CA SER DB 33 -122.19 76.59 114.38
C SER DB 33 -123.12 75.43 114.72
N PHE DB 34 -123.33 74.56 113.74
CA PHE DB 34 -124.16 73.36 113.93
C PHE DB 34 -123.49 72.18 113.24
N TYR DB 35 -123.47 71.04 113.93
CA TYR DB 35 -122.79 69.86 113.42
C TYR DB 35 -123.52 68.59 113.85
N ALA DB 36 -123.26 67.52 113.10
CA ALA DB 36 -123.74 66.18 113.42
C ALA DB 36 -122.71 65.18 112.95
N THR DB 37 -122.52 64.09 113.71
CA THR DB 37 -121.41 63.18 113.49
C THR DB 37 -121.88 61.74 113.48
N GLY DB 38 -121.30 60.94 112.57
CA GLY DB 38 -121.50 59.51 112.54
C GLY DB 38 -120.17 58.77 112.45
N THR DB 39 -120.20 57.45 112.26
CA THR DB 39 -118.99 56.65 112.21
C THR DB 39 -119.16 55.51 111.21
N ALA DB 40 -118.03 54.95 110.80
CA ALA DB 40 -118.00 53.81 109.88
C ALA DB 40 -116.73 53.01 110.12
N GLN DB 41 -116.74 51.76 109.68
CA GLN DB 41 -115.60 50.88 109.90
C GLN DB 41 -115.67 49.69 108.94
N ALA DB 42 -114.53 49.02 108.80
CA ALA DB 42 -114.45 47.77 108.03
C ALA DB 42 -113.22 47.03 108.53
N VAL DB 43 -113.42 45.92 109.24
CA VAL DB 43 -112.34 45.28 109.97
C VAL DB 43 -112.22 43.79 109.66
N GLN DB 44 -112.66 43.35 108.48
CA GLN DB 44 -112.50 41.94 108.12
C GLN DB 44 -112.46 41.79 106.60
N GLU DB 45 -111.81 40.70 106.16
CA GLU DB 45 -111.69 40.37 104.74
C GLU DB 45 -112.98 39.71 104.24
N PRO DB 46 -113.27 39.83 102.95
CA PRO DB 46 -114.56 39.33 102.43
C PRO DB 46 -114.80 37.85 102.66
N ILE DB 47 -113.77 37.00 102.54
CA ILE DB 47 -113.95 35.56 102.56
C ILE DB 47 -112.98 34.92 103.53
N ASP DB 48 -113.30 33.70 103.94
CA ASP DB 48 -112.43 32.86 104.74
C ASP DB 48 -112.41 31.47 104.11
N VAL DB 49 -111.25 30.84 104.08
CA VAL DB 49 -111.06 29.58 103.36
C VAL DB 49 -110.49 28.54 104.30
N GLU DB 50 -111.08 27.35 104.30
CA GLU DB 50 -110.63 26.23 105.13
C GLU DB 50 -110.52 24.98 104.26
N SER DB 51 -109.50 24.17 104.51
CA SER DB 51 -109.17 23.04 103.66
C SER DB 51 -109.43 21.72 104.36
N HIS DB 52 -109.91 20.73 103.61
CA HIS DB 52 -110.15 19.38 104.11
C HIS DB 52 -109.70 18.34 103.08
N LEU DB 53 -108.53 18.54 102.49
CA LEU DB 53 -107.98 17.60 101.52
C LEU DB 53 -107.20 16.52 102.28
N ASP DB 54 -107.86 15.42 102.58
CA ASP DB 54 -107.30 14.35 103.39
C ASP DB 54 -107.30 13.00 102.68
N ASN DB 55 -106.92 13.01 101.39
CA ASN DB 55 -106.70 11.78 100.65
C ASN DB 55 -105.38 11.86 99.89
N THR DB 56 -104.76 10.71 99.68
CA THR DB 56 -103.44 10.63 99.09
C THR DB 56 -103.50 9.92 97.75
N ILE DB 57 -102.89 10.51 96.73
CA ILE DB 57 -102.71 9.86 95.44
C ILE DB 57 -101.56 8.86 95.59
N ALA DB 58 -101.89 7.58 95.69
CA ALA DB 58 -100.91 6.54 95.95
C ALA DB 58 -101.03 5.42 94.93
N PRO DB 59 -100.58 5.65 93.69
CA PRO DB 59 -100.52 4.58 92.70
C PRO DB 59 -99.16 3.90 92.70
N ALA DB 60 -99.07 2.83 91.90
CA ALA DB 60 -97.78 2.20 91.65
C ALA DB 60 -96.98 3.03 90.63
N ALA DB 61 -95.71 2.69 90.50
CA ALA DB 61 -94.83 3.43 89.60
C ALA DB 61 -95.25 3.20 88.15
N GLY DB 62 -95.50 4.28 87.42
CA GLY DB 62 -95.85 4.19 86.01
C GLY DB 62 -97.30 3.85 85.72
N ALA DB 63 -98.17 3.85 86.73
CA ALA DB 63 -99.55 3.44 86.55
C ALA DB 63 -100.43 4.63 86.17
N GLN DB 64 -101.56 4.32 85.53
CA GLN DB 64 -102.58 5.29 85.17
C GLN DB 64 -103.77 5.10 86.09
N GLY DB 65 -104.22 6.19 86.70
CA GLY DB 65 -105.21 6.06 87.77
C GLY DB 65 -106.37 7.02 87.78
N TYR DB 66 -107.10 7.03 88.89
CA TYR DB 66 -108.34 7.78 89.05
C TYR DB 66 -108.63 7.92 90.54
N LYS DB 67 -108.66 9.16 91.05
CA LYS DB 67 -108.70 9.34 92.50
C LYS DB 67 -109.42 10.64 92.83
N ASP DB 68 -110.06 10.67 94.00
CA ASP DB 68 -110.64 11.87 94.57
C ASP DB 68 -109.87 12.25 95.83
N MET DB 69 -109.96 13.51 96.23
CA MET DB 69 -109.08 14.06 97.25
C MET DB 69 -109.81 14.53 98.51
N GLY DB 70 -110.83 15.36 98.35
CA GLY DB 70 -111.50 15.96 99.50
C GLY DB 70 -112.32 17.16 99.04
N TYR DB 71 -112.56 18.09 99.97
CA TYR DB 71 -113.34 19.27 99.66
C TYR DB 71 -112.80 20.47 100.43
N VAL DB 72 -113.16 21.66 99.95
CA VAL DB 72 -112.69 22.92 100.51
C VAL DB 72 -113.90 23.79 100.83
N LYS DB 73 -113.85 24.47 101.97
CA LYS DB 73 -114.94 25.32 102.44
C LYS DB 73 -114.59 26.79 102.29
N ILE DB 74 -115.56 27.57 101.81
CA ILE DB 74 -115.41 29.02 101.64
C ILE DB 74 -116.53 29.70 102.44
N ILE DB 75 -116.17 30.74 103.19
CA ILE DB 75 -117.12 31.45 104.04
C ILE DB 75 -117.19 32.90 103.58
N ASN DB 76 -118.41 33.41 103.43
CA ASN DB 76 -118.67 34.76 102.93
C ASN DB 76 -119.38 35.60 103.99
N TYR DB 77 -119.02 36.88 104.05
CA TYR DB 77 -119.31 37.76 105.18
C TYR DB 77 -120.23 38.91 104.76
N THR DB 78 -120.39 39.86 105.68
CA THR DB 78 -121.46 40.85 105.61
C THR DB 78 -121.44 41.63 104.30
N ASP DB 79 -122.64 41.79 103.71
CA ASP DB 79 -122.87 42.58 102.51
C ASP DB 79 -122.13 42.06 101.29
N VAL DB 80 -121.85 40.76 101.25
CA VAL DB 80 -121.18 40.10 100.14
C VAL DB 80 -122.21 39.24 99.42
N ASN DB 81 -122.27 39.37 98.09
CA ASN DB 81 -123.21 38.59 97.29
C ASN DB 81 -122.54 37.81 96.17
N VAL DB 82 -121.54 38.38 95.51
CA VAL DB 82 -120.87 37.73 94.38
C VAL DB 82 -119.37 37.88 94.57
N VAL DB 83 -118.64 36.79 94.35
CA VAL DB 83 -117.19 36.75 94.52
C VAL DB 83 -116.55 36.21 93.25
N LYS DB 84 -115.50 36.88 92.80
CA LYS DB 84 -114.69 36.43 91.67
C LYS DB 84 -113.35 35.94 92.19
N LEU DB 85 -112.97 34.73 91.80
CA LEU DB 85 -111.80 34.07 92.35
C LEU DB 85 -110.87 33.59 91.23
N LYS DB 86 -109.59 33.47 91.58
CA LYS DB 86 -108.58 32.90 90.69
C LYS DB 86 -107.85 31.79 91.45
N VAL DB 87 -107.79 30.62 90.84
CA VAL DB 87 -107.19 29.43 91.45
C VAL DB 87 -106.02 28.97 90.58
N THR DB 88 -104.89 28.69 91.21
CA THR DB 88 -103.69 28.31 90.50
C THR DB 88 -102.96 27.22 91.27
N LEU DB 89 -102.08 26.50 90.57
CA LEU DB 89 -101.21 25.49 91.17
C LEU DB 89 -99.89 26.16 91.51
N ALA DB 90 -99.59 26.25 92.82
CA ALA DB 90 -98.43 27.00 93.28
C ALA DB 90 -97.11 26.30 92.98
N ASN DB 91 -97.09 24.96 93.10
CA ASN DB 91 -95.85 24.21 92.97
C ASN DB 91 -95.87 23.28 91.77
N ALA DB 92 -96.36 23.79 90.63
CA ALA DB 92 -96.42 22.97 89.42
C ALA DB 92 -95.03 22.61 88.92
N ALA DB 93 -94.06 23.51 89.10
CA ALA DB 93 -92.70 23.24 88.62
C ALA DB 93 -92.08 22.06 89.36
N GLN DB 94 -92.33 21.96 90.67
CA GLN DB 94 -91.78 20.86 91.45
C GLN DB 94 -92.39 19.52 91.05
N LEU DB 95 -93.66 19.50 90.67
CA LEU DB 95 -94.36 18.27 90.34
C LEU DB 95 -94.08 17.78 88.93
N ARG DB 96 -93.45 18.59 88.08
CA ARG DB 96 -93.20 18.18 86.70
C ARG DB 96 -92.35 16.92 86.57
N PRO DB 97 -91.21 16.76 87.26
CA PRO DB 97 -90.39 15.54 87.06
C PRO DB 97 -91.07 14.27 87.53
N TYR DB 98 -92.16 14.35 88.28
CA TYR DB 98 -92.80 13.17 88.85
C TYR DB 98 -94.00 12.67 88.07
N PHE DB 99 -94.53 13.46 87.13
CA PHE DB 99 -95.76 13.12 86.44
C PHE DB 99 -95.63 13.42 84.95
N LYS DB 100 -96.23 12.54 84.14
CA LYS DB 100 -96.42 12.87 82.73
C LYS DB 100 -97.58 13.85 82.54
N TYR DB 101 -98.66 13.67 83.29
CA TYR DB 101 -99.76 14.62 83.27
C TYR DB 101 -100.54 14.50 84.58
N LEU DB 102 -101.21 15.59 84.95
CA LEU DB 102 -102.01 15.62 86.17
C LEU DB 102 -103.08 16.69 85.99
N GLN DB 103 -104.34 16.30 86.15
CA GLN DB 103 -105.47 17.21 85.95
C GLN DB 103 -106.35 17.22 87.19
N LEU DB 104 -106.80 18.41 87.57
CA LEU DB 104 -107.67 18.60 88.72
C LEU DB 104 -109.00 19.19 88.26
N VAL DB 105 -110.09 18.61 88.74
CA VAL DB 105 -111.44 19.02 88.38
C VAL DB 105 -112.14 19.55 89.63
N LEU DB 106 -112.68 20.76 89.55
CA LEU DB 106 -113.37 21.41 90.65
C LEU DB 106 -114.85 21.53 90.31
N THR DB 107 -115.70 21.09 91.23
CA THR DB 107 -117.15 21.13 91.03
C THR DB 107 -117.82 21.76 92.24
N SER DB 108 -118.81 22.60 91.99
CA SER DB 108 -119.63 23.20 93.04
C SER DB 108 -120.84 22.30 93.28
N ASN DB 109 -121.09 21.99 94.55
CA ASN DB 109 -122.09 21.00 94.95
C ASN DB 109 -122.94 21.51 96.11
N ALA DB 110 -122.53 22.60 96.75
CA ALA DB 110 -123.16 23.04 98.00
C ALA DB 110 -124.67 23.20 97.86
N SER DB 111 -125.16 23.50 96.66
CA SER DB 111 -126.58 23.41 96.34
C SER DB 111 -126.91 22.00 95.88
N SER DB 112 -127.80 21.33 96.61
CA SER DB 112 -128.15 19.96 96.28
C SER DB 112 -128.89 19.86 94.94
N THR DB 113 -129.42 20.97 94.43
CA THR DB 113 -130.12 20.96 93.16
C THR DB 113 -129.21 21.29 91.97
N VAL DB 114 -128.17 22.09 92.19
CA VAL DB 114 -127.30 22.57 91.11
C VAL DB 114 -125.87 22.10 91.39
N GLU DB 115 -125.46 21.03 90.73
CA GLU DB 115 -124.07 20.60 90.69
C GLU DB 115 -123.42 21.14 89.42
N GLU DB 116 -122.29 21.81 89.55
CA GLU DB 116 -121.59 22.38 88.41
C GLU DB 116 -120.09 22.24 88.55
N THR DB 117 -119.44 21.78 87.49
CA THR DB 117 -117.99 21.83 87.38
C THR DB 117 -117.57 23.20 86.89
N LYS DB 118 -116.63 23.84 87.60
CA LYS DB 118 -116.27 25.22 87.34
C LYS DB 118 -114.95 25.38 86.61
N ALA DB 119 -113.93 24.57 86.91
CA ALA DB 119 -112.63 24.75 86.26
C ALA DB 119 -111.90 23.41 86.21
N VAL DB 120 -110.96 23.33 85.29
CA VAL DB 120 -110.05 22.18 85.17
C VAL DB 120 -108.64 22.73 85.16
N LEU DB 121 -107.79 22.22 86.06
CA LEU DB 121 -106.41 22.65 86.17
C LEU DB 121 -105.48 21.54 85.73
N SER DB 122 -104.34 21.94 85.17
CA SER DB 122 -103.35 20.98 84.66
C SER DB 122 -101.96 21.57 84.83
N LEU DB 123 -100.96 20.74 84.61
CA LEU DB 123 -99.57 21.17 84.75
C LEU DB 123 -99.15 22.13 83.63
N LYS DB 124 -99.85 22.11 82.49
CA LYS DB 124 -99.55 23.00 81.39
C LYS DB 124 -100.32 24.32 81.46
N LYS DB 125 -101.53 24.29 82.02
CA LYS DB 125 -102.35 25.49 82.21
C LYS DB 125 -102.79 25.51 83.67
N PRO DB 126 -101.96 26.04 84.56
CA PRO DB 126 -102.23 25.90 86.01
C PRO DB 126 -103.28 26.83 86.58
N SER DB 127 -103.69 27.87 85.86
CA SER DB 127 -104.54 28.91 86.41
C SER DB 127 -105.91 28.91 85.74
N ALA DB 128 -106.92 29.32 86.50
CA ALA DB 128 -108.28 29.43 86.01
C ALA DB 128 -109.03 30.46 86.83
N VAL DB 129 -110.11 30.98 86.26
CA VAL DB 129 -110.96 31.98 86.90
C VAL DB 129 -112.39 31.45 86.95
N ILE DB 130 -113.00 31.51 88.14
CA ILE DB 130 -114.33 30.98 88.36
C ILE DB 130 -115.22 32.06 88.96
N ILE DB 131 -116.53 31.84 88.89
CA ILE DB 131 -117.53 32.78 89.36
C ILE DB 131 -118.46 32.04 90.33
N LEU DB 132 -118.70 32.64 91.50
CA LEU DB 132 -119.66 32.13 92.46
C LEU DB 132 -120.77 33.15 92.63
N ASP DB 133 -122.02 32.70 92.52
CA ASP DB 133 -123.17 33.61 92.54
C ASP DB 133 -124.23 33.17 93.55
N ASN DB 134 -125.41 33.79 93.46
CA ASN DB 134 -126.47 33.54 94.44
C ASN DB 134 -126.86 32.07 94.51
N ASP DB 135 -126.81 31.36 93.37
CA ASP DB 135 -127.21 29.96 93.37
C ASP DB 135 -126.22 29.08 94.14
N ASP DB 136 -124.94 29.42 94.10
CA ASP DB 136 -123.93 28.59 94.75
C ASP DB 136 -124.02 28.69 96.27
N TYR DB 137 -124.31 29.89 96.79
CA TYR DB 137 -124.28 30.13 98.22
C TYR DB 137 -125.46 29.48 98.93
N SER DB 138 -125.45 28.15 99.00
CA SER DB 138 -126.44 27.43 99.79
C SER DB 138 -126.12 27.54 101.27
N SER DB 139 -127.17 27.42 102.09
CA SER DB 139 -127.13 27.74 103.51
C SER DB 139 -126.76 29.20 103.77
N THR DB 140 -126.68 30.00 102.70
CA THR DB 140 -126.48 31.45 102.72
C THR DB 140 -125.10 31.85 103.24
N ASN DB 141 -124.25 30.88 103.61
CA ASN DB 141 -123.01 31.22 104.28
C ASN DB 141 -121.77 30.47 103.81
N LYS DB 142 -121.88 29.44 102.98
CA LYS DB 142 -120.69 28.65 102.67
C LYS DB 142 -120.77 28.02 101.29
N ILE DB 143 -119.59 27.76 100.73
CA ILE DB 143 -119.39 27.06 99.47
C ILE DB 143 -118.62 25.77 99.74
N GLN DB 144 -119.04 24.68 99.11
CA GLN DB 144 -118.35 23.39 99.20
C GLN DB 144 -117.87 23.00 97.81
N LEU DB 145 -116.58 22.72 97.69
CA LEU DB 145 -115.95 22.35 96.42
C LEU DB 145 -115.04 21.16 96.65
N LYS DB 146 -115.36 20.02 96.04
CA LYS DB 146 -114.46 18.88 96.05
C LYS DB 146 -113.52 18.89 94.84
N VAL DB 147 -112.43 18.15 94.98
CA VAL DB 147 -111.35 18.12 93.98
C VAL DB 147 -111.33 16.75 93.35
N GLU DB 148 -111.22 16.71 92.02
CA GLU DB 148 -111.14 15.45 91.29
C GLU DB 148 -109.83 15.42 90.51
N ALA DB 149 -109.11 14.30 90.63
CA ALA DB 149 -107.76 14.19 90.08
C ALA DB 149 -107.67 13.06 89.07
N TYR DB 150 -106.98 13.32 87.97
CA TYR DB 150 -106.59 12.32 86.99
C TYR DB 150 -105.09 12.43 86.77
N TYR DB 151 -104.41 11.29 86.67
CA TYR DB 151 -102.96 11.31 86.72
C TYR DB 151 -102.38 10.10 86.00
N GLU DB 152 -101.10 10.22 85.63
CA GLU DB 152 -100.27 9.11 85.19
C GLU DB 152 -98.87 9.34 85.73
N ALA DB 153 -98.35 8.36 86.47
CA ALA DB 153 -97.05 8.49 87.12
C ALA DB 153 -95.92 8.16 86.16
N LYS DB 154 -94.75 8.74 86.44
CA LYS DB 154 -93.57 8.47 85.65
C LYS DB 154 -93.11 7.03 85.84
N GLU DB 155 -92.43 6.50 84.81
CA GLU DB 155 -92.00 5.10 84.81
C GLU DB 155 -90.79 4.94 85.71
N GLY DB 156 -90.91 4.05 86.71
CA GLY DB 156 -89.77 3.70 87.54
C GLY DB 156 -89.36 4.73 88.56
N MET DB 157 -90.23 5.65 88.94
CA MET DB 157 -89.92 6.70 89.90
C MET DB 157 -90.60 6.39 91.22
N LEU DB 158 -89.82 6.38 92.30
CA LEU DB 158 -90.31 6.10 93.64
C LEU DB 158 -90.06 7.29 94.55
N PHE DB 159 -91.05 7.62 95.36
CA PHE DB 159 -90.98 8.79 96.23
C PHE DB 159 -92.06 8.68 97.30
N ASP DB 160 -91.99 9.58 98.27
CA ASP DB 160 -92.99 9.65 99.33
C ASP DB 160 -92.96 11.05 99.94
N SER DB 161 -94.08 11.41 100.58
CA SER DB 161 -94.21 12.69 101.29
C SER DB 161 -93.99 13.87 100.34
N LEU DB 162 -94.80 13.93 99.28
CA LEU DB 162 -94.74 15.02 98.31
C LEU DB 162 -96.01 15.84 98.39
N PRO DB 163 -95.94 17.13 98.71
CA PRO DB 163 -97.15 17.94 98.85
C PRO DB 163 -97.63 18.55 97.56
N VAL DB 164 -98.95 18.77 97.51
CA VAL DB 164 -99.61 19.49 96.42
C VAL DB 164 -100.30 20.71 97.00
N ILE DB 165 -100.04 21.88 96.42
CA ILE DB 165 -100.45 23.15 97.01
C ILE DB 165 -101.33 23.89 96.00
N LEU DB 166 -102.44 24.46 96.50
CA LEU DB 166 -103.32 25.31 95.72
C LEU DB 166 -103.43 26.67 96.38
N ASN DB 167 -103.58 27.71 95.58
CA ASN DB 167 -103.64 29.09 96.07
C ASN DB 167 -104.89 29.78 95.57
N PHE DB 168 -105.42 30.69 96.39
CA PHE DB 168 -106.63 31.44 96.07
C PHE DB 168 -106.34 32.93 96.15
N GLN DB 169 -106.90 33.70 95.22
CA GLN DB 169 -106.78 35.14 95.22
C GLN DB 169 -108.11 35.76 94.79
N VAL DB 170 -108.51 36.81 95.49
CA VAL DB 170 -109.78 37.51 95.23
C VAL DB 170 -109.51 38.64 94.24
N LEU DB 171 -110.29 38.68 93.17
CA LEU DB 171 -110.17 39.73 92.16
C LEU DB 171 -111.22 40.82 92.29
N SER DB 172 -112.45 40.45 92.65
CA SER DB 172 -113.53 41.42 92.81
C SER DB 172 -114.64 40.80 93.63
N VAL DB 173 -115.26 41.61 94.48
CA VAL DB 173 -116.38 41.18 95.31
C VAL DB 173 -117.46 42.26 95.26
N SER DB 174 -118.71 41.83 95.33
CA SER DB 174 -119.84 42.75 95.31
C SER DB 174 -121.02 42.20 96.11
N THR EB 26 -107.15 103.27 133.93
CA THR EB 26 -107.38 103.20 132.49
C THR EB 26 -106.44 102.19 131.85
N THR EB 27 -106.87 100.93 131.82
CA THR EB 27 -106.07 99.83 131.29
C THR EB 27 -106.83 99.16 130.14
N GLN EB 28 -106.13 98.90 129.04
CA GLN EB 28 -106.70 98.26 127.86
C GLN EB 28 -106.23 96.81 127.84
N SER EB 29 -107.20 95.88 127.77
CA SER EB 29 -106.84 94.47 127.83
C SER EB 29 -106.99 93.80 126.47
N PRO EB 30 -106.10 92.85 126.15
CA PRO EB 30 -106.23 92.14 124.87
C PRO EB 30 -107.24 91.00 124.90
N LEU EB 31 -107.61 90.50 126.08
CA LEU EB 31 -108.67 89.51 126.24
C LEU EB 31 -108.32 88.19 125.53
N ASN EB 32 -107.10 87.70 125.75
CA ASN EB 32 -106.68 86.43 125.18
C ASN EB 32 -105.85 85.61 126.16
N SER EB 33 -105.96 85.87 127.45
CA SER EB 33 -105.18 85.18 128.47
C SER EB 33 -105.96 84.02 129.08
N PHE EB 34 -106.29 83.03 128.23
CA PHE EB 34 -107.00 81.85 128.67
C PHE EB 34 -106.40 80.63 127.99
N TYR EB 35 -106.19 79.56 128.76
CA TYR EB 35 -105.54 78.36 128.23
C TYR EB 35 -106.12 77.12 128.90
N ALA EB 36 -105.94 75.98 128.22
CA ALA EB 36 -106.28 74.67 128.74
C ALA EB 36 -105.29 73.67 128.17
N THR EB 37 -104.92 72.67 128.97
CA THR EB 37 -103.81 71.78 128.63
C THR EB 37 -104.18 70.32 128.84
N GLY EB 38 -103.75 69.47 127.91
CA GLY EB 38 -103.85 68.04 128.04
C GLY EB 38 -102.53 67.34 127.78
N THR EB 39 -102.53 66.01 127.71
CA THR EB 39 -101.30 65.25 127.51
C THR EB 39 -101.57 64.03 126.66
N ALA EB 40 -100.51 63.47 126.09
CA ALA EB 40 -100.58 62.25 125.30
C ALA EB 40 -99.24 61.53 125.36
N GLN EB 41 -99.26 60.23 125.06
CA GLN EB 41 -98.05 59.43 125.13
C GLN EB 41 -98.23 58.15 124.31
N ALA EB 42 -97.10 57.51 124.02
CA ALA EB 42 -97.08 56.20 123.37
C ALA EB 42 -95.74 55.55 123.68
N VAL EB 43 -95.75 54.52 124.52
CA VAL EB 43 -94.52 53.99 125.10
C VAL EB 43 -94.38 52.48 124.90
N GLN EB 44 -94.99 51.91 123.85
CA GLN EB 44 -94.82 50.49 123.60
C GLN EB 44 -95.05 50.19 122.12
N GLU EB 45 -94.43 49.10 121.67
CA GLU EB 45 -94.55 48.64 120.29
C GLU EB 45 -95.87 47.88 120.09
N PRO EB 46 -96.40 47.86 118.86
CA PRO EB 46 -97.72 47.26 118.64
C PRO EB 46 -97.83 45.79 119.04
N ILE EB 47 -96.80 44.99 118.79
CA ILE EB 47 -96.89 43.55 118.99
C ILE EB 47 -95.72 43.05 119.82
N ASP EB 48 -95.91 41.86 120.38
CA ASP EB 48 -94.85 41.13 121.08
C ASP EB 48 -94.87 39.69 120.58
N VAL EB 49 -93.70 39.11 120.39
CA VAL EB 49 -93.56 37.80 119.76
C VAL EB 49 -92.78 36.87 120.67
N GLU EB 50 -93.30 35.66 120.89
CA GLU EB 50 -92.64 34.65 121.71
C GLU EB 50 -92.62 33.33 120.95
N SER EB 51 -91.52 32.59 121.07
CA SER EB 51 -91.28 31.39 120.28
C SER EB 51 -91.35 30.14 121.13
N HIS EB 52 -91.90 29.06 120.56
CA HIS EB 52 -91.97 27.76 121.22
C HIS EB 52 -91.65 26.64 120.23
N LEU EB 53 -90.61 26.83 119.42
CA LEU EB 53 -90.20 25.82 118.45
C LEU EB 53 -89.24 24.86 119.14
N ASP EB 54 -89.77 23.76 119.65
CA ASP EB 54 -89.01 22.80 120.45
C ASP EB 54 -89.07 21.39 119.86
N ASN EB 55 -88.91 21.29 118.54
CA ASN EB 55 -88.78 20.00 117.87
C ASN EB 55 -87.62 20.07 116.88
N THR EB 56 -86.99 18.92 116.66
CA THR EB 56 -85.78 18.83 115.85
C THR EB 56 -86.05 17.98 114.61
N ILE EB 57 -85.66 18.51 113.45
CA ILE EB 57 -85.68 17.74 112.21
C ILE EB 57 -84.47 16.82 112.23
N ALA EB 58 -84.70 15.54 112.50
CA ALA EB 58 -83.62 14.55 112.67
C ALA EB 58 -83.87 13.35 111.78
N PRO EB 59 -83.66 13.48 110.48
CA PRO EB 59 -83.73 12.31 109.59
C PRO EB 59 -82.35 11.68 109.39
N ALA EB 60 -82.34 10.56 108.68
CA ALA EB 60 -81.09 9.96 108.26
C ALA EB 60 -80.54 10.71 107.04
N ALA EB 61 -79.29 10.42 106.71
CA ALA EB 61 -78.63 11.10 105.60
C ALA EB 61 -79.28 10.70 104.28
N GLY EB 62 -79.73 11.70 103.52
CA GLY EB 62 -80.32 11.47 102.21
C GLY EB 62 -81.77 11.03 102.22
N ALA EB 63 -82.45 11.10 103.37
CA ALA EB 63 -83.82 10.63 103.49
C ALA EB 63 -84.81 11.73 103.17
N GLN EB 64 -86.01 11.31 102.78
CA GLN EB 64 -87.13 12.22 102.53
C GLN EB 64 -88.13 12.07 103.66
N GLY EB 65 -88.54 13.19 104.25
CA GLY EB 65 -89.29 13.12 105.49
C GLY EB 65 -90.49 14.04 105.62
N TYR EB 66 -91.01 14.12 106.85
CA TYR EB 66 -92.24 14.84 107.17
C TYR EB 66 -92.27 15.11 108.67
N LYS EB 67 -92.27 16.38 109.07
CA LYS EB 67 -92.06 16.71 110.48
C LYS EB 67 -92.79 18.00 110.82
N ASP EB 68 -93.21 18.11 112.07
CA ASP EB 68 -93.74 19.35 112.64
C ASP EB 68 -92.77 19.87 113.69
N MET EB 69 -92.87 21.17 113.99
CA MET EB 69 -91.85 21.85 114.78
C MET EB 69 -92.37 22.41 116.11
N GLY EB 70 -93.44 23.18 116.07
CA GLY EB 70 -93.93 23.86 117.26
C GLY EB 70 -94.89 24.98 116.86
N TYR EB 71 -94.99 25.97 117.73
CA TYR EB 71 -95.89 27.09 117.47
C TYR EB 71 -95.29 28.38 118.01
N VAL EB 72 -95.80 29.50 117.51
CA VAL EB 72 -95.31 30.84 117.86
C VAL EB 72 -96.48 31.68 118.32
N LYS EB 73 -96.27 32.47 119.38
CA LYS EB 73 -97.31 33.31 119.95
C LYS EB 73 -97.07 34.78 119.61
N ILE EB 74 -98.15 35.48 119.25
CA ILE EB 74 -98.12 36.90 118.93
C ILE EB 74 -99.11 37.61 119.85
N ILE EB 75 -98.69 38.73 120.44
CA ILE EB 75 -99.50 39.48 121.38
C ILE EB 75 -99.74 40.88 120.82
N ASN EB 76 -100.99 41.32 120.84
CA ASN EB 76 -101.41 42.60 120.29
C ASN EB 76 -101.97 43.51 121.38
N TYR EB 77 -101.67 44.81 121.26
CA TYR EB 77 -101.80 45.78 122.35
C TYR EB 77 -102.85 46.83 122.01
N THR EB 78 -102.90 47.87 122.85
CA THR EB 78 -104.01 48.81 122.89
C THR EB 78 -104.28 49.45 121.53
N ASP EB 79 -105.56 49.50 121.16
CA ASP EB 79 -106.06 50.18 119.97
C ASP EB 79 -105.50 49.57 118.68
N VAL EB 80 -105.18 48.28 118.71
CA VAL EB 80 -104.69 47.55 117.55
C VAL EB 80 -105.78 46.58 117.11
N ASN EB 81 -106.08 46.58 115.82
CA ASN EB 81 -107.10 45.69 115.26
C ASN EB 81 -106.60 44.83 114.12
N VAL EB 82 -105.77 45.37 113.23
CA VAL EB 82 -105.28 44.65 112.07
C VAL EB 82 -103.78 44.87 111.96
N VAL EB 83 -103.04 43.79 111.72
CA VAL EB 83 -101.59 43.83 111.62
C VAL EB 83 -101.16 43.20 110.30
N LYS EB 84 -100.24 43.86 109.60
CA LYS EB 84 -99.63 43.33 108.39
C LYS EB 84 -98.19 42.95 108.69
N LEU EB 85 -97.81 41.72 108.34
CA LEU EB 85 -96.52 41.17 108.73
C LEU EB 85 -95.78 40.62 107.51
N LYS EB 86 -94.46 40.58 107.62
CA LYS EB 86 -93.59 39.97 106.62
C LYS EB 86 -92.68 38.97 107.32
N VAL EB 87 -92.67 37.74 106.82
CA VAL EB 87 -91.89 36.66 107.41
C VAL EB 87 -90.89 36.16 106.38
N THR EB 88 -89.65 35.98 106.82
CA THR EB 88 -88.57 35.56 105.93
C THR EB 88 -87.65 34.60 106.65
N LEU EB 89 -86.87 33.85 105.86
CA LEU EB 89 -85.85 32.94 106.37
C LEU EB 89 -84.53 33.70 106.41
N ALA EB 90 -84.01 33.91 107.63
CA ALA EB 90 -82.83 34.76 107.79
C ALA EB 90 -81.55 34.07 107.33
N ASN EB 91 -81.44 32.76 107.55
CA ASN EB 91 -80.19 32.05 107.26
C ASN EB 91 -80.39 31.01 106.17
N ALA EB 92 -81.09 31.38 105.10
CA ALA EB 92 -81.32 30.45 104.00
C ALA EB 92 -80.03 30.10 103.29
N ALA EB 93 -79.10 31.04 103.20
CA ALA EB 93 -77.83 30.78 102.52
C ALA EB 93 -77.02 29.72 103.23
N GLN EB 94 -77.03 29.73 104.56
CA GLN EB 94 -76.28 28.73 105.32
C GLN EB 94 -76.88 27.33 105.16
N LEU EB 95 -78.20 27.23 105.02
CA LEU EB 95 -78.87 25.95 104.93
C LEU EB 95 -78.83 25.33 103.54
N ARG EB 96 -78.39 26.08 102.53
CA ARG EB 96 -78.38 25.55 101.17
C ARG EB 96 -77.49 24.32 101.00
N PRO EB 97 -76.24 24.28 101.47
CA PRO EB 97 -75.41 23.07 101.23
C PRO EB 97 -75.91 21.82 101.93
N TYR EB 98 -76.86 21.94 102.86
CA TYR EB 98 -77.31 20.79 103.64
C TYR EB 98 -78.62 20.18 103.14
N PHE EB 99 -79.34 20.85 102.25
CA PHE EB 99 -80.65 20.39 101.82
C PHE EB 99 -80.81 20.54 100.32
N LYS EB 100 -81.50 19.57 99.70
CA LYS EB 100 -81.96 19.74 98.33
C LYS EB 100 -83.17 20.66 98.28
N TYR EB 101 -84.10 20.52 99.23
CA TYR EB 101 -85.24 21.42 99.34
C TYR EB 101 -85.75 21.40 100.77
N LEU EB 102 -86.42 22.48 101.16
CA LEU EB 102 -86.98 22.61 102.49
C LEU EB 102 -88.12 23.61 102.43
N GLN EB 103 -89.32 23.19 102.84
CA GLN EB 103 -90.50 24.03 102.78
C GLN EB 103 -91.16 24.12 104.15
N LEU EB 104 -91.59 25.33 104.50
CA LEU EB 104 -92.25 25.59 105.77
C LEU EB 104 -93.67 26.07 105.51
N VAL EB 105 -94.63 25.51 106.24
CA VAL EB 105 -96.04 25.83 106.10
C VAL EB 105 -96.52 26.44 107.40
N LEU EB 106 -97.13 27.63 107.32
CA LEU EB 106 -97.65 28.34 108.46
C LEU EB 106 -99.18 28.37 108.40
N THR EB 107 -99.83 27.99 109.49
CA THR EB 107 -101.29 27.96 109.56
C THR EB 107 -101.77 28.68 110.81
N SER EB 108 -102.84 29.45 110.67
CA SER EB 108 -103.48 30.12 111.80
C SER EB 108 -104.58 29.20 112.33
N ASN EB 109 -104.57 29.00 113.66
CA ASN EB 109 -105.43 28.01 114.31
C ASN EB 109 -106.09 28.60 115.57
N ALA EB 110 -105.63 29.77 116.03
CA ALA EB 110 -106.05 30.30 117.32
C ALA EB 110 -107.57 30.38 117.45
N SER EB 111 -108.28 30.53 116.33
CA SER EB 111 -109.73 30.37 116.29
C SER EB 111 -110.05 28.91 116.03
N SER EB 112 -110.76 28.28 116.97
CA SER EB 112 -111.09 26.87 116.82
C SER EB 112 -112.03 26.60 115.66
N THR EB 113 -112.71 27.64 115.16
CA THR EB 113 -113.64 27.49 114.03
C THR EB 113 -112.98 27.74 112.68
N VAL EB 114 -111.96 28.59 112.63
CA VAL EB 114 -111.33 29.00 111.38
C VAL EB 114 -109.85 28.62 111.42
N GLU EB 115 -109.50 27.50 110.80
CA GLU EB 115 -108.11 27.13 110.54
C GLU EB 115 -107.74 27.56 109.13
N GLU EB 116 -106.63 28.30 109.00
CA GLU EB 116 -106.20 28.77 107.69
C GLU EB 116 -104.69 28.70 107.58
N THR EB 117 -104.21 28.17 106.45
CA THR EB 117 -102.81 28.27 106.08
C THR EB 117 -102.56 29.61 105.39
N LYS EB 118 -101.55 30.34 105.86
CA LYS EB 118 -101.31 31.71 105.42
C LYS EB 118 -100.16 31.85 104.44
N ALA EB 119 -99.06 31.11 104.62
CA ALA EB 119 -97.92 31.27 103.74
C ALA EB 119 -97.13 29.97 103.68
N VAL EB 120 -96.36 29.83 102.60
CA VAL EB 120 -95.43 28.72 102.42
C VAL EB 120 -94.07 29.31 102.11
N LEU EB 121 -93.06 28.93 102.87
CA LEU EB 121 -91.70 29.43 102.69
C LEU EB 121 -90.80 28.31 102.18
N SER EB 122 -89.80 28.69 101.39
CA SER EB 122 -88.88 27.74 100.79
C SER EB 122 -87.51 28.40 100.65
N LEU EB 123 -86.51 27.58 100.32
CA LEU EB 123 -85.16 28.09 100.16
C LEU EB 123 -85.00 28.94 98.91
N LYS EB 124 -85.89 28.79 97.93
CA LYS EB 124 -85.83 29.59 96.71
C LYS EB 124 -86.66 30.87 96.81
N LYS EB 125 -87.74 30.84 97.58
CA LYS EB 125 -88.58 32.03 97.82
C LYS EB 125 -88.75 32.16 99.32
N PRO EB 126 -87.81 32.82 100.00
CA PRO EB 126 -87.80 32.80 101.47
C PRO EB 126 -88.78 33.74 102.14
N SER EB 127 -89.37 34.70 101.41
CA SER EB 127 -90.17 35.75 102.03
C SER EB 127 -91.64 35.63 101.62
N ALA EB 128 -92.52 36.07 102.52
CA ALA EB 128 -93.95 36.07 102.28
C ALA EB 128 -94.60 37.16 103.14
N VAL EB 129 -95.80 37.57 102.73
CA VAL EB 129 -96.56 38.60 103.42
C VAL EB 129 -97.92 38.02 103.78
N ILE EB 130 -98.32 38.16 105.05
CA ILE EB 130 -99.56 37.61 105.56
C ILE EB 130 -100.38 38.71 106.21
N ILE EB 131 -101.67 38.42 106.40
CA ILE EB 131 -102.62 39.37 106.97
C ILE EB 131 -103.32 38.69 108.15
N LEU EB 132 -103.37 39.38 109.29
CA LEU EB 132 -104.11 38.94 110.46
C LEU EB 132 -105.24 39.93 110.73
N ASP EB 133 -106.46 39.42 110.90
CA ASP EB 133 -107.62 40.27 111.05
C ASP EB 133 -108.47 39.90 112.27
N ASN EB 134 -109.68 40.47 112.35
CA ASN EB 134 -110.53 40.27 113.52
C ASN EB 134 -110.82 38.80 113.79
N ASP EB 135 -110.92 37.98 112.74
CA ASP EB 135 -111.25 36.57 112.93
C ASP EB 135 -110.09 35.81 113.57
N ASP EB 136 -108.85 36.20 113.26
CA ASP EB 136 -107.70 35.47 113.80
C ASP EB 136 -107.51 35.71 115.28
N TYR EB 137 -107.78 36.94 115.74
CA TYR EB 137 -107.50 37.33 117.12
C TYR EB 137 -108.49 36.70 118.09
N SER EB 138 -108.40 35.38 118.28
CA SER EB 138 -109.19 34.70 119.28
C SER EB 138 -108.62 34.98 120.67
N SER EB 139 -109.50 34.89 121.68
CA SER EB 139 -109.23 35.35 123.03
C SER EB 139 -108.90 36.84 123.09
N THR EB 140 -109.06 37.53 121.95
CA THR EB 140 -108.93 38.99 121.82
C THR EB 140 -107.51 39.49 122.03
N ASN EB 141 -106.55 38.59 122.33
CA ASN EB 141 -105.23 39.05 122.72
C ASN EB 141 -104.06 38.30 122.09
N LYS EB 142 -104.26 37.18 121.39
CA LYS EB 142 -103.09 36.43 120.94
C LYS EB 142 -103.39 35.66 119.66
N ILE EB 143 -102.32 35.40 118.92
CA ILE EB 143 -102.31 34.58 117.71
C ILE EB 143 -101.43 33.36 117.95
N GLN EB 144 -101.90 32.19 117.50
CA GLN EB 144 -101.13 30.95 117.57
C GLN EB 144 -100.89 30.44 116.17
N LEU EB 145 -99.62 30.21 115.83
CA LEU EB 145 -99.21 29.74 114.50
C LEU EB 145 -98.20 28.61 114.66
N LYS EB 146 -98.57 27.41 114.23
CA LYS EB 146 -97.62 26.31 114.18
C LYS EB 146 -96.92 26.24 112.82
N VAL EB 147 -95.77 25.56 112.81
CA VAL EB 147 -94.90 25.48 111.64
C VAL EB 147 -94.91 24.04 111.13
N GLU EB 148 -95.03 23.90 109.82
CA GLU EB 148 -95.02 22.57 109.20
C GLU EB 148 -93.87 22.52 108.21
N ALA EB 149 -93.08 21.45 108.29
CA ALA EB 149 -91.85 21.33 107.51
C ALA EB 149 -91.88 20.11 106.60
N TYR EB 150 -91.41 20.30 105.37
CA TYR EB 150 -91.15 19.22 104.42
C TYR EB 150 -89.72 19.37 103.93
N TYR EB 151 -89.01 18.25 103.81
CA TYR EB 151 -87.57 18.34 103.58
C TYR EB 151 -87.06 17.09 102.88
N GLU EB 152 -85.88 17.23 102.27
CA GLU EB 152 -85.08 16.11 101.79
C GLU EB 152 -83.62 16.44 102.04
N ALA EB 153 -82.93 15.56 102.75
CA ALA EB 153 -81.55 15.80 103.14
C ALA EB 153 -80.58 15.43 102.02
N LYS EB 154 -79.42 16.07 102.03
CA LYS EB 154 -78.38 15.77 101.06
C LYS EB 154 -77.82 14.38 101.28
N GLU EB 155 -77.31 13.78 100.21
CA GLU EB 155 -76.80 12.41 100.25
C GLU EB 155 -75.44 12.38 100.93
N GLY EB 156 -75.32 11.59 101.99
CA GLY EB 156 -74.04 11.36 102.63
C GLY EB 156 -73.51 12.51 103.45
N MET EB 157 -74.36 13.42 103.91
CA MET EB 157 -73.94 14.57 104.70
C MET EB 157 -74.34 14.36 106.15
N LEU EB 158 -73.39 14.49 107.06
CA LEU EB 158 -73.61 14.31 108.49
C LEU EB 158 -73.27 15.60 109.23
N PHE EB 159 -74.12 15.97 110.18
CA PHE EB 159 -73.95 17.22 110.91
C PHE EB 159 -74.82 17.18 112.16
N ASP EB 160 -74.63 18.17 113.02
CA ASP EB 160 -75.42 18.30 114.23
C ASP EB 160 -75.37 19.75 114.71
N SER EB 161 -76.36 20.13 115.51
CA SER EB 161 -76.44 21.46 116.11
C SER EB 161 -76.46 22.55 115.05
N LEU EB 162 -77.45 22.48 114.15
CA LEU EB 162 -77.62 23.46 113.10
C LEU EB 162 -78.90 24.24 113.33
N PRO EB 163 -78.85 25.56 113.52
CA PRO EB 163 -80.06 26.33 113.82
C PRO EB 163 -80.81 26.80 112.58
N VAL EB 164 -82.12 26.96 112.76
CA VAL EB 164 -83.00 27.54 111.74
C VAL EB 164 -83.65 28.78 112.34
N ILE EB 165 -83.56 29.90 111.63
CA ILE EB 165 -83.93 31.21 112.16
C ILE EB 165 -85.01 31.81 111.27
N LEU EB 166 -86.04 32.37 111.91
CA LEU EB 166 -87.10 33.10 111.23
C LEU EB 166 -87.17 34.52 111.79
N ASN EB 167 -87.52 35.48 110.93
CA ASN EB 167 -87.55 36.89 111.30
C ASN EB 167 -88.93 37.48 110.99
N PHE EB 168 -89.35 38.45 111.80
CA PHE EB 168 -90.63 39.12 111.64
C PHE EB 168 -90.42 40.62 111.54
N GLN EB 169 -91.19 41.27 110.67
CA GLN EB 169 -91.15 42.71 110.52
C GLN EB 169 -92.56 43.23 110.28
N VAL EB 170 -92.89 44.33 110.95
CA VAL EB 170 -94.21 44.94 110.87
C VAL EB 170 -94.19 45.98 109.76
N LEU EB 171 -95.16 45.89 108.84
CA LEU EB 171 -95.28 46.84 107.74
C LEU EB 171 -96.35 47.89 107.97
N SER EB 172 -97.47 47.52 108.59
CA SER EB 172 -98.56 48.45 108.85
C SER EB 172 -99.47 47.87 109.92
N VAL EB 173 -99.97 48.73 110.79
CA VAL EB 173 -100.90 48.35 111.84
C VAL EB 173 -102.03 49.37 111.90
N SER EB 174 -103.22 48.89 112.24
CA SER EB 174 -104.38 49.77 112.35
C SER EB 174 -105.36 49.25 113.40
N THR FB 26 -88.39 114.19 142.50
CA THR FB 26 -88.87 113.97 141.14
C THR FB 26 -88.01 112.93 140.43
N THR FB 27 -88.36 111.66 140.59
CA THR FB 27 -87.62 110.55 140.01
C THR FB 27 -88.53 109.75 139.08
N GLN FB 28 -88.02 109.42 137.90
CA GLN FB 28 -88.75 108.64 136.92
C GLN FB 28 -88.22 107.21 136.93
N SER FB 29 -89.12 106.25 137.13
CA SER FB 29 -88.69 104.86 137.25
C SER FB 29 -89.04 104.06 136.00
N PRO FB 30 -88.17 103.12 135.60
CA PRO FB 30 -88.50 102.28 134.43
C PRO FB 30 -89.42 101.11 134.75
N LEU FB 31 -89.53 100.72 136.01
CA LEU FB 31 -90.49 99.69 136.45
C LEU FB 31 -90.20 98.34 135.81
N ASN FB 32 -88.93 97.92 135.86
CA ASN FB 32 -88.55 96.62 135.33
C ASN FB 32 -87.50 95.93 136.20
N SER FB 33 -87.41 96.31 137.46
CA SER FB 33 -86.41 95.75 138.38
C SER FB 33 -87.00 94.62 139.22
N PHE FB 34 -87.43 93.55 138.54
CA PHE FB 34 -87.99 92.38 139.20
C PHE FB 34 -87.46 91.12 138.53
N TYR FB 35 -87.04 90.14 139.33
CA TYR FB 35 -86.43 88.93 138.81
C TYR FB 35 -86.81 87.73 139.68
N ALA FB 36 -86.69 86.54 139.08
CA ALA FB 36 -86.85 85.27 139.77
C ALA FB 36 -85.94 84.26 139.12
N THR FB 37 -85.36 83.37 139.92
CA THR FB 37 -84.29 82.50 139.45
C THR FB 37 -84.54 81.05 139.86
N GLY FB 38 -84.22 80.14 138.94
CA GLY FB 38 -84.23 78.71 139.22
C GLY FB 38 -82.93 78.05 138.77
N THR FB 39 -82.87 76.72 138.83
CA THR FB 39 -81.65 76.00 138.48
C THR FB 39 -82.01 74.68 137.80
N ALA FB 40 -81.02 74.11 137.10
CA ALA FB 40 -81.17 72.82 136.44
C ALA FB 40 -79.81 72.17 136.33
N GLN FB 41 -79.81 70.84 136.14
CA GLN FB 41 -78.56 70.09 136.06
C GLN FB 41 -78.81 68.75 135.40
N ALA FB 42 -77.72 68.11 134.96
CA ALA FB 42 -77.75 66.75 134.43
C ALA FB 42 -76.34 66.19 134.56
N VAL FB 43 -76.14 65.24 135.47
CA VAL FB 43 -74.80 64.82 135.85
C VAL FB 43 -74.61 63.31 135.76
N GLN FB 44 -75.36 62.62 134.91
CA GLN FB 44 -75.17 61.18 134.75
C GLN FB 44 -75.64 60.74 133.38
N GLU FB 45 -75.05 59.63 132.91
CA GLU FB 45 -75.39 59.03 131.63
C GLU FB 45 -76.67 58.21 131.74
N PRO FB 46 -77.41 58.06 130.63
CA PRO FB 46 -78.72 57.38 130.72
C PRO FB 46 -78.67 55.96 131.26
N ILE FB 47 -77.66 55.18 130.90
CA ILE FB 47 -77.64 53.75 131.22
C ILE FB 47 -76.30 53.39 131.86
N ASP FB 48 -76.32 52.25 132.56
CA ASP FB 48 -75.12 51.63 133.11
C ASP FB 48 -75.15 50.16 132.75
N VAL FB 49 -73.99 49.59 132.40
CA VAL FB 49 -73.91 48.23 131.87
C VAL FB 49 -72.91 47.44 132.71
N GLU FB 50 -73.31 46.23 133.12
CA GLU FB 50 -72.47 45.34 133.89
C GLU FB 50 -72.51 43.95 133.26
N SER FB 51 -71.37 43.27 133.24
CA SER FB 51 -71.21 42.01 132.52
C SER FB 51 -71.04 40.85 133.49
N HIS FB 52 -71.63 39.70 133.13
CA HIS FB 52 -71.51 38.47 133.90
C HIS FB 52 -71.31 37.27 132.97
N LEU FB 53 -70.45 37.42 131.96
CA LEU FB 53 -70.16 36.33 131.02
C LEU FB 53 -69.03 35.49 131.61
N ASP FB 54 -69.41 34.41 132.30
CA ASP FB 54 -68.47 33.57 133.02
C ASP FB 54 -68.55 32.11 132.58
N ASN FB 55 -68.62 31.89 131.27
CA ASN FB 55 -68.54 30.55 130.71
C ASN FB 55 -67.58 30.56 129.52
N THR FB 56 -66.94 29.43 129.28
CA THR FB 56 -65.89 29.31 128.28
C THR FB 56 -66.32 28.34 127.19
N ILE FB 57 -66.19 28.76 125.94
CA ILE FB 57 -66.39 27.88 124.80
C ILE FB 57 -65.14 27.01 124.67
N ALA FB 58 -65.25 25.75 125.09
CA ALA FB 58 -64.10 24.83 125.14
C ALA FB 58 -64.45 23.53 124.43
N PRO FB 59 -64.47 23.54 123.10
CA PRO FB 59 -64.63 22.30 122.35
C PRO FB 59 -63.28 21.71 121.95
N ALA FB 60 -63.33 20.53 121.36
CA ALA FB 60 -62.15 19.94 120.76
C ALA FB 60 -61.87 20.59 119.41
N ALA FB 61 -60.68 20.32 118.87
CA ALA FB 61 -60.27 20.90 117.61
C ALA FB 61 -61.14 20.36 116.47
N GLY FB 62 -61.77 21.26 115.72
CA GLY FB 62 -62.57 20.87 114.58
C GLY FB 62 -63.96 20.40 114.89
N ALA FB 63 -64.43 20.54 116.12
CA ALA FB 63 -65.72 20.02 116.53
C ALA FB 63 -66.82 21.06 116.31
N GLN FB 64 -68.04 20.56 116.19
CA GLN FB 64 -69.25 21.38 116.06
C GLN FB 64 -70.01 21.31 117.38
N GLY FB 65 -70.36 22.47 117.93
CA GLY FB 65 -70.88 22.49 119.29
C GLY FB 65 -72.09 23.37 119.56
N TYR FB 66 -72.38 23.55 120.85
CA TYR FB 66 -73.57 24.24 121.32
C TYR FB 66 -73.35 24.66 122.77
N LYS FB 67 -73.34 25.96 123.05
CA LYS FB 67 -72.91 26.42 124.36
C LYS FB 67 -73.63 27.72 124.71
N ASP FB 68 -73.82 27.93 126.01
CA ASP FB 68 -74.32 29.19 126.56
C ASP FB 68 -73.20 29.86 127.37
N MET FB 69 -73.32 31.18 127.56
CA MET FB 69 -72.22 31.97 128.09
C MET FB 69 -72.52 32.63 129.43
N GLY FB 70 -73.62 33.35 129.52
CA GLY FB 70 -73.93 34.13 130.72
C GLY FB 70 -75.00 35.15 130.40
N TYR FB 71 -75.00 36.23 131.19
CA TYR FB 71 -76.00 37.28 131.00
C TYR FB 71 -75.38 38.63 131.32
N VAL FB 72 -76.03 39.69 130.82
CA VAL FB 72 -75.56 41.07 130.95
C VAL FB 72 -76.69 41.91 131.54
N LYS FB 73 -76.33 42.80 132.47
CA LYS FB 73 -77.29 43.65 133.15
C LYS FB 73 -77.20 45.09 132.63
N ILE FB 74 -78.37 45.70 132.43
CA ILE FB 74 -78.48 47.09 131.99
C ILE FB 74 -79.32 47.85 133.00
N ILE FB 75 -78.87 49.03 133.40
CA ILE FB 75 -79.54 49.84 134.41
C ILE FB 75 -79.95 51.16 133.78
N ASN FB 76 -81.21 51.56 134.00
CA ASN FB 76 -81.78 52.76 133.42
C ASN FB 76 -82.19 53.74 134.51
N TYR FB 77 -81.99 55.04 134.22
CA TYR FB 77 -81.98 56.10 135.22
C TYR FB 77 -83.13 57.08 134.99
N THR FB 78 -83.08 58.19 135.73
CA THR FB 78 -84.22 59.09 135.89
C THR FB 78 -84.77 59.58 134.56
N ASP FB 79 -86.09 59.55 134.43
CA ASP FB 79 -86.83 60.09 133.29
C ASP FB 79 -86.49 59.37 131.99
N VAL FB 80 -86.08 58.10 132.07
CA VAL FB 80 -85.77 57.29 130.90
C VAL FB 80 -86.87 56.23 130.75
N ASN FB 81 -87.40 56.11 129.54
CA ASN FB 81 -88.45 55.13 129.27
C ASN FB 81 -88.11 54.17 128.14
N VAL FB 82 -87.49 54.66 127.07
CA VAL FB 82 -87.17 53.85 125.90
C VAL FB 82 -85.73 54.12 125.50
N VAL FB 83 -84.99 53.04 125.22
CA VAL FB 83 -83.58 53.13 124.85
C VAL FB 83 -83.36 52.39 123.53
N LYS FB 84 -82.63 53.02 122.63
CA LYS FB 84 -82.21 52.41 121.37
C LYS FB 84 -80.72 52.12 121.44
N LEU FB 85 -80.34 50.88 121.14
CA LEU FB 85 -78.98 50.41 121.33
C LEU FB 85 -78.45 49.77 120.05
N LYS FB 86 -77.13 49.80 119.91
CA LYS FB 86 -76.42 49.14 118.83
C LYS FB 86 -75.34 48.24 119.43
N VAL FB 87 -75.34 46.97 119.05
CA VAL FB 87 -74.42 45.98 119.58
C VAL FB 87 -73.59 45.42 118.43
N THR FB 88 -72.27 45.34 118.64
CA THR FB 88 -71.35 44.89 117.60
C THR FB 88 -70.27 44.01 118.23
N LEU FB 89 -69.61 43.24 117.38
CA LEU FB 89 -68.46 42.42 117.78
C LEU FB 89 -67.20 43.23 117.50
N ALA FB 90 -66.47 43.58 118.57
CA ALA FB 90 -65.35 44.48 118.45
C ALA FB 90 -64.13 43.80 117.82
N ASN FB 91 -63.90 42.54 118.14
CA ASN FB 91 -62.69 41.85 117.68
C ASN FB 91 -63.02 40.70 116.74
N ALA FB 92 -63.93 40.94 115.80
CA ALA FB 92 -64.30 39.89 114.84
C ALA FB 92 -63.13 39.52 113.93
N ALA FB 93 -62.29 40.50 113.59
CA ALA FB 93 -61.16 40.22 112.71
C ALA FB 93 -60.17 39.26 113.35
N GLN FB 94 -59.94 39.40 114.67
CA GLN FB 94 -59.00 38.51 115.36
C GLN FB 94 -59.54 37.08 115.42
N LEU FB 95 -60.86 36.91 115.55
CA LEU FB 95 -61.47 35.60 115.70
C LEU FB 95 -61.64 34.85 114.38
N ARG FB 96 -61.44 35.52 113.24
CA ARG FB 96 -61.63 34.85 111.96
C ARG FB 96 -60.72 33.65 111.73
N PRO FB 97 -59.41 33.71 111.96
CA PRO FB 97 -58.57 32.52 111.69
C PRO FB 97 -58.87 31.32 112.57
N TYR FB 98 -59.64 31.49 113.65
CA TYR FB 98 -59.88 30.41 114.59
C TYR FB 98 -61.22 29.70 114.40
N PHE FB 99 -62.12 30.25 113.60
CA PHE FB 99 -63.47 29.70 113.47
C PHE FB 99 -63.90 29.70 112.01
N LYS FB 100 -64.63 28.65 111.62
CA LYS FB 100 -65.34 28.67 110.36
C LYS FB 100 -66.60 29.53 110.44
N TYR FB 101 -67.32 29.45 111.55
CA TYR FB 101 -68.47 30.31 111.79
C TYR FB 101 -68.72 30.40 113.29
N LEU FB 102 -69.36 31.49 113.69
CA LEU FB 102 -69.69 31.73 115.09
C LEU FB 102 -70.87 32.68 115.15
N GLN FB 103 -71.94 32.25 115.82
CA GLN FB 103 -73.17 33.02 115.90
C GLN FB 103 -73.57 33.22 117.34
N LEU FB 104 -74.00 34.44 117.67
CA LEU FB 104 -74.43 34.81 119.01
C LEU FB 104 -75.90 35.20 118.97
N VAL FB 105 -76.68 34.68 119.92
CA VAL FB 105 -78.11 34.92 120.01
C VAL FB 105 -78.39 35.63 121.32
N LEU FB 106 -79.07 36.77 121.24
CA LEU FB 106 -79.42 37.58 122.41
C LEU FB 106 -80.92 37.55 122.61
N THR FB 107 -81.34 37.24 123.84
CA THR FB 107 -82.76 37.17 124.17
C THR FB 107 -83.05 37.98 125.43
N SER FB 108 -84.17 38.70 125.41
CA SER FB 108 -84.64 39.43 126.58
C SER FB 108 -85.56 38.53 127.39
N ASN FB 109 -85.32 38.47 128.70
CA ASN FB 109 -85.98 37.52 129.59
C ASN FB 109 -86.44 38.19 130.88
N ALA FB 110 -85.97 39.41 131.14
CA ALA FB 110 -86.18 40.06 132.45
C ALA FB 110 -87.66 40.09 132.84
N SER FB 111 -88.56 40.11 131.86
CA SER FB 111 -89.98 39.88 132.11
C SER FB 111 -90.27 38.39 132.04
N SER FB 112 -90.76 37.83 133.14
CA SER FB 112 -91.03 36.40 133.18
C SER FB 112 -92.15 35.99 132.24
N THR FB 113 -92.96 36.94 131.79
CA THR FB 113 -94.06 36.64 130.87
C THR FB 113 -93.68 36.79 129.41
N VAL FB 114 -92.73 37.66 129.09
CA VAL FB 114 -92.36 37.98 127.71
C VAL FB 114 -90.88 37.67 127.53
N GLU FB 115 -90.59 36.51 126.94
CA GLU FB 115 -89.24 36.17 126.47
C GLU FB 115 -89.16 36.48 124.99
N GLU FB 116 -88.14 37.23 124.59
CA GLU FB 116 -87.97 37.60 123.18
C GLU FB 116 -86.50 37.58 122.79
N THR FB 117 -86.21 36.96 121.65
CA THR FB 117 -84.90 37.08 121.02
C THR FB 117 -84.86 38.35 120.19
N LYS FB 118 -83.82 39.16 120.40
CA LYS FB 118 -83.75 40.48 119.80
C LYS FB 118 -82.80 40.59 118.61
N ALA FB 119 -81.65 39.92 118.66
CA ALA FB 119 -80.69 40.03 117.57
C ALA FB 119 -79.85 38.76 117.48
N VAL FB 120 -79.28 38.55 116.29
CA VAL FB 120 -78.34 37.47 116.04
C VAL FB 120 -77.09 38.08 115.43
N LEU FB 121 -75.93 37.81 116.02
CA LEU FB 121 -74.67 38.34 115.56
C LEU FB 121 -73.82 37.22 114.99
N SER FB 122 -72.99 37.56 114.00
CA SER FB 122 -72.14 36.59 113.33
C SER FB 122 -70.86 37.29 112.88
N LEU FB 123 -69.89 36.48 112.44
CA LEU FB 123 -68.62 37.02 111.99
C LEU FB 123 -68.74 37.75 110.67
N LYS FB 124 -69.78 37.46 109.88
CA LYS FB 124 -69.99 38.15 108.61
C LYS FB 124 -70.85 39.40 108.75
N LYS FB 125 -71.78 39.41 109.70
CA LYS FB 125 -72.63 40.58 109.99
C LYS FB 125 -72.54 40.85 111.47
N PRO FB 126 -71.52 41.61 111.91
CA PRO FB 126 -71.24 41.73 113.35
C PRO FB 126 -72.14 42.70 114.10
N SER FB 127 -72.91 43.55 113.41
CA SER FB 127 -73.64 44.62 114.07
C SER FB 127 -75.15 44.41 113.95
N ALA FB 128 -75.86 44.89 114.96
CA ALA FB 128 -77.32 44.83 114.98
C ALA FB 128 -77.86 45.95 115.84
N VAL FB 129 -79.14 46.28 115.64
CA VAL FB 129 -79.83 47.34 116.36
C VAL FB 129 -81.06 46.74 117.02
N ILE FB 130 -81.23 47.00 118.32
CA ILE FB 130 -82.34 46.44 119.09
C ILE FB 130 -83.09 47.57 119.79
N ILE FB 131 -84.30 47.25 120.23
CA ILE FB 131 -85.18 48.21 120.89
C ILE FB 131 -85.62 47.62 122.23
N LEU FB 132 -85.51 48.42 123.29
CA LEU FB 132 -86.00 48.06 124.61
C LEU FB 132 -87.10 49.03 125.00
N ASP FB 133 -88.25 48.49 125.43
CA ASP FB 133 -89.42 49.31 125.72
C ASP FB 133 -90.01 49.02 127.10
N ASN FB 134 -91.21 49.53 127.36
CA ASN FB 134 -91.83 49.43 128.68
C ASN FB 134 -91.98 47.98 129.12
N ASP FB 135 -92.23 47.06 128.18
CA ASP FB 135 -92.43 45.66 128.55
C ASP FB 135 -91.13 45.02 129.04
N ASP FB 136 -89.99 45.42 128.48
CA ASP FB 136 -88.72 44.79 128.85
C ASP FB 136 -88.29 45.19 130.25
N TYR FB 137 -88.53 46.44 130.63
CA TYR FB 137 -88.04 46.97 131.90
C TYR FB 137 -88.81 46.40 133.09
N SER FB 138 -88.61 45.11 133.36
CA SER FB 138 -89.17 44.51 134.56
C SER FB 138 -88.37 44.93 135.78
N SER FB 139 -89.04 44.91 136.94
CA SER FB 139 -88.56 45.50 138.18
C SER FB 139 -88.31 47.01 138.04
N THR FB 140 -88.71 47.59 136.90
CA THR FB 140 -88.69 49.02 136.61
C THR FB 140 -87.28 49.59 136.52
N ASN FB 141 -86.25 48.77 136.72
CA ASN FB 141 -84.90 49.31 136.82
C ASN FB 141 -83.81 48.56 136.05
N LYS FB 142 -84.08 47.37 135.50
CA LYS FB 142 -82.98 46.62 134.91
C LYS FB 142 -83.45 45.72 133.78
N ILE FB 143 -82.51 45.42 132.87
CA ILE FB 143 -82.68 44.49 131.77
C ILE FB 143 -81.70 43.34 131.94
N GLN FB 144 -82.18 42.12 131.70
CA GLN FB 144 -81.34 40.92 131.73
C GLN FB 144 -81.33 40.29 130.35
N LEU FB 145 -80.13 40.08 129.81
CA LEU FB 145 -79.94 39.50 128.48
C LEU FB 145 -78.85 38.43 128.55
N LYS FB 146 -79.23 37.18 128.29
CA LYS FB 146 -78.24 36.11 128.17
C LYS FB 146 -77.80 35.95 126.71
N VAL FB 147 -76.63 35.31 126.55
CA VAL FB 147 -75.98 35.16 125.26
C VAL FB 147 -76.00 33.68 124.89
N GLU FB 148 -76.35 33.39 123.63
CA GLU FB 148 -76.37 32.02 123.15
C GLU FB 148 -75.41 31.91 121.97
N ALA FB 149 -74.57 30.89 121.99
CA ALA FB 149 -73.49 30.75 121.02
C ALA FB 149 -73.62 29.45 120.23
N TYR FB 150 -73.39 29.53 118.93
CA TYR FB 150 -73.23 28.38 118.05
C TYR FB 150 -71.93 28.54 117.29
N TYR FB 151 -71.19 27.43 117.14
CA TYR FB 151 -69.82 27.55 116.65
C TYR FB 151 -69.38 26.26 115.97
N GLU FB 152 -68.34 26.40 115.15
CA GLU FB 152 -67.58 25.27 114.62
C GLU FB 152 -66.12 25.68 114.57
N ALA FB 153 -65.25 24.89 115.21
CA ALA FB 153 -63.85 25.23 115.32
C ALA FB 153 -63.08 24.80 114.08
N LYS FB 154 -61.97 25.48 113.82
CA LYS FB 154 -61.11 25.13 112.70
C LYS FB 154 -60.43 23.79 112.95
N GLU FB 155 -60.10 23.10 111.85
CA GLU FB 155 -59.52 21.77 111.92
C GLU FB 155 -58.05 21.85 112.33
N GLY FB 156 -57.70 21.17 113.43
CA GLY FB 156 -56.32 21.07 113.83
C GLY FB 156 -55.72 22.31 114.44
N MET FB 157 -56.52 23.23 114.97
CA MET FB 157 -56.03 24.46 115.56
C MET FB 157 -56.15 24.38 117.08
N LEU FB 158 -55.05 24.64 117.78
CA LEU FB 158 -55.01 24.59 119.23
C LEU FB 158 -54.62 25.95 119.78
N PHE FB 159 -55.29 26.38 120.83
CA PHE FB 159 -55.07 27.70 121.41
C PHE FB 159 -55.70 27.73 122.80
N ASP FB 160 -55.41 28.82 123.52
CA ASP FB 160 -55.98 29.03 124.84
C ASP FB 160 -55.92 30.52 125.17
N SER FB 161 -56.77 30.94 126.10
CA SER FB 161 -56.82 32.31 126.59
C SER FB 161 -57.09 33.29 125.45
N LEU FB 162 -58.22 33.10 124.76
CA LEU FB 162 -58.63 33.97 123.68
C LEU FB 162 -59.90 34.72 124.08
N PRO FB 163 -59.88 36.04 124.12
CA PRO FB 163 -61.06 36.79 124.58
C PRO FB 163 -62.04 37.11 123.47
N VAL FB 164 -63.30 37.24 123.86
CA VAL FB 164 -64.39 37.67 122.98
C VAL FB 164 -64.98 38.94 123.58
N ILE FB 165 -65.09 39.98 122.77
CA ILE FB 165 -65.43 41.33 123.24
C ILE FB 165 -66.70 41.81 122.52
N LEU FB 166 -67.62 42.38 123.27
CA LEU FB 166 -68.82 43.01 122.74
C LEU FB 166 -68.87 44.47 123.19
N ASN FB 167 -69.42 45.32 122.33
CA ASN FB 167 -69.47 46.75 122.57
C ASN FB 167 -70.90 47.25 122.46
N PHE FB 168 -71.22 48.28 123.25
CA PHE FB 168 -72.56 48.89 123.27
C PHE FB 168 -72.45 50.38 123.01
N GLN FB 169 -73.39 50.90 122.23
CA GLN FB 169 -73.47 52.33 121.95
C GLN FB 169 -74.92 52.76 121.93
N VAL FB 170 -75.19 53.91 122.56
CA VAL FB 170 -76.54 54.46 122.66
C VAL FB 170 -76.78 55.39 121.48
N LEU FB 171 -77.88 55.17 120.77
CA LEU FB 171 -78.26 56.01 119.63
C LEU FB 171 -79.33 57.03 119.97
N SER FB 172 -80.30 56.67 120.80
CA SER FB 172 -81.37 57.59 121.18
C SER FB 172 -82.03 57.07 122.44
N VAL FB 173 -82.42 58.00 123.31
CA VAL FB 173 -83.12 57.68 124.55
C VAL FB 173 -84.28 58.65 124.72
N SER FB 174 -85.36 58.17 125.32
CA SER FB 174 -86.54 59.00 125.56
C SER FB 174 -87.28 58.55 126.81
N THR GB 26 -69.05 126.62 146.46
CA THR GB 26 -69.75 126.26 145.24
C THR GB 26 -68.97 125.18 144.48
N THR GB 27 -69.22 123.92 144.81
CA THR GB 27 -68.53 122.79 144.21
C THR GB 27 -69.53 121.87 143.54
N GLN GB 28 -69.23 121.45 142.32
CA GLN GB 28 -70.08 120.55 141.56
C GLN GB 28 -69.48 119.15 141.60
N SER GB 29 -70.28 118.17 142.04
CA SER GB 29 -69.75 116.82 142.21
C SER GB 29 -70.27 115.89 141.12
N PRO GB 30 -69.45 114.95 140.65
CA PRO GB 30 -69.92 113.98 139.64
C PRO GB 30 -70.70 112.81 140.22
N LEU GB 31 -70.57 112.55 141.52
CA LEU GB 31 -71.38 111.53 142.21
C LEU GB 31 -71.12 110.14 141.66
N ASN GB 32 -69.85 109.78 141.49
CA ASN GB 32 -69.50 108.44 141.02
C ASN GB 32 -68.28 107.88 141.75
N SER GB 33 -67.97 108.39 142.94
CA SER GB 33 -66.80 107.96 143.69
C SER GB 33 -67.17 106.89 144.73
N PHE GB 34 -67.65 105.75 144.23
CA PHE GB 34 -68.01 104.63 145.09
C PHE GB 34 -67.53 103.33 144.44
N TYR GB 35 -66.93 102.45 145.24
CA TYR GB 35 -66.36 101.22 144.72
C TYR GB 35 -66.50 100.10 145.73
N ALA GB 36 -66.42 98.86 145.24
CA ALA GB 36 -66.40 97.66 146.06
C ALA GB 36 -65.55 96.62 145.33
N THR GB 37 -64.80 95.83 146.10
CA THR GB 37 -63.77 94.97 145.52
C THR GB 37 -63.87 93.55 146.09
N GLY GB 38 -63.67 92.56 145.21
CA GLY GB 38 -63.54 91.17 145.61
C GLY GB 38 -62.31 90.53 144.99
N THR GB 39 -62.17 89.21 145.15
CA THR GB 39 -60.99 88.50 144.65
C THR GB 39 -61.39 87.11 144.16
N ALA GB 40 -60.53 86.53 143.35
CA ALA GB 40 -60.71 85.18 142.85
C ALA GB 40 -59.35 84.57 142.54
N GLN GB 41 -59.32 83.23 142.47
CA GLN GB 41 -58.06 82.53 142.22
C GLN GB 41 -58.35 81.11 141.75
N ALA GB 42 -57.32 80.49 141.18
CA ALA GB 42 -57.37 79.08 140.79
C ALA GB 42 -55.92 78.59 140.69
N VAL GB 43 -55.52 77.74 141.64
CA VAL GB 43 -54.11 77.42 141.80
C VAL GB 43 -53.85 75.91 141.81
N GLN GB 44 -54.70 75.11 141.17
CA GLN GB 44 -54.45 73.68 141.11
C GLN GB 44 -55.15 73.08 139.89
N GLU GB 45 -54.58 71.96 139.41
CA GLU GB 45 -55.12 71.23 138.28
C GLU GB 45 -56.31 70.37 138.70
N PRO GB 46 -57.22 70.07 137.77
CA PRO GB 46 -58.45 69.36 138.15
C PRO GB 46 -58.24 68.00 138.80
N ILE GB 47 -57.26 67.23 138.32
CA ILE GB 47 -57.10 65.85 138.76
C ILE GB 47 -55.66 65.59 139.18
N ASP GB 48 -55.48 64.52 139.96
CA ASP GB 48 -54.16 64.02 140.33
C ASP GB 48 -54.18 62.51 140.12
N VAL GB 49 -53.07 61.97 139.60
CA VAL GB 49 -53.00 60.57 139.20
C VAL GB 49 -51.84 59.89 139.90
N GLU GB 50 -52.09 58.72 140.48
CA GLU GB 50 -51.07 57.93 141.16
C GLU GB 50 -51.16 56.50 140.67
N SER GB 51 -49.99 55.86 140.51
CA SER GB 51 -49.89 54.55 139.88
C SER GB 51 -49.49 53.49 140.91
N HIS GB 52 -50.07 52.29 140.75
CA HIS GB 52 -49.74 51.13 141.59
C HIS GB 52 -49.65 49.87 140.75
N LEU GB 53 -48.99 49.95 139.60
CA LEU GB 53 -48.81 48.79 138.72
C LEU GB 53 -47.55 48.06 139.16
N ASP GB 54 -47.74 47.04 140.01
CA ASP GB 54 -46.63 46.31 140.62
C ASP GB 54 -46.71 44.82 140.31
N ASN GB 55 -47.00 44.45 139.07
CA ASN GB 55 -46.94 43.07 138.62
C ASN GB 55 -46.22 43.02 137.28
N THR GB 56 -45.57 41.88 137.03
CA THR GB 56 -44.72 41.71 135.86
C THR GB 56 -45.28 40.63 134.97
N ILE GB 57 -45.39 40.93 133.67
CA ILE GB 57 -45.74 39.94 132.67
C ILE GB 57 -44.49 39.10 132.40
N ALA GB 58 -44.45 37.88 132.94
CA ALA GB 58 -43.27 37.03 132.85
C ALA GB 58 -43.65 35.65 132.34
N PRO GB 59 -43.93 35.53 131.04
CA PRO GB 59 -44.15 34.22 130.43
C PRO GB 59 -42.86 33.65 129.86
N ALA GB 60 -42.95 32.41 129.39
CA ALA GB 60 -41.86 31.81 128.65
C ALA GB 60 -41.87 32.34 127.21
N ALA GB 61 -40.78 32.07 126.49
CA ALA GB 61 -40.65 32.54 125.12
C ALA GB 61 -41.66 31.86 124.22
N GLY GB 62 -42.47 32.66 123.51
CA GLY GB 62 -43.43 32.13 122.58
C GLY GB 62 -44.73 31.63 123.18
N ALA GB 63 -44.96 31.87 124.47
CA ALA GB 63 -46.13 31.35 125.15
C ALA GB 63 -47.31 32.31 125.04
N GLN GB 64 -48.52 31.76 125.19
CA GLN GB 64 -49.76 32.51 125.22
C GLN GB 64 -50.27 32.54 126.65
N GLY GB 65 -50.58 33.74 127.16
CA GLY GB 65 -50.84 33.87 128.58
C GLY GB 65 -52.03 34.72 128.99
N TYR GB 66 -52.10 35.01 130.29
CA TYR GB 66 -53.22 35.70 130.91
C TYR GB 66 -52.76 36.27 132.25
N LYS GB 67 -52.79 37.58 132.42
CA LYS GB 67 -52.14 38.19 133.57
C LYS GB 67 -52.87 39.48 133.94
N ASP GB 68 -52.83 39.81 135.23
CA ASP GB 68 -53.29 41.09 135.75
C ASP GB 68 -52.10 41.88 136.26
N MET GB 69 -52.25 43.21 136.37
CA MET GB 69 -51.10 44.09 136.61
C MET GB 69 -51.20 44.87 137.92
N GLY GB 70 -52.31 45.55 138.16
CA GLY GB 70 -52.44 46.42 139.32
C GLY GB 70 -53.61 47.37 139.11
N TYR GB 71 -53.54 48.52 139.78
CA TYR GB 71 -54.60 49.50 139.69
C TYR GB 71 -54.02 50.91 139.76
N VAL GB 72 -54.80 51.89 139.30
CA VAL GB 72 -54.40 53.28 139.23
C VAL GB 72 -55.44 54.13 139.94
N LYS GB 73 -54.98 55.13 140.70
CA LYS GB 73 -55.85 56.00 141.47
C LYS GB 73 -55.93 57.37 140.83
N ILE GB 74 -57.15 57.93 140.79
CA ILE GB 74 -57.42 59.26 140.25
C ILE GB 74 -58.10 60.08 141.34
N ILE GB 75 -57.66 61.31 141.54
CA ILE GB 75 -58.18 62.19 142.58
C ILE GB 75 -58.77 63.42 141.92
N ASN GB 76 -59.99 63.79 142.33
CA ASN GB 76 -60.73 64.91 141.76
C ASN GB 76 -60.98 65.98 142.82
N TYR GB 77 -60.92 67.24 142.39
CA TYR GB 77 -60.78 68.39 143.27
C TYR GB 77 -62.01 69.31 143.17
N THR GB 78 -61.89 70.48 143.79
CA THR GB 78 -63.03 71.34 144.08
C THR GB 78 -63.83 71.68 142.83
N ASP GB 79 -65.16 71.59 142.96
CA ASP GB 79 -66.12 71.98 141.93
C ASP GB 79 -65.97 71.16 140.65
N VAL GB 80 -65.49 69.92 140.76
CA VAL GB 80 -65.35 69.01 139.63
C VAL GB 80 -66.39 67.91 139.78
N ASN GB 81 -67.13 67.64 138.71
CA ASN GB 81 -68.15 66.60 138.73
C ASN GB 81 -67.97 65.55 137.63
N VAL GB 82 -67.58 65.96 136.44
CA VAL GB 82 -67.43 65.06 135.30
C VAL GB 82 -66.10 65.33 134.62
N VAL GB 83 -65.36 64.28 134.29
CA VAL GB 83 -64.05 64.38 133.67
C VAL GB 83 -64.03 63.52 132.41
N LYS GB 84 -63.50 64.10 131.33
CA LYS GB 84 -63.29 63.38 130.08
C LYS GB 84 -61.79 63.15 129.89
N LEU GB 85 -61.42 61.90 129.64
CA LEU GB 85 -60.01 61.50 129.62
C LEU GB 85 -59.68 60.78 128.32
N LYS GB 86 -58.41 60.85 127.94
CA LYS GB 86 -57.87 60.10 126.81
C LYS GB 86 -56.65 59.32 127.27
N VAL GB 87 -56.66 58.01 127.01
CA VAL GB 87 -55.59 57.11 127.45
C VAL GB 87 -54.95 56.49 126.23
N THR GB 88 -53.62 56.47 126.19
CA THR GB 88 -52.87 55.96 125.06
C THR GB 88 -51.64 55.20 125.54
N LEU GB 89 -51.11 54.37 124.65
CA LEU GB 89 -49.87 53.64 124.90
C LEU GB 89 -48.72 54.47 124.33
N ALA GB 90 -47.84 54.95 125.22
CA ALA GB 90 -46.80 55.88 124.81
C ALA GB 90 -45.68 55.19 124.03
N ASN GB 91 -45.33 53.96 124.41
CA ASN GB 91 -44.19 53.29 123.81
C ASN GB 91 -44.61 52.03 123.04
N ALA GB 92 -45.69 52.15 122.26
CA ALA GB 92 -46.17 51.00 121.48
C ALA GB 92 -45.16 50.59 120.42
N ALA GB 93 -44.45 51.56 119.84
CA ALA GB 93 -43.48 51.25 118.79
C ALA GB 93 -42.34 50.38 119.32
N GLN GB 94 -41.88 50.66 120.55
CA GLN GB 94 -40.80 49.88 121.14
C GLN GB 94 -41.23 48.45 121.43
N LEU GB 95 -42.49 48.25 121.81
CA LEU GB 95 -42.99 46.93 122.18
C LEU GB 95 -43.35 46.05 120.98
N ARG GB 96 -43.39 46.61 119.77
CA ARG GB 96 -43.78 45.82 118.61
C ARG GB 96 -42.86 44.63 118.33
N PRO GB 97 -41.53 44.77 118.32
CA PRO GB 97 -40.69 43.60 118.00
C PRO GB 97 -40.76 42.48 119.02
N TYR GB 98 -41.33 42.72 120.20
CA TYR GB 98 -41.33 41.72 121.27
C TYR GB 98 -42.63 40.95 121.38
N PHE GB 99 -43.71 41.37 120.72
CA PHE GB 99 -45.01 40.77 120.89
C PHE GB 99 -45.71 40.61 119.54
N LYS GB 100 -46.43 39.49 119.39
CA LYS GB 100 -47.35 39.37 118.27
C LYS GB 100 -48.62 40.19 118.51
N TYR GB 101 -49.14 40.18 119.74
CA TYR GB 101 -50.27 41.02 120.10
C TYR GB 101 -50.25 41.24 121.61
N LEU GB 102 -50.87 42.34 122.03
CA LEU GB 102 -50.95 42.69 123.45
C LEU GB 102 -52.16 43.60 123.64
N GLN GB 103 -53.06 43.20 124.52
CA GLN GB 103 -54.31 43.92 124.75
C GLN GB 103 -54.44 44.24 126.24
N LEU GB 104 -54.87 45.47 126.52
CA LEU GB 104 -55.08 45.94 127.88
C LEU GB 104 -56.56 46.28 128.08
N VAL GB 105 -57.11 45.81 129.19
CA VAL GB 105 -58.52 46.01 129.53
C VAL GB 105 -58.61 46.84 130.80
N LEU GB 106 -59.35 47.94 130.74
CA LEU GB 106 -59.52 48.85 131.87
C LEU GB 106 -60.96 48.77 132.36
N THR GB 107 -61.14 48.57 133.66
CA THR GB 107 -62.47 48.46 134.26
C THR GB 107 -62.58 49.39 135.47
N SER GB 108 -63.72 50.05 135.60
CA SER GB 108 -64.00 50.88 136.76
C SER GB 108 -64.72 50.03 137.80
N ASN GB 109 -64.24 50.10 139.05
CA ASN GB 109 -64.66 49.21 140.13
C ASN GB 109 -64.93 49.99 141.42
N ALA GB 110 -64.49 51.25 141.48
CA ALA GB 110 -64.50 52.01 142.74
C ALA GB 110 -65.88 52.01 143.39
N SER GB 111 -66.94 51.91 142.61
CA SER GB 111 -68.28 51.65 143.12
C SER GB 111 -68.49 50.14 143.23
N SER GB 112 -68.74 49.67 144.46
CA SER GB 112 -68.92 48.24 144.68
C SER GB 112 -70.17 47.71 143.99
N THR GB 113 -71.10 48.58 143.61
CA THR GB 113 -72.33 48.14 142.95
C THR GB 113 -72.22 48.16 141.42
N VAL GB 114 -71.40 49.05 140.87
CA VAL GB 114 -71.30 49.24 139.42
C VAL GB 114 -69.86 48.96 139.00
N GLU GB 115 -69.61 47.76 138.46
CA GLU GB 115 -68.37 47.44 137.79
C GLU GB 115 -68.57 47.61 136.29
N GLU GB 116 -67.68 48.36 135.65
CA GLU GB 116 -67.78 48.60 134.22
C GLU GB 116 -66.40 48.60 133.56
N THR GB 117 -66.29 47.88 132.45
CA THR GB 117 -65.13 47.99 131.57
C THR GB 117 -65.30 49.18 130.64
N LYS GB 118 -64.29 50.04 130.59
CA LYS GB 118 -64.40 51.31 129.87
C LYS GB 118 -63.69 51.32 128.53
N ALA GB 119 -62.52 50.71 128.42
CA ALA GB 119 -61.78 50.76 127.17
C ALA GB 119 -60.90 49.52 127.03
N VAL GB 120 -60.54 49.22 125.79
CA VAL GB 120 -59.60 48.16 125.46
C VAL GB 120 -58.52 48.75 124.57
N LEU GB 121 -57.26 48.58 124.97
CA LEU GB 121 -56.13 49.12 124.24
C LEU GB 121 -55.33 47.99 123.61
N SER GB 122 -54.72 48.26 122.46
CA SER GB 122 -53.95 47.27 121.74
C SER GB 122 -52.81 47.97 121.01
N LEU GB 123 -51.90 47.16 120.47
CA LEU GB 123 -50.76 47.70 119.75
C LEU GB 123 -51.15 48.30 118.40
N LYS GB 124 -52.30 47.89 117.86
CA LYS GB 124 -52.78 48.45 116.58
C LYS GB 124 -53.66 49.67 116.77
N LYS GB 125 -54.40 49.73 117.88
CA LYS GB 125 -55.25 50.88 118.20
C LYS GB 125 -54.92 51.31 119.62
N PRO GB 126 -53.88 52.14 119.80
CA PRO GB 126 -53.36 52.41 121.14
C PRO GB 126 -54.16 53.41 121.97
N SER GB 127 -55.08 54.16 121.36
CA SER GB 127 -55.75 55.26 122.04
C SER GB 127 -57.23 54.98 122.21
N ALA GB 128 -57.79 55.53 123.30
CA ALA GB 128 -59.20 55.40 123.59
C ALA GB 128 -59.65 56.59 124.44
N VAL GB 129 -60.95 56.85 124.44
CA VAL GB 129 -61.56 57.94 125.18
C VAL GB 129 -62.62 57.36 126.11
N ILE GB 130 -62.57 57.73 127.38
CA ILE GB 130 -63.49 57.22 128.40
C ILE GB 130 -64.16 58.38 129.12
N ILE GB 131 -65.25 58.06 129.80
CA ILE GB 131 -66.05 59.04 130.52
C ILE GB 131 -66.22 58.57 131.97
N LEU GB 132 -65.96 59.46 132.91
CA LEU GB 132 -66.18 59.22 134.33
C LEU GB 132 -67.25 60.17 134.83
N ASP GB 133 -68.26 59.63 135.50
CA ASP GB 133 -69.41 60.43 135.94
C ASP GB 133 -69.72 60.25 137.42
N ASN GB 134 -70.88 60.75 137.85
CA ASN GB 134 -71.25 60.74 139.26
C ASN GB 134 -71.24 59.33 139.85
N ASP GB 135 -71.61 58.32 139.06
CA ASP GB 135 -71.65 56.96 139.58
C ASP GB 135 -70.26 56.42 139.87
N ASP GB 136 -69.25 56.80 139.08
CA ASP GB 136 -67.91 56.27 139.26
C ASP GB 136 -67.26 56.81 140.52
N TYR GB 137 -67.49 58.09 140.83
CA TYR GB 137 -66.82 58.76 141.93
C TYR GB 137 -67.32 58.28 143.29
N SER GB 138 -67.00 57.03 143.64
CA SER GB 138 -67.31 56.51 144.97
C SER GB 138 -66.32 57.09 145.99
N SER GB 139 -66.77 57.14 147.24
CA SER GB 139 -66.11 57.89 148.32
C SER GB 139 -65.98 59.37 147.99
N THR GB 140 -66.61 59.83 146.91
CA THR GB 140 -66.72 61.22 146.49
C THR GB 140 -65.39 61.84 146.08
N ASN GB 141 -64.29 61.08 146.16
CA ASN GB 141 -62.98 61.69 145.96
C ASN GB 141 -62.00 60.90 145.08
N LYS GB 142 -62.29 59.66 144.69
CA LYS GB 142 -61.28 58.90 143.98
C LYS GB 142 -61.90 57.88 143.04
N ILE GB 143 -61.12 57.53 142.01
CA ILE GB 143 -61.43 56.49 141.03
C ILE GB 143 -60.37 55.40 141.13
N GLN GB 144 -60.82 54.14 141.08
CA GLN GB 144 -59.92 52.99 141.07
C GLN GB 144 -60.12 52.22 139.77
N LEU GB 145 -59.03 52.00 139.04
CA LEU GB 145 -59.05 51.31 137.76
C LEU GB 145 -57.91 50.30 137.72
N LYS GB 146 -58.26 49.02 137.64
CA LYS GB 146 -57.25 47.98 137.43
C LYS GB 146 -57.06 47.70 135.95
N VAL GB 147 -55.91 47.10 135.62
CA VAL GB 147 -55.49 46.84 134.26
C VAL GB 147 -55.50 45.33 134.02
N GLU GB 148 -56.05 44.91 132.89
CA GLU GB 148 -56.08 43.51 132.53
C GLU GB 148 -55.35 43.32 131.21
N ALA GB 149 -54.45 42.34 131.16
CA ALA GB 149 -53.56 42.15 130.03
C ALA GB 149 -53.76 40.77 129.40
N TYR GB 150 -53.77 40.74 128.07
CA TYR GB 150 -53.71 39.51 127.29
C TYR GB 150 -52.58 39.64 126.29
N TYR GB 151 -51.81 38.57 126.10
CA TYR GB 151 -50.57 38.69 125.35
C TYR GB 151 -50.18 37.36 124.72
N GLU GB 152 -49.32 37.45 123.72
CA GLU GB 152 -48.60 36.30 123.17
C GLU GB 152 -47.19 36.76 122.81
N ALA GB 153 -46.19 36.09 123.35
CA ALA GB 153 -44.80 36.49 123.17
C ALA GB 153 -44.25 35.96 121.85
N LYS GB 154 -43.25 36.66 121.33
CA LYS GB 154 -42.58 36.23 120.10
C LYS GB 154 -41.79 34.95 120.33
N GLU GB 155 -41.63 34.18 119.27
CA GLU GB 155 -40.97 32.89 119.34
C GLU GB 155 -39.46 33.06 119.47
N GLY GB 156 -38.89 32.51 120.53
CA GLY GB 156 -37.45 32.49 120.69
C GLY GB 156 -36.80 33.81 121.06
N MET GB 157 -37.56 34.74 121.65
CA MET GB 157 -37.04 36.04 122.02
C MET GB 157 -36.88 36.10 123.53
N LEU GB 158 -35.69 36.47 124.00
CA LEU GB 158 -35.39 36.57 125.42
C LEU GB 158 -34.98 37.99 125.76
N PHE GB 159 -35.48 38.50 126.88
CA PHE GB 159 -35.24 39.88 127.29
C PHE GB 159 -35.60 40.02 128.76
N ASP GB 160 -35.25 41.18 129.33
CA ASP GB 160 -35.59 41.49 130.70
C ASP GB 160 -35.55 43.01 130.88
N SER GB 161 -36.25 43.48 131.91
CA SER GB 161 -36.28 44.90 132.28
C SER GB 161 -36.81 45.75 131.12
N LEU GB 162 -38.03 45.44 130.68
CA LEU GB 162 -38.68 46.19 129.62
C LEU GB 162 -39.89 46.92 130.17
N PRO GB 163 -39.94 48.25 130.10
CA PRO GB 163 -41.05 48.98 130.70
C PRO GB 163 -42.25 49.16 129.75
N VAL GB 164 -43.42 49.28 130.36
CA VAL GB 164 -44.66 49.58 129.67
C VAL GB 164 -45.21 50.88 130.25
N ILE GB 165 -45.53 51.83 129.38
CA ILE GB 165 -45.85 53.19 129.79
C ILE GB 165 -47.24 53.55 129.27
N LEU GB 166 -48.05 54.16 130.14
CA LEU GB 166 -49.37 54.68 129.79
C LEU GB 166 -49.41 56.18 130.10
N ASN GB 167 -50.15 56.93 129.28
CA ASN GB 167 -50.24 58.37 129.40
C ASN GB 167 -51.70 58.80 129.52
N PHE GB 168 -51.93 59.88 130.26
CA PHE GB 168 -53.26 60.43 130.47
C PHE GB 168 -53.29 61.90 130.06
N GLN GB 169 -54.39 62.31 129.42
CA GLN GB 169 -54.59 63.70 129.04
C GLN GB 169 -56.05 64.07 129.25
N VAL GB 170 -56.26 65.26 129.82
CA VAL GB 170 -57.60 65.76 130.11
C VAL GB 170 -58.11 66.57 128.93
N LEU GB 171 -59.30 66.24 128.45
CA LEU GB 171 -59.92 66.94 127.33
C LEU GB 171 -60.97 67.95 127.76
N SER GB 172 -61.75 67.64 128.79
CA SER GB 172 -62.79 68.54 129.28
C SER GB 172 -63.18 68.12 130.68
N VAL GB 173 -63.46 69.12 131.52
CA VAL GB 173 -63.91 68.88 132.89
C VAL GB 173 -65.06 69.83 133.19
N SER GB 174 -66.00 69.37 134.01
CA SER GB 174 -67.16 70.17 134.40
C SER GB 174 -67.63 69.81 135.79
N THR HB 26 -50.03 140.13 145.70
CA THR HB 26 -50.93 139.62 144.66
C THR HB 26 -50.23 138.51 143.87
N THR HB 27 -50.35 137.27 144.36
CA THR HB 27 -49.71 136.12 143.74
C THR HB 27 -50.77 135.10 143.35
N GLN HB 28 -50.67 134.58 142.13
CA GLN HB 28 -51.59 133.56 141.62
C GLN HB 28 -50.91 132.20 141.68
N SER HB 29 -51.56 131.24 142.34
CA SER HB 29 -50.94 129.93 142.52
C SER HB 29 -51.60 128.89 141.63
N PRO HB 30 -50.82 127.94 141.11
CA PRO HB 30 -51.41 126.87 140.29
C PRO HB 30 -52.00 125.73 141.10
N LEU HB 31 -51.62 125.60 142.38
CA LEU HB 31 -52.23 124.62 143.29
C LEU HB 31 -52.02 123.18 142.82
N ASN HB 32 -50.76 122.86 142.46
CA ASN HB 32 -50.43 121.51 142.05
C ASN HB 32 -49.07 121.05 142.58
N SER HB 33 -48.58 121.69 143.65
CA SER HB 33 -47.27 121.38 144.21
C SER HB 33 -47.39 120.41 145.38
N PHE HB 34 -47.88 119.21 145.09
CA PHE HB 34 -48.02 118.15 146.09
C PHE HB 34 -47.60 116.82 145.48
N TYR HB 35 -46.82 116.05 146.24
CA TYR HB 35 -46.28 114.80 145.72
C TYR HB 35 -46.17 113.78 146.85
N ALA HB 36 -46.12 112.51 146.45
CA ALA HB 36 -45.87 111.39 147.36
C ALA HB 36 -45.11 110.32 146.58
N THR HB 37 -44.19 109.64 147.26
CA THR HB 37 -43.24 108.76 146.58
C THR HB 37 -43.14 107.41 147.28
N GLY HB 38 -43.06 106.35 146.47
CA GLY HB 38 -42.78 105.01 146.96
C GLY HB 38 -41.65 104.35 146.20
N THR HB 39 -41.40 103.07 146.44
CA THR HB 39 -40.30 102.36 145.79
C THR HB 39 -40.70 100.92 145.52
N ALA HB 40 -39.96 100.29 144.60
CA ALA HB 40 -40.17 98.88 144.27
C ALA HB 40 -38.85 98.31 143.76
N GLN HB 41 -38.75 96.98 143.81
CA GLN HB 41 -37.52 96.30 143.40
C GLN HB 41 -37.81 94.84 143.12
N ALA HB 42 -36.86 94.20 142.42
CA ALA HB 42 -36.91 92.76 142.17
C ALA HB 42 -35.47 92.32 141.86
N VAL HB 43 -34.85 91.58 142.78
CA VAL HB 43 -33.42 91.33 142.70
C VAL HB 43 -33.09 89.84 142.81
N GLN HB 44 -34.00 88.95 142.40
CA GLN HB 44 -33.68 87.53 142.42
C GLN HB 44 -34.54 86.79 141.40
N GLU HB 45 -34.01 85.66 140.94
CA GLU HB 45 -34.70 84.79 139.98
C GLU HB 45 -35.75 83.93 140.69
N PRO HB 46 -36.80 83.51 139.97
CA PRO HB 46 -37.90 82.79 140.64
C PRO HB 46 -37.49 81.52 141.35
N ILE HB 47 -36.57 80.73 140.77
CA ILE HB 47 -36.25 79.42 141.30
C ILE HB 47 -34.75 79.25 141.46
N ASP HB 48 -34.37 78.28 142.29
CA ASP HB 48 -32.99 77.86 142.46
C ASP HB 48 -32.96 76.34 142.38
N VAL HB 49 -31.93 75.80 141.72
CA VAL HB 49 -31.86 74.36 141.44
C VAL HB 49 -30.55 73.81 141.97
N GLU HB 50 -30.63 72.69 142.69
CA GLU HB 50 -29.46 72.01 143.23
C GLU HB 50 -29.54 70.52 142.90
N SER HB 51 -28.41 69.93 142.58
CA SER HB 51 -28.34 68.57 142.07
C SER HB 51 -27.70 67.62 143.08
N HIS HB 52 -28.22 66.39 143.15
CA HIS HB 52 -27.69 65.34 144.01
C HIS HB 52 -27.68 64.01 143.28
N LEU HB 53 -27.24 64.00 142.02
CA LEU HB 53 -27.16 62.77 141.23
C LEU HB 53 -25.81 62.12 141.49
N ASP HB 54 -25.78 61.20 142.44
CA ASP HB 54 -24.54 60.58 142.90
C ASP HB 54 -24.59 59.05 142.76
N ASN HB 55 -25.08 58.56 141.62
CA ASN HB 55 -25.03 57.15 141.29
C ASN HB 55 -24.55 56.99 139.85
N THR HB 56 -23.90 55.87 139.58
CA THR HB 56 -23.26 55.62 138.30
C THR HB 56 -23.92 54.43 137.62
N ILE HB 57 -24.28 54.60 136.35
CA ILE HB 57 -24.74 53.49 135.52
C ILE HB 57 -23.51 52.69 135.09
N ALA HB 58 -23.31 51.54 135.72
CA ALA HB 58 -22.12 50.73 135.51
C ALA HB 58 -22.51 49.29 135.19
N PRO HB 59 -23.00 49.03 133.98
CA PRO HB 59 -23.26 47.66 133.54
C PRO HB 59 -22.06 47.09 132.79
N ALA HB 60 -22.17 45.81 132.46
CA ALA HB 60 -21.20 45.19 131.57
C ALA HB 60 -21.49 45.57 130.13
N ALA HB 61 -20.54 45.27 129.25
CA ALA HB 61 -20.67 45.62 127.84
C ALA HB 61 -21.79 44.82 127.20
N GLY HB 62 -22.75 45.51 126.59
CA GLY HB 62 -23.84 44.86 125.90
C GLY HB 62 -24.98 44.36 126.78
N ALA HB 63 -24.99 44.72 128.05
CA ALA HB 63 -25.99 44.23 128.99
C ALA HB 63 -27.23 45.12 129.01
N GLN HB 64 -28.35 44.53 129.43
CA GLN HB 64 -29.60 45.24 129.62
C GLN HB 64 -29.84 45.39 131.11
N GLY HB 65 -30.13 46.62 131.56
CA GLY HB 65 -30.14 46.87 132.99
C GLY HB 65 -31.27 47.71 133.53
N TYR HB 66 -31.13 48.11 134.80
CA TYR HB 66 -32.16 48.82 135.55
C TYR HB 66 -31.50 49.53 136.73
N LYS HB 67 -31.57 50.86 136.77
CA LYS HB 67 -30.77 51.60 137.74
C LYS HB 67 -31.48 52.89 138.11
N ASP HB 68 -31.23 53.35 139.34
CA ASP HB 68 -31.67 54.65 139.82
C ASP HB 68 -30.44 55.54 140.04
N MET HB 69 -30.64 56.85 140.04
CA MET HB 69 -29.53 57.80 139.99
C MET HB 69 -29.44 58.69 141.23
N GLY HB 70 -30.53 59.35 141.61
CA GLY HB 70 -30.49 60.33 142.68
C GLY HB 70 -31.72 61.21 142.62
N TYR HB 71 -31.59 62.42 143.17
CA TYR HB 71 -32.72 63.34 143.19
C TYR HB 71 -32.21 64.77 143.02
N VAL HB 72 -33.13 65.67 142.64
CA VAL HB 72 -32.81 67.06 142.36
C VAL HB 72 -33.76 67.94 143.17
N LYS HB 73 -33.22 69.01 143.75
CA LYS HB 73 -33.98 69.94 144.58
C LYS HB 73 -34.26 71.23 143.85
N ILE HB 74 -35.49 71.72 143.98
CA ILE HB 74 -35.93 72.99 143.39
C ILE HB 74 -36.45 73.88 144.50
N ILE HB 75 -36.04 75.14 144.51
CA ILE HB 75 -36.42 76.09 145.56
C ILE HB 75 -37.19 77.24 144.91
N ASN HB 76 -38.33 77.59 145.50
CA ASN HB 76 -39.23 78.63 144.98
C ASN HB 76 -39.35 79.78 145.97
N TYR HB 77 -39.42 80.99 145.42
CA TYR HB 77 -39.20 82.24 146.16
C TYR HB 77 -40.48 83.09 146.21
N THR HB 78 -40.32 84.32 146.69
CA THR HB 78 -41.44 85.16 147.12
C THR HB 78 -42.47 85.34 146.01
N ASP HB 79 -43.74 85.21 146.38
CA ASP HB 79 -44.89 85.46 145.51
C ASP HB 79 -44.94 84.53 144.31
N VAL HB 80 -44.38 83.33 144.44
CA VAL HB 80 -44.38 82.32 143.39
C VAL HB 80 -45.31 81.19 143.82
N ASN HB 81 -46.22 80.79 142.93
CA ASN HB 81 -47.15 79.72 143.23
C ASN HB 81 -47.11 78.58 142.22
N VAL HB 82 -46.97 78.89 140.94
CA VAL HB 82 -46.97 77.88 139.88
C VAL HB 82 -45.81 78.15 138.94
N VAL HB 83 -45.09 77.09 138.58
CA VAL HB 83 -43.91 77.19 137.73
C VAL HB 83 -44.07 76.21 136.56
N LYS HB 84 -43.78 76.69 135.35
CA LYS HB 84 -43.75 75.87 134.15
C LYS HB 84 -42.31 75.69 133.72
N LEU HB 85 -41.90 74.43 133.51
CA LEU HB 85 -40.51 74.10 133.25
C LEU HB 85 -40.38 73.26 132.00
N LYS HB 86 -39.21 73.34 131.39
CA LYS HB 86 -38.84 72.51 130.25
C LYS HB 86 -37.52 71.83 130.55
N VAL HB 87 -37.49 70.50 130.40
CA VAL HB 87 -36.32 69.69 130.72
C VAL HB 87 -35.87 68.97 129.45
N THR HB 88 -34.57 69.01 129.18
CA THR HB 88 -34.01 68.42 127.97
C THR HB 88 -32.68 67.76 128.29
N LEU HB 89 -32.26 66.87 127.40
CA LEU HB 89 -30.96 66.21 127.47
C LEU HB 89 -29.98 67.03 126.63
N ALA HB 90 -28.99 67.62 127.30
CA ALA HB 90 -28.09 68.55 126.62
C ALA HB 90 -27.09 67.84 125.71
N ASN HB 91 -26.60 66.67 126.12
CA ASN HB 91 -25.55 65.97 125.38
C ASN HB 91 -26.04 64.65 124.82
N ALA HB 92 -27.24 64.63 124.24
CA ALA HB 92 -27.79 63.41 123.68
C ALA HB 92 -26.97 62.94 122.48
N ALA HB 93 -26.42 63.88 121.70
CA ALA HB 93 -25.64 63.50 120.53
C ALA HB 93 -24.38 62.74 120.91
N GLN HB 94 -23.73 63.15 122.00
CA GLN HB 94 -22.52 62.47 122.44
C GLN HB 94 -22.80 61.06 122.94
N LEU HB 95 -23.97 60.85 123.56
CA LEU HB 95 -24.30 59.54 124.13
C LEU HB 95 -24.82 58.55 123.11
N ARG HB 96 -25.13 58.98 121.88
CA ARG HB 96 -25.67 58.07 120.89
C ARG HB 96 -24.75 56.90 120.54
N PRO HB 97 -23.45 57.08 120.27
CA PRO HB 97 -22.62 55.92 119.90
C PRO HB 97 -22.43 54.91 121.02
N TYR HB 98 -22.80 55.24 122.25
CA TYR HB 98 -22.56 54.35 123.39
C TYR HB 98 -23.78 53.54 123.81
N PHE HB 99 -24.97 53.86 123.32
CA PHE HB 99 -26.19 53.22 123.78
C PHE HB 99 -27.10 52.91 122.60
N LYS HB 100 -27.77 51.75 122.68
CA LYS HB 100 -28.88 51.49 121.77
C LYS HB 100 -30.13 52.27 122.16
N TYR HB 101 -30.40 52.36 123.47
CA TYR HB 101 -31.50 53.18 123.96
C TYR HB 101 -31.22 53.54 125.41
N LEU HB 102 -31.82 54.66 125.84
CA LEU HB 102 -31.67 55.15 127.20
C LEU HB 102 -32.86 56.02 127.54
N GLN HB 103 -33.58 55.67 128.60
CA GLN HB 103 -34.79 56.37 128.99
C GLN HB 103 -34.68 56.82 130.44
N LEU HB 104 -35.12 58.05 130.69
CA LEU HB 104 -35.11 58.64 132.02
C LEU HB 104 -36.53 58.95 132.46
N VAL HB 105 -36.86 58.56 133.70
CA VAL HB 105 -38.20 58.73 134.26
C VAL HB 105 -38.10 59.68 135.46
N LEU HB 106 -38.90 60.74 135.43
CA LEU HB 106 -38.92 61.74 136.49
C LEU HB 106 -40.24 61.66 137.25
N THR HB 107 -40.16 61.58 138.57
CA THR HB 107 -41.36 61.48 139.41
C THR HB 107 -41.29 62.51 140.52
N SER HB 108 -42.43 63.14 140.82
CA SER HB 108 -42.55 64.07 141.93
C SER HB 108 -43.02 63.29 143.15
N ASN HB 109 -42.33 63.49 144.28
CA ASN HB 109 -42.51 62.70 145.49
C ASN HB 109 -42.58 63.58 146.73
N ALA HB 110 -42.21 64.87 146.60
CA ALA HB 110 -42.04 65.74 147.76
C ALA HB 110 -43.26 65.76 148.66
N SER HB 111 -44.45 65.53 148.09
CA SER HB 111 -45.65 65.27 148.87
C SER HB 111 -45.75 63.78 149.15
N SER HB 112 -45.76 63.41 150.44
CA SER HB 112 -45.81 62.01 150.81
C SER HB 112 -47.13 61.36 150.42
N THR HB 113 -48.17 62.15 150.15
CA THR HB 113 -49.47 61.61 149.75
C THR HB 113 -49.63 61.48 148.24
N VAL HB 114 -48.98 62.34 147.47
CA VAL HB 114 -49.15 62.39 146.02
C VAL HB 114 -47.80 62.14 145.36
N GLU HB 115 -47.58 60.90 144.90
CA GLU HB 115 -46.45 60.56 144.04
C GLU HB 115 -46.94 60.57 142.59
N GLU HB 116 -46.22 61.30 141.74
CA GLU HB 116 -46.59 61.39 140.33
C GLU HB 116 -45.36 61.38 139.44
N THR HB 117 -45.41 60.57 138.39
CA THR HB 117 -44.43 60.64 137.32
C THR HB 117 -44.84 61.73 136.33
N LYS HB 118 -43.90 62.63 136.01
CA LYS HB 118 -44.21 63.80 135.21
C LYS HB 118 -43.75 63.72 133.77
N ALA HB 119 -42.58 63.14 133.50
CA ALA HB 119 -42.08 63.10 132.13
C ALA HB 119 -41.18 61.89 131.96
N VAL HB 120 -41.03 61.49 130.69
CA VAL HB 120 -40.11 60.42 130.29
C VAL HB 120 -39.24 60.98 129.17
N LEU HB 121 -37.93 60.90 129.34
CA LEU HB 121 -36.97 61.40 128.37
C LEU HB 121 -36.22 60.25 127.72
N SER HB 122 -35.86 60.44 126.45
CA SER HB 122 -35.17 59.41 125.69
C SER HB 122 -34.23 60.08 124.70
N LEU HB 123 -33.38 59.26 124.07
CA LEU HB 123 -32.42 59.78 123.11
C LEU HB 123 -33.09 60.22 121.82
N LYS HB 124 -34.29 59.72 121.53
CA LYS HB 124 -35.01 60.13 120.32
C LYS HB 124 -35.92 61.33 120.55
N LYS HB 125 -36.46 61.47 121.78
CA LYS HB 125 -37.29 62.61 122.15
C LYS HB 125 -36.73 63.19 123.44
N PRO HB 126 -35.73 64.08 123.34
CA PRO HB 126 -34.99 64.50 124.55
C PRO HB 126 -35.69 65.54 125.40
N SER HB 127 -36.75 66.18 124.91
CA SER HB 127 -37.33 67.32 125.61
C SER HB 127 -38.74 67.00 126.09
N ALA HB 128 -39.13 67.63 127.19
CA ALA HB 128 -40.47 67.47 127.76
C ALA HB 128 -40.82 68.72 128.55
N VAL HB 129 -42.11 68.92 128.77
CA VAL HB 129 -42.63 70.06 129.52
C VAL HB 129 -43.48 69.53 130.67
N ILE HB 130 -43.22 70.02 131.88
CA ILE HB 130 -43.90 69.57 133.08
C ILE HB 130 -44.50 70.78 133.81
N ILE HB 131 -45.44 70.48 134.71
CA ILE HB 131 -46.15 71.49 135.48
C ILE HB 131 -46.02 71.16 136.96
N LEU HB 132 -45.64 72.15 137.76
CA LEU HB 132 -45.60 72.02 139.22
C LEU HB 132 -46.62 72.98 139.81
N ASP HB 133 -47.45 72.47 140.71
CA ASP HB 133 -48.55 73.27 141.28
C ASP HB 133 -48.58 73.22 142.80
N ASN HB 134 -49.67 73.71 143.39
CA ASN HB 134 -49.78 73.81 144.84
C ASN HB 134 -49.58 72.48 145.54
N ASP HB 135 -50.03 71.38 144.92
CA ASP HB 135 -49.89 70.07 145.56
C ASP HB 135 -48.45 69.62 145.64
N ASP HB 136 -47.63 69.97 144.65
CA ASP HB 136 -46.25 69.50 144.62
C ASP HB 136 -45.40 70.20 145.69
N TYR HB 137 -45.65 71.49 145.92
CA TYR HB 137 -44.82 72.28 146.82
C TYR HB 137 -45.06 71.92 148.28
N SER HB 138 -44.61 70.72 148.67
CA SER HB 138 -44.64 70.33 150.07
C SER HB 138 -43.53 71.04 150.84
N SER HB 139 -43.74 71.20 152.14
CA SER HB 139 -42.95 72.06 153.00
C SER HB 139 -42.95 73.51 152.53
N THR HB 140 -43.80 73.84 151.55
CA THR HB 140 -44.06 75.17 151.04
C THR HB 140 -42.86 75.80 150.35
N ASN HB 141 -41.71 75.10 150.28
CA ASN HB 141 -40.50 75.73 149.80
C ASN HB 141 -39.66 74.91 148.82
N LYS HB 142 -39.95 73.63 148.61
CA LYS HB 142 -39.04 72.84 147.79
C LYS HB 142 -39.75 71.70 147.07
N ILE HB 143 -39.16 71.30 145.94
CA ILE HB 143 -39.58 70.15 145.14
C ILE HB 143 -38.46 69.12 145.14
N GLN HB 144 -38.83 67.85 145.28
CA GLN HB 144 -37.89 66.74 145.20
C GLN HB 144 -38.28 65.84 144.04
N LEU HB 145 -37.33 65.59 143.14
CA LEU HB 145 -37.53 64.79 141.95
C LEU HB 145 -36.37 63.82 141.79
N LYS HB 146 -36.64 62.52 141.90
CA LYS HB 146 -35.64 61.51 141.59
C LYS HB 146 -35.71 61.09 140.13
N VAL HB 147 -34.60 60.51 139.65
CA VAL HB 147 -34.42 60.14 138.26
C VAL HB 147 -34.38 58.62 138.16
N GLU HB 148 -35.11 58.07 137.19
CA GLU HB 148 -35.11 56.62 136.97
C GLU HB 148 -34.62 56.34 135.57
N ALA HB 149 -33.69 55.40 135.43
CA ALA HB 149 -33.01 55.13 134.18
C ALA HB 149 -33.24 53.70 133.72
N TYR HB 150 -33.48 53.53 132.42
CA TYR HB 150 -33.51 52.24 131.76
C TYR HB 150 -32.58 52.32 130.56
N TYR HB 151 -31.80 51.26 130.33
CA TYR HB 151 -30.72 51.36 129.36
C TYR HB 151 -30.38 49.99 128.79
N GLU HB 152 -29.72 50.03 127.63
CA GLU HB 152 -29.04 48.86 127.06
C GLU HB 152 -27.76 49.34 126.42
N ALA HB 153 -26.63 48.75 126.81
CA ALA HB 153 -25.32 49.18 126.34
C ALA HB 153 -24.99 48.55 125.00
N LYS HB 154 -24.14 49.24 124.24
CA LYS HB 154 -23.68 48.73 122.96
C LYS HB 154 -22.80 47.50 123.16
N GLU HB 155 -22.78 46.65 122.14
CA GLU HB 155 -22.05 45.39 122.20
C GLU HB 155 -20.55 45.64 122.04
N GLY HB 156 -19.76 45.22 123.03
CA GLY HB 156 -18.32 45.27 122.91
C GLY HB 156 -17.71 46.63 123.05
N MET HB 157 -18.39 47.59 123.67
CA MET HB 157 -17.88 48.94 123.83
C MET HB 157 -17.46 49.15 125.28
N LEU HB 158 -16.23 49.61 125.49
CA LEU HB 158 -15.68 49.86 126.81
C LEU HB 158 -15.30 51.32 126.94
N PHE HB 159 -15.62 51.92 128.09
CA PHE HB 159 -15.38 53.34 128.32
C PHE HB 159 -15.49 53.61 129.81
N ASP HB 160 -15.10 54.83 130.20
CA ASP HB 160 -15.20 55.26 131.58
C ASP HB 160 -15.23 56.78 131.61
N SER HB 161 -15.74 57.32 132.72
CA SER HB 161 -15.79 58.76 132.96
C SER HB 161 -16.57 59.49 131.85
N LEU HB 162 -17.82 59.09 131.67
CA LEU HB 162 -18.70 59.71 130.68
C LEU HB 162 -19.83 60.43 131.38
N PRO HB 163 -19.97 61.75 131.21
CA PRO HB 163 -21.01 62.49 131.93
C PRO HB 163 -22.35 62.53 131.21
N VAL HB 164 -23.40 62.66 132.02
CA VAL HB 164 -24.76 62.85 131.53
C VAL HB 164 -25.27 64.17 132.09
N ILE HB 165 -25.79 65.02 131.22
CA ILE HB 165 -26.11 66.40 131.56
C ILE HB 165 -27.59 66.65 131.28
N LEU HB 166 -28.26 67.31 132.22
CA LEU HB 166 -29.64 67.75 132.06
C LEU HB 166 -29.72 69.25 132.25
N ASN HB 167 -30.64 69.90 131.52
CA ASN HB 167 -30.78 71.35 131.53
C ASN HB 167 -32.21 71.73 131.87
N PHE HB 168 -32.37 72.86 132.54
CA PHE HB 168 -33.67 73.37 132.95
C PHE HB 168 -33.85 74.79 132.43
N GLN HB 169 -35.07 75.10 131.97
CA GLN HB 169 -35.42 76.43 131.50
C GLN HB 169 -36.83 76.77 131.95
N VAL HB 170 -37.01 78.00 132.44
CA VAL HB 170 -38.30 78.47 132.93
C VAL HB 170 -39.05 79.14 131.79
N LEU HB 171 -40.29 78.72 131.57
CA LEU HB 171 -41.14 79.28 130.53
C LEU HB 171 -42.15 80.28 131.06
N SER HB 172 -42.72 80.04 132.24
CA SER HB 172 -43.70 80.95 132.82
C SER HB 172 -43.82 80.66 134.31
N VAL HB 173 -44.00 81.72 135.10
CA VAL HB 173 -44.17 81.59 136.54
C VAL HB 173 -45.30 82.52 136.96
N SER HB 174 -46.04 82.10 137.98
CA SER HB 174 -47.16 82.89 138.49
C SER HB 174 -47.36 82.65 139.99
N THR IB 26 -32.25 154.23 140.26
CA THR IB 26 -33.28 153.59 139.46
C THR IB 26 -32.69 152.44 138.65
N THR IB 27 -32.64 151.26 139.25
CA THR IB 27 -32.07 150.07 138.63
C THR IB 27 -33.13 148.98 138.54
N GLN IB 28 -33.22 148.34 137.37
CA GLN IB 28 -34.15 147.25 137.13
C GLN IB 28 -33.40 145.93 137.19
N SER IB 29 -33.87 145.02 138.03
CA SER IB 29 -33.14 143.76 138.21
C SER IB 29 -33.89 142.60 137.55
N PRO IB 30 -33.17 141.64 136.98
CA PRO IB 30 -33.84 140.47 136.38
C PRO IB 30 -34.21 139.39 137.38
N LEU IB 31 -33.60 139.40 138.57
CA LEU IB 31 -33.98 138.49 139.67
C LEU IB 31 -33.76 137.03 139.30
N ASN IB 32 -32.58 136.73 138.75
CA ASN IB 32 -32.25 135.34 138.40
C ASN IB 32 -30.80 135.01 138.71
N SER IB 33 -30.16 135.76 139.61
CA SER IB 33 -28.75 135.56 139.94
C SER IB 33 -28.60 134.70 141.20
N PHE IB 34 -29.08 133.46 141.11
CA PHE IB 34 -28.97 132.50 142.20
C PHE IB 34 -28.59 131.14 141.64
N TYR IB 35 -27.64 130.47 142.31
CA TYR IB 35 -27.14 129.20 141.83
C TYR IB 35 -26.77 128.29 143.00
N ALA IB 36 -26.72 127.00 142.70
CA ALA IB 36 -26.26 125.98 143.64
C ALA IB 36 -25.59 124.87 142.84
N THR IB 37 -24.51 124.29 143.39
CA THR IB 37 -23.66 123.39 142.64
C THR IB 37 -23.37 122.12 143.42
N GLY IB 38 -23.36 120.99 142.71
CA GLY IB 38 -22.93 119.72 143.25
C GLY IB 38 -21.93 119.04 142.34
N THR IB 39 -21.56 117.78 142.65
CA THR IB 39 -20.55 117.07 141.87
C THR IB 39 -20.91 115.59 141.81
N ALA IB 40 -20.32 114.91 140.83
CA ALA IB 40 -20.50 113.47 140.66
C ALA IB 40 -19.26 112.89 139.98
N GLN IB 41 -19.09 111.58 140.12
CA GLN IB 41 -17.92 110.92 139.56
C GLN IB 41 -18.16 109.42 139.45
N ALA IB 42 -17.33 108.76 138.66
CA ALA IB 42 -17.33 107.30 138.54
C ALA IB 42 -15.96 106.89 138.02
N VAL IB 43 -15.14 106.27 138.87
CA VAL IB 43 -13.73 106.07 138.56
C VAL IB 43 -13.30 104.61 138.72
N GLN IB 44 -14.21 103.66 138.58
CA GLN IB 44 -13.82 102.26 138.66
C GLN IB 44 -14.81 101.38 137.89
N GLU IB 45 -14.31 100.22 137.44
CA GLU IB 45 -15.11 99.25 136.71
C GLU IB 45 -15.96 98.43 137.67
N PRO IB 46 -17.09 97.90 137.19
CA PRO IB 46 -18.02 97.21 138.11
C PRO IB 46 -17.42 96.02 138.84
N ILE IB 47 -16.57 95.22 138.18
CA ILE IB 47 -16.09 93.97 138.75
C ILE IB 47 -14.58 93.89 138.64
N ASP IB 48 -14.01 93.01 139.47
CA ASP IB 48 -12.59 92.67 139.42
C ASP IB 48 -12.49 91.15 139.46
N VAL IB 49 -11.57 90.58 138.69
CA VAL IB 49 -11.47 89.14 138.51
C VAL IB 49 -10.05 88.69 138.85
N GLU IB 50 -9.95 87.64 139.67
CA GLU IB 50 -8.66 87.06 140.04
C GLU IB 50 -8.71 85.55 139.86
N SER IB 51 -7.61 84.97 139.39
CA SER IB 51 -7.57 83.57 138.99
C SER IB 51 -6.71 82.75 139.95
N HIS IB 52 -7.15 81.52 140.22
CA HIS IB 52 -6.41 80.58 141.06
C HIS IB 52 -6.45 79.18 140.47
N LEU IB 53 -6.25 79.07 139.15
CA LEU IB 53 -6.24 77.77 138.47
C LEU IB 53 -4.82 77.21 138.53
N ASP IB 54 -4.57 76.38 139.55
CA ASP IB 54 -3.25 75.85 139.82
C ASP IB 54 -3.22 74.32 139.82
N ASN IB 55 -3.90 73.70 138.85
CA ASN IB 55 -3.82 72.27 138.63
C ASN IB 55 -3.60 72.00 137.15
N THR IB 56 -2.93 70.88 136.87
CA THR IB 56 -2.53 70.53 135.52
C THR IB 56 -3.23 69.25 135.07
N ILE IB 57 -3.82 69.29 133.88
CA ILE IB 57 -4.36 68.09 133.25
C ILE IB 57 -3.19 67.30 132.68
N ALA IB 58 -2.81 66.22 133.36
CA ALA IB 58 -1.63 65.44 132.99
C ALA IB 58 -1.99 63.96 132.88
N PRO IB 59 -2.68 63.57 131.81
CA PRO IB 59 -2.93 62.16 131.55
C PRO IB 59 -1.86 61.57 130.65
N ALA IB 60 -1.94 60.25 130.46
CA ALA IB 60 -1.12 59.59 129.47
C ALA IB 60 -1.69 59.81 128.07
N ALA IB 61 -0.89 59.47 127.05
CA ALA IB 61 -1.30 59.68 125.67
C ALA IB 61 -2.48 58.77 125.33
N GLY IB 62 -3.56 59.36 124.85
CA GLY IB 62 -4.73 58.60 124.43
C GLY IB 62 -5.66 58.15 125.54
N ALA IB 63 -5.46 58.63 126.76
CA ALA IB 63 -6.24 58.19 127.90
C ALA IB 63 -7.50 59.04 128.07
N GLN IB 64 -8.49 58.45 128.74
CA GLN IB 64 -9.73 59.12 129.10
C GLN IB 64 -9.71 59.41 130.59
N GLY IB 65 -9.98 60.64 130.97
CA GLY IB 65 -9.75 61.04 132.35
C GLY IB 65 -10.82 61.88 133.01
N TYR IB 66 -10.47 62.42 134.19
CA TYR IB 66 -11.38 63.15 135.05
C TYR IB 66 -10.56 63.99 136.03
N LYS IB 67 -10.69 65.32 135.97
CA LYS IB 67 -9.78 66.19 136.69
C LYS IB 67 -10.48 67.47 137.09
N ASP IB 68 -10.05 68.06 138.20
CA ASP IB 68 -10.46 69.39 138.63
C ASP IB 68 -9.27 70.33 138.54
N MET IB 69 -9.53 71.64 138.47
CA MET IB 69 -8.50 72.61 138.14
C MET IB 69 -8.24 73.63 139.24
N GLY IB 70 -9.28 74.27 139.76
CA GLY IB 70 -9.10 75.35 140.72
C GLY IB 70 -10.38 76.18 140.81
N TYR IB 71 -10.22 77.44 141.21
CA TYR IB 71 -11.38 78.31 141.36
C TYR IB 71 -10.99 79.74 140.99
N VAL IB 72 -12.00 80.55 140.69
CA VAL IB 72 -11.83 81.92 140.24
C VAL IB 72 -12.66 82.84 141.14
N LYS IB 73 -12.09 83.98 141.50
CA LYS IB 73 -12.74 84.94 142.39
C LYS IB 73 -13.22 86.16 141.60
N ILE IB 74 -14.43 86.62 141.91
CA ILE IB 74 -15.04 87.79 141.30
C ILE IB 74 -15.40 88.76 142.42
N ILE IB 75 -15.07 90.04 142.23
CA ILE IB 75 -15.31 91.07 143.24
C ILE IB 75 -16.25 92.12 142.65
N ASN IB 76 -17.27 92.48 143.41
CA ASN IB 76 -18.30 93.43 142.97
C ASN IB 76 -18.31 94.67 143.87
N TYR IB 77 -18.56 95.82 143.24
CA TYR IB 77 -18.28 97.13 143.82
C TYR IB 77 -19.57 97.93 144.02
N THR IB 78 -19.39 99.21 144.35
CA THR IB 78 -20.46 100.04 144.90
C THR IB 78 -21.68 100.08 143.98
N ASP IB 79 -22.86 99.94 144.60
CA ASP IB 79 -24.16 100.05 143.93
C ASP IB 79 -24.37 99.01 142.85
N VAL IB 80 -23.72 97.85 142.98
CA VAL IB 80 -23.86 96.73 142.05
C VAL IB 80 -24.63 95.63 142.74
N ASN IB 81 -25.66 95.10 142.07
CA ASN IB 81 -26.47 94.03 142.62
C ASN IB 81 -26.55 92.80 141.73
N VAL IB 82 -26.65 92.98 140.41
CA VAL IB 82 -26.79 91.88 139.47
C VAL IB 82 -25.83 92.11 138.32
N VAL IB 83 -25.12 91.05 137.93
CA VAL IB 83 -24.13 91.11 136.86
C VAL IB 83 -24.44 90.03 135.83
N LYS IB 84 -24.40 90.39 134.56
CA LYS IB 84 -24.54 89.46 133.44
C LYS IB 84 -23.19 89.29 132.77
N LEU IB 85 -22.77 88.04 132.60
CA LEU IB 85 -21.42 87.74 132.13
C LEU IB 85 -21.47 86.78 130.95
N LYS IB 86 -20.43 86.85 130.12
CA LYS IB 86 -20.23 85.93 129.01
C LYS IB 86 -18.83 85.33 129.12
N VAL IB 87 -18.76 84.00 129.09
CA VAL IB 87 -17.51 83.27 129.26
C VAL IB 87 -17.25 82.45 128.00
N THR IB 88 -16.03 82.51 127.49
CA THR IB 88 -15.67 81.84 126.26
C THR IB 88 -14.26 81.27 126.38
N LEU IB 89 -13.96 80.30 125.50
CA LEU IB 89 -12.63 79.71 125.40
C LEU IB 89 -11.86 80.48 124.32
N ALA IB 90 -10.81 81.18 124.74
CA ALA IB 90 -10.09 82.07 123.82
C ALA IB 90 -9.24 81.31 122.82
N ASN IB 91 -8.63 80.20 123.23
CA ASN IB 91 -7.69 79.49 122.38
C ASN IB 91 -8.19 78.09 122.04
N ALA IB 92 -9.48 77.98 121.70
CA ALA IB 92 -10.04 76.68 121.35
C ALA IB 92 -9.42 76.13 120.07
N ALA IB 93 -9.09 77.01 119.12
CA ALA IB 93 -8.51 76.55 117.85
C ALA IB 93 -7.15 75.88 118.08
N GLN IB 94 -6.35 76.42 118.98
CA GLN IB 94 -5.04 75.84 119.26
C GLN IB 94 -5.15 74.47 119.91
N LEU IB 95 -6.17 74.27 120.75
CA LEU IB 95 -6.32 73.02 121.49
C LEU IB 95 -6.97 71.91 120.66
N ARG IB 96 -7.50 72.21 119.48
CA ARG IB 96 -8.16 71.19 118.69
C ARG IB 96 -7.26 70.03 118.28
N PRO IB 97 -6.04 70.23 117.77
CA PRO IB 97 -5.22 69.07 117.36
C PRO IB 97 -4.78 68.18 118.51
N TYR IB 98 -4.94 68.61 119.75
CA TYR IB 98 -4.45 67.85 120.90
C TYR IB 98 -5.52 67.03 121.60
N PHE IB 99 -6.80 67.27 121.31
CA PHE IB 99 -7.89 66.62 122.04
C PHE IB 99 -8.97 66.16 121.09
N LYS IB 100 -9.55 64.99 121.39
CA LYS IB 100 -10.79 64.60 120.73
C LYS IB 100 -11.98 65.37 121.28
N TYR IB 101 -12.03 65.57 122.59
CA TYR IB 101 -13.06 66.39 123.21
C TYR IB 101 -12.55 66.91 124.54
N LEU IB 102 -13.12 68.03 124.98
CA LEU IB 102 -12.75 68.65 126.24
C LEU IB 102 -13.92 69.50 126.71
N GLN IB 103 -14.40 69.22 127.92
CA GLN IB 103 -15.57 69.92 128.46
C GLN IB 103 -15.23 70.52 129.82
N LEU IB 104 -15.68 71.75 130.04
CA LEU IB 104 -15.46 72.46 131.28
C LEU IB 104 -16.81 72.75 131.95
N VAL IB 105 -16.89 72.47 133.25
CA VAL IB 105 -18.10 72.65 134.04
C VAL IB 105 -17.84 73.71 135.10
N LEU IB 106 -18.69 74.73 135.14
CA LEU IB 106 -18.58 75.83 136.10
C LEU IB 106 -19.74 75.76 137.08
N THR IB 107 -19.42 75.81 138.37
CA THR IB 107 -20.44 75.75 139.41
C THR IB 107 -20.23 76.88 140.41
N SER IB 108 -21.33 77.49 140.84
CA SER IB 108 -21.30 78.52 141.88
C SER IB 108 -21.50 77.85 143.23
N ASN IB 109 -20.63 78.18 144.19
CA ASN IB 109 -20.54 77.51 145.47
C ASN IB 109 -20.43 78.51 146.62
N ALA IB 110 -20.17 79.78 146.32
CA ALA IB 110 -19.83 80.76 147.35
C ALA IB 110 -20.89 80.82 148.46
N SER IB 111 -22.13 80.50 148.14
CA SER IB 111 -23.17 80.27 149.14
C SER IB 111 -23.14 78.80 149.56
N SER IB 112 -22.88 78.57 150.85
CA SER IB 112 -22.79 77.20 151.35
C SER IB 112 -24.12 76.47 151.27
N THR IB 113 -25.24 77.19 151.12
CA THR IB 113 -26.54 76.56 151.03
C THR IB 113 -26.97 76.29 149.59
N VAL IB 114 -26.51 77.09 148.63
CA VAL IB 114 -26.95 76.99 147.25
C VAL IB 114 -25.73 76.73 146.36
N GLU IB 115 -25.53 75.47 145.99
CA GLU IB 115 -24.56 75.09 144.97
C GLU IB 115 -25.28 74.94 143.64
N GLU IB 116 -24.78 75.61 142.61
CA GLU IB 116 -25.40 75.55 141.28
C GLU IB 116 -24.35 75.50 140.19
N THR IB 117 -24.54 74.59 139.24
CA THR IB 117 -23.78 74.59 138.00
C THR IB 117 -24.42 75.56 137.01
N LYS IB 118 -23.61 76.46 136.46
CA LYS IB 118 -24.12 77.55 135.63
C LYS IB 118 -23.93 77.34 134.14
N ALA IB 119 -22.79 76.78 133.71
CA ALA IB 119 -22.55 76.62 132.29
C ALA IB 119 -21.61 75.45 132.04
N VAL IB 120 -21.69 74.92 130.82
CA VAL IB 120 -20.78 73.87 130.35
C VAL IB 120 -20.17 74.35 129.04
N LEU IB 121 -18.84 74.34 128.98
CA LEU IB 121 -18.11 74.78 127.81
C LEU IB 121 -17.44 73.59 127.13
N SER IB 122 -17.31 73.68 125.81
CA SER IB 122 -16.71 72.62 125.03
C SER IB 122 -16.00 73.21 123.83
N LEU IB 123 -15.23 72.38 123.14
CA LEU IB 123 -14.49 72.83 121.96
C LEU IB 123 -15.40 73.13 120.78
N LYS IB 124 -16.61 72.56 120.76
CA LYS IB 124 -17.55 72.81 119.68
C LYS IB 124 -18.48 73.99 119.98
N LYS IB 125 -18.79 74.23 121.25
CA LYS IB 125 -19.61 75.37 121.67
C LYS IB 125 -18.85 76.09 122.78
N PRO IB 126 -17.94 77.00 122.42
CA PRO IB 126 -17.03 77.56 123.43
C PRO IB 126 -17.62 78.65 124.30
N SER IB 127 -18.77 79.21 123.97
CA SER IB 127 -19.30 80.39 124.65
C SER IB 127 -20.58 80.06 125.40
N ALA IB 128 -20.79 80.78 126.50
CA ALA IB 128 -21.99 80.63 127.31
C ALA IB 128 -22.26 81.93 128.05
N VAL IB 129 -23.51 82.09 128.49
CA VAL IB 129 -23.95 83.28 129.21
C VAL IB 129 -24.54 82.83 130.55
N ILE IB 130 -24.10 83.45 131.64
CA ILE IB 130 -24.52 83.09 132.98
C ILE IB 130 -25.05 84.32 133.69
N ILE IB 131 -25.80 84.09 134.77
CA ILE IB 131 -26.41 85.13 135.57
C ILE IB 131 -26.00 84.95 137.03
N LEU IB 132 -25.54 86.04 137.65
CA LEU IB 132 -25.23 86.05 139.08
C LEU IB 132 -26.17 87.03 139.77
N ASP IB 133 -26.81 86.57 140.85
CA ASP IB 133 -27.83 87.37 141.54
C ASP IB 133 -27.58 87.47 143.03
N ASN IB 134 -28.58 87.97 143.77
CA ASN IB 134 -28.42 88.21 145.20
C ASN IB 134 -28.03 86.96 145.96
N ASP IB 135 -28.52 85.78 145.53
CA ASP IB 135 -28.20 84.56 146.25
C ASP IB 135 -26.74 84.16 146.11
N ASP IB 136 -26.13 84.45 144.94
CA ASP IB 136 -24.75 84.04 144.71
C ASP IB 136 -23.77 84.87 145.54
N TYR IB 137 -24.05 86.16 145.71
CA TYR IB 137 -23.12 87.07 146.36
C TYR IB 137 -23.05 86.84 147.87
N SER IB 138 -22.49 85.70 148.27
CA SER IB 138 -22.24 85.45 149.68
C SER IB 138 -21.05 86.27 150.16
N SER IB 139 -21.04 86.55 151.47
CA SER IB 139 -20.15 87.53 152.09
C SER IB 139 -20.32 88.92 151.50
N THR IB 140 -21.34 89.11 150.66
CA THR IB 140 -21.77 90.39 150.10
C THR IB 140 -20.75 91.00 149.14
N ASN IB 141 -19.60 90.33 148.94
CA ASN IB 141 -18.52 90.96 148.18
C ASN IB 141 -17.84 90.09 147.14
N LYS IB 142 -18.08 88.78 147.09
CA LYS IB 142 -17.28 87.95 146.19
C LYS IB 142 -18.06 86.72 145.72
N ILE IB 143 -17.66 86.23 144.55
CA ILE IB 143 -18.15 85.00 143.93
C ILE IB 143 -16.99 84.02 143.82
N GLN IB 144 -17.26 82.75 144.14
CA GLN IB 144 -16.28 81.67 143.99
C GLN IB 144 -16.83 80.66 143.00
N LEU IB 145 -16.03 80.36 141.96
CA LEU IB 145 -16.41 79.43 140.90
C LEU IB 145 -15.24 78.50 140.63
N LYS IB 146 -15.42 77.20 140.89
CA LYS IB 146 -14.43 76.22 140.50
C LYS IB 146 -14.73 75.65 139.12
N VAL IB 147 -13.70 75.07 138.50
CA VAL IB 147 -13.75 74.57 137.13
C VAL IB 147 -13.65 73.06 137.16
N GLU IB 148 -14.50 72.39 136.39
CA GLU IB 148 -14.46 70.93 136.31
C GLU IB 148 -14.22 70.54 134.87
N ALA IB 149 -13.28 69.62 134.65
CA ALA IB 149 -12.82 69.26 133.31
C ALA IB 149 -13.05 67.78 133.04
N TYR IB 150 -13.51 67.48 131.82
CA TYR IB 150 -13.59 66.13 131.30
C TYR IB 150 -12.89 66.13 129.94
N TYR IB 151 -12.10 65.09 129.67
CA TYR IB 151 -11.23 65.14 128.51
C TYR IB 151 -10.91 63.74 128.00
N GLU IB 152 -10.47 63.67 126.75
CA GLU IB 152 -9.85 62.49 126.17
C GLU IB 152 -8.73 62.95 125.25
N ALA IB 153 -7.52 62.46 125.49
CA ALA IB 153 -6.34 62.89 124.76
C ALA IB 153 -6.22 62.15 123.43
N LYS IB 154 -5.56 62.80 122.47
CA LYS IB 154 -5.32 62.18 121.18
C LYS IB 154 -4.34 61.01 121.32
N GLU IB 155 -4.46 60.05 120.39
CA GLU IB 155 -3.66 58.84 120.43
C GLU IB 155 -2.24 59.14 119.98
N GLY IB 156 -1.26 58.84 120.83
CA GLY IB 156 0.13 58.94 120.45
C GLY IB 156 0.69 60.34 120.35
N MET IB 157 0.08 61.32 121.01
CA MET IB 157 0.53 62.71 120.95
C MET IB 157 1.18 63.07 122.27
N LEU IB 158 2.41 63.59 122.21
CA LEU IB 158 3.18 63.99 123.38
C LEU IB 158 3.49 65.47 123.31
N PHE IB 159 3.34 66.16 124.44
CA PHE IB 159 3.55 67.60 124.50
C PHE IB 159 3.70 68.02 125.96
N ASP IB 160 4.07 69.27 126.15
CA ASP IB 160 4.20 69.84 127.49
C ASP IB 160 4.10 71.35 127.39
N SER IB 161 3.75 71.97 128.52
CA SER IB 161 3.66 73.43 128.63
C SER IB 161 2.67 74.02 127.63
N LEU IB 162 1.42 73.55 127.71
CA LEU IB 162 0.34 74.03 126.85
C LEU IB 162 -0.68 74.78 127.69
N PRO IB 163 -0.92 76.07 127.43
CA PRO IB 163 -1.84 76.84 128.26
C PRO IB 163 -3.29 76.76 127.80
N VAL IB 164 -4.18 76.91 128.77
CA VAL IB 164 -5.63 77.00 128.53
C VAL IB 164 -6.10 78.35 129.06
N ILE IB 165 -6.82 79.10 128.22
CA ILE IB 165 -7.15 80.49 128.49
C ILE IB 165 -8.67 80.65 128.46
N LEU IB 166 -9.20 81.38 129.45
CA LEU IB 166 -10.60 81.74 129.52
C LEU IB 166 -10.73 83.25 129.58
N ASN IB 167 -11.79 83.78 128.98
CA ASN IB 167 -12.02 85.22 128.88
C ASN IB 167 -13.39 85.57 129.46
N PHE IB 168 -13.48 86.76 130.04
CA PHE IB 168 -14.72 87.26 130.63
C PHE IB 168 -15.07 88.61 130.02
N GLN IB 169 -16.37 88.82 129.78
CA GLN IB 169 -16.86 90.09 129.27
C GLN IB 169 -18.19 90.42 129.94
N VAL IB 170 -18.35 91.67 130.33
CA VAL IB 170 -19.56 92.15 131.02
C VAL IB 170 -20.54 92.66 129.98
N LEU IB 171 -21.77 92.18 130.04
CA LEU IB 171 -22.82 92.60 129.12
C LEU IB 171 -23.78 93.61 129.74
N SER IB 172 -24.10 93.47 131.02
CA SER IB 172 -25.02 94.38 131.69
C SER IB 172 -24.85 94.23 133.19
N VAL IB 173 -24.93 95.35 133.90
CA VAL IB 173 -24.85 95.37 135.35
C VAL IB 173 -25.94 96.28 135.89
N SER IB 174 -26.46 95.93 137.07
CA SER IB 174 -27.51 96.73 137.71
C SER IB 174 -27.42 96.63 139.23
N THR JB 26 -16.57 168.44 130.42
CA THR JB 26 -17.69 167.68 129.88
C THR JB 26 -17.18 166.49 129.09
N THR JB 27 -16.97 165.37 129.77
CA THR JB 27 -16.44 164.15 129.16
C THR JB 27 -17.44 163.02 129.37
N GLN JB 28 -17.70 162.26 128.30
CA GLN JB 28 -18.60 161.12 128.33
C GLN JB 28 -17.78 159.84 128.35
N SER JB 29 -18.03 158.99 129.35
CA SER JB 29 -17.22 157.79 129.50
C SER JB 29 -18.01 156.54 129.10
N PRO JB 30 -17.34 155.56 128.48
CA PRO JB 30 -18.04 154.32 128.13
C PRO JB 30 -18.17 153.33 129.27
N LEU JB 31 -17.36 153.46 130.33
CA LEU JB 31 -17.48 152.66 131.55
C LEU JB 31 -17.26 151.17 131.27
N ASN JB 32 -16.18 150.87 130.54
CA ASN JB 32 -15.84 149.47 130.26
C ASN JB 32 -14.33 149.23 130.32
N SER JB 33 -13.60 150.08 131.02
CA SER JB 33 -12.14 149.97 131.11
C SER JB 33 -11.72 149.25 132.39
N PHE JB 34 -12.12 147.98 132.49
CA PHE JB 34 -11.78 147.14 133.63
C PHE JB 34 -11.42 145.75 133.14
N TYR JB 35 -10.33 145.19 133.67
CA TYR JB 35 -9.85 143.89 133.21
C TYR JB 35 -9.23 143.12 134.37
N ALA JB 36 -9.16 141.80 134.20
CA ALA JB 36 -8.48 140.90 135.11
C ALA JB 36 -7.91 139.75 134.30
N THR JB 37 -6.72 139.27 134.69
CA THR JB 37 -5.96 138.34 133.87
C THR JB 37 -5.46 137.15 134.70
N GLY JB 38 -5.52 135.97 134.10
CA GLY JB 38 -4.93 134.77 134.67
C GLY JB 38 -4.07 134.05 133.65
N THR JB 39 -3.58 132.84 134.00
CA THR JB 39 -2.70 132.09 133.11
C THR JB 39 -2.98 130.61 133.24
N ALA JB 40 -2.53 129.85 132.24
CA ALA JB 40 -2.65 128.40 132.23
C ALA JB 40 -1.53 127.81 131.40
N GLN JB 41 -1.25 126.52 131.62
CA GLN JB 41 -0.17 125.86 130.90
C GLN JB 41 -0.35 124.35 130.99
N ALA JB 42 0.36 123.65 130.10
CA ALA JB 42 0.43 122.18 130.12
C ALA JB 42 1.70 121.79 129.39
N VAL JB 43 2.69 121.28 130.12
CA VAL JB 43 4.03 121.10 129.58
C VAL JB 43 4.57 119.68 129.78
N GLN JB 44 3.70 118.68 129.90
CA GLN JB 44 4.17 117.32 130.04
C GLN JB 44 3.12 116.34 129.54
N GLU JB 45 3.58 115.16 129.10
CA GLU JB 45 2.73 114.09 128.62
C GLU JB 45 2.12 113.32 129.79
N PRO JB 46 0.94 112.71 129.58
CA PRO JB 46 0.24 112.08 130.71
C PRO JB 46 1.03 110.98 131.42
N ILE JB 47 1.78 110.17 130.68
CA ILE JB 47 2.42 109.00 131.27
C ILE JB 47 3.90 108.96 130.89
N ASP JB 48 4.66 108.19 131.68
CA ASP JB 48 6.06 107.90 131.39
C ASP JB 48 6.26 106.40 131.55
N VAL JB 49 7.05 105.80 130.67
CA VAL JB 49 7.19 104.35 130.61
C VAL JB 49 8.67 103.99 130.71
N GLU JB 50 8.99 103.03 131.58
CA GLU JB 50 10.35 102.54 131.77
C GLU JB 50 10.35 101.02 131.73
N SER JB 51 11.38 100.44 131.11
CA SER JB 51 11.43 99.01 130.85
C SER JB 51 12.49 98.33 131.70
N HIS JB 52 12.18 97.11 132.15
CA HIS JB 52 13.11 96.28 132.92
C HIS JB 52 13.04 94.82 132.47
N LEU JB 53 13.01 94.60 131.15
CA LEU JB 53 12.97 93.25 130.60
C LEU JB 53 14.40 92.75 130.46
N ASP JB 54 14.88 92.03 131.47
CA ASP JB 54 16.27 91.58 131.54
C ASP JB 54 16.36 90.06 131.67
N ASN JB 55 15.57 89.33 130.89
CA ASN JB 55 15.68 87.89 130.79
C ASN JB 55 15.65 87.47 129.33
N THR JB 56 16.32 86.37 129.03
CA THR JB 56 16.49 85.90 127.66
C THR JB 56 15.80 84.56 127.46
N ILE JB 57 15.00 84.46 126.40
CA ILE JB 57 14.41 83.18 126.00
C ILE JB 57 15.51 82.39 125.29
N ALA JB 58 16.07 81.40 125.98
CA ALA JB 58 17.21 80.63 125.48
C ALA JB 58 16.91 79.14 125.56
N PRO JB 59 16.07 78.63 124.67
CA PRO JB 59 15.85 77.17 124.59
C PRO JB 59 16.79 76.54 123.56
N ALA JB 60 16.73 75.21 123.50
CA ALA JB 60 17.40 74.49 122.44
C ALA JB 60 16.58 74.56 121.16
N ALA JB 61 17.20 74.15 120.05
CA ALA JB 61 16.54 74.21 118.76
C ALA JB 61 15.37 73.23 118.71
N GLY JB 62 14.18 73.72 118.39
CA GLY JB 62 13.01 72.89 118.26
C GLY JB 62 12.33 72.50 119.55
N ALA JB 63 12.71 73.11 120.67
CA ALA JB 63 12.17 72.75 121.97
C ALA JB 63 10.92 73.55 122.29
N GLN JB 64 10.10 72.99 123.18
CA GLN JB 64 8.90 73.65 123.71
C GLN JB 64 9.18 74.07 125.14
N GLY JB 65 8.91 75.34 125.45
CA GLY JB 65 9.37 75.87 126.72
C GLY JB 65 8.39 76.74 127.50
N TYR JB 66 8.92 77.40 128.54
CA TYR JB 66 8.12 78.18 129.48
C TYR JB 66 9.06 79.14 130.22
N LYS JB 67 8.85 80.44 130.07
CA LYS JB 67 9.83 81.41 130.53
C LYS JB 67 9.13 82.71 130.93
N ASP JB 68 9.73 83.40 131.90
CA ASP JB 68 9.33 84.76 132.27
C ASP JB 68 10.43 85.73 131.88
N MET JB 69 10.07 87.01 131.75
CA MET JB 69 10.98 88.00 131.15
C MET JB 69 11.37 89.12 132.09
N GLY JB 70 10.41 89.77 132.73
CA GLY JB 70 10.69 90.94 133.54
C GLY JB 70 9.41 91.72 133.79
N TYR JB 71 9.57 93.01 134.05
CA TYR JB 71 8.41 93.87 134.32
C TYR JB 71 8.64 95.26 133.76
N VAL JB 72 7.55 95.99 133.59
CA VAL JB 72 7.56 97.33 132.99
C VAL JB 72 6.86 98.29 133.95
N LYS JB 73 7.42 99.49 134.10
CA LYS JB 73 6.88 100.50 135.00
C LYS JB 73 6.20 101.62 134.22
N ILE JB 74 5.04 102.05 134.70
CA ILE JB 74 4.28 103.14 134.11
C ILE JB 74 4.06 104.20 135.18
N ILE JB 75 4.28 105.47 134.84
CA ILE JB 75 4.16 106.58 135.77
C ILE JB 75 3.08 107.53 135.27
N ASN JB 76 2.18 107.92 136.17
CA ASN JB 76 1.05 108.77 135.86
C ASN JB 76 1.13 110.09 136.62
N TYR JB 77 0.71 111.17 135.95
CA TYR JB 77 1.01 112.54 136.35
C TYR JB 77 -0.26 113.31 136.71
N THR JB 78 -0.10 114.62 136.90
CA THR JB 78 -1.10 115.45 137.55
C THR JB 78 -2.47 115.35 136.88
N ASP JB 79 -3.51 115.22 137.71
CA ASP JB 79 -4.91 115.22 137.30
C ASP JB 79 -5.25 114.08 136.36
N VAL JB 80 -4.53 112.96 136.47
CA VAL JB 80 -4.77 111.76 135.67
C VAL JB 80 -5.34 110.69 136.60
N ASN JB 81 -6.43 110.07 136.18
CA ASN JB 81 -7.07 109.02 136.97
C ASN JB 81 -7.24 107.71 136.21
N VAL JB 82 -7.59 107.76 134.93
CA VAL JB 82 -7.84 106.57 134.13
C VAL JB 82 -7.11 106.72 132.80
N VAL JB 83 -6.42 105.66 132.38
CA VAL JB 83 -5.65 105.65 131.14
C VAL JB 83 -6.07 104.46 130.29
N LYS JB 84 -6.29 104.70 129.01
CA LYS JB 84 -6.58 103.66 128.02
C LYS JB 84 -5.36 103.48 127.13
N LEU JB 85 -4.89 102.24 126.99
CA LEU JB 85 -3.64 101.95 126.32
C LEU JB 85 -3.85 100.88 125.24
N LYS JB 86 -2.98 100.91 124.25
CA LYS JB 86 -2.93 99.90 123.20
C LYS JB 86 -1.51 99.36 123.11
N VAL JB 87 -1.36 98.05 123.18
CA VAL JB 87 -0.06 97.39 123.17
C VAL JB 87 0.00 96.46 121.97
N THR JB 88 1.11 96.52 121.23
CA THR JB 88 1.29 95.73 120.02
C THR JB 88 2.72 95.24 119.93
N LEU JB 89 2.91 94.21 119.10
CA LEU JB 89 4.23 93.66 118.80
C LEU JB 89 4.75 94.35 117.55
N ALA JB 90 5.82 95.13 117.70
CA ALA JB 90 6.30 95.95 116.59
C ALA JB 90 7.01 95.14 115.52
N ASN JB 91 7.75 94.10 115.92
CA ASN JB 91 8.55 93.34 114.96
C ASN JB 91 8.09 91.90 114.85
N ALA JB 92 6.76 91.71 114.75
CA ALA JB 92 6.22 90.36 114.63
C ALA JB 92 6.62 89.71 113.32
N ALA JB 93 6.74 90.50 112.25
CA ALA JB 93 7.10 89.96 110.95
C ALA JB 93 8.51 89.36 110.97
N GLN JB 94 9.44 90.02 111.66
CA GLN JB 94 10.81 89.52 111.73
C GLN JB 94 10.89 88.21 112.52
N LEU JB 95 10.05 88.05 113.55
CA LEU JB 95 10.10 86.88 114.41
C LEU JB 95 9.39 85.67 113.82
N ARG JB 96 8.63 85.84 112.74
CA ARG JB 96 7.89 84.71 112.17
C ARG JB 96 8.77 83.55 111.71
N PRO JB 97 9.87 83.75 110.96
CA PRO JB 97 10.67 82.60 110.51
C PRO JB 97 11.35 81.83 111.63
N TYR JB 98 11.40 82.38 112.85
CA TYR JB 98 12.13 81.76 113.93
C TYR JB 98 11.25 80.96 114.90
N PHE JB 99 9.93 81.12 114.83
CA PHE JB 99 9.03 80.50 115.80
C PHE JB 99 7.81 79.91 115.11
N LYS JB 100 7.37 78.76 115.62
CA LYS JB 100 6.05 78.25 115.22
C LYS JB 100 4.94 79.02 115.91
N TYR JB 101 5.12 79.35 117.19
CA TYR JB 101 4.16 80.18 117.92
C TYR JB 101 4.88 80.85 119.08
N LEU JB 102 4.34 81.98 119.51
CA LEU JB 102 4.88 82.73 120.63
C LEU JB 102 3.78 83.58 121.23
N GLN JB 103 3.53 83.40 122.52
CA GLN JB 103 2.45 84.10 123.21
C GLN JB 103 3.00 84.85 124.42
N LEU JB 104 2.51 86.07 124.61
CA LEU JB 104 2.92 86.91 125.74
C LEU JB 104 1.71 87.20 126.60
N VAL JB 105 1.88 87.05 127.92
CA VAL JB 105 0.81 87.26 128.90
C VAL JB 105 1.20 88.41 129.79
N LEU JB 106 0.31 89.41 129.90
CA LEU JB 106 0.53 90.60 130.71
C LEU JB 106 -0.43 90.58 131.90
N THR JB 107 0.11 90.77 133.10
CA THR JB 107 -0.69 90.77 134.32
C THR JB 107 -0.37 92.00 135.15
N SER JB 108 -1.41 92.60 135.72
CA SER JB 108 -1.25 93.73 136.65
C SER JB 108 -1.16 93.18 138.07
N ASN JB 109 -0.16 93.65 138.81
CA ASN JB 109 0.19 93.09 140.11
C ASN JB 109 0.45 94.21 141.12
N ALA JB 110 0.59 95.46 140.67
CA ALA JB 110 1.04 96.55 141.52
C ALA JB 110 0.21 96.67 142.80
N SER JB 111 -1.06 96.27 142.75
CA SER JB 111 -1.89 96.09 143.95
C SER JB 111 -1.69 94.68 144.48
N SER JB 112 -1.20 94.58 145.71
CA SER JB 112 -0.94 93.28 146.31
C SER JB 112 -2.22 92.48 146.53
N THR JB 113 -3.38 93.15 146.53
CA THR JB 113 -4.65 92.46 146.74
C THR JB 113 -5.31 92.03 145.43
N VAL JB 114 -5.09 92.75 144.34
CA VAL JB 114 -5.76 92.51 143.07
C VAL JB 114 -4.70 92.20 142.01
N GLU JB 115 -4.50 90.92 141.72
CA GLU JB 115 -3.70 90.48 140.57
C GLU JB 115 -4.65 90.18 139.41
N GLU JB 116 -4.38 90.76 138.26
CA GLU JB 116 -5.22 90.56 137.08
C GLU JB 116 -4.38 90.45 135.82
N THR JB 117 -4.69 89.44 135.01
CA THR JB 117 -4.16 89.35 133.65
C THR JB 117 -5.02 90.19 132.72
N LYS JB 118 -4.38 91.07 131.94
CA LYS JB 118 -5.09 92.04 131.14
C LYS JB 118 -5.15 91.70 129.66
N ALA JB 119 -4.09 91.15 129.08
CA ALA JB 119 -4.10 90.87 127.64
C ALA JB 119 -3.16 89.71 127.34
N VAL JB 120 -3.41 89.06 126.21
CA VAL JB 120 -2.56 88.01 125.67
C VAL JB 120 -2.20 88.38 124.24
N LEU JB 121 -0.91 88.42 123.94
CA LEU JB 121 -0.43 88.77 122.61
C LEU JB 121 0.18 87.56 121.93
N SER JB 122 0.06 87.51 120.60
CA SER JB 122 0.56 86.40 119.82
C SER JB 122 1.01 86.91 118.46
N LEU JB 123 1.69 86.05 117.72
CA LEU JB 123 2.18 86.41 116.39
C LEU JB 123 1.05 86.55 115.37
N LYS JB 124 -0.10 85.94 115.63
CA LYS JB 124 -1.24 86.05 114.72
C LYS JB 124 -2.16 87.22 115.08
N LYS JB 125 -2.26 87.57 116.37
CA LYS JB 125 -3.04 88.71 116.82
C LYS JB 125 -2.14 89.56 117.71
N PRO JB 126 -1.36 90.47 117.11
CA PRO JB 126 -0.32 91.16 117.87
C PRO JB 126 -0.80 92.30 118.75
N SER JB 127 -2.03 92.78 118.58
CA SER JB 127 -2.49 94.00 119.24
C SER JB 127 -3.59 93.69 120.24
N ALA JB 128 -3.65 94.50 121.31
CA ALA JB 128 -4.67 94.38 122.33
C ALA JB 128 -4.87 95.74 122.99
N VAL JB 129 -6.03 95.90 123.62
CA VAL JB 129 -6.39 97.13 124.32
C VAL JB 129 -6.72 96.79 125.76
N ILE JB 130 -6.12 97.53 126.70
CA ILE JB 130 -6.27 97.28 128.13
C ILE JB 130 -6.74 98.56 128.81
N ILE JB 131 -7.25 98.39 130.03
CA ILE JB 131 -7.78 99.49 130.83
C ILE JB 131 -7.10 99.47 132.19
N LEU JB 132 -6.60 100.62 132.64
CA LEU JB 132 -6.04 100.79 133.96
C LEU JB 132 -6.90 101.79 134.73
N ASP JB 133 -7.31 101.42 135.95
CA ASP JB 133 -8.22 102.23 136.73
C ASP JB 133 -7.71 102.50 138.15
N ASN JB 134 -8.60 103.02 139.00
CA ASN JB 134 -8.19 103.41 140.35
C ASN JB 134 -7.60 102.25 141.14
N ASP JB 135 -8.09 101.03 140.91
CA ASP JB 135 -7.59 99.88 141.67
C ASP JB 135 -6.15 99.53 141.29
N ASP JB 136 -5.78 99.73 140.02
CA ASP JB 136 -4.44 99.36 139.57
C ASP JB 136 -3.38 100.30 140.13
N TYR JB 137 -3.70 101.59 140.23
CA TYR JB 137 -2.72 102.60 140.62
C TYR JB 137 -2.37 102.51 142.09
N SER JB 138 -1.67 101.45 142.49
CA SER JB 138 -1.16 101.34 143.84
C SER JB 138 0.04 102.25 144.02
N SER JB 139 0.27 102.65 145.27
CA SER JB 139 1.21 103.71 145.64
C SER JB 139 0.85 105.04 144.97
N THR JB 140 -0.31 105.11 144.32
CA THR JB 140 -0.90 106.31 143.73
C THR JB 140 -0.11 106.86 142.56
N ASN JB 141 1.01 106.22 142.20
CA ASN JB 141 1.90 106.82 141.20
C ASN JB 141 2.45 105.87 140.14
N LYS JB 142 2.27 104.56 140.26
CA LYS JB 142 2.94 103.68 139.30
C LYS JB 142 2.16 102.39 139.09
N ILE JB 143 2.37 101.80 137.91
CA ILE JB 143 1.85 100.50 137.51
C ILE JB 143 3.02 99.56 137.26
N GLN JB 144 2.89 98.32 137.74
CA GLN JB 144 3.88 97.27 137.51
C GLN JB 144 3.23 96.14 136.73
N LEU JB 145 3.83 95.78 135.60
CA LEU JB 145 3.32 94.73 134.71
C LEU JB 145 4.47 93.83 134.30
N LYS JB 146 4.42 92.56 134.70
CA LYS JB 146 5.38 91.58 134.22
C LYS JB 146 4.87 90.87 132.98
N VAL JB 147 5.80 90.27 132.24
CA VAL JB 147 5.53 89.64 130.95
C VAL JB 147 5.72 88.14 131.10
N GLU JB 148 4.79 87.37 130.56
CA GLU JB 148 4.89 85.92 130.60
C GLU JB 148 4.89 85.39 129.18
N ALA JB 149 5.82 84.49 128.88
CA ALA JB 149 6.06 84.03 127.51
C ALA JB 149 5.87 82.52 127.41
N TYR JB 150 5.21 82.08 126.34
CA TYR JB 150 5.13 80.69 125.95
C TYR JB 150 5.56 80.59 124.49
N TYR JB 151 6.34 79.56 124.17
CA TYR JB 151 6.99 79.52 122.87
C TYR JB 151 7.29 78.09 122.45
N GLU JB 152 7.50 77.92 121.15
CA GLU JB 152 8.07 76.72 120.56
C GLU JB 152 8.98 77.14 119.42
N ALA JB 153 10.24 76.71 119.48
CA ALA JB 153 11.24 77.12 118.50
C ALA JB 153 11.16 76.26 117.25
N LYS JB 154 11.60 76.83 116.13
CA LYS JB 154 11.65 76.10 114.87
C LYS JB 154 12.69 74.99 114.93
N GLU JB 155 12.47 73.95 114.13
CA GLU JB 155 13.33 72.78 114.13
C GLU JB 155 14.63 73.09 113.39
N GLY JB 156 15.76 72.90 114.08
CA GLY JB 156 17.05 73.03 113.45
C GLY JB 156 17.50 74.43 113.11
N MET JB 157 16.96 75.44 113.78
CA MET JB 157 17.32 76.83 113.53
C MET JB 157 18.18 77.35 114.66
N LEU JB 158 19.34 77.91 114.33
CA LEU JB 158 20.28 78.44 115.31
C LEU JB 158 20.49 79.93 115.04
N PHE JB 159 20.52 80.71 116.12
CA PHE JB 159 20.64 82.16 116.01
C PHE JB 159 21.03 82.72 117.38
N ASP JB 160 21.36 84.01 117.39
CA ASP JB 160 21.70 84.71 118.62
C ASP JB 160 21.49 86.20 118.41
N SER JB 161 21.32 86.91 119.53
CA SER JB 161 21.17 88.37 119.52
C SER JB 161 19.98 88.81 118.68
N LEU JB 162 18.79 88.31 119.03
CA LEU JB 162 17.56 88.66 118.34
C LEU JB 162 16.65 89.45 119.28
N PRO JB 163 16.30 90.69 118.96
CA PRO JB 163 15.50 91.51 119.88
C PRO JB 163 14.00 91.31 119.70
N VAL JB 164 13.28 91.53 120.80
CA VAL JB 164 11.83 91.55 120.83
C VAL JB 164 11.38 92.92 121.31
N ILE JB 165 10.49 93.55 120.55
CA ILE JB 165 10.12 94.95 120.76
C ILE JB 165 8.63 95.05 121.00
N LEU JB 166 8.25 95.84 121.99
CA LEU JB 166 6.85 96.16 122.29
C LEU JB 166 6.65 97.66 122.23
N ASN JB 167 5.46 98.08 121.81
CA ASN JB 167 5.15 99.50 121.63
C ASN JB 167 3.89 99.85 122.41
N PHE JB 168 3.83 101.09 122.89
CA PHE JB 168 2.70 101.59 123.66
C PHE JB 168 2.16 102.86 123.01
N GLN JB 169 0.84 103.00 122.99
CA GLN JB 169 0.19 104.19 122.47
C GLN JB 169 -1.02 104.53 123.34
N VAL JB 170 -1.17 105.81 123.65
CA VAL JB 170 -2.25 106.30 124.50
C VAL JB 170 -3.44 106.67 123.61
N LEU JB 171 -4.62 106.14 123.94
CA LEU JB 171 -5.83 106.44 123.19
C LEU JB 171 -6.72 107.47 123.89
N SER JB 172 -6.81 107.43 125.22
CA SER JB 172 -7.63 108.38 125.95
C SER JB 172 -7.19 108.38 127.41
N VAL JB 173 -7.20 109.55 128.03
CA VAL JB 173 -6.86 109.72 129.43
C VAL JB 173 -7.89 110.63 130.09
N SER JB 174 -8.17 110.38 131.35
CA SER JB 174 -9.12 111.18 132.11
C SER JB 174 -8.75 111.23 133.59
N THR KB 26 -3.74 182.23 116.66
CA THR KB 26 -4.88 181.39 116.41
C THR KB 26 -4.46 180.13 115.63
N THR KB 27 -4.07 179.09 116.36
CA THR KB 27 -3.59 177.85 115.78
C THR KB 27 -4.47 176.70 116.26
N GLN KB 28 -4.87 175.84 115.32
CA GLN KB 28 -5.69 174.68 115.62
C GLN KB 28 -4.81 173.43 115.61
N SER KB 29 -4.83 172.67 116.71
CA SER KB 29 -3.94 171.53 116.81
C SER KB 29 -4.71 170.22 116.68
N PRO KB 30 -4.12 169.20 116.04
CA PRO KB 30 -4.79 167.91 115.92
C PRO KB 30 -4.66 167.03 117.15
N LEU KB 31 -3.68 167.30 118.03
CA LEU KB 31 -3.54 166.62 119.31
C LEU KB 31 -3.28 165.11 119.13
N ASN KB 32 -2.34 164.78 118.24
CA ASN KB 32 -1.98 163.38 118.03
C ASN KB 32 -0.47 163.20 117.84
N SER KB 33 0.33 164.15 118.31
CA SER KB 33 1.78 164.11 118.14
C SER KB 33 2.47 163.52 119.37
N PHE KB 34 2.16 162.26 119.67
CA PHE KB 34 2.75 161.55 120.78
C PHE KB 34 3.09 160.13 120.36
N TYR KB 35 4.27 159.67 120.73
CA TYR KB 35 4.75 158.35 120.30
C TYR KB 35 5.61 157.72 121.40
N ALA KB 36 5.72 156.40 121.32
CA ALA KB 36 6.60 155.62 122.18
C ALA KB 36 7.09 154.42 121.38
N THR KB 37 8.35 154.02 121.59
CA THR KB 37 9.00 153.05 120.73
C THR KB 37 9.71 151.97 121.55
N GLY KB 38 9.60 150.73 121.08
CA GLY KB 38 10.36 149.62 121.63
C GLY KB 38 11.07 148.83 120.54
N THR KB 39 11.67 147.69 120.89
CA THR KB 39 12.42 146.89 119.94
C THR KB 39 12.25 145.42 120.24
N ALA KB 40 12.56 144.58 119.24
CA ALA KB 40 12.51 143.14 119.39
C ALA KB 40 13.50 142.51 118.41
N GLN KB 41 13.88 141.26 118.68
CA GLN KB 41 14.86 140.57 117.85
C GLN KB 41 14.78 139.07 118.10
N ALA KB 42 15.37 138.32 117.16
CA ALA KB 42 15.52 136.87 117.30
C ALA KB 42 16.65 136.45 116.38
N VAL KB 43 17.78 136.06 116.97
CA VAL KB 43 19.01 135.88 116.19
C VAL KB 43 19.66 134.52 116.43
N GLN KB 44 18.88 133.50 116.78
CA GLN KB 44 19.45 132.16 116.95
C GLN KB 44 18.37 131.11 116.74
N GLU KB 45 18.83 129.91 116.34
CA GLU KB 45 17.96 128.77 116.11
C GLU KB 45 17.61 128.09 117.44
N PRO KB 46 16.45 127.42 117.51
CA PRO KB 46 16.00 126.87 118.79
C PRO KB 46 16.97 125.88 119.44
N ILE KB 47 17.62 125.03 118.65
CA ILE KB 47 18.43 123.94 119.20
C ILE KB 47 19.80 123.93 118.57
N ASP KB 48 20.73 123.28 119.27
CA ASP KB 48 22.08 123.01 118.75
C ASP KB 48 22.38 121.54 119.01
N VAL KB 49 23.04 120.88 118.06
CA VAL KB 49 23.25 119.45 118.09
C VAL KB 49 24.74 119.16 117.96
N GLU KB 50 25.27 118.30 118.84
CA GLU KB 50 26.66 117.89 118.81
C GLU KB 50 26.73 116.37 118.91
N SER KB 51 27.67 115.77 118.17
CA SER KB 51 27.75 114.32 118.02
C SER KB 51 28.98 113.77 118.72
N HIS KB 52 28.84 112.59 119.32
CA HIS KB 52 29.93 111.88 119.98
C HIS KB 52 29.86 110.39 119.67
N LEU KB 53 29.61 110.04 118.41
CA LEU KB 53 29.55 108.63 118.00
C LEU KB 53 30.96 108.18 117.64
N ASP KB 54 31.65 107.58 118.60
CA ASP KB 54 33.05 107.20 118.46
C ASP KB 54 33.25 105.70 118.70
N ASN KB 55 32.37 104.87 118.15
CA ASN KB 55 32.55 103.43 118.16
C ASN KB 55 32.28 102.87 116.77
N THR KB 56 32.93 101.77 116.45
CA THR KB 56 32.89 101.18 115.11
C THR KB 56 32.25 99.80 115.17
N ILE KB 57 31.28 99.56 114.29
CA ILE KB 57 30.71 98.24 114.11
C ILE KB 57 31.70 97.43 113.29
N ALA KB 58 32.43 96.53 113.95
CA ALA KB 58 33.50 95.76 113.31
C ALA KB 58 33.31 94.27 113.58
N PRO KB 59 32.35 93.64 112.91
CA PRO KB 59 32.20 92.18 113.00
C PRO KB 59 32.97 91.49 111.87
N ALA KB 60 32.98 90.16 111.94
CA ALA KB 60 33.49 89.36 110.84
C ALA KB 60 32.45 89.27 109.73
N ALA KB 61 32.88 88.79 108.57
CA ALA KB 61 31.99 88.70 107.42
C ALA KB 61 30.90 87.66 107.68
N GLY KB 62 29.65 88.09 107.53
CA GLY KB 62 28.52 87.19 107.70
C GLY KB 62 28.11 86.91 109.12
N ALA KB 63 28.65 87.63 110.09
CA ALA KB 63 28.37 87.37 111.50
C ALA KB 63 27.15 88.16 111.97
N GLN KB 64 26.54 87.66 113.04
CA GLN KB 64 25.42 88.32 113.72
C GLN KB 64 25.92 88.89 115.03
N GLY KB 65 25.64 90.17 115.28
CA GLY KB 65 26.29 90.83 116.39
C GLY KB 65 25.42 91.73 117.26
N TYR KB 66 26.08 92.51 118.11
CA TYR KB 66 25.44 93.35 119.12
C TYR KB 66 26.43 94.41 119.58
N LYS KB 67 26.12 95.69 119.35
CA LYS KB 67 27.12 96.73 119.55
C LYS KB 67 26.43 98.03 119.95
N ASP KB 68 27.15 98.84 120.72
CA ASP KB 68 26.75 100.21 121.06
C ASP KB 68 27.71 101.19 120.37
N MET KB 69 27.26 102.43 120.20
CA MET KB 69 27.98 103.39 119.36
C MET KB 69 28.48 104.62 120.11
N GLY KB 70 27.61 105.28 120.86
CA GLY KB 70 27.97 106.54 121.50
C GLY KB 70 26.72 107.28 121.91
N TYR KB 71 26.84 108.60 122.02
CA TYR KB 71 25.70 109.43 122.42
C TYR KB 71 25.76 110.76 121.71
N VAL KB 72 24.61 111.44 121.68
CA VAL KB 72 24.44 112.71 120.98
C VAL KB 72 23.86 113.73 121.96
N LYS KB 73 24.37 114.96 121.89
CA LYS KB 73 23.95 116.04 122.78
C LYS KB 73 23.07 117.04 122.04
N ILE KB 74 22.00 117.48 122.70
CA ILE KB 74 21.08 118.47 122.17
C ILE KB 74 21.00 119.62 123.16
N ILE KB 75 21.08 120.85 122.67
CA ILE KB 75 21.08 122.05 123.51
C ILE KB 75 19.87 122.90 123.14
N ASN KB 76 19.13 123.34 124.15
CA ASN KB 76 17.91 124.12 123.97
C ASN KB 76 18.04 125.50 124.59
N TYR KB 77 17.46 126.50 123.92
CA TYR KB 77 17.75 127.91 124.13
C TYR KB 77 16.52 128.65 124.66
N THR KB 78 16.64 129.98 124.69
CA THR KB 78 15.73 130.84 125.44
C THR KB 78 14.28 130.62 125.05
N ASP KB 79 13.41 130.52 126.06
CA ASP KB 79 11.96 130.44 125.91
C ASP KB 79 11.52 129.18 125.16
N VAL KB 80 12.30 128.12 125.23
CA VAL KB 80 11.99 126.84 124.60
C VAL KB 80 11.66 125.84 125.70
N ASN KB 81 10.54 125.14 125.55
CA ASN KB 81 10.12 124.15 126.53
C ASN KB 81 9.89 122.77 125.94
N VAL KB 82 9.31 122.68 124.75
CA VAL KB 82 9.00 121.41 124.11
C VAL KB 82 9.46 121.45 122.66
N VAL KB 83 10.12 120.38 122.22
CA VAL KB 83 10.67 120.28 120.87
C VAL KB 83 10.15 119.01 120.22
N LYS KB 84 9.70 119.12 118.98
CA LYS KB 84 9.31 117.98 118.16
C LYS KB 84 10.35 117.76 117.07
N LEU KB 85 10.85 116.53 116.97
CA LEU KB 85 11.97 116.22 116.10
C LEU KB 85 11.63 115.05 115.18
N LYS KB 86 12.31 115.01 114.04
CA LYS KB 86 12.22 113.90 113.10
C LYS KB 86 13.63 113.42 112.79
N VAL KB 87 13.87 112.13 112.95
CA VAL KB 87 15.18 111.52 112.76
C VAL KB 87 15.08 110.48 111.65
N THR KB 88 16.03 110.52 110.73
CA THR KB 88 16.03 109.62 109.58
C THR KB 88 17.45 109.18 109.26
N LEU KB 89 17.55 108.08 108.52
CA LEU KB 89 18.82 107.56 108.03
C LEU KB 89 19.07 108.15 106.63
N ALA KB 90 20.11 108.97 106.52
CA ALA KB 90 20.34 109.71 105.28
C ALA KB 90 20.87 108.81 104.17
N ASN KB 91 21.73 107.86 104.50
CA ASN KB 91 22.39 107.04 103.50
C ASN KB 91 21.99 105.58 103.59
N ALA KB 92 20.69 105.33 103.77
CA ALA KB 92 20.21 103.95 103.87
C ALA KB 92 20.41 103.20 102.55
N ALA KB 93 20.29 103.88 101.42
CA ALA KB 93 20.44 103.22 100.13
C ALA KB 93 21.86 102.70 99.94
N GLN KB 94 22.85 103.45 100.39
CA GLN KB 94 24.24 103.01 100.25
C GLN KB 94 24.54 101.80 101.13
N LEU KB 95 23.91 101.70 102.30
CA LEU KB 95 24.18 100.62 103.23
C LEU KB 95 23.45 99.33 102.90
N ARG KB 96 22.49 99.37 101.96
CA ARG KB 96 21.73 98.16 101.64
C ARG KB 96 22.58 97.00 101.12
N PRO KB 97 23.51 97.17 100.18
CA PRO KB 97 24.27 96.01 99.69
C PRO KB 97 25.19 95.38 100.73
N TYR KB 98 25.43 96.04 101.86
CA TYR KB 98 26.37 95.55 102.85
C TYR KB 98 25.73 94.83 104.03
N PHE KB 99 24.41 94.93 104.18
CA PHE KB 99 23.75 94.37 105.36
C PHE KB 99 22.45 93.66 104.95
N LYS KB 100 22.17 92.56 105.63
CA LYS KB 100 20.85 91.96 105.54
C LYS KB 100 19.82 92.74 106.36
N TYR KB 101 20.21 93.20 107.54
CA TYR KB 101 19.36 94.07 108.35
C TYR KB 101 20.23 94.87 109.30
N LEU KB 102 19.70 96.01 109.72
CA LEU KB 102 20.41 96.90 110.65
C LEU KB 102 19.38 97.76 111.36
N GLN KB 103 19.38 97.69 112.70
CA GLN KB 103 18.40 98.40 113.50
C GLN KB 103 19.11 99.29 114.53
N LEU KB 104 18.61 100.50 114.69
CA LEU KB 104 19.16 101.47 115.64
C LEU KB 104 18.11 101.79 116.69
N VAL KB 105 18.52 101.78 117.95
CA VAL KB 105 17.63 102.03 119.09
C VAL KB 105 18.12 103.29 119.80
N LEU KB 106 17.21 104.25 119.98
CA LEU KB 106 17.51 105.51 120.63
C LEU KB 106 16.78 105.58 121.97
N THR KB 107 17.51 105.90 123.03
CA THR KB 107 16.94 105.99 124.37
C THR KB 107 17.33 107.31 125.02
N SER KB 108 16.38 107.92 125.72
CA SER KB 108 16.63 109.13 126.49
C SER KB 108 17.01 108.73 127.91
N ASN KB 109 18.10 109.31 128.42
CA ASN KB 109 18.72 108.90 129.67
C ASN KB 109 19.08 110.11 130.52
N ALA KB 110 19.08 111.31 129.94
CA ALA KB 110 19.61 112.50 130.60
C ALA KB 110 19.01 112.72 131.99
N SER KB 111 17.78 112.26 132.21
CA SER KB 111 17.20 112.16 133.55
C SER KB 111 17.56 110.83 134.15
N SER KB 112 18.27 110.87 135.29
CA SER KB 112 18.71 109.64 135.94
C SER KB 112 17.54 108.81 136.46
N THR KB 113 16.36 109.42 136.62
CA THR KB 113 15.18 108.72 137.11
C THR KB 113 14.32 108.14 136.00
N VAL KB 114 14.31 108.76 134.82
CA VAL KB 114 13.44 108.36 133.72
C VAL KB 114 14.31 108.01 132.51
N GLU KB 115 14.52 106.71 132.30
CA GLU KB 115 15.12 106.20 131.07
C GLU KB 115 14.00 105.74 130.15
N GLU KB 116 14.03 106.21 128.90
CA GLU KB 116 13.00 105.87 127.93
C GLU KB 116 13.59 105.67 126.55
N THR KB 117 13.21 104.57 125.90
CA THR KB 117 13.49 104.38 124.48
C THR KB 117 12.43 105.09 123.65
N LYS KB 118 12.88 105.90 122.70
CA LYS KB 118 11.97 106.77 121.95
C LYS KB 118 11.67 106.29 120.55
N ALA KB 119 12.63 105.73 119.83
CA ALA KB 119 12.39 105.31 118.46
C ALA KB 119 13.32 104.16 118.10
N VAL KB 120 12.91 103.40 117.08
CA VAL KB 120 13.71 102.34 116.50
C VAL KB 120 13.78 102.58 114.99
N LEU KB 121 14.99 102.65 114.45
CA LEU KB 121 15.20 102.89 113.03
C LEU KB 121 15.74 101.63 112.36
N SER KB 122 15.39 101.46 111.09
CA SER KB 122 15.81 100.29 110.33
C SER KB 122 15.98 100.69 108.87
N LEU KB 123 16.56 99.77 108.09
CA LEU KB 123 16.78 100.04 106.68
C LEU KB 123 15.48 100.03 105.87
N LYS KB 124 14.43 99.41 106.39
CA LYS KB 124 13.14 99.38 105.71
C LYS KB 124 12.24 100.53 106.12
N LYS KB 125 12.36 101.01 107.36
CA LYS KB 125 11.60 102.16 107.86
C LYS KB 125 12.60 103.12 108.49
N PRO KB 126 13.20 104.00 107.68
CA PRO KB 126 14.34 104.80 108.17
C PRO KB 126 13.94 106.00 109.01
N SER KB 127 12.68 106.42 109.03
CA SER KB 127 12.29 107.67 109.66
C SER KB 127 11.40 107.42 110.87
N ALA KB 128 11.49 108.33 111.84
CA ALA KB 128 10.68 108.27 113.05
C ALA KB 128 10.52 109.68 113.61
N VAL KB 129 9.49 109.85 114.43
CA VAL KB 129 9.18 111.13 115.07
C VAL KB 129 9.15 110.91 116.58
N ILE KB 130 9.86 111.77 117.32
CA ILE KB 130 9.97 111.65 118.76
C ILE KB 130 9.57 112.97 119.41
N ILE KB 131 9.29 112.90 120.71
CA ILE KB 131 8.86 114.05 121.50
C ILE KB 131 9.77 114.18 122.71
N LEU KB 132 10.28 115.39 122.95
CA LEU KB 132 11.06 115.72 124.13
C LEU KB 132 10.29 116.75 124.95
N ASP KB 133 10.13 116.48 126.24
CA ASP KB 133 9.33 117.33 127.11
C ASP KB 133 10.06 117.75 128.38
N ASN KB 134 9.33 118.32 129.34
CA ASN KB 134 9.94 118.85 130.55
C ASN KB 134 10.73 117.80 131.31
N ASP KB 135 10.28 116.54 131.29
CA ASP KB 135 10.98 115.49 132.04
C ASP KB 135 12.33 115.17 131.43
N ASP KB 136 12.45 115.26 130.10
CA ASP KB 136 13.71 114.89 129.45
C ASP KB 136 14.80 115.92 129.72
N TYR KB 137 14.44 117.21 129.76
CA TYR KB 137 15.41 118.28 129.87
C TYR KB 137 16.02 118.35 131.26
N SER KB 138 16.84 117.36 131.61
CA SER KB 138 17.59 117.40 132.86
C SER KB 138 18.76 118.37 132.73
N SER KB 139 19.19 118.91 133.88
CA SER KB 139 20.10 120.03 133.96
C SER KB 139 19.56 121.28 133.26
N THR KB 140 18.30 121.24 132.83
CA THR KB 140 17.54 122.35 132.27
C THR KB 140 18.08 122.82 130.91
N ASN KB 141 19.16 122.19 130.42
CA ASN KB 141 19.81 122.72 129.22
C ASN KB 141 20.21 121.70 128.17
N LYS KB 142 20.14 120.39 128.43
CA LYS KB 142 20.67 119.46 127.44
C LYS KB 142 19.94 118.12 127.50
N ILE KB 143 19.98 117.42 126.35
CA ILE KB 143 19.46 116.08 126.17
C ILE KB 143 20.62 115.15 125.80
N GLN KB 144 20.63 113.97 126.40
CA GLN KB 144 21.63 112.94 126.09
C GLN KB 144 20.91 111.72 125.54
N LEU KB 145 21.33 111.28 124.35
CA LEU KB 145 20.73 110.13 123.67
C LEU KB 145 21.83 109.23 123.14
N LYS KB 146 21.93 108.01 123.65
CA LYS KB 146 22.84 107.02 123.09
C LYS KB 146 22.15 106.18 122.03
N VAL KB 147 22.97 105.55 121.18
CA VAL KB 147 22.50 104.79 120.03
C VAL KB 147 22.82 103.31 120.27
N GLU KB 148 21.84 102.45 119.98
CA GLU KB 148 22.02 101.03 120.13
C GLU KB 148 21.80 100.35 118.79
N ALA KB 149 22.71 99.48 118.39
CA ALA KB 149 22.72 98.89 117.06
C ALA KB 149 22.61 97.38 117.12
N TYR KB 150 21.79 96.82 116.23
CA TYR KB 150 21.71 95.38 115.99
C TYR KB 150 21.89 95.16 114.49
N TYR KB 151 22.65 94.12 114.13
CA TYR KB 151 23.06 94.00 112.74
C TYR KB 151 23.36 92.54 112.40
N GLU KB 152 23.34 92.27 111.10
CA GLU KB 152 23.87 91.04 110.52
C GLU KB 152 24.53 91.37 109.21
N ALA KB 153 25.80 91.00 109.07
CA ALA KB 153 26.58 91.36 107.89
C ALA KB 153 26.33 90.38 106.75
N LYS KB 154 26.53 90.86 105.53
CA LYS KB 154 26.39 90.01 104.35
C LYS KB 154 27.49 88.96 104.31
N GLU KB 155 27.18 87.83 103.66
CA GLU KB 155 28.10 86.70 103.61
C GLU KB 155 29.22 86.99 102.62
N GLY KB 156 30.46 86.92 103.09
CA GLY KB 156 31.61 87.02 102.23
C GLY KB 156 31.92 88.41 101.70
N MET KB 157 31.45 89.46 102.36
CA MET KB 157 31.68 90.83 101.92
C MET KB 157 32.70 91.49 102.84
N LEU KB 158 33.74 92.06 102.24
CA LEU KB 158 34.81 92.72 102.97
C LEU KB 158 34.89 94.19 102.56
N PHE KB 159 35.07 95.07 103.54
CA PHE KB 159 35.08 96.50 103.29
C PHE KB 159 35.68 97.20 104.49
N ASP KB 160 35.94 98.50 104.33
CA ASP KB 160 36.44 99.32 105.42
C ASP KB 160 36.12 100.78 105.12
N SER KB 161 36.12 101.59 106.18
CA SER KB 161 35.89 103.04 106.08
C SER KB 161 34.53 103.34 105.42
N LEU KB 162 33.46 102.83 106.03
CA LEU KB 162 32.11 103.07 105.56
C LEU KB 162 31.35 103.91 106.57
N PRO KB 163 30.87 105.10 106.21
CA PRO KB 163 30.21 105.96 107.19
C PRO KB 163 28.71 105.70 107.30
N VAL KB 164 28.20 106.00 108.49
CA VAL KB 164 26.76 105.95 108.80
C VAL KB 164 26.34 107.34 109.22
N ILE KB 165 25.29 107.86 108.59
CA ILE KB 165 24.88 109.26 108.73
C ILE KB 165 23.45 109.33 109.24
N LEU KB 166 23.21 110.19 110.22
CA LEU KB 166 21.88 110.48 110.74
C LEU KB 166 21.59 111.97 110.59
N ASN KB 167 20.32 112.30 110.34
CA ASN KB 167 19.90 113.67 110.11
C ASN KB 167 18.79 114.05 111.06
N PHE KB 168 18.75 115.33 111.45
CA PHE KB 168 17.74 115.86 112.36
C PHE KB 168 17.03 117.04 111.71
N GLN KB 169 15.71 117.12 111.92
CA GLN KB 169 14.91 118.23 111.44
C GLN KB 169 13.87 118.60 112.48
N VAL KB 170 13.70 119.89 112.69
CA VAL KB 170 12.76 120.43 113.68
C VAL KB 170 11.42 120.66 113.00
N LEU KB 171 10.35 120.12 113.58
CA LEU KB 171 9.01 120.30 113.05
C LEU KB 171 8.20 121.35 113.80
N SER KB 172 8.35 121.44 115.12
CA SER KB 172 7.63 122.42 115.92
C SER KB 172 8.33 122.57 117.25
N VAL KB 173 8.36 123.81 117.76
CA VAL KB 173 8.93 124.12 119.06
C VAL KB 173 7.99 125.05 119.80
N SER KB 174 7.96 124.91 121.13
CA SER KB 174 7.11 125.75 121.96
C SER KB 174 7.73 125.95 123.34
N THR LB 26 5.62 195.13 99.60
CA THR LB 26 4.49 194.21 99.64
C THR LB 26 4.84 192.91 98.92
N THR LB 27 5.42 191.97 99.65
CA THR LB 27 5.84 190.69 99.10
C THR LB 27 5.13 189.55 99.83
N GLN LB 28 4.62 188.59 99.08
CA GLN LB 28 3.94 187.43 99.62
C GLN LB 28 4.87 186.23 99.55
N SER LB 29 5.09 185.58 100.69
CA SER LB 29 6.04 184.49 100.74
C SER LB 29 5.34 183.14 100.86
N PRO LB 30 5.87 182.09 100.21
CA PRO LB 30 5.25 180.77 100.34
C PRO LB 30 5.66 180.01 101.60
N LEU LB 31 6.76 180.41 102.25
CA LEU LB 31 7.17 179.85 103.54
C LEU LB 31 7.48 178.36 103.45
N ASN LB 32 8.25 177.98 102.43
CA ASN LB 32 8.65 176.58 102.28
C ASN LB 32 10.11 176.45 101.84
N SER LB 33 10.93 177.47 102.07
CA SER LB 33 12.33 177.47 101.63
C SER LB 33 13.26 177.03 102.76
N PHE LB 34 13.07 175.79 103.22
CA PHE LB 34 13.90 175.22 104.27
C PHE LB 34 14.23 173.78 103.92
N TYR LB 35 15.50 173.39 104.10
CA TYR LB 35 15.95 172.06 103.72
C TYR LB 35 17.03 171.57 104.67
N ALA LB 36 17.21 170.25 104.70
CA ALA LB 36 18.27 169.60 105.44
C ALA LB 36 18.67 168.34 104.68
N THR LB 37 19.96 168.03 104.68
CA THR LB 37 20.50 167.00 103.81
C THR LB 37 21.40 166.03 104.57
N GLY LB 38 21.29 164.75 104.24
CA GLY LB 38 22.18 163.73 104.74
C GLY LB 38 22.74 162.86 103.62
N THR LB 39 23.45 161.79 103.95
CA THR LB 39 24.06 160.94 102.94
C THR LB 39 24.04 159.49 103.41
N ALA LB 40 24.21 158.57 102.45
CA ALA LB 40 24.27 157.15 102.72
C ALA LB 40 25.10 156.47 101.64
N GLN LB 41 25.60 155.27 101.95
CA GLN LB 41 26.44 154.54 101.00
C GLN LB 41 26.49 153.07 101.40
N ALA LB 42 26.95 152.26 100.44
CA ALA LB 42 27.19 150.83 100.67
C ALA LB 42 28.17 150.37 99.60
N VAL LB 43 29.41 150.08 100.00
CA VAL LB 43 30.49 149.88 99.04
C VAL LB 43 31.24 148.57 99.26
N GLN LB 44 30.60 147.56 99.85
CA GLN LB 44 31.26 146.27 100.02
C GLN LB 44 30.23 145.16 100.11
N GLU LB 45 30.68 143.95 99.74
CA GLU LB 45 29.84 142.76 99.78
C GLU LB 45 29.77 142.20 101.20
N PRO LB 46 28.69 141.48 101.53
CA PRO LB 46 28.51 141.05 102.93
C PRO LB 46 29.63 140.17 103.47
N ILE LB 47 30.17 139.27 102.65
CA ILE LB 47 31.12 138.27 103.15
C ILE LB 47 32.37 138.26 102.27
N ASP LB 48 33.44 137.70 102.83
CA ASP LB 48 34.68 137.45 102.11
C ASP LB 48 35.11 136.03 102.43
N VAL LB 49 35.62 135.30 101.44
CA VAL LB 49 35.92 133.88 101.56
C VAL LB 49 37.38 133.64 101.18
N GLU LB 50 38.10 132.89 102.01
CA GLU LB 50 39.49 132.54 101.77
C GLU LB 50 39.66 131.04 101.99
N SER LB 51 40.48 130.41 101.14
CA SER LB 51 40.62 128.96 101.10
C SER LB 51 41.98 128.53 101.62
N HIS LB 52 42.01 127.41 102.34
CA HIS LB 52 43.25 126.80 102.83
C HIS LB 52 43.21 125.29 102.69
N LEU LB 53 42.75 124.81 101.53
CA LEU LB 53 42.69 123.37 101.25
C LEU LB 53 44.04 122.94 100.68
N ASP LB 54 44.92 122.46 101.55
CA ASP LB 54 46.29 122.12 101.18
C ASP LB 54 46.63 120.67 101.52
N ASN LB 55 45.71 119.76 101.21
CA ASN LB 55 45.97 118.33 101.32
C ASN LB 55 45.48 117.63 100.06
N THR LB 56 46.13 116.52 99.72
CA THR LB 56 45.88 115.81 98.47
C THR LB 56 45.34 114.42 98.77
N ILE LB 57 44.24 114.06 98.11
CA ILE LB 57 43.72 112.70 98.15
C ILE LB 57 44.60 111.85 97.23
N ALA LB 58 45.49 111.05 97.82
CA ALA LB 58 46.46 110.27 97.07
C ALA LB 58 46.41 108.81 97.50
N PRO LB 59 45.38 108.07 97.08
CA PRO LB 59 45.34 106.64 97.32
C PRO LB 59 45.92 105.86 96.13
N ALA LB 60 46.02 104.55 96.32
CA ALA LB 60 46.37 103.67 95.21
C ALA LB 60 45.15 103.44 94.32
N ALA LB 61 45.40 102.85 93.16
CA ALA LB 61 44.32 102.61 92.20
C ALA LB 61 43.36 101.57 92.75
N GLY LB 62 42.07 101.93 92.81
CA GLY LB 62 41.04 101.00 93.25
C GLY LB 62 40.90 100.85 94.74
N ALA LB 63 41.58 101.69 95.53
CA ALA LB 63 41.57 101.55 96.98
C ALA LB 63 40.41 102.33 97.61
N GLN LB 64 40.03 101.92 98.81
CA GLN LB 64 39.02 102.59 99.60
C GLN LB 64 39.72 103.31 100.76
N GLY LB 65 39.42 104.59 100.94
CA GLY LB 65 40.21 105.39 101.85
C GLY LB 65 39.47 106.33 102.77
N TYR LB 66 40.23 107.22 103.42
CA TYR LB 66 39.73 108.11 104.46
C TYR LB 66 40.73 109.26 104.63
N LYS LB 67 40.30 110.49 104.36
CA LYS LB 67 41.27 111.59 104.27
C LYS LB 67 40.58 112.88 104.68
N ASP LB 68 41.38 113.80 105.22
CA ASP LB 68 40.97 115.18 105.50
C ASP LB 68 41.73 116.12 104.58
N MET LB 69 41.20 117.33 104.38
CA MET LB 69 41.70 118.22 103.35
C MET LB 69 42.25 119.54 103.88
N GLY LB 70 41.49 120.24 104.71
CA GLY LB 70 41.89 121.56 105.16
C GLY LB 70 40.70 122.29 105.73
N TYR LB 71 40.76 123.62 105.69
CA TYR LB 71 39.67 124.44 106.24
C TYR LB 71 39.52 125.70 105.40
N VAL LB 72 38.34 126.33 105.52
CA VAL LB 72 37.99 127.52 104.76
C VAL LB 72 37.53 128.60 105.73
N LYS LB 73 37.96 129.84 105.47
CA LYS LB 73 37.64 130.97 106.32
C LYS LB 73 36.60 131.87 105.66
N ILE LB 74 35.64 132.33 106.47
CA ILE LB 74 34.58 133.23 106.03
C ILE LB 74 34.61 134.46 106.92
N ILE LB 75 34.54 135.65 106.32
CA ILE LB 75 34.61 136.91 107.03
C ILE LB 75 33.31 137.67 106.81
N ASN LB 76 32.74 138.19 107.90
CA ASN LB 76 31.46 138.89 107.89
C ASN LB 76 31.63 140.33 108.35
N TYR LB 77 30.88 141.23 107.71
CA TYR LB 77 31.12 142.66 107.73
C TYR LB 77 29.97 143.41 108.42
N THR LB 78 30.02 144.74 108.30
CA THR LB 78 29.21 145.63 109.14
C THR LB 78 27.72 145.31 109.04
N ASP LB 79 27.06 145.29 110.20
CA ASP LB 79 25.61 145.13 110.32
C ASP LB 79 25.12 143.79 109.78
N VAL LB 80 25.97 142.76 109.81
CA VAL LB 80 25.62 141.42 109.36
C VAL LB 80 25.54 140.52 110.59
N ASN LB 81 24.46 139.77 110.70
CA ASN LB 81 24.27 138.86 111.83
C ASN LB 81 24.02 137.42 111.41
N VAL LB 82 23.24 137.19 110.36
CA VAL LB 82 22.89 135.85 109.91
C VAL LB 82 23.09 135.77 108.40
N VAL LB 83 23.72 134.69 107.94
CA VAL LB 83 24.01 134.49 106.52
C VAL LB 83 23.47 133.13 106.09
N LYS LB 84 22.79 133.11 104.95
CA LYS LB 84 22.32 131.88 104.32
C LYS LB 84 23.16 131.60 103.09
N LEU LB 85 23.70 130.39 103.00
CA LEU LB 85 24.66 130.04 101.96
C LEU LB 85 24.23 128.77 101.23
N LYS LB 86 24.69 128.65 99.99
CA LYS LB 86 24.51 127.46 99.18
C LYS LB 86 25.86 127.00 98.67
N VAL LB 87 26.19 125.74 98.90
CA VAL LB 87 27.48 125.17 98.53
C VAL LB 87 27.24 124.02 97.55
N THR LB 88 28.01 124.01 96.46
CA THR LB 88 27.85 123.01 95.42
C THR LB 88 29.22 122.58 94.89
N LEU LB 89 29.24 121.43 94.23
CA LEU LB 89 30.43 120.92 93.57
C LEU LB 89 30.39 121.38 92.11
N ALA LB 90 31.34 122.22 91.73
CA ALA LB 90 31.30 122.85 90.41
C ALA LB 90 31.68 121.87 89.30
N ASN LB 91 32.64 120.99 89.56
CA ASN LB 91 33.16 120.11 88.52
C ASN LB 91 32.86 118.64 88.82
N ALA LB 92 31.63 118.36 89.24
CA ALA LB 92 31.25 116.98 89.55
C ALA LB 92 31.26 116.10 88.30
N ALA LB 93 30.89 116.68 87.15
CA ALA LB 93 30.84 115.90 85.91
C ALA LB 93 32.23 115.42 85.52
N GLN LB 94 33.26 116.25 85.71
CA GLN LB 94 34.62 115.85 85.35
C GLN LB 94 35.13 114.74 86.26
N LEU LB 95 34.73 114.74 87.53
CA LEU LB 95 35.22 113.77 88.49
C LEU LB 95 34.51 112.41 88.42
N ARG LB 96 33.41 112.33 87.67
CA ARG LB 96 32.68 111.06 87.60
C ARG LB 96 33.48 109.89 87.04
N PRO LB 97 34.21 110.01 85.93
CA PRO LB 97 34.93 108.83 85.41
C PRO LB 97 36.06 108.35 86.31
N TYR LB 98 36.46 109.13 87.33
CA TYR LB 98 37.60 108.77 88.16
C TYR LB 98 37.21 108.15 89.49
N PHE LB 99 35.94 108.20 89.89
CA PHE LB 99 35.52 107.74 91.20
C PHE LB 99 34.23 106.94 91.11
N LYS LB 100 34.14 105.90 91.92
CA LYS LB 100 32.84 105.24 92.12
C LYS LB 100 31.94 106.06 93.04
N TYR LB 101 32.51 106.65 94.09
CA TYR LB 101 31.77 107.55 94.97
C TYR LB 101 32.75 108.47 95.67
N LEU LB 102 32.26 109.63 96.08
CA LEU LB 102 33.07 110.63 96.78
C LEU LB 102 32.13 111.51 97.59
N GLN LB 103 32.38 111.58 98.89
CA GLN LB 103 31.53 112.32 99.81
C GLN LB 103 32.36 113.32 100.60
N LEU LB 104 31.82 114.53 100.75
CA LEU LB 104 32.48 115.60 101.49
C LEU LB 104 31.61 115.99 102.68
N VAL LB 105 32.25 116.11 103.85
CA VAL LB 105 31.57 116.44 105.10
C VAL LB 105 32.09 117.78 105.60
N LEU LB 106 31.18 118.71 105.86
CA LEU LB 106 31.51 120.05 106.33
C LEU LB 106 31.04 120.21 107.76
N THR LB 107 31.94 120.67 108.63
CA THR LB 107 31.62 120.86 110.05
C THR LB 107 32.03 122.25 110.50
N SER LB 108 31.19 122.89 111.31
CA SER LB 108 31.51 124.18 111.91
C SER LB 108 32.17 123.93 113.26
N ASN LB 109 33.30 124.60 113.50
CA ASN LB 109 34.14 124.33 114.66
C ASN LB 109 34.59 125.64 115.32
N ALA LB 110 34.40 126.77 114.64
CA ALA LB 110 34.98 128.05 115.09
C ALA LB 110 34.63 128.37 116.54
N SER LB 111 33.49 127.89 117.02
CA SER LB 111 33.16 127.90 118.44
C SER LB 111 33.71 126.64 119.09
N SER LB 112 34.60 126.82 120.06
CA SER LB 112 35.21 125.68 120.72
C SER LB 112 34.21 124.86 121.53
N THR LB 113 33.04 125.44 121.84
CA THR LB 113 32.02 124.73 122.60
C THR LB 113 31.01 124.02 121.72
N VAL LB 114 30.76 124.52 120.52
CA VAL LB 114 29.72 123.98 119.63
C VAL LB 114 30.37 123.55 118.33
N GLU LB 115 30.62 122.25 118.19
CA GLU LB 115 31.01 121.64 116.93
C GLU LB 115 29.77 121.06 116.26
N GLU LB 116 29.55 121.41 115.00
CA GLU LB 116 28.38 120.93 114.27
C GLU LB 116 28.74 120.61 112.83
N THR LB 117 28.30 119.45 112.36
CA THR LB 117 28.33 119.13 110.94
C THR LB 117 27.11 119.72 110.26
N LYS LB 118 27.32 120.45 109.17
CA LYS LB 118 26.25 121.21 108.53
C LYS LB 118 25.73 120.58 107.25
N ALA LB 119 26.58 120.00 106.42
CA ALA LB 119 26.11 119.43 105.16
C ALA LB 119 27.03 118.29 104.73
N VAL LB 120 26.48 117.42 103.88
CA VAL LB 120 27.22 116.34 103.25
C VAL LB 120 27.01 116.44 101.75
N LEU LB 121 28.10 116.49 100.99
CA LEU LB 121 28.04 116.61 99.54
C LEU LB 121 28.52 115.32 98.90
N SER LB 122 27.95 115.01 97.73
CA SER LB 122 28.30 113.79 97.02
C SER LB 122 28.17 114.05 95.52
N LEU LB 123 28.66 113.09 94.73
CA LEU LB 123 28.60 113.23 93.28
C LEU LB 123 27.19 113.09 92.73
N LYS LB 124 26.28 112.47 93.48
CA LYS LB 124 24.90 112.34 93.06
C LYS LB 124 24.02 113.49 93.53
N LYS LB 125 24.33 114.08 94.68
CA LYS LB 125 23.61 115.24 95.21
C LYS LB 125 24.65 116.30 95.55
N PRO LB 126 25.05 117.12 94.57
CA PRO LB 126 26.21 118.01 94.77
C PRO LB 126 25.91 119.27 95.57
N SER LB 127 24.65 119.64 95.78
CA SER LB 127 24.31 120.93 96.36
C SER LB 127 23.66 120.76 97.73
N ALA LB 128 23.87 121.76 98.58
CA ALA LB 128 23.30 121.78 99.92
C ALA LB 128 23.16 123.23 100.37
N VAL LB 129 22.29 123.45 101.36
CA VAL LB 129 22.02 124.76 101.93
C VAL LB 129 22.28 124.70 103.42
N ILE LB 130 23.07 125.64 103.94
CA ILE LB 130 23.44 125.68 105.35
C ILE LB 130 23.09 127.04 105.94
N ILE LB 131 23.05 127.08 107.27
CA ILE LB 131 22.70 128.29 108.02
C ILE LB 131 23.81 128.57 109.02
N LEU LB 132 24.28 129.81 109.05
CA LEU LB 132 25.23 130.28 110.04
C LEU LB 132 24.58 131.36 110.90
N ASP LB 133 24.67 131.21 112.21
CA ASP LB 133 23.99 132.10 113.13
C ASP LB 133 24.91 132.66 114.20
N ASN LB 134 24.33 133.30 115.23
CA ASN LB 134 25.12 133.98 116.26
C ASN LB 134 26.09 133.03 116.95
N ASP LB 135 25.71 131.76 117.12
CA ASP LB 135 26.59 130.82 117.82
C ASP LB 135 27.83 130.49 117.00
N ASP LB 136 27.71 130.45 115.67
CA ASP LB 136 28.84 130.08 114.83
C ASP LB 136 29.91 131.17 114.80
N TYR LB 137 29.48 132.43 114.79
CA TYR LB 137 30.40 133.56 114.64
C TYR LB 137 31.25 133.79 115.88
N SER LB 138 32.17 132.87 116.16
CA SER LB 138 33.13 133.06 117.23
C SER LB 138 34.20 134.06 116.81
N SER LB 139 34.79 134.71 117.80
CA SER LB 139 35.65 135.88 117.62
C SER LB 139 34.92 137.03 116.93
N THR LB 140 33.61 136.90 116.75
CA THR LB 140 32.69 137.92 116.23
C THR LB 140 32.96 138.26 114.77
N ASN LB 141 33.95 137.65 114.13
CA ASN LB 141 34.36 138.08 112.80
C ASN LB 141 34.62 136.98 111.78
N LYS LB 142 34.66 135.70 112.16
CA LYS LB 142 35.06 134.70 111.19
C LYS LB 142 34.43 133.34 111.49
N ILE LB 143 34.30 132.54 110.43
CA ILE LB 143 33.84 131.16 110.46
C ILE LB 143 34.96 130.26 109.97
N GLN LB 144 35.16 129.13 110.65
CA GLN LB 144 36.14 128.13 110.25
C GLN LB 144 35.39 126.83 109.96
N LEU LB 145 35.62 126.28 108.76
CA LEU LB 145 34.97 125.06 108.31
C LEU LB 145 36.01 124.16 107.65
N LYS LB 146 36.26 123.00 108.25
CA LYS LB 146 37.11 121.99 107.62
C LYS LB 146 36.29 121.02 106.78
N VAL LB 147 36.98 120.35 105.86
CA VAL LB 147 36.36 119.47 104.88
C VAL LB 147 36.79 118.03 105.18
N GLU LB 148 35.82 117.11 105.16
CA GLU LB 148 36.12 115.71 105.40
C GLU LB 148 35.69 114.91 104.18
N ALA LB 149 36.57 114.03 103.70
CA ALA LB 149 36.37 113.33 102.45
C ALA LB 149 36.36 111.81 102.67
N TYR LB 150 35.43 111.15 102.00
CA TYR LB 150 35.39 109.69 101.90
C TYR LB 150 35.31 109.32 100.43
N TYR LB 151 36.05 108.30 100.01
CA TYR LB 151 36.21 108.05 98.58
C TYR LB 151 36.52 106.59 98.32
N GLU LB 152 36.28 106.18 97.08
CA GLU LB 152 36.76 104.92 96.53
C GLU LB 152 37.17 105.15 95.08
N ALA LB 153 38.41 104.82 94.75
CA ALA LB 153 38.94 105.09 93.42
C ALA LB 153 38.55 104.00 92.45
N LYS LB 154 38.49 104.37 91.16
CA LYS LB 154 38.20 103.40 90.11
C LYS LB 154 39.32 102.40 89.97
N GLU LB 155 38.97 101.21 89.49
CA GLU LB 155 39.93 100.11 89.36
C GLU LB 155 40.84 100.34 88.16
N GLY LB 156 42.14 100.37 88.41
CA GLY LB 156 43.11 100.44 87.33
C GLY LB 156 43.24 101.77 86.64
N MET LB 157 42.83 102.87 87.29
CA MET LB 157 42.90 104.20 86.69
C MET LB 157 44.03 104.97 87.34
N LEU LB 158 44.92 105.53 86.51
CA LEU LB 158 46.06 106.30 86.98
C LEU LB 158 45.99 107.71 86.43
N PHE LB 159 46.28 108.70 87.27
CA PHE LB 159 46.17 110.10 86.89
C PHE LB 159 46.94 110.94 87.90
N ASP LB 160 47.08 112.22 87.59
CA ASP LB 160 47.73 113.17 88.49
C ASP LB 160 47.28 114.58 88.13
N SER LB 161 47.42 115.49 89.09
CA SER LB 161 47.10 116.91 88.91
C SER LB 161 45.64 117.09 88.49
N LEU LB 162 44.72 116.60 89.34
CA LEU LB 162 43.30 116.74 89.09
C LEU LB 162 42.68 117.63 90.16
N PRO LB 163 42.08 118.76 89.78
CA PRO LB 163 41.55 119.69 90.79
C PRO LB 163 40.12 119.39 91.20
N VAL LB 164 39.81 119.78 92.44
CA VAL LB 164 38.47 119.70 92.99
C VAL LB 164 38.04 121.11 93.37
N ILE LB 165 36.86 121.53 92.89
CA ILE LB 165 36.42 122.91 92.99
C ILE LB 165 35.10 122.97 93.75
N LEU LB 166 34.99 123.92 94.67
CA LEU LB 166 33.76 124.20 95.40
C LEU LB 166 33.36 125.66 95.17
N ASN LB 167 32.06 125.92 95.14
CA ASN LB 167 31.52 127.24 94.86
C ASN LB 167 30.58 127.66 95.97
N PHE LB 168 30.53 128.96 96.24
CA PHE LB 168 29.67 129.55 97.27
C PHE LB 168 28.80 130.63 96.67
N GLN LB 169 27.54 130.67 97.11
CA GLN LB 169 26.60 131.70 96.68
C GLN LB 169 25.74 132.12 97.86
N VAL LB 170 25.55 133.44 97.99
CA VAL LB 170 24.77 134.01 99.08
C VAL LB 170 23.32 134.14 98.64
N LEU LB 171 22.40 133.61 99.45
CA LEU LB 171 20.98 133.69 99.17
C LEU LB 171 20.26 134.78 99.96
N SER LB 172 20.65 134.99 101.22
CA SER LB 172 20.02 136.01 102.04
C SER LB 172 20.94 136.33 103.21
N VAL LB 173 20.98 137.60 103.60
CA VAL LB 173 21.78 138.06 104.73
C VAL LB 173 20.92 139.02 105.55
N SER LB 174 21.13 139.01 106.86
CA SER LB 174 20.41 139.89 107.76
C SER LB 174 21.25 140.25 108.98
N THR MB 26 93.32 -31.06 71.08
CA THR MB 26 92.18 -31.86 70.66
C THR MB 26 92.65 -33.08 69.86
N THR MB 27 92.94 -34.17 70.57
CA THR MB 27 93.44 -35.40 69.97
C THR MB 27 92.49 -36.55 70.29
N GLN MB 28 92.17 -37.34 69.27
CA GLN MB 28 91.29 -38.49 69.41
C GLN MB 28 92.14 -39.76 69.43
N SER MB 29 91.99 -40.57 70.47
CA SER MB 29 92.83 -41.75 70.61
C SER MB 29 92.04 -43.03 70.32
N PRO MB 30 92.68 -44.02 69.69
CA PRO MB 30 91.98 -45.29 69.44
C PRO MB 30 91.96 -46.23 70.62
N LEU MB 31 92.85 -46.04 71.61
CA LEU MB 31 92.84 -46.80 72.87
C LEU MB 31 93.07 -48.29 72.63
N ASN MB 32 94.09 -48.61 71.82
CA ASN MB 32 94.45 -50.00 71.57
C ASN MB 32 95.96 -50.22 71.53
N SER MB 33 96.73 -49.32 72.14
CA SER MB 33 98.19 -49.40 72.11
C SER MB 33 98.73 -50.07 73.39
N PHE MB 34 98.35 -51.34 73.57
CA PHE MB 34 98.80 -52.12 74.71
C PHE MB 34 99.14 -53.53 74.24
N TYR MB 35 100.28 -54.04 74.72
CA TYR MB 35 100.76 -55.35 74.27
C TYR MB 35 101.48 -56.07 75.40
N ALA MB 36 101.57 -57.38 75.27
CA ALA MB 36 102.34 -58.25 76.17
C ALA MB 36 102.87 -59.41 75.36
N THR MB 37 104.09 -59.85 75.68
CA THR MB 37 104.81 -60.80 74.84
C THR MB 37 105.39 -61.94 75.67
N GLY MB 38 105.31 -63.15 75.12
CA GLY MB 38 105.97 -64.31 75.69
C GLY MB 38 106.78 -65.07 74.64
N THR MB 39 107.31 -66.24 74.99
CA THR MB 39 108.13 -67.01 74.07
C THR MB 39 107.90 -68.49 74.28
N ALA MB 40 108.29 -69.29 73.27
CA ALA MB 40 108.19 -70.73 73.34
C ALA MB 40 109.26 -71.34 72.43
N GLN MB 41 109.59 -72.61 72.68
CA GLN MB 41 110.62 -73.28 71.91
C GLN MB 41 110.48 -74.79 72.06
N ALA MB 42 111.15 -75.51 71.15
CA ALA MB 42 111.24 -76.97 71.22
C ALA MB 42 112.46 -77.38 70.41
N VAL MB 43 113.52 -77.83 71.09
CA VAL MB 43 114.81 -78.01 70.45
C VAL MB 43 115.39 -79.41 70.67
N GLN MB 44 114.56 -80.42 70.88
CA GLN MB 44 115.07 -81.77 71.03
C GLN MB 44 114.00 -82.78 70.66
N GLU MB 45 114.46 -83.97 70.23
CA GLU MB 45 113.59 -85.07 69.86
C GLU MB 45 113.08 -85.81 71.10
N PRO MB 46 111.91 -86.44 71.01
CA PRO MB 46 111.31 -87.05 72.21
C PRO MB 46 112.18 -88.10 72.90
N ILE MB 47 112.90 -88.93 72.14
CA ILE MB 47 113.60 -90.07 72.71
C ILE MB 47 115.04 -90.08 72.22
N ASP MB 48 115.87 -90.81 72.98
CA ASP MB 48 117.26 -91.09 72.60
C ASP MB 48 117.50 -92.57 72.80
N VAL MB 49 118.24 -93.20 71.89
CA VAL MB 49 118.41 -94.64 71.87
C VAL MB 49 119.89 -94.97 71.87
N GLU MB 50 120.30 -95.89 72.75
CA GLU MB 50 121.68 -96.34 72.85
C GLU MB 50 121.70 -97.86 72.87
N SER MB 51 122.70 -98.45 72.20
CA SER MB 51 122.76 -99.89 71.98
C SER MB 51 123.90 -100.51 72.78
N HIS MB 52 123.65 -101.72 73.30
CA HIS MB 52 124.65 -102.50 74.02
C HIS MB 52 124.59 -103.97 73.63
N LEU MB 53 124.45 -104.25 72.34
CA LEU MB 53 124.40 -105.63 71.83
C LEU MB 53 125.83 -106.10 71.60
N ASP MB 54 126.40 -106.78 72.60
CA ASP MB 54 127.79 -107.19 72.58
C ASP MB 54 127.93 -108.70 72.76
N ASN MB 55 127.10 -109.47 72.07
CA ASN MB 55 127.24 -110.92 72.03
C ASN MB 55 127.10 -111.40 70.58
N THR MB 56 127.76 -112.50 70.27
CA THR MB 56 127.85 -113.02 68.92
C THR MB 56 127.17 -114.38 68.83
N ILE MB 57 126.30 -114.53 67.83
CA ILE MB 57 125.71 -115.83 67.52
C ILE MB 57 126.77 -116.63 66.76
N ALA MB 58 127.39 -117.59 67.45
CA ALA MB 58 128.51 -118.36 66.88
C ALA MB 58 128.25 -119.85 67.05
N PRO MB 59 127.35 -120.41 66.25
CA PRO MB 59 127.17 -121.86 66.24
C PRO MB 59 128.02 -122.53 65.16
N ALA MB 60 128.00 -123.85 65.16
CA ALA MB 60 128.61 -124.61 64.08
C ALA MB 60 127.69 -124.60 62.86
N ALA MB 61 128.23 -125.04 61.73
CA ALA MB 61 127.47 -125.05 60.48
C ALA MB 61 126.33 -126.06 60.57
N GLY MB 62 125.10 -125.59 60.32
CA GLY MB 62 123.95 -126.45 60.31
C GLY MB 62 123.38 -126.80 61.67
N ALA MB 63 123.83 -126.15 62.73
CA ALA MB 63 123.39 -126.47 64.08
C ALA MB 63 122.15 -125.67 64.46
N GLN MB 64 121.42 -126.21 65.44
CA GLN MB 64 120.25 -125.54 66.02
C GLN MB 64 120.62 -125.07 67.42
N GLY MB 65 120.35 -123.79 67.70
CA GLY MB 65 120.89 -123.21 68.91
C GLY MB 65 119.95 -122.33 69.72
N TYR MB 66 120.55 -121.61 70.69
CA TYR MB 66 119.81 -120.82 71.67
C TYR MB 66 120.78 -119.81 72.30
N LYS MB 67 120.53 -118.52 72.11
CA LYS MB 67 121.53 -117.52 72.45
C LYS MB 67 120.83 -116.21 72.86
N ASP MB 68 121.48 -115.47 73.75
CA ASP MB 68 121.08 -114.11 74.11
C ASP MB 68 122.13 -113.13 73.59
N MET MB 69 121.74 -111.86 73.44
CA MET MB 69 122.57 -110.89 72.73
C MET MB 69 123.02 -109.71 73.60
N GLY MB 70 122.08 -109.06 74.28
CA GLY MB 70 122.40 -107.86 75.04
C GLY MB 70 121.14 -107.10 75.35
N TYR MB 71 121.28 -105.79 75.55
CA TYR MB 71 120.13 -104.95 75.87
C TYR MB 71 120.29 -103.58 75.24
N VAL MB 72 119.17 -102.86 75.12
CA VAL MB 72 119.11 -101.55 74.49
C VAL MB 72 118.45 -100.57 75.44
N LYS MB 73 119.00 -99.35 75.51
CA LYS MB 73 118.51 -98.32 76.41
C LYS MB 73 117.75 -97.25 75.63
N ILE MB 74 116.62 -96.81 76.20
CA ILE MB 74 115.79 -95.76 75.63
C ILE MB 74 115.63 -94.67 76.68
N ILE MB 75 115.80 -93.41 76.26
CA ILE MB 75 115.73 -92.26 77.15
C ILE MB 75 114.59 -91.35 76.70
N ASN MB 76 113.76 -90.95 77.66
CA ASN MB 76 112.58 -90.13 77.40
C ASN MB 76 112.69 -88.78 78.10
N TYR MB 77 112.20 -87.73 77.43
CA TYR MB 77 112.50 -86.34 77.75
C TYR MB 77 111.25 -85.59 78.18
N THR MB 78 111.39 -84.27 78.29
CA THR MB 78 110.43 -83.43 79.00
C THR MB 78 109.01 -83.58 78.44
N ASP MB 79 108.05 -83.70 79.35
CA ASP MB 79 106.62 -83.74 79.04
C ASP MB 79 106.23 -84.93 78.18
N VAL MB 80 106.98 -86.03 78.28
CA VAL MB 80 106.70 -87.26 77.55
C VAL MB 80 106.23 -88.31 78.55
N ASN MB 81 105.12 -88.96 78.24
CA ASN MB 81 104.57 -89.99 79.11
C ASN MB 81 104.37 -91.34 78.42
N VAL MB 82 103.92 -91.34 77.18
CA VAL MB 82 103.64 -92.56 76.44
C VAL MB 82 104.26 -92.46 75.06
N VAL MB 83 104.94 -93.52 74.62
CA VAL MB 83 105.62 -93.56 73.33
C VAL MB 83 105.16 -94.79 72.56
N LYS MB 84 104.84 -94.60 71.29
CA LYS MB 84 104.50 -95.68 70.38
C LYS MB 84 105.65 -95.88 69.40
N LEU MB 85 106.12 -97.11 69.28
CA LEU MB 85 107.32 -97.41 68.51
C LEU MB 85 107.06 -98.52 67.51
N LYS MB 86 107.86 -98.52 66.44
CA LYS MB 86 107.85 -99.57 65.43
C LYS MB 86 109.26 -100.08 65.25
N VAL MB 87 109.44 -101.39 65.36
CA VAL MB 87 110.76 -102.03 65.28
C VAL MB 87 110.75 -103.00 64.11
N THR MB 88 111.80 -102.94 63.30
CA THR MB 88 111.90 -103.78 62.10
C THR MB 88 113.33 -104.25 61.92
N LEU MB 89 113.48 -105.31 61.12
CA LEU MB 89 114.79 -105.84 60.75
C LEU MB 89 115.20 -105.19 59.42
N ALA MB 90 116.26 -104.39 59.45
CA ALA MB 90 116.63 -103.60 58.29
C ALA MB 90 117.27 -104.45 57.20
N ASN MB 91 118.06 -105.45 57.57
CA ASN MB 91 118.81 -106.23 56.59
C ASN MB 91 118.37 -107.68 56.57
N ALA MB 92 117.04 -107.91 56.59
CA ALA MB 92 116.53 -109.27 56.55
C ALA MB 92 116.84 -109.96 55.24
N ALA MB 93 116.86 -109.21 54.14
CA ALA MB 93 117.13 -109.81 52.83
C ALA MB 93 118.55 -110.37 52.76
N GLN MB 94 119.51 -109.66 53.36
CA GLN MB 94 120.90 -110.14 53.35
C GLN MB 94 121.06 -111.41 54.17
N LEU MB 95 120.31 -111.54 55.26
CA LEU MB 95 120.45 -112.68 56.17
C LEU MB 95 119.72 -113.93 55.68
N ARG MB 96 118.88 -113.81 54.65
CA ARG MB 96 118.13 -114.98 54.18
C ARG MB 96 119.00 -116.14 53.70
N PRO MB 97 120.03 -115.94 52.87
CA PRO MB 97 120.81 -117.10 52.40
C PRO MB 97 121.59 -117.81 53.49
N TYR MB 98 121.72 -117.22 54.68
CA TYR MB 98 122.55 -117.79 55.74
C TYR MB 98 121.76 -118.55 56.79
N PHE MB 99 120.43 -118.42 56.82
CA PHE MB 99 119.63 -119.02 57.88
C PHE MB 99 118.38 -119.66 57.31
N LYS MB 100 117.99 -120.80 57.89
CA LYS MB 100 116.67 -121.35 57.62
C LYS MB 100 115.59 -120.57 58.36
N TYR MB 101 115.86 -120.19 59.61
CA TYR MB 101 114.94 -119.34 60.36
C TYR MB 101 115.73 -118.62 61.45
N LEU MB 102 115.19 -117.48 61.88
CA LEU MB 102 115.82 -116.67 62.92
C LEU MB 102 114.74 -115.82 63.57
N GLN MB 103 114.59 -115.95 64.89
CA GLN MB 103 113.55 -115.26 65.62
C GLN MB 103 114.17 -114.45 66.76
N LEU MB 104 113.68 -113.23 66.95
CA LEU MB 104 114.15 -112.33 68.00
C LEU MB 104 113.00 -112.03 68.95
N VAL MB 105 113.27 -112.13 70.25
CA VAL MB 105 112.28 -111.90 71.30
C VAL MB 105 112.71 -110.70 72.12
N LEU MB 106 111.81 -109.73 72.26
CA LEU MB 106 112.07 -108.51 73.00
C LEU MB 106 111.21 -108.49 74.26
N THR MB 107 111.83 -108.25 75.41
CA THR MB 107 111.13 -108.20 76.68
C THR MB 107 111.48 -106.94 77.45
N SER MB 108 110.47 -106.34 78.07
CA SER MB 108 110.67 -105.18 78.92
C SER MB 108 110.88 -105.67 80.35
N ASN MB 109 111.93 -105.15 81.00
CA ASN MB 109 112.39 -105.64 82.30
C ASN MB 109 112.70 -104.48 83.25
N ALA MB 110 112.77 -103.26 82.73
CA ALA MB 110 113.27 -102.12 83.51
C ALA MB 110 112.53 -101.96 84.84
N SER MB 111 111.28 -102.39 84.90
CA SER MB 111 110.55 -102.54 86.17
C SER MB 111 110.81 -103.92 86.74
N SER MB 112 111.40 -103.96 87.93
CA SER MB 112 111.73 -105.23 88.56
C SER MB 112 110.48 -106.05 88.91
N THR MB 113 109.32 -105.41 88.97
CA THR MB 113 108.08 -106.10 89.29
C THR MB 113 107.33 -106.60 88.06
N VAL MB 114 107.46 -105.91 86.94
CA VAL MB 114 106.70 -106.23 85.73
C VAL MB 114 107.68 -106.54 84.61
N GLU MB 115 107.88 -107.83 84.34
CA GLU MB 115 108.60 -108.30 83.16
C GLU MB 115 107.58 -108.67 82.09
N GLU MB 116 107.75 -108.13 80.88
CA GLU MB 116 106.82 -108.40 79.80
C GLU MB 116 107.56 -108.54 78.48
N THR MB 117 107.21 -109.59 77.72
CA THR MB 117 107.65 -109.72 76.34
C THR MB 117 106.69 -108.93 75.45
N LYS MB 118 107.26 -108.08 74.59
CA LYS MB 118 106.47 -107.15 73.79
C LYS MB 118 106.30 -107.54 72.35
N ALA MB 119 107.32 -108.10 71.71
CA ALA MB 119 107.22 -108.43 70.30
C ALA MB 119 108.15 -109.59 69.97
N VAL MB 120 107.83 -110.28 68.87
CA VAL MB 120 108.66 -111.34 68.32
C VAL MB 120 108.89 -111.02 66.85
N LEU MB 121 110.15 -110.97 66.44
CA LEU MB 121 110.53 -110.66 65.07
C LEU MB 121 111.11 -111.89 64.40
N SER MB 122 110.89 -111.99 63.08
CA SER MB 122 111.37 -113.12 62.31
C SER MB 122 111.69 -112.65 60.90
N LEU MB 123 112.34 -113.55 60.14
CA LEU MB 123 112.71 -113.21 58.77
C LEU MB 123 111.51 -113.14 57.84
N LYS MB 124 110.39 -113.76 58.20
CA LYS MB 124 109.19 -113.70 57.38
C LYS MB 124 108.27 -112.55 57.76
N LYS MB 125 108.26 -112.15 59.03
CA LYS MB 125 107.49 -111.00 59.51
C LYS MB 125 108.43 -110.10 60.29
N PRO MB 126 109.15 -109.20 59.60
CA PRO MB 126 110.24 -108.46 60.25
C PRO MB 126 109.79 -107.29 61.12
N SER MB 127 108.55 -106.84 61.03
CA SER MB 127 108.12 -105.62 61.68
C SER MB 127 107.10 -105.91 62.78
N ALA MB 128 107.11 -105.05 63.79
CA ALA MB 128 106.17 -105.14 64.90
C ALA MB 128 105.99 -103.76 65.52
N VAL MB 129 104.88 -103.61 66.25
CA VAL MB 129 104.54 -102.35 66.92
C VAL MB 129 104.34 -102.65 68.39
N ILE MB 130 104.99 -101.85 69.25
CA ILE MB 130 104.94 -102.05 70.70
C ILE MB 130 104.51 -100.75 71.37
N ILE MB 131 104.09 -100.88 72.62
CA ILE MB 131 103.60 -99.76 73.43
C ILE MB 131 104.38 -99.72 74.73
N LEU MB 132 104.89 -98.55 75.09
CA LEU MB 132 105.54 -98.31 76.37
C LEU MB 132 104.72 -97.30 77.15
N ASP MB 133 104.42 -97.63 78.41
CA ASP MB 133 103.55 -96.80 79.23
C ASP MB 133 104.15 -96.47 80.59
N ASN MB 134 103.33 -95.93 81.49
CA ASN MB 134 103.82 -95.48 82.80
C ASN MB 134 104.50 -96.60 83.58
N ASP MB 135 104.03 -97.84 83.43
CA ASP MB 135 104.61 -98.94 84.19
C ASP MB 135 106.01 -99.28 83.72
N ASP MB 136 106.28 -99.12 82.42
CA ASP MB 136 107.59 -99.49 81.88
C ASP MB 136 108.67 -98.52 82.31
N TYR MB 137 108.34 -97.23 82.39
CA TYR MB 137 109.32 -96.18 82.66
C TYR MB 137 109.78 -96.21 84.12
N SER MB 138 110.53 -97.24 84.50
CA SER MB 138 111.14 -97.28 85.81
C SER MB 138 112.34 -96.34 85.86
N SER MB 139 112.66 -95.88 87.07
CA SER MB 139 113.59 -94.79 87.32
C SER MB 139 113.16 -93.50 86.64
N THR MB 140 111.95 -93.48 86.08
CA THR MB 140 111.28 -92.31 85.49
C THR MB 140 111.98 -91.80 84.24
N ASN MB 141 113.08 -92.42 83.82
CA ASN MB 141 113.88 -91.85 82.74
C ASN MB 141 114.36 -92.84 81.67
N LYS MB 142 114.22 -94.15 81.85
CA LYS MB 142 114.83 -95.05 80.88
C LYS MB 142 114.07 -96.36 80.77
N ILE MB 143 114.22 -96.99 79.61
CA ILE MB 143 113.68 -98.32 79.30
C ILE MB 143 114.86 -99.25 79.01
N GLN MB 144 114.78 -100.47 79.53
CA GLN MB 144 115.77 -101.51 79.27
C GLN MB 144 115.09 -102.68 78.59
N LEU MB 145 115.61 -103.07 77.42
CA LEU MB 145 115.07 -104.16 76.62
C LEU MB 145 116.20 -105.07 76.15
N LYS MB 146 116.21 -106.31 76.61
CA LYS MB 146 117.14 -107.30 76.09
C LYS MB 146 116.56 -108.06 74.92
N VAL MB 147 117.44 -108.67 74.14
CA VAL MB 147 117.09 -109.35 72.89
C VAL MB 147 117.33 -110.85 73.08
N GLU MB 148 116.36 -111.66 72.65
CA GLU MB 148 116.50 -113.10 72.74
C GLU MB 148 116.41 -113.69 71.33
N ALA MB 149 117.33 -114.57 71.00
CA ALA MB 149 117.47 -115.09 69.64
C ALA MB 149 117.32 -116.60 69.61
N TYR MB 150 116.58 -117.09 68.61
CA TYR MB 150 116.50 -118.50 68.27
C TYR MB 150 116.82 -118.66 66.80
N TYR MB 151 117.60 -119.69 66.46
CA TYR MB 151 118.16 -119.76 65.11
C TYR MB 151 118.44 -121.20 64.73
N GLU MB 152 118.56 -121.41 63.42
CA GLU MB 152 119.12 -122.62 62.84
C GLU MB 152 119.93 -122.24 61.62
N ALA MB 153 121.20 -122.64 61.60
CA ALA MB 153 122.10 -122.25 60.53
C ALA MB 153 121.95 -123.16 59.31
N LYS MB 154 122.29 -122.62 58.15
CA LYS MB 154 122.26 -123.40 56.92
C LYS MB 154 123.33 -124.48 56.94
N GLU MB 155 123.07 -125.56 56.20
CA GLU MB 155 123.96 -126.72 56.17
C GLU MB 155 125.19 -126.42 55.33
N GLY MB 156 126.36 -126.55 55.93
CA GLY MB 156 127.61 -126.43 55.20
C GLY MB 156 128.00 -125.03 54.78
N MET MB 157 127.48 -124.00 55.45
CA MET MB 157 127.79 -122.61 55.12
C MET MB 157 128.73 -122.04 56.16
N LEU MB 158 129.84 -121.47 55.71
CA LEU MB 158 130.84 -120.88 56.59
C LEU MB 158 131.01 -119.40 56.26
N PHE MB 159 131.10 -118.58 57.31
CA PHE MB 159 131.18 -117.13 57.14
C PHE MB 159 131.67 -116.52 58.44
N ASP MB 160 131.96 -115.22 58.38
CA ASP MB 160 132.37 -114.47 59.56
C ASP MB 160 132.12 -112.99 59.31
N SER MB 161 132.03 -112.23 60.41
CA SER MB 161 131.84 -110.78 60.36
C SER MB 161 130.58 -110.40 59.59
N LEU MB 162 129.44 -110.90 60.05
CA LEU MB 162 128.15 -110.61 59.45
C LEU MB 162 127.30 -109.79 60.42
N PRO MB 163 126.90 -108.58 60.08
CA PRO MB 163 126.15 -107.75 61.02
C PRO MB 163 124.65 -107.97 60.97
N VAL MB 164 124.01 -107.71 62.11
CA VAL MB 164 122.56 -107.73 62.25
C VAL MB 164 122.12 -106.36 62.71
N ILE MB 165 121.16 -105.77 62.01
CA ILE MB 165 120.78 -104.37 62.18
C ILE MB 165 119.30 -104.29 62.53
N LEU MB 166 118.99 -103.46 63.53
CA LEU MB 166 117.61 -103.17 63.92
C LEU MB 166 117.37 -101.66 63.82
N ASN MB 167 116.15 -101.28 63.47
CA ASN MB 167 115.79 -99.89 63.26
C ASN MB 167 114.59 -99.52 64.11
N PHE MB 168 114.54 -98.26 64.56
CA PHE MB 168 113.45 -97.75 65.39
C PHE MB 168 112.84 -96.52 64.74
N GLN MB 169 111.52 -96.41 64.82
CA GLN MB 169 110.80 -95.25 64.30
C GLN MB 169 109.66 -94.90 65.25
N VAL MB 170 109.51 -93.61 65.52
CA VAL MB 170 108.47 -93.11 66.43
C VAL MB 170 107.22 -92.79 65.62
N LEU MB 171 106.09 -93.33 66.06
CA LEU MB 171 104.81 -93.09 65.40
C LEU MB 171 103.96 -92.05 66.12
N SER MB 172 103.98 -92.03 67.45
CA SER MB 172 103.19 -91.08 68.22
C SER MB 172 103.75 -91.02 69.63
N VAL MB 173 103.75 -89.81 70.21
CA VAL MB 173 104.19 -89.59 71.57
C VAL MB 173 103.20 -88.67 72.26
N SER MB 174 103.02 -88.87 73.56
CA SER MB 174 102.11 -88.06 74.35
C SER MB 174 102.59 -87.94 75.79
N THR NB 26 104.77 -17.58 55.85
CA THR NB 26 103.62 -18.47 55.72
C THR NB 26 104.01 -19.74 54.96
N THR NB 27 104.48 -20.74 55.70
CA THR NB 27 104.93 -22.00 55.12
C THR NB 27 104.13 -23.15 55.72
N GLN NB 28 103.67 -24.05 54.85
CA GLN NB 28 102.90 -25.22 55.25
C GLN NB 28 103.81 -26.44 55.22
N SER NB 29 103.89 -27.15 56.34
CA SER NB 29 104.80 -28.28 56.43
C SER NB 29 104.05 -29.60 56.39
N PRO NB 30 104.62 -30.64 55.75
CA PRO NB 30 103.97 -31.94 55.74
C PRO NB 30 104.22 -32.78 56.99
N LEU NB 31 105.25 -32.45 57.77
CA LEU NB 31 105.51 -33.09 59.07
C LEU NB 31 105.78 -34.58 58.93
N ASN NB 32 106.65 -34.94 57.98
CA ASN NB 32 107.04 -36.33 57.80
C ASN NB 32 108.52 -36.49 57.50
N SER NB 33 109.34 -35.50 57.87
CA SER NB 33 110.78 -35.53 57.59
C SER NB 33 111.56 -36.06 58.79
N PHE NB 34 111.30 -37.31 59.15
CA PHE NB 34 112.00 -37.96 60.25
C PHE NB 34 112.33 -39.40 59.86
N TYR NB 35 113.56 -39.82 60.15
CA TYR NB 35 114.02 -41.14 59.74
C TYR NB 35 114.98 -41.71 60.78
N ALA NB 36 115.11 -43.04 60.75
CA ALA NB 36 116.08 -43.77 61.56
C ALA NB 36 116.52 -44.99 60.77
N THR NB 37 117.79 -45.35 60.90
CA THR NB 37 118.41 -46.34 60.03
C THR NB 37 119.19 -47.38 60.84
N GLY NB 38 119.08 -48.64 60.43
CA GLY NB 38 119.89 -49.71 60.95
C GLY NB 38 120.54 -50.53 59.85
N THR NB 39 121.19 -51.64 60.19
CA THR NB 39 121.89 -52.46 59.21
C THR NB 39 121.77 -53.93 59.59
N ALA NB 40 122.03 -54.79 58.60
CA ALA NB 40 122.02 -56.23 58.81
C ALA NB 40 122.94 -56.88 57.78
N GLN NB 41 123.37 -58.11 58.07
CA GLN NB 41 124.30 -58.81 57.19
C GLN NB 41 124.27 -60.30 57.50
N ALA NB 42 124.80 -61.08 56.55
CA ALA NB 42 124.98 -62.52 56.73
C ALA NB 42 126.06 -62.96 55.74
N VAL NB 43 127.25 -63.30 56.25
CA VAL NB 43 128.41 -63.49 55.40
C VAL NB 43 129.10 -64.83 55.63
N GLN NB 44 128.37 -65.85 56.09
CA GLN NB 44 128.99 -67.16 56.26
C GLN NB 44 127.92 -68.25 56.19
N GLU NB 45 128.37 -69.45 55.78
CA GLU NB 45 127.51 -70.62 55.67
C GLU NB 45 127.27 -71.25 57.05
N PRO NB 46 126.15 -71.95 57.22
CA PRO NB 46 125.80 -72.45 58.57
C PRO NB 46 126.83 -73.39 59.17
N ILE NB 47 127.45 -74.26 58.37
CA ILE NB 47 128.31 -75.31 58.90
C ILE NB 47 129.64 -75.32 58.17
N ASP NB 48 130.64 -75.93 58.81
CA ASP NB 48 131.93 -76.19 58.21
C ASP NB 48 132.29 -77.64 58.49
N VAL NB 49 132.89 -78.32 57.51
CA VAL NB 49 133.14 -79.76 57.60
C VAL NB 49 134.62 -80.03 57.35
N GLU NB 50 135.23 -80.84 58.22
CA GLU NB 50 136.62 -81.21 58.10
C GLU NB 50 136.74 -82.73 58.25
N SER NB 51 137.62 -83.34 57.47
CA SER NB 51 137.73 -84.79 57.37
C SER NB 51 139.03 -85.29 58.00
N HIS NB 52 138.94 -86.45 58.66
CA HIS NB 52 140.11 -87.12 59.24
C HIS NB 52 140.04 -88.62 59.01
N LEU NB 53 139.70 -89.02 57.78
CA LEU NB 53 139.64 -90.45 57.42
C LEU NB 53 141.02 -90.88 56.97
N ASP NB 54 141.80 -91.44 57.90
CA ASP NB 54 143.19 -91.80 57.67
C ASP NB 54 143.45 -93.27 57.95
N ASN NB 55 142.55 -94.14 57.49
CA ASN NB 55 142.76 -95.58 57.55
C ASN NB 55 142.39 -96.20 56.21
N THR NB 56 143.05 -97.31 55.88
CA THR NB 56 142.91 -97.94 54.58
C THR NB 56 142.31 -99.33 54.74
N ILE NB 57 141.28 -99.62 53.94
CA ILE NB 57 140.72 -100.96 53.86
C ILE NB 57 141.67 -101.79 52.99
N ALA NB 58 142.47 -102.65 53.63
CA ALA NB 58 143.50 -103.42 52.94
C ALA NB 58 143.36 -104.90 53.28
N PRO NB 59 142.37 -105.58 52.70
CA PRO NB 59 142.27 -107.02 52.86
C PRO NB 59 142.95 -107.75 51.71
N ALA NB 60 143.00 -109.07 51.83
CA ALA NB 60 143.44 -109.91 50.72
C ALA NB 60 142.32 -110.06 49.70
N ALA NB 61 142.67 -110.58 48.53
CA ALA NB 61 141.71 -110.74 47.45
C ALA NB 61 140.66 -111.78 47.84
N GLY NB 62 139.39 -111.38 47.77
CA GLY NB 62 138.29 -112.30 48.05
C GLY NB 62 138.00 -112.52 49.51
N ALA NB 63 138.60 -111.75 50.42
CA ALA NB 63 138.43 -111.96 51.85
C ALA NB 63 137.23 -111.18 52.39
N GLN NB 64 136.71 -111.65 53.52
CA GLN NB 64 135.65 -110.99 54.25
C GLN NB 64 136.23 -110.35 55.50
N GLY NB 65 135.94 -109.07 55.72
CA GLY NB 65 136.65 -108.35 56.75
C GLY NB 65 135.84 -107.43 57.65
N TYR NB 66 136.55 -106.60 58.42
CA TYR NB 66 135.96 -105.76 59.44
C TYR NB 66 136.96 -104.65 59.78
N LYS NB 67 136.60 -103.39 59.54
CA LYS NB 67 137.60 -102.32 59.61
C LYS NB 67 136.91 -101.02 60.01
N ASP NB 68 137.67 -100.16 60.70
CA ASP NB 68 137.26 -98.79 61.00
C ASP NB 68 138.14 -97.83 60.22
N MET NB 69 137.66 -96.59 60.03
CA MET NB 69 138.29 -95.66 59.11
C MET NB 69 138.82 -94.39 59.77
N GLY NB 70 138.00 -93.71 60.55
CA GLY NB 70 138.38 -92.43 61.12
C GLY NB 70 137.14 -91.70 61.59
N TYR NB 71 137.25 -90.36 61.65
CA TYR NB 71 136.12 -89.55 62.11
C TYR NB 71 136.10 -88.24 61.33
N VAL NB 72 134.94 -87.58 61.37
CA VAL NB 72 134.68 -86.34 60.63
C VAL NB 72 134.16 -85.30 61.61
N LYS NB 73 134.64 -84.06 61.46
CA LYS NB 73 134.27 -82.96 62.35
C LYS NB 73 133.32 -82.00 61.63
N ILE NB 74 132.28 -81.56 62.35
CA ILE NB 74 131.30 -80.60 61.85
C ILE NB 74 131.28 -79.42 62.82
N ILE NB 75 131.29 -78.20 62.26
CA ILE NB 75 131.33 -76.98 63.06
C ILE NB 75 130.08 -76.17 62.74
N ASN NB 76 129.40 -75.70 63.79
CA ASN NB 76 128.15 -74.96 63.69
C ASN NB 76 128.31 -73.55 64.24
N TYR NB 77 127.65 -72.59 63.57
CA TYR NB 77 127.92 -71.17 63.70
C TYR NB 77 126.73 -70.43 64.30
N THR NB 78 126.82 -69.09 64.27
CA THR NB 78 125.95 -68.22 65.06
C THR NB 78 124.47 -68.48 64.79
N ASP NB 79 123.69 -68.55 65.86
CA ASP NB 79 122.23 -68.67 65.83
C ASP NB 79 121.76 -69.97 65.17
N VAL NB 80 122.58 -71.02 65.22
CA VAL NB 80 122.25 -72.32 64.67
C VAL NB 80 122.02 -73.29 65.83
N ASN NB 81 120.91 -74.01 65.78
CA ASN NB 81 120.59 -74.97 66.83
C ASN NB 81 120.34 -76.38 66.31
N VAL NB 82 119.67 -76.52 65.16
CA VAL NB 82 119.34 -77.83 64.61
C VAL NB 82 119.69 -77.83 63.12
N VAL NB 83 120.34 -78.90 62.68
CA VAL NB 83 120.78 -79.04 61.29
C VAL NB 83 120.26 -80.36 60.73
N LYS NB 84 119.70 -80.30 59.52
CA LYS NB 84 119.27 -81.48 58.78
C LYS NB 84 120.24 -81.72 57.64
N LEU NB 85 120.74 -82.95 57.54
CA LEU NB 85 121.80 -83.26 56.59
C LEU NB 85 121.43 -84.48 55.75
N LYS NB 86 122.02 -84.55 54.56
CA LYS NB 86 121.88 -85.69 53.66
C LYS NB 86 123.28 -86.16 53.27
N VAL NB 87 123.54 -87.44 53.47
CA VAL NB 87 124.85 -88.04 53.20
C VAL NB 87 124.69 -89.12 52.14
N THR NB 88 125.58 -89.10 51.15
CA THR NB 88 125.51 -90.04 50.04
C THR NB 88 126.91 -90.48 49.63
N LEU NB 89 126.97 -91.59 48.92
CA LEU NB 89 128.21 -92.11 48.35
C LEU NB 89 128.34 -91.57 46.93
N ALA NB 90 129.34 -90.74 46.69
CA ALA NB 90 129.46 -90.04 45.42
C ALA NB 90 129.94 -90.97 44.31
N ASN NB 91 130.83 -91.90 44.61
CA ASN NB 91 131.44 -92.74 43.59
C ASN NB 91 131.09 -94.21 43.77
N ALA NB 92 129.80 -94.47 44.05
CA ALA NB 92 129.36 -95.85 44.24
C ALA NB 92 129.47 -96.66 42.94
N ALA NB 93 129.25 -96.01 41.80
CA ALA NB 93 129.32 -96.72 40.52
C ALA NB 93 130.73 -97.23 40.25
N GLN NB 94 131.75 -96.45 40.59
CA GLN NB 94 133.13 -96.86 40.37
C GLN NB 94 133.52 -98.04 41.25
N LEU NB 95 132.98 -98.09 42.48
CA LEU NB 95 133.34 -99.13 43.43
C LEU NB 95 132.61 -100.45 43.20
N ARG NB 96 131.59 -100.46 42.34
CA ARG NB 96 130.83 -101.70 42.12
C ARG NB 96 131.67 -102.87 41.59
N PRO NB 97 132.51 -102.71 40.56
CA PRO NB 97 133.26 -103.88 40.07
C PRO NB 97 134.27 -104.44 41.05
N TYR NB 98 134.57 -103.74 42.14
CA TYR NB 98 135.61 -104.17 43.07
C TYR NB 98 135.07 -104.85 44.32
N PHE NB 99 133.76 -104.78 44.58
CA PHE NB 99 133.20 -105.30 45.81
C PHE NB 99 131.90 -106.05 45.54
N LYS NB 100 131.69 -107.13 46.28
CA LYS NB 100 130.38 -107.76 46.31
C LYS NB 100 129.41 -106.95 47.17
N TYR NB 101 129.87 -106.44 48.31
CA TYR NB 101 129.06 -105.57 49.14
C TYR NB 101 129.98 -104.71 49.99
N LEU NB 102 129.48 -103.56 50.41
CA LEU NB 102 130.22 -102.63 51.25
C LEU NB 102 129.24 -101.76 52.01
N GLN NB 103 129.34 -101.77 53.33
CA GLN NB 103 128.42 -101.05 54.19
C GLN NB 103 129.18 -100.12 55.12
N LEU NB 104 128.66 -98.91 55.28
CA LEU NB 104 129.26 -97.90 56.14
C LEU NB 104 128.28 -97.55 57.27
N VAL NB 105 128.79 -97.51 58.49
CA VAL NB 105 128.00 -97.22 59.67
C VAL NB 105 128.50 -95.92 60.30
N LEU NB 106 127.58 -94.98 60.51
CA LEU NB 106 127.91 -93.68 61.09
C LEU NB 106 127.28 -93.58 62.48
N THR NB 107 128.08 -93.20 63.46
CA THR NB 107 127.61 -93.07 64.84
C THR NB 107 128.02 -91.72 65.41
N SER NB 108 127.12 -91.09 66.16
CA SER NB 108 127.40 -89.85 66.86
C SER NB 108 127.89 -90.19 68.26
N ASN NB 109 129.01 -89.57 68.65
CA ASN NB 109 129.73 -89.92 69.88
C ASN NB 109 130.13 -88.66 70.66
N ALA NB 110 130.05 -87.49 70.03
CA ALA NB 110 130.61 -86.27 70.60
C ALA NB 110 130.11 -86.00 72.02
N SER NB 111 128.91 -86.48 72.35
CA SER NB 111 128.43 -86.53 73.73
C SER NB 111 128.87 -87.85 74.36
N SER NB 112 129.66 -87.74 75.43
CA SER NB 112 130.17 -88.93 76.09
C SER NB 112 129.07 -89.76 76.74
N THR NB 113 127.89 -89.17 76.96
CA THR NB 113 126.77 -89.88 77.57
C THR NB 113 125.85 -90.52 76.54
N VAL NB 114 125.73 -89.94 75.34
CA VAL NB 114 124.78 -90.40 74.34
C VAL NB 114 125.56 -90.78 73.08
N GLU NB 115 125.79 -92.09 72.90
CA GLU NB 115 126.30 -92.63 71.66
C GLU NB 115 125.12 -93.14 70.83
N GLU NB 116 125.05 -92.72 69.57
CA GLU NB 116 123.95 -93.12 68.70
C GLU NB 116 124.45 -93.37 67.28
N THR NB 117 124.04 -94.50 66.70
CA THR NB 117 124.21 -94.74 65.28
C THR NB 117 123.08 -94.07 64.51
N LYS NB 118 123.43 -93.29 63.49
CA LYS NB 118 122.46 -92.47 62.78
C LYS NB 118 122.06 -93.02 61.42
N ALA NB 119 122.98 -93.59 60.66
CA ALA NB 119 122.64 -94.06 59.32
C ALA NB 119 123.57 -95.21 58.93
N VAL NB 120 123.09 -96.01 57.98
CA VAL NB 120 123.87 -97.09 57.38
C VAL NB 120 123.82 -96.90 55.87
N LEU NB 121 124.99 -96.84 55.23
CA LEU NB 121 125.09 -96.64 53.80
C LEU NB 121 125.60 -97.91 53.14
N SER NB 122 125.15 -98.15 51.90
CA SER NB 122 125.54 -99.34 51.16
C SER NB 122 125.59 -98.99 49.67
N LEU NB 123 126.13 -99.92 48.89
CA LEU NB 123 126.24 -99.71 47.45
C LEU NB 123 124.88 -99.78 46.76
N LYS NB 124 123.89 -100.41 47.37
CA LYS NB 124 122.55 -100.47 46.79
C LYS NB 124 121.66 -99.32 47.22
N LYS NB 125 121.86 -98.80 48.43
CA LYS NB 125 121.12 -97.64 48.95
C LYS NB 125 122.14 -96.64 49.46
N PRO NB 126 122.66 -95.78 48.57
CA PRO NB 126 123.81 -94.94 48.95
C PRO NB 126 123.46 -93.71 49.78
N SER NB 127 122.20 -93.32 49.87
CA SER NB 127 121.82 -92.06 50.47
C SER NB 127 121.04 -92.28 51.76
N ALA NB 128 121.18 -91.33 52.69
CA ALA NB 128 120.47 -91.36 53.95
C ALA NB 128 120.32 -89.93 54.47
N VAL NB 129 119.34 -89.74 55.37
CA VAL NB 129 119.06 -88.45 55.98
C VAL NB 129 119.14 -88.61 57.49
N ILE NB 130 119.90 -87.71 58.13
CA ILE NB 130 120.12 -87.76 59.58
C ILE NB 130 119.74 -86.42 60.20
N ILE NB 131 119.56 -86.45 61.52
CA ILE NB 131 119.17 -85.27 62.30
C ILE NB 131 120.17 -85.08 63.43
N LEU NB 132 120.66 -83.85 63.58
CA LEU NB 132 121.52 -83.47 64.69
C LEU NB 132 120.79 -82.42 65.52
N ASP NB 133 120.75 -82.64 66.84
CA ASP NB 133 119.99 -81.77 67.73
C ASP NB 133 120.81 -81.30 68.92
N ASN NB 134 120.13 -80.71 69.91
CA ASN NB 134 120.83 -80.10 71.05
C ASN NB 134 121.70 -81.11 71.79
N ASP NB 135 121.27 -82.38 71.85
CA ASP NB 135 122.04 -83.38 72.58
C ASP NB 135 123.36 -83.70 71.88
N ASP NB 136 123.38 -83.67 70.54
CA ASP NB 136 124.58 -84.03 69.81
C ASP NB 136 125.67 -82.98 69.95
N TYR NB 137 125.28 -81.70 69.97
CA TYR NB 137 126.24 -80.60 69.97
C TYR NB 137 126.95 -80.46 71.31
N SER NB 138 127.81 -81.43 71.64
CA SER NB 138 128.66 -81.32 72.81
C SER NB 138 129.79 -80.33 72.56
N SER NB 139 130.29 -79.75 73.65
CA SER NB 139 131.20 -78.60 73.63
C SER NB 139 130.57 -77.39 72.92
N THR NB 140 129.28 -77.48 72.59
CA THR NB 140 128.46 -76.40 72.03
C THR NB 140 128.88 -75.99 70.64
N ASN NB 141 129.93 -76.60 70.08
CA ASN NB 141 130.49 -76.10 68.83
C ASN NB 141 130.82 -77.17 67.78
N LYS NB 142 130.80 -78.46 68.09
CA LYS NB 142 131.27 -79.42 67.11
C LYS NB 142 130.57 -80.77 67.26
N ILE NB 143 130.54 -81.51 66.15
CA ILE NB 143 130.04 -82.88 66.06
C ILE NB 143 131.19 -83.79 65.64
N GLN NB 144 131.29 -84.96 66.28
CA GLN NB 144 132.27 -85.96 65.92
C GLN NB 144 131.54 -87.22 65.48
N LEU NB 145 131.87 -87.72 64.29
CA LEU NB 145 131.25 -88.89 63.70
C LEU NB 145 132.33 -89.79 63.11
N LYS NB 146 132.49 -90.98 63.67
CA LYS NB 146 133.37 -91.98 63.07
C LYS NB 146 132.62 -92.88 62.10
N VAL NB 147 133.39 -93.52 61.22
CA VAL NB 147 132.86 -94.33 60.13
C VAL NB 147 133.21 -95.79 60.41
N GLU NB 148 132.24 -96.68 60.23
CA GLU NB 148 132.46 -98.10 60.42
C GLU NB 148 132.15 -98.83 59.12
N ALA NB 149 133.05 -99.71 58.69
CA ALA NB 149 132.97 -100.34 57.38
C ALA NB 149 132.90 -101.86 57.52
N TYR NB 150 132.03 -102.46 56.72
CA TYR NB 150 131.96 -103.91 56.53
C TYR NB 150 132.03 -104.19 55.03
N TYR NB 151 132.78 -105.22 54.65
CA TYR NB 151 133.09 -105.39 53.24
C TYR NB 151 133.39 -106.85 52.93
N GLU NB 152 133.28 -107.18 51.64
CA GLU NB 152 133.79 -108.42 51.08
C GLU NB 152 134.35 -108.13 49.70
N ALA NB 153 135.61 -108.48 49.48
CA ALA NB 153 136.28 -108.16 48.24
C ALA NB 153 135.97 -109.18 47.16
N LYS NB 154 136.07 -108.75 45.91
CA LYS NB 154 135.86 -109.65 44.78
C LYS NB 154 136.98 -110.69 44.69
N GLU NB 155 136.65 -111.83 44.11
CA GLU NB 155 137.57 -112.95 44.04
C GLU NB 155 138.62 -112.69 42.95
N GLY NB 156 139.89 -112.71 43.33
CA GLY NB 156 140.97 -112.61 42.38
C GLY NB 156 141.21 -111.25 41.77
N MET NB 157 140.76 -110.18 42.42
CA MET NB 157 140.92 -108.82 41.92
C MET NB 157 142.00 -108.12 42.72
N LEU NB 158 142.99 -107.55 42.03
CA LEU NB 158 144.09 -106.83 42.66
C LEU NB 158 144.11 -105.39 42.17
N PHE NB 159 144.33 -104.47 43.11
CA PHE NB 159 144.30 -103.04 42.79
C PHE NB 159 144.97 -102.28 43.93
N ASP NB 160 145.19 -100.98 43.70
CA ASP NB 160 145.76 -100.11 44.72
C ASP NB 160 145.38 -98.67 44.38
N SER NB 161 145.44 -97.82 45.41
CA SER NB 161 145.17 -96.39 45.27
C SER NB 161 143.77 -96.13 44.72
N LEU NB 162 142.76 -96.63 45.42
CA LEU NB 162 141.37 -96.44 45.04
C LEU NB 162 140.68 -95.58 46.08
N PRO NB 163 140.14 -94.42 45.71
CA PRO NB 163 139.53 -93.53 46.71
C PRO NB 163 138.06 -93.81 46.94
N VAL NB 164 137.62 -93.48 48.16
CA VAL NB 164 136.23 -93.54 48.56
C VAL NB 164 135.80 -92.14 48.97
N ILE NB 165 134.70 -91.66 48.41
CA ILE NB 165 134.28 -90.27 48.52
C ILE NB 165 132.88 -90.22 49.14
N LEU NB 166 132.70 -89.31 50.10
CA LEU NB 166 131.41 -89.03 50.70
C LEU NB 166 131.07 -87.55 50.53
N ASN NB 167 129.79 -87.25 50.37
CA ASN NB 167 129.32 -85.90 50.11
C ASN NB 167 128.27 -85.51 51.13
N PHE NB 168 128.23 -84.22 51.47
CA PHE NB 168 127.28 -83.67 52.43
C PHE NB 168 126.50 -82.52 51.80
N GLN NB 169 125.21 -82.47 52.12
CA GLN NB 169 124.35 -81.39 51.64
C GLN NB 169 123.37 -81.01 52.74
N VAL NB 170 123.20 -79.69 52.93
CA VAL NB 170 122.32 -79.15 53.96
C VAL NB 170 120.93 -78.96 53.38
N LEU NB 171 119.92 -79.50 54.06
CA LEU NB 171 118.53 -79.36 53.63
C LEU NB 171 117.76 -78.30 54.40
N SER NB 172 118.02 -78.16 55.70
CA SER NB 172 117.34 -77.17 56.51
C SER NB 172 118.13 -76.94 57.79
N VAL NB 173 118.17 -75.68 58.24
CA VAL NB 173 118.84 -75.32 59.48
C VAL NB 173 117.93 -74.37 60.26
N SER NB 174 118.01 -74.46 61.58
CA SER NB 174 117.21 -73.60 62.45
C SER NB 174 117.93 -73.33 63.77
N THR OB 26 112.52 -5.20 37.65
CA THR OB 26 111.42 -6.13 37.81
C THR OB 26 111.73 -7.46 37.11
N THR OB 27 112.39 -8.36 37.83
CA THR OB 27 112.80 -9.65 37.30
C THR OB 27 112.18 -10.77 38.13
N GLN OB 28 111.62 -11.77 37.44
CA GLN OB 28 111.01 -12.93 38.08
C GLN OB 28 111.97 -14.11 37.99
N SER OB 29 112.29 -14.70 39.14
CA SER OB 29 113.27 -15.79 39.15
C SER OB 29 112.60 -17.13 39.38
N PRO OB 30 113.10 -18.19 38.74
CA PRO OB 30 112.53 -19.53 38.95
C PRO OB 30 113.04 -20.22 40.21
N LEU OB 31 114.18 -19.78 40.75
CA LEU OB 31 114.70 -20.28 42.03
C LEU OB 31 115.03 -21.76 41.98
N ASN OB 32 115.74 -22.17 40.92
CA ASN OB 32 116.16 -23.56 40.79
C ASN OB 32 117.57 -23.69 40.24
N SER OB 33 118.38 -22.65 40.37
CA SER OB 33 119.74 -22.65 39.83
C SER OB 33 120.77 -23.02 40.90
N PHE OB 34 120.64 -24.24 41.41
CA PHE OB 34 121.56 -24.76 42.42
C PHE OB 34 121.90 -26.21 42.10
N TYR OB 35 123.18 -26.56 42.20
CA TYR OB 35 123.63 -27.89 41.83
C TYR OB 35 124.79 -28.32 42.72
N ALA OB 36 124.99 -29.64 42.79
CA ALA OB 36 126.12 -30.25 43.46
C ALA OB 36 126.50 -31.52 42.72
N THR OB 37 127.79 -31.81 42.64
CA THR OB 37 128.29 -32.86 41.76
C THR OB 37 129.26 -33.78 42.50
N GLY OB 38 129.16 -35.08 42.22
CA GLY OB 38 130.11 -36.07 42.69
C GLY OB 38 130.59 -36.96 41.57
N THR OB 39 131.35 -38.01 41.88
CA THR OB 39 131.91 -38.89 40.86
C THR OB 39 131.95 -40.32 41.38
N ALA OB 40 132.06 -41.26 40.44
CA ALA OB 40 132.17 -42.67 40.77
C ALA OB 40 132.93 -43.38 39.65
N GLN OB 41 133.47 -44.56 39.96
CA GLN OB 41 134.27 -45.30 39.00
C GLN OB 41 134.37 -46.76 39.43
N ALA OB 42 134.77 -47.60 38.47
CA ALA OB 42 135.07 -49.01 38.74
C ALA OB 42 135.97 -49.50 37.61
N VAL OB 43 137.25 -49.74 37.92
CA VAL OB 43 138.25 -49.96 36.89
C VAL OB 43 139.05 -51.25 37.11
N GLN OB 44 138.47 -52.25 37.78
CA GLN OB 44 139.18 -53.51 37.95
C GLN OB 44 138.17 -54.64 38.17
N GLU OB 45 138.61 -55.86 37.80
CA GLU OB 45 137.81 -57.06 37.96
C GLU OB 45 137.86 -57.57 39.40
N PRO OB 46 136.82 -58.29 39.84
CA PRO OB 46 136.76 -58.67 41.26
C PRO OB 46 137.94 -59.51 41.75
N ILE OB 47 138.44 -60.43 40.92
CA ILE OB 47 139.44 -61.39 41.38
C ILE OB 47 140.62 -61.42 40.41
N ASP OB 48 141.74 -61.93 40.92
CA ASP OB 48 142.93 -62.19 40.11
C ASP OB 48 143.42 -63.59 40.46
N VAL OB 49 143.86 -64.34 39.44
CA VAL OB 49 144.20 -65.75 39.60
C VAL OB 49 145.63 -65.98 39.11
N GLU OB 50 146.43 -66.68 39.93
CA GLU OB 50 147.80 -67.02 39.58
C GLU OB 50 148.02 -68.50 39.85
N SER OB 51 148.79 -69.14 38.96
CA SER OB 51 148.95 -70.59 38.97
C SER OB 51 150.36 -70.98 39.39
N HIS OB 52 150.47 -72.07 40.15
CA HIS OB 52 151.75 -72.63 40.57
C HIS OB 52 151.73 -74.15 40.48
N LEU OB 53 151.20 -74.70 39.39
CA LEU OB 53 151.15 -76.14 39.17
C LEU OB 53 152.46 -76.57 38.51
N ASP OB 54 153.42 -76.99 39.34
CA ASP OB 54 154.76 -77.32 38.88
C ASP OB 54 155.15 -78.75 39.24
N ASN OB 55 154.24 -79.70 39.03
CA ASN OB 55 154.53 -81.12 39.18
C ASN OB 55 153.97 -81.86 37.98
N THR OB 56 154.62 -82.97 37.63
CA THR OB 56 154.29 -83.74 36.44
C THR OB 56 153.80 -85.13 36.84
N ILE OB 57 152.66 -85.53 36.27
CA ILE OB 57 152.18 -86.90 36.41
C ILE OB 57 152.99 -87.77 35.46
N ALA OB 58 153.94 -88.53 36.01
CA ALA OB 58 154.87 -89.33 35.22
C ALA OB 58 154.88 -90.77 35.71
N PRO OB 59 153.84 -91.54 35.39
CA PRO OB 59 153.86 -92.97 35.68
C PRO OB 59 154.36 -93.77 34.49
N ALA OB 60 154.50 -95.07 34.72
CA ALA OB 60 154.79 -95.99 33.63
C ALA OB 60 153.51 -96.28 32.85
N ALA OB 61 153.67 -96.90 31.68
CA ALA OB 61 152.54 -97.20 30.82
C ALA OB 61 151.64 -98.24 31.47
N GLY OB 62 150.36 -97.91 31.61
CA GLY OB 62 149.38 -98.83 32.17
C GLY OB 62 149.36 -98.92 33.68
N ALA OB 63 150.07 -98.05 34.38
CA ALA OB 63 150.18 -98.12 35.83
C ALA OB 63 149.05 -97.34 36.51
N GLN OB 64 148.78 -97.71 37.75
CA GLN OB 64 147.82 -97.03 38.60
C GLN OB 64 148.58 -96.25 39.66
N GLY OB 65 148.27 -94.97 39.82
CA GLY OB 65 149.11 -94.13 40.65
C GLY OB 65 148.42 -93.16 41.58
N TYR OB 66 149.21 -92.24 42.14
CA TYR OB 66 148.78 -91.31 43.18
C TYR OB 66 149.75 -90.15 43.22
N LYS OB 67 149.29 -88.93 42.94
CA LYS OB 67 150.21 -87.82 42.74
C LYS OB 67 149.54 -86.51 43.15
N ASP OB 68 150.36 -85.56 43.59
CA ASP OB 68 149.94 -84.19 43.85
C ASP OB 68 150.61 -83.26 42.84
N MET OB 69 150.03 -82.08 42.63
CA MET OB 69 150.43 -81.21 41.53
C MET OB 69 151.00 -79.87 41.97
N GLY OB 70 150.29 -79.15 42.82
CA GLY OB 70 150.69 -77.80 43.20
C GLY OB 70 149.52 -77.08 43.83
N TYR OB 71 149.56 -75.74 43.75
CA TYR OB 71 148.50 -74.94 44.32
C TYR OB 71 148.26 -73.70 43.46
N VAL OB 72 147.08 -73.09 43.65
CA VAL OB 72 146.64 -71.94 42.87
C VAL OB 72 146.23 -70.83 43.83
N LYS OB 73 146.61 -69.60 43.49
CA LYS OB 73 146.34 -68.43 44.33
C LYS OB 73 145.23 -67.59 43.72
N ILE OB 74 144.32 -67.12 44.58
CA ILE OB 74 143.21 -66.26 44.18
C ILE OB 74 143.29 -64.99 45.02
N ILE OB 75 143.14 -63.83 44.37
CA ILE OB 75 143.24 -62.53 45.03
C ILE OB 75 141.92 -61.80 44.89
N ASN OB 76 141.42 -61.26 46.01
CA ASN OB 76 140.12 -60.58 46.06
C ASN OB 76 140.30 -59.12 46.44
N TYR OB 77 139.48 -58.26 45.84
CA TYR OB 77 139.70 -56.82 45.79
C TYR OB 77 138.58 -56.07 46.52
N THR OB 78 138.60 -54.74 46.37
CA THR OB 78 137.83 -53.84 47.22
C THR OB 78 136.35 -54.18 47.25
N ASP OB 79 135.77 -54.18 48.46
CA ASP OB 79 134.35 -54.36 48.70
C ASP OB 79 133.84 -55.73 48.25
N VAL OB 80 134.71 -56.73 48.23
CA VAL OB 80 134.36 -58.10 47.88
C VAL OB 80 134.39 -58.95 49.14
N ASN OB 81 133.35 -59.73 49.36
CA ASN OB 81 133.27 -60.59 50.53
C ASN OB 81 133.01 -62.05 50.19
N VAL OB 82 132.16 -62.33 49.21
CA VAL OB 82 131.80 -63.69 48.84
C VAL OB 82 131.88 -63.83 47.32
N VAL OB 83 132.50 -64.91 46.85
CA VAL OB 83 132.69 -65.17 45.43
C VAL OB 83 132.14 -66.55 45.09
N LYS OB 84 131.38 -66.63 44.01
CA LYS OB 84 130.88 -67.89 43.47
C LYS OB 84 131.65 -68.20 42.19
N LEU OB 85 132.20 -69.41 42.10
CA LEU OB 85 133.10 -69.79 41.01
C LEU OB 85 132.64 -71.08 40.37
N LYS OB 86 133.00 -71.24 39.10
CA LYS OB 86 132.78 -72.47 38.35
C LYS OB 86 134.10 -72.92 37.75
N VAL OB 87 134.48 -74.18 38.00
CA VAL OB 87 135.74 -74.73 37.55
C VAL OB 87 135.45 -75.92 36.64
N THR OB 88 136.15 -75.97 35.50
CA THR OB 88 135.93 -77.00 34.51
C THR OB 88 137.25 -77.42 33.90
N LEU OB 89 137.25 -78.60 33.28
CA LEU OB 89 138.40 -79.12 32.54
C LEU OB 89 138.23 -78.72 31.08
N ALA OB 90 139.14 -77.87 30.59
CA ALA OB 90 138.99 -77.30 29.26
C ALA OB 90 139.30 -78.31 28.17
N ASN OB 91 140.29 -79.17 28.38
CA ASN OB 91 140.75 -80.08 27.34
C ASN OB 91 140.51 -81.54 27.71
N ALA OB 92 139.32 -81.83 28.25
CA ALA OB 92 138.99 -83.20 28.64
C ALA OB 92 138.93 -84.12 27.42
N ALA OB 93 138.46 -83.60 26.28
CA ALA OB 93 138.34 -84.42 25.08
C ALA OB 93 139.71 -84.90 24.59
N GLN OB 94 140.72 -84.04 24.68
CA GLN OB 94 142.05 -84.42 24.24
C GLN OB 94 142.66 -85.49 25.14
N LEU OB 95 142.36 -85.45 26.44
CA LEU OB 95 142.94 -86.37 27.40
C LEU OB 95 142.26 -87.74 27.43
N ARG OB 96 141.11 -87.89 26.77
CA ARG OB 96 140.39 -89.16 26.81
C ARG OB 96 141.18 -90.34 26.24
N PRO OB 97 141.82 -90.25 25.06
CA PRO OB 97 142.53 -91.43 24.53
C PRO OB 97 143.73 -91.85 25.37
N TYR OB 98 144.19 -91.03 26.31
CA TYR OB 98 145.39 -91.33 27.07
C TYR OB 98 145.13 -91.91 28.46
N PHE OB 99 143.89 -91.87 28.95
CA PHE OB 99 143.58 -92.28 30.30
C PHE OB 99 142.30 -93.10 30.33
N LYS OB 100 142.29 -94.13 31.20
CA LYS OB 100 141.03 -94.80 31.53
C LYS OB 100 140.20 -93.95 32.48
N TYR OB 101 140.82 -93.32 33.46
CA TYR OB 101 140.14 -92.40 34.35
C TYR OB 101 141.15 -91.43 34.94
N LEU OB 102 140.65 -90.26 35.34
CA LEU OB 102 141.48 -89.22 35.93
C LEU OB 102 140.61 -88.33 36.79
N GLN OB 103 140.94 -88.20 38.07
CA GLN OB 103 140.15 -87.44 39.01
C GLN OB 103 141.02 -86.39 39.70
N LEU OB 104 140.46 -85.19 39.84
CA LEU OB 104 141.15 -84.08 40.49
C LEU OB 104 140.38 -83.66 41.73
N VAL OB 105 141.10 -83.48 42.84
CA VAL OB 105 140.51 -83.12 44.13
C VAL OB 105 141.04 -81.75 44.53
N LEU OB 106 140.13 -80.82 44.81
CA LEU OB 106 140.47 -79.46 45.22
C LEU OB 106 140.10 -79.25 46.68
N THR OB 107 141.05 -78.75 47.46
CA THR OB 107 140.83 -78.51 48.88
C THR OB 107 141.26 -77.09 49.24
N SER OB 108 140.46 -76.43 50.09
CA SER OB 108 140.80 -75.12 50.62
C SER OB 108 141.56 -75.30 51.93
N ASN OB 109 142.69 -74.61 52.05
CA ASN OB 109 143.63 -74.80 53.15
C ASN OB 109 144.10 -73.46 53.72
N ALA OB 110 143.83 -72.36 53.02
CA ALA OB 110 144.42 -71.06 53.37
C ALA OB 110 144.17 -70.69 54.83
N SER OB 111 143.08 -71.17 55.42
CA SER OB 111 142.86 -71.11 56.86
C SER OB 111 143.48 -72.34 57.51
N SER OB 112 144.44 -72.11 58.40
CA SER OB 112 145.13 -73.21 59.06
C SER OB 112 144.21 -74.00 59.97
N THR OB 113 143.06 -73.44 60.35
CA THR OB 113 142.11 -74.14 61.21
C THR OB 113 141.05 -74.91 60.44
N VAL OB 114 140.69 -74.45 59.24
CA VAL OB 114 139.60 -75.04 58.46
C VAL OB 114 140.16 -75.52 57.13
N GLU OB 115 140.43 -76.82 57.02
CA GLU OB 115 140.74 -77.47 55.76
C GLU OB 115 139.47 -78.10 55.21
N GLU OB 116 139.14 -77.80 53.95
CA GLU OB 116 137.93 -78.33 53.33
C GLU OB 116 138.18 -78.69 51.88
N THR OB 117 137.74 -79.89 51.49
CA THR OB 117 137.66 -80.26 50.08
C THR OB 117 136.37 -79.72 49.48
N LYS OB 118 136.50 -79.02 48.35
CA LYS OB 118 135.37 -78.31 47.76
C LYS OB 118 134.75 -79.01 46.55
N ALA OB 119 135.56 -79.61 45.69
CA ALA OB 119 135.01 -80.22 44.49
C ALA OB 119 135.91 -81.36 44.03
N VAL OB 120 135.33 -82.27 43.26
CA VAL OB 120 136.04 -83.38 42.63
C VAL OB 120 135.70 -83.33 41.14
N LEU OB 121 136.73 -83.29 40.30
CA LEU OB 121 136.56 -83.23 38.85
C LEU OB 121 137.03 -84.54 38.22
N SER OB 122 136.38 -84.90 37.12
CA SER OB 122 136.68 -86.14 36.42
C SER OB 122 136.44 -85.94 34.93
N LEU OB 123 136.89 -86.92 34.14
CA LEU OB 123 136.73 -86.84 32.69
C LEU OB 123 135.28 -87.03 32.26
N LYS OB 124 134.45 -87.64 33.11
CA LYS OB 124 133.03 -87.81 32.80
C LYS OB 124 132.17 -86.66 33.28
N LYS OB 125 132.55 -86.02 34.38
CA LYS OB 125 131.85 -84.86 34.92
C LYS OB 125 132.89 -83.76 35.15
N PRO OB 126 133.19 -82.97 34.11
CA PRO OB 126 134.34 -82.05 34.19
C PRO OB 126 134.08 -80.76 34.96
N SER OB 127 132.83 -80.42 35.25
CA SER OB 127 132.51 -79.11 35.80
C SER OB 127 131.98 -79.24 37.22
N ALA OB 128 132.22 -78.20 38.02
CA ALA OB 128 131.75 -78.14 39.39
C ALA OB 128 131.62 -76.68 39.80
N VAL OB 129 130.82 -76.45 40.84
CA VAL OB 129 130.58 -75.11 41.37
C VAL OB 129 130.93 -75.11 42.85
N ILE OB 130 131.74 -74.13 43.26
CA ILE OB 130 132.22 -74.03 44.64
C ILE OB 130 131.88 -72.65 45.20
N ILE OB 131 131.95 -72.56 46.53
CA ILE OB 131 131.63 -71.33 47.26
C ILE OB 131 132.81 -70.98 48.17
N LEU OB 132 133.25 -69.73 48.11
CA LEU OB 132 134.27 -69.22 49.01
C LEU OB 132 133.66 -68.12 49.86
N ASP OB 133 133.85 -68.22 51.18
CA ASP OB 133 133.22 -67.29 52.12
C ASP OB 133 134.22 -66.67 53.09
N ASN OB 134 133.70 -66.01 54.13
CA ASN OB 134 134.55 -65.28 55.07
C ASN OB 134 135.59 -66.18 55.73
N ASP OB 135 135.26 -67.44 55.97
CA ASP OB 135 136.20 -68.35 56.63
C ASP OB 135 137.38 -68.67 55.73
N ASP OB 136 137.16 -68.77 54.42
CA ASP OB 136 138.24 -69.17 53.51
C ASP OB 136 139.27 -68.05 53.36
N TYR OB 137 138.82 -66.80 53.33
CA TYR OB 137 139.70 -65.66 53.06
C TYR OB 137 140.63 -65.37 54.23
N SER OB 138 141.59 -66.26 54.47
CA SER OB 138 142.62 -66.00 55.47
C SER OB 138 143.63 -65.01 54.92
N SER OB 139 144.29 -64.30 55.84
CA SER OB 139 145.11 -63.12 55.55
C SER OB 139 144.31 -62.02 54.87
N THR OB 140 142.98 -62.18 54.79
CA THR OB 140 142.01 -61.21 54.30
C THR OB 140 142.15 -60.91 52.82
N ASN OB 141 143.12 -61.53 52.14
CA ASN OB 141 143.41 -61.14 50.77
C ASN OB 141 143.61 -62.28 49.77
N LYS OB 142 143.71 -63.54 50.19
CA LYS OB 142 144.05 -64.57 49.23
C LYS OB 142 143.48 -65.92 49.63
N ILE OB 143 143.28 -66.77 48.60
CA ILE OB 143 142.86 -68.16 48.73
C ILE OB 143 143.96 -69.06 48.19
N GLN OB 144 144.23 -70.15 48.89
CA GLN OB 144 145.19 -71.15 48.46
C GLN OB 144 144.47 -72.48 48.27
N LEU OB 145 144.60 -73.07 47.08
CA LEU OB 145 143.96 -74.32 46.73
C LEU OB 145 144.96 -75.22 46.03
N LYS OB 146 145.28 -76.35 46.65
CA LYS OB 146 146.10 -77.37 46.00
C LYS OB 146 145.25 -78.38 45.26
N VAL OB 147 145.87 -79.08 44.31
CA VAL OB 147 145.20 -80.01 43.42
C VAL OB 147 145.68 -81.42 43.74
N GLU OB 148 144.74 -82.36 43.83
CA GLU OB 148 145.08 -83.75 44.10
C GLU OB 148 144.58 -84.61 42.95
N ALA OB 149 145.44 -85.48 42.44
CA ALA OB 149 145.17 -86.25 41.23
C ALA OB 149 145.20 -87.74 41.51
N TYR OB 150 144.23 -88.46 40.94
CA TYR OB 150 144.21 -89.92 40.89
C TYR OB 150 144.03 -90.34 39.45
N TYR OB 151 144.76 -91.37 39.02
CA TYR OB 151 144.82 -91.66 37.60
C TYR OB 151 145.14 -93.14 37.37
N GLU OB 152 144.82 -93.59 36.16
CA GLU OB 152 145.29 -94.87 35.62
C GLU OB 152 145.57 -94.68 34.14
N ALA OB 153 146.79 -95.00 33.73
CA ALA OB 153 147.22 -94.77 32.35
C ALA OB 153 146.77 -95.92 31.45
N LYS OB 154 146.61 -95.61 30.17
CA LYS OB 154 146.26 -96.61 29.18
C LYS OB 154 147.39 -97.60 28.98
N GLU OB 155 147.03 -98.81 28.58
CA GLU OB 155 147.99 -99.89 28.42
C GLU OB 155 148.81 -99.70 27.15
N GLY OB 156 150.12 -99.63 27.29
CA GLY OB 156 151.01 -99.59 26.14
C GLY OB 156 151.05 -98.28 25.39
N MET OB 157 150.68 -97.17 26.02
CA MET OB 157 150.67 -95.87 25.37
C MET OB 157 151.83 -95.04 25.91
N LEU OB 158 152.64 -94.50 25.00
CA LEU OB 158 153.80 -93.69 25.34
C LEU OB 158 153.64 -92.30 24.74
N PHE OB 159 153.98 -91.28 25.53
CA PHE OB 159 153.81 -89.90 25.10
C PHE OB 159 154.64 -89.00 26.03
N ASP OB 160 154.74 -87.73 25.64
CA ASP OB 160 155.42 -86.74 26.45
C ASP OB 160 154.92 -85.36 26.07
N SER OB 161 155.12 -84.41 26.99
CA SER OB 161 154.74 -83.00 26.79
C SER OB 161 153.25 -82.86 26.48
N LEU OB 162 152.42 -83.33 27.40
CA LEU OB 162 150.97 -83.23 27.26
C LEU OB 162 150.43 -82.30 28.33
N PRO OB 163 149.77 -81.20 27.97
CA PRO OB 163 149.30 -80.25 28.97
C PRO OB 163 147.91 -80.56 29.51
N VAL OB 164 147.68 -80.13 30.74
CA VAL OB 164 146.39 -80.21 31.40
C VAL OB 164 145.97 -78.79 31.76
N ILE OB 165 144.75 -78.42 31.37
CA ILE OB 165 144.28 -77.04 31.44
C ILE OB 165 143.02 -76.98 32.29
N LEU OB 166 142.96 -75.99 33.18
CA LEU OB 166 141.78 -75.71 34.00
C LEU OB 166 141.34 -74.27 33.74
N ASN OB 167 140.04 -74.03 33.80
CA ASN OB 167 139.45 -72.73 33.52
C ASN OB 167 138.58 -72.28 34.69
N PHE OB 168 138.53 -70.97 34.90
CA PHE OB 168 137.75 -70.37 35.97
C PHE OB 168 136.80 -69.33 35.40
N GLN OB 169 135.58 -69.29 35.94
CA GLN OB 169 134.58 -68.29 35.54
C GLN OB 169 133.81 -67.84 36.76
N VAL OB 170 133.59 -66.53 36.86
CA VAL OB 170 132.89 -65.92 37.98
C VAL OB 170 131.41 -65.84 37.66
N LEU OB 171 130.57 -66.35 38.55
CA LEU OB 171 129.12 -66.31 38.37
C LEU OB 171 128.46 -65.22 39.17
N SER OB 172 128.92 -64.94 40.38
CA SER OB 172 128.34 -63.90 41.22
C SER OB 172 129.34 -63.52 42.30
N VAL OB 173 129.38 -62.22 42.63
CA VAL OB 173 130.24 -61.72 43.69
C VAL OB 173 129.44 -60.74 44.53
N SER OB 174 129.76 -60.69 45.83
CA SER OB 174 129.07 -59.79 46.75
C SER OB 174 130.00 -59.36 47.88
N THR PB 26 116.17 5.66 17.33
CA THR PB 26 115.17 4.70 17.77
C THR PB 26 115.43 3.34 17.14
N THR PB 27 116.24 2.53 17.80
CA THR PB 27 116.64 1.21 17.32
C THR PB 27 116.23 0.16 18.34
N GLN PB 28 115.62 -0.93 17.86
CA GLN PB 28 115.19 -2.04 18.70
C GLN PB 28 116.19 -3.19 18.54
N SER PB 29 116.74 -3.66 19.66
CA SER PB 29 117.77 -4.69 19.58
C SER PB 29 117.23 -6.03 20.05
N PRO PB 30 117.66 -7.13 19.42
CA PRO PB 30 117.22 -8.46 19.86
C PRO PB 30 117.99 -9.01 21.05
N LEU PB 31 119.17 -8.47 21.34
CA LEU PB 31 119.94 -8.82 22.53
C LEU PB 31 120.33 -10.30 22.55
N ASN PB 32 120.87 -10.78 21.43
CA ASN PB 32 121.33 -12.16 21.35
C ASN PB 32 122.63 -12.29 20.55
N SER PB 33 123.39 -11.21 20.43
CA SER PB 33 124.64 -11.20 19.65
C SER PB 33 125.85 -11.42 20.55
N PHE PB 34 125.89 -12.59 21.18
CA PHE PB 34 127.00 -12.98 22.04
C PHE PB 34 127.36 -14.43 21.80
N TYR PB 35 128.65 -14.72 21.68
CA TYR PB 35 129.11 -16.06 21.36
C TYR PB 35 130.43 -16.36 22.06
N ALA PB 36 130.72 -17.65 22.20
CA ALA PB 36 131.98 -18.15 22.71
C ALA PB 36 132.29 -19.47 22.03
N THR PB 37 133.56 -19.72 21.74
CA THR PB 37 133.95 -20.83 20.88
C THR PB 37 135.09 -21.63 21.50
N GLY PB 38 135.01 -22.96 21.36
CA GLY PB 38 136.08 -23.86 21.73
C GLY PB 38 136.40 -24.83 20.61
N THR PB 39 137.26 -25.81 20.88
CA THR PB 39 137.68 -26.77 19.85
C THR PB 39 137.90 -28.14 20.48
N ALA PB 40 137.89 -29.16 19.63
CA ALA PB 40 138.14 -30.54 20.04
C ALA PB 40 138.72 -31.32 18.87
N GLN PB 41 139.38 -32.43 19.19
CA GLN PB 41 140.02 -33.23 18.15
C GLN PB 41 140.30 -34.64 18.69
N ALA PB 42 140.55 -35.55 17.76
CA ALA PB 42 140.97 -36.92 18.09
C ALA PB 42 141.69 -37.48 16.87
N VAL PB 43 143.01 -37.65 16.96
CA VAL PB 43 143.83 -37.91 15.78
C VAL PB 43 144.71 -39.15 15.96
N GLN PB 44 144.33 -40.10 16.81
CA GLN PB 44 145.12 -41.31 16.95
C GLN PB 44 144.25 -42.46 17.44
N GLU PB 45 144.67 -43.69 17.12
CA GLU PB 45 143.99 -44.90 17.52
C GLU PB 45 144.32 -45.25 18.97
N PRO PB 46 143.42 -45.97 19.66
CA PRO PB 46 143.64 -46.21 21.09
C PRO PB 46 144.92 -46.95 21.42
N ILE PB 47 145.33 -47.94 20.61
CA ILE PB 47 146.44 -48.80 20.95
C ILE PB 47 147.43 -48.88 19.79
N ASP PB 48 148.65 -49.29 20.12
CA ASP PB 48 149.69 -49.57 19.13
C ASP PB 48 150.31 -50.92 19.50
N VAL PB 49 150.60 -51.74 18.50
CA VAL PB 49 151.05 -53.12 18.72
C VAL PB 49 152.37 -53.34 18.00
N GLU PB 50 153.33 -53.92 18.71
CA GLU PB 50 154.65 -54.24 18.15
C GLU PB 50 155.00 -55.68 18.50
N SER PB 51 155.63 -56.38 17.55
CA SER PB 51 155.87 -57.81 17.65
C SER PB 51 157.36 -58.10 17.84
N HIS PB 52 157.66 -59.12 18.66
CA HIS PB 52 159.02 -59.58 18.89
C HIS PB 52 159.08 -61.09 18.93
N LEU PB 53 158.39 -61.76 18.00
CA LEU PB 53 158.38 -63.22 17.94
C LEU PB 53 159.58 -63.66 17.09
N ASP PB 54 160.68 -63.96 17.75
CA ASP PB 54 161.94 -64.28 17.08
C ASP PB 54 162.47 -65.66 17.49
N ASN PB 55 161.58 -66.65 17.55
CA ASN PB 55 161.99 -68.04 17.75
C ASN PB 55 161.25 -68.92 16.76
N THR PB 56 161.89 -70.03 16.39
CA THR PB 56 161.39 -70.92 15.35
C THR PB 56 161.06 -72.28 15.94
N ILE PB 57 159.87 -72.78 15.64
CA ILE PB 57 159.49 -74.15 15.97
C ILE PB 57 160.18 -75.08 14.98
N ALA PB 58 161.24 -75.74 15.41
CA ALA PB 58 162.07 -76.57 14.53
C ALA PB 58 162.24 -77.96 15.14
N PRO PB 59 161.21 -78.79 15.09
CA PRO PB 59 161.36 -80.19 15.50
C PRO PB 59 161.68 -81.08 14.31
N ALA PB 60 161.94 -82.35 14.61
CA ALA PB 60 162.07 -83.35 13.57
C ALA PB 60 160.69 -83.77 13.07
N ALA PB 61 160.68 -84.49 11.96
CA ALA PB 61 159.43 -84.92 11.35
C ALA PB 61 158.72 -85.92 12.25
N GLY PB 62 157.46 -85.64 12.59
CA GLY PB 62 156.67 -86.53 13.39
C GLY PB 62 156.92 -86.48 14.88
N ALA PB 63 157.69 -85.51 15.37
CA ALA PB 63 158.06 -85.44 16.77
C ALA PB 63 157.04 -84.64 17.58
N GLN PB 64 157.01 -84.91 18.88
CA GLN PB 64 156.18 -84.19 19.83
C GLN PB 64 157.08 -83.28 20.66
N GLY PB 65 156.72 -82.00 20.75
CA GLY PB 65 157.65 -81.04 21.32
C GLY PB 65 157.09 -80.03 22.29
N TYR PB 66 157.91 -79.03 22.60
CA TYR PB 66 157.62 -78.02 23.62
C TYR PB 66 158.52 -76.82 23.38
N LYS PB 67 157.94 -75.65 23.09
CA LYS PB 67 158.75 -74.53 22.62
C LYS PB 67 158.09 -73.22 23.03
N ASP PB 68 158.92 -72.20 23.24
CA ASP PB 68 158.48 -70.83 23.44
C ASP PB 68 158.91 -69.97 22.25
N MET PB 69 158.24 -68.84 22.05
CA MET PB 69 158.39 -68.08 20.82
C MET PB 69 158.95 -66.67 21.02
N GLY PB 70 158.37 -65.91 21.93
CA GLY PB 70 158.75 -64.51 22.10
C GLY PB 70 157.67 -63.76 22.87
N TYR PB 71 157.61 -62.45 22.66
CA TYR PB 71 156.63 -61.63 23.35
C TYR PB 71 156.17 -60.50 22.44
N VAL PB 72 155.01 -59.92 22.79
CA VAL PB 72 154.37 -58.88 22.02
C VAL PB 72 154.09 -57.68 22.93
N LYS PB 73 154.33 -56.48 22.42
CA LYS PB 73 154.15 -55.25 23.19
C LYS PB 73 152.90 -54.51 22.72
N ILE PB 74 152.13 -54.00 23.68
CA ILE PB 74 150.93 -53.22 23.43
C ILE PB 74 151.08 -51.87 24.12
N ILE PB 75 150.75 -50.79 23.41
CA ILE PB 75 150.90 -49.44 23.93
C ILE PB 75 149.53 -48.78 23.97
N ASN PB 76 149.21 -48.15 25.10
CA ASN PB 76 147.91 -47.51 25.34
C ASN PB 76 148.07 -46.02 25.55
N TYR PB 77 147.11 -45.26 25.03
CA TYR PB 77 147.23 -43.82 24.82
C TYR PB 77 146.22 -43.05 25.68
N THR PB 78 146.13 -41.74 25.41
CA THR PB 78 145.48 -40.79 26.30
C THR PB 78 144.05 -41.19 26.64
N ASP PB 79 143.70 -41.09 27.93
CA ASP PB 79 142.36 -41.31 28.44
C ASP PB 79 141.86 -42.72 28.21
N VAL PB 80 142.77 -43.69 28.13
CA VAL PB 80 142.44 -45.11 27.95
C VAL PB 80 142.74 -45.82 29.26
N ASN PB 81 141.79 -46.62 29.74
CA ASN PB 81 141.97 -47.37 30.98
C ASN PB 81 141.74 -48.86 30.82
N VAL PB 82 140.75 -49.26 30.04
CA VAL PB 82 140.41 -50.67 29.86
C VAL PB 82 140.23 -50.95 28.38
N VAL PB 83 140.80 -52.05 27.90
CA VAL PB 83 140.76 -52.43 26.50
C VAL PB 83 140.24 -53.86 26.38
N LYS PB 84 139.30 -54.08 25.47
CA LYS PB 84 138.79 -55.41 25.15
C LYS PB 84 139.31 -55.81 23.78
N LEU PB 85 139.92 -57.00 23.70
CA LEU PB 85 140.61 -57.44 22.50
C LEU PB 85 140.12 -58.81 22.07
N LYS PB 86 140.27 -59.08 20.77
CA LYS PB 86 139.97 -60.38 20.19
C LYS PB 86 141.20 -60.83 19.40
N VAL PB 87 141.68 -62.04 19.69
CA VAL PB 87 142.87 -62.59 19.06
C VAL PB 87 142.50 -63.87 18.32
N THR PB 88 142.97 -63.99 17.08
CA THR PB 88 142.63 -65.13 16.25
C THR PB 88 143.86 -65.55 15.44
N LEU PB 89 143.80 -66.79 14.94
CA LEU PB 89 144.83 -67.33 14.05
C LEU PB 89 144.38 -67.08 12.62
N ALA PB 90 145.14 -66.24 11.90
CA ALA PB 90 144.71 -65.81 10.57
C ALA PB 90 144.89 -66.91 9.53
N ASN PB 91 145.95 -67.71 9.63
CA ASN PB 91 146.26 -68.70 8.60
C ASN PB 91 146.17 -70.12 9.15
N ALA PB 92 145.12 -70.40 9.91
CA ALA PB 92 144.95 -71.74 10.47
C ALA PB 92 144.71 -72.78 9.38
N ALA PB 93 144.01 -72.38 8.31
CA ALA PB 93 143.73 -73.32 7.23
C ALA PB 93 145.01 -73.80 6.54
N GLN PB 94 145.97 -72.89 6.35
CA GLN PB 94 147.23 -73.26 5.72
C GLN PB 94 148.05 -74.21 6.58
N LEU PB 95 147.98 -74.05 7.90
CA LEU PB 95 148.79 -74.87 8.82
C LEU PB 95 148.19 -76.24 9.09
N ARG PB 96 146.95 -76.50 8.67
CA ARG PB 96 146.32 -77.79 8.95
C ARG PB 96 147.06 -78.98 8.35
N PRO PB 97 147.48 -78.99 7.08
CA PRO PB 97 148.14 -80.18 6.53
C PRO PB 97 149.49 -80.48 7.17
N TYR PB 98 150.07 -79.55 7.94
CA TYR PB 98 151.41 -79.73 8.48
C TYR PB 98 151.43 -80.19 9.93
N PHE PB 99 150.29 -80.14 10.63
CA PHE PB 99 150.26 -80.43 12.06
C PHE PB 99 149.05 -81.29 12.40
N LYS PB 100 149.26 -82.23 13.33
CA LYS PB 100 148.12 -82.91 13.95
C LYS PB 100 147.41 -82.02 14.95
N TYR PB 101 148.18 -81.26 15.75
CA TYR PB 101 147.61 -80.29 16.66
C TYR PB 101 148.65 -79.24 16.97
N LEU PB 102 148.17 -78.05 17.35
CA LEU PB 102 149.04 -76.93 17.68
C LEU PB 102 148.27 -75.99 18.61
N GLN PB 103 148.84 -75.74 19.79
CA GLN PB 103 148.18 -74.91 20.79
C GLN PB 103 149.09 -73.77 21.21
N LEU PB 104 148.52 -72.58 21.35
CA LEU PB 104 149.24 -71.39 21.76
C LEU PB 104 148.68 -70.88 23.08
N VAL PB 105 149.57 -70.57 24.01
CA VAL PB 105 149.21 -70.10 25.35
C VAL PB 105 149.72 -68.68 25.52
N LEU PB 106 148.83 -67.77 25.90
CA LEU PB 106 149.16 -66.36 26.10
C LEU PB 106 149.05 -66.03 27.59
N THR PB 107 150.09 -65.41 28.14
CA THR PB 107 150.12 -65.04 29.55
C THR PB 107 150.52 -63.59 29.70
N SER PB 108 149.86 -62.89 30.61
CA SER PB 108 150.21 -61.51 30.94
C SER PB 108 151.20 -61.53 32.11
N ASN PB 109 152.30 -60.78 31.96
CA ASN PB 109 153.43 -60.83 32.88
C ASN PB 109 153.91 -59.44 33.24
N ALA PB 110 153.47 -58.41 32.50
CA ALA PB 110 154.03 -57.06 32.63
C ALA PB 110 154.02 -56.57 34.06
N SER PB 111 153.08 -57.03 34.88
CA SER PB 111 153.13 -56.83 36.32
C SER PB 111 153.92 -57.97 36.97
N SER PB 112 155.02 -57.62 37.64
CA SER PB 112 155.87 -58.62 38.25
C SER PB 112 155.17 -59.36 39.38
N THR PB 113 154.08 -58.81 39.92
CA THR PB 113 153.35 -59.45 41.00
C THR PB 113 152.20 -60.34 40.50
N VAL PB 114 151.61 -60.02 39.36
CA VAL PB 114 150.44 -60.72 38.84
C VAL PB 114 150.78 -61.30 37.48
N GLU PB 115 151.09 -62.60 37.44
CA GLU PB 115 151.20 -63.35 36.20
C GLU PB 115 149.89 -64.08 35.95
N GLU PB 116 149.32 -63.92 34.77
CA GLU PB 116 148.06 -64.56 34.42
C GLU PB 116 148.07 -65.04 32.98
N THR PB 117 147.63 -66.28 32.79
CA THR PB 117 147.33 -66.80 31.45
C THR PB 117 145.92 -66.36 31.06
N LYS PB 118 145.79 -65.78 29.87
CA LYS PB 118 144.54 -65.17 29.44
C LYS PB 118 143.76 -66.00 28.43
N ALA PB 119 144.43 -66.66 27.49
CA ALA PB 119 143.71 -67.41 26.46
C ALA PB 119 144.58 -68.55 25.95
N VAL PB 120 143.91 -69.55 25.39
CA VAL PB 120 144.56 -70.68 24.72
C VAL PB 120 143.96 -70.79 23.33
N LEU PB 121 144.82 -70.79 22.32
CA LEU PB 121 144.40 -70.88 20.93
C LEU PB 121 144.80 -72.23 20.34
N SER PB 122 143.99 -72.72 19.41
CA SER PB 122 144.24 -74.00 18.78
C SER PB 122 143.73 -73.95 17.35
N LEU PB 123 144.07 -74.99 16.58
CA LEU PB 123 143.65 -75.06 15.19
C LEU PB 123 142.16 -75.34 15.05
N LYS PB 124 141.52 -75.90 16.08
CA LYS PB 124 140.09 -76.17 16.05
C LYS PB 124 139.27 -75.00 16.59
N LYS PB 125 139.81 -74.24 17.54
CA LYS PB 125 139.15 -73.06 18.09
C LYS PB 125 140.15 -71.90 18.02
N PRO PB 126 140.22 -71.22 16.88
CA PRO PB 126 141.30 -70.25 16.67
C PRO PB 126 141.12 -68.90 17.35
N SER PB 127 139.93 -68.58 17.84
CA SER PB 127 139.62 -67.24 18.33
C SER PB 127 139.37 -67.25 19.82
N ALA PB 128 139.70 -66.13 20.47
CA ALA PB 128 139.48 -65.95 21.89
C ALA PB 128 139.34 -64.46 22.19
N VAL PB 129 138.73 -64.16 23.33
CA VAL PB 129 138.50 -62.80 23.79
C VAL PB 129 139.13 -62.63 25.17
N ILE PB 130 139.94 -61.59 25.34
CA ILE PB 130 140.65 -61.35 26.58
C ILE PB 130 140.35 -59.94 27.07
N ILE PB 131 140.64 -59.70 28.35
CA ILE PB 131 140.39 -58.42 29.02
C ILE PB 131 141.69 -57.96 29.66
N LEU PB 132 142.04 -56.69 29.42
CA LEU PB 132 143.18 -56.05 30.06
C LEU PB 132 142.66 -54.90 30.92
N ASP PB 133 143.10 -54.86 32.18
CA ASP PB 133 142.59 -53.88 33.13
C ASP PB 133 143.71 -53.13 33.84
N ASN PB 134 143.35 -52.39 34.90
CA ASN PB 134 144.32 -51.54 35.60
C ASN PB 134 145.51 -52.33 36.13
N ASP PB 135 145.29 -53.58 36.54
CA ASP PB 135 146.39 -54.37 37.08
C ASP PB 135 147.42 -54.74 36.02
N ASP PB 136 146.96 -54.97 34.78
CA ASP PB 136 147.88 -55.41 33.74
C ASP PB 136 148.80 -54.27 33.30
N TYR PB 137 148.29 -53.04 33.25
CA TYR PB 137 149.04 -51.92 32.72
C TYR PB 137 150.14 -51.47 33.66
N SER PB 138 151.18 -52.30 33.80
CA SER PB 138 152.36 -51.91 34.56
C SER PB 138 153.20 -50.92 33.75
N SER PB 139 153.97 -50.10 34.47
CA SER PB 139 154.65 -48.93 33.93
C SER PB 139 153.68 -47.93 33.32
N THR PB 140 152.37 -48.16 33.50
CA THR PB 140 151.28 -47.27 33.12
C THR PB 140 151.13 -47.10 31.60
N ASN PB 141 152.00 -47.76 30.82
CA ASN PB 141 152.01 -47.49 29.38
C ASN PB 141 152.09 -48.71 28.47
N LYS PB 142 152.33 -49.91 28.98
CA LYS PB 142 152.57 -51.02 28.07
C LYS PB 142 152.15 -52.36 28.68
N ILE PB 143 151.82 -53.29 27.79
CA ILE PB 143 151.50 -54.68 28.12
C ILE PB 143 152.54 -55.59 27.46
N GLN PB 144 152.99 -56.60 28.20
CA GLN PB 144 153.92 -57.59 27.68
C GLN PB 144 153.25 -58.96 27.74
N LEU PB 145 153.20 -59.65 26.61
CA LEU PB 145 152.56 -60.96 26.50
C LEU PB 145 153.48 -61.89 25.71
N LYS PB 146 153.97 -62.94 26.35
CA LYS PB 146 154.71 -63.98 25.65
C LYS PB 146 153.79 -65.10 25.17
N VAL PB 147 154.29 -65.85 24.19
CA VAL PB 147 153.52 -66.90 23.53
C VAL PB 147 154.13 -68.24 23.88
N GLU PB 148 153.27 -69.21 24.22
CA GLU PB 148 153.73 -70.56 24.55
C GLU PB 148 153.08 -71.53 23.58
N ALA PB 149 153.88 -72.42 23.00
CA ALA PB 149 153.44 -73.31 21.94
C ALA PB 149 153.61 -74.77 22.34
N TYR PB 150 152.59 -75.58 22.01
CA TYR PB 150 152.65 -77.03 22.10
C TYR PB 150 152.24 -77.60 20.76
N TYR PB 151 152.93 -78.63 20.30
CA TYR PB 151 152.75 -79.06 18.92
C TYR PB 151 153.11 -80.54 18.77
N GLU PB 152 152.60 -81.12 17.69
CA GLU PB 152 153.04 -82.42 17.19
C GLU PB 152 153.04 -82.37 15.67
N ALA PB 153 154.18 -82.68 15.06
CA ALA PB 153 154.34 -82.57 13.62
C ALA PB 153 153.80 -83.81 12.92
N LYS PB 154 153.40 -83.63 11.66
CA LYS PB 154 152.93 -84.74 10.85
C LYS PB 154 154.07 -85.70 10.53
N GLU PB 155 153.70 -86.96 10.31
CA GLU PB 155 154.69 -88.01 10.08
C GLU PB 155 155.25 -87.91 8.66
N GLY PB 156 156.56 -87.77 8.55
CA GLY PB 156 157.22 -87.81 7.26
C GLY PB 156 157.05 -86.58 6.41
N MET PB 157 156.74 -85.43 6.99
CA MET PB 157 156.53 -84.20 6.25
C MET PB 157 157.73 -83.27 6.48
N LEU PB 158 158.32 -82.80 5.39
CA LEU PB 158 159.48 -81.90 5.45
C LEU PB 158 159.14 -80.59 4.77
N PHE PB 159 159.56 -79.49 5.39
CA PHE PB 159 159.24 -78.15 4.88
C PHE PB 159 160.16 -77.15 5.55
N ASP PB 160 160.12 -75.92 5.05
CA ASP PB 160 160.89 -74.82 5.63
C ASP PB 160 160.25 -73.51 5.22
N SER PB 161 160.55 -72.47 6.01
CA SER PB 161 160.07 -71.11 5.74
C SER PB 161 158.54 -71.05 5.71
N LEU PB 162 157.92 -71.47 6.81
CA LEU PB 162 156.46 -71.43 6.93
C LEU PB 162 156.07 -70.43 7.99
N PRO PB 163 155.29 -69.40 7.66
CA PRO PB 163 154.96 -68.36 8.65
C PRO PB 163 153.70 -68.68 9.45
N VAL PB 164 153.69 -68.14 10.67
CA VAL PB 164 152.53 -68.21 11.56
C VAL PB 164 152.10 -66.78 11.86
N ILE PB 165 150.81 -66.49 11.67
CA ILE PB 165 150.29 -65.13 11.70
C ILE PB 165 149.21 -65.04 12.76
N LEU PB 166 149.25 -63.97 13.57
CA LEU PB 166 148.22 -63.66 14.55
C LEU PB 166 147.66 -62.28 14.27
N ASN PB 167 146.37 -62.09 14.53
CA ASN PB 167 145.68 -60.84 14.25
C ASN PB 167 145.00 -60.32 15.51
N PHE PB 168 144.93 -58.99 15.62
CA PHE PB 168 144.31 -58.32 16.76
C PHE PB 168 143.22 -57.38 16.28
N GLN PB 169 142.12 -57.33 17.03
CA GLN PB 169 141.02 -56.43 16.73
C GLN PB 169 140.45 -55.89 18.04
N VAL PB 170 140.17 -54.58 18.06
CA VAL PB 170 139.66 -53.89 19.23
C VAL PB 170 138.14 -53.90 19.18
N LEU PB 171 137.50 -54.36 20.25
CA LEU PB 171 136.05 -54.40 20.34
C LEU PB 171 135.47 -53.25 21.15
N SER PB 172 136.14 -52.84 22.23
CA SER PB 172 135.66 -51.75 23.06
C SER PB 172 136.81 -51.23 23.91
N VAL PB 173 136.83 -49.92 24.10
CA VAL PB 173 137.85 -49.26 24.94
C VAL PB 173 137.15 -48.24 25.82
N SER PB 174 137.69 -48.06 27.03
CA SER PB 174 137.14 -47.09 27.97
C SER PB 174 138.23 -46.53 28.88
N THR QB 26 115.49 14.64 -4.20
CA THR QB 26 114.64 13.69 -3.50
C THR QB 26 114.85 12.28 -4.04
N THR QB 27 115.83 11.58 -3.46
CA THR QB 27 116.19 10.23 -3.90
C THR QB 27 116.04 9.27 -2.74
N GLN QB 28 115.41 8.12 -3.00
CA GLN QB 28 115.21 7.08 -2.00
C GLN QB 28 116.22 5.96 -2.24
N SER QB 29 116.99 5.63 -1.20
CA SER QB 29 118.04 4.63 -1.38
C SER QB 29 117.67 3.31 -0.70
N PRO QB 30 118.04 2.17 -1.31
CA PRO QB 30 117.76 0.88 -0.67
C PRO QB 30 118.76 0.48 0.40
N LEU QB 31 119.96 1.08 0.42
CA LEU QB 31 120.95 0.89 1.48
C LEU QB 31 121.41 -0.56 1.55
N ASN QB 32 121.76 -1.13 0.40
CA ASN QB 32 122.28 -2.50 0.35
C ASN QB 32 123.43 -2.64 -0.66
N SER QB 33 124.09 -1.55 -1.00
CA SER QB 33 125.17 -1.56 -2.00
C SER QB 33 126.54 -1.65 -1.32
N PHE QB 34 126.76 -2.75 -0.61
CA PHE QB 34 128.03 -3.01 0.06
C PHE QB 34 128.41 -4.47 -0.12
N TYR QB 35 129.68 -4.71 -0.44
CA TYR QB 35 130.14 -6.06 -0.72
C TYR QB 35 131.58 -6.23 -0.26
N ALA QB 36 131.96 -7.50 -0.06
CA ALA QB 36 133.33 -7.89 0.25
C ALA QB 36 133.58 -9.26 -0.36
N THR QB 37 134.79 -9.49 -0.86
CA THR QB 37 135.08 -10.66 -1.67
C THR QB 37 136.35 -11.35 -1.21
N GLY QB 38 136.32 -12.69 -1.21
CA GLY QB 38 137.50 -13.51 -0.96
C GLY QB 38 137.67 -14.57 -2.03
N THR QB 39 138.62 -15.49 -1.85
CA THR QB 39 138.89 -16.52 -2.84
C THR QB 39 139.29 -17.81 -2.15
N ALA QB 40 139.19 -18.91 -2.89
CA ALA QB 40 139.59 -20.23 -2.40
C ALA QB 40 140.00 -21.09 -3.59
N GLN QB 41 140.76 -22.14 -3.31
CA GLN QB 41 141.25 -23.02 -4.36
C GLN QB 41 141.70 -24.36 -3.77
N ALA QB 42 141.84 -25.34 -4.65
CA ALA QB 42 142.38 -26.65 -4.28
C ALA QB 42 142.90 -27.30 -5.56
N VAL QB 43 144.22 -27.40 -5.71
CA VAL QB 43 144.82 -27.76 -6.98
C VAL QB 43 145.80 -28.93 -6.86
N GLN QB 44 145.62 -29.80 -5.87
CA GLN QB 44 146.50 -30.97 -5.77
C GLN QB 44 145.79 -32.09 -5.03
N GLU QB 45 146.22 -33.33 -5.33
CA GLU QB 45 145.69 -34.53 -4.70
C GLU QB 45 146.30 -34.72 -3.31
N PRO QB 46 145.58 -35.41 -2.40
CA PRO QB 46 146.05 -35.51 -1.01
C PRO QB 46 147.42 -36.15 -0.86
N ILE QB 47 147.74 -37.19 -1.65
CA ILE QB 47 148.94 -37.97 -1.45
C ILE QB 47 149.70 -38.13 -2.75
N ASP QB 48 150.99 -38.45 -2.62
CA ASP QB 48 151.84 -38.80 -3.75
C ASP QB 48 152.60 -40.08 -3.38
N VAL QB 49 152.75 -40.98 -4.35
CA VAL QB 49 153.30 -42.31 -4.09
C VAL QB 49 154.49 -42.54 -5.02
N GLU QB 50 155.59 -43.02 -4.46
CA GLU QB 50 156.79 -43.34 -5.22
C GLU QB 50 157.29 -44.72 -4.82
N SER QB 51 157.77 -45.49 -5.79
CA SER QB 51 158.11 -46.88 -5.61
C SER QB 51 159.62 -47.10 -5.68
N HIS QB 52 160.12 -48.01 -4.84
CA HIS QB 52 161.53 -48.40 -4.84
C HIS QB 52 161.68 -49.91 -4.66
N LEU QB 53 160.87 -50.68 -5.39
CA LEU QB 53 160.93 -52.14 -5.33
C LEU QB 53 161.97 -52.61 -6.34
N ASP QB 54 163.20 -52.80 -5.87
CA ASP QB 54 164.33 -53.14 -6.73
C ASP QB 54 165.01 -54.45 -6.31
N ASN QB 55 164.20 -55.46 -6.00
CA ASN QB 55 164.71 -56.80 -5.75
C ASN QB 55 163.86 -57.82 -6.50
N THR QB 56 164.49 -58.92 -6.89
CA THR QB 56 163.86 -59.93 -7.73
C THR QB 56 163.72 -61.24 -6.97
N ILE QB 57 162.53 -61.82 -7.01
CA ILE QB 57 162.29 -63.16 -6.48
C ILE QB 57 162.84 -64.14 -7.51
N ALA QB 58 164.00 -64.72 -7.23
CA ALA QB 58 164.69 -65.61 -8.17
C ALA QB 58 165.06 -66.92 -7.48
N PRO QB 59 164.08 -67.79 -7.27
CA PRO QB 59 164.38 -69.13 -6.77
C PRO QB 59 164.53 -70.12 -7.91
N ALA QB 60 164.91 -71.35 -7.55
CA ALA QB 60 164.91 -72.45 -8.50
C ALA QB 60 163.49 -72.97 -8.71
N ALA QB 61 163.32 -73.79 -9.74
CA ALA QB 61 162.00 -74.32 -10.06
C ALA QB 61 161.52 -75.26 -8.96
N GLY QB 62 160.34 -74.98 -8.42
CA GLY QB 62 159.74 -75.83 -7.41
C GLY QB 62 160.27 -75.62 -6.00
N ALA QB 63 161.05 -74.59 -5.75
CA ALA QB 63 161.67 -74.36 -4.46
C ALA QB 63 160.76 -73.53 -3.55
N GLN QB 64 160.98 -73.68 -2.25
CA GLN QB 64 160.29 -72.90 -1.22
C GLN QB 64 161.27 -71.89 -0.66
N GLY QB 65 160.88 -70.62 -0.62
CA GLY QB 65 161.83 -69.57 -0.30
C GLY QB 65 161.39 -68.49 0.65
N TYR QB 66 162.20 -67.43 0.72
CA TYR QB 66 162.04 -66.34 1.68
C TYR QB 66 162.82 -65.13 1.18
N LYS QB 67 162.14 -64.03 0.89
CA LYS QB 67 162.78 -62.92 0.19
C LYS QB 67 162.13 -61.60 0.59
N ASP QB 68 162.92 -60.53 0.55
CA ASP QB 68 162.45 -59.17 0.71
C ASP QB 68 162.60 -58.42 -0.61
N MET QB 69 161.85 -57.34 -0.78
CA MET QB 69 161.73 -56.69 -2.08
C MET QB 69 162.24 -55.25 -2.10
N GLY QB 70 161.78 -54.43 -1.17
CA GLY QB 70 162.12 -53.01 -1.20
C GLY QB 70 161.15 -52.23 -0.32
N TYR QB 71 160.99 -50.94 -0.62
CA TYR QB 71 160.10 -50.10 0.16
C TYR QB 71 159.42 -49.09 -0.73
N VAL QB 72 158.32 -48.53 -0.24
CA VAL QB 72 157.49 -47.58 -0.98
C VAL QB 72 157.31 -46.33 -0.14
N LYS QB 73 157.38 -45.17 -0.78
CA LYS QB 73 157.27 -43.88 -0.11
C LYS QB 73 155.92 -43.23 -0.39
N ILE QB 74 155.31 -42.66 0.64
CA ILE QB 74 154.04 -41.96 0.55
C ILE QB 74 154.23 -40.55 1.08
N ILE QB 75 153.73 -39.55 0.35
CA ILE QB 75 153.89 -38.15 0.71
C ILE QB 75 152.51 -37.54 0.94
N ASN QB 76 152.36 -36.82 2.05
CA ASN QB 76 151.10 -36.22 2.47
C ASN QB 76 151.21 -34.70 2.52
N TYR QB 77 150.13 -34.03 2.12
CA TYR QB 77 150.13 -32.62 1.77
C TYR QB 77 149.25 -31.81 2.72
N THR QB 78 149.03 -30.54 2.35
CA THR QB 78 148.51 -29.54 3.27
C THR QB 78 147.18 -29.95 3.89
N ASP QB 79 147.07 -29.74 5.20
CA ASP QB 79 145.85 -29.96 5.98
C ASP QB 79 145.39 -31.42 5.98
N VAL QB 80 146.33 -32.35 5.82
CA VAL QB 80 146.05 -33.79 5.83
C VAL QB 80 146.63 -34.36 7.11
N ASN QB 81 145.83 -35.14 7.83
CA ASN QB 81 146.27 -35.76 9.07
C ASN QB 81 146.10 -37.27 9.09
N VAL QB 82 145.01 -37.79 8.54
CA VAL QB 82 144.72 -39.22 8.56
C VAL QB 82 144.29 -39.64 7.16
N VAL QB 83 144.83 -40.76 6.69
CA VAL QB 83 144.55 -41.28 5.36
C VAL QB 83 144.11 -42.73 5.47
N LYS QB 84 143.03 -43.08 4.76
CA LYS QB 84 142.55 -44.44 4.66
C LYS QB 84 142.85 -44.96 3.25
N LEU QB 85 143.49 -46.12 3.17
CA LEU QB 85 143.97 -46.65 1.91
C LEU QB 85 143.49 -48.08 1.69
N LYS QB 86 143.42 -48.46 0.42
CA LYS QB 86 143.10 -49.83 0.02
C LYS QB 86 144.18 -50.31 -0.95
N VAL QB 87 144.78 -51.46 -0.64
CA VAL QB 87 145.87 -52.02 -1.43
C VAL QB 87 145.44 -53.37 -1.97
N THR QB 88 145.69 -53.60 -3.25
CA THR QB 88 145.27 -54.82 -3.91
C THR QB 88 146.35 -55.27 -4.89
N LEU QB 89 146.29 -56.56 -5.26
CA LEU QB 89 147.16 -57.14 -6.27
C LEU QB 89 146.45 -57.05 -7.61
N ALA QB 90 147.01 -56.25 -8.53
CA ALA QB 90 146.34 -55.97 -9.79
C ALA QB 90 146.38 -57.15 -10.75
N ASN QB 91 147.49 -57.90 -10.77
CA ASN QB 91 147.66 -58.97 -11.75
C ASN QB 91 147.76 -60.33 -11.07
N ALA QB 92 146.87 -60.58 -10.10
CA ALA QB 92 146.88 -61.87 -9.41
C ALA QB 92 146.51 -63.01 -10.35
N ALA QB 93 145.62 -62.76 -11.31
CA ALA QB 93 145.19 -63.80 -12.22
C ALA QB 93 146.35 -64.29 -13.09
N GLN QB 94 147.21 -63.37 -13.53
CA GLN QB 94 148.35 -63.75 -14.35
C GLN QB 94 149.37 -64.58 -13.57
N LEU QB 95 149.54 -64.30 -12.28
CA LEU QB 95 150.53 -64.98 -11.46
C LEU QB 95 150.07 -66.35 -10.97
N ARG QB 96 148.79 -66.69 -11.12
CA ARG QB 96 148.30 -67.97 -10.62
C ARG QB 96 148.98 -69.19 -11.24
N PRO QB 97 149.17 -69.30 -12.56
CA PRO QB 97 149.79 -70.52 -13.11
C PRO QB 97 151.25 -70.70 -12.71
N TYR QB 98 151.90 -69.68 -12.15
CA TYR QB 98 153.32 -69.74 -11.85
C TYR QB 98 153.62 -70.06 -10.39
N PHE QB 99 152.64 -70.00 -9.49
CA PHE QB 99 152.87 -70.15 -8.07
C PHE QB 99 151.80 -71.02 -7.43
N LYS QB 100 152.21 -71.85 -6.48
CA LYS QB 100 151.25 -72.51 -5.62
C LYS QB 100 150.69 -71.55 -4.57
N TYR QB 101 151.54 -70.71 -4.01
CA TYR QB 101 151.09 -69.67 -3.08
C TYR QB 101 152.11 -68.54 -3.07
N LEU QB 102 151.65 -67.35 -2.72
CA LEU QB 102 152.49 -66.17 -2.65
C LEU QB 102 151.85 -65.18 -1.69
N GLN QB 103 152.60 -64.78 -0.66
CA GLN QB 103 152.09 -63.89 0.37
C GLN QB 103 153.00 -62.68 0.52
N LEU QB 104 152.39 -61.51 0.66
CA LEU QB 104 153.10 -60.25 0.82
C LEU QB 104 152.77 -59.65 2.17
N VAL QB 105 153.79 -59.21 2.90
CA VAL QB 105 153.64 -58.63 4.23
C VAL QB 105 154.10 -57.17 4.18
N LEU QB 106 153.24 -56.27 4.63
CA LEU QB 106 153.52 -54.84 4.64
C LEU QB 106 153.65 -54.37 6.09
N THR QB 107 154.74 -53.66 6.38
CA THR QB 107 155.01 -53.16 7.72
C THR QB 107 155.36 -51.68 7.67
N SER QB 108 154.82 -50.92 8.63
CA SER QB 108 155.15 -49.50 8.77
C SER QB 108 156.33 -49.37 9.72
N ASN QB 109 157.34 -48.60 9.31
CA ASN QB 109 158.61 -48.52 10.01
C ASN QB 109 159.08 -47.07 10.15
N ALA QB 110 158.45 -46.14 9.42
CA ALA QB 110 158.96 -44.78 9.31
C ALA QB 110 159.19 -44.13 10.68
N SER QB 111 158.43 -44.55 11.70
CA SER QB 111 158.72 -44.22 13.09
C SER QB 111 159.68 -45.25 13.66
N SER QB 112 160.85 -44.79 14.09
CA SER QB 112 161.86 -45.70 14.62
C SER QB 112 161.42 -46.35 15.92
N THR QB 113 160.40 -45.80 16.59
CA THR QB 113 159.92 -46.36 17.85
C THR QB 113 158.76 -47.33 17.65
N VAL QB 114 157.95 -47.15 16.61
CA VAL QB 114 156.76 -47.94 16.39
C VAL QB 114 156.87 -48.64 15.04
N GLU QB 115 157.25 -49.92 15.05
CA GLU QB 115 157.17 -50.79 13.89
C GLU QB 115 155.88 -51.59 13.96
N GLU QB 116 155.10 -51.56 12.87
CA GLU QB 116 153.83 -52.28 12.83
C GLU QB 116 153.61 -52.90 11.47
N THR QB 117 153.21 -54.18 11.46
CA THR QB 117 152.71 -54.83 10.26
C THR QB 117 151.23 -54.50 10.10
N LYS QB 118 150.86 -54.03 8.90
CA LYS QB 118 149.52 -53.51 8.66
C LYS QB 118 148.61 -54.47 7.88
N ALA QB 119 149.14 -55.18 6.89
CA ALA QB 119 148.29 -56.06 6.09
C ALA QB 119 149.12 -57.21 5.53
N VAL QB 120 148.42 -58.28 5.19
CA VAL QB 120 149.00 -59.45 4.52
C VAL QB 120 148.17 -59.72 3.28
N LEU QB 121 148.83 -59.78 2.12
CA LEU QB 121 148.17 -60.02 0.86
C LEU QB 121 148.54 -61.40 0.32
N SER QB 122 147.60 -62.01 -0.40
CA SER QB 122 147.81 -63.35 -0.95
C SER QB 122 147.04 -63.46 -2.27
N LEU QB 123 147.30 -64.54 -2.98
CA LEU QB 123 146.65 -64.77 -4.26
C LEU QB 123 145.17 -65.11 -4.10
N LYS QB 124 144.76 -65.60 -2.92
CA LYS QB 124 143.37 -65.92 -2.67
C LYS QB 124 142.58 -64.74 -2.10
N LYS QB 125 143.24 -63.87 -1.33
CA LYS QB 125 142.63 -62.67 -0.76
C LYS QB 125 143.53 -61.49 -1.11
N PRO QB 126 143.36 -60.91 -2.32
CA PRO QB 126 144.33 -59.92 -2.81
C PRO QB 126 144.19 -58.53 -2.22
N SER QB 127 143.09 -58.21 -1.55
CA SER QB 127 142.80 -56.84 -1.14
C SER QB 127 142.82 -56.71 0.38
N ALA QB 128 143.21 -55.52 0.85
CA ALA QB 128 143.23 -55.22 2.27
C ALA QB 128 143.07 -53.71 2.46
N VAL QB 129 142.66 -53.33 3.66
CA VAL QB 129 142.44 -51.93 4.02
C VAL QB 129 143.29 -51.62 5.25
N ILE QB 130 144.06 -50.53 5.17
CA ILE QB 130 144.98 -50.14 6.24
C ILE QB 130 144.68 -48.70 6.66
N ILE QB 131 145.18 -48.33 7.83
CA ILE QB 131 144.99 -47.02 8.41
C ILE QB 131 146.35 -46.43 8.76
N LEU QB 132 146.58 -45.18 8.35
CA LEU QB 132 147.78 -44.44 8.72
C LEU QB 132 147.37 -43.23 9.55
N ASP QB 133 148.02 -43.05 10.70
CA ASP QB 133 147.64 -42.01 11.64
C ASP QB 133 148.82 -41.14 12.06
N ASN QB 134 148.61 -40.32 13.10
CA ASN QB 134 149.64 -39.37 13.53
C ASN QB 134 150.94 -40.06 13.89
N ASP QB 135 150.88 -41.28 14.45
CA ASP QB 135 152.10 -41.96 14.85
C ASP QB 135 152.93 -42.40 13.66
N ASP QB 136 152.28 -42.76 12.54
CA ASP QB 136 153.01 -43.26 11.39
C ASP QB 136 153.78 -42.13 10.69
N TYR QB 137 153.19 -40.94 10.63
CA TYR QB 137 153.77 -39.84 9.87
C TYR QB 137 155.01 -39.26 10.56
N SER QB 138 156.10 -40.03 10.57
CA SER QB 138 157.37 -39.52 11.06
C SER QB 138 158.00 -38.59 10.03
N SER QB 139 158.83 -37.67 10.52
CA SER QB 139 159.34 -36.53 9.76
C SER QB 139 158.22 -35.64 9.26
N THR QB 140 156.98 -35.90 9.70
CA THR QB 140 155.79 -35.08 9.44
C THR QB 140 155.36 -35.08 7.98
N ASN QB 141 156.10 -35.77 7.10
CA ASN QB 141 155.85 -35.64 5.67
C ASN QB 141 155.83 -36.93 4.88
N LYS QB 142 156.24 -38.07 5.43
CA LYS QB 142 156.36 -39.27 4.59
C LYS QB 142 156.13 -40.54 5.38
N ILE QB 143 155.70 -41.57 4.66
CA ILE QB 143 155.52 -42.94 5.16
C ILE QB 143 156.47 -43.86 4.40
N GLN QB 144 157.11 -44.77 5.14
CA GLN QB 144 157.99 -45.79 4.55
C GLN QB 144 157.41 -47.16 4.85
N LEU QB 145 157.20 -47.96 3.81
CA LEU QB 145 156.63 -49.30 3.92
C LEU QB 145 157.44 -50.26 3.07
N LYS QB 146 158.11 -51.23 3.70
CA LYS QB 146 158.76 -52.29 2.97
C LYS QB 146 157.84 -53.49 2.77
N VAL QB 147 158.18 -54.32 1.79
CA VAL QB 147 157.38 -55.45 1.37
C VAL QB 147 158.11 -56.73 1.72
N GLU QB 148 157.38 -57.69 2.29
CA GLU QB 148 157.96 -58.98 2.65
C GLU QB 148 157.21 -60.07 1.91
N ALA QB 149 157.94 -60.98 1.27
CA ALA QB 149 157.36 -61.99 0.39
C ALA QB 149 157.68 -63.39 0.88
N TYR QB 150 156.69 -64.26 0.82
CA TYR QB 150 156.83 -65.69 1.02
C TYR QB 150 156.22 -66.41 -0.16
N TYR QB 151 156.87 -67.45 -0.65
CA TYR QB 151 156.48 -68.02 -1.93
C TYR QB 151 156.88 -69.49 -2.02
N GLU QB 152 156.22 -70.20 -2.94
CA GLU QB 152 156.63 -71.52 -3.39
C GLU QB 152 156.36 -71.61 -4.88
N ALA QB 153 157.39 -71.94 -5.66
CA ALA QB 153 157.28 -71.96 -7.11
C ALA QB 153 156.69 -73.29 -7.58
N LYS QB 154 156.07 -73.24 -8.76
CA LYS QB 154 155.52 -74.44 -9.37
C LYS QB 154 156.64 -75.38 -9.80
N GLU QB 155 156.31 -76.68 -9.84
CA GLU QB 155 157.29 -77.71 -10.16
C GLU QB 155 157.57 -77.71 -11.66
N GLY QB 156 158.84 -77.54 -12.02
CA GLY QB 156 159.26 -77.67 -13.40
C GLY QB 156 158.87 -76.54 -14.32
N MET QB 157 158.60 -75.35 -13.79
CA MET QB 157 158.21 -74.20 -14.58
C MET QB 157 159.36 -73.22 -14.66
N LEU QB 158 159.72 -72.83 -15.88
CA LEU QB 158 160.83 -71.88 -16.11
C LEU QB 158 160.30 -70.66 -16.84
N PHE QB 159 160.76 -69.49 -16.41
CA PHE QB 159 160.28 -68.23 -16.96
C PHE QB 159 161.25 -67.12 -16.56
N ASP QB 160 161.05 -65.95 -17.15
CA ASP QB 160 161.84 -64.78 -16.82
C ASP QB 160 161.06 -63.53 -17.21
N SER QB 161 161.44 -62.41 -16.59
CA SER QB 161 160.85 -61.10 -16.88
C SER QB 161 159.33 -61.11 -16.65
N LEU QB 162 158.94 -61.44 -15.41
CA LEU QB 162 157.54 -61.45 -15.03
C LEU QB 162 157.28 -60.36 -14.00
N PRO QB 163 156.40 -59.39 -14.28
CA PRO QB 163 156.19 -58.29 -13.34
C PRO QB 163 155.13 -58.58 -12.29
N VAL QB 164 155.30 -57.93 -11.14
CA VAL QB 164 154.33 -57.94 -10.05
C VAL QB 164 153.87 -56.51 -9.80
N ILE QB 165 152.56 -56.30 -9.78
CA ILE QB 165 151.98 -54.96 -9.76
C ILE QB 165 151.09 -54.81 -8.54
N LEU QB 166 151.23 -53.67 -7.86
CA LEU QB 166 150.37 -53.30 -6.74
C LEU QB 166 149.69 -51.98 -7.04
N ASN QB 167 148.47 -51.82 -6.54
CA ASN QB 167 147.66 -50.63 -6.80
C ASN QB 167 147.20 -50.01 -5.49
N PHE QB 168 147.07 -48.69 -5.48
CA PHE QB 168 146.63 -47.94 -4.32
C PHE QB 168 145.41 -47.09 -4.67
N GLN QB 169 144.46 -47.01 -3.74
CA GLN QB 169 143.28 -46.18 -3.90
C GLN QB 169 142.93 -45.54 -2.57
N VAL QB 170 142.59 -44.26 -2.61
CA VAL QB 170 142.25 -43.48 -1.43
C VAL QB 170 140.75 -43.56 -1.21
N LEU QB 171 140.35 -43.93 0.01
CA LEU QB 171 138.94 -44.01 0.37
C LEU QB 171 138.45 -42.82 1.16
N SER QB 172 139.27 -42.28 2.06
CA SER QB 172 138.89 -41.13 2.87
C SER QB 172 140.14 -40.48 3.44
N VAL QB 173 140.13 -39.16 3.51
CA VAL QB 173 141.23 -38.39 4.08
C VAL QB 173 140.65 -37.31 4.99
N SER QB 174 141.40 -37.00 6.05
CA SER QB 174 140.96 -35.97 7.00
C SER QB 174 142.17 -35.27 7.63
N THR RB 26 110.44 21.46 -25.94
CA THR RB 26 109.78 20.55 -25.01
C THR RB 26 109.98 19.11 -25.46
N THR RB 27 111.08 18.50 -25.01
CA THR RB 27 111.43 17.13 -25.38
C THR RB 27 111.55 16.28 -24.14
N GLN RB 28 110.95 15.09 -24.17
CA GLN RB 28 111.00 14.15 -23.07
C GLN RB 28 112.00 13.05 -23.39
N SER RB 29 112.97 12.84 -22.49
CA SER RB 29 114.02 11.88 -22.77
C SER RB 29 113.85 10.62 -21.92
N PRO RB 30 114.18 9.44 -22.48
CA PRO RB 30 114.09 8.21 -21.70
C PRO RB 30 115.28 7.96 -20.79
N LEU RB 31 116.42 8.60 -21.05
CA LEU RB 31 117.59 8.55 -20.18
C LEU RB 31 118.16 7.13 -20.06
N ASN RB 32 118.32 6.47 -21.22
CA ASN RB 32 118.90 5.13 -21.23
C ASN RB 32 119.84 4.93 -22.41
N SER RB 33 120.37 6.01 -22.97
CA SER RB 33 121.26 5.94 -24.14
C SER RB 33 122.72 5.97 -23.72
N PHE RB 34 123.13 4.95 -22.97
CA PHE RB 34 124.51 4.82 -22.52
C PHE RB 34 124.95 3.36 -22.64
N TYR RB 35 126.14 3.14 -23.17
CA TYR RB 35 126.63 1.78 -23.41
C TYR RB 35 128.13 1.72 -23.21
N ALA RB 36 128.61 0.50 -22.97
CA ALA RB 36 130.03 0.19 -22.89
C ALA RB 36 130.24 -1.22 -23.41
N THR RB 37 131.36 -1.45 -24.10
CA THR RB 37 131.57 -2.69 -24.84
C THR RB 37 132.94 -3.28 -24.56
N GLY RB 38 132.98 -4.61 -24.44
CA GLY RB 38 134.23 -5.35 -24.35
C GLY RB 38 134.26 -6.51 -25.33
N THR RB 39 135.28 -7.36 -25.25
CA THR RB 39 135.43 -8.47 -26.18
C THR RB 39 136.02 -9.68 -25.46
N ALA RB 40 135.85 -10.84 -26.07
CA ALA RB 40 136.40 -12.09 -25.55
C ALA RB 40 136.64 -13.05 -26.71
N GLN RB 41 137.50 -14.04 -26.48
CA GLN RB 41 137.84 -15.00 -27.53
C GLN RB 41 138.46 -16.24 -26.92
N ALA RB 42 138.50 -17.30 -27.71
CA ALA RB 42 139.17 -18.56 -27.34
C ALA RB 42 139.48 -19.30 -28.63
N VAL RB 43 140.76 -19.36 -29.01
CA VAL RB 43 141.15 -19.82 -30.33
C VAL RB 43 142.19 -20.93 -30.30
N GLN RB 44 142.24 -21.72 -29.22
CA GLN RB 44 143.19 -22.83 -29.18
C GLN RB 44 142.69 -23.90 -28.22
N GLU RB 45 143.13 -25.14 -28.48
CA GLU RB 45 142.78 -26.29 -27.66
C GLU RB 45 143.65 -26.34 -26.40
N PRO RB 46 143.14 -26.95 -25.32
CA PRO RB 46 143.88 -26.90 -24.04
C PRO RB 46 145.27 -27.48 -24.09
N ILE RB 47 145.49 -28.57 -24.82
CA ILE RB 47 146.76 -29.29 -24.77
C ILE RB 47 147.28 -29.52 -26.19
N ASP RB 48 148.59 -29.79 -26.26
CA ASP RB 48 149.24 -30.21 -27.49
C ASP RB 48 150.12 -31.41 -27.16
N VAL RB 49 150.14 -32.40 -28.05
CA VAL RB 49 150.80 -33.67 -27.79
C VAL RB 49 151.81 -33.95 -28.90
N GLU RB 50 153.03 -34.32 -28.51
CA GLU RB 50 154.10 -34.67 -29.45
C GLU RB 50 154.72 -35.99 -29.02
N SER RB 51 155.07 -36.82 -30.00
CA SER RB 51 155.52 -38.19 -29.77
C SER RB 51 157.00 -38.34 -30.09
N HIS RB 52 157.69 -39.15 -29.28
CA HIS RB 52 159.09 -39.48 -29.50
C HIS RB 52 159.36 -40.96 -29.23
N LEU RB 53 158.48 -41.83 -29.72
CA LEU RB 53 158.64 -43.27 -29.54
C LEU RB 53 159.50 -43.80 -30.68
N ASP RB 54 160.81 -43.89 -30.43
CA ASP RB 54 161.78 -44.27 -31.45
C ASP RB 54 162.59 -45.50 -31.04
N ASN RB 55 161.92 -46.51 -30.50
CA ASN RB 55 162.54 -47.80 -30.23
C ASN RB 55 161.62 -48.91 -30.74
N THR RB 56 162.23 -50.03 -31.13
CA THR RB 56 161.52 -51.14 -31.76
C THR RB 56 161.60 -52.37 -30.87
N ILE RB 57 160.44 -53.00 -30.63
CA ILE RB 57 160.38 -54.29 -29.96
C ILE RB 57 160.79 -55.34 -30.97
N ALA RB 58 162.01 -55.85 -30.86
CA ALA RB 58 162.58 -56.79 -31.83
C ALA RB 58 163.13 -58.01 -31.11
N PRO RB 59 162.26 -58.90 -30.65
CA PRO RB 59 162.71 -60.18 -30.09
C PRO RB 59 162.72 -61.27 -31.16
N ALA RB 60 163.22 -62.44 -30.76
CA ALA RB 60 163.12 -63.61 -31.61
C ALA RB 60 161.72 -64.20 -31.49
N ALA RB 61 161.41 -65.14 -32.39
CA ALA RB 61 160.08 -65.74 -32.43
C ALA RB 61 159.87 -66.60 -31.17
N GLY RB 62 158.78 -66.31 -30.45
CA GLY RB 62 158.43 -67.08 -29.27
C GLY RB 62 159.18 -66.73 -28.02
N ALA RB 63 159.94 -65.63 -28.01
CA ALA RB 63 160.76 -65.26 -26.87
C ALA RB 63 159.99 -64.39 -25.89
N GLN RB 64 160.45 -64.39 -24.64
CA GLN RB 64 159.91 -63.54 -23.58
C GLN RB 64 160.92 -62.44 -23.30
N GLY RB 65 160.47 -61.19 -23.29
CA GLY RB 65 161.40 -60.09 -23.26
C GLY RB 65 161.09 -58.93 -22.33
N TYR RB 66 161.84 -57.83 -22.51
CA TYR RB 66 161.77 -56.67 -21.64
C TYR RB 66 162.39 -55.48 -22.38
N LYS RB 67 161.60 -54.44 -22.64
CA LYS RB 67 162.04 -53.38 -23.54
C LYS RB 67 161.41 -52.06 -23.13
N ASP RB 68 162.13 -50.98 -23.41
CA ASP RB 68 161.61 -49.61 -23.29
C ASP RB 68 161.48 -49.00 -24.68
N MET RB 69 160.64 -47.97 -24.80
CA MET RB 69 160.25 -47.45 -26.11
C MET RB 69 160.67 -46.00 -26.35
N GLY RB 70 160.35 -45.11 -25.43
CA GLY RB 70 160.59 -43.68 -25.65
C GLY RB 70 159.76 -42.86 -24.67
N TYR RB 71 159.47 -41.63 -25.05
CA TYR RB 71 158.69 -40.75 -24.19
C TYR RB 71 157.80 -39.85 -25.04
N VAL RB 72 156.78 -39.29 -24.39
CA VAL RB 72 155.77 -38.45 -25.04
C VAL RB 72 155.68 -37.13 -24.30
N LYS RB 73 155.57 -36.03 -25.04
CA LYS RB 73 155.51 -34.69 -24.48
C LYS RB 73 154.10 -34.13 -24.58
N ILE RB 74 153.66 -33.48 -23.49
CA ILE RB 74 152.34 -32.84 -23.42
C ILE RB 74 152.56 -31.38 -23.06
N ILE RB 75 151.87 -30.48 -23.76
CA ILE RB 75 152.01 -29.05 -23.57
C ILE RB 75 150.67 -28.47 -23.14
N ASN RB 76 150.68 -27.66 -22.08
CA ASN RB 76 149.49 -27.07 -21.50
C ASN RB 76 149.51 -25.56 -21.60
N TYR RB 77 148.34 -24.97 -21.85
CA TYR RB 77 148.19 -23.59 -22.32
C TYR RB 77 147.46 -22.74 -21.30
N THR RB 78 147.11 -21.52 -21.73
CA THR RB 78 146.71 -20.45 -20.82
C THR RB 78 145.54 -20.86 -19.94
N ASP RB 79 145.65 -20.53 -18.64
CA ASP RB 79 144.61 -20.71 -17.64
C ASP RB 79 144.25 -22.18 -17.44
N VAL RB 80 145.18 -23.08 -17.69
CA VAL RB 80 144.99 -24.52 -17.49
C VAL RB 80 145.82 -24.94 -16.29
N ASN RB 81 145.21 -25.68 -15.37
CA ASN RB 81 145.91 -26.16 -14.18
C ASN RB 81 145.82 -27.67 -14.00
N VAL RB 82 144.68 -28.29 -14.29
CA VAL RB 82 144.48 -29.72 -14.10
C VAL RB 82 143.83 -30.28 -15.35
N VAL RB 83 144.34 -31.42 -15.82
CA VAL RB 83 143.85 -32.08 -17.02
C VAL RB 83 143.52 -33.53 -16.70
N LYS RB 84 142.35 -33.98 -17.17
CA LYS RB 84 141.94 -35.38 -17.06
C LYS RB 84 142.01 -36.01 -18.45
N LEU RB 85 142.69 -37.15 -18.54
CA LEU RB 85 142.98 -37.77 -19.82
C LEU RB 85 142.54 -39.24 -19.81
N LYS RB 86 142.26 -39.75 -21.01
CA LYS RB 86 141.96 -41.15 -21.23
C LYS RB 86 142.87 -41.68 -22.33
N VAL RB 87 143.57 -42.77 -22.04
CA VAL RB 87 144.53 -43.37 -22.96
C VAL RB 87 144.10 -44.78 -23.28
N THR RB 88 144.13 -45.12 -24.57
CA THR RB 88 143.67 -46.43 -25.04
C THR RB 88 144.57 -46.92 -26.15
N LEU RB 89 144.51 -48.23 -26.39
CA LEU RB 89 145.23 -48.87 -27.49
C LEU RB 89 144.28 -48.95 -28.68
N ALA RB 90 144.62 -48.21 -29.76
CA ALA RB 90 143.71 -48.09 -30.89
C ALA RB 90 143.65 -49.36 -31.73
N ASN RB 91 144.78 -50.05 -31.89
CA ASN RB 91 144.83 -51.20 -32.78
C ASN RB 91 145.12 -52.49 -32.03
N ALA RB 92 144.45 -52.68 -30.88
CA ALA RB 92 144.65 -53.89 -30.09
C ALA RB 92 144.18 -55.13 -30.84
N ALA RB 93 143.12 -55.01 -31.64
CA ALA RB 93 142.60 -56.16 -32.38
C ALA RB 93 143.60 -56.68 -33.39
N GLN RB 94 144.32 -55.77 -34.06
CA GLN RB 94 145.32 -56.19 -35.04
C GLN RB 94 146.49 -56.89 -34.39
N LEU RB 95 146.88 -56.49 -33.18
CA LEU RB 95 148.04 -57.04 -32.50
C LEU RB 95 147.76 -58.37 -31.81
N ARG RB 96 146.49 -58.78 -31.70
CA ARG RB 96 146.16 -60.02 -31.01
C ARG RB 96 146.80 -61.26 -31.63
N PRO RB 97 146.74 -61.50 -32.95
CA PRO RB 97 147.33 -62.74 -33.50
C PRO RB 97 148.85 -62.82 -33.36
N TYR RB 98 149.52 -61.73 -33.01
CA TYR RB 98 150.98 -61.71 -32.97
C TYR RB 98 151.55 -61.87 -31.57
N PHE RB 99 150.74 -61.76 -30.53
CA PHE RB 99 151.24 -61.77 -29.16
C PHE RB 99 150.35 -62.62 -28.27
N LYS RB 100 150.98 -63.33 -27.33
CA LYS RB 100 150.23 -63.95 -26.24
C LYS RB 100 149.81 -62.91 -25.21
N TYR RB 101 150.70 -61.97 -24.89
CA TYR RB 101 150.35 -60.87 -23.99
C TYR RB 101 151.30 -59.71 -24.27
N LEU RB 102 150.84 -58.51 -23.94
CA LEU RB 102 151.62 -57.29 -24.13
C LEU RB 102 151.11 -56.24 -23.16
N GLN RB 103 152.01 -55.72 -22.32
CA GLN RB 103 151.63 -54.76 -21.30
C GLN RB 103 152.48 -53.50 -21.43
N LEU RB 104 151.85 -52.34 -21.28
CA LEU RB 104 152.50 -51.05 -21.37
C LEU RB 104 152.39 -50.33 -20.04
N VAL RB 105 153.50 -49.78 -19.56
CA VAL RB 105 153.56 -49.08 -18.28
C VAL RB 105 153.92 -47.64 -18.54
N LEU RB 106 153.11 -46.72 -18.01
CA LEU RB 106 153.31 -45.29 -18.18
C LEU RB 106 153.67 -44.68 -16.83
N THR RB 107 154.74 -43.89 -16.81
CA THR RB 107 155.21 -43.25 -15.58
C THR RB 107 155.46 -41.77 -15.83
N SER RB 108 155.07 -40.95 -14.86
CA SER RB 108 155.34 -39.51 -14.91
C SER RB 108 156.66 -39.24 -14.20
N ASN RB 109 157.54 -38.48 -14.85
CA ASN RB 109 158.92 -38.28 -14.42
C ASN RB 109 159.31 -36.81 -14.49
N ALA RB 110 158.51 -35.98 -15.18
CA ALA RB 110 158.91 -34.61 -15.50
C ALA RB 110 159.34 -33.83 -14.25
N SER RB 111 158.81 -34.18 -13.09
CA SER RB 111 159.33 -33.70 -11.80
C SER RB 111 160.43 -34.63 -11.32
N SER RB 112 161.64 -34.09 -11.16
CA SER RB 112 162.77 -34.90 -10.75
C SER RB 112 162.61 -35.45 -9.34
N THR RB 113 161.71 -34.87 -8.54
CA THR RB 113 161.48 -35.32 -7.17
C THR RB 113 160.36 -36.36 -7.07
N VAL RB 114 159.37 -36.30 -7.96
CA VAL RB 114 158.20 -37.16 -7.89
C VAL RB 114 158.11 -37.98 -9.17
N GLU RB 115 158.55 -39.23 -9.11
CA GLU RB 115 158.32 -40.21 -10.16
C GLU RB 115 157.11 -41.06 -9.78
N GLU RB 116 156.15 -41.16 -10.70
CA GLU RB 116 154.94 -41.93 -10.45
C GLU RB 116 154.50 -42.69 -11.68
N THR RB 117 154.18 -43.98 -11.50
CA THR RB 117 153.51 -44.76 -12.53
C THR RB 117 152.01 -44.50 -12.45
N LYS RB 118 151.41 -44.16 -13.60
CA LYS RB 118 150.01 -43.74 -13.63
C LYS RB 118 149.05 -44.79 -14.14
N ALA RB 119 149.43 -45.58 -15.14
CA ALA RB 119 148.50 -46.56 -15.70
C ALA RB 119 149.27 -47.73 -16.29
N VAL RB 120 148.59 -48.86 -16.40
CA VAL RB 120 149.10 -50.06 -17.06
C VAL RB 120 148.07 -50.48 -18.11
N LEU RB 121 148.51 -50.62 -19.35
CA LEU RB 121 147.65 -51.02 -20.45
C LEU RB 121 148.00 -52.42 -20.92
N SER RB 122 146.99 -53.14 -21.40
CA SER RB 122 147.17 -54.51 -21.86
C SER RB 122 146.19 -54.78 -22.99
N LEU RB 123 146.38 -55.92 -23.65
CA LEU RB 123 145.51 -56.29 -24.76
C LEU RB 123 144.11 -56.68 -24.30
N LYS RB 124 143.95 -57.05 -23.02
CA LYS RB 124 142.64 -57.41 -22.49
C LYS RB 124 141.91 -56.22 -21.90
N LYS RB 125 142.64 -55.26 -21.34
CA LYS RB 125 142.07 -54.02 -20.78
C LYS RB 125 142.83 -52.85 -21.40
N PRO RB 126 142.41 -52.40 -22.59
CA PRO RB 126 143.22 -51.43 -23.34
C PRO RB 126 143.12 -49.98 -22.86
N SER RB 127 142.13 -49.64 -22.03
CA SER RB 127 141.85 -48.25 -21.69
C SER RB 127 142.14 -47.99 -20.22
N ALA RB 128 142.53 -46.74 -19.93
CA ALA RB 128 142.79 -46.29 -18.58
C ALA RB 128 142.57 -44.79 -18.49
N VAL RB 129 142.37 -44.30 -17.28
CA VAL RB 129 142.14 -42.89 -17.00
C VAL RB 129 143.18 -42.42 -15.98
N ILE RB 130 143.86 -41.32 -16.29
CA ILE RB 130 144.93 -40.79 -15.45
C ILE RB 130 144.63 -39.33 -15.12
N ILE RB 131 145.32 -38.84 -14.10
CA ILE RB 131 145.16 -37.48 -13.60
C ILE RB 131 146.52 -36.80 -13.56
N LEU RB 132 146.61 -35.60 -14.12
CA LEU RB 132 147.80 -34.77 -14.04
C LEU RB 132 147.48 -33.50 -13.27
N ASP RB 133 148.32 -33.19 -12.28
CA ASP RB 133 148.05 -32.08 -11.38
C ASP RB 133 149.25 -31.12 -11.25
N ASN RB 134 149.18 -30.22 -10.28
CA ASN RB 134 150.21 -29.19 -10.13
C ASN RB 134 151.60 -29.79 -9.95
N ASP RB 135 151.70 -30.95 -9.29
CA ASP RB 135 153.01 -31.54 -9.05
C ASP RB 135 153.64 -32.06 -10.34
N ASP RB 136 152.82 -32.55 -11.27
CA ASP RB 136 153.36 -33.13 -12.50
C ASP RB 136 153.93 -32.06 -13.43
N TYR RB 137 153.27 -30.89 -13.48
CA TYR RB 137 153.65 -29.84 -14.42
C TYR RB 137 154.95 -29.16 -14.04
N SER RB 138 156.06 -29.88 -14.15
CA SER RB 138 157.37 -29.27 -13.95
C SER RB 138 157.74 -28.42 -15.15
N SER RB 139 158.60 -27.43 -14.91
CA SER RB 139 158.90 -26.35 -15.84
C SER RB 139 157.66 -25.55 -16.21
N THR RB 140 156.54 -25.82 -15.53
CA THR RB 140 155.27 -25.08 -15.63
C THR RB 140 154.60 -25.23 -16.99
N ASN RB 141 155.21 -25.97 -17.93
CA ASN RB 141 154.69 -25.99 -19.28
C ASN RB 141 154.61 -27.37 -19.95
N LYS RB 142 155.17 -28.43 -19.38
CA LYS RB 142 155.20 -29.69 -20.12
C LYS RB 142 155.19 -30.89 -19.19
N ILE RB 143 154.70 -32.00 -19.73
CA ILE RB 143 154.69 -33.31 -19.09
C ILE RB 143 155.53 -34.27 -19.92
N GLN RB 144 156.35 -35.08 -19.24
CA GLN RB 144 157.15 -36.11 -19.89
C GLN RB 144 156.73 -37.47 -19.37
N LEU RB 145 156.37 -38.38 -20.28
CA LEU RB 145 155.92 -39.72 -19.95
C LEU RB 145 156.61 -40.73 -20.84
N LYS RB 146 157.43 -41.60 -20.26
CA LYS RB 146 158.00 -42.71 -21.00
C LYS RB 146 157.13 -43.95 -20.93
N VAL RB 147 157.34 -44.86 -21.88
CA VAL RB 147 156.53 -46.06 -22.04
C VAL RB 147 157.38 -47.27 -21.72
N GLU RB 148 156.83 -48.19 -20.94
CA GLU RB 148 157.54 -49.42 -20.59
C GLU RB 148 156.73 -50.60 -21.07
N ALA RB 149 157.38 -51.54 -21.75
CA ALA RB 149 156.71 -52.65 -22.42
C ALA RB 149 157.19 -53.99 -21.88
N TYR RB 150 156.25 -54.90 -21.67
CA TYR RB 150 156.52 -56.30 -21.38
C TYR RB 150 155.74 -57.14 -22.36
N TYR RB 151 156.36 -58.20 -22.87
CA TYR RB 151 155.76 -58.91 -24.00
C TYR RB 151 156.22 -60.36 -24.03
N GLU RB 152 155.46 -61.19 -24.75
CA GLU RB 152 155.86 -62.52 -25.15
C GLU RB 152 155.32 -62.77 -26.55
N ALA RB 153 156.21 -63.13 -27.47
CA ALA RB 153 155.85 -63.30 -28.86
C ALA RB 153 155.26 -64.68 -29.12
N LYS RB 154 154.43 -64.77 -30.16
CA LYS RB 154 153.85 -66.05 -30.54
C LYS RB 154 154.92 -66.99 -31.09
N GLU RB 155 154.67 -68.29 -30.95
CA GLU RB 155 155.63 -69.31 -31.35
C GLU RB 155 155.64 -69.45 -32.87
N GLY RB 156 156.82 -69.26 -33.48
CA GLY RB 156 156.99 -69.51 -34.89
C GLY RB 156 156.37 -68.48 -35.82
N MET RB 157 156.13 -67.26 -35.35
CA MET RB 157 155.53 -66.21 -36.16
C MET RB 157 156.61 -65.19 -36.53
N LEU RB 158 156.73 -64.91 -37.83
CA LEU RB 158 157.71 -63.96 -38.34
C LEU RB 158 156.99 -62.82 -39.07
N PHE RB 159 157.45 -61.60 -38.83
CA PHE RB 159 156.81 -60.42 -39.40
C PHE RB 159 157.77 -59.24 -39.27
N ASP RB 160 157.40 -58.14 -39.92
CA ASP RB 160 158.18 -56.91 -39.85
C ASP RB 160 157.27 -55.74 -40.20
N SER RB 161 157.68 -54.55 -39.76
CA SER RB 161 156.98 -53.30 -40.04
C SER RB 161 155.54 -53.34 -39.54
N LEU RB 162 155.39 -53.57 -38.24
CA LEU RB 162 154.08 -53.61 -37.59
C LEU RB 162 153.96 -52.43 -36.63
N PRO RB 163 153.00 -51.52 -36.83
CA PRO RB 163 152.89 -50.35 -35.97
C PRO RB 163 152.05 -50.58 -34.72
N VAL RB 164 152.38 -49.81 -33.69
CA VAL RB 164 151.63 -49.76 -32.44
C VAL RB 164 151.14 -48.33 -32.24
N ILE RB 165 149.85 -48.17 -31.99
CA ILE RB 165 149.21 -46.85 -31.99
C ILE RB 165 148.55 -46.62 -30.64
N LEU RB 166 148.74 -45.42 -30.10
CA LEU RB 166 148.08 -44.98 -28.87
C LEU RB 166 147.28 -43.71 -29.16
N ASN RB 167 146.16 -43.56 -28.46
CA ASN RB 167 145.25 -42.44 -28.68
C ASN RB 167 145.00 -41.71 -27.36
N PHE RB 168 144.79 -40.40 -27.45
CA PHE RB 168 144.53 -39.55 -26.29
C PHE RB 168 143.23 -38.79 -26.48
N GLN RB 169 142.46 -38.66 -25.40
CA GLN RB 169 141.22 -37.90 -25.42
C GLN RB 169 141.08 -37.15 -24.11
N VAL RB 170 140.66 -35.89 -24.21
CA VAL RB 170 140.50 -35.01 -23.04
C VAL RB 170 139.07 -35.13 -22.54
N LEU RB 171 138.91 -35.40 -21.25
CA LEU RB 171 137.60 -35.51 -20.63
C LEU RB 171 137.19 -34.26 -19.86
N SER RB 172 138.14 -33.60 -19.19
CA SER RB 172 137.84 -32.40 -18.42
C SER RB 172 139.13 -31.65 -18.16
N VAL RB 173 139.06 -30.32 -18.21
CA VAL RB 173 140.21 -29.46 -17.91
C VAL RB 173 139.74 -28.32 -17.01
N SER RB 174 140.64 -27.88 -16.14
CA SER RB 174 140.33 -26.79 -15.23
C SER RB 174 141.58 -25.99 -14.89
N THR SB 26 101.19 25.95 -46.89
CA THR SB 26 100.77 25.11 -45.78
C THR SB 26 100.96 23.63 -46.13
N THR SB 27 102.16 23.11 -45.84
CA THR SB 27 102.52 21.74 -46.15
C THR SB 27 102.90 21.01 -44.87
N GLN SB 28 102.37 19.80 -44.70
CA GLN SB 28 102.66 18.97 -43.54
C GLN SB 28 103.66 17.89 -43.93
N SER SB 29 104.78 17.81 -43.21
CA SER SB 29 105.82 16.87 -43.60
C SER SB 29 105.88 15.69 -42.63
N PRO SB 30 106.16 14.48 -43.14
CA PRO SB 30 106.28 13.32 -42.23
C PRO SB 30 107.64 13.21 -41.56
N LEU SB 31 108.68 13.87 -42.07
CA LEU SB 31 109.99 13.95 -41.44
C LEU SB 31 110.64 12.57 -41.30
N ASN SB 32 110.63 11.81 -42.40
CA ASN SB 32 111.27 10.50 -42.41
C ASN SB 32 112.00 10.22 -43.72
N SER SB 33 112.36 11.27 -44.47
CA SER SB 33 113.01 11.11 -45.76
C SER SB 33 114.54 11.24 -45.62
N PHE SB 34 115.12 10.31 -44.87
CA PHE SB 34 116.57 10.28 -44.68
C PHE SB 34 117.05 8.84 -44.74
N TYR SB 35 118.16 8.61 -45.46
CA TYR SB 35 118.65 7.26 -45.67
C TYR SB 35 120.18 7.26 -45.74
N ALA SB 36 120.75 6.09 -45.49
CA ALA SB 36 122.19 5.85 -45.64
C ALA SB 36 122.37 4.41 -46.06
N THR SB 37 123.36 4.16 -46.92
CA THR SB 37 123.49 2.87 -47.59
C THR SB 37 124.93 2.36 -47.51
N GLY SB 38 125.08 1.06 -47.28
CA GLY SB 38 126.35 0.38 -47.36
C GLY SB 38 126.28 -0.87 -48.22
N THR SB 39 127.34 -1.67 -48.25
CA THR SB 39 127.38 -2.86 -49.09
C THR SB 39 128.16 -3.96 -48.39
N ALA SB 40 127.95 -5.20 -48.85
CA ALA SB 40 128.66 -6.36 -48.34
C ALA SB 40 128.73 -7.42 -49.43
N GLN SB 41 129.67 -8.35 -49.29
CA GLN SB 41 129.88 -9.39 -50.29
C GLN SB 41 130.66 -10.54 -49.69
N ALA SB 42 130.61 -11.68 -50.39
CA ALA SB 42 131.41 -12.86 -50.04
C ALA SB 42 131.53 -13.71 -51.30
N VAL SB 43 132.72 -13.76 -51.89
CA VAL SB 43 132.88 -14.32 -53.22
C VAL SB 43 133.99 -15.38 -53.28
N GLN SB 44 134.28 -16.06 -52.17
CA GLN SB 44 135.27 -17.12 -52.19
C GLN SB 44 135.02 -18.11 -51.07
N GLU SB 45 135.47 -19.36 -51.30
CA GLU SB 45 135.34 -20.44 -50.33
C GLU SB 45 136.42 -20.32 -49.25
N PRO SB 46 136.14 -20.85 -48.06
CA PRO SB 46 137.10 -20.65 -46.94
C PRO SB 46 138.49 -21.17 -47.19
N ILE SB 47 138.64 -22.32 -47.85
CA ILE SB 47 139.94 -22.97 -47.98
C ILE SB 47 140.21 -23.33 -49.43
N ASP SB 48 141.48 -23.55 -49.73
CA ASP SB 48 141.94 -24.06 -51.02
C ASP SB 48 142.92 -25.19 -50.75
N VAL SB 49 142.85 -26.26 -51.54
CA VAL SB 49 143.61 -27.48 -51.30
C VAL SB 49 144.42 -27.82 -52.53
N GLU SB 50 145.71 -28.11 -52.35
CA GLU SB 50 146.60 -28.49 -53.43
C GLU SB 50 147.37 -29.74 -53.01
N SER SB 51 147.58 -30.65 -53.97
CA SER SB 51 148.14 -31.97 -53.70
C SER SB 51 149.54 -32.10 -54.27
N HIS SB 52 150.41 -32.79 -53.54
CA HIS SB 52 151.78 -33.08 -53.98
C HIS SB 52 152.17 -34.52 -53.63
N LEU SB 53 151.27 -35.46 -53.87
CA LEU SB 53 151.53 -36.88 -53.61
C LEU SB 53 152.21 -37.48 -54.83
N ASP SB 54 153.54 -37.51 -54.82
CA ASP SB 54 154.33 -37.93 -55.96
C ASP SB 54 155.27 -39.08 -55.60
N ASN SB 55 154.76 -40.06 -54.87
CA ASN SB 55 155.49 -41.30 -54.60
C ASN SB 55 154.56 -42.49 -54.83
N THR SB 56 155.16 -43.61 -55.22
CA THR SB 56 154.41 -44.80 -55.61
C THR SB 56 154.71 -45.94 -54.65
N ILE SB 57 153.66 -46.58 -54.15
CA ILE SB 57 153.79 -47.80 -53.37
C ILE SB 57 154.07 -48.94 -54.34
N ALA SB 58 155.32 -49.38 -54.41
CA ALA SB 58 155.76 -50.39 -55.39
C ALA SB 58 156.49 -51.51 -54.68
N PRO SB 59 155.77 -52.40 -53.98
CA PRO SB 59 156.39 -53.58 -53.41
C PRO SB 59 156.27 -54.78 -54.36
N ALA SB 60 156.89 -55.88 -53.96
CA ALA SB 60 156.71 -57.13 -54.66
C ALA SB 60 155.38 -57.77 -54.24
N ALA SB 61 154.98 -58.79 -54.98
CA ALA SB 61 153.71 -59.46 -54.72
C ALA SB 61 153.76 -60.19 -53.38
N GLY SB 62 152.81 -59.87 -52.50
CA GLY SB 62 152.72 -60.55 -51.21
C GLY SB 62 153.67 -60.04 -50.15
N ALA SB 63 154.35 -58.92 -50.38
CA ALA SB 63 155.34 -58.41 -49.45
C ALA SB 63 154.70 -57.48 -48.43
N GLN SB 64 155.38 -57.34 -47.28
CA GLN SB 64 155.00 -56.42 -46.23
C GLN SB 64 155.98 -55.25 -46.23
N GLY SB 65 155.46 -54.03 -46.25
CA GLY SB 65 156.33 -52.89 -46.49
C GLY SB 65 156.11 -51.66 -45.62
N TYR SB 66 156.75 -50.56 -46.03
CA TYR SB 66 156.80 -49.32 -45.27
C TYR SB 66 157.19 -48.18 -46.21
N LYS SB 67 156.31 -47.21 -46.40
CA LYS SB 67 156.53 -46.23 -47.47
C LYS SB 67 155.90 -44.89 -47.07
N ASP SB 68 156.49 -43.81 -47.57
CA ASP SB 68 155.93 -42.47 -47.47
C ASP SB 68 155.52 -42.00 -48.86
N MET SB 69 154.62 -41.01 -48.92
CA MET SB 69 153.97 -40.64 -50.17
C MET SB 69 154.25 -39.21 -50.61
N GLY SB 70 154.05 -38.24 -49.74
CA GLY SB 70 154.17 -36.83 -50.11
C GLY SB 70 153.48 -35.97 -49.07
N TYR SB 71 153.06 -34.78 -49.51
CA TYR SB 71 152.40 -33.85 -48.60
C TYR SB 71 151.33 -33.08 -49.35
N VAL SB 72 150.41 -32.49 -48.57
CA VAL SB 72 149.25 -31.76 -49.10
C VAL SB 72 149.22 -30.38 -48.47
N LYS SB 73 148.92 -29.36 -49.28
CA LYS SB 73 148.88 -27.98 -48.82
C LYS SB 73 147.44 -27.49 -48.70
N ILE SB 74 147.17 -26.76 -47.63
CA ILE SB 74 145.86 -26.17 -47.37
C ILE SB 74 146.05 -24.67 -47.17
N ILE SB 75 145.20 -23.87 -47.82
CA ILE SB 75 145.30 -22.41 -47.78
C ILE SB 75 144.02 -21.87 -47.17
N ASN SB 76 144.18 -20.94 -46.21
CA ASN SB 76 143.07 -20.35 -45.47
C ASN SB 76 143.00 -18.85 -45.71
N TYR SB 77 141.77 -18.34 -45.78
CA TYR SB 77 141.47 -17.03 -46.34
C TYR SB 77 140.88 -16.10 -45.28
N THR SB 78 140.39 -14.95 -45.74
CA THR SB 78 140.09 -13.81 -44.87
C THR SB 78 139.13 -14.18 -43.75
N ASP SB 79 139.45 -13.72 -42.54
CA ASP SB 79 138.62 -13.85 -41.35
C ASP SB 79 138.38 -15.31 -40.96
N VAL SB 80 139.31 -16.20 -41.29
CA VAL SB 80 139.24 -17.60 -40.94
C VAL SB 80 140.30 -17.89 -39.88
N ASN SB 81 139.89 -18.55 -38.81
CA ASN SB 81 140.82 -18.88 -37.73
C ASN SB 81 140.86 -20.37 -37.41
N VAL SB 82 139.72 -21.05 -37.42
CA VAL SB 82 139.64 -22.46 -37.07
C VAL SB 82 138.80 -23.18 -38.13
N VAL SB 83 139.29 -24.34 -38.58
CA VAL SB 83 138.63 -25.13 -39.61
C VAL SB 83 138.44 -26.55 -39.11
N LYS SB 84 137.24 -27.09 -39.31
CA LYS SB 84 136.92 -28.48 -39.01
C LYS SB 84 136.78 -29.24 -40.31
N LEU SB 85 137.50 -30.36 -40.43
CA LEU SB 85 137.59 -31.09 -41.68
C LEU SB 85 137.24 -32.56 -41.47
N LYS SB 86 136.78 -33.19 -42.55
CA LYS SB 86 136.53 -34.63 -42.58
C LYS SB 86 137.25 -35.22 -43.78
N VAL SB 87 138.05 -36.25 -43.53
CA VAL SB 87 138.87 -36.89 -44.56
C VAL SB 87 138.45 -38.35 -44.67
N THR SB 88 138.27 -38.81 -45.90
CA THR SB 88 137.81 -40.17 -46.17
C THR SB 88 138.53 -40.74 -47.37
N LEU SB 89 138.50 -42.07 -47.48
CA LEU SB 89 139.04 -42.78 -48.64
C LEU SB 89 137.91 -43.00 -49.63
N ALA SB 90 138.01 -42.38 -50.80
CA ALA SB 90 136.90 -42.39 -51.75
C ALA SB 90 136.76 -43.74 -52.45
N ASN SB 91 137.87 -44.40 -52.75
CA ASN SB 91 137.84 -45.62 -53.54
C ASN SB 91 138.33 -46.82 -52.73
N ALA SB 92 137.88 -46.92 -51.49
CA ALA SB 92 138.29 -48.05 -50.64
C ALA SB 92 137.77 -49.38 -51.17
N ALA SB 93 136.57 -49.37 -51.77
CA ALA SB 93 136.00 -50.60 -52.29
C ALA SB 93 136.83 -51.17 -53.42
N GLN SB 94 137.36 -50.31 -54.29
CA GLN SB 94 138.19 -50.78 -55.40
C GLN SB 94 139.50 -51.37 -54.92
N LEU SB 95 140.07 -50.84 -53.84
CA LEU SB 95 141.36 -51.28 -53.34
C LEU SB 95 141.29 -52.55 -52.49
N ARG SB 96 140.09 -52.99 -52.12
CA ARG SB 96 139.97 -54.18 -51.27
C ARG SB 96 140.54 -55.45 -51.89
N PRO SB 97 140.27 -55.80 -53.15
CA PRO SB 97 140.82 -57.07 -53.68
C PRO SB 97 142.33 -57.08 -53.82
N TYR SB 98 142.99 -55.93 -53.70
CA TYR SB 98 144.43 -55.86 -53.94
C TYR SB 98 145.26 -55.85 -52.66
N PHE SB 99 144.65 -55.67 -51.49
CA PHE SB 99 145.39 -55.53 -50.25
C PHE SB 99 144.71 -56.32 -49.14
N LYS SB 100 145.54 -56.92 -48.26
CA LYS SB 100 145.03 -57.46 -47.01
C LYS SB 100 144.74 -56.34 -46.01
N TYR SB 101 145.62 -55.34 -45.94
CA TYR SB 101 145.38 -54.18 -45.10
C TYR SB 101 146.20 -53.01 -45.65
N LEU SB 102 145.74 -51.80 -45.34
CA LEU SB 102 146.40 -50.58 -45.78
C LEU SB 102 146.02 -49.46 -44.83
N GLN SB 103 147.01 -48.82 -44.22
CA GLN SB 103 146.79 -47.78 -43.24
C GLN SB 103 147.53 -46.52 -43.64
N LEU SB 104 146.86 -45.38 -43.47
CA LEU SB 104 147.42 -44.07 -43.79
C LEU SB 104 147.50 -43.23 -42.53
N VAL SB 105 148.64 -42.59 -42.31
CA VAL SB 105 148.90 -41.78 -41.13
C VAL SB 105 149.12 -40.34 -41.57
N LEU SB 106 148.36 -39.42 -40.99
CA LEU SB 106 148.46 -38.00 -41.32
C LEU SB 106 149.02 -37.24 -40.13
N THR SB 107 150.04 -36.43 -40.37
CA THR SB 107 150.68 -35.65 -39.31
C THR SB 107 150.79 -34.19 -39.73
N SER SB 108 150.53 -33.29 -38.78
CA SER SB 108 150.71 -31.86 -39.01
C SER SB 108 152.13 -31.48 -38.58
N ASN SB 109 152.82 -30.74 -39.44
CA ASN SB 109 154.24 -30.45 -39.29
C ASN SB 109 154.53 -28.97 -39.57
N ALA SB 110 153.58 -28.25 -40.16
CA ALA SB 110 153.83 -26.90 -40.66
C ALA SB 110 154.44 -25.98 -39.59
N SER SB 111 154.15 -26.25 -38.32
CA SER SB 111 154.86 -25.63 -37.21
C SER SB 111 156.08 -26.46 -36.86
N SER SB 112 157.26 -25.85 -36.97
CA SER SB 112 158.50 -26.57 -36.70
C SER SB 112 158.61 -26.99 -35.24
N THR SB 113 157.84 -26.37 -34.35
CA THR SB 113 157.89 -26.71 -32.93
C THR SB 113 156.87 -27.76 -32.53
N VAL SB 114 155.74 -27.83 -33.23
CA VAL SB 114 154.64 -28.73 -32.85
C VAL SB 114 154.37 -29.67 -34.03
N GLU SB 115 154.89 -30.89 -33.93
CA GLU SB 115 154.53 -31.98 -34.84
C GLU SB 115 153.45 -32.83 -34.18
N GLU SB 116 152.36 -33.07 -34.89
CA GLU SB 116 151.25 -33.85 -34.35
C GLU SB 116 150.65 -34.75 -35.42
N THR SB 117 150.44 -36.01 -35.06
CA THR SB 117 149.63 -36.92 -35.87
C THR SB 117 148.17 -36.71 -35.55
N LYS SB 118 147.35 -36.52 -36.58
CA LYS SB 118 145.95 -36.15 -36.40
C LYS SB 118 144.96 -37.28 -36.62
N ALA SB 119 145.20 -38.15 -37.60
CA ALA SB 119 144.25 -39.21 -37.89
C ALA SB 119 144.97 -40.40 -38.51
N VAL SB 120 144.34 -41.57 -38.40
CA VAL SB 120 144.79 -42.79 -39.03
C VAL SB 120 143.62 -43.36 -39.83
N LEU SB 121 143.84 -43.61 -41.12
CA LEU SB 121 142.81 -44.13 -41.99
C LEU SB 121 143.15 -45.56 -42.40
N SER SB 122 142.11 -46.37 -42.61
CA SER SB 122 142.27 -47.76 -42.98
C SER SB 122 141.12 -48.18 -43.89
N LEU SB 123 141.26 -49.37 -44.47
CA LEU SB 123 140.22 -49.88 -45.35
C LEU SB 123 138.95 -50.29 -44.61
N LYS SB 124 139.05 -50.54 -43.31
CA LYS SB 124 137.88 -50.89 -42.52
C LYS SB 124 137.21 -49.68 -41.89
N LYS SB 125 137.97 -48.64 -41.58
CA LYS SB 125 137.44 -47.38 -41.03
C LYS SB 125 138.01 -46.24 -41.87
N PRO SB 126 137.37 -45.92 -43.00
CA PRO SB 126 137.97 -45.00 -43.98
C PRO SB 126 137.86 -43.52 -43.61
N SER SB 127 137.03 -43.14 -42.64
CA SER SB 127 136.74 -41.75 -42.38
C SER SB 127 137.27 -41.32 -41.02
N ALA SB 128 137.63 -40.04 -40.93
CA ALA SB 128 138.10 -39.45 -39.68
C ALA SB 128 137.83 -37.96 -39.70
N VAL SB 129 137.81 -37.36 -38.50
CA VAL SB 129 137.56 -35.93 -38.32
C VAL SB 129 138.75 -35.34 -37.56
N ILE SB 130 139.29 -34.24 -38.08
CA ILE SB 130 140.46 -33.59 -37.50
C ILE SB 130 140.15 -32.12 -37.25
N ILE SB 131 140.97 -31.50 -36.42
CA ILE SB 131 140.83 -30.10 -36.03
C ILE SB 131 142.14 -29.38 -36.30
N LEU SB 132 142.05 -28.23 -36.97
CA LEU SB 132 143.19 -27.35 -37.18
C LEU SB 132 142.95 -26.03 -36.47
N ASP SB 133 143.93 -25.59 -35.69
CA ASP SB 133 143.77 -24.40 -34.86
C ASP SB 133 144.91 -23.40 -35.03
N ASN SB 134 144.97 -22.42 -34.14
CA ASN SB 134 145.95 -21.33 -34.28
C ASN SB 134 147.38 -21.85 -34.31
N ASP SB 135 147.67 -22.94 -33.58
CA ASP SB 135 149.02 -23.46 -33.54
C ASP SB 135 149.44 -24.07 -34.88
N ASP SB 136 148.50 -24.68 -35.59
CA ASP SB 136 148.85 -25.35 -36.84
C ASP SB 136 149.17 -24.36 -37.95
N TYR SB 137 148.46 -23.23 -37.98
CA TYR SB 137 148.59 -22.26 -39.06
C TYR SB 137 149.89 -21.49 -38.99
N SER SB 138 151.01 -22.17 -39.24
CA SER SB 138 152.29 -21.51 -39.33
C SER SB 138 152.41 -20.75 -40.66
N SER SB 139 153.23 -19.71 -40.67
CA SER SB 139 153.30 -18.72 -41.73
C SER SB 139 151.96 -18.01 -41.93
N THR SB 140 151.00 -18.25 -41.04
CA THR SB 140 149.70 -17.57 -40.97
C THR SB 140 148.80 -17.89 -42.16
N ASN SB 141 149.27 -18.69 -43.11
CA ASN SB 141 148.52 -18.86 -44.35
C ASN SB 141 148.40 -20.30 -44.87
N LYS SB 142 149.12 -21.28 -44.32
CA LYS SB 142 149.08 -22.59 -44.94
C LYS SB 142 149.31 -23.70 -43.92
N ILE SB 143 148.79 -24.89 -44.27
CA ILE SB 143 148.97 -26.13 -43.52
C ILE SB 143 149.71 -27.13 -44.40
N GLN SB 144 150.67 -27.83 -43.82
CA GLN SB 144 151.41 -28.88 -44.51
C GLN SB 144 151.16 -30.20 -43.80
N LEU SB 145 150.70 -31.21 -44.55
CA LEU SB 145 150.38 -32.53 -44.02
C LEU SB 145 150.96 -33.59 -44.94
N LYS SB 146 151.91 -34.37 -44.45
CA LYS SB 146 152.42 -35.52 -45.18
C LYS SB 146 151.63 -36.78 -44.83
N VAL SB 147 151.72 -37.77 -45.73
CA VAL SB 147 150.96 -39.01 -45.63
C VAL SB 147 151.94 -40.15 -45.36
N GLU SB 148 151.59 -41.02 -44.41
CA GLU SB 148 152.41 -42.17 -44.10
C GLU SB 148 151.59 -43.44 -44.32
N ALA SB 149 152.16 -44.40 -45.02
CA ALA SB 149 151.45 -45.59 -45.46
C ALA SB 149 152.09 -46.85 -44.90
N TYR SB 150 151.25 -47.78 -44.44
CA TYR SB 150 151.65 -49.13 -44.08
C TYR SB 150 150.75 -50.10 -44.82
N TYR SB 151 151.33 -51.19 -45.35
CA TYR SB 151 150.59 -52.02 -46.27
C TYR SB 151 151.12 -53.45 -46.26
N GLU SB 152 150.28 -54.36 -46.75
CA GLU SB 152 150.67 -55.71 -47.10
C GLU SB 152 149.92 -56.12 -48.36
N ALA SB 153 150.64 -56.53 -49.39
CA ALA SB 153 150.04 -56.85 -50.67
C ALA SB 153 149.50 -58.27 -50.68
N LYS SB 154 148.49 -58.49 -51.54
CA LYS SB 154 147.93 -59.82 -51.70
C LYS SB 154 148.93 -60.76 -52.35
N GLU SB 155 148.79 -62.06 -52.06
CA GLU SB 155 149.72 -63.07 -52.53
C GLU SB 155 149.47 -63.36 -54.02
N GLY SB 156 150.50 -63.18 -54.83
CA GLY SB 156 150.42 -63.56 -56.23
C GLY SB 156 149.60 -62.65 -57.12
N MET SB 157 149.38 -61.40 -56.73
CA MET SB 157 148.59 -60.46 -57.50
C MET SB 157 149.52 -59.44 -58.15
N LEU SB 158 149.38 -59.28 -59.46
CA LEU SB 158 150.20 -58.34 -60.23
C LEU SB 158 149.30 -57.31 -60.91
N PHE SB 159 149.73 -56.05 -60.87
CA PHE SB 159 148.93 -54.96 -61.40
C PHE SB 159 149.84 -53.74 -61.57
N ASP SB 160 149.29 -52.72 -62.23
CA ASP SB 160 150.00 -51.46 -62.41
C ASP SB 160 148.97 -50.36 -62.69
N SER SB 161 149.39 -49.12 -62.44
CA SER SB 161 148.58 -47.93 -62.71
C SER SB 161 147.26 -47.99 -61.94
N LEU SB 162 147.36 -48.09 -60.61
CA LEU SB 162 146.20 -48.11 -59.74
C LEU SB 162 146.17 -46.86 -58.88
N PRO SB 163 145.14 -46.03 -58.97
CA PRO SB 163 145.13 -44.77 -58.22
C PRO SB 163 144.55 -44.90 -56.82
N VAL SB 164 145.01 -44.03 -55.94
CA VAL SB 164 144.50 -43.90 -54.58
C VAL SB 164 143.98 -42.47 -54.42
N ILE SB 165 142.74 -42.34 -53.96
CA ILE SB 165 142.03 -41.06 -53.95
C ILE SB 165 141.62 -40.71 -52.52
N LEU SB 166 141.83 -39.46 -52.14
CA LEU SB 166 141.38 -38.94 -50.86
C LEU SB 166 140.47 -37.73 -51.10
N ASN SB 167 139.49 -37.55 -50.22
CA ASN SB 167 138.50 -36.49 -50.36
C ASN SB 167 138.45 -35.66 -49.09
N PHE SB 168 138.16 -34.37 -49.25
CA PHE SB 168 138.05 -33.43 -48.14
C PHE SB 168 136.69 -32.74 -48.17
N GLN SB 169 136.12 -32.54 -46.98
CA GLN SB 169 134.86 -31.83 -46.83
C GLN SB 169 134.92 -30.97 -45.58
N VAL SB 170 134.42 -29.73 -45.72
CA VAL SB 170 134.42 -28.76 -44.64
C VAL SB 170 133.11 -28.88 -43.86
N LEU SB 171 133.21 -29.03 -42.54
CA LEU SB 171 132.03 -29.13 -41.68
C LEU SB 171 131.70 -27.82 -40.97
N SER SB 172 132.72 -27.07 -40.54
CA SER SB 172 132.49 -25.81 -39.84
C SER SB 172 133.77 -25.00 -39.89
N VAL SB 173 133.61 -23.68 -40.03
CA VAL SB 173 134.74 -22.75 -40.04
C VAL SB 173 134.38 -21.56 -39.17
N SER SB 174 135.39 -20.99 -38.52
CA SER SB 174 135.20 -19.83 -37.66
C SER SB 174 136.44 -18.95 -37.63
N THR TB 26 88.09 28.02 -66.09
CA THR TB 26 87.92 27.28 -64.85
C THR TB 26 88.14 25.78 -65.10
N THR TB 27 89.39 25.34 -64.99
CA THR TB 27 89.77 23.96 -65.24
C THR TB 27 90.41 23.37 -63.99
N GLN TB 28 90.00 22.17 -63.62
CA GLN TB 28 90.54 21.47 -62.47
C GLN TB 28 91.50 20.39 -62.95
N SER TB 29 92.74 20.42 -62.44
CA SER TB 29 93.74 19.48 -62.92
C SER TB 29 94.04 18.41 -61.88
N PRO TB 30 94.30 17.17 -62.32
CA PRO TB 30 94.64 16.11 -61.37
C PRO TB 30 96.10 16.11 -60.94
N LEU TB 31 96.98 16.77 -61.70
CA LEU TB 31 98.39 16.96 -61.31
C LEU TB 31 99.13 15.63 -61.19
N ASN TB 32 98.97 14.76 -62.20
CA ASN TB 32 99.67 13.49 -62.20
C ASN TB 32 100.17 13.11 -63.60
N SER TB 33 100.32 14.10 -64.48
CA SER TB 33 100.74 13.84 -65.85
C SER TB 33 102.25 14.04 -66.01
N PHE TB 34 103.02 13.21 -65.30
CA PHE TB 34 104.47 13.26 -65.38
C PHE TB 34 105.02 11.84 -65.40
N TYR TB 35 105.99 11.58 -66.29
CA TYR TB 35 106.51 10.24 -66.47
C TYR TB 35 108.00 10.30 -66.82
N ALA TB 36 108.69 9.18 -66.58
CA ALA TB 36 110.07 8.98 -66.97
C ALA TB 36 110.27 7.51 -67.29
N THR TB 37 111.09 7.22 -68.29
CA THR TB 37 111.18 5.88 -68.86
C THR TB 37 112.63 5.44 -69.00
N GLY TB 38 112.88 4.17 -68.69
CA GLY TB 38 114.16 3.53 -68.94
C GLY TB 38 114.01 2.21 -69.66
N THR TB 39 115.09 1.45 -69.81
CA THR TB 39 115.05 0.18 -70.54
C THR TB 39 115.99 -0.82 -69.90
N ALA TB 40 115.77 -2.09 -70.21
CA ALA TB 40 116.63 -3.17 -69.73
C ALA TB 40 116.56 -4.32 -70.73
N GLN TB 41 117.57 -5.19 -70.67
CA GLN TB 41 117.64 -6.32 -71.60
C GLN TB 41 118.59 -7.38 -71.05
N ALA TB 42 118.48 -8.58 -71.63
CA ALA TB 42 119.40 -9.68 -71.33
C ALA TB 42 119.33 -10.65 -72.50
N VAL TB 43 120.40 -10.70 -73.30
CA VAL TB 43 120.36 -11.39 -74.59
C VAL TB 43 121.48 -12.41 -74.75
N GLN TB 44 122.01 -12.96 -73.66
CA GLN TB 44 123.04 -13.98 -73.78
C GLN TB 44 123.04 -14.87 -72.55
N GLU TB 45 123.52 -16.11 -72.74
CA GLU TB 45 123.62 -17.10 -71.68
C GLU TB 45 124.87 -16.84 -70.83
N PRO TB 46 124.86 -17.26 -69.55
CA PRO TB 46 125.97 -16.91 -68.66
C PRO TB 46 127.33 -17.40 -69.12
N ILE TB 47 127.42 -18.60 -69.68
CA ILE TB 47 128.70 -19.21 -70.00
C ILE TB 47 128.73 -19.70 -71.43
N ASP TB 48 129.95 -19.90 -71.94
CA ASP TB 48 130.18 -20.51 -73.23
C ASP TB 48 131.27 -21.57 -73.06
N VAL TB 49 131.11 -22.71 -73.73
CA VAL TB 49 131.98 -23.87 -73.53
C VAL TB 49 132.57 -24.30 -74.86
N GLU TB 50 133.88 -24.52 -74.88
CA GLU TB 50 134.59 -24.97 -76.07
C GLU TB 50 135.49 -26.13 -75.70
N SER TB 51 135.57 -27.12 -76.59
CA SER TB 51 136.25 -28.39 -76.31
C SER TB 51 137.53 -28.52 -77.12
N HIS TB 52 138.56 -29.10 -76.50
CA HIS TB 52 139.83 -29.39 -77.16
C HIS TB 52 140.35 -30.76 -76.76
N LEU TB 53 139.48 -31.76 -76.75
CA LEU TB 53 139.87 -33.13 -76.42
C LEU TB 53 140.34 -33.82 -77.69
N ASP TB 54 141.65 -33.79 -77.91
CA ASP TB 54 142.26 -34.29 -79.15
C ASP TB 54 143.30 -35.37 -78.87
N ASN TB 55 142.99 -36.29 -77.96
CA ASN TB 55 143.82 -37.47 -77.73
C ASN TB 55 142.94 -38.71 -77.68
N THR TB 56 143.52 -39.84 -78.08
CA THR TB 56 142.78 -41.09 -78.21
C THR TB 56 143.31 -42.12 -77.22
N ILE TB 57 142.40 -42.75 -76.48
CA ILE TB 57 142.75 -43.88 -75.63
C ILE TB 57 142.91 -45.10 -76.55
N ALA TB 58 144.15 -45.50 -76.80
CA ALA TB 58 144.46 -46.57 -77.75
C ALA TB 58 145.38 -47.60 -77.09
N PRO TB 59 144.84 -48.43 -76.20
CA PRO TB 59 145.62 -49.54 -75.65
C PRO TB 59 145.39 -50.81 -76.45
N ALA TB 60 146.14 -51.84 -76.08
CA ALA TB 60 145.90 -53.17 -76.62
C ALA TB 60 144.72 -53.81 -75.91
N ALA TB 61 144.23 -54.92 -76.48
CA ALA TB 61 143.08 -55.60 -75.93
C ALA TB 61 143.42 -56.20 -74.56
N GLY TB 62 142.62 -55.84 -73.54
CA GLY TB 62 142.80 -56.39 -72.21
C GLY TB 62 143.89 -55.74 -71.39
N ALA TB 63 144.46 -54.63 -71.84
CA ALA TB 63 145.57 -54.00 -71.15
C ALA TB 63 145.07 -52.99 -70.12
N GLN TB 64 145.93 -52.72 -69.14
CA GLN TB 64 145.71 -51.71 -68.12
C GLN TB 64 146.60 -50.52 -68.40
N GLY TB 65 146.01 -49.32 -68.43
CA GLY TB 65 146.76 -48.17 -68.93
C GLY TB 65 146.64 -46.88 -68.14
N TYR TB 66 147.13 -45.79 -68.75
CA TYR TB 66 147.24 -44.49 -68.13
C TYR TB 66 147.39 -43.43 -69.22
N LYS TB 67 146.44 -42.52 -69.34
CA LYS TB 67 146.40 -41.64 -70.50
C LYS TB 67 145.78 -40.30 -70.12
N ASP TB 68 146.22 -39.25 -70.81
CA ASP TB 68 145.60 -37.92 -70.72
C ASP TB 68 144.93 -37.60 -72.05
N MET TB 69 143.98 -36.66 -72.03
CA MET TB 69 143.09 -36.44 -73.18
C MET TB 69 143.21 -35.05 -73.79
N GLY TB 70 143.12 -34.01 -72.97
CA GLY TB 70 143.09 -32.64 -73.48
C GLY TB 70 142.55 -31.71 -72.42
N TYR TB 71 141.99 -30.59 -72.87
CA TYR TB 71 141.45 -29.61 -71.94
C TYR TB 71 140.21 -28.95 -72.54
N VAL TB 72 139.42 -28.32 -71.66
CA VAL TB 72 138.15 -27.70 -72.03
C VAL TB 72 138.15 -26.26 -71.53
N LYS TB 73 137.65 -25.34 -72.36
CA LYS TB 73 137.62 -23.92 -72.03
C LYS TB 73 136.21 -23.48 -71.69
N ILE TB 74 136.09 -22.66 -70.64
CA ILE TB 74 134.82 -22.09 -70.20
C ILE TB 74 134.96 -20.58 -70.18
N ILE TB 75 133.96 -19.88 -70.73
CA ILE TB 75 133.98 -18.43 -70.84
C ILE TB 75 132.80 -17.87 -70.04
N ASN TB 76 133.07 -16.86 -69.22
CA ASN TB 76 132.09 -16.24 -68.34
C ASN TB 76 131.88 -14.78 -68.70
N TYR TB 77 130.63 -14.32 -68.59
CA TYR TB 77 130.17 -13.09 -69.19
C TYR TB 77 129.73 -12.08 -68.13
N THR TB 78 129.10 -11.00 -68.59
CA THR TB 78 128.90 -9.79 -67.79
C THR TB 78 128.17 -10.09 -66.48
N ASP TB 79 128.68 -9.51 -65.40
CA ASP TB 79 128.08 -9.55 -64.06
C ASP TB 79 128.00 -10.97 -63.51
N VAL TB 80 128.91 -11.85 -63.92
CA VAL TB 80 128.98 -13.22 -63.45
C VAL TB 80 130.23 -13.36 -62.58
N ASN TB 81 130.06 -13.93 -61.40
CA ASN TB 81 131.18 -14.12 -60.47
C ASN TB 81 131.37 -15.57 -60.04
N VAL TB 82 130.28 -16.29 -59.78
CA VAL TB 82 130.34 -17.66 -59.30
C VAL TB 82 129.38 -18.51 -60.12
N VAL TB 83 129.84 -19.68 -60.55
CA VAL TB 83 129.05 -20.59 -61.37
C VAL TB 83 129.04 -21.97 -60.72
N LYS TB 84 127.85 -22.57 -60.64
CA LYS TB 84 127.68 -23.93 -60.17
C LYS TB 84 127.34 -24.83 -61.36
N LEU TB 85 128.09 -25.92 -61.51
CA LEU TB 85 127.99 -26.78 -62.68
C LEU TB 85 127.77 -28.23 -62.28
N LYS TB 86 127.16 -28.98 -63.19
CA LYS TB 86 126.98 -30.42 -63.06
C LYS TB 86 127.52 -31.09 -64.31
N VAL TB 87 128.41 -32.06 -64.12
CA VAL TB 87 129.06 -32.76 -65.22
C VAL TB 87 128.71 -34.24 -65.13
N THR TB 88 128.34 -34.84 -66.26
CA THR TB 88 127.92 -36.22 -66.31
C THR TB 88 128.44 -36.88 -67.58
N LEU TB 89 128.47 -38.21 -67.57
CA LEU TB 89 128.83 -39.01 -68.73
C LEU TB 89 127.55 -39.37 -69.47
N ALA TB 90 127.40 -38.86 -70.69
CA ALA TB 90 126.14 -39.00 -71.42
C ALA TB 90 125.96 -40.42 -71.96
N ASN TB 91 127.04 -41.06 -72.40
CA ASN TB 91 126.92 -42.36 -73.06
C ASN TB 91 127.62 -43.46 -72.26
N ALA TB 92 127.40 -43.46 -70.94
CA ALA TB 92 128.03 -44.47 -70.09
C ALA TB 92 127.49 -45.87 -70.40
N ALA TB 93 126.21 -45.96 -70.77
CA ALA TB 93 125.62 -47.27 -71.05
C ALA TB 93 126.27 -47.92 -72.27
N GLN TB 94 126.59 -47.12 -73.30
CA GLN TB 94 127.22 -47.66 -74.49
C GLN TB 94 128.64 -48.15 -74.21
N LEU TB 95 129.36 -47.48 -73.31
CA LEU TB 95 130.74 -47.83 -73.02
C LEU TB 95 130.89 -49.02 -72.06
N ARG TB 96 129.80 -49.47 -71.43
CA ARG TB 96 129.91 -50.57 -70.48
C ARG TB 96 130.44 -51.86 -71.08
N PRO TB 97 129.96 -52.35 -72.23
CA PRO TB 97 130.46 -53.64 -72.75
C PRO TB 97 131.93 -53.60 -73.15
N TYR TB 98 132.55 -52.42 -73.27
CA TYR TB 98 133.91 -52.32 -73.76
C TYR TB 98 134.95 -52.15 -72.67
N PHE TB 99 134.54 -51.89 -71.43
CA PHE TB 99 135.48 -51.59 -70.35
C PHE TB 99 135.07 -52.30 -69.07
N LYS TB 100 136.07 -52.78 -68.33
CA LYS TB 100 135.83 -53.21 -66.95
C LYS TB 100 135.66 -52.02 -66.02
N TYR TB 101 136.48 -50.98 -66.20
CA TYR TB 101 136.33 -49.75 -65.44
C TYR TB 101 136.97 -48.61 -66.23
N LEU TB 102 136.50 -47.40 -65.95
CA LEU TB 102 137.01 -46.20 -66.61
C LEU TB 102 136.73 -45.01 -65.70
N GLN TB 103 137.79 -44.28 -65.34
CA GLN TB 103 137.68 -43.16 -64.43
C GLN TB 103 138.27 -41.91 -65.07
N LEU TB 104 137.57 -40.79 -64.89
CA LEU TB 104 138.00 -39.50 -65.42
C LEU TB 104 138.25 -38.53 -64.27
N VAL TB 105 139.39 -37.84 -64.32
CA VAL TB 105 139.80 -36.90 -63.29
C VAL TB 105 139.86 -35.50 -63.89
N LEU TB 106 139.17 -34.55 -63.27
CA LEU TB 106 139.11 -33.17 -63.72
C LEU TB 106 139.84 -32.29 -62.72
N THR TB 107 140.76 -31.46 -63.22
CA THR TB 107 141.53 -30.56 -62.38
C THR TB 107 141.48 -29.14 -62.93
N SER TB 108 141.35 -28.16 -62.04
CA SER TB 108 141.40 -26.76 -62.42
C SER TB 108 142.85 -26.28 -62.28
N ASN TB 109 143.33 -25.60 -63.33
CA ASN TB 109 144.74 -25.24 -63.46
C ASN TB 109 144.89 -23.79 -63.92
N ALA TB 110 143.81 -23.16 -64.39
CA ALA TB 110 143.89 -21.86 -65.04
C ALA TB 110 144.62 -20.82 -64.19
N SER TB 111 144.58 -20.97 -62.87
CA SER TB 111 145.44 -20.22 -61.96
C SER TB 111 146.75 -20.98 -61.78
N SER TB 112 147.87 -20.34 -62.16
CA SER TB 112 149.16 -20.98 -62.05
C SER TB 112 149.57 -21.24 -60.61
N THR TB 113 148.94 -20.57 -59.65
CA THR TB 113 149.26 -20.76 -58.24
C THR TB 113 148.39 -21.82 -57.57
N VAL TB 114 147.15 -22.00 -58.04
CA VAL TB 114 146.20 -22.90 -57.40
C VAL TB 114 145.77 -23.95 -58.40
N GLU TB 115 146.36 -25.15 -58.31
CA GLU TB 115 145.91 -26.32 -59.02
C GLU TB 115 145.02 -27.14 -58.10
N GLU TB 116 143.83 -27.50 -58.58
CA GLU TB 116 142.88 -28.27 -57.77
C GLU TB 116 142.15 -29.29 -58.63
N THR TB 117 142.08 -30.52 -58.14
CA THR TB 117 141.20 -31.53 -58.71
C THR TB 117 139.80 -31.35 -58.13
N LYS TB 118 138.80 -31.29 -59.01
CA LYS TB 118 137.44 -30.96 -58.61
C LYS TB 118 136.50 -32.16 -58.54
N ALA TB 119 136.60 -33.09 -59.47
CA ALA TB 119 135.67 -34.22 -59.48
C ALA TB 119 136.33 -35.43 -60.12
N VAL TB 120 135.80 -36.60 -59.79
CA VAL TB 120 136.20 -37.87 -60.39
C VAL TB 120 134.94 -38.56 -60.90
N LEU TB 121 134.94 -38.92 -62.18
CA LEU TB 121 133.80 -39.56 -62.81
C LEU TB 121 134.14 -41.01 -63.13
N SER TB 122 133.12 -41.87 -63.09
CA SER TB 122 133.30 -43.29 -63.35
C SER TB 122 132.03 -43.84 -63.99
N LEU TB 123 132.13 -45.07 -64.48
CA LEU TB 123 130.97 -45.71 -65.11
C LEU TB 123 129.89 -46.09 -64.11
N LYS TB 124 130.23 -46.22 -62.84
CA LYS TB 124 129.24 -46.53 -61.81
C LYS TB 124 128.63 -45.29 -61.19
N LYS TB 125 129.37 -44.19 -61.11
CA LYS TB 125 128.88 -42.92 -60.59
C LYS TB 125 129.22 -41.84 -61.62
N PRO TB 126 128.37 -41.65 -62.63
CA PRO TB 126 128.74 -40.81 -63.78
C PRO TB 126 128.61 -39.31 -63.53
N SER TB 127 127.94 -38.87 -62.47
CA SER TB 127 127.63 -37.47 -62.28
C SER TB 127 128.37 -36.89 -61.08
N ALA TB 128 128.68 -35.59 -61.16
CA ALA TB 128 129.33 -34.87 -60.09
C ALA TB 128 128.97 -33.40 -60.18
N VAL TB 129 129.14 -32.69 -59.06
CA VAL TB 129 128.85 -31.27 -58.97
C VAL TB 129 130.10 -30.55 -58.49
N ILE TB 130 130.49 -29.49 -59.20
CA ILE TB 130 131.70 -28.74 -58.90
C ILE TB 130 131.36 -27.26 -58.72
N ILE TB 131 132.29 -26.54 -58.11
CA ILE TB 131 132.13 -25.11 -57.83
C ILE TB 131 133.33 -24.36 -58.40
N LEU TB 132 133.06 -23.29 -59.14
CA LEU TB 132 134.10 -22.40 -59.64
C LEU TB 132 133.91 -21.03 -59.02
N ASP TB 133 134.99 -20.48 -58.46
CA ASP TB 133 134.91 -19.21 -57.73
C ASP TB 133 135.94 -18.20 -58.20
N ASN TB 134 136.11 -17.12 -57.43
CA ASN TB 134 136.98 -16.02 -57.83
C ASN TB 134 138.41 -16.49 -58.08
N ASP TB 135 138.89 -17.48 -57.32
CA ASP TB 135 140.26 -17.94 -57.49
C ASP TB 135 140.46 -18.66 -58.81
N ASP TB 136 139.44 -19.38 -59.29
CA ASP TB 136 139.59 -20.15 -60.52
C ASP TB 136 139.66 -19.25 -61.75
N TYR TB 137 138.89 -18.17 -61.75
CA TYR TB 137 138.76 -17.30 -62.92
C TYR TB 137 140.02 -16.48 -63.15
N SER TB 138 141.10 -17.13 -63.55
CA SER TB 138 142.32 -16.43 -63.93
C SER TB 138 142.14 -15.81 -65.31
N SER TB 139 142.90 -14.75 -65.57
CA SER TB 139 142.72 -13.85 -66.71
C SER TB 139 141.33 -13.21 -66.72
N THR TB 140 140.55 -13.40 -65.65
CA THR TB 140 139.26 -12.78 -65.40
C THR TB 140 138.17 -13.25 -66.38
N ASN TB 141 138.51 -14.12 -67.33
CA ASN TB 141 137.56 -14.43 -68.38
C ASN TB 141 137.42 -15.92 -68.75
N LYS TB 142 138.28 -16.81 -68.25
CA LYS TB 142 138.21 -18.18 -68.74
C LYS TB 142 138.69 -19.17 -67.68
N ILE TB 143 138.18 -20.41 -67.81
CA ILE TB 143 138.56 -21.57 -67.01
C ILE TB 143 139.18 -22.61 -67.93
N GLN TB 144 140.27 -23.22 -67.48
CA GLN TB 144 140.93 -24.30 -68.20
C GLN TB 144 140.89 -25.56 -67.33
N LEU TB 145 140.36 -26.65 -67.89
CA LEU TB 145 140.21 -27.92 -67.20
C LEU TB 145 140.69 -29.04 -68.12
N LYS TB 146 141.75 -29.73 -67.74
CA LYS TB 146 142.17 -30.93 -68.45
C LYS TB 146 141.54 -32.18 -67.85
N VAL TB 147 141.52 -33.25 -68.66
CA VAL TB 147 140.86 -34.50 -68.31
C VAL TB 147 141.93 -35.57 -68.13
N GLU TB 148 141.80 -36.36 -67.06
CA GLU TB 148 142.73 -37.44 -66.80
C GLU TB 148 141.96 -38.75 -66.76
N ALA TB 149 142.46 -39.76 -67.47
CA ALA TB 149 141.74 -41.01 -67.65
C ALA TB 149 142.55 -42.19 -67.12
N TYR TB 150 141.86 -43.09 -66.44
CA TYR TB 150 142.39 -44.39 -66.03
C TYR TB 150 141.42 -45.47 -66.51
N TYR TB 151 141.96 -46.57 -67.04
CA TYR TB 151 141.11 -47.52 -67.74
C TYR TB 151 141.72 -48.91 -67.69
N GLU TB 152 140.85 -49.90 -67.94
CA GLU TB 152 141.26 -51.27 -68.23
C GLU TB 152 140.31 -51.82 -69.29
N ALA TB 153 140.86 -52.30 -70.39
CA ALA TB 153 140.05 -52.76 -71.51
C ALA TB 153 139.60 -54.20 -71.30
N LYS TB 154 138.48 -54.54 -71.93
CA LYS TB 154 137.97 -55.91 -71.87
C LYS TB 154 138.89 -56.87 -72.62
N GLU TB 155 138.87 -58.12 -72.18
CA GLU TB 155 139.75 -59.15 -72.73
C GLU TB 155 139.26 -59.58 -74.11
N GLY TB 156 140.12 -59.45 -75.12
CA GLY TB 156 139.82 -59.96 -76.44
C GLY TB 156 138.80 -59.18 -77.23
N MET TB 157 138.58 -57.90 -76.91
CA MET TB 157 137.62 -57.08 -77.62
C MET TB 157 138.34 -56.09 -78.51
N LEU TB 158 137.97 -56.06 -79.79
CA LEU TB 158 138.58 -55.17 -80.77
C LEU TB 158 137.52 -54.25 -81.35
N PHE TB 159 137.88 -52.97 -81.51
CA PHE TB 159 136.93 -51.97 -81.98
C PHE TB 159 137.72 -50.74 -82.42
N ASP TB 160 137.01 -49.80 -83.05
CA ASP TB 160 137.60 -48.54 -83.47
C ASP TB 160 136.48 -47.52 -83.65
N SER TB 161 136.87 -46.24 -83.60
CA SER TB 161 135.96 -45.12 -83.80
C SER TB 161 134.80 -45.15 -82.81
N LEU TB 162 135.15 -45.12 -81.52
CA LEU TB 162 134.16 -45.10 -80.45
C LEU TB 162 134.22 -43.78 -79.71
N PRO TB 163 133.15 -43.00 -79.69
CA PRO TB 163 133.20 -41.67 -79.06
C PRO TB 163 132.88 -41.70 -77.57
N VAL TB 164 133.45 -40.72 -76.87
CA VAL TB 164 133.17 -40.48 -75.46
C VAL TB 164 132.62 -39.07 -75.33
N ILE TB 165 131.47 -38.94 -74.66
CA ILE TB 165 130.71 -37.70 -74.63
C ILE TB 165 130.55 -37.24 -73.19
N LEU TB 166 130.75 -35.94 -72.96
CA LEU TB 166 130.51 -35.31 -71.67
C LEU TB 166 129.51 -34.17 -71.84
N ASN TB 167 128.68 -33.94 -70.82
CA ASN TB 167 127.63 -32.95 -70.87
C ASN TB 167 127.75 -32.00 -69.69
N PHE TB 168 127.37 -30.74 -69.92
CA PHE TB 168 127.42 -29.70 -68.90
C PHE TB 168 126.04 -29.08 -68.72
N GLN TB 169 125.68 -28.78 -67.47
CA GLN TB 169 124.43 -28.11 -67.16
C GLN TB 169 124.66 -27.13 -66.02
N VAL TB 170 124.08 -25.93 -66.17
CA VAL TB 170 124.22 -24.86 -65.19
C VAL TB 170 123.08 -24.96 -64.19
N LEU TB 171 123.42 -24.97 -62.91
CA LEU TB 171 122.42 -25.03 -61.84
C LEU TB 171 122.16 -23.69 -61.19
N SER TB 172 123.19 -22.86 -61.02
CA SER TB 172 123.02 -21.55 -60.42
C SER TB 172 124.22 -20.68 -60.76
N VAL TB 173 123.96 -19.39 -60.99
CA VAL TB 173 125.02 -18.44 -61.29
C VAL TB 173 124.76 -17.17 -60.47
N SER TB 174 125.83 -16.50 -60.06
CA SER TB 174 125.73 -15.27 -59.30
C SER TB 174 126.91 -14.35 -59.57
N THR UB 26 71.66 27.71 -82.65
CA THR UB 26 71.76 27.08 -81.34
C THR UB 26 72.01 25.58 -81.49
N THR UB 27 73.28 25.20 -81.59
CA THR UB 27 73.68 23.82 -81.77
C THR UB 27 74.58 23.38 -80.62
N GLN UB 28 74.31 22.20 -80.08
CA GLN UB 28 75.09 21.63 -78.99
C GLN UB 28 76.01 20.55 -79.54
N SER UB 29 77.30 20.69 -79.27
CA SER UB 29 78.26 19.75 -79.85
C SER UB 29 78.80 18.80 -78.79
N PRO UB 30 79.04 17.53 -79.16
CA PRO UB 30 79.62 16.58 -78.19
C PRO UB 30 81.13 16.68 -78.04
N LEU UB 31 81.82 17.30 -79.00
CA LEU UB 31 83.25 17.57 -78.91
C LEU UB 31 84.08 16.29 -78.80
N ASN UB 32 83.79 15.33 -79.68
CA ASN UB 32 84.54 14.08 -79.70
C ASN UB 32 84.81 13.59 -81.13
N SER UB 33 84.75 14.49 -82.11
CA SER UB 33 84.94 14.12 -83.51
C SER UB 33 86.37 14.37 -83.96
N PHE UB 34 87.30 13.65 -83.34
CA PHE UB 34 88.72 13.74 -83.68
C PHE UB 34 89.32 12.34 -83.69
N TYR UB 35 90.13 12.05 -84.71
CA TYR UB 35 90.69 10.72 -84.86
C TYR UB 35 92.08 10.80 -85.48
N ALA UB 36 92.86 9.74 -85.28
CA ALA UB 36 94.16 9.56 -85.89
C ALA UB 36 94.38 8.07 -86.11
N THR UB 37 95.02 7.72 -87.22
CA THR UB 37 95.09 6.33 -87.67
C THR UB 37 96.51 5.93 -88.03
N GLY UB 38 96.89 4.70 -87.67
CA GLY UB 38 98.14 4.10 -88.09
C GLY UB 38 97.93 2.71 -88.65
N THR UB 39 99.00 1.99 -88.93
CA THR UB 39 98.90 0.65 -89.53
C THR UB 39 100.01 -0.24 -88.99
N ALA UB 40 99.80 -1.55 -89.14
CA ALA UB 40 100.79 -2.55 -88.74
C ALA UB 40 100.61 -3.79 -89.59
N GLN UB 41 101.66 -4.61 -89.65
CA GLN UB 41 101.63 -5.81 -90.47
C GLN UB 41 102.72 -6.77 -90.02
N ALA UB 42 102.58 -8.03 -90.46
CA ALA UB 42 103.59 -9.06 -90.24
C ALA UB 42 103.37 -10.14 -91.29
N VAL UB 43 104.28 -10.24 -92.26
CA VAL UB 43 104.04 -11.04 -93.45
C VAL UB 43 105.18 -12.02 -93.73
N GLN UB 44 105.92 -12.44 -92.70
CA GLN UB 44 106.97 -13.43 -92.92
C GLN UB 44 107.25 -14.21 -91.64
N GLU UB 45 107.75 -15.43 -91.81
CA GLU UB 45 108.11 -16.31 -90.71
C GLU UB 45 109.46 -15.91 -90.12
N PRO UB 46 109.70 -16.21 -88.84
CA PRO UB 46 110.93 -15.73 -88.19
C PRO UB 46 112.21 -16.21 -88.86
N ILE UB 47 112.27 -17.46 -89.33
CA ILE UB 47 113.51 -18.04 -89.81
C ILE UB 47 113.30 -18.67 -91.18
N ASP UB 48 114.42 -18.87 -91.88
CA ASP UB 48 114.45 -19.59 -93.14
C ASP UB 48 115.61 -20.58 -93.06
N VAL UB 49 115.39 -21.79 -93.60
CA VAL UB 49 116.35 -22.89 -93.45
C VAL UB 49 116.72 -23.42 -94.84
N GLU UB 50 118.02 -23.58 -95.08
CA GLU UB 50 118.52 -24.13 -96.33
C GLU UB 50 119.54 -25.22 -96.03
N SER UB 51 119.52 -26.28 -96.83
CA SER UB 51 120.30 -27.48 -96.57
C SER UB 51 121.42 -27.65 -97.59
N HIS UB 52 122.58 -28.13 -97.12
CA HIS UB 52 123.73 -28.41 -97.98
C HIS UB 52 124.39 -29.72 -97.56
N LEU UB 53 123.59 -30.76 -97.31
CA LEU UB 53 124.10 -32.07 -96.93
C LEU UB 53 124.39 -32.86 -98.20
N ASP UB 54 125.63 -32.80 -98.67
CA ASP UB 54 126.02 -33.39 -99.94
C ASP UB 54 127.16 -34.39 -99.76
N ASN UB 55 127.08 -35.24 -98.74
CA ASN UB 55 128.00 -36.36 -98.56
C ASN UB 55 127.21 -37.61 -98.24
N THR UB 56 127.77 -38.76 -98.63
CA THR UB 56 127.09 -40.04 -98.52
C THR UB 56 127.85 -40.94 -97.56
N ILE UB 57 127.12 -41.54 -96.62
CA ILE UB 57 127.68 -42.58 -95.74
C ILE UB 57 127.74 -43.87 -96.56
N ALA UB 58 128.94 -44.24 -97.01
CA ALA UB 58 129.13 -45.38 -97.89
C ALA UB 58 130.21 -46.30 -97.33
N PRO UB 59 129.89 -47.06 -96.29
CA PRO UB 59 130.81 -48.09 -95.79
C PRO UB 59 130.52 -49.44 -96.42
N ALA UB 60 131.38 -50.40 -96.11
CA ALA UB 60 131.12 -51.78 -96.48
C ALA UB 60 130.12 -52.40 -95.50
N ALA UB 61 129.61 -53.57 -95.87
CA ALA UB 61 128.61 -54.25 -95.06
C ALA UB 61 129.22 -54.69 -93.73
N GLY UB 62 128.61 -54.28 -92.63
CA GLY UB 62 129.05 -54.67 -91.31
C GLY UB 62 130.23 -53.91 -90.76
N ALA UB 63 130.64 -52.83 -91.40
CA ALA UB 63 131.82 -52.09 -90.99
C ALA UB 63 131.47 -51.00 -89.97
N GLN UB 64 132.47 -50.60 -89.20
CA GLN UB 64 132.37 -49.51 -88.24
C GLN UB 64 133.13 -48.31 -88.79
N GLY UB 65 132.48 -47.15 -88.82
CA GLY UB 65 133.06 -46.03 -89.54
C GLY UB 65 133.02 -44.68 -88.87
N TYR UB 66 133.33 -43.64 -89.66
CA TYR UB 66 133.47 -42.27 -89.17
C TYR UB 66 133.37 -41.33 -90.36
N LYS UB 67 132.36 -40.45 -90.38
CA LYS UB 67 132.07 -39.70 -91.59
C LYS UB 67 131.46 -38.35 -91.22
N ASP UB 68 131.69 -37.36 -92.07
CA ASP UB 68 131.03 -36.06 -91.99
C ASP UB 68 130.11 -35.89 -93.20
N MET UB 69 129.13 -35.00 -93.08
CA MET UB 69 128.04 -34.93 -94.06
C MET UB 69 127.97 -33.59 -94.80
N GLY UB 70 127.96 -32.48 -94.07
CA GLY UB 70 127.76 -31.17 -94.69
C GLY UB 70 127.37 -30.16 -93.63
N TYR UB 71 126.69 -29.11 -94.06
CA TYR UB 71 126.27 -28.06 -93.14
C TYR UB 71 124.91 -27.51 -93.56
N VAL UB 72 124.24 -26.85 -92.61
CA VAL UB 72 122.90 -26.31 -92.80
C VAL UB 72 122.91 -24.83 -92.43
N LYS UB 73 122.23 -24.02 -93.23
CA LYS UB 73 122.17 -22.57 -93.03
C LYS UB 73 120.82 -22.16 -92.48
N ILE UB 74 120.84 -21.25 -91.51
CA ILE UB 74 119.64 -20.70 -90.88
C ILE UB 74 119.69 -19.18 -91.03
N ILE UB 75 118.58 -18.58 -91.43
CA ILE UB 75 118.49 -17.13 -91.67
C ILE UB 75 117.45 -16.55 -90.73
N ASN UB 76 117.81 -15.45 -90.06
CA ASN UB 76 116.96 -14.79 -89.08
C ASN UB 76 116.62 -13.38 -89.51
N TYR UB 77 115.39 -12.97 -89.22
CA TYR UB 77 114.74 -11.81 -89.84
C TYR UB 77 114.45 -10.73 -88.79
N THR UB 78 113.69 -9.72 -89.23
CA THR UB 78 113.56 -8.45 -88.51
C THR UB 78 113.11 -8.65 -87.07
N ASP UB 79 113.77 -7.94 -86.16
CA ASP UB 79 113.43 -7.89 -84.74
C ASP UB 79 113.52 -9.24 -84.05
N VAL UB 80 114.38 -10.13 -84.56
CA VAL UB 80 114.62 -11.44 -83.97
C VAL UB 80 116.00 -11.44 -83.35
N ASN UB 81 116.09 -11.91 -82.11
CA ASN UB 81 117.37 -11.97 -81.40
C ASN UB 81 117.71 -13.35 -80.87
N VAL UB 82 116.73 -14.08 -80.36
CA VAL UB 82 116.96 -15.41 -79.78
C VAL UB 82 115.91 -16.36 -80.33
N VAL UB 83 116.34 -17.56 -80.73
CA VAL UB 83 115.48 -18.57 -81.30
C VAL UB 83 115.66 -19.88 -80.54
N LYS UB 84 114.54 -20.52 -80.20
CA LYS UB 84 114.54 -21.84 -79.58
C LYS UB 84 114.04 -22.85 -80.61
N LEU UB 85 114.81 -23.93 -80.79
CA LEU UB 85 114.55 -24.89 -81.86
C LEU UB 85 114.49 -26.29 -81.30
N LYS UB 86 113.76 -27.16 -82.01
CA LYS UB 86 113.70 -28.58 -81.71
C LYS UB 86 114.03 -29.35 -82.98
N VAL UB 87 115.00 -30.27 -82.87
CA VAL UB 87 115.48 -31.05 -84.01
C VAL UB 87 115.24 -32.53 -83.73
N THR UB 88 114.70 -33.24 -84.71
CA THR UB 88 114.36 -34.64 -84.56
C THR UB 88 114.68 -35.39 -85.84
N LEU UB 89 114.79 -36.71 -85.71
CA LEU UB 89 114.98 -37.61 -86.85
C LEU UB 89 113.60 -38.09 -87.30
N ALA UB 90 113.21 -37.70 -88.52
CA ALA UB 90 111.85 -37.96 -89.00
C ALA UB 90 111.65 -39.43 -89.37
N ASN UB 91 112.67 -40.07 -89.95
CA ASN UB 91 112.52 -41.44 -90.45
C ASN UB 91 113.41 -42.42 -89.70
N ALA UB 92 113.44 -42.30 -88.36
CA ALA UB 92 114.25 -43.21 -87.55
C ALA UB 92 113.75 -44.64 -87.64
N ALA UB 93 112.43 -44.82 -87.75
CA ALA UB 93 111.87 -46.17 -87.82
C ALA UB 93 112.33 -46.91 -89.07
N GLN UB 94 112.42 -46.19 -90.20
CA GLN UB 94 112.85 -46.82 -91.44
C GLN UB 94 114.32 -47.23 -91.39
N LEU UB 95 115.15 -46.45 -90.69
CA LEU UB 95 116.58 -46.72 -90.63
C LEU UB 95 116.97 -47.80 -89.62
N ARG UB 96 116.03 -48.23 -88.76
CA ARG UB 96 116.37 -49.22 -87.74
C ARG UB 96 116.86 -50.55 -88.32
N PRO UB 97 116.21 -51.17 -89.32
CA PRO UB 97 116.69 -52.47 -89.80
C PRO UB 97 118.05 -52.42 -90.48
N TYR UB 98 118.56 -51.24 -90.80
CA TYR UB 98 119.81 -51.12 -91.54
C TYR UB 98 121.02 -50.81 -90.68
N PHE UB 99 120.84 -50.45 -89.41
CA PHE UB 99 121.92 -50.01 -88.56
C PHE UB 99 121.79 -50.61 -87.17
N LYS UB 100 122.94 -50.98 -86.58
CA LYS UB 100 122.96 -51.28 -85.16
C LYS UB 100 122.91 -50.01 -84.32
N TYR UB 101 123.62 -48.97 -84.73
CA TYR UB 101 123.55 -47.68 -84.07
C TYR UB 101 123.96 -46.60 -85.06
N LEU UB 102 123.48 -45.38 -84.81
CA LEU UB 102 123.79 -44.24 -85.65
C LEU UB 102 123.62 -42.97 -84.82
N GLN UB 103 124.68 -42.16 -84.72
CA GLN UB 103 124.67 -40.97 -83.91
C GLN UB 103 125.07 -39.76 -84.75
N LEU UB 104 124.35 -38.66 -84.54
CA LEU UB 104 124.60 -37.41 -85.26
C LEU UB 104 125.00 -36.33 -84.26
N VAL UB 105 126.07 -35.60 -84.59
CA VAL UB 105 126.61 -34.55 -83.73
C VAL UB 105 126.48 -33.22 -84.45
N LEU UB 106 125.86 -32.24 -83.80
CA LEU UB 106 125.64 -30.91 -84.36
C LEU UB 106 126.49 -29.90 -83.59
N THR UB 107 127.25 -29.09 -84.32
CA THR UB 107 128.12 -28.09 -83.71
C THR UB 107 127.89 -26.74 -84.37
N SER UB 108 127.87 -25.67 -83.56
CA SER UB 108 127.77 -24.31 -84.06
C SER UB 108 129.18 -23.77 -84.25
N ASN UB 109 129.44 -23.18 -85.42
CA ASN UB 109 130.77 -22.77 -85.84
C ASN UB 109 130.76 -21.37 -86.44
N ALA UB 110 129.57 -20.84 -86.75
CA ALA UB 110 129.47 -19.59 -87.52
C ALA UB 110 130.28 -18.46 -86.92
N SER UB 111 130.48 -18.48 -85.60
CA SER UB 111 131.45 -17.61 -84.94
C SER UB 111 132.81 -18.29 -84.93
N SER UB 112 133.80 -17.65 -85.56
CA SER UB 112 135.13 -18.23 -85.65
C SER UB 112 135.79 -18.33 -84.29
N THR UB 113 135.31 -17.59 -83.29
CA THR UB 113 135.89 -17.64 -81.95
C THR UB 113 135.22 -18.66 -81.04
N VAL UB 114 133.94 -18.93 -81.25
CA VAL UB 114 133.16 -19.80 -80.36
C VAL UB 114 132.63 -20.97 -81.19
N GLU UB 115 133.29 -22.12 -81.09
CA GLU UB 115 132.78 -23.38 -81.61
C GLU UB 115 132.12 -24.14 -80.47
N GLU UB 116 130.87 -24.58 -80.69
CA GLU UB 116 130.14 -25.32 -79.66
C GLU UB 116 129.33 -26.43 -80.27
N THR UB 117 129.42 -27.62 -79.67
CA THR UB 117 128.50 -28.71 -79.97
C THR UB 117 127.22 -28.53 -79.17
N LYS UB 118 126.08 -28.59 -79.85
CA LYS UB 118 124.80 -28.28 -79.23
C LYS UB 118 123.95 -29.50 -78.89
N ALA UB 119 123.93 -30.53 -79.74
CA ALA UB 119 123.09 -31.68 -79.48
C ALA UB 119 123.69 -32.92 -80.12
N VAL UB 120 123.29 -34.07 -79.60
CA VAL UB 120 123.65 -35.38 -80.14
C VAL UB 120 122.36 -36.15 -80.35
N LEU UB 121 122.15 -36.64 -81.57
CA LEU UB 121 120.95 -37.40 -81.92
C LEU UB 121 121.31 -38.85 -82.19
N SER UB 122 120.36 -39.74 -81.87
CA SER UB 122 120.58 -41.16 -82.04
C SER UB 122 119.24 -41.82 -82.37
N LEU UB 123 119.31 -43.10 -82.77
CA LEU UB 123 118.11 -43.83 -83.12
C LEU UB 123 117.24 -44.16 -81.91
N LYS UB 124 117.82 -44.15 -80.70
CA LYS UB 124 117.05 -44.41 -79.49
C LYS UB 124 116.48 -43.13 -78.89
N LYS UB 125 117.18 -42.00 -79.04
CA LYS UB 125 116.71 -40.70 -78.56
C LYS UB 125 116.80 -39.72 -79.72
N PRO UB 126 115.77 -39.66 -80.56
CA PRO UB 126 115.87 -38.92 -81.83
C PRO UB 126 115.71 -37.41 -81.70
N SER UB 127 115.23 -36.90 -80.57
CA SER UB 127 114.87 -35.49 -80.45
C SER UB 127 115.78 -34.77 -79.46
N ALA UB 128 115.99 -33.48 -79.73
CA ALA UB 128 116.79 -32.64 -78.85
C ALA UB 128 116.33 -31.19 -79.01
N VAL UB 129 116.66 -30.38 -78.00
CA VAL UB 129 116.31 -28.96 -77.97
C VAL UB 129 117.59 -28.15 -77.81
N ILE UB 130 117.78 -27.15 -78.66
CA ILE UB 130 118.98 -26.33 -78.66
C ILE UB 130 118.59 -24.86 -78.56
N ILE UB 131 119.58 -24.04 -78.20
CA ILE UB 131 119.39 -22.60 -78.01
C ILE UB 131 120.43 -21.86 -78.86
N LEU UB 132 119.97 -20.88 -79.63
CA LEU UB 132 120.84 -20.00 -80.39
C LEU UB 132 120.69 -18.59 -79.86
N ASP UB 133 121.82 -17.94 -79.56
CA ASP UB 133 121.80 -16.62 -78.94
C ASP UB 133 122.67 -15.61 -79.68
N ASN UB 134 122.92 -14.46 -79.05
CA ASN UB 134 123.65 -13.37 -79.71
C ASN UB 134 125.03 -13.80 -80.17
N ASP UB 135 125.68 -14.69 -79.42
CA ASP UB 135 127.04 -15.12 -79.81
C ASP UB 135 127.03 -15.95 -81.07
N ASP UB 136 125.99 -16.75 -81.29
CA ASP UB 136 125.95 -17.64 -82.45
C ASP UB 136 125.75 -16.85 -83.75
N TYR UB 137 124.93 -15.81 -83.70
CA TYR UB 137 124.55 -15.06 -84.90
C TYR UB 137 125.69 -14.21 -85.43
N SER UB 138 126.73 -14.86 -85.96
CA SER UB 138 127.81 -14.15 -86.63
C SER UB 138 127.35 -13.68 -88.00
N SER UB 139 127.99 -12.61 -88.49
CA SER UB 139 127.55 -11.84 -89.64
C SER UB 139 126.16 -11.27 -89.46
N THR UB 140 125.60 -11.38 -88.24
CA THR UB 140 124.34 -10.80 -87.81
C THR UB 140 123.12 -11.39 -88.53
N ASN UB 141 123.33 -12.33 -89.44
CA ASN UB 141 122.22 -12.80 -90.28
C ASN UB 141 122.11 -14.30 -90.48
N LYS UB 142 123.10 -15.10 -90.07
CA LYS UB 142 123.01 -16.52 -90.41
C LYS UB 142 123.72 -17.40 -89.39
N ILE UB 143 123.28 -18.64 -89.32
CA ILE UB 143 123.86 -19.70 -88.50
C ILE UB 143 124.36 -20.81 -89.41
N GLN UB 144 125.55 -21.33 -89.11
CA GLN UB 144 126.12 -22.45 -89.84
C GLN UB 144 126.31 -23.62 -88.88
N LEU UB 145 125.75 -24.78 -89.24
CA LEU UB 145 125.80 -25.98 -88.42
C LEU UB 145 126.16 -27.17 -89.31
N LYS UB 146 127.32 -27.77 -89.07
CA LYS UB 146 127.67 -29.02 -89.75
C LYS UB 146 127.23 -30.23 -88.93
N VAL UB 147 127.12 -31.37 -89.63
CA VAL UB 147 126.62 -32.60 -89.06
C VAL UB 147 127.75 -33.61 -88.98
N GLU UB 148 127.86 -34.29 -87.85
CA GLU UB 148 128.89 -35.32 -87.67
C GLU UB 148 128.21 -36.64 -87.36
N ALA UB 149 128.63 -37.69 -88.06
CA ALA UB 149 127.97 -38.99 -88.01
C ALA UB 149 128.92 -40.07 -87.52
N TYR UB 150 128.42 -40.94 -86.64
CA TYR UB 150 129.08 -42.16 -86.23
C TYR UB 150 128.11 -43.31 -86.44
N TYR UB 151 128.60 -44.44 -86.94
CA TYR UB 151 127.69 -45.49 -87.39
C TYR UB 151 128.38 -46.84 -87.35
N GLU UB 152 127.54 -47.88 -87.33
CA GLU UB 152 127.96 -49.26 -87.58
C GLU UB 152 126.87 -49.95 -88.38
N ALA UB 153 127.24 -50.51 -89.53
CA ALA UB 153 126.27 -51.12 -90.44
C ALA UB 153 125.95 -52.54 -90.01
N LYS UB 154 124.75 -52.99 -90.40
CA LYS UB 154 124.34 -54.36 -90.12
C LYS UB 154 125.17 -55.35 -90.93
N GLU UB 155 125.29 -56.55 -90.41
CA GLU UB 155 126.12 -57.59 -91.01
C GLU UB 155 125.41 -58.18 -92.23
N GLY UB 156 126.06 -58.10 -93.39
CA GLY UB 156 125.57 -58.76 -94.58
C GLY UB 156 124.37 -58.09 -95.24
N MET UB 157 124.15 -56.81 -95.01
CA MET UB 157 123.02 -56.09 -95.58
C MET UB 157 123.52 -55.16 -96.68
N LEU UB 158 122.93 -55.27 -97.86
CA LEU UB 158 123.29 -54.46 -99.02
C LEU UB 158 122.10 -53.64 -99.47
N PHE UB 159 122.35 -52.37 -99.79
CA PHE UB 159 121.29 -51.45 -100.18
C PHE UB 159 121.91 -50.24 -100.86
N ASP UB 160 121.05 -49.40 -101.43
CA ASP UB 160 121.48 -48.16 -102.06
C ASP UB 160 120.29 -47.21 -102.13
N SER UB 161 120.62 -45.92 -102.25
CA SER UB 161 119.61 -44.87 -102.38
C SER UB 161 118.65 -44.84 -101.19
N LEU UB 162 119.23 -44.68 -100.00
CA LEU UB 162 118.44 -44.59 -98.77
C LEU UB 162 118.57 -43.20 -98.18
N PRO UB 163 117.47 -42.46 -98.03
CA PRO UB 163 117.56 -41.08 -97.53
C PRO UB 163 117.51 -40.97 -96.02
N VAL UB 164 118.14 -39.91 -95.51
CA VAL UB 164 118.12 -39.54 -94.11
C VAL UB 164 117.51 -38.15 -94.00
N ILE UB 165 116.50 -38.00 -93.15
CA ILE UB 165 115.69 -36.79 -93.10
C ILE UB 165 115.75 -36.21 -91.70
N LEU UB 166 115.93 -34.88 -91.62
CA LEU UB 166 115.89 -34.14 -90.37
C LEU UB 166 114.81 -33.07 -90.46
N ASN UB 167 114.17 -32.78 -89.33
CA ASN UB 167 113.07 -31.83 -89.26
C ASN UB 167 113.35 -30.76 -88.22
N PHE UB 168 112.86 -29.55 -88.46
CA PHE UB 168 113.04 -28.42 -87.57
C PHE UB 168 111.68 -27.83 -87.21
N GLN UB 169 111.53 -27.43 -85.94
CA GLN UB 169 110.32 -26.79 -85.47
C GLN UB 169 110.69 -25.69 -84.48
N VAL UB 170 110.03 -24.53 -84.63
CA VAL UB 170 110.28 -23.37 -83.78
C VAL UB 170 109.34 -23.42 -82.59
N LEU UB 171 109.91 -23.30 -81.38
CA LEU UB 171 109.13 -23.30 -80.16
C LEU UB 171 108.91 -21.90 -79.59
N SER UB 172 109.90 -21.02 -79.68
CA SER UB 172 109.78 -19.66 -79.17
C SER UB 172 110.85 -18.79 -79.81
N VAL UB 173 110.48 -17.54 -80.11
CA VAL UB 173 111.41 -16.57 -80.67
C VAL UB 173 111.23 -15.24 -79.94
N SER UB 174 112.32 -14.51 -79.80
CA SER UB 174 112.29 -13.20 -79.13
C SER UB 174 113.34 -12.27 -79.70
N THR VB 26 52.57 25.15 -95.83
CA THR VB 26 52.93 24.65 -94.51
C THR VB 26 53.24 23.16 -94.57
N THR VB 27 54.49 22.82 -94.85
CA THR VB 27 54.94 21.44 -94.99
C THR VB 27 56.04 21.16 -93.99
N GLN VB 28 55.94 20.03 -93.30
CA GLN VB 28 56.93 19.59 -92.32
C GLN VB 28 57.80 18.50 -92.94
N SER VB 29 59.11 18.72 -92.94
CA SER VB 29 60.01 17.77 -93.59
C SER VB 29 60.77 16.93 -92.57
N PRO VB 30 61.02 15.65 -92.86
CA PRO VB 30 61.81 14.83 -91.94
C PRO VB 30 63.32 15.00 -92.08
N LEU VB 31 63.79 15.54 -93.20
CA LEU VB 31 65.20 15.89 -93.40
C LEU VB 31 66.10 14.66 -93.33
N ASN VB 32 65.71 13.61 -94.05
CA ASN VB 32 66.53 12.39 -94.11
C ASN VB 32 66.55 11.78 -95.51
N SER VB 33 66.26 12.57 -96.53
CA SER VB 33 66.21 12.08 -97.91
C SER VB 33 67.53 12.34 -98.64
N PHE VB 34 68.60 11.72 -98.13
CA PHE VB 34 69.92 11.83 -98.73
C PHE VB 34 70.59 10.46 -98.73
N TYR VB 35 71.21 10.10 -99.85
CA TYR VB 35 71.82 8.79 -99.99
C TYR VB 35 73.07 8.87 -100.86
N ALA VB 36 73.92 7.86 -100.71
CA ALA VB 36 75.11 7.68 -101.53
C ALA VB 36 75.36 6.18 -101.66
N THR VB 37 75.82 5.74 -102.84
CA THR VB 37 75.88 4.32 -103.16
C THR VB 37 77.23 3.96 -103.75
N GLY VB 38 77.73 2.78 -103.35
CA GLY VB 38 78.92 2.19 -103.94
C GLY VB 38 78.69 0.75 -104.33
N THR VB 39 79.74 0.03 -104.74
CA THR VB 39 79.61 -1.35 -105.19
C THR VB 39 80.84 -2.14 -104.78
N ALA VB 40 80.69 -3.46 -104.78
CA ALA VB 40 81.79 -4.38 -104.48
C ALA VB 40 81.53 -5.71 -105.18
N GLN VB 41 82.59 -6.48 -105.35
CA GLN VB 41 82.48 -7.76 -106.05
C GLN VB 41 83.69 -8.64 -105.72
N ALA VB 42 83.54 -9.93 -106.01
CA ALA VB 42 84.64 -10.89 -105.89
C ALA VB 42 84.29 -12.07 -106.79
N VAL VB 43 85.02 -12.23 -107.90
CA VAL VB 43 84.61 -13.15 -108.95
C VAL VB 43 85.73 -14.11 -109.35
N GLN VB 44 86.67 -14.40 -108.44
CA GLN VB 44 87.72 -15.37 -108.77
C GLN VB 44 88.27 -16.00 -107.49
N GLU VB 45 88.80 -17.22 -107.64
CA GLU VB 45 89.39 -17.97 -106.55
C GLU VB 45 90.81 -17.46 -106.26
N PRO VB 46 91.28 -17.63 -105.01
CA PRO VB 46 92.59 -17.04 -104.66
C PRO VB 46 93.76 -17.53 -105.50
N ILE VB 47 93.79 -18.82 -105.86
CA ILE VB 47 94.96 -19.39 -106.51
C ILE VB 47 94.55 -20.16 -107.76
N ASP VB 48 95.53 -20.38 -108.63
CA ASP VB 48 95.38 -21.21 -109.81
C ASP VB 48 96.58 -22.16 -109.86
N VAL VB 49 96.34 -23.41 -110.24
CA VAL VB 49 97.37 -24.45 -110.17
C VAL VB 49 97.51 -25.10 -111.55
N GLU VB 50 98.75 -25.24 -112.01
CA GLU VB 50 99.05 -25.88 -113.28
C GLU VB 50 100.17 -26.89 -113.09
N SER VB 51 100.07 -28.03 -113.77
CA SER VB 51 100.94 -29.17 -113.55
C SER VB 51 101.87 -29.38 -114.74
N HIS VB 52 103.12 -29.77 -114.46
CA HIS VB 52 104.10 -30.10 -115.48
C HIS VB 52 104.91 -31.32 -115.08
N LEU VB 53 104.23 -32.36 -114.59
CA LEU VB 53 104.88 -33.61 -114.20
C LEU VB 53 104.96 -34.51 -115.43
N ASP VB 54 106.10 -34.45 -116.12
CA ASP VB 54 106.29 -35.14 -117.38
C ASP VB 54 107.50 -36.09 -117.33
N ASN VB 55 107.64 -36.83 -116.24
CA ASN VB 55 108.65 -37.88 -116.14
C ASN VB 55 108.01 -39.13 -115.57
N THR VB 56 108.55 -40.28 -115.95
CA THR VB 56 107.97 -41.58 -115.60
C THR VB 56 108.94 -42.35 -114.73
N ILE VB 57 108.43 -42.88 -113.61
CA ILE VB 57 109.20 -43.81 -112.78
C ILE VB 57 109.18 -45.17 -113.47
N ALA VB 58 110.30 -45.53 -114.10
CA ALA VB 58 110.39 -46.74 -114.90
C ALA VB 58 111.60 -47.57 -114.46
N PRO VB 59 111.51 -48.24 -113.32
CA PRO VB 59 112.57 -49.17 -112.91
C PRO VB 59 112.24 -50.59 -113.35
N ALA VB 60 113.21 -51.48 -113.13
CA ALA VB 60 112.96 -52.90 -113.32
C ALA VB 60 112.19 -53.46 -112.13
N ALA VB 61 111.69 -54.69 -112.29
CA ALA VB 61 110.89 -55.31 -111.25
C ALA VB 61 111.74 -55.60 -110.02
N GLY VB 62 111.32 -55.10 -108.86
CA GLY VB 62 112.01 -55.36 -107.62
C GLY VB 62 113.23 -54.50 -107.36
N ALA VB 63 113.46 -53.47 -108.17
CA ALA VB 63 114.65 -52.64 -108.05
C ALA VB 63 114.42 -51.48 -107.08
N GLN VB 64 115.53 -50.97 -106.55
CA GLN VB 64 115.53 -49.80 -105.69
C GLN VB 64 116.12 -48.63 -106.47
N GLY VB 65 115.42 -47.50 -106.48
CA GLY VB 65 115.79 -46.43 -107.38
C GLY VB 65 115.79 -45.02 -106.84
N TYR VB 66 115.90 -44.06 -107.75
CA TYR VB 66 116.05 -42.64 -107.43
C TYR VB 66 115.68 -41.82 -108.67
N LYS VB 67 114.62 -41.00 -108.57
CA LYS VB 67 114.08 -40.37 -109.77
C LYS VB 67 113.47 -39.02 -109.41
N ASP VB 68 113.49 -38.10 -110.37
CA ASP VB 68 112.79 -36.84 -110.29
C ASP VB 68 111.66 -36.82 -111.32
N MET VB 69 110.67 -35.96 -111.10
CA MET VB 69 109.42 -36.02 -111.86
C MET VB 69 109.14 -34.77 -112.69
N GLY VB 70 109.20 -33.60 -112.08
CA GLY VB 70 108.83 -32.37 -112.76
C GLY VB 70 108.57 -31.27 -111.74
N TYR VB 71 107.76 -30.29 -112.13
CA TYR VB 71 107.45 -29.18 -111.24
C TYR VB 71 106.01 -28.73 -111.45
N VAL VB 72 105.49 -28.00 -110.46
CA VAL VB 72 104.12 -27.53 -110.45
C VAL VB 72 104.10 -26.02 -110.21
N LYS VB 73 103.23 -25.33 -110.94
CA LYS VB 73 103.14 -23.87 -110.86
C LYS VB 73 101.89 -23.46 -110.11
N ILE VB 74 102.04 -22.46 -109.24
CA ILE VB 74 100.94 -21.90 -108.46
C ILE VB 74 100.88 -20.40 -108.74
N ILE VB 75 99.68 -19.88 -108.99
CA ILE VB 75 99.47 -18.48 -109.33
C ILE VB 75 98.58 -17.84 -108.27
N ASN VB 76 98.99 -16.68 -107.78
CA ASN VB 76 98.30 -15.96 -106.72
C ASN VB 76 97.81 -14.60 -107.20
N TYR VB 77 96.62 -14.22 -106.73
CA TYR VB 77 95.82 -13.15 -107.31
C TYR VB 77 95.65 -11.98 -106.34
N THR VB 78 94.77 -11.05 -106.70
CA THR VB 78 94.71 -9.73 -106.10
C THR VB 78 94.53 -9.80 -104.58
N ASP VB 79 95.31 -8.98 -103.87
CA ASP VB 79 95.22 -8.81 -102.42
C ASP VB 79 95.51 -10.09 -101.64
N VAL VB 80 96.32 -10.97 -102.22
CA VAL VB 80 96.73 -12.23 -101.58
C VAL VB 80 98.20 -12.10 -101.23
N ASN VB 81 98.54 -12.44 -99.98
CA ASN VB 81 99.92 -12.38 -99.52
C ASN VB 81 100.43 -13.69 -98.95
N VAL VB 82 99.60 -14.43 -98.20
CA VAL VB 82 100.00 -15.67 -97.56
C VAL VB 82 98.92 -16.71 -97.82
N VAL VB 83 99.35 -17.92 -98.19
CA VAL VB 83 98.44 -19.02 -98.50
C VAL VB 83 98.84 -20.23 -97.68
N LYS VB 84 97.84 -20.89 -97.07
CA LYS VB 84 98.02 -22.14 -96.35
C LYS VB 84 97.41 -23.27 -97.18
N LEU VB 85 98.19 -24.32 -97.41
CA LEU VB 85 97.80 -25.39 -98.31
C LEU VB 85 97.92 -26.75 -97.63
N LYS VB 86 97.13 -27.70 -98.13
CA LYS VB 86 97.20 -29.09 -97.69
C LYS VB 86 97.34 -29.97 -98.93
N VAL VB 87 98.36 -30.83 -98.92
CA VAL VB 87 98.68 -31.69 -100.05
C VAL VB 87 98.58 -33.14 -99.61
N THR VB 88 97.90 -33.96 -100.41
CA THR VB 88 97.67 -35.35 -100.07
C THR VB 88 97.80 -36.22 -101.32
N LEU VB 89 98.00 -37.52 -101.10
CA LEU VB 89 98.04 -38.51 -102.17
C LEU VB 89 96.63 -39.09 -102.31
N ALA VB 90 96.01 -38.83 -103.47
CA ALA VB 90 94.61 -39.20 -103.66
C ALA VB 90 94.42 -40.70 -103.85
N ASN VB 91 95.35 -41.35 -104.55
CA ASN VB 91 95.19 -42.76 -104.90
C ASN VB 91 96.25 -43.63 -104.24
N ALA VB 92 96.52 -43.38 -102.95
CA ALA VB 92 97.51 -44.17 -102.23
C ALA VB 92 97.08 -45.62 -102.09
N ALA VB 93 95.77 -45.87 -101.94
CA ALA VB 93 95.29 -47.23 -101.79
C ALA VB 93 95.56 -48.07 -103.03
N GLN VB 94 95.40 -47.47 -104.21
CA GLN VB 94 95.64 -48.20 -105.46
C GLN VB 94 97.12 -48.55 -105.63
N LEU VB 95 98.01 -47.67 -105.17
CA LEU VB 95 99.44 -47.87 -105.36
C LEU VB 95 100.06 -48.83 -104.34
N ARG VB 96 99.33 -49.21 -103.30
CA ARG VB 96 99.90 -50.09 -102.28
C ARG VB 96 100.35 -51.45 -102.81
N PRO VB 97 99.56 -52.19 -103.61
CA PRO VB 97 100.02 -53.52 -104.06
C PRO VB 97 101.23 -53.47 -104.98
N TYR VB 98 101.62 -52.31 -105.49
CA TYR VB 98 102.70 -52.21 -106.46
C TYR VB 98 104.03 -51.79 -105.86
N PHE VB 99 104.05 -51.30 -104.62
CA PHE VB 99 105.25 -50.74 -104.03
C PHE VB 99 105.40 -51.20 -102.59
N LYS VB 100 106.66 -51.47 -102.19
CA LYS VB 100 106.96 -51.63 -100.78
C LYS VB 100 106.98 -50.29 -100.05
N TYR VB 101 107.54 -49.27 -100.69
CA TYR VB 101 107.51 -47.92 -100.14
C TYR VB 101 107.69 -46.92 -101.27
N LEU VB 102 107.19 -45.70 -101.04
CA LEU VB 102 107.29 -44.63 -102.03
C LEU VB 102 107.20 -43.31 -101.30
N GLN VB 103 108.21 -42.46 -101.47
CA GLN VB 103 108.28 -41.18 -100.77
C GLN VB 103 108.44 -40.05 -101.78
N LEU VB 104 107.72 -38.96 -101.55
CA LEU VB 104 107.76 -37.78 -102.39
C LEU VB 104 108.28 -36.59 -101.58
N VAL VB 105 109.22 -35.86 -102.17
CA VAL VB 105 109.84 -34.71 -101.52
C VAL VB 105 109.51 -33.46 -102.32
N LEU VB 106 108.97 -32.44 -101.65
CA LEU VB 106 108.58 -31.19 -102.27
C LEU VB 106 109.49 -30.08 -101.77
N THR VB 107 110.06 -29.31 -102.69
CA THR VB 107 110.96 -28.22 -102.34
C THR VB 107 110.55 -26.95 -103.07
N SER VB 108 110.61 -25.82 -102.37
CA SER VB 108 110.35 -24.51 -102.96
C SER VB 108 111.67 -23.93 -103.45
N ASN VB 109 111.68 -23.45 -104.69
CA ASN VB 109 112.89 -23.04 -105.38
C ASN VB 109 112.69 -21.70 -106.10
N ALA VB 110 111.44 -21.24 -106.22
CA ALA VB 110 111.13 -20.10 -107.08
C ALA VB 110 111.97 -18.87 -106.73
N SER VB 111 112.41 -18.75 -105.47
CA SER VB 111 113.43 -17.78 -105.08
C SER VB 111 114.80 -18.41 -105.27
N SER VB 112 115.62 -17.79 -106.12
CA SER VB 112 116.95 -18.32 -106.40
C SER VB 112 117.86 -18.26 -105.18
N THR VB 113 117.52 -17.46 -104.18
CA THR VB 113 118.33 -17.35 -102.97
C THR VB 113 117.89 -18.30 -101.87
N VAL VB 114 116.60 -18.65 -101.81
CA VAL VB 114 116.05 -19.46 -100.73
C VAL VB 114 115.45 -20.72 -101.33
N GLU VB 115 116.18 -21.83 -101.26
CA GLU VB 115 115.66 -23.15 -101.56
C GLU VB 115 115.26 -23.83 -100.26
N GLU VB 116 114.03 -24.33 -100.20
CA GLU VB 116 113.53 -24.99 -99.00
C GLU VB 116 112.68 -26.19 -99.35
N THR VB 117 112.94 -27.31 -98.67
CA THR VB 117 112.06 -28.46 -98.70
C THR VB 117 110.93 -28.26 -97.70
N LYS VB 118 109.69 -28.43 -98.15
CA LYS VB 118 108.52 -28.11 -97.34
C LYS VB 118 107.82 -29.32 -96.74
N ALA VB 119 107.71 -30.43 -97.47
CA ALA VB 119 106.98 -31.58 -96.97
C ALA VB 119 107.54 -32.85 -97.59
N VAL VB 120 107.30 -33.96 -96.90
CA VAL VB 120 107.63 -35.30 -97.39
C VAL VB 120 106.37 -36.14 -97.29
N LEU VB 121 105.97 -36.75 -98.41
CA LEU VB 121 104.78 -37.59 -98.46
C LEU VB 121 105.16 -39.05 -98.65
N SER VB 122 104.34 -39.93 -98.09
CA SER VB 122 104.60 -41.37 -98.17
C SER VB 122 103.27 -42.11 -98.20
N LEU VB 123 103.34 -43.40 -98.48
CA LEU VB 123 102.14 -44.22 -98.54
C LEU VB 123 101.52 -44.45 -97.17
N LYS VB 124 102.30 -44.30 -96.11
CA LYS VB 124 101.77 -44.48 -94.75
C LYS VB 124 101.26 -43.17 -94.16
N LYS VB 125 101.85 -42.03 -94.53
CA LYS VB 125 101.40 -40.71 -94.09
C LYS VB 125 101.22 -39.85 -95.33
N PRO VB 126 100.06 -39.92 -95.98
CA PRO VB 126 99.89 -39.29 -97.30
C PRO VB 126 99.68 -37.79 -97.27
N SER VB 127 99.37 -37.19 -96.13
CA SER VB 127 98.96 -35.79 -96.07
C SER VB 127 99.99 -34.94 -95.34
N ALA VB 128 100.08 -33.68 -95.73
CA ALA VB 128 100.97 -32.72 -95.10
C ALA VB 128 100.41 -31.32 -95.29
N VAL VB 129 100.87 -30.40 -94.45
CA VAL VB 129 100.45 -29.00 -94.48
C VAL VB 129 101.69 -28.13 -94.62
N ILE VB 130 101.67 -27.20 -95.59
CA ILE VB 130 102.81 -26.34 -95.87
C ILE VB 130 102.36 -24.89 -95.83
N ILE VB 131 103.34 -23.99 -95.73
CA ILE VB 131 103.12 -22.56 -95.64
C ILE VB 131 103.93 -21.87 -96.73
N LEU VB 132 103.29 -20.98 -97.48
CA LEU VB 132 103.97 -20.14 -98.47
C LEU VB 132 103.83 -18.69 -98.05
N ASP VB 133 104.96 -17.98 -98.02
CA ASP VB 133 104.98 -16.60 -97.52
C ASP VB 133 105.65 -15.63 -98.50
N ASN VB 134 105.93 -14.42 -98.03
CA ASN VB 134 106.47 -13.37 -98.90
C ASN VB 134 107.77 -13.79 -99.57
N ASP VB 135 108.59 -14.58 -98.88
CA ASP VB 135 109.87 -14.98 -99.46
C ASP VB 135 109.69 -15.94 -100.64
N ASP VB 136 108.67 -16.80 -100.58
CA ASP VB 136 108.48 -17.79 -101.64
C ASP VB 136 108.00 -17.14 -102.93
N TYR VB 137 107.14 -16.13 -102.84
CA TYR VB 137 106.52 -15.53 -104.00
C TYR VB 137 107.50 -14.69 -104.81
N SER VB 138 108.46 -15.34 -105.46
CA SER VB 138 109.36 -14.66 -106.37
C SER VB 138 108.64 -14.34 -107.68
N SER VB 139 109.12 -13.29 -108.36
CA SER VB 139 108.43 -12.65 -109.48
C SER VB 139 107.06 -12.13 -109.09
N THR VB 140 106.74 -12.15 -107.79
CA THR VB 140 105.54 -11.57 -107.19
C THR VB 140 104.26 -12.27 -107.61
N ASN VB 141 104.35 -13.30 -108.47
CA ASN VB 141 103.14 -13.88 -109.04
C ASN VB 141 103.08 -15.40 -109.07
N LYS VB 142 104.16 -16.12 -108.79
CA LYS VB 142 104.10 -17.57 -108.98
C LYS VB 142 105.03 -18.31 -108.03
N ILE VB 143 104.67 -19.56 -107.77
CA ILE VB 143 105.45 -20.51 -106.98
C ILE VB 143 105.84 -21.68 -107.88
N GLN VB 144 107.10 -22.12 -107.77
CA GLN VB 144 107.59 -23.29 -108.48
C GLN VB 144 108.01 -24.35 -107.47
N LEU VB 145 107.47 -25.55 -107.62
CA LEU VB 145 107.74 -26.68 -106.72
C LEU VB 145 107.99 -27.92 -107.55
N LYS VB 146 109.21 -28.46 -107.48
CA LYS VB 146 109.50 -29.74 -108.09
C LYS VB 146 109.28 -30.89 -107.11
N VAL VB 147 109.12 -32.09 -107.66
CA VAL VB 147 108.79 -33.30 -106.91
C VAL VB 147 109.97 -34.24 -106.95
N GLU VB 148 110.33 -34.80 -105.81
CA GLU VB 148 111.42 -35.76 -105.73
C GLU VB 148 110.89 -37.07 -105.19
N ALA VB 149 111.23 -38.17 -105.86
CA ALA VB 149 110.66 -39.48 -105.56
C ALA VB 149 111.75 -40.47 -105.17
N TYR VB 150 111.46 -41.27 -104.14
CA TYR VB 150 112.25 -42.42 -103.76
C TYR VB 150 111.33 -43.62 -103.68
N TYR VB 151 111.78 -44.78 -104.16
CA TYR VB 151 110.87 -45.89 -104.35
C TYR VB 151 111.62 -47.22 -104.30
N GLU VB 152 110.87 -48.29 -104.05
CA GLU VB 152 111.32 -49.65 -104.24
C GLU VB 152 110.14 -50.46 -104.77
N ALA VB 153 110.33 -51.11 -105.91
CA ALA VB 153 109.25 -51.84 -106.57
C ALA VB 153 109.09 -53.23 -105.97
N LYS VB 154 107.87 -53.76 -106.09
CA LYS VB 154 107.59 -55.11 -105.62
C LYS VB 154 108.31 -56.14 -106.49
N GLU VB 155 108.60 -57.29 -105.88
CA GLU VB 155 109.37 -58.34 -106.54
C GLU VB 155 108.48 -59.07 -107.55
N GLY VB 156 108.90 -59.09 -108.81
CA GLY VB 156 108.23 -59.88 -109.82
C GLY VB 156 106.91 -59.33 -110.30
N MET VB 157 106.66 -58.03 -110.15
CA MET VB 157 105.41 -57.42 -110.57
C MET VB 157 105.65 -56.58 -111.82
N LEU VB 158 104.86 -56.83 -112.86
CA LEU VB 158 104.97 -56.11 -114.13
C LEU VB 158 103.67 -55.39 -114.43
N PHE VB 159 103.78 -54.16 -114.90
CA PHE VB 159 102.62 -53.33 -115.16
C PHE VB 159 103.04 -52.15 -116.05
N ASP VB 160 102.05 -51.41 -116.52
CA ASP VB 160 102.28 -50.23 -117.33
C ASP VB 160 101.06 -49.33 -117.25
N SER VB 161 101.28 -48.04 -117.56
CA SER VB 161 100.21 -47.04 -117.59
C SER VB 161 99.48 -46.94 -116.25
N LEU VB 162 100.24 -46.64 -115.20
CA LEU VB 162 99.69 -46.47 -113.86
C LEU VB 162 99.84 -45.02 -113.42
N PRO VB 163 98.75 -44.31 -113.14
CA PRO VB 163 98.84 -42.89 -112.79
C PRO VB 163 99.07 -42.65 -111.31
N VAL VB 164 99.73 -41.52 -111.03
CA VAL VB 164 99.92 -41.01 -109.68
C VAL VB 164 99.27 -39.64 -109.58
N ILE VB 165 98.42 -39.45 -108.58
CA ILE VB 165 97.56 -38.28 -108.48
C ILE VB 165 97.85 -37.55 -107.18
N LEU VB 166 97.95 -36.23 -107.24
CA LEU VB 166 98.10 -35.36 -106.08
C LEU VB 166 96.97 -34.35 -106.06
N ASN VB 167 96.52 -33.98 -104.87
CA ASN VB 167 95.40 -33.07 -104.68
C ASN VB 167 95.81 -31.89 -103.81
N PHE VB 168 95.21 -30.74 -104.07
CA PHE VB 168 95.48 -29.51 -103.33
C PHE VB 168 94.19 -28.95 -102.76
N GLN VB 169 94.24 -28.44 -101.53
CA GLN VB 169 93.10 -27.80 -100.90
C GLN VB 169 93.59 -26.59 -100.10
N VAL VB 170 92.85 -25.49 -100.22
CA VAL VB 170 93.18 -24.24 -99.55
C VAL VB 170 92.48 -24.21 -98.20
N LEU VB 171 93.24 -23.94 -97.14
CA LEU VB 171 92.70 -23.86 -95.79
C LEU VB 171 92.50 -22.42 -95.32
N SER VB 172 93.40 -21.52 -95.68
CA SER VB 172 93.29 -20.12 -95.27
C SER VB 172 94.18 -19.28 -96.16
N VAL VB 173 93.70 -18.08 -96.50
CA VAL VB 173 94.46 -17.13 -97.30
C VAL VB 173 94.33 -15.75 -96.68
N SER VB 174 95.39 -14.96 -96.80
CA SER VB 174 95.40 -13.60 -96.26
C SER VB 174 96.28 -12.68 -97.09
N THR WB 26 31.60 20.58 -104.97
CA THR WB 26 32.22 20.23 -103.70
C THR WB 26 32.59 18.75 -103.69
N THR WB 27 33.79 18.44 -104.17
CA THR WB 27 34.27 17.06 -104.26
C THR WB 27 35.56 16.92 -103.46
N GLN WB 28 35.65 15.86 -102.67
CA GLN WB 28 36.82 15.57 -101.86
C GLN WB 28 37.62 14.46 -102.53
N SER WB 29 38.91 14.72 -102.78
CA SER WB 29 39.71 13.75 -103.51
C SER WB 29 40.70 13.05 -102.57
N PRO WB 30 40.97 11.76 -102.80
CA PRO WB 30 41.94 11.05 -101.96
C PRO WB 30 43.39 11.28 -102.39
N LEU WB 31 43.63 11.72 -103.63
CA LEU WB 31 44.96 12.11 -104.11
C LEU WB 31 45.92 10.91 -104.10
N ASN WB 32 45.48 9.78 -104.64
CA ASN WB 32 46.33 8.61 -104.74
C ASN WB 32 46.13 7.86 -106.05
N SER WB 33 45.63 8.54 -107.08
CA SER WB 33 45.36 7.92 -108.38
C SER WB 33 46.51 8.16 -109.36
N PHE WB 34 47.68 7.63 -109.01
CA PHE WB 34 48.86 7.73 -109.84
C PHE WB 34 49.61 6.41 -109.84
N TYR WB 35 50.03 5.97 -111.02
CA TYR WB 35 50.68 4.66 -111.16
C TYR WB 35 51.73 4.71 -112.25
N ALA WB 36 52.67 3.75 -112.16
CA ALA WB 36 53.69 3.54 -113.18
C ALA WB 36 54.00 2.05 -113.22
N THR WB 37 54.26 1.52 -114.41
CA THR WB 37 54.35 0.08 -114.62
C THR WB 37 55.59 -0.30 -115.41
N GLY WB 38 56.22 -1.40 -115.01
CA GLY WB 38 57.31 -2.00 -115.76
C GLY WB 38 57.09 -3.48 -115.96
N THR WB 39 58.09 -4.19 -116.50
CA THR WB 39 57.96 -5.61 -116.79
C THR WB 39 59.29 -6.31 -116.55
N ALA WB 40 59.22 -7.63 -116.40
CA ALA WB 40 60.40 -8.47 -116.23
C ALA WB 40 60.10 -9.87 -116.75
N GLN WB 41 61.16 -10.62 -117.05
CA GLN WB 41 61.00 -11.96 -117.59
C GLN WB 41 62.29 -12.75 -117.42
N ALA WB 42 62.16 -14.07 -117.57
CA ALA WB 42 63.31 -14.98 -117.56
C ALA WB 42 62.88 -16.26 -118.28
N VAL WB 43 63.40 -16.48 -119.48
CA VAL WB 43 62.87 -17.52 -120.36
C VAL WB 43 63.95 -18.48 -120.87
N GLN WB 44 65.05 -18.64 -120.13
CA GLN WB 44 66.08 -19.59 -120.55
C GLN WB 44 66.87 -20.07 -119.35
N GLU WB 45 67.44 -21.27 -119.49
CA GLU WB 45 68.27 -21.89 -118.46
C GLU WB 45 69.68 -21.31 -118.48
N PRO WB 46 70.37 -21.33 -117.34
CA PRO WB 46 71.69 -20.66 -117.28
C PRO WB 46 72.71 -21.19 -118.27
N ILE WB 47 72.76 -22.49 -118.52
CA ILE WB 47 73.82 -23.08 -119.32
C ILE WB 47 73.23 -23.98 -120.40
N ASP WB 48 74.05 -24.24 -121.42
CA ASP WB 48 73.74 -25.21 -122.47
C ASP WB 48 74.96 -26.09 -122.67
N VAL WB 49 74.74 -27.38 -122.88
CA VAL WB 49 75.81 -28.37 -122.91
C VAL WB 49 75.74 -29.14 -124.22
N GLU WB 50 76.88 -29.27 -124.89
CA GLU WB 50 76.99 -30.02 -126.15
C GLU WB 50 78.17 -30.98 -126.06
N SER WB 51 78.02 -32.17 -126.61
CA SER WB 51 78.98 -33.26 -126.46
C SER WB 51 79.69 -33.54 -127.78
N HIS WB 52 80.99 -33.85 -127.69
CA HIS WB 52 81.80 -34.23 -128.85
C HIS WB 52 82.73 -35.39 -128.50
N LEU WB 53 82.19 -36.40 -127.80
CA LEU WB 53 82.98 -37.57 -127.43
C LEU WB 53 82.89 -38.58 -128.57
N ASP WB 54 83.88 -38.54 -129.46
CA ASP WB 54 83.89 -39.36 -130.68
C ASP WB 54 85.13 -40.24 -130.76
N ASN WB 55 85.51 -40.86 -129.65
CA ASN WB 55 86.58 -41.86 -129.65
C ASN WB 55 86.12 -43.08 -128.86
N THR WB 56 86.65 -44.23 -129.23
CA THR WB 56 86.21 -45.51 -128.67
C THR WB 56 87.37 -46.17 -127.92
N ILE WB 57 87.09 -46.61 -126.70
CA ILE WB 57 88.05 -47.41 -125.93
C ILE WB 57 87.98 -48.83 -126.49
N ALA WB 58 88.99 -49.20 -127.28
CA ALA WB 58 89.01 -50.49 -127.98
C ALA WB 58 90.32 -51.22 -127.70
N PRO WB 59 90.48 -51.77 -126.50
CA PRO WB 59 91.63 -52.62 -126.22
C PRO WB 59 91.33 -54.09 -126.47
N ALA WB 60 92.36 -54.92 -126.34
CA ALA WB 60 92.17 -56.36 -126.36
C ALA WB 60 91.65 -56.83 -125.01
N ALA WB 61 91.19 -58.08 -124.97
CA ALA WB 61 90.63 -58.63 -123.74
C ALA WB 61 91.72 -58.77 -122.68
N GLY WB 62 91.48 -58.18 -121.51
CA GLY WB 62 92.40 -58.28 -120.39
C GLY WB 62 93.59 -57.36 -120.44
N ALA WB 63 93.61 -56.40 -121.36
CA ALA WB 63 94.76 -55.52 -121.54
C ALA WB 63 94.65 -54.29 -120.66
N GLN WB 64 95.80 -53.69 -120.37
CA GLN WB 64 95.89 -52.43 -119.63
C GLN WB 64 96.26 -51.32 -120.61
N GLY WB 65 95.50 -50.23 -120.60
CA GLY WB 65 95.64 -49.25 -121.65
C GLY WB 65 95.65 -47.78 -121.23
N TYR WB 66 95.54 -46.91 -122.24
CA TYR WB 66 95.67 -45.46 -122.06
C TYR WB 66 95.04 -44.78 -123.28
N LYS WB 67 93.98 -44.00 -123.08
CA LYS WB 67 93.20 -43.50 -124.20
C LYS WB 67 92.58 -42.16 -123.85
N ASP WB 68 92.38 -41.34 -124.88
CA ASP WB 68 91.63 -40.09 -124.78
C ASP WB 68 90.34 -40.22 -125.58
N MET WB 69 89.35 -39.38 -125.26
CA MET WB 69 87.99 -39.57 -125.77
C MET WB 69 87.50 -38.41 -126.63
N GLY WB 70 87.61 -37.19 -126.16
CA GLY WB 70 87.04 -36.04 -126.86
C GLY WB 70 86.92 -34.86 -125.90
N TYR WB 71 85.99 -33.97 -126.23
CA TYR WB 71 85.78 -32.78 -125.40
C TYR WB 71 84.31 -32.41 -125.38
N VAL WB 72 83.94 -31.61 -124.38
CA VAL WB 72 82.56 -31.20 -124.14
C VAL WB 72 82.52 -29.68 -124.05
N LYS WB 73 81.48 -29.09 -124.67
CA LYS WB 73 81.33 -27.64 -124.70
C LYS WB 73 80.20 -27.20 -123.76
N ILE WB 74 80.45 -26.12 -123.03
CA ILE WB 74 79.48 -25.52 -122.11
C ILE WB 74 79.28 -24.06 -122.51
N ILE WB 75 78.03 -23.62 -122.57
CA ILE WB 75 77.68 -22.27 -123.00
C ILE WB 75 76.97 -21.57 -121.85
N ASN WB 76 77.40 -20.35 -121.54
CA ASN WB 76 76.87 -19.56 -120.44
C ASN WB 76 76.22 -18.28 -120.95
N TYR WB 77 75.12 -17.89 -120.29
CA TYR WB 77 74.16 -16.92 -120.82
C TYR WB 77 74.11 -15.67 -119.93
N THR WB 78 73.12 -14.82 -120.21
CA THR WB 78 73.11 -13.44 -119.72
C THR WB 78 73.20 -13.38 -118.21
N ASP WB 79 74.05 -12.47 -117.71
CA ASP WB 79 74.21 -12.15 -116.30
C ASP WB 79 74.71 -13.34 -115.48
N VAL WB 80 75.44 -14.24 -116.12
CA VAL WB 80 76.04 -15.41 -115.46
C VAL WB 80 77.54 -15.19 -115.39
N ASN WB 81 78.11 -15.40 -114.20
CA ASN WB 81 79.55 -15.24 -114.01
C ASN WB 81 80.22 -16.47 -113.43
N VAL WB 82 79.58 -17.16 -112.48
CA VAL WB 82 80.17 -18.31 -111.81
C VAL WB 82 79.12 -19.42 -111.78
N VAL WB 83 79.54 -20.64 -112.11
CA VAL WB 83 78.66 -21.80 -112.16
C VAL WB 83 79.25 -22.92 -111.31
N LYS WB 84 78.43 -23.54 -110.49
CA LYS WB 84 78.80 -24.71 -109.71
C LYS WB 84 78.12 -25.93 -110.30
N LEU WB 85 78.90 -26.98 -110.58
CA LEU WB 85 78.41 -28.14 -111.30
C LEU WB 85 78.74 -29.42 -110.53
N LYS WB 86 77.92 -30.45 -110.78
CA LYS WB 86 78.14 -31.79 -110.25
C LYS WB 86 78.12 -32.77 -111.41
N VAL WB 87 79.16 -33.59 -111.52
CA VAL WB 87 79.31 -34.55 -112.61
C VAL WB 87 79.38 -35.94 -112.02
N THR WB 88 78.63 -36.86 -112.61
CA THR WB 88 78.54 -38.23 -112.12
C THR WB 88 78.48 -39.20 -113.28
N LEU WB 89 78.80 -40.47 -112.99
CA LEU WB 89 78.69 -41.56 -113.96
C LEU WB 89 77.32 -42.20 -113.80
N ALA WB 90 76.49 -42.08 -114.83
CA ALA WB 90 75.10 -42.52 -114.73
C ALA WB 90 74.97 -44.04 -114.76
N ASN WB 91 75.79 -44.72 -115.55
CA ASN WB 91 75.65 -46.16 -115.73
C ASN WB 91 76.87 -46.91 -115.21
N ALA WB 92 77.34 -46.54 -114.02
CA ALA WB 92 78.49 -47.21 -113.43
C ALA WB 92 78.18 -48.66 -113.09
N ALA WB 93 76.94 -48.94 -112.68
CA ALA WB 93 76.56 -50.30 -112.32
C ALA WB 93 76.65 -51.24 -113.51
N GLN WB 94 76.25 -50.77 -114.70
CA GLN WB 94 76.30 -51.60 -115.89
C GLN WB 94 77.73 -51.91 -116.30
N LEU WB 95 78.66 -50.96 -116.10
CA LEU WB 95 80.04 -51.11 -116.52
C LEU WB 95 80.87 -51.95 -115.56
N ARG WB 96 80.37 -52.25 -114.36
CA ARG WB 96 81.15 -53.01 -113.40
C ARG WB 96 81.58 -54.39 -113.88
N PRO WB 97 80.71 -55.24 -114.45
CA PRO WB 97 81.16 -56.58 -114.86
C PRO WB 97 82.18 -56.59 -115.98
N TYR WB 98 82.39 -55.46 -116.66
CA TYR WB 98 83.28 -55.42 -117.82
C TYR WB 98 84.66 -54.88 -117.52
N PHE WB 99 84.88 -54.27 -116.35
CA PHE WB 99 86.15 -53.62 -116.04
C PHE WB 99 86.58 -53.93 -114.61
N LYS WB 100 87.88 -54.10 -114.43
CA LYS WB 100 88.44 -54.12 -113.09
C LYS WB 100 88.53 -52.72 -112.50
N TYR WB 101 88.91 -51.73 -113.32
CA TYR WB 101 88.91 -50.34 -112.89
C TYR WB 101 88.81 -49.45 -114.12
N LEU WB 102 88.30 -48.24 -113.92
CA LEU WB 102 88.15 -47.27 -114.99
C LEU WB 102 88.11 -45.88 -114.38
N GLN WB 103 89.03 -45.01 -114.81
CA GLN WB 103 89.16 -43.67 -114.25
C GLN WB 103 89.07 -42.64 -115.36
N LEU WB 104 88.35 -41.55 -115.09
CA LEU WB 104 88.17 -40.46 -116.04
C LEU WB 104 88.75 -39.19 -115.45
N VAL WB 105 89.53 -38.47 -116.25
CA VAL WB 105 90.20 -37.24 -115.84
C VAL WB 105 89.66 -36.10 -116.67
N LEU WB 106 89.18 -35.04 -116.00
CA LEU WB 106 88.62 -33.87 -116.65
C LEU WB 106 89.54 -32.68 -116.42
N THR WB 107 89.89 -31.98 -117.50
CA THR WB 107 90.78 -30.83 -117.42
C THR WB 107 90.17 -29.65 -118.17
N SER WB 108 90.30 -28.46 -117.59
CA SER WB 108 89.85 -27.23 -118.23
C SER WB 108 91.04 -26.64 -119.00
N ASN WB 109 90.79 -26.28 -120.27
CA ASN WB 109 91.84 -25.90 -121.20
C ASN WB 109 91.44 -24.64 -121.98
N ALA WB 110 90.16 -24.25 -121.92
CA ALA WB 110 89.63 -23.20 -122.80
C ALA WB 110 90.46 -21.91 -122.72
N SER WB 111 91.10 -21.66 -121.58
CA SER WB 111 92.13 -20.61 -121.47
C SER WB 111 93.47 -21.20 -121.85
N SER WB 112 94.09 -20.64 -122.89
CA SER WB 112 95.38 -21.14 -123.36
C SER WB 112 96.49 -20.94 -122.34
N THR WB 113 96.29 -20.04 -121.36
CA THR WB 113 97.29 -19.79 -120.35
C THR WB 113 97.11 -20.65 -119.10
N VAL WB 114 95.88 -21.03 -118.77
CA VAL WB 114 95.57 -21.75 -117.54
C VAL WB 114 94.94 -23.09 -117.91
N GLU WB 115 95.74 -24.16 -117.89
CA GLU WB 115 95.24 -25.53 -117.96
C GLU WB 115 95.12 -26.09 -116.55
N GLU WB 116 93.95 -26.63 -116.23
CA GLU WB 116 93.72 -27.19 -114.90
C GLU WB 116 92.88 -28.46 -114.98
N THR WB 117 93.33 -29.49 -114.27
CA THR WB 117 92.52 -30.68 -114.04
C THR WB 117 91.58 -30.42 -112.86
N LYS WB 118 90.28 -30.68 -113.06
CA LYS WB 118 89.27 -30.33 -112.07
C LYS WB 118 88.76 -31.50 -111.25
N ALA WB 119 88.59 -32.68 -111.86
CA ALA WB 119 88.03 -33.81 -111.13
C ALA WB 119 88.53 -35.11 -111.73
N VAL WB 120 88.49 -36.17 -110.92
CA VAL WB 120 88.80 -37.52 -111.33
C VAL WB 120 87.63 -38.41 -110.93
N LEU WB 121 87.06 -39.13 -111.89
CA LEU WB 121 85.93 -40.01 -111.65
C LEU WB 121 86.36 -41.46 -111.79
N SER WB 122 85.70 -42.33 -111.01
CA SER WB 122 86.03 -43.75 -111.00
C SER WB 122 84.75 -44.54 -110.73
N LEU WB 123 84.85 -45.86 -110.90
CA LEU WB 123 83.70 -46.72 -110.67
C LEU WB 123 83.36 -46.85 -109.19
N LYS WB 124 84.29 -46.56 -108.30
CA LYS WB 124 84.04 -46.62 -106.86
C LYS WB 124 83.56 -45.28 -106.30
N LYS WB 125 84.01 -44.18 -106.88
CA LYS WB 125 83.58 -42.83 -106.48
C LYS WB 125 83.14 -42.10 -107.74
N PRO WB 126 81.88 -42.28 -108.14
CA PRO WB 126 81.44 -41.78 -109.47
C PRO WB 126 81.15 -40.30 -109.54
N SER WB 127 81.02 -39.60 -108.41
CA SER WB 127 80.54 -38.22 -108.40
C SER WB 127 81.64 -37.27 -107.94
N ALA WB 128 81.58 -36.04 -108.47
CA ALA WB 128 82.52 -35.00 -108.09
C ALA WB 128 81.87 -33.64 -108.30
N VAL WB 129 82.41 -32.63 -107.64
CA VAL WB 129 81.91 -31.26 -107.71
C VAL WB 129 83.05 -30.35 -108.16
N ILE WB 130 82.81 -29.53 -109.18
CA ILE WB 130 83.82 -28.66 -109.75
C ILE WB 130 83.32 -27.22 -109.75
N ILE WB 131 84.25 -26.29 -109.91
CA ILE WB 131 83.96 -24.86 -109.91
C ILE WB 131 84.53 -24.25 -111.19
N LEU WB 132 83.72 -23.46 -111.88
CA LEU WB 132 84.15 -22.70 -113.04
C LEU WB 132 84.02 -21.21 -112.73
N ASP WB 133 85.08 -20.46 -112.98
CA ASP WB 133 85.12 -19.05 -112.61
C ASP WB 133 85.53 -18.15 -113.78
N ASN WB 134 85.84 -16.88 -113.48
CA ASN WB 134 86.15 -15.90 -114.52
C ASN WB 134 87.33 -16.33 -115.38
N ASP WB 135 88.30 -17.03 -114.80
CA ASP WB 135 89.48 -17.43 -115.56
C ASP WB 135 89.15 -18.50 -116.59
N ASP WB 136 88.20 -19.39 -116.27
CA ASP WB 136 87.88 -20.48 -117.19
C ASP WB 136 87.14 -19.98 -118.42
N TYR WB 137 86.26 -19.00 -118.25
CA TYR WB 137 85.40 -18.54 -119.34
C TYR WB 137 86.17 -17.75 -120.38
N SER WB 138 87.03 -18.42 -121.14
CA SER WB 138 87.72 -17.79 -122.26
C SER WB 138 86.75 -17.63 -123.43
N SER WB 139 87.04 -16.64 -124.27
CA SER WB 139 86.14 -16.14 -125.31
C SER WB 139 84.83 -15.62 -124.72
N THR WB 140 84.75 -15.53 -123.39
CA THR WB 140 83.64 -14.95 -122.63
C THR WB 140 82.35 -15.73 -122.74
N ASN WB 141 82.34 -16.84 -123.51
CA ASN WB 141 81.09 -17.51 -123.80
C ASN WB 141 81.11 -19.04 -123.69
N LYS WB 142 82.25 -19.69 -123.54
CA LYS WB 142 82.25 -21.15 -123.59
C LYS WB 142 83.38 -21.75 -122.77
N ILE WB 143 83.14 -22.99 -122.33
CA ILE WB 143 84.10 -23.82 -121.63
C ILE WB 143 84.39 -25.06 -122.47
N GLN WB 144 85.66 -25.44 -122.55
CA GLN WB 144 86.09 -26.65 -123.24
C GLN WB 144 86.74 -27.59 -122.24
N LEU WB 145 86.25 -28.82 -122.17
CA LEU WB 145 86.74 -29.85 -121.24
C LEU WB 145 86.90 -31.15 -122.00
N LYS WB 146 88.15 -31.63 -122.10
CA LYS WB 146 88.40 -32.95 -122.64
C LYS WB 146 88.42 -34.01 -121.54
N VAL WB 147 88.23 -35.26 -121.95
CA VAL WB 147 88.11 -36.40 -121.04
C VAL WB 147 89.32 -37.29 -121.23
N GLU WB 148 89.91 -37.73 -120.10
CA GLU WB 148 91.05 -38.63 -120.15
C GLU WB 148 90.69 -39.91 -119.41
N ALA WB 149 90.98 -41.05 -120.04
CA ALA WB 149 90.54 -42.35 -119.53
C ALA WB 149 91.73 -43.25 -119.26
N TYR WB 150 91.68 -43.96 -118.13
CA TYR WB 150 92.60 -45.05 -117.79
C TYR WB 150 91.77 -46.26 -117.44
N TYR WB 151 92.19 -47.43 -117.90
CA TYR WB 151 91.33 -48.60 -117.80
C TYR WB 151 92.15 -49.88 -117.79
N GLU WB 152 91.51 -50.95 -117.31
CA GLU WB 152 91.99 -52.32 -117.45
C GLU WB 152 90.79 -53.21 -117.69
N ALA WB 153 90.80 -53.97 -118.78
CA ALA WB 153 89.67 -54.79 -119.17
C ALA WB 153 89.69 -56.13 -118.43
N LYS WB 154 88.51 -56.71 -118.27
CA LYS WB 154 88.39 -58.02 -117.64
C LYS WB 154 89.00 -59.10 -118.53
N GLU WB 155 89.47 -60.18 -117.89
CA GLU WB 155 90.15 -61.26 -118.59
C GLU WB 155 89.14 -62.11 -119.35
N GLY WB 156 89.34 -62.24 -120.65
CA GLY WB 156 88.54 -63.14 -121.46
C GLY WB 156 87.12 -62.69 -121.73
N MET WB 157 86.83 -61.40 -121.64
CA MET WB 157 85.50 -60.87 -121.88
C MET WB 157 85.46 -60.16 -123.23
N LEU WB 158 84.51 -60.53 -124.07
CA LEU WB 158 84.35 -59.95 -125.40
C LEU WB 158 82.98 -59.31 -125.52
N PHE WB 159 82.94 -58.12 -126.12
CA PHE WB 159 81.70 -57.36 -126.22
C PHE WB 159 81.89 -56.27 -127.27
N ASP WB 160 80.78 -55.62 -127.61
CA ASP WB 160 80.80 -54.50 -128.56
C ASP WB 160 79.57 -53.65 -128.33
N SER WB 161 79.65 -52.39 -128.78
CA SER WB 161 78.53 -51.45 -128.71
C SER WB 161 78.06 -51.25 -127.27
N LEU WB 162 78.98 -50.81 -126.41
CA LEU WB 162 78.67 -50.54 -125.01
C LEU WB 162 78.81 -49.04 -124.74
N PRO WB 163 77.75 -48.36 -124.33
CA PRO WB 163 77.83 -46.90 -124.13
C PRO WB 163 78.31 -46.51 -122.74
N VAL WB 164 78.93 -45.33 -122.68
CA VAL WB 164 79.35 -44.69 -121.44
C VAL WB 164 78.64 -43.34 -121.36
N ILE WB 165 77.98 -43.09 -120.23
CA ILE WB 165 77.08 -41.95 -120.08
C ILE WB 165 77.56 -41.09 -118.91
N LEU WB 166 77.58 -39.78 -119.12
CA LEU WB 166 77.88 -38.81 -118.08
C LEU WB 166 76.71 -37.84 -117.94
N ASN WB 167 76.47 -37.37 -116.71
CA ASN WB 167 75.35 -36.50 -116.42
C ASN WB 167 75.84 -35.22 -115.73
N PHE WB 168 75.14 -34.11 -115.98
CA PHE WB 168 75.48 -32.82 -115.41
C PHE WB 168 74.27 -32.25 -114.67
N GLN WB 169 74.52 -31.62 -113.53
CA GLN WB 169 73.47 -30.97 -112.76
C GLN WB 169 74.02 -29.68 -112.17
N VAL WB 170 73.21 -28.62 -112.25
CA VAL WB 170 73.59 -27.30 -111.75
C VAL WB 170 73.14 -27.17 -110.31
N LEU WB 171 74.07 -26.78 -109.44
CA LEU WB 171 73.77 -26.58 -108.02
C LEU WB 171 73.58 -25.11 -107.65
N SER WB 172 74.35 -24.21 -108.24
CA SER WB 172 74.24 -22.79 -107.95
C SER WB 172 74.90 -21.99 -109.07
N VAL WB 173 74.31 -20.86 -109.41
CA VAL WB 173 74.85 -19.96 -110.42
C VAL WB 173 74.76 -18.53 -109.90
N SER WB 174 75.74 -17.71 -110.29
CA SER WB 174 75.77 -16.32 -109.88
C SER WB 174 76.44 -15.45 -110.94
N THR XB 26 9.61 14.33 -109.67
CA THR XB 26 10.47 14.12 -108.51
C THR XB 26 10.92 12.66 -108.43
N THR XB 27 12.03 12.35 -109.10
CA THR XB 27 12.57 11.00 -109.15
C THR XB 27 13.99 10.99 -108.60
N GLN XB 28 14.27 10.01 -107.75
CA GLN XB 28 15.58 9.85 -107.14
C GLN XB 28 16.31 8.71 -107.84
N SER XB 29 17.51 8.99 -108.35
CA SER XB 29 18.23 7.99 -109.12
C SER XB 29 19.41 7.43 -108.33
N PRO XB 30 19.70 6.13 -108.48
CA PRO XB 30 20.85 5.55 -107.79
C PRO XB 30 22.18 5.78 -108.49
N LEU XB 31 22.17 6.12 -109.78
CA LEU XB 31 23.36 6.51 -110.53
C LEU XB 31 24.39 5.36 -110.60
N ASN XB 32 23.91 4.17 -110.95
CA ASN XB 32 24.80 3.02 -111.09
C ASN XB 32 24.41 2.15 -112.29
N SER XB 33 23.69 2.70 -113.25
CA SER XB 33 23.22 1.94 -114.42
C SER XB 33 24.17 2.13 -115.61
N PHE XB 34 25.41 1.69 -115.44
CA PHE XB 34 26.42 1.76 -116.49
C PHE XB 34 27.22 0.47 -116.51
N TYR XB 35 27.46 -0.08 -117.70
CA TYR XB 35 28.14 -1.36 -117.83
C TYR XB 35 28.98 -1.38 -119.10
N ALA XB 36 29.95 -2.28 -119.11
CA ALA XB 36 30.80 -2.56 -120.27
C ALA XB 36 31.18 -4.02 -120.23
N THR XB 37 31.25 -4.65 -121.41
CA THR XB 37 31.37 -6.10 -121.49
C THR XB 37 32.47 -6.51 -122.47
N GLY XB 38 33.23 -7.53 -122.09
CA GLY XB 38 34.20 -8.16 -122.98
C GLY XB 38 34.03 -9.67 -123.00
N THR XB 39 34.96 -10.38 -123.66
CA THR XB 39 34.86 -11.83 -123.78
C THR XB 39 36.24 -12.45 -123.74
N ALA XB 40 36.27 -13.76 -123.47
CA ALA XB 40 37.51 -14.52 -123.44
C ALA XB 40 37.20 -15.98 -123.77
N GLN XB 41 38.23 -16.71 -124.19
CA GLN XB 41 38.05 -18.11 -124.57
C GLN XB 41 39.39 -18.82 -124.57
N ALA XB 42 39.32 -20.16 -124.58
CA ALA XB 42 40.50 -21.01 -124.71
C ALA XB 42 40.02 -22.36 -125.21
N VAL XB 43 40.32 -22.69 -126.47
CA VAL XB 43 39.71 -23.83 -127.13
C VAL XB 43 40.73 -24.78 -127.75
N GLN XB 44 41.96 -24.83 -127.21
CA GLN XB 44 42.93 -25.77 -127.74
C GLN XB 44 43.97 -26.10 -126.67
N GLU XB 45 44.56 -27.29 -126.80
CA GLU XB 45 45.59 -27.77 -125.89
C GLU XB 45 46.95 -27.14 -126.22
N PRO XB 46 47.84 -27.02 -125.23
CA PRO XB 46 49.10 -26.31 -125.48
C PRO XB 46 49.95 -26.88 -126.59
N ILE XB 47 50.03 -28.20 -126.72
CA ILE XB 47 50.96 -28.83 -127.66
C ILE XB 47 50.24 -29.84 -128.52
N ASP XB 48 50.87 -30.17 -129.64
CA ASP XB 48 50.44 -31.24 -130.53
C ASP XB 48 51.65 -32.09 -130.87
N VAL XB 49 51.46 -33.42 -130.92
CA VAL XB 49 52.57 -34.35 -131.07
C VAL XB 49 52.31 -35.25 -132.27
N GLU XB 50 53.32 -35.41 -133.13
CA GLU XB 50 53.24 -36.26 -134.30
C GLU XB 50 54.47 -37.15 -134.36
N SER XB 51 54.28 -38.41 -134.76
CA SER XB 51 55.32 -39.43 -134.70
C SER XB 51 55.80 -39.81 -136.09
N HIS XB 52 57.10 -40.06 -136.22
CA HIS XB 52 57.71 -40.52 -137.46
C HIS XB 52 58.75 -41.60 -137.19
N LEU XB 53 58.42 -42.56 -136.32
CA LEU XB 53 59.33 -43.66 -136.00
C LEU XB 53 59.09 -44.77 -137.02
N ASP XB 54 59.89 -44.79 -138.07
CA ASP XB 54 59.73 -45.71 -139.19
C ASP XB 54 60.98 -46.54 -139.43
N ASN XB 55 61.59 -47.04 -138.35
CA ASN XB 55 62.69 -47.99 -138.46
C ASN XB 55 62.45 -49.15 -137.50
N THR XB 56 62.96 -50.31 -137.86
CA THR XB 56 62.72 -51.55 -137.12
C THR XB 56 64.03 -52.08 -136.54
N ILE XB 57 64.00 -52.41 -135.25
CA ILE XB 57 65.11 -53.10 -134.61
C ILE XB 57 65.03 -54.56 -135.01
N ALA XB 58 65.90 -54.97 -135.94
CA ALA XB 58 65.87 -56.32 -136.51
C ALA XB 58 67.25 -56.96 -136.42
N PRO XB 59 67.65 -57.39 -135.23
CA PRO XB 59 68.89 -58.16 -135.09
C PRO XB 59 68.61 -59.67 -135.15
N ALA XB 60 69.70 -60.43 -135.14
CA ALA XB 60 69.60 -61.87 -134.99
C ALA XB 60 69.35 -62.23 -133.53
N ALA XB 61 68.99 -63.49 -133.30
CA ALA XB 61 68.68 -63.95 -131.94
C ALA XB 61 69.94 -63.94 -131.09
N GLY XB 62 69.89 -63.24 -129.96
CA GLY XB 62 70.99 -63.21 -129.03
C GLY XB 62 72.11 -62.25 -129.38
N ALA XB 63 71.91 -61.38 -130.37
CA ALA XB 63 72.96 -60.48 -130.83
C ALA XB 63 72.93 -59.16 -130.05
N GLN XB 64 74.08 -58.49 -130.04
CA GLN XB 64 74.24 -57.18 -129.44
C GLN XB 64 74.36 -56.15 -130.57
N GLY XB 65 73.55 -55.09 -130.50
CA GLY XB 65 73.46 -54.20 -131.65
C GLY XB 65 73.45 -52.71 -131.37
N TYR XB 66 73.11 -51.94 -132.41
CA TYR XB 66 73.18 -50.48 -132.40
C TYR XB 66 72.31 -49.95 -133.53
N LYS XB 67 71.27 -49.19 -133.20
CA LYS XB 67 70.27 -48.85 -134.20
C LYS XB 67 69.65 -47.49 -133.86
N ASP XB 68 69.22 -46.79 -134.90
CA ASP XB 68 68.43 -45.57 -134.78
C ASP XB 68 67.02 -45.83 -135.31
N MET XB 69 66.06 -45.00 -134.89
CA MET XB 69 64.65 -45.28 -135.12
C MET XB 69 63.95 -44.24 -135.98
N GLY XB 70 64.06 -42.97 -135.64
CA GLY XB 70 63.32 -41.92 -136.33
C GLY XB 70 63.31 -40.67 -135.48
N TYR XB 71 62.28 -39.84 -135.70
CA TYR XB 71 62.17 -38.58 -134.95
C TYR XB 71 60.71 -38.27 -134.70
N VAL XB 72 60.48 -37.39 -133.71
CA VAL XB 72 59.14 -37.02 -133.27
C VAL XB 72 59.01 -35.50 -133.31
N LYS XB 73 57.87 -35.01 -133.76
CA LYS XB 73 57.62 -33.58 -133.89
C LYS XB 73 56.66 -33.09 -132.82
N ILE XB 74 56.97 -31.94 -132.24
CA ILE XB 74 56.15 -31.30 -131.21
C ILE XB 74 55.81 -29.89 -131.69
N ILE XB 75 54.55 -29.51 -131.56
CA ILE XB 75 54.06 -28.22 -132.03
C ILE XB 75 53.51 -27.43 -130.84
N ASN XB 76 53.92 -26.17 -130.73
CA ASN XB 76 53.56 -25.31 -129.61
C ASN XB 76 52.76 -24.11 -130.11
N TYR XB 77 51.77 -23.70 -129.30
CA TYR XB 77 50.69 -22.83 -129.71
C TYR XB 77 50.73 -21.50 -128.96
N THR XB 78 49.66 -20.72 -129.12
CA THR XB 78 49.64 -19.31 -128.76
C THR XB 78 50.00 -19.09 -127.30
N ASP XB 79 50.87 -18.10 -127.06
CA ASP XB 79 51.26 -17.64 -125.72
C ASP XB 79 51.98 -18.73 -124.92
N VAL XB 80 52.64 -19.65 -125.59
CA VAL XB 80 53.40 -20.73 -124.95
C VAL XB 80 54.88 -20.46 -125.18
N ASN XB 81 55.66 -20.51 -124.11
CA ASN XB 81 57.10 -20.28 -124.19
C ASN XB 81 57.94 -21.43 -123.64
N VAL XB 82 57.52 -22.04 -122.53
CA VAL XB 82 58.27 -23.10 -121.89
C VAL XB 82 57.32 -24.25 -121.56
N VAL XB 83 57.74 -25.48 -121.86
CA VAL XB 83 56.94 -26.67 -121.64
C VAL XB 83 57.74 -27.67 -120.83
N LYS XB 84 57.09 -28.25 -119.81
CA LYS XB 84 57.67 -29.31 -119.01
C LYS XB 84 56.96 -30.62 -119.35
N LEU XB 85 57.74 -31.65 -119.68
CA LEU XB 85 57.20 -32.89 -120.20
C LEU XB 85 57.73 -34.08 -119.39
N LYS XB 86 56.94 -35.16 -119.40
CA LYS XB 86 57.32 -36.43 -118.81
C LYS XB 86 57.15 -37.53 -119.84
N VAL XB 87 58.21 -38.30 -120.08
CA VAL XB 87 58.21 -39.36 -121.09
C VAL XB 87 58.46 -40.69 -120.40
N THR XB 88 57.66 -41.69 -120.76
CA THR XB 88 57.75 -43.01 -120.13
C THR XB 88 57.54 -44.09 -121.19
N LEU XB 89 57.97 -45.30 -120.85
CA LEU XB 89 57.76 -46.48 -121.68
C LEU XB 89 56.47 -47.16 -121.20
N ALA XB 90 55.46 -47.18 -122.07
CA ALA XB 90 54.14 -47.66 -121.68
C ALA XB 90 54.10 -49.18 -121.55
N ASN XB 91 54.80 -49.89 -122.42
CA ASN XB 91 54.70 -51.35 -122.45
C ASN XB 91 56.03 -52.00 -122.09
N ALA XB 92 56.69 -51.49 -121.05
CA ALA XB 92 57.97 -52.06 -120.62
C ALA XB 92 57.80 -53.49 -120.11
N ALA XB 93 56.67 -53.78 -119.45
CA ALA XB 93 56.45 -55.12 -118.90
C ALA XB 93 56.37 -56.16 -120.01
N GLN XB 94 55.73 -55.81 -121.14
CA GLN XB 94 55.62 -56.76 -122.24
C GLN XB 94 56.97 -57.04 -122.89
N LEU XB 95 57.86 -56.05 -122.93
CA LEU XB 95 59.15 -56.19 -123.59
C LEU XB 95 60.20 -56.89 -122.73
N ARG XB 96 59.93 -57.10 -121.44
CA ARG XB 96 60.92 -57.73 -120.58
C ARG XB 96 61.33 -59.14 -121.00
N PRO XB 97 60.41 -60.06 -121.33
CA PRO XB 97 60.85 -61.42 -121.69
C PRO XB 97 61.66 -61.49 -122.99
N TYR XB 98 61.69 -60.43 -123.78
CA TYR XB 98 62.34 -60.47 -125.08
C TYR XB 98 63.73 -59.84 -125.09
N PHE XB 99 64.11 -59.12 -124.04
CA PHE XB 99 65.38 -58.39 -124.02
C PHE XB 99 66.08 -58.54 -122.68
N LYS XB 100 67.40 -58.64 -122.73
CA LYS XB 100 68.19 -58.52 -121.52
C LYS XB 100 68.30 -57.06 -121.08
N TYR XB 101 68.47 -56.14 -122.03
CA TYR XB 101 68.47 -54.71 -121.74
C TYR XB 101 68.11 -53.95 -123.00
N LEU XB 102 67.57 -52.75 -122.81
CA LEU XB 102 67.18 -51.89 -123.92
C LEU XB 102 67.18 -50.45 -123.44
N GLN XB 103 67.94 -49.60 -124.10
CA GLN XB 103 68.10 -48.21 -123.70
C GLN XB 103 67.76 -47.29 -124.87
N LEU XB 104 67.03 -46.21 -124.56
CA LEU XB 104 66.62 -45.22 -125.56
C LEU XB 104 67.23 -43.88 -125.19
N VAL XB 105 67.82 -43.21 -126.18
CA VAL XB 105 68.47 -41.92 -126.00
C VAL XB 105 67.73 -40.88 -126.83
N LEU XB 106 67.32 -39.80 -126.18
CA LEU XB 106 66.58 -38.71 -126.82
C LEU XB 106 67.47 -37.47 -126.87
N THR XB 107 67.58 -36.87 -128.05
CA THR XB 107 68.40 -35.67 -128.23
C THR XB 107 67.60 -34.60 -128.95
N SER XB 108 67.76 -33.36 -128.51
CA SER XB 108 67.15 -32.21 -129.17
C SER XB 108 68.14 -31.66 -130.20
N ASN XB 109 67.64 -31.43 -131.42
CA ASN XB 109 68.48 -31.09 -132.56
C ASN XB 109 67.88 -29.93 -133.36
N ALA XB 110 66.61 -29.59 -133.10
CA ALA XB 110 65.88 -28.65 -133.95
C ALA XB 110 66.63 -27.33 -134.14
N SER XB 111 67.45 -26.95 -133.17
CA SER XB 111 68.41 -25.86 -133.35
C SER XB 111 69.71 -26.42 -133.91
N SER XB 112 70.09 -25.94 -135.09
CA SER XB 112 71.30 -26.43 -135.74
C SER XB 112 72.56 -26.09 -134.97
N THR XB 113 72.49 -25.12 -134.05
CA THR XB 113 73.65 -24.72 -133.26
C THR XB 113 73.74 -25.46 -131.94
N VAL XB 114 72.61 -25.86 -131.35
CA VAL XB 114 72.57 -26.48 -130.03
C VAL XB 114 71.96 -27.86 -130.16
N GLU XB 115 72.81 -28.89 -130.18
CA GLU XB 115 72.38 -30.28 -130.06
C GLU XB 115 72.55 -30.71 -128.60
N GLU XB 116 71.50 -31.26 -128.02
CA GLU XB 116 71.53 -31.70 -126.62
C GLU XB 116 70.77 -32.99 -126.43
N THR XB 117 71.39 -33.94 -125.73
CA THR XB 117 70.70 -35.13 -125.25
C THR XB 117 69.98 -34.80 -123.94
N LYS XB 118 68.69 -35.14 -123.88
CA LYS XB 118 67.85 -34.73 -122.77
C LYS XB 118 67.56 -35.83 -121.76
N ALA XB 119 67.34 -37.06 -122.22
CA ALA XB 119 67.00 -38.14 -121.30
C ALA XB 119 67.45 -39.47 -121.87
N VAL XB 120 67.62 -40.44 -120.97
CA VAL XB 120 67.92 -41.82 -121.31
C VAL XB 120 66.89 -42.71 -120.63
N LEU XB 121 66.21 -43.54 -121.40
CA LEU XB 121 65.19 -44.44 -120.89
C LEU XB 121 65.67 -45.88 -120.96
N SER XB 122 65.21 -46.69 -120.01
CA SER XB 122 65.61 -48.09 -119.94
C SER XB 122 64.45 -48.90 -119.37
N LEU XB 123 64.59 -50.23 -119.44
CA LEU XB 123 63.55 -51.11 -118.93
C LEU XB 123 63.49 -51.10 -117.40
N LYS XB 124 64.56 -50.70 -116.72
CA LYS XB 124 64.56 -50.63 -115.26
C LYS XB 124 64.12 -49.26 -114.75
N LYS XB 125 64.39 -48.20 -115.50
CA LYS XB 125 63.96 -46.84 -115.14
C LYS XB 125 63.27 -46.25 -116.36
N PRO XB 126 61.96 -46.51 -116.51
CA PRO XB 126 61.28 -46.17 -117.77
C PRO XB 126 60.88 -44.71 -117.91
N SER XB 127 60.92 -43.91 -116.84
CA SER XB 127 60.39 -42.56 -116.87
C SER XB 127 61.49 -41.53 -116.71
N ALA XB 128 61.27 -40.36 -117.31
CA ALA XB 128 62.20 -39.24 -117.22
C ALA XB 128 61.43 -37.95 -117.42
N VAL XB 129 62.04 -36.84 -116.96
CA VAL XB 129 61.45 -35.51 -117.07
C VAL XB 129 62.45 -34.62 -117.79
N ILE XB 130 61.98 -33.90 -118.81
CA ILE XB 130 62.82 -33.05 -119.63
C ILE XB 130 62.24 -31.64 -119.67
N ILE XB 131 63.07 -30.69 -120.08
CA ILE XB 131 62.71 -29.28 -120.15
C ILE XB 131 63.01 -28.77 -121.55
N LEU XB 132 62.04 -28.09 -122.15
CA LEU XB 132 62.21 -27.42 -123.44
C LEU XB 132 62.05 -25.92 -123.24
N ASP XB 133 63.01 -25.15 -123.75
CA ASP XB 133 63.03 -23.72 -123.52
C ASP XB 133 63.19 -22.92 -124.82
N ASN XB 134 63.46 -21.62 -124.69
CA ASN XB 134 63.53 -20.73 -125.85
C ASN XB 134 64.56 -21.20 -126.87
N ASP XB 135 65.66 -21.79 -126.42
CA ASP XB 135 66.70 -22.22 -127.35
C ASP XB 135 66.25 -23.40 -128.20
N ASP XB 136 65.43 -24.28 -127.64
CA ASP XB 136 65.01 -25.47 -128.38
C ASP XB 136 64.04 -25.13 -129.50
N TYR XB 137 63.14 -24.18 -129.26
CA TYR XB 137 62.08 -23.85 -130.20
C TYR XB 137 62.60 -23.13 -131.43
N SER XB 138 63.35 -23.84 -132.27
CA SER XB 138 63.79 -23.30 -133.54
C SER XB 138 62.62 -23.29 -134.53
N SER XB 139 62.70 -22.37 -135.49
CA SER XB 139 61.60 -22.01 -136.38
C SER XB 139 60.38 -21.49 -135.62
N THR XB 140 60.54 -21.28 -134.31
CA THR XB 140 59.56 -20.66 -133.41
C THR XB 140 58.31 -21.52 -133.22
N ASN XB 141 58.23 -22.68 -133.86
CA ASN XB 141 56.98 -23.43 -133.85
C ASN XB 141 57.10 -24.94 -133.62
N LYS XB 142 58.30 -25.53 -133.63
CA LYS XB 142 58.36 -26.98 -133.56
C LYS XB 142 59.65 -27.46 -132.90
N ILE XB 143 59.57 -28.66 -132.33
CA ILE XB 143 60.69 -29.39 -131.74
C ILE XB 143 60.89 -30.68 -132.51
N GLN XB 144 62.15 -31.01 -132.78
CA GLN XB 144 62.51 -32.27 -133.44
C GLN XB 144 63.38 -33.08 -132.49
N LEU XB 145 62.98 -34.31 -132.23
CA LEU XB 145 63.68 -35.22 -131.32
C LEU XB 145 63.79 -36.60 -131.97
N LYS XB 146 65.02 -37.03 -132.26
CA LYS XB 146 65.24 -38.40 -132.72
C LYS XB 146 65.52 -39.33 -131.55
N VAL XB 147 65.33 -40.63 -131.81
CA VAL XB 147 65.43 -41.67 -130.79
C VAL XB 147 66.65 -42.54 -131.12
N GLU XB 148 67.45 -42.84 -130.09
CA GLU XB 148 68.61 -43.69 -130.27
C GLU XB 148 68.47 -44.91 -129.37
N ALA XB 149 68.70 -46.09 -129.92
CA ALA XB 149 68.44 -47.34 -129.24
C ALA XB 149 69.70 -48.17 -129.11
N TYR XB 150 69.89 -48.77 -127.93
CA TYR XB 150 70.92 -49.78 -127.69
C TYR XB 150 70.23 -50.99 -127.07
N TYR XB 151 70.63 -52.19 -127.50
CA TYR XB 151 69.87 -53.38 -127.14
C TYR XB 151 70.76 -54.61 -127.17
N GLU XB 152 70.27 -55.65 -126.49
CA GLU XB 152 70.79 -57.00 -126.61
C GLU XB 152 69.62 -57.96 -126.53
N ALA XB 153 69.48 -58.82 -127.54
CA ALA XB 153 68.34 -59.72 -127.62
C ALA XB 153 68.57 -60.98 -126.80
N LYS XB 154 67.48 -61.59 -126.37
CA LYS XB 154 67.54 -62.84 -125.62
C LYS XB 154 68.04 -63.97 -126.51
N GLU XB 155 68.68 -64.96 -125.87
CA GLU XB 155 69.29 -66.07 -126.58
C GLU XB 155 68.21 -67.04 -127.07
N GLY XB 156 68.17 -67.28 -128.38
CA GLY XB 156 67.29 -68.29 -128.93
C GLY XB 156 65.83 -67.92 -128.98
N MET XB 157 65.49 -66.64 -128.96
CA MET XB 157 64.09 -66.20 -128.99
C MET XB 157 63.78 -65.61 -130.36
N LEU XB 158 62.72 -66.10 -130.98
CA LEU XB 158 62.29 -65.66 -132.30
C LEU XB 158 60.88 -65.08 -132.22
N PHE XB 159 60.67 -63.97 -132.90
CA PHE XB 159 59.39 -63.27 -132.85
C PHE XB 159 59.33 -62.29 -134.00
N ASP XB 160 58.14 -61.71 -134.19
CA ASP XB 160 57.93 -60.69 -135.21
C ASP XB 160 56.71 -59.87 -134.84
N SER XB 161 56.64 -58.66 -135.40
CA SER XB 161 55.51 -57.75 -135.22
C SER XB 161 55.28 -57.43 -133.74
N LEU XB 162 56.32 -56.88 -133.11
CA LEU XB 162 56.25 -56.49 -131.70
C LEU XB 162 56.36 -54.97 -131.59
N PRO XB 163 55.35 -54.29 -131.05
CA PRO XB 163 55.38 -52.83 -131.00
C PRO XB 163 56.07 -52.28 -129.76
N VAL XB 164 56.63 -51.08 -129.93
CA VAL XB 164 57.23 -50.31 -128.85
C VAL XB 164 56.47 -48.99 -128.75
N ILE XB 165 56.02 -48.65 -127.55
CA ILE XB 165 55.10 -47.54 -127.34
C ILE XB 165 55.73 -46.54 -126.36
N LEU XB 166 55.63 -45.26 -126.68
CA LEU XB 166 56.06 -44.18 -125.80
C LEU XB 166 54.88 -43.25 -125.53
N ASN XB 167 54.84 -42.67 -124.34
CA ASN XB 167 53.74 -41.82 -123.91
C ASN XB 167 54.28 -40.47 -123.45
N PHE XB 168 53.49 -39.43 -123.66
CA PHE XB 168 53.84 -38.06 -123.27
C PHE XB 168 52.75 -37.48 -122.38
N GLN XB 169 53.17 -36.74 -121.36
CA GLN XB 169 52.25 -36.05 -120.46
C GLN XB 169 52.82 -34.69 -120.11
N VAL XB 170 51.95 -33.68 -120.12
CA VAL XB 170 52.34 -32.30 -119.83
C VAL XB 170 52.15 -32.04 -118.35
N LEU XB 171 53.19 -31.53 -117.70
CA LEU XB 171 53.14 -31.20 -116.28
C LEU XB 171 52.93 -29.72 -116.00
N SER XB 172 53.54 -28.85 -116.81
CA SER XB 172 53.40 -27.41 -116.62
C SER XB 172 53.81 -26.71 -117.91
N VAL XB 173 53.10 -25.63 -118.23
CA VAL XB 173 53.40 -24.82 -119.40
C VAL XB 173 53.33 -23.35 -119.00
N SER XB 174 54.16 -22.54 -119.64
CA SER XB 174 54.19 -21.11 -119.36
C SER XB 174 54.61 -20.32 -120.59
N THR YB 26 -12.47 6.78 -109.66
CA THR YB 26 -11.41 6.73 -108.67
C THR YB 26 -10.87 5.30 -108.54
N THR YB 27 -9.89 4.97 -109.37
CA THR YB 27 -9.29 3.65 -109.42
C THR YB 27 -7.80 3.74 -109.13
N GLN YB 28 -7.31 2.86 -108.26
CA GLN YB 28 -5.90 2.80 -107.89
C GLN YB 28 -5.25 1.64 -108.62
N SER YB 29 -4.18 1.92 -109.36
CA SER YB 29 -3.54 0.87 -110.16
C SER YB 29 -2.22 0.44 -109.55
N PRO YB 30 -1.89 -0.86 -109.64
CA PRO YB 30 -0.59 -1.33 -109.12
C PRO YB 30 0.57 -1.11 -110.07
N LEU YB 31 0.30 -0.89 -111.36
CA LEU YB 31 1.33 -0.54 -112.35
C LEU YB 31 2.38 -1.63 -112.51
N ASN YB 32 1.91 -2.88 -112.66
CA ASN YB 32 2.82 -4.00 -112.86
C ASN YB 32 2.27 -5.00 -113.88
N SER YB 33 1.36 -4.56 -114.75
CA SER YB 33 0.74 -5.45 -115.73
C SER YB 33 1.45 -5.35 -117.09
N PHE YB 34 2.72 -5.72 -117.10
CA PHE YB 34 3.51 -5.71 -118.33
C PHE YB 34 4.37 -6.96 -118.38
N TYR YB 35 4.42 -7.61 -119.55
CA TYR YB 35 5.14 -8.87 -119.69
C TYR YB 35 5.74 -8.98 -121.08
N ALA YB 36 6.75 -9.84 -121.19
CA ALA YB 36 7.38 -10.20 -122.46
C ALA YB 36 7.85 -11.64 -122.37
N THR YB 37 7.74 -12.37 -123.48
CA THR YB 37 7.92 -13.82 -123.45
C THR YB 37 8.85 -14.27 -124.57
N GLY YB 38 9.72 -15.24 -124.26
CA GLY YB 38 10.56 -15.90 -125.24
C GLY YB 38 10.47 -17.41 -125.11
N THR YB 39 11.30 -18.14 -125.85
CA THR YB 39 11.26 -19.60 -125.84
C THR YB 39 12.67 -20.16 -125.99
N ALA YB 40 12.82 -21.43 -125.61
CA ALA YB 40 14.08 -22.14 -125.75
C ALA YB 40 13.80 -23.63 -125.88
N GLN YB 41 14.77 -24.36 -126.43
CA GLN YB 41 14.61 -25.79 -126.65
C GLN YB 41 15.97 -26.45 -126.82
N ALA YB 42 15.97 -27.78 -126.70
CA ALA YB 42 17.15 -28.59 -126.98
C ALA YB 42 16.66 -30.01 -127.25
N VAL YB 43 16.76 -30.44 -128.51
CA VAL YB 43 16.09 -31.66 -128.95
C VAL YB 43 17.05 -32.63 -129.66
N GLN YB 44 18.35 -32.58 -129.36
CA GLN YB 44 19.27 -33.53 -129.97
C GLN YB 44 20.49 -33.71 -129.08
N GLU YB 45 21.12 -34.88 -129.21
CA GLU YB 45 22.32 -35.23 -128.47
C GLU YB 45 23.56 -34.59 -129.11
N PRO YB 46 24.61 -34.34 -128.31
CA PRO YB 46 25.76 -33.60 -128.84
C PRO YB 46 26.44 -34.24 -130.04
N ILE YB 47 26.56 -35.56 -130.07
CA ILE YB 47 27.34 -36.24 -131.09
C ILE YB 47 26.53 -37.36 -131.72
N ASP YB 48 26.98 -37.78 -132.91
CA ASP YB 48 26.44 -38.94 -133.60
C ASP YB 48 27.62 -39.77 -134.08
N VAL YB 49 27.51 -41.10 -133.98
CA VAL YB 49 28.62 -42.01 -134.25
C VAL YB 49 28.19 -43.03 -135.30
N GLU YB 50 29.04 -43.22 -136.31
CA GLU YB 50 28.80 -44.19 -137.37
C GLU YB 50 30.05 -45.03 -137.57
N SER YB 51 29.86 -46.32 -137.82
CA SER YB 51 30.96 -47.29 -137.86
C SER YB 51 31.19 -47.79 -139.28
N HIS YB 52 32.46 -48.00 -139.62
CA HIS YB 52 32.87 -48.56 -140.92
C HIS YB 52 33.99 -49.56 -140.75
N LEU YB 53 33.88 -50.44 -139.74
CA LEU YB 53 34.88 -51.48 -139.50
C LEU YB 53 34.54 -52.69 -140.35
N ASP YB 54 35.14 -52.77 -141.53
CA ASP YB 54 34.83 -53.80 -142.51
C ASP YB 54 36.06 -54.60 -142.91
N ASN YB 55 36.88 -54.99 -141.93
CA ASN YB 55 38.00 -55.89 -142.15
C ASN YB 55 38.00 -56.95 -141.06
N THR YB 56 38.51 -58.13 -141.41
CA THR YB 56 38.47 -59.29 -140.53
C THR YB 56 39.88 -59.71 -140.16
N ILE YB 57 40.10 -59.92 -138.86
CA ILE YB 57 41.36 -60.49 -138.37
C ILE YB 57 41.29 -62.00 -138.63
N ALA YB 58 42.00 -62.46 -139.66
CA ALA YB 58 41.94 -63.86 -140.10
C ALA YB 58 43.35 -64.44 -140.20
N PRO YB 59 43.98 -64.73 -139.08
CA PRO YB 59 45.26 -65.44 -139.10
C PRO YB 59 45.07 -66.94 -138.97
N ALA YB 60 46.18 -67.66 -139.10
CA ALA YB 60 46.18 -69.08 -138.81
C ALA YB 60 46.23 -69.30 -137.30
N ALA YB 61 45.98 -70.55 -136.89
CA ALA YB 61 45.95 -70.89 -135.47
C ALA YB 61 47.34 -70.75 -134.88
N GLY YB 62 47.45 -69.95 -133.81
CA GLY YB 62 48.71 -69.78 -133.11
C GLY YB 62 49.68 -68.81 -133.74
N ALA YB 63 49.26 -68.06 -134.74
CA ALA YB 63 50.15 -67.16 -135.46
C ALA YB 63 50.20 -65.78 -134.82
N GLN YB 64 51.29 -65.06 -135.08
CA GLN YB 64 51.48 -63.69 -134.64
C GLN YB 64 51.34 -62.77 -135.85
N GLY YB 65 50.49 -61.75 -135.74
CA GLY YB 65 50.14 -60.98 -136.92
C GLY YB 65 50.11 -59.47 -136.77
N TYR YB 66 49.55 -58.82 -137.80
CA TYR YB 66 49.54 -57.37 -137.93
C TYR YB 66 48.45 -56.97 -138.91
N LYS YB 67 47.44 -56.23 -138.47
CA LYS YB 67 46.25 -56.03 -139.29
C LYS YB 67 45.64 -54.67 -138.98
N ASP YB 68 44.99 -54.08 -139.98
CA ASP YB 68 44.16 -52.89 -139.82
C ASP YB 68 42.70 -53.25 -140.05
N MET YB 69 41.79 -52.42 -139.54
CA MET YB 69 40.37 -52.79 -139.48
C MET YB 69 39.47 -51.86 -140.28
N GLY YB 70 39.58 -50.56 -140.08
CA GLY YB 70 38.66 -49.61 -140.71
C GLY YB 70 38.73 -48.28 -139.99
N TYR YB 71 37.63 -47.52 -140.09
CA TYR YB 71 37.59 -46.21 -139.45
C TYR YB 71 36.17 -45.94 -138.95
N VAL YB 72 36.07 -44.97 -138.02
CA VAL YB 72 34.82 -44.61 -137.37
C VAL YB 72 34.61 -43.11 -137.52
N LYS YB 73 33.38 -42.70 -137.81
CA LYS YB 73 33.02 -41.31 -138.01
C LYS YB 73 32.26 -40.76 -136.82
N ILE YB 74 32.60 -39.54 -136.41
CA ILE YB 74 31.94 -38.83 -135.32
C ILE YB 74 31.44 -37.50 -135.84
N ILE YB 75 30.19 -37.16 -135.52
CA ILE YB 75 29.56 -35.93 -136.00
C ILE YB 75 29.20 -35.07 -134.80
N ASN YB 76 29.54 -33.78 -134.88
CA ASN YB 76 29.33 -32.83 -133.80
C ASN YB 76 28.39 -31.72 -134.24
N TYR YB 77 27.55 -31.27 -133.30
CA TYR YB 77 26.36 -30.49 -133.59
C TYR YB 77 26.46 -29.09 -132.97
N THR YB 78 25.34 -28.37 -133.01
CA THR YB 78 25.30 -26.93 -132.77
C THR YB 78 25.92 -26.56 -131.42
N ASP YB 79 26.75 -25.52 -131.43
CA ASP YB 79 27.36 -24.92 -130.24
C ASP YB 79 28.25 -25.89 -129.49
N VAL YB 80 28.84 -26.86 -130.19
CA VAL YB 80 29.76 -27.83 -129.60
C VAL YB 80 31.16 -27.52 -130.12
N ASN YB 81 32.12 -27.45 -129.22
CA ASN YB 81 33.51 -27.16 -129.59
C ASN YB 81 34.49 -28.22 -129.10
N VAL YB 82 34.31 -28.74 -127.89
CA VAL YB 82 35.23 -29.70 -127.30
C VAL YB 82 34.42 -30.85 -126.71
N VAL YB 83 34.85 -32.08 -126.97
CA VAL YB 83 34.16 -33.28 -126.50
C VAL YB 83 35.16 -34.17 -125.76
N LYS YB 84 34.74 -34.66 -124.60
CA LYS YB 84 35.51 -35.63 -123.82
C LYS YB 84 34.83 -36.98 -123.92
N LEU YB 85 35.58 -38.01 -124.29
CA LEU YB 85 35.04 -39.33 -124.58
C LEU YB 85 35.76 -40.40 -123.79
N LYS YB 86 35.05 -41.51 -123.55
CA LYS YB 86 35.61 -42.70 -122.94
C LYS YB 86 35.31 -43.89 -123.83
N VAL YB 87 36.35 -44.64 -124.17
CA VAL YB 87 36.23 -45.79 -125.07
C VAL YB 87 36.68 -47.04 -124.33
N THR YB 88 35.89 -48.11 -124.44
CA THR YB 88 36.15 -49.35 -123.74
C THR YB 88 35.82 -50.54 -124.63
N LEU YB 89 36.36 -51.69 -124.27
CA LEU YB 89 36.08 -52.95 -124.94
C LEU YB 89 34.94 -53.64 -124.18
N ALA YB 90 33.79 -53.78 -124.85
CA ALA YB 90 32.60 -54.26 -124.18
C ALA YB 90 32.66 -55.77 -123.91
N ASN YB 91 33.24 -56.53 -124.83
CA ASN YB 91 33.22 -57.99 -124.71
C ASN YB 91 34.63 -58.56 -124.55
N ALA YB 92 35.43 -57.92 -123.69
CA ALA YB 92 36.79 -58.39 -123.46
C ALA YB 92 36.80 -59.77 -122.80
N ALA YB 93 35.82 -60.04 -121.92
CA ALA YB 93 35.78 -61.33 -121.23
C ALA YB 93 35.57 -62.48 -122.21
N GLN YB 94 34.72 -62.27 -123.22
CA GLN YB 94 34.47 -63.32 -124.20
C GLN YB 94 35.70 -63.61 -125.06
N LEU YB 95 36.50 -62.58 -125.35
CA LEU YB 95 37.65 -62.74 -126.21
C LEU YB 95 38.87 -63.32 -125.51
N ARG YB 96 38.86 -63.41 -124.18
CA ARG YB 96 40.02 -63.91 -123.46
C ARG YB 96 40.42 -65.34 -123.83
N PRO YB 97 39.52 -66.32 -123.90
CA PRO YB 97 39.97 -67.69 -124.21
C PRO YB 97 40.52 -67.86 -125.61
N TYR YB 98 40.35 -66.87 -126.50
CA TYR YB 98 40.76 -67.01 -127.89
C TYR YB 98 42.09 -66.33 -128.20
N PHE YB 99 42.62 -65.51 -127.31
CA PHE YB 99 43.81 -64.72 -127.60
C PHE YB 99 44.75 -64.72 -126.39
N LYS YB 100 46.06 -64.78 -126.68
CA LYS YB 100 47.04 -64.50 -125.65
C LYS YB 100 47.14 -63.00 -125.37
N TYR YB 101 47.09 -62.17 -126.41
CA TYR YB 101 47.05 -60.73 -126.25
C TYR YB 101 46.42 -60.11 -127.49
N LEU YB 102 45.87 -58.92 -127.31
CA LEU YB 102 45.24 -58.18 -128.40
C LEU YB 102 45.24 -56.70 -128.05
N GLN YB 103 45.83 -55.88 -128.92
CA GLN YB 103 45.97 -54.46 -128.68
C GLN YB 103 45.38 -53.67 -129.84
N LEU YB 104 44.65 -52.61 -129.50
CA LEU YB 104 44.02 -51.74 -130.47
C LEU YB 104 44.61 -50.33 -130.36
N VAL YB 105 44.97 -49.75 -131.50
CA VAL YB 105 45.58 -48.42 -131.56
C VAL YB 105 44.63 -47.49 -132.32
N LEU YB 106 44.29 -46.36 -131.70
CA LEU YB 106 43.39 -45.38 -132.28
C LEU YB 106 44.17 -44.11 -132.60
N THR YB 107 44.05 -43.62 -133.83
CA THR YB 107 44.74 -42.43 -134.27
C THR YB 107 43.77 -41.45 -134.92
N SER YB 108 43.94 -40.16 -134.63
CA SER YB 108 43.15 -39.12 -135.26
C SER YB 108 43.90 -38.63 -136.50
N ASN YB 109 43.19 -38.53 -137.62
CA ASN YB 109 43.78 -38.28 -138.93
C ASN YB 109 42.99 -37.23 -139.70
N ALA YB 110 41.77 -36.92 -139.24
CA ALA YB 110 40.84 -36.08 -140.03
C ALA YB 110 41.47 -34.76 -140.46
N SER YB 111 42.44 -34.26 -139.70
CA SER YB 111 43.29 -33.16 -140.13
C SER YB 111 44.49 -33.72 -140.88
N SER YB 112 44.63 -33.34 -142.15
CA SER YB 112 45.72 -33.84 -142.97
C SER YB 112 47.08 -33.37 -142.47
N THR YB 113 47.12 -32.32 -141.65
CA THR YB 113 48.38 -31.81 -141.13
C THR YB 113 48.75 -32.42 -139.77
N VAL YB 114 47.77 -32.80 -138.97
CA VAL YB 114 48.00 -33.29 -137.61
C VAL YB 114 47.45 -34.70 -137.50
N GLU YB 115 48.35 -35.70 -137.59
CA GLU YB 115 48.03 -37.07 -137.26
C GLU YB 115 48.48 -37.35 -135.84
N GLU YB 116 47.57 -37.89 -135.02
CA GLU YB 116 47.89 -38.18 -133.62
C GLU YB 116 47.25 -39.49 -133.19
N THR YB 117 48.04 -40.34 -132.52
CA THR YB 117 47.51 -41.50 -131.82
C THR YB 117 47.02 -41.07 -130.45
N LYS YB 118 45.79 -41.45 -130.11
CA LYS YB 118 45.14 -40.97 -128.90
C LYS YB 118 45.09 -41.99 -127.77
N ALA YB 119 44.86 -43.26 -128.07
CA ALA YB 119 44.76 -44.25 -127.01
C ALA YB 119 45.17 -45.62 -127.53
N VAL YB 120 45.55 -46.49 -126.60
CA VAL YB 120 45.86 -47.88 -126.87
C VAL YB 120 45.02 -48.74 -125.93
N LEU YB 121 44.27 -49.68 -126.49
CA LEU YB 121 43.41 -50.55 -125.72
C LEU YB 121 43.94 -51.97 -125.75
N SER YB 122 43.72 -52.71 -124.66
CA SER YB 122 44.19 -54.08 -124.55
C SER YB 122 43.21 -54.87 -123.70
N LEU YB 123 43.40 -56.19 -123.67
CA LEU YB 123 42.53 -57.06 -122.90
C LEU YB 123 42.74 -56.91 -121.40
N LYS YB 124 43.89 -56.40 -120.98
CA LYS YB 124 44.15 -56.19 -119.56
C LYS YB 124 43.73 -54.80 -119.09
N LYS YB 125 43.81 -53.80 -119.96
CA LYS YB 125 43.38 -52.44 -119.65
C LYS YB 125 42.43 -51.99 -120.76
N PRO YB 126 41.14 -52.32 -120.65
CA PRO YB 126 40.22 -52.13 -121.78
C PRO YB 126 39.73 -50.70 -121.99
N SER YB 127 39.91 -49.81 -121.02
CA SER YB 127 39.30 -48.49 -121.06
C SER YB 127 40.36 -47.40 -121.20
N ALA YB 128 39.97 -46.31 -121.86
CA ALA YB 128 40.84 -45.15 -122.03
C ALA YB 128 39.98 -43.91 -122.20
N VAL YB 129 40.59 -42.75 -121.96
CA VAL YB 129 39.93 -41.46 -122.07
C VAL YB 129 40.73 -40.59 -123.04
N ILE YB 130 40.04 -40.00 -124.02
CA ILE YB 130 40.66 -39.20 -125.06
C ILE YB 130 40.00 -37.83 -125.10
N ILE YB 131 40.70 -36.89 -125.74
CA ILE YB 131 40.25 -35.50 -125.87
C ILE YB 131 40.27 -35.12 -127.35
N LEU YB 132 39.16 -34.54 -127.82
CA LEU YB 132 39.07 -33.99 -129.16
C LEU YB 132 38.86 -32.50 -129.08
N ASP YB 133 39.68 -31.74 -129.82
CA ASP YB 133 39.65 -30.28 -129.72
C ASP YB 133 39.53 -29.61 -131.09
N ASN YB 134 39.74 -28.30 -131.13
CA ASN YB 134 39.55 -27.52 -132.35
C ASN YB 134 40.39 -28.04 -133.50
N ASP YB 135 41.60 -28.54 -133.21
CA ASP YB 135 42.48 -29.02 -134.28
C ASP YB 135 41.94 -30.29 -134.92
N ASP YB 136 41.29 -31.16 -134.15
CA ASP YB 136 40.82 -32.43 -134.68
C ASP YB 136 39.64 -32.23 -135.63
N TYR YB 137 38.76 -31.29 -135.31
CA TYR YB 137 37.52 -31.10 -136.07
C TYR YB 137 37.77 -30.48 -137.43
N SER YB 138 38.39 -31.24 -138.33
CA SER YB 138 38.56 -30.81 -139.71
C SER YB 138 37.24 -30.93 -140.46
N SER YB 139 37.09 -30.12 -141.50
CA SER YB 139 35.83 -29.89 -142.20
C SER YB 139 34.75 -29.35 -141.26
N THR YB 140 35.12 -29.00 -140.04
CA THR YB 140 34.29 -28.34 -139.03
C THR YB 140 33.14 -29.22 -138.53
N ASN YB 141 33.01 -30.44 -139.05
CA ASN YB 141 31.83 -31.24 -138.74
C ASN YB 141 32.08 -32.71 -138.41
N LYS YB 142 33.29 -33.24 -138.59
CA LYS YB 142 33.44 -34.68 -138.40
C LYS YB 142 34.86 -35.04 -137.95
N ILE YB 143 34.94 -36.19 -137.27
CA ILE YB 143 36.19 -36.81 -136.83
C ILE YB 143 36.32 -38.17 -137.51
N GLN YB 144 37.53 -38.48 -137.98
CA GLN YB 144 37.84 -39.76 -138.58
C GLN YB 144 38.92 -40.45 -137.74
N LEU YB 145 38.63 -41.68 -137.30
CA LEU YB 145 39.54 -42.45 -136.46
C LEU YB 145 39.60 -43.88 -137.00
N LYS YB 146 40.77 -44.29 -137.47
CA LYS YB 146 40.99 -45.68 -137.84
C LYS YB 146 41.53 -46.49 -136.67
N VAL YB 147 41.38 -47.81 -136.77
CA VAL YB 147 41.72 -48.75 -135.71
C VAL YB 147 42.89 -49.59 -136.17
N GLU YB 148 43.88 -49.76 -135.29
CA GLU YB 148 45.04 -50.58 -135.60
C GLU YB 148 45.13 -51.71 -134.59
N ALA YB 149 45.32 -52.94 -135.07
CA ALA YB 149 45.26 -54.12 -134.23
C ALA YB 149 46.58 -54.89 -134.27
N TYR YB 150 47.00 -55.35 -133.10
CA TYR YB 150 48.12 -56.29 -132.95
C TYR YB 150 47.63 -57.47 -132.12
N TYR YB 151 48.01 -58.68 -132.52
CA TYR YB 151 47.38 -59.86 -131.92
C TYR YB 151 48.32 -61.06 -132.00
N GLU YB 152 48.02 -62.04 -131.15
CA GLU YB 152 48.59 -63.39 -131.24
C GLU YB 152 47.51 -64.38 -130.87
N ALA YB 153 47.25 -65.33 -131.75
CA ALA YB 153 46.16 -66.28 -131.56
C ALA YB 153 46.60 -67.44 -130.67
N LYS YB 154 45.63 -68.05 -129.99
CA LYS YB 154 45.91 -69.22 -129.17
C LYS YB 154 46.31 -70.41 -130.03
N GLU YB 155 47.09 -71.31 -129.43
CA GLU YB 155 47.63 -72.46 -130.14
C GLU YB 155 46.54 -73.51 -130.33
N GLY YB 156 46.28 -73.88 -131.59
CA GLY YB 156 45.37 -74.97 -131.88
C GLY YB 156 43.91 -74.67 -131.70
N MET YB 157 43.50 -73.40 -131.72
CA MET YB 157 42.11 -73.02 -131.53
C MET YB 157 41.52 -72.59 -132.87
N LEU YB 158 40.39 -73.18 -133.24
CA LEU YB 158 39.71 -72.88 -134.49
C LEU YB 158 38.31 -72.36 -134.20
N PHE YB 159 37.91 -71.31 -134.93
CA PHE YB 159 36.63 -70.67 -134.70
C PHE YB 159 36.29 -69.80 -135.91
N ASP YB 160 35.07 -69.29 -135.92
CA ASP YB 160 34.62 -68.39 -136.97
C ASP YB 160 33.44 -67.58 -136.47
N SER YB 161 33.21 -66.43 -137.11
CA SER YB 161 32.07 -65.56 -136.79
C SER YB 161 32.10 -65.11 -135.34
N LEU YB 162 33.20 -64.46 -134.95
CA LEU YB 162 33.37 -63.93 -133.60
C LEU YB 162 33.40 -62.42 -133.65
N PRO YB 163 32.47 -61.73 -132.99
CA PRO YB 163 32.44 -60.26 -133.07
C PRO YB 163 33.30 -59.57 -132.04
N VAL YB 164 33.75 -58.37 -132.41
CA VAL YB 164 34.49 -57.48 -131.52
C VAL YB 164 33.69 -56.18 -131.41
N ILE YB 165 33.44 -55.75 -130.17
CA ILE YB 165 32.51 -54.66 -129.90
C ILE YB 165 33.25 -53.56 -129.15
N LEU YB 166 33.03 -52.31 -129.56
CA LEU YB 166 33.55 -51.13 -128.87
C LEU YB 166 32.38 -50.23 -128.47
N ASN YB 167 32.52 -49.54 -127.34
CA ASN YB 167 31.48 -48.69 -126.80
C ASN YB 167 32.01 -47.29 -126.56
N PHE YB 168 31.14 -46.30 -126.71
CA PHE YB 168 31.48 -44.90 -126.52
C PHE YB 168 30.53 -44.27 -125.50
N GLN YB 169 31.08 -43.41 -124.64
CA GLN YB 169 30.30 -42.68 -123.66
C GLN YB 169 30.85 -41.27 -123.53
N VAL YB 170 29.94 -40.30 -123.47
CA VAL YB 170 30.29 -38.88 -123.39
C VAL YB 170 30.35 -38.49 -121.92
N LEU YB 171 31.47 -37.88 -121.52
CA LEU YB 171 31.65 -37.42 -120.14
C LEU YB 171 31.43 -35.93 -119.97
N SER YB 172 31.82 -35.12 -120.94
CA SER YB 172 31.64 -33.68 -120.87
C SER YB 172 31.76 -33.09 -122.26
N VAL YB 173 30.95 -32.07 -122.54
CA VAL YB 173 31.00 -31.36 -123.82
C VAL YB 173 30.91 -29.87 -123.54
N SER YB 174 31.57 -29.08 -124.39
CA SER YB 174 31.56 -27.63 -124.25
C SER YB 174 31.70 -26.95 -125.61
N THR ZB 26 -33.74 -1.59 -104.92
CA THR ZB 26 -32.51 -1.50 -104.14
C THR ZB 26 -31.88 -2.89 -104.00
N THR ZB 27 -31.04 -3.26 -104.97
CA THR ZB 27 -30.39 -4.56 -105.00
C THR ZB 27 -28.88 -4.38 -104.99
N GLN ZB 28 -28.19 -5.14 -104.16
CA GLN ZB 28 -26.74 -5.11 -104.06
C GLN ZB 28 -26.16 -6.32 -104.79
N SER ZB 29 -25.26 -6.07 -105.73
CA SER ZB 29 -24.73 -7.16 -106.54
C SER ZB 29 -23.29 -7.48 -106.15
N PRO ZB 30 -22.90 -8.76 -106.18
CA PRO ZB 30 -21.51 -9.13 -105.87
C PRO ZB 30 -20.56 -8.96 -107.03
N LEU ZB 31 -21.07 -8.88 -108.27
CA LEU ZB 31 -20.25 -8.58 -109.46
C LEU ZB 31 -19.19 -9.65 -109.71
N ASN ZB 32 -19.61 -10.92 -109.65
CA ASN ZB 32 -18.69 -12.02 -109.93
C ASN ZB 32 -19.34 -13.14 -110.74
N SER ZB 33 -20.42 -12.83 -111.46
CA SER ZB 33 -21.16 -13.83 -112.23
C SER ZB 33 -20.72 -13.82 -113.69
N PHE ZB 34 -19.45 -14.14 -113.92
CA PHE ZB 34 -18.88 -14.23 -115.26
C PHE ZB 34 -17.98 -15.45 -115.36
N TYR ZB 35 -18.11 -16.20 -116.45
CA TYR ZB 35 -17.36 -17.43 -116.61
C TYR ZB 35 -17.01 -17.65 -118.08
N ALA ZB 36 -15.98 -18.48 -118.29
CA ALA ZB 36 -15.58 -18.93 -119.62
C ALA ZB 36 -15.03 -20.34 -119.48
N THR ZB 37 -15.29 -21.18 -120.48
CA THR ZB 37 -15.01 -22.61 -120.37
C THR ZB 37 -14.28 -23.12 -121.60
N GLY ZB 38 -13.32 -24.02 -121.36
CA GLY ZB 38 -12.64 -24.74 -122.43
C GLY ZB 38 -12.62 -26.24 -122.15
N THR ZB 39 -11.89 -27.00 -122.96
CA THR ZB 39 -11.84 -28.46 -122.81
C THR ZB 39 -10.46 -28.97 -123.17
N ALA ZB 40 -10.17 -30.19 -122.72
CA ALA ZB 40 -8.91 -30.86 -123.03
C ALA ZB 40 -9.14 -32.36 -122.97
N GLN ZB 41 -8.24 -33.11 -123.62
CA GLN ZB 41 -8.35 -34.55 -123.68
C GLN ZB 41 -7.02 -35.17 -124.05
N ALA ZB 42 -6.91 -36.49 -123.80
CA ALA ZB 42 -5.75 -37.28 -124.22
C ALA ZB 42 -6.20 -38.73 -124.29
N VAL ZB 43 -6.31 -39.28 -125.50
CA VAL ZB 43 -6.98 -40.56 -125.69
C VAL ZB 43 -6.11 -41.55 -126.48
N GLN ZB 44 -4.79 -41.42 -126.43
CA GLN ZB 44 -3.94 -42.39 -127.11
C GLN ZB 44 -2.56 -42.44 -126.45
N GLU ZB 45 -1.90 -43.59 -126.59
CA GLU ZB 45 -0.57 -43.83 -126.05
C GLU ZB 45 0.49 -43.19 -126.96
N PRO ZB 46 1.65 -42.83 -126.40
CA PRO ZB 46 2.65 -42.09 -127.20
C PRO ZB 46 3.13 -42.82 -128.43
N ILE ZB 47 3.32 -44.14 -128.37
CA ILE ZB 47 3.94 -44.88 -129.45
C ILE ZB 47 3.10 -46.09 -129.83
N ASP ZB 48 3.34 -46.60 -131.04
CA ASP ZB 48 2.76 -47.84 -131.52
C ASP ZB 48 3.88 -48.68 -132.13
N VAL ZB 49 3.86 -49.98 -131.89
CA VAL ZB 49 4.95 -50.87 -132.27
C VAL ZB 49 4.41 -52.00 -133.13
N GLU ZB 50 5.07 -52.26 -134.26
CA GLU ZB 50 4.70 -53.34 -135.17
C GLU ZB 50 5.94 -54.14 -135.53
N SER ZB 51 5.78 -55.46 -135.62
CA SER ZB 51 6.90 -56.38 -135.78
C SER ZB 51 6.90 -57.01 -137.17
N HIS ZB 52 8.11 -57.20 -137.72
CA HIS ZB 52 8.30 -57.86 -139.00
C HIS ZB 52 9.49 -58.80 -138.96
N LEU ZB 53 9.61 -59.58 -137.88
CA LEU ZB 53 10.70 -60.55 -137.74
C LEU ZB 53 10.28 -61.85 -138.40
N ASP ZB 54 10.66 -62.02 -139.66
CA ASP ZB 54 10.23 -63.15 -140.47
C ASP ZB 54 11.41 -63.94 -141.02
N ASN ZB 55 12.43 -64.19 -140.18
CA ASN ZB 55 13.53 -65.07 -140.52
C ASN ZB 55 13.78 -66.02 -139.36
N THR ZB 56 14.29 -67.21 -139.69
CA THR ZB 56 14.47 -68.28 -138.72
C THR ZB 56 15.95 -68.60 -138.58
N ILE ZB 57 16.42 -68.67 -137.33
CA ILE ZB 57 17.76 -69.16 -137.04
C ILE ZB 57 17.74 -70.68 -137.14
N ALA ZB 58 18.28 -71.21 -138.24
CA ALA ZB 58 18.22 -72.64 -138.54
C ALA ZB 58 19.62 -73.17 -138.85
N PRO ZB 59 20.46 -73.33 -137.83
CA PRO ZB 59 21.75 -73.98 -138.04
C PRO ZB 59 21.66 -75.47 -137.74
N ALA ZB 60 22.78 -76.15 -138.00
CA ALA ZB 60 22.91 -77.54 -137.59
C ALA ZB 60 23.24 -77.62 -136.11
N ALA ZB 61 23.14 -78.83 -135.55
CA ALA ZB 61 23.38 -79.03 -134.13
C ALA ZB 61 24.85 -78.77 -133.82
N GLY ZB 62 25.11 -77.88 -132.86
CA GLY ZB 62 26.46 -77.59 -132.42
C GLY ZB 62 27.24 -76.65 -133.30
N ALA ZB 63 26.61 -76.01 -134.28
CA ALA ZB 63 27.31 -75.15 -135.23
C ALA ZB 63 27.38 -73.71 -134.72
N GLN ZB 64 28.37 -72.99 -135.24
CA GLN ZB 64 28.56 -71.57 -134.96
C GLN ZB 64 28.15 -70.78 -136.21
N GLY ZB 65 27.29 -69.78 -136.02
CA GLY ZB 65 26.69 -69.15 -137.18
C GLY ZB 65 26.59 -67.64 -137.18
N TYR ZB 66 25.82 -67.11 -138.13
CA TYR ZB 66 25.70 -65.68 -138.38
C TYR ZB 66 24.43 -65.43 -139.19
N LYS ZB 67 23.48 -64.68 -138.62
CA LYS ZB 67 22.16 -64.60 -139.23
C LYS ZB 67 21.53 -63.25 -138.92
N ASP ZB 68 20.68 -62.79 -139.84
CA ASP ZB 68 19.84 -61.62 -139.63
C ASP ZB 68 18.38 -62.06 -139.56
N MET ZB 69 17.52 -61.23 -138.97
CA MET ZB 69 16.17 -61.64 -138.61
C MET ZB 69 15.08 -60.83 -139.32
N GLY ZB 70 15.15 -59.50 -139.25
CA GLY ZB 70 14.08 -58.66 -139.78
C GLY ZB 70 14.20 -57.27 -139.21
N TYR ZB 71 13.07 -56.56 -139.16
CA TYR ZB 71 13.07 -55.20 -138.65
C TYR ZB 71 11.76 -54.93 -137.92
N VAL ZB 72 11.77 -53.89 -137.09
CA VAL ZB 72 10.63 -53.52 -136.25
C VAL ZB 72 10.32 -52.04 -136.49
N LYS ZB 73 9.03 -51.72 -136.57
CA LYS ZB 73 8.57 -50.37 -136.84
C LYS ZB 73 8.00 -49.74 -135.57
N ILE ZB 74 8.34 -48.47 -135.35
CA ILE ZB 74 7.85 -47.69 -134.21
C ILE ZB 74 7.18 -46.44 -134.76
N ILE ZB 75 6.00 -46.11 -134.24
CA ILE ZB 75 5.22 -44.97 -134.70
C ILE ZB 75 5.03 -44.00 -133.54
N ASN ZB 76 5.29 -42.72 -133.79
CA ASN ZB 76 5.22 -41.66 -132.78
C ASN ZB 76 4.16 -40.64 -133.13
N TYR ZB 77 3.47 -40.15 -132.10
CA TYR ZB 77 2.20 -39.44 -132.23
C TYR ZB 77 2.33 -37.98 -131.75
N THR ZB 78 1.19 -37.31 -131.65
CA THR ZB 78 1.12 -35.86 -131.54
C THR ZB 78 1.94 -35.34 -130.37
N ASP ZB 79 2.70 -34.27 -130.62
CA ASP ZB 79 3.48 -33.54 -129.62
C ASP ZB 79 4.54 -34.40 -128.96
N VAL ZB 80 5.05 -35.40 -129.67
CA VAL ZB 80 6.11 -36.27 -129.19
C VAL ZB 80 7.37 -35.97 -129.98
N ASN ZB 81 8.49 -35.77 -129.28
CA ASN ZB 81 9.76 -35.47 -129.92
C ASN ZB 81 10.87 -36.43 -129.53
N VAL ZB 82 10.94 -36.83 -128.26
CA VAL ZB 82 12.01 -37.71 -127.78
C VAL ZB 82 11.38 -38.81 -126.94
N VAL ZB 83 11.82 -40.05 -127.17
CA VAL ZB 83 11.30 -41.22 -126.47
C VAL ZB 83 12.45 -41.99 -125.86
N LYS ZB 84 12.29 -42.40 -124.60
CA LYS ZB 84 13.23 -43.25 -123.90
C LYS ZB 84 12.62 -44.63 -123.75
N LEU ZB 85 13.36 -45.66 -124.17
CA LEU ZB 85 12.84 -47.02 -124.23
C LEU ZB 85 13.75 -47.98 -123.49
N LYS ZB 86 13.16 -49.09 -123.04
CA LYS ZB 86 13.89 -50.19 -122.42
C LYS ZB 86 13.50 -51.47 -123.14
N VAL ZB 87 14.51 -52.22 -123.61
CA VAL ZB 87 14.29 -53.44 -124.36
C VAL ZB 87 14.94 -54.61 -123.61
N THR ZB 88 14.20 -55.70 -123.48
CA THR ZB 88 14.65 -56.86 -122.73
C THR ZB 88 14.23 -58.14 -123.44
N LEU ZB 89 14.90 -59.23 -123.08
CA LEU ZB 89 14.57 -60.57 -123.58
C LEU ZB 89 13.63 -61.21 -122.57
N ALA ZB 90 12.39 -61.46 -123.00
CA ALA ZB 90 11.36 -61.93 -122.07
C ALA ZB 90 11.55 -63.39 -121.68
N ASN ZB 91 12.00 -64.23 -122.63
CA ASN ZB 91 12.09 -65.67 -122.38
C ASN ZB 91 13.53 -66.16 -122.43
N ALA ZB 92 14.44 -65.41 -121.80
CA ALA ZB 92 15.85 -65.81 -121.78
C ALA ZB 92 16.05 -67.11 -121.01
N ALA ZB 93 15.26 -67.32 -119.95
CA ALA ZB 93 15.42 -68.53 -119.16
C ALA ZB 93 15.09 -69.79 -119.97
N GLN ZB 94 14.07 -69.71 -120.82
CA GLN ZB 94 13.70 -70.86 -121.64
C GLN ZB 94 14.77 -71.18 -122.69
N LEU ZB 95 15.46 -70.16 -123.20
CA LEU ZB 95 16.45 -70.36 -124.26
C LEU ZB 95 17.80 -70.81 -123.73
N ARG ZB 96 18.02 -70.78 -122.42
CA ARG ZB 96 19.33 -71.16 -121.88
C ARG ZB 96 19.74 -72.59 -122.20
N PRO ZB 97 18.90 -73.62 -122.01
CA PRO ZB 97 19.35 -74.99 -122.28
C PRO ZB 97 19.65 -75.27 -123.75
N TYR ZB 98 19.26 -74.38 -124.67
CA TYR ZB 98 19.43 -74.64 -126.10
C TYR ZB 98 20.65 -73.95 -126.70
N PHE ZB 99 21.28 -73.01 -126.00
CA PHE ZB 99 22.35 -72.22 -126.57
C PHE ZB 99 23.49 -72.06 -125.56
N LYS ZB 100 24.72 -72.10 -126.08
CA LYS ZB 100 25.86 -71.67 -125.27
C LYS ZB 100 25.92 -70.15 -125.16
N TYR ZB 101 25.63 -69.44 -126.24
CA TYR ZB 101 25.56 -67.99 -126.20
C TYR ZB 101 24.68 -67.52 -127.36
N LEU ZB 102 24.09 -66.33 -127.18
CA LEU ZB 102 23.24 -65.74 -128.19
C LEU ZB 102 23.22 -64.23 -127.98
N GLN ZB 103 23.60 -63.48 -129.01
CA GLN ZB 103 23.70 -62.03 -128.93
C GLN ZB 103 22.86 -61.38 -130.02
N LEU ZB 104 22.15 -60.32 -129.65
CA LEU ZB 104 21.31 -59.57 -130.57
C LEU ZB 104 21.83 -58.14 -130.68
N VAL ZB 105 21.94 -57.66 -131.91
CA VAL ZB 105 22.45 -56.32 -132.20
C VAL ZB 105 21.34 -55.50 -132.85
N LEU ZB 106 21.05 -54.34 -132.28
CA LEU ZB 106 20.00 -53.45 -132.78
C LEU ZB 106 20.65 -52.18 -133.34
N THR ZB 107 20.27 -51.83 -134.56
CA THR ZB 107 20.81 -50.65 -135.23
C THR ZB 107 19.69 -49.79 -135.78
N SER ZB 108 19.82 -48.47 -135.63
CA SER ZB 108 18.88 -47.52 -136.20
C SER ZB 108 19.37 -47.12 -137.59
N ASN ZB 109 18.47 -47.17 -138.57
CA ASN ZB 109 18.79 -47.02 -139.98
C ASN ZB 109 17.82 -46.08 -140.68
N ALA ZB 110 16.69 -45.77 -140.03
CA ALA ZB 110 15.59 -45.05 -140.70
C ALA ZB 110 16.06 -43.76 -141.37
N SER ZB 111 17.11 -43.14 -140.84
CA SER ZB 111 17.80 -42.06 -141.52
C SER ZB 111 18.88 -42.64 -142.42
N SER ZB 112 18.77 -42.38 -143.72
CA SER ZB 112 19.73 -42.92 -144.68
C SER ZB 112 21.12 -42.35 -144.49
N THR ZB 113 21.25 -41.22 -143.78
CA THR ZB 113 22.55 -40.61 -143.55
C THR ZB 113 23.19 -41.07 -142.23
N VAL ZB 114 22.40 -41.42 -141.23
CA VAL ZB 114 22.90 -41.75 -139.91
C VAL ZB 114 22.46 -43.18 -139.57
N GLU ZB 115 23.38 -44.13 -139.74
CA GLU ZB 115 23.20 -45.49 -139.24
C GLU ZB 115 23.91 -45.61 -137.90
N GLU ZB 116 23.20 -46.10 -136.88
CA GLU ZB 116 23.78 -46.25 -135.55
C GLU ZB 116 23.30 -47.53 -134.88
N THR ZB 117 24.25 -48.27 -134.32
CA THR ZB 117 23.93 -49.39 -133.43
C THR ZB 117 23.66 -48.84 -132.03
N LYS ZB 118 22.52 -49.24 -131.44
CA LYS ZB 118 22.08 -48.67 -130.17
C LYS ZB 118 22.30 -49.58 -128.97
N ALA ZB 119 22.10 -50.88 -129.11
CA ALA ZB 119 22.23 -51.78 -127.97
C ALA ZB 119 22.62 -53.16 -128.43
N VAL ZB 120 23.21 -53.92 -127.51
CA VAL ZB 120 23.55 -55.33 -127.72
C VAL ZB 120 22.95 -56.11 -126.57
N LEU ZB 121 22.16 -57.13 -126.89
CA LEU ZB 121 21.50 -57.97 -125.90
C LEU ZB 121 22.10 -59.36 -125.91
N SER ZB 122 22.11 -59.99 -124.74
CA SER ZB 122 22.67 -61.32 -124.58
C SER ZB 122 21.90 -62.06 -123.51
N LEU ZB 123 22.17 -63.37 -123.40
CA LEU ZB 123 21.49 -64.20 -122.41
C LEU ZB 123 21.96 -63.89 -121.00
N LYS ZB 124 23.14 -63.30 -120.83
CA LYS ZB 124 23.65 -62.94 -119.51
C LYS ZB 124 23.25 -61.53 -119.09
N LYS ZB 125 23.11 -60.61 -120.05
CA LYS ZB 125 22.66 -59.25 -119.79
C LYS ZB 125 21.50 -58.95 -120.74
N PRO ZB 126 20.28 -59.32 -120.37
CA PRO ZB 126 19.16 -59.27 -121.33
C PRO ZB 126 18.56 -57.89 -121.56
N SER ZB 127 18.87 -56.91 -120.72
CA SER ZB 127 18.18 -55.62 -120.76
C SER ZB 127 19.13 -54.51 -121.19
N ALA ZB 128 18.57 -53.50 -121.85
CA ALA ZB 128 19.33 -52.33 -122.29
C ALA ZB 128 18.38 -51.15 -122.41
N VAL ZB 129 18.97 -49.95 -122.38
CA VAL ZB 129 18.22 -48.70 -122.48
C VAL ZB 129 18.78 -47.90 -123.65
N ILE ZB 130 17.89 -47.44 -124.54
CA ILE ZB 130 18.28 -46.72 -125.74
C ILE ZB 130 17.54 -45.37 -125.79
N ILE ZB 131 18.06 -44.48 -126.62
CA ILE ZB 131 17.51 -43.13 -126.79
C ILE ZB 131 17.25 -42.89 -128.26
N LEU ZB 132 16.04 -42.41 -128.58
CA LEU ZB 132 15.68 -42.00 -129.93
C LEU ZB 132 15.40 -40.51 -129.93
N ASP ZB 133 16.02 -39.80 -130.87
CA ASP ZB 133 15.94 -38.33 -130.90
C ASP ZB 133 15.53 -37.81 -132.28
N ASN ZB 134 15.67 -36.49 -132.47
CA ASN ZB 134 15.21 -35.86 -133.70
C ASN ZB 134 15.88 -36.45 -134.94
N ASP ZB 135 17.13 -36.87 -134.83
CA ASP ZB 135 17.83 -37.41 -136.00
C ASP ZB 135 17.26 -38.76 -136.42
N ASP ZB 136 16.81 -39.57 -135.46
CA ASP ZB 136 16.32 -40.91 -135.80
C ASP ZB 136 14.98 -40.85 -136.51
N TYR ZB 137 14.11 -39.91 -136.13
CA TYR ZB 137 12.76 -39.85 -136.66
C TYR ZB 137 12.72 -39.35 -138.10
N SER ZB 138 13.22 -40.18 -139.02
CA SER ZB 138 13.11 -39.86 -140.43
C SER ZB 138 11.68 -40.11 -140.92
N SER ZB 139 11.30 -39.41 -141.99
CA SER ZB 139 9.92 -39.30 -142.45
C SER ZB 139 9.00 -38.72 -141.39
N THR ZB 140 9.57 -38.23 -140.28
CA THR ZB 140 8.89 -37.52 -139.20
C THR ZB 140 7.91 -38.39 -138.43
N ASN ZB 141 7.76 -39.66 -138.81
CA ASN ZB 141 6.69 -40.48 -138.22
C ASN ZB 141 7.08 -41.88 -137.80
N LYS ZB 142 8.26 -42.39 -138.16
CA LYS ZB 142 8.53 -43.79 -137.86
C LYS ZB 142 10.02 -44.06 -137.67
N ILE ZB 143 10.30 -45.12 -136.90
CA ILE ZB 143 11.63 -45.65 -136.65
C ILE ZB 143 11.72 -47.06 -137.23
N GLN ZB 144 12.84 -47.36 -137.89
CA GLN ZB 144 13.10 -48.69 -138.41
C GLN ZB 144 14.35 -49.25 -137.72
N LEU ZB 145 14.22 -50.44 -137.14
CA LEU ZB 145 15.30 -51.10 -136.42
C LEU ZB 145 15.36 -52.56 -136.83
N LYS ZB 146 16.44 -52.97 -137.47
CA LYS ZB 146 16.66 -54.38 -137.75
C LYS ZB 146 17.46 -55.06 -136.63
N VAL ZB 147 17.35 -56.38 -136.58
CA VAL ZB 147 17.93 -57.19 -135.53
C VAL ZB 147 19.06 -58.04 -136.12
N GLU ZB 148 20.19 -58.08 -135.42
CA GLU ZB 148 21.32 -58.88 -135.87
C GLU ZB 148 21.66 -59.90 -134.79
N ALA ZB 149 21.82 -61.16 -135.20
CA ALA ZB 149 21.98 -62.27 -134.27
C ALA ZB 149 23.31 -62.98 -134.48
N TYR ZB 150 23.97 -63.31 -133.36
CA TYR ZB 150 25.13 -64.18 -133.34
C TYR ZB 150 24.87 -65.29 -132.34
N TYR ZB 151 25.24 -66.52 -132.69
CA TYR ZB 151 24.80 -67.66 -131.89
C TYR ZB 151 25.78 -68.82 -132.03
N GLU ZB 152 25.70 -69.73 -131.06
CA GLU ZB 152 26.32 -71.05 -131.13
C GLU ZB 152 25.37 -72.05 -130.48
N ALA ZB 153 25.01 -73.09 -131.22
CA ALA ZB 153 24.04 -74.06 -130.74
C ALA ZB 153 24.70 -75.11 -129.85
N LYS ZB 154 23.90 -75.70 -128.96
CA LYS ZB 154 24.38 -76.76 -128.10
C LYS ZB 154 24.69 -78.01 -128.91
N GLU ZB 155 25.61 -78.81 -128.39
CA GLU ZB 155 26.07 -80.01 -129.08
C GLU ZB 155 25.03 -81.12 -128.98
N GLY ZB 156 24.57 -81.61 -130.13
CA GLY ZB 156 23.69 -82.76 -130.15
C GLY ZB 156 22.27 -82.50 -129.73
N MET ZB 157 21.80 -81.26 -129.79
CA MET ZB 157 20.44 -80.92 -129.38
C MET ZB 157 19.60 -80.64 -130.62
N LEU ZB 158 18.45 -81.31 -130.72
CA LEU ZB 158 17.55 -81.15 -131.84
C LEU ZB 158 16.20 -80.67 -131.35
N PHE ZB 159 15.61 -79.71 -132.07
CA PHE ZB 159 14.35 -79.10 -131.68
C PHE ZB 159 13.77 -78.36 -132.87
N ASP ZB 160 12.52 -77.91 -132.71
CA ASP ZB 160 11.85 -77.13 -133.73
C ASP ZB 160 10.73 -76.33 -133.08
N SER ZB 161 10.32 -75.27 -133.78
CA SER ZB 161 9.22 -74.41 -133.34
C SER ZB 161 9.49 -73.81 -131.95
N LEU ZB 162 10.60 -73.09 -131.83
CA LEU ZB 162 10.97 -72.42 -130.59
C LEU ZB 162 10.91 -70.92 -130.78
N PRO ZB 163 10.08 -70.21 -130.02
CA PRO ZB 163 9.94 -68.76 -130.23
C PRO ZB 163 10.94 -67.93 -129.44
N VAL ZB 164 11.25 -66.76 -129.98
CA VAL ZB 164 12.08 -65.76 -129.33
C VAL ZB 164 11.25 -64.49 -129.19
N ILE ZB 165 11.19 -63.95 -127.97
CA ILE ZB 165 10.28 -62.87 -127.62
C ILE ZB 165 11.07 -61.68 -127.11
N LEU ZB 166 10.71 -60.48 -127.59
CA LEU ZB 166 11.27 -59.22 -127.12
C LEU ZB 166 10.15 -58.34 -126.59
N ASN ZB 167 10.46 -57.55 -125.57
CA ASN ZB 167 9.47 -56.69 -124.92
C ASN ZB 167 9.96 -55.24 -124.91
N PHE ZB 168 9.02 -54.31 -124.99
CA PHE ZB 168 9.31 -52.88 -124.99
C PHE ZB 168 8.54 -52.20 -123.87
N GLN ZB 169 9.19 -51.24 -123.20
CA GLN ZB 169 8.55 -50.45 -122.16
C GLN ZB 169 9.02 -49.01 -122.26
N VAL ZB 170 8.08 -48.07 -122.13
CA VAL ZB 170 8.37 -46.64 -122.23
C VAL ZB 170 8.68 -46.11 -120.83
N LEU ZB 171 9.81 -45.42 -120.70
CA LEU ZB 171 10.22 -44.83 -119.44
C LEU ZB 171 9.93 -43.34 -119.35
N SER ZB 172 10.11 -42.60 -120.45
CA SER ZB 172 9.86 -41.17 -120.46
C SER ZB 172 9.70 -40.71 -121.90
N VAL ZB 173 8.78 -39.76 -122.12
CA VAL ZB 173 8.56 -39.18 -123.44
C VAL ZB 173 8.44 -37.67 -123.28
N SER ZB 174 8.90 -36.95 -124.30
CA SER ZB 174 8.84 -35.49 -124.30
C SER ZB 174 8.69 -34.93 -125.71
N THR AC 26 -53.29 -10.29 -95.64
CA THR AC 26 -51.95 -10.09 -95.11
C THR AC 26 -51.23 -11.42 -94.96
N THR AC 27 -50.56 -11.85 -96.03
CA THR AC 27 -49.85 -13.13 -96.06
C THR AC 27 -48.38 -12.88 -96.36
N GLN AC 28 -47.51 -13.54 -95.60
CA GLN AC 28 -46.07 -13.44 -95.77
C GLN AC 28 -45.56 -14.69 -96.49
N SER AC 29 -44.86 -14.49 -97.60
CA SER AC 29 -44.43 -15.64 -98.39
C SER AC 29 -42.92 -15.87 -98.24
N PRO AC 30 -42.48 -17.13 -98.24
CA PRO AC 30 -41.04 -17.40 -98.15
C PRO AC 30 -40.32 -17.31 -99.49
N LEU AC 31 -41.04 -17.38 -100.61
CA LEU AC 31 -40.48 -17.16 -101.95
C LEU AC 31 -39.41 -18.19 -102.29
N ASN AC 32 -39.74 -19.47 -102.05
CA ASN AC 32 -38.82 -20.56 -102.39
C ASN AC 32 -39.55 -21.77 -102.97
N SER AC 33 -40.76 -21.58 -103.50
CA SER AC 33 -41.56 -22.68 -104.03
C SER AC 33 -41.40 -22.79 -105.55
N PHE AC 34 -40.17 -23.09 -105.97
CA PHE AC 34 -39.85 -23.27 -107.38
C PHE AC 34 -38.91 -24.46 -107.53
N TYR AC 35 -39.20 -25.31 -108.52
CA TYR AC 35 -38.42 -26.53 -108.70
C TYR AC 35 -38.32 -26.88 -110.18
N ALA AC 36 -37.32 -27.68 -110.51
CA ALA AC 36 -37.13 -28.24 -111.85
C ALA AC 36 -36.48 -29.61 -111.69
N THR AC 37 -36.87 -30.56 -112.55
CA THR AC 37 -36.50 -31.95 -112.36
C THR AC 37 -35.97 -32.55 -113.66
N GLY AC 38 -34.93 -33.38 -113.53
CA GLY AC 38 -34.41 -34.18 -114.62
C GLY AC 38 -34.26 -35.64 -114.23
N THR AC 39 -33.64 -36.45 -115.09
CA THR AC 39 -33.50 -37.88 -114.82
C THR AC 39 -32.17 -38.37 -115.38
N ALA AC 40 -31.74 -39.53 -114.89
CA ALA AC 40 -30.51 -40.18 -115.36
C ALA AC 40 -30.64 -41.68 -115.14
N GLN AC 41 -29.83 -42.44 -115.87
CA GLN AC 41 -29.88 -43.89 -115.78
C GLN AC 41 -28.59 -44.50 -116.33
N ALA AC 42 -28.38 -45.77 -115.99
CA ALA AC 42 -27.27 -46.54 -116.54
C ALA AC 42 -27.65 -48.02 -116.40
N VAL AC 43 -27.93 -48.69 -117.52
CA VAL AC 43 -28.56 -50.01 -117.48
C VAL AC 43 -27.79 -51.03 -118.32
N GLN AC 44 -26.49 -50.85 -118.52
CA GLN AC 44 -25.72 -51.84 -119.26
C GLN AC 44 -24.24 -51.77 -118.86
N GLU AC 45 -23.56 -52.91 -119.03
CA GLU AC 45 -22.14 -53.03 -118.73
C GLU AC 45 -21.29 -52.44 -119.86
N PRO AC 46 -20.07 -51.99 -119.55
CA PRO AC 46 -19.28 -51.29 -120.58
C PRO AC 46 -19.00 -52.12 -121.82
N ILE AC 47 -18.72 -53.42 -121.68
CA ILE AC 47 -18.26 -54.23 -122.79
C ILE AC 47 -19.09 -55.51 -122.89
N ASP AC 48 -19.04 -56.12 -124.07
CA ASP AC 48 -19.63 -57.42 -124.32
C ASP AC 48 -18.58 -58.27 -125.05
N VAL AC 49 -18.50 -59.55 -124.71
CA VAL AC 49 -17.43 -60.42 -125.21
C VAL AC 49 -18.06 -61.65 -125.85
N GLU AC 50 -17.60 -61.99 -127.06
CA GLU AC 50 -18.08 -63.17 -127.78
C GLU AC 50 -16.87 -63.95 -128.29
N SER AC 51 -16.96 -65.28 -128.24
CA SER AC 51 -15.84 -66.16 -128.51
C SER AC 51 -16.05 -66.92 -129.82
N HIS AC 52 -14.96 -67.12 -130.56
CA HIS AC 52 -14.97 -67.89 -131.80
C HIS AC 52 -13.72 -68.78 -131.89
N LEU AC 53 -13.38 -69.45 -130.80
CA LEU AC 53 -12.23 -70.35 -130.76
C LEU AC 53 -12.69 -71.73 -131.22
N ASP AC 54 -12.53 -72.00 -132.51
CA ASP AC 54 -13.03 -73.23 -133.13
C ASP AC 54 -11.91 -74.01 -133.82
N ASN AC 55 -10.77 -74.14 -133.15
CA ASN AC 55 -9.69 -75.01 -133.60
C ASN AC 55 -9.17 -75.83 -132.44
N THR AC 56 -8.68 -77.02 -132.75
CA THR AC 56 -8.27 -77.98 -131.75
C THR AC 56 -6.77 -78.24 -131.84
N ILE AC 57 -6.07 -78.17 -130.71
CA ILE AC 57 -4.67 -78.57 -130.62
C ILE AC 57 -4.64 -80.09 -130.60
N ALA AC 58 -4.27 -80.70 -131.71
CA ALA AC 58 -4.30 -82.15 -131.86
C ALA AC 58 -2.96 -82.66 -132.38
N PRO AC 59 -1.94 -82.69 -131.53
CA PRO AC 59 -0.67 -83.30 -131.90
C PRO AC 59 -0.62 -84.76 -131.47
N ALA AC 60 0.47 -85.43 -131.88
CA ALA AC 60 0.75 -86.77 -131.38
C ALA AC 60 1.34 -86.68 -129.97
N ALA AC 61 1.42 -87.84 -129.31
CA ALA AC 61 1.93 -87.88 -127.94
C ALA AC 61 3.41 -87.54 -127.92
N GLY AC 62 3.78 -86.55 -127.12
CA GLY AC 62 5.16 -86.16 -126.96
C GLY AC 62 5.73 -85.28 -128.05
N ALA AC 63 4.89 -84.76 -128.95
CA ALA AC 63 5.36 -83.98 -130.08
C ALA AC 63 5.44 -82.49 -129.73
N GLN AC 64 6.28 -81.79 -130.48
CA GLN AC 64 6.43 -80.34 -130.37
C GLN AC 64 5.77 -79.70 -131.58
N GLY AC 65 4.89 -78.72 -131.34
CA GLY AC 65 4.06 -78.22 -132.41
C GLY AC 65 3.88 -76.72 -132.52
N TYR AC 66 2.93 -76.32 -133.35
CA TYR AC 66 2.68 -74.92 -133.70
C TYR AC 66 1.28 -74.80 -134.28
N LYS AC 67 0.40 -74.04 -133.62
CA LYS AC 67 -1.01 -74.08 -133.98
C LYS AC 67 -1.65 -72.72 -133.68
N ASP AC 68 -2.68 -72.39 -134.46
CA ASP AC 68 -3.54 -71.24 -134.21
C ASP AC 68 -4.93 -71.73 -133.83
N MET AC 69 -5.71 -70.88 -133.16
CA MET AC 69 -6.95 -71.31 -132.54
C MET AC 69 -8.19 -70.61 -133.09
N GLY AC 70 -8.19 -69.29 -133.15
CA GLY AC 70 -9.38 -68.55 -133.55
C GLY AC 70 -9.24 -67.09 -133.13
N TYR AC 71 -10.38 -66.43 -132.95
CA TYR AC 71 -10.37 -65.03 -132.56
C TYR AC 71 -11.55 -64.74 -131.64
N VAL AC 72 -11.43 -63.63 -130.91
CA VAL AC 72 -12.42 -63.22 -129.92
C VAL AC 72 -12.86 -61.79 -130.22
N LYS AC 73 -14.16 -61.53 -130.09
CA LYS AC 73 -14.73 -60.22 -130.39
C LYS AC 73 -15.10 -59.49 -129.10
N ILE AC 74 -14.80 -58.20 -129.05
CA ILE AC 74 -15.12 -57.34 -127.92
C ILE AC 74 -15.94 -56.16 -128.44
N ILE AC 75 -17.03 -55.84 -127.75
CA ILE AC 75 -17.94 -54.78 -128.16
C ILE AC 75 -17.97 -53.71 -127.06
N ASN AC 76 -17.83 -52.45 -127.47
CA ASN AC 76 -17.78 -51.32 -126.56
C ASN AC 76 -18.95 -50.36 -126.79
N TYR AC 77 -19.47 -49.80 -125.70
CA TYR AC 77 -20.77 -49.15 -125.66
C TYR AC 77 -20.64 -47.66 -125.35
N THR AC 78 -21.79 -47.03 -125.10
CA THR AC 78 -21.92 -45.58 -125.10
C THR AC 78 -20.93 -44.91 -124.15
N ASP AC 79 -20.29 -43.85 -124.63
CA ASP AC 79 -19.39 -42.99 -123.86
C ASP AC 79 -18.17 -43.74 -123.34
N VAL AC 80 -17.74 -44.79 -124.04
CA VAL AC 80 -16.56 -45.57 -123.69
C VAL AC 80 -15.48 -45.28 -124.72
N ASN AC 81 -14.28 -44.98 -124.25
CA ASN AC 81 -13.16 -44.69 -125.14
C ASN AC 81 -11.94 -45.56 -124.88
N VAL AC 82 -11.62 -45.85 -123.62
CA VAL AC 82 -10.44 -46.62 -123.25
C VAL AC 82 -10.85 -47.66 -122.23
N VAL AC 83 -10.39 -48.90 -122.42
CA VAL AC 83 -10.71 -50.02 -121.55
C VAL AC 83 -9.42 -50.68 -121.08
N LYS AC 84 -9.33 -50.97 -119.79
CA LYS AC 84 -8.22 -51.71 -119.21
C LYS AC 84 -8.72 -53.10 -118.83
N LEU AC 85 -8.01 -54.13 -119.28
CA LEU AC 85 -8.46 -55.50 -119.12
C LEU AC 85 -7.38 -56.36 -118.49
N LYS AC 86 -7.81 -57.44 -117.83
CA LYS AC 86 -6.93 -58.45 -117.28
C LYS AC 86 -7.36 -59.81 -117.78
N VAL AC 87 -6.42 -60.56 -118.36
CA VAL AC 87 -6.69 -61.86 -118.96
C VAL AC 87 -5.86 -62.91 -118.23
N THR AC 88 -6.50 -64.02 -117.87
CA THR AC 88 -5.85 -65.07 -117.13
C THR AC 88 -6.32 -66.43 -117.63
N LEU AC 89 -5.53 -67.46 -117.32
CA LEU AC 89 -5.88 -68.85 -117.61
C LEU AC 89 -6.59 -69.44 -116.40
N ALA AC 90 -7.87 -69.77 -116.56
CA ALA AC 90 -8.68 -70.19 -115.43
C ALA AC 90 -8.34 -71.59 -114.95
N ASN AC 91 -8.02 -72.50 -115.88
CA ASN AC 91 -7.82 -73.90 -115.54
C ASN AC 91 -6.38 -74.34 -115.81
N ALA AC 92 -5.41 -73.50 -115.42
CA ALA AC 92 -4.01 -73.84 -115.63
C ALA AC 92 -3.60 -75.04 -114.80
N ALA AC 93 -4.16 -75.20 -113.60
CA ALA AC 93 -3.80 -76.31 -112.74
C ALA AC 93 -4.19 -77.65 -113.36
N GLN AC 94 -5.35 -77.70 -114.02
CA GLN AC 94 -5.81 -78.93 -114.65
C GLN AC 94 -4.92 -79.31 -115.84
N LEU AC 95 -4.40 -78.33 -116.57
CA LEU AC 95 -3.61 -78.58 -117.77
C LEU AC 95 -2.16 -78.92 -117.46
N ARG AC 96 -1.70 -78.75 -116.22
CA ARG AC 96 -0.31 -79.03 -115.90
C ARG AC 96 0.12 -80.48 -116.15
N PRO AC 97 -0.62 -81.51 -115.73
CA PRO AC 97 -0.14 -82.89 -115.96
C PRO AC 97 -0.08 -83.29 -117.42
N TYR AC 98 -0.68 -82.52 -118.33
CA TYR AC 98 -0.77 -82.90 -119.73
C TYR AC 98 0.28 -82.22 -120.62
N PHE AC 99 0.97 -81.20 -120.13
CA PHE AC 99 1.88 -80.42 -120.95
C PHE AC 99 3.16 -80.12 -120.19
N LYS AC 100 4.29 -80.16 -120.92
CA LYS AC 100 5.53 -79.61 -120.38
C LYS AC 100 5.52 -78.09 -120.40
N TYR AC 101 5.01 -77.50 -121.48
CA TYR AC 101 4.86 -76.05 -121.55
C TYR AC 101 3.76 -75.73 -122.56
N LEU AC 102 3.15 -74.56 -122.38
CA LEU AC 102 2.09 -74.10 -123.27
C LEU AC 102 2.04 -72.58 -123.19
N GLN AC 103 2.18 -71.92 -124.34
CA GLN AC 103 2.20 -70.46 -124.40
C GLN AC 103 1.15 -69.95 -125.37
N LEU AC 104 0.46 -68.89 -124.98
CA LEU AC 104 -0.58 -68.27 -125.79
C LEU AC 104 -0.17 -66.85 -126.12
N VAL AC 105 -0.31 -66.47 -127.39
CA VAL AC 105 0.06 -65.15 -127.88
C VAL AC 105 -1.19 -64.44 -128.38
N LEU AC 106 -1.44 -63.24 -127.88
CA LEU AC 106 -2.59 -62.44 -128.24
C LEU AC 106 -2.14 -61.22 -129.03
N THR AC 107 -2.75 -60.99 -130.19
CA THR AC 107 -2.40 -59.87 -131.04
C THR AC 107 -3.66 -59.11 -131.44
N SER AC 108 -3.57 -57.78 -131.44
CA SER AC 108 -4.65 -56.92 -131.91
C SER AC 108 -4.44 -56.64 -133.40
N ASN AC 109 -5.51 -56.82 -134.19
CA ASN AC 109 -5.44 -56.79 -135.64
C ASN AC 109 -6.58 -55.97 -136.22
N ALA AC 110 -7.59 -55.64 -135.41
CA ALA AC 110 -8.82 -55.04 -135.93
C ALA AC 110 -8.57 -53.80 -136.78
N SER AC 111 -7.47 -53.08 -136.51
CA SER AC 111 -6.97 -52.04 -137.40
C SER AC 111 -6.05 -52.67 -138.43
N SER AC 112 -6.40 -52.54 -139.71
CA SER AC 112 -5.60 -53.13 -140.77
C SER AC 112 -4.23 -52.49 -140.89
N THR AC 113 -4.04 -51.30 -140.32
CA THR AC 113 -2.75 -50.62 -140.38
C THR AC 113 -1.86 -50.92 -139.18
N VAL AC 114 -2.45 -51.20 -138.02
CA VAL AC 114 -1.70 -51.39 -136.78
C VAL AC 114 -1.98 -52.79 -136.25
N GLU AC 115 -1.06 -53.72 -136.49
CA GLU AC 115 -1.06 -55.03 -135.85
C GLU AC 115 -0.12 -54.99 -134.66
N GLU AC 116 -0.61 -55.41 -133.50
CA GLU AC 116 0.21 -55.40 -132.29
C GLU AC 116 -0.07 -56.63 -131.44
N THR AC 117 1.00 -57.28 -130.98
CA THR AC 117 0.90 -58.31 -129.96
C THR AC 117 0.87 -57.65 -128.59
N LYS AC 118 -0.12 -58.02 -127.77
CA LYS AC 118 -0.36 -57.35 -126.49
C LYS AC 118 0.12 -58.13 -125.28
N ALA AC 119 -0.03 -59.46 -125.26
CA ALA AC 119 0.36 -60.22 -124.10
C ALA AC 119 0.74 -61.64 -124.50
N VAL AC 120 1.52 -62.28 -123.63
CA VAL AC 120 1.90 -63.68 -123.78
C VAL AC 120 1.55 -64.38 -122.47
N LEU AC 121 0.78 -65.45 -122.56
CA LEU AC 121 0.36 -66.21 -121.39
C LEU AC 121 1.02 -67.58 -121.39
N SER AC 122 1.28 -68.09 -120.19
CA SER AC 122 1.94 -69.39 -120.03
C SER AC 122 1.42 -70.05 -118.76
N LEU AC 123 1.78 -71.32 -118.59
CA LEU AC 123 1.35 -72.08 -117.43
C LEU AC 123 2.03 -71.61 -116.15
N LYS AC 124 3.19 -70.96 -116.26
CA LYS AC 124 3.90 -70.46 -115.10
C LYS AC 124 3.50 -69.03 -114.74
N LYS AC 125 3.14 -68.22 -115.73
CA LYS AC 125 2.67 -66.85 -115.52
C LYS AC 125 1.35 -66.69 -116.26
N PRO AC 126 0.23 -67.08 -115.63
CA PRO AC 126 -1.04 -67.16 -116.36
C PRO AC 126 -1.74 -65.84 -116.60
N SER AC 127 -1.35 -64.76 -115.93
CA SER AC 127 -2.11 -63.51 -115.96
C SER AC 127 -1.31 -62.41 -116.65
N ALA AC 128 -2.04 -61.49 -117.29
CA ALA AC 128 -1.44 -60.35 -117.95
C ALA AC 128 -2.46 -59.22 -118.00
N VAL AC 129 -1.95 -58.00 -118.18
CA VAL AC 129 -2.77 -56.80 -118.25
C VAL AC 129 -2.48 -56.09 -119.58
N ILE AC 130 -3.53 -55.75 -120.31
CA ILE AC 130 -3.40 -55.13 -121.63
C ILE AC 130 -4.21 -53.84 -121.66
N ILE AC 131 -3.91 -53.00 -122.66
CA ILE AC 131 -4.55 -51.71 -122.83
C ILE AC 131 -5.09 -51.63 -124.25
N LEU AC 132 -6.35 -51.21 -124.37
CA LEU AC 132 -6.97 -50.95 -125.66
C LEU AC 132 -7.33 -49.48 -125.75
N ASP AC 133 -6.93 -48.83 -126.85
CA ASP AC 133 -7.11 -47.39 -126.99
C ASP AC 133 -7.78 -47.01 -128.31
N ASN AC 134 -7.76 -45.72 -128.64
CA ASN AC 134 -8.47 -45.23 -129.82
C ASN AC 134 -8.01 -45.91 -131.10
N ASP AC 135 -6.72 -46.27 -131.18
CA ASP AC 135 -6.21 -46.89 -132.40
C ASP AC 135 -6.77 -48.30 -132.60
N ASP AC 136 -7.00 -49.03 -131.50
CA ASP AC 136 -7.47 -50.41 -131.62
C ASP AC 136 -8.92 -50.47 -132.09
N TYR AC 137 -9.75 -49.54 -131.63
CA TYR AC 137 -11.18 -49.58 -131.91
C TYR AC 137 -11.50 -49.23 -133.35
N SER AC 138 -11.13 -50.12 -134.28
CA SER AC 138 -11.52 -49.96 -135.67
C SER AC 138 -12.98 -50.30 -135.86
N SER AC 139 -13.59 -49.72 -136.88
CA SER AC 139 -15.03 -49.71 -137.11
C SER AC 139 -15.78 -49.06 -135.94
N THR AC 140 -15.05 -48.46 -135.00
CA THR AC 140 -15.56 -47.66 -133.89
C THR AC 140 -16.35 -48.49 -132.87
N ASN AC 141 -16.48 -49.80 -133.10
CA ASN AC 141 -17.38 -50.59 -132.26
C ASN AC 141 -16.85 -51.94 -131.80
N LYS AC 142 -15.71 -52.43 -132.32
CA LYS AC 142 -15.31 -53.79 -131.97
C LYS AC 142 -13.80 -53.97 -132.01
N ILE AC 143 -13.35 -54.95 -131.23
CA ILE AC 143 -11.96 -55.39 -131.18
C ILE AC 143 -11.89 -56.84 -131.64
N GLN AC 144 -10.90 -57.17 -132.45
CA GLN AC 144 -10.65 -58.54 -132.90
C GLN AC 144 -9.28 -58.97 -132.42
N LEU AC 145 -9.23 -60.10 -131.71
CA LEU AC 145 -8.00 -60.65 -131.15
C LEU AC 145 -7.94 -62.14 -131.43
N LYS AC 146 -6.96 -62.57 -132.22
CA LYS AC 146 -6.72 -63.99 -132.41
C LYS AC 146 -5.70 -64.52 -131.41
N VAL AC 147 -5.72 -65.83 -131.23
CA VAL AC 147 -4.91 -66.52 -130.22
C VAL AC 147 -3.87 -67.37 -130.94
N GLU AC 148 -2.63 -67.30 -130.46
CA GLU AC 148 -1.55 -68.10 -131.04
C GLU AC 148 -0.97 -68.99 -129.96
N ALA AC 149 -0.80 -70.27 -130.27
CA ALA AC 149 -0.43 -71.28 -129.29
C ALA AC 149 0.88 -71.95 -129.68
N TYR AC 150 1.75 -72.15 -128.69
CA TYR AC 150 2.94 -72.97 -128.81
C TYR AC 150 2.93 -73.99 -127.67
N TYR AC 151 3.30 -75.23 -127.97
CA TYR AC 151 3.08 -76.30 -127.01
C TYR AC 151 4.07 -77.43 -127.22
N GLU AC 152 4.22 -78.25 -126.18
CA GLU AC 152 4.89 -79.54 -126.25
C GLU AC 152 4.14 -80.50 -125.35
N ALA AC 153 3.70 -81.63 -125.91
CA ALA AC 153 2.89 -82.59 -125.18
C ALA AC 153 3.75 -83.52 -124.35
N LYS AC 154 3.16 -84.05 -123.27
CA LYS AC 154 3.85 -85.00 -122.42
C LYS AC 154 4.08 -86.32 -123.16
N GLU AC 155 5.13 -87.03 -122.76
CA GLU AC 155 5.53 -88.27 -123.42
C GLU AC 155 4.58 -89.39 -123.02
N GLY AC 156 3.95 -90.01 -124.02
CA GLY AC 156 3.15 -91.20 -123.78
C GLY AC 156 1.81 -90.96 -123.12
N MET AC 157 1.27 -89.75 -123.20
CA MET AC 157 -0.01 -89.42 -122.58
C MET AC 157 -1.07 -89.30 -123.66
N LEU AC 158 -2.18 -90.01 -123.50
CA LEU AC 158 -3.29 -90.01 -124.44
C LEU AC 158 -4.55 -89.52 -123.76
N PHE AC 159 -5.31 -88.68 -124.45
CA PHE AC 159 -6.50 -88.08 -123.87
C PHE AC 159 -7.34 -87.48 -125.00
N ASP AC 160 -8.56 -87.07 -124.65
CA ASP AC 160 -9.44 -86.41 -125.61
C ASP AC 160 -10.47 -85.60 -124.83
N SER AC 161 -11.05 -84.62 -125.52
CA SER AC 161 -12.11 -83.77 -124.96
C SER AC 161 -11.63 -83.03 -123.72
N LEU AC 162 -10.55 -82.26 -123.87
CA LEU AC 162 -10.01 -81.46 -122.77
C LEU AC 162 -10.18 -79.99 -123.07
N PRO AC 163 -10.91 -79.23 -122.25
CA PRO AC 163 -11.17 -77.82 -122.55
C PRO AC 163 -10.08 -76.89 -122.04
N VAL AC 164 -9.95 -75.76 -122.73
CA VAL AC 164 -9.07 -74.66 -122.33
C VAL AC 164 -9.93 -73.42 -122.14
N ILE AC 165 -9.80 -72.77 -120.99
CA ILE AC 165 -10.70 -71.70 -120.58
C ILE AC 165 -9.89 -70.43 -120.34
N LEU AC 166 -10.40 -69.30 -120.84
CA LEU AC 166 -9.83 -67.99 -120.59
C LEU AC 166 -10.89 -67.10 -119.95
N ASN AC 167 -10.45 -66.20 -119.08
CA ASN AC 167 -11.34 -65.32 -118.33
C ASN AC 167 -10.94 -63.86 -118.53
N PHE AC 168 -11.93 -62.98 -118.52
CA PHE AC 168 -11.73 -61.55 -118.70
C PHE AC 168 -12.33 -60.79 -117.51
N GLN AC 169 -11.63 -59.74 -117.07
CA GLN AC 169 -12.10 -58.89 -116.00
C GLN AC 169 -11.73 -57.44 -116.31
N VAL AC 170 -12.69 -56.54 -116.10
CA VAL AC 170 -12.51 -55.11 -116.37
C VAL AC 170 -11.99 -54.44 -115.11
N LEU AC 171 -10.89 -53.70 -115.25
CA LEU AC 171 -10.31 -52.97 -114.14
C LEU AC 171 -10.64 -51.48 -114.14
N SER AC 172 -10.72 -50.86 -115.30
CA SER AC 172 -11.05 -49.44 -115.40
C SER AC 172 -11.48 -49.13 -116.83
N VAL AC 173 -12.46 -48.25 -116.95
CA VAL AC 173 -12.97 -47.80 -118.24
C VAL AC 173 -13.14 -46.29 -118.21
N SER AC 174 -12.91 -45.65 -119.35
CA SER AC 174 -13.06 -44.20 -119.46
C SER AC 174 -13.48 -43.79 -120.87
N THR BC 26 -70.35 -18.83 -82.18
CA THR BC 26 -68.94 -18.52 -81.93
C THR BC 26 -68.14 -19.80 -81.80
N THR BC 27 -67.64 -20.30 -82.93
CA THR BC 27 -66.88 -21.54 -82.98
C THR BC 27 -65.50 -21.28 -83.57
N GLN BC 28 -64.47 -21.83 -82.92
CA GLN BC 28 -63.09 -21.68 -83.36
C GLN BC 28 -62.66 -22.97 -84.05
N SER BC 29 -62.17 -22.86 -85.29
CA SER BC 29 -61.82 -24.05 -86.03
C SER BC 29 -60.32 -24.21 -86.15
N PRO BC 30 -59.81 -25.45 -86.12
CA PRO BC 30 -58.36 -25.65 -86.28
C PRO BC 30 -57.90 -25.66 -87.72
N LEU BC 31 -58.80 -25.86 -88.69
CA LEU BC 31 -58.50 -25.75 -90.11
C LEU BC 31 -57.46 -26.79 -90.56
N ASN BC 32 -57.66 -28.04 -90.15
CA ASN BC 32 -56.77 -29.12 -90.56
C ASN BC 32 -57.51 -30.40 -90.88
N SER BC 33 -58.81 -30.31 -91.20
CA SER BC 33 -59.63 -31.48 -91.48
C SER BC 33 -59.74 -31.74 -92.98
N PHE BC 34 -58.59 -32.03 -93.59
CA PHE BC 34 -58.53 -32.34 -95.01
C PHE BC 34 -57.56 -33.50 -95.23
N TYR BC 35 -57.97 -34.45 -96.06
CA TYR BC 35 -57.17 -35.66 -96.28
C TYR BC 35 -57.32 -36.14 -97.72
N ALA BC 36 -56.35 -36.93 -98.16
CA ALA BC 36 -56.37 -37.60 -99.45
C ALA BC 36 -55.63 -38.92 -99.30
N THR BC 37 -56.11 -39.96 -99.98
CA THR BC 37 -55.64 -41.32 -99.75
C THR BC 37 -55.31 -42.03 -101.05
N GLY BC 38 -54.23 -42.79 -101.05
CA GLY BC 38 -53.87 -43.67 -102.14
C GLY BC 38 -53.55 -45.08 -101.66
N THR BC 39 -53.07 -45.95 -102.55
CA THR BC 39 -52.80 -47.33 -102.19
C THR BC 39 -51.57 -47.82 -102.94
N ALA BC 40 -50.99 -48.91 -102.42
CA ALA BC 40 -49.84 -49.55 -103.05
C ALA BC 40 -49.83 -51.03 -102.69
N GLN BC 41 -49.11 -51.83 -103.48
CA GLN BC 41 -49.07 -53.27 -103.26
C GLN BC 41 -47.88 -53.87 -103.98
N ALA BC 42 -47.54 -55.09 -103.58
CA ALA BC 42 -46.50 -55.88 -104.25
C ALA BC 42 -46.75 -57.34 -103.92
N VAL BC 43 -47.21 -58.12 -104.89
CA VAL BC 43 -47.72 -59.46 -104.63
C VAL BC 43 -47.07 -60.53 -105.50
N GLN BC 44 -45.84 -60.32 -105.95
CA GLN BC 44 -45.16 -61.34 -106.73
C GLN BC 44 -43.65 -61.17 -106.62
N GLU BC 45 -42.94 -62.30 -106.80
CA GLU BC 45 -41.48 -62.33 -106.76
C GLU BC 45 -40.89 -61.83 -108.08
N PRO BC 46 -39.67 -61.29 -108.05
CA PRO BC 46 -39.11 -60.67 -109.26
C PRO BC 46 -39.00 -61.61 -110.46
N ILE BC 47 -38.64 -62.87 -110.25
CA ILE BC 47 -38.33 -63.77 -111.36
C ILE BC 47 -39.10 -65.08 -111.19
N ASP BC 48 -39.23 -65.80 -112.30
CA ASP BC 48 -39.77 -67.15 -112.32
C ASP BC 48 -38.83 -68.01 -113.16
N VAL BC 49 -38.61 -69.25 -112.72
CA VAL BC 49 -37.61 -70.12 -113.33
C VAL BC 49 -38.27 -71.43 -113.73
N GLU BC 50 -38.02 -71.87 -114.97
CA GLU BC 50 -38.54 -73.12 -115.49
C GLU BC 50 -37.41 -73.91 -116.13
N SER BC 51 -37.42 -75.23 -115.96
CA SER BC 51 -36.32 -76.10 -116.35
C SER BC 51 -36.72 -76.98 -117.53
N HIS BC 52 -35.77 -77.21 -118.44
CA HIS BC 52 -35.95 -78.09 -119.58
C HIS BC 52 -34.70 -78.94 -119.82
N LEU BC 53 -34.12 -79.48 -118.75
CA LEU BC 53 -32.94 -80.32 -118.85
C LEU BC 53 -33.40 -81.76 -119.09
N ASP BC 54 -33.46 -82.15 -120.36
CA ASP BC 54 -33.99 -83.45 -120.77
C ASP BC 54 -32.97 -84.25 -121.58
N ASN BC 55 -31.72 -84.27 -121.13
CA ASN BC 55 -30.69 -85.13 -121.70
C ASN BC 55 -29.93 -85.82 -120.58
N THR BC 56 -29.43 -87.01 -120.87
CA THR BC 56 -28.78 -87.87 -119.87
C THR BC 56 -27.32 -88.07 -120.22
N ILE BC 57 -26.44 -87.86 -119.24
CA ILE BC 57 -25.03 -88.19 -119.39
C ILE BC 57 -24.90 -89.69 -119.23
N ALA BC 58 -24.71 -90.40 -120.34
CA ALA BC 58 -24.69 -91.87 -120.36
C ALA BC 58 -23.43 -92.36 -121.06
N PRO BC 59 -22.28 -92.27 -120.41
CA PRO BC 59 -21.06 -92.86 -120.96
C PRO BC 59 -20.84 -94.28 -120.42
N ALA BC 60 -19.82 -94.93 -120.96
CA ALA BC 60 -19.38 -96.20 -120.40
C ALA BC 60 -18.54 -95.96 -119.15
N ALA BC 61 -18.29 -97.04 -118.42
CA ALA BC 61 -17.55 -96.93 -117.16
C ALA BC 61 -16.10 -96.54 -117.44
N GLY BC 62 -15.65 -95.46 -116.81
CA GLY BC 62 -14.28 -95.00 -116.95
C GLY BC 62 -13.98 -94.22 -118.20
N ALA BC 63 -14.99 -93.81 -118.96
CA ALA BC 63 -14.78 -93.13 -120.23
C ALA BC 63 -14.71 -91.62 -120.03
N GLN BC 64 -14.07 -90.95 -120.98
CA GLN BC 64 -13.98 -89.49 -121.02
C GLN BC 64 -14.88 -88.99 -122.15
N GLY BC 65 -15.76 -88.03 -121.83
CA GLY BC 65 -16.79 -87.68 -122.77
C GLY BC 65 -17.07 -86.20 -122.98
N TYR BC 66 -18.19 -85.92 -123.66
CA TYR BC 66 -18.57 -84.57 -124.08
C TYR BC 66 -20.05 -84.56 -124.39
N LYS BC 67 -20.84 -83.79 -123.65
CA LYS BC 67 -22.29 -83.90 -123.74
C LYS BC 67 -22.94 -82.56 -123.44
N ASP BC 68 -24.10 -82.34 -124.05
CA ASP BC 68 -24.97 -81.20 -123.74
C ASP BC 68 -26.24 -81.71 -123.08
N MET BC 69 -26.93 -80.83 -122.36
CA MET BC 69 -28.02 -81.24 -121.47
C MET BC 69 -29.38 -80.66 -121.85
N GLY BC 70 -29.46 -79.35 -122.03
CA GLY BC 70 -30.74 -78.69 -122.27
C GLY BC 70 -30.60 -77.19 -122.01
N TYR BC 71 -31.73 -76.57 -121.68
CA TYR BC 71 -31.73 -75.13 -121.42
C TYR BC 71 -32.74 -74.80 -120.32
N VAL BC 72 -32.56 -73.62 -119.74
CA VAL BC 72 -33.38 -73.16 -118.61
C VAL BC 72 -33.94 -71.79 -118.96
N LYS BC 73 -35.21 -71.56 -118.62
CA LYS BC 73 -35.90 -70.32 -118.91
C LYS BC 73 -36.07 -69.48 -117.64
N ILE BC 74 -35.84 -68.18 -117.76
CA ILE BC 74 -36.00 -67.22 -116.68
C ILE BC 74 -36.96 -66.14 -117.13
N ILE BC 75 -37.93 -65.80 -116.29
CA ILE BC 75 -38.96 -64.82 -116.61
C ILE BC 75 -38.85 -63.65 -115.63
N ASN BC 76 -38.86 -62.43 -116.17
CA ASN BC 76 -38.71 -61.21 -115.39
C ASN BC 76 -39.95 -60.34 -115.49
N TYR BC 77 -40.29 -59.69 -114.38
CA TYR BC 77 -41.61 -59.09 -114.15
C TYR BC 77 -41.51 -57.58 -114.00
N THR BC 78 -42.62 -56.97 -113.59
CA THR BC 78 -42.83 -55.53 -113.70
C THR BC 78 -41.73 -54.74 -113.01
N ASP BC 79 -41.24 -53.70 -113.70
CA ASP BC 79 -40.28 -52.74 -113.18
C ASP BC 79 -38.93 -53.38 -112.83
N VAL BC 80 -38.59 -54.47 -113.50
CA VAL BC 80 -37.32 -55.17 -113.30
C VAL BC 80 -36.46 -54.94 -114.53
N ASN BC 81 -35.21 -54.54 -114.32
CA ASN BC 81 -34.28 -54.30 -115.43
C ASN BC 81 -33.00 -55.09 -115.32
N VAL BC 82 -32.44 -55.24 -114.12
CA VAL BC 82 -31.17 -55.93 -113.92
C VAL BC 82 -31.33 -56.89 -112.75
N VAL BC 83 -30.84 -58.11 -112.92
CA VAL BC 83 -30.94 -59.15 -111.90
C VAL BC 83 -29.55 -59.72 -111.63
N LYS BC 84 -29.22 -59.88 -110.35
CA LYS BC 84 -27.98 -60.51 -109.92
C LYS BC 84 -28.32 -61.88 -109.32
N LEU BC 85 -27.65 -62.92 -109.81
CA LEU BC 85 -27.98 -64.29 -109.46
C LEU BC 85 -26.75 -65.04 -108.96
N LYS BC 86 -27.01 -66.06 -108.14
CA LYS BC 86 -25.98 -66.98 -107.67
C LYS BC 86 -26.42 -68.40 -107.97
N VAL BC 87 -25.56 -69.16 -108.64
CA VAL BC 87 -25.86 -70.52 -109.07
C VAL BC 87 -24.86 -71.46 -108.41
N THR BC 88 -25.36 -72.56 -107.85
CA THR BC 88 -24.52 -73.52 -107.14
C THR BC 88 -25.00 -74.93 -107.43
N LEU BC 89 -24.11 -75.90 -107.17
CA LEU BC 89 -24.43 -77.31 -107.28
C LEU BC 89 -24.86 -77.81 -105.91
N ALA BC 90 -26.14 -78.20 -105.80
CA ALA BC 90 -26.71 -78.54 -104.51
C ALA BC 90 -26.21 -79.89 -103.99
N ASN BC 91 -26.01 -80.86 -104.87
CA ASN BC 91 -25.67 -82.21 -104.44
C ASN BC 91 -24.28 -82.61 -104.94
N ALA BC 92 -23.31 -81.71 -104.81
CA ALA BC 92 -21.95 -82.01 -105.25
C ALA BC 92 -21.33 -83.11 -104.40
N ALA BC 93 -21.66 -83.17 -103.11
CA ALA BC 93 -21.08 -84.19 -102.23
C ALA BC 93 -21.51 -85.59 -102.66
N GLN BC 94 -22.77 -85.75 -103.08
CA GLN BC 94 -23.25 -87.06 -103.51
C GLN BC 94 -22.58 -87.51 -104.80
N LEU BC 95 -22.26 -86.58 -105.69
CA LEU BC 95 -21.68 -86.92 -106.99
C LEU BC 95 -20.18 -87.17 -106.93
N ARG BC 96 -19.51 -86.86 -105.82
CA ARG BC 96 -18.07 -87.05 -105.74
C ARG BC 96 -17.62 -88.50 -105.94
N PRO BC 97 -18.21 -89.52 -105.29
CA PRO BC 97 -17.70 -90.89 -105.49
C PRO BC 97 -17.89 -91.43 -106.89
N TYR BC 98 -18.68 -90.77 -107.74
CA TYR BC 98 -18.99 -91.30 -109.06
C TYR BC 98 -18.16 -90.66 -110.18
N PHE BC 99 -17.45 -89.57 -109.91
CA PHE BC 99 -16.74 -88.84 -110.96
C PHE BC 99 -15.37 -88.43 -110.48
N LYS BC 100 -14.39 -88.48 -111.39
CA LYS BC 100 -13.10 -87.84 -111.14
C LYS BC 100 -13.20 -86.33 -111.30
N TYR BC 101 -13.93 -85.86 -112.31
CA TYR BC 101 -14.19 -84.43 -112.48
C TYR BC 101 -15.45 -84.25 -113.30
N LEU BC 102 -16.09 -83.10 -113.12
CA LEU BC 102 -17.31 -82.76 -113.83
C LEU BC 102 -17.45 -81.25 -113.87
N GLN BC 103 -17.55 -80.70 -115.08
CA GLN BC 103 -17.61 -79.26 -115.27
C GLN BC 103 -18.85 -78.89 -116.07
N LEU BC 104 -19.52 -77.82 -115.65
CA LEU BC 104 -20.72 -77.32 -116.31
C LEU BC 104 -20.46 -75.92 -116.84
N VAL BC 105 -20.85 -75.67 -118.08
CA VAL BC 105 -20.64 -74.39 -118.75
C VAL BC 105 -21.99 -73.79 -119.07
N LEU BC 106 -22.22 -72.56 -118.64
CA LEU BC 106 -23.47 -71.85 -118.85
C LEU BC 106 -23.23 -70.69 -119.82
N THR BC 107 -24.06 -70.59 -120.86
CA THR BC 107 -23.93 -69.54 -121.86
C THR BC 107 -25.28 -68.87 -122.08
N SER BC 108 -25.26 -67.55 -122.22
CA SER BC 108 -26.46 -66.78 -122.55
C SER BC 108 -26.53 -66.64 -124.07
N ASN BC 109 -27.71 -66.94 -124.63
CA ASN BC 109 -27.90 -67.05 -126.07
C ASN BC 109 -29.18 -66.33 -126.50
N ALA BC 110 -30.06 -65.96 -125.55
CA ALA BC 110 -31.39 -65.47 -125.88
C ALA BC 110 -31.36 -64.31 -126.87
N SER BC 111 -30.26 -63.53 -126.87
CA SER BC 111 -30.00 -62.55 -127.92
C SER BC 111 -29.24 -63.24 -129.05
N SER BC 112 -29.83 -63.25 -130.24
CA SER BC 112 -29.20 -63.92 -131.38
C SER BC 112 -27.91 -63.24 -131.81
N THR BC 113 -27.69 -61.99 -131.39
CA THR BC 113 -26.47 -61.26 -131.75
C THR BC 113 -25.37 -61.41 -130.71
N VAL BC 114 -25.71 -61.60 -129.44
CA VAL BC 114 -24.75 -61.64 -128.35
C VAL BC 114 -24.85 -62.99 -127.65
N GLU BC 115 -23.94 -63.90 -127.98
CA GLU BC 115 -23.75 -65.14 -127.23
C GLU BC 115 -22.61 -64.95 -126.25
N GLU BC 116 -22.86 -65.27 -124.98
CA GLU BC 116 -21.84 -65.12 -123.94
C GLU BC 116 -21.90 -66.27 -122.96
N THR BC 117 -20.72 -66.83 -122.65
CA THR BC 117 -20.58 -67.76 -121.55
C THR BC 117 -20.40 -66.98 -120.24
N LYS BC 118 -21.20 -67.30 -119.23
CA LYS BC 118 -21.25 -66.52 -118.01
C LYS BC 118 -20.52 -67.16 -116.84
N ALA BC 119 -20.58 -68.48 -116.67
CA ALA BC 119 -19.95 -69.12 -115.53
C ALA BC 119 -19.57 -70.55 -115.88
N VAL BC 120 -18.61 -71.08 -115.12
CA VAL BC 120 -18.19 -72.47 -115.21
C VAL BC 120 -18.25 -73.05 -113.80
N LEU BC 121 -18.97 -74.15 -113.64
CA LEU BC 121 -19.13 -74.81 -112.36
C LEU BC 121 -18.39 -76.14 -112.35
N SER BC 122 -17.89 -76.53 -111.18
CA SER BC 122 -17.14 -77.77 -111.04
C SER BC 122 -17.39 -78.33 -109.64
N LEU BC 123 -16.94 -79.57 -109.44
CA LEU BC 123 -17.11 -80.22 -108.14
C LEU BC 123 -16.23 -79.62 -107.06
N LYS BC 124 -15.15 -78.93 -107.45
CA LYS BC 124 -14.27 -78.29 -106.47
C LYS BC 124 -14.68 -76.86 -106.17
N LYS BC 125 -15.27 -76.16 -107.15
CA LYS BC 125 -15.76 -74.79 -106.97
C LYS BC 125 -17.20 -74.76 -107.47
N PRO BC 126 -18.16 -75.12 -106.62
CA PRO BC 126 -19.54 -75.33 -107.10
C PRO BC 126 -20.35 -74.06 -107.32
N SER BC 127 -19.90 -72.91 -106.83
CA SER BC 127 -20.73 -71.70 -106.83
C SER BC 127 -20.12 -70.64 -107.74
N ALA BC 128 -21.01 -69.82 -108.31
CA ALA BC 128 -20.60 -68.72 -109.17
C ALA BC 128 -21.68 -67.64 -109.13
N VAL BC 129 -21.29 -66.43 -109.52
CA VAL BC 129 -22.17 -65.27 -109.54
C VAL BC 129 -22.16 -64.68 -110.96
N ILE BC 130 -23.35 -64.46 -111.51
CA ILE BC 130 -23.49 -63.96 -112.88
C ILE BC 130 -24.36 -62.71 -112.86
N ILE BC 131 -24.29 -61.97 -113.97
CA ILE BC 131 -25.02 -60.72 -114.14
C ILE BC 131 -25.81 -60.79 -115.44
N LEU BC 132 -27.09 -60.45 -115.37
CA LEU BC 132 -27.96 -60.34 -116.53
C LEU BC 132 -28.41 -58.89 -116.68
N ASP BC 133 -28.25 -58.34 -117.88
CA ASP BC 133 -28.52 -56.93 -118.12
C ASP BC 133 -29.44 -56.71 -119.32
N ASN BC 134 -29.56 -55.45 -119.76
CA ASN BC 134 -30.48 -55.10 -120.83
C ASN BC 134 -30.23 -55.89 -122.11
N ASP BC 135 -28.96 -56.21 -122.39
CA ASP BC 135 -28.65 -56.92 -123.63
C ASP BC 135 -29.15 -58.36 -123.60
N ASP BC 136 -29.14 -58.99 -122.42
CA ASP BC 136 -29.54 -60.39 -122.32
C ASP BC 136 -31.04 -60.56 -122.51
N TYR BC 137 -31.84 -59.61 -121.99
CA TYR BC 137 -33.29 -59.74 -121.98
C TYR BC 137 -33.87 -59.55 -123.38
N SER BC 138 -33.64 -60.50 -124.27
CA SER BC 138 -34.27 -60.49 -125.58
C SER BC 138 -35.73 -60.92 -125.46
N SER BC 139 -36.54 -60.45 -126.41
CA SER BC 139 -37.99 -60.53 -126.36
C SER BC 139 -38.56 -59.80 -125.15
N THR BC 140 -37.70 -59.07 -124.42
CA THR BC 140 -38.06 -58.20 -123.29
C THR BC 140 -38.59 -58.95 -122.08
N ASN BC 141 -38.70 -60.29 -122.17
CA ASN BC 141 -39.38 -61.02 -121.11
C ASN BC 141 -38.69 -62.31 -120.64
N LYS BC 142 -37.65 -62.80 -121.31
CA LYS BC 142 -37.13 -64.10 -120.92
C LYS BC 142 -35.64 -64.22 -121.22
N ILE BC 143 -34.99 -65.09 -120.46
CA ILE BC 143 -33.59 -65.48 -120.62
C ILE BC 143 -33.53 -66.96 -120.95
N GLN BC 144 -32.68 -67.33 -121.91
CA GLN BC 144 -32.44 -68.72 -122.28
C GLN BC 144 -30.98 -69.05 -122.02
N LEU BC 145 -30.75 -70.11 -121.24
CA LEU BC 145 -29.40 -70.55 -120.86
C LEU BC 145 -29.31 -72.06 -121.02
N LYS BC 146 -28.46 -72.52 -121.94
CA LYS BC 146 -28.18 -73.94 -122.04
C LYS BC 146 -26.97 -74.33 -121.20
N VAL BC 147 -26.88 -75.63 -120.90
CA VAL BC 147 -25.87 -76.18 -120.00
C VAL BC 147 -24.93 -77.06 -120.82
N GLU BC 148 -23.62 -76.89 -120.59
CA GLU BC 148 -22.63 -77.69 -121.29
C GLU BC 148 -21.82 -78.45 -120.26
N ALA BC 149 -21.64 -79.75 -120.48
CA ALA BC 149 -21.03 -80.65 -119.50
C ALA BC 149 -19.78 -81.30 -120.06
N TYR BC 150 -18.73 -81.37 -119.24
CA TYR BC 150 -17.53 -82.15 -119.50
C TYR BC 150 -17.29 -83.05 -118.30
N TYR BC 151 -16.91 -84.30 -118.55
CA TYR BC 151 -16.90 -85.29 -117.48
C TYR BC 151 -15.89 -86.39 -117.77
N GLU BC 152 -15.52 -87.10 -116.70
CA GLU BC 152 -14.80 -88.36 -116.78
C GLU BC 152 -15.32 -89.26 -115.67
N ALA BC 153 -15.78 -90.45 -116.05
CA ALA BC 153 -16.40 -91.36 -115.09
C ALA BC 153 -15.34 -92.18 -114.35
N LYS BC 154 -15.70 -92.62 -113.15
CA LYS BC 154 -14.82 -93.46 -112.36
C LYS BC 154 -14.66 -94.83 -113.01
N GLU BC 155 -13.51 -95.46 -112.74
CA GLU BC 155 -13.17 -96.74 -113.35
C GLU BC 155 -13.96 -97.86 -112.70
N GLY BC 156 -14.72 -98.60 -113.50
CA GLY BC 156 -15.40 -99.78 -113.01
C GLY BC 156 -16.61 -99.53 -112.15
N MET BC 157 -17.24 -98.36 -112.23
CA MET BC 157 -18.40 -98.02 -111.42
C MET BC 157 -19.64 -98.04 -112.30
N LEU BC 158 -20.66 -98.79 -111.86
CA LEU BC 158 -21.91 -98.92 -112.59
C LEU BC 158 -23.06 -98.42 -111.72
N PHE BC 159 -23.97 -97.67 -112.33
CA PHE BC 159 -25.08 -97.07 -111.61
C PHE BC 159 -26.14 -96.61 -112.60
N ASP BC 160 -27.28 -96.22 -112.08
CA ASP BC 160 -28.37 -95.70 -112.90
C ASP BC 160 -29.28 -94.85 -112.03
N SER BC 161 -30.04 -93.97 -112.69
CA SER BC 161 -31.02 -93.11 -112.03
C SER BC 161 -30.37 -92.24 -110.94
N LEU BC 162 -29.39 -91.44 -111.37
CA LEU BC 162 -28.69 -90.53 -110.46
C LEU BC 162 -29.01 -89.09 -110.86
N PRO BC 163 -29.61 -88.29 -109.98
CA PRO BC 163 -29.99 -86.93 -110.36
C PRO BC 163 -28.89 -85.90 -110.13
N VAL BC 164 -28.95 -84.84 -110.93
CA VAL BC 164 -28.08 -83.68 -110.80
C VAL BC 164 -28.96 -82.47 -110.58
N ILE BC 165 -28.65 -81.70 -109.53
CA ILE BC 165 -29.53 -80.62 -109.05
C ILE BC 165 -28.77 -79.31 -109.07
N LEU BC 166 -29.41 -78.26 -109.57
CA LEU BC 166 -28.89 -76.91 -109.55
C LEU BC 166 -29.86 -76.00 -108.80
N ASN BC 167 -29.32 -75.00 -108.11
CA ASN BC 167 -30.12 -74.10 -107.29
C ASN BC 167 -29.85 -72.65 -107.69
N PHE BC 168 -30.87 -71.80 -107.57
CA PHE BC 168 -30.78 -70.39 -107.90
C PHE BC 168 -31.20 -69.54 -106.71
N GLN BC 169 -30.49 -68.43 -106.49
CA GLN BC 169 -30.81 -67.50 -105.43
C GLN BC 169 -30.58 -66.07 -105.93
N VAL BC 170 -31.53 -65.19 -105.62
CA VAL BC 170 -31.49 -63.79 -106.05
C VAL BC 170 -30.79 -62.98 -104.98
N LEU BC 171 -29.78 -62.22 -105.37
CA LEU BC 171 -29.04 -61.36 -104.46
C LEU BC 171 -29.46 -59.90 -104.52
N SER BC 172 -29.78 -59.39 -105.71
CA SER BC 172 -30.19 -58.00 -105.87
C SER BC 172 -30.90 -57.85 -107.21
N VAL BC 173 -31.94 -57.02 -107.23
CA VAL BC 173 -32.68 -56.72 -108.45
C VAL BC 173 -32.93 -55.22 -108.51
N SER BC 174 -32.95 -54.69 -109.72
CA SER BC 174 -33.19 -53.27 -109.93
C SER BC 174 -33.89 -53.02 -111.26
N THR CC 26 -84.19 -26.68 -65.12
CA THR CC 26 -82.79 -26.29 -65.15
C THR CC 26 -81.89 -27.53 -65.07
N THR CC 27 -81.59 -28.12 -66.22
CA THR CC 27 -80.78 -29.32 -66.30
C THR CC 27 -79.54 -29.06 -67.15
N GLN CC 28 -78.38 -29.50 -66.66
CA GLN CC 28 -77.12 -29.34 -67.36
C GLN CC 28 -76.74 -30.68 -68.00
N SER CC 29 -76.49 -30.67 -69.31
CA SER CC 29 -76.23 -31.91 -70.00
C SER CC 29 -74.75 -32.02 -70.38
N PRO CC 30 -74.18 -33.23 -70.33
CA PRO CC 30 -72.77 -33.39 -70.73
C PRO CC 30 -72.57 -33.53 -72.24
N LEU CC 31 -73.63 -33.85 -72.99
CA LEU CC 31 -73.59 -33.87 -74.45
C LEU CC 31 -72.59 -34.90 -74.99
N ASN CC 32 -72.65 -36.12 -74.45
CA ASN CC 32 -71.78 -37.19 -74.91
C ASN CC 32 -72.50 -38.53 -74.98
N SER CC 33 -73.83 -38.52 -75.05
CA SER CC 33 -74.62 -39.74 -75.07
C SER CC 33 -74.98 -40.15 -76.51
N PHE CC 34 -73.95 -40.45 -77.29
CA PHE CC 34 -74.12 -40.89 -78.66
C PHE CC 34 -73.15 -42.03 -78.96
N TYR CC 35 -73.64 -43.08 -79.62
CA TYR CC 35 -72.84 -44.26 -79.87
C TYR CC 35 -73.21 -44.88 -81.21
N ALA CC 36 -72.28 -45.68 -81.75
CA ALA CC 36 -72.51 -46.48 -82.95
C ALA CC 36 -71.67 -47.75 -82.82
N THR CC 37 -72.21 -48.86 -83.31
CA THR CC 37 -71.63 -50.16 -83.04
C THR CC 37 -71.51 -50.98 -84.33
N GLY CC 38 -70.40 -51.70 -84.45
CA GLY CC 38 -70.20 -52.67 -85.51
C GLY CC 38 -69.73 -54.01 -84.97
N THR CC 39 -69.36 -54.94 -85.86
CA THR CC 39 -68.94 -56.27 -85.42
C THR CC 39 -67.84 -56.78 -86.35
N ALA CC 40 -67.11 -57.80 -85.87
CA ALA CC 40 -66.07 -58.45 -86.63
C ALA CC 40 -65.91 -59.88 -86.14
N GLN CC 41 -65.31 -60.72 -86.98
CA GLN CC 41 -65.14 -62.13 -86.64
C GLN CC 41 -64.06 -62.75 -87.52
N ALA CC 42 -63.58 -63.92 -87.08
CA ALA CC 42 -62.64 -64.72 -87.86
C ALA CC 42 -62.76 -66.16 -87.36
N VAL CC 43 -63.33 -67.04 -88.16
CA VAL CC 43 -63.72 -68.37 -87.68
C VAL CC 43 -63.17 -69.49 -88.57
N GLN CC 44 -62.06 -69.27 -89.26
CA GLN CC 44 -61.46 -70.34 -90.05
C GLN CC 44 -59.98 -70.11 -90.23
N GLU CC 45 -59.25 -71.21 -90.45
CA GLU CC 45 -57.81 -71.18 -90.67
C GLU CC 45 -57.50 -70.80 -92.12
N PRO CC 46 -56.31 -70.21 -92.36
CA PRO CC 46 -56.02 -69.68 -93.71
C PRO CC 46 -56.07 -70.72 -94.81
N ILE CC 47 -55.61 -71.94 -94.57
CA ILE CC 47 -55.46 -72.94 -95.63
C ILE CC 47 -56.10 -74.25 -95.20
N ASP CC 48 -56.39 -75.09 -96.21
CA ASP CC 48 -56.85 -76.45 -96.01
C ASP CC 48 -56.04 -77.35 -96.93
N VAL CC 49 -55.67 -78.53 -96.43
CA VAL CC 49 -54.75 -79.42 -97.13
C VAL CC 49 -55.40 -80.78 -97.29
N GLU CC 50 -55.34 -81.33 -98.51
CA GLU CC 50 -55.89 -82.65 -98.81
C GLU CC 50 -54.84 -83.45 -99.58
N SER CC 51 -54.75 -84.74 -99.29
CA SER CC 51 -53.69 -85.60 -99.81
C SER CC 51 -54.24 -86.61 -100.80
N HIS CC 52 -53.46 -86.88 -101.85
CA HIS CC 52 -53.79 -87.89 -102.86
C HIS CC 52 -52.56 -88.70 -103.25
N LEU CC 53 -51.77 -89.11 -102.25
CA LEU CC 53 -50.57 -89.92 -102.50
C LEU CC 53 -50.99 -91.38 -102.52
N ASP CC 54 -51.25 -91.90 -103.73
CA ASP CC 54 -51.77 -93.25 -103.92
C ASP CC 54 -50.87 -94.08 -104.81
N ASN CC 55 -49.56 -94.01 -104.60
CA ASN CC 55 -48.62 -94.88 -105.28
C ASN CC 55 -47.62 -95.42 -104.26
N THR CC 56 -47.11 -96.63 -104.53
CA THR CC 56 -46.25 -97.35 -103.61
C THR CC 56 -44.87 -97.52 -104.21
N ILE CC 57 -43.85 -97.19 -103.42
CA ILE CC 57 -42.46 -97.47 -103.79
C ILE CC 57 -42.22 -98.95 -103.52
N ALA CC 58 -42.20 -99.77 -104.58
CA ALA CC 58 -42.09 -101.21 -104.47
C ALA CC 58 -40.96 -101.72 -105.35
N PRO CC 59 -39.71 -101.53 -104.95
CA PRO CC 59 -38.59 -102.12 -105.65
C PRO CC 59 -38.19 -103.47 -105.04
N ALA CC 60 -37.25 -104.12 -105.70
CA ALA CC 60 -36.64 -105.32 -105.12
C ALA CC 60 -35.62 -104.93 -104.07
N ALA CC 61 -35.17 -105.92 -103.29
CA ALA CC 61 -34.21 -105.67 -102.23
C ALA CC 61 -32.87 -105.24 -102.80
N GLY CC 62 -32.38 -104.08 -102.35
CA GLY CC 62 -31.09 -103.60 -102.79
C GLY CC 62 -31.05 -102.92 -104.13
N ALA CC 63 -32.20 -102.64 -104.74
CA ALA CC 63 -32.27 -102.06 -106.07
C ALA CC 63 -32.25 -100.54 -106.01
N GLN CC 64 -31.82 -99.94 -107.12
CA GLN CC 64 -31.83 -98.50 -107.31
C GLN CC 64 -32.95 -98.14 -108.29
N GLY CC 65 -33.80 -97.19 -107.91
CA GLY CC 65 -35.01 -96.97 -108.67
C GLY CC 65 -35.41 -95.53 -108.95
N TYR CC 66 -36.64 -95.36 -109.43
CA TYR CC 66 -37.15 -94.08 -109.89
C TYR CC 66 -38.68 -94.16 -109.92
N LYS CC 67 -39.36 -93.34 -109.12
CA LYS CC 67 -40.79 -93.53 -108.93
C LYS CC 67 -41.45 -92.18 -108.64
N ASP CC 68 -42.72 -92.07 -109.04
CA ASP CC 68 -43.58 -90.95 -108.68
C ASP CC 68 -44.68 -91.44 -107.75
N MET CC 69 -45.28 -90.51 -106.99
CA MET CC 69 -46.17 -90.89 -105.89
C MET CC 69 -47.60 -90.39 -106.07
N GLY CC 70 -47.79 -89.11 -106.35
CA GLY CC 70 -49.12 -88.53 -106.40
C GLY CC 70 -49.03 -87.02 -106.30
N TYR CC 71 -50.11 -86.41 -105.82
CA TYR CC 71 -50.15 -84.95 -105.70
C TYR CC 71 -50.95 -84.56 -104.47
N VAL CC 72 -50.75 -83.32 -104.02
CA VAL CC 72 -51.37 -82.78 -102.82
C VAL CC 72 -52.06 -81.47 -103.17
N LYS CC 73 -53.26 -81.27 -102.63
CA LYS CC 73 -54.06 -80.08 -102.89
C LYS CC 73 -54.06 -79.14 -101.70
N ILE CC 74 -53.92 -77.84 -101.97
CA ILE CC 74 -53.93 -76.79 -100.96
C ILE CC 74 -55.02 -75.80 -101.33
N ILE CC 75 -55.83 -75.41 -100.35
CA ILE CC 75 -56.96 -74.51 -100.56
C ILE CC 75 -56.74 -73.26 -99.73
N ASN CC 76 -56.92 -72.09 -100.36
CA ASN CC 76 -56.70 -70.79 -99.73
C ASN CC 76 -57.98 -69.99 -99.67
N TYR CC 77 -58.16 -69.25 -98.57
CA TYR CC 77 -59.43 -68.69 -98.16
C TYR CC 77 -59.40 -67.16 -98.18
N THR CC 78 -60.46 -66.56 -97.62
CA THR CC 78 -60.76 -65.14 -97.82
C THR CC 78 -59.60 -64.25 -97.41
N ASP CC 79 -59.30 -63.26 -98.27
CA ASP CC 79 -58.32 -62.22 -98.02
C ASP CC 79 -56.91 -62.77 -97.87
N VAL CC 80 -56.62 -63.91 -98.50
CA VAL CC 80 -55.30 -64.53 -98.47
C VAL CC 80 -54.69 -64.40 -99.86
N ASN CC 81 -53.45 -63.92 -99.92
CA ASN CC 81 -52.76 -63.76 -101.19
C ASN CC 81 -51.42 -64.49 -101.25
N VAL CC 82 -50.66 -64.49 -100.17
CA VAL CC 82 -49.33 -65.11 -100.14
C VAL CC 82 -49.21 -65.95 -98.89
N VAL CC 83 -48.69 -67.17 -99.03
CA VAL CC 83 -48.55 -68.11 -97.93
C VAL CC 83 -47.11 -68.60 -97.87
N LYS CC 84 -46.55 -68.61 -96.66
CA LYS CC 84 -45.22 -69.15 -96.40
C LYS CC 84 -45.37 -70.47 -95.64
N LEU CC 85 -44.73 -71.52 -96.15
CA LEU CC 85 -44.93 -72.86 -95.62
C LEU CC 85 -43.58 -73.51 -95.30
N LYS CC 86 -43.63 -74.46 -94.37
CA LYS CC 86 -42.48 -75.28 -94.01
C LYS CC 86 -42.89 -76.75 -94.10
N VAL CC 87 -42.13 -77.53 -94.84
CA VAL CC 87 -42.42 -78.94 -95.08
C VAL CC 87 -41.26 -79.77 -94.55
N THR CC 88 -41.59 -80.82 -93.81
CA THR CC 88 -40.59 -81.68 -93.18
C THR CC 88 -41.02 -83.14 -93.25
N LEU CC 89 -40.05 -84.03 -93.08
CA LEU CC 89 -40.30 -85.46 -93.01
C LEU CC 89 -40.46 -85.84 -91.54
N ALA CC 90 -41.67 -86.28 -91.17
CA ALA CC 90 -41.98 -86.51 -89.76
C ALA CC 90 -41.32 -87.78 -89.23
N ASN CC 91 -41.23 -88.82 -90.04
CA ASN CC 91 -40.74 -90.11 -89.57
C ASN CC 91 -39.44 -90.51 -90.27
N ALA CC 92 -38.52 -89.55 -90.40
CA ALA CC 92 -37.24 -89.84 -91.05
C ALA CC 92 -36.42 -90.84 -90.25
N ALA CC 93 -36.51 -90.78 -88.92
CA ALA CC 93 -35.73 -91.69 -88.08
C ALA CC 93 -36.15 -93.13 -88.29
N GLN CC 94 -37.44 -93.38 -88.46
CA GLN CC 94 -37.92 -94.74 -88.68
C GLN CC 94 -37.46 -95.30 -90.03
N LEU CC 95 -37.37 -94.44 -91.05
CA LEU CC 95 -37.01 -94.87 -92.39
C LEU CC 95 -35.51 -95.07 -92.59
N ARG CC 96 -34.69 -94.63 -91.64
CA ARG CC 96 -33.23 -94.76 -91.81
C ARG CC 96 -32.74 -96.20 -91.96
N PRO CC 97 -33.15 -97.16 -91.13
CA PRO CC 97 -32.61 -98.53 -91.30
C PRO CC 97 -33.02 -99.21 -92.59
N TYR CC 98 -33.99 -98.67 -93.33
CA TYR CC 98 -34.50 -99.33 -94.53
C TYR CC 98 -33.92 -98.77 -95.83
N PHE CC 99 -33.24 -97.63 -95.79
CA PHE CC 99 -32.78 -96.98 -97.01
C PHE CC 99 -31.35 -96.47 -96.83
N LYS CC 100 -30.57 -96.57 -97.90
CA LYS CC 100 -29.29 -95.86 -97.95
C LYS CC 100 -29.50 -94.38 -98.21
N TYR CC 101 -30.43 -94.04 -99.11
CA TYR CC 101 -30.78 -92.64 -99.36
C TYR CC 101 -32.18 -92.59 -99.94
N LEU CC 102 -32.84 -91.46 -99.75
CA LEU CC 102 -34.20 -91.24 -100.25
C LEU CC 102 -34.41 -89.74 -100.40
N GLN CC 103 -34.76 -89.31 -101.61
CA GLN CC 103 -34.94 -87.91 -101.91
C GLN CC 103 -36.32 -87.67 -102.50
N LEU CC 104 -36.96 -86.59 -102.06
CA LEU CC 104 -38.28 -86.20 -102.53
C LEU CC 104 -38.20 -84.84 -103.21
N VAL CC 105 -38.82 -84.73 -104.39
CA VAL CC 105 -38.81 -83.52 -105.19
C VAL CC 105 -40.24 -83.01 -105.31
N LEU CC 106 -40.45 -81.74 -104.96
CA LEU CC 106 -41.75 -81.11 -105.00
C LEU CC 106 -41.75 -80.04 -106.08
N THR CC 107 -42.75 -80.08 -106.96
CA THR CC 107 -42.87 -79.13 -108.05
C THR CC 107 -44.27 -78.53 -108.08
N SER CC 108 -44.36 -77.23 -108.34
CA SER CC 108 -45.63 -76.55 -108.51
C SER CC 108 -45.99 -76.56 -109.99
N ASN CC 109 -47.23 -76.95 -110.29
CA ASN CC 109 -47.68 -77.21 -111.66
C ASN CC 109 -49.05 -76.58 -111.92
N ALA CC 110 -49.75 -76.17 -110.86
CA ALA CC 110 -51.15 -75.76 -110.97
C ALA CC 110 -51.36 -74.69 -112.05
N SER CC 111 -50.34 -73.88 -112.32
CA SER CC 111 -50.31 -73.01 -113.49
C SER CC 111 -49.73 -73.77 -114.67
N SER CC 112 -50.53 -73.91 -115.72
CA SER CC 112 -50.08 -74.65 -116.90
C SER CC 112 -48.93 -73.97 -117.62
N THR CC 113 -48.71 -72.69 -117.35
CA THR CC 113 -47.61 -71.95 -117.99
C THR CC 113 -46.34 -71.95 -117.17
N VAL CC 114 -46.43 -72.03 -115.84
CA VAL CC 114 -45.28 -71.93 -114.95
C VAL CC 114 -45.19 -73.20 -114.13
N GLU CC 115 -44.30 -74.11 -114.54
CA GLU CC 115 -43.92 -75.27 -113.74
C GLU CC 115 -42.63 -74.93 -112.99
N GLU CC 116 -42.63 -75.15 -111.68
CA GLU CC 116 -41.46 -74.85 -110.86
C GLU CC 116 -41.26 -75.91 -109.79
N THR CC 117 -40.03 -76.38 -109.65
CA THR CC 117 -39.62 -77.19 -108.52
C THR CC 117 -39.27 -76.28 -107.35
N LYS CC 118 -39.85 -76.54 -106.18
CA LYS CC 118 -39.72 -75.65 -105.04
C LYS CC 118 -38.75 -76.14 -103.98
N ALA CC 119 -38.72 -77.44 -103.68
CA ALA CC 119 -37.85 -77.93 -102.63
C ALA CC 119 -37.46 -79.38 -102.91
N VAL CC 120 -36.35 -79.79 -102.30
CA VAL CC 120 -35.88 -81.16 -102.34
C VAL CC 120 -35.65 -81.61 -100.90
N LEU CC 121 -36.27 -82.73 -100.52
CA LEU CC 121 -36.16 -83.26 -99.17
C LEU CC 121 -35.36 -84.55 -99.19
N SER CC 122 -34.64 -84.81 -98.10
CA SER CC 122 -33.80 -85.99 -97.98
C SER CC 122 -33.76 -86.43 -96.52
N LEU CC 123 -33.22 -87.62 -96.30
CA LEU CC 123 -33.12 -88.15 -94.95
C LEU CC 123 -32.09 -87.41 -94.10
N LYS CC 124 -31.13 -86.73 -94.73
CA LYS CC 124 -30.14 -85.96 -94.00
C LYS CC 124 -30.57 -84.52 -93.76
N LYS CC 125 -31.35 -83.94 -94.66
CA LYS CC 125 -31.89 -82.58 -94.52
C LYS CC 125 -33.39 -82.66 -94.75
N PRO CC 126 -34.17 -82.97 -93.70
CA PRO CC 126 -35.59 -83.28 -93.90
C PRO CC 126 -36.49 -82.07 -94.08
N SER CC 127 -36.03 -80.86 -93.78
CA SER CC 127 -36.90 -79.70 -93.74
C SER CC 127 -36.54 -78.71 -94.84
N ALA CC 128 -37.55 -77.98 -95.31
CA ALA CC 128 -37.37 -76.95 -96.32
C ALA CC 128 -38.48 -75.92 -96.18
N VAL CC 129 -38.24 -74.73 -96.73
CA VAL CC 129 -39.18 -73.61 -96.70
C VAL CC 129 -39.44 -73.17 -98.13
N ILE CC 130 -40.73 -73.05 -98.47
CA ILE CC 130 -41.14 -72.69 -99.83
C ILE CC 130 -42.07 -71.48 -99.78
N ILE CC 131 -42.24 -70.85 -100.93
CA ILE CC 131 -43.05 -69.64 -101.07
C ILE CC 131 -44.07 -69.88 -102.19
N LEU CC 132 -45.33 -69.58 -101.91
CA LEU CC 132 -46.40 -69.62 -102.90
C LEU CC 132 -46.94 -68.20 -103.09
N ASP CC 133 -47.03 -67.77 -104.36
CA ASP CC 133 -47.42 -66.40 -104.66
C ASP CC 133 -48.55 -66.34 -105.69
N ASN CC 134 -48.81 -65.13 -106.20
CA ASN CC 134 -49.95 -64.92 -107.10
C ASN CC 134 -49.88 -65.82 -108.34
N ASP CC 135 -48.67 -66.11 -108.83
CA ASP CC 135 -48.54 -66.93 -110.03
C ASP CC 135 -48.95 -68.38 -109.77
N ASP CC 136 -48.69 -68.89 -108.56
CA ASP CC 136 -48.99 -70.29 -108.27
C ASP CC 136 -50.49 -70.54 -108.17
N TYR CC 137 -51.22 -69.58 -107.60
CA TYR CC 137 -52.64 -69.76 -107.31
C TYR CC 137 -53.48 -69.72 -108.59
N SER CC 138 -53.35 -70.75 -109.42
CA SER CC 138 -54.21 -70.89 -110.59
C SER CC 138 -55.59 -71.36 -110.16
N SER CC 139 -56.58 -71.03 -110.99
CA SER CC 139 -58.00 -71.15 -110.66
C SER CC 139 -58.38 -70.33 -109.43
N THR CC 140 -57.46 -69.50 -108.94
CA THR CC 140 -57.65 -68.54 -107.85
C THR CC 140 -57.91 -69.20 -106.50
N ASN CC 141 -57.96 -70.53 -106.44
CA ASN CC 141 -58.40 -71.19 -105.22
C ASN CC 141 -57.57 -72.39 -104.78
N LYS CC 142 -56.63 -72.90 -105.58
CA LYS CC 142 -55.97 -74.14 -105.18
C LYS CC 142 -54.56 -74.23 -105.74
N ILE CC 143 -53.73 -75.01 -105.03
CA ILE CC 143 -52.37 -75.36 -105.43
C ILE CC 143 -52.28 -76.86 -105.63
N GLN CC 144 -51.61 -77.27 -106.69
CA GLN CC 144 -51.36 -78.69 -106.96
C GLN CC 144 -49.86 -78.93 -106.95
N LEU CC 145 -49.42 -79.90 -106.13
CA LEU CC 145 -48.01 -80.25 -105.98
C LEU CC 145 -47.87 -81.76 -106.01
N LYS CC 146 -47.18 -82.27 -107.03
CA LYS CC 146 -46.83 -83.69 -107.06
C LYS CC 146 -45.47 -83.94 -106.42
N VAL CC 147 -45.26 -85.20 -106.03
CA VAL CC 147 -44.07 -85.63 -105.30
C VAL CC 147 -43.25 -86.54 -106.19
N GLU CC 148 -41.94 -86.30 -106.23
CA GLU CC 148 -41.04 -87.12 -107.02
C GLU CC 148 -40.01 -87.76 -106.09
N ALA CC 149 -39.80 -89.06 -106.23
CA ALA CC 149 -38.98 -89.82 -105.31
C ALA CC 149 -37.81 -90.48 -106.02
N TYR CC 150 -36.64 -90.43 -105.40
CA TYR CC 150 -35.46 -91.19 -105.81
C TYR CC 150 -34.96 -91.95 -104.60
N TYR CC 151 -34.56 -93.21 -104.81
CA TYR CC 151 -34.29 -94.08 -103.68
C TYR CC 151 -33.30 -95.17 -104.05
N GLU CC 152 -32.69 -95.75 -103.01
CA GLU CC 152 -31.94 -96.99 -103.11
C GLU CC 152 -32.19 -97.81 -101.85
N ALA CC 153 -32.65 -99.04 -102.02
CA ALA CC 153 -33.03 -99.88 -100.90
C ALA CC 153 -31.82 -100.57 -100.30
N LYS CC 154 -31.93 -100.91 -99.02
CA LYS CC 154 -30.87 -101.63 -98.33
C LYS CC 154 -30.75 -103.05 -98.87
N GLU CC 155 -29.54 -103.61 -98.77
CA GLU CC 155 -29.25 -104.93 -99.31
C GLU CC 155 -29.85 -106.02 -98.43
N GLY CC 156 -30.69 -106.86 -99.01
CA GLY CC 156 -31.21 -108.01 -98.31
C GLY CC 156 -32.26 -107.73 -97.26
N MET CC 157 -32.94 -106.59 -97.33
CA MET CC 157 -33.96 -106.22 -96.35
C MET CC 157 -35.33 -106.38 -96.97
N LEU CC 158 -36.22 -107.12 -96.30
CA LEU CC 158 -37.57 -107.37 -96.77
C LEU CC 158 -38.57 -106.84 -95.75
N PHE CC 159 -39.62 -106.18 -96.25
CA PHE CC 159 -40.62 -105.55 -95.39
C PHE CC 159 -41.85 -105.25 -96.21
N ASP CC 160 -42.91 -104.84 -95.52
CA ASP CC 160 -44.15 -104.45 -96.17
C ASP CC 160 -44.94 -103.55 -95.22
N SER CC 161 -45.85 -102.77 -95.79
CA SER CC 161 -46.75 -101.89 -95.05
C SER CC 161 -45.95 -100.89 -94.19
N LEU CC 162 -45.12 -100.10 -94.85
CA LEU CC 162 -44.33 -99.08 -94.18
C LEU CC 162 -44.78 -97.70 -94.63
N PRO CC 163 -45.26 -96.85 -93.74
CA PRO CC 163 -45.78 -95.54 -94.15
C PRO CC 163 -44.72 -94.46 -94.21
N VAL CC 164 -44.98 -93.49 -95.09
CA VAL CC 164 -44.17 -92.28 -95.23
C VAL CC 164 -45.06 -91.08 -94.94
N ILE CC 165 -44.62 -90.21 -94.04
CA ILE CC 165 -45.45 -89.14 -93.51
C ILE CC 165 -44.77 -87.80 -93.78
N LEU CC 166 -45.56 -86.83 -94.24
CA LEU CC 166 -45.12 -85.46 -94.43
C LEU CC 166 -45.99 -84.51 -93.61
N ASN CC 167 -45.40 -83.43 -93.12
CA ASN CC 167 -46.08 -82.49 -92.25
C ASN CC 167 -45.96 -81.08 -92.82
N PHE CC 168 -46.99 -80.27 -92.59
CA PHE CC 168 -47.04 -78.88 -93.05
C PHE CC 168 -47.29 -77.95 -91.88
N GLN CC 169 -46.62 -76.81 -91.90
CA GLN CC 169 -46.80 -75.77 -90.88
C GLN CC 169 -46.74 -74.41 -91.54
N VAL CC 170 -47.67 -73.53 -91.14
CA VAL CC 170 -47.78 -72.19 -91.69
C VAL CC 170 -46.94 -71.24 -90.83
N LEU CC 171 -46.07 -70.47 -91.49
CA LEU CC 171 -45.23 -69.51 -90.79
C LEU CC 171 -45.74 -68.08 -90.91
N SER CC 172 -46.28 -67.70 -92.06
CA SER CC 172 -46.80 -66.36 -92.27
C SER CC 172 -47.74 -66.36 -93.45
N VAL CC 173 -48.82 -65.57 -93.35
CA VAL CC 173 -49.79 -65.43 -94.44
C VAL CC 173 -50.12 -63.95 -94.58
N SER CC 174 -50.39 -63.54 -95.81
CA SER CC 174 -50.74 -62.15 -96.10
C SER CC 174 -51.68 -62.06 -97.29
N THR DC 26 -94.28 -33.38 -45.17
CA THR DC 26 -92.93 -32.94 -45.50
C THR DC 26 -91.97 -34.14 -45.47
N THR DC 27 -91.84 -34.82 -46.61
CA THR DC 27 -90.99 -35.99 -46.73
C THR DC 27 -89.95 -35.77 -47.81
N GLN DC 28 -88.70 -36.11 -47.50
CA GLN DC 28 -87.59 -35.98 -48.44
C GLN DC 28 -87.25 -37.35 -49.01
N SER DC 29 -87.25 -37.45 -50.34
CA SER DC 29 -87.03 -38.75 -50.97
C SER DC 29 -85.65 -38.83 -51.59
N PRO DC 30 -85.01 -40.01 -51.54
CA PRO DC 30 -83.69 -40.16 -52.19
C PRO DC 30 -83.76 -40.42 -53.68
N LEU DC 31 -84.92 -40.86 -54.20
CA LEU DC 31 -85.15 -41.03 -55.64
C LEU DC 31 -84.20 -42.06 -56.25
N ASN DC 32 -84.09 -43.22 -55.61
CA ASN DC 32 -83.26 -44.29 -56.13
C ASN DC 32 -83.90 -45.66 -55.94
N SER DC 33 -85.23 -45.71 -55.77
CA SER DC 33 -85.94 -46.97 -55.54
C SER DC 33 -86.52 -47.53 -56.83
N PHE DC 34 -85.64 -47.86 -57.76
CA PHE DC 34 -86.02 -48.44 -59.04
C PHE DC 34 -85.06 -49.56 -59.42
N TYR DC 35 -85.61 -50.68 -59.87
CA TYR DC 35 -84.79 -51.85 -60.17
C TYR DC 35 -85.37 -52.61 -61.35
N ALA DC 36 -84.50 -53.42 -61.98
CA ALA DC 36 -84.89 -54.33 -63.04
C ALA DC 36 -83.99 -55.56 -62.96
N THR DC 37 -84.54 -56.73 -63.24
CA THR DC 37 -83.85 -57.98 -62.97
C THR DC 37 -83.91 -58.92 -64.18
N GLY DC 38 -82.79 -59.60 -64.45
CA GLY DC 38 -82.74 -60.66 -65.43
C GLY DC 38 -82.10 -61.92 -64.87
N THR DC 39 -81.84 -62.91 -65.73
CA THR DC 39 -81.28 -64.18 -65.27
C THR DC 39 -80.34 -64.74 -66.32
N ALA DC 40 -79.48 -65.67 -65.89
CA ALA DC 40 -78.55 -66.34 -66.78
C ALA DC 40 -78.23 -67.71 -66.20
N GLN DC 41 -77.75 -68.61 -67.06
CA GLN DC 41 -77.44 -69.97 -66.64
C GLN DC 41 -76.51 -70.63 -67.64
N ALA DC 42 -75.89 -71.73 -67.20
CA ALA DC 42 -75.07 -72.57 -68.07
C ALA DC 42 -75.00 -73.95 -67.42
N VAL DC 43 -75.66 -74.94 -68.02
CA VAL DC 43 -75.88 -76.22 -67.38
C VAL DC 43 -75.44 -77.40 -68.24
N GLN DC 44 -74.48 -77.21 -69.15
CA GLN DC 44 -73.98 -78.33 -69.93
C GLN DC 44 -72.56 -78.06 -70.41
N GLU DC 45 -71.82 -79.14 -70.65
CA GLU DC 45 -70.45 -79.09 -71.14
C GLU DC 45 -70.43 -78.82 -72.64
N PRO DC 46 -69.34 -78.21 -73.16
CA PRO DC 46 -69.32 -77.81 -74.57
C PRO DC 46 -69.53 -78.95 -75.55
N ILE DC 47 -68.95 -80.12 -75.29
CA ILE DC 47 -68.94 -81.21 -76.27
C ILE DC 47 -69.42 -82.51 -75.62
N ASP DC 48 -69.83 -83.44 -76.48
CA ASP DC 48 -70.18 -84.79 -76.08
C ASP DC 48 -69.49 -85.74 -77.04
N VAL DC 49 -68.97 -86.86 -76.52
CA VAL DC 49 -68.14 -87.77 -77.31
C VAL DC 49 -68.73 -89.18 -77.22
N GLU DC 50 -68.87 -89.83 -78.37
CA GLU DC 50 -69.37 -91.20 -78.45
C GLU DC 50 -68.45 -92.02 -79.33
N SER DC 51 -68.23 -93.27 -78.94
CA SER DC 51 -67.23 -94.13 -79.58
C SER DC 51 -67.90 -95.27 -80.36
N HIS DC 52 -67.30 -95.60 -81.51
CA HIS DC 52 -67.75 -96.71 -82.34
C HIS DC 52 -66.57 -97.50 -82.88
N LEU DC 53 -65.59 -97.80 -82.02
CA LEU DC 53 -64.42 -98.57 -82.41
C LEU DC 53 -64.74 -100.05 -82.23
N ASP DC 54 -65.19 -100.69 -83.30
CA ASP DC 54 -65.66 -102.06 -83.27
C ASP DC 54 -64.90 -102.95 -84.25
N ASN DC 55 -63.57 -102.81 -84.29
CA ASN DC 55 -62.70 -103.70 -85.05
C ASN DC 55 -61.52 -104.10 -84.19
N THR DC 56 -61.01 -105.30 -84.44
CA THR DC 56 -59.96 -105.90 -83.62
C THR DC 56 -58.69 -106.07 -84.46
N ILE DC 57 -57.57 -105.62 -83.91
CA ILE DC 57 -56.26 -105.88 -84.50
C ILE DC 57 -55.89 -107.33 -84.16
N ALA DC 58 -56.01 -108.23 -85.13
CA ALA DC 58 -55.80 -109.66 -84.90
C ALA DC 58 -54.82 -110.21 -85.93
N PRO DC 59 -53.54 -109.93 -85.77
CA PRO DC 59 -52.52 -110.54 -86.63
C PRO DC 59 -51.95 -111.80 -85.98
N ALA DC 60 -51.11 -112.48 -86.74
CA ALA DC 60 -50.34 -113.59 -86.18
C ALA DC 60 -49.16 -113.05 -85.38
N ALA DC 61 -48.53 -113.95 -84.61
CA ALA DC 61 -47.41 -113.56 -83.76
C ALA DC 61 -46.22 -113.14 -84.61
N GLY DC 62 -45.72 -111.93 -84.37
CA GLY DC 62 -44.56 -111.43 -85.07
C GLY DC 62 -44.80 -110.88 -86.46
N ALA DC 63 -46.06 -110.71 -86.86
CA ALA DC 63 -46.38 -110.27 -88.20
C ALA DC 63 -46.45 -108.74 -88.29
N GLN DC 64 -46.27 -108.24 -89.50
CA GLN DC 64 -46.39 -106.83 -89.81
C GLN DC 64 -47.68 -106.61 -90.59
N GLY DC 65 -48.50 -105.66 -90.15
CA GLY DC 65 -49.84 -105.56 -90.69
C GLY DC 65 -50.36 -104.17 -91.01
N TYR DC 66 -51.66 -104.11 -91.28
CA TYR DC 66 -52.33 -102.90 -91.74
C TYR DC 66 -53.83 -103.04 -91.49
N LYS DC 67 -54.40 -102.17 -90.65
CA LYS DC 67 -55.76 -102.40 -90.19
C LYS DC 67 -56.44 -101.06 -89.90
N ASP DC 68 -57.76 -101.04 -90.07
CA ASP DC 68 -58.60 -99.92 -89.66
C ASP DC 68 -59.49 -100.36 -88.49
N MET DC 69 -59.99 -99.39 -87.72
CA MET DC 69 -60.65 -99.68 -86.45
C MET DC 69 -62.11 -99.26 -86.40
N GLY DC 70 -62.42 -98.03 -86.75
CA GLY DC 70 -63.77 -97.50 -86.61
C GLY DC 70 -63.75 -95.99 -86.66
N TYR DC 71 -64.76 -95.38 -86.05
CA TYR DC 71 -64.85 -93.93 -86.05
C TYR DC 71 -65.45 -93.45 -84.73
N VAL DC 72 -65.23 -92.16 -84.44
CA VAL DC 72 -65.66 -91.53 -83.20
C VAL DC 72 -66.47 -90.29 -83.52
N LYS DC 73 -67.56 -90.08 -82.79
CA LYS DC 73 -68.46 -88.96 -83.01
C LYS DC 73 -68.29 -87.91 -81.92
N ILE DC 74 -68.28 -86.65 -82.34
CA ILE DC 74 -68.17 -85.50 -81.44
C ILE DC 74 -69.37 -84.60 -81.68
N ILE DC 75 -70.01 -84.14 -80.61
CA ILE DC 75 -71.21 -83.30 -80.68
C ILE DC 75 -70.92 -81.97 -80.02
N ASN DC 76 -71.27 -80.88 -80.70
CA ASN DC 76 -71.01 -79.52 -80.25
C ASN DC 76 -72.31 -78.76 -80.03
N TYR DC 77 -72.33 -77.93 -78.98
CA TYR DC 77 -73.54 -77.38 -78.40
C TYR DC 77 -73.59 -75.86 -78.55
N THR DC 78 -74.57 -75.26 -77.86
CA THR DC 78 -74.98 -73.88 -78.13
C THR DC 78 -73.82 -72.90 -78.02
N ASP DC 79 -73.74 -72.00 -79.00
CA ASP DC 79 -72.78 -70.89 -79.03
C ASP DC 79 -71.33 -71.37 -79.09
N VAL DC 80 -71.10 -72.56 -79.66
CA VAL DC 80 -69.76 -73.11 -79.82
C VAL DC 80 -69.43 -73.09 -81.31
N ASN DC 81 -68.24 -72.59 -81.63
CA ASN DC 81 -67.79 -72.52 -83.02
C ASN DC 81 -66.46 -73.19 -83.27
N VAL DC 82 -65.51 -73.06 -82.34
CA VAL DC 82 -64.17 -73.61 -82.50
C VAL DC 82 -63.79 -74.33 -81.21
N VAL DC 83 -63.23 -75.53 -81.35
CA VAL DC 83 -62.84 -76.36 -80.21
C VAL DC 83 -61.38 -76.78 -80.38
N LYS DC 84 -60.61 -76.64 -79.31
CA LYS DC 84 -59.24 -77.12 -79.24
C LYS DC 84 -59.18 -78.35 -78.37
N LEU DC 85 -58.58 -79.42 -78.88
CA LEU DC 85 -58.60 -80.73 -78.22
C LEU DC 85 -57.19 -81.28 -78.09
N LYS DC 86 -57.00 -82.13 -77.08
CA LYS DC 86 -55.77 -82.87 -76.87
C LYS DC 86 -56.10 -84.35 -76.75
N VAL DC 87 -55.44 -85.18 -77.56
CA VAL DC 87 -55.69 -86.61 -77.61
C VAL DC 87 -54.41 -87.34 -77.22
N THR DC 88 -54.54 -88.34 -76.35
CA THR DC 88 -53.40 -89.08 -75.85
C THR DC 88 -53.76 -90.56 -75.70
N LEU DC 89 -52.73 -91.38 -75.64
CA LEU DC 89 -52.88 -92.82 -75.40
C LEU DC 89 -52.75 -93.06 -73.89
N ALA DC 90 -53.84 -93.51 -73.27
CA ALA DC 90 -53.88 -93.61 -71.81
C ALA DC 90 -53.07 -94.79 -71.30
N ASN DC 91 -53.06 -95.91 -72.03
CA ASN DC 91 -52.43 -97.13 -71.55
C ASN DC 91 -51.25 -97.54 -72.43
N ALA DC 92 -50.42 -96.56 -72.82
CA ALA DC 92 -49.27 -96.86 -73.66
C ALA DC 92 -48.26 -97.74 -72.94
N ALA DC 93 -48.11 -97.55 -71.62
CA ALA DC 93 -47.15 -98.35 -70.87
C ALA DC 93 -47.51 -99.83 -70.87
N GLN DC 94 -48.81 -100.14 -70.77
CA GLN DC 94 -49.24 -101.53 -70.78
C GLN DC 94 -49.00 -102.20 -72.13
N LEU DC 95 -49.13 -101.44 -73.22
CA LEU DC 95 -49.00 -101.99 -74.57
C LEU DC 95 -47.55 -102.14 -75.02
N ARG DC 96 -46.59 -101.59 -74.28
CA ARG DC 96 -45.19 -101.66 -74.70
C ARG DC 96 -44.66 -103.09 -74.81
N PRO DC 97 -44.85 -104.00 -73.84
CA PRO DC 97 -44.28 -105.34 -73.99
C PRO DC 97 -44.87 -106.16 -75.12
N TYR DC 98 -45.98 -105.73 -75.71
CA TYR DC 98 -46.66 -106.52 -76.73
C TYR DC 98 -46.37 -106.07 -78.16
N PHE DC 99 -45.75 -104.92 -78.35
CA PHE DC 99 -45.55 -104.36 -79.68
C PHE DC 99 -44.15 -103.78 -79.82
N LYS DC 100 -43.57 -103.96 -81.01
CA LYS DC 100 -42.36 -103.20 -81.34
C LYS DC 100 -42.70 -101.76 -81.69
N TYR DC 101 -43.78 -101.54 -82.43
CA TYR DC 101 -44.26 -100.21 -82.73
C TYR DC 101 -45.74 -100.26 -83.05
N LEU DC 102 -46.42 -99.13 -82.83
CA LEU DC 102 -47.85 -99.02 -83.10
C LEU DC 102 -48.18 -97.55 -83.34
N GLN DC 103 -48.77 -97.26 -84.50
CA GLN DC 103 -49.07 -95.89 -84.89
C GLN DC 103 -50.54 -95.77 -85.23
N LEU DC 104 -51.15 -94.68 -84.77
CA LEU DC 104 -52.56 -94.39 -85.02
C LEU DC 104 -52.68 -93.10 -85.83
N VAL DC 105 -53.50 -93.14 -86.88
CA VAL DC 105 -53.70 -92.00 -87.77
C VAL DC 105 -55.16 -91.56 -87.66
N LEU DC 106 -55.37 -90.28 -87.39
CA LEU DC 106 -56.70 -89.70 -87.25
C LEU DC 106 -56.96 -88.74 -88.41
N THR DC 107 -58.09 -88.91 -89.07
CA THR DC 107 -58.46 -88.07 -90.21
C THR DC 107 -59.88 -87.55 -90.03
N SER DC 108 -60.08 -86.27 -90.37
CA SER DC 108 -61.40 -85.66 -90.37
C SER DC 108 -62.01 -85.83 -91.75
N ASN DC 109 -63.27 -86.29 -91.79
CA ASN DC 109 -63.94 -86.70 -93.02
C ASN DC 109 -65.37 -86.16 -93.07
N ALA DC 110 -65.89 -85.67 -91.94
CA ALA DC 110 -67.31 -85.32 -91.84
C ALA DC 110 -67.76 -84.39 -92.94
N SER DC 111 -66.86 -83.56 -93.47
CA SER DC 111 -67.09 -82.80 -94.70
C SER DC 111 -66.68 -83.65 -95.89
N SER DC 112 -67.65 -83.94 -96.77
CA SER DC 112 -67.38 -84.77 -97.94
C SER DC 112 -66.42 -84.11 -98.90
N THR DC 113 -66.22 -82.79 -98.81
CA THR DC 113 -65.31 -82.08 -99.69
C THR DC 113 -63.90 -81.95 -99.12
N VAL DC 114 -63.76 -81.91 -97.80
CA VAL DC 114 -62.48 -81.67 -97.15
C VAL DC 114 -62.16 -82.86 -96.25
N GLU DC 115 -61.31 -83.77 -96.73
CA GLU DC 115 -60.73 -84.82 -95.92
C GLU DC 115 -59.35 -84.37 -95.46
N GLU DC 116 -59.09 -84.45 -94.16
CA GLU DC 116 -57.81 -84.03 -93.60
C GLU DC 116 -57.37 -84.97 -92.49
N THR DC 117 -56.10 -85.39 -92.54
CA THR DC 117 -55.47 -86.06 -91.43
C THR DC 117 -54.95 -85.03 -90.43
N LYS DC 118 -55.30 -85.20 -89.17
CA LYS DC 118 -55.01 -84.20 -88.14
C LYS DC 118 -53.84 -84.54 -87.23
N ALA DC 119 -53.69 -85.81 -86.84
CA ALA DC 119 -52.62 -86.16 -85.92
C ALA DC 119 -52.21 -87.61 -86.14
N VAL DC 120 -50.98 -87.91 -85.72
CA VAL DC 120 -50.44 -89.27 -85.72
C VAL DC 120 -49.94 -89.56 -84.32
N LEU DC 121 -50.42 -90.66 -83.73
CA LEU DC 121 -50.04 -91.05 -82.39
C LEU DC 121 -49.18 -92.32 -82.44
N SER DC 122 -48.27 -92.43 -81.48
CA SER DC 122 -47.36 -93.57 -81.41
C SER DC 122 -47.04 -93.86 -79.95
N LEU DC 123 -46.39 -95.00 -79.73
CA LEU DC 123 -46.02 -95.39 -78.37
C LEU DC 123 -44.90 -94.54 -77.80
N LYS DC 124 -44.11 -93.88 -78.66
CA LYS DC 124 -43.04 -93.00 -78.19
C LYS DC 124 -43.50 -91.56 -78.00
N LYS DC 125 -44.46 -91.10 -78.80
CA LYS DC 125 -45.04 -89.77 -78.68
C LYS DC 125 -46.56 -89.92 -78.62
N PRO DC 126 -47.11 -90.16 -77.42
CA PRO DC 126 -48.52 -90.55 -77.33
C PRO DC 126 -49.52 -89.40 -77.44
N SER DC 127 -49.08 -88.14 -77.34
CA SER DC 127 -49.99 -87.02 -77.24
C SER DC 127 -49.89 -86.12 -78.47
N ALA DC 128 -51.01 -85.49 -78.81
CA ALA DC 128 -51.08 -84.56 -79.93
C ALA DC 128 -52.19 -83.56 -79.67
N VAL DC 129 -52.12 -82.42 -80.36
CA VAL DC 129 -53.10 -81.35 -80.25
C VAL DC 129 -53.65 -81.05 -81.65
N ILE DC 130 -54.97 -81.02 -81.76
CA ILE DC 130 -55.65 -80.81 -83.04
C ILE DC 130 -56.61 -79.63 -82.92
N ILE DC 131 -57.02 -79.12 -84.08
CA ILE DC 131 -57.92 -77.97 -84.17
C ILE DC 131 -59.10 -78.35 -85.05
N LEU DC 132 -60.31 -78.08 -84.58
CA LEU DC 132 -61.53 -78.25 -85.35
C LEU DC 132 -62.18 -76.90 -85.57
N ASP DC 133 -62.52 -76.59 -86.82
CA ASP DC 133 -63.04 -75.27 -87.16
C ASP DC 133 -64.34 -75.35 -87.96
N ASN DC 134 -64.75 -74.21 -88.53
CA ASN DC 134 -66.04 -74.13 -89.22
C ASN DC 134 -66.13 -75.13 -90.36
N ASP DC 135 -65.02 -75.42 -91.04
CA ASP DC 135 -65.07 -76.35 -92.16
C ASP DC 135 -65.34 -77.78 -91.71
N ASP DC 136 -64.84 -78.17 -90.54
CA ASP DC 136 -64.99 -79.55 -90.07
C ASP DC 136 -66.44 -79.83 -89.67
N TYR DC 137 -67.12 -78.86 -89.06
CA TYR DC 137 -68.46 -79.07 -88.51
C TYR DC 137 -69.51 -79.19 -89.59
N SER DC 138 -69.47 -80.28 -90.35
CA SER DC 138 -70.51 -80.57 -91.33
C SER DC 138 -71.77 -81.04 -90.62
N SER DC 139 -72.91 -80.84 -91.27
CA SER DC 139 -74.24 -80.98 -90.67
C SER DC 139 -74.43 -80.07 -89.47
N THR DC 140 -73.48 -79.16 -89.23
CA THR DC 140 -73.52 -78.10 -88.22
C THR DC 140 -73.50 -78.63 -86.79
N ASN DC 141 -73.47 -79.95 -86.61
CA ASN DC 141 -73.64 -80.52 -85.28
C ASN DC 141 -72.67 -81.63 -84.88
N LYS DC 142 -71.88 -82.18 -85.80
CA LYS DC 142 -71.09 -83.34 -85.42
C LYS DC 142 -69.80 -83.44 -86.22
N ILE DC 143 -68.82 -84.11 -85.61
CA ILE DC 143 -67.52 -84.44 -86.22
C ILE DC 143 -67.39 -85.95 -86.29
N GLN DC 144 -66.89 -86.45 -87.42
CA GLN DC 144 -66.62 -87.86 -87.62
C GLN DC 144 -65.13 -88.05 -87.86
N LEU DC 145 -64.50 -88.91 -87.06
CA LEU DC 145 -63.07 -89.18 -87.13
C LEU DC 145 -62.85 -90.69 -87.06
N LYS DC 146 -62.33 -91.27 -88.14
CA LYS DC 146 -61.92 -92.67 -88.11
C LYS DC 146 -60.46 -92.81 -87.71
N VAL DC 147 -60.10 -94.01 -87.25
CA VAL DC 147 -58.78 -94.31 -86.72
C VAL DC 147 -58.07 -95.27 -87.67
N GLU DC 148 -56.81 -94.99 -87.96
CA GLU DC 148 -56.02 -95.86 -88.83
C GLU DC 148 -54.81 -96.35 -88.05
N ALA DC 149 -54.55 -97.65 -88.12
CA ALA DC 149 -53.53 -98.29 -87.30
C ALA DC 149 -52.48 -98.97 -88.16
N TYR DC 150 -51.23 -98.81 -87.76
CA TYR DC 150 -50.10 -99.56 -88.31
C TYR DC 150 -49.34 -100.19 -87.16
N TYR DC 151 -48.91 -101.44 -87.33
CA TYR DC 151 -48.40 -102.18 -86.18
C TYR DC 151 -47.43 -103.26 -86.63
N GLU DC 152 -46.62 -103.72 -85.68
CA GLU DC 152 -45.82 -104.93 -85.81
C GLU DC 152 -45.80 -105.62 -84.46
N ALA DC 153 -46.22 -106.89 -84.44
CA ALA DC 153 -46.34 -107.63 -83.20
C ALA DC 153 -45.00 -108.22 -82.77
N LYS DC 154 -44.86 -108.43 -81.46
CA LYS DC 154 -43.65 -109.05 -80.92
C LYS DC 154 -43.55 -110.51 -81.35
N GLU DC 155 -42.32 -110.99 -81.43
CA GLU DC 155 -42.06 -112.35 -81.90
C GLU DC 155 -42.42 -113.36 -80.82
N GLY DC 156 -43.31 -114.29 -81.16
CA GLY DC 156 -43.63 -115.40 -80.27
C GLY DC 156 -44.48 -115.06 -79.07
N MET DC 157 -45.23 -113.96 -79.13
CA MET DC 157 -46.08 -113.54 -78.01
C MET DC 157 -47.53 -113.81 -78.36
N LEU DC 158 -48.23 -114.51 -77.47
CA LEU DC 158 -49.63 -114.85 -77.66
C LEU DC 158 -50.46 -114.27 -76.52
N PHE DC 159 -51.62 -113.70 -76.87
CA PHE DC 159 -52.47 -113.04 -75.90
C PHE DC 159 -53.85 -112.86 -76.50
N ASP DC 160 -54.80 -112.43 -75.66
CA ASP DC 160 -56.16 -112.15 -76.11
C ASP DC 160 -56.80 -111.21 -75.12
N SER DC 161 -57.85 -110.52 -75.59
CA SER DC 161 -58.64 -109.60 -74.76
C SER DC 161 -57.77 -108.50 -74.15
N LEU DC 162 -57.11 -107.74 -75.02
CA LEU DC 162 -56.27 -106.63 -74.60
C LEU DC 162 -56.87 -105.32 -75.09
N PRO DC 163 -57.23 -104.40 -74.19
CA PRO DC 163 -57.89 -103.17 -74.61
C PRO DC 163 -56.92 -102.05 -74.97
N VAL DC 164 -57.39 -101.18 -75.86
CA VAL DC 164 -56.68 -99.96 -76.25
C VAL DC 164 -57.57 -98.78 -75.92
N ILE DC 165 -57.03 -97.81 -75.20
CA ILE DC 165 -57.81 -96.72 -74.62
C ILE DC 165 -57.27 -95.39 -75.13
N LEU DC 166 -58.18 -94.50 -75.51
CA LEU DC 166 -57.86 -93.13 -75.90
C LEU DC 166 -58.63 -92.16 -75.02
N ASN DC 167 -58.01 -91.01 -74.74
CA ASN DC 167 -58.58 -90.01 -73.85
C ASN DC 167 -58.65 -88.66 -74.55
N PHE DC 168 -59.67 -87.87 -74.21
CA PHE DC 168 -59.88 -86.55 -74.78
C PHE DC 168 -59.95 -85.51 -73.66
N GLN DC 169 -59.37 -84.35 -73.91
CA GLN DC 169 -59.42 -83.23 -72.97
C GLN DC 169 -59.57 -81.93 -73.75
N VAL DC 170 -60.45 -81.06 -73.25
CA VAL DC 170 -60.73 -79.78 -73.89
C VAL DC 170 -59.81 -78.72 -73.30
N LEU DC 171 -59.11 -77.99 -74.16
CA LEU DC 171 -58.22 -76.92 -73.72
C LEU DC 171 -58.81 -75.54 -73.87
N SER DC 172 -59.58 -75.29 -74.93
CA SER DC 172 -60.20 -73.99 -75.14
C SER DC 172 -61.34 -74.15 -76.14
N VAL DC 173 -62.43 -73.40 -75.92
CA VAL DC 173 -63.57 -73.40 -76.80
C VAL DC 173 -64.02 -71.96 -77.02
N SER DC 174 -64.53 -71.68 -78.21
CA SER DC 174 -65.00 -70.34 -78.55
C SER DC 174 -66.14 -70.40 -79.56
N THR EC 26 -100.23 -38.53 -23.21
CA THR EC 26 -98.98 -38.07 -23.82
C THR EC 26 -97.96 -39.20 -23.86
N THR EC 27 -98.01 -39.99 -24.93
CA THR EC 27 -97.13 -41.15 -25.11
C THR EC 27 -96.31 -40.97 -26.38
N GLN EC 28 -95.01 -41.24 -26.27
CA GLN EC 28 -94.09 -41.16 -27.40
C GLN EC 28 -93.79 -42.56 -27.91
N SER EC 29 -94.03 -42.79 -29.20
CA SER EC 29 -93.85 -44.14 -29.74
C SER EC 29 -92.60 -44.23 -30.61
N PRO EC 30 -91.90 -45.36 -30.57
CA PRO EC 30 -90.71 -45.52 -31.42
C PRO EC 30 -91.03 -45.93 -32.85
N LEU EC 31 -92.23 -46.47 -33.10
CA LEU EC 31 -92.71 -46.78 -34.46
C LEU EC 31 -91.83 -47.82 -35.14
N ASN EC 32 -91.54 -48.91 -34.42
CA ASN EC 32 -90.75 -50.01 -35.00
C ASN EC 32 -91.28 -51.38 -34.57
N SER EC 33 -92.54 -51.46 -34.16
CA SER EC 33 -93.13 -52.71 -33.69
C SER EC 33 -93.91 -53.41 -34.81
N PHE EC 34 -93.19 -53.79 -35.86
CA PHE EC 34 -93.76 -54.51 -36.98
C PHE EC 34 -92.81 -55.62 -37.42
N TYR EC 35 -93.37 -56.81 -37.67
CA TYR EC 35 -92.55 -57.96 -38.00
C TYR EC 35 -93.30 -58.86 -38.99
N ALA EC 36 -92.52 -59.68 -39.69
CA ALA EC 36 -93.04 -60.72 -40.58
C ALA EC 36 -92.06 -61.88 -40.56
N THR EC 37 -92.59 -63.11 -40.64
CA THR EC 37 -91.79 -64.30 -40.39
C THR EC 37 -92.02 -65.34 -41.48
N GLY EC 38 -90.93 -66.01 -41.88
CA GLY EC 38 -90.99 -67.15 -42.77
C GLY EC 38 -90.20 -68.32 -42.23
N THR EC 39 -90.04 -69.39 -43.01
CA THR EC 39 -89.33 -70.58 -42.56
C THR EC 39 -88.57 -71.20 -43.72
N ALA EC 40 -87.60 -72.05 -43.38
CA ALA EC 40 -86.81 -72.78 -44.35
C ALA EC 40 -86.31 -74.08 -43.73
N GLN EC 41 -85.94 -75.02 -44.58
CA GLN EC 41 -85.48 -76.32 -44.10
C GLN EC 41 -84.71 -77.04 -45.20
N ALA EC 42 -83.96 -78.06 -44.78
CA ALA EC 42 -83.26 -78.95 -45.71
C ALA EC 42 -83.00 -80.26 -44.97
N VAL EC 43 -83.70 -81.33 -45.36
CA VAL EC 43 -83.73 -82.55 -44.56
C VAL EC 43 -83.38 -83.79 -45.39
N GLN EC 44 -82.62 -83.65 -46.46
CA GLN EC 44 -82.21 -84.81 -47.24
C GLN EC 44 -80.91 -84.53 -47.98
N GLU EC 45 -80.17 -85.61 -48.26
CA GLU EC 45 -78.91 -85.55 -48.99
C GLU EC 45 -79.18 -85.42 -50.49
N PRO EC 46 -78.24 -84.83 -51.24
CA PRO EC 46 -78.50 -84.56 -52.67
C PRO EC 46 -78.81 -85.80 -53.49
N ILE EC 47 -78.12 -86.93 -53.24
CA ILE EC 47 -78.23 -88.09 -54.10
C ILE EC 47 -78.51 -89.34 -53.27
N ASP EC 48 -79.02 -90.36 -53.96
CA ASP EC 48 -79.21 -91.68 -53.38
C ASP EC 48 -78.65 -92.71 -54.37
N VAL EC 49 -77.99 -93.74 -53.86
CA VAL EC 49 -77.27 -94.70 -54.69
C VAL EC 49 -77.75 -96.10 -54.38
N GLU EC 50 -78.05 -96.87 -55.42
CA GLU EC 50 -78.49 -98.26 -55.28
C GLU EC 50 -77.69 -99.13 -56.25
N SER EC 51 -77.33 -100.33 -55.80
CA SER EC 51 -76.42 -101.20 -56.52
C SER EC 51 -77.15 -102.43 -57.08
N HIS EC 52 -76.75 -102.85 -58.27
CA HIS EC 52 -77.28 -104.05 -58.91
C HIS EC 52 -76.17 -104.84 -59.58
N LEU EC 53 -75.04 -105.01 -58.90
CA LEU EC 53 -73.91 -105.77 -59.43
C LEU EC 53 -74.12 -107.24 -59.06
N ASP EC 54 -74.72 -108.00 -59.97
CA ASP EC 54 -75.09 -109.38 -59.73
C ASP EC 54 -74.46 -110.34 -60.75
N ASN EC 55 -73.18 -110.14 -61.05
CA ASN EC 55 -72.42 -111.06 -61.87
C ASN EC 55 -71.08 -111.33 -61.21
N THR EC 56 -70.55 -112.53 -61.45
CA THR EC 56 -69.34 -113.00 -60.80
C THR EC 56 -68.24 -113.21 -61.82
N ILE EC 57 -67.06 -112.66 -61.54
CA ILE EC 57 -65.86 -112.94 -62.33
C ILE EC 57 -65.36 -114.32 -61.93
N ALA EC 58 -65.60 -115.31 -62.79
CA ALA EC 58 -65.28 -116.70 -62.48
C ALA EC 58 -64.47 -117.31 -63.63
N PRO EC 59 -63.19 -116.96 -63.73
CA PRO EC 59 -62.31 -117.62 -64.70
C PRO EC 59 -61.57 -118.79 -64.05
N ALA EC 60 -60.83 -119.51 -64.90
CA ALA EC 60 -59.92 -120.52 -64.39
C ALA EC 60 -58.65 -119.86 -63.87
N ALA EC 61 -57.84 -120.66 -63.16
CA ALA EC 61 -56.61 -120.14 -62.56
C ALA EC 61 -55.62 -119.75 -63.65
N GLY EC 62 -55.15 -118.51 -63.62
CA GLY EC 62 -54.16 -118.04 -64.56
C GLY EC 62 -54.68 -117.64 -65.92
N ALA EC 63 -56.00 -117.55 -66.09
CA ALA EC 63 -56.59 -117.26 -67.39
C ALA EC 63 -56.75 -115.76 -67.59
N GLN EC 64 -56.82 -115.36 -68.87
CA GLN EC 64 -57.07 -113.99 -69.27
C GLN EC 64 -58.50 -113.90 -69.81
N GLY EC 65 -59.27 -112.96 -69.30
CA GLY EC 65 -60.70 -112.96 -69.60
C GLY EC 65 -61.34 -111.64 -69.94
N TYR EC 66 -62.67 -111.64 -69.97
CA TYR EC 66 -63.48 -110.50 -70.41
C TYR EC 66 -64.90 -110.68 -69.88
N LYS EC 67 -65.36 -109.76 -69.03
CA LYS EC 67 -66.60 -109.99 -68.29
C LYS EC 67 -67.29 -108.67 -68.01
N ASP EC 68 -68.61 -108.70 -67.93
CA ASP EC 68 -69.42 -107.59 -67.47
C ASP EC 68 -70.07 -107.94 -66.14
N MET EC 69 -70.47 -106.93 -65.37
CA MET EC 69 -70.87 -107.13 -63.99
C MET EC 69 -72.33 -106.77 -63.70
N GLY EC 70 -72.75 -105.58 -64.10
CA GLY EC 70 -74.09 -105.11 -63.75
C GLY EC 70 -74.16 -103.60 -63.94
N TYR EC 71 -75.08 -102.97 -63.20
CA TYR EC 71 -75.25 -101.53 -63.32
C TYR EC 71 -75.63 -100.95 -61.96
N VAL EC 72 -75.44 -99.63 -61.83
CA VAL EC 72 -75.66 -98.91 -60.58
C VAL EC 72 -76.60 -97.73 -60.87
N LYS EC 73 -77.55 -97.50 -59.96
CA LYS EC 73 -78.54 -96.44 -60.12
C LYS EC 73 -78.24 -95.28 -59.17
N ILE EC 74 -78.37 -94.06 -59.69
CA ILE EC 74 -78.16 -92.84 -58.93
C ILE EC 74 -79.44 -92.01 -59.02
N ILE EC 75 -79.90 -91.48 -57.90
CA ILE EC 75 -81.14 -90.70 -57.83
C ILE EC 75 -80.81 -89.29 -57.35
N ASN EC 76 -81.33 -88.29 -58.05
CA ASN EC 76 -81.08 -86.88 -57.77
C ASN EC 76 -82.36 -86.16 -57.38
N TYR EC 77 -82.23 -85.23 -56.44
CA TYR EC 77 -83.35 -84.68 -55.68
C TYR EC 77 -83.51 -83.18 -55.95
N THR EC 78 -84.38 -82.55 -55.16
CA THR EC 78 -84.90 -81.23 -55.46
C THR EC 78 -83.81 -80.19 -55.65
N ASP EC 79 -83.95 -79.38 -56.71
CA ASP EC 79 -83.08 -78.25 -57.02
C ASP EC 79 -81.64 -78.68 -57.30
N VAL EC 80 -81.45 -79.90 -57.79
CA VAL EC 80 -80.13 -80.43 -58.15
C VAL EC 80 -80.07 -80.52 -59.67
N ASN EC 81 -78.99 -80.01 -60.25
CA ASN EC 81 -78.81 -80.06 -61.69
C ASN EC 81 -77.50 -80.70 -62.12
N VAL EC 82 -76.42 -80.44 -61.40
CA VAL EC 82 -75.09 -80.96 -61.76
C VAL EC 82 -74.44 -81.53 -60.51
N VAL EC 83 -73.85 -82.71 -60.63
CA VAL EC 83 -73.22 -83.41 -59.52
C VAL EC 83 -71.80 -83.78 -59.92
N LYS EC 84 -70.85 -83.53 -59.01
CA LYS EC 84 -69.46 -83.94 -59.17
C LYS EC 84 -69.17 -85.08 -58.21
N LEU EC 85 -68.62 -86.17 -58.73
CA LEU EC 85 -68.45 -87.39 -57.97
C LEU EC 85 -67.01 -87.87 -58.04
N LYS EC 86 -66.61 -88.63 -57.02
CA LYS EC 86 -65.31 -89.29 -56.98
C LYS EC 86 -65.54 -90.77 -56.67
N VAL EC 87 -64.98 -91.64 -57.51
CA VAL EC 87 -65.15 -93.08 -57.39
C VAL EC 87 -63.79 -93.72 -57.18
N THR EC 88 -63.71 -94.63 -56.21
CA THR EC 88 -62.45 -95.27 -55.86
C THR EC 88 -62.70 -96.74 -55.53
N LEU EC 89 -61.62 -97.52 -55.58
CA LEU EC 89 -61.64 -98.93 -55.19
C LEU EC 89 -61.24 -99.02 -53.72
N ALA EC 90 -62.17 -99.44 -52.87
CA ALA EC 90 -61.94 -99.41 -51.43
C ALA EC 90 -60.98 -100.50 -50.98
N ASN EC 91 -61.05 -101.68 -51.58
CA ASN EC 91 -60.26 -102.82 -51.13
C ASN EC 91 -59.25 -103.27 -52.17
N ALA EC 92 -58.56 -102.30 -52.79
CA ALA EC 92 -57.57 -102.64 -53.80
C ALA EC 92 -56.39 -103.40 -53.20
N ALA EC 93 -56.03 -103.08 -51.96
CA ALA EC 93 -54.89 -103.76 -51.32
C ALA EC 93 -55.17 -105.25 -51.13
N GLN EC 94 -56.41 -105.60 -50.77
CA GLN EC 94 -56.75 -107.00 -50.57
C GLN EC 94 -56.72 -107.78 -51.89
N LEU EC 95 -57.09 -107.14 -53.00
CA LEU EC 95 -57.17 -107.81 -54.28
C LEU EC 95 -55.82 -107.95 -54.98
N ARG EC 96 -54.78 -107.29 -54.49
CA ARG EC 96 -53.48 -107.35 -55.16
C ARG EC 96 -52.89 -108.76 -55.24
N PRO EC 97 -52.85 -109.57 -54.17
CA PRO EC 97 -52.24 -110.91 -54.29
C PRO EC 97 -52.98 -111.85 -55.22
N TYR EC 98 -54.21 -111.52 -55.64
CA TYR EC 98 -55.02 -112.43 -56.44
C TYR EC 98 -55.00 -112.12 -57.93
N PHE EC 99 -54.49 -110.96 -58.33
CA PHE EC 99 -54.57 -110.52 -59.72
C PHE EC 99 -53.26 -109.90 -60.17
N LYS EC 100 -52.87 -110.18 -61.42
CA LYS EC 100 -51.80 -109.41 -62.03
C LYS EC 100 -52.27 -108.02 -62.45
N TYR EC 101 -53.49 -107.93 -62.99
CA TYR EC 101 -54.08 -106.64 -63.32
C TYR EC 101 -55.59 -106.79 -63.34
N LEU EC 102 -56.28 -105.66 -63.11
CA LEU EC 102 -57.74 -105.64 -63.12
C LEU EC 102 -58.19 -104.22 -63.42
N GLN EC 103 -58.99 -104.06 -64.47
CA GLN EC 103 -59.43 -102.74 -64.91
C GLN EC 103 -60.95 -102.71 -64.99
N LEU EC 104 -61.53 -101.61 -64.53
CA LEU EC 104 -62.98 -101.41 -64.54
C LEU EC 104 -63.31 -100.20 -65.41
N VAL EC 105 -64.30 -100.37 -66.29
CA VAL EC 105 -64.73 -99.34 -67.22
C VAL EC 105 -66.16 -98.94 -66.89
N LEU EC 106 -66.39 -97.65 -66.70
CA LEU EC 106 -67.71 -97.12 -66.36
C LEU EC 106 -68.22 -96.28 -67.53
N THR EC 107 -69.45 -96.56 -67.96
CA THR EC 107 -70.05 -95.85 -69.07
C THR EC 107 -71.45 -95.37 -68.69
N SER EC 108 -71.77 -94.15 -69.10
CA SER EC 108 -73.11 -93.59 -68.90
C SER EC 108 -73.96 -93.91 -70.14
N ASN EC 109 -75.16 -94.44 -69.90
CA ASN EC 109 -76.02 -94.98 -70.94
C ASN EC 109 -77.46 -94.50 -70.78
N ALA EC 110 -77.80 -93.93 -69.62
CA ALA EC 110 -79.19 -93.63 -69.28
C ALA EC 110 -79.89 -92.82 -70.37
N SER EC 111 -79.14 -92.01 -71.12
CA SER EC 111 -79.64 -91.39 -72.35
C SER EC 111 -79.41 -92.33 -73.51
N SER EC 112 -80.50 -92.74 -74.17
CA SER EC 112 -80.39 -93.67 -75.29
C SER EC 112 -79.65 -93.06 -76.48
N THR EC 113 -79.53 -91.74 -76.53
CA THR EC 113 -78.82 -91.08 -77.63
C THR EC 113 -77.35 -90.85 -77.34
N VAL EC 114 -76.97 -90.66 -76.08
CA VAL EC 114 -75.61 -90.32 -75.70
C VAL EC 114 -75.07 -91.41 -74.77
N GLU EC 115 -74.27 -92.32 -75.32
CA GLU EC 115 -73.49 -93.27 -74.54
C GLU EC 115 -72.07 -92.72 -74.39
N GLU EC 116 -71.59 -92.66 -73.14
CA GLU EC 116 -70.25 -92.14 -72.87
C GLU EC 116 -69.56 -92.94 -71.78
N THR EC 117 -68.31 -93.32 -72.03
CA THR EC 117 -67.44 -93.86 -71.00
C THR EC 117 -66.83 -92.71 -70.22
N LYS EC 118 -66.92 -92.77 -68.89
CA LYS EC 118 -66.53 -91.67 -68.03
C LYS EC 118 -65.20 -91.88 -67.33
N ALA EC 119 -64.89 -93.09 -66.87
CA ALA EC 119 -63.66 -93.31 -66.13
C ALA EC 119 -63.21 -94.76 -66.30
N VAL EC 120 -61.91 -94.97 -66.07
CA VAL EC 120 -61.30 -96.30 -66.06
C VAL EC 120 -60.54 -96.43 -64.75
N LEU EC 121 -60.84 -97.48 -63.99
CA LEU EC 121 -60.20 -97.73 -62.72
C LEU EC 121 -59.30 -98.96 -62.81
N SER EC 122 -58.23 -98.94 -62.03
CA SER EC 122 -57.27 -100.03 -62.04
C SER EC 122 -56.67 -100.16 -60.64
N LEU EC 123 -55.92 -101.25 -60.44
CA LEU EC 123 -55.30 -101.50 -59.15
C LEU EC 123 -54.15 -100.55 -58.87
N LYS EC 124 -53.56 -99.95 -59.91
CA LYS EC 124 -52.48 -98.99 -59.73
C LYS EC 124 -52.98 -97.56 -59.58
N LYS EC 125 -54.09 -97.22 -60.22
CA LYS EC 125 -54.72 -95.90 -60.12
C LYS EC 125 -56.18 -96.10 -59.77
N PRO EC 126 -56.49 -96.25 -58.48
CA PRO EC 126 -57.85 -96.68 -58.09
C PRO EC 126 -58.91 -95.58 -58.12
N SER EC 127 -58.53 -94.32 -58.20
CA SER EC 127 -59.47 -93.22 -58.04
C SER EC 127 -59.64 -92.44 -59.34
N ALA EC 128 -60.84 -91.89 -59.52
CA ALA EC 128 -61.15 -91.07 -60.68
C ALA EC 128 -62.27 -90.10 -60.32
N VAL EC 129 -62.37 -89.03 -61.11
CA VAL EC 129 -63.38 -87.99 -60.92
C VAL EC 129 -64.18 -87.86 -62.20
N ILE EC 130 -65.51 -87.88 -62.08
CA ILE EC 130 -66.41 -87.83 -63.22
C ILE EC 130 -67.40 -86.69 -63.03
N ILE EC 131 -68.04 -86.30 -64.13
CA ILE EC 131 -69.00 -85.21 -64.16
C ILE EC 131 -70.30 -85.72 -64.78
N LEU EC 132 -71.42 -85.44 -64.11
CA LEU EC 132 -72.75 -85.74 -64.63
C LEU EC 132 -73.50 -84.44 -64.84
N ASP EC 133 -74.08 -84.27 -66.02
CA ASP EC 133 -74.73 -83.01 -66.38
C ASP EC 133 -76.14 -83.21 -66.91
N ASN EC 134 -76.72 -82.15 -67.50
CA ASN EC 134 -78.10 -82.20 -67.95
C ASN EC 134 -78.35 -83.31 -68.96
N ASP EC 135 -77.37 -83.62 -69.80
CA ASP EC 135 -77.56 -84.66 -70.81
C ASP EC 135 -77.66 -86.04 -70.20
N ASP EC 136 -76.94 -86.29 -69.10
CA ASP EC 136 -76.94 -87.62 -68.50
C ASP EC 136 -78.26 -87.92 -67.81
N TYR EC 137 -78.87 -86.92 -67.17
CA TYR EC 137 -80.07 -87.13 -66.37
C TYR EC 137 -81.29 -87.40 -67.23
N SER EC 138 -81.33 -88.56 -67.88
CA SER EC 138 -82.51 -88.98 -68.61
C SER EC 138 -83.60 -89.43 -67.64
N SER EC 139 -84.85 -89.34 -68.09
CA SER EC 139 -86.04 -89.47 -67.25
C SER EC 139 -86.06 -88.45 -66.13
N THR EC 140 -85.13 -87.49 -66.14
CA THR EC 140 -85.06 -86.35 -65.24
C THR EC 140 -84.76 -86.73 -63.80
N ASN EC 141 -84.60 -88.03 -63.50
CA ASN EC 141 -84.51 -88.46 -62.12
C ASN EC 141 -83.42 -89.49 -61.81
N LYS EC 142 -82.78 -90.10 -62.81
CA LYS EC 142 -81.87 -91.20 -62.48
C LYS EC 142 -80.74 -91.31 -63.50
N ILE EC 143 -79.63 -91.88 -63.03
CA ILE EC 143 -78.45 -92.21 -63.82
C ILE EC 143 -78.25 -93.72 -63.79
N GLN EC 144 -77.93 -94.30 -64.95
CA GLN EC 144 -77.62 -95.72 -65.06
C GLN EC 144 -76.19 -95.87 -65.55
N LEU EC 145 -75.38 -96.62 -64.81
CA LEU EC 145 -73.97 -96.85 -65.12
C LEU EC 145 -73.66 -98.33 -64.96
N LYS EC 146 -73.30 -98.99 -66.06
CA LYS EC 146 -72.81 -100.36 -65.98
C LYS EC 146 -71.29 -100.41 -65.85
N VAL EC 147 -70.80 -101.54 -65.37
CA VAL EC 147 -69.40 -101.74 -65.05
C VAL EC 147 -68.82 -102.76 -66.03
N GLU EC 148 -67.64 -102.45 -66.58
CA GLU EC 148 -66.97 -103.37 -67.50
C GLU EC 148 -65.62 -103.73 -66.91
N ALA EC 149 -65.31 -105.03 -66.90
CA ALA EC 149 -64.12 -105.54 -66.23
C ALA EC 149 -63.21 -106.26 -67.22
N TYR EC 150 -61.91 -106.02 -67.08
CA TYR EC 150 -60.86 -106.76 -67.76
C TYR EC 150 -59.87 -107.25 -66.71
N TYR EC 151 -59.41 -108.49 -66.85
CA TYR EC 151 -58.66 -109.10 -65.75
C TYR EC 151 -57.73 -110.18 -66.28
N GLU EC 152 -56.73 -110.52 -65.46
CA GLU EC 152 -55.91 -111.70 -65.63
C GLU EC 152 -55.61 -112.26 -64.24
N ALA EC 153 -55.94 -113.53 -64.03
CA ALA EC 153 -55.79 -114.15 -62.73
C ALA EC 153 -54.36 -114.64 -62.50
N LYS EC 154 -53.98 -114.72 -61.23
CA LYS EC 154 -52.66 -115.23 -60.87
C LYS EC 154 -52.56 -116.72 -61.19
N GLU EC 155 -51.34 -117.16 -61.44
CA GLU EC 155 -51.08 -118.54 -61.83
C GLU EC 155 -51.19 -119.47 -60.62
N GLY EC 156 -52.08 -120.46 -60.71
CA GLY EC 156 -52.17 -121.49 -59.69
C GLY EC 156 -52.81 -121.06 -58.39
N MET EC 157 -53.61 -120.01 -58.39
CA MET EC 157 -54.27 -119.52 -57.18
C MET EC 157 -55.74 -119.88 -57.22
N LEU EC 158 -56.23 -120.51 -56.17
CA LEU EC 158 -57.63 -120.93 -56.06
C LEU EC 158 -58.26 -120.27 -54.85
N PHE EC 159 -59.50 -119.79 -55.03
CA PHE EC 159 -60.19 -119.07 -53.98
C PHE EC 159 -61.67 -119.00 -54.34
N ASP EC 160 -62.47 -118.54 -53.38
CA ASP EC 160 -63.90 -118.35 -53.59
C ASP EC 160 -64.42 -117.34 -52.58
N SER EC 161 -65.57 -116.74 -52.91
CA SER EC 161 -66.24 -115.78 -52.03
C SER EC 161 -65.35 -114.59 -51.70
N LEU EC 162 -64.89 -113.90 -52.74
CA LEU EC 162 -64.06 -112.71 -52.58
C LEU EC 162 -64.81 -111.49 -53.05
N PRO EC 163 -65.06 -110.50 -52.19
CA PRO EC 163 -65.85 -109.33 -52.59
C PRO EC 163 -65.02 -108.22 -53.22
N VAL EC 164 -65.69 -107.45 -54.09
CA VAL EC 164 -65.14 -106.26 -54.70
C VAL EC 164 -66.02 -105.09 -54.31
N ILE EC 165 -65.41 -104.03 -53.79
CA ILE EC 165 -66.12 -102.92 -53.17
C ILE EC 165 -65.77 -101.63 -53.89
N LEU EC 166 -66.79 -100.81 -54.18
CA LEU EC 166 -66.61 -99.48 -54.75
C LEU EC 166 -67.26 -98.46 -53.82
N ASN EC 167 -66.67 -97.27 -53.77
CA ASN EC 167 -67.13 -96.20 -52.87
C ASN EC 167 -67.40 -94.93 -53.67
N PHE EC 168 -68.37 -94.15 -53.21
CA PHE EC 168 -68.76 -92.91 -53.84
C PHE EC 168 -68.70 -91.77 -52.83
N GLN EC 169 -68.23 -90.61 -53.29
CA GLN EC 169 -68.18 -89.42 -52.46
C GLN EC 169 -68.53 -88.20 -53.30
N VAL EC 170 -69.35 -87.32 -52.74
CA VAL EC 170 -69.82 -86.12 -53.42
C VAL EC 170 -68.87 -84.98 -53.10
N LEU EC 171 -68.38 -84.30 -54.14
CA LEU EC 171 -67.48 -83.17 -53.97
C LEU EC 171 -68.17 -81.82 -54.12
N SER EC 172 -69.14 -81.72 -55.04
CA SER EC 172 -69.86 -80.47 -55.25
C SER EC 172 -71.14 -80.76 -56.00
N VAL EC 173 -72.21 -80.05 -55.65
CA VAL EC 173 -73.50 -80.17 -56.31
C VAL EC 173 -74.05 -78.77 -56.56
N SER EC 174 -74.78 -78.63 -57.66
CA SER EC 174 -75.39 -77.35 -58.02
C SER EC 174 -76.69 -77.55 -58.79
N THR FC 26 -101.83 -41.75 -0.16
CA THR FC 26 -100.75 -41.31 -1.01
C THR FC 26 -99.69 -42.40 -1.14
N THR FC 27 -99.87 -43.28 -2.12
CA THR FC 27 -98.99 -44.42 -2.34
C THR FC 27 -98.42 -44.35 -3.76
N GLN FC 28 -97.11 -44.55 -3.88
CA GLN FC 28 -96.41 -44.53 -5.16
C GLN FC 28 -96.13 -45.96 -5.58
N SER FC 29 -96.57 -46.33 -6.79
CA SER FC 29 -96.42 -47.71 -7.22
C SER FC 29 -95.35 -47.83 -8.30
N PRO FC 30 -94.58 -48.94 -8.28
CA PRO FC 30 -93.57 -49.12 -9.33
C PRO FC 30 -94.12 -49.68 -10.64
N LEU FC 31 -95.30 -50.29 -10.61
CA LEU FC 31 -96.00 -50.74 -11.82
C LEU FC 31 -95.20 -51.82 -12.57
N ASN FC 32 -94.72 -52.82 -11.82
CA ASN FC 32 -94.00 -53.93 -12.43
C ASN FC 32 -94.36 -55.27 -11.80
N SER FC 33 -95.52 -55.36 -11.16
CA SER FC 33 -95.94 -56.58 -10.47
C SER FC 33 -96.86 -57.42 -11.36
N PHE FC 34 -96.32 -57.88 -12.49
CA PHE FC 34 -97.06 -58.72 -13.42
C PHE FC 34 -96.15 -59.83 -13.93
N TYR FC 35 -96.67 -61.06 -13.97
CA TYR FC 35 -95.86 -62.21 -14.34
C TYR FC 35 -96.71 -63.22 -15.09
N ALA FC 36 -96.03 -64.08 -15.85
CA ALA FC 36 -96.64 -65.21 -16.53
C ALA FC 36 -95.61 -66.33 -16.59
N THR FC 37 -96.07 -67.58 -16.46
CA THR FC 37 -95.18 -68.71 -16.26
C THR FC 37 -95.53 -69.87 -17.19
N GLY FC 38 -94.51 -70.52 -17.73
CA GLY FC 38 -94.67 -71.75 -18.48
C GLY FC 38 -93.72 -72.82 -18.00
N THR FC 39 -93.64 -73.96 -18.71
CA THR FC 39 -92.81 -75.07 -18.29
C THR FC 39 -92.22 -75.77 -19.51
N ALA FC 40 -91.16 -76.54 -19.27
CA ALA FC 40 -90.52 -77.33 -20.32
C ALA FC 40 -89.84 -78.54 -19.68
N GLN FC 41 -89.58 -79.56 -20.50
CA GLN FC 41 -88.98 -80.77 -20.00
C GLN FC 41 -88.37 -81.57 -21.15
N ALA FC 42 -87.51 -82.52 -20.79
CA ALA FC 42 -86.93 -83.47 -21.76
C ALA FC 42 -86.47 -84.68 -20.96
N VAL FC 43 -87.17 -85.81 -21.12
CA VAL FC 43 -86.98 -86.95 -20.23
C VAL FC 43 -86.72 -88.25 -20.99
N GLN FC 44 -86.17 -88.18 -22.19
CA GLN FC 44 -85.84 -89.40 -22.92
C GLN FC 44 -84.72 -89.14 -23.91
N GLU FC 45 -83.98 -90.21 -24.23
CA GLU FC 45 -82.89 -90.17 -25.19
C GLU FC 45 -83.41 -90.20 -26.62
N PRO FC 46 -82.66 -89.64 -27.58
CA PRO FC 46 -83.19 -89.52 -28.95
C PRO FC 46 -83.57 -90.86 -29.60
N ILE FC 47 -82.79 -91.92 -29.37
CA ILE FC 47 -82.98 -93.16 -30.09
C ILE FC 47 -83.04 -94.34 -29.11
N ASP FC 48 -83.61 -95.44 -29.60
CA ASP FC 48 -83.62 -96.71 -28.88
C ASP FC 48 -83.19 -97.80 -29.87
N VAL FC 49 -82.39 -98.75 -29.40
CA VAL FC 49 -81.77 -99.75 -30.27
C VAL FC 49 -82.11 -101.14 -29.75
N GLU FC 50 -82.55 -102.01 -30.65
CA GLU FC 50 -82.88 -103.39 -30.31
C GLU FC 50 -82.21 -104.32 -31.32
N SER FC 51 -81.71 -105.46 -30.85
CA SER FC 51 -80.90 -106.37 -31.64
C SER FC 51 -81.65 -107.66 -31.94
N HIS FC 52 -81.45 -108.19 -33.15
CA HIS FC 52 -82.02 -109.46 -33.57
C HIS FC 52 -81.00 -110.28 -34.37
N LEU FC 53 -79.76 -110.33 -33.89
CA LEU FC 53 -78.71 -111.09 -34.54
C LEU FC 53 -78.76 -112.53 -34.02
N ASP FC 54 -79.47 -113.39 -34.74
CA ASP FC 54 -79.71 -114.76 -34.32
C ASP FC 54 -79.22 -115.78 -35.34
N ASN FC 55 -78.04 -115.56 -35.89
CA ASN FC 55 -77.38 -116.53 -36.75
C ASN FC 55 -75.93 -116.69 -36.33
N THR FC 56 -75.39 -117.88 -36.55
CA THR FC 56 -74.06 -118.23 -36.10
C THR FC 56 -73.14 -118.50 -37.29
N ILE FC 57 -71.96 -117.89 -37.26
CA ILE FC 57 -70.92 -118.18 -38.25
C ILE FC 57 -70.27 -119.50 -37.83
N ALA FC 58 -70.61 -120.58 -38.53
CA ALA FC 58 -70.16 -121.93 -38.17
C ALA FC 58 -69.53 -122.61 -39.38
N PRO FC 59 -68.31 -122.21 -39.75
CA PRO FC 59 -67.59 -122.93 -40.80
C PRO FC 59 -66.68 -124.00 -40.21
N ALA FC 60 -66.06 -124.77 -41.11
CA ALA FC 60 -65.02 -125.69 -40.69
C ALA FC 60 -63.71 -124.94 -40.46
N ALA FC 61 -62.75 -125.63 -39.86
CA ALA FC 61 -61.47 -125.00 -39.54
C ALA FC 61 -60.72 -124.69 -40.82
N GLY FC 62 -60.31 -123.43 -40.98
CA GLY FC 62 -59.54 -123.01 -42.13
C GLY FC 62 -60.31 -122.77 -43.40
N ALA FC 63 -61.65 -122.75 -43.34
CA ALA FC 63 -62.47 -122.60 -44.51
C ALA FC 63 -62.75 -121.14 -44.82
N GLN FC 64 -63.07 -120.88 -46.09
CA GLN FC 64 -63.48 -119.56 -46.56
C GLN FC 64 -64.97 -119.59 -46.83
N GLY FC 65 -65.70 -118.61 -46.28
CA GLY FC 65 -67.14 -118.71 -46.31
C GLY FC 65 -67.92 -117.44 -46.65
N TYR FC 66 -69.23 -117.50 -46.42
CA TYR FC 66 -70.17 -116.45 -46.80
C TYR FC 66 -71.45 -116.63 -46.00
N LYS FC 67 -71.80 -115.66 -45.17
CA LYS FC 67 -72.87 -115.86 -44.20
C LYS FC 67 -73.57 -114.53 -43.92
N ASP FC 68 -74.86 -114.62 -43.59
CA ASP FC 68 -75.64 -113.50 -43.09
C ASP FC 68 -76.01 -113.75 -41.63
N MET FC 69 -76.33 -112.69 -40.90
CA MET FC 69 -76.46 -112.76 -39.45
C MET FC 69 -77.86 -112.43 -38.93
N GLY FC 70 -78.42 -111.31 -39.34
CA GLY FC 70 -79.70 -110.85 -38.81
C GLY FC 70 -79.88 -109.37 -39.11
N TYR FC 71 -80.69 -108.72 -38.28
CA TYR FC 71 -80.96 -107.30 -38.48
C TYR FC 71 -81.12 -106.60 -37.13
N VAL FC 72 -80.99 -105.28 -37.16
CA VAL FC 72 -81.03 -104.45 -35.96
C VAL FC 72 -82.05 -103.34 -36.17
N LYS FC 73 -82.84 -103.06 -35.13
CA LYS FC 73 -83.90 -102.06 -35.19
C LYS FC 73 -83.49 -100.80 -34.43
N ILE FC 74 -83.79 -99.64 -35.02
CA ILE FC 74 -83.52 -98.34 -34.41
C ILE FC 74 -84.84 -97.58 -34.35
N ILE FC 75 -85.11 -96.96 -33.21
CA ILE FC 75 -86.35 -96.23 -32.98
C ILE FC 75 -86.03 -94.77 -32.69
N ASN FC 76 -86.73 -93.87 -33.36
CA ASN FC 76 -86.50 -92.43 -33.27
C ASN FC 76 -87.74 -91.73 -32.71
N TYR FC 77 -87.49 -90.70 -31.89
CA TYR FC 77 -88.48 -90.12 -30.99
C TYR FC 77 -88.78 -88.66 -31.36
N THR FC 78 -89.53 -87.99 -30.48
CA THR FC 78 -90.18 -86.73 -30.80
C THR FC 78 -89.18 -85.68 -31.28
N ASP FC 79 -89.57 -84.98 -32.35
CA ASP FC 79 -88.83 -83.86 -32.91
C ASP FC 79 -87.44 -84.24 -33.41
N VAL FC 80 -87.27 -85.50 -33.82
CA VAL FC 80 -86.01 -86.00 -34.37
C VAL FC 80 -86.22 -86.25 -35.86
N ASN FC 81 -85.30 -85.75 -36.67
CA ASN FC 81 -85.37 -85.93 -38.12
C ASN FC 81 -84.13 -86.55 -38.72
N VAL FC 82 -82.94 -86.19 -38.25
CA VAL FC 82 -81.69 -86.69 -38.79
C VAL FC 82 -80.79 -87.10 -37.63
N VAL FC 83 -80.17 -88.28 -37.76
CA VAL FC 83 -79.30 -88.84 -36.73
C VAL FC 83 -77.96 -89.19 -37.34
N LYS FC 84 -76.88 -88.81 -36.66
CA LYS FC 84 -75.52 -89.17 -37.04
C LYS FC 84 -74.99 -90.20 -36.04
N LEU FC 85 -74.49 -91.32 -36.56
CA LEU FC 85 -74.11 -92.45 -35.73
C LEU FC 85 -72.69 -92.89 -36.04
N LYS FC 86 -72.06 -93.52 -35.04
CA LYS FC 86 -70.75 -94.13 -35.18
C LYS FC 86 -70.82 -95.57 -34.71
N VAL FC 87 -70.39 -96.50 -35.56
CA VAL FC 87 -70.46 -97.93 -35.28
C VAL FC 87 -69.04 -98.49 -35.27
N THR FC 88 -68.73 -99.29 -34.25
CA THR FC 88 -67.40 -99.86 -34.09
C THR FC 88 -67.50 -101.29 -33.59
N LEU FC 89 -66.41 -102.03 -33.77
CA LEU FC 89 -66.28 -103.39 -33.26
C LEU FC 89 -65.61 -103.32 -31.89
N ALA FC 90 -66.35 -103.69 -30.85
CA ALA FC 90 -65.87 -103.52 -29.48
C ALA FC 90 -64.79 -104.52 -29.11
N ASN FC 91 -64.90 -105.76 -29.60
CA ASN FC 91 -63.98 -106.82 -29.19
C ASN FC 91 -63.15 -107.32 -30.37
N ALA FC 92 -62.64 -106.40 -31.18
CA ALA FC 92 -61.82 -106.79 -32.32
C ALA FC 92 -60.51 -107.44 -31.89
N ALA FC 93 -59.95 -107.00 -30.76
CA ALA FC 93 -58.68 -107.55 -30.29
C ALA FC 93 -58.84 -109.03 -29.93
N GLN FC 94 -59.96 -109.39 -29.31
CA GLN FC 94 -60.19 -110.78 -28.93
C GLN FC 94 -60.36 -111.68 -30.15
N LEU FC 95 -60.95 -111.17 -31.22
CA LEU FC 95 -61.23 -111.97 -32.42
C LEU FC 95 -60.02 -112.11 -33.34
N ARG FC 96 -58.94 -111.36 -33.10
CA ARG FC 96 -57.78 -111.44 -33.99
C ARG FC 96 -57.14 -112.83 -34.05
N PRO FC 97 -56.87 -113.54 -32.95
CA PRO FC 97 -56.21 -114.85 -33.06
C PRO FC 97 -57.05 -115.91 -33.75
N TYR FC 98 -58.34 -115.67 -33.96
CA TYR FC 98 -59.23 -116.68 -34.51
C TYR FC 98 -59.51 -116.52 -36.01
N PHE FC 99 -59.15 -115.37 -36.60
CA PHE FC 99 -59.49 -115.09 -37.98
C PHE FC 99 -58.32 -114.46 -38.70
N LYS FC 100 -58.16 -114.83 -39.99
CA LYS FC 100 -57.25 -114.09 -40.85
C LYS FC 100 -57.87 -112.77 -41.29
N TYR FC 101 -59.17 -112.78 -41.61
CA TYR FC 101 -59.88 -111.55 -41.92
C TYR FC 101 -61.36 -111.76 -41.66
N LEU FC 102 -62.06 -110.66 -41.41
CA LEU FC 102 -63.49 -110.68 -41.15
C LEU FC 102 -64.07 -109.32 -41.48
N GLN FC 103 -65.05 -109.29 -42.38
CA GLN FC 103 -65.65 -108.04 -42.85
C GLN FC 103 -67.15 -108.08 -42.64
N LEU FC 104 -67.70 -106.96 -42.18
CA LEU FC 104 -69.13 -106.81 -41.95
C LEU FC 104 -69.68 -105.72 -42.85
N VAL FC 105 -70.81 -106.01 -43.50
CA VAL FC 105 -71.45 -105.08 -44.44
C VAL FC 105 -72.82 -104.73 -43.88
N LEU FC 106 -73.09 -103.42 -43.76
CA LEU FC 106 -74.35 -102.91 -43.24
C LEU FC 106 -75.11 -102.21 -44.36
N THR FC 107 -76.37 -102.58 -44.53
CA THR FC 107 -77.21 -102.01 -45.57
C THR FC 107 -78.53 -101.54 -44.98
N SER FC 108 -79.00 -100.38 -45.44
CA SER FC 108 -80.31 -99.86 -45.04
C SER FC 108 -81.34 -100.33 -46.07
N ASN FC 109 -82.45 -100.88 -45.56
CA ASN FC 109 -83.46 -101.55 -46.38
C ASN FC 109 -84.86 -101.12 -46.00
N ALA FC 110 -85.02 -100.44 -44.86
CA ALA FC 110 -86.34 -100.18 -44.30
C ALA FC 110 -87.27 -99.50 -45.30
N SER FC 111 -86.72 -98.74 -46.24
CA SER FC 111 -87.46 -98.26 -47.40
C SER FC 111 -87.40 -99.30 -48.51
N SER FC 112 -88.55 -99.81 -48.92
CA SER FC 112 -88.60 -100.84 -49.95
C SER FC 112 -88.13 -100.33 -51.30
N THR FC 113 -88.08 -99.01 -51.49
CA THR FC 113 -87.63 -98.43 -52.76
C THR FC 113 -86.14 -98.11 -52.77
N VAL FC 114 -85.56 -97.80 -51.61
CA VAL FC 114 -84.16 -97.36 -51.52
C VAL FC 114 -83.40 -98.33 -50.62
N GLU FC 115 -82.68 -99.26 -51.22
CA GLU FC 115 -81.71 -100.10 -50.52
C GLU FC 115 -80.33 -99.48 -50.67
N GLU FC 116 -79.63 -99.28 -49.56
CA GLU FC 116 -78.30 -98.69 -49.58
C GLU FC 116 -77.39 -99.36 -48.57
N THR FC 117 -76.17 -99.70 -49.02
CA THR FC 117 -75.10 -100.11 -48.12
C THR FC 117 -74.42 -98.87 -47.56
N LYS FC 118 -74.28 -98.80 -46.24
CA LYS FC 118 -73.79 -97.60 -45.57
C LYS FC 118 -72.34 -97.69 -45.11
N ALA FC 119 -71.90 -98.84 -44.61
CA ALA FC 119 -70.54 -98.94 -44.10
C ALA FC 119 -70.05 -100.38 -44.21
N VAL FC 120 -68.73 -100.52 -44.22
CA VAL FC 120 -68.05 -101.81 -44.20
C VAL FC 120 -67.06 -101.80 -43.04
N LEU FC 121 -67.16 -102.77 -42.16
CA LEU FC 121 -66.29 -102.88 -41.00
C LEU FC 121 -65.36 -104.07 -41.15
N SER FC 122 -64.15 -103.94 -40.58
CA SER FC 122 -63.14 -104.98 -40.67
C SER FC 122 -62.30 -104.96 -39.40
N LEU FC 123 -61.47 -105.99 -39.25
CA LEU FC 123 -60.61 -106.09 -38.07
C LEU FC 123 -59.48 -105.07 -38.10
N LYS FC 124 -59.13 -104.54 -39.28
CA LYS FC 124 -58.09 -103.53 -39.38
C LYS FC 124 -58.64 -102.11 -39.28
N LYS FC 125 -59.87 -101.88 -39.72
CA LYS FC 125 -60.53 -100.58 -39.63
C LYS FC 125 -61.90 -100.82 -38.99
N PRO FC 126 -61.96 -100.85 -37.66
CA PRO FC 126 -63.20 -101.28 -36.99
C PRO FC 126 -64.30 -100.25 -36.92
N SER FC 127 -64.02 -98.97 -37.19
CA SER FC 127 -64.98 -97.90 -36.95
C SER FC 127 -65.43 -97.27 -38.26
N ALA FC 128 -66.67 -96.78 -38.26
CA ALA FC 128 -67.23 -96.09 -39.42
C ALA FC 128 -68.31 -95.13 -38.94
N VAL FC 129 -68.62 -94.15 -39.79
CA VAL FC 129 -69.63 -93.14 -39.51
C VAL FC 129 -70.66 -93.16 -40.63
N ILE FC 130 -71.94 -93.22 -40.26
CA ILE FC 130 -73.03 -93.32 -41.21
C ILE FC 130 -74.03 -92.20 -40.95
N ILE FC 131 -74.89 -91.96 -41.94
CA ILE FC 131 -75.89 -90.91 -41.89
C ILE FC 131 -77.26 -91.52 -42.21
N LEU FC 132 -78.24 -91.23 -41.37
CA LEU FC 132 -79.62 -91.63 -41.61
C LEU FC 132 -80.48 -90.38 -41.78
N ASP FC 133 -81.27 -90.35 -42.86
CA ASP FC 133 -82.04 -89.16 -43.21
C ASP FC 133 -83.51 -89.46 -43.45
N ASN FC 134 -84.24 -88.49 -44.01
CA ASN FC 134 -85.68 -88.63 -44.19
C ASN FC 134 -86.04 -89.85 -45.03
N ASP FC 135 -85.21 -90.20 -46.01
CA ASP FC 135 -85.52 -91.33 -46.88
C ASP FC 135 -85.43 -92.66 -46.13
N ASP FC 136 -84.51 -92.77 -45.17
CA ASP FC 136 -84.33 -94.03 -44.46
C ASP FC 136 -85.49 -94.32 -43.51
N TYR FC 137 -86.03 -93.29 -42.87
CA TYR FC 137 -87.05 -93.47 -41.85
C TYR FC 137 -88.39 -93.86 -42.45
N SER FC 138 -88.48 -95.08 -42.97
CA SER FC 138 -89.75 -95.62 -43.43
C SER FC 138 -90.61 -96.02 -42.24
N SER FC 139 -91.93 -96.01 -42.46
CA SER FC 139 -92.94 -96.12 -41.41
C SER FC 139 -92.82 -94.99 -40.38
N THR FC 140 -91.96 -94.00 -40.66
CA THR FC 140 -91.79 -92.77 -39.89
C THR FC 140 -91.22 -93.00 -38.50
N ASN FC 141 -90.94 -94.27 -38.13
CA ASN FC 141 -90.57 -94.55 -36.76
C ASN FC 141 -89.40 -95.52 -36.56
N LYS FC 142 -88.90 -96.18 -37.60
CA LYS FC 142 -87.89 -97.20 -37.35
C LYS FC 142 -86.95 -97.37 -38.55
N ILE FC 143 -85.74 -97.84 -38.24
CA ILE FC 143 -84.71 -98.21 -39.20
C ILE FC 143 -84.43 -99.70 -39.08
N GLN FC 144 -84.29 -100.37 -40.22
CA GLN FC 144 -83.92 -101.79 -40.26
C GLN FC 144 -82.60 -101.93 -40.99
N LEU FC 145 -81.63 -102.57 -40.35
CA LEU FC 145 -80.29 -102.77 -40.89
C LEU FC 145 -79.87 -104.21 -40.66
N LYS FC 146 -79.68 -104.97 -41.74
CA LYS FC 146 -79.11 -106.30 -41.65
C LYS FC 146 -77.59 -106.27 -41.79
N VAL FC 147 -76.95 -107.33 -41.30
CA VAL FC 147 -75.50 -107.45 -41.25
C VAL FC 147 -75.06 -108.53 -42.21
N GLU FC 148 -74.02 -108.23 -42.99
CA GLU FC 148 -73.47 -109.20 -43.93
C GLU FC 148 -72.02 -109.46 -43.59
N ALA FC 149 -71.64 -110.73 -43.52
CA ALA FC 149 -70.32 -111.14 -43.04
C ALA FC 149 -69.56 -111.91 -44.10
N TYR FC 150 -68.27 -111.60 -44.23
CA TYR FC 150 -67.32 -112.37 -45.03
C TYR FC 150 -66.14 -112.71 -44.14
N TYR FC 151 -65.64 -113.94 -44.24
CA TYR FC 151 -64.67 -114.41 -43.25
C TYR FC 151 -63.80 -115.50 -43.85
N GLU FC 152 -62.65 -115.71 -43.20
CA GLU FC 152 -61.80 -116.87 -43.41
C GLU FC 152 -61.22 -117.28 -42.06
N ALA FC 153 -61.43 -118.54 -41.68
CA ALA FC 153 -61.03 -119.03 -40.38
C ALA FC 153 -59.56 -119.44 -40.38
N LYS FC 154 -58.95 -119.38 -39.20
CA LYS FC 154 -57.57 -119.81 -39.04
C LYS FC 154 -57.43 -121.31 -39.24
N GLU FC 155 -56.25 -121.73 -39.67
CA GLU FC 155 -56.00 -123.13 -39.99
C GLU FC 155 -55.83 -123.93 -38.69
N GLY FC 156 -56.66 -124.97 -38.54
CA GLY FC 156 -56.50 -125.89 -37.42
C GLY FC 156 -56.93 -125.36 -36.07
N MET FC 157 -57.78 -124.35 -36.02
CA MET FC 157 -58.23 -123.77 -34.76
C MET FC 157 -59.67 -124.19 -34.50
N LEU FC 158 -59.92 -124.74 -33.31
CA LEU FC 158 -61.24 -125.20 -32.92
C LEU FC 158 -61.70 -124.45 -31.68
N PHE FC 159 -62.96 -124.04 -31.67
CA PHE FC 159 -63.50 -123.25 -30.57
C PHE FC 159 -65.03 -123.27 -30.65
N ASP FC 160 -65.66 -122.75 -29.61
CA ASP FC 160 -67.11 -122.65 -29.57
C ASP FC 160 -67.50 -121.56 -28.57
N SER FC 161 -68.72 -121.04 -28.74
CA SER FC 161 -69.28 -120.03 -27.84
C SER FC 161 -68.40 -118.78 -27.78
N LEU FC 162 -68.19 -118.17 -28.95
CA LEU FC 162 -67.40 -116.95 -29.04
C LEU FC 162 -68.30 -115.80 -29.48
N PRO FC 163 -68.44 -114.74 -28.68
CA PRO FC 163 -69.36 -113.65 -29.02
C PRO FC 163 -68.72 -112.58 -29.89
N VAL FC 164 -69.57 -111.93 -30.68
CA VAL FC 164 -69.21 -110.78 -31.49
C VAL FC 164 -70.07 -109.60 -31.05
N ILE FC 165 -69.44 -108.47 -30.75
CA ILE FC 165 -70.10 -107.34 -30.11
C ILE FC 165 -69.95 -106.11 -30.99
N LEU FC 166 -71.04 -105.38 -31.16
CA LEU FC 166 -71.05 -104.09 -31.86
C LEU FC 166 -71.57 -103.01 -30.92
N ASN FC 167 -71.05 -101.80 -31.08
CA ASN FC 167 -71.41 -100.67 -30.23
C ASN FC 167 -71.88 -99.50 -31.06
N PHE FC 168 -72.81 -98.72 -30.51
CA PHE FC 168 -73.37 -97.55 -31.17
C PHE FC 168 -73.19 -96.32 -30.29
N GLN FC 169 -72.87 -95.19 -30.92
CA GLN FC 169 -72.74 -93.92 -30.22
C GLN FC 169 -73.31 -92.81 -31.08
N VAL FC 170 -74.07 -91.92 -30.46
CA VAL FC 170 -74.72 -90.80 -31.14
C VAL FC 170 -73.78 -89.60 -31.10
N LEU FC 171 -73.53 -89.01 -32.28
CA LEU FC 171 -72.68 -87.83 -32.37
C LEU FC 171 -73.47 -86.53 -32.52
N SER FC 172 -74.59 -86.55 -33.24
CA SER FC 172 -75.40 -85.36 -33.43
C SER FC 172 -76.78 -85.78 -33.90
N VAL FC 173 -77.80 -85.07 -33.42
CA VAL FC 173 -79.18 -85.31 -33.82
C VAL FC 173 -79.85 -83.97 -34.08
N SER FC 174 -80.78 -83.97 -35.04
CA SER FC 174 -81.49 -82.75 -35.39
C SER FC 174 -82.90 -83.08 -35.89
N THR GC 26 -99.08 -42.79 23.00
CA THR GC 26 -98.20 -42.39 21.91
C THR GC 26 -97.12 -43.45 21.69
N THR GC 27 -97.43 -44.43 20.84
CA THR GC 27 -96.53 -45.54 20.55
C THR GC 27 -96.23 -45.58 19.07
N GLN GC 28 -94.96 -45.75 18.72
CA GLN GC 28 -94.51 -45.82 17.35
C GLN GC 28 -94.22 -47.28 17.00
N SER GC 29 -94.85 -47.78 15.94
CA SER GC 29 -94.71 -49.18 15.60
C SER GC 29 -93.83 -49.37 14.36
N PRO GC 30 -93.02 -50.44 14.33
CA PRO GC 30 -92.20 -50.68 13.14
C PRO GC 30 -92.95 -51.39 12.01
N LEU GC 31 -94.08 -52.04 12.30
CA LEU GC 31 -94.95 -52.63 11.29
C LEU GC 31 -94.24 -53.74 10.50
N ASN GC 32 -93.58 -54.65 11.24
CA ASN GC 32 -92.92 -55.78 10.61
C ASN GC 32 -93.08 -57.07 11.41
N SER GC 33 -94.10 -57.14 12.26
CA SER GC 33 -94.32 -58.31 13.11
C SER GC 33 -95.34 -59.27 12.49
N PHE GC 34 -94.98 -59.81 11.33
CA PHE GC 34 -95.82 -60.76 10.62
C PHE GC 34 -94.95 -61.88 10.06
N TYR GC 35 -95.40 -63.13 10.22
CA TYR GC 35 -94.62 -64.28 9.80
C TYR GC 35 -95.53 -65.39 9.32
N ALA GC 36 -94.95 -66.29 8.52
CA ALA GC 36 -95.60 -67.51 8.06
C ALA GC 36 -94.55 -68.58 7.92
N THR GC 37 -94.90 -69.83 8.24
CA THR GC 37 -93.92 -70.90 8.37
C THR GC 37 -94.38 -72.15 7.63
N GLY GC 38 -93.43 -72.81 6.97
CA GLY GC 38 -93.65 -74.11 6.37
C GLY GC 38 -92.57 -75.11 6.76
N THR GC 39 -92.56 -76.29 6.16
CA THR GC 39 -91.61 -77.33 6.51
C THR GC 39 -91.21 -78.12 5.27
N ALA GC 40 -90.08 -78.82 5.37
CA ALA GC 40 -89.59 -79.67 4.30
C ALA GC 40 -88.75 -80.79 4.91
N GLN GC 41 -88.57 -81.87 4.14
CA GLN GC 41 -87.82 -83.02 4.63
C GLN GC 41 -87.39 -83.89 3.45
N ALA GC 42 -86.42 -84.77 3.73
CA ALA GC 42 -85.98 -85.78 2.78
C ALA GC 42 -85.31 -86.89 3.57
N VAL GC 43 -85.97 -88.05 3.65
CA VAL GC 43 -85.56 -89.10 4.58
C VAL GC 43 -85.37 -90.46 3.90
N GLN GC 44 -85.04 -90.48 2.61
CA GLN GC 44 -84.79 -91.75 1.94
C GLN GC 44 -83.88 -91.54 0.75
N GLU GC 45 -83.15 -92.61 0.39
CA GLU GC 45 -82.25 -92.61 -0.75
C GLU GC 45 -83.02 -92.81 -2.05
N PRO GC 46 -82.49 -92.31 -3.18
CA PRO GC 46 -83.25 -92.36 -4.43
C PRO GC 46 -83.66 -93.75 -4.87
N ILE GC 47 -82.80 -94.75 -4.71
CA ILE GC 47 -83.05 -96.08 -5.27
C ILE GC 47 -82.88 -97.15 -4.20
N ASP GC 48 -83.46 -98.31 -4.47
CA ASP GC 48 -83.26 -99.51 -3.66
C ASP GC 48 -82.95 -100.66 -4.61
N VAL GC 49 -82.03 -101.54 -4.21
CA VAL GC 49 -81.53 -102.59 -5.08
C VAL GC 49 -81.69 -103.93 -4.39
N GLU GC 50 -82.23 -104.92 -5.11
CA GLU GC 50 -82.42 -106.27 -4.60
C GLU GC 50 -81.89 -107.26 -5.63
N SER GC 51 -81.25 -108.33 -5.15
CA SER GC 51 -80.54 -109.27 -6.01
C SER GC 51 -81.26 -110.62 -6.05
N HIS GC 52 -81.24 -111.25 -7.22
CA HIS GC 52 -81.82 -112.58 -7.42
C HIS GC 52 -80.92 -113.43 -8.31
N LEU GC 53 -79.60 -113.38 -8.06
CA LEU GC 53 -78.64 -114.18 -8.84
C LEU GC 53 -78.52 -115.54 -8.19
N ASP GC 54 -79.29 -116.50 -8.69
CA ASP GC 54 -79.39 -117.83 -8.11
C ASP GC 54 -79.04 -118.92 -9.11
N ASN GC 55 -77.98 -118.71 -9.88
CA ASN GC 55 -77.43 -119.74 -10.76
C ASN GC 55 -75.92 -119.79 -10.60
N THR GC 56 -75.36 -120.97 -10.82
CA THR GC 56 -73.94 -121.24 -10.58
C THR GC 56 -73.25 -121.58 -11.89
N ILE GC 57 -72.12 -120.92 -12.15
CA ILE GC 57 -71.26 -121.27 -13.27
C ILE GC 57 -70.48 -122.51 -12.86
N ALA GC 58 -70.87 -123.66 -13.40
CA ALA GC 58 -70.29 -124.95 -13.01
C ALA GC 58 -69.85 -125.72 -14.25
N PRO GC 59 -68.75 -125.32 -14.87
CA PRO GC 59 -68.19 -126.10 -15.97
C PRO GC 59 -67.12 -127.08 -15.46
N ALA GC 60 -66.63 -127.90 -16.38
CA ALA GC 60 -65.48 -128.74 -16.09
C ALA GC 60 -64.20 -127.92 -16.18
N ALA GC 61 -63.11 -128.51 -15.69
CA ALA GC 61 -61.83 -127.80 -15.68
C ALA GC 61 -61.33 -127.59 -17.10
N GLY GC 62 -61.04 -126.33 -17.44
CA GLY GC 62 -60.50 -126.00 -18.75
C GLY GC 62 -61.52 -125.91 -19.87
N ALA GC 63 -62.81 -125.94 -19.56
CA ALA GC 63 -63.84 -125.95 -20.58
C ALA GC 63 -64.25 -124.52 -20.95
N GLN GC 64 -64.81 -124.40 -22.16
CA GLN GC 64 -65.36 -123.15 -22.67
C GLN GC 64 -66.88 -123.26 -22.65
N GLY GC 65 -67.55 -122.27 -22.06
CA GLY GC 65 -68.97 -122.42 -21.82
C GLY GC 65 -69.86 -121.22 -22.11
N TYR GC 66 -71.11 -121.31 -21.65
CA TYR GC 66 -72.16 -120.34 -21.94
C TYR GC 66 -73.27 -120.49 -20.91
N LYS GC 67 -73.52 -119.46 -20.11
CA LYS GC 67 -74.38 -119.61 -18.95
C LYS GC 67 -75.09 -118.29 -18.65
N ASP GC 68 -76.29 -118.40 -18.09
CA ASP GC 68 -77.03 -117.26 -17.56
C ASP GC 68 -77.12 -117.39 -16.04
N MET GC 69 -77.36 -116.27 -15.36
CA MET GC 69 -77.23 -116.21 -13.90
C MET GC 69 -78.52 -115.89 -13.17
N GLY GC 70 -79.21 -114.83 -13.58
CA GLY GC 70 -80.39 -114.38 -12.84
C GLY GC 70 -80.71 -112.95 -13.24
N TYR GC 71 -81.39 -112.24 -12.34
CA TYR GC 71 -81.78 -110.86 -12.61
C TYR GC 71 -81.73 -110.05 -11.32
N VAL GC 72 -81.67 -108.73 -11.49
CA VAL GC 72 -81.55 -107.78 -10.38
C VAL GC 72 -82.66 -106.75 -10.50
N LYS GC 73 -83.26 -106.39 -9.36
CA LYS GC 73 -84.37 -105.45 -9.31
C LYS GC 73 -83.90 -104.11 -8.74
N ILE GC 74 -84.36 -103.03 -9.37
CA ILE GC 74 -84.07 -101.66 -8.94
C ILE GC 74 -85.39 -100.94 -8.71
N ILE GC 75 -85.50 -100.23 -7.59
CA ILE GC 75 -86.72 -99.54 -7.20
C ILE GC 75 -86.42 -98.04 -7.11
N ASN GC 76 -87.28 -97.23 -7.72
CA ASN GC 76 -87.12 -95.79 -7.79
C ASN GC 76 -88.27 -95.08 -7.08
N TYR GC 77 -87.94 -93.97 -6.41
CA TYR GC 77 -88.79 -93.36 -5.40
C TYR GC 77 -89.22 -91.95 -5.83
N THR GC 78 -89.83 -91.23 -4.89
CA THR GC 78 -90.60 -90.03 -5.19
C THR GC 78 -89.77 -88.99 -5.94
N ASP GC 79 -90.38 -88.42 -6.98
CA ASP GC 79 -89.83 -87.32 -7.77
C ASP GC 79 -88.53 -87.71 -8.48
N VAL GC 80 -88.37 -88.98 -8.80
CA VAL GC 80 -87.20 -89.48 -9.53
C VAL GC 80 -87.65 -89.89 -10.93
N ASN GC 81 -86.93 -89.43 -11.94
CA ASN GC 81 -87.25 -89.74 -13.33
C ASN GC 81 -86.09 -90.38 -14.08
N VAL GC 82 -84.87 -89.92 -13.87
CA VAL GC 82 -83.70 -90.42 -14.59
C VAL GC 82 -82.59 -90.70 -13.58
N VAL GC 83 -81.94 -91.85 -13.73
CA VAL GC 83 -80.87 -92.27 -12.82
C VAL GC 83 -79.64 -92.63 -13.64
N LYS GC 84 -78.49 -92.14 -13.20
CA LYS GC 84 -77.20 -92.48 -13.79
C LYS GC 84 -76.45 -93.39 -12.82
N LEU GC 85 -75.98 -94.53 -13.33
CA LEU GC 85 -75.39 -95.56 -12.49
C LEU GC 85 -74.02 -95.97 -13.01
N LYS GC 86 -73.20 -96.47 -12.09
CA LYS GC 86 -71.89 -97.04 -12.41
C LYS GC 86 -71.81 -98.43 -11.81
N VAL GC 87 -71.47 -99.42 -12.64
CA VAL GC 87 -71.41 -100.82 -12.23
C VAL GC 87 -69.99 -101.32 -12.44
N THR GC 88 -69.46 -102.01 -11.43
CA THR GC 88 -68.09 -102.50 -11.46
C THR GC 88 -68.02 -103.88 -10.83
N LEU GC 89 -66.93 -104.59 -11.14
CA LEU GC 89 -66.64 -105.89 -10.55
C LEU GC 89 -65.74 -105.66 -9.34
N ALA GC 90 -66.26 -105.97 -8.15
CA ALA GC 90 -65.55 -105.64 -6.91
C ALA GC 90 -64.36 -106.56 -6.67
N ASN GC 91 -64.49 -107.84 -7.01
CA ASN GC 91 -63.45 -108.81 -6.69
C ASN GC 91 -62.82 -109.39 -7.94
N ALA GC 92 -62.51 -108.53 -8.91
CA ALA GC 92 -61.90 -109.00 -10.15
C ALA GC 92 -60.50 -109.55 -9.91
N ALA GC 93 -59.77 -108.99 -8.95
CA ALA GC 93 -58.42 -109.45 -8.67
C ALA GC 93 -58.42 -110.88 -8.16
N GLN GC 94 -59.40 -111.23 -7.32
CA GLN GC 94 -59.47 -112.59 -6.78
C GLN GC 94 -59.79 -113.60 -7.87
N LEU GC 95 -60.61 -113.22 -8.86
CA LEU GC 95 -61.05 -114.14 -9.90
C LEU GC 95 -60.01 -114.34 -11.01
N ARG GC 96 -58.96 -113.52 -11.04
CA ARG GC 96 -57.97 -113.64 -12.11
C ARG GC 96 -57.27 -115.00 -12.18
N PRO GC 97 -56.77 -115.58 -11.07
CA PRO GC 97 -56.06 -116.87 -11.20
C PRO GC 97 -56.96 -118.03 -11.63
N TYR GC 98 -58.28 -117.86 -11.61
CA TYR GC 98 -59.20 -118.96 -11.91
C TYR GC 98 -59.74 -118.94 -13.33
N PHE GC 99 -59.57 -117.85 -14.07
CA PHE GC 99 -60.16 -117.72 -15.39
C PHE GC 99 -59.17 -117.12 -16.37
N LYS GC 100 -59.22 -117.60 -17.61
CA LYS GC 100 -58.54 -116.92 -18.71
C LYS GC 100 -59.29 -115.67 -19.14
N TYR GC 101 -60.63 -115.75 -19.20
CA TYR GC 101 -61.45 -114.58 -19.49
C TYR GC 101 -62.85 -114.83 -18.94
N LEU GC 102 -63.55 -113.74 -18.66
CA LEU GC 102 -64.91 -113.79 -18.14
C LEU GC 102 -65.62 -112.49 -18.48
N GLN GC 103 -66.74 -112.59 -19.18
CA GLN GC 103 -67.48 -111.43 -19.64
C GLN GC 103 -68.92 -111.50 -19.17
N LEU GC 104 -69.44 -110.35 -18.70
CA LEU GC 104 -70.81 -110.24 -18.22
C LEU GC 104 -71.57 -109.27 -19.10
N VAL GC 105 -72.78 -109.66 -19.50
CA VAL GC 105 -73.63 -108.86 -20.39
C VAL GC 105 -74.89 -108.50 -19.62
N LEU GC 106 -75.20 -107.21 -19.57
CA LEU GC 106 -76.38 -106.70 -18.87
C LEU GC 106 -77.37 -106.15 -19.90
N THR GC 107 -78.62 -106.58 -19.80
CA THR GC 107 -79.67 -106.14 -20.71
C THR GC 107 -80.89 -105.67 -19.93
N SER GC 108 -81.50 -104.58 -20.39
CA SER GC 108 -82.73 -104.08 -19.81
C SER GC 108 -83.90 -104.69 -20.58
N ASN GC 109 -84.88 -105.22 -19.83
CA ASN GC 109 -85.97 -106.02 -20.39
C ASN GC 109 -87.31 -105.60 -19.79
N ALA GC 110 -87.29 -104.83 -18.70
CA ALA GC 110 -88.51 -104.55 -17.93
C ALA GC 110 -89.64 -104.01 -18.80
N SER GC 111 -89.31 -103.34 -19.90
CA SER GC 111 -90.27 -103.00 -20.94
C SER GC 111 -90.35 -104.13 -21.94
N SER GC 112 -91.54 -104.72 -22.08
CA SER GC 112 -91.70 -105.84 -22.99
C SER GC 112 -91.51 -105.46 -24.45
N THR GC 113 -91.57 -104.16 -24.77
CA THR GC 113 -91.39 -103.69 -26.13
C THR GC 113 -89.95 -103.31 -26.45
N VAL GC 114 -89.18 -102.86 -25.45
CA VAL GC 114 -87.83 -102.37 -25.66
C VAL GC 114 -86.87 -103.21 -24.83
N GLU GC 115 -86.20 -104.16 -25.48
CA GLU GC 115 -85.08 -104.89 -24.89
C GLU GC 115 -83.79 -104.24 -25.35
N GLU GC 116 -82.91 -103.92 -24.40
CA GLU GC 116 -81.64 -103.27 -24.72
C GLU GC 116 -80.52 -103.80 -23.84
N THR GC 117 -79.40 -104.13 -24.47
CA THR GC 117 -78.16 -104.41 -23.75
C THR GC 117 -77.46 -103.10 -23.44
N LYS GC 118 -77.09 -102.91 -22.19
CA LYS GC 118 -76.55 -101.63 -21.73
C LYS GC 118 -75.05 -101.61 -21.52
N ALA GC 119 -74.45 -102.69 -21.01
CA ALA GC 119 -73.02 -102.68 -20.76
C ALA GC 119 -72.48 -104.11 -20.84
N VAL GC 120 -71.18 -104.20 -21.07
CA VAL GC 120 -70.43 -105.45 -21.06
C VAL GC 120 -69.25 -105.28 -20.11
N LEU GC 121 -69.13 -106.17 -19.14
CA LEU GC 121 -68.06 -106.13 -18.16
C LEU GC 121 -67.11 -107.29 -18.38
N SER GC 122 -65.83 -107.06 -18.05
CA SER GC 122 -64.81 -108.07 -18.23
C SER GC 122 -63.75 -107.89 -17.16
N LEU GC 123 -62.85 -108.87 -17.06
CA LEU GC 123 -61.79 -108.82 -16.06
C LEU GC 123 -60.74 -107.76 -16.39
N LYS GC 124 -60.64 -107.35 -17.64
CA LYS GC 124 -59.69 -106.30 -18.03
C LYS GC 124 -60.28 -104.91 -17.95
N LYS GC 125 -61.59 -104.77 -18.19
CA LYS GC 125 -62.30 -103.49 -18.08
C LYS GC 125 -63.50 -103.71 -17.19
N PRO GC 126 -63.34 -103.62 -15.87
CA PRO GC 126 -64.40 -104.04 -14.94
C PRO GC 126 -65.53 -103.04 -14.76
N SER GC 127 -65.38 -101.79 -15.20
CA SER GC 127 -66.34 -100.75 -14.88
C SER GC 127 -67.04 -100.25 -16.14
N ALA GC 128 -68.29 -99.82 -15.96
CA ALA GC 128 -69.09 -99.26 -17.03
C ALA GC 128 -70.12 -98.30 -16.46
N VAL GC 129 -70.63 -97.42 -17.31
CA VAL GC 129 -71.64 -96.43 -16.94
C VAL GC 129 -72.85 -96.61 -17.85
N ILE GC 130 -74.03 -96.68 -17.24
CA ILE GC 130 -75.28 -96.91 -17.98
C ILE GC 130 -76.27 -95.82 -17.62
N ILE GC 131 -77.29 -95.70 -18.47
CA ILE GC 131 -78.34 -94.69 -18.32
C ILE GC 131 -79.70 -95.39 -18.32
N LEU GC 132 -80.54 -95.05 -17.36
CA LEU GC 132 -81.91 -95.53 -17.29
C LEU GC 132 -82.85 -94.33 -17.42
N ASP GC 133 -83.82 -94.44 -18.34
CA ASP GC 133 -84.70 -93.32 -18.63
C ASP GC 133 -86.18 -93.71 -18.57
N ASN GC 134 -87.06 -92.82 -19.07
CA ASN GC 134 -88.49 -93.03 -18.96
C ASN GC 134 -88.93 -94.34 -19.62
N ASP GC 135 -88.26 -94.75 -20.70
CA ASP GC 135 -88.66 -95.97 -21.38
C ASP GC 135 -88.37 -97.22 -20.56
N ASP GC 136 -87.29 -97.20 -19.78
CA ASP GC 136 -86.91 -98.38 -19.01
C ASP GC 136 -87.86 -98.63 -17.85
N TYR GC 137 -88.33 -97.56 -17.21
CA TYR GC 137 -89.14 -97.67 -16.00
C TYR GC 137 -90.55 -98.18 -16.30
N SER GC 138 -90.66 -99.44 -16.69
CA SER GC 138 -91.96 -100.07 -16.86
C SER GC 138 -92.57 -100.39 -15.50
N SER GC 139 -93.90 -100.45 -15.48
CA SER GC 139 -94.69 -100.50 -14.25
C SER GC 139 -94.46 -99.27 -13.37
N THR GC 140 -93.73 -98.28 -13.88
CA THR GC 140 -93.49 -96.97 -13.27
C THR GC 140 -92.66 -97.06 -12.00
N ASN GC 141 -92.25 -98.26 -11.58
CA ASN GC 141 -91.62 -98.40 -10.26
C ASN GC 141 -90.38 -99.29 -10.21
N LYS GC 142 -90.04 -100.04 -11.26
CA LYS GC 142 -88.94 -100.98 -11.12
C LYS GC 142 -88.23 -101.23 -12.44
N ILE GC 143 -86.96 -101.63 -12.33
CA ILE GC 143 -86.10 -102.04 -13.43
C ILE GC 143 -85.71 -103.50 -13.23
N GLN GC 144 -85.75 -104.27 -14.31
CA GLN GC 144 -85.32 -105.67 -14.30
C GLN GC 144 -84.14 -105.82 -15.24
N LEU GC 145 -83.03 -106.36 -14.73
CA LEU GC 145 -81.80 -106.56 -15.49
C LEU GC 145 -81.26 -107.96 -15.22
N LYS GC 146 -81.23 -108.81 -16.25
CA LYS GC 146 -80.58 -110.11 -16.14
C LYS GC 146 -79.12 -110.03 -16.56
N VAL GC 147 -78.35 -111.02 -16.11
CA VAL GC 147 -76.91 -111.07 -16.31
C VAL GC 147 -76.58 -112.22 -17.24
N GLU GC 148 -75.71 -111.96 -18.22
CA GLU GC 148 -75.30 -112.99 -19.16
C GLU GC 148 -73.79 -113.16 -19.06
N ALA GC 149 -73.33 -114.39 -18.96
CA ALA GC 149 -71.94 -114.70 -18.69
C ALA GC 149 -71.33 -115.54 -19.81
N TYR GC 150 -70.10 -115.19 -20.19
CA TYR GC 150 -69.27 -116.00 -21.08
C TYR GC 150 -67.94 -116.21 -20.40
N TYR GC 151 -67.39 -117.43 -20.49
CA TYR GC 151 -66.24 -117.76 -19.66
C TYR GC 151 -65.41 -118.87 -20.31
N GLU GC 152 -64.17 -118.96 -19.86
CA GLU GC 152 -63.30 -120.10 -20.12
C GLU GC 152 -62.48 -120.36 -18.87
N ALA GC 153 -62.55 -121.59 -18.35
CA ALA GC 153 -61.88 -121.93 -17.11
C ALA GC 153 -60.41 -122.27 -17.34
N LYS GC 154 -59.61 -122.08 -16.30
CA LYS GC 154 -58.20 -122.43 -16.37
C LYS GC 154 -58.02 -123.94 -16.45
N GLU GC 155 -56.91 -124.36 -17.06
CA GLU GC 155 -56.63 -125.77 -17.29
C GLU GC 155 -56.20 -126.45 -15.99
N GLY GC 156 -56.92 -127.48 -15.58
CA GLY GC 156 -56.52 -128.28 -14.44
C GLY GC 156 -56.72 -127.65 -13.09
N MET GC 157 -57.61 -126.66 -12.97
CA MET GC 157 -57.86 -125.99 -11.70
C MET GC 157 -59.21 -126.44 -11.15
N LEU GC 158 -59.20 -126.88 -9.89
CA LEU GC 158 -60.41 -127.35 -9.23
C LEU GC 158 -60.67 -126.50 -7.98
N PHE GC 159 -61.94 -126.15 -7.78
CA PHE GC 159 -62.31 -125.27 -6.68
C PHE GC 159 -63.81 -125.37 -6.48
N ASP GC 160 -64.29 -124.77 -5.38
CA ASP GC 160 -65.71 -124.72 -5.09
C ASP GC 160 -65.97 -123.56 -4.14
N SER GC 161 -67.23 -123.10 -4.12
CA SER GC 161 -67.68 -122.04 -3.22
C SER GC 161 -66.88 -120.76 -3.44
N LEU GC 162 -66.90 -120.25 -4.67
CA LEU GC 162 -66.22 -119.02 -5.02
C LEU GC 162 -67.25 -117.95 -5.38
N PRO GC 163 -67.30 -116.82 -4.66
CA PRO GC 163 -68.32 -115.82 -4.93
C PRO GC 163 -67.91 -114.80 -6.00
N VAL GC 164 -68.93 -114.27 -6.66
CA VAL GC 164 -68.78 -113.19 -7.63
C VAL GC 164 -69.61 -112.01 -7.14
N ILE GC 165 -69.00 -110.84 -7.06
CA ILE GC 165 -69.59 -109.67 -6.41
C ILE GC 165 -69.69 -108.52 -7.41
N LEU GC 166 -70.82 -107.85 -7.43
CA LEU GC 166 -71.04 -106.65 -8.24
C LEU GC 166 -71.45 -105.50 -7.32
N ASN GC 167 -71.03 -104.29 -7.68
CA ASN GC 167 -71.27 -103.10 -6.86
C ASN GC 167 -71.97 -102.04 -7.70
N PHE GC 168 -72.82 -101.23 -7.05
CA PHE GC 168 -73.55 -100.16 -7.70
C PHE GC 168 -73.29 -98.85 -6.97
N GLN GC 169 -73.15 -97.77 -7.76
CA GLN GC 169 -72.98 -96.44 -7.20
C GLN GC 169 -73.76 -95.43 -8.05
N VAL GC 170 -74.43 -94.52 -7.37
CA VAL GC 170 -75.25 -93.51 -8.02
C VAL GC 170 -74.40 -92.26 -8.26
N LEU GC 171 -74.39 -91.78 -9.50
CA LEU GC 171 -73.64 -90.58 -9.86
C LEU GC 171 -74.52 -89.34 -9.97
N SER GC 172 -75.75 -89.47 -10.48
CA SER GC 172 -76.64 -88.33 -10.61
C SER GC 172 -78.06 -88.86 -10.79
N VAL GC 173 -79.02 -88.14 -10.19
CA VAL GC 173 -80.43 -88.47 -10.31
C VAL GC 173 -81.21 -87.20 -10.57
N SER GC 174 -82.29 -87.31 -11.33
CA SER GC 174 -83.13 -86.17 -11.64
C SER GC 174 -84.58 -86.60 -11.85
N THR HC 26 -92.17 -41.47 45.24
CA THR HC 26 -91.51 -41.14 43.99
C THR HC 26 -90.44 -42.18 43.66
N THR HC 27 -90.84 -43.25 42.98
CA THR HC 27 -89.94 -44.34 42.62
C THR HC 27 -89.92 -44.52 41.12
N GLN HC 28 -88.71 -44.66 40.56
CA GLN HC 28 -88.52 -44.86 39.13
C GLN HC 28 -88.22 -46.33 38.88
N SER HC 29 -89.00 -46.96 37.99
CA SER HC 29 -88.84 -48.39 37.77
C SER HC 29 -88.19 -48.65 36.41
N PRO HC 30 -87.34 -49.68 36.31
CA PRO HC 30 -86.73 -50.02 35.02
C PRO HC 30 -87.62 -50.85 34.11
N LEU HC 31 -88.65 -51.51 34.66
CA LEU HC 31 -89.65 -52.24 33.89
C LEU HC 31 -89.03 -53.38 33.09
N ASN HC 32 -88.20 -54.19 33.77
CA ASN HC 32 -87.60 -55.35 33.12
C ASN HC 32 -87.55 -56.56 34.06
N SER HC 33 -88.39 -56.59 35.07
CA SER HC 33 -88.39 -57.68 36.06
C SER HC 33 -89.45 -58.73 35.71
N PHE HC 34 -89.28 -59.37 34.56
CA PHE HC 34 -90.17 -60.42 34.11
C PHE HC 34 -89.36 -61.55 33.49
N TYR HC 35 -89.70 -62.79 33.84
CA TYR HC 35 -88.94 -63.94 33.39
C TYR HC 35 -89.86 -65.14 33.18
N ALA HC 36 -89.37 -66.09 32.38
CA ALA HC 36 -90.04 -67.37 32.16
C ALA HC 36 -88.96 -68.42 31.92
N THR HC 37 -89.19 -69.63 32.41
CA THR HC 37 -88.15 -70.64 32.45
C THR HC 37 -88.65 -71.98 31.91
N GLY HC 38 -87.79 -72.67 31.16
CA GLY HC 38 -88.04 -74.03 30.72
C GLY HC 38 -86.86 -74.93 30.99
N THR HC 39 -86.90 -76.16 30.50
CA THR HC 39 -85.83 -77.13 30.76
C THR HC 39 -85.62 -78.02 29.54
N ALA HC 40 -84.46 -78.66 29.50
CA ALA HC 40 -84.12 -79.59 28.43
C ALA HC 40 -83.12 -80.61 28.97
N GLN HC 41 -83.03 -81.75 28.29
CA GLN HC 41 -82.14 -82.82 28.73
C GLN HC 41 -81.88 -83.78 27.57
N ALA HC 42 -80.83 -84.59 27.74
CA ALA HC 42 -80.50 -85.67 26.81
C ALA HC 42 -79.65 -86.67 27.56
N VAL HC 43 -80.21 -87.85 27.86
CA VAL HC 43 -79.59 -88.78 28.79
C VAL HC 43 -79.44 -90.18 28.21
N GLN HC 44 -79.35 -90.32 26.89
CA GLN HC 44 -79.14 -91.64 26.31
C GLN HC 44 -78.48 -91.51 24.94
N GLU HC 45 -77.77 -92.58 24.56
CA GLU HC 45 -77.09 -92.66 23.28
C GLU HC 45 -78.07 -93.01 22.16
N PRO HC 46 -77.77 -92.61 20.92
CA PRO HC 46 -78.76 -92.80 19.84
C PRO HC 46 -79.16 -94.25 19.60
N ILE HC 47 -78.23 -95.20 19.69
CA ILE HC 47 -78.49 -96.57 19.31
C ILE HC 47 -78.06 -97.52 20.41
N ASP HC 48 -78.61 -98.74 20.36
CA ASP HC 48 -78.22 -99.84 21.22
C ASP HC 48 -78.03 -101.07 20.34
N VAL HC 49 -76.99 -101.87 20.64
CA VAL HC 49 -76.59 -102.98 19.77
C VAL HC 49 -76.55 -104.26 20.60
N GLU HC 50 -77.17 -105.32 20.08
CA GLU HC 50 -77.18 -106.63 20.74
C GLU HC 50 -76.79 -107.68 19.72
N SER HC 51 -76.02 -108.67 20.16
CA SER HC 51 -75.42 -109.67 19.28
C SER HC 51 -76.06 -111.04 19.49
N HIS HC 52 -76.22 -111.78 18.39
CA HIS HC 52 -76.74 -113.15 18.42
C HIS HC 52 -75.97 -114.04 17.46
N LEU HC 53 -74.64 -113.92 17.45
CA LEU HC 53 -73.78 -114.74 16.58
C LEU HC 53 -73.47 -116.03 17.32
N ASP HC 54 -74.27 -117.07 17.06
CA ASP HC 54 -74.18 -118.34 17.77
C ASP HC 54 -73.95 -119.50 16.81
N ASN HC 55 -73.06 -119.34 15.84
CA ASN HC 55 -72.63 -120.42 14.96
C ASN HC 55 -71.11 -120.39 14.85
N THR HC 56 -70.54 -121.58 14.63
CA THR HC 56 -69.09 -121.75 14.64
C THR HC 56 -68.62 -122.19 13.26
N ILE HC 57 -67.60 -121.51 12.74
CA ILE HC 57 -66.93 -121.93 11.52
C ILE HC 57 -66.02 -123.10 11.87
N ALA HC 58 -66.43 -124.32 11.52
CA ALA HC 58 -65.72 -125.54 11.91
C ALA HC 58 -65.47 -126.41 10.69
N PRO HC 59 -64.52 -126.03 9.84
CA PRO HC 59 -64.12 -126.89 8.73
C PRO HC 59 -62.93 -127.76 9.11
N ALA HC 60 -62.57 -128.65 8.20
CA ALA HC 60 -61.35 -129.41 8.34
C ALA HC 60 -60.15 -128.55 7.95
N ALA HC 61 -58.96 -129.05 8.27
CA ALA HC 61 -57.73 -128.31 8.00
C ALA HC 61 -57.51 -128.20 6.49
N GLY HC 62 -57.36 -126.97 6.00
CA GLY HC 62 -57.09 -126.75 4.59
C GLY HC 62 -58.29 -126.80 3.67
N ALA HC 63 -59.50 -126.86 4.21
CA ALA HC 63 -60.70 -127.00 3.40
C ALA HC 63 -61.25 -125.64 2.98
N GLN HC 64 -62.02 -125.65 1.90
CA GLN HC 64 -62.72 -124.48 1.39
C GLN HC 64 -64.21 -124.65 1.69
N GLY HC 65 -64.82 -123.63 2.30
CA GLY HC 65 -66.15 -123.81 2.82
C GLY HC 65 -67.15 -122.69 2.59
N TYR HC 66 -68.29 -122.78 3.28
CA TYR HC 66 -69.42 -121.89 3.11
C TYR HC 66 -70.32 -121.98 4.34
N LYS HC 67 -70.48 -120.89 5.08
CA LYS HC 67 -71.11 -120.96 6.38
C LYS HC 67 -71.83 -119.65 6.68
N ASP HC 68 -72.90 -119.75 7.47
CA ASP HC 68 -73.60 -118.59 8.03
C ASP HC 68 -73.41 -118.58 9.54
N MET HC 69 -73.59 -117.41 10.15
CA MET HC 69 -73.19 -117.20 11.55
C MET HC 69 -74.35 -116.86 12.47
N GLY HC 70 -75.16 -115.88 12.12
CA GLY HC 70 -76.22 -115.40 13.01
C GLY HC 70 -76.69 -114.03 12.55
N TYR HC 71 -77.23 -113.27 13.50
CA TYR HC 71 -77.73 -111.94 13.18
C TYR HC 71 -77.49 -111.01 14.36
N VAL HC 72 -77.55 -109.70 14.07
CA VAL HC 72 -77.28 -108.65 15.05
C VAL HC 72 -78.45 -107.68 15.05
N LYS HC 73 -78.86 -107.24 16.24
CA LYS HC 73 -79.99 -106.34 16.41
C LYS HC 73 -79.50 -104.94 16.76
N ILE HC 74 -80.13 -103.93 16.14
CA ILE HC 74 -79.84 -102.52 16.39
C ILE HC 74 -81.13 -101.84 16.80
N ILE HC 75 -81.08 -101.02 17.85
CA ILE HC 75 -82.25 -100.35 18.39
C ILE HC 75 -82.02 -98.84 18.30
N ASN HC 76 -83.02 -98.13 17.79
CA ASN HC 76 -82.96 -96.69 17.56
C ASN HC 76 -84.00 -95.96 18.41
N TYR HC 77 -83.63 -94.79 18.90
CA TYR HC 77 -84.31 -94.11 20.00
C TYR HC 77 -84.90 -92.77 19.53
N THR HC 78 -85.37 -91.99 20.49
CA THR HC 78 -86.24 -90.84 20.23
C THR HC 78 -85.62 -89.86 19.25
N ASP HC 79 -86.44 -89.41 18.30
CA ASP HC 79 -86.09 -88.37 17.33
C ASP HC 79 -84.93 -88.77 16.43
N VAL HC 80 -84.75 -90.07 16.19
CA VAL HC 80 -83.72 -90.59 15.32
C VAL HC 80 -84.38 -91.15 14.07
N ASN HC 81 -83.88 -90.76 12.90
CA ASN HC 81 -84.42 -91.22 11.63
C ASN HC 81 -83.39 -91.88 10.73
N VAL HC 82 -82.17 -91.35 10.68
CA VAL HC 82 -81.13 -91.88 9.81
C VAL HC 82 -79.84 -92.01 10.60
N VAL HC 83 -79.16 -93.14 10.44
CA VAL HC 83 -77.93 -93.43 11.17
C VAL HC 83 -76.84 -93.82 10.18
N LYS HC 84 -75.66 -93.24 10.35
CA LYS HC 84 -74.48 -93.59 9.56
C LYS HC 84 -73.52 -94.37 10.46
N LEU HC 85 -73.08 -95.53 9.98
CA LEU HC 85 -72.30 -96.46 10.78
C LEU HC 85 -71.02 -96.86 10.05
N LYS HC 86 -70.03 -97.24 10.84
CA LYS HC 86 -68.77 -97.78 10.34
C LYS HC 86 -68.50 -99.10 11.03
N VAL HC 87 -68.26 -100.15 10.25
CA VAL HC 87 -68.04 -101.50 10.76
C VAL HC 87 -66.66 -101.97 10.34
N THR HC 88 -65.92 -102.54 11.29
CA THR HC 88 -64.55 -102.97 11.05
C THR HC 88 -64.29 -104.29 11.77
N LEU HC 89 -63.24 -104.97 11.34
CA LEU HC 89 -62.78 -106.20 11.98
C LEU HC 89 -61.68 -105.81 12.98
N ALA HC 90 -61.96 -106.03 14.27
CA ALA HC 90 -61.07 -105.55 15.32
C ALA HC 90 -59.80 -106.40 15.42
N ASN HC 91 -59.92 -107.71 15.22
CA ASN HC 91 -58.79 -108.60 15.42
C ASN HC 91 -58.35 -109.29 14.13
N ALA HC 92 -58.28 -108.50 13.04
CA ALA HC 92 -57.87 -109.06 11.76
C ALA HC 92 -56.43 -109.55 11.79
N ALA HC 93 -55.56 -108.85 12.55
CA ALA HC 93 -54.15 -109.23 12.61
C ALA HC 93 -53.98 -110.61 13.24
N GLN HC 94 -54.77 -110.92 14.27
CA GLN HC 94 -54.67 -112.21 14.93
C GLN HC 94 -55.13 -113.35 14.02
N LEU HC 95 -56.13 -113.09 13.17
CA LEU HC 95 -56.70 -114.12 12.31
C LEU HC 95 -55.87 -114.38 11.05
N ARG HC 96 -54.88 -113.54 10.75
CA ARG HC 96 -54.10 -113.72 9.53
C ARG HC 96 -53.35 -115.05 9.46
N PRO HC 97 -52.63 -115.49 10.49
CA PRO HC 97 -51.88 -116.76 10.36
C PRO HC 97 -52.78 -117.99 10.20
N TYR HC 98 -54.08 -117.88 10.45
CA TYR HC 98 -54.96 -119.03 10.43
C TYR HC 98 -55.76 -119.18 9.14
N PHE HC 99 -55.78 -118.16 8.27
CA PHE HC 99 -56.62 -118.17 7.08
C PHE HC 99 -55.86 -117.63 5.89
N LYS HC 100 -56.10 -118.24 4.72
CA LYS HC 100 -55.66 -117.63 3.47
C LYS HC 100 -56.55 -116.46 3.08
N TYR HC 101 -57.86 -116.60 3.27
CA TYR HC 101 -58.80 -115.50 3.03
C TYR HC 101 -60.06 -115.75 3.85
N LEU HC 102 -60.75 -114.66 4.15
CA LEU HC 102 -61.99 -114.72 4.92
C LEU HC 102 -62.82 -113.49 4.60
N GLN HC 103 -64.05 -113.70 4.13
CA GLN HC 103 -64.92 -112.62 3.71
C GLN HC 103 -66.24 -112.70 4.45
N LEU HC 104 -66.73 -111.54 4.90
CA LEU HC 104 -68.00 -111.44 5.61
C LEU HC 104 -68.96 -110.58 4.81
N VAL HC 105 -70.20 -111.06 4.66
CA VAL HC 105 -71.23 -110.38 3.89
C VAL HC 105 -72.36 -110.00 4.84
N LEU HC 106 -72.73 -108.72 4.84
CA LEU HC 106 -73.79 -108.19 5.68
C LEU HC 106 -74.98 -107.78 4.83
N THR HC 107 -76.16 -108.25 5.19
CA THR HC 107 -77.38 -107.95 4.45
C THR HC 107 -78.47 -107.44 5.40
N SER HC 108 -79.20 -106.43 4.96
CA SER HC 108 -80.34 -105.92 5.72
C SER HC 108 -81.59 -106.65 5.23
N ASN HC 109 -82.39 -107.14 6.19
CA ASN HC 109 -83.51 -108.03 5.91
C ASN HC 109 -84.75 -107.61 6.70
N ALA HC 110 -84.58 -106.74 7.71
CA ALA HC 110 -85.65 -106.44 8.66
C ALA HC 110 -86.95 -106.04 7.96
N SER HC 111 -86.86 -105.45 6.77
CA SER HC 111 -88.01 -105.25 5.90
C SER HC 111 -88.20 -106.49 5.03
N SER HC 112 -89.36 -107.14 5.16
CA SER HC 112 -89.63 -108.35 4.40
C SER HC 112 -89.72 -108.09 2.91
N THR HC 113 -89.91 -106.83 2.50
CA THR HC 113 -90.00 -106.50 1.08
C THR HC 113 -88.66 -106.09 0.47
N VAL HC 114 -87.76 -105.52 1.27
CA VAL HC 114 -86.50 -104.99 0.78
C VAL HC 114 -85.36 -105.71 1.48
N GLU HC 115 -84.76 -106.70 0.81
CA GLU HC 115 -83.52 -107.31 1.25
C GLU HC 115 -82.37 -106.66 0.50
N GLU HC 116 -81.35 -106.21 1.24
CA GLU HC 116 -80.20 -105.55 0.63
C GLU HC 116 -78.92 -105.96 1.33
N THR HC 117 -77.90 -106.31 0.54
CA THR HC 117 -76.54 -106.45 1.04
C THR HC 117 -75.87 -105.09 1.09
N LYS HC 118 -75.29 -104.76 2.24
CA LYS HC 118 -74.75 -103.43 2.49
C LYS HC 118 -73.24 -103.34 2.40
N ALA HC 119 -72.51 -104.33 2.89
CA ALA HC 119 -71.05 -104.24 2.88
C ALA HC 119 -70.46 -105.64 2.82
N VAL HC 120 -69.21 -105.70 2.35
CA VAL HC 120 -68.42 -106.92 2.34
C VAL HC 120 -67.10 -106.62 3.04
N LEU HC 121 -66.75 -107.41 4.05
CA LEU HC 121 -65.53 -107.22 4.80
C LEU HC 121 -64.57 -108.37 4.53
N SER HC 122 -63.27 -108.06 4.57
CA SER HC 122 -62.23 -109.04 4.31
C SER HC 122 -61.01 -108.71 5.15
N LEU HC 123 -60.05 -109.64 5.16
CA LEU HC 123 -58.84 -109.45 5.94
C LEU HC 123 -57.92 -108.39 5.33
N LYS HC 124 -58.07 -108.09 4.04
CA LYS HC 124 -57.27 -107.06 3.41
C LYS HC 124 -57.91 -105.68 3.47
N LYS HC 125 -59.25 -105.62 3.46
CA LYS HC 125 -60.00 -104.37 3.59
C LYS HC 125 -61.01 -104.55 4.70
N PRO HC 126 -60.61 -104.32 5.96
CA PRO HC 126 -61.47 -104.70 7.09
C PRO HC 126 -62.61 -103.73 7.39
N SER HC 127 -62.61 -102.52 6.83
CA SER HC 127 -63.54 -101.48 7.22
C SER HC 127 -64.49 -101.15 6.09
N ALA HC 128 -65.71 -100.75 6.46
CA ALA HC 128 -66.72 -100.34 5.49
C ALA HC 128 -67.68 -99.36 6.17
N VAL HC 129 -68.39 -98.59 5.35
CA VAL HC 129 -69.36 -97.61 5.80
C VAL HC 129 -70.70 -97.91 5.15
N ILE HC 130 -71.75 -97.98 5.97
CA ILE HC 130 -73.10 -98.32 5.51
C ILE HC 130 -74.07 -97.24 5.94
N ILE HC 131 -75.23 -97.24 5.29
CA ILE HC 131 -76.30 -96.27 5.54
C ILE HC 131 -77.59 -97.02 5.84
N LEU HC 132 -78.26 -96.63 6.93
CA LEU HC 132 -79.57 -97.14 7.28
C LEU HC 132 -80.58 -96.01 7.22
N ASP HC 133 -81.69 -96.23 6.51
CA ASP HC 133 -82.68 -95.19 6.29
C ASP HC 133 -84.09 -95.63 6.65
N ASN HC 134 -85.08 -94.83 6.25
CA ASN HC 134 -86.47 -95.08 6.63
C ASN HC 134 -86.95 -96.47 6.19
N ASP HC 135 -86.46 -96.95 5.03
CA ASP HC 135 -86.91 -98.25 4.55
C ASP HC 135 -86.40 -99.39 5.42
N ASP HC 136 -85.20 -99.27 5.97
CA ASP HC 136 -84.62 -100.34 6.76
C ASP HC 136 -85.34 -100.52 8.10
N TYR HC 137 -85.74 -99.41 8.72
CA TYR HC 137 -86.32 -99.44 10.06
C TYR HC 137 -87.72 -100.02 10.07
N SER HC 138 -87.83 -101.32 9.82
CA SER HC 138 -89.10 -102.01 9.94
C SER HC 138 -89.44 -102.22 11.42
N SER HC 139 -90.74 -102.35 11.69
CA SER HC 139 -91.29 -102.29 13.04
C SER HC 139 -90.98 -100.98 13.75
N THR HC 140 -90.40 -100.02 13.03
CA THR HC 140 -90.13 -98.66 13.47
C THR HC 140 -89.07 -98.58 14.57
N ASN HC 141 -88.54 -99.71 15.02
CA ASN HC 141 -87.68 -99.70 16.19
C ASN HC 141 -86.40 -100.53 16.09
N LYS HC 142 -86.22 -101.37 15.07
CA LYS HC 142 -85.06 -102.25 15.09
C LYS HC 142 -84.58 -102.60 13.69
N ILE HC 143 -83.29 -102.93 13.61
CA ILE HC 143 -82.62 -103.42 12.40
C ILE HC 143 -82.13 -104.83 12.66
N GLN HC 144 -82.30 -105.71 11.67
CA GLN HC 144 -81.80 -107.07 11.73
C GLN HC 144 -80.80 -107.28 10.60
N LEU HC 145 -79.60 -107.73 10.94
CA LEU HC 145 -78.52 -107.94 9.99
C LEU HC 145 -77.86 -109.29 10.27
N LYS HC 146 -77.97 -110.22 9.33
CA LYS HC 146 -77.23 -111.48 9.44
C LYS HC 146 -75.88 -111.38 8.76
N VAL HC 147 -74.98 -112.29 9.14
CA VAL HC 147 -73.60 -112.31 8.69
C VAL HC 147 -73.38 -113.53 7.81
N GLU HC 148 -72.73 -113.33 6.66
CA GLU HC 148 -72.42 -114.43 5.76
C GLU HC 148 -70.91 -114.53 5.59
N ALA HC 149 -70.38 -115.74 5.72
CA ALA HC 149 -68.94 -115.95 5.76
C ALA HC 149 -68.50 -116.88 4.62
N TYR HC 150 -67.38 -116.52 3.99
CA TYR HC 150 -66.68 -117.38 3.04
C TYR HC 150 -65.23 -117.47 3.48
N TYR HC 151 -64.64 -118.66 3.39
CA TYR HC 151 -63.35 -118.87 4.02
C TYR HC 151 -62.59 -120.00 3.33
N GLU HC 152 -61.28 -120.00 3.55
CA GLU HC 152 -60.41 -121.13 3.24
C GLU HC 152 -59.36 -121.24 4.33
N ALA HC 153 -59.27 -122.40 4.96
CA ALA HC 153 -58.37 -122.59 6.09
C ALA HC 153 -56.96 -122.90 5.62
N LYS HC 154 -55.99 -122.57 6.47
CA LYS HC 154 -54.59 -122.88 6.18
C LYS HC 154 -54.35 -124.39 6.20
N GLU HC 155 -53.35 -124.81 5.44
CA GLU HC 155 -53.04 -126.23 5.28
C GLU HC 155 -52.34 -126.75 6.54
N GLY HC 156 -52.92 -127.78 7.15
CA GLY HC 156 -52.28 -128.44 8.26
C GLY HC 156 -52.26 -127.70 9.57
N MET HC 157 -53.16 -126.73 9.77
CA MET HC 157 -53.22 -125.95 10.99
C MET HC 157 -54.42 -126.40 11.83
N LEU HC 158 -54.16 -126.72 13.09
CA LEU HC 158 -55.20 -127.17 14.01
C LEU HC 158 -55.28 -126.22 15.19
N PHE HC 159 -56.51 -125.89 15.60
CA PHE HC 159 -56.74 -124.93 16.66
C PHE HC 159 -58.17 -125.07 17.15
N ASP HC 160 -58.47 -124.38 18.25
CA ASP HC 160 -59.82 -124.36 18.80
C ASP HC 160 -59.96 -123.12 19.68
N SER HC 161 -61.22 -122.72 19.90
CA SER HC 161 -61.57 -121.59 20.76
C SER HC 161 -60.89 -120.30 20.29
N LEU HC 162 -61.17 -119.92 19.04
CA LEU HC 162 -60.63 -118.70 18.46
C LEU HC 162 -61.76 -117.72 18.20
N PRO HC 163 -61.75 -116.54 18.82
CA PRO HC 163 -62.86 -115.59 18.65
C PRO HC 163 -62.70 -114.67 17.46
N VAL HC 164 -63.86 -114.24 16.93
CA VAL HC 164 -63.94 -113.25 15.86
C VAL HC 164 -64.74 -112.08 16.39
N ILE HC 165 -64.18 -110.87 16.26
CA ILE HC 165 -64.72 -109.68 16.91
C ILE HC 165 -65.05 -108.64 15.83
N LEU HC 166 -66.22 -108.01 15.97
CA LEU HC 166 -66.63 -106.90 15.11
C LEU HC 166 -66.94 -105.69 15.98
N ASN HC 167 -66.66 -104.50 15.46
CA ASN HC 167 -66.82 -103.25 16.19
C ASN HC 167 -67.71 -102.30 15.40
N PHE HC 168 -68.47 -101.48 16.12
CA PHE HC 168 -69.37 -100.50 15.53
C PHE HC 168 -69.06 -99.11 16.07
N GLN HC 169 -69.13 -98.11 15.20
CA GLN HC 169 -68.93 -96.72 15.59
C GLN HC 169 -69.90 -95.85 14.81
N VAL HC 170 -70.50 -94.89 15.52
CA VAL HC 170 -71.48 -93.98 14.94
C VAL HC 170 -70.76 -92.73 14.44
N LEU HC 171 -71.00 -92.37 13.18
CA LEU HC 171 -70.40 -91.18 12.60
C LEU HC 171 -71.34 -90.00 12.54
N SER HC 172 -72.62 -90.23 12.28
CA SER HC 172 -73.59 -89.14 12.21
C SER HC 172 -74.99 -89.73 12.35
N VAL HC 173 -75.86 -89.00 13.05
CA VAL HC 173 -77.25 -89.40 13.22
C VAL HC 173 -78.14 -88.18 13.00
N SER HC 174 -79.33 -88.41 12.46
CA SER HC 174 -80.28 -87.34 12.21
C SER HC 174 -81.72 -87.85 12.32
N THR IC 26 -81.45 -37.74 65.63
CA THR IC 26 -81.06 -37.51 64.25
C THR IC 26 -79.99 -38.53 63.83
N THR IC 27 -80.45 -39.68 63.33
CA THR IC 27 -79.57 -40.76 62.91
C THR IC 27 -79.81 -41.08 61.44
N GLN IC 28 -78.72 -41.23 60.69
CA GLN IC 28 -78.77 -41.56 59.28
C GLN IC 28 -78.44 -43.04 59.10
N SER IC 29 -79.33 -43.77 58.44
CA SER IC 29 -79.14 -45.21 58.30
C SER IC 29 -78.73 -45.58 56.89
N PRO IC 30 -77.85 -46.58 56.73
CA PRO IC 30 -77.47 -47.02 55.37
C PRO IC 30 -78.46 -47.97 54.73
N LEU IC 31 -79.34 -48.61 55.51
CA LEU IC 31 -80.42 -49.45 55.00
C LEU IC 31 -79.89 -50.64 54.21
N ASN IC 32 -78.90 -51.34 54.78
CA ASN IC 32 -78.36 -52.54 54.15
C ASN IC 32 -78.07 -53.65 55.15
N SER IC 33 -78.71 -53.62 56.31
CA SER IC 33 -78.48 -54.61 57.37
C SER IC 33 -79.52 -55.72 57.32
N PHE IC 34 -79.53 -56.46 56.21
CA PHE IC 34 -80.42 -57.59 56.03
C PHE IC 34 -79.67 -58.74 55.37
N TYR IC 35 -79.88 -59.95 55.90
CA TYR IC 35 -79.15 -61.11 55.41
C TYR IC 35 -80.02 -62.35 55.48
N ALA IC 36 -79.64 -63.36 54.69
CA ALA IC 36 -80.25 -64.68 54.71
C ALA IC 36 -79.18 -65.70 54.36
N THR IC 37 -79.24 -66.87 54.99
CA THR IC 37 -78.15 -67.84 54.93
C THR IC 37 -78.67 -69.23 54.62
N GLY IC 38 -77.93 -69.96 53.77
CA GLY IC 38 -78.18 -71.36 53.51
C GLY IC 38 -76.92 -72.19 53.65
N THR IC 39 -76.97 -73.46 53.28
CA THR IC 39 -75.82 -74.36 53.43
C THR IC 39 -75.79 -75.35 52.27
N ALA IC 40 -74.61 -75.94 52.07
CA ALA IC 40 -74.42 -76.97 51.05
C ALA IC 40 -73.29 -77.88 51.48
N GLN IC 41 -73.25 -79.08 50.90
CA GLN IC 41 -72.24 -80.06 51.24
C GLN IC 41 -72.14 -81.12 50.16
N ALA IC 42 -71.03 -81.87 50.20
CA ALA IC 42 -70.82 -83.02 49.33
C ALA IC 42 -69.79 -83.91 49.99
N VAL IC 43 -70.21 -85.08 50.49
CA VAL IC 43 -69.38 -85.88 51.37
C VAL IC 43 -69.26 -87.33 50.90
N GLN IC 44 -69.41 -87.59 49.60
CA GLN IC 44 -69.24 -88.96 49.11
C GLN IC 44 -68.84 -88.94 47.63
N GLU IC 45 -68.15 -90.00 47.23
CA GLU IC 45 -67.70 -90.18 45.84
C GLU IC 45 -68.85 -90.68 44.97
N PRO IC 46 -68.81 -90.39 43.66
CA PRO IC 46 -69.95 -90.72 42.80
C PRO IC 46 -70.31 -92.20 42.77
N ILE IC 47 -69.32 -93.10 42.78
CA ILE IC 47 -69.58 -94.51 42.56
C ILE IC 47 -68.90 -95.34 43.66
N ASP IC 48 -69.38 -96.57 43.81
CA ASP IC 48 -68.78 -97.56 44.68
C ASP IC 48 -68.67 -98.87 43.88
N VAL IC 49 -67.56 -99.58 44.06
CA VAL IC 49 -67.26 -100.76 43.24
C VAL IC 49 -67.00 -101.95 44.16
N GLU IC 50 -67.64 -103.08 43.85
CA GLU IC 50 -67.45 -104.31 44.61
C GLU IC 50 -67.20 -105.46 43.63
N SER IC 51 -66.31 -106.37 44.01
CA SER IC 51 -65.83 -107.42 43.12
C SER IC 51 -66.33 -108.79 43.56
N HIS IC 52 -66.65 -109.64 42.59
CA HIS IC 52 -67.07 -111.01 42.83
C HIS IC 52 -66.44 -111.96 41.82
N LEU IC 53 -65.14 -111.79 41.56
CA LEU IC 53 -64.42 -112.66 40.63
C LEU IC 53 -63.90 -113.87 41.41
N ASP IC 54 -64.68 -114.95 41.39
CA ASP IC 54 -64.39 -116.14 42.17
C ASP IC 54 -64.28 -117.38 41.30
N ASN IC 55 -63.58 -117.27 40.17
CA ASN IC 55 -63.25 -118.42 39.33
C ASN IC 55 -61.79 -118.34 38.94
N THR IC 56 -61.19 -119.52 38.73
CA THR IC 56 -59.76 -119.63 38.47
C THR IC 56 -59.53 -120.18 37.07
N ILE IC 57 -58.65 -119.52 36.33
CA ILE IC 57 -58.19 -120.04 35.03
C ILE IC 57 -57.16 -121.13 35.33
N ALA IC 58 -57.57 -122.39 35.17
CA ALA IC 58 -56.73 -123.53 35.52
C ALA IC 58 -56.66 -124.51 34.35
N PRO IC 59 -55.89 -124.17 33.32
CA PRO IC 59 -55.65 -125.12 32.22
C PRO IC 59 -54.37 -125.90 32.46
N ALA IC 60 -54.13 -126.86 31.57
CA ALA IC 60 -52.85 -127.56 31.57
C ALA IC 60 -51.80 -126.69 30.88
N ALA IC 61 -50.54 -127.10 31.02
CA ALA IC 61 -49.43 -126.35 30.45
C ALA IC 61 -49.49 -126.38 28.93
N GLY IC 62 -49.50 -125.20 28.31
CA GLY IC 62 -49.49 -125.10 26.87
C GLY IC 62 -50.83 -125.29 26.20
N ALA IC 63 -51.93 -125.34 26.95
CA ALA IC 63 -53.24 -125.61 26.40
C ALA IC 63 -53.94 -124.32 25.96
N GLN IC 64 -54.88 -124.46 25.05
CA GLN IC 64 -55.73 -123.38 24.58
C GLN IC 64 -57.13 -123.57 25.16
N GLY IC 65 -57.67 -122.52 25.78
CA GLY IC 65 -58.88 -122.71 26.56
C GLY IC 65 -59.96 -121.66 26.41
N TYR IC 66 -60.95 -121.73 27.31
CA TYR IC 66 -62.15 -120.90 27.26
C TYR IC 66 -62.80 -120.91 28.64
N LYS IC 67 -62.89 -119.75 29.29
CA LYS IC 67 -63.27 -119.73 30.70
C LYS IC 67 -64.00 -118.42 31.00
N ASP IC 68 -64.90 -118.48 31.98
CA ASP IC 68 -65.55 -117.32 32.56
C ASP IC 68 -65.09 -117.14 34.00
N MET IC 69 -65.22 -115.93 34.53
CA MET IC 69 -64.59 -115.58 35.81
C MET IC 69 -65.59 -115.19 36.89
N GLY IC 70 -66.51 -114.27 36.61
CA GLY IC 70 -67.41 -113.76 37.63
C GLY IC 70 -68.03 -112.46 37.16
N TYR IC 71 -68.43 -111.63 38.12
CA TYR IC 71 -69.06 -110.36 37.78
C TYR IC 71 -68.67 -109.30 38.81
N VAL IC 72 -68.85 -108.04 38.43
CA VAL IC 72 -68.47 -106.89 39.24
C VAL IC 72 -69.67 -105.96 39.37
N LYS IC 73 -69.87 -105.43 40.57
CA LYS IC 73 -71.00 -104.57 40.86
C LYS IC 73 -70.55 -103.12 41.00
N ILE IC 74 -71.33 -102.21 40.41
CA ILE IC 74 -71.08 -100.77 40.48
C ILE IC 74 -72.32 -100.10 41.05
N ILE IC 75 -72.12 -99.19 42.00
CA ILE IC 75 -73.21 -98.51 42.69
C ILE IC 75 -73.10 -97.01 42.43
N ASN IC 76 -74.21 -96.39 42.04
CA ASN IC 76 -74.27 -94.97 41.69
C ASN IC 76 -75.18 -94.21 42.64
N TYR IC 77 -74.78 -92.98 42.96
CA TYR IC 77 -75.30 -92.22 44.09
C TYR IC 77 -76.04 -90.96 43.62
N THR IC 78 -76.37 -90.11 44.59
CA THR IC 78 -77.34 -89.03 44.40
C THR IC 78 -76.96 -88.11 43.24
N ASP IC 79 -77.96 -87.79 42.41
CA ASP IC 79 -77.85 -86.85 41.31
C ASP IC 79 -76.85 -87.28 40.25
N VAL IC 80 -76.64 -88.59 40.10
CA VAL IC 80 -75.76 -89.15 39.10
C VAL IC 80 -76.60 -89.85 38.05
N ASN IC 81 -76.34 -89.56 36.78
CA ASN IC 81 -77.07 -90.17 35.68
C ASN IC 81 -76.20 -90.87 34.67
N VAL IC 82 -75.03 -90.30 34.34
CA VAL IC 82 -74.14 -90.87 33.34
C VAL IC 82 -72.73 -90.87 33.89
N VAL IC 83 -72.02 -91.98 33.71
CA VAL IC 83 -70.66 -92.15 34.22
C VAL IC 83 -69.76 -92.59 33.08
N LYS IC 84 -68.59 -91.96 32.98
CA LYS IC 84 -67.55 -92.33 32.03
C LYS IC 84 -66.41 -92.98 32.80
N LEU IC 85 -65.99 -94.17 32.34
CA LEU IC 85 -65.03 -94.98 33.07
C LEU IC 85 -63.89 -95.39 32.16
N LYS IC 86 -62.74 -95.65 32.78
CA LYS IC 86 -61.57 -96.20 32.10
C LYS IC 86 -61.10 -97.44 32.85
N VAL IC 87 -60.95 -98.55 32.13
CA VAL IC 87 -60.58 -99.83 32.71
C VAL IC 87 -59.26 -100.28 32.09
N THR IC 88 -58.33 -100.72 32.92
CA THR IC 88 -57.00 -101.12 32.48
C THR IC 88 -56.55 -102.35 33.25
N LEU IC 89 -55.56 -103.03 32.69
CA LEU IC 89 -54.90 -104.17 33.34
C LEU IC 89 -53.69 -103.65 34.08
N ALA IC 90 -53.71 -103.75 35.41
CA ALA IC 90 -52.68 -103.14 36.24
C ALA IC 90 -51.36 -103.92 36.18
N ASN IC 91 -51.44 -105.25 36.12
CA ASN IC 91 -50.24 -106.08 36.19
C ASN IC 91 -50.01 -106.86 34.91
N ALA IC 92 -50.18 -106.20 33.76
CA ALA IC 92 -49.97 -106.86 32.48
C ALA IC 92 -48.52 -107.27 32.28
N ALA IC 93 -47.58 -106.47 32.80
CA ALA IC 93 -46.16 -106.79 32.64
C ALA IC 93 -45.80 -108.09 33.35
N GLN IC 94 -46.38 -108.33 34.53
CA GLN IC 94 -46.08 -109.55 35.27
C GLN IC 94 -46.63 -110.78 34.56
N LEU IC 95 -47.78 -110.65 33.89
CA LEU IC 95 -48.43 -111.78 33.24
C LEU IC 95 -47.83 -112.13 31.88
N ARG IC 96 -46.98 -111.28 31.33
CA ARG IC 96 -46.42 -111.54 30.00
C ARG IC 96 -45.62 -112.85 29.92
N PRO IC 97 -44.68 -113.17 30.83
CA PRO IC 97 -43.92 -114.40 30.68
C PRO IC 97 -44.75 -115.68 30.80
N TYR IC 98 -45.99 -115.59 31.27
CA TYR IC 98 -46.80 -116.78 31.51
C TYR IC 98 -47.80 -117.07 30.40
N PHE IC 99 -48.03 -116.15 29.47
CA PHE IC 99 -49.07 -116.31 28.47
C PHE IC 99 -48.57 -115.86 27.11
N LYS IC 100 -48.98 -116.59 26.06
CA LYS IC 100 -48.81 -116.09 24.71
C LYS IC 100 -49.82 -114.99 24.39
N TYR IC 101 -51.07 -115.17 24.83
CA TYR IC 101 -52.08 -114.14 24.66
C TYR IC 101 -53.16 -114.36 25.72
N LEU IC 102 -53.86 -113.27 26.05
CA LEU IC 102 -54.92 -113.31 27.04
C LEU IC 102 -55.87 -112.14 26.77
N GLN IC 103 -57.15 -112.44 26.55
CA GLN IC 103 -58.14 -111.44 26.21
C GLN IC 103 -59.30 -111.50 27.19
N LEU IC 104 -59.77 -110.33 27.60
CA LEU IC 104 -60.89 -110.21 28.53
C LEU IC 104 -62.03 -109.47 27.85
N VAL IC 105 -63.24 -110.01 27.97
CA VAL IC 105 -64.44 -109.45 27.35
C VAL IC 105 -65.40 -109.02 28.46
N LEU IC 106 -65.83 -107.76 28.41
CA LEU IC 106 -66.75 -107.19 29.39
C LEU IC 106 -68.09 -106.92 28.73
N THR IC 107 -69.17 -107.40 29.34
CA THR IC 107 -70.51 -107.21 28.82
C THR IC 107 -71.43 -106.68 29.90
N SER IC 108 -72.29 -105.72 29.52
CA SER IC 108 -73.31 -105.20 30.42
C SER IC 108 -74.59 -106.02 30.24
N ASN IC 109 -75.16 -106.46 31.37
CA ASN IC 109 -76.27 -107.40 31.38
C ASN IC 109 -77.36 -106.97 32.35
N ALA IC 110 -77.07 -105.99 33.22
CA ALA IC 110 -77.97 -105.64 34.32
C ALA IC 110 -79.39 -105.36 33.85
N SER IC 111 -79.55 -104.89 32.61
CA SER IC 111 -80.85 -104.82 31.96
C SER IC 111 -81.12 -106.14 31.24
N SER IC 112 -82.19 -106.81 31.65
CA SER IC 112 -82.52 -108.10 31.06
C SER IC 112 -82.90 -107.99 29.59
N THR IC 113 -83.23 -106.79 29.11
CA THR IC 113 -83.60 -106.59 27.71
C THR IC 113 -82.41 -106.20 26.84
N VAL IC 114 -81.41 -105.52 27.40
CA VAL IC 114 -80.29 -104.99 26.64
C VAL IC 114 -79.00 -105.60 27.19
N GLU IC 115 -78.49 -106.62 26.51
CA GLU IC 115 -77.14 -107.15 26.76
C GLU IC 115 -76.19 -106.52 25.75
N GLU IC 116 -75.09 -105.96 26.26
CA GLU IC 116 -74.10 -105.32 25.38
C GLU IC 116 -72.69 -105.60 25.87
N THR IC 117 -71.82 -105.98 24.94
CA THR IC 117 -70.39 -106.03 25.19
C THR IC 117 -69.79 -104.64 25.00
N LYS IC 118 -69.03 -104.18 25.99
CA LYS IC 118 -68.54 -102.80 26.01
C LYS IC 118 -67.08 -102.67 25.64
N ALA IC 119 -66.22 -103.59 26.07
CA ALA IC 119 -64.79 -103.45 25.79
C ALA IC 119 -64.14 -104.81 25.74
N VAL IC 120 -62.99 -104.86 25.06
CA VAL IC 120 -62.14 -106.05 25.01
C VAL IC 120 -60.74 -105.63 25.43
N LEU IC 121 -60.18 -106.30 26.41
CA LEU IC 121 -58.84 -106.00 26.92
C LEU IC 121 -57.88 -107.12 26.56
N SER IC 122 -56.62 -106.75 26.35
CA SER IC 122 -55.60 -107.72 25.98
C SER IC 122 -54.26 -107.26 26.55
N LEU IC 123 -53.27 -108.15 26.47
CA LEU IC 123 -51.95 -107.83 27.00
C LEU IC 123 -51.22 -106.80 26.14
N LYS IC 124 -51.61 -106.64 24.88
CA LYS IC 124 -50.99 -105.64 24.01
C LYS IC 124 -51.70 -104.29 24.07
N LYS IC 125 -53.01 -104.28 24.31
CA LYS IC 125 -53.79 -103.06 24.46
C LYS IC 125 -54.58 -103.17 25.75
N PRO IC 126 -53.98 -102.80 26.89
CA PRO IC 126 -54.59 -103.10 28.19
C PRO IC 126 -55.71 -102.15 28.60
N SER IC 127 -55.87 -101.01 27.95
CA SER IC 127 -56.79 -99.98 28.42
C SER IC 127 -57.95 -99.79 27.45
N ALA IC 128 -59.10 -99.40 27.99
CA ALA IC 128 -60.29 -99.13 27.20
C ALA IC 128 -61.16 -98.14 27.96
N VAL IC 129 -62.04 -97.47 27.21
CA VAL IC 129 -62.97 -96.49 27.76
C VAL IC 129 -64.39 -96.91 27.40
N ILE IC 130 -65.28 -96.94 28.40
CA ILE IC 130 -66.65 -97.38 28.21
C ILE IC 130 -67.60 -96.29 28.72
N ILE IC 131 -68.86 -96.41 28.31
CA ILE IC 131 -69.91 -95.45 28.66
C ILE IC 131 -71.08 -96.22 29.25
N LEU IC 132 -71.56 -95.75 30.40
CA LEU IC 132 -72.77 -96.29 31.03
C LEU IC 132 -73.82 -95.20 31.06
N ASP IC 133 -75.03 -95.54 30.60
CA ASP IC 133 -76.10 -94.56 30.47
C ASP IC 133 -77.40 -95.02 31.12
N ASN IC 134 -78.50 -94.30 30.85
CA ASN IC 134 -79.77 -94.58 31.50
C ASN IC 134 -80.24 -96.01 31.26
N ASP IC 135 -79.95 -96.58 30.10
CA ASP IC 135 -80.40 -97.95 29.81
C ASP IC 135 -79.68 -98.97 30.67
N ASP IC 136 -78.40 -98.74 30.98
CA ASP IC 136 -77.63 -99.72 31.74
C ASP IC 136 -78.09 -99.78 33.20
N TYR IC 137 -78.43 -98.64 33.78
CA TYR IC 137 -78.75 -98.56 35.20
C TYR IC 137 -80.11 -99.20 35.52
N SER IC 138 -80.18 -100.53 35.41
CA SER IC 138 -81.37 -101.24 35.83
C SER IC 138 -81.43 -101.33 37.35
N SER IC 139 -82.64 -101.47 37.87
CA SER IC 139 -82.95 -101.31 39.29
C SER IC 139 -82.58 -99.93 39.81
N THR IC 140 -82.21 -99.01 38.92
CA THR IC 140 -81.94 -97.61 39.18
C THR IC 140 -80.71 -97.38 40.06
N ASN IC 141 -80.04 -98.45 40.49
CA ASN IC 141 -78.98 -98.29 41.48
C ASN IC 141 -77.69 -99.07 41.22
N LYS IC 142 -77.65 -99.99 40.26
CA LYS IC 142 -76.46 -100.82 40.15
C LYS IC 142 -76.23 -101.29 38.72
N ILE IC 143 -74.96 -101.58 38.43
CA ILE IC 143 -74.48 -102.15 37.17
C ILE IC 143 -73.87 -103.51 37.45
N GLN IC 144 -74.18 -104.49 36.60
CA GLN IC 144 -73.60 -105.82 36.68
C GLN IC 144 -72.80 -106.09 35.41
N LEU IC 145 -71.53 -106.46 35.56
CA LEU IC 145 -70.63 -106.72 34.44
C LEU IC 145 -69.86 -108.00 34.73
N LYS IC 146 -70.08 -109.03 33.91
CA LYS IC 146 -69.27 -110.24 33.99
C LYS IC 146 -68.06 -110.16 33.05
N VAL IC 147 -67.07 -110.99 33.34
CA VAL IC 147 -65.79 -110.99 32.65
C VAL IC 147 -65.67 -112.28 31.85
N GLU IC 148 -65.24 -112.17 30.60
CA GLU IC 148 -65.04 -113.35 29.75
C GLU IC 148 -63.58 -113.39 29.32
N ALA IC 149 -62.96 -114.57 29.46
CA ALA IC 149 -61.53 -114.73 29.24
C ALA IC 149 -61.25 -115.73 28.13
N TYR IC 150 -60.29 -115.40 27.28
CA TYR IC 150 -59.73 -116.31 26.30
C TYR IC 150 -58.22 -116.30 26.46
N TYR IC 151 -57.59 -117.47 26.39
CA TYR IC 151 -56.20 -117.57 26.77
C TYR IC 151 -55.51 -118.72 26.06
N GLU IC 152 -54.18 -118.65 26.03
CA GLU IC 152 -53.32 -119.78 25.66
C GLU IC 152 -52.08 -119.73 26.55
N ALA IC 153 -51.82 -120.83 27.24
CA ALA IC 153 -50.72 -120.88 28.20
C ALA IC 153 -49.40 -121.18 27.51
N LYS IC 154 -48.31 -120.74 28.14
CA LYS IC 154 -46.98 -121.01 27.63
C LYS IC 154 -46.65 -122.49 27.73
N GLU IC 155 -45.78 -122.94 26.84
CA GLU IC 155 -45.43 -124.35 26.75
C GLU IC 155 -44.48 -124.73 27.90
N GLY IC 156 -44.89 -125.71 28.70
CA GLY IC 156 -44.01 -126.25 29.72
C GLY IC 156 -43.81 -125.37 30.94
N MET IC 157 -44.71 -124.44 31.21
CA MET IC 157 -44.59 -123.54 32.35
C MET IC 157 -45.59 -123.95 33.42
N LEU IC 158 -45.10 -124.14 34.65
CA LEU IC 158 -45.93 -124.54 35.78
C LEU IC 158 -45.86 -123.48 36.87
N PHE IC 159 -47.01 -123.16 37.46
CA PHE IC 159 -47.08 -122.11 38.47
C PHE IC 159 -48.41 -122.26 39.21
N ASP IC 160 -48.53 -121.48 40.30
CA ASP IC 160 -49.76 -121.46 41.07
C ASP IC 160 -49.82 -120.16 41.86
N SER IC 161 -51.04 -119.79 42.26
CA SER IC 161 -51.28 -118.59 43.07
C SER IC 161 -50.77 -117.32 42.37
N LEU IC 162 -51.29 -117.08 41.16
CA LEU IC 162 -50.94 -115.89 40.39
C LEU IC 162 -52.15 -114.99 40.26
N PRO IC 163 -52.09 -113.75 40.76
CA PRO IC 163 -53.27 -112.88 40.72
C PRO IC 163 -53.38 -112.07 39.44
N VAL IC 164 -54.63 -111.74 39.10
CA VAL IC 164 -54.96 -110.86 37.98
C VAL IC 164 -55.72 -109.66 38.54
N ILE IC 165 -55.27 -108.46 38.21
CA ILE IC 165 -55.74 -107.23 38.83
C ILE IC 165 -56.31 -106.32 37.75
N LEU IC 166 -57.48 -105.72 38.03
CA LEU IC 166 -58.10 -104.72 37.18
C LEU IC 166 -58.30 -103.45 37.99
N ASN IC 167 -58.19 -102.29 37.31
CA ASN IC 167 -58.29 -100.99 37.95
C ASN IC 167 -59.37 -100.16 37.26
N PHE IC 168 -60.03 -99.30 38.04
CA PHE IC 168 -61.08 -98.43 37.54
C PHE IC 168 -60.75 -96.98 37.89
N GLN IC 169 -61.03 -96.07 36.95
CA GLN IC 169 -60.84 -94.65 37.17
C GLN IC 169 -61.98 -93.88 36.52
N VAL IC 170 -62.50 -92.89 37.24
CA VAL IC 170 -63.62 -92.07 36.77
C VAL IC 170 -63.07 -90.85 36.05
N LEU IC 171 -63.55 -90.63 34.82
CA LEU IC 171 -63.13 -89.49 34.02
C LEU IC 171 -64.14 -88.34 34.04
N SER IC 172 -65.43 -88.65 34.05
CA SER IC 172 -66.46 -87.62 34.06
C SER IC 172 -67.77 -88.24 34.51
N VAL IC 173 -68.55 -87.48 35.28
CA VAL IC 173 -69.85 -87.92 35.75
C VAL IC 173 -70.83 -86.76 35.59
N SER IC 174 -72.08 -87.10 35.30
CA SER IC 174 -73.13 -86.09 35.14
C SER IC 174 -74.49 -86.63 35.55
N THR JC 26 -67.47 -31.65 83.29
CA THR JC 26 -67.35 -31.54 81.85
C THR JC 26 -66.32 -32.54 81.32
N THR JC 27 -66.80 -33.75 81.03
CA THR JC 27 -65.94 -34.84 80.56
C THR JC 27 -66.42 -35.30 79.18
N GLN JC 28 -65.48 -35.48 78.27
CA GLN JC 28 -65.77 -35.95 76.91
C GLN JC 28 -65.39 -37.42 76.81
N SER JC 29 -66.35 -38.24 76.39
CA SER JC 29 -66.10 -39.69 76.35
C SER JC 29 -65.93 -40.18 74.91
N PRO JC 30 -65.04 -41.15 74.68
CA PRO JC 30 -64.89 -41.70 73.33
C PRO JC 30 -65.92 -42.75 72.96
N LEU JC 31 -66.59 -43.35 73.95
CA LEU JC 31 -67.71 -44.27 73.72
C LEU JC 31 -67.26 -45.51 72.95
N ASN JC 32 -66.15 -46.11 73.40
CA ASN JC 32 -65.67 -47.35 72.78
C ASN JC 32 -65.14 -48.35 73.81
N SER JC 33 -65.57 -48.22 75.06
CA SER JC 33 -65.09 -49.09 76.14
C SER JC 33 -66.06 -50.25 76.38
N PHE JC 34 -66.22 -51.09 75.36
CA PHE JC 34 -67.07 -52.27 75.45
C PHE JC 34 -66.38 -53.44 74.77
N TYR JC 35 -66.42 -54.60 75.42
CA TYR JC 35 -65.72 -55.77 74.92
C TYR JC 35 -66.51 -57.04 75.26
N ALA JC 36 -66.22 -58.10 74.50
CA ALA JC 36 -66.74 -59.44 74.74
C ALA JC 36 -65.68 -60.44 74.30
N THR JC 37 -65.57 -61.56 75.03
CA THR JC 37 -64.46 -62.48 74.86
C THR JC 37 -64.95 -63.91 74.76
N GLY JC 38 -64.33 -64.68 73.86
CA GLY JC 38 -64.55 -66.12 73.78
C GLY JC 38 -63.23 -66.87 73.75
N THR JC 39 -63.28 -68.19 73.51
CA THR JC 39 -62.07 -69.01 73.52
C THR JC 39 -62.19 -70.11 72.47
N ALA JC 40 -61.04 -70.67 72.11
CA ALA JC 40 -60.98 -71.79 71.17
C ALA JC 40 -59.73 -72.61 71.46
N GLN JC 41 -59.74 -73.85 70.99
CA GLN JC 41 -58.63 -74.76 71.24
C GLN JC 41 -58.65 -75.92 70.24
N ALA JC 42 -57.52 -76.61 70.15
CA ALA JC 42 -57.41 -77.82 69.34
C ALA JC 42 -56.22 -78.61 69.89
N VAL JC 43 -56.49 -79.74 70.55
CA VAL JC 43 -55.47 -80.42 71.34
C VAL JC 43 -55.36 -81.90 70.98
N GLN JC 44 -55.72 -82.29 69.77
CA GLN JC 44 -55.56 -83.69 69.37
C GLN JC 44 -55.43 -83.80 67.85
N GLU JC 45 -54.76 -84.88 67.41
CA GLU JC 45 -54.57 -85.17 66.00
C GLU JC 45 -55.83 -85.79 65.39
N PRO JC 46 -56.03 -85.62 64.08
CA PRO JC 46 -57.30 -86.08 63.48
C PRO JC 46 -57.57 -87.56 63.64
N ILE JC 47 -56.55 -88.43 63.55
CA ILE JC 47 -56.76 -89.86 63.51
C ILE JC 47 -55.85 -90.56 64.53
N ASP JC 48 -56.23 -91.78 64.88
CA ASP JC 48 -55.42 -92.66 65.70
C ASP JC 48 -55.38 -94.03 65.02
N VAL JC 49 -54.23 -94.68 65.04
CA VAL JC 49 -54.01 -95.92 64.29
C VAL JC 49 -53.52 -97.00 65.25
N GLU JC 50 -54.14 -98.18 65.17
CA GLU JC 50 -53.75 -99.33 65.98
C GLU JC 50 -53.62 -100.55 65.08
N SER JC 51 -52.62 -101.39 65.36
CA SER JC 51 -52.25 -102.50 64.50
C SER JC 51 -52.58 -103.84 65.15
N HIS JC 52 -53.02 -104.79 64.32
CA HIS JC 52 -53.32 -106.15 64.77
C HIS JC 52 -52.82 -107.17 63.74
N LEU JC 53 -51.61 -106.97 63.24
CA LEU JC 53 -51.01 -107.89 62.27
C LEU JC 53 -50.30 -109.00 63.03
N ASP JC 54 -51.01 -110.11 63.25
CA ASP JC 54 -50.51 -111.21 64.07
C ASP JC 54 -50.49 -112.53 63.30
N ASN JC 55 -50.01 -112.49 62.06
CA ASN JC 55 -49.78 -113.70 61.29
C ASN JC 55 -48.41 -113.62 60.62
N THR JC 56 -47.79 -114.77 60.41
CA THR JC 56 -46.43 -114.85 59.91
C THR JC 56 -46.43 -115.53 58.54
N ILE JC 57 -45.73 -114.91 57.58
CA ILE JC 57 -45.48 -115.52 56.28
C ILE JC 57 -44.37 -116.54 56.47
N ALA JC 58 -44.72 -117.82 56.51
CA ALA JC 58 -43.77 -118.89 56.80
C ALA JC 58 -43.85 -119.97 55.72
N PRO JC 59 -43.31 -119.71 54.54
CA PRO JC 59 -43.21 -120.75 53.52
C PRO JC 59 -41.87 -121.46 53.58
N ALA JC 60 -41.73 -122.49 52.75
CA ALA JC 60 -40.44 -123.14 52.56
C ALA JC 60 -39.57 -122.30 51.63
N ALA JC 61 -38.30 -122.65 51.56
CA ALA JC 61 -37.35 -121.90 50.75
C ALA JC 61 -37.69 -122.08 49.27
N GLY JC 62 -37.87 -120.98 48.56
CA GLY JC 62 -38.13 -121.01 47.14
C GLY JC 62 -39.56 -121.32 46.74
N ALA JC 63 -40.49 -121.33 47.68
CA ALA JC 63 -41.86 -121.71 47.41
C ALA JC 63 -42.70 -120.49 47.00
N GLN JC 64 -43.79 -120.76 46.29
CA GLN JC 64 -44.76 -119.76 45.89
C GLN JC 64 -46.02 -119.96 46.73
N GLY JC 65 -46.49 -118.88 47.35
CA GLY JC 65 -47.54 -119.03 48.35
C GLY JC 65 -48.69 -118.05 48.32
N TYR JC 66 -49.49 -118.07 49.38
CA TYR JC 66 -50.72 -117.29 49.48
C TYR JC 66 -51.12 -117.20 50.95
N LYS JC 67 -51.15 -115.98 51.51
CA LYS JC 67 -51.28 -115.84 52.95
C LYS JC 67 -52.01 -114.54 53.27
N ASP JC 68 -52.72 -114.54 54.40
CA ASP JC 68 -53.31 -113.35 54.98
C ASP JC 68 -52.61 -113.02 56.29
N MET JC 69 -52.71 -111.76 56.73
CA MET JC 69 -51.90 -111.27 57.82
C MET JC 69 -52.69 -110.82 59.05
N GLY JC 70 -53.69 -109.98 58.85
CA GLY JC 70 -54.42 -109.40 59.97
C GLY JC 70 -55.19 -108.17 59.50
N TYR JC 71 -55.47 -107.27 60.45
CA TYR JC 71 -56.22 -106.07 60.13
C TYR JC 71 -55.70 -104.90 60.97
N VAL JC 72 -56.02 -103.69 60.51
CA VAL JC 72 -55.57 -102.45 61.13
C VAL JC 72 -56.77 -101.57 61.41
N LYS JC 73 -56.79 -100.93 62.58
CA LYS JC 73 -57.90 -100.08 63.00
C LYS JC 73 -57.51 -98.61 62.91
N ILE JC 74 -58.44 -97.79 62.41
CA ILE JC 74 -58.25 -96.35 62.30
C ILE JC 74 -59.40 -95.67 63.03
N ILE JC 75 -59.09 -94.67 63.84
CA ILE JC 75 -60.08 -93.97 64.66
C ILE JC 75 -60.10 -92.50 64.24
N ASN JC 76 -61.29 -91.96 64.02
CA ASN JC 76 -61.50 -90.60 63.56
C ASN JC 76 -62.27 -89.77 64.59
N TYR JC 77 -61.89 -88.51 64.73
CA TYR JC 77 -62.24 -87.66 65.86
C TYR JC 77 -63.11 -86.48 65.43
N THR JC 78 -63.31 -85.55 66.36
CA THR JC 78 -64.35 -84.54 66.25
C THR JC 78 -64.25 -83.73 64.97
N ASP JC 79 -65.39 -83.52 64.32
CA ASP JC 79 -65.54 -82.69 63.13
C ASP JC 79 -64.72 -83.18 61.95
N VAL JC 80 -64.47 -84.49 61.89
CA VAL JC 80 -63.75 -85.12 60.79
C VAL JC 80 -64.74 -85.94 59.97
N ASN JC 81 -64.71 -85.77 58.66
CA ASN JC 81 -65.61 -86.50 57.77
C ASN JC 81 -64.88 -87.26 56.68
N VAL JC 82 -63.83 -86.69 56.09
CA VAL JC 82 -63.10 -87.31 54.99
C VAL JC 82 -61.61 -87.20 55.28
N VAL JC 83 -60.89 -88.30 55.08
CA VAL JC 83 -59.45 -88.36 55.34
C VAL JC 83 -58.75 -88.87 54.09
N LYS JC 84 -57.65 -88.21 53.72
CA LYS JC 84 -56.78 -88.63 52.64
C LYS JC 84 -55.48 -89.17 53.23
N LEU JC 85 -55.09 -90.37 52.82
CA LEU JC 85 -53.97 -91.06 53.42
C LEU JC 85 -52.99 -91.53 52.36
N LYS JC 86 -51.73 -91.68 52.78
CA LYS JC 86 -50.67 -92.24 51.94
C LYS JC 86 -50.01 -93.38 52.70
N VAL JC 87 -49.93 -94.55 52.06
CA VAL JC 87 -49.38 -95.75 52.67
C VAL JC 87 -48.18 -96.21 51.86
N THR JC 88 -47.09 -96.53 52.55
CA THR JC 88 -45.85 -96.91 51.90
C THR JC 88 -45.19 -98.04 52.69
N LEU JC 89 -44.28 -98.75 52.02
CA LEU JC 89 -43.46 -99.79 52.63
C LEU JC 89 -42.16 -99.15 53.09
N ALA JC 90 -41.95 -99.12 54.41
CA ALA JC 90 -40.80 -98.40 54.96
C ALA JC 90 -39.49 -99.12 54.73
N ASN JC 91 -39.50 -100.46 54.81
CA ASN JC 91 -38.26 -101.22 54.73
C ASN JC 91 -38.22 -102.11 53.50
N ALA JC 92 -38.63 -101.57 52.35
CA ALA JC 92 -38.62 -102.35 51.11
C ALA JC 92 -37.20 -102.71 50.69
N ALA JC 93 -36.23 -101.83 50.96
CA ALA JC 93 -34.86 -102.11 50.56
C ALA JC 93 -34.30 -103.32 51.31
N GLN JC 94 -34.64 -103.47 52.59
CA GLN JC 94 -34.15 -104.60 53.37
C GLN JC 94 -34.75 -105.91 52.88
N LEU JC 95 -36.00 -105.90 52.43
CA LEU JC 95 -36.69 -107.11 52.01
C LEU JC 95 -36.34 -107.56 50.60
N ARG JC 96 -35.63 -106.73 49.82
CA ARG JC 96 -35.30 -107.10 48.45
C ARG JC 96 -34.46 -108.37 48.33
N PRO JC 97 -33.37 -108.57 49.08
CA PRO JC 97 -32.56 -109.79 48.90
C PRO JC 97 -33.29 -111.07 49.28
N TYR JC 98 -34.43 -110.99 49.96
CA TYR JC 98 -35.12 -112.18 50.45
C TYR JC 98 -36.28 -112.63 49.58
N PHE JC 99 -36.73 -111.80 48.64
CA PHE JC 99 -37.92 -112.10 47.85
C PHE JC 99 -37.70 -111.76 46.39
N LYS JC 100 -38.25 -112.60 45.51
CA LYS JC 100 -38.35 -112.23 44.11
C LYS JC 100 -39.47 -111.21 43.88
N TYR JC 101 -40.60 -111.40 44.55
CA TYR JC 101 -41.69 -110.43 44.49
C TYR JC 101 -42.54 -110.58 45.74
N LEU JC 102 -43.23 -109.49 46.11
CA LEU JC 102 -44.10 -109.48 47.27
C LEU JC 102 -45.14 -108.39 47.07
N GLN JC 103 -46.41 -108.76 47.12
CA GLN JC 103 -47.51 -107.82 46.88
C GLN JC 103 -48.47 -107.84 48.06
N LEU JC 104 -48.92 -106.65 48.46
CA LEU JC 104 -49.86 -106.48 49.55
C LEU JC 104 -51.15 -105.86 49.03
N VAL JC 105 -52.29 -106.44 49.42
CA VAL JC 105 -53.60 -105.98 48.99
C VAL JC 105 -54.37 -105.49 50.21
N LEU JC 106 -54.88 -104.26 50.13
CA LEU JC 106 -55.63 -103.64 51.21
C LEU JC 106 -57.08 -103.48 50.78
N THR JC 107 -58.00 -103.94 51.62
CA THR JC 107 -59.43 -103.86 51.34
C THR JC 107 -60.17 -103.26 52.52
N SER JC 108 -61.13 -102.39 52.22
CA SER JC 108 -62.00 -101.81 53.25
C SER JC 108 -63.24 -102.69 53.39
N ASN JC 109 -63.58 -103.04 54.63
CA ASN JC 109 -64.61 -104.02 54.93
C ASN JC 109 -65.53 -103.54 56.04
N ALA JC 110 -65.15 -102.47 56.75
CA ALA JC 110 -65.85 -102.06 57.97
C ALA JC 110 -67.35 -101.88 57.74
N SER JC 111 -67.75 -101.53 56.52
CA SER JC 111 -69.15 -101.58 56.11
C SER JC 111 -69.47 -102.97 55.58
N SER JC 112 -70.42 -103.65 56.23
CA SER JC 112 -70.77 -105.00 55.83
C SER JC 112 -71.41 -105.04 54.45
N THR JC 113 -71.89 -103.91 53.94
CA THR JC 113 -72.51 -103.86 52.62
C THR JC 113 -71.53 -103.51 51.51
N VAL JC 114 -70.48 -102.74 51.81
CA VAL JC 114 -69.55 -102.24 50.81
C VAL JC 114 -68.15 -102.74 51.17
N GLU JC 115 -67.71 -103.80 50.49
CA GLU JC 115 -66.32 -104.25 50.54
C GLU JC 115 -65.59 -103.69 49.33
N GLU JC 116 -64.45 -103.04 49.56
CA GLU JC 116 -63.68 -102.45 48.48
C GLU JC 116 -62.19 -102.62 48.71
N THR JC 117 -61.48 -103.06 47.68
CA THR JC 117 -60.02 -103.03 47.66
C THR JC 117 -59.55 -101.65 47.25
N LYS JC 118 -58.66 -101.06 48.04
CA LYS JC 118 -58.25 -99.67 47.85
C LYS JC 118 -56.88 -99.51 47.20
N ALA JC 119 -55.90 -100.35 47.55
CA ALA JC 119 -54.57 -100.18 46.99
C ALA JC 119 -53.85 -101.52 46.95
N VAL JC 120 -52.85 -101.59 46.08
CA VAL JC 120 -51.96 -102.75 45.97
C VAL JC 120 -50.53 -102.22 46.08
N LEU JC 121 -49.77 -102.78 47.01
CA LEU JC 121 -48.38 -102.38 47.23
C LEU JC 121 -47.44 -103.49 46.81
N SER JC 122 -46.26 -103.09 46.33
CA SER JC 122 -45.25 -104.05 45.86
C SER JC 122 -43.87 -103.49 46.14
N LEU JC 123 -42.86 -104.33 45.95
CA LEU JC 123 -41.49 -103.93 46.19
C LEU JC 123 -40.99 -102.95 45.14
N LYS JC 124 -41.61 -102.92 43.96
CA LYS JC 124 -41.22 -102.00 42.90
C LYS JC 124 -41.97 -100.67 42.97
N LYS JC 125 -43.22 -100.69 43.45
CA LYS JC 125 -44.03 -99.49 43.63
C LYS JC 125 -44.57 -99.50 45.05
N PRO JC 126 -43.78 -99.02 46.02
CA PRO JC 126 -44.14 -99.20 47.43
C PRO JC 126 -45.21 -98.27 47.96
N SER JC 127 -45.56 -97.20 47.25
CA SER JC 127 -46.43 -96.16 47.79
C SER JC 127 -47.75 -96.11 47.03
N ALA JC 128 -48.80 -95.72 47.75
CA ALA JC 128 -50.13 -95.57 47.16
C ALA JC 128 -50.91 -94.54 47.98
N VAL JC 129 -51.95 -94.00 47.36
CA VAL JC 129 -52.82 -93.00 47.97
C VAL JC 129 -54.26 -93.50 47.91
N ILE JC 130 -54.94 -93.47 49.06
CA ILE JC 130 -56.30 -93.98 49.17
C ILE JC 130 -57.19 -92.90 49.75
N ILE JC 131 -58.51 -93.09 49.59
CA ILE JC 131 -59.53 -92.16 50.04
C ILE JC 131 -60.52 -92.91 50.91
N LEU JC 132 -60.83 -92.35 52.08
CA LEU JC 132 -61.86 -92.87 52.96
C LEU JC 132 -62.96 -91.83 53.10
N ASP JC 133 -64.21 -92.26 52.89
CA ASP JC 133 -65.34 -91.33 52.87
C ASP JC 133 -66.47 -91.78 53.79
N ASN JC 134 -67.63 -91.14 53.66
CA ASN JC 134 -68.75 -91.40 54.55
C ASN JC 134 -69.17 -92.86 54.55
N ASP JC 135 -69.06 -93.54 53.40
CA ASP JC 135 -69.48 -94.93 53.33
C ASP JC 135 -68.56 -95.85 54.12
N ASP JC 136 -67.27 -95.53 54.18
CA ASP JC 136 -66.32 -96.41 54.87
C ASP JC 136 -66.50 -96.34 56.38
N TYR JC 137 -66.80 -95.16 56.91
CA TYR JC 137 -66.87 -94.96 58.35
C TYR JC 137 -68.10 -95.63 58.97
N SER JC 138 -68.12 -96.95 58.99
CA SER JC 138 -69.17 -97.68 59.69
C SER JC 138 -68.95 -97.62 61.18
N SER JC 139 -70.04 -97.75 61.94
CA SER JC 139 -70.10 -97.47 63.37
C SER JC 139 -69.71 -96.03 63.69
N THR JC 140 -69.56 -95.20 62.66
CA THR JC 140 -69.33 -93.75 62.74
C THR JC 140 -67.98 -93.39 63.36
N ASN JC 141 -67.18 -94.39 63.75
CA ASN JC 141 -65.97 -94.10 64.52
C ASN JC 141 -64.71 -94.84 64.10
N LYS JC 142 -64.79 -95.85 63.23
CA LYS JC 142 -63.59 -96.65 62.97
C LYS JC 142 -63.60 -97.24 61.56
N ILE JC 143 -62.38 -97.50 61.07
CA ILE JC 143 -62.12 -98.17 59.81
C ILE JC 143 -61.39 -99.47 60.09
N GLN JC 144 -61.79 -100.54 59.39
CA GLN JC 144 -61.12 -101.84 59.49
C GLN JC 144 -60.56 -102.20 58.12
N LEU JC 145 -59.26 -102.49 58.07
CA LEU JC 145 -58.56 -102.84 56.83
C LEU JC 145 -57.69 -104.05 57.08
N LYS JC 146 -57.98 -105.16 56.41
CA LYS JC 146 -57.11 -106.32 56.44
C LYS JC 146 -56.10 -106.29 55.30
N VAL JC 147 -55.02 -107.04 55.47
CA VAL JC 147 -53.89 -107.07 54.55
C VAL JC 147 -53.84 -108.42 53.87
N GLU JC 148 -53.64 -108.41 52.55
CA GLU JC 148 -53.54 -109.65 51.80
C GLU JC 148 -52.18 -109.68 51.11
N ALA JC 149 -51.49 -110.81 51.22
CA ALA JC 149 -50.11 -110.94 50.76
C ALA JC 149 -49.98 -112.04 49.72
N TYR JC 150 -49.21 -111.75 48.67
CA TYR JC 150 -48.77 -112.72 47.69
C TYR JC 150 -47.27 -112.64 47.57
N TYR JC 151 -46.60 -113.79 47.48
CA TYR JC 151 -45.15 -113.79 47.62
C TYR JC 151 -44.54 -114.98 46.89
N GLU JC 152 -43.24 -114.87 46.61
CA GLU JC 152 -42.40 -115.98 46.20
C GLU JC 152 -41.03 -115.80 46.83
N ALA JC 153 -40.59 -116.82 47.56
CA ALA JC 153 -39.33 -116.73 48.30
C ALA JC 153 -38.14 -117.04 47.40
N LYS JC 154 -36.98 -116.50 47.78
CA LYS JC 154 -35.75 -116.77 47.06
C LYS JC 154 -35.33 -118.22 47.23
N GLU JC 155 -34.60 -118.73 46.23
CA GLU JC 155 -34.19 -120.13 46.21
C GLU JC 155 -33.04 -120.34 47.18
N GLY JC 156 -33.24 -121.26 48.13
CA GLY JC 156 -32.16 -121.66 49.03
C GLY JC 156 -31.80 -120.66 50.10
N MET JC 157 -32.69 -119.74 50.45
CA MET JC 157 -32.42 -118.73 51.46
C MET JC 157 -33.18 -119.08 52.73
N LEU JC 158 -32.47 -119.12 53.86
CA LEU JC 158 -33.06 -119.45 55.16
C LEU JC 158 -32.84 -118.28 56.11
N PHE JC 159 -33.89 -117.97 56.87
CA PHE JC 159 -33.85 -116.83 57.78
C PHE JC 159 -35.00 -116.94 58.77
N ASP JC 160 -34.97 -116.08 59.78
CA ASP JC 160 -36.04 -116.03 60.77
C ASP JC 160 -36.04 -114.66 61.43
N SER JC 161 -37.18 -114.29 62.01
CA SER JC 161 -37.34 -113.04 62.75
C SER JC 161 -37.04 -111.82 61.86
N LEU JC 162 -37.78 -111.72 60.75
CA LEU JC 162 -37.63 -110.60 59.84
C LEU JC 162 -38.90 -109.76 59.85
N PRO JC 163 -38.82 -108.48 60.21
CA PRO JC 163 -40.03 -107.66 60.32
C PRO JC 163 -40.42 -106.99 59.00
N VAL JC 164 -41.73 -106.75 58.88
CA VAL JC 164 -42.30 -105.99 57.77
C VAL JC 164 -43.01 -104.77 58.36
N ILE JC 165 -42.70 -103.59 57.83
CA ILE JC 165 -43.13 -102.33 58.42
C ILE JC 165 -43.92 -101.54 57.40
N LEU JC 166 -45.05 -100.97 57.83
CA LEU JC 166 -45.87 -100.08 57.03
C LEU JC 166 -46.00 -98.74 57.74
N ASN JC 167 -46.08 -97.67 56.96
CA ASN JC 167 -46.15 -96.31 57.50
C ASN JC 167 -47.36 -95.59 56.94
N PHE JC 168 -47.93 -94.69 57.75
CA PHE JC 168 -49.10 -93.91 57.37
C PHE JC 168 -48.79 -92.42 57.53
N GLN JC 169 -49.28 -91.62 56.58
CA GLN JC 169 -49.14 -90.17 56.64
C GLN JC 169 -50.42 -89.52 56.14
N VAL JC 170 -50.85 -88.48 56.85
CA VAL JC 170 -52.08 -87.76 56.53
C VAL JC 170 -51.74 -86.61 55.61
N LEU JC 171 -52.45 -86.51 54.48
CA LEU JC 171 -52.24 -85.43 53.52
C LEU JC 171 -53.29 -84.34 53.63
N SER JC 172 -54.55 -84.69 53.90
CA SER JC 172 -55.61 -83.70 54.01
C SER JC 172 -56.78 -84.33 54.75
N VAL JC 173 -57.45 -83.54 55.58
CA VAL JC 173 -58.63 -83.97 56.31
C VAL JC 173 -59.68 -82.87 56.23
N SER JC 174 -60.94 -83.29 56.21
CA SER JC 174 -62.05 -82.34 56.15
C SER JC 174 -63.29 -82.90 56.86
N THR KC 26 -50.92 -23.32 97.48
CA THR KC 26 -51.05 -23.34 96.02
C THR KC 26 -50.09 -24.35 95.42
N THR KC 27 -50.54 -25.60 95.31
CA THR KC 27 -49.73 -26.70 94.79
C THR KC 27 -50.42 -27.32 93.58
N GLN KC 28 -49.64 -27.55 92.52
CA GLN KC 28 -50.15 -28.15 91.30
C GLN KC 28 -49.71 -29.61 91.25
N SER KC 29 -50.68 -30.51 91.08
CA SER KC 29 -50.36 -31.93 91.13
C SER KC 29 -50.43 -32.55 89.74
N PRO KC 30 -49.54 -33.51 89.44
CA PRO KC 30 -49.60 -34.17 88.12
C PRO KC 30 -50.62 -35.30 88.05
N LEU KC 31 -51.07 -35.83 89.19
CA LEU KC 31 -52.16 -36.81 89.25
C LEU KC 31 -51.78 -38.11 88.53
N ASN KC 32 -50.59 -38.63 88.82
CA ASN KC 32 -50.15 -39.88 88.22
C ASN KC 32 -49.39 -40.75 89.23
N SER KC 33 -49.59 -40.53 90.52
CA SER KC 33 -48.87 -41.26 91.56
C SER KC 33 -49.72 -42.43 92.08
N PHE KC 34 -50.01 -43.38 91.18
CA PHE KC 34 -50.77 -44.57 91.53
C PHE KC 34 -50.15 -45.78 90.85
N TYR KC 35 -50.01 -46.87 91.59
CA TYR KC 35 -49.35 -48.07 91.07
C TYR KC 35 -49.97 -49.31 91.66
N ALA KC 36 -49.77 -50.43 90.95
CA ALA KC 36 -50.16 -51.75 91.41
C ALA KC 36 -49.16 -52.76 90.87
N THR KC 37 -48.85 -53.79 91.66
CA THR KC 37 -47.73 -54.68 91.36
C THR KC 37 -48.15 -56.14 91.49
N GLY KC 38 -47.66 -56.96 90.56
CA GLY KC 38 -47.81 -58.41 90.65
C GLY KC 38 -46.48 -59.12 90.45
N THR KC 39 -46.49 -60.44 90.33
CA THR KC 39 -45.27 -61.21 90.19
C THR KC 39 -45.51 -62.41 89.29
N ALA KC 40 -44.41 -62.96 88.77
CA ALA KC 40 -44.45 -64.15 87.93
C ALA KC 40 -43.13 -64.90 88.06
N GLN KC 41 -43.15 -66.19 87.71
CA GLN KC 41 -41.96 -67.02 87.83
C GLN KC 41 -42.10 -68.26 86.96
N ALA KC 42 -40.97 -68.91 86.72
CA ALA KC 42 -40.94 -70.21 86.02
C ALA KC 42 -39.63 -70.89 86.40
N VAL KC 43 -39.71 -71.95 87.21
CA VAL KC 43 -38.52 -72.52 87.84
C VAL KC 43 -38.39 -74.02 87.60
N GLN KC 44 -38.94 -74.54 86.51
CA GLN KC 44 -38.78 -75.96 86.22
C GLN KC 44 -38.92 -76.20 84.72
N GLU KC 45 -38.29 -77.29 84.26
CA GLU KC 45 -38.33 -77.71 82.87
C GLU KC 45 -39.64 -78.44 82.57
N PRO KC 46 -40.09 -78.41 81.30
CA PRO KC 46 -41.41 -78.98 80.98
C PRO KC 46 -41.56 -80.45 81.33
N ILE KC 47 -40.53 -81.27 81.12
CA ILE KC 47 -40.66 -82.71 81.25
C ILE KC 47 -39.55 -83.26 82.13
N ASP KC 48 -39.80 -84.47 82.66
CA ASP KC 48 -38.80 -85.23 83.39
C ASP KC 48 -38.81 -86.65 82.84
N VAL KC 49 -37.64 -87.25 82.70
CA VAL KC 49 -37.49 -88.55 82.04
C VAL KC 49 -36.78 -89.52 82.98
N GLU KC 50 -37.33 -90.72 83.12
CA GLU KC 50 -36.74 -91.77 83.95
C GLU KC 50 -36.70 -93.07 83.15
N SER KC 51 -35.61 -93.83 83.32
CA SER KC 51 -35.33 -95.00 82.50
C SER KC 51 -35.48 -96.28 83.31
N HIS KC 52 -36.01 -97.33 82.67
CA HIS KC 52 -36.14 -98.65 83.27
C HIS KC 52 -35.78 -99.74 82.27
N LEU KC 53 -34.69 -99.55 81.53
CA LEU KC 53 -34.23 -100.53 80.55
C LEU KC 53 -33.33 -101.53 81.27
N ASP KC 54 -33.92 -102.64 81.72
CA ASP KC 54 -33.22 -103.64 82.52
C ASP KC 54 -33.26 -105.02 81.88
N ASN KC 55 -33.02 -105.08 80.58
CA ASN KC 55 -32.87 -106.35 79.87
C ASN KC 55 -31.65 -106.28 78.97
N THR KC 56 -31.02 -107.42 78.75
CA THR KC 56 -29.76 -107.51 78.01
C THR KC 56 -29.96 -108.31 76.73
N ILE KC 57 -29.50 -107.76 75.62
CA ILE KC 57 -29.45 -108.49 74.35
C ILE KC 57 -28.25 -109.43 74.42
N ALA KC 58 -28.52 -110.72 74.64
CA ALA KC 58 -27.48 -111.73 74.84
C ALA KC 58 -27.69 -112.90 73.89
N PRO KC 59 -27.39 -112.73 72.61
CA PRO KC 59 -27.42 -113.86 71.68
C PRO KC 59 -26.04 -114.51 71.56
N ALA KC 60 -26.00 -115.61 70.81
CA ALA KC 60 -24.74 -116.22 70.45
C ALA KC 60 -24.10 -115.44 69.30
N ALA KC 61 -22.83 -115.74 69.04
CA ALA KC 61 -22.09 -115.04 67.99
C ALA KC 61 -22.67 -115.38 66.62
N GLY KC 62 -23.04 -114.35 65.87
CA GLY KC 62 -23.56 -114.53 64.52
C GLY KC 62 -25.01 -114.94 64.42
N ALA KC 63 -25.76 -114.90 65.52
CA ALA KC 63 -27.14 -115.35 65.54
C ALA KC 63 -28.10 -114.22 65.19
N GLN KC 64 -29.27 -114.60 64.71
CA GLN KC 64 -30.37 -113.68 64.42
C GLN KC 64 -31.43 -113.84 65.50
N GLY KC 65 -31.86 -112.73 66.09
CA GLY KC 65 -32.69 -112.83 67.27
C GLY KC 65 -33.88 -111.89 67.36
N TYR KC 66 -34.48 -111.84 68.55
CA TYR KC 66 -35.71 -111.10 68.81
C TYR KC 66 -35.84 -110.88 70.32
N LYS KC 67 -35.84 -109.63 70.76
CA LYS KC 67 -35.72 -109.34 72.18
C LYS KC 67 -36.45 -108.05 72.52
N ASP KC 68 -36.94 -107.98 73.75
CA ASP KC 68 -37.50 -106.76 74.33
C ASP KC 68 -36.58 -106.28 75.45
N MET KC 69 -36.68 -104.99 75.79
CA MET KC 69 -35.70 -104.36 76.67
C MET KC 69 -36.30 -103.82 77.97
N GLY KC 70 -37.36 -103.04 77.89
CA GLY KC 70 -37.91 -102.39 79.07
C GLY KC 70 -38.82 -101.24 78.64
N TYR KC 71 -38.96 -100.27 79.55
CA TYR KC 71 -39.83 -99.13 79.26
C TYR KC 71 -39.25 -97.87 79.88
N VAL KC 72 -39.70 -96.72 79.39
CA VAL KC 72 -39.21 -95.41 79.81
C VAL KC 72 -40.40 -94.55 80.22
N LYS KC 73 -40.24 -93.81 81.31
CA LYS KC 73 -41.30 -92.96 81.85
C LYS KC 73 -41.02 -91.49 81.57
N ILE KC 74 -42.06 -90.77 81.17
CA ILE KC 74 -41.99 -89.33 80.91
C ILE KC 74 -43.03 -88.64 81.78
N ILE KC 75 -42.63 -87.55 82.43
CA ILE KC 75 -43.49 -86.81 83.34
C ILE KC 75 -43.67 -85.39 82.81
N ASN KC 76 -44.91 -84.93 82.77
CA ASN KC 76 -45.27 -83.62 82.24
C ASN KC 76 -45.88 -82.74 83.32
N TYR KC 77 -45.56 -81.45 83.26
CA TYR KC 77 -45.75 -80.50 84.36
C TYR KC 77 -46.75 -79.42 83.99
N THR KC 78 -46.83 -78.41 84.87
CA THR KC 78 -47.94 -77.45 84.87
C THR KC 78 -48.11 -76.77 83.51
N ASP KC 79 -49.36 -76.68 83.07
CA ASP KC 79 -49.77 -75.95 81.86
C ASP KC 79 -49.15 -76.54 80.60
N VAL KC 80 -48.84 -77.83 80.61
CA VAL KC 80 -48.28 -78.53 79.45
C VAL KC 80 -49.36 -79.46 78.91
N ASN KC 81 -49.58 -79.42 77.60
CA ASN KC 81 -50.57 -80.27 76.97
C ASN KC 81 -50.01 -81.10 75.82
N VAL KC 82 -49.12 -80.55 75.01
CA VAL KC 82 -48.57 -81.24 73.85
C VAL KC 82 -47.06 -81.04 73.86
N VAL KC 83 -46.32 -82.13 73.61
CA VAL KC 83 -44.87 -82.11 73.61
C VAL KC 83 -44.37 -82.71 72.31
N LYS KC 84 -43.40 -82.04 71.68
CA LYS KC 84 -42.71 -82.54 70.50
C LYS KC 84 -41.30 -82.96 70.89
N LEU KC 85 -40.92 -84.18 70.51
CA LEU KC 85 -39.67 -84.77 70.97
C LEU KC 85 -38.87 -85.30 69.78
N LYS KC 86 -37.55 -85.36 69.97
CA LYS KC 86 -36.64 -85.95 69.01
C LYS KC 86 -35.79 -86.99 69.73
N VAL KC 87 -35.76 -88.20 69.20
CA VAL KC 87 -35.04 -89.32 69.80
C VAL KC 87 -33.98 -89.81 68.82
N THR KC 88 -32.77 -90.01 69.33
CA THR KC 88 -31.63 -90.42 68.49
C THR KC 88 -30.79 -91.43 69.24
N LEU KC 89 -29.97 -92.16 68.48
CA LEU KC 89 -29.00 -93.10 69.02
C LEU KC 89 -27.67 -92.38 69.17
N ALA KC 90 -27.23 -92.20 70.42
CA ALA KC 90 -26.05 -91.39 70.69
C ALA KC 90 -24.76 -92.09 70.29
N ASN KC 91 -24.67 -93.40 70.48
CA ASN KC 91 -23.43 -94.13 70.25
C ASN KC 91 -23.57 -95.13 69.11
N ALA KC 92 -24.21 -94.71 68.01
CA ALA KC 92 -24.38 -95.61 66.87
C ALA KC 92 -23.04 -95.96 66.23
N ALA KC 93 -22.08 -95.02 66.23
CA ALA KC 93 -20.79 -95.29 65.62
C ALA KC 93 -20.04 -96.39 66.34
N GLN KC 94 -20.14 -96.42 67.67
CA GLN KC 94 -19.45 -97.45 68.45
C GLN KC 94 -20.05 -98.83 68.20
N LEU KC 95 -21.37 -98.91 67.98
CA LEU KC 95 -22.05 -100.18 67.80
C LEU KC 95 -21.93 -100.75 66.40
N ARG KC 96 -21.42 -99.97 65.44
CA ARG KC 96 -21.33 -100.46 64.06
C ARG KC 96 -20.46 -101.70 63.91
N PRO KC 97 -19.23 -101.78 64.46
CA PRO KC 97 -18.41 -102.99 64.24
C PRO KC 97 -18.97 -104.26 64.86
N TYR KC 98 -19.98 -104.15 65.73
CA TYR KC 98 -20.50 -105.32 66.45
C TYR KC 98 -21.78 -105.89 65.84
N PHE KC 99 -22.43 -105.18 64.93
CA PHE KC 99 -23.72 -105.60 64.41
C PHE KC 99 -23.78 -105.40 62.90
N LYS KC 100 -24.44 -106.33 62.22
CA LYS KC 100 -24.81 -106.11 60.82
C LYS KC 100 -26.00 -105.17 60.72
N TYR KC 101 -26.99 -105.32 61.60
CA TYR KC 101 -28.12 -104.41 61.67
C TYR KC 101 -28.73 -104.47 63.06
N LEU KC 102 -29.40 -103.39 63.44
CA LEU KC 102 -30.05 -103.29 64.74
C LEU KC 102 -31.16 -102.26 64.64
N GLN KC 103 -32.39 -102.68 64.96
CA GLN KC 103 -33.56 -101.82 64.84
C GLN KC 103 -34.29 -101.75 66.17
N LEU KC 104 -34.73 -100.55 66.54
CA LEU KC 104 -35.46 -100.31 67.78
C LEU KC 104 -36.85 -99.80 67.44
N VAL KC 105 -37.87 -100.37 68.09
CA VAL KC 105 -39.27 -100.02 67.87
C VAL KC 105 -39.83 -99.45 69.16
N LEU KC 106 -40.41 -98.25 69.07
CA LEU KC 106 -40.99 -97.56 70.21
C LEU KC 106 -42.50 -97.50 70.04
N THR KC 107 -43.23 -97.90 71.08
CA THR KC 107 -44.68 -97.91 71.06
C THR KC 107 -45.23 -97.22 72.30
N SER KC 108 -46.29 -96.43 72.11
CA SER KC 108 -46.99 -95.79 73.22
C SER KC 108 -48.13 -96.70 73.66
N ASN KC 109 -48.22 -96.94 74.97
CA ASN KC 109 -49.12 -97.94 75.53
C ASN KC 109 -49.86 -97.38 76.75
N ALA KC 110 -49.41 -96.23 77.28
CA ALA KC 110 -49.90 -95.73 78.57
C ALA KC 110 -51.43 -95.63 78.61
N SER KC 111 -52.06 -95.43 77.45
CA SER KC 111 -53.50 -95.56 77.31
C SER KC 111 -53.84 -97.01 76.98
N SER KC 112 -54.61 -97.66 77.84
CA SER KC 112 -54.96 -99.06 77.64
C SER KC 112 -55.83 -99.27 76.41
N THR KC 113 -56.45 -98.21 75.90
CA THR KC 113 -57.31 -98.31 74.72
C THR KC 113 -56.56 -98.02 73.42
N VAL KC 114 -55.52 -97.18 73.46
CA VAL KC 114 -54.82 -96.75 72.26
C VAL KC 114 -53.34 -97.16 72.40
N GLU KC 115 -52.97 -98.26 71.75
CA GLU KC 115 -51.58 -98.65 71.58
C GLU KC 115 -51.11 -98.18 70.20
N GLU KC 116 -49.99 -97.46 70.17
CA GLU KC 116 -49.45 -96.95 68.91
C GLU KC 116 -47.94 -97.04 68.88
N THR KC 117 -47.40 -97.55 67.78
CA THR KC 117 -45.98 -97.47 67.50
C THR KC 117 -45.67 -96.11 66.88
N LYS KC 118 -44.68 -95.41 67.43
CA LYS KC 118 -44.39 -94.03 67.05
C LYS KC 118 -43.17 -93.88 66.15
N ALA KC 119 -42.10 -94.64 66.38
CA ALA KC 119 -40.90 -94.48 65.58
C ALA KC 119 -40.13 -95.79 65.53
N VAL KC 120 -39.30 -95.91 64.50
CA VAL KC 120 -38.38 -97.03 64.33
C VAL KC 120 -36.98 -96.45 64.12
N LEU KC 121 -36.03 -96.87 64.95
CA LEU KC 121 -34.66 -96.40 64.87
C LEU KC 121 -33.74 -97.51 64.38
N SER KC 122 -32.69 -97.12 63.66
CA SER KC 122 -31.75 -98.07 63.10
C SER KC 122 -30.36 -97.43 63.07
N LEU KC 123 -29.36 -98.26 62.77
CA LEU KC 123 -27.98 -97.77 62.72
C LEU KC 123 -27.73 -96.89 61.50
N LYS KC 124 -28.56 -96.99 60.46
CA LYS KC 124 -28.42 -96.15 59.28
C LYS KC 124 -29.22 -94.86 59.38
N LYS KC 125 -30.36 -94.89 60.07
CA LYS KC 125 -31.19 -93.70 60.28
C LYS KC 125 -31.46 -93.61 61.78
N PRO KC 126 -30.55 -92.99 62.54
CA PRO KC 126 -30.64 -93.05 64.01
C PRO KC 126 -31.65 -92.12 64.64
N SER KC 127 -32.17 -91.13 63.92
CA SER KC 127 -33.00 -90.08 64.51
C SER KC 127 -34.43 -90.16 64.01
N ALA KC 128 -35.35 -89.74 64.87
CA ALA KC 128 -36.77 -89.70 64.53
C ALA KC 128 -37.45 -88.63 65.38
N VAL KC 129 -38.62 -88.19 64.92
CA VAL KC 129 -39.41 -87.17 65.58
C VAL KC 129 -40.80 -87.74 65.85
N ILE KC 130 -41.27 -87.62 67.08
CA ILE KC 130 -42.56 -88.18 67.49
C ILE KC 130 -43.39 -87.07 68.13
N ILE KC 131 -44.70 -87.34 68.22
CA ILE KC 131 -45.67 -86.41 68.77
C ILE KC 131 -46.46 -87.11 69.87
N LEU KC 132 -46.57 -86.45 71.02
CA LEU KC 132 -47.40 -86.92 72.13
C LEU KC 132 -48.52 -85.92 72.37
N ASP KC 133 -49.75 -86.41 72.44
CA ASP KC 133 -50.91 -85.54 72.55
C ASP KC 133 -51.84 -85.94 73.70
N ASN KC 134 -53.04 -85.35 73.72
CA ASN KC 134 -53.97 -85.57 74.83
C ASN KC 134 -54.30 -87.05 75.02
N ASP KC 135 -54.36 -87.83 73.94
CA ASP KC 135 -54.71 -89.24 74.06
C ASP KC 135 -53.61 -90.04 74.76
N ASP KC 136 -52.34 -89.66 74.55
CA ASP KC 136 -51.24 -90.43 75.12
C ASP KC 136 -51.15 -90.23 76.62
N TYR KC 137 -51.42 -89.01 77.10
CA TYR KC 137 -51.24 -88.68 78.51
C TYR KC 137 -52.29 -89.32 79.39
N SER KC 138 -52.23 -90.64 79.54
CA SER KC 138 -53.10 -91.34 80.47
C SER KC 138 -52.61 -91.12 81.90
N SER KC 139 -53.55 -91.23 82.85
CA SER KC 139 -53.36 -90.81 84.23
C SER KC 139 -53.01 -89.34 84.36
N THR KC 140 -53.09 -88.60 83.24
CA THR KC 140 -52.93 -87.15 83.15
C THR KC 140 -51.51 -86.67 83.48
N ASN KC 141 -50.60 -87.60 83.81
CA ASN KC 141 -49.30 -87.18 84.30
C ASN KC 141 -48.09 -87.93 83.73
N LYS KC 142 -48.27 -89.02 82.98
CA LYS KC 142 -47.09 -89.78 82.57
C LYS KC 142 -47.32 -90.50 81.25
N ILE KC 143 -46.20 -90.76 80.57
CA ILE KC 143 -46.13 -91.54 79.34
C ILE KC 143 -45.29 -92.78 79.59
N GLN KC 144 -45.74 -93.92 79.08
CA GLN KC 144 -44.99 -95.18 79.16
C GLN KC 144 -44.68 -95.65 77.75
N LEU KC 145 -43.39 -95.90 77.49
CA LEU KC 145 -42.91 -96.33 76.18
C LEU KC 145 -41.93 -97.48 76.37
N LYS KC 146 -42.28 -98.66 75.86
CA LYS KC 146 -41.35 -99.77 75.84
C LYS KC 146 -40.57 -99.81 74.53
N VAL KC 147 -39.44 -100.51 74.56
CA VAL KC 147 -38.48 -100.57 73.47
C VAL KC 147 -38.48 -101.99 72.90
N GLU KC 148 -38.54 -102.09 71.58
CA GLU KC 148 -38.49 -103.39 70.93
C GLU KC 148 -37.29 -103.44 70.01
N ALA KC 149 -36.51 -104.52 70.09
CA ALA KC 149 -35.24 -104.64 69.40
C ALA KC 149 -35.23 -105.82 68.45
N TYR KC 150 -34.68 -105.61 67.25
CA TYR KC 150 -34.38 -106.66 66.29
C TYR KC 150 -32.92 -106.52 65.89
N TYR KC 151 -32.22 -107.65 65.79
CA TYR KC 151 -30.77 -107.58 65.65
C TYR KC 151 -30.23 -108.81 64.94
N GLU KC 152 -29.01 -108.68 64.41
CA GLU KC 152 -28.21 -109.79 63.95
C GLU KC 152 -26.76 -109.50 64.30
N ALA KC 153 -26.13 -110.42 65.02
CA ALA KC 153 -24.77 -110.21 65.51
C ALA KC 153 -23.75 -110.56 64.44
N LYS KC 154 -22.57 -109.94 64.54
CA LYS KC 154 -21.48 -110.22 63.63
C LYS KC 154 -20.95 -111.64 63.85
N GLU KC 155 -20.39 -112.21 62.78
CA GLU KC 155 -19.90 -113.59 62.82
C GLU KC 155 -18.59 -113.66 63.57
N GLY KC 156 -18.56 -114.50 64.63
CA GLY KC 156 -17.33 -114.77 65.34
C GLY KC 156 -16.82 -113.65 66.23
N MET KC 157 -17.69 -112.74 66.66
CA MET KC 157 -17.30 -111.63 67.51
C MET KC 157 -17.81 -111.87 68.93
N LEU KC 158 -16.90 -111.79 69.90
CA LEU KC 158 -17.22 -112.01 71.30
C LEU KC 158 -16.91 -110.75 72.10
N PHE KC 159 -17.81 -110.39 73.01
CA PHE KC 159 -17.67 -109.17 73.79
C PHE KC 159 -18.62 -109.24 74.98
N ASP KC 160 -18.47 -108.29 75.89
CA ASP KC 160 -19.34 -108.18 77.05
C ASP KC 160 -19.29 -106.75 77.57
N SER KC 161 -20.32 -106.38 78.33
CA SER KC 161 -20.42 -105.06 78.97
C SER KC 161 -20.36 -103.94 77.93
N LEU KC 162 -21.28 -103.96 76.97
CA LEU KC 162 -21.37 -102.94 75.94
C LEU KC 162 -22.66 -102.15 76.12
N PRO KC 163 -22.59 -100.84 76.36
CA PRO KC 163 -23.81 -100.06 76.60
C PRO KC 163 -24.46 -99.54 75.34
N VAL KC 164 -25.78 -99.35 75.43
CA VAL KC 164 -26.59 -98.73 74.39
C VAL KC 164 -27.25 -97.49 74.98
N ILE KC 165 -27.11 -96.36 74.31
CA ILE KC 165 -27.49 -95.06 74.86
C ILE KC 165 -28.51 -94.41 73.93
N LEU KC 166 -29.55 -93.85 74.52
CA LEU KC 166 -30.56 -93.08 73.79
C LEU KC 166 -30.64 -91.68 74.40
N ASN KC 167 -30.92 -90.69 73.56
CA ASN KC 167 -30.96 -89.29 73.97
C ASN KC 167 -32.29 -88.66 73.58
N PHE KC 168 -32.76 -87.72 74.40
CA PHE KC 168 -34.01 -87.02 74.18
C PHE KC 168 -33.77 -85.51 74.14
N GLN KC 169 -34.47 -84.83 73.24
CA GLN KC 169 -34.40 -83.38 73.15
C GLN KC 169 -35.78 -82.83 72.83
N VAL KC 170 -36.14 -81.75 73.51
CA VAL KC 170 -37.45 -81.11 73.37
C VAL KC 170 -37.34 -80.03 72.30
N LEU KC 171 -38.24 -80.08 71.32
CA LEU KC 171 -38.27 -79.09 70.26
C LEU KC 171 -39.34 -78.03 70.44
N SER KC 172 -40.52 -78.40 70.97
CA SER KC 172 -41.60 -77.46 71.20
C SER KC 172 -42.58 -78.05 72.18
N VAL KC 173 -43.12 -77.21 73.06
CA VAL KC 173 -44.13 -77.62 74.02
C VAL KC 173 -45.24 -76.58 74.05
N SER KC 174 -46.46 -77.04 74.29
CA SER KC 174 -47.61 -76.16 74.36
C SER KC 174 -48.66 -76.69 75.33
N THR LC 26 -32.57 -13.01 107.57
CA THR LC 26 -32.97 -13.19 106.18
C THR LC 26 -32.08 -14.22 105.50
N THR LC 27 -32.46 -15.49 105.59
CA THR LC 27 -31.70 -16.59 105.03
C THR LC 27 -32.56 -17.35 104.02
N GLN LC 28 -31.98 -17.65 102.86
CA GLN LC 28 -32.66 -18.38 101.80
C GLN LC 28 -32.16 -19.82 101.81
N SER LC 29 -33.08 -20.78 101.91
CA SER LC 29 -32.69 -22.17 102.02
C SER LC 29 -32.96 -22.93 100.72
N PRO LC 30 -32.09 -23.87 100.34
CA PRO LC 30 -32.35 -24.66 99.13
C PRO LC 30 -33.31 -25.83 99.35
N LEU LC 31 -33.51 -26.26 100.59
CA LEU LC 31 -34.51 -27.28 100.94
C LEU LC 31 -34.20 -28.62 100.28
N ASN LC 32 -32.95 -29.06 100.38
CA ASN LC 32 -32.55 -30.35 99.83
C ASN LC 32 -31.58 -31.09 100.75
N SER LC 33 -31.56 -30.75 102.03
CA SER LC 33 -30.62 -31.35 102.99
C SER LC 33 -31.29 -32.50 103.75
N PHE LC 34 -31.69 -33.54 103.01
CA PHE LC 34 -32.31 -34.72 103.59
C PHE LC 34 -31.75 -35.96 102.92
N TYR LC 35 -31.41 -36.98 103.72
CA TYR LC 35 -30.78 -38.18 103.19
C TYR LC 35 -31.23 -39.40 103.99
N ALA LC 36 -31.09 -40.57 103.36
CA ALA LC 36 -31.33 -41.86 104.00
C ALA LC 36 -30.38 -42.86 103.37
N THR LC 37 -29.88 -43.80 104.18
CA THR LC 37 -28.78 -44.66 103.76
C THR LC 37 -29.08 -46.13 104.10
N GLY LC 38 -28.72 -47.01 103.18
CA GLY LC 38 -28.77 -48.45 103.41
C GLY LC 38 -27.46 -49.12 103.02
N THR LC 39 -27.42 -50.45 103.03
CA THR LC 39 -26.19 -51.18 102.74
C THR LC 39 -26.54 -52.47 101.99
N ALA LC 40 -25.51 -53.03 101.34
CA ALA LC 40 -25.65 -54.30 100.63
C ALA LC 40 -24.28 -54.97 100.58
N GLN LC 41 -24.29 -56.29 100.35
CA GLN LC 41 -23.05 -57.06 100.32
C GLN LC 41 -23.28 -58.38 99.61
N ALA LC 42 -22.17 -59.02 99.22
CA ALA LC 42 -22.19 -60.36 98.65
C ALA LC 42 -20.79 -60.95 98.84
N VAL LC 43 -20.67 -61.93 99.74
CA VAL LC 43 -19.36 -62.38 100.19
C VAL LC 43 -19.20 -63.90 100.06
N GLN LC 44 -19.90 -64.55 99.13
CA GLN LC 44 -19.72 -65.98 98.94
C GLN LC 44 -20.11 -66.37 97.53
N GLU LC 45 -19.51 -67.47 97.06
CA GLU LC 45 -19.77 -68.02 95.74
C GLU LC 45 -21.08 -68.83 95.74
N PRO LC 46 -21.75 -68.94 94.59
CA PRO LC 46 -23.06 -69.59 94.57
C PRO LC 46 -23.08 -71.03 95.07
N ILE LC 47 -22.06 -71.82 94.74
CA ILE LC 47 -22.07 -73.25 95.03
C ILE LC 47 -20.79 -73.66 95.74
N ASP LC 48 -20.87 -74.82 96.40
CA ASP LC 48 -19.71 -75.47 97.00
C ASP LC 48 -19.75 -76.94 96.59
N VAL LC 49 -18.58 -77.51 96.29
CA VAL LC 49 -18.48 -78.86 95.72
C VAL LC 49 -17.56 -79.69 96.60
N GLU LC 50 -18.01 -80.90 96.94
CA GLU LC 50 -17.23 -81.84 97.74
C GLU LC 50 -17.25 -83.20 97.06
N SER LC 51 -16.12 -83.90 97.09
CA SER LC 51 -15.93 -85.14 96.34
C SER LC 51 -15.85 -86.34 97.28
N HIS LC 52 -16.43 -87.46 96.84
CA HIS LC 52 -16.37 -88.72 97.58
C HIS LC 52 -16.14 -89.90 96.62
N LEU LC 53 -15.21 -89.73 95.68
CA LEU LC 53 -14.88 -90.79 94.73
C LEU LC 53 -13.81 -91.67 95.35
N ASP LC 54 -14.24 -92.76 95.99
CA ASP LC 54 -13.36 -93.64 96.74
C ASP LC 54 -13.44 -95.08 96.24
N ASN LC 55 -13.43 -95.26 94.92
CA ASN LC 55 -13.33 -96.58 94.32
C ASN LC 55 -12.30 -96.55 93.20
N THR LC 56 -11.67 -97.69 92.97
CA THR LC 56 -10.56 -97.80 92.03
C THR LC 56 -10.93 -98.72 90.88
N ILE LC 57 -10.71 -98.26 89.65
CA ILE LC 57 -10.85 -99.11 88.47
C ILE LC 57 -9.61 -99.99 88.40
N ALA LC 58 -9.76 -101.26 88.77
CA ALA LC 58 -8.64 -102.20 88.86
C ALA LC 58 -8.95 -103.47 88.09
N PRO LC 59 -8.89 -103.42 86.76
CA PRO LC 59 -9.03 -104.63 85.95
C PRO LC 59 -7.66 -105.23 85.64
N ALA LC 60 -7.69 -106.39 85.00
CA ALA LC 60 -6.48 -106.98 84.46
C ALA LC 60 -6.11 -106.30 83.15
N ALA LC 61 -4.89 -106.57 82.68
CA ALA LC 61 -4.39 -105.95 81.46
C ALA LC 61 -5.19 -106.44 80.26
N GLY LC 62 -5.75 -105.50 79.49
CA GLY LC 62 -6.48 -105.84 78.30
C GLY LC 62 -7.91 -106.31 78.50
N ALA LC 63 -8.44 -106.20 79.71
CA ALA LC 63 -9.77 -106.70 80.01
C ALA LC 63 -10.84 -105.64 79.76
N GLN LC 64 -12.06 -106.11 79.54
CA GLN LC 64 -13.24 -105.27 79.37
C GLN LC 64 -14.08 -105.36 80.63
N GLY LC 65 -14.45 -104.21 81.19
CA GLY LC 65 -15.06 -104.24 82.51
C GLY LC 65 -16.26 -103.34 82.74
N TYR LC 66 -16.64 -103.20 84.01
CA TYR LC 66 -17.84 -102.50 84.43
C TYR LC 66 -17.72 -102.13 85.90
N LYS LC 67 -17.71 -100.84 86.23
CA LYS LC 67 -17.34 -100.42 87.57
C LYS LC 67 -18.07 -99.12 87.93
N ASP LC 68 -18.34 -98.95 89.21
CA ASP LC 68 -18.85 -97.70 89.77
C ASP LC 68 -17.78 -97.08 90.67
N MET LC 69 -17.89 -95.77 90.90
CA MET LC 69 -16.80 -95.02 91.52
C MET LC 69 -17.18 -94.39 92.87
N GLY LC 70 -18.29 -93.66 92.91
CA GLY LC 70 -18.65 -92.91 94.11
C GLY LC 70 -19.68 -91.86 93.76
N TYR LC 71 -19.72 -90.81 94.58
CA TYR LC 71 -20.69 -89.73 94.37
C TYR LC 71 -20.07 -88.40 94.76
N VAL LC 72 -20.67 -87.32 94.25
CA VAL LC 72 -20.19 -85.96 94.47
C VAL LC 72 -21.34 -85.12 95.01
N LYS LC 73 -21.02 -84.26 95.99
CA LYS LC 73 -22.02 -83.41 96.63
C LYS LC 73 -21.87 -81.96 96.17
N ILE LC 74 -23.01 -81.32 95.91
CA ILE LC 74 -23.07 -79.92 95.51
C ILE LC 74 -23.97 -79.18 96.50
N ILE LC 75 -23.52 -78.02 96.96
CA ILE LC 75 -24.25 -77.23 97.95
C ILE LC 75 -24.59 -75.88 97.34
N ASN LC 76 -25.85 -75.47 97.49
CA ASN LC 76 -26.38 -74.24 96.91
C ASN LC 76 -26.83 -73.28 98.01
N TYR LC 77 -26.60 -71.99 97.78
CA TYR LC 77 -26.63 -70.96 98.81
C TYR LC 77 -27.74 -69.94 98.54
N THR LC 78 -27.73 -68.86 99.32
CA THR LC 78 -28.86 -67.95 99.45
C THR LC 78 -29.32 -67.41 98.09
N ASP LC 79 -30.63 -67.41 97.88
CA ASP LC 79 -31.28 -66.82 96.71
C ASP LC 79 -30.87 -67.50 95.40
N VAL LC 80 -30.49 -68.78 95.46
CA VAL LC 80 -30.12 -69.56 94.30
C VAL LC 80 -31.21 -70.59 94.05
N ASN LC 81 -31.68 -70.67 92.81
CA ASN LC 81 -32.72 -71.62 92.44
C ASN LC 81 -32.32 -72.55 91.29
N VAL LC 82 -31.62 -72.03 90.28
CA VAL LC 82 -31.25 -72.81 89.11
C VAL LC 82 -29.78 -72.56 88.81
N VAL LC 83 -29.03 -73.63 88.54
CA VAL LC 83 -27.60 -73.56 88.27
C VAL LC 83 -27.31 -74.27 86.95
N LYS LC 84 -26.51 -73.61 86.10
CA LYS LC 84 -26.03 -74.19 84.86
C LYS LC 84 -24.54 -74.52 85.01
N LEU LC 85 -24.17 -75.75 84.70
CA LEU LC 85 -22.83 -76.25 84.96
C LEU LC 85 -22.23 -76.85 83.69
N LYS LC 86 -20.90 -76.85 83.65
CA LYS LC 86 -20.13 -77.49 82.59
C LYS LC 86 -19.11 -78.42 83.22
N VAL LC 87 -19.11 -79.68 82.80
CA VAL LC 87 -18.23 -80.70 83.35
C VAL LC 87 -17.34 -81.24 82.25
N THR LC 88 -16.05 -81.35 82.53
CA THR LC 88 -15.07 -81.79 81.55
C THR LC 88 -14.04 -82.70 82.21
N LEU LC 89 -13.34 -83.46 81.38
CA LEU LC 89 -12.24 -84.31 81.82
C LEU LC 89 -10.94 -83.52 81.66
N ALA LC 90 -10.29 -83.21 82.78
CA ALA LC 90 -9.13 -82.32 82.76
C ALA LC 90 -7.89 -83.01 82.19
N ASN LC 91 -7.70 -84.29 82.48
CA ASN LC 91 -6.48 -84.98 82.08
C ASN LC 91 -6.77 -86.10 81.08
N ALA LC 92 -7.62 -85.81 80.08
CA ALA LC 92 -7.94 -86.82 79.08
C ALA LC 92 -6.71 -87.18 78.23
N ALA LC 93 -5.84 -86.21 77.98
CA ALA LC 93 -4.66 -86.48 77.17
C ALA LC 93 -3.73 -87.48 77.83
N GLN LC 94 -3.58 -87.38 79.16
CA GLN LC 94 -2.71 -88.32 79.88
C GLN LC 94 -3.27 -89.73 79.88
N LEU LC 95 -4.59 -89.88 79.90
CA LEU LC 95 -5.23 -91.18 79.97
C LEU LC 95 -5.32 -91.89 78.62
N ARG LC 96 -5.05 -91.18 77.52
CA ARG LC 96 -5.17 -91.81 76.20
C ARG LC 96 -4.27 -93.02 75.99
N PRO LC 97 -2.97 -92.99 76.32
CA PRO LC 97 -2.13 -94.18 76.06
C PRO LC 97 -2.51 -95.41 76.88
N TYR LC 98 -3.34 -95.26 77.91
CA TYR LC 98 -3.66 -96.37 78.80
C TYR LC 98 -4.99 -97.04 78.49
N PHE LC 99 -5.84 -96.45 77.66
CA PHE LC 99 -7.17 -96.97 77.42
C PHE LC 99 -7.52 -96.92 75.94
N LYS LC 100 -8.24 -97.94 75.48
CA LYS LC 100 -8.86 -97.86 74.16
C LYS LC 100 -10.11 -96.99 74.19
N TYR LC 101 -10.90 -97.09 75.26
CA TYR LC 101 -12.05 -96.22 75.44
C TYR LC 101 -12.39 -96.17 76.92
N LEU LC 102 -13.05 -95.09 77.33
CA LEU LC 102 -13.45 -94.89 78.71
C LEU LC 102 -14.63 -93.92 78.73
N GLN LC 103 -15.74 -94.35 79.31
CA GLN LC 103 -16.96 -93.56 79.33
C GLN LC 103 -17.45 -93.40 80.77
N LEU LC 104 -17.88 -92.18 81.10
CA LEU LC 104 -18.39 -91.85 82.42
C LEU LC 104 -19.85 -91.43 82.31
N VAL LC 105 -20.70 -91.97 83.18
CA VAL LC 105 -22.13 -91.71 83.19
C VAL LC 105 -22.48 -91.03 84.50
N LEU LC 106 -23.14 -89.87 84.41
CA LEU LC 106 -23.55 -89.10 85.58
C LEU LC 106 -25.06 -89.11 85.69
N THR LC 107 -25.57 -89.45 86.87
CA THR LC 107 -27.00 -89.51 87.12
C THR LC 107 -27.36 -88.73 88.38
N SER LC 108 -28.47 -88.00 88.32
CA SER LC 108 -28.98 -87.28 89.47
C SER LC 108 -29.98 -88.19 90.19
N ASN LC 109 -29.83 -88.30 91.51
CA ASN LC 109 -30.55 -89.28 92.32
C ASN LC 109 -31.08 -88.63 93.61
N ALA LC 110 -30.61 -87.43 93.94
CA ALA LC 110 -30.89 -86.82 95.25
C ALA LC 110 -32.39 -86.78 95.55
N SER LC 111 -33.23 -86.71 94.52
CA SER LC 111 -34.66 -86.92 94.66
C SER LC 111 -34.97 -88.40 94.52
N SER LC 112 -35.54 -88.99 95.57
CA SER LC 112 -35.84 -90.41 95.56
C SER LC 112 -36.90 -90.78 94.53
N THR LC 113 -37.67 -89.80 94.06
CA THR LC 113 -38.71 -90.05 93.06
C THR LC 113 -38.23 -89.86 91.63
N VAL LC 114 -37.25 -88.99 91.40
CA VAL LC 114 -36.79 -88.64 90.06
C VAL LC 114 -35.31 -88.97 89.96
N GLU LC 115 -34.99 -90.12 89.35
CA GLU LC 115 -33.64 -90.46 88.96
C GLU LC 115 -33.45 -90.11 87.49
N GLU LC 116 -32.39 -89.36 87.18
CA GLU LC 116 -32.12 -88.95 85.82
C GLU LC 116 -30.63 -88.99 85.52
N THR LC 117 -30.28 -89.57 84.37
CA THR LC 117 -28.93 -89.46 83.83
C THR LC 117 -28.82 -88.16 83.05
N LYS LC 118 -27.78 -87.38 83.36
CA LYS LC 118 -27.64 -86.03 82.80
C LYS LC 118 -26.62 -85.91 81.68
N ALA LC 119 -25.49 -86.61 81.78
CA ALA LC 119 -24.45 -86.47 80.76
C ALA LC 119 -23.64 -87.75 80.68
N VAL LC 120 -23.00 -87.94 79.53
CA VAL LC 120 -22.06 -89.03 79.30
C VAL LC 120 -20.76 -88.42 78.78
N LEU LC 121 -19.65 -88.73 79.44
CA LEU LC 121 -18.35 -88.21 79.08
C LEU LC 121 -17.47 -89.32 78.53
N SER LC 122 -16.59 -88.97 77.60
CA SER LC 122 -15.71 -89.92 76.96
C SER LC 122 -14.40 -89.24 76.61
N LEU LC 123 -13.41 -90.05 76.21
CA LEU LC 123 -12.10 -89.51 75.86
C LEU LC 123 -12.13 -88.74 74.56
N LYS LC 124 -13.12 -88.99 73.70
CA LYS LC 124 -13.24 -88.25 72.44
C LYS LC 124 -14.08 -87.00 72.56
N LYS LC 125 -15.07 -87.00 73.46
CA LYS LC 125 -15.92 -85.83 73.72
C LYS LC 125 -15.92 -85.60 75.23
N PRO LC 126 -14.92 -84.88 75.75
CA PRO LC 126 -14.74 -84.81 77.21
C PRO LC 126 -15.67 -83.85 77.93
N SER LC 127 -16.38 -82.96 77.23
CA SER LC 127 -17.13 -81.90 77.87
C SER LC 127 -18.62 -82.08 77.65
N ALA LC 128 -19.41 -81.62 78.62
CA ALA LC 128 -20.87 -81.66 78.55
C ALA LC 128 -21.43 -80.55 79.41
N VAL LC 129 -22.69 -80.20 79.13
CA VAL LC 129 -23.41 -79.15 79.85
C VAL LC 129 -24.69 -79.75 80.40
N ILE LC 130 -24.94 -79.52 81.70
CA ILE LC 130 -26.10 -80.08 82.39
C ILE LC 130 -26.87 -78.96 83.06
N ILE LC 131 -28.12 -79.27 83.42
CA ILE LC 131 -29.03 -78.32 84.05
C ILE LC 131 -29.56 -78.94 85.33
N LEU LC 132 -29.50 -78.19 86.43
CA LEU LC 132 -30.09 -78.58 87.70
C LEU LC 132 -31.20 -77.60 88.06
N ASP LC 133 -32.38 -78.14 88.39
CA ASP LC 133 -33.55 -77.31 88.64
C ASP LC 133 -34.23 -77.62 89.96
N ASN LC 134 -35.43 -77.10 90.16
CA ASN LC 134 -36.13 -77.24 91.44
C ASN LC 134 -36.34 -78.70 91.82
N ASP LC 135 -36.55 -79.58 90.83
CA ASP LC 135 -36.79 -80.98 91.14
C ASP LC 135 -35.54 -81.67 91.69
N ASP LC 136 -34.36 -81.26 91.22
CA ASP LC 136 -33.13 -81.93 91.64
C ASP LC 136 -32.78 -81.59 93.09
N TYR LC 137 -33.03 -80.35 93.49
CA TYR LC 137 -32.61 -79.86 94.81
C TYR LC 137 -33.46 -80.46 95.93
N SER LC 138 -33.30 -81.76 96.17
CA SER LC 138 -33.94 -82.39 97.31
C SER LC 138 -33.22 -82.02 98.60
N SER LC 139 -33.96 -82.06 99.70
CA SER LC 139 -33.55 -81.52 101.00
C SER LC 139 -33.27 -80.02 100.92
N THR LC 140 -33.59 -79.40 99.78
CA THR LC 140 -33.53 -77.96 99.54
C THR LC 140 -32.10 -77.41 99.55
N ASN LC 141 -31.10 -78.25 99.78
CA ASN LC 141 -29.76 -77.74 99.99
C ASN LC 141 -28.63 -78.49 99.27
N LYS LC 142 -28.87 -79.65 98.67
CA LYS LC 142 -27.75 -80.40 98.13
C LYS LC 142 -28.16 -81.25 96.93
N ILE LC 143 -27.17 -81.54 96.08
CA ILE LC 143 -27.29 -82.43 94.93
C ILE LC 143 -26.34 -83.61 95.14
N GLN LC 144 -26.82 -84.81 94.82
CA GLN LC 144 -26.01 -86.02 94.88
C GLN LC 144 -25.91 -86.61 93.47
N LEU LC 145 -24.69 -86.83 93.00
CA LEU LC 145 -24.42 -87.37 91.67
C LEU LC 145 -23.36 -88.46 91.77
N LYS LC 146 -23.74 -89.69 91.45
CA LYS LC 146 -22.76 -90.77 91.35
C LYS LC 146 -22.22 -90.90 89.92
N VAL LC 147 -21.07 -91.55 89.82
CA VAL LC 147 -20.33 -91.67 88.57
C VAL LC 147 -20.35 -93.14 88.15
N GLU LC 148 -20.63 -93.38 86.86
CA GLU LC 148 -20.63 -94.73 86.33
C GLU LC 148 -19.61 -94.82 85.21
N ALA LC 149 -18.77 -95.85 85.25
CA ALA LC 149 -17.64 -95.98 84.35
C ALA LC 149 -17.74 -97.26 83.52
N TYR LC 150 -17.43 -97.14 82.23
CA TYR LC 150 -17.24 -98.27 81.33
C TYR LC 150 -15.88 -98.10 80.66
N TYR LC 151 -15.15 -99.22 80.52
CA TYR LC 151 -13.76 -99.11 80.11
C TYR LC 151 -13.29 -100.38 79.43
N GLU LC 152 -12.20 -100.24 78.68
CA GLU LC 152 -11.42 -101.36 78.17
C GLU LC 152 -9.95 -100.98 78.23
N ALA LC 153 -9.15 -101.80 78.89
CA ALA LC 153 -7.74 -101.49 79.11
C ALA LC 153 -6.90 -101.90 77.90
N LYS LC 154 -5.77 -101.23 77.73
CA LYS LC 154 -4.84 -101.55 76.66
C LYS LC 154 -4.21 -102.92 76.90
N GLU LC 155 -3.81 -103.57 75.80
CA GLU LC 155 -3.26 -104.92 75.86
C GLU LC 155 -1.82 -104.88 76.38
N GLY LC 156 -1.56 -105.60 77.47
CA GLY LC 156 -0.21 -105.74 77.96
C GLY LC 156 0.38 -104.53 78.65
N MET LC 157 -0.44 -103.62 79.15
CA MET LC 157 0.03 -102.41 79.82
C MET LC 157 -0.20 -102.54 81.32
N LEU LC 158 0.86 -102.32 82.09
CA LEU LC 158 0.81 -102.42 83.54
C LEU LC 158 1.19 -101.08 84.15
N PHE LC 159 0.45 -100.67 85.18
CA PHE LC 159 0.65 -99.38 85.82
C PHE LC 159 -0.05 -99.38 87.16
N ASP LC 160 0.21 -98.32 87.94
CA ASP LC 160 -0.45 -98.14 89.22
C ASP LC 160 -0.38 -96.66 89.60
N SER LC 161 -1.29 -96.26 90.49
CA SER LC 161 -1.35 -94.90 91.02
C SER LC 161 -1.53 -93.88 89.90
N LEU LC 162 -2.61 -94.03 89.14
CA LEU LC 162 -2.94 -93.12 88.06
C LEU LC 162 -4.22 -92.36 88.39
N PRO LC 163 -4.18 -91.04 88.49
CA PRO LC 163 -5.38 -90.29 88.90
C PRO LC 163 -6.28 -89.91 87.73
N VAL LC 164 -7.57 -89.77 88.05
CA VAL LC 164 -8.58 -89.30 87.12
C VAL LC 164 -9.19 -88.03 87.71
N ILE LC 165 -9.24 -86.96 86.93
CA ILE LC 165 -9.58 -85.63 87.42
C ILE LC 165 -10.79 -85.11 86.64
N LEU LC 166 -11.75 -84.54 87.37
CA LEU LC 166 -12.91 -83.88 86.78
C LEU LC 166 -12.96 -82.43 87.25
N ASN LC 167 -13.44 -81.54 86.39
CA ASN LC 167 -13.48 -80.12 86.69
C ASN LC 167 -14.90 -79.59 86.50
N PHE LC 168 -15.25 -78.58 87.30
CA PHE LC 168 -16.57 -77.95 87.26
C PHE LC 168 -16.43 -76.45 87.04
N GLN LC 169 -17.31 -75.89 86.23
CA GLN LC 169 -17.34 -74.45 85.99
C GLN LC 169 -18.78 -73.99 85.90
N VAL LC 170 -19.08 -72.86 86.53
CA VAL LC 170 -20.42 -72.29 86.57
C VAL LC 170 -20.57 -71.32 85.42
N LEU LC 171 -21.63 -71.49 84.62
CA LEU LC 171 -21.91 -70.62 83.49
C LEU LC 171 -22.99 -69.58 83.79
N SER LC 172 -24.01 -69.96 84.55
CA SER LC 172 -25.09 -69.02 84.89
C SER LC 172 -25.84 -69.57 86.09
N VAL LC 173 -26.28 -68.67 86.97
CA VAL LC 173 -27.06 -69.02 88.15
C VAL LC 173 -28.20 -68.03 88.28
N SER LC 174 -29.33 -68.51 88.79
CA SER LC 174 -30.51 -67.67 88.98
C SER LC 174 -31.34 -68.15 90.16
N THR MC 26 -13.33 -1.07 113.18
CA THR MC 26 -13.96 -1.39 111.91
C THR MC 26 -13.14 -2.45 111.16
N THR MC 27 -13.44 -3.71 111.43
CA THR MC 27 -12.73 -4.83 110.84
C THR MC 27 -13.71 -5.72 110.08
N GLN MC 28 -13.34 -6.11 108.87
CA GLN MC 28 -14.15 -6.97 108.03
C GLN MC 28 -13.58 -8.38 108.06
N SER MC 29 -14.41 -9.35 108.41
CA SER MC 29 -13.91 -10.72 108.56
C SER MC 29 -14.39 -11.60 107.41
N PRO MC 30 -13.55 -12.55 106.97
CA PRO MC 30 -13.97 -13.47 105.90
C PRO MC 30 -14.80 -14.64 106.38
N LEU MC 31 -14.76 -14.95 107.69
CA LEU MC 31 -15.62 -15.97 108.30
C LEU MC 31 -15.36 -17.36 107.71
N ASN MC 32 -14.08 -17.73 107.62
CA ASN MC 32 -13.73 -19.06 107.12
C ASN MC 32 -12.56 -19.66 107.90
N SER MC 33 -12.33 -19.20 109.13
CA SER MC 33 -11.20 -19.67 109.94
C SER MC 33 -11.66 -20.77 110.91
N PHE MC 34 -12.12 -21.88 110.36
CA PHE MC 34 -12.56 -23.02 111.14
C PHE MC 34 -12.06 -24.31 110.49
N TYR MC 35 -11.52 -25.22 111.29
CA TYR MC 35 -10.94 -26.45 110.77
C TYR MC 35 -11.17 -27.60 111.74
N ALA MC 36 -11.07 -28.82 111.20
CA ALA MC 36 -11.12 -30.05 111.99
C ALA MC 36 -10.24 -31.08 111.28
N THR MC 37 -9.56 -31.90 112.06
CA THR MC 37 -8.51 -32.77 111.53
C THR MC 37 -8.66 -34.20 112.04
N GLY MC 38 -8.42 -35.16 111.15
CA GLY MC 38 -8.34 -36.56 111.50
C GLY MC 38 -7.10 -37.22 110.95
N THR MC 39 -6.98 -38.53 111.07
CA THR MC 39 -5.78 -39.25 110.62
C THR MC 39 -6.17 -40.62 110.07
N ALA MC 40 -5.26 -41.19 109.29
CA ALA MC 40 -5.45 -42.52 108.73
C ALA MC 40 -4.07 -43.14 108.49
N GLN MC 41 -4.05 -44.48 108.38
CA GLN MC 41 -2.80 -45.20 108.20
C GLN MC 41 -3.07 -46.59 107.66
N ALA MC 42 -2.02 -47.21 107.13
CA ALA MC 42 -2.06 -48.60 106.69
C ALA MC 42 -0.63 -49.12 106.68
N VAL MC 43 -0.29 -50.00 107.61
CA VAL MC 43 1.10 -50.36 107.85
C VAL MC 43 1.33 -51.87 107.84
N GLN MC 44 0.50 -52.64 107.11
CA GLN MC 44 0.73 -54.07 107.02
C GLN MC 44 0.11 -54.61 105.74
N GLU MC 45 0.68 -55.73 105.26
CA GLU MC 45 0.21 -56.41 104.07
C GLU MC 45 -1.02 -57.27 104.39
N PRO MC 46 -1.87 -57.52 103.39
CA PRO MC 46 -3.14 -58.22 103.67
C PRO MC 46 -2.97 -59.60 104.28
N ILE MC 47 -1.99 -60.38 103.85
CA ILE MC 47 -1.88 -61.77 104.26
C ILE MC 47 -0.47 -62.07 104.75
N ASP MC 48 -0.36 -63.16 105.50
CA ASP MC 48 0.92 -63.70 105.95
C ASP MC 48 0.90 -65.20 105.68
N VAL MC 49 2.02 -65.75 105.22
CA VAL MC 49 2.10 -67.14 104.77
C VAL MC 49 3.20 -67.86 105.53
N GLU MC 50 2.89 -69.04 106.05
CA GLU MC 50 3.86 -69.87 106.77
C GLU MC 50 3.79 -71.28 106.23
N SER MC 51 4.94 -71.93 106.11
CA SER MC 51 5.07 -73.23 105.45
C SER MC 51 5.38 -74.33 106.46
N HIS MC 52 4.80 -75.51 106.24
CA HIS MC 52 5.05 -76.70 107.06
C HIS MC 52 5.17 -77.94 106.18
N LEU MC 53 5.91 -77.83 105.08
CA LEU MC 53 6.13 -78.96 104.18
C LEU MC 53 7.34 -79.73 104.67
N ASP MC 54 7.09 -80.77 105.46
CA ASP MC 54 8.14 -81.54 106.12
C ASP MC 54 8.05 -83.03 105.77
N ASN MC 55 7.84 -83.34 104.50
CA ASN MC 55 7.90 -84.71 104.00
C ASN MC 55 8.71 -84.74 102.72
N THR MC 56 9.37 -85.87 102.47
CA THR MC 56 10.28 -86.02 101.35
C THR MC 56 9.76 -87.06 100.38
N ILE MC 57 9.73 -86.72 99.10
CA ILE MC 57 9.43 -87.67 98.04
C ILE MC 57 10.68 -88.53 97.82
N ALA MC 58 10.68 -89.76 98.33
CA ALA MC 58 11.84 -90.63 98.29
C ALA MC 58 11.47 -91.99 97.70
N PRO MC 59 11.29 -92.06 96.39
CA PRO MC 59 11.08 -93.35 95.73
C PRO MC 59 12.40 -93.92 95.21
N ALA MC 60 12.31 -95.14 94.70
CA ALA MC 60 13.44 -95.73 94.00
C ALA MC 60 13.53 -95.16 92.59
N ALA MC 61 14.66 -95.43 91.94
CA ALA MC 61 14.90 -94.91 90.60
C ALA MC 61 13.92 -95.55 89.60
N GLY MC 62 13.18 -94.71 88.88
CA GLY MC 62 12.26 -95.19 87.86
C GLY MC 62 10.93 -95.69 88.38
N ALA MC 63 10.62 -95.48 89.65
CA ALA MC 63 9.40 -96.00 90.23
C ALA MC 63 8.24 -95.02 90.09
N GLN MC 64 7.03 -95.56 90.13
CA GLN MC 64 5.79 -94.78 90.11
C GLN MC 64 5.19 -94.79 91.52
N GLY MC 65 4.86 -93.61 92.04
CA GLY MC 65 4.52 -93.52 93.44
C GLY MC 65 3.32 -92.66 93.80
N TYR MC 66 3.17 -92.41 95.10
CA TYR MC 66 2.02 -91.72 95.67
C TYR MC 66 2.39 -91.21 97.06
N LYS MC 67 2.39 -89.89 97.26
CA LYS MC 67 2.96 -89.33 98.48
C LYS MC 67 2.24 -88.04 98.84
N ASP MC 68 2.20 -87.75 100.14
CA ASP MC 68 1.73 -86.48 100.66
C ASP MC 68 2.89 -85.73 101.29
N MET MC 69 2.76 -84.41 101.43
CA MET MC 69 3.90 -83.55 101.77
C MET MC 69 3.73 -82.81 103.09
N GLY MC 70 2.61 -82.13 103.28
CA GLY MC 70 2.43 -81.28 104.45
C GLY MC 70 1.30 -80.31 104.22
N TYR MC 71 1.34 -79.19 104.93
CA TYR MC 71 0.30 -78.18 104.80
C TYR MC 71 0.90 -76.79 104.95
N VAL MC 72 0.15 -75.79 104.48
CA VAL MC 72 0.59 -74.39 104.47
C VAL MC 72 -0.49 -73.55 105.14
N LYS MC 73 -0.05 -72.58 105.96
CA LYS MC 73 -0.96 -71.72 106.71
C LYS MC 73 -0.98 -70.33 106.11
N ILE MC 74 -2.18 -69.75 106.01
CA ILE MC 74 -2.39 -68.40 105.50
C ILE MC 74 -3.14 -67.60 106.57
N ILE MC 75 -2.68 -66.38 106.84
CA ILE MC 75 -3.25 -65.53 107.87
C ILE MC 75 -3.79 -64.27 107.21
N ASN MC 76 -5.02 -63.89 107.55
CA ASN MC 76 -5.70 -62.74 106.98
C ASN MC 76 -6.01 -61.70 108.06
N TYR MC 77 -5.90 -60.43 107.67
CA TYR MC 77 -5.80 -59.31 108.60
C TYR MC 77 -7.00 -58.37 108.44
N THR MC 78 -6.90 -57.22 109.11
CA THR MC 78 -8.05 -56.34 109.37
C THR MC 78 -8.76 -55.95 108.08
N ASP MC 79 -10.09 -56.02 108.10
CA ASP MC 79 -10.98 -55.58 107.03
C ASP MC 79 -10.77 -56.37 105.74
N VAL MC 80 -10.31 -57.61 105.85
CA VAL MC 80 -10.11 -58.49 104.70
C VAL MC 80 -11.18 -59.58 104.74
N ASN MC 81 -11.85 -59.80 103.62
CA ASN MC 81 -12.88 -60.82 103.54
C ASN MC 81 -12.65 -61.84 102.42
N VAL MC 82 -12.18 -61.40 101.26
CA VAL MC 82 -11.98 -62.27 100.11
C VAL MC 82 -10.60 -61.99 99.52
N VAL MC 83 -9.86 -63.06 99.21
CA VAL MC 83 -8.50 -62.95 98.68
C VAL MC 83 -8.42 -63.77 97.40
N LYS MC 84 -7.82 -63.17 96.38
CA LYS MC 84 -7.53 -63.85 95.11
C LYS MC 84 -6.03 -64.10 95.01
N LEU MC 85 -5.66 -65.35 94.75
CA LEU MC 85 -4.26 -65.77 94.79
C LEU MC 85 -3.86 -66.46 93.51
N LYS MC 86 -2.56 -66.40 93.21
CA LYS MC 86 -1.96 -67.11 92.09
C LYS MC 86 -0.80 -67.94 92.60
N VAL MC 87 -0.80 -69.23 92.30
CA VAL MC 87 0.21 -70.17 92.78
C VAL MC 87 0.92 -70.77 91.57
N THR MC 88 2.26 -70.81 91.63
CA THR MC 88 3.06 -71.30 90.53
C THR MC 88 4.25 -72.09 91.06
N LEU MC 89 4.82 -72.90 90.19
CA LEU MC 89 6.04 -73.65 90.49
C LEU MC 89 7.24 -72.83 90.02
N ALA MC 90 8.06 -72.40 90.97
CA ALA MC 90 9.14 -71.47 90.66
C ALA MC 90 10.29 -72.16 89.94
N ASN MC 91 10.60 -73.40 90.29
CA ASN MC 91 11.77 -74.08 89.74
C ASN MC 91 11.38 -75.30 88.91
N ALA MC 92 10.35 -75.14 88.07
CA ALA MC 92 9.91 -76.25 87.23
C ALA MC 92 10.98 -76.65 86.21
N ALA MC 93 11.74 -75.67 85.71
CA ALA MC 93 12.77 -75.97 84.72
C ALA MC 93 13.85 -76.87 85.29
N GLN MC 94 14.24 -76.64 86.55
CA GLN MC 94 15.27 -77.46 87.18
C GLN MC 94 14.80 -78.89 87.40
N LEU MC 95 13.51 -79.08 87.69
CA LEU MC 95 12.97 -80.40 87.99
C LEU MC 95 12.67 -81.24 86.74
N ARG MC 96 12.72 -80.64 85.55
CA ARG MC 96 12.39 -81.38 84.34
C ARG MC 96 13.30 -82.58 84.08
N PRO MC 97 14.64 -82.46 84.16
CA PRO MC 97 15.48 -83.64 83.85
C PRO MC 97 15.33 -84.79 84.83
N TYR MC 98 14.69 -84.58 85.98
CA TYR MC 98 14.60 -85.60 87.01
C TYR MC 98 13.27 -86.36 87.02
N PHE MC 99 12.27 -85.89 86.30
CA PHE MC 99 10.93 -86.48 86.36
C PHE MC 99 10.33 -86.58 84.97
N LYS MC 100 9.60 -87.68 84.73
CA LYS MC 100 8.74 -87.75 83.56
C LYS MC 100 7.48 -86.92 83.74
N TYR MC 101 6.89 -86.95 84.93
CA TYR MC 101 5.74 -86.11 85.26
C TYR MC 101 5.67 -85.93 86.77
N LEU MC 102 5.05 -84.84 87.18
CA LEU MC 102 4.87 -84.53 88.59
C LEU MC 102 3.67 -83.61 88.74
N GLN MC 103 2.71 -84.03 89.55
CA GLN MC 103 1.47 -83.28 89.74
C GLN MC 103 1.24 -83.01 91.21
N LEU MC 104 0.80 -81.79 91.50
CA LEU MC 104 0.52 -81.36 92.87
C LEU MC 104 -0.95 -80.99 92.99
N VAL MC 105 -1.59 -81.49 94.05
CA VAL MC 105 -3.01 -81.28 94.29
C VAL MC 105 -3.17 -80.48 95.58
N LEU MC 106 -3.89 -79.37 95.52
CA LEU MC 106 -4.12 -78.50 96.67
C LEU MC 106 -5.59 -78.56 97.05
N THR MC 107 -5.86 -78.81 98.34
CA THR MC 107 -7.21 -78.90 98.85
C THR MC 107 -7.39 -78.02 100.08
N SER MC 108 -8.52 -77.33 100.16
CA SER MC 108 -8.87 -76.54 101.33
C SER MC 108 -9.67 -77.42 102.29
N ASN MC 109 -9.27 -77.39 103.57
CA ASN MC 109 -9.78 -78.31 104.58
C ASN MC 109 -10.11 -77.56 105.88
N ALA MC 110 -9.66 -76.32 106.01
CA ALA MC 110 -9.74 -75.60 107.28
C ALA MC 110 -11.15 -75.59 107.86
N SER MC 111 -12.16 -75.65 107.00
CA SER MC 111 -13.53 -75.90 107.42
C SER MC 111 -13.77 -77.40 107.47
N SER MC 112 -14.11 -77.91 108.65
CA SER MC 112 -14.34 -79.35 108.81
C SER MC 112 -15.55 -79.84 108.03
N THR MC 113 -16.44 -78.94 107.63
CA THR MC 113 -17.62 -79.33 106.87
C THR MC 113 -17.41 -79.26 105.36
N VAL MC 114 -16.54 -78.37 104.89
CA VAL MC 114 -16.35 -78.14 103.45
C VAL MC 114 -14.89 -78.43 103.11
N GLU MC 115 -14.63 -79.61 102.56
CA GLU MC 115 -13.35 -79.93 101.96
C GLU MC 115 -13.45 -79.72 100.45
N GLU MC 116 -12.51 -78.96 99.90
CA GLU MC 116 -12.51 -78.67 98.47
C GLU MC 116 -11.10 -78.68 97.91
N THR MC 117 -10.93 -79.37 96.77
CA THR MC 117 -9.71 -79.25 95.98
C THR MC 117 -9.81 -78.02 95.09
N LYS MC 118 -8.78 -77.18 95.12
CA LYS MC 118 -8.82 -75.89 94.43
C LYS MC 118 -8.02 -75.84 93.14
N ALA MC 119 -6.86 -76.47 93.09
CA ALA MC 119 -6.04 -76.39 91.89
C ALA MC 119 -5.17 -77.64 91.77
N VAL MC 120 -4.74 -77.92 90.54
CA VAL MC 120 -3.80 -78.99 90.24
C VAL MC 120 -2.65 -78.38 89.45
N LEU MC 121 -1.42 -78.58 89.92
CA LEU MC 121 -0.24 -78.04 89.27
C LEU MC 121 0.58 -79.17 88.67
N SER MC 122 1.26 -78.87 87.56
CA SER MC 122 2.06 -79.85 86.86
C SER MC 122 3.25 -79.15 86.22
N LEU MC 123 4.20 -79.96 85.72
CA LEU MC 123 5.39 -79.41 85.10
C LEU MC 123 5.09 -78.77 83.74
N LYS MC 124 3.98 -79.13 83.11
CA LYS MC 124 3.58 -78.53 81.84
C LYS MC 124 2.71 -77.30 82.00
N LYS MC 125 1.90 -77.25 83.05
CA LYS MC 125 1.05 -76.11 83.37
C LYS MC 125 1.31 -75.73 84.82
N PRO MC 126 2.34 -74.92 85.08
CA PRO MC 126 2.77 -74.71 86.47
C PRO MC 126 1.93 -73.71 87.27
N SER MC 127 1.07 -72.93 86.64
CA SER MC 127 0.39 -71.84 87.30
C SER MC 127 -1.12 -72.10 87.38
N ALA MC 128 -1.73 -71.57 88.43
CA ALA MC 128 -3.17 -71.69 88.64
C ALA MC 128 -3.64 -70.52 89.49
N VAL MC 129 -4.95 -70.24 89.42
CA VAL MC 129 -5.58 -69.16 90.16
C VAL MC 129 -6.71 -69.75 91.00
N ILE MC 130 -6.73 -69.42 92.28
CA ILE MC 130 -7.72 -69.95 93.22
C ILE MC 130 -8.42 -68.80 93.92
N ILE MC 131 -9.56 -69.12 94.54
CA ILE MC 131 -10.40 -68.16 95.24
C ILE MC 131 -10.65 -68.67 96.65
N LEU MC 132 -10.44 -67.81 97.64
CA LEU MC 132 -10.76 -68.09 99.03
C LEU MC 132 -11.84 -67.14 99.49
N ASP MC 133 -12.91 -67.69 100.09
CA ASP MC 133 -14.06 -66.88 100.47
C ASP MC 133 -14.47 -67.10 101.93
N ASN MC 134 -15.66 -66.60 102.29
CA ASN MC 134 -16.11 -66.64 103.68
C ASN MC 134 -16.16 -68.07 104.23
N ASP MC 135 -16.49 -69.04 103.37
CA ASP MC 135 -16.59 -70.42 103.84
C ASP MC 135 -15.23 -71.00 104.21
N ASP MC 136 -14.17 -70.61 103.49
CA ASP MC 136 -12.85 -71.17 103.74
C ASP MC 136 -12.27 -70.68 105.06
N TYR MC 137 -12.50 -69.41 105.40
CA TYR MC 137 -11.89 -68.78 106.56
C TYR MC 137 -12.48 -69.30 107.86
N SER MC 138 -12.21 -70.56 108.20
CA SER MC 138 -12.60 -71.11 109.48
C SER MC 138 -11.68 -70.59 110.58
N SER MC 139 -12.21 -70.56 111.80
CA SER MC 139 -11.61 -69.87 112.94
C SER MC 139 -11.43 -68.38 112.68
N THR MC 140 -11.98 -67.88 111.57
CA THR MC 140 -12.05 -66.48 111.19
C THR MC 140 -10.68 -65.87 110.90
N ASN MC 141 -9.61 -66.64 111.01
CA ASN MC 141 -8.27 -66.06 110.93
C ASN MC 141 -7.25 -66.83 110.08
N LYS MC 142 -7.55 -68.06 109.63
CA LYS MC 142 -6.50 -68.81 108.96
C LYS MC 142 -7.07 -69.79 107.95
N ILE MC 143 -6.23 -70.12 106.96
CA ILE MC 143 -6.49 -71.12 105.93
C ILE MC 143 -5.46 -72.23 106.06
N GLN MC 144 -5.92 -73.48 105.94
CA GLN MC 144 -5.05 -74.64 105.95
C GLN MC 144 -5.17 -75.37 104.62
N LEU MC 145 -4.04 -75.59 103.95
CA LEU MC 145 -3.99 -76.23 102.64
C LEU MC 145 -2.86 -77.26 102.64
N LYS MC 146 -3.23 -78.54 102.50
CA LYS MC 146 -2.22 -79.58 102.32
C LYS MC 146 -1.94 -79.82 100.85
N VAL MC 147 -0.78 -80.43 100.58
CA VAL MC 147 -0.29 -80.65 99.23
C VAL MC 147 -0.30 -82.15 98.95
N GLU MC 148 -0.79 -82.52 97.77
CA GLU MC 148 -0.81 -83.92 97.36
C GLU MC 148 0.00 -84.08 96.09
N ALA MC 149 0.88 -85.08 96.06
CA ALA MC 149 1.84 -85.24 94.98
C ALA MC 149 1.67 -86.60 94.30
N TYR MC 150 1.73 -86.58 92.97
CA TYR MC 150 1.82 -87.79 92.16
C TYR MC 150 3.03 -87.65 91.23
N TYR MC 151 3.78 -88.73 91.06
CA TYR MC 151 5.07 -88.60 90.39
C TYR MC 151 5.48 -89.92 89.75
N GLU MC 152 6.41 -89.81 88.80
CA GLU MC 152 7.14 -90.95 88.26
C GLU MC 152 8.57 -90.50 88.01
N ALA MC 153 9.53 -91.22 88.59
CA ALA MC 153 10.93 -90.83 88.51
C ALA MC 153 11.56 -91.33 87.22
N LYS MC 154 12.60 -90.63 86.78
CA LYS MC 154 13.34 -91.03 85.59
C LYS MC 154 14.09 -92.34 85.83
N GLU MC 155 14.31 -93.07 84.75
CA GLU MC 155 14.94 -94.38 84.82
C GLU MC 155 16.44 -94.23 85.05
N GLY MC 156 16.94 -94.83 86.12
CA GLY MC 156 18.36 -94.87 86.37
C GLY MC 156 19.00 -93.59 86.83
N MET MC 157 18.23 -92.66 87.40
CA MET MC 157 18.75 -91.38 87.85
C MET MC 157 18.80 -91.37 89.37
N LEU MC 158 19.96 -91.05 89.92
CA LEU MC 158 20.18 -90.99 91.36
C LEU MC 158 20.59 -89.59 91.77
N PHE MC 159 20.02 -89.11 92.88
CA PHE MC 159 20.27 -87.75 93.35
C PHE MC 159 19.81 -87.65 94.79
N ASP MC 160 20.14 -86.51 95.41
CA ASP MC 160 19.73 -86.23 96.78
C ASP MC 160 19.77 -84.73 97.01
N SER MC 161 19.02 -84.28 98.02
CA SER MC 161 18.98 -82.87 98.42
C SER MC 161 18.54 -81.98 97.26
N LEU MC 162 17.35 -82.24 96.74
CA LEU MC 162 16.78 -81.45 95.66
C LEU MC 162 15.54 -80.73 96.15
N PRO MC 163 15.52 -79.39 96.13
CA PRO MC 163 14.39 -78.65 96.68
C PRO MC 163 13.26 -78.43 95.67
N VAL MC 164 12.05 -78.31 96.21
CA VAL MC 164 10.86 -77.96 95.43
C VAL MC 164 10.30 -76.67 96.03
N ILE MC 165 10.05 -75.69 95.17
CA ILE MC 165 9.72 -74.33 95.59
C ILE MC 165 8.37 -73.94 95.01
N LEU MC 166 7.52 -73.33 95.84
CA LEU MC 166 6.24 -72.78 95.42
C LEU MC 166 6.20 -71.29 95.77
N ASN MC 167 5.52 -70.51 94.94
CA ASN MC 167 5.45 -69.07 95.11
C ASN MC 167 4.00 -68.61 95.14
N PHE MC 168 3.74 -67.55 95.91
CA PHE MC 168 2.40 -66.99 96.05
C PHE MC 168 2.42 -65.51 95.68
N GLN MC 169 1.37 -65.06 95.00
CA GLN MC 169 1.21 -63.65 94.64
C GLN MC 169 -0.24 -63.26 94.77
N VAL MC 170 -0.48 -62.09 95.36
CA VAL MC 170 -1.82 -61.57 95.59
C VAL MC 170 -2.24 -60.72 94.39
N LEU MC 171 -3.41 -61.02 93.84
CA LEU MC 171 -3.94 -60.26 92.71
C LEU MC 171 -4.99 -59.25 93.10
N SER MC 172 -5.85 -59.58 94.07
CA SER MC 172 -6.89 -58.68 94.51
C SER MC 172 -7.39 -59.13 95.88
N VAL MC 173 -7.71 -58.15 96.73
CA VAL MC 173 -8.24 -58.43 98.06
C VAL MC 173 -9.40 -57.47 98.32
N SER MC 174 -10.39 -57.94 99.07
CA SER MC 174 -11.56 -57.14 99.40
C SER MC 174 -12.14 -57.53 100.75
N THR NC 26 5.91 12.12 114.08
CA THR NC 26 5.07 11.65 112.97
C THR NC 26 5.80 10.56 112.19
N THR NC 27 5.63 9.31 112.62
CA THR NC 27 6.29 8.17 112.01
C THR NC 27 5.23 7.17 111.52
N GLN NC 28 5.41 6.69 110.29
CA GLN NC 28 4.51 5.71 109.69
C GLN NC 28 5.16 4.33 109.74
N SER NC 29 4.45 3.37 110.33
CA SER NC 29 5.04 2.04 110.51
C SER NC 29 4.43 1.04 109.55
N PRO NC 30 5.23 0.09 109.04
CA PRO NC 30 4.67 -0.94 108.15
C PRO NC 30 4.01 -2.10 108.88
N LEU NC 31 4.29 -2.28 110.18
CA LEU NC 31 3.62 -3.27 111.02
C LEU NC 31 3.85 -4.69 110.52
N ASN NC 32 5.11 -5.02 110.23
CA ASN NC 32 5.44 -6.38 109.79
C ASN NC 32 6.77 -6.87 110.40
N SER NC 33 7.19 -6.28 111.51
CA SER NC 33 8.46 -6.63 112.15
C SER NC 33 8.25 -7.63 113.27
N PHE NC 34 7.76 -8.81 112.91
CA PHE NC 34 7.54 -9.89 113.86
C PHE NC 34 7.98 -11.21 113.24
N TYR NC 35 8.70 -12.02 114.02
CA TYR NC 35 9.25 -13.27 113.51
C TYR NC 35 9.26 -14.33 114.60
N ALA NC 36 9.33 -15.59 114.16
CA ALA NC 36 9.49 -16.74 115.04
C ALA NC 36 10.29 -17.79 114.29
N THR NC 37 11.15 -18.51 115.00
CA THR NC 37 12.14 -19.38 114.35
C THR NC 37 12.15 -20.76 115.00
N GLY NC 38 12.28 -21.80 114.17
CA GLY NC 38 12.50 -23.16 114.64
C GLY NC 38 13.66 -23.81 113.92
N THR NC 39 13.88 -25.10 114.14
CA THR NC 39 15.01 -25.81 113.54
C THR NC 39 14.61 -27.24 113.19
N ALA NC 40 15.39 -27.85 112.31
CA ALA NC 40 15.19 -29.24 111.91
C ALA NC 40 16.53 -29.82 111.48
N GLN NC 41 16.60 -31.15 111.48
CA GLN NC 41 17.84 -31.83 111.13
C GLN NC 41 17.54 -33.29 110.78
N ALA NC 42 18.53 -33.92 110.13
CA ALA NC 42 18.49 -35.35 109.82
C ALA NC 42 19.92 -35.80 109.59
N VAL NC 43 20.47 -36.58 110.52
CA VAL NC 43 21.90 -36.86 110.54
C VAL NC 43 22.21 -38.35 110.61
N GLN NC 44 21.30 -39.21 110.12
CA GLN NC 44 21.59 -40.64 110.11
C GLN NC 44 20.79 -41.34 109.02
N GLU NC 45 21.33 -42.46 108.55
CA GLU NC 45 20.69 -43.28 107.53
C GLU NC 45 19.59 -44.14 108.13
N PRO NC 46 18.58 -44.52 107.33
CA PRO NC 46 17.43 -45.24 107.91
C PRO NC 46 17.77 -46.55 108.60
N ILE NC 47 18.71 -47.33 108.06
CA ILE NC 47 18.97 -48.67 108.56
C ILE NC 47 20.46 -48.87 108.81
N ASP NC 48 20.77 -49.87 109.63
CA ASP NC 48 22.13 -50.32 109.87
C ASP NC 48 22.14 -51.83 109.75
N VAL NC 49 23.20 -52.38 109.14
CA VAL NC 49 23.27 -53.80 108.81
C VAL NC 49 24.54 -54.40 109.41
N GLU NC 50 24.39 -55.53 110.08
CA GLU NC 50 25.51 -56.25 110.68
C GLU NC 50 25.43 -57.72 110.29
N SER NC 51 26.58 -58.33 110.02
CA SER NC 51 26.65 -59.67 109.47
C SER NC 51 27.20 -60.67 110.49
N HIS NC 52 26.67 -61.88 110.48
CA HIS NC 52 27.12 -62.97 111.34
C HIS NC 52 27.15 -64.28 110.57
N LEU NC 53 27.67 -64.26 109.34
CA LEU NC 53 27.79 -65.46 108.52
C LEU NC 53 29.12 -66.14 108.85
N ASP NC 54 29.06 -67.10 109.77
CA ASP NC 54 30.26 -67.76 110.28
C ASP NC 54 30.20 -69.27 110.08
N ASN NC 55 29.77 -69.72 108.91
CA ASN NC 55 29.82 -71.12 108.53
C ASN NC 55 30.39 -71.24 107.13
N THR NC 56 31.05 -72.37 106.87
CA THR NC 56 31.75 -72.59 105.61
C THR NC 56 31.13 -73.74 104.85
N ILE NC 57 30.86 -73.52 103.57
CA ILE NC 57 30.43 -74.59 102.67
C ILE NC 57 31.66 -75.40 102.30
N ALA NC 58 31.81 -76.58 102.90
CA ALA NC 58 33.00 -77.40 102.73
C ALA NC 58 32.61 -78.83 102.35
N PRO NC 59 32.20 -79.03 101.10
CA PRO NC 59 31.94 -80.39 100.60
C PRO NC 59 33.17 -80.95 99.91
N ALA NC 60 33.07 -82.22 99.53
CA ALA NC 60 34.08 -82.83 98.69
C ALA NC 60 33.89 -82.39 97.24
N ALA NC 61 34.90 -82.68 96.42
CA ALA NC 61 34.85 -82.29 95.01
C ALA NC 61 33.76 -83.05 94.28
N GLY NC 62 32.86 -82.33 93.63
CA GLY NC 62 31.80 -82.93 92.85
C GLY NC 62 30.61 -83.43 93.64
N ALA NC 63 30.52 -83.12 94.92
CA ALA NC 63 29.45 -83.62 95.77
C ALA NC 63 28.23 -82.71 95.75
N GLN NC 64 27.08 -83.28 96.07
CA GLN NC 64 25.83 -82.56 96.20
C GLN NC 64 25.49 -82.45 97.68
N GLY NC 65 25.19 -81.24 98.15
CA GLY NC 65 25.09 -81.04 99.58
C GLY NC 65 23.94 -80.20 100.09
N TYR NC 66 24.01 -79.83 101.37
CA TYR NC 66 22.95 -79.13 102.07
C TYR NC 66 23.54 -78.48 103.32
N LYS NC 67 23.49 -77.14 103.40
CA LYS NC 67 24.24 -76.44 104.44
C LYS NC 67 23.52 -75.16 104.81
N ASP NC 68 23.69 -74.75 106.07
CA ASP NC 68 23.25 -73.45 106.56
C ASP NC 68 24.48 -72.59 106.89
N MET NC 69 24.30 -71.28 106.92
CA MET NC 69 25.43 -70.35 106.98
C MET NC 69 25.46 -69.49 108.24
N GLY NC 70 24.36 -68.83 108.57
CA GLY NC 70 24.34 -67.88 109.68
C GLY NC 70 23.12 -66.98 109.56
N TYR NC 71 23.24 -65.79 110.16
CA TYR NC 71 22.13 -64.85 110.13
C TYR NC 71 22.67 -63.43 110.05
N VAL NC 72 21.79 -62.51 109.64
CA VAL NC 72 22.15 -61.11 109.43
C VAL NC 72 21.16 -60.23 110.21
N LYS NC 73 21.68 -59.20 110.85
CA LYS NC 73 20.88 -58.30 111.67
C LYS NC 73 20.67 -56.96 110.96
N ILE NC 74 19.44 -56.45 111.03
CA ILE NC 74 19.07 -55.17 110.45
C ILE NC 74 18.48 -54.30 111.56
N ILE NC 75 18.91 -53.04 111.63
CA ILE NC 75 18.48 -52.12 112.68
C ILE NC 75 17.77 -50.94 112.03
N ASN NC 76 16.60 -50.59 112.55
CA ASN NC 76 15.76 -49.51 112.02
C ASN NC 76 15.59 -48.40 113.03
N TYR NC 77 15.57 -47.17 112.53
CA TYR NC 77 15.76 -45.95 113.32
C TYR NC 77 14.50 -45.08 113.31
N THR NC 78 14.65 -43.87 113.85
CA THR NC 78 13.52 -43.02 114.22
C THR NC 78 12.57 -42.78 113.05
N ASP NC 79 11.27 -42.90 113.34
CA ASP NC 79 10.19 -42.61 112.41
C ASP NC 79 10.20 -43.50 111.18
N VAL NC 80 10.73 -44.71 111.30
CA VAL NC 80 10.77 -45.69 110.23
C VAL NC 80 9.79 -46.81 110.56
N ASN NC 81 8.95 -47.17 109.60
CA ASN NC 81 7.97 -48.24 109.80
C ASN NC 81 8.07 -49.34 108.76
N VAL NC 82 8.29 -48.99 107.50
CA VAL NC 82 8.34 -49.97 106.41
C VAL NC 82 9.57 -49.69 105.56
N VAL NC 83 10.30 -50.75 105.21
CA VAL NC 83 11.52 -50.65 104.43
C VAL NC 83 11.43 -51.58 103.23
N LYS NC 84 11.80 -51.06 102.05
CA LYS NC 84 11.89 -51.85 100.84
C LYS NC 84 13.36 -52.04 100.49
N LEU NC 85 13.75 -53.30 100.27
CA LEU NC 85 15.16 -53.65 100.09
C LEU NC 85 15.35 -54.44 98.81
N LYS NC 86 16.57 -54.37 98.28
CA LYS NC 86 16.99 -55.17 97.14
C LYS NC 86 18.29 -55.88 97.50
N VAL NC 87 18.30 -57.21 97.32
CA VAL NC 87 19.44 -58.04 97.67
C VAL NC 87 19.95 -58.74 96.42
N THR NC 88 21.27 -58.71 96.23
CA THR NC 88 21.89 -59.27 95.05
C THR NC 88 23.19 -59.97 95.42
N LEU NC 89 23.65 -60.83 94.53
CA LEU NC 89 24.94 -61.52 94.67
C LEU NC 89 25.98 -60.69 93.92
N ALA NC 90 26.95 -60.13 94.67
CA ALA NC 90 27.90 -59.19 94.07
C ALA NC 90 28.93 -59.91 93.21
N ASN NC 91 29.37 -61.10 93.62
CA ASN NC 91 30.47 -61.78 92.92
C ASN NC 91 29.99 -63.09 92.29
N ALA NC 92 28.83 -63.05 91.63
CA ALA NC 92 28.30 -64.25 91.00
C ALA NC 92 29.19 -64.70 89.84
N ALA NC 93 29.80 -63.75 89.13
CA ALA NC 93 30.64 -64.10 87.99
C ALA NC 93 31.87 -64.90 88.43
N GLN NC 94 32.46 -64.53 89.58
CA GLN NC 94 33.63 -65.24 90.07
C GLN NC 94 33.28 -66.67 90.49
N LEU NC 95 32.09 -66.88 91.03
CA LEU NC 95 31.69 -68.19 91.54
C LEU NC 95 31.22 -69.14 90.45
N ARG NC 96 31.00 -68.67 89.22
CA ARG NC 96 30.50 -69.54 88.16
C ARG NC 96 31.43 -70.71 87.84
N PRO NC 97 32.75 -70.55 87.66
CA PRO NC 97 33.58 -71.70 87.31
C PRO NC 97 33.68 -72.76 88.40
N TYR NC 98 33.24 -72.46 89.62
CA TYR NC 98 33.39 -73.39 90.74
C TYR NC 98 32.14 -74.19 91.06
N PHE NC 99 30.99 -73.84 90.50
CA PHE NC 99 29.73 -74.46 90.85
C PHE NC 99 28.89 -74.72 89.62
N LYS NC 100 28.19 -75.87 89.61
CA LYS NC 100 27.14 -76.09 88.62
C LYS NC 100 25.89 -75.29 88.97
N TYR NC 101 25.52 -75.24 90.25
CA TYR NC 101 24.41 -74.42 90.70
C TYR NC 101 24.61 -74.10 92.18
N LEU NC 102 24.00 -72.99 92.61
CA LEU NC 102 24.08 -72.56 93.99
C LEU NC 102 22.87 -71.67 94.28
N GLN NC 103 22.08 -72.04 95.28
CA GLN NC 103 20.86 -71.34 95.62
C GLN NC 103 20.89 -70.92 97.08
N LEU NC 104 20.44 -69.70 97.35
CA LEU NC 104 20.39 -69.15 98.69
C LEU NC 104 18.94 -68.84 99.05
N VAL NC 105 18.53 -69.26 100.25
CA VAL NC 105 17.16 -69.08 100.73
C VAL NC 105 17.20 -68.17 101.96
N LEU NC 106 16.42 -67.10 101.93
CA LEU NC 106 16.35 -66.13 103.02
C LEU NC 106 14.98 -66.21 103.67
N THR NC 107 14.96 -66.34 105.00
CA THR NC 107 13.72 -66.44 105.75
C THR NC 107 13.73 -65.45 106.91
N SER NC 108 12.58 -64.80 107.14
CA SER NC 108 12.41 -63.91 108.28
C SER NC 108 11.85 -64.72 109.45
N ASN NC 109 12.47 -64.57 110.62
CA ASN NC 109 12.20 -65.39 111.79
C ASN NC 109 12.06 -64.55 113.05
N ALA NC 110 12.47 -63.27 112.99
CA ALA NC 110 12.58 -62.44 114.19
C ALA NC 110 11.30 -62.43 115.01
N SER NC 111 10.14 -62.61 114.36
CA SER NC 111 8.88 -62.88 115.04
C SER NC 111 8.75 -64.37 115.27
N SER NC 112 8.65 -64.78 116.53
CA SER NC 112 8.55 -66.19 116.86
C SER NC 112 7.25 -66.80 116.37
N THR NC 113 6.24 -65.99 116.05
CA THR NC 113 4.97 -66.49 115.56
C THR NC 113 4.90 -66.57 114.05
N VAL NC 114 5.61 -65.70 113.33
CA VAL NC 114 5.53 -65.60 111.88
C VAL NC 114 6.92 -65.86 111.30
N GLU NC 115 7.14 -67.08 110.82
CA GLU NC 115 8.32 -67.41 110.02
C GLU NC 115 7.94 -67.34 108.55
N GLU NC 116 8.72 -66.61 107.76
CA GLU NC 116 8.44 -66.46 106.33
C GLU NC 116 9.72 -66.46 105.53
N THR NC 117 9.73 -67.25 104.45
CA THR NC 117 10.78 -67.16 103.45
C THR NC 117 10.45 -66.03 102.47
N LYS NC 118 11.41 -65.14 102.24
CA LYS NC 118 11.18 -63.93 101.47
C LYS NC 118 11.73 -63.98 100.05
N ALA NC 119 12.91 -64.57 99.84
CA ALA NC 119 13.49 -64.58 98.51
C ALA NC 119 14.39 -65.79 98.34
N VAL NC 120 14.60 -66.16 97.08
CA VAL NC 120 15.54 -67.23 96.70
C VAL NC 120 16.49 -66.65 95.67
N LEU NC 121 17.79 -66.76 95.92
CA LEU NC 121 18.81 -66.24 95.02
C LEU NC 121 19.57 -67.39 94.38
N SER NC 122 20.02 -67.16 93.15
CA SER NC 122 20.74 -68.18 92.40
C SER NC 122 21.76 -67.49 91.49
N LEU NC 123 22.63 -68.31 90.90
CA LEU NC 123 23.66 -67.77 90.02
C LEU NC 123 23.08 -67.28 88.69
N LYS NC 124 21.89 -67.75 88.31
CA LYS NC 124 21.26 -67.29 87.07
C LYS NC 124 20.35 -66.09 87.30
N LYS NC 125 19.74 -65.97 88.47
CA LYS NC 125 18.90 -64.83 88.84
C LYS NC 125 19.39 -64.31 90.18
N PRO NC 126 20.41 -63.43 90.18
CA PRO NC 126 21.08 -63.06 91.43
C PRO NC 126 20.33 -62.04 92.29
N SER NC 127 19.33 -61.36 91.75
CA SER NC 127 18.71 -60.23 92.44
C SER NC 127 17.27 -60.54 92.81
N ALA NC 128 16.82 -59.94 93.91
CA ALA NC 128 15.46 -60.09 94.39
C ALA NC 128 15.08 -58.86 95.21
N VAL NC 129 13.77 -58.65 95.34
CA VAL NC 129 13.22 -57.53 96.10
C VAL NC 129 12.29 -58.08 97.17
N ILE NC 130 12.48 -57.63 98.41
CA ILE NC 130 11.72 -58.11 99.55
C ILE NC 130 11.08 -56.91 100.27
N ILE NC 131 10.09 -57.22 101.11
CA ILE NC 131 9.34 -56.22 101.86
C ILE NC 131 9.38 -56.61 103.34
N LEU NC 132 9.71 -55.65 104.19
CA LEU NC 132 9.67 -55.82 105.63
C LEU NC 132 8.63 -54.86 106.21
N ASP NC 133 7.72 -55.39 107.03
CA ASP NC 133 6.61 -54.59 107.54
C ASP NC 133 6.49 -54.69 109.07
N ASN NC 134 5.36 -54.20 109.60
CA ASN NC 134 5.17 -54.14 111.05
C ASN NC 134 5.30 -55.50 111.71
N ASP NC 135 4.87 -56.56 111.03
CA ASP NC 135 4.94 -57.90 111.63
C ASP NC 135 6.37 -58.37 111.79
N ASP NC 136 7.26 -58.01 110.86
CA ASP NC 136 8.63 -58.51 110.91
C ASP NC 136 9.41 -57.85 112.04
N TYR NC 137 9.17 -56.57 112.31
CA TYR NC 137 9.95 -55.82 113.28
C TYR NC 137 9.63 -56.23 114.72
N SER NC 138 10.03 -57.44 115.09
CA SER NC 138 9.90 -57.88 116.48
C SER NC 138 10.97 -57.21 117.33
N SER NC 139 10.67 -57.09 118.62
CA SER NC 139 11.43 -56.27 119.56
C SER NC 139 11.47 -54.81 119.15
N THR NC 140 10.70 -54.44 118.12
CA THR NC 140 10.50 -53.08 117.64
C THR NC 140 11.75 -52.45 117.05
N ASN NC 141 12.87 -53.17 117.03
CA ASN NC 141 14.13 -52.55 116.65
C ASN NC 141 15.01 -53.35 115.69
N LYS NC 142 14.73 -54.62 115.42
CA LYS NC 142 15.68 -55.40 114.64
C LYS NC 142 14.99 -56.50 113.84
N ILE NC 143 15.65 -56.88 112.74
CA ILE NC 143 15.27 -57.99 111.87
C ILE NC 143 16.37 -59.04 111.91
N GLN NC 144 15.96 -60.31 111.98
CA GLN NC 144 16.89 -61.43 111.94
C GLN NC 144 16.56 -62.29 110.72
N LEU NC 145 17.57 -62.52 109.87
CA LEU NC 145 17.43 -63.28 108.65
C LEU NC 145 18.58 -64.27 108.52
N LYS NC 146 18.28 -65.56 108.57
CA LYS NC 146 19.29 -66.58 108.30
C LYS NC 146 19.31 -66.95 106.82
N VAL NC 147 20.43 -67.54 106.40
CA VAL NC 147 20.69 -67.87 105.01
C VAL NC 147 20.72 -69.38 104.86
N GLU NC 148 20.05 -69.89 103.84
CA GLU NC 148 20.03 -71.33 103.56
C GLU NC 148 20.60 -71.57 102.18
N ALA NC 149 21.52 -72.53 102.09
CA ALA NC 149 22.29 -72.76 100.86
C ALA NC 149 22.06 -74.18 100.34
N TYR NC 150 21.89 -74.30 99.03
CA TYR NC 150 21.90 -75.57 98.32
C TYR NC 150 22.90 -75.47 97.18
N TYR NC 151 23.67 -76.53 96.97
CA TYR NC 151 24.82 -76.42 96.07
C TYR NC 151 25.17 -77.77 95.48
N GLU NC 152 25.91 -77.72 94.38
CA GLU NC 152 26.60 -78.88 93.80
C GLU NC 152 27.93 -78.40 93.26
N ALA NC 153 29.02 -79.02 93.71
CA ALA NC 153 30.36 -78.60 93.35
C ALA NC 153 30.78 -79.19 92.00
N LYS NC 154 31.68 -78.49 91.32
CA LYS NC 154 32.21 -78.97 90.05
C LYS NC 154 33.06 -80.22 90.26
N GLU NC 155 33.13 -81.04 89.23
CA GLU NC 155 33.84 -82.31 89.30
C GLU NC 155 35.34 -82.09 89.23
N GLY NC 156 36.06 -82.55 90.25
CA GLY NC 156 37.51 -82.53 90.23
C GLY NC 156 38.14 -81.17 90.46
N MET NC 157 37.43 -80.23 91.07
CA MET NC 157 37.95 -78.89 91.31
C MET NC 157 38.27 -78.74 92.79
N LEU NC 158 39.50 -78.30 93.07
CA LEU NC 158 39.96 -78.11 94.44
C LEU NC 158 40.36 -76.66 94.65
N PHE NC 159 39.97 -76.10 95.80
CA PHE NC 159 40.22 -74.69 96.09
C PHE NC 159 40.03 -74.47 97.58
N ASP NC 160 40.41 -73.26 98.03
CA ASP NC 160 40.22 -72.87 99.42
C ASP NC 160 40.22 -71.36 99.49
N SER NC 161 39.64 -70.84 100.58
CA SER NC 161 39.60 -69.41 100.86
C SER NC 161 38.91 -68.63 99.74
N LEU NC 162 37.66 -69.01 99.46
CA LEU NC 162 36.86 -68.34 98.44
C LEU NC 162 35.70 -67.61 99.08
N PRO NC 163 35.59 -66.30 98.94
CA PRO NC 163 34.53 -65.55 99.62
C PRO NC 163 33.24 -65.47 98.82
N VAL NC 164 32.13 -65.35 99.57
CA VAL NC 164 30.81 -65.12 99.00
C VAL NC 164 30.28 -63.81 99.57
N ILE NC 165 29.84 -62.91 98.69
CA ILE NC 165 29.51 -61.54 99.05
C ILE NC 165 28.06 -61.26 98.69
N LEU NC 166 27.34 -60.61 99.61
CA LEU NC 166 25.98 -60.15 99.39
C LEU NC 166 25.92 -58.65 99.61
N ASN NC 167 25.06 -57.96 98.85
CA ASN NC 167 24.93 -56.52 98.89
C ASN NC 167 23.49 -56.12 99.16
N PHE NC 168 23.31 -55.00 99.86
CA PHE NC 168 21.99 -54.48 100.20
C PHE NC 168 21.86 -53.05 99.71
N GLN NC 169 20.68 -52.70 99.19
CA GLN NC 169 20.39 -51.35 98.75
C GLN NC 169 18.95 -51.01 99.11
N VAL NC 170 18.76 -49.78 99.62
CA VAL NC 170 17.46 -49.31 100.05
C VAL NC 170 16.79 -48.59 98.88
N LEU NC 171 15.55 -48.99 98.58
CA LEU NC 171 14.80 -48.37 97.50
C LEU NC 171 13.76 -47.37 98.00
N SER NC 172 13.11 -47.64 99.13
CA SER NC 172 12.11 -46.73 99.68
C SER NC 172 11.90 -47.07 101.14
N VAL NC 173 11.69 -46.03 101.95
CA VAL NC 173 11.41 -46.20 103.38
C VAL NC 173 10.27 -45.26 103.75
N SER NC 174 9.46 -45.71 104.71
CA SER NC 174 8.33 -44.91 105.18
C SER NC 174 8.03 -45.19 106.65
N THR OC 26 24.21 26.06 110.25
CA THR OC 26 23.23 25.46 109.37
C THR OC 26 23.86 24.33 108.56
N THR OC 27 23.84 23.13 109.12
CA THR OC 27 24.44 21.95 108.50
C THR OC 27 23.38 20.89 108.30
N GLN OC 28 23.36 20.29 107.12
CA GLN OC 28 22.42 19.22 106.78
C GLN OC 28 23.14 17.88 106.83
N SER OC 29 22.61 16.95 107.62
CA SER OC 29 23.29 15.67 107.80
C SER OC 29 22.57 14.55 107.06
N PRO OC 30 23.32 13.59 106.50
CA PRO OC 30 22.67 12.46 105.83
C PRO OC 30 22.22 11.36 106.77
N LEU OC 31 22.74 11.31 108.00
CA LEU OC 31 22.29 10.39 109.03
C LEU OC 31 22.50 8.93 108.62
N ASN OC 32 23.71 8.62 108.14
CA ASN OC 32 24.04 7.24 107.77
C ASN OC 32 25.46 6.87 108.16
N SER OC 33 26.05 7.58 109.12
CA SER OC 33 27.43 7.35 109.53
C SER OC 33 27.49 6.45 110.77
N PHE OC 34 27.00 5.22 110.61
CA PHE OC 34 27.02 4.22 111.68
C PHE OC 34 27.42 2.87 111.11
N TYR OC 35 28.30 2.17 111.81
CA TYR OC 35 28.82 0.90 111.31
C TYR OC 35 29.10 -0.05 112.47
N ALA OC 36 29.15 -1.34 112.14
CA ALA OC 36 29.54 -2.39 113.07
C ALA OC 36 30.24 -3.48 112.27
N THR OC 37 31.26 -4.10 112.88
CA THR OC 37 32.15 -4.99 112.14
C THR OC 37 32.37 -6.29 112.90
N GLY OC 38 32.41 -7.40 112.15
CA GLY OC 38 32.78 -8.69 112.68
C GLY OC 38 33.83 -9.36 111.83
N THR OC 39 34.15 -10.63 112.11
CA THR OC 39 35.20 -11.34 111.38
C THR OC 39 34.82 -12.81 111.24
N ALA OC 40 35.47 -13.47 110.28
CA ALA OC 40 35.28 -14.90 110.05
C ALA OC 40 36.55 -15.48 109.43
N GLN OC 41 36.69 -16.79 109.55
CA GLN OC 41 37.88 -17.46 109.03
C GLN OC 41 37.62 -18.95 108.86
N ALA OC 42 38.49 -19.60 108.11
CA ALA OC 42 38.48 -21.05 107.94
C ALA OC 42 39.87 -21.46 107.49
N VAL OC 43 40.62 -22.13 108.37
CA VAL OC 43 42.04 -22.34 108.14
C VAL OC 43 42.44 -23.82 108.29
N GLN OC 44 41.53 -24.75 108.05
CA GLN OC 44 41.88 -26.16 108.11
C GLN OC 44 40.94 -26.99 107.25
N GLU OC 45 41.44 -28.15 106.80
CA GLU OC 45 40.68 -29.08 105.98
C GLU OC 45 39.76 -29.92 106.86
N PRO OC 46 38.64 -30.41 106.29
CA PRO OC 46 37.65 -31.11 107.13
C PRO OC 46 38.19 -32.33 107.86
N ILE OC 47 39.06 -33.13 107.22
CA ILE OC 47 39.48 -34.40 107.78
C ILE OC 47 41.00 -34.51 107.77
N ASP OC 48 41.51 -35.42 108.61
CA ASP OC 48 42.91 -35.78 108.63
C ASP OC 48 42.99 -37.31 108.64
N VAL OC 49 43.95 -37.87 107.90
CA VAL OC 49 44.03 -39.31 107.69
C VAL OC 49 45.42 -39.79 108.09
N GLU OC 50 45.46 -40.87 108.88
CA GLU OC 50 46.71 -41.48 109.32
C GLU OC 50 46.64 -42.98 109.08
N SER OC 51 47.76 -43.57 108.67
CA SER OC 51 47.81 -44.96 108.23
C SER OC 51 48.59 -45.82 109.21
N HIS OC 52 48.13 -47.05 109.41
CA HIS OC 52 48.79 -48.03 110.26
C HIS OC 52 48.77 -49.41 109.62
N LEU OC 53 49.05 -49.49 108.32
CA LEU OC 53 49.08 -50.75 107.60
C LEU OC 53 50.47 -51.35 107.73
N ASP OC 54 50.65 -52.21 108.72
CA ASP OC 54 51.95 -52.77 109.07
C ASP OC 54 51.95 -54.30 109.02
N ASN OC 55 51.34 -54.87 107.99
CA ASN OC 55 51.40 -56.31 107.73
C ASN OC 55 51.70 -56.53 106.26
N THR OC 56 52.37 -57.66 105.98
CA THR OC 56 52.85 -57.97 104.64
C THR OC 56 52.17 -59.21 104.12
N ILE OC 57 51.66 -59.14 102.89
CA ILE OC 57 51.13 -60.30 102.19
C ILE OC 57 52.32 -61.09 101.67
N ALA OC 58 52.64 -62.20 102.34
CA ALA OC 58 53.83 -62.99 102.03
C ALA OC 58 53.46 -64.46 101.84
N PRO OC 59 52.83 -64.80 100.71
CA PRO OC 59 52.58 -66.20 100.39
C PRO OC 59 53.69 -66.78 99.54
N ALA OC 60 53.60 -68.09 99.29
CA ALA OC 60 54.48 -68.73 98.34
C ALA OC 60 54.01 -68.46 96.92
N ALA OC 61 54.86 -68.78 95.95
CA ALA OC 61 54.54 -68.52 94.56
C ALA OC 61 53.38 -69.39 94.11
N GLY OC 62 52.33 -68.77 93.57
CA GLY OC 62 51.19 -69.49 93.06
C GLY OC 62 50.19 -69.96 94.09
N ALA OC 63 50.31 -69.52 95.34
CA ALA OC 63 49.44 -69.99 96.40
C ALA OC 63 48.19 -69.13 96.53
N GLN OC 64 47.15 -69.71 97.11
CA GLN OC 64 45.90 -69.03 97.41
C GLN OC 64 45.83 -68.80 98.92
N GLY OC 65 45.56 -67.57 99.31
CA GLY OC 65 45.71 -67.22 100.72
C GLY OC 65 44.61 -66.38 101.34
N TYR OC 66 44.89 -65.89 102.55
CA TYR OC 66 43.93 -65.17 103.38
C TYR OC 66 44.70 -64.37 104.43
N LYS OC 67 44.59 -63.04 104.40
CA LYS OC 67 45.48 -62.22 105.21
C LYS OC 67 44.77 -60.93 105.61
N ASP OC 68 45.14 -60.39 106.76
CA ASP OC 68 44.72 -59.07 107.21
C ASP OC 68 45.94 -58.14 107.23
N MET OC 69 45.69 -56.83 107.19
CA MET OC 69 46.76 -55.86 106.95
C MET OC 69 46.96 -54.89 108.11
N GLY OC 70 45.91 -54.24 108.57
CA GLY OC 70 46.04 -53.20 109.58
C GLY OC 70 44.77 -52.35 109.61
N TYR OC 71 44.92 -51.11 110.07
CA TYR OC 71 43.78 -50.21 110.17
C TYR OC 71 44.21 -48.79 109.86
N VAL OC 72 43.23 -47.95 109.54
CA VAL OC 72 43.45 -46.56 109.14
C VAL OC 72 42.58 -45.66 110.01
N LYS OC 73 43.15 -44.54 110.45
CA LYS OC 73 42.46 -43.60 111.33
C LYS OC 73 42.05 -42.35 110.55
N ILE OC 74 40.83 -41.88 110.81
CA ILE OC 74 40.28 -40.67 110.19
C ILE OC 74 39.86 -39.73 111.31
N ILE OC 75 40.22 -38.46 111.19
CA ILE OC 75 39.93 -37.46 112.22
C ILE OC 75 39.06 -36.37 111.60
N ASN OC 76 37.98 -36.02 112.31
CA ASN OC 76 37.00 -35.04 111.83
C ASN OC 76 36.95 -33.83 112.76
N TYR OC 77 36.76 -32.66 112.16
CA TYR OC 77 37.03 -31.37 112.80
C TYR OC 77 35.74 -30.55 112.95
N THR OC 78 35.91 -29.28 113.33
CA THR OC 78 34.83 -28.46 113.83
C THR OC 78 33.66 -28.36 112.85
N ASP OC 79 32.45 -28.51 113.38
CA ASP OC 79 31.20 -28.35 112.64
C ASP OC 79 31.04 -29.35 111.52
N VAL OC 80 31.66 -30.52 111.64
CA VAL OC 80 31.57 -31.60 110.66
C VAL OC 80 30.73 -32.72 111.27
N ASN OC 81 29.75 -33.20 110.52
CA ASN OC 81 28.88 -34.28 110.99
C ASN OC 81 28.84 -35.48 110.05
N VAL OC 82 28.83 -35.25 108.74
CA VAL OC 82 28.73 -36.32 107.75
C VAL OC 82 29.76 -36.07 106.67
N VAL OC 83 30.48 -37.13 106.29
CA VAL OC 83 31.54 -37.06 105.29
C VAL OC 83 31.28 -38.10 104.21
N LYS OC 84 31.40 -37.70 102.95
CA LYS OC 84 31.32 -38.59 101.80
C LYS OC 84 32.71 -38.76 101.21
N LEU OC 85 33.13 -40.01 101.03
CA LEU OC 85 34.49 -40.32 100.63
C LEU OC 85 34.51 -41.24 99.42
N LYS OC 86 35.60 -41.17 98.67
CA LYS OC 86 35.86 -42.05 97.54
C LYS OC 86 37.23 -42.68 97.72
N VAL OC 87 37.29 -44.01 97.66
CA VAL OC 87 38.52 -44.76 97.86
C VAL OC 87 38.83 -45.55 96.61
N THR OC 88 40.09 -45.49 96.18
CA THR OC 88 40.52 -46.14 94.95
C THR OC 88 41.91 -46.74 95.14
N LEU OC 89 42.25 -47.68 94.26
CA LEU OC 89 43.58 -48.28 94.22
C LEU OC 89 44.42 -47.50 93.22
N ALA OC 90 45.46 -46.83 93.72
CA ALA OC 90 46.24 -45.93 92.89
C ALA OC 90 47.14 -46.66 91.91
N ASN OC 91 47.72 -47.80 92.33
CA ASN OC 91 48.69 -48.50 91.51
C ASN OC 91 48.20 -49.88 91.10
N ALA OC 92 46.93 -49.96 90.67
CA ALA OC 92 46.37 -51.23 90.24
C ALA OC 92 47.06 -51.75 88.98
N ALA OC 93 47.47 -50.85 88.09
CA ALA OC 93 48.12 -51.28 86.86
C ALA OC 93 49.45 -51.97 87.13
N GLN OC 94 50.21 -51.48 88.11
CA GLN OC 94 51.49 -52.09 88.44
C GLN OC 94 51.31 -53.48 89.05
N LEU OC 95 50.23 -53.69 89.81
CA LEU OC 95 50.01 -54.96 90.49
C LEU OC 95 49.40 -56.03 89.60
N ARG OC 96 48.95 -55.68 88.39
CA ARG OC 96 48.32 -56.67 87.52
C ARG OC 96 49.24 -57.83 87.15
N PRO OC 97 50.49 -57.64 86.72
CA PRO OC 97 51.31 -58.79 86.31
C PRO OC 97 51.66 -59.73 87.46
N TYR OC 98 51.43 -59.34 88.71
CA TYR OC 98 51.84 -60.14 89.86
C TYR OC 98 50.71 -60.97 90.46
N PHE OC 99 49.46 -60.70 90.10
CA PHE OC 99 48.32 -61.34 90.74
C PHE OC 99 47.28 -61.76 89.70
N LYS OC 100 46.67 -62.92 89.93
CA LYS OC 100 45.47 -63.27 89.18
C LYS OC 100 44.26 -62.50 89.68
N TYR OC 101 44.13 -62.35 90.99
CA TYR OC 101 43.07 -61.52 91.56
C TYR OC 101 43.50 -61.06 92.94
N LEU OC 102 42.92 -59.93 93.37
CA LEU OC 102 43.22 -59.37 94.68
C LEU OC 102 42.04 -58.51 95.11
N GLN OC 103 41.47 -58.82 96.27
CA GLN OC 103 40.29 -58.12 96.76
C GLN OC 103 40.55 -57.57 98.16
N LEU OC 104 40.10 -56.34 98.39
CA LEU OC 104 40.25 -55.67 99.67
C LEU OC 104 38.87 -55.38 100.25
N VAL OC 105 38.72 -55.70 101.54
CA VAL OC 105 37.44 -55.52 102.25
C VAL OC 105 37.66 -54.50 103.36
N LEU OC 106 36.82 -53.47 103.38
CA LEU OC 106 36.89 -52.40 104.37
C LEU OC 106 35.67 -52.48 105.28
N THR OC 107 35.89 -52.48 106.59
CA THR OC 107 34.83 -52.55 107.57
C THR OC 107 34.98 -51.46 108.61
N SER OC 108 33.86 -50.85 108.99
CA SER OC 108 33.84 -49.85 110.06
C SER OC 108 33.55 -50.56 111.37
N ASN OC 109 34.36 -50.27 112.39
CA ASN OC 109 34.35 -50.99 113.67
C ASN OC 109 34.40 -50.03 114.84
N ALA OC 110 34.71 -48.75 114.60
CA ALA OC 110 34.99 -47.81 115.68
C ALA OC 110 33.87 -47.77 116.72
N SER OC 111 32.64 -48.05 116.31
CA SER OC 111 31.53 -48.30 117.24
C SER OC 111 31.53 -49.77 117.61
N SER OC 112 31.69 -50.06 118.91
CA SER OC 112 31.72 -51.44 119.37
C SER OC 112 30.39 -52.14 119.18
N THR OC 113 29.30 -51.40 118.99
CA THR OC 113 27.99 -52.01 118.78
C THR OC 113 27.65 -52.23 117.32
N VAL OC 114 28.18 -51.40 116.42
CA VAL OC 114 27.84 -51.44 115.00
C VAL OC 114 29.11 -51.71 114.20
N GLU OC 115 29.31 -52.96 113.79
CA GLU OC 115 30.34 -53.32 112.82
C GLU OC 115 29.69 -53.41 111.45
N GLU OC 116 30.28 -52.72 110.47
CA GLU OC 116 29.74 -52.72 109.11
C GLU OC 116 30.86 -52.75 108.08
N THR OC 117 30.72 -53.64 107.10
CA THR OC 117 31.56 -53.61 105.91
C THR OC 117 31.00 -52.60 104.92
N LYS OC 118 31.85 -51.69 104.44
CA LYS OC 118 31.41 -50.57 103.62
C LYS OC 118 31.70 -50.74 102.14
N ALA OC 119 32.85 -51.30 101.76
CA ALA OC 119 33.19 -51.41 100.35
C ALA OC 119 34.11 -52.60 100.13
N VAL OC 120 34.12 -53.08 98.89
CA VAL OC 120 35.03 -54.14 98.44
C VAL OC 120 35.74 -53.62 97.20
N LEU OC 121 37.06 -53.66 97.22
CA LEU OC 121 37.88 -53.19 96.10
C LEU OC 121 38.58 -54.37 95.43
N SER OC 122 38.78 -54.24 94.13
CA SER OC 122 39.41 -55.30 93.35
C SER OC 122 40.21 -54.67 92.21
N LEU OC 123 41.01 -55.49 91.54
CA LEU OC 123 41.83 -55.02 90.44
C LEU OC 123 40.99 -54.67 89.21
N LYS OC 124 39.79 -55.22 89.10
CA LYS OC 124 38.92 -54.91 87.97
C LYS OC 124 38.00 -53.72 88.25
N LYS OC 125 37.60 -53.52 89.50
CA LYS OC 125 36.78 -52.38 89.90
C LYS OC 125 37.47 -51.71 91.09
N PRO OC 126 38.43 -50.81 90.82
CA PRO OC 126 39.28 -50.29 91.90
C PRO OC 126 38.65 -49.23 92.77
N SER OC 127 37.53 -48.63 92.37
CA SER OC 127 36.98 -47.47 93.06
C SER OC 127 35.65 -47.80 93.73
N ALA OC 128 35.38 -47.11 94.83
CA ALA OC 128 34.13 -47.27 95.56
C ALA OC 128 33.83 -45.99 96.32
N VAL OC 129 32.56 -45.81 96.68
CA VAL OC 129 32.09 -44.65 97.42
C VAL OC 129 31.41 -45.12 98.69
N ILE OC 130 31.79 -44.54 99.83
CA ILE OC 130 31.27 -44.94 101.13
C ILE OC 130 30.72 -43.72 101.85
N ILE OC 131 29.91 -43.98 102.88
CA ILE OC 131 29.25 -42.95 103.67
C ILE OC 131 29.57 -43.18 105.13
N LEU OC 132 30.00 -42.12 105.83
CA LEU OC 132 30.22 -42.16 107.27
C LEU OC 132 29.25 -41.19 107.93
N ASP OC 133 28.54 -41.67 108.95
CA ASP OC 133 27.50 -40.87 109.59
C ASP OC 133 27.65 -40.83 111.11
N ASN OC 134 26.61 -40.34 111.80
CA ASN OC 134 26.68 -40.14 113.24
C ASN OC 134 27.00 -41.43 113.99
N ASP OC 135 26.53 -42.57 113.49
CA ASP OC 135 26.77 -43.83 114.19
C ASP OC 135 28.24 -44.24 114.12
N ASP OC 136 28.91 -43.93 113.01
CA ASP OC 136 30.31 -44.36 112.85
C ASP OC 136 31.24 -43.58 113.77
N TYR OC 137 30.98 -42.28 113.95
CA TYR OC 137 31.87 -41.41 114.70
C TYR OC 137 31.84 -41.70 116.20
N SER OC 138 32.37 -42.85 116.60
CA SER OC 138 32.52 -43.16 118.01
C SER OC 138 33.68 -42.38 118.59
N SER OC 139 33.61 -42.13 119.90
CA SER OC 139 34.48 -41.19 120.62
C SER OC 139 34.36 -39.78 120.07
N THR OC 140 33.40 -39.55 119.18
CA THR OC 140 33.04 -38.24 118.63
C THR OC 140 34.12 -37.62 117.75
N ASN OC 141 35.27 -38.30 117.60
CA ASN OC 141 36.40 -37.66 116.93
C ASN OC 141 37.14 -38.52 115.91
N LYS OC 142 36.88 -39.82 115.81
CA LYS OC 142 37.72 -40.64 114.93
C LYS OC 142 36.96 -41.83 114.37
N ILE OC 143 37.43 -42.29 113.21
CA ILE OC 143 36.96 -43.49 112.53
C ILE OC 143 38.11 -44.49 112.46
N GLN OC 144 37.80 -45.76 112.72
CA GLN OC 144 38.77 -46.86 112.59
C GLN OC 144 38.27 -47.83 111.54
N LEU OC 145 39.12 -48.10 110.55
CA LEU OC 145 38.80 -49.00 109.43
C LEU OC 145 39.97 -49.93 109.20
N LYS OC 146 39.76 -51.23 109.40
CA LYS OC 146 40.76 -52.22 109.05
C LYS OC 146 40.53 -52.75 107.62
N VAL OC 147 41.59 -53.32 107.07
CA VAL OC 147 41.62 -53.78 105.67
C VAL OC 147 41.71 -55.29 105.67
N GLU OC 148 40.88 -55.92 104.82
CA GLU OC 148 40.91 -57.37 104.70
C GLU OC 148 41.23 -57.73 103.25
N ALA OC 149 42.17 -58.66 103.07
CA ALA OC 149 42.70 -58.98 101.75
C ALA OC 149 42.48 -60.45 101.42
N TYR OC 150 42.08 -60.70 100.17
CA TYR OC 150 42.02 -62.03 99.58
C TYR OC 150 42.81 -62.00 98.28
N TYR OC 151 43.59 -63.04 98.02
CA TYR OC 151 44.54 -62.97 96.93
C TYR OC 151 44.86 -64.36 96.40
N GLU OC 152 45.39 -64.40 95.17
CA GLU OC 152 46.03 -65.57 94.59
C GLU OC 152 47.21 -65.10 93.77
N ALA OC 153 48.39 -65.63 94.07
CA ALA OC 153 49.62 -65.19 93.42
C ALA OC 153 49.81 -65.89 92.08
N LYS OC 154 50.54 -65.23 91.19
CA LYS OC 154 50.86 -65.81 89.90
C LYS OC 154 51.81 -66.99 90.06
N GLU OC 155 51.74 -67.92 89.10
CA GLU OC 155 52.52 -69.15 89.15
C GLU OC 155 53.97 -68.86 88.79
N GLY OC 156 54.88 -69.20 89.70
CA GLY OC 156 56.30 -69.12 89.41
C GLY OC 156 56.88 -67.72 89.39
N MET OC 157 56.24 -66.75 90.03
CA MET OC 157 56.72 -65.38 90.05
C MET OC 157 57.30 -65.06 91.43
N LEU OC 158 58.53 -64.56 91.45
CA LEU OC 158 59.22 -64.21 92.69
C LEU OC 158 59.57 -62.74 92.69
N PHE OC 159 59.36 -62.08 93.83
CA PHE OC 159 59.58 -60.66 93.95
C PHE OC 159 59.64 -60.28 95.42
N ASP OC 160 60.03 -59.04 95.68
CA ASP OC 160 60.07 -58.51 97.05
C ASP OC 160 60.00 -57.00 96.99
N SER OC 161 59.60 -56.41 98.12
CA SER OC 161 59.53 -54.95 98.27
C SER OC 161 58.60 -54.32 97.22
N LEU OC 162 57.34 -54.77 97.22
CA LEU OC 162 56.34 -54.24 96.31
C LEU OC 162 55.27 -53.50 97.10
N PRO OC 163 55.07 -52.20 96.87
CA PRO OC 163 54.10 -51.44 97.66
C PRO OC 163 52.69 -51.49 97.11
N VAL OC 164 51.74 -51.34 98.02
CA VAL OC 164 50.31 -51.22 97.70
C VAL OC 164 49.83 -49.88 98.23
N ILE OC 165 49.19 -49.09 97.38
CA ILE OC 165 48.85 -47.70 97.67
C ILE OC 165 47.35 -47.52 97.56
N LEU OC 166 46.77 -46.81 98.53
CA LEU OC 166 45.36 -46.43 98.52
C LEU OC 166 45.26 -44.91 98.62
N ASN OC 167 44.24 -44.35 97.98
CA ASN OC 167 44.05 -42.90 97.92
C ASN OC 167 42.65 -42.55 98.41
N PHE OC 168 42.53 -41.37 99.03
CA PHE OC 168 41.27 -40.87 99.55
C PHE OC 168 40.97 -39.50 98.97
N GLN OC 169 39.71 -39.25 98.65
CA GLN OC 169 39.26 -37.96 98.15
C GLN OC 169 37.90 -37.64 98.74
N VAL OC 170 37.74 -36.39 99.18
CA VAL OC 170 36.50 -35.91 99.79
C VAL OC 170 35.60 -35.35 98.70
N LEU OC 171 34.35 -35.81 98.67
CA LEU OC 171 33.38 -35.34 97.71
C LEU OC 171 32.40 -34.33 98.29
N SER OC 172 31.97 -34.52 99.54
CA SER OC 172 31.04 -33.61 100.19
C SER OC 172 31.11 -33.80 101.69
N VAL OC 173 31.00 -32.71 102.43
CA VAL OC 173 30.99 -32.74 103.89
C VAL OC 173 29.88 -31.82 104.39
N SER OC 174 29.28 -32.20 105.51
CA SER OC 174 28.21 -31.41 106.11
C SER OC 174 28.20 -31.56 107.63
N THR PC 26 40.72 40.29 101.90
CA THR PC 26 39.63 39.57 101.28
C THR PC 26 40.16 38.39 100.47
N THR PC 27 40.32 37.25 101.13
CA THR PC 27 40.86 36.04 100.51
C THR PC 27 39.84 34.92 100.61
N GLN PC 28 39.64 34.20 99.50
CA GLN PC 28 38.72 33.08 99.44
C GLN PC 28 39.51 31.78 99.48
N SER PC 29 39.18 30.91 100.43
CA SER PC 29 39.96 29.69 100.59
C SER PC 29 39.18 28.47 100.10
N PRO PC 30 39.88 27.49 99.50
CA PRO PC 30 39.18 26.28 99.06
C PRO PC 30 38.96 25.25 100.16
N LEU PC 31 39.71 25.34 101.27
CA LEU PC 31 39.49 24.51 102.45
C LEU PC 31 39.71 23.02 102.14
N ASN PC 32 40.83 22.72 101.47
CA ASN PC 32 41.16 21.33 101.17
C ASN PC 32 42.66 21.06 101.32
N SER PC 33 43.36 21.88 102.09
CA SER PC 33 44.81 21.74 102.26
C SER PC 33 45.14 20.97 103.54
N PHE PC 34 44.70 19.70 103.58
CA PHE PC 34 44.96 18.82 104.71
C PHE PC 34 45.32 17.43 104.20
N TYR PC 35 46.36 16.84 104.77
CA TYR PC 35 46.86 15.55 104.31
C TYR PC 35 47.39 14.74 105.48
N ALA PC 36 47.45 13.42 105.25
CA ALA PC 36 48.06 12.48 106.19
C ALA PC 36 48.67 11.34 105.38
N THR PC 37 49.82 10.83 105.83
CA THR PC 37 50.62 9.91 105.03
C THR PC 37 51.04 8.69 105.84
N GLY PC 38 50.99 7.52 105.21
CA GLY PC 38 51.53 6.30 105.77
C GLY PC 38 52.45 5.60 104.79
N THR PC 39 52.89 4.37 105.12
CA THR PC 39 53.81 3.64 104.27
C THR PC 39 53.50 2.15 104.34
N ALA PC 40 54.00 1.42 103.34
CA ALA PC 40 53.86 -0.03 103.28
C ALA PC 40 55.02 -0.61 102.49
N GLN PC 41 55.27 -1.91 102.69
CA GLN PC 41 56.38 -2.57 102.03
C GLN PC 41 56.17 -4.08 102.05
N ALA PC 42 56.93 -4.76 101.18
CA ALA PC 42 56.97 -6.23 101.16
C ALA PC 42 58.28 -6.63 100.50
N VAL PC 43 59.21 -7.17 101.28
CA VAL PC 43 60.59 -7.36 100.81
C VAL PC 43 61.08 -8.79 101.01
N GLN PC 44 60.19 -9.78 101.03
CA GLN PC 44 60.63 -11.16 101.15
C GLN PC 44 59.59 -12.10 100.56
N GLU PC 45 60.08 -13.27 100.12
CA GLU PC 45 59.23 -14.31 99.54
C GLU PC 45 58.53 -15.10 100.64
N PRO PC 46 57.36 -15.69 100.34
CA PRO PC 46 56.58 -16.34 101.40
C PRO PC 46 57.32 -17.47 102.12
N ILE PC 47 58.10 -18.28 101.41
CA ILE PC 47 58.68 -19.48 102.00
C ILE PC 47 60.18 -19.53 101.72
N ASP PC 48 60.87 -20.33 102.52
CA ASP PC 48 62.28 -20.65 102.32
C ASP PC 48 62.44 -22.15 102.44
N VAL PC 49 63.28 -22.74 101.59
CA VAL PC 49 63.41 -24.19 101.49
C VAL PC 49 64.87 -24.58 101.68
N GLU PC 50 65.12 -25.57 102.53
CA GLU PC 50 66.46 -26.08 102.79
C GLU PC 50 66.43 -27.61 102.70
N SER PC 51 67.48 -28.19 102.13
CA SER PC 51 67.54 -29.61 101.82
C SER PC 51 68.53 -30.33 102.72
N HIS PC 52 68.17 -31.56 103.11
CA HIS PC 52 69.03 -32.43 103.91
C HIS PC 52 68.97 -33.87 103.40
N LEU PC 53 69.03 -34.05 102.08
CA LEU PC 53 68.99 -35.38 101.49
C LEU PC 53 70.43 -35.90 101.41
N ASP PC 54 70.82 -36.66 102.42
CA ASP PC 54 72.20 -37.14 102.57
C ASP PC 54 72.26 -38.66 102.66
N ASN PC 55 71.51 -39.35 101.80
CA ASN PC 55 71.61 -40.80 101.68
C ASN PC 55 71.66 -41.17 100.20
N THR PC 56 72.33 -42.27 99.90
CA THR PC 56 72.58 -42.69 98.53
C THR PC 56 71.89 -44.02 98.25
N ILE PC 57 71.15 -44.07 97.14
CA ILE PC 57 70.58 -45.32 96.65
C ILE PC 57 71.70 -46.11 95.99
N ALA PC 58 72.20 -47.13 96.68
CA ALA PC 58 73.36 -47.91 96.22
C ALA PC 58 73.02 -49.40 96.24
N PRO PC 59 72.23 -49.87 95.28
CA PRO PC 59 72.01 -51.30 95.14
C PRO PC 59 72.99 -51.93 94.15
N ALA PC 60 72.92 -53.25 94.04
CA ALA PC 60 73.65 -53.95 93.01
C ALA PC 60 72.91 -53.83 91.67
N ALA PC 61 73.59 -54.21 90.61
CA ALA PC 61 73.01 -54.10 89.27
C ALA PC 61 71.84 -55.06 89.12
N GLY PC 62 70.69 -54.53 88.74
CA GLY PC 62 69.51 -55.34 88.51
C GLY PC 62 68.74 -55.75 89.73
N ALA PC 63 69.06 -55.19 90.90
CA ALA PC 63 68.43 -55.58 92.15
C ALA PC 63 67.17 -54.77 92.42
N GLN PC 64 66.29 -55.34 93.24
CA GLN PC 64 65.08 -54.67 93.69
C GLN PC 64 65.26 -54.30 95.16
N GLY PC 65 65.00 -53.04 95.50
CA GLY PC 65 65.38 -52.56 96.81
C GLY PC 65 64.37 -51.70 97.56
N TYR PC 66 64.83 -51.09 98.64
CA TYR PC 66 64.00 -50.32 99.57
C TYR PC 66 64.89 -49.41 100.39
N LYS PC 67 64.71 -48.09 100.26
CA LYS PC 67 65.68 -47.15 100.82
C LYS PC 67 64.98 -45.86 101.22
N ASP PC 68 65.52 -45.21 102.24
CA ASP PC 68 65.11 -43.86 102.63
C ASP PC 68 66.27 -42.89 102.35
N MET PC 69 65.94 -41.60 102.24
CA MET PC 69 66.89 -40.61 101.73
C MET PC 69 67.25 -39.52 102.73
N GLY PC 70 66.25 -38.88 103.33
CA GLY PC 70 66.50 -37.74 104.20
C GLY PC 70 65.21 -36.95 104.40
N TYR PC 71 65.38 -35.67 104.70
CA TYR PC 71 64.21 -34.81 104.92
C TYR PC 71 64.51 -33.39 104.42
N VAL PC 72 63.44 -32.64 104.21
CA VAL PC 72 63.51 -31.28 103.67
C VAL PC 72 62.76 -30.34 104.60
N LYS PC 73 63.34 -29.16 104.83
CA LYS PC 73 62.76 -28.17 105.72
C LYS PC 73 62.14 -27.01 104.93
N ILE PC 74 60.96 -26.57 105.35
CA ILE PC 74 60.26 -25.45 104.75
C ILE PC 74 59.98 -24.42 105.85
N ILE PC 75 60.24 -23.16 105.56
CA ILE PC 75 60.09 -22.07 106.52
C ILE PC 75 59.06 -21.08 105.99
N ASN PC 76 58.11 -20.70 106.84
CA ASN PC 76 57.00 -19.82 106.48
C ASN PC 76 57.06 -18.53 107.29
N TYR PC 77 56.70 -17.43 106.63
CA TYR PC 77 57.00 -16.07 107.09
C TYR PC 77 55.71 -15.30 107.40
N THR PC 78 55.88 -13.99 107.63
CA THR PC 78 54.87 -13.16 108.25
C THR PC 78 53.54 -13.22 107.49
N ASP PC 79 52.44 -13.36 108.25
CA ASP PC 79 51.07 -13.32 107.74
C ASP PC 79 50.78 -14.43 106.76
N VAL PC 80 51.47 -15.56 106.88
CA VAL PC 80 51.26 -16.73 106.02
C VAL PC 80 50.61 -17.81 106.87
N ASN PC 81 49.54 -18.41 106.36
CA ASN PC 81 48.84 -19.47 107.08
C ASN PC 81 48.70 -20.75 106.27
N VAL PC 82 48.44 -20.65 104.96
CA VAL PC 82 48.22 -21.81 104.11
C VAL PC 82 49.04 -21.63 102.84
N VAL PC 83 49.72 -22.69 102.43
CA VAL PC 83 50.58 -22.67 101.25
C VAL PC 83 50.19 -23.83 100.33
N LYS PC 84 50.07 -23.54 99.04
CA LYS PC 84 49.82 -24.54 98.02
C LYS PC 84 51.10 -24.72 97.19
N LEU PC 85 51.55 -25.96 97.05
CA LEU PC 85 52.83 -26.25 96.44
C LEU PC 85 52.68 -27.28 95.32
N LYS PC 86 53.62 -27.24 94.38
CA LYS PC 86 53.71 -28.22 93.30
C LYS PC 86 55.13 -28.77 93.29
N VAL PC 87 55.24 -30.10 93.32
CA VAL PC 87 56.53 -30.78 93.38
C VAL PC 87 56.66 -31.67 92.15
N THR PC 88 57.82 -31.60 91.49
CA THR PC 88 58.06 -32.35 90.27
C THR PC 88 59.48 -32.87 90.25
N LEU PC 89 59.72 -33.88 89.41
CA LEU PC 89 61.04 -34.44 89.17
C LEU PC 89 61.65 -33.72 87.97
N ALA PC 90 62.72 -32.96 88.23
CA ALA PC 90 63.29 -32.11 87.18
C ALA PC 90 64.04 -32.91 86.12
N ASN PC 91 64.75 -33.97 86.52
CA ASN PC 91 65.60 -34.71 85.61
C ASN PC 91 65.11 -36.14 85.41
N ALA PC 92 63.80 -36.31 85.24
CA ALA PC 92 63.25 -37.64 85.03
C ALA PC 92 63.72 -38.25 83.72
N ALA PC 93 63.92 -37.43 82.69
CA ALA PC 93 64.36 -37.94 81.39
C ALA PC 93 65.75 -38.56 81.49
N GLN PC 94 66.64 -37.94 82.26
CA GLN PC 94 67.99 -38.47 82.40
C GLN PC 94 68.00 -39.80 83.16
N LEU PC 95 67.10 -39.98 84.11
CA LEU PC 95 67.07 -41.18 84.94
C LEU PC 95 66.38 -42.36 84.26
N ARG PC 96 65.70 -42.14 83.14
CA ARG PC 96 64.98 -43.24 82.50
C ARG PC 96 65.87 -44.39 82.05
N PRO PC 97 67.02 -44.19 81.39
CA PRO PC 97 67.82 -45.35 80.95
C PRO PC 97 68.42 -46.16 82.08
N TYR PC 98 68.40 -45.65 83.31
CA TYR PC 98 69.05 -46.32 84.43
C TYR PC 98 68.10 -47.13 85.31
N PHE PC 99 66.78 -46.95 85.16
CA PHE PC 99 65.82 -47.58 86.05
C PHE PC 99 64.64 -48.13 85.26
N LYS PC 100 64.14 -49.29 85.70
CA LYS PC 100 62.85 -49.75 85.21
C LYS PC 100 61.70 -49.00 85.85
N TYR PC 101 61.81 -48.71 87.15
CA TYR PC 101 60.82 -47.88 87.83
C TYR PC 101 61.46 -47.27 89.07
N LEU PC 102 60.92 -46.14 89.50
CA LEU PC 102 61.41 -45.42 90.67
C LEU PC 102 60.28 -44.58 91.23
N GLN PC 103 59.94 -44.80 92.50
CA GLN PC 103 58.83 -44.10 93.15
C GLN PC 103 59.30 -43.41 94.40
N LEU PC 104 58.83 -42.18 94.61
CA LEU PC 104 59.18 -41.38 95.77
C LEU PC 104 57.92 -41.10 96.58
N VAL PC 105 58.00 -41.29 97.90
CA VAL PC 105 56.88 -41.10 98.81
C VAL PC 105 57.23 -39.98 99.77
N LEU PC 106 56.35 -38.97 99.85
CA LEU PC 106 56.54 -37.81 100.72
C LEU PC 106 55.50 -37.85 101.84
N THR PC 107 55.97 -37.71 103.07
CA THR PC 107 55.09 -37.73 104.24
C THR PC 107 55.37 -36.54 105.13
N SER PC 108 54.30 -35.94 105.66
CA SER PC 108 54.42 -34.84 106.62
C SER PC 108 54.41 -35.44 108.02
N ASN PC 109 55.38 -35.01 108.85
CA ASN PC 109 55.63 -35.62 110.15
C ASN PC 109 55.84 -34.54 111.22
N ALA PC 110 56.03 -33.27 110.80
CA ALA PC 110 56.45 -32.22 111.73
C ALA PC 110 55.53 -32.12 112.95
N SER PC 111 54.26 -32.50 112.80
CA SER PC 111 53.37 -32.70 113.94
C SER PC 111 53.50 -34.13 114.44
N SER PC 112 53.90 -34.28 115.70
CA SER PC 112 54.11 -35.61 116.26
C SER PC 112 52.81 -36.39 116.39
N THR PC 113 51.65 -35.71 116.33
CA THR PC 113 50.37 -36.37 116.42
C THR PC 113 49.79 -36.75 115.08
N VAL PC 114 50.09 -35.99 114.02
CA VAL PC 114 49.50 -36.19 112.71
C VAL PC 114 50.62 -36.48 111.71
N GLU PC 115 50.82 -37.75 111.38
CA GLU PC 115 51.67 -38.17 110.27
C GLU PC 115 50.80 -38.41 109.05
N GLU PC 116 51.15 -37.80 107.93
CA GLU PC 116 50.38 -37.96 106.70
C GLU PC 116 51.30 -38.04 105.49
N THR PC 117 51.03 -39.02 104.62
CA THR PC 117 51.65 -39.07 103.31
C THR PC 117 50.86 -38.18 102.35
N LYS PC 118 51.56 -37.30 101.64
CA LYS PC 118 50.92 -36.28 100.82
C LYS PC 118 50.94 -36.58 99.33
N ALA PC 119 52.04 -37.13 98.80
CA ALA PC 119 52.12 -37.36 97.38
C ALA PC 119 53.05 -38.53 97.09
N VAL PC 120 52.87 -39.14 95.92
CA VAL PC 120 53.74 -40.18 95.40
C VAL PC 120 54.19 -39.77 94.01
N LEU PC 121 55.49 -39.74 93.79
CA LEU PC 121 56.07 -39.36 92.51
C LEU PC 121 56.70 -40.56 91.83
N SER PC 122 56.66 -40.56 90.50
CA SER PC 122 57.20 -41.66 89.72
C SER PC 122 57.74 -41.11 88.40
N LEU PC 123 58.46 -41.96 87.68
CA LEU PC 123 59.04 -41.56 86.40
C LEU PC 123 57.98 -41.38 85.31
N LYS PC 124 56.80 -41.97 85.47
CA LYS PC 124 55.72 -41.81 84.51
C LYS PC 124 54.80 -40.64 84.84
N LYS PC 125 54.63 -40.33 86.12
CA LYS PC 125 53.83 -39.19 86.58
C LYS PC 125 54.68 -38.39 87.54
N PRO PC 126 55.52 -37.48 87.03
CA PRO PC 126 56.52 -36.82 87.88
C PRO PC 126 56.01 -35.70 88.76
N SER PC 127 54.80 -35.20 88.52
CA SER PC 127 54.32 -33.99 89.19
C SER PC 127 53.15 -34.31 90.12
N ALA PC 128 53.04 -33.53 91.19
CA ALA PC 128 51.95 -33.67 92.15
C ALA PC 128 51.72 -32.33 92.83
N VAL PC 129 50.53 -32.17 93.41
CA VAL PC 129 50.14 -30.96 94.11
C VAL PC 129 49.71 -31.34 95.53
N ILE PC 130 50.27 -30.63 96.51
CA ILE PC 130 50.01 -30.93 97.92
C ILE PC 130 49.53 -29.67 98.62
N ILE PC 131 48.94 -29.86 99.79
CA ILE PC 131 48.37 -28.78 100.60
C ILE PC 131 48.97 -28.86 102.00
N LEU PC 132 49.46 -27.73 102.51
CA LEU PC 132 49.93 -27.61 103.88
C LEU PC 132 49.03 -26.62 104.62
N ASP PC 133 48.55 -27.03 105.79
CA ASP PC 133 47.60 -26.22 106.54
C ASP PC 133 48.02 -26.01 108.00
N ASN PC 134 47.09 -25.50 108.81
CA ASN PC 134 47.41 -25.16 110.19
C ASN PC 134 47.93 -26.36 110.99
N ASP PC 135 47.44 -27.57 110.69
CA ASP PC 135 47.88 -28.74 111.44
C ASP PC 135 49.33 -29.10 111.13
N ASP PC 136 49.78 -28.87 109.89
CA ASP PC 136 51.14 -29.25 109.52
C ASP PC 136 52.17 -28.35 110.17
N TYR PC 137 51.88 -27.06 110.30
CA TYR PC 137 52.84 -26.08 110.78
C TYR PC 137 53.09 -26.22 112.28
N SER PC 138 53.75 -27.31 112.68
CA SER PC 138 54.17 -27.47 114.06
C SER PC 138 55.38 -26.59 114.34
N SER PC 139 55.53 -26.23 115.62
CA SER PC 139 56.46 -25.19 116.08
C SER PC 139 56.16 -23.84 115.43
N THR PC 140 55.05 -23.73 114.71
CA THR PC 140 54.51 -22.50 114.13
C THR PC 140 55.39 -21.93 113.02
N ASN PC 141 56.53 -22.57 112.72
CA ASN PC 141 57.48 -21.96 111.80
C ASN PC 141 58.08 -22.89 110.75
N LYS PC 142 57.88 -24.20 110.81
CA LYS PC 142 58.59 -25.06 109.86
C LYS PC 142 57.81 -26.33 109.56
N ILE PC 143 58.09 -26.88 108.38
CA ILE PC 143 57.57 -28.16 107.91
C ILE PC 143 58.74 -29.11 107.70
N GLN PC 144 58.56 -30.37 108.13
CA GLN PC 144 59.55 -31.42 107.93
C GLN PC 144 58.93 -32.52 107.07
N LEU PC 145 59.59 -32.85 105.97
CA LEU PC 145 59.13 -33.86 105.02
C LEU PC 145 60.28 -34.77 104.65
N LYS PC 146 60.19 -36.05 105.01
CA LYS PC 146 61.16 -37.03 104.56
C LYS PC 146 60.72 -37.69 103.26
N VAL PC 147 61.68 -38.28 102.56
CA VAL PC 147 61.49 -38.87 101.25
C VAL PC 147 61.66 -40.37 101.35
N GLU PC 148 60.74 -41.11 100.73
CA GLU PC 148 60.81 -42.57 100.73
C GLU PC 148 60.90 -43.05 99.29
N ALA PC 149 61.83 -43.95 99.01
CA ALA PC 149 62.15 -44.38 97.66
C ALA PC 149 61.95 -45.88 97.50
N TYR PC 150 61.35 -46.26 96.37
CA TYR PC 150 61.27 -47.65 95.93
C TYR PC 150 61.79 -47.71 94.50
N TYR PC 151 62.57 -48.74 94.20
CA TYR PC 151 63.31 -48.74 92.94
C TYR PC 151 63.61 -50.17 92.50
N GLU PC 152 63.91 -50.30 91.20
CA GLU PC 152 64.49 -51.49 90.61
C GLU PC 152 65.48 -51.06 89.55
N ALA PC 153 66.73 -51.50 89.67
CA ALA PC 153 67.79 -51.09 88.77
C ALA PC 153 67.78 -51.90 87.48
N LYS PC 154 68.30 -51.30 86.43
CA LYS PC 154 68.42 -51.99 85.15
C LYS PC 154 69.44 -53.12 85.23
N GLU PC 155 69.25 -54.13 84.39
CA GLU PC 155 70.09 -55.32 84.41
C GLU PC 155 71.44 -55.01 83.76
N GLY PC 156 72.52 -55.23 84.51
CA GLY PC 156 73.86 -55.12 83.97
C GLY PC 156 74.34 -53.71 83.72
N MET PC 157 73.78 -52.71 84.37
CA MET PC 157 74.17 -51.32 84.19
C MET PC 157 74.97 -50.85 85.40
N LEU PC 158 76.15 -50.30 85.15
CA LEU PC 158 77.04 -49.82 86.20
C LEU PC 158 77.29 -48.33 86.01
N PHE PC 159 77.26 -47.58 87.11
CA PHE PC 159 77.41 -46.14 87.05
C PHE PC 159 77.72 -45.62 88.46
N ASP PC 160 78.08 -44.34 88.54
CA ASP PC 160 78.33 -43.69 89.81
C ASP PC 160 78.17 -42.19 89.64
N SER PC 161 77.94 -41.51 90.76
CA SER PC 161 77.82 -40.05 90.80
C SER PC 161 76.69 -39.56 89.89
N LEU PC 162 75.48 -40.05 90.16
CA LEU PC 162 74.29 -39.66 89.39
C LEU PC 162 73.35 -38.88 90.31
N PRO PC 163 73.03 -37.62 90.00
CA PRO PC 163 72.19 -36.82 90.89
C PRO PC 163 70.70 -36.99 90.61
N VAL PC 164 69.91 -36.79 91.67
CA VAL PC 164 68.46 -36.75 91.61
C VAL PC 164 68.00 -35.38 92.10
N ILE PC 165 67.16 -34.71 91.31
CA ILE PC 165 66.82 -33.31 91.54
C ILE PC 165 65.30 -33.20 91.69
N LEU PC 166 64.88 -32.44 92.69
CA LEU PC 166 63.47 -32.10 92.91
C LEU PC 166 63.30 -30.59 92.88
N ASN PC 167 62.15 -30.14 92.40
CA ASN PC 167 61.87 -28.71 92.24
C ASN PC 167 60.57 -28.36 92.95
N PHE PC 168 60.50 -27.14 93.47
CA PHE PC 168 59.32 -26.64 94.17
C PHE PC 168 58.86 -25.34 93.53
N GLN PC 169 57.54 -25.17 93.44
CA GLN PC 169 56.94 -23.96 92.92
C GLN PC 169 55.68 -23.63 93.73
N VAL PC 170 55.53 -22.36 94.06
CA VAL PC 170 54.40 -21.88 94.85
C VAL PC 170 53.29 -21.45 93.91
N LEU PC 171 52.08 -21.98 94.15
CA LEU PC 171 50.92 -21.62 93.34
C LEU PC 171 50.01 -20.61 94.00
N SER PC 172 49.84 -20.68 95.32
CA SER PC 172 48.98 -19.75 96.04
C SER PC 172 49.33 -19.80 97.52
N VAL PC 173 49.29 -18.65 98.17
CA VAL PC 173 49.54 -18.54 99.60
C VAL PC 173 48.49 -17.62 100.22
N SER PC 174 48.13 -17.91 101.45
CA SER PC 174 47.14 -17.11 102.17
C SER PC 174 47.41 -17.12 103.67
N THR QC 26 54.63 54.29 89.45
CA THR QC 26 53.48 53.46 89.10
C THR QC 26 53.94 52.23 88.31
N THR QC 27 54.27 51.16 89.03
CA THR QC 27 54.76 49.93 88.44
C THR QC 27 53.84 48.78 88.82
N GLN QC 28 53.48 47.96 87.83
CA GLN QC 28 52.62 46.80 88.04
C GLN QC 28 53.49 45.55 88.04
N SER QC 29 53.39 44.75 89.11
CA SER QC 29 54.25 43.59 89.24
C SER QC 29 53.47 42.30 89.01
N PRO QC 30 54.09 41.29 88.37
CA PRO QC 30 53.40 40.02 88.18
C PRO QC 30 53.44 39.10 89.38
N LEU QC 31 54.36 39.32 90.32
CA LEU QC 31 54.41 38.59 91.60
C LEU QC 31 54.66 37.09 91.38
N ASN QC 32 55.64 36.77 90.54
CA ASN QC 32 56.01 35.38 90.31
C ASN QC 32 57.51 35.17 90.21
N SER QC 33 58.30 36.10 90.76
CA SER QC 33 59.75 36.03 90.68
C SER QC 33 60.35 35.39 91.94
N PHE QC 34 60.00 34.12 92.17
CA PHE QC 34 60.51 33.37 93.30
C PHE QC 34 60.85 31.96 92.85
N TYR QC 35 62.01 31.47 93.28
CA TYR QC 35 62.49 30.15 92.84
C TYR QC 35 63.26 29.47 93.96
N ALA QC 36 63.36 28.15 93.85
CA ALA QC 36 64.18 27.32 94.74
C ALA QC 36 64.69 26.15 93.93
N THR QC 37 65.93 25.72 94.20
CA THR QC 37 66.61 24.76 93.36
C THR QC 37 67.25 23.64 94.19
N GLY QC 38 67.16 22.42 93.66
CA GLY QC 38 67.85 21.28 94.23
C GLY QC 38 68.63 20.51 93.17
N THR QC 39 69.18 19.35 93.52
CA THR QC 39 69.98 18.58 92.58
C THR QC 39 69.77 17.09 92.83
N ALA QC 40 70.13 16.28 91.83
CA ALA QC 40 70.05 14.84 91.91
C ALA QC 40 71.09 14.23 90.98
N GLN QC 41 71.44 12.97 91.24
CA GLN QC 41 72.45 12.28 90.44
C GLN QC 41 72.33 10.78 90.64
N ALA QC 42 72.96 10.04 89.72
CA ALA QC 42 73.08 8.59 89.82
C ALA QC 42 74.27 8.18 88.96
N VAL QC 43 75.36 7.75 89.60
CA VAL QC 43 76.63 7.58 88.91
C VAL QC 43 77.23 6.19 89.14
N GLN QC 44 76.42 5.17 89.41
CA GLN QC 44 76.95 3.82 89.57
C GLN QC 44 75.88 2.80 89.26
N GLU QC 45 76.34 1.61 88.84
CA GLU QC 45 75.47 0.49 88.53
C GLU QC 45 75.02 -0.22 89.80
N PRO QC 46 73.86 -0.88 89.78
CA PRO QC 46 73.31 -1.47 91.02
C PRO QC 46 74.22 -2.49 91.68
N ILE QC 47 74.91 -3.33 90.91
CA ILE QC 47 75.66 -4.45 91.48
C ILE QC 47 77.08 -4.46 90.94
N ASP QC 48 77.95 -5.15 91.67
CA ASP QC 48 79.32 -5.43 91.23
C ASP QC 48 79.58 -6.91 91.46
N VAL QC 49 80.28 -7.55 90.52
CA VAL QC 49 80.47 -8.99 90.53
C VAL QC 49 81.96 -9.30 90.48
N GLU QC 50 82.42 -10.20 91.36
CA GLU QC 50 83.80 -10.63 91.41
C GLU QC 50 83.85 -12.15 91.46
N SER QC 51 84.82 -12.74 90.77
CA SER QC 51 84.89 -14.18 90.58
C SER QC 51 86.07 -14.78 91.33
N HIS QC 52 85.85 -15.98 91.88
CA HIS QC 52 86.89 -16.73 92.58
C HIS QC 52 86.83 -18.21 92.23
N LEU QC 53 86.64 -18.52 90.95
CA LEU QC 53 86.59 -19.91 90.48
C LEU QC 53 88.01 -20.37 90.19
N ASP QC 54 88.63 -21.02 91.18
CA ASP QC 54 90.03 -21.42 91.11
C ASP QC 54 90.20 -22.92 91.32
N ASN QC 55 89.34 -23.72 90.68
CA ASN QC 55 89.50 -25.16 90.66
C ASN QC 55 89.30 -25.67 89.23
N THR QC 56 89.96 -26.77 88.92
CA THR QC 56 89.99 -27.32 87.57
C THR QC 56 89.33 -28.69 87.54
N ILE QC 57 88.41 -28.88 86.59
CA ILE QC 57 87.84 -30.18 86.33
C ILE QC 57 88.86 -30.99 85.55
N ALA QC 58 89.54 -31.92 86.23
CA ALA QC 58 90.64 -32.69 85.63
C ALA QC 58 90.39 -34.18 85.84
N PRO QC 59 89.47 -34.78 85.09
CA PRO QC 59 89.31 -36.23 85.12
C PRO QC 59 90.12 -36.91 84.02
N ALA QC 60 90.11 -38.23 84.05
CA ALA QC 60 90.68 -39.00 82.96
C ALA QC 60 89.71 -39.04 81.78
N ALA QC 61 90.21 -39.49 80.63
CA ALA QC 61 89.39 -39.53 79.42
C ALA QC 61 88.27 -40.56 79.58
N GLY QC 62 87.04 -40.10 79.37
CA GLY QC 62 85.88 -40.98 79.43
C GLY QC 62 85.37 -41.30 80.81
N ALA QC 63 85.87 -40.62 81.85
CA ALA QC 63 85.49 -40.92 83.21
C ALA QC 63 84.26 -40.13 83.64
N GLN QC 64 83.58 -40.65 84.65
CA GLN QC 64 82.42 -39.99 85.28
C GLN QC 64 82.86 -39.47 86.64
N GLY QC 65 82.58 -38.20 86.91
CA GLY QC 65 83.17 -37.58 88.08
C GLY QC 65 82.26 -36.69 88.92
N TYR QC 66 82.87 -35.95 89.84
CA TYR QC 66 82.18 -35.14 90.83
C TYR QC 66 83.16 -34.11 91.39
N LYS QC 67 82.88 -32.82 91.19
CA LYS QC 67 83.88 -31.81 91.47
C LYS QC 67 83.19 -30.51 91.88
N ASP QC 68 83.87 -29.73 92.72
CA ASP QC 68 83.47 -28.37 93.07
C ASP QC 68 84.49 -27.39 92.49
N MET QC 69 84.07 -26.13 92.33
CA MET QC 69 84.86 -25.16 91.57
C MET QC 69 85.33 -23.96 92.39
N GLY QC 70 84.42 -23.31 93.10
CA GLY QC 70 84.76 -22.08 93.81
C GLY QC 70 83.49 -21.33 94.16
N TYR QC 71 83.63 -20.02 94.32
CA TYR QC 71 82.48 -19.18 94.68
C TYR QC 71 82.60 -17.83 94.00
N VAL QC 72 81.47 -17.13 93.93
CA VAL QC 72 81.37 -15.83 93.27
C VAL QC 72 80.74 -14.83 94.23
N LYS QC 73 81.27 -13.61 94.24
CA LYS QC 73 80.82 -12.56 95.14
C LYS QC 73 80.01 -11.51 94.38
N ILE QC 74 78.90 -11.08 94.98
CA ILE QC 74 78.03 -10.05 94.42
C ILE QC 74 77.90 -8.93 95.45
N ILE QC 75 78.04 -7.69 95.00
CA ILE QC 75 78.00 -6.52 95.87
C ILE QC 75 76.83 -5.63 95.46
N ASN QC 76 76.03 -5.21 96.43
CA ASN QC 76 74.84 -4.41 96.21
C ASN QC 76 74.96 -3.05 96.88
N TYR QC 77 74.43 -2.03 96.20
CA TYR QC 77 74.73 -0.62 96.48
C TYR QC 77 73.49 0.12 96.95
N THR QC 78 73.62 1.45 97.03
CA THR QC 78 72.67 2.29 97.76
C THR QC 78 71.24 2.11 97.27
N ASP QC 79 70.31 2.00 98.22
CA ASP QC 79 68.88 1.95 97.97
C ASP QC 79 68.47 0.72 97.15
N VAL QC 80 69.23 -0.35 97.24
CA VAL QC 80 68.94 -1.61 96.55
C VAL QC 80 68.52 -2.64 97.60
N ASN QC 81 67.40 -3.31 97.35
CA ASN QC 81 66.91 -4.32 98.27
C ASN QC 81 66.69 -5.69 97.61
N VAL QC 82 66.19 -5.72 96.38
CA VAL QC 82 65.90 -6.97 95.69
C VAL QC 82 66.46 -6.89 94.28
N VAL QC 83 67.12 -7.95 93.83
CA VAL QC 83 67.75 -8.02 92.53
C VAL QC 83 67.26 -9.26 91.80
N LYS QC 84 66.89 -9.10 90.53
CA LYS QC 84 66.53 -10.21 89.66
C LYS QC 84 67.65 -10.41 88.64
N LEU QC 85 68.12 -11.65 88.53
CA LEU QC 85 69.30 -11.94 87.72
C LEU QC 85 68.99 -13.08 86.74
N LYS QC 86 69.75 -13.09 85.64
CA LYS QC 86 69.70 -14.17 84.65
C LYS QC 86 71.13 -14.66 84.42
N VAL QC 87 71.33 -15.97 84.57
CA VAL QC 87 72.63 -16.60 84.43
C VAL QC 87 72.59 -17.60 83.29
N THR QC 88 73.60 -17.55 82.43
CA THR QC 88 73.66 -18.40 81.25
C THR QC 88 75.09 -18.86 81.02
N LEU QC 89 75.22 -19.94 80.23
CA LEU QC 89 76.51 -20.46 79.82
C LEU QC 89 76.85 -19.84 78.47
N ALA QC 90 77.91 -19.03 78.43
CA ALA QC 90 78.23 -18.25 77.24
C ALA QC 90 78.83 -19.12 76.13
N ASN QC 91 79.64 -20.11 76.50
CA ASN QC 91 80.37 -20.90 75.50
C ASN QC 91 79.93 -22.36 75.53
N ALA QC 92 78.62 -22.60 75.61
CA ALA QC 92 78.12 -23.96 75.63
C ALA QC 92 78.38 -24.68 74.31
N ALA QC 93 78.34 -23.95 73.19
CA ALA QC 93 78.57 -24.58 71.90
C ALA QC 93 79.99 -25.12 71.78
N GLN QC 94 80.97 -24.40 72.32
CA GLN QC 94 82.36 -24.86 72.25
C GLN QC 94 82.57 -26.10 73.10
N LEU QC 95 81.87 -26.22 74.23
CA LEU QC 95 82.06 -27.34 75.14
C LEU QC 95 81.32 -28.61 74.72
N ARG QC 96 80.44 -28.52 73.72
CA ARG QC 96 79.68 -29.71 73.32
C ARG QC 96 80.54 -30.87 72.82
N PRO QC 97 81.53 -30.68 71.94
CA PRO QC 97 82.31 -31.84 71.46
C PRO QC 97 83.15 -32.51 72.54
N TYR QC 98 83.32 -31.89 73.70
CA TYR QC 98 84.19 -32.44 74.74
C TYR QC 98 83.46 -33.18 75.85
N PHE QC 99 82.14 -33.07 75.92
CA PHE QC 99 81.39 -33.64 77.03
C PHE QC 99 80.12 -34.32 76.52
N LYS QC 100 79.77 -35.44 77.14
CA LYS QC 100 78.44 -36.01 76.94
C LYS QC 100 77.38 -35.24 77.72
N TYR QC 101 77.70 -34.82 78.94
CA TYR QC 101 76.81 -33.97 79.72
C TYR QC 101 77.64 -33.21 80.76
N LEU QC 102 77.11 -32.07 81.18
CA LEU QC 102 77.76 -31.23 82.17
C LEU QC 102 76.70 -30.38 82.85
N GLN QC 103 76.62 -30.48 84.18
CA GLN QC 103 75.60 -29.78 84.95
C GLN QC 103 76.26 -28.95 86.04
N LEU QC 104 75.76 -27.73 86.22
CA LEU QC 104 76.26 -26.80 87.23
C LEU QC 104 75.15 -26.50 88.22
N VAL QC 105 75.48 -26.55 89.51
CA VAL QC 105 74.53 -26.32 90.59
C VAL QC 105 74.98 -25.10 91.37
N LEU QC 106 74.08 -24.13 91.52
CA LEU QC 106 74.36 -22.89 92.24
C LEU QC 106 73.55 -22.86 93.53
N THR QC 107 74.22 -22.58 94.64
CA THR QC 107 73.56 -22.52 95.95
C THR QC 107 73.93 -21.23 96.66
N SER QC 108 72.95 -20.63 97.32
CA SER QC 108 73.18 -19.45 98.14
C SER QC 108 73.44 -19.90 99.57
N ASN QC 109 74.52 -19.36 100.17
CA ASN QC 109 75.04 -19.82 101.45
C ASN QC 109 75.37 -18.64 102.35
N ALA QC 110 75.42 -17.42 101.81
CA ALA QC 110 75.92 -16.26 102.54
C ALA QC 110 75.24 -16.08 103.90
N SER QC 111 73.99 -16.53 104.02
CA SER QC 111 73.32 -16.65 105.31
C SER QC 111 73.62 -18.02 105.91
N SER QC 112 74.26 -18.02 107.07
CA SER QC 112 74.63 -19.28 107.71
C SER QC 112 73.43 -20.10 108.13
N THR QC 113 72.25 -19.48 108.24
CA THR QC 113 71.03 -20.17 108.62
C THR QC 113 70.23 -20.70 107.45
N VAL QC 114 70.31 -20.04 106.28
CA VAL QC 114 69.51 -20.39 105.12
C VAL QC 114 70.44 -20.72 103.97
N GLU QC 115 70.65 -22.01 103.72
CA GLU QC 115 71.31 -22.50 102.52
C GLU QC 115 70.25 -22.90 101.51
N GLU QC 116 70.36 -22.39 100.28
CA GLU QC 116 69.40 -22.69 99.24
C GLU QC 116 70.08 -22.85 97.89
N THR QC 117 69.72 -23.92 97.19
CA THR QC 117 70.09 -24.08 95.79
C THR QC 117 69.10 -23.32 94.92
N LYS QC 118 69.61 -22.48 94.01
CA LYS QC 118 68.78 -21.57 93.24
C LYS QC 118 68.54 -22.01 91.80
N ALA QC 119 69.56 -22.56 91.13
CA ALA QC 119 69.39 -22.93 89.73
C ALA QC 119 70.32 -24.08 89.39
N VAL QC 120 69.97 -24.80 88.33
CA VAL QC 120 70.78 -25.87 87.76
C VAL QC 120 70.95 -25.57 86.27
N LEU QC 121 72.19 -25.51 85.82
CA LEU QC 121 72.50 -25.23 84.42
C LEU QC 121 73.07 -26.47 83.75
N SER QC 122 72.80 -26.60 82.45
CA SER QC 122 73.25 -27.75 81.68
C SER QC 122 73.51 -27.31 80.25
N LEU QC 123 74.13 -28.21 79.47
CA LEU QC 123 74.45 -27.90 78.09
C LEU QC 123 73.20 -27.86 77.21
N LYS QC 124 72.11 -28.48 77.64
CA LYS QC 124 70.87 -28.46 76.87
C LYS QC 124 69.96 -27.30 77.26
N LYS QC 125 70.01 -26.88 78.52
CA LYS QC 125 69.23 -25.73 79.02
C LYS QC 125 70.20 -24.80 79.73
N PRO QC 126 70.88 -23.91 78.99
CA PRO QC 126 71.98 -23.15 79.58
C PRO QC 126 71.56 -21.96 80.44
N SER QC 127 70.30 -21.53 80.39
CA SER QC 127 69.89 -20.29 81.03
C SER QC 127 68.93 -20.57 82.17
N ALA QC 128 68.97 -19.69 83.18
CA ALA QC 128 68.07 -19.77 84.33
C ALA QC 128 67.90 -18.38 84.93
N VAL QC 129 66.83 -18.21 85.69
CA VAL QC 129 66.50 -16.95 86.35
C VAL QC 129 66.36 -17.22 87.84
N ILE QC 130 67.04 -16.40 88.65
CA ILE QC 130 67.06 -16.56 90.09
C ILE QC 130 66.63 -15.26 90.75
N ILE QC 131 66.27 -15.36 92.04
CA ILE QC 131 65.82 -14.23 92.83
C ILE QC 131 66.65 -14.15 94.10
N LEU QC 132 67.15 -12.96 94.41
CA LEU QC 132 67.86 -12.69 95.66
C LEU QC 132 67.06 -11.67 96.45
N ASP QC 133 66.81 -11.98 97.73
CA ASP QC 133 65.97 -11.14 98.57
C ASP QC 133 66.63 -10.78 99.89
N ASN QC 134 65.83 -10.23 100.82
CA ASN QC 134 66.38 -9.74 102.09
C ASN QC 134 67.10 -10.84 102.86
N ASP QC 135 66.64 -12.08 102.77
CA ASP QC 135 67.27 -13.16 103.52
C ASP QC 135 68.66 -13.49 102.99
N ASP QC 136 68.86 -13.36 101.68
CA ASP QC 136 70.15 -13.73 101.10
C ASP QC 136 71.24 -12.73 101.46
N TYR QC 137 70.89 -11.44 101.52
CA TYR QC 137 71.88 -10.39 101.74
C TYR QC 137 72.40 -10.37 103.17
N SER QC 138 73.17 -11.39 103.53
CA SER QC 138 73.85 -11.40 104.82
C SER QC 138 75.03 -10.45 104.81
N SER QC 139 75.39 -9.95 105.99
CA SER QC 139 76.33 -8.85 106.18
C SER QC 139 75.85 -7.58 105.49
N THR QC 140 74.61 -7.58 104.97
CA THR QC 140 73.91 -6.44 104.39
C THR QC 140 74.55 -5.94 103.10
N ASN QC 141 75.64 -6.56 102.65
CA ASN QC 141 76.38 -6.01 101.52
C ASN QC 141 76.83 -7.01 100.46
N LYS QC 142 76.72 -8.32 100.67
CA LYS QC 142 77.29 -9.23 99.69
C LYS QC 142 76.54 -10.56 99.65
N ILE QC 143 76.64 -11.22 98.49
CA ILE QC 143 76.11 -12.54 98.23
C ILE QC 143 77.28 -13.48 97.91
N GLN QC 144 77.25 -14.68 98.46
CA GLN QC 144 78.24 -15.72 98.18
C GLN QC 144 77.54 -16.90 97.55
N LEU QC 145 78.02 -17.32 96.38
CA LEU QC 145 77.45 -18.43 95.62
C LEU QC 145 78.58 -19.34 95.13
N LYS QC 146 78.62 -20.57 95.62
CA LYS QC 146 79.54 -21.56 95.08
C LYS QC 146 78.91 -22.36 93.95
N VAL QC 147 79.77 -22.97 93.13
CA VAL QC 147 79.38 -23.68 91.93
C VAL QC 147 79.65 -25.17 92.14
N GLU QC 148 78.67 -26.00 91.76
CA GLU QC 148 78.82 -27.44 91.87
C GLU QC 148 78.67 -28.06 90.49
N ALA QC 149 79.60 -28.94 90.14
CA ALA QC 149 79.69 -29.48 88.79
C ALA QC 149 79.54 -31.00 88.80
N TYR QC 150 78.78 -31.51 87.84
CA TYR QC 150 78.69 -32.94 87.54
C TYR QC 150 78.96 -33.12 86.06
N TYR QC 151 79.73 -34.15 85.70
CA TYR QC 151 80.23 -34.24 84.34
C TYR QC 151 80.53 -35.69 83.97
N GLU QC 152 80.58 -35.93 82.66
CA GLU QC 152 81.12 -37.15 82.08
C GLU QC 152 81.88 -36.78 80.82
N ALA QC 153 83.15 -37.17 80.75
CA ALA QC 153 84.01 -36.79 79.64
C ALA QC 153 83.82 -37.73 78.45
N LYS QC 154 84.10 -37.21 77.26
CA LYS QC 154 84.02 -38.02 76.05
C LYS QC 154 85.10 -39.09 76.04
N GLU QC 155 84.82 -40.19 75.35
CA GLU QC 155 85.72 -41.34 75.31
C GLU QC 155 86.92 -41.05 74.40
N GLY QC 156 88.12 -41.15 74.96
CA GLY QC 156 89.33 -41.03 74.16
C GLY QC 156 89.68 -39.63 73.70
N MET QC 157 89.19 -38.60 74.37
CA MET QC 157 89.47 -37.21 73.99
C MET QC 157 90.44 -36.61 74.99
N LEU QC 158 91.53 -36.03 74.48
CA LEU QC 158 92.56 -35.41 75.30
C LEU QC 158 92.69 -33.94 74.94
N PHE QC 159 92.81 -33.10 75.95
CA PHE QC 159 92.87 -31.65 75.75
C PHE QC 159 93.40 -31.00 77.02
N ASP QC 160 93.68 -29.71 76.92
CA ASP QC 160 94.13 -28.93 78.06
C ASP QC 160 93.85 -27.45 77.79
N SER QC 161 93.79 -26.68 78.87
CA SER QC 161 93.60 -25.23 78.81
C SER QC 161 92.30 -24.88 78.08
N LEU QC 162 91.18 -25.38 78.60
CA LEU QC 162 89.86 -25.11 78.05
C LEU QC 162 89.05 -24.29 79.04
N PRO QC 163 88.62 -23.08 78.69
CA PRO QC 163 87.90 -22.24 79.65
C PRO QC 163 86.40 -22.48 79.67
N VAL QC 164 85.81 -22.21 80.83
CA VAL QC 164 84.36 -22.24 81.03
C VAL QC 164 83.93 -20.86 81.48
N ILE QC 165 82.94 -20.30 80.80
CA ILE QC 165 82.55 -18.90 80.96
C ILE QC 165 81.08 -18.82 81.38
N LEU QC 166 80.79 -17.98 82.37
CA LEU QC 166 79.44 -17.69 82.81
C LEU QC 166 79.18 -16.19 82.69
N ASN QC 167 77.94 -15.83 82.38
CA ASN QC 167 77.56 -14.45 82.16
C ASN QC 167 76.39 -14.08 83.06
N PHE QC 168 76.34 -12.81 83.48
CA PHE QC 168 75.29 -12.29 84.34
C PHE QC 168 74.63 -11.08 83.69
N GLN QC 169 73.31 -10.98 83.82
CA GLN QC 169 72.56 -9.84 83.31
C GLN QC 169 71.46 -9.49 84.30
N VAL QC 170 71.29 -8.20 84.55
CA VAL QC 170 70.30 -7.68 85.49
C VAL QC 170 69.02 -7.40 84.74
N LEU QC 171 67.91 -7.94 85.23
CA LEU QC 171 66.60 -7.72 84.62
C LEU QC 171 65.76 -6.67 85.35
N SER QC 172 65.84 -6.63 86.68
CA SER QC 172 65.07 -5.67 87.46
C SER QC 172 65.69 -5.57 88.84
N VAL QC 173 65.70 -4.35 89.39
CA VAL QC 173 66.20 -4.09 90.73
C VAL QC 173 65.23 -3.17 91.45
N SER QC 174 65.11 -3.35 92.76
CA SER QC 174 64.22 -2.53 93.57
C SER QC 174 64.75 -2.38 94.99
N THR RC 26 65.27 67.55 73.47
CA THR RC 26 64.12 66.66 73.40
C THR RC 26 64.49 65.37 72.66
N THR RC 27 65.01 64.39 73.40
CA THR RC 27 65.45 63.12 72.83
C THR RC 27 64.68 61.98 73.48
N GLN RC 28 64.21 61.06 72.65
CA GLN RC 28 63.47 59.89 73.11
C GLN RC 28 64.38 58.67 73.07
N SER RC 29 64.52 57.99 74.20
CA SER RC 29 65.45 56.87 74.27
C SER RC 29 64.72 55.54 74.30
N PRO RC 30 65.27 54.50 73.66
CA PRO RC 30 64.62 53.18 73.70
C PRO RC 30 64.94 52.38 74.96
N LEU RC 31 66.00 52.74 75.68
CA LEU RC 31 66.32 52.13 76.98
C LEU RC 31 66.61 50.64 76.86
N ASN RC 32 67.45 50.27 75.89
CA ASN RC 32 67.83 48.88 75.72
C ASN RC 32 69.30 48.73 75.35
N SER RC 33 70.12 49.73 75.67
CA SER RC 33 71.55 49.71 75.33
C SER RC 33 72.39 49.22 76.50
N PHE RC 34 72.16 47.97 76.91
CA PHE RC 34 72.91 47.35 77.99
C PHE RC 34 73.24 45.92 77.61
N TYR RC 35 74.49 45.51 77.86
CA TYR RC 35 74.94 44.18 77.46
C TYR RC 35 75.95 43.65 78.47
N ALA RC 36 76.10 42.32 78.46
CA ALA RC 36 77.11 41.62 79.25
C ALA RC 36 77.54 40.39 78.47
N THR RC 37 78.82 40.05 78.55
CA THR RC 37 79.40 39.04 77.68
C THR RC 37 80.24 38.03 78.47
N GLY RC 38 80.12 36.76 78.08
CA GLY RC 38 80.97 35.71 78.61
C GLY RC 38 81.58 34.87 77.49
N THR RC 39 82.25 33.77 77.84
CA THR RC 39 82.91 32.94 76.84
C THR RC 39 82.83 31.48 77.25
N ALA RC 40 83.06 30.59 76.28
CA ALA RC 40 83.08 29.16 76.51
C ALA RC 40 83.96 28.51 75.46
N GLN RC 41 84.42 27.29 75.76
CA GLN RC 41 85.31 26.57 74.85
C GLN RC 41 85.32 25.10 75.19
N ALA RC 42 85.82 24.30 74.24
CA ALA RC 42 86.03 22.87 74.44
C ALA RC 42 87.07 22.42 73.42
N VAL RC 43 88.27 22.10 73.89
CA VAL RC 43 89.40 21.91 72.99
C VAL RC 43 90.12 20.58 73.22
N GLN RC 44 89.42 19.56 73.72
CA GLN RC 44 90.06 18.26 73.90
C GLN RC 44 89.01 17.16 73.89
N GLU RC 45 89.44 15.95 73.50
CA GLU RC 45 88.60 14.78 73.45
C GLU RC 45 88.43 14.17 74.85
N PRO RC 46 87.32 13.47 75.08
CA PRO RC 46 87.04 12.99 76.46
C PRO RC 46 88.11 12.08 77.03
N ILE RC 47 88.69 11.19 76.23
CA ILE RC 47 89.59 10.17 76.74
C ILE RC 47 90.88 10.15 75.95
N ASP RC 48 91.92 9.56 76.56
CA ASP RC 48 93.19 9.31 75.92
C ASP RC 48 93.58 7.87 76.21
N VAL RC 49 94.14 7.17 75.23
CA VAL RC 49 94.41 5.74 75.32
C VAL RC 49 95.88 5.48 75.03
N GLU RC 50 96.53 4.70 75.89
CA GLU RC 50 97.92 4.33 75.72
C GLU RC 50 98.07 2.83 75.90
N SER RC 51 98.92 2.21 75.08
CA SER RC 51 99.04 0.75 75.01
C SER RC 51 100.37 0.28 75.59
N HIS RC 52 100.33 -0.86 76.27
CA HIS RC 52 101.52 -1.51 76.83
C HIS RC 52 101.47 -3.01 76.63
N LEU RC 53 101.09 -3.45 75.43
CA LEU RC 53 101.02 -4.88 75.11
C LEU RC 53 102.39 -5.31 74.61
N ASP RC 54 103.22 -5.83 75.52
CA ASP RC 54 104.60 -6.18 75.22
C ASP RC 54 104.88 -7.65 75.53
N ASN RC 55 103.98 -8.54 75.14
CA ASN RC 55 104.20 -9.97 75.21
C ASN RC 55 103.78 -10.63 73.90
N THR RC 56 104.45 -11.73 73.56
CA THR RC 56 104.26 -12.40 72.28
C THR RC 56 103.68 -13.79 72.50
N ILE RC 57 102.62 -14.10 71.76
CA ILE RC 57 102.08 -15.46 71.72
C ILE RC 57 102.99 -16.30 70.83
N ALA RC 58 103.83 -17.13 71.44
CA ALA RC 58 104.84 -17.91 70.74
C ALA RC 58 104.73 -19.37 71.11
N PRO RC 59 103.73 -20.08 70.60
CA PRO RC 59 103.65 -21.52 70.79
C PRO RC 59 104.29 -22.27 69.62
N ALA RC 60 104.36 -23.58 69.77
CA ALA RC 60 104.77 -24.43 68.66
C ALA RC 60 103.60 -24.62 67.70
N ALA RC 61 103.91 -25.17 66.52
CA ALA RC 61 102.90 -25.36 65.49
C ALA RC 61 101.88 -26.40 65.94
N GLY RC 62 100.60 -26.02 65.93
CA GLY RC 62 99.54 -26.94 66.27
C GLY RC 62 99.30 -27.14 67.75
N ALA RC 63 99.92 -26.35 68.60
CA ALA RC 63 99.83 -26.52 70.05
C ALA RC 63 98.65 -25.74 70.62
N GLN RC 64 98.18 -26.19 71.79
CA GLN RC 64 97.13 -25.53 72.54
C GLN RC 64 97.76 -24.86 73.75
N GLY RC 65 97.47 -23.57 73.95
CA GLY RC 65 98.22 -22.82 74.95
C GLY RC 65 97.43 -21.90 75.86
N TYR RC 66 98.16 -21.05 76.58
CA TYR RC 66 97.62 -20.18 77.60
C TYR RC 66 98.61 -19.05 77.88
N LYS RC 67 98.23 -17.81 77.62
CA LYS RC 67 99.21 -16.72 77.63
C LYS RC 67 98.53 -15.43 78.03
N ASP RC 68 99.31 -14.54 78.66
CA ASP RC 68 98.90 -13.17 78.96
C ASP RC 68 99.74 -12.21 78.12
N MET RC 69 99.23 -10.99 77.93
CA MET RC 69 99.81 -10.07 76.95
C MET RC 69 100.36 -8.78 77.57
N GLY RC 70 99.56 -8.09 78.37
CA GLY RC 70 99.94 -6.79 78.89
C GLY RC 70 98.72 -6.06 79.40
N TYR RC 71 98.81 -4.73 79.42
CA TYR RC 71 97.70 -3.91 79.92
C TYR RC 71 97.62 -2.62 79.11
N VAL RC 72 96.45 -1.98 79.18
CA VAL RC 72 96.16 -0.76 78.44
C VAL RC 72 95.66 0.30 79.41
N LYS RC 73 96.13 1.54 79.22
CA LYS RC 73 95.77 2.65 80.09
C LYS RC 73 94.79 3.59 79.40
N ILE RC 74 93.77 4.03 80.15
CA ILE RC 74 92.77 4.97 79.67
C ILE RC 74 92.77 6.17 80.60
N ILE RC 75 92.75 7.38 80.03
CA ILE RC 75 92.80 8.62 80.80
C ILE RC 75 91.53 9.40 80.53
N ASN RC 76 90.89 9.90 81.59
CA ASN RC 76 89.63 10.62 81.51
C ASN RC 76 89.80 12.05 82.03
N TYR RC 77 89.09 12.98 81.38
CA TYR RC 77 89.37 14.41 81.47
C TYR RC 77 88.18 15.15 82.09
N THR RC 78 88.25 16.48 82.04
CA THR RC 78 87.41 17.36 82.84
C THR RC 78 85.92 17.07 82.64
N ASP RC 79 85.19 17.02 83.76
CA ASP RC 79 83.74 16.88 83.78
C ASP RC 79 83.26 15.57 83.16
N VAL RC 80 84.09 14.53 83.20
CA VAL RC 80 83.75 13.21 82.69
C VAL RC 80 83.57 12.27 83.88
N ASN RC 81 82.48 11.54 83.90
CA ASN RC 81 82.20 10.59 84.98
C ASN RC 81 81.96 9.17 84.50
N VAL RC 82 81.24 9.00 83.39
CA VAL RC 82 80.90 7.68 82.88
C VAL RC 82 81.19 7.64 81.38
N VAL RC 83 81.83 6.57 80.93
CA VAL RC 83 82.21 6.40 79.53
C VAL RC 83 81.68 5.07 79.03
N LYS RC 84 81.08 5.10 77.84
CA LYS RC 84 80.62 3.90 77.14
C LYS RC 84 81.54 3.64 75.96
N LEU RC 85 82.06 2.42 75.87
CA LEU RC 85 83.08 2.09 74.89
C LEU RC 85 82.68 0.85 74.08
N LYS RC 86 83.23 0.77 72.87
CA LYS RC 86 83.07 -0.40 72.01
C LYS RC 86 84.44 -0.86 71.56
N VAL RC 87 84.74 -2.14 71.78
CA VAL RC 87 86.04 -2.72 71.47
C VAL RC 87 85.85 -3.83 70.44
N THR RC 88 86.69 -3.82 69.41
CA THR RC 88 86.58 -4.79 68.32
C THR RC 88 87.97 -5.22 67.87
N LEU RC 89 88.01 -6.35 67.17
CA LEU RC 89 89.24 -6.86 66.57
C LEU RC 89 89.30 -6.36 65.13
N ALA RC 90 90.29 -5.51 64.84
CA ALA RC 90 90.34 -4.85 63.54
C ALA RC 90 90.78 -5.79 62.42
N ASN RC 91 91.70 -6.70 62.72
CA ASN RC 91 92.27 -7.56 61.68
C ASN RC 91 91.93 -9.03 61.91
N ALA RC 92 90.67 -9.31 62.25
CA ALA RC 92 90.25 -10.68 62.49
C ALA RC 92 90.32 -11.52 61.21
N ALA RC 93 90.04 -10.90 60.06
CA ALA RC 93 90.07 -11.64 58.80
C ALA RC 93 91.46 -12.13 58.47
N GLN RC 94 92.49 -11.33 58.76
CA GLN RC 94 93.86 -11.74 58.48
C GLN RC 94 94.30 -12.89 59.38
N LEU RC 95 93.82 -12.92 60.63
CA LEU RC 95 94.23 -13.93 61.59
C LEU RC 95 93.50 -15.27 61.41
N ARG RC 96 92.45 -15.31 60.59
CA ARG RC 96 91.70 -16.56 60.44
C ARG RC 96 92.53 -17.73 59.90
N PRO RC 97 93.32 -17.59 58.84
CA PRO RC 97 94.07 -18.75 58.33
C PRO RC 97 95.13 -19.29 59.28
N TYR RC 98 95.47 -18.55 60.34
CA TYR RC 98 96.55 -18.95 61.24
C TYR RC 98 96.07 -19.62 62.52
N PHE RC 99 94.77 -19.55 62.84
CA PHE RC 99 94.27 -20.05 64.11
C PHE RC 99 92.97 -20.81 63.90
N LYS RC 100 92.80 -21.89 64.68
CA LYS RC 100 91.49 -22.53 64.77
C LYS RC 100 90.55 -21.72 65.66
N TYR RC 101 91.06 -21.18 66.77
CA TYR RC 101 90.28 -20.29 67.61
C TYR RC 101 91.22 -19.41 68.40
N LEU RC 102 90.72 -18.25 68.81
CA LEU RC 102 91.50 -17.29 69.60
C LEU RC 102 90.53 -16.42 70.39
N GLN RC 103 90.69 -16.40 71.70
CA GLN RC 103 89.79 -15.67 72.58
C GLN RC 103 90.59 -14.71 73.46
N LEU RC 104 90.06 -13.50 73.62
CA LEU RC 104 90.68 -12.47 74.43
C LEU RC 104 89.75 -12.10 75.58
N VAL RC 105 90.31 -12.03 76.79
CA VAL RC 105 89.56 -11.73 78.00
C VAL RC 105 90.08 -10.41 78.57
N LEU RC 106 89.16 -9.47 78.80
CA LEU RC 106 89.49 -8.16 79.34
C LEU RC 106 88.92 -8.03 80.75
N THR RC 107 89.77 -7.62 81.69
CA THR RC 107 89.35 -7.47 83.08
C THR RC 107 89.77 -6.10 83.60
N SER RC 108 88.89 -5.47 84.37
CA SER RC 108 89.20 -4.21 85.04
C SER RC 108 89.75 -4.51 86.43
N ASN RC 109 90.87 -3.87 86.76
CA ASN RC 109 91.64 -4.19 87.96
C ASN RC 109 92.06 -2.91 88.70
N ALA RC 110 91.94 -1.75 88.03
CA ALA RC 110 92.51 -0.51 88.56
C ALA RC 110 92.07 -0.22 90.00
N SER RC 111 90.89 -0.70 90.38
CA SER RC 111 90.48 -0.73 91.78
C SER RC 111 90.96 -2.02 92.43
N SER RC 112 91.79 -1.89 93.47
CA SER RC 112 92.34 -3.06 94.12
C SER RC 112 91.27 -3.88 94.83
N THR RC 113 90.10 -3.30 95.09
CA THR RC 113 89.02 -4.01 95.76
C THR RC 113 88.06 -4.67 94.80
N VAL RC 114 87.89 -4.13 93.59
CA VAL RC 114 86.90 -4.62 92.63
C VAL RC 114 87.62 -5.02 91.36
N GLU RC 115 87.86 -6.32 91.19
CA GLU RC 115 88.32 -6.90 89.94
C GLU RC 115 87.12 -7.43 89.18
N GLU RC 116 86.99 -7.04 87.91
CA GLU RC 116 85.87 -7.48 87.09
C GLU RC 116 86.30 -7.75 85.66
N THR RC 117 85.88 -8.89 85.13
CA THR RC 117 86.00 -9.17 83.71
C THR RC 117 84.83 -8.53 82.97
N LYS RC 118 85.13 -7.77 81.92
CA LYS RC 118 84.12 -6.97 81.23
C LYS RC 118 83.66 -7.55 79.91
N ALA RC 119 84.55 -8.13 79.12
CA ALA RC 119 84.17 -8.63 77.80
C ALA RC 119 85.08 -9.78 77.41
N VAL RC 120 84.58 -10.61 76.49
CA VAL RC 120 85.34 -11.69 75.88
C VAL RC 120 85.23 -11.53 74.37
N LEU RC 121 86.36 -11.48 73.69
CA LEU RC 121 86.40 -11.31 72.24
C LEU RC 121 86.90 -12.59 71.58
N SER RC 122 86.40 -12.86 70.38
CA SER RC 122 86.77 -14.05 69.64
C SER RC 122 86.76 -13.74 68.15
N LEU RC 123 87.27 -14.69 67.36
CA LEU RC 123 87.31 -14.50 65.92
C LEU RC 123 85.94 -14.60 65.27
N LYS RC 124 84.98 -15.23 65.95
CA LYS RC 124 83.61 -15.32 65.43
C LYS RC 124 82.72 -14.17 65.87
N LYS RC 125 82.98 -13.62 67.07
CA LYS RC 125 82.24 -12.46 67.59
C LYS RC 125 83.27 -11.44 68.03
N PRO RC 126 83.75 -10.59 67.11
CA PRO RC 126 84.90 -9.73 67.41
C PRO RC 126 84.57 -8.49 68.23
N SER RC 127 83.31 -8.11 68.37
CA SER RC 127 82.95 -6.83 68.96
C SER RC 127 82.22 -7.03 70.29
N ALA RC 128 82.39 -6.06 71.19
CA ALA RC 128 81.73 -6.07 72.48
C ALA RC 128 81.58 -4.64 72.98
N VAL RC 129 80.65 -4.44 73.91
CA VAL RC 129 80.38 -3.13 74.50
C VAL RC 129 80.52 -3.26 76.01
N ILE RC 130 81.29 -2.34 76.60
CA ILE RC 130 81.58 -2.36 78.03
C ILE RC 130 81.22 -1.01 78.64
N ILE RC 131 81.09 -1.01 79.97
CA ILE RC 131 80.71 0.18 80.73
C ILE RC 131 81.76 0.41 81.82
N LEU RC 132 82.24 1.64 81.92
CA LEU RC 132 83.14 2.06 82.98
C LEU RC 132 82.45 3.12 83.83
N ASP RC 133 82.46 2.93 85.15
CA ASP RC 133 81.73 3.81 86.05
C ASP RC 133 82.59 4.31 87.19
N ASN RC 134 81.96 4.92 88.20
CA ASN RC 134 82.68 5.55 89.30
C ASN RC 134 83.60 4.57 90.02
N ASP RC 135 83.19 3.30 90.13
CA ASP RC 135 84.00 2.33 90.84
C ASP RC 135 85.29 2.00 90.09
N ASP RC 136 85.25 2.00 88.76
CA ASP RC 136 86.43 1.64 87.99
C ASP RC 136 87.51 2.71 88.06
N TYR RC 137 87.11 3.98 88.07
CA TYR RC 137 88.06 5.10 88.00
C TYR RC 137 88.83 5.27 89.30
N SER RC 138 89.71 4.33 89.61
CA SER RC 138 90.60 4.47 90.75
C SER RC 138 91.71 5.46 90.43
N SER RC 139 92.25 6.07 91.48
CA SER RC 139 93.14 7.23 91.39
C SER RC 139 92.47 8.41 90.69
N THR RC 140 91.16 8.31 90.42
CA THR RC 140 90.31 9.36 89.88
C THR RC 140 90.67 9.75 88.45
N ASN RC 141 91.70 9.14 87.87
CA ASN RC 141 92.19 9.61 86.58
C ASN RC 141 92.50 8.53 85.54
N LYS RC 142 92.50 7.24 85.88
CA LYS RC 142 92.94 6.26 84.90
C LYS RC 142 92.27 4.91 85.11
N ILE RC 143 92.20 4.15 84.02
CA ILE RC 143 91.71 2.77 83.98
C ILE RC 143 92.85 1.87 83.53
N GLN RC 144 92.99 0.71 84.19
CA GLN RC 144 93.97 -0.29 83.81
C GLN RC 144 93.23 -1.57 83.43
N LEU RC 145 93.52 -2.08 82.23
CA LEU RC 145 92.88 -3.28 81.70
C LEU RC 145 93.96 -4.17 81.08
N LYS RC 146 94.15 -5.36 81.66
CA LYS RC 146 95.01 -6.36 81.05
C LYS RC 146 94.24 -7.28 80.12
N VAL RC 147 94.97 -7.94 79.23
CA VAL RC 147 94.41 -8.78 78.19
C VAL RC 147 94.79 -10.23 78.47
N GLU RC 148 93.82 -11.13 78.36
CA GLU RC 148 94.07 -12.54 78.56
C GLU RC 148 93.71 -13.30 77.30
N ALA RC 149 94.60 -14.18 76.85
CA ALA RC 149 94.47 -14.84 75.56
C ALA RC 149 94.43 -16.36 75.73
N TYR RC 150 93.53 -16.99 74.98
CA TYR RC 150 93.47 -18.44 74.83
C TYR RC 150 93.48 -18.76 73.34
N TYR RC 151 94.23 -19.78 72.94
CA TYR RC 151 94.48 -19.98 71.53
C TYR RC 151 94.78 -21.45 71.24
N GLU RC 152 94.62 -21.80 69.96
CA GLU RC 152 95.12 -23.05 69.41
C GLU RC 152 95.62 -22.78 68.00
N ALA RC 153 96.87 -23.13 67.73
CA ALA RC 153 97.49 -22.82 66.45
C ALA RC 153 97.14 -23.88 65.41
N LYS RC 154 97.18 -23.47 64.15
CA LYS RC 154 96.93 -24.40 63.04
C LYS RC 154 98.05 -25.41 62.93
N GLU RC 155 97.71 -26.58 62.40
CA GLU RC 155 98.65 -27.69 62.30
C GLU RC 155 99.65 -27.44 61.16
N GLY RC 156 100.93 -27.44 61.49
CA GLY RC 156 101.97 -27.35 60.49
C GLY RC 156 102.16 -26.01 59.84
N MET RC 157 101.73 -24.92 60.50
CA MET RC 157 101.86 -23.57 59.96
C MET RC 157 102.96 -22.84 60.70
N LEU RC 158 103.91 -22.28 59.95
CA LEU RC 158 105.02 -21.54 60.51
C LEU RC 158 105.01 -20.11 60.00
N PHE RC 159 105.27 -19.16 60.90
CA PHE RC 159 105.20 -17.74 60.57
C PHE RC 159 105.92 -16.95 61.65
N ASP RC 160 106.10 -15.66 61.39
CA ASP RC 160 106.70 -14.75 62.35
C ASP RC 160 106.30 -13.32 62.01
N SER RC 161 106.39 -12.45 63.01
CA SER RC 161 106.10 -11.02 62.86
C SER RC 161 104.67 -10.80 62.35
N LEU RC 162 103.70 -11.29 63.11
CA LEU RC 162 102.29 -11.13 62.79
C LEU RC 162 101.64 -10.25 63.84
N PRO RC 163 101.08 -9.10 63.47
CA PRO RC 163 100.49 -8.20 64.47
C PRO RC 163 99.04 -8.49 64.78
N VAL RC 164 98.65 -8.13 66.01
CA VAL RC 164 97.27 -8.21 66.47
C VAL RC 164 96.84 -6.80 66.86
N ILE RC 165 95.71 -6.35 66.34
CA ILE RC 165 95.29 -4.96 66.45
C ILE RC 165 93.92 -4.90 67.12
N LEU RC 166 93.76 -3.98 68.06
CA LEU RC 166 92.49 -3.70 68.71
C LEU RC 166 92.13 -2.23 68.52
N ASN RC 167 90.84 -1.95 68.41
CA ASN RC 167 90.35 -0.61 68.14
C ASN RC 167 89.33 -0.20 69.21
N PHE RC 168 89.30 1.09 69.51
CA PHE RC 168 88.38 1.66 70.51
C PHE RC 168 87.56 2.77 69.89
N GLN RC 169 86.28 2.83 70.25
CA GLN RC 169 85.39 3.88 69.79
C GLN RC 169 84.46 4.28 70.92
N VAL RC 170 84.28 5.60 71.09
CA VAL RC 170 83.44 6.15 72.14
C VAL RC 170 82.02 6.32 71.62
N LEU RC 171 81.06 5.78 72.35
CA LEU RC 171 79.65 5.89 71.98
C LEU RC 171 78.90 6.97 72.76
N SER RC 172 79.21 7.13 74.04
CA SER RC 172 78.55 8.13 74.86
C SER RC 172 79.40 8.40 76.09
N VAL RC 173 79.43 9.67 76.52
CA VAL RC 173 80.15 10.06 77.72
C VAL RC 173 79.27 11.02 78.51
N SER RC 174 79.40 10.97 79.84
CA SER RC 174 78.63 11.83 80.72
C SER RC 174 79.40 12.13 82.00
N THR SC 26 72.09 79.62 54.69
CA THR SC 26 71.00 78.67 54.92
C THR SC 26 71.31 77.34 54.23
N THR SC 27 72.01 76.46 54.95
CA THR SC 27 72.40 75.16 54.42
C THR SC 27 71.83 74.05 55.30
N GLN SC 28 71.27 73.03 54.67
CA GLN SC 28 70.69 71.88 55.35
C GLN SC 28 71.65 70.71 55.24
N SER SC 29 72.03 70.15 56.39
CA SER SC 29 73.02 69.08 56.38
C SER SC 29 72.38 67.73 56.67
N PRO SC 30 72.86 66.66 56.02
CA PRO SC 30 72.31 65.32 56.30
C PRO SC 30 72.90 64.66 57.54
N LEU SC 31 74.04 65.13 58.03
CA LEU SC 31 74.63 64.66 59.29
C LEU SC 31 74.97 63.18 59.26
N ASN SC 32 75.64 62.75 58.18
CA ASN SC 32 76.06 61.36 58.07
C ASN SC 32 77.46 61.24 57.45
N SER SC 33 78.26 62.30 57.53
CA SER SC 33 79.60 62.30 56.92
C SER SC 33 80.67 61.96 57.97
N PHE SC 34 80.58 60.75 58.51
CA PHE SC 34 81.55 60.26 59.49
C PHE SC 34 81.89 58.81 59.18
N TYR SC 35 83.19 58.48 59.23
CA TYR SC 35 83.63 57.14 58.88
C TYR SC 35 84.83 56.75 59.72
N ALA SC 36 85.06 55.44 59.80
CA ALA SC 36 86.22 54.85 60.46
C ALA SC 36 86.57 53.56 59.72
N THR SC 37 87.87 53.29 59.60
CA THR SC 37 88.33 52.22 58.72
C THR SC 37 89.35 51.33 59.43
N GLY SC 38 89.25 50.02 59.18
CA GLY SC 38 90.24 49.06 59.63
C GLY SC 38 90.67 48.15 58.50
N THR SC 39 91.47 47.12 58.81
CA THR SC 39 91.99 46.21 57.78
C THR SC 39 92.07 44.80 58.33
N ALA SC 40 92.15 43.84 57.41
CA ALA SC 40 92.29 42.43 57.76
C ALA SC 40 93.01 41.72 56.63
N GLN SC 41 93.59 40.55 56.95
CA GLN SC 41 94.33 39.79 55.96
C GLN SC 41 94.48 38.35 56.42
N ALA SC 42 94.85 37.48 55.47
CA ALA SC 42 95.17 36.08 55.76
C ALA SC 42 96.03 35.58 54.60
N VAL SC 43 97.32 35.36 54.86
CA VAL SC 43 98.28 35.13 53.79
C VAL SC 43 99.10 33.85 54.00
N GLN SC 44 98.57 32.86 54.72
CA GLN SC 44 99.30 31.61 54.88
C GLN SC 44 98.32 30.48 55.16
N GLU SC 45 98.75 29.26 54.81
CA GLU SC 45 97.98 28.05 55.02
C GLU SC 45 98.09 27.58 56.47
N PRO SC 46 97.09 26.85 56.97
CA PRO SC 46 97.08 26.50 58.40
C PRO SC 46 98.29 25.69 58.85
N ILE SC 47 98.77 24.75 58.04
CA ILE SC 47 99.80 23.82 58.47
C ILE SC 47 100.94 23.77 57.45
N ASP SC 48 102.09 23.29 57.91
CA ASP SC 48 103.24 23.03 57.06
C ASP SC 48 103.76 21.64 57.42
N VAL SC 49 104.17 20.88 56.40
CA VAL SC 49 104.53 19.47 56.58
C VAL SC 49 105.94 19.24 56.03
N GLU SC 50 106.78 18.57 56.82
CA GLU SC 50 108.14 18.24 56.43
C GLU SC 50 108.39 16.77 56.71
N SER SC 51 109.12 16.11 55.82
CA SER SC 51 109.30 14.66 55.86
C SER SC 51 110.74 14.30 56.22
N HIS SC 52 110.89 13.23 57.00
CA HIS SC 52 112.20 12.69 57.38
C HIS SC 52 112.19 11.17 57.32
N LEU SC 53 111.62 10.60 56.25
CA LEU SC 53 111.58 9.15 56.08
C LEU SC 53 112.86 8.72 55.37
N ASP SC 54 113.86 8.33 56.15
CA ASP SC 54 115.18 8.00 55.65
C ASP SC 54 115.61 6.58 56.03
N ASN SC 55 114.69 5.62 55.88
CA ASN SC 55 115.02 4.21 56.04
C ASN SC 55 114.40 3.43 54.90
N THR SC 56 115.06 2.32 54.54
CA THR SC 56 114.68 1.53 53.38
C THR SC 56 114.23 0.14 53.82
N ILE SC 57 113.07 -0.29 53.32
CA ILE SC 57 112.61 -1.65 53.50
C ILE SC 57 113.40 -2.54 52.53
N ALA SC 58 114.37 -3.28 53.07
CA ALA SC 58 115.29 -4.08 52.24
C ALA SC 58 115.33 -5.52 52.77
N PRO SC 59 114.29 -6.30 52.50
CA PRO SC 59 114.32 -7.73 52.83
C PRO SC 59 114.79 -8.55 51.64
N ALA SC 60 114.96 -9.84 51.88
CA ALA SC 60 115.20 -10.77 50.80
C ALA SC 60 113.90 -11.10 50.08
N ALA SC 61 114.02 -11.75 48.93
CA ALA SC 61 112.86 -12.08 48.12
C ALA SC 61 111.99 -13.11 48.84
N GLY SC 62 110.72 -12.79 49.02
CA GLY SC 62 109.78 -13.71 49.64
C GLY SC 62 109.82 -13.77 51.15
N ALA SC 63 110.55 -12.87 51.80
CA ALA SC 63 110.72 -12.91 53.25
C ALA SC 63 109.62 -12.12 53.96
N GLN SC 64 109.40 -12.48 55.22
CA GLN SC 64 108.47 -11.79 56.10
C GLN SC 64 109.27 -10.98 57.11
N GLY SC 65 108.95 -9.69 57.25
CA GLY SC 65 109.81 -8.82 58.01
C GLY SC 65 109.15 -7.84 58.97
N TYR SC 66 109.95 -6.91 59.46
CA TYR SC 66 109.55 -5.96 60.49
C TYR SC 66 110.52 -4.78 60.48
N LYS SC 67 110.03 -3.57 60.19
CA LYS SC 67 110.92 -2.46 59.92
C LYS SC 67 110.26 -1.15 60.33
N ASP SC 68 111.08 -0.18 60.73
CA ASP SC 68 110.66 1.19 60.97
C ASP SC 68 111.28 2.10 59.91
N MET SC 69 110.68 3.28 59.71
CA MET SC 69 111.02 4.12 58.57
C MET SC 69 111.59 5.48 58.95
N GLY SC 70 110.91 6.21 59.83
CA GLY SC 70 111.31 7.57 60.15
C GLY SC 70 110.16 8.30 60.81
N TYR SC 71 110.18 9.63 60.70
CA TYR SC 71 109.13 10.43 61.31
C TYR SC 71 108.84 11.65 60.43
N VAL SC 72 107.66 12.24 60.66
CA VAL SC 72 107.17 13.38 59.88
C VAL SC 72 106.81 14.51 60.83
N LYS SC 73 107.15 15.74 60.44
CA LYS SC 73 106.90 16.92 61.27
C LYS SC 73 105.76 17.73 60.68
N ILE SC 74 104.88 18.20 61.57
CA ILE SC 74 103.75 19.05 61.21
C ILE SC 74 103.85 20.34 62.02
N ILE SC 75 103.65 21.49 61.35
CA ILE SC 75 103.77 22.80 61.98
C ILE SC 75 102.43 23.51 61.87
N ASN SC 76 101.97 24.07 62.99
CA ASN SC 76 100.67 24.74 63.09
C ASN SC 76 100.85 26.21 63.44
N TYR SC 77 100.00 27.05 62.85
CA TYR SC 77 100.19 28.49 62.75
C TYR SC 77 99.10 29.24 63.52
N THR SC 78 99.08 30.56 63.34
CA THR SC 78 98.36 31.48 64.21
C THR SC 78 96.87 31.12 64.30
N ASP SC 79 96.35 31.14 65.53
CA ASP SC 79 94.93 30.95 65.85
C ASP SC 79 94.43 29.57 65.44
N VAL SC 80 95.32 28.57 65.42
CA VAL SC 80 94.96 27.19 65.10
C VAL SC 80 95.06 26.37 66.38
N ASN SC 81 94.03 25.59 66.66
CA ASN SC 81 94.01 24.74 67.86
C ASN SC 81 93.76 23.28 67.55
N VAL SC 82 92.87 22.97 66.62
CA VAL SC 82 92.52 21.60 66.29
C VAL SC 82 92.53 21.43 64.78
N VAL SC 83 93.14 20.34 64.31
CA VAL SC 83 93.27 20.05 62.88
C VAL SC 83 92.73 18.66 62.60
N LYS SC 84 91.92 18.55 61.55
CA LYS SC 84 91.43 17.27 61.06
C LYS SC 84 92.13 16.94 59.75
N LEU SC 85 92.70 15.74 59.67
CA LEU SC 85 93.54 15.34 58.55
C LEU SC 85 93.07 14.03 57.95
N LYS SC 86 93.38 13.85 56.67
CA LYS SC 86 93.14 12.60 55.96
C LYS SC 86 94.44 12.15 55.31
N VAL SC 87 94.84 10.90 55.58
CA VAL SC 87 96.09 10.35 55.09
C VAL SC 87 95.79 9.15 54.22
N THR SC 88 96.42 9.08 53.05
CA THR SC 88 96.18 8.02 52.09
C THR SC 88 97.49 7.60 51.43
N LEU SC 89 97.46 6.41 50.84
CA LEU SC 89 98.59 5.88 50.07
C LEU SC 89 98.36 6.25 48.61
N ALA SC 90 99.23 7.10 48.06
CA ALA SC 90 99.01 7.64 46.72
C ALA SC 90 99.30 6.61 45.64
N ASN SC 91 100.31 5.76 45.82
CA ASN SC 91 100.73 4.84 44.78
C ASN SC 91 100.52 3.38 45.20
N ALA SC 92 99.36 3.09 45.79
CA ALA SC 92 99.07 1.73 46.22
C ALA SC 92 98.95 0.78 45.03
N ALA SC 93 98.44 1.27 43.91
CA ALA SC 93 98.28 0.42 42.73
C ALA SC 93 99.62 -0.06 42.19
N GLN SC 94 100.63 0.82 42.21
CA GLN SC 94 101.96 0.44 41.72
C GLN SC 94 102.61 -0.60 42.62
N LEU SC 95 102.36 -0.53 43.94
CA LEU SC 95 103.00 -1.43 44.88
C LEU SC 95 102.33 -2.80 44.96
N ARG SC 96 101.16 -2.97 44.36
CA ARG SC 96 100.46 -4.25 44.46
C ARG SC 96 101.23 -5.43 43.88
N PRO SC 97 101.83 -5.37 42.68
CA PRO SC 97 102.52 -6.55 42.16
C PRO SC 97 103.76 -6.94 42.94
N TYR SC 98 104.25 -6.09 43.85
CA TYR SC 98 105.49 -6.37 44.56
C TYR SC 98 105.28 -6.92 45.96
N PHE SC 99 104.07 -6.88 46.50
CA PHE SC 99 103.82 -7.27 47.88
C PHE SC 99 102.56 -8.10 47.99
N LYS SC 100 102.60 -9.10 48.87
CA LYS SC 100 101.36 -9.78 49.27
C LYS SC 100 100.55 -8.92 50.24
N TYR SC 101 101.22 -8.26 51.17
CA TYR SC 101 100.56 -7.33 52.07
C TYR SC 101 101.58 -6.34 52.59
N LEU SC 102 101.09 -5.16 53.00
CA LEU SC 102 101.94 -4.10 53.53
C LEU SC 102 101.08 -3.20 54.41
N GLN SC 103 101.48 -3.04 55.67
CA GLN SC 103 100.71 -2.27 56.63
C GLN SC 103 101.60 -1.20 57.25
N LEU SC 104 101.04 0.00 57.40
CA LEU SC 104 101.74 1.13 57.99
C LEU SC 104 101.01 1.57 59.26
N VAL SC 105 101.77 1.78 60.33
CA VAL SC 105 101.24 2.16 61.62
C VAL SC 105 101.76 3.55 61.97
N LEU SC 106 100.86 4.47 62.29
CA LEU SC 106 101.20 5.84 62.64
C LEU SC 106 100.89 6.08 64.11
N THR SC 107 101.86 6.61 64.84
CA THR SC 107 101.71 6.88 66.27
C THR SC 107 102.14 8.31 66.58
N SER SC 108 101.37 8.98 67.44
CA SER SC 108 101.71 10.31 67.92
C SER SC 108 102.52 10.16 69.21
N ASN SC 109 103.66 10.87 69.26
CA ASN SC 109 104.64 10.71 70.33
C ASN SC 109 105.11 12.07 70.85
N ALA SC 110 104.82 13.15 70.14
CA ALA SC 110 105.39 14.46 70.44
C ALA SC 110 105.21 14.86 71.90
N SER SC 111 104.15 14.38 72.54
CA SER SC 111 103.99 14.47 73.99
C SER SC 111 104.65 13.27 74.63
N SER SC 112 105.65 13.53 75.49
CA SER SC 112 106.37 12.44 76.13
C SER SC 112 105.49 11.66 77.10
N THR SC 113 104.36 12.23 77.52
CA THR SC 113 103.46 11.54 78.43
C THR SC 113 102.38 10.74 77.72
N VAL SC 114 101.96 11.16 76.53
CA VAL SC 114 100.85 10.55 75.81
C VAL SC 114 101.36 10.04 74.46
N GLU SC 115 101.64 8.74 74.38
CA GLU SC 115 101.90 8.07 73.11
C GLU SC 115 100.61 7.41 72.64
N GLU SC 116 100.22 7.68 71.39
CA GLU SC 116 99.00 7.13 70.84
C GLU SC 116 99.19 6.73 69.38
N THR SC 117 98.74 5.53 69.03
CA THR SC 117 98.61 5.13 67.64
C THR SC 117 97.29 5.64 67.08
N LYS SC 118 97.36 6.31 65.94
CA LYS SC 118 96.20 7.00 65.37
C LYS SC 118 95.55 6.27 64.21
N ALA SC 119 96.32 5.65 63.32
CA ALA SC 119 95.72 5.01 62.16
C ALA SC 119 96.62 3.87 61.69
N VAL SC 120 96.01 2.93 60.97
CA VAL SC 120 96.71 1.83 60.31
C VAL SC 120 96.31 1.84 58.85
N LEU SC 121 97.30 1.87 57.96
CA LEU SC 121 97.07 1.90 56.53
C LEU SC 121 97.52 0.58 55.91
N SER SC 122 96.83 0.18 54.84
CA SER SC 122 97.13 -1.06 54.15
C SER SC 122 96.82 -0.90 52.67
N LEU SC 123 97.24 -1.89 51.89
CA LEU SC 123 97.01 -1.85 50.45
C LEU SC 123 95.55 -2.06 50.09
N LYS SC 124 94.77 -2.66 50.98
CA LYS SC 124 93.34 -2.85 50.73
C LYS SC 124 92.49 -1.70 51.23
N LYS SC 125 92.91 -1.03 52.30
CA LYS SC 125 92.22 0.13 52.84
C LYS SC 125 93.25 1.24 53.00
N PRO SC 126 93.50 2.01 51.93
CA PRO SC 126 94.63 2.94 51.94
C PRO SC 126 94.40 4.25 52.69
N SER SC 127 93.16 4.59 53.03
CA SER SC 127 92.84 5.90 53.57
C SER SC 127 92.37 5.80 55.01
N ALA SC 128 92.64 6.86 55.77
CA ALA SC 128 92.23 6.95 57.17
C ALA SC 128 92.10 8.42 57.55
N VAL SC 129 91.34 8.66 58.61
CA VAL SC 129 91.10 10.01 59.13
C VAL SC 129 91.53 10.04 60.59
N ILE SC 130 92.33 11.04 60.95
CA ILE SC 130 92.88 11.17 62.31
C ILE SC 130 92.54 12.55 62.85
N ILE SC 131 92.67 12.69 64.17
CA ILE SC 131 92.37 13.92 64.89
C ILE SC 131 93.57 14.30 65.73
N LEU SC 132 93.99 15.55 65.63
CA LEU SC 132 95.05 16.11 66.48
C LEU SC 132 94.46 17.21 67.33
N ASP SC 133 94.72 17.14 68.64
CA ASP SC 133 94.11 18.09 69.58
C ASP SC 133 95.14 18.74 70.50
N ASN SC 134 94.66 19.41 71.55
CA ASN SC 134 95.54 20.18 72.44
C ASN SC 134 96.62 19.31 73.07
N ASP SC 135 96.31 18.04 73.35
CA ASP SC 135 97.29 17.17 73.99
C ASP SC 135 98.44 16.82 73.05
N ASP SC 136 98.17 16.70 71.74
CA ASP SC 136 99.21 16.30 70.80
C ASP SC 136 100.21 17.42 70.58
N TYR SC 137 99.75 18.66 70.55
CA TYR SC 137 100.60 19.81 70.21
C TYR SC 137 101.58 20.13 71.34
N SER SC 138 102.56 19.26 71.56
CA SER SC 138 103.63 19.55 72.49
C SER SC 138 104.61 20.54 71.89
N SER SC 139 105.29 21.27 72.76
CA SER SC 139 106.08 22.46 72.41
C SER SC 139 105.24 23.53 71.74
N THR SC 140 103.91 23.36 71.73
CA THR SC 140 102.92 24.31 71.26
C THR SC 140 102.99 24.58 69.76
N ASN SC 141 103.93 23.95 69.06
CA ASN SC 141 104.17 24.31 67.66
C ASN SC 141 104.33 23.16 66.69
N LYS SC 142 104.46 21.91 67.13
CA LYS SC 142 104.78 20.86 66.18
C LYS SC 142 104.24 19.51 66.63
N ILE SC 143 104.01 18.64 65.64
CA ILE SC 143 103.60 17.25 65.81
C ILE SC 143 104.70 16.35 65.24
N GLN SC 144 105.01 15.28 65.95
CA GLN SC 144 105.96 14.28 65.50
C GLN SC 144 105.25 12.94 65.37
N LEU SC 145 105.34 12.32 64.19
CA LEU SC 145 104.68 11.06 63.89
C LEU SC 145 105.67 10.15 63.17
N LYS SC 146 106.04 9.04 63.81
CA LYS SC 146 106.84 8.02 63.14
C LYS SC 146 105.96 6.98 62.46
N VAL SC 147 106.56 6.27 61.49
CA VAL SC 147 105.87 5.31 60.65
C VAL SC 147 106.37 3.91 60.99
N GLU SC 148 105.45 2.97 61.13
CA GLU SC 148 105.81 1.58 61.42
C GLU SC 148 105.27 0.70 60.31
N ALA SC 149 106.12 -0.18 59.78
CA ALA SC 149 105.80 -0.98 58.60
C ALA SC 149 105.87 -2.47 58.91
N TYR SC 150 104.88 -3.20 58.40
CA TYR SC 150 104.88 -4.66 58.39
C TYR SC 150 104.64 -5.12 56.96
N TYR SC 151 105.37 -6.15 56.52
CA TYR SC 151 105.36 -6.48 55.10
C TYR SC 151 105.69 -7.95 54.89
N GLU SC 152 105.32 -8.43 53.71
CA GLU SC 152 105.79 -9.72 53.19
C GLU SC 152 106.00 -9.56 51.69
N ALA SC 153 107.21 -9.88 51.23
CA ALA SC 153 107.57 -9.67 49.84
C ALA SC 153 107.10 -10.83 48.97
N LYS SC 154 106.89 -10.56 47.69
CA LYS SC 154 106.50 -11.59 46.73
C LYS SC 154 107.64 -12.58 46.51
N GLU SC 155 107.28 -13.79 46.16
CA GLU SC 155 108.24 -14.87 45.98
C GLU SC 155 109.00 -14.69 44.67
N GLY SC 156 110.32 -14.61 44.75
CA GLY SC 156 111.15 -14.58 43.57
C GLY SC 156 111.15 -13.29 42.79
N MET SC 157 110.79 -12.18 43.41
CA MET SC 157 110.74 -10.88 42.73
C MET SC 157 111.91 -10.03 43.19
N LEU SC 158 112.68 -9.50 42.24
CA LEU SC 158 113.83 -8.67 42.52
C LEU SC 158 113.65 -7.30 41.90
N PHE SC 159 114.00 -6.26 42.65
CA PHE SC 159 113.81 -4.88 42.20
C PHE SC 159 114.65 -3.97 43.07
N ASP SC 160 114.71 -2.70 42.66
CA ASP SC 160 115.43 -1.68 43.42
C ASP SC 160 114.90 -0.32 43.03
N SER SC 161 115.11 0.65 43.92
CA SER SC 161 114.71 2.05 43.69
C SER SC 161 113.21 2.17 43.45
N LEU SC 162 112.42 1.72 44.42
CA LEU SC 162 110.97 1.80 44.33
C LEU SC 162 110.46 2.74 45.41
N PRO SC 163 109.78 3.82 45.05
CA PRO SC 163 109.34 4.80 46.05
C PRO SC 163 107.98 4.48 46.65
N VAL SC 164 107.80 4.94 47.89
CA VAL SC 164 106.54 4.86 48.61
C VAL SC 164 106.11 6.28 48.95
N ILE SC 165 104.87 6.63 48.60
CA ILE SC 165 104.40 8.01 48.67
C ILE SC 165 103.17 8.07 49.57
N LEU SC 166 103.14 9.08 50.45
CA LEU SC 166 102.00 9.37 51.30
C LEU SC 166 101.53 10.79 51.03
N ASN SC 167 100.21 11.02 51.14
CA ASN SC 167 99.60 12.30 50.85
C ASN SC 167 98.78 12.77 52.05
N PHE SC 168 98.73 14.09 52.24
CA PHE SC 168 97.98 14.70 53.33
C PHE SC 168 97.00 15.72 52.77
N GLN SC 169 95.80 15.76 53.36
CA GLN SC 169 94.78 16.74 52.98
C GLN SC 169 94.05 17.20 54.23
N VAL SC 170 93.83 18.52 54.31
CA VAL SC 170 93.16 19.14 55.45
C VAL SC 170 91.67 19.20 55.18
N LEU SC 171 90.88 18.70 56.13
CA LEU SC 171 89.43 18.72 56.00
C LEU SC 171 88.77 19.82 56.81
N SER SC 172 89.29 20.13 58.00
CA SER SC 172 88.73 21.18 58.84
C SER SC 172 89.78 21.60 59.87
N VAL SC 173 89.82 22.90 60.17
CA VAL SC 173 90.72 23.44 61.17
C VAL SC 173 89.94 24.43 62.02
N SER SC 174 90.30 24.51 63.30
CA SER SC 174 89.65 25.42 64.24
C SER SC 174 90.62 25.88 65.32
N THR TC 26 74.74 90.06 34.00
CA THR TC 26 73.77 89.11 34.51
C THR TC 26 74.02 87.73 33.90
N THR TC 27 74.88 86.95 34.54
CA THR TC 27 75.26 85.62 34.07
C THR TC 27 74.91 84.59 35.13
N GLN TC 28 74.30 83.49 34.70
CA GLN TC 28 73.92 82.39 35.58
C GLN TC 28 74.91 81.25 35.40
N SER TC 29 75.52 80.81 36.50
CA SER TC 29 76.56 79.79 36.41
C SER TC 29 76.04 78.45 36.93
N PRO TC 30 76.47 77.34 36.30
CA PRO TC 30 76.05 76.01 36.79
C PRO TC 30 76.88 75.50 37.96
N LEU TC 31 78.07 76.06 38.18
CA LEU TC 31 78.91 75.75 39.36
C LEU TC 31 79.31 74.27 39.38
N ASN TC 32 79.81 73.78 38.24
CA ASN TC 32 80.28 72.40 38.17
C ASN TC 32 81.55 72.26 37.32
N SER TC 33 82.29 73.35 37.15
CA SER TC 33 83.49 73.35 36.32
C SER TC 33 84.75 73.17 37.17
N PHE TC 34 84.83 72.01 37.83
CA PHE TC 34 85.99 71.66 38.65
C PHE TC 34 86.34 70.19 38.42
N TYR TC 35 87.64 69.93 38.26
CA TYR TC 35 88.09 68.58 37.94
C TYR TC 35 89.45 68.31 38.59
N ALA TC 36 89.75 67.02 38.74
CA ALA TC 36 91.05 66.56 39.21
C ALA TC 36 91.34 65.22 38.54
N THR TC 37 92.60 64.98 38.21
CA THR TC 37 92.97 63.85 37.35
C THR TC 37 94.14 63.08 37.94
N GLY TC 38 94.07 61.75 37.83
CA GLY TC 38 95.17 60.87 38.17
C GLY TC 38 95.46 59.88 37.07
N THR TC 39 96.34 58.91 37.31
CA THR TC 39 96.72 57.93 36.29
C THR TC 39 96.97 56.58 36.94
N ALA TC 40 96.95 55.54 36.12
CA ALA TC 40 97.23 54.18 36.55
C ALA TC 40 97.77 53.38 35.37
N GLN TC 41 98.46 52.28 35.68
CA GLN TC 41 99.06 51.46 34.64
C GLN TC 41 99.37 50.07 35.19
N ALA TC 42 99.60 49.14 34.27
CA ALA TC 42 100.05 47.79 34.61
C ALA TC 42 100.72 47.21 33.36
N VAL TC 43 102.05 47.05 33.41
CA VAL TC 43 102.81 46.77 32.20
C VAL TC 43 103.73 45.56 32.37
N GLN TC 44 103.38 44.62 33.26
CA GLN TC 44 104.20 43.42 33.40
C GLN TC 44 103.36 42.27 33.94
N GLU TC 45 103.79 41.04 33.62
CA GLU TC 45 103.13 39.83 34.08
C GLU TC 45 103.53 39.51 35.52
N PRO TC 46 102.67 38.80 36.26
CA PRO TC 46 102.94 38.58 37.70
C PRO TC 46 104.26 37.87 37.99
N ILE TC 47 104.63 36.87 37.17
CA ILE TC 47 105.78 36.03 37.49
C ILE TC 47 106.71 35.94 36.29
N ASP TC 48 107.96 35.55 36.57
CA ASP TC 48 108.94 35.25 35.55
C ASP TC 48 109.60 33.92 35.93
N VAL TC 49 109.86 33.08 34.93
CA VAL TC 49 110.33 31.71 35.15
C VAL TC 49 111.62 31.49 34.39
N GLU TC 50 112.63 30.93 35.06
CA GLU TC 50 113.92 30.62 34.46
C GLU TC 50 114.30 29.19 34.81
N SER TC 51 114.90 28.47 33.86
CA SER TC 51 115.16 27.05 33.99
C SER TC 51 116.66 26.78 34.11
N HIS TC 52 117.00 25.79 34.94
CA HIS TC 52 118.38 25.35 35.12
C HIS TC 52 118.46 23.83 35.20
N LEU TC 53 117.74 23.13 34.32
CA LEU TC 53 117.74 21.68 34.27
C LEU TC 53 118.90 21.23 33.38
N ASP TC 54 120.04 20.95 34.01
CA ASP TC 54 121.28 20.64 33.29
C ASP TC 54 121.84 19.27 33.70
N ASN TC 55 120.97 18.27 33.82
CA ASN TC 55 121.39 16.90 34.04
C ASN TC 55 120.62 15.98 33.10
N THR TC 56 121.27 14.87 32.73
CA THR TC 56 120.73 13.96 31.73
C THR TC 56 120.45 12.61 32.37
N ILE TC 57 119.25 12.09 32.12
CA ILE TC 57 118.90 10.72 32.51
C ILE TC 57 119.55 9.78 31.49
N ALA TC 58 120.64 9.13 31.90
CA ALA TC 58 121.44 8.30 31.00
C ALA TC 58 121.66 6.92 31.63
N PRO TC 59 120.64 6.08 31.63
CA PRO TC 59 120.81 4.69 32.08
C PRO TC 59 121.09 3.78 30.89
N ALA TC 60 121.37 2.52 31.22
CA ALA TC 60 121.48 1.49 30.19
C ALA TC 60 120.08 1.05 29.76
N ALA TC 61 120.04 0.30 28.66
CA ALA TC 61 118.77 -0.15 28.11
C ALA TC 61 118.10 -1.14 29.07
N GLY TC 62 116.87 -0.86 29.46
CA GLY TC 62 116.11 -1.75 30.32
C GLY TC 62 116.43 -1.66 31.78
N ALA TC 63 117.20 -0.68 32.21
CA ALA TC 63 117.63 -0.57 33.60
C ALA TC 63 116.63 0.24 34.43
N GLN TC 64 116.67 0.00 35.74
CA GLN TC 64 115.87 0.74 36.71
C GLN TC 64 116.79 1.67 37.48
N GLY TC 65 116.43 2.95 37.56
CA GLY TC 65 117.37 3.92 38.07
C GLY TC 65 116.84 4.95 39.05
N TYR TC 66 117.66 5.97 39.30
CA TYR TC 66 117.40 7.00 40.30
C TYR TC 66 118.28 8.21 40.00
N LYS TC 67 117.67 9.36 39.70
CA LYS TC 67 118.45 10.48 39.18
C LYS TC 67 117.79 11.79 39.59
N ASP TC 68 118.62 12.82 39.74
CA ASP TC 68 118.16 14.19 39.93
C ASP TC 68 118.53 15.02 38.70
N MET TC 69 117.84 16.14 38.51
CA MET TC 69 117.93 16.88 37.25
C MET TC 69 118.48 18.30 37.41
N GLY TC 70 117.93 19.08 38.32
CA GLY TC 70 118.31 20.48 38.45
C GLY TC 70 117.25 21.23 39.25
N TYR TC 71 117.17 22.54 39.02
CA TYR TC 71 116.21 23.37 39.73
C TYR TC 71 115.69 24.47 38.82
N VAL TC 72 114.55 25.05 39.20
CA VAL TC 72 113.86 26.06 38.43
C VAL TC 72 113.61 27.28 39.33
N LYS TC 73 113.81 28.47 38.79
CA LYS TC 73 113.64 29.71 39.52
C LYS TC 73 112.37 30.43 39.11
N ILE TC 74 111.64 30.95 40.09
CA ILE TC 74 110.41 31.71 39.86
C ILE TC 74 110.58 33.07 40.52
N ILE TC 75 110.21 34.13 39.81
CA ILE TC 75 110.37 35.51 40.29
C ILE TC 75 108.98 36.15 40.37
N ASN TC 76 108.71 36.80 41.50
CA ASN TC 76 107.41 37.43 41.78
C ASN TC 76 107.56 38.93 41.95
N TYR TC 77 106.58 39.67 41.46
CA TYR TC 77 106.67 41.10 41.21
C TYR TC 77 105.69 41.88 42.10
N THR TC 78 105.57 43.18 41.80
CA THR TC 78 104.95 44.15 42.70
C THR TC 78 103.54 43.74 43.11
N ASP TC 79 103.25 43.86 44.40
CA ASP TC 79 101.93 43.64 44.98
C ASP TC 79 101.43 42.21 44.80
N VAL TC 80 102.35 41.25 44.70
CA VAL TC 80 102.03 39.83 44.58
C VAL TC 80 102.40 39.15 45.88
N ASN TC 81 101.48 38.36 46.42
CA ASN TC 81 101.72 37.63 47.66
C ASN TC 81 101.51 36.14 47.55
N VAL TC 82 100.48 35.71 46.82
CA VAL TC 82 100.15 34.28 46.69
C VAL TC 82 99.90 33.98 45.22
N VAL TC 83 100.48 32.88 44.74
CA VAL TC 83 100.37 32.46 43.35
C VAL TC 83 99.87 31.02 43.29
N LYS TC 84 98.90 30.77 42.43
CA LYS TC 84 98.39 29.44 42.15
C LYS TC 84 98.86 29.01 40.77
N LEU TC 85 99.47 27.82 40.69
CA LEU TC 85 100.12 27.37 39.47
C LEU TC 85 99.63 25.98 39.09
N LYS TC 86 99.72 25.68 37.80
CA LYS TC 86 99.41 24.37 37.25
C LYS TC 86 100.61 23.91 36.42
N VAL TC 87 101.12 22.71 36.71
CA VAL TC 87 102.29 22.16 36.05
C VAL TC 87 101.90 20.86 35.36
N THR TC 88 102.32 20.71 34.11
CA THR TC 88 101.96 19.56 33.30
C THR TC 88 103.15 19.13 32.45
N LEU TC 89 103.09 17.89 31.98
CA LEU TC 89 104.10 17.34 31.07
C LEU TC 89 103.58 17.55 29.64
N ALA TC 90 104.29 18.38 28.88
CA ALA TC 90 103.80 18.78 27.56
C ALA TC 90 103.95 17.66 26.53
N ASN TC 91 105.03 16.87 26.61
CA ASN TC 91 105.30 15.87 25.59
C ASN TC 91 105.25 14.46 26.17
N ALA TC 92 104.24 14.18 26.98
CA ALA TC 92 104.11 12.85 27.58
C ALA TC 92 103.83 11.79 26.52
N ALA TC 93 103.09 12.15 25.46
CA ALA TC 93 102.77 11.18 24.42
C ALA TC 93 104.03 10.71 23.69
N GLN TC 94 104.97 11.62 23.45
CA GLN TC 94 106.20 11.25 22.76
C GLN TC 94 107.07 10.33 23.61
N LEU TC 95 107.05 10.51 24.93
CA LEU TC 95 107.90 9.73 25.83
C LEU TC 95 107.34 8.35 26.15
N ARG TC 96 106.08 8.08 25.79
CA ARG TC 96 105.48 6.79 26.13
C ARG TC 96 106.21 5.59 25.53
N PRO TC 97 106.57 5.56 24.23
CA PRO TC 97 107.23 4.36 23.69
C PRO TC 97 108.61 4.09 24.27
N TYR TC 98 109.20 5.04 24.99
CA TYR TC 98 110.57 4.89 25.49
C TYR TC 98 110.65 4.46 26.95
N PHE TC 99 109.55 4.51 27.70
CA PHE TC 99 109.58 4.25 29.13
C PHE TC 99 108.40 3.39 29.53
N LYS TC 100 108.66 2.47 30.48
CA LYS TC 100 107.56 1.79 31.15
C LYS TC 100 106.88 2.70 32.17
N TYR TC 101 107.67 3.48 32.91
CA TYR TC 101 107.13 4.46 33.84
C TYR TC 101 108.17 5.54 34.07
N LEU TC 102 107.70 6.73 34.45
CA LEU TC 102 108.57 7.86 34.72
C LEU TC 102 107.83 8.82 35.65
N GLN TC 103 108.44 9.10 36.80
CA GLN TC 103 107.81 9.95 37.81
C GLN TC 103 108.73 11.10 38.17
N LEU TC 104 108.14 12.29 38.31
CA LEU TC 104 108.87 13.50 38.66
C LEU TC 104 108.36 14.03 40.00
N VAL TC 105 109.29 14.37 40.88
CA VAL TC 105 108.98 14.86 42.23
C VAL TC 105 109.48 16.29 42.35
N LEU TC 106 108.60 17.20 42.74
CA LEU TC 106 108.92 18.62 42.89
C LEU TC 106 108.86 18.98 44.37
N THR TC 107 109.92 19.62 44.87
CA THR TC 107 110.01 20.02 46.26
C THR TC 107 110.40 21.48 46.37
N SER TC 108 109.77 22.20 47.30
CA SER TC 108 110.11 23.58 47.58
C SER TC 108 111.15 23.60 48.70
N ASN TC 109 112.23 24.35 48.50
CA ASN TC 109 113.40 24.33 49.37
C ASN TC 109 113.89 25.75 49.67
N ALA TC 110 113.40 26.75 48.94
CA ALA TC 110 113.95 28.11 49.00
C ALA TC 110 114.01 28.63 50.44
N SER TC 111 113.10 28.18 51.29
CA SER TC 111 113.20 28.40 52.74
C SER TC 111 114.05 27.30 53.36
N SER TC 112 115.16 27.67 53.98
CA SER TC 112 116.05 26.69 54.57
C SER TC 112 115.40 25.97 55.75
N THR TC 113 114.33 26.53 56.32
CA THR TC 113 113.65 25.89 57.44
C THR TC 113 112.50 24.98 57.02
N VAL TC 114 111.86 25.28 55.89
CA VAL TC 114 110.67 24.55 55.45
C VAL TC 114 110.96 23.94 54.07
N GLU TC 115 111.29 22.65 54.06
CA GLU TC 115 111.36 21.87 52.83
C GLU TC 115 110.04 21.12 52.66
N GLU TC 116 109.42 21.25 51.48
CA GLU TC 116 108.15 20.59 51.21
C GLU TC 116 108.10 20.07 49.78
N THR TC 117 107.67 18.82 49.64
CA THR TC 117 107.32 18.27 48.34
C THR TC 117 105.88 18.69 47.98
N LYS TC 118 105.71 19.25 46.79
CA LYS TC 118 104.43 19.83 46.40
C LYS TC 118 103.62 18.96 45.44
N ALA TC 119 104.25 18.30 44.48
CA ALA TC 119 103.50 17.51 43.51
C ALA TC 119 104.36 16.37 42.99
N VAL TC 120 103.68 15.36 42.47
CA VAL TC 120 104.32 14.22 41.81
C VAL TC 120 103.66 14.07 40.45
N LEU TC 121 104.47 14.06 39.40
CA LEU TC 121 103.99 13.93 38.03
C LEU TC 121 104.38 12.58 37.45
N SER TC 122 103.54 12.06 36.57
CA SER TC 122 103.78 10.77 35.95
C SER TC 122 103.20 10.78 34.54
N LEU TC 123 103.54 9.73 33.79
CA LEU TC 123 103.04 9.62 32.41
C LEU TC 123 101.56 9.32 32.35
N LYS TC 124 100.98 8.78 33.42
CA LYS TC 124 99.54 8.49 33.45
C LYS TC 124 98.73 9.66 34.00
N LYS TC 125 99.30 10.45 34.91
CA LYS TC 125 98.66 11.64 35.46
C LYS TC 125 99.63 12.80 35.33
N PRO TC 126 99.65 13.46 34.17
CA PRO TC 126 100.71 14.44 33.88
C PRO TC 126 100.54 15.80 34.56
N SER TC 127 99.36 16.11 35.09
CA SER TC 127 99.06 17.46 35.55
C SER TC 127 98.87 17.49 37.07
N ALA TC 128 99.23 18.62 37.66
CA ALA TC 128 99.06 18.83 39.10
C ALA TC 128 98.92 20.32 39.36
N VAL TC 129 98.35 20.64 40.53
CA VAL TC 129 98.13 22.02 40.96
C VAL TC 129 98.81 22.21 42.31
N ILE TC 130 99.62 23.27 42.43
CA ILE TC 130 100.38 23.55 43.63
C ILE TC 130 100.08 24.96 44.10
N ILE TC 131 100.42 25.23 45.37
CA ILE TC 131 100.18 26.52 46.01
C ILE TC 131 101.51 27.02 46.59
N LEU TC 132 101.83 28.28 46.30
CA LEU TC 132 102.99 28.95 46.88
C LEU TC 132 102.50 30.11 47.74
N ASP TC 133 102.99 30.18 48.97
CA ASP TC 133 102.51 31.18 49.93
C ASP TC 133 103.65 31.96 50.58
N ASN TC 134 103.33 32.72 51.63
CA ASN TC 134 104.31 33.59 52.27
C ASN TC 134 105.53 32.82 52.76
N ASP TC 135 105.34 31.58 53.21
CA ASP TC 135 106.48 30.81 53.73
C ASP TC 135 107.46 30.43 52.62
N ASP TC 136 106.96 30.17 51.42
CA ASP TC 136 107.84 29.72 50.33
C ASP TC 136 108.72 30.86 49.83
N TYR TC 137 108.20 32.08 49.78
CA TYR TC 137 108.90 33.20 49.20
C TYR TC 137 110.05 33.68 50.08
N SER TC 138 111.10 32.86 50.20
CA SER TC 138 112.30 33.28 50.90
C SER TC 138 113.10 34.26 50.04
N SER TC 139 113.88 35.10 50.70
CA SER TC 139 114.53 36.27 50.11
C SER TC 139 113.52 37.24 49.52
N THR TC 140 112.23 37.01 49.76
CA THR TC 140 111.11 37.88 49.40
C THR TC 140 110.90 38.01 47.90
N ASN TC 141 111.73 37.35 47.08
CA ASN TC 141 111.68 37.58 45.65
C ASN TC 141 111.74 36.35 44.76
N LYS TC 142 112.02 35.16 45.29
CA LYS TC 142 112.22 34.03 44.39
C LYS TC 142 111.85 32.70 45.04
N ILE TC 143 111.49 31.74 44.19
CA ILE TC 143 111.21 30.36 44.55
C ILE TC 143 112.22 29.45 43.88
N GLN TC 144 112.72 28.46 44.62
CA GLN TC 144 113.63 27.46 44.09
C GLN TC 144 112.98 26.09 44.20
N LEU TC 145 112.90 25.37 43.08
CA LEU TC 145 112.27 24.06 43.02
C LEU TC 145 113.16 23.13 42.22
N LYS TC 146 113.69 22.09 42.87
CA LYS TC 146 114.42 21.05 42.15
C LYS TC 146 113.50 19.91 41.74
N VAL TC 147 113.94 19.14 40.76
CA VAL TC 147 113.17 18.07 40.15
C VAL TC 147 113.80 16.73 40.51
N GLU TC 148 112.98 15.77 40.91
CA GLU TC 148 113.46 14.44 41.23
C GLU TC 148 112.78 13.43 40.32
N ALA TC 149 113.57 12.54 39.72
CA ALA TC 149 113.10 11.62 38.70
C ALA TC 149 113.29 10.17 39.12
N TYR TC 150 112.29 9.35 38.86
CA TYR TC 150 112.36 7.90 38.98
C TYR TC 150 111.89 7.30 37.67
N TYR TC 151 112.58 6.26 37.20
CA TYR TC 151 112.35 5.80 35.84
C TYR TC 151 112.71 4.33 35.70
N GLU TC 152 112.17 3.72 34.66
CA GLU TC 152 112.60 2.41 34.17
C GLU TC 152 112.53 2.43 32.65
N ALA TC 153 113.65 2.12 32.00
CA ALA TC 153 113.75 2.19 30.55
C ALA TC 153 113.20 0.93 29.89
N LYS TC 154 112.74 1.08 28.66
CA LYS TC 154 112.25 -0.05 27.89
C LYS TC 154 113.38 -1.01 27.55
N GLU TC 155 113.02 -2.27 27.37
CA GLU TC 155 114.00 -3.32 27.12
C GLU TC 155 114.50 -3.24 25.67
N GLY TC 156 115.81 -3.10 25.51
CA GLY TC 156 116.42 -3.16 24.19
C GLY TC 156 116.20 -1.94 23.31
N MET TC 157 115.89 -0.79 23.89
CA MET TC 157 115.65 0.43 23.13
C MET TC 157 116.84 1.37 23.29
N LEU TC 158 117.38 1.83 22.17
CA LEU TC 158 118.53 2.73 22.16
C LEU TC 158 118.15 4.03 21.45
N PHE TC 159 118.58 5.16 22.04
CA PHE TC 159 118.22 6.47 21.52
C PHE TC 159 119.16 7.50 22.13
N ASP TC 160 119.08 8.72 21.60
CA ASP TC 160 119.86 9.84 22.12
C ASP TC 160 119.19 11.13 21.72
N SER TC 161 119.51 12.19 22.47
CA SER TC 161 119.00 13.54 22.19
C SER TC 161 117.48 13.59 22.22
N LEU TC 162 116.90 13.18 23.35
CA LEU TC 162 115.45 13.20 23.54
C LEU TC 162 115.09 14.23 24.60
N PRO TC 163 114.29 15.24 24.28
CA PRO TC 163 113.98 16.29 25.25
C PRO TC 163 112.78 15.98 26.12
N VAL TC 164 112.80 16.55 27.33
CA VAL TC 164 111.69 16.49 28.27
C VAL TC 164 111.25 17.92 28.56
N ILE TC 165 109.96 18.19 28.41
CA ILE TC 165 109.42 19.54 28.44
C ILE TC 165 108.38 19.64 29.55
N LEU TC 166 108.45 20.73 30.32
CA LEU TC 166 107.46 21.06 31.34
C LEU TC 166 106.87 22.43 31.05
N ASN TC 167 105.60 22.60 31.37
CA ASN TC 167 104.87 23.84 31.09
C ASN TC 167 104.24 24.38 32.37
N PHE TC 168 104.16 25.71 32.45
CA PHE TC 168 103.58 26.40 33.60
C PHE TC 168 102.46 27.32 33.14
N GLN TC 169 101.39 27.37 33.93
CA GLN TC 169 100.27 28.25 33.67
C GLN TC 169 99.75 28.82 34.99
N VAL TC 170 99.46 30.12 34.99
CA VAL TC 170 98.98 30.83 36.17
C VAL TC 170 97.46 30.80 36.18
N LEU TC 171 96.88 30.36 37.29
CA LEU TC 171 95.44 30.31 37.45
C LEU TC 171 94.87 31.46 38.25
N SER TC 172 95.58 31.91 39.29
CA SER TC 172 95.13 33.01 40.13
C SER TC 172 96.31 33.57 40.91
N VAL TC 173 96.33 34.88 41.07
CA VAL TC 173 97.37 35.56 41.84
C VAL TC 173 96.70 36.60 42.74
N SER TC 174 97.29 36.81 43.91
CA SER TC 174 96.76 37.78 44.87
C SER TC 174 97.88 38.38 45.71
N THR UC 26 73.04 98.56 12.34
CA THR UC 26 72.23 97.62 13.09
C THR UC 26 72.43 96.20 12.57
N THR UC 27 73.45 95.52 13.12
CA THR UC 27 73.81 94.17 12.69
C THR UC 27 73.71 93.23 13.89
N GLN UC 28 73.10 92.08 13.68
CA GLN UC 28 72.95 91.05 14.71
C GLN UC 28 73.95 89.94 14.45
N SER UC 29 74.77 89.64 15.46
CA SER UC 29 75.83 88.65 15.26
C SER UC 29 75.50 87.34 15.97
N PRO UC 30 75.87 86.19 15.38
CA PRO UC 30 75.62 84.91 16.06
C PRO UC 30 76.67 84.55 17.09
N LEU UC 31 77.86 85.16 17.05
CA LEU UC 31 78.89 85.01 18.07
C LEU UC 31 79.39 83.56 18.15
N ASN UC 32 79.69 82.97 16.99
CA ASN UC 32 80.22 81.61 16.95
C ASN UC 32 81.32 81.45 15.90
N SER UC 33 81.96 82.55 15.50
CA SER UC 33 82.99 82.52 14.46
C SER UC 33 84.39 82.46 15.09
N PHE UC 34 84.65 81.38 15.82
CA PHE UC 34 85.95 81.15 16.43
C PHE UC 34 86.35 79.69 16.27
N TYR UC 35 87.61 79.46 15.90
CA TYR UC 35 88.07 78.10 15.63
C TYR UC 35 89.53 77.96 16.03
N ALA UC 36 89.94 76.70 16.24
CA ALA UC 36 91.31 76.33 16.50
C ALA UC 36 91.55 74.95 15.91
N THR UC 37 92.75 74.72 15.37
CA THR UC 37 93.02 73.53 14.57
C THR UC 37 94.31 72.87 14.99
N GLY UC 38 94.30 71.53 15.01
CA GLY UC 38 95.50 70.74 15.23
C GLY UC 38 95.63 69.65 14.18
N THR UC 39 96.60 68.74 14.34
CA THR UC 39 96.85 67.70 13.36
C THR UC 39 97.28 66.42 14.07
N ALA UC 40 97.17 65.31 13.35
CA ALA UC 40 97.61 64.01 13.84
C ALA UC 40 97.97 63.12 12.66
N GLN UC 41 98.76 62.09 12.93
CA GLN UC 41 99.21 61.19 11.88
C GLN UC 41 99.70 59.87 12.48
N ALA UC 42 99.81 58.87 11.62
CA ALA UC 42 100.39 57.58 11.99
C ALA UC 42 100.86 56.91 10.70
N VAL UC 43 102.17 56.81 10.50
CA VAL UC 43 102.72 56.44 9.21
C VAL UC 43 103.72 55.28 9.32
N GLN UC 44 103.60 54.42 10.33
CA GLN UC 44 104.48 53.27 10.42
C GLN UC 44 103.82 52.15 11.21
N GLU UC 45 104.26 50.91 10.93
CA GLU UC 45 103.76 49.73 11.61
C GLU UC 45 104.43 49.57 12.97
N PRO UC 46 103.76 48.90 13.91
CA PRO UC 46 104.31 48.84 15.29
C PRO UC 46 105.68 48.21 15.39
N ILE UC 47 105.96 47.15 14.61
CA ILE UC 47 107.20 46.39 14.79
C ILE UC 47 107.90 46.22 13.45
N ASP UC 48 109.19 45.90 13.53
CA ASP UC 48 110.00 45.54 12.38
C ASP UC 48 110.78 44.28 12.74
N VAL UC 49 110.91 43.36 11.78
CA VAL UC 49 111.48 42.04 12.04
C VAL UC 49 112.63 41.80 11.07
N GLU UC 50 113.77 41.35 11.60
CA GLU UC 50 114.95 41.03 10.79
C GLU UC 50 115.46 39.65 11.20
N SER UC 51 115.92 38.88 10.21
CA SER UC 51 116.28 37.49 10.41
C SER UC 51 117.79 37.28 10.29
N HIS UC 52 118.33 36.40 11.13
CA HIS UC 52 119.75 36.03 11.08
C HIS UC 52 119.92 34.52 11.28
N LEU UC 53 119.09 33.73 10.61
CA LEU UC 53 119.17 32.27 10.70
C LEU UC 53 120.17 31.79 9.65
N ASP UC 54 121.42 31.62 10.07
CA ASP UC 54 122.52 31.27 9.17
C ASP UC 54 123.23 29.98 9.60
N ASN UC 55 122.45 28.97 9.96
CA ASN UC 55 122.98 27.64 10.21
C ASN UC 55 122.12 26.60 9.51
N THR UC 56 122.74 25.49 9.13
CA THR UC 56 122.09 24.47 8.33
C THR UC 56 121.99 23.17 9.13
N ILE UC 57 120.80 22.58 9.14
CA ILE UC 57 120.61 21.25 9.71
C ILE UC 57 121.12 20.24 8.69
N ALA UC 58 122.30 19.68 8.94
CA ALA UC 58 122.97 18.79 7.99
C ALA UC 58 123.37 17.49 8.68
N PRO UC 59 122.41 16.61 8.95
CA PRO UC 59 122.75 15.29 9.47
C PRO UC 59 122.86 14.27 8.34
N ALA UC 60 123.28 13.06 8.71
CA ALA UC 60 123.25 11.94 7.78
C ALA UC 60 121.83 11.40 7.65
N ALA UC 61 121.62 10.55 6.65
CA ALA UC 61 120.30 10.01 6.39
C ALA UC 61 119.87 9.09 7.53
N GLY UC 62 118.71 9.36 8.12
CA GLY UC 62 118.17 8.53 9.17
C GLY UC 62 118.75 8.77 10.55
N ALA UC 63 119.54 9.82 10.74
CA ALA UC 63 120.20 10.08 12.01
C ALA UC 63 119.33 10.92 12.94
N GLN UC 64 119.60 10.80 14.23
CA GLN UC 64 118.95 11.61 15.26
C GLN UC 64 119.95 12.64 15.76
N GLY UC 65 119.54 13.90 15.80
CA GLY UC 65 120.49 14.97 16.04
C GLY UC 65 120.08 16.06 16.99
N TYR UC 66 120.88 17.13 17.02
CA TYR UC 66 120.74 18.24 17.95
C TYR UC 66 121.49 19.45 17.39
N LYS UC 67 120.78 20.54 17.10
CA LYS UC 67 121.37 21.63 16.35
C LYS UC 67 120.74 22.95 16.76
N ASP UC 68 121.51 24.03 16.66
CA ASP UC 68 121.02 25.39 16.82
C ASP UC 68 121.12 26.12 15.47
N MET UC 69 120.35 27.18 15.31
CA MET UC 69 120.16 27.80 14.00
C MET UC 69 120.65 29.24 13.92
N GLY UC 70 120.23 30.09 14.86
CA GLY UC 70 120.54 31.51 14.79
C GLY UC 70 119.60 32.29 15.70
N TYR UC 71 119.41 33.57 15.36
CA TYR UC 71 118.55 34.42 16.17
C TYR UC 71 117.82 35.41 15.28
N VAL UC 72 116.74 35.97 15.81
CA VAL UC 72 115.86 36.89 15.09
C VAL UC 72 115.70 38.16 15.91
N LYS UC 73 115.74 39.31 15.24
CA LYS UC 73 115.64 40.60 15.89
C LYS UC 73 114.27 41.23 15.64
N ILE UC 74 113.70 41.82 16.69
CA ILE UC 74 112.41 42.50 16.64
C ILE UC 74 112.62 43.93 17.13
N ILE UC 75 112.07 44.90 16.41
CA ILE UC 75 112.23 46.32 16.73
C ILE UC 75 110.85 46.91 17.00
N ASN UC 76 110.74 47.65 18.10
CA ASN UC 76 109.50 48.25 18.56
C ASN UC 76 109.59 49.77 18.58
N TYR UC 77 108.48 50.42 18.21
CA TYR UC 77 108.45 51.82 17.82
C TYR UC 77 107.61 52.65 18.79
N THR UC 78 107.36 53.90 18.42
CA THR UC 78 106.86 54.92 19.33
C THR UC 78 105.57 54.51 20.01
N ASP UC 79 105.51 54.74 21.33
CA ASP UC 79 104.33 54.53 22.16
C ASP UC 79 103.89 53.07 22.20
N VAL UC 80 104.83 52.14 22.02
CA VAL UC 80 104.57 50.71 22.08
C VAL UC 80 105.21 50.16 23.36
N ASN UC 81 104.44 49.39 24.12
CA ASN UC 81 104.95 48.81 25.35
C ASN UC 81 104.80 47.29 25.41
N VAL UC 82 103.69 46.75 24.92
CA VAL UC 82 103.42 45.32 24.98
C VAL UC 82 102.93 44.86 23.61
N VAL UC 83 103.46 43.74 23.14
CA VAL UC 83 103.13 43.19 21.83
C VAL UC 83 102.71 41.73 21.99
N LYS UC 84 101.61 41.36 21.34
CA LYS UC 84 101.14 39.99 21.28
C LYS UC 84 101.38 39.44 19.88
N LEU UC 85 102.03 38.28 19.80
CA LEU UC 85 102.48 37.74 18.53
C LEU UC 85 102.01 36.30 18.37
N LYS UC 86 101.88 35.89 17.11
CA LYS UC 86 101.57 34.51 16.75
C LYS UC 86 102.61 34.02 15.75
N VAL UC 87 103.23 32.88 16.06
CA VAL UC 87 104.29 32.31 15.23
C VAL UC 87 103.85 30.94 14.74
N THR UC 88 104.05 30.69 13.45
CA THR UC 88 103.62 29.45 12.83
C THR UC 88 104.66 28.99 11.83
N LEU UC 89 104.60 27.70 11.49
CA LEU UC 89 105.43 27.10 10.45
C LEU UC 89 104.66 27.15 9.13
N ALA UC 90 105.17 27.94 8.18
CA ALA UC 90 104.44 28.18 6.94
C ALA UC 90 104.46 26.98 6.01
N ASN UC 91 105.57 26.25 5.95
CA ASN UC 91 105.72 25.16 4.99
C ASN UC 91 105.86 23.81 5.69
N ALA UC 92 105.02 23.58 6.70
CA ALA UC 92 105.07 22.30 7.43
C ALA UC 92 104.68 21.14 6.53
N ALA UC 93 103.74 21.36 5.61
CA ALA UC 93 103.28 20.29 4.73
C ALA UC 93 104.42 19.80 3.82
N GLN UC 94 105.26 20.72 3.33
CA GLN UC 94 106.36 20.34 2.46
C GLN UC 94 107.41 19.53 3.21
N LEU UC 95 107.63 19.84 4.50
CA LEU UC 95 108.67 19.19 5.29
C LEU UC 95 108.24 17.82 5.83
N ARG UC 96 106.96 17.47 5.73
CA ARG UC 96 106.51 16.19 6.28
C ARG UC 96 107.19 14.97 5.66
N PRO UC 97 107.30 14.83 4.34
CA PRO UC 97 107.92 13.60 3.79
C PRO UC 97 109.41 13.45 4.12
N TYR UC 98 110.06 14.49 4.64
CA TYR UC 98 111.49 14.45 4.89
C TYR UC 98 111.87 14.16 6.33
N PHE UC 99 110.91 14.24 7.27
CA PHE UC 99 111.21 14.12 8.69
C PHE UC 99 110.18 13.25 9.38
N LYS UC 100 110.65 12.44 10.34
CA LYS UC 100 109.72 11.79 11.26
C LYS UC 100 109.20 12.77 12.30
N TYR UC 101 110.07 13.64 12.81
CA TYR UC 101 109.64 14.69 13.73
C TYR UC 101 110.65 15.83 13.67
N LEU UC 102 110.18 17.02 14.02
CA LEU UC 102 111.02 18.22 14.03
C LEU UC 102 110.41 19.22 15.00
N GLN UC 103 111.20 19.64 15.99
CA GLN UC 103 110.71 20.55 17.03
C GLN UC 103 111.61 21.77 17.10
N LEU UC 104 110.99 22.94 17.24
CA LEU UC 104 111.71 24.21 17.35
C LEU UC 104 111.42 24.84 18.69
N VAL UC 105 112.47 25.31 19.36
CA VAL UC 105 112.38 25.92 20.69
C VAL UC 105 112.81 27.37 20.59
N LEU UC 106 111.97 28.28 21.06
CA LEU UC 106 112.23 29.71 21.03
C LEU UC 106 112.42 30.22 22.45
N THR UC 107 113.51 30.94 22.68
CA THR UC 107 113.82 31.48 24.00
C THR UC 107 114.15 32.96 23.91
N SER UC 108 113.65 33.73 24.86
CA SER UC 108 113.97 35.16 24.96
C SER UC 108 115.19 35.32 25.87
N ASN UC 109 116.17 36.09 25.40
CA ASN UC 109 117.47 36.20 26.04
C ASN UC 109 117.92 37.65 26.12
N ALA UC 110 117.25 38.56 25.40
CA ALA UC 110 117.74 39.93 25.25
C ALA UC 110 118.01 40.60 26.59
N SER UC 111 117.31 40.20 27.64
CA SER UC 111 117.66 40.57 29.01
C SER UC 111 118.65 39.56 29.57
N SER UC 112 119.84 40.04 29.93
CA SER UC 112 120.87 39.15 30.44
C SER UC 112 120.49 38.53 31.77
N THR UC 113 119.51 39.09 32.48
CA THR UC 113 119.08 38.55 33.75
C THR UC 113 117.92 37.55 33.64
N VAL UC 114 117.07 37.71 32.62
CA VAL UC 114 115.87 36.90 32.47
C VAL UC 114 115.94 36.17 31.13
N GLU UC 115 116.33 34.90 31.16
CA GLU UC 115 116.22 34.00 30.01
C GLU UC 115 114.94 33.19 30.15
N GLU UC 116 114.12 33.19 29.11
CA GLU UC 116 112.85 32.45 29.13
C GLU UC 116 112.58 31.80 27.79
N THR UC 117 112.19 30.52 27.84
CA THR UC 117 111.65 29.83 26.68
C THR UC 117 110.17 30.15 26.56
N LYS UC 118 109.74 30.59 25.38
CA LYS UC 118 108.38 31.08 25.18
C LYS UC 118 107.46 30.10 24.46
N ALA UC 119 107.95 29.36 23.47
CA ALA UC 119 107.08 28.47 22.73
C ALA UC 119 107.90 27.31 22.15
N VAL UC 120 107.19 26.22 21.86
CA VAL UC 120 107.76 25.05 21.20
C VAL UC 120 106.88 24.75 20.00
N LEU UC 121 107.49 24.66 18.82
CA LEU UC 121 106.78 24.39 17.58
C LEU UC 121 107.15 23.01 17.06
N SER UC 122 106.18 22.37 16.40
CA SER UC 122 106.38 21.02 15.86
C SER UC 122 105.56 20.87 14.59
N LEU UC 123 105.80 19.78 13.88
CA LEU UC 123 105.09 19.51 12.64
C LEU UC 123 103.63 19.16 12.87
N LYS UC 124 103.28 18.70 14.07
CA LYS UC 124 101.89 18.36 14.40
C LYS UC 124 101.12 19.55 14.98
N LYS UC 125 101.81 20.44 15.70
CA LYS UC 125 101.21 21.65 16.25
C LYS UC 125 102.08 22.83 15.84
N PRO UC 126 101.85 23.37 14.65
CA PRO UC 126 102.78 24.36 14.09
C PRO UC 126 102.66 25.77 14.65
N SER UC 127 101.58 26.09 15.36
CA SER UC 127 101.30 27.47 15.76
C SER UC 127 101.38 27.63 17.26
N ALA UC 128 101.77 28.83 17.69
CA ALA UC 128 101.85 29.17 19.11
C ALA UC 128 101.68 30.68 19.27
N VAL UC 129 101.31 31.08 20.48
CA VAL UC 129 101.09 32.48 20.82
C VAL UC 129 101.99 32.83 22.00
N ILE UC 130 102.74 33.93 21.87
CA ILE UC 130 103.70 34.35 22.89
C ILE UC 130 103.40 35.79 23.28
N ILE UC 131 103.95 36.19 24.43
CA ILE UC 131 103.77 37.52 25.00
C ILE UC 131 105.13 38.13 25.27
N LEU UC 132 105.34 39.37 24.82
CA LEU UC 132 106.54 40.14 25.12
C LEU UC 132 106.15 41.36 25.94
N ASP UC 133 106.84 41.57 27.06
CA ASP UC 133 106.49 42.63 27.99
C ASP UC 133 107.68 43.52 28.34
N ASN UC 134 107.51 44.36 29.37
CA ASN UC 134 108.54 45.33 29.74
C ASN UC 134 109.88 44.66 30.06
N ASP UC 135 109.85 43.46 30.65
CA ASP UC 135 111.09 42.79 31.01
C ASP UC 135 111.88 42.34 29.79
N ASP UC 136 111.18 41.95 28.72
CA ASP UC 136 111.87 41.43 27.53
C ASP UC 136 112.59 42.55 26.79
N TYR UC 137 111.99 43.74 26.72
CA TYR UC 137 112.52 44.83 25.92
C TYR UC 137 113.78 45.43 26.53
N SER UC 138 114.87 44.67 26.52
CA SER UC 138 116.16 45.20 26.94
C SER UC 138 116.73 46.12 25.87
N SER UC 139 117.58 47.06 26.30
CA SER UC 139 118.04 48.18 25.50
C SER UC 139 116.89 49.06 25.03
N THR UC 140 115.67 48.80 25.52
CA THR UC 140 114.46 49.59 25.30
C THR UC 140 113.98 49.56 23.86
N ASN UC 141 114.69 48.86 22.97
CA ASN UC 141 114.36 48.95 21.55
C ASN UC 141 114.33 47.64 20.78
N LYS UC 142 114.77 46.51 21.35
CA LYS UC 142 114.88 45.31 20.52
C LYS UC 142 114.70 44.05 21.35
N ILE UC 143 114.25 43.00 20.67
CA ILE UC 143 114.11 41.64 21.20
C ILE UC 143 115.04 40.72 20.43
N GLN UC 144 115.71 39.82 21.15
CA GLN UC 144 116.58 38.81 20.54
C GLN UC 144 116.03 37.43 20.91
N LEU UC 145 115.79 36.61 19.89
CA LEU UC 145 115.24 35.26 20.05
C LEU UC 145 116.02 34.30 19.19
N LYS UC 146 116.72 33.35 19.81
CA LYS UC 146 117.36 32.28 19.08
C LYS UC 146 116.44 31.06 18.94
N VAL UC 147 116.75 30.22 17.96
CA VAL UC 147 115.94 29.07 17.60
C VAL UC 147 116.70 27.80 17.95
N GLU UC 148 116.02 26.86 18.58
CA GLU UC 148 116.63 25.57 18.93
C GLU UC 148 115.85 24.46 18.25
N ALA UC 149 116.57 23.55 17.61
CA ALA UC 149 115.97 22.52 16.76
C ALA UC 149 116.32 21.12 17.27
N TYR UC 150 115.33 20.24 17.27
CA TYR UC 150 115.51 18.81 17.51
C TYR UC 150 114.85 18.07 16.36
N TYR UC 151 115.50 17.02 15.86
CA TYR UC 151 115.05 16.42 14.62
C TYR UC 151 115.47 14.96 14.54
N GLU UC 152 114.78 14.22 13.67
CA GLU UC 152 115.19 12.89 13.23
C GLU UC 152 114.85 12.77 11.75
N ALA UC 153 115.85 12.44 10.94
CA ALA UC 153 115.68 12.38 9.49
C ALA UC 153 115.09 11.03 9.07
N LYS UC 154 114.41 11.05 7.93
CA LYS UC 154 113.85 9.83 7.36
C LYS UC 154 114.96 8.89 6.91
N GLU UC 155 114.65 7.59 6.90
CA GLU UC 155 115.63 6.56 6.57
C GLU UC 155 115.85 6.53 5.07
N GLY UC 156 117.10 6.71 4.65
CA GLY UC 156 117.46 6.55 3.25
C GLY UC 156 117.02 7.66 2.32
N MET UC 157 116.76 8.85 2.85
CA MET UC 157 116.31 9.98 2.04
C MET UC 157 117.46 10.98 1.89
N LEU UC 158 117.76 11.35 0.65
CA LEU UC 158 118.83 12.29 0.35
C LEU UC 158 118.26 13.50 -0.37
N PHE UC 159 118.73 14.68 0.01
CA PHE UC 159 118.21 15.92 -0.55
C PHE UC 159 119.18 17.05 -0.21
N ASP UC 160 118.94 18.21 -0.82
CA ASP UC 160 119.74 19.40 -0.56
C ASP UC 160 118.93 20.63 -0.94
N SER UC 161 119.32 21.77 -0.36
CA SER UC 161 118.69 23.06 -0.65
C SER UC 161 117.20 23.04 -0.35
N LEU UC 162 116.86 22.73 0.91
CA LEU UC 162 115.47 22.72 1.35
C LEU UC 162 115.25 23.82 2.37
N PRO UC 163 114.35 24.77 2.11
CA PRO UC 163 114.17 25.90 3.03
C PRO UC 163 113.16 25.62 4.13
N VAL UC 164 113.36 26.30 5.25
CA VAL UC 164 112.44 26.29 6.38
C VAL UC 164 111.98 27.72 6.63
N ILE UC 165 110.66 27.93 6.69
CA ILE UC 165 110.07 29.26 6.70
C ILE UC 165 109.24 29.43 7.96
N LEU UC 166 109.38 30.58 8.61
CA LEU UC 166 108.58 30.96 9.77
C LEU UC 166 107.87 32.27 9.47
N ASN UC 167 106.66 32.43 10.01
CA ASN UC 167 105.84 33.61 9.75
C ASN UC 167 105.42 34.25 11.08
N PHE UC 168 105.27 35.57 11.06
CA PHE UC 168 104.87 36.34 12.23
C PHE UC 168 103.64 37.17 11.91
N GLN UC 169 102.73 37.26 12.88
CA GLN UC 169 101.53 38.07 12.74
C GLN UC 169 101.22 38.73 14.08
N VAL UC 170 100.87 40.01 14.01
CA VAL UC 170 100.57 40.82 15.20
C VAL UC 170 99.08 40.72 15.49
N LEU UC 171 98.74 40.37 16.73
CA LEU UC 171 97.35 40.28 17.15
C LEU UC 171 96.87 41.49 17.94
N SER UC 172 97.73 42.06 18.79
CA SER UC 172 97.37 43.22 19.59
C SER UC 172 98.64 43.89 20.09
N VAL UC 173 98.61 45.22 20.13
CA VAL UC 173 99.73 46.01 20.64
C VAL UC 173 99.18 47.10 21.55
N SER UC 174 99.96 47.44 22.57
CA SER UC 174 99.56 48.49 23.51
C SER UC 174 100.77 49.21 24.07
N THR VC 26 66.99 104.86 -9.31
CA THR VC 26 66.38 103.96 -8.33
C THR VC 26 66.58 102.51 -8.76
N THR VC 27 67.70 101.92 -8.35
CA THR VC 27 68.05 100.55 -8.71
C THR VC 27 68.24 99.72 -7.44
N GLN VC 28 67.66 98.53 -7.44
CA GLN VC 28 67.76 97.61 -6.31
C GLN VC 28 68.76 96.52 -6.64
N SER VC 29 69.76 96.34 -5.79
CA SER VC 29 70.82 95.39 -6.09
C SER VC 29 70.70 94.14 -5.21
N PRO VC 30 71.01 92.96 -5.76
CA PRO VC 30 70.97 91.74 -4.94
C PRO VC 30 72.21 91.52 -4.08
N LEU VC 31 73.33 92.18 -4.41
CA LEU VC 31 74.53 92.16 -3.59
C LEU VC 31 75.11 90.74 -3.47
N ASN VC 32 75.24 90.06 -4.61
CA ASN VC 32 75.83 88.72 -4.62
C ASN VC 32 76.73 88.51 -5.84
N SER VC 33 77.22 89.59 -6.44
CA SER VC 33 78.06 89.50 -7.64
C SER VC 33 79.54 89.56 -7.29
N PHE VC 34 79.99 88.55 -6.54
CA PHE VC 34 81.39 88.44 -6.14
C PHE VC 34 81.83 86.99 -6.25
N TYR VC 35 83.01 86.77 -6.82
CA TYR VC 35 83.50 85.41 -7.06
C TYR VC 35 85.02 85.37 -6.92
N ALA VC 36 85.52 84.16 -6.68
CA ALA VC 36 86.94 83.87 -6.64
C ALA VC 36 87.14 82.44 -7.14
N THR VC 37 88.24 82.21 -7.87
CA THR VC 37 88.43 80.97 -8.60
C THR VC 37 89.82 80.39 -8.37
N GLY VC 38 89.88 79.07 -8.22
CA GLY VC 38 91.13 78.34 -8.17
C GLY VC 38 91.15 77.16 -9.12
N THR VC 39 92.18 76.32 -9.06
CA THR VC 39 92.30 75.20 -9.98
C THR VC 39 92.93 74.01 -9.26
N ALA VC 40 92.75 72.83 -9.84
CA ALA VC 40 93.34 71.60 -9.31
C ALA VC 40 93.53 70.62 -10.46
N GLN VC 41 94.42 69.64 -10.25
CA GLN VC 41 94.72 68.66 -11.29
C GLN VC 41 95.38 67.44 -10.67
N ALA VC 42 95.39 66.36 -11.46
CA ALA VC 42 96.10 65.13 -11.09
C ALA VC 42 96.37 64.36 -12.37
N VAL VC 43 97.63 64.30 -12.80
CA VAL VC 43 97.96 63.82 -14.13
C VAL VC 43 99.02 62.72 -14.11
N GLN VC 44 99.13 61.96 -13.02
CA GLN VC 44 100.09 60.86 -13.00
C GLN VC 44 99.64 59.80 -12.00
N GLU VC 45 100.09 58.56 -12.25
CA GLU VC 45 99.79 57.43 -11.40
C GLU VC 45 100.71 57.42 -10.17
N PRO VC 46 100.25 56.83 -9.06
CA PRO VC 46 101.03 56.91 -7.81
C PRO VC 46 102.44 56.34 -7.91
N ILE VC 47 102.64 55.24 -8.62
CA ILE VC 47 103.92 54.54 -8.62
C ILE VC 47 104.38 54.27 -10.04
N ASP VC 48 105.68 54.02 -10.17
CA ASP VC 48 106.29 53.58 -11.41
C ASP VC 48 107.19 52.40 -11.10
N VAL VC 49 107.20 51.39 -11.97
CA VAL VC 49 107.88 50.13 -11.71
C VAL VC 49 108.85 49.84 -12.85
N GLU VC 50 110.09 49.49 -12.50
CA GLU VC 50 111.11 49.14 -13.47
C GLU VC 50 111.77 47.83 -13.06
N SER VC 51 112.09 46.98 -14.04
CA SER VC 51 112.56 45.62 -13.78
C SER VC 51 114.03 45.48 -14.17
N HIS VC 52 114.77 44.70 -13.38
CA HIS VC 52 116.16 44.38 -13.64
C HIS VC 52 116.46 42.91 -13.35
N LEU VC 53 115.56 42.02 -13.78
CA LEU VC 53 115.74 40.59 -13.59
C LEU VC 53 116.57 40.04 -14.75
N ASP VC 54 117.88 39.97 -14.55
CA ASP VC 54 118.82 39.58 -15.61
C ASP VC 54 119.66 38.37 -15.20
N ASN VC 55 119.02 37.36 -14.62
CA ASN VC 55 119.66 36.08 -14.35
C ASN VC 55 118.74 34.95 -14.79
N THR VC 56 119.34 33.83 -15.18
CA THR VC 56 118.63 32.70 -15.75
C THR VC 56 118.75 31.49 -14.84
N ILE VC 57 117.61 30.86 -14.55
CA ILE VC 57 117.61 29.58 -13.84
C ILE VC 57 117.97 28.50 -14.85
N ALA VC 58 119.21 28.02 -14.78
CA ALA VC 58 119.74 27.06 -15.75
C ALA VC 58 120.34 25.86 -15.03
N PRO VC 59 119.50 24.97 -14.52
CA PRO VC 59 119.99 23.72 -13.95
C PRO VC 59 119.96 22.59 -14.99
N ALA VC 60 120.50 21.45 -14.59
CA ALA VC 60 120.37 20.25 -15.40
C ALA VC 60 118.98 19.64 -15.22
N ALA VC 61 118.65 18.69 -16.08
CA ALA VC 61 117.33 18.07 -16.05
C ALA VC 61 117.18 17.24 -14.77
N GLY VC 62 116.12 17.53 -14.01
CA GLY VC 62 115.83 16.79 -12.80
C GLY VC 62 116.63 17.17 -11.58
N ALA VC 63 117.37 18.28 -11.63
CA ALA VC 63 118.23 18.68 -10.54
C ALA VC 63 117.50 19.56 -9.54
N GLN VC 64 118.01 19.59 -8.32
CA GLN VC 64 117.51 20.46 -7.25
C GLN VC 64 118.52 21.58 -7.04
N GLY VC 65 118.05 22.83 -7.04
CA GLY VC 65 118.98 23.94 -7.08
C GLY VC 65 118.68 25.11 -6.16
N TYR VC 66 119.41 26.21 -6.38
CA TYR VC 66 119.38 27.40 -5.54
C TYR VC 66 119.94 28.57 -6.33
N LYS VC 67 119.13 29.60 -6.57
CA LYS VC 67 119.52 30.64 -7.51
C LYS VC 67 118.89 31.97 -7.12
N ASP VC 68 119.58 33.05 -7.45
CA ASP VC 68 119.05 34.41 -7.33
C ASP VC 68 118.86 34.99 -8.73
N MET VC 69 118.01 36.02 -8.83
CA MET VC 69 117.56 36.50 -10.14
C MET VC 69 117.95 37.94 -10.42
N GLY VC 70 117.65 38.85 -9.51
CA GLY VC 70 117.87 40.28 -9.76
C GLY VC 70 117.06 41.10 -8.77
N TYR VC 71 116.75 42.33 -9.17
CA TYR VC 71 116.00 43.23 -8.30
C TYR VC 71 115.06 44.10 -9.13
N VAL VC 72 114.06 44.65 -8.45
CA VAL VC 72 113.02 45.47 -9.07
C VAL VC 72 112.94 46.81 -8.36
N LYS VC 73 112.79 47.89 -9.13
CA LYS VC 73 112.73 49.23 -8.58
C LYS VC 73 111.31 49.78 -8.63
N ILE VC 74 110.90 50.44 -7.55
CA ILE VC 74 109.60 51.07 -7.42
C ILE VC 74 109.81 52.54 -7.10
N ILE VC 75 109.08 53.42 -7.79
CA ILE VC 75 109.21 54.86 -7.63
C ILE VC 75 107.88 55.43 -7.16
N ASN VC 76 107.93 56.27 -6.13
CA ASN VC 76 106.75 56.85 -5.51
C ASN VC 76 106.76 58.37 -5.65
N TYR VC 77 105.57 58.94 -5.86
CA TYR VC 77 105.39 60.30 -6.35
C TYR VC 77 104.69 61.17 -5.31
N THR VC 78 104.31 62.37 -5.75
CA THR VC 78 103.93 63.46 -4.85
C THR VC 78 102.80 63.06 -3.91
N ASP VC 79 102.97 63.41 -2.63
CA ASP VC 79 101.97 63.24 -1.59
C ASP VC 79 101.63 61.77 -1.33
N VAL VC 80 102.57 60.88 -1.60
CA VAL VC 80 102.41 59.44 -1.36
C VAL VC 80 103.29 59.06 -0.19
N ASN VC 81 102.73 58.33 0.77
CA ASN VC 81 103.48 57.89 1.93
C ASN VC 81 103.42 56.38 2.15
N VAL VC 82 102.27 55.75 1.93
CA VAL VC 82 102.10 54.32 2.16
C VAL VC 82 101.40 53.72 0.94
N VAL VC 83 101.91 52.58 0.49
CA VAL VC 83 101.37 51.89 -0.69
C VAL VC 83 101.07 50.44 -0.32
N LYS VC 84 99.90 49.96 -0.72
CA LYS VC 84 99.50 48.57 -0.57
C LYS VC 84 99.51 47.90 -1.95
N LEU VC 85 100.20 46.77 -2.04
CA LEU VC 85 100.45 46.12 -3.32
C LEU VC 85 100.03 44.65 -3.26
N LYS VC 86 99.70 44.12 -4.44
CA LYS VC 86 99.41 42.70 -4.62
C LYS VC 86 100.28 42.16 -5.74
N VAL VC 87 101.01 41.08 -5.46
CA VAL VC 87 101.94 40.48 -6.41
C VAL VC 87 101.50 39.05 -6.68
N THR VC 88 101.47 38.68 -7.96
CA THR VC 88 101.01 37.36 -8.38
C THR VC 88 101.88 36.86 -9.52
N LEU VC 89 101.83 35.54 -9.73
CA LEU VC 89 102.50 34.88 -10.84
C LEU VC 89 101.51 34.78 -12.00
N ALA VC 90 101.79 35.48 -13.09
CA ALA VC 90 100.83 35.58 -14.18
C ALA VC 90 100.75 34.28 -14.99
N ASN VC 91 101.87 33.61 -15.20
CA ASN VC 91 101.91 32.43 -16.06
C ASN VC 91 102.24 31.17 -15.29
N ALA VC 92 101.62 30.99 -14.12
CA ALA VC 92 101.87 29.80 -13.31
C ALA VC 92 101.39 28.54 -14.01
N ALA VC 93 100.29 28.63 -14.77
CA ALA VC 93 99.75 27.46 -15.45
C ALA VC 93 100.72 26.94 -16.50
N GLN VC 94 101.40 27.84 -17.22
CA GLN VC 94 102.35 27.41 -18.23
C GLN VC 94 103.57 26.73 -17.62
N LEU VC 95 103.99 27.16 -16.43
CA LEU VC 95 105.19 26.63 -15.79
C LEU VC 95 104.95 25.32 -15.07
N ARG VC 96 103.70 24.90 -14.89
CA ARG VC 96 103.43 23.67 -14.15
C ARG VC 96 104.04 22.42 -14.78
N PRO VC 97 103.93 22.16 -16.09
CA PRO VC 97 104.51 20.91 -16.64
C PRO VC 97 106.03 20.84 -16.56
N TYR VC 98 106.71 21.95 -16.27
CA TYR VC 98 108.16 21.98 -16.29
C TYR VC 98 108.80 21.86 -14.92
N PHE VC 99 108.03 21.99 -13.84
CA PHE VC 99 108.59 22.02 -12.50
C PHE VC 99 107.75 21.18 -11.54
N LYS VC 100 108.42 20.50 -10.62
CA LYS VC 100 107.73 19.89 -9.49
C LYS VC 100 107.34 20.95 -8.46
N TYR VC 101 108.23 21.90 -8.19
CA TYR VC 101 107.92 23.02 -7.31
C TYR VC 101 108.83 24.18 -7.66
N LEU VC 102 108.37 25.38 -7.33
CA LEU VC 102 109.13 26.61 -7.58
C LEU VC 102 108.65 27.68 -6.61
N GLN VC 103 109.57 28.22 -5.82
CA GLN VC 103 109.23 29.20 -4.81
C GLN VC 103 110.06 30.47 -5.00
N LEU VC 104 109.42 31.62 -4.86
CA LEU VC 104 110.06 32.92 -5.00
C LEU VC 104 109.98 33.66 -3.67
N VAL VC 105 111.11 34.24 -3.26
CA VAL VC 105 111.22 34.96 -1.98
C VAL VC 105 111.55 36.41 -2.30
N LEU VC 106 110.75 37.32 -1.77
CA LEU VC 106 110.92 38.75 -1.96
C LEU VC 106 111.34 39.41 -0.65
N THR VC 107 112.40 40.20 -0.69
CA THR VC 107 112.92 40.87 0.50
C THR VC 107 113.13 42.34 0.21
N SER VC 108 112.78 43.19 1.17
CA SER VC 108 113.03 44.63 1.08
C SER VC 108 114.38 44.92 1.74
N ASN VC 109 115.22 45.69 1.02
CA ASN VC 109 116.61 45.90 1.40
C ASN VC 109 116.98 47.38 1.28
N ALA VC 110 116.14 48.19 0.61
CA ALA VC 110 116.52 49.56 0.25
C ALA VC 110 116.99 50.36 1.46
N SER VC 111 116.51 50.03 2.65
CA SER VC 111 117.07 50.55 3.90
C SER VC 111 118.21 49.64 4.34
N SER VC 112 119.41 50.20 4.45
CA SER VC 112 120.58 49.41 4.83
C SER VC 112 120.48 48.89 6.26
N THR VC 113 119.61 49.47 7.08
CA THR VC 113 119.44 49.05 8.46
C THR VC 113 118.34 48.01 8.63
N VAL VC 114 117.31 48.03 7.80
CA VAL VC 114 116.15 47.16 7.94
C VAL VC 114 116.02 46.31 6.68
N GLU VC 115 116.48 45.06 6.75
CA GLU VC 115 116.22 44.06 5.72
C GLU VC 115 115.03 43.21 6.17
N GLU VC 116 114.04 43.08 5.30
CA GLU VC 116 112.85 42.30 5.62
C GLU VC 116 112.37 41.51 4.41
N THR VC 117 112.08 40.23 4.64
CA THR VC 117 111.37 39.41 3.66
C THR VC 117 109.86 39.65 3.79
N LYS VC 118 109.21 39.96 2.67
CA LYS VC 118 107.81 40.37 2.69
C LYS VC 118 106.84 39.29 2.25
N ALA VC 119 107.18 38.49 1.25
CA ALA VC 119 106.25 37.49 0.75
C ALA VC 119 107.01 36.32 0.15
N VAL VC 120 106.33 35.17 0.09
CA VAL VC 120 106.83 33.97 -0.57
C VAL VC 120 105.76 33.51 -1.56
N LEU VC 121 106.15 33.34 -2.81
CA LEU VC 121 105.25 32.92 -3.87
C LEU VC 121 105.59 31.51 -4.32
N SER VC 122 104.57 30.77 -4.73
CA SER VC 122 104.74 29.39 -5.18
C SER VC 122 103.71 29.09 -6.26
N LEU VC 123 103.90 27.93 -6.91
CA LEU VC 123 102.98 27.53 -7.96
C LEU VC 123 101.61 27.13 -7.44
N LYS VC 124 101.50 26.79 -6.15
CA LYS VC 124 100.23 26.43 -5.56
C LYS VC 124 99.51 27.63 -4.95
N LYS VC 125 100.26 28.61 -4.45
CA LYS VC 125 99.69 29.85 -3.89
C LYS VC 125 100.41 31.01 -4.57
N PRO VC 126 99.94 31.44 -5.74
CA PRO VC 126 100.71 32.40 -6.55
C PRO VC 126 100.60 33.85 -6.10
N SER VC 127 99.65 34.20 -5.23
CA SER VC 127 99.37 35.59 -4.91
C SER VC 127 99.71 35.90 -3.47
N ALA VC 128 100.10 37.16 -3.23
CA ALA VC 128 100.42 37.63 -1.89
C ALA VC 128 100.19 39.14 -1.83
N VAL VC 129 100.02 39.64 -0.61
CA VAL VC 129 99.80 41.06 -0.36
C VAL VC 129 100.87 41.56 0.60
N ILE VC 130 101.52 42.67 0.24
CA ILE VC 130 102.62 43.22 1.02
C ILE VC 130 102.32 44.68 1.34
N ILE VC 131 103.05 45.21 2.32
CA ILE VC 131 102.89 46.58 2.79
C ILE VC 131 104.25 47.27 2.76
N LEU VC 132 104.29 48.46 2.17
CA LEU VC 132 105.48 49.30 2.18
C LEU VC 132 105.18 50.58 2.94
N ASP VC 133 106.05 50.93 3.89
CA ASP VC 133 105.81 52.06 4.77
C ASP VC 133 106.99 53.02 4.83
N ASN VC 134 106.97 53.95 5.78
CA ASN VC 134 107.99 54.99 5.87
C ASN VC 134 109.39 54.41 6.00
N ASP VC 135 109.53 53.27 6.68
CA ASP VC 135 110.86 52.69 6.87
C ASP VC 135 111.44 52.16 5.56
N ASP VC 136 110.59 51.64 4.68
CA ASP VC 136 111.08 51.04 3.44
C ASP VC 136 111.60 52.10 2.47
N TYR VC 137 110.92 53.25 2.42
CA TYR VC 137 111.25 54.29 1.44
C TYR VC 137 112.55 54.99 1.75
N SER VC 138 113.67 54.28 1.61
CA SER VC 138 114.97 54.90 1.74
C SER VC 138 115.29 55.73 0.51
N SER VC 139 116.15 56.74 0.69
CA SER VC 139 116.40 57.80 -0.27
C SER VC 139 115.12 58.58 -0.61
N THR VC 140 114.04 58.32 0.12
CA THR VC 140 112.76 59.03 0.06
C THR VC 140 112.03 58.85 -1.26
N ASN VC 141 112.60 58.09 -2.21
CA ASN VC 141 112.03 58.03 -3.54
C ASN VC 141 111.94 56.65 -4.17
N LYS VC 142 112.54 55.60 -3.61
CA LYS VC 142 112.55 54.33 -4.32
C LYS VC 142 112.60 53.15 -3.36
N ILE VC 143 112.10 52.02 -3.85
CA ILE VC 143 112.12 50.72 -3.19
C ILE VC 143 112.95 49.76 -4.03
N GLN VC 144 113.80 48.97 -3.37
CA GLN VC 144 114.59 47.93 -4.04
C GLN VC 144 114.20 46.58 -3.47
N LEU VC 145 113.82 45.66 -4.34
CA LEU VC 145 113.40 44.31 -3.96
C LEU VC 145 114.06 43.29 -4.87
N LYS VC 146 114.91 42.44 -4.30
CA LYS VC 146 115.47 41.33 -5.05
C LYS VC 146 114.61 40.08 -4.90
N VAL VC 147 114.79 39.15 -5.85
CA VAL VC 147 113.99 37.94 -5.95
C VAL VC 147 114.88 36.74 -5.64
N GLU VC 148 114.36 35.83 -4.80
CA GLU VC 148 115.10 34.62 -4.47
C GLU VC 148 114.28 33.42 -4.89
N ALA VC 149 114.92 32.47 -5.58
CA ALA VC 149 114.24 31.34 -6.19
C ALA VC 149 114.75 30.02 -5.64
N TYR VC 150 113.83 29.10 -5.37
CA TYR VC 150 114.13 27.71 -5.06
C TYR VC 150 113.31 26.84 -6.00
N TYR VC 151 113.92 25.77 -6.51
CA TYR VC 151 113.28 25.03 -7.59
C TYR VC 151 113.77 23.59 -7.61
N GLU VC 152 112.98 22.74 -8.28
CA GLU VC 152 113.38 21.40 -8.66
C GLU VC 152 112.78 21.11 -10.04
N ALA VC 153 113.64 20.75 -10.99
CA ALA VC 153 113.21 20.54 -12.36
C ALA VC 153 112.64 19.15 -12.56
N LYS VC 154 111.76 19.02 -13.56
CA LYS VC 154 111.18 17.74 -13.89
C LYS VC 154 112.24 16.80 -14.47
N GLU VC 155 112.01 15.50 -14.29
CA GLU VC 155 112.97 14.48 -14.71
C GLU VC 155 112.92 14.31 -16.22
N GLY VC 156 114.06 14.49 -16.88
CA GLY VC 156 114.17 14.21 -18.29
C GLY VC 156 113.51 15.22 -19.21
N MET VC 157 113.28 16.44 -18.76
CA MET VC 157 112.63 17.47 -19.58
C MET VC 157 113.67 18.49 -20.02
N LEU VC 158 113.73 18.75 -21.31
CA LEU VC 158 114.69 19.69 -21.89
C LEU VC 158 113.91 20.81 -22.61
N PHE VC 159 114.38 22.04 -22.42
CA PHE VC 159 113.70 23.20 -22.98
C PHE VC 159 114.65 24.40 -22.92
N ASP VC 160 114.24 25.48 -23.58
CA ASP VC 160 115.01 26.72 -23.57
C ASP VC 160 114.07 27.87 -23.90
N SER VC 161 114.49 29.08 -23.51
CA SER VC 161 113.76 30.31 -23.79
C SER VC 161 112.34 30.26 -23.22
N LEU VC 162 112.25 30.06 -21.90
CA LEU VC 162 110.97 30.03 -21.22
C LEU VC 162 110.87 31.22 -20.28
N PRO VC 163 109.89 32.11 -20.45
CA PRO VC 163 109.81 33.31 -19.61
C PRO VC 163 109.03 33.09 -18.32
N VAL VC 164 109.39 33.89 -17.32
CA VAL VC 164 108.69 33.96 -16.04
C VAL VC 164 108.20 35.38 -15.84
N ILE VC 165 106.91 35.54 -15.55
CA ILE VC 165 106.26 36.84 -15.55
C ILE VC 165 105.66 37.10 -14.18
N LEU VC 166 105.86 38.31 -13.67
CA LEU VC 166 105.25 38.77 -12.43
C LEU VC 166 104.42 40.02 -12.71
N ASN VC 167 103.33 40.19 -11.97
CA ASN VC 167 102.41 41.29 -12.17
C ASN VC 167 102.19 42.05 -10.86
N PHE VC 168 101.97 43.36 -10.96
CA PHE VC 168 101.75 44.22 -9.81
C PHE VC 168 100.43 44.96 -9.97
N GLN VC 169 99.70 45.11 -8.86
CA GLN VC 169 98.45 45.85 -8.83
C GLN VC 169 98.36 46.63 -7.54
N VAL VC 170 97.93 47.88 -7.64
CA VAL VC 170 97.81 48.79 -6.49
C VAL VC 170 96.40 48.66 -5.93
N LEU VC 171 96.31 48.42 -4.62
CA LEU VC 171 95.01 48.31 -3.95
C LEU VC 171 94.63 49.58 -3.20
N SER VC 172 95.59 50.26 -2.57
CA SER VC 172 95.31 51.47 -1.82
C SER VC 172 96.61 52.24 -1.63
N VAL VC 173 96.52 53.56 -1.70
CA VAL VC 173 97.66 54.44 -1.48
C VAL VC 173 97.22 55.59 -0.58
N SER VC 174 98.15 56.07 0.24
CA SER VC 174 97.87 57.17 1.14
C SER VC 174 99.13 57.99 1.42
N THR WC 26 56.81 108.78 -29.93
CA THR WC 26 56.44 107.96 -28.78
C THR WC 26 56.64 106.48 -29.12
N THR WC 27 57.85 105.98 -28.87
CA THR WC 27 58.21 104.60 -29.17
C THR WC 27 58.66 103.91 -27.88
N GLN WC 28 58.15 102.70 -27.66
CA GLN WC 28 58.50 101.90 -26.50
C GLN WC 28 59.49 100.82 -26.92
N SER WC 29 60.64 100.76 -26.24
CA SER WC 29 61.68 99.83 -26.65
C SER WC 29 61.78 98.67 -25.67
N PRO WC 30 62.07 97.45 -26.15
CA PRO WC 30 62.24 96.32 -25.24
C PRO WC 30 63.62 96.23 -24.62
N LEU WC 31 64.63 96.90 -25.19
CA LEU WC 31 65.97 97.00 -24.61
C LEU WC 31 66.63 95.63 -24.47
N ASN WC 32 66.59 94.84 -25.55
CA ASN WC 32 67.25 93.54 -25.56
C ASN WC 32 67.92 93.24 -26.90
N SER WC 33 68.23 94.28 -27.67
CA SER WC 33 68.84 94.10 -28.99
C SER WC 33 70.37 94.25 -28.93
N PHE WC 34 71.00 93.35 -28.18
CA PHE WC 34 72.44 93.33 -28.04
C PHE WC 34 72.94 91.89 -28.10
N TYR WC 35 74.02 91.66 -28.87
CA TYR WC 35 74.52 90.31 -29.07
C TYR WC 35 76.04 90.33 -29.20
N ALA WC 36 76.65 89.17 -28.95
CA ALA WC 36 78.07 88.94 -29.16
C ALA WC 36 78.25 87.50 -29.56
N THR WC 37 79.21 87.24 -30.45
CA THR WC 37 79.33 85.94 -31.09
C THR WC 37 80.78 85.44 -31.07
N GLY WC 38 80.94 84.15 -30.81
CA GLY WC 38 82.22 83.48 -30.93
C GLY WC 38 82.13 82.21 -31.77
N THR WC 39 83.20 81.42 -31.82
CA THR WC 39 83.22 80.22 -32.64
C THR WC 39 84.03 79.14 -31.95
N ALA WC 40 83.82 77.89 -32.38
CA ALA WC 40 84.56 76.75 -31.87
C ALA WC 40 84.60 75.67 -32.95
N GLN WC 41 85.56 74.75 -32.81
CA GLN WC 41 85.73 73.69 -33.81
C GLN WC 41 86.55 72.56 -33.21
N ALA WC 42 86.49 71.40 -33.88
CA ALA WC 42 87.32 70.24 -33.54
C ALA WC 42 87.39 69.37 -34.79
N VAL WC 43 88.55 69.32 -35.43
CA VAL WC 43 88.67 68.73 -36.76
C VAL WC 43 89.78 67.68 -36.83
N GLN WC 44 90.12 67.02 -35.73
CA GLN WC 44 91.13 65.98 -35.78
C GLN WC 44 90.93 65.00 -34.62
N GLU WC 45 91.39 63.76 -34.84
CA GLU WC 45 91.31 62.70 -33.85
C GLU WC 45 92.44 62.85 -32.82
N PRO WC 46 92.22 62.35 -31.59
CA PRO WC 46 93.21 62.58 -30.53
C PRO WC 46 94.61 62.07 -30.83
N ILE WC 47 94.74 60.91 -31.47
CA ILE WC 47 96.04 60.27 -31.64
C ILE WC 47 96.25 59.88 -33.09
N ASP WC 48 97.52 59.67 -33.44
CA ASP WC 48 97.92 59.13 -34.73
C ASP WC 48 98.92 58.02 -34.48
N VAL WC 49 98.84 56.94 -35.25
CA VAL WC 49 99.63 55.74 -35.01
C VAL WC 49 100.38 55.37 -36.28
N GLU WC 50 101.69 55.10 -36.13
CA GLU WC 50 102.53 54.70 -37.25
C GLU WC 50 103.33 53.47 -36.84
N SER WC 51 103.52 52.55 -37.78
CA SER WC 51 104.10 51.24 -37.50
C SER WC 51 105.48 51.11 -38.13
N HIS WC 52 106.39 50.44 -37.43
CA HIS WC 52 107.73 50.16 -37.92
C HIS WC 52 108.15 48.73 -37.55
N LEU WC 53 107.25 47.77 -37.74
CA LEU WC 53 107.55 46.36 -37.46
C LEU WC 53 108.18 45.75 -38.70
N ASP WC 54 109.51 45.73 -38.74
CA ASP WC 54 110.26 45.29 -39.91
C ASP WC 54 111.22 44.16 -39.57
N ASN WC 55 110.76 43.19 -38.78
CA ASN WC 55 111.51 41.97 -38.53
C ASN WC 55 110.59 40.77 -38.69
N THR WC 56 111.17 39.64 -39.08
CA THR WC 56 110.43 38.43 -39.40
C THR WC 56 110.78 37.32 -38.43
N ILE WC 57 109.76 36.68 -37.88
CA ILE WC 57 109.94 35.47 -37.08
C ILE WC 57 110.18 34.32 -38.04
N ALA WC 58 111.44 33.90 -38.16
CA ALA WC 58 111.85 32.87 -39.12
C ALA WC 58 112.63 31.77 -38.42
N PRO WC 59 111.95 30.90 -37.69
CA PRO WC 59 112.60 29.72 -37.10
C PRO WC 59 112.45 28.51 -38.02
N ALA WC 60 113.11 27.43 -37.63
CA ALA WC 60 112.91 26.15 -38.29
C ALA WC 60 111.61 25.51 -37.80
N ALA WC 61 111.18 24.47 -38.51
CA ALA WC 61 109.93 23.79 -38.18
C ALA WC 61 110.06 23.10 -36.83
N GLY WC 62 109.14 23.42 -35.91
CA GLY WC 62 109.12 22.77 -34.61
C GLY WC 62 110.09 23.31 -33.59
N ALA WC 63 110.76 24.43 -33.88
CA ALA WC 63 111.78 24.97 -33.00
C ALA WC 63 111.18 25.93 -31.98
N GLN WC 64 111.90 26.10 -30.87
CA GLN WC 64 111.56 27.04 -29.82
C GLN WC 64 112.52 28.21 -29.88
N GLY WC 65 111.98 29.43 -29.91
CA GLY WC 65 112.83 30.57 -30.21
C GLY WC 65 112.63 31.81 -29.36
N TYR WC 66 113.25 32.91 -29.81
CA TYR WC 66 113.30 34.17 -29.09
C TYR WC 66 113.65 35.29 -30.07
N LYS WC 67 112.75 36.26 -30.25
CA LYS WC 67 112.91 37.21 -31.33
C LYS WC 67 112.28 38.55 -30.95
N ASP WC 68 112.83 39.62 -31.49
CA ASP WC 68 112.26 40.96 -31.39
C ASP WC 68 111.79 41.40 -32.78
N MET WC 69 110.88 42.38 -32.82
CA MET WC 69 110.17 42.71 -34.05
C MET WC 69 110.42 44.14 -34.53
N GLY WC 70 110.25 45.12 -33.67
CA GLY WC 70 110.33 46.52 -34.08
C GLY WC 70 109.68 47.40 -33.03
N TYR WC 71 109.22 48.57 -33.47
CA TYR WC 71 108.60 49.52 -32.55
C TYR WC 71 107.48 50.26 -33.27
N VAL WC 72 106.58 50.85 -32.47
CA VAL WC 72 105.40 51.56 -32.96
C VAL WC 72 105.38 52.95 -32.36
N LYS WC 73 105.03 53.95 -33.18
CA LYS WC 73 105.00 55.34 -32.76
C LYS WC 73 103.57 55.82 -32.59
N ILE WC 74 103.32 56.57 -31.51
CA ILE WC 74 102.02 57.15 -31.21
C ILE WC 74 102.21 58.66 -31.06
N ILE WC 75 101.32 59.43 -31.68
CA ILE WC 75 101.40 60.89 -31.68
C ILE WC 75 100.15 61.44 -31.02
N ASN WC 76 100.33 62.38 -30.09
CA ASN WC 76 99.24 62.97 -29.32
C ASN WC 76 99.14 64.47 -29.59
N TYR WC 77 97.91 64.97 -29.62
CA TYR WC 77 97.57 66.26 -30.19
C TYR WC 77 97.02 67.21 -29.13
N THR WC 78 96.49 68.34 -29.59
CA THR WC 78 96.22 69.50 -28.74
C THR WC 78 95.31 69.15 -27.57
N ASP WC 79 95.67 69.63 -26.38
CA ASP WC 79 94.90 69.52 -25.15
C ASP WC 79 94.69 68.07 -24.73
N VAL WC 80 95.62 67.19 -25.08
CA VAL WC 80 95.58 65.78 -24.69
C VAL WC 80 96.68 65.53 -23.67
N ASN WC 81 96.33 64.89 -22.57
CA ASN WC 81 97.31 64.59 -21.52
C ASN WC 81 97.38 63.11 -21.17
N VAL WC 82 96.24 62.42 -21.12
CA VAL WC 82 96.20 61.01 -20.74
C VAL WC 82 95.33 60.26 -21.74
N VAL WC 83 95.81 59.10 -22.18
CA VAL WC 83 95.12 58.28 -23.17
C VAL WC 83 94.97 56.87 -22.64
N LYS WC 84 93.77 56.32 -22.77
CA LYS WC 84 93.48 54.93 -22.42
C LYS WC 84 93.29 54.14 -23.71
N LEU WC 85 94.01 53.03 -23.84
CA LEU WC 85 94.05 52.27 -25.08
C LEU WC 85 93.74 50.80 -24.82
N LYS WC 86 93.24 50.14 -25.85
CA LYS WC 86 93.00 48.70 -25.84
C LYS WC 86 93.68 48.09 -27.06
N VAL WC 87 94.51 47.07 -26.82
CA VAL WC 87 95.28 46.42 -27.88
C VAL WC 87 94.88 44.95 -27.93
N THR WC 88 94.65 44.46 -29.15
CA THR WC 88 94.20 43.09 -29.36
C THR WC 88 94.87 42.50 -30.59
N LEU WC 89 94.85 41.18 -30.67
CA LEU WC 89 95.35 40.45 -31.83
C LEU WC 89 94.17 40.19 -32.76
N ALA WC 90 94.22 40.79 -33.95
CA ALA WC 90 93.08 40.75 -34.86
C ALA WC 90 92.92 39.38 -35.52
N ASN WC 91 94.03 38.73 -35.86
CA ASN WC 91 93.97 37.48 -36.61
C ASN WC 91 94.51 36.31 -35.80
N ALA WC 92 94.12 36.23 -34.53
CA ALA WC 92 94.58 35.13 -33.68
C ALA WC 92 94.05 33.78 -34.17
N ALA WC 93 92.83 33.76 -34.71
CA ALA WC 93 92.25 32.51 -35.18
C ALA WC 93 93.04 31.93 -36.34
N GLN WC 94 93.52 32.78 -37.25
CA GLN WC 94 94.31 32.29 -38.38
C GLN WC 94 95.64 31.72 -37.94
N LEU WC 95 96.25 32.28 -36.89
CA LEU WC 95 97.57 31.86 -36.44
C LEU WC 95 97.55 30.61 -35.57
N ARG WC 96 96.37 30.17 -35.13
CA ARG WC 96 96.30 29.00 -34.26
C ARG WC 96 96.86 27.72 -34.87
N PRO WC 97 96.53 27.34 -36.11
CA PRO WC 97 97.07 26.07 -36.64
C PRO WC 97 98.58 26.07 -36.84
N TYR WC 98 99.24 27.23 -36.78
CA TYR WC 98 100.66 27.31 -37.08
C TYR WC 98 101.54 27.35 -35.83
N PHE WC 99 100.98 27.56 -34.64
CA PHE WC 99 101.76 27.73 -33.44
C PHE WC 99 101.16 26.96 -32.27
N LYS WC 100 102.02 26.39 -31.44
CA LYS WC 100 101.57 25.87 -30.15
C LYS WC 100 101.32 27.00 -29.16
N TYR WC 101 102.19 28.01 -29.15
CA TYR WC 101 101.97 29.20 -28.32
C TYR WC 101 102.74 30.36 -28.93
N LEU WC 102 102.28 31.57 -28.64
CA LEU WC 102 102.91 32.79 -29.13
C LEU WC 102 102.56 33.93 -28.18
N GLN WC 103 103.57 34.58 -27.63
CA GLN WC 103 103.38 35.65 -26.66
C GLN WC 103 104.08 36.91 -27.12
N LEU WC 104 103.41 38.04 -26.95
CA LEU WC 104 103.94 39.36 -27.33
C LEU WC 104 104.06 40.22 -26.08
N VAL WC 105 105.21 40.88 -25.93
CA VAL WC 105 105.51 41.71 -24.77
C VAL WC 105 105.69 43.14 -25.27
N LEU WC 106 104.95 44.07 -24.67
CA LEU WC 106 105.01 45.49 -25.03
C LEU WC 106 105.61 46.27 -23.87
N THR WC 107 106.61 47.09 -24.17
CA THR WC 107 107.28 47.90 -23.17
C THR WC 107 107.37 49.36 -23.62
N SER WC 108 107.14 50.27 -22.68
CA SER WC 108 107.29 51.70 -22.95
C SER WC 108 108.71 52.10 -22.59
N ASN WC 109 109.37 52.84 -23.50
CA ASN WC 109 110.79 53.14 -23.41
C ASN WC 109 111.05 54.61 -23.73
N ALA WC 110 110.06 55.31 -24.30
CA ALA WC 110 110.28 56.66 -24.84
C ALA WC 110 110.92 57.60 -23.82
N SER WC 111 110.69 57.36 -22.53
CA SER WC 111 111.44 58.01 -21.46
C SER WC 111 112.67 57.20 -21.15
N SER WC 112 113.84 57.82 -21.32
CA SER WC 112 115.09 57.11 -21.09
C SER WC 112 115.29 56.73 -19.62
N THR WC 113 114.55 57.36 -18.72
CA THR WC 113 114.67 57.06 -17.29
C THR WC 113 113.67 56.01 -16.83
N VAL WC 114 112.51 55.91 -17.47
CA VAL WC 114 111.44 55.00 -17.03
C VAL WC 114 111.13 54.03 -18.17
N GLU WC 115 111.67 52.82 -18.08
CA GLU WC 115 111.28 51.71 -18.94
C GLU WC 115 110.25 50.87 -18.21
N GLU WC 116 109.13 50.60 -18.88
CA GLU WC 116 108.05 49.81 -18.27
C GLU WC 116 107.41 48.89 -19.30
N THR WC 117 107.23 47.63 -18.90
CA THR WC 117 106.41 46.70 -19.66
C THR WC 117 104.95 46.89 -19.27
N LYS WC 118 104.09 47.05 -20.28
CA LYS WC 118 102.69 47.41 -20.05
C LYS WC 118 101.71 46.27 -20.20
N ALA WC 119 101.92 45.38 -21.17
CA ALA WC 119 100.96 44.30 -21.40
C ALA WC 119 101.67 43.11 -22.03
N VAL WC 120 101.06 41.93 -21.85
CA VAL WC 120 101.50 40.70 -22.48
C VAL WC 120 100.31 40.10 -23.21
N LEU WC 121 100.48 39.83 -24.50
CA LEU WC 121 99.41 39.27 -25.33
C LEU WC 121 99.75 37.84 -25.72
N SER WC 122 98.71 37.02 -25.87
CA SER WC 122 98.88 35.62 -26.21
C SER WC 122 97.70 35.17 -27.05
N LEU WC 123 97.82 33.97 -27.62
CA LEU WC 123 96.75 33.42 -28.45
C LEU WC 123 95.53 33.03 -27.65
N LYS WC 124 95.68 32.80 -26.35
CA LYS WC 124 94.54 32.46 -25.49
C LYS WC 124 93.88 33.68 -24.87
N LYS WC 125 94.65 34.73 -24.60
CA LYS WC 125 94.12 36.00 -24.07
C LYS WC 125 94.65 37.12 -24.96
N PRO WC 126 93.94 37.41 -26.06
CA PRO WC 126 94.50 38.31 -27.08
C PRO WC 126 94.40 39.80 -26.74
N SER WC 127 93.60 40.19 -25.75
CA SER WC 127 93.30 41.59 -25.51
C SER WC 127 93.88 42.05 -24.18
N ALA WC 128 94.24 43.34 -24.13
CA ALA WC 128 94.76 43.96 -22.91
C ALA WC 128 94.46 45.44 -22.95
N VAL WC 129 94.49 46.07 -21.77
CA VAL WC 129 94.23 47.50 -21.61
C VAL WC 129 95.43 48.12 -20.91
N ILE WC 130 95.94 49.22 -21.49
CA ILE WC 130 97.13 49.89 -20.96
C ILE WC 130 96.81 51.36 -20.73
N ILE WC 131 97.67 52.00 -19.94
CA ILE WC 131 97.52 53.41 -19.58
C ILE WC 131 98.82 54.15 -19.93
N LEU WC 132 98.69 55.27 -20.61
CA LEU WC 132 99.81 56.16 -20.90
C LEU WC 132 99.58 57.50 -20.21
N ASP WC 133 100.58 57.96 -19.47
CA ASP WC 133 100.44 59.17 -18.66
C ASP WC 133 101.56 60.18 -18.91
N ASN WC 134 101.65 61.18 -18.05
CA ASN WC 134 102.61 62.27 -18.25
C ASN WC 134 104.05 61.77 -18.32
N ASP WC 135 104.37 60.70 -17.59
CA ASP WC 135 105.75 60.20 -17.59
C ASP WC 135 106.11 59.56 -18.93
N ASP WC 136 105.14 58.92 -19.59
CA ASP WC 136 105.44 58.23 -20.84
C ASP WC 136 105.71 59.21 -21.98
N TYR WC 137 104.98 60.32 -22.01
CA TYR WC 137 105.05 61.27 -23.12
C TYR WC 137 106.36 62.06 -23.11
N SER WC 138 107.47 61.38 -23.40
CA SER WC 138 108.74 62.06 -23.57
C SER WC 138 108.78 62.78 -24.90
N SER WC 139 109.60 63.83 -24.97
CA SER WC 139 109.60 64.80 -26.06
C SER WC 139 108.25 65.50 -26.22
N THR WC 140 107.33 65.26 -25.28
CA THR WC 140 106.03 65.92 -25.17
C THR WC 140 105.09 65.57 -26.31
N ASN WC 141 105.52 64.76 -27.27
CA ASN WC 141 104.72 64.55 -28.47
C ASN WC 141 104.59 63.10 -28.95
N LYS WC 142 105.34 62.14 -28.41
CA LYS WC 142 105.30 60.81 -29.00
C LYS WC 142 105.58 59.73 -27.97
N ILE WC 143 105.07 58.53 -28.26
CA ILE WC 143 105.29 57.31 -27.50
C ILE WC 143 106.00 56.30 -28.40
N GLN WC 144 106.99 55.62 -27.84
CA GLN WC 144 107.71 54.56 -28.54
C GLN WC 144 107.51 53.25 -27.78
N LEU WC 145 107.04 52.23 -28.49
CA LEU WC 145 106.76 50.91 -27.92
C LEU WC 145 107.31 49.84 -28.85
N LYS WC 146 108.29 49.08 -28.37
CA LYS WC 146 108.77 47.92 -29.11
C LYS WC 146 108.02 46.66 -28.70
N VAL WC 147 108.08 45.65 -29.57
CA VAL WC 147 107.34 44.41 -29.41
C VAL WC 147 108.33 43.28 -29.17
N GLU WC 148 108.04 42.43 -28.19
CA GLU WC 148 108.88 41.30 -27.88
C GLU WC 148 108.07 40.02 -28.04
N ALA WC 149 108.63 39.05 -28.75
CA ALA WC 149 107.92 37.84 -29.13
C ALA WC 149 108.60 36.60 -28.56
N TYR WC 150 107.78 35.67 -28.05
CA TYR WC 150 108.21 34.33 -27.68
C TYR WC 150 107.29 33.34 -28.36
N TYR WC 151 107.87 32.24 -28.89
CA TYR WC 151 107.09 31.38 -29.77
C TYR WC 151 107.64 29.96 -29.74
N GLU WC 152 106.79 29.03 -30.18
CA GLU WC 152 107.18 27.67 -30.51
C GLU WC 152 106.37 27.23 -31.73
N ALA WC 153 107.06 26.80 -32.78
CA ALA WC 153 106.42 26.46 -34.03
C ALA WC 153 105.89 25.03 -33.99
N LYS WC 154 104.86 24.78 -34.80
CA LYS WC 154 104.30 23.44 -34.90
C LYS WC 154 105.28 22.49 -35.58
N GLU WC 155 105.17 21.21 -35.26
CA GLU WC 155 106.09 20.19 -35.75
C GLU WC 155 105.78 19.87 -37.21
N GLY WC 156 106.77 20.03 -38.08
CA GLY WC 156 106.64 19.63 -39.46
C GLY WC 156 105.77 20.51 -40.32
N MET WC 157 105.55 21.76 -39.95
CA MET WC 157 104.71 22.68 -40.71
C MET WC 157 105.60 23.70 -41.43
N LEU WC 158 105.41 23.83 -42.73
CA LEU WC 158 106.18 24.75 -43.55
C LEU WC 158 105.25 25.76 -44.22
N PHE WC 159 105.66 27.02 -44.22
CA PHE WC 159 104.83 28.09 -44.75
C PHE WC 159 105.71 29.32 -44.98
N ASP WC 160 105.13 30.32 -45.63
CA ASP WC 160 105.80 31.58 -45.87
C ASP WC 160 104.76 32.66 -46.13
N SER WC 161 105.18 33.91 -45.93
CA SER WC 161 104.34 35.09 -46.18
C SER WC 161 103.05 35.03 -45.35
N LEU WC 162 103.21 34.96 -44.03
CA LEU WC 162 102.09 34.95 -43.11
C LEU WC 162 102.08 36.22 -42.27
N PRO WC 163 101.04 37.05 -42.35
CA PRO WC 163 101.05 38.31 -41.62
C PRO WC 163 100.52 38.20 -40.20
N VAL WC 164 101.02 39.10 -39.35
CA VAL WC 164 100.56 39.26 -37.97
C VAL WC 164 100.03 40.68 -37.82
N ILE WC 165 98.81 40.81 -37.31
CA ILE WC 165 98.09 42.08 -37.31
C ILE WC 165 97.73 42.45 -35.87
N LEU WC 166 97.95 43.71 -35.51
CA LEU WC 166 97.54 44.26 -34.23
C LEU WC 166 96.62 45.45 -34.46
N ASN WC 167 95.66 45.64 -33.55
CA ASN WC 167 94.66 46.68 -33.67
C ASN WC 167 94.65 47.54 -32.42
N PHE WC 168 94.34 48.83 -32.59
CA PHE WC 168 94.27 49.80 -31.49
C PHE WC 168 92.91 50.47 -31.47
N GLN WC 169 92.39 50.68 -30.27
CA GLN WC 169 91.13 51.39 -30.08
C GLN WC 169 91.22 52.28 -28.86
N VAL WC 170 90.70 53.50 -28.99
CA VAL WC 170 90.75 54.50 -27.93
C VAL WC 170 89.46 54.38 -27.10
N LEU WC 171 89.62 54.26 -25.79
CA LEU WC 171 88.48 54.17 -24.88
C LEU WC 171 88.16 55.48 -24.18
N SER WC 172 89.18 56.25 -23.81
CA SER WC 172 88.97 57.53 -23.14
C SER WC 172 90.25 58.36 -23.25
N VAL WC 173 90.07 59.67 -23.41
CA VAL WC 173 91.18 60.61 -23.49
C VAL WC 173 90.85 61.82 -22.63
N SER WC 174 91.88 62.41 -22.04
CA SER WC 174 91.70 63.59 -21.20
C SER WC 174 92.94 64.48 -21.24
N THR XC 26 42.88 110.29 -48.60
CA THR XC 26 42.77 109.57 -47.34
C THR XC 26 42.99 108.08 -47.56
N THR XC 27 44.25 107.65 -47.50
CA THR XC 27 44.62 106.26 -47.73
C THR XC 27 45.34 105.72 -46.51
N GLN XC 28 44.95 104.51 -46.09
CA GLN XC 28 45.55 103.84 -44.94
C GLN XC 28 46.50 102.77 -45.44
N SER XC 29 47.76 102.83 -44.99
CA SER XC 29 48.76 101.89 -45.50
C SER XC 29 49.11 100.84 -44.45
N PRO XC 30 49.36 99.60 -44.87
CA PRO XC 30 49.76 98.56 -43.90
C PRO XC 30 51.23 98.59 -43.54
N LEU XC 31 52.08 99.24 -44.34
CA LEU XC 31 53.50 99.44 -44.03
C LEU XC 31 54.26 98.13 -43.90
N ASN XC 32 54.06 97.24 -44.88
CA ASN XC 32 54.77 95.97 -44.90
C ASN XC 32 55.22 95.57 -46.30
N SER XC 33 55.33 96.54 -47.21
CA SER XC 33 55.69 96.26 -48.60
C SER XC 33 57.19 96.47 -48.83
N PHE XC 34 58.00 95.67 -48.14
CA PHE XC 34 59.45 95.72 -48.26
C PHE XC 34 60.00 94.31 -48.29
N TYR XC 35 60.94 94.05 -49.21
CA TYR XC 35 61.48 92.71 -49.39
C TYR XC 35 62.94 92.78 -49.80
N ALA XC 36 63.65 91.67 -49.57
CA ALA XC 36 65.02 91.48 -50.00
C ALA XC 36 65.21 90.00 -50.31
N THR XC 37 66.00 89.70 -51.34
CA THR XC 37 66.08 88.35 -51.88
C THR XC 37 67.53 87.91 -52.07
N GLY XC 38 67.81 86.65 -51.74
CA GLY XC 38 69.09 86.02 -52.03
C GLY XC 38 68.91 84.69 -52.72
N THR XC 39 70.00 83.94 -52.91
CA THR XC 39 69.94 82.65 -53.60
C THR XC 39 70.93 81.68 -52.98
N ALA XC 40 70.71 80.40 -53.25
CA ALA XC 40 71.59 79.34 -52.79
C ALA XC 40 71.50 78.16 -53.75
N GLN XC 41 72.52 77.30 -53.72
CA GLN XC 41 72.57 76.16 -54.63
C GLN XC 41 73.55 75.12 -54.10
N ALA XC 42 73.43 73.90 -54.64
CA ALA XC 42 74.37 72.82 -54.37
C ALA XC 42 74.27 71.83 -55.51
N VAL XC 43 75.30 71.77 -56.35
CA VAL XC 43 75.20 71.05 -57.62
C VAL XC 43 76.34 70.04 -57.81
N GLN XC 44 76.92 69.52 -56.73
CA GLN XC 44 77.96 68.51 -56.87
C GLN XC 44 78.02 67.65 -55.62
N GLU XC 45 78.51 66.41 -55.81
CA GLU XC 45 78.67 65.45 -54.73
C GLU XC 45 79.95 65.74 -53.94
N PRO XC 46 79.99 65.34 -52.66
CA PRO XC 46 81.13 65.72 -51.82
C PRO XC 46 82.49 65.24 -52.33
N ILE XC 47 82.56 64.03 -52.87
CA ILE XC 47 83.84 63.42 -53.22
C ILE XC 47 83.81 62.91 -54.65
N ASP XC 48 85.01 62.71 -55.21
CA ASP XC 48 85.19 62.07 -56.50
C ASP XC 48 86.29 61.03 -56.34
N VAL XC 49 86.12 59.87 -56.98
CA VAL XC 49 87.01 58.73 -56.79
C VAL XC 49 87.56 58.27 -58.14
N GLU XC 50 88.87 58.07 -58.21
CA GLU XC 50 89.53 57.60 -59.42
C GLU XC 50 90.45 56.45 -59.07
N SER XC 51 90.51 55.44 -59.93
CA SER XC 51 91.21 54.20 -59.66
C SER XC 51 92.46 54.06 -60.52
N HIS XC 52 93.52 53.50 -59.94
CA HIS XC 52 94.77 53.22 -60.64
C HIS XC 52 95.33 51.86 -60.24
N LEU XC 53 94.46 50.85 -60.16
CA LEU XC 53 94.88 49.49 -59.82
C LEU XC 53 95.30 48.78 -61.10
N ASP XC 54 96.61 48.82 -61.38
CA ASP XC 54 97.16 48.30 -62.62
C ASP XC 54 98.23 47.24 -62.37
N ASN XC 55 97.97 46.33 -61.43
CA ASN XC 55 98.83 45.17 -61.21
C ASN XC 55 97.96 43.92 -61.09
N THR XC 56 98.54 42.78 -61.49
CA THR XC 56 97.80 41.52 -61.57
C THR XC 56 98.39 40.52 -60.57
N ILE XC 57 97.52 39.90 -59.79
CA ILE XC 57 97.92 38.79 -58.93
C ILE XC 57 98.05 37.55 -59.82
N ALA XC 58 99.29 37.16 -60.12
CA ALA XC 58 99.56 36.07 -61.06
C ALA XC 58 100.52 35.07 -60.42
N PRO XC 59 100.03 34.25 -59.49
CA PRO XC 59 100.85 33.16 -58.95
C PRO XC 59 100.60 31.87 -59.71
N ALA XC 60 101.38 30.86 -59.35
CA ALA XC 60 101.13 29.51 -59.84
C ALA XC 60 99.98 28.88 -59.08
N ALA XC 61 99.50 27.76 -59.59
CA ALA XC 61 98.37 27.07 -58.98
C ALA XC 61 98.77 26.51 -57.62
N GLY XC 62 98.01 26.88 -56.58
CA GLY XC 62 98.26 26.36 -55.25
C GLY XC 62 99.37 27.04 -54.49
N ALA XC 63 99.91 28.14 -54.98
CA ALA XC 63 101.04 28.81 -54.36
C ALA XC 63 100.59 29.84 -53.32
N GLN XC 64 101.48 30.14 -52.39
CA GLN XC 64 101.28 31.16 -51.38
C GLN XC 64 102.15 32.36 -51.73
N GLY XC 65 101.55 33.55 -51.76
CA GLY XC 65 102.26 34.69 -52.31
C GLY XC 65 102.15 36.00 -51.56
N TYR XC 66 102.61 37.07 -52.20
CA TYR XC 66 102.73 38.39 -51.61
C TYR XC 66 102.82 39.43 -52.74
N LYS XC 67 101.86 40.34 -52.83
CA LYS XC 67 101.76 41.18 -54.01
C LYS XC 67 101.14 42.52 -53.62
N ASP XC 68 101.52 43.57 -54.36
CA ASP XC 68 100.91 44.89 -54.28
C ASP XC 68 100.17 45.17 -55.58
N MET XC 69 99.21 46.10 -55.54
CA MET XC 69 98.27 46.28 -56.65
C MET XC 69 98.35 47.67 -57.29
N GLY XC 70 98.28 48.72 -56.50
CA GLY XC 70 98.21 50.08 -57.04
C GLY XC 70 97.71 51.02 -55.97
N TYR XC 71 97.12 52.13 -56.41
CA TYR XC 71 96.61 53.13 -55.49
C TYR XC 71 95.34 53.76 -56.05
N VAL XC 72 94.58 54.39 -55.16
CA VAL XC 72 93.29 55.00 -55.49
C VAL XC 72 93.29 56.45 -55.02
N LYS XC 73 92.75 57.34 -55.84
CA LYS XC 73 92.72 58.77 -55.55
C LYS XC 73 91.31 59.20 -55.15
N ILE XC 74 91.23 60.05 -54.12
CA ILE XC 74 89.97 60.60 -53.63
C ILE XC 74 90.09 62.12 -53.66
N ILE XC 75 89.06 62.80 -54.17
CA ILE XC 75 89.06 64.25 -54.31
C ILE XC 75 87.92 64.81 -53.48
N ASN XC 76 88.21 65.84 -52.69
CA ASN XC 76 87.26 66.47 -51.78
C ASN XC 76 87.02 67.93 -52.16
N TYR XC 77 85.77 68.37 -52.01
CA TYR XC 77 85.26 69.59 -52.62
C TYR XC 77 84.86 70.61 -51.55
N THR XC 78 84.20 71.67 -52.02
CA THR XC 78 84.02 72.90 -51.24
C THR XC 78 83.35 72.62 -49.89
N ASP XC 79 83.90 73.23 -48.84
CA ASP XC 79 83.35 73.21 -47.48
C ASP XC 79 83.32 71.80 -46.89
N VAL XC 80 84.22 70.92 -47.33
CA VAL XC 80 84.33 69.56 -46.82
C VAL XC 80 85.61 69.46 -46.01
N ASN XC 81 85.50 68.91 -44.81
CA ASN XC 81 86.66 68.75 -43.93
C ASN XC 81 86.88 67.32 -43.47
N VAL XC 82 85.81 66.59 -43.16
CA VAL XC 82 85.92 65.23 -42.65
C VAL XC 82 84.92 64.35 -43.41
N VAL XC 83 85.38 63.17 -43.83
CA VAL XC 83 84.56 62.23 -44.60
C VAL XC 83 84.60 60.87 -43.91
N LYS XC 84 83.42 60.26 -43.77
CA LYS XC 84 83.28 58.91 -43.26
C LYS XC 84 82.90 57.98 -44.42
N LEU XC 85 83.66 56.90 -44.57
CA LEU XC 85 83.52 56.01 -45.73
C LEU XC 85 83.34 54.57 -45.29
N LYS XC 86 82.69 53.80 -46.16
CA LYS XC 86 82.54 52.36 -45.98
C LYS XC 86 83.03 51.66 -47.24
N VAL XC 87 83.94 50.71 -47.08
CA VAL XC 87 84.55 49.98 -48.18
C VAL XC 87 84.23 48.51 -48.05
N THR XC 88 83.81 47.88 -49.15
CA THR XC 88 83.41 46.49 -49.15
C THR XC 88 83.88 45.81 -50.42
N LEU XC 89 83.93 44.49 -50.38
CA LEU XC 89 84.25 43.66 -51.54
C LEU XC 89 82.94 43.27 -52.22
N ALA XC 90 82.73 43.76 -53.44
CA ALA XC 90 81.44 43.58 -54.12
C ALA XC 90 81.25 42.15 -54.62
N ASN XC 91 82.32 41.52 -55.09
CA ASN XC 91 82.20 40.20 -55.71
C ASN XC 91 82.95 39.13 -54.92
N ALA XC 92 82.79 39.16 -53.59
CA ALA XC 92 83.45 38.17 -52.75
C ALA XC 92 82.92 36.76 -53.01
N ALA XC 93 81.63 36.64 -53.32
CA ALA XC 93 81.04 35.33 -53.56
C ALA XC 93 81.65 34.66 -54.78
N GLN XC 94 81.92 35.43 -55.83
CA GLN XC 94 82.50 34.88 -57.05
C GLN XC 94 83.93 34.40 -56.82
N LEU XC 95 84.68 35.09 -55.96
CA LEU XC 95 86.08 34.77 -55.71
C LEU XC 95 86.28 33.61 -54.75
N ARG XC 96 85.22 33.16 -54.07
CA ARG XC 96 85.38 32.08 -53.09
C ARG XC 96 85.90 30.78 -53.69
N PRO XC 97 85.38 30.26 -54.80
CA PRO XC 97 85.88 28.97 -55.30
C PRO XC 97 87.32 29.01 -55.79
N TYR XC 98 87.92 30.19 -55.94
CA TYR XC 98 89.26 30.31 -56.50
C TYR XC 98 90.34 30.50 -55.45
N PHE XC 99 90.00 30.79 -54.20
CA PHE XC 99 90.97 31.12 -53.18
C PHE XC 99 90.63 30.44 -51.87
N LYS XC 100 91.67 29.98 -51.16
CA LYS XC 100 91.48 29.58 -49.77
C LYS XC 100 91.34 30.79 -48.85
N TYR XC 101 92.13 31.83 -49.09
CA TYR XC 101 92.01 33.08 -48.34
C TYR XC 101 92.60 34.21 -49.18
N LEU XC 102 92.12 35.42 -48.91
CA LEU XC 102 92.59 36.61 -49.62
C LEU XC 102 92.35 37.82 -48.73
N GLN XC 103 93.40 38.56 -48.44
CA GLN XC 103 93.33 39.71 -47.54
C GLN XC 103 93.87 40.95 -48.23
N LEU XC 104 93.17 42.07 -48.04
CA LEU XC 104 93.55 43.34 -48.62
C LEU XC 104 93.85 44.34 -47.50
N VAL XC 105 94.97 45.04 -47.62
CA VAL XC 105 95.41 46.00 -46.61
C VAL XC 105 95.43 47.39 -47.26
N LEU XC 106 94.75 48.34 -46.62
CA LEU XC 106 94.66 49.72 -47.10
C LEU XC 106 95.42 50.63 -46.16
N THR XC 107 96.31 51.46 -46.72
CA THR XC 107 97.11 52.39 -45.92
C THR XC 107 97.01 53.79 -46.51
N SER XC 108 96.91 54.79 -45.63
CA SER XC 108 96.94 56.18 -46.04
C SER XC 108 98.37 56.68 -45.98
N ASN XC 109 98.81 57.34 -47.06
CA ASN XC 109 100.20 57.71 -47.26
C ASN XC 109 100.32 59.16 -47.75
N ALA XC 110 99.21 59.76 -48.18
CA ALA XC 110 99.25 61.06 -48.87
C ALA XC 110 100.01 62.11 -48.07
N SER XC 111 100.02 61.99 -46.75
CA SER XC 111 100.92 62.78 -45.90
C SER XC 111 102.24 62.04 -45.76
N SER XC 112 103.32 62.68 -46.19
CA SER XC 112 104.64 62.05 -46.13
C SER XC 112 105.11 61.83 -44.70
N THR XC 113 104.50 62.51 -43.73
CA THR XC 113 104.89 62.35 -42.33
C THR XC 113 104.06 61.30 -41.60
N VAL XC 114 102.81 61.09 -42.00
CA VAL XC 114 101.89 60.21 -41.30
C VAL XC 114 101.43 59.12 -42.27
N GLU XC 115 102.05 57.93 -42.18
CA GLU XC 115 101.57 56.74 -42.85
C GLU XC 115 100.73 55.93 -41.88
N GLU XC 116 99.53 55.56 -42.29
CA GLU XC 116 98.63 54.79 -41.43
C GLU XC 116 97.87 53.74 -42.23
N THR XC 117 97.84 52.52 -41.71
CA THR XC 117 96.94 51.49 -42.21
C THR XC 117 95.56 51.67 -41.59
N LYS XC 118 94.52 51.70 -42.43
CA LYS XC 118 93.18 52.02 -41.97
C LYS XC 118 92.26 50.82 -41.85
N ALA XC 119 92.33 49.86 -42.76
CA ALA XC 119 91.41 48.73 -42.70
C ALA XC 119 92.07 47.51 -43.34
N VAL XC 120 91.56 46.34 -42.96
CA VAL XC 120 91.95 45.06 -43.55
C VAL XC 120 90.68 44.35 -43.99
N LEU XC 121 90.63 43.96 -45.26
CA LEU XC 121 89.46 43.29 -45.83
C LEU XC 121 89.81 41.84 -46.14
N SER XC 122 88.81 40.97 -46.03
CA SER XC 122 88.99 39.55 -46.27
C SER XC 122 87.70 38.97 -46.84
N LEU XC 123 87.79 37.72 -47.30
CA LEU XC 123 86.62 37.06 -47.88
C LEU XC 123 85.59 36.70 -46.83
N LYS XC 124 85.98 36.60 -45.56
CA LYS XC 124 85.04 36.30 -44.48
C LYS XC 124 84.44 37.55 -43.86
N LYS XC 125 85.18 38.65 -43.84
CA LYS XC 125 84.69 39.93 -43.33
C LYS XC 125 84.98 40.99 -44.40
N PRO XC 126 84.07 41.15 -45.38
CA PRO XC 126 84.38 41.97 -46.55
C PRO XC 126 84.25 43.47 -46.33
N SER XC 127 83.63 43.93 -45.25
CA SER XC 127 83.31 45.34 -45.08
C SER XC 127 84.09 45.95 -43.93
N ALA XC 128 84.37 47.24 -44.06
CA ALA XC 128 85.07 47.99 -43.02
C ALA XC 128 84.69 49.46 -43.13
N VAL XC 129 84.89 50.20 -42.04
CA VAL XC 129 84.59 51.61 -41.96
C VAL XC 129 85.86 52.36 -41.55
N ILE XC 130 86.20 53.41 -42.30
CA ILE XC 130 87.41 54.18 -42.06
C ILE XC 130 87.06 55.65 -41.91
N ILE XC 131 88.01 56.40 -41.36
CA ILE XC 131 87.85 57.83 -41.10
C ILE XC 131 89.01 58.57 -41.73
N LEU XC 132 88.70 59.63 -42.48
CA LEU XC 132 89.70 60.53 -43.05
C LEU XC 132 89.53 61.90 -42.44
N ASP XC 133 90.62 62.48 -41.95
CA ASP XC 133 90.56 63.76 -41.24
C ASP XC 133 91.56 64.77 -41.77
N ASN XC 134 91.74 65.87 -41.04
CA ASN XC 134 92.58 66.97 -41.50
C ASN XC 134 94.01 66.52 -41.79
N ASP XC 135 94.52 65.54 -41.04
CA ASP XC 135 95.89 65.10 -41.25
C ASP XC 135 96.05 64.35 -42.57
N ASP XC 136 95.02 63.60 -42.99
CA ASP XC 136 95.13 62.81 -44.21
C ASP XC 136 95.13 63.69 -45.46
N TYR XC 137 94.34 64.76 -45.45
CA TYR XC 137 94.16 65.60 -46.64
C TYR XC 137 95.40 66.43 -46.93
N SER XC 138 96.47 65.78 -47.36
CA SER XC 138 97.66 66.49 -47.82
C SER XC 138 97.42 67.08 -49.20
N SER XC 139 98.16 68.14 -49.51
CA SER XC 139 97.91 69.01 -50.66
C SER XC 139 96.52 69.63 -50.63
N THR XC 140 95.80 69.46 -49.52
CA THR XC 140 94.50 70.07 -49.22
C THR XC 140 93.38 69.57 -50.14
N ASN XC 141 93.68 68.68 -51.09
CA ASN XC 141 92.69 68.33 -52.10
C ASN XC 141 92.57 66.84 -52.42
N LYS XC 142 93.45 65.97 -51.94
CA LYS XC 142 93.37 64.59 -52.39
C LYS XC 142 93.90 63.62 -51.34
N ILE XC 143 93.41 62.38 -51.43
CA ILE XC 143 93.83 61.24 -50.62
C ILE XC 143 94.43 60.18 -51.54
N GLN XC 144 95.55 59.59 -51.11
CA GLN XC 144 96.19 58.51 -51.84
C GLN XC 144 96.19 57.26 -50.95
N LEU XC 145 95.66 56.16 -51.46
CA LEU XC 145 95.55 54.90 -50.74
C LEU XC 145 95.99 53.76 -51.65
N LYS XC 146 97.09 53.10 -51.30
CA LYS XC 146 97.49 51.89 -52.01
C LYS XC 146 96.90 50.65 -51.36
N VAL XC 147 96.86 49.56 -52.14
CA VAL XC 147 96.23 48.31 -51.74
C VAL XC 147 97.32 47.25 -51.59
N GLU XC 148 97.25 46.49 -50.49
CA GLU XC 148 98.20 45.43 -50.25
C GLU XC 148 97.45 44.10 -50.14
N ALA XC 149 97.93 43.08 -50.85
CA ALA XC 149 97.21 41.82 -50.98
C ALA XC 149 98.06 40.67 -50.45
N TYR XC 150 97.40 39.77 -49.72
CA TYR XC 150 97.97 38.49 -49.32
C TYR XC 150 97.00 37.39 -49.73
N TYR XC 151 97.53 36.29 -50.25
CA TYR XC 151 96.65 35.31 -50.89
C TYR XC 151 97.28 33.92 -50.85
N GLU XC 152 96.42 32.93 -51.04
CA GLU XC 152 96.83 31.55 -51.31
C GLU XC 152 95.84 30.96 -52.31
N ALA XC 153 96.35 30.47 -53.44
CA ALA XC 153 95.50 29.97 -54.50
C ALA XC 153 95.07 28.54 -54.24
N LYS XC 154 93.94 28.17 -54.82
CA LYS XC 154 93.44 26.80 -54.71
C LYS XC 154 94.35 25.83 -55.46
N GLU XC 155 94.36 24.59 -55.01
CA GLU XC 155 95.23 23.56 -55.58
C GLU XC 155 94.68 23.09 -56.93
N GLY XC 156 95.50 23.21 -57.97
CA GLY XC 156 95.14 22.67 -59.27
C GLY XC 156 94.08 23.42 -60.03
N MET XC 157 93.86 24.70 -59.74
CA MET XC 157 92.86 25.50 -60.40
C MET XC 157 93.53 26.47 -61.36
N LEU XC 158 93.11 26.47 -62.61
CA LEU XC 158 93.67 27.35 -63.64
C LEU XC 158 92.57 28.24 -64.20
N PHE XC 159 92.90 29.52 -64.39
CA PHE XC 159 91.94 30.51 -64.85
C PHE XC 159 92.68 31.73 -65.35
N ASP XC 160 91.94 32.65 -65.97
CA ASP XC 160 92.49 33.91 -66.44
C ASP XC 160 91.36 34.91 -66.59
N SER XC 161 91.73 36.19 -66.58
CA SER XC 161 90.80 37.30 -66.77
C SER XC 161 89.69 37.28 -65.72
N LEU XC 162 90.08 37.34 -64.45
CA LEU XC 162 89.14 37.37 -63.35
C LEU XC 162 89.22 38.71 -62.65
N PRO XC 163 88.14 39.49 -62.60
CA PRO XC 163 88.21 40.82 -61.99
C PRO XC 163 87.95 40.83 -60.49
N VAL XC 164 88.53 41.82 -59.83
CA VAL XC 164 88.32 42.09 -58.41
C VAL XC 164 87.75 43.50 -58.29
N ILE XC 165 86.64 43.63 -57.58
CA ILE XC 165 85.86 44.87 -57.56
C ILE XC 165 85.74 45.35 -56.12
N LEU XC 166 85.95 46.66 -55.92
CA LEU XC 166 85.75 47.32 -54.63
C LEU XC 166 84.73 48.44 -54.79
N ASN XC 167 83.95 48.68 -53.74
CA ASN XC 167 82.88 49.66 -53.76
C ASN XC 167 83.05 50.64 -52.61
N PHE XC 168 82.64 51.89 -52.84
CA PHE XC 168 82.72 52.95 -51.85
C PHE XC 168 81.35 53.56 -51.63
N GLN XC 169 81.04 53.88 -50.37
CA GLN XC 169 79.79 54.55 -50.01
C GLN XC 169 80.06 55.56 -48.91
N VAL XC 170 79.46 56.74 -49.06
CA VAL XC 170 79.63 57.84 -48.11
C VAL XC 170 78.52 57.75 -47.07
N LEU XC 171 78.93 57.76 -45.79
CA LEU XC 171 77.98 57.72 -44.69
C LEU XC 171 77.72 59.07 -44.05
N SER XC 172 78.74 59.91 -43.95
CA SER XC 172 78.59 61.24 -43.36
C SER XC 172 79.77 62.11 -43.77
N VAL XC 173 79.49 63.39 -44.03
CA VAL XC 173 80.52 64.35 -44.38
C VAL XC 173 80.27 65.63 -43.59
N SER XC 174 81.35 66.32 -43.24
CA SER XC 174 81.27 67.56 -42.49
C SER XC 174 82.43 68.50 -42.84
N THR YC 26 25.76 109.45 -64.44
CA THR YC 26 25.92 108.84 -63.11
C THR YC 26 26.18 107.34 -63.24
N THR YC 27 27.46 106.98 -63.39
CA THR YC 27 27.86 105.59 -63.56
C THR YC 27 28.82 105.19 -62.44
N GLN YC 28 28.57 104.02 -61.85
CA GLN YC 28 29.41 103.48 -60.79
C GLN YC 28 30.32 102.40 -61.35
N SER YC 29 31.63 102.56 -61.15
CA SER YC 29 32.57 101.62 -61.74
C SER YC 29 33.16 100.69 -60.69
N PRO YC 30 33.41 99.42 -61.04
CA PRO YC 30 34.03 98.49 -60.08
C PRO YC 30 35.54 98.62 -59.99
N LEU YC 31 36.19 99.22 -61.00
CA LEU YC 31 37.62 99.52 -60.97
C LEU YC 31 38.46 98.25 -60.87
N ASN YC 32 38.14 97.26 -61.72
CA ASN YC 32 38.92 96.03 -61.75
C ASN YC 32 39.13 95.50 -63.17
N SER YC 33 39.01 96.37 -64.17
CA SER YC 33 39.14 95.98 -65.56
C SER YC 33 40.56 96.24 -66.08
N PHE YC 34 41.52 95.54 -65.48
CA PHE YC 34 42.92 95.63 -65.89
C PHE YC 34 43.54 94.24 -65.88
N TYR YC 35 44.31 93.94 -66.94
CA TYR YC 35 44.87 92.61 -67.09
C TYR YC 35 46.24 92.69 -67.76
N ALA YC 36 47.04 91.64 -67.57
CA ALA YC 36 48.31 91.47 -68.24
C ALA YC 36 48.53 89.97 -68.44
N THR YC 37 49.14 89.61 -69.56
CA THR YC 37 49.20 88.21 -69.99
C THR YC 37 50.61 87.82 -70.41
N GLY YC 38 51.02 86.60 -70.02
CA GLY YC 38 52.26 86.01 -70.50
C GLY YC 38 52.03 84.61 -71.02
N THR YC 39 53.11 83.88 -71.33
CA THR YC 39 53.00 82.53 -71.89
C THR YC 39 54.13 81.66 -71.38
N ALA YC 40 53.95 80.36 -71.49
CA ALA YC 40 54.96 79.37 -71.11
C ALA YC 40 54.76 78.12 -71.93
N GLN YC 41 55.81 77.31 -72.02
CA GLN YC 41 55.76 76.08 -72.81
C GLN YC 41 56.87 75.14 -72.37
N ALA YC 42 56.73 73.87 -72.78
CA ALA YC 42 57.77 72.86 -72.58
C ALA YC 42 57.51 71.76 -73.61
N VAL YC 43 58.39 71.65 -74.62
CA VAL YC 43 58.10 70.82 -75.78
C VAL YC 43 59.24 69.84 -76.08
N GLN YC 44 60.03 69.45 -75.08
CA GLN YC 44 61.08 68.46 -75.32
C GLN YC 44 61.42 67.73 -74.04
N GLU YC 45 61.93 66.51 -74.20
CA GLU YC 45 62.34 65.65 -73.10
C GLU YC 45 63.71 66.07 -72.58
N PRO YC 46 64.01 65.80 -71.30
CA PRO YC 46 65.27 66.31 -70.72
C PRO YC 46 66.52 65.83 -71.42
N ILE YC 47 66.57 64.57 -71.87
CA ILE YC 47 67.80 63.99 -72.39
C ILE YC 47 67.55 63.34 -73.74
N ASP YC 48 68.63 63.14 -74.48
CA ASP YC 48 68.62 62.39 -75.72
C ASP YC 48 69.78 61.41 -75.68
N VAL YC 49 69.57 60.19 -76.18
CA VAL YC 49 70.54 59.10 -76.05
C VAL YC 49 70.86 58.55 -77.43
N GLU YC 50 72.14 58.39 -77.73
CA GLU YC 50 72.60 57.83 -78.99
C GLU YC 50 73.64 56.75 -78.71
N SER YC 51 73.60 55.67 -79.49
CA SER YC 51 74.41 54.49 -79.23
C SER YC 51 75.48 54.31 -80.29
N HIS YC 52 76.66 53.85 -79.87
CA HIS YC 52 77.78 53.56 -80.76
C HIS YC 52 78.47 52.27 -80.36
N LEU YC 53 77.70 51.23 -80.04
CA LEU YC 53 78.24 49.93 -79.65
C LEU YC 53 78.48 49.12 -80.92
N ASP YC 54 79.70 49.18 -81.44
CA ASP YC 54 80.05 48.56 -82.71
C ASP YC 54 81.21 47.58 -82.57
N ASN YC 55 81.17 46.75 -81.53
CA ASN YC 55 82.11 45.65 -81.36
C ASN YC 55 81.36 44.40 -80.98
N THR YC 56 81.91 43.25 -81.37
CA THR YC 56 81.26 41.96 -81.20
C THR YC 56 82.06 41.08 -80.25
N ILE YC 57 81.39 40.51 -79.27
CA ILE YC 57 81.99 39.49 -78.40
C ILE YC 57 82.03 38.19 -79.19
N ALA YC 58 83.21 37.82 -79.68
CA ALA YC 58 83.38 36.66 -80.55
C ALA YC 58 84.49 35.76 -80.01
N PRO YC 59 84.22 35.02 -78.94
CA PRO YC 59 85.18 34.02 -78.47
C PRO YC 59 84.88 32.65 -79.05
N ALA YC 60 85.77 31.71 -78.75
CA ALA YC 60 85.50 30.31 -79.08
C ALA YC 60 84.55 29.71 -78.06
N ALA YC 61 84.04 28.52 -78.37
CA ALA YC 61 83.09 27.85 -77.51
C ALA YC 61 83.76 27.45 -76.20
N GLY YC 62 83.18 27.87 -75.08
CA GLY YC 62 83.69 27.51 -73.77
C GLY YC 62 84.89 28.30 -73.29
N ALA YC 63 85.25 29.37 -73.98
CA ALA YC 63 86.45 30.14 -73.63
C ALA YC 63 86.12 31.24 -72.62
N GLN YC 64 87.15 31.67 -71.90
CA GLN YC 64 87.08 32.77 -70.96
C GLN YC 64 87.80 33.97 -71.57
N GLY YC 65 87.14 35.13 -71.59
CA GLY YC 65 87.67 36.23 -72.36
C GLY YC 65 87.64 37.60 -71.72
N TYR YC 66 87.91 38.62 -72.54
CA TYR YC 66 88.05 40.01 -72.10
C TYR YC 66 87.89 40.92 -73.30
N LYS YC 67 86.86 41.78 -73.29
CA LYS YC 67 86.51 42.51 -74.51
C LYS YC 67 85.90 43.85 -74.14
N ASP YC 68 86.08 44.83 -75.01
CA ASP YC 68 85.42 46.12 -74.94
C ASP YC 68 84.44 46.26 -76.11
N MET YC 69 83.46 47.14 -75.97
CA MET YC 69 82.34 47.18 -76.90
C MET YC 69 82.22 48.50 -77.66
N GLY YC 70 82.23 49.63 -76.96
CA GLY YC 70 81.98 50.92 -77.60
C GLY YC 70 81.63 51.95 -76.54
N TYR YC 71 80.91 52.98 -76.97
CA TYR YC 71 80.52 54.04 -76.06
C TYR YC 71 79.14 54.57 -76.43
N VAL YC 72 78.51 55.25 -75.47
CA VAL YC 72 77.15 55.76 -75.60
C VAL YC 72 77.16 57.26 -75.27
N LYS YC 73 76.43 58.04 -76.05
CA LYS YC 73 76.36 59.49 -75.88
C LYS YC 73 75.03 59.90 -75.28
N ILE YC 74 75.09 60.83 -74.33
CA ILE YC 74 73.91 61.39 -73.67
C ILE YC 74 73.93 62.89 -73.85
N ILE YC 75 72.80 63.48 -74.22
CA ILE YC 75 72.69 64.92 -74.48
C ILE YC 75 71.68 65.51 -73.52
N ASN YC 76 72.05 66.62 -72.88
CA ASN YC 76 71.24 67.30 -71.88
C ASN YC 76 70.86 68.70 -72.33
N TYR YC 77 69.64 69.10 -71.99
CA TYR YC 77 68.95 70.24 -72.60
C TYR YC 77 68.69 71.34 -71.58
N THR YC 78 67.90 72.33 -72.00
CA THR YC 78 67.79 73.61 -71.31
C THR YC 78 67.40 73.45 -69.85
N ASP YC 79 68.09 74.17 -68.97
CA ASP YC 79 67.81 74.25 -67.53
C ASP YC 79 67.95 72.92 -66.83
N VAL YC 80 68.80 72.04 -67.35
CA VAL YC 80 69.07 70.74 -66.75
C VAL YC 80 70.49 70.76 -66.19
N ASN YC 81 70.64 70.33 -64.93
CA ASN YC 81 71.94 70.30 -64.29
C ASN YC 81 72.32 68.93 -63.75
N VAL YC 82 71.36 68.19 -63.18
CA VAL YC 82 71.64 66.89 -62.58
C VAL YC 82 70.57 65.90 -63.06
N VAL YC 83 71.01 64.71 -63.45
CA VAL YC 83 70.13 63.68 -63.97
C VAL YC 83 70.36 62.39 -63.19
N LYS YC 84 69.27 61.74 -62.79
CA LYS YC 84 69.30 60.44 -62.14
C LYS YC 84 68.78 59.40 -63.12
N LEU YC 85 69.55 58.33 -63.32
CA LEU YC 85 69.26 57.34 -64.34
C LEU YC 85 69.24 55.95 -63.76
N LYS YC 86 68.49 55.06 -64.42
CA LYS YC 86 68.45 53.64 -64.08
C LYS YC 86 68.75 52.84 -65.34
N VAL YC 87 69.72 51.94 -65.27
CA VAL YC 87 70.17 51.15 -66.41
C VAL YC 87 69.96 49.67 -66.08
N THR YC 88 69.39 48.93 -67.03
CA THR YC 88 69.06 47.53 -66.83
C THR YC 88 69.33 46.75 -68.11
N LEU YC 89 69.46 45.44 -67.96
CA LEU YC 89 69.62 44.51 -69.08
C LEU YC 89 68.23 44.01 -69.47
N ALA YC 90 67.79 44.37 -70.68
CA ALA YC 90 66.41 44.08 -71.08
C ALA YC 90 66.21 42.60 -71.41
N ASN YC 91 67.21 41.96 -72.01
CA ASN YC 91 67.06 40.59 -72.48
C ASN YC 91 67.99 39.63 -71.75
N ALA YC 92 68.07 39.77 -70.43
CA ALA YC 92 68.93 38.90 -69.64
C ALA YC 92 68.44 37.46 -69.67
N ALA YC 93 67.11 37.26 -69.72
CA ALA YC 93 66.58 35.91 -69.73
C ALA YC 93 66.98 35.14 -70.99
N GLN YC 94 67.02 35.83 -72.13
CA GLN YC 94 67.40 35.18 -73.38
C GLN YC 94 68.88 34.79 -73.37
N LEU YC 95 69.73 35.59 -72.73
CA LEU YC 95 71.17 35.34 -72.73
C LEU YC 95 71.60 34.29 -71.71
N ARG YC 96 70.72 33.87 -70.81
CA ARG YC 96 71.10 32.90 -69.79
C ARG YC 96 71.59 31.56 -70.35
N PRO YC 97 70.90 30.91 -71.30
CA PRO YC 97 71.38 29.61 -71.77
C PRO YC 97 72.70 29.66 -72.51
N TYR YC 98 73.19 30.84 -72.89
CA TYR YC 98 74.40 30.96 -73.68
C TYR YC 98 75.65 31.29 -72.87
N PHE YC 99 75.50 31.68 -71.61
CA PHE YC 99 76.64 32.15 -70.83
C PHE YC 99 76.57 31.59 -69.41
N LYS YC 100 77.74 31.24 -68.87
CA LYS YC 100 77.84 30.97 -67.44
C LYS YC 100 77.80 32.26 -66.62
N TYR YC 101 78.48 33.30 -67.09
CA TYR YC 101 78.42 34.60 -66.46
C TYR YC 101 78.78 35.67 -67.48
N LEU YC 102 78.29 36.89 -67.23
CA LEU YC 102 78.56 38.01 -68.11
C LEU YC 102 78.40 39.30 -67.30
N GLN YC 103 79.46 40.11 -67.28
CA GLN YC 103 79.47 41.33 -66.48
C GLN YC 103 79.82 42.52 -67.37
N LEU YC 104 79.10 43.62 -67.16
CA LEU YC 104 79.30 44.85 -67.91
C LEU YC 104 79.73 45.96 -66.95
N VAL YC 105 80.78 46.70 -67.34
CA VAL YC 105 81.34 47.77 -66.52
C VAL YC 105 81.16 49.09 -67.27
N LEU YC 106 80.56 50.07 -66.61
CA LEU YC 106 80.30 51.38 -67.19
C LEU YC 106 81.17 52.42 -66.48
N THR YC 107 81.89 53.22 -67.26
CA THR YC 107 82.76 54.24 -66.71
C THR YC 107 82.50 55.58 -67.39
N SER YC 108 82.49 56.66 -66.60
CA SER YC 108 82.36 58.00 -67.12
C SER YC 108 83.76 58.56 -67.39
N ASN YC 109 83.96 59.13 -68.57
CA ASN YC 109 85.27 59.54 -69.06
C ASN YC 109 85.22 60.93 -69.69
N ALA YC 110 84.01 61.44 -69.96
CA ALA YC 110 83.85 62.67 -70.76
C ALA YC 110 84.68 63.82 -70.21
N SER YC 111 84.94 63.83 -68.90
CA SER YC 111 85.92 64.73 -68.30
C SER YC 111 87.29 64.06 -68.34
N SER YC 112 88.24 64.70 -69.02
CA SER YC 112 89.58 64.14 -69.16
C SER YC 112 90.31 64.07 -67.82
N THR YC 113 89.85 64.82 -66.82
CA THR YC 113 90.49 64.81 -65.50
C THR YC 113 89.87 63.81 -64.54
N VAL YC 114 88.57 63.51 -64.70
CA VAL YC 114 87.85 62.66 -63.76
C VAL YC 114 87.29 61.46 -64.54
N GLU YC 115 87.98 60.33 -64.45
CA GLU YC 115 87.46 59.04 -64.92
C GLU YC 115 86.86 58.30 -63.73
N GLU YC 116 85.62 57.85 -63.88
CA GLU YC 116 84.93 57.13 -62.82
C GLU YC 116 84.10 55.99 -63.36
N THR YC 117 84.23 54.82 -62.74
CA THR YC 117 83.32 53.71 -62.98
C THR YC 117 82.07 53.89 -62.12
N LYS YC 118 80.90 53.80 -62.75
CA LYS YC 118 79.64 54.12 -62.09
C LYS YC 118 78.83 52.89 -61.69
N ALA YC 119 78.79 51.85 -62.51
CA ALA YC 119 77.97 50.69 -62.19
C ALA YC 119 78.55 49.45 -62.84
N VAL YC 120 78.19 48.30 -62.26
CA VAL YC 120 78.54 46.98 -62.80
C VAL YC 120 77.25 46.19 -62.94
N LEU YC 121 77.00 45.67 -64.13
CA LEU YC 121 75.80 44.90 -64.42
C LEU YC 121 76.16 43.44 -64.66
N SER YC 122 75.24 42.56 -64.29
CA SER YC 122 75.46 41.12 -64.43
C SER YC 122 74.12 40.45 -64.71
N LEU YC 123 74.19 39.17 -65.07
CA LEU YC 123 72.98 38.41 -65.36
C LEU YC 123 72.17 38.10 -64.10
N LYS YC 124 72.80 38.15 -62.93
CA LYS YC 124 72.09 37.91 -61.68
C LYS YC 124 71.53 39.19 -61.06
N LYS YC 125 72.20 40.32 -61.28
CA LYS YC 125 71.74 41.62 -60.80
C LYS YC 125 71.77 42.58 -61.98
N PRO YC 126 70.70 42.61 -62.79
CA PRO YC 126 70.75 43.33 -64.07
C PRO YC 126 70.57 44.84 -63.96
N SER YC 127 70.13 45.37 -62.84
CA SER YC 127 69.76 46.77 -62.73
C SER YC 127 70.70 47.52 -61.80
N ALA YC 128 70.88 48.81 -62.09
CA ALA YC 128 71.71 49.68 -61.28
C ALA YC 128 71.23 51.12 -61.44
N VAL YC 129 71.59 51.96 -60.47
CA VAL YC 129 71.23 53.37 -60.46
C VAL YC 129 72.50 54.20 -60.36
N ILE YC 130 72.64 55.18 -61.25
CA ILE YC 130 73.84 56.01 -61.32
C ILE YC 130 73.43 57.49 -61.23
N ILE YC 131 74.42 58.32 -60.93
CA ILE YC 131 74.23 59.76 -60.76
C ILE YC 131 75.22 60.49 -61.66
N LEU YC 132 74.71 61.45 -62.43
CA LEU YC 132 75.56 62.32 -63.25
C LEU YC 132 75.41 63.75 -62.75
N ASP YC 133 76.54 64.41 -62.52
CA ASP YC 133 76.53 65.75 -61.92
C ASP YC 133 77.36 66.75 -62.72
N ASN YC 134 77.61 67.92 -62.13
CA ASN YC 134 78.30 69.00 -62.83
C ASN YC 134 79.67 68.57 -63.34
N ASP YC 135 80.36 67.70 -62.61
CA ASP YC 135 81.70 67.29 -63.05
C ASP YC 135 81.66 66.43 -64.30
N ASP YC 136 80.61 65.60 -64.45
CA ASP YC 136 80.54 64.70 -65.59
C ASP YC 136 80.27 65.45 -66.89
N TYR YC 137 79.43 66.49 -66.83
CA TYR YC 137 79.00 67.20 -68.03
C TYR YC 137 80.11 68.05 -68.63
N SER YC 138 81.13 67.40 -69.18
CA SER YC 138 82.17 68.11 -69.91
C SER YC 138 81.66 68.55 -71.27
N SER YC 139 82.26 69.61 -71.81
CA SER YC 139 81.76 70.35 -72.96
C SER YC 139 80.37 70.91 -72.73
N THR YC 140 79.87 70.82 -71.49
CA THR YC 140 78.61 71.40 -71.02
C THR YC 140 77.38 70.78 -71.67
N ASN YC 141 77.56 69.82 -72.58
CA ASN YC 141 76.42 69.33 -73.35
C ASN YC 141 76.32 67.82 -73.51
N LYS YC 142 77.32 67.03 -73.13
CA LYS YC 142 77.25 65.61 -73.43
C LYS YC 142 78.02 64.76 -72.42
N ILE YC 143 77.58 63.51 -72.31
CA ILE YC 143 78.21 62.47 -71.48
C ILE YC 143 78.69 61.36 -72.40
N GLN YC 144 79.89 60.85 -72.14
CA GLN YC 144 80.45 59.73 -72.88
C GLN YC 144 80.69 58.58 -71.90
N LEU YC 145 80.14 57.41 -72.21
CA LEU YC 145 80.24 56.22 -71.37
C LEU YC 145 80.57 55.02 -72.24
N LYS YC 146 81.75 54.44 -72.04
CA LYS YC 146 82.08 53.18 -72.70
C LYS YC 146 81.69 51.98 -71.84
N VAL YC 147 81.57 50.83 -72.50
CA VAL YC 147 81.09 49.60 -71.89
C VAL YC 147 82.24 48.60 -71.84
N GLU YC 148 82.41 47.95 -70.70
CA GLU YC 148 83.46 46.94 -70.54
C GLU YC 148 82.81 45.62 -70.18
N ALA YC 149 83.21 44.55 -70.88
CA ALA YC 149 82.57 43.25 -70.76
C ALA YC 149 83.55 42.19 -70.29
N TYR YC 150 83.09 41.34 -69.38
CA TYR YC 150 83.79 40.13 -68.97
C TYR YC 150 82.82 38.96 -69.11
N TYR YC 151 83.31 37.83 -69.62
CA TYR YC 151 82.39 36.77 -69.99
C TYR YC 151 83.09 35.41 -69.94
N GLU YC 152 82.27 34.37 -69.88
CA GLU YC 152 82.70 32.99 -70.11
C GLU YC 152 81.58 32.28 -70.86
N ALA YC 153 81.91 31.70 -72.00
CA ALA YC 153 80.92 31.06 -72.85
C ALA YC 153 80.62 29.64 -72.40
N LYS YC 154 79.42 29.17 -72.72
CA LYS YC 154 79.03 27.81 -72.40
C LYS YC 154 79.84 26.81 -73.22
N GLU YC 155 80.00 25.61 -72.66
CA GLU YC 155 80.81 24.58 -73.29
C GLU YC 155 80.06 23.95 -74.47
N GLY YC 156 80.65 24.00 -75.65
CA GLY YC 156 80.12 23.32 -76.80
C GLY YC 156 78.89 23.96 -77.43
N MET YC 157 78.66 25.24 -77.20
CA MET YC 157 77.51 25.94 -77.75
C MET YC 157 77.95 26.84 -78.88
N LEU YC 158 77.30 26.70 -80.04
CA LEU YC 158 77.61 27.50 -81.23
C LEU YC 158 76.39 28.29 -81.65
N PHE YC 159 76.60 29.55 -82.02
CA PHE YC 159 75.51 30.45 -82.37
C PHE YC 159 76.10 31.66 -83.10
N ASP YC 160 75.20 32.47 -83.65
CA ASP YC 160 75.58 33.70 -84.32
C ASP YC 160 74.40 34.64 -84.35
N SER YC 161 74.69 35.93 -84.53
CA SER YC 161 73.68 36.97 -84.64
C SER YC 161 72.77 37.02 -83.41
N LEU YC 162 73.39 37.21 -82.25
CA LEU YC 162 72.66 37.31 -80.98
C LEU YC 162 72.79 38.72 -80.43
N PRO YC 163 71.69 39.45 -80.25
CA PRO YC 163 71.79 40.84 -79.79
C PRO YC 163 71.80 40.98 -78.27
N VAL YC 164 72.44 42.06 -77.83
CA VAL YC 164 72.47 42.46 -76.42
C VAL YC 164 71.86 43.85 -76.32
N ILE YC 165 70.88 44.00 -75.43
CA ILE YC 165 70.05 45.20 -75.36
C ILE YC 165 70.17 45.82 -73.98
N LEU YC 166 70.33 47.14 -73.94
CA LEU YC 166 70.34 47.92 -72.71
C LEU YC 166 69.24 48.97 -72.77
N ASN YC 167 68.65 49.28 -71.62
CA ASN YC 167 67.54 50.22 -71.53
C ASN YC 167 67.86 51.31 -70.52
N PHE YC 168 67.34 52.51 -70.77
CA PHE YC 168 67.54 53.66 -69.91
C PHE YC 168 66.20 54.25 -69.50
N GLN YC 169 66.10 54.67 -68.24
CA GLN YC 169 64.90 55.31 -67.73
C GLN YC 169 65.30 56.44 -66.79
N VAL YC 170 64.62 57.58 -66.93
CA VAL YC 170 64.89 58.76 -66.12
C VAL YC 170 64.01 58.74 -64.88
N LEU YC 171 64.63 58.89 -63.71
CA LEU YC 171 63.90 58.91 -62.45
C LEU YC 171 63.68 60.31 -61.90
N SER YC 172 64.66 61.20 -62.06
CA SER YC 172 64.54 62.57 -61.57
C SER YC 172 65.57 63.44 -62.27
N VAL YC 173 65.18 64.68 -62.58
CA VAL YC 173 66.07 65.64 -63.20
C VAL YC 173 65.90 66.98 -62.49
N SER YC 174 67.00 67.74 -62.42
CA SER YC 174 66.97 69.05 -61.77
C SER YC 174 67.99 69.99 -62.42
N THR ZC 26 6.16 106.39 -76.72
CA THR ZC 26 6.59 105.92 -75.40
C THR ZC 26 6.90 104.43 -75.44
N THR ZC 27 8.14 104.10 -75.78
CA THR ZC 27 8.59 102.72 -75.90
C THR ZC 27 9.75 102.48 -74.95
N GLN ZC 28 9.69 101.36 -74.23
CA GLN ZC 28 10.73 100.96 -73.29
C GLN ZC 28 11.59 99.87 -73.92
N SER ZC 29 12.90 100.09 -73.97
CA SER ZC 29 13.76 99.13 -74.64
C SER ZC 29 14.59 98.33 -73.64
N PRO ZC 30 14.84 97.05 -73.92
CA PRO ZC 30 15.68 96.25 -73.00
C PRO ZC 30 17.17 96.44 -73.22
N LEU ZC 31 17.59 96.96 -74.37
CA LEU ZC 31 18.98 97.32 -74.63
C LEU ZC 31 19.90 96.10 -74.57
N ASN ZC 32 19.49 95.03 -75.26
CA ASN ZC 32 20.32 93.82 -75.33
C ASN ZC 32 20.29 93.18 -76.71
N SER ZC 33 19.95 93.94 -77.74
CA SER ZC 33 19.85 93.42 -79.10
C SER ZC 33 21.13 93.68 -79.89
N PHE ZC 34 22.23 93.09 -79.42
CA PHE ZC 34 23.52 93.19 -80.08
C PHE ZC 34 24.22 91.84 -80.07
N TYR ZC 35 24.79 91.46 -81.21
CA TYR ZC 35 25.40 90.15 -81.35
C TYR ZC 35 26.61 90.22 -82.27
N ALA ZC 36 27.49 89.22 -82.14
CA ALA ZC 36 28.63 89.03 -83.01
C ALA ZC 36 28.90 87.54 -83.12
N THR ZC 37 29.31 87.08 -84.30
CA THR ZC 37 29.37 85.66 -84.60
C THR ZC 37 30.71 85.29 -85.23
N GLY ZC 38 31.25 84.13 -84.83
CA GLY ZC 38 32.41 83.54 -85.47
C GLY ZC 38 32.17 82.09 -85.81
N THR ZC 39 33.21 81.37 -86.25
CA THR ZC 39 33.08 79.98 -86.66
C THR ZC 39 34.34 79.21 -86.29
N ALA ZC 40 34.20 77.89 -86.26
CA ALA ZC 40 35.32 76.99 -85.98
C ALA ZC 40 35.05 75.65 -86.64
N GLN ZC 41 36.12 74.88 -86.84
CA GLN ZC 41 36.00 73.59 -87.50
C GLN ZC 41 37.22 72.72 -87.21
N ALA ZC 42 37.08 71.43 -87.46
CA ALA ZC 42 38.19 70.48 -87.37
C ALA ZC 42 37.81 69.27 -88.23
N VAL ZC 43 38.49 69.10 -89.37
CA VAL ZC 43 38.05 68.15 -90.37
C VAL ZC 43 39.17 67.20 -90.80
N GLN ZC 44 40.15 66.94 -89.93
CA GLN ZC 44 41.19 65.98 -90.28
C GLN ZC 44 41.80 65.38 -89.01
N GLU ZC 45 42.34 64.16 -89.16
CA GLU ZC 45 42.99 63.44 -88.08
C GLU ZC 45 44.41 63.97 -87.86
N PRO ZC 46 44.94 63.84 -86.64
CA PRO ZC 46 46.25 64.45 -86.35
C PRO ZC 46 47.39 63.95 -87.23
N ILE ZC 47 47.43 62.65 -87.56
CA ILE ZC 47 48.57 62.08 -88.24
C ILE ZC 47 48.12 61.28 -89.46
N ASP ZC 48 49.06 61.06 -90.38
CA ASP ZC 48 48.87 60.19 -91.52
C ASP ZC 48 50.08 59.26 -91.61
N VAL ZC 49 49.84 58.00 -91.95
CA VAL ZC 49 50.88 56.97 -91.90
C VAL ZC 49 50.97 56.29 -93.27
N GLU ZC 50 52.19 56.16 -93.79
CA GLU ZC 50 52.45 55.50 -95.06
C GLU ZC 50 53.58 54.49 -94.87
N SER ZC 51 53.46 53.34 -95.53
CA SER ZC 51 54.37 52.22 -95.33
C SER ZC 51 55.24 51.99 -96.56
N HIS ZC 52 56.50 51.62 -96.31
CA HIS ZC 52 57.45 51.28 -97.37
C HIS ZC 52 58.28 50.07 -96.97
N LEU ZC 53 57.64 49.04 -96.44
CA LEU ZC 53 58.32 47.81 -96.05
C LEU ZC 53 58.37 46.88 -97.26
N ASP ZC 54 59.47 46.94 -98.00
CA ASP ZC 54 59.62 46.22 -99.26
C ASP ZC 54 60.83 45.29 -99.24
N ASN ZC 55 61.04 44.57 -98.13
CA ASN ZC 55 62.05 43.54 -98.06
C ASN ZC 55 61.45 42.29 -97.43
N THR ZC 56 61.99 41.13 -97.82
CA THR ZC 56 61.45 39.84 -97.41
C THR ZC 56 62.46 39.10 -96.56
N ILE ZC 57 62.00 38.59 -95.42
CA ILE ZC 57 62.81 37.69 -94.60
C ILE ZC 57 62.78 36.32 -95.26
N ALA ZC 58 63.87 35.95 -95.93
CA ALA ZC 58 63.95 34.72 -96.70
C ALA ZC 58 65.18 33.92 -96.31
N PRO ZC 59 65.16 33.28 -95.15
CA PRO ZC 59 66.24 32.36 -94.76
C PRO ZC 59 65.92 30.93 -95.16
N ALA ZC 60 66.90 30.05 -94.95
CA ALA ZC 60 66.66 28.63 -95.10
C ALA ZC 60 65.94 28.08 -93.87
N ALA ZC 61 65.46 26.86 -93.99
CA ALA ZC 61 64.70 26.24 -92.90
C ALA ZC 61 65.61 25.99 -91.71
N GLY ZC 62 65.23 26.50 -90.54
CA GLY ZC 62 65.99 26.29 -89.32
C GLY ZC 62 67.20 27.17 -89.13
N ALA ZC 63 67.38 28.18 -89.97
CA ALA ZC 63 68.57 29.02 -89.92
C ALA ZC 63 68.37 30.20 -88.97
N GLN ZC 64 69.49 30.74 -88.49
CA GLN ZC 64 69.52 31.93 -87.65
C GLN ZC 64 70.06 33.08 -88.48
N GLY ZC 65 69.34 34.20 -88.49
CA GLY ZC 65 69.66 35.25 -89.43
C GLY ZC 65 69.66 36.67 -88.93
N TYR ZC 66 69.73 37.62 -89.86
CA TYR ZC 66 69.86 39.04 -89.58
C TYR ZC 66 69.44 39.83 -90.81
N LYS ZC 67 68.39 40.65 -90.69
CA LYS ZC 67 67.79 41.24 -91.87
C LYS ZC 67 67.18 42.59 -91.52
N ASP ZC 68 67.15 43.49 -92.50
CA ASP ZC 68 66.42 44.75 -92.42
C ASP ZC 68 65.25 44.74 -93.39
N MET ZC 69 64.26 45.59 -93.15
CA MET ZC 69 62.99 45.50 -93.86
C MET ZC 69 62.65 46.72 -94.70
N GLY ZC 70 62.73 47.91 -94.12
CA GLY ZC 70 62.31 49.12 -94.81
C GLY ZC 70 62.09 50.24 -93.80
N TYR ZC 71 61.24 51.20 -94.17
CA TYR ZC 71 60.96 52.33 -93.31
C TYR ZC 71 59.52 52.76 -93.46
N VAL ZC 72 59.03 53.51 -92.47
CA VAL ZC 72 57.65 53.95 -92.40
C VAL ZC 72 57.63 55.47 -92.19
N LYS ZC 73 56.72 56.14 -92.90
CA LYS ZC 73 56.61 57.59 -92.85
C LYS ZC 73 55.38 58.01 -92.05
N ILE ZC 74 55.56 59.03 -91.21
CA ILE ZC 74 54.49 59.60 -90.40
C ILE ZC 74 54.40 61.09 -90.71
N ILE ZC 75 53.18 61.58 -90.92
CA ILE ZC 75 52.95 62.98 -91.28
C ILE ZC 75 52.10 63.63 -90.20
N ASN ZC 76 52.52 64.81 -89.75
CA ASN ZC 76 51.86 65.54 -88.67
C ASN ZC 76 51.33 66.89 -89.17
N TYR ZC 77 50.16 67.27 -88.65
CA TYR ZC 77 49.32 68.31 -89.22
C TYR ZC 77 49.18 69.50 -88.27
N THR ZC 78 48.27 70.41 -88.62
CA THR ZC 78 48.23 71.74 -88.04
C THR ZC 78 48.11 71.71 -86.51
N ASP ZC 79 48.90 72.54 -85.85
CA ASP ZC 79 48.88 72.75 -84.40
C ASP ZC 79 49.22 71.50 -83.62
N VAL ZC 80 50.01 70.60 -84.20
CA VAL ZC 80 50.47 69.37 -83.56
C VAL ZC 80 51.95 69.52 -83.26
N ASN ZC 81 52.34 69.21 -82.03
CA ASN ZC 81 53.75 69.30 -81.63
C ASN ZC 81 54.29 68.00 -81.05
N VAL ZC 82 53.50 67.28 -80.26
CA VAL ZC 82 53.94 66.05 -79.60
C VAL ZC 82 52.86 64.99 -79.79
N VAL ZC 83 53.30 63.79 -80.15
CA VAL ZC 83 52.39 62.67 -80.40
C VAL ZC 83 52.83 61.47 -79.57
N LYS ZC 84 51.87 60.82 -78.92
CA LYS ZC 84 52.09 59.59 -78.18
C LYS ZC 84 51.46 58.44 -78.95
N LEU ZC 85 52.24 57.39 -79.19
CA LEU ZC 85 51.82 56.30 -80.06
C LEU ZC 85 51.99 54.96 -79.35
N LYS ZC 86 51.20 53.99 -79.78
CA LYS ZC 86 51.29 52.60 -79.33
C LYS ZC 86 51.40 51.70 -80.55
N VAL ZC 87 52.43 50.86 -80.58
CA VAL ZC 87 52.70 49.97 -81.70
C VAL ZC 87 52.64 48.53 -81.21
N THR ZC 88 51.94 47.68 -81.97
CA THR ZC 88 51.74 46.29 -81.59
C THR ZC 88 51.83 45.41 -82.82
N LEU ZC 89 52.05 44.11 -82.58
CA LEU ZC 89 52.05 43.10 -83.63
C LEU ZC 89 50.65 42.50 -83.71
N ALA ZC 90 49.97 42.73 -84.84
CA ALA ZC 90 48.57 42.34 -84.96
C ALA ZC 90 48.40 40.84 -85.12
N ASN ZC 91 49.30 40.17 -85.84
CA ASN ZC 91 49.14 38.76 -86.15
C ASN ZC 91 50.25 37.92 -85.51
N ALA ZC 92 50.56 38.19 -84.25
CA ALA ZC 92 51.59 37.43 -83.55
C ALA ZC 92 51.19 35.98 -83.37
N ALA ZC 93 49.89 35.73 -83.16
CA ALA ZC 93 49.43 34.35 -82.95
C ALA ZC 93 49.66 33.49 -84.19
N GLN ZC 94 49.44 34.06 -85.38
CA GLN ZC 94 49.63 33.31 -86.60
C GLN ZC 94 51.11 32.98 -86.85
N LEU ZC 95 52.01 33.87 -86.43
CA LEU ZC 95 53.44 33.68 -86.67
C LEU ZC 95 54.11 32.76 -85.68
N ARG ZC 96 53.42 32.39 -84.59
CA ARG ZC 96 54.04 31.54 -83.57
C ARG ZC 96 54.48 30.17 -84.10
N PRO ZC 97 53.67 29.40 -84.85
CA PRO ZC 97 54.14 28.07 -85.29
C PRO ZC 97 55.30 28.11 -86.26
N TYR ZC 98 55.65 29.27 -86.82
CA TYR ZC 98 56.69 29.36 -87.83
C TYR ZC 98 58.04 29.81 -87.29
N PHE ZC 99 58.10 30.33 -86.07
CA PHE ZC 99 59.32 30.91 -85.54
C PHE ZC 99 59.54 30.48 -84.10
N LYS ZC 100 60.81 30.24 -83.75
CA LYS ZC 100 61.18 30.11 -82.34
C LYS ZC 100 61.21 31.47 -81.66
N TYR ZC 101 61.75 32.48 -82.33
CA TYR ZC 101 61.73 33.84 -81.81
C TYR ZC 101 61.83 34.81 -82.98
N LEU ZC 102 61.33 36.03 -82.75
CA LEU ZC 102 61.38 37.08 -83.76
C LEU ZC 102 61.30 38.42 -83.05
N GLN ZC 103 62.29 39.28 -83.29
CA GLN ZC 103 62.38 40.57 -82.62
C GLN ZC 103 62.49 41.68 -83.66
N LEU ZC 104 61.76 42.77 -83.41
CA LEU ZC 104 61.75 43.93 -84.30
C LEU ZC 104 62.29 45.14 -83.54
N VAL ZC 105 63.20 45.87 -84.17
CA VAL ZC 105 63.84 47.04 -83.57
C VAL ZC 105 63.45 48.27 -84.39
N LEU ZC 106 62.92 49.29 -83.72
CA LEU ZC 106 62.50 50.53 -84.36
C LEU ZC 106 63.41 51.66 -83.90
N THR ZC 107 63.94 52.41 -84.88
CA THR ZC 107 64.84 53.52 -84.59
C THR ZC 107 64.38 54.77 -85.33
N SER ZC 108 64.46 55.91 -84.65
CA SER ZC 108 64.16 57.21 -85.25
C SER ZC 108 65.45 57.79 -85.81
N ASN ZC 109 65.40 58.25 -87.07
CA ASN ZC 109 66.58 58.66 -87.81
C ASN ZC 109 66.33 59.97 -88.54
N ALA ZC 110 65.07 60.42 -88.63
CA ALA ZC 110 64.71 61.54 -89.49
C ALA ZC 110 65.56 62.78 -89.20
N SER ZC 111 66.04 62.93 -87.98
CA SER ZC 111 67.07 63.92 -87.65
C SER ZC 111 68.44 63.31 -87.88
N SER ZC 112 69.21 63.91 -88.78
CA SER ZC 112 70.53 63.39 -89.10
C SER ZC 112 71.49 63.48 -87.93
N THR ZC 113 71.18 64.31 -86.93
CA THR ZC 113 72.05 64.45 -85.76
C THR ZC 113 71.66 63.52 -84.62
N VAL ZC 114 70.39 63.16 -84.49
CA VAL ZC 114 69.89 62.37 -83.38
C VAL ZC 114 69.27 61.09 -83.92
N GLU ZC 115 70.03 59.99 -83.86
CA GLU ZC 115 69.51 58.66 -84.12
C GLU ZC 115 69.17 58.00 -82.78
N GLU ZC 116 67.95 57.49 -82.66
CA GLU ZC 116 67.51 56.85 -81.42
C GLU ZC 116 66.65 55.63 -81.71
N THR ZC 117 66.96 54.53 -81.02
CA THR ZC 117 66.09 53.37 -80.99
C THR ZC 117 65.00 53.58 -79.94
N LYS ZC 118 63.74 53.39 -80.33
CA LYS ZC 118 62.61 53.72 -79.48
C LYS ZC 118 61.95 52.51 -78.83
N ALA ZC 119 61.83 51.39 -79.54
CA ALA ZC 119 61.14 50.23 -78.97
C ALA ZC 119 61.67 48.95 -79.59
N VAL ZC 120 61.48 47.86 -78.87
CA VAL ZC 120 61.80 46.51 -79.35
C VAL ZC 120 60.56 45.66 -79.17
N LEU ZC 121 60.12 45.02 -80.25
CA LEU ZC 121 58.94 44.18 -80.24
C LEU ZC 121 59.33 42.71 -80.41
N SER ZC 122 58.55 41.84 -79.80
CA SER ZC 122 58.81 40.41 -79.86
C SER ZC 122 57.50 39.65 -79.82
N LEU ZC 123 57.57 38.35 -80.08
CA LEU ZC 123 56.37 37.51 -80.07
C LEU ZC 123 55.82 37.31 -78.66
N LYS ZC 124 56.64 37.49 -77.63
CA LYS ZC 124 56.18 37.34 -76.26
C LYS ZC 124 55.67 38.65 -75.67
N LYS ZC 125 56.23 39.79 -76.10
CA LYS ZC 125 55.79 41.11 -75.66
C LYS ZC 125 55.54 41.95 -76.92
N PRO ZC 126 54.35 41.84 -77.51
CA PRO ZC 126 54.13 42.45 -78.83
C PRO ZC 126 53.90 43.95 -78.84
N SER ZC 127 53.63 44.57 -77.69
CA SER ZC 127 53.20 45.96 -77.64
C SER ZC 127 54.25 46.83 -76.96
N ALA ZC 128 54.31 48.09 -77.40
CA ALA ZC 128 55.22 49.07 -76.82
C ALA ZC 128 54.64 50.47 -77.03
N VAL ZC 129 55.12 51.41 -76.22
CA VAL ZC 129 54.68 52.80 -76.27
C VAL ZC 129 55.90 53.68 -76.48
N ILE ZC 130 55.83 54.58 -77.45
CA ILE ZC 130 56.95 55.45 -77.81
C ILE ZC 130 56.48 56.90 -77.79
N ILE ZC 131 57.46 57.81 -77.75
CA ILE ZC 131 57.22 59.24 -77.67
C ILE ZC 131 57.99 59.91 -78.81
N LEU ZC 132 57.30 60.79 -79.55
CA LEU ZC 132 57.92 61.60 -80.58
C LEU ZC 132 57.79 63.07 -80.19
N ASP ZC 133 58.91 63.79 -80.23
CA ASP ZC 133 58.93 65.18 -79.77
C ASP ZC 133 59.54 66.13 -80.79
N ASN ZC 134 59.83 67.36 -80.35
CA ASN ZC 134 60.33 68.39 -81.27
C ASN ZC 134 61.60 67.97 -81.98
N ASP ZC 135 62.46 67.21 -81.32
CA ASP ZC 135 63.72 66.80 -81.95
C ASP ZC 135 63.50 65.82 -83.09
N ASP ZC 136 62.49 64.95 -82.98
CA ASP ZC 136 62.27 63.94 -84.00
C ASP ZC 136 61.73 64.55 -85.28
N TYR ZC 137 60.86 65.55 -85.17
CA TYR ZC 137 60.18 66.13 -86.32
C TYR ZC 137 61.12 66.95 -87.19
N SER ZC 138 62.06 66.30 -87.86
CA SER ZC 138 62.91 66.97 -88.83
C SER ZC 138 62.13 67.26 -90.10
N SER ZC 139 62.56 68.29 -90.83
CA SER ZC 139 61.82 68.90 -91.93
C SER ZC 139 60.47 69.42 -91.50
N THR ZC 140 60.20 69.43 -90.20
CA THR ZC 140 59.02 70.00 -89.55
C THR ZC 140 57.73 69.28 -89.90
N ASN ZC 141 57.79 68.23 -90.74
CA ASN ZC 141 56.57 67.63 -91.25
C ASN ZC 141 56.52 66.11 -91.25
N LYS ZC 142 57.62 65.40 -90.99
CA LYS ZC 142 57.58 63.95 -91.16
C LYS ZC 142 58.56 63.24 -90.23
N ILE ZC 143 58.22 61.99 -89.92
CA ILE ZC 143 59.04 61.06 -89.15
C ILE ZC 143 59.41 59.88 -90.04
N GLN ZC 144 60.67 59.45 -89.96
CA GLN ZC 144 61.16 58.28 -90.68
C GLN ZC 144 61.63 57.25 -89.67
N LEU ZC 145 61.09 56.03 -89.76
CA LEU ZC 145 61.41 54.93 -88.86
C LEU ZC 145 61.64 53.67 -89.67
N LYS ZC 146 62.87 53.15 -89.64
CA LYS ZC 146 63.15 51.86 -90.23
C LYS ZC 146 62.99 50.73 -89.22
N VAL ZC 147 62.82 49.52 -89.74
CA VAL ZC 147 62.53 48.33 -88.94
C VAL ZC 147 63.72 47.40 -89.02
N GLU ZC 148 64.13 46.86 -87.87
CA GLU ZC 148 65.24 45.91 -87.83
C GLU ZC 148 64.75 44.61 -87.24
N ALA ZC 149 65.07 43.50 -87.90
CA ALA ZC 149 64.53 42.19 -87.55
C ALA ZC 149 65.65 41.21 -87.18
N TYR ZC 150 65.41 40.44 -86.13
CA TYR ZC 150 66.23 39.30 -85.75
C TYR ZC 150 65.33 38.09 -85.59
N TYR ZC 151 65.77 36.94 -86.09
CA TYR ZC 151 64.87 35.81 -86.20
C TYR ZC 151 65.64 34.50 -86.17
N GLU ZC 152 64.91 33.42 -85.86
CA GLU ZC 152 65.36 32.05 -86.04
C GLU ZC 152 64.17 31.22 -86.49
N ALA ZC 153 64.32 30.55 -87.63
CA ALA ZC 153 63.23 29.79 -88.22
C ALA ZC 153 63.10 28.42 -87.60
N LYS ZC 154 61.89 27.87 -87.65
CA LYS ZC 154 61.64 26.53 -87.14
C LYS ZC 154 62.33 25.48 -88.01
N GLU ZC 155 62.67 24.35 -87.39
CA GLU ZC 155 63.42 23.29 -88.06
C GLU ZC 155 62.49 22.54 -89.02
N GLY ZC 156 62.87 22.50 -90.30
CA GLY ZC 156 62.17 21.68 -91.26
C GLY ZC 156 60.81 22.20 -91.69
N MET ZC 157 60.56 23.50 -91.56
CA MET ZC 157 59.28 24.10 -91.93
C MET ZC 157 59.46 24.90 -93.22
N LEU ZC 158 58.63 24.63 -94.22
CA LEU ZC 158 58.68 25.31 -95.49
C LEU ZC 158 57.35 26.01 -95.76
N PHE ZC 159 57.44 27.24 -96.27
CA PHE ZC 159 56.26 28.05 -96.49
C PHE ZC 159 56.61 29.21 -97.42
N ASP ZC 160 55.59 29.92 -97.87
CA ASP ZC 160 55.79 31.09 -98.70
C ASP ZC 160 54.56 31.99 -98.60
N SER ZC 161 54.74 33.26 -98.94
CA SER ZC 161 53.67 34.25 -98.96
C SER ZC 161 52.99 34.38 -97.58
N LEU ZC 162 53.80 34.71 -96.57
CA LEU ZC 162 53.31 34.91 -95.21
C LEU ZC 162 53.45 36.36 -94.82
N PRO ZC 163 52.37 37.06 -94.50
CA PRO ZC 163 52.47 38.50 -94.19
C PRO ZC 163 52.75 38.77 -92.72
N VAL ZC 164 53.39 39.91 -92.50
CA VAL ZC 164 53.65 40.45 -91.17
C VAL ZC 164 52.99 41.82 -91.07
N ILE ZC 165 52.18 42.02 -90.04
CA ILE ZC 165 51.31 43.19 -89.93
C ILE ZC 165 51.65 43.95 -88.64
N LEU ZC 166 51.73 45.27 -88.75
CA LEU ZC 166 51.91 46.16 -87.61
C LEU ZC 166 50.77 47.16 -87.57
N ASN ZC 167 50.38 47.55 -86.35
CA ASN ZC 167 49.25 48.45 -86.15
C ASN ZC 167 49.68 49.65 -85.31
N PHE ZC 168 49.06 50.80 -85.57
CA PHE ZC 168 49.34 52.03 -84.87
C PHE ZC 168 48.06 52.60 -84.27
N GLN ZC 169 48.18 53.14 -83.05
CA GLN ZC 169 47.05 53.78 -82.39
C GLN ZC 169 47.56 55.01 -81.63
N VAL ZC 170 46.80 56.10 -81.75
CA VAL ZC 170 47.15 57.37 -81.12
C VAL ZC 170 46.50 57.42 -79.74
N LEU ZC 171 47.30 57.72 -78.72
CA LEU ZC 171 46.82 57.83 -77.35
C LEU ZC 171 46.62 59.27 -76.90
N SER ZC 172 47.50 60.18 -77.31
CA SER ZC 172 47.39 61.58 -76.94
C SER ZC 172 48.23 62.41 -77.89
N VAL ZC 173 47.73 63.60 -78.23
CA VAL ZC 173 48.44 64.54 -79.08
C VAL ZC 173 48.32 65.93 -78.48
N SER ZC 174 49.36 66.73 -78.67
CA SER ZC 174 49.38 68.10 -78.15
C SER ZC 174 50.21 69.01 -79.04
N THR AD 26 -15.13 101.39 -84.86
CA THR AD 26 -14.45 101.07 -83.61
C THR AD 26 -14.07 99.60 -83.57
N THR AD 27 -12.89 99.29 -84.10
CA THR AD 27 -12.38 97.92 -84.19
C THR AD 27 -11.06 97.81 -83.45
N GLN AD 28 -10.93 96.76 -82.63
CA GLN AD 28 -9.72 96.50 -81.86
C GLN AD 28 -8.94 95.39 -82.54
N SER AD 29 -7.67 95.65 -82.85
CA SER AD 29 -6.88 94.68 -83.59
C SER AD 29 -5.85 94.01 -82.69
N PRO AD 30 -5.58 92.72 -82.90
CA PRO AD 30 -4.55 92.05 -82.09
C PRO AD 30 -3.13 92.28 -82.58
N LEU AD 31 -2.95 92.70 -83.84
CA LEU AD 31 -1.65 93.09 -84.38
C LEU AD 31 -0.67 91.90 -84.38
N ASN AD 32 -1.13 90.75 -84.89
CA ASN AD 32 -0.27 89.58 -84.99
C ASN AD 32 -0.50 88.81 -86.29
N SER AD 33 -1.07 89.46 -87.30
CA SER AD 33 -1.39 88.81 -88.58
C SER AD 33 -0.28 89.04 -89.61
N PHE AD 34 0.91 88.52 -89.29
CA PHE AD 34 2.06 88.63 -90.19
C PHE AD 34 2.81 87.31 -90.19
N TYR AD 35 3.20 86.85 -91.37
CA TYR AD 35 3.85 85.54 -91.51
C TYR AD 35 4.86 85.58 -92.64
N ALA AD 36 5.80 84.64 -92.58
CA ALA AD 36 6.79 84.41 -93.63
C ALA AD 36 7.11 82.92 -93.65
N THR AD 37 7.34 82.37 -94.85
CA THR AD 37 7.42 80.93 -95.03
C THR AD 37 8.64 80.55 -95.86
N GLY AD 38 9.29 79.46 -95.47
CA GLY AD 38 10.36 78.86 -96.25
C GLY AD 38 10.15 77.37 -96.41
N THR AD 39 11.14 76.66 -96.98
CA THR AD 39 11.01 75.24 -97.24
C THR AD 39 12.36 74.55 -97.03
N ALA AD 40 12.30 73.23 -96.85
CA ALA AD 40 13.50 72.41 -96.71
C ALA AD 40 13.19 71.00 -97.19
N GLN AD 41 14.25 70.25 -97.52
CA GLN AD 41 14.08 68.90 -98.03
C GLN AD 41 15.38 68.13 -97.89
N ALA AD 42 15.27 66.81 -98.00
CA ALA AD 42 16.44 65.91 -98.03
C ALA AD 42 15.98 64.61 -98.70
N VAL AD 43 16.46 64.36 -99.92
CA VAL AD 43 15.90 63.30 -100.75
C VAL AD 43 16.97 62.35 -101.28
N GLN AD 44 18.10 62.21 -100.59
CA GLN AD 44 19.12 61.27 -101.04
C GLN AD 44 19.97 60.82 -99.86
N GLU AD 45 20.54 59.62 -99.99
CA GLU AD 45 21.42 59.04 -98.99
C GLU AD 45 22.83 59.63 -99.09
N PRO AD 46 23.57 59.64 -97.97
CA PRO AD 46 24.88 60.33 -97.98
C PRO AD 46 25.87 59.79 -99.02
N ILE AD 47 25.91 58.48 -99.23
CA ILE AD 47 26.95 57.88 -100.06
C ILE AD 47 26.33 56.96 -101.10
N ASP AD 48 27.10 56.68 -102.15
CA ASP AD 48 26.76 55.69 -103.16
C ASP AD 48 27.98 54.81 -103.38
N VAL AD 49 27.76 53.52 -103.56
CA VAL AD 49 28.85 52.54 -103.62
C VAL AD 49 28.73 51.74 -104.91
N GLU AD 50 29.84 51.60 -105.63
CA GLU AD 50 29.90 50.83 -106.86
C GLU AD 50 31.10 49.89 -106.81
N SER AD 51 30.94 48.68 -107.33
CA SER AD 51 31.93 47.62 -107.20
C SER AD 51 32.58 47.31 -108.54
N HIS AD 52 33.88 47.01 -108.50
CA HIS AD 52 34.65 46.62 -109.67
C HIS AD 52 35.60 45.47 -109.35
N LEU AD 53 35.11 44.47 -108.60
CA LEU AD 53 35.92 43.32 -108.24
C LEU AD 53 35.80 42.28 -109.36
N ASP AD 54 36.75 42.32 -110.28
CA ASP AD 54 36.71 41.47 -111.48
C ASP AD 54 37.97 40.61 -111.61
N ASN AD 55 38.39 40.01 -110.50
CA ASN AD 55 39.47 39.02 -110.52
C ASN AD 55 39.06 37.81 -109.69
N THR AD 56 39.58 36.66 -110.06
CA THR AD 56 39.20 35.39 -109.46
C THR AD 56 40.39 34.76 -108.74
N ILE AD 57 40.17 34.35 -107.50
CA ILE AD 57 41.17 33.57 -106.76
C ILE AD 57 41.10 32.14 -107.28
N ALA AD 58 42.07 31.76 -108.10
CA ALA AD 58 42.08 30.45 -108.77
C ALA AD 58 43.40 29.75 -108.53
N PRO AD 59 43.62 29.22 -107.34
CA PRO AD 59 44.80 28.40 -107.08
C PRO AD 59 44.49 26.91 -107.29
N ALA AD 60 45.54 26.10 -107.19
CA ALA AD 60 45.37 24.66 -107.17
C ALA AD 60 44.91 24.21 -105.77
N ALA AD 61 44.48 22.96 -105.69
CA ALA AD 61 43.97 22.43 -104.44
C ALA AD 61 45.10 22.32 -103.42
N GLY AD 62 44.90 22.94 -102.25
CA GLY AD 62 45.87 22.87 -101.17
C GLY AD 62 47.06 23.80 -101.30
N ALA AD 63 47.03 24.75 -102.24
CA ALA AD 63 48.15 25.63 -102.48
C ALA AD 63 48.06 26.88 -101.62
N GLN AD 64 49.21 27.50 -101.40
CA GLN AD 64 49.33 28.78 -100.69
C GLN AD 64 49.64 29.86 -101.71
N GLY AD 65 48.87 30.95 -101.68
CA GLY AD 65 48.96 31.91 -102.75
C GLY AD 65 48.97 33.39 -102.38
N TYR AD 66 48.81 34.24 -103.39
CA TYR AD 66 48.92 35.69 -103.26
C TYR AD 66 48.23 36.33 -104.46
N LYS AD 67 47.18 37.11 -104.22
CA LYS AD 67 46.34 37.57 -105.32
C LYS AD 67 45.73 38.92 -104.97
N ASP AD 68 45.47 39.71 -106.01
CA ASP AD 68 44.71 40.95 -105.91
C ASP AD 68 43.38 40.78 -106.64
N MET AD 69 42.41 41.63 -106.31
CA MET AD 69 41.03 41.42 -106.75
C MET AD 69 40.49 42.54 -107.62
N GLY AD 70 40.60 43.78 -107.17
CA GLY AD 70 39.99 44.90 -107.88
C GLY AD 70 39.89 46.11 -106.95
N TYR AD 71 38.94 46.98 -107.25
CA TYR AD 71 38.76 48.19 -106.44
C TYR AD 71 37.28 48.54 -106.36
N VAL AD 72 36.95 49.36 -105.37
CA VAL AD 72 35.57 49.76 -105.08
C VAL AD 72 35.51 51.28 -105.01
N LYS AD 73 34.45 51.85 -105.60
CA LYS AD 73 34.28 53.30 -105.65
C LYS AD 73 33.18 53.74 -104.69
N ILE AD 74 33.45 54.84 -103.98
CA ILE AD 74 32.52 55.45 -103.04
C ILE AD 74 32.29 56.89 -103.46
N ILE AD 75 31.02 57.31 -103.48
CA ILE AD 75 30.65 58.66 -103.92
C ILE AD 75 29.97 59.38 -102.76
N ASN AD 76 30.39 60.61 -102.50
CA ASN AD 76 29.91 61.42 -101.38
C ASN AD 76 29.22 62.67 -101.89
N TYR AD 77 28.14 63.06 -101.20
CA TYR AD 77 27.15 64.02 -101.70
C TYR AD 77 27.12 65.29 -100.84
N THR AD 78 26.12 66.12 -101.10
CA THR AD 78 26.10 67.50 -100.64
C THR AD 78 26.27 67.60 -99.13
N ASP AD 79 27.12 68.53 -98.69
CA ASP AD 79 27.34 68.88 -97.29
C ASP AD 79 27.88 67.71 -96.48
N VAL AD 80 28.61 66.81 -97.12
CA VAL AD 80 29.24 65.67 -96.46
C VAL AD 80 30.74 65.90 -96.46
N ASN AD 81 31.36 65.72 -95.29
CA ASN AD 81 32.81 65.90 -95.17
C ASN AD 81 33.52 64.70 -94.59
N VAL AD 82 32.93 64.02 -93.61
CA VAL AD 82 33.55 62.88 -92.94
C VAL AD 82 32.52 61.77 -92.83
N VAL AD 83 32.94 60.55 -93.16
CA VAL AD 83 32.07 59.38 -93.14
C VAL AD 83 32.72 58.28 -92.30
N LYS AD 84 31.93 57.67 -91.43
CA LYS AD 84 32.36 56.52 -90.64
C LYS AD 84 31.66 55.27 -91.18
N LEU AD 85 32.44 54.24 -91.46
CA LEU AD 85 31.94 53.05 -92.13
C LEU AD 85 32.31 51.79 -91.35
N LYS AD 86 31.49 50.75 -91.55
CA LYS AD 86 31.75 49.42 -91.00
C LYS AD 86 31.69 48.41 -92.13
N VAL AD 87 32.74 47.61 -92.28
CA VAL AD 87 32.86 46.63 -93.34
C VAL AD 87 32.97 45.25 -92.73
N THR AD 88 32.20 44.31 -93.27
CA THR AD 88 32.15 42.94 -92.74
C THR AD 88 32.06 41.96 -93.89
N LEU AD 89 32.39 40.70 -93.58
CA LEU AD 89 32.27 39.59 -94.52
C LEU AD 89 30.91 38.93 -94.29
N ALA AD 90 30.02 39.02 -95.28
CA ALA AD 90 28.65 38.57 -95.11
C ALA AD 90 28.53 37.04 -95.10
N ASN AD 91 29.33 36.36 -95.92
CA ASN AD 91 29.20 34.91 -96.06
C ASN AD 91 30.44 34.18 -95.57
N ALA AD 92 30.96 34.59 -94.41
CA ALA AD 92 32.15 33.94 -93.86
C ALA AD 92 31.86 32.50 -93.47
N ALA AD 93 30.65 32.21 -93.01
CA ALA AD 93 30.31 30.86 -92.60
C ALA AD 93 30.35 29.89 -93.78
N GLN AD 94 29.90 30.33 -94.95
CA GLN AD 94 29.91 29.48 -96.13
C GLN AD 94 31.33 29.18 -96.59
N LEU AD 95 32.25 30.14 -96.44
CA LEU AD 95 33.61 29.98 -96.93
C LEU AD 95 34.50 29.19 -95.98
N ARG AD 96 34.04 28.90 -94.76
CA ARG AD 96 34.88 28.18 -93.82
C ARG AD 96 35.29 26.78 -94.29
N PRO AD 97 34.41 25.92 -94.81
CA PRO AD 97 34.86 24.57 -95.20
C PRO AD 97 35.83 24.55 -96.37
N TYR AD 98 36.01 25.67 -97.09
CA TYR AD 98 36.84 25.69 -98.27
C TYR AD 98 38.24 26.26 -98.04
N PHE AD 99 38.49 26.89 -96.90
CA PHE AD 99 39.76 27.56 -96.65
C PHE AD 99 40.25 27.28 -95.25
N LYS AD 100 41.58 27.14 -95.12
CA LYS AD 100 42.19 27.15 -93.80
C LYS AD 100 42.28 28.56 -93.24
N TYR AD 101 42.61 29.53 -94.10
CA TYR AD 101 42.61 30.94 -93.70
C TYR AD 101 42.46 31.80 -94.95
N LEU AD 102 41.94 33.01 -94.75
CA LEU AD 102 41.73 33.96 -95.83
C LEU AD 102 41.71 35.36 -95.24
N GLN AD 103 42.60 36.22 -95.74
CA GLN AD 103 42.73 37.58 -95.22
C GLN AD 103 42.59 38.59 -96.34
N LEU AD 104 41.85 39.66 -96.07
CA LEU AD 104 41.63 40.74 -97.03
C LEU AD 104 42.22 42.02 -96.49
N VAL AD 105 42.96 42.74 -97.35
CA VAL AD 105 43.63 43.98 -96.98
C VAL AD 105 43.04 45.10 -97.81
N LEU AD 106 42.58 46.17 -97.14
CA LEU AD 106 41.98 47.32 -97.80
C LEU AD 106 42.89 48.53 -97.63
N THR AD 107 43.19 49.20 -98.74
CA THR AD 107 44.06 50.37 -98.73
C THR AD 107 43.41 51.52 -99.47
N SER AD 108 43.55 52.72 -98.91
CA SER AD 108 43.06 53.94 -99.57
C SER AD 108 44.20 54.52 -100.40
N ASN AD 109 43.91 54.85 -101.66
CA ASN AD 109 44.90 55.23 -102.66
C ASN AD 109 44.45 56.46 -103.44
N ALA AD 110 43.18 56.84 -103.33
CA ALA AD 110 42.60 57.86 -104.21
C ALA AD 110 43.42 59.16 -104.19
N SER AD 111 44.10 59.45 -103.09
CA SER AD 111 45.12 60.50 -103.05
C SER AD 111 46.45 59.92 -103.47
N SER AD 112 47.02 60.47 -104.54
CA SER AD 112 48.29 59.97 -105.06
C SER AD 112 49.44 60.21 -104.10
N THR AD 113 49.27 61.12 -103.13
CA THR AD 113 50.32 61.41 -102.16
C THR AD 113 50.19 60.58 -100.89
N VAL AD 114 48.99 60.19 -100.51
CA VAL AD 114 48.74 59.49 -99.25
C VAL AD 114 48.11 58.13 -99.56
N GLU AD 115 48.93 57.08 -99.54
CA GLU AD 115 48.44 55.70 -99.57
C GLU AD 115 48.38 55.17 -98.15
N GLU AD 116 47.23 54.62 -97.76
CA GLU AD 116 47.07 54.09 -96.41
C GLU AD 116 46.25 52.81 -96.43
N THR AD 117 46.74 51.80 -95.71
CA THR AD 117 45.94 50.61 -95.42
C THR AD 117 45.06 50.88 -94.21
N LYS AD 118 43.76 50.60 -94.35
CA LYS AD 118 42.78 50.97 -93.33
C LYS AD 118 42.32 49.80 -92.47
N ALA AD 119 42.13 48.61 -93.03
CA ALA AD 119 41.62 47.49 -92.26
C ALA AD 119 42.11 46.18 -92.85
N VAL AD 120 42.12 45.14 -92.01
CA VAL AD 120 42.42 43.78 -92.42
C VAL AD 120 41.28 42.89 -91.94
N LEU AD 121 40.69 42.14 -92.86
CA LEU AD 121 39.58 41.26 -92.56
C LEU AD 121 40.01 39.81 -92.67
N SER AD 122 39.41 38.95 -91.85
CA SER AD 122 39.74 37.54 -91.83
C SER AD 122 38.49 36.74 -91.48
N LEU AD 123 38.59 35.41 -91.63
CA LEU AD 123 37.46 34.54 -91.33
C LEU AD 123 37.19 34.45 -89.84
N LYS AD 124 38.16 34.77 -89.00
CA LYS AD 124 37.96 34.74 -87.55
C LYS AD 124 37.50 36.08 -86.99
N LYS AD 125 37.91 37.18 -87.62
CA LYS AD 125 37.48 38.53 -87.23
C LYS AD 125 36.98 39.23 -88.48
N PRO AD 126 35.70 39.03 -88.84
CA PRO AD 126 35.20 39.48 -90.13
C PRO AD 126 34.89 40.97 -90.23
N SER AD 127 34.80 41.69 -89.12
CA SER AD 127 34.31 43.06 -89.11
C SER AD 127 35.42 44.04 -88.73
N ALA AD 128 35.32 45.25 -89.27
CA ALA AD 128 36.26 46.31 -88.97
C ALA AD 128 35.58 47.66 -89.18
N VAL AD 129 36.14 48.69 -88.56
CA VAL AD 129 35.62 50.05 -88.64
C VAL AD 129 36.73 50.96 -89.15
N ILE AD 130 36.44 51.76 -90.18
CA ILE AD 130 37.42 52.63 -90.81
C ILE AD 130 36.89 54.05 -90.82
N ILE AD 131 37.80 54.99 -91.05
CA ILE AD 131 37.50 56.42 -91.05
C ILE AD 131 38.01 57.01 -92.37
N LEU AD 132 37.16 57.77 -93.05
CA LEU AD 132 37.53 58.52 -94.24
C LEU AD 132 37.39 60.01 -93.96
N ASP AD 133 38.44 60.77 -94.27
CA ASP AD 133 38.48 62.19 -93.93
C ASP AD 133 38.83 63.07 -95.13
N ASN AD 134 39.13 64.34 -94.87
CA ASN AD 134 39.38 65.29 -95.95
C ASN AD 134 40.54 64.86 -96.85
N ASP AD 135 41.55 64.19 -96.29
CA ASP AD 135 42.69 63.79 -97.10
C ASP AD 135 42.32 62.69 -98.08
N ASP AD 136 41.40 61.80 -97.72
CA ASP AD 136 41.06 60.68 -98.59
C ASP AD 136 40.26 61.15 -99.80
N TYR AD 137 39.37 62.13 -99.62
CA TYR AD 137 38.46 62.55 -100.67
C TYR AD 137 39.19 63.33 -101.76
N SER AD 138 40.02 62.64 -102.54
CA SER AD 138 40.64 63.25 -103.70
C SER AD 138 39.64 63.39 -104.84
N SER AD 139 39.87 64.36 -105.71
CA SER AD 139 38.92 64.82 -106.71
C SER AD 139 37.63 65.34 -106.08
N THR AD 140 37.61 65.46 -104.75
CA THR AD 140 36.53 66.05 -103.96
C THR AD 140 35.24 65.25 -104.00
N ASN AD 141 35.21 64.13 -104.74
CA ASN AD 141 33.95 63.43 -104.95
C ASN AD 141 33.99 61.90 -104.82
N LYS AD 142 35.16 61.28 -104.71
CA LYS AD 142 35.16 59.82 -104.73
C LYS AD 142 36.33 59.24 -103.94
N ILE AD 143 36.13 58.01 -103.47
CA ILE AD 143 37.13 57.20 -102.78
C ILE AD 143 37.40 55.95 -103.62
N GLN AD 144 38.67 55.59 -103.74
CA GLN AD 144 39.08 54.36 -104.43
C GLN AD 144 39.78 53.45 -103.43
N LEU AD 145 39.31 52.22 -103.32
CA LEU AD 145 39.85 51.22 -102.39
C LEU AD 145 40.00 49.90 -103.12
N LYS AD 146 41.24 49.43 -103.27
CA LYS AD 146 41.48 48.10 -103.78
C LYS AD 146 41.57 47.06 -102.67
N VAL AD 147 41.38 45.81 -103.04
CA VAL AD 147 41.30 44.68 -102.11
C VAL AD 147 42.52 43.80 -102.32
N GLU AD 148 43.16 43.40 -101.22
CA GLU AD 148 44.31 42.51 -101.30
C GLU AD 148 44.00 41.24 -100.52
N ALA AD 149 44.27 40.09 -101.12
CA ALA AD 149 43.87 38.80 -100.58
C ALA AD 149 45.09 37.91 -100.33
N TYR AD 150 45.08 37.23 -99.19
CA TYR AD 150 46.03 36.16 -98.87
C TYR AD 150 45.23 34.95 -98.45
N TYR AD 151 45.65 33.77 -98.90
CA TYR AD 151 44.80 32.59 -98.75
C TYR AD 151 45.64 31.32 -98.74
N GLU AD 152 45.04 30.26 -98.21
CA GLU AD 152 45.53 28.90 -98.35
C GLU AD 152 44.32 27.98 -98.51
N ALA AD 153 44.30 27.21 -99.59
CA ALA AD 153 43.16 26.36 -99.90
C ALA AD 153 43.23 25.04 -99.14
N LYS AD 154 42.06 24.44 -98.92
CA LYS AD 154 41.99 23.15 -98.26
C LYS AD 154 42.58 22.06 -99.15
N GLU AD 155 43.07 21.00 -98.51
CA GLU AD 155 43.75 19.91 -99.21
C GLU AD 155 42.72 19.03 -99.90
N GLY AD 156 42.86 18.87 -101.22
CA GLY AD 156 42.03 17.95 -101.97
C GLY AD 156 40.60 18.38 -102.19
N MET AD 157 40.30 19.67 -102.12
CA MET AD 157 38.94 20.17 -102.31
C MET AD 157 38.84 20.86 -103.67
N LEU AD 158 37.86 20.46 -104.47
CA LEU AD 158 37.64 21.00 -105.79
C LEU AD 158 36.26 21.63 -105.86
N PHE AD 159 36.18 22.80 -106.49
CA PHE AD 159 34.93 23.55 -106.56
C PHE AD 159 35.05 24.62 -107.64
N ASP AD 160 33.93 25.25 -107.95
CA ASP AD 160 33.90 26.34 -108.90
C ASP AD 160 32.66 27.19 -108.65
N SER AD 161 32.71 28.44 -109.13
CA SER AD 161 31.60 29.38 -109.03
C SER AD 161 31.18 29.60 -107.58
N LEU AD 162 32.13 30.07 -106.77
CA LEU AD 162 31.88 30.36 -105.37
C LEU AD 162 32.01 31.86 -105.13
N PRO AD 163 30.96 32.55 -104.69
CA PRO AD 163 31.03 34.00 -104.52
C PRO AD 163 31.56 34.44 -103.17
N VAL AD 164 32.17 35.62 -103.16
CA VAL AD 164 32.63 36.29 -101.95
C VAL AD 164 31.92 37.64 -101.87
N ILE AD 165 31.30 37.91 -100.72
CA ILE AD 165 30.40 39.04 -100.55
C ILE AD 165 30.92 39.93 -99.42
N LEU AD 166 30.90 41.23 -99.67
CA LEU AD 166 31.24 42.23 -98.66
C LEU AD 166 30.07 43.19 -98.49
N ASN AD 167 29.88 43.69 -97.27
CA ASN AD 167 28.76 44.55 -96.94
C ASN AD 167 29.26 45.85 -96.30
N PHE AD 168 28.54 46.94 -96.54
CA PHE AD 168 28.89 48.25 -96.01
C PHE AD 168 27.70 48.82 -95.25
N GLN AD 169 28.00 49.48 -94.12
CA GLN AD 169 26.98 50.13 -93.31
C GLN AD 169 27.53 51.45 -92.78
N VAL AD 170 26.71 52.49 -92.84
CA VAL AD 170 27.09 53.83 -92.40
C VAL AD 170 26.71 53.99 -90.94
N LEU AD 171 27.66 54.41 -90.12
CA LEU AD 171 27.42 54.64 -88.70
C LEU AD 171 27.23 56.11 -88.35
N SER AD 172 27.97 57.01 -89.00
CA SER AD 172 27.85 58.43 -88.72
C SER AD 172 28.46 59.21 -89.88
N VAL AD 173 27.83 60.33 -90.23
CA VAL AD 173 28.32 61.21 -91.28
C VAL AD 173 28.24 62.65 -90.79
N SER AD 174 29.18 63.47 -91.24
CA SER AD 174 29.23 64.87 -90.86
C SER AD 174 29.83 65.73 -91.97
N THR BD 26 -37.22 94.80 -88.46
CA THR BD 26 -36.31 94.63 -87.34
C THR BD 26 -35.85 93.17 -87.25
N THR BD 27 -34.76 92.86 -87.96
CA THR BD 27 -34.21 91.52 -88.01
C THR BD 27 -32.78 91.53 -87.52
N GLN BD 28 -32.44 90.58 -86.66
CA GLN BD 28 -31.10 90.44 -86.11
C GLN BD 28 -30.39 89.30 -86.81
N SER BD 29 -29.21 89.58 -87.38
CA SER BD 29 -28.52 88.57 -88.15
C SER BD 29 -27.30 88.04 -87.41
N PRO BD 30 -27.00 86.74 -87.55
CA PRO BD 30 -25.80 86.19 -86.88
C PRO BD 30 -24.52 86.42 -87.65
N LEU BD 31 -24.59 86.73 -88.95
CA LEU BD 31 -23.44 87.11 -89.75
C LEU BD 31 -22.40 85.98 -89.84
N ASN BD 32 -22.87 84.77 -90.14
CA ASN BD 32 -21.98 83.63 -90.30
C ASN BD 32 -22.41 82.72 -91.46
N SER BD 33 -23.18 83.25 -92.41
CA SER BD 33 -23.68 82.47 -93.53
C SER BD 33 -22.79 82.63 -94.77
N PHE BD 34 -21.53 82.21 -94.64
CA PHE BD 34 -20.58 82.27 -95.73
C PHE BD 34 -19.76 80.98 -95.75
N TYR BD 35 -19.57 80.41 -96.95
CA TYR BD 35 -18.88 79.14 -97.08
C TYR BD 35 -18.09 79.10 -98.38
N ALA BD 36 -17.10 78.21 -98.42
CA ALA BD 36 -16.31 77.92 -99.60
C ALA BD 36 -15.91 76.46 -99.55
N THR BD 37 -15.88 75.80 -100.71
CA THR BD 37 -15.75 74.35 -100.78
C THR BD 37 -14.68 73.94 -101.79
N GLY BD 38 -13.90 72.93 -101.43
CA GLY BD 38 -12.97 72.29 -102.33
C GLY BD 38 -13.10 70.78 -102.33
N THR BD 39 -12.20 70.07 -103.00
CA THR BD 39 -12.31 68.62 -103.10
C THR BD 39 -10.90 68.01 -103.09
N ALA BD 40 -10.84 66.71 -102.79
CA ALA BD 40 -9.60 65.96 -102.80
C ALA BD 40 -9.91 64.49 -103.08
N GLN BD 41 -8.89 63.76 -103.54
CA GLN BD 41 -9.07 62.36 -103.88
C GLN BD 41 -7.72 61.66 -103.92
N ALA BD 42 -7.78 60.32 -103.90
CA ALA BD 42 -6.59 59.48 -104.06
C ALA BD 42 -7.08 58.11 -104.52
N VAL BD 43 -6.83 57.76 -105.77
CA VAL BD 43 -7.46 56.60 -106.39
C VAL BD 43 -6.44 55.65 -107.02
N GLN BD 44 -5.21 55.62 -106.55
CA GLN BD 44 -4.22 54.68 -107.08
C GLN BD 44 -3.15 54.39 -106.05
N GLU BD 45 -2.55 53.20 -106.19
CA GLU BD 45 -1.48 52.75 -105.31
C GLU BD 45 -0.15 53.38 -105.72
N PRO BD 46 0.79 53.54 -104.77
CA PRO BD 46 2.03 54.26 -105.08
C PRO BD 46 2.84 53.67 -106.23
N ILE BD 47 2.92 52.35 -106.33
CA ILE BD 47 3.83 51.71 -107.28
C ILE BD 47 3.08 50.67 -108.09
N ASP BD 48 3.67 50.32 -109.24
CA ASP BD 48 3.20 49.23 -110.08
C ASP BD 48 4.41 48.38 -110.45
N VAL BD 49 4.25 47.06 -110.47
CA VAL BD 49 5.35 46.13 -110.64
C VAL BD 49 5.05 45.21 -111.81
N GLU BD 50 6.03 45.04 -112.71
CA GLU BD 50 5.90 44.16 -113.86
C GLU BD 50 7.15 43.28 -113.95
N SER BD 51 6.95 42.01 -114.31
CA SER BD 51 8.01 41.01 -114.28
C SER BD 51 8.43 40.60 -115.69
N HIS BD 52 9.73 40.36 -115.85
CA HIS BD 52 10.28 39.88 -117.12
C HIS BD 52 11.35 38.81 -116.86
N LEU BD 53 11.06 37.88 -115.97
CA LEU BD 53 12.00 36.79 -115.66
C LEU BD 53 11.73 35.65 -116.64
N ASP BD 54 12.49 35.62 -117.73
CA ASP BD 54 12.29 34.68 -118.81
C ASP BD 54 13.55 33.86 -119.09
N ASN BD 55 14.20 33.38 -118.04
CA ASN BD 55 15.31 32.45 -118.16
C ASN BD 55 15.12 31.30 -117.16
N THR BD 56 15.63 30.14 -117.52
CA THR BD 56 15.44 28.91 -116.75
C THR BD 56 16.77 28.41 -116.22
N ILE BD 57 16.81 28.11 -114.93
CA ILE BD 57 17.96 27.45 -114.31
C ILE BD 57 17.87 25.97 -114.69
N ALA BD 58 18.71 25.55 -115.63
CA ALA BD 58 18.66 24.19 -116.17
C ALA BD 58 20.05 23.57 -116.13
N PRO BD 59 20.51 23.16 -114.95
CA PRO BD 59 21.76 22.42 -114.85
C PRO BD 59 21.51 20.91 -114.86
N ALA BD 60 22.60 20.16 -114.89
CA ALA BD 60 22.51 18.72 -114.71
C ALA BD 60 22.34 18.39 -113.22
N ALA BD 61 22.00 17.13 -112.95
CA ALA BD 61 21.76 16.70 -111.58
C ALA BD 61 23.06 16.74 -110.78
N GLY BD 62 23.04 17.46 -109.65
CA GLY BD 62 24.19 17.52 -108.78
C GLY BD 62 25.27 18.49 -109.19
N ALA BD 63 25.02 19.33 -110.20
CA ALA BD 63 26.04 20.24 -110.72
C ALA BD 63 26.03 21.57 -109.96
N GLN BD 64 27.17 22.25 -110.02
CA GLN BD 64 27.34 23.58 -109.46
C GLN BD 64 27.39 24.58 -110.60
N GLY BD 65 26.58 25.64 -110.53
CA GLY BD 65 26.42 26.49 -111.68
C GLY BD 65 26.41 27.99 -111.45
N TYR BD 66 26.03 28.74 -112.49
CA TYR BD 66 26.08 30.20 -112.50
C TYR BD 66 25.16 30.70 -113.61
N LYS BD 67 24.12 31.45 -113.25
CA LYS BD 67 23.07 31.76 -114.21
C LYS BD 67 22.45 33.12 -113.89
N ASP BD 68 21.97 33.79 -114.92
CA ASP BD 68 21.17 35.01 -114.78
C ASP BD 68 19.75 34.72 -115.25
N MET BD 69 18.79 35.55 -114.81
CA MET BD 69 17.38 35.24 -114.97
C MET BD 69 16.62 36.26 -115.83
N GLY BD 70 16.74 37.54 -115.51
CA GLY BD 70 15.96 38.57 -116.19
C GLY BD 70 15.96 39.84 -115.37
N TYR BD 71 14.92 40.65 -115.57
CA TYR BD 71 14.83 41.92 -114.84
C TYR BD 71 13.37 42.22 -114.53
N VAL BD 72 13.18 43.12 -113.56
CA VAL BD 72 11.85 43.49 -113.06
C VAL BD 72 11.71 45.00 -113.13
N LYS BD 73 10.54 45.48 -113.55
CA LYS BD 73 10.27 46.90 -113.70
C LYS BD 73 9.35 47.40 -112.59
N ILE BD 74 9.68 48.57 -112.04
CA ILE BD 74 8.89 49.22 -111.01
C ILE BD 74 8.51 50.61 -111.50
N ILE BD 75 7.24 50.98 -111.32
CA ILE BD 75 6.72 52.26 -111.80
C ILE BD 75 6.23 53.06 -110.61
N ASN BD 76 6.62 54.33 -110.54
CA ASN BD 76 6.29 55.22 -109.43
C ASN BD 76 5.45 56.39 -109.91
N TYR BD 77 4.51 56.81 -109.07
CA TYR BD 77 3.39 57.66 -109.46
C TYR BD 77 3.45 59.00 -108.73
N THR BD 78 2.37 59.77 -108.87
CA THR BD 78 2.35 61.19 -108.53
C THR BD 78 2.77 61.44 -107.09
N ASP BD 79 3.64 62.44 -106.91
CA ASP BD 79 4.08 62.94 -105.61
C ASP BD 79 4.84 61.88 -104.80
N VAL BD 80 5.48 60.94 -105.49
CA VAL BD 80 6.28 59.90 -104.86
C VAL BD 80 7.75 60.18 -105.16
N ASN BD 81 8.58 60.15 -104.12
CA ASN BD 81 10.01 60.40 -104.27
C ASN BD 81 10.88 59.27 -103.74
N VAL BD 82 10.51 58.68 -102.59
CA VAL BD 82 11.31 57.64 -101.96
C VAL BD 82 10.38 56.49 -101.57
N VAL BD 83 10.81 55.26 -101.86
CA VAL BD 83 10.02 54.06 -101.59
C VAL BD 83 10.88 53.09 -100.78
N LYS BD 84 10.28 52.53 -99.72
CA LYS BD 84 10.90 51.48 -98.93
C LYS BD 84 10.19 50.17 -99.22
N LEU BD 85 10.97 49.14 -99.55
CA LEU BD 85 10.42 47.87 -100.01
C LEU BD 85 10.99 46.71 -99.21
N LYS BD 86 10.22 45.63 -99.15
CA LYS BD 86 10.65 44.37 -98.55
C LYS BD 86 10.44 43.25 -99.56
N VAL BD 87 11.49 42.48 -99.82
CA VAL BD 87 11.47 41.41 -100.80
C VAL BD 87 11.77 40.09 -100.10
N THR BD 88 10.96 39.07 -100.40
CA THR BD 88 11.09 37.77 -99.76
C THR BD 88 10.85 36.66 -100.78
N LEU BD 89 11.30 35.46 -100.43
CA LEU BD 89 11.07 34.27 -101.22
C LEU BD 89 9.82 33.58 -100.69
N ALA BD 90 8.78 33.53 -101.51
CA ALA BD 90 7.47 33.05 -101.05
C ALA BD 90 7.45 31.53 -100.88
N ASN BD 91 8.13 30.81 -101.77
CA ASN BD 91 8.05 29.35 -101.76
C ASN BD 91 9.39 28.72 -101.45
N ALA BD 92 10.10 29.26 -100.44
CA ALA BD 92 11.39 28.71 -100.06
C ALA BD 92 11.27 27.29 -99.51
N ALA BD 93 10.17 27.01 -98.80
CA ALA BD 93 10.00 25.68 -98.21
C ALA BD 93 9.87 24.61 -99.29
N GLN BD 94 9.19 24.93 -100.40
CA GLN BD 94 9.04 23.95 -101.48
C GLN BD 94 10.37 23.68 -102.17
N LEU BD 95 11.24 24.68 -102.28
CA LEU BD 95 12.50 24.54 -102.98
C LEU BD 95 13.59 23.86 -102.16
N ARG BD 96 13.37 23.68 -100.85
CA ARG BD 96 14.41 23.08 -100.02
C ARG BD 96 14.82 21.66 -100.43
N PRO BD 97 13.90 20.73 -100.70
CA PRO BD 97 14.35 19.37 -101.05
C PRO BD 97 15.09 19.27 -102.37
N TYR BD 98 15.07 20.32 -103.20
CA TYR BD 98 15.67 20.26 -104.52
C TYR BD 98 17.05 20.90 -104.60
N PHE BD 99 17.48 21.65 -103.58
CA PHE BD 99 18.72 22.39 -103.64
C PHE BD 99 19.48 22.27 -102.33
N LYS BD 100 20.81 22.19 -102.43
CA LYS BD 100 21.65 22.35 -101.26
C LYS BD 100 21.75 23.82 -100.86
N TYR BD 101 21.88 24.72 -101.83
CA TYR BD 101 21.87 26.15 -101.57
C TYR BD 101 21.44 26.88 -102.83
N LEU BD 102 20.90 28.08 -102.65
CA LEU BD 102 20.46 28.91 -103.76
C LEU BD 102 20.46 30.36 -103.30
N GLN BD 103 21.19 31.21 -104.02
CA GLN BD 103 21.34 32.61 -103.65
C GLN BD 103 20.94 33.49 -104.82
N LEU BD 104 20.21 34.56 -104.51
CA LEU BD 104 19.75 35.53 -105.50
C LEU BD 104 20.36 36.89 -105.20
N VAL BD 105 20.89 37.55 -106.23
CA VAL BD 105 21.55 38.85 -106.10
C VAL BD 105 20.75 39.86 -106.91
N LEU BD 106 20.37 40.96 -106.27
CA LEU BD 106 19.59 42.02 -106.90
C LEU BD 106 20.45 43.26 -107.02
N THR BD 107 20.51 43.84 -108.21
CA THR BD 107 21.30 45.04 -108.46
C THR BD 107 20.46 46.10 -109.17
N SER BD 108 20.62 47.35 -108.76
CA SER BD 108 19.97 48.47 -109.42
C SER BD 108 20.91 49.01 -110.50
N ASN BD 109 20.36 49.21 -111.70
CA ASN BD 109 21.14 49.53 -112.89
C ASN BD 109 20.49 50.66 -113.69
N ALA BD 110 19.23 50.99 -113.37
CA ALA BD 110 18.46 51.91 -114.22
C ALA BD 110 19.18 53.23 -114.47
N SER BD 111 20.05 53.65 -113.54
CA SER BD 111 20.98 54.74 -113.78
C SER BD 111 22.25 54.18 -114.38
N SER BD 112 22.58 54.65 -115.60
CA SER BD 112 23.77 54.15 -116.28
C SER BD 112 25.05 54.52 -115.57
N THR BD 113 25.02 55.51 -114.68
CA THR BD 113 26.20 55.94 -113.94
C THR BD 113 26.36 55.23 -112.60
N VAL BD 114 25.25 54.83 -111.97
CA VAL BD 114 25.29 54.24 -110.64
C VAL BD 114 24.68 52.85 -110.70
N GLU BD 115 25.55 51.83 -110.75
CA GLU BD 115 25.15 50.44 -110.56
C GLU BD 115 25.37 50.05 -109.11
N GLU BD 116 24.35 49.49 -108.48
CA GLU BD 116 24.45 49.09 -107.07
C GLU BD 116 23.71 47.79 -106.83
N THR BD 117 24.38 46.87 -106.12
CA THR BD 117 23.73 45.68 -105.59
C THR BD 117 23.05 46.03 -104.27
N LYS BD 118 21.77 45.68 -104.14
CA LYS BD 118 20.98 46.10 -102.99
C LYS BD 118 20.74 45.02 -101.96
N ALA BD 119 20.52 43.78 -102.39
CA ALA BD 119 20.23 42.72 -101.43
C ALA BD 119 20.67 41.37 -101.98
N VAL BD 120 20.89 40.43 -101.07
CA VAL BD 120 21.18 39.04 -101.41
C VAL BD 120 20.20 38.16 -100.66
N LEU BD 121 19.50 37.30 -101.38
CA LEU BD 121 18.51 36.41 -100.79
C LEU BD 121 19.00 34.97 -100.87
N SER BD 122 18.60 34.17 -99.88
CA SER BD 122 19.01 32.78 -99.80
C SER BD 122 17.89 31.97 -99.15
N LEU BD 123 18.04 30.65 -99.20
CA LEU BD 123 17.04 29.77 -98.62
C LEU BD 123 17.03 29.80 -97.10
N LYS BD 124 18.13 30.23 -96.48
CA LYS BD 124 18.20 30.34 -95.03
C LYS BD 124 17.76 31.70 -94.52
N LYS BD 125 17.99 32.76 -95.30
CA LYS BD 125 17.56 34.12 -94.95
C LYS BD 125 16.80 34.67 -96.15
N PRO BD 126 15.50 34.39 -96.24
CA PRO BD 126 14.75 34.70 -97.47
C PRO BD 126 14.34 36.15 -97.63
N SER BD 127 14.42 36.98 -96.58
CA SER BD 127 13.86 38.32 -96.62
C SER BD 127 14.96 39.37 -96.53
N ALA BD 128 14.70 40.51 -97.14
CA ALA BD 128 15.61 41.65 -97.11
C ALA BD 128 14.84 42.93 -97.32
N VAL BD 129 15.44 44.05 -96.90
CA VAL BD 129 14.84 45.38 -97.01
C VAL BD 129 15.79 46.26 -97.79
N ILE BD 130 15.26 46.95 -98.81
CA ILE BD 130 16.06 47.79 -99.68
C ILE BD 130 15.46 49.19 -99.73
N ILE BD 131 16.27 50.14 -100.19
CA ILE BD 131 15.89 51.55 -100.28
C ILE BD 131 16.12 52.03 -101.71
N LEU BD 132 15.12 52.69 -102.28
CA LEU BD 132 15.23 53.33 -103.58
C LEU BD 132 15.06 54.83 -103.41
N ASP BD 133 15.99 55.60 -103.97
CA ASP BD 133 16.00 57.04 -103.78
C ASP BD 133 16.09 57.81 -105.10
N ASN BD 134 16.35 59.11 -105.01
CA ASN BD 134 16.36 59.98 -106.19
C ASN BD 134 17.35 59.50 -107.25
N ASP BD 135 18.48 58.93 -106.83
CA ASP BD 135 19.49 58.50 -107.79
C ASP BD 135 19.01 57.29 -108.60
N ASP BD 136 18.22 56.41 -107.98
CA ASP BD 136 17.79 55.19 -108.68
C ASP BD 136 16.77 55.50 -109.76
N TYR BD 137 15.88 56.46 -109.51
CA TYR BD 137 14.77 56.76 -110.40
C TYR BD 137 15.23 57.45 -111.68
N SER BD 138 15.94 56.73 -112.53
CA SER BD 138 16.31 57.25 -113.84
C SER BD 138 15.11 57.23 -114.77
N SER BD 139 15.14 58.12 -115.76
CA SER BD 139 14.00 58.45 -116.61
C SER BD 139 12.81 58.97 -115.79
N THR BD 140 13.02 59.21 -114.50
CA THR BD 140 12.07 59.84 -113.58
C THR BD 140 10.85 58.98 -113.32
N ASN BD 141 10.75 57.80 -113.93
CA ASN BD 141 9.51 57.04 -113.85
C ASN BD 141 9.67 55.54 -113.59
N LYS BD 142 10.87 54.96 -113.63
CA LYS BD 142 10.95 53.51 -113.53
C LYS BD 142 12.26 53.06 -112.93
N ILE BD 143 12.22 51.87 -112.32
CA ILE BD 143 13.38 51.17 -111.76
C ILE BD 143 13.56 49.86 -112.51
N GLN BD 144 14.80 49.54 -112.83
CA GLN BD 144 15.15 48.27 -113.48
C GLN BD 144 16.08 47.49 -112.55
N LEU BD 145 15.70 46.25 -112.25
CA LEU BD 145 16.45 45.37 -111.35
C LEU BD 145 16.55 43.99 -111.98
N LYS BD 146 17.76 43.56 -112.30
CA LYS BD 146 17.98 42.19 -112.75
C LYS BD 146 18.33 41.28 -111.57
N VAL BD 147 18.14 39.98 -111.80
CA VAL BD 147 18.30 38.96 -110.76
C VAL BD 147 19.51 38.10 -111.12
N GLU BD 148 20.35 37.83 -110.13
CA GLU BD 148 21.52 36.99 -110.33
C GLU BD 148 21.43 35.79 -109.40
N ALA BD 149 21.64 34.60 -109.94
CA ALA BD 149 21.42 33.35 -109.22
C ALA BD 149 22.71 32.54 -109.13
N TYR BD 150 22.96 31.98 -107.94
CA TYR BD 150 24.01 30.99 -107.72
C TYR BD 150 23.36 29.78 -107.05
N TYR BD 151 23.76 28.57 -107.47
CA TYR BD 151 23.02 27.39 -107.06
C TYR BD 151 23.92 26.16 -107.10
N GLU BD 152 23.48 25.13 -106.37
CA GLU BD 152 24.01 23.78 -106.47
C GLU BD 152 22.85 22.81 -106.33
N ALA BD 153 22.69 21.93 -107.32
CA ALA BD 153 21.56 21.02 -107.34
C ALA BD 153 21.84 19.78 -106.49
N LYS BD 154 20.76 19.17 -106.00
CA LYS BD 154 20.87 17.94 -105.23
C LYS BD 154 21.35 16.79 -106.11
N GLU BD 155 22.02 15.82 -105.48
CA GLU BD 155 22.61 14.70 -106.20
C GLU BD 155 21.53 13.71 -106.61
N GLY BD 156 21.44 13.44 -107.91
CA GLY BD 156 20.55 12.41 -108.41
C GLY BD 156 19.08 12.76 -108.41
N MET BD 157 18.72 14.04 -108.39
CA MET BD 157 17.33 14.46 -108.37
C MET BD 157 16.95 15.02 -109.75
N LEU BD 158 15.86 14.50 -110.30
CA LEU BD 158 15.38 14.91 -111.62
C LEU BD 158 13.97 15.47 -111.49
N PHE BD 159 13.71 16.57 -112.19
CA PHE BD 159 12.42 17.25 -112.09
C PHE BD 159 12.31 18.22 -113.26
N ASP BD 160 11.10 18.78 -113.41
CA ASP BD 160 10.84 19.77 -114.45
C ASP BD 160 9.62 20.58 -114.04
N SER BD 161 9.52 21.78 -114.63
CA SER BD 161 8.39 22.68 -114.41
C SER BD 161 8.22 23.02 -112.93
N LEU BD 162 9.27 23.60 -112.36
CA LEU BD 162 9.26 24.03 -110.96
C LEU BD 162 9.35 25.55 -110.89
N PRO BD 163 8.37 26.23 -110.31
CA PRO BD 163 8.38 27.69 -110.30
C PRO BD 163 9.12 28.28 -109.11
N VAL BD 164 9.65 29.48 -109.32
CA VAL BD 164 10.29 30.28 -108.28
C VAL BD 164 9.53 31.59 -108.18
N ILE BD 165 9.11 31.95 -106.96
CA ILE BD 165 8.19 33.06 -106.74
C ILE BD 165 8.84 34.08 -105.81
N LEU BD 166 8.72 35.35 -106.15
CA LEU BD 166 9.18 36.46 -105.32
C LEU BD 166 8.00 37.38 -105.03
N ASN BD 167 8.01 37.98 -103.84
CA ASN BD 167 6.92 38.83 -103.38
C ASN BD 167 7.45 40.19 -102.97
N PHE BD 168 6.65 41.23 -103.17
CA PHE BD 168 6.99 42.60 -102.82
C PHE BD 168 5.94 43.20 -101.91
N GLN BD 169 6.40 43.97 -100.92
CA GLN BD 169 5.50 44.66 -100.00
C GLN BD 169 6.07 46.03 -99.69
N VAL BD 170 5.20 47.04 -99.70
CA VAL BD 170 5.57 48.43 -99.46
C VAL BD 170 5.44 48.72 -97.97
N LEU BD 171 6.51 49.25 -97.37
CA LEU BD 171 6.51 49.60 -95.96
C LEU BD 171 6.30 51.09 -95.71
N SER BD 172 6.86 51.96 -96.56
CA SER BD 172 6.72 53.40 -96.40
C SER BD 172 7.06 54.07 -97.72
N VAL BD 173 6.33 55.14 -98.03
CA VAL BD 173 6.56 55.93 -99.23
C VAL BD 173 6.49 57.40 -98.86
N SER BD 174 7.29 58.21 -99.55
CA SER BD 174 7.32 59.65 -99.30
C SER BD 174 7.66 60.41 -100.57
N THR CD 26 -59.20 87.02 -87.35
CA THR CD 26 -58.09 87.00 -86.41
C THR CD 26 -57.53 85.58 -86.28
N THR CD 27 -56.58 85.24 -87.14
CA THR CD 27 -55.97 83.92 -87.17
C THR CD 27 -54.47 84.04 -86.96
N GLN CD 28 -53.93 83.19 -86.09
CA GLN CD 28 -52.51 83.15 -85.79
C GLN CD 28 -51.88 81.98 -86.51
N SER CD 29 -50.83 82.26 -87.31
CA SER CD 29 -50.23 81.20 -88.11
C SER CD 29 -48.88 80.79 -87.55
N PRO CD 30 -48.54 79.50 -87.63
CA PRO CD 30 -47.22 79.05 -87.15
C PRO CD 30 -46.09 79.26 -88.16
N LEU CD 31 -46.42 79.45 -89.44
CA LEU CD 31 -45.44 79.79 -90.48
C LEU CD 31 -44.39 78.70 -90.65
N ASN CD 32 -44.84 77.45 -90.76
CA ASN CD 32 -43.93 76.34 -90.98
C ASN CD 32 -44.51 75.31 -91.95
N SER CD 33 -45.46 75.71 -92.78
CA SER CD 33 -46.11 74.80 -93.73
C SER CD 33 -45.47 74.88 -95.11
N PHE CD 34 -44.19 74.52 -95.18
CA PHE CD 34 -43.45 74.52 -96.43
C PHE CD 34 -42.58 73.27 -96.49
N TYR CD 35 -42.57 72.59 -97.65
CA TYR CD 35 -41.86 71.34 -97.79
C TYR CD 35 -41.30 71.21 -99.21
N ALA CD 36 -40.29 70.35 -99.34
CA ALA CD 36 -39.71 69.98 -100.63
C ALA CD 36 -39.23 68.54 -100.53
N THR CD 37 -39.37 67.79 -101.61
CA THR CD 37 -39.17 66.35 -101.56
C THR CD 37 -38.28 65.88 -102.72
N GLY CD 38 -37.39 64.93 -102.41
CA GLY CD 38 -36.59 64.25 -103.42
C GLY CD 38 -36.66 62.74 -103.25
N THR CD 39 -35.85 62.01 -104.01
CA THR CD 39 -35.86 60.55 -103.97
C THR CD 39 -34.46 60.00 -104.16
N ALA CD 40 -34.28 58.74 -103.77
CA ALA CD 40 -33.02 58.04 -103.94
C ALA CD 40 -33.29 56.55 -104.03
N GLN CD 41 -32.32 55.82 -104.60
CA GLN CD 41 -32.48 54.38 -104.78
C GLN CD 41 -31.13 53.73 -105.01
N ALA CD 42 -31.10 52.40 -104.85
CA ALA CD 42 -29.92 51.60 -105.15
C ALA CD 42 -30.41 50.17 -105.39
N VAL CD 43 -30.36 49.71 -106.64
CA VAL CD 43 -31.03 48.47 -107.03
C VAL CD 43 -30.10 47.50 -107.75
N GLN CD 44 -28.79 47.57 -107.50
CA GLN CD 44 -27.87 46.62 -108.13
C GLN CD 44 -26.62 46.47 -107.29
N GLU CD 45 -25.98 45.30 -107.43
CA GLU CD 45 -24.75 44.98 -106.74
C GLU CD 45 -23.55 45.63 -107.43
N PRO CD 46 -22.47 45.90 -106.69
CA PRO CD 46 -21.34 46.65 -107.29
C PRO CD 46 -20.72 45.98 -108.50
N ILE CD 47 -20.59 44.66 -108.50
CA ILE CD 47 -19.83 43.97 -109.55
C ILE CD 47 -20.65 42.83 -110.12
N ASP CD 48 -20.26 42.39 -111.31
CA ASP CD 48 -20.80 41.21 -111.96
C ASP CD 48 -19.64 40.38 -112.47
N VAL CD 49 -19.73 39.05 -112.33
CA VAL CD 49 -18.62 38.15 -112.63
C VAL CD 49 -19.08 37.10 -113.64
N GLU CD 50 -18.27 36.90 -114.68
CA GLU CD 50 -18.55 35.89 -115.70
C GLU CD 50 -17.30 35.07 -115.94
N SER CD 51 -17.48 33.77 -116.16
CA SER CD 51 -16.38 32.81 -116.22
C SER CD 51 -16.20 32.29 -117.64
N HIS CD 52 -14.94 32.09 -118.03
CA HIS CD 52 -14.58 31.50 -119.33
C HIS CD 52 -13.44 30.51 -119.18
N LEU CD 53 -13.50 29.66 -118.17
CA LEU CD 53 -12.48 28.63 -117.93
C LEU CD 53 -12.84 27.40 -118.74
N ASP CD 54 -12.29 27.30 -119.96
CA ASP CD 54 -12.63 26.25 -120.90
C ASP CD 54 -11.40 25.45 -121.32
N ASN CD 55 -10.54 25.10 -120.38
CA ASN CD 55 -9.42 24.20 -120.62
C ASN CD 55 -9.36 23.16 -119.52
N THR CD 56 -8.86 21.98 -119.86
CA THR CD 56 -8.85 20.84 -118.96
C THR CD 56 -7.41 20.44 -118.64
N ILE CD 57 -7.13 20.27 -117.34
CA ILE CD 57 -5.86 19.72 -116.90
C ILE CD 57 -5.91 18.20 -117.12
N ALA CD 58 -5.25 17.72 -118.17
CA ALA CD 58 -5.31 16.32 -118.58
C ALA CD 58 -3.90 15.76 -118.73
N PRO CD 59 -3.22 15.49 -117.62
CA PRO CD 59 -1.92 14.80 -117.69
C PRO CD 59 -2.10 13.30 -117.51
N ALA CD 60 -0.99 12.59 -117.68
CA ALA CD 60 -0.95 11.18 -117.35
C ALA CD 60 -0.84 10.98 -115.84
N ALA CD 61 -1.05 9.75 -115.41
CA ALA CD 61 -1.02 9.43 -113.98
C ALA CD 61 0.39 9.61 -113.44
N GLY CD 62 0.54 10.42 -112.40
CA GLY CD 62 1.82 10.62 -111.76
C GLY CD 62 2.75 11.59 -112.45
N ALA CD 63 2.29 12.32 -113.45
CA ALA CD 63 3.13 13.21 -114.23
C ALA CD 63 3.19 14.61 -113.61
N GLN CD 64 4.26 15.33 -113.94
CA GLN CD 64 4.45 16.71 -113.53
C GLN CD 64 4.25 17.60 -114.76
N GLY CD 65 3.41 18.62 -114.63
CA GLY CD 65 2.99 19.36 -115.81
C GLY CD 65 2.94 20.87 -115.70
N TYR CD 66 2.33 21.49 -116.71
CA TYR CD 66 2.30 22.94 -116.87
C TYR CD 66 1.16 23.30 -117.83
N LYS CD 67 0.17 24.04 -117.35
CA LYS CD 67 -1.05 24.21 -118.12
C LYS CD 67 -1.67 25.57 -117.80
N ASP CD 68 -2.37 26.13 -118.79
CA ASP CD 68 -3.21 27.32 -118.62
C ASP CD 68 -4.67 26.93 -118.79
N MET CD 69 -5.57 27.76 -118.25
CA MET CD 69 -6.98 27.38 -118.12
C MET CD 69 -7.93 28.28 -118.92
N GLY CD 70 -7.83 29.59 -118.74
CA GLY CD 70 -8.78 30.51 -119.35
C GLY CD 70 -8.69 31.86 -118.66
N TYR CD 71 -9.80 32.61 -118.73
CA TYR CD 71 -9.84 33.92 -118.11
C TYR CD 71 -11.22 34.20 -117.56
N VAL CD 72 -11.30 35.18 -116.66
CA VAL CD 72 -12.53 35.55 -115.97
C VAL CD 72 -12.76 37.05 -116.13
N LYS CD 73 -14.02 37.42 -116.37
CA LYS CD 73 -14.39 38.82 -116.60
C LYS CD 73 -15.11 39.38 -115.38
N ILE CD 74 -14.77 40.61 -115.01
CA ILE CD 74 -15.39 41.33 -113.90
C ILE CD 74 -15.93 42.65 -114.44
N ILE CD 75 -17.16 42.99 -114.07
CA ILE CD 75 -17.83 44.19 -114.55
C ILE CD 75 -18.15 45.07 -113.36
N ASN CD 76 -17.82 46.37 -113.47
CA ASN CD 76 -17.99 47.35 -112.41
C ASN CD 76 -18.97 48.44 -112.83
N TYR CD 77 -19.78 48.89 -111.87
CA TYR CD 77 -20.99 49.65 -112.12
C TYR CD 77 -20.87 51.07 -111.53
N THR CD 78 -22.01 51.77 -111.54
CA THR CD 78 -22.05 53.22 -111.33
C THR CD 78 -21.38 53.62 -110.02
N ASP CD 79 -20.56 54.67 -110.09
CA ASP CD 79 -19.92 55.31 -108.94
C ASP CD 79 -18.97 54.36 -108.20
N VAL CD 80 -18.40 53.38 -108.91
CA VAL CD 80 -17.45 52.44 -108.35
C VAL CD 80 -16.07 52.75 -108.94
N ASN CD 81 -15.07 52.86 -108.07
CA ASN CD 81 -13.71 53.14 -108.51
C ASN CD 81 -12.69 52.11 -108.03
N VAL CD 82 -12.82 51.62 -106.81
CA VAL CD 82 -11.87 50.67 -106.24
C VAL CD 82 -12.63 49.53 -105.58
N VAL CD 83 -12.20 48.30 -105.83
CA VAL CD 83 -12.86 47.10 -105.31
C VAL CD 83 -11.82 46.24 -104.60
N LYS CD 84 -12.18 45.77 -103.41
CA LYS CD 84 -11.38 44.83 -102.65
C LYS CD 84 -12.04 43.46 -102.69
N LEU CD 85 -11.28 42.44 -103.06
CA LEU CD 85 -11.83 41.11 -103.31
C LEU CD 85 -11.06 40.06 -102.52
N LYS CD 86 -11.75 38.96 -102.24
CA LYS CD 86 -11.15 37.78 -101.61
C LYS CD 86 -11.47 36.56 -102.46
N VAL CD 87 -10.45 35.81 -102.84
CA VAL CD 87 -10.58 34.65 -103.70
C VAL CD 87 -10.10 33.42 -102.96
N THR CD 88 -10.87 32.34 -103.02
CA THR CD 88 -10.57 31.12 -102.29
C THR CD 88 -10.92 29.91 -103.15
N LEU CD 89 -10.34 28.77 -102.79
CA LEU CD 89 -10.65 27.49 -103.42
C LEU CD 89 -11.74 26.81 -102.60
N ALA CD 90 -12.91 26.64 -103.21
CA ALA CD 90 -14.08 26.16 -102.48
C ALA CD 90 -13.98 24.67 -102.18
N ASN CD 91 -13.44 23.88 -103.10
CA ASN CD 91 -13.43 22.43 -102.96
C ASN CD 91 -12.01 21.88 -102.84
N ALA CD 92 -11.18 22.55 -102.03
CA ALA CD 92 -9.80 22.09 -101.85
C ALA CD 92 -9.74 20.73 -101.16
N ALA CD 93 -10.68 20.47 -100.24
CA ALA CD 93 -10.68 19.20 -99.52
C ALA CD 93 -10.93 18.02 -100.46
N GLN CD 94 -11.81 18.20 -101.44
CA GLN CD 94 -12.11 17.13 -102.38
C GLN CD 94 -10.91 16.83 -103.29
N LEU CD 95 -10.13 17.86 -103.64
CA LEU CD 95 -9.01 17.70 -104.55
C LEU CD 95 -7.75 17.15 -103.88
N ARG CD 96 -7.72 17.08 -102.55
CA ARG CD 96 -6.51 16.62 -101.87
C ARG CD 96 -6.11 15.18 -102.23
N PRO CD 97 -7.01 14.19 -102.24
CA PRO CD 97 -6.55 12.82 -102.54
C PRO CD 97 -6.06 12.63 -103.96
N TYR CD 98 -6.29 13.59 -104.86
CA TYR CD 98 -5.93 13.42 -106.27
C TYR CD 98 -4.62 14.11 -106.65
N PHE CD 99 -4.07 14.96 -105.80
CA PHE CD 99 -2.90 15.75 -106.14
C PHE CD 99 -1.90 15.79 -104.99
N LYS CD 100 -0.61 15.74 -105.33
CA LYS CD 100 0.42 16.06 -104.35
C LYS CD 100 0.50 17.56 -104.10
N TYR CD 101 0.40 18.36 -105.17
CA TYR CD 101 0.35 19.81 -105.03
C TYR CD 101 -0.33 20.40 -106.26
N LEU CD 102 -0.90 21.58 -106.08
CA LEU CD 102 -1.59 22.29 -107.16
C LEU CD 102 -1.58 23.78 -106.84
N GLN CD 103 -1.04 24.58 -107.75
CA GLN CD 103 -0.90 26.01 -107.54
C GLN CD 103 -1.56 26.76 -108.69
N LEU CD 104 -2.28 27.83 -108.35
CA LEU CD 104 -2.96 28.67 -109.31
C LEU CD 104 -2.39 30.08 -109.25
N VAL CD 105 -2.08 30.65 -110.42
CA VAL CD 105 -1.50 31.98 -110.53
C VAL CD 105 -2.48 32.88 -111.27
N LEU CD 106 -2.81 34.02 -110.66
CA LEU CD 106 -3.74 34.98 -111.23
C LEU CD 106 -2.98 36.25 -111.60
N THR CD 107 -3.17 36.71 -112.84
CA THR CD 107 -2.50 37.91 -113.34
C THR CD 107 -3.52 38.85 -113.96
N SER CD 108 -3.36 40.15 -113.70
CA SER CD 108 -4.18 41.17 -114.33
C SER CD 108 -3.48 41.65 -115.61
N ASN CD 109 -4.25 41.70 -116.69
CA ASN CD 109 -3.71 41.94 -118.04
C ASN CD 109 -4.55 42.97 -118.79
N ALA CD 110 -5.76 43.27 -118.29
CA ALA CD 110 -6.72 44.08 -119.04
C ALA CD 110 -6.12 45.39 -119.54
N SER CD 111 -5.14 45.93 -118.83
CA SER CD 111 -4.32 47.03 -119.33
C SER CD 111 -3.15 46.46 -120.11
N SER CD 112 -3.06 46.82 -121.40
CA SER CD 112 -2.01 46.30 -122.25
C SER CD 112 -0.63 46.80 -121.82
N THR CD 113 -0.56 47.87 -121.02
CA THR CD 113 0.71 48.41 -120.57
C THR CD 113 1.15 47.84 -119.22
N VAL CD 114 0.20 47.45 -118.36
CA VAL CD 114 0.50 47.01 -117.01
C VAL CD 114 -0.02 45.59 -116.84
N GLU CD 115 0.87 44.60 -116.95
CA GLU CD 115 0.58 43.23 -116.57
C GLU CD 115 1.09 42.99 -115.16
N GLU CD 116 0.24 42.45 -114.29
CA GLU CD 116 0.61 42.20 -112.91
C GLU CD 116 0.01 40.89 -112.42
N THR CD 117 0.84 40.06 -111.78
CA THR CD 117 0.35 38.92 -111.02
C THR CD 117 -0.09 39.37 -109.63
N LYS CD 118 -1.30 38.98 -109.25
CA LYS CD 118 -1.90 39.48 -108.02
C LYS CD 118 -1.88 38.49 -106.87
N ALA CD 119 -2.11 37.20 -107.12
CA ALA CD 119 -2.16 36.24 -106.04
C ALA CD 119 -1.76 34.86 -106.55
N VAL CD 120 -1.32 34.02 -105.61
CA VAL CD 120 -1.01 32.62 -105.88
C VAL CD 120 -1.79 31.78 -104.88
N LEU CD 121 -2.57 30.82 -105.38
CA LEU CD 121 -3.38 29.95 -104.55
C LEU CD 121 -2.84 28.53 -104.58
N SER CD 122 -3.01 27.82 -103.47
CA SER CD 122 -2.51 26.46 -103.35
C SER CD 122 -3.45 25.68 -102.44
N LEU CD 123 -3.23 24.36 -102.40
CA LEU CD 123 -4.07 23.50 -101.57
C LEU CD 123 -3.80 23.69 -100.09
N LYS CD 124 -2.63 24.21 -99.72
CA LYS CD 124 -2.31 24.47 -98.32
C LYS CD 124 -2.73 25.85 -97.86
N LYS CD 125 -2.70 26.84 -98.75
CA LYS CD 125 -3.13 28.20 -98.46
C LYS CD 125 -4.13 28.61 -99.54
N PRO CD 126 -5.41 28.27 -99.37
CA PRO CD 126 -6.38 28.42 -100.46
C PRO CD 126 -6.89 29.85 -100.67
N SER CD 127 -6.68 30.77 -99.73
CA SER CD 127 -7.31 32.07 -99.78
C SER CD 127 -6.28 33.17 -99.98
N ALA CD 128 -6.70 34.25 -100.64
CA ALA CD 128 -5.86 35.40 -100.88
C ALA CD 128 -6.73 36.64 -101.04
N VAL CD 129 -6.13 37.81 -100.84
CA VAL CD 129 -6.81 39.09 -100.96
C VAL CD 129 -6.06 39.94 -101.98
N ILE CD 130 -6.80 40.50 -102.94
CA ILE CD 130 -6.23 41.29 -104.03
C ILE CD 130 -6.91 42.66 -104.07
N ILE CD 131 -6.25 43.59 -104.76
CA ILE CD 131 -6.72 44.96 -104.90
C ILE CD 131 -6.78 45.31 -106.38
N LEU CD 132 -7.90 45.87 -106.82
CA LEU CD 132 -8.06 46.39 -108.17
C LEU CD 132 -8.28 47.88 -108.10
N ASP CD 133 -7.51 48.63 -108.89
CA ASP CD 133 -7.55 50.09 -108.83
C ASP CD 133 -7.73 50.73 -110.21
N ASN CD 134 -7.53 52.05 -110.28
CA ASN CD 134 -7.79 52.79 -111.51
C ASN CD 134 -6.99 52.25 -112.69
N ASP CD 135 -5.77 51.77 -112.43
CA ASP CD 135 -4.93 51.28 -113.52
C ASP CD 135 -5.48 49.99 -114.12
N ASP CD 136 -6.09 49.13 -113.30
CA ASP CD 136 -6.57 47.85 -113.79
C ASP CD 136 -7.79 48.01 -114.69
N TYR CD 137 -8.67 48.95 -114.36
CA TYR CD 137 -9.94 49.11 -115.06
C TYR CD 137 -9.75 49.70 -116.46
N SER CD 138 -9.15 48.93 -117.36
CA SER CD 138 -9.05 49.34 -118.75
C SER CD 138 -10.41 49.18 -119.44
N SER CD 139 -10.60 49.96 -120.49
CA SER CD 139 -11.90 50.17 -121.14
C SER CD 139 -12.94 50.72 -120.18
N THR CD 140 -12.52 51.10 -118.97
CA THR CD 140 -13.32 51.76 -117.95
C THR CD 140 -14.44 50.89 -117.38
N ASN CD 141 -14.58 49.65 -117.86
CA ASN CD 141 -15.73 48.85 -117.49
C ASN CD 141 -15.45 47.39 -117.13
N LYS CD 142 -14.24 46.86 -117.35
CA LYS CD 142 -14.07 45.43 -117.14
C LYS CD 142 -12.64 45.10 -116.75
N ILE CD 143 -12.50 43.97 -116.04
CA ILE CD 143 -11.23 43.37 -115.64
C ILE CD 143 -11.11 42.01 -116.30
N GLN CD 144 -9.92 41.69 -116.81
CA GLN CD 144 -9.63 40.40 -117.40
C GLN CD 144 -8.50 39.74 -116.59
N LEU CD 145 -8.75 38.52 -116.11
CA LEU CD 145 -7.80 37.77 -115.30
C LEU CD 145 -7.74 36.34 -115.81
N LYS CD 146 -6.59 35.93 -116.31
CA LYS CD 146 -6.37 34.53 -116.67
C LYS CD 146 -5.78 33.75 -115.51
N VAL CD 147 -5.92 32.43 -115.57
CA VAL CD 147 -5.52 31.52 -114.50
C VAL CD 147 -4.36 30.68 -115.00
N GLU CD 148 -3.33 30.54 -114.15
CA GLU CD 148 -2.18 29.73 -114.49
C GLU CD 148 -2.03 28.62 -113.46
N ALA CD 149 -1.84 27.39 -113.93
CA ALA CD 149 -1.85 26.22 -113.07
C ALA CD 149 -0.53 25.46 -113.15
N TYR CD 150 -0.05 25.03 -111.99
CA TYR CD 150 1.08 24.11 -111.86
C TYR CD 150 0.63 22.94 -110.99
N TYR CD 151 1.02 21.73 -111.37
CA TYR CD 151 0.43 20.56 -110.73
C TYR CD 151 1.38 19.37 -110.82
N GLU CD 152 1.13 18.40 -109.94
CA GLU CD 152 1.71 17.06 -110.02
C GLU CD 152 0.65 16.06 -109.58
N ALA CD 153 0.36 15.09 -110.43
CA ALA CD 153 -0.70 14.13 -110.17
C ALA CD 153 -0.20 13.00 -109.28
N LYS CD 154 -1.14 12.39 -108.56
CA LYS CD 154 -0.82 11.24 -107.71
C LYS CD 154 -0.44 10.03 -108.56
N GLU CD 155 0.38 9.16 -107.98
CA GLU CD 155 0.90 8.00 -108.69
C GLU CD 155 -0.19 6.93 -108.81
N GLY CD 156 -0.49 6.54 -110.05
CA GLY CD 156 -1.40 5.43 -110.28
C GLY CD 156 -2.86 5.71 -110.04
N MET CD 157 -3.28 6.98 -110.07
CA MET CD 157 -4.66 7.35 -109.83
C MET CD 157 -5.31 7.75 -111.16
N LEU CD 158 -6.45 7.13 -111.46
CA LEU CD 158 -7.19 7.40 -112.69
C LEU CD 158 -8.58 7.91 -112.35
N PHE CD 159 -9.02 8.94 -113.08
CA PHE CD 159 -10.30 9.58 -112.81
C PHE CD 159 -10.69 10.41 -114.02
N ASP CD 160 -11.93 10.91 -113.99
CA ASP CD 160 -12.43 11.78 -115.04
C ASP CD 160 -13.60 12.59 -114.50
N SER CD 161 -13.88 13.72 -115.16
CA SER CD 161 -15.00 14.59 -114.82
C SER CD 161 -14.92 15.07 -113.37
N LEU CD 162 -13.81 15.74 -113.05
CA LEU CD 162 -13.59 16.30 -111.72
C LEU CD 162 -13.57 17.81 -111.80
N PRO CD 163 -14.48 18.51 -111.12
CA PRO CD 163 -14.55 19.97 -111.23
C PRO CD 163 -13.64 20.70 -110.25
N VAL CD 164 -13.22 21.89 -110.66
CA VAL CD 164 -12.46 22.81 -109.83
C VAL CD 164 -13.26 24.10 -109.71
N ILE CD 165 -13.48 24.55 -108.48
CA ILE CD 165 -14.40 25.64 -108.18
C ILE CD 165 -13.64 26.77 -107.48
N LEU CD 166 -13.90 28.00 -107.91
CA LEU CD 166 -13.36 29.20 -107.27
C LEU CD 166 -14.52 30.10 -106.85
N ASN CD 167 -14.34 30.81 -105.74
CA ASN CD 167 -15.37 31.66 -105.16
C ASN CD 167 -14.84 33.08 -104.98
N PHE CD 168 -15.74 34.05 -105.12
CA PHE CD 168 -15.41 35.46 -104.97
C PHE CD 168 -16.31 36.10 -103.92
N GLN CD 169 -15.73 36.98 -103.11
CA GLN CD 169 -16.48 37.73 -102.10
C GLN CD 169 -15.95 39.15 -102.04
N VAL CD 170 -16.86 40.11 -101.96
CA VAL CD 170 -16.52 41.53 -101.92
C VAL CD 170 -16.40 41.96 -100.46
N LEU CD 171 -15.28 42.58 -100.13
CA LEU CD 171 -15.04 43.08 -98.77
C LEU CD 171 -15.27 44.57 -98.62
N SER CD 172 -14.93 45.36 -99.63
CA SER CD 172 -15.13 46.80 -99.57
C SER CD 172 -15.07 47.37 -100.99
N VAL CD 173 -15.92 48.37 -101.25
CA VAL CD 173 -15.93 49.04 -102.54
C VAL CD 173 -16.02 50.55 -102.29
N SER CD 174 -15.41 51.32 -103.18
CA SER CD 174 -15.42 52.77 -103.07
C SER CD 174 -15.35 53.43 -104.45
N THR DD 26 -80.15 78.53 -81.54
CA THR DD 26 -78.88 78.64 -80.80
C THR DD 26 -78.23 77.26 -80.66
N THR DD 27 -77.43 76.89 -81.65
CA THR DD 27 -76.76 75.58 -81.68
C THR DD 27 -75.25 75.79 -81.75
N GLN DD 28 -74.53 75.05 -80.93
CA GLN DD 28 -73.06 75.10 -80.89
C GLN DD 28 -72.51 73.88 -81.62
N SER DD 29 -71.66 74.12 -82.61
CA SER DD 29 -71.14 73.01 -83.41
C SER DD 29 -69.69 72.72 -83.08
N PRO DD 30 -69.30 71.44 -83.10
CA PRO DD 30 -67.88 71.10 -82.85
C PRO DD 30 -66.98 71.25 -84.06
N LEU DD 31 -67.54 71.30 -85.26
CA LEU DD 31 -66.79 71.58 -86.49
C LEU DD 31 -65.72 70.52 -86.76
N ASN DD 32 -66.12 69.25 -86.67
CA ASN DD 32 -65.19 68.16 -86.96
C ASN DD 32 -65.88 67.01 -87.72
N SER DD 33 -66.98 67.29 -88.39
CA SER DD 33 -67.74 66.27 -89.11
C SER DD 33 -67.37 66.25 -90.59
N PHE DD 34 -66.10 65.94 -90.86
CA PHE DD 34 -65.60 65.82 -92.23
C PHE DD 34 -64.68 64.61 -92.33
N TYR DD 35 -64.85 63.84 -93.40
CA TYR DD 35 -64.09 62.61 -93.57
C TYR DD 35 -63.80 62.36 -95.04
N ALA DD 36 -62.78 61.54 -95.28
CA ALA DD 36 -62.43 61.07 -96.62
C ALA DD 36 -61.85 59.67 -96.48
N THR DD 37 -62.14 58.80 -97.45
CA THR DD 37 -61.85 57.37 -97.32
C THR DD 37 -61.16 56.84 -98.57
N GLY DD 38 -60.18 55.96 -98.35
CA GLY DD 38 -59.54 55.22 -99.43
C GLY DD 38 -59.49 53.74 -99.12
N THR DD 39 -58.79 52.96 -99.94
CA THR DD 39 -58.72 51.51 -99.76
C THR DD 39 -57.34 51.00 -100.17
N ALA DD 40 -57.02 49.80 -99.70
CA ALA DD 40 -55.77 49.13 -100.05
C ALA DD 40 -55.98 47.63 -99.96
N GLN DD 41 -55.09 46.89 -100.62
CA GLN DD 41 -55.20 45.43 -100.65
C GLN DD 41 -53.86 44.81 -101.07
N ALA DD 42 -53.74 43.51 -100.79
CA ALA DD 42 -52.59 42.73 -101.24
C ALA DD 42 -53.02 41.27 -101.26
N VAL DD 43 -53.18 40.69 -102.45
CA VAL DD 43 -53.83 39.40 -102.59
C VAL DD 43 -52.99 38.40 -103.39
N GLN DD 44 -51.68 38.54 -103.40
CA GLN DD 44 -50.84 37.57 -104.09
C GLN DD 44 -49.44 37.55 -103.49
N GLU DD 45 -48.77 36.40 -103.64
CA GLU DD 45 -47.41 36.20 -103.15
C GLU DD 45 -46.40 36.82 -104.12
N PRO DD 46 -45.22 37.21 -103.61
CA PRO DD 46 -44.27 37.94 -104.47
C PRO DD 46 -43.83 37.19 -105.72
N ILE DD 47 -43.62 35.87 -105.63
CA ILE DD 47 -43.04 35.12 -106.73
C ILE DD 47 -43.88 33.88 -107.03
N ASP DD 48 -43.68 33.36 -108.24
CA ASP DD 48 -44.27 32.10 -108.66
C ASP DD 48 -43.17 31.26 -109.31
N VAL DD 49 -43.16 29.96 -109.04
CA VAL DD 49 -42.08 29.08 -109.45
C VAL DD 49 -42.64 27.92 -110.27
N GLU DD 50 -42.03 27.65 -111.42
CA GLU DD 50 -42.43 26.55 -112.29
C GLU DD 50 -41.19 25.75 -112.68
N SER DD 51 -41.34 24.43 -112.73
CA SER DD 51 -40.22 23.51 -112.92
C SER DD 51 -40.27 22.85 -114.29
N HIS DD 52 -39.09 22.66 -114.90
CA HIS DD 52 -38.94 21.98 -116.18
C HIS DD 52 -37.73 21.05 -116.15
N LEU DD 53 -37.56 20.29 -115.07
CA LEU DD 53 -36.46 19.35 -114.95
C LEU DD 53 -36.89 18.02 -115.56
N ASP DD 54 -36.57 17.83 -116.84
CA ASP DD 54 -37.01 16.68 -117.61
C ASP DD 54 -35.84 15.89 -118.19
N ASN DD 55 -34.79 15.67 -117.38
CA ASN DD 55 -33.69 14.80 -117.75
C ASN DD 55 -33.38 13.88 -116.59
N THR DD 56 -32.88 12.68 -116.91
CA THR DD 56 -32.64 11.64 -115.93
C THR DD 56 -31.15 11.33 -115.84
N ILE DD 57 -30.63 11.30 -114.61
CA ILE DD 57 -29.26 10.83 -114.37
C ILE DD 57 -29.28 9.31 -114.44
N ALA DD 58 -28.78 8.76 -115.55
CA ALA DD 58 -28.84 7.32 -115.80
C ALA DD 58 -27.46 6.80 -116.17
N PRO DD 59 -26.56 6.67 -115.18
CA PRO DD 59 -25.27 6.03 -115.43
C PRO DD 59 -25.32 4.55 -115.11
N ALA DD 60 -24.22 3.87 -115.40
CA ALA DD 60 -24.06 2.49 -114.97
C ALA DD 60 -23.66 2.45 -113.49
N ALA DD 61 -23.72 1.26 -112.91
CA ALA DD 61 -23.41 1.09 -111.50
C ALA DD 61 -21.93 1.37 -111.25
N GLY DD 62 -21.65 2.28 -110.32
CA GLY DD 62 -20.29 2.60 -109.95
C GLY DD 62 -19.55 3.53 -110.88
N ALA DD 63 -20.24 4.14 -111.84
CA ALA DD 63 -19.60 4.98 -112.84
C ALA DD 63 -19.51 6.43 -112.37
N GLN DD 64 -18.56 7.15 -112.94
CA GLN DD 64 -18.37 8.58 -112.71
C GLN DD 64 -18.84 9.33 -113.95
N GLY DD 65 -19.70 10.34 -113.76
CA GLY DD 65 -20.36 10.93 -114.89
C GLY DD 65 -20.47 12.44 -114.92
N TYR DD 66 -21.29 12.94 -115.85
CA TYR DD 66 -21.44 14.36 -116.12
C TYR DD 66 -22.74 14.58 -116.88
N LYS DD 67 -23.68 15.33 -116.30
CA LYS DD 67 -25.03 15.38 -116.85
C LYS DD 67 -25.66 16.73 -116.54
N ASP DD 68 -26.55 17.17 -117.43
CA ASP DD 68 -27.40 18.33 -117.21
C ASP DD 68 -28.85 17.88 -117.07
N MET DD 69 -29.68 18.71 -116.45
CA MET DD 69 -31.02 18.29 -116.04
C MET DD 69 -32.14 19.07 -116.71
N GLY DD 70 -32.09 20.41 -116.68
CA GLY DD 70 -33.19 21.22 -117.18
C GLY DD 70 -33.06 22.63 -116.63
N TYR DD 71 -34.19 23.33 -116.56
CA TYR DD 71 -34.20 24.69 -116.08
C TYR DD 71 -35.48 24.97 -115.30
N VAL DD 72 -35.44 26.03 -114.49
CA VAL DD 72 -36.54 26.41 -113.62
C VAL DD 72 -36.89 27.87 -113.86
N LYS DD 73 -38.18 28.17 -113.91
CA LYS DD 73 -38.66 29.52 -114.18
C LYS DD 73 -39.19 30.17 -112.90
N ILE DD 74 -38.86 31.44 -112.72
CA ILE DD 74 -39.30 32.24 -111.58
C ILE DD 74 -40.00 33.48 -112.12
N ILE DD 75 -41.17 33.80 -111.56
CA ILE DD 75 -41.99 34.92 -112.01
C ILE DD 75 -42.13 35.92 -110.87
N ASN DD 76 -41.90 37.19 -111.15
CA ASN DD 76 -41.94 38.27 -110.17
C ASN DD 76 -43.04 39.28 -110.49
N TYR DD 77 -43.68 39.78 -109.45
CA TYR DD 77 -44.95 40.48 -109.53
C TYR DD 77 -44.82 41.94 -109.10
N THR DD 78 -45.97 42.60 -108.96
CA THR DD 78 -46.05 44.06 -108.88
C THR DD 78 -45.19 44.62 -107.76
N ASP DD 79 -44.45 45.68 -108.07
CA ASP DD 79 -43.65 46.44 -107.12
C ASP DD 79 -42.54 45.62 -106.49
N VAL DD 80 -42.05 44.59 -107.19
CA VAL DD 80 -40.96 43.75 -106.73
C VAL DD 80 -39.74 44.06 -107.59
N ASN DD 81 -38.60 44.28 -106.94
CA ASN DD 81 -37.36 44.57 -107.64
C ASN DD 81 -36.21 43.64 -107.28
N VAL DD 82 -36.09 43.26 -106.00
CA VAL DD 82 -35.00 42.41 -105.55
C VAL DD 82 -35.58 41.32 -104.66
N VAL DD 83 -35.12 40.09 -104.88
CA VAL DD 83 -35.61 38.92 -104.14
C VAL DD 83 -34.42 38.17 -103.56
N LYS DD 84 -34.52 37.80 -102.29
CA LYS DD 84 -33.53 36.97 -101.61
C LYS DD 84 -34.13 35.59 -101.40
N LEU DD 85 -33.39 34.55 -101.83
CA LEU DD 85 -33.90 33.19 -101.85
C LEU DD 85 -32.95 32.25 -101.12
N LYS DD 86 -33.50 31.15 -100.62
CA LYS DD 86 -32.74 30.07 -100.01
C LYS DD 86 -33.14 28.77 -100.68
N VAL DD 87 -32.15 28.02 -101.18
CA VAL DD 87 -32.38 26.78 -101.89
C VAL DD 87 -31.69 25.64 -101.14
N THR DD 88 -32.41 24.54 -100.96
CA THR DD 88 -31.91 23.40 -100.21
C THR DD 88 -32.34 22.11 -100.87
N LEU DD 89 -31.65 21.03 -100.53
CA LEU DD 89 -31.98 19.68 -100.97
C LEU DD 89 -32.88 19.05 -99.91
N ALA DD 90 -34.13 18.78 -100.28
CA ALA DD 90 -35.12 18.31 -99.30
C ALA DD 90 -34.89 16.86 -98.90
N ASN DD 91 -34.46 16.01 -99.83
CA ASN DD 91 -34.35 14.58 -99.56
C ASN DD 91 -32.91 14.10 -99.66
N ALA DD 92 -31.98 14.87 -99.09
CA ALA DD 92 -30.57 14.49 -99.12
C ALA DD 92 -30.32 13.21 -98.33
N ALA DD 93 -31.06 13.01 -97.23
CA ALA DD 93 -30.86 11.81 -96.42
C ALA DD 93 -31.20 10.54 -97.19
N GLN DD 94 -32.26 10.59 -98.00
CA GLN DD 94 -32.65 9.42 -98.78
C GLN DD 94 -31.62 9.08 -99.86
N LEU DD 95 -30.97 10.11 -100.43
CA LEU DD 95 -30.03 9.90 -101.53
C LEU DD 95 -28.64 9.47 -101.05
N ARG DD 96 -28.37 9.53 -99.74
CA ARG DD 96 -27.04 9.18 -99.26
C ARG DD 96 -26.62 7.74 -99.56
N PRO DD 97 -27.45 6.70 -99.31
CA PRO DD 97 -26.99 5.34 -99.58
C PRO DD 97 -26.74 5.03 -101.05
N TYR DD 98 -27.19 5.89 -101.97
CA TYR DD 98 -27.08 5.61 -103.39
C TYR DD 98 -25.89 6.29 -104.07
N PHE DD 99 -25.25 7.25 -103.41
CA PHE DD 99 -24.20 8.05 -104.04
C PHE DD 99 -23.02 8.24 -103.10
N LYS DD 100 -21.81 8.21 -103.66
CA LYS DD 100 -20.65 8.66 -102.91
C LYS DD 100 -20.60 10.18 -102.82
N TYR DD 101 -20.94 10.87 -103.92
CA TYR DD 101 -21.03 12.32 -103.90
C TYR DD 101 -21.96 12.75 -105.03
N LEU DD 102 -22.55 13.94 -104.85
CA LEU DD 102 -23.46 14.50 -105.84
C LEU DD 102 -23.49 16.01 -105.66
N GLN DD 103 -23.17 16.75 -106.72
CA GLN DD 103 -23.08 18.19 -106.67
C GLN DD 103 -23.97 18.81 -107.74
N LEU DD 104 -24.67 19.87 -107.37
CA LEU DD 104 -25.56 20.59 -108.27
C LEU DD 104 -25.07 22.02 -108.43
N VAL DD 105 -25.01 22.48 -109.68
CA VAL DD 105 -24.53 23.82 -110.02
C VAL DD 105 -25.68 24.61 -110.64
N LEU DD 106 -25.96 25.78 -110.08
CA LEU DD 106 -27.03 26.65 -110.54
C LEU DD 106 -26.43 27.91 -111.17
N THR DD 107 -26.86 28.24 -112.38
CA THR DD 107 -26.36 29.40 -113.09
C THR DD 107 -27.52 30.24 -113.61
N SER DD 108 -27.40 31.56 -113.50
CA SER DD 108 -28.37 32.49 -114.04
C SER DD 108 -27.94 32.86 -115.46
N ASN DD 109 -28.89 32.78 -116.40
CA ASN DD 109 -28.62 32.91 -117.82
C ASN DD 109 -29.63 33.82 -118.50
N ALA DD 110 -30.74 34.14 -117.81
CA ALA DD 110 -31.88 34.82 -118.45
C ALA DD 110 -31.45 36.10 -119.16
N SER DD 111 -30.38 36.75 -118.69
CA SER DD 111 -29.74 37.83 -119.43
C SER DD 111 -28.69 37.23 -120.37
N SER DD 112 -28.86 37.46 -121.66
CA SER DD 112 -27.94 36.91 -122.65
C SER DD 112 -26.55 37.50 -122.52
N THR DD 113 -26.40 38.65 -121.85
CA THR DD 113 -25.10 39.27 -121.68
C THR DD 113 -24.39 38.85 -120.40
N VAL DD 114 -25.14 38.52 -119.35
CA VAL DD 114 -24.58 38.22 -118.04
C VAL DD 114 -24.99 36.80 -117.66
N GLU DD 115 -24.07 35.85 -117.84
CA GLU DD 115 -24.21 34.49 -117.30
C GLU DD 115 -23.44 34.41 -115.99
N GLU DD 116 -24.10 33.94 -114.94
CA GLU DD 116 -23.47 33.82 -113.63
C GLU DD 116 -23.90 32.55 -112.92
N THR DD 117 -22.93 31.83 -112.37
CA THR DD 117 -23.19 30.74 -111.45
C THR DD 117 -23.41 31.31 -110.05
N LYS DD 118 -24.50 30.92 -109.40
CA LYS DD 118 -24.91 31.51 -108.14
C LYS DD 118 -24.62 30.63 -106.92
N ALA DD 119 -24.82 29.32 -107.03
CA ALA DD 119 -24.62 28.46 -105.87
C ALA DD 119 -24.24 27.06 -106.32
N VAL DD 120 -23.60 26.33 -105.41
CA VAL DD 120 -23.25 24.92 -105.60
C VAL DD 120 -23.80 24.16 -104.41
N LEU DD 121 -24.59 23.12 -104.68
CA LEU DD 121 -25.19 22.30 -103.64
C LEU DD 121 -24.58 20.91 -103.65
N SER DD 122 -24.51 20.31 -102.46
CA SER DD 122 -23.93 18.99 -102.31
C SER DD 122 -24.63 18.26 -101.18
N LEU DD 123 -24.35 16.96 -101.07
CA LEU DD 123 -24.97 16.15 -100.02
C LEU DD 123 -24.45 16.49 -98.63
N LYS DD 124 -23.27 17.10 -98.54
CA LYS DD 124 -22.72 17.49 -97.24
C LYS DD 124 -23.12 18.90 -96.84
N LYS DD 125 -23.31 19.80 -97.81
CA LYS DD 125 -23.75 21.17 -97.57
C LYS DD 125 -24.96 21.43 -98.47
N PRO DD 126 -26.16 21.05 -98.04
CA PRO DD 126 -27.32 21.07 -98.94
C PRO DD 126 -27.94 22.44 -99.18
N SER DD 127 -27.61 23.45 -98.39
CA SER DD 127 -28.32 24.72 -98.43
C SER DD 127 -27.40 25.84 -98.91
N ALA DD 128 -28.00 26.82 -99.57
CA ALA DD 128 -27.27 27.99 -100.06
C ALA DD 128 -28.24 29.16 -100.17
N VAL DD 129 -27.67 30.37 -100.20
CA VAL DD 129 -28.44 31.60 -100.29
C VAL DD 129 -27.94 32.38 -101.50
N ILE DD 130 -28.86 32.82 -102.35
CA ILE DD 130 -28.53 33.52 -103.58
C ILE DD 130 -29.28 34.84 -103.64
N ILE DD 131 -28.82 35.73 -104.51
CA ILE DD 131 -29.38 37.07 -104.68
C ILE DD 131 -29.72 37.27 -106.15
N LEU DD 132 -30.94 37.74 -106.42
CA LEU DD 132 -31.36 38.11 -107.76
C LEU DD 132 -31.65 39.60 -107.79
N ASP DD 133 -31.08 40.30 -108.76
CA ASP DD 133 -31.19 41.76 -108.83
C ASP DD 133 -31.66 42.25 -110.19
N ASN DD 134 -31.55 43.56 -110.42
CA ASN DD 134 -32.06 44.17 -111.64
C ASN DD 134 -31.45 43.55 -112.90
N ASP DD 135 -30.18 43.15 -112.83
CA ASP DD 135 -29.53 42.59 -114.01
C ASP DD 135 -30.10 41.23 -114.38
N ASP DD 136 -30.50 40.43 -113.39
CA ASP DD 136 -30.99 39.08 -113.67
C ASP DD 136 -32.36 39.11 -114.33
N TYR DD 137 -33.22 40.05 -113.94
CA TYR DD 137 -34.60 40.08 -114.40
C TYR DD 137 -34.70 40.55 -115.85
N SER DD 138 -34.23 39.71 -116.78
CA SER DD 138 -34.41 39.99 -118.19
C SER DD 138 -35.85 39.71 -118.60
N SER DD 139 -36.28 40.39 -119.67
CA SER DD 139 -37.68 40.48 -120.08
C SER DD 139 -38.56 41.07 -118.99
N THR DD 140 -37.96 41.59 -117.92
CA THR DD 140 -38.59 42.31 -116.83
C THR DD 140 -39.54 41.45 -116.00
N ASN DD 141 -39.68 40.17 -116.34
CA ASN DD 141 -40.71 39.36 -115.69
C ASN DD 141 -40.29 37.96 -115.26
N LYS DD 142 -39.11 37.46 -115.65
CA LYS DD 142 -38.82 36.07 -115.34
C LYS DD 142 -37.32 35.82 -115.20
N ILE DD 143 -37.01 34.78 -114.44
CA ILE DD 143 -35.65 34.27 -114.23
C ILE DD 143 -35.58 32.85 -114.77
N GLN DD 144 -34.48 32.54 -115.46
CA GLN DD 144 -34.23 31.21 -115.98
C GLN DD 144 -32.94 30.68 -115.34
N LEU DD 145 -33.03 29.50 -114.72
CA LEU DD 145 -31.91 28.87 -114.03
C LEU DD 145 -31.86 27.40 -114.40
N LYS DD 146 -30.79 26.99 -115.09
CA LYS DD 146 -30.57 25.57 -115.34
C LYS DD 146 -29.73 24.93 -114.25
N VAL DD 147 -29.80 23.61 -114.17
CA VAL DD 147 -29.18 22.82 -113.12
C VAL DD 147 -28.07 21.98 -113.74
N GLU DD 148 -26.91 21.97 -113.10
CA GLU DD 148 -25.78 21.17 -113.58
C GLU DD 148 -25.39 20.18 -112.49
N ALA DD 149 -25.23 18.91 -112.87
CA ALA DD 149 -25.01 17.83 -111.93
C ALA DD 149 -23.69 17.13 -112.19
N TYR DD 150 -22.98 16.82 -111.10
CA TYR DD 150 -21.80 15.96 -111.10
C TYR DD 150 -22.01 14.87 -110.06
N TYR DD 151 -21.64 13.64 -110.40
CA TYR DD 151 -22.03 12.52 -109.56
C TYR DD 151 -21.05 11.36 -109.72
N GLU DD 152 -21.09 10.47 -108.73
CA GLU DD 152 -20.45 9.16 -108.80
C GLU DD 152 -21.35 8.17 -108.08
N ALA DD 153 -21.74 7.10 -108.77
CA ALA DD 153 -22.68 6.13 -108.24
C ALA DD 153 -21.97 5.11 -107.36
N LYS DD 154 -22.72 4.54 -106.43
CA LYS DD 154 -22.19 3.50 -105.56
C LYS DD 154 -21.90 2.23 -106.36
N GLU DD 155 -20.95 1.45 -105.86
CA GLU DD 155 -20.49 0.25 -106.55
C GLU DD 155 -21.52 -0.87 -106.38
N GLY DD 156 -22.02 -1.39 -107.49
CA GLY DD 156 -22.89 -2.56 -107.46
C GLY DD 156 -24.30 -2.31 -106.98
N MET DD 157 -24.79 -1.07 -107.03
CA MET DD 157 -26.13 -0.73 -106.58
C MET DD 157 -27.03 -0.49 -107.79
N LEU DD 158 -28.17 -1.18 -107.82
CA LEU DD 158 -29.13 -1.05 -108.91
C LEU DD 158 -30.46 -0.57 -108.37
N PHE DD 159 -31.08 0.36 -109.10
CA PHE DD 159 -32.33 0.97 -108.65
C PHE DD 159 -32.98 1.67 -109.84
N ASP DD 160 -34.22 2.12 -109.64
CA ASP DD 160 -34.94 2.87 -110.65
C ASP DD 160 -36.04 3.66 -109.97
N SER DD 161 -36.49 4.71 -110.66
CA SER DD 161 -37.59 5.57 -110.20
C SER DD 161 -37.27 6.20 -108.83
N LEU DD 162 -36.16 6.94 -108.79
CA LEU DD 162 -35.75 7.63 -107.57
C LEU DD 162 -35.82 9.13 -107.78
N PRO DD 163 -36.63 9.86 -107.02
CA PRO DD 163 -36.80 11.29 -107.24
C PRO DD 163 -35.78 12.15 -106.51
N VAL DD 164 -35.51 13.31 -107.10
CA VAL DD 164 -34.66 14.34 -106.50
C VAL DD 164 -35.50 15.60 -106.35
N ILE DD 165 -35.51 16.16 -105.14
CA ILE DD 165 -36.42 17.24 -104.78
C ILE DD 165 -35.62 18.45 -104.33
N LEU DD 166 -36.02 19.63 -104.81
CA LEU DD 166 -35.45 20.90 -104.40
C LEU DD 166 -36.55 21.79 -103.85
N ASN DD 167 -36.21 22.61 -102.86
CA ASN DD 167 -37.18 23.48 -102.18
C ASN DD 167 -36.71 24.92 -102.22
N PHE DD 168 -37.66 25.85 -102.27
CA PHE DD 168 -37.39 27.27 -102.32
C PHE DD 168 -38.12 27.97 -101.18
N GLN DD 169 -37.46 28.95 -100.56
CA GLN DD 169 -38.05 29.76 -99.51
C GLN DD 169 -37.60 31.20 -99.66
N VAL DD 170 -38.54 32.14 -99.51
CA VAL DD 170 -38.28 33.56 -99.65
C VAL DD 170 -37.92 34.13 -98.28
N LEU DD 171 -36.80 34.83 -98.22
CA LEU DD 171 -36.34 35.45 -96.98
C LEU DD 171 -36.64 36.94 -96.92
N SER DD 172 -36.52 37.66 -98.04
CA SER DD 172 -36.79 39.08 -98.08
C SER DD 172 -37.02 39.51 -99.51
N VAL DD 173 -37.95 40.45 -99.71
CA VAL DD 173 -38.24 40.99 -101.03
C VAL DD 173 -38.36 42.51 -100.90
N SER DD 174 -37.96 43.21 -101.96
CA SER DD 174 -38.04 44.67 -101.97
C SER DD 174 -38.25 45.19 -103.39
N THR ED 26 -99.18 69.81 -71.23
CA THR ED 26 -97.82 70.05 -70.76
C THR ED 26 -97.07 68.73 -70.62
N THR ED 27 -96.45 68.28 -71.71
CA THR ED 27 -95.73 67.01 -71.75
C THR ED 27 -94.27 67.27 -72.11
N GLN ED 28 -93.36 66.64 -71.37
CA GLN ED 28 -91.93 66.75 -71.61
C GLN ED 28 -91.44 65.49 -72.31
N SER ED 29 -90.80 65.67 -73.46
CA SER ED 29 -90.37 64.51 -74.24
C SER ED 29 -88.86 64.30 -74.16
N PRO ED 30 -88.41 63.04 -74.14
CA PRO ED 30 -86.96 62.79 -74.12
C PRO ED 30 -86.30 62.86 -75.48
N LEU ED 31 -87.07 62.76 -76.58
CA LEU ED 31 -86.57 62.96 -77.94
C LEU ED 31 -85.51 61.92 -78.31
N ASN ED 32 -85.81 60.65 -78.03
CA ASN ED 32 -84.89 59.56 -78.38
C ASN ED 32 -85.63 58.33 -78.90
N SER ED 33 -86.85 58.50 -79.38
CA SER ED 33 -87.68 57.38 -79.86
C SER ED 33 -87.58 57.23 -81.38
N PHE ED 34 -86.36 56.94 -81.85
CA PHE ED 34 -86.10 56.73 -83.26
C PHE ED 34 -85.15 55.55 -83.43
N TYR ED 35 -85.47 54.67 -84.37
CA TYR ED 35 -84.69 53.46 -84.57
C TYR ED 35 -84.65 53.08 -86.05
N ALA ED 36 -83.65 52.28 -86.40
CA ALA ED 36 -83.51 51.70 -87.73
C ALA ED 36 -82.84 50.34 -87.57
N THR ED 37 -83.25 49.37 -88.40
CA THR ED 37 -82.87 47.98 -88.19
C THR ED 37 -82.38 47.36 -89.49
N GLY ED 38 -81.32 46.54 -89.39
CA GLY ED 38 -80.85 45.72 -90.50
C GLY ED 38 -80.66 44.28 -90.08
N THR ED 39 -80.08 43.45 -90.95
CA THR ED 39 -79.89 42.03 -90.65
C THR ED 39 -78.59 41.54 -91.26
N ALA ED 40 -78.13 40.40 -90.76
CA ALA ED 40 -76.92 39.75 -91.27
C ALA ED 40 -77.01 38.26 -91.01
N GLN ED 41 -76.22 37.49 -91.75
CA GLN ED 41 -76.25 36.04 -91.64
C GLN ED 41 -74.98 35.44 -92.23
N ALA ED 42 -74.74 34.18 -91.88
CA ALA ED 42 -73.65 33.40 -92.45
C ALA ED 42 -74.00 31.93 -92.26
N VAL ED 43 -74.33 31.23 -93.35
CA VAL ED 43 -74.93 29.91 -93.25
C VAL ED 43 -74.19 28.87 -94.10
N GLN ED 44 -72.90 29.06 -94.36
CA GLN ED 44 -72.15 28.06 -95.12
C GLN ED 44 -70.66 28.16 -94.78
N GLU ED 45 -69.97 27.02 -94.96
CA GLU ED 45 -68.54 26.92 -94.71
C GLU ED 45 -67.76 27.49 -95.89
N PRO ED 46 -66.53 27.97 -95.65
CA PRO ED 46 -65.78 28.65 -96.73
C PRO ED 46 -65.54 27.80 -97.96
N ILE ED 47 -65.25 26.50 -97.80
CA ILE ED 47 -64.83 25.67 -98.91
C ILE ED 47 -65.64 24.38 -98.95
N ASP ED 48 -65.63 23.75 -100.12
CA ASP ED 48 -66.22 22.43 -100.32
C ASP ED 48 -65.19 21.59 -101.08
N VAL ED 49 -65.07 20.32 -100.70
CA VAL ED 49 -64.03 19.44 -101.23
C VAL ED 49 -64.67 18.19 -101.83
N GLU ED 50 -64.26 17.83 -103.04
CA GLU ED 50 -64.74 16.63 -103.71
C GLU ED 50 -63.55 15.85 -104.25
N SER ED 51 -63.63 14.52 -104.17
CA SER ED 51 -62.52 13.65 -104.48
C SER ED 51 -62.77 12.86 -105.76
N HIS ED 52 -61.70 12.66 -106.54
CA HIS ED 52 -61.75 11.86 -107.77
C HIS ED 52 -60.51 10.98 -107.89
N LEU ED 53 -60.11 10.34 -106.80
CA LEU ED 53 -58.95 9.46 -106.80
C LEU ED 53 -59.41 8.06 -107.19
N ASP ED 54 -59.30 7.76 -108.49
CA ASP ED 54 -59.81 6.51 -109.06
C ASP ED 54 -58.72 5.72 -109.77
N ASN ED 55 -57.54 5.63 -109.15
CA ASN ED 55 -56.48 4.76 -109.64
C ASN ED 55 -55.90 3.97 -108.48
N THR ED 56 -55.41 2.78 -108.78
CA THR ED 56 -54.94 1.84 -107.78
C THR ED 56 -53.45 1.60 -107.94
N ILE ED 57 -52.70 1.70 -106.83
CA ILE ED 57 -51.30 1.32 -106.80
C ILE ED 57 -51.24 -0.20 -106.74
N ALA ED 58 -50.92 -0.83 -107.86
CA ALA ED 58 -50.94 -2.29 -107.98
C ALA ED 58 -49.62 -2.79 -108.54
N PRO ED 59 -48.56 -2.79 -107.73
CA PRO ED 59 -47.30 -3.40 -108.15
C PRO ED 59 -47.21 -4.84 -107.69
N ALA ED 60 -46.14 -5.51 -108.13
CA ALA ED 60 -45.82 -6.83 -107.61
C ALA ED 60 -45.16 -6.71 -106.24
N ALA ED 61 -45.05 -7.85 -105.55
CA ALA ED 61 -44.48 -7.86 -104.21
C ALA ED 61 -43.01 -7.50 -104.26
N GLY ED 62 -42.62 -6.49 -103.49
CA GLY ED 62 -41.23 -6.08 -103.40
C GLY ED 62 -40.73 -5.22 -104.53
N ALA ED 63 -41.60 -4.73 -105.40
CA ALA ED 63 -41.20 -3.97 -106.57
C ALA ED 63 -41.11 -2.47 -106.26
N GLN ED 64 -40.31 -1.78 -107.05
CA GLN ED 64 -40.18 -0.32 -106.98
C GLN ED 64 -40.89 0.28 -108.17
N GLY ED 65 -41.77 1.25 -107.91
CA GLY ED 65 -42.66 1.72 -108.96
C GLY ED 65 -42.86 3.21 -109.10
N TYR ED 66 -43.86 3.59 -109.90
CA TYR ED 66 -44.13 4.98 -110.27
C TYR ED 66 -45.56 5.07 -110.78
N LYS ED 67 -46.41 5.83 -110.10
CA LYS ED 67 -47.84 5.78 -110.41
C LYS ED 67 -48.48 7.13 -110.11
N ASP ED 68 -49.54 7.44 -110.85
CA ASP ED 68 -50.40 8.58 -110.58
C ASP ED 68 -51.78 8.09 -110.14
N MET ED 69 -52.53 8.94 -109.45
CA MET ED 69 -53.75 8.51 -108.77
C MET ED 69 -55.01 9.18 -109.29
N GLY ED 70 -55.03 10.50 -109.38
CA GLY ED 70 -56.24 11.23 -109.74
C GLY ED 70 -56.09 12.69 -109.35
N TYR ED 71 -57.25 13.34 -109.14
CA TYR ED 71 -57.23 14.76 -108.78
C TYR ED 71 -58.37 15.05 -107.81
N VAL ED 72 -58.24 16.17 -107.11
CA VAL ED 72 -59.19 16.60 -106.09
C VAL ED 72 -59.66 18.01 -106.41
N LYS ED 73 -60.95 18.26 -106.23
CA LYS ED 73 -61.55 19.56 -106.52
C LYS ED 73 -61.88 20.31 -105.24
N ILE ED 74 -61.59 21.61 -105.23
CA ILE ED 74 -61.86 22.49 -104.10
C ILE ED 74 -62.73 23.64 -104.62
N ILE ED 75 -63.78 23.97 -103.87
CA ILE ED 75 -64.73 25.01 -104.27
C ILE ED 75 -64.73 26.10 -103.21
N ASN ED 76 -64.62 27.35 -103.64
CA ASN ED 76 -64.53 28.52 -102.77
C ASN ED 76 -65.73 29.45 -102.97
N TYR ED 77 -66.20 30.03 -101.87
CA TYR ED 77 -67.52 30.66 -101.78
C TYR ED 77 -67.39 32.16 -101.51
N THR ED 78 -68.53 32.78 -101.22
CA THR ED 78 -68.67 34.23 -101.25
C THR ED 78 -67.66 34.94 -100.36
N ASP ED 79 -67.04 36.00 -100.89
CA ASP ED 79 -66.13 36.87 -100.18
C ASP ED 79 -64.88 36.16 -99.69
N VAL ED 80 -64.47 35.10 -100.39
CA VAL ED 80 -63.26 34.33 -100.06
C VAL ED 80 -62.24 34.61 -101.15
N ASN ED 81 -61.02 34.94 -100.74
CA ASN ED 81 -59.94 35.21 -101.69
C ASN ED 81 -58.70 34.37 -101.46
N VAL ED 82 -58.32 34.11 -100.21
CA VAL ED 82 -57.12 33.36 -99.88
C VAL ED 82 -57.47 32.33 -98.81
N VAL ED 83 -57.00 31.10 -99.00
CA VAL ED 83 -57.27 30.00 -98.09
C VAL ED 83 -55.96 29.36 -97.67
N LYS ED 84 -55.81 29.10 -96.38
CA LYS ED 84 -54.67 28.38 -95.82
C LYS ED 84 -55.14 27.00 -95.39
N LEU ED 85 -54.43 25.97 -95.84
CA LEU ED 85 -54.86 24.59 -95.65
C LEU ED 85 -53.74 23.76 -95.04
N LYS ED 86 -54.14 22.69 -94.34
CA LYS ED 86 -53.21 21.71 -93.80
C LYS ED 86 -53.65 20.33 -94.26
N VAL ED 87 -52.73 19.58 -94.86
CA VAL ED 87 -53.01 18.26 -95.42
C VAL ED 87 -52.14 17.23 -94.70
N THR ED 88 -52.75 16.12 -94.30
CA THR ED 88 -52.06 15.10 -93.55
C THR ED 88 -52.53 13.72 -94.01
N LEU ED 89 -51.72 12.70 -93.71
CA LEU ED 89 -52.06 11.31 -93.96
C LEU ED 89 -52.71 10.74 -92.71
N ALA ED 90 -54.00 10.39 -92.80
CA ALA ED 90 -54.75 9.99 -91.63
C ALA ED 90 -54.38 8.60 -91.15
N ASN ED 91 -54.09 7.67 -92.06
CA ASN ED 91 -53.85 6.28 -91.69
C ASN ED 91 -52.42 5.86 -92.02
N ALA ED 92 -51.46 6.71 -91.69
CA ALA ED 92 -50.05 6.39 -91.95
C ALA ED 92 -49.59 5.20 -91.12
N ALA ED 93 -50.10 5.07 -89.90
CA ALA ED 93 -49.70 3.97 -89.02
C ALA ED 93 -50.10 2.62 -89.60
N GLN ED 94 -51.29 2.55 -90.21
CA GLN ED 94 -51.74 1.30 -90.80
C GLN ED 94 -50.91 0.90 -92.00
N LEU ED 95 -50.44 1.87 -92.78
CA LEU ED 95 -49.69 1.60 -94.00
C LEU ED 95 -48.22 1.28 -93.75
N ARG ED 96 -47.72 1.48 -92.53
CA ARG ED 96 -46.30 1.23 -92.27
C ARG ED 96 -45.87 -0.22 -92.51
N PRO ED 97 -46.57 -1.25 -92.03
CA PRO ED 97 -46.09 -2.63 -92.26
C PRO ED 97 -46.10 -3.07 -93.71
N TYR ED 98 -46.74 -2.32 -94.61
CA TYR ED 98 -46.88 -2.72 -96.00
C TYR ED 98 -45.88 -2.06 -96.94
N PHE ED 99 -45.19 -1.02 -96.50
CA PHE ED 99 -44.32 -0.24 -97.38
C PHE ED 99 -43.00 0.08 -96.68
N LYS ED 100 -41.91 0.04 -97.45
CA LYS ED 100 -40.66 0.61 -96.98
C LYS ED 100 -40.68 2.14 -97.04
N TYR ED 101 -41.25 2.69 -98.10
CA TYR ED 101 -41.42 4.14 -98.20
C TYR ED 101 -42.56 4.43 -99.17
N LEU ED 102 -43.18 5.59 -99.00
CA LEU ED 102 -44.28 6.03 -99.84
C LEU ED 102 -44.35 7.54 -99.80
N GLN ED 103 -44.27 8.18 -100.96
CA GLN ED 103 -44.26 9.64 -101.05
C GLN ED 103 -45.35 10.11 -101.98
N LEU ED 104 -46.05 11.17 -101.59
CA LEU ED 104 -47.12 11.77 -102.37
C LEU ED 104 -46.74 13.19 -102.75
N VAL ED 105 -46.94 13.54 -104.01
CA VAL ED 105 -46.60 14.85 -104.55
C VAL ED 105 -47.89 15.53 -105.01
N LEU ED 106 -48.13 16.74 -104.53
CA LEU ED 106 -49.31 17.52 -104.86
C LEU ED 106 -48.90 18.73 -105.69
N THR ED 107 -49.56 18.92 -106.82
CA THR ED 107 -49.27 20.03 -107.71
C THR ED 107 -50.55 20.77 -108.08
N SER ED 108 -50.47 22.10 -108.12
CA SER ED 108 -51.58 22.94 -108.55
C SER ED 108 -51.44 23.18 -110.05
N ASN ED 109 -52.54 22.97 -110.79
CA ASN ED 109 -52.53 22.98 -112.24
C ASN ED 109 -53.71 23.77 -112.80
N ALA ED 110 -54.69 24.11 -111.95
CA ALA ED 110 -55.95 24.68 -112.42
C ALA ED 110 -55.74 25.90 -113.31
N SER ED 111 -54.64 26.64 -113.11
CA SER ED 111 -54.19 27.66 -114.03
C SER ED 111 -53.30 27.02 -115.09
N SER ED 112 -53.72 27.12 -116.36
CA SER ED 112 -52.95 26.51 -117.44
C SER ED 112 -51.60 27.17 -117.62
N THR ED 113 -51.40 28.38 -117.09
CA THR ED 113 -50.12 29.07 -117.23
C THR ED 113 -49.18 28.80 -116.06
N VAL ED 114 -49.71 28.54 -114.86
CA VAL ED 114 -48.90 28.39 -113.66
C VAL ED 114 -49.15 27.00 -113.08
N GLU ED 115 -48.23 26.07 -113.35
CA GLU ED 115 -48.19 24.78 -112.68
C GLU ED 115 -47.20 24.85 -111.53
N GLU ED 116 -47.64 24.45 -110.34
CA GLU ED 116 -46.77 24.49 -109.17
C GLU ED 116 -47.00 23.28 -108.28
N THR ED 117 -45.90 22.65 -107.86
CA THR ED 117 -45.93 21.65 -106.81
C THR ED 117 -45.92 22.33 -105.45
N LYS ED 118 -46.87 21.97 -104.58
CA LYS ED 118 -47.06 22.67 -103.32
C LYS ED 118 -46.52 21.92 -102.11
N ALA ED 119 -46.65 20.59 -102.05
CA ALA ED 119 -46.20 19.86 -100.89
C ALA ED 119 -45.83 18.44 -101.28
N VAL ED 120 -45.00 17.83 -100.43
CA VAL ED 120 -44.61 16.42 -100.57
C VAL ED 120 -44.89 15.75 -99.22
N LEU ED 121 -45.67 14.67 -99.26
CA LEU ED 121 -46.03 13.93 -98.06
C LEU ED 121 -45.35 12.57 -98.05
N SER ED 122 -45.03 12.09 -96.85
CA SER ED 122 -44.35 10.80 -96.69
C SER ED 122 -44.81 10.16 -95.39
N LEU ED 123 -44.43 8.90 -95.21
CA LEU ED 123 -44.81 8.16 -94.02
C LEU ED 123 -44.06 8.66 -92.78
N LYS ED 124 -42.92 9.33 -92.96
CA LYS ED 124 -42.17 9.86 -91.83
C LYS ED 124 -42.57 11.29 -91.49
N LYS ED 125 -42.99 12.08 -92.48
CA LYS ED 125 -43.46 13.44 -92.28
C LYS ED 125 -44.81 13.57 -92.96
N PRO ED 126 -45.89 13.19 -92.28
CA PRO ED 126 -47.20 13.07 -92.95
C PRO ED 126 -47.92 14.38 -93.19
N SER ED 127 -47.52 15.48 -92.57
CA SER ED 127 -48.29 16.72 -92.58
C SER ED 127 -47.53 17.82 -93.33
N ALA ED 128 -48.30 18.71 -93.95
CA ALA ED 128 -47.74 19.85 -94.67
C ALA ED 128 -48.78 20.97 -94.69
N VAL ED 129 -48.29 22.18 -94.93
CA VAL ED 129 -49.13 23.38 -95.00
C VAL ED 129 -48.90 24.06 -96.34
N ILE ED 130 -49.99 24.37 -97.04
CA ILE ED 130 -49.93 24.96 -98.37
C ILE ED 130 -50.74 26.24 -98.40
N ILE ED 131 -50.49 27.06 -99.42
CA ILE ED 131 -51.15 28.34 -99.60
C ILE ED 131 -51.76 28.39 -100.99
N LEU ED 132 -53.03 28.79 -101.07
CA LEU ED 132 -53.72 29.01 -102.33
C LEU ED 132 -54.09 30.48 -102.44
N ASP ED 133 -53.74 31.11 -103.57
CA ASP ED 133 -53.94 32.54 -103.73
C ASP ED 133 -54.67 32.88 -105.03
N ASN ED 134 -54.68 34.17 -105.39
CA ASN ED 134 -55.44 34.63 -106.55
C ASN ED 134 -55.03 33.92 -107.83
N ASP ED 135 -53.74 33.57 -107.97
CA ASP ED 135 -53.28 32.93 -109.19
C ASP ED 135 -53.84 31.51 -109.33
N ASP ED 136 -54.01 30.81 -108.21
CA ASP ED 136 -54.47 29.42 -108.27
C ASP ED 136 -55.93 29.33 -108.68
N TYR ED 137 -56.76 30.26 -108.21
CA TYR ED 137 -58.19 30.20 -108.42
C TYR ED 137 -58.58 30.51 -109.86
N SER ED 138 -58.24 29.61 -110.78
CA SER ED 138 -58.68 29.74 -112.16
C SER ED 138 -60.15 29.37 -112.27
N SER ED 139 -60.81 29.93 -113.29
CA SER ED 139 -62.26 29.91 -113.44
C SER ED 139 -62.96 30.58 -112.27
N THR ED 140 -62.20 31.22 -111.38
CA THR ED 140 -62.68 32.03 -110.25
C THR ED 140 -63.41 31.22 -109.19
N ASN ED 141 -63.55 29.90 -109.39
CA ASN ED 141 -64.39 29.12 -108.49
C ASN ED 141 -63.82 27.79 -108.02
N LYS ED 142 -62.71 27.30 -108.58
CA LYS ED 142 -62.28 25.94 -108.22
C LYS ED 142 -60.77 25.78 -108.33
N ILE ED 143 -60.27 24.83 -107.54
CA ILE ED 143 -58.87 24.40 -107.54
C ILE ED 143 -58.81 22.94 -107.97
N GLN ED 144 -57.85 22.61 -108.82
CA GLN ED 144 -57.61 21.23 -109.26
C GLN ED 144 -56.21 20.82 -108.81
N LEU ED 145 -56.11 19.71 -108.09
CA LEU ED 145 -54.85 19.19 -107.56
C LEU ED 145 -54.79 17.69 -107.81
N LYS ED 146 -53.84 17.25 -108.64
CA LYS ED 146 -53.59 15.84 -108.81
C LYS ED 146 -52.53 15.34 -107.84
N VAL ED 147 -52.52 14.03 -107.63
CA VAL ED 147 -51.66 13.37 -106.65
C VAL ED 147 -50.64 12.52 -107.38
N GLU ED 148 -49.38 12.62 -106.97
CA GLU ED 148 -48.32 11.81 -107.57
C GLU ED 148 -47.69 10.95 -106.50
N ALA ED 149 -47.52 9.66 -106.79
CA ALA ED 149 -47.08 8.68 -105.80
C ALA ED 149 -45.78 8.02 -106.24
N TYR ED 150 -44.87 7.84 -105.28
CA TYR ED 150 -43.68 7.04 -105.43
C TYR ED 150 -43.63 6.04 -104.28
N TYR ED 151 -43.26 4.80 -104.56
CA TYR ED 151 -43.43 3.75 -103.57
C TYR ED 151 -42.43 2.63 -103.81
N GLU ED 152 -42.22 1.83 -102.75
CA GLU ED 152 -41.55 0.54 -102.82
C GLU ED 152 -42.25 -0.41 -101.86
N ALA ED 153 -42.70 -1.55 -102.38
CA ALA ED 153 -43.46 -2.50 -101.60
C ALA ED 153 -42.55 -3.40 -100.78
N LYS ED 154 -43.09 -3.91 -99.68
CA LYS ED 154 -42.36 -4.84 -98.84
C LYS ED 154 -42.15 -6.17 -99.56
N GLU ED 155 -41.07 -6.86 -99.17
CA GLU ED 155 -40.69 -8.11 -99.83
C GLU ED 155 -41.60 -9.24 -99.37
N GLY ED 156 -42.27 -9.89 -100.32
CA GLY ED 156 -43.05 -11.07 -100.03
C GLY ED 156 -44.36 -10.83 -99.32
N MET ED 157 -44.92 -9.63 -99.40
CA MET ED 157 -46.18 -9.30 -98.74
C MET ED 157 -47.28 -9.21 -99.78
N LEU ED 158 -48.37 -9.94 -99.54
CA LEU ED 158 -49.51 -9.96 -100.44
C LEU ED 158 -50.75 -9.48 -99.71
N PHE ED 159 -51.54 -8.66 -100.38
CA PHE ED 159 -52.73 -8.06 -99.78
C PHE ED 159 -53.62 -7.49 -100.88
N ASP ED 160 -54.82 -7.09 -100.49
CA ASP ED 160 -55.76 -6.47 -101.41
C ASP ED 160 -56.76 -5.64 -100.62
N SER ED 161 -57.38 -4.68 -101.30
CA SER ED 161 -58.42 -3.84 -100.71
C SER ED 161 -57.90 -3.07 -99.50
N LEU ED 162 -56.85 -2.28 -99.72
CA LEU ED 162 -56.26 -1.46 -98.67
C LEU ED 162 -56.46 0.01 -99.00
N PRO ED 163 -57.16 0.77 -98.16
CA PRO ED 163 -57.44 2.18 -98.48
C PRO ED 163 -56.35 3.13 -98.02
N VAL ED 164 -56.27 4.24 -98.75
CA VAL ED 164 -55.38 5.36 -98.41
C VAL ED 164 -56.25 6.60 -98.22
N ILE ED 165 -56.07 7.27 -97.08
CA ILE ED 165 -56.97 8.34 -96.65
C ILE ED 165 -56.17 9.62 -96.47
N LEU ED 166 -56.71 10.74 -96.98
CA LEU ED 166 -56.15 12.06 -96.78
C LEU ED 166 -57.19 12.95 -96.12
N ASN ED 167 -56.72 13.88 -95.28
CA ASN ED 167 -57.59 14.77 -94.53
C ASN ED 167 -57.22 16.22 -94.77
N PHE ED 168 -58.23 17.09 -94.73
CA PHE ED 168 -58.04 18.52 -94.95
C PHE ED 168 -58.60 19.30 -93.77
N GLN ED 169 -57.89 20.36 -93.37
CA GLN ED 169 -58.34 21.23 -92.30
C GLN ED 169 -57.99 22.68 -92.66
N VAL ED 170 -58.95 23.57 -92.42
CA VAL ED 170 -58.80 24.99 -92.72
C VAL ED 170 -58.22 25.70 -91.51
N LEU ED 171 -57.15 26.45 -91.72
CA LEU ED 171 -56.52 27.21 -90.64
C LEU ED 171 -56.88 28.69 -90.65
N SER ED 172 -57.01 29.29 -91.84
CA SER ED 172 -57.36 30.70 -91.95
C SER ED 172 -57.86 30.98 -93.35
N VAL ED 173 -58.86 31.85 -93.46
CA VAL ED 173 -59.42 32.26 -94.74
C VAL ED 173 -59.61 33.77 -94.72
N SER ED 174 -59.44 34.38 -95.89
CA SER ED 174 -59.60 35.83 -96.02
C SER ED 174 -60.09 36.20 -97.42
N THR FD 26 -47.67 -58.92 -94.76
CA THR FD 26 -46.28 -58.62 -94.47
C THR FD 26 -45.48 -59.91 -94.34
N THR FD 27 -44.97 -60.40 -95.47
CA THR FD 27 -44.22 -61.66 -95.51
C THR FD 27 -42.82 -61.39 -96.07
N GLN FD 28 -41.81 -61.95 -95.41
CA GLN FD 28 -40.42 -61.80 -95.82
C GLN FD 28 -39.97 -63.09 -96.50
N SER FD 29 -39.47 -62.97 -97.74
CA SER FD 29 -39.11 -64.16 -98.49
C SER FD 29 -37.60 -64.32 -98.58
N PRO FD 30 -37.10 -65.56 -98.54
CA PRO FD 30 -35.65 -65.77 -98.68
C PRO FD 30 -35.16 -65.77 -100.11
N LEU FD 31 -36.04 -65.96 -101.10
CA LEU FD 31 -35.71 -65.83 -102.51
C LEU FD 31 -34.66 -66.87 -102.95
N ASN FD 32 -34.88 -68.13 -102.56
CA ASN FD 32 -33.98 -69.20 -102.96
C ASN FD 32 -34.73 -70.48 -103.30
N SER FD 33 -36.02 -70.38 -103.65
CA SER FD 33 -36.85 -71.54 -103.96
C SER FD 33 -36.92 -71.78 -105.46
N PHE FD 34 -35.75 -72.07 -106.06
CA PHE FD 34 -35.66 -72.36 -107.48
C PHE FD 34 -34.70 -73.52 -107.70
N TYR FD 35 -35.09 -74.47 -108.54
CA TYR FD 35 -34.30 -75.68 -108.77
C TYR FD 35 -34.42 -76.14 -110.20
N ALA FD 36 -33.44 -76.93 -110.63
CA ALA FD 36 -33.44 -77.59 -111.92
C ALA FD 36 -32.71 -78.92 -111.78
N THR FD 37 -33.18 -79.95 -112.48
CA THR FD 37 -32.72 -81.31 -112.25
C THR FD 37 -32.38 -82.01 -113.56
N GLY FD 38 -31.29 -82.78 -113.53
CA GLY FD 38 -30.92 -83.65 -114.63
C GLY FD 38 -30.62 -85.06 -114.16
N THR FD 39 -30.12 -85.92 -115.04
CA THR FD 39 -29.87 -87.31 -114.70
C THR FD 39 -28.62 -87.80 -115.42
N ALA FD 40 -28.05 -88.89 -114.92
CA ALA FD 40 -26.90 -89.54 -115.52
C ALA FD 40 -26.91 -91.02 -115.17
N GLN FD 41 -26.18 -91.82 -115.96
CA GLN FD 41 -26.15 -93.26 -115.75
C GLN FD 41 -24.94 -93.85 -116.45
N ALA FD 42 -24.62 -95.08 -116.06
CA ALA FD 42 -23.57 -95.88 -116.72
C ALA FD 42 -23.84 -97.34 -116.41
N VAL FD 43 -24.28 -98.11 -117.40
CA VAL FD 43 -24.80 -99.44 -117.16
C VAL FD 43 -24.13 -100.51 -118.03
N GLN FD 44 -22.90 -100.30 -118.46
CA GLN FD 44 -22.21 -101.32 -119.23
C GLN FD 44 -20.70 -101.16 -119.08
N GLU FD 45 -19.99 -102.28 -119.27
CA GLU FD 45 -18.54 -102.33 -119.19
C GLU FD 45 -17.92 -101.82 -120.50
N PRO FD 46 -16.69 -101.28 -120.42
CA PRO FD 46 -16.10 -100.66 -121.62
C PRO FD 46 -15.97 -101.57 -122.82
N ILE FD 47 -15.62 -102.85 -122.62
CA ILE FD 47 -15.30 -103.74 -123.73
C ILE FD 47 -16.07 -105.04 -123.59
N ASP FD 48 -16.18 -105.74 -124.71
CA ASP FD 48 -16.73 -107.09 -124.77
C ASP FD 48 -15.79 -107.95 -125.59
N VAL FD 49 -15.58 -109.20 -125.16
CA VAL FD 49 -14.57 -110.07 -125.76
C VAL FD 49 -15.23 -111.37 -126.20
N GLU FD 50 -14.96 -111.80 -127.42
CA GLU FD 50 -15.47 -113.04 -127.97
C GLU FD 50 -14.33 -113.83 -128.60
N SER FD 51 -14.35 -115.15 -128.43
CA SER FD 51 -13.25 -116.02 -128.82
C SER FD 51 -13.63 -116.89 -130.01
N HIS FD 52 -12.66 -117.11 -130.90
CA HIS FD 52 -12.82 -117.98 -132.06
C HIS FD 52 -11.57 -118.83 -132.28
N LEU FD 53 -11.02 -119.38 -131.20
CA LEU FD 53 -9.84 -120.24 -131.30
C LEU FD 53 -10.30 -121.67 -131.55
N ASP FD 54 -10.33 -122.04 -132.83
CA ASP FD 54 -10.86 -123.34 -133.26
C ASP FD 54 -9.83 -124.14 -134.06
N ASN FD 55 -8.59 -124.16 -133.58
CA ASN FD 55 -7.56 -125.02 -134.14
C ASN FD 55 -6.82 -125.73 -133.01
N THR FD 56 -6.32 -126.92 -133.30
CA THR FD 56 -5.70 -127.79 -132.31
C THR FD 56 -4.23 -128.00 -132.63
N ILE FD 57 -3.38 -127.80 -131.63
CA ILE FD 57 -1.96 -128.14 -131.74
C ILE FD 57 -1.85 -129.65 -131.60
N ALA FD 58 -1.64 -130.34 -132.72
CA ALA FD 58 -1.62 -131.81 -132.75
C ALA FD 58 -0.35 -132.30 -133.43
N PRO FD 59 0.79 -132.22 -132.76
CA PRO FD 59 2.01 -132.82 -133.29
C PRO FD 59 2.22 -134.24 -132.75
N ALA FD 60 3.24 -134.90 -133.27
CA ALA FD 60 3.66 -136.17 -132.73
C ALA FD 60 4.47 -135.95 -131.45
N ALA FD 61 4.70 -137.04 -130.72
CA ALA FD 61 5.42 -136.95 -129.46
C ALA FD 61 6.88 -136.56 -129.70
N GLY FD 62 7.32 -135.49 -129.05
CA GLY FD 62 8.69 -135.04 -129.15
C GLY FD 62 9.03 -134.24 -130.38
N ALA FD 63 8.04 -133.83 -131.17
CA ALA FD 63 8.28 -133.13 -132.42
C ALA FD 63 8.35 -131.62 -132.20
N GLN FD 64 9.02 -130.94 -133.13
CA GLN FD 64 9.11 -129.49 -133.16
C GLN FD 64 8.23 -128.98 -134.29
N GLY FD 65 7.37 -128.01 -133.98
CA GLY FD 65 6.35 -127.64 -134.95
C GLY FD 65 6.08 -126.16 -135.14
N TYR FD 66 4.98 -125.87 -135.84
CA TYR FD 66 4.62 -124.51 -136.26
C TYR FD 66 3.14 -124.49 -136.60
N LYS FD 67 2.34 -123.72 -135.87
CA LYS FD 67 0.89 -123.82 -135.99
C LYS FD 67 0.24 -122.48 -135.70
N ASP FD 68 -0.91 -122.25 -136.32
CA ASP FD 68 -1.77 -121.11 -136.02
C ASP FD 68 -3.06 -121.62 -135.39
N MET FD 69 -3.77 -120.74 -134.68
CA MET FD 69 -4.87 -121.15 -133.82
C MET FD 69 -6.22 -120.56 -134.22
N GLY FD 70 -6.28 -119.24 -134.39
CA GLY FD 70 -7.55 -118.58 -134.64
C GLY FD 70 -7.43 -117.09 -134.37
N TYR FD 71 -8.55 -116.46 -134.05
CA TYR FD 71 -8.55 -115.03 -133.78
C TYR FD 71 -9.58 -114.70 -132.70
N VAL FD 72 -9.41 -113.53 -132.09
CA VAL FD 72 -10.25 -113.07 -130.98
C VAL FD 72 -10.79 -111.69 -131.33
N LYS FD 73 -12.06 -111.47 -131.01
CA LYS FD 73 -12.74 -110.22 -131.30
C LYS FD 73 -12.94 -109.39 -130.04
N ILE FD 74 -12.69 -108.09 -130.14
CA ILE FD 74 -12.87 -107.14 -129.04
C ILE FD 74 -13.82 -106.05 -129.51
N ILE FD 75 -14.80 -105.71 -128.68
CA ILE FD 75 -15.82 -104.72 -129.01
C ILE FD 75 -15.73 -103.56 -128.02
N ASN FD 76 -15.72 -102.34 -128.54
CA ASN FD 76 -15.57 -101.12 -127.75
C ASN FD 76 -16.81 -100.25 -127.86
N TYR FD 77 -17.18 -99.61 -126.74
CA TYR FD 77 -18.49 -99.01 -126.54
C TYR FD 77 -18.38 -97.50 -126.37
N THR FD 78 -19.50 -96.89 -125.99
CA THR FD 78 -19.70 -95.44 -126.09
C THR FD 78 -18.60 -94.66 -125.36
N ASP FD 79 -18.10 -93.62 -126.03
CA ASP FD 79 -17.14 -92.67 -125.48
C ASP FD 79 -15.82 -93.33 -125.11
N VAL FD 80 -15.46 -94.41 -125.78
CA VAL FD 80 -14.20 -95.12 -125.57
C VAL FD 80 -13.31 -94.88 -126.77
N ASN FD 81 -12.07 -94.50 -126.54
CA ASN FD 81 -11.12 -94.25 -127.62
C ASN FD 81 -9.83 -95.05 -127.49
N VAL FD 82 -9.30 -95.21 -126.28
CA VAL FD 82 -8.04 -95.91 -126.05
C VAL FD 82 -8.23 -96.87 -124.89
N VAL FD 83 -7.74 -98.10 -125.07
CA VAL FD 83 -7.87 -99.16 -124.06
C VAL FD 83 -6.49 -99.73 -123.77
N LYS FD 84 -6.19 -99.90 -122.49
CA LYS FD 84 -4.96 -100.56 -122.03
C LYS FD 84 -5.32 -101.92 -121.47
N LEU FD 85 -4.64 -102.96 -121.95
CA LEU FD 85 -5.00 -104.33 -121.62
C LEU FD 85 -3.78 -105.09 -121.11
N LYS FD 86 -4.06 -106.12 -120.30
CA LYS FD 86 -3.04 -107.05 -119.82
C LYS FD 86 -3.49 -108.47 -120.15
N VAL FD 87 -2.61 -109.22 -120.80
CA VAL FD 87 -2.91 -110.58 -121.24
C VAL FD 87 -1.93 -111.54 -120.59
N THR FD 88 -2.45 -112.64 -120.04
CA THR FD 88 -1.63 -113.61 -119.33
C THR FD 88 -2.12 -115.01 -119.64
N LEU FD 89 -1.24 -115.98 -119.37
CA LEU FD 89 -1.55 -117.40 -119.51
C LEU FD 89 -2.03 -117.91 -118.15
N ALA FD 90 -3.31 -118.30 -118.08
CA ALA FD 90 -3.91 -118.65 -116.80
C ALA FD 90 -3.42 -120.00 -116.28
N ASN FD 91 -3.22 -120.97 -117.17
CA ASN FD 91 -2.88 -122.32 -116.75
C ASN FD 91 -1.49 -122.73 -117.22
N ALA FD 92 -0.52 -121.82 -117.06
CA ALA FD 92 0.84 -122.13 -117.47
C ALA FD 92 1.44 -123.25 -116.63
N ALA FD 93 1.09 -123.32 -115.34
CA ALA FD 93 1.64 -124.35 -114.48
C ALA FD 93 1.21 -125.74 -114.92
N GLN FD 94 -0.04 -125.88 -115.37
CA GLN FD 94 -0.51 -127.19 -115.82
C GLN FD 94 0.18 -127.63 -117.10
N LEU FD 95 0.53 -126.70 -117.98
CA LEU FD 95 1.13 -127.02 -119.26
C LEU FD 95 2.63 -127.28 -119.18
N ARG FD 96 3.27 -127.00 -118.04
CA ARG FD 96 4.71 -127.19 -117.94
C ARG FD 96 5.16 -128.64 -118.14
N PRO FD 97 4.55 -129.66 -117.52
CA PRO FD 97 5.06 -131.04 -117.71
C PRO FD 97 4.89 -131.56 -119.14
N TYR FD 98 4.12 -130.88 -120.00
CA TYR FD 98 3.84 -131.39 -121.33
C TYR FD 98 4.69 -130.75 -122.42
N PHE FD 99 5.40 -129.66 -122.12
CA PHE FD 99 6.13 -128.93 -123.15
C PHE FD 99 7.51 -128.53 -122.64
N LYS FD 100 8.50 -128.58 -123.53
CA LYS FD 100 9.78 -127.95 -123.25
C LYS FD 100 9.70 -126.44 -123.38
N TYR FD 101 8.99 -125.95 -124.40
CA TYR FD 101 8.75 -124.53 -124.56
C TYR FD 101 7.50 -124.33 -125.41
N LEU FD 102 6.88 -123.17 -125.23
CA LEU FD 102 5.66 -122.82 -125.96
C LEU FD 102 5.54 -121.31 -126.00
N GLN FD 103 5.47 -120.74 -127.20
CA GLN FD 103 5.42 -119.30 -127.38
C GLN FD 103 4.20 -118.91 -128.20
N LEU FD 104 3.52 -117.84 -127.78
CA LEU FD 104 2.34 -117.33 -128.46
C LEU FD 104 2.62 -115.93 -128.96
N VAL FD 105 2.27 -115.66 -130.21
CA VAL FD 105 2.49 -114.37 -130.86
C VAL FD 105 1.15 -113.77 -131.21
N LEU FD 106 0.92 -112.53 -130.77
CA LEU FD 106 -0.32 -111.81 -131.00
C LEU FD 106 -0.06 -110.65 -131.95
N THR FD 107 -0.85 -110.53 -133.00
CA THR FD 107 -0.71 -109.48 -133.98
C THR FD 107 -2.05 -108.80 -134.23
N SER FD 108 -2.02 -107.47 -134.35
CA SER FD 108 -3.21 -106.69 -134.70
C SER FD 108 -3.25 -106.54 -136.22
N ASN FD 109 -4.42 -106.82 -136.81
CA ASN FD 109 -4.58 -106.91 -138.25
C ASN FD 109 -5.84 -106.18 -138.71
N ALA FD 110 -6.73 -105.82 -137.77
CA ALA FD 110 -8.06 -105.32 -138.12
C ALA FD 110 -7.99 -104.14 -139.09
N SER FD 111 -6.90 -103.38 -139.07
CA SER FD 111 -6.60 -102.39 -140.11
C SER FD 111 -5.82 -103.07 -141.22
N SER FD 112 -6.39 -103.06 -142.42
CA SER FD 112 -5.74 -103.71 -143.55
C SER FD 112 -4.44 -103.04 -143.95
N THR FD 113 -4.21 -101.80 -143.51
CA THR FD 113 -2.99 -101.07 -143.84
C THR FD 113 -1.91 -101.24 -142.78
N VAL FD 114 -2.29 -101.44 -141.52
CA VAL FD 114 -1.34 -101.49 -140.41
C VAL FD 114 -1.47 -102.85 -139.73
N GLU FD 115 -0.55 -103.77 -140.05
CA GLU FD 115 -0.39 -105.02 -139.31
C GLU FD 115 0.73 -104.85 -138.29
N GLU FD 116 0.45 -105.18 -137.04
CA GLU FD 116 1.45 -105.04 -135.98
C GLU FD 116 1.37 -106.21 -135.00
N THR FD 117 2.53 -106.77 -134.68
CA THR FD 117 2.65 -107.72 -133.58
C THR FD 117 2.80 -106.94 -132.28
N LYS FD 118 1.98 -107.28 -131.29
CA LYS FD 118 1.90 -106.51 -130.04
C LYS FD 118 2.61 -107.17 -128.87
N ALA FD 119 2.54 -108.49 -128.73
CA ALA FD 119 3.14 -109.14 -127.57
C ALA FD 119 3.53 -110.57 -127.92
N VAL FD 120 4.47 -111.11 -127.15
CA VAL FD 120 4.88 -112.50 -127.24
C VAL FD 120 4.79 -113.10 -125.85
N LEU FD 121 4.05 -114.20 -125.72
CA LEU FD 121 3.86 -114.87 -124.45
C LEU FD 121 4.59 -116.21 -124.44
N SER FD 122 5.06 -116.61 -123.27
CA SER FD 122 5.79 -117.86 -123.12
C SER FD 122 5.52 -118.43 -121.73
N LEU FD 123 5.96 -119.68 -121.53
CA LEU FD 123 5.75 -120.34 -120.25
C LEU FD 123 6.62 -119.75 -119.14
N LYS FD 124 7.70 -119.07 -119.49
CA LYS FD 124 8.57 -118.44 -118.49
C LYS FD 124 8.16 -117.01 -118.20
N LYS FD 125 7.61 -116.30 -119.17
CA LYS FD 125 7.10 -114.93 -118.99
C LYS FD 125 5.69 -114.89 -119.52
N PRO FD 126 4.70 -115.25 -118.69
CA PRO FD 126 3.33 -115.45 -119.20
C PRO FD 126 2.54 -114.17 -119.42
N SER FD 127 2.98 -113.02 -118.91
CA SER FD 127 2.16 -111.81 -118.91
C SER FD 127 2.79 -110.75 -119.80
N ALA FD 128 1.92 -109.91 -120.39
CA ALA FD 128 2.35 -108.80 -121.23
C ALA FD 128 1.28 -107.72 -121.20
N VAL FD 129 1.69 -106.50 -121.56
CA VAL FD 129 0.81 -105.34 -121.59
C VAL FD 129 0.86 -104.74 -122.99
N ILE FD 130 -0.32 -104.51 -123.57
CA ILE FD 130 -0.43 -104.00 -124.93
C ILE FD 130 -1.29 -102.74 -124.93
N ILE FD 131 -1.19 -101.99 -126.03
CA ILE FD 131 -1.91 -100.73 -126.20
C ILE FD 131 -2.68 -100.78 -127.52
N LEU FD 132 -3.96 -100.43 -127.46
CA LEU FD 132 -4.80 -100.31 -128.64
C LEU FD 132 -5.23 -98.85 -128.79
N ASP FD 133 -5.04 -98.30 -129.98
CA ASP FD 133 -5.31 -96.88 -130.21
C ASP FD 133 -6.20 -96.63 -131.43
N ASN FD 134 -6.30 -95.37 -131.86
CA ASN FD 134 -7.20 -95.01 -132.94
C ASN FD 134 -6.92 -95.78 -134.22
N ASP FD 135 -5.65 -96.10 -134.49
CA ASP FD 135 -5.32 -96.81 -135.72
C ASP FD 135 -5.83 -98.24 -135.71
N ASP FD 136 -5.85 -98.89 -134.54
CA ASP FD 136 -6.26 -100.29 -134.47
C ASP FD 136 -7.75 -100.44 -134.70
N TYR FD 137 -8.56 -99.50 -134.17
CA TYR FD 137 -10.01 -99.62 -134.21
C TYR FD 137 -10.57 -99.41 -135.61
N SER FD 138 -10.31 -100.35 -136.51
CA SER FD 138 -10.91 -100.32 -137.83
C SER FD 138 -12.37 -100.74 -137.74
N SER FD 139 -13.17 -100.27 -138.71
CA SER FD 139 -14.62 -100.33 -138.69
C SER FD 139 -15.21 -99.61 -137.47
N THR FD 140 -14.37 -98.90 -136.72
CA THR FD 140 -14.73 -98.03 -135.60
C THR FD 140 -15.30 -98.80 -134.41
N ASN FD 141 -15.41 -100.13 -134.50
CA ASN FD 141 -16.12 -100.88 -133.47
C ASN FD 141 -15.45 -102.17 -133.00
N LYS FD 142 -14.40 -102.66 -133.65
CA LYS FD 142 -13.89 -103.97 -133.26
C LYS FD 142 -12.40 -104.09 -133.55
N ILE FD 143 -11.77 -104.98 -132.77
CA ILE FD 143 -10.37 -105.37 -132.92
C ILE FD 143 -10.31 -106.85 -133.26
N GLN FD 144 -9.45 -107.21 -134.21
CA GLN FD 144 -9.20 -108.60 -134.58
C GLN FD 144 -7.75 -108.95 -134.29
N LEU FD 145 -7.54 -110.01 -133.52
CA LEU FD 145 -6.20 -110.46 -133.11
C LEU FD 145 -6.12 -111.97 -133.29
N LYS FD 146 -5.26 -112.43 -134.19
CA LYS FD 146 -4.98 -113.84 -134.31
C LYS FD 146 -3.79 -114.26 -133.44
N VAL FD 147 -3.71 -115.55 -133.16
CA VAL FD 147 -2.72 -116.12 -132.25
C VAL FD 147 -1.77 -116.99 -133.06
N GLU FD 148 -0.47 -116.84 -132.80
CA GLU FD 148 0.54 -117.64 -133.48
C GLU FD 148 1.32 -118.41 -132.44
N ALA FD 149 1.50 -119.71 -132.68
CA ALA FD 149 2.08 -120.62 -131.70
C ALA FD 149 3.34 -121.28 -132.24
N TYR FD 150 4.37 -121.36 -131.38
CA TYR FD 150 5.56 -122.15 -131.63
C TYR FD 150 5.78 -123.06 -130.43
N TYR FD 151 6.16 -124.31 -130.69
CA TYR FD 151 6.15 -125.31 -129.62
C TYR FD 151 7.15 -126.41 -129.91
N GLU FD 152 7.50 -127.13 -128.85
CA GLU FD 152 8.21 -128.40 -128.92
C GLU FD 152 7.66 -129.31 -127.83
N ALA FD 153 7.20 -130.50 -128.23
CA ALA FD 153 6.56 -131.41 -127.30
C ALA FD 153 7.59 -132.24 -126.55
N LYS FD 154 7.20 -132.69 -125.35
CA LYS FD 154 8.07 -133.55 -124.56
C LYS FD 154 8.24 -134.91 -125.22
N GLU FD 155 9.38 -135.55 -124.93
CA GLU FD 155 9.72 -136.82 -125.55
C GLU FD 155 8.90 -137.94 -124.92
N GLY FD 156 8.16 -138.68 -125.75
CA GLY FD 156 7.46 -139.86 -125.29
C GLY FD 156 6.23 -139.61 -124.45
N MET FD 157 5.62 -138.43 -124.53
CA MET FD 157 4.45 -138.10 -123.74
C MET FD 157 3.22 -138.10 -124.65
N LEU FD 158 2.19 -138.84 -124.24
CA LEU FD 158 0.95 -138.96 -125.00
C LEU FD 158 -0.21 -138.46 -124.15
N PHE FD 159 -1.10 -137.70 -124.77
CA PHE FD 159 -2.22 -137.10 -124.06
C PHE FD 159 -3.26 -136.63 -125.08
N ASP FD 160 -4.42 -136.23 -124.57
CA ASP FD 160 -5.48 -135.70 -125.41
C ASP FD 160 -6.41 -134.86 -124.55
N SER FD 161 -7.15 -133.96 -125.21
CA SER FD 161 -8.14 -133.10 -124.56
C SER FD 161 -7.50 -132.25 -123.47
N LEU FD 162 -6.51 -131.45 -123.85
CA LEU FD 162 -5.82 -130.55 -122.93
C LEU FD 162 -6.13 -129.11 -123.31
N PRO FD 163 -6.74 -128.31 -122.44
CA PRO FD 163 -7.11 -126.95 -122.80
C PRO FD 163 -6.01 -125.93 -122.54
N VAL FD 164 -6.04 -124.86 -123.34
CA VAL FD 164 -5.17 -123.70 -123.17
C VAL FD 164 -6.04 -122.49 -122.95
N ILE FD 165 -5.76 -121.73 -121.89
CA ILE FD 165 -6.64 -120.66 -121.42
C ILE FD 165 -5.87 -119.35 -121.41
N LEU FD 166 -6.50 -118.30 -121.91
CA LEU FD 166 -5.96 -116.94 -121.86
C LEU FD 166 -6.95 -116.04 -121.13
N ASN FD 167 -6.42 -115.05 -120.42
CA ASN FD 167 -7.23 -114.15 -119.60
C ASN FD 167 -6.95 -112.70 -119.98
N PHE FD 168 -7.96 -111.85 -119.87
CA PHE FD 168 -7.86 -110.43 -120.19
C PHE FD 168 -8.29 -109.60 -119.00
N GLN FD 169 -7.59 -108.50 -118.75
CA GLN FD 169 -7.93 -107.56 -117.70
C GLN FD 169 -7.68 -106.14 -118.17
N VAL FD 170 -8.63 -105.26 -117.87
CA VAL FD 170 -8.58 -103.86 -118.28
C VAL FD 170 -7.88 -103.06 -117.18
N LEU FD 171 -6.86 -102.29 -117.55
CA LEU FD 171 -6.14 -101.45 -116.61
C LEU FD 171 -6.56 -99.99 -116.67
N SER FD 172 -6.85 -99.46 -117.86
CA SER FD 172 -7.25 -98.07 -118.01
C SER FD 172 -7.93 -97.90 -119.36
N VAL FD 173 -8.96 -97.06 -119.40
CA VAL FD 173 -9.67 -96.75 -120.62
C VAL FD 173 -9.91 -95.24 -120.67
N SER FD 174 -9.91 -94.70 -121.89
CA SER FD 174 -10.13 -93.28 -122.09
C SER FD 174 -10.80 -93.01 -123.42
N THR GD 26 -61.93 -66.88 -78.09
CA THR GD 26 -60.52 -66.50 -78.08
C THR GD 26 -59.64 -67.74 -78.00
N THR GD 27 -59.30 -68.32 -79.14
CA THR GD 27 -58.51 -69.53 -79.22
C THR GD 27 -57.25 -69.26 -80.04
N GLN GD 28 -56.11 -69.72 -79.53
CA GLN GD 28 -54.83 -69.56 -80.21
C GLN GD 28 -54.44 -70.89 -80.85
N SER GD 29 -54.17 -70.87 -82.15
CA SER GD 29 -53.89 -72.10 -82.86
C SER GD 29 -52.41 -72.22 -83.20
N PRO GD 30 -51.85 -73.43 -83.15
CA PRO GD 30 -50.43 -73.60 -83.52
C PRO GD 30 -50.20 -73.72 -85.03
N LEU GD 31 -51.24 -74.03 -85.80
CA LEU GD 31 -51.18 -74.04 -87.27
C LEU GD 31 -50.17 -75.06 -87.79
N ASN GD 32 -50.25 -76.29 -87.26
CA ASN GD 32 -49.37 -77.36 -87.72
C ASN GD 32 -50.10 -78.69 -87.82
N SER GD 33 -51.43 -78.67 -87.92
CA SER GD 33 -52.23 -79.89 -87.97
C SER GD 33 -52.55 -80.28 -89.42
N PHE GD 34 -51.51 -80.58 -90.19
CA PHE GD 34 -51.66 -81.00 -91.57
C PHE GD 34 -50.69 -82.14 -91.85
N TYR GD 35 -51.17 -83.19 -92.53
CA TYR GD 35 -50.36 -84.37 -92.78
C TYR GD 35 -50.71 -84.98 -94.13
N ALA GD 36 -49.78 -85.77 -94.66
CA ALA GD 36 -49.97 -86.55 -95.87
C ALA GD 36 -49.16 -87.83 -95.74
N THR GD 37 -49.69 -88.93 -96.26
CA THR GD 37 -49.13 -90.25 -96.00
C THR GD 37 -48.98 -91.05 -97.28
N GLY GD 38 -47.86 -91.77 -97.39
CA GLY GD 38 -47.65 -92.73 -98.46
C GLY GD 38 -47.19 -94.08 -97.92
N THR GD 39 -46.81 -95.00 -98.80
CA THR GD 39 -46.42 -96.34 -98.38
C THR GD 39 -45.29 -96.85 -99.28
N ALA GD 40 -44.59 -97.87 -98.79
CA ALA GD 40 -43.53 -98.52 -99.54
C ALA GD 40 -43.39 -99.96 -99.07
N GLN GD 41 -42.77 -100.79 -99.91
CA GLN GD 41 -42.62 -102.21 -99.58
C GLN GD 41 -41.53 -102.82 -100.44
N ALA GD 42 -41.07 -104.00 -100.01
CA ALA GD 42 -40.11 -104.80 -100.77
C ALA GD 42 -40.24 -106.24 -100.29
N VAL GD 43 -40.81 -107.12 -101.12
CA VAL GD 43 -41.21 -108.44 -100.66
C VAL GD 43 -40.65 -109.56 -101.55
N GLN GD 44 -39.52 -109.34 -102.21
CA GLN GD 44 -38.92 -110.41 -103.01
C GLN GD 44 -37.43 -110.17 -103.15
N GLU GD 45 -36.70 -111.28 -103.36
CA GLU GD 45 -35.26 -111.26 -103.55
C GLU GD 45 -34.90 -110.85 -104.99
N PRO GD 46 -33.72 -110.28 -105.20
CA PRO GD 46 -33.39 -109.74 -106.52
C PRO GD 46 -33.43 -110.76 -107.65
N ILE GD 47 -32.98 -111.99 -107.40
CA ILE GD 47 -32.81 -112.97 -108.47
C ILE GD 47 -33.47 -114.29 -108.08
N ASP GD 48 -33.74 -115.11 -109.10
CA ASP GD 48 -34.22 -116.47 -108.93
C ASP GD 48 -33.39 -117.36 -109.83
N VAL GD 49 -33.03 -118.55 -109.35
CA VAL GD 49 -32.10 -119.45 -110.03
C VAL GD 49 -32.75 -120.80 -110.22
N GLU GD 50 -32.68 -121.34 -111.45
CA GLU GD 50 -33.22 -122.64 -111.76
C GLU GD 50 -32.16 -123.44 -112.53
N SER GD 51 -32.09 -124.74 -112.25
CA SER GD 51 -31.01 -125.60 -112.75
C SER GD 51 -31.55 -126.59 -113.77
N HIS GD 52 -30.75 -126.86 -114.80
CA HIS GD 52 -31.07 -127.85 -115.83
C HIS GD 52 -29.83 -128.66 -116.20
N LEU GD 53 -29.07 -129.09 -115.20
CA LEU GD 53 -27.87 -129.91 -115.43
C LEU GD 53 -28.29 -131.37 -115.47
N ASP GD 54 -28.53 -131.87 -116.69
CA ASP GD 54 -29.06 -133.21 -116.90
C ASP GD 54 -28.14 -134.04 -117.79
N ASN GD 55 -26.84 -133.98 -117.55
CA ASN GD 55 -25.88 -134.85 -118.21
C ASN GD 55 -24.91 -135.41 -117.18
N THR GD 56 -24.40 -136.61 -117.46
CA THR GD 56 -23.57 -137.35 -116.52
C THR GD 56 -22.17 -137.52 -117.09
N ILE GD 57 -21.16 -137.20 -116.29
CA ILE GD 57 -19.77 -137.49 -116.62
C ILE GD 57 -19.55 -138.97 -116.37
N ALA GD 58 -19.50 -139.77 -117.44
CA ALA GD 58 -19.41 -141.23 -117.34
C ALA GD 58 -18.26 -141.73 -118.21
N PRO GD 59 -17.02 -141.55 -117.76
CA PRO GD 59 -15.89 -142.14 -118.46
C PRO GD 59 -15.51 -143.50 -117.84
N ALA GD 60 -14.56 -144.16 -118.49
CA ALA GD 60 -13.97 -145.36 -117.91
C ALA GD 60 -12.96 -144.98 -116.84
N ALA GD 61 -12.54 -145.98 -116.07
CA ALA GD 61 -11.61 -145.75 -114.97
C ALA GD 61 -10.25 -145.32 -115.51
N GLY GD 62 -9.77 -144.17 -115.05
CA GLY GD 62 -8.45 -143.69 -115.45
C GLY GD 62 -8.39 -143.00 -116.78
N ALA GD 63 -9.53 -142.71 -117.40
CA ALA GD 63 -9.56 -142.12 -118.74
C ALA GD 63 -9.53 -140.59 -118.66
N GLN GD 64 -9.08 -139.98 -119.76
CA GLN GD 64 -9.08 -138.54 -119.93
C GLN GD 64 -10.17 -138.17 -120.92
N GLY GD 65 -11.02 -137.21 -120.55
CA GLY GD 65 -12.22 -136.98 -121.33
C GLY GD 65 -12.60 -135.53 -121.60
N TYR GD 66 -13.82 -135.35 -122.11
CA TYR GD 66 -14.32 -134.07 -122.57
C TYR GD 66 -15.85 -134.13 -122.64
N LYS GD 67 -16.54 -133.32 -121.84
CA LYS GD 67 -17.98 -133.51 -121.68
C LYS GD 67 -18.64 -132.16 -121.40
N ASP GD 68 -19.89 -132.03 -121.83
CA ASP GD 68 -20.75 -130.90 -121.47
C ASP GD 68 -21.88 -131.40 -120.57
N MET GD 69 -22.49 -130.48 -119.81
CA MET GD 69 -23.40 -130.86 -118.73
C MET GD 69 -24.82 -130.36 -118.93
N GLY GD 70 -25.00 -129.07 -119.20
CA GLY GD 70 -26.33 -128.49 -119.27
C GLY GD 70 -26.22 -126.97 -119.16
N TYR GD 71 -27.32 -126.36 -118.69
CA TYR GD 71 -27.35 -124.91 -118.55
C TYR GD 71 -28.18 -124.53 -117.34
N VAL GD 72 -27.97 -123.29 -116.87
CA VAL GD 72 -28.62 -122.76 -115.68
C VAL GD 72 -29.29 -121.44 -116.03
N LYS GD 73 -30.51 -121.24 -115.51
CA LYS GD 73 -31.29 -120.05 -115.78
C LYS GD 73 -31.31 -119.11 -114.58
N ILE GD 74 -31.16 -117.82 -114.84
CA ILE GD 74 -31.19 -116.78 -113.82
C ILE GD 74 -32.27 -115.77 -114.19
N ILE GD 75 -33.10 -115.39 -113.23
CA ILE GD 75 -34.21 -114.48 -113.45
C ILE GD 75 -34.01 -113.24 -112.61
N ASN GD 76 -34.16 -112.06 -113.22
CA ASN GD 76 -33.94 -110.77 -112.58
C ASN GD 76 -35.23 -109.96 -112.54
N TYR GD 77 -35.43 -109.23 -111.44
CA TYR GD 77 -36.71 -108.67 -111.05
C TYR GD 77 -36.66 -107.14 -111.04
N THR GD 78 -37.73 -106.55 -110.50
CA THR GD 78 -38.02 -105.13 -110.69
C THR GD 78 -36.86 -104.24 -110.25
N ASP GD 79 -36.55 -103.25 -111.09
CA ASP GD 79 -35.56 -102.21 -110.82
C ASP GD 79 -34.15 -102.78 -110.63
N VAL GD 80 -33.86 -103.91 -111.27
CA VAL GD 80 -32.54 -104.54 -111.22
C VAL GD 80 -31.90 -104.39 -112.59
N ASN GD 81 -30.66 -103.92 -112.62
CA ASN GD 81 -29.93 -103.75 -113.87
C ASN GD 81 -28.60 -104.49 -113.92
N VAL GD 82 -27.85 -104.50 -112.82
CA VAL GD 82 -26.54 -105.13 -112.77
C VAL GD 82 -26.46 -105.99 -111.52
N VAL GD 83 -25.94 -107.21 -111.67
CA VAL GD 83 -25.82 -108.16 -110.57
C VAL GD 83 -24.39 -108.65 -110.49
N LYS GD 84 -23.85 -108.68 -109.27
CA LYS GD 84 -22.54 -109.24 -108.99
C LYS GD 84 -22.71 -110.55 -108.25
N LEU GD 85 -22.07 -111.61 -108.75
CA LEU GD 85 -22.28 -112.95 -108.25
C LEU GD 85 -20.95 -113.62 -107.90
N LYS GD 86 -21.02 -114.57 -106.98
CA LYS GD 86 -19.88 -115.41 -106.61
C LYS GD 86 -20.30 -116.87 -106.71
N VAL GD 87 -19.52 -117.65 -107.46
CA VAL GD 87 -19.81 -119.05 -107.71
C VAL GD 87 -18.67 -119.90 -107.17
N THR GD 88 -19.03 -120.96 -106.44
CA THR GD 88 -18.04 -121.83 -105.80
C THR GD 88 -18.49 -123.28 -105.91
N LEU GD 89 -17.52 -124.18 -105.72
CA LEU GD 89 -17.78 -125.61 -105.67
C LEU GD 89 -17.98 -126.00 -104.20
N ALA GD 90 -19.19 -126.44 -103.87
CA ALA GD 90 -19.53 -126.68 -102.47
C ALA GD 90 -18.89 -127.96 -101.93
N ASN GD 91 -18.79 -129.00 -102.76
CA ASN GD 91 -18.32 -130.30 -102.29
C ASN GD 91 -17.01 -130.70 -102.97
N ALA GD 92 -16.08 -129.74 -103.07
CA ALA GD 92 -14.79 -130.02 -103.70
C ALA GD 92 -13.98 -131.04 -102.89
N ALA GD 93 -14.11 -130.99 -101.55
CA ALA GD 93 -13.35 -131.91 -100.71
C ALA GD 93 -13.77 -133.36 -100.94
N GLN GD 94 -15.06 -133.60 -101.15
CA GLN GD 94 -15.55 -134.96 -101.39
C GLN GD 94 -15.06 -135.50 -102.74
N LEU GD 95 -14.93 -134.63 -103.73
CA LEU GD 95 -14.56 -135.05 -105.08
C LEU GD 95 -13.05 -135.26 -105.25
N ARG GD 96 -12.25 -134.83 -104.28
CA ARG GD 96 -10.79 -134.96 -104.42
C ARG GD 96 -10.30 -136.40 -104.57
N PRO GD 97 -10.74 -137.38 -103.77
CA PRO GD 97 -10.20 -138.74 -103.93
C PRO GD 97 -10.59 -139.41 -105.25
N TYR GD 98 -11.53 -138.84 -106.01
CA TYR GD 98 -12.02 -139.49 -107.21
C TYR GD 98 -11.41 -138.93 -108.49
N PHE GD 99 -10.73 -137.79 -108.44
CA PHE GD 99 -10.24 -137.13 -109.63
C PHE GD 99 -8.81 -136.62 -109.42
N LYS GD 100 -8.00 -136.72 -110.47
CA LYS GD 100 -6.73 -136.02 -110.49
C LYS GD 100 -6.92 -134.53 -110.74
N TYR GD 101 -7.82 -134.18 -111.65
CA TYR GD 101 -8.17 -132.78 -111.89
C TYR GD 101 -9.55 -132.71 -112.50
N LEU GD 102 -10.21 -131.57 -112.31
CA LEU GD 102 -11.55 -131.34 -112.84
C LEU GD 102 -11.76 -129.85 -112.98
N GLN GD 103 -12.08 -129.40 -114.19
CA GLN GD 103 -12.24 -127.99 -114.49
C GLN GD 103 -13.60 -127.73 -115.10
N LEU GD 104 -14.25 -126.66 -114.66
CA LEU GD 104 -15.56 -126.26 -115.15
C LEU GD 104 -15.45 -124.89 -115.82
N VAL GD 105 -16.05 -124.77 -117.00
CA VAL GD 105 -16.02 -123.55 -117.79
C VAL GD 105 -17.44 -123.03 -117.94
N LEU GD 106 -17.65 -121.76 -117.57
CA LEU GD 106 -18.95 -121.12 -117.63
C LEU GD 106 -18.92 -120.04 -118.71
N THR GD 107 -19.91 -120.07 -119.61
CA THR GD 107 -19.99 -119.10 -120.70
C THR GD 107 -21.40 -118.50 -120.75
N SER GD 108 -21.47 -117.19 -120.98
CA SER GD 108 -22.74 -116.51 -121.18
C SER GD 108 -23.05 -116.50 -122.67
N ASN GD 109 -24.30 -116.88 -123.00
CA ASN GD 109 -24.71 -117.12 -124.38
C ASN GD 109 -26.07 -116.48 -124.66
N ALA GD 110 -26.79 -116.07 -123.61
CA ALA GD 110 -28.19 -115.65 -123.75
C ALA GD 110 -28.37 -114.57 -124.82
N SER GD 111 -27.34 -113.77 -125.07
CA SER GD 111 -27.29 -112.88 -126.23
C SER GD 111 -26.68 -113.63 -127.40
N SER GD 112 -27.45 -113.76 -128.47
CA SER GD 112 -26.99 -114.49 -129.64
C SER GD 112 -25.81 -113.81 -130.32
N THR GD 113 -25.59 -112.52 -130.05
CA THR GD 113 -24.48 -111.79 -130.65
C THR GD 113 -23.22 -111.80 -129.80
N VAL GD 114 -23.35 -111.90 -128.48
CA VAL GD 114 -22.22 -111.81 -127.56
C VAL GD 114 -22.15 -113.10 -126.76
N GLU GD 115 -21.26 -114.00 -127.15
CA GLU GD 115 -20.89 -115.17 -126.36
C GLU GD 115 -19.62 -114.85 -125.58
N GLU GD 116 -19.64 -115.08 -124.27
CA GLU GD 116 -18.49 -114.80 -123.43
C GLU GD 116 -18.32 -115.87 -122.36
N THR GD 117 -17.10 -116.35 -122.21
CA THR GD 117 -16.72 -117.17 -121.06
C THR GD 117 -16.39 -116.28 -119.88
N LYS GD 118 -17.00 -116.55 -118.74
CA LYS GD 118 -16.88 -115.67 -117.58
C LYS GD 118 -15.95 -116.17 -116.50
N ALA GD 119 -15.92 -117.48 -116.22
CA ALA GD 119 -15.08 -117.99 -115.15
C ALA GD 119 -14.70 -119.44 -115.44
N VAL GD 120 -13.60 -119.86 -114.81
CA VAL GD 120 -13.13 -121.24 -114.85
C VAL GD 120 -12.93 -121.70 -113.41
N LEU GD 121 -13.57 -122.82 -113.06
CA LEU GD 121 -13.49 -123.36 -111.71
C LEU GD 121 -12.70 -124.66 -111.73
N SER GD 122 -12.00 -124.93 -110.63
CA SER GD 122 -11.18 -126.12 -110.51
C SER GD 122 -11.18 -126.58 -109.06
N LEU GD 123 -10.64 -127.78 -108.83
CA LEU GD 123 -10.57 -128.32 -107.48
C LEU GD 123 -9.55 -127.59 -106.61
N LYS GD 124 -8.59 -126.91 -107.21
CA LYS GD 124 -7.60 -126.15 -106.44
C LYS GD 124 -8.03 -124.72 -106.20
N LYS GD 125 -8.79 -124.12 -107.12
CA LYS GD 125 -9.32 -122.76 -106.97
C LYS GD 125 -10.81 -122.83 -107.23
N PRO GD 126 -11.61 -123.15 -106.20
CA PRO GD 126 -13.04 -123.45 -106.43
C PRO GD 126 -13.93 -122.23 -106.62
N SER GD 127 -13.48 -121.03 -106.30
CA SER GD 127 -14.33 -119.86 -106.26
C SER GD 127 -13.94 -118.86 -107.34
N ALA GD 128 -14.94 -118.12 -107.82
CA ALA GD 128 -14.74 -117.09 -108.82
C ALA GD 128 -15.84 -116.04 -108.70
N VAL GD 129 -15.57 -114.84 -109.23
CA VAL GD 129 -16.51 -113.73 -109.20
C VAL GD 129 -16.74 -113.27 -110.63
N ILE GD 130 -18.02 -113.13 -111.01
CA ILE GD 130 -18.41 -112.76 -112.36
C ILE GD 130 -19.33 -111.55 -112.32
N ILE GD 131 -19.47 -110.90 -113.47
CA ILE GD 131 -20.27 -109.69 -113.62
C ILE GD 131 -21.26 -109.91 -114.75
N LEU GD 132 -22.53 -109.61 -114.50
CA LEU GD 132 -23.57 -109.62 -115.52
C LEU GD 132 -24.11 -108.21 -115.71
N ASP GD 133 -24.17 -107.76 -116.95
CA ASP GD 133 -24.54 -106.39 -117.26
C ASP GD 133 -25.66 -106.30 -118.31
N ASN GD 134 -25.90 -105.10 -118.82
CA ASN GD 134 -27.01 -104.86 -119.74
C ASN GD 134 -26.91 -105.75 -120.98
N ASP GD 135 -25.70 -106.04 -121.45
CA ASP GD 135 -25.55 -106.85 -122.66
C ASP GD 135 -25.97 -108.30 -122.42
N ASP GD 136 -25.74 -108.82 -121.22
CA ASP GD 136 -26.05 -110.22 -120.96
C ASP GD 136 -27.55 -110.46 -120.88
N TYR GD 137 -28.30 -109.51 -120.31
CA TYR GD 137 -29.72 -109.68 -120.06
C TYR GD 137 -30.54 -109.63 -121.35
N SER GD 138 -30.40 -110.65 -122.19
CA SER GD 138 -31.23 -110.77 -123.38
C SER GD 138 -32.62 -111.23 -122.99
N SER GD 139 -33.60 -110.90 -123.83
CA SER GD 139 -35.02 -111.00 -123.54
C SER GD 139 -35.42 -110.19 -122.31
N THR GD 140 -34.50 -109.38 -121.78
CA THR GD 140 -34.71 -108.43 -120.69
C THR GD 140 -35.00 -109.10 -119.36
N ASN GD 141 -35.06 -110.43 -119.31
CA ASN GD 141 -35.53 -111.10 -118.11
C ASN GD 141 -34.71 -112.31 -117.66
N LYS GD 142 -33.77 -112.83 -118.44
CA LYS GD 142 -33.13 -114.07 -118.05
C LYS GD 142 -31.70 -114.16 -118.59
N ILE GD 143 -30.89 -114.95 -117.87
CA ILE GD 143 -29.52 -115.30 -118.23
C ILE GD 143 -29.44 -116.81 -118.44
N GLN GD 144 -28.74 -117.21 -119.49
CA GLN GD 144 -28.50 -118.62 -119.79
C GLN GD 144 -27.00 -118.88 -119.73
N LEU GD 145 -26.58 -119.86 -118.93
CA LEU GD 145 -25.18 -120.21 -118.74
C LEU GD 145 -25.05 -121.73 -118.80
N LYS GD 146 -24.34 -122.23 -119.79
CA LYS GD 146 -24.00 -123.65 -119.84
C LYS GD 146 -22.66 -123.92 -119.17
N VAL GD 147 -22.46 -125.18 -118.80
CA VAL GD 147 -21.29 -125.62 -118.04
C VAL GD 147 -20.45 -126.52 -118.93
N GLU GD 148 -19.14 -126.30 -118.92
CA GLU GD 148 -18.23 -127.12 -119.70
C GLU GD 148 -17.22 -127.76 -118.76
N ALA GD 149 -17.01 -129.07 -118.91
CA ALA GD 149 -16.21 -129.84 -117.98
C ALA GD 149 -15.04 -130.50 -118.68
N TYR GD 150 -13.88 -130.47 -118.03
CA TYR GD 150 -12.69 -131.22 -118.42
C TYR GD 150 -12.23 -132.01 -117.22
N TYR GD 151 -11.82 -133.26 -117.43
CA TYR GD 151 -11.59 -134.15 -116.30
C TYR GD 151 -10.59 -135.24 -116.66
N GLU GD 152 -10.01 -135.83 -115.62
CA GLU GD 152 -9.27 -137.08 -115.72
C GLU GD 152 -9.55 -137.90 -114.47
N ALA GD 153 -10.01 -139.13 -114.67
CA ALA GD 153 -10.42 -139.98 -113.56
C ALA GD 153 -9.23 -140.69 -112.94
N LYS GD 154 -9.37 -141.04 -111.66
CA LYS GD 154 -8.33 -141.78 -110.96
C LYS GD 154 -8.20 -143.19 -111.52
N GLU GD 155 -7.01 -143.76 -111.40
CA GLU GD 155 -6.70 -145.07 -111.95
C GLU GD 155 -7.32 -146.16 -111.09
N GLY GD 156 -8.16 -146.99 -111.70
CA GLY GD 156 -8.70 -148.15 -111.02
C GLY GD 156 -9.77 -147.88 -109.98
N MET GD 157 -10.45 -146.73 -110.06
CA MET GD 157 -11.48 -146.37 -109.10
C MET GD 157 -12.84 -146.52 -109.76
N LEU GD 158 -13.75 -147.25 -109.10
CA LEU GD 158 -15.09 -147.49 -109.60
C LEU GD 158 -16.11 -146.96 -108.60
N PHE GD 159 -17.14 -146.29 -109.12
CA PHE GD 159 -18.15 -145.67 -108.27
C PHE GD 159 -19.37 -145.35 -109.12
N ASP GD 160 -20.45 -144.95 -108.44
CA ASP GD 160 -21.66 -144.54 -109.12
C ASP GD 160 -22.47 -143.65 -108.18
N SER GD 161 -23.37 -142.86 -108.76
CA SER GD 161 -24.27 -141.98 -108.02
C SER GD 161 -23.49 -141.00 -107.14
N LEU GD 162 -22.64 -140.20 -107.77
CA LEU GD 162 -21.85 -139.19 -107.07
C LEU GD 162 -22.29 -137.81 -107.52
N PRO GD 163 -22.78 -136.96 -106.62
CA PRO GD 163 -23.29 -135.65 -107.03
C PRO GD 163 -22.22 -134.56 -107.07
N VAL GD 164 -22.45 -133.58 -107.93
CA VAL GD 164 -21.63 -132.39 -108.04
C VAL GD 164 -22.53 -131.19 -107.77
N ILE GD 165 -22.10 -130.33 -106.84
CA ILE GD 165 -22.93 -129.25 -106.32
C ILE GD 165 -22.24 -127.91 -106.56
N LEU GD 166 -23.02 -126.93 -107.02
CA LEU GD 166 -22.56 -125.56 -107.20
C LEU GD 166 -23.45 -124.62 -106.38
N ASN GD 167 -22.86 -123.55 -105.86
CA ASN GD 167 -23.56 -122.61 -105.00
C ASN GD 167 -23.42 -121.20 -105.55
N PHE GD 168 -24.45 -120.39 -105.33
CA PHE GD 168 -24.49 -118.99 -105.79
C PHE GD 168 -24.75 -118.07 -104.61
N GLN GD 169 -24.06 -116.93 -104.60
CA GLN GD 169 -24.27 -115.91 -103.57
C GLN GD 169 -24.19 -114.53 -104.22
N VAL GD 170 -25.13 -113.66 -103.83
CA VAL GD 170 -25.21 -112.31 -104.37
C VAL GD 170 -24.39 -111.37 -103.48
N LEU GD 171 -23.49 -110.61 -104.10
CA LEU GD 171 -22.66 -109.65 -103.38
C LEU GD 171 -23.17 -108.22 -103.50
N SER GD 172 -23.68 -107.83 -104.65
CA SER GD 172 -24.19 -106.48 -104.85
C SER GD 172 -25.10 -106.46 -106.06
N VAL GD 173 -26.18 -105.67 -105.98
CA VAL GD 173 -27.11 -105.51 -107.08
C VAL GD 173 -27.44 -104.03 -107.22
N SER GD 174 -27.69 -103.60 -108.45
CA SER GD 174 -28.03 -102.21 -108.72
C SER GD 174 -28.94 -102.10 -109.94
N THR HD 26 -72.48 -73.74 -58.43
CA THR HD 26 -71.12 -73.31 -58.73
C THR HD 26 -70.17 -74.50 -58.69
N THR HD 27 -70.02 -75.18 -59.83
CA THR HD 27 -69.18 -76.36 -59.95
C THR HD 27 -68.11 -76.12 -61.01
N GLN HD 28 -66.86 -76.47 -60.68
CA GLN HD 28 -65.73 -76.34 -61.58
C GLN HD 28 -65.39 -77.71 -62.16
N SER HD 29 -65.37 -77.79 -63.49
CA SER HD 29 -65.14 -79.09 -64.13
C SER HD 29 -63.75 -79.17 -64.73
N PRO HD 30 -63.12 -80.35 -64.67
CA PRO HD 30 -61.79 -80.50 -65.29
C PRO HD 30 -61.82 -80.75 -66.79
N LEU HD 31 -62.97 -81.18 -67.34
CA LEU HD 31 -63.16 -81.32 -68.78
C LEU HD 31 -62.22 -82.35 -69.39
N ASN HD 32 -62.13 -83.52 -68.74
CA ASN HD 32 -61.29 -84.60 -69.27
C ASN HD 32 -61.95 -85.97 -69.10
N SER HD 33 -63.27 -86.00 -68.96
CA SER HD 33 -63.99 -87.26 -68.76
C SER HD 33 -64.56 -87.80 -70.08
N PHE HD 34 -63.64 -88.12 -71.00
CA PHE HD 34 -64.01 -88.69 -72.28
C PHE HD 34 -63.05 -89.81 -72.65
N TYR HD 35 -63.59 -90.93 -73.13
CA TYR HD 35 -62.77 -92.10 -73.42
C TYR HD 35 -63.33 -92.85 -74.62
N ALA HD 36 -62.46 -93.65 -75.24
CA ALA HD 36 -62.83 -94.56 -76.32
C ALA HD 36 -61.93 -95.78 -76.23
N THR HD 37 -62.48 -96.95 -76.54
CA THR HD 37 -61.81 -98.21 -76.27
C THR HD 37 -61.84 -99.13 -77.49
N GLY HD 38 -60.73 -99.82 -77.74
CA GLY HD 38 -60.65 -100.87 -78.74
C GLY HD 38 -60.04 -102.13 -78.18
N THR HD 39 -59.76 -103.11 -79.03
CA THR HD 39 -59.23 -104.40 -78.58
C THR HD 39 -58.26 -104.95 -79.62
N ALA HD 40 -57.42 -105.88 -79.18
CA ALA HD 40 -56.48 -106.55 -80.06
C ALA HD 40 -56.18 -107.93 -79.48
N GLN HD 41 -55.67 -108.82 -80.35
CA GLN HD 41 -55.39 -110.20 -79.93
C GLN HD 41 -54.43 -110.84 -80.92
N ALA HD 42 -53.84 -111.96 -80.48
CA ALA HD 42 -53.00 -112.79 -81.33
C ALA HD 42 -52.96 -114.18 -80.70
N VAL HD 43 -53.61 -115.15 -81.34
CA VAL HD 43 -53.85 -116.44 -80.70
C VAL HD 43 -53.39 -117.62 -81.57
N GLN HD 44 -52.41 -117.42 -82.45
CA GLN HD 44 -51.91 -118.53 -83.24
C GLN HD 44 -50.47 -118.27 -83.68
N GLU HD 45 -49.74 -119.35 -83.92
CA GLU HD 45 -48.36 -119.29 -84.38
C GLU HD 45 -48.30 -119.01 -85.88
N PRO HD 46 -47.20 -118.41 -86.35
CA PRO HD 46 -47.15 -117.99 -87.77
C PRO HD 46 -47.33 -119.12 -88.76
N ILE HD 47 -46.77 -120.30 -88.51
CA ILE HD 47 -46.75 -121.37 -89.49
C ILE HD 47 -47.24 -122.68 -88.87
N ASP HD 48 -47.65 -123.60 -89.75
CA ASP HD 48 -48.01 -124.95 -89.37
C ASP HD 48 -47.30 -125.89 -90.33
N VAL HD 49 -46.80 -127.02 -89.82
CA VAL HD 49 -45.96 -127.93 -90.59
C VAL HD 49 -46.56 -129.33 -90.54
N GLU HD 50 -46.68 -129.98 -91.69
CA GLU HD 50 -47.18 -131.33 -91.80
C GLU HD 50 -46.25 -132.15 -92.66
N SER HD 51 -46.05 -133.41 -92.29
CA SER HD 51 -45.04 -134.27 -92.91
C SER HD 51 -45.69 -135.39 -93.72
N HIS HD 52 -45.07 -135.72 -94.86
CA HIS HD 52 -45.52 -136.82 -95.71
C HIS HD 52 -44.32 -137.61 -96.23
N LEU HD 53 -43.36 -137.91 -95.36
CA LEU HD 53 -42.18 -138.69 -95.73
C LEU HD 53 -42.53 -140.17 -95.57
N ASP HD 54 -42.95 -140.80 -96.66
CA ASP HD 54 -43.43 -142.17 -96.65
C ASP HD 54 -42.65 -143.05 -97.62
N ASN HD 55 -41.33 -142.91 -97.64
CA ASN HD 55 -40.45 -143.80 -98.39
C ASN HD 55 -39.29 -144.22 -97.51
N THR HD 56 -38.77 -145.42 -97.76
CA THR HD 56 -37.74 -146.03 -96.93
C THR HD 56 -36.46 -146.20 -97.73
N ILE HD 57 -35.34 -145.76 -97.16
CA ILE HD 57 -34.03 -146.03 -97.72
C ILE HD 57 -33.67 -147.48 -97.39
N ALA HD 58 -33.78 -148.37 -98.37
CA ALA HD 58 -33.59 -149.81 -98.16
C ALA HD 58 -32.58 -150.35 -99.18
N PRO HD 59 -31.29 -150.07 -98.99
CA PRO HD 59 -30.27 -150.69 -99.83
C PRO HD 59 -29.72 -151.95 -99.18
N ALA HD 60 -28.86 -152.63 -99.92
CA ALA HD 60 -28.11 -153.75 -99.37
C ALA HD 60 -26.95 -153.23 -98.53
N ALA HD 61 -26.34 -154.13 -97.76
CA ALA HD 61 -25.24 -153.77 -96.88
C ALA HD 61 -24.04 -153.34 -97.70
N GLY HD 62 -23.53 -152.14 -97.43
CA GLY HD 62 -22.34 -151.64 -98.10
C GLY HD 62 -22.56 -151.07 -99.49
N ALA HD 63 -23.81 -150.89 -99.91
CA ALA HD 63 -24.11 -150.43 -101.26
C ALA HD 63 -24.16 -148.91 -101.33
N GLN HD 64 -23.95 -148.39 -102.54
CA GLN HD 64 -24.05 -146.97 -102.84
C GLN HD 64 -25.33 -146.74 -103.64
N GLY HD 65 -26.15 -145.79 -103.20
CA GLY HD 65 -27.48 -145.68 -103.77
C GLY HD 65 -27.98 -144.28 -104.09
N TYR HD 66 -29.28 -144.21 -104.38
CA TYR HD 66 -29.93 -142.99 -104.85
C TYR HD 66 -31.43 -143.13 -104.63
N LYS HD 67 -32.02 -142.27 -103.79
CA LYS HD 67 -33.39 -142.48 -103.36
C LYS HD 67 -34.06 -141.15 -103.08
N ASP HD 68 -35.38 -141.11 -103.27
CA ASP HD 68 -36.22 -140.00 -102.86
C ASP HD 68 -37.14 -140.44 -101.73
N MET HD 69 -37.66 -139.48 -100.96
CA MET HD 69 -38.34 -139.78 -99.70
C MET HD 69 -39.80 -139.36 -99.68
N GLY HD 70 -40.09 -138.12 -100.02
CA GLY HD 70 -41.44 -137.59 -99.90
C GLY HD 70 -41.41 -136.07 -99.94
N TYR HD 71 -42.43 -135.46 -99.34
CA TYR HD 71 -42.51 -134.01 -99.33
C TYR HD 71 -43.14 -133.54 -98.01
N VAL HD 72 -42.93 -132.26 -97.71
CA VAL HD 72 -43.37 -131.64 -96.46
C VAL HD 72 -44.18 -130.39 -96.80
N LYS HD 73 -45.28 -130.18 -96.09
CA LYS HD 73 -46.16 -129.05 -96.31
C LYS HD 73 -46.02 -128.02 -95.21
N ILE HD 74 -45.98 -126.75 -95.61
CA ILE HD 74 -45.89 -125.62 -94.69
C ILE HD 74 -47.08 -124.70 -94.95
N ILE HD 75 -47.74 -124.25 -93.89
CA ILE HD 75 -48.93 -123.41 -93.99
C ILE HD 75 -48.65 -122.09 -93.30
N ASN HD 76 -48.98 -120.98 -93.98
CA ASN HD 76 -48.73 -119.63 -93.50
C ASN HD 76 -50.03 -118.87 -93.30
N TYR HD 77 -50.06 -118.05 -92.25
CA TYR HD 77 -51.28 -117.50 -91.67
C TYR HD 77 -51.31 -115.97 -91.82
N THR HD 78 -52.31 -115.38 -91.14
CA THR HD 78 -52.70 -113.99 -91.40
C THR HD 78 -51.54 -113.02 -91.26
N ASP HD 79 -51.43 -112.10 -92.23
CA ASP HD 79 -50.47 -111.00 -92.23
C ASP HD 79 -49.02 -111.49 -92.26
N VAL HD 80 -48.79 -112.67 -92.83
CA VAL HD 80 -47.45 -113.24 -92.98
C VAL HD 80 -47.08 -113.20 -94.46
N ASN HD 81 -45.88 -112.70 -94.75
CA ASN HD 81 -45.41 -112.62 -96.13
C ASN HD 81 -44.07 -113.30 -96.35
N VAL HD 82 -43.14 -113.17 -95.41
CA VAL HD 82 -41.80 -113.74 -95.55
C VAL HD 82 -41.44 -114.47 -94.26
N VAL HD 83 -40.90 -115.68 -94.40
CA VAL HD 83 -40.53 -116.52 -93.26
C VAL HD 83 -39.07 -116.94 -93.40
N LYS HD 84 -38.33 -116.83 -92.30
CA LYS HD 84 -36.96 -117.30 -92.22
C LYS HD 84 -36.92 -118.55 -91.35
N LEU HD 85 -36.32 -119.62 -91.87
CA LEU HD 85 -36.36 -120.93 -91.22
C LEU HD 85 -34.96 -121.49 -91.06
N LYS HD 86 -34.80 -122.36 -90.06
CA LYS HD 86 -33.58 -123.11 -89.83
C LYS HD 86 -33.92 -124.59 -89.74
N VAL HD 87 -33.24 -125.41 -90.55
CA VAL HD 87 -33.50 -126.83 -90.62
C VAL HD 87 -32.23 -127.58 -90.21
N THR HD 88 -32.39 -128.59 -89.35
CA THR HD 88 -31.26 -129.34 -88.83
C THR HD 88 -31.63 -130.81 -88.71
N LEU HD 89 -30.61 -131.65 -88.63
CA LEU HD 89 -30.76 -133.09 -88.41
C LEU HD 89 -30.67 -133.33 -86.91
N ALA HD 90 -31.78 -133.79 -86.31
CA ALA HD 90 -31.85 -133.91 -84.86
C ALA HD 90 -31.05 -135.10 -84.34
N ASN HD 91 -31.04 -136.21 -85.08
CA ASN HD 91 -30.42 -137.43 -84.59
C ASN HD 91 -29.23 -137.84 -85.46
N ALA HD 92 -28.39 -136.87 -85.82
CA ALA HD 92 -27.23 -137.16 -86.65
C ALA HD 92 -26.23 -138.06 -85.91
N ALA HD 93 -26.12 -137.89 -84.59
CA ALA HD 93 -25.18 -138.70 -83.82
C ALA HD 93 -25.54 -140.18 -83.85
N GLN HD 94 -26.84 -140.48 -83.78
CA GLN HD 94 -27.27 -141.87 -83.81
C GLN HD 94 -27.01 -142.52 -85.16
N LEU HD 95 -27.12 -141.75 -86.25
CA LEU HD 95 -26.96 -142.29 -87.59
C LEU HD 95 -25.50 -142.44 -88.02
N ARG HD 96 -24.56 -141.90 -87.26
CA ARG HD 96 -23.15 -141.98 -87.66
C ARG HD 96 -22.62 -143.41 -87.77
N PRO HD 97 -22.84 -144.32 -86.81
CA PRO HD 97 -22.27 -145.67 -86.95
C PRO HD 97 -22.84 -146.47 -88.11
N TYR HD 98 -23.95 -146.03 -88.72
CA TYR HD 98 -24.61 -146.80 -89.76
C TYR HD 98 -24.27 -146.35 -91.17
N PHE HD 99 -23.64 -145.18 -91.35
CA PHE HD 99 -23.42 -144.62 -92.67
C PHE HD 99 -22.02 -144.04 -92.76
N LYS HD 100 -21.39 -144.21 -93.94
CA LYS HD 100 -20.18 -143.46 -94.24
C LYS HD 100 -20.51 -142.01 -94.59
N TYR HD 101 -21.57 -141.78 -95.34
CA TYR HD 101 -22.04 -140.44 -95.64
C TYR HD 101 -23.51 -140.49 -95.99
N LEU HD 102 -24.19 -139.35 -95.79
CA LEU HD 102 -25.61 -139.23 -96.07
C LEU HD 102 -25.93 -137.76 -96.30
N GLN HD 103 -26.49 -137.45 -97.47
CA GLN HD 103 -26.78 -136.08 -97.85
C GLN HD 103 -28.24 -135.94 -98.22
N LEU HD 104 -28.85 -134.85 -97.77
CA LEU HD 104 -30.25 -134.55 -98.05
C LEU HD 104 -30.35 -133.26 -98.83
N VAL HD 105 -31.15 -133.28 -99.90
CA VAL HD 105 -31.33 -132.13 -100.79
C VAL HD 105 -32.78 -131.68 -100.71
N LEU HD 106 -32.99 -130.40 -100.42
CA LEU HD 106 -34.32 -129.81 -100.30
C LEU HD 106 -34.54 -128.84 -101.45
N THR HD 107 -35.67 -129.00 -102.15
CA THR HD 107 -36.01 -128.15 -103.28
C THR HD 107 -37.43 -127.62 -103.13
N SER HD 108 -37.61 -126.33 -103.47
CA SER HD 108 -38.93 -125.72 -103.48
C SER HD 108 -39.52 -125.87 -104.88
N ASN HD 109 -40.77 -126.32 -104.94
CA ASN HD 109 -41.42 -126.71 -106.20
C ASN HD 109 -42.84 -126.16 -106.27
N ALA HD 110 -43.38 -125.68 -105.15
CA ALA HD 110 -44.80 -125.33 -105.07
C ALA HD 110 -45.23 -124.38 -106.18
N SER HD 111 -44.31 -123.55 -106.67
CA SER HD 111 -44.51 -122.78 -107.90
C SER HD 111 -44.08 -123.62 -109.09
N SER HD 112 -45.03 -123.88 -110.00
CA SER HD 112 -44.74 -124.71 -111.16
C SER HD 112 -43.75 -124.04 -112.10
N THR HD 113 -43.56 -122.73 -111.99
CA THR HD 113 -42.62 -122.02 -112.84
C THR HD 113 -41.23 -121.90 -112.25
N VAL HD 114 -41.11 -121.87 -110.92
CA VAL HD 114 -39.84 -121.65 -110.23
C VAL HD 114 -39.55 -122.85 -109.34
N GLU HD 115 -38.69 -123.76 -109.82
CA GLU HD 115 -38.13 -124.82 -109.00
C GLU HD 115 -36.76 -124.39 -108.52
N GLU HD 116 -36.54 -124.48 -107.20
CA GLU HD 116 -35.26 -124.07 -106.61
C GLU HD 116 -34.85 -125.02 -105.51
N THR HD 117 -33.59 -125.45 -105.54
CA THR HD 117 -32.98 -126.14 -104.42
C THR HD 117 -32.48 -125.12 -103.40
N LYS HD 118 -32.86 -125.31 -102.14
CA LYS HD 118 -32.59 -124.31 -101.10
C LYS HD 118 -31.44 -124.68 -100.18
N ALA HD 119 -31.29 -125.95 -99.79
CA ALA HD 119 -30.25 -126.31 -98.85
C ALA HD 119 -29.84 -127.76 -99.08
N VAL HD 120 -28.63 -128.08 -98.63
CA VAL HD 120 -28.10 -129.44 -98.64
C VAL HD 120 -27.62 -129.75 -97.23
N LEU HD 121 -28.11 -130.85 -96.66
CA LEU HD 121 -27.77 -131.26 -95.32
C LEU HD 121 -26.92 -132.53 -95.36
N SER HD 122 -26.02 -132.66 -94.39
CA SER HD 122 -25.13 -133.80 -94.32
C SER HD 122 -24.83 -134.10 -92.85
N LEU HD 123 -24.20 -135.26 -92.62
CA LEU HD 123 -23.86 -135.67 -91.26
C LEU HD 123 -22.75 -134.82 -90.67
N LYS HD 124 -21.94 -134.16 -91.49
CA LYS HD 124 -20.88 -133.29 -91.00
C LYS HD 124 -21.33 -131.85 -90.80
N LYS HD 125 -22.28 -131.38 -91.62
CA LYS HD 125 -22.85 -130.05 -91.49
C LYS HD 125 -24.36 -130.19 -91.46
N PRO HD 126 -24.94 -130.44 -90.29
CA PRO HD 126 -26.36 -130.82 -90.22
C PRO HD 126 -27.35 -129.66 -90.34
N SER HD 127 -26.90 -128.41 -90.22
CA SER HD 127 -27.82 -127.28 -90.13
C SER HD 127 -27.68 -126.37 -91.34
N ALA HD 128 -28.79 -125.73 -91.70
CA ALA HD 128 -28.82 -124.79 -92.80
C ALA HD 128 -29.94 -123.78 -92.57
N VAL HD 129 -29.85 -122.64 -93.24
CA VAL HD 129 -30.82 -121.56 -93.15
C VAL HD 129 -31.34 -121.25 -94.55
N ILE HD 130 -32.67 -121.20 -94.69
CA ILE HD 130 -33.31 -120.97 -95.97
C ILE HD 130 -34.27 -119.80 -95.87
N ILE HD 131 -34.65 -119.27 -97.03
CA ILE HD 131 -35.54 -118.11 -97.13
C ILE HD 131 -36.71 -118.48 -98.04
N LEU HD 132 -37.92 -118.20 -97.59
CA LEU HD 132 -39.13 -118.36 -98.39
C LEU HD 132 -39.76 -117.00 -98.60
N ASP HD 133 -40.07 -116.68 -99.86
CA ASP HD 133 -40.58 -115.35 -100.19
C ASP HD 133 -41.86 -115.41 -101.03
N ASN HD 134 -42.26 -114.27 -101.58
CA ASN HD 134 -43.53 -114.17 -102.31
C ASN HD 134 -43.61 -115.16 -103.46
N ASP HD 135 -42.49 -115.46 -104.12
CA ASP HD 135 -42.51 -116.37 -105.25
C ASP HD 135 -42.80 -117.80 -104.83
N ASP HD 136 -42.33 -118.21 -103.64
CA ASP HD 136 -42.51 -119.59 -103.20
C ASP HD 136 -43.95 -119.87 -102.83
N TYR HD 137 -44.63 -118.90 -102.22
CA TYR HD 137 -45.98 -119.10 -101.70
C TYR HD 137 -47.01 -119.20 -102.82
N SER HD 138 -46.97 -120.29 -103.58
CA SER HD 138 -47.99 -120.56 -104.57
C SER HD 138 -49.27 -121.04 -103.90
N SER HD 139 -50.39 -120.82 -104.57
CA SER HD 139 -51.74 -120.96 -104.01
C SER HD 139 -51.95 -120.06 -102.80
N THR HD 140 -51.00 -119.16 -102.52
CA THR HD 140 -51.06 -118.12 -101.51
C THR HD 140 -51.08 -118.66 -100.09
N ASN HD 141 -51.05 -119.98 -99.92
CA ASN HD 141 -51.24 -120.56 -98.59
C ASN HD 141 -50.30 -121.68 -98.20
N LYS HD 142 -49.48 -122.23 -99.10
CA LYS HD 142 -48.71 -123.40 -98.72
C LYS HD 142 -47.41 -123.49 -99.49
N ILE HD 143 -46.43 -124.17 -98.87
CA ILE HD 143 -45.13 -124.50 -99.45
C ILE HD 143 -45.01 -126.02 -99.54
N GLN HD 144 -44.49 -126.50 -100.67
CA GLN HD 144 -44.22 -127.92 -100.87
C GLN HD 144 -42.73 -128.12 -101.07
N LEU HD 145 -42.12 -128.99 -100.28
CA LEU HD 145 -40.69 -129.27 -100.31
C LEU HD 145 -40.48 -130.77 -100.26
N LYS HD 146 -39.93 -131.34 -101.33
CA LYS HD 146 -39.53 -132.74 -101.31
C LYS HD 146 -38.08 -132.90 -100.88
N VAL HD 147 -37.74 -134.10 -100.44
CA VAL HD 147 -36.44 -134.42 -99.87
C VAL HD 147 -35.72 -135.38 -100.82
N GLU HD 148 -34.45 -135.10 -101.08
CA GLU HD 148 -33.64 -135.96 -101.94
C GLU HD 148 -32.44 -136.46 -101.14
N ALA HD 149 -32.20 -137.77 -101.21
CA ALA HD 149 -31.20 -138.43 -100.37
C ALA HD 149 -30.13 -139.10 -101.22
N TYR HD 150 -28.88 -138.95 -100.81
CA TYR HD 150 -27.75 -139.69 -101.34
C TYR HD 150 -27.02 -140.35 -100.17
N TYR HD 151 -26.60 -141.60 -100.35
CA TYR HD 151 -26.12 -142.36 -99.20
C TYR HD 151 -25.14 -143.44 -99.64
N GLU HD 152 -24.36 -143.90 -98.68
CA GLU HD 152 -23.56 -145.13 -98.80
C GLU HD 152 -23.58 -145.84 -97.45
N ALA HD 153 -24.00 -147.09 -97.46
CA ALA HD 153 -24.16 -147.85 -96.23
C ALA HD 153 -22.82 -148.45 -95.77
N LYS HD 154 -22.71 -148.68 -94.48
CA LYS HD 154 -21.52 -149.31 -93.91
C LYS HD 154 -21.42 -150.76 -94.36
N GLU HD 155 -20.19 -151.25 -94.41
CA GLU HD 155 -19.92 -152.60 -94.89
C GLU HD 155 -20.31 -153.63 -93.83
N GLY HD 156 -21.19 -154.55 -94.20
CA GLY HD 156 -21.54 -155.66 -93.34
C GLY HD 156 -22.42 -155.33 -92.15
N MET HD 157 -23.16 -154.23 -92.20
CA MET HD 157 -24.03 -153.82 -91.11
C MET HD 157 -25.47 -154.07 -91.48
N LEU HD 158 -26.20 -154.78 -90.61
CA LEU HD 158 -27.60 -155.11 -90.83
C LEU HD 158 -28.44 -154.53 -89.71
N PHE HD 159 -29.59 -153.96 -90.08
CA PHE HD 159 -30.47 -153.30 -89.13
C PHE HD 159 -31.83 -153.11 -89.76
N ASP HD 160 -32.79 -152.68 -88.93
CA ASP HD 160 -34.14 -152.39 -89.41
C ASP HD 160 -34.80 -151.45 -88.42
N SER HD 161 -35.83 -150.76 -88.90
CA SER HD 161 -36.64 -149.84 -88.08
C SER HD 161 -35.77 -148.75 -87.44
N LEU HD 162 -35.09 -147.98 -88.29
CA LEU HD 162 -34.25 -146.88 -87.83
C LEU HD 162 -34.85 -145.57 -88.32
N PRO HD 163 -35.21 -144.66 -87.43
CA PRO HD 163 -35.85 -143.41 -87.84
C PRO HD 163 -34.87 -142.29 -88.17
N VAL HD 164 -35.32 -141.41 -89.07
CA VAL HD 164 -34.59 -140.20 -89.43
C VAL HD 164 -35.49 -139.01 -89.10
N ILE HD 165 -34.95 -138.05 -88.35
CA ILE HD 165 -35.73 -136.96 -87.78
C ILE HD 165 -35.18 -135.63 -88.26
N LEU HD 166 -36.08 -134.73 -88.66
CA LEU HD 166 -35.74 -133.36 -89.03
C LEU HD 166 -36.52 -132.40 -88.15
N ASN HD 167 -35.91 -131.25 -87.84
CA ASN HD 167 -36.49 -130.26 -86.95
C ASN HD 167 -36.54 -128.90 -87.64
N PHE HD 168 -37.55 -128.11 -87.31
CA PHE HD 168 -37.75 -126.78 -87.88
C PHE HD 168 -37.85 -125.76 -86.75
N GLN HD 169 -37.24 -124.59 -86.97
CA GLN HD 169 -37.32 -123.48 -86.02
C GLN HD 169 -37.43 -122.18 -86.79
N VAL HD 170 -38.32 -121.30 -86.31
CA VAL HD 170 -38.58 -120.02 -86.93
C VAL HD 170 -37.66 -118.97 -86.30
N LEU HD 171 -36.95 -118.23 -87.14
CA LEU HD 171 -36.05 -117.18 -86.68
C LEU HD 171 -36.64 -115.79 -86.82
N SER HD 172 -37.39 -115.53 -87.89
CA SER HD 172 -37.99 -114.22 -88.11
C SER HD 172 -39.12 -114.36 -89.13
N VAL HD 173 -40.20 -113.61 -88.92
CA VAL HD 173 -41.33 -113.60 -89.83
C VAL HD 173 -41.75 -112.14 -90.04
N SER HD 174 -42.24 -111.84 -91.24
CA SER HD 174 -42.70 -110.51 -91.57
C SER HD 174 -43.82 -110.55 -92.61
N THR ID 26 -78.92 -79.09 -36.66
CA THR ID 26 -77.66 -78.63 -37.23
C THR ID 26 -76.66 -79.77 -37.26
N THR ID 27 -76.68 -80.55 -38.35
CA THR ID 27 -75.80 -81.71 -38.51
C THR ID 27 -74.96 -81.52 -39.76
N GLN ID 28 -73.66 -81.80 -39.64
CA GLN ID 28 -72.72 -81.70 -40.75
C GLN ID 28 -72.41 -83.11 -41.25
N SER ID 29 -72.62 -83.32 -42.56
CA SER ID 29 -72.44 -84.67 -43.10
C SER ID 29 -71.17 -84.76 -43.94
N PRO ID 30 -70.48 -85.89 -43.90
CA PRO ID 30 -69.27 -86.05 -44.74
C PRO ID 30 -69.57 -86.44 -46.18
N LEU ID 31 -70.77 -86.96 -46.46
CA LEU ID 31 -71.21 -87.26 -47.83
C LEU ID 31 -70.32 -88.30 -48.51
N ASN ID 32 -70.06 -89.40 -47.79
CA ASN ID 32 -69.27 -90.48 -48.36
C ASN ID 32 -69.81 -91.86 -47.97
N SER ID 33 -71.08 -91.94 -47.59
CA SER ID 33 -71.69 -93.20 -47.14
C SER ID 33 -72.44 -93.88 -48.28
N PHE ID 34 -71.70 -94.25 -49.31
CA PHE ID 34 -72.25 -94.96 -50.46
C PHE ID 34 -71.31 -96.07 -50.89
N TYR ID 35 -71.86 -97.25 -51.16
CA TYR ID 35 -71.05 -98.40 -51.50
C TYR ID 35 -71.77 -99.29 -52.50
N ALA ID 36 -70.98 -100.11 -53.20
CA ALA ID 36 -71.49 -101.13 -54.11
C ALA ID 36 -70.52 -102.30 -54.08
N THR ID 37 -71.05 -103.52 -54.18
CA THR ID 37 -70.26 -104.73 -53.93
C THR ID 37 -70.47 -105.75 -55.03
N GLY ID 38 -69.38 -106.42 -55.42
CA GLY ID 38 -69.43 -107.56 -56.32
C GLY ID 38 -68.65 -108.73 -55.78
N THR ID 39 -68.49 -109.80 -56.58
CA THR ID 39 -67.80 -111.00 -56.12
C THR ID 39 -67.01 -111.61 -57.27
N ALA ID 40 -66.05 -112.46 -56.91
CA ALA ID 40 -65.24 -113.18 -57.88
C ALA ID 40 -64.77 -114.49 -57.26
N GLN ID 41 -64.38 -115.43 -58.11
CA GLN ID 41 -63.95 -116.74 -57.64
C GLN ID 41 -63.15 -117.45 -58.73
N ALA ID 42 -62.42 -118.48 -58.31
CA ALA ID 42 -61.70 -119.36 -59.22
C ALA ID 42 -61.47 -120.68 -58.50
N VAL ID 43 -62.16 -121.74 -58.91
CA VAL ID 43 -62.22 -122.97 -58.13
C VAL ID 43 -61.87 -124.20 -58.96
N GLN ID 44 -61.06 -124.05 -60.02
CA GLN ID 44 -60.65 -125.22 -60.79
C GLN ID 44 -59.34 -124.94 -61.51
N GLU ID 45 -58.59 -126.02 -61.79
CA GLU ID 45 -57.33 -125.95 -62.49
C GLU ID 45 -57.55 -125.81 -63.99
N PRO ID 46 -56.59 -125.21 -64.71
CA PRO ID 46 -56.83 -124.93 -66.14
C PRO ID 46 -57.12 -126.15 -67.00
N ILE ID 47 -56.45 -127.29 -66.74
CA ILE ID 47 -56.54 -128.44 -67.61
C ILE ID 47 -56.85 -129.70 -66.80
N ASP ID 48 -57.35 -130.71 -67.51
CA ASP ID 48 -57.57 -132.04 -66.95
C ASP ID 48 -56.99 -133.05 -67.94
N VAL ID 49 -56.34 -134.09 -67.43
CA VAL ID 49 -55.60 -135.04 -68.25
C VAL ID 49 -56.10 -136.45 -67.96
N GLU ID 50 -56.39 -137.21 -69.02
CA GLU ID 50 -56.83 -138.59 -68.91
C GLU ID 50 -56.02 -139.46 -69.86
N SER ID 51 -55.68 -140.67 -69.42
CA SER ID 51 -54.76 -141.54 -70.14
C SER ID 51 -55.48 -142.75 -70.71
N HIS ID 52 -55.06 -143.17 -71.91
CA HIS ID 52 -55.58 -144.35 -72.57
C HIS ID 52 -54.47 -145.14 -73.23
N LEU ID 53 -53.35 -145.33 -72.52
CA LEU ID 53 -52.21 -146.09 -73.03
C LEU ID 53 -52.44 -147.56 -72.69
N ASP ID 54 -53.02 -148.30 -73.63
CA ASP ID 54 -53.41 -149.69 -73.40
C ASP ID 54 -52.76 -150.63 -74.42
N ASN ID 55 -51.47 -150.44 -74.69
CA ASN ID 55 -50.70 -151.36 -75.51
C ASN ID 55 -49.37 -151.64 -74.82
N THR ID 56 -48.85 -152.84 -75.07
CA THR ID 56 -47.65 -153.32 -74.39
C THR ID 56 -46.53 -153.53 -75.39
N ILE ID 57 -45.35 -152.99 -75.07
CA ILE ID 57 -44.14 -153.27 -75.85
C ILE ID 57 -43.65 -154.66 -75.45
N ALA ID 58 -43.88 -155.64 -76.32
CA ALA ID 58 -43.58 -157.04 -76.02
C ALA ID 58 -42.75 -157.64 -77.15
N PRO ID 59 -41.46 -157.29 -77.23
CA PRO ID 59 -40.57 -157.95 -78.18
C PRO ID 59 -39.85 -159.12 -77.54
N ALA ID 60 -39.09 -159.84 -78.37
CA ALA ID 60 -38.20 -160.86 -77.87
C ALA ID 60 -36.93 -160.22 -77.30
N ALA ID 61 -36.14 -161.03 -76.59
CA ALA ID 61 -34.93 -160.53 -75.95
C ALA ID 61 -33.91 -160.13 -77.02
N GLY ID 62 -33.44 -158.89 -76.97
CA GLY ID 62 -32.43 -158.41 -77.88
C GLY ID 62 -32.92 -157.99 -79.24
N ALA ID 63 -34.22 -157.90 -79.44
CA ALA ID 63 -34.79 -157.59 -80.74
C ALA ID 63 -34.94 -156.08 -80.94
N GLN ID 64 -34.98 -155.68 -82.21
CA GLN ID 64 -35.21 -154.30 -82.60
C GLN ID 64 -36.63 -154.20 -83.18
N GLY ID 65 -37.40 -153.24 -82.68
CA GLY ID 65 -38.82 -153.24 -83.00
C GLY ID 65 -39.45 -151.91 -83.34
N TYR ID 66 -40.78 -151.90 -83.40
CA TYR ID 66 -41.58 -150.76 -83.85
C TYR ID 66 -43.00 -150.94 -83.34
N LYS ID 67 -43.48 -150.02 -82.49
CA LYS ID 67 -44.74 -150.26 -81.79
C LYS ID 67 -45.42 -148.92 -81.51
N ASP ID 68 -46.74 -148.96 -81.45
CA ASP ID 68 -47.57 -147.84 -81.00
C ASP ID 68 -48.24 -148.21 -79.68
N MET ID 69 -48.65 -147.20 -78.92
CA MET ID 69 -49.08 -147.42 -77.54
C MET ID 69 -50.54 -147.05 -77.29
N GLY ID 70 -50.95 -145.85 -77.67
CA GLY ID 70 -52.29 -145.37 -77.35
C GLY ID 70 -52.36 -143.86 -77.53
N TYR ID 71 -53.29 -143.23 -76.81
CA TYR ID 71 -53.45 -141.79 -76.91
C TYR ID 71 -53.85 -141.23 -75.55
N VAL ID 72 -53.66 -139.91 -75.40
CA VAL ID 72 -53.90 -139.20 -74.16
C VAL ID 72 -54.82 -138.01 -74.45
N LYS ID 73 -55.79 -137.79 -73.57
CA LYS ID 73 -56.77 -136.73 -73.72
C LYS ID 73 -56.48 -135.58 -72.76
N ILE ID 74 -56.60 -134.35 -73.27
CA ILE ID 74 -56.40 -133.13 -72.49
C ILE ID 74 -57.67 -132.29 -72.60
N ILE ID 75 -58.15 -131.77 -71.48
CA ILE ID 75 -59.38 -131.00 -71.43
C ILE ID 75 -59.06 -129.59 -70.93
N ASN ID 76 -59.56 -128.58 -71.63
CA ASN ID 76 -59.31 -127.17 -71.33
C ASN ID 76 -60.59 -126.45 -70.96
N TYR ID 77 -60.48 -125.54 -69.99
CA TYR ID 77 -61.61 -124.98 -69.25
C TYR ID 77 -61.75 -123.48 -69.52
N THR ID 78 -62.64 -122.86 -68.73
CA THR ID 78 -63.15 -121.52 -69.04
C THR ID 78 -62.04 -120.49 -69.19
N ASP ID 79 -62.16 -119.67 -70.24
CA ASP ID 79 -61.28 -118.55 -70.52
C ASP ID 79 -59.84 -118.97 -70.78
N VAL ID 80 -59.64 -120.19 -71.27
CA VAL ID 80 -58.32 -120.72 -71.61
C VAL ID 80 -58.22 -120.80 -73.12
N ASN ID 81 -57.14 -120.29 -73.68
CA ASN ID 81 -56.92 -120.32 -75.12
C ASN ID 81 -55.60 -120.96 -75.52
N VAL ID 82 -54.53 -120.72 -74.79
CA VAL ID 82 -53.21 -121.25 -75.12
C VAL ID 82 -52.59 -121.83 -73.86
N VAL ID 83 -52.01 -123.02 -73.99
CA VAL ID 83 -51.40 -123.73 -72.87
C VAL ID 83 -49.97 -124.11 -73.24
N LYS ID 84 -49.04 -123.87 -72.31
CA LYS ID 84 -47.65 -124.28 -72.45
C LYS ID 84 -47.38 -125.43 -71.49
N LEU ID 85 -46.83 -126.53 -72.01
CA LEU ID 85 -46.68 -127.75 -71.25
C LEU ID 85 -45.24 -128.24 -71.31
N LYS ID 86 -44.87 -129.01 -70.29
CA LYS ID 86 -43.57 -129.68 -70.22
C LYS ID 86 -43.81 -131.16 -69.93
N VAL ID 87 -43.24 -132.03 -70.77
CA VAL ID 87 -43.42 -133.47 -70.67
C VAL ID 87 -42.07 -134.12 -70.44
N THR ID 88 -42.02 -135.04 -69.48
CA THR ID 88 -40.77 -135.69 -69.11
C THR ID 88 -41.04 -137.16 -68.81
N LEU ID 89 -39.96 -137.95 -68.83
CA LEU ID 89 -40.00 -139.36 -68.46
C LEU ID 89 -39.62 -139.46 -66.99
N ALA ID 90 -40.58 -139.89 -66.16
CA ALA ID 90 -40.38 -139.88 -64.71
C ALA ID 90 -39.44 -140.98 -64.25
N ASN ID 91 -39.50 -142.16 -64.88
CA ASN ID 91 -38.73 -143.31 -64.42
C ASN ID 91 -37.70 -143.75 -65.45
N ALA ID 92 -36.99 -142.78 -66.03
CA ALA ID 92 -35.97 -143.11 -67.03
C ALA ID 92 -34.81 -143.88 -66.42
N ALA ID 93 -34.48 -143.58 -65.15
CA ALA ID 93 -33.36 -144.27 -64.50
C ALA ID 93 -33.65 -145.76 -64.34
N GLN ID 94 -34.89 -146.11 -64.01
CA GLN ID 94 -35.25 -147.51 -63.83
C GLN ID 94 -35.20 -148.28 -65.15
N LEU ID 95 -35.54 -147.62 -66.25
CA LEU ID 95 -35.60 -148.28 -67.56
C LEU ID 95 -34.24 -148.42 -68.23
N ARG ID 96 -33.19 -147.76 -67.70
CA ARG ID 96 -31.89 -147.83 -68.34
C ARG ID 96 -31.31 -149.24 -68.43
N PRO ID 97 -31.29 -150.07 -67.37
CA PRO ID 97 -30.68 -151.41 -67.50
C PRO ID 97 -31.41 -152.33 -68.45
N TYR ID 98 -32.62 -151.99 -68.88
CA TYR ID 98 -33.42 -152.89 -69.71
C TYR ID 98 -33.37 -152.56 -71.20
N PHE ID 99 -32.85 -151.39 -71.59
CA PHE ID 99 -32.90 -150.95 -72.97
C PHE ID 99 -31.57 -150.33 -73.38
N LYS ID 100 -31.17 -150.59 -74.63
CA LYS ID 100 -30.07 -149.82 -75.21
C LYS ID 100 -30.53 -148.43 -75.62
N TYR ID 101 -31.73 -148.32 -76.19
CA TYR ID 101 -32.31 -147.02 -76.51
C TYR ID 101 -33.82 -147.17 -76.56
N LEU ID 102 -34.51 -146.04 -76.34
CA LEU ID 102 -35.96 -146.01 -76.38
C LEU ID 102 -36.39 -144.58 -76.68
N GLN ID 103 -37.17 -144.41 -77.74
CA GLN ID 103 -37.61 -143.09 -78.18
C GLN ID 103 -39.12 -143.04 -78.29
N LEU ID 104 -39.71 -141.94 -77.82
CA LEU ID 104 -41.15 -141.73 -77.86
C LEU ID 104 -41.45 -140.51 -78.74
N VAL ID 105 -42.43 -140.67 -79.62
CA VAL ID 105 -42.83 -139.63 -80.56
C VAL ID 105 -44.27 -139.23 -80.26
N LEU ID 106 -44.49 -137.93 -80.05
CA LEU ID 106 -45.81 -137.39 -79.75
C LEU ID 106 -46.30 -136.55 -80.91
N THR ID 107 -47.51 -136.81 -81.37
CA THR ID 107 -48.09 -136.09 -82.49
C THR ID 107 -49.49 -135.60 -82.14
N SER ID 108 -49.81 -134.38 -82.54
CA SER ID 108 -51.14 -133.81 -82.37
C SER ID 108 -51.96 -134.11 -83.61
N ASN ID 109 -53.18 -134.63 -83.41
CA ASN ID 109 -54.01 -135.16 -84.47
C ASN ID 109 -55.45 -134.68 -84.34
N ALA ID 110 -55.82 -134.11 -83.19
CA ALA ID 110 -57.21 -133.81 -82.87
C ALA ID 110 -57.88 -132.98 -83.97
N SER ID 111 -57.12 -132.17 -84.69
CA SER ID 111 -57.59 -131.53 -85.92
C SER ID 111 -57.33 -132.46 -87.09
N SER ID 112 -58.41 -132.85 -87.78
CA SER ID 112 -58.28 -133.77 -88.90
C SER ID 112 -57.52 -133.16 -90.07
N THR ID 113 -57.38 -131.84 -90.10
CA THR ID 113 -56.66 -131.18 -91.18
C THR ID 113 -55.19 -130.95 -90.86
N VAL ID 114 -54.84 -130.79 -89.58
CA VAL ID 114 -53.48 -130.45 -89.17
C VAL ID 114 -52.96 -131.55 -88.24
N GLU ID 115 -52.15 -132.46 -88.79
CA GLU ID 115 -51.39 -133.42 -87.99
C GLU ID 115 -49.98 -132.88 -87.81
N GLU ID 116 -49.53 -132.84 -86.55
CA GLU ID 116 -48.19 -132.34 -86.25
C GLU ID 116 -47.54 -133.16 -85.16
N THR ID 117 -46.28 -133.53 -85.39
CA THR ID 117 -45.43 -134.09 -84.34
C THR ID 117 -44.82 -132.95 -83.53
N LYS ID 118 -44.95 -133.02 -82.21
CA LYS ID 118 -44.56 -131.93 -81.33
C LYS ID 118 -43.25 -132.16 -80.59
N ALA ID 119 -42.97 -133.38 -80.14
CA ALA ID 119 -41.75 -133.62 -79.38
C ALA ID 119 -41.31 -135.06 -79.55
N VAL ID 120 -40.02 -135.28 -79.31
CA VAL ID 120 -39.42 -136.62 -79.30
C VAL ID 120 -38.69 -136.77 -77.97
N LEU ID 121 -39.00 -137.82 -77.23
CA LEU ID 121 -38.39 -138.10 -75.94
C LEU ID 121 -37.50 -139.33 -76.02
N SER ID 122 -36.45 -139.32 -75.23
CA SER ID 122 -35.48 -140.41 -75.22
C SER ID 122 -34.92 -140.57 -73.82
N LEU ID 123 -34.18 -141.66 -73.62
CA LEU ID 123 -33.58 -141.92 -72.31
C LEU ID 123 -32.43 -140.98 -71.99
N LYS ID 124 -31.82 -140.37 -73.02
CA LYS ID 124 -30.73 -139.43 -72.80
C LYS ID 124 -31.23 -137.99 -72.65
N LYS ID 125 -32.33 -137.64 -73.31
CA LYS ID 125 -32.95 -136.32 -73.21
C LYS ID 125 -34.43 -136.52 -72.89
N PRO ID 126 -34.77 -136.68 -71.61
CA PRO ID 126 -36.13 -137.10 -71.25
C PRO ID 126 -37.18 -136.00 -71.29
N SER ID 127 -36.79 -134.74 -71.36
CA SER ID 127 -37.73 -133.63 -71.20
C SER ID 127 -37.88 -132.84 -72.50
N ALA ID 128 -39.06 -132.28 -72.69
CA ALA ID 128 -39.35 -131.45 -73.85
C ALA ID 128 -40.47 -130.47 -73.51
N VAL ID 129 -40.55 -129.40 -74.29
CA VAL ID 129 -41.55 -128.35 -74.11
C VAL ID 129 -42.33 -128.20 -75.40
N ILE ID 130 -43.66 -128.22 -75.31
CA ILE ID 130 -44.53 -128.15 -76.47
C ILE ID 130 -45.53 -127.01 -76.29
N ILE ID 131 -46.14 -126.60 -77.40
CA ILE ID 131 -47.10 -125.51 -77.44
C ILE ID 131 -48.38 -126.00 -78.08
N LEU ID 132 -49.51 -125.72 -77.44
CA LEU ID 132 -50.83 -126.01 -77.99
C LEU ID 132 -51.57 -124.70 -78.20
N ASP ID 133 -52.12 -124.51 -79.40
CA ASP ID 133 -52.75 -123.24 -79.76
C ASP ID 133 -54.16 -123.44 -80.33
N ASN ID 134 -54.72 -122.37 -80.91
CA ASN ID 134 -56.09 -122.40 -81.39
C ASN ID 134 -56.32 -123.50 -82.41
N ASP ID 135 -55.32 -123.80 -83.23
CA ASP ID 135 -55.50 -124.83 -84.26
C ASP ID 135 -55.62 -126.23 -83.66
N ASP ID 136 -54.93 -126.49 -82.56
CA ASP ID 136 -54.94 -127.82 -81.97
C ASP ID 136 -56.29 -128.13 -81.31
N TYR ID 137 -56.90 -127.13 -80.68
CA TYR ID 137 -58.11 -127.34 -79.90
C TYR ID 137 -59.32 -127.59 -80.80
N SER ID 138 -59.35 -128.74 -81.45
CA SER ID 138 -60.52 -129.15 -82.22
C SER ID 138 -61.63 -129.60 -81.28
N SER ID 139 -62.87 -129.50 -81.75
CA SER ID 139 -64.08 -129.63 -80.94
C SER ID 139 -64.12 -128.63 -79.80
N THR ID 140 -63.18 -127.67 -79.79
CA THR ID 140 -63.12 -126.54 -78.87
C THR ID 140 -62.86 -126.94 -77.43
N ASN ID 141 -62.72 -128.25 -77.15
CA ASN ID 141 -62.65 -128.69 -75.77
C ASN ID 141 -61.58 -129.73 -75.45
N LYS ID 142 -60.92 -130.33 -76.43
CA LYS ID 142 -60.02 -131.44 -76.10
C LYS ID 142 -58.87 -131.55 -77.09
N ILE ID 143 -57.77 -132.12 -76.61
CA ILE ID 143 -56.58 -132.45 -77.38
C ILE ID 143 -56.39 -133.96 -77.36
N GLN ID 144 -56.05 -134.53 -78.52
CA GLN ID 144 -55.74 -135.96 -78.64
C GLN ID 144 -54.30 -136.11 -79.10
N LEU ID 145 -53.52 -136.88 -78.35
CA LEU ID 145 -52.09 -137.10 -78.63
C LEU ID 145 -51.80 -138.59 -78.47
N LYS ID 146 -51.42 -139.24 -79.58
CA LYS ID 146 -50.94 -140.61 -79.51
C LYS ID 146 -49.43 -140.67 -79.34
N VAL ID 147 -48.96 -141.81 -78.86
CA VAL ID 147 -47.55 -142.02 -78.52
C VAL ID 147 -46.97 -143.03 -79.50
N GLU ID 148 -45.77 -142.73 -80.01
CA GLU ID 148 -45.09 -143.64 -80.93
C GLU ID 148 -43.75 -144.01 -80.32
N ALA ID 149 -43.44 -145.31 -80.32
CA ALA ID 149 -42.28 -145.85 -79.63
C ALA ID 149 -41.35 -146.56 -80.60
N TYR ID 150 -40.04 -146.32 -80.43
CA TYR ID 150 -38.99 -147.06 -81.10
C TYR ID 150 -38.03 -147.57 -80.03
N TYR ID 151 -37.57 -148.81 -80.17
CA TYR ID 151 -36.85 -149.44 -79.08
C TYR ID 151 -35.91 -150.52 -79.59
N GLU ID 152 -34.93 -150.86 -78.75
CA GLU ID 152 -34.11 -152.05 -78.91
C GLU ID 152 -33.84 -152.63 -77.52
N ALA ID 153 -34.18 -153.90 -77.34
CA ALA ID 153 -34.07 -154.54 -76.04
C ALA ID 153 -32.65 -155.03 -75.79
N LYS ID 154 -32.29 -155.13 -74.51
CA LYS ID 154 -30.99 -155.66 -74.13
C LYS ID 154 -30.90 -157.14 -74.46
N GLU ID 155 -29.66 -157.59 -74.69
CA GLU ID 155 -29.41 -158.97 -75.09
C GLU ID 155 -29.55 -159.90 -73.89
N GLY ID 156 -30.44 -160.89 -74.01
CA GLY ID 156 -30.55 -161.92 -73.00
C GLY ID 156 -31.21 -161.51 -71.71
N MET ID 157 -32.02 -160.45 -71.72
CA MET ID 157 -32.69 -159.97 -70.53
C MET ID 157 -34.17 -160.32 -70.60
N LEU ID 158 -34.68 -160.96 -69.57
CA LEU ID 158 -36.08 -161.37 -69.49
C LEU ID 158 -36.75 -160.72 -68.28
N PHE ID 159 -37.97 -160.23 -68.49
CA PHE ID 159 -38.69 -159.52 -67.44
C PHE ID 159 -40.16 -159.44 -67.83
N ASP ID 160 -40.97 -158.98 -66.89
CA ASP ID 160 -42.40 -158.78 -67.13
C ASP ID 160 -42.93 -157.79 -66.12
N SER ID 161 -44.06 -157.18 -66.46
CA SER ID 161 -44.76 -156.23 -65.58
C SER ID 161 -43.86 -155.04 -65.22
N LEU ID 162 -43.38 -154.34 -66.24
CA LEU ID 162 -42.54 -153.16 -66.05
C LEU ID 162 -43.28 -151.92 -66.53
N PRO ID 163 -43.53 -150.94 -65.66
CA PRO ID 163 -44.32 -149.77 -66.07
C PRO ID 163 -43.47 -148.65 -66.67
N VAL ID 164 -44.12 -147.88 -67.53
CA VAL ID 164 -43.54 -146.68 -68.13
C VAL ID 164 -44.43 -145.50 -67.75
N ILE ID 165 -43.82 -144.45 -67.20
CA ILE ID 165 -44.55 -143.35 -66.59
C ILE ID 165 -44.17 -142.05 -67.28
N LEU ID 166 -45.17 -141.22 -67.58
CA LEU ID 166 -44.98 -139.89 -68.14
C LEU ID 166 -45.63 -138.87 -67.21
N ASN ID 167 -45.04 -137.68 -67.13
CA ASN ID 167 -45.52 -136.63 -66.24
C ASN ID 167 -45.77 -135.35 -67.02
N PHE ID 168 -46.75 -134.57 -66.57
CA PHE ID 168 -47.11 -133.31 -67.20
C PHE ID 168 -47.06 -132.19 -66.18
N GLN ID 169 -46.58 -131.02 -66.61
CA GLN ID 169 -46.54 -129.84 -65.76
C GLN ID 169 -46.86 -128.61 -66.60
N VAL ID 170 -47.70 -127.74 -66.05
CA VAL ID 170 -48.14 -126.52 -66.72
C VAL ID 170 -47.19 -125.39 -66.37
N LEU ID 171 -46.67 -124.70 -67.39
CA LEU ID 171 -45.77 -123.59 -67.19
C LEU ID 171 -46.46 -122.23 -67.34
N SER ID 172 -47.40 -122.11 -68.28
CA SER ID 172 -48.11 -120.85 -68.49
C SER ID 172 -49.38 -121.13 -69.28
N VAL ID 173 -50.45 -120.42 -68.94
CA VAL ID 173 -51.72 -120.53 -69.63
C VAL ID 173 -52.26 -119.12 -69.88
N SER ID 174 -52.97 -118.97 -70.99
CA SER ID 174 -53.56 -117.68 -71.35
C SER ID 174 -54.85 -117.86 -72.15
N THR JD 26 -81.04 -82.55 -13.67
CA THR JD 26 -79.93 -82.10 -14.51
C THR JD 26 -78.88 -83.20 -14.62
N THR JD 27 -79.05 -84.07 -15.62
CA THR JD 27 -78.16 -85.21 -15.84
C THR JD 27 -77.56 -85.12 -17.24
N GLN JD 28 -76.26 -85.33 -17.33
CA GLN JD 28 -75.54 -85.30 -18.60
C GLN JD 28 -75.25 -86.74 -19.03
N SER JD 29 -75.67 -87.09 -20.24
CA SER JD 29 -75.52 -88.46 -20.70
C SER JD 29 -74.41 -88.58 -21.74
N PRO JD 30 -73.66 -89.69 -21.73
CA PRO JD 30 -72.63 -89.87 -22.75
C PRO JD 30 -73.14 -90.41 -24.07
N LEU JD 31 -74.34 -91.01 -24.09
CA LEU JD 31 -75.01 -91.45 -25.32
C LEU JD 31 -74.21 -92.53 -26.06
N ASN JD 32 -73.75 -93.54 -25.31
CA ASN JD 32 -73.01 -94.64 -25.91
C ASN JD 32 -73.40 -95.99 -25.31
N SER JD 33 -74.57 -96.08 -24.69
CA SER JD 33 -75.02 -97.31 -24.02
C SER JD 33 -75.93 -98.13 -24.94
N PHE JD 34 -75.36 -98.58 -26.06
CA PHE JD 34 -76.08 -99.41 -27.03
C PHE JD 34 -75.16 -100.52 -27.52
N TYR JD 35 -75.69 -101.73 -27.58
CA TYR JD 35 -74.87 -102.89 -27.96
C TYR JD 35 -75.73 -103.89 -28.74
N ALA JD 36 -75.03 -104.74 -29.48
CA ALA JD 36 -75.63 -105.86 -30.20
C ALA JD 36 -74.61 -106.99 -30.24
N THR JD 37 -75.08 -108.24 -30.14
CA THR JD 37 -74.19 -109.37 -29.93
C THR JD 37 -74.53 -110.52 -30.88
N GLY JD 38 -73.50 -111.17 -31.40
CA GLY JD 38 -73.65 -112.39 -32.17
C GLY JD 38 -72.72 -113.48 -31.67
N THR JD 39 -72.63 -114.60 -32.40
CA THR JD 39 -71.81 -115.72 -31.97
C THR JD 39 -71.21 -116.41 -33.19
N ALA JD 40 -70.16 -117.19 -32.94
CA ALA JD 40 -69.49 -117.97 -33.98
C ALA JD 40 -68.84 -119.19 -33.34
N GLN JD 41 -68.56 -120.20 -34.17
CA GLN JD 41 -67.98 -121.43 -33.66
C GLN JD 41 -67.35 -122.22 -34.81
N ALA JD 42 -66.50 -123.17 -34.45
CA ALA JD 42 -65.91 -124.12 -35.41
C ALA JD 42 -65.47 -125.34 -34.62
N VAL JD 43 -66.18 -126.46 -34.80
CA VAL JD 43 -66.01 -127.61 -33.92
C VAL JD 43 -65.74 -128.91 -34.69
N GLN JD 44 -65.16 -128.83 -35.89
CA GLN JD 44 -64.83 -130.03 -36.62
C GLN JD 44 -63.69 -129.78 -37.59
N GLU JD 45 -62.95 -130.85 -37.90
CA GLU JD 45 -61.83 -130.80 -38.83
C GLU JD 45 -62.33 -130.82 -40.27
N PRO JD 46 -61.55 -130.25 -41.20
CA PRO JD 46 -62.06 -130.12 -42.59
C PRO JD 46 -62.42 -131.44 -43.25
N ILE JD 47 -61.66 -132.51 -43.03
CA ILE JD 47 -61.84 -133.75 -43.76
C ILE JD 47 -61.92 -134.93 -42.80
N ASP JD 48 -62.49 -136.02 -43.31
CA ASP JD 48 -62.52 -137.31 -42.61
C ASP JD 48 -62.08 -138.38 -43.59
N VAL JD 49 -61.29 -139.34 -43.11
CA VAL JD 49 -60.66 -140.33 -43.98
C VAL JD 49 -61.02 -141.73 -43.49
N GLU JD 50 -61.45 -142.59 -44.40
CA GLU JD 50 -61.79 -143.97 -44.09
C GLU JD 50 -61.11 -144.90 -45.10
N SER JD 51 -60.62 -146.04 -44.62
CA SER JD 51 -59.80 -146.95 -45.42
C SER JD 51 -60.55 -148.23 -45.74
N HIS JD 52 -60.32 -148.74 -46.95
CA HIS JD 52 -60.90 -150.01 -47.40
C HIS JD 52 -59.86 -150.83 -48.18
N LEU JD 53 -58.63 -150.89 -47.68
CA LEU JD 53 -57.56 -151.65 -48.32
C LEU JD 53 -57.64 -153.09 -47.81
N ASP JD 54 -58.34 -153.94 -48.56
CA ASP JD 54 -58.60 -155.31 -48.15
C ASP JD 54 -58.10 -156.32 -49.18
N ASN JD 55 -56.89 -156.10 -49.70
CA ASN JD 55 -56.23 -157.07 -50.56
C ASN JD 55 -54.78 -157.24 -50.10
N THR JD 56 -54.24 -158.43 -50.33
CA THR JD 56 -52.92 -158.80 -49.84
C THR JD 56 -51.98 -159.06 -51.02
N ILE JD 57 -50.80 -158.45 -50.98
CA ILE JD 57 -49.73 -158.74 -51.93
C ILE JD 57 -49.11 -160.07 -51.51
N ALA JD 58 -49.44 -161.14 -52.23
CA ALA JD 58 -49.00 -162.49 -51.88
C ALA JD 58 -48.36 -163.16 -53.09
N PRO JD 59 -47.13 -162.77 -53.42
CA PRO JD 59 -46.39 -163.48 -54.46
C PRO JD 59 -45.49 -164.57 -53.86
N ALA JD 60 -44.86 -165.32 -54.75
CA ALA JD 60 -43.84 -166.27 -54.33
C ALA JD 60 -42.52 -165.52 -54.07
N ALA JD 61 -41.58 -166.22 -53.45
CA ALA JD 61 -40.30 -165.60 -53.10
C ALA JD 61 -39.52 -165.27 -54.36
N GLY JD 62 -39.11 -164.02 -54.49
CA GLY JD 62 -38.31 -163.59 -55.62
C GLY JD 62 -39.06 -163.34 -56.90
N ALA JD 63 -40.38 -163.30 -56.87
CA ALA JD 63 -41.20 -163.15 -58.07
C ALA JD 63 -41.46 -161.67 -58.36
N GLN JD 64 -41.74 -161.40 -59.63
CA GLN JD 64 -42.12 -160.07 -60.10
C GLN JD 64 -43.61 -160.08 -60.41
N GLY JD 65 -44.35 -159.12 -59.86
CA GLY JD 65 -45.80 -159.20 -59.91
C GLY JD 65 -46.56 -157.93 -60.26
N TYR JD 66 -47.87 -157.98 -60.07
CA TYR JD 66 -48.79 -156.92 -60.45
C TYR JD 66 -50.10 -157.10 -59.68
N LYS JD 67 -50.46 -156.14 -58.84
CA LYS JD 67 -51.56 -156.34 -57.90
C LYS JD 67 -52.26 -155.02 -57.62
N ASP JD 68 -53.54 -155.11 -57.32
CA ASP JD 68 -54.33 -153.98 -56.83
C ASP JD 68 -54.73 -154.25 -55.38
N MET JD 69 -55.07 -153.19 -54.64
CA MET JD 69 -55.22 -153.28 -53.19
C MET JD 69 -56.63 -152.95 -52.70
N GLY JD 70 -57.17 -151.81 -53.11
CA GLY JD 70 -58.46 -151.36 -52.59
C GLY JD 70 -58.64 -149.87 -52.89
N TYR JD 71 -59.45 -149.22 -52.07
CA TYR JD 71 -59.72 -147.80 -52.27
C TYR JD 71 -59.89 -147.12 -50.91
N VAL JD 72 -59.75 -145.80 -50.92
CA VAL JD 72 -59.82 -144.97 -49.71
C VAL JD 72 -60.84 -143.87 -49.94
N LYS JD 73 -61.64 -143.59 -48.90
CA LYS JD 73 -62.69 -142.58 -48.97
C LYS JD 73 -62.30 -141.33 -48.19
N ILE JD 74 -62.57 -140.17 -48.77
CA ILE JD 74 -62.31 -138.88 -48.15
C ILE JD 74 -63.62 -138.10 -48.11
N ILE JD 75 -63.93 -137.50 -46.96
CA ILE JD 75 -65.17 -136.76 -46.75
C ILE JD 75 -64.84 -135.31 -46.45
N ASN JD 76 -65.52 -134.39 -47.13
CA ASN JD 76 -65.29 -132.96 -47.00
C ASN JD 76 -66.52 -132.25 -46.47
N TYR JD 77 -66.29 -131.24 -45.62
CA TYR JD 77 -67.31 -130.66 -44.75
C TYR JD 77 -67.59 -129.20 -45.11
N THR JD 78 -68.34 -128.53 -44.24
CA THR JD 78 -68.98 -127.26 -44.55
C THR JD 78 -67.97 -126.22 -45.00
N ASP JD 79 -68.33 -125.50 -46.08
CA ASP JD 79 -67.57 -124.37 -46.61
C ASP JD 79 -66.18 -124.76 -47.08
N VAL JD 80 -66.00 -126.01 -47.50
CA VAL JD 80 -64.74 -126.52 -48.04
C VAL JD 80 -64.91 -126.75 -49.53
N ASN JD 81 -63.97 -126.25 -50.31
CA ASN JD 81 -64.02 -126.41 -51.77
C ASN JD 81 -62.76 -127.03 -52.35
N VAL JD 82 -61.58 -126.68 -51.84
CA VAL JD 82 -60.32 -127.18 -52.36
C VAL JD 82 -59.45 -127.62 -51.19
N VAL JD 83 -58.83 -128.79 -51.31
CA VAL JD 83 -57.99 -129.36 -50.27
C VAL JD 83 -56.63 -129.72 -50.86
N LYS JD 84 -55.57 -129.35 -50.15
CA LYS JD 84 -54.21 -129.72 -50.50
C LYS JD 84 -53.72 -130.77 -49.51
N LEU JD 85 -53.20 -131.88 -50.02
CA LEU JD 85 -52.85 -133.03 -49.21
C LEU JD 85 -51.42 -133.47 -49.49
N LYS JD 86 -50.81 -134.11 -48.49
CA LYS JD 86 -49.49 -134.72 -48.60
C LYS JD 86 -49.60 -136.17 -48.15
N VAL JD 87 -49.14 -137.09 -48.99
CA VAL JD 87 -49.23 -138.52 -48.74
C VAL JD 87 -47.82 -139.09 -48.71
N THR JD 88 -47.53 -139.91 -47.69
CA THR JD 88 -46.21 -140.48 -47.50
C THR JD 88 -46.33 -141.92 -47.02
N LEU JD 89 -45.23 -142.67 -47.18
CA LEU JD 89 -45.12 -144.03 -46.69
C LEU JD 89 -44.49 -143.98 -45.30
N ALA JD 90 -45.26 -144.36 -44.28
CA ALA JD 90 -44.80 -144.21 -42.90
C ALA JD 90 -43.73 -145.21 -42.52
N ASN JD 91 -43.84 -146.45 -43.02
CA ASN JD 91 -42.93 -147.51 -42.60
C ASN JD 91 -42.08 -148.01 -43.77
N ALA JD 92 -41.55 -147.08 -44.56
CA ALA JD 92 -40.71 -147.46 -45.70
C ALA JD 92 -39.42 -148.13 -45.24
N ALA JD 93 -38.87 -147.70 -44.10
CA ALA JD 93 -37.62 -148.27 -43.60
C ALA JD 93 -37.79 -149.74 -43.26
N GLN JD 94 -38.94 -150.11 -42.67
CA GLN JD 94 -39.17 -151.50 -42.31
C GLN JD 94 -39.32 -152.39 -43.54
N LEU JD 95 -39.89 -151.87 -44.62
CA LEU JD 95 -40.14 -152.65 -45.83
C LEU JD 95 -38.92 -152.79 -46.72
N ARG JD 96 -37.84 -152.05 -46.46
CA ARG JD 96 -36.66 -152.12 -47.32
C ARG JD 96 -36.03 -153.51 -47.39
N PRO JD 97 -35.78 -154.23 -46.28
CA PRO JD 97 -35.12 -155.55 -46.39
C PRO JD 97 -35.96 -156.60 -47.12
N TYR JD 98 -37.25 -156.35 -47.34
CA TYR JD 98 -38.13 -157.35 -47.94
C TYR JD 98 -38.37 -157.17 -49.43
N PHE JD 99 -37.99 -156.02 -50.00
CA PHE JD 99 -38.31 -155.72 -51.39
C PHE JD 99 -37.11 -155.09 -52.08
N LYS JD 100 -36.93 -155.45 -53.35
CA LYS JD 100 -36.00 -154.70 -54.20
C LYS JD 100 -36.60 -153.37 -54.64
N TYR JD 101 -37.89 -153.37 -54.98
CA TYR JD 101 -38.59 -152.13 -55.30
C TYR JD 101 -40.08 -152.34 -55.07
N LEU JD 102 -40.78 -151.23 -54.82
CA LEU JD 102 -42.22 -151.25 -54.59
C LEU JD 102 -42.78 -149.88 -54.93
N GLN JD 103 -43.74 -149.84 -55.84
CA GLN JD 103 -44.32 -148.58 -56.31
C GLN JD 103 -45.82 -148.61 -56.13
N LEU JD 104 -46.37 -147.49 -55.67
CA LEU JD 104 -47.81 -147.34 -55.47
C LEU JD 104 -48.34 -146.24 -56.37
N VAL JD 105 -49.45 -146.51 -57.05
CA VAL JD 105 -50.06 -145.57 -57.99
C VAL JD 105 -51.44 -145.22 -57.46
N LEU JD 106 -51.71 -143.91 -57.33
CA LEU JD 106 -52.98 -143.40 -56.83
C LEU JD 106 -53.71 -142.69 -57.95
N THR JD 107 -54.97 -143.04 -58.16
CA THR JD 107 -55.79 -142.45 -59.22
C THR JD 107 -57.12 -141.99 -58.65
N SER JD 108 -57.57 -140.82 -59.09
CA SER JD 108 -58.88 -140.29 -58.73
C SER JD 108 -59.90 -140.75 -59.78
N ASN JD 109 -61.02 -141.30 -59.31
CA ASN JD 109 -62.01 -141.95 -60.15
C ASN JD 109 -63.42 -141.52 -59.80
N ALA JD 110 -63.60 -140.85 -58.65
CA ALA JD 110 -64.93 -140.59 -58.11
C ALA JD 110 -65.84 -139.89 -59.13
N SER JD 111 -65.26 -139.13 -60.05
CA SER JD 111 -65.97 -138.63 -61.22
C SER JD 111 -65.89 -139.66 -62.34
N SER JD 112 -67.04 -140.15 -62.78
CA SER JD 112 -67.07 -141.17 -63.82
C SER JD 112 -66.57 -140.65 -65.15
N THR JD 113 -66.51 -139.32 -65.33
CA THR JD 113 -66.03 -138.74 -66.58
C THR JD 113 -64.54 -138.43 -66.55
N VAL JD 114 -63.97 -138.13 -65.38
CA VAL JD 114 -62.59 -137.70 -65.26
C VAL JD 114 -61.85 -138.68 -64.35
N GLU JD 115 -61.11 -139.61 -64.95
CA GLU JD 115 -60.16 -140.46 -64.23
C GLU JD 115 -58.78 -139.86 -64.35
N GLU JD 116 -58.10 -139.67 -63.22
CA GLU JD 116 -56.77 -139.09 -63.21
C GLU JD 116 -55.88 -139.77 -62.19
N THR JD 117 -54.66 -140.11 -62.61
CA THR JD 117 -53.61 -140.54 -61.70
C THR JD 117 -52.93 -139.31 -61.11
N LYS JD 118 -52.82 -139.26 -59.78
CA LYS JD 118 -52.34 -138.07 -59.09
C LYS JD 118 -50.90 -138.17 -58.60
N ALA JD 119 -50.48 -139.33 -58.10
CA ALA JD 119 -49.13 -139.44 -57.55
C ALA JD 119 -48.64 -140.88 -57.68
N VAL JD 120 -47.32 -141.03 -57.66
CA VAL JD 120 -46.66 -142.33 -57.64
C VAL JD 120 -45.68 -142.33 -56.46
N LEU JD 121 -45.82 -143.32 -55.59
CA LEU JD 121 -44.96 -143.43 -54.41
C LEU JD 121 -44.04 -144.63 -54.55
N SER JD 122 -42.85 -144.52 -53.96
CA SER JD 122 -41.84 -145.56 -54.05
C SER JD 122 -41.03 -145.56 -52.76
N LEU JD 123 -40.21 -146.59 -52.59
CA LEU JD 123 -39.38 -146.71 -51.41
C LEU JD 123 -38.24 -145.70 -51.40
N LYS JD 124 -37.86 -145.16 -52.56
CA LYS JD 124 -36.81 -144.16 -52.63
C LYS JD 124 -37.35 -142.73 -52.52
N LYS JD 125 -38.57 -142.49 -53.00
CA LYS JD 125 -39.23 -141.19 -52.90
C LYS JD 125 -40.61 -141.41 -52.30
N PRO JD 126 -40.71 -141.47 -50.96
CA PRO JD 126 -41.96 -141.90 -50.32
C PRO JD 126 -43.06 -140.86 -50.27
N SER JD 127 -42.76 -139.59 -50.52
CA SER JD 127 -43.72 -138.51 -50.29
C SER JD 127 -44.14 -137.86 -51.60
N ALA JD 128 -45.37 -137.36 -51.62
CA ALA JD 128 -45.91 -136.66 -52.78
C ALA JD 128 -46.99 -135.70 -52.31
N VAL JD 129 -47.28 -134.71 -53.16
CA VAL JD 129 -48.29 -133.69 -52.89
C VAL JD 129 -49.30 -133.70 -54.03
N ILE JD 130 -50.58 -133.76 -53.69
CA ILE JD 130 -51.66 -133.84 -54.67
C ILE JD 130 -52.66 -132.72 -54.41
N ILE JD 131 -53.48 -132.46 -55.43
CA ILE JD 131 -54.49 -131.40 -55.39
C ILE JD 131 -55.84 -132.01 -55.74
N LEU JD 132 -56.85 -131.72 -54.92
CA LEU JD 132 -58.23 -132.11 -55.19
C LEU JD 132 -59.07 -130.85 -55.37
N ASP JD 133 -59.84 -130.80 -56.47
CA ASP JD 133 -60.59 -129.60 -56.81
C ASP JD 133 -62.06 -129.90 -57.09
N ASN JD 134 -62.78 -128.92 -57.65
CA ASN JD 134 -64.21 -129.05 -57.86
C ASN JD 134 -64.56 -130.25 -58.73
N ASP JD 135 -63.71 -130.60 -59.70
CA ASP JD 135 -64.01 -131.72 -60.58
C ASP JD 135 -63.94 -133.06 -59.84
N ASP JD 136 -63.05 -133.18 -58.86
CA ASP JD 136 -62.89 -134.46 -58.17
C ASP JD 136 -64.07 -134.74 -57.25
N TYR JD 137 -64.61 -133.71 -56.61
CA TYR JD 137 -65.65 -133.89 -55.60
C TYR JD 137 -66.99 -134.28 -56.23
N SER JD 138 -67.07 -135.49 -56.77
CA SER JD 138 -68.34 -136.02 -57.27
C SER JD 138 -69.22 -136.43 -56.11
N SER JD 139 -70.53 -136.40 -56.35
CA SER JD 139 -71.57 -136.52 -55.32
C SER JD 139 -71.46 -135.40 -54.28
N THR JD 140 -70.60 -134.42 -54.53
CA THR JD 140 -70.43 -133.20 -53.74
C THR JD 140 -69.89 -133.45 -52.35
N ASN JD 141 -69.63 -134.71 -51.99
CA ASN JD 141 -69.29 -135.02 -50.60
C ASN JD 141 -68.12 -135.99 -50.39
N LYS JD 142 -67.62 -136.65 -51.43
CA LYS JD 142 -66.60 -137.68 -51.17
C LYS JD 142 -65.65 -137.84 -52.35
N ILE JD 143 -64.45 -138.32 -52.02
CA ILE JD 143 -63.41 -138.68 -52.96
C ILE JD 143 -63.13 -140.17 -52.85
N GLN JD 144 -62.96 -140.83 -54.00
CA GLN JD 144 -62.61 -142.25 -54.04
C GLN JD 144 -61.27 -142.39 -54.75
N LEU JD 145 -60.32 -143.05 -54.09
CA LEU JD 145 -58.97 -143.25 -54.61
C LEU JD 145 -58.56 -144.69 -54.39
N LYS JD 146 -58.35 -145.44 -55.47
CA LYS JD 146 -57.79 -146.77 -55.37
C LYS JD 146 -56.27 -146.75 -55.49
N VAL JD 147 -55.65 -147.82 -55.00
CA VAL JD 147 -54.20 -147.95 -54.91
C VAL JD 147 -53.74 -149.02 -55.88
N GLU JD 148 -52.69 -148.73 -56.63
CA GLU JD 148 -52.12 -149.69 -57.57
C GLU JD 148 -50.68 -149.95 -57.19
N ALA JD 149 -50.31 -151.23 -57.14
CA ALA JD 149 -49.00 -151.65 -56.63
C ALA JD 149 -48.22 -152.41 -57.69
N TYR JD 150 -46.93 -152.12 -57.78
CA TYR JD 150 -45.97 -152.88 -58.57
C TYR JD 150 -44.80 -153.24 -57.65
N TYR JD 151 -44.31 -154.46 -57.77
CA TYR JD 151 -43.37 -154.95 -56.77
C TYR JD 151 -42.48 -156.04 -57.36
N GLU JD 152 -41.35 -156.27 -56.68
CA GLU JD 152 -40.50 -157.43 -56.88
C GLU JD 152 -39.96 -157.86 -55.53
N ALA JD 153 -40.19 -159.12 -55.17
CA ALA JD 153 -39.81 -159.63 -53.86
C ALA JD 153 -38.34 -160.04 -53.83
N LYS JD 154 -37.77 -160.00 -52.64
CA LYS JD 154 -36.38 -160.43 -52.46
C LYS JD 154 -36.26 -161.94 -52.67
N GLU JD 155 -35.06 -162.36 -53.08
CA GLU JD 155 -34.81 -163.76 -53.41
C GLU JD 155 -34.68 -164.57 -52.13
N GLY JD 156 -35.51 -165.61 -51.99
CA GLY JD 156 -35.39 -166.54 -50.89
C GLY JD 156 -35.84 -166.02 -49.54
N MET JD 157 -36.69 -165.01 -49.49
CA MET JD 157 -37.16 -164.44 -48.23
C MET JD 157 -38.61 -164.85 -48.01
N LEU JD 158 -38.89 -165.42 -46.84
CA LEU JD 158 -40.22 -165.88 -46.48
C LEU JD 158 -40.70 -165.13 -45.23
N PHE JD 159 -41.96 -164.72 -45.25
CA PHE JD 159 -42.52 -163.93 -44.16
C PHE JD 159 -44.05 -163.95 -44.27
N ASP JD 160 -44.70 -163.44 -43.24
CA ASP JD 160 -46.15 -163.32 -43.23
C ASP JD 160 -46.55 -162.25 -42.23
N SER JD 161 -47.76 -161.72 -42.41
CA SER JD 161 -48.34 -160.72 -41.52
C SER JD 161 -47.46 -159.47 -41.42
N LEU JD 162 -47.20 -158.85 -42.57
CA LEU JD 162 -46.41 -157.63 -42.65
C LEU JD 162 -47.30 -156.47 -43.09
N PRO JD 163 -47.45 -155.42 -42.28
CA PRO JD 163 -48.35 -154.32 -42.63
C PRO JD 163 -47.69 -153.24 -43.48
N VAL JD 164 -48.52 -152.58 -44.28
CA VAL JD 164 -48.13 -151.42 -45.07
C VAL JD 164 -49.00 -150.24 -44.63
N ILE JD 165 -48.37 -149.13 -44.30
CA ILE JD 165 -49.03 -147.99 -43.66
C ILE JD 165 -48.86 -146.75 -44.53
N LEU JD 166 -49.94 -146.02 -44.71
CA LEU JD 166 -49.93 -144.72 -45.40
C LEU JD 166 -50.47 -143.65 -44.47
N ASN JD 167 -49.94 -142.44 -44.60
CA ASN JD 167 -50.30 -141.32 -43.72
C ASN JD 167 -50.76 -140.13 -44.56
N PHE JD 168 -51.69 -139.35 -44.02
CA PHE JD 168 -52.23 -138.18 -44.68
C PHE JD 168 -52.07 -136.96 -43.78
N GLN JD 169 -51.73 -135.82 -44.39
CA GLN JD 169 -51.60 -134.56 -43.68
C GLN JD 169 -52.14 -133.43 -44.54
N VAL JD 170 -52.91 -132.55 -43.92
CA VAL JD 170 -53.54 -131.42 -44.62
C VAL JD 170 -52.61 -130.23 -44.54
N LEU JD 171 -52.32 -129.63 -45.70
CA LEU JD 171 -51.46 -128.45 -45.76
C LEU JD 171 -52.24 -127.15 -45.91
N SER JD 172 -53.33 -127.15 -46.66
CA SER JD 172 -54.14 -125.95 -46.86
C SER JD 172 -55.52 -126.36 -47.35
N VAL JD 173 -56.54 -125.65 -46.90
CA VAL JD 173 -57.91 -125.87 -47.32
C VAL JD 173 -58.57 -124.52 -47.60
N SER JD 174 -59.47 -124.51 -48.56
CA SER JD 174 -60.18 -123.29 -48.92
C SER JD 174 -61.59 -123.59 -49.45
N THR KD 26 -78.79 -83.85 9.52
CA THR KD 26 -77.89 -83.45 8.45
C THR KD 26 -76.80 -84.51 8.24
N THR KD 27 -77.10 -85.48 7.38
CA THR KD 27 -76.21 -86.59 7.10
C THR KD 27 -75.87 -86.62 5.61
N GLN KD 28 -74.60 -86.79 5.30
CA GLN KD 28 -74.12 -86.85 3.93
C GLN KD 28 -73.83 -88.30 3.57
N SER KD 29 -74.44 -88.79 2.49
CA SER KD 29 -74.30 -90.20 2.15
C SER KD 29 -73.39 -90.37 0.93
N PRO KD 30 -72.59 -91.44 0.90
CA PRO KD 30 -71.75 -91.68 -0.28
C PRO KD 30 -72.47 -92.37 -1.43
N LEU KD 31 -73.61 -93.02 -1.16
CA LEU KD 31 -74.47 -93.59 -2.21
C LEU KD 31 -73.74 -94.70 -2.99
N ASN KD 32 -73.10 -95.62 -2.26
CA ASN KD 32 -72.43 -96.74 -2.88
C ASN KD 32 -72.62 -98.04 -2.09
N SER KD 33 -73.66 -98.12 -1.27
CA SER KD 33 -73.91 -99.29 -0.43
C SER KD 33 -74.91 -100.24 -1.09
N PHE KD 34 -74.53 -100.76 -2.25
CA PHE KD 34 -75.37 -101.71 -2.99
C PHE KD 34 -74.49 -102.82 -3.54
N TYR KD 35 -74.95 -104.07 -3.40
CA TYR KD 35 -74.16 -105.22 -3.81
C TYR KD 35 -75.07 -106.33 -4.33
N ALA KD 36 -74.48 -107.22 -5.12
CA ALA KD 36 -75.13 -108.43 -5.61
C ALA KD 36 -74.07 -109.51 -5.74
N THR KD 37 -74.44 -110.75 -5.44
CA THR KD 37 -73.48 -111.83 -5.30
C THR KD 37 -73.92 -113.07 -6.07
N GLY KD 38 -72.96 -113.73 -6.71
CA GLY KD 38 -73.17 -115.02 -7.34
C GLY KD 38 -72.10 -116.03 -6.93
N THR KD 39 -72.10 -117.21 -7.55
CA THR KD 39 -71.16 -118.26 -7.19
C THR KD 39 -70.73 -119.03 -8.42
N ALA KD 40 -69.61 -119.74 -8.31
CA ALA KD 40 -69.11 -120.59 -9.38
C ALA KD 40 -68.28 -121.71 -8.76
N GLN KD 41 -68.10 -122.79 -9.53
CA GLN KD 41 -67.36 -123.95 -9.04
C GLN KD 41 -66.91 -124.81 -10.22
N ALA KD 42 -65.96 -125.70 -9.93
CA ALA KD 42 -65.49 -126.69 -10.90
C ALA KD 42 -64.86 -127.83 -10.09
N VAL KD 43 -65.52 -128.98 -10.05
CA VAL KD 43 -65.13 -130.03 -9.11
C VAL KD 43 -64.94 -131.39 -9.81
N GLN KD 44 -64.58 -131.40 -11.08
CA GLN KD 44 -64.32 -132.67 -11.76
C GLN KD 44 -63.39 -132.45 -12.94
N GLU KD 45 -62.66 -133.52 -13.29
CA GLU KD 45 -61.73 -133.51 -14.41
C GLU KD 45 -62.48 -133.69 -15.73
N PRO KD 46 -61.91 -133.19 -16.83
CA PRO KD 46 -62.66 -133.22 -18.11
C PRO KD 46 -63.07 -134.60 -18.57
N ILE KD 47 -62.21 -135.61 -18.40
CA ILE KD 47 -62.45 -136.93 -18.98
C ILE KD 47 -62.31 -138.01 -17.92
N ASP KD 48 -62.88 -139.17 -18.21
CA ASP KD 48 -62.71 -140.37 -17.41
C ASP KD 48 -62.40 -141.52 -18.36
N VAL KD 49 -61.48 -142.40 -17.96
CA VAL KD 49 -60.97 -143.45 -18.83
C VAL KD 49 -61.16 -144.80 -18.16
N GLU KD 50 -61.68 -145.77 -18.90
CA GLU KD 50 -61.89 -147.12 -18.41
C GLU KD 50 -61.35 -148.11 -19.44
N SER KD 51 -60.72 -149.18 -18.96
CA SER KD 51 -60.01 -150.13 -19.81
C SER KD 51 -60.72 -151.47 -19.88
N HIS KD 52 -60.70 -152.08 -21.06
CA HIS KD 52 -61.27 -153.41 -21.28
C HIS KD 52 -60.35 -154.25 -22.17
N LEU KD 53 -59.04 -154.22 -21.90
CA LEU KD 53 -58.06 -155.01 -22.65
C LEU KD 53 -57.97 -156.38 -22.01
N ASP KD 54 -58.74 -157.34 -22.54
CA ASP KD 54 -58.85 -158.67 -21.97
C ASP KD 54 -58.49 -159.75 -22.98
N ASN KD 55 -57.40 -159.54 -23.73
CA ASN KD 55 -56.85 -160.56 -24.61
C ASN KD 55 -55.34 -160.62 -24.42
N THR KD 56 -54.78 -161.80 -24.64
CA THR KD 56 -53.38 -162.08 -24.38
C THR KD 56 -52.66 -162.41 -25.67
N ILE KD 57 -51.52 -161.75 -25.90
CA ILE KD 57 -50.64 -162.10 -27.01
C ILE KD 57 -49.86 -163.34 -26.59
N ALA KD 58 -50.26 -164.49 -27.15
CA ALA KD 58 -49.69 -165.79 -26.77
C ALA KD 58 -49.24 -166.55 -28.00
N PRO KD 59 -48.11 -166.14 -28.60
CA PRO KD 59 -47.53 -166.92 -29.68
C PRO KD 59 -46.48 -167.91 -29.17
N ALA KD 60 -45.97 -168.72 -30.09
CA ALA KD 60 -44.84 -169.57 -29.78
C ALA KD 60 -43.56 -168.76 -29.84
N ALA KD 61 -42.47 -169.35 -29.34
CA ALA KD 61 -41.19 -168.66 -29.28
C ALA KD 61 -40.66 -168.43 -30.69
N GLY KD 62 -40.36 -167.17 -31.01
CA GLY KD 62 -39.79 -166.83 -32.30
C GLY KD 62 -40.77 -166.72 -33.44
N ALA KD 63 -42.07 -166.75 -33.16
CA ALA KD 63 -43.08 -166.73 -34.20
C ALA KD 63 -43.48 -165.31 -34.58
N GLN KD 64 -44.01 -165.17 -35.78
CA GLN KD 64 -44.54 -163.91 -36.29
C GLN KD 64 -46.07 -164.01 -36.31
N GLY KD 65 -46.74 -163.02 -35.72
CA GLY KD 65 -48.17 -163.17 -35.51
C GLY KD 65 -49.05 -161.97 -35.81
N TYR KD 66 -50.31 -162.05 -35.37
CA TYR KD 66 -51.34 -161.07 -35.68
C TYR KD 66 -52.47 -161.23 -34.67
N LYS KD 67 -52.73 -160.20 -33.87
CA LYS KD 67 -53.63 -160.36 -32.73
C LYS KD 67 -54.33 -159.04 -32.43
N ASP KD 68 -55.55 -159.15 -31.90
CA ASP KD 68 -56.29 -158.01 -31.36
C ASP KD 68 -56.41 -158.16 -29.86
N MET KD 69 -56.66 -157.04 -29.16
CA MET KD 69 -56.55 -157.00 -27.71
C MET KD 69 -57.86 -156.68 -27.00
N GLY KD 70 -58.54 -155.61 -27.40
CA GLY KD 70 -59.74 -155.16 -26.70
C GLY KD 70 -60.04 -153.73 -27.09
N TYR KD 71 -60.74 -153.03 -26.19
CA TYR KD 71 -61.11 -151.63 -26.46
C TYR KD 71 -61.08 -150.84 -25.16
N VAL KD 72 -61.01 -149.52 -25.31
CA VAL KD 72 -60.91 -148.58 -24.18
C VAL KD 72 -62.01 -147.54 -24.31
N LYS KD 73 -62.63 -147.20 -23.19
CA LYS KD 73 -63.74 -146.25 -23.15
C LYS KD 73 -63.28 -144.92 -22.56
N ILE KD 74 -63.72 -143.82 -23.18
CA ILE KD 74 -63.42 -142.47 -22.73
C ILE KD 74 -64.75 -141.74 -22.52
N ILE KD 75 -64.87 -141.04 -21.39
CA ILE KD 75 -66.09 -140.34 -21.03
C ILE KD 75 -65.80 -138.85 -20.92
N ASN KD 76 -66.63 -138.03 -21.53
CA ASN KD 76 -66.47 -136.59 -21.58
C ASN KD 76 -67.63 -135.88 -20.89
N TYR KD 77 -67.31 -134.78 -20.21
CA TYR KD 77 -68.17 -134.17 -19.21
C TYR KD 77 -68.59 -132.76 -19.63
N THR KD 78 -69.22 -132.05 -18.70
CA THR KD 78 -69.97 -130.83 -19.00
C THR KD 78 -69.13 -129.80 -19.73
N ASP KD 79 -69.71 -129.21 -20.77
CA ASP KD 79 -69.12 -128.10 -21.53
C ASP KD 79 -67.82 -128.49 -22.22
N VAL KD 80 -67.65 -129.76 -22.55
CA VAL KD 80 -66.49 -130.27 -23.26
C VAL KD 80 -66.90 -130.65 -24.67
N ASN KD 81 -66.15 -130.18 -25.65
CA ASN KD 81 -66.45 -130.48 -27.05
C ASN KD 81 -65.28 -131.12 -27.80
N VAL KD 82 -64.05 -130.67 -27.56
CA VAL KD 82 -62.87 -131.16 -28.25
C VAL KD 82 -61.79 -131.46 -27.23
N VAL KD 83 -61.14 -132.61 -27.37
CA VAL KD 83 -60.09 -133.05 -26.45
C VAL KD 83 -58.84 -133.40 -27.24
N LYS KD 84 -57.70 -132.92 -26.78
CA LYS KD 84 -56.40 -133.27 -27.33
C LYS KD 84 -55.67 -134.19 -26.37
N LEU KD 85 -55.20 -135.33 -26.87
CA LEU KD 85 -54.65 -136.38 -26.03
C LEU KD 85 -53.26 -136.79 -26.52
N LYS KD 86 -52.45 -137.30 -25.59
CA LYS KD 86 -51.15 -137.87 -25.90
C LYS KD 86 -51.09 -139.28 -25.31
N VAL KD 87 -50.74 -140.25 -26.14
CA VAL KD 87 -50.69 -141.65 -25.75
C VAL KD 87 -49.27 -142.17 -25.93
N THR KD 88 -48.77 -142.87 -24.91
CA THR KD 88 -47.40 -143.37 -24.93
C THR KD 88 -47.35 -144.75 -24.30
N LEU KD 89 -46.26 -145.47 -24.60
CA LEU KD 89 -45.99 -146.77 -24.01
C LEU KD 89 -45.12 -146.57 -22.78
N ALA KD 90 -45.67 -146.89 -21.61
CA ALA KD 90 -44.98 -146.57 -20.35
C ALA KD 90 -43.80 -147.50 -20.09
N ASN KD 91 -43.93 -148.77 -20.45
CA ASN KD 91 -42.90 -149.76 -20.12
C ASN KD 91 -42.25 -150.33 -21.37
N ALA KD 92 -41.92 -149.46 -22.32
CA ALA KD 92 -41.28 -149.92 -23.55
C ALA KD 92 -39.89 -150.48 -23.28
N ALA KD 93 -39.17 -149.93 -22.31
CA ALA KD 93 -37.82 -150.41 -22.01
C ALA KD 93 -37.84 -151.84 -21.51
N GLN KD 94 -38.84 -152.19 -20.69
CA GLN KD 94 -38.93 -153.56 -20.17
C GLN KD 94 -39.24 -154.55 -21.27
N LEU KD 95 -40.03 -154.16 -22.27
CA LEU KD 95 -40.45 -155.06 -23.34
C LEU KD 95 -39.40 -155.26 -24.42
N ARG KD 96 -38.34 -154.44 -24.42
CA ARG KD 96 -37.33 -154.56 -25.49
C ARG KD 96 -36.64 -155.92 -25.54
N PRO KD 97 -36.16 -156.51 -24.44
CA PRO KD 97 -35.47 -157.81 -24.56
C PRO KD 97 -36.35 -158.95 -25.02
N TYR KD 98 -37.67 -158.78 -25.03
CA TYR KD 98 -38.59 -159.87 -25.35
C TYR KD 98 -39.10 -159.84 -26.78
N PHE KD 99 -38.90 -158.74 -27.52
CA PHE KD 99 -39.47 -158.59 -28.85
C PHE KD 99 -38.46 -157.98 -29.81
N LYS KD 100 -38.49 -158.45 -31.05
CA LYS KD 100 -37.77 -157.76 -32.12
C LYS KD 100 -38.52 -156.50 -32.55
N TYR KD 101 -39.84 -156.58 -32.64
CA TYR KD 101 -40.66 -155.40 -32.93
C TYR KD 101 -42.07 -155.64 -32.42
N LEU KD 102 -42.77 -154.55 -32.14
CA LEU KD 102 -44.14 -154.61 -31.65
C LEU KD 102 -44.83 -153.30 -32.00
N GLN KD 103 -45.94 -153.38 -32.72
CA GLN KD 103 -46.66 -152.21 -33.19
C GLN KD 103 -48.11 -152.27 -32.74
N LEU KD 104 -48.64 -151.13 -32.28
CA LEU KD 104 -50.01 -151.02 -31.83
C LEU KD 104 -50.76 -150.04 -32.71
N VAL KD 105 -51.95 -150.41 -33.14
CA VAL KD 105 -52.78 -149.60 -34.03
C VAL KD 105 -54.06 -149.24 -33.29
N LEU KD 106 -54.37 -147.95 -33.23
CA LEU KD 106 -55.55 -147.44 -32.56
C LEU KD 106 -56.51 -146.87 -33.59
N THR KD 107 -57.78 -147.30 -33.52
CA THR KD 107 -58.80 -146.84 -34.45
C THR KD 107 -60.03 -146.37 -33.69
N SER KD 108 -60.62 -145.27 -34.15
CA SER KD 108 -61.87 -144.77 -33.60
C SER KD 108 -63.02 -145.37 -34.40
N ASN KD 109 -64.02 -145.90 -33.68
CA ASN KD 109 -65.10 -146.68 -34.27
C ASN KD 109 -66.46 -146.27 -33.69
N ALA KD 110 -66.46 -145.51 -32.60
CA ALA KD 110 -67.69 -145.24 -31.85
C ALA KD 110 -68.80 -144.68 -32.74
N SER KD 111 -68.44 -143.99 -33.82
CA SER KD 111 -69.37 -143.64 -34.88
C SER KD 111 -69.43 -144.76 -35.90
N SER KD 112 -70.63 -145.34 -36.07
CA SER KD 112 -70.78 -146.45 -36.99
C SER KD 112 -70.55 -146.05 -38.43
N THR KD 113 -70.60 -144.75 -38.74
CA THR KD 113 -70.38 -144.26 -40.10
C THR KD 113 -68.94 -143.89 -40.38
N VAL KD 114 -68.19 -143.46 -39.36
CA VAL KD 114 -66.83 -142.97 -39.54
C VAL KD 114 -65.89 -143.83 -38.69
N GLU KD 115 -65.22 -144.78 -39.34
CA GLU KD 115 -64.11 -145.52 -38.73
C GLU KD 115 -62.80 -144.86 -39.16
N GLU KD 116 -61.95 -144.56 -38.19
CA GLU KD 116 -60.67 -143.92 -38.48
C GLU KD 116 -59.57 -144.46 -37.58
N THR KD 117 -58.43 -144.79 -38.19
CA THR KD 117 -57.21 -145.08 -37.45
C THR KD 117 -56.51 -143.78 -37.11
N LYS KD 118 -56.17 -143.61 -35.84
CA LYS KD 118 -55.63 -142.33 -35.36
C LYS KD 118 -54.14 -142.33 -35.12
N ALA KD 119 -53.56 -143.41 -34.61
CA ALA KD 119 -52.13 -143.42 -34.32
C ALA KD 119 -51.59 -144.84 -34.40
N VAL KD 120 -50.29 -144.94 -34.62
CA VAL KD 120 -49.56 -146.20 -34.60
C VAL KD 120 -48.39 -146.05 -33.64
N LEU KD 121 -48.30 -146.95 -32.66
CA LEU KD 121 -47.25 -146.92 -31.66
C LEU KD 121 -46.29 -148.09 -31.86
N SER KD 122 -45.03 -147.87 -31.52
CA SER KD 122 -44.00 -148.88 -31.68
C SER KD 122 -42.97 -148.72 -30.59
N LEU KD 123 -42.08 -149.71 -30.48
CA LEU KD 123 -41.04 -149.67 -29.46
C LEU KD 123 -39.98 -148.62 -29.75
N LYS KD 124 -39.84 -148.18 -31.00
CA LYS KD 124 -38.88 -147.15 -31.35
C LYS KD 124 -39.47 -145.75 -31.28
N LYS KD 125 -40.77 -145.60 -31.54
CA LYS KD 125 -41.47 -144.32 -31.43
C LYS KD 125 -42.70 -144.55 -30.56
N PRO KD 126 -42.56 -144.46 -29.24
CA PRO KD 126 -43.64 -144.89 -28.35
C PRO KD 126 -44.78 -143.89 -28.18
N SER KD 127 -44.61 -142.63 -28.59
CA SER KD 127 -45.56 -141.58 -28.28
C SER KD 127 -46.24 -141.08 -29.56
N ALA KD 128 -47.48 -140.63 -29.39
CA ALA KD 128 -48.27 -140.06 -30.48
C ALA KD 128 -49.30 -139.10 -29.92
N VAL KD 129 -49.79 -138.22 -30.78
CA VAL KD 129 -50.79 -137.22 -30.41
C VAL KD 129 -51.98 -137.38 -31.35
N ILE KD 130 -53.18 -137.45 -30.77
CA ILE KD 130 -54.41 -137.66 -31.52
C ILE KD 130 -55.41 -136.57 -31.19
N ILE KD 131 -56.42 -136.44 -32.05
CA ILE KD 131 -57.46 -135.42 -31.91
C ILE KD 131 -58.82 -136.11 -31.96
N LEU KD 132 -59.68 -135.79 -31.00
CA LEU KD 132 -61.06 -136.26 -30.97
C LEU KD 132 -61.98 -135.05 -31.11
N ASP KD 133 -62.94 -135.14 -32.04
CA ASP KD 133 -63.81 -134.02 -32.34
C ASP KD 133 -65.29 -134.39 -32.32
N ASN KD 134 -66.14 -133.50 -32.82
CA ASN KD 134 -67.59 -133.70 -32.76
C ASN KD 134 -68.02 -135.00 -33.44
N ASP KD 135 -67.33 -135.40 -34.51
CA ASP KD 135 -67.73 -136.62 -35.22
C ASP KD 135 -67.45 -137.87 -34.40
N ASP KD 136 -66.38 -137.86 -33.58
CA ASP KD 136 -66.03 -139.06 -32.83
C ASP KD 136 -67.01 -139.31 -31.69
N TYR KD 137 -67.48 -138.25 -31.05
CA TYR KD 137 -68.32 -138.37 -29.85
C TYR KD 137 -69.72 -138.86 -30.19
N SER KD 138 -69.83 -140.12 -30.60
CA SER KD 138 -71.13 -140.74 -30.80
C SER KD 138 -71.77 -141.07 -29.46
N SER KD 139 -73.10 -141.13 -29.46
CA SER KD 139 -73.93 -141.18 -28.26
C SER KD 139 -73.71 -139.97 -27.36
N THR KD 140 -72.95 -138.97 -27.84
CA THR KD 140 -72.72 -137.67 -27.21
C THR KD 140 -71.92 -137.78 -25.92
N ASN KD 141 -71.54 -138.99 -25.51
CA ASN KD 141 -70.93 -139.14 -24.18
C ASN KD 141 -69.70 -140.04 -24.12
N LYS KD 142 -69.34 -140.78 -25.17
CA LYS KD 142 -68.25 -141.73 -25.00
C LYS KD 142 -67.51 -141.97 -26.31
N ILE KD 143 -66.25 -142.38 -26.18
CA ILE KD 143 -65.36 -142.79 -27.27
C ILE KD 143 -64.99 -144.25 -27.07
N GLN KD 144 -65.00 -145.00 -28.16
CA GLN KD 144 -64.58 -146.40 -28.16
C GLN KD 144 -63.39 -146.56 -29.08
N LEU KD 145 -62.29 -147.11 -28.56
CA LEU KD 145 -61.05 -147.31 -29.30
C LEU KD 145 -60.52 -148.71 -29.02
N LYS KD 146 -60.48 -149.55 -30.06
CA LYS KD 146 -59.82 -150.85 -29.94
C LYS KD 146 -58.36 -150.77 -30.34
N VAL KD 147 -57.60 -151.78 -29.88
CA VAL KD 147 -56.16 -151.83 -30.05
C VAL KD 147 -55.82 -152.97 -31.00
N GLU KD 148 -54.93 -152.71 -31.95
CA GLU KD 148 -54.50 -153.73 -32.89
C GLU KD 148 -52.99 -153.91 -32.76
N ALA KD 149 -52.54 -155.15 -32.65
CA ALA KD 149 -51.15 -155.46 -32.36
C ALA KD 149 -50.53 -156.30 -33.48
N TYR KD 150 -49.30 -155.96 -33.83
CA TYR KD 150 -48.45 -156.76 -34.71
C TYR KD 150 -47.13 -156.98 -34.00
N TYR KD 151 -46.59 -158.20 -34.09
CA TYR KD 151 -45.46 -158.55 -33.25
C TYR KD 151 -44.63 -159.65 -33.89
N GLU KD 152 -43.39 -159.76 -33.42
CA GLU KD 152 -42.53 -160.91 -33.66
C GLU KD 152 -41.72 -161.17 -32.41
N ALA KD 153 -41.81 -162.41 -31.90
CA ALA KD 153 -41.18 -162.77 -30.64
C ALA KD 153 -39.71 -163.12 -30.85
N LYS KD 154 -38.93 -162.94 -29.79
CA LYS KD 154 -37.51 -163.30 -29.83
C LYS KD 154 -37.35 -164.81 -29.93
N GLU KD 155 -36.22 -165.23 -30.51
CA GLU KD 155 -35.95 -166.64 -30.75
C GLU KD 155 -35.54 -167.33 -29.46
N GLY KD 156 -36.29 -168.37 -29.08
CA GLY KD 156 -35.92 -169.18 -27.94
C GLY KD 156 -36.14 -168.56 -26.58
N MET KD 157 -37.02 -167.57 -26.47
CA MET KD 157 -37.29 -166.90 -25.21
C MET KD 157 -38.65 -167.35 -24.68
N LEU KD 158 -38.69 -167.81 -23.43
CA LEU KD 158 -39.90 -168.29 -22.79
C LEU KD 158 -40.19 -167.45 -21.55
N PHE KD 159 -41.45 -167.09 -21.37
CA PHE KD 159 -41.86 -166.22 -20.27
C PHE KD 159 -43.36 -166.32 -20.10
N ASP KD 160 -43.85 -165.72 -19.01
CA ASP KD 160 -45.28 -165.67 -18.74
C ASP KD 160 -45.55 -164.51 -17.79
N SER KD 161 -46.81 -164.05 -17.79
CA SER KD 161 -47.27 -162.99 -16.89
C SER KD 161 -46.46 -161.72 -17.07
N LEU KD 162 -46.45 -161.19 -18.30
CA LEU KD 162 -45.75 -159.96 -18.62
C LEU KD 162 -46.77 -158.88 -18.99
N PRO KD 163 -46.84 -157.77 -18.27
CA PRO KD 163 -47.84 -156.75 -18.55
C PRO KD 163 -47.41 -155.73 -19.58
N VAL KD 164 -48.41 -155.18 -20.28
CA VAL KD 164 -48.23 -154.09 -21.22
C VAL KD 164 -49.07 -152.92 -20.74
N ILE KD 165 -48.44 -151.74 -20.63
CA ILE KD 165 -49.06 -150.59 -19.98
C ILE KD 165 -49.11 -149.42 -20.97
N LEU KD 166 -50.25 -148.74 -21.01
CA LEU KD 166 -50.43 -147.53 -21.81
C LEU KD 166 -50.86 -146.39 -20.89
N ASN KD 167 -50.43 -145.18 -21.22
CA ASN KD 167 -50.69 -144.00 -20.41
C ASN KD 167 -51.35 -142.92 -21.25
N PHE KD 168 -52.22 -142.12 -20.61
CA PHE KD 168 -52.93 -141.04 -21.25
C PHE KD 168 -52.67 -139.73 -20.51
N GLN KD 169 -52.51 -138.65 -21.27
CA GLN KD 169 -52.34 -137.32 -20.70
C GLN KD 169 -53.09 -136.31 -21.55
N VAL KD 170 -53.79 -135.39 -20.89
CA VAL KD 170 -54.58 -134.37 -21.55
C VAL KD 170 -53.72 -133.13 -21.75
N LEU KD 171 -53.68 -132.63 -22.99
CA LEU KD 171 -52.92 -131.44 -23.31
C LEU KD 171 -53.79 -130.19 -23.43
N SER KD 172 -55.00 -130.30 -23.96
CA SER KD 172 -55.89 -129.16 -24.10
C SER KD 172 -57.31 -129.68 -24.31
N VAL KD 173 -58.27 -128.96 -23.73
CA VAL KD 173 -59.69 -129.28 -23.88
C VAL KD 173 -60.45 -128.00 -24.14
N SER KD 174 -61.52 -128.10 -24.92
CA SER KD 174 -62.35 -126.95 -25.25
C SER KD 174 -63.80 -127.37 -25.49
N THR LD 26 -72.35 -82.82 31.92
CA THR LD 26 -71.66 -82.48 30.68
C THR LD 26 -70.58 -83.52 30.37
N THR LD 27 -70.97 -84.58 29.66
CA THR LD 27 -70.08 -85.67 29.32
C THR LD 27 -70.02 -85.83 27.81
N GLN LD 28 -68.82 -85.98 27.27
CA GLN LD 28 -68.59 -86.15 25.85
C GLN LD 28 -68.29 -87.62 25.58
N SER LD 29 -69.06 -88.24 24.68
CA SER LD 29 -68.90 -89.67 24.43
C SER LD 29 -68.23 -89.92 23.09
N PRO LD 30 -67.38 -90.95 23.00
CA PRO LD 30 -66.74 -91.28 21.72
C PRO LD 30 -67.62 -92.10 20.79
N LEU LD 31 -68.66 -92.76 21.31
CA LEU LD 31 -69.65 -93.47 20.50
C LEU LD 31 -69.02 -94.61 19.70
N ASN LD 32 -68.21 -95.43 20.39
CA ASN LD 32 -67.60 -96.59 19.75
C ASN LD 32 -67.57 -97.81 20.66
N SER LD 33 -68.44 -97.84 21.67
CA SER LD 33 -68.47 -98.94 22.63
C SER LD 33 -69.52 -99.99 22.26
N PHE LD 34 -69.33 -100.61 21.10
CA PHE LD 34 -70.22 -101.65 20.62
C PHE LD 34 -69.40 -102.78 20.01
N TYR LD 35 -69.76 -104.03 20.35
CA TYR LD 35 -68.99 -105.18 19.89
C TYR LD 35 -69.91 -106.36 19.65
N ALA LD 36 -69.42 -107.31 18.85
CA ALA LD 36 -70.08 -108.58 18.60
C ALA LD 36 -69.01 -109.63 18.37
N THR LD 37 -69.26 -110.85 18.84
CA THR LD 37 -68.22 -111.87 18.89
C THR LD 37 -68.71 -113.19 18.33
N GLY LD 38 -67.85 -113.88 17.58
CA GLY LD 38 -68.10 -115.24 17.12
C GLY LD 38 -66.92 -116.15 17.42
N THR LD 39 -66.95 -117.38 16.91
CA THR LD 39 -65.90 -118.35 17.18
C THR LD 39 -65.68 -119.23 15.96
N ALA LD 40 -64.51 -119.88 15.94
CA ALA LD 40 -64.15 -120.80 14.87
C ALA LD 40 -63.18 -121.83 15.42
N GLN LD 41 -63.07 -122.96 14.72
CA GLN LD 41 -62.20 -124.04 15.17
C GLN LD 41 -61.92 -124.99 14.01
N ALA LD 42 -60.87 -125.81 14.20
CA ALA LD 42 -60.54 -126.87 13.25
C ALA LD 42 -59.70 -127.90 14.01
N VAL LD 43 -60.28 -129.07 14.29
CA VAL LD 43 -59.68 -130.01 15.23
C VAL LD 43 -59.53 -131.41 14.63
N GLN LD 44 -59.41 -131.54 13.31
CA GLN LD 44 -59.20 -132.85 12.72
C GLN LD 44 -58.51 -132.71 11.37
N GLU LD 45 -57.80 -133.78 10.99
CA GLU LD 45 -57.08 -133.84 9.72
C GLU LD 45 -58.05 -134.18 8.58
N PRO LD 46 -57.72 -133.77 7.35
CA PRO LD 46 -58.68 -133.95 6.24
C PRO LD 46 -59.09 -135.39 5.98
N ILE LD 47 -58.16 -136.34 6.09
CA ILE LD 47 -58.43 -137.71 5.68
C ILE LD 47 -58.03 -138.68 6.79
N ASP LD 48 -58.58 -139.89 6.70
CA ASP LD 48 -58.21 -141.00 7.56
C ASP LD 48 -58.00 -142.22 6.67
N VAL LD 49 -56.98 -143.02 6.98
CA VAL LD 49 -56.57 -144.13 6.12
C VAL LD 49 -56.55 -145.42 6.93
N GLU LD 50 -57.16 -146.47 6.39
CA GLU LD 50 -57.19 -147.79 7.03
C GLU LD 50 -56.79 -148.83 6.01
N SER LD 51 -56.04 -149.83 6.45
CA SER LD 51 -55.43 -150.83 5.57
C SER LD 51 -56.07 -152.19 5.75
N HIS LD 52 -56.22 -152.92 4.65
CA HIS LD 52 -56.73 -154.29 4.65
C HIS LD 52 -55.95 -155.17 3.70
N LEU LD 53 -54.63 -155.06 3.72
CA LEU LD 53 -53.76 -155.88 2.86
C LEU LD 53 -53.47 -157.18 3.59
N ASP LD 54 -54.27 -158.21 3.30
CA ASP LD 54 -54.20 -159.49 3.99
C ASP LD 54 -53.96 -160.64 3.03
N ASN LD 55 -53.04 -160.47 2.08
CA ASN LD 55 -52.60 -161.55 1.21
C ASN LD 55 -51.08 -161.52 1.12
N THR LD 56 -50.50 -162.71 0.91
CA THR LD 56 -49.06 -162.89 0.93
C THR LD 56 -48.57 -163.32 -0.44
N ILE LD 57 -47.53 -162.64 -0.92
CA ILE LD 57 -46.84 -163.05 -2.14
C ILE LD 57 -45.94 -164.24 -1.78
N ALA LD 58 -46.36 -165.44 -2.14
CA ALA LD 58 -45.66 -166.67 -1.76
C ALA LD 58 -45.39 -167.53 -2.99
N PRO LD 59 -44.42 -167.14 -3.81
CA PRO LD 59 -44.00 -168.00 -4.92
C PRO LD 59 -42.82 -168.88 -4.52
N ALA LD 60 -42.45 -169.76 -5.43
CA ALA LD 60 -41.23 -170.53 -5.28
C ALA LD 60 -40.02 -169.67 -5.64
N ALA LD 61 -38.84 -170.18 -5.29
CA ALA LD 61 -37.60 -169.44 -5.53
C ALA LD 61 -37.35 -169.32 -7.03
N GLY LD 62 -37.18 -168.09 -7.51
CA GLY LD 62 -36.87 -167.85 -8.91
C GLY LD 62 -38.06 -167.89 -9.85
N ALA LD 63 -39.28 -167.94 -9.34
CA ALA LD 63 -40.47 -168.07 -10.18
C ALA LD 63 -41.00 -166.70 -10.59
N GLN LD 64 -41.75 -166.70 -11.69
CA GLN LD 64 -42.43 -165.52 -12.20
C GLN LD 64 -43.92 -165.67 -11.93
N GLY LD 65 -44.53 -164.66 -11.32
CA GLY LD 65 -45.89 -164.84 -10.83
C GLY LD 65 -46.88 -163.72 -11.07
N TYR LD 66 -48.02 -163.80 -10.41
CA TYR LD 66 -49.15 -162.91 -10.60
C TYR LD 66 -50.07 -163.00 -9.38
N LYS LD 67 -50.24 -161.91 -8.64
CA LYS LD 67 -50.91 -162.00 -7.36
C LYS LD 67 -51.62 -160.70 -7.05
N ASP LD 68 -52.71 -160.79 -6.29
CA ASP LD 68 -53.42 -159.64 -5.73
C ASP LD 68 -53.25 -159.64 -4.21
N MET LD 69 -53.44 -158.48 -3.59
CA MET LD 69 -53.07 -158.29 -2.19
C MET LD 69 -54.25 -157.95 -1.29
N GLY LD 70 -55.05 -156.95 -1.65
CA GLY LD 70 -56.12 -156.48 -0.78
C GLY LD 70 -56.56 -155.11 -1.22
N TYR LD 71 -57.13 -154.35 -0.29
CA TYR LD 71 -57.62 -153.02 -0.60
C TYR LD 71 -57.41 -152.10 0.59
N VAL LD 72 -57.44 -150.79 0.33
CA VAL LD 72 -57.19 -149.75 1.32
C VAL LD 72 -58.35 -148.77 1.31
N LYS LD 73 -58.78 -148.34 2.50
CA LYS LD 73 -59.91 -147.43 2.65
C LYS LD 73 -59.42 -146.04 3.03
N ILE LD 74 -60.04 -145.03 2.40
CA ILE LD 74 -59.74 -143.62 2.66
C ILE LD 74 -61.04 -142.94 3.06
N ILE LD 75 -61.00 -142.13 4.11
CA ILE LD 75 -62.18 -141.45 4.64
C ILE LD 75 -61.94 -139.95 4.57
N ASN LD 76 -62.94 -139.22 4.04
CA ASN LD 76 -62.86 -137.78 3.84
C ASN LD 76 -63.91 -137.06 4.67
N TYR LD 77 -63.54 -135.89 5.19
CA TYR LD 77 -64.24 -135.22 6.27
C TYR LD 77 -64.81 -133.88 5.80
N THR LD 78 -65.30 -133.10 6.77
CA THR LD 78 -66.16 -131.95 6.51
C THR LD 78 -65.51 -130.95 5.55
N ASP LD 79 -66.30 -130.49 4.58
CA ASP LD 79 -65.94 -129.44 3.63
C ASP LD 79 -64.75 -129.84 2.75
N VAL LD 80 -64.57 -131.14 2.51
CA VAL LD 80 -63.53 -131.66 1.65
C VAL LD 80 -64.17 -132.19 0.37
N ASN LD 81 -63.64 -131.79 -0.77
CA ASN LD 81 -64.16 -132.24 -2.05
C ASN LD 81 -63.12 -132.90 -2.95
N VAL LD 82 -61.89 -132.38 -2.97
CA VAL LD 82 -60.84 -132.90 -3.83
C VAL LD 82 -59.56 -133.04 -3.00
N VAL LD 83 -58.89 -134.18 -3.15
CA VAL LD 83 -57.67 -134.49 -2.40
C VAL LD 83 -56.56 -134.87 -3.39
N LYS LD 84 -55.38 -134.30 -3.18
CA LYS LD 84 -54.19 -134.64 -3.94
C LYS LD 84 -53.25 -135.44 -3.04
N LEU LD 85 -52.81 -136.60 -3.52
CA LEU LD 85 -52.05 -137.55 -2.71
C LEU LD 85 -50.76 -137.94 -3.42
N LYS LD 86 -49.78 -138.33 -2.61
CA LYS LD 86 -48.52 -138.88 -3.09
C LYS LD 86 -48.27 -140.21 -2.41
N VAL LD 87 -48.02 -141.25 -3.20
CA VAL LD 87 -47.83 -142.60 -2.70
C VAL LD 87 -46.43 -143.07 -3.09
N THR LD 88 -45.71 -143.66 -2.13
CA THR LD 88 -44.35 -144.10 -2.35
C THR LD 88 -44.11 -145.42 -1.63
N LEU LD 89 -43.05 -146.11 -2.06
CA LEU LD 89 -42.61 -147.34 -1.42
C LEU LD 89 -41.54 -146.98 -0.39
N ALA LD 90 -41.85 -147.21 0.89
CA ALA LD 90 -40.97 -146.75 1.96
C ALA LD 90 -39.71 -147.60 2.08
N ASN LD 91 -39.83 -148.91 1.87
CA ASN LD 91 -38.71 -149.82 2.09
C ASN LD 91 -38.25 -150.49 0.80
N ALA LD 92 -38.15 -149.69 -0.28
CA ALA LD 92 -37.72 -150.24 -1.56
C ALA LD 92 -36.27 -150.73 -1.50
N ALA LD 93 -35.42 -150.04 -0.73
CA ALA LD 93 -34.03 -150.44 -0.64
C ALA LD 93 -33.86 -151.82 -0.02
N GLN LD 94 -34.68 -152.13 0.99
CA GLN LD 94 -34.60 -153.44 1.65
C GLN LD 94 -35.05 -154.56 0.70
N LEU LD 95 -36.03 -154.29 -0.17
CA LEU LD 95 -36.58 -155.30 -1.05
C LEU LD 95 -35.73 -155.56 -2.29
N ARG LD 96 -34.73 -154.72 -2.55
CA ARG LD 96 -33.93 -154.89 -3.77
C ARG LD 96 -33.19 -156.22 -3.83
N PRO LD 97 -32.48 -156.68 -2.78
CA PRO LD 97 -31.75 -157.96 -2.92
C PRO LD 97 -32.63 -159.18 -3.11
N TYR LD 98 -33.94 -159.06 -2.89
CA TYR LD 98 -34.84 -160.21 -2.95
C TYR LD 98 -35.61 -160.34 -4.25
N PHE LD 99 -35.60 -159.31 -5.10
CA PHE LD 99 -36.42 -159.31 -6.31
C PHE LD 99 -35.62 -158.75 -7.49
N LYS LD 100 -35.84 -159.35 -8.66
CA LYS LD 100 -35.37 -158.73 -9.89
C LYS LD 100 -36.25 -157.55 -10.30
N TYR LD 101 -37.56 -157.68 -10.14
CA TYR LD 101 -38.49 -156.58 -10.37
C TYR LD 101 -39.77 -156.82 -9.59
N LEU LD 102 -40.47 -155.74 -9.29
CA LEU LD 102 -41.72 -155.80 -8.54
C LEU LD 102 -42.54 -154.56 -8.88
N GLN LD 103 -43.75 -154.76 -9.37
CA GLN LD 103 -44.61 -153.66 -9.80
C GLN LD 103 -45.95 -153.75 -9.09
N LEU LD 104 -46.44 -152.59 -8.64
CA LEU LD 104 -47.72 -152.49 -7.95
C LEU LD 104 -48.67 -151.62 -8.76
N VAL LD 105 -49.90 -152.09 -8.94
CA VAL LD 105 -50.92 -151.40 -9.73
C VAL LD 105 -52.07 -151.02 -8.79
N LEU LD 106 -52.43 -149.74 -8.79
CA LEU LD 106 -53.50 -149.21 -7.96
C LEU LD 106 -54.66 -148.78 -8.84
N THR LD 107 -55.86 -149.25 -8.51
CA THR LD 107 -57.06 -148.93 -9.27
C THR LD 107 -58.16 -148.43 -8.35
N SER LD 108 -58.88 -147.41 -8.78
CA SER LD 108 -60.04 -146.91 -8.05
C SER LD 108 -61.28 -147.62 -8.57
N ASN LD 109 -62.10 -148.12 -7.64
CA ASN LD 109 -63.22 -149.00 -7.95
C ASN LD 109 -64.47 -148.58 -7.17
N ALA LD 110 -64.32 -147.72 -6.16
CA ALA LD 110 -65.41 -147.42 -5.23
C ALA LD 110 -66.69 -147.01 -5.94
N SER LD 111 -66.57 -146.41 -7.13
CA SER LD 111 -67.70 -146.19 -8.02
C SER LD 111 -67.88 -147.42 -8.91
N SER LD 112 -69.04 -148.06 -8.81
CA SER LD 112 -69.30 -149.27 -9.59
C SER LD 112 -69.36 -148.98 -11.08
N THR LD 113 -69.54 -147.72 -11.48
CA THR LD 113 -69.60 -147.37 -12.90
C THR LD 113 -68.24 -146.97 -13.47
N VAL LD 114 -67.36 -146.41 -12.65
CA VAL LD 114 -66.07 -145.88 -13.11
C VAL LD 114 -64.96 -146.62 -12.38
N GLU LD 115 -64.36 -147.61 -13.06
CA GLU LD 115 -63.12 -148.23 -12.60
C GLU LD 115 -61.95 -147.57 -13.32
N GLU LD 116 -60.95 -147.14 -12.55
CA GLU LD 116 -59.79 -146.48 -13.13
C GLU LD 116 -58.51 -146.90 -12.40
N THR LD 117 -57.48 -147.24 -13.18
CA THR LD 117 -56.14 -147.40 -12.65
C THR LD 117 -55.47 -146.05 -12.56
N LYS LD 118 -54.90 -145.74 -11.40
CA LYS LD 118 -54.37 -144.41 -11.13
C LYS LD 118 -52.85 -144.32 -11.19
N ALA LD 119 -52.14 -145.33 -10.69
CA ALA LD 119 -50.68 -145.25 -10.67
C ALA LD 119 -50.09 -146.65 -10.73
N VAL LD 120 -48.84 -146.72 -11.17
CA VAL LD 120 -48.05 -147.94 -11.17
C VAL LD 120 -46.74 -147.65 -10.46
N LEU LD 121 -46.42 -148.45 -9.45
CA LEU LD 121 -45.21 -148.28 -8.65
C LEU LD 121 -44.25 -149.42 -8.93
N SER LD 122 -42.95 -149.12 -8.84
CA SER LD 122 -41.91 -150.10 -9.11
C SER LD 122 -40.71 -149.79 -8.23
N LEU LD 123 -39.76 -150.73 -8.21
CA LEU LD 123 -38.55 -150.55 -7.41
C LEU LD 123 -37.63 -149.50 -7.98
N LYS LD 124 -37.75 -149.18 -9.27
CA LYS LD 124 -36.93 -148.14 -9.88
C LYS LD 124 -37.57 -146.77 -9.81
N LYS LD 125 -38.89 -146.70 -9.85
CA LYS LD 125 -39.63 -145.45 -9.73
C LYS LD 125 -40.69 -145.63 -8.63
N PRO LD 126 -40.31 -145.42 -7.37
CA PRO LD 126 -41.19 -145.80 -6.26
C PRO LD 126 -42.32 -144.83 -5.97
N SER LD 127 -42.30 -143.61 -6.52
CA SER LD 127 -43.25 -142.58 -6.13
C SER LD 127 -44.17 -142.22 -7.29
N ALA LD 128 -45.39 -141.82 -6.94
CA ALA LD 128 -46.38 -141.39 -7.93
C ALA LD 128 -47.35 -140.43 -7.26
N VAL LD 129 -48.04 -139.64 -8.09
CA VAL LD 129 -49.01 -138.66 -7.64
C VAL LD 129 -50.34 -138.95 -8.31
N ILE LD 130 -51.41 -139.02 -7.52
CA ILE LD 130 -52.74 -139.34 -8.02
C ILE LD 130 -53.72 -138.26 -7.60
N ILE LD 131 -54.87 -138.25 -8.27
CA ILE LD 131 -55.93 -137.27 -8.03
C ILE LD 131 -57.24 -138.02 -7.77
N LEU LD 132 -57.93 -137.63 -6.70
CA LEU LD 132 -59.25 -138.15 -6.38
C LEU LD 132 -60.25 -137.00 -6.44
N ASP LD 133 -61.35 -137.21 -7.18
CA ASP LD 133 -62.32 -136.16 -7.41
C ASP LD 133 -63.74 -136.60 -7.08
N ASN LD 134 -64.72 -135.79 -7.50
CA ASN LD 134 -66.12 -136.04 -7.15
C ASN LD 134 -66.59 -137.41 -7.62
N ASP LD 135 -66.09 -137.89 -8.76
CA ASP LD 135 -66.54 -139.18 -9.27
C ASP LD 135 -66.05 -140.34 -8.41
N ASP LD 136 -64.86 -140.22 -7.82
CA ASP LD 136 -64.31 -141.31 -7.03
C ASP LD 136 -65.05 -141.50 -5.72
N TYR LD 137 -65.46 -140.39 -5.09
CA TYR LD 137 -66.07 -140.43 -3.76
C TYR LD 137 -67.48 -141.01 -3.79
N SER LD 138 -67.58 -142.30 -4.05
CA SER LD 138 -68.86 -142.99 -3.96
C SER LD 138 -69.23 -143.22 -2.50
N SER LD 139 -70.54 -143.33 -2.26
CA SER LD 139 -71.13 -143.29 -0.92
C SER LD 139 -70.81 -141.99 -0.19
N THR LD 140 -70.21 -141.02 -0.89
CA THR LD 140 -69.95 -139.67 -0.43
C THR LD 140 -68.92 -139.60 0.69
N ASN LD 141 -68.40 -140.75 1.15
CA ASN LD 141 -67.56 -140.75 2.33
C ASN LD 141 -66.28 -141.59 2.26
N LYS LD 142 -66.08 -142.42 1.23
CA LYS LD 142 -64.93 -143.31 1.27
C LYS LD 142 -64.43 -143.64 -0.13
N ILE LD 143 -63.14 -143.98 -0.19
CA ILE LD 143 -62.44 -144.45 -1.39
C ILE LD 143 -61.96 -145.88 -1.13
N GLN LD 144 -62.13 -146.75 -2.14
CA GLN LD 144 -61.63 -148.11 -2.08
C GLN LD 144 -60.61 -148.31 -3.20
N LEU LD 145 -59.41 -148.77 -2.83
CA LEU LD 145 -58.31 -148.98 -3.76
C LEU LD 145 -57.67 -150.33 -3.47
N LYS LD 146 -57.76 -151.26 -4.43
CA LYS LD 146 -57.04 -152.52 -4.32
C LYS LD 146 -55.66 -152.42 -4.97
N VAL LD 147 -54.79 -153.34 -4.59
CA VAL LD 147 -53.39 -153.35 -5.01
C VAL LD 147 -53.16 -154.57 -5.89
N GLU LD 148 -52.48 -154.37 -7.02
CA GLU LD 148 -52.17 -155.46 -7.93
C GLU LD 148 -50.65 -155.56 -8.06
N ALA LD 149 -50.12 -156.78 -7.94
CA ALA LD 149 -48.69 -157.00 -7.87
C ALA LD 149 -48.23 -157.92 -9.01
N TYR LD 150 -47.10 -157.56 -9.61
CA TYR LD 150 -46.39 -158.41 -10.56
C TYR LD 150 -44.94 -158.51 -10.09
N TYR LD 151 -44.36 -159.70 -10.17
CA TYR LD 151 -43.08 -159.93 -9.52
C TYR LD 151 -42.32 -161.05 -10.21
N GLU LD 152 -41.01 -161.07 -9.95
CA GLU LD 152 -40.14 -162.20 -10.27
C GLU LD 152 -39.12 -162.32 -9.15
N ALA LD 153 -39.04 -163.49 -8.54
CA ALA LD 153 -38.17 -163.70 -7.39
C ALA LD 153 -36.75 -164.01 -7.83
N LYS LD 154 -35.79 -163.70 -6.96
CA LYS LD 154 -34.40 -164.02 -7.22
C LYS LD 154 -34.15 -165.52 -7.22
N GLU LD 155 -33.14 -165.94 -7.96
CA GLU LD 155 -32.84 -167.36 -8.12
C GLU LD 155 -32.17 -167.90 -6.87
N GLY LD 156 -32.77 -168.93 -6.26
CA GLY LD 156 -32.15 -169.61 -5.15
C GLY LD 156 -32.16 -168.88 -3.84
N MET LD 157 -33.07 -167.92 -3.64
CA MET LD 157 -33.14 -167.15 -2.41
C MET LD 157 -34.36 -167.60 -1.61
N LEU LD 158 -34.14 -167.93 -0.35
CA LEU LD 158 -35.20 -168.38 0.55
C LEU LD 158 -35.30 -167.44 1.73
N PHE LD 159 -36.54 -167.11 2.12
CA PHE LD 159 -36.78 -166.16 3.19
C PHE LD 159 -38.22 -166.30 3.65
N ASP LD 160 -38.54 -165.62 4.75
CA ASP LD 160 -39.90 -165.59 5.27
C ASP LD 160 -40.06 -164.37 6.16
N SER LD 161 -41.32 -163.96 6.35
CA SER LD 161 -41.67 -162.84 7.22
C SER LD 161 -40.98 -161.55 6.77
N LEU LD 162 -41.23 -161.15 5.53
CA LEU LD 162 -40.67 -159.93 4.97
C LEU LD 162 -41.79 -158.94 4.70
N PRO LD 163 -41.78 -157.76 5.33
CA PRO LD 163 -42.88 -156.81 5.15
C PRO LD 163 -42.70 -155.88 3.97
N VAL LD 164 -43.84 -155.44 3.43
CA VAL LD 164 -43.89 -154.44 2.37
C VAL LD 164 -44.70 -153.26 2.89
N ILE LD 165 -44.13 -152.06 2.79
CA ILE LD 165 -44.68 -150.87 3.42
C ILE LD 165 -44.97 -149.82 2.37
N LEU LD 166 -46.14 -149.18 2.47
CA LEU LD 166 -46.53 -148.06 1.63
C LEU LD 166 -46.85 -146.85 2.51
N ASN LD 167 -46.55 -145.66 2.00
CA ASN LD 167 -46.73 -144.43 2.74
C ASN LD 167 -47.59 -143.46 1.95
N PHE LD 168 -48.37 -142.64 2.66
CA PHE LD 168 -49.25 -141.66 2.06
C PHE LD 168 -48.94 -140.27 2.62
N GLN LD 169 -48.98 -139.26 1.75
CA GLN LD 169 -48.78 -137.87 2.16
C GLN LD 169 -49.73 -136.98 1.38
N VAL LD 170 -50.34 -136.03 2.08
CA VAL LD 170 -51.31 -135.11 1.49
C VAL LD 170 -50.57 -133.86 1.03
N LEU LD 171 -50.78 -133.49 -0.23
CA LEU LD 171 -50.15 -132.29 -0.80
C LEU LD 171 -51.09 -131.10 -0.86
N SER LD 172 -52.37 -131.32 -1.15
CA SER LD 172 -53.34 -130.24 -1.23
C SER LD 172 -54.74 -130.81 -1.13
N VAL LD 173 -55.63 -130.09 -0.44
CA VAL LD 173 -57.02 -130.49 -0.30
C VAL LD 173 -57.89 -129.25 -0.53
N SER LD 174 -59.07 -129.47 -1.09
CA SER LD 174 -60.01 -128.40 -1.35
C SER LD 174 -61.45 -128.89 -1.29
N THR MD 26 -62.05 -79.37 52.57
CA THR MD 26 -61.62 -79.12 51.20
C THR MD 26 -60.56 -80.15 50.79
N THR MD 27 -61.01 -81.29 50.27
CA THR MD 27 -60.14 -82.37 49.86
C THR MD 27 -60.34 -82.67 48.39
N GLN MD 28 -59.23 -82.82 47.65
CA GLN MD 28 -59.26 -83.14 46.23
C GLN MD 28 -58.92 -84.61 46.04
N SER MD 29 -59.82 -85.33 45.35
CA SER MD 29 -59.62 -86.77 45.21
C SER MD 29 -59.18 -87.12 43.79
N PRO MD 30 -58.31 -88.12 43.64
CA PRO MD 30 -57.89 -88.55 42.30
C PRO MD 30 -58.88 -89.49 41.62
N LEU MD 31 -59.77 -90.13 42.38
CA LEU MD 31 -60.85 -90.96 41.83
C LEU MD 31 -60.31 -92.15 41.04
N ASN MD 32 -59.35 -92.87 41.63
CA ASN MD 32 -58.80 -94.06 40.99
C ASN MD 32 -58.54 -95.19 41.98
N SER MD 33 -59.20 -95.16 43.14
CA SER MD 33 -58.99 -96.16 44.19
C SER MD 33 -60.04 -97.26 44.11
N PHE MD 34 -60.03 -97.99 42.99
CA PHE MD 34 -60.93 -99.12 42.77
C PHE MD 34 -60.17 -100.26 42.12
N TYR MD 35 -60.39 -101.48 42.63
CA TYR MD 35 -59.66 -102.64 42.15
C TYR MD 35 -60.54 -103.88 42.18
N ALA MD 36 -60.14 -104.87 41.39
CA ALA MD 36 -60.77 -106.19 41.38
C ALA MD 36 -59.69 -107.21 41.05
N THR MD 37 -59.78 -108.39 41.66
CA THR MD 37 -58.69 -109.37 41.61
C THR MD 37 -59.21 -110.75 41.27
N GLY MD 38 -58.45 -111.47 40.44
CA GLY MD 38 -58.71 -112.87 40.16
C GLY MD 38 -57.45 -113.70 40.31
N THR MD 39 -57.50 -114.98 39.93
CA THR MD 39 -56.36 -115.88 40.09
C THR MD 39 -56.31 -116.86 38.92
N ALA MD 40 -55.14 -117.46 38.73
CA ALA MD 40 -54.92 -118.48 37.71
C ALA MD 40 -53.81 -119.40 38.15
N GLN MD 41 -53.77 -120.59 37.56
CA GLN MD 41 -52.76 -121.58 37.92
C GLN MD 41 -52.65 -122.63 36.83
N ALA MD 42 -51.55 -123.39 36.88
CA ALA MD 42 -51.32 -124.53 35.99
C ALA MD 42 -50.31 -125.43 36.68
N VAL MD 43 -50.75 -126.60 37.16
CA VAL MD 43 -49.94 -127.42 38.05
C VAL MD 43 -49.82 -128.86 37.56
N GLN MD 44 -49.94 -129.11 36.26
CA GLN MD 44 -49.77 -130.47 35.75
C GLN MD 44 -49.33 -130.44 34.29
N GLU MD 45 -48.65 -131.50 33.88
CA GLU MD 45 -48.17 -131.67 32.51
C GLU MD 45 -49.30 -132.15 31.60
N PRO MD 46 -49.22 -131.85 30.30
CA PRO MD 46 -50.36 -132.16 29.41
C PRO MD 46 -50.72 -133.64 29.36
N ILE MD 47 -49.74 -134.55 29.38
CA ILE MD 47 -50.00 -135.95 29.14
C ILE MD 47 -49.35 -136.80 30.24
N ASP MD 48 -49.84 -138.02 30.36
CA ASP MD 48 -49.26 -139.03 31.24
C ASP MD 48 -49.15 -140.33 30.43
N VAL MD 49 -48.05 -141.05 30.62
CA VAL MD 49 -47.74 -142.22 29.80
C VAL MD 49 -47.50 -143.42 30.70
N GLU MD 50 -48.13 -144.54 30.38
CA GLU MD 50 -47.97 -145.79 31.12
C GLU MD 50 -47.71 -146.93 30.14
N SER MD 51 -46.83 -147.84 30.53
CA SER MD 51 -46.33 -148.88 29.64
C SER MD 51 -46.85 -150.26 30.05
N HIS MD 52 -47.15 -151.10 29.06
CA HIS MD 52 -47.59 -152.47 29.29
C HIS MD 52 -46.94 -153.41 28.28
N LEU MD 53 -45.64 -153.25 28.05
CA LEU MD 53 -44.90 -154.11 27.12
C LEU MD 53 -44.41 -155.33 27.90
N ASP MD 54 -45.18 -156.40 27.85
CA ASP MD 54 -44.92 -157.60 28.63
C ASP MD 54 -44.80 -158.84 27.74
N ASN MD 55 -44.07 -158.72 26.63
CA ASN MD 55 -43.74 -159.86 25.79
C ASN MD 55 -42.26 -159.79 25.42
N THR MD 56 -41.67 -160.96 25.21
CA THR MD 56 -40.23 -161.08 24.98
C THR MD 56 -39.97 -161.62 23.59
N ILE MD 57 -39.08 -160.95 22.87
CA ILE MD 57 -38.59 -161.46 21.58
C ILE MD 57 -37.58 -162.56 21.87
N ALA MD 58 -37.99 -163.81 21.70
CA ALA MD 58 -37.17 -164.97 22.06
C ALA MD 58 -37.07 -165.93 20.88
N PRO MD 59 -36.28 -165.59 19.86
CA PRO MD 59 -36.02 -166.53 18.77
C PRO MD 59 -34.75 -167.32 19.02
N ALA MD 60 -34.50 -168.27 18.13
CA ALA MD 60 -33.23 -168.97 18.14
C ALA MD 60 -32.15 -168.11 17.49
N ALA MD 61 -30.90 -168.53 17.65
CA ALA MD 61 -29.78 -167.77 17.12
C ALA MD 61 -29.80 -167.79 15.60
N GLY MD 62 -29.79 -166.61 14.99
CA GLY MD 62 -29.75 -166.49 13.55
C GLY MD 62 -31.08 -166.66 12.84
N ALA MD 63 -32.19 -166.71 13.57
CA ALA MD 63 -33.49 -166.97 12.99
C ALA MD 63 -34.17 -165.67 12.55
N GLN MD 64 -35.10 -165.80 11.61
CA GLN MD 64 -35.93 -164.70 11.15
C GLN MD 64 -37.33 -164.89 11.70
N GLY MD 65 -37.89 -163.85 12.32
CA GLY MD 65 -39.13 -164.04 13.06
C GLY MD 65 -40.19 -162.98 12.90
N TYR MD 66 -41.20 -163.06 13.78
CA TYR MD 66 -42.39 -162.22 13.71
C TYR MD 66 -43.07 -162.24 15.07
N LYS MD 67 -43.17 -161.08 15.74
CA LYS MD 67 -43.59 -161.08 17.14
C LYS MD 67 -44.30 -159.77 17.45
N ASP MD 68 -45.23 -159.84 18.41
CA ASP MD 68 -45.88 -158.67 18.98
C ASP MD 68 -45.45 -158.51 20.43
N MET MD 69 -45.59 -157.31 20.97
CA MET MD 69 -44.99 -156.97 22.26
C MET MD 69 -46.01 -156.60 23.33
N GLY MD 70 -46.91 -155.67 23.04
CA GLY MD 70 -47.83 -155.15 24.04
C GLY MD 70 -48.43 -153.85 23.57
N TYR MD 71 -48.85 -153.02 24.53
CA TYR MD 71 -49.47 -151.75 24.19
C TYR MD 71 -49.10 -150.71 25.24
N VAL MD 72 -49.25 -149.44 24.87
CA VAL MD 72 -48.88 -148.30 25.71
C VAL MD 72 -50.08 -147.37 25.82
N LYS MD 73 -50.31 -146.85 27.02
CA LYS MD 73 -51.45 -145.98 27.30
C LYS MD 73 -50.99 -144.53 27.46
N ILE MD 74 -51.75 -143.62 26.88
CA ILE MD 74 -51.49 -142.18 26.96
C ILE MD 74 -52.74 -141.51 27.52
N ILE MD 75 -52.55 -140.61 28.48
CA ILE MD 75 -53.66 -139.93 29.15
C ILE MD 75 -53.52 -138.43 28.90
N ASN MD 76 -54.63 -137.80 28.51
CA ASN MD 76 -54.68 -136.37 28.16
C ASN MD 76 -55.61 -135.62 29.10
N TYR MD 77 -55.20 -134.40 29.44
CA TYR MD 77 -55.74 -133.64 30.57
C TYR MD 77 -56.46 -132.38 30.10
N THR MD 78 -56.81 -131.53 31.07
CA THR MD 78 -57.77 -130.44 30.87
C THR MD 78 -57.36 -129.52 29.73
N ASP MD 79 -58.34 -129.18 28.88
CA ASP MD 79 -58.20 -128.23 27.79
C ASP MD 79 -57.18 -128.66 26.75
N VAL MD 80 -56.98 -129.96 26.60
CA VAL MD 80 -56.07 -130.52 25.60
C VAL MD 80 -56.90 -131.20 24.53
N ASN MD 81 -56.60 -130.90 23.27
CA ASN MD 81 -57.33 -131.49 22.15
C ASN MD 81 -56.42 -132.19 21.14
N VAL MD 82 -55.25 -131.62 20.85
CA VAL MD 82 -54.34 -132.19 19.85
C VAL MD 82 -52.94 -132.19 20.45
N VAL MD 83 -52.24 -133.31 20.27
CA VAL MD 83 -50.89 -133.50 20.80
C VAL MD 83 -49.96 -133.92 19.67
N LYS MD 84 -48.79 -133.30 19.61
CA LYS MD 84 -47.74 -133.67 18.68
C LYS MD 84 -46.61 -134.33 19.46
N LEU MD 85 -46.19 -135.53 19.01
CA LEU MD 85 -45.25 -136.34 19.74
C LEU MD 85 -44.09 -136.76 18.86
N LYS MD 86 -42.95 -137.03 19.50
CA LYS MD 86 -41.77 -137.57 18.83
C LYS MD 86 -41.33 -138.82 19.58
N VAL MD 87 -41.17 -139.92 18.85
CA VAL MD 87 -40.82 -141.21 19.42
C VAL MD 87 -39.49 -141.67 18.82
N THR MD 88 -38.58 -142.12 19.68
CA THR MD 88 -37.25 -142.53 19.26
C THR MD 88 -36.81 -143.76 20.03
N LEU MD 89 -35.82 -144.45 19.48
CA LEU MD 89 -35.19 -145.60 20.12
C LEU MD 89 -33.98 -145.09 20.91
N ALA MD 90 -34.04 -145.20 22.24
CA ALA MD 90 -33.01 -144.61 23.08
C ALA MD 90 -31.70 -145.40 23.05
N ASN MD 91 -31.79 -146.73 22.97
CA ASN MD 91 -30.59 -147.56 23.06
C ASN MD 91 -30.34 -148.33 21.77
N ALA MD 92 -30.48 -147.65 20.63
CA ALA MD 92 -30.25 -148.30 19.34
C ALA MD 92 -28.79 -148.72 19.17
N ALA MD 93 -27.86 -147.93 19.72
CA ALA MD 93 -26.45 -148.26 19.59
C ALA MD 93 -26.10 -149.57 20.29
N GLN MD 94 -26.71 -149.81 21.45
CA GLN MD 94 -26.44 -151.05 22.19
C GLN MD 94 -26.98 -152.27 21.46
N LEU MD 95 -28.12 -152.12 20.76
CA LEU MD 95 -28.75 -153.24 20.08
C LEU MD 95 -28.13 -153.57 18.74
N ARG MD 96 -27.24 -152.72 18.21
CA ARG MD 96 -26.66 -152.98 16.90
C ARG MD 96 -25.88 -154.29 16.81
N PRO MD 97 -24.97 -154.63 17.75
CA PRO MD 97 -24.20 -155.87 17.59
C PRO MD 97 -25.04 -157.13 17.68
N TYR MD 98 -26.30 -157.05 18.13
CA TYR MD 98 -27.11 -158.23 18.34
C TYR MD 98 -28.10 -158.51 17.20
N PHE MD 99 -28.30 -157.57 16.28
CA PHE MD 99 -29.32 -157.72 15.25
C PHE MD 99 -28.78 -157.25 13.91
N LYS MD 100 -29.17 -157.97 12.85
CA LYS MD 100 -28.97 -157.45 11.50
C LYS MD 100 -29.97 -156.35 11.16
N TYR MD 101 -31.23 -156.52 11.57
CA TYR MD 101 -32.23 -155.49 11.41
C TYR MD 101 -33.33 -155.71 12.44
N LEU MD 102 -34.03 -154.62 12.77
CA LEU MD 102 -35.13 -154.66 13.73
C LEU MD 102 -36.05 -153.48 13.45
N GLN MD 103 -37.33 -153.78 13.21
CA GLN MD 103 -38.30 -152.76 12.85
C GLN MD 103 -39.49 -152.84 13.81
N LEU MD 104 -39.96 -151.66 14.22
CA LEU MD 104 -41.10 -151.54 15.13
C LEU MD 104 -42.23 -150.79 14.43
N VAL MD 105 -43.44 -151.33 14.53
CA VAL MD 105 -44.62 -150.76 13.88
C VAL MD 105 -45.60 -150.33 14.98
N LEU MD 106 -46.03 -149.07 14.93
CA LEU MD 106 -46.96 -148.51 15.90
C LEU MD 106 -48.28 -148.22 15.21
N THR MD 107 -49.38 -148.70 15.80
CA THR MD 107 -50.71 -148.50 15.24
C THR MD 107 -51.64 -147.97 16.31
N SER MD 108 -52.50 -147.01 15.92
CA SER MD 108 -53.53 -146.48 16.81
C SER MD 108 -54.81 -147.30 16.60
N ASN MD 109 -55.41 -147.74 17.70
CA ASN MD 109 -56.52 -148.68 17.68
C ASN MD 109 -57.63 -148.25 18.63
N ALA MD 110 -57.36 -147.28 19.51
CA ALA MD 110 -58.27 -146.94 20.61
C ALA MD 110 -59.69 -146.65 20.10
N SER MD 111 -59.81 -146.16 18.87
CA SER MD 111 -61.10 -146.08 18.19
C SER MD 111 -61.35 -147.39 17.45
N SER MD 112 -62.45 -148.06 17.82
CA SER MD 112 -62.77 -149.35 17.22
C SER MD 112 -63.11 -149.21 15.74
N THR MD 113 -63.43 -148.01 15.27
CA THR MD 113 -63.76 -147.79 13.87
C THR MD 113 -62.55 -147.40 13.03
N VAL MD 114 -61.57 -146.73 13.61
CA VAL MD 114 -60.43 -146.20 12.88
C VAL MD 114 -59.15 -146.82 13.45
N GLU MD 115 -58.62 -147.83 12.76
CA GLU MD 115 -57.30 -148.37 13.04
C GLU MD 115 -56.31 -147.74 12.06
N GLU MD 116 -55.22 -147.19 12.59
CA GLU MD 116 -54.21 -146.55 11.76
C GLU MD 116 -52.81 -146.84 12.26
N THR MD 117 -51.92 -147.22 11.35
CA THR MD 117 -50.51 -147.28 11.63
C THR MD 117 -49.89 -145.89 11.48
N LYS MD 118 -49.16 -145.44 12.48
CA LYS MD 118 -48.66 -144.07 12.52
C LYS MD 118 -47.18 -143.94 12.19
N ALA MD 119 -46.33 -144.87 12.63
CA ALA MD 119 -44.90 -144.73 12.38
C ALA MD 119 -44.26 -146.10 12.33
N VAL MD 120 -43.10 -146.16 11.68
CA VAL MD 120 -42.25 -147.35 11.63
C VAL MD 120 -40.86 -146.93 12.07
N LEU MD 121 -40.32 -147.62 13.07
CA LEU MD 121 -39.00 -147.34 13.60
C LEU MD 121 -38.03 -148.46 13.26
N SER MD 122 -36.77 -148.09 13.08
CA SER MD 122 -35.74 -149.06 12.71
C SER MD 122 -34.42 -148.61 13.33
N LEU MD 123 -33.43 -149.51 13.25
CA LEU MD 123 -32.11 -149.21 13.81
C LEU MD 123 -31.36 -148.17 12.98
N LYS MD 124 -31.73 -147.99 11.71
CA LYS MD 124 -31.08 -146.99 10.87
C LYS MD 124 -31.78 -145.63 10.93
N LYS MD 125 -33.10 -145.62 11.14
CA LYS MD 125 -33.87 -144.39 11.28
C LYS MD 125 -34.70 -144.51 12.56
N PRO MD 126 -34.12 -144.16 13.71
CA PRO MD 126 -34.76 -144.47 15.00
C PRO MD 126 -35.88 -143.52 15.39
N SER MD 127 -36.02 -142.38 14.75
CA SER MD 127 -36.94 -141.33 15.21
C SER MD 127 -38.07 -141.13 14.22
N ALA MD 128 -39.23 -140.74 14.75
CA ALA MD 128 -40.40 -140.45 13.93
C ALA MD 128 -41.29 -139.47 14.68
N VAL MD 129 -42.16 -138.80 13.93
CA VAL MD 129 -43.09 -137.80 14.45
C VAL MD 129 -44.50 -138.21 14.06
N ILE MD 130 -45.40 -138.25 15.04
CA ILE MD 130 -46.78 -138.68 14.83
C ILE MD 130 -47.74 -137.60 15.33
N ILE MD 131 -48.98 -137.70 14.88
CA ILE MD 131 -50.04 -136.74 15.22
C ILE MD 131 -51.23 -137.51 15.79
N LEU MD 132 -51.73 -137.05 16.93
CA LEU MD 132 -52.94 -137.59 17.53
C LEU MD 132 -54.01 -136.50 17.55
N ASP MD 133 -55.20 -136.82 17.05
CA ASP MD 133 -56.27 -135.83 16.92
C ASP MD 133 -57.57 -136.29 17.53
N ASN MD 134 -58.66 -135.56 17.24
CA ASN MD 134 -59.95 -135.84 17.86
C ASN MD 134 -60.43 -137.27 17.60
N ASP MD 135 -60.11 -137.83 16.44
CA ASP MD 135 -60.56 -139.19 16.13
C ASP MD 135 -59.87 -140.22 16.99
N ASP MD 136 -58.59 -140.00 17.34
CA ASP MD 136 -57.85 -141.00 18.10
C ASP MD 136 -58.34 -141.08 19.54
N TYR MD 137 -58.69 -139.94 20.13
CA TYR MD 137 -59.03 -139.87 21.55
C TYR MD 137 -60.40 -140.50 21.83
N SER MD 138 -60.47 -141.83 21.70
CA SER MD 138 -61.69 -142.55 22.09
C SER MD 138 -61.77 -142.64 23.61
N SER MD 139 -63.00 -142.79 24.10
CA SER MD 139 -63.34 -142.64 25.52
C SER MD 139 -62.97 -141.27 26.06
N THR MD 140 -62.57 -140.34 25.18
CA THR MD 140 -62.30 -138.94 25.46
C THR MD 140 -61.09 -138.73 26.36
N ASN MD 141 -60.43 -139.81 26.80
CA ASN MD 141 -59.39 -139.67 27.82
C ASN MD 141 -58.11 -140.45 27.58
N LYS MD 142 -58.06 -141.36 26.61
CA LYS MD 142 -56.87 -142.20 26.51
C LYS MD 142 -56.60 -142.66 25.08
N ILE MD 143 -55.32 -142.94 24.82
CA ILE MD 143 -54.84 -143.50 23.56
C ILE MD 143 -54.23 -144.87 23.84
N GLN MD 144 -54.52 -145.84 22.97
CA GLN MD 144 -53.95 -147.17 23.05
C GLN MD 144 -53.14 -147.44 21.79
N LEU MD 145 -51.87 -147.81 21.97
CA LEU MD 145 -50.95 -148.07 20.88
C LEU MD 145 -50.19 -149.36 21.16
N LYS MD 146 -50.39 -150.37 20.32
CA LYS MD 146 -49.60 -151.59 20.40
C LYS MD 146 -48.37 -151.50 19.50
N VAL MD 147 -47.38 -152.34 19.79
CA VAL MD 147 -46.09 -152.34 19.13
C VAL MD 147 -45.96 -153.63 18.33
N GLU MD 148 -45.50 -153.51 17.09
CA GLU MD 148 -45.29 -154.67 16.23
C GLU MD 148 -43.83 -154.72 15.82
N ALA MD 149 -43.21 -155.90 15.96
CA ALA MD 149 -41.78 -156.07 15.78
C ALA MD 149 -41.48 -157.06 14.67
N TYR MD 150 -40.50 -156.73 13.83
CA TYR MD 150 -39.92 -157.63 12.85
C TYR MD 150 -38.41 -157.63 13.05
N TYR MD 151 -37.80 -158.80 12.97
CA TYR MD 151 -36.41 -158.91 13.39
C TYR MD 151 -35.72 -160.07 12.68
N GLU MD 152 -34.39 -160.00 12.68
CA GLU MD 152 -33.52 -161.13 12.32
C GLU MD 152 -32.31 -161.10 13.23
N ALA MD 153 -32.06 -162.20 13.93
CA ALA MD 153 -30.98 -162.27 14.90
C ALA MD 153 -29.65 -162.57 14.23
N LYS MD 154 -28.57 -162.14 14.89
CA LYS MD 154 -27.23 -162.41 14.40
C LYS MD 154 -26.91 -163.90 14.49
N GLU MD 155 -26.03 -164.35 13.62
CA GLU MD 155 -25.68 -165.76 13.53
C GLU MD 155 -24.76 -166.15 14.68
N GLY MD 156 -25.19 -167.14 15.47
CA GLY MD 156 -24.34 -167.70 16.51
C GLY MD 156 -24.16 -166.83 17.74
N MET MD 157 -25.06 -165.90 18.00
CA MET MD 157 -24.96 -165.01 19.16
C MET MD 157 -25.99 -165.43 20.19
N LEU MD 158 -25.52 -165.63 21.43
CA LEU MD 158 -26.38 -166.04 22.53
C LEU MD 158 -26.31 -164.99 23.64
N PHE MD 159 -27.48 -164.67 24.22
CA PHE MD 159 -27.58 -163.63 25.23
C PHE MD 159 -28.91 -163.78 25.94
N ASP MD 160 -29.07 -163.02 27.03
CA ASP MD 160 -30.30 -162.99 27.79
C ASP MD 160 -30.37 -161.70 28.57
N SER MD 161 -31.59 -161.33 28.95
CA SER MD 161 -31.85 -160.14 29.77
C SER MD 161 -31.32 -158.87 29.09
N LEU MD 162 -31.81 -158.61 27.89
CA LEU MD 162 -31.43 -157.42 27.14
C LEU MD 162 -32.63 -156.50 26.98
N PRO MD 163 -32.58 -155.27 27.50
CA PRO MD 163 -33.76 -154.39 27.44
C PRO MD 163 -33.84 -153.57 26.17
N VAL MD 164 -35.08 -153.22 25.81
CA VAL MD 164 -35.37 -152.33 24.70
C VAL MD 164 -36.14 -151.14 25.25
N ILE MD 165 -35.68 -149.94 24.94
CA ILE MD 165 -36.16 -148.71 25.57
C ILE MD 165 -36.70 -147.78 24.49
N LEU MD 166 -37.86 -147.18 24.75
CA LEU MD 166 -38.46 -146.17 23.90
C LEU MD 166 -38.68 -144.90 24.71
N ASN MD 167 -38.55 -143.75 24.05
CA ASN MD 167 -38.66 -142.45 24.70
C ASN MD 167 -39.71 -141.60 24.00
N PHE MD 168 -40.39 -140.75 24.77
CA PHE MD 168 -41.41 -139.86 24.25
C PHE MD 168 -41.09 -138.42 24.62
N GLN MD 169 -41.34 -137.50 23.70
CA GLN MD 169 -41.15 -136.08 23.94
C GLN MD 169 -42.27 -135.30 23.27
N VAL MD 170 -42.80 -134.31 23.99
CA VAL MD 170 -43.90 -133.48 23.50
C VAL MD 170 -43.33 -132.26 22.80
N LEU MD 171 -43.79 -132.02 21.58
CA LEU MD 171 -43.34 -130.87 20.79
C LEU MD 171 -44.34 -129.73 20.80
N SER MD 172 -45.64 -130.02 20.78
CA SER MD 172 -46.66 -128.99 20.78
C SER MD 172 -47.99 -129.61 21.20
N VAL MD 173 -48.77 -128.85 21.97
CA VAL MD 173 -50.10 -129.29 22.40
C VAL MD 173 -51.06 -128.12 22.23
N SER MD 174 -52.31 -128.45 21.91
CA SER MD 174 -53.34 -127.43 21.73
C SER MD 174 -54.72 -127.97 22.11
N THR ND 26 -48.41 -73.54 70.59
CA THR ND 26 -48.26 -73.42 69.15
C THR ND 26 -47.23 -74.42 68.64
N THR ND 27 -47.71 -75.63 68.31
CA THR ND 27 -46.85 -76.72 67.85
C THR ND 27 -47.31 -77.16 66.47
N GLN ND 28 -46.34 -77.33 65.57
CA GLN ND 28 -46.60 -77.78 64.20
C GLN ND 28 -46.23 -79.26 64.09
N SER ND 29 -47.19 -80.08 63.64
CA SER ND 29 -46.94 -81.51 63.59
C SER ND 29 -46.74 -81.99 62.16
N PRO ND 30 -45.85 -82.97 61.93
CA PRO ND 30 -45.67 -83.50 60.58
C PRO ND 30 -46.70 -84.54 60.18
N LEU ND 31 -47.40 -85.15 61.14
CA LEU ND 31 -48.52 -86.06 60.87
C LEU ND 31 -48.06 -87.29 60.10
N ASN ND 32 -46.97 -87.91 60.57
CA ASN ND 32 -46.48 -89.14 59.95
C ASN ND 32 -45.98 -90.15 60.97
N SER ND 33 -46.43 -90.04 62.22
CA SER ND 33 -45.98 -90.92 63.30
C SER ND 33 -46.96 -92.08 63.51
N PHE ND 34 -47.10 -92.90 62.48
CA PHE ND 34 -47.97 -94.08 62.53
C PHE ND 34 -47.27 -95.25 61.85
N TYR ND 35 -47.33 -96.42 62.49
CA TYR ND 35 -46.63 -97.59 61.99
C TYR ND 35 -47.42 -98.85 62.30
N ALA ND 36 -47.12 -99.91 61.54
CA ALA ND 36 -47.65 -101.24 61.76
C ALA ND 36 -46.60 -102.25 61.32
N THR ND 37 -46.51 -103.37 62.04
CA THR ND 37 -45.40 -104.30 61.88
C THR ND 37 -45.89 -105.73 61.77
N GLY ND 38 -45.25 -106.49 60.88
CA GLY ND 38 -45.48 -107.93 60.77
C GLY ND 38 -44.17 -108.69 60.76
N THR ND 39 -44.22 -110.01 60.50
CA THR ND 39 -43.02 -110.83 60.52
C THR ND 39 -43.12 -111.92 59.47
N ALA ND 40 -41.97 -112.49 59.12
CA ALA ND 40 -41.89 -113.58 58.16
C ALA ND 40 -40.66 -114.43 58.48
N GLN ND 41 -40.66 -115.66 57.99
CA GLN ND 41 -39.56 -116.57 58.26
C GLN ND 41 -39.57 -117.72 57.24
N ALA ND 42 -38.44 -118.42 57.17
CA ALA ND 42 -38.32 -119.63 56.36
C ALA ND 42 -37.15 -120.43 56.92
N VAL ND 43 -37.43 -121.56 57.57
CA VAL ND 43 -36.43 -122.25 58.37
C VAL ND 43 -36.32 -123.73 58.00
N GLN ND 44 -36.66 -124.11 56.76
CA GLN ND 44 -36.50 -125.50 56.35
C GLN ND 44 -36.34 -125.59 54.84
N GLU ND 45 -35.67 -126.67 54.40
CA GLU ND 45 -35.44 -126.95 52.99
C GLU ND 45 -36.69 -127.55 52.36
N PRO ND 46 -36.87 -127.37 51.04
CA PRO ND 46 -38.12 -127.82 50.40
C PRO ND 46 -38.41 -129.31 50.55
N ILE ND 47 -37.39 -130.17 50.47
CA ILE ND 47 -37.61 -131.60 50.41
C ILE ND 47 -36.73 -132.31 51.44
N ASP ND 48 -37.11 -133.54 51.76
CA ASP ND 48 -36.33 -134.43 52.60
C ASP ND 48 -36.29 -135.79 51.90
N VAL ND 49 -35.14 -136.46 51.94
CA VAL ND 49 -34.91 -137.68 51.19
C VAL ND 49 -34.45 -138.78 52.13
N GLU ND 50 -35.07 -139.96 52.03
CA GLU ND 50 -34.70 -141.11 52.84
C GLU ND 50 -34.55 -142.33 51.92
N SER ND 51 -33.56 -143.17 52.22
CA SER ND 51 -33.18 -144.27 51.36
C SER ND 51 -33.54 -145.62 51.98
N HIS ND 52 -33.97 -146.56 51.14
CA HIS ND 52 -34.28 -147.92 51.56
C HIS ND 52 -33.77 -148.93 50.53
N LEU ND 53 -32.55 -148.74 50.05
CA LEU ND 53 -31.93 -149.65 49.09
C LEU ND 53 -31.25 -150.77 49.86
N ASP ND 54 -31.96 -151.87 50.05
CA ASP ND 54 -31.49 -152.99 50.87
C ASP ND 54 -31.45 -154.30 50.09
N ASN ND 55 -30.96 -154.25 48.86
CA ASN ND 55 -30.70 -155.45 48.07
C ASN ND 55 -29.33 -155.37 47.43
N THR ND 56 -28.71 -156.52 47.23
CA THR ND 56 -27.35 -156.62 46.76
C THR ND 56 -27.31 -157.27 45.38
N ILE ND 57 -26.60 -156.65 44.44
CA ILE ND 57 -26.32 -157.25 43.14
C ILE ND 57 -25.21 -158.27 43.34
N ALA ND 58 -25.57 -159.55 43.36
CA ALA ND 58 -24.64 -160.63 43.66
C ALA ND 58 -24.70 -161.70 42.58
N PRO ND 59 -24.13 -161.43 41.41
CA PRO ND 59 -24.02 -162.46 40.36
C PRO ND 59 -22.68 -163.17 40.45
N ALA ND 60 -22.53 -164.20 39.62
CA ALA ND 60 -21.25 -164.85 39.45
C ALA ND 60 -20.35 -164.01 38.54
N ALA ND 61 -19.07 -164.37 38.50
CA ALA ND 61 -18.11 -163.61 37.70
C ALA ND 61 -18.41 -163.77 36.23
N GLY ND 62 -18.57 -162.66 35.52
CA GLY ND 62 -18.81 -162.68 34.09
C GLY ND 62 -20.22 -162.97 33.66
N ALA ND 63 -21.17 -163.00 34.59
CA ALA ND 63 -22.55 -163.36 34.27
C ALA ND 63 -23.36 -162.13 33.87
N GLN ND 64 -24.44 -162.39 33.13
CA GLN ND 64 -25.40 -161.38 32.72
C GLN ND 64 -26.67 -161.58 33.54
N GLY ND 65 -27.15 -160.50 34.16
CA GLY ND 65 -28.22 -160.66 35.13
C GLY ND 65 -29.36 -159.67 35.08
N TYR ND 66 -30.19 -159.69 36.12
CA TYR ND 66 -31.42 -158.91 36.21
C TYR ND 66 -31.84 -158.83 37.67
N LYS ND 67 -31.89 -157.62 38.24
CA LYS ND 67 -32.05 -157.49 39.68
C LYS ND 67 -32.77 -156.20 40.01
N ASP ND 68 -33.51 -156.21 41.11
CA ASP ND 68 -34.11 -155.01 41.70
C ASP ND 68 -33.44 -154.70 43.02
N MET ND 69 -33.54 -153.46 43.48
CA MET ND 69 -32.73 -152.97 44.60
C MET ND 69 -33.56 -152.54 45.80
N GLY ND 70 -34.55 -151.68 45.60
CA GLY ND 70 -35.30 -151.11 46.70
C GLY ND 70 -36.06 -149.87 46.24
N TYR ND 71 -36.35 -148.98 47.19
CA TYR ND 71 -37.08 -147.77 46.86
C TYR ND 71 -36.58 -146.62 47.73
N VAL ND 72 -36.87 -145.40 47.27
CA VAL ND 72 -36.43 -144.17 47.92
C VAL ND 72 -37.64 -143.29 48.18
N LYS ND 73 -37.68 -142.66 49.35
CA LYS ND 73 -38.79 -141.81 49.75
C LYS ND 73 -38.39 -140.34 49.70
N ILE ND 74 -39.30 -139.51 49.18
CA ILE ND 74 -39.12 -138.07 49.09
C ILE ND 74 -40.27 -137.39 49.81
N ILE ND 75 -39.97 -136.40 50.64
CA ILE ND 75 -40.97 -135.70 51.43
C ILE ND 75 -40.97 -134.22 51.04
N ASN ND 76 -42.16 -133.68 50.80
CA ASN ND 76 -42.35 -132.31 50.35
C ASN ND 76 -43.13 -131.49 51.38
N TYR ND 77 -42.75 -130.23 51.52
CA TYR ND 77 -43.12 -129.39 52.66
C TYR ND 77 -43.98 -128.21 52.23
N THR ND 78 -44.19 -127.28 53.16
CA THR ND 78 -45.23 -126.27 53.04
C THR ND 78 -45.09 -125.44 51.78
N ASP ND 79 -46.23 -125.23 51.10
CA ASP ND 79 -46.34 -124.37 49.92
C ASP ND 79 -45.50 -124.86 48.75
N VAL ND 80 -45.25 -126.17 48.67
CA VAL ND 80 -44.50 -126.79 47.59
C VAL ND 80 -45.49 -127.60 46.74
N ASN ND 81 -45.44 -127.41 45.43
CA ASN ND 81 -46.31 -128.13 44.52
C ASN ND 81 -45.56 -128.88 43.43
N VAL ND 82 -44.50 -128.31 42.87
CA VAL ND 82 -43.75 -128.92 41.79
C VAL ND 82 -42.27 -128.82 42.11
N VAL ND 83 -41.54 -129.92 41.91
CA VAL ND 83 -40.12 -130.00 42.20
C VAL ND 83 -39.38 -130.50 40.96
N LYS ND 84 -38.28 -129.84 40.62
CA LYS ND 84 -37.39 -130.26 39.55
C LYS ND 84 -36.10 -130.80 40.16
N LEU ND 85 -35.71 -132.00 39.75
CA LEU ND 85 -34.61 -132.71 40.37
C LEU ND 85 -33.60 -133.17 39.31
N LYS ND 86 -32.36 -133.33 39.76
CA LYS ND 86 -31.29 -133.89 38.94
C LYS ND 86 -30.65 -135.04 39.70
N VAL ND 87 -30.56 -136.20 39.06
CA VAL ND 87 -30.03 -137.42 39.66
C VAL ND 87 -28.82 -137.87 38.87
N THR ND 88 -27.74 -138.20 39.58
CA THR ND 88 -26.49 -138.59 38.96
C THR ND 88 -25.86 -139.73 39.75
N LEU ND 89 -24.93 -140.44 39.08
CA LEU ND 89 -24.14 -141.49 39.71
C LEU ND 89 -22.83 -140.86 40.20
N ALA ND 90 -22.65 -140.84 41.53
CA ALA ND 90 -21.52 -140.13 42.11
C ALA ND 90 -20.21 -140.86 41.90
N ASN ND 91 -20.22 -142.20 41.96
CA ASN ND 91 -18.98 -142.97 41.90
C ASN ND 91 -18.93 -143.85 40.66
N ALA ND 92 -19.30 -143.29 39.51
CA ALA ND 92 -19.27 -144.05 38.26
C ALA ND 92 -17.85 -144.43 37.87
N ALA ND 93 -16.88 -143.55 38.17
CA ALA ND 93 -15.50 -143.84 37.80
C ALA ND 93 -14.96 -145.06 38.54
N GLN ND 94 -15.33 -145.21 39.82
CA GLN ND 94 -14.86 -146.36 40.59
C GLN ND 94 -15.46 -147.66 40.08
N LEU ND 95 -16.70 -147.64 39.59
CA LEU ND 95 -17.39 -148.84 39.14
C LEU ND 95 -17.00 -149.27 37.74
N ARG ND 96 -16.28 -148.44 36.99
CA ARG ND 96 -15.92 -148.80 35.62
C ARG ND 96 -15.09 -150.08 35.51
N PRO ND 97 -14.02 -150.29 36.28
CA PRO ND 97 -13.22 -151.51 36.10
C PRO ND 97 -13.96 -152.79 36.45
N TYR ND 98 -15.11 -152.72 37.11
CA TYR ND 98 -15.82 -153.90 37.58
C TYR ND 98 -16.96 -154.34 36.67
N PHE ND 99 -17.39 -153.50 35.73
CA PHE ND 99 -18.56 -153.77 34.91
C PHE ND 99 -18.30 -153.42 33.46
N LYS ND 100 -18.84 -154.25 32.55
CA LYS ND 100 -18.91 -153.86 31.16
C LYS ND 100 -20.02 -152.84 30.92
N TYR ND 101 -21.16 -153.02 31.56
CA TYR ND 101 -22.24 -152.05 31.50
C TYR ND 101 -23.12 -152.21 32.72
N LEU ND 102 -23.81 -151.12 33.08
CA LEU ND 102 -24.71 -151.11 34.22
C LEU ND 102 -25.74 -150.02 34.01
N GLN ND 103 -27.01 -150.38 34.04
CA GLN ND 103 -28.10 -149.44 33.78
C GLN ND 103 -29.09 -149.46 34.94
N LEU ND 104 -29.54 -148.27 35.34
CA LEU ND 104 -30.51 -148.11 36.42
C LEU ND 104 -31.78 -147.47 35.87
N VAL ND 105 -32.93 -148.05 36.24
CA VAL ND 105 -34.23 -147.59 35.78
C VAL ND 105 -35.02 -147.10 36.99
N LEU ND 106 -35.51 -145.87 36.91
CA LEU ND 106 -36.28 -145.25 37.99
C LEU ND 106 -37.73 -145.08 37.53
N THR ND 107 -38.67 -145.54 38.34
CA THR ND 107 -40.09 -145.45 38.03
C THR ND 107 -40.85 -144.86 39.20
N SER ND 108 -41.81 -143.98 38.90
CA SER ND 108 -42.69 -143.41 39.91
C SER ND 108 -43.94 -144.28 40.00
N ASN ND 109 -44.31 -144.65 41.23
CA ASN ND 109 -45.35 -145.62 41.50
C ASN ND 109 -46.30 -145.15 42.61
N ALA ND 110 -45.92 -144.09 43.34
CA ALA ND 110 -46.64 -143.69 44.54
C ALA ND 110 -48.14 -143.49 44.28
N SER ND 111 -48.51 -143.13 43.05
CA SER ND 111 -49.90 -143.17 42.61
C SER ND 111 -50.21 -144.55 42.07
N SER ND 112 -51.18 -145.23 42.69
CA SER ND 112 -51.53 -146.58 42.26
C SER ND 112 -52.15 -146.60 40.87
N THR ND 113 -52.61 -145.46 40.36
CA THR ND 113 -53.20 -145.40 39.03
C THR ND 113 -52.19 -145.04 37.95
N VAL ND 114 -51.15 -144.28 38.29
CA VAL ND 114 -50.19 -143.77 37.31
C VAL ND 114 -48.80 -144.29 37.69
N GLU ND 115 -48.35 -145.34 37.01
CA GLU ND 115 -46.97 -145.80 37.08
C GLU ND 115 -46.21 -145.23 35.89
N GLU ND 116 -45.07 -144.58 36.15
CA GLU ND 116 -44.27 -143.99 35.09
C GLU ND 116 -42.79 -144.17 35.36
N THR ND 117 -42.06 -144.60 34.33
CA THR ND 117 -40.60 -144.58 34.35
C THR ND 117 -40.11 -143.20 33.96
N LYS ND 118 -39.24 -142.62 34.78
CA LYS ND 118 -38.81 -141.23 34.61
C LYS ND 118 -37.43 -141.07 34.00
N ALA ND 119 -36.46 -141.92 34.34
CA ALA ND 119 -35.11 -141.75 33.83
C ALA ND 119 -34.41 -143.10 33.79
N VAL ND 120 -33.39 -143.16 32.93
CA VAL ND 120 -32.50 -144.32 32.84
C VAL ND 120 -31.07 -143.81 32.98
N LEU ND 121 -30.33 -144.38 33.92
CA LEU ND 121 -28.95 -143.99 34.18
C LEU ND 121 -28.00 -145.10 33.75
N SER ND 122 -26.81 -144.71 33.32
CA SER ND 122 -25.81 -145.67 32.85
C SER ND 122 -24.42 -145.11 33.16
N LEU ND 123 -23.42 -145.97 32.99
CA LEU ND 123 -22.04 -145.57 33.26
C LEU ND 123 -21.52 -144.58 32.23
N LYS ND 124 -22.11 -144.53 31.04
CA LYS ND 124 -21.69 -143.60 30.01
C LYS ND 124 -22.44 -142.27 30.08
N LYS ND 125 -23.70 -142.29 30.53
CA LYS ND 125 -24.50 -141.09 30.70
C LYS ND 125 -25.07 -141.11 32.11
N PRO ND 126 -24.31 -140.64 33.10
CA PRO ND 126 -24.70 -140.84 34.51
C PRO ND 126 -25.78 -139.91 35.01
N SER ND 127 -26.10 -138.83 34.31
CA SER ND 127 -26.98 -137.79 34.84
C SER ND 127 -28.28 -137.73 34.06
N ALA ND 128 -29.35 -137.33 34.75
CA ALA ND 128 -30.66 -137.17 34.15
C ALA ND 128 -31.45 -136.15 34.95
N VAL ND 129 -32.47 -135.59 34.31
CA VAL ND 129 -33.35 -134.59 34.92
C VAL ND 129 -34.79 -135.09 34.83
N ILE ND 130 -35.49 -135.07 35.96
CA ILE ND 130 -36.86 -135.57 36.04
C ILE ND 130 -37.77 -134.49 36.61
N ILE ND 131 -39.07 -134.68 36.42
CA ILE ND 131 -40.09 -133.74 36.85
C ILE ND 131 -41.12 -134.49 37.70
N LEU ND 132 -41.44 -133.94 38.86
CA LEU ND 132 -42.49 -134.47 39.72
C LEU ND 132 -43.59 -133.42 39.84
N ASP ND 133 -44.83 -133.84 39.61
CA ASP ND 133 -45.97 -132.91 39.58
C ASP ND 133 -47.11 -133.36 40.47
N ASN ND 134 -48.27 -132.71 40.32
CA ASN ND 134 -49.41 -132.97 41.18
C ASN ND 134 -49.84 -134.44 41.15
N ASP ND 135 -49.71 -135.10 40.00
CA ASP ND 135 -50.14 -136.49 39.90
C ASP ND 135 -49.23 -137.42 40.70
N ASP ND 136 -47.94 -137.11 40.79
CA ASP ND 136 -47.02 -138.00 41.49
C ASP ND 136 -47.23 -137.95 42.99
N TYR ND 137 -47.53 -136.78 43.54
CA TYR ND 137 -47.63 -136.59 44.98
C TYR ND 137 -48.87 -137.25 45.56
N SER ND 138 -48.90 -138.58 45.57
CA SER ND 138 -49.97 -139.31 46.23
C SER ND 138 -49.78 -139.26 47.74
N SER ND 139 -50.89 -139.40 48.46
CA SER ND 139 -50.98 -139.14 49.89
C SER ND 139 -50.60 -137.70 50.24
N THR ND 140 -50.41 -136.85 49.23
CA THR ND 140 -50.17 -135.41 49.33
C THR ND 140 -48.84 -135.07 49.98
N ASN ND 141 -48.05 -136.07 50.38
CA ASN ND 141 -46.87 -135.80 51.17
C ASN ND 141 -45.60 -136.55 50.77
N LYS ND 142 -45.67 -137.55 49.89
CA LYS ND 142 -44.46 -138.34 49.65
C LYS ND 142 -44.44 -138.92 48.23
N ILE ND 143 -43.22 -139.18 47.77
CA ILE ND 143 -42.93 -139.84 46.50
C ILE ND 143 -42.21 -141.15 46.78
N GLN ND 144 -42.60 -142.21 46.07
CA GLN ND 144 -41.95 -143.51 46.16
C GLN ND 144 -41.36 -143.86 44.80
N LEU ND 145 -40.07 -144.16 44.78
CA LEU ND 145 -39.34 -144.50 43.55
C LEU ND 145 -38.47 -145.71 43.80
N LYS ND 146 -38.76 -146.82 43.12
CA LYS ND 146 -37.89 -147.98 43.15
C LYS ND 146 -36.86 -147.94 42.03
N VAL ND 147 -35.79 -148.70 42.22
CA VAL ND 147 -34.64 -148.73 41.32
C VAL ND 147 -34.58 -150.07 40.63
N GLU ND 148 -34.36 -150.05 39.31
CA GLU ND 148 -34.25 -151.29 38.54
C GLU ND 148 -32.88 -151.32 37.89
N ALA ND 149 -32.18 -152.45 38.01
CA ALA ND 149 -30.80 -152.58 37.58
C ALA ND 149 -30.65 -153.66 36.52
N TYR ND 150 -29.86 -153.37 35.50
CA TYR ND 150 -29.41 -154.33 34.50
C TYR ND 150 -27.90 -154.26 34.42
N TYR ND 151 -27.24 -155.41 34.34
CA TYR ND 151 -25.79 -155.42 34.50
C TYR ND 151 -25.18 -156.62 33.78
N GLU ND 152 -23.86 -156.50 33.53
CA GLU ND 152 -23.02 -157.62 33.12
C GLU ND 152 -21.67 -157.45 33.79
N ALA ND 153 -21.24 -158.47 34.51
CA ALA ND 153 -20.01 -158.41 35.28
C ALA ND 153 -18.79 -158.71 34.41
N LYS ND 154 -17.64 -158.18 34.81
CA LYS ND 154 -16.40 -158.45 34.11
C LYS ND 154 -15.99 -159.90 34.27
N GLU ND 155 -15.25 -160.41 33.29
CA GLU ND 155 -14.84 -161.81 33.26
C GLU ND 155 -13.71 -162.04 34.26
N GLY ND 156 -13.94 -162.96 35.19
CA GLY ND 156 -12.89 -163.39 36.11
C GLY ND 156 -12.54 -162.40 37.19
N MET ND 157 -13.43 -161.48 37.54
CA MET ND 157 -13.17 -160.48 38.57
C MET ND 157 -13.97 -160.84 39.82
N LEU ND 158 -13.28 -160.90 40.96
CA LEU ND 158 -13.90 -161.23 42.24
C LEU ND 158 -13.69 -160.08 43.21
N PHE ND 159 -14.75 -159.76 43.96
CA PHE ND 159 -14.73 -158.63 44.87
C PHE ND 159 -15.89 -158.76 45.85
N ASP ND 160 -15.90 -157.91 46.86
CA ASP ND 160 -16.98 -157.86 47.82
C ASP ND 160 -16.97 -156.49 48.50
N SER ND 161 -18.13 -156.13 49.07
CA SER ND 161 -18.30 -154.88 49.81
C SER ND 161 -17.98 -153.67 48.94
N LEU ND 162 -18.69 -153.54 47.82
CA LEU ND 162 -18.52 -152.41 46.91
C LEU ND 162 -19.78 -151.56 46.91
N PRO ND 163 -19.71 -150.29 47.29
CA PRO ND 163 -20.91 -149.46 47.38
C PRO ND 163 -21.27 -148.78 46.06
N VAL ND 164 -22.56 -148.52 45.91
CA VAL ND 164 -23.12 -147.75 44.81
C VAL ND 164 -23.83 -146.54 45.38
N ILE ND 165 -23.50 -145.35 44.88
CA ILE ND 165 -23.94 -144.09 45.48
C ILE ND 165 -24.71 -143.29 44.44
N LEU ND 166 -25.84 -142.72 44.87
CA LEU ND 166 -26.64 -141.81 44.04
C LEU ND 166 -26.78 -140.48 44.76
N ASN ND 167 -26.83 -139.40 44.00
CA ASN ND 167 -26.90 -138.05 44.55
C ASN ND 167 -28.11 -137.31 43.97
N PHE ND 168 -28.68 -136.42 44.78
CA PHE ND 168 -29.83 -135.62 44.39
C PHE ND 168 -29.52 -134.14 44.56
N GLN ND 169 -29.99 -133.33 43.62
CA GLN ND 169 -29.84 -131.89 43.69
C GLN ND 169 -31.11 -131.22 43.17
N VAL ND 170 -31.55 -130.19 43.89
CA VAL ND 170 -32.76 -129.45 43.56
C VAL ND 170 -32.40 -128.29 42.65
N LEU ND 171 -33.09 -128.18 41.51
CA LEU ND 171 -32.85 -127.09 40.57
C LEU ND 171 -33.89 -125.99 40.65
N SER ND 172 -35.16 -126.33 40.89
CA SER ND 172 -36.22 -125.35 41.00
C SER ND 172 -37.42 -125.98 41.70
N VAL ND 173 -38.09 -125.19 42.53
CA VAL ND 173 -39.28 -125.62 43.24
C VAL ND 173 -40.33 -124.52 43.15
N SER ND 174 -41.60 -124.93 43.10
CA SER ND 174 -42.70 -123.97 43.02
C SER ND 174 -43.96 -124.53 43.69
N THR OD 26 -32.12 -65.47 85.21
CA THR OD 26 -32.23 -65.47 83.75
C THR OD 26 -31.26 -66.48 83.16
N THR OD 27 -31.71 -67.73 83.03
CA THR OD 27 -30.90 -68.82 82.52
C THR OD 27 -31.56 -69.42 81.29
N GLN OD 28 -30.77 -69.64 80.24
CA GLN OD 28 -31.25 -70.23 79.00
C GLN OD 28 -30.82 -71.69 78.94
N SER OD 29 -31.79 -72.59 78.75
CA SER OD 29 -31.48 -74.01 78.78
C SER OD 29 -31.52 -74.62 77.38
N PRO OD 30 -30.63 -75.57 77.09
CA PRO OD 30 -30.67 -76.23 75.77
C PRO OD 30 -31.69 -77.34 75.67
N LEU OD 31 -32.18 -77.88 76.79
CA LEU OD 31 -33.26 -78.85 76.82
C LEU OD 31 -32.88 -80.15 76.08
N ASN OD 32 -31.69 -80.67 76.39
CA ASN OD 32 -31.25 -81.93 75.80
C ASN OD 32 -30.52 -82.82 76.81
N SER OD 33 -30.75 -82.60 78.10
CA SER OD 33 -30.06 -83.36 79.14
C SER OD 33 -30.92 -84.52 79.63
N PHE OD 34 -31.20 -85.46 78.72
CA PHE OD 34 -31.96 -86.65 79.04
C PHE OD 34 -31.34 -87.86 78.36
N TYR OD 35 -31.21 -88.95 79.10
CA TYR OD 35 -30.55 -90.15 78.57
C TYR OD 35 -31.20 -91.40 79.13
N ALA OD 36 -30.99 -92.51 78.42
CA ALA OD 36 -31.40 -93.84 78.86
C ALA OD 36 -30.39 -94.84 78.32
N THR OD 37 -30.10 -95.88 79.11
CA THR OD 37 -28.99 -96.77 78.82
C THR OD 37 -29.41 -98.23 78.94
N GLY OD 38 -28.91 -99.05 78.01
CA GLY OD 38 -29.06 -100.49 78.07
C GLY OD 38 -27.73 -101.21 77.89
N THR OD 39 -27.75 -102.53 77.76
CA THR OD 39 -26.52 -103.31 77.64
C THR OD 39 -26.75 -104.49 76.71
N ALA OD 40 -25.66 -105.05 76.22
CA ALA OD 40 -25.69 -106.23 75.36
C ALA OD 40 -24.37 -106.99 75.51
N GLN OD 41 -24.39 -108.27 75.14
CA GLN OD 41 -23.20 -109.11 75.27
C GLN OD 41 -23.34 -110.34 74.40
N ALA OD 42 -22.21 -111.00 74.17
CA ALA OD 42 -22.16 -112.28 73.47
C ALA OD 42 -20.86 -112.98 73.87
N VAL OD 43 -20.96 -114.04 74.66
CA VAL OD 43 -19.80 -114.63 75.32
C VAL OD 43 -19.67 -116.13 75.06
N GLN OD 44 -20.21 -116.64 73.94
CA GLN OD 44 -20.04 -118.05 73.64
C GLN OD 44 -20.15 -118.28 72.14
N GLU OD 45 -19.52 -119.37 71.68
CA GLU OD 45 -19.53 -119.77 70.29
C GLU OD 45 -20.84 -120.49 69.94
N PRO OD 46 -21.26 -120.44 68.68
CA PRO OD 46 -22.57 -121.00 68.32
C PRO OD 46 -22.75 -122.47 68.65
N ILE OD 47 -21.72 -123.29 68.45
CA ILE OD 47 -21.85 -124.74 68.57
C ILE OD 47 -20.77 -125.30 69.46
N ASP OD 48 -21.03 -126.51 69.97
CA ASP OD 48 -20.05 -127.29 70.71
C ASP OD 48 -20.06 -128.70 70.14
N VAL OD 49 -18.88 -129.31 70.03
CA VAL OD 49 -18.72 -130.60 69.36
C VAL OD 49 -18.04 -131.58 70.30
N GLU OD 50 -18.60 -132.78 70.41
CA GLU OD 50 -18.04 -133.84 71.24
C GLU OD 50 -17.99 -135.13 70.43
N SER OD 51 -16.91 -135.90 70.61
CA SER OD 51 -16.62 -137.07 69.79
C SER OD 51 -16.80 -138.36 70.58
N HIS OD 52 -17.31 -139.39 69.92
CA HIS OD 52 -17.47 -140.72 70.51
C HIS OD 52 -17.09 -141.81 69.50
N LEU OD 53 -15.99 -141.61 68.79
CA LEU OD 53 -15.51 -142.59 67.81
C LEU OD 53 -14.62 -143.60 68.54
N ASP OD 54 -15.23 -144.70 68.95
CA ASP OD 54 -14.56 -145.72 69.77
C ASP OD 54 -14.59 -147.09 69.11
N ASN OD 55 -14.32 -147.14 67.81
CA ASN OD 55 -14.16 -148.41 67.10
C ASN OD 55 -12.92 -148.33 66.22
N THR OD 56 -12.30 -149.48 66.00
CA THR OD 56 -11.03 -149.57 65.29
C THR OD 56 -11.20 -150.35 63.99
N ILE OD 57 -10.70 -149.78 62.90
CA ILE OD 57 -10.64 -150.50 61.63
C ILE OD 57 -9.44 -151.45 61.71
N ALA OD 58 -9.73 -152.74 61.91
CA ALA OD 58 -8.70 -153.76 62.12
C ALA OD 58 -8.89 -154.92 61.16
N PRO OD 59 -8.56 -154.73 59.88
CA PRO OD 59 -8.58 -155.85 58.94
C PRO OD 59 -7.20 -156.51 58.84
N ALA OD 60 -7.15 -157.60 58.09
CA ALA OD 60 -5.88 -158.21 57.74
C ALA OD 60 -5.22 -157.43 56.61
N ALA OD 61 -3.95 -157.74 56.37
CA ALA OD 61 -3.19 -157.03 55.35
C ALA OD 61 -3.73 -157.35 53.97
N GLY OD 62 -4.09 -156.31 53.21
CA GLY OD 62 -4.58 -156.47 51.86
C GLY OD 62 -6.02 -156.88 51.73
N ALA OD 63 -6.79 -156.83 52.80
CA ALA OD 63 -8.18 -157.28 52.79
C ALA OD 63 -9.12 -156.14 52.43
N GLN OD 64 -10.29 -156.51 51.92
CA GLN OD 64 -11.37 -155.57 51.62
C GLN OD 64 -12.46 -155.74 52.66
N GLY OD 65 -12.89 -154.64 53.27
CA GLY OD 65 -13.75 -154.75 54.43
C GLY OD 65 -14.94 -153.80 54.51
N TYR OD 66 -15.56 -153.76 55.68
CA TYR OD 66 -16.80 -153.02 55.93
C TYR OD 66 -16.96 -152.82 57.43
N LYS OD 67 -16.96 -151.57 57.88
CA LYS OD 67 -16.87 -151.30 59.31
C LYS OD 67 -17.60 -150.01 59.65
N ASP OD 68 -18.11 -149.94 60.87
CA ASP OD 68 -18.67 -148.72 61.44
C ASP OD 68 -17.78 -148.26 62.59
N MET OD 69 -17.88 -146.97 62.95
CA MET OD 69 -16.91 -146.36 63.86
C MET OD 69 -17.53 -145.83 65.14
N GLY OD 70 -18.59 -145.05 65.05
CA GLY OD 70 -19.17 -144.40 66.23
C GLY OD 70 -20.06 -143.25 65.80
N TYR OD 71 -20.22 -142.29 66.70
CA TYR OD 71 -21.07 -141.13 66.41
C TYR OD 71 -20.49 -139.88 67.06
N VAL OD 72 -20.93 -138.73 66.57
CA VAL OD 72 -20.45 -137.43 67.01
C VAL OD 72 -21.63 -136.57 67.41
N LYS OD 73 -21.50 -135.84 68.51
CA LYS OD 73 -22.56 -134.99 69.04
C LYS OD 73 -22.27 -133.52 68.78
N ILE OD 74 -23.30 -132.78 68.37
CA ILE OD 74 -23.21 -131.34 68.11
C ILE OD 74 -24.26 -130.65 68.98
N ILE OD 75 -23.87 -129.57 69.64
CA ILE OD 75 -24.75 -128.84 70.56
C ILE OD 75 -24.90 -127.41 70.03
N ASN OD 76 -26.15 -126.94 69.97
CA ASN OD 76 -26.49 -125.63 69.44
C ASN OD 76 -27.12 -124.76 70.52
N TYR OD 77 -26.79 -123.46 70.48
CA TYR OD 77 -26.99 -122.53 71.59
C TYR OD 77 -27.98 -121.44 71.21
N THR OD 78 -28.07 -120.44 72.09
CA THR OD 78 -29.17 -119.47 72.08
C THR OD 78 -29.31 -118.77 70.74
N ASP OD 79 -30.56 -118.67 70.26
CA ASP OD 79 -30.93 -117.93 69.05
C ASP OD 79 -30.28 -118.51 67.80
N VAL OD 80 -29.99 -119.80 67.79
CA VAL OD 80 -29.41 -120.49 66.65
C VAL OD 80 -30.48 -121.41 66.07
N ASN OD 81 -30.67 -121.35 64.76
CA ASN OD 81 -31.66 -122.19 64.10
C ASN OD 81 -31.08 -123.02 62.96
N VAL OD 82 -30.17 -122.46 62.16
CA VAL OD 82 -29.59 -123.14 61.02
C VAL OD 82 -28.08 -122.95 61.05
N VAL OD 83 -27.35 -124.04 60.81
CA VAL OD 83 -25.89 -124.03 60.84
C VAL OD 83 -25.37 -124.62 59.54
N LYS OD 84 -24.37 -123.95 58.95
CA LYS OD 84 -23.67 -124.43 57.77
C LYS OD 84 -22.27 -124.87 58.18
N LEU OD 85 -21.90 -126.09 57.81
CA LEU OD 85 -20.66 -126.69 58.28
C LEU OD 85 -19.83 -127.21 57.11
N LYS OD 86 -18.52 -127.28 57.32
CA LYS OD 86 -17.58 -127.87 56.38
C LYS OD 86 -16.76 -128.92 57.10
N VAL OD 87 -16.72 -130.12 56.55
CA VAL OD 87 -16.02 -131.26 57.16
C VAL OD 87 -14.95 -131.73 56.20
N THR OD 88 -13.74 -131.95 56.73
CA THR OD 88 -12.60 -132.36 55.92
C THR OD 88 -11.77 -133.38 56.67
N LEU OD 89 -10.94 -134.11 55.92
CA LEU OD 89 -10.00 -135.06 56.47
C LEU OD 89 -8.66 -134.34 56.66
N ALA OD 90 -8.25 -134.19 57.92
CA ALA OD 90 -7.07 -133.38 58.22
C ALA OD 90 -5.77 -134.09 57.84
N ASN OD 91 -5.70 -135.40 58.01
CA ASN OD 91 -4.46 -136.13 57.80
C ASN OD 91 -4.58 -137.12 56.65
N ALA OD 92 -5.18 -136.69 55.55
CA ALA OD 92 -5.33 -137.56 54.39
C ALA OD 92 -3.98 -137.92 53.78
N ALA OD 93 -3.03 -136.99 53.81
CA ALA OD 93 -1.72 -137.26 53.22
C ALA OD 93 -0.99 -138.37 53.95
N GLN OD 94 -1.11 -138.41 55.28
CA GLN OD 94 -0.46 -139.46 56.05
C GLN OD 94 -1.06 -140.83 55.78
N LEU OD 95 -2.36 -140.90 55.53
CA LEU OD 95 -3.05 -142.16 55.33
C LEU OD 95 -2.90 -142.72 53.92
N ARG OD 96 -2.38 -141.94 52.98
CA ARG OD 96 -2.25 -142.41 51.60
C ARG OD 96 -1.38 -143.66 51.45
N PRO OD 97 -0.17 -143.75 52.03
CA PRO OD 97 0.65 -144.95 51.81
C PRO OD 97 0.06 -146.23 52.40
N TYR OD 98 -0.96 -146.13 53.26
CA TYR OD 98 -1.50 -147.30 53.94
C TYR OD 98 -2.77 -147.85 53.30
N PHE OD 99 -3.40 -147.13 52.39
CA PHE OD 99 -4.68 -147.54 51.83
C PHE OD 99 -4.71 -147.32 50.32
N LYS OD 100 -5.36 -148.24 49.62
CA LYS OD 100 -5.70 -148.00 48.23
C LYS OD 100 -6.89 -147.05 48.10
N TYR OD 101 -7.88 -147.21 48.97
CA TYR OD 101 -9.02 -146.29 49.01
C TYR OD 101 -9.65 -146.36 50.39
N LEU OD 102 -10.32 -145.28 50.77
CA LEU OD 102 -11.00 -145.20 52.06
C LEU OD 102 -12.11 -144.16 51.95
N GLN OD 103 -13.34 -144.57 52.24
CA GLN OD 103 -14.50 -143.70 52.11
C GLN OD 103 -15.27 -143.65 53.42
N LEU OD 104 -15.71 -142.45 53.79
CA LEU OD 104 -16.47 -142.23 55.02
C LEU OD 104 -17.84 -141.70 54.65
N VAL OD 105 -18.88 -142.27 55.28
CA VAL OD 105 -20.26 -141.91 55.03
C VAL OD 105 -20.86 -141.35 56.31
N LEU OD 106 -21.43 -140.14 56.22
CA LEU OD 106 -22.03 -139.47 57.36
C LEU OD 106 -23.53 -139.39 57.16
N THR OD 107 -24.29 -139.80 58.17
CA THR OD 107 -25.74 -139.80 58.12
C THR OD 107 -26.32 -139.13 59.35
N SER OD 108 -27.36 -138.32 59.15
CA SER OD 108 -28.08 -137.69 60.26
C SER OD 108 -29.23 -138.60 60.66
N ASN OD 109 -29.35 -138.86 61.97
CA ASN OD 109 -30.27 -139.86 62.51
C ASN OD 109 -31.03 -139.30 63.71
N ALA OD 110 -30.59 -138.16 64.27
CA ALA OD 110 -31.10 -137.68 65.54
C ALA OD 110 -32.63 -137.57 65.55
N SER OD 111 -33.23 -137.35 64.39
CA SER OD 111 -34.68 -137.47 64.22
C SER OD 111 -35.01 -138.92 63.85
N SER OD 112 -35.81 -139.56 64.69
CA SER OD 112 -36.16 -140.96 64.47
C SER OD 112 -37.00 -141.15 63.21
N THR OD 113 -37.61 -140.08 62.70
CA THR OD 113 -38.44 -140.16 61.51
C THR OD 113 -37.66 -139.87 60.22
N VAL OD 114 -36.63 -139.04 60.30
CA VAL OD 114 -35.89 -138.60 59.12
C VAL OD 114 -34.43 -139.02 59.28
N GLU OD 115 -34.05 -140.11 58.63
CA GLU OD 115 -32.64 -140.50 58.49
C GLU OD 115 -32.15 -140.03 57.13
N GLU OD 116 -31.02 -139.31 57.13
CA GLU OD 116 -30.45 -138.79 55.88
C GLU OD 116 -28.94 -138.89 55.90
N THR OD 117 -28.39 -139.39 54.79
CA THR OD 117 -26.96 -139.31 54.54
C THR OD 117 -26.62 -137.95 53.95
N LYS OD 118 -25.64 -137.26 54.53
CA LYS OD 118 -25.34 -135.88 54.16
C LYS OD 118 -24.10 -135.73 53.29
N ALA OD 119 -23.04 -136.50 53.54
CA ALA OD 119 -21.82 -136.33 52.76
C ALA OD 119 -21.06 -137.65 52.71
N VAL OD 120 -20.20 -137.76 51.69
CA VAL OD 120 -19.28 -138.88 51.53
C VAL OD 120 -17.88 -138.31 51.37
N LEU OD 121 -16.95 -138.75 52.20
CA LEU OD 121 -15.58 -138.28 52.16
C LEU OD 121 -14.65 -139.39 51.68
N SER OD 122 -13.58 -139.00 50.99
CA SER OD 122 -12.64 -139.95 50.44
C SER OD 122 -11.25 -139.32 50.44
N LEU OD 123 -10.24 -140.15 50.16
CA LEU OD 123 -8.87 -139.67 50.14
C LEU OD 123 -8.58 -138.77 48.94
N LYS OD 124 -9.40 -138.86 47.88
CA LYS OD 124 -9.21 -138.01 46.71
C LYS OD 124 -10.01 -136.71 46.81
N LYS OD 125 -11.17 -136.75 47.47
CA LYS OD 125 -12.00 -135.55 47.69
C LYS OD 125 -12.30 -135.48 49.18
N PRO OD 126 -11.40 -134.87 49.97
CA PRO OD 126 -11.52 -134.94 51.42
C PRO OD 126 -12.53 -134.01 52.05
N SER OD 127 -13.04 -133.02 51.32
CA SER OD 127 -13.87 -131.97 51.91
C SER OD 127 -15.30 -132.04 51.38
N ALA OD 128 -16.24 -131.62 52.22
CA ALA OD 128 -17.64 -131.57 51.85
C ALA OD 128 -18.33 -130.50 52.70
N VAL OD 129 -19.49 -130.05 52.22
CA VAL OD 129 -20.29 -129.03 52.88
C VAL OD 129 -21.69 -129.59 53.10
N ILE OD 130 -22.19 -129.49 54.33
CA ILE OD 130 -23.48 -130.04 54.71
C ILE OD 130 -24.33 -128.94 55.34
N ILE OD 131 -25.63 -129.21 55.41
CA ILE OD 131 -26.62 -128.27 55.94
C ILE OD 131 -27.43 -128.98 57.02
N LEU OD 132 -27.56 -128.33 58.17
CA LEU OD 132 -28.42 -128.81 59.25
C LEU OD 132 -29.53 -127.80 59.48
N ASP OD 133 -30.77 -128.29 59.52
CA ASP OD 133 -31.93 -127.41 59.61
C ASP OD 133 -32.89 -127.81 60.74
N ASN OD 134 -34.09 -127.23 60.74
CA ASN OD 134 -35.04 -127.45 61.83
C ASN OD 134 -35.38 -128.93 62.00
N ASP OD 135 -35.42 -129.69 60.90
CA ASP OD 135 -35.77 -131.10 61.01
C ASP OD 135 -34.70 -131.92 61.71
N ASP OD 136 -33.42 -131.55 61.53
CA ASP OD 136 -32.34 -132.32 62.12
C ASP OD 136 -32.27 -132.15 63.64
N TYR OD 137 -32.56 -130.93 64.12
CA TYR OD 137 -32.40 -130.61 65.54
C TYR OD 137 -33.47 -131.26 66.39
N SER OD 138 -33.43 -132.58 66.52
CA SER OD 138 -34.32 -133.28 67.42
C SER OD 138 -33.86 -133.09 68.87
N SER OD 139 -34.82 -133.19 69.79
CA SER OD 139 -34.65 -132.80 71.18
C SER OD 139 -34.30 -131.32 71.33
N THR OD 140 -34.35 -130.57 70.22
CA THR OD 140 -34.18 -129.12 70.16
C THR OD 140 -32.77 -128.66 70.51
N ASN OD 141 -31.87 -129.60 70.85
CA ASN OD 141 -30.57 -129.19 71.38
C ASN OD 141 -29.36 -129.94 70.82
N LYS OD 142 -29.53 -131.02 70.05
CA LYS OD 142 -28.35 -131.78 69.67
C LYS OD 142 -28.55 -132.49 68.34
N ILE OD 143 -27.41 -132.74 67.68
CA ILE OD 143 -27.33 -133.51 66.44
C ILE OD 143 -26.49 -134.76 66.70
N GLN OD 144 -26.95 -135.89 66.16
CA GLN OD 144 -26.22 -137.16 66.25
C GLN OD 144 -25.86 -137.61 64.84
N LEU OD 145 -24.58 -137.86 64.60
CA LEU OD 145 -24.06 -138.28 63.30
C LEU OD 145 -23.10 -139.44 63.49
N LYS OD 146 -23.45 -140.62 62.97
CA LYS OD 146 -22.53 -141.73 62.95
C LYS OD 146 -21.71 -141.76 61.66
N VAL OD 147 -20.58 -142.47 61.72
CA VAL OD 147 -19.61 -142.52 60.63
C VAL OD 147 -19.60 -143.93 60.06
N GLU OD 148 -19.63 -144.02 58.73
CA GLU OD 148 -19.58 -145.32 58.06
C GLU OD 148 -18.35 -145.36 57.17
N ALA OD 149 -17.58 -146.45 57.26
CA ALA OD 149 -16.29 -146.56 56.59
C ALA OD 149 -16.28 -147.74 55.63
N TYR OD 150 -15.70 -147.51 54.45
CA TYR OD 150 -15.38 -148.56 53.48
C TYR OD 150 -13.92 -148.43 53.12
N TYR OD 151 -13.22 -149.55 53.01
CA TYR OD 151 -11.77 -149.49 52.91
C TYR OD 151 -11.22 -150.72 52.19
N GLU OD 152 -9.99 -150.59 51.69
CA GLU OD 152 -9.18 -151.70 51.24
C GLU OD 152 -7.74 -151.42 51.63
N ALA OD 153 -7.12 -152.35 52.35
CA ALA OD 153 -5.78 -152.16 52.86
C ALA OD 153 -4.73 -152.50 51.82
N LYS OD 154 -3.56 -151.88 51.96
CA LYS OD 154 -2.45 -152.17 51.06
C LYS OD 154 -1.94 -153.59 51.27
N GLU OD 155 -1.35 -154.15 50.22
CA GLU OD 155 -0.88 -155.53 50.24
C GLU OD 155 0.42 -155.62 51.03
N GLY OD 156 0.42 -156.47 52.06
CA GLY OD 156 1.64 -156.75 52.79
C GLY OD 156 2.13 -155.65 53.72
N MET OD 157 1.26 -154.74 54.14
CA MET OD 157 1.64 -153.64 55.02
C MET OD 157 1.10 -153.89 56.41
N LEU OD 158 1.99 -153.82 57.40
CA LEU OD 158 1.64 -154.06 58.80
C LEU OD 158 1.94 -152.81 59.62
N PHE OD 159 1.02 -152.46 60.51
CA PHE OD 159 1.15 -151.24 61.30
C PHE OD 159 0.17 -151.32 62.48
N ASP OD 160 0.31 -150.38 63.40
CA ASP OD 160 -0.58 -150.28 64.54
C ASP OD 160 -0.53 -148.85 65.08
N SER OD 161 -1.59 -148.49 65.82
CA SER OD 161 -1.69 -147.18 66.47
C SER OD 161 -1.60 -146.04 65.44
N LEU OD 162 -2.50 -146.05 64.48
CA LEU OD 162 -2.57 -145.02 63.45
C LEU OD 162 -3.86 -144.22 63.61
N PRO OD 163 -3.78 -142.91 63.86
CA PRO OD 163 -5.00 -142.12 64.09
C PRO OD 163 -5.63 -141.59 62.81
N VAL OD 164 -6.94 -141.40 62.88
CA VAL OD 164 -7.72 -140.76 61.83
C VAL OD 164 -8.39 -139.53 62.42
N ILE OD 165 -8.22 -138.38 61.77
CA ILE OD 165 -8.62 -137.09 62.32
C ILE OD 165 -9.61 -136.42 61.37
N LEU OD 166 -10.67 -135.87 61.95
CA LEU OD 166 -11.65 -135.08 61.21
C LEU OD 166 -11.74 -133.69 61.83
N ASN OD 167 -11.99 -132.68 60.99
CA ASN OD 167 -12.03 -131.29 61.41
C ASN OD 167 -13.36 -130.65 61.01
N PHE OD 168 -13.83 -129.71 61.83
CA PHE OD 168 -15.08 -129.01 61.59
C PHE OD 168 -14.83 -127.50 61.58
N GLN OD 169 -15.50 -126.80 60.67
CA GLN OD 169 -15.42 -125.35 60.58
C GLN OD 169 -16.80 -124.79 60.25
N VAL OD 170 -17.16 -123.72 60.94
CA VAL OD 170 -18.46 -123.07 60.77
C VAL OD 170 -18.33 -121.98 59.71
N LEU OD 171 -19.20 -122.01 58.71
CA LEU OD 171 -19.21 -121.01 57.66
C LEU OD 171 -20.29 -119.95 57.84
N SER OD 172 -21.46 -120.32 58.33
CA SER OD 172 -22.54 -119.36 58.55
C SER OD 172 -23.55 -119.97 59.51
N VAL OD 173 -24.11 -119.13 60.38
CA VAL OD 173 -25.13 -119.55 61.33
C VAL OD 173 -26.24 -118.50 61.33
N SER OD 174 -27.47 -118.96 61.55
CA SER OD 174 -28.62 -118.07 61.59
C SER OD 174 -29.69 -118.61 62.53
N THR PD 26 -13.94 -55.37 95.81
CA THR PD 26 -14.31 -55.52 94.41
C THR PD 26 -13.41 -56.56 93.74
N THR PD 27 -13.81 -57.83 93.80
CA THR PD 27 -13.04 -58.93 93.24
C THR PD 27 -13.88 -59.67 92.21
N GLN PD 28 -13.28 -59.96 91.07
CA GLN PD 28 -13.94 -60.68 89.98
C GLN PD 28 -13.44 -62.12 89.98
N SER PD 29 -14.38 -63.07 90.05
CA SER PD 29 -13.99 -64.47 90.15
C SER PD 29 -14.24 -65.21 88.84
N PRO PD 30 -13.37 -66.16 88.48
CA PRO PD 30 -13.61 -66.93 87.25
C PRO PD 30 -14.57 -68.09 87.43
N LEU PD 31 -14.81 -68.54 88.67
CA LEU PD 31 -15.82 -69.56 88.98
C LEU PD 31 -15.50 -70.89 88.31
N ASN PD 32 -14.25 -71.34 88.44
CA ASN PD 32 -13.86 -72.63 87.88
C ASN PD 32 -12.90 -73.38 88.81
N SER PD 33 -12.91 -73.05 90.10
CA SER PD 33 -12.00 -73.68 91.07
C SER PD 33 -12.69 -74.83 91.81
N PHE PD 34 -13.08 -75.85 91.04
CA PHE PD 34 -13.71 -77.03 91.60
C PHE PD 34 -13.15 -78.28 90.93
N TYR PD 35 -12.83 -79.30 91.72
CA TYR PD 35 -12.21 -80.50 91.19
C TYR PD 35 -12.68 -81.73 91.97
N ALA PD 36 -12.52 -82.89 91.33
CA ALA PD 36 -12.78 -84.18 91.95
C ALA PD 36 -11.83 -85.19 91.33
N THR PD 37 -11.34 -86.13 92.14
CA THR PD 37 -10.25 -87.00 91.74
C THR PD 37 -10.56 -88.46 92.04
N GLY PD 38 -10.19 -89.34 91.12
CA GLY PD 38 -10.25 -90.78 91.33
C GLY PD 38 -8.93 -91.46 90.97
N THR PD 39 -8.90 -92.79 90.97
CA THR PD 39 -7.68 -93.52 90.70
C THR PD 39 -8.00 -94.80 89.93
N ALA PD 40 -6.97 -95.36 89.29
CA ALA PD 40 -7.09 -96.62 88.57
C ALA PD 40 -5.74 -97.30 88.54
N GLN PD 41 -5.75 -98.61 88.30
CA GLN PD 41 -4.51 -99.39 88.28
C GLN PD 41 -4.74 -100.71 87.55
N ALA PD 42 -3.62 -101.34 87.18
CA ALA PD 42 -3.63 -102.68 86.60
C ALA PD 42 -2.25 -103.28 86.81
N VAL PD 43 -2.15 -104.27 87.70
CA VAL PD 43 -0.85 -104.74 88.17
C VAL PD 43 -0.69 -106.25 88.04
N GLN PD 44 -1.38 -106.88 87.08
CA GLN PD 44 -1.20 -108.32 86.88
C GLN PD 44 -1.56 -108.69 85.46
N GLU PD 45 -0.96 -109.79 84.99
CA GLU PD 45 -1.20 -110.33 83.66
C GLU PD 45 -2.50 -111.13 83.62
N PRO PD 46 -3.15 -111.22 82.46
CA PRO PD 46 -4.47 -111.86 82.40
C PRO PD 46 -4.50 -113.30 82.88
N ILE PD 47 -3.48 -114.09 82.57
CA ILE PD 47 -3.51 -115.53 82.83
C ILE PD 47 -2.25 -115.96 83.57
N ASP PD 48 -2.35 -117.12 84.21
CA ASP PD 48 -1.21 -117.79 84.83
C ASP PD 48 -1.24 -119.25 84.40
N VAL PD 49 -0.07 -119.82 84.13
CA VAL PD 49 0.03 -121.17 83.55
C VAL PD 49 0.93 -122.01 84.44
N GLU PD 50 0.47 -123.23 84.75
CA GLU PD 50 1.23 -124.17 85.55
C GLU PD 50 1.21 -125.53 84.86
N SER PD 51 2.34 -126.24 84.91
CA SER PD 51 2.53 -127.47 84.15
C SER PD 51 2.59 -128.68 85.08
N HIS PD 52 2.01 -129.79 84.61
CA HIS PD 52 2.05 -131.06 85.34
C HIS PD 52 2.29 -132.22 84.37
N LEU PD 53 3.24 -132.06 83.45
CA LEU PD 53 3.59 -133.11 82.49
C LEU PD 53 4.65 -134.00 83.13
N ASP PD 54 4.19 -135.09 83.74
CA ASP PD 54 5.05 -135.99 84.51
C ASP PD 54 4.98 -137.42 83.99
N ASN PD 55 5.01 -137.59 82.68
CA ASN PD 55 5.11 -138.91 82.06
C ASN PD 55 6.17 -138.87 80.97
N THR PD 56 6.81 -140.00 80.74
CA THR PD 56 7.93 -140.11 79.82
C THR PD 56 7.58 -141.02 78.65
N ILE PD 57 7.84 -140.54 77.43
CA ILE PD 57 7.71 -141.38 76.24
C ILE PD 57 8.95 -142.27 76.19
N ALA PD 58 8.78 -143.54 76.54
CA ALA PD 58 9.89 -144.49 76.65
C ALA PD 58 9.59 -145.75 75.85
N PRO PD 59 9.68 -145.69 74.52
CA PRO PD 59 9.55 -146.88 73.71
C PRO PD 59 10.92 -147.49 73.40
N ALA PD 60 10.89 -148.65 72.76
CA ALA PD 60 12.11 -149.24 72.24
C ALA PD 60 12.52 -148.54 70.94
N ALA PD 61 13.75 -148.82 70.50
CA ALA PD 61 14.28 -148.19 69.30
C ALA PD 61 13.50 -148.66 68.07
N GLY PD 62 12.95 -147.71 67.30
CA GLY PD 62 12.25 -148.03 66.08
C GLY PD 62 10.82 -148.49 66.26
N ALA PD 63 10.26 -148.39 67.45
CA ALA PD 63 8.92 -148.89 67.73
C ALA PD 63 7.87 -147.82 67.45
N GLN PD 64 6.65 -148.28 67.21
CA GLN PD 64 5.48 -147.43 67.03
C GLN PD 64 4.60 -147.53 68.27
N GLY PD 65 4.23 -146.39 68.83
CA GLY PD 65 3.60 -146.42 70.13
C GLY PD 65 2.40 -145.52 70.35
N TYR PD 66 1.99 -145.39 71.61
CA TYR PD 66 0.78 -144.69 72.01
C TYR PD 66 0.89 -144.33 73.50
N LYS PD 67 0.89 -143.05 73.83
CA LYS PD 67 1.22 -142.65 75.19
C LYS PD 67 0.49 -141.35 75.54
N ASP PD 68 0.20 -141.20 76.83
CA ASP PD 68 -0.31 -139.94 77.38
C ASP PD 68 0.74 -139.34 78.30
N MET PD 69 0.63 -138.03 78.56
CA MET PD 69 1.71 -137.29 79.22
C MET PD 69 1.31 -136.67 80.55
N GLY PD 70 0.20 -135.94 80.58
CA GLY PD 70 -0.18 -135.21 81.78
C GLY PD 70 -1.19 -134.14 81.42
N TYR PD 71 -1.25 -133.09 82.24
CA TYR PD 71 -2.20 -132.01 82.03
C TYR PD 71 -1.59 -130.69 82.44
N VAL PD 72 -2.17 -129.60 81.94
CA VAL PD 72 -1.69 -128.24 82.17
C VAL PD 72 -2.84 -127.40 82.71
N LYS PD 73 -2.54 -126.55 83.69
CA LYS PD 73 -3.55 -125.71 84.33
C LYS PD 73 -3.38 -124.25 83.89
N ILE PD 74 -4.51 -123.60 83.61
CA ILE PD 74 -4.55 -122.20 83.22
C ILE PD 74 -5.47 -121.47 84.20
N ILE PD 75 -5.02 -120.31 84.69
CA ILE PD 75 -5.77 -119.53 85.67
C ILE PD 75 -6.09 -118.17 85.07
N ASN PD 76 -7.35 -117.75 85.19
CA ASN PD 76 -7.86 -116.51 84.62
C ASN PD 76 -8.33 -115.56 85.72
N TYR PD 77 -8.09 -114.27 85.51
CA TYR PD 77 -8.13 -113.25 86.54
C TYR PD 77 -9.23 -112.23 86.26
N THR PD 78 -9.23 -111.16 87.06
CA THR PD 78 -10.37 -110.24 87.17
C THR PD 78 -10.78 -109.68 85.81
N ASP PD 79 -12.09 -109.67 85.56
CA ASP PD 79 -12.72 -109.07 84.39
C ASP PD 79 -12.29 -109.74 83.09
N VAL PD 80 -11.92 -111.02 83.14
CA VAL PD 80 -11.52 -111.79 81.97
C VAL PD 80 -12.61 -112.81 81.69
N ASN PD 81 -13.05 -112.87 80.44
CA ASN PD 81 -14.09 -113.81 80.04
C ASN PD 81 -13.68 -114.73 78.89
N VAL PD 82 -12.95 -114.21 77.90
CA VAL PD 82 -12.56 -114.98 76.73
C VAL PD 82 -11.08 -114.73 76.47
N VAL PD 83 -10.33 -115.80 76.20
CA VAL PD 83 -8.90 -115.74 75.96
C VAL PD 83 -8.59 -116.43 74.63
N LYS PD 84 -7.76 -115.77 73.82
CA LYS PD 84 -7.25 -116.34 72.58
C LYS PD 84 -5.78 -116.68 72.76
N LEU PD 85 -5.40 -117.91 72.44
CA LEU PD 85 -4.07 -118.42 72.71
C LEU PD 85 -3.44 -119.01 71.46
N LYS PD 86 -2.11 -119.01 71.44
CA LYS PD 86 -1.33 -119.65 70.39
C LYS PD 86 -0.33 -120.59 71.04
N VAL PD 87 -0.32 -121.84 70.61
CA VAL PD 87 0.53 -122.88 71.17
C VAL PD 87 1.45 -123.41 70.07
N THR PD 88 2.73 -123.53 70.39
CA THR PD 88 3.73 -123.97 69.42
C THR PD 88 4.75 -124.88 70.09
N LEU PD 89 5.46 -125.64 69.27
CA LEU PD 89 6.54 -126.50 69.72
C LEU PD 89 7.85 -125.71 69.60
N ALA PD 90 8.48 -125.43 70.74
CA ALA PD 90 9.64 -124.55 70.75
C ALA PD 90 10.89 -125.23 70.19
N ASN PD 91 11.06 -126.51 70.48
CA ASN PD 91 12.28 -127.21 70.10
C ASN PD 91 12.02 -128.31 69.08
N ALA PD 92 11.20 -128.01 68.07
CA ALA PD 92 10.89 -129.01 67.05
C ALA PD 92 12.13 -129.37 66.23
N ALA PD 93 13.01 -128.40 66.00
CA ALA PD 93 14.21 -128.67 65.20
C ALA PD 93 15.12 -129.68 65.89
N GLN PD 94 15.24 -129.60 67.21
CA GLN PD 94 16.09 -130.54 67.94
C GLN PD 94 15.52 -131.95 67.91
N LEU PD 95 14.19 -132.09 67.90
CA LEU PD 95 13.55 -133.40 67.95
C LEU PD 95 13.49 -134.09 66.58
N ARG PD 96 13.79 -133.37 65.50
CA ARG PD 96 13.69 -133.98 64.17
C ARG PD 96 14.59 -135.20 63.97
N PRO PD 97 15.88 -135.18 64.33
CA PRO PD 97 16.71 -136.37 64.07
C PRO PD 97 16.32 -137.60 64.87
N TYR PD 98 15.46 -137.46 65.88
CA TYR PD 98 15.12 -138.58 66.76
C TYR PD 98 13.80 -139.24 66.41
N PHE PD 99 12.96 -138.63 65.56
CA PHE PD 99 11.63 -139.15 65.29
C PHE PD 99 11.32 -139.07 63.81
N LYS PD 100 10.61 -140.09 63.32
CA LYS PD 100 10.02 -139.99 61.99
C LYS PD 100 8.77 -139.11 62.01
N TYR PD 101 7.95 -139.22 63.05
CA TYR PD 101 6.80 -138.34 63.22
C TYR PD 101 6.43 -138.31 64.70
N LEU PD 102 5.77 -137.23 65.09
CA LEU PD 102 5.33 -137.04 66.47
C LEU PD 102 4.17 -136.06 66.47
N GLN PD 103 3.03 -136.50 67.03
CA GLN PD 103 1.82 -135.70 67.03
C GLN PD 103 1.31 -135.55 68.45
N LEU PD 104 0.87 -134.34 68.79
CA LEU PD 104 0.33 -134.02 70.11
C LEU PD 104 -1.11 -133.58 69.97
N VAL PD 105 -1.98 -134.13 70.82
CA VAL PD 105 -3.42 -133.86 70.79
C VAL PD 105 -3.79 -133.19 72.11
N LEU PD 106 -4.44 -132.03 72.02
CA LEU PD 106 -4.86 -131.26 73.18
C LEU PD 106 -6.39 -131.27 73.27
N THR PD 107 -6.92 -131.62 74.44
CA THR PD 107 -8.36 -131.67 74.65
C THR PD 107 -8.74 -130.90 75.90
N SER PD 108 -9.84 -130.17 75.83
CA SER PD 108 -10.38 -129.47 76.99
C SER PD 108 -11.39 -130.38 77.67
N ASN PD 109 -11.27 -130.50 78.99
CA ASN PD 109 -12.02 -131.48 79.78
C ASN PD 109 -12.58 -130.84 81.05
N ALA PD 110 -12.09 -129.65 81.41
CA ALA PD 110 -12.41 -129.05 82.71
C ALA PD 110 -13.91 -129.00 82.99
N SER PD 111 -14.72 -128.92 81.94
CA SER PD 111 -16.17 -129.13 82.05
C SER PD 111 -16.48 -130.60 81.89
N SER PD 112 -17.07 -131.20 82.93
CA SER PD 112 -17.38 -132.62 82.89
C SER PD 112 -18.42 -132.97 81.83
N THR PD 113 -19.18 -131.98 81.35
CA THR PD 113 -20.19 -132.21 80.33
C THR PD 113 -19.69 -132.01 78.91
N VAL PD 114 -18.69 -131.13 78.71
CA VAL PD 114 -18.20 -130.78 77.38
C VAL PD 114 -16.72 -131.12 77.31
N GLU PD 115 -16.40 -132.26 76.71
CA GLU PD 115 -15.04 -132.61 76.34
C GLU PD 115 -14.82 -132.24 74.88
N GLU PD 116 -13.74 -131.50 74.60
CA GLU PD 116 -13.44 -131.07 73.24
C GLU PD 116 -11.95 -131.12 72.97
N THR PD 117 -11.58 -131.69 71.83
CA THR PD 117 -10.22 -131.58 71.32
C THR PD 117 -10.08 -130.27 70.56
N LYS PD 118 -9.05 -129.50 70.89
CA LYS PD 118 -8.89 -128.15 70.36
C LYS PD 118 -7.84 -128.02 69.26
N ALA PD 119 -6.72 -128.72 69.37
CA ALA PD 119 -5.66 -128.58 68.37
C ALA PD 119 -4.85 -129.87 68.30
N VAL PD 120 -4.18 -130.05 67.16
CA VAL PD 120 -3.24 -131.14 66.94
C VAL PD 120 -1.94 -130.53 66.46
N LEU PD 121 -0.84 -130.86 67.14
CA LEU PD 121 0.47 -130.33 66.81
C LEU PD 121 1.35 -131.45 66.26
N SER PD 122 2.26 -131.09 65.36
CA SER PD 122 3.14 -132.05 64.73
C SER PD 122 4.47 -131.36 64.42
N LEU PD 123 5.46 -132.18 64.03
CA LEU PD 123 6.77 -131.65 63.71
C LEU PD 123 6.78 -130.86 62.41
N LYS PD 124 5.81 -131.08 61.53
CA LYS PD 124 5.72 -130.34 60.28
C LYS PD 124 4.88 -129.08 60.40
N LYS PD 125 3.88 -129.08 61.27
CA LYS PD 125 3.03 -127.91 61.53
C LYS PD 125 2.99 -127.70 63.03
N PRO PD 126 3.98 -126.99 63.59
CA PRO PD 126 4.14 -126.94 65.05
C PRO PD 126 3.19 -125.98 65.76
N SER PD 127 2.51 -125.08 65.05
CA SER PD 127 1.75 -124.03 65.70
C SER PD 127 0.26 -124.20 65.43
N ALA PD 128 -0.54 -123.74 66.40
CA ALA PD 128 -2.00 -123.77 66.30
C ALA PD 128 -2.58 -122.67 67.16
N VAL PD 129 -3.83 -122.30 66.85
CA VAL PD 129 -4.55 -121.26 67.57
C VAL PD 129 -5.85 -121.85 68.09
N ILE PD 130 -6.13 -121.64 69.38
CA ILE PD 130 -7.30 -122.20 70.03
C ILE PD 130 -8.09 -121.09 70.71
N ILE PD 131 -9.34 -121.39 71.04
CA ILE PD 131 -10.26 -120.44 71.66
C ILE PD 131 -10.82 -121.08 72.93
N LEU PD 132 -10.78 -120.33 74.03
CA LEU PD 132 -11.40 -120.73 75.28
C LEU PD 132 -12.52 -119.75 75.63
N ASP PD 133 -13.69 -120.28 75.93
CA ASP PD 133 -14.87 -119.46 76.16
C ASP PD 133 -15.58 -119.78 77.48
N ASN PD 134 -16.79 -119.25 77.64
CA ASN PD 134 -17.52 -119.40 78.90
C ASN PD 134 -17.74 -120.86 79.26
N ASP PD 135 -17.93 -121.73 78.27
CA ASP PD 135 -18.18 -123.14 78.56
C ASP PD 135 -16.95 -123.83 79.12
N ASP PD 136 -15.76 -123.44 78.68
CA ASP PD 136 -14.54 -124.11 79.12
C ASP PD 136 -14.21 -123.79 80.58
N TYR PD 137 -14.46 -122.55 80.99
CA TYR PD 137 -14.08 -122.08 82.32
C TYR PD 137 -14.94 -122.68 83.41
N SER PD 138 -14.80 -123.98 83.65
CA SER PD 138 -15.48 -124.63 84.77
C SER PD 138 -14.78 -124.27 86.08
N SER PD 139 -15.54 -124.33 87.17
CA SER PD 139 -15.16 -123.80 88.47
C SER PD 139 -14.87 -122.30 88.41
N THR PD 140 -15.16 -121.66 87.27
CA THR PD 140 -15.08 -120.22 87.05
C THR PD 140 -13.66 -119.68 87.10
N ASN PD 141 -12.66 -120.53 87.34
CA ASN PD 141 -11.32 -120.03 87.59
C ASN PD 141 -10.19 -120.78 86.88
N LYS PD 142 -10.43 -121.93 86.26
CA LYS PD 142 -9.29 -122.68 85.73
C LYS PD 142 -9.69 -123.52 84.52
N ILE PD 143 -8.68 -123.80 83.69
CA ILE PD 143 -8.77 -124.68 82.53
C ILE PD 143 -7.83 -125.86 82.74
N GLN PD 144 -8.32 -127.06 82.40
CA GLN PD 144 -7.51 -128.28 82.46
C GLN PD 144 -7.39 -128.85 81.05
N LEU PD 145 -6.16 -129.07 80.61
CA LEU PD 145 -5.87 -129.60 79.28
C LEU PD 145 -4.81 -130.69 79.39
N LYS PD 146 -5.18 -131.92 79.05
CA LYS PD 146 -4.21 -133.01 78.95
C LYS PD 146 -3.65 -133.12 77.54
N VAL PD 147 -2.49 -133.78 77.45
CA VAL PD 147 -1.73 -133.89 76.22
C VAL PD 147 -1.75 -135.35 75.77
N GLU PD 148 -2.00 -135.58 74.49
CA GLU PD 148 -2.00 -136.92 73.94
C GLU PD 148 -0.96 -137.01 72.84
N ALA PD 149 -0.13 -138.05 72.88
CA ALA PD 149 1.02 -138.17 72.00
C ALA PD 149 0.93 -139.44 71.16
N TYR PD 150 1.28 -139.30 69.88
CA TYR PD 150 1.47 -140.43 68.97
C TYR PD 150 2.84 -140.27 68.33
N TYR PD 151 3.58 -141.38 68.19
CA TYR PD 151 4.98 -141.27 67.83
C TYR PD 151 5.45 -142.54 67.13
N GLU PD 152 6.56 -142.40 66.41
CA GLU PD 152 7.34 -143.52 65.91
C GLU PD 152 8.81 -143.15 66.00
N ALA PD 153 9.60 -143.98 66.68
CA ALA PD 153 11.00 -143.68 66.92
C ALA PD 153 11.85 -144.09 65.72
N LYS PD 154 13.00 -143.41 65.59
CA LYS PD 154 13.95 -143.74 64.54
C LYS PD 154 14.57 -145.10 64.77
N GLU PD 155 14.99 -145.75 63.68
CA GLU PD 155 15.53 -147.10 63.73
C GLU PD 155 16.96 -147.07 64.27
N GLY PD 156 17.20 -147.80 65.36
CA GLY PD 156 18.54 -147.96 65.88
C GLY PD 156 19.12 -146.76 66.60
N MET PD 157 18.29 -145.85 67.09
CA MET PD 157 18.75 -144.65 67.78
C MET PD 157 18.49 -144.80 69.27
N LEU PD 158 19.53 -144.59 70.07
CA LEU PD 158 19.45 -144.71 71.52
C LEU PD 158 19.83 -143.37 72.16
N PHE PD 159 19.07 -142.98 73.17
CA PHE PD 159 19.26 -141.69 73.83
C PHE PD 159 18.53 -141.70 75.16
N ASP PD 160 18.78 -140.65 75.95
CA ASP PD 160 18.10 -140.48 77.22
C ASP PD 160 18.16 -139.01 77.62
N SER PD 161 17.23 -138.62 78.49
CA SER PD 161 17.18 -137.25 79.03
C SER PD 161 17.03 -136.22 77.92
N LEU PD 162 15.96 -136.36 77.13
CA LEU PD 162 15.65 -135.44 76.06
C LEU PD 162 14.37 -134.67 76.38
N PRO PD 163 14.42 -133.35 76.49
CA PRO PD 163 13.22 -132.60 76.88
C PRO PD 163 12.34 -132.20 75.69
N VAL PD 164 11.05 -132.06 75.99
CA VAL PD 164 10.06 -131.57 75.04
C VAL PD 164 9.44 -130.31 75.64
N ILE PD 165 9.43 -129.23 74.86
CA ILE PD 165 9.07 -127.90 75.36
C ILE PD 165 7.88 -127.36 74.57
N LEU PD 166 6.91 -126.80 75.27
CA LEU PD 166 5.77 -126.12 74.66
C LEU PD 166 5.72 -124.68 75.16
N ASN PD 167 5.26 -123.77 74.30
CA ASN PD 167 5.22 -122.35 74.60
C ASN PD 167 3.81 -121.81 74.40
N PHE PD 168 3.44 -120.82 75.20
CA PHE PD 168 2.13 -120.18 75.13
C PHE PD 168 2.29 -118.68 74.95
N GLN PD 169 1.43 -118.10 74.11
CA GLN PD 169 1.41 -116.66 73.89
C GLN PD 169 -0.03 -116.19 73.77
N VAL PD 170 -0.33 -115.06 74.41
CA VAL PD 170 -1.67 -114.49 74.43
C VAL PD 170 -1.79 -113.50 73.28
N LEU PD 171 -2.83 -113.67 72.46
CA LEU PD 171 -3.09 -112.77 71.34
C LEU PD 171 -4.17 -111.74 71.62
N SER PD 172 -5.21 -112.11 72.35
CA SER PD 172 -6.29 -111.18 72.68
C SER PD 172 -7.07 -111.74 73.86
N VAL PD 173 -7.51 -110.83 74.74
CA VAL PD 173 -8.33 -111.19 75.89
C VAL PD 173 -9.47 -110.20 76.01
N SER PD 174 -10.61 -110.68 76.50
CA SER PD 174 -11.78 -109.83 76.67
C SER PD 174 -12.64 -110.32 77.84
N THR QD 26 5.24 -43.60 101.96
CA THR QD 26 4.64 -43.90 100.67
C THR QD 26 5.46 -44.96 99.92
N THR QD 27 5.15 -46.23 100.18
CA THR QD 27 5.87 -47.34 99.59
C THR QD 27 4.90 -48.22 98.80
N GLN QD 28 5.30 -48.59 97.59
CA GLN QD 28 4.50 -49.44 96.71
C GLN QD 28 5.07 -50.85 96.75
N SER QD 29 4.21 -51.83 97.07
CA SER QD 29 4.70 -53.20 97.22
C SER QD 29 4.25 -54.06 96.05
N PRO QD 30 5.10 -55.01 95.62
CA PRO QD 30 4.69 -55.91 94.53
C PRO QD 30 3.84 -57.09 94.99
N LEU QD 31 3.85 -57.41 96.28
CA LEU QD 31 2.97 -58.44 96.86
C LEU QD 31 3.24 -59.82 96.27
N ASN QD 32 4.52 -60.20 96.20
CA ASN QD 32 4.88 -61.52 95.70
C ASN QD 32 6.02 -62.14 96.49
N SER QD 33 6.23 -61.69 97.73
CA SER QD 33 7.33 -62.18 98.56
C SER QD 33 6.85 -63.29 99.51
N PHE QD 34 6.39 -64.39 98.92
CA PHE QD 34 5.94 -65.54 99.70
C PHE QD 34 6.43 -66.81 99.04
N TYR QD 35 6.95 -67.75 99.85
CA TYR QD 35 7.54 -68.97 99.32
C TYR QD 35 7.29 -70.13 100.28
N ALA QD 36 7.38 -71.34 99.72
CA ALA QD 36 7.32 -72.58 100.49
C ALA QD 36 8.20 -73.60 99.80
N THR QD 37 8.87 -74.44 100.58
CA THR QD 37 9.92 -75.30 100.06
C THR QD 37 9.75 -76.74 100.55
N GLY QD 38 10.00 -77.70 99.66
CA GLY QD 38 10.07 -79.10 100.00
C GLY QD 38 11.32 -79.76 99.47
N THR QD 39 11.43 -81.08 99.58
CA THR QD 39 12.63 -81.79 99.14
C THR QD 39 12.25 -83.15 98.57
N ALA QD 40 13.17 -83.73 97.80
CA ALA QD 40 12.99 -85.05 97.23
C ALA QD 40 14.36 -85.67 97.00
N GLN QD 41 14.38 -87.01 96.89
CA GLN QD 41 15.63 -87.73 96.72
C GLN QD 41 15.35 -89.12 96.16
N ALA QD 42 16.42 -89.74 95.64
CA ALA QD 42 16.38 -91.13 95.19
C ALA QD 42 17.81 -91.65 95.20
N VAL QD 43 18.13 -92.54 96.13
CA VAL QD 43 19.51 -92.91 96.40
C VAL QD 43 19.73 -94.43 96.37
N GLN QD 44 18.92 -95.18 95.63
CA GLN QD 44 19.13 -96.61 95.52
C GLN QD 44 18.54 -97.14 94.22
N GLU QD 45 19.11 -98.26 93.75
CA GLU QD 45 18.66 -98.92 92.54
C GLU QD 45 17.43 -99.77 92.82
N PRO QD 46 16.60 -100.01 91.80
CA PRO QD 46 15.31 -100.70 92.04
C PRO QD 46 15.45 -102.09 92.64
N ILE QD 47 16.45 -102.86 92.22
CA ILE QD 47 16.55 -104.27 92.61
C ILE QD 47 17.94 -104.58 93.14
N ASP QD 48 18.03 -105.68 93.88
CA ASP QD 48 19.30 -106.23 94.35
C ASP QD 48 19.27 -107.73 94.06
N VAL QD 49 20.40 -108.28 93.63
CA VAL QD 49 20.48 -109.66 93.16
C VAL QD 49 21.56 -110.40 93.93
N GLU QD 50 21.24 -111.58 94.43
CA GLU QD 50 22.18 -112.42 95.16
C GLU QD 50 22.11 -113.84 94.61
N SER QD 51 23.27 -114.49 94.51
CA SER QD 51 23.40 -115.78 93.84
C SER QD 51 23.68 -116.89 94.85
N HIS QD 52 23.10 -118.06 94.60
CA HIS QD 52 23.33 -119.26 95.40
C HIS QD 52 23.47 -120.49 94.52
N LEU QD 53 24.22 -120.38 93.43
CA LEU QD 53 24.45 -121.51 92.52
C LEU QD 53 25.65 -122.29 93.03
N ASP QD 54 25.38 -123.33 93.81
CA ASP QD 54 26.41 -124.11 94.48
C ASP QD 54 26.33 -125.59 94.11
N ASN QD 55 26.13 -125.90 92.83
CA ASN QD 55 26.20 -127.26 92.32
C ASN QD 55 27.03 -127.28 91.05
N THR QD 56 27.69 -128.41 90.80
CA THR QD 56 28.63 -128.55 89.71
C THR QD 56 28.12 -129.59 88.72
N ILE QD 57 28.13 -129.22 87.44
CA ILE QD 57 27.84 -130.17 86.36
C ILE QD 57 29.10 -131.02 86.16
N ALA QD 58 29.07 -132.26 86.65
CA ALA QD 58 30.23 -133.14 86.63
C ALA QD 58 29.87 -134.49 86.02
N PRO QD 59 29.70 -134.54 84.70
CA PRO QD 59 29.51 -135.83 84.02
C PRO QD 59 30.83 -136.40 83.54
N ALA QD 60 30.75 -137.61 83.01
CA ALA QD 60 31.89 -138.20 82.33
C ALA QD 60 32.02 -137.62 80.92
N ALA QD 61 33.16 -137.89 80.29
CA ALA QD 61 33.42 -137.36 78.96
C ALA QD 61 32.47 -137.97 77.94
N GLY QD 62 31.75 -137.13 77.21
CA GLY QD 62 30.85 -137.59 76.17
C GLY QD 62 29.51 -138.09 76.64
N ALA QD 63 29.16 -137.89 77.91
CA ALA QD 63 27.92 -138.41 78.47
C ALA QD 63 26.78 -137.42 78.30
N GLN QD 64 25.56 -137.95 78.33
CA GLN QD 64 24.34 -137.17 78.29
C GLN QD 64 23.70 -137.19 79.67
N GLY QD 65 23.37 -136.01 80.19
CA GLY QD 65 22.99 -135.94 81.60
C GLY QD 65 21.79 -135.07 81.94
N TYR QD 66 21.62 -134.83 83.24
CA TYR QD 66 20.47 -134.14 83.79
C TYR QD 66 20.81 -133.65 85.20
N LYS QD 67 20.81 -132.33 85.41
CA LYS QD 67 21.35 -131.79 86.64
C LYS QD 67 20.63 -130.50 87.01
N ASP QD 68 20.56 -130.22 88.31
CA ASP QD 68 20.08 -128.96 88.83
C ASP QD 68 21.26 -128.22 89.49
N MET QD 69 21.12 -126.90 89.64
CA MET QD 69 22.25 -126.05 90.01
C MET QD 69 22.06 -125.33 91.35
N GLY QD 70 20.95 -124.63 91.51
CA GLY QD 70 20.74 -123.80 92.69
C GLY QD 70 19.61 -122.82 92.45
N TYR QD 71 19.65 -121.71 93.17
CA TYR QD 71 18.62 -120.70 93.03
C TYR QD 71 19.22 -119.31 93.21
N VAL QD 72 18.49 -118.30 92.73
CA VAL QD 72 18.93 -116.90 92.75
C VAL QD 72 17.85 -116.06 93.41
N LYS QD 73 18.27 -115.11 94.24
CA LYS QD 73 17.36 -114.25 94.98
C LYS QD 73 17.36 -112.85 94.39
N ILE QD 74 16.17 -112.26 94.27
CA ILE QD 74 15.97 -110.90 93.78
C ILE QD 74 15.20 -110.12 94.84
N ILE QD 75 15.66 -108.90 95.13
CA ILE QD 75 15.07 -108.06 96.16
C ILE QD 75 14.56 -106.78 95.50
N ASN QD 76 13.32 -106.40 95.82
CA ASN QD 76 12.66 -105.24 95.25
C ASN QD 76 12.33 -104.22 96.33
N TYR QD 77 12.46 -102.94 95.96
CA TYR QD 77 12.55 -101.83 96.90
C TYR QD 77 11.35 -100.88 96.74
N THR QD 78 11.45 -99.74 97.42
CA THR QD 78 10.30 -98.86 97.65
C THR QD 78 9.62 -98.45 96.35
N ASP QD 79 8.28 -98.52 96.35
CA ASP QD 79 7.42 -98.06 95.27
C ASP QD 79 7.65 -98.83 93.97
N VAL QD 80 8.10 -100.08 94.07
CA VAL QD 80 8.31 -100.95 92.93
C VAL QD 80 7.25 -102.03 92.93
N ASN QD 81 6.60 -102.23 91.79
CA ASN QD 81 5.56 -103.25 91.67
C ASN QD 81 5.81 -104.25 90.55
N VAL QD 82 6.31 -103.80 89.41
CA VAL QD 82 6.54 -104.66 88.25
C VAL QD 82 7.93 -104.39 87.70
N VAL QD 83 8.67 -105.45 87.39
CA VAL QD 83 10.03 -105.35 86.89
C VAL QD 83 10.14 -106.15 85.60
N LYS QD 84 10.77 -105.55 84.60
CA LYS QD 84 11.07 -106.21 83.34
C LYS QD 84 12.58 -106.47 83.27
N LEU QD 85 12.95 -107.72 82.99
CA LEU QD 85 14.34 -108.15 83.06
C LEU QD 85 14.76 -108.83 81.78
N LYS QD 86 16.07 -108.77 81.51
CA LYS QD 86 16.68 -109.48 80.39
C LYS QD 86 17.84 -110.31 80.93
N VAL QD 87 17.83 -111.61 80.61
CA VAL QD 87 18.84 -112.55 81.09
C VAL QD 87 19.56 -113.14 79.90
N THR QD 88 20.90 -113.19 79.98
CA THR QD 88 21.73 -113.67 78.89
C THR QD 88 22.89 -114.48 79.45
N LEU QD 89 23.49 -115.28 78.57
CA LEU QD 89 24.68 -116.05 78.89
C LEU QD 89 25.89 -115.23 78.46
N ALA QD 90 26.71 -114.81 79.43
CA ALA QD 90 27.80 -113.88 79.15
C ALA QD 90 28.96 -114.57 78.44
N ASN QD 91 29.25 -115.81 78.79
CA ASN QD 91 30.43 -116.50 78.27
C ASN QD 91 30.06 -117.71 77.42
N ALA QD 92 29.04 -117.53 76.55
CA ALA QD 92 28.61 -118.63 75.69
C ALA QD 92 29.70 -119.02 74.69
N ALA QD 93 30.48 -118.05 74.23
CA ALA QD 93 31.53 -118.34 73.25
C ALA QD 93 32.60 -119.25 73.84
N GLN QD 94 32.95 -119.04 75.10
CA GLN QD 94 33.97 -119.87 75.74
C GLN QD 94 33.49 -121.30 75.94
N LEU QD 95 32.19 -121.48 76.20
CA LEU QD 95 31.64 -122.81 76.47
C LEU QD 95 31.36 -123.63 75.21
N ARG QD 96 31.43 -123.02 74.03
CA ARG QD 96 31.13 -123.75 72.80
C ARG QD 96 32.04 -124.94 72.54
N PRO QD 97 33.37 -124.83 72.65
CA PRO QD 97 34.22 -126.01 72.34
C PRO QD 97 34.03 -127.17 73.32
N TYR QD 98 33.37 -126.97 74.45
CA TYR QD 98 33.26 -128.01 75.47
C TYR QD 98 31.92 -128.76 75.44
N PHE QD 99 30.94 -128.27 74.70
CA PHE QD 99 29.60 -128.85 74.73
C PHE QD 99 29.02 -128.94 73.32
N LYS QD 100 28.30 -130.03 73.06
CA LYS QD 100 27.46 -130.08 71.87
C LYS QD 100 26.20 -129.25 72.04
N TYR QD 101 25.59 -129.29 73.22
CA TYR QD 101 24.44 -128.45 73.52
C TYR QD 101 24.33 -128.29 75.03
N LEU QD 102 23.71 -127.19 75.45
CA LEU QD 102 23.51 -126.89 76.86
C LEU QD 102 22.31 -125.97 77.00
N GLN QD 103 21.32 -126.39 77.77
CA GLN QD 103 20.09 -125.64 77.94
C GLN QD 103 19.82 -125.38 79.41
N LEU QD 104 19.39 -124.16 79.71
CA LEU QD 104 19.08 -123.74 81.07
C LEU QD 104 17.61 -123.37 81.17
N VAL QD 105 16.94 -123.88 82.20
CA VAL QD 105 15.52 -123.66 82.42
C VAL QD 105 15.34 -122.88 83.72
N LEU QD 106 14.63 -121.76 83.65
CA LEU QD 106 14.37 -120.90 84.80
C LEU QD 106 12.89 -120.96 85.16
N THR QD 107 12.60 -121.22 86.43
CA THR QD 107 11.23 -121.31 86.91
C THR QD 107 11.04 -120.43 88.14
N SER QD 108 9.90 -119.75 88.21
CA SER QD 108 9.54 -118.96 89.38
C SER QD 108 8.71 -119.85 90.31
N ASN QD 109 9.08 -119.84 91.60
CA ASN QD 109 8.55 -120.76 92.59
C ASN QD 109 8.19 -120.03 93.89
N ALA QD 110 8.65 -118.78 94.04
CA ALA QD 110 8.55 -118.08 95.32
C ALA QD 110 7.12 -118.07 95.87
N SER QD 111 6.13 -118.11 94.98
CA SER QD 111 4.74 -118.37 95.37
C SER QD 111 4.50 -119.87 95.40
N SER QD 112 4.13 -120.38 96.57
CA SER QD 112 3.90 -121.82 96.72
C SER QD 112 2.71 -122.29 95.91
N THR QD 113 1.83 -121.38 95.49
CA THR QD 113 0.65 -121.76 94.71
C THR QD 113 0.89 -121.68 93.20
N VAL QD 114 1.78 -120.79 92.75
CA VAL QD 114 2.00 -120.54 91.33
C VAL QD 114 3.46 -120.84 91.01
N GLU QD 115 3.73 -122.02 90.46
CA GLU QD 115 5.02 -122.34 89.88
C GLU QD 115 4.96 -122.10 88.37
N GLU QD 116 5.92 -121.35 87.85
CA GLU QD 116 5.94 -121.04 86.42
C GLU QD 116 7.37 -121.06 85.89
N THR QD 117 7.57 -121.73 84.75
CA THR QD 117 8.79 -121.61 83.99
C THR QD 117 8.73 -120.37 83.10
N LYS QD 118 9.75 -119.53 83.17
CA LYS QD 118 9.74 -118.24 82.50
C LYS QD 118 10.56 -118.18 81.22
N ALA QD 119 11.72 -118.82 81.18
CA ALA QD 119 12.57 -118.73 80.01
C ALA QD 119 13.43 -119.99 79.90
N VAL QD 120 13.89 -120.25 78.67
CA VAL QD 120 14.83 -121.32 78.37
C VAL QD 120 15.99 -120.71 77.61
N LEU QD 121 17.21 -120.93 78.11
CA LEU QD 121 18.42 -120.38 77.50
C LEU QD 121 19.24 -121.51 76.90
N SER QD 122 19.95 -121.20 75.82
CA SER QD 122 20.76 -122.18 75.11
C SER QD 122 21.97 -121.48 74.51
N LEU QD 123 22.91 -122.29 74.02
CA LEU QD 123 24.12 -121.74 73.42
C LEU QD 123 23.85 -121.08 72.08
N LYS QD 124 22.75 -121.43 71.42
CA LYS QD 124 22.39 -120.82 70.14
C LYS QD 124 21.52 -119.59 70.30
N LYS QD 125 20.69 -119.54 71.33
CA LYS QD 125 19.84 -118.39 71.64
C LYS QD 125 20.06 -118.04 73.11
N PRO QD 126 21.09 -117.23 73.40
CA PRO QD 126 21.51 -117.03 74.80
C PRO QD 126 20.66 -116.05 75.58
N SER QD 127 19.81 -115.25 74.94
CA SER QD 127 19.11 -114.17 75.61
C SER QD 127 17.61 -114.42 75.65
N ALA QD 128 16.98 -113.90 76.70
CA ALA QD 128 15.53 -114.01 76.87
C ALA QD 128 15.04 -112.85 77.72
N VAL QD 129 13.75 -112.56 77.63
CA VAL QD 129 13.11 -111.49 78.36
C VAL QD 129 11.95 -112.08 79.17
N ILE QD 130 11.91 -111.76 80.46
CA ILE QD 130 10.90 -112.29 81.37
C ILE QD 130 10.19 -111.15 82.08
N ILE QD 131 9.04 -111.47 82.66
CA ILE QD 131 8.19 -110.50 83.35
C ILE QD 131 7.90 -111.03 84.75
N LEU QD 132 8.09 -110.18 85.76
CA LEU QD 132 7.74 -110.48 87.14
C LEU QD 132 6.65 -109.53 87.59
N ASP QD 133 5.57 -110.07 88.15
CA ASP QD 133 4.41 -109.26 88.52
C ASP QD 133 3.98 -109.50 89.96
N ASN QD 134 2.78 -108.99 90.31
CA ASN QD 134 2.30 -109.05 91.69
C ASN QD 134 2.23 -110.48 92.21
N ASP QD 135 1.92 -111.45 91.35
CA ASP QD 135 1.80 -112.82 91.80
C ASP QD 135 3.15 -113.42 92.19
N ASP QD 136 4.22 -113.02 91.50
CA ASP QD 136 5.53 -113.60 91.77
C ASP QD 136 6.09 -113.12 93.11
N TYR QD 137 5.85 -111.86 93.44
CA TYR QD 137 6.45 -111.25 94.64
C TYR QD 137 5.83 -111.78 95.92
N SER QD 138 6.08 -113.04 96.24
CA SER QD 138 5.66 -113.60 97.51
C SER QD 138 6.55 -113.10 98.64
N SER QD 139 6.00 -113.09 99.84
CA SER QD 139 6.58 -112.41 101.00
C SER QD 139 6.77 -110.91 100.76
N THR QD 140 6.25 -110.40 99.65
CA THR QD 140 6.20 -108.99 99.28
C THR QD 140 7.58 -108.38 99.02
N ASN QD 141 8.65 -109.17 99.16
CA ASN QD 141 9.99 -108.59 99.10
C ASN QD 141 11.01 -109.36 98.26
N LYS QD 142 10.73 -110.58 97.80
CA LYS QD 142 11.79 -111.33 97.14
C LYS QD 142 11.24 -112.29 96.11
N ILE QD 143 12.09 -112.62 95.13
CA ILE QD 143 11.84 -113.61 94.09
C ILE QD 143 12.87 -114.73 94.23
N GLN QD 144 12.41 -115.97 94.09
CA GLN QD 144 13.27 -117.14 94.10
C GLN QD 144 13.17 -117.85 92.75
N LEU QD 145 14.31 -118.07 92.11
CA LEU QD 145 14.38 -118.70 90.80
C LEU QD 145 15.50 -119.74 90.82
N LYS QD 146 15.14 -121.01 90.66
CA LYS QD 146 16.14 -122.05 90.48
C LYS QD 146 16.45 -122.28 89.01
N VAL QD 147 17.61 -122.89 88.75
CA VAL QD 147 18.14 -123.10 87.43
C VAL QD 147 18.13 -124.60 87.12
N GLU QD 148 17.66 -124.96 85.93
CA GLU QD 148 17.63 -126.35 85.51
C GLU QD 148 18.48 -126.50 84.25
N ALA QD 149 19.35 -127.50 84.23
CA ALA QD 149 20.33 -127.66 83.17
C ALA QD 149 20.16 -129.01 82.47
N TYR QD 150 20.26 -128.98 81.15
CA TYR QD 150 20.36 -130.17 80.31
C TYR QD 150 21.58 -130.03 79.42
N TYR QD 151 22.33 -131.11 79.25
CA TYR QD 151 23.64 -130.99 78.62
C TYR QD 151 24.05 -132.30 77.97
N GLU QD 152 25.00 -132.18 77.04
CA GLU QD 152 25.74 -133.32 76.50
C GLU QD 152 27.18 -132.88 76.29
N ALA QD 153 28.12 -133.61 76.87
CA ALA QD 153 29.52 -133.23 76.84
C ALA QD 153 30.18 -133.71 75.54
N LYS QD 154 31.23 -133.01 75.14
CA LYS QD 154 32.00 -133.41 73.95
C LYS QD 154 32.74 -134.72 74.20
N GLU QD 155 32.98 -135.44 73.12
CA GLU QD 155 33.60 -136.76 73.19
C GLU QD 155 35.10 -136.62 73.45
N GLY QD 156 35.56 -137.24 74.54
CA GLY QD 156 36.99 -137.29 74.81
C GLY QD 156 37.62 -136.01 75.30
N MET QD 157 36.84 -135.08 75.86
CA MET QD 157 37.36 -133.82 76.33
C MET QD 157 37.38 -133.83 77.85
N LEU QD 158 38.53 -133.51 78.44
CA LEU QD 158 38.72 -133.47 79.88
C LEU QD 158 39.12 -132.08 80.31
N PHE QD 159 38.53 -131.61 81.41
CA PHE QD 159 38.77 -130.26 81.90
C PHE QD 159 38.29 -130.16 83.34
N ASP QD 160 38.61 -129.04 83.98
CA ASP QD 160 38.17 -128.77 85.33
C ASP QD 160 38.21 -127.27 85.58
N SER QD 161 37.45 -126.83 86.58
CA SER QD 161 37.41 -125.43 86.99
C SER QD 161 37.00 -124.51 85.84
N LEU QD 162 35.82 -124.77 85.28
CA LEU QD 162 35.28 -123.96 84.20
C LEU QD 162 34.03 -123.23 84.69
N PRO QD 163 34.02 -121.90 84.67
CA PRO QD 163 32.87 -121.16 85.20
C PRO QD 163 31.78 -120.91 84.17
N VAL QD 164 30.55 -120.80 84.69
CA VAL QD 164 29.38 -120.43 83.89
C VAL QD 164 28.81 -119.15 84.49
N ILE QD 165 28.59 -118.15 83.63
CA ILE QD 165 28.26 -116.80 84.07
C ILE QD 165 26.92 -116.40 83.47
N LEU QD 166 26.06 -115.79 84.28
CA LEU QD 166 24.79 -115.23 83.85
C LEU QD 166 24.74 -113.75 84.21
N ASN QD 167 24.09 -112.95 83.37
CA ASN QD 167 24.03 -111.50 83.55
C ASN QD 167 22.58 -111.05 83.56
N PHE QD 168 22.30 -109.99 84.33
CA PHE QD 168 20.97 -109.42 84.45
C PHE QD 168 21.01 -107.94 84.09
N GLN QD 169 19.97 -107.47 83.39
CA GLN QD 169 19.83 -106.06 83.05
C GLN QD 169 18.37 -105.67 83.16
N VAL QD 170 18.13 -104.49 83.75
CA VAL QD 170 16.79 -103.97 83.96
C VAL QD 170 16.40 -103.11 82.77
N LEU QD 171 15.24 -103.39 82.17
CA LEU QD 171 14.74 -102.62 81.04
C LEU QD 171 13.69 -101.61 81.43
N SER QD 172 12.80 -101.95 82.37
CA SER QD 172 11.75 -101.04 82.80
C SER QD 172 11.22 -101.50 84.15
N VAL QD 173 10.90 -100.54 85.02
CA VAL QD 173 10.33 -100.82 86.33
C VAL QD 173 9.17 -99.86 86.56
N SER QD 174 8.16 -100.33 87.29
CA SER QD 174 6.99 -99.53 87.60
C SER QD 174 6.39 -99.93 88.94
N THR RD 26 24.52 -30.54 103.40
CA THR RD 26 23.71 -30.98 102.27
C THR RD 26 24.45 -32.08 101.50
N THR RD 27 24.26 -33.33 101.92
CA THR RD 27 24.93 -34.47 101.30
C THR RD 27 23.88 -35.45 100.79
N GLN RD 28 24.07 -35.92 99.55
CA GLN RD 28 23.18 -36.89 98.92
C GLN RD 28 23.82 -38.27 98.97
N SER RD 29 23.10 -39.24 99.53
CA SER RD 29 23.68 -40.56 99.71
C SER RD 29 23.08 -41.56 98.73
N PRO RD 30 23.89 -42.50 98.23
CA PRO RD 30 23.34 -43.53 97.32
C PRO RD 30 22.66 -44.68 98.02
N LEU RD 31 22.91 -44.88 99.32
CA LEU RD 31 22.22 -45.87 100.13
C LEU RD 31 22.44 -47.30 99.62
N ASN RD 32 23.71 -47.63 99.35
CA ASN RD 32 24.06 -48.98 98.91
C ASN RD 32 25.36 -49.48 99.54
N SER RD 33 25.76 -48.91 100.67
CA SER RD 33 27.02 -49.27 101.33
C SER RD 33 26.77 -50.29 102.44
N PHE RD 34 26.29 -51.46 102.06
CA PHE RD 34 26.04 -52.56 102.99
C PHE RD 34 26.48 -53.87 102.36
N TYR RD 35 27.19 -54.69 103.14
CA TYR RD 35 27.73 -55.93 102.63
C TYR RD 35 27.72 -57.01 103.71
N ALA RD 36 27.79 -58.26 103.26
CA ALA RD 36 27.93 -59.42 104.14
C ALA RD 36 28.73 -60.47 103.39
N THR RD 37 29.58 -61.20 104.10
CA THR RD 37 30.57 -62.07 103.48
C THR RD 37 30.57 -63.46 104.12
N GLY RD 38 30.71 -64.48 103.27
CA GLY RD 38 30.91 -65.85 103.72
C GLY RD 38 32.09 -66.49 103.02
N THR RD 39 32.29 -67.80 103.23
CA THR RD 39 33.43 -68.50 102.65
C THR RD 39 33.03 -69.92 102.27
N ALA RD 40 33.83 -70.53 101.41
CA ALA RD 40 33.63 -71.92 100.98
C ALA RD 40 34.96 -72.50 100.58
N GLN RD 41 35.03 -73.84 100.57
CA GLN RD 41 36.27 -74.52 100.24
C GLN RD 41 35.98 -75.97 99.87
N ALA RD 42 36.97 -76.60 99.23
CA ALA RD 42 36.92 -78.02 98.90
C ALA RD 42 38.37 -78.48 98.70
N VAL RD 43 38.90 -79.28 99.63
CA VAL RD 43 40.32 -79.56 99.67
C VAL RD 43 40.61 -81.06 99.73
N GLN RD 44 39.72 -81.90 99.22
CA GLN RD 44 40.01 -83.33 99.20
C GLN RD 44 39.22 -84.01 98.08
N GLU RD 45 39.76 -85.14 97.61
CA GLU RD 45 39.14 -85.95 96.57
C GLU RD 45 38.02 -86.81 97.14
N PRO RD 46 37.03 -87.17 96.32
CA PRO RD 46 35.86 -87.88 96.86
C PRO RD 46 36.18 -89.21 97.55
N ILE RD 47 37.13 -89.99 97.02
CA ILE RD 47 37.37 -91.33 97.50
C ILE RD 47 38.85 -91.54 97.78
N ASP RD 48 39.14 -92.55 98.60
CA ASP RD 48 40.49 -93.01 98.87
C ASP RD 48 40.50 -94.52 98.72
N VAL RD 49 41.57 -95.07 98.14
CA VAL RD 49 41.63 -96.49 97.79
C VAL RD 49 42.88 -97.10 98.41
N GLU RD 50 42.72 -98.25 99.07
CA GLU RD 50 43.82 -98.98 99.68
C GLU RD 50 43.74 -100.44 99.27
N SER RD 51 44.89 -101.05 99.03
CA SER RD 51 44.97 -102.39 98.46
C SER RD 51 45.50 -103.39 99.48
N HIS RD 52 44.94 -104.61 99.45
CA HIS RD 52 45.38 -105.71 100.30
C HIS RD 52 45.42 -107.01 99.52
N LEU RD 53 45.97 -106.98 98.31
CA LEU RD 53 46.09 -108.17 97.47
C LEU RD 53 47.41 -108.86 97.82
N ASP RD 54 47.34 -109.83 98.73
CA ASP RD 54 48.51 -110.50 99.26
C ASP RD 54 48.45 -112.01 99.05
N ASN RD 55 48.03 -112.45 97.85
CA ASN RD 55 48.09 -113.84 97.46
C ASN RD 55 48.68 -113.95 96.07
N THR RD 56 49.35 -115.08 95.81
CA THR RD 56 50.09 -115.29 94.58
C THR RD 56 49.46 -116.43 93.78
N ILE RD 57 49.21 -116.20 92.50
CA ILE RD 57 48.80 -117.26 91.59
C ILE RD 57 50.05 -118.07 91.23
N ALA RD 58 50.17 -119.25 91.82
CA ALA RD 58 51.36 -120.09 91.67
C ALA RD 58 50.96 -121.50 91.26
N PRO RD 59 50.58 -121.69 90.00
CA PRO RD 59 50.33 -123.04 89.48
C PRO RD 59 51.58 -123.60 88.81
N ALA RD 60 51.48 -124.86 88.42
CA ALA RD 60 52.50 -125.47 87.59
C ALA RD 60 52.34 -125.02 86.14
N ALA RD 61 53.36 -125.30 85.34
CA ALA RD 61 53.35 -124.89 83.94
C ALA RD 61 52.27 -125.65 83.17
N GLY RD 62 51.39 -124.91 82.51
CA GLY RD 62 50.34 -125.50 81.70
C GLY RD 62 49.13 -126.00 82.45
N ALA RD 63 49.02 -125.70 83.74
CA ALA RD 63 47.92 -126.21 84.57
C ALA RD 63 46.71 -125.28 84.52
N GLN RD 64 45.55 -125.86 84.82
CA GLN RD 64 44.30 -125.13 84.94
C GLN RD 64 43.93 -125.04 86.41
N GLY RD 65 43.63 -123.83 86.88
CA GLY RD 65 43.50 -123.64 88.31
C GLY RD 65 42.34 -122.80 88.80
N TYR RD 66 42.39 -122.44 90.09
CA TYR RD 66 41.31 -121.75 90.78
C TYR RD 66 41.88 -121.11 92.04
N LYS RD 67 41.84 -119.78 92.14
CA LYS RD 67 42.57 -119.09 93.20
C LYS RD 67 41.85 -117.81 93.57
N ASP RD 68 42.00 -117.41 94.84
CA ASP RD 68 41.56 -116.11 95.32
C ASP RD 68 42.78 -115.27 95.69
N MET RD 69 42.61 -113.95 95.74
CA MET RD 69 43.74 -113.03 95.82
C MET RD 69 43.75 -112.19 97.10
N GLY RD 70 42.64 -111.52 97.42
CA GLY RD 70 42.60 -110.59 98.53
C GLY RD 70 41.39 -109.68 98.40
N TYR RD 71 41.50 -108.50 99.01
CA TYR RD 71 40.40 -107.55 98.97
C TYR RD 71 40.95 -106.12 98.91
N VAL RD 72 40.09 -105.20 98.50
CA VAL RD 72 40.46 -103.80 98.31
C VAL RD 72 39.46 -102.93 99.07
N LYS RD 73 39.97 -101.90 99.74
CA LYS RD 73 39.16 -101.00 100.55
C LYS RD 73 38.97 -99.66 99.85
N ILE RD 74 37.75 -99.14 99.91
CA ILE RD 74 37.39 -97.85 99.33
C ILE RD 74 36.79 -97.00 100.44
N ILE RD 75 37.22 -95.74 100.54
CA ILE RD 75 36.77 -94.83 101.58
C ILE RD 75 36.08 -93.63 100.93
N ASN RD 76 34.90 -93.28 101.43
CA ASN RD 76 34.08 -92.20 100.90
C ASN RD 76 33.89 -91.09 101.92
N TYR RD 77 33.89 -89.86 101.42
CA TYR RD 77 34.07 -88.65 102.23
C TYR RD 77 32.82 -87.77 102.20
N THR RD 78 32.97 -86.56 102.75
CA THR RD 78 31.82 -85.72 103.11
C THR RD 78 30.90 -85.46 101.93
N ASP RD 79 29.60 -85.57 102.19
CA ASP RD 79 28.54 -85.27 101.24
C ASP RD 79 28.57 -86.14 99.99
N VAL RD 80 29.09 -87.36 100.12
CA VAL RD 80 29.16 -88.32 99.03
C VAL RD 80 28.17 -89.44 99.33
N ASN RD 81 27.34 -89.79 98.35
CA ASN RD 81 26.35 -90.85 98.52
C ASN RD 81 26.46 -91.94 97.46
N VAL RD 82 26.72 -91.58 96.21
CA VAL RD 82 26.78 -92.55 95.11
C VAL RD 82 28.03 -92.26 94.29
N VAL RD 83 28.76 -93.32 93.95
CA VAL RD 83 30.00 -93.22 93.20
C VAL RD 83 29.93 -94.14 91.99
N LYS RD 84 30.33 -93.62 90.82
CA LYS RD 84 30.44 -94.39 89.60
C LYS RD 84 31.91 -94.59 89.29
N LEU RD 85 32.31 -95.85 89.06
CA LEU RD 85 33.71 -96.20 88.91
C LEU RD 85 33.92 -96.99 87.62
N LYS RD 86 35.16 -96.91 87.12
CA LYS RD 86 35.60 -97.69 85.97
C LYS RD 86 36.88 -98.43 86.36
N VAL RD 87 36.89 -99.75 86.16
CA VAL RD 87 38.02 -100.59 86.54
C VAL RD 87 38.55 -101.28 85.28
N THR RD 88 39.88 -101.26 85.13
CA THR RD 88 40.52 -101.81 83.94
C THR RD 88 41.81 -102.51 84.34
N LEU RD 89 42.29 -103.37 83.45
CA LEU RD 89 43.56 -104.06 83.60
C LEU RD 89 44.63 -103.23 82.89
N ALA RD 90 45.57 -102.69 83.66
CA ALA RD 90 46.54 -101.76 83.11
C ALA RD 90 47.60 -102.46 82.25
N ASN RD 91 48.02 -103.66 82.65
CA ASN RD 91 49.12 -104.34 81.97
C ASN RD 91 48.65 -105.64 81.32
N ALA RD 92 47.51 -105.59 80.64
CA ALA RD 92 46.99 -106.78 79.97
C ALA RD 92 47.90 -107.22 78.83
N ALA RD 93 48.53 -106.26 78.15
CA ALA RD 93 49.39 -106.61 77.03
C ALA RD 93 50.60 -107.42 77.48
N GLN RD 94 51.16 -107.07 78.64
CA GLN RD 94 52.32 -107.79 79.16
C GLN RD 94 51.97 -109.22 79.56
N LEU RD 95 50.75 -109.43 80.06
CA LEU RD 95 50.34 -110.75 80.55
C LEU RD 95 49.88 -111.68 79.45
N ARG RD 96 49.71 -111.19 78.22
CA ARG RD 96 49.23 -112.04 77.13
C ARG RD 96 50.14 -113.22 76.82
N PRO RD 97 51.47 -113.06 76.67
CA PRO RD 97 52.30 -114.22 76.33
C PRO RD 97 52.37 -115.29 77.41
N TYR RD 98 51.91 -115.00 78.62
CA TYR RD 98 52.04 -115.94 79.73
C TYR RD 98 50.77 -116.74 80.01
N PHE RD 99 49.63 -116.37 79.44
CA PHE RD 99 48.36 -117.00 79.76
C PHE RD 99 47.55 -117.24 78.50
N LYS RD 100 46.85 -118.38 78.47
CA LYS RD 100 45.81 -118.58 77.45
C LYS RD 100 44.56 -117.78 77.78
N TYR RD 101 44.17 -117.74 79.06
CA TYR RD 101 43.05 -116.92 79.49
C TYR RD 101 43.22 -116.62 80.97
N LEU RD 102 42.61 -115.51 81.40
CA LEU RD 102 42.65 -115.09 82.79
C LEU RD 102 41.44 -114.20 83.06
N GLN RD 103 40.63 -114.58 84.04
CA GLN RD 103 39.41 -113.87 84.37
C GLN RD 103 39.40 -113.48 85.83
N LEU RD 104 38.97 -112.25 86.10
CA LEU RD 104 38.88 -111.72 87.45
C LEU RD 104 37.43 -111.40 87.78
N VAL RD 105 36.99 -111.83 88.97
CA VAL RD 105 35.61 -111.64 89.43
C VAL RD 105 35.63 -110.75 90.66
N LEU RD 106 34.86 -109.67 90.62
CA LEU RD 106 34.77 -108.71 91.72
C LEU RD 106 33.38 -108.80 92.35
N THR RD 107 33.33 -108.94 93.67
CA THR RD 107 32.08 -109.05 94.40
C THR RD 107 32.07 -108.07 95.57
N SER RD 108 30.92 -107.42 95.78
CA SER RD 108 30.73 -106.54 96.92
C SER RD 108 30.14 -107.35 98.06
N ASN RD 109 30.74 -107.21 99.25
CA ASN RD 109 30.43 -108.05 100.41
C ASN RD 109 30.28 -107.22 101.67
N ALA RD 110 30.69 -105.95 101.64
CA ALA RD 110 30.78 -105.12 102.85
C ALA RD 110 29.48 -105.12 103.64
N SER RD 111 28.34 -105.28 102.96
CA SER RD 111 27.07 -105.55 103.62
C SER RD 111 26.91 -107.05 103.82
N SER RD 112 26.80 -107.47 105.09
CA SER RD 112 26.67 -108.89 105.39
C SER RD 112 25.38 -109.48 104.86
N THR RD 113 24.39 -108.66 104.54
CA THR RD 113 23.12 -109.15 104.01
C THR RD 113 23.09 -109.21 102.50
N VAL RD 114 23.82 -108.33 101.81
CA VAL RD 114 23.77 -108.22 100.36
C VAL RD 114 25.17 -108.48 99.80
N GLU RD 115 25.40 -109.69 99.32
CA GLU RD 115 26.59 -110.03 98.53
C GLU RD 115 26.23 -109.95 97.06
N GLU RD 116 27.04 -109.20 96.30
CA GLU RD 116 26.79 -109.04 94.87
C GLU RD 116 28.09 -109.04 94.08
N THR RD 117 28.12 -109.81 93.00
CA THR RD 117 29.19 -109.72 92.01
C THR RD 117 28.88 -108.58 91.05
N LYS RD 118 29.86 -107.69 90.86
CA LYS RD 118 29.65 -106.47 90.09
C LYS RD 118 30.23 -106.51 88.68
N ALA RD 119 31.40 -107.10 88.48
CA ALA RD 119 32.02 -107.10 87.17
C ALA RD 119 32.90 -108.32 87.01
N VAL RD 120 33.15 -108.68 85.75
CA VAL RD 120 34.09 -109.74 85.38
C VAL RD 120 35.06 -109.15 84.36
N LEU RD 121 36.36 -109.27 84.65
CA LEU RD 121 37.40 -108.76 83.78
C LEU RD 121 38.17 -109.90 83.14
N SER RD 122 38.64 -109.66 81.92
CA SER RD 122 39.38 -110.67 81.17
C SER RD 122 40.41 -109.99 80.30
N LEU RD 123 41.30 -110.80 79.72
CA LEU RD 123 42.35 -110.26 78.86
C LEU RD 123 41.80 -109.75 77.53
N LYS RD 124 40.62 -110.21 77.11
CA LYS RD 124 40.02 -109.74 75.88
C LYS RD 124 39.11 -108.53 76.09
N LYS RD 125 38.48 -108.42 77.26
CA LYS RD 125 37.64 -107.28 77.61
C LYS RD 125 38.10 -106.77 78.97
N PRO RD 126 39.12 -105.90 79.00
CA PRO RD 126 39.76 -105.56 80.27
C PRO RD 126 39.01 -104.54 81.12
N SER RD 127 38.01 -103.85 80.57
CA SER RD 127 37.39 -102.72 81.25
C SER RD 127 35.94 -103.03 81.60
N ALA RD 128 35.47 -102.43 82.69
CA ALA RD 128 34.10 -102.58 83.14
C ALA RD 128 33.71 -101.36 83.96
N VAL RD 129 32.40 -101.14 84.07
CA VAL RD 129 31.84 -100.03 84.83
C VAL RD 129 30.88 -100.58 85.88
N ILE RD 130 31.05 -100.14 87.12
CA ILE RD 130 30.26 -100.63 88.24
C ILE RD 130 29.61 -99.44 88.96
N ILE RD 131 28.61 -99.75 89.77
CA ILE RD 131 27.85 -98.76 90.53
C ILE RD 131 27.84 -99.16 91.99
N LEU RD 132 28.17 -98.21 92.87
CA LEU RD 132 28.09 -98.40 94.32
C LEU RD 132 27.05 -97.44 94.87
N ASP RD 133 26.12 -97.97 95.66
CA ASP RD 133 25.00 -97.17 96.17
C ASP RD 133 24.84 -97.28 97.68
N ASN RD 134 23.71 -96.80 98.20
CA ASN RD 134 23.49 -96.75 99.64
C ASN RD 134 23.59 -98.12 100.29
N ASP RD 135 23.18 -99.17 99.59
CA ASP RD 135 23.22 -100.51 100.17
C ASP RD 135 24.65 -101.00 100.36
N ASP RD 136 25.56 -100.63 99.46
CA ASP RD 136 26.93 -101.13 99.53
C ASP RD 136 27.69 -100.50 100.69
N TYR RD 137 27.45 -99.22 100.96
CA TYR RD 137 28.21 -98.48 101.96
C TYR RD 137 27.85 -98.90 103.38
N SER RD 138 28.24 -100.13 103.75
CA SER RD 138 28.08 -100.57 105.12
C SER RD 138 29.14 -99.92 106.01
N SER RD 139 28.81 -99.82 107.30
CA SER RD 139 29.55 -99.00 108.26
C SER RD 139 29.62 -97.54 107.86
N THR RD 140 28.86 -97.15 106.82
CA THR RD 140 28.67 -95.79 106.35
C THR RD 140 29.95 -95.16 105.79
N ASN RD 141 31.07 -95.89 105.79
CA ASN RD 141 32.34 -95.27 105.45
C ASN RD 141 33.24 -96.07 104.51
N LYS RD 142 32.95 -97.34 104.22
CA LYS RD 142 33.91 -98.10 103.44
C LYS RD 142 33.23 -99.20 102.61
N ILE RD 143 33.91 -99.57 101.53
CA ILE RD 143 33.54 -100.66 100.64
C ILE RD 143 34.63 -101.72 100.68
N GLN RD 144 34.22 -102.99 100.74
CA GLN RD 144 35.14 -104.12 100.70
C GLN RD 144 34.84 -104.96 99.47
N LEU RD 145 35.86 -105.19 98.64
CA LEU RD 145 35.74 -105.94 97.40
C LEU RD 145 36.89 -106.93 97.30
N LYS RD 146 36.59 -108.22 97.32
CA LYS RD 146 37.59 -109.24 97.06
C LYS RD 146 37.65 -109.61 95.58
N VAL RD 147 38.77 -110.19 95.18
CA VAL RD 147 39.06 -110.50 93.79
C VAL RD 147 39.08 -112.02 93.63
N GLU RD 148 38.43 -112.51 92.58
CA GLU RD 148 38.41 -113.94 92.29
C GLU RD 148 39.01 -114.17 90.91
N ALA RD 149 39.93 -115.13 90.83
CA ALA RD 149 40.71 -115.36 89.62
C ALA RD 149 40.50 -116.77 89.08
N TYR RD 150 40.35 -116.88 87.76
CA TYR RD 150 40.36 -118.14 87.04
C TYR RD 150 41.39 -118.03 85.93
N TYR RD 151 42.17 -119.09 85.71
CA TYR RD 151 43.33 -118.98 84.85
C TYR RD 151 43.69 -120.33 84.25
N GLU RD 152 44.45 -120.27 83.15
CA GLU RD 152 45.15 -121.42 82.60
C GLU RD 152 46.50 -120.95 82.08
N ALA RD 153 47.56 -121.58 82.55
CA ALA RD 153 48.91 -121.16 82.21
C ALA RD 153 49.35 -121.74 80.87
N LYS RD 154 50.28 -121.04 80.22
CA LYS RD 154 50.84 -121.51 78.96
C LYS RD 154 51.67 -122.77 79.18
N GLU RD 155 51.76 -123.57 78.13
CA GLU RD 155 52.46 -124.85 78.20
C GLU RD 155 53.97 -124.63 78.18
N GLY RD 156 54.66 -125.12 79.20
CA GLY RD 156 56.11 -125.10 79.22
C GLY RD 156 56.74 -123.75 79.47
N MET RD 157 56.02 -122.81 80.07
CA MET RD 157 56.55 -121.47 80.34
C MET RD 157 56.84 -121.34 81.82
N LEU RD 158 58.06 -120.92 82.15
CA LEU RD 158 58.50 -120.74 83.53
C LEU RD 158 58.90 -119.29 83.75
N PHE RD 159 58.49 -118.74 84.89
CA PHE RD 159 58.73 -117.34 85.21
C PHE RD 159 58.52 -117.13 86.70
N ASP RD 160 58.89 -115.93 87.17
CA ASP RD 160 58.68 -115.55 88.56
C ASP RD 160 58.68 -114.04 88.65
N SER RD 161 58.08 -113.54 89.73
CA SER RD 161 58.04 -112.11 90.03
C SER RD 161 57.38 -111.31 88.89
N LEU RD 162 56.14 -111.68 88.58
CA LEU RD 162 55.36 -111.00 87.55
C LEU RD 162 54.19 -110.27 88.19
N PRO RD 163 54.09 -108.95 88.07
CA PRO RD 163 53.02 -108.21 88.73
C PRO RD 163 51.75 -108.11 87.90
N VAL RD 164 50.63 -107.98 88.61
CA VAL RD 164 49.32 -107.75 88.03
C VAL RD 164 48.79 -106.44 88.59
N ILE RD 165 48.37 -105.53 87.72
CA ILE RD 165 48.04 -104.16 88.09
C ILE RD 165 46.59 -103.87 87.70
N LEU RD 166 45.86 -103.23 88.61
CA LEU RD 166 44.51 -102.75 88.36
C LEU RD 166 44.45 -101.26 88.60
N ASN RD 167 43.61 -100.56 87.83
CA ASN RD 167 43.49 -99.11 87.89
C ASN RD 167 42.05 -98.71 88.12
N PHE RD 168 41.85 -97.60 88.83
CA PHE RD 168 40.53 -97.07 89.15
C PHE RD 168 40.43 -95.63 88.67
N GLN RD 169 39.26 -95.28 88.13
CA GLN RD 169 38.98 -93.92 87.70
C GLN RD 169 37.54 -93.57 88.04
N VAL RD 170 37.35 -92.35 88.56
CA VAL RD 170 36.03 -91.87 88.96
C VAL RD 170 35.40 -91.13 87.79
N LEU RD 171 34.17 -91.52 87.45
CA LEU RD 171 33.43 -90.89 86.37
C LEU RD 171 32.39 -89.89 86.85
N SER RD 172 31.73 -90.16 87.97
CA SER RD 172 30.72 -89.26 88.50
C SER RD 172 30.46 -89.61 89.96
N VAL RD 173 30.24 -88.58 90.79
CA VAL RD 173 29.94 -88.76 92.20
C VAL RD 173 28.79 -87.83 92.55
N SER RD 174 27.96 -88.27 93.49
CA SER RD 174 26.82 -87.47 93.94
C SER RD 174 26.49 -87.78 95.40
N THR SD 26 42.99 -16.66 100.12
CA THR SD 26 42.02 -17.24 99.21
C THR SD 26 42.65 -18.37 98.41
N THR SD 27 42.62 -19.58 98.96
CA THR SD 27 43.23 -20.75 98.33
C THR SD 27 42.16 -21.81 98.11
N GLN SD 28 42.16 -22.39 96.91
CA GLN SD 28 41.22 -23.45 96.54
C GLN SD 28 41.94 -24.79 96.59
N SER SD 29 41.38 -25.73 97.37
CA SER SD 29 42.06 -27.01 97.54
C SER SD 29 41.35 -28.12 96.78
N PRO SD 30 42.10 -29.08 96.22
CA PRO SD 30 41.46 -30.20 95.52
C PRO SD 30 40.98 -31.31 96.44
N LEU SD 31 41.49 -31.37 97.68
CA LEU SD 31 41.00 -32.31 98.70
C LEU SD 31 41.20 -33.76 98.28
N ASN SD 32 42.42 -34.07 97.81
CA ASN SD 32 42.76 -35.44 97.43
C ASN SD 32 44.18 -35.83 97.86
N SER SD 33 44.74 -35.13 98.83
CA SER SD 33 46.12 -35.38 99.28
C SER SD 33 46.13 -36.30 100.51
N PHE SD 34 45.65 -37.52 100.32
CA PHE SD 34 45.64 -38.52 101.37
C PHE SD 34 46.04 -39.88 100.79
N TYR SD 35 46.92 -40.58 101.51
CA TYR SD 35 47.43 -41.85 101.01
C TYR SD 35 47.68 -42.81 102.16
N ALA SD 36 47.73 -44.10 101.82
CA ALA SD 36 48.09 -45.16 102.75
C ALA SD 36 48.81 -46.25 101.96
N THR SD 37 49.80 -46.89 102.57
CA THR SD 37 50.72 -47.77 101.85
C THR SD 37 50.90 -49.08 102.60
N GLY SD 38 50.96 -50.18 101.84
CA GLY SD 38 51.30 -51.48 102.36
C GLY SD 38 52.37 -52.15 101.52
N THR SD 39 52.68 -53.42 101.79
CA THR SD 39 53.74 -54.13 101.08
C THR SD 39 53.36 -55.59 100.91
N ALA SD 40 54.02 -56.25 99.96
CA ALA SD 40 53.82 -57.67 99.71
C ALA SD 40 55.09 -58.26 99.12
N GLN SD 41 55.23 -59.57 99.22
CA GLN SD 41 56.43 -60.24 98.73
C GLN SD 41 56.17 -61.73 98.53
N ALA SD 42 57.06 -62.37 97.78
CA ALA SD 42 57.04 -63.82 97.61
C ALA SD 42 58.43 -64.24 97.18
N VAL SD 43 59.17 -64.92 98.07
CA VAL SD 43 60.59 -65.14 97.86
C VAL SD 43 60.98 -66.61 98.01
N GLN SD 44 60.06 -67.54 97.74
CA GLN SD 44 60.41 -68.95 97.80
C GLN SD 44 59.48 -69.77 96.90
N GLU SD 45 59.99 -70.92 96.45
CA GLU SD 45 59.24 -71.84 95.61
C GLU SD 45 58.29 -72.68 96.45
N PRO SD 46 57.19 -73.16 95.86
CA PRO SD 46 56.17 -73.87 96.67
C PRO SD 46 56.69 -75.10 97.40
N ILE SD 47 57.57 -75.89 96.77
CA ILE SD 47 57.97 -77.17 97.33
C ILE SD 47 59.49 -77.30 97.35
N ASP SD 48 59.97 -78.22 98.18
CA ASP SD 48 61.37 -78.59 98.23
C ASP SD 48 61.44 -80.11 98.22
N VAL SD 49 62.41 -80.67 97.50
CA VAL SD 49 62.50 -82.11 97.27
C VAL SD 49 63.86 -82.61 97.71
N GLU SD 50 63.89 -83.69 98.48
CA GLU SD 50 65.12 -84.31 98.94
C GLU SD 50 65.05 -85.81 98.69
N SER SD 51 66.18 -86.40 98.28
CA SER SD 51 66.23 -87.78 97.83
C SER SD 51 66.98 -88.66 98.83
N HIS SD 52 66.50 -89.89 99.00
CA HIS SD 52 67.14 -90.89 99.85
C HIS SD 52 67.13 -92.26 99.19
N LEU SD 53 67.44 -92.32 97.90
CA LEU SD 53 67.48 -93.58 97.17
C LEU SD 53 68.87 -94.18 97.32
N ASP SD 54 69.02 -95.06 98.32
CA ASP SD 54 70.31 -95.63 98.68
C ASP SD 54 70.30 -97.16 98.61
N ASN SD 55 69.70 -97.72 97.56
CA ASN SD 55 69.76 -99.15 97.29
C ASN SD 55 70.10 -99.36 95.82
N THR SD 56 70.76 -100.48 95.55
CA THR SD 56 71.28 -100.78 94.21
C THR SD 56 70.59 -102.02 93.66
N ILE SD 57 70.11 -101.93 92.42
CA ILE SD 57 69.59 -103.08 91.70
C ILE SD 57 70.79 -103.87 91.20
N ALA SD 58 71.10 -104.99 91.86
CA ALA SD 58 72.28 -105.78 91.56
C ALA SD 58 71.90 -107.25 91.36
N PRO SD 59 71.30 -107.57 90.21
CA PRO SD 59 71.05 -108.97 89.87
C PRO SD 59 72.18 -109.54 89.03
N ALA SD 60 72.08 -110.85 88.78
CA ALA SD 60 72.98 -111.49 87.84
C ALA SD 60 72.53 -111.19 86.40
N ALA SD 61 73.41 -111.51 85.45
CA ALA SD 61 73.12 -111.23 84.04
C ALA SD 61 71.96 -112.10 83.56
N GLY SD 62 70.94 -111.46 83.02
CA GLY SD 62 69.80 -112.17 82.47
C GLY SD 62 68.77 -112.64 83.47
N ALA SD 63 68.87 -112.22 84.73
CA ALA SD 63 67.97 -112.70 85.77
C ALA SD 63 66.73 -111.82 85.87
N GLN SD 64 65.67 -112.41 86.43
CA GLN SD 64 64.42 -111.73 86.72
C GLN SD 64 64.31 -111.51 88.22
N GLY SD 65 64.05 -110.28 88.63
CA GLY SD 65 64.16 -109.95 90.03
C GLY SD 65 63.06 -109.11 90.64
N TYR SD 66 63.32 -108.63 91.86
CA TYR SD 66 62.35 -107.91 92.68
C TYR SD 66 63.10 -107.14 93.76
N LYS SD 67 63.00 -105.80 93.75
CA LYS SD 67 63.87 -104.99 94.58
C LYS SD 67 63.16 -103.71 94.97
N ASP SD 68 63.51 -103.18 96.15
CA ASP SD 68 63.09 -101.87 96.60
C ASP SD 68 64.30 -100.94 96.66
N MET SD 69 64.07 -99.63 96.61
CA MET SD 69 65.14 -98.67 96.42
C MET SD 69 65.33 -97.71 97.58
N GLY SD 70 64.27 -97.06 98.04
CA GLY SD 70 64.38 -96.03 99.06
C GLY SD 70 63.12 -95.18 99.07
N TYR SD 71 63.27 -93.94 99.55
CA TYR SD 71 62.12 -93.04 99.63
C TYR SD 71 62.57 -91.61 99.35
N VAL SD 72 61.60 -90.76 99.01
CA VAL SD 72 61.85 -89.37 98.64
C VAL SD 72 60.96 -88.47 99.50
N LYS SD 73 61.52 -87.36 99.96
CA LYS SD 73 60.82 -86.43 100.82
C LYS SD 73 60.43 -85.17 100.06
N ILE SD 74 59.21 -84.70 100.29
CA ILE SD 74 58.69 -83.48 99.69
C ILE SD 74 58.24 -82.55 100.80
N ILE SD 75 58.61 -81.27 100.71
CA ILE SD 75 58.31 -80.28 101.73
C ILE SD 75 57.45 -79.18 101.12
N ASN SD 76 56.36 -78.83 101.80
CA ASN SD 76 55.39 -77.85 101.32
C ASN SD 76 55.33 -76.64 102.26
N TYR SD 77 55.17 -75.46 101.66
CA TYR SD 77 55.42 -74.18 102.32
C TYR SD 77 54.14 -73.36 102.45
N THR SD 78 54.31 -72.10 102.85
CA THR SD 78 53.22 -71.27 103.34
C THR SD 78 52.08 -71.16 102.33
N ASP SD 79 50.85 -71.30 102.83
CA ASP SD 79 49.62 -71.13 102.07
C ASP SD 79 49.48 -72.12 100.93
N VAL SD 80 50.09 -73.30 101.06
CA VAL SD 80 50.01 -74.37 100.06
C VAL SD 80 49.15 -75.48 100.65
N ASN SD 81 48.18 -75.95 99.87
CA ASN SD 81 47.31 -77.03 100.30
C ASN SD 81 47.28 -78.21 99.36
N VAL SD 82 47.29 -77.97 98.04
CA VAL SD 82 47.21 -79.03 97.04
C VAL SD 82 48.27 -78.78 95.99
N VAL SD 83 48.99 -79.84 95.61
CA VAL SD 83 50.07 -79.76 94.63
C VAL SD 83 49.83 -80.79 93.54
N LYS SD 84 49.98 -80.37 92.28
CA LYS SD 84 49.91 -81.25 91.13
C LYS SD 84 51.32 -81.43 90.57
N LEU SD 85 51.73 -82.68 90.38
CA LEU SD 85 53.10 -82.99 90.00
C LEU SD 85 53.14 -83.89 88.78
N LYS SD 86 54.25 -83.82 88.06
CA LYS SD 86 54.53 -84.69 86.92
C LYS SD 86 55.89 -85.33 87.13
N VAL SD 87 55.94 -86.66 87.04
CA VAL SD 87 57.16 -87.42 87.28
C VAL SD 87 57.50 -88.20 86.02
N THR SD 88 58.77 -88.14 85.62
CA THR SD 88 59.22 -88.78 84.39
C THR SD 88 60.60 -89.39 84.60
N LEU SD 89 60.95 -90.32 83.71
CA LEU SD 89 62.27 -90.93 83.69
C LEU SD 89 63.14 -90.15 82.72
N ALA SD 90 64.17 -89.49 83.26
CA ALA SD 90 64.98 -88.58 82.45
C ALA SD 90 65.90 -89.31 81.49
N ASN SD 91 66.46 -90.45 81.90
CA ASN SD 91 67.46 -91.15 81.10
C ASN SD 91 66.95 -92.52 80.66
N ALA SD 92 65.70 -92.59 80.20
CA ALA SD 92 65.14 -93.86 79.75
C ALA SD 92 65.85 -94.37 78.51
N ALA SD 93 66.29 -93.45 77.63
CA ALA SD 93 66.96 -93.87 76.41
C ALA SD 93 68.28 -94.58 76.70
N GLN SD 94 69.02 -94.10 77.70
CA GLN SD 94 70.29 -94.73 78.05
C GLN SD 94 70.09 -96.12 78.64
N LEU SD 95 69.00 -96.33 79.38
CA LEU SD 95 68.75 -97.61 80.05
C LEU SD 95 68.16 -98.67 79.12
N ARG SD 96 67.74 -98.30 77.92
CA ARG SD 96 67.12 -99.27 77.02
C ARG SD 96 68.03 -100.44 76.65
N PRO SD 97 69.30 -100.25 76.24
CA PRO SD 97 70.12 -101.41 75.85
C PRO SD 97 70.44 -102.35 76.99
N TYR SD 98 70.19 -101.98 78.24
CA TYR SD 98 70.57 -102.79 79.38
C TYR SD 98 69.42 -103.62 79.96
N PHE SD 99 68.18 -103.34 79.58
CA PHE SD 99 67.02 -103.98 80.18
C PHE SD 99 66.01 -104.38 79.12
N LYS SD 100 65.38 -105.54 79.32
CA LYS SD 100 64.20 -105.88 78.54
C LYS SD 100 62.97 -105.11 79.01
N TYR SD 101 62.83 -104.96 80.33
CA TYR SD 101 61.76 -104.14 80.89
C TYR SD 101 62.16 -103.69 82.28
N LEU SD 102 61.57 -102.57 82.71
CA LEU SD 102 61.85 -102.02 84.04
C LEU SD 102 60.67 -101.16 84.44
N GLN SD 103 60.07 -101.48 85.59
CA GLN SD 103 58.88 -100.78 86.06
C GLN SD 103 59.12 -100.25 87.47
N LEU SD 104 58.67 -99.01 87.71
CA LEU SD 104 58.80 -98.36 89.00
C LEU SD 104 57.41 -98.07 89.56
N VAL SD 105 57.22 -98.40 90.83
CA VAL SD 105 55.94 -98.22 91.52
C VAL SD 105 56.12 -97.22 92.64
N LEU SD 106 55.30 -96.18 92.66
CA LEU SD 106 55.35 -95.13 93.67
C LEU SD 106 54.11 -95.20 94.55
N THR SD 107 54.32 -95.21 95.86
CA THR SD 107 53.22 -95.30 96.82
C THR SD 107 53.35 -94.22 97.87
N SER SD 108 52.24 -93.60 98.24
CA SER SD 108 52.20 -92.61 99.31
C SER SD 108 51.88 -93.34 100.62
N ASN SD 109 52.67 -93.06 101.65
CA ASN SD 109 52.62 -93.80 102.91
C ASN SD 109 52.65 -92.85 104.10
N ALA SD 110 52.97 -91.57 103.88
CA ALA SD 110 53.24 -90.64 104.98
C ALA SD 110 52.09 -90.60 105.99
N SER SD 111 50.87 -90.88 105.56
CA SER SD 111 49.75 -91.13 106.46
C SER SD 111 49.72 -92.61 106.81
N SER SD 112 49.85 -92.91 108.11
CA SER SD 112 49.87 -94.29 108.55
C SER SD 112 48.54 -94.99 108.33
N THR SD 113 47.46 -94.24 108.13
CA THR SD 113 46.15 -94.83 107.89
C THR SD 113 45.84 -95.04 106.41
N VAL SD 114 46.39 -94.20 105.54
CA VAL SD 114 46.08 -94.23 104.10
C VAL SD 114 47.36 -94.49 103.32
N GLU SD 115 47.57 -95.74 102.91
CA GLU SD 115 48.62 -96.10 101.97
C GLU SD 115 48.00 -96.17 100.57
N GLU SD 116 48.61 -95.47 99.61
CA GLU SD 116 48.10 -95.46 98.24
C GLU SD 116 49.24 -95.48 97.24
N THR SD 117 49.11 -96.35 96.24
CA THR SD 117 49.98 -96.32 95.07
C THR SD 117 49.45 -95.29 94.08
N LYS SD 118 50.32 -94.39 93.63
CA LYS SD 118 49.91 -93.25 92.81
C LYS SD 118 50.23 -93.40 91.33
N ALA SD 119 51.37 -93.97 90.98
CA ALA SD 119 51.74 -94.07 89.57
C ALA SD 119 52.67 -95.26 89.36
N VAL SD 120 52.69 -95.73 88.11
CA VAL SD 120 53.61 -96.78 87.68
C VAL SD 120 54.34 -96.26 86.46
N LEU SD 121 55.67 -96.30 86.51
CA LEU SD 121 56.51 -95.83 85.41
C LEU SD 121 57.22 -97.00 84.75
N SER SD 122 57.45 -96.86 83.44
CA SER SD 122 58.10 -97.91 82.67
C SER SD 122 58.92 -97.28 81.55
N LEU SD 123 59.73 -98.10 80.90
CA LEU SD 123 60.58 -97.61 79.81
C LEU SD 123 59.77 -97.25 78.57
N LYS SD 124 58.56 -97.79 78.42
CA LYS SD 124 57.72 -97.47 77.28
C LYS SD 124 56.80 -96.28 77.55
N LYS SD 125 56.38 -96.08 78.81
CA LYS SD 125 55.55 -94.95 79.20
C LYS SD 125 56.23 -94.29 80.40
N PRO SD 126 57.18 -93.40 80.17
CA PRO SD 126 58.02 -92.89 81.26
C PRO SD 126 57.38 -91.83 82.14
N SER SD 127 56.27 -91.23 81.72
CA SER SD 127 55.71 -90.07 82.42
C SER SD 127 54.36 -90.40 83.04
N ALA SD 128 54.07 -89.72 84.15
CA ALA SD 128 52.80 -89.88 84.85
C ALA SD 128 52.50 -88.60 85.62
N VAL SD 129 51.22 -88.43 85.96
CA VAL SD 129 50.75 -87.26 86.69
C VAL SD 129 50.03 -87.75 87.95
N ILE SD 130 50.40 -87.19 89.10
CA ILE SD 130 49.85 -87.60 90.38
C ILE SD 130 49.28 -86.38 91.10
N ILE SD 131 48.45 -86.64 92.11
CA ILE SD 131 47.79 -85.61 92.89
C ILE SD 131 48.07 -85.87 94.37
N LEU SD 132 48.48 -84.83 95.09
CA LEU SD 132 48.68 -84.88 96.52
C LEU SD 132 47.70 -83.91 97.18
N ASP SD 133 46.96 -84.40 98.18
CA ASP SD 133 45.91 -83.60 98.81
C ASP SD 133 46.03 -83.57 100.33
N ASN SD 134 44.98 -83.08 101.00
CA ASN SD 134 45.03 -82.90 102.44
C ASN SD 134 45.32 -84.20 103.19
N ASP SD 135 44.85 -85.34 102.67
CA ASP SD 135 45.07 -86.60 103.36
C ASP SD 135 46.53 -87.02 103.31
N ASP SD 136 47.25 -86.70 102.22
CA ASP SD 136 48.63 -87.14 102.08
C ASP SD 136 49.55 -86.36 103.03
N TYR SD 137 49.29 -85.08 103.23
CA TYR SD 137 50.17 -84.22 103.99
C TYR SD 137 50.11 -84.52 105.49
N SER SD 138 50.62 -85.68 105.89
CA SER SD 138 50.74 -86.00 107.30
C SER SD 138 51.90 -85.23 107.92
N SER SD 139 51.80 -85.00 109.23
CA SER SD 139 52.65 -84.08 109.97
C SER SD 139 52.56 -82.65 109.44
N THR SD 140 51.62 -82.41 108.52
CA THR SD 140 51.27 -81.10 107.98
C THR SD 140 52.39 -80.47 107.14
N ASN SD 141 53.52 -81.16 107.00
CA ASN SD 141 54.67 -80.52 106.37
C ASN SD 141 55.44 -81.37 105.36
N LYS SD 142 55.17 -82.67 105.23
CA LYS SD 142 56.03 -83.48 104.36
C LYS SD 142 55.27 -84.66 103.77
N ILE SD 143 55.76 -85.11 102.62
CA ILE SD 143 55.30 -86.30 101.91
C ILE SD 143 56.44 -87.31 101.86
N GLN SD 144 56.12 -88.58 102.09
CA GLN SD 144 57.09 -89.67 101.98
C GLN SD 144 56.61 -90.63 100.90
N LEU SD 145 57.47 -90.91 99.93
CA LEU SD 145 57.18 -91.79 98.81
C LEU SD 145 58.34 -92.73 98.58
N LYS SD 146 58.12 -94.03 98.76
CA LYS SD 146 59.12 -95.02 98.41
C LYS SD 146 58.92 -95.53 96.99
N VAL SD 147 59.99 -96.09 96.44
CA VAL SD 147 60.04 -96.54 95.05
C VAL SD 147 60.12 -98.05 95.03
N GLU SD 148 59.32 -98.67 94.16
CA GLU SD 148 59.33 -100.12 94.02
C GLU SD 148 59.68 -100.46 92.58
N ALA SD 149 60.62 -101.39 92.40
CA ALA SD 149 61.18 -101.71 91.10
C ALA SD 149 60.96 -103.17 90.74
N TYR SD 150 60.59 -103.40 89.48
CA TYR SD 150 60.53 -104.72 88.88
C TYR SD 150 61.34 -104.69 87.59
N TYR SD 151 62.13 -105.73 87.34
CA TYR SD 151 63.10 -105.66 86.26
C TYR SD 151 63.43 -107.05 85.73
N GLU SD 152 63.98 -107.07 84.52
CA GLU SD 152 64.63 -108.24 83.94
C GLU SD 152 65.83 -107.76 83.14
N ALA SD 153 67.00 -108.30 83.46
CA ALA SD 153 68.25 -107.86 82.85
C ALA SD 153 68.46 -108.55 81.51
N LYS SD 154 69.22 -107.88 80.64
CA LYS SD 154 69.56 -108.45 79.35
C LYS SD 154 70.50 -109.64 79.51
N GLU SD 155 70.44 -110.56 78.54
CA GLU SD 155 71.21 -111.79 78.60
C GLU SD 155 72.67 -111.51 78.27
N GLY SD 156 73.56 -111.87 79.19
CA GLY SD 156 74.99 -111.79 78.94
C GLY SD 156 75.57 -110.40 78.94
N MET SD 157 74.93 -109.43 79.59
CA MET SD 157 75.42 -108.06 79.63
C MET SD 157 75.96 -107.76 81.02
N LEU SD 158 77.20 -107.27 81.07
CA LEU SD 158 77.86 -106.94 82.33
C LEU SD 158 78.22 -105.46 82.36
N PHE SD 159 77.99 -104.82 83.50
CA PHE SD 159 78.22 -103.39 83.63
C PHE SD 159 78.25 -103.04 85.12
N ASP SD 160 78.64 -101.80 85.40
CA ASP SD 160 78.65 -101.29 86.77
C ASP SD 160 78.60 -99.78 86.73
N SER SD 161 78.16 -99.20 87.85
CA SER SD 161 78.09 -97.74 88.02
C SER SD 161 77.20 -97.09 86.96
N LEU SD 162 75.95 -97.53 86.92
CA LEU SD 162 74.96 -96.98 86.00
C LEU SD 162 73.88 -96.25 86.77
N PRO SD 163 73.69 -94.95 86.54
CA PRO SD 163 72.71 -94.19 87.33
C PRO SD 163 71.31 -94.23 86.74
N VAL SD 164 70.34 -94.08 87.65
CA VAL SD 164 68.92 -93.95 87.29
C VAL SD 164 68.44 -92.61 87.84
N ILE SD 165 67.81 -91.81 86.97
CA ILE SD 165 67.48 -90.42 87.27
C ILE SD 165 65.98 -90.22 87.13
N LEU SD 166 65.38 -89.53 88.10
CA LEU SD 166 63.98 -89.14 88.06
C LEU SD 166 63.89 -87.62 88.17
N ASN SD 167 62.89 -87.05 87.51
CA ASN SD 167 62.70 -85.60 87.46
C ASN SD 167 61.29 -85.24 87.93
N PHE SD 168 61.17 -84.07 88.56
CA PHE SD 168 59.90 -83.57 89.06
C PHE SD 168 59.62 -82.19 88.49
N GLN SD 169 58.36 -81.93 88.15
CA GLN SD 169 57.94 -80.63 87.65
C GLN SD 169 56.56 -80.31 88.22
N VAL SD 170 56.40 -79.06 88.65
CA VAL SD 170 55.15 -78.59 89.26
C VAL SD 170 54.28 -78.00 88.16
N LEU SD 171 53.02 -78.46 88.09
CA LEU SD 171 52.07 -77.97 87.11
C LEU SD 171 51.09 -76.96 87.68
N SER SD 172 50.64 -77.16 88.93
CA SER SD 172 49.70 -76.25 89.55
C SER SD 172 49.74 -76.46 91.06
N VAL SD 173 49.61 -75.37 91.81
CA VAL SD 173 49.57 -75.42 93.27
C VAL SD 173 48.46 -74.50 93.75
N SER SD 174 47.83 -74.89 94.86
CA SER SD 174 46.75 -74.10 95.44
C SER SD 174 46.70 -74.27 96.96
N THR TD 26 59.75 -2.43 92.29
CA THR TD 26 58.66 -3.14 91.62
C THR TD 26 59.21 -4.31 90.82
N THR TD 27 59.34 -5.46 91.47
CA THR TD 27 59.89 -6.67 90.85
C THR TD 27 58.86 -7.78 90.92
N GLN TD 28 58.68 -8.49 89.80
CA GLN TD 28 57.76 -9.60 89.70
C GLN TD 28 58.54 -10.91 89.74
N SER TD 29 58.19 -11.79 90.68
CA SER TD 29 58.96 -13.01 90.84
C SER TD 29 58.19 -14.22 90.32
N PRO TD 30 58.88 -15.20 89.72
CA PRO TD 30 58.19 -16.41 89.26
C PRO TD 30 57.94 -17.44 90.34
N LEU TD 31 58.66 -17.37 91.46
CA LEU TD 31 58.42 -18.21 92.63
C LEU TD 31 58.63 -19.70 92.31
N ASN TD 32 59.76 -20.00 91.66
CA ASN TD 32 60.10 -21.39 91.35
C ASN TD 32 61.59 -21.67 91.53
N SER TD 33 62.29 -20.86 92.33
CA SER TD 33 63.73 -21.01 92.53
C SER TD 33 64.01 -21.80 93.80
N PHE TD 34 63.58 -23.06 93.82
CA PHE TD 34 63.81 -23.96 94.94
C PHE TD 34 64.18 -25.34 94.43
N TYR TD 35 65.20 -25.94 95.02
CA TYR TD 35 65.69 -27.24 94.55
C TYR TD 35 66.20 -28.06 95.72
N ALA TD 36 66.25 -29.38 95.49
CA ALA TD 36 66.84 -30.33 96.42
C ALA TD 36 67.46 -31.46 95.62
N THR TD 37 68.58 -31.99 96.08
CA THR TD 37 69.40 -32.90 95.29
C THR TD 37 69.80 -34.13 96.10
N GLY TD 38 69.77 -35.29 95.44
CA GLY TD 38 70.28 -36.52 96.01
C GLY TD 38 71.21 -37.23 95.05
N THR TD 39 71.64 -38.45 95.38
CA THR TD 39 72.59 -39.18 94.54
C THR TD 39 72.27 -40.67 94.58
N ALA TD 40 72.79 -41.39 93.59
CA ALA TD 40 72.63 -42.84 93.51
C ALA TD 40 73.80 -43.42 92.73
N GLN TD 41 74.04 -44.72 92.92
CA GLN TD 41 75.16 -45.38 92.27
C GLN TD 41 74.95 -46.89 92.27
N ALA TD 42 75.72 -47.57 91.43
CA ALA TD 42 75.75 -49.04 91.38
C ALA TD 42 77.07 -49.43 90.74
N VAL TD 43 77.99 -49.99 91.54
CA VAL TD 43 79.36 -50.18 91.10
C VAL TD 43 79.86 -51.62 91.29
N GLN TD 44 78.96 -52.60 91.28
CA GLN TD 44 79.39 -53.98 91.40
C GLN TD 44 78.36 -54.91 90.77
N GLU TD 45 78.84 -56.08 90.33
CA GLU TD 45 78.00 -57.11 89.73
C GLU TD 45 77.27 -57.91 90.81
N PRO TD 46 76.11 -58.49 90.47
CA PRO TD 46 75.30 -59.15 91.51
C PRO TD 46 76.01 -60.29 92.23
N ILE TD 47 76.80 -61.10 91.53
CA ILE TD 47 77.37 -62.30 92.11
C ILE TD 47 78.87 -62.36 91.86
N ASP TD 48 79.54 -63.18 92.67
CA ASP TD 48 80.96 -63.49 92.50
C ASP TD 48 81.11 -65.00 92.61
N VAL TD 49 81.96 -65.58 91.77
CA VAL TD 49 82.08 -67.03 91.66
C VAL TD 49 83.54 -67.43 91.87
N GLU TD 50 83.76 -68.43 92.73
CA GLU TD 50 85.09 -68.96 93.00
C GLU TD 50 85.06 -70.48 92.89
N SER TD 51 86.12 -71.06 92.35
CA SER TD 51 86.17 -72.48 92.02
C SER TD 51 87.14 -73.22 92.93
N HIS TD 52 86.77 -74.45 93.30
CA HIS TD 52 87.61 -75.33 94.10
C HIS TD 52 87.55 -76.77 93.58
N LEU TD 53 87.62 -76.94 92.26
CA LEU TD 53 87.61 -78.26 91.65
C LEU TD 53 89.03 -78.79 91.60
N ASP TD 54 89.41 -79.56 92.62
CA ASP TD 54 90.77 -80.05 92.78
C ASP TD 54 90.83 -81.57 92.85
N ASN TD 55 90.08 -82.25 91.98
CA ASN TD 55 90.18 -83.69 91.83
C ASN TD 55 90.27 -84.04 90.36
N THR TD 56 90.93 -85.15 90.06
CA THR TD 56 91.21 -85.55 88.69
C THR TD 56 90.51 -86.87 88.37
N ILE TD 57 89.81 -86.91 87.26
CA ILE TD 57 89.24 -88.15 86.74
C ILE TD 57 90.37 -88.94 86.10
N ALA TD 58 90.85 -89.97 86.79
CA ALA TD 58 92.01 -90.75 86.35
C ALA TD 58 91.67 -92.24 86.34
N PRO TD 59 90.90 -92.69 85.36
CA PRO TD 59 90.67 -94.13 85.20
C PRO TD 59 91.66 -94.75 84.22
N ALA TD 60 91.59 -96.06 84.10
CA ALA TD 60 92.34 -96.76 83.07
C ALA TD 60 91.63 -96.62 81.73
N ALA TD 61 92.34 -96.99 80.66
CA ALA TD 61 91.78 -96.86 79.32
C ALA TD 61 90.61 -97.82 79.13
N GLY TD 62 89.46 -97.27 78.73
CA GLY TD 62 88.29 -98.07 78.46
C GLY TD 62 87.49 -98.50 79.68
N ALA TD 63 87.78 -97.95 80.85
CA ALA TD 63 87.12 -98.35 82.08
C ALA TD 63 85.87 -97.53 82.33
N GLN TD 64 84.97 -98.11 83.13
CA GLN TD 64 83.74 -97.44 83.57
C GLN TD 64 83.90 -97.09 85.04
N GLY TD 65 83.64 -95.83 85.38
CA GLY TD 65 83.99 -95.37 86.71
C GLY TD 65 82.97 -94.51 87.44
N TYR TD 66 83.42 -93.91 88.55
CA TYR TD 66 82.57 -93.15 89.46
C TYR TD 66 83.46 -92.24 90.31
N LYS TD 67 83.28 -90.93 90.19
CA LYS TD 67 84.24 -90.00 90.79
C LYS TD 67 83.53 -88.71 91.18
N ASP TD 68 84.06 -88.07 92.22
CA ASP TD 68 83.66 -86.72 92.62
C ASP TD 68 84.82 -85.76 92.38
N MET TD 69 84.50 -84.46 92.27
CA MET TD 69 85.47 -83.48 91.78
C MET TD 69 85.80 -82.40 92.81
N GLY TD 70 84.80 -81.76 93.40
CA GLY TD 70 85.04 -80.63 94.29
C GLY TD 70 83.75 -79.83 94.46
N TYR TD 71 83.92 -78.56 94.79
CA TYR TD 71 82.76 -77.69 94.99
C TYR TD 71 83.07 -76.28 94.51
N VAL TD 72 82.01 -75.51 94.29
CA VAL TD 72 82.10 -74.15 93.75
C VAL TD 72 81.33 -73.22 94.67
N LYS TD 73 81.90 -72.04 94.93
CA LYS TD 73 81.31 -71.05 95.82
C LYS TD 73 80.73 -69.89 95.04
N ILE TD 74 79.54 -69.44 95.44
CA ILE TD 74 78.85 -68.31 94.84
C ILE TD 74 78.56 -67.30 95.94
N ILE TD 75 78.84 -66.02 95.66
CA ILE TD 75 78.67 -64.95 96.63
C ILE TD 75 77.65 -63.95 96.09
N ASN TD 76 76.69 -63.58 96.92
CA ASN TD 76 75.59 -62.69 96.55
C ASN TD 76 75.64 -61.41 97.38
N TYR TD 77 75.31 -60.28 96.73
CA TYR TD 77 75.60 -58.94 97.20
C TYR TD 77 74.31 -58.16 97.50
N THR TD 78 74.48 -56.86 97.74
CA THR TD 78 73.45 -56.04 98.36
C THR TD 78 72.15 -56.07 97.57
N ASP TD 79 71.04 -56.21 98.30
CA ASP TD 79 69.68 -56.16 97.77
C ASP TD 79 69.40 -57.25 96.75
N VAL TD 80 70.08 -58.39 96.88
CA VAL TD 80 69.88 -59.55 96.01
C VAL TD 80 69.21 -60.64 96.84
N ASN TD 81 68.14 -61.22 96.29
CA ASN TD 81 67.42 -62.29 96.98
C ASN TD 81 67.29 -63.55 96.15
N VAL TD 82 67.05 -63.45 94.85
CA VAL TD 82 66.86 -64.60 93.98
C VAL TD 82 67.69 -64.41 92.73
N VAL TD 83 68.38 -65.47 92.32
CA VAL TD 83 69.27 -65.44 91.15
C VAL TD 83 68.89 -66.58 90.22
N LYS TD 84 68.80 -66.28 88.93
CA LYS TD 84 68.57 -67.27 87.89
C LYS TD 84 69.86 -67.44 87.09
N LEU TD 85 70.30 -68.69 86.94
CA LEU TD 85 71.60 -68.98 86.36
C LEU TD 85 71.46 -70.00 85.23
N LYS TD 86 72.43 -69.95 84.30
CA LYS TD 86 72.54 -70.92 83.22
C LYS TD 86 73.95 -71.48 83.22
N VAL TD 87 74.06 -72.81 83.26
CA VAL TD 87 75.34 -73.50 83.32
C VAL TD 87 75.50 -74.37 82.09
N THR TD 88 76.67 -74.31 81.46
CA THR TD 88 76.93 -75.05 80.23
C THR TD 88 78.35 -75.57 80.25
N LEU TD 89 78.59 -76.57 79.39
CA LEU TD 89 79.92 -77.13 79.18
C LEU TD 89 80.57 -76.41 78.01
N ALA TD 90 81.64 -75.66 78.28
CA ALA TD 90 82.22 -74.80 77.26
C ALA TD 90 83.00 -75.59 76.21
N ASN TD 91 83.68 -76.66 76.62
CA ASN TD 91 84.56 -77.39 75.71
C ASN TD 91 84.06 -78.82 75.48
N ALA TD 92 82.75 -78.98 75.28
CA ALA TD 92 82.19 -80.31 75.06
C ALA TD 92 82.70 -80.91 73.75
N ALA TD 93 82.92 -80.08 72.73
CA ALA TD 93 83.38 -80.58 71.44
C ALA TD 93 84.77 -81.20 71.55
N GLN TD 94 85.65 -80.60 72.35
CA GLN TD 94 86.99 -81.14 72.52
C GLN TD 94 86.98 -82.47 73.25
N LEU TD 95 86.06 -82.66 74.19
CA LEU TD 95 86.01 -83.87 75.00
C LEU TD 95 85.32 -85.03 74.31
N ARG TD 96 84.67 -84.80 73.17
CA ARG TD 96 83.96 -85.88 72.49
C ARG TD 96 84.85 -87.04 72.06
N PRO TD 97 86.01 -86.83 71.41
CA PRO TD 97 86.82 -87.99 70.98
C PRO TD 97 87.39 -88.82 72.12
N TYR TD 98 87.35 -88.33 73.36
CA TYR TD 98 87.97 -89.02 74.47
C TYR TD 98 86.99 -89.82 75.33
N PHE TD 99 85.68 -89.63 75.15
CA PHE TD 99 84.69 -90.27 76.01
C PHE TD 99 83.53 -90.80 75.19
N LYS TD 100 83.01 -91.96 75.61
CA LYS TD 100 81.73 -92.42 75.10
C LYS TD 100 80.58 -91.66 75.72
N TYR TD 101 80.65 -91.39 77.01
CA TYR TD 101 79.65 -90.56 77.69
C TYR TD 101 80.28 -89.96 78.94
N LEU TD 102 79.73 -88.83 79.37
CA LEU TD 102 80.20 -88.14 80.57
C LEU TD 102 79.06 -87.29 81.11
N GLN TD 103 78.70 -87.52 82.37
CA GLN TD 103 77.57 -86.83 83.00
C GLN TD 103 78.02 -86.15 84.27
N LEU TD 104 77.55 -84.92 84.48
CA LEU TD 104 77.88 -84.14 85.66
C LEU TD 104 76.61 -83.86 86.44
N VAL TD 105 76.66 -84.06 87.76
CA VAL TD 105 75.51 -83.88 88.65
C VAL TD 105 75.86 -82.76 89.63
N LEU TD 106 74.98 -81.76 89.71
CA LEU TD 106 75.15 -80.61 90.59
C LEU TD 106 74.10 -80.65 91.68
N THR TD 107 74.53 -80.53 92.93
CA THR TD 107 73.63 -80.56 94.08
C THR TD 107 73.89 -79.38 94.99
N SER TD 108 72.83 -78.78 95.50
CA SER TD 108 72.92 -77.69 96.47
C SER TD 108 72.89 -78.30 97.87
N ASN TD 109 73.83 -77.89 98.72
CA ASN TD 109 74.07 -78.51 100.02
C ASN TD 109 74.25 -77.45 101.11
N ALA TD 110 74.46 -76.18 100.72
CA ALA TD 110 74.85 -75.14 101.65
C ALA TD 110 73.92 -75.04 102.85
N SER TD 111 72.65 -75.41 102.69
CA SER TD 111 71.72 -75.62 103.79
C SER TD 111 71.84 -77.06 104.28
N SER TD 112 72.22 -77.22 105.54
CA SER TD 112 72.40 -78.56 106.11
C SER TD 112 71.09 -79.33 106.18
N THR TD 113 69.95 -78.64 106.11
CA THR TD 113 68.65 -79.30 106.18
C THR TD 113 68.10 -79.66 104.81
N VAL TD 114 68.43 -78.90 103.77
CA VAL TD 114 67.87 -79.07 102.43
C VAL TD 114 69.01 -79.36 101.46
N GLU TD 115 69.21 -80.63 101.13
CA GLU TD 115 70.08 -81.04 100.04
C GLU TD 115 69.24 -81.27 98.80
N GLU TD 116 69.62 -80.64 97.68
CA GLU TD 116 68.87 -80.78 96.43
C GLU TD 116 69.81 -80.86 95.24
N THR TD 117 69.56 -81.82 94.36
CA THR TD 117 70.20 -81.87 93.05
C THR TD 117 69.44 -80.97 92.09
N LYS TD 118 70.17 -80.07 91.42
CA LYS TD 118 69.55 -79.04 90.59
C LYS TD 118 69.60 -79.32 89.10
N ALA TD 119 70.70 -79.87 88.59
CA ALA TD 119 70.81 -80.10 87.15
C ALA TD 119 71.74 -81.27 86.88
N VAL TD 120 71.58 -81.86 85.70
CA VAL TD 120 72.45 -82.91 85.19
C VAL TD 120 72.94 -82.48 83.80
N LEU TD 121 74.25 -82.46 83.62
CA LEU TD 121 74.85 -82.06 82.36
C LEU TD 121 75.49 -83.26 81.67
N SER TD 122 75.48 -83.25 80.34
CA SER TD 122 76.03 -84.34 79.56
C SER TD 122 76.60 -83.78 78.27
N LEU TD 123 77.33 -84.63 77.54
CA LEU TD 123 77.93 -84.22 76.29
C LEU TD 123 76.91 -84.01 75.18
N LYS TD 124 75.72 -84.61 75.31
CA LYS TD 124 74.66 -84.43 74.32
C LYS TD 124 73.74 -83.25 74.64
N LYS TD 125 73.54 -82.96 75.93
CA LYS TD 125 72.74 -81.82 76.37
C LYS TD 125 73.58 -81.03 77.36
N PRO TD 126 74.43 -80.12 76.88
CA PRO TD 126 75.42 -79.48 77.76
C PRO TD 126 74.89 -78.37 78.64
N SER TD 127 73.69 -77.85 78.39
CA SER TD 127 73.20 -76.65 79.06
C SER TD 127 72.01 -76.98 79.96
N ALA TD 128 71.88 -76.20 81.03
CA ALA TD 128 70.77 -76.34 81.96
C ALA TD 128 70.54 -75.01 82.67
N VAL TD 129 69.34 -74.85 83.21
CA VAL TD 129 68.93 -73.65 83.92
C VAL TD 129 68.48 -74.04 85.32
N ILE TD 130 69.02 -73.35 86.33
CA ILE TD 130 68.73 -73.66 87.73
C ILE TD 130 68.24 -72.40 88.42
N ILE TD 131 67.62 -72.60 89.58
CA ILE TD 131 67.05 -71.53 90.39
C ILE TD 131 67.61 -71.63 91.80
N LEU TD 132 68.09 -70.51 92.34
CA LEU TD 132 68.53 -70.40 93.72
C LEU TD 132 67.64 -69.42 94.45
N ASP TD 133 67.12 -69.83 95.61
CA ASP TD 133 66.16 -69.03 96.35
C ASP TD 133 66.54 -68.84 97.81
N ASN TD 134 65.61 -68.33 98.61
CA ASN TD 134 65.89 -68.01 100.01
C ASN TD 134 66.39 -69.22 100.79
N ASP TD 135 65.90 -70.42 100.47
CA ASP TD 135 66.32 -71.60 101.21
C ASP TD 135 67.77 -71.97 100.94
N ASP TD 136 68.25 -71.72 99.71
CA ASP TD 136 69.62 -72.11 99.37
C ASP TD 136 70.65 -71.22 100.06
N TYR TD 137 70.35 -69.93 100.18
CA TYR TD 137 71.31 -68.97 100.69
C TYR TD 137 71.53 -69.12 102.20
N SER TD 138 72.17 -70.22 102.59
CA SER TD 138 72.56 -70.40 103.98
C SER TD 138 73.77 -69.53 104.31
N SER TD 139 73.89 -69.18 105.59
CA SER TD 139 74.82 -68.16 106.08
C SER TD 139 74.54 -66.79 105.45
N THR TD 140 73.44 -66.67 104.70
CA THR TD 140 72.92 -65.43 104.12
C THR TD 140 73.83 -64.85 103.03
N ASN TD 141 74.97 -65.50 102.75
CA ASN TD 141 75.95 -64.88 101.86
C ASN TD 141 76.56 -65.80 100.81
N LYS TD 142 76.35 -67.11 100.85
CA LYS TD 142 77.08 -67.97 99.92
C LYS TD 142 76.30 -69.23 99.58
N ILE TD 143 76.60 -69.77 98.40
CA ILE TD 143 76.09 -71.04 97.90
C ILE TD 143 77.25 -72.00 97.72
N GLN TD 144 77.06 -73.25 98.12
CA GLN TD 144 78.04 -74.32 97.93
C GLN TD 144 77.44 -75.39 97.05
N LEU TD 145 78.13 -75.72 95.96
CA LEU TD 145 77.68 -76.72 94.98
C LEU TD 145 78.84 -77.63 94.63
N LYS TD 146 78.73 -78.91 94.97
CA LYS TD 146 79.70 -79.90 94.54
C LYS TD 146 79.28 -80.54 93.21
N VAL TD 147 80.26 -81.12 92.54
CA VAL TD 147 80.09 -81.70 91.21
C VAL TD 147 80.24 -83.20 91.30
N GLU TD 148 79.34 -83.93 90.65
CA GLU TD 148 79.41 -85.39 90.64
C GLU TD 148 79.51 -85.85 89.19
N ALA TD 149 80.45 -86.76 88.93
CA ALA TD 149 80.80 -87.17 87.58
C ALA TD 149 80.59 -88.67 87.39
N TYR TD 150 80.01 -89.04 86.25
CA TYR TD 150 79.93 -90.42 85.79
C TYR TD 150 80.49 -90.47 84.38
N TYR TD 151 81.27 -91.50 84.08
CA TYR TD 151 82.03 -91.49 82.83
C TYR TD 151 82.33 -92.91 82.38
N GLU TD 152 82.66 -93.03 81.09
CA GLU TD 152 83.25 -94.23 80.51
C GLU TD 152 84.26 -93.78 79.47
N ALA TD 153 85.50 -94.24 79.61
CA ALA TD 153 86.59 -93.81 78.74
C ALA TD 153 86.60 -94.62 77.45
N LYS TD 154 87.15 -94.01 76.40
CA LYS TD 154 87.29 -94.68 75.11
C LYS TD 154 88.30 -95.82 75.22
N GLU TD 155 88.12 -96.82 74.35
CA GLU TD 155 88.96 -98.02 74.37
C GLU TD 155 90.32 -97.71 73.76
N GLY TD 156 91.38 -97.95 74.53
CA GLY TD 156 92.73 -97.83 74.02
C GLY TD 156 93.24 -96.42 73.79
N MET TD 157 92.65 -95.43 74.45
CA MET TD 157 93.07 -94.04 74.29
C MET TD 157 93.84 -93.59 75.52
N LEU TD 158 95.03 -93.04 75.31
CA LEU TD 158 95.89 -92.58 76.38
C LEU TD 158 96.16 -91.08 76.21
N PHE TD 159 96.11 -90.35 77.32
CA PHE TD 159 96.27 -88.90 77.29
C PHE TD 159 96.56 -88.40 78.70
N ASP TD 160 96.90 -87.13 78.79
CA ASP TD 160 97.14 -86.50 80.08
C ASP TD 160 97.00 -84.99 79.93
N SER TD 161 96.75 -84.32 81.05
CA SER TD 161 96.63 -82.86 81.10
C SER TD 161 95.52 -82.36 80.17
N LEU TD 162 94.30 -82.84 80.41
CA LEU TD 162 93.14 -82.43 79.63
C LEU TD 162 92.18 -81.66 80.52
N PRO TD 163 91.87 -80.40 80.22
CA PRO TD 163 91.01 -79.61 81.11
C PRO TD 163 89.53 -79.76 80.80
N VAL TD 164 88.73 -79.56 81.84
CA VAL TD 164 87.27 -79.52 81.74
C VAL TD 164 86.81 -78.15 82.25
N ILE TD 165 86.00 -77.47 81.45
CA ILE TD 165 85.65 -76.07 81.68
C ILE TD 165 84.13 -75.95 81.80
N LEU TD 166 83.69 -75.19 82.79
CA LEU TD 166 82.29 -74.85 82.99
C LEU TD 166 82.12 -73.35 82.98
N ASN TD 167 80.99 -72.87 82.47
CA ASN TD 167 80.72 -71.44 82.33
C ASN TD 167 79.40 -71.09 83.01
N PHE TD 168 79.32 -69.88 83.55
CA PHE TD 168 78.14 -69.38 84.23
C PHE TD 168 77.69 -68.07 83.60
N GLN TD 169 76.37 -67.90 83.47
CA GLN TD 169 75.79 -66.68 82.95
C GLN TD 169 74.53 -66.35 83.73
N VAL TD 170 74.37 -65.08 84.08
CA VAL TD 170 73.23 -64.60 84.85
C VAL TD 170 72.14 -64.16 83.89
N LEU TD 171 70.93 -64.67 84.09
CA LEU TD 171 69.79 -64.31 83.26
C LEU TD 171 68.86 -63.29 83.92
N SER TD 172 68.66 -63.38 85.23
CA SER TD 172 67.80 -62.45 85.95
C SER TD 172 68.12 -62.52 87.43
N VAL TD 173 68.07 -61.37 88.09
CA VAL TD 173 68.29 -61.28 89.53
C VAL TD 173 67.24 -60.36 90.13
N SER TD 174 66.84 -60.67 91.36
CA SER TD 174 65.85 -59.87 92.06
C SER TD 174 66.08 -59.90 93.56
N THR UD 26 74.00 11.62 80.29
CA THR UD 26 72.85 10.81 79.89
C THR UD 26 73.31 9.58 79.11
N THR UD 27 73.63 8.50 79.82
CA THR UD 27 74.12 7.27 79.23
C THR UD 27 73.18 6.12 79.58
N GLN UD 28 72.84 5.31 78.58
CA GLN UD 28 71.98 4.16 78.75
C GLN UD 28 72.83 2.89 78.77
N SER UD 29 72.71 2.09 79.82
CA SER UD 29 73.56 0.92 79.95
C SER UD 29 72.77 -0.36 79.68
N PRO UD 30 73.41 -1.36 79.06
CA PRO UD 30 72.71 -2.63 78.83
C PRO UD 30 72.72 -3.56 80.03
N LEU UD 31 73.62 -3.36 80.99
CA LEU UD 31 73.64 -4.10 82.26
C LEU UD 31 73.89 -5.60 82.03
N ASN UD 32 74.89 -5.92 81.22
CA ASN UD 32 75.25 -7.31 80.97
C ASN UD 32 76.75 -7.52 80.90
N SER UD 33 77.53 -6.61 81.47
CA SER UD 33 78.99 -6.68 81.42
C SER UD 33 79.56 -7.34 82.68
N PHE UD 34 79.19 -8.60 82.89
CA PHE UD 34 79.68 -9.37 84.03
C PHE UD 34 80.02 -10.78 83.57
N TYR UD 35 81.17 -11.28 84.02
CA TYR UD 35 81.64 -12.60 83.58
C TYR UD 35 82.39 -13.30 84.71
N ALA UD 36 82.48 -14.61 84.59
CA ALA UD 36 83.28 -15.46 85.48
C ALA UD 36 83.80 -16.63 84.67
N THR UD 37 85.03 -17.07 84.98
CA THR UD 37 85.73 -18.02 84.12
C THR UD 37 86.34 -19.15 84.95
N GLY UD 38 86.25 -20.36 84.42
CA GLY UD 38 86.93 -21.52 84.99
C GLY UD 38 87.72 -22.28 83.93
N THR UD 39 88.26 -23.44 84.28
CA THR UD 39 89.08 -24.21 83.35
C THR UD 39 88.86 -25.70 83.58
N ALA UD 40 89.23 -26.50 82.58
CA ALA UD 40 89.14 -27.95 82.65
C ALA UD 40 90.20 -28.55 81.73
N GLN UD 41 90.53 -29.82 81.98
CA GLN UD 41 91.56 -30.49 81.20
C GLN UD 41 91.43 -32.00 81.38
N ALA UD 42 92.08 -32.73 80.46
CA ALA UD 42 92.19 -34.19 80.55
C ALA UD 42 93.38 -34.60 79.71
N VAL UD 43 94.46 -35.04 80.37
CA VAL UD 43 95.74 -35.21 79.71
C VAL UD 43 96.33 -36.61 79.93
N GLN UD 44 95.51 -37.62 80.17
CA GLN UD 44 96.04 -38.97 80.33
C GLN UD 44 94.96 -39.99 79.99
N GLU UD 45 95.42 -41.18 79.56
CA GLU UD 45 94.55 -42.29 79.22
C GLU UD 45 94.07 -43.01 80.48
N PRO UD 46 92.90 -43.66 80.42
CA PRO UD 46 92.33 -44.26 81.64
C PRO UD 46 93.22 -45.29 82.31
N ILE UD 47 93.92 -46.13 81.55
CA ILE UD 47 94.65 -47.25 82.13
C ILE UD 47 96.08 -47.27 81.61
N ASP UD 48 96.94 -47.97 82.35
CA ASP UD 48 98.31 -48.25 81.95
C ASP UD 48 98.56 -49.74 82.16
N VAL UD 49 99.29 -50.37 81.24
CA VAL UD 49 99.46 -51.81 81.23
C VAL UD 49 100.95 -52.13 81.21
N GLU UD 50 101.38 -53.04 82.09
CA GLU UD 50 102.76 -53.48 82.16
C GLU UD 50 102.80 -55.00 82.20
N SER UD 51 103.77 -55.59 81.51
CA SER UD 51 103.85 -57.04 81.31
C SER UD 51 105.00 -57.64 82.09
N HIS UD 52 104.77 -58.85 82.62
CA HIS UD 52 105.80 -59.61 83.34
C HIS UD 52 105.72 -61.09 82.96
N LEU UD 53 105.57 -61.38 81.67
CA LEU UD 53 105.52 -62.77 81.19
C LEU UD 53 106.94 -63.23 80.93
N ASP UD 54 107.53 -63.89 81.91
CA ASP UD 54 108.93 -64.30 81.87
C ASP UD 54 109.08 -65.81 82.07
N ASN UD 55 108.24 -66.59 81.41
CA ASN UD 55 108.38 -68.04 81.37
C ASN UD 55 108.22 -68.53 79.94
N THR UD 56 108.88 -69.63 79.63
CA THR UD 56 108.94 -70.17 78.27
C THR UD 56 108.27 -71.53 78.21
N ILE UD 57 107.38 -71.70 77.24
CA ILE UD 57 106.79 -73.01 76.96
C ILE UD 57 107.83 -73.81 76.19
N ALA UD 58 108.49 -74.75 76.87
CA ALA UD 58 109.59 -75.52 76.28
C ALA UD 58 109.34 -77.01 76.48
N PRO UD 59 108.43 -77.59 75.70
CA PRO UD 59 108.26 -79.04 75.71
C PRO UD 59 109.10 -79.71 74.62
N ALA UD 60 109.08 -81.04 74.63
CA ALA UD 60 109.66 -81.80 73.54
C ALA UD 60 108.72 -81.82 72.35
N ALA UD 61 109.24 -82.27 71.21
CA ALA UD 61 108.45 -82.29 69.99
C ALA UD 61 107.32 -83.31 70.11
N GLY UD 62 106.09 -82.84 69.87
CA GLY UD 62 104.94 -83.72 69.90
C GLY UD 62 104.40 -84.05 71.26
N ALA UD 63 104.87 -83.38 72.32
CA ALA UD 63 104.46 -83.69 73.68
C ALA UD 63 103.22 -82.90 74.08
N GLN UD 64 102.51 -83.43 75.07
CA GLN UD 64 101.36 -82.76 75.68
C GLN UD 64 101.75 -82.27 77.06
N GLY UD 65 101.49 -80.99 77.33
CA GLY UD 65 102.04 -80.39 78.53
C GLY UD 65 101.13 -79.51 79.36
N TYR UD 66 101.73 -78.78 80.30
CA TYR UD 66 101.02 -77.98 81.28
C TYR UD 66 101.98 -76.96 81.87
N LYS UD 67 101.73 -75.67 81.68
CA LYS UD 67 102.72 -74.66 82.00
C LYS UD 67 102.03 -73.36 82.40
N ASP UD 68 102.69 -72.60 83.26
CA ASP UD 68 102.30 -71.24 83.62
C ASP UD 68 103.33 -70.26 83.07
N MET UD 69 102.93 -68.99 82.92
CA MET UD 69 103.74 -68.02 82.18
C MET UD 69 104.19 -66.84 83.03
N GLY UD 70 103.28 -66.18 83.72
CA GLY UD 70 103.61 -64.96 84.45
C GLY UD 70 102.33 -64.21 84.79
N TYR UD 71 102.48 -62.90 84.97
CA TYR UD 71 101.32 -62.06 85.31
C TYR UD 71 101.47 -60.70 84.65
N VAL UD 72 100.34 -59.99 84.56
CA VAL UD 72 100.26 -58.69 83.91
C VAL UD 72 99.61 -57.70 84.87
N LYS UD 73 100.16 -56.48 84.91
CA LYS UD 73 99.69 -55.44 85.81
C LYS UD 73 98.90 -54.38 85.04
N ILE UD 74 97.78 -53.95 85.62
CA ILE UD 74 96.93 -52.90 85.05
C ILE UD 74 96.79 -51.80 86.09
N ILE UD 75 96.94 -50.54 85.65
CA ILE UD 75 96.89 -49.39 86.55
C ILE UD 75 95.73 -48.49 86.11
N ASN UD 76 94.91 -48.08 87.07
CA ASN UD 76 93.72 -47.27 86.83
C ASN UD 76 93.85 -45.92 87.52
N TYR UD 77 93.33 -44.88 86.85
CA TYR UD 77 93.63 -43.48 87.14
C TYR UD 77 92.39 -42.73 87.59
N THR UD 78 92.53 -41.41 87.70
CA THR UD 78 91.57 -40.56 88.41
C THR UD 78 90.15 -40.73 87.88
N ASP UD 79 89.20 -40.85 88.82
CA ASP UD 79 87.76 -40.89 88.54
C ASP UD 79 87.37 -42.10 87.70
N VAL UD 80 88.13 -43.19 87.79
CA VAL UD 80 87.84 -44.43 87.08
C VAL UD 80 87.39 -45.47 88.11
N ASN UD 81 86.28 -46.13 87.82
CA ASN UD 81 85.75 -47.16 88.72
C ASN UD 81 85.55 -48.51 88.05
N VAL UD 82 85.08 -48.53 86.81
CA VAL UD 82 84.79 -49.76 86.10
C VAL UD 82 85.38 -49.67 84.69
N VAL UD 83 86.05 -50.74 84.26
CA VAL UD 83 86.70 -50.79 82.96
C VAL UD 83 86.22 -52.03 82.21
N LYS UD 84 85.88 -51.85 80.94
CA LYS UD 84 85.53 -52.94 80.04
C LYS UD 84 86.66 -53.15 79.05
N LEU UD 85 87.14 -54.38 78.93
CA LEU UD 85 88.33 -54.68 78.14
C LEU UD 85 88.05 -55.80 77.15
N LYS UD 86 88.82 -55.80 76.06
CA LYS UD 86 88.79 -56.87 75.07
C LYS UD 86 90.21 -57.37 74.86
N VAL UD 87 90.40 -58.68 74.99
CA VAL UD 87 91.71 -59.31 74.88
C VAL UD 87 91.69 -60.30 73.72
N THR UD 88 92.72 -60.24 72.89
CA THR UD 88 92.80 -61.09 71.70
C THR UD 88 94.23 -61.55 71.50
N LEU UD 89 94.37 -62.62 70.71
CA LEU UD 89 95.67 -63.15 70.30
C LEU UD 89 96.04 -62.52 68.97
N ALA UD 90 97.11 -61.71 68.98
CA ALA UD 90 97.45 -60.93 67.80
C ALA UD 90 98.07 -61.78 66.69
N ASN UD 91 98.87 -62.78 67.06
CA ASN UD 91 99.61 -63.56 66.07
C ASN UD 91 99.16 -65.02 66.07
N ALA UD 92 97.85 -65.25 66.12
CA ALA UD 92 97.33 -66.62 66.12
C ALA UD 92 97.63 -67.32 64.81
N ALA UD 93 97.62 -66.58 63.69
CA ALA UD 93 97.87 -67.19 62.39
C ALA UD 93 99.28 -67.74 62.30
N GLN UD 94 100.26 -67.02 62.87
CA GLN UD 94 101.65 -67.50 62.83
C GLN UD 94 101.84 -68.75 63.66
N LEU UD 95 101.11 -68.88 64.77
CA LEU UD 95 101.27 -70.01 65.68
C LEU UD 95 100.55 -71.27 65.23
N ARG UD 96 99.68 -71.17 64.22
CA ARG UD 96 98.92 -72.34 63.77
C ARG UD 96 99.79 -73.50 63.29
N PRO UD 97 100.80 -73.31 62.42
CA PRO UD 97 101.57 -74.47 61.95
C PRO UD 97 102.39 -75.16 63.04
N TYR UD 98 102.54 -74.55 64.22
CA TYR UD 98 103.39 -75.11 65.26
C TYR UD 98 102.63 -75.86 66.35
N PHE UD 99 101.30 -75.74 66.40
CA PHE UD 99 100.53 -76.33 67.48
C PHE UD 99 99.27 -76.99 66.93
N LYS UD 100 98.90 -78.12 67.54
CA LYS UD 100 97.57 -78.68 67.31
C LYS UD 100 96.50 -77.90 68.07
N TYR UD 101 96.79 -77.51 69.30
CA TYR UD 101 95.89 -76.65 70.07
C TYR UD 101 96.69 -75.92 71.13
N LEU UD 102 96.17 -74.78 71.56
CA LEU UD 102 96.80 -73.95 72.57
C LEU UD 102 95.74 -73.10 73.24
N GLN UD 103 95.62 -73.22 74.56
CA GLN UD 103 94.60 -72.52 75.32
C GLN UD 103 95.23 -71.70 76.43
N LEU UD 104 94.73 -70.48 76.61
CA LEU UD 104 95.22 -69.57 77.64
C LEU UD 104 94.10 -69.26 78.61
N VAL UD 105 94.39 -69.34 79.91
CA VAL UD 105 93.43 -69.11 80.97
C VAL UD 105 93.87 -67.90 81.77
N LEU UD 106 92.96 -66.93 81.92
CA LEU UD 106 93.23 -65.70 82.65
C LEU UD 106 92.39 -65.67 83.92
N THR UD 107 93.04 -65.42 85.06
CA THR UD 107 92.36 -65.36 86.35
C THR UD 107 92.72 -64.08 87.08
N SER UD 108 91.72 -63.48 87.73
CA SER UD 108 91.94 -62.31 88.56
C SER UD 108 92.19 -62.79 90.00
N ASN UD 109 93.24 -62.25 90.62
CA ASN UD 109 93.73 -62.73 91.91
C ASN UD 109 94.05 -61.56 92.84
N ALA UD 110 94.11 -60.34 92.30
CA ALA UD 110 94.62 -59.19 93.06
C ALA UD 110 93.90 -59.02 94.41
N SER UD 111 92.65 -59.46 94.49
CA SER UD 111 91.96 -59.59 95.77
C SER UD 111 92.24 -60.96 96.36
N SER UD 112 92.84 -60.99 97.54
CA SER UD 112 93.20 -62.25 98.17
C SER UD 112 91.97 -63.07 98.55
N THR UD 113 90.80 -62.44 98.64
CA THR UD 113 89.57 -63.14 99.00
C THR UD 113 88.80 -63.65 97.79
N VAL UD 114 88.90 -62.97 96.65
CA VAL UD 114 88.13 -63.31 95.46
C VAL UD 114 89.07 -63.63 94.32
N GLU UD 115 89.28 -64.92 94.07
CA GLU UD 115 89.97 -65.40 92.87
C GLU UD 115 88.93 -65.78 91.84
N GLU UD 116 89.07 -65.26 90.62
CA GLU UD 116 88.12 -65.54 89.55
C GLU UD 116 88.83 -65.70 88.21
N THR UD 117 88.48 -66.76 87.49
CA THR UD 117 88.88 -66.90 86.09
C THR UD 117 87.91 -66.12 85.21
N LYS UD 118 88.45 -65.28 84.33
CA LYS UD 118 87.64 -64.36 83.55
C LYS UD 118 87.44 -64.77 82.10
N ALA UD 119 88.46 -65.33 81.45
CA ALA UD 119 88.32 -65.68 80.04
C ALA UD 119 89.25 -66.84 79.70
N VAL UD 120 88.91 -67.55 78.63
CA VAL UD 120 89.74 -68.60 78.07
C VAL UD 120 89.94 -68.29 76.59
N LEU UD 121 91.19 -68.24 76.16
CA LEU UD 121 91.53 -67.94 74.77
C LEU UD 121 92.10 -69.18 74.10
N SER UD 122 91.86 -69.29 72.80
CA SER UD 122 92.32 -70.44 72.03
C SER UD 122 92.62 -69.98 70.60
N LEU UD 123 93.25 -70.87 69.83
CA LEU UD 123 93.59 -70.55 68.45
C LEU UD 123 92.37 -70.50 67.55
N LYS UD 124 91.26 -71.12 67.94
CA LYS UD 124 90.04 -71.08 67.15
C LYS UD 124 89.14 -69.92 67.54
N LYS UD 125 89.15 -69.52 68.80
CA LYS UD 125 88.38 -68.36 69.29
C LYS UD 125 89.33 -67.45 70.04
N PRO UD 126 90.03 -66.56 69.33
CA PRO UD 126 91.13 -65.80 69.95
C PRO UD 126 90.70 -64.63 70.81
N SER UD 127 89.44 -64.19 70.74
CA SER UD 127 89.02 -62.95 71.38
C SER UD 127 88.03 -63.24 72.51
N ALA UD 128 88.06 -62.37 73.51
CA ALA UD 128 87.14 -62.45 74.64
C ALA UD 128 86.96 -61.07 75.26
N VAL UD 129 85.87 -60.91 75.99
CA VAL UD 129 85.53 -59.66 76.66
C VAL UD 129 85.36 -59.93 78.15
N ILE UD 130 86.03 -59.12 78.98
CA ILE UD 130 86.01 -59.31 80.42
C ILE UD 130 85.59 -58.00 81.09
N ILE UD 131 85.19 -58.12 82.36
CA ILE UD 131 84.72 -57.00 83.16
C ILE UD 131 85.53 -56.94 84.45
N LEU UD 132 86.03 -55.75 84.77
CA LEU UD 132 86.72 -55.50 86.04
C LEU UD 132 85.91 -54.48 86.83
N ASP UD 133 85.63 -54.81 88.10
CA ASP UD 133 84.78 -53.97 88.93
C ASP UD 133 85.41 -53.62 90.28
N ASN UD 134 84.60 -53.08 91.19
CA ASN UD 134 85.12 -52.61 92.47
C ASN UD 134 85.82 -53.71 93.25
N ASP UD 135 85.34 -54.96 93.14
CA ASP UD 135 85.95 -56.05 93.89
C ASP UD 135 87.35 -56.38 93.38
N ASP UD 136 87.59 -56.24 92.08
CA ASP UD 136 88.89 -56.61 91.52
C ASP UD 136 89.97 -55.62 91.92
N TYR UD 137 89.63 -54.33 91.99
CA TYR UD 137 90.62 -53.28 92.23
C TYR UD 137 91.11 -53.29 93.68
N SER UD 138 91.87 -54.31 94.05
CA SER UD 138 92.51 -54.34 95.35
C SER UD 138 93.71 -53.39 95.37
N SER UD 139 94.04 -52.92 96.57
CA SER UD 139 94.98 -51.82 96.78
C SER UD 139 94.52 -50.54 96.10
N THR UD 140 93.30 -50.53 95.56
CA THR UD 140 92.61 -49.38 94.98
C THR UD 140 93.29 -48.87 93.70
N ASN UD 141 94.38 -49.49 93.26
CA ASN UD 141 95.15 -48.93 92.17
C ASN UD 141 95.62 -49.92 91.10
N LYS UD 142 95.49 -51.23 91.29
CA LYS UD 142 96.09 -52.14 90.32
C LYS UD 142 95.33 -53.46 90.25
N ILE UD 143 95.45 -54.10 89.08
CA ILE UD 143 94.92 -55.43 88.80
C ILE UD 143 96.09 -56.37 88.49
N GLN UD 144 96.03 -57.57 89.03
CA GLN UD 144 97.03 -58.61 88.75
C GLN UD 144 96.33 -59.79 88.10
N LEU UD 145 96.84 -60.19 86.93
CA LEU UD 145 96.28 -61.29 86.15
C LEU UD 145 97.41 -62.20 85.67
N LYS UD 146 97.43 -63.44 86.15
CA LYS UD 146 98.37 -64.43 85.62
C LYS UD 146 97.75 -65.21 84.46
N VAL UD 147 98.63 -65.82 83.66
CA VAL UD 147 98.26 -66.52 82.44
C VAL UD 147 98.50 -68.01 82.64
N GLU UD 148 97.54 -68.83 82.24
CA GLU UD 148 97.68 -70.27 82.33
C GLU UD 148 97.55 -70.88 80.94
N ALA UD 149 98.48 -71.75 80.60
CA ALA UD 149 98.60 -72.28 79.24
C ALA UD 149 98.45 -73.80 79.24
N TYR UD 150 97.70 -74.30 78.26
CA TYR UD 150 97.61 -75.72 77.94
C TYR UD 150 97.91 -75.88 76.46
N TYR UD 151 98.68 -76.92 76.11
CA TYR UD 151 99.21 -77.00 74.75
C TYR UD 151 99.50 -78.45 74.37
N GLU UD 152 99.59 -78.66 73.06
CA GLU UD 152 100.14 -79.88 72.49
C GLU UD 152 100.92 -79.51 71.25
N ALA UD 153 102.19 -79.91 71.20
CA ALA UD 153 103.08 -79.52 70.11
C ALA UD 153 102.90 -80.44 68.91
N LYS UD 154 103.22 -79.91 67.73
CA LYS UD 154 103.16 -80.70 66.51
C LYS UD 154 104.24 -81.78 66.51
N GLU UD 155 103.96 -82.88 65.80
CA GLU UD 155 104.86 -84.02 65.77
C GLU UD 155 106.07 -83.73 64.89
N GLY UD 156 107.26 -83.84 65.47
CA GLY UD 156 108.49 -83.73 64.71
C GLY UD 156 108.86 -82.33 64.27
N MET UD 157 108.36 -81.29 64.94
CA MET UD 157 108.65 -79.91 64.58
C MET UD 157 109.60 -79.32 65.60
N LEU UD 158 110.71 -78.75 65.12
CA LEU UD 158 111.72 -78.14 65.98
C LEU UD 158 111.87 -76.67 65.63
N PHE UD 159 111.97 -75.84 66.66
CA PHE UD 159 112.05 -74.39 66.47
C PHE UD 159 112.55 -73.76 67.76
N ASP UD 160 112.84 -72.46 67.68
CA ASP UD 160 113.27 -71.70 68.84
C ASP UD 160 113.01 -70.22 68.58
N SER UD 161 112.93 -69.45 69.66
CA SER UD 161 112.74 -68.00 69.61
C SER UD 161 111.46 -67.63 68.86
N LEU UD 162 110.33 -68.14 69.35
CA LEU UD 162 109.03 -67.85 68.77
C LEU UD 162 108.20 -67.04 69.76
N PRO UD 163 107.78 -65.82 69.41
CA PRO UD 163 107.05 -64.99 70.36
C PRO UD 163 105.54 -65.22 70.34
N VAL UD 164 104.93 -64.96 71.50
CA VAL UD 164 103.48 -64.98 71.67
C VAL UD 164 103.05 -63.60 72.12
N ILE UD 165 102.06 -63.03 71.42
CA ILE UD 165 101.68 -61.63 71.60
C ILE UD 165 100.21 -61.55 71.99
N LEU UD 166 99.91 -60.72 72.97
CA LEU UD 166 98.55 -60.43 73.39
C LEU UD 166 98.30 -58.93 73.29
N ASN UD 167 97.06 -58.55 72.95
CA ASN UD 167 96.70 -57.16 72.73
C ASN UD 167 95.51 -56.80 73.61
N PHE UD 168 95.45 -55.54 74.05
CA PHE UD 168 94.39 -55.02 74.89
C PHE UD 168 93.76 -53.79 74.24
N GLN UD 169 92.44 -53.70 74.35
CA GLN UD 169 91.70 -52.54 73.83
C GLN UD 169 90.57 -52.20 74.80
N VAL UD 170 90.42 -50.90 75.06
CA VAL UD 170 89.41 -50.39 75.99
C VAL UD 170 88.14 -50.09 75.20
N LEU UD 171 87.01 -50.64 75.67
CA LEU UD 171 85.72 -50.40 75.04
C LEU UD 171 84.88 -49.36 75.76
N SER UD 172 84.92 -49.33 77.09
CA SER UD 172 84.15 -48.37 77.87
C SER UD 172 84.74 -48.29 79.26
N VAL UD 173 84.74 -47.08 79.82
CA VAL UD 173 85.21 -46.84 81.18
C VAL UD 173 84.24 -45.92 81.89
N SER UD 174 84.08 -46.11 83.19
CA SER UD 174 83.18 -45.29 83.99
C SER UD 174 83.68 -45.16 85.42
N THR VD 26 85.04 24.99 64.68
CA THR VD 26 83.89 24.10 64.58
C THR VD 26 84.28 22.82 63.83
N THR VD 27 84.77 21.83 64.56
CA THR VD 27 85.21 20.57 64.00
C THR VD 27 84.44 19.43 64.62
N GLN VD 28 83.96 18.51 63.77
CA GLN VD 28 83.21 17.35 64.20
C GLN VD 28 84.12 16.13 64.16
N SER VD 29 84.23 15.42 65.30
CA SER VD 29 85.15 14.30 65.37
C SER VD 29 84.41 12.97 65.37
N PRO VD 30 84.97 11.94 64.72
CA PRO VD 30 84.32 10.63 64.74
C PRO VD 30 84.60 9.81 66.00
N LEU VD 31 85.65 10.15 66.76
CA LEU VD 31 85.94 9.53 68.05
C LEU VD 31 86.21 8.03 67.92
N ASN VD 32 87.08 7.68 66.96
CA ASN VD 32 87.46 6.28 66.78
C ASN VD 32 88.94 6.13 66.45
N SER VD 33 89.76 7.12 66.79
CA SER VD 33 91.19 7.10 66.48
C SER VD 33 92.00 6.59 67.67
N PHE VD 34 91.75 5.34 68.05
CA PHE VD 34 92.48 4.71 69.14
C PHE VD 34 92.81 3.27 68.76
N TYR VD 35 94.05 2.85 69.03
CA TYR VD 35 94.51 1.53 68.63
C TYR VD 35 95.49 0.97 69.65
N ALA VD 36 95.63 -0.35 69.63
CA ALA VD 36 96.61 -1.07 70.43
C ALA VD 36 97.06 -2.30 69.65
N THR VD 37 98.34 -2.64 69.75
CA THR VD 37 98.93 -3.65 68.88
C THR VD 37 99.74 -4.67 69.67
N GLY VD 38 99.62 -5.93 69.28
CA GLY VD 38 100.46 -6.99 69.80
C GLY VD 38 101.09 -7.83 68.70
N THR VD 39 101.75 -8.92 69.04
CA THR VD 39 102.43 -9.75 68.05
C THR VD 39 102.33 -11.22 68.45
N ALA VD 40 102.56 -12.09 67.46
CA ALA VD 40 102.57 -13.53 67.68
C ALA VD 40 103.48 -14.18 66.64
N GLN VD 41 103.92 -15.40 66.94
CA GLN VD 41 104.83 -16.11 66.05
C GLN VD 41 104.82 -17.60 66.37
N ALA VD 42 105.33 -18.39 65.42
CA ALA VD 42 105.53 -19.82 65.61
C ALA VD 42 106.59 -20.26 64.60
N VAL VD 43 107.79 -20.59 65.09
CA VAL VD 43 108.93 -20.78 64.22
C VAL VD 43 109.64 -22.12 64.45
N GLN VD 44 108.93 -23.14 64.93
CA GLN VD 44 109.55 -24.45 65.10
C GLN VD 44 108.49 -25.54 65.06
N GLU VD 45 108.93 -26.74 64.66
CA GLU VD 45 108.08 -27.91 64.59
C GLU VD 45 107.87 -28.53 65.97
N PRO VD 46 106.75 -29.23 66.18
CA PRO VD 46 106.44 -29.73 67.53
C PRO VD 46 107.50 -30.65 68.13
N ILE VD 47 108.09 -31.53 67.32
CA ILE VD 47 108.97 -32.57 67.85
C ILE VD 47 110.29 -32.57 67.09
N ASP VD 48 111.31 -33.18 67.70
CA ASP VD 48 112.59 -33.43 67.09
C ASP VD 48 112.96 -34.88 67.38
N VAL VD 49 113.55 -35.57 66.39
CA VAL VD 49 113.80 -37.00 66.48
C VAL VD 49 115.28 -37.27 66.21
N GLU VD 50 115.90 -38.06 67.08
CA GLU VD 50 117.30 -38.44 66.93
C GLU VD 50 117.43 -39.94 67.10
N SER VD 51 118.30 -40.56 66.30
CA SER VD 51 118.41 -42.01 66.21
C SER VD 51 119.73 -42.49 66.82
N HIS VD 52 119.67 -43.65 67.49
CA HIS VD 52 120.84 -44.30 68.06
C HIS VD 52 120.79 -45.81 67.84
N LEU VD 53 120.41 -46.23 66.63
CA LEU VD 53 120.36 -47.66 66.29
C LEU VD 53 121.73 -48.09 65.81
N ASP VD 54 122.53 -48.63 66.73
CA ASP VD 54 123.92 -48.98 66.47
C ASP VD 54 124.19 -50.46 66.77
N ASN VD 55 123.29 -51.33 66.34
CA ASN VD 55 123.50 -52.77 66.41
C ASN VD 55 123.11 -53.41 65.09
N THR VD 56 123.77 -54.51 64.74
CA THR VD 56 123.61 -55.16 63.45
C THR VD 56 123.02 -56.55 63.64
N ILE VD 57 121.98 -56.85 62.87
CA ILE VD 57 121.43 -58.20 62.82
C ILE VD 57 122.36 -59.04 61.94
N ALA VD 58 123.17 -59.89 62.56
CA ALA VD 58 124.19 -60.66 61.87
C ALA VD 58 124.07 -62.13 62.23
N PRO VD 59 123.07 -62.82 61.68
CA PRO VD 59 122.98 -64.26 61.85
C PRO VD 59 123.65 -65.00 60.69
N ALA VD 60 123.70 -66.32 60.82
CA ALA VD 60 124.13 -67.16 59.72
C ALA VD 60 122.98 -67.33 58.72
N ALA VD 61 123.32 -67.87 57.55
CA ALA VD 61 122.33 -68.05 56.49
C ALA VD 61 121.29 -69.08 56.91
N GLY VD 62 120.02 -68.70 56.88
CA GLY VD 62 118.94 -69.62 57.19
C GLY VD 62 118.67 -69.82 58.66
N ALA VD 63 119.28 -69.05 59.54
CA ALA VD 63 119.15 -69.23 60.97
C ALA VD 63 117.97 -68.45 61.53
N GLN VD 64 117.47 -68.91 62.68
CA GLN VD 64 116.41 -68.25 63.42
C GLN VD 64 117.02 -67.60 64.65
N GLY VD 65 116.73 -66.32 64.86
CA GLY VD 65 117.46 -65.58 65.87
C GLY VD 65 116.66 -64.66 66.77
N TYR VD 66 117.38 -63.82 67.52
CA TYR VD 66 116.81 -62.96 68.55
C TYR VD 66 117.81 -61.84 68.85
N LYS VD 67 117.45 -60.59 68.60
CA LYS VD 67 118.43 -59.52 68.65
C LYS VD 67 117.74 -58.22 69.05
N ASP VD 68 118.51 -57.35 69.71
CA ASP VD 68 118.10 -55.97 70.00
C ASP VD 68 118.97 -55.01 69.20
N MET VD 69 118.48 -53.78 69.01
CA MET VD 69 119.07 -52.86 68.06
C MET VD 69 119.62 -51.58 68.70
N GLY VD 70 118.80 -50.90 69.49
CA GLY VD 70 119.19 -49.60 70.03
C GLY VD 70 117.96 -48.87 70.53
N TYR VD 71 118.05 -47.54 70.56
CA TYR VD 71 116.94 -46.72 71.03
C TYR VD 71 116.89 -45.43 70.25
N VAL VD 72 115.72 -44.78 70.30
CA VAL VD 72 115.45 -43.54 69.56
C VAL VD 72 114.94 -42.49 70.53
N LYS VD 73 115.40 -41.26 70.37
CA LYS VD 73 115.05 -40.15 71.25
C LYS VD 73 114.07 -39.20 70.54
N ILE VD 74 113.05 -38.76 71.28
CA ILE VD 74 112.06 -37.81 70.79
C ILE VD 74 112.05 -36.62 71.74
N ILE VD 75 112.04 -35.41 71.18
CA ILE VD 75 112.09 -34.18 71.95
C ILE VD 75 110.83 -33.38 71.66
N ASN VD 76 110.17 -32.90 72.72
CA ASN VD 76 108.91 -32.16 72.63
C ASN VD 76 109.08 -30.74 73.16
N TYR VD 77 108.40 -29.80 72.50
CA TYR VD 77 108.67 -28.38 72.61
C TYR VD 77 107.48 -27.63 73.22
N THR VD 78 107.56 -26.30 73.17
CA THR VD 78 106.70 -25.43 73.98
C THR VD 78 105.22 -25.70 73.74
N ASP VD 79 104.46 -25.76 74.84
CA ASP VD 79 103.01 -25.89 74.83
C ASP VD 79 102.54 -27.19 74.18
N VAL VD 80 103.36 -28.24 74.23
CA VAL VD 80 103.02 -29.55 73.71
C VAL VD 80 102.83 -30.50 74.88
N ASN VD 81 101.71 -31.23 74.87
CA ASN VD 81 101.42 -32.18 75.93
C ASN VD 81 101.17 -33.60 75.44
N VAL VD 82 100.48 -33.76 74.31
CA VAL VD 82 100.15 -35.07 73.77
C VAL VD 82 100.47 -35.09 72.28
N VAL VD 83 101.11 -36.17 71.83
CA VAL VD 83 101.52 -36.32 70.44
C VAL VD 83 100.99 -37.64 69.90
N LYS VD 84 100.41 -37.59 68.70
CA LYS VD 84 99.97 -38.79 67.99
C LYS VD 84 100.91 -39.04 66.82
N LEU VD 85 101.43 -40.26 66.73
CA LEU VD 85 102.47 -40.58 65.77
C LEU VD 85 102.08 -41.81 64.95
N LYS VD 86 102.64 -41.88 63.74
CA LYS VD 86 102.50 -43.04 62.86
C LYS VD 86 103.88 -43.51 62.44
N VAL VD 87 104.16 -44.79 62.65
CA VAL VD 87 105.47 -45.37 62.36
C VAL VD 87 105.30 -46.47 61.32
N THR VD 88 106.15 -46.46 60.30
CA THR VD 88 106.07 -47.41 59.20
C THR VD 88 107.46 -47.84 58.78
N LEU VD 89 107.52 -48.97 58.07
CA LEU VD 89 108.75 -49.48 57.48
C LEU VD 89 108.84 -48.96 56.06
N ALA VD 90 109.84 -48.12 55.79
CA ALA VD 90 109.92 -47.44 54.50
C ALA VD 90 110.38 -48.38 53.39
N ASN VD 91 111.29 -49.29 53.69
CA ASN VD 91 111.87 -50.14 52.65
C ASN VD 91 111.53 -51.61 52.86
N ALA VD 92 110.26 -51.88 53.17
CA ALA VD 92 109.83 -53.26 53.39
C ALA VD 92 109.92 -54.09 52.10
N ALA VD 93 109.66 -53.45 50.95
CA ALA VD 93 109.71 -54.18 49.69
C ALA VD 93 111.12 -54.67 49.38
N GLN VD 94 112.14 -53.88 49.69
CA GLN VD 94 113.52 -54.29 49.45
C GLN VD 94 113.93 -55.46 50.34
N LEU VD 95 113.42 -55.50 51.57
CA LEU VD 95 113.81 -56.52 52.53
C LEU VD 95 113.08 -57.85 52.33
N ARG VD 96 112.04 -57.88 51.49
CA ARG VD 96 111.29 -59.13 51.31
C ARG VD 96 112.12 -60.29 50.77
N PRO VD 97 112.94 -60.14 49.72
CA PRO VD 97 113.69 -61.31 49.22
C PRO VD 97 114.72 -61.86 50.19
N TYR VD 98 115.04 -61.14 51.27
CA TYR VD 98 116.10 -61.56 52.18
C TYR VD 98 115.59 -62.23 53.44
N PHE VD 99 114.29 -62.16 53.73
CA PHE VD 99 113.75 -62.67 54.98
C PHE VD 99 112.46 -63.42 54.75
N LYS VD 100 112.26 -64.51 55.50
CA LYS VD 100 110.96 -65.14 55.56
C LYS VD 100 110.00 -64.33 56.44
N TYR VD 101 110.49 -63.80 57.56
CA TYR VD 101 109.69 -62.92 58.40
C TYR VD 101 110.62 -62.05 59.22
N LEU VD 102 110.12 -60.90 59.64
CA LEU VD 102 110.88 -59.95 60.45
C LEU VD 102 109.91 -59.09 61.23
N GLN VD 103 110.04 -59.08 62.55
CA GLN VD 103 109.13 -58.35 63.41
C GLN VD 103 109.90 -57.41 64.32
N LEU VD 104 109.39 -56.20 64.48
CA LEU VD 104 109.99 -55.18 65.32
C LEU VD 104 109.04 -54.82 66.45
N VAL VD 105 109.58 -54.76 67.66
CA VAL VD 105 108.81 -54.47 68.87
C VAL VD 105 109.30 -53.17 69.46
N LEU VD 106 108.40 -52.22 69.69
CA LEU VD 106 108.72 -50.92 70.25
C LEU VD 106 108.12 -50.80 71.64
N THR VD 107 108.95 -50.41 72.61
CA THR VD 107 108.51 -50.27 73.99
C THR VD 107 108.92 -48.90 74.54
N SER VD 108 108.03 -48.28 75.29
CA SER VD 108 108.32 -47.03 75.97
C SER VD 108 108.85 -47.35 77.37
N ASN VD 109 109.96 -46.72 77.74
CA ASN VD 109 110.71 -47.05 78.95
C ASN VD 109 111.12 -45.78 79.70
N ALA VD 110 111.02 -44.62 79.06
CA ALA VD 110 111.58 -43.38 79.61
C ALA VD 110 111.11 -43.11 81.04
N SER VD 111 109.92 -43.59 81.40
CA SER VD 111 109.48 -43.63 82.79
C SER VD 111 109.94 -44.93 83.42
N SER VD 112 110.75 -44.81 84.48
CA SER VD 112 111.28 -45.99 85.14
C SER VD 112 110.19 -46.81 85.81
N THR VD 113 109.02 -46.23 86.06
CA THR VD 113 107.92 -46.94 86.70
C THR VD 113 106.97 -47.59 85.70
N VAL VD 114 106.83 -47.03 84.50
CA VAL VD 114 105.87 -47.50 83.51
C VAL VD 114 106.61 -47.90 82.25
N GLU VD 115 106.85 -49.21 82.08
CA GLU VD 115 107.33 -49.76 80.82
C GLU VD 115 106.14 -50.28 80.03
N GLU VD 116 106.05 -49.87 78.77
CA GLU VD 116 104.94 -50.29 77.92
C GLU VD 116 105.40 -50.56 76.50
N THR VD 117 104.98 -51.69 75.95
CA THR VD 117 105.13 -51.95 74.52
C THR VD 117 103.98 -51.30 73.77
N LYS VD 118 104.30 -50.53 72.74
CA LYS VD 118 103.31 -49.72 72.04
C LYS VD 118 102.88 -50.29 70.69
N ALA VD 119 103.79 -50.85 69.92
CA ALA VD 119 103.42 -51.35 68.59
C ALA VD 119 104.35 -52.49 68.19
N VAL VD 120 103.86 -53.31 67.27
CA VAL VD 120 104.62 -54.39 66.66
C VAL VD 120 104.54 -54.21 65.14
N LEU VD 121 105.70 -54.16 64.49
CA LEU VD 121 105.76 -53.98 63.05
C LEU VD 121 106.28 -55.25 62.39
N SER VD 122 105.80 -55.50 61.16
CA SER VD 122 106.18 -56.69 60.42
C SER VD 122 106.19 -56.36 58.94
N LEU VD 123 106.73 -57.30 58.14
CA LEU VD 123 106.80 -57.10 56.70
C LEU VD 123 105.43 -57.18 56.04
N LYS VD 124 104.45 -57.82 56.69
CA LYS VD 124 103.10 -57.89 56.13
C LYS VD 124 102.22 -56.74 56.57
N LYS VD 125 102.44 -56.21 57.77
CA LYS VD 125 101.70 -55.05 58.30
C LYS VD 125 102.72 -54.03 58.76
N PRO VD 126 103.22 -53.19 57.87
CA PRO VD 126 104.37 -52.33 58.20
C PRO VD 126 104.04 -51.09 59.02
N SER VD 127 102.77 -50.71 59.15
CA SER VD 127 102.41 -49.44 59.74
C SER VD 127 101.65 -49.65 61.05
N ALA VD 128 101.80 -48.69 61.96
CA ALA VD 128 101.12 -48.71 63.24
C ALA VD 128 100.97 -47.28 63.75
N VAL VD 129 100.02 -47.09 64.67
CA VAL VD 129 99.74 -45.79 65.26
C VAL VD 129 99.86 -45.93 66.78
N ILE VD 130 100.62 -45.02 67.39
CA ILE VD 130 100.87 -45.06 68.83
C ILE VD 130 100.50 -43.71 69.44
N ILE VD 131 100.35 -43.72 70.77
CA ILE VD 131 99.96 -42.55 71.54
C ILE VD 131 100.98 -42.33 72.65
N LEU VD 132 101.47 -41.10 72.77
CA LEU VD 132 102.35 -40.70 73.87
C LEU VD 132 101.64 -39.64 74.70
N ASP VD 133 101.62 -39.85 76.02
CA ASP VD 133 100.88 -38.98 76.92
C ASP VD 133 101.72 -38.49 78.08
N ASN VD 134 101.07 -37.89 79.08
CA ASN VD 134 101.78 -37.27 80.21
C ASN VD 134 102.66 -38.27 80.94
N ASP VD 135 102.25 -39.53 81.01
CA ASP VD 135 103.04 -40.52 81.74
C ASP VD 135 104.35 -40.84 81.01
N ASP VD 136 104.34 -40.83 79.68
CA ASP VD 136 105.53 -41.19 78.93
C ASP VD 136 106.61 -40.13 79.03
N TYR VD 137 106.22 -38.86 79.04
CA TYR VD 137 107.17 -37.74 79.01
C TYR VD 137 107.92 -37.59 80.34
N SER VD 138 108.78 -38.55 80.65
CA SER VD 138 109.65 -38.42 81.82
C SER VD 138 110.77 -37.43 81.52
N SER VD 139 111.30 -36.84 82.59
CA SER VD 139 112.19 -35.68 82.54
C SER VD 139 111.54 -34.49 81.84
N THR VD 140 110.25 -34.58 81.53
CA THR VD 140 109.41 -33.51 80.99
C THR VD 140 109.80 -33.11 79.58
N ASN VD 141 110.84 -33.73 79.00
CA ASN VD 141 111.36 -33.24 77.73
C ASN VD 141 111.69 -34.31 76.68
N LYS VD 142 111.67 -35.61 77.02
CA LYS VD 142 112.13 -36.58 76.04
C LYS VD 142 111.45 -37.92 76.22
N ILE VD 143 111.39 -38.68 75.11
CA ILE VD 143 110.90 -40.05 75.04
C ILE VD 143 112.05 -40.96 74.61
N GLN VD 144 112.16 -42.11 75.26
CA GLN VD 144 113.15 -43.12 74.90
C GLN VD 144 112.41 -44.39 74.48
N LEU VD 145 112.72 -44.89 73.29
CA LEU VD 145 112.09 -46.08 72.72
C LEU VD 145 113.17 -46.98 72.12
N LYS VD 146 113.34 -48.17 72.69
CA LYS VD 146 114.22 -49.16 72.09
C LYS VD 146 113.45 -50.07 71.14
N VAL VD 147 114.21 -50.72 70.25
CA VAL VD 147 113.66 -51.55 69.19
C VAL VD 147 114.03 -53.00 69.46
N GLU VD 148 113.05 -53.90 69.32
CA GLU VD 148 113.29 -55.32 69.52
C GLU VD 148 112.96 -56.06 68.23
N ALA VD 149 113.85 -56.94 67.80
CA ALA VD 149 113.74 -57.58 66.50
C ALA VD 149 113.68 -59.11 66.65
N TYR VD 150 112.80 -59.72 65.87
CA TYR VD 150 112.74 -61.17 65.71
C TYR VD 150 112.78 -61.47 64.21
N TYR VD 151 113.53 -62.50 63.82
CA TYR VD 151 113.80 -62.68 62.40
C TYR VD 151 114.11 -64.14 62.11
N GLU VD 152 113.97 -64.49 60.83
CA GLU VD 152 114.48 -65.73 60.28
C GLU VD 152 115.01 -65.45 58.87
N ALA VD 153 116.26 -65.80 58.63
CA ALA VD 153 116.91 -65.49 57.37
C ALA VD 153 116.58 -66.53 56.31
N LYS VD 154 116.64 -66.10 55.05
CA LYS VD 154 116.42 -67.02 53.93
C LYS VD 154 117.53 -68.04 53.84
N GLU VD 155 117.20 -69.20 53.28
CA GLU VD 155 118.14 -70.31 53.19
C GLU VD 155 119.15 -70.06 52.08
N GLY VD 156 120.44 -70.07 52.44
CA GLY VD 156 121.49 -69.98 51.46
C GLY VD 156 121.70 -68.62 50.83
N MET VD 157 121.27 -67.54 51.49
CA MET VD 157 121.41 -66.19 50.97
C MET VD 157 122.51 -65.47 51.74
N LEU VD 158 123.47 -64.91 51.01
CA LEU VD 158 124.58 -64.18 51.61
C LEU VD 158 124.59 -62.74 51.11
N PHE VD 159 124.82 -61.80 52.02
CA PHE VD 159 124.77 -60.38 51.70
C PHE VD 159 125.47 -59.61 52.82
N ASP VD 160 125.67 -58.31 52.57
CA ASP VD 160 126.26 -57.42 53.55
C ASP VD 160 125.87 -55.99 53.22
N SER VD 161 125.94 -55.13 54.24
CA SER VD 161 125.66 -53.70 54.09
C SER VD 161 124.25 -53.46 53.55
N LEU VD 162 123.26 -53.96 54.29
CA LEU VD 162 121.86 -53.78 53.94
C LEU VD 162 121.17 -52.91 54.98
N PRO VD 163 120.63 -51.76 54.61
CA PRO VD 163 120.04 -50.86 55.60
C PRO VD 163 118.57 -51.14 55.89
N VAL VD 164 118.16 -50.80 57.11
CA VAL VD 164 116.77 -50.87 57.54
C VAL VD 164 116.35 -49.46 57.94
N ILE VD 165 115.22 -49.00 57.39
CA ILE VD 165 114.80 -47.61 57.51
C ILE VD 165 113.43 -47.56 58.15
N LEU VD 166 113.26 -46.63 59.11
CA LEU VD 166 111.97 -46.36 59.74
C LEU VD 166 111.63 -44.88 59.54
N ASN VD 167 110.34 -44.59 59.42
CA ASN VD 167 109.86 -43.25 59.15
C ASN VD 167 108.82 -42.85 60.19
N PHE VD 168 108.79 -41.56 60.51
CA PHE VD 168 107.86 -41.00 61.50
C PHE VD 168 107.06 -39.87 60.87
N GLN VD 169 105.77 -39.81 61.20
CA GLN VD 169 104.89 -38.74 60.74
C GLN VD 169 103.94 -38.36 61.86
N VAL VD 170 103.75 -37.05 62.03
CA VAL VD 170 102.91 -36.49 63.07
C VAL VD 170 101.50 -36.32 62.52
N LEU VD 171 100.51 -36.85 63.23
CA LEU VD 171 99.12 -36.73 62.83
C LEU VD 171 98.35 -35.66 63.61
N SER VD 172 98.64 -35.51 64.89
CA SER VD 172 97.96 -34.51 65.71
C SER VD 172 98.78 -34.27 66.97
N VAL VD 173 98.82 -33.01 67.41
CA VAL VD 173 99.52 -32.63 68.62
C VAL VD 173 98.63 -31.67 69.41
N SER VD 174 98.72 -31.74 70.74
CA SER VD 174 97.94 -30.89 71.61
C SER VD 174 98.68 -30.59 72.91
N THR WD 26 92.33 37.22 46.19
CA THR WD 26 91.24 36.28 46.38
C THR WD 26 91.55 34.95 45.69
N THR WD 27 92.22 34.06 46.40
CA THR WD 27 92.63 32.77 45.88
C THR WD 27 92.04 31.65 46.73
N GLN WD 28 91.47 30.64 46.07
CA GLN WD 28 90.88 29.49 46.73
C GLN WD 28 91.84 28.31 46.63
N SER WD 29 92.18 27.73 47.78
CA SER WD 29 93.17 26.65 47.78
C SER WD 29 92.51 25.31 48.04
N PRO WD 30 93.01 24.24 47.39
CA PRO WD 30 92.45 22.90 47.65
C PRO WD 30 93.00 22.23 48.89
N LEU WD 31 94.14 22.69 49.41
CA LEU WD 31 94.69 22.21 50.68
C LEU WD 31 95.03 20.72 50.64
N ASN WD 32 95.72 20.30 49.56
CA ASN WD 32 96.14 18.91 49.45
C ASN WD 32 97.54 18.78 48.86
N SER WD 33 98.35 19.83 48.96
CA SER WD 33 99.70 19.83 48.39
C SER WD 33 100.75 19.48 49.45
N PHE WD 34 100.64 18.26 49.98
CA PHE WD 34 101.59 17.76 50.97
C PHE WD 34 101.92 16.31 50.66
N TYR WD 35 103.21 15.98 50.73
CA TYR WD 35 103.67 14.64 50.37
C TYR WD 35 104.84 14.22 51.24
N ALA WD 36 105.05 12.91 51.31
CA ALA WD 36 106.20 12.31 51.98
C ALA WD 36 106.56 11.03 51.23
N THR WD 37 107.86 10.75 51.14
CA THR WD 37 108.34 9.69 50.26
C THR WD 37 109.33 8.79 50.98
N GLY WD 38 109.23 7.48 50.72
CA GLY WD 38 110.20 6.50 51.18
C GLY WD 38 110.67 5.61 50.05
N THR WD 39 111.43 4.57 50.36
CA THR WD 39 111.98 3.67 49.34
C THR WD 39 112.04 2.25 49.87
N ALA WD 40 112.14 1.30 48.95
CA ALA WD 40 112.26 -0.11 49.29
C ALA WD 40 113.00 -0.82 48.15
N GLN WD 41 113.56 -1.99 48.48
CA GLN WD 41 114.33 -2.75 47.50
C GLN WD 41 114.46 -4.19 47.94
N ALA WD 42 114.83 -5.05 46.98
CA ALA WD 42 115.14 -6.45 47.26
C ALA WD 42 116.03 -6.95 46.13
N VAL WD 43 117.31 -7.18 46.41
CA VAL WD 43 118.29 -7.41 45.36
C VAL WD 43 119.11 -8.69 45.57
N GLN WD 44 118.55 -9.68 46.27
CA GLN WD 44 119.26 -10.94 46.44
C GLN WD 44 118.27 -12.08 46.69
N GLU WD 45 118.71 -13.29 46.32
CA GLU WD 45 117.92 -14.50 46.50
C GLU WD 45 118.01 -14.98 47.95
N PRO WD 46 116.98 -15.71 48.42
CA PRO WD 46 116.95 -16.08 49.85
C PRO WD 46 118.14 -16.90 50.32
N ILE WD 47 118.63 -17.83 49.50
CA ILE WD 47 119.65 -18.78 49.94
C ILE WD 47 120.81 -18.81 48.95
N ASP WD 48 121.95 -19.31 49.43
CA ASP WD 48 123.12 -19.57 48.61
C ASP WD 48 123.61 -20.96 48.96
N VAL WD 49 124.05 -21.72 47.94
CA VAL WD 49 124.39 -23.13 48.11
C VAL WD 49 125.82 -23.36 47.60
N GLU WD 50 126.63 -24.04 48.40
CA GLU WD 50 128.00 -24.38 48.03
C GLU WD 50 128.24 -25.85 48.30
N SER WD 51 128.98 -26.51 47.41
CA SER WD 51 129.16 -27.95 47.43
C SER WD 51 130.58 -28.33 47.83
N HIS WD 52 130.71 -29.41 48.60
CA HIS WD 52 132.01 -29.96 49.00
C HIS WD 52 132.00 -31.48 48.93
N LEU WD 53 131.45 -32.04 47.84
CA LEU WD 53 131.40 -33.48 47.64
C LEU WD 53 132.69 -33.91 46.96
N ASP WD 54 133.67 -34.33 47.77
CA ASP WD 54 135.01 -34.65 47.29
C ASP WD 54 135.41 -36.07 47.65
N ASN WD 55 134.50 -37.03 47.48
CA ASN WD 55 134.80 -38.45 47.63
C ASN WD 55 134.21 -39.21 46.46
N THR WD 56 134.87 -40.31 46.10
CA THR WD 56 134.51 -41.10 44.93
C THR WD 56 134.04 -42.48 45.34
N ILE WD 57 132.89 -42.90 44.81
CA ILE WD 57 132.42 -44.27 44.97
C ILE WD 57 133.22 -45.15 44.01
N ALA WD 58 134.19 -45.90 44.56
CA ALA WD 58 135.11 -46.69 43.75
C ALA WD 58 135.14 -48.13 44.25
N PRO WD 59 134.09 -48.91 43.97
CA PRO WD 59 134.12 -50.34 44.28
C PRO WD 59 134.60 -51.15 43.09
N ALA WD 60 134.75 -52.45 43.32
CA ALA WD 60 135.03 -53.37 42.23
C ALA WD 60 133.73 -53.68 41.48
N ALA WD 61 133.87 -54.32 40.32
CA ALA WD 61 132.73 -54.63 39.49
C ALA WD 61 131.85 -55.66 40.17
N GLY WD 62 130.57 -55.34 40.34
CA GLY WD 62 129.61 -56.26 40.92
C GLY WD 62 129.62 -56.34 42.43
N ALA WD 63 130.34 -55.45 43.11
CA ALA WD 63 130.47 -55.51 44.56
C ALA WD 63 129.36 -54.72 45.25
N GLN WD 64 129.11 -55.09 46.51
CA GLN WD 64 128.17 -54.40 47.38
C GLN WD 64 128.95 -53.61 48.41
N GLY WD 65 128.63 -52.32 48.56
CA GLY WD 65 129.49 -51.46 49.35
C GLY WD 65 128.81 -50.49 50.30
N TYR WD 66 129.61 -49.57 50.82
CA TYR WD 66 129.19 -48.62 51.86
C TYR WD 66 130.16 -47.46 51.87
N LYS WD 67 129.68 -46.24 51.59
CA LYS WD 67 130.59 -45.13 51.35
C LYS WD 67 129.93 -43.82 51.76
N ASP WD 68 130.74 -42.87 52.18
CA ASP WD 68 130.32 -41.50 52.43
C ASP WD 68 130.97 -40.58 51.40
N MET WD 69 130.39 -39.39 51.19
CA MET WD 69 130.75 -38.54 50.07
C MET WD 69 131.32 -37.19 50.49
N GLY WD 70 130.63 -36.46 51.34
CA GLY WD 70 131.03 -35.11 51.70
C GLY WD 70 129.88 -34.38 52.34
N TYR WD 71 129.90 -33.05 52.24
CA TYR WD 71 128.84 -32.24 52.84
C TYR WD 71 128.57 -31.02 51.96
N VAL WD 72 127.41 -30.41 52.18
CA VAL WD 72 126.94 -29.27 51.39
C VAL WD 72 126.55 -28.15 52.35
N LYS WD 73 126.91 -26.92 51.99
CA LYS WD 73 126.65 -25.75 52.82
C LYS WD 73 125.52 -24.92 52.23
N ILE WD 74 124.63 -24.45 53.09
CA ILE WD 74 123.51 -23.60 52.71
C ILE WD 74 123.59 -22.32 53.54
N ILE WD 75 123.42 -21.16 52.88
CA ILE WD 75 123.54 -19.86 53.53
C ILE WD 75 122.21 -19.14 53.40
N ASN WD 76 121.72 -18.58 54.52
CA ASN WD 76 120.43 -17.91 54.60
C ASN WD 76 120.61 -16.45 54.97
N TYR WD 77 119.77 -15.60 54.36
CA TYR WD 77 119.97 -14.16 54.29
C TYR WD 77 118.87 -13.41 55.04
N THR WD 78 118.87 -12.08 54.87
CA THR WD 78 118.12 -11.17 55.73
C THR WD 78 116.63 -11.53 55.79
N ASP WD 79 116.09 -11.51 57.01
CA ASP WD 79 114.67 -11.70 57.30
C ASP WD 79 114.17 -13.07 56.86
N VAL WD 80 115.04 -14.07 56.85
CA VAL WD 80 114.69 -15.44 56.51
C VAL WD 80 114.75 -16.28 57.78
N ASN WD 81 113.71 -17.07 58.04
CA ASN WD 81 113.67 -17.92 59.22
C ASN WD 81 113.41 -19.38 58.89
N VAL WD 82 112.54 -19.67 57.93
CA VAL WD 82 112.18 -21.04 57.59
C VAL WD 82 112.23 -21.19 56.07
N VAL WD 83 112.84 -22.28 55.60
CA VAL WD 83 113.01 -22.55 54.18
C VAL WD 83 112.47 -23.94 53.87
N LYS WD 84 111.68 -24.03 52.80
CA LYS WD 84 111.18 -25.30 52.29
C LYS WD 84 111.92 -25.62 50.99
N LEU WD 85 112.47 -26.83 50.91
CA LEU WD 85 113.34 -27.22 49.80
C LEU WD 85 112.88 -28.52 49.18
N LYS WD 86 113.22 -28.69 47.91
CA LYS WD 86 112.98 -29.93 47.17
C LYS WD 86 114.29 -30.38 46.55
N VAL WD 87 114.69 -31.63 46.81
CA VAL WD 87 115.94 -32.18 46.34
C VAL WD 87 115.65 -33.38 45.45
N THR WD 88 116.31 -33.44 44.30
CA THR WD 88 116.07 -34.49 43.31
C THR WD 88 117.40 -34.90 42.68
N LEU WD 89 117.38 -36.09 42.08
CA LEU WD 89 118.52 -36.61 41.32
C LEU WD 89 118.32 -36.23 39.86
N ALA WD 90 119.21 -35.37 39.34
CA ALA WD 90 119.02 -34.82 38.01
C ALA WD 90 119.33 -35.84 36.92
N ASN WD 91 120.33 -36.70 37.12
CA ASN WD 91 120.76 -37.61 36.07
C ASN WD 91 120.55 -39.07 36.47
N ALA WD 92 119.37 -39.36 37.04
CA ALA WD 92 119.06 -40.72 37.45
C ALA WD 92 118.97 -41.66 36.24
N ALA WD 93 118.47 -41.15 35.11
CA ALA WD 93 118.34 -41.99 33.92
C ALA WD 93 119.69 -42.47 33.41
N GLN WD 94 120.70 -41.61 33.47
CA GLN WD 94 122.03 -41.98 33.00
C GLN WD 94 122.67 -43.04 33.89
N LEU WD 95 122.39 -42.98 35.21
CA LEU WD 95 123.00 -43.89 36.17
C LEU WD 95 122.32 -45.26 36.22
N ARG WD 96 121.16 -45.42 35.58
CA ARG WD 96 120.45 -46.70 35.65
C ARG WD 96 121.24 -47.87 35.08
N PRO WD 97 121.85 -47.80 33.89
CA PRO WD 97 122.55 -48.98 33.36
C PRO WD 97 123.77 -49.39 34.17
N TYR WD 98 124.24 -48.56 35.09
CA TYR WD 98 125.47 -48.84 35.84
C TYR WD 98 125.23 -49.41 37.23
N PHE WD 99 124.00 -49.37 37.74
CA PHE WD 99 123.73 -49.77 39.11
C PHE WD 99 122.46 -50.59 39.18
N LYS WD 100 122.47 -51.61 40.05
CA LYS WD 100 121.23 -52.28 40.42
C LYS WD 100 120.40 -51.43 41.37
N TYR WD 101 121.05 -50.78 42.34
CA TYR WD 101 120.37 -49.86 43.22
C TYR WD 101 121.39 -48.88 43.79
N LEU WD 102 120.90 -47.70 44.18
CA LEU WD 102 121.73 -46.66 44.76
C LEU WD 102 120.87 -45.76 45.62
N GLN WD 103 121.24 -45.61 46.88
CA GLN WD 103 120.46 -44.84 47.84
C GLN WD 103 121.33 -43.79 48.49
N LEU WD 104 120.78 -42.59 48.64
CA LEU WD 104 121.47 -41.47 49.26
C LEU WD 104 120.72 -41.04 50.51
N VAL WD 105 121.46 -40.85 51.60
CA VAL WD 105 120.90 -40.47 52.90
C VAL WD 105 121.43 -39.09 53.27
N LEU WD 106 120.52 -38.17 53.57
CA LEU WD 106 120.86 -36.80 53.94
C LEU WD 106 120.53 -36.58 55.41
N THR WD 107 121.48 -36.06 56.17
CA THR WD 107 121.30 -35.80 57.59
C THR WD 107 121.73 -34.38 57.94
N SER WD 108 120.94 -33.72 58.79
CA SER WD 108 121.29 -32.39 59.29
C SER WD 108 122.07 -32.56 60.59
N ASN WD 109 123.20 -31.86 60.68
CA ASN WD 109 124.17 -32.04 61.76
C ASN WD 109 124.63 -30.69 62.31
N ALA WD 110 124.35 -29.60 61.60
CA ALA WD 110 124.93 -28.29 61.92
C ALA WD 110 124.72 -27.91 63.39
N SER WD 111 123.64 -28.39 64.00
CA SER WD 111 123.45 -28.31 65.44
C SER WD 111 124.09 -29.53 66.10
N SER WD 112 125.08 -29.28 66.97
CA SER WD 112 125.78 -30.37 67.62
C SER WD 112 124.87 -31.16 68.56
N THR WD 113 123.74 -30.60 68.96
CA THR WD 113 122.81 -31.29 69.85
C THR WD 113 121.74 -32.08 69.10
N VAL WD 114 121.35 -31.64 67.91
CA VAL WD 114 120.26 -32.24 67.16
C VAL WD 114 120.79 -32.73 65.82
N GLU WD 115 121.06 -34.03 65.72
CA GLU WD 115 121.34 -34.69 64.46
C GLU WD 115 120.07 -35.33 63.95
N GLU WD 116 119.70 -35.05 62.69
CA GLU WD 116 118.48 -35.59 62.10
C GLU WD 116 118.72 -35.97 60.65
N THR WD 117 118.27 -37.17 60.28
CA THR WD 117 118.17 -37.56 58.88
C THR WD 117 116.86 -37.03 58.31
N LYS WD 118 116.95 -36.35 57.16
CA LYS WD 118 115.81 -35.65 56.59
C LYS WD 118 115.17 -36.36 55.41
N ALA WD 119 115.97 -36.97 54.52
CA ALA WD 119 115.39 -37.60 53.34
C ALA WD 119 116.29 -38.74 52.89
N VAL WD 120 115.69 -39.66 52.14
CA VAL WD 120 116.40 -40.77 51.49
C VAL WD 120 116.03 -40.74 50.02
N LEU WD 121 117.04 -40.70 49.15
CA LEU WD 121 116.83 -40.66 47.71
C LEU WD 121 117.29 -41.98 47.08
N SER WD 122 116.63 -42.35 46.00
CA SER WD 122 116.93 -43.59 45.31
C SER WD 122 116.65 -43.41 43.83
N LEU WD 123 117.09 -44.40 43.03
CA LEU WD 123 116.89 -44.34 41.59
C LEU WD 123 115.44 -44.54 41.20
N LYS WD 124 114.63 -45.14 42.06
CA LYS WD 124 113.21 -45.32 41.78
C LYS WD 124 112.35 -44.17 42.27
N LYS WD 125 112.75 -43.52 43.36
CA LYS WD 125 112.06 -42.35 43.90
C LYS WD 125 113.09 -41.25 44.09
N PRO WD 126 113.37 -40.47 43.04
CA PRO WD 126 114.51 -39.55 43.08
C PRO WD 126 114.26 -38.25 43.84
N SER WD 127 113.02 -37.90 44.15
CA SER WD 127 112.69 -36.60 44.70
C SER WD 127 112.20 -36.71 46.13
N ALA WD 128 112.46 -35.66 46.91
CA ALA WD 128 112.02 -35.59 48.29
C ALA WD 128 111.89 -34.12 48.70
N VAL WD 129 111.10 -33.89 49.75
CA VAL WD 129 110.86 -32.55 50.28
C VAL WD 129 111.26 -32.52 51.74
N ILE WD 130 112.07 -31.54 52.14
CA ILE WD 130 112.57 -31.42 53.49
C ILE WD 130 112.24 -30.04 54.05
N ILE WD 131 112.33 -29.93 55.37
CA ILE WD 131 112.03 -28.70 56.10
C ILE WD 131 113.21 -28.34 56.97
N LEU WD 132 113.65 -27.08 56.90
CA LEU WD 132 114.69 -26.54 57.77
C LEU WD 132 114.09 -25.45 58.62
N ASP WD 133 114.31 -25.53 59.93
CA ASP WD 133 113.69 -24.59 60.87
C ASP WD 133 114.71 -23.96 61.82
N ASN WD 134 114.21 -23.29 62.87
CA ASN WD 134 115.07 -22.54 63.78
C ASN WD 134 116.13 -23.44 64.42
N ASP WD 135 115.81 -24.70 64.69
CA ASP WD 135 116.77 -25.58 65.34
C ASP WD 135 117.94 -25.92 64.41
N ASP WD 136 117.69 -26.03 63.10
CA ASP WD 136 118.75 -26.43 62.18
C ASP WD 136 119.77 -25.31 61.99
N TYR WD 137 119.32 -24.06 61.96
CA TYR WD 137 120.17 -22.92 61.66
C TYR WD 137 121.13 -22.61 62.81
N SER WD 138 122.11 -23.49 63.04
CA SER WD 138 123.16 -23.22 64.00
C SER WD 138 124.15 -22.22 63.43
N SER WD 139 124.83 -21.50 64.33
CA SER WD 139 125.63 -20.32 64.01
C SER WD 139 124.80 -19.24 63.33
N THR WD 140 123.48 -19.40 63.29
CA THR WD 140 122.49 -18.44 62.81
C THR WD 140 122.60 -18.15 61.32
N ASN WD 141 123.55 -18.78 60.62
CA ASN WD 141 123.82 -18.40 59.23
C ASN WD 141 124.00 -19.55 58.25
N LYS WD 142 124.12 -20.80 58.69
CA LYS WD 142 124.45 -21.85 57.73
C LYS WD 142 123.89 -23.20 58.15
N ILE WD 143 123.68 -24.06 57.15
CA ILE WD 143 123.26 -25.45 57.30
C ILE WD 143 124.36 -26.34 56.74
N GLN WD 144 124.65 -27.43 57.45
CA GLN WD 144 125.61 -28.43 57.01
C GLN WD 144 124.89 -29.76 56.84
N LEU WD 145 125.00 -30.36 55.66
CA LEU WD 145 124.35 -31.62 55.33
C LEU WD 145 125.35 -32.53 54.62
N LYS WD 146 125.69 -33.65 55.25
CA LYS WD 146 126.49 -34.67 54.58
C LYS WD 146 125.62 -35.69 53.88
N VAL WD 147 126.25 -36.39 52.93
CA VAL WD 147 125.56 -37.34 52.06
C VAL WD 147 126.06 -38.75 52.39
N GLU WD 148 125.12 -39.69 52.51
CA GLU WD 148 125.47 -41.08 52.78
C GLU WD 148 124.95 -41.94 51.65
N ALA WD 149 125.80 -42.83 51.13
CA ALA WD 149 125.51 -43.61 49.94
C ALA WD 149 125.56 -45.10 50.23
N TYR WD 150 124.59 -45.82 49.69
CA TYR WD 150 124.58 -47.28 49.66
C TYR WD 150 124.36 -47.72 48.22
N TYR WD 151 125.09 -48.75 47.79
CA TYR WD 151 125.12 -49.06 46.37
C TYR WD 151 125.44 -50.53 46.15
N GLU WD 152 125.09 -51.01 44.96
CA GLU WD 152 125.57 -52.28 44.43
C GLU WD 152 125.81 -52.12 42.94
N ALA WD 153 127.03 -52.43 42.49
CA ALA WD 153 127.42 -52.21 41.11
C ALA WD 153 126.96 -53.36 40.23
N LYS WD 154 126.78 -53.07 38.95
CA LYS WD 154 126.40 -54.09 37.98
C LYS WD 154 127.54 -55.08 37.77
N GLU WD 155 127.17 -56.30 37.38
CA GLU WD 155 128.14 -57.38 37.22
C GLU WD 155 128.93 -57.19 35.93
N GLY WD 156 130.25 -57.11 36.04
CA GLY WD 156 131.11 -57.07 34.88
C GLY WD 156 131.12 -55.78 34.11
N MET WD 157 130.76 -54.67 34.73
CA MET WD 157 130.73 -53.36 34.07
C MET WD 157 131.90 -52.53 34.57
N LEU WD 158 132.68 -52.00 33.64
CA LEU WD 158 133.84 -51.17 33.95
C LEU WD 158 133.67 -49.79 33.33
N PHE WD 159 134.02 -48.76 34.10
CA PHE WD 159 133.84 -47.38 33.67
C PHE WD 159 134.67 -46.47 34.56
N ASP WD 160 134.76 -45.20 34.17
CA ASP WD 160 135.46 -44.20 34.95
C ASP WD 160 134.94 -42.83 34.57
N SER WD 161 135.14 -41.87 35.47
CA SER WD 161 134.76 -40.46 35.25
C SER WD 161 133.26 -40.33 34.98
N LEU WD 162 132.45 -40.80 35.92
CA LEU WD 162 131.00 -40.71 35.82
C LEU WD 162 130.47 -39.77 36.89
N PRO WD 163 129.81 -38.68 36.52
CA PRO WD 163 129.35 -37.71 37.53
C PRO WD 163 127.97 -38.03 38.09
N VAL WD 164 127.77 -37.59 39.33
CA VAL WD 164 126.49 -37.66 40.03
C VAL WD 164 126.06 -36.25 40.38
N ILE WD 165 124.84 -35.88 40.00
CA ILE WD 165 124.37 -34.50 40.07
C ILE WD 165 123.13 -34.45 40.95
N LEU WD 166 123.08 -33.44 41.83
CA LEU WD 166 121.92 -33.16 42.66
C LEU WD 166 121.46 -31.73 42.41
N ASN WD 167 120.15 -31.50 42.49
CA ASN WD 167 119.56 -30.20 42.21
C ASN WD 167 118.70 -29.75 43.38
N PHE WD 168 118.66 -28.43 43.59
CA PHE WD 168 117.89 -27.83 44.66
C PHE WD 168 116.92 -26.80 44.10
N GLN WD 169 115.72 -26.75 44.66
CA GLN WD 169 114.71 -25.77 44.28
C GLN WD 169 113.96 -25.31 45.52
N VAL WD 170 113.74 -23.99 45.60
CA VAL WD 170 113.05 -23.38 46.73
C VAL WD 170 111.56 -23.31 46.43
N LEU WD 171 110.75 -23.82 47.36
CA LEU WD 171 109.30 -23.79 47.21
C LEU WD 171 108.63 -22.69 48.01
N SER WD 172 109.13 -22.40 49.21
CA SER WD 172 108.56 -21.35 50.05
C SER WD 172 109.58 -20.95 51.11
N VAL WD 173 109.63 -19.65 51.41
CA VAL WD 173 110.51 -19.13 52.45
C VAL WD 173 109.71 -18.15 53.30
N SER WD 174 110.06 -18.08 54.58
CA SER WD 174 109.39 -17.18 55.51
C SER WD 174 110.34 -16.73 56.61
N THR XD 26 95.49 47.87 25.67
CA THR XD 26 94.50 46.91 26.15
C THR XD 26 94.75 45.54 25.53
N THR XD 27 95.59 44.75 26.19
CA THR XD 27 95.97 43.42 25.70
C THR XD 27 95.60 42.38 26.74
N GLN XD 28 94.99 41.29 26.29
CA GLN XD 28 94.59 40.19 27.15
C GLN XD 28 95.58 39.04 26.98
N SER XD 29 96.16 38.59 28.09
CA SER XD 29 97.19 37.56 28.00
C SER XD 29 96.66 36.22 28.49
N PRO XD 30 97.09 35.12 27.86
CA PRO XD 30 96.67 33.79 28.33
C PRO XD 30 97.46 33.26 29.52
N LEU XD 31 98.65 33.80 29.77
CA LEU XD 31 99.45 33.47 30.95
C LEU XD 31 99.85 32.00 30.98
N ASN XD 32 100.37 31.51 29.85
CA ASN XD 32 100.84 30.13 29.77
C ASN XD 32 102.12 30.00 28.95
N SER XD 33 102.88 31.09 28.80
CA SER XD 33 104.10 31.09 28.00
C SER XD 33 105.33 30.88 28.87
N PHE XD 34 105.39 29.73 29.52
CA PHE XD 34 106.53 29.35 30.36
C PHE XD 34 106.88 27.89 30.12
N TYR XD 35 108.18 27.62 29.99
CA TYR XD 35 108.63 26.27 29.66
C TYR XD 35 109.97 25.99 30.34
N ALA XD 36 110.27 24.70 30.48
CA ALA XD 36 111.55 24.22 30.97
C ALA XD 36 111.84 22.89 30.30
N THR XD 37 113.11 22.65 29.98
CA THR XD 37 113.49 21.52 29.12
C THR XD 37 114.65 20.74 29.73
N GLY XD 38 114.57 19.41 29.61
CA GLY XD 38 115.66 18.52 29.96
C GLY XD 38 115.96 17.53 28.85
N THR XD 39 116.84 16.56 29.11
CA THR XD 39 117.23 15.59 28.08
C THR XD 39 117.47 14.23 28.73
N ALA XD 40 117.45 13.20 27.88
CA ALA XD 40 117.72 11.83 28.31
C ALA XD 40 118.27 11.04 27.13
N GLN XD 41 118.95 9.94 27.44
CA GLN XD 41 119.57 9.12 26.41
C GLN XD 41 119.87 7.73 26.95
N ALA XD 42 120.11 6.80 26.03
CA ALA XD 42 120.55 5.45 26.36
C ALA XD 42 121.24 4.88 25.13
N VAL XD 43 122.56 4.72 25.19
CA VAL XD 43 123.35 4.44 24.00
C VAL XD 43 124.25 3.22 24.17
N GLN XD 44 123.88 2.27 25.04
CA GLN XD 44 124.69 1.06 25.18
C GLN XD 44 123.83 -0.08 25.70
N GLU XD 45 124.26 -1.31 25.38
CA GLU XD 45 123.59 -2.52 25.81
C GLU XD 45 123.96 -2.86 27.26
N PRO XD 46 123.08 -3.57 27.97
CA PRO XD 46 123.32 -3.80 29.41
C PRO XD 46 124.62 -4.53 29.72
N ILE XD 47 125.02 -5.52 28.91
CA ILE XD 47 126.14 -6.37 29.24
C ILE XD 47 127.10 -6.46 28.05
N ASP XD 48 128.33 -6.86 28.36
CA ASP XD 48 129.35 -7.15 27.36
C ASP XD 48 129.98 -8.49 27.72
N VAL XD 49 130.26 -9.32 26.73
CA VAL XD 49 130.72 -10.69 26.95
C VAL XD 49 132.03 -10.91 26.21
N GLU XD 50 133.02 -11.48 26.90
CA GLU XD 50 134.31 -11.80 26.32
C GLU XD 50 134.68 -13.24 26.67
N SER XD 51 135.29 -13.94 25.72
CA SER XD 51 135.55 -15.36 25.83
C SER XD 51 137.04 -15.65 25.99
N HIS XD 52 137.36 -16.65 26.81
CA HIS XD 52 138.73 -17.10 27.02
C HIS XD 52 138.80 -18.62 27.09
N LEU XD 53 138.09 -19.30 26.18
CA LEU XD 53 138.09 -20.76 26.11
C LEU XD 53 139.27 -21.20 25.25
N ASP XD 54 140.39 -21.49 25.89
CA ASP XD 54 141.64 -21.81 25.20
C ASP XD 54 142.19 -23.18 25.61
N ASN XD 55 141.31 -24.18 25.70
CA ASN XD 55 141.72 -25.56 25.91
C ASN XD 55 140.97 -26.45 24.94
N THR XD 56 141.61 -27.57 24.58
CA THR XD 56 141.09 -28.47 23.55
C THR XD 56 140.78 -29.83 24.17
N ILE XD 57 139.59 -30.33 23.89
CA ILE XD 57 139.23 -31.71 24.26
C ILE XD 57 139.90 -32.63 23.25
N ALA XD 58 140.98 -33.29 23.66
CA ALA XD 58 141.79 -34.12 22.78
C ALA XD 58 141.98 -35.51 23.39
N PRO XD 59 140.95 -36.35 23.37
CA PRO XD 59 141.11 -37.74 23.80
C PRO XD 59 141.42 -38.64 22.61
N ALA XD 60 141.69 -39.90 22.93
CA ALA XD 60 141.81 -40.92 21.90
C ALA XD 60 140.42 -41.35 21.43
N ALA XD 61 140.39 -42.08 20.32
CA ALA XD 61 139.12 -42.53 19.74
C ALA XD 61 138.44 -43.52 20.67
N GLY XD 62 137.20 -43.24 21.04
CA GLY XD 62 136.42 -44.12 21.86
C GLY XD 62 136.70 -44.06 23.36
N ALA XD 63 137.48 -43.08 23.81
CA ALA XD 63 137.88 -42.99 25.20
C ALA XD 63 136.87 -42.19 26.02
N GLN XD 64 136.86 -42.44 27.32
CA GLN XD 64 136.05 -41.71 28.28
C GLN XD 64 136.97 -40.80 29.09
N GLY XD 65 136.60 -39.52 29.17
CA GLY XD 65 137.54 -38.55 29.72
C GLY XD 65 137.00 -37.52 30.68
N TYR XD 66 137.82 -36.52 30.97
CA TYR XD 66 137.54 -35.50 31.98
C TYR XD 66 138.43 -34.29 31.71
N LYS XD 67 137.84 -33.13 31.41
CA LYS XD 67 138.63 -32.01 30.91
C LYS XD 67 137.98 -30.70 31.32
N ASP XD 68 138.80 -29.67 31.50
CA ASP XD 68 138.36 -28.31 31.70
C ASP XD 68 138.75 -27.46 30.49
N MET XD 69 138.07 -26.34 30.29
CA MET XD 69 138.19 -25.58 29.04
C MET XD 69 138.74 -24.18 29.23
N GLY XD 70 138.18 -23.40 30.15
CA GLY XD 70 138.56 -22.00 30.28
C GLY XD 70 137.49 -21.25 31.08
N TYR XD 71 137.43 -19.94 30.85
CA TYR XD 71 136.45 -19.12 31.55
C TYR XD 71 135.96 -18.00 30.65
N VAL XD 72 134.81 -17.43 31.01
CA VAL XD 72 134.15 -16.39 30.24
C VAL XD 72 133.88 -15.19 31.15
N LYS XD 73 134.10 -13.99 30.61
CA LYS XD 73 133.93 -12.76 31.37
C LYS XD 73 132.66 -12.03 30.93
N ILE XD 74 131.92 -11.51 31.90
CA ILE XD 74 130.70 -10.74 31.66
C ILE XD 74 130.86 -9.39 32.34
N ILE XD 75 130.51 -8.32 31.63
CA ILE XD 75 130.67 -6.95 32.12
C ILE XD 75 129.29 -6.30 32.18
N ASN XD 76 128.99 -5.66 33.31
CA ASN XD 76 127.69 -5.03 33.57
C ASN XD 76 127.85 -3.53 33.77
N TYR XD 77 126.87 -2.79 33.26
CA TYR XD 77 126.98 -1.35 33.03
C TYR XD 77 125.99 -0.57 33.90
N THR XD 78 125.88 0.73 33.61
CA THR XD 78 125.25 1.69 34.52
C THR XD 78 123.82 1.29 34.89
N ASP XD 79 123.51 1.40 36.18
CA ASP XD 79 122.17 1.18 36.72
C ASP XD 79 121.68 -0.24 36.52
N VAL XD 80 122.59 -1.21 36.43
CA VAL XD 80 122.26 -2.63 36.29
C VAL XD 80 122.60 -3.33 37.59
N ASN XD 81 121.67 -4.12 38.10
CA ASN XD 81 121.88 -4.85 39.33
C ASN XD 81 121.66 -6.35 39.20
N VAL XD 82 120.64 -6.77 38.44
CA VAL XD 82 120.31 -8.19 38.29
C VAL XD 82 120.09 -8.47 36.81
N VAL XD 83 120.67 -9.58 36.34
CA VAL XD 83 120.59 -9.97 34.94
C VAL XD 83 120.08 -11.41 34.85
N LYS XD 84 119.13 -11.64 33.96
CA LYS XD 84 118.62 -12.98 33.66
C LYS XD 84 119.12 -13.38 32.29
N LEU XD 85 119.73 -14.58 32.20
CA LEU XD 85 120.39 -15.02 31.00
C LEU XD 85 119.90 -16.40 30.59
N LYS XD 86 120.02 -16.69 29.29
CA LYS XD 86 119.73 -17.99 28.73
C LYS XD 86 120.93 -18.45 27.92
N VAL XD 87 121.43 -19.65 28.22
CA VAL XD 87 122.61 -20.21 27.57
C VAL XD 87 122.23 -21.49 26.85
N THR XD 88 122.67 -21.63 25.61
CA THR XD 88 122.33 -22.77 24.78
C THR XD 88 123.53 -23.20 23.96
N LEU XD 89 123.48 -24.44 23.48
CA LEU XD 89 124.49 -24.98 22.57
C LEU XD 89 124.01 -24.75 21.14
N ALA XD 90 124.74 -23.92 20.40
CA ALA XD 90 124.29 -23.50 19.08
C ALA XD 90 124.44 -24.61 18.04
N ASN XD 91 125.52 -25.41 18.13
CA ASN XD 91 125.81 -26.40 17.11
C ASN XD 91 125.74 -27.82 17.67
N ALA XD 92 124.71 -28.10 18.46
CA ALA XD 92 124.56 -29.43 19.04
C ALA XD 92 124.30 -30.48 17.96
N ALA XD 93 123.58 -30.11 16.90
CA ALA XD 93 123.28 -31.06 15.83
C ALA XD 93 124.55 -31.53 15.13
N GLN XD 94 125.50 -30.62 14.91
CA GLN XD 94 126.75 -30.99 14.25
C GLN XD 94 127.59 -31.93 15.11
N LEU XD 95 127.54 -31.76 16.43
CA LEU XD 95 128.37 -32.56 17.33
C LEU XD 95 127.79 -33.93 17.63
N ARG XD 96 126.55 -34.20 17.25
CA ARG XD 96 125.93 -35.49 17.55
C ARG XD 96 126.66 -36.69 16.95
N PRO XD 97 127.05 -36.71 15.66
CA PRO XD 97 127.72 -37.90 15.13
C PRO XD 97 129.09 -38.18 15.73
N TYR XD 98 129.66 -37.24 16.47
CA TYR XD 98 131.02 -37.40 16.99
C TYR XD 98 131.07 -37.85 18.45
N PHE XD 99 129.95 -37.80 19.18
CA PHE XD 99 129.95 -38.08 20.61
C PHE XD 99 128.76 -38.94 20.98
N LYS XD 100 128.98 -39.87 21.92
CA LYS XD 100 127.87 -40.55 22.56
C LYS XD 100 127.17 -39.65 23.58
N TYR XD 101 127.95 -38.88 24.35
CA TYR XD 101 127.39 -37.90 25.26
C TYR XD 101 128.44 -36.83 25.53
N LEU XD 102 127.96 -35.65 25.91
CA LEU XD 102 128.83 -34.53 26.22
C LEU XD 102 128.08 -33.57 27.14
N GLN XD 103 128.67 -33.31 28.31
CA GLN XD 103 128.02 -32.47 29.32
C GLN XD 103 128.94 -31.32 29.71
N LEU XD 104 128.36 -30.14 29.85
CA LEU XD 104 129.08 -28.94 30.23
C LEU XD 104 128.55 -28.41 31.55
N VAL XD 105 129.46 -28.09 32.46
CA VAL XD 105 129.12 -27.61 33.80
C VAL XD 105 129.63 -26.18 33.95
N LEU XD 106 128.74 -25.27 34.33
CA LEU XD 106 129.07 -23.86 34.51
C LEU XD 106 128.98 -23.51 35.99
N THR XD 107 130.04 -22.88 36.51
CA THR XD 107 130.09 -22.50 37.92
C THR XD 107 130.50 -21.04 38.05
N SER XD 108 129.84 -20.33 38.97
CA SER XD 108 130.19 -18.95 39.28
C SER XD 108 131.20 -18.96 40.42
N ASN XD 109 132.29 -18.21 40.25
CA ASN XD 109 133.45 -18.24 41.14
C ASN XD 109 133.93 -16.84 41.48
N ALA XD 110 133.46 -15.82 40.74
CA ALA XD 110 134.03 -14.46 40.83
C ALA XD 110 134.05 -13.95 42.27
N SER XD 111 133.13 -14.41 43.11
CA SER XD 111 133.20 -14.20 44.54
C SER XD 111 134.02 -15.32 45.18
N SER XD 112 135.12 -14.96 45.83
CA SER XD 112 135.99 -15.96 46.43
C SER XD 112 135.32 -16.68 47.59
N THR XD 113 134.23 -16.13 48.14
CA THR XD 113 133.53 -16.77 49.24
C THR XD 113 132.38 -17.67 48.78
N VAL XD 114 131.76 -17.36 47.64
CA VAL XD 114 130.58 -18.07 47.16
C VAL XD 114 130.91 -18.67 45.79
N GLU XD 115 131.23 -19.96 45.77
CA GLU XD 115 131.31 -20.73 44.53
C GLU XD 115 129.99 -21.47 44.32
N GLU XD 116 129.41 -21.32 43.14
CA GLU XD 116 128.14 -21.97 42.84
C GLU XD 116 128.11 -22.48 41.40
N THR XD 117 127.68 -23.72 41.23
CA THR XD 117 127.36 -24.25 39.91
C THR XD 117 125.93 -23.82 39.53
N LYS XD 118 125.78 -23.26 38.35
CA LYS XD 118 124.51 -22.66 37.93
C LYS XD 118 123.71 -23.51 36.95
N ALA XD 119 124.37 -24.17 35.99
CA ALA XD 119 123.64 -24.94 35.00
C ALA XD 119 124.50 -26.08 34.48
N VAL XD 120 123.82 -27.09 33.95
CA VAL XD 120 124.47 -28.22 33.28
C VAL XD 120 123.84 -28.35 31.90
N LEU XD 121 124.67 -28.36 30.87
CA LEU XD 121 124.21 -28.47 29.49
C LEU XD 121 124.62 -29.81 28.91
N SER XD 122 123.79 -30.32 28.00
CA SER XD 122 124.04 -31.61 27.38
C SER XD 122 123.49 -31.58 25.96
N LEU XD 123 123.83 -32.62 25.20
CA LEU XD 123 123.37 -32.71 23.81
C LEU XD 123 121.88 -33.00 23.72
N LYS XD 124 121.28 -33.55 24.77
CA LYS XD 124 119.85 -33.83 24.76
C LYS XD 124 119.03 -32.66 25.30
N LYS XD 125 119.58 -31.89 26.24
CA LYS XD 125 118.93 -30.70 26.79
C LYS XD 125 119.92 -29.54 26.69
N PRO XD 126 119.96 -28.87 25.54
CA PRO XD 126 121.03 -27.89 25.29
C PRO XD 126 120.85 -26.54 25.96
N SER XD 127 119.67 -26.22 26.47
CA SER XD 127 119.37 -24.88 26.95
C SER XD 127 119.15 -24.87 28.46
N ALA XD 128 119.49 -23.74 29.07
CA ALA XD 128 119.29 -23.55 30.51
C ALA XD 128 119.15 -22.06 30.80
N VAL XD 129 118.57 -21.75 31.95
CA VAL XD 129 118.35 -20.38 32.38
C VAL XD 129 119.00 -20.20 33.76
N ILE XD 130 119.80 -19.15 33.90
CA ILE XD 130 120.55 -18.89 35.13
C ILE XD 130 120.24 -17.48 35.61
N ILE XD 131 120.56 -17.23 36.88
CA ILE XD 131 120.31 -15.94 37.53
C ILE XD 131 121.63 -15.46 38.14
N LEU XD 132 121.96 -14.20 37.88
CA LEU XD 132 123.11 -13.54 38.49
C LEU XD 132 122.61 -12.39 39.34
N ASP XD 133 123.08 -12.33 40.59
CA ASP XD 133 122.58 -11.33 41.55
C ASP XD 133 123.72 -10.57 42.23
N ASN XD 134 123.37 -9.83 43.28
CA ASN XD 134 124.34 -8.97 43.95
C ASN XD 134 125.55 -9.74 44.46
N ASP XD 135 125.35 -10.98 44.90
CA ASP XD 135 126.47 -11.77 45.43
C ASP XD 135 127.47 -12.15 44.34
N ASP XD 136 126.99 -12.39 43.12
CA ASP XD 136 127.89 -12.83 42.06
C ASP XD 136 128.79 -11.70 41.58
N TYR XD 137 128.27 -10.47 41.53
CA TYR XD 137 129.00 -9.35 40.97
C TYR XD 137 130.13 -8.88 41.89
N SER XD 138 131.18 -9.70 42.02
CA SER XD 138 132.36 -9.30 42.74
C SER XD 138 133.18 -8.31 41.91
N SER XD 139 133.96 -7.49 42.60
CA SER XD 139 134.62 -6.31 42.04
C SER XD 139 133.63 -5.33 41.43
N THR XD 140 132.33 -5.56 41.64
CA THR XD 140 131.23 -4.68 41.28
C THR XD 140 131.05 -4.53 39.77
N ASN XD 141 131.89 -5.20 38.97
CA ASN XD 141 131.88 -4.94 37.53
C ASN XD 141 131.95 -6.17 36.64
N LYS XD 142 132.21 -7.37 37.15
CA LYS XD 142 132.42 -8.49 36.25
C LYS XD 142 132.03 -9.82 36.87
N ILE XD 143 131.69 -10.76 36.00
CA ILE XD 143 131.38 -12.15 36.36
C ILE XD 143 132.41 -13.05 35.68
N GLN XD 144 132.89 -14.05 36.42
CA GLN XD 144 133.81 -15.05 35.90
C GLN XD 144 133.14 -16.43 35.99
N LEU XD 145 133.08 -17.13 34.86
CA LEU XD 145 132.45 -18.44 34.77
C LEU XD 145 133.35 -19.37 33.98
N LYS XD 146 133.87 -20.41 34.63
CA LYS XD 146 134.60 -21.45 33.92
C LYS XD 146 133.68 -22.59 33.48
N VAL XD 147 134.15 -23.35 32.49
CA VAL XD 147 133.38 -24.40 31.85
C VAL XD 147 134.00 -25.74 32.21
N GLU XD 148 133.15 -26.71 32.58
CA GLU XD 148 133.63 -28.05 32.90
C GLU XD 148 132.96 -29.04 31.97
N ALA XD 149 133.76 -29.93 31.38
CA ALA XD 149 133.29 -30.84 30.34
C ALA XD 149 133.49 -32.29 30.75
N TYR XD 150 132.46 -33.11 30.45
CA TYR XD 150 132.53 -34.55 30.56
C TYR XD 150 132.09 -35.14 29.23
N TYR XD 151 132.79 -36.17 28.76
CA TYR XD 151 132.58 -36.62 27.39
C TYR XD 151 132.94 -38.09 27.25
N GLU XD 152 132.41 -38.69 26.18
CA GLU XD 152 132.85 -40.00 25.69
C GLU XD 152 132.82 -39.96 24.17
N ALA XD 153 133.94 -40.27 23.54
CA ALA XD 153 134.07 -40.18 22.10
C ALA XD 153 133.53 -41.43 21.42
N LYS XD 154 133.10 -41.26 20.17
CA LYS XD 154 132.61 -42.38 19.38
C LYS XD 154 133.75 -43.34 19.05
N GLU XD 155 133.39 -44.60 18.86
CA GLU XD 155 134.37 -45.65 18.61
C GLU XD 155 134.90 -45.56 17.17
N GLY XD 156 136.21 -45.43 17.04
CA GLY XD 156 136.85 -45.47 15.74
C GLY XD 156 136.66 -44.25 14.87
N MET XD 157 136.34 -43.10 15.45
CA MET XD 157 136.12 -41.87 14.70
C MET XD 157 137.32 -40.94 14.89
N LEU XD 158 137.88 -40.47 13.79
CA LEU XD 158 139.03 -39.57 13.81
C LEU XD 158 138.68 -38.27 13.12
N PHE XD 159 139.10 -37.15 13.72
CA PHE XD 159 138.77 -35.83 13.21
C PHE XD 159 139.69 -34.81 13.85
N ASP XD 160 139.63 -33.59 13.33
CA ASP XD 160 140.40 -32.48 13.88
C ASP XD 160 139.75 -31.18 13.48
N SER XD 161 140.06 -30.12 14.24
CA SER XD 161 139.56 -28.77 13.97
C SER XD 161 138.03 -28.72 13.97
N LEU XD 162 137.44 -29.13 15.09
CA LEU XD 162 135.99 -29.10 15.24
C LEU XD 162 135.61 -28.09 16.31
N PRO XD 163 134.83 -27.06 15.97
CA PRO XD 163 134.51 -26.02 16.96
C PRO XD 163 133.27 -26.34 17.80
N VAL XD 164 133.27 -25.78 19.01
CA VAL XD 164 132.14 -25.85 19.92
C VAL XD 164 131.70 -24.42 20.22
N ILE XD 165 130.41 -24.14 20.05
CA ILE XD 165 129.89 -22.78 20.09
C ILE XD 165 128.83 -22.68 21.17
N LEU XD 166 128.87 -21.61 21.95
CA LEU XD 166 127.87 -21.29 22.95
C LEU XD 166 127.30 -19.91 22.66
N ASN XD 167 126.01 -19.73 22.96
CA ASN XD 167 125.30 -18.49 22.68
C ASN XD 167 124.66 -17.95 23.95
N PHE XD 168 124.57 -16.63 24.05
CA PHE XD 168 123.98 -15.95 25.19
C PHE XD 168 122.87 -15.02 24.73
N GLN XD 169 121.78 -14.97 25.49
CA GLN XD 169 120.67 -14.07 25.21
C GLN XD 169 120.13 -13.52 26.52
N VAL XD 170 119.85 -12.22 26.54
CA VAL XD 170 119.35 -11.52 27.72
C VAL XD 170 117.82 -11.54 27.69
N LEU XD 171 117.22 -11.98 28.78
CA LEU XD 171 115.77 -12.04 28.90
C LEU XD 171 115.20 -10.88 29.72
N SER XD 172 115.89 -10.45 30.78
CA SER XD 172 115.42 -9.36 31.60
C SER XD 172 116.58 -8.82 32.41
N VAL XD 173 116.61 -7.50 32.60
CA VAL XD 173 117.64 -6.84 33.41
C VAL XD 173 116.95 -5.81 34.30
N SER XD 174 117.51 -5.62 35.48
CA SER XD 174 116.97 -4.65 36.43
C SER XD 174 118.08 -4.06 37.31
N THR YD 26 94.29 56.62 4.06
CA THR YD 26 93.46 55.67 4.80
C THR YD 26 93.68 54.26 4.27
N THR YD 27 94.66 53.56 4.83
CA THR YD 27 95.03 52.21 4.40
C THR YD 27 94.90 51.26 5.58
N GLN YD 28 94.28 50.11 5.35
CA GLN YD 28 94.11 49.08 6.36
C GLN YD 28 95.11 47.96 6.11
N SER YD 29 95.91 47.65 7.13
CA SER YD 29 96.96 46.65 6.95
C SER YD 29 96.61 45.34 7.63
N PRO YD 30 96.99 44.20 7.04
CA PRO YD 30 96.72 42.91 7.70
C PRO YD 30 97.75 42.53 8.75
N LEU YD 31 98.94 43.14 8.73
CA LEU YD 31 99.94 42.96 9.78
C LEU YD 31 100.43 41.51 9.86
N ASN YD 32 100.76 40.94 8.69
CA ASN YD 32 101.29 39.57 8.65
C ASN YD 32 102.40 39.42 7.62
N SER YD 33 103.06 40.52 7.25
CA SER YD 33 104.11 40.49 6.23
C SER YD 33 105.49 40.42 6.88
N PHE YD 34 105.73 39.33 7.61
CA PHE YD 34 107.02 39.09 8.25
C PHE YD 34 107.41 37.62 8.08
N TYR YD 35 108.67 37.39 7.73
CA TYR YD 35 109.14 36.04 7.46
C TYR YD 35 110.59 35.88 7.89
N ALA YD 36 110.98 34.62 8.09
CA ALA YD 36 112.35 34.23 8.38
C ALA YD 36 112.60 32.86 7.78
N THR YD 37 113.80 32.63 7.26
CA THR YD 37 114.08 31.45 6.45
C THR YD 37 115.36 30.77 6.90
N GLY YD 38 115.34 29.44 6.91
CA GLY YD 38 116.53 28.63 7.14
C GLY YD 38 116.68 27.56 6.08
N THR YD 39 117.64 26.64 6.25
CA THR YD 39 117.90 25.60 5.26
C THR YD 39 118.32 24.32 5.97
N ALA YD 40 118.22 23.21 5.24
CA ALA YD 40 118.63 21.90 5.72
C ALA YD 40 119.02 21.03 4.54
N GLN YD 41 119.79 19.98 4.82
CA GLN YD 41 120.26 19.10 3.76
C GLN YD 41 120.73 17.77 4.37
N ALA YD 42 120.85 16.78 3.49
CA ALA YD 42 121.42 15.48 3.85
C ALA YD 42 121.91 14.82 2.57
N VAL YD 43 123.23 14.72 2.40
CA VAL YD 43 123.80 14.36 1.12
C VAL YD 43 124.79 13.19 1.23
N GLN YD 44 124.64 12.33 2.23
CA GLN YD 44 125.53 11.17 2.33
C GLN YD 44 124.84 10.05 3.10
N GLU YD 45 125.27 8.81 2.81
CA GLU YD 45 124.76 7.62 3.45
C GLU YD 45 125.40 7.44 4.84
N PRO YD 46 124.70 6.76 5.76
CA PRO YD 46 125.21 6.68 7.15
C PRO YD 46 126.59 6.04 7.27
N ILE YD 47 126.89 4.99 6.49
CA ILE YD 47 128.10 4.22 6.68
C ILE YD 47 128.83 4.06 5.35
N ASP YD 48 130.12 3.74 5.46
CA ASP YD 48 130.96 3.39 4.32
C ASP YD 48 131.72 2.11 4.69
N VAL YD 49 131.86 1.21 3.72
CA VAL YD 49 132.43 -0.11 3.98
C VAL YD 49 133.59 -0.36 3.03
N GLU YD 50 134.71 -0.82 3.57
CA GLU YD 50 135.90 -1.14 2.80
C GLU YD 50 136.41 -2.52 3.20
N SER YD 51 136.88 -3.29 2.21
CA SER YD 51 137.23 -4.68 2.41
C SER YD 51 138.74 -4.89 2.31
N HIS YD 52 139.26 -5.79 3.14
CA HIS YD 52 140.68 -6.17 3.13
C HIS YD 52 140.83 -7.68 3.32
N LEU YD 53 140.01 -8.46 2.61
CA LEU YD 53 140.09 -9.92 2.69
C LEU YD 53 141.11 -10.40 1.67
N ASP YD 54 142.35 -10.58 2.10
CA ASP YD 54 143.46 -10.92 1.23
C ASP YD 54 144.15 -12.22 1.65
N ASN YD 55 143.36 -13.24 1.99
CA ASN YD 55 143.88 -14.57 2.23
C ASN YD 55 143.02 -15.59 1.50
N THR YD 56 143.64 -16.70 1.13
CA THR YD 56 143.01 -17.71 0.30
C THR YD 56 142.89 -19.02 1.08
N ILE YD 57 141.70 -19.61 1.07
CA ILE YD 57 141.48 -20.94 1.62
C ILE YD 57 142.01 -21.94 0.60
N ALA YD 58 143.19 -22.50 0.86
CA ALA YD 58 143.87 -23.39 -0.08
C ALA YD 58 144.25 -24.70 0.60
N PRO YD 59 143.28 -25.58 0.85
CA PRO YD 59 143.59 -26.91 1.36
C PRO YD 59 143.73 -27.91 0.22
N ALA YD 60 144.12 -29.13 0.59
CA ALA YD 60 144.11 -30.24 -0.35
C ALA YD 60 142.69 -30.77 -0.52
N ALA YD 61 142.51 -31.60 -1.54
CA ALA YD 61 141.18 -32.14 -1.82
C ALA YD 61 140.73 -33.07 -0.70
N GLY YD 62 139.56 -32.80 -0.14
CA GLY YD 62 138.99 -33.64 0.89
C GLY YD 62 139.54 -33.42 2.29
N ALA YD 63 140.32 -32.37 2.50
CA ALA YD 63 140.96 -32.13 3.78
C ALA YD 63 140.07 -31.29 4.70
N GLN YD 64 140.32 -31.43 6.00
CA GLN YD 64 139.66 -30.63 7.02
C GLN YD 64 140.64 -29.61 7.56
N GLY YD 65 140.24 -28.34 7.60
CA GLY YD 65 141.19 -27.29 7.87
C GLY YD 65 140.77 -26.20 8.83
N TYR YD 66 141.58 -25.13 8.87
CA TYR YD 66 141.43 -24.03 9.83
C TYR YD 66 142.19 -22.82 9.30
N LYS YD 67 141.49 -21.73 9.00
CA LYS YD 67 142.11 -20.63 8.28
C LYS YD 67 141.46 -19.31 8.68
N ASP YD 68 142.25 -18.24 8.62
CA ASP YD 68 141.77 -16.87 8.77
C ASP YD 68 141.89 -16.14 7.44
N MET YD 69 141.13 -15.06 7.27
CA MET YD 69 140.98 -14.43 5.97
C MET YD 69 141.48 -12.99 5.92
N GLY YD 70 141.05 -12.15 6.85
CA GLY YD 70 141.36 -10.74 6.80
C GLY YD 70 140.41 -9.96 7.70
N TYR YD 71 140.23 -8.67 7.38
CA TYR YD 71 139.36 -7.83 8.18
C TYR YD 71 138.65 -6.82 7.27
N VAL YD 72 137.56 -6.27 7.79
CA VAL YD 72 136.71 -5.33 7.07
C VAL YD 72 136.54 -4.07 7.90
N LYS YD 73 136.59 -2.92 7.24
CA LYS YD 73 136.49 -1.62 7.90
C LYS YD 73 135.12 -0.99 7.63
N ILE YD 74 134.53 -0.41 8.67
CA ILE YD 74 133.25 0.29 8.59
C ILE YD 74 133.46 1.71 9.11
N ILE YD 75 132.93 2.69 8.38
CA ILE YD 75 133.09 4.10 8.72
C ILE YD 75 131.71 4.70 8.99
N ASN YD 76 131.59 5.43 10.09
CA ASN YD 76 130.33 6.03 10.52
C ASN YD 76 130.42 7.55 10.55
N TYR YD 77 129.34 8.20 10.17
CA TYR YD 77 129.32 9.62 9.79
C TYR YD 77 128.46 10.43 10.77
N THR YD 78 128.23 11.70 10.39
CA THR YD 78 127.72 12.71 11.30
C THR YD 78 126.41 12.29 11.97
N ASP YD 79 126.32 12.52 13.27
CA ASP YD 79 125.12 12.29 14.08
C ASP YD 79 124.68 10.84 14.10
N VAL YD 80 125.61 9.91 13.93
CA VAL YD 80 125.34 8.47 13.97
C VAL YD 80 125.95 7.92 15.24
N ASN YD 81 125.16 7.14 15.98
CA ASN YD 81 125.64 6.54 17.22
C ASN YD 81 125.48 5.03 17.26
N VAL YD 82 124.38 4.49 16.73
CA VAL YD 82 124.10 3.06 16.78
C VAL YD 82 123.64 2.63 15.40
N VAL YD 83 124.18 1.50 14.92
CA VAL YD 83 123.87 0.97 13.60
C VAL YD 83 123.44 -0.49 13.74
N LYS YD 84 122.35 -0.84 13.06
CA LYS YD 84 121.87 -2.22 12.98
C LYS YD 84 122.14 -2.75 11.58
N LEU YD 85 122.79 -3.90 11.50
CA LEU YD 85 123.26 -4.44 10.22
C LEU YD 85 122.78 -5.87 10.03
N LYS YD 86 122.68 -6.28 8.78
CA LYS YD 86 122.36 -7.65 8.38
C LYS YD 86 123.42 -8.13 7.41
N VAL YD 87 124.03 -9.27 7.71
CA VAL YD 87 125.11 -9.84 6.91
C VAL YD 87 124.68 -11.20 6.40
N THR YD 88 124.90 -11.44 5.11
CA THR YD 88 124.48 -12.67 4.46
C THR YD 88 125.53 -13.13 3.48
N LEU YD 89 125.47 -14.42 3.11
CA LEU YD 89 126.33 -15.00 2.09
C LEU YD 89 125.59 -14.94 0.77
N ALA YD 90 126.12 -14.14 -0.17
CA ALA YD 90 125.42 -13.88 -1.42
C ALA YD 90 125.44 -15.07 -2.36
N ASN YD 91 126.55 -15.81 -2.41
CA ASN YD 91 126.72 -16.89 -3.37
C ASN YD 91 126.83 -18.25 -2.69
N ALA YD 92 125.97 -18.49 -1.69
CA ALA YD 92 126.00 -19.77 -0.99
C ALA YD 92 125.62 -20.92 -1.90
N ALA YD 93 124.70 -20.69 -2.84
CA ALA YD 93 124.27 -21.74 -3.74
C ALA YD 93 125.42 -22.23 -4.63
N GLN YD 94 126.26 -21.31 -5.09
CA GLN YD 94 127.38 -21.69 -5.94
C GLN YD 94 128.41 -22.51 -5.18
N LEU YD 95 128.61 -22.22 -3.89
CA LEU YD 95 129.62 -22.89 -3.08
C LEU YD 95 129.18 -24.25 -2.57
N ARG YD 96 127.90 -24.60 -2.69
CA ARG YD 96 127.43 -25.88 -2.16
C ARG YD 96 128.12 -27.09 -2.78
N PRO YD 97 128.26 -27.22 -4.11
CA PRO YD 97 128.89 -28.44 -4.66
C PRO YD 97 130.36 -28.61 -4.29
N TYR YD 98 131.01 -27.58 -3.75
CA TYR YD 98 132.43 -27.63 -3.47
C TYR YD 98 132.77 -27.94 -2.02
N PHE YD 99 131.80 -27.86 -1.11
CA PHE YD 99 132.07 -28.00 0.32
C PHE YD 99 131.02 -28.87 0.98
N LYS YD 100 131.46 -29.69 1.94
CA LYS YD 100 130.52 -30.35 2.83
C LYS YD 100 129.97 -29.38 3.87
N TYR YD 101 130.83 -28.52 4.41
CA TYR YD 101 130.39 -27.47 5.33
C TYR YD 101 131.41 -26.34 5.31
N LEU YD 102 130.95 -25.15 5.66
CA LEU YD 102 131.78 -23.97 5.70
C LEU YD 102 131.16 -22.97 6.66
N GLN YD 103 131.92 -22.56 7.67
CA GLN YD 103 131.43 -21.65 8.70
C GLN YD 103 132.34 -20.44 8.82
N LEU YD 104 131.72 -19.26 8.95
CA LEU YD 104 132.44 -18.00 9.08
C LEU YD 104 132.12 -17.39 10.44
N VAL YD 105 133.16 -16.93 11.13
CA VAL YD 105 133.04 -16.34 12.46
C VAL YD 105 133.49 -14.89 12.39
N LEU YD 106 132.64 -13.98 12.85
CA LEU YD 106 132.91 -12.55 12.84
C LEU YD 106 133.07 -12.06 14.27
N THR YD 107 134.16 -11.35 14.55
CA THR YD 107 134.45 -10.83 15.87
C THR YD 107 134.78 -9.34 15.80
N SER YD 108 134.27 -8.58 16.76
CA SER YD 108 134.60 -7.15 16.88
C SER YD 108 135.79 -7.01 17.80
N ASN YD 109 136.79 -6.24 17.37
CA ASN YD 109 138.08 -6.15 18.04
C ASN YD 109 138.54 -4.69 18.14
N ALA YD 110 137.88 -3.78 17.42
CA ALA YD 110 138.38 -2.41 17.28
C ALA YD 110 138.63 -1.75 18.64
N SER YD 111 137.90 -2.16 19.68
CA SER YD 111 138.22 -1.81 21.06
C SER YD 111 139.20 -2.83 21.62
N SER YD 112 140.38 -2.36 22.03
CA SER YD 112 141.40 -3.26 22.54
C SER YD 112 140.98 -3.90 23.86
N THR YD 113 140.00 -3.34 24.55
CA THR YD 113 139.53 -3.89 25.81
C THR YD 113 138.38 -4.88 25.65
N VAL YD 114 137.55 -4.70 24.63
CA VAL YD 114 136.34 -5.51 24.44
C VAL YD 114 136.44 -6.22 23.10
N GLU YD 115 136.83 -7.49 23.12
CA GLU YD 115 136.73 -8.38 21.96
C GLU YD 115 135.45 -9.18 22.06
N GLU YD 116 134.64 -9.17 21.00
CA GLU YD 116 133.38 -9.90 20.99
C GLU YD 116 133.12 -10.54 19.64
N THR YD 117 132.73 -11.82 19.66
CA THR YD 117 132.21 -12.48 18.48
C THR YD 117 130.73 -12.16 18.34
N LYS YD 118 130.33 -11.71 17.15
CA LYS YD 118 128.98 -11.21 16.93
C LYS YD 118 128.07 -12.17 16.18
N ALA YD 119 128.58 -12.90 15.18
CA ALA YD 119 127.72 -13.78 14.41
C ALA YD 119 128.54 -14.94 13.85
N VAL YD 120 127.84 -16.02 13.54
CA VAL YD 120 128.41 -17.18 12.87
C VAL YD 120 127.56 -17.47 11.65
N LEU YD 121 128.19 -17.55 10.48
CA LEU YD 121 127.50 -17.81 9.22
C LEU YD 121 127.87 -19.18 8.69
N SER YD 122 126.92 -19.80 8.01
CA SER YD 122 127.12 -21.15 7.47
C SER YD 122 126.33 -21.28 6.17
N LEU YD 123 126.58 -22.37 5.46
CA LEU YD 123 125.89 -22.62 4.19
C LEU YD 123 124.42 -22.97 4.39
N LYS YD 124 124.05 -23.44 5.59
CA LYS YD 124 122.66 -23.77 5.88
C LYS YD 124 121.88 -22.58 6.44
N LYS YD 125 122.55 -21.70 7.20
CA LYS YD 125 121.95 -20.50 7.75
C LYS YD 125 122.83 -19.32 7.37
N PRO YD 126 122.63 -18.76 6.17
CA PRO YD 126 123.59 -17.77 5.65
C PRO YD 126 123.45 -16.37 6.22
N SER YD 127 122.36 -16.05 6.91
CA SER YD 127 122.08 -14.67 7.31
C SER YD 127 122.13 -14.53 8.83
N ALA YD 128 122.51 -13.34 9.28
CA ALA YD 128 122.57 -13.01 10.70
C ALA YD 128 122.40 -11.51 10.87
N VAL YD 129 122.01 -11.11 12.08
CA VAL YD 129 121.80 -9.71 12.43
C VAL YD 129 122.67 -9.38 13.63
N ILE YD 130 123.43 -8.29 13.54
CA ILE YD 130 124.37 -7.88 14.58
C ILE YD 130 124.07 -6.44 14.98
N ILE YD 131 124.60 -6.06 16.15
CA ILE YD 131 124.41 -4.74 16.72
C ILE YD 131 125.77 -4.14 17.03
N LEU YD 132 125.99 -2.89 16.60
CA LEU YD 132 127.19 -2.14 16.93
C LEU YD 132 126.78 -0.93 17.75
N ASP YD 133 127.46 -0.73 18.89
CA ASP YD 133 127.10 0.33 19.81
C ASP YD 133 128.28 1.20 20.22
N ASN YD 134 128.09 2.03 21.24
CA ASN YD 134 129.12 2.99 21.64
C ASN YD 134 130.45 2.31 21.99
N ASP YD 135 130.39 1.10 22.56
CA ASP YD 135 131.63 0.43 22.94
C ASP YD 135 132.44 -0.01 21.73
N ASP YD 136 131.77 -0.39 20.64
CA ASP YD 136 132.48 -0.89 19.47
C ASP YD 136 133.22 0.22 18.75
N TYR YD 137 132.63 1.42 18.69
CA TYR YD 137 133.18 2.51 17.90
C TYR YD 137 134.43 3.10 18.55
N SER YD 138 135.52 2.34 18.55
CA SER YD 138 136.80 2.86 19.01
C SER YD 138 137.40 3.78 17.96
N SER YD 139 138.24 4.71 18.43
CA SER YD 139 138.72 5.84 17.64
C SER YD 139 137.58 6.73 17.15
N THR YD 140 136.37 6.47 17.62
CA THR YD 140 135.16 7.27 17.38
C THR YD 140 134.71 7.26 15.92
N ASN YD 141 135.43 6.56 15.04
CA ASN YD 141 135.14 6.67 13.62
C ASN YD 141 135.11 5.37 12.84
N LYS YD 142 135.54 4.24 13.39
CA LYS YD 142 135.65 3.04 12.57
C LYS YD 142 135.45 1.76 13.38
N ILE YD 143 135.01 0.72 12.67
CA ILE YD 143 134.85 -0.63 13.19
C ILE YD 143 135.78 -1.56 12.42
N GLN YD 144 136.45 -2.46 13.15
CA GLN YD 144 137.31 -3.48 12.55
C GLN YD 144 136.76 -4.85 12.89
N LEU YD 145 136.52 -5.66 11.86
CA LEU YD 145 135.97 -7.00 11.99
C LEU YD 145 136.77 -7.96 11.13
N LYS YD 146 137.44 -8.93 11.77
CA LYS YD 146 138.10 -9.99 11.03
C LYS YD 146 137.18 -11.20 10.87
N VAL YD 147 137.50 -12.03 9.88
CA VAL YD 147 136.69 -13.18 9.49
C VAL YD 147 137.44 -14.45 9.84
N GLU YD 148 136.73 -15.40 10.45
CA GLU YD 148 137.33 -16.69 10.80
C GLU YD 148 136.56 -17.79 10.09
N ALA YD 149 137.29 -18.70 9.44
CA ALA YD 149 136.70 -19.72 8.59
C ALA YD 149 137.04 -21.12 9.08
N TYR YD 150 136.04 -22.00 9.05
CA TYR YD 150 136.20 -23.43 9.27
C TYR YD 150 135.56 -24.16 8.10
N TYR YD 151 136.22 -25.20 7.61
CA TYR YD 151 135.79 -25.79 6.35
C TYR YD 151 136.20 -27.25 6.27
N GLU YD 152 135.53 -27.98 5.37
CA GLU YD 152 135.94 -29.30 4.93
C GLU YD 152 135.63 -29.41 3.44
N ALA YD 153 136.65 -29.74 2.65
CA ALA YD 153 136.51 -29.78 1.20
C ALA YD 153 135.93 -31.11 0.75
N LYS YD 154 135.27 -31.08 -0.41
CA LYS YD 154 134.71 -32.29 -0.99
C LYS YD 154 135.82 -33.23 -1.44
N GLU YD 155 135.51 -34.53 -1.46
CA GLU YD 155 136.49 -35.56 -1.79
C GLU YD 155 136.74 -35.58 -3.29
N GLY YD 156 138.00 -35.40 -3.68
CA GLY YD 156 138.39 -35.55 -5.07
C GLY YD 156 137.98 -34.42 -5.99
N MET YD 157 137.71 -33.23 -5.46
CA MET YD 157 137.29 -32.10 -6.27
C MET YD 157 138.44 -31.10 -6.38
N LEU YD 158 138.78 -30.72 -7.61
CA LEU YD 158 139.85 -29.78 -7.88
C LEU YD 158 139.31 -28.57 -8.60
N PHE YD 159 139.78 -27.39 -8.19
CA PHE YD 159 139.28 -26.14 -8.75
C PHE YD 159 140.25 -25.02 -8.38
N ASP YD 160 140.02 -23.86 -8.98
CA ASP YD 160 140.82 -22.68 -8.68
C ASP YD 160 140.03 -21.44 -9.07
N SER YD 161 140.41 -20.30 -8.47
CA SER YD 161 139.80 -19.01 -8.76
C SER YD 161 138.30 -19.02 -8.49
N LEU YD 162 137.94 -19.33 -7.26
CA LEU YD 162 136.53 -19.35 -6.83
C LEU YD 162 136.30 -18.25 -5.81
N PRO YD 163 135.41 -17.30 -6.08
CA PRO YD 163 135.21 -16.18 -5.15
C PRO YD 163 134.18 -16.47 -4.08
N VAL YD 164 134.36 -15.80 -2.94
CA VAL YD 164 133.41 -15.81 -1.82
C VAL YD 164 132.96 -14.38 -1.58
N ILE YD 165 131.64 -14.17 -1.54
CA ILE YD 165 131.05 -12.84 -1.53
C ILE YD 165 130.20 -12.68 -0.28
N LEU YD 166 130.34 -11.53 0.39
CA LEU YD 166 129.51 -11.16 1.53
C LEU YD 166 128.82 -9.84 1.22
N ASN YD 167 127.60 -9.68 1.74
CA ASN YD 167 126.78 -8.50 1.48
C ASN YD 167 126.34 -7.87 2.79
N PHE YD 168 126.20 -6.54 2.79
CA PHE YD 168 125.78 -5.78 3.96
C PHE YD 168 124.56 -4.94 3.62
N GLN YD 169 123.62 -4.86 4.57
CA GLN YD 169 122.43 -4.05 4.42
C GLN YD 169 122.10 -3.39 5.76
N VAL YD 170 121.76 -2.11 5.70
CA VAL YD 170 121.44 -1.32 6.90
C VAL YD 170 119.95 -1.41 7.15
N LEU YD 171 119.57 -1.77 8.37
CA LEU YD 171 118.17 -1.86 8.76
C LEU YD 171 117.69 -0.65 9.56
N SER YD 172 118.53 -0.10 10.44
CA SER YD 172 118.16 1.06 11.24
C SER YD 172 119.42 1.72 11.77
N VAL YD 173 119.40 3.04 11.82
CA VAL YD 173 120.51 3.82 12.37
C VAL YD 173 119.95 4.91 13.27
N SER YD 174 120.70 5.23 14.32
CA SER YD 174 120.29 6.27 15.26
C SER YD 174 121.50 6.98 15.87
N THR ZD 26 88.75 63.18 -17.63
CA THR ZD 26 88.12 62.27 -16.68
C THR ZD 26 88.31 60.83 -17.11
N THR ZD 27 89.42 60.23 -16.68
CA THR ZD 27 89.78 58.86 -17.06
C THR ZD 27 89.92 58.01 -15.79
N GLN ZD 28 89.33 56.82 -15.81
CA GLN ZD 28 89.40 55.89 -14.69
C GLN ZD 28 90.41 54.80 -15.02
N SER ZD 29 91.39 54.61 -14.15
CA SER ZD 29 92.45 53.65 -14.43
C SER ZD 29 92.30 52.39 -13.57
N PRO ZD 30 92.63 51.22 -14.12
CA PRO ZD 30 92.56 49.99 -13.32
C PRO ZD 30 93.77 49.75 -12.45
N LEU ZD 31 94.90 50.40 -12.74
CA LEU ZD 31 96.09 50.37 -11.88
C LEU ZD 31 96.67 48.95 -11.77
N ASN ZD 32 96.81 48.28 -12.92
CA ASN ZD 32 97.40 46.95 -12.94
C ASN ZD 32 98.32 46.74 -14.13
N SER ZD 33 98.83 47.82 -14.71
CA SER ZD 33 99.69 47.74 -15.90
C SER ZD 33 101.16 47.78 -15.51
N PHE ZD 34 101.59 46.76 -14.75
CA PHE ZD 34 102.99 46.65 -14.33
C PHE ZD 34 103.42 45.19 -14.45
N TYR ZD 35 104.61 44.97 -15.00
CA TYR ZD 35 105.10 43.61 -15.24
C TYR ZD 35 106.61 43.56 -15.07
N ALA ZD 36 107.09 42.34 -14.83
CA ALA ZD 36 108.52 42.05 -14.77
C ALA ZD 36 108.72 40.62 -15.28
N THR ZD 37 109.83 40.40 -15.99
CA THR ZD 37 110.02 39.16 -16.73
C THR ZD 37 111.41 38.57 -16.47
N GLY ZD 38 111.46 37.25 -16.34
CA GLY ZD 38 112.72 36.52 -16.26
C GLY ZD 38 112.74 35.34 -17.23
N THR ZD 39 113.76 34.50 -17.16
CA THR ZD 39 113.89 33.38 -18.08
C THR ZD 39 114.50 32.18 -17.36
N ALA ZD 40 114.33 31.01 -17.95
CA ALA ZD 40 114.90 29.77 -17.44
C ALA ZD 40 115.12 28.80 -18.59
N GLN ZD 41 115.99 27.82 -18.37
CA GLN ZD 41 116.31 26.85 -19.42
C GLN ZD 41 116.95 25.61 -18.80
N ALA ZD 42 116.97 24.54 -19.59
CA ALA ZD 42 117.66 23.30 -19.22
C ALA ZD 42 117.96 22.54 -20.51
N VAL ZD 43 119.22 22.48 -20.90
CA VAL ZD 43 119.58 22.01 -22.24
C VAL ZD 43 120.64 20.91 -22.20
N GLN ZD 44 120.72 20.14 -21.13
CA GLN ZD 44 121.67 19.03 -21.09
C GLN ZD 44 121.20 17.97 -20.11
N GLU ZD 45 121.64 16.73 -20.37
CA GLU ZD 45 121.32 15.59 -19.53
C GLU ZD 45 122.20 15.56 -18.29
N PRO ZD 46 121.72 14.96 -17.19
CA PRO ZD 46 122.49 15.02 -15.93
C PRO ZD 46 123.89 14.45 -16.00
N ILE ZD 47 124.09 13.35 -16.73
CA ILE ZD 47 125.38 12.65 -16.69
C ILE ZD 47 125.86 12.39 -18.11
N ASP ZD 48 127.17 12.14 -18.22
CA ASP ZD 48 127.80 11.70 -19.45
C ASP ZD 48 128.68 10.51 -19.13
N VAL ZD 49 128.70 9.52 -20.02
CA VAL ZD 49 129.37 8.25 -19.76
C VAL ZD 49 130.37 7.96 -20.88
N GLU ZD 50 131.59 7.60 -20.51
CA GLU ZD 50 132.63 7.25 -21.47
C GLU ZD 50 133.28 5.94 -21.04
N SER ZD 51 133.61 5.09 -22.02
CA SER ZD 51 134.08 3.73 -21.77
C SER ZD 51 135.55 3.58 -22.13
N HIS ZD 52 136.26 2.79 -21.33
CA HIS ZD 52 137.67 2.47 -21.57
C HIS ZD 52 137.94 0.99 -21.28
N LEU ZD 53 137.06 0.12 -21.75
CA LEU ZD 53 137.22 -1.33 -21.57
C LEU ZD 53 138.07 -1.86 -22.72
N ASP ZD 54 139.37 -1.95 -22.49
CA ASP ZD 54 140.33 -2.33 -23.53
C ASP ZD 54 141.15 -3.55 -23.12
N ASN ZD 55 140.50 -4.56 -22.56
CA ASN ZD 55 141.13 -5.84 -22.30
C ASN ZD 55 140.21 -6.97 -22.77
N THR ZD 56 140.82 -8.08 -23.15
CA THR ZD 56 140.11 -9.20 -23.75
C THR ZD 56 140.21 -10.43 -22.85
N ILE ZD 57 139.06 -11.05 -22.59
CA ILE ZD 57 139.02 -12.34 -21.90
C ILE ZD 57 139.42 -13.40 -22.91
N ALA ZD 58 140.64 -13.90 -22.82
CA ALA ZD 58 141.20 -14.85 -23.80
C ALA ZD 58 141.76 -16.06 -23.07
N PRO ZD 59 140.90 -16.95 -22.58
CA PRO ZD 59 141.39 -18.21 -22.02
C PRO ZD 59 141.37 -19.32 -23.07
N ALA ZD 60 141.90 -20.48 -22.68
CA ALA ZD 60 141.77 -21.67 -23.50
C ALA ZD 60 140.38 -22.27 -23.36
N ALA ZD 61 140.06 -23.21 -24.24
CA ALA ZD 61 138.74 -23.82 -24.23
C ALA ZD 61 138.56 -24.66 -22.97
N GLY ZD 62 137.49 -24.37 -22.23
CA GLY ZD 62 137.16 -25.13 -21.04
C GLY ZD 62 137.94 -24.76 -19.80
N ALA ZD 63 138.69 -23.66 -19.82
CA ALA ZD 63 139.53 -23.27 -18.70
C ALA ZD 63 138.78 -22.40 -17.72
N GLN ZD 64 139.26 -22.38 -16.48
CA GLN ZD 64 138.74 -21.52 -15.42
C GLN ZD 64 139.76 -20.42 -15.17
N GLY ZD 65 139.29 -19.17 -15.16
CA GLY ZD 65 140.22 -18.06 -15.17
C GLY ZD 65 139.92 -16.89 -14.25
N TYR ZD 66 140.66 -15.80 -14.44
CA TYR ZD 66 140.61 -14.62 -13.58
C TYR ZD 66 141.19 -13.44 -14.35
N LYS ZD 67 140.40 -12.41 -14.61
CA LYS ZD 67 140.81 -11.36 -15.52
C LYS ZD 67 140.18 -10.03 -15.13
N ASP ZD 68 140.88 -8.95 -15.43
CA ASP ZD 68 140.36 -7.59 -15.31
C ASP ZD 68 140.20 -6.99 -16.71
N MET ZD 69 139.36 -5.96 -16.82
CA MET ZD 69 138.94 -5.46 -18.13
C MET ZD 69 139.34 -4.01 -18.39
N GLY ZD 70 139.03 -3.11 -17.48
CA GLY ZD 70 139.26 -1.69 -17.71
C GLY ZD 70 138.44 -0.86 -16.71
N TYR ZD 71 138.14 0.37 -17.11
CA TYR ZD 71 137.37 1.25 -16.24
C TYR ZD 71 136.46 2.14 -17.09
N VAL ZD 72 135.46 2.70 -16.42
CA VAL ZD 72 134.43 3.53 -17.07
C VAL ZD 72 134.34 4.85 -16.32
N LYS ZD 73 134.21 5.94 -17.08
CA LYS ZD 73 134.16 7.29 -16.54
C LYS ZD 73 132.73 7.84 -16.60
N ILE ZD 74 132.31 8.50 -15.52
CA ILE ZD 74 131.00 9.13 -15.42
C ILE ZD 74 131.22 10.60 -15.08
N ILE ZD 75 130.50 11.48 -15.78
CA ILE ZD 75 130.64 12.92 -15.60
C ILE ZD 75 129.31 13.50 -15.15
N ASN ZD 76 129.34 14.32 -14.10
CA ASN ZD 76 128.15 14.91 -13.50
C ASN ZD 76 128.17 16.42 -13.63
N TYR ZD 77 126.99 17.00 -13.85
CA TYR ZD 77 126.82 18.37 -14.34
C TYR ZD 77 126.11 19.23 -13.31
N THR ZD 78 125.75 20.44 -13.74
CA THR ZD 78 125.35 21.52 -12.84
C THR ZD 78 124.21 21.12 -11.92
N ASP ZD 79 124.35 21.46 -10.64
CA ASP ZD 79 123.32 21.28 -9.61
C ASP ZD 79 122.97 19.81 -9.38
N VAL ZD 80 123.91 18.91 -9.64
CA VAL ZD 80 123.73 17.48 -9.43
C VAL ZD 80 124.59 17.07 -8.24
N ASN ZD 81 123.99 16.34 -7.31
CA ASN ZD 81 124.72 15.88 -6.13
C ASN ZD 81 124.65 14.37 -5.92
N VAL ZD 82 123.51 13.75 -6.18
CA VAL ZD 82 123.32 12.32 -5.97
C VAL ZD 82 122.64 11.73 -7.20
N VAL ZD 83 123.16 10.59 -7.67
CA VAL ZD 83 122.65 9.92 -8.85
C VAL ZD 83 122.33 8.47 -8.51
N LYS ZD 84 121.16 8.01 -8.95
CA LYS ZD 84 120.75 6.61 -8.81
C LYS ZD 84 120.79 5.96 -10.19
N LEU ZD 85 121.48 4.83 -10.29
CA LEU ZD 85 121.74 4.19 -11.57
C LEU ZD 85 121.32 2.73 -11.54
N LYS ZD 86 121.01 2.20 -12.73
CA LYS ZD 86 120.72 0.79 -12.92
C LYS ZD 86 121.60 0.25 -14.03
N VAL ZD 87 122.32 -0.83 -13.74
CA VAL ZD 87 123.27 -1.42 -14.68
C VAL ZD 87 122.83 -2.85 -14.98
N THR ZD 88 122.83 -3.20 -16.27
CA THR ZD 88 122.37 -4.52 -16.71
C THR ZD 88 123.25 -5.02 -17.84
N LEU ZD 89 123.20 -6.33 -18.06
CA LEU ZD 89 123.89 -6.98 -19.16
C LEU ZD 89 122.92 -7.07 -20.34
N ALA ZD 90 123.23 -6.35 -21.43
CA ALA ZD 90 122.30 -6.24 -22.54
C ALA ZD 90 122.23 -7.52 -23.37
N ASN ZD 91 123.35 -8.21 -23.55
CA ASN ZD 91 123.40 -9.37 -24.43
C ASN ZD 91 123.71 -10.65 -23.66
N ALA ZD 92 123.06 -10.83 -22.50
CA ALA ZD 92 123.29 -12.03 -21.70
C ALA ZD 92 122.81 -13.28 -22.42
N ALA ZD 93 121.74 -13.17 -23.20
CA ALA ZD 93 121.20 -14.34 -23.92
C ALA ZD 93 122.19 -14.85 -24.95
N GLN ZD 94 122.89 -13.95 -25.64
CA GLN ZD 94 123.86 -14.37 -26.64
C GLN ZD 94 125.06 -15.07 -26.01
N LEU ZD 95 125.46 -14.65 -24.81
CA LEU ZD 95 126.64 -15.19 -24.15
C LEU ZD 95 126.38 -16.51 -23.44
N ARG ZD 96 125.12 -16.92 -23.30
CA ARG ZD 96 124.82 -18.16 -22.58
C ARG ZD 96 125.45 -19.41 -23.21
N PRO ZD 97 125.36 -19.66 -24.52
CA PRO ZD 97 125.94 -20.90 -25.07
C PRO ZD 97 127.46 -20.98 -24.97
N TYR ZD 98 128.15 -19.87 -24.65
CA TYR ZD 98 129.60 -19.85 -24.64
C TYR ZD 98 130.21 -19.99 -23.25
N PHE ZD 99 129.41 -19.87 -22.18
CA PHE ZD 99 129.95 -19.86 -20.82
C PHE ZD 99 129.08 -20.70 -19.90
N LYS ZD 100 129.73 -21.40 -18.97
CA LYS ZD 100 129.00 -22.01 -17.87
C LYS ZD 100 128.60 -20.97 -16.84
N TYR ZD 101 129.49 -20.02 -16.55
CA TYR ZD 101 129.16 -18.91 -15.66
C TYR ZD 101 130.10 -17.75 -15.96
N LEU ZD 102 129.63 -16.55 -15.64
CA LEU ZD 102 130.40 -15.33 -15.86
C LEU ZD 102 129.90 -14.27 -14.89
N GLN ZD 103 130.82 -13.73 -14.07
CA GLN ZD 103 130.46 -12.76 -13.05
C GLN ZD 103 131.30 -11.50 -13.22
N LEU ZD 104 130.66 -10.35 -13.07
CA LEU ZD 104 131.32 -9.05 -13.18
C LEU ZD 104 131.22 -8.32 -11.85
N VAL ZD 105 132.34 -7.76 -11.40
CA VAL ZD 105 132.42 -7.05 -10.13
C VAL ZD 105 132.77 -5.60 -10.41
N LEU ZD 106 131.96 -4.68 -9.89
CA LEU ZD 106 132.14 -3.25 -10.07
C LEU ZD 106 132.54 -2.62 -8.74
N THR ZD 107 133.61 -1.83 -8.74
CA THR ZD 107 134.10 -1.18 -7.54
C THR ZD 107 134.34 0.30 -7.81
N SER ZD 108 133.96 1.14 -6.85
CA SER ZD 108 134.22 2.57 -6.91
C SER ZD 108 135.56 2.86 -6.23
N ASN ZD 109 136.41 3.62 -6.92
CA ASN ZD 109 137.79 3.82 -6.51
C ASN ZD 109 138.18 5.30 -6.61
N ALA ZD 110 137.36 6.12 -7.28
CA ALA ZD 110 137.74 7.49 -7.62
C ALA ZD 110 138.20 8.29 -6.39
N SER ZD 111 137.69 7.93 -5.21
CA SER ZD 111 138.23 8.44 -3.95
C SER ZD 111 139.36 7.52 -3.49
N SER ZD 112 140.56 8.07 -3.35
CA SER ZD 112 141.71 7.27 -2.95
C SER ZD 112 141.58 6.74 -1.54
N THR ZD 113 140.69 7.32 -0.73
CA THR ZD 113 140.50 6.88 0.65
C THR ZD 113 139.39 5.85 0.78
N VAL ZD 114 138.37 5.88 -0.08
CA VAL ZD 114 137.20 5.02 0.03
C VAL ZD 114 137.10 4.18 -1.24
N GLU ZD 115 137.55 2.93 -1.18
CA GLU ZD 115 137.30 1.94 -2.22
C GLU ZD 115 136.11 1.10 -1.80
N GLU ZD 116 135.13 0.97 -2.70
CA GLU ZD 116 133.93 0.20 -2.41
C GLU ZD 116 133.46 -0.58 -3.63
N THR ZD 117 133.16 -1.86 -3.43
CA THR ZD 117 132.47 -2.66 -4.44
C THR ZD 117 130.97 -2.41 -4.33
N LYS ZD 118 130.34 -2.09 -5.46
CA LYS ZD 118 128.94 -1.66 -5.47
C LYS ZD 118 127.97 -2.74 -5.94
N ALA ZD 119 128.33 -3.53 -6.95
CA ALA ZD 119 127.40 -4.52 -7.47
C ALA ZD 119 128.17 -5.69 -8.07
N VAL ZD 120 127.48 -6.83 -8.16
CA VAL ZD 120 127.99 -8.03 -8.81
C VAL ZD 120 126.95 -8.47 -9.83
N LEU ZD 121 127.36 -8.63 -11.07
CA LEU ZD 121 126.48 -9.03 -12.15
C LEU ZD 121 126.83 -10.44 -12.62
N SER ZD 122 125.81 -11.17 -13.07
CA SER ZD 122 125.99 -12.54 -13.51
C SER ZD 122 124.98 -12.83 -14.63
N LEU ZD 123 125.16 -13.98 -15.28
CA LEU ZD 123 124.27 -14.37 -16.36
C LEU ZD 123 122.89 -14.76 -15.86
N LYS ZD 124 122.75 -15.12 -14.59
CA LYS ZD 124 121.46 -15.48 -14.03
C LYS ZD 124 120.74 -14.28 -13.42
N LYS ZD 125 121.48 -13.31 -12.90
CA LYS ZD 125 120.91 -12.07 -12.34
C LYS ZD 125 121.65 -10.91 -12.98
N PRO ZD 126 121.20 -10.47 -14.16
CA PRO ZD 126 122.00 -9.50 -14.94
C PRO ZD 126 121.89 -8.05 -14.48
N SER ZD 127 120.92 -7.71 -13.63
CA SER ZD 127 120.63 -6.32 -13.30
C SER ZD 127 120.95 -6.03 -11.84
N ALA ZD 128 121.34 -4.78 -11.58
CA ALA ZD 128 121.63 -4.31 -10.23
C ALA ZD 128 121.41 -2.81 -10.16
N VAL ZD 129 121.23 -2.32 -8.94
CA VAL ZD 129 121.01 -0.90 -8.68
C VAL ZD 129 122.06 -0.41 -7.69
N ILE ZD 130 122.72 0.69 -8.03
CA ILE ZD 130 123.81 1.23 -7.22
C ILE ZD 130 123.50 2.69 -6.89
N ILE ZD 131 124.21 3.20 -5.89
CA ILE ZD 131 124.06 4.57 -5.41
C ILE ZD 131 125.42 5.25 -5.40
N LEU ZD 132 125.48 6.44 -5.97
CA LEU ZD 132 126.68 7.28 -5.94
C LEU ZD 132 126.36 8.56 -5.16
N ASP ZD 133 127.22 8.88 -4.19
CA ASP ZD 133 126.97 10.01 -3.30
C ASP ZD 133 128.15 10.96 -3.21
N ASN ZD 134 128.11 11.89 -2.24
CA ASN ZD 134 129.13 12.92 -2.12
C ASN ZD 134 130.53 12.33 -1.97
N ASP ZD 135 130.65 11.18 -1.30
CA ASP ZD 135 131.97 10.59 -1.09
C ASP ZD 135 132.57 10.06 -2.39
N ASP ZD 136 131.74 9.56 -3.29
CA ASP ZD 136 132.26 8.97 -4.52
C ASP ZD 136 132.79 10.03 -5.48
N TYR ZD 137 132.13 11.20 -5.53
CA TYR ZD 137 132.47 12.24 -6.49
C TYR ZD 137 133.78 12.93 -6.14
N SER ZD 138 134.90 12.22 -6.27
CA SER ZD 138 136.21 12.83 -6.10
C SER ZD 138 136.56 13.67 -7.32
N SER ZD 139 137.41 14.67 -7.11
CA SER ZD 139 137.69 15.74 -8.06
C SER ZD 139 136.43 16.53 -8.41
N THR ZD 140 135.32 16.27 -7.70
CA THR ZD 140 134.05 16.99 -7.79
C THR ZD 140 133.35 16.83 -9.13
N ASN ZD 141 133.94 16.07 -10.06
CA ASN ZD 141 133.40 16.04 -11.41
C ASN ZD 141 133.31 14.66 -12.06
N LYS ZD 142 133.89 13.60 -11.49
CA LYS ZD 142 133.91 12.34 -12.21
C LYS ZD 142 133.93 11.15 -11.27
N ILE ZD 143 133.43 10.02 -11.79
CA ILE ZD 143 133.44 8.72 -11.14
C ILE ZD 143 134.27 7.76 -11.98
N GLN ZD 144 135.11 6.96 -11.31
CA GLN ZD 144 135.91 5.93 -11.96
C GLN ZD 144 135.50 4.57 -11.42
N LEU ZD 145 135.13 3.66 -12.31
CA LEU ZD 145 134.69 2.31 -11.95
C LEU ZD 145 135.37 1.29 -12.86
N LYS ZD 146 136.21 0.44 -12.28
CA LYS ZD 146 136.76 -0.67 -13.02
C LYS ZD 146 135.90 -1.92 -12.91
N VAL ZD 147 136.09 -2.84 -13.86
CA VAL ZD 147 135.29 -4.04 -14.00
C VAL ZD 147 136.17 -5.25 -13.68
N GLU ZD 148 135.63 -6.16 -12.87
CA GLU ZD 148 136.36 -7.38 -12.53
C GLU ZD 148 135.53 -8.58 -12.98
N ALA ZD 149 136.18 -9.52 -13.66
CA ALA ZD 149 135.51 -10.64 -14.30
C ALA ZD 149 136.01 -11.97 -13.76
N TYR ZD 150 135.07 -12.88 -13.52
CA TYR ZD 150 135.36 -14.28 -13.22
C TYR ZD 150 134.55 -15.14 -14.18
N TYR ZD 151 135.17 -16.20 -14.69
CA TYR ZD 151 134.55 -16.93 -15.79
C TYR ZD 151 135.02 -18.37 -15.82
N GLU ZD 152 134.25 -19.20 -16.52
CA GLU ZD 152 134.65 -20.55 -16.90
C GLU ZD 152 134.08 -20.81 -18.30
N ALA ZD 153 134.95 -21.17 -19.22
CA ALA ZD 153 134.56 -21.36 -20.62
C ALA ZD 153 133.98 -22.75 -20.84
N LYS ZD 154 133.13 -22.86 -21.85
CA LYS ZD 154 132.55 -24.14 -22.22
C LYS ZD 154 133.61 -25.08 -22.77
N GLU ZD 155 133.37 -26.38 -22.63
CA GLU ZD 155 134.33 -27.40 -23.03
C GLU ZD 155 134.31 -27.55 -24.55
N GLY ZD 156 135.47 -27.37 -25.18
CA GLY ZD 156 135.61 -27.63 -26.60
C GLY ZD 156 134.97 -26.62 -27.52
N MET ZD 157 134.73 -25.40 -27.06
CA MET ZD 157 134.12 -24.36 -27.87
C MET ZD 157 135.16 -23.34 -28.28
N LEU ZD 158 135.26 -23.06 -29.58
CA LEU ZD 158 136.22 -22.12 -30.12
C LEU ZD 158 135.48 -20.99 -30.84
N PHE ZD 159 135.95 -19.76 -30.63
CA PHE ZD 159 135.29 -18.59 -31.19
C PHE ZD 159 136.24 -17.41 -31.10
N ASP ZD 160 135.85 -16.32 -31.75
CA ASP ZD 160 136.62 -15.08 -31.71
C ASP ZD 160 135.70 -13.92 -32.05
N SER ZD 161 136.12 -12.72 -31.64
CA SER ZD 161 135.40 -11.48 -31.92
C SER ZD 161 133.97 -11.52 -31.39
N LEU ZD 162 133.85 -11.74 -30.08
CA LEU ZD 162 132.56 -11.77 -29.41
C LEU ZD 162 132.44 -10.58 -28.46
N PRO ZD 163 131.47 -9.69 -28.64
CA PRO ZD 163 131.39 -8.51 -27.79
C PRO ZD 163 130.57 -8.73 -26.53
N VAL ZD 164 130.92 -7.94 -25.51
CA VAL ZD 164 130.19 -7.88 -24.24
C VAL ZD 164 129.71 -6.45 -24.04
N ILE ZD 165 128.42 -6.29 -23.77
CA ILE ZD 165 127.76 -4.99 -23.77
C ILE ZD 165 127.13 -4.75 -22.41
N LEU ZD 166 127.32 -3.54 -21.89
CA LEU ZD 166 126.69 -3.09 -20.65
C LEU ZD 166 125.88 -1.83 -20.94
N ASN ZD 167 124.77 -1.67 -20.22
CA ASN ZD 167 123.86 -0.56 -20.42
C ASN ZD 167 123.63 0.19 -19.11
N PHE ZD 168 123.41 1.49 -19.21
CA PHE ZD 168 123.17 2.35 -18.04
C PHE ZD 168 121.86 3.10 -18.23
N GLN ZD 169 121.11 3.24 -17.13
CA GLN ZD 169 119.87 3.99 -17.13
C GLN ZD 169 119.75 4.76 -15.82
N VAL ZD 170 119.33 6.01 -15.92
CA VAL ZD 170 119.18 6.90 -14.77
C VAL ZD 170 117.76 6.78 -14.24
N LEU ZD 171 117.64 6.52 -12.94
CA LEU ZD 171 116.34 6.42 -12.29
C LEU ZD 171 115.94 7.68 -11.53
N SER ZD 172 116.89 8.35 -10.88
CA SER ZD 172 116.60 9.55 -10.12
C SER ZD 172 117.90 10.31 -9.89
N VAL ZD 173 117.82 11.63 -9.95
CA VAL ZD 173 118.97 12.51 -9.70
C VAL ZD 173 118.51 13.65 -8.80
N SER ZD 174 119.43 14.11 -7.94
CA SER ZD 174 119.13 15.21 -7.04
C SER ZD 174 120.39 16.02 -6.73
N THR AE 26 79.03 67.38 -38.42
CA THR AE 26 78.63 66.55 -37.30
C THR AE 26 78.83 65.07 -37.64
N THR AE 27 80.03 64.56 -37.37
CA THR AE 27 80.38 63.19 -37.67
C THR AE 27 80.81 62.48 -36.39
N GLN AE 28 80.29 61.26 -36.19
CA GLN AE 28 80.61 60.45 -35.03
C GLN AE 28 81.60 59.37 -35.44
N SER AE 29 82.73 59.30 -34.75
CA SER AE 29 83.78 58.37 -35.14
C SER AE 29 83.86 57.20 -34.16
N PRO AE 30 84.14 55.98 -34.66
CA PRO AE 30 84.29 54.84 -33.75
C PRO AE 30 85.65 54.74 -33.10
N LEU AE 31 86.67 55.40 -33.65
CA LEU AE 31 88.01 55.49 -33.03
C LEU AE 31 88.66 54.12 -32.90
N ASN AE 32 88.64 53.34 -33.99
CA ASN AE 32 89.28 52.03 -34.00
C ASN AE 32 89.99 51.75 -35.32
N SER AE 33 90.32 52.79 -36.08
CA SER AE 33 90.96 52.63 -37.39
C SER AE 33 92.47 52.76 -37.29
N PHE AE 34 93.08 51.85 -36.54
CA PHE AE 34 94.54 51.82 -36.37
C PHE AE 34 95.03 50.38 -36.43
N TYR AE 35 96.11 50.15 -37.18
CA TYR AE 35 96.62 48.81 -37.38
C TYR AE 35 98.14 48.82 -37.48
N ALA AE 36 98.73 47.65 -37.23
CA ALA AE 36 100.16 47.42 -37.41
C ALA AE 36 100.34 45.97 -37.82
N THR AE 37 101.31 45.72 -38.70
CA THR AE 37 101.44 44.42 -39.35
C THR AE 37 102.88 43.92 -39.30
N GLY AE 38 103.03 42.62 -39.06
CA GLY AE 38 104.32 41.95 -39.16
C GLY AE 38 104.23 40.69 -40.01
N THR AE 39 105.30 39.89 -40.05
CA THR AE 39 105.32 38.70 -40.88
C THR AE 39 106.13 37.60 -40.18
N ALA AE 40 105.92 36.36 -40.63
CA ALA AE 40 106.63 35.21 -40.12
C ALA AE 40 106.69 34.14 -41.20
N GLN AE 41 107.64 33.22 -41.06
CA GLN AE 41 107.83 32.17 -42.06
C GLN AE 41 108.64 31.03 -41.47
N ALA AE 42 108.58 29.88 -42.15
CA ALA AE 42 109.40 28.71 -41.80
C ALA AE 42 109.49 27.85 -43.05
N VAL AE 43 110.67 27.80 -43.67
CA VAL AE 43 110.80 27.22 -45.00
C VAL AE 43 111.92 26.16 -45.06
N GLN AE 44 112.23 25.50 -43.96
CA GLN AE 44 113.23 24.44 -44.00
C GLN AE 44 113.00 23.46 -42.85
N GLU AE 45 113.46 22.22 -43.08
CA GLU AE 45 113.36 21.15 -42.10
C GLU AE 45 114.46 21.28 -41.04
N PRO AE 46 114.22 20.77 -39.83
CA PRO AE 46 115.18 20.98 -38.74
C PRO AE 46 116.58 20.47 -39.02
N ILE AE 47 116.72 19.31 -39.67
CA ILE AE 47 118.01 18.66 -39.81
C ILE AE 47 118.25 18.29 -41.27
N ASP AE 48 119.53 18.08 -41.59
CA ASP AE 48 119.96 17.55 -42.88
C ASP AE 48 120.95 16.43 -42.62
N VAL AE 49 120.87 15.35 -43.41
CA VAL AE 49 121.65 14.15 -43.16
C VAL AE 49 122.44 13.80 -44.41
N GLU AE 50 123.73 13.51 -44.25
CA GLU AE 50 124.60 13.12 -45.34
C GLU AE 50 125.39 11.88 -44.93
N SER AE 51 125.58 10.96 -45.89
CA SER AE 51 126.15 9.65 -45.61
C SER AE 51 127.55 9.53 -46.21
N HIS AE 52 128.43 8.84 -45.49
CA HIS AE 52 129.78 8.56 -45.96
C HIS AE 52 130.19 7.12 -45.60
N LEU AE 53 129.29 6.17 -45.82
CA LEU AE 53 129.57 4.76 -45.54
C LEU AE 53 130.22 4.16 -46.78
N ASP AE 54 131.55 4.13 -46.78
CA ASP AE 54 132.33 3.70 -47.94
C ASP AE 54 133.27 2.56 -47.60
N ASN AE 55 132.79 1.58 -46.83
CA ASN AE 55 133.53 0.36 -46.58
C ASN AE 55 132.61 -0.84 -46.77
N THR AE 56 133.20 -1.96 -47.16
CA THR AE 56 132.45 -3.17 -47.52
C THR AE 56 132.77 -4.30 -46.55
N ILE AE 57 131.74 -4.94 -46.02
CA ILE AE 57 131.90 -6.15 -45.23
C ILE AE 57 132.16 -7.29 -46.20
N ALA AE 58 133.41 -7.73 -46.29
CA ALA AE 58 133.84 -8.74 -47.26
C ALA AE 58 134.59 -9.86 -46.56
N PRO AE 59 133.89 -10.74 -45.84
CA PRO AE 59 134.52 -11.91 -45.26
C PRO AE 59 134.39 -13.12 -46.20
N ALA AE 60 135.03 -14.21 -45.80
CA ALA AE 60 134.84 -15.47 -46.49
C ALA AE 60 133.52 -16.11 -46.03
N ALA AE 61 133.11 -17.14 -46.76
CA ALA AE 61 131.84 -17.82 -46.46
C ALA AE 61 131.94 -18.53 -45.11
N GLY AE 62 131.01 -18.21 -44.21
CA GLY AE 62 130.95 -18.87 -42.92
C GLY AE 62 131.91 -18.34 -41.88
N ALA AE 63 132.58 -17.23 -42.14
CA ALA AE 63 133.59 -16.70 -41.24
C ALA AE 63 132.97 -15.76 -40.20
N GLN AE 64 133.67 -15.60 -39.09
CA GLN AE 64 133.31 -14.67 -38.03
C GLN AE 64 134.28 -13.50 -38.07
N GLY AE 65 133.75 -12.28 -38.09
CA GLY AE 65 134.61 -11.14 -38.36
C GLY AE 65 134.41 -9.90 -37.50
N TYR AE 66 135.03 -8.81 -37.93
CA TYR AE 66 135.09 -7.56 -37.18
C TYR AE 66 135.44 -6.43 -38.15
N LYS AE 67 134.56 -5.46 -38.33
CA LYS AE 67 134.75 -4.49 -39.41
C LYS AE 67 134.12 -3.15 -39.01
N ASP AE 68 134.70 -2.08 -39.53
CA ASP AE 68 134.12 -0.74 -39.44
C ASP AE 68 133.69 -0.28 -40.83
N MET AE 69 132.78 0.70 -40.88
CA MET AE 69 132.10 1.05 -42.12
C MET AE 69 132.37 2.48 -42.58
N GLY AE 70 132.19 3.46 -41.71
CA GLY AE 70 132.28 4.86 -42.10
C GLY AE 70 131.61 5.73 -41.06
N TYR AE 71 131.17 6.91 -41.50
CA TYR AE 71 130.53 7.85 -40.58
C TYR AE 71 129.43 8.61 -41.32
N VAL AE 72 128.53 9.20 -40.54
CA VAL AE 72 127.36 9.92 -41.04
C VAL AE 72 127.33 11.31 -40.43
N LYS AE 73 127.00 12.31 -41.24
CA LYS AE 73 126.97 13.70 -40.81
C LYS AE 73 125.54 14.19 -40.66
N ILE AE 74 125.28 14.92 -39.58
CA ILE AE 74 123.98 15.51 -39.29
C ILE AE 74 124.16 17.01 -39.12
N ILE AE 75 123.29 17.80 -39.76
CA ILE AE 75 123.38 19.25 -39.73
C ILE AE 75 122.11 19.80 -39.10
N ASN AE 76 122.28 20.74 -38.16
CA ASN AE 76 121.19 21.33 -37.40
C ASN AE 76 121.10 22.83 -37.66
N TYR AE 77 119.87 23.33 -37.72
CA TYR AE 77 119.55 24.63 -38.28
C TYR AE 77 118.98 25.57 -37.21
N THR AE 78 118.48 26.72 -37.68
CA THR AE 78 118.19 27.86 -36.82
C THR AE 78 117.25 27.50 -35.67
N ASP AE 79 117.60 27.97 -34.47
CA ASP AE 79 116.79 27.85 -33.26
C ASP AE 79 116.57 26.40 -32.85
N VAL AE 80 117.49 25.51 -33.19
CA VAL AE 80 117.44 24.11 -32.83
C VAL AE 80 118.52 23.84 -31.79
N ASN AE 81 118.15 23.19 -30.70
CA ASN AE 81 119.09 22.87 -29.63
C ASN AE 81 119.16 21.39 -29.29
N VAL AE 82 118.01 20.70 -29.28
CA VAL AE 82 117.95 19.29 -28.91
C VAL AE 82 117.10 18.56 -29.94
N VAL AE 83 117.58 17.40 -30.39
CA VAL AE 83 116.90 16.59 -31.39
C VAL AE 83 116.73 15.17 -30.87
N LYS AE 84 115.53 14.63 -31.05
CA LYS AE 84 115.23 13.24 -30.72
C LYS AE 84 115.07 12.46 -32.02
N LEU AE 85 115.78 11.35 -32.14
CA LEU AE 85 115.85 10.61 -33.38
C LEU AE 85 115.52 9.13 -33.14
N LYS AE 86 115.03 8.49 -34.21
CA LYS AE 86 114.79 7.05 -34.22
C LYS AE 86 115.49 6.45 -35.43
N VAL AE 87 116.31 5.43 -35.18
CA VAL AE 87 117.10 4.78 -36.22
C VAL AE 87 116.70 3.32 -36.31
N THR AE 88 116.49 2.84 -37.54
CA THR AE 88 116.03 1.48 -37.77
C THR AE 88 116.73 0.89 -38.99
N LEU AE 89 116.71 -0.43 -39.08
CA LEU AE 89 117.22 -1.15 -40.24
C LEU AE 89 116.07 -1.39 -41.20
N ALA AE 90 116.14 -0.78 -42.38
CA ALA AE 90 115.02 -0.80 -43.31
C ALA AE 90 114.87 -2.16 -43.99
N ASN AE 91 115.98 -2.82 -44.32
CA ASN AE 91 115.93 -4.06 -45.09
C ASN AE 91 116.45 -5.24 -44.28
N ALA AE 92 116.02 -5.34 -43.02
CA ALA AE 92 116.46 -6.44 -42.17
C ALA AE 92 115.93 -7.79 -42.68
N ALA AE 93 114.72 -7.79 -43.25
CA ALA AE 93 114.14 -9.04 -43.74
C ALA AE 93 114.96 -9.61 -44.89
N GLN AE 94 115.47 -8.75 -45.78
CA GLN AE 94 116.27 -9.23 -46.90
C GLN AE 94 117.60 -9.81 -46.44
N LEU AE 95 118.19 -9.26 -45.37
CA LEU AE 95 119.49 -9.69 -44.90
C LEU AE 95 119.44 -10.96 -44.04
N ARG AE 96 118.25 -11.39 -43.64
CA ARG AE 96 118.16 -12.58 -42.77
C ARG AE 96 118.73 -13.85 -43.39
N PRO AE 97 118.42 -14.22 -44.64
CA PRO AE 97 118.97 -15.49 -45.17
C PRO AE 97 120.48 -15.49 -45.34
N TYR AE 98 121.14 -14.34 -45.25
CA TYR AE 98 122.57 -14.26 -45.51
C TYR AE 98 123.43 -14.23 -44.25
N PHE AE 99 122.84 -14.04 -43.07
CA PHE AE 99 123.60 -13.88 -41.85
C PHE AE 99 122.96 -14.67 -40.71
N LYS AE 100 123.81 -15.24 -39.86
CA LYS AE 100 123.32 -15.78 -38.58
C LYS AE 100 123.06 -14.65 -37.59
N TYR AE 101 123.93 -13.65 -37.55
CA TYR AE 101 123.71 -12.47 -36.72
C TYR AE 101 124.49 -11.31 -37.30
N LEU AE 102 124.04 -10.10 -36.99
CA LEU AE 102 124.69 -8.88 -37.45
C LEU AE 102 124.31 -7.75 -36.51
N GLN AE 103 125.32 -7.10 -35.94
CA GLN AE 103 125.10 -6.06 -34.96
C GLN AE 103 125.83 -4.79 -35.38
N LEU AE 104 125.16 -3.65 -35.22
CA LEU AE 104 125.71 -2.34 -35.57
C LEU AE 104 125.81 -1.49 -34.31
N VAL AE 105 126.95 -0.84 -34.12
CA VAL AE 105 127.23 -0.02 -32.96
C VAL AE 105 127.44 1.42 -33.42
N LEU AE 106 126.69 2.35 -32.84
CA LEU AE 106 126.76 3.76 -33.18
C LEU AE 106 127.35 4.53 -32.01
N THR AE 107 128.36 5.35 -32.28
CA THR AE 107 129.01 6.15 -31.25
C THR AE 107 129.11 7.60 -31.68
N SER AE 108 128.87 8.51 -30.75
CA SER AE 108 129.03 9.93 -30.98
C SER AE 108 130.45 10.33 -30.59
N ASN AE 109 131.12 11.07 -31.48
CA ASN AE 109 132.55 11.36 -31.35
C ASN AE 109 132.82 12.84 -31.66
N ALA AE 110 131.86 13.55 -32.24
CA ALA AE 110 132.09 14.90 -32.76
C ALA AE 110 132.71 15.83 -31.71
N SER AE 111 132.45 15.58 -30.43
CA SER AE 111 133.18 16.21 -29.34
C SER AE 111 134.41 15.39 -29.01
N SER AE 112 135.59 16.00 -29.15
CA SER AE 112 136.83 15.28 -28.89
C SER AE 112 136.99 14.89 -27.44
N THR AE 113 136.23 15.52 -26.54
CA THR AE 113 136.31 15.19 -25.12
C THR AE 113 135.30 14.14 -24.68
N VAL AE 114 134.16 14.06 -25.35
CA VAL AE 114 133.07 13.15 -24.95
C VAL AE 114 132.78 12.20 -26.10
N GLU AE 115 133.32 10.98 -26.01
CA GLU AE 115 132.94 9.88 -26.89
C GLU AE 115 131.88 9.04 -26.20
N GLU AE 116 130.77 8.78 -26.89
CA GLU AE 116 129.68 8.00 -26.32
C GLU AE 116 129.06 7.08 -27.36
N THR AE 117 128.87 5.83 -26.98
CA THR AE 117 128.05 4.91 -27.77
C THR AE 117 126.59 5.11 -27.42
N LYS AE 118 125.75 5.28 -28.44
CA LYS AE 118 124.35 5.65 -28.22
C LYS AE 118 123.37 4.51 -28.41
N ALA AE 119 123.58 3.63 -29.39
CA ALA AE 119 122.63 2.56 -29.64
C ALA AE 119 123.35 1.37 -30.27
N VAL AE 120 122.73 0.20 -30.13
CA VAL AE 120 123.17 -1.03 -30.77
C VAL AE 120 121.99 -1.61 -31.53
N LEU AE 121 122.19 -1.88 -32.82
CA LEU AE 121 121.14 -2.42 -33.67
C LEU AE 121 121.48 -3.85 -34.06
N SER AE 122 120.44 -4.66 -34.25
CA SER AE 122 120.61 -6.05 -34.60
C SER AE 122 119.44 -6.49 -35.48
N LEU AE 123 119.57 -7.69 -36.05
CA LEU AE 123 118.51 -8.22 -36.91
C LEU AE 123 117.27 -8.61 -36.14
N LYS AE 124 117.39 -8.86 -34.83
CA LYS AE 124 116.23 -9.20 -34.01
C LYS AE 124 115.57 -7.99 -33.39
N LYS AE 125 116.34 -6.93 -33.09
CA LYS AE 125 115.81 -5.68 -32.55
C LYS AE 125 116.35 -4.55 -33.42
N PRO AE 126 115.68 -4.24 -34.53
CA PRO AE 126 116.26 -3.33 -35.54
C PRO AE 126 116.16 -1.85 -35.18
N SER AE 127 115.34 -1.46 -34.21
CA SER AE 127 115.05 -0.06 -33.96
C SER AE 127 115.60 0.38 -32.61
N ALA AE 128 115.96 1.66 -32.53
CA ALA AE 128 116.46 2.27 -31.31
C ALA AE 128 116.17 3.76 -31.33
N VAL AE 129 116.18 4.37 -30.14
CA VAL AE 129 115.93 5.80 -29.98
C VAL AE 129 117.12 6.40 -29.24
N ILE AE 130 117.65 7.51 -29.79
CA ILE AE 130 118.82 8.16 -29.24
C ILE AE 130 118.51 9.64 -29.00
N ILE AE 131 119.35 10.27 -28.19
CA ILE AE 131 119.20 11.67 -27.81
C ILE AE 131 120.50 12.40 -28.11
N LEU AE 132 120.40 13.54 -28.80
CA LEU AE 132 121.53 14.42 -29.05
C LEU AE 132 121.29 15.75 -28.34
N ASP AE 133 122.29 16.20 -27.58
CA ASP AE 133 122.14 17.40 -26.77
C ASP AE 133 123.26 18.41 -26.98
N ASN AE 134 123.35 19.40 -26.10
CA ASN AE 134 124.31 20.49 -26.27
C ASN AE 134 125.74 19.97 -26.32
N ASP AE 135 126.05 18.90 -25.59
CA ASP AE 135 127.42 18.39 -25.57
C ASP AE 135 127.81 17.77 -26.90
N ASP AE 136 126.85 17.14 -27.60
CA ASP AE 136 127.17 16.46 -28.85
C ASP AE 136 127.47 17.44 -29.97
N TYR AE 137 126.75 18.56 -30.00
CA TYR AE 137 126.85 19.52 -31.09
C TYR AE 137 128.16 20.30 -31.05
N SER AE 138 129.27 19.63 -31.32
CA SER AE 138 130.55 20.30 -31.46
C SER AE 138 130.62 21.03 -32.79
N SER AE 139 131.45 22.08 -32.82
CA SER AE 139 131.48 23.06 -33.90
C SER AE 139 130.15 23.76 -34.08
N THR AE 140 129.20 23.53 -33.16
CA THR AE 140 127.90 24.19 -33.07
C THR AE 140 126.98 23.86 -34.24
N ASN AE 141 127.43 23.05 -35.20
CA ASN AE 141 126.65 22.86 -36.42
C ASN AE 141 126.53 21.42 -36.92
N LYS AE 142 127.26 20.45 -36.38
CA LYS AE 142 127.22 19.13 -36.98
C LYS AE 142 127.48 18.03 -35.95
N ILE AE 143 126.96 16.84 -36.27
CA ILE AE 143 127.17 15.61 -35.52
C ILE AE 143 127.89 14.61 -36.41
N GLN AE 144 128.86 13.91 -35.84
CA GLN AE 144 129.60 12.86 -36.53
C GLN AE 144 129.36 11.54 -35.80
N LEU AE 145 128.90 10.53 -36.53
CA LEU AE 145 128.60 9.21 -35.98
C LEU AE 145 129.17 8.14 -36.90
N LYS AE 146 130.13 7.37 -36.42
CA LYS AE 146 130.62 6.22 -37.16
C LYS AE 146 129.86 4.96 -36.77
N VAL AE 147 129.93 3.96 -37.65
CA VAL AE 147 129.18 2.72 -37.53
C VAL AE 147 130.17 1.58 -37.28
N GLU AE 148 129.84 0.73 -36.31
CA GLU AE 148 130.68 -0.42 -35.99
C GLU AE 148 129.86 -1.69 -36.18
N ALA AE 149 130.43 -2.66 -36.89
CA ALA AE 149 129.72 -3.86 -37.29
C ALA AE 149 130.38 -5.11 -36.73
N TYR AE 150 129.55 -6.04 -36.26
CA TYR AE 150 129.96 -7.39 -35.88
C TYR AE 150 129.05 -8.36 -36.60
N TYR AE 151 129.63 -9.46 -37.12
CA TYR AE 151 128.87 -10.30 -38.03
C TYR AE 151 129.41 -11.73 -38.01
N GLU AE 152 128.56 -12.64 -38.48
CA GLU AE 152 128.96 -14.01 -38.81
C GLU AE 152 128.17 -14.42 -40.04
N ALA AE 153 128.89 -14.84 -41.09
CA ALA AE 153 128.25 -15.18 -42.36
C ALA AE 153 127.72 -16.60 -42.34
N LYS AE 154 126.70 -16.84 -43.17
CA LYS AE 154 126.14 -18.18 -43.31
C LYS AE 154 127.14 -19.12 -43.97
N GLU AE 155 127.01 -20.41 -43.66
CA GLU AE 155 127.93 -21.42 -44.15
C GLU AE 155 127.66 -21.73 -45.62
N GLY AE 156 128.67 -21.56 -46.46
CA GLY AE 156 128.56 -21.95 -47.86
C GLY AE 156 127.71 -21.05 -48.73
N MET AE 157 127.49 -19.80 -48.34
CA MET AE 157 126.68 -18.87 -49.12
C MET AE 157 127.58 -17.86 -49.79
N LEU AE 158 127.42 -17.71 -51.11
CA LEU AE 158 128.22 -16.78 -51.91
C LEU AE 158 127.30 -15.76 -52.57
N PHE AE 159 127.72 -14.50 -52.55
CA PHE AE 159 126.91 -13.41 -53.09
C PHE AE 159 127.80 -12.20 -53.28
N ASP AE 160 127.23 -11.18 -53.94
CA ASP AE 160 127.93 -9.92 -54.16
C ASP AE 160 126.90 -8.83 -54.42
N SER AE 161 127.32 -7.58 -54.19
CA SER AE 161 126.49 -6.41 -54.45
C SER AE 161 125.19 -6.46 -53.65
N LEU AE 162 125.31 -6.55 -52.33
CA LEU AE 162 124.17 -6.57 -51.44
C LEU AE 162 124.16 -5.30 -50.59
N PRO AE 163 123.12 -4.48 -50.67
CA PRO AE 163 123.12 -3.21 -49.93
C PRO AE 163 122.56 -3.34 -48.52
N VAL AE 164 123.04 -2.44 -47.65
CA VAL AE 164 122.55 -2.30 -46.29
C VAL AE 164 122.03 -0.88 -46.13
N ILE AE 165 120.80 -0.75 -45.64
CA ILE AE 165 120.09 0.53 -45.64
C ILE AE 165 119.70 0.88 -44.21
N LEU AE 166 119.91 2.14 -43.83
CA LEU AE 166 119.50 2.68 -42.55
C LEU AE 166 118.57 3.88 -42.79
N ASN AE 167 117.60 4.06 -41.90
CA ASN AE 167 116.61 5.11 -42.02
C ASN AE 167 116.58 5.96 -40.76
N PHE AE 168 116.27 7.24 -40.93
CA PHE AE 168 116.19 8.20 -39.83
C PHE AE 168 114.83 8.88 -39.83
N GLN AE 169 114.29 9.09 -38.63
CA GLN AE 169 113.02 9.80 -38.47
C GLN AE 169 113.09 10.67 -37.23
N VAL AE 170 112.59 11.90 -37.36
CA VAL AE 170 112.60 12.88 -36.29
C VAL AE 170 111.32 12.77 -35.50
N LEU AE 171 111.44 12.63 -34.18
CA LEU AE 171 110.29 12.54 -33.29
C LEU AE 171 109.96 13.84 -32.58
N SER AE 172 110.98 14.60 -32.19
CA SER AE 172 110.76 15.88 -31.50
C SER AE 172 112.04 16.70 -31.57
N VAL AE 173 111.87 18.01 -31.73
CA VAL AE 173 112.99 18.95 -31.77
C VAL AE 173 112.64 20.14 -30.90
N SER AE 174 113.66 20.73 -30.28
CA SER AE 174 113.48 21.90 -29.43
C SER AE 174 114.72 22.78 -29.44
N THR BE 26 65.51 69.18 -57.37
CA THR BE 26 65.36 68.44 -56.11
C THR BE 26 65.59 66.94 -56.35
N THR BE 27 66.84 66.51 -56.27
CA THR BE 27 67.22 65.13 -56.51
C THR BE 27 67.90 64.56 -55.27
N GLN BE 28 67.50 63.36 -54.87
CA GLN BE 28 68.07 62.67 -53.72
C GLN BE 28 69.03 61.60 -54.21
N SER BE 29 70.27 61.64 -53.73
CA SER BE 29 71.28 60.70 -54.22
C SER BE 29 71.59 59.64 -53.18
N PRO BE 30 71.85 58.40 -53.61
CA PRO BE 30 72.23 57.35 -52.65
C PRO BE 30 73.69 57.36 -52.25
N LEU BE 31 74.55 58.02 -53.04
CA LEU BE 31 75.96 58.22 -52.69
C LEU BE 31 76.71 56.89 -52.56
N ASN BE 32 76.54 56.02 -53.55
CA ASN BE 32 77.25 54.74 -53.56
C ASN BE 32 77.71 54.36 -54.96
N SER BE 33 77.85 55.33 -55.86
CA SER BE 33 78.24 55.07 -57.25
C SER BE 33 79.75 55.27 -57.44
N PHE BE 34 80.54 54.46 -56.74
CA PHE BE 34 81.99 54.51 -56.84
C PHE BE 34 82.54 53.09 -56.87
N TYR BE 35 83.49 52.83 -57.77
CA TYR BE 35 84.02 51.49 -57.94
C TYR BE 35 85.49 51.55 -58.33
N ALA BE 36 86.19 50.44 -58.09
CA ALA BE 36 87.57 50.25 -58.50
C ALA BE 36 87.76 48.77 -58.82
N THR BE 37 88.57 48.48 -59.83
CA THR BE 37 88.65 47.13 -60.38
C THR BE 37 90.11 46.70 -60.55
N GLY BE 38 90.37 45.43 -60.23
CA GLY BE 38 91.66 44.80 -60.50
C GLY BE 38 91.48 43.46 -61.20
N THR BE 39 92.57 42.71 -61.37
CA THR BE 39 92.52 41.44 -62.09
C THR BE 39 93.49 40.45 -61.45
N ALA BE 40 93.27 39.17 -61.75
CA ALA BE 40 94.14 38.10 -61.28
C ALA BE 40 94.05 36.93 -62.25
N GLN BE 41 95.07 36.07 -62.21
CA GLN BE 41 95.13 34.94 -63.13
C GLN BE 41 96.10 33.89 -62.59
N ALA BE 42 95.98 32.68 -63.15
CA ALA BE 42 96.90 31.58 -62.86
C ALA BE 42 96.82 30.61 -64.03
N VAL BE 43 97.88 30.55 -64.84
CA VAL BE 43 97.81 29.85 -66.12
C VAL BE 43 98.94 28.83 -66.30
N GLN BE 44 99.49 28.30 -65.21
CA GLN BE 44 100.52 27.28 -65.35
C GLN BE 44 100.56 26.40 -64.10
N GLU BE 45 101.04 25.17 -64.29
CA GLU BE 45 101.17 24.19 -63.22
C GLU BE 45 102.43 24.47 -62.40
N PRO BE 46 102.44 24.05 -61.13
CA PRO BE 46 103.58 24.43 -60.25
C PRO BE 46 104.93 23.94 -60.74
N ILE BE 47 105.01 22.73 -61.29
CA ILE BE 47 106.30 22.12 -61.63
C ILE BE 47 106.29 21.62 -63.06
N ASP BE 48 107.51 21.42 -63.59
CA ASP BE 48 107.72 20.80 -64.88
C ASP BE 48 108.80 19.75 -64.72
N VAL BE 49 108.65 18.60 -65.37
CA VAL BE 49 109.53 17.45 -65.17
C VAL BE 49 110.09 17.00 -66.51
N GLU BE 50 111.40 16.80 -66.57
CA GLU BE 50 112.08 16.33 -67.77
C GLU BE 50 113.00 15.17 -67.39
N SER BE 51 113.07 14.18 -68.28
CA SER BE 51 113.76 12.92 -68.00
C SER BE 51 115.02 12.79 -68.84
N HIS BE 52 116.06 12.22 -68.23
CA HIS BE 52 117.33 11.93 -68.92
C HIS BE 52 117.87 10.57 -68.52
N LEU BE 53 117.00 9.56 -68.47
CA LEU BE 53 117.41 8.20 -68.13
C LEU BE 53 117.85 7.50 -69.41
N ASP BE 54 119.16 7.53 -69.67
CA ASP BE 54 119.74 7.02 -70.90
C ASP BE 54 120.80 5.96 -70.63
N ASN BE 55 120.51 5.04 -69.71
CA ASN BE 55 121.36 3.87 -69.49
C ASN BE 55 120.48 2.63 -69.40
N THR BE 56 121.06 1.49 -69.79
CA THR BE 56 120.32 0.24 -69.91
C THR BE 56 120.88 -0.78 -68.91
N ILE BE 57 119.98 -1.41 -68.15
CA ILE BE 57 120.36 -2.53 -67.30
C ILE BE 57 120.51 -3.76 -68.20
N ALA BE 58 121.75 -4.15 -68.48
CA ALA BE 58 122.04 -5.23 -69.42
C ALA BE 58 122.98 -6.25 -68.77
N PRO BE 59 122.46 -7.07 -67.86
CA PRO BE 59 123.26 -8.17 -67.32
C PRO BE 59 123.02 -9.45 -68.10
N ALA BE 60 123.79 -10.48 -67.73
CA ALA BE 60 123.55 -11.81 -68.25
C ALA BE 60 122.38 -12.45 -67.51
N ALA BE 61 121.89 -13.56 -68.06
CA ALA BE 61 120.75 -14.25 -67.47
C ALA BE 61 121.12 -14.83 -66.10
N GLY BE 62 120.34 -14.47 -65.08
CA GLY BE 62 120.56 -15.00 -63.74
C GLY BE 62 121.66 -14.33 -62.95
N ALA BE 63 122.21 -13.22 -63.43
CA ALA BE 63 123.33 -12.58 -62.77
C ALA BE 63 122.86 -11.56 -61.74
N GLN BE 64 123.74 -11.27 -60.78
CA GLN BE 64 123.52 -10.26 -59.76
C GLN BE 64 124.40 -9.06 -60.08
N GLY BE 65 123.81 -7.87 -60.11
CA GLY BE 65 124.54 -6.72 -60.63
C GLY BE 65 124.42 -5.42 -59.86
N TYR BE 66 124.90 -4.34 -60.50
CA TYR BE 66 125.01 -3.03 -59.89
C TYR BE 66 125.13 -1.98 -61.00
N LYS BE 67 124.18 -1.07 -61.10
CA LYS BE 67 124.11 -0.21 -62.27
C LYS BE 67 123.49 1.13 -61.89
N ASP BE 68 123.90 2.18 -62.60
CA ASP BE 68 123.28 3.50 -62.52
C ASP BE 68 122.58 3.80 -63.83
N MET BE 69 121.62 4.74 -63.80
CA MET BE 69 120.71 4.94 -64.93
C MET BE 69 120.81 6.33 -65.55
N GLY BE 70 120.73 7.38 -64.75
CA GLY BE 70 120.67 8.73 -65.27
C GLY BE 70 120.16 9.67 -64.21
N TYR BE 71 119.58 10.79 -64.66
CA TYR BE 71 119.06 11.78 -63.73
C TYR BE 71 117.81 12.43 -64.31
N VAL BE 72 117.03 13.05 -63.43
CA VAL BE 72 115.75 13.67 -63.77
C VAL BE 72 115.75 15.11 -63.29
N LYS BE 73 115.23 16.02 -64.11
CA LYS BE 73 115.19 17.44 -63.81
C LYS BE 73 113.79 17.88 -63.44
N ILE BE 74 113.68 18.71 -62.40
CA ILE BE 74 112.42 19.27 -61.93
C ILE BE 74 112.55 20.79 -61.94
N ILE BE 75 111.54 21.48 -62.46
CA ILE BE 75 111.55 22.93 -62.58
C ILE BE 75 110.39 23.49 -61.78
N ASN BE 76 110.67 24.51 -60.97
CA ASN BE 76 109.70 25.13 -60.08
C ASN BE 76 109.48 26.59 -60.45
N TYR BE 77 108.23 27.04 -60.31
CA TYR BE 77 107.74 28.27 -60.92
C TYR BE 77 107.32 29.28 -59.86
N THR BE 78 106.68 30.36 -60.32
CA THR BE 78 106.48 31.57 -59.52
C THR BE 78 105.79 31.28 -58.20
N ASP BE 79 106.32 31.88 -57.13
CA ASP BE 79 105.75 31.85 -55.78
C ASP BE 79 105.69 30.44 -55.22
N VAL BE 80 106.59 29.55 -55.64
CA VAL BE 80 106.68 28.19 -55.15
C VAL BE 80 107.94 28.07 -54.31
N ASN BE 81 107.81 27.51 -53.11
CA ASN BE 81 108.95 27.34 -52.22
C ASN BE 81 109.15 25.89 -51.77
N VAL BE 82 108.07 25.17 -51.48
CA VAL BE 82 108.16 23.80 -50.99
C VAL BE 82 107.17 22.93 -51.78
N VAL BE 83 107.64 21.76 -52.21
CA VAL BE 83 106.83 20.83 -53.00
C VAL BE 83 106.84 19.47 -52.32
N LYS BE 84 105.66 18.87 -52.23
CA LYS BE 84 105.50 17.50 -51.73
C LYS BE 84 105.15 16.59 -52.90
N LEU BE 85 105.90 15.50 -53.05
CA LEU BE 85 105.78 14.64 -54.23
C LEU BE 85 105.58 13.19 -53.80
N LYS BE 86 104.95 12.43 -54.69
CA LYS BE 86 104.78 10.99 -54.53
C LYS BE 86 105.30 10.30 -55.79
N VAL BE 87 106.20 9.34 -55.62
CA VAL BE 87 106.83 8.63 -56.72
C VAL BE 87 106.50 7.15 -56.60
N THR BE 88 106.10 6.54 -57.72
CA THR BE 88 105.69 5.15 -57.74
C THR BE 88 106.18 4.48 -59.02
N LEU BE 89 106.22 3.15 -58.98
CA LEU BE 89 106.56 2.34 -60.14
C LEU BE 89 105.26 1.97 -60.86
N ALA BE 90 105.09 2.46 -62.08
CA ALA BE 90 103.82 2.30 -62.78
C ALA BE 90 103.63 0.88 -63.31
N ASN BE 91 104.70 0.25 -63.77
CA ASN BE 91 104.58 -1.06 -64.40
C ASN BE 91 105.31 -2.15 -63.60
N ALA BE 92 105.12 -2.13 -62.28
CA ALA BE 92 105.77 -3.13 -61.43
C ALA BE 92 105.23 -4.54 -61.72
N ALA BE 93 103.94 -4.64 -62.06
CA ALA BE 93 103.35 -5.96 -62.32
C ALA BE 93 103.98 -6.62 -63.54
N GLN BE 94 104.27 -5.83 -64.58
CA GLN BE 94 104.89 -6.37 -65.79
C GLN BE 94 106.31 -6.86 -65.53
N LEU BE 95 107.04 -6.18 -64.64
CA LEU BE 95 108.43 -6.51 -64.38
C LEU BE 95 108.61 -7.69 -63.42
N ARG BE 96 107.54 -8.14 -62.76
CA ARG BE 96 107.67 -9.22 -61.80
C ARG BE 96 108.19 -10.53 -62.40
N PRO BE 97 107.68 -11.03 -63.53
CA PRO BE 97 108.19 -12.32 -64.04
C PRO BE 97 109.65 -12.28 -64.49
N TYR BE 98 110.25 -11.10 -64.62
CA TYR BE 98 111.60 -10.99 -65.15
C TYR BE 98 112.67 -10.81 -64.07
N PHE BE 99 112.29 -10.54 -62.83
CA PHE BE 99 113.25 -10.22 -61.78
C PHE BE 99 112.87 -10.92 -60.48
N LYS BE 100 113.90 -11.38 -59.76
CA LYS BE 100 113.68 -11.80 -58.37
C LYS BE 100 113.53 -10.60 -57.45
N TYR BE 101 114.33 -9.56 -57.65
CA TYR BE 101 114.20 -8.32 -56.91
C TYR BE 101 114.81 -7.19 -57.71
N LEU BE 102 114.34 -5.98 -57.44
CA LEU BE 102 114.82 -4.78 -58.12
C LEU BE 102 114.57 -3.58 -57.22
N GLN BE 103 115.62 -2.84 -56.90
CA GLN BE 103 115.53 -1.71 -55.99
C GLN BE 103 116.10 -0.46 -56.66
N LEU BE 104 115.40 0.65 -56.48
CA LEU BE 104 115.80 1.94 -57.03
C LEU BE 104 116.08 2.92 -55.90
N VAL BE 105 117.20 3.62 -55.98
CA VAL BE 105 117.63 4.57 -54.97
C VAL BE 105 117.67 5.96 -55.58
N LEU BE 106 116.99 6.91 -54.96
CA LEU BE 106 116.91 8.29 -55.43
C LEU BE 106 117.66 9.19 -54.45
N THR BE 107 118.55 10.02 -54.98
CA THR BE 107 119.35 10.93 -54.16
C THR BE 107 119.28 12.35 -54.73
N SER BE 108 119.16 13.33 -53.84
CA SER BE 108 119.20 14.73 -54.23
C SER BE 108 120.64 15.22 -54.15
N ASN BE 109 121.10 15.89 -55.21
CA ASN BE 109 122.51 16.26 -55.37
C ASN BE 109 122.63 17.71 -55.85
N ALA BE 110 121.54 18.31 -56.29
CA ALA BE 110 121.60 19.62 -56.97
C ALA BE 110 122.35 20.66 -56.15
N SER BE 111 122.33 20.53 -54.82
CA SER BE 111 123.21 21.30 -53.94
C SER BE 111 124.52 20.55 -53.78
N SER BE 112 125.63 21.19 -54.19
CA SER BE 112 126.93 20.55 -54.11
C SER BE 112 127.37 20.32 -52.67
N THR BE 113 126.75 20.99 -51.70
CA THR BE 113 127.10 20.81 -50.30
C THR BE 113 126.26 19.76 -49.60
N VAL BE 114 125.01 19.57 -50.03
CA VAL BE 114 124.07 18.67 -49.36
C VAL BE 114 123.63 17.60 -50.35
N GLU BE 115 124.24 16.41 -50.25
CA GLU BE 115 123.77 15.23 -50.95
C GLU BE 115 122.91 14.41 -50.00
N GLU BE 116 121.71 14.05 -50.45
CA GLU BE 116 120.78 13.28 -49.62
C GLU BE 116 120.04 12.24 -50.44
N THR BE 117 119.98 11.01 -49.94
CA THR BE 117 119.09 10.00 -50.47
C THR BE 117 117.71 10.18 -49.87
N LYS BE 118 116.69 10.22 -50.73
CA LYS BE 118 115.34 10.55 -50.30
C LYS BE 118 114.40 9.35 -50.20
N ALA BE 119 114.49 8.40 -51.13
CA ALA BE 119 113.57 7.27 -51.10
C ALA BE 119 114.23 6.06 -51.75
N VAL BE 120 113.70 4.88 -51.39
CA VAL BE 120 114.10 3.61 -51.98
C VAL BE 120 112.83 2.91 -52.46
N LEU BE 121 112.81 2.54 -53.74
CA LEU BE 121 111.66 1.88 -54.33
C LEU BE 121 112.00 0.43 -54.65
N SER BE 122 110.99 -0.44 -54.57
CA SER BE 122 111.18 -1.85 -54.82
C SER BE 122 109.89 -2.42 -55.42
N LEU BE 123 109.98 -3.66 -55.90
CA LEU BE 123 108.83 -4.30 -56.51
C LEU BE 123 107.76 -4.68 -55.49
N LYS BE 124 108.13 -4.79 -54.21
CA LYS BE 124 107.16 -5.10 -53.16
C LYS BE 124 106.56 -3.85 -52.54
N LYS BE 125 107.30 -2.75 -52.48
CA LYS BE 125 106.81 -1.48 -51.97
C LYS BE 125 107.12 -0.41 -53.02
N PRO BE 126 106.25 -0.24 -54.02
CA PRO BE 126 106.58 0.60 -55.17
C PRO BE 126 106.46 2.10 -54.95
N SER BE 127 105.82 2.55 -53.87
CA SER BE 127 105.49 3.95 -53.70
C SER BE 127 106.25 4.54 -52.52
N ALA BE 128 106.55 5.84 -52.63
CA ALA BE 128 107.23 6.58 -51.57
C ALA BE 128 106.85 8.04 -51.66
N VAL BE 129 107.04 8.77 -50.57
CA VAL BE 129 106.74 10.18 -50.47
C VAL BE 129 108.01 10.92 -50.03
N ILE BE 130 108.37 11.97 -50.76
CA ILE BE 130 109.58 12.74 -50.50
C ILE BE 130 109.23 14.21 -50.32
N ILE BE 131 110.18 14.95 -49.75
CA ILE BE 131 110.02 16.38 -49.47
C ILE BE 131 111.19 17.12 -50.08
N LEU BE 132 110.91 18.18 -50.82
CA LEU BE 132 111.93 19.09 -51.36
C LEU BE 132 111.74 20.45 -50.74
N ASP BE 133 112.84 21.02 -50.21
CA ASP BE 133 112.76 22.29 -49.50
C ASP BE 133 113.77 23.30 -50.00
N ASN BE 134 113.96 24.40 -49.25
CA ASN BE 134 114.81 25.49 -49.68
C ASN BE 134 116.24 25.04 -49.95
N ASP BE 135 116.73 24.05 -49.19
CA ASP BE 135 118.10 23.60 -49.39
C ASP BE 135 118.29 22.86 -50.71
N ASP BE 136 117.26 22.13 -51.16
CA ASP BE 136 117.38 21.35 -52.38
C ASP BE 136 117.42 22.24 -53.62
N TYR BE 137 116.64 23.31 -53.62
CA TYR BE 137 116.49 24.17 -54.79
C TYR BE 137 117.74 25.00 -55.06
N SER BE 138 118.82 24.34 -55.47
CA SER BE 138 120.02 25.05 -55.89
C SER BE 138 119.81 25.66 -57.28
N SER BE 139 120.56 26.72 -57.56
CA SER BE 139 120.35 27.60 -58.69
C SER BE 139 118.95 28.23 -58.69
N THR BE 140 118.21 28.05 -57.60
CA THR BE 140 116.91 28.66 -57.33
C THR BE 140 115.81 28.18 -58.27
N ASN BE 141 116.12 27.30 -59.23
CA ASN BE 141 115.16 26.97 -60.26
C ASN BE 141 115.02 25.48 -60.59
N LYS BE 142 115.90 24.60 -60.11
CA LYS BE 142 115.83 23.22 -60.58
C LYS BE 142 116.32 22.24 -59.53
N ILE BE 143 115.83 21.01 -59.64
CA ILE BE 143 116.23 19.86 -58.83
C ILE BE 143 116.84 18.81 -59.75
N GLN BE 144 117.94 18.20 -59.31
CA GLN BE 144 118.59 17.12 -60.03
C GLN BE 144 118.57 15.87 -59.16
N LEU BE 145 118.04 14.77 -59.69
CA LEU BE 145 117.91 13.51 -58.99
C LEU BE 145 118.37 12.38 -59.90
N LYS BE 146 119.45 11.70 -59.53
CA LYS BE 146 119.86 10.50 -60.24
C LYS BE 146 119.25 9.25 -59.62
N VAL BE 147 119.22 8.18 -60.41
CA VAL BE 147 118.58 6.93 -60.04
C VAL BE 147 119.65 5.86 -59.87
N GLU BE 148 119.55 5.09 -58.80
CA GLU BE 148 120.49 4.01 -58.54
C GLU BE 148 119.74 2.70 -58.46
N ALA BE 149 120.23 1.68 -59.17
CA ALA BE 149 119.51 0.43 -59.33
C ALA BE 149 120.33 -0.75 -58.80
N TYR BE 150 119.66 -1.64 -58.09
CA TYR BE 150 120.21 -2.93 -57.69
C TYR BE 150 119.24 -4.02 -58.14
N TYR BE 151 119.78 -5.12 -58.65
CA TYR BE 151 118.91 -6.09 -59.33
C TYR BE 151 119.52 -7.48 -59.29
N GLU BE 152 118.66 -8.47 -59.50
CA GLU BE 152 119.07 -9.85 -59.79
C GLU BE 152 118.10 -10.41 -60.81
N ALA BE 153 118.63 -10.90 -61.93
CA ALA BE 153 117.80 -11.38 -63.03
C ALA BE 153 117.36 -12.81 -62.78
N LYS BE 154 116.23 -13.17 -63.39
CA LYS BE 154 115.73 -14.54 -63.30
C LYS BE 154 116.65 -15.50 -64.05
N GLU BE 155 116.64 -16.75 -63.61
CA GLU BE 155 117.52 -17.77 -64.17
C GLU BE 155 117.00 -18.23 -65.53
N GLY BE 156 117.83 -18.11 -66.55
CA GLY BE 156 117.50 -18.63 -67.87
C GLY BE 156 116.46 -17.87 -68.65
N MET BE 157 116.24 -16.59 -68.33
CA MET BE 157 115.26 -15.77 -69.03
C MET BE 157 115.97 -14.79 -69.95
N LEU BE 158 115.56 -14.78 -71.21
CA LEU BE 158 116.15 -13.89 -72.22
C LEU BE 158 115.07 -12.99 -72.79
N PHE BE 159 115.42 -11.71 -72.96
CA PHE BE 159 114.46 -10.71 -73.43
C PHE BE 159 115.23 -9.48 -73.90
N ASP BE 160 114.50 -8.56 -74.53
CA ASP BE 160 115.07 -7.30 -74.97
C ASP BE 160 113.95 -6.29 -75.13
N SER BE 161 114.33 -5.00 -75.10
CA SER BE 161 113.40 -3.89 -75.31
C SER BE 161 112.27 -3.92 -74.28
N LEU BE 162 112.64 -3.87 -73.00
CA LEU BE 162 111.67 -3.85 -71.92
C LEU BE 162 111.75 -2.52 -71.20
N PRO BE 163 110.67 -1.74 -71.16
CA PRO BE 163 110.72 -0.41 -70.54
C PRO BE 163 110.44 -0.42 -69.05
N VAL BE 164 111.02 0.57 -68.37
CA VAL BE 164 110.77 0.82 -66.95
C VAL BE 164 110.21 2.23 -66.83
N ILE BE 165 109.08 2.36 -66.13
CA ILE BE 165 108.31 3.60 -66.11
C ILE BE 165 108.17 4.07 -64.67
N LEU BE 166 108.37 5.38 -64.46
CA LEU BE 166 108.16 6.02 -63.17
C LEU BE 166 107.15 7.15 -63.33
N ASN BE 167 106.34 7.38 -62.30
CA ASN BE 167 105.28 8.37 -62.33
C ASN BE 167 105.43 9.34 -61.16
N PHE BE 168 105.03 10.59 -61.39
CA PHE BE 168 105.09 11.64 -60.39
C PHE BE 168 103.73 12.26 -60.19
N GLN BE 169 103.39 12.57 -58.94
CA GLN BE 169 102.13 13.24 -58.61
C GLN BE 169 102.38 14.23 -57.49
N VAL BE 170 101.80 15.42 -57.63
CA VAL BE 170 101.94 16.50 -56.67
C VAL BE 170 100.82 16.41 -55.64
N LEU BE 171 101.19 16.41 -54.36
CA LEU BE 171 100.22 16.36 -53.27
C LEU BE 171 99.96 17.71 -52.64
N SER BE 172 100.99 18.55 -52.50
CA SER BE 172 100.83 19.86 -51.90
C SER BE 172 102.01 20.73 -52.29
N VAL BE 173 101.75 22.02 -52.52
CA VAL BE 173 102.79 22.98 -52.85
C VAL BE 173 102.54 24.25 -52.05
N SER BE 174 103.62 24.93 -51.67
CA SER BE 174 103.53 26.17 -50.91
C SER BE 174 104.69 27.09 -51.22
N THR CE 26 48.73 68.59 -73.57
CA THR CE 26 48.86 67.98 -72.26
C THR CE 26 49.11 66.47 -72.40
N THR CE 27 50.38 66.10 -72.50
CA THR CE 27 50.79 64.72 -72.69
C THR CE 27 51.71 64.30 -71.56
N GLN CE 28 51.46 63.12 -70.99
CA GLN CE 28 52.26 62.57 -69.91
C GLN CE 28 53.18 61.49 -70.47
N SER CE 29 54.49 61.64 -70.23
CA SER CE 29 55.44 60.70 -70.81
C SER CE 29 56.00 59.76 -69.76
N PRO CE 30 56.24 58.49 -70.12
CA PRO CE 30 56.84 57.55 -69.15
C PRO CE 30 58.35 57.67 -69.04
N LEU CE 31 59.02 58.28 -70.02
CA LEU CE 31 60.45 58.56 -69.96
C LEU CE 31 61.29 57.29 -69.85
N ASN CE 32 60.99 56.31 -70.72
CA ASN CE 32 61.76 55.07 -70.74
C ASN CE 32 61.99 54.56 -72.17
N SER CE 33 61.91 55.45 -73.16
CA SER CE 33 62.06 55.07 -74.56
C SER CE 33 63.49 55.32 -75.04
N PHE CE 34 64.43 54.61 -74.43
CA PHE CE 34 65.84 54.70 -74.81
C PHE CE 34 66.46 53.31 -74.80
N TYR CE 35 67.24 53.01 -75.84
CA TYR CE 35 67.80 51.68 -75.99
C TYR CE 35 69.18 51.76 -76.64
N ALA CE 36 69.96 50.70 -76.44
CA ALA CE 36 71.26 50.53 -77.09
C ALA CE 36 71.47 49.03 -77.30
N THR CE 37 72.11 48.68 -78.42
CA THR CE 37 72.16 47.28 -78.85
C THR CE 37 73.58 46.89 -79.25
N GLY CE 38 73.97 45.67 -78.88
CA GLY CE 38 75.21 45.07 -79.32
C GLY CE 38 75.00 43.67 -79.85
N THR CE 39 76.08 42.96 -80.16
CA THR CE 39 75.97 41.61 -80.73
C THR CE 39 77.10 40.73 -80.21
N ALA CE 40 76.89 39.42 -80.34
CA ALA CE 40 77.90 38.43 -79.94
C ALA CE 40 77.70 37.18 -80.78
N GLN CE 41 78.75 36.36 -80.85
CA GLN CE 41 78.71 35.15 -81.66
C GLN CE 41 79.82 34.20 -81.22
N ALA CE 42 79.67 32.94 -81.64
CA ALA CE 42 80.70 31.92 -81.44
C ALA CE 42 80.46 30.83 -82.48
N VAL CE 43 81.35 30.72 -83.46
CA VAL CE 43 81.09 29.91 -84.63
C VAL CE 43 82.23 28.93 -84.93
N GLN CE 44 83.00 28.52 -83.92
CA GLN CE 44 84.04 27.53 -84.15
C GLN CE 44 84.36 26.78 -82.86
N GLU CE 45 84.86 25.55 -83.02
CA GLU CE 45 85.24 24.69 -81.93
C GLU CE 45 86.61 25.10 -81.37
N PRO CE 46 86.87 24.81 -80.09
CA PRO CE 46 88.12 25.31 -79.48
C PRO CE 46 89.39 24.83 -80.16
N ILE CE 47 89.45 23.57 -80.62
CA ILE CE 47 90.68 22.99 -81.12
C ILE CE 47 90.44 22.35 -82.48
N ASP CE 48 91.55 22.15 -83.20
CA ASP CE 48 91.56 21.42 -84.46
C ASP CE 48 92.72 20.43 -84.40
N VAL CE 49 92.50 19.22 -84.91
CA VAL CE 49 93.47 18.13 -84.78
C VAL CE 49 93.81 17.58 -86.15
N GLU CE 50 95.10 17.42 -86.43
CA GLU CE 50 95.58 16.87 -87.69
C GLU CE 50 96.62 15.78 -87.40
N SER CE 51 96.58 14.72 -88.19
CA SER CE 51 97.37 13.52 -87.92
C SER CE 51 98.48 13.35 -88.97
N HIS CE 52 99.64 12.88 -88.52
CA HIS CE 52 100.77 12.59 -89.39
C HIS CE 52 101.45 11.29 -88.98
N LEU CE 53 100.67 10.25 -88.69
CA LEU CE 53 101.20 8.95 -88.31
C LEU CE 53 101.46 8.15 -89.59
N ASP CE 54 102.68 8.21 -90.08
CA ASP CE 54 103.06 7.61 -91.35
C ASP CE 54 104.20 6.61 -91.19
N ASN CE 55 104.14 5.77 -90.15
CA ASN CE 55 105.08 4.67 -89.98
C ASN CE 55 104.30 3.41 -89.63
N THR CE 56 104.86 2.26 -90.02
CA THR CE 56 104.19 0.98 -89.88
C THR CE 56 104.97 0.09 -88.93
N ILE CE 57 104.27 -0.50 -87.97
CA ILE CE 57 104.86 -1.53 -87.09
C ILE CE 57 104.91 -2.82 -87.90
N ALA CE 58 106.10 -3.19 -88.36
CA ALA CE 58 106.28 -4.34 -89.24
C ALA CE 58 107.37 -5.26 -88.70
N PRO CE 59 107.08 -6.01 -87.63
CA PRO CE 59 108.02 -7.01 -87.16
C PRO CE 59 107.72 -8.38 -87.76
N ALA CE 60 108.60 -9.33 -87.45
CA ALA CE 60 108.33 -10.72 -87.80
C ALA CE 60 107.35 -11.33 -86.80
N ALA CE 61 106.85 -12.50 -87.15
CA ALA CE 61 105.87 -13.18 -86.30
C ALA CE 61 106.51 -13.60 -84.99
N GLY CE 62 105.91 -13.19 -83.88
CA GLY CE 62 106.40 -13.56 -82.56
C GLY CE 62 107.58 -12.79 -82.04
N ALA CE 63 107.97 -11.71 -82.70
CA ALA CE 63 109.16 -10.96 -82.33
C ALA CE 63 108.82 -9.86 -81.32
N GLN CE 64 109.83 -9.45 -80.57
CA GLN CE 64 109.74 -8.35 -79.62
C GLN CE 64 110.49 -7.15 -80.20
N GLY CE 65 109.84 -5.99 -80.22
CA GLY CE 65 110.40 -4.88 -80.97
C GLY CE 65 110.35 -3.52 -80.32
N TYR CE 66 110.64 -2.50 -81.11
CA TYR CE 66 110.78 -1.12 -80.65
C TYR CE 66 110.66 -0.18 -81.85
N LYS CE 67 109.64 0.68 -81.86
CA LYS CE 67 109.31 1.42 -83.07
C LYS CE 67 108.70 2.77 -82.70
N ASP CE 68 108.91 3.76 -83.56
CA ASP CE 68 108.25 5.05 -83.49
C ASP CE 68 107.30 5.20 -84.68
N MET CE 69 106.32 6.09 -84.55
CA MET CE 69 105.22 6.15 -85.50
C MET CE 69 105.12 7.47 -86.25
N GLY CE 70 105.12 8.59 -85.54
CA GLY CE 70 104.90 9.89 -86.17
C GLY CE 70 104.53 10.91 -85.10
N TYR CE 71 103.82 11.96 -85.54
CA TYR CE 71 103.42 13.01 -84.62
C TYR CE 71 102.04 13.54 -85.01
N VAL CE 72 101.40 14.22 -84.06
CA VAL CE 72 100.05 14.74 -84.23
C VAL CE 72 100.06 16.23 -83.87
N LYS CE 73 99.35 17.03 -84.66
CA LYS CE 73 99.29 18.48 -84.48
C LYS CE 73 97.95 18.89 -83.90
N ILE CE 74 97.98 19.81 -82.94
CA ILE CE 74 96.80 20.36 -82.30
C ILE CE 74 96.84 21.87 -82.45
N ILE CE 75 95.71 22.46 -82.85
CA ILE CE 75 95.61 23.91 -83.09
C ILE CE 75 94.58 24.50 -82.15
N ASN CE 76 94.95 25.60 -81.49
CA ASN CE 76 94.12 26.27 -80.49
C ASN CE 76 93.76 27.68 -80.95
N TYR CE 77 92.53 28.08 -80.63
CA TYR CE 77 91.87 29.23 -81.25
C TYR CE 77 91.60 30.33 -80.21
N THR CE 78 90.82 31.32 -80.64
CA THR CE 78 90.71 32.60 -79.93
C THR CE 78 90.28 32.42 -78.48
N ASP CE 79 90.96 33.13 -77.58
CA ASP CE 79 90.65 33.20 -76.16
C ASP CE 79 90.76 31.85 -75.46
N VAL CE 80 91.62 30.97 -75.97
CA VAL CE 80 91.88 29.67 -75.39
C VAL CE 80 93.27 29.68 -74.79
N ASN CE 81 93.40 29.23 -73.54
CA ASN CE 81 94.68 29.19 -72.86
C ASN CE 81 95.04 27.81 -72.33
N VAL CE 82 94.07 27.07 -71.79
CA VAL CE 82 94.32 25.76 -71.20
C VAL CE 82 93.26 24.79 -71.71
N VAL CE 83 93.70 23.60 -72.11
CA VAL CE 83 92.83 22.57 -72.66
C VAL CE 83 93.03 21.27 -71.88
N LYS CE 84 91.93 20.63 -71.52
CA LYS CE 84 91.94 19.32 -70.88
C LYS CE 84 91.43 18.29 -71.88
N LEU CE 85 92.20 17.22 -72.08
CA LEU CE 85 91.92 16.24 -73.12
C LEU CE 85 91.88 14.84 -72.54
N LYS CE 86 91.15 13.97 -73.23
CA LYS CE 86 91.09 12.55 -72.92
C LYS CE 86 91.41 11.76 -74.18
N VAL CE 87 92.39 10.85 -74.09
CA VAL CE 87 92.84 10.07 -75.22
C VAL CE 87 92.63 8.59 -74.93
N THR CE 88 92.07 7.86 -75.89
CA THR CE 88 91.73 6.46 -75.72
C THR CE 88 92.03 5.70 -77.00
N LEU CE 89 92.15 4.38 -76.86
CA LEU CE 89 92.32 3.47 -77.99
C LEU CE 89 90.94 2.98 -78.41
N ALA CE 90 90.51 3.35 -79.62
CA ALA CE 90 89.16 3.07 -80.05
C ALA CE 90 88.95 1.60 -80.41
N ASN CE 91 89.96 0.95 -80.99
CA ASN CE 91 89.81 -0.41 -81.49
C ASN CE 91 90.71 -1.38 -80.74
N ALA CE 92 90.78 -1.25 -79.42
CA ALA CE 92 91.61 -2.14 -78.62
C ALA CE 92 91.12 -3.57 -78.67
N ALA CE 93 89.79 -3.76 -78.75
CA ALA CE 93 89.24 -5.11 -78.80
C ALA CE 93 89.68 -5.86 -80.05
N GLN CE 94 89.74 -5.17 -81.19
CA GLN CE 94 90.15 -5.80 -82.43
C GLN CE 94 91.62 -6.21 -82.40
N LEU CE 95 92.46 -5.42 -81.72
CA LEU CE 95 93.90 -5.67 -81.70
C LEU CE 95 94.30 -6.74 -80.69
N ARG CE 96 93.40 -7.16 -79.81
CA ARG CE 96 93.76 -8.14 -78.79
C ARG CE 96 94.24 -9.48 -79.36
N PRO CE 97 93.57 -10.12 -80.33
CA PRO CE 97 94.05 -11.42 -80.80
C PRO CE 97 95.39 -11.37 -81.52
N TYR CE 98 95.89 -10.18 -81.86
CA TYR CE 98 97.12 -10.07 -82.64
C TYR CE 98 98.36 -9.75 -81.79
N PHE CE 99 98.19 -9.36 -80.53
CA PHE CE 99 99.30 -8.92 -79.71
C PHE CE 99 99.20 -9.50 -78.31
N LYS CE 100 100.37 -9.85 -77.74
CA LYS CE 100 100.42 -10.14 -76.32
C LYS CE 100 100.37 -8.86 -75.48
N TYR CE 101 101.07 -7.82 -75.93
CA TYR CE 101 101.00 -6.52 -75.28
C TYR CE 101 101.39 -5.45 -76.29
N LEU CE 102 100.91 -4.23 -76.04
CA LEU CE 102 101.20 -3.09 -76.90
C LEU CE 102 101.04 -1.81 -76.08
N GLN CE 103 102.09 -1.01 -76.02
CA GLN CE 103 102.10 0.20 -75.22
C GLN CE 103 102.46 1.40 -76.08
N LEU CE 104 101.75 2.50 -75.87
CA LEU CE 104 101.98 3.74 -76.60
C LEU CE 104 102.40 4.83 -75.62
N VAL CE 105 103.44 5.56 -75.98
CA VAL CE 105 104.00 6.63 -75.14
C VAL CE 105 103.85 7.96 -75.89
N LEU CE 106 103.23 8.93 -75.22
CA LEU CE 106 103.00 10.25 -75.80
C LEU CE 106 103.85 11.27 -75.05
N THR CE 107 104.59 12.08 -75.81
CA THR CE 107 105.46 13.09 -75.23
C THR CE 107 105.22 14.44 -75.90
N SER CE 108 105.20 15.51 -75.10
CA SER CE 108 105.09 16.86 -75.62
C SER CE 108 106.49 17.41 -75.83
N ASN CE 109 106.72 17.99 -77.01
CA ASN CE 109 108.05 18.40 -77.46
C ASN CE 109 108.01 19.79 -78.09
N ALA CE 110 106.81 20.32 -78.38
CA ALA CE 110 106.68 21.56 -79.17
C ALA CE 110 107.51 22.70 -78.59
N SER CE 111 107.74 22.70 -77.27
CA SER CE 111 108.71 23.58 -76.64
C SER CE 111 110.08 22.91 -76.66
N SER CE 112 111.05 23.55 -77.32
CA SER CE 112 112.38 22.97 -77.42
C SER CE 112 113.08 22.89 -76.07
N THR CE 113 112.61 23.63 -75.07
CA THR CE 113 113.22 23.61 -73.75
C THR CE 113 112.57 22.59 -72.81
N VAL CE 114 111.28 22.31 -72.99
CA VAL CE 114 110.53 21.45 -72.08
C VAL CE 114 109.99 20.27 -72.88
N GLU CE 115 110.66 19.12 -72.78
CA GLU CE 115 110.15 17.85 -73.28
C GLU CE 115 109.51 17.09 -72.12
N GLU CE 116 108.27 16.65 -72.31
CA GLU CE 116 107.57 15.92 -71.25
C GLU CE 116 106.73 14.79 -71.84
N THR CE 117 106.85 13.62 -71.22
CA THR CE 117 105.93 12.52 -71.50
C THR CE 117 104.67 12.70 -70.66
N LYS CE 118 103.51 12.62 -71.32
CA LYS CE 118 102.25 12.94 -70.68
C LYS CE 118 101.41 11.72 -70.31
N ALA CE 119 101.39 10.68 -71.15
CA ALA CE 119 100.55 9.52 -70.86
C ALA CE 119 101.15 8.29 -71.49
N VAL CE 120 100.76 7.13 -70.94
CA VAL CE 120 101.12 5.82 -71.49
C VAL CE 120 99.83 5.04 -71.67
N LEU CE 121 99.59 4.53 -72.87
CA LEU CE 121 98.40 3.77 -73.19
C LEU CE 121 98.76 2.31 -73.44
N SER CE 122 97.83 1.43 -73.09
CA SER CE 122 98.04 0.00 -73.25
C SER CE 122 96.71 -0.67 -73.55
N LEU CE 123 96.78 -1.95 -73.93
CA LEU CE 123 95.57 -2.69 -74.26
C LEU CE 123 94.73 -3.01 -73.02
N LYS CE 124 95.33 -2.98 -71.83
CA LYS CE 124 94.58 -3.24 -70.61
C LYS CE 124 94.03 -1.95 -69.99
N LYS CE 125 94.71 -0.82 -70.17
CA LYS CE 125 94.25 0.48 -69.70
C LYS CE 125 94.31 1.45 -70.86
N PRO CE 126 93.25 1.49 -71.69
CA PRO CE 126 93.33 2.22 -72.97
C PRO CE 126 93.16 3.73 -72.85
N SER CE 127 92.71 4.25 -71.72
CA SER CE 127 92.33 5.66 -71.62
C SER CE 127 93.26 6.39 -70.65
N ALA CE 128 93.46 7.68 -70.92
CA ALA CE 128 94.27 8.54 -70.08
C ALA CE 128 93.80 9.98 -70.24
N VAL CE 129 94.15 10.80 -69.25
CA VAL CE 129 93.79 12.22 -69.24
C VAL CE 129 95.07 13.04 -69.10
N ILE CE 130 95.24 14.03 -69.97
CA ILE CE 130 96.43 14.86 -70.01
C ILE CE 130 96.03 16.33 -69.91
N ILE CE 131 97.02 17.16 -69.58
CA ILE CE 131 96.83 18.60 -69.40
C ILE CE 131 97.85 19.33 -70.28
N LEU CE 132 97.36 20.30 -71.05
CA LEU CE 132 98.22 21.18 -71.84
C LEU CE 132 98.08 22.60 -71.32
N ASP CE 133 99.20 23.25 -71.05
CA ASP CE 133 99.19 24.58 -70.45
C ASP CE 133 100.04 25.59 -71.22
N ASN CE 134 100.29 26.75 -70.61
CA ASN CE 134 101.00 27.83 -71.29
C ASN CE 134 102.38 27.40 -71.78
N ASP CE 135 103.05 26.52 -71.04
CA ASP CE 135 104.40 26.10 -71.44
C ASP CE 135 104.37 25.26 -72.70
N ASP CE 136 103.33 24.44 -72.89
CA ASP CE 136 103.28 23.55 -74.04
C ASP CE 136 103.03 24.32 -75.33
N TYR CE 137 102.21 25.36 -75.28
CA TYR CE 137 101.80 26.09 -76.49
C TYR CE 137 102.93 26.94 -77.05
N SER CE 138 103.95 26.29 -77.59
CA SER CE 138 105.01 27.00 -78.29
C SER CE 138 104.53 27.46 -79.66
N SER CE 139 105.16 28.52 -80.16
CA SER CE 139 104.69 29.28 -81.32
C SER CE 139 103.29 29.84 -81.12
N THR CE 140 102.76 29.74 -79.89
CA THR CE 140 101.50 30.32 -79.44
C THR CE 140 100.28 29.72 -80.13
N ASN CE 141 100.47 28.77 -81.04
CA ASN CE 141 99.35 28.29 -81.84
C ASN CE 141 99.24 26.78 -82.01
N LYS CE 142 100.24 25.98 -81.62
CA LYS CE 142 100.16 24.57 -81.94
C LYS CE 142 100.90 23.70 -80.93
N ILE CE 143 100.45 22.45 -80.83
CA ILE CE 143 101.06 21.40 -80.02
C ILE CE 143 101.55 20.29 -80.93
N GLN CE 144 102.74 19.78 -80.65
CA GLN CE 144 103.32 18.66 -81.38
C GLN CE 144 103.53 17.49 -80.41
N LEU CE 145 102.97 16.33 -80.75
CA LEU CE 145 103.04 15.14 -79.91
C LEU CE 145 103.39 13.95 -80.79
N LYS CE 146 104.56 13.35 -80.57
CA LYS CE 146 104.90 12.10 -81.25
C LYS CE 146 104.48 10.89 -80.41
N VAL CE 147 104.37 9.75 -81.08
CA VAL CE 147 103.87 8.51 -80.50
C VAL CE 147 105.02 7.51 -80.43
N GLU CE 148 105.16 6.85 -79.29
CA GLU CE 148 106.20 5.83 -79.12
C GLU CE 148 105.53 4.51 -78.79
N ALA CE 149 105.95 3.45 -79.48
CA ALA CE 149 105.29 2.15 -79.40
C ALA CE 149 106.26 1.08 -78.93
N TYR CE 150 105.78 0.22 -78.03
CA TYR CE 150 106.46 -1.00 -77.62
C TYR CE 150 105.48 -2.16 -77.79
N TYR CE 151 105.98 -3.29 -78.29
CA TYR CE 151 105.06 -4.34 -78.71
C TYR CE 151 105.76 -5.70 -78.66
N GLU CE 152 104.93 -6.74 -78.62
CA GLU CE 152 105.35 -8.12 -78.86
C GLU CE 152 104.25 -8.82 -79.64
N ALA CE 153 104.59 -9.39 -80.79
CA ALA CE 153 103.62 -10.01 -81.67
C ALA CE 153 103.31 -11.44 -81.23
N LYS CE 154 102.11 -11.90 -81.57
CA LYS CE 154 101.71 -13.26 -81.28
C LYS CE 154 102.53 -14.25 -82.10
N GLU CE 155 102.67 -15.45 -81.55
CA GLU CE 155 103.49 -16.49 -82.18
C GLU CE 155 102.76 -17.10 -83.37
N GLY CE 156 103.38 -17.03 -84.54
CA GLY CE 156 102.86 -17.71 -85.71
C GLY CE 156 101.65 -17.05 -86.35
N MET CE 157 101.42 -15.77 -86.13
CA MET CE 157 100.28 -15.06 -86.69
C MET CE 157 100.76 -14.14 -87.81
N LEU CE 158 100.13 -14.27 -88.97
CA LEU CE 158 100.47 -13.47 -90.14
C LEU CE 158 99.27 -12.66 -90.58
N PHE CE 159 99.49 -11.39 -90.93
CA PHE CE 159 98.42 -10.48 -91.30
C PHE CE 159 99.02 -9.28 -92.00
N ASP CE 160 98.13 -8.45 -92.57
CA ASP CE 160 98.55 -7.22 -93.21
C ASP CE 160 97.36 -6.27 -93.26
N SER CE 161 97.68 -4.98 -93.42
CA SER CE 161 96.67 -3.93 -93.54
C SER CE 161 95.73 -3.89 -92.33
N LEU CE 162 96.33 -3.71 -91.15
CA LEU CE 162 95.57 -3.62 -89.90
C LEU CE 162 95.70 -2.22 -89.33
N PRO CE 163 94.60 -1.49 -89.16
CA PRO CE 163 94.69 -0.10 -88.68
C PRO CE 163 94.68 0.02 -87.16
N VAL CE 164 95.31 1.09 -86.69
CA VAL CE 164 95.32 1.47 -85.28
C VAL CE 164 94.70 2.86 -85.18
N ILE CE 165 93.71 3.02 -84.31
CA ILE CE 165 92.89 4.22 -84.26
C ILE CE 165 92.99 4.82 -82.85
N LEU CE 166 93.15 6.15 -82.80
CA LEU CE 166 93.13 6.91 -81.56
C LEU CE 166 92.05 7.97 -81.64
N ASN CE 167 91.43 8.27 -80.50
CA ASN CE 167 90.32 9.21 -80.42
C ASN CE 167 90.63 10.29 -79.39
N PHE CE 168 90.13 11.50 -79.65
CA PHE CE 168 90.32 12.64 -78.77
C PHE CE 168 88.96 13.22 -78.38
N GLN CE 169 88.84 13.63 -77.11
CA GLN CE 169 87.64 14.28 -76.62
C GLN CE 169 88.02 15.39 -75.66
N VAL CE 170 87.35 16.54 -75.79
CA VAL CE 170 87.62 17.71 -74.97
C VAL CE 170 86.70 17.68 -73.75
N LEU CE 171 87.29 17.81 -72.57
CA LEU CE 171 86.54 17.82 -71.32
C LEU CE 171 86.32 19.22 -70.77
N SER CE 172 87.30 20.11 -70.89
CA SER CE 172 87.18 21.47 -70.39
C SER CE 172 88.23 22.34 -71.06
N VAL CE 173 87.86 23.59 -71.36
CA VAL CE 173 88.76 24.55 -71.96
C VAL CE 173 88.59 25.89 -71.24
N SER CE 174 89.68 26.63 -71.13
CA SER CE 174 89.65 27.94 -70.48
C SER CE 174 90.69 28.88 -71.07
N THR DE 26 29.38 65.78 -86.29
CA THR DE 26 29.77 65.30 -84.98
C THR DE 26 30.08 63.81 -85.03
N THR DE 27 31.33 63.48 -85.34
CA THR DE 27 31.78 62.09 -85.48
C THR DE 27 32.91 61.83 -84.49
N GLN DE 28 32.83 60.71 -83.79
CA GLN DE 28 33.85 60.29 -82.83
C GLN DE 28 34.70 59.20 -83.45
N SER DE 29 36.02 59.42 -83.47
CA SER DE 29 36.90 58.46 -84.14
C SER DE 29 37.70 57.65 -83.13
N PRO DE 30 37.94 56.36 -83.41
CA PRO DE 30 38.75 55.55 -82.50
C PRO DE 30 40.26 55.74 -82.67
N LEU DE 31 40.70 56.26 -83.81
CA LEU DE 31 42.11 56.62 -84.04
C LEU DE 31 43.02 55.40 -83.98
N ASN DE 32 42.62 54.33 -84.68
CA ASN DE 32 43.43 53.11 -84.74
C ASN DE 32 43.44 52.49 -86.13
N SER DE 33 43.12 53.27 -87.17
CA SER DE 33 43.04 52.76 -88.54
C SER DE 33 44.34 53.02 -89.29
N PHE DE 34 45.42 52.42 -88.80
CA PHE DE 34 46.74 52.52 -89.44
C PHE DE 34 47.42 51.16 -89.43
N TYR DE 35 48.02 50.80 -90.56
CA TYR DE 35 48.62 49.48 -90.70
C TYR DE 35 49.85 49.56 -91.59
N ALA DE 36 50.72 48.56 -91.45
CA ALA DE 36 51.88 48.37 -92.30
C ALA DE 36 52.15 46.87 -92.42
N THR DE 37 52.58 46.43 -93.60
CA THR DE 37 52.64 45.01 -93.90
C THR DE 37 53.99 44.64 -94.52
N GLY DE 38 54.50 43.47 -94.12
CA GLY DE 38 55.68 42.88 -94.73
C GLY DE 38 55.44 41.43 -95.10
N THR DE 39 56.50 40.72 -95.53
CA THR DE 39 56.36 39.34 -95.96
C THR DE 39 57.61 38.55 -95.56
N ALA DE 40 57.46 37.23 -95.55
CA ALA DE 40 58.57 36.32 -95.26
C ALA DE 40 58.31 34.98 -95.94
N GLN DE 41 59.37 34.21 -96.12
CA GLN DE 41 59.25 32.93 -96.80
C GLN DE 41 60.47 32.06 -96.49
N ALA DE 42 60.33 30.77 -96.76
CA ALA DE 42 61.43 29.81 -96.66
C ALA DE 42 61.06 28.61 -97.54
N VAL DE 43 61.77 28.45 -98.66
CA VAL DE 43 61.35 27.52 -99.69
C VAL DE 43 62.47 26.56 -100.10
N GLN DE 44 63.43 26.28 -99.21
CA GLN DE 44 64.47 25.32 -99.55
C GLN DE 44 65.05 24.70 -98.28
N GLU DE 45 65.58 23.48 -98.43
CA GLU DE 45 66.21 22.75 -97.34
C GLU DE 45 67.62 23.26 -97.08
N PRO DE 46 68.13 23.12 -95.86
CA PRO DE 46 69.44 23.72 -95.53
C PRO DE 46 70.59 23.23 -96.39
N ILE DE 47 70.63 21.93 -96.74
CA ILE DE 47 71.78 21.36 -97.41
C ILE DE 47 71.35 20.58 -98.63
N ASP DE 48 72.31 20.35 -99.53
CA ASP DE 48 72.14 19.50 -100.69
C ASP DE 48 73.35 18.57 -100.77
N VAL DE 49 73.11 17.31 -101.12
CA VAL DE 49 74.15 16.28 -101.07
C VAL DE 49 74.25 15.61 -102.44
N GLU DE 50 75.49 15.48 -102.93
CA GLU DE 50 75.76 14.82 -104.20
C GLU DE 50 76.90 13.82 -104.01
N SER DE 51 76.78 12.67 -104.68
CA SER DE 51 77.67 11.54 -104.47
C SER DE 51 78.58 11.32 -105.68
N HIS DE 52 79.83 10.94 -105.41
CA HIS DE 52 80.80 10.61 -106.45
C HIS DE 52 81.61 9.39 -106.06
N LEU DE 53 80.95 8.35 -105.54
CA LEU DE 53 81.61 7.11 -105.15
C LEU DE 53 81.68 6.20 -106.37
N ASP DE 54 82.81 6.27 -107.08
CA ASP DE 54 82.97 5.55 -108.35
C ASP DE 54 84.19 4.62 -108.31
N ASN DE 55 84.36 3.89 -107.21
CA ASN DE 55 85.37 2.84 -107.13
C ASN DE 55 84.75 1.60 -106.53
N THR DE 56 85.28 0.44 -106.91
CA THR DE 56 84.73 -0.85 -106.54
C THR DE 56 85.72 -1.61 -105.67
N ILE DE 57 85.23 -2.13 -104.55
CA ILE DE 57 86.02 -3.05 -103.71
C ILE DE 57 86.00 -4.41 -104.39
N ALA DE 58 87.10 -4.77 -105.03
CA ALA DE 58 87.18 -6.00 -105.83
C ALA DE 58 88.41 -6.81 -105.41
N PRO DE 59 88.35 -7.46 -104.26
CA PRO DE 59 89.42 -8.38 -103.87
C PRO DE 59 89.09 -9.81 -104.29
N ALA DE 60 90.07 -10.70 -104.07
CA ALA DE 60 89.83 -12.11 -104.23
C ALA DE 60 89.08 -12.67 -103.03
N ALA DE 61 88.58 -13.90 -103.16
CA ALA DE 61 87.81 -14.52 -102.10
C ALA DE 61 88.70 -14.79 -100.89
N GLY DE 62 88.29 -14.29 -99.73
CA GLY DE 62 89.01 -14.52 -98.50
C GLY DE 62 90.23 -13.65 -98.27
N ALA DE 63 90.44 -12.63 -99.09
CA ALA DE 63 91.63 -11.79 -99.00
C ALA DE 63 91.41 -10.62 -98.05
N GLN DE 64 92.53 -10.10 -97.54
CA GLN DE 64 92.55 -8.92 -96.69
C GLN DE 64 93.11 -7.75 -97.50
N GLY DE 65 92.40 -6.64 -97.52
CA GLY DE 65 92.75 -5.57 -98.43
C GLY DE 65 92.74 -4.16 -97.92
N TYR DE 66 92.83 -3.20 -98.84
CA TYR DE 66 92.97 -1.78 -98.53
C TYR DE 66 92.58 -0.98 -99.76
N LYS DE 67 91.53 -0.16 -99.66
CA LYS DE 67 90.95 0.45 -100.85
C LYS DE 67 90.34 1.80 -100.49
N ASP DE 68 90.33 2.71 -101.47
CA ASP DE 68 89.63 3.98 -101.38
C ASP DE 68 88.48 3.98 -102.38
N MET DE 69 87.48 4.83 -102.16
CA MET DE 69 86.22 4.75 -102.89
C MET DE 69 85.91 5.99 -103.72
N GLY DE 70 85.98 7.17 -103.13
CA GLY DE 70 85.59 8.39 -103.81
C GLY DE 70 85.35 9.51 -102.80
N TYR DE 71 84.51 10.47 -103.18
CA TYR DE 71 84.23 11.59 -102.30
C TYR DE 71 82.78 12.04 -102.48
N VAL DE 72 82.28 12.77 -101.49
CA VAL DE 72 80.90 13.22 -101.45
C VAL DE 72 80.88 14.74 -101.24
N LYS DE 73 80.00 15.42 -101.95
CA LYS DE 73 79.89 16.87 -101.89
C LYS DE 73 78.66 17.30 -101.11
N ILE DE 74 78.82 18.31 -100.25
CA ILE DE 74 77.73 18.87 -99.46
C ILE DE 74 77.66 20.36 -99.75
N ILE DE 75 76.45 20.87 -99.98
CA ILE DE 75 76.22 22.26 -100.33
C ILE DE 75 75.36 22.91 -99.26
N ASN DE 76 75.77 24.08 -98.78
CA ASN DE 76 75.10 24.81 -97.72
C ASN DE 76 74.58 26.16 -98.21
N TYR DE 77 73.42 26.54 -97.71
CA TYR DE 77 72.58 27.60 -98.29
C TYR DE 77 72.44 28.78 -97.33
N THR DE 78 71.54 29.69 -97.69
CA THR DE 78 71.48 31.02 -97.09
C THR DE 78 71.34 30.97 -95.58
N ASP DE 79 72.12 31.80 -94.89
CA ASP DE 79 72.07 31.99 -93.44
C ASP DE 79 72.39 30.72 -92.66
N VAL DE 80 73.19 29.83 -93.24
CA VAL DE 80 73.61 28.59 -92.60
C VAL DE 80 75.09 28.72 -92.27
N ASN DE 81 75.46 28.40 -91.03
CA ASN DE 81 76.85 28.47 -90.60
C ASN DE 81 77.37 27.17 -90.03
N VAL DE 82 76.57 26.44 -89.26
CA VAL DE 82 76.98 25.21 -88.61
C VAL DE 82 75.91 24.15 -88.83
N VAL DE 83 76.34 22.95 -89.20
CA VAL DE 83 75.44 21.84 -89.48
C VAL DE 83 75.86 20.64 -88.64
N LYS DE 84 74.87 19.98 -88.02
CA LYS DE 84 75.07 18.74 -87.29
C LYS DE 84 74.45 17.60 -88.09
N LEU DE 85 75.23 16.55 -88.33
CA LEU DE 85 74.82 15.47 -89.21
C LEU DE 85 74.97 14.12 -88.51
N LYS DE 86 74.18 13.16 -88.98
CA LYS DE 86 74.26 11.77 -88.54
C LYS DE 86 74.38 10.88 -89.76
N VAL DE 87 75.41 10.03 -89.77
CA VAL DE 87 75.70 9.15 -90.90
C VAL DE 87 75.62 7.71 -90.43
N THR DE 88 74.94 6.88 -91.21
CA THR DE 88 74.72 5.48 -90.85
C THR DE 88 74.83 4.61 -92.10
N LEU DE 89 75.04 3.31 -91.87
CA LEU DE 89 75.06 2.31 -92.92
C LEU DE 89 73.66 1.72 -93.04
N ALA DE 90 73.00 1.96 -94.18
CA ALA DE 90 71.61 1.58 -94.33
C ALA DE 90 71.43 0.09 -94.51
N ASN DE 91 72.34 -0.57 -95.22
CA ASN DE 91 72.19 -1.98 -95.55
C ASN DE 91 73.26 -2.84 -94.90
N ALA DE 92 73.55 -2.58 -93.62
CA ALA DE 92 74.57 -3.36 -92.91
C ALA DE 92 74.15 -4.81 -92.75
N ALA DE 93 72.85 -5.06 -92.57
CA ALA DE 93 72.38 -6.43 -92.39
C ALA DE 93 72.62 -7.27 -93.64
N GLN DE 94 72.44 -6.69 -94.82
CA GLN DE 94 72.65 -7.43 -96.06
C GLN DE 94 74.13 -7.77 -96.26
N LEU DE 95 75.03 -6.88 -95.82
CA LEU DE 95 76.46 -7.08 -96.04
C LEU DE 95 77.09 -8.03 -95.03
N ARG DE 96 76.39 -8.40 -93.97
CA ARG DE 96 76.98 -9.26 -92.95
C ARG DE 96 77.43 -10.62 -93.48
N PRO DE 97 76.63 -11.38 -94.25
CA PRO DE 97 77.10 -12.71 -94.69
C PRO DE 97 78.28 -12.67 -95.64
N TYR DE 98 78.65 -11.51 -96.18
CA TYR DE 98 79.71 -11.41 -97.17
C TYR DE 98 81.05 -10.97 -96.61
N PHE DE 99 81.09 -10.47 -95.37
CA PHE DE 99 82.31 -9.90 -94.81
C PHE DE 99 82.49 -10.35 -93.37
N LYS DE 100 83.75 -10.60 -93.00
CA LYS DE 100 84.08 -10.75 -91.58
C LYS DE 100 84.12 -9.40 -90.87
N TYR DE 101 84.66 -8.38 -91.53
CA TYR DE 101 84.64 -7.03 -91.00
C TYR DE 101 84.78 -6.04 -92.15
N LEU DE 102 84.29 -4.82 -91.92
CA LEU DE 102 84.35 -3.76 -92.92
C LEU DE 102 84.27 -2.43 -92.19
N GLN DE 103 85.27 -1.58 -92.41
CA GLN DE 103 85.34 -0.29 -91.72
C GLN DE 103 85.48 0.83 -92.75
N LEU DE 104 84.75 1.92 -92.51
CA LEU DE 104 84.78 3.09 -93.37
C LEU DE 104 85.30 4.29 -92.58
N VAL DE 105 86.23 5.03 -93.19
CA VAL DE 105 86.86 6.19 -92.57
C VAL DE 105 86.50 7.42 -93.38
N LEU DE 106 85.97 8.44 -92.71
CA LEU DE 106 85.56 9.69 -93.33
C LEU DE 106 86.48 10.81 -92.86
N THR DE 107 87.02 11.57 -93.81
CA THR DE 107 87.92 12.67 -93.49
C THR DE 107 87.49 13.93 -94.22
N SER DE 108 87.56 15.06 -93.53
CA SER DE 108 87.27 16.36 -94.13
C SER DE 108 88.58 16.94 -94.65
N ASN DE 109 88.56 17.41 -95.90
CA ASN DE 109 89.75 17.83 -96.62
C ASN DE 109 89.54 19.16 -97.35
N ALA DE 110 88.27 19.60 -97.46
CA ALA DE 110 87.94 20.74 -98.31
C ALA DE 110 88.79 21.97 -97.99
N SER DE 111 89.24 22.11 -96.75
CA SER DE 111 90.27 23.09 -96.40
C SER DE 111 91.65 22.47 -96.60
N SER DE 112 92.44 23.08 -97.48
CA SER DE 112 93.77 22.55 -97.77
C SER DE 112 94.70 22.63 -96.58
N THR DE 113 94.38 23.45 -95.58
CA THR DE 113 95.22 23.57 -94.39
C THR DE 113 94.80 22.63 -93.26
N VAL DE 114 93.52 22.28 -93.18
CA VAL DE 114 92.99 21.48 -92.07
C VAL DE 114 92.38 20.20 -92.65
N GLU DE 115 93.13 19.10 -92.59
CA GLU DE 115 92.60 17.77 -92.87
C GLU DE 115 92.23 17.11 -91.55
N GLU DE 116 91.01 16.60 -91.45
CA GLU DE 116 90.54 15.95 -90.24
C GLU DE 116 89.68 14.73 -90.56
N THR DE 117 89.97 13.63 -89.86
CA THR DE 117 89.09 12.46 -89.87
C THR DE 117 87.99 12.67 -88.84
N LYS DE 118 86.74 12.50 -89.27
CA LYS DE 118 85.58 12.82 -88.43
C LYS DE 118 84.91 11.61 -87.81
N ALA DE 119 84.79 10.50 -88.53
CA ALA DE 119 84.08 9.34 -87.99
C ALA DE 119 84.63 8.07 -88.62
N VAL DE 120 84.41 6.96 -87.91
CA VAL DE 120 84.74 5.62 -88.39
C VAL DE 120 83.48 4.77 -88.26
N LEU DE 121 83.07 4.15 -89.35
CA LEU DE 121 81.88 3.31 -89.37
C LEU DE 121 82.27 1.85 -89.55
N SER DE 122 81.46 0.97 -88.97
CA SER DE 122 81.72 -0.47 -89.04
C SER DE 122 80.40 -1.21 -89.03
N LEU DE 123 80.47 -2.51 -89.30
CA LEU DE 123 79.27 -3.34 -89.33
C LEU DE 123 78.69 -3.56 -87.94
N LYS DE 124 79.48 -3.40 -86.89
CA LYS DE 124 78.99 -3.55 -85.53
C LYS DE 124 78.48 -2.24 -84.93
N LYS DE 125 79.05 -1.11 -85.33
CA LYS DE 125 78.61 0.21 -84.90
C LYS DE 125 78.40 1.06 -86.14
N PRO DE 126 77.22 0.98 -86.76
CA PRO DE 126 77.02 1.59 -88.08
C PRO DE 126 76.80 3.09 -88.08
N SER DE 127 76.52 3.70 -86.93
CA SER DE 127 76.09 5.10 -86.88
C SER DE 127 77.14 5.96 -86.17
N ALA DE 128 77.21 7.22 -86.59
CA ALA DE 128 78.11 8.19 -85.98
C ALA DE 128 77.55 9.59 -86.19
N VAL DE 129 78.01 10.52 -85.36
CA VAL DE 129 77.59 11.92 -85.40
C VAL DE 129 78.81 12.79 -85.57
N ILE DE 130 78.77 13.70 -86.54
CA ILE DE 130 79.89 14.57 -86.87
C ILE DE 130 79.44 16.02 -86.83
N ILE DE 131 80.42 16.93 -86.76
CA ILE DE 131 80.19 18.36 -86.68
C ILE DE 131 80.98 19.03 -87.79
N LEU DE 132 80.32 19.92 -88.54
CA LEU DE 132 80.97 20.75 -89.55
C LEU DE 132 80.83 22.21 -89.14
N ASP DE 133 81.95 22.93 -89.15
CA ASP DE 133 81.98 24.31 -88.66
C ASP DE 133 82.61 25.26 -89.66
N ASN DE 134 82.90 26.49 -89.21
CA ASN DE 134 83.42 27.53 -90.10
C ASN DE 134 84.71 27.11 -90.80
N ASP DE 135 85.54 26.33 -90.13
CA ASP DE 135 86.81 25.93 -90.73
C ASP DE 135 86.62 24.96 -91.88
N ASP DE 136 85.60 24.09 -91.80
CA ASP DE 136 85.40 23.09 -92.84
C ASP DE 136 84.88 23.72 -94.14
N TYR DE 137 84.02 24.73 -94.03
CA TYR DE 137 83.37 25.31 -95.19
C TYR DE 137 84.33 26.15 -96.03
N SER DE 138 85.28 25.49 -96.69
CA SER DE 138 86.15 26.17 -97.63
C SER DE 138 85.40 26.48 -98.92
N SER DE 139 85.86 27.52 -99.62
CA SER DE 139 85.15 28.14 -100.74
C SER DE 139 83.79 28.67 -100.32
N THR DE 140 83.49 28.66 -99.02
CA THR DE 140 82.30 29.24 -98.40
C THR DE 140 81.01 28.52 -98.78
N ASN DE 141 81.09 27.48 -99.63
CA ASN DE 141 79.87 26.89 -100.17
C ASN DE 141 79.82 25.37 -100.19
N LYS DE 142 80.91 24.66 -99.91
CA LYS DE 142 80.86 23.21 -100.10
C LYS DE 142 81.82 22.49 -99.15
N ILE DE 143 81.47 21.23 -98.88
CA ILE DE 143 82.26 20.29 -98.09
C ILE DE 143 82.65 19.12 -98.99
N GLN DE 144 83.91 18.68 -98.89
CA GLN DE 144 84.39 17.51 -99.61
C GLN DE 144 84.84 16.47 -98.60
N LEU DE 145 84.30 15.26 -98.71
CA LEU DE 145 84.60 14.15 -97.82
C LEU DE 145 84.83 12.89 -98.63
N LYS DE 146 86.05 12.36 -98.59
CA LYS DE 146 86.35 11.07 -99.19
C LYS DE 146 86.16 9.93 -98.19
N VAL DE 147 85.99 8.73 -98.73
CA VAL DE 147 85.68 7.53 -97.95
C VAL DE 147 86.87 6.60 -98.01
N GLU DE 148 87.25 6.05 -96.87
CA GLU DE 148 88.35 5.09 -96.80
C GLU DE 148 87.84 3.79 -96.24
N ALA DE 149 88.17 2.68 -96.90
CA ALA DE 149 87.62 1.37 -96.58
C ALA DE 149 88.72 0.39 -96.20
N TYR DE 150 88.45 -0.40 -95.16
CA TYR DE 150 89.26 -1.54 -94.78
C TYR DE 150 88.34 -2.75 -94.66
N TYR DE 151 88.80 -3.90 -95.15
CA TYR DE 151 87.89 -5.03 -95.29
C TYR DE 151 88.65 -6.35 -95.25
N GLU DE 152 87.91 -7.42 -94.97
CA GLU DE 152 88.36 -8.79 -95.17
C GLU DE 152 87.17 -9.60 -95.65
N ALA DE 153 87.34 -10.27 -96.79
CA ALA DE 153 86.25 -11.01 -97.42
C ALA DE 153 86.11 -12.39 -96.81
N LYS DE 154 84.89 -12.93 -96.89
CA LYS DE 154 84.63 -14.28 -96.41
C LYS DE 154 85.34 -15.31 -97.27
N GLU DE 155 85.65 -16.46 -96.66
CA GLU DE 155 86.40 -17.51 -97.32
C GLU DE 155 85.50 -18.25 -98.31
N GLY DE 156 85.90 -18.28 -99.57
CA GLY DE 156 85.21 -19.08 -100.56
C GLY DE 156 83.88 -18.54 -101.03
N MET DE 157 83.63 -17.25 -100.88
CA MET DE 157 82.36 -16.64 -101.28
C MET DE 157 82.58 -15.82 -102.55
N LEU DE 158 81.76 -16.08 -103.56
CA LEU DE 158 81.84 -15.39 -104.83
C LEU DE 158 80.53 -14.67 -105.12
N PHE DE 159 80.62 -13.45 -105.62
CA PHE DE 159 79.45 -12.62 -105.85
C PHE DE 159 79.84 -11.46 -106.76
N ASP DE 160 78.83 -10.73 -107.23
CA ASP DE 160 79.06 -9.55 -108.04
C ASP DE 160 77.82 -8.66 -107.95
N SER DE 161 78.02 -7.38 -108.27
CA SER DE 161 76.95 -6.38 -108.30
C SER DE 161 76.25 -6.27 -106.94
N LEU DE 162 77.04 -5.95 -105.91
CA LEU DE 162 76.51 -5.77 -104.57
C LEU DE 162 76.66 -4.31 -104.15
N PRO DE 163 75.57 -3.61 -103.85
CA PRO DE 163 75.67 -2.18 -103.52
C PRO DE 163 75.93 -1.92 -102.04
N VAL DE 164 76.58 -0.78 -101.79
CA VAL DE 164 76.81 -0.26 -100.45
C VAL DE 164 76.15 1.11 -100.35
N ILE DE 165 75.31 1.30 -99.33
CA ILE DE 165 74.45 2.47 -99.23
C ILE DE 165 74.77 3.21 -97.93
N LEU DE 166 74.86 4.54 -98.02
CA LEU DE 166 75.03 5.41 -96.87
C LEU DE 166 73.88 6.41 -96.84
N ASN DE 167 73.47 6.80 -95.64
CA ASN DE 167 72.34 7.71 -95.44
C ASN DE 167 72.76 8.89 -94.59
N PHE DE 168 72.15 10.04 -94.85
CA PHE DE 168 72.43 11.28 -94.12
C PHE DE 168 71.14 11.84 -93.54
N GLN DE 169 71.22 12.37 -92.32
CA GLN DE 169 70.10 13.01 -91.67
C GLN DE 169 70.58 14.22 -90.90
N VAL DE 170 69.84 15.31 -91.01
CA VAL DE 170 70.17 16.58 -90.36
C VAL DE 170 69.51 16.62 -88.99
N LEU DE 171 70.29 16.90 -87.95
CA LEU DE 171 69.77 17.00 -86.60
C LEU DE 171 69.57 18.43 -86.14
N SER DE 172 70.47 19.35 -86.52
CA SER DE 172 70.36 20.74 -86.12
C SER DE 172 71.22 21.58 -87.05
N VAL DE 173 70.74 22.77 -87.39
CA VAL DE 173 71.46 23.72 -88.22
C VAL DE 173 71.34 25.11 -87.60
N SER DE 174 72.40 25.90 -87.76
CA SER DE 174 72.41 27.27 -87.23
C SER DE 174 73.27 28.18 -88.09
N THR EE 26 8.24 61.00 -94.94
CA THR EE 26 8.88 60.66 -93.69
C THR EE 26 9.26 59.18 -93.66
N THR EE 27 10.46 58.88 -94.17
CA THR EE 27 10.95 57.50 -94.26
C THR EE 27 12.26 57.38 -93.49
N GLN EE 28 12.36 56.32 -92.69
CA GLN EE 28 13.56 56.05 -91.89
C GLN EE 28 14.35 54.94 -92.57
N SER EE 29 15.63 55.20 -92.85
CA SER EE 29 16.43 54.23 -93.57
C SER EE 29 17.44 53.54 -92.66
N PRO EE 30 17.70 52.25 -92.87
CA PRO EE 30 18.71 51.56 -92.06
C PRO EE 30 20.13 51.78 -92.52
N LEU EE 31 20.35 52.22 -93.76
CA LEU EE 31 21.66 52.61 -94.27
C LEU EE 31 22.63 51.42 -94.27
N ASN EE 32 22.18 50.28 -94.80
CA ASN EE 32 23.04 49.10 -94.89
C ASN EE 32 22.82 48.35 -96.21
N SER EE 33 22.29 49.01 -97.22
CA SER EE 33 21.99 48.37 -98.51
C SER EE 33 23.12 48.61 -99.51
N PHE EE 34 24.31 48.09 -99.18
CA PHE EE 34 25.47 48.20 -100.05
C PHE EE 34 26.22 46.87 -100.04
N TYR EE 35 26.62 46.41 -101.23
CA TYR EE 35 27.27 45.11 -101.37
C TYR EE 35 28.31 45.16 -102.47
N ALA EE 36 29.25 44.21 -102.40
CA ALA EE 36 30.25 43.99 -103.44
C ALA EE 36 30.57 42.50 -103.47
N THR EE 37 30.81 41.96 -104.66
CA THR EE 37 30.89 40.52 -104.85
C THR EE 37 32.12 40.14 -105.67
N GLY EE 38 32.77 39.05 -105.27
CA GLY EE 38 33.85 38.45 -106.04
C GLY EE 38 33.64 36.96 -106.22
N THR EE 39 34.62 36.25 -106.77
CA THR EE 39 34.49 34.82 -107.04
C THR EE 39 35.83 34.13 -106.82
N ALA EE 40 35.77 32.81 -106.66
CA ALA EE 40 36.96 31.99 -106.51
C ALA EE 40 36.66 30.58 -107.00
N GLN EE 41 37.71 29.82 -107.31
CA GLN EE 41 37.54 28.48 -107.84
C GLN EE 41 38.85 27.70 -107.69
N ALA EE 42 38.73 26.38 -107.81
CA ALA EE 42 39.89 25.48 -107.83
C ALA EE 42 39.44 24.19 -108.52
N VAL EE 43 39.94 23.95 -109.73
CA VAL EE 43 39.39 22.90 -110.58
C VAL EE 43 40.48 21.95 -111.10
N GLN EE 44 41.59 21.80 -110.39
CA GLN EE 44 42.60 20.85 -110.83
C GLN EE 44 43.43 20.39 -109.63
N GLU EE 45 44.00 19.19 -109.77
CA GLU EE 45 44.85 18.59 -108.76
C GLU EE 45 46.26 19.17 -108.82
N PRO EE 46 46.98 19.17 -107.69
CA PRO EE 46 48.29 19.85 -107.66
C PRO EE 46 49.30 19.31 -108.68
N ILE EE 47 49.34 18.00 -108.91
CA ILE EE 47 50.40 17.42 -109.72
C ILE EE 47 49.79 16.50 -110.78
N ASP EE 48 50.59 16.23 -111.81
CA ASP EE 48 50.26 15.26 -112.85
C ASP EE 48 51.48 14.38 -113.06
N VAL EE 49 51.26 13.08 -113.25
CA VAL EE 49 52.34 12.10 -113.30
C VAL EE 49 52.25 11.31 -114.59
N GLU EE 50 53.38 11.18 -115.29
CA GLU EE 50 53.45 10.42 -116.54
C GLU EE 50 54.65 9.47 -116.47
N SER EE 51 54.49 8.27 -117.00
CA SER EE 51 55.47 7.19 -116.86
C SER EE 51 56.14 6.90 -118.19
N HIS EE 52 57.45 6.60 -118.13
CA HIS EE 52 58.23 6.21 -119.30
C HIS EE 52 59.17 5.05 -118.95
N LEU EE 53 58.67 4.06 -118.23
CA LEU EE 53 59.47 2.89 -117.86
C LEU EE 53 59.36 1.86 -118.99
N ASP EE 54 60.32 1.90 -119.90
CA ASP EE 54 60.31 1.07 -121.11
C ASP EE 54 61.56 0.20 -121.21
N ASN EE 55 61.96 -0.42 -120.11
CA ASN EE 55 63.03 -1.40 -120.12
C ASN EE 55 62.61 -2.62 -119.31
N THR EE 56 63.12 -3.78 -119.68
CA THR EE 56 62.71 -5.05 -119.09
C THR EE 56 63.90 -5.69 -118.36
N ILE EE 57 63.65 -6.12 -117.13
CA ILE EE 57 64.62 -6.90 -116.38
C ILE EE 57 64.55 -8.33 -116.92
N ALA EE 58 65.54 -8.71 -117.72
CA ALA EE 58 65.55 -10.01 -118.41
C ALA EE 58 66.87 -10.72 -118.15
N PRO EE 59 67.06 -11.26 -116.96
CA PRO EE 59 68.23 -12.10 -116.69
C PRO EE 59 67.92 -13.58 -116.91
N ALA EE 60 68.96 -14.39 -116.79
CA ALA EE 60 68.78 -15.83 -116.79
C ALA EE 60 68.29 -16.29 -115.42
N ALA EE 61 67.85 -17.55 -115.36
CA ALA EE 61 67.31 -18.09 -114.11
C ALA EE 61 68.42 -18.21 -113.08
N GLY EE 62 68.20 -17.61 -111.91
CA GLY EE 62 69.14 -17.69 -110.81
C GLY EE 62 70.34 -16.77 -110.90
N ALA EE 63 70.33 -15.81 -111.82
CA ALA EE 63 71.46 -14.93 -112.04
C ALA EE 63 71.37 -13.69 -111.16
N GLN EE 64 72.52 -13.08 -110.91
CA GLN EE 64 72.63 -11.81 -110.19
C GLN EE 64 72.96 -10.72 -111.19
N GLY EE 65 72.20 -9.63 -111.17
CA GLY EE 65 72.32 -8.65 -112.24
C GLY EE 65 72.32 -7.19 -111.84
N TYR EE 66 72.19 -6.32 -112.85
CA TYR EE 66 72.31 -4.87 -112.69
C TYR EE 66 71.65 -4.21 -113.90
N LYS EE 67 70.59 -3.43 -113.68
CA LYS EE 67 69.78 -2.95 -114.79
C LYS EE 67 69.17 -1.61 -114.44
N ASP EE 68 68.94 -0.80 -115.48
CA ASP EE 68 68.18 0.44 -115.37
C ASP EE 68 66.88 0.30 -116.14
N MET EE 69 65.89 1.14 -115.82
CA MET EE 69 64.52 0.94 -116.30
C MET EE 69 64.01 2.08 -117.16
N GLY EE 70 64.11 3.31 -116.70
CA GLY EE 70 63.53 4.44 -117.40
C GLY EE 70 63.42 5.64 -116.46
N TYR EE 71 62.48 6.52 -116.76
CA TYR EE 71 62.29 7.72 -115.95
C TYR EE 71 60.81 8.08 -115.90
N VAL EE 72 60.45 8.89 -114.91
CA VAL EE 72 59.07 9.29 -114.64
C VAL EE 72 59.03 10.81 -114.57
N LYS EE 73 57.98 11.40 -115.16
CA LYS EE 73 57.81 12.84 -115.21
C LYS EE 73 56.71 13.29 -114.25
N ILE EE 74 56.96 14.38 -113.53
CA ILE EE 74 56.01 14.98 -112.61
C ILE EE 74 55.80 16.43 -113.02
N ILE EE 75 54.53 16.86 -113.06
CA ILE EE 75 54.18 18.21 -113.48
C ILE EE 75 53.49 18.92 -112.33
N ASN EE 76 53.91 20.15 -112.05
CA ASN EE 76 53.40 20.94 -110.95
C ASN EE 76 52.74 22.21 -111.45
N TYR EE 77 51.65 22.60 -110.78
CA TYR EE 77 50.67 23.56 -111.29
C TYR EE 77 50.63 24.82 -110.41
N THR EE 78 49.63 25.67 -110.69
CA THR EE 78 49.62 27.04 -110.21
C THR EE 78 49.74 27.12 -108.70
N ASP EE 79 50.59 28.04 -108.24
CA ASP EE 79 50.79 28.38 -106.83
C ASP EE 79 51.32 27.20 -106.01
N VAL EE 80 52.04 26.30 -106.65
CA VAL EE 80 52.65 25.15 -105.99
C VAL EE 80 54.15 25.37 -105.95
N ASN EE 81 54.75 25.18 -104.78
CA ASN EE 81 56.19 25.35 -104.62
C ASN EE 81 56.88 24.13 -104.04
N VAL EE 82 56.27 23.45 -103.07
CA VAL EE 82 56.87 22.30 -102.41
C VAL EE 82 55.83 21.19 -102.34
N VAL EE 83 56.25 19.97 -102.66
CA VAL EE 83 55.38 18.80 -102.68
C VAL EE 83 56.01 17.70 -101.84
N LYS EE 84 55.19 17.08 -100.99
CA LYS EE 84 55.59 15.92 -100.20
C LYS EE 84 54.90 14.68 -100.76
N LEU EE 85 55.68 13.64 -101.04
CA LEU EE 85 55.19 12.47 -101.74
C LEU EE 85 55.53 11.20 -100.97
N LYS EE 86 54.72 10.17 -101.19
CA LYS EE 86 54.96 8.83 -100.66
C LYS EE 86 54.91 7.83 -101.81
N VAL EE 87 55.96 7.03 -101.93
CA VAL EE 87 56.10 6.06 -103.00
C VAL EE 87 56.18 4.66 -102.40
N THR EE 88 55.42 3.73 -102.97
CA THR EE 88 55.35 2.37 -102.46
C THR EE 88 55.28 1.39 -103.62
N LEU EE 89 55.60 0.13 -103.32
CA LEU EE 89 55.49 -0.97 -104.27
C LEU EE 89 54.12 -1.62 -104.07
N ALA EE 90 53.26 -1.51 -105.09
CA ALA EE 90 51.89 -1.96 -104.95
C ALA EE 90 51.76 -3.48 -104.96
N ASN EE 91 52.57 -4.17 -105.76
CA ASN EE 91 52.43 -5.61 -105.92
C ASN EE 91 53.67 -6.35 -105.41
N ALA EE 92 54.16 -5.96 -104.24
CA ALA EE 92 55.33 -6.62 -103.67
C ALA EE 92 55.03 -8.07 -103.30
N ALA EE 93 53.81 -8.35 -102.87
CA ALA EE 93 53.44 -9.71 -102.48
C ALA EE 93 53.51 -10.67 -103.68
N GLN EE 94 53.08 -10.21 -104.85
CA GLN EE 94 53.11 -11.05 -106.04
C GLN EE 94 54.54 -11.35 -106.48
N LEU EE 95 55.46 -10.40 -106.30
CA LEU EE 95 56.83 -10.55 -106.75
C LEU EE 95 57.70 -11.37 -105.80
N ARG EE 96 57.21 -11.67 -104.60
CA ARG EE 96 58.03 -12.40 -103.63
C ARG EE 96 58.44 -13.80 -104.10
N PRO EE 97 57.56 -14.65 -104.66
CA PRO EE 97 58.02 -16.00 -105.06
C PRO EE 97 59.01 -16.01 -106.20
N TYR EE 98 59.21 -14.89 -106.90
CA TYR EE 98 60.07 -14.85 -108.08
C TYR EE 98 61.46 -14.30 -107.81
N PHE EE 99 61.69 -13.68 -106.65
CA PHE EE 99 62.96 -13.02 -106.37
C PHE EE 99 63.43 -13.31 -104.96
N LYS EE 100 64.74 -13.47 -104.80
CA LYS EE 100 65.33 -13.47 -103.47
C LYS EE 100 65.41 -12.07 -102.90
N TYR EE 101 65.77 -11.09 -103.73
CA TYR EE 101 65.77 -9.69 -103.33
C TYR EE 101 65.64 -8.81 -104.56
N LEU EE 102 65.13 -7.61 -104.37
CA LEU EE 102 64.96 -6.64 -105.44
C LEU EE 102 64.93 -5.25 -104.84
N GLN EE 103 65.83 -4.38 -105.30
CA GLN EE 103 65.95 -3.03 -104.76
C GLN EE 103 65.84 -2.01 -105.88
N LEU EE 104 65.11 -0.93 -105.61
CA LEU EE 104 64.91 0.15 -106.56
C LEU EE 104 65.50 1.43 -106.00
N VAL EE 105 66.26 2.15 -106.83
CA VAL EE 105 66.92 3.38 -106.43
C VAL EE 105 66.36 4.52 -107.27
N LEU EE 106 65.89 5.58 -106.60
CA LEU EE 106 65.31 6.74 -107.26
C LEU EE 106 66.23 7.94 -107.05
N THR EE 107 66.56 8.62 -108.14
CA THR EE 107 67.44 9.79 -108.11
C THR EE 107 66.81 10.95 -108.85
N SER EE 108 66.93 12.15 -108.29
CA SER EE 108 66.47 13.37 -108.93
C SER EE 108 67.64 13.95 -109.73
N ASN EE 109 67.36 14.30 -111.00
CA ASN EE 109 68.39 14.68 -111.96
C ASN EE 109 67.96 15.93 -112.74
N ALA EE 110 66.68 16.32 -112.66
CA ALA EE 110 66.13 17.35 -113.53
C ALA EE 110 66.96 18.64 -113.49
N SER EE 111 67.62 18.91 -112.36
CA SER EE 111 68.63 19.96 -112.29
C SER EE 111 69.98 19.38 -112.69
N SER EE 112 70.57 19.93 -113.76
CA SER EE 112 71.85 19.43 -114.24
C SER EE 112 72.98 19.65 -113.25
N THR EE 113 72.79 20.56 -112.28
CA THR EE 113 73.82 20.83 -111.29
C THR EE 113 73.67 19.98 -110.03
N VAL EE 114 72.45 19.59 -109.67
CA VAL EE 114 72.17 18.88 -108.42
C VAL EE 114 71.54 17.54 -108.76
N GLU EE 115 72.35 16.47 -108.74
CA GLU EE 115 71.86 15.10 -108.79
C GLU EE 115 71.77 14.56 -107.39
N GLU EE 116 70.61 14.01 -107.02
CA GLU EE 116 70.41 13.47 -105.69
C GLU EE 116 69.58 12.19 -105.73
N THR EE 117 70.04 11.17 -105.02
CA THR EE 117 69.24 9.98 -104.75
C THR EE 117 68.34 10.24 -103.57
N LYS EE 118 67.04 9.98 -103.73
CA LYS EE 118 66.04 10.33 -102.73
C LYS EE 118 65.55 9.16 -101.89
N ALA EE 119 65.37 7.98 -102.48
CA ALA EE 119 64.84 6.86 -101.71
C ALA EE 119 65.33 5.55 -102.32
N VAL EE 120 65.31 4.50 -101.49
CA VAL EE 120 65.62 3.14 -101.90
C VAL EE 120 64.47 2.26 -101.46
N LEU EE 121 63.89 1.52 -102.41
CA LEU EE 121 62.77 0.64 -102.13
C LEU EE 121 63.20 -0.82 -102.26
N SER EE 122 62.57 -1.68 -101.46
CA SER EE 122 62.89 -3.10 -101.45
C SER EE 122 61.63 -3.89 -101.13
N LEU EE 123 61.73 -5.21 -101.30
CA LEU EE 123 60.59 -6.08 -101.02
C LEU EE 123 60.28 -6.19 -99.54
N LYS EE 124 61.24 -5.88 -98.67
CA LYS EE 124 61.01 -5.93 -97.23
C LYS EE 124 60.54 -4.59 -96.67
N LYS EE 125 60.97 -3.48 -97.28
CA LYS EE 125 60.54 -2.14 -96.88
C LYS EE 125 60.06 -1.43 -98.14
N PRO EE 126 58.80 -1.61 -98.52
CA PRO EE 126 58.33 -1.14 -99.83
C PRO EE 126 58.03 0.35 -99.91
N SER EE 127 57.93 1.06 -98.79
CA SER EE 127 57.44 2.43 -98.78
C SER EE 127 58.54 3.40 -98.36
N ALA EE 128 58.46 4.62 -98.90
CA ALA EE 128 59.40 5.67 -98.55
C ALA EE 128 58.73 7.02 -98.77
N VAL EE 129 59.29 8.05 -98.13
CA VAL EE 129 58.78 9.41 -98.21
C VAL EE 129 59.91 10.32 -98.68
N ILE EE 130 59.64 11.13 -99.70
CA ILE EE 130 60.63 12.00 -100.31
C ILE EE 130 60.12 13.43 -100.31
N ILE EE 131 61.04 14.37 -100.51
CA ILE EE 131 60.75 15.80 -100.51
C ILE EE 131 61.28 16.40 -101.80
N LEU EE 132 60.46 17.17 -102.49
CA LEU EE 132 60.86 17.93 -103.68
C LEU EE 132 60.72 19.42 -103.38
N ASP EE 133 61.78 20.18 -103.66
CA ASP EE 133 61.81 21.58 -103.30
C ASP EE 133 62.20 22.47 -104.49
N ASN EE 134 62.50 23.75 -104.20
CA ASN EE 134 62.78 24.71 -105.26
C ASN EE 134 63.95 24.28 -106.14
N ASP EE 135 64.94 23.60 -105.57
CA ASP EE 135 66.10 23.20 -106.36
C ASP EE 135 65.75 22.11 -107.37
N ASP EE 136 64.81 21.22 -107.03
CA ASP EE 136 64.48 20.11 -107.92
C ASP EE 136 63.72 20.60 -109.14
N TYR EE 137 62.83 21.58 -108.97
CA TYR EE 137 61.94 22.02 -110.04
C TYR EE 137 62.70 22.81 -111.11
N SER EE 138 63.55 22.13 -111.87
CA SER EE 138 64.19 22.75 -113.01
C SER EE 138 63.21 22.90 -114.16
N SER EE 139 63.47 23.88 -115.03
CA SER EE 139 62.55 24.36 -116.04
C SER EE 139 61.24 24.87 -115.43
N THR EE 140 61.19 24.98 -114.10
CA THR EE 140 60.11 25.57 -113.32
C THR EE 140 58.81 24.77 -113.40
N ASN EE 141 58.79 23.66 -114.16
CA ASN EE 141 57.53 22.97 -114.41
C ASN EE 141 57.57 21.45 -114.29
N LYS EE 142 58.72 20.81 -114.15
CA LYS EE 142 58.72 19.35 -114.19
C LYS EE 142 59.86 18.76 -113.39
N ILE EE 143 59.64 17.53 -112.94
CA ILE EE 143 60.63 16.70 -112.24
C ILE EE 143 60.91 15.46 -113.08
N GLN EE 144 62.19 15.09 -113.17
CA GLN EE 144 62.60 13.87 -113.86
C GLN EE 144 63.28 12.95 -112.87
N LEU EE 145 62.79 11.71 -112.78
CA LEU EE 145 63.31 10.71 -111.85
C LEU EE 145 63.47 9.39 -112.58
N LYS EE 146 64.71 8.91 -112.72
CA LYS EE 146 64.95 7.59 -113.24
C LYS EE 146 65.01 6.54 -112.14
N VAL EE 147 64.82 5.29 -112.52
CA VAL EE 147 64.72 4.16 -111.60
C VAL EE 147 65.93 3.27 -111.80
N GLU EE 148 66.54 2.85 -110.70
CA GLU EE 148 67.69 1.95 -110.76
C GLU EE 148 67.35 0.68 -110.00
N ALA EE 149 67.63 -0.47 -110.61
CA ALA EE 149 67.22 -1.76 -110.08
C ALA EE 149 68.42 -2.66 -109.82
N TYR EE 150 68.40 -3.35 -108.68
CA TYR EE 150 69.33 -4.43 -108.37
C TYR EE 150 68.51 -5.65 -107.97
N TYR EE 151 68.93 -6.82 -108.43
CA TYR EE 151 68.08 -7.99 -108.30
C TYR EE 151 68.91 -9.26 -108.29
N GLU EE 152 68.29 -10.33 -107.79
CA GLU EE 152 68.77 -11.70 -107.93
C GLU EE 152 67.57 -12.60 -108.13
N ALA EE 153 67.56 -13.37 -109.21
CA ALA EE 153 66.43 -14.21 -109.56
C ALA EE 153 66.47 -15.53 -108.81
N LYS EE 154 65.30 -16.12 -108.62
CA LYS EE 154 65.20 -17.43 -107.98
C LYS EE 154 65.80 -18.51 -108.86
N GLU EE 155 66.28 -19.58 -108.23
CA GLU EE 155 66.96 -20.66 -108.93
C GLU EE 155 65.94 -21.53 -109.65
N GLY EE 156 66.11 -21.67 -110.97
CA GLY EE 156 65.29 -22.58 -111.74
C GLY EE 156 63.87 -22.14 -111.99
N MET EE 157 63.57 -20.85 -111.91
CA MET EE 157 62.23 -20.34 -112.12
C MET EE 157 62.17 -19.63 -113.47
N LEU EE 158 61.20 -20.02 -114.30
CA LEU EE 158 61.01 -19.46 -115.63
C LEU EE 158 59.63 -18.82 -115.72
N PHE EE 159 59.56 -17.65 -116.33
CA PHE EE 159 58.32 -16.89 -116.42
C PHE EE 159 58.47 -15.81 -117.49
N ASP EE 160 57.36 -15.17 -117.81
CA ASP EE 160 57.36 -14.07 -118.76
C ASP EE 160 56.12 -13.22 -118.53
N SER EE 161 56.19 -11.97 -118.98
CA SER EE 161 55.08 -11.02 -118.90
C SER EE 161 54.63 -10.81 -117.46
N LEU EE 162 55.56 -10.36 -116.62
CA LEU EE 162 55.28 -10.08 -115.22
C LEU EE 162 55.42 -8.58 -114.97
N PRO EE 163 54.36 -7.89 -114.54
CA PRO EE 163 54.44 -6.44 -114.35
C PRO EE 163 54.94 -6.03 -112.98
N VAL EE 164 55.56 -4.84 -112.95
CA VAL EE 164 56.00 -4.19 -111.73
C VAL EE 164 55.29 -2.84 -111.64
N ILE EE 165 54.64 -2.58 -110.50
CA ILE EE 165 53.75 -1.44 -110.34
C ILE EE 165 54.25 -0.57 -109.20
N LEU EE 166 54.25 0.74 -109.42
CA LEU EE 166 54.58 1.73 -108.40
C LEU EE 166 53.40 2.69 -108.25
N ASN EE 167 53.18 3.17 -107.03
CA ASN EE 167 52.06 4.04 -106.71
C ASN EE 167 52.56 5.33 -106.05
N PHE EE 168 51.85 6.43 -106.29
CA PHE EE 168 52.19 7.73 -105.74
C PHE EE 168 51.00 8.30 -104.99
N GLN EE 169 51.27 8.94 -103.86
CA GLN EE 169 50.24 9.60 -103.07
C GLN EE 169 50.79 10.90 -102.50
N VAL EE 170 49.97 11.95 -102.58
CA VAL EE 170 50.35 13.28 -102.11
C VAL EE 170 49.93 13.42 -100.65
N LEU EE 171 50.88 13.83 -99.81
CA LEU EE 171 50.61 14.04 -98.39
C LEU EE 171 50.41 15.51 -98.02
N SER EE 172 51.17 16.41 -98.64
CA SER EE 172 51.06 17.84 -98.36
C SER EE 172 51.69 18.62 -99.51
N VAL EE 173 51.09 19.75 -99.85
CA VAL EE 173 51.60 20.64 -100.88
C VAL EE 173 51.52 22.08 -100.37
N SER EE 174 52.47 22.89 -100.80
CA SER EE 174 52.51 24.29 -100.39
C SER EE 174 53.14 25.15 -101.49
N THR FE 26 -13.81 54.57 -99.10
CA THR FE 26 -12.92 54.38 -97.95
C THR FE 26 -12.46 52.93 -97.87
N THR FE 27 -11.36 52.62 -98.56
CA THR FE 27 -10.82 51.27 -98.62
C THR FE 27 -9.39 51.27 -98.09
N GLN FE 28 -9.08 50.30 -97.23
CA GLN FE 28 -7.76 50.15 -96.65
C GLN FE 28 -7.03 49.01 -97.36
N SER FE 29 -5.85 49.30 -97.90
CA SER FE 29 -5.14 48.29 -98.67
C SER FE 29 -3.94 47.74 -97.90
N PRO FE 30 -3.65 46.44 -98.04
CA PRO FE 30 -2.48 45.88 -97.37
C PRO FE 30 -1.17 46.11 -98.10
N LEU FE 31 -1.21 46.43 -99.39
CA LEU FE 31 -0.03 46.82 -100.17
C LEU FE 31 1.00 45.68 -100.25
N ASN FE 32 0.52 44.48 -100.58
CA ASN FE 32 1.40 43.33 -100.73
C ASN FE 32 1.01 42.45 -101.90
N SER FE 33 0.25 42.99 -102.86
CA SER FE 33 -0.23 42.21 -104.01
C SER FE 33 0.69 42.39 -105.22
N PHE FE 34 1.94 41.95 -105.07
CA PHE FE 34 2.92 42.02 -106.14
C PHE FE 34 3.73 40.74 -106.16
N TYR FE 35 3.94 40.18 -107.35
CA TYR FE 35 4.63 38.90 -107.49
C TYR FE 35 5.44 38.87 -108.78
N ALA FE 36 6.43 37.98 -108.79
CA ALA FE 36 7.24 37.69 -109.97
C ALA FE 36 7.63 36.23 -109.93
N THR FE 37 7.68 35.58 -111.10
CA THR FE 37 7.81 34.14 -111.17
C THR FE 37 8.90 33.73 -112.16
N GLY FE 38 9.67 32.71 -111.79
CA GLY FE 38 10.62 32.08 -112.69
C GLY FE 38 10.46 30.56 -112.70
N THR FE 39 11.38 29.85 -113.36
CA THR FE 39 11.28 28.41 -113.48
C THR FE 39 12.68 27.79 -113.45
N ALA FE 40 12.72 26.49 -113.16
CA ALA FE 40 13.96 25.73 -113.16
C ALA FE 40 13.65 24.27 -113.46
N GLN FE 41 14.68 23.54 -113.89
CA GLN FE 41 14.49 22.13 -114.26
C GLN FE 41 15.84 21.43 -114.28
N ALA FE 42 15.78 20.09 -114.27
CA ALA FE 42 16.96 19.24 -114.41
C ALA FE 42 16.48 17.88 -114.90
N VAL FE 43 16.76 17.55 -116.15
CA VAL FE 43 16.13 16.40 -116.79
C VAL FE 43 17.15 15.45 -117.42
N GLN FE 44 18.37 15.40 -116.92
CA GLN FE 44 19.36 14.46 -117.44
C GLN FE 44 20.40 14.15 -116.39
N GLU FE 45 21.01 12.97 -116.53
CA GLU FE 45 22.06 12.50 -115.64
C GLU FE 45 23.40 13.13 -116.00
N PRO FE 46 24.32 13.27 -115.04
CA PRO FE 46 25.58 13.99 -115.31
C PRO FE 46 26.41 13.41 -116.44
N ILE FE 47 26.48 12.09 -116.56
CA ILE FE 47 27.40 11.45 -117.50
C ILE FE 47 26.67 10.43 -118.35
N ASP FE 48 27.27 10.09 -119.48
CA ASP FE 48 26.83 9.01 -120.34
C ASP FE 48 28.03 8.16 -120.70
N VAL FE 49 27.85 6.83 -120.73
CA VAL FE 49 28.97 5.90 -120.89
C VAL FE 49 28.69 4.99 -122.08
N GLU FE 50 29.68 4.83 -122.96
CA GLU FE 50 29.57 3.96 -124.12
C GLU FE 50 30.81 3.08 -124.18
N SER FE 51 30.62 1.82 -124.58
CA SER FE 51 31.67 0.80 -124.53
C SER FE 51 32.12 0.41 -125.93
N HIS FE 52 33.42 0.16 -126.07
CA HIS FE 52 34.00 -0.30 -127.33
C HIS FE 52 35.05 -1.38 -127.07
N LEU FE 53 34.75 -2.32 -126.18
CA LEU FE 53 35.67 -3.43 -125.86
C LEU FE 53 35.41 -4.55 -126.85
N ASP FE 54 36.20 -4.57 -127.94
CA ASP FE 54 36.02 -5.50 -129.04
C ASP FE 54 37.26 -6.33 -129.30
N ASN FE 55 37.90 -6.82 -128.23
CA ASN FE 55 39.00 -7.76 -128.35
C ASN FE 55 38.79 -8.91 -127.37
N THR FE 56 39.30 -10.08 -127.72
CA THR FE 56 39.09 -11.31 -126.98
C THR FE 56 40.40 -11.82 -126.42
N ILE FE 57 40.40 -12.14 -125.12
CA ILE FE 57 41.54 -12.81 -124.50
C ILE FE 57 41.45 -14.28 -124.89
N ALA FE 58 42.31 -14.70 -125.82
CA ALA FE 58 42.27 -16.05 -126.38
C ALA FE 58 43.65 -16.69 -126.31
N PRO FE 59 44.08 -17.10 -125.12
CA PRO FE 59 45.33 -17.86 -125.00
C PRO FE 59 45.06 -19.37 -125.04
N ALA FE 60 46.15 -20.13 -125.05
CA ALA FE 60 46.06 -21.57 -124.88
C ALA FE 60 45.85 -21.91 -123.41
N ALA FE 61 45.50 -23.17 -123.16
CA ALA FE 61 45.23 -23.62 -121.79
C ALA FE 61 46.51 -23.59 -120.97
N GLY FE 62 46.47 -22.88 -119.83
CA GLY FE 62 47.60 -22.83 -118.94
C GLY FE 62 48.70 -21.86 -119.32
N ALA FE 63 48.48 -21.01 -120.31
CA ALA FE 63 49.50 -20.11 -120.81
C ALA FE 63 49.48 -18.79 -120.04
N GLN FE 64 50.63 -18.11 -120.06
CA GLN FE 64 50.80 -16.78 -119.48
C GLN FE 64 50.89 -15.77 -120.62
N GLY FE 65 50.07 -14.72 -120.55
CA GLY FE 65 49.95 -13.84 -121.70
C GLY FE 65 49.94 -12.34 -121.45
N TYR FE 66 49.57 -11.59 -122.48
CA TYR FE 66 49.64 -10.13 -122.48
C TYR FE 66 48.74 -9.61 -123.60
N LYS FE 67 47.71 -8.86 -123.26
CA LYS FE 67 46.68 -8.53 -124.24
C LYS FE 67 46.06 -7.17 -123.90
N ASP FE 68 45.60 -6.49 -124.94
CA ASP FE 68 44.81 -5.26 -124.82
C ASP FE 68 43.39 -5.54 -125.31
N MET FE 69 42.43 -4.71 -124.88
CA MET FE 69 41.02 -5.01 -125.08
C MET FE 69 40.29 -3.98 -125.94
N GLY FE 70 40.41 -2.70 -125.61
CA GLY FE 70 39.64 -1.67 -126.29
C GLY FE 70 39.64 -0.40 -125.46
N TYR FE 71 38.61 0.42 -125.67
CA TYR FE 71 38.50 1.68 -124.93
C TYR FE 71 37.04 1.98 -124.65
N VAL FE 72 36.83 2.87 -123.67
CA VAL FE 72 35.50 3.25 -123.20
C VAL FE 72 35.37 4.76 -123.25
N LYS FE 73 34.21 5.25 -123.69
CA LYS FE 73 33.95 6.67 -123.83
C LYS FE 73 33.02 7.17 -122.73
N ILE FE 74 33.33 8.33 -122.17
CA ILE FE 74 32.53 8.98 -121.14
C ILE FE 74 32.16 10.37 -121.63
N ILE FE 75 30.90 10.75 -121.48
CA ILE FE 75 30.39 12.03 -121.95
C ILE FE 75 29.87 12.82 -120.76
N ASN FE 76 30.28 14.09 -120.67
CA ASN FE 76 29.93 14.97 -119.56
C ASN FE 76 29.11 16.16 -120.04
N TYR FE 77 28.14 16.56 -119.22
CA TYR FE 77 27.05 17.43 -119.62
C TYR FE 77 27.09 18.76 -118.88
N THR FE 78 26.02 19.54 -119.03
CA THR FE 78 26.00 20.96 -118.68
C THR FE 78 26.39 21.19 -117.22
N ASP FE 79 27.26 22.18 -117.02
CA ASP FE 79 27.68 22.66 -115.69
C ASP FE 79 28.41 21.59 -114.89
N VAL FE 80 29.06 20.66 -115.57
CA VAL FE 80 29.84 19.60 -114.94
C VAL FE 80 31.32 19.87 -115.20
N ASN FE 81 32.12 19.83 -114.14
CA ASN FE 81 33.56 20.07 -114.26
C ASN FE 81 34.42 18.93 -113.72
N VAL FE 82 34.02 18.33 -112.60
CA VAL FE 82 34.80 17.28 -111.96
C VAL FE 82 33.86 16.13 -111.60
N VAL FE 83 34.28 14.91 -111.90
CA VAL FE 83 33.48 13.71 -111.64
C VAL FE 83 34.31 12.72 -110.84
N LYS FE 84 33.69 12.15 -109.80
CA LYS FE 84 34.29 11.10 -109.00
C LYS FE 84 33.58 9.78 -109.32
N LEU FE 85 34.36 8.75 -109.64
CA LEU FE 85 33.81 7.50 -110.14
C LEU FE 85 34.37 6.33 -109.33
N LYS FE 86 33.59 5.25 -109.31
CA LYS FE 86 33.99 3.98 -108.71
C LYS FE 86 33.80 2.87 -109.73
N VAL FE 87 34.85 2.10 -109.98
CA VAL FE 87 34.85 1.04 -110.98
C VAL FE 87 35.12 -0.29 -110.27
N THR FE 88 34.32 -1.30 -110.61
CA THR FE 88 34.42 -2.61 -109.98
C THR FE 88 34.20 -3.70 -111.02
N LEU FE 89 34.64 -4.91 -110.66
CA LEU FE 89 34.42 -6.10 -111.48
C LEU FE 89 33.15 -6.78 -110.98
N ALA FE 90 32.12 -6.81 -111.83
CA ALA FE 90 30.81 -7.29 -111.39
C ALA FE 90 30.78 -8.81 -111.25
N ASN FE 91 31.47 -9.53 -112.13
CA ASN FE 91 31.38 -10.99 -112.14
C ASN FE 91 32.72 -11.63 -111.80
N ALA FE 92 33.40 -11.11 -110.78
CA ALA FE 92 34.69 -11.67 -110.37
C ALA FE 92 34.54 -13.09 -109.84
N ALA FE 93 33.42 -13.37 -109.16
CA ALA FE 93 33.23 -14.71 -108.59
C ALA FE 93 33.12 -15.76 -109.68
N GLN FE 94 32.47 -15.44 -110.79
CA GLN FE 94 32.34 -16.40 -111.89
C GLN FE 94 33.67 -16.67 -112.55
N LEU FE 95 34.55 -15.68 -112.63
CA LEU FE 95 35.83 -15.81 -113.32
C LEU FE 95 36.90 -16.51 -112.48
N ARG FE 96 36.65 -16.70 -111.18
CA ARG FE 96 37.67 -17.32 -110.32
C ARG FE 96 38.08 -18.73 -110.75
N PRO FE 97 37.16 -19.66 -111.04
CA PRO FE 97 37.61 -21.02 -111.40
C PRO FE 97 38.38 -21.10 -112.71
N TYR FE 98 38.38 -20.04 -113.52
CA TYR FE 98 39.01 -20.09 -114.83
C TYR FE 98 40.40 -19.46 -114.88
N PHE FE 99 40.80 -18.72 -113.84
CA PHE FE 99 42.06 -17.99 -113.86
C PHE FE 99 42.78 -18.13 -112.53
N LYS FE 100 44.12 -18.21 -112.61
CA LYS FE 100 44.94 -18.07 -111.41
C LYS FE 100 45.03 -16.61 -111.00
N TYR FE 101 45.18 -15.70 -111.96
CA TYR FE 101 45.17 -14.27 -111.68
C TYR FE 101 44.78 -13.53 -112.95
N LEU FE 102 44.24 -12.33 -112.77
CA LEU FE 102 43.82 -11.48 -113.87
C LEU FE 102 43.83 -10.03 -113.40
N GLN FE 103 44.57 -9.18 -114.09
CA GLN FE 103 44.73 -7.79 -113.71
C GLN FE 103 44.36 -6.89 -114.88
N LEU FE 104 43.63 -5.81 -114.57
CA LEU FE 104 43.19 -4.84 -115.55
C LEU FE 104 43.80 -3.48 -115.23
N VAL FE 105 44.36 -2.82 -116.24
CA VAL FE 105 45.01 -1.52 -116.09
C VAL FE 105 44.24 -0.50 -116.91
N LEU FE 106 43.85 0.59 -116.26
CA LEU FE 106 43.09 1.66 -116.89
C LEU FE 106 43.97 2.91 -116.97
N THR FE 107 44.06 3.50 -118.16
CA THR FE 107 44.86 4.70 -118.38
C THR FE 107 44.04 5.76 -119.09
N SER FE 108 44.20 7.01 -118.67
CA SER FE 108 43.56 8.14 -119.33
C SER FE 108 44.52 8.69 -120.38
N ASN FE 109 44.01 8.90 -121.59
CA ASN FE 109 44.82 9.23 -122.76
C ASN FE 109 44.19 10.38 -123.56
N ALA FE 110 42.94 10.72 -123.28
CA ALA FE 110 42.18 11.65 -124.12
C ALA FE 110 42.92 12.97 -124.34
N SER FE 111 43.76 13.36 -123.39
CA SER FE 111 44.71 14.45 -123.59
C SER FE 111 45.99 13.90 -124.18
N SER FE 112 46.34 14.37 -125.38
CA SER FE 112 47.54 13.87 -126.05
C SER FE 112 48.81 14.23 -125.31
N THR FE 113 48.77 15.21 -124.40
CA THR FE 113 49.93 15.63 -123.64
C THR FE 113 50.06 14.90 -122.30
N VAL FE 114 48.94 14.50 -121.70
CA VAL FE 114 48.94 13.90 -120.37
C VAL FE 114 48.33 12.51 -120.47
N GLU FE 115 49.19 11.49 -120.50
CA GLU FE 115 48.78 10.09 -120.34
C GLU FE 115 48.97 9.69 -118.89
N GLU FE 116 47.93 9.12 -118.28
CA GLU FE 116 48.00 8.71 -116.88
C GLU FE 116 47.25 7.41 -116.67
N THR FE 117 47.90 6.48 -115.96
CA THR FE 117 47.22 5.29 -115.45
C THR FE 117 46.52 5.63 -114.14
N LYS FE 118 45.25 5.29 -114.04
CA LYS FE 118 44.42 5.70 -112.91
C LYS FE 118 44.16 4.61 -111.89
N ALA FE 119 43.94 3.37 -112.33
CA ALA FE 119 43.62 2.30 -111.39
C ALA FE 119 44.07 0.96 -111.96
N VAL FE 120 44.26 0.00 -111.05
CA VAL FE 120 44.56 -1.38 -111.40
C VAL FE 120 43.55 -2.27 -110.67
N LEU FE 121 42.86 -3.11 -111.42
CA LEU FE 121 41.86 -4.01 -110.87
C LEU FE 121 42.33 -5.45 -110.95
N SER FE 122 41.91 -6.25 -109.97
CA SER FE 122 42.32 -7.64 -109.90
C SER FE 122 41.17 -8.45 -109.29
N LEU FE 123 41.32 -9.78 -109.35
CA LEU FE 123 40.30 -10.66 -108.80
C LEU FE 123 40.27 -10.64 -107.28
N LYS FE 124 41.35 -10.23 -106.63
CA LYS FE 124 41.38 -10.13 -105.18
C LYS FE 124 40.95 -8.77 -104.66
N LYS FE 125 41.20 -7.71 -105.43
CA LYS FE 125 40.78 -6.34 -105.07
C LYS FE 125 40.04 -5.78 -106.28
N PRO FE 126 38.73 -6.05 -106.40
CA PRO FE 126 38.01 -5.73 -107.65
C PRO FE 126 37.62 -4.27 -107.80
N SER FE 127 37.67 -3.46 -106.74
CA SER FE 127 37.13 -2.12 -106.77
C SER FE 127 38.23 -1.07 -106.65
N ALA FE 128 37.99 0.09 -107.26
CA ALA FE 128 38.91 1.21 -107.19
C ALA FE 128 38.14 2.50 -107.40
N VAL FE 129 38.75 3.61 -106.96
CA VAL FE 129 38.15 4.94 -107.06
C VAL FE 129 39.13 5.83 -107.82
N ILE FE 130 38.62 6.54 -108.84
CA ILE FE 130 39.45 7.39 -109.69
C ILE FE 130 38.86 8.79 -109.73
N ILE FE 131 39.68 9.73 -110.17
CA ILE FE 131 39.31 11.14 -110.24
C ILE FE 131 39.57 11.64 -111.66
N LEU FE 132 38.59 12.31 -112.25
CA LEU FE 132 38.73 12.96 -113.54
C LEU FE 132 38.56 14.47 -113.36
N ASP FE 133 39.51 15.24 -113.89
CA ASP FE 133 39.53 16.68 -113.68
C ASP FE 133 39.64 17.46 -114.99
N ASN FE 134 39.92 18.76 -114.88
CA ASN FE 134 39.95 19.64 -116.06
C ASN FE 134 40.96 19.16 -117.09
N ASP FE 135 42.08 18.58 -116.66
CA ASP FE 135 43.10 18.15 -117.61
C ASP FE 135 42.64 16.96 -118.44
N ASP FE 136 41.83 16.07 -117.85
CA ASP FE 136 41.41 14.87 -118.56
C ASP FE 136 40.41 15.20 -119.67
N TYR FE 137 39.52 16.15 -119.42
CA TYR FE 137 38.43 16.47 -120.33
C TYR FE 137 38.92 17.18 -121.59
N SER FE 138 39.65 16.45 -122.43
CA SER FE 138 40.06 16.99 -123.73
C SER FE 138 38.87 16.98 -124.69
N SER FE 139 38.93 17.89 -125.66
CA SER FE 139 37.80 18.23 -126.53
C SER FE 139 36.61 18.75 -125.74
N THR FE 140 36.79 18.98 -124.44
CA THR FE 140 35.82 19.60 -123.53
C THR FE 140 34.59 18.74 -123.30
N ASN FE 141 34.49 17.57 -123.93
CA ASN FE 141 33.25 16.81 -123.89
C ASN FE 141 33.39 15.31 -123.64
N LYS FE 142 34.59 14.73 -123.67
CA LYS FE 142 34.66 13.28 -123.58
C LYS FE 142 35.97 12.82 -122.95
N ILE FE 143 35.91 11.62 -122.35
CA ILE FE 143 37.04 10.90 -121.78
C ILE FE 143 37.23 9.60 -122.54
N GLN FE 144 38.48 9.27 -122.84
CA GLN FE 144 38.83 8.01 -123.49
C GLN FE 144 39.73 7.22 -122.55
N LEU FE 145 39.34 5.98 -122.27
CA LEU FE 145 40.07 5.09 -121.37
C LEU FE 145 40.18 3.71 -122.00
N LYS FE 146 41.40 3.28 -122.32
CA LYS FE 146 41.62 1.91 -122.76
C LYS FE 146 41.93 0.99 -121.59
N VAL FE 147 41.74 -0.31 -121.83
CA VAL FE 147 41.88 -1.34 -120.82
C VAL FE 147 43.09 -2.21 -121.15
N GLU FE 148 43.91 -2.49 -120.15
CA GLU FE 148 45.07 -3.34 -120.34
C GLU FE 148 44.96 -4.55 -119.42
N ALA FE 149 45.18 -5.73 -119.96
CA ALA FE 149 44.93 -6.98 -119.26
C ALA FE 149 46.21 -7.80 -119.16
N TYR FE 150 46.43 -8.39 -117.97
CA TYR FE 150 47.46 -9.39 -117.73
C TYR FE 150 46.81 -10.59 -117.09
N TYR FE 151 47.20 -11.80 -117.52
CA TYR FE 151 46.45 -12.98 -117.14
C TYR FE 151 47.35 -14.21 -117.16
N GLU FE 152 46.88 -15.25 -116.46
CA GLU FE 152 47.41 -16.59 -116.57
C GLU FE 152 46.24 -17.56 -116.46
N ALA FE 153 46.09 -18.44 -117.46
CA ALA FE 153 44.96 -19.34 -117.51
C ALA FE 153 45.21 -20.59 -116.67
N LYS FE 154 44.12 -21.20 -116.22
CA LYS FE 154 44.21 -22.44 -115.46
C LYS FE 154 44.71 -23.58 -116.34
N GLU FE 155 45.35 -24.56 -115.70
CA GLU FE 155 45.95 -25.68 -116.42
C GLU FE 155 44.88 -26.66 -116.87
N GLY FE 156 44.81 -26.91 -118.18
CA GLY FE 156 43.92 -27.93 -118.70
C GLY FE 156 42.45 -27.57 -118.72
N MET FE 157 42.11 -26.29 -118.71
CA MET FE 157 40.72 -25.85 -118.71
C MET FE 157 40.37 -25.29 -120.08
N LEU FE 158 39.29 -25.80 -120.68
CA LEU FE 158 38.84 -25.37 -121.99
C LEU FE 158 37.43 -24.80 -121.89
N PHE FE 159 37.19 -23.69 -122.57
CA PHE FE 159 35.91 -23.00 -122.50
C PHE FE 159 35.81 -22.03 -123.67
N ASP FE 160 34.62 -21.46 -123.83
CA ASP FE 160 34.39 -20.45 -124.87
C ASP FE 160 33.16 -19.63 -124.48
N SER FE 161 33.08 -18.43 -125.05
CA SER FE 161 31.95 -17.53 -124.85
C SER FE 161 31.76 -17.19 -123.37
N LEU FE 162 32.80 -16.63 -122.76
CA LEU FE 162 32.76 -16.22 -121.37
C LEU FE 162 32.85 -14.70 -121.27
N PRO FE 163 31.86 -14.02 -120.71
CA PRO FE 163 31.88 -12.56 -120.68
C PRO FE 163 32.60 -11.99 -119.47
N VAL FE 164 33.14 -10.79 -119.66
CA VAL FE 164 33.76 -10.01 -118.59
C VAL FE 164 33.00 -8.69 -118.49
N ILE FE 165 32.57 -8.34 -117.29
CA ILE FE 165 31.65 -7.23 -117.07
C ILE FE 165 32.29 -6.22 -116.12
N LEU FE 166 32.18 -4.94 -116.45
CA LEU FE 166 32.63 -3.85 -115.60
C LEU FE 166 31.44 -2.92 -115.31
N ASN FE 167 31.43 -2.34 -114.12
CA ASN FE 167 30.34 -1.48 -113.68
C ASN FE 167 30.87 -0.13 -113.24
N PHE FE 168 30.07 0.91 -113.45
CA PHE FE 168 30.42 2.28 -113.08
C PHE FE 168 29.35 2.87 -112.17
N GLN FE 169 29.79 3.63 -111.17
CA GLN FE 169 28.88 4.32 -110.27
C GLN FE 169 29.45 5.68 -109.93
N VAL FE 170 28.57 6.69 -109.94
CA VAL FE 170 28.96 8.07 -109.68
C VAL FE 170 28.80 8.35 -108.19
N LEU FE 171 29.86 8.87 -107.56
CA LEU FE 171 29.83 9.21 -106.14
C LEU FE 171 29.62 10.70 -105.88
N SER FE 172 30.20 11.57 -106.71
CA SER FE 172 30.06 13.00 -106.54
C SER FE 172 30.45 13.69 -107.84
N VAL FE 173 29.72 14.76 -108.16
CA VAL FE 173 29.99 15.57 -109.34
C VAL FE 173 29.92 17.03 -108.96
N SER FE 174 30.73 17.85 -109.62
CA SER FE 174 30.76 19.28 -109.36
C SER FE 174 31.15 20.06 -110.61
N THR GE 26 -35.84 46.91 -98.54
CA THR GE 26 -34.76 46.87 -97.56
C THR GE 26 -34.20 45.45 -97.44
N THR GE 27 -33.23 45.12 -98.29
CA THR GE 27 -32.64 43.79 -98.33
C THR GE 27 -31.14 43.89 -98.07
N GLN GE 28 -30.63 43.03 -97.21
CA GLN GE 28 -29.21 42.98 -96.87
C GLN GE 28 -28.57 41.82 -97.59
N SER GE 29 -27.51 42.09 -98.36
CA SER GE 29 -26.89 41.04 -99.17
C SER GE 29 -25.56 40.62 -98.58
N PRO GE 30 -25.22 39.33 -98.67
CA PRO GE 30 -23.91 38.87 -98.17
C PRO GE 30 -22.77 39.08 -99.15
N LEU GE 31 -23.07 39.28 -100.43
CA LEU GE 31 -22.06 39.63 -101.45
C LEU GE 31 -21.01 38.54 -101.61
N ASN GE 32 -21.47 37.29 -101.73
CA ASN GE 32 -20.56 36.17 -101.95
C ASN GE 32 -21.11 35.16 -102.95
N SER GE 33 -22.06 35.58 -103.80
CA SER GE 33 -22.69 34.68 -104.76
C SER GE 33 -22.02 34.77 -106.14
N PHE GE 34 -20.74 34.41 -106.17
CA PHE GE 34 -19.97 34.41 -107.42
C PHE GE 34 -19.11 33.16 -107.46
N TYR GE 35 -19.09 32.50 -108.63
CA TYR GE 35 -18.36 31.24 -108.77
C TYR GE 35 -17.79 31.12 -110.18
N ALA GE 36 -16.77 30.26 -110.30
CA ALA GE 36 -16.17 29.90 -111.57
C ALA GE 36 -15.69 28.46 -111.48
N THR GE 37 -15.82 27.72 -112.57
CA THR GE 37 -15.63 26.27 -112.54
C THR GE 37 -14.72 25.81 -113.68
N GLY GE 38 -13.84 24.85 -113.37
CA GLY GE 38 -13.02 24.18 -114.37
C GLY GE 38 -13.10 22.67 -114.21
N THR GE 39 -12.28 21.94 -114.97
CA THR GE 39 -12.31 20.48 -114.94
C THR GE 39 -10.90 19.93 -115.11
N ALA GE 40 -10.74 18.66 -114.72
CA ALA GE 40 -9.47 17.96 -114.88
C ALA GE 40 -9.75 16.47 -115.00
N GLN GE 41 -8.78 15.74 -115.54
CA GLN GE 41 -8.95 14.30 -115.75
C GLN GE 41 -7.59 13.65 -115.95
N ALA GE 42 -7.57 12.32 -115.81
CA ALA GE 42 -6.39 11.51 -116.09
C ALA GE 42 -6.87 10.09 -116.35
N VAL GE 43 -6.81 9.64 -117.61
CA VAL GE 43 -7.47 8.41 -118.02
C VAL GE 43 -6.52 7.45 -118.74
N GLN GE 44 -5.22 7.51 -118.47
CA GLN GE 44 -4.31 6.55 -119.08
C GLN GE 44 -3.07 6.39 -118.21
N GLU GE 45 -2.43 5.22 -118.35
CA GLU GE 45 -1.21 4.89 -117.63
C GLU GE 45 0.00 5.53 -118.30
N PRO GE 46 1.07 5.79 -117.54
CA PRO GE 46 2.21 6.53 -118.10
C PRO GE 46 2.85 5.88 -119.30
N ILE GE 47 2.99 4.56 -119.32
CA ILE GE 47 3.75 3.87 -120.36
C ILE GE 47 2.94 2.74 -120.95
N ASP GE 48 3.35 2.31 -122.15
CA ASP GE 48 2.82 1.14 -122.82
C ASP GE 48 3.99 0.31 -123.31
N VAL GE 49 3.88 -1.02 -123.20
CA VAL GE 49 5.00 -1.92 -123.47
C VAL GE 49 4.56 -2.96 -124.50
N GLU GE 50 5.38 -3.16 -125.53
CA GLU GE 50 5.12 -4.14 -126.58
C GLU GE 50 6.38 -4.97 -126.79
N SER GE 51 6.19 -6.27 -127.03
CA SER GE 51 7.29 -7.23 -127.08
C SER GE 51 7.49 -7.74 -128.49
N HIS GE 52 8.76 -7.95 -128.86
CA HIS GE 52 9.14 -8.52 -130.16
C HIS GE 52 10.27 -9.52 -130.00
N LEU GE 53 10.19 -10.38 -128.99
CA LEU GE 53 11.21 -11.41 -128.75
C LEU GE 53 10.84 -12.63 -129.58
N ASP GE 54 11.42 -12.73 -130.78
CA ASP GE 54 11.10 -13.77 -131.74
C ASP GE 54 12.32 -14.57 -132.16
N ASN GE 55 13.17 -14.93 -131.19
CA ASN GE 55 14.29 -15.84 -131.42
C ASN GE 55 14.32 -16.88 -130.32
N THR GE 56 14.83 -18.07 -130.67
CA THR GE 56 14.81 -19.22 -129.77
C THR GE 56 16.24 -19.62 -129.43
N ILE GE 57 16.49 -19.82 -128.13
CA ILE GE 57 17.75 -20.38 -127.67
C ILE GE 57 17.69 -21.89 -127.92
N ALA GE 58 18.38 -22.36 -128.95
CA ALA GE 58 18.31 -23.76 -129.37
C ALA GE 58 19.72 -24.33 -129.50
N PRO GE 59 20.38 -24.62 -128.38
CA PRO GE 59 21.67 -25.31 -128.43
C PRO GE 59 21.48 -26.81 -128.28
N ALA GE 60 22.59 -27.53 -128.42
CA ALA GE 60 22.61 -28.94 -128.11
C ALA GE 60 22.69 -29.15 -126.60
N ALA GE 61 22.46 -30.39 -126.18
CA ALA GE 61 22.46 -30.72 -124.76
C ALA GE 61 23.87 -30.56 -124.19
N GLY GE 62 23.99 -29.75 -123.14
CA GLY GE 62 25.27 -29.57 -122.47
C GLY GE 62 26.22 -28.60 -123.13
N ALA GE 63 25.77 -27.86 -124.13
CA ALA GE 63 26.64 -26.97 -124.88
C ALA GE 63 26.69 -25.58 -124.25
N GLN GE 64 27.77 -24.86 -124.54
CA GLN GE 64 27.96 -23.48 -124.12
C GLN GE 64 27.79 -22.58 -125.34
N GLY GE 65 26.95 -21.55 -125.21
CA GLY GE 65 26.57 -20.80 -126.39
C GLY GE 65 26.53 -19.29 -126.27
N TYR GE 66 25.94 -18.65 -127.29
CA TYR GE 66 25.92 -17.21 -127.43
C TYR GE 66 24.80 -16.83 -128.40
N LYS GE 67 23.80 -16.09 -127.94
CA LYS GE 67 22.60 -15.90 -128.74
C LYS GE 67 21.98 -14.54 -128.43
N ASP GE 68 21.31 -13.97 -129.42
CA ASP GE 68 20.47 -12.78 -129.25
C ASP GE 68 19.02 -13.15 -129.46
N MET GE 69 18.10 -12.32 -128.93
CA MET GE 69 16.69 -12.69 -128.84
C MET GE 69 15.77 -11.78 -129.63
N GLY GE 70 15.87 -10.48 -129.45
CA GLY GE 70 14.94 -9.54 -130.06
C GLY GE 70 15.01 -8.20 -129.36
N TYR GE 71 13.92 -7.45 -129.44
CA TYR GE 71 13.88 -6.14 -128.81
C TYR GE 71 12.47 -5.86 -128.30
N VAL GE 72 12.39 -4.88 -127.38
CA VAL GE 72 11.15 -4.52 -126.71
C VAL GE 72 10.92 -3.02 -126.86
N LYS GE 73 9.67 -2.63 -127.12
CA LYS GE 73 9.32 -1.24 -127.34
C LYS GE 73 8.57 -0.69 -126.14
N ILE GE 74 8.91 0.55 -125.74
CA ILE GE 74 8.28 1.26 -124.65
C ILE GE 74 7.76 2.59 -125.18
N ILE GE 75 6.51 2.92 -124.83
CA ILE GE 75 5.86 4.14 -125.31
C ILE GE 75 5.53 5.01 -124.12
N ASN GE 76 5.86 6.30 -124.21
CA ASN GE 76 5.67 7.27 -123.14
C ASN GE 76 4.71 8.37 -123.57
N TYR GE 77 3.89 8.82 -122.62
CA TYR GE 77 2.68 9.59 -122.89
C TYR GE 77 2.79 11.00 -122.29
N THR GE 78 1.66 11.71 -122.31
CA THR GE 78 1.63 13.15 -122.08
C THR GE 78 2.27 13.54 -120.76
N ASP GE 79 3.10 14.58 -120.79
CA ASP GE 79 3.72 15.20 -119.62
C ASP GE 79 4.64 14.24 -118.88
N VAL GE 80 5.22 13.27 -119.59
CA VAL GE 80 6.15 12.31 -119.01
C VAL GE 80 7.54 12.62 -119.56
N ASN GE 81 8.52 12.71 -118.67
CA ASN GE 81 9.89 13.00 -119.08
C ASN GE 81 10.90 11.95 -118.60
N VAL GE 82 10.75 11.45 -117.38
CA VAL GE 82 11.69 10.49 -116.80
C VAL GE 82 10.89 9.35 -116.17
N VAL GE 83 11.32 8.12 -116.44
CA VAL GE 83 10.65 6.92 -115.93
C VAL GE 83 11.66 6.04 -115.21
N LYS GE 84 11.28 5.56 -114.04
CA LYS GE 84 12.07 4.61 -113.27
C LYS GE 84 11.39 3.25 -113.34
N LEU GE 85 12.15 2.22 -113.71
CA LEU GE 85 11.60 0.90 -113.98
C LEU GE 85 12.35 -0.16 -113.19
N LYS GE 86 11.65 -1.27 -112.93
CA LYS GE 86 12.23 -2.45 -112.30
C LYS GE 86 11.92 -3.66 -113.18
N VAL GE 87 12.95 -4.41 -113.54
CA VAL GE 87 12.82 -5.56 -114.42
C VAL GE 87 13.29 -6.80 -113.67
N THR GE 88 12.51 -7.88 -113.77
CA THR GE 88 12.79 -9.11 -113.05
C THR GE 88 12.45 -10.31 -113.92
N LEU GE 89 13.01 -11.45 -113.56
CA LEU GE 89 12.72 -12.72 -114.21
C LEU GE 89 11.60 -13.40 -113.42
N ALA GE 90 10.44 -13.56 -114.06
CA ALA GE 90 9.25 -14.05 -113.36
C ALA GE 90 9.33 -15.55 -113.07
N ASN GE 91 9.89 -16.32 -113.99
CA ASN GE 91 9.89 -17.77 -113.86
C ASN GE 91 11.31 -18.33 -113.72
N ALA GE 92 12.12 -17.68 -112.89
CA ALA GE 92 13.49 -18.14 -112.69
C ALA GE 92 13.52 -19.52 -112.01
N ALA GE 93 12.57 -19.77 -111.11
CA ALA GE 93 12.55 -21.05 -110.41
C ALA GE 93 12.32 -22.22 -111.37
N GLN GE 94 11.45 -22.03 -112.36
CA GLN GE 94 11.18 -23.09 -113.32
C GLN GE 94 12.39 -23.39 -114.20
N LEU GE 95 13.18 -22.36 -114.52
CA LEU GE 95 14.32 -22.51 -115.41
C LEU GE 95 15.56 -23.08 -114.73
N ARG GE 96 15.57 -23.16 -113.40
CA ARG GE 96 16.75 -23.64 -112.69
C ARG GE 96 17.16 -25.07 -113.05
N PRO GE 97 16.25 -26.06 -113.09
CA PRO GE 97 16.70 -27.43 -113.41
C PRO GE 97 17.24 -27.60 -114.82
N TYR GE 98 17.02 -26.64 -115.71
CA TYR GE 98 17.41 -26.79 -117.11
C TYR GE 98 18.74 -26.10 -117.46
N PHE GE 99 19.28 -25.26 -116.58
CA PHE GE 99 20.45 -24.48 -116.91
C PHE GE 99 21.42 -24.46 -115.73
N LYS GE 100 22.73 -24.51 -116.04
CA LYS GE 100 23.72 -24.21 -115.03
C LYS GE 100 23.82 -22.71 -114.77
N TYR GE 101 23.74 -21.90 -115.82
CA TYR GE 101 23.70 -20.45 -115.67
C TYR GE 101 23.05 -19.85 -116.90
N LEU GE 102 22.49 -18.66 -116.73
CA LEU GE 102 21.82 -17.93 -117.81
C LEU GE 102 21.83 -16.45 -117.47
N GLN GE 103 22.40 -15.64 -118.36
CA GLN GE 103 22.53 -14.22 -118.14
C GLN GE 103 21.91 -13.45 -119.30
N LEU GE 104 21.19 -12.38 -118.95
CA LEU GE 104 20.53 -11.52 -119.94
C LEU GE 104 21.11 -10.12 -119.84
N VAL GE 105 21.44 -9.54 -120.99
CA VAL GE 105 22.04 -8.21 -121.08
C VAL GE 105 21.07 -7.30 -121.82
N LEU GE 106 20.74 -6.16 -121.21
CA LEU GE 106 19.83 -5.19 -121.79
C LEU GE 106 20.60 -3.92 -122.13
N THR GE 107 20.43 -3.45 -123.37
CA THR GE 107 21.12 -2.25 -123.84
C THR GE 107 20.13 -1.29 -124.47
N SER GE 108 20.29 0.00 -124.20
CA SER GE 108 19.49 1.04 -124.83
C SER GE 108 20.21 1.52 -126.08
N ASN GE 109 19.47 1.60 -127.19
CA ASN GE 109 20.04 1.84 -128.52
C ASN GE 109 19.21 2.88 -129.28
N ALA GE 110 18.01 3.19 -128.80
CA ALA GE 110 17.07 4.01 -129.57
C ALA GE 110 17.67 5.32 -130.04
N SER GE 111 18.65 5.85 -129.30
CA SER GE 111 19.49 6.95 -129.77
C SER GE 111 20.67 6.38 -130.54
N SER GE 112 20.78 6.75 -131.81
CA SER GE 112 21.86 6.24 -132.64
C SER GE 112 23.23 6.73 -132.18
N THR GE 113 23.28 7.78 -131.38
CA THR GE 113 24.54 8.31 -130.89
C THR GE 113 24.95 7.72 -129.53
N VAL GE 114 23.99 7.34 -128.70
CA VAL GE 114 24.26 6.87 -127.34
C VAL GE 114 23.72 5.46 -127.20
N GLU GE 115 24.61 4.47 -127.31
CA GLU GE 115 24.31 3.09 -126.95
C GLU GE 115 24.79 2.83 -125.53
N GLU GE 116 23.91 2.29 -124.69
CA GLU GE 116 24.25 2.02 -123.30
C GLU GE 116 23.63 0.70 -122.84
N THR GE 117 24.44 -0.13 -122.19
CA THR GE 117 23.94 -1.28 -121.46
C THR GE 117 23.47 -0.84 -120.08
N LYS GE 118 22.25 -1.22 -119.72
CA LYS GE 118 21.62 -0.74 -118.49
C LYS GE 118 21.61 -1.74 -117.36
N ALA GE 119 21.38 -3.02 -117.63
CA ALA GE 119 21.30 -4.00 -116.56
C ALA GE 119 21.71 -5.37 -117.07
N VAL GE 120 22.11 -6.23 -116.14
CA VAL GE 120 22.43 -7.62 -116.41
C VAL GE 120 21.62 -8.47 -115.44
N LEU GE 121 20.86 -9.42 -115.97
CA LEU GE 121 20.01 -10.29 -115.17
C LEU GE 121 20.55 -11.71 -115.20
N SER GE 122 20.35 -12.44 -114.10
CA SER GE 122 20.84 -13.80 -113.98
C SER GE 122 19.88 -14.59 -113.10
N LEU GE 123 20.08 -15.91 -113.07
CA LEU GE 123 19.23 -16.77 -112.27
C LEU GE 123 19.47 -16.60 -110.78
N LYS GE 124 20.63 -16.09 -110.38
CA LYS GE 124 20.91 -15.85 -108.97
C LYS GE 124 20.51 -14.47 -108.50
N LYS GE 125 20.56 -13.47 -109.39
CA LYS GE 125 20.13 -12.11 -109.09
C LYS GE 125 19.15 -11.69 -110.18
N PRO GE 126 17.86 -12.02 -110.03
CA PRO GE 126 16.92 -11.85 -111.15
C PRO GE 126 16.42 -10.42 -111.36
N SER GE 127 16.61 -9.51 -110.40
CA SER GE 127 15.99 -8.20 -110.45
C SER GE 127 17.05 -7.11 -110.62
N ALA GE 128 16.64 -6.02 -111.28
CA ALA GE 128 17.49 -4.87 -111.49
C ALA GE 128 16.62 -3.63 -111.65
N VAL GE 129 17.23 -2.46 -111.44
CA VAL GE 129 16.56 -1.18 -111.55
C VAL GE 129 17.33 -0.32 -112.55
N ILE GE 130 16.62 0.26 -113.51
CA ILE GE 130 17.22 1.06 -114.57
C ILE GE 130 16.55 2.43 -114.62
N ILE GE 131 17.23 3.36 -115.28
CA ILE GE 131 16.77 4.74 -115.42
C ILE GE 131 16.75 5.11 -116.89
N LEU GE 132 15.63 5.67 -117.35
CA LEU GE 132 15.50 6.20 -118.70
C LEU GE 132 15.29 7.70 -118.63
N ASP GE 133 16.08 8.45 -119.39
CA ASP GE 133 16.05 9.91 -119.31
C ASP GE 133 15.90 10.57 -120.68
N ASN GE 134 16.11 11.88 -120.74
CA ASN GE 134 15.88 12.65 -121.97
C ASN GE 134 16.71 12.12 -123.13
N ASP GE 135 17.92 11.62 -122.86
CA ASP GE 135 18.77 11.14 -123.93
C ASP GE 135 18.24 9.86 -124.55
N ASP GE 136 17.61 8.99 -123.76
CA ASP GE 136 17.12 7.72 -124.27
C ASP GE 136 15.92 7.90 -125.20
N TYR GE 137 15.05 8.84 -124.87
CA TYR GE 137 13.79 9.02 -125.60
C TYR GE 137 14.01 9.62 -126.98
N SER GE 138 14.62 8.85 -127.88
CA SER GE 138 14.75 9.27 -129.26
C SER GE 138 13.42 9.13 -129.98
N SER GE 139 13.25 9.93 -131.03
CA SER GE 139 11.97 10.15 -131.71
C SER GE 139 10.91 10.70 -130.76
N THR GE 140 11.30 11.06 -129.54
CA THR GE 140 10.49 11.72 -128.52
C THR GE 140 9.35 10.84 -127.99
N ASN GE 141 9.21 9.61 -128.50
CA ASN GE 141 8.04 8.81 -128.15
C ASN GE 141 8.32 7.35 -127.81
N LYS GE 142 9.52 6.82 -128.00
CA LYS GE 142 9.69 5.39 -127.80
C LYS GE 142 11.10 5.04 -127.38
N ILE GE 143 11.22 3.90 -126.68
CA ILE GE 143 12.48 3.29 -126.27
C ILE GE 143 12.60 1.93 -126.94
N GLN GE 144 13.80 1.62 -127.43
CA GLN GE 144 14.10 0.32 -128.02
C GLN GE 144 15.20 -0.35 -127.20
N LEU GE 145 14.94 -1.57 -126.74
CA LEU GE 145 15.86 -2.33 -125.92
C LEU GE 145 15.93 -3.76 -126.44
N LYS GE 146 17.09 -4.17 -126.93
CA LYS GE 146 17.31 -5.57 -127.29
C LYS GE 146 17.88 -6.36 -126.12
N VAL GE 147 17.72 -7.68 -126.21
CA VAL GE 147 18.10 -8.60 -125.14
C VAL GE 147 19.27 -9.45 -125.62
N GLU GE 148 20.27 -9.60 -124.76
CA GLU GE 148 21.43 -10.42 -125.08
C GLU GE 148 21.55 -11.53 -124.06
N ALA GE 149 21.74 -12.77 -124.53
CA ALA GE 149 21.70 -13.94 -123.68
C ALA GE 149 23.03 -14.70 -123.75
N TYR GE 150 23.47 -15.15 -122.58
CA TYR GE 150 24.59 -16.08 -122.45
C TYR GE 150 24.13 -17.26 -121.59
N TYR GE 151 24.51 -18.47 -121.98
CA TYR GE 151 23.91 -19.64 -121.36
C TYR GE 151 24.85 -20.84 -121.44
N GLU GE 152 24.57 -21.82 -120.58
CA GLU GE 152 25.15 -23.15 -120.67
C GLU GE 152 24.08 -24.15 -120.26
N ALA GE 153 23.80 -25.11 -121.12
CA ALA GE 153 22.73 -26.06 -120.89
C ALA GE 153 23.20 -27.21 -120.01
N LYS GE 154 22.25 -27.82 -119.31
CA LYS GE 154 22.54 -28.98 -118.48
C LYS GE 154 22.94 -30.18 -119.33
N GLU GE 155 23.73 -31.06 -118.74
CA GLU GE 155 24.26 -32.22 -119.45
C GLU GE 155 23.18 -33.28 -119.61
N GLY GE 156 22.89 -33.66 -120.84
CA GLY GE 156 21.98 -34.76 -121.12
C GLY GE 156 20.52 -34.47 -120.90
N MET GE 157 20.11 -33.20 -120.92
CA MET GE 157 18.72 -32.83 -120.71
C MET GE 157 18.10 -32.42 -122.04
N LEU GE 158 16.96 -33.02 -122.38
CA LEU GE 158 16.25 -32.73 -123.62
C LEU GE 158 14.87 -32.22 -123.31
N PHE GE 159 14.44 -31.18 -124.03
CA PHE GE 159 13.15 -30.54 -123.79
C PHE GE 159 12.80 -29.69 -125.00
N ASP GE 160 11.56 -29.19 -124.99
CA ASP GE 160 11.09 -28.30 -126.04
C ASP GE 160 9.91 -27.49 -125.52
N SER GE 161 9.66 -26.35 -126.17
CA SER GE 161 8.53 -25.48 -125.84
C SER GE 161 8.59 -25.02 -124.38
N LEU GE 162 9.69 -24.35 -124.03
CA LEU GE 162 9.88 -23.81 -122.69
C LEU GE 162 9.91 -22.30 -122.76
N PRO GE 163 8.99 -21.60 -122.09
CA PRO GE 163 8.94 -20.14 -122.19
C PRO GE 163 9.82 -19.43 -121.18
N VAL GE 164 10.26 -18.23 -121.57
CA VAL GE 164 11.01 -17.33 -120.71
C VAL GE 164 10.21 -16.03 -120.60
N ILE GE 165 9.98 -15.59 -119.36
CA ILE GE 165 9.06 -14.50 -119.08
C ILE GE 165 9.80 -13.39 -118.35
N LEU GE 166 9.56 -12.15 -118.76
CA LEU GE 166 10.09 -10.96 -118.11
C LEU GE 166 8.93 -10.05 -117.69
N ASN GE 167 9.09 -9.36 -116.58
CA ASN GE 167 8.05 -8.51 -116.02
C ASN GE 167 8.58 -7.10 -115.80
N PHE GE 168 7.70 -6.12 -115.95
CA PHE GE 168 8.04 -4.71 -115.78
C PHE GE 168 7.12 -4.08 -114.74
N GLN GE 169 7.68 -3.21 -113.91
CA GLN GE 169 6.91 -2.47 -112.91
C GLN GE 169 7.45 -1.05 -112.82
N VAL GE 170 6.53 -0.08 -112.75
CA VAL GE 170 6.88 1.33 -112.68
C VAL GE 170 6.98 1.74 -111.22
N LEU GE 171 8.10 2.36 -110.86
CA LEU GE 171 8.31 2.84 -109.49
C LEU GE 171 8.07 4.32 -109.32
N SER GE 172 8.45 5.13 -110.32
CA SER GE 172 8.25 6.57 -110.25
C SER GE 172 8.35 7.15 -111.66
N VAL GE 173 7.52 8.16 -111.93
CA VAL GE 173 7.52 8.84 -113.21
C VAL GE 173 7.44 10.34 -112.95
N SER GE 174 8.08 11.13 -113.82
CA SER GE 174 8.07 12.58 -113.69
C SER GE 174 8.18 13.25 -115.06
N THR HE 26 -56.95 38.47 -93.26
CA THR HE 26 -55.71 38.57 -92.50
C THR HE 26 -55.07 37.19 -92.36
N THR HE 27 -54.25 36.81 -93.34
CA THR HE 27 -53.59 35.51 -93.37
C THR HE 27 -52.08 35.71 -93.41
N GLN HE 28 -51.37 34.95 -92.57
CA GLN HE 28 -49.91 34.99 -92.51
C GLN HE 28 -49.34 33.78 -93.23
N SER HE 29 -48.47 34.03 -94.20
CA SER HE 29 -47.95 32.93 -95.00
C SER HE 29 -46.50 32.62 -94.65
N PRO HE 30 -46.11 31.34 -94.67
CA PRO HE 30 -44.71 30.99 -94.39
C PRO HE 30 -43.78 31.15 -95.57
N LEU HE 31 -44.32 31.21 -96.80
CA LEU HE 31 -43.53 31.50 -98.01
C LEU HE 31 -42.47 30.44 -98.27
N ASN HE 32 -42.87 29.17 -98.19
CA ASN HE 32 -41.95 28.07 -98.47
C ASN HE 32 -42.62 26.94 -99.26
N SER HE 33 -43.71 27.23 -99.96
CA SER HE 33 -44.46 26.22 -100.70
C SER HE 33 -44.05 26.22 -102.18
N PHE HE 34 -42.79 25.90 -102.42
CA PHE HE 34 -42.25 25.80 -103.77
C PHE HE 34 -41.34 24.59 -103.88
N TYR HE 35 -41.49 23.82 -104.96
CA TYR HE 35 -40.73 22.59 -105.12
C TYR HE 35 -40.41 22.36 -106.59
N ALA HE 36 -39.39 21.53 -106.82
CA ALA HE 36 -39.01 21.08 -108.16
C ALA HE 36 -38.45 19.67 -108.02
N THR HE 37 -38.72 18.82 -109.00
CA THR HE 37 -38.44 17.39 -108.88
C THR HE 37 -37.73 16.87 -110.12
N GLY HE 38 -36.75 15.98 -109.89
CA GLY HE 38 -36.11 15.24 -110.96
C GLY HE 38 -36.06 13.76 -110.67
N THR HE 39 -35.35 12.98 -111.49
CA THR HE 39 -35.29 11.53 -111.33
C THR HE 39 -33.91 11.02 -111.71
N ALA HE 40 -33.61 9.81 -111.24
CA ALA HE 40 -32.35 9.14 -111.58
C ALA HE 40 -32.57 7.64 -111.50
N GLN HE 41 -31.67 6.90 -112.15
CA GLN HE 41 -31.78 5.44 -112.19
C GLN HE 41 -30.45 4.82 -112.59
N ALA HE 42 -30.33 3.52 -112.34
CA ALA HE 42 -29.18 2.73 -112.76
C ALA HE 42 -29.63 1.27 -112.80
N VAL HE 43 -29.75 0.71 -114.01
CA VAL HE 43 -30.42 -0.58 -114.18
C VAL HE 43 -29.56 -1.57 -114.97
N GLN HE 44 -28.24 -1.44 -114.94
CA GLN HE 44 -27.40 -2.40 -115.64
C GLN HE 44 -26.01 -2.44 -115.00
N GLU HE 45 -25.35 -3.59 -115.14
CA GLU HE 45 -24.00 -3.81 -114.64
C GLU HE 45 -22.97 -3.18 -115.57
N PRO HE 46 -21.79 -2.80 -115.05
CA PRO HE 46 -20.82 -2.07 -115.86
C PRO HE 46 -20.36 -2.81 -117.11
N ILE HE 47 -20.16 -4.14 -117.03
CA ILE HE 47 -19.56 -4.88 -118.13
C ILE HE 47 -20.40 -6.10 -118.47
N ASP HE 48 -20.18 -6.62 -119.67
CA ASP HE 48 -20.77 -7.87 -120.13
C ASP HE 48 -19.65 -8.70 -120.75
N VAL HE 49 -19.66 -10.01 -120.50
CA VAL HE 49 -18.57 -10.89 -120.90
C VAL HE 49 -19.13 -12.04 -121.73
N GLU HE 50 -18.50 -12.30 -122.88
CA GLU HE 50 -18.88 -13.39 -123.76
C GLU HE 50 -17.64 -14.19 -124.14
N SER HE 51 -17.79 -15.51 -124.22
CA SER HE 51 -16.67 -16.43 -124.39
C SER HE 51 -16.69 -17.07 -125.77
N HIS HE 52 -15.50 -17.26 -126.34
CA HIS HE 52 -15.33 -17.93 -127.63
C HIS HE 52 -14.13 -18.87 -127.59
N LEU HE 53 -13.99 -19.64 -126.52
CA LEU HE 53 -12.89 -20.60 -126.38
C LEU HE 53 -13.32 -21.91 -127.02
N ASP HE 54 -12.96 -22.09 -128.29
CA ASP HE 54 -13.40 -23.23 -129.08
C ASP HE 54 -12.22 -24.02 -129.63
N ASN HE 55 -11.20 -24.26 -128.81
CA ASN HE 55 -10.09 -25.13 -129.17
C ASN HE 55 -9.80 -26.07 -128.00
N THR HE 56 -9.31 -27.26 -128.34
CA THR HE 56 -9.09 -28.32 -127.36
C THR HE 56 -7.61 -28.63 -127.24
N ILE HE 57 -7.11 -28.68 -126.01
CA ILE HE 57 -5.76 -29.16 -125.74
C ILE HE 57 -5.78 -30.68 -125.83
N ALA HE 58 -5.26 -31.22 -126.93
CA ALA HE 58 -5.32 -32.65 -127.21
C ALA HE 58 -3.93 -33.18 -127.54
N PRO HE 59 -3.07 -33.33 -126.54
CA PRO HE 59 -1.77 -33.97 -126.77
C PRO HE 59 -1.84 -35.46 -126.46
N ALA HE 60 -0.73 -36.14 -126.74
CA ALA HE 60 -0.58 -37.52 -126.32
C ALA HE 60 -0.22 -37.58 -124.83
N ALA HE 61 -0.30 -38.78 -124.26
CA ALA HE 61 -0.02 -38.97 -122.85
C ALA HE 61 1.45 -38.70 -122.56
N GLY HE 62 1.72 -37.80 -121.63
CA GLY HE 62 3.07 -37.49 -121.22
C GLY HE 62 3.84 -36.55 -122.13
N ALA HE 63 3.18 -35.93 -123.09
CA ALA HE 63 3.85 -35.08 -124.07
C ALA HE 63 3.93 -33.64 -123.58
N GLN HE 64 4.90 -32.91 -124.12
CA GLN HE 64 5.09 -31.49 -123.87
C GLN HE 64 4.65 -30.72 -125.11
N GLY HE 65 3.79 -29.71 -124.93
CA GLY HE 65 3.15 -29.10 -126.07
C GLY HE 65 3.06 -27.59 -126.09
N TYR HE 66 2.25 -27.08 -127.03
CA TYR HE 66 2.13 -25.65 -127.29
C TYR HE 66 0.84 -25.42 -128.06
N LYS HE 67 -0.11 -24.67 -127.50
CA LYS HE 67 -1.44 -24.60 -128.08
C LYS HE 67 -2.07 -23.25 -127.77
N ASP HE 68 -2.94 -22.80 -128.67
CA ASP HE 68 -3.79 -21.64 -128.46
C ASP HE 68 -5.25 -22.08 -128.35
N MET HE 69 -6.09 -21.25 -127.75
CA MET HE 69 -7.44 -21.67 -127.37
C MET HE 69 -8.53 -20.87 -128.05
N GLY HE 70 -8.48 -19.55 -128.00
CA GLY HE 70 -9.56 -18.71 -128.52
C GLY HE 70 -9.43 -17.31 -127.96
N TYR HE 71 -10.57 -16.61 -127.90
CA TYR HE 71 -10.57 -15.25 -127.40
C TYR HE 71 -11.87 -14.97 -126.65
N VAL HE 72 -11.84 -13.92 -125.82
CA VAL HE 72 -12.96 -13.55 -124.97
C VAL HE 72 -13.30 -12.08 -125.21
N LYS HE 73 -14.58 -11.77 -125.28
CA LYS HE 73 -15.05 -10.42 -125.54
C LYS HE 73 -15.60 -9.78 -124.27
N ILE HE 74 -15.26 -8.51 -124.07
CA ILE HE 74 -15.73 -7.72 -122.93
C ILE HE 74 -16.42 -6.47 -123.47
N ILE HE 75 -17.59 -6.15 -122.94
CA ILE HE 75 -18.39 -5.02 -123.39
C ILE HE 75 -18.56 -4.04 -122.24
N ASN HE 76 -18.32 -2.76 -122.51
CA ASN HE 76 -18.36 -1.69 -121.51
C ASN HE 76 -19.45 -0.67 -121.85
N TYR HE 77 -20.11 -0.18 -120.81
CA TYR HE 77 -21.38 0.53 -120.91
C TYR HE 77 -21.25 1.98 -120.46
N THR HE 78 -22.40 2.65 -120.35
CA THR HE 78 -22.48 4.11 -120.24
C THR HE 78 -21.64 4.64 -119.09
N ASP HE 79 -20.88 5.71 -119.38
CA ASP HE 79 -20.10 6.45 -118.41
C ASP HE 79 -19.00 5.62 -117.76
N VAL HE 80 -18.51 4.60 -118.46
CA VAL HE 80 -17.43 3.75 -117.99
C VAL HE 80 -16.19 4.05 -118.82
N ASN HE 81 -15.06 4.26 -118.14
CA ASN HE 81 -13.80 4.56 -118.81
C ASN HE 81 -12.68 3.61 -118.44
N VAL HE 82 -12.58 3.22 -117.17
CA VAL HE 82 -11.50 2.36 -116.69
C VAL HE 82 -12.11 1.26 -115.84
N VAL HE 83 -11.66 0.03 -116.06
CA VAL HE 83 -12.16 -1.14 -115.35
C VAL HE 83 -10.99 -1.91 -114.74
N LYS HE 84 -11.12 -2.30 -113.47
CA LYS HE 84 -10.16 -3.14 -112.79
C LYS HE 84 -10.76 -4.52 -112.61
N LEU HE 85 -10.02 -5.55 -113.03
CA LEU HE 85 -10.54 -6.91 -113.07
C LEU HE 85 -9.60 -7.86 -112.34
N LYS HE 86 -10.17 -8.96 -111.86
CA LYS HE 86 -9.43 -10.05 -111.25
C LYS HE 86 -9.82 -11.35 -111.95
N VAL HE 87 -8.83 -12.10 -112.42
CA VAL HE 87 -9.05 -13.33 -113.16
C VAL HE 87 -8.38 -14.48 -112.41
N THR HE 88 -9.11 -15.58 -112.25
CA THR HE 88 -8.63 -16.72 -111.50
C THR HE 88 -9.06 -18.01 -112.19
N LEU HE 89 -8.38 -19.09 -111.83
CA LEU HE 89 -8.71 -20.44 -112.30
C LEU HE 89 -9.64 -21.08 -111.27
N ALA HE 90 -10.88 -21.34 -111.67
CA ALA HE 90 -11.88 -21.80 -110.72
C ALA HE 90 -11.68 -23.26 -110.32
N ASN HE 91 -11.24 -24.11 -111.26
CA ASN HE 91 -11.14 -25.54 -111.00
C ASN HE 91 -9.70 -26.02 -111.08
N ALA HE 92 -8.77 -25.26 -110.47
CA ALA HE 92 -7.37 -25.65 -110.48
C ALA HE 92 -7.14 -26.94 -109.70
N ALA HE 93 -7.91 -27.15 -108.63
CA ALA HE 93 -7.73 -28.36 -107.82
C ALA HE 93 -8.06 -29.62 -108.61
N GLN HE 94 -9.10 -29.56 -109.44
CA GLN HE 94 -9.48 -30.72 -110.24
C GLN HE 94 -8.44 -31.05 -111.30
N LEU HE 95 -7.78 -30.03 -111.84
CA LEU HE 95 -6.80 -30.23 -112.93
C LEU HE 95 -5.43 -30.67 -112.43
N ARG HE 96 -5.18 -30.62 -111.12
CA ARG HE 96 -3.87 -30.99 -110.60
C ARG HE 96 -3.45 -32.43 -110.90
N PRO HE 97 -4.29 -33.46 -110.69
CA PRO HE 97 -3.83 -34.82 -110.96
C PRO HE 97 -3.55 -35.12 -112.43
N TYR HE 98 -3.97 -34.24 -113.35
CA TYR HE 98 -3.82 -34.51 -114.77
C TYR HE 98 -2.63 -33.83 -115.42
N PHE HE 99 -1.99 -32.88 -114.74
CA PHE HE 99 -0.93 -32.08 -115.33
C PHE HE 99 0.23 -31.91 -114.36
N LYS HE 100 1.45 -31.94 -114.90
CA LYS HE 100 2.60 -31.50 -114.13
C LYS HE 100 2.66 -29.98 -114.02
N TYR HE 101 2.34 -29.28 -115.11
CA TYR HE 101 2.25 -27.83 -115.08
C TYR HE 101 1.36 -27.38 -116.22
N LEU HE 102 0.76 -26.19 -116.05
CA LEU HE 102 -0.12 -25.61 -117.05
C LEU HE 102 -0.14 -24.10 -116.85
N GLN HE 103 0.21 -23.36 -117.90
CA GLN HE 103 0.30 -21.91 -117.83
C GLN HE 103 -0.55 -21.28 -118.91
N LEU HE 104 -1.27 -20.22 -118.54
CA LEU HE 104 -2.13 -19.49 -119.45
C LEU HE 104 -1.63 -18.05 -119.59
N VAL HE 105 -1.55 -17.58 -120.83
CA VAL HE 105 -1.05 -16.25 -121.14
C VAL HE 105 -2.18 -15.44 -121.78
N LEU HE 106 -2.46 -14.27 -121.21
CA LEU HE 106 -3.52 -13.39 -121.70
C LEU HE 106 -2.89 -12.13 -122.29
N THR HE 107 -3.31 -11.79 -123.51
CA THR HE 107 -2.78 -10.62 -124.19
C THR HE 107 -3.92 -9.77 -124.72
N SER HE 108 -3.80 -8.45 -124.60
CA SER HE 108 -4.75 -7.50 -125.16
C SER HE 108 -4.29 -7.12 -126.56
N ASN HE 109 -5.22 -7.19 -127.53
CA ASN HE 109 -4.92 -7.04 -128.94
C ASN HE 109 -5.92 -6.13 -129.63
N ALA HE 110 -7.04 -5.81 -128.96
CA ALA HE 110 -8.15 -5.11 -129.61
C ALA HE 110 -7.71 -3.83 -130.30
N SER HE 111 -6.64 -3.19 -129.80
CA SER HE 111 -5.97 -2.11 -130.51
C SER HE 111 -4.91 -2.70 -131.43
N SER HE 112 -5.05 -2.45 -132.73
CA SER HE 112 -4.11 -3.00 -133.70
C SER HE 112 -2.72 -2.41 -133.55
N THR HE 113 -2.58 -1.28 -132.85
CA THR HE 113 -1.28 -0.66 -132.65
C THR HE 113 -0.61 -1.10 -131.35
N VAL HE 114 -1.38 -1.44 -130.32
CA VAL HE 114 -0.85 -1.76 -129.01
C VAL HE 114 -1.26 -3.18 -128.65
N GLU HE 115 -0.35 -4.14 -128.82
CA GLU HE 115 -0.51 -5.49 -128.31
C GLU HE 115 0.23 -5.59 -126.98
N GLU HE 116 -0.45 -6.08 -125.94
CA GLU HE 116 0.15 -6.21 -124.63
C GLU HE 116 -0.30 -7.48 -123.94
N THR HE 117 0.66 -8.21 -123.38
CA THR HE 117 0.36 -9.32 -122.47
C THR HE 117 0.12 -8.76 -121.07
N LYS HE 118 -0.99 -9.15 -120.45
CA LYS HE 118 -1.42 -8.57 -119.19
C LYS HE 118 -1.17 -9.46 -117.98
N ALA HE 119 -1.36 -10.78 -118.10
CA ALA HE 119 -1.20 -11.66 -116.95
C ALA HE 119 -0.81 -13.04 -117.41
N VAL HE 120 -0.20 -13.79 -116.49
CA VAL HE 120 0.14 -15.20 -116.69
C VAL HE 120 -0.44 -15.97 -115.52
N LEU HE 121 -1.22 -17.00 -115.82
CA LEU HE 121 -1.85 -17.83 -114.80
C LEU HE 121 -1.25 -19.22 -114.81
N SER HE 122 -1.21 -19.83 -113.63
CA SER HE 122 -0.63 -21.16 -113.48
C SER HE 122 -1.37 -21.90 -112.38
N LEU HE 123 -1.09 -23.20 -112.27
CA LEU HE 123 -1.74 -24.02 -111.24
C LEU HE 123 -1.25 -23.70 -109.84
N LYS HE 124 -0.07 -23.10 -109.72
CA LYS HE 124 0.46 -22.72 -108.41
C LYS HE 124 0.06 -21.31 -108.00
N LYS HE 125 -0.11 -20.40 -108.97
CA LYS HE 125 -0.56 -19.04 -108.71
C LYS HE 125 -1.73 -18.76 -109.64
N PRO HE 126 -2.95 -19.13 -109.23
CA PRO HE 126 -4.08 -19.10 -110.16
C PRO HE 126 -4.69 -17.72 -110.39
N SER HE 127 -4.38 -16.73 -109.58
CA SER HE 127 -5.07 -15.44 -109.63
C SER HE 127 -4.14 -14.33 -110.09
N ALA HE 128 -4.72 -13.33 -110.75
CA ALA HE 128 -3.98 -12.17 -111.21
C ALA HE 128 -4.94 -10.99 -111.32
N VAL HE 129 -4.36 -9.79 -111.32
CA VAL HE 129 -5.11 -8.54 -111.42
C VAL HE 129 -4.58 -7.75 -112.61
N ILE HE 130 -5.49 -7.31 -113.48
CA ILE HE 130 -5.13 -6.59 -114.70
C ILE HE 130 -5.88 -5.26 -114.74
N ILE HE 131 -5.38 -4.36 -115.60
CA ILE HE 131 -5.93 -3.02 -115.77
C ILE HE 131 -6.25 -2.80 -117.24
N LEU HE 132 -7.45 -2.33 -117.53
CA LEU HE 132 -7.85 -1.94 -118.88
C LEU HE 132 -8.13 -0.44 -118.90
N ASP HE 133 -7.53 0.26 -119.85
CA ASP HE 133 -7.63 1.72 -119.90
C ASP HE 133 -8.07 2.23 -121.27
N ASN HE 134 -7.94 3.55 -121.49
CA ASN HE 134 -8.43 4.16 -122.71
C ASN HE 134 -7.79 3.56 -123.96
N ASP HE 135 -6.53 3.15 -123.87
CA ASP HE 135 -5.86 2.59 -125.04
C ASP HE 135 -6.42 1.24 -125.43
N ASP HE 136 -6.85 0.44 -124.46
CA ASP HE 136 -7.34 -0.91 -124.76
C ASP HE 136 -8.70 -0.86 -125.46
N TYR HE 137 -9.56 0.07 -125.06
CA TYR HE 137 -10.93 0.12 -125.56
C TYR HE 137 -10.99 0.61 -127.01
N SER HE 138 -10.51 -0.23 -127.94
CA SER HE 138 -10.66 0.07 -129.35
C SER HE 138 -12.10 -0.20 -129.80
N SER HE 139 -12.50 0.49 -130.87
CA SER HE 139 -13.89 0.59 -131.30
C SER HE 139 -14.79 1.18 -130.23
N THR HE 140 -14.20 1.68 -129.14
CA THR HE 140 -14.85 2.40 -128.06
C THR HE 140 -15.82 1.54 -127.25
N ASN HE 141 -15.97 0.25 -127.61
CA ASN HE 141 -17.02 -0.55 -126.99
C ASN HE 141 -16.61 -1.96 -126.57
N LYS HE 142 -15.44 -2.46 -126.94
CA LYS HE 142 -15.15 -3.86 -126.64
C LYS HE 142 -13.66 -4.11 -126.47
N ILE HE 143 -13.36 -5.16 -125.71
CA ILE HE 143 -12.02 -5.68 -125.47
C ILE HE 143 -11.94 -7.10 -126.03
N GLN HE 144 -10.83 -7.40 -126.71
CA GLN HE 144 -10.56 -8.74 -127.23
C GLN HE 144 -9.31 -9.28 -126.57
N LEU HE 145 -9.41 -10.47 -125.96
CA LEU HE 145 -8.32 -11.11 -125.26
C LEU HE 145 -8.26 -12.58 -125.65
N LYS HE 146 -7.18 -12.99 -126.31
CA LYS HE 146 -6.96 -14.40 -126.58
C LYS HE 146 -6.14 -15.06 -125.47
N VAL HE 147 -6.23 -16.38 -125.41
CA VAL HE 147 -5.63 -17.18 -124.36
C VAL HE 147 -4.52 -18.02 -124.97
N GLU HE 148 -3.36 -18.05 -124.30
CA GLU HE 148 -2.24 -18.86 -124.76
C GLU HE 148 -1.87 -19.85 -123.68
N ALA HE 149 -1.70 -21.12 -124.07
CA ALA HE 149 -1.52 -22.21 -123.13
C ALA HE 149 -0.19 -22.92 -123.36
N TYR HE 150 0.50 -23.24 -122.26
CA TYR HE 150 1.66 -24.10 -122.26
C TYR HE 150 1.43 -25.20 -121.23
N TYR HE 151 1.80 -26.43 -121.58
CA TYR HE 151 1.38 -27.56 -120.76
C TYR HE 151 2.35 -28.72 -120.91
N GLU HE 152 2.30 -29.62 -119.92
CA GLU HE 152 2.92 -30.94 -120.00
C GLU HE 152 2.01 -31.93 -119.32
N ALA HE 153 1.63 -32.99 -120.03
CA ALA HE 153 0.67 -33.96 -119.52
C ALA HE 153 1.36 -35.00 -118.64
N LYS HE 154 0.58 -35.57 -117.73
CA LYS HE 154 1.08 -36.63 -116.86
C LYS HE 154 1.39 -37.89 -117.66
N GLU HE 155 2.33 -38.67 -117.15
CA GLU HE 155 2.78 -39.88 -117.85
C GLU HE 155 1.75 -40.99 -117.71
N GLY HE 156 1.27 -41.50 -118.84
CA GLY HE 156 0.39 -42.66 -118.84
C GLY HE 156 -1.02 -42.40 -118.38
N MET HE 157 -1.51 -41.17 -118.45
CA MET HE 157 -2.85 -40.82 -118.01
C MET HE 157 -3.72 -40.56 -119.23
N LEU HE 158 -4.87 -41.24 -119.31
CA LEU HE 158 -5.81 -41.10 -120.42
C LEU HE 158 -7.14 -40.62 -119.89
N PHE HE 159 -7.74 -39.67 -120.62
CA PHE HE 159 -9.00 -39.06 -120.20
C PHE HE 159 -9.62 -38.34 -121.39
N ASP HE 160 -10.86 -37.89 -121.21
CA ASP HE 160 -11.56 -37.13 -122.22
C ASP HE 160 -12.66 -36.33 -121.56
N SER HE 161 -13.10 -35.27 -122.25
CA SER HE 161 -14.20 -34.42 -121.80
C SER HE 161 -13.90 -33.80 -120.43
N LEU HE 162 -12.79 -33.08 -120.35
CA LEU HE 162 -12.40 -32.39 -119.11
C LEU HE 162 -12.46 -30.89 -119.31
N PRO HE 163 -13.29 -30.17 -118.55
CA PRO HE 163 -13.45 -28.73 -118.77
C PRO HE 163 -12.43 -27.89 -118.00
N VAL HE 164 -12.14 -26.72 -118.57
CA VAL HE 164 -11.30 -25.70 -117.95
C VAL HE 164 -12.13 -24.44 -117.80
N ILE HE 165 -12.17 -23.89 -116.59
CA ILE HE 165 -13.08 -22.81 -116.23
C ILE HE 165 -12.28 -21.61 -115.76
N LEU HE 166 -12.66 -20.42 -116.24
CA LEU HE 166 -12.10 -19.16 -115.79
C LEU HE 166 -13.21 -18.27 -115.26
N ASN HE 167 -12.88 -17.46 -114.25
CA ASN HE 167 -13.86 -16.60 -113.59
C ASN HE 167 -13.38 -15.16 -113.60
N PHE HE 168 -14.33 -14.23 -113.66
CA PHE HE 168 -14.05 -12.80 -113.69
C PHE HE 168 -14.80 -12.11 -112.55
N GLN HE 169 -14.15 -11.14 -111.92
CA GLN HE 169 -14.76 -10.34 -110.87
C GLN HE 169 -14.29 -8.90 -111.00
N VAL HE 170 -15.24 -7.96 -110.85
CA VAL HE 170 -14.97 -6.54 -110.97
C VAL HE 170 -14.63 -5.98 -109.59
N LEU HE 171 -13.50 -5.29 -109.49
CA LEU HE 171 -13.07 -4.69 -108.24
C LEU HE 171 -13.36 -3.19 -108.16
N SER HE 172 -13.22 -2.47 -109.28
CA SER HE 172 -13.47 -1.04 -109.30
C SER HE 172 -13.67 -0.60 -110.75
N VAL HE 173 -14.58 0.35 -110.95
CA VAL HE 173 -14.84 0.91 -112.26
C VAL HE 173 -14.97 2.42 -112.12
N SER HE 174 -14.54 3.14 -113.16
CA SER HE 174 -14.61 4.59 -113.16
C SER HE 174 -14.79 5.13 -114.58
N THR IE 26 -76.25 29.76 -83.47
CA THR IE 26 -74.91 29.97 -82.96
C THR IE 26 -74.17 28.65 -82.82
N THR IE 27 -73.52 28.22 -83.89
CA THR IE 27 -72.80 26.94 -83.93
C THR IE 27 -71.34 27.19 -84.26
N GLN IE 28 -70.45 26.55 -83.52
CA GLN IE 28 -69.01 26.65 -83.71
C GLN IE 28 -68.52 25.40 -84.43
N SER IE 29 -67.85 25.59 -85.56
CA SER IE 29 -67.41 24.44 -86.34
C SER IE 29 -65.91 24.21 -86.24
N PRO IE 30 -65.46 22.95 -86.22
CA PRO IE 30 -64.01 22.69 -86.17
C PRO IE 30 -63.33 22.77 -87.51
N LEU IE 31 -64.06 22.69 -88.62
CA LEU IE 31 -63.53 22.90 -89.97
C LEU IE 31 -62.48 21.86 -90.33
N ASN IE 32 -62.79 20.59 -90.06
CA ASN IE 32 -61.87 19.50 -90.42
C ASN IE 32 -62.61 18.28 -90.96
N SER IE 33 -63.83 18.46 -91.47
CA SER IE 33 -64.63 17.35 -91.97
C SER IE 33 -64.50 17.22 -93.49
N PHE IE 34 -63.28 16.93 -93.94
CA PHE IE 34 -63.00 16.72 -95.35
C PHE IE 34 -62.05 15.55 -95.52
N TYR IE 35 -62.35 14.68 -96.48
CA TYR IE 35 -61.57 13.46 -96.67
C TYR IE 35 -61.51 13.10 -98.15
N ALA IE 36 -60.50 12.30 -98.49
CA ALA IE 36 -60.33 11.73 -99.81
C ALA IE 36 -59.68 10.36 -99.67
N THR IE 37 -60.07 9.41 -100.51
CA THR IE 37 -59.70 8.01 -100.31
C THR IE 37 -59.19 7.40 -101.61
N GLY IE 38 -58.15 6.57 -101.49
CA GLY IE 38 -57.66 5.77 -102.59
C GLY IE 38 -57.48 4.32 -102.18
N THR IE 39 -56.88 3.49 -103.05
CA THR IE 39 -56.72 2.07 -102.77
C THR IE 39 -55.40 1.58 -103.35
N ALA IE 40 -54.95 0.44 -102.85
CA ALA IE 40 -53.73 -0.21 -103.34
C ALA IE 40 -53.85 -1.71 -103.10
N GLN IE 41 -53.04 -2.47 -103.84
CA GLN IE 41 -53.09 -3.93 -103.73
C GLN IE 41 -51.81 -4.53 -104.31
N ALA IE 42 -51.58 -5.79 -103.97
CA ALA IE 42 -50.48 -6.57 -104.53
C ALA IE 42 -50.84 -8.04 -104.36
N VAL IE 43 -51.15 -8.73 -105.47
CA VAL IE 43 -51.76 -10.05 -105.39
C VAL IE 43 -51.00 -11.08 -106.25
N GLN IE 44 -49.70 -10.89 -106.48
CA GLN IE 44 -48.95 -11.89 -107.21
C GLN IE 44 -47.47 -11.81 -106.85
N GLU IE 45 -46.78 -12.95 -107.02
CA GLU IE 45 -45.36 -13.05 -106.75
C GLU IE 45 -44.54 -12.48 -107.91
N PRO IE 46 -43.32 -12.01 -107.63
CA PRO IE 46 -42.55 -11.32 -108.69
C PRO IE 46 -42.28 -12.16 -109.92
N ILE IE 47 -42.00 -13.46 -109.77
CA ILE IE 47 -41.55 -14.28 -110.89
C ILE IE 47 -42.38 -15.56 -110.95
N ASP IE 48 -42.35 -16.18 -112.14
CA ASP IE 48 -42.94 -17.50 -112.35
C ASP IE 48 -41.90 -18.34 -113.10
N VAL IE 49 -41.80 -19.61 -112.74
CA VAL IE 49 -40.75 -20.49 -113.25
C VAL IE 49 -41.38 -21.73 -113.87
N GLU IE 50 -40.95 -22.08 -115.08
CA GLU IE 50 -41.42 -23.27 -115.78
C GLU IE 50 -40.22 -24.05 -116.30
N SER IE 51 -40.31 -25.38 -116.24
CA SER IE 51 -39.20 -26.26 -116.53
C SER IE 51 -39.43 -27.04 -117.83
N HIS IE 52 -38.34 -27.23 -118.58
CA HIS IE 52 -38.38 -28.02 -119.81
C HIS IE 52 -37.13 -28.90 -119.93
N LEU IE 53 -36.76 -29.56 -118.82
CA LEU IE 53 -35.61 -30.45 -118.81
C LEU IE 53 -36.06 -31.83 -119.24
N ASP IE 54 -35.94 -32.12 -120.54
CA ASP IE 54 -36.44 -33.36 -121.13
C ASP IE 54 -35.34 -34.15 -121.82
N ASN IE 55 -34.17 -34.26 -121.19
CA ASN IE 55 -33.10 -35.12 -121.66
C ASN IE 55 -32.56 -35.93 -120.49
N THR IE 56 -32.05 -37.12 -120.80
CA THR IE 56 -31.61 -38.07 -119.79
C THR IE 56 -30.12 -38.31 -119.92
N ILE IE 57 -29.41 -38.24 -118.81
CA ILE IE 57 -28.00 -38.62 -118.74
C ILE IE 57 -27.95 -40.14 -118.70
N ALA IE 58 -27.61 -40.77 -119.82
CA ALA IE 58 -27.64 -42.22 -119.96
C ALA IE 58 -26.31 -42.73 -120.50
N PRO IE 59 -25.27 -42.74 -119.66
CA PRO IE 59 -24.00 -43.35 -120.07
C PRO IE 59 -23.92 -44.80 -119.62
N ALA IE 60 -22.85 -45.47 -120.03
CA ALA IE 60 -22.55 -46.80 -119.52
C ALA IE 60 -21.92 -46.70 -118.14
N ALA IE 61 -21.83 -47.84 -117.47
CA ALA IE 61 -21.29 -47.87 -116.11
C ALA IE 61 -19.81 -47.51 -116.13
N GLY IE 62 -19.43 -46.52 -115.33
CA GLY IE 62 -18.05 -46.12 -115.21
C GLY IE 62 -17.51 -45.25 -116.33
N ALA IE 63 -18.37 -44.75 -117.21
CA ALA IE 63 -17.93 -43.97 -118.36
C ALA IE 63 -17.84 -42.48 -118.02
N GLN IE 64 -17.03 -41.78 -118.80
CA GLN IE 64 -16.89 -40.33 -118.71
C GLN IE 64 -17.58 -39.71 -119.91
N GLY IE 65 -18.45 -38.73 -119.66
CA GLY IE 65 -19.32 -38.24 -120.72
C GLY IE 65 -19.50 -36.75 -120.84
N TYR IE 66 -20.47 -36.36 -121.66
CA TYR IE 66 -20.73 -34.97 -122.02
C TYR IE 66 -22.15 -34.87 -122.56
N LYS IE 67 -23.02 -34.10 -121.90
CA LYS IE 67 -24.44 -34.15 -122.23
C LYS IE 67 -25.08 -32.80 -121.93
N ASP IE 68 -26.12 -32.47 -122.69
CA ASP IE 68 -26.99 -31.33 -122.43
C ASP IE 68 -28.37 -31.82 -122.02
N MET IE 69 -29.13 -30.97 -121.34
CA MET IE 69 -30.36 -31.40 -120.68
C MET IE 69 -31.62 -30.72 -121.22
N GLY IE 70 -31.62 -29.39 -121.30
CA GLY IE 70 -32.82 -28.66 -121.68
C GLY IE 70 -32.68 -27.19 -121.28
N TYR IE 71 -33.82 -26.54 -121.08
CA TYR IE 71 -33.82 -25.14 -120.71
C TYR IE 71 -34.97 -24.84 -119.75
N VAL IE 72 -34.85 -23.72 -119.05
CA VAL IE 72 -35.82 -23.31 -118.04
C VAL IE 72 -36.27 -21.89 -118.34
N LYS IE 73 -37.57 -21.63 -118.19
CA LYS IE 73 -38.16 -20.33 -118.49
C LYS IE 73 -38.50 -19.59 -117.20
N ILE IE 74 -38.21 -18.30 -117.17
CA ILE IE 74 -38.51 -17.42 -116.05
C ILE IE 74 -39.35 -16.26 -116.56
N ILE IE 75 -40.42 -15.94 -115.84
CA ILE IE 75 -41.35 -14.88 -116.25
C ILE IE 75 -41.36 -13.80 -115.17
N ASN IE 76 -41.24 -12.55 -115.59
CA ASN IE 76 -41.18 -11.40 -114.70
C ASN IE 76 -42.36 -10.46 -114.92
N TYR IE 77 -42.85 -9.89 -113.82
CA TYR IE 77 -44.16 -9.25 -113.75
C TYR IE 77 -44.03 -7.75 -113.47
N THR IE 78 -45.17 -7.12 -113.20
CA THR IE 78 -45.31 -5.68 -113.21
C THR IE 78 -44.31 -4.99 -112.29
N ASP IE 79 -43.68 -3.92 -112.79
CA ASP IE 79 -42.78 -3.06 -112.06
C ASP IE 79 -41.54 -3.79 -111.55
N VAL IE 80 -41.12 -4.84 -112.24
CA VAL IE 80 -39.93 -5.62 -111.91
C VAL IE 80 -38.87 -5.33 -112.97
N ASN IE 81 -37.66 -5.02 -112.53
CA ASN IE 81 -36.57 -4.74 -113.45
C ASN IE 81 -35.33 -5.59 -113.20
N VAL IE 82 -34.99 -5.86 -111.95
CA VAL IE 82 -33.79 -6.63 -111.60
C VAL IE 82 -34.17 -7.66 -110.55
N VAL IE 83 -33.71 -8.90 -110.74
CA VAL IE 83 -34.00 -10.01 -109.85
C VAL IE 83 -32.70 -10.66 -109.42
N LYS IE 84 -32.58 -10.93 -108.11
CA LYS IE 84 -31.47 -11.66 -107.54
C LYS IE 84 -31.94 -13.05 -107.14
N LEU IE 85 -31.23 -14.08 -107.59
CA LEU IE 85 -31.67 -15.45 -107.42
C LEU IE 85 -30.57 -16.30 -106.79
N LYS IE 86 -30.99 -17.37 -106.12
CA LYS IE 86 -30.08 -18.37 -105.57
C LYS IE 86 -30.52 -19.74 -106.06
N VAL IE 87 -29.59 -20.49 -106.65
CA VAL IE 87 -29.86 -21.80 -107.22
C VAL IE 87 -29.02 -22.83 -106.50
N THR IE 88 -29.65 -23.95 -106.12
CA THR IE 88 -28.97 -24.99 -105.36
C THR IE 88 -29.44 -26.35 -105.85
N LEU IE 89 -28.64 -27.38 -105.53
CA LEU IE 89 -28.98 -28.77 -105.82
C LEU IE 89 -29.66 -29.35 -104.58
N ALA IE 90 -30.94 -29.68 -104.71
CA ALA IE 90 -31.73 -30.10 -103.56
C ALA IE 90 -31.37 -31.50 -103.08
N ASN IE 91 -31.07 -32.41 -104.00
CA ASN IE 91 -30.85 -33.81 -103.65
C ASN IE 91 -29.42 -34.24 -103.93
N ALA IE 92 -28.45 -33.39 -103.58
CA ALA IE 92 -27.04 -33.72 -103.82
C ALA IE 92 -26.61 -34.92 -102.99
N ALA IE 93 -27.15 -35.06 -101.77
CA ALA IE 93 -26.77 -36.17 -100.91
C ALA IE 93 -27.16 -37.51 -101.52
N GLN IE 94 -28.34 -37.58 -102.14
CA GLN IE 94 -28.79 -38.82 -102.75
C GLN IE 94 -27.93 -39.21 -103.95
N LEU IE 95 -27.43 -38.23 -104.71
CA LEU IE 95 -26.67 -38.49 -105.91
C LEU IE 95 -25.20 -38.82 -105.64
N ARG IE 96 -24.72 -38.64 -104.41
CA ARG IE 96 -23.32 -38.90 -104.11
C ARG IE 96 -22.90 -40.35 -104.36
N PRO IE 97 -23.61 -41.38 -103.91
CA PRO IE 97 -23.13 -42.76 -104.14
C PRO IE 97 -23.11 -43.18 -105.60
N TYR IE 98 -23.72 -42.42 -106.50
CA TYR IE 98 -23.83 -42.81 -107.89
C TYR IE 98 -22.82 -42.14 -108.81
N PHE IE 99 -22.12 -41.11 -108.34
CA PHE IE 99 -21.23 -40.33 -109.19
C PHE IE 99 -19.93 -40.02 -108.47
N LYS IE 100 -18.83 -40.06 -109.22
CA LYS IE 100 -17.58 -39.50 -108.70
C LYS IE 100 -17.60 -37.98 -108.75
N TYR IE 101 -18.13 -37.40 -109.82
CA TYR IE 101 -18.29 -35.95 -109.91
C TYR IE 101 -19.41 -35.65 -110.89
N LEU IE 102 -20.02 -34.49 -110.72
CA LEU IE 102 -21.10 -34.03 -111.58
C LEU IE 102 -21.17 -32.52 -111.52
N GLN IE 103 -21.06 -31.87 -112.68
CA GLN IE 103 -21.04 -30.41 -112.75
C GLN IE 103 -22.12 -29.92 -113.71
N LEU IE 104 -22.80 -28.85 -113.31
CA LEU IE 104 -23.86 -28.25 -114.11
C LEU IE 104 -23.47 -26.83 -114.46
N VAL IE 105 -23.63 -26.46 -115.73
CA VAL IE 105 -23.28 -25.15 -116.25
C VAL IE 105 -24.55 -24.46 -116.72
N LEU IE 106 -24.79 -23.24 -116.24
CA LEU IE 106 -25.96 -22.46 -116.58
C LEU IE 106 -25.53 -21.24 -117.39
N THR IE 107 -26.17 -21.03 -118.54
CA THR IE 107 -25.85 -19.91 -119.41
C THR IE 107 -27.12 -19.17 -119.80
N SER IE 108 -27.03 -17.84 -119.81
CA SER IE 108 -28.13 -16.99 -120.26
C SER IE 108 -27.95 -16.73 -121.76
N ASN IE 109 -29.03 -16.92 -122.52
CA ASN IE 109 -28.99 -16.90 -123.98
C ASN IE 109 -30.15 -16.09 -124.55
N ALA IE 110 -31.16 -15.76 -123.72
CA ALA IE 110 -32.40 -15.18 -124.21
C ALA IE 110 -32.16 -13.94 -125.08
N SER IE 111 -31.07 -13.22 -124.84
CA SER IE 111 -30.60 -12.19 -125.75
C SER IE 111 -29.68 -12.82 -126.80
N SER IE 112 -30.07 -12.71 -128.07
CA SER IE 112 -29.30 -13.31 -129.14
C SER IE 112 -27.93 -12.65 -129.30
N THR IE 113 -27.73 -11.46 -128.74
CA THR IE 113 -26.45 -10.77 -128.84
C THR IE 113 -25.54 -11.06 -127.66
N VAL IE 114 -26.09 -11.32 -126.48
CA VAL IE 114 -25.31 -11.49 -125.25
C VAL IE 114 -25.58 -12.89 -124.70
N GLU IE 115 -24.66 -13.82 -124.96
CA GLU IE 115 -24.64 -15.12 -124.31
C GLU IE 115 -23.67 -15.07 -123.13
N GLU IE 116 -24.14 -15.48 -121.95
CA GLU IE 116 -23.29 -15.45 -120.76
C GLU IE 116 -23.54 -16.67 -119.89
N THR IE 117 -22.46 -17.31 -119.46
CA THR IE 117 -22.53 -18.33 -118.42
C THR IE 117 -22.54 -17.66 -117.05
N LYS IE 118 -23.51 -18.03 -116.21
CA LYS IE 118 -23.73 -17.34 -114.94
C LYS IE 118 -23.21 -18.10 -113.73
N ALA IE 119 -23.35 -19.43 -113.70
CA ALA IE 119 -22.94 -20.18 -112.52
C ALA IE 119 -22.55 -21.60 -112.92
N VAL IE 120 -21.75 -22.22 -112.06
CA VAL IE 120 -21.37 -23.63 -112.20
C VAL IE 120 -21.68 -24.31 -110.87
N LEU IE 121 -22.46 -25.39 -110.94
CA LEU IE 121 -22.84 -26.14 -109.75
C LEU IE 121 -22.17 -27.51 -109.74
N SER IE 122 -21.89 -28.00 -108.55
CA SER IE 122 -21.21 -29.29 -108.39
C SER IE 122 -21.71 -29.94 -107.11
N LEU IE 123 -21.34 -31.21 -106.94
CA LEU IE 123 -21.74 -31.96 -105.75
C LEU IE 123 -21.03 -31.47 -104.50
N LYS IE 124 -19.88 -30.82 -104.64
CA LYS IE 124 -19.14 -30.30 -103.49
C LYS IE 124 -19.55 -28.87 -103.14
N LYS IE 125 -19.94 -28.07 -104.13
CA LYS IE 125 -20.40 -26.70 -103.92
C LYS IE 125 -21.75 -26.56 -104.64
N PRO IE 126 -22.84 -26.94 -103.98
CA PRO IE 126 -24.13 -27.04 -104.69
C PRO IE 126 -24.85 -25.73 -104.93
N SER IE 127 -24.45 -24.64 -104.28
CA SER IE 127 -25.21 -23.40 -104.30
C SER IE 127 -24.43 -22.30 -105.01
N ALA IE 128 -25.18 -21.39 -105.65
CA ALA IE 128 -24.60 -20.25 -106.34
C ALA IE 128 -25.62 -19.12 -106.37
N VAL IE 129 -25.13 -17.90 -106.59
CA VAL IE 129 -25.96 -16.71 -106.65
C VAL IE 129 -25.70 -16.02 -107.99
N ILE IE 130 -26.78 -15.69 -108.72
CA ILE IE 130 -26.67 -15.08 -110.03
C ILE IE 130 -27.49 -13.80 -110.06
N ILE IE 131 -27.22 -12.97 -111.06
CA ILE IE 131 -27.86 -11.68 -111.25
C ILE IE 131 -28.44 -11.62 -112.66
N LEU IE 132 -29.70 -11.21 -112.76
CA LEU IE 132 -30.35 -10.97 -114.03
C LEU IE 132 -30.72 -9.50 -114.13
N ASP IE 133 -30.35 -8.86 -115.24
CA ASP IE 133 -30.53 -7.42 -115.40
C ASP IE 133 -31.23 -7.06 -116.70
N ASN IE 134 -31.23 -5.77 -117.05
CA ASN IE 134 -31.96 -5.29 -118.22
C ASN IE 134 -31.52 -5.99 -119.50
N ASP IE 135 -30.24 -6.34 -119.61
CA ASP IE 135 -29.76 -6.98 -120.84
C ASP IE 135 -30.32 -8.39 -121.00
N ASP IE 136 -30.52 -9.11 -119.90
CA ASP IE 136 -30.98 -10.49 -119.99
C ASP IE 136 -32.44 -10.56 -120.42
N TYR IE 137 -33.27 -9.63 -119.95
CA TYR IE 137 -34.70 -9.68 -120.20
C TYR IE 137 -35.05 -9.36 -121.64
N SER IE 138 -34.70 -10.25 -122.56
CA SER IE 138 -35.11 -10.11 -123.95
C SER IE 138 -36.58 -10.46 -124.11
N SER IE 139 -37.21 -9.89 -125.13
CA SER IE 139 -38.66 -9.90 -125.31
C SER IE 139 -39.39 -9.24 -124.15
N THR IE 140 -38.64 -8.62 -123.23
CA THR IE 140 -39.14 -7.82 -122.11
C THR IE 140 -39.89 -8.63 -121.07
N ASN IE 141 -40.03 -9.95 -121.28
CA ASN IE 141 -40.89 -10.73 -120.41
C ASN IE 141 -40.35 -12.08 -119.94
N LYS IE 142 -39.23 -12.56 -120.48
CA LYS IE 142 -38.81 -13.92 -120.13
C LYS IE 142 -37.31 -14.09 -120.20
N ILE IE 143 -36.82 -15.06 -119.42
CA ILE IE 143 -35.42 -15.49 -119.39
C ILE IE 143 -35.37 -16.95 -119.84
N GLN IE 144 -34.39 -17.28 -120.67
CA GLN IE 144 -34.14 -18.65 -121.11
C GLN IE 144 -32.76 -19.07 -120.65
N LEU IE 145 -32.69 -20.20 -119.93
CA LEU IE 145 -31.44 -20.73 -119.39
C LEU IE 145 -31.39 -22.22 -119.66
N LYS IE 146 -30.41 -22.66 -120.47
CA LYS IE 146 -30.16 -24.07 -120.65
C LYS IE 146 -29.13 -24.59 -119.65
N VAL IE 147 -29.14 -25.90 -119.45
CA VAL IE 147 -28.30 -26.58 -118.47
C VAL IE 147 -27.27 -27.42 -119.19
N GLU IE 148 -26.01 -27.34 -118.75
CA GLU IE 148 -24.95 -28.14 -119.34
C GLU IE 148 -24.34 -29.01 -118.26
N ALA IE 149 -24.18 -30.30 -118.56
CA ALA IE 149 -23.76 -31.29 -117.58
C ALA IE 149 -22.46 -31.97 -117.99
N TYR IE 150 -21.57 -32.15 -117.01
CA TYR IE 150 -20.38 -32.96 -117.14
C TYR IE 150 -20.36 -33.97 -116.01
N TYR IE 151 -19.99 -35.21 -116.30
CA TYR IE 151 -20.18 -36.27 -115.32
C TYR IE 151 -19.19 -37.40 -115.54
N GLU IE 152 -19.01 -38.21 -114.50
CA GLU IE 152 -18.34 -39.50 -114.57
C GLU IE 152 -19.07 -40.46 -113.64
N ALA IE 153 -19.51 -41.58 -114.18
CA ALA IE 153 -20.31 -42.55 -113.42
C ALA IE 153 -19.41 -43.46 -112.59
N LYS IE 154 -19.97 -43.98 -111.51
CA LYS IE 154 -19.26 -44.92 -110.66
C LYS IE 154 -19.04 -46.24 -111.39
N GLU IE 155 -17.98 -46.94 -110.99
CA GLU IE 155 -17.60 -48.19 -111.65
C GLU IE 155 -18.52 -49.31 -111.22
N GLY IE 156 -19.17 -49.95 -112.20
CA GLY IE 156 -19.96 -51.13 -111.94
C GLY IE 156 -21.28 -50.89 -111.25
N MET IE 157 -21.84 -49.69 -111.33
CA MET IE 157 -23.11 -49.36 -110.69
C MET IE 157 -24.19 -49.25 -111.75
N LEU IE 158 -25.29 -49.98 -111.55
CA LEU IE 158 -26.42 -49.98 -112.48
C LEU IE 158 -27.67 -49.51 -111.76
N PHE IE 159 -28.44 -48.67 -112.44
CA PHE IE 159 -29.63 -48.07 -111.86
C PHE IE 159 -30.50 -47.49 -112.97
N ASP IE 160 -31.70 -47.08 -112.60
CA ASP IE 160 -32.62 -46.44 -113.54
C ASP IE 160 -33.62 -45.62 -112.75
N SER IE 161 -34.24 -44.65 -113.44
CA SER IE 161 -35.29 -43.80 -112.87
C SER IE 161 -34.78 -43.05 -111.64
N LEU IE 162 -33.72 -42.27 -111.83
CA LEU IE 162 -33.15 -41.46 -110.75
C LEU IE 162 -33.34 -39.99 -111.07
N PRO IE 163 -34.05 -39.23 -110.23
CA PRO IE 163 -34.32 -37.82 -110.54
C PRO IE 163 -33.23 -36.88 -110.06
N VAL IE 164 -33.12 -35.76 -110.77
CA VAL IE 164 -32.24 -34.65 -110.40
C VAL IE 164 -33.11 -33.41 -110.21
N ILE IE 165 -32.96 -32.75 -109.07
CA ILE IE 165 -33.85 -31.68 -108.64
C ILE IE 165 -33.04 -30.40 -108.44
N LEU IE 166 -33.57 -29.28 -108.93
CA LEU IE 166 -33.01 -27.96 -108.71
C LEU IE 166 -34.05 -27.07 -108.07
N ASN IE 167 -33.60 -26.16 -107.21
CA ASN IE 167 -34.48 -25.27 -106.46
C ASN IE 167 -34.10 -23.82 -106.69
N PHE IE 168 -35.10 -22.94 -106.66
CA PHE IE 168 -34.90 -21.51 -106.85
C PHE IE 168 -35.48 -20.75 -105.67
N GLN IE 169 -34.78 -19.69 -105.25
CA GLN IE 169 -35.23 -18.83 -104.18
C GLN IE 169 -34.88 -17.38 -104.52
N VAL IE 170 -35.83 -16.48 -104.29
CA VAL IE 170 -35.67 -15.06 -104.58
C VAL IE 170 -35.12 -14.37 -103.34
N LEU IE 171 -34.03 -13.62 -103.51
CA LEU IE 171 -33.42 -12.88 -102.42
C LEU IE 171 -33.77 -11.39 -102.42
N SER IE 172 -33.88 -10.78 -103.60
CA SER IE 172 -34.21 -9.37 -103.70
C SER IE 172 -34.68 -9.07 -105.12
N VAL IE 173 -35.68 -8.20 -105.23
CA VAL IE 173 -36.21 -7.77 -106.53
C VAL IE 173 -36.38 -6.25 -106.50
N SER IE 174 -36.19 -5.63 -107.66
CA SER IE 174 -36.34 -4.18 -107.77
C SER IE 174 -36.80 -3.79 -109.17
N THR JE 26 -92.96 21.28 -69.56
CA THR JE 26 -91.56 21.60 -69.33
C THR JE 26 -90.74 20.33 -69.21
N THR JE 27 -90.27 19.81 -70.34
CA THR JE 27 -89.50 18.57 -70.40
C THR JE 27 -88.14 18.84 -71.02
N GLN JE 28 -87.09 18.31 -70.39
CA GLN JE 28 -85.72 18.46 -70.87
C GLN JE 28 -85.29 17.16 -71.54
N SER JE 29 -84.84 17.26 -72.79
CA SER JE 29 -84.50 16.06 -73.54
C SER JE 29 -82.99 15.91 -73.69
N PRO JE 30 -82.47 14.68 -73.64
CA PRO JE 30 -81.03 14.48 -73.83
C PRO JE 30 -80.60 14.46 -75.29
N LEU JE 31 -81.52 14.24 -76.23
CA LEU JE 31 -81.26 14.33 -77.66
C LEU JE 31 -80.22 13.30 -78.12
N ASN JE 32 -80.41 12.04 -77.70
CA ASN JE 32 -79.51 10.97 -78.11
C ASN JE 32 -80.27 9.68 -78.40
N SER JE 33 -81.56 9.77 -78.69
CA SER JE 33 -82.38 8.58 -78.93
C SER JE 33 -82.52 8.31 -80.43
N PHE JE 34 -81.38 8.02 -81.07
CA PHE JE 34 -81.34 7.70 -82.49
C PHE JE 34 -80.38 6.54 -82.72
N TYR JE 35 -80.80 5.57 -83.53
CA TYR JE 35 -79.99 4.37 -83.75
C TYR JE 35 -80.18 3.87 -85.19
N ALA JE 36 -79.21 3.08 -85.62
CA ALA JE 36 -79.25 2.40 -86.91
C ALA JE 36 -78.50 1.08 -86.76
N THR JE 37 -78.99 0.03 -87.43
CA THR JE 37 -78.51 -1.32 -87.19
C THR JE 37 -78.21 -2.05 -88.49
N GLY JE 38 -77.11 -2.80 -88.50
CA GLY JE 38 -76.78 -3.69 -89.60
C GLY JE 38 -76.44 -5.09 -89.11
N THR JE 39 -75.97 -5.96 -89.99
CA THR JE 39 -75.69 -7.35 -89.62
C THR JE 39 -74.47 -7.84 -90.39
N ALA JE 40 -73.87 -8.91 -89.88
CA ALA JE 40 -72.73 -9.56 -90.53
C ALA JE 40 -72.71 -11.03 -90.15
N GLN JE 41 -72.01 -11.83 -90.95
CA GLN JE 41 -71.95 -13.27 -90.71
C GLN JE 41 -70.77 -13.87 -91.45
N ALA JE 42 -70.41 -15.09 -91.04
CA ALA JE 42 -69.38 -15.88 -91.73
C ALA JE 42 -69.62 -17.34 -91.37
N VAL JE 43 -70.09 -18.13 -92.33
CA VAL JE 43 -70.60 -19.47 -92.04
C VAL JE 43 -69.96 -20.55 -92.91
N GLN JE 44 -68.74 -20.33 -93.40
CA GLN JE 44 -68.06 -21.36 -94.18
C GLN JE 44 -66.55 -21.18 -94.10
N GLU JE 45 -65.84 -22.30 -94.29
CA GLU JE 45 -64.39 -22.33 -94.27
C GLU JE 45 -63.83 -21.84 -95.61
N PRO JE 46 -62.60 -21.29 -95.61
CA PRO JE 46 -62.07 -20.69 -96.85
C PRO JE 46 -61.98 -21.63 -98.03
N ILE JE 47 -61.61 -22.89 -97.81
CA ILE JE 47 -61.33 -23.80 -98.92
C ILE JE 47 -62.08 -25.11 -98.72
N ASP JE 48 -62.22 -25.84 -99.82
CA ASP JE 48 -62.77 -27.20 -99.82
C ASP JE 48 -61.84 -28.06 -100.67
N VAL JE 49 -61.60 -29.30 -100.22
CA VAL JE 49 -60.61 -30.17 -100.85
C VAL JE 49 -61.28 -31.49 -101.22
N GLU JE 50 -61.05 -31.94 -102.45
CA GLU JE 50 -61.58 -33.20 -102.95
C GLU JE 50 -60.45 -33.99 -103.61
N SER JE 51 -60.44 -35.30 -103.41
CA SER JE 51 -59.35 -36.17 -103.83
C SER JE 51 -59.77 -37.07 -104.98
N HIS JE 52 -58.83 -37.30 -105.91
CA HIS JE 52 -59.04 -38.20 -107.04
C HIS JE 52 -57.79 -39.04 -107.30
N LEU JE 53 -57.19 -39.57 -106.23
CA LEU JE 53 -56.00 -40.41 -106.35
C LEU JE 53 -56.45 -41.85 -106.57
N ASP JE 54 -56.54 -42.25 -107.83
CA ASP JE 54 -57.07 -43.56 -108.22
C ASP JE 54 -56.07 -44.37 -109.03
N ASN JE 55 -54.80 -44.37 -108.60
CA ASN JE 55 -53.79 -45.23 -109.19
C ASN JE 55 -53.00 -45.90 -108.08
N THR JE 56 -52.50 -47.09 -108.37
CA THR JE 56 -51.82 -47.93 -107.38
C THR JE 56 -50.37 -48.13 -107.77
N ILE JE 57 -49.48 -47.91 -106.81
CA ILE JE 57 -48.06 -48.23 -106.97
C ILE JE 57 -47.92 -49.73 -106.80
N ALA JE 58 -47.75 -50.45 -107.91
CA ALA JE 58 -47.72 -51.92 -107.91
C ALA JE 58 -46.48 -52.42 -108.64
N PRO JE 59 -45.31 -52.31 -108.02
CA PRO JE 59 -44.10 -52.90 -108.58
C PRO JE 59 -43.86 -54.31 -108.03
N ALA JE 60 -42.84 -54.96 -108.58
CA ALA JE 60 -42.38 -56.23 -108.02
C ALA JE 60 -41.52 -55.96 -106.79
N ALA JE 61 -41.25 -57.03 -106.05
CA ALA JE 61 -40.48 -56.91 -104.81
C ALA JE 61 -39.04 -56.51 -105.13
N GLY JE 62 -38.59 -55.42 -104.51
CA GLY JE 62 -37.22 -54.96 -104.69
C GLY JE 62 -36.95 -54.19 -105.95
N ALA JE 63 -37.98 -53.80 -106.69
CA ALA JE 63 -37.79 -53.12 -107.98
C ALA JE 63 -37.73 -51.61 -107.80
N GLN JE 64 -37.12 -50.95 -108.77
CA GLN JE 64 -37.04 -49.49 -108.83
C GLN JE 64 -37.97 -49.02 -109.93
N GLY JE 65 -38.83 -48.05 -109.61
CA GLY JE 65 -39.90 -47.72 -110.53
C GLY JE 65 -40.19 -46.24 -110.75
N TYR JE 66 -41.32 -45.97 -111.41
CA TYR JE 66 -41.72 -44.63 -111.83
C TYR JE 66 -43.21 -44.63 -112.13
N LYS JE 67 -43.99 -43.86 -111.37
CA LYS JE 67 -45.44 -43.98 -111.43
C LYS JE 67 -46.08 -42.63 -111.13
N ASP JE 68 -47.26 -42.43 -111.72
CA ASP JE 68 -48.13 -41.29 -111.40
C ASP JE 68 -49.38 -41.80 -110.71
N MET JE 69 -50.07 -40.91 -109.98
CA MET JE 69 -51.14 -41.33 -109.07
C MET JE 69 -52.50 -40.75 -109.43
N GLY JE 70 -52.60 -39.45 -109.62
CA GLY JE 70 -53.88 -38.80 -109.83
C GLY JE 70 -53.76 -37.30 -109.59
N TYR JE 71 -54.87 -36.68 -109.24
CA TYR JE 71 -54.88 -35.24 -109.00
C TYR JE 71 -55.87 -34.90 -107.89
N VAL JE 72 -55.69 -33.72 -107.32
CA VAL JE 72 -56.47 -33.24 -106.18
C VAL JE 72 -57.06 -31.88 -106.53
N LYS JE 73 -58.32 -31.66 -106.16
CA LYS JE 73 -59.02 -30.42 -106.46
C LYS JE 73 -59.17 -29.57 -105.20
N ILE JE 74 -58.94 -28.27 -105.34
CA ILE JE 74 -59.09 -27.30 -104.25
C ILE JE 74 -60.07 -26.23 -104.71
N ILE JE 75 -61.01 -25.88 -103.84
CA ILE JE 75 -62.06 -24.91 -104.15
C ILE JE 75 -61.94 -23.73 -103.19
N ASN JE 76 -61.97 -22.52 -103.73
CA ASN JE 76 -61.80 -21.28 -102.97
C ASN JE 76 -63.06 -20.43 -103.05
N TYR JE 77 -63.37 -19.76 -101.94
CA TYR JE 77 -64.69 -19.17 -101.69
C TYR JE 77 -64.59 -17.66 -101.57
N THR JE 78 -65.70 -17.05 -101.14
CA THR JE 78 -65.92 -15.61 -101.26
C THR JE 78 -64.80 -14.80 -100.61
N ASP JE 79 -64.35 -13.78 -101.31
CA ASP JE 79 -63.37 -12.80 -100.82
C ASP JE 79 -62.02 -13.43 -100.50
N VAL JE 80 -61.68 -14.53 -101.16
CA VAL JE 80 -60.41 -15.22 -100.99
C VAL JE 80 -59.58 -15.00 -102.23
N ASN JE 81 -58.33 -14.59 -102.06
CA ASN JE 81 -57.43 -14.36 -103.18
C ASN JE 81 -56.13 -15.14 -103.09
N VAL JE 82 -55.55 -15.27 -101.91
CA VAL JE 82 -54.27 -15.95 -101.72
C VAL JE 82 -54.39 -16.89 -100.53
N VAL JE 83 -53.89 -18.12 -100.71
CA VAL JE 83 -53.97 -19.15 -99.67
C VAL JE 83 -52.57 -19.70 -99.43
N LYS JE 84 -52.21 -19.84 -98.16
CA LYS JE 84 -50.97 -20.48 -97.73
C LYS JE 84 -51.29 -21.83 -97.12
N LEU JE 85 -50.62 -22.88 -97.61
CA LEU JE 85 -50.94 -24.24 -97.24
C LEU JE 85 -49.69 -24.98 -96.76
N LYS JE 86 -49.92 -25.99 -95.93
CA LYS JE 86 -48.88 -26.90 -95.47
C LYS JE 86 -49.32 -28.33 -95.75
N VAL JE 87 -48.47 -29.09 -96.42
CA VAL JE 87 -48.76 -30.46 -96.82
C VAL JE 87 -47.75 -31.39 -96.18
N THR JE 88 -48.23 -32.48 -95.60
CA THR JE 88 -47.37 -33.43 -94.90
C THR JE 88 -47.85 -34.84 -95.16
N LEU JE 89 -46.95 -35.80 -94.91
CA LEU JE 89 -47.26 -37.22 -95.00
C LEU JE 89 -47.66 -37.70 -93.61
N ALA JE 90 -48.93 -38.10 -93.48
CA ALA JE 90 -49.47 -38.44 -92.16
C ALA JE 90 -48.95 -39.77 -91.64
N ASN JE 91 -48.78 -40.76 -92.51
CA ASN JE 91 -48.41 -42.10 -92.09
C ASN JE 91 -47.03 -42.50 -92.60
N ALA JE 92 -46.06 -41.58 -92.50
CA ALA JE 92 -44.71 -41.88 -92.96
C ALA JE 92 -44.07 -42.97 -92.12
N ALA JE 93 -44.37 -43.02 -90.83
CA ALA JE 93 -43.77 -44.03 -89.95
C ALA JE 93 -44.20 -45.43 -90.35
N GLN JE 94 -45.46 -45.60 -90.74
CA GLN JE 94 -45.94 -46.92 -91.15
C GLN JE 94 -45.30 -47.38 -92.45
N LEU JE 95 -45.00 -46.46 -93.37
CA LEU JE 95 -44.45 -46.80 -94.67
C LEU JE 95 -42.95 -47.06 -94.64
N ARG JE 96 -42.27 -46.73 -93.54
CA ARG JE 96 -40.82 -46.91 -93.49
C ARG JE 96 -40.35 -48.35 -93.68
N PRO JE 97 -40.93 -49.37 -93.01
CA PRO JE 97 -40.42 -50.74 -93.21
C PRO JE 97 -40.63 -51.30 -94.60
N TYR JE 98 -41.45 -50.66 -95.44
CA TYR JE 98 -41.78 -51.19 -96.75
C TYR JE 98 -40.98 -50.57 -97.89
N PHE JE 99 -40.27 -49.46 -97.65
CA PHE JE 99 -39.60 -48.75 -98.72
C PHE JE 99 -38.20 -48.32 -98.27
N LYS JE 100 -37.25 -48.37 -99.21
CA LYS JE 100 -35.96 -47.73 -98.99
C LYS JE 100 -36.07 -46.22 -99.16
N TYR JE 101 -36.83 -45.77 -100.15
CA TYR JE 101 -37.09 -44.34 -100.34
C TYR JE 101 -38.38 -44.18 -101.13
N LEU JE 102 -39.02 -43.03 -100.95
CA LEU JE 102 -40.26 -42.71 -101.64
C LEU JE 102 -40.40 -41.20 -101.70
N GLN JE 103 -40.53 -40.66 -102.91
CA GLN JE 103 -40.60 -39.22 -103.11
C GLN JE 103 -41.86 -38.86 -103.89
N LEU JE 104 -42.53 -37.79 -103.47
CA LEU JE 104 -43.75 -37.31 -104.11
C LEU JE 104 -43.50 -35.91 -104.65
N VAL JE 105 -43.92 -35.68 -105.90
CA VAL JE 105 -43.73 -34.41 -106.57
C VAL JE 105 -45.10 -33.82 -106.88
N LEU JE 106 -45.32 -32.58 -106.46
CA LEU JE 106 -46.58 -31.88 -106.65
C LEU JE 106 -46.36 -30.73 -107.63
N THR JE 107 -47.22 -30.65 -108.66
CA THR JE 107 -47.12 -29.61 -109.66
C THR JE 107 -48.47 -28.95 -109.87
N SER JE 108 -48.47 -27.63 -110.02
CA SER JE 108 -49.68 -26.87 -110.33
C SER JE 108 -49.79 -26.75 -111.85
N ASN JE 109 -50.97 -27.06 -112.38
CA ASN JE 109 -51.19 -27.18 -113.82
C ASN JE 109 -52.49 -26.48 -114.23
N ALA JE 110 -53.34 -26.10 -113.26
CA ALA JE 110 -54.69 -25.62 -113.57
C ALA JE 110 -54.67 -24.46 -114.57
N SER JE 111 -53.59 -23.69 -114.61
CA SER JE 111 -53.35 -22.72 -115.68
C SER JE 111 -52.61 -23.42 -116.81
N SER JE 112 -53.23 -23.44 -117.99
CA SER JE 112 -52.63 -24.12 -119.13
C SER JE 112 -51.35 -23.44 -119.60
N THR JE 113 -51.12 -22.18 -119.20
CA THR JE 113 -49.92 -21.45 -119.59
C THR JE 113 -48.79 -21.58 -118.57
N VAL JE 114 -49.11 -21.76 -117.29
CA VAL JE 114 -48.12 -21.78 -116.22
C VAL JE 114 -48.20 -23.12 -115.51
N GLU JE 115 -47.29 -24.03 -115.85
CA GLU JE 115 -47.08 -25.27 -115.10
C GLU JE 115 -45.92 -25.06 -114.13
N GLU JE 116 -46.14 -25.37 -112.86
CA GLU JE 116 -45.10 -25.20 -111.84
C GLU JE 116 -45.13 -26.34 -110.84
N THR JE 117 -43.95 -26.89 -110.56
CA THR JE 117 -43.77 -27.80 -109.44
C THR JE 117 -43.57 -27.00 -108.16
N LYS JE 118 -44.34 -27.32 -107.12
CA LYS JE 118 -44.37 -26.53 -105.90
C LYS JE 118 -43.61 -27.16 -104.74
N ALA JE 119 -43.67 -28.47 -104.57
CA ALA JE 119 -43.01 -29.09 -103.43
C ALA JE 119 -42.63 -30.53 -103.77
N VAL JE 120 -41.64 -31.04 -103.03
CA VAL JE 120 -41.22 -32.43 -103.10
C VAL JE 120 -41.24 -32.99 -101.70
N LEU JE 121 -41.96 -34.10 -101.51
CA LEU JE 121 -42.09 -34.75 -100.21
C LEU JE 121 -41.34 -36.07 -100.21
N SER JE 122 -40.82 -36.45 -99.05
CA SER JE 122 -40.06 -37.68 -98.90
C SER JE 122 -40.27 -38.23 -97.50
N LEU JE 123 -39.80 -39.46 -97.29
CA LEU JE 123 -39.96 -40.10 -95.99
C LEU JE 123 -39.05 -39.48 -94.93
N LYS JE 124 -37.99 -38.79 -95.34
CA LYS JE 124 -37.09 -38.13 -94.39
C LYS JE 124 -37.49 -36.70 -94.11
N LYS JE 125 -38.10 -36.02 -95.08
CA LYS JE 125 -38.61 -34.65 -94.90
C LYS JE 125 -40.05 -34.63 -95.37
N PRO JE 126 -41.00 -34.99 -94.49
CA PRO JE 126 -42.38 -35.21 -94.95
C PRO JE 126 -43.21 -33.95 -95.15
N SER JE 127 -42.76 -32.79 -94.69
CA SER JE 127 -43.58 -31.58 -94.68
C SER JE 127 -43.00 -30.54 -95.62
N ALA JE 128 -43.91 -29.72 -96.19
CA ALA JE 128 -43.53 -28.63 -97.06
C ALA JE 128 -44.60 -27.55 -97.02
N VAL JE 129 -44.22 -26.34 -97.42
CA VAL JE 129 -45.12 -25.19 -97.44
C VAL JE 129 -45.14 -24.62 -98.86
N ILE JE 130 -46.34 -24.41 -99.39
CA ILE JE 130 -46.52 -23.93 -100.75
C ILE JE 130 -47.39 -22.68 -100.75
N ILE JE 131 -47.35 -21.96 -101.85
CA ILE JE 131 -48.09 -20.71 -102.02
C ILE JE 131 -48.91 -20.80 -103.30
N LEU JE 132 -50.19 -20.46 -103.20
CA LEU JE 132 -51.08 -20.37 -104.36
C LEU JE 132 -51.54 -18.93 -104.51
N ASP JE 133 -51.41 -18.39 -105.72
CA ASP JE 133 -51.70 -16.99 -105.97
C ASP JE 133 -52.64 -16.78 -107.15
N ASN JE 134 -52.78 -15.53 -107.60
CA ASN JE 134 -53.74 -15.19 -108.65
C ASN JE 134 -53.49 -15.99 -109.93
N ASP JE 135 -52.24 -16.31 -110.25
CA ASP JE 135 -51.95 -17.03 -111.47
C ASP JE 135 -52.44 -18.48 -111.41
N ASP JE 136 -52.40 -19.09 -110.22
CA ASP JE 136 -52.79 -20.49 -110.11
C ASP JE 136 -54.30 -20.67 -110.26
N TYR JE 137 -55.09 -19.73 -109.73
CA TYR JE 137 -56.53 -19.86 -109.70
C TYR JE 137 -57.15 -19.69 -111.08
N SER JE 138 -56.93 -20.65 -111.97
CA SER JE 138 -57.59 -20.65 -113.27
C SER JE 138 -59.04 -21.09 -113.10
N SER JE 139 -59.87 -20.64 -114.04
CA SER JE 139 -61.32 -20.72 -113.96
C SER JE 139 -61.87 -19.98 -112.74
N THR JE 140 -61.00 -19.24 -112.03
CA THR JE 140 -61.33 -18.36 -110.92
C THR JE 140 -61.84 -19.10 -109.69
N ASN JE 141 -61.94 -20.44 -109.75
CA ASN JE 141 -62.60 -21.17 -108.68
C ASN JE 141 -61.89 -22.44 -108.20
N LYS JE 142 -60.86 -22.94 -108.90
CA LYS JE 142 -60.32 -24.23 -108.50
C LYS JE 142 -58.85 -24.35 -108.84
N ILE JE 143 -58.17 -25.21 -108.08
CA ILE JE 143 -56.77 -25.59 -108.28
C ILE JE 143 -56.71 -27.08 -108.58
N GLN JE 144 -55.88 -27.44 -109.56
CA GLN JE 144 -55.64 -28.84 -109.91
C GLN JE 144 -54.17 -29.16 -109.68
N LEU JE 145 -53.91 -30.20 -108.89
CA LEU JE 145 -52.56 -30.64 -108.54
C LEU JE 145 -52.46 -32.15 -108.68
N LYS JE 146 -51.64 -32.61 -109.61
CA LYS JE 146 -51.34 -34.03 -109.71
C LYS JE 146 -50.11 -34.41 -108.89
N VAL JE 147 -50.01 -35.70 -108.58
CA VAL JE 147 -48.98 -36.24 -107.71
C VAL JE 147 -48.05 -37.12 -108.53
N GLU JE 148 -46.75 -36.94 -108.33
CA GLU JE 148 -45.76 -37.74 -109.04
C GLU JE 148 -44.92 -38.48 -108.02
N ALA JE 149 -44.74 -39.79 -108.22
CA ALA JE 149 -44.10 -40.67 -107.25
C ALA JE 149 -42.86 -41.32 -107.84
N TYR JE 150 -41.81 -41.38 -107.03
CA TYR JE 150 -40.60 -42.16 -107.31
C TYR JE 150 -40.32 -43.04 -106.10
N TYR JE 151 -39.94 -44.29 -106.35
CA TYR JE 151 -39.90 -45.27 -105.27
C TYR JE 151 -38.90 -46.36 -105.57
N GLU JE 152 -38.50 -47.06 -104.50
CA GLU JE 152 -37.77 -48.32 -104.58
C GLU JE 152 -38.27 -49.21 -103.46
N ALA JE 153 -38.72 -50.41 -103.80
CA ALA JE 153 -39.32 -51.32 -102.83
C ALA JE 153 -38.24 -52.11 -102.10
N LYS JE 154 -38.57 -52.54 -100.89
CA LYS JE 154 -37.66 -53.37 -100.11
C LYS JE 154 -37.51 -54.74 -100.75
N GLU JE 155 -36.35 -55.36 -100.50
CA GLU JE 155 -36.03 -56.65 -101.10
C GLU JE 155 -36.79 -57.77 -100.41
N GLY JE 156 -37.56 -58.52 -101.20
CA GLY JE 156 -38.24 -59.70 -100.68
C GLY JE 156 -39.43 -59.45 -99.79
N MET JE 157 -40.05 -58.28 -99.87
CA MET JE 157 -41.20 -57.94 -99.05
C MET JE 157 -42.46 -57.98 -99.89
N LEU JE 158 -43.47 -58.72 -99.43
CA LEU JE 158 -44.73 -58.87 -100.13
C LEU JE 158 -45.87 -58.37 -99.24
N PHE JE 159 -46.80 -57.63 -99.84
CA PHE JE 159 -47.89 -57.03 -99.09
C PHE JE 159 -48.97 -56.59 -100.08
N ASP JE 160 -50.11 -56.19 -99.53
CA ASP JE 160 -51.21 -55.69 -100.33
C ASP JE 160 -52.12 -54.84 -99.45
N SER JE 161 -52.89 -53.96 -100.11
CA SER JE 161 -53.86 -53.10 -99.42
C SER JE 161 -53.19 -52.22 -98.37
N LEU JE 162 -52.23 -51.42 -98.82
CA LEU JE 162 -51.51 -50.49 -97.95
C LEU JE 162 -51.84 -49.06 -98.35
N PRO JE 163 -52.43 -48.25 -97.47
CA PRO JE 163 -52.84 -46.90 -97.85
C PRO JE 163 -51.74 -45.87 -97.65
N VAL JE 164 -51.81 -44.81 -98.47
CA VAL JE 164 -50.94 -43.64 -98.37
C VAL JE 164 -51.83 -42.44 -98.14
N ILE JE 165 -51.51 -41.66 -97.10
CA ILE JE 165 -52.37 -40.58 -96.62
C ILE JE 165 -51.62 -39.26 -96.68
N LEU JE 166 -52.29 -38.23 -97.17
CA LEU JE 166 -51.77 -36.87 -97.17
C LEU JE 166 -52.73 -35.95 -96.41
N ASN JE 167 -52.19 -34.94 -95.74
CA ASN JE 167 -52.97 -34.03 -94.93
C ASN JE 167 -52.71 -32.59 -95.34
N PHE JE 168 -53.74 -31.75 -95.21
CA PHE JE 168 -53.66 -30.34 -95.56
C PHE JE 168 -54.06 -29.49 -94.37
N GLN JE 169 -53.35 -28.37 -94.17
CA GLN JE 169 -53.67 -27.42 -93.13
C GLN JE 169 -53.45 -26.00 -93.64
N VAL JE 170 -54.40 -25.13 -93.32
CA VAL JE 170 -54.37 -23.73 -93.76
C VAL JE 170 -53.65 -22.90 -92.71
N LEU JE 171 -52.65 -22.13 -93.14
CA LEU JE 171 -51.90 -21.26 -92.25
C LEU JE 171 -52.33 -19.81 -92.33
N SER JE 172 -52.68 -19.31 -93.51
CA SER JE 172 -53.10 -17.93 -93.68
C SER JE 172 -53.84 -17.79 -95.00
N VAL JE 173 -54.88 -16.97 -95.00
CA VAL JE 173 -55.66 -16.69 -96.20
C VAL JE 173 -55.91 -15.19 -96.28
N SER JE 174 -55.97 -14.68 -97.50
CA SER JE 174 -56.22 -13.26 -97.72
C SER JE 174 -56.94 -13.02 -99.04
N THR KE 26 -106.39 13.54 -52.12
CA THR KE 26 -104.99 13.94 -52.19
C THR KE 26 -104.10 12.70 -52.10
N THR KE 27 -103.81 12.10 -53.25
CA THR KE 27 -103.00 10.90 -53.34
C THR KE 27 -101.78 11.16 -54.22
N GLN KE 28 -100.61 10.73 -53.75
CA GLN KE 28 -99.37 10.89 -54.49
C GLN KE 28 -98.99 9.55 -55.11
N SER KE 29 -98.77 9.55 -56.42
CA SER KE 29 -98.51 8.29 -57.11
C SER KE 29 -97.04 8.19 -57.52
N PRO KE 30 -96.46 6.99 -57.47
CA PRO KE 30 -95.06 6.83 -57.91
C PRO KE 30 -94.90 6.68 -59.41
N LEU KE 31 -95.97 6.34 -60.14
CA LEU KE 31 -95.97 6.30 -61.60
C LEU KE 31 -94.96 5.28 -62.14
N ASN KE 32 -95.01 4.06 -61.59
CA ASN KE 32 -94.14 2.99 -62.06
C ASN KE 32 -94.86 1.65 -62.10
N SER KE 33 -96.19 1.65 -62.15
CA SER KE 33 -96.97 0.42 -62.13
C SER KE 33 -97.36 -0.01 -63.55
N PHE KE 34 -96.34 -0.31 -64.35
CA PHE KE 34 -96.54 -0.76 -65.73
C PHE KE 34 -95.57 -1.90 -66.03
N TYR KE 35 -96.07 -2.96 -66.66
CA TYR KE 35 -95.26 -4.14 -66.92
C TYR KE 35 -95.66 -4.78 -68.24
N ALA KE 36 -94.75 -5.58 -68.78
CA ALA KE 36 -94.99 -6.39 -69.97
C ALA KE 36 -94.14 -7.65 -69.85
N THR KE 37 -94.69 -8.77 -70.32
CA THR KE 37 -94.09 -10.07 -70.06
C THR KE 37 -93.99 -10.91 -71.32
N GLY KE 38 -92.87 -11.62 -71.47
CA GLY KE 38 -92.70 -12.60 -72.53
C GLY KE 38 -92.20 -13.93 -71.98
N THR KE 39 -91.85 -14.87 -72.85
CA THR KE 39 -91.42 -16.19 -72.43
C THR KE 39 -90.34 -16.71 -73.37
N ALA KE 40 -89.59 -17.71 -72.88
CA ALA KE 40 -88.56 -18.36 -73.67
C ALA KE 40 -88.38 -19.79 -73.16
N GLN KE 41 -87.79 -20.64 -74.00
CA GLN KE 41 -87.62 -22.04 -73.66
C GLN KE 41 -86.55 -22.66 -74.55
N ALA KE 42 -86.05 -23.83 -74.11
CA ALA KE 42 -85.13 -24.63 -74.91
C ALA KE 42 -85.21 -26.06 -74.38
N VAL KE 43 -85.81 -26.96 -75.16
CA VAL KE 43 -86.17 -28.28 -74.67
C VAL KE 43 -85.64 -29.41 -75.54
N GLN KE 44 -84.54 -29.20 -76.26
CA GLN KE 44 -83.96 -30.27 -77.06
C GLN KE 44 -82.48 -30.03 -77.27
N GLU KE 45 -81.74 -31.13 -77.49
CA GLU KE 45 -80.32 -31.10 -77.74
C GLU KE 45 -80.03 -30.72 -79.20
N PRO KE 46 -78.86 -30.14 -79.48
CA PRO KE 46 -78.60 -29.62 -80.83
C PRO KE 46 -78.67 -30.67 -81.93
N ILE KE 47 -78.19 -31.89 -81.67
CA ILE KE 47 -78.07 -32.89 -82.73
C ILE KE 47 -78.69 -34.21 -82.28
N ASP KE 48 -78.98 -35.05 -83.27
CA ASP KE 48 -79.45 -36.41 -83.04
C ASP KE 48 -78.64 -37.32 -83.97
N VAL KE 49 -78.26 -38.50 -83.47
CA VAL KE 49 -77.35 -39.39 -84.18
C VAL KE 49 -77.98 -40.76 -84.31
N GLU KE 50 -77.95 -41.32 -85.52
CA GLU KE 50 -78.50 -42.64 -85.80
C GLU KE 50 -77.47 -43.44 -86.58
N SER KE 51 -77.36 -44.73 -86.27
CA SER KE 51 -76.31 -45.59 -86.81
C SER KE 51 -76.87 -46.61 -87.79
N HIS KE 52 -76.11 -46.89 -88.85
CA HIS KE 52 -76.46 -47.91 -89.84
C HIS KE 52 -75.23 -48.71 -90.24
N LEU KE 53 -74.42 -49.11 -89.27
CA LEU KE 53 -73.22 -49.92 -89.53
C LEU KE 53 -73.63 -51.39 -89.53
N ASP KE 54 -73.92 -51.92 -90.72
CA ASP KE 54 -74.44 -53.27 -90.87
C ASP KE 54 -73.55 -54.11 -91.78
N ASN KE 55 -72.24 -54.03 -91.60
CA ASN KE 55 -71.30 -54.90 -92.29
C ASN KE 55 -70.28 -55.43 -91.29
N THR KE 56 -69.77 -56.63 -91.56
CA THR KE 56 -68.88 -57.33 -90.64
C THR KE 56 -67.51 -57.51 -91.27
N ILE KE 57 -66.47 -57.16 -90.51
CA ILE KE 57 -65.10 -57.44 -90.91
C ILE KE 57 -64.84 -58.91 -90.63
N ALA KE 58 -64.84 -59.74 -91.69
CA ALA KE 58 -64.72 -61.19 -91.56
C ALA KE 58 -63.61 -61.70 -92.46
N PRO KE 59 -62.35 -61.50 -92.08
CA PRO KE 59 -61.24 -62.09 -92.81
C PRO KE 59 -60.82 -63.42 -92.18
N ALA KE 60 -59.89 -64.09 -92.85
CA ALA KE 60 -59.26 -65.27 -92.27
C ALA KE 60 -58.22 -64.86 -91.25
N ALA KE 61 -57.75 -65.84 -90.48
CA ALA KE 61 -56.77 -65.57 -89.43
C ALA KE 61 -55.45 -65.14 -90.04
N GLY KE 62 -54.95 -63.98 -89.61
CA GLY KE 62 -53.67 -63.49 -90.07
C GLY KE 62 -53.66 -62.82 -91.43
N ALA KE 63 -54.84 -62.56 -92.01
CA ALA KE 63 -54.92 -62.00 -93.35
C ALA KE 63 -54.92 -60.47 -93.32
N GLN KE 64 -54.53 -59.89 -94.44
CA GLN KE 64 -54.54 -58.45 -94.65
C GLN KE 64 -55.68 -58.11 -95.59
N GLY KE 65 -56.53 -57.15 -95.21
CA GLY KE 65 -57.75 -56.95 -95.94
C GLY KE 65 -58.16 -55.51 -96.23
N TYR KE 66 -59.41 -55.36 -96.69
CA TYR KE 66 -59.95 -54.09 -97.16
C TYR KE 66 -61.47 -54.17 -97.15
N LYS KE 67 -62.14 -53.35 -96.35
CA LYS KE 67 -63.56 -53.55 -96.12
C LYS KE 67 -64.23 -52.20 -95.84
N ASP KE 68 -65.51 -52.10 -96.21
CA ASP KE 68 -66.36 -50.97 -95.84
C ASP KE 68 -67.44 -51.46 -94.88
N MET KE 69 -68.03 -50.54 -94.12
CA MET KE 69 -68.89 -50.90 -93.00
C MET KE 69 -70.33 -50.41 -93.15
N GLY KE 70 -70.53 -49.14 -93.43
CA GLY KE 70 -71.86 -48.56 -93.46
C GLY KE 70 -71.78 -47.06 -93.39
N TYR KE 71 -72.85 -46.44 -92.90
CA TYR KE 71 -72.89 -44.98 -92.78
C TYR KE 71 -73.67 -44.59 -91.54
N VAL KE 72 -73.47 -43.34 -91.12
CA VAL KE 72 -74.07 -42.79 -89.90
C VAL KE 72 -74.78 -41.49 -90.25
N LYS KE 73 -75.96 -41.29 -89.68
CA LYS KE 73 -76.78 -40.11 -89.95
C LYS KE 73 -76.75 -39.15 -88.76
N ILE KE 74 -76.63 -37.86 -89.06
CA ILE KE 74 -76.62 -36.80 -88.06
C ILE KE 74 -77.73 -35.81 -88.41
N ILE KE 75 -78.52 -35.42 -87.41
CA ILE KE 75 -79.65 -34.52 -87.62
C ILE KE 75 -79.43 -33.26 -86.80
N ASN KE 76 -79.63 -32.10 -87.43
CA ASN KE 76 -79.40 -30.80 -86.83
C ASN KE 76 -80.69 -30.00 -86.76
N TYR KE 77 -80.85 -29.25 -85.66
CA TYR KE 77 -82.12 -28.69 -85.23
C TYR KE 77 -82.09 -27.16 -85.26
N THR KE 78 -83.14 -26.57 -84.69
CA THR KE 78 -83.46 -25.15 -84.90
C THR KE 78 -82.29 -24.24 -84.53
N ASP KE 79 -82.02 -23.27 -85.40
CA ASP KE 79 -81.03 -22.21 -85.18
C ASP KE 79 -79.61 -22.76 -85.06
N VAL KE 80 -79.33 -23.91 -85.67
CA VAL KE 80 -78.01 -24.51 -85.68
C VAL KE 80 -77.43 -24.39 -87.07
N ASN KE 81 -76.19 -23.91 -87.16
CA ASN KE 81 -75.53 -23.76 -88.45
C ASN KE 81 -74.20 -24.49 -88.54
N VAL KE 82 -73.40 -24.46 -87.47
CA VAL KE 82 -72.07 -25.07 -87.46
C VAL KE 82 -71.92 -25.91 -86.20
N VAL KE 83 -71.40 -27.12 -86.34
CA VAL KE 83 -71.23 -28.05 -85.23
C VAL KE 83 -69.78 -28.53 -85.20
N LYS KE 84 -69.19 -28.52 -84.00
CA LYS KE 84 -67.86 -29.06 -83.77
C LYS KE 84 -67.99 -30.36 -82.99
N LEU KE 85 -67.35 -31.42 -83.50
CA LEU KE 85 -67.53 -32.76 -82.96
C LEU KE 85 -66.18 -33.39 -82.66
N LYS KE 86 -66.20 -34.33 -81.71
CA LYS KE 86 -65.04 -35.15 -81.37
C LYS KE 86 -65.44 -36.61 -81.43
N VAL KE 87 -64.69 -37.40 -82.19
CA VAL KE 87 -64.97 -38.81 -82.40
C VAL KE 87 -63.80 -39.63 -81.88
N THR KE 88 -64.11 -40.68 -81.12
CA THR KE 88 -63.09 -41.52 -80.51
C THR KE 88 -63.53 -42.99 -80.56
N LEU KE 89 -62.54 -43.87 -80.40
CA LEU KE 89 -62.78 -45.30 -80.31
C LEU KE 89 -62.91 -45.66 -78.83
N ALA KE 90 -64.10 -46.11 -78.42
CA ALA KE 90 -64.38 -46.32 -77.01
C ALA KE 90 -63.70 -47.58 -76.48
N ASN KE 91 -63.63 -48.64 -77.28
CA ASN KE 91 -63.12 -49.92 -76.81
C ASN KE 91 -61.83 -50.32 -77.54
N ALA KE 92 -60.92 -49.35 -77.70
CA ALA KE 92 -59.65 -49.64 -78.37
C ALA KE 92 -58.80 -50.63 -77.57
N ALA KE 93 -58.87 -50.55 -76.24
CA ALA KE 93 -58.07 -51.44 -75.41
C ALA KE 93 -58.49 -52.90 -75.60
N GLN KE 94 -59.78 -53.16 -75.74
CA GLN KE 94 -60.25 -54.53 -75.92
C GLN KE 94 -59.82 -55.09 -77.27
N LEU KE 95 -59.75 -54.25 -78.30
CA LEU KE 95 -59.43 -54.69 -79.65
C LEU KE 95 -57.93 -54.89 -79.88
N ARG KE 96 -57.09 -54.43 -78.95
CA ARG KE 96 -55.63 -54.55 -79.16
C ARG KE 96 -55.14 -55.98 -79.31
N PRO KE 97 -55.53 -56.95 -78.45
CA PRO KE 97 -54.98 -58.31 -78.61
C PRO KE 97 -55.41 -59.01 -79.90
N TYR KE 98 -56.40 -58.48 -80.62
CA TYR KE 98 -56.93 -59.15 -81.80
C TYR KE 98 -56.39 -58.61 -83.11
N PHE KE 99 -55.71 -57.46 -83.11
CA PHE KE 99 -55.28 -56.82 -84.34
C PHE KE 99 -53.85 -56.30 -84.20
N LYS KE 100 -53.08 -56.41 -85.28
CA LYS KE 100 -51.82 -55.70 -85.37
C LYS KE 100 -52.03 -54.21 -85.65
N TYR KE 101 -52.98 -53.89 -86.52
CA TYR KE 101 -53.36 -52.50 -86.77
C TYR KE 101 -54.78 -52.47 -87.33
N LEU KE 102 -55.43 -51.33 -87.14
CA LEU KE 102 -56.79 -51.12 -87.61
C LEU KE 102 -57.02 -49.63 -87.77
N GLN KE 103 -57.40 -49.22 -88.98
CA GLN KE 103 -57.59 -47.81 -89.30
C GLN KE 103 -58.98 -47.59 -89.85
N LEU KE 104 -59.62 -46.51 -89.41
CA LEU KE 104 -60.95 -46.13 -89.85
C LEU KE 104 -60.90 -44.78 -90.56
N VAL KE 105 -61.55 -44.69 -91.72
CA VAL KE 105 -61.55 -43.49 -92.53
C VAL KE 105 -62.99 -42.98 -92.63
N LEU KE 106 -63.20 -41.72 -92.28
CA LEU KE 106 -64.52 -41.09 -92.31
C LEU KE 106 -64.54 -40.03 -93.41
N THR KE 107 -65.56 -40.09 -94.25
CA THR KE 107 -65.71 -39.15 -95.36
C THR KE 107 -67.11 -38.56 -95.37
N SER KE 108 -67.22 -37.26 -95.63
CA SER KE 108 -68.50 -36.60 -95.78
C SER KE 108 -68.88 -36.62 -97.25
N ASN KE 109 -70.13 -37.02 -97.53
CA ASN KE 109 -70.60 -37.29 -98.88
C ASN KE 109 -71.99 -36.68 -99.11
N ALA KE 110 -72.66 -36.26 -98.05
CA ALA KE 110 -74.06 -35.85 -98.13
C ALA KE 110 -74.30 -34.80 -99.22
N SER KE 111 -73.30 -33.99 -99.52
CA SER KE 111 -73.30 -33.13 -100.70
C SER KE 111 -72.74 -33.90 -101.88
N SER KE 112 -73.55 -34.06 -102.92
CA SER KE 112 -73.13 -34.81 -104.10
C SER KE 112 -72.00 -34.13 -104.84
N THR KE 113 -71.78 -32.84 -104.60
CA THR KE 113 -70.71 -32.11 -105.27
C THR KE 113 -69.41 -32.09 -104.47
N VAL KE 114 -69.48 -32.16 -103.14
CA VAL KE 114 -68.30 -32.03 -102.28
C VAL KE 114 -68.19 -33.30 -101.45
N GLU KE 115 -67.31 -34.21 -101.86
CA GLU KE 115 -66.90 -35.35 -101.06
C GLU KE 115 -65.59 -35.00 -100.34
N GLU KE 116 -65.56 -35.21 -99.03
CA GLU KE 116 -64.37 -34.89 -98.24
C GLU KE 116 -64.14 -35.93 -97.17
N THR KE 117 -62.90 -36.40 -97.05
CA THR KE 117 -62.48 -37.20 -95.91
C THR KE 117 -62.10 -36.27 -94.76
N LYS KE 118 -62.66 -36.53 -93.58
CA LYS KE 118 -62.51 -35.62 -92.45
C LYS KE 118 -61.51 -36.10 -91.40
N ALA KE 119 -61.47 -37.38 -91.10
CA ALA KE 119 -60.58 -37.87 -90.05
C ALA KE 119 -60.19 -39.31 -90.32
N VAL KE 120 -59.05 -39.71 -89.74
CA VAL KE 120 -58.57 -41.08 -89.77
C VAL KE 120 -58.32 -41.51 -88.33
N LEU KE 121 -58.91 -42.62 -87.93
CA LEU KE 121 -58.78 -43.14 -86.58
C LEU KE 121 -57.98 -44.44 -86.60
N SER KE 122 -57.23 -44.67 -85.52
CA SER KE 122 -56.38 -45.85 -85.41
C SER KE 122 -56.31 -46.27 -83.95
N LEU KE 123 -55.75 -47.46 -83.72
CA LEU KE 123 -55.62 -47.97 -82.36
C LEU KE 123 -54.58 -47.22 -81.55
N LYS KE 124 -53.65 -46.54 -82.21
CA LYS KE 124 -52.63 -45.75 -81.51
C LYS KE 124 -53.07 -44.31 -81.27
N LYS KE 125 -53.87 -43.75 -82.17
CA LYS KE 125 -54.42 -42.39 -82.03
C LYS KE 125 -55.92 -42.48 -82.22
N PRO KE 126 -56.67 -42.79 -81.16
CA PRO KE 126 -58.09 -43.11 -81.32
C PRO KE 126 -59.02 -41.91 -81.49
N SER KE 127 -58.56 -40.69 -81.22
CA SER KE 127 -59.43 -39.53 -81.17
C SER KE 127 -59.09 -38.55 -82.29
N ALA KE 128 -60.12 -37.83 -82.74
CA ALA KE 128 -59.97 -36.82 -83.77
C ALA KE 128 -61.08 -35.78 -83.61
N VAL KE 129 -60.85 -34.60 -84.18
CA VAL KE 129 -61.80 -33.49 -84.14
C VAL KE 129 -62.10 -33.07 -85.57
N ILE KE 130 -63.39 -32.95 -85.90
CA ILE KE 130 -63.84 -32.61 -87.24
C ILE KE 130 -64.77 -31.41 -87.18
N ILE KE 131 -64.97 -30.79 -88.34
CA ILE KE 131 -65.79 -29.59 -88.48
C ILE KE 131 -66.83 -29.84 -89.57
N LEU KE 132 -68.09 -29.55 -89.26
CA LEU KE 132 -69.17 -29.60 -90.24
C LEU KE 132 -69.73 -28.20 -90.43
N ASP KE 133 -69.85 -27.77 -91.69
CA ASP KE 133 -70.26 -26.41 -92.00
C ASP KE 133 -71.41 -26.36 -93.01
N ASN KE 134 -71.69 -25.17 -93.53
CA ASN KE 134 -72.84 -24.97 -94.41
C ASN KE 134 -72.79 -25.88 -95.64
N ASP KE 135 -71.59 -26.17 -96.14
CA ASP KE 135 -71.48 -27.00 -97.34
C ASP KE 135 -71.88 -28.45 -97.06
N ASP KE 136 -71.59 -28.95 -95.85
CA ASP KE 136 -71.87 -30.34 -95.54
C ASP KE 136 -73.37 -30.60 -95.40
N TYR KE 137 -74.10 -29.65 -94.82
CA TYR KE 137 -75.51 -29.82 -94.51
C TYR KE 137 -76.38 -29.81 -95.76
N SER KE 138 -76.26 -30.84 -96.59
CA SER KE 138 -77.14 -31.00 -97.74
C SER KE 138 -78.51 -31.47 -97.28
N SER KE 139 -79.52 -31.16 -98.09
CA SER KE 139 -80.94 -31.28 -97.73
C SER KE 139 -81.29 -30.44 -96.50
N THR KE 140 -80.36 -29.61 -96.03
CA THR KE 140 -80.53 -28.64 -94.96
C THR KE 140 -80.77 -29.29 -93.60
N ASN KE 141 -80.80 -30.61 -93.52
CA ASN KE 141 -81.21 -31.26 -92.27
C ASN KE 141 -80.36 -32.46 -91.84
N LYS KE 142 -79.45 -32.98 -92.65
CA LYS KE 142 -78.77 -34.20 -92.25
C LYS KE 142 -77.38 -34.29 -92.85
N ILE KE 143 -76.52 -35.05 -92.15
CA ILE KE 143 -75.16 -35.40 -92.57
C ILE KE 143 -75.08 -36.91 -92.75
N GLN KE 144 -74.41 -37.32 -93.82
CA GLN KE 144 -74.17 -38.74 -94.10
C GLN KE 144 -72.66 -38.98 -94.11
N LEU KE 145 -72.21 -39.94 -93.30
CA LEU KE 145 -70.80 -40.27 -93.16
C LEU KE 145 -70.64 -41.79 -93.18
N LYS KE 146 -69.97 -42.31 -94.20
CA LYS KE 146 -69.62 -43.72 -94.24
C LYS KE 146 -68.25 -43.96 -93.62
N VAL KE 147 -68.01 -45.21 -93.22
CA VAL KE 147 -66.81 -45.62 -92.50
C VAL KE 147 -66.00 -46.53 -93.41
N GLU KE 148 -64.69 -46.29 -93.47
CA GLU KE 148 -63.80 -47.12 -94.28
C GLU KE 148 -62.75 -47.74 -93.36
N ALA KE 149 -62.54 -49.04 -93.49
CA ALA KE 149 -61.69 -49.79 -92.57
C ALA KE 149 -60.54 -50.45 -93.32
N TYR KE 150 -59.35 -50.39 -92.72
CA TYR KE 150 -58.18 -51.14 -93.15
C TYR KE 150 -57.64 -51.89 -91.94
N TYR KE 151 -57.24 -53.15 -92.15
CA TYR KE 151 -56.95 -54.01 -91.00
C TYR KE 151 -55.95 -55.09 -91.38
N GLU KE 152 -55.33 -55.66 -90.35
CA GLU KE 152 -54.57 -56.89 -90.45
C GLU KE 152 -54.79 -57.70 -89.18
N ALA KE 153 -55.24 -58.94 -89.33
CA ALA KE 153 -55.60 -59.76 -88.19
C ALA KE 153 -54.37 -60.44 -87.61
N LYS KE 154 -54.45 -60.77 -86.32
CA LYS KE 154 -53.37 -61.48 -85.66
C LYS KE 154 -53.25 -62.90 -86.19
N GLU KE 155 -52.04 -63.45 -86.10
CA GLU KE 155 -51.75 -64.77 -86.64
C GLU KE 155 -52.32 -65.86 -85.73
N GLY KE 156 -53.18 -66.71 -86.28
CA GLY KE 156 -53.68 -67.86 -85.55
C GLY KE 156 -54.69 -67.57 -84.48
N MET KE 157 -55.40 -66.44 -84.54
CA MET KE 157 -56.39 -66.06 -83.55
C MET KE 157 -57.78 -66.24 -84.15
N LEU KE 158 -58.64 -66.98 -83.45
CA LEU KE 158 -60.00 -67.23 -83.89
C LEU KE 158 -60.98 -66.70 -82.85
N PHE KE 159 -62.04 -66.05 -83.33
CA PHE KE 159 -63.02 -65.42 -82.45
C PHE KE 159 -64.28 -65.13 -83.26
N ASP KE 160 -65.33 -64.72 -82.55
CA ASP KE 160 -66.59 -64.34 -83.18
C ASP KE 160 -67.36 -63.44 -82.22
N SER KE 161 -68.29 -62.67 -82.78
CA SER KE 161 -69.17 -61.79 -82.02
C SER KE 161 -68.37 -60.78 -81.20
N LEU KE 162 -67.55 -59.99 -81.89
CA LEU KE 162 -66.74 -58.95 -81.24
C LEU KE 162 -67.22 -57.59 -81.70
N PRO KE 163 -67.68 -56.72 -80.80
CA PRO KE 163 -68.23 -55.43 -81.21
C PRO KE 163 -67.17 -54.33 -81.32
N VAL KE 164 -67.45 -53.37 -82.19
CA VAL KE 164 -66.65 -52.17 -82.36
C VAL KE 164 -67.54 -50.97 -82.08
N ILE KE 165 -67.08 -50.08 -81.19
CA ILE KE 165 -67.91 -49.01 -80.65
C ILE KE 165 -67.25 -47.67 -80.96
N LEU KE 166 -68.05 -46.71 -81.41
CA LEU KE 166 -67.62 -45.33 -81.63
C LEU KE 166 -68.49 -44.39 -80.80
N ASN KE 167 -67.88 -43.30 -80.32
CA ASN KE 167 -68.56 -42.35 -79.46
C ASN KE 167 -68.46 -40.95 -80.04
N PHE KE 168 -69.49 -40.14 -79.79
CA PHE KE 168 -69.57 -38.77 -80.28
C PHE KE 168 -69.79 -37.82 -79.10
N GLN KE 169 -69.11 -36.67 -79.16
CA GLN KE 169 -69.29 -35.63 -78.15
C GLN KE 169 -69.25 -34.27 -78.82
N VAL KE 170 -70.18 -33.39 -78.40
CA VAL KE 170 -70.30 -32.05 -78.97
C VAL KE 170 -69.45 -31.09 -78.15
N LEU KE 171 -68.60 -30.33 -78.81
CA LEU KE 171 -67.75 -29.35 -78.16
C LEU KE 171 -68.27 -27.92 -78.28
N SER KE 172 -68.84 -27.57 -79.42
CA SER KE 172 -69.37 -26.23 -79.62
C SER KE 172 -70.34 -26.25 -80.80
N VAL KE 173 -71.41 -25.47 -80.68
CA VAL KE 173 -72.40 -25.34 -81.74
C VAL KE 173 -72.76 -23.87 -81.90
N SER KE 174 -73.06 -23.47 -83.13
CA SER KE 174 -73.42 -22.09 -83.42
C SER KE 174 -74.38 -22.01 -84.60
N THR LE 26 -116.03 6.99 -31.89
CA THR LE 26 -114.69 7.44 -32.25
C THR LE 26 -113.71 6.26 -32.23
N THR LE 27 -113.60 5.56 -33.36
CA THR LE 27 -112.75 4.39 -33.49
C THR LE 27 -111.74 4.61 -34.59
N GLN LE 28 -110.47 4.28 -34.31
CA GLN LE 28 -109.38 4.40 -35.27
C GLN LE 28 -109.06 3.02 -35.84
N SER LE 29 -109.08 2.91 -37.16
CA SER LE 29 -108.87 1.60 -37.78
C SER LE 29 -107.50 1.52 -38.43
N PRO LE 30 -106.85 0.35 -38.39
CA PRO LE 30 -105.55 0.20 -39.06
C PRO LE 30 -105.65 -0.08 -40.54
N LEU LE 31 -106.81 -0.53 -41.03
CA LEU LE 31 -107.07 -0.71 -42.46
C LEU LE 31 -106.13 -1.74 -43.08
N ASN LE 32 -106.00 -2.90 -42.42
CA ASN LE 32 -105.18 -3.97 -42.95
C ASN LE 32 -105.81 -5.34 -42.74
N SER LE 33 -107.13 -5.39 -42.54
CA SER LE 33 -107.82 -6.66 -42.28
C SER LE 33 -108.43 -7.23 -43.56
N PHE LE 34 -107.56 -7.56 -44.51
CA PHE LE 34 -107.98 -8.17 -45.77
C PHE LE 34 -107.01 -9.28 -46.14
N TYR LE 35 -107.56 -10.42 -46.58
CA TYR LE 35 -106.75 -11.58 -46.88
C TYR LE 35 -107.34 -12.36 -48.05
N ALA LE 36 -106.50 -13.17 -48.68
CA ALA LE 36 -106.90 -14.10 -49.72
C ALA LE 36 -105.98 -15.31 -49.65
N THR LE 37 -106.54 -16.49 -49.91
CA THR LE 37 -105.83 -17.74 -49.64
C THR LE 37 -105.91 -18.68 -50.84
N GLY LE 38 -104.80 -19.37 -51.12
CA GLY LE 38 -104.75 -20.44 -52.10
C GLY LE 38 -104.10 -21.68 -51.54
N THR LE 39 -103.86 -22.69 -52.38
CA THR LE 39 -103.28 -23.95 -51.92
C THR LE 39 -102.35 -24.51 -52.99
N ALA LE 40 -101.48 -25.43 -52.57
CA ALA LE 40 -100.57 -26.12 -53.47
C ALA LE 40 -100.23 -27.47 -52.88
N GLN LE 41 -99.76 -28.38 -53.74
CA GLN LE 41 -99.43 -29.73 -53.32
C GLN LE 41 -98.52 -30.40 -54.33
N ALA LE 42 -97.88 -31.49 -53.89
CA ALA LE 42 -97.08 -32.33 -54.76
C ALA LE 42 -96.99 -33.71 -54.11
N VAL LE 43 -97.66 -34.70 -54.69
CA VAL LE 43 -97.86 -35.98 -54.01
C VAL LE 43 -97.42 -37.17 -54.88
N GLN LE 44 -96.48 -36.98 -55.80
CA GLN LE 44 -96.00 -38.10 -56.59
C GLN LE 44 -94.59 -37.83 -57.10
N GLU LE 45 -93.85 -38.91 -57.35
CA GLU LE 45 -92.49 -38.86 -57.86
C GLU LE 45 -92.50 -38.60 -59.38
N PRO LE 46 -91.43 -38.00 -59.91
CA PRO LE 46 -91.45 -37.61 -61.33
C PRO LE 46 -91.66 -38.76 -62.29
N ILE LE 47 -91.07 -39.93 -62.03
CA ILE LE 47 -91.07 -41.02 -63.00
C ILE LE 47 -91.53 -42.32 -62.33
N ASP LE 48 -91.96 -43.26 -63.17
CA ASP LE 48 -92.30 -44.61 -62.75
C ASP LE 48 -91.62 -45.57 -63.71
N VAL LE 49 -91.08 -46.68 -63.19
CA VAL LE 49 -90.26 -47.60 -63.98
C VAL LE 49 -90.84 -49.00 -63.87
N GLU LE 50 -91.00 -49.67 -65.01
CA GLU LE 50 -91.50 -51.04 -65.07
C GLU LE 50 -90.59 -51.86 -65.96
N SER LE 51 -90.35 -53.11 -65.56
CA SER LE 51 -89.36 -53.97 -66.20
C SER LE 51 -90.04 -55.12 -66.96
N HIS LE 52 -89.46 -55.47 -68.11
CA HIS LE 52 -89.93 -56.58 -68.93
C HIS LE 52 -88.76 -57.38 -69.48
N LEU LE 53 -87.76 -57.66 -68.64
CA LEU LE 53 -86.58 -58.43 -69.05
C LEU LE 53 -86.90 -59.91 -68.85
N ASP LE 54 -87.37 -60.56 -69.91
CA ASP LE 54 -87.83 -61.93 -69.85
C ASP LE 54 -87.08 -62.83 -70.83
N ASN LE 55 -85.75 -62.68 -70.90
CA ASN LE 55 -84.91 -63.58 -71.67
C ASN LE 55 -83.70 -63.96 -70.83
N THR LE 56 -83.18 -65.16 -71.08
CA THR LE 56 -82.11 -65.74 -70.28
C THR LE 56 -80.86 -65.92 -71.13
N ILE LE 57 -79.73 -65.45 -70.62
CA ILE LE 57 -78.43 -65.72 -71.23
C ILE LE 57 -78.05 -67.16 -70.88
N ALA LE 58 -78.19 -68.07 -71.84
CA ALA LE 58 -77.97 -69.50 -71.61
C ALA LE 58 -77.00 -70.05 -72.66
N PRO LE 59 -75.71 -69.76 -72.53
CA PRO LE 59 -74.71 -70.38 -73.39
C PRO LE 59 -74.13 -71.62 -72.75
N ALA LE 60 -73.29 -72.31 -73.51
CA ALA LE 60 -72.51 -73.41 -72.96
C ALA LE 60 -71.32 -72.86 -72.19
N ALA LE 61 -70.67 -73.74 -71.43
CA ALA LE 61 -69.53 -73.34 -70.60
C ALA LE 61 -68.37 -72.92 -71.49
N GLY LE 62 -67.86 -71.70 -71.27
CA GLY LE 62 -66.71 -71.20 -72.00
C GLY LE 62 -66.99 -70.67 -73.38
N ALA LE 63 -68.26 -70.51 -73.76
CA ALA LE 63 -68.62 -70.09 -75.10
C ALA LE 63 -68.69 -68.57 -75.20
N GLN LE 64 -68.54 -68.08 -76.43
CA GLN LE 64 -68.67 -66.66 -76.75
C GLN LE 64 -69.99 -66.47 -77.50
N GLY LE 65 -70.80 -65.51 -77.04
CA GLY LE 65 -72.15 -65.43 -77.57
C GLY LE 65 -72.69 -64.05 -77.89
N TYR LE 66 -73.99 -63.99 -78.13
CA TYR LE 66 -74.68 -62.79 -78.60
C TYR LE 66 -76.17 -62.94 -78.31
N LYS LE 67 -76.73 -62.06 -77.47
CA LYS LE 67 -78.08 -62.29 -76.97
C LYS LE 67 -78.76 -60.96 -76.68
N ASP LE 68 -80.08 -60.94 -76.82
CA ASP LE 68 -80.92 -59.82 -76.40
C ASP LE 68 -81.78 -60.25 -75.22
N MET LE 69 -82.27 -59.27 -74.45
CA MET LE 69 -82.89 -59.57 -73.16
C MET LE 69 -84.37 -59.15 -73.09
N GLY LE 70 -84.68 -57.92 -73.44
CA GLY LE 70 -86.04 -57.41 -73.28
C GLY LE 70 -86.02 -55.89 -73.35
N TYR LE 71 -87.02 -55.27 -72.72
CA TYR LE 71 -87.13 -53.83 -72.72
C TYR LE 71 -87.69 -53.34 -71.40
N VAL LE 72 -87.48 -52.05 -71.13
CA VAL LE 72 -87.88 -51.40 -69.89
C VAL LE 72 -88.71 -50.17 -70.21
N LYS LE 73 -89.79 -49.96 -69.46
CA LYS LE 73 -90.70 -48.85 -69.67
C LYS LE 73 -90.51 -47.79 -68.60
N ILE LE 74 -90.52 -46.53 -69.02
CA ILE LE 74 -90.40 -45.37 -68.14
C ILE LE 74 -91.60 -44.47 -68.37
N ILE LE 75 -92.23 -44.01 -67.28
CA ILE LE 75 -93.43 -43.18 -67.35
C ILE LE 75 -93.13 -41.84 -66.70
N ASN LE 76 -93.50 -40.75 -67.38
CA ASN LE 76 -93.24 -39.39 -66.96
C ASN LE 76 -94.54 -38.64 -66.71
N TYR LE 77 -94.54 -37.79 -65.68
CA TYR LE 77 -95.75 -37.25 -65.07
C TYR LE 77 -95.80 -35.73 -65.24
N THR LE 78 -96.77 -35.12 -64.54
CA THR LE 78 -97.20 -33.75 -64.80
C THR LE 78 -96.03 -32.76 -64.73
N ASP LE 79 -95.98 -31.86 -65.73
CA ASP LE 79 -95.04 -30.76 -65.79
C ASP LE 79 -93.59 -31.23 -65.88
N VAL LE 80 -93.36 -32.42 -66.44
CA VAL LE 80 -92.02 -32.97 -66.62
C VAL LE 80 -91.72 -32.97 -68.11
N ASN LE 81 -90.54 -32.46 -68.47
CA ASN LE 81 -90.13 -32.40 -69.87
C ASN LE 81 -88.79 -33.07 -70.14
N VAL LE 82 -87.83 -32.92 -69.23
CA VAL LE 82 -86.49 -33.47 -69.42
C VAL LE 82 -86.07 -34.17 -68.13
N VAL LE 83 -85.51 -35.38 -68.26
CA VAL LE 83 -85.09 -36.19 -67.12
C VAL LE 83 -83.63 -36.60 -67.32
N LYS LE 84 -82.84 -36.45 -66.27
CA LYS LE 84 -81.46 -36.91 -66.23
C LYS LE 84 -81.37 -38.14 -65.33
N LEU LE 85 -80.78 -39.21 -65.85
CA LEU LE 85 -80.78 -40.51 -65.18
C LEU LE 85 -79.36 -41.05 -65.07
N LYS LE 86 -79.16 -41.89 -64.06
CA LYS LE 86 -77.91 -42.62 -63.87
C LYS LE 86 -78.24 -44.10 -63.72
N VAL LE 87 -77.59 -44.94 -64.54
CA VAL LE 87 -77.83 -46.36 -64.57
C VAL LE 87 -76.54 -47.09 -64.20
N THR LE 88 -76.64 -48.07 -63.31
CA THR LE 88 -75.49 -48.80 -62.82
C THR LE 88 -75.83 -50.28 -62.66
N LEU LE 89 -74.80 -51.11 -62.61
CA LEU LE 89 -74.92 -52.54 -62.34
C LEU LE 89 -74.78 -52.75 -60.84
N ALA LE 90 -75.84 -53.20 -60.20
CA ALA LE 90 -75.86 -53.30 -58.73
C ALA LE 90 -75.02 -54.47 -58.23
N ASN LE 91 -75.03 -55.60 -58.95
CA ASN LE 91 -74.37 -56.80 -58.46
C ASN LE 91 -73.22 -57.22 -59.36
N ALA LE 92 -72.41 -56.24 -59.78
CA ALA LE 92 -71.27 -56.53 -60.65
C ALA LE 92 -70.23 -57.40 -59.93
N ALA LE 93 -70.06 -57.20 -58.63
CA ALA LE 93 -69.08 -57.98 -57.88
C ALA LE 93 -69.44 -59.47 -57.86
N GLN LE 94 -70.72 -59.79 -57.73
CA GLN LE 94 -71.14 -61.18 -57.71
C GLN LE 94 -70.93 -61.86 -59.07
N LEU LE 95 -71.09 -61.11 -60.16
CA LEU LE 95 -70.99 -61.68 -61.50
C LEU LE 95 -69.55 -61.83 -61.98
N ARG LE 96 -68.58 -61.26 -61.28
CA ARG LE 96 -67.19 -61.33 -61.73
C ARG LE 96 -66.65 -62.76 -61.84
N PRO LE 97 -66.81 -63.65 -60.85
CA PRO LE 97 -66.23 -64.99 -60.98
C PRO LE 97 -66.85 -65.83 -62.10
N TYR LE 98 -67.98 -65.41 -62.67
CA TYR LE 98 -68.67 -66.21 -63.67
C TYR LE 98 -68.41 -65.78 -65.11
N PHE LE 99 -67.80 -64.62 -65.32
CA PHE LE 99 -67.63 -64.08 -66.67
C PHE LE 99 -66.24 -63.49 -66.83
N LYS LE 100 -65.68 -63.68 -68.04
CA LYS LE 100 -64.49 -62.92 -68.41
C LYS LE 100 -64.84 -61.49 -68.77
N TYR LE 101 -65.94 -61.28 -69.49
CA TYR LE 101 -66.42 -59.95 -69.78
C TYR LE 101 -67.92 -60.03 -70.07
N LEU LE 102 -68.60 -58.90 -69.86
CA LEU LE 102 -70.03 -58.79 -70.09
C LEU LE 102 -70.38 -57.33 -70.34
N GLN LE 103 -70.99 -57.05 -71.49
CA GLN LE 103 -71.31 -55.69 -71.88
C GLN LE 103 -72.80 -55.58 -72.20
N LEU LE 104 -73.40 -54.48 -71.74
CA LEU LE 104 -74.81 -54.21 -71.97
C LEU LE 104 -74.96 -52.93 -72.77
N VAL LE 105 -75.80 -52.98 -73.80
CA VAL LE 105 -76.03 -51.86 -74.70
C VAL LE 105 -77.49 -51.43 -74.58
N LEU LE 106 -77.70 -50.14 -74.31
CA LEU LE 106 -79.02 -49.56 -74.14
C LEU LE 106 -79.31 -48.62 -75.31
N THR LE 107 -80.46 -48.80 -75.95
CA THR LE 107 -80.86 -47.98 -77.08
C THR LE 107 -82.27 -47.46 -76.89
N SER LE 108 -82.49 -46.19 -77.24
CA SER LE 108 -83.81 -45.59 -77.21
C SER LE 108 -84.45 -45.77 -78.58
N ASN LE 109 -85.71 -46.26 -78.59
CA ASN LE 109 -86.40 -46.67 -79.79
C ASN LE 109 -87.84 -46.14 -79.82
N ALA LE 110 -88.33 -45.64 -78.69
CA ALA LE 110 -89.76 -45.30 -78.55
C ALA LE 110 -90.23 -44.38 -79.66
N SER LE 111 -89.35 -43.55 -80.21
CA SER LE 111 -89.61 -42.81 -81.44
C SER LE 111 -89.23 -43.67 -82.64
N SER LE 112 -90.21 -43.97 -83.50
CA SER LE 112 -89.96 -44.81 -84.65
C SER LE 112 -89.02 -44.16 -85.65
N THR LE 113 -88.83 -42.84 -85.57
CA THR LE 113 -87.94 -42.13 -86.49
C THR LE 113 -86.52 -41.99 -85.95
N VAL LE 114 -86.35 -41.93 -84.63
CA VAL LE 114 -85.05 -41.68 -84.01
C VAL LE 114 -84.71 -42.86 -83.10
N GLU LE 115 -83.87 -43.76 -83.60
CA GLU LE 115 -83.26 -44.81 -82.79
C GLU LE 115 -81.87 -44.35 -82.36
N GLU LE 116 -81.60 -44.41 -81.06
CA GLU LE 116 -80.30 -43.97 -80.53
C GLU LE 116 -79.83 -44.90 -79.42
N THR LE 117 -78.57 -45.31 -79.51
CA THR LE 117 -77.90 -45.96 -78.39
C THR LE 117 -77.37 -44.92 -77.42
N LYS LE 118 -77.69 -45.08 -76.14
CA LYS LE 118 -77.39 -44.07 -75.14
C LYS LE 118 -76.20 -44.40 -74.25
N ALA LE 119 -76.02 -45.66 -73.85
CA ALA LE 119 -74.94 -45.99 -72.94
C ALA LE 119 -74.52 -47.44 -73.16
N VAL LE 120 -73.28 -47.73 -72.76
CA VAL LE 120 -72.74 -49.09 -72.76
C VAL LE 120 -72.20 -49.36 -71.36
N LEU LE 121 -72.66 -50.45 -70.76
CA LEU LE 121 -72.25 -50.83 -69.42
C LEU LE 121 -71.39 -52.09 -69.47
N SER LE 122 -70.45 -52.19 -68.54
CA SER LE 122 -69.54 -53.32 -68.48
C SER LE 122 -69.18 -53.59 -67.02
N LEU LE 123 -68.52 -54.73 -66.79
CA LEU LE 123 -68.13 -55.10 -65.45
C LEU LE 123 -66.99 -54.23 -64.91
N LYS LE 124 -66.23 -53.58 -65.79
CA LYS LE 124 -65.16 -52.69 -65.35
C LYS LE 124 -65.62 -51.26 -65.17
N LYS LE 125 -66.60 -50.81 -65.95
CA LYS LE 125 -67.19 -49.48 -65.83
C LYS LE 125 -68.70 -49.64 -65.74
N PRO LE 126 -69.23 -49.87 -64.53
CA PRO LE 126 -70.64 -50.26 -64.40
C PRO LE 126 -71.64 -49.12 -64.50
N SER LE 127 -71.20 -47.86 -64.42
CA SER LE 127 -72.12 -46.74 -64.32
C SER LE 127 -72.05 -45.86 -65.56
N ALA LE 128 -73.18 -45.23 -65.88
CA ALA LE 128 -73.27 -44.31 -67.00
C ALA LE 128 -74.40 -43.32 -66.74
N VAL LE 129 -74.33 -42.19 -67.45
CA VAL LE 129 -75.32 -41.12 -67.33
C VAL LE 129 -75.90 -40.84 -68.71
N ILE LE 130 -77.24 -40.82 -68.80
CA ILE LE 130 -77.94 -40.62 -70.06
C ILE LE 130 -78.91 -39.45 -69.93
N ILE LE 131 -79.34 -38.96 -71.09
CA ILE LE 131 -80.24 -37.81 -71.17
C ILE LE 131 -81.44 -38.21 -72.02
N LEU LE 132 -82.64 -37.93 -71.53
CA LEU LE 132 -83.89 -38.13 -72.28
C LEU LE 132 -84.54 -36.78 -72.49
N ASP LE 133 -84.90 -36.48 -73.73
CA ASP LE 133 -85.44 -35.17 -74.08
C ASP LE 133 -86.76 -35.27 -74.85
N ASN LE 134 -87.19 -34.14 -75.42
CA ASN LE 134 -88.49 -34.07 -76.09
C ASN LE 134 -88.61 -35.09 -77.22
N ASP LE 135 -87.51 -35.38 -77.91
CA ASP LE 135 -87.58 -36.32 -79.03
C ASP LE 135 -87.82 -37.74 -78.55
N ASP LE 136 -87.30 -38.12 -77.39
CA ASP LE 136 -87.44 -39.49 -76.91
C ASP LE 136 -88.88 -39.78 -76.46
N TYR LE 137 -89.54 -38.81 -75.85
CA TYR LE 137 -90.86 -39.01 -75.27
C TYR LE 137 -91.94 -39.15 -76.34
N SER LE 138 -91.91 -40.25 -77.08
CA SER LE 138 -92.98 -40.56 -78.03
C SER LE 138 -94.22 -41.04 -77.28
N SER LE 139 -95.37 -40.84 -77.91
CA SER LE 139 -96.69 -40.98 -77.29
C SER LE 139 -96.86 -40.06 -76.10
N THR LE 140 -95.91 -39.14 -75.89
CA THR LE 140 -95.93 -38.08 -74.89
C THR LE 140 -95.88 -38.59 -73.45
N ASN LE 141 -95.83 -39.91 -73.26
CA ASN LE 141 -95.97 -40.46 -71.91
C ASN LE 141 -94.99 -41.56 -71.53
N LYS LE 142 -94.21 -42.12 -72.45
CA LYS LE 142 -93.41 -43.27 -72.08
C LYS LE 142 -92.13 -43.36 -72.91
N ILE LE 143 -91.13 -44.02 -72.32
CA ILE LE 143 -89.85 -44.35 -72.94
C ILE LE 143 -89.72 -45.87 -73.01
N GLN LE 144 -89.24 -46.37 -74.15
CA GLN LE 144 -88.96 -47.79 -74.32
C GLN LE 144 -87.48 -47.97 -74.60
N LEU LE 145 -86.83 -48.82 -73.80
CA LEU LE 145 -85.40 -49.09 -73.90
C LEU LE 145 -85.17 -50.59 -73.82
N LYS LE 146 -84.66 -51.18 -74.90
CA LYS LE 146 -84.24 -52.58 -74.86
C LYS LE 146 -82.76 -52.70 -74.49
N VAL LE 147 -82.40 -53.90 -74.04
CA VAL LE 147 -81.07 -54.19 -73.53
C VAL LE 147 -80.38 -55.15 -74.48
N GLU LE 148 -79.12 -54.87 -74.80
CA GLU LE 148 -78.34 -55.74 -75.68
C GLU LE 148 -77.11 -56.21 -74.92
N ALA LE 149 -76.85 -57.52 -74.98
CA ALA LE 149 -75.81 -58.15 -74.16
C ALA LE 149 -74.78 -58.83 -75.05
N TYR LE 150 -73.51 -58.65 -74.68
CA TYR LE 150 -72.39 -59.39 -75.25
C TYR LE 150 -71.60 -60.01 -74.10
N TYR LE 151 -71.18 -61.26 -74.27
CA TYR LE 151 -70.63 -61.99 -73.13
C TYR LE 151 -69.67 -63.07 -73.59
N GLU LE 152 -68.84 -63.51 -72.65
CA GLU LE 152 -68.03 -64.72 -72.78
C GLU LE 152 -67.98 -65.40 -71.42
N ALA LE 153 -68.39 -66.66 -71.38
CA ALA LE 153 -68.48 -67.40 -70.12
C ALA LE 153 -67.13 -67.97 -69.72
N LYS LE 154 -66.95 -68.17 -68.41
CA LYS LE 154 -65.74 -68.78 -67.90
C LYS LE 154 -65.64 -70.24 -68.32
N GLU LE 155 -64.41 -70.72 -68.40
CA GLU LE 155 -64.14 -72.07 -68.87
C GLU LE 155 -64.48 -73.08 -67.78
N GLY LE 156 -65.37 -74.02 -68.09
CA GLY LE 156 -65.66 -75.12 -67.19
C GLY LE 156 -66.49 -74.76 -65.97
N MET LE 157 -67.24 -73.67 -66.01
CA MET LE 157 -68.07 -73.25 -64.89
C MET LE 157 -69.53 -73.53 -65.20
N LEU LE 158 -70.21 -74.23 -64.29
CA LEU LE 158 -71.61 -74.57 -64.44
C LEU LE 158 -72.41 -73.98 -63.29
N PHE LE 159 -73.58 -73.43 -63.62
CA PHE LE 159 -74.42 -72.76 -62.64
C PHE LE 159 -75.82 -72.60 -63.22
N ASP LE 160 -76.74 -72.16 -62.37
CA ASP LE 160 -78.12 -71.89 -62.78
C ASP LE 160 -78.75 -70.95 -61.78
N SER LE 161 -79.81 -70.27 -62.24
CA SER LE 161 -80.59 -69.34 -61.41
C SER LE 161 -79.71 -68.23 -60.83
N LEU LE 162 -79.07 -67.47 -61.72
CA LEU LE 162 -78.23 -66.35 -61.34
C LEU LE 162 -78.85 -65.06 -61.81
N PRO LE 163 -79.20 -64.13 -60.93
CA PRO LE 163 -79.87 -62.90 -61.34
C PRO LE 163 -78.91 -61.78 -61.74
N VAL LE 164 -79.40 -60.92 -62.63
CA VAL LE 164 -78.71 -59.71 -63.05
C VAL LE 164 -79.61 -58.53 -62.71
N ILE LE 165 -79.05 -57.54 -62.00
CA ILE LE 165 -79.83 -56.46 -61.42
C ILE LE 165 -79.31 -55.13 -61.96
N LEU LE 166 -80.23 -54.25 -62.33
CA LEU LE 166 -79.92 -52.88 -62.75
C LEU LE 166 -80.67 -51.91 -61.85
N ASN LE 167 -80.06 -50.74 -61.61
CA ASN LE 167 -80.62 -49.74 -60.71
C ASN LE 167 -80.71 -48.40 -61.42
N PHE LE 168 -81.72 -47.62 -61.07
CA PHE LE 168 -81.95 -46.30 -61.65
C PHE LE 168 -82.01 -45.25 -60.54
N GLN LE 169 -81.43 -44.08 -60.81
CA GLN LE 169 -81.49 -42.96 -59.89
C GLN LE 169 -81.64 -41.67 -60.67
N VAL LE 170 -82.52 -40.79 -60.17
CA VAL LE 170 -82.83 -39.53 -60.81
C VAL LE 170 -81.90 -38.46 -60.25
N LEU LE 171 -81.23 -37.73 -61.14
CA LEU LE 171 -80.33 -36.65 -60.73
C LEU LE 171 -80.93 -35.27 -60.88
N SER LE 172 -81.73 -35.05 -61.92
CA SER LE 172 -82.36 -33.75 -62.14
C SER LE 172 -83.52 -33.93 -63.11
N VAL LE 173 -84.60 -33.18 -62.87
CA VAL LE 173 -85.77 -33.20 -63.74
C VAL LE 173 -86.22 -31.76 -63.95
N SER LE 174 -86.76 -31.49 -65.14
CA SER LE 174 -87.25 -30.16 -65.48
C SER LE 174 -88.41 -30.24 -66.46
N THR ME 26 -121.47 2.06 -9.75
CA THR ME 26 -120.24 2.51 -10.39
C THR ME 26 -119.22 1.38 -10.44
N THR ME 27 -119.28 0.59 -11.51
CA THR ME 27 -118.40 -0.56 -11.68
C THR ME 27 -117.62 -0.40 -12.97
N GLN ME 28 -116.31 -0.66 -12.89
CA GLN ME 28 -115.42 -0.58 -14.04
C GLN ME 28 -115.11 -1.99 -14.54
N SER ME 29 -115.37 -2.24 -15.82
CA SER ME 29 -115.20 -3.59 -16.35
C SER ME 29 -113.97 -3.68 -17.24
N PRO ME 30 -113.26 -4.81 -17.20
CA PRO ME 30 -112.09 -4.98 -18.08
C PRO ME 30 -112.44 -5.40 -19.50
N LEU ME 31 -113.65 -5.94 -19.73
CA LEU ME 31 -114.14 -6.27 -21.06
C LEU ME 31 -113.28 -7.32 -21.75
N ASN ME 32 -112.97 -8.40 -21.03
CA ASN ME 32 -112.19 -9.50 -21.61
C ASN ME 32 -112.69 -10.86 -21.17
N SER ME 33 -113.95 -10.95 -20.72
CA SER ME 33 -114.52 -12.20 -20.22
C SER ME 33 -115.31 -12.91 -21.31
N PHE ME 34 -114.61 -13.30 -22.37
CA PHE ME 34 -115.21 -14.04 -23.48
C PHE ME 34 -114.26 -15.15 -23.93
N TYR ME 35 -114.82 -16.34 -24.15
CA TYR ME 35 -114.01 -17.49 -24.50
C TYR ME 35 -114.76 -18.40 -25.45
N ALA ME 36 -114.00 -19.24 -26.16
CA ALA ME 36 -114.52 -20.28 -27.03
C ALA ME 36 -113.54 -21.44 -27.02
N THR ME 37 -114.06 -22.67 -27.07
CA THR ME 37 -113.25 -23.86 -26.83
C THR ME 37 -113.50 -24.91 -27.90
N GLY ME 38 -112.41 -25.57 -28.31
CA GLY ME 38 -112.49 -26.73 -29.19
C GLY ME 38 -111.68 -27.89 -28.65
N THR ME 39 -111.53 -28.96 -29.44
CA THR ME 39 -110.81 -30.15 -28.98
C THR ME 39 -110.06 -30.77 -30.15
N ALA ME 40 -109.08 -31.61 -29.81
CA ALA ME 40 -108.31 -32.35 -30.81
C ALA ME 40 -107.79 -33.63 -30.18
N GLN ME 41 -107.43 -34.59 -31.03
CA GLN ME 41 -106.96 -35.88 -30.54
C GLN ME 41 -106.20 -36.61 -31.65
N ALA ME 42 -105.44 -37.62 -31.23
CA ALA ME 42 -104.75 -38.51 -32.17
C ALA ME 42 -104.48 -39.81 -31.42
N VAL ME 43 -105.18 -40.89 -31.78
CA VAL ME 43 -105.18 -42.10 -30.97
C VAL ME 43 -104.85 -43.35 -31.79
N GLN ME 44 -104.10 -43.21 -32.88
CA GLN ME 44 -103.70 -44.39 -33.65
C GLN ME 44 -102.42 -44.11 -34.43
N GLU ME 45 -101.68 -45.19 -34.71
CA GLU ME 45 -100.45 -45.12 -35.48
C GLU ME 45 -100.74 -45.01 -36.97
N PRO ME 46 -99.82 -44.42 -37.75
CA PRO ME 46 -100.11 -44.18 -39.16
C PRO ME 46 -100.42 -45.42 -39.98
N ILE ME 47 -99.74 -46.55 -39.72
CA ILE ME 47 -99.86 -47.72 -40.57
C ILE ME 47 -100.11 -48.96 -39.72
N ASP ME 48 -100.63 -49.99 -40.38
CA ASP ME 48 -100.81 -51.31 -39.79
C ASP ME 48 -100.26 -52.34 -40.77
N VAL ME 49 -99.57 -53.36 -40.27
CA VAL ME 49 -98.87 -54.32 -41.11
C VAL ME 49 -99.33 -55.73 -40.77
N GLU ME 50 -99.66 -56.51 -41.80
CA GLU ME 50 -100.08 -57.90 -41.64
C GLU ME 50 -99.29 -58.77 -42.61
N SER ME 51 -98.92 -59.97 -42.15
CA SER ME 51 -98.02 -60.84 -42.89
C SER ME 51 -98.75 -62.08 -43.40
N HIS ME 52 -98.37 -62.51 -44.61
CA HIS ME 52 -98.92 -63.72 -45.22
C HIS ME 52 -97.82 -64.52 -45.91
N LEU ME 53 -96.67 -64.67 -45.24
CA LEU ME 53 -95.55 -65.43 -45.80
C LEU ME 53 -95.74 -66.90 -45.40
N ASP ME 54 -96.35 -67.66 -46.30
CA ASP ME 54 -96.72 -69.05 -46.04
C ASP ME 54 -96.10 -70.01 -47.06
N ASN ME 55 -94.83 -69.81 -47.38
CA ASN ME 55 -94.08 -70.74 -48.21
C ASN ME 55 -92.73 -71.00 -47.58
N THR ME 56 -92.19 -72.19 -47.82
CA THR ME 56 -90.96 -72.65 -47.18
C THR ME 56 -89.88 -72.86 -48.23
N ILE ME 57 -88.70 -72.30 -47.98
CA ILE ME 57 -87.52 -72.58 -48.79
C ILE ME 57 -87.00 -73.96 -48.39
N ALA ME 58 -87.26 -74.96 -49.23
CA ALA ME 58 -86.92 -76.35 -48.91
C ALA ME 58 -86.13 -76.97 -50.07
N PRO ME 59 -84.86 -76.61 -50.21
CA PRO ME 59 -83.99 -77.27 -51.18
C PRO ME 59 -83.23 -78.42 -50.55
N ALA ME 60 -82.51 -79.16 -51.39
CA ALA ME 60 -81.59 -80.16 -50.90
C ALA ME 60 -80.30 -79.48 -50.41
N ALA ME 61 -79.47 -80.27 -49.71
CA ALA ME 61 -78.24 -79.74 -49.15
C ALA ME 61 -77.27 -79.36 -50.26
N GLY ME 62 -76.81 -78.11 -50.24
CA GLY ME 62 -75.84 -77.65 -51.21
C GLY ME 62 -76.40 -77.26 -52.57
N ALA ME 63 -77.72 -77.19 -52.71
CA ALA ME 63 -78.34 -76.91 -53.99
C ALA ME 63 -78.51 -75.41 -54.21
N GLN ME 64 -78.61 -75.03 -55.49
CA GLN ME 64 -78.88 -73.66 -55.90
C GLN ME 64 -80.32 -73.59 -56.41
N GLY ME 65 -81.08 -72.64 -55.90
CA GLY ME 65 -82.51 -72.65 -56.16
C GLY ME 65 -83.16 -71.34 -56.52
N TYR ME 66 -84.50 -71.35 -56.51
CA TYR ME 66 -85.33 -70.22 -56.94
C TYR ME 66 -86.73 -70.40 -56.38
N LYS ME 67 -87.18 -69.48 -55.53
CA LYS ME 67 -88.40 -69.71 -54.77
C LYS ME 67 -89.09 -68.38 -54.49
N ASP ME 68 -90.41 -68.42 -54.38
CA ASP ME 68 -91.22 -67.31 -53.92
C ASP ME 68 -91.84 -67.66 -52.56
N MET ME 69 -92.23 -66.64 -51.80
CA MET ME 69 -92.59 -66.82 -50.40
C MET ME 69 -94.05 -66.47 -50.09
N GLY ME 70 -94.49 -65.28 -50.49
CA GLY ME 70 -95.82 -64.81 -50.12
C GLY ME 70 -95.91 -63.30 -50.33
N TYR ME 71 -96.82 -62.67 -49.58
CA TYR ME 71 -97.00 -61.24 -49.70
C TYR ME 71 -97.35 -60.64 -48.34
N VAL ME 72 -97.16 -59.32 -48.23
CA VAL ME 72 -97.37 -58.59 -46.99
C VAL ME 72 -98.31 -57.42 -47.26
N LYS ME 73 -99.24 -57.19 -46.34
CA LYS ME 73 -100.24 -56.14 -46.49
C LYS ME 73 -99.93 -54.96 -45.56
N ILE ME 74 -100.07 -53.75 -46.09
CA ILE ME 74 -99.87 -52.51 -45.34
C ILE ME 74 -101.14 -51.69 -45.43
N ILE ME 75 -101.58 -51.15 -44.29
CA ILE ME 75 -102.82 -50.39 -44.20
C ILE ME 75 -102.49 -48.97 -43.75
N ASN ME 76 -103.04 -47.98 -44.45
CA ASN ME 76 -102.79 -46.56 -44.19
C ASN ME 76 -104.07 -45.84 -43.78
N TYR ME 77 -103.91 -44.91 -42.84
CA TYR ME 77 -105.03 -44.35 -42.07
C TYR ME 77 -105.20 -42.85 -42.36
N THR ME 78 -106.06 -42.22 -41.54
CA THR ME 78 -106.60 -40.91 -41.86
C THR ME 78 -105.51 -39.87 -42.09
N ASP ME 79 -105.68 -39.07 -43.14
CA ASP ME 79 -104.82 -37.94 -43.49
C ASP ME 79 -103.39 -38.36 -43.79
N VAL ME 80 -103.20 -39.58 -44.27
CA VAL ME 80 -101.89 -40.11 -44.65
C VAL ME 80 -101.86 -40.22 -46.17
N ASN ME 81 -100.79 -39.71 -46.79
CA ASN ME 81 -100.64 -39.77 -48.23
C ASN ME 81 -99.34 -40.41 -48.68
N VAL ME 82 -98.24 -40.13 -47.99
CA VAL ME 82 -96.92 -40.65 -48.36
C VAL ME 82 -96.25 -41.20 -47.12
N VAL ME 83 -95.65 -42.39 -47.25
CA VAL ME 83 -94.99 -43.07 -46.15
C VAL ME 83 -93.57 -43.44 -46.57
N LYS ME 84 -92.60 -43.17 -45.69
CA LYS ME 84 -91.22 -43.57 -45.87
C LYS ME 84 -90.91 -44.70 -44.90
N LEU ME 85 -90.35 -45.79 -45.42
CA LEU ME 85 -90.16 -47.00 -44.65
C LEU ME 85 -88.72 -47.48 -44.75
N LYS ME 86 -88.29 -48.22 -43.72
CA LYS ME 86 -87.00 -48.87 -43.70
C LYS ME 86 -87.20 -50.35 -43.38
N VAL ME 87 -86.66 -51.23 -44.22
CA VAL ME 87 -86.82 -52.67 -44.08
C VAL ME 87 -85.45 -53.30 -43.90
N THR ME 88 -85.34 -54.19 -42.92
CA THR ME 88 -84.08 -54.83 -42.59
C THR ME 88 -84.31 -56.29 -42.24
N LEU ME 89 -83.23 -57.07 -42.30
CA LEU ME 89 -83.23 -58.47 -41.89
C LEU ME 89 -82.79 -58.54 -40.44
N ALA ME 90 -83.71 -58.96 -39.56
CA ALA ME 90 -83.44 -58.91 -38.13
C ALA ME 90 -82.47 -59.99 -37.68
N ASN ME 91 -82.55 -61.19 -38.28
CA ASN ME 91 -81.74 -62.31 -37.82
C ASN ME 91 -80.75 -62.76 -38.88
N ALA ME 92 -80.08 -61.80 -39.53
CA ALA ME 92 -79.10 -62.14 -40.55
C ALA ME 92 -77.91 -62.89 -39.97
N ALA ME 93 -77.52 -62.56 -38.74
CA ALA ME 93 -76.37 -63.22 -38.13
C ALA ME 93 -76.64 -64.71 -37.91
N GLN ME 94 -77.86 -65.07 -37.52
CA GLN ME 94 -78.19 -66.47 -37.30
C GLN ME 94 -78.19 -67.26 -38.60
N LEU ME 95 -78.59 -66.63 -39.71
CA LEU ME 95 -78.69 -67.33 -40.99
C LEU ME 95 -77.36 -67.46 -41.71
N ARG ME 96 -76.31 -66.78 -41.25
CA ARG ME 96 -75.02 -66.85 -41.94
C ARG ME 96 -74.42 -68.25 -42.02
N PRO ME 97 -74.37 -69.06 -40.94
CA PRO ME 97 -73.74 -70.39 -41.07
C PRO ME 97 -74.50 -71.34 -41.97
N TYR ME 98 -75.73 -71.03 -42.36
CA TYR ME 98 -76.55 -71.95 -43.14
C TYR ME 98 -76.57 -71.66 -44.63
N PHE ME 99 -76.08 -70.49 -45.06
CA PHE ME 99 -76.19 -70.08 -46.45
C PHE ME 99 -74.89 -69.46 -46.92
N LYS ME 100 -74.54 -69.74 -48.18
CA LYS ME 100 -73.48 -68.98 -48.84
C LYS ME 100 -73.97 -67.59 -49.26
N TYR ME 101 -75.19 -67.51 -49.77
CA TYR ME 101 -75.80 -66.23 -50.09
C TYR ME 101 -77.31 -66.39 -50.08
N LEU ME 102 -78.00 -65.27 -49.86
CA LEU ME 102 -79.46 -65.25 -49.83
C LEU ME 102 -79.92 -63.84 -50.14
N GLN ME 103 -80.75 -63.69 -51.18
CA GLN ME 103 -81.21 -62.39 -51.62
C GLN ME 103 -82.73 -62.36 -51.66
N LEU ME 104 -83.30 -61.25 -51.20
CA LEU ME 104 -84.75 -61.06 -51.18
C LEU ME 104 -85.11 -59.87 -52.06
N VAL ME 105 -86.12 -60.06 -52.91
CA VAL ME 105 -86.57 -59.03 -53.85
C VAL ME 105 -88.00 -58.64 -53.49
N LEU ME 106 -88.23 -57.35 -53.31
CA LEU ME 106 -89.54 -56.82 -52.96
C LEU ME 106 -90.09 -56.00 -54.12
N THR ME 107 -91.32 -56.29 -54.52
CA THR ME 107 -91.96 -55.60 -55.63
C THR ME 107 -93.34 -55.12 -55.22
N SER ME 108 -93.69 -53.90 -55.64
CA SER ME 108 -95.02 -53.35 -55.42
C SER ME 108 -95.89 -53.69 -56.63
N ASN ME 109 -97.08 -54.22 -56.36
CA ASN ME 109 -97.97 -54.77 -57.38
C ASN ME 109 -99.40 -54.31 -57.19
N ALA ME 110 -99.72 -53.71 -56.03
CA ALA ME 110 -101.11 -53.42 -55.67
C ALA ME 110 -101.83 -52.63 -56.75
N SER ME 111 -101.10 -51.83 -57.53
CA SER ME 111 -101.64 -51.22 -58.74
C SER ME 111 -101.42 -52.18 -59.91
N SER ME 112 -102.52 -52.59 -60.54
CA SER ME 112 -102.43 -53.53 -61.65
C SER ME 112 -101.72 -52.94 -62.85
N THR ME 113 -101.61 -51.61 -62.93
CA THR ME 113 -100.93 -50.97 -64.05
C THR ME 113 -99.45 -50.72 -63.79
N VAL ME 114 -99.05 -50.52 -62.54
CA VAL ME 114 -97.68 -50.16 -62.19
C VAL ME 114 -97.12 -51.24 -61.27
N GLU ME 115 -96.32 -52.15 -61.82
CA GLU ME 115 -95.52 -53.09 -61.04
C GLU ME 115 -94.11 -52.53 -60.92
N GLU ME 116 -93.59 -52.45 -59.70
CA GLU ME 116 -92.26 -51.93 -59.47
C GLU ME 116 -91.54 -52.71 -58.38
N THR ME 117 -90.29 -53.08 -58.66
CA THR ME 117 -89.40 -53.61 -57.63
C THR ME 117 -88.77 -52.45 -56.87
N LYS ME 118 -88.84 -52.50 -55.54
CA LYS ME 118 -88.42 -51.37 -54.71
C LYS ME 118 -87.08 -51.57 -54.03
N ALA ME 119 -86.76 -52.78 -53.56
CA ALA ME 119 -85.51 -52.99 -52.85
C ALA ME 119 -85.05 -54.43 -53.01
N VAL ME 120 -83.76 -54.63 -52.81
CA VAL ME 120 -83.14 -55.96 -52.80
C VAL ME 120 -82.36 -56.08 -51.50
N LEU ME 121 -82.63 -57.12 -50.73
CA LEU ME 121 -81.96 -57.35 -49.46
C LEU ME 121 -81.06 -58.58 -49.56
N SER ME 122 -79.96 -58.54 -48.80
CA SER ME 122 -79.00 -59.63 -48.82
C SER ME 122 -78.37 -59.74 -47.44
N LEU ME 123 -77.61 -60.83 -47.23
CA LEU ME 123 -76.95 -61.06 -45.96
C LEU ME 123 -75.80 -60.09 -45.71
N LYS ME 124 -75.25 -59.50 -46.77
CA LYS ME 124 -74.17 -58.54 -46.62
C LYS ME 124 -74.67 -57.10 -46.48
N LYS ME 125 -75.80 -56.78 -47.11
CA LYS ME 125 -76.42 -55.46 -47.00
C LYS ME 125 -77.89 -55.67 -46.61
N PRO ME 126 -78.17 -55.81 -45.32
CA PRO ME 126 -79.51 -56.24 -44.89
C PRO ME 126 -80.58 -55.15 -44.91
N SER ME 127 -80.21 -53.88 -45.02
CA SER ME 127 -81.15 -52.78 -44.86
C SER ME 127 -81.35 -52.02 -46.16
N ALA ME 128 -82.56 -51.48 -46.32
CA ALA ME 128 -82.90 -50.67 -47.48
C ALA ME 128 -84.01 -49.70 -47.10
N VAL ME 129 -84.14 -48.64 -47.91
CA VAL ME 129 -85.15 -47.61 -47.70
C VAL ME 129 -85.99 -47.49 -48.97
N ILE ME 130 -87.31 -47.53 -48.81
CA ILE ME 130 -88.24 -47.49 -49.94
C ILE ME 130 -89.23 -46.35 -49.74
N ILE ME 131 -89.89 -45.98 -50.83
CA ILE ME 131 -90.86 -44.90 -50.85
C ILE ME 131 -92.17 -45.42 -51.43
N LEU ME 132 -93.28 -45.14 -50.75
CA LEU ME 132 -94.61 -45.46 -51.23
C LEU ME 132 -95.38 -44.15 -51.43
N ASP ME 133 -95.98 -44.00 -52.62
CA ASP ME 133 -96.65 -42.75 -52.97
C ASP ME 133 -98.07 -42.97 -53.48
N ASN ME 134 -98.66 -41.92 -54.06
CA ASN ME 134 -100.05 -41.97 -54.48
C ASN ME 134 -100.32 -43.10 -55.47
N ASP ME 135 -99.35 -43.41 -56.33
CA ASP ME 135 -99.56 -44.46 -57.33
C ASP ME 135 -99.64 -45.84 -56.69
N ASP ME 136 -98.89 -46.07 -55.60
CA ASP ME 136 -98.87 -47.40 -54.99
C ASP ME 136 -100.18 -47.70 -54.27
N TYR ME 137 -100.78 -46.70 -53.64
CA TYR ME 137 -101.96 -46.90 -52.80
C TYR ME 137 -103.20 -47.18 -53.64
N SER ME 138 -103.24 -48.35 -54.27
CA SER ME 138 -104.44 -48.79 -54.97
C SER ME 138 -105.50 -49.23 -53.97
N SER ME 139 -106.76 -49.15 -54.40
CA SER ME 139 -107.93 -49.28 -53.53
C SER ME 139 -107.93 -48.25 -52.41
N THR ME 140 -107.01 -47.29 -52.46
CA THR ME 140 -106.92 -46.13 -51.57
C THR ME 140 -106.59 -46.50 -50.13
N ASN ME 141 -106.43 -47.80 -49.83
CA ASN ME 141 -106.29 -48.21 -48.44
C ASN ME 141 -105.21 -49.23 -48.15
N LYS ME 142 -104.57 -49.84 -49.15
CA LYS ME 142 -103.65 -50.93 -48.83
C LYS ME 142 -102.54 -51.06 -49.87
N ILE ME 143 -101.42 -51.61 -49.42
CA ILE ME 143 -100.25 -51.94 -50.23
C ILE ME 143 -100.05 -53.45 -50.19
N GLN ME 144 -99.75 -54.04 -51.36
CA GLN ME 144 -99.43 -55.47 -51.45
C GLN ME 144 -98.01 -55.61 -51.98
N LEU ME 145 -97.18 -56.35 -51.24
CA LEU ME 145 -95.78 -56.57 -51.59
C LEU ME 145 -95.45 -58.04 -51.42
N LYS ME 146 -95.12 -58.72 -52.50
CA LYS ME 146 -94.62 -60.08 -52.43
C LYS ME 146 -93.10 -60.12 -52.33
N VAL ME 147 -92.59 -61.25 -51.84
CA VAL ME 147 -91.17 -61.43 -51.56
C VAL ME 147 -90.62 -62.46 -52.54
N GLU ME 148 -89.45 -62.15 -53.11
CA GLU ME 148 -88.79 -63.07 -54.03
C GLU ME 148 -87.42 -63.42 -53.48
N ALA ME 149 -87.11 -64.72 -53.46
CA ALA ME 149 -85.90 -65.22 -52.81
C ALA ME 149 -85.01 -65.95 -53.81
N TYR ME 150 -83.70 -65.69 -53.69
CA TYR ME 150 -82.67 -66.44 -54.39
C TYR ME 150 -81.66 -66.91 -53.36
N TYR ME 151 -81.19 -68.15 -53.49
CA TYR ME 151 -80.42 -68.74 -52.41
C TYR ME 151 -79.49 -69.82 -52.95
N GLU ME 152 -78.47 -70.14 -52.14
CA GLU ME 152 -77.64 -71.33 -52.31
C GLU ME 152 -77.31 -71.86 -50.93
N ALA ME 153 -77.63 -73.14 -50.70
CA ALA ME 153 -77.45 -73.75 -49.39
C ALA ME 153 -76.02 -74.22 -49.19
N LYS ME 154 -75.61 -74.29 -47.93
CA LYS ME 154 -74.28 -74.79 -47.59
C LYS ME 154 -74.17 -76.28 -47.89
N GLU ME 155 -72.96 -76.73 -48.16
CA GLU ME 155 -72.70 -78.10 -48.55
C GLU ME 155 -72.78 -79.02 -47.33
N GLY ME 156 -73.66 -80.01 -47.38
CA GLY ME 156 -73.72 -81.03 -46.36
C GLY ME 156 -74.34 -80.59 -45.04
N MET ME 157 -75.15 -79.54 -45.04
CA MET ME 157 -75.78 -79.04 -43.83
C MET ME 157 -77.26 -79.41 -43.83
N LEU ME 158 -77.72 -80.04 -42.76
CA LEU ME 158 -79.10 -80.46 -42.61
C LEU ME 158 -79.72 -79.79 -41.39
N PHE ME 159 -80.96 -79.32 -41.56
CA PHE ME 159 -81.64 -78.59 -40.51
C PHE ME 159 -83.13 -78.54 -40.82
N ASP ME 160 -83.90 -78.07 -39.86
CA ASP ME 160 -85.34 -77.89 -40.04
C ASP ME 160 -85.84 -76.87 -39.03
N SER ME 161 -87.00 -76.28 -39.34
CA SER ME 161 -87.66 -75.32 -38.46
C SER ME 161 -86.77 -74.12 -38.15
N LEU ME 162 -86.34 -73.44 -39.21
CA LEU ME 162 -85.51 -72.24 -39.08
C LEU ME 162 -86.28 -71.02 -39.56
N PRO ME 163 -86.51 -70.03 -38.69
CA PRO ME 163 -87.32 -68.87 -39.10
C PRO ME 163 -86.52 -67.76 -39.75
N VAL ME 164 -87.21 -67.01 -40.61
CA VAL ME 164 -86.67 -65.82 -41.25
C VAL ME 164 -87.55 -64.65 -40.85
N ILE ME 165 -86.93 -63.58 -40.35
CA ILE ME 165 -87.65 -62.47 -39.74
C ILE ME 165 -87.31 -61.18 -40.48
N LEU ME 166 -88.34 -60.37 -40.75
CA LEU ME 166 -88.19 -59.05 -41.34
C LEU ME 166 -88.81 -58.02 -40.41
N ASN ME 167 -88.23 -56.82 -40.38
CA ASN ME 167 -88.68 -55.75 -39.49
C ASN ME 167 -88.98 -54.50 -40.29
N PHE ME 168 -89.95 -53.72 -39.82
CA PHE ME 168 -90.35 -52.47 -40.47
C PHE ME 168 -90.28 -51.33 -39.46
N GLN ME 169 -89.83 -50.17 -39.94
CA GLN ME 169 -89.76 -48.97 -39.13
C GLN ME 169 -90.13 -47.76 -39.97
N VAL ME 170 -90.95 -46.89 -39.40
CA VAL ME 170 -91.44 -45.69 -40.08
C VAL ME 170 -90.48 -44.54 -39.80
N LEU ME 171 -90.03 -43.87 -40.85
CA LEU ME 171 -89.13 -42.74 -40.72
C LEU ME 171 -89.84 -41.39 -40.88
N SER ME 172 -90.82 -41.30 -41.76
CA SER ME 172 -91.55 -40.06 -41.98
C SER ME 172 -92.85 -40.37 -42.70
N VAL ME 173 -93.91 -39.66 -42.33
CA VAL ME 173 -95.21 -39.80 -42.96
C VAL ME 173 -95.78 -38.40 -43.21
N SER ME 174 -96.54 -38.28 -44.30
CA SER ME 174 -97.16 -37.01 -44.66
C SER ME 174 -98.47 -37.22 -45.40
N THR NE 26 -122.56 -0.92 13.37
CA THR NE 26 -121.50 -0.48 12.48
C THR NE 26 -120.44 -1.57 12.34
N THR NE 27 -120.64 -2.46 11.38
CA THR NE 27 -119.75 -3.59 11.14
C THR NE 27 -119.21 -3.54 9.72
N GLN NE 28 -117.90 -3.73 9.58
CA GLN NE 28 -117.24 -3.72 8.28
C GLN NE 28 -116.96 -5.16 7.87
N SER NE 29 -117.42 -5.55 6.68
CA SER NE 29 -117.27 -6.93 6.25
C SER NE 29 -116.21 -7.06 5.16
N PRO NE 30 -115.45 -8.15 5.16
CA PRO NE 30 -114.46 -8.35 4.10
C PRO NE 30 -115.03 -8.92 2.81
N LEU NE 31 -116.21 -9.54 2.86
CA LEU NE 31 -116.93 -10.01 1.68
C LEU NE 31 -116.15 -11.09 0.92
N ASN NE 32 -115.64 -12.08 1.67
CA ASN NE 32 -114.92 -13.19 1.06
C ASN NE 32 -115.27 -14.53 1.72
N SER NE 33 -116.41 -14.62 2.38
CA SER NE 33 -116.82 -15.83 3.08
C SER NE 33 -117.75 -16.68 2.23
N PHE NE 34 -117.23 -17.16 1.10
CA PHE NE 34 -117.98 -18.01 0.18
C PHE NE 34 -117.07 -19.12 -0.32
N TYR NE 35 -117.58 -20.34 -0.34
CA TYR NE 35 -116.78 -21.51 -0.72
C TYR NE 35 -117.65 -22.53 -1.44
N ALA NE 36 -116.97 -23.39 -2.20
CA ALA NE 36 -117.59 -24.53 -2.86
C ALA NE 36 -116.55 -25.65 -2.93
N THR NE 37 -117.01 -26.90 -2.78
CA THR NE 37 -116.10 -28.02 -2.58
C THR NE 37 -116.47 -29.19 -3.50
N GLY NE 38 -115.45 -29.84 -4.05
CA GLY NE 38 -115.61 -31.07 -4.79
C GLY NE 38 -114.65 -32.14 -4.31
N THR NE 39 -114.59 -33.28 -5.00
CA THR NE 39 -113.74 -34.39 -4.59
C THR NE 39 -113.18 -35.10 -5.82
N ALA NE 40 -112.10 -35.85 -5.60
CA ALA NE 40 -111.48 -36.65 -6.64
C ALA NE 40 -110.78 -37.85 -6.01
N GLN NE 41 -110.53 -38.88 -6.83
CA GLN NE 41 -109.91 -40.09 -6.32
C GLN NE 41 -109.32 -40.89 -7.48
N ALA NE 42 -108.45 -41.83 -7.13
CA ALA NE 42 -107.88 -42.79 -8.09
C ALA NE 42 -107.41 -43.99 -7.30
N VAL NE 43 -108.10 -45.12 -7.42
CA VAL NE 43 -107.89 -46.25 -6.53
C VAL NE 43 -107.63 -47.56 -7.28
N GLN NE 44 -107.11 -47.50 -8.50
CA GLN NE 44 -106.78 -48.73 -9.22
C GLN NE 44 -105.69 -48.47 -10.24
N GLU NE 45 -104.95 -49.54 -10.56
CA GLU NE 45 -103.88 -49.50 -11.54
C GLU NE 45 -104.44 -49.56 -12.96
N PRO NE 46 -103.71 -49.00 -13.95
CA PRO NE 46 -104.27 -48.90 -15.30
C PRO NE 46 -104.65 -50.24 -15.93
N ILE NE 47 -103.86 -51.30 -15.70
CA ILE NE 47 -104.07 -52.55 -16.41
C ILE NE 47 -104.10 -53.72 -15.42
N ASP NE 48 -104.66 -54.82 -15.88
CA ASP NE 48 -104.65 -56.09 -15.15
C ASP NE 48 -104.24 -57.18 -16.13
N VAL NE 49 -103.42 -58.12 -15.66
CA VAL NE 49 -102.82 -59.13 -16.53
C VAL NE 49 -103.14 -60.52 -16.00
N GLU NE 50 -103.59 -61.40 -16.88
CA GLU NE 50 -103.91 -62.79 -16.52
C GLU NE 50 -103.26 -63.72 -17.53
N SER NE 51 -102.74 -64.85 -17.06
CA SER NE 51 -101.94 -65.76 -17.87
C SER NE 51 -102.69 -67.07 -18.13
N HIS NE 52 -102.51 -67.60 -19.33
CA HIS NE 52 -103.08 -68.88 -19.73
C HIS NE 52 -102.08 -69.70 -20.53
N LEU NE 53 -100.82 -69.74 -20.09
CA LEU NE 53 -99.78 -70.51 -20.76
C LEU NE 53 -99.82 -71.94 -20.22
N ASP NE 54 -100.53 -72.81 -20.91
CA ASP NE 54 -100.77 -74.18 -20.46
C ASP NE 54 -100.29 -75.20 -21.50
N ASN NE 55 -99.11 -74.98 -22.07
CA ASN NE 55 -98.47 -75.96 -22.94
C ASN NE 55 -97.01 -76.11 -22.54
N THR NE 56 -96.47 -77.29 -22.76
CA THR NE 56 -95.12 -77.63 -22.33
C THR NE 56 -94.23 -77.91 -23.54
N ILE NE 57 -93.05 -77.29 -23.55
CA ILE NE 57 -92.03 -77.59 -24.54
C ILE NE 57 -91.37 -78.90 -24.13
N ALA NE 58 -91.71 -79.99 -24.81
CA ALA NE 58 -91.25 -81.33 -24.45
C ALA NE 58 -90.64 -82.02 -25.66
N PRO NE 59 -89.44 -81.63 -26.06
CA PRO NE 59 -88.73 -82.35 -27.12
C PRO NE 59 -87.80 -83.41 -26.53
N ALA NE 60 -87.20 -84.18 -27.43
CA ALA NE 60 -86.14 -85.10 -27.04
C ALA NE 60 -84.83 -84.33 -26.85
N ALA NE 61 -83.85 -85.01 -26.25
CA ALA NE 61 -82.58 -84.38 -25.98
C ALA NE 61 -81.85 -84.07 -27.27
N GLY NE 62 -81.46 -82.81 -27.45
CA GLY NE 62 -80.71 -82.40 -28.62
C GLY NE 62 -81.51 -82.18 -29.88
N ALA NE 63 -82.84 -82.16 -29.78
CA ALA NE 63 -83.70 -82.03 -30.96
C ALA NE 63 -83.99 -80.58 -31.27
N GLN NE 64 -84.34 -80.33 -32.53
CA GLN NE 64 -84.76 -79.01 -33.01
C GLN NE 64 -86.26 -79.05 -33.25
N GLY NE 65 -86.98 -78.08 -32.69
CA GLY NE 65 -88.42 -78.18 -32.69
C GLY NE 65 -89.22 -76.93 -33.02
N TYR NE 66 -90.52 -76.99 -32.77
CA TYR NE 66 -91.47 -75.94 -33.14
C TYR NE 66 -92.74 -76.13 -32.31
N LYS NE 67 -93.08 -75.14 -31.48
CA LYS NE 67 -94.14 -75.34 -30.49
C LYS NE 67 -94.83 -74.02 -30.20
N ASP NE 68 -96.10 -74.12 -29.84
CA ASP NE 68 -96.89 -72.99 -29.34
C ASP NE 68 -97.22 -73.23 -27.88
N MET NE 69 -97.53 -72.15 -27.15
CA MET NE 69 -97.63 -72.22 -25.69
C MET NE 69 -99.02 -71.89 -25.15
N GLY NE 70 -99.60 -70.77 -25.56
CA GLY NE 70 -100.86 -70.32 -25.00
C GLY NE 70 -101.06 -68.84 -25.31
N TYR NE 71 -101.85 -68.18 -24.48
CA TYR NE 71 -102.14 -66.77 -24.69
C TYR NE 71 -102.27 -66.06 -23.34
N VAL NE 72 -102.14 -64.74 -23.38
CA VAL NE 72 -102.17 -63.89 -22.20
C VAL NE 72 -103.20 -62.79 -22.40
N LYS NE 73 -103.97 -62.50 -21.34
CA LYS NE 73 -105.04 -61.51 -21.39
C LYS NE 73 -104.62 -60.24 -20.65
N ILE NE 74 -104.94 -59.09 -21.24
CA ILE NE 74 -104.67 -57.79 -20.66
C ILE NE 74 -105.98 -57.02 -20.58
N ILE NE 75 -106.24 -56.39 -19.43
CA ILE NE 75 -107.48 -55.67 -19.19
C ILE NE 75 -107.16 -54.21 -18.92
N ASN NE 76 -107.88 -53.31 -19.59
CA ASN NE 76 -107.65 -51.87 -19.51
C ASN NE 76 -108.88 -51.17 -18.94
N TYR NE 77 -108.62 -50.14 -18.14
CA TYR NE 77 -109.60 -49.55 -17.22
C TYR NE 77 -109.91 -48.10 -17.60
N THR NE 78 -110.64 -47.42 -16.71
CA THR NE 78 -111.30 -46.17 -17.02
C THR NE 78 -110.33 -45.12 -17.55
N ASP NE 79 -110.73 -44.42 -18.61
CA ASP NE 79 -110.02 -43.31 -19.21
C ASP NE 79 -108.64 -43.69 -19.74
N VAL NE 80 -108.47 -44.95 -20.13
CA VAL NE 80 -107.23 -45.46 -20.70
C VAL NE 80 -107.46 -45.72 -22.18
N ASN NE 81 -106.56 -45.22 -23.03
CA ASN NE 81 -106.67 -45.42 -24.47
C ASN NE 81 -105.43 -46.04 -25.08
N VAL NE 82 -104.24 -45.67 -24.64
CA VAL NE 82 -102.98 -46.16 -25.20
C VAL NE 82 -102.07 -46.57 -24.06
N VAL NE 83 -101.45 -47.73 -24.19
CA VAL NE 83 -100.56 -48.28 -23.17
C VAL NE 83 -99.21 -48.63 -23.82
N LYS NE 84 -98.13 -48.24 -23.15
CA LYS NE 84 -96.77 -48.60 -23.56
C LYS NE 84 -96.22 -49.61 -22.56
N LEU NE 85 -95.72 -50.73 -23.08
CA LEU NE 85 -95.32 -51.86 -22.25
C LEU NE 85 -93.89 -52.29 -22.58
N LYS NE 86 -93.25 -52.90 -21.59
CA LYS NE 86 -91.93 -53.50 -21.75
C LYS NE 86 -92.00 -54.94 -21.26
N VAL NE 87 -91.56 -55.87 -22.11
CA VAL NE 87 -91.62 -57.30 -21.81
C VAL NE 87 -90.21 -57.86 -21.83
N THR NE 88 -89.87 -58.65 -20.82
CA THR NE 88 -88.53 -59.20 -20.67
C THR NE 88 -88.62 -60.63 -20.15
N LEU NE 89 -87.52 -61.37 -20.35
CA LEU NE 89 -87.37 -62.72 -19.82
C LEU NE 89 -86.68 -62.63 -18.47
N ALA NE 90 -87.40 -63.00 -17.40
CA ALA NE 90 -86.88 -62.81 -16.06
C ALA NE 90 -85.78 -63.79 -15.70
N ASN NE 91 -85.89 -65.04 -16.16
CA ASN NE 91 -84.96 -66.09 -15.77
C ASN NE 91 -84.15 -66.60 -16.95
N ALA NE 92 -83.67 -65.68 -17.79
CA ALA NE 92 -82.87 -66.08 -18.95
C ALA NE 92 -81.56 -66.72 -18.53
N ALA NE 93 -80.96 -66.26 -17.43
CA ALA NE 93 -79.70 -66.81 -16.97
C ALA NE 93 -79.83 -68.28 -16.59
N GLN NE 94 -80.94 -68.65 -15.95
CA GLN NE 94 -81.15 -70.03 -15.55
C GLN NE 94 -81.34 -70.95 -16.76
N LEU NE 95 -81.95 -70.45 -17.82
CA LEU NE 95 -82.25 -71.26 -18.99
C LEU NE 95 -81.06 -71.41 -19.94
N ARG NE 96 -79.99 -70.65 -19.74
CA ARG NE 96 -78.85 -70.73 -20.65
C ARG NE 96 -78.20 -72.12 -20.70
N PRO NE 97 -77.90 -72.81 -19.60
CA PRO NE 97 -77.23 -74.12 -19.71
C PRO NE 97 -78.08 -75.20 -20.38
N TYR NE 98 -79.38 -74.97 -20.56
CA TYR NE 98 -80.28 -75.98 -21.09
C TYR NE 98 -80.58 -75.84 -22.57
N PHE NE 99 -80.24 -74.70 -23.18
CA PHE NE 99 -80.62 -74.44 -24.56
C PHE NE 99 -79.46 -73.81 -25.32
N LYS NE 100 -79.32 -74.19 -26.59
CA LYS NE 100 -78.45 -73.45 -27.50
C LYS NE 100 -79.09 -72.14 -27.93
N TYR NE 101 -80.38 -72.16 -28.22
CA TYR NE 101 -81.11 -70.93 -28.53
C TYR NE 101 -82.59 -71.15 -28.24
N LEU NE 102 -83.28 -70.05 -27.99
CA LEU NE 102 -84.72 -70.08 -27.69
C LEU NE 102 -85.30 -68.72 -28.03
N GLN NE 103 -86.30 -68.71 -28.90
CA GLN NE 103 -86.92 -67.48 -29.37
C GLN NE 103 -88.42 -67.52 -29.13
N LEU NE 104 -88.96 -66.39 -28.68
CA LEU NE 104 -90.39 -66.25 -28.41
C LEU NE 104 -90.96 -65.18 -29.31
N VAL NE 105 -92.10 -65.47 -29.94
CA VAL NE 105 -92.77 -64.57 -30.86
C VAL NE 105 -94.13 -64.21 -30.28
N LEU NE 106 -94.40 -62.90 -30.17
CA LEU NE 106 -95.65 -62.39 -29.63
C LEU NE 106 -96.44 -61.71 -30.74
N THR NE 107 -97.71 -62.09 -30.89
CA THR NE 107 -98.57 -61.53 -31.91
C THR NE 107 -99.89 -61.07 -31.30
N SER NE 108 -100.37 -59.92 -31.76
CA SER NE 108 -101.67 -59.40 -31.34
C SER NE 108 -102.72 -59.89 -32.33
N ASN NE 109 -103.81 -60.43 -31.80
CA ASN NE 109 -104.84 -61.12 -32.59
C ASN NE 109 -106.24 -60.69 -32.19
N ALA NE 110 -106.37 -60.00 -31.05
CA ALA NE 110 -107.68 -59.74 -30.46
C ALA NE 110 -108.65 -59.08 -31.45
N SER NE 111 -108.11 -58.33 -32.41
CA SER NE 111 -108.88 -57.86 -33.56
C SER NE 111 -108.83 -58.92 -34.66
N SER NE 112 -110.00 -59.43 -35.04
CA SER NE 112 -110.06 -60.48 -36.06
C SER NE 112 -109.61 -59.97 -37.42
N THR NE 113 -109.58 -58.66 -37.63
CA THR NE 113 -109.16 -58.10 -38.91
C THR NE 113 -107.68 -57.77 -38.95
N VAL NE 114 -107.07 -57.44 -37.81
CA VAL NE 114 -105.68 -56.99 -37.76
C VAL NE 114 -104.89 -57.94 -36.86
N GLU NE 115 -104.17 -58.88 -37.47
CA GLU NE 115 -103.18 -59.70 -36.78
C GLU NE 115 -101.81 -59.08 -36.97
N GLU NE 116 -101.09 -58.87 -35.87
CA GLU NE 116 -99.77 -58.27 -35.94
C GLU NE 116 -98.82 -58.92 -34.93
N THR NE 117 -97.63 -59.26 -35.41
CA THR NE 117 -96.53 -59.65 -34.52
C THR NE 117 -95.84 -58.40 -34.00
N LYS NE 118 -95.67 -58.32 -32.68
CA LYS NE 118 -95.18 -57.11 -32.03
C LYS NE 118 -93.72 -57.18 -31.60
N ALA NE 119 -93.26 -58.33 -31.09
CA ALA NE 119 -91.89 -58.42 -30.61
C ALA NE 119 -91.39 -59.85 -30.73
N VAL NE 120 -90.06 -59.99 -30.76
CA VAL NE 120 -89.39 -61.28 -30.74
C VAL NE 120 -88.37 -61.24 -29.60
N LEU NE 121 -88.44 -62.20 -28.71
CA LEU NE 121 -87.55 -62.29 -27.56
C LEU NE 121 -86.61 -63.48 -27.71
N SER NE 122 -85.40 -63.34 -27.19
CA SER NE 122 -84.39 -64.38 -27.28
C SER NE 122 -83.51 -64.33 -26.03
N LEU NE 123 -82.68 -65.36 -25.88
CA LEU NE 123 -81.79 -65.44 -24.73
C LEU NE 123 -80.67 -64.42 -24.79
N LYS NE 124 -80.35 -63.90 -25.98
CA LYS NE 124 -79.32 -62.89 -26.11
C LYS NE 124 -79.86 -61.46 -26.02
N LYS NE 125 -81.11 -61.25 -26.44
CA LYS NE 125 -81.78 -59.95 -26.34
C LYS NE 125 -83.13 -60.19 -25.68
N PRO NE 126 -83.16 -60.20 -24.34
CA PRO NE 126 -84.39 -60.64 -23.64
C PRO NE 126 -85.49 -59.61 -23.56
N SER NE 127 -85.22 -58.34 -23.85
CA SER NE 127 -86.18 -57.27 -23.60
C SER NE 127 -86.66 -56.65 -24.91
N ALA NE 128 -87.90 -56.16 -24.88
CA ALA NE 128 -88.50 -55.49 -26.03
C ALA NE 128 -89.57 -54.53 -25.55
N VAL NE 129 -89.90 -53.56 -26.40
CA VAL NE 129 -90.92 -52.56 -26.11
C VAL NE 129 -91.97 -52.59 -27.20
N ILE NE 130 -93.24 -52.66 -26.81
CA ILE NE 130 -94.35 -52.77 -27.74
C ILE NE 130 -95.35 -51.66 -27.47
N ILE NE 131 -96.23 -51.43 -28.45
CA ILE NE 131 -97.25 -50.39 -28.38
C ILE NE 131 -98.61 -51.01 -28.66
N LEU NE 132 -99.58 -50.72 -27.81
CA LEU NE 132 -100.97 -51.13 -28.02
C LEU NE 132 -101.83 -49.88 -28.19
N ASP NE 133 -102.63 -49.86 -29.24
CA ASP NE 133 -103.42 -48.69 -29.58
C ASP NE 133 -104.90 -49.00 -29.79
N ASN NE 134 -105.64 -48.04 -30.34
CA ASN NE 134 -107.09 -48.19 -30.49
C ASN NE 134 -107.46 -49.42 -31.31
N ASP NE 135 -106.64 -49.78 -32.31
CA ASP NE 135 -106.97 -50.92 -33.15
C ASP NE 135 -106.86 -52.24 -32.39
N ASP NE 136 -105.91 -52.33 -31.45
CA ASP NE 136 -105.71 -53.59 -30.74
C ASP NE 136 -106.85 -53.87 -29.77
N TYR NE 137 -107.38 -52.83 -29.12
CA TYR NE 137 -108.38 -53.01 -28.07
C TYR NE 137 -109.73 -53.42 -28.63
N SER NE 138 -109.82 -54.64 -29.14
CA SER NE 138 -111.10 -55.19 -29.58
C SER NE 138 -111.93 -55.58 -28.36
N SER NE 139 -113.25 -55.58 -28.55
CA SER NE 139 -114.24 -55.69 -27.48
C SER NE 139 -114.10 -54.54 -26.47
N THR NE 140 -113.27 -53.56 -26.77
CA THR NE 140 -113.08 -52.31 -26.02
C THR NE 140 -112.47 -52.53 -24.63
N ASN NE 141 -112.19 -53.79 -24.26
CA ASN NE 141 -111.78 -54.06 -22.89
C ASN NE 141 -110.59 -55.01 -22.71
N LYS NE 142 -110.13 -55.69 -23.76
CA LYS NE 142 -109.10 -56.70 -23.52
C LYS NE 142 -108.19 -56.88 -24.73
N ILE NE 143 -106.97 -57.34 -24.45
CA ILE NE 143 -105.96 -57.70 -25.43
C ILE NE 143 -105.67 -59.19 -25.30
N GLN NE 144 -105.54 -59.88 -26.43
CA GLN NE 144 -105.17 -61.29 -26.47
C GLN NE 144 -103.86 -61.43 -27.22
N LEU NE 145 -102.87 -62.06 -26.59
CA LEU NE 145 -101.54 -62.26 -27.16
C LEU NE 145 -101.11 -63.70 -26.93
N LYS NE 146 -100.94 -64.46 -28.00
CA LYS NE 146 -100.36 -65.79 -27.90
C LYS NE 146 -98.85 -65.76 -28.08
N VAL NE 147 -98.20 -66.81 -27.60
CA VAL NE 147 -96.74 -66.92 -27.57
C VAL NE 147 -96.32 -68.01 -28.53
N GLU NE 148 -95.29 -67.71 -29.33
CA GLU NE 148 -94.76 -68.69 -30.28
C GLU NE 148 -93.30 -68.93 -29.96
N ALA NE 149 -92.91 -70.21 -29.88
CA ALA NE 149 -91.58 -70.60 -29.43
C ALA NE 149 -90.83 -71.37 -30.50
N TYR NE 150 -89.55 -71.06 -30.65
CA TYR NE 150 -88.62 -71.84 -31.46
C TYR NE 150 -87.41 -72.16 -30.60
N TYR NE 151 -86.91 -73.39 -30.70
CA TYR NE 151 -85.92 -73.84 -29.73
C TYR NE 151 -85.04 -74.93 -30.33
N GLU NE 152 -83.89 -75.13 -29.70
CA GLU NE 152 -83.03 -76.29 -29.92
C GLU NE 152 -82.43 -76.68 -28.58
N ALA NE 153 -82.62 -77.93 -28.18
CA ALA NE 153 -82.19 -78.41 -26.88
C ALA NE 153 -80.72 -78.81 -26.91
N LYS NE 154 -80.08 -78.73 -25.74
CA LYS NE 154 -78.69 -79.15 -25.61
C LYS NE 154 -78.55 -80.66 -25.79
N GLU NE 155 -77.37 -81.08 -26.25
CA GLU NE 155 -77.12 -82.48 -26.55
C GLU NE 155 -76.93 -83.27 -25.26
N GLY NE 156 -77.74 -84.30 -25.07
CA GLY NE 156 -77.56 -85.21 -23.95
C GLY NE 156 -77.96 -84.67 -22.60
N MET NE 157 -78.81 -83.66 -22.54
CA MET NE 157 -79.25 -83.07 -21.27
C MET NE 157 -80.67 -83.49 -20.98
N LEU NE 158 -80.89 -84.03 -19.78
CA LEU NE 158 -82.21 -84.50 -19.36
C LEU NE 158 -82.63 -83.73 -18.11
N PHE NE 159 -83.90 -83.34 -18.08
CA PHE NE 159 -84.43 -82.54 -16.98
C PHE NE 159 -85.95 -82.57 -17.03
N ASP NE 160 -86.57 -82.04 -15.98
CA ASP NE 160 -88.02 -81.94 -15.91
C ASP NE 160 -88.38 -80.85 -14.91
N SER NE 161 -89.61 -80.34 -15.05
CA SER NE 161 -90.17 -79.32 -14.16
C SER NE 161 -89.29 -78.07 -14.13
N LEU NE 162 -89.10 -77.47 -15.31
CA LEU NE 162 -88.32 -76.24 -15.44
C LEU NE 162 -89.24 -75.10 -15.87
N PRO NE 163 -89.37 -74.03 -15.08
CA PRO NE 163 -90.30 -72.96 -15.41
C PRO NE 163 -89.68 -71.89 -16.31
N VAL NE 164 -90.56 -71.25 -17.09
CA VAL NE 164 -90.21 -70.10 -17.91
C VAL NE 164 -91.08 -68.93 -17.47
N ILE NE 165 -90.45 -67.80 -17.19
CA ILE NE 165 -91.10 -66.66 -16.54
C ILE NE 165 -90.98 -65.44 -17.45
N LEU NE 166 -92.07 -64.71 -17.60
CA LEU NE 166 -92.10 -63.43 -18.32
C LEU NE 166 -92.61 -62.35 -17.39
N ASN NE 167 -92.10 -61.13 -17.56
CA ASN NE 167 -92.45 -60.00 -16.71
C ASN NE 167 -92.95 -58.84 -17.54
N PHE NE 168 -93.86 -58.05 -16.98
CA PHE NE 168 -94.45 -56.90 -17.64
C PHE NE 168 -94.26 -55.66 -16.78
N GLN NE 169 -93.96 -54.53 -17.43
CA GLN NE 169 -93.82 -53.26 -16.75
C GLN NE 169 -94.41 -52.15 -17.62
N VAL NE 170 -95.17 -51.26 -16.98
CA VAL NE 170 -95.83 -50.16 -17.66
C VAL NE 170 -94.91 -48.95 -17.66
N LEU NE 171 -94.68 -48.38 -18.83
CA LEU NE 171 -93.84 -47.19 -18.96
C LEU NE 171 -94.64 -45.90 -19.11
N SER NE 172 -95.77 -45.93 -19.81
CA SER NE 172 -96.59 -44.75 -19.99
C SER NE 172 -97.98 -45.17 -20.42
N VAL NE 173 -99.00 -44.47 -19.93
CA VAL NE 173 -100.39 -44.72 -20.30
C VAL NE 173 -101.07 -43.38 -20.57
N SER NE 174 -102.01 -43.40 -21.50
CA SER NE 174 -102.75 -42.19 -21.85
C SER NE 174 -104.16 -42.53 -22.32
N THR OE 26 -119.32 -1.69 36.46
CA THR OE 26 -118.46 -1.30 35.36
C THR OE 26 -117.37 -2.36 35.12
N THR OE 27 -117.70 -3.35 34.30
CA THR OE 27 -116.80 -4.46 34.01
C THR OE 27 -116.54 -4.51 32.50
N GLN OE 28 -115.26 -4.67 32.14
CA GLN OE 28 -114.85 -4.76 30.75
C GLN OE 28 -114.56 -6.22 30.41
N SER OE 29 -115.21 -6.74 29.37
CA SER OE 29 -115.06 -8.14 29.05
C SER OE 29 -114.21 -8.34 27.80
N PRO OE 30 -113.39 -9.40 27.76
CA PRO OE 30 -112.60 -9.65 26.54
C PRO OE 30 -113.36 -10.38 25.45
N LEU OE 31 -114.48 -11.03 25.77
CA LEU OE 31 -115.38 -11.63 24.78
C LEU OE 31 -114.67 -12.76 24.00
N ASN OE 32 -114.00 -13.65 24.72
CA ASN OE 32 -113.34 -14.79 24.09
C ASN OE 32 -113.48 -16.06 24.91
N SER OE 33 -114.48 -16.13 25.78
CA SER OE 33 -114.68 -17.29 26.65
C SER OE 33 -115.70 -18.26 26.05
N PHE OE 34 -115.36 -18.81 24.89
CA PHE OE 34 -116.22 -19.78 24.22
C PHE OE 34 -115.35 -20.90 23.65
N TYR OE 35 -115.79 -22.15 23.83
CA TYR OE 35 -115.00 -23.30 23.41
C TYR OE 35 -115.92 -24.43 22.96
N ALA OE 36 -115.35 -25.32 22.17
CA ALA OE 36 -116.02 -26.56 21.73
C ALA OE 36 -114.95 -27.62 21.58
N THR OE 37 -115.30 -28.87 21.92
CA THR OE 37 -114.31 -29.93 22.04
C THR OE 37 -114.77 -31.19 21.32
N GLY OE 38 -113.83 -31.85 20.64
CA GLY OE 38 -114.06 -33.16 20.07
C GLY OE 38 -112.96 -34.15 20.45
N THR OE 39 -112.96 -35.34 19.85
CA THR OE 39 -111.99 -36.37 20.20
C THR OE 39 -111.62 -37.16 18.95
N ALA OE 40 -110.48 -37.86 19.03
CA ALA OE 40 -110.01 -38.73 17.97
C ALA OE 40 -109.15 -39.83 18.57
N GLN OE 41 -108.98 -40.92 17.82
CA GLN OE 41 -108.22 -42.06 18.30
C GLN OE 41 -107.81 -42.94 17.13
N ALA OE 42 -106.83 -43.81 17.39
CA ALA OE 42 -106.40 -44.83 16.43
C ALA OE 42 -105.71 -45.93 17.22
N VAL OE 43 -106.36 -47.09 17.33
CA VAL OE 43 -105.92 -48.12 18.27
C VAL OE 43 -105.73 -49.48 17.60
N GLN OE 44 -105.44 -49.52 16.30
CA GLN OE 44 -105.19 -50.80 15.64
C GLN OE 44 -104.31 -50.60 14.43
N GLU OE 45 -103.58 -51.67 14.06
CA GLU OE 45 -102.71 -51.68 12.90
C GLU OE 45 -103.50 -51.89 11.62
N PRO OE 46 -103.00 -51.41 10.48
CA PRO OE 46 -103.79 -51.47 9.24
C PRO OE 46 -104.21 -52.87 8.83
N ILE OE 47 -103.34 -53.87 8.99
CA ILE OE 47 -103.59 -55.20 8.44
C ILE OE 47 -103.38 -56.25 9.52
N ASP OE 48 -103.96 -57.43 9.28
CA ASP OE 48 -103.74 -58.62 10.09
C ASP OE 48 -103.45 -59.77 9.15
N VAL OE 49 -102.51 -60.64 9.54
CA VAL OE 49 -102.02 -61.70 8.67
C VAL OE 49 -102.15 -63.03 9.38
N GLU OE 50 -102.71 -64.03 8.68
CA GLU OE 50 -102.88 -65.37 9.21
C GLU OE 50 -102.37 -66.38 8.17
N SER OE 51 -101.72 -67.44 8.65
CA SER OE 51 -101.01 -68.39 7.79
C SER OE 51 -101.72 -69.73 7.78
N HIS OE 52 -101.74 -70.38 6.62
CA HIS OE 52 -102.30 -71.71 6.44
C HIS OE 52 -101.41 -72.57 5.55
N LEU OE 53 -100.10 -72.51 5.76
CA LEU OE 53 -99.15 -73.31 4.97
C LEU OE 53 -99.01 -74.67 5.64
N ASP OE 54 -99.79 -75.64 5.16
CA ASP OE 54 -99.85 -76.96 5.77
C ASP OE 54 -99.52 -78.06 4.76
N ASN OE 55 -98.48 -77.85 3.96
CA ASN OE 55 -97.95 -78.88 3.08
C ASN OE 55 -96.43 -78.93 3.21
N THR OE 56 -95.87 -80.11 2.99
CA THR OE 56 -94.45 -80.36 3.20
C THR OE 56 -93.78 -80.71 1.88
N ILE OE 57 -92.66 -80.05 1.59
CA ILE OE 57 -91.82 -80.41 0.46
C ILE OE 57 -91.03 -81.64 0.86
N ALA OE 58 -91.43 -82.80 0.36
CA ALA OE 58 -90.83 -84.09 0.74
C ALA OE 58 -90.41 -84.87 -0.49
N PRO OE 59 -89.32 -84.46 -1.15
CA PRO OE 59 -88.78 -85.25 -2.25
C PRO OE 59 -87.70 -86.22 -1.76
N ALA OE 60 -87.23 -87.05 -2.68
CA ALA OE 60 -86.06 -87.88 -2.41
C ALA OE 60 -84.79 -87.05 -2.53
N ALA OE 61 -83.69 -87.63 -2.06
CA ALA OE 61 -82.41 -86.92 -2.08
C ALA OE 61 -81.94 -86.71 -3.52
N GLY OE 62 -81.67 -85.46 -3.87
CA GLY OE 62 -81.16 -85.14 -5.19
C GLY OE 62 -82.19 -85.07 -6.29
N ALA OE 63 -83.48 -85.10 -5.96
CA ALA OE 63 -84.54 -85.13 -6.96
C ALA OE 63 -84.96 -83.71 -7.34
N GLN OE 64 -85.55 -83.60 -8.53
CA GLN OE 64 -86.11 -82.36 -9.04
C GLN OE 64 -87.64 -82.48 -8.99
N GLY OE 65 -88.30 -81.48 -8.40
CA GLY OE 65 -89.71 -81.64 -8.12
C GLY OE 65 -90.61 -80.45 -8.41
N TYR OE 66 -91.85 -80.54 -7.91
CA TYR OE 66 -92.91 -79.58 -8.20
C TYR OE 66 -94.00 -79.73 -7.14
N LYS OE 67 -94.23 -78.68 -6.34
CA LYS OE 67 -95.07 -78.83 -5.17
C LYS OE 67 -95.79 -77.51 -4.87
N ASP OE 68 -96.97 -77.62 -4.28
CA ASP OE 68 -97.71 -76.48 -3.74
C ASP OE 68 -97.76 -76.60 -2.23
N MET OE 69 -98.00 -75.47 -1.55
CA MET OE 69 -97.83 -75.39 -0.10
C MET OE 69 -99.11 -75.07 0.65
N GLY OE 70 -99.82 -74.02 0.26
CA GLY OE 70 -100.98 -73.56 1.00
C GLY OE 70 -101.32 -72.14 0.60
N TYR OE 71 -101.99 -71.43 1.51
CA TYR OE 71 -102.39 -70.05 1.24
C TYR OE 71 -102.31 -69.23 2.51
N VAL OE 72 -102.27 -67.91 2.33
CA VAL OE 72 -102.12 -66.95 3.42
C VAL OE 72 -103.24 -65.92 3.33
N LYS OE 73 -103.82 -65.56 4.47
CA LYS OE 73 -104.93 -64.62 4.54
C LYS OE 73 -104.46 -63.27 5.07
N ILE OE 74 -104.94 -62.20 4.44
CA ILE OE 74 -104.64 -60.83 4.85
C ILE OE 74 -105.97 -60.11 5.11
N ILE OE 75 -106.05 -59.39 6.22
CA ILE OE 75 -107.27 -58.70 6.63
C ILE OE 75 -106.99 -57.20 6.69
N ASN OE 76 -107.86 -56.40 6.09
CA ASN OE 76 -107.71 -54.96 6.00
C ASN OE 76 -108.85 -54.25 6.73
N TYR OE 77 -108.51 -53.13 7.38
CA TYR OE 77 -109.34 -52.51 8.41
C TYR OE 77 -109.79 -51.11 7.96
N THR OE 78 -110.39 -50.39 8.91
CA THR OE 78 -111.17 -49.18 8.61
C THR OE 78 -110.36 -48.15 7.83
N ASP OE 79 -110.99 -47.59 6.80
CA ASP OE 79 -110.46 -46.50 5.99
C ASP OE 79 -109.18 -46.89 5.26
N VAL OE 80 -109.02 -48.17 4.95
CA VAL OE 80 -107.86 -48.67 4.20
C VAL OE 80 -108.34 -49.09 2.82
N ASN OE 81 -107.64 -48.64 1.78
CA ASN OE 81 -108.00 -48.98 0.41
C ASN OE 81 -106.85 -49.62 -0.36
N VAL OE 82 -105.62 -49.14 -0.19
CA VAL OE 82 -104.47 -49.64 -0.92
C VAL OE 82 -103.33 -49.90 0.05
N VAL OE 83 -102.68 -51.05 -0.08
CA VAL OE 83 -101.59 -51.46 0.80
C VAL OE 83 -100.37 -51.82 -0.04
N LYS OE 84 -99.21 -51.32 0.37
CA LYS OE 84 -97.93 -51.66 -0.24
C LYS OE 84 -97.16 -52.56 0.72
N LEU OE 85 -96.70 -53.70 0.22
CA LEU OE 85 -96.09 -54.71 1.06
C LEU OE 85 -94.73 -55.13 0.51
N LYS OE 86 -93.88 -55.61 1.41
CA LYS OE 86 -92.58 -56.17 1.06
C LYS OE 86 -92.47 -57.56 1.69
N VAL OE 87 -92.15 -58.55 0.86
CA VAL OE 87 -92.07 -59.95 1.28
C VAL OE 87 -90.65 -60.44 1.05
N THR OE 88 -90.09 -61.12 2.05
CA THR OE 88 -88.72 -61.60 1.99
C THR OE 88 -88.63 -62.97 2.65
N LEU OE 89 -87.55 -63.68 2.32
CA LEU OE 89 -87.23 -64.97 2.92
C LEU OE 89 -86.31 -64.73 4.11
N ALA OE 90 -86.80 -65.03 5.32
CA ALA OE 90 -86.07 -64.68 6.52
C ALA OE 90 -84.88 -65.59 6.76
N ASN OE 91 -85.00 -66.87 6.43
CA ASN OE 91 -83.95 -67.84 6.75
C ASN OE 91 -83.35 -68.43 5.48
N ALA OE 92 -83.06 -67.58 4.48
CA ALA OE 92 -82.47 -68.06 3.25
C ALA OE 92 -81.07 -68.60 3.47
N ALA OE 93 -80.32 -68.02 4.40
CA ALA OE 93 -78.95 -68.47 4.66
C ALA OE 93 -78.93 -69.89 5.19
N GLN OE 94 -79.89 -70.24 6.05
CA GLN OE 94 -79.94 -71.60 6.60
C GLN OE 94 -80.29 -72.62 5.53
N LEU OE 95 -81.12 -72.26 4.57
CA LEU OE 95 -81.58 -73.19 3.54
C LEU OE 95 -80.57 -73.39 2.41
N ARG OE 96 -79.52 -72.56 2.34
CA ARG OE 96 -78.55 -72.70 1.25
C ARG OE 96 -77.85 -74.05 1.19
N PRO OE 97 -77.32 -74.61 2.28
CA PRO OE 97 -76.62 -75.90 2.15
C PRO OE 97 -77.50 -77.07 1.76
N TYR OE 98 -78.83 -76.91 1.81
CA TYR OE 98 -79.74 -78.02 1.54
C TYR OE 98 -80.32 -78.02 0.13
N PHE OE 99 -80.17 -76.94 -0.63
CA PHE OE 99 -80.80 -76.82 -1.93
C PHE OE 99 -79.83 -76.22 -2.94
N LYS OE 100 -79.91 -76.72 -4.18
CA LYS OE 100 -79.24 -76.05 -5.29
C LYS OE 100 -80.02 -74.81 -5.72
N TYR OE 101 -81.35 -74.90 -5.75
CA TYR OE 101 -82.19 -73.74 -6.04
C TYR OE 101 -83.57 -73.98 -5.46
N LEU OE 102 -84.27 -72.89 -5.18
CA LEU OE 102 -85.62 -72.95 -4.62
C LEU OE 102 -86.34 -71.66 -4.97
N GLN OE 103 -87.48 -71.77 -5.64
CA GLN OE 103 -88.23 -70.62 -6.09
C GLN OE 103 -89.66 -70.69 -5.58
N LEU OE 104 -90.18 -69.54 -5.13
CA LEU OE 104 -91.54 -69.44 -4.62
C LEU OE 104 -92.33 -68.48 -5.49
N VAL OE 105 -93.54 -68.88 -5.87
CA VAL OE 105 -94.42 -68.09 -6.73
C VAL OE 105 -95.67 -67.73 -5.95
N LEU OE 106 -95.98 -66.44 -5.91
CA LEU OE 106 -97.14 -65.93 -5.19
C LEU OE 106 -98.16 -65.40 -6.19
N THR OE 107 -99.41 -65.84 -6.06
CA THR OE 107 -100.48 -65.40 -6.96
C THR OE 107 -101.68 -64.94 -6.16
N SER OE 108 -102.30 -63.85 -6.62
CA SER OE 108 -103.53 -63.36 -6.02
C SER OE 108 -104.71 -63.98 -6.75
N ASN OE 109 -105.67 -64.51 -5.99
CA ASN OE 109 -106.76 -65.31 -6.51
C ASN OE 109 -108.10 -64.90 -5.88
N ALA OE 110 -108.06 -64.12 -4.81
CA ALA OE 110 -109.26 -63.84 -4.01
C ALA OE 110 -110.42 -63.31 -4.87
N SER OE 111 -110.11 -62.65 -5.97
CA SER OE 111 -111.09 -62.33 -7.00
C SER OE 111 -111.19 -63.47 -7.99
N SER OE 112 -112.37 -64.07 -8.10
CA SER OE 112 -112.56 -65.21 -8.99
C SER OE 112 -112.39 -64.83 -10.45
N THR OE 113 -112.47 -63.54 -10.78
CA THR OE 113 -112.32 -63.08 -12.15
C THR OE 113 -110.89 -62.70 -12.51
N VAL OE 114 -110.11 -62.24 -11.53
CA VAL OE 114 -108.76 -61.74 -11.77
C VAL OE 114 -107.78 -62.56 -10.95
N GLU OE 115 -107.12 -63.52 -11.60
CA GLU OE 115 -105.98 -64.24 -11.03
C GLU OE 115 -104.70 -63.58 -11.53
N GLU OE 116 -103.81 -63.24 -10.60
CA GLU OE 116 -102.55 -62.59 -10.96
C GLU OE 116 -101.41 -63.11 -10.10
N THR OE 117 -100.30 -63.44 -10.75
CA THR OE 117 -99.04 -63.70 -10.05
C THR OE 117 -98.34 -62.38 -9.77
N LYS OE 118 -97.95 -62.18 -8.53
CA LYS OE 118 -97.40 -60.89 -8.09
C LYS OE 118 -95.90 -60.86 -7.93
N ALA OE 119 -95.29 -61.93 -7.41
CA ALA OE 119 -93.85 -61.92 -7.18
C ALA OE 119 -93.30 -63.33 -7.26
N VAL OE 120 -92.00 -63.42 -7.52
CA VAL OE 120 -91.26 -64.67 -7.52
C VAL OE 120 -90.06 -64.49 -6.60
N LEU OE 121 -89.92 -65.37 -5.62
CA LEU OE 121 -88.82 -65.30 -4.66
C LEU OE 121 -87.86 -66.47 -4.88
N SER OE 122 -86.58 -66.22 -4.60
CA SER OE 122 -85.55 -67.23 -4.79
C SER OE 122 -84.47 -67.03 -3.73
N LEU OE 123 -83.56 -68.01 -3.64
CA LEU OE 123 -82.48 -67.93 -2.67
C LEU OE 123 -81.45 -66.88 -3.03
N LYS OE 124 -81.38 -66.47 -4.30
CA LYS OE 124 -80.44 -65.43 -4.71
C LYS OE 124 -81.04 -64.04 -4.63
N LYS OE 125 -82.35 -63.91 -4.85
CA LYS OE 125 -83.07 -62.63 -4.73
C LYS OE 125 -84.26 -62.85 -3.82
N PRO OE 126 -84.06 -62.74 -2.50
CA PRO OE 126 -85.10 -63.16 -1.55
C PRO OE 126 -86.24 -62.17 -1.36
N SER OE 127 -86.10 -60.92 -1.80
CA SER OE 127 -87.05 -59.88 -1.48
C SER OE 127 -87.78 -59.40 -2.72
N ALA OE 128 -89.03 -58.97 -2.52
CA ALA OE 128 -89.86 -58.43 -3.59
C ALA OE 128 -90.89 -57.47 -3.00
N VAL OE 129 -91.42 -56.61 -3.85
CA VAL OE 129 -92.41 -55.61 -3.47
C VAL OE 129 -93.65 -55.81 -4.34
N ILE OE 130 -94.82 -55.88 -3.71
CA ILE OE 130 -96.07 -56.12 -4.42
C ILE OE 130 -97.07 -55.03 -4.06
N ILE OE 131 -98.12 -54.93 -4.88
CA ILE OE 131 -99.16 -53.92 -4.72
C ILE OE 131 -100.51 -54.63 -4.69
N LEU OE 132 -101.33 -54.29 -3.71
CA LEU OE 132 -102.71 -54.77 -3.61
C LEU OE 132 -103.65 -53.58 -3.73
N ASP OE 133 -104.64 -53.70 -4.62
CA ASP OE 133 -105.54 -52.59 -4.91
C ASP OE 133 -107.01 -52.99 -4.81
N ASN OE 134 -107.90 -52.11 -5.30
CA ASN OE 134 -109.33 -52.33 -5.17
C ASN OE 134 -109.77 -53.65 -5.80
N ASP OE 135 -109.13 -54.07 -6.90
CA ASP OE 135 -109.54 -55.30 -7.56
C ASP OE 135 -109.22 -56.53 -6.72
N ASP OE 136 -108.12 -56.50 -5.96
CA ASP OE 136 -107.72 -57.67 -5.19
C ASP OE 136 -108.65 -57.91 -4.00
N TYR OE 137 -109.10 -56.84 -3.37
CA TYR OE 137 -109.89 -56.94 -2.14
C TYR OE 137 -111.30 -57.46 -2.41
N SER OE 138 -111.41 -58.73 -2.78
CA SER OE 138 -112.72 -59.36 -2.92
C SER OE 138 -113.29 -59.67 -1.54
N SER OE 139 -114.62 -59.74 -1.49
CA SER OE 139 -115.39 -59.78 -0.24
C SER OE 139 -115.14 -58.54 0.62
N THR OE 140 -114.42 -57.55 0.08
CA THR OE 140 -114.19 -56.24 0.68
C THR OE 140 -113.33 -56.31 1.93
N ASN OE 141 -112.90 -57.49 2.36
CA ASN OE 141 -112.25 -57.62 3.65
C ASN OE 141 -111.00 -58.50 3.69
N LYS OE 142 -110.68 -59.26 2.64
CA LYS OE 142 -109.57 -60.20 2.78
C LYS OE 142 -108.89 -60.46 1.43
N ILE OE 143 -107.61 -60.85 1.53
CA ILE OE 143 -106.78 -61.27 0.41
C ILE OE 143 -106.38 -62.72 0.62
N GLN OE 144 -106.43 -63.51 -0.45
CA GLN OE 144 -105.99 -64.90 -0.43
C GLN OE 144 -104.83 -65.06 -1.40
N LEU OE 145 -103.71 -65.59 -0.91
CA LEU OE 145 -102.50 -65.79 -1.69
C LEU OE 145 -101.94 -67.18 -1.42
N LYS OE 146 -101.93 -68.03 -2.44
CA LYS OE 146 -101.27 -69.33 -2.32
C LYS OE 146 -99.81 -69.25 -2.78
N VAL OE 147 -99.03 -70.23 -2.34
CA VAL OE 147 -97.59 -70.27 -2.57
C VAL OE 147 -97.28 -71.43 -3.49
N GLU OE 148 -96.43 -71.18 -4.50
CA GLU OE 148 -96.04 -72.22 -5.43
C GLU OE 148 -94.52 -72.37 -5.36
N ALA OE 149 -94.06 -73.61 -5.25
CA ALA OE 149 -92.65 -73.90 -5.01
C ALA OE 149 -92.07 -74.75 -6.13
N TYR OE 150 -90.85 -74.41 -6.55
CA TYR OE 150 -90.03 -75.22 -7.44
C TYR OE 150 -88.67 -75.40 -6.79
N TYR OE 151 -88.13 -76.62 -6.88
CA TYR OE 151 -86.96 -76.95 -6.07
C TYR OE 151 -86.14 -78.05 -6.72
N GLU OE 152 -84.88 -78.13 -6.30
CA GLU OE 152 -84.02 -79.27 -6.57
C GLU OE 152 -83.17 -79.51 -5.33
N ALA OE 153 -83.22 -80.74 -4.81
CA ALA OE 153 -82.53 -81.06 -3.56
C ALA OE 153 -81.07 -81.40 -3.83
N LYS OE 154 -80.23 -81.19 -2.82
CA LYS OE 154 -78.82 -81.53 -2.90
C LYS OE 154 -78.64 -83.04 -2.97
N GLU OE 155 -77.53 -83.46 -3.60
CA GLU OE 155 -77.26 -84.87 -3.82
C GLU OE 155 -76.79 -85.53 -2.52
N GLY OE 156 -77.51 -86.57 -2.09
CA GLY OE 156 -77.08 -87.36 -0.95
C GLY OE 156 -77.25 -86.70 0.40
N MET OE 157 -78.14 -85.73 0.53
CA MET OE 157 -78.37 -85.03 1.79
C MET OE 157 -79.70 -85.48 2.38
N LEU OE 158 -79.66 -85.91 3.64
CA LEU OE 158 -80.85 -86.39 4.34
C LEU OE 158 -81.10 -85.53 5.57
N PHE OE 159 -82.36 -85.18 5.80
CA PHE OE 159 -82.72 -84.29 6.90
C PHE OE 159 -84.21 -84.40 7.13
N ASP OE 160 -84.66 -83.79 8.23
CA ASP OE 160 -86.08 -83.74 8.56
C ASP OE 160 -86.33 -82.57 9.50
N SER OE 161 -87.59 -82.12 9.54
CA SER OE 161 -88.02 -81.05 10.44
C SER OE 161 -87.23 -79.76 10.19
N LEU OE 162 -87.29 -79.27 8.95
CA LEU OE 162 -86.62 -78.04 8.57
C LEU OE 162 -87.66 -76.98 8.22
N PRO OE 163 -87.70 -75.85 8.93
CA PRO OE 163 -88.74 -74.85 8.68
C PRO OE 163 -88.36 -73.85 7.59
N VAL OE 164 -89.39 -73.32 6.94
CA VAL OE 164 -89.27 -72.26 5.96
C VAL OE 164 -90.10 -71.08 6.45
N ILE OE 165 -89.50 -69.90 6.51
CA ILE OE 165 -90.08 -68.73 7.16
C ILE OE 165 -90.19 -67.59 6.14
N LEU OE 166 -91.34 -66.93 6.14
CA LEU OE 166 -91.57 -65.73 5.33
C LEU OE 166 -91.97 -64.58 6.24
N ASN OE 167 -91.57 -63.36 5.87
CA ASN OE 167 -91.81 -62.18 6.67
C ASN OE 167 -92.52 -61.12 5.83
N PHE OE 168 -93.37 -60.32 6.50
CA PHE OE 168 -94.12 -59.25 5.85
C PHE OE 168 -93.85 -57.93 6.55
N GLN OE 169 -93.73 -56.87 5.76
CA GLN OE 169 -93.55 -55.52 6.29
C GLN OE 169 -94.35 -54.53 5.45
N VAL OE 170 -95.03 -53.61 6.13
CA VAL OE 170 -95.86 -52.61 5.49
C VAL OE 170 -95.02 -51.37 5.22
N LEU OE 171 -95.04 -50.90 3.97
CA LEU OE 171 -94.31 -49.70 3.58
C LEU OE 171 -95.19 -48.46 3.48
N SER OE 172 -96.42 -48.60 3.00
CA SER OE 172 -97.33 -47.48 2.88
C SER OE 172 -98.75 -48.01 2.74
N VAL OE 173 -99.70 -47.29 3.35
CA VAL OE 173 -101.12 -47.63 3.27
C VAL OE 173 -101.91 -46.37 3.01
N SER OE 174 -103.01 -46.50 2.27
CA SER OE 174 -103.87 -45.37 1.96
C SER OE 174 -105.32 -45.80 1.80
N THR PE 26 -111.94 -0.10 58.55
CA THR PE 26 -111.31 0.22 57.27
C THR PE 26 -110.24 -0.81 56.93
N THR PE 27 -110.64 -1.90 56.27
CA THR PE 27 -109.75 -2.98 55.92
C THR PE 27 -109.75 -3.17 54.40
N GLN PE 28 -108.57 -3.32 53.83
CA GLN PE 28 -108.40 -3.52 52.39
C GLN PE 28 -108.09 -5.00 52.15
N SER PE 29 -108.89 -5.64 51.29
CA SER PE 29 -108.72 -7.07 51.07
C SER PE 29 -108.11 -7.35 49.70
N PRO PE 30 -107.25 -8.37 49.61
CA PRO PE 30 -106.67 -8.72 48.30
C PRO PE 30 -107.57 -9.57 47.42
N LEU PE 31 -108.58 -10.23 48.01
CA LEU PE 31 -109.60 -10.97 47.25
C LEU PE 31 -108.99 -12.12 46.46
N ASN PE 32 -108.14 -12.91 47.12
CA ASN PE 32 -107.55 -14.08 46.48
C ASN PE 32 -107.47 -15.27 47.42
N SER PE 33 -108.29 -15.30 48.46
CA SER PE 33 -108.26 -16.38 49.45
C SER PE 33 -109.32 -17.44 49.15
N PHE PE 34 -109.17 -18.09 47.99
CA PHE PE 34 -110.07 -19.15 47.58
C PHE PE 34 -109.27 -20.28 46.95
N TYR PE 35 -109.59 -21.52 47.33
CA TYR PE 35 -108.83 -22.68 46.87
C TYR PE 35 -109.75 -23.88 46.69
N ALA PE 36 -109.28 -24.83 45.89
CA ALA PE 36 -109.94 -26.12 45.69
C ALA PE 36 -108.86 -27.16 45.44
N THR PE 37 -109.07 -28.37 45.95
CA THR PE 37 -108.02 -29.38 45.98
C THR PE 37 -108.53 -30.72 45.47
N GLY PE 38 -107.68 -31.41 44.70
CA GLY PE 38 -107.94 -32.78 44.28
C GLY PE 38 -106.74 -33.68 44.55
N THR PE 39 -106.78 -34.91 44.07
CA THR PE 39 -105.70 -35.87 44.32
C THR PE 39 -105.52 -36.77 43.10
N ALA PE 40 -104.35 -37.41 43.04
CA ALA PE 40 -104.03 -38.35 41.98
C ALA PE 40 -103.02 -39.35 42.50
N GLN PE 41 -102.93 -40.51 41.83
CA GLN PE 41 -102.02 -41.56 42.26
C GLN PE 41 -101.78 -42.53 41.12
N ALA PE 42 -100.72 -43.34 41.27
CA ALA PE 42 -100.42 -44.43 40.34
C ALA PE 42 -99.53 -45.42 41.09
N VAL PE 43 -100.09 -46.59 41.41
CA VAL PE 43 -99.43 -47.50 42.34
C VAL PE 43 -99.29 -48.92 41.77
N GLN PE 44 -99.24 -49.07 40.45
CA GLN PE 44 -99.03 -50.40 39.87
C GLN PE 44 -98.40 -50.27 38.49
N GLU PE 45 -97.69 -51.34 38.11
CA GLU PE 45 -97.04 -51.43 36.81
C GLU PE 45 -98.04 -51.80 35.73
N PRO PE 46 -97.76 -51.42 34.47
CA PRO PE 46 -98.78 -51.63 33.41
C PRO PE 46 -99.17 -53.07 33.20
N ILE PE 47 -98.23 -54.01 33.29
CA ILE PE 47 -98.51 -55.40 32.92
C ILE PE 47 -98.05 -56.34 34.02
N ASP PE 48 -98.59 -57.56 33.99
CA ASP PE 48 -98.17 -58.64 34.86
C ASP PE 48 -97.99 -59.88 33.99
N VAL PE 49 -96.94 -60.67 34.27
CA VAL PE 49 -96.55 -61.79 33.42
C VAL PE 49 -96.49 -63.06 34.26
N GLU PE 50 -97.10 -64.13 33.76
CA GLU PE 50 -97.09 -65.42 34.43
C GLU PE 50 -96.72 -66.49 33.41
N SER PE 51 -95.94 -67.48 33.85
CA SER PE 51 -95.36 -68.48 32.96
C SER PE 51 -95.98 -69.85 33.20
N HIS PE 52 -96.17 -70.60 32.12
CA HIS PE 52 -96.66 -71.98 32.17
C HIS PE 52 -95.92 -72.87 31.20
N LEU PE 53 -94.59 -72.74 31.16
CA LEU PE 53 -93.75 -73.57 30.29
C LEU PE 53 -93.41 -74.85 31.04
N ASP PE 54 -94.20 -75.89 30.80
CA ASP PE 54 -94.09 -77.16 31.51
C ASP PE 54 -93.88 -78.33 30.57
N ASN PE 55 -93.01 -78.17 29.58
CA ASN PE 55 -92.60 -79.26 28.71
C ASN PE 55 -91.08 -79.23 28.56
N THR PE 56 -90.50 -80.41 28.34
CA THR PE 56 -89.06 -80.58 28.32
C THR PE 56 -88.61 -81.02 26.93
N ILE PE 57 -87.61 -80.35 26.38
CA ILE PE 57 -86.96 -80.78 25.15
C ILE PE 57 -86.04 -81.94 25.50
N ALA PE 58 -86.45 -83.17 25.18
CA ALA PE 58 -85.73 -84.37 25.57
C ALA PE 58 -85.50 -85.26 24.34
N PRO PE 59 -84.57 -84.88 23.47
CA PRO PE 59 -84.18 -85.75 22.36
C PRO PE 59 -82.99 -86.61 22.73
N ALA PE 60 -82.64 -87.51 21.82
CA ALA PE 60 -81.40 -88.26 21.94
C ALA PE 60 -80.22 -87.40 21.51
N ALA PE 61 -79.01 -87.88 21.82
CA ALA PE 61 -77.80 -87.14 21.50
C ALA PE 61 -77.61 -87.05 19.99
N GLY PE 62 -77.49 -85.82 19.48
CA GLY PE 62 -77.24 -85.61 18.07
C GLY PE 62 -78.45 -85.69 17.18
N ALA PE 63 -79.66 -85.74 17.75
CA ALA PE 63 -80.87 -85.90 16.97
C ALA PE 63 -81.44 -84.55 16.55
N GLN PE 64 -82.24 -84.58 15.48
CA GLN PE 64 -82.96 -83.42 14.97
C GLN PE 64 -84.43 -83.58 15.31
N GLY PE 65 -85.03 -82.56 15.92
CA GLY PE 65 -86.36 -82.75 16.48
C GLY PE 65 -87.37 -81.64 16.25
N TYR PE 66 -88.49 -81.73 16.97
CA TYR PE 66 -89.63 -80.84 16.79
C TYR PE 66 -90.50 -80.92 18.06
N LYS PE 67 -90.65 -79.82 18.78
CA LYS PE 67 -91.26 -79.89 20.10
C LYS PE 67 -91.97 -78.58 20.40
N ASP PE 68 -93.03 -78.67 21.21
CA ASP PE 68 -93.72 -77.51 21.77
C ASP PE 68 -93.50 -77.48 23.28
N MET PE 69 -93.67 -76.30 23.89
CA MET PE 69 -93.25 -76.08 25.26
C MET PE 69 -94.39 -75.74 26.22
N GLY PE 70 -95.21 -74.76 25.86
CA GLY PE 70 -96.25 -74.28 26.77
C GLY PE 70 -96.74 -72.92 26.31
N TYR PE 71 -97.26 -72.15 27.26
CA TYR PE 71 -97.78 -70.83 26.94
C TYR PE 71 -97.52 -69.88 28.11
N VAL PE 72 -97.60 -68.58 27.80
CA VAL PE 72 -97.31 -67.52 28.77
C VAL PE 72 -98.49 -66.55 28.79
N LYS PE 73 -98.87 -66.10 29.98
CA LYS PE 73 -100.00 -65.20 30.16
C LYS PE 73 -99.52 -63.80 30.49
N ILE PE 74 -100.17 -62.80 29.87
CA ILE PE 74 -99.87 -61.39 30.09
C ILE PE 74 -101.17 -60.71 30.52
N ILE PE 75 -101.09 -59.88 31.56
CA ILE PE 75 -102.25 -59.20 32.13
C ILE PE 75 -102.04 -57.70 32.01
N ASN PE 76 -103.06 -57.00 31.51
CA ASN PE 76 -103.01 -55.56 31.27
C ASN PE 76 -104.03 -54.83 32.13
N TYR PE 77 -103.65 -53.64 32.60
CA TYR PE 77 -104.31 -52.95 33.70
C TYR PE 77 -104.92 -51.63 33.23
N THR PE 78 -105.37 -50.84 34.21
CA THR PE 78 -106.26 -49.70 33.95
C THR PE 78 -105.66 -48.72 32.95
N ASP PE 79 -106.51 -48.29 32.00
CA ASP PE 79 -106.19 -47.26 31.02
C ASP PE 79 -105.04 -47.66 30.09
N VAL PE 80 -104.86 -48.97 29.87
CA VAL PE 80 -103.84 -49.49 28.98
C VAL PE 80 -104.53 -50.06 27.75
N ASN PE 81 -104.05 -49.68 26.57
CA ASN PE 81 -104.62 -50.16 25.32
C ASN PE 81 -103.61 -50.83 24.40
N VAL PE 82 -102.40 -50.30 24.31
CA VAL PE 82 -101.37 -50.82 23.42
C VAL PE 82 -100.06 -50.93 24.20
N VAL PE 83 -99.38 -52.07 24.04
CA VAL PE 83 -98.13 -52.34 24.74
C VAL PE 83 -97.06 -52.73 23.72
N LYS PE 84 -95.88 -52.15 23.87
CA LYS PE 84 -94.72 -52.50 23.07
C LYS PE 84 -93.73 -53.26 23.94
N LEU PE 85 -93.30 -54.43 23.46
CA LEU PE 85 -92.49 -55.35 24.26
C LEU PE 85 -91.23 -55.75 23.52
N LYS PE 86 -90.21 -56.11 24.28
CA LYS PE 86 -88.96 -56.65 23.75
C LYS PE 86 -88.67 -57.97 24.46
N VAL PE 87 -88.44 -59.02 23.68
CA VAL PE 87 -88.21 -60.36 24.20
C VAL PE 87 -86.83 -60.82 23.76
N THR PE 88 -86.06 -61.38 24.70
CA THR PE 88 -84.70 -61.81 24.43
C THR PE 88 -84.42 -63.11 25.17
N LEU PE 89 -83.37 -63.80 24.71
CA LEU PE 89 -82.89 -65.01 25.36
C LEU PE 89 -81.78 -64.61 26.33
N ALA PE 90 -82.03 -64.82 27.62
CA ALA PE 90 -81.11 -64.32 28.65
C ALA PE 90 -79.84 -65.16 28.74
N ASN PE 91 -79.95 -66.47 28.55
CA ASN PE 91 -78.81 -67.36 28.75
C ASN PE 91 -78.41 -68.06 27.45
N ALA PE 92 -78.36 -67.29 26.36
CA ALA PE 92 -77.97 -67.86 25.07
C ALA PE 92 -76.52 -68.33 25.07
N ALA PE 93 -75.65 -67.62 25.80
CA ALA PE 93 -74.24 -68.00 25.84
C ALA PE 93 -74.04 -69.37 26.48
N GLN PE 94 -74.81 -69.67 27.53
CA GLN PE 94 -74.69 -70.96 28.20
C GLN PE 94 -75.16 -72.10 27.31
N LEU PE 95 -76.18 -71.86 26.48
CA LEU PE 95 -76.76 -72.90 25.64
C LEU PE 95 -75.96 -73.17 24.37
N ARG PE 96 -74.98 -72.32 24.04
CA ARG PE 96 -74.22 -72.51 22.81
C ARG PE 96 -73.47 -73.84 22.73
N PRO PE 97 -72.72 -74.27 23.75
CA PRO PE 97 -71.98 -75.54 23.62
C PRO PE 97 -72.86 -76.77 23.50
N TYR PE 98 -74.16 -76.66 23.77
CA TYR PE 98 -75.04 -77.82 23.77
C TYR PE 98 -75.86 -77.98 22.50
N PHE PE 99 -75.90 -76.98 21.64
CA PHE PE 99 -76.77 -77.01 20.46
C PHE PE 99 -76.03 -76.48 19.24
N LYS PE 100 -76.30 -77.10 18.08
CA LYS PE 100 -75.89 -76.50 16.82
C LYS PE 100 -76.79 -75.34 16.44
N TYR PE 101 -78.10 -75.49 16.65
CA TYR PE 101 -79.04 -74.39 16.43
C TYR PE 101 -80.29 -74.64 17.28
N LEU PE 102 -80.99 -73.56 17.58
CA LEU PE 102 -82.21 -73.61 18.37
C LEU PE 102 -83.05 -72.39 18.06
N GLN PE 103 -84.28 -72.61 17.62
CA GLN PE 103 -85.17 -71.54 17.21
C GLN PE 103 -86.48 -71.62 17.97
N LEU PE 104 -86.96 -70.46 18.42
CA LEU PE 104 -88.21 -70.36 19.16
C LEU PE 104 -89.20 -69.51 18.37
N VAL PE 105 -90.44 -70.00 18.25
CA VAL PE 105 -91.49 -69.34 17.50
C VAL PE 105 -92.60 -68.95 18.47
N LEU PE 106 -92.98 -67.67 18.46
CA LEU PE 106 -94.02 -67.14 19.33
C LEU PE 106 -95.22 -66.74 18.48
N THR PE 107 -96.41 -67.22 18.88
CA THR PE 107 -97.64 -66.93 18.16
C THR PE 107 -98.71 -66.42 19.13
N SER PE 108 -99.46 -65.42 18.70
CA SER PE 108 -100.59 -64.91 19.47
C SER PE 108 -101.84 -65.65 19.02
N ASN PE 109 -102.62 -66.14 19.99
CA ASN PE 109 -103.74 -67.03 19.76
C ASN PE 109 -104.97 -66.61 20.57
N ALA PE 110 -104.78 -65.73 21.56
CA ALA PE 110 -105.83 -65.43 22.53
C ALA PE 110 -107.14 -65.04 21.86
N SER PE 111 -107.08 -64.46 20.66
CA SER PE 111 -108.25 -64.28 19.81
C SER PE 111 -108.46 -65.53 18.96
N SER PE 112 -109.60 -66.18 19.12
CA SER PE 112 -109.88 -67.40 18.38
C SER PE 112 -110.01 -67.15 16.89
N THR PE 113 -110.22 -65.91 16.46
CA THR PE 113 -110.34 -65.58 15.05
C THR PE 113 -109.02 -65.18 14.41
N VAL PE 114 -108.10 -64.60 15.18
CA VAL PE 114 -106.85 -64.07 14.65
C VAL PE 114 -105.70 -64.77 15.35
N GLU PE 115 -105.11 -65.76 14.67
CA GLU PE 115 -103.85 -66.37 15.09
C GLU PE 115 -102.71 -65.71 14.31
N GLU PE 116 -101.69 -65.25 15.02
CA GLU PE 116 -100.55 -64.59 14.38
C GLU PE 116 -99.25 -64.98 15.05
N THR PE 117 -98.25 -65.33 14.25
CA THR PE 117 -96.89 -65.47 14.72
C THR PE 117 -96.22 -64.10 14.75
N LYS PE 118 -95.62 -63.76 15.88
CA LYS PE 118 -95.09 -62.42 16.09
C LYS PE 118 -93.57 -62.32 15.97
N ALA PE 119 -92.83 -63.30 16.46
CA ALA PE 119 -91.37 -63.21 16.41
C ALA PE 119 -90.76 -64.60 16.36
N VAL PE 120 -89.53 -64.67 15.87
CA VAL PE 120 -88.73 -65.88 15.85
C VAL PE 120 -87.39 -65.56 16.51
N LEU PE 121 -87.03 -66.34 17.53
CA LEU PE 121 -85.79 -66.14 18.26
C LEU PE 121 -84.82 -67.27 17.96
N SER PE 122 -83.53 -66.96 17.99
CA SER PE 122 -82.49 -67.94 17.70
C SER PE 122 -81.25 -67.59 18.52
N LEU PE 123 -80.29 -68.52 18.52
CA LEU PE 123 -79.06 -68.31 19.27
C LEU PE 123 -78.17 -67.25 18.63
N LYS PE 124 -78.35 -66.97 17.35
CA LYS PE 124 -77.56 -65.93 16.68
C LYS PE 124 -78.22 -64.57 16.74
N LYS PE 125 -79.55 -64.52 16.77
CA LYS PE 125 -80.30 -63.27 16.89
C LYS PE 125 -81.29 -63.44 18.03
N PRO PE 126 -80.86 -63.19 19.28
CA PRO PE 126 -81.69 -63.56 20.43
C PRO PE 126 -82.83 -62.59 20.74
N SER PE 127 -82.85 -61.39 20.17
CA SER PE 127 -83.79 -60.36 20.57
C SER PE 127 -84.76 -60.04 19.44
N ALA PE 128 -85.97 -59.64 19.84
CA ALA PE 128 -87.01 -59.25 18.89
C ALA PE 128 -87.95 -58.27 19.58
N VAL PE 129 -88.68 -57.51 18.76
CA VAL PE 129 -89.65 -56.54 19.23
C VAL PE 129 -91.01 -56.85 18.62
N ILE PE 130 -92.04 -56.92 19.45
CA ILE PE 130 -93.38 -57.27 19.02
C ILE PE 130 -94.36 -56.19 19.47
N ILE PE 131 -95.54 -56.21 18.84
CA ILE PE 131 -96.59 -55.23 19.11
C ILE PE 131 -97.88 -55.98 19.44
N LEU PE 132 -98.53 -55.58 20.53
CA LEU PE 132 -99.83 -56.11 20.92
C LEU PE 132 -100.85 -54.99 20.87
N ASP PE 133 -101.97 -55.22 20.19
CA ASP PE 133 -102.97 -54.18 19.98
C ASP PE 133 -104.37 -54.63 20.37
N ASN PE 134 -105.38 -53.84 19.98
CA ASN PE 134 -106.76 -54.09 20.40
C ASN PE 134 -107.23 -55.48 19.98
N ASP PE 135 -106.77 -55.98 18.83
CA ASP PE 135 -107.22 -57.28 18.36
C ASP PE 135 -106.69 -58.41 19.23
N ASP PE 136 -105.47 -58.27 19.76
CA ASP PE 136 -104.88 -59.34 20.55
C ASP PE 136 -105.56 -59.50 21.90
N TYR PE 137 -105.95 -58.39 22.52
CA TYR PE 137 -106.51 -58.40 23.87
C TYR PE 137 -107.90 -59.00 23.92
N SER PE 138 -108.01 -60.30 23.68
CA SER PE 138 -109.27 -61.00 23.85
C SER PE 138 -109.58 -61.20 25.32
N SER PE 139 -110.87 -61.32 25.63
CA SER PE 139 -111.40 -61.26 26.99
C SER PE 139 -111.07 -59.94 27.68
N THR PE 140 -110.52 -58.98 26.94
CA THR PE 140 -110.25 -57.61 27.36
C THR PE 140 -109.17 -57.51 28.43
N ASN PE 141 -108.62 -58.64 28.88
CA ASN PE 141 -107.73 -58.61 30.03
C ASN PE 141 -106.46 -59.44 29.92
N LYS PE 142 -106.29 -60.28 28.89
CA LYS PE 142 -105.12 -61.16 28.90
C LYS PE 142 -104.68 -61.52 27.49
N ILE PE 143 -103.38 -61.85 27.39
CA ILE PE 143 -102.74 -62.34 26.17
C ILE PE 143 -102.22 -63.75 26.44
N GLN PE 144 -102.42 -64.64 25.46
CA GLN PE 144 -101.91 -66.00 25.52
C GLN PE 144 -100.93 -66.21 24.37
N LEU PE 145 -99.72 -66.65 24.70
CA LEU PE 145 -98.66 -66.87 23.72
C LEU PE 145 -97.99 -68.21 24.01
N LYS PE 146 -98.11 -69.15 23.09
CA LYS PE 146 -97.37 -70.40 23.19
C LYS PE 146 -96.03 -70.31 22.47
N VAL PE 147 -95.12 -71.21 22.84
CA VAL PE 147 -93.75 -71.22 22.36
C VAL PE 147 -93.54 -72.45 21.50
N GLU PE 148 -92.90 -72.26 20.34
CA GLU PE 148 -92.63 -73.37 19.44
C GLU PE 148 -91.12 -73.46 19.23
N ALA PE 149 -90.57 -74.67 19.37
CA ALA PE 149 -89.13 -74.87 19.37
C ALA PE 149 -88.70 -75.81 18.24
N TYR PE 150 -87.61 -75.45 17.58
CA TYR PE 150 -86.92 -76.31 16.62
C TYR PE 150 -85.45 -76.39 17.03
N TYR PE 151 -84.87 -77.58 16.96
CA TYR PE 151 -83.55 -77.77 17.56
C TYR PE 151 -82.81 -78.91 16.86
N GLU PE 152 -81.49 -78.90 17.05
CA GLU PE 152 -80.63 -80.04 16.74
C GLU PE 152 -79.55 -80.12 17.80
N ALA PE 153 -79.44 -81.28 18.44
CA ALA PE 153 -78.52 -81.45 19.56
C ALA PE 153 -77.11 -81.75 19.06
N LYS PE 154 -76.13 -81.42 19.88
CA LYS PE 154 -74.74 -81.72 19.56
C LYS PE 154 -74.49 -83.23 19.59
N GLU PE 155 -73.50 -83.65 18.81
CA GLU PE 155 -73.18 -85.06 18.68
C GLU PE 155 -72.45 -85.57 19.91
N GLY PE 156 -73.01 -86.59 20.56
CA GLY PE 156 -72.34 -87.24 21.66
C GLY PE 156 -72.30 -86.48 22.96
N MET PE 157 -73.21 -85.52 23.16
CA MET PE 157 -73.25 -84.73 24.38
C MET PE 157 -74.42 -85.17 25.24
N LEU PE 158 -74.14 -85.48 26.50
CA LEU PE 158 -75.15 -85.92 27.45
C LEU PE 158 -75.22 -84.96 28.62
N PHE PE 159 -76.44 -84.63 29.05
CA PHE PE 159 -76.65 -83.66 30.12
C PHE PE 159 -78.07 -83.80 30.63
N ASP PE 160 -78.35 -83.11 31.74
CA ASP PE 160 -79.68 -83.08 32.31
C ASP PE 160 -79.82 -81.84 33.18
N SER PE 161 -81.08 -81.44 33.41
CA SER PE 161 -81.40 -80.30 34.28
C SER PE 161 -80.75 -79.02 33.77
N LEU PE 162 -81.05 -78.65 32.53
CA LEU PE 162 -80.53 -77.43 31.93
C LEU PE 162 -81.67 -76.46 31.68
N PRO PE 163 -81.65 -75.27 32.28
CA PRO PE 163 -82.77 -74.34 32.13
C PRO PE 163 -82.65 -73.43 30.92
N VAL PE 164 -83.81 -73.01 30.42
CA VAL PE 164 -83.93 -72.04 29.35
C VAL PE 164 -84.72 -70.86 29.88
N ILE PE 165 -84.18 -69.65 29.71
CA ILE PE 165 -84.71 -68.45 30.36
C ILE PE 165 -85.06 -67.43 29.29
N LEU PE 166 -86.23 -66.80 29.44
CA LEU PE 166 -86.67 -65.71 28.58
C LEU PE 166 -86.96 -64.48 29.45
N ASN PE 167 -86.70 -63.30 28.90
CA ASN PE 167 -86.86 -62.05 29.62
C ASN PE 167 -87.78 -61.11 28.84
N PHE PE 168 -88.52 -60.29 29.58
CA PHE PE 168 -89.44 -59.32 28.99
C PHE PE 168 -89.12 -57.92 29.51
N GLN PE 169 -89.22 -56.93 28.63
CA GLN PE 169 -89.02 -55.53 28.99
C GLN PE 169 -90.00 -54.67 28.23
N VAL PE 170 -90.60 -53.71 28.94
CA VAL PE 170 -91.60 -52.81 28.38
C VAL PE 170 -90.89 -51.57 27.85
N LEU PE 171 -91.16 -51.22 26.59
CA LEU PE 171 -90.58 -50.04 25.97
C LEU PE 171 -91.53 -48.86 25.92
N SER PE 172 -92.82 -49.10 25.70
CA SER PE 172 -93.80 -48.02 25.63
C SER PE 172 -95.19 -48.61 25.82
N VAL PE 173 -96.05 -47.88 26.52
CA VAL PE 173 -97.43 -48.29 26.73
C VAL PE 173 -98.33 -47.07 26.51
N SER PE 174 -99.53 -47.32 26.00
CA SER PE 174 -100.50 -46.26 25.76
C SER PE 174 -101.92 -46.77 25.90
N THR QE 26 -100.80 3.92 78.66
CA THR QE 26 -100.44 4.13 77.27
C THR QE 26 -99.39 3.11 76.83
N THR QE 27 -99.85 1.96 76.35
CA THR QE 27 -98.97 0.87 75.94
C THR QE 27 -99.24 0.54 74.47
N GLN QE 28 -98.17 0.39 73.70
CA GLN QE 28 -98.24 0.04 72.29
C GLN QE 28 -97.90 -1.44 72.12
N SER QE 29 -98.81 -2.18 71.48
CA SER QE 29 -98.61 -3.62 71.36
C SER QE 29 -98.23 -4.00 69.93
N PRO QE 30 -97.35 -5.00 69.77
CA PRO QE 30 -96.99 -5.45 68.42
C PRO QE 30 -97.99 -6.42 67.80
N LEU QE 31 -98.85 -7.05 68.62
CA LEU QE 31 -99.93 -7.90 68.13
C LEU QE 31 -99.41 -9.10 67.34
N ASN QE 32 -98.41 -9.79 67.91
CA ASN QE 32 -97.88 -10.99 67.27
C ASN QE 32 -97.56 -12.09 68.28
N SER QE 33 -98.18 -12.05 69.45
CA SER QE 33 -97.91 -13.02 70.51
C SER QE 33 -98.95 -14.14 70.50
N PHE QE 34 -98.97 -14.89 69.40
CA PHE QE 34 -99.87 -16.03 69.25
C PHE QE 34 -99.13 -17.19 68.60
N TYR QE 35 -99.31 -18.39 69.13
CA TYR QE 35 -98.58 -19.55 68.64
C TYR QE 35 -99.45 -20.80 68.74
N ALA QE 36 -99.08 -21.81 67.95
CA ALA QE 36 -99.69 -23.13 68.00
C ALA QE 36 -98.61 -24.15 67.64
N THR QE 37 -98.66 -25.31 68.29
CA THR QE 37 -97.56 -26.28 68.21
C THR QE 37 -98.09 -27.68 67.92
N GLY QE 38 -97.36 -28.41 67.08
CA GLY QE 38 -97.61 -29.82 66.83
C GLY QE 38 -96.33 -30.63 66.95
N THR QE 39 -96.38 -31.91 66.59
CA THR QE 39 -95.23 -32.80 66.73
C THR QE 39 -95.22 -33.80 65.59
N ALA QE 40 -94.04 -34.39 65.36
CA ALA QE 40 -93.87 -35.43 64.35
C ALA QE 40 -92.71 -36.33 64.77
N GLN QE 41 -92.69 -37.54 64.20
CA GLN QE 41 -91.67 -38.51 64.54
C GLN QE 41 -91.57 -39.58 63.46
N ALA QE 42 -90.47 -40.32 63.49
CA ALA QE 42 -90.27 -41.48 62.61
C ALA QE 42 -89.21 -42.36 63.27
N VAL QE 43 -89.62 -43.52 63.79
CA VAL QE 43 -88.77 -44.31 64.66
C VAL QE 43 -88.66 -45.77 64.21
N GLN QE 44 -88.82 -46.04 62.91
CA GLN QE 44 -88.66 -47.41 62.43
C GLN QE 44 -88.28 -47.40 60.95
N GLU QE 45 -87.60 -48.47 60.53
CA GLU QE 45 -87.18 -48.66 59.15
C GLU QE 45 -88.35 -49.17 58.30
N PRO QE 46 -88.32 -48.89 56.99
CA PRO QE 46 -89.50 -49.25 56.15
C PRO QE 46 -89.85 -50.72 56.15
N ILE QE 47 -88.85 -51.62 56.14
CA ILE QE 47 -89.10 -53.04 55.96
C ILE QE 47 -88.40 -53.85 57.04
N ASP QE 48 -88.87 -55.08 57.22
CA ASP QE 48 -88.24 -56.06 58.09
C ASP QE 48 -88.14 -57.37 57.31
N VAL QE 49 -87.03 -58.08 57.46
CA VAL QE 49 -86.74 -59.26 56.64
C VAL QE 49 -86.45 -60.44 57.57
N GLU QE 50 -87.09 -61.58 57.29
CA GLU QE 50 -86.88 -62.81 58.06
C GLU QE 50 -86.64 -63.96 57.08
N SER QE 51 -85.74 -64.86 57.46
CA SER QE 51 -85.27 -65.91 56.57
C SER QE 51 -85.75 -67.29 57.04
N HIS QE 52 -86.09 -68.15 56.07
CA HIS QE 52 -86.50 -69.52 56.35
C HIS QE 52 -85.88 -70.47 55.34
N LEU QE 53 -84.59 -70.31 55.04
CA LEU QE 53 -83.89 -71.18 54.11
C LEU QE 53 -83.35 -72.37 54.88
N ASP QE 54 -84.11 -73.46 54.89
CA ASP QE 54 -83.80 -74.64 55.69
C ASP QE 54 -83.70 -75.89 54.82
N ASN QE 55 -83.03 -75.79 53.68
CA ASN QE 55 -82.71 -76.94 52.85
C ASN QE 55 -81.26 -76.86 52.42
N THR QE 56 -80.65 -78.03 52.21
CA THR QE 56 -79.24 -78.15 51.92
C THR QE 56 -79.02 -78.71 50.52
N ILE QE 57 -78.17 -78.05 49.74
CA ILE QE 57 -77.73 -78.58 48.46
C ILE QE 57 -76.69 -79.66 48.74
N ALA QE 58 -77.10 -80.92 48.61
CA ALA QE 58 -76.25 -82.06 48.95
C ALA QE 58 -76.18 -83.04 47.79
N PRO QE 59 -75.45 -82.72 46.73
CA PRO QE 59 -75.22 -83.68 45.65
C PRO QE 59 -73.93 -84.45 45.87
N ALA QE 60 -73.70 -85.41 44.99
CA ALA QE 60 -72.43 -86.11 44.95
C ALA QE 60 -71.39 -85.24 44.23
N ALA QE 61 -70.13 -85.65 44.36
CA ALA QE 61 -69.04 -84.89 43.76
C ALA QE 61 -69.13 -84.94 42.24
N GLY QE 62 -69.16 -83.77 41.61
CA GLY QE 62 -69.19 -83.68 40.16
C GLY QE 62 -70.54 -83.89 39.52
N ALA QE 63 -71.61 -83.93 40.30
CA ALA QE 63 -72.94 -84.22 39.78
C ALA QE 63 -73.65 -82.93 39.35
N GLN QE 64 -74.61 -83.10 38.45
CA GLN QE 64 -75.48 -82.02 37.99
C GLN QE 64 -76.86 -82.21 38.60
N GLY QE 65 -77.39 -81.16 39.23
CA GLY QE 65 -78.59 -81.34 40.03
C GLY QE 65 -79.68 -80.31 39.89
N TYR QE 66 -80.64 -80.37 40.81
CA TYR QE 66 -81.86 -79.55 40.78
C TYR QE 66 -82.48 -79.55 42.17
N LYS QE 67 -82.56 -78.38 42.82
CA LYS QE 67 -82.91 -78.35 44.23
C LYS QE 67 -83.64 -77.04 44.54
N ASP QE 68 -84.53 -77.10 45.53
CA ASP QE 68 -85.16 -75.93 46.11
C ASP QE 68 -84.67 -75.73 47.54
N MET QE 69 -84.80 -74.51 48.06
CA MET QE 69 -84.15 -74.15 49.31
C MET QE 69 -85.12 -73.76 50.42
N GLY QE 70 -86.05 -72.84 50.15
CA GLY QE 70 -86.93 -72.32 51.18
C GLY QE 70 -87.57 -71.03 50.71
N TYR QE 71 -87.96 -70.19 51.67
CA TYR QE 71 -88.59 -68.93 51.33
C TYR QE 71 -88.20 -67.86 52.34
N VAL QE 72 -88.38 -66.60 51.95
CA VAL QE 72 -87.99 -65.44 52.73
C VAL QE 72 -89.21 -64.52 52.89
N LYS QE 73 -89.38 -63.98 54.08
CA LYS QE 73 -90.51 -63.12 54.40
C LYS QE 73 -90.06 -61.66 54.51
N ILE QE 74 -90.86 -60.76 53.93
CA ILE QE 74 -90.62 -59.33 53.97
C ILE QE 74 -91.85 -58.66 54.56
N ILE QE 75 -91.62 -57.73 55.50
CA ILE QE 75 -92.71 -57.05 56.20
C ILE QE 75 -92.61 -55.55 55.92
N ASN QE 76 -93.74 -54.95 55.55
CA ASN QE 76 -93.81 -53.53 55.19
C ASN QE 76 -94.71 -52.76 56.15
N TYR QE 77 -94.31 -51.53 56.44
CA TYR QE 77 -94.81 -50.76 57.58
C TYR QE 77 -95.56 -49.51 57.11
N THR QE 78 -95.88 -48.65 58.08
CA THR QE 78 -96.86 -47.58 57.90
C THR QE 78 -96.51 -46.67 56.72
N ASP QE 79 -97.53 -46.37 55.91
CA ASP QE 79 -97.45 -45.43 54.80
C ASP QE 79 -96.47 -45.87 53.71
N VAL QE 80 -96.25 -47.18 53.58
CA VAL QE 80 -95.38 -47.75 52.57
C VAL QE 80 -96.25 -48.46 51.54
N ASN QE 81 -96.02 -48.19 50.26
CA ASN QE 81 -96.77 -48.81 49.19
C ASN QE 81 -95.91 -49.52 48.16
N VAL QE 82 -94.76 -48.94 47.80
CA VAL QE 82 -93.88 -49.52 46.79
C VAL QE 82 -92.45 -49.50 47.32
N VAL QE 83 -91.74 -50.61 47.14
CA VAL QE 83 -90.38 -50.77 47.61
C VAL QE 83 -89.49 -51.22 46.45
N LYS QE 84 -88.33 -50.58 46.32
CA LYS QE 84 -87.31 -50.96 45.36
C LYS QE 84 -86.15 -51.59 46.10
N LEU QE 85 -85.74 -52.79 45.66
CA LEU QE 85 -84.76 -53.59 46.38
C LEU QE 85 -83.64 -54.00 45.44
N LYS QE 86 -82.47 -54.25 46.05
CA LYS QE 86 -81.31 -54.79 45.34
C LYS QE 86 -80.82 -56.02 46.09
N VAL QE 87 -80.68 -57.14 45.38
CA VAL QE 87 -80.29 -58.41 45.96
C VAL QE 87 -78.98 -58.86 45.31
N THR QE 88 -78.03 -59.29 46.14
CA THR QE 88 -76.71 -59.68 45.67
C THR QE 88 -76.23 -60.90 46.46
N LEU QE 89 -75.25 -61.59 45.88
CA LEU QE 89 -74.58 -62.72 46.52
C LEU QE 89 -73.34 -62.18 47.24
N ALA QE 90 -73.35 -62.26 48.57
CA ALA QE 90 -72.29 -61.64 49.36
C ALA QE 90 -70.98 -62.41 49.28
N ASN QE 91 -71.04 -63.75 49.24
CA ASN QE 91 -69.84 -64.57 49.30
C ASN QE 91 -69.64 -65.36 48.01
N ALA QE 92 -69.83 -64.71 46.87
CA ALA QE 92 -69.64 -65.38 45.58
C ALA QE 92 -68.20 -65.79 45.37
N ALA QE 93 -67.25 -64.98 45.86
CA ALA QE 93 -65.84 -65.29 45.66
C ALA QE 93 -65.45 -66.59 46.38
N GLN QE 94 -66.00 -66.81 47.57
CA GLN QE 94 -65.69 -68.02 48.32
C GLN QE 94 -66.25 -69.27 47.64
N LEU QE 95 -67.41 -69.14 46.99
CA LEU QE 95 -68.06 -70.29 46.37
C LEU QE 95 -67.49 -70.64 45.00
N ARG QE 96 -66.64 -69.79 44.42
CA ARG QE 96 -66.11 -70.07 43.08
C ARG QE 96 -65.31 -71.37 43.00
N PRO QE 97 -64.36 -71.68 43.90
CA PRO QE 97 -63.59 -72.92 43.74
C PRO QE 97 -64.41 -74.19 43.89
N TYR QE 98 -65.64 -74.11 44.39
CA TYR QE 98 -66.44 -75.30 44.65
C TYR QE 98 -67.47 -75.61 43.58
N PHE QE 99 -67.72 -74.70 42.65
CA PHE QE 99 -68.78 -74.87 41.66
C PHE QE 99 -68.31 -74.44 40.28
N LYS QE 100 -68.74 -75.18 39.26
CA LYS QE 100 -68.59 -74.69 37.89
C LYS QE 100 -69.62 -73.61 37.58
N TYR QE 101 -70.86 -73.78 38.04
CA TYR QE 101 -71.88 -72.77 37.90
C TYR QE 101 -72.93 -72.97 38.97
N LEU QE 102 -73.64 -71.88 39.31
CA LEU QE 102 -74.68 -71.92 40.32
C LEU QE 102 -75.64 -70.76 40.06
N GLN QE 103 -76.92 -71.07 39.87
CA GLN QE 103 -77.92 -70.08 39.54
C GLN QE 103 -79.06 -70.13 40.55
N LEU QE 104 -79.53 -68.96 40.97
CA LEU QE 104 -80.63 -68.84 41.91
C LEU QE 104 -81.79 -68.11 41.24
N VAL QE 105 -82.99 -68.65 41.40
CA VAL QE 105 -84.21 -68.11 40.80
C VAL QE 105 -85.15 -67.68 41.92
N LEU QE 106 -85.59 -66.42 41.87
CA LEU QE 106 -86.48 -65.84 42.86
C LEU QE 106 -87.84 -65.58 42.23
N THR QE 107 -88.90 -66.06 42.87
CA THR QE 107 -90.26 -65.89 42.37
C THR QE 107 -91.16 -65.35 43.46
N SER QE 108 -92.04 -64.41 43.09
CA SER QE 108 -93.03 -63.87 44.01
C SER QE 108 -94.31 -64.70 43.87
N ASN QE 109 -94.85 -65.13 45.01
CA ASN QE 109 -95.96 -66.08 45.06
C ASN QE 109 -97.03 -65.65 46.05
N ALA QE 110 -96.73 -64.65 46.90
CA ALA QE 110 -97.60 -64.30 48.02
C ALA QE 110 -99.03 -64.03 47.57
N SER QE 111 -99.22 -63.57 46.34
CA SER QE 111 -100.54 -63.52 45.70
C SER QE 111 -100.81 -64.85 45.01
N SER QE 112 -101.87 -65.52 45.44
CA SER QE 112 -102.21 -66.82 44.88
C SER QE 112 -102.62 -66.73 43.41
N THR QE 113 -102.97 -65.53 42.94
CA THR QE 113 -103.36 -65.35 41.54
C THR QE 113 -102.20 -64.96 40.63
N VAL QE 114 -101.20 -64.27 41.17
CA VAL QE 114 -100.09 -63.75 40.37
C VAL QE 114 -98.79 -64.34 40.90
N GLU QE 115 -98.28 -65.36 40.22
CA GLU QE 115 -96.93 -65.88 40.45
C GLU QE 115 -96.00 -65.26 39.42
N GLU QE 116 -94.89 -64.69 39.89
CA GLU QE 116 -93.92 -64.05 39.00
C GLU QE 116 -92.51 -64.32 39.45
N THR QE 117 -91.65 -64.71 38.51
CA THR QE 117 -90.22 -64.74 38.73
C THR QE 117 -89.64 -63.35 38.51
N LYS QE 118 -88.86 -62.88 39.48
CA LYS QE 118 -88.37 -61.50 39.47
C LYS QE 118 -86.91 -61.36 39.06
N ALA QE 119 -86.04 -62.27 39.49
CA ALA QE 119 -84.63 -62.13 39.17
C ALA QE 119 -83.96 -63.48 39.14
N VAL QE 120 -82.83 -63.54 38.43
CA VAL QE 120 -81.98 -64.73 38.38
C VAL QE 120 -80.57 -64.29 38.75
N LEU QE 121 -79.98 -64.95 39.74
CA LEU QE 121 -78.64 -64.64 40.20
C LEU QE 121 -77.68 -65.76 39.84
N SER QE 122 -76.43 -65.38 39.60
CA SER QE 122 -75.40 -66.34 39.21
C SER QE 122 -74.06 -65.87 39.76
N LEU QE 123 -73.07 -66.76 39.67
CA LEU QE 123 -71.73 -66.43 40.15
C LEU QE 123 -71.03 -65.40 39.27
N LYS QE 124 -71.45 -65.25 38.02
CA LYS QE 124 -70.86 -64.27 37.13
C LYS QE 124 -71.57 -62.92 37.19
N LYS QE 125 -72.88 -62.91 37.46
CA LYS QE 125 -73.66 -61.69 37.61
C LYS QE 125 -74.42 -61.79 38.92
N PRO QE 126 -73.79 -61.41 40.03
CA PRO QE 126 -74.39 -61.70 41.35
C PRO QE 126 -75.50 -60.75 41.78
N SER QE 127 -75.67 -59.62 41.12
CA SER QE 127 -76.59 -58.58 41.60
C SER QE 127 -77.76 -58.41 40.65
N ALA QE 128 -78.90 -58.02 41.22
CA ALA QE 128 -80.11 -57.77 40.45
C ALA QE 128 -80.98 -56.77 41.21
N VAL QE 129 -81.88 -56.12 40.47
CA VAL QE 129 -82.80 -55.13 41.03
C VAL QE 129 -84.23 -55.57 40.70
N ILE QE 130 -85.09 -55.59 41.73
CA ILE QE 130 -86.46 -56.04 41.57
C ILE QE 130 -87.41 -54.95 42.09
N ILE QE 131 -88.68 -55.08 41.71
CA ILE QE 131 -89.72 -54.13 42.07
C ILE QE 131 -90.88 -54.90 42.71
N LEU QE 132 -91.34 -54.42 43.86
CA LEU QE 132 -92.52 -54.96 44.51
C LEU QE 132 -93.59 -53.88 44.56
N ASP QE 133 -94.80 -54.23 44.11
CA ASP QE 133 -95.89 -53.25 44.00
C ASP QE 133 -97.16 -53.71 44.69
N ASN QE 134 -98.27 -53.00 44.43
CA ASN QE 134 -99.53 -53.28 45.11
C ASN QE 134 -100.00 -54.72 44.90
N ASP QE 135 -99.72 -55.30 43.74
CA ASP QE 135 -100.18 -56.67 43.48
C ASP QE 135 -99.43 -57.68 44.33
N ASP QE 136 -98.15 -57.44 44.62
CA ASP QE 136 -97.36 -58.41 45.37
C ASP QE 136 -97.78 -58.46 46.83
N TYR QE 137 -98.12 -57.31 47.42
CA TYR QE 137 -98.41 -57.22 48.83
C TYR QE 137 -99.76 -57.86 49.19
N SER QE 138 -99.82 -59.19 49.10
CA SER QE 138 -101.00 -59.90 49.55
C SER QE 138 -101.02 -59.97 51.07
N SER QE 139 -102.23 -60.12 51.62
CA SER QE 139 -102.51 -59.95 53.05
C SER QE 139 -102.13 -58.56 53.54
N THR QE 140 -101.78 -57.65 52.63
CA THR QE 140 -101.51 -56.24 52.87
C THR QE 140 -100.27 -55.99 53.72
N ASN QE 141 -99.58 -57.06 54.16
CA ASN QE 141 -98.50 -56.88 55.11
C ASN QE 141 -97.22 -57.66 54.84
N LYS QE 142 -97.19 -58.58 53.89
CA LYS QE 142 -96.00 -59.41 53.76
C LYS QE 142 -95.79 -59.89 52.32
N ILE QE 143 -94.53 -60.17 52.01
CA ILE QE 143 -94.09 -60.76 50.75
C ILE QE 143 -93.46 -62.11 51.04
N GLN QE 144 -93.77 -63.10 50.20
CA GLN QE 144 -93.18 -64.43 50.28
C GLN QE 144 -92.42 -64.71 48.99
N LEU QE 145 -91.14 -65.07 49.12
CA LEU QE 145 -90.27 -65.34 47.99
C LEU QE 145 -89.48 -66.61 48.27
N LYS QE 146 -89.71 -67.65 47.47
CA LYS QE 146 -88.89 -68.85 47.54
C LYS QE 146 -87.71 -68.78 46.58
N VAL QE 147 -86.70 -69.60 46.87
CA VAL QE 147 -85.43 -69.60 46.14
C VAL QE 147 -85.32 -70.90 45.35
N GLU QE 148 -84.91 -70.80 44.09
CA GLU QE 148 -84.73 -71.98 43.26
C GLU QE 148 -83.29 -72.03 42.79
N ALA QE 149 -82.65 -73.19 42.92
CA ALA QE 149 -81.23 -73.35 42.68
C ALA QE 149 -80.97 -74.37 41.58
N TYR QE 150 -80.03 -74.04 40.70
CA TYR QE 150 -79.48 -74.95 39.71
C TYR QE 150 -77.96 -74.93 39.85
N TYR QE 151 -77.33 -76.10 39.77
CA TYR QE 151 -75.93 -76.19 40.13
C TYR QE 151 -75.25 -77.35 39.41
N GLU QE 152 -73.93 -77.27 39.36
CA GLU QE 152 -73.07 -78.40 38.98
C GLU QE 152 -71.82 -78.33 39.84
N ALA QE 153 -71.52 -79.42 40.55
CA ALA QE 153 -70.41 -79.46 41.48
C ALA QE 153 -69.10 -79.76 40.77
N LYS QE 154 -68.00 -79.30 41.36
CA LYS QE 154 -66.67 -79.57 40.82
C LYS QE 154 -66.34 -81.05 40.93
N GLU QE 155 -65.48 -81.50 40.03
CA GLU QE 155 -65.12 -82.91 39.96
C GLU QE 155 -64.16 -83.27 41.08
N GLY QE 156 -64.53 -84.25 41.90
CA GLY QE 156 -63.64 -84.77 42.91
C GLY QE 156 -63.41 -83.88 44.11
N MET QE 157 -64.32 -82.95 44.40
CA MET QE 157 -64.18 -82.04 45.52
C MET QE 157 -65.15 -82.44 46.62
N LEU QE 158 -64.63 -82.61 47.84
CA LEU QE 158 -65.44 -83.00 48.99
C LEU QE 158 -65.34 -81.93 50.07
N PHE QE 159 -66.48 -81.61 50.68
CA PHE QE 159 -66.55 -80.55 51.68
C PHE QE 159 -67.85 -80.70 52.45
N ASP QE 160 -67.96 -79.91 53.53
CA ASP QE 160 -69.17 -79.88 54.33
C ASP QE 160 -69.21 -78.58 55.10
N SER QE 161 -70.42 -78.21 55.52
CA SER QE 161 -70.66 -77.00 56.33
C SER QE 161 -70.18 -75.74 55.60
N LEU QE 162 -70.72 -75.52 54.41
CA LEU QE 162 -70.39 -74.34 53.61
C LEU QE 162 -71.61 -73.44 53.51
N PRO QE 163 -71.55 -72.20 53.98
CA PRO QE 163 -72.73 -71.33 53.96
C PRO QE 163 -72.88 -70.53 52.67
N VAL QE 164 -74.13 -70.21 52.36
CA VAL QE 164 -74.50 -69.36 51.24
C VAL QE 164 -75.24 -68.16 51.80
N ILE QE 165 -74.81 -66.95 51.44
CA ILE QE 165 -75.28 -65.72 52.06
C ILE QE 165 -75.88 -64.82 50.99
N LEU QE 166 -77.03 -64.23 51.30
CA LEU QE 166 -77.68 -63.24 50.45
C LEU QE 166 -77.88 -61.96 51.23
N ASN QE 167 -77.79 -60.81 50.55
CA ASN QE 167 -77.89 -59.51 51.18
C ASN QE 167 -78.97 -58.68 50.50
N PHE QE 168 -79.63 -57.82 51.27
CA PHE QE 168 -80.69 -56.96 50.79
C PHE QE 168 -80.36 -55.50 51.11
N GLN QE 169 -80.67 -54.61 50.18
CA GLN QE 169 -80.48 -53.18 50.38
C GLN QE 169 -81.64 -52.43 49.74
N VAL QE 170 -82.15 -51.43 50.46
CA VAL QE 170 -83.28 -50.63 50.01
C VAL QE 170 -82.75 -49.41 49.25
N LEU QE 171 -83.26 -49.20 48.04
CA LEU QE 171 -82.87 -48.07 47.23
C LEU QE 171 -83.88 -46.93 47.26
N SER QE 172 -85.18 -47.24 47.28
CA SER QE 172 -86.21 -46.22 47.31
C SER QE 172 -87.50 -46.84 47.79
N VAL QE 173 -88.27 -46.08 48.58
CA VAL QE 173 -89.57 -46.52 49.08
C VAL QE 173 -90.56 -45.37 48.92
N SER QE 174 -91.81 -45.72 48.67
CA SER QE 174 -92.87 -44.71 48.51
C SER QE 174 -94.21 -45.26 48.96
N THR RE 26 -86.49 10.28 95.95
CA THR RE 26 -86.39 10.37 94.50
C THR RE 26 -85.38 9.37 93.97
N THR RE 27 -85.85 8.16 93.68
CA THR RE 27 -85.00 7.06 93.21
C THR RE 27 -85.51 6.59 91.86
N GLN RE 28 -84.59 6.40 90.93
CA GLN RE 28 -84.90 5.92 89.58
C GLN RE 28 -84.51 4.45 89.48
N SER RE 29 -85.47 3.61 89.10
CA SER RE 29 -85.21 2.17 89.07
C SER RE 29 -85.08 1.66 87.64
N PRO RE 30 -84.18 0.69 87.40
CA PRO RE 30 -84.06 0.13 86.05
C PRO RE 30 -85.09 -0.92 85.71
N LEU RE 31 -85.74 -1.52 86.71
CA LEU RE 31 -86.86 -2.45 86.52
C LEU RE 31 -86.42 -3.69 85.75
N ASN RE 32 -85.31 -4.29 86.19
CA ASN RE 32 -84.82 -5.53 85.57
C ASN RE 32 -84.27 -6.51 86.59
N SER RE 33 -84.67 -6.38 87.85
CA SER RE 33 -84.16 -7.23 88.93
C SER RE 33 -85.11 -8.39 89.21
N PHE RE 34 -85.30 -9.24 88.20
CA PHE RE 34 -86.14 -10.42 88.32
C PHE RE 34 -85.46 -11.61 87.64
N TYR RE 35 -85.48 -12.76 88.31
CA TYR RE 35 -84.79 -13.93 87.80
C TYR RE 35 -85.55 -15.20 88.17
N ALA RE 36 -85.27 -16.26 87.41
CA ALA RE 36 -85.78 -17.59 87.68
C ALA RE 36 -84.74 -18.60 87.23
N THR RE 37 -84.60 -19.70 87.97
CA THR RE 37 -83.48 -20.62 87.78
C THR RE 37 -83.97 -22.06 87.72
N GLY RE 38 -83.36 -22.84 86.81
CA GLY RE 38 -83.57 -24.28 86.74
C GLY RE 38 -82.25 -25.02 86.70
N THR RE 39 -82.29 -26.34 86.47
CA THR RE 39 -81.09 -27.16 86.47
C THR RE 39 -81.23 -28.27 85.43
N ALA RE 40 -80.08 -28.83 85.05
CA ALA RE 40 -80.03 -29.96 84.12
C ALA RE 40 -78.77 -30.77 84.39
N GLN RE 41 -78.78 -32.02 83.93
CA GLN RE 41 -77.65 -32.91 84.17
C GLN RE 41 -77.70 -34.08 83.19
N ALA RE 42 -76.56 -34.76 83.08
CA ALA RE 42 -76.47 -35.99 82.29
C ALA RE 42 -75.26 -36.77 82.82
N VAL RE 43 -75.51 -37.89 83.50
CA VAL RE 43 -74.47 -38.55 84.27
C VAL RE 43 -74.35 -40.04 83.93
N GLN RE 44 -74.74 -40.44 82.71
CA GLN RE 44 -74.58 -41.85 82.34
C GLN RE 44 -74.48 -41.97 80.82
N GLU RE 45 -73.82 -43.05 80.37
CA GLU RE 45 -73.65 -43.35 78.96
C GLU RE 45 -74.92 -43.99 78.40
N PRO RE 46 -75.16 -43.84 77.08
CA PRO RE 46 -76.43 -44.31 76.50
C PRO RE 46 -76.69 -45.80 76.69
N ILE RE 47 -75.66 -46.65 76.59
CA ILE RE 47 -75.87 -48.09 76.58
C ILE RE 47 -74.93 -48.76 77.58
N ASP RE 48 -75.30 -49.99 77.94
CA ASP RE 48 -74.47 -50.86 78.76
C ASP RE 48 -74.43 -52.23 78.09
N VAL RE 49 -73.27 -52.87 78.10
CA VAL RE 49 -73.07 -54.12 77.36
C VAL RE 49 -72.55 -55.19 78.32
N GLU RE 50 -73.16 -56.37 78.26
CA GLU RE 50 -72.76 -57.51 79.08
C GLU RE 50 -72.62 -58.74 78.19
N SER RE 51 -71.62 -59.57 78.46
CA SER RE 51 -71.26 -60.68 77.61
C SER RE 51 -71.58 -62.02 78.27
N HIS RE 52 -72.03 -62.99 77.47
CA HIS RE 52 -72.31 -64.34 77.93
C HIS RE 52 -71.82 -65.37 76.90
N LEU RE 53 -70.62 -65.17 76.36
CA LEU RE 53 -70.04 -66.10 75.40
C LEU RE 53 -69.31 -67.19 76.17
N ASP RE 54 -70.00 -68.30 76.41
CA ASP RE 54 -69.49 -69.40 77.24
C ASP RE 54 -69.47 -70.72 76.48
N ASN RE 55 -69.02 -70.69 75.22
CA ASN RE 55 -68.80 -71.91 74.46
C ASN RE 55 -67.45 -71.82 73.76
N THR RE 56 -66.83 -72.97 73.54
CA THR RE 56 -65.48 -73.06 73.01
C THR RE 56 -65.50 -73.75 71.66
N ILE RE 57 -64.83 -73.14 70.68
CA ILE RE 57 -64.61 -73.77 69.39
C ILE RE 57 -63.47 -74.77 69.56
N ALA RE 58 -63.82 -76.06 69.62
CA ALA RE 58 -62.86 -77.12 69.90
C ALA RE 58 -62.96 -78.21 68.84
N PRO RE 59 -62.45 -77.96 67.64
CA PRO RE 59 -62.36 -79.01 66.62
C PRO RE 59 -61.01 -79.71 66.67
N ALA RE 60 -60.89 -80.75 65.85
CA ALA RE 60 -59.60 -81.39 65.63
C ALA RE 60 -58.76 -80.56 64.67
N ALA RE 61 -57.47 -80.90 64.59
CA ALA RE 61 -56.55 -80.15 63.74
C ALA RE 61 -56.92 -80.35 62.27
N GLY RE 62 -57.13 -79.26 61.55
CA GLY RE 62 -57.41 -79.31 60.14
C GLY RE 62 -58.85 -79.63 59.77
N ALA RE 63 -59.76 -79.64 60.74
CA ALA RE 63 -61.14 -80.03 60.50
C ALA RE 63 -61.99 -78.82 60.10
N GLN RE 64 -63.09 -79.10 59.41
CA GLN RE 64 -64.08 -78.11 59.02
C GLN RE 64 -65.31 -78.31 59.89
N GLY RE 65 -65.78 -77.22 60.51
CA GLY RE 65 -66.81 -77.37 61.53
C GLY RE 65 -67.96 -76.39 61.51
N TYR RE 66 -68.74 -76.40 62.59
CA TYR RE 66 -69.98 -75.64 62.71
C TYR RE 66 -70.33 -75.53 64.19
N LYS RE 67 -70.36 -74.30 64.73
CA LYS RE 67 -70.47 -74.14 66.17
C LYS RE 67 -71.19 -72.85 66.50
N ASP RE 68 -71.88 -72.84 67.65
CA ASP RE 68 -72.48 -71.65 68.22
C ASP RE 68 -71.74 -71.29 69.51
N MET RE 69 -71.84 -70.04 69.94
CA MET RE 69 -71.00 -69.53 71.02
C MET RE 69 -71.78 -69.07 72.24
N GLY RE 70 -72.79 -68.23 72.06
CA GLY RE 70 -73.50 -67.65 73.19
C GLY RE 70 -74.28 -66.43 72.73
N TYR RE 71 -74.55 -65.52 73.67
CA TYR RE 71 -75.30 -64.32 73.35
C TYR RE 71 -74.79 -63.15 74.16
N VAL RE 72 -75.11 -61.94 73.70
CA VAL RE 72 -74.65 -60.69 74.31
C VAL RE 72 -75.86 -59.82 74.60
N LYS RE 73 -75.86 -59.16 75.76
CA LYS RE 73 -76.96 -58.32 76.19
C LYS RE 73 -76.59 -56.85 76.08
N ILE RE 74 -77.52 -56.04 75.59
CA ILE RE 74 -77.35 -54.59 75.45
C ILE RE 74 -78.49 -53.92 76.22
N ILE RE 75 -78.16 -52.90 77.01
CA ILE RE 75 -79.14 -52.20 77.83
C ILE RE 75 -79.17 -50.73 77.40
N ASN RE 76 -80.38 -50.21 77.21
CA ASN RE 76 -80.60 -48.84 76.73
C ASN RE 76 -81.35 -48.02 77.77
N TYR RE 77 -80.97 -46.75 77.88
CA TYR RE 77 -81.30 -45.89 79.01
C TYR RE 77 -82.20 -44.72 78.58
N THR RE 78 -82.39 -43.78 79.51
CA THR RE 78 -83.43 -42.78 79.42
C THR RE 78 -83.36 -41.98 78.12
N ASP RE 79 -84.53 -41.79 77.49
CA ASP RE 79 -84.70 -40.97 76.30
C ASP RE 79 -83.91 -41.47 75.11
N VAL RE 80 -83.64 -42.77 75.05
CA VAL RE 80 -82.94 -43.42 73.94
C VAL RE 80 -83.94 -44.25 73.16
N ASN RE 81 -83.94 -44.09 71.84
CA ASN RE 81 -84.86 -44.84 70.98
C ASN RE 81 -84.15 -45.61 69.89
N VAL RE 82 -83.12 -45.04 69.28
CA VAL RE 82 -82.40 -45.66 68.16
C VAL RE 82 -80.91 -45.54 68.42
N VAL RE 83 -80.18 -46.64 68.22
CA VAL RE 83 -78.74 -46.69 68.44
C VAL RE 83 -78.06 -47.21 67.19
N LYS RE 84 -76.98 -46.55 66.79
CA LYS RE 84 -76.13 -46.98 65.68
C LYS RE 84 -74.81 -47.49 66.25
N LEU RE 85 -74.43 -48.70 65.85
CA LEU RE 85 -73.29 -49.39 66.44
C LEU RE 85 -72.32 -49.86 65.36
N LYS RE 86 -71.06 -50.00 65.75
CA LYS RE 86 -70.01 -50.56 64.90
C LYS RE 86 -69.33 -51.69 65.65
N VAL RE 87 -69.26 -52.86 65.03
CA VAL RE 87 -68.69 -54.05 65.64
C VAL RE 87 -67.50 -54.51 64.81
N THR RE 88 -66.40 -54.82 65.48
CA THR RE 88 -65.17 -55.20 64.81
C THR RE 88 -64.48 -56.32 65.59
N LEU RE 89 -63.59 -57.03 64.90
CA LEU RE 89 -62.74 -58.06 65.52
C LEU RE 89 -61.43 -57.41 65.94
N ALA RE 90 -61.20 -57.36 67.25
CA ALA RE 90 -60.05 -56.62 67.77
C ALA RE 90 -58.73 -57.34 67.53
N ASN RE 91 -58.73 -58.68 67.61
CA ASN RE 91 -57.49 -59.44 67.52
C ASN RE 91 -57.48 -60.35 66.30
N ALA RE 92 -57.91 -59.81 65.15
CA ALA RE 92 -57.93 -60.60 63.92
C ALA RE 92 -56.52 -60.97 63.47
N ALA RE 93 -55.55 -60.08 63.71
CA ALA RE 93 -54.17 -60.36 63.29
C ALA RE 93 -53.60 -61.56 64.03
N GLN RE 94 -53.90 -61.69 65.33
CA GLN RE 94 -53.40 -62.81 66.10
C GLN RE 94 -54.00 -64.14 65.65
N LEU RE 95 -55.26 -64.13 65.22
CA LEU RE 95 -55.95 -65.35 64.83
C LEU RE 95 -55.62 -65.81 63.42
N ARG RE 96 -54.93 -64.99 62.62
CA ARG RE 96 -54.64 -65.37 61.24
C ARG RE 96 -53.79 -66.64 61.12
N PRO RE 97 -52.68 -66.82 61.85
CA PRO RE 97 -51.88 -68.04 61.66
C PRO RE 97 -52.59 -69.32 62.08
N TYR RE 98 -53.71 -69.24 62.77
CA TYR RE 98 -54.38 -70.42 63.30
C TYR RE 98 -55.56 -70.89 62.45
N PHE RE 99 -56.04 -70.08 61.51
CA PHE RE 99 -57.24 -70.39 60.75
C PHE RE 99 -57.05 -70.06 59.28
N LYS RE 100 -57.62 -70.92 58.42
CA LYS RE 100 -57.75 -70.56 57.02
C LYS RE 100 -58.88 -69.56 56.80
N TYR RE 101 -59.99 -69.74 57.50
CA TYR RE 101 -61.09 -68.78 57.46
C TYR RE 101 -61.91 -68.92 58.73
N LEU RE 102 -62.60 -67.83 59.09
CA LEU RE 102 -63.44 -67.81 60.27
C LEU RE 102 -64.50 -66.73 60.09
N GLN RE 103 -65.77 -67.10 60.17
CA GLN RE 103 -66.87 -66.18 59.95
C GLN RE 103 -67.81 -66.19 61.14
N LEU RE 104 -68.26 -65.00 61.54
CA LEU RE 104 -69.18 -64.82 62.65
C LEU RE 104 -70.47 -64.21 62.15
N VAL RE 105 -71.60 -64.79 62.57
CA VAL RE 105 -72.93 -64.35 62.16
C VAL RE 105 -73.67 -63.84 63.39
N LEU RE 106 -74.19 -62.62 63.31
CA LEU RE 106 -74.92 -61.99 64.40
C LEU RE 106 -76.38 -61.84 64.00
N THR RE 107 -77.28 -62.30 64.86
CA THR RE 107 -78.72 -62.23 64.61
C THR RE 107 -79.43 -61.62 65.80
N SER RE 108 -80.41 -60.76 65.52
CA SER RE 108 -81.26 -60.18 66.56
C SER RE 108 -82.49 -61.06 66.72
N ASN RE 109 -82.80 -61.40 67.98
CA ASN RE 109 -83.82 -62.39 68.31
C ASN RE 109 -84.72 -61.90 69.44
N ALA RE 110 -84.32 -60.81 70.13
CA ALA RE 110 -85.00 -60.40 71.36
C ALA RE 110 -86.51 -60.22 71.15
N SER RE 111 -86.93 -59.89 69.94
CA SER RE 111 -88.35 -59.96 69.56
C SER RE 111 -88.67 -61.35 69.05
N SER RE 112 -89.60 -62.03 69.73
CA SER RE 112 -89.96 -63.39 69.35
C SER RE 112 -90.62 -63.45 67.99
N THR RE 113 -91.12 -62.32 67.48
CA THR RE 113 -91.76 -62.29 66.17
C THR RE 113 -90.81 -61.95 65.04
N VAL RE 114 -89.77 -61.17 65.31
CA VAL RE 114 -88.85 -60.68 64.29
C VAL RE 114 -87.44 -61.16 64.62
N GLU RE 115 -87.01 -62.23 63.95
CA GLU RE 115 -85.62 -62.67 63.96
C GLU RE 115 -84.93 -62.12 62.73
N GLU RE 116 -83.78 -61.46 62.93
CA GLU RE 116 -83.04 -60.88 61.82
C GLU RE 116 -81.54 -61.04 62.03
N THR RE 117 -80.85 -61.48 60.98
CA THR RE 117 -79.39 -61.45 60.94
C THR RE 117 -78.94 -60.06 60.50
N LYS RE 118 -78.03 -59.46 61.27
CA LYS RE 118 -77.63 -58.07 61.05
C LYS RE 118 -76.28 -57.91 60.37
N ALA RE 119 -75.29 -58.74 60.70
CA ALA RE 119 -73.96 -58.57 60.12
C ALA RE 119 -73.25 -59.91 60.08
N VAL RE 120 -72.26 -59.99 59.19
CA VAL RE 120 -71.36 -61.13 59.07
C VAL RE 120 -69.94 -60.60 59.14
N LEU RE 121 -69.15 -61.14 60.06
CA LEU RE 121 -67.77 -60.74 60.25
C LEU RE 121 -66.82 -61.85 59.82
N SER RE 122 -65.66 -61.45 59.32
CA SER RE 122 -64.67 -62.41 58.83
C SER RE 122 -63.27 -61.83 59.07
N LEU RE 123 -62.27 -62.68 58.88
CA LEU RE 123 -60.89 -62.26 59.08
C LEU RE 123 -60.42 -61.29 58.01
N LYS RE 124 -61.07 -61.27 56.83
CA LYS RE 124 -60.69 -60.36 55.77
C LYS RE 124 -61.46 -59.04 55.84
N LYS RE 125 -62.70 -59.06 56.34
CA LYS RE 125 -63.51 -57.86 56.52
C LYS RE 125 -64.02 -57.86 57.96
N PRO RE 126 -63.22 -57.36 58.90
CA PRO RE 126 -63.54 -57.53 60.33
C PRO RE 126 -64.61 -56.60 60.87
N SER RE 127 -64.97 -55.54 60.15
CA SER RE 127 -65.84 -54.50 60.70
C SER RE 127 -67.18 -54.47 59.97
N ALA RE 128 -68.22 -54.07 60.71
CA ALA RE 128 -69.56 -53.93 60.15
C ALA RE 128 -70.32 -52.90 60.97
N VAL RE 129 -71.38 -52.37 60.35
CA VAL RE 129 -72.24 -51.37 60.98
C VAL RE 129 -73.68 -51.88 60.96
N ILE RE 130 -74.33 -51.84 62.12
CA ILE RE 130 -75.69 -52.36 62.27
C ILE RE 130 -76.58 -51.28 62.85
N ILE RE 131 -77.90 -51.48 62.72
CA ILE RE 131 -78.91 -50.55 63.18
C ILE RE 131 -79.88 -51.29 64.09
N LEU RE 132 -80.17 -50.72 65.26
CA LEU RE 132 -81.17 -51.24 66.17
C LEU RE 132 -82.28 -50.20 66.31
N ASP RE 133 -83.53 -50.64 66.14
CA ASP RE 133 -84.66 -49.72 66.14
C ASP RE 133 -85.77 -50.16 67.08
N ASN RE 134 -86.94 -49.53 66.97
CA ASN RE 134 -88.04 -49.79 67.89
C ASN RE 134 -88.45 -51.25 67.90
N ASP RE 135 -88.36 -51.95 66.77
CA ASP RE 135 -88.78 -53.34 66.71
C ASP RE 135 -87.84 -54.24 67.50
N ASP RE 136 -86.54 -53.92 67.52
CA ASP RE 136 -85.57 -54.78 68.20
C ASP RE 136 -85.72 -54.70 69.71
N TYR RE 137 -86.02 -53.52 70.25
CA TYR RE 137 -86.05 -53.30 71.69
C TYR RE 137 -87.26 -53.96 72.33
N SER RE 138 -87.28 -55.29 72.37
CA SER RE 138 -88.30 -56.01 73.10
C SER RE 138 -88.05 -55.93 74.59
N SER RE 139 -89.13 -56.06 75.36
CA SER RE 139 -89.16 -55.77 76.79
C SER RE 139 -88.79 -54.33 77.10
N THR RE 140 -88.65 -53.50 76.05
CA THR RE 140 -88.43 -52.06 76.12
C THR RE 140 -87.07 -51.68 76.70
N ASN RE 141 -86.26 -52.67 77.09
CA ASN RE 141 -85.03 -52.36 77.81
C ASN RE 141 -83.78 -53.11 77.38
N LYS RE 142 -83.87 -54.13 76.52
CA LYS RE 142 -82.67 -54.92 76.25
C LYS RE 142 -82.70 -55.52 74.85
N ILE RE 143 -81.50 -55.78 74.33
CA ILE RE 143 -81.26 -56.47 73.07
C ILE RE 143 -80.51 -57.76 73.35
N GLN RE 144 -80.92 -58.84 72.68
CA GLN RE 144 -80.25 -60.13 72.76
C GLN RE 144 -79.71 -60.50 71.39
N LEU RE 145 -78.42 -60.79 71.31
CA LEU RE 145 -77.74 -61.15 70.07
C LEU RE 145 -76.85 -62.35 70.31
N LYS RE 146 -77.16 -63.47 69.66
CA LYS RE 146 -76.27 -64.62 69.69
C LYS RE 146 -75.29 -64.60 68.52
N VAL RE 147 -74.20 -65.34 68.68
CA VAL RE 147 -73.09 -65.37 67.74
C VAL RE 147 -73.05 -66.73 67.08
N GLU RE 148 -72.89 -66.74 65.75
CA GLU RE 148 -72.79 -67.99 65.00
C GLU RE 148 -71.44 -68.02 64.29
N ALA RE 149 -70.74 -69.14 64.40
CA ALA RE 149 -69.37 -69.26 63.92
C ALA RE 149 -69.26 -70.37 62.88
N TYR RE 150 -68.50 -70.09 61.81
CA TYR RE 150 -68.09 -71.07 60.82
C TYR RE 150 -66.59 -70.98 60.67
N TYR RE 151 -65.91 -72.13 60.58
CA TYR RE 151 -64.46 -72.12 60.69
C TYR RE 151 -63.87 -73.32 59.97
N GLU RE 152 -62.57 -73.20 59.66
CA GLU RE 152 -61.73 -74.32 59.23
C GLU RE 152 -60.35 -74.12 59.84
N ALA RE 153 -59.88 -75.12 60.57
CA ALA RE 153 -58.62 -75.02 61.28
C ALA RE 153 -57.44 -75.34 60.36
N LYS RE 154 -56.28 -74.78 60.71
CA LYS RE 154 -55.07 -75.05 59.95
C LYS RE 154 -54.63 -76.50 60.13
N GLU RE 155 -53.92 -77.02 59.13
CA GLU RE 155 -53.50 -78.41 59.12
C GLU RE 155 -52.33 -78.61 60.07
N GLY RE 156 -52.50 -79.52 61.03
CA GLY RE 156 -51.41 -79.91 61.91
C GLY RE 156 -51.02 -78.89 62.96
N MET RE 157 -51.91 -77.98 63.32
CA MET RE 157 -51.63 -76.96 64.32
C MET RE 157 -52.36 -77.29 65.61
N LEU RE 158 -51.63 -77.32 66.72
CA LEU RE 158 -52.18 -77.63 68.03
C LEU RE 158 -51.96 -76.46 68.97
N PHE RE 159 -52.98 -76.13 69.75
CA PHE RE 159 -52.93 -74.99 70.65
C PHE RE 159 -54.06 -75.10 71.67
N ASP RE 160 -54.02 -74.22 72.66
CA ASP RE 160 -55.06 -74.17 73.68
C ASP RE 160 -55.04 -72.78 74.31
N SER RE 161 -56.18 -72.43 74.92
CA SER RE 161 -56.33 -71.16 75.64
C SER RE 161 -56.06 -69.96 74.73
N LEU RE 162 -56.82 -69.87 73.64
CA LEU RE 162 -56.70 -68.76 72.71
C LEU RE 162 -57.98 -67.93 72.74
N PRO RE 163 -57.90 -66.64 73.08
CA PRO RE 163 -59.11 -65.83 73.21
C PRO RE 163 -59.53 -65.18 71.90
N VAL RE 164 -60.84 -64.94 71.80
CA VAL RE 164 -61.44 -64.19 70.70
C VAL RE 164 -62.15 -62.98 71.29
N ILE RE 165 -61.86 -61.80 70.74
CA ILE RE 165 -62.28 -60.53 71.33
C ILE RE 165 -63.10 -59.76 70.31
N LEU RE 166 -64.22 -59.19 70.77
CA LEU RE 166 -65.06 -58.32 69.96
C LEU RE 166 -65.19 -56.97 70.66
N ASN RE 167 -65.28 -55.91 69.87
CA ASN RE 167 -65.35 -54.54 70.39
C ASN RE 167 -66.58 -53.83 69.86
N PHE RE 168 -67.13 -52.93 70.67
CA PHE RE 168 -68.31 -52.16 70.31
C PHE RE 168 -68.01 -50.67 70.45
N GLN RE 169 -68.54 -49.88 69.50
CA GLN RE 169 -68.39 -48.43 69.54
C GLN RE 169 -69.69 -47.79 69.06
N VAL RE 170 -70.12 -46.75 69.77
CA VAL RE 170 -71.35 -46.03 69.47
C VAL RE 170 -71.04 -44.89 68.52
N LEU RE 171 -71.77 -44.81 67.41
CA LEU RE 171 -71.59 -43.75 66.45
C LEU RE 171 -72.65 -42.65 66.55
N SER RE 172 -73.89 -43.01 66.85
CA SER RE 172 -74.96 -42.03 66.98
C SER RE 172 -76.12 -42.65 67.75
N VAL RE 173 -76.76 -41.85 68.59
CA VAL RE 173 -77.92 -42.29 69.35
C VAL RE 173 -78.99 -41.20 69.29
N SER RE 174 -80.24 -41.62 69.30
CA SER RE 174 -81.37 -40.68 69.25
C SER RE 174 -82.58 -41.23 69.98
N THR SE 26 -69.68 18.85 109.68
CA THR SE 26 -69.85 18.81 108.24
C THR SE 26 -68.90 17.80 107.61
N THR SE 27 -69.34 16.54 107.54
CA THR SE 27 -68.54 15.45 107.01
C THR SE 27 -69.24 14.81 105.82
N GLN SE 28 -68.49 14.58 104.74
CA GLN SE 28 -69.02 13.96 103.54
C GLN SE 28 -68.58 12.50 103.50
N SER SE 29 -69.54 11.59 103.37
CA SER SE 29 -69.21 10.18 103.42
C SER SE 29 -69.30 9.54 102.04
N PRO SE 30 -68.42 8.58 101.73
CA PRO SE 30 -68.50 7.90 100.42
C PRO SE 30 -69.52 6.78 100.38
N LEU SE 31 -69.95 6.25 101.55
CA LEU SE 31 -71.03 5.27 101.63
C LEU SE 31 -70.66 3.96 100.91
N ASN SE 32 -69.44 3.46 101.18
CA ASN SE 32 -69.02 2.20 100.59
C ASN SE 32 -68.23 1.34 101.59
N SER SE 33 -68.40 1.58 102.89
CA SER SE 33 -67.67 0.85 103.92
C SER SE 33 -68.49 -0.31 104.47
N PHE SE 34 -68.80 -1.27 103.58
CA PHE SE 34 -69.54 -2.46 103.97
C PHE SE 34 -68.93 -3.67 103.28
N TYR SE 35 -68.77 -4.76 104.04
CA TYR SE 35 -68.10 -5.95 103.51
C TYR SE 35 -68.72 -7.20 104.13
N ALA SE 36 -68.52 -8.32 103.43
CA ALA SE 36 -68.90 -9.64 103.91
C ALA SE 36 -67.90 -10.64 103.35
N THR SE 37 -67.57 -11.67 104.15
CA THR SE 37 -66.46 -12.55 103.85
C THR SE 37 -66.85 -14.02 103.99
N GLY SE 38 -66.38 -14.85 103.07
CA GLY SE 38 -66.52 -16.29 103.16
C GLY SE 38 -65.19 -16.99 102.94
N THR SE 39 -65.20 -18.32 102.85
CA THR SE 39 -63.97 -19.09 102.69
C THR SE 39 -64.22 -20.29 101.80
N ALA SE 40 -63.14 -20.84 101.27
CA ALA SE 40 -63.19 -22.05 100.45
C ALA SE 40 -61.86 -22.78 100.56
N GLN SE 41 -61.88 -24.08 100.21
CA GLN SE 41 -60.69 -24.90 100.31
C GLN SE 41 -60.84 -26.15 99.47
N ALA SE 42 -59.71 -26.80 99.21
CA ALA SE 42 -59.68 -28.10 98.53
C ALA SE 42 -58.36 -28.77 98.89
N VAL SE 43 -58.42 -29.82 99.70
CA VAL SE 43 -57.21 -30.37 100.32
C VAL SE 43 -57.08 -31.88 100.09
N GLN SE 44 -57.66 -32.42 99.01
CA GLN SE 44 -57.49 -33.84 98.73
C GLN SE 44 -57.66 -34.10 97.25
N GLU SE 45 -57.03 -35.19 96.79
CA GLU SE 45 -57.10 -35.62 95.40
C GLU SE 45 -58.41 -36.36 95.12
N PRO SE 46 -58.89 -36.35 93.88
CA PRO SE 46 -60.21 -36.93 93.59
C PRO SE 46 -60.35 -38.40 93.96
N ILE SE 47 -59.32 -39.21 93.74
CA ILE SE 47 -59.43 -40.66 93.88
C ILE SE 47 -58.30 -41.19 94.75
N ASP SE 48 -58.53 -42.39 95.28
CA ASP SE 48 -57.51 -43.14 96.01
C ASP SE 48 -57.53 -44.57 95.47
N VAL SE 49 -56.35 -45.16 95.33
CA VAL SE 49 -56.22 -46.47 94.67
C VAL SE 49 -55.47 -47.42 95.60
N GLU SE 50 -56.02 -48.62 95.76
CA GLU SE 50 -55.41 -49.66 96.59
C GLU SE 50 -55.37 -50.97 95.81
N SER SE 51 -54.28 -51.72 95.96
CA SER SE 51 -54.02 -52.90 95.15
C SER SE 51 -54.14 -54.18 95.98
N HIS SE 52 -54.67 -55.23 95.37
CA HIS SE 52 -54.79 -56.55 95.98
C HIS SE 52 -54.44 -57.65 94.98
N LEU SE 53 -53.37 -57.46 94.22
CA LEU SE 53 -52.92 -58.45 93.24
C LEU SE 53 -52.00 -59.43 93.95
N ASP SE 54 -52.57 -60.54 94.42
CA ASP SE 54 -51.85 -61.53 95.22
C ASP SE 54 -51.90 -62.91 94.59
N ASN SE 55 -51.69 -62.99 93.29
CA ASN SE 55 -51.54 -64.27 92.60
C ASN SE 55 -50.34 -64.20 91.66
N THR SE 56 -49.70 -65.34 91.45
CA THR SE 56 -48.46 -65.43 90.68
C THR SE 56 -48.69 -66.24 89.41
N ILE SE 57 -48.25 -65.70 88.29
CA ILE SE 57 -48.22 -66.44 87.02
C ILE SE 57 -47.02 -67.38 87.08
N ALA SE 58 -47.29 -68.67 87.31
CA ALA SE 58 -46.22 -69.66 87.51
C ALA SE 58 -46.45 -70.85 86.58
N PRO SE 59 -46.18 -70.69 85.29
CA PRO SE 59 -46.22 -71.83 84.37
C PRO SE 59 -44.84 -72.48 84.23
N ALA SE 60 -44.81 -73.58 83.49
CA ALA SE 60 -43.55 -74.19 83.11
C ALA SE 60 -42.95 -73.42 81.94
N ALA SE 61 -41.68 -73.72 81.65
CA ALA SE 61 -40.97 -73.02 80.58
C ALA SE 61 -41.57 -73.38 79.22
N GLY SE 62 -41.97 -72.36 78.47
CA GLY SE 62 -42.51 -72.56 77.14
C GLY SE 62 -43.96 -72.98 77.08
N ALA SE 63 -44.69 -72.93 78.19
CA ALA SE 63 -46.06 -73.39 78.24
C ALA SE 63 -47.04 -72.27 77.89
N GLN SE 64 -48.23 -72.66 77.45
CA GLN SE 64 -49.32 -71.74 77.17
C GLN SE 64 -50.36 -71.90 78.27
N GLY SE 65 -50.79 -70.79 78.86
CA GLY SE 65 -51.60 -70.88 80.06
C GLY SE 65 -52.79 -69.95 80.17
N TYR SE 66 -53.36 -69.88 81.37
CA TYR SE 66 -54.60 -69.16 81.65
C TYR SE 66 -54.69 -68.92 83.15
N LYS SE 67 -54.68 -67.66 83.58
CA LYS SE 67 -54.54 -67.36 85.00
C LYS SE 67 -55.27 -66.07 85.34
N ASP SE 68 -55.73 -65.99 86.58
CA ASP SE 68 -56.29 -64.76 87.15
C ASP SE 68 -55.34 -64.26 88.26
N MET SE 69 -55.45 -62.97 88.58
CA MET SE 69 -54.45 -62.32 89.43
C MET SE 69 -55.02 -61.78 90.74
N GLY SE 70 -56.09 -61.00 90.68
CA GLY SE 70 -56.62 -60.34 91.85
C GLY SE 70 -57.55 -59.20 91.44
N TYR SE 71 -57.67 -58.22 92.33
CA TYR SE 71 -58.55 -57.08 92.05
C TYR SE 71 -57.96 -55.82 92.66
N VAL SE 72 -58.43 -54.68 92.15
CA VAL SE 72 -57.94 -53.36 92.55
C VAL SE 72 -59.13 -52.51 92.98
N LYS SE 73 -58.95 -51.74 94.06
CA LYS SE 73 -60.01 -50.91 94.61
C LYS SE 73 -59.74 -49.44 94.31
N ILE SE 74 -60.79 -48.72 93.93
CA ILE SE 74 -60.73 -47.29 93.64
C ILE SE 74 -61.75 -46.59 94.53
N ILE SE 75 -61.35 -45.49 95.15
CA ILE SE 75 -62.20 -44.74 96.08
C ILE SE 75 -62.39 -43.33 95.54
N ASN SE 76 -63.64 -42.88 95.52
CA ASN SE 76 -64.01 -41.58 94.98
C ASN SE 76 -64.62 -40.69 96.06
N TYR SE 77 -64.30 -39.39 95.98
CA TYR SE 77 -64.46 -38.44 97.08
C TYR SE 77 -65.48 -37.37 96.72
N THR SE 78 -65.56 -36.35 97.58
CA THR SE 78 -66.66 -35.40 97.60
C THR SE 78 -66.87 -34.73 96.25
N ASP SE 79 -68.13 -34.65 95.83
CA ASP SE 79 -68.56 -33.94 94.62
C ASP SE 79 -67.97 -34.54 93.34
N VAL SE 80 -67.66 -35.82 93.37
CA VAL SE 80 -67.12 -36.53 92.20
C VAL SE 80 -68.20 -37.48 91.70
N ASN SE 81 -68.45 -37.45 90.39
CA ASN SE 81 -69.46 -38.32 89.78
C ASN SE 81 -68.92 -39.16 88.65
N VAL SE 82 -68.04 -38.61 87.81
CA VAL SE 82 -67.50 -39.31 86.65
C VAL SE 82 -66.00 -39.10 86.61
N VAL SE 83 -65.26 -40.18 86.37
CA VAL SE 83 -63.81 -40.16 86.33
C VAL SE 83 -63.33 -40.77 85.03
N LYS SE 84 -62.37 -40.11 84.38
CA LYS SE 84 -61.72 -40.61 83.17
C LYS SE 84 -60.29 -41.02 83.53
N LEU SE 85 -59.92 -42.24 83.17
CA LEU SE 85 -58.66 -42.82 83.60
C LEU SE 85 -57.88 -43.35 82.41
N LYS SE 86 -56.56 -43.41 82.57
CA LYS SE 86 -55.65 -44.00 81.59
C LYS SE 86 -54.78 -45.03 82.31
N VAL SE 87 -54.76 -46.25 81.78
CA VAL SE 87 -54.02 -47.36 82.38
C VAL SE 87 -52.98 -47.85 81.39
N THR SE 88 -51.76 -48.04 81.87
CA THR SE 88 -50.64 -48.45 81.02
C THR SE 88 -49.77 -49.45 81.76
N LEU SE 89 -48.97 -50.19 80.99
CA LEU SE 89 -47.98 -51.12 81.52
C LEU SE 89 -46.66 -50.38 81.64
N ALA SE 90 -46.18 -50.19 82.87
CA ALA SE 90 -45.01 -49.37 83.11
C ALA SE 90 -43.72 -50.07 82.68
N ASN SE 91 -43.63 -51.38 82.89
CA ASN SE 91 -42.38 -52.09 82.64
C ASN SE 91 -42.54 -53.11 81.52
N ALA SE 92 -43.20 -52.71 80.42
CA ALA SE 92 -43.39 -53.61 79.30
C ALA SE 92 -42.06 -53.97 78.63
N ALA SE 93 -41.12 -53.03 78.60
CA ALA SE 93 -39.82 -53.29 77.97
C ALA SE 93 -39.06 -54.38 78.69
N GLN SE 94 -39.13 -54.40 80.02
CA GLN SE 94 -38.43 -55.42 80.79
C GLN SE 94 -39.02 -56.80 80.57
N LEU SE 95 -40.33 -56.89 80.38
CA LEU SE 95 -41.02 -58.16 80.23
C LEU SE 95 -40.92 -58.75 78.83
N ARG SE 96 -40.44 -57.98 77.85
CA ARG SE 96 -40.38 -58.49 76.48
C ARG SE 96 -39.49 -59.72 76.32
N PRO SE 97 -38.27 -59.79 76.85
CA PRO SE 97 -37.44 -61.00 76.62
C PRO SE 97 -37.98 -62.26 77.27
N TYR SE 98 -38.97 -62.15 78.16
CA TYR SE 98 -39.46 -63.31 78.89
C TYR SE 98 -40.75 -63.89 78.32
N PHE SE 99 -41.43 -63.19 77.42
CA PHE SE 99 -42.73 -63.63 76.93
C PHE SE 99 -42.83 -63.45 75.42
N LYS SE 100 -43.49 -64.40 74.76
CA LYS SE 100 -43.89 -64.19 73.37
C LYS SE 100 -45.09 -63.25 73.28
N TYR SE 101 -46.06 -63.40 74.19
CA TYR SE 101 -47.19 -62.49 74.27
C TYR SE 101 -47.77 -62.54 75.67
N LEU SE 102 -48.43 -61.46 76.06
CA LEU SE 102 -49.06 -61.35 77.37
C LEU SE 102 -50.18 -60.33 77.29
N GLN SE 103 -51.39 -60.75 77.64
CA GLN SE 103 -52.57 -59.90 77.54
C GLN SE 103 -53.28 -59.82 78.88
N LEU SE 104 -53.71 -58.62 79.24
CA LEU SE 104 -54.43 -58.38 80.49
C LEU SE 104 -55.83 -57.88 80.18
N VAL SE 105 -56.82 -58.44 80.86
CA VAL SE 105 -58.23 -58.10 80.67
C VAL SE 105 -58.76 -57.52 81.95
N LEU SE 106 -59.35 -56.32 81.87
CA LEU SE 106 -59.91 -55.62 83.01
C LEU SE 106 -61.43 -55.57 82.87
N THR SE 107 -62.13 -55.97 83.93
CA THR SE 107 -63.59 -55.98 83.94
C THR SE 107 -64.12 -55.29 85.18
N SER SE 108 -65.17 -54.50 85.01
CA SER SE 108 -65.86 -53.85 86.14
C SER SE 108 -66.98 -54.77 86.61
N ASN SE 109 -67.05 -55.00 87.91
CA ASN SE 109 -67.92 -55.99 88.51
C ASN SE 109 -68.64 -55.42 89.75
N ALA SE 110 -68.19 -54.27 90.25
CA ALA SE 110 -68.65 -53.76 91.54
C ALA SE 110 -70.18 -53.66 91.61
N SER SE 111 -70.83 -53.48 90.47
CA SER SE 111 -72.29 -53.62 90.36
C SER SE 111 -72.62 -55.07 90.04
N SER SE 112 -73.37 -55.71 90.93
CA SER SE 112 -73.71 -57.12 90.76
C SER SE 112 -74.61 -57.35 89.55
N THR SE 113 -75.25 -56.29 89.03
CA THR SE 113 -76.12 -56.41 87.88
C THR SE 113 -75.41 -56.14 86.56
N VAL SE 114 -74.38 -55.29 86.57
CA VAL SE 114 -73.69 -54.87 85.35
C VAL SE 114 -72.22 -55.27 85.46
N GLU SE 115 -71.86 -56.38 84.81
CA GLU SE 115 -70.47 -56.76 84.61
C GLU SE 115 -70.03 -56.30 83.23
N GLU SE 116 -68.91 -55.58 83.16
CA GLU SE 116 -68.41 -55.08 81.89
C GLU SE 116 -66.90 -55.16 81.84
N THR SE 117 -66.38 -55.67 80.71
CA THR SE 117 -64.96 -55.59 80.41
C THR SE 117 -64.67 -54.24 79.77
N LYS SE 118 -63.68 -53.53 80.30
CA LYS SE 118 -63.40 -52.15 79.89
C LYS SE 118 -62.20 -52.00 78.96
N ALA SE 119 -61.13 -52.76 79.18
CA ALA SE 119 -59.94 -52.59 78.35
C ALA SE 119 -59.17 -53.90 78.30
N VAL SE 120 -58.35 -54.03 77.24
CA VAL SE 120 -57.43 -55.14 77.07
C VAL SE 120 -56.04 -54.56 76.83
N LEU SE 121 -55.07 -54.97 77.63
CA LEU SE 121 -53.70 -54.49 77.53
C LEU SE 121 -52.79 -55.60 77.02
N SER SE 122 -51.76 -55.21 76.28
CA SER SE 122 -50.82 -56.16 75.71
C SER SE 122 -49.44 -55.52 75.64
N LEU SE 123 -48.44 -56.34 75.34
CA LEU SE 123 -47.07 -55.85 75.25
C LEU SE 123 -46.85 -54.97 74.02
N LYS SE 124 -47.71 -55.09 73.00
CA LYS SE 124 -47.59 -54.27 71.80
C LYS SE 124 -48.40 -52.98 71.90
N LYS SE 125 -49.52 -53.01 72.62
CA LYS SE 125 -50.35 -51.82 72.84
C LYS SE 125 -50.59 -51.71 74.34
N PRO SE 126 -49.66 -51.08 75.08
CA PRO SE 126 -49.72 -51.13 76.54
C PRO SE 126 -50.73 -50.19 77.19
N SER SE 127 -51.27 -49.22 76.46
CA SER SE 127 -52.08 -48.17 77.07
C SER SE 127 -53.53 -48.26 76.59
N ALA SE 128 -54.44 -47.83 77.46
CA ALA SE 128 -55.86 -47.80 77.16
C ALA SE 128 -56.53 -46.73 78.01
N VAL SE 129 -57.71 -46.30 77.57
CA VAL SE 129 -58.50 -45.28 78.24
C VAL SE 129 -59.88 -45.85 78.53
N ILE SE 130 -60.32 -45.73 79.79
CA ILE SE 130 -61.59 -46.28 80.23
C ILE SE 130 -62.43 -45.17 80.86
N ILE SE 131 -63.73 -45.45 80.99
CA ILE SE 131 -64.69 -44.52 81.56
C ILE SE 131 -65.45 -45.21 82.69
N LEU SE 132 -65.54 -44.54 83.83
CA LEU SE 132 -66.34 -45.00 84.96
C LEU SE 132 -67.46 -44.00 85.21
N ASP SE 133 -68.69 -44.50 85.31
CA ASP SE 133 -69.86 -43.64 85.43
C ASP SE 133 -70.76 -44.02 86.60
N ASN SE 134 -71.96 -43.45 86.65
CA ASN SE 134 -72.86 -43.66 87.78
C ASN SE 134 -73.18 -45.13 88.00
N ASP SE 135 -73.25 -45.92 86.92
CA ASP SE 135 -73.59 -47.33 87.07
C ASP SE 135 -72.48 -48.12 87.75
N ASP SE 136 -71.22 -47.74 87.50
CA ASP SE 136 -70.10 -48.50 88.07
C ASP SE 136 -69.98 -48.29 89.57
N TYR SE 137 -70.25 -47.06 90.03
CA TYR SE 137 -70.03 -46.71 91.44
C TYR SE 137 -71.07 -47.35 92.35
N SER SE 138 -70.99 -48.67 92.51
CA SER SE 138 -71.84 -49.36 93.47
C SER SE 138 -71.32 -49.13 94.88
N SER SE 139 -72.23 -49.22 95.84
CA SER SE 139 -72.02 -48.80 97.23
C SER SE 139 -71.68 -47.31 97.32
N THR SE 140 -71.79 -46.59 96.20
CA THR SE 140 -71.64 -45.14 96.10
C THR SE 140 -70.22 -44.65 96.39
N ASN SE 141 -69.29 -45.57 96.70
CA ASN SE 141 -67.97 -45.14 97.17
C ASN SE 141 -66.78 -45.88 96.57
N LYS SE 142 -66.97 -46.99 95.84
CA LYS SE 142 -65.80 -47.74 95.42
C LYS SE 142 -66.04 -48.48 94.12
N ILE SE 143 -64.94 -48.74 93.41
CA ILE SE 143 -64.89 -49.53 92.18
C ILE SE 143 -64.04 -50.77 92.43
N GLN SE 144 -64.49 -51.92 91.95
CA GLN SE 144 -63.75 -53.17 92.03
C GLN SE 144 -63.45 -53.65 90.61
N LEU SE 145 -62.18 -53.90 90.32
CA LEU SE 145 -61.72 -54.34 89.01
C LEU SE 145 -60.73 -55.49 89.19
N LYS SE 146 -61.08 -56.67 88.70
CA LYS SE 146 -60.15 -57.78 88.68
C LYS SE 146 -59.39 -57.82 87.34
N VAL SE 147 -58.25 -58.52 87.37
CA VAL SE 147 -57.33 -58.59 86.25
C VAL SE 147 -57.33 -60.01 85.70
N GLU SE 148 -57.41 -60.13 84.38
CA GLU SE 148 -57.37 -61.44 83.73
C GLU SE 148 -56.19 -61.49 82.79
N ALA SE 149 -55.40 -62.56 82.87
CA ALA SE 149 -54.14 -62.68 82.15
C ALA SE 149 -54.16 -63.88 81.22
N TYR SE 150 -53.63 -63.67 80.01
CA TYR SE 150 -53.34 -64.74 79.05
C TYR SE 150 -51.88 -64.59 78.62
N TYR SE 151 -51.18 -65.71 78.51
CA TYR SE 151 -49.73 -65.64 78.35
C TYR SE 151 -49.22 -66.88 77.64
N GLU SE 152 -48.01 -66.74 77.08
CA GLU SE 152 -47.20 -67.86 76.61
C GLU SE 152 -45.75 -67.55 76.94
N ALA SE 153 -45.09 -68.45 77.65
CA ALA SE 153 -43.73 -68.24 78.11
C ALA SE 153 -42.72 -68.59 77.02
N LYS SE 154 -41.55 -67.96 77.09
CA LYS SE 154 -40.48 -68.25 76.15
C LYS SE 154 -39.94 -69.66 76.38
N GLU SE 155 -39.39 -70.25 75.31
CA GLU SE 155 -38.90 -71.62 75.35
C GLU SE 155 -37.57 -71.68 76.08
N GLY SE 156 -37.51 -72.50 77.13
CA GLY SE 156 -36.26 -72.75 77.82
C GLY SE 156 -35.75 -71.63 78.69
N MET SE 157 -36.61 -70.71 79.13
CA MET SE 157 -36.21 -69.59 79.96
C MET SE 157 -36.68 -69.82 81.39
N LEU SE 158 -35.75 -69.72 82.34
CA LEU SE 158 -36.05 -69.93 83.75
C LEU SE 158 -35.72 -68.66 84.53
N PHE SE 159 -36.60 -68.30 85.46
CA PHE SE 159 -36.46 -67.07 86.22
C PHE SE 159 -37.39 -67.13 87.43
N ASP SE 160 -37.21 -66.16 88.33
CA ASP SE 160 -38.06 -66.05 89.50
C ASP SE 160 -38.01 -64.61 90.01
N SER SE 161 -39.03 -64.24 90.78
CA SER SE 161 -39.12 -62.92 91.40
C SER SE 161 -39.09 -61.81 90.36
N LEU SE 162 -40.03 -61.85 89.43
CA LEU SE 162 -40.15 -60.84 88.39
C LEU SE 162 -41.44 -60.04 88.58
N PRO SE 163 -41.37 -58.73 88.80
CA PRO SE 163 -42.59 -57.96 89.07
C PRO SE 163 -43.28 -57.46 87.81
N VAL SE 164 -44.59 -57.28 87.92
CA VAL SE 164 -45.42 -56.67 86.89
C VAL SE 164 -46.08 -55.43 87.49
N ILE SE 165 -45.95 -54.30 86.80
CA ILE SE 165 -46.34 -53.00 87.34
C ILE SE 165 -47.37 -52.36 86.43
N LEU SE 166 -48.41 -51.81 87.03
CA LEU SE 166 -49.44 -51.05 86.33
C LEU SE 166 -49.51 -49.64 86.91
N ASN SE 167 -49.81 -48.66 86.06
CA ASN SE 167 -49.85 -47.26 86.47
C ASN SE 167 -51.21 -46.65 86.11
N PHE SE 168 -51.65 -45.69 86.92
CA PHE SE 168 -52.92 -45.00 86.72
C PHE SE 168 -52.69 -43.50 86.66
N GLN SE 169 -53.41 -42.83 85.77
CA GLN SE 169 -53.35 -41.38 85.66
C GLN SE 169 -54.74 -40.84 85.37
N VAL SE 170 -55.09 -39.75 86.05
CA VAL SE 170 -56.40 -39.12 85.92
C VAL SE 170 -56.32 -38.06 84.84
N LEU SE 171 -57.25 -38.12 83.87
CA LEU SE 171 -57.30 -37.14 82.80
C LEU SE 171 -58.38 -36.09 83.01
N SER SE 172 -59.53 -36.46 83.56
CA SER SE 172 -60.61 -35.51 83.79
C SER SE 172 -61.58 -36.11 84.82
N VAL SE 173 -62.11 -35.26 85.68
CA VAL SE 173 -63.08 -35.66 86.69
C VAL SE 173 -64.20 -34.62 86.72
N SER SE 174 -65.41 -35.09 87.00
CA SER SE 174 -66.57 -34.21 87.07
C SER SE 174 -67.60 -34.74 88.07
N THR TE 26 -51.19 29.37 119.28
CA THR TE 26 -51.61 29.18 117.90
C THR TE 26 -50.73 28.14 117.20
N THR TE 27 -51.11 26.87 117.32
CA THR TE 27 -50.35 25.77 116.75
C THR TE 27 -51.23 25.00 115.77
N GLN TE 28 -50.67 24.68 114.61
CA GLN TE 28 -51.37 23.93 113.57
C GLN TE 28 -50.86 22.50 113.58
N SER TE 29 -51.77 21.54 113.70
CA SER TE 29 -51.36 20.15 113.82
C SER TE 29 -51.67 19.38 112.54
N PRO TE 30 -50.80 18.43 112.15
CA PRO TE 30 -51.08 17.63 110.96
C PRO TE 30 -52.02 16.46 111.21
N LEU TE 31 -52.20 16.04 112.46
CA LEU TE 31 -53.18 15.02 112.84
C LEU TE 31 -52.89 13.67 112.18
N ASN TE 32 -51.62 13.25 112.27
CA ASN TE 32 -51.23 11.95 111.72
C ASN TE 32 -50.24 11.23 112.63
N SER TE 33 -50.19 11.58 113.91
CA SER TE 33 -49.23 10.99 114.84
C SER TE 33 -49.88 9.84 115.63
N PHE TE 34 -50.29 8.80 114.92
CA PHE TE 34 -50.88 7.62 115.53
C PHE TE 34 -50.34 6.37 114.85
N TYR TE 35 -49.97 5.37 115.65
CA TYR TE 35 -49.35 4.16 115.13
C TYR TE 35 -49.77 2.95 115.95
N ALA TE 36 -49.63 1.78 115.33
CA ALA TE 36 -49.85 0.49 115.99
C ALA TE 36 -48.91 -0.51 115.35
N THR TE 37 -48.39 -1.43 116.16
CA THR TE 37 -47.30 -2.30 115.72
C THR TE 37 -47.58 -3.76 116.08
N GLY TE 38 -47.24 -4.66 115.16
CA GLY TE 38 -47.28 -6.09 115.40
C GLY TE 38 -45.97 -6.76 115.00
N THR TE 39 -45.92 -8.09 115.02
CA THR TE 39 -44.70 -8.81 114.71
C THR TE 39 -45.04 -10.11 114.00
N ALA TE 40 -44.03 -10.68 113.32
CA ALA TE 40 -44.18 -11.95 112.63
C ALA TE 40 -42.81 -12.62 112.56
N GLN TE 41 -42.82 -13.94 112.34
CA GLN TE 41 -41.57 -14.70 112.29
C GLN TE 41 -41.81 -16.03 111.60
N ALA TE 42 -40.70 -16.66 111.20
CA ALA TE 42 -40.72 -18.01 110.64
C ALA TE 42 -39.33 -18.59 110.81
N VAL TE 43 -39.18 -19.56 111.71
CA VAL TE 43 -37.85 -20.00 112.14
C VAL TE 43 -37.68 -21.53 112.03
N GLN TE 44 -38.40 -22.18 111.13
CA GLN TE 44 -38.21 -23.62 110.94
C GLN TE 44 -38.63 -24.02 109.54
N GLU TE 45 -38.04 -25.13 109.08
CA GLU TE 45 -38.33 -25.70 107.76
C GLU TE 45 -39.62 -26.51 107.80
N PRO TE 46 -40.32 -26.63 106.67
CA PRO TE 46 -41.64 -27.30 106.68
C PRO TE 46 -41.62 -28.72 107.19
N ILE TE 47 -40.61 -29.51 106.85
CA ILE TE 47 -40.62 -30.94 107.15
C ILE TE 47 -39.32 -31.34 107.84
N ASP TE 48 -39.38 -32.49 108.51
CA ASP TE 48 -38.20 -33.13 109.10
C ASP TE 48 -38.24 -34.60 108.71
N VAL TE 49 -37.06 -35.17 108.39
CA VAL TE 49 -36.97 -36.52 107.84
C VAL TE 49 -36.04 -37.34 108.70
N GLU TE 50 -36.46 -38.55 109.07
CA GLU TE 50 -35.66 -39.47 109.86
C GLU TE 50 -35.70 -40.85 109.19
N SER TE 51 -34.55 -41.54 109.21
CA SER TE 51 -34.38 -42.79 108.47
C SER TE 51 -34.27 -43.97 109.42
N HIS TE 52 -34.84 -45.10 109.00
CA HIS TE 52 -34.78 -46.35 109.75
C HIS TE 52 -34.55 -47.53 108.80
N LEU TE 53 -33.65 -47.38 107.84
CA LEU TE 53 -33.32 -48.44 106.89
C LEU TE 53 -32.24 -49.32 107.50
N ASP TE 54 -32.65 -50.40 108.16
CA ASP TE 54 -31.75 -51.27 108.90
C ASP TE 54 -31.83 -52.71 108.42
N ASN TE 55 -31.85 -52.90 107.10
CA ASN TE 55 -31.76 -54.24 106.52
C ASN TE 55 -30.75 -54.21 105.37
N THR TE 56 -30.11 -55.34 105.14
CA THR TE 56 -29.02 -55.45 104.18
C THR TE 56 -29.41 -56.39 103.05
N ILE TE 57 -29.22 -55.95 101.81
CA ILE TE 57 -29.38 -56.81 100.65
C ILE TE 57 -28.14 -57.68 100.55
N ALA TE 58 -28.28 -58.95 100.94
CA ALA TE 58 -27.15 -59.88 101.02
C ALA TE 58 -27.47 -61.16 100.27
N PRO TE 59 -27.43 -61.13 98.94
CA PRO TE 59 -27.58 -62.34 98.15
C PRO TE 59 -26.22 -62.95 97.81
N ALA TE 60 -26.26 -64.11 97.18
CA ALA TE 60 -25.06 -64.70 96.62
C ALA TE 60 -24.71 -64.03 95.30
N ALA TE 61 -23.51 -64.31 94.81
CA ALA TE 61 -23.04 -63.69 93.57
C ALA TE 61 -23.86 -64.20 92.39
N GLY TE 62 -24.44 -63.27 91.63
CA GLY TE 62 -25.20 -63.63 90.45
C GLY TE 62 -26.61 -64.10 90.68
N ALA TE 63 -27.13 -63.98 91.90
CA ALA TE 63 -28.45 -64.49 92.25
C ALA TE 63 -29.52 -63.43 91.99
N GLN TE 64 -30.75 -63.92 91.81
CA GLN TE 64 -31.93 -63.08 91.66
C GLN TE 64 -32.75 -63.17 92.94
N GLY TE 65 -33.12 -62.02 93.50
CA GLY TE 65 -33.69 -62.02 94.83
C GLY TE 65 -34.90 -61.13 95.07
N TYR TE 66 -35.25 -60.98 96.35
CA TYR TE 66 -36.44 -60.28 96.78
C TYR TE 66 -36.29 -59.90 98.26
N LYS TE 67 -36.28 -58.60 98.57
CA LYS TE 67 -35.89 -58.17 99.90
C LYS TE 67 -36.62 -56.87 100.25
N ASP TE 68 -36.86 -56.69 101.55
CA ASP TE 68 -37.36 -55.43 102.10
C ASP TE 68 -36.28 -54.80 102.96
N MET TE 69 -36.39 -53.48 103.18
CA MET TE 69 -35.29 -52.72 103.78
C MET TE 69 -35.65 -52.07 105.11
N GLY TE 70 -36.75 -51.35 105.18
CA GLY TE 70 -37.10 -50.60 106.38
C GLY TE 70 -38.15 -49.55 106.04
N TYR TE 71 -38.18 -48.49 106.85
CA TYR TE 71 -39.15 -47.42 106.64
C TYR TE 71 -38.53 -46.08 107.00
N VAL TE 72 -39.15 -45.01 106.50
CA VAL TE 72 -38.67 -43.64 106.69
C VAL TE 72 -39.80 -42.80 107.25
N LYS TE 73 -39.48 -41.93 108.21
CA LYS TE 73 -40.47 -41.09 108.87
C LYS TE 73 -40.34 -39.64 108.39
N ILE TE 74 -41.48 -39.01 108.15
CA ILE TE 74 -41.56 -37.61 107.73
C ILE TE 74 -42.44 -36.87 108.73
N ILE TE 75 -41.99 -35.70 109.17
CA ILE TE 75 -42.69 -34.90 110.17
C ILE TE 75 -43.06 -33.56 109.55
N ASN TE 76 -44.33 -33.16 109.72
CA ASN TE 76 -44.87 -31.93 109.15
C ASN TE 76 -45.30 -30.96 110.24
N TYR TE 77 -45.09 -29.67 109.99
CA TYR TE 77 -45.10 -28.64 111.01
C TYR TE 77 -46.23 -27.63 110.75
N THR TE 78 -46.20 -26.54 111.52
CA THR TE 78 -47.34 -25.64 111.66
C THR TE 78 -47.82 -25.11 110.31
N ASP TE 79 -49.14 -25.12 110.13
CA ASP TE 79 -49.82 -24.55 108.96
C ASP TE 79 -49.44 -25.24 107.66
N VAL TE 80 -49.04 -26.51 107.72
CA VAL TE 80 -48.69 -27.30 106.56
C VAL TE 80 -49.78 -28.34 106.35
N ASN TE 81 -50.28 -28.44 105.11
CA ASN TE 81 -51.32 -29.40 104.78
C ASN TE 81 -50.94 -30.34 103.64
N VAL TE 82 -50.28 -29.83 102.60
CA VAL TE 82 -49.92 -30.62 101.43
C VAL TE 82 -48.45 -30.36 101.10
N VAL TE 83 -47.71 -31.43 100.82
CA VAL TE 83 -46.29 -31.36 100.52
C VAL TE 83 -46.02 -32.07 99.20
N LYS TE 84 -45.24 -31.43 98.33
CA LYS TE 84 -44.78 -32.02 97.09
C LYS TE 84 -43.29 -32.33 97.21
N LEU TE 85 -42.92 -33.57 96.90
CA LEU TE 85 -41.57 -34.05 97.14
C LEU TE 85 -40.99 -34.67 95.86
N LYS TE 86 -39.67 -34.66 95.79
CA LYS TE 86 -38.92 -35.31 94.72
C LYS TE 86 -37.87 -36.22 95.34
N VAL TE 87 -37.88 -37.49 94.94
CA VAL TE 87 -36.98 -38.50 95.49
C VAL TE 87 -36.11 -39.04 94.37
N THR TE 88 -34.81 -39.15 94.63
CA THR TE 88 -33.85 -39.59 93.63
C THR TE 88 -32.80 -40.49 94.27
N LEU TE 89 -32.12 -41.25 93.44
CA LEU TE 89 -31.00 -42.09 93.86
C LEU TE 89 -29.71 -41.29 93.66
N ALA TE 90 -29.04 -40.98 94.77
CA ALA TE 90 -27.88 -40.08 94.71
C ALA TE 90 -26.66 -40.76 94.12
N ASN TE 91 -26.46 -42.04 94.42
CA ASN TE 91 -25.24 -42.73 94.01
C ASN TE 91 -25.53 -43.85 93.03
N ALA TE 92 -26.40 -43.58 92.05
CA ALA TE 92 -26.74 -44.60 91.05
C ALA TE 92 -25.53 -44.97 90.19
N ALA TE 93 -24.67 -44.00 89.91
CA ALA TE 93 -23.50 -44.27 89.07
C ALA TE 93 -22.56 -45.25 89.73
N GLN TE 94 -22.38 -45.14 91.05
CA GLN TE 94 -21.49 -46.07 91.76
C GLN TE 94 -22.04 -47.48 91.78
N LEU TE 95 -23.37 -47.64 91.84
CA LEU TE 95 -23.99 -48.94 91.94
C LEU TE 95 -24.11 -49.67 90.59
N ARG TE 96 -23.86 -48.97 89.48
CA ARG TE 96 -24.01 -49.61 88.18
C ARG TE 96 -23.11 -50.82 87.96
N PRO TE 97 -21.81 -50.78 88.26
CA PRO TE 97 -20.97 -51.97 87.99
C PRO TE 97 -21.31 -53.19 88.83
N TYR TE 98 -22.13 -53.03 89.87
CA TYR TE 98 -22.42 -54.13 90.79
C TYR TE 98 -23.75 -54.82 90.52
N PHE TE 99 -24.62 -54.24 89.70
CA PHE TE 99 -25.95 -54.77 89.49
C PHE TE 99 -26.33 -54.73 88.02
N LYS TE 100 -27.05 -55.77 87.58
CA LYS TE 100 -27.71 -55.71 86.28
C LYS TE 100 -28.96 -54.84 86.33
N TYR TE 101 -29.73 -54.94 87.41
CA TYR TE 101 -30.88 -54.07 87.61
C TYR TE 101 -31.19 -54.00 89.10
N LEU TE 102 -31.84 -52.92 89.51
CA LEU TE 102 -32.22 -52.71 90.89
C LEU TE 102 -33.40 -51.75 90.93
N GLN TE 103 -34.50 -52.18 91.53
CA GLN TE 103 -35.72 -51.39 91.57
C GLN TE 103 -36.18 -51.22 93.01
N LEU TE 104 -36.61 -50.00 93.34
CA LEU TE 104 -37.10 -49.66 94.67
C LEU TE 104 -38.56 -49.25 94.59
N VAL TE 105 -39.38 -49.79 95.48
CA VAL TE 105 -40.81 -49.53 95.52
C VAL TE 105 -41.14 -48.83 96.83
N LEU TE 106 -41.80 -47.68 96.75
CA LEU TE 106 -42.19 -46.90 97.91
C LEU TE 106 -43.71 -46.92 98.05
N THR TE 107 -44.18 -47.25 99.25
CA THR TE 107 -45.62 -47.31 99.53
C THR TE 107 -45.95 -46.52 100.78
N SER TE 108 -47.06 -45.79 100.74
CA SER TE 108 -47.56 -45.07 101.90
C SER TE 108 -48.54 -45.99 102.66
N ASN TE 109 -48.35 -46.08 103.97
CA ASN TE 109 -49.05 -47.04 104.81
C ASN TE 109 -49.56 -46.38 106.09
N ALA TE 110 -49.09 -45.18 106.40
CA ALA TE 110 -49.35 -44.56 107.71
C ALA TE 110 -50.84 -44.52 108.05
N SER TE 111 -51.70 -44.47 107.03
CA SER TE 111 -53.14 -44.69 107.20
C SER TE 111 -53.44 -46.17 107.09
N SER TE 112 -53.98 -46.75 108.16
CA SER TE 112 -54.26 -48.18 108.16
C SER TE 112 -55.35 -48.55 107.17
N THR TE 113 -56.13 -47.59 106.70
CA THR TE 113 -57.19 -47.85 105.73
C THR TE 113 -56.74 -47.68 104.29
N VAL TE 114 -55.77 -46.80 104.03
CA VAL TE 114 -55.34 -46.47 102.68
C VAL TE 114 -53.87 -46.79 102.54
N GLU TE 115 -53.56 -47.94 101.94
CA GLU TE 115 -52.20 -48.28 101.53
C GLU TE 115 -52.05 -47.94 100.05
N GLU TE 116 -51.00 -47.20 99.71
CA GLU TE 116 -50.77 -46.79 98.33
C GLU TE 116 -49.28 -46.83 98.01
N THR TE 117 -48.95 -47.42 96.86
CA THR TE 117 -47.62 -47.31 96.29
C THR TE 117 -47.52 -46.01 95.49
N LYS TE 118 -46.49 -45.23 95.76
CA LYS TE 118 -46.37 -43.89 95.19
C LYS TE 118 -45.37 -43.77 94.05
N ALA TE 119 -44.23 -44.46 94.13
CA ALA TE 119 -43.23 -44.33 93.08
C ALA TE 119 -42.41 -45.61 93.00
N VAL TE 120 -41.79 -45.81 91.84
CA VAL TE 120 -40.85 -46.89 91.60
C VAL TE 120 -39.56 -46.28 91.05
N LEU TE 121 -38.43 -46.58 91.69
CA LEU TE 121 -37.14 -46.05 91.30
C LEU TE 121 -36.28 -47.17 90.74
N SER TE 122 -35.42 -46.82 89.79
CA SER TE 122 -34.54 -47.78 89.14
C SER TE 122 -33.24 -47.09 88.76
N LEU TE 123 -32.26 -47.90 88.35
CA LEU TE 123 -30.96 -47.36 87.96
C LEU TE 123 -31.02 -46.60 86.65
N LYS TE 124 -32.03 -46.86 85.81
CA LYS TE 124 -32.18 -46.14 84.55
C LYS TE 124 -33.03 -44.89 84.68
N LYS TE 125 -33.99 -44.89 85.59
CA LYS TE 125 -34.85 -43.72 85.86
C LYS TE 125 -34.81 -43.48 87.37
N PRO TE 126 -33.82 -42.74 87.85
CA PRO TE 126 -33.60 -42.66 89.31
C PRO TE 126 -34.52 -41.69 90.04
N SER TE 127 -35.25 -40.82 89.34
CA SER TE 127 -35.99 -39.75 89.99
C SER TE 127 -37.49 -39.95 89.81
N ALA TE 128 -38.24 -39.47 90.79
CA ALA TE 128 -39.71 -39.52 90.75
C ALA TE 128 -40.26 -38.41 91.61
N VAL TE 129 -41.53 -38.06 91.35
CA VAL TE 129 -42.24 -37.01 92.08
C VAL TE 129 -43.51 -37.61 92.67
N ILE TE 130 -43.73 -37.38 93.96
CA ILE TE 130 -44.86 -37.93 94.68
C ILE TE 130 -45.64 -36.81 95.36
N ILE TE 131 -46.87 -37.12 95.74
CA ILE TE 131 -47.78 -36.17 96.39
C ILE TE 131 -48.27 -36.78 97.69
N LEU TE 132 -48.19 -36.01 98.78
CA LEU TE 132 -48.75 -36.39 100.07
C LEU TE 132 -49.86 -35.42 100.43
N ASP TE 133 -51.03 -35.96 100.80
CA ASP TE 133 -52.20 -35.13 101.06
C ASP TE 133 -52.84 -35.44 102.41
N ASN TE 134 -54.05 -34.92 102.62
CA ASN TE 134 -54.73 -35.05 103.92
C ASN TE 134 -54.92 -36.51 104.31
N ASP TE 135 -55.14 -37.40 103.34
CA ASP TE 135 -55.36 -38.80 103.68
C ASP TE 135 -54.10 -39.47 104.20
N ASP TE 136 -52.93 -39.07 103.70
CA ASP TE 136 -51.69 -39.72 104.11
C ASP TE 136 -51.31 -39.36 105.53
N TYR TE 137 -51.55 -38.12 105.93
CA TYR TE 137 -51.11 -37.62 107.24
C TYR TE 137 -51.93 -38.20 108.38
N SER TE 138 -51.76 -39.50 108.63
CA SER TE 138 -52.38 -40.13 109.80
C SER TE 138 -51.63 -39.74 111.06
N SER TE 139 -52.35 -39.78 112.19
CA SER TE 139 -51.92 -39.21 113.46
C SER TE 139 -51.65 -37.71 113.36
N THR TE 140 -51.99 -37.10 112.22
CA THR TE 140 -51.94 -35.66 111.95
C THR TE 140 -50.52 -35.11 111.94
N ASN TE 141 -49.51 -35.94 112.16
CA ASN TE 141 -48.16 -35.42 112.33
C ASN TE 141 -47.05 -36.17 111.60
N LYS TE 142 -47.30 -37.34 111.01
CA LYS TE 142 -46.18 -38.09 110.45
C LYS TE 142 -46.62 -38.96 109.28
N ILE TE 143 -45.65 -39.25 108.41
CA ILE TE 143 -45.78 -40.16 107.27
C ILE TE 143 -44.81 -41.32 107.47
N GLN TE 144 -45.29 -42.52 107.18
CA GLN TE 144 -44.47 -43.74 107.23
C GLN TE 144 -44.41 -44.33 105.83
N LEU TE 145 -43.19 -44.56 105.34
CA LEU TE 145 -42.95 -45.11 104.00
C LEU TE 145 -41.89 -46.19 104.10
N LYS TE 146 -42.25 -47.43 103.79
CA LYS TE 146 -41.28 -48.51 103.68
C LYS TE 146 -40.77 -48.65 102.26
N VAL TE 147 -39.61 -49.29 102.13
CA VAL TE 147 -38.91 -49.43 100.86
C VAL TE 147 -38.92 -50.89 100.46
N GLU TE 148 -39.22 -51.15 99.18
CA GLU TE 148 -39.24 -52.51 98.66
C GLU TE 148 -38.24 -52.61 97.52
N ALA TE 149 -37.39 -53.63 97.56
CA ALA TE 149 -36.28 -53.76 96.63
C ALA TE 149 -36.39 -55.05 95.82
N TYR TE 150 -36.10 -54.94 94.52
CA TYR TE 150 -35.93 -56.08 93.63
C TYR TE 150 -34.59 -55.92 92.92
N TYR TE 151 -33.85 -57.03 92.78
CA TYR TE 151 -32.47 -56.91 92.35
C TYR TE 151 -32.01 -58.19 91.67
N GLU TE 152 -30.94 -58.06 90.89
CA GLU TE 152 -30.17 -59.18 90.38
C GLU TE 152 -28.70 -58.78 90.40
N ALA TE 153 -27.87 -59.60 91.06
CA ALA TE 153 -26.46 -59.28 91.24
C ALA TE 153 -25.65 -59.69 90.02
N LYS TE 154 -24.52 -59.01 89.82
CA LYS TE 154 -23.62 -59.35 88.73
C LYS TE 154 -22.97 -60.71 88.97
N GLU TE 155 -22.59 -61.37 87.88
CA GLU TE 155 -22.04 -62.72 87.94
C GLU TE 155 -20.59 -62.66 88.42
N GLY TE 156 -20.29 -63.36 89.51
CA GLY TE 156 -18.93 -63.49 89.97
C GLY TE 156 -18.33 -62.27 90.64
N MET TE 157 -19.15 -61.36 91.15
CA MET TE 157 -18.67 -60.15 91.79
C MET TE 157 -18.87 -60.26 93.29
N LEU TE 158 -17.79 -60.03 94.04
CA LEU TE 158 -17.81 -60.11 95.50
C LEU TE 158 -17.42 -58.76 96.09
N PHE TE 159 -18.15 -58.35 97.12
CA PHE TE 159 -17.94 -57.04 97.74
C PHE TE 159 -18.61 -57.03 99.10
N ASP TE 160 -18.35 -55.97 99.86
CA ASP TE 160 -18.97 -55.77 101.16
C ASP TE 160 -18.91 -54.29 101.52
N SER TE 161 -19.80 -53.89 102.43
CA SER TE 161 -19.85 -52.52 102.94
C SER TE 161 -20.07 -51.51 101.81
N LEU TE 162 -21.17 -51.68 101.08
CA LEU TE 162 -21.52 -50.78 99.99
C LEU TE 162 -22.79 -50.02 100.35
N PRO TE 163 -22.76 -48.71 100.44
CA PRO TE 163 -23.96 -47.96 100.85
C PRO TE 163 -24.89 -47.60 99.70
N VAL TE 164 -26.16 -47.46 100.05
CA VAL TE 164 -27.20 -47.00 99.14
C VAL TE 164 -27.81 -45.74 99.73
N ILE TE 165 -27.87 -44.67 98.94
CA ILE TE 165 -28.22 -43.34 99.42
C ILE TE 165 -29.44 -42.83 98.66
N LEU TE 166 -30.39 -42.26 99.39
CA LEU TE 166 -31.57 -41.61 98.82
C LEU TE 166 -31.61 -40.16 99.29
N ASN TE 167 -32.12 -39.28 98.43
CA ASN TE 167 -32.16 -37.85 98.71
C ASN TE 167 -33.58 -37.33 98.55
N PHE TE 168 -33.93 -36.32 99.34
CA PHE TE 168 -35.25 -35.70 99.32
C PHE TE 168 -35.12 -34.20 99.09
N GLN TE 169 -36.02 -33.65 98.29
CA GLN TE 169 -36.07 -32.22 98.04
C GLN TE 169 -37.52 -31.77 97.96
N VAL TE 170 -37.80 -30.63 98.60
CA VAL TE 170 -39.15 -30.07 98.66
C VAL TE 170 -39.33 -29.11 97.50
N LEU TE 171 -40.40 -29.30 96.73
CA LEU TE 171 -40.71 -28.43 95.60
C LEU TE 171 -41.79 -27.40 95.90
N SER TE 172 -42.80 -27.77 96.69
CA SER TE 172 -43.88 -26.85 97.04
C SER TE 172 -44.59 -27.38 98.26
N VAL TE 173 -45.01 -26.47 99.14
CA VAL TE 173 -45.77 -26.81 100.34
C VAL TE 173 -46.91 -25.83 100.48
N SER TE 174 -48.04 -26.31 101.02
CA SER TE 174 -49.21 -25.47 101.23
C SER TE 174 -50.01 -25.94 102.43
N THR UE 26 -31.90 41.48 124.34
CA THR UE 26 -32.55 41.15 123.08
C THR UE 26 -31.75 40.08 122.33
N THR UE 27 -32.04 38.81 122.62
CA THR UE 27 -31.33 37.69 122.03
C THR UE 27 -32.32 36.79 121.30
N GLN UE 28 -31.96 36.40 120.08
CA GLN UE 28 -32.80 35.52 119.26
C GLN UE 28 -32.22 34.11 119.30
N SER UE 29 -33.04 33.13 119.69
CA SER UE 29 -32.53 31.77 119.84
C SER UE 29 -33.02 30.88 118.71
N PRO UE 30 -32.18 29.94 118.25
CA PRO UE 30 -32.62 29.00 117.21
C PRO UE 30 -33.43 27.83 117.73
N LEU UE 31 -33.36 27.53 119.02
CA LEU UE 31 -34.21 26.51 119.66
C LEU UE 31 -33.95 25.12 119.08
N ASN UE 32 -32.67 24.75 118.97
CA ASN UE 32 -32.32 23.43 118.48
C ASN UE 32 -31.14 22.83 119.25
N SER UE 33 -30.87 23.32 120.46
CA SER UE 33 -29.74 22.85 121.26
C SER UE 33 -30.16 21.77 122.25
N PHE UE 34 -30.63 20.64 121.71
CA PHE UE 34 -31.05 19.51 122.52
C PHE UE 34 -30.56 18.22 121.87
N TYR UE 35 -30.00 17.31 122.68
CA TYR UE 35 -29.42 16.09 122.15
C TYR UE 35 -29.61 14.94 123.14
N ALA UE 36 -29.53 13.72 122.61
CA ALA UE 36 -29.55 12.50 123.41
C ALA UE 36 -28.68 11.47 122.70
N THR UE 37 -27.97 10.66 123.48
CA THR UE 37 -26.94 9.79 122.93
C THR UE 37 -27.06 8.37 123.46
N GLY UE 38 -26.84 7.39 122.57
CA GLY UE 38 -26.75 5.99 122.95
C GLY UE 38 -25.51 5.35 122.37
N THR UE 39 -25.38 4.03 122.50
CA THR UE 39 -24.19 3.32 122.03
C THR UE 39 -24.58 1.94 121.51
N ALA UE 40 -23.68 1.36 120.71
CA ALA UE 40 -23.87 0.03 120.17
C ALA UE 40 -22.51 -0.59 119.91
N GLN UE 41 -22.48 -1.92 119.81
CA GLN UE 41 -21.22 -2.64 119.60
C GLN UE 41 -21.50 -4.04 119.09
N ALA UE 42 -20.46 -4.67 118.54
CA ALA UE 42 -20.50 -6.06 118.12
C ALA UE 42 -19.06 -6.57 118.08
N VAL UE 43 -18.70 -7.44 119.02
CA VAL UE 43 -17.30 -7.79 119.24
C VAL UE 43 -17.07 -9.30 119.23
N GLN UE 44 -17.91 -10.07 118.53
CA GLN UE 44 -17.67 -11.51 118.45
C GLN UE 44 -18.31 -12.07 117.19
N GLU UE 45 -17.74 -13.18 116.71
CA GLU UE 45 -18.24 -13.89 115.54
C GLU UE 45 -19.46 -14.75 115.89
N PRO UE 46 -20.33 -15.01 114.92
CA PRO UE 46 -21.58 -15.71 115.22
C PRO UE 46 -21.40 -17.08 115.85
N ILE UE 47 -20.42 -17.86 115.41
CA ILE UE 47 -20.29 -19.25 115.83
C ILE UE 47 -18.87 -19.53 116.29
N ASP UE 48 -18.74 -20.62 117.06
CA ASP UE 48 -17.45 -21.15 117.48
C ASP UE 48 -17.47 -22.65 117.23
N VAL UE 49 -16.35 -23.20 116.75
CA VAL UE 49 -16.27 -24.59 116.32
C VAL UE 49 -15.15 -25.30 117.06
N GLU UE 50 -15.44 -26.47 117.60
CA GLU UE 50 -14.46 -27.29 118.31
C GLU UE 50 -14.54 -28.71 117.78
N SER UE 51 -13.38 -29.36 117.65
CA SER UE 51 -13.26 -30.66 117.00
C SER UE 51 -12.92 -31.74 118.01
N HIS UE 52 -13.50 -32.93 117.81
CA HIS UE 52 -13.22 -34.11 118.64
C HIS UE 52 -13.10 -35.36 117.78
N LEU UE 53 -12.39 -35.25 116.66
CA LEU UE 53 -12.19 -36.40 115.76
C LEU UE 53 -10.96 -37.16 116.23
N ASP UE 54 -11.19 -38.19 117.05
CA ASP UE 54 -10.12 -38.95 117.69
C ASP UE 54 -10.21 -40.43 117.36
N ASN UE 55 -10.45 -40.76 116.09
CA ASN UE 55 -10.39 -42.14 115.61
C ASN UE 55 -9.61 -42.17 114.31
N THR UE 56 -8.95 -43.31 114.06
CA THR UE 56 -8.06 -43.47 112.93
C THR UE 56 -8.60 -44.53 111.98
N ILE UE 57 -8.65 -44.19 110.69
CA ILE UE 57 -8.97 -45.16 109.65
C ILE UE 57 -7.72 -46.01 109.41
N ALA UE 58 -7.71 -47.23 109.93
CA ALA UE 58 -6.53 -48.10 109.88
C ALA UE 58 -6.92 -49.47 109.31
N PRO UE 59 -7.13 -49.55 108.01
CA PRO UE 59 -7.34 -50.85 107.37
C PRO UE 59 -6.03 -51.42 106.83
N ALA UE 60 -6.12 -52.64 106.33
CA ALA UE 60 -5.00 -53.23 105.62
C ALA UE 60 -4.94 -52.68 104.20
N ALA UE 61 -3.83 -52.95 103.52
CA ALA UE 61 -3.63 -52.45 102.17
C ALA UE 61 -4.62 -53.10 101.20
N GLY UE 62 -5.37 -52.27 100.49
CA GLY UE 62 -6.31 -52.77 99.50
C GLY UE 62 -7.63 -53.27 100.04
N ALA UE 63 -7.92 -53.05 101.31
CA ALA UE 63 -9.13 -53.57 101.93
C ALA UE 63 -10.29 -52.60 101.80
N GLN UE 64 -11.50 -53.14 101.89
CA GLN UE 64 -12.73 -52.37 101.88
C GLN UE 64 -13.31 -52.37 103.29
N GLY UE 65 -13.63 -51.18 103.81
CA GLY UE 65 -13.95 -51.08 105.21
C GLY UE 65 -15.14 -50.22 105.60
N TYR UE 66 -15.26 -49.95 106.90
CA TYR UE 66 -16.40 -49.27 107.49
C TYR UE 66 -16.00 -48.74 108.87
N LYS UE 67 -16.02 -47.43 109.05
CA LYS UE 67 -15.42 -46.85 110.25
C LYS UE 67 -16.14 -45.56 110.60
N ASP UE 68 -16.16 -45.25 111.91
CA ASP UE 68 -16.62 -43.98 112.43
C ASP UE 68 -15.44 -43.21 113.01
N MET UE 69 -15.58 -41.89 113.14
CA MET UE 69 -14.45 -41.03 113.45
C MET UE 69 -14.60 -40.27 114.77
N GLY UE 70 -15.71 -39.59 114.98
CA GLY UE 70 -15.87 -38.74 116.14
C GLY UE 70 -17.02 -37.77 115.91
N TYR UE 71 -16.96 -36.64 116.62
CA TYR UE 71 -18.01 -35.64 116.50
C TYR UE 71 -17.41 -34.24 116.62
N VAL UE 72 -18.18 -33.25 116.16
CA VAL UE 72 -17.76 -31.86 116.13
C VAL UE 72 -18.81 -31.01 116.81
N LYS UE 73 -18.37 -30.04 117.62
CA LYS UE 73 -19.26 -29.17 118.37
C LYS UE 73 -19.30 -27.78 117.75
N ILE UE 74 -20.51 -27.21 117.67
CA ILE UE 74 -20.74 -25.86 117.15
C ILE UE 74 -21.46 -25.06 118.22
N ILE UE 75 -21.01 -23.84 118.47
CA ILE UE 75 -21.57 -22.98 119.51
C ILE UE 75 -22.12 -21.73 118.85
N ASN UE 76 -23.34 -21.35 119.22
CA ASN UE 76 -24.05 -20.21 118.64
C ASN UE 76 -24.34 -19.17 119.72
N TYR UE 77 -24.24 -17.89 119.31
CA TYR UE 77 -24.13 -16.76 120.23
C TYR UE 77 -25.34 -15.83 120.10
N THR UE 78 -25.24 -14.67 120.74
CA THR UE 78 -26.38 -13.80 121.01
C THR UE 78 -27.13 -13.43 119.73
N ASP UE 79 -28.46 -13.51 119.78
CA ASP UE 79 -29.37 -13.08 118.73
C ASP UE 79 -29.18 -13.88 117.44
N VAL UE 80 -28.72 -15.13 117.55
CA VAL UE 80 -28.54 -16.01 116.41
C VAL UE 80 -29.59 -17.11 116.49
N ASN UE 81 -30.29 -17.34 115.39
CA ASN UE 81 -31.32 -18.37 115.34
C ASN UE 81 -31.10 -19.40 114.23
N VAL UE 82 -30.66 -18.97 113.05
CA VAL UE 82 -30.47 -19.85 111.91
C VAL UE 82 -29.11 -19.57 111.28
N VAL UE 83 -28.37 -20.63 110.97
CA VAL UE 83 -27.03 -20.53 110.41
C VAL UE 83 -26.96 -21.36 109.13
N LYS UE 84 -26.39 -20.77 108.08
CA LYS UE 84 -26.13 -21.46 106.83
C LYS UE 84 -24.63 -21.70 106.70
N LEU UE 85 -24.25 -22.95 106.44
CA LEU UE 85 -22.85 -23.36 106.47
C LEU UE 85 -22.48 -24.07 105.17
N LYS UE 86 -21.19 -24.01 104.85
CA LYS UE 86 -20.61 -24.73 103.72
C LYS UE 86 -19.43 -25.54 104.23
N VAL UE 87 -19.43 -26.84 103.93
CA VAL UE 87 -18.39 -27.76 104.40
C VAL UE 87 -17.71 -28.37 103.19
N THR UE 88 -16.37 -28.40 103.21
CA THR UE 88 -15.59 -28.90 102.10
C THR UE 88 -14.39 -29.68 102.62
N LEU UE 89 -13.82 -30.50 101.73
CA LEU UE 89 -12.60 -31.24 102.02
C LEU UE 89 -11.42 -30.42 101.52
N ALA UE 90 -10.58 -29.97 102.45
CA ALA UE 90 -9.51 -29.04 102.10
C ALA UE 90 -8.37 -29.73 101.36
N ASN UE 91 -8.05 -30.96 101.73
CA ASN UE 91 -6.89 -31.64 101.16
C ASN UE 91 -7.29 -32.88 100.35
N ALA UE 92 -8.34 -32.73 99.52
CA ALA UE 92 -8.79 -33.85 98.71
C ALA UE 92 -7.74 -34.26 97.68
N ALA UE 93 -7.00 -33.28 97.15
CA ALA UE 93 -5.99 -33.58 96.14
C ALA UE 93 -4.88 -34.47 96.70
N GLN UE 94 -4.47 -34.22 97.94
CA GLN UE 94 -3.42 -35.03 98.56
C GLN UE 94 -3.88 -36.46 98.81
N LEU UE 95 -5.16 -36.66 99.12
CA LEU UE 95 -5.68 -37.97 99.45
C LEU UE 95 -6.00 -38.83 98.21
N ARG UE 96 -5.99 -38.24 97.02
CA ARG UE 96 -6.34 -39.00 95.83
C ARG UE 96 -5.42 -40.19 95.56
N PRO UE 97 -4.09 -40.07 95.60
CA PRO UE 97 -3.25 -41.24 95.29
C PRO UE 97 -3.37 -42.39 96.29
N TYR UE 98 -3.99 -42.17 97.45
CA TYR UE 98 -4.05 -43.18 98.49
C TYR UE 98 -5.37 -43.95 98.53
N PHE UE 99 -6.40 -43.49 97.83
CA PHE UE 99 -7.72 -44.08 97.93
C PHE UE 99 -8.36 -44.20 96.56
N LYS UE 100 -9.08 -45.31 96.35
CA LYS UE 100 -9.97 -45.39 95.18
C LYS UE 100 -11.24 -44.57 95.39
N TYR UE 101 -11.80 -44.60 96.60
CA TYR UE 101 -12.94 -43.76 96.94
C TYR UE 101 -12.98 -43.57 98.44
N LEU UE 102 -13.60 -42.47 98.86
CA LEU UE 102 -13.74 -42.14 100.28
C LEU UE 102 -14.95 -41.23 100.44
N GLN UE 103 -15.89 -41.64 101.27
CA GLN UE 103 -17.13 -40.90 101.47
C GLN UE 103 -17.33 -40.61 102.95
N LEU UE 104 -17.76 -39.39 103.24
CA LEU UE 104 -18.02 -38.94 104.60
C LEU UE 104 -19.50 -38.59 104.75
N VAL UE 105 -20.11 -39.08 105.83
CA VAL UE 105 -21.53 -38.87 106.10
C VAL UE 105 -21.66 -38.07 107.39
N LEU UE 106 -22.39 -36.96 107.33
CA LEU UE 106 -22.60 -36.07 108.47
C LEU UE 106 -24.07 -36.15 108.89
N THR UE 107 -24.29 -36.37 110.18
CA THR UE 107 -25.65 -36.48 110.72
C THR UE 107 -25.80 -35.57 111.94
N SER UE 108 -26.93 -34.90 112.04
CA SER UE 108 -27.26 -34.09 113.21
C SER UE 108 -28.03 -34.96 114.20
N ASN UE 109 -27.61 -34.92 115.47
CA ASN UE 109 -28.09 -35.83 116.50
C ASN UE 109 -28.40 -35.07 117.79
N ALA UE 110 -27.95 -33.82 117.90
CA ALA UE 110 -28.00 -33.09 119.17
C ALA UE 110 -29.40 -33.08 119.77
N SER UE 111 -30.44 -33.15 118.93
CA SER UE 111 -31.80 -33.41 119.39
C SER UE 111 -32.03 -34.92 119.46
N SER UE 112 -32.34 -35.41 120.65
CA SER UE 112 -32.54 -36.84 120.84
C SER UE 112 -33.77 -37.35 120.09
N THR UE 113 -34.68 -36.46 119.69
CA THR UE 113 -35.87 -36.87 118.97
C THR UE 113 -35.70 -36.82 117.45
N VAL UE 114 -34.85 -35.93 116.95
CA VAL UE 114 -34.69 -35.71 115.51
C VAL UE 114 -33.23 -35.99 115.13
N GLU UE 115 -32.98 -37.18 114.60
CA GLU UE 115 -31.70 -37.50 113.97
C GLU UE 115 -31.84 -37.30 112.47
N GLU UE 116 -30.91 -36.55 111.88
CA GLU UE 116 -30.95 -36.27 110.45
C GLU UE 116 -29.55 -36.28 109.86
N THR UE 117 -29.40 -36.98 108.73
CA THR UE 117 -28.20 -36.86 107.92
C THR UE 117 -28.32 -35.64 107.00
N LYS UE 118 -27.30 -34.79 107.00
CA LYS UE 118 -27.37 -33.51 106.31
C LYS UE 118 -26.59 -33.48 105.00
N ALA UE 119 -25.43 -34.10 104.93
CA ALA UE 119 -24.63 -34.03 103.71
C ALA UE 119 -23.76 -35.28 103.59
N VAL UE 120 -23.35 -35.56 102.35
CA VAL UE 120 -22.42 -36.63 102.04
C VAL UE 120 -21.28 -36.02 101.21
N LEU UE 121 -20.05 -36.22 101.66
CA LEU UE 121 -18.88 -35.67 100.99
C LEU UE 121 -18.07 -36.81 100.38
N SER UE 122 -17.41 -36.51 99.26
CA SER UE 122 -16.62 -37.50 98.55
C SER UE 122 -15.44 -36.80 97.87
N LEU UE 123 -14.51 -37.61 97.36
CA LEU UE 123 -13.34 -37.06 96.70
C LEU UE 123 -13.67 -36.43 95.36
N LYS UE 124 -14.79 -36.81 94.74
CA LYS UE 124 -15.21 -36.22 93.47
C LYS UE 124 -16.09 -35.00 93.65
N LYS UE 125 -16.89 -34.95 94.72
CA LYS UE 125 -17.72 -33.80 95.04
C LYS UE 125 -17.45 -33.41 96.49
N PRO UE 126 -16.42 -32.59 96.71
CA PRO UE 126 -15.95 -32.35 98.09
C PRO UE 126 -16.77 -31.36 98.89
N SER UE 127 -17.66 -30.59 98.27
CA SER UE 127 -18.33 -29.49 98.94
C SER UE 127 -19.83 -29.76 99.06
N ALA UE 128 -20.43 -29.23 100.12
CA ALA UE 128 -21.86 -29.35 100.35
C ALA UE 128 -22.32 -28.17 101.20
N VAL UE 129 -23.63 -27.90 101.15
CA VAL UE 129 -24.24 -26.82 101.90
C VAL UE 129 -25.36 -27.40 102.76
N ILE UE 130 -25.36 -27.06 104.05
CA ILE UE 130 -26.32 -27.58 105.01
C ILE UE 130 -27.01 -26.43 105.72
N ILE UE 131 -28.14 -26.75 106.36
CA ILE UE 131 -28.96 -25.78 107.07
C ILE UE 131 -29.18 -26.28 108.48
N LEU UE 132 -28.96 -25.41 109.46
CA LEU UE 132 -29.25 -25.68 110.86
C LEU UE 132 -30.33 -24.73 111.33
N ASP UE 133 -31.38 -25.28 111.96
CA ASP UE 133 -32.53 -24.47 112.36
C ASP UE 133 -32.89 -24.67 113.82
N ASN UE 134 -34.08 -24.18 114.21
CA ASN UE 134 -34.51 -24.21 115.61
C ASN UE 134 -34.54 -25.62 116.17
N ASP UE 135 -34.87 -26.61 115.34
CA ASP UE 135 -34.96 -27.98 115.83
C ASP UE 135 -33.59 -28.55 116.17
N ASP UE 136 -32.55 -28.16 115.42
CA ASP UE 136 -31.22 -28.72 115.65
C ASP UE 136 -30.61 -28.20 116.95
N TYR UE 137 -30.85 -26.94 117.28
CA TYR UE 137 -30.21 -26.29 118.42
C TYR UE 137 -30.77 -26.80 119.74
N SER UE 138 -30.49 -28.06 120.08
CA SER UE 138 -30.85 -28.60 121.38
C SER UE 138 -29.92 -28.06 122.45
N SER UE 139 -30.41 -28.02 123.69
CA SER UE 139 -29.79 -27.31 124.80
C SER UE 139 -29.63 -25.82 124.52
N THR UE 140 -30.21 -25.34 123.42
CA THR UE 140 -30.28 -23.93 123.02
C THR UE 140 -28.93 -23.32 122.69
N ASN UE 141 -27.84 -24.09 122.80
CA ASN UE 141 -26.52 -23.50 122.68
C ASN UE 141 -25.52 -24.28 121.82
N LYS UE 142 -25.81 -25.51 121.39
CA LYS UE 142 -24.76 -26.26 120.71
C LYS UE 142 -25.36 -27.26 119.71
N ILE UE 143 -24.53 -27.59 118.71
CA ILE UE 143 -24.82 -28.61 117.69
C ILE UE 143 -23.77 -29.71 117.82
N GLN UE 144 -24.23 -30.97 117.72
CA GLN UE 144 -23.35 -32.12 117.73
C GLN UE 144 -23.50 -32.86 116.41
N LEU UE 145 -22.38 -33.08 115.72
CA LEU UE 145 -22.36 -33.74 114.42
C LEU UE 145 -21.23 -34.77 114.40
N LYS UE 146 -21.57 -36.04 114.29
CA LYS UE 146 -20.57 -37.08 114.09
C LYS UE 146 -20.33 -37.34 112.61
N VAL UE 147 -19.18 -37.95 112.33
CA VAL UE 147 -18.70 -38.18 110.97
C VAL UE 147 -18.70 -39.68 110.70
N GLU UE 148 -19.21 -40.07 109.54
CA GLU UE 148 -19.25 -41.47 109.16
C GLU UE 148 -18.46 -41.64 107.87
N ALA UE 149 -17.57 -42.63 107.82
CA ALA UE 149 -16.64 -42.80 106.73
C ALA UE 149 -16.82 -44.17 106.07
N TYR UE 150 -16.77 -44.16 104.74
CA TYR UE 150 -16.70 -45.38 103.93
C TYR UE 150 -15.52 -45.24 102.97
N TYR UE 151 -14.77 -46.32 102.80
CA TYR UE 151 -13.48 -46.19 102.12
C TYR UE 151 -13.09 -47.51 101.47
N GLU UE 152 -12.18 -47.41 100.51
CA GLU UE 152 -11.45 -48.56 99.96
C GLU UE 152 -10.02 -48.10 99.68
N ALA UE 153 -9.05 -48.81 100.24
CA ALA UE 153 -7.66 -48.41 100.12
C ALA UE 153 -7.06 -48.92 98.82
N LYS UE 154 -6.02 -48.21 98.36
CA LYS UE 154 -5.30 -48.63 97.16
C LYS UE 154 -4.55 -49.93 97.39
N GLU UE 155 -4.34 -50.67 96.31
CA GLU UE 155 -3.71 -51.98 96.38
C GLU UE 155 -2.20 -51.82 96.58
N GLY UE 156 -1.68 -52.40 97.66
CA GLY UE 156 -0.25 -52.44 97.87
C GLY UE 156 0.40 -51.14 98.31
N MET UE 157 -0.37 -50.21 98.87
CA MET UE 157 0.15 -48.93 99.30
C MET UE 157 0.23 -48.90 100.82
N LEU UE 158 1.41 -48.56 101.34
CA LEU UE 158 1.65 -48.49 102.78
C LEU UE 158 2.07 -47.08 103.16
N PHE UE 159 1.51 -46.59 104.28
CA PHE UE 159 1.76 -45.23 104.73
C PHE UE 159 1.34 -45.11 106.18
N ASP UE 160 1.68 -43.97 106.78
CA ASP UE 160 1.28 -43.68 108.16
C ASP UE 160 1.33 -42.17 108.37
N SER UE 161 0.60 -41.71 109.38
CA SER UE 161 0.56 -40.30 109.77
C SER UE 161 0.09 -39.42 108.62
N LEU UE 162 -1.11 -39.70 108.11
CA LEU UE 162 -1.71 -38.92 107.04
C LEU UE 162 -2.94 -38.20 107.56
N PRO UE 163 -2.97 -36.87 107.52
CA PRO UE 163 -4.10 -36.13 108.08
C PRO UE 163 -5.24 -35.92 107.10
N VAL UE 164 -6.44 -35.80 107.66
CA VAL UE 164 -7.65 -35.47 106.91
C VAL UE 164 -8.21 -34.18 107.50
N ILE UE 165 -8.48 -33.20 106.64
CA ILE UE 165 -8.80 -31.84 107.06
C ILE UE 165 -10.17 -31.46 106.49
N LEU UE 166 -11.01 -30.86 107.34
CA LEU UE 166 -12.30 -30.31 106.94
C LEU UE 166 -12.34 -28.82 107.27
N ASN UE 167 -13.04 -28.05 106.46
CA ASN UE 167 -13.11 -26.60 106.60
C ASN UE 167 -14.57 -26.16 106.66
N PHE UE 168 -14.83 -25.10 107.42
CA PHE UE 168 -16.16 -24.54 107.59
C PHE UE 168 -16.15 -23.06 107.20
N GLN UE 169 -17.22 -22.62 106.54
CA GLN UE 169 -17.39 -21.22 106.17
C GLN UE 169 -18.86 -20.84 106.33
N VAL UE 170 -19.08 -19.66 106.91
CA VAL UE 170 -20.42 -19.15 107.16
C VAL UE 170 -20.86 -18.31 105.96
N LEU UE 171 -22.05 -18.62 105.44
CA LEU UE 171 -22.61 -17.88 104.31
C LEU UE 171 -23.66 -16.87 104.71
N SER UE 172 -24.49 -17.20 105.71
CA SER UE 172 -25.53 -16.29 106.16
C SER UE 172 -26.00 -16.73 107.54
N VAL UE 173 -26.30 -15.75 108.40
CA VAL UE 173 -26.81 -16.01 109.74
C VAL UE 173 -27.97 -15.06 110.00
N SER UE 174 -28.94 -15.53 110.78
CA SER UE 174 -30.10 -14.72 111.13
C SER UE 174 -30.64 -15.10 112.50
N THR VE 26 -12.73 54.78 124.69
CA THR VE 26 -13.58 54.30 123.60
C THR VE 26 -12.87 53.20 122.81
N THR VE 27 -13.02 51.95 123.26
CA THR VE 27 -12.36 50.81 122.64
C THR VE 27 -13.42 49.81 122.19
N GLN VE 28 -13.27 49.31 120.97
CA GLN VE 28 -14.17 48.32 120.40
C GLN VE 28 -13.52 46.95 120.45
N SER VE 29 -14.21 45.98 121.07
CA SER VE 29 -13.61 44.66 121.24
C SER VE 29 -14.24 43.65 120.31
N PRO VE 30 -13.44 42.70 119.79
CA PRO VE 30 -14.01 41.65 118.93
C PRO VE 30 -14.65 40.50 119.68
N LEU VE 31 -14.34 40.33 120.98
CA LEU VE 31 -14.98 39.35 121.84
C LEU VE 31 -14.77 37.92 121.35
N ASN VE 32 -13.51 37.59 121.04
CA ASN VE 32 -13.17 36.24 120.61
C ASN VE 32 -11.84 35.76 121.19
N SER VE 33 -11.39 36.37 122.29
CA SER VE 33 -10.10 36.03 122.90
C SER VE 33 -10.28 35.04 124.05
N PHE VE 34 -10.78 33.85 123.71
CA PHE VE 34 -10.97 32.77 124.67
C PHE VE 34 -10.54 31.45 124.06
N TYR VE 35 -9.79 30.66 124.83
CA TYR VE 35 -9.26 29.41 124.31
C TYR VE 35 -9.20 28.36 125.42
N ALA VE 36 -9.15 27.10 125.00
CA ALA VE 36 -8.95 25.96 125.88
C ALA VE 36 -8.17 24.90 125.12
N THR VE 37 -7.29 24.19 125.82
CA THR VE 37 -6.31 23.32 125.17
C THR VE 37 -6.28 21.95 125.83
N GLY VE 38 -6.15 20.90 125.01
CA GLY VE 38 -5.91 19.55 125.49
C GLY VE 38 -4.76 18.90 124.75
N THR VE 39 -4.54 17.61 124.97
CA THR VE 39 -3.41 16.90 124.36
C THR VE 39 -3.82 15.47 124.03
N ALA VE 40 -3.04 14.85 123.14
CA ALA VE 40 -3.25 13.45 122.76
C ALA VE 40 -1.93 12.87 122.31
N GLN VE 41 -1.84 11.54 122.33
CA GLN VE 41 -0.60 10.86 121.96
C GLN VE 41 -0.89 9.41 121.63
N ALA VE 42 0.07 8.77 120.95
CA ALA VE 42 0.03 7.34 120.67
C ALA VE 42 1.46 6.89 120.42
N VAL VE 43 2.04 6.13 121.34
CA VAL VE 43 3.47 5.86 121.32
C VAL VE 43 3.79 4.36 121.41
N GLN VE 44 2.89 3.50 120.95
CA GLN VE 44 3.18 2.07 120.95
C GLN VE 44 2.36 1.36 119.88
N GLU VE 45 2.89 0.23 119.42
CA GLU VE 45 2.23 -0.61 118.41
C GLU VE 45 1.15 -1.46 119.05
N PRO VE 46 0.13 -1.86 118.28
CA PRO VE 46 -1.01 -2.58 118.88
C PRO VE 46 -0.64 -3.87 119.59
N ILE VE 47 0.29 -4.66 119.04
CA ILE VE 47 0.57 -5.99 119.54
C ILE VE 47 2.07 -6.17 119.77
N ASP VE 48 2.39 -7.17 120.59
CA ASP VE 48 3.76 -7.60 120.81
C ASP VE 48 3.78 -9.12 120.69
N VAL VE 49 4.83 -9.67 120.07
CA VAL VE 49 4.90 -11.09 119.75
C VAL VE 49 6.18 -11.68 120.32
N GLU VE 50 6.06 -12.81 121.02
CA GLU VE 50 7.19 -13.51 121.60
C GLU VE 50 7.11 -14.99 121.22
N SER VE 51 8.25 -15.59 120.94
CA SER VE 51 8.33 -16.94 120.41
C SER VE 51 8.91 -17.92 121.43
N HIS VE 52 8.38 -19.14 121.44
CA HIS VE 52 8.86 -20.21 122.30
C HIS VE 52 8.88 -21.54 121.55
N LEU VE 53 9.37 -21.52 120.30
CA LEU VE 53 9.48 -22.73 119.49
C LEU VE 53 10.82 -23.40 119.80
N ASP VE 54 10.79 -24.35 120.73
CA ASP VE 54 12.00 -24.99 121.23
C ASP VE 54 11.94 -26.51 121.05
N ASN VE 55 11.49 -26.97 119.88
CA ASN VE 55 11.55 -28.38 119.52
C ASN VE 55 12.07 -28.51 118.10
N THR VE 56 12.74 -29.63 117.84
CA THR VE 56 13.43 -29.86 116.57
C THR VE 56 12.78 -31.03 115.84
N ILE VE 57 12.48 -30.83 114.57
CA ILE VE 57 12.04 -31.92 113.69
C ILE VE 57 13.28 -32.72 113.30
N ALA VE 58 13.44 -33.89 113.91
CA ALA VE 58 14.63 -34.71 113.73
C ALA VE 58 14.24 -36.14 113.36
N PRO VE 59 13.80 -36.36 112.13
CA PRO VE 59 13.55 -37.72 111.65
C PRO VE 59 14.77 -38.29 110.94
N ALA VE 60 14.66 -39.56 110.58
CA ALA VE 60 15.66 -40.17 109.72
C ALA VE 60 15.44 -39.75 108.27
N ALA VE 61 16.42 -40.05 107.43
CA ALA VE 61 16.35 -39.67 106.03
C ALA VE 61 15.24 -40.45 105.32
N GLY VE 62 14.32 -39.73 104.68
CA GLY VE 62 13.26 -40.35 103.93
C GLY VE 62 12.08 -40.85 104.75
N ALA VE 63 12.02 -40.52 106.03
CA ALA VE 63 10.98 -41.02 106.90
C ALA VE 63 9.75 -40.11 106.90
N GLN VE 64 8.61 -40.70 107.26
CA GLN VE 64 7.35 -39.98 107.41
C GLN VE 64 7.04 -39.86 108.90
N GLY VE 65 6.75 -38.64 109.36
CA GLY VE 65 6.68 -38.42 110.79
C GLY VE 65 5.54 -37.58 111.30
N TYR VE 66 5.63 -37.20 112.57
CA TYR VE 66 4.58 -36.49 113.30
C TYR VE 66 5.19 -35.83 114.52
N LYS VE 67 5.14 -34.49 114.59
CA LYS VE 67 5.91 -33.78 115.60
C LYS VE 67 5.19 -32.49 115.98
N ASP VE 68 5.39 -32.07 117.23
CA ASP VE 68 4.95 -30.76 117.71
C ASP VE 68 6.17 -29.90 118.01
N MET VE 69 5.99 -28.59 118.04
CA MET VE 69 7.11 -27.65 118.06
C MET VE 69 7.17 -26.78 119.30
N GLY VE 70 6.06 -26.12 119.66
CA GLY VE 70 6.07 -25.16 120.76
C GLY VE 70 4.84 -24.27 120.66
N TYR VE 71 4.96 -23.07 121.23
CA TYR VE 71 3.85 -22.14 121.22
C TYR VE 71 4.38 -20.71 121.12
N VAL VE 72 3.49 -19.80 120.71
CA VAL VE 72 3.83 -18.40 120.48
C VAL VE 72 2.86 -17.53 121.27
N LYS VE 73 3.39 -16.48 121.89
CA LYS VE 73 2.60 -15.57 122.71
C LYS VE 73 2.36 -14.25 121.99
N ILE VE 74 1.14 -13.74 122.09
CA ILE VE 74 0.74 -12.47 121.51
C ILE VE 74 0.17 -11.59 122.61
N ILE VE 75 0.60 -10.33 122.67
CA ILE VE 75 0.19 -9.40 123.71
C ILE VE 75 -0.54 -8.23 123.06
N ASN VE 76 -1.70 -7.88 123.61
CA ASN VE 76 -2.57 -6.82 123.08
C ASN VE 76 -2.72 -5.69 124.09
N TYR VE 77 -2.76 -4.46 123.56
CA TYR VE 77 -2.56 -3.24 124.34
C TYR VE 77 -3.82 -2.38 124.35
N THR VE 78 -3.66 -1.15 124.87
CA THR VE 78 -4.79 -0.31 125.25
C THR VE 78 -5.77 -0.09 124.11
N ASP VE 79 -7.07 -0.22 124.42
CA ASP VE 79 -8.17 0.06 123.51
C ASP VE 79 -8.17 -0.84 122.29
N VAL VE 80 -7.63 -2.05 122.42
CA VAL VE 80 -7.61 -3.04 121.35
C VAL VE 80 -8.57 -4.16 121.72
N ASN VE 81 -9.43 -4.54 120.78
CA ASN VE 81 -10.40 -5.60 121.01
C ASN VE 81 -10.33 -6.72 119.98
N VAL VE 82 -10.13 -6.38 118.71
CA VAL VE 82 -10.10 -7.38 117.64
C VAL VE 82 -8.89 -7.09 116.75
N VAL VE 83 -8.16 -8.15 116.40
CA VAL VE 83 -6.95 -8.05 115.60
C VAL VE 83 -7.06 -8.99 114.40
N LYS VE 84 -6.73 -8.50 113.22
CA LYS VE 84 -6.66 -9.29 112.00
C LYS VE 84 -5.20 -9.48 111.63
N LEU VE 85 -4.80 -10.74 111.41
CA LEU VE 85 -3.40 -11.08 111.21
C LEU VE 85 -3.22 -11.89 109.94
N LYS VE 86 -2.02 -11.81 109.39
CA LYS VE 86 -1.61 -12.62 108.24
C LYS VE 86 -0.31 -13.33 108.58
N VAL VE 87 -0.29 -14.66 108.41
CA VAL VE 87 0.86 -15.48 108.75
C VAL VE 87 1.35 -16.19 107.49
N THR VE 88 2.66 -16.15 107.28
CA THR VE 88 3.26 -16.72 106.09
C THR VE 88 4.58 -17.40 106.44
N LEU VE 89 5.02 -18.28 105.55
CA LEU VE 89 6.32 -18.95 105.66
C LEU VE 89 7.34 -18.13 104.89
N ALA VE 90 8.31 -17.56 105.61
CA ALA VE 90 9.24 -16.63 104.98
C ALA VE 90 10.27 -17.34 104.10
N ASN VE 91 10.72 -18.53 104.51
CA ASN VE 91 11.80 -19.21 103.80
C ASN VE 91 11.32 -20.52 103.19
N ALA VE 92 10.15 -20.51 102.57
CA ALA VE 92 9.61 -21.71 101.95
C ALA VE 92 10.48 -22.17 100.78
N ALA VE 93 11.06 -21.22 100.04
CA ALA VE 93 11.89 -21.58 98.90
C ALA VE 93 13.12 -22.37 99.32
N GLN VE 94 13.74 -21.98 100.45
CA GLN VE 94 14.92 -22.68 100.92
C GLN VE 94 14.60 -24.10 101.37
N LEU VE 95 13.41 -24.32 101.93
CA LEU VE 95 13.03 -25.63 102.46
C LEU VE 95 12.54 -26.60 101.40
N ARG VE 96 12.30 -26.13 100.17
CA ARG VE 96 11.79 -27.01 99.13
C ARG VE 96 12.71 -28.19 98.80
N PRO VE 97 14.03 -28.02 98.59
CA PRO VE 97 14.85 -29.17 98.24
C PRO VE 97 14.98 -30.22 99.34
N TYR VE 98 14.57 -29.91 100.57
CA TYR VE 98 14.75 -30.83 101.68
C TYR VE 98 13.51 -31.63 102.03
N PHE VE 99 12.34 -31.29 101.50
CA PHE VE 99 11.09 -31.92 101.89
C PHE VE 99 10.23 -32.20 100.68
N LYS VE 100 9.54 -33.34 100.70
CA LYS VE 100 8.47 -33.58 99.74
C LYS VE 100 7.22 -32.79 100.10
N TYR VE 101 6.89 -32.72 101.38
CA TYR VE 101 5.78 -31.90 101.84
C TYR VE 101 6.00 -31.57 103.31
N LEU VE 102 5.39 -30.46 103.75
CA LEU VE 102 5.49 -30.01 105.12
C LEU VE 102 4.29 -29.12 105.43
N GLN VE 103 3.54 -29.49 106.46
CA GLN VE 103 2.32 -28.78 106.81
C GLN VE 103 2.37 -28.36 108.27
N LEU VE 104 1.92 -27.13 108.53
CA LEU VE 104 1.89 -26.57 109.87
C LEU VE 104 0.44 -26.26 110.25
N VAL VE 105 0.06 -26.67 111.47
CA VAL VE 105 -1.29 -26.49 111.98
C VAL VE 105 -1.23 -25.57 113.20
N LEU VE 106 -2.02 -24.50 113.17
CA LEU VE 106 -2.07 -23.52 114.24
C LEU VE 106 -3.43 -23.61 114.93
N THR VE 107 -3.41 -23.72 116.26
CA THR VE 107 -4.64 -23.82 117.04
C THR VE 107 -4.62 -22.82 118.19
N SER VE 108 -5.76 -22.18 118.44
CA SER VE 108 -5.91 -21.27 119.57
C SER VE 108 -6.44 -22.07 120.75
N ASN VE 109 -5.80 -21.90 121.91
CA ASN VE 109 -6.04 -22.72 123.09
C ASN VE 109 -6.15 -21.86 124.35
N ALA VE 110 -5.76 -20.57 124.26
CA ALA VE 110 -5.62 -19.73 125.45
C ALA VE 110 -6.89 -19.72 126.30
N SER VE 111 -8.05 -19.91 125.68
CA SER VE 111 -9.30 -20.18 126.40
C SER VE 111 -9.43 -21.68 126.64
N SER VE 112 -9.48 -22.07 127.91
CA SER VE 112 -9.58 -23.48 128.25
C SER VE 112 -10.88 -24.10 127.80
N THR VE 113 -11.90 -23.30 127.50
CA THR VE 113 -13.18 -23.81 127.03
C THR VE 113 -13.28 -23.91 125.52
N VAL VE 114 -12.59 -23.04 124.79
CA VAL VE 114 -12.70 -22.95 123.33
C VAL VE 114 -11.33 -23.21 122.72
N GLU VE 115 -11.10 -24.44 122.25
CA GLU VE 115 -9.94 -24.77 121.43
C GLU VE 115 -10.35 -24.72 119.97
N GLU VE 116 -9.60 -23.99 119.16
CA GLU VE 116 -9.91 -23.87 117.74
C GLU VE 116 -8.64 -23.87 116.90
N THR VE 117 -8.64 -24.66 115.83
CA THR VE 117 -7.62 -24.58 114.80
C THR VE 117 -7.98 -23.46 113.83
N LYS VE 118 -7.02 -22.57 113.56
CA LYS VE 118 -7.28 -21.37 112.79
C LYS VE 118 -6.77 -21.43 111.35
N ALA VE 119 -5.59 -22.02 111.12
CA ALA VE 119 -5.03 -22.04 109.78
C ALA VE 119 -4.14 -23.25 109.61
N VAL VE 120 -3.94 -23.63 108.35
CA VAL VE 120 -3.01 -24.69 107.96
C VAL VE 120 -2.09 -24.12 106.90
N LEU VE 121 -0.79 -24.22 107.13
CA LEU VE 121 0.22 -23.71 106.20
C LEU VE 121 0.97 -24.86 105.55
N SER VE 122 1.39 -24.65 104.31
CA SER VE 122 2.10 -25.67 103.56
C SER VE 122 3.10 -24.98 102.62
N LEU VE 123 3.97 -25.80 102.02
CA LEU VE 123 4.97 -25.27 101.11
C LEU VE 123 4.36 -24.79 99.79
N LYS VE 124 3.17 -25.27 99.44
CA LYS VE 124 2.50 -24.84 98.22
C LYS VE 124 1.60 -23.63 98.45
N LYS VE 125 1.01 -23.50 99.63
CA LYS VE 125 0.17 -22.37 100.00
C LYS VE 125 0.69 -21.82 101.33
N PRO VE 126 1.70 -20.94 101.30
CA PRO VE 126 2.39 -20.56 102.54
C PRO VE 126 1.66 -19.53 103.38
N SER VE 127 0.64 -18.86 102.87
CA SER VE 127 0.04 -17.73 103.56
C SER VE 127 -1.40 -18.04 103.96
N ALA VE 128 -1.82 -17.43 105.07
CA ALA VE 128 -3.18 -17.58 105.57
C ALA VE 128 -3.55 -16.35 106.38
N VAL VE 129 -4.86 -16.15 106.55
CA VAL VE 129 -5.39 -15.02 107.30
C VAL VE 129 -6.30 -15.56 108.40
N ILE VE 130 -6.08 -15.09 109.63
CA ILE VE 130 -6.82 -15.57 110.79
C ILE VE 130 -7.44 -14.37 111.51
N ILE VE 131 -8.42 -14.67 112.37
CA ILE VE 131 -9.15 -13.67 113.14
C ILE VE 131 -9.09 -14.04 114.61
N LEU VE 132 -8.74 -13.07 115.45
CA LEU VE 132 -8.76 -13.23 116.90
C LEU VE 132 -9.79 -12.26 117.48
N ASP VE 133 -10.67 -12.79 118.32
CA ASP VE 133 -11.78 -11.99 118.86
C ASP VE 133 -11.87 -12.07 120.38
N ASN VE 134 -12.99 -11.59 120.93
CA ASN VE 134 -13.14 -11.50 122.38
C ASN VE 134 -13.00 -12.86 123.05
N ASP VE 135 -13.43 -13.93 122.40
CA ASP VE 135 -13.34 -15.26 123.01
C ASP VE 135 -11.90 -15.73 123.14
N ASP VE 136 -11.04 -15.37 122.19
CA ASP VE 136 -9.66 -15.86 122.22
C ASP VE 136 -8.86 -15.19 123.33
N TYR VE 137 -9.11 -13.91 123.58
CA TYR VE 137 -8.31 -13.14 124.53
C TYR VE 137 -8.60 -13.53 125.97
N SER VE 138 -8.19 -14.75 126.36
CA SER VE 138 -8.28 -15.16 127.74
C SER VE 138 -7.20 -14.48 128.57
N SER VE 139 -7.46 -14.35 129.87
CA SER VE 139 -6.70 -13.51 130.79
C SER VE 139 -6.67 -12.05 130.35
N THR VE 140 -7.47 -11.70 129.33
CA THR VE 140 -7.69 -10.35 128.84
C THR VE 140 -6.46 -9.72 128.22
N ASN VE 141 -5.32 -10.44 128.19
CA ASN VE 141 -4.07 -9.80 127.76
C ASN VE 141 -3.21 -10.61 126.82
N LYS VE 142 -3.49 -11.89 126.56
CA LYS VE 142 -2.55 -12.66 125.76
C LYS VE 142 -3.25 -13.78 124.98
N ILE VE 143 -2.61 -14.17 123.88
CA ILE VE 143 -3.02 -15.29 123.03
C ILE VE 143 -1.91 -16.34 123.05
N GLN VE 144 -2.30 -17.61 123.15
CA GLN VE 144 -1.37 -18.72 123.10
C GLN VE 144 -1.71 -19.59 121.89
N LEU VE 145 -0.72 -19.83 121.03
CA LEU VE 145 -0.90 -20.61 119.82
C LEU VE 145 0.27 -21.59 119.68
N LYS VE 146 -0.03 -22.89 119.75
CA LYS VE 146 0.98 -23.90 119.46
C LYS VE 146 0.97 -24.29 117.99
N VAL VE 147 2.09 -24.87 117.56
CA VAL VE 147 2.33 -25.22 116.16
C VAL VE 147 2.35 -26.74 116.03
N GLU VE 148 1.67 -27.25 115.02
CA GLU VE 148 1.65 -28.70 114.77
C GLU VE 148 2.20 -28.95 113.38
N ALA VE 149 3.12 -29.90 113.27
CA ALA VE 149 3.85 -30.15 112.04
C ALA VE 149 3.63 -31.58 111.54
N TYR VE 150 3.44 -31.70 110.23
CA TYR VE 150 3.43 -32.98 109.53
C TYR VE 150 4.41 -32.89 108.38
N TYR VE 151 5.19 -33.95 108.16
CA TYR VE 151 6.31 -33.84 107.24
C TYR VE 151 6.66 -35.20 106.65
N GLU VE 152 7.37 -35.16 105.53
CA GLU VE 152 8.05 -36.32 104.96
C GLU VE 152 9.37 -35.84 104.37
N ALA VE 153 10.47 -36.45 104.82
CA ALA VE 153 11.80 -36.02 104.41
C ALA VE 153 12.19 -36.62 103.06
N LYS VE 154 13.08 -35.93 102.35
CA LYS VE 154 13.58 -36.42 101.09
C LYS VE 154 14.44 -37.66 101.29
N GLU VE 155 14.50 -38.49 100.26
CA GLU VE 155 15.21 -39.76 100.33
C GLU VE 155 16.71 -39.53 100.24
N GLY VE 156 17.46 -39.98 101.25
CA GLY VE 156 18.91 -39.94 101.19
C GLY VE 156 19.53 -38.58 101.38
N MET VE 157 18.83 -37.64 102.00
CA MET VE 157 19.35 -36.29 102.21
C MET VE 157 19.70 -36.12 103.68
N LEU VE 158 20.93 -35.68 103.95
CA LEU VE 158 21.43 -35.46 105.30
C LEU VE 158 21.82 -34.01 105.48
N PHE VE 159 21.45 -33.44 106.63
CA PHE VE 159 21.70 -32.03 106.90
C PHE VE 159 21.54 -31.79 108.39
N ASP VE 160 21.91 -30.58 108.82
CA ASP VE 160 21.75 -30.17 110.21
C ASP VE 160 21.75 -28.66 110.27
N SER VE 161 21.19 -28.13 111.36
CA SER VE 161 21.15 -26.70 111.62
C SER VE 161 20.43 -25.94 110.51
N LEU VE 162 19.18 -26.32 110.26
CA LEU VE 162 18.35 -25.67 109.25
C LEU VE 162 17.19 -24.95 109.92
N PRO VE 163 17.09 -23.63 109.77
CA PRO VE 163 16.02 -22.88 110.46
C PRO VE 163 14.72 -22.81 109.69
N VAL VE 164 13.63 -22.69 110.45
CA VAL VE 164 12.30 -22.48 109.92
C VAL VE 164 11.77 -21.16 110.48
N ILE VE 165 11.30 -20.28 109.60
CA ILE VE 165 10.98 -18.90 109.95
C ILE VE 165 9.52 -18.64 109.62
N LEU VE 166 8.81 -17.98 110.54
CA LEU VE 166 7.45 -17.53 110.35
C LEU VE 166 7.38 -16.03 110.55
N ASN VE 167 6.50 -15.36 109.81
CA ASN VE 167 6.37 -13.91 109.84
C ASN VE 167 4.93 -13.52 110.13
N PHE VE 168 4.75 -12.40 110.82
CA PHE VE 168 3.45 -11.88 111.18
C PHE VE 168 3.29 -10.45 110.68
N GLN VE 169 2.10 -10.12 110.18
CA GLN VE 169 1.79 -8.77 109.73
C GLN VE 169 0.36 -8.43 110.12
N VAL VE 170 0.18 -7.21 110.63
CA VAL VE 170 -1.13 -6.73 111.08
C VAL VE 170 -1.82 -6.03 109.92
N LEU VE 171 -3.06 -6.43 109.64
CA LEU VE 171 -3.84 -5.83 108.57
C LEU VE 171 -4.87 -4.83 109.08
N SER VE 172 -5.49 -5.09 110.23
CA SER VE 172 -6.49 -4.19 110.79
C SER VE 172 -6.67 -4.51 112.26
N VAL VE 173 -6.87 -3.46 113.07
CA VAL VE 173 -7.11 -3.62 114.50
C VAL VE 173 -8.26 -2.69 114.88
N SER VE 174 -9.04 -3.12 115.87
CA SER VE 174 -10.16 -2.32 116.36
C SER VE 174 -10.43 -2.60 117.83
N THR WE 26 5.42 68.78 120.31
CA THR WE 26 4.42 68.17 119.45
C THR WE 26 5.03 67.03 118.65
N THR WE 27 5.04 65.84 119.23
CA THR WE 27 5.63 64.65 118.60
C THR WE 27 4.57 63.58 118.44
N GLN WE 28 4.52 62.97 117.26
CA GLN WE 28 3.58 61.89 116.96
C GLN WE 28 4.32 60.56 117.01
N SER WE 29 3.80 59.64 117.82
CA SER WE 29 4.50 58.36 118.00
C SER WE 29 3.78 57.23 117.28
N PRO WE 30 4.51 56.27 116.72
CA PRO WE 30 3.86 55.13 116.07
C PRO WE 30 3.43 54.03 117.04
N LEU WE 31 3.98 54.01 118.25
CA LEU WE 31 3.55 53.08 119.31
C LEU WE 31 3.77 51.63 118.92
N ASN WE 32 4.96 51.32 118.40
CA ASN WE 32 5.30 49.94 118.04
C ASN WE 32 6.73 49.58 118.40
N SER WE 33 7.34 50.30 119.35
CA SER WE 33 8.73 50.08 119.74
C SER WE 33 8.81 49.19 120.98
N PHE WE 34 8.33 47.96 120.84
CA PHE WE 34 8.38 46.98 121.92
C PHE WE 34 8.76 45.62 121.35
N TYR WE 35 9.68 44.93 122.04
CA TYR WE 35 10.19 43.66 121.54
C TYR WE 35 10.50 42.73 122.71
N ALA WE 36 10.55 41.43 122.40
CA ALA WE 36 10.97 40.40 123.33
C ALA WE 36 11.66 39.30 122.53
N THR WE 37 12.69 38.69 123.12
CA THR WE 37 13.58 37.80 122.37
C THR WE 37 13.82 36.51 123.14
N GLY WE 38 13.84 35.39 122.40
CA GLY WE 38 14.23 34.10 122.94
C GLY WE 38 15.27 33.43 122.06
N THR WE 39 15.61 32.17 122.36
CA THR WE 39 16.63 31.46 121.61
C THR WE 39 16.26 29.99 121.50
N ALA WE 40 16.89 29.31 120.54
CA ALA WE 40 16.71 27.88 120.32
C ALA WE 40 17.96 27.30 119.68
N GLN WE 41 18.13 26.00 119.81
CA GLN WE 41 19.31 25.33 119.28
C GLN WE 41 19.04 23.83 119.13
N ALA WE 42 19.91 23.18 118.35
CA ALA WE 42 19.90 21.73 118.21
C ALA WE 42 21.28 21.31 117.74
N VAL WE 43 22.06 20.66 118.60
CA VAL WE 43 23.48 20.46 118.35
C VAL WE 43 23.89 18.99 118.50
N GLN WE 44 22.97 18.05 118.30
CA GLN WE 44 23.34 16.64 118.36
C GLN WE 44 22.37 15.79 117.53
N GLU WE 45 22.88 14.64 117.08
CA GLU WE 45 22.11 13.69 116.29
C GLU WE 45 21.20 12.86 117.19
N PRO WE 46 20.09 12.35 116.66
CA PRO WE 46 19.11 11.65 117.52
C PRO WE 46 19.67 10.44 118.26
N ILE WE 47 20.54 9.65 117.61
CA ILE WE 47 20.97 8.38 118.17
C ILE WE 47 22.50 8.28 118.13
N ASP WE 48 23.02 7.38 118.96
CA ASP WE 48 24.43 7.02 118.97
C ASP WE 48 24.51 5.50 118.98
N VAL WE 49 25.46 4.94 118.23
CA VAL WE 49 25.55 3.50 118.03
C VAL WE 49 26.95 3.02 118.41
N GLU WE 50 27.02 1.96 119.21
CA GLU WE 50 28.27 1.36 119.63
C GLU WE 50 28.21 -0.15 119.42
N SER WE 51 29.32 -0.73 118.97
CA SER WE 51 29.36 -2.12 118.55
C SER WE 51 30.18 -2.97 119.53
N HIS WE 52 29.72 -4.21 119.75
CA HIS WE 52 30.41 -5.17 120.60
C HIS WE 52 30.38 -6.55 119.97
N LEU WE 53 30.64 -6.65 118.67
CA LEU WE 53 30.65 -7.92 117.96
C LEU WE 53 32.07 -8.50 118.07
N ASP WE 54 32.26 -9.36 119.08
CA ASP WE 54 33.57 -9.91 119.39
C ASP WE 54 33.58 -11.44 119.35
N ASN WE 55 32.95 -12.02 118.34
CA ASN WE 55 33.01 -13.46 118.10
C ASN WE 55 33.29 -13.70 116.62
N THR WE 56 33.96 -14.82 116.35
CA THR WE 56 34.41 -15.14 115.00
C THR WE 56 33.72 -16.40 114.51
N ILE WE 57 33.19 -16.33 113.29
CA ILE WE 57 32.66 -17.51 112.62
C ILE WE 57 33.84 -18.30 112.08
N ALA WE 58 34.18 -19.40 112.75
CA ALA WE 58 35.36 -20.19 112.42
C ALA WE 58 34.99 -21.66 112.25
N PRO WE 59 34.35 -22.02 111.15
CA PRO WE 59 34.09 -23.43 110.85
C PRO WE 59 35.20 -24.01 109.97
N ALA WE 60 35.11 -25.32 109.75
CA ALA WE 60 35.96 -25.97 108.78
C ALA WE 60 35.45 -25.71 107.37
N ALA WE 61 36.29 -26.04 106.38
CA ALA WE 61 35.95 -25.79 104.99
C ALA WE 61 34.77 -26.68 104.58
N GLY WE 62 33.72 -26.07 104.06
CA GLY WE 62 32.57 -26.80 103.58
C GLY WE 62 31.59 -27.27 104.64
N ALA WE 63 31.74 -26.81 105.88
CA ALA WE 63 30.90 -27.28 106.97
C ALA WE 63 29.64 -26.41 107.10
N GLN WE 64 28.62 -27.01 107.72
CA GLN WE 64 27.38 -26.32 108.04
C GLN WE 64 27.33 -26.08 109.54
N GLY WE 65 27.06 -24.84 109.93
CA GLY WE 65 27.23 -24.48 111.33
C GLY WE 65 26.15 -23.64 111.97
N TYR WE 66 26.46 -23.13 113.17
CA TYR WE 66 25.51 -22.40 114.01
C TYR WE 66 26.30 -21.59 115.04
N LYS WE 67 26.18 -20.26 114.99
CA LYS WE 67 27.08 -19.43 115.79
C LYS WE 67 26.37 -18.14 116.17
N ASP WE 68 26.76 -17.59 117.32
CA ASP WE 68 26.35 -16.26 117.76
C ASP WE 68 27.55 -15.32 117.74
N MET WE 69 27.31 -14.02 117.69
CA MET WE 69 28.36 -13.04 117.41
C MET WE 69 28.58 -12.06 118.55
N GLY WE 70 27.53 -11.42 119.04
CA GLY WE 70 27.68 -10.36 120.03
C GLY WE 70 26.41 -9.52 120.08
N TYR WE 71 26.56 -8.27 120.53
CA TYR WE 71 25.41 -7.38 120.63
C TYR WE 71 25.83 -5.96 120.31
N VAL WE 72 24.84 -5.12 120.00
CA VAL WE 72 25.05 -3.74 119.58
C VAL WE 72 24.18 -2.83 120.46
N LYS WE 73 24.76 -1.71 120.88
CA LYS WE 73 24.08 -0.76 121.75
C LYS WE 73 23.65 0.48 120.97
N ILE WE 74 22.42 0.94 121.25
CA ILE WE 74 21.86 2.14 120.63
C ILE WE 74 21.46 3.09 121.75
N ILE WE 75 21.81 4.37 121.61
CA ILE WE 75 21.54 5.38 122.63
C ILE WE 75 20.65 6.46 122.02
N ASN WE 76 19.58 6.81 122.74
CA ASN WE 76 18.59 7.77 122.28
C ASN WE 76 18.55 8.99 123.21
N TYR WE 77 18.35 10.16 122.59
CA TYR WE 77 18.61 11.46 123.21
C TYR WE 77 17.33 12.27 123.37
N THR WE 78 17.50 13.54 123.74
CA THR WE 78 16.42 14.37 124.26
C THR WE 78 15.23 14.44 123.30
N ASP WE 79 14.02 14.29 123.85
CA ASP WE 79 12.77 14.44 123.14
C ASP WE 79 12.58 13.42 122.02
N VAL WE 80 13.21 12.26 122.16
CA VAL WE 80 13.11 11.17 121.19
C VAL WE 80 12.29 10.05 121.83
N ASN WE 81 11.29 9.55 121.10
CA ASN WE 81 10.45 8.48 121.60
C ASN WE 81 10.39 7.27 120.68
N VAL WE 82 10.35 7.48 119.36
CA VAL WE 82 10.23 6.40 118.39
C VAL WE 82 11.24 6.64 117.28
N VAL WE 83 11.96 5.59 116.90
CA VAL WE 83 13.00 5.66 115.88
C VAL WE 83 12.72 4.60 114.81
N LYS WE 84 12.82 4.99 113.55
CA LYS WE 84 12.71 4.08 112.41
C LYS WE 84 14.10 3.91 111.80
N LEU WE 85 14.51 2.66 111.62
CA LEU WE 85 15.87 2.36 111.20
C LEU WE 85 15.86 1.42 109.99
N LYS WE 86 16.94 1.50 109.21
CA LYS WE 86 17.18 0.60 108.09
C LYS WE 86 18.56 -0.02 108.25
N VAL WE 87 18.62 -1.34 108.19
CA VAL WE 87 19.86 -2.09 108.40
C VAL WE 87 20.15 -2.89 107.14
N THR WE 88 21.40 -2.83 106.68
CA THR WE 88 21.81 -3.48 105.44
C THR WE 88 23.20 -4.08 105.61
N LEU WE 89 23.53 -5.03 104.73
CA LEU WE 89 24.86 -5.62 104.66
C LEU WE 89 25.68 -4.85 103.64
N ALA WE 90 26.72 -4.17 104.12
CA ALA WE 90 27.48 -3.27 103.26
C ALA WE 90 28.36 -4.01 102.27
N ASN WE 91 28.95 -5.14 102.70
CA ASN WE 91 29.92 -5.84 101.86
C ASN WE 91 29.42 -7.23 101.47
N ALA WE 92 28.15 -7.31 101.07
CA ALA WE 92 27.58 -8.60 100.67
C ALA WE 92 28.24 -9.13 99.41
N ALA WE 93 28.64 -8.23 98.49
CA ALA WE 93 29.26 -8.67 97.25
C ALA WE 93 30.60 -9.36 97.51
N GLN WE 94 31.37 -8.85 98.47
CA GLN WE 94 32.66 -9.46 98.77
C GLN WE 94 32.51 -10.84 99.40
N LEU WE 95 31.45 -11.04 100.19
CA LEU WE 95 31.25 -12.31 100.88
C LEU WE 95 30.63 -13.39 100.01
N ARG WE 96 30.15 -13.06 98.82
CA ARG WE 96 29.52 -14.06 97.97
C ARG WE 96 30.42 -15.22 97.59
N PRO WE 97 31.66 -15.02 97.12
CA PRO WE 97 32.48 -16.18 96.72
C PRO WE 97 32.86 -17.10 97.87
N TYR WE 98 32.66 -16.70 99.12
CA TYR WE 98 33.09 -17.49 100.26
C TYR WE 98 31.99 -18.31 100.90
N PHE WE 99 30.73 -18.05 100.57
CA PHE WE 99 29.60 -18.69 101.23
C PHE WE 99 28.55 -19.13 100.23
N LYS WE 100 27.95 -20.29 100.48
CA LYS WE 100 26.73 -20.66 99.76
C LYS WE 100 25.52 -19.89 100.27
N TYR WE 101 25.42 -19.72 101.58
CA TYR WE 101 24.37 -18.90 102.17
C TYR WE 101 24.83 -18.41 103.53
N LEU WE 102 24.26 -17.29 103.97
CA LEU WE 102 24.58 -16.71 105.27
C LEU WE 102 23.40 -15.85 105.71
N GLN WE 103 22.87 -16.14 106.88
CA GLN WE 103 21.68 -15.45 107.39
C GLN WE 103 21.97 -14.89 108.78
N LEU WE 104 21.52 -13.65 109.01
CA LEU WE 104 21.69 -12.97 110.27
C LEU WE 104 20.33 -12.68 110.89
N VAL WE 105 20.20 -12.98 112.18
CA VAL WE 105 18.95 -12.81 112.91
C VAL WE 105 19.17 -11.77 114.01
N LEU WE 106 18.32 -10.75 114.03
CA LEU WE 106 18.42 -9.67 115.02
C LEU WE 106 17.21 -9.74 115.95
N THR WE 107 17.47 -9.72 117.26
CA THR WE 107 16.42 -9.80 118.26
C THR WE 107 16.59 -8.69 119.28
N SER WE 108 15.48 -8.08 119.68
CA SER WE 108 15.47 -7.07 120.74
C SER WE 108 15.22 -7.77 122.07
N ASN WE 109 16.05 -7.46 123.06
CA ASN WE 109 16.06 -8.17 124.34
C ASN WE 109 16.13 -7.20 125.51
N ALA WE 110 16.43 -5.92 125.24
CA ALA WE 110 16.73 -4.96 126.31
C ALA WE 110 15.64 -4.91 127.37
N SER WE 111 14.39 -5.21 127.00
CA SER WE 111 13.32 -5.46 127.94
C SER WE 111 13.32 -6.93 128.34
N SER WE 112 13.51 -7.20 129.63
CA SER WE 112 13.56 -8.57 130.11
C SER WE 112 12.24 -9.28 129.95
N THR WE 113 11.14 -8.55 129.78
CA THR WE 113 9.82 -9.16 129.61
C THR WE 113 9.46 -9.40 128.15
N VAL WE 114 9.96 -8.58 127.23
CA VAL WE 114 9.58 -8.64 125.82
C VAL WE 114 10.84 -8.91 124.99
N GLU WE 115 11.05 -10.16 124.60
CA GLU WE 115 12.05 -10.53 123.62
C GLU WE 115 11.38 -10.64 122.26
N GLU WE 116 11.94 -9.96 121.25
CA GLU WE 116 11.37 -9.98 119.90
C GLU WE 116 12.47 -10.01 118.85
N THR WE 117 12.30 -10.91 117.88
CA THR WE 117 13.13 -10.89 116.68
C THR WE 117 12.54 -9.89 115.68
N LYS WE 118 13.38 -8.99 115.18
CA LYS WE 118 12.92 -7.87 114.35
C LYS WE 118 13.17 -8.06 112.87
N ALA WE 119 14.32 -8.62 112.48
CA ALA WE 119 14.62 -8.74 111.06
C ALA WE 119 15.54 -9.93 110.83
N VAL WE 120 15.53 -10.42 109.60
CA VAL WE 120 16.43 -11.48 109.15
C VAL WE 120 17.11 -10.97 107.88
N LEU WE 121 18.45 -11.00 107.87
CA LEU WE 121 19.23 -10.54 106.74
C LEU WE 121 19.92 -11.72 106.06
N SER WE 122 20.10 -11.61 104.76
CA SER WE 122 20.72 -12.67 103.97
C SER WE 122 21.49 -12.05 102.81
N LEU WE 123 22.27 -12.88 102.14
CA LEU WE 123 23.08 -12.41 101.01
C LEU WE 123 22.21 -12.08 99.80
N LYS WE 124 21.00 -12.63 99.71
CA LYS WE 124 20.10 -12.35 98.60
C LYS WE 124 19.19 -11.16 98.88
N LYS WE 125 18.82 -10.94 100.15
CA LYS WE 125 18.00 -9.81 100.56
C LYS WE 125 18.71 -9.12 101.72
N PRO WE 126 19.64 -8.22 101.41
CA PRO WE 126 20.53 -7.68 102.47
C PRO WE 126 19.91 -6.61 103.35
N SER WE 127 18.78 -6.03 102.96
CA SER WE 127 18.23 -4.86 103.65
C SER WE 127 16.93 -5.19 104.35
N ALA WE 128 16.67 -4.49 105.45
CA ALA WE 128 15.43 -4.65 106.21
C ALA WE 128 15.15 -3.36 106.97
N VAL WE 129 13.89 -3.19 107.35
CA VAL WE 129 13.42 -2.02 108.08
C VAL WE 129 12.77 -2.48 109.38
N ILE WE 130 13.17 -1.89 110.50
CA ILE WE 130 12.69 -2.28 111.81
C ILE WE 130 12.14 -1.05 112.52
N ILE WE 131 11.35 -1.30 113.57
CA ILE WE 131 10.72 -0.26 114.37
C ILE WE 131 11.06 -0.48 115.83
N LEU WE 132 11.50 0.58 116.50
CA LEU WE 132 11.75 0.56 117.94
C LEU WE 132 10.79 1.54 118.61
N ASP WE 133 10.10 1.06 119.65
CA ASP WE 133 9.06 1.86 120.30
C ASP WE 133 9.25 1.92 121.83
N ASN WE 134 8.22 2.42 122.52
CA ASN WE 134 8.33 2.63 123.96
C ASN WE 134 8.67 1.35 124.72
N ASP WE 135 8.19 0.20 124.25
CA ASP WE 135 8.46 -1.05 124.95
C ASP WE 135 9.92 -1.46 124.85
N ASP WE 136 10.58 -1.15 123.73
CA ASP WE 136 11.96 -1.57 123.54
C ASP WE 136 12.92 -0.77 124.43
N TYR WE 137 12.65 0.52 124.61
CA TYR WE 137 13.56 1.40 125.32
C TYR WE 137 13.55 1.13 126.82
N SER WE 138 14.10 -0.01 127.23
CA SER WE 138 14.28 -0.30 128.64
C SER WE 138 15.46 0.50 129.19
N SER WE 139 15.42 0.75 130.50
CA SER WE 139 16.28 1.70 131.18
C SER WE 139 16.15 3.11 130.63
N THR WE 140 15.18 3.33 129.74
CA THR WE 140 14.78 4.63 129.18
C THR WE 140 15.85 5.24 128.29
N ASN WE 141 17.00 4.57 128.12
CA ASN WE 141 18.11 5.20 127.42
C ASN WE 141 18.83 4.34 126.39
N LYS WE 142 18.58 3.03 126.31
CA LYS WE 142 19.41 2.21 125.42
C LYS WE 142 18.64 1.01 124.89
N ILE WE 143 19.09 0.54 123.73
CA ILE WE 143 18.61 -0.67 123.07
C ILE WE 143 19.76 -1.66 122.98
N GLN WE 144 19.46 -2.94 123.26
CA GLN WE 144 20.43 -4.02 123.13
C GLN WE 144 19.93 -5.01 122.10
N LEU WE 145 20.76 -5.29 121.09
CA LEU WE 145 20.42 -6.20 120.00
C LEU WE 145 21.59 -7.13 119.74
N LYS WE 146 21.38 -8.43 119.97
CA LYS WE 146 22.37 -9.42 119.60
C LYS WE 146 22.13 -9.96 118.19
N VAL WE 147 23.18 -10.53 117.61
CA VAL WE 147 23.18 -11.00 116.23
C VAL WE 147 23.27 -12.52 116.23
N GLU WE 148 22.43 -13.16 115.42
CA GLU WE 148 22.46 -14.62 115.31
C GLU WE 148 22.76 -14.98 113.86
N ALA WE 149 23.70 -15.91 113.67
CA ALA WE 149 24.21 -16.24 112.34
C ALA WE 149 23.98 -17.71 112.02
N TYR WE 150 23.57 -17.98 110.79
CA TYR WE 150 23.51 -19.31 110.22
C TYR WE 150 24.25 -19.30 108.90
N TYR WE 151 25.04 -20.34 108.64
CA TYR WE 151 25.96 -20.28 107.51
C TYR WE 151 26.28 -21.68 107.00
N GLU WE 152 26.79 -21.72 105.76
CA GLU WE 152 27.42 -22.89 105.19
C GLU WE 152 28.59 -22.42 104.33
N ALA WE 153 29.77 -22.94 104.61
CA ALA WE 153 30.98 -22.50 103.93
C ALA WE 153 31.15 -23.22 102.59
N LYS WE 154 31.86 -22.56 101.68
CA LYS WE 154 32.16 -23.15 100.38
C LYS WE 154 33.11 -24.33 100.54
N GLU WE 155 33.03 -25.26 99.58
CA GLU WE 155 33.81 -26.49 99.64
C GLU WE 155 35.25 -26.20 99.24
N GLY WE 156 36.18 -26.53 100.14
CA GLY WE 156 37.60 -26.44 99.82
C GLY WE 156 38.17 -25.04 99.77
N MET WE 157 37.55 -24.07 100.42
CA MET WE 157 38.01 -22.69 100.41
C MET WE 157 38.61 -22.36 101.77
N LEU WE 158 39.84 -21.85 101.77
CA LEU WE 158 40.56 -21.48 102.98
C LEU WE 158 40.90 -20.01 102.96
N PHE WE 159 40.71 -19.34 104.10
CA PHE WE 159 40.93 -17.91 104.19
C PHE WE 159 41.02 -17.52 105.66
N ASP WE 160 41.40 -16.28 105.90
CA ASP WE 160 41.47 -15.73 107.26
C ASP WE 160 41.39 -14.22 107.19
N SER WE 161 41.00 -13.62 108.32
CA SER WE 161 40.92 -12.17 108.46
C SER WE 161 39.98 -11.55 107.43
N LEU WE 162 38.73 -12.00 107.44
CA LEU WE 162 37.70 -11.49 106.56
C LEU WE 162 36.64 -10.75 107.36
N PRO WE 163 36.43 -9.45 107.12
CA PRO WE 163 35.47 -8.69 107.92
C PRO WE 163 34.05 -8.75 107.40
N VAL WE 164 33.11 -8.60 108.33
CA VAL WE 164 31.69 -8.48 108.05
C VAL WE 164 31.21 -7.14 108.58
N ILE WE 165 30.54 -6.37 107.72
CA ILE WE 165 30.21 -4.98 108.01
C ILE WE 165 28.70 -4.80 107.93
N LEU WE 166 28.14 -4.09 108.90
CA LEU WE 166 26.73 -3.71 108.92
C LEU WE 166 26.62 -2.20 109.00
N ASN WE 167 25.58 -1.65 108.37
CA ASN WE 167 25.37 -0.20 108.30
C ASN WE 167 23.99 0.15 108.82
N PHE WE 168 23.88 1.33 109.43
CA PHE WE 168 22.63 1.83 109.98
C PHE WE 168 22.32 3.20 109.39
N GLN WE 169 21.03 3.43 109.09
CA GLN WE 169 20.57 4.71 108.59
C GLN WE 169 19.22 5.04 109.21
N VAL WE 170 19.06 6.29 109.62
CA VAL WE 170 17.83 6.76 110.27
C VAL WE 170 16.91 7.31 109.20
N LEU WE 171 15.66 6.84 109.19
CA LEU WE 171 14.66 7.30 108.24
C LEU WE 171 13.69 8.31 108.83
N SER WE 172 13.30 8.14 110.09
CA SER WE 172 12.37 9.05 110.74
C SER WE 172 12.47 8.87 112.25
N VAL WE 173 12.37 9.97 112.98
CA VAL WE 173 12.39 9.95 114.44
C VAL WE 173 11.29 10.87 114.96
N SER WE 174 10.71 10.50 116.09
CA SER WE 174 9.65 11.30 116.71
C SER WE 174 9.67 11.16 118.23
N THR XE 26 21.66 83.01 111.47
CA THR XE 26 20.55 82.28 110.87
C THR XE 26 21.08 81.10 110.06
N THR XE 27 21.26 79.96 110.73
CA THR XE 27 21.79 78.75 110.11
C THR XE 27 20.78 77.62 110.25
N GLN XE 28 20.57 76.89 109.16
CA GLN XE 28 19.65 75.77 109.13
C GLN XE 28 20.45 74.47 109.16
N SER XE 29 20.15 73.60 110.12
CA SER XE 29 20.93 72.39 110.29
C SER XE 29 20.16 71.17 109.82
N PRO XE 30 20.83 70.18 109.22
CA PRO XE 30 20.14 68.96 108.81
C PRO XE 30 19.95 67.95 109.92
N LEU XE 31 20.72 68.05 111.01
CA LEU XE 31 20.54 67.23 112.20
C LEU XE 31 20.75 65.73 111.91
N ASN XE 32 21.86 65.44 111.22
CA ASN XE 32 22.20 64.05 110.92
C ASN XE 32 23.70 63.78 111.05
N SER XE 33 24.41 64.62 111.79
CA SER XE 33 25.86 64.48 111.94
C SER XE 33 26.21 63.73 113.21
N PHE XE 34 25.80 62.46 113.27
CA PHE XE 34 26.09 61.60 114.41
C PHE XE 34 26.44 60.21 113.91
N TYR XE 35 27.50 59.63 114.47
CA TYR XE 35 27.99 58.33 114.00
C TYR XE 35 28.55 57.53 115.17
N ALA XE 36 28.62 56.22 114.96
CA ALA XE 36 29.25 55.29 115.89
C ALA XE 36 29.84 54.15 115.08
N THR XE 37 31.00 53.64 115.52
CA THR XE 37 31.79 52.72 114.71
C THR XE 37 32.24 51.51 115.52
N GLY XE 38 32.19 50.34 114.90
CA GLY XE 38 32.74 49.12 115.46
C GLY XE 38 33.65 48.41 114.48
N THR XE 39 34.10 47.20 114.81
CA THR XE 39 35.01 46.46 113.95
C THR XE 39 34.71 44.97 114.03
N ALA XE 40 35.19 44.23 113.04
CA ALA XE 40 35.05 42.78 112.99
C ALA XE 40 36.21 42.20 112.18
N GLN XE 41 36.46 40.90 112.39
CA GLN XE 41 37.56 40.24 111.71
C GLN XE 41 37.36 38.73 111.75
N ALA XE 42 38.11 38.04 110.89
CA ALA XE 42 38.16 36.58 110.87
C ALA XE 42 39.45 36.18 110.19
N VAL XE 43 40.41 35.64 110.96
CA VAL XE 43 41.77 35.46 110.46
C VAL XE 43 42.28 34.03 110.66
N GLN XE 44 41.39 33.04 110.72
CA GLN XE 44 41.85 31.67 110.85
C GLN XE 44 40.80 30.71 110.28
N GLU XE 45 41.28 29.54 109.84
CA GLU XE 45 40.43 28.49 109.30
C GLU XE 45 39.76 27.70 110.42
N PRO XE 46 38.59 27.11 110.15
CA PRO XE 46 37.83 26.46 111.24
C PRO XE 46 38.58 25.34 111.95
N ILE XE 47 39.36 24.54 111.23
CA ILE XE 47 39.96 23.35 111.82
C ILE XE 47 41.45 23.30 111.50
N ASP XE 48 42.16 22.51 112.31
CA ASP XE 48 43.58 22.20 112.07
C ASP XE 48 43.75 20.70 112.21
N VAL XE 49 44.57 20.11 111.35
CA VAL XE 49 44.70 18.65 111.26
C VAL XE 49 46.17 18.27 111.42
N GLU XE 50 46.44 17.30 112.29
CA GLU XE 50 47.79 16.79 112.51
C GLU XE 50 47.77 15.27 112.44
N SER XE 51 48.82 14.69 111.86
CA SER XE 51 48.87 13.26 111.57
C SER XE 51 49.88 12.55 112.45
N HIS XE 52 49.54 11.33 112.86
CA HIS XE 52 50.43 10.48 113.65
C HIS XE 52 50.37 9.03 113.16
N LEU XE 53 50.38 8.83 111.84
CA LEU XE 53 50.35 7.50 111.25
C LEU XE 53 51.79 6.98 111.15
N ASP XE 54 52.21 6.24 112.18
CA ASP XE 54 53.59 5.77 112.29
C ASP XE 54 53.67 4.25 112.40
N ASN XE 55 52.90 3.54 111.57
CA ASN XE 55 53.00 2.10 111.45
C ASN XE 55 53.02 1.71 109.97
N THR XE 56 53.69 0.61 109.68
CA THR XE 56 53.92 0.17 108.31
C THR XE 56 53.22 -1.16 108.05
N ILE XE 57 52.47 -1.23 106.96
CA ILE XE 57 51.89 -2.48 106.50
C ILE XE 57 53.00 -3.27 105.82
N ALA XE 58 53.52 -4.29 106.52
CA ALA XE 58 54.67 -5.07 106.04
C ALA XE 58 54.35 -6.55 106.09
N PRO XE 59 53.55 -7.03 105.14
CA PRO XE 59 53.32 -8.48 105.02
C PRO XE 59 54.29 -9.11 104.02
N ALA XE 60 54.22 -10.43 103.93
CA ALA XE 60 54.93 -11.14 102.88
C ALA XE 60 54.16 -11.03 101.56
N ALA XE 61 54.83 -11.42 100.48
CA ALA XE 61 54.22 -11.33 99.16
C ALA XE 61 53.05 -12.29 99.05
N GLY XE 62 51.88 -11.78 98.69
CA GLY XE 62 50.71 -12.60 98.49
C GLY XE 62 49.96 -13.00 99.73
N ALA XE 63 50.30 -12.42 100.89
CA ALA XE 63 49.71 -12.80 102.15
C ALA XE 63 48.45 -12.00 102.44
N GLN XE 64 47.59 -12.56 103.28
CA GLN XE 64 46.37 -11.90 103.76
C GLN XE 64 46.60 -11.51 105.22
N GLY XE 65 46.33 -10.25 105.55
CA GLY XE 65 46.73 -9.76 106.85
C GLY XE 65 45.74 -8.89 107.60
N TYR XE 66 46.22 -8.26 108.68
CA TYR XE 66 45.40 -7.49 109.60
C TYR XE 66 46.31 -6.56 110.40
N LYS XE 67 46.12 -5.25 110.26
CA LYS XE 67 47.08 -4.30 110.79
C LYS XE 67 46.39 -3.01 111.19
N ASP XE 68 46.95 -2.34 112.19
CA ASP XE 68 46.55 -0.99 112.58
C ASP XE 68 47.69 -0.02 112.26
N MET XE 69 47.35 1.27 112.14
CA MET XE 69 48.28 2.25 111.60
C MET XE 69 48.65 3.36 112.58
N GLY XE 70 47.67 4.00 113.20
CA GLY XE 70 47.93 5.15 114.05
C GLY XE 70 46.65 5.94 114.26
N TYR XE 71 46.80 7.22 114.55
CA TYR XE 71 45.64 8.08 114.79
C TYR XE 71 45.92 9.49 114.27
N VAL XE 72 44.84 10.24 114.07
CA VAL XE 72 44.90 11.59 113.51
C VAL XE 72 44.15 12.53 114.44
N LYS XE 73 44.73 13.72 114.64
CA LYS XE 73 44.16 14.72 115.55
C LYS XE 73 43.53 15.86 114.75
N ILE XE 74 42.35 16.30 115.21
CA ILE XE 74 41.63 17.41 114.61
C ILE XE 74 41.38 18.45 115.69
N ILE XE 75 41.62 19.72 115.38
CA ILE XE 75 41.48 20.81 116.34
C ILE XE 75 40.43 21.79 115.81
N ASN XE 76 39.49 22.17 116.68
CA ASN XE 76 38.39 23.04 116.34
C ASN XE 76 38.45 24.34 117.13
N TYR XE 77 38.07 25.44 116.47
CA TYR XE 77 38.37 26.80 116.90
C TYR XE 77 37.09 27.58 117.23
N THR XE 78 37.26 28.88 117.45
CA THR XE 78 36.24 29.70 118.09
C THR XE 78 34.91 29.64 117.35
N ASP XE 79 33.82 29.50 118.14
CA ASP XE 79 32.45 29.53 117.66
C ASP XE 79 32.13 28.40 116.69
N VAL XE 80 32.84 27.28 116.81
CA VAL XE 80 32.62 26.10 115.97
C VAL XE 80 31.99 25.02 116.84
N ASN XE 81 30.91 24.41 116.37
CA ASN XE 81 30.23 23.36 117.10
C ASN XE 81 30.08 22.07 116.32
N VAL XE 82 29.79 22.15 115.02
CA VAL XE 82 29.56 20.98 114.18
C VAL XE 82 30.35 21.15 112.89
N VAL XE 83 31.03 20.09 112.47
CA VAL XE 83 31.86 20.10 111.28
C VAL XE 83 31.46 18.93 110.39
N LYS XE 84 31.31 19.21 109.09
CA LYS XE 84 31.05 18.19 108.08
C LYS XE 84 32.30 18.01 107.23
N LEU XE 85 32.76 16.77 107.10
CA LEU XE 85 34.04 16.48 106.46
C LEU XE 85 33.86 15.44 105.35
N LYS XE 86 34.78 15.48 104.39
CA LYS XE 86 34.86 14.49 103.33
C LYS XE 86 36.28 13.94 103.28
N VAL XE 87 36.40 12.61 103.34
CA VAL XE 87 37.70 11.94 103.37
C VAL XE 87 37.80 11.03 102.15
N THR XE 88 38.95 11.11 101.47
CA THR XE 88 39.16 10.34 100.24
C THR XE 88 40.59 9.83 100.21
N LEU XE 89 40.81 8.81 99.36
CA LEU XE 89 42.14 8.26 99.12
C LEU XE 89 42.71 8.97 97.89
N ALA XE 90 43.78 9.73 98.11
CA ALA XE 90 44.32 10.57 97.04
C ALA XE 90 45.06 9.78 95.98
N ASN XE 91 45.78 8.72 96.38
CA ASN XE 91 46.62 7.98 95.45
C ASN XE 91 46.13 6.54 95.28
N ALA XE 92 44.82 6.36 95.14
CA ALA XE 92 44.27 5.03 94.95
C ALA XE 92 44.72 4.40 93.65
N ALA XE 93 44.89 5.21 92.60
CA ALA XE 93 45.30 4.69 91.30
C ALA XE 93 46.69 4.08 91.37
N GLN XE 94 47.60 4.71 92.12
CA GLN XE 94 48.96 4.19 92.23
C GLN XE 94 49.00 2.87 93.00
N LEU XE 95 48.12 2.70 93.98
CA LEU XE 95 48.11 1.51 94.82
C LEU XE 95 47.41 0.32 94.18
N ARG XE 96 46.71 0.52 93.06
CA ARG XE 96 45.98 -0.58 92.44
C ARG XE 96 46.87 -1.74 92.00
N PRO XE 97 48.00 -1.54 91.30
CA PRO XE 97 48.80 -2.70 90.85
C PRO XE 97 49.43 -3.50 91.99
N TYR XE 98 49.43 -2.98 93.21
CA TYR XE 98 50.10 -3.63 94.33
C TYR XE 98 49.18 -4.43 95.23
N PHE XE 99 47.86 -4.26 95.10
CA PHE XE 99 46.92 -4.88 96.02
C PHE XE 99 45.73 -5.45 95.27
N LYS XE 100 45.24 -6.61 95.73
CA LYS XE 100 43.94 -7.09 95.27
C LYS XE 100 42.80 -6.33 95.93
N TYR XE 101 42.94 -6.02 97.22
CA TYR XE 101 41.96 -5.19 97.92
C TYR XE 101 42.63 -4.56 99.13
N LEU XE 102 42.08 -3.43 99.56
CA LEU XE 102 42.60 -2.71 100.72
C LEU XE 102 41.47 -1.86 101.29
N GLN XE 103 41.16 -2.07 102.57
CA GLN XE 103 40.07 -1.37 103.23
C GLN XE 103 40.56 -0.66 104.47
N LEU XE 104 40.08 0.56 104.67
CA LEU XE 104 40.45 1.38 105.83
C LEU XE 104 39.21 1.66 106.65
N VAL XE 105 39.32 1.49 107.97
CA VAL XE 105 38.22 1.68 108.90
C VAL XE 105 38.58 2.82 109.84
N LEU XE 106 37.70 3.82 109.93
CA LEU XE 106 37.90 4.99 110.78
C LEU XE 106 36.89 4.96 111.92
N THR XE 107 37.37 5.11 113.15
CA THR XE 107 36.52 5.10 114.33
C THR XE 107 36.82 6.31 115.20
N SER XE 108 35.76 6.91 115.75
CA SER XE 108 35.89 8.01 116.70
C SER XE 108 35.91 7.43 118.10
N ASN XE 109 36.89 7.87 118.90
CA ASN XE 109 37.18 7.28 120.21
C ASN XE 109 37.41 8.37 121.26
N ALA XE 110 37.57 9.63 120.83
CA ALA XE 110 38.00 10.69 121.73
C ALA XE 110 37.11 10.80 122.97
N SER XE 111 35.84 10.42 122.85
CA SER XE 111 34.98 10.23 124.01
C SER XE 111 35.13 8.80 124.53
N SER XE 112 35.57 8.67 125.78
CA SER XE 112 35.78 7.35 126.35
C SER XE 112 34.49 6.56 126.51
N THR XE 113 33.34 7.24 126.47
CA THR XE 113 32.05 6.56 126.61
C THR XE 113 31.44 6.17 125.27
N VAL XE 114 31.73 6.92 124.20
CA VAL XE 114 31.10 6.70 122.90
C VAL XE 114 32.21 6.41 121.88
N GLU XE 115 32.41 5.13 121.57
CA GLU XE 115 33.24 4.71 120.45
C GLU XE 115 32.34 4.45 119.25
N GLU XE 116 32.67 5.05 118.11
CA GLU XE 116 31.87 4.87 116.89
C GLU XE 116 32.77 4.79 115.67
N THR XE 117 32.49 3.79 114.82
CA THR XE 117 33.07 3.73 113.49
C THR XE 117 32.26 4.60 112.54
N LYS XE 118 32.94 5.48 111.81
CA LYS XE 118 32.28 6.49 111.00
C LYS XE 118 32.27 6.18 109.51
N ALA XE 119 33.35 5.63 108.96
CA ALA XE 119 33.41 5.38 107.52
C ALA XE 119 34.34 4.21 107.24
N VAL XE 120 34.14 3.60 106.07
CA VAL XE 120 35.00 2.54 105.55
C VAL XE 120 35.42 2.94 104.15
N LEU XE 121 36.72 2.98 103.90
CA LEU XE 121 37.26 3.35 102.60
C LEU XE 121 37.88 2.14 101.92
N SER XE 122 37.83 2.13 100.60
CA SER XE 122 38.34 1.02 99.81
C SER XE 122 38.86 1.56 98.48
N LEU XE 123 39.56 0.70 97.75
CA LEU XE 123 40.11 1.10 96.45
C LEU XE 123 39.03 1.26 95.39
N LYS XE 124 37.85 0.66 95.58
CA LYS XE 124 36.76 0.80 94.64
C LYS XE 124 35.84 1.98 94.97
N LYS XE 125 35.69 2.30 96.26
CA LYS XE 125 34.90 3.44 96.71
C LYS XE 125 35.77 4.25 97.66
N PRO XE 126 36.58 5.17 97.11
CA PRO XE 126 37.60 5.84 97.93
C PRO XE 126 37.10 6.96 98.81
N SER XE 127 35.88 7.46 98.60
CA SER XE 127 35.41 8.67 99.27
C SER XE 127 34.26 8.36 100.21
N ALA XE 128 34.17 9.15 101.29
CA ALA XE 128 33.10 9.01 102.26
C ALA XE 128 32.88 10.36 102.94
N VAL XE 129 31.71 10.52 103.54
CA VAL XE 129 31.31 11.73 104.24
C VAL XE 129 30.93 11.37 105.67
N ILE XE 130 31.50 12.08 106.64
CA ILE XE 130 31.28 11.80 108.06
C ILE XE 130 30.80 13.08 108.74
N ILE XE 131 30.24 12.89 109.94
CA ILE XE 131 29.69 13.98 110.74
C ILE XE 131 30.30 13.91 112.13
N LEU XE 132 30.80 15.05 112.61
CA LEU XE 132 31.29 15.18 113.97
C LEU XE 132 30.42 16.18 114.73
N ASP XE 133 29.96 15.78 115.91
CA ASP XE 133 29.02 16.59 116.67
C ASP XE 133 29.47 16.82 118.11
N ASN XE 134 28.55 17.33 118.95
CA ASN XE 134 28.90 17.69 120.31
C ASN XE 134 29.45 16.51 121.10
N ASP XE 135 28.96 15.29 120.83
CA ASP XE 135 29.42 14.13 121.58
C ASP XE 135 30.86 13.78 121.25
N ASP XE 136 31.28 13.99 120.01
CA ASP XE 136 32.63 13.61 119.61
C ASP XE 136 33.69 14.53 120.23
N TYR XE 137 33.37 15.82 120.34
CA TYR XE 137 34.36 16.81 120.79
C TYR XE 137 34.64 16.69 122.28
N SER XE 138 35.30 15.61 122.68
CA SER XE 138 35.76 15.46 124.06
C SER XE 138 36.96 16.35 124.31
N SER XE 139 37.14 16.73 125.58
CA SER XE 139 38.07 17.77 126.00
C SER XE 139 37.76 19.12 125.35
N THR XE 140 36.63 19.21 124.65
CA THR XE 140 36.07 20.43 124.06
C THR XE 140 36.92 21.00 122.93
N ASN XE 141 38.05 20.36 122.61
CA ASN XE 141 38.99 20.96 121.67
C ASN XE 141 39.57 20.03 120.61
N LYS XE 142 39.37 18.72 120.69
CA LYS XE 142 40.07 17.85 119.75
C LYS XE 142 39.29 16.57 119.47
N ILE XE 143 39.55 16.01 118.29
CA ILE XE 143 39.03 14.73 117.84
C ILE XE 143 40.19 13.77 117.62
N GLN XE 144 40.03 12.52 118.07
CA GLN XE 144 41.02 11.47 117.86
C GLN XE 144 40.38 10.36 117.03
N LEU XE 145 41.04 10.02 115.91
CA LEU XE 145 40.56 9.00 114.98
C LEU XE 145 41.71 8.09 114.60
N LYS XE 146 41.63 6.81 114.98
CA LYS XE 146 42.59 5.83 114.51
C LYS XE 146 42.13 5.16 113.23
N VAL XE 147 43.09 4.57 112.52
CA VAL XE 147 42.87 3.97 111.21
C VAL XE 147 43.04 2.47 111.33
N GLU XE 148 42.11 1.71 110.74
CA GLU XE 148 42.20 0.26 110.75
C GLU XE 148 42.25 -0.24 109.31
N ALA XE 149 43.20 -1.13 109.03
CA ALA XE 149 43.48 -1.58 107.68
C ALA XE 149 43.28 -3.08 107.53
N TYR XE 150 42.66 -3.48 106.43
CA TYR XE 150 42.58 -4.88 106.00
C TYR XE 150 43.08 -4.95 104.56
N TYR XE 151 43.86 -5.98 104.26
CA TYR XE 151 44.57 -5.99 102.98
C TYR XE 151 44.86 -7.42 102.54
N GLU XE 152 45.13 -7.56 101.24
CA GLU XE 152 45.71 -8.76 100.66
C GLU XE 152 46.68 -8.33 99.57
N ALA XE 153 47.92 -8.77 99.67
CA ALA XE 153 48.97 -8.35 98.74
C ALA XE 153 48.94 -9.19 97.47
N LYS XE 154 49.44 -8.59 96.39
CA LYS XE 154 49.53 -9.29 95.11
C LYS XE 154 50.55 -10.42 95.19
N GLU XE 155 50.35 -11.44 94.36
CA GLU XE 155 51.20 -12.62 94.37
C GLU XE 155 52.53 -12.31 93.69
N GLY XE 156 53.64 -12.52 94.43
CA GLY XE 156 54.95 -12.40 93.85
C GLY XE 156 55.43 -10.99 93.57
N MET XE 157 54.87 -9.99 94.23
CA MET XE 157 55.25 -8.60 94.02
C MET XE 157 56.07 -8.12 95.21
N LEU XE 158 57.25 -7.56 94.94
CA LEU XE 158 58.15 -7.06 95.96
C LEU XE 158 58.39 -5.57 95.74
N PHE XE 159 58.38 -4.82 96.84
CA PHE XE 159 58.52 -3.37 96.77
C PHE XE 159 58.86 -2.84 98.16
N ASP XE 160 59.20 -1.56 98.21
CA ASP XE 160 59.49 -0.90 99.48
C ASP XE 160 59.31 0.61 99.29
N SER XE 161 59.10 1.30 100.41
CA SER XE 161 58.97 2.76 100.44
C SER XE 161 57.82 3.23 99.54
N LEU XE 162 56.61 2.73 99.84
CA LEU XE 162 55.42 3.11 99.11
C LEU XE 162 54.48 3.90 100.02
N PRO XE 163 54.15 5.15 99.71
CA PRO XE 163 53.32 5.95 100.61
C PRO XE 163 51.84 5.78 100.37
N VAL XE 164 51.07 5.99 101.44
CA VAL XE 164 49.62 6.02 101.41
C VAL XE 164 49.16 7.38 101.90
N ILE XE 165 48.31 8.04 101.12
CA ILE XE 165 47.95 9.44 101.34
C ILE XE 165 46.44 9.55 101.52
N LEU XE 166 46.03 10.32 102.51
CA LEU XE 166 44.63 10.65 102.76
C LEU XE 166 44.45 12.16 102.73
N ASN XE 167 43.29 12.61 102.26
CA ASN XE 167 42.99 14.03 102.10
C ASN XE 167 41.70 14.38 102.83
N PHE XE 168 41.64 15.60 103.34
CA PHE XE 168 40.48 16.10 104.06
C PHE XE 168 39.98 17.39 103.42
N GLN XE 169 38.67 17.55 103.35
CA GLN XE 169 38.05 18.76 102.83
C GLN XE 169 36.81 19.09 103.66
N VAL XE 170 36.65 20.36 103.98
CA VAL XE 170 35.55 20.85 104.80
C VAL XE 170 34.41 21.26 103.87
N LEU XE 171 33.21 20.73 104.13
CA LEU XE 171 32.03 21.06 103.35
C LEU XE 171 31.13 22.08 104.02
N SER XE 172 30.98 22.02 105.34
CA SER XE 172 30.14 22.95 106.08
C SER XE 172 30.52 22.92 107.54
N VAL XE 173 30.49 24.09 108.18
CA VAL XE 173 30.77 24.21 109.61
C VAL XE 173 29.73 25.13 110.23
N SER XE 174 29.40 24.85 111.49
CA SER XE 174 28.41 25.65 112.21
C SER XE 174 28.72 25.66 113.70
#